data_6N4V
#
_entry.id   6N4V
#
_cell.length_a   1
_cell.length_b   1
_cell.length_c   1
_cell.angle_alpha   90
_cell.angle_beta   90
_cell.angle_gamma   90
#
_symmetry.space_group_name_H-M   'P 1'
#
_entity_poly.entity_id   1
_entity_poly.type   'polypeptide(L)'
_entity_poly.pdbx_seq_one_letter_code
;SKTIVLSVGEATRTLTEIQSTADRQIFEEKVGPLVGRLRLTASLRQNGAKTAYRVNLKLDQADVVDCSTSVCGELPKVRY
TQVWSHDVTIVANSTEASRKSLYDLTKSLVATSQVEDLVVNLVPLGRAYGGSKTIVLSVGEATRTLTEIQSTADRQIFEE
KVGPLVGRLRLTASLRQNGAKTAYRVNLKLDQADVVDCSTSVCGELPKVRYTQVWSHDVTIVANSTEASRKSLYDLTKSL
VATSQVEDLVVNLVPLGR
;
_entity_poly.pdbx_strand_id   Af,A,B,C,D,E,F,G,H,I,J,K,L,M,N,O,P,Q,R,S,T,V,W,X,Y,Z,AA,BA,CA,DA,EA,FA,GA,HA,IA,JA,KA,LA,MA,NA,OA,PA,QA,RA,SA,TA,UA,VA,WA,XA,YA,ZA,AB,BB,CB,DB,EB,FB,GB,HB,IB,JB,KB,LB,MB,NB,OB,PB,QB,RB,SB,TB,UB,VB,WB,XB,YB,ZB,AC,BC,CC,DC,EC,FC,GC,HC,IC,JC,KC,LC,MC,NC,OC,PC,QC,RC,SC,TC,UC,VC,WC,XC,YC,ZC,AD,BD,CD,DD,ED,FD,GD,HD,ID,JD,KD,LD,MD,ND,OD,PD
#
# COMPACT_ATOMS: atom_id res chain seq x y z
N SER A 1 136.49 -83.12 -16.91
CA SER A 1 136.02 -82.32 -18.04
C SER A 1 136.55 -80.89 -17.95
N LYS A 2 135.72 -80.00 -17.42
CA LYS A 2 136.07 -78.59 -17.28
C LYS A 2 136.57 -78.34 -15.86
N THR A 3 137.81 -77.90 -15.74
CA THR A 3 138.50 -77.88 -14.46
C THR A 3 139.18 -76.53 -14.20
N ILE A 4 139.30 -76.22 -12.91
CA ILE A 4 140.21 -75.19 -12.40
C ILE A 4 141.20 -75.88 -11.49
N VAL A 5 142.47 -75.52 -11.62
CA VAL A 5 143.53 -76.12 -10.81
C VAL A 5 144.08 -75.04 -9.87
N LEU A 6 144.00 -75.30 -8.57
CA LEU A 6 144.45 -74.38 -7.53
C LEU A 6 145.68 -74.97 -6.87
N SER A 7 146.85 -74.48 -7.23
CA SER A 7 148.09 -74.96 -6.64
C SER A 7 148.38 -74.22 -5.35
N VAL A 8 148.67 -74.98 -4.28
CA VAL A 8 148.87 -74.42 -2.95
C VAL A 8 150.35 -74.68 -2.65
N GLY A 9 151.17 -74.58 -3.69
CA GLY A 9 152.57 -74.93 -3.57
C GLY A 9 152.91 -75.98 -4.60
N GLU A 10 153.25 -77.18 -4.12
CA GLU A 10 153.41 -78.32 -4.99
C GLU A 10 152.15 -79.19 -5.07
N ALA A 11 151.22 -79.01 -4.14
CA ALA A 11 149.96 -79.75 -4.18
C ALA A 11 148.93 -78.98 -4.97
N THR A 12 148.24 -79.66 -5.89
CA THR A 12 147.22 -79.07 -6.73
C THR A 12 145.87 -79.68 -6.38
N ARG A 13 144.87 -78.83 -6.16
CA ARG A 13 143.52 -79.28 -5.83
C ARG A 13 142.62 -78.97 -7.03
N THR A 14 142.43 -79.97 -7.88
CA THR A 14 141.69 -79.81 -9.12
C THR A 14 140.19 -79.87 -8.85
N LEU A 15 139.51 -78.74 -9.04
CA LEU A 15 138.06 -78.68 -8.98
C LEU A 15 137.48 -79.05 -10.34
N THR A 16 136.35 -79.75 -10.32
CA THR A 16 135.66 -80.10 -11.56
C THR A 16 134.26 -79.50 -11.56
N GLU A 17 133.76 -79.19 -12.75
CA GLU A 17 132.45 -78.59 -12.89
C GLU A 17 131.36 -79.63 -12.74
N ILE A 18 130.36 -79.35 -11.91
CA ILE A 18 129.27 -80.28 -11.66
C ILE A 18 127.92 -79.74 -12.09
N GLN A 19 127.80 -78.45 -12.40
CA GLN A 19 126.52 -77.85 -12.72
C GLN A 19 126.77 -76.60 -13.54
N SER A 20 125.88 -76.32 -14.49
CA SER A 20 126.05 -75.17 -15.37
C SER A 20 124.67 -74.67 -15.77
N THR A 21 124.27 -73.55 -15.19
CA THR A 21 123.01 -72.89 -15.52
C THR A 21 123.36 -71.90 -16.66
N ALA A 22 122.47 -70.94 -16.95
CA ALA A 22 122.75 -69.91 -17.95
C ALA A 22 123.99 -69.08 -17.57
N ASP A 23 124.04 -68.63 -16.33
CA ASP A 23 125.16 -67.85 -15.82
C ASP A 23 125.86 -68.48 -14.62
N ARG A 24 125.10 -69.08 -13.70
CA ARG A 24 125.69 -69.70 -12.52
C ARG A 24 126.44 -70.97 -12.89
N GLN A 25 127.53 -71.24 -12.17
CA GLN A 25 128.48 -72.26 -12.60
C GLN A 25 129.14 -72.82 -11.34
N ILE A 26 128.79 -74.04 -10.98
CA ILE A 26 129.23 -74.65 -9.72
C ILE A 26 130.33 -75.66 -9.99
N PHE A 27 131.47 -75.47 -9.32
CA PHE A 27 132.59 -76.39 -9.37
C PHE A 27 132.67 -77.15 -8.04
N GLU A 28 133.41 -78.25 -8.05
CA GLU A 28 133.53 -79.10 -6.87
C GLU A 28 134.77 -79.97 -7.00
N GLU A 29 135.35 -80.32 -5.86
CA GLU A 29 136.47 -81.25 -5.82
C GLU A 29 135.95 -82.66 -5.58
N LYS A 30 136.28 -83.56 -6.51
CA LYS A 30 135.72 -84.91 -6.50
C LYS A 30 136.54 -85.90 -5.69
N VAL A 31 137.29 -85.44 -4.69
CA VAL A 31 138.09 -86.34 -3.87
C VAL A 31 137.49 -86.43 -2.47
N GLY A 32 137.24 -87.66 -2.02
CA GLY A 32 136.82 -87.90 -0.67
C GLY A 32 135.35 -88.22 -0.54
N PRO A 33 134.82 -88.13 0.69
CA PRO A 33 133.38 -88.39 0.92
C PRO A 33 132.48 -87.36 0.27
N LEU A 34 131.18 -87.63 0.26
CA LEU A 34 130.21 -86.82 -0.44
C LEU A 34 129.69 -85.65 0.36
N VAL A 35 129.95 -85.59 1.67
CA VAL A 35 129.24 -84.67 2.54
C VAL A 35 129.82 -83.26 2.48
N GLY A 36 131.13 -83.09 2.52
CA GLY A 36 131.70 -81.76 2.46
C GLY A 36 132.89 -81.69 1.55
N ARG A 37 132.80 -80.89 0.49
CA ARG A 37 133.85 -80.76 -0.50
C ARG A 37 134.09 -79.29 -0.76
N LEU A 38 135.19 -79.00 -1.47
CA LEU A 38 135.41 -77.66 -1.96
C LEU A 38 134.34 -77.27 -2.97
N ARG A 39 134.06 -75.99 -3.05
CA ARG A 39 132.95 -75.48 -3.84
C ARG A 39 133.35 -74.13 -4.42
N LEU A 40 132.90 -73.87 -5.64
CA LEU A 40 133.24 -72.60 -6.29
C LEU A 40 132.06 -72.22 -7.19
N THR A 41 131.30 -71.23 -6.77
CA THR A 41 130.10 -70.80 -7.47
C THR A 41 130.39 -69.48 -8.17
N ALA A 42 130.75 -69.57 -9.45
CA ALA A 42 130.93 -68.36 -10.24
C ALA A 42 129.57 -67.88 -10.77
N SER A 43 129.53 -66.61 -11.14
CA SER A 43 128.33 -66.00 -11.69
C SER A 43 128.74 -64.84 -12.56
N LEU A 44 127.80 -64.37 -13.39
CA LEU A 44 128.03 -63.22 -14.25
C LEU A 44 126.67 -62.69 -14.70
N ARG A 45 126.40 -61.43 -14.38
CA ARG A 45 125.12 -60.82 -14.72
C ARG A 45 125.40 -59.50 -15.43
N GLN A 46 124.33 -58.80 -15.78
CA GLN A 46 124.42 -57.38 -16.16
C GLN A 46 123.16 -56.68 -15.68
N ASN A 47 123.31 -55.86 -14.65
CA ASN A 47 122.17 -55.25 -13.98
C ASN A 47 121.76 -53.97 -14.69
N GLY A 48 120.45 -53.77 -14.79
CA GLY A 48 119.89 -52.53 -15.30
C GLY A 48 119.88 -52.41 -16.80
N ALA A 49 120.31 -51.26 -17.31
CA ALA A 49 120.20 -50.95 -18.74
C ALA A 49 121.49 -51.32 -19.48
N LYS A 50 121.89 -52.59 -19.32
CA LYS A 50 122.96 -53.24 -20.08
C LYS A 50 124.31 -52.55 -19.91
N THR A 51 124.55 -51.92 -18.75
CA THR A 51 125.67 -51.00 -18.62
C THR A 51 126.74 -51.46 -17.64
N ALA A 52 126.46 -52.42 -16.76
CA ALA A 52 127.43 -52.82 -15.75
C ALA A 52 127.32 -54.31 -15.49
N TYR A 53 128.42 -55.02 -15.64
CA TYR A 53 128.47 -56.44 -15.33
C TYR A 53 128.78 -56.65 -13.86
N ARG A 54 128.50 -57.87 -13.38
CA ARG A 54 128.66 -58.18 -11.96
C ARG A 54 129.14 -59.62 -11.85
N VAL A 55 130.42 -59.80 -11.57
CA VAL A 55 130.99 -61.12 -11.33
C VAL A 55 130.89 -61.43 -9.85
N ASN A 56 130.67 -62.71 -9.51
CA ASN A 56 130.41 -63.09 -8.13
C ASN A 56 130.99 -64.48 -7.89
N LEU A 57 132.20 -64.54 -7.35
CA LEU A 57 132.79 -65.80 -6.95
C LEU A 57 132.47 -66.09 -5.49
N LYS A 58 132.53 -67.37 -5.13
CA LYS A 58 132.27 -67.80 -3.76
C LYS A 58 132.95 -69.15 -3.56
N LEU A 59 133.97 -69.18 -2.73
CA LEU A 59 134.73 -70.40 -2.45
C LEU A 59 134.36 -70.89 -1.05
N ASP A 60 133.59 -71.96 -0.99
CA ASP A 60 133.25 -72.57 0.29
C ASP A 60 134.35 -73.55 0.70
N GLN A 61 134.45 -73.77 2.01
CA GLN A 61 135.37 -74.78 2.53
C GLN A 61 134.81 -75.33 3.81
N ALA A 62 134.33 -76.58 3.78
CA ALA A 62 133.79 -77.25 4.94
C ALA A 62 134.87 -78.07 5.61
N ASP A 63 134.83 -78.13 6.94
CA ASP A 63 135.81 -78.89 7.72
C ASP A 63 135.18 -80.22 8.10
N VAL A 64 135.51 -81.26 7.36
CA VAL A 64 134.95 -82.59 7.55
C VAL A 64 135.87 -83.38 8.47
N VAL A 65 135.27 -84.13 9.39
CA VAL A 65 136.01 -85.02 10.29
C VAL A 65 135.31 -86.37 10.29
N ASP A 66 136.09 -87.45 10.17
CA ASP A 66 135.57 -88.80 10.15
C ASP A 66 136.04 -89.50 11.43
N CYS A 67 135.12 -89.69 12.37
CA CYS A 67 135.44 -90.24 13.67
C CYS A 67 134.91 -91.66 13.82
N SER A 68 134.92 -92.40 12.71
CA SER A 68 134.39 -93.76 12.71
C SER A 68 135.33 -94.75 13.37
N THR A 69 136.63 -94.45 13.42
CA THR A 69 137.58 -95.37 14.02
C THR A 69 137.58 -95.24 15.55
N SER A 70 137.52 -94.01 16.05
CA SER A 70 137.53 -93.80 17.49
C SER A 70 136.17 -94.12 18.10
N VAL A 71 135.14 -93.38 17.70
CA VAL A 71 133.77 -93.62 18.15
C VAL A 71 133.14 -94.61 17.18
N CYS A 72 132.70 -95.75 17.71
CA CYS A 72 132.12 -96.78 16.87
C CYS A 72 130.72 -96.38 16.42
N GLY A 73 130.48 -96.45 15.12
CA GLY A 73 129.14 -96.33 14.58
C GLY A 73 128.69 -94.95 14.19
N GLU A 74 129.59 -94.07 13.79
CA GLU A 74 129.18 -92.74 13.33
C GLU A 74 129.92 -92.37 12.05
N LEU A 75 129.36 -91.40 11.35
CA LEU A 75 129.67 -91.08 9.97
C LEU A 75 130.45 -89.77 9.89
N PRO A 76 131.12 -89.47 8.78
CA PRO A 76 131.74 -88.15 8.63
C PRO A 76 130.71 -87.03 8.58
N LYS A 77 131.09 -85.89 9.14
CA LYS A 77 130.18 -84.77 9.30
C LYS A 77 130.98 -83.49 9.15
N VAL A 78 130.30 -82.40 8.85
CA VAL A 78 130.95 -81.10 8.73
C VAL A 78 130.83 -80.38 10.07
N ARG A 79 131.95 -79.80 10.52
CA ARG A 79 131.92 -78.99 11.73
C ARG A 79 131.44 -77.58 11.40
N TYR A 80 132.11 -76.93 10.45
CA TYR A 80 131.83 -75.55 10.09
C TYR A 80 132.17 -75.35 8.63
N THR A 81 131.69 -74.25 8.06
CA THR A 81 132.07 -73.82 6.73
C THR A 81 132.63 -72.41 6.81
N GLN A 82 133.66 -72.15 6.01
CA GLN A 82 134.28 -70.83 5.91
C GLN A 82 134.33 -70.44 4.46
N VAL A 83 133.76 -69.28 4.12
CA VAL A 83 133.63 -68.85 2.75
C VAL A 83 134.55 -67.66 2.51
N TRP A 84 134.80 -67.37 1.23
CA TRP A 84 135.48 -66.15 0.82
C TRP A 84 134.80 -65.72 -0.48
N SER A 85 133.83 -64.83 -0.37
CA SER A 85 133.11 -64.38 -1.54
C SER A 85 133.90 -63.30 -2.26
N HIS A 86 133.49 -63.03 -3.50
CA HIS A 86 133.99 -61.90 -4.26
C HIS A 86 132.79 -61.23 -4.94
N ASP A 87 132.92 -59.94 -5.22
CA ASP A 87 131.86 -59.19 -5.89
C ASP A 87 132.53 -58.11 -6.72
N VAL A 88 132.75 -58.39 -7.98
CA VAL A 88 133.41 -57.47 -8.89
C VAL A 88 132.35 -56.74 -9.72
N THR A 89 132.46 -55.42 -9.80
CA THR A 89 131.58 -54.61 -10.63
C THR A 89 132.41 -54.07 -11.79
N ILE A 90 131.97 -54.37 -13.00
CA ILE A 90 132.66 -53.96 -14.22
C ILE A 90 131.67 -53.21 -15.09
N VAL A 91 132.01 -51.97 -15.43
CA VAL A 91 131.18 -51.21 -16.35
C VAL A 91 131.49 -51.63 -17.77
N ALA A 92 130.48 -51.55 -18.65
CA ALA A 92 130.57 -52.17 -19.96
C ALA A 92 131.50 -51.41 -20.90
N ASN A 93 131.40 -50.08 -20.94
CA ASN A 93 132.15 -49.28 -21.89
C ASN A 93 133.53 -48.87 -21.38
N SER A 94 134.09 -49.60 -20.42
CA SER A 94 135.40 -49.27 -19.90
C SER A 94 136.50 -49.70 -20.87
N THR A 95 137.71 -49.28 -20.58
CA THR A 95 138.88 -49.71 -21.33
C THR A 95 139.45 -50.98 -20.71
N GLU A 96 140.30 -51.67 -21.48
CA GLU A 96 140.85 -52.93 -21.00
C GLU A 96 141.89 -52.72 -19.91
N ALA A 97 142.65 -51.62 -19.99
CA ALA A 97 143.69 -51.38 -18.99
C ALA A 97 143.13 -50.98 -17.64
N SER A 98 141.88 -50.53 -17.58
CA SER A 98 141.26 -50.27 -16.28
C SER A 98 140.86 -51.57 -15.61
N ARG A 99 140.36 -52.53 -16.40
CA ARG A 99 140.04 -53.86 -15.88
C ARG A 99 141.27 -54.65 -15.52
N LYS A 100 142.36 -54.49 -16.26
CA LYS A 100 143.59 -55.21 -15.95
C LYS A 100 144.25 -54.65 -14.70
N SER A 101 144.18 -53.33 -14.50
CA SER A 101 144.79 -52.73 -13.31
C SER A 101 143.97 -53.00 -12.07
N LEU A 102 142.65 -53.14 -12.22
CA LEU A 102 141.81 -53.52 -11.08
C LEU A 102 142.08 -54.95 -10.66
N TYR A 103 142.33 -55.83 -11.63
CA TYR A 103 142.67 -57.20 -11.30
C TYR A 103 144.07 -57.31 -10.72
N ASP A 104 145.02 -56.55 -11.29
CA ASP A 104 146.41 -56.62 -10.84
C ASP A 104 146.61 -56.05 -9.45
N LEU A 105 145.74 -55.15 -9.00
CA LEU A 105 145.82 -54.66 -7.64
C LEU A 105 145.23 -55.65 -6.66
N THR A 106 144.09 -56.26 -7.01
CA THR A 106 143.47 -57.24 -6.14
C THR A 106 144.26 -58.55 -6.10
N LYS A 107 145.00 -58.85 -7.16
CA LYS A 107 145.86 -60.03 -7.15
C LYS A 107 146.99 -59.89 -6.14
N SER A 108 147.51 -58.68 -5.98
CA SER A 108 148.59 -58.45 -5.02
C SER A 108 148.09 -57.93 -3.68
N LEU A 109 146.81 -57.55 -3.59
CA LEU A 109 146.24 -57.26 -2.28
C LEU A 109 146.06 -58.55 -1.49
N VAL A 110 145.55 -59.60 -2.12
CA VAL A 110 145.43 -60.88 -1.45
C VAL A 110 146.80 -61.49 -1.18
N ALA A 111 147.75 -61.28 -2.09
CA ALA A 111 149.06 -61.89 -1.97
C ALA A 111 149.96 -61.23 -0.94
N THR A 112 149.56 -60.10 -0.36
CA THR A 112 150.41 -59.43 0.61
C THR A 112 150.30 -60.12 1.96
N SER A 113 151.26 -59.81 2.84
CA SER A 113 151.32 -60.46 4.15
C SER A 113 150.51 -59.73 5.21
N GLN A 114 149.77 -58.69 4.86
CA GLN A 114 148.92 -58.02 5.83
C GLN A 114 147.49 -58.53 5.79
N VAL A 115 147.03 -58.97 4.62
CA VAL A 115 145.72 -59.61 4.51
C VAL A 115 145.81 -61.07 4.94
N GLU A 116 147.03 -61.63 4.92
CA GLU A 116 147.21 -62.97 5.47
C GLU A 116 146.96 -63.00 6.97
N ASP A 117 147.51 -62.03 7.70
CA ASP A 117 147.28 -61.96 9.14
C ASP A 117 145.88 -61.46 9.48
N LEU A 118 145.15 -60.91 8.52
CA LEU A 118 143.80 -60.44 8.80
C LEU A 118 142.78 -61.57 8.83
N VAL A 119 142.98 -62.61 8.04
CA VAL A 119 142.00 -63.69 7.97
C VAL A 119 142.47 -64.87 8.79
N VAL A 120 143.76 -64.93 9.10
CA VAL A 120 144.28 -66.04 9.89
C VAL A 120 144.33 -65.67 11.38
N ASN A 121 144.95 -64.53 11.69
CA ASN A 121 145.18 -64.13 13.07
C ASN A 121 144.35 -62.91 13.49
N LEU A 122 143.50 -62.41 12.59
CA LEU A 122 142.53 -61.34 12.83
C LEU A 122 143.18 -60.01 13.22
N VAL A 123 144.43 -59.80 12.80
CA VAL A 123 145.11 -58.52 13.02
C VAL A 123 144.68 -57.54 11.95
N PRO A 124 144.31 -56.30 12.29
CA PRO A 124 143.85 -55.35 11.27
C PRO A 124 144.96 -54.89 10.34
N LEU A 125 144.55 -54.20 9.29
CA LEU A 125 145.45 -53.81 8.21
C LEU A 125 146.24 -52.56 8.58
N GLY A 126 147.39 -52.41 7.92
CA GLY A 126 148.20 -51.23 8.11
C GLY A 126 149.34 -51.42 9.10
N ARG A 127 150.55 -51.10 8.68
CA ARG A 127 151.73 -51.18 9.53
C ARG A 127 152.56 -49.93 9.33
N ALA A 128 152.94 -49.29 10.44
CA ALA A 128 153.65 -48.00 10.40
C ALA A 128 155.15 -48.24 10.31
N TYR A 129 155.75 -47.86 9.19
CA TYR A 129 157.20 -47.80 9.04
C TYR A 129 157.57 -46.42 8.50
N GLY A 130 157.95 -45.54 9.42
CA GLY A 130 158.38 -44.19 9.06
C GLY A 130 157.25 -43.28 8.64
N GLY A 131 156.35 -42.96 9.57
CA GLY A 131 155.23 -42.10 9.27
C GLY A 131 153.91 -42.68 9.71
N SER A 132 153.00 -42.91 8.77
CA SER A 132 151.72 -43.53 9.08
C SER A 132 151.73 -45.00 8.68
N LYS A 133 150.57 -45.64 8.81
CA LYS A 133 150.44 -47.05 8.52
C LYS A 133 150.05 -47.25 7.05
N THR A 134 150.83 -48.04 6.33
CA THR A 134 150.70 -48.16 4.88
C THR A 134 150.54 -49.62 4.45
N ILE A 135 149.93 -49.80 3.29
CA ILE A 135 149.95 -51.07 2.56
C ILE A 135 150.62 -50.81 1.22
N VAL A 136 151.53 -51.69 0.84
CA VAL A 136 152.27 -51.56 -0.41
C VAL A 136 151.72 -52.60 -1.39
N LEU A 137 151.11 -52.11 -2.47
CA LEU A 137 150.52 -52.96 -3.50
C LEU A 137 151.42 -52.94 -4.73
N SER A 138 152.29 -53.93 -4.83
CA SER A 138 153.18 -54.04 -5.98
C SER A 138 152.42 -54.55 -7.20
N VAL A 139 152.60 -53.87 -8.33
CA VAL A 139 151.91 -54.21 -9.57
C VAL A 139 153.01 -54.69 -10.52
N GLY A 140 154.01 -55.35 -9.96
CA GLY A 140 155.23 -55.67 -10.69
C GLY A 140 156.41 -55.03 -9.98
N GLU A 141 156.99 -54.00 -10.60
CA GLU A 141 157.96 -53.16 -9.91
C GLU A 141 157.37 -51.84 -9.44
N ALA A 142 156.25 -51.40 -10.02
CA ALA A 142 155.59 -50.18 -9.58
C ALA A 142 154.76 -50.47 -8.33
N THR A 143 155.04 -49.74 -7.25
CA THR A 143 154.41 -49.96 -5.96
C THR A 143 153.49 -48.81 -5.64
N ARG A 144 152.18 -49.06 -5.69
CA ARG A 144 151.18 -48.05 -5.34
C ARG A 144 150.91 -48.15 -3.85
N THR A 145 151.47 -47.22 -3.09
CA THR A 145 151.43 -47.25 -1.64
C THR A 145 150.20 -46.50 -1.13
N LEU A 146 149.28 -47.22 -0.52
CA LEU A 146 148.13 -46.60 0.13
C LEU A 146 148.50 -46.21 1.56
N THR A 147 147.92 -45.10 2.02
CA THR A 147 148.11 -44.66 3.39
C THR A 147 146.77 -44.64 4.10
N GLU A 148 146.78 -44.96 5.39
CA GLU A 148 145.56 -44.97 6.17
C GLU A 148 145.13 -43.55 6.50
N ILE A 149 143.89 -43.22 6.17
CA ILE A 149 143.35 -41.90 6.46
C ILE A 149 142.29 -41.93 7.55
N GLN A 150 141.86 -43.09 8.00
CA GLN A 150 140.77 -43.17 8.96
C GLN A 150 140.87 -44.47 9.74
N SER A 151 140.46 -44.43 10.99
CA SER A 151 140.39 -45.62 11.85
C SER A 151 139.15 -45.46 12.73
N THR A 152 138.04 -46.01 12.27
CA THR A 152 136.77 -45.95 12.99
C THR A 152 136.74 -47.13 13.98
N ALA A 153 135.57 -47.46 14.52
CA ALA A 153 135.45 -48.58 15.46
C ALA A 153 135.76 -49.91 14.78
N ASP A 154 135.11 -50.19 13.65
CA ASP A 154 135.39 -51.39 12.87
C ASP A 154 136.00 -51.06 11.51
N ARG A 155 135.52 -50.00 10.86
CA ARG A 155 135.99 -49.60 9.54
C ARG A 155 137.41 -49.07 9.62
N GLN A 156 138.09 -49.10 8.47
CA GLN A 156 139.49 -48.69 8.38
C GLN A 156 139.74 -48.30 6.92
N ILE A 157 139.75 -47.01 6.64
CA ILE A 157 139.78 -46.51 5.27
C ILE A 157 141.20 -46.12 4.87
N PHE A 158 141.71 -46.76 3.83
CA PHE A 158 142.99 -46.42 3.24
C PHE A 158 142.76 -45.65 1.95
N GLU A 159 143.79 -44.90 1.53
CA GLU A 159 143.67 -44.08 0.33
C GLU A 159 145.06 -43.74 -0.19
N GLU A 160 145.20 -43.67 -1.50
CA GLU A 160 146.42 -43.19 -2.11
C GLU A 160 146.40 -41.67 -2.19
N LYS A 161 147.58 -41.06 -2.06
CA LYS A 161 147.69 -39.61 -1.94
C LYS A 161 148.16 -38.92 -3.20
N VAL A 162 148.54 -39.66 -4.23
CA VAL A 162 149.05 -39.06 -5.46
C VAL A 162 147.89 -38.74 -6.39
N GLY A 163 147.83 -37.48 -6.84
CA GLY A 163 146.87 -37.07 -7.82
C GLY A 163 145.76 -36.19 -7.26
N PRO A 164 144.68 -36.04 -8.02
CA PRO A 164 143.58 -35.17 -7.59
C PRO A 164 142.74 -35.81 -6.51
N LEU A 165 141.93 -34.99 -5.85
CA LEU A 165 141.05 -35.44 -4.78
C LEU A 165 139.80 -36.14 -5.28
N VAL A 166 139.51 -36.06 -6.57
CA VAL A 166 138.22 -36.56 -7.05
C VAL A 166 138.21 -38.09 -7.17
N GLY A 167 139.25 -38.70 -7.73
CA GLY A 167 139.28 -40.14 -7.86
C GLY A 167 140.59 -40.73 -7.39
N ARG A 168 140.55 -41.53 -6.33
CA ARG A 168 141.75 -42.13 -5.77
C ARG A 168 141.45 -43.58 -5.41
N LEU A 169 142.50 -44.33 -5.15
CA LEU A 169 142.35 -45.70 -4.66
C LEU A 169 141.79 -45.70 -3.25
N ARG A 170 141.12 -46.78 -2.89
CA ARG A 170 140.43 -46.87 -1.61
C ARG A 170 140.50 -48.29 -1.08
N LEU A 171 140.40 -48.41 0.24
CA LEU A 171 140.30 -49.71 0.90
C LEU A 171 139.49 -49.52 2.18
N THR A 172 138.22 -49.90 2.14
CA THR A 172 137.35 -49.83 3.30
C THR A 172 137.33 -51.21 3.94
N ALA A 173 138.40 -51.56 4.65
CA ALA A 173 138.43 -52.80 5.40
C ALA A 173 137.50 -52.74 6.60
N SER A 174 137.14 -53.91 7.11
CA SER A 174 136.20 -54.01 8.21
C SER A 174 136.44 -55.31 8.95
N LEU A 175 135.81 -55.42 10.12
CA LEU A 175 135.92 -56.61 10.97
C LEU A 175 134.79 -56.57 11.98
N ARG A 176 134.00 -57.64 12.03
CA ARG A 176 132.86 -57.72 12.94
C ARG A 176 132.85 -59.08 13.61
N GLN A 177 131.87 -59.30 14.47
CA GLN A 177 131.52 -60.64 14.95
C GLN A 177 130.03 -60.65 15.26
N ASN A 178 129.30 -61.57 14.64
CA ASN A 178 127.85 -61.57 14.72
C ASN A 178 127.35 -62.32 15.96
N GLY A 179 126.17 -61.93 16.42
CA GLY A 179 125.38 -62.70 17.36
C GLY A 179 126.02 -62.98 18.70
N ALA A 180 126.09 -64.25 19.07
CA ALA A 180 126.70 -64.69 20.32
C ALA A 180 128.17 -65.03 20.14
N LYS A 181 128.92 -64.12 19.50
CA LYS A 181 130.39 -64.14 19.40
C LYS A 181 130.91 -65.42 18.75
N THR A 182 130.23 -65.91 17.72
CA THR A 182 130.53 -67.21 17.15
C THR A 182 131.21 -67.17 15.79
N ALA A 183 131.18 -66.05 15.08
CA ALA A 183 131.75 -66.00 13.74
C ALA A 183 132.15 -64.57 13.40
N TYR A 184 133.38 -64.41 12.92
CA TYR A 184 133.84 -63.11 12.45
C TYR A 184 133.42 -62.89 11.01
N ARG A 185 133.63 -61.67 10.52
CA ARG A 185 133.25 -61.33 9.14
C ARG A 185 134.18 -60.22 8.66
N VAL A 186 135.17 -60.59 7.88
CA VAL A 186 136.10 -59.63 7.29
C VAL A 186 135.51 -59.14 5.99
N ASN A 187 135.65 -57.85 5.70
CA ASN A 187 135.02 -57.25 4.53
C ASN A 187 135.93 -56.17 3.95
N LEU A 188 136.71 -56.54 2.94
CA LEU A 188 137.50 -55.58 2.18
C LEU A 188 136.71 -55.08 0.98
N LYS A 189 137.15 -53.93 0.45
CA LYS A 189 136.51 -53.33 -0.71
C LYS A 189 137.48 -52.35 -1.34
N LEU A 190 137.87 -52.59 -2.58
CA LEU A 190 138.83 -51.75 -3.30
C LEU A 190 138.11 -51.01 -4.40
N ASP A 191 138.03 -49.69 -4.28
CA ASP A 191 137.45 -48.84 -5.31
C ASP A 191 138.53 -48.36 -6.26
N GLN A 192 138.18 -48.20 -7.53
CA GLN A 192 139.10 -47.65 -8.51
C GLN A 192 138.31 -46.85 -9.52
N ALA A 193 138.35 -45.54 -9.39
CA ALA A 193 137.68 -44.63 -10.31
C ALA A 193 138.66 -44.18 -11.38
N ASP A 194 138.21 -44.15 -12.63
CA ASP A 194 139.05 -43.79 -13.75
C ASP A 194 138.91 -42.29 -14.00
N VAL A 195 139.93 -41.53 -13.60
CA VAL A 195 139.95 -40.09 -13.76
C VAL A 195 140.65 -39.78 -15.09
N VAL A 196 140.27 -38.66 -15.70
CA VAL A 196 140.84 -38.24 -16.98
C VAL A 196 140.96 -36.72 -16.96
N ASP A 197 142.00 -36.20 -17.62
CA ASP A 197 142.23 -34.77 -17.71
C ASP A 197 142.23 -34.35 -19.17
N CYS A 198 141.42 -33.34 -19.48
CA CYS A 198 141.28 -32.84 -20.83
C CYS A 198 142.00 -31.51 -21.02
N SER A 199 143.00 -31.25 -20.16
CA SER A 199 143.70 -29.97 -20.17
C SER A 199 144.54 -29.75 -21.41
N THR A 200 145.03 -30.83 -22.04
CA THR A 200 145.72 -30.69 -23.31
C THR A 200 144.74 -30.37 -24.42
N SER A 201 143.54 -30.93 -24.36
CA SER A 201 142.48 -30.67 -25.34
C SER A 201 141.75 -29.37 -25.08
N VAL A 202 141.17 -29.20 -23.89
CA VAL A 202 140.40 -28.02 -23.54
C VAL A 202 141.07 -27.34 -22.35
N CYS A 203 141.40 -26.06 -22.51
CA CYS A 203 141.99 -25.31 -21.40
C CYS A 203 140.95 -25.04 -20.32
N GLY A 204 141.44 -24.85 -19.09
CA GLY A 204 140.57 -24.61 -17.96
C GLY A 204 139.76 -25.80 -17.54
N GLU A 205 140.18 -27.01 -17.90
CA GLU A 205 139.43 -28.23 -17.59
C GLU A 205 140.11 -28.94 -16.43
N LEU A 206 139.38 -29.08 -15.33
CA LEU A 206 139.84 -29.84 -14.19
C LEU A 206 139.48 -31.32 -14.37
N PRO A 207 140.25 -32.23 -13.76
CA PRO A 207 139.97 -33.66 -13.97
C PRO A 207 138.66 -34.10 -13.33
N LYS A 208 138.07 -35.15 -13.92
CA LYS A 208 136.80 -35.69 -13.47
C LYS A 208 136.81 -37.20 -13.71
N VAL A 209 135.90 -37.88 -13.04
CA VAL A 209 135.81 -39.33 -13.10
C VAL A 209 134.77 -39.74 -14.12
N ARG A 210 135.06 -40.80 -14.87
CA ARG A 210 134.09 -41.32 -15.83
C ARG A 210 133.22 -42.40 -15.20
N TYR A 211 133.85 -43.45 -14.68
CA TYR A 211 133.16 -44.57 -14.08
C TYR A 211 133.91 -45.01 -12.83
N THR A 212 133.40 -46.05 -12.19
CA THR A 212 134.12 -46.66 -11.07
C THR A 212 133.92 -48.17 -11.14
N GLN A 213 134.93 -48.91 -10.66
CA GLN A 213 134.94 -50.36 -10.69
C GLN A 213 135.47 -50.88 -9.37
N VAL A 214 134.67 -51.70 -8.69
CA VAL A 214 135.00 -52.15 -7.35
C VAL A 214 135.36 -53.63 -7.40
N TRP A 215 135.97 -54.11 -6.32
CA TRP A 215 136.21 -55.54 -6.08
C TRP A 215 136.17 -55.72 -4.56
N SER A 216 135.00 -56.08 -4.06
CA SER A 216 134.86 -56.28 -2.62
C SER A 216 135.01 -57.76 -2.28
N HIS A 217 135.42 -58.02 -1.04
CA HIS A 217 135.57 -59.37 -0.53
C HIS A 217 134.66 -59.53 0.67
N ASP A 218 134.32 -60.79 0.98
CA ASP A 218 133.45 -61.07 2.12
C ASP A 218 133.87 -62.41 2.69
N VAL A 219 134.76 -62.36 3.68
CA VAL A 219 135.31 -63.55 4.32
C VAL A 219 134.47 -63.85 5.55
N THR A 220 134.12 -65.12 5.73
CA THR A 220 133.42 -65.58 6.92
C THR A 220 134.33 -66.53 7.67
N ILE A 221 134.60 -66.21 8.93
CA ILE A 221 135.52 -66.98 9.77
C ILE A 221 134.79 -67.33 11.06
N VAL A 222 134.62 -68.61 11.32
CA VAL A 222 133.98 -69.03 12.56
C VAL A 222 135.02 -69.03 13.68
N ALA A 223 134.54 -68.83 14.90
CA ALA A 223 135.43 -68.48 16.01
C ALA A 223 136.24 -69.67 16.52
N ASN A 224 135.65 -70.87 16.53
CA ASN A 224 136.30 -72.05 17.06
C ASN A 224 137.04 -72.84 15.98
N SER A 225 137.57 -72.15 14.97
CA SER A 225 138.26 -72.76 13.85
C SER A 225 139.58 -73.39 14.28
N THR A 226 140.19 -74.08 13.32
CA THR A 226 141.60 -74.44 13.42
C THR A 226 142.37 -73.38 12.65
N GLU A 227 143.59 -73.07 13.10
CA GLU A 227 144.40 -72.12 12.36
C GLU A 227 144.88 -72.69 11.04
N ALA A 228 144.94 -74.02 10.93
CA ALA A 228 145.29 -74.65 9.67
C ALA A 228 144.16 -74.59 8.65
N SER A 229 142.92 -74.37 9.10
CA SER A 229 141.82 -74.24 8.16
C SER A 229 141.60 -72.79 7.75
N ARG A 230 142.00 -71.85 8.61
CA ARG A 230 142.00 -70.44 8.19
C ARG A 230 143.16 -70.17 7.24
N LYS A 231 144.28 -70.86 7.42
CA LYS A 231 145.42 -70.68 6.53
C LYS A 231 145.14 -71.30 5.16
N SER A 232 144.49 -72.46 5.13
CA SER A 232 144.21 -73.12 3.86
C SER A 232 143.11 -72.41 3.08
N LEU A 233 142.19 -71.73 3.78
CA LEU A 233 141.19 -70.94 3.08
C LEU A 233 141.81 -69.71 2.43
N TYR A 234 142.77 -69.08 3.10
CA TYR A 234 143.48 -67.95 2.50
C TYR A 234 144.37 -68.40 1.36
N ASP A 235 145.03 -69.56 1.53
CA ASP A 235 145.93 -70.08 0.51
C ASP A 235 145.22 -70.52 -0.76
N LEU A 236 143.95 -70.91 -0.67
CA LEU A 236 143.21 -71.25 -1.88
C LEU A 236 142.71 -69.99 -2.59
N THR A 237 142.29 -68.99 -1.83
CA THR A 237 141.86 -67.74 -2.46
C THR A 237 143.03 -66.94 -3.00
N LYS A 238 144.21 -67.06 -2.37
CA LYS A 238 145.42 -66.46 -2.93
C LYS A 238 145.79 -67.13 -4.24
N SER A 239 145.53 -68.43 -4.36
CA SER A 239 145.83 -69.15 -5.58
C SER A 239 144.69 -69.12 -6.59
N LEU A 240 143.47 -68.78 -6.14
CA LEU A 240 142.36 -68.65 -7.08
C LEU A 240 142.49 -67.38 -7.91
N VAL A 241 142.76 -66.25 -7.25
CA VAL A 241 142.89 -64.97 -7.95
C VAL A 241 144.13 -64.97 -8.85
N ALA A 242 145.18 -65.69 -8.47
CA ALA A 242 146.40 -65.72 -9.25
C ALA A 242 146.31 -66.56 -10.51
N THR A 243 145.22 -67.31 -10.72
CA THR A 243 145.08 -68.11 -11.92
C THR A 243 144.74 -67.24 -13.10
N SER A 244 145.01 -67.77 -14.29
CA SER A 244 144.70 -67.06 -15.53
C SER A 244 143.28 -67.31 -16.01
N GLN A 245 142.49 -68.10 -15.27
CA GLN A 245 141.09 -68.26 -15.62
C GLN A 245 140.23 -67.16 -15.02
N VAL A 246 140.58 -66.72 -13.81
CA VAL A 246 139.90 -65.58 -13.20
C VAL A 246 140.41 -64.27 -13.78
N GLU A 247 141.60 -64.28 -14.38
CA GLU A 247 142.09 -63.09 -15.08
C GLU A 247 141.24 -62.79 -16.30
N ASP A 248 140.91 -63.81 -17.08
CA ASP A 248 140.04 -63.63 -18.23
C ASP A 248 138.59 -63.44 -17.86
N LEU A 249 138.19 -63.83 -16.64
CA LEU A 249 136.80 -63.64 -16.23
C LEU A 249 136.52 -62.19 -15.89
N VAL A 250 137.52 -61.45 -15.44
CA VAL A 250 137.33 -60.05 -15.10
C VAL A 250 137.72 -59.13 -16.26
N VAL A 251 138.78 -59.47 -17.00
CA VAL A 251 139.20 -58.63 -18.12
C VAL A 251 138.31 -58.86 -19.33
N ASN A 252 138.11 -60.11 -19.73
CA ASN A 252 137.41 -60.42 -20.98
C ASN A 252 136.09 -61.13 -20.80
N LEU A 253 135.62 -61.32 -19.56
CA LEU A 253 134.33 -61.96 -19.22
C LEU A 253 134.22 -63.39 -19.74
N VAL A 254 135.33 -64.10 -19.86
CA VAL A 254 135.31 -65.50 -20.27
C VAL A 254 134.97 -66.35 -19.06
N PRO A 255 134.00 -67.25 -19.15
CA PRO A 255 133.63 -68.06 -17.98
C PRO A 255 134.72 -69.06 -17.61
N LEU A 256 134.60 -69.59 -16.39
CA LEU A 256 135.62 -70.47 -15.84
C LEU A 256 135.46 -71.88 -16.39
N GLY A 257 136.55 -72.65 -16.31
CA GLY A 257 136.52 -74.04 -16.71
C GLY A 257 137.16 -74.31 -18.05
N ARG A 258 138.17 -75.17 -18.07
CA ARG A 258 138.83 -75.57 -19.31
C ARG A 258 139.12 -77.07 -19.31
N SER B 1 150.44 -52.62 20.17
CA SER B 1 150.27 -51.17 20.10
C SER B 1 149.94 -50.60 21.47
N LYS B 2 148.65 -50.48 21.76
CA LYS B 2 148.16 -49.93 23.02
C LYS B 2 147.82 -51.08 23.96
N THR B 3 148.51 -51.13 25.10
CA THR B 3 148.47 -52.30 25.97
C THR B 3 148.24 -51.92 27.42
N ILE B 4 147.63 -52.84 28.16
CA ILE B 4 147.62 -52.85 29.62
C ILE B 4 148.29 -54.14 30.06
N VAL B 5 149.20 -54.04 31.02
CA VAL B 5 149.93 -55.20 31.53
C VAL B 5 149.41 -55.50 32.93
N LEU B 6 148.86 -56.70 33.12
CA LEU B 6 148.32 -57.13 34.39
C LEU B 6 149.26 -58.16 34.99
N SER B 7 150.07 -57.74 35.96
CA SER B 7 151.01 -58.62 36.62
C SER B 7 150.30 -59.43 37.70
N VAL B 8 150.41 -60.75 37.63
CA VAL B 8 149.70 -61.65 38.52
C VAL B 8 150.76 -62.32 39.39
N GLY B 9 151.81 -61.57 39.70
CA GLY B 9 152.97 -62.11 40.38
C GLY B 9 154.21 -61.86 39.54
N GLU B 10 154.78 -62.91 38.99
CA GLU B 10 155.83 -62.77 38.00
C GLU B 10 155.33 -62.98 36.57
N ALA B 11 154.15 -63.58 36.39
CA ALA B 11 153.58 -63.75 35.07
C ALA B 11 152.72 -62.55 34.72
N THR B 12 152.93 -62.00 33.52
CA THR B 12 152.21 -60.82 33.05
C THR B 12 151.31 -61.22 31.90
N ARG B 13 150.06 -60.81 31.95
CA ARG B 13 149.08 -61.09 30.90
C ARG B 13 148.80 -59.78 30.17
N THR B 14 149.42 -59.61 29.02
CA THR B 14 149.37 -58.35 28.28
C THR B 14 148.16 -58.33 27.36
N LEU B 15 147.18 -57.49 27.67
CA LEU B 15 146.06 -57.27 26.79
C LEU B 15 146.40 -56.19 25.77
N THR B 16 145.85 -56.32 24.57
CA THR B 16 146.04 -55.32 23.52
C THR B 16 144.69 -54.78 23.09
N GLU B 17 144.68 -53.54 22.63
CA GLU B 17 143.46 -52.89 22.19
C GLU B 17 143.05 -53.38 20.81
N ILE B 18 141.79 -53.77 20.66
CA ILE B 18 141.29 -54.29 19.40
C ILE B 18 140.19 -53.44 18.80
N GLN B 19 139.62 -52.48 19.54
CA GLN B 19 138.50 -51.71 19.06
C GLN B 19 138.43 -50.42 19.87
N SER B 20 138.11 -49.31 19.20
CA SER B 20 138.07 -48.02 19.86
C SER B 20 136.95 -47.19 19.23
N THR B 21 135.85 -47.04 19.95
CA THR B 21 134.74 -46.19 19.53
C THR B 21 135.04 -44.81 20.13
N ALA B 22 134.05 -43.91 20.16
CA ALA B 22 134.23 -42.60 20.79
C ALA B 22 134.51 -42.73 22.28
N ASP B 23 133.67 -43.47 23.00
CA ASP B 23 133.84 -43.69 24.42
C ASP B 23 134.22 -45.13 24.75
N ARG B 24 133.58 -46.12 24.13
CA ARG B 24 133.87 -47.51 24.42
C ARG B 24 135.22 -47.92 23.85
N GLN B 25 135.90 -48.81 24.56
CA GLN B 25 137.30 -49.11 24.24
C GLN B 25 137.56 -50.55 24.71
N ILE B 26 137.72 -51.47 23.76
CA ILE B 26 137.77 -52.89 24.05
C ILE B 26 139.22 -53.39 23.93
N PHE B 27 139.71 -54.00 24.98
CA PHE B 27 141.02 -54.66 24.99
C PHE B 27 140.82 -56.16 24.93
N GLU B 28 141.89 -56.88 24.57
CA GLU B 28 141.84 -58.33 24.45
C GLU B 28 143.25 -58.89 24.52
N GLU B 29 143.37 -60.10 25.03
CA GLU B 29 144.63 -60.81 25.07
C GLU B 29 144.77 -61.68 23.82
N LYS B 30 145.90 -61.55 23.13
CA LYS B 30 146.07 -62.12 21.81
C LYS B 30 146.77 -63.47 21.80
N VAL B 31 146.73 -64.23 22.88
CA VAL B 31 147.32 -65.56 22.87
C VAL B 31 146.23 -66.62 22.84
N GLY B 32 146.57 -67.80 22.34
CA GLY B 32 145.67 -68.93 22.34
C GLY B 32 144.68 -68.90 21.20
N PRO B 33 143.62 -69.72 21.31
CA PRO B 33 142.59 -69.75 20.26
C PRO B 33 141.74 -68.49 20.22
N LEU B 34 140.81 -68.44 19.27
CA LEU B 34 140.02 -67.25 19.03
C LEU B 34 138.73 -67.21 19.84
N VAL B 35 138.30 -68.32 20.40
CA VAL B 35 136.94 -68.41 20.94
C VAL B 35 136.83 -67.78 22.33
N GLY B 36 137.79 -68.01 23.23
CA GLY B 36 137.69 -67.44 24.55
C GLY B 36 138.96 -66.75 24.98
N ARG B 37 138.90 -65.44 25.18
CA ARG B 37 140.05 -64.64 25.54
C ARG B 37 139.66 -63.67 26.64
N LEU B 38 140.68 -63.12 27.31
CA LEU B 38 140.44 -62.04 28.26
C LEU B 38 139.90 -60.81 27.53
N ARG B 39 138.98 -60.14 28.18
CA ARG B 39 138.30 -59.00 27.58
C ARG B 39 138.23 -57.89 28.62
N LEU B 40 138.36 -56.66 28.17
CA LEU B 40 138.31 -55.51 29.08
C LEU B 40 137.66 -54.37 28.32
N THR B 41 136.44 -54.02 28.72
CA THR B 41 135.63 -53.04 28.02
C THR B 41 135.55 -51.77 28.88
N ALA B 42 136.50 -50.87 28.69
CA ALA B 42 136.46 -49.59 29.36
C ALA B 42 135.43 -48.67 28.71
N SER B 43 135.02 -47.64 29.44
CA SER B 43 134.06 -46.66 28.95
C SER B 43 134.22 -45.39 29.77
N LEU B 44 133.66 -44.30 29.24
CA LEU B 44 133.66 -43.02 29.92
C LEU B 44 132.56 -42.16 29.32
N ARG B 45 131.62 -41.74 30.13
CA ARG B 45 130.50 -40.93 29.68
C ARG B 45 130.42 -39.67 30.55
N GLN B 46 129.39 -38.86 30.31
CA GLN B 46 128.99 -37.83 31.27
C GLN B 46 127.49 -37.65 31.13
N ASN B 47 126.75 -37.98 32.19
CA ASN B 47 125.31 -38.00 32.16
C ASN B 47 124.75 -36.67 32.67
N GLY B 48 123.62 -36.27 32.08
CA GLY B 48 122.91 -35.08 32.52
C GLY B 48 123.43 -33.80 31.93
N ALA B 49 123.52 -32.76 32.76
CA ALA B 49 123.95 -31.44 32.30
C ALA B 49 125.45 -31.25 32.52
N LYS B 50 126.22 -32.21 32.00
CA LYS B 50 127.69 -32.18 31.94
C LYS B 50 128.32 -32.07 33.33
N THR B 51 127.69 -32.65 34.35
CA THR B 51 128.12 -32.45 35.72
C THR B 51 128.73 -33.68 36.38
N ALA B 52 128.52 -34.87 35.84
CA ALA B 52 129.00 -36.09 36.49
C ALA B 52 129.45 -37.08 35.42
N TYR B 53 130.70 -37.52 35.51
CA TYR B 53 131.22 -38.53 34.62
C TYR B 53 130.88 -39.92 35.13
N ARG B 54 131.15 -40.93 34.30
CA ARG B 54 130.78 -42.31 34.64
C ARG B 54 131.78 -43.24 33.95
N VAL B 55 132.72 -43.75 34.73
CA VAL B 55 133.65 -44.77 34.24
C VAL B 55 133.00 -46.13 34.43
N ASN B 56 133.27 -47.05 33.49
CA ASN B 56 132.58 -48.34 33.50
C ASN B 56 133.54 -49.38 32.93
N LEU B 57 134.29 -50.06 33.79
CA LEU B 57 135.14 -51.15 33.39
C LEU B 57 134.40 -52.48 33.50
N LYS B 58 134.87 -53.47 32.74
CA LYS B 58 134.24 -54.78 32.75
C LYS B 58 135.28 -55.79 32.25
N LEU B 59 135.71 -56.67 33.14
CA LEU B 59 136.73 -57.67 32.82
C LEU B 59 136.06 -59.02 32.69
N ASP B 60 135.94 -59.51 31.45
CA ASP B 60 135.40 -60.84 31.21
C ASP B 60 136.50 -61.87 31.33
N GLN B 61 136.11 -63.11 31.64
CA GLN B 61 137.06 -64.21 31.65
C GLN B 61 136.30 -65.49 31.33
N ALA B 62 136.57 -66.06 30.15
CA ALA B 62 135.95 -67.29 29.73
C ALA B 62 136.86 -68.46 30.05
N ASP B 63 136.26 -69.57 30.47
CA ASP B 63 137.02 -70.78 30.78
C ASP B 63 136.94 -71.72 29.58
N VAL B 64 137.91 -71.60 28.69
CA VAL B 64 137.95 -72.41 27.49
C VAL B 64 138.67 -73.72 27.79
N VAL B 65 138.28 -74.79 27.11
CA VAL B 65 138.88 -76.10 27.28
C VAL B 65 139.02 -76.74 25.91
N ASP B 66 140.18 -77.33 25.63
CA ASP B 66 140.46 -77.96 24.36
C ASP B 66 140.54 -79.47 24.58
N CYS B 67 139.50 -80.19 24.14
CA CYS B 67 139.38 -81.62 24.36
C CYS B 67 139.53 -82.37 23.05
N SER B 68 140.40 -81.86 22.17
CA SER B 68 140.60 -82.49 20.87
C SER B 68 141.42 -83.76 20.97
N THR B 69 142.22 -83.92 22.01
CA THR B 69 143.07 -85.10 22.12
C THR B 69 142.36 -86.25 22.80
N SER B 70 141.52 -85.96 23.79
CA SER B 70 140.84 -87.01 24.54
C SER B 70 139.70 -87.62 23.73
N VAL B 71 138.69 -86.82 23.40
CA VAL B 71 137.65 -87.25 22.48
C VAL B 71 138.02 -86.74 21.09
N CYS B 72 137.86 -87.59 20.09
CA CYS B 72 138.33 -87.26 18.75
C CYS B 72 137.33 -86.36 18.05
N GLY B 73 137.84 -85.32 17.41
CA GLY B 73 137.07 -84.55 16.45
C GLY B 73 136.19 -83.45 17.00
N GLU B 74 136.58 -82.81 18.10
CA GLU B 74 135.84 -81.65 18.56
C GLU B 74 136.78 -80.50 18.86
N LEU B 75 136.19 -79.32 18.95
CA LEU B 75 136.88 -78.03 18.94
C LEU B 75 136.92 -77.44 20.34
N PRO B 76 137.78 -76.45 20.61
CA PRO B 76 137.71 -75.77 21.91
C PRO B 76 136.42 -74.99 22.08
N LYS B 77 135.94 -74.95 23.32
CA LYS B 77 134.64 -74.37 23.62
C LYS B 77 134.70 -73.66 24.95
N VAL B 78 133.79 -72.72 25.15
CA VAL B 78 133.72 -71.94 26.38
C VAL B 78 132.74 -72.62 27.33
N ARG B 79 133.24 -73.02 28.50
CA ARG B 79 132.37 -73.58 29.52
C ARG B 79 131.47 -72.50 30.13
N TYR B 80 132.08 -71.48 30.71
CA TYR B 80 131.36 -70.40 31.39
C TYR B 80 132.18 -69.13 31.30
N THR B 81 131.55 -68.01 31.66
CA THR B 81 132.22 -66.73 31.77
C THR B 81 131.96 -66.14 33.14
N GLN B 82 133.00 -65.53 33.72
CA GLN B 82 132.89 -64.83 35.00
C GLN B 82 133.40 -63.42 34.83
N VAL B 83 132.56 -62.44 35.17
CA VAL B 83 132.89 -61.05 34.95
C VAL B 83 133.17 -60.37 36.29
N TRP B 84 133.79 -59.19 36.23
CA TRP B 84 133.93 -58.32 37.39
C TRP B 84 133.83 -56.90 36.86
N SER B 85 132.63 -56.34 36.91
CA SER B 85 132.40 -55.00 36.42
C SER B 85 132.76 -53.97 37.48
N HIS B 86 132.93 -52.73 37.02
CA HIS B 86 133.09 -51.59 37.90
C HIS B 86 132.19 -50.47 37.39
N ASP B 87 131.79 -49.58 38.27
CA ASP B 87 130.95 -48.44 37.89
C ASP B 87 131.29 -47.28 38.80
N VAL B 88 132.18 -46.42 38.37
CA VAL B 88 132.63 -45.28 39.14
C VAL B 88 131.82 -44.06 38.73
N THR B 89 131.32 -43.32 39.71
CA THR B 89 130.61 -42.07 39.47
C THR B 89 131.47 -40.93 39.99
N ILE B 90 131.88 -40.04 39.10
CA ILE B 90 132.75 -38.92 39.41
C ILE B 90 132.03 -37.64 39.02
N VAL B 91 131.86 -36.74 39.98
CA VAL B 91 131.28 -35.43 39.68
C VAL B 91 132.38 -34.50 39.21
N ALA B 92 132.01 -33.58 38.32
CA ALA B 92 133.01 -32.87 37.51
C ALA B 92 133.77 -31.82 38.31
N ASN B 93 133.13 -31.15 39.26
CA ASN B 93 133.76 -30.07 40.02
C ASN B 93 134.42 -30.56 41.30
N SER B 94 134.90 -31.80 41.32
CA SER B 94 135.57 -32.36 42.48
C SER B 94 136.93 -31.71 42.70
N THR B 95 137.50 -31.98 43.86
CA THR B 95 138.92 -31.76 44.08
C THR B 95 139.66 -33.05 43.76
N GLU B 96 140.97 -32.93 43.55
CA GLU B 96 141.76 -34.09 43.14
C GLU B 96 141.92 -35.07 44.29
N ALA B 97 141.95 -34.58 45.53
CA ALA B 97 142.05 -35.48 46.67
C ALA B 97 140.78 -36.27 46.92
N SER B 98 139.64 -35.80 46.41
CA SER B 98 138.41 -36.58 46.50
C SER B 98 138.46 -37.78 45.56
N ARG B 99 138.99 -37.58 44.35
CA ARG B 99 139.13 -38.67 43.40
C ARG B 99 140.28 -39.60 43.73
N LYS B 100 141.36 -39.07 44.32
CA LYS B 100 142.50 -39.91 44.65
C LYS B 100 142.21 -40.80 45.85
N SER B 101 141.50 -40.27 46.85
CA SER B 101 141.21 -41.06 48.04
C SER B 101 140.14 -42.11 47.77
N LEU B 102 139.23 -41.84 46.85
CA LEU B 102 138.25 -42.85 46.46
C LEU B 102 138.92 -43.99 45.71
N TYR B 103 139.91 -43.68 44.89
CA TYR B 103 140.68 -44.74 44.24
C TYR B 103 141.56 -45.47 45.24
N ASP B 104 142.14 -44.75 46.19
CA ASP B 104 143.04 -45.35 47.17
C ASP B 104 142.31 -46.25 48.15
N LEU B 105 141.01 -46.03 48.37
CA LEU B 105 140.24 -46.93 49.21
C LEU B 105 139.82 -48.17 48.46
N THR B 106 139.41 -48.02 47.19
CA THR B 106 138.98 -49.17 46.41
C THR B 106 140.16 -50.04 46.00
N LYS B 107 141.35 -49.45 45.83
CA LYS B 107 142.56 -50.23 45.60
C LYS B 107 142.88 -51.06 46.84
N SER B 108 142.62 -50.53 48.02
CA SER B 108 142.87 -51.26 49.26
C SER B 108 141.70 -52.13 49.67
N LEU B 109 140.50 -51.86 49.15
CA LEU B 109 139.37 -52.73 49.43
C LEU B 109 139.54 -54.07 48.72
N VAL B 110 139.91 -54.05 47.44
CA VAL B 110 140.08 -55.27 46.68
C VAL B 110 141.29 -56.06 47.18
N ALA B 111 142.35 -55.36 47.59
CA ALA B 111 143.59 -56.02 47.98
C ALA B 111 143.54 -56.68 49.35
N THR B 112 142.43 -56.59 50.08
CA THR B 112 142.36 -57.20 51.40
C THR B 112 141.97 -58.66 51.26
N SER B 113 142.17 -59.41 52.35
CA SER B 113 141.89 -60.84 52.34
C SER B 113 140.44 -61.18 52.70
N GLN B 114 139.60 -60.17 52.92
CA GLN B 114 138.19 -60.45 53.18
C GLN B 114 137.37 -60.44 51.91
N VAL B 115 137.75 -59.62 50.93
CA VAL B 115 137.08 -59.63 49.63
C VAL B 115 137.63 -60.77 48.78
N GLU B 116 138.82 -61.28 49.11
CA GLU B 116 139.33 -62.47 48.45
C GLU B 116 138.47 -63.68 48.77
N ASP B 117 138.13 -63.88 50.04
CA ASP B 117 137.28 -65.00 50.43
C ASP B 117 135.83 -64.80 50.02
N LEU B 118 135.43 -63.57 49.67
CA LEU B 118 134.06 -63.32 49.26
C LEU B 118 133.79 -63.74 47.82
N VAL B 119 134.79 -63.67 46.94
CA VAL B 119 134.56 -64.01 45.55
C VAL B 119 135.14 -65.39 45.24
N VAL B 120 136.03 -65.89 46.08
CA VAL B 120 136.58 -67.21 45.86
C VAL B 120 135.80 -68.27 46.65
N ASN B 121 135.59 -68.02 47.94
CA ASN B 121 134.97 -68.99 48.83
C ASN B 121 133.59 -68.57 49.31
N LEU B 122 133.08 -67.43 48.83
CA LEU B 122 131.71 -66.94 49.05
C LEU B 122 131.41 -66.67 50.53
N VAL B 123 132.42 -66.34 51.31
CA VAL B 123 132.24 -66.01 52.73
C VAL B 123 131.94 -64.53 52.86
N PRO B 124 130.93 -64.12 53.65
CA PRO B 124 130.60 -62.70 53.75
C PRO B 124 131.68 -61.89 54.47
N LEU B 125 131.56 -60.57 54.36
CA LEU B 125 132.56 -59.66 54.85
C LEU B 125 132.43 -59.45 56.35
N GLY B 126 133.50 -58.94 56.96
CA GLY B 126 133.50 -58.63 58.37
C GLY B 126 134.00 -59.74 59.25
N ARG B 127 135.03 -59.47 60.04
CA ARG B 127 135.58 -60.44 60.99
C ARG B 127 135.76 -59.74 62.33
N ALA B 128 135.25 -60.35 63.39
CA ALA B 128 135.25 -59.74 64.71
C ALA B 128 136.54 -60.05 65.45
N TYR B 129 137.30 -59.02 65.78
CA TYR B 129 138.47 -59.12 66.66
C TYR B 129 138.35 -58.05 67.72
N GLY B 130 137.85 -58.43 68.89
CA GLY B 130 137.72 -57.52 70.00
C GLY B 130 136.62 -56.49 69.85
N GLY B 131 135.37 -56.94 69.80
CA GLY B 131 134.25 -56.03 69.66
C GLY B 131 133.27 -56.48 68.60
N SER B 132 133.07 -55.67 67.57
CA SER B 132 132.20 -56.02 66.47
C SER B 132 133.02 -56.46 65.26
N LYS B 133 132.33 -56.72 64.16
CA LYS B 133 132.97 -57.18 62.94
C LYS B 133 133.45 -55.98 62.12
N THR B 134 134.74 -55.92 61.84
CA THR B 134 135.36 -54.78 61.18
C THR B 134 136.13 -55.23 59.94
N ILE B 135 136.27 -54.30 58.99
CA ILE B 135 137.17 -54.44 57.86
C ILE B 135 138.03 -53.19 57.78
N VAL B 136 139.34 -53.37 57.76
CA VAL B 136 140.28 -52.25 57.79
C VAL B 136 140.76 -52.00 56.37
N LEU B 137 141.00 -50.73 56.04
CA LEU B 137 141.42 -50.30 54.71
C LEU B 137 142.67 -49.45 54.87
N SER B 138 143.83 -50.05 54.65
CA SER B 138 145.09 -49.34 54.77
C SER B 138 145.33 -48.47 53.54
N VAL B 139 145.53 -47.17 53.76
CA VAL B 139 145.68 -46.20 52.69
C VAL B 139 147.14 -45.75 52.77
N GLY B 140 148.02 -46.70 53.08
CA GLY B 140 149.39 -46.40 53.43
C GLY B 140 149.61 -46.74 54.89
N GLU B 141 149.73 -45.72 55.73
CA GLU B 141 149.75 -45.93 57.18
C GLU B 141 148.40 -45.62 57.84
N ALA B 142 147.58 -44.79 57.21
CA ALA B 142 146.26 -44.48 57.76
C ALA B 142 145.30 -45.63 57.50
N THR B 143 144.78 -46.21 58.57
CA THR B 143 143.86 -47.35 58.48
C THR B 143 142.47 -46.89 58.85
N ARG B 144 141.62 -46.70 57.86
CA ARG B 144 140.24 -46.26 58.06
C ARG B 144 139.41 -47.51 58.35
N THR B 145 139.15 -47.77 59.62
CA THR B 145 138.48 -48.99 60.06
C THR B 145 136.97 -48.79 59.97
N LEU B 146 136.33 -49.55 59.08
CA LEU B 146 134.88 -49.58 58.99
C LEU B 146 134.33 -50.61 59.98
N THR B 147 133.18 -50.28 60.56
CA THR B 147 132.50 -51.19 61.47
C THR B 147 131.14 -51.56 60.88
N GLU B 148 130.75 -52.81 61.07
CA GLU B 148 129.48 -53.28 60.53
C GLU B 148 128.33 -52.76 61.38
N ILE B 149 127.38 -52.08 60.74
CA ILE B 149 126.24 -51.53 61.43
C ILE B 149 124.94 -52.26 61.11
N GLN B 150 124.95 -53.16 60.13
CA GLN B 150 123.70 -53.81 59.73
C GLN B 150 124.04 -55.15 59.11
N SER B 151 123.13 -56.11 59.26
CA SER B 151 123.25 -57.43 58.65
C SER B 151 121.84 -57.87 58.28
N THR B 152 121.48 -57.65 57.02
CA THR B 152 120.15 -58.00 56.52
C THR B 152 120.24 -59.45 56.04
N ALA B 153 119.26 -59.94 55.27
CA ALA B 153 119.28 -61.31 54.78
C ALA B 153 120.43 -61.54 53.82
N ASP B 154 120.62 -60.65 52.85
CA ASP B 154 121.76 -60.71 51.95
C ASP B 154 122.66 -59.48 52.09
N ARG B 155 122.06 -58.31 52.31
CA ARG B 155 122.79 -57.06 52.41
C ARG B 155 123.63 -57.02 53.69
N GLN B 156 124.64 -56.16 53.67
CA GLN B 156 125.59 -56.06 54.79
C GLN B 156 126.21 -54.67 54.72
N ILE B 157 125.73 -53.75 55.55
CA ILE B 157 126.12 -52.35 55.50
C ILE B 157 127.20 -52.07 56.52
N PHE B 158 128.35 -51.61 56.06
CA PHE B 158 129.45 -51.19 56.91
C PHE B 158 129.50 -49.67 56.91
N GLU B 159 130.11 -49.11 57.96
CA GLU B 159 130.18 -47.66 58.07
C GLU B 159 131.32 -47.28 59.00
N GLU B 160 132.04 -46.22 58.64
CA GLU B 160 133.03 -45.65 59.54
C GLU B 160 132.35 -44.73 60.54
N LYS B 161 132.79 -44.81 61.79
CA LYS B 161 132.07 -44.19 62.89
C LYS B 161 132.68 -42.89 63.40
N VAL B 162 133.74 -42.40 62.78
CA VAL B 162 134.31 -41.12 63.19
C VAL B 162 133.67 -40.00 62.38
N GLY B 163 133.57 -38.82 62.99
CA GLY B 163 133.07 -37.65 62.31
C GLY B 163 131.58 -37.47 62.46
N PRO B 164 131.00 -36.57 61.65
CA PRO B 164 129.56 -36.29 61.75
C PRO B 164 128.73 -37.41 61.16
N LEU B 165 127.43 -37.36 61.46
CA LEU B 165 126.48 -38.36 60.97
C LEU B 165 126.09 -38.16 59.52
N VAL B 166 126.37 -36.99 58.94
CA VAL B 166 125.84 -36.68 57.62
C VAL B 166 126.64 -37.37 56.52
N GLY B 167 127.96 -37.27 56.52
CA GLY B 167 128.77 -37.88 55.48
C GLY B 167 129.78 -38.84 56.05
N ARG B 168 129.60 -40.13 55.78
CA ARG B 168 130.50 -41.16 56.29
C ARG B 168 130.76 -42.17 55.19
N LEU B 169 131.85 -42.91 55.35
CA LEU B 169 132.15 -44.01 54.45
C LEU B 169 131.11 -45.11 54.60
N ARG B 170 130.69 -45.67 53.47
CA ARG B 170 129.68 -46.72 53.45
C ARG B 170 130.19 -47.88 52.63
N LEU B 171 129.62 -49.06 52.89
CA LEU B 171 129.98 -50.26 52.13
C LEU B 171 128.78 -51.20 52.19
N THR B 172 128.01 -51.24 51.12
CA THR B 172 126.83 -52.10 51.08
C THR B 172 127.18 -53.34 50.27
N ALA B 173 127.77 -54.32 50.94
CA ALA B 173 128.04 -55.60 50.30
C ALA B 173 126.74 -56.39 50.11
N SER B 174 126.80 -57.38 49.25
CA SER B 174 125.62 -58.19 48.92
C SER B 174 126.08 -59.53 48.38
N LEU B 175 125.13 -60.46 48.29
CA LEU B 175 125.39 -61.80 47.77
C LEU B 175 124.05 -62.43 47.43
N ARG B 176 123.89 -62.89 46.20
CA ARG B 176 122.65 -63.50 45.74
C ARG B 176 122.98 -64.78 44.99
N GLN B 177 121.93 -65.47 44.54
CA GLN B 177 122.07 -66.49 43.51
C GLN B 177 120.79 -66.49 42.70
N ASN B 178 120.91 -66.24 41.40
CA ASN B 178 119.77 -66.03 40.54
C ASN B 178 119.28 -67.34 39.94
N GLY B 179 117.97 -67.42 39.71
CA GLY B 179 117.35 -68.51 38.99
C GLY B 179 117.43 -69.85 39.67
N ALA B 180 117.85 -70.87 38.93
CA ALA B 180 117.91 -72.23 39.45
C ALA B 180 119.29 -72.56 40.02
N LYS B 181 119.77 -71.69 40.92
CA LYS B 181 121.00 -71.88 41.71
C LYS B 181 122.24 -72.10 40.83
N THR B 182 122.31 -71.39 39.71
CA THR B 182 123.38 -71.63 38.74
C THR B 182 124.47 -70.58 38.74
N ALA B 183 124.24 -69.40 39.32
CA ALA B 183 125.22 -68.34 39.29
C ALA B 183 125.00 -67.39 40.45
N TYR B 184 126.07 -67.08 41.17
CA TYR B 184 126.02 -66.12 42.25
C TYR B 184 126.24 -64.72 41.70
N ARG B 185 126.09 -63.71 42.56
CA ARG B 185 126.28 -62.32 42.14
C ARG B 185 126.68 -61.50 43.36
N VAL B 186 127.96 -61.19 43.45
CA VAL B 186 128.48 -60.32 44.50
C VAL B 186 128.34 -58.88 44.04
N ASN B 187 128.06 -57.96 44.97
CA ASN B 187 127.81 -56.56 44.61
C ASN B 187 128.27 -55.68 45.77
N LEU B 188 129.47 -55.13 45.65
CA LEU B 188 129.96 -54.14 46.58
C LEU B 188 129.66 -52.74 46.08
N LYS B 189 129.70 -51.77 46.98
CA LYS B 189 129.44 -50.38 46.65
C LYS B 189 130.01 -49.50 47.75
N LEU B 190 130.96 -48.65 47.40
CA LEU B 190 131.65 -47.81 48.38
C LEU B 190 131.34 -46.35 48.06
N ASP B 191 130.55 -45.72 48.90
CA ASP B 191 130.25 -44.29 48.77
C ASP B 191 131.23 -43.48 49.59
N GLN B 192 131.52 -42.27 49.11
CA GLN B 192 132.42 -41.37 49.82
C GLN B 192 131.93 -39.95 49.63
N ALA B 193 131.16 -39.45 50.59
CA ALA B 193 130.63 -38.10 50.54
C ALA B 193 131.67 -37.13 51.08
N ASP B 194 131.84 -36.02 50.38
CA ASP B 194 132.82 -35.01 50.77
C ASP B 194 132.14 -33.98 51.65
N VAL B 195 132.41 -34.05 52.95
CA VAL B 195 131.78 -33.17 53.92
C VAL B 195 132.77 -32.10 54.33
N VAL B 196 132.31 -30.86 54.40
CA VAL B 196 133.16 -29.73 54.75
C VAL B 196 132.48 -28.96 55.88
N ASP B 197 133.30 -28.33 56.73
CA ASP B 197 132.79 -27.53 57.84
C ASP B 197 133.25 -26.09 57.69
N CYS B 198 132.30 -25.16 57.85
CA CYS B 198 132.58 -23.74 57.70
C CYS B 198 132.58 -23.03 59.04
N SER B 199 132.91 -23.76 60.11
CA SER B 199 132.87 -23.19 61.47
C SER B 199 133.95 -22.17 61.71
N THR B 200 135.09 -22.26 61.01
CA THR B 200 136.12 -21.25 61.14
C THR B 200 135.70 -19.97 60.41
N SER B 201 134.97 -20.10 59.31
CA SER B 201 134.52 -18.96 58.52
C SER B 201 133.23 -18.34 59.05
N VAL B 202 132.19 -19.15 59.21
CA VAL B 202 130.86 -18.67 59.60
C VAL B 202 130.49 -19.29 60.94
N CYS B 203 129.95 -18.47 61.84
CA CYS B 203 129.50 -18.96 63.14
C CYS B 203 128.33 -19.93 63.00
N GLY B 204 128.33 -20.95 63.87
CA GLY B 204 127.20 -21.84 64.01
C GLY B 204 126.92 -22.72 62.82
N GLU B 205 127.92 -22.98 61.99
CA GLU B 205 127.74 -23.75 60.77
C GLU B 205 128.03 -25.21 61.07
N LEU B 206 127.01 -26.05 60.98
CA LEU B 206 127.18 -27.47 61.11
C LEU B 206 127.65 -28.05 59.78
N PRO B 207 128.42 -29.14 59.81
CA PRO B 207 128.97 -29.68 58.56
C PRO B 207 127.90 -30.25 57.64
N LYS B 208 128.19 -30.19 56.34
CA LYS B 208 127.27 -30.63 55.31
C LYS B 208 128.09 -31.19 54.15
N VAL B 209 127.42 -31.96 53.29
CA VAL B 209 128.08 -32.61 52.16
C VAL B 209 127.89 -31.75 50.92
N ARG B 210 128.88 -31.79 50.02
CA ARG B 210 128.77 -31.10 48.75
C ARG B 210 128.33 -32.05 47.65
N TYR B 211 129.04 -33.15 47.48
CA TYR B 211 128.76 -34.13 46.44
C TYR B 211 128.98 -35.52 47.01
N THR B 212 128.83 -36.53 46.15
CA THR B 212 129.15 -37.90 46.53
C THR B 212 129.71 -38.63 45.32
N GLN B 213 130.65 -39.54 45.59
CA GLN B 213 131.32 -40.31 44.55
C GLN B 213 131.36 -41.77 44.97
N VAL B 214 130.86 -42.66 44.11
CA VAL B 214 130.74 -44.06 44.43
C VAL B 214 131.69 -44.87 43.56
N TRP B 215 131.89 -46.13 43.95
CA TRP B 215 132.62 -47.11 43.13
C TRP B 215 131.95 -48.45 43.41
N SER B 216 131.04 -48.84 42.52
CA SER B 216 130.37 -50.11 42.64
C SER B 216 131.23 -51.23 42.04
N HIS B 217 130.90 -52.45 42.44
CA HIS B 217 131.45 -53.65 41.82
C HIS B 217 130.29 -54.58 41.52
N ASP B 218 130.49 -55.44 40.53
CA ASP B 218 129.43 -56.40 40.16
C ASP B 218 130.12 -57.66 39.66
N VAL B 219 130.34 -58.60 40.57
CA VAL B 219 131.02 -59.85 40.26
C VAL B 219 129.96 -60.90 39.94
N THR B 220 130.16 -61.63 38.85
CA THR B 220 129.29 -62.74 38.47
C THR B 220 130.09 -64.03 38.55
N ILE B 221 129.65 -64.95 39.37
CA ILE B 221 130.34 -66.21 39.62
C ILE B 221 129.36 -67.34 39.35
N VAL B 222 129.69 -68.21 38.39
CA VAL B 222 128.83 -69.35 38.12
C VAL B 222 129.12 -70.43 39.16
N ALA B 223 128.13 -71.30 39.38
CA ALA B 223 128.14 -72.16 40.56
C ALA B 223 129.09 -73.33 40.42
N ASN B 224 129.22 -73.89 39.21
CA ASN B 224 130.04 -75.07 38.98
C ASN B 224 131.46 -74.70 38.53
N SER B 225 131.98 -73.58 39.02
CA SER B 225 133.30 -73.09 38.67
C SER B 225 134.40 -74.00 39.20
N THR B 226 135.62 -73.72 38.74
CA THR B 226 136.81 -74.20 39.39
C THR B 226 137.28 -73.10 40.34
N GLU B 227 137.80 -73.50 41.50
CA GLU B 227 138.30 -72.51 42.46
C GLU B 227 139.52 -71.77 41.91
N ALA B 228 140.29 -72.42 41.02
CA ALA B 228 141.39 -71.75 40.36
C ALA B 228 140.92 -70.71 39.34
N SER B 229 139.68 -70.80 38.88
CA SER B 229 139.15 -69.78 37.96
C SER B 229 138.52 -68.63 38.72
N ARG B 230 138.03 -68.88 39.93
CA ARG B 230 137.60 -67.78 40.79
C ARG B 230 138.79 -67.04 41.38
N LYS B 231 139.89 -67.75 41.60
CA LYS B 231 141.09 -67.11 42.13
C LYS B 231 141.76 -66.24 41.08
N SER B 232 141.78 -66.69 39.83
CA SER B 232 142.43 -65.92 38.77
C SER B 232 141.62 -64.71 38.37
N LEU B 233 140.29 -64.76 38.50
CA LEU B 233 139.48 -63.59 38.25
C LEU B 233 139.69 -62.52 39.30
N TYR B 234 139.86 -62.92 40.56
CA TYR B 234 140.16 -61.96 41.61
C TYR B 234 141.57 -61.42 41.47
N ASP B 235 142.53 -62.29 41.12
CA ASP B 235 143.92 -61.89 40.99
C ASP B 235 144.16 -60.96 39.82
N LEU B 236 143.31 -60.99 38.80
CA LEU B 236 143.43 -60.03 37.71
C LEU B 236 142.80 -58.70 38.07
N THR B 237 141.65 -58.73 38.77
CA THR B 237 141.00 -57.48 39.16
C THR B 237 141.75 -56.78 40.28
N LYS B 238 142.41 -57.54 41.16
CA LYS B 238 143.31 -56.94 42.13
C LYS B 238 144.51 -56.30 41.43
N SER B 239 144.96 -56.91 40.34
CA SER B 239 146.07 -56.36 39.57
C SER B 239 145.63 -55.26 38.61
N LEU B 240 144.37 -55.26 38.20
CA LEU B 240 143.89 -54.23 37.28
C LEU B 240 143.75 -52.89 37.99
N VAL B 241 143.13 -52.89 39.17
CA VAL B 241 142.93 -51.67 39.94
C VAL B 241 144.26 -51.10 40.42
N ALA B 242 145.24 -51.95 40.69
CA ALA B 242 146.53 -51.51 41.18
C ALA B 242 147.41 -50.86 40.13
N THR B 243 147.02 -50.89 38.85
CA THR B 243 147.85 -50.30 37.81
C THR B 243 147.74 -48.78 37.82
N SER B 244 148.69 -48.14 37.15
CA SER B 244 148.68 -46.69 37.03
C SER B 244 147.81 -46.21 35.87
N GLN B 245 147.32 -47.12 35.03
CA GLN B 245 146.43 -46.71 33.95
C GLN B 245 145.02 -46.46 34.46
N VAL B 246 144.56 -47.27 35.42
CA VAL B 246 143.26 -47.05 36.04
C VAL B 246 143.35 -45.96 37.10
N GLU B 247 144.55 -45.66 37.61
CA GLU B 247 144.73 -44.55 38.52
C GLU B 247 144.48 -43.22 37.81
N ASP B 248 145.05 -43.05 36.62
CA ASP B 248 144.83 -41.85 35.83
C ASP B 248 143.46 -41.82 35.17
N LEU B 249 142.79 -42.96 35.05
CA LEU B 249 141.46 -42.97 34.45
C LEU B 249 140.40 -42.48 35.42
N VAL B 250 140.58 -42.74 36.71
CA VAL B 250 139.63 -42.28 37.72
C VAL B 250 139.97 -40.87 38.17
N VAL B 251 141.25 -40.58 38.38
CA VAL B 251 141.65 -39.27 38.89
C VAL B 251 141.62 -38.23 37.77
N ASN B 252 142.26 -38.51 36.64
CA ASN B 252 142.46 -37.51 35.59
C ASN B 252 141.70 -37.79 34.30
N LEU B 253 140.86 -38.83 34.26
CA LEU B 253 140.03 -39.21 33.12
C LEU B 253 140.84 -39.50 31.85
N VAL B 254 142.07 -39.98 32.01
CA VAL B 254 142.90 -40.37 30.86
C VAL B 254 142.49 -41.77 30.44
N PRO B 255 142.23 -42.00 29.15
CA PRO B 255 141.79 -43.34 28.72
C PRO B 255 142.90 -44.37 28.82
N LEU B 256 142.49 -45.64 28.78
CA LEU B 256 143.41 -46.75 28.97
C LEU B 256 144.21 -47.02 27.71
N GLY B 257 145.35 -47.68 27.87
CA GLY B 257 146.17 -48.08 26.75
C GLY B 257 147.38 -47.21 26.51
N ARG B 258 148.56 -47.80 26.55
CA ARG B 258 149.79 -47.08 26.25
C ARG B 258 150.71 -47.91 25.34
N SER C 1 130.48 -69.75 62.58
CA SER C 1 129.68 -68.90 63.45
C SER C 1 128.57 -69.71 64.12
N LYS C 2 127.38 -69.66 63.53
CA LYS C 2 126.21 -70.36 64.06
C LYS C 2 126.05 -71.69 63.33
N THR C 3 126.13 -72.78 64.07
CA THR C 3 126.24 -74.11 63.50
C THR C 3 125.24 -75.08 64.09
N ILE C 4 124.86 -76.07 63.30
CA ILE C 4 124.20 -77.29 63.76
C ILE C 4 125.10 -78.46 63.41
N VAL C 5 125.28 -79.38 64.34
CA VAL C 5 126.13 -80.55 64.13
C VAL C 5 125.25 -81.78 64.01
N LEU C 6 125.33 -82.46 62.88
CA LEU C 6 124.55 -83.66 62.61
C LEU C 6 125.49 -84.86 62.63
N SER C 7 125.53 -85.57 63.75
CA SER C 7 126.36 -86.75 63.87
C SER C 7 125.61 -87.98 63.37
N VAL C 8 126.19 -88.67 62.39
CA VAL C 8 125.54 -89.80 61.75
C VAL C 8 126.30 -91.08 62.08
N GLY C 9 126.84 -91.13 63.29
CA GLY C 9 127.76 -92.18 63.67
C GLY C 9 128.97 -91.56 64.33
N GLU C 10 130.13 -91.71 63.71
CA GLU C 10 131.32 -90.98 64.14
C GLU C 10 131.61 -89.76 63.29
N ALA C 11 131.12 -89.72 62.06
CA ALA C 11 131.30 -88.54 61.22
C ALA C 11 130.26 -87.49 61.57
N THR C 12 130.70 -86.25 61.74
CA THR C 12 129.82 -85.13 62.07
C THR C 12 129.83 -84.15 60.91
N ARG C 13 128.65 -83.85 60.37
CA ARG C 13 128.51 -82.95 59.23
C ARG C 13 128.02 -81.61 59.75
N THR C 14 128.93 -80.67 59.93
CA THR C 14 128.64 -79.39 60.54
C THR C 14 128.08 -78.42 59.51
N LEU C 15 126.80 -78.10 59.63
CA LEU C 15 126.19 -77.06 58.82
C LEU C 15 126.50 -75.69 59.41
N THR C 16 126.63 -74.70 58.54
CA THR C 16 126.85 -73.32 59.00
C THR C 16 125.77 -72.43 58.43
N GLU C 17 125.38 -71.42 59.21
CA GLU C 17 124.34 -70.49 58.79
C GLU C 17 124.88 -69.52 57.74
N ILE C 18 124.17 -69.40 56.63
CA ILE C 18 124.60 -68.53 55.54
C ILE C 18 123.64 -67.38 55.27
N GLN C 19 122.43 -67.41 55.82
CA GLN C 19 121.43 -66.40 55.53
C GLN C 19 120.40 -66.39 56.65
N SER C 20 119.98 -65.20 57.07
CA SER C 20 119.03 -65.07 58.16
C SER C 20 118.09 -63.91 57.83
N THR C 21 116.84 -64.24 57.50
CA THR C 21 115.80 -63.27 57.26
C THR C 21 115.11 -63.04 58.62
N ALA C 22 113.94 -62.41 58.63
CA ALA C 22 113.18 -62.25 59.87
C ALA C 22 112.77 -63.59 60.46
N ASP C 23 112.15 -64.44 59.66
CA ASP C 23 111.73 -65.77 60.08
C ASP C 23 112.52 -66.89 59.43
N ARG C 24 112.78 -66.80 58.12
CA ARG C 24 113.50 -67.85 57.41
C ARG C 24 114.97 -67.81 57.78
N GLN C 25 115.61 -68.99 57.76
CA GLN C 25 116.95 -69.14 58.30
C GLN C 25 117.61 -70.32 57.59
N ILE C 26 118.55 -70.03 56.69
CA ILE C 26 119.13 -71.02 55.79
C ILE C 26 120.51 -71.40 56.27
N PHE C 27 120.72 -72.70 56.47
CA PHE C 27 122.02 -73.27 56.81
C PHE C 27 122.59 -73.97 55.60
N GLU C 28 123.90 -74.24 55.64
CA GLU C 28 124.58 -74.91 54.55
C GLU C 28 125.87 -75.52 55.07
N GLU C 29 126.29 -76.61 54.44
CA GLU C 29 127.58 -77.23 54.74
C GLU C 29 128.65 -76.65 53.83
N LYS C 30 129.74 -76.18 54.43
CA LYS C 30 130.77 -75.45 53.71
C LYS C 30 131.89 -76.33 53.19
N VAL C 31 131.67 -77.62 52.99
CA VAL C 31 132.71 -78.52 52.52
C VAL C 31 132.44 -78.91 51.07
N GLY C 32 133.47 -78.78 50.23
CA GLY C 32 133.40 -79.27 48.87
C GLY C 32 133.13 -78.18 47.86
N PRO C 33 132.66 -78.56 46.66
CA PRO C 33 132.34 -77.58 45.63
C PRO C 33 131.11 -76.74 45.95
N LEU C 34 130.80 -75.79 45.08
CA LEU C 34 129.75 -74.82 45.33
C LEU C 34 128.40 -75.22 44.77
N VAL C 35 128.33 -76.28 43.97
CA VAL C 35 127.11 -76.57 43.22
C VAL C 35 126.11 -77.38 44.04
N GLY C 36 126.54 -78.40 44.77
CA GLY C 36 125.61 -79.19 45.54
C GLY C 36 126.08 -79.37 46.97
N ARG C 37 125.31 -78.83 47.92
CA ARG C 37 125.65 -78.89 49.33
C ARG C 37 124.41 -79.23 50.13
N LEU C 38 124.62 -79.69 51.36
CA LEU C 38 123.52 -79.86 52.29
C LEU C 38 122.87 -78.52 52.62
N ARG C 39 121.56 -78.54 52.76
CA ARG C 39 120.80 -77.33 53.00
C ARG C 39 119.81 -77.60 54.11
N LEU C 40 119.49 -76.57 54.89
CA LEU C 40 118.53 -76.71 55.97
C LEU C 40 117.82 -75.37 56.12
N THR C 41 116.55 -75.33 55.73
CA THR C 41 115.78 -74.09 55.72
C THR C 41 114.76 -74.16 56.85
N ALA C 42 115.15 -73.61 58.00
CA ALA C 42 114.21 -73.50 59.12
C ALA C 42 113.34 -72.27 58.95
N SER C 43 112.18 -72.30 59.60
CA SER C 43 111.24 -71.19 59.56
C SER C 43 110.40 -71.24 60.82
N LEU C 44 109.69 -70.13 61.07
CA LEU C 44 108.78 -70.04 62.21
C LEU C 44 107.83 -68.88 61.95
N ARG C 45 106.53 -69.17 61.99
CA ARG C 45 105.50 -68.17 61.74
C ARG C 45 104.46 -68.23 62.84
N GLN C 46 103.43 -67.39 62.72
CA GLN C 46 102.21 -67.57 63.50
C GLN C 46 101.05 -67.06 62.64
N ASN C 47 100.23 -67.98 62.16
CA ASN C 47 99.20 -67.66 61.19
C ASN C 47 97.87 -67.38 61.88
N GLY C 48 97.15 -66.40 61.34
CA GLY C 48 95.83 -66.06 61.83
C GLY C 48 95.84 -65.06 62.95
N ALA C 49 95.04 -65.31 63.99
CA ALA C 49 94.89 -64.37 65.09
C ALA C 49 95.84 -64.70 66.25
N LYS C 50 97.12 -64.86 65.87
CA LYS C 50 98.25 -64.99 66.81
C LYS C 50 98.09 -66.17 67.77
N THR C 51 97.47 -67.25 67.32
CA THR C 51 97.13 -68.35 68.22
C THR C 51 97.84 -69.66 67.92
N ALA C 52 98.45 -69.82 66.75
CA ALA C 52 99.09 -71.08 66.39
C ALA C 52 100.37 -70.80 65.63
N TYR C 53 101.48 -71.36 66.12
CA TYR C 53 102.76 -71.24 65.45
C TYR C 53 102.92 -72.34 64.40
N ARG C 54 103.91 -72.17 63.53
CA ARG C 54 104.12 -73.11 62.43
C ARG C 54 105.62 -73.19 62.15
N VAL C 55 106.25 -74.24 62.68
CA VAL C 55 107.65 -74.52 62.37
C VAL C 55 107.72 -75.29 61.06
N ASN C 56 108.78 -75.05 60.29
CA ASN C 56 108.88 -75.65 58.96
C ASN C 56 110.36 -75.88 58.65
N LEU C 57 110.83 -77.10 58.87
CA LEU C 57 112.18 -77.48 58.48
C LEU C 57 112.15 -78.14 57.09
N LYS C 58 113.30 -78.08 56.41
CA LYS C 58 113.43 -78.67 55.09
C LYS C 58 114.91 -78.96 54.86
N LEU C 59 115.27 -80.23 54.86
CA LEU C 59 116.65 -80.65 54.66
C LEU C 59 116.80 -81.15 53.22
N ASP C 60 117.47 -80.36 52.39
CA ASP C 60 117.78 -80.79 51.04
C ASP C 60 119.05 -81.63 51.04
N GLN C 61 119.18 -82.47 50.02
CA GLN C 61 120.41 -83.23 49.83
C GLN C 61 120.56 -83.52 48.35
N ALA C 62 121.52 -82.87 47.71
CA ALA C 62 121.79 -83.06 46.29
C ALA C 62 122.91 -84.06 46.12
N ASP C 63 122.79 -84.91 45.10
CA ASP C 63 123.79 -85.92 44.82
C ASP C 63 124.70 -85.40 43.71
N VAL C 64 125.82 -84.85 44.08
CA VAL C 64 126.77 -84.27 43.14
C VAL C 64 127.78 -85.34 42.75
N VAL C 65 128.29 -85.25 41.52
CA VAL C 65 129.32 -86.16 41.04
C VAL C 65 130.30 -85.35 40.18
N ASP C 66 131.59 -85.61 40.35
CA ASP C 66 132.64 -84.91 39.63
C ASP C 66 133.33 -85.89 38.71
N CYS C 67 133.02 -85.84 37.43
CA CYS C 67 133.56 -86.76 36.44
C CYS C 67 134.62 -86.07 35.59
N SER C 68 135.39 -85.17 36.21
CA SER C 68 136.41 -84.44 35.49
C SER C 68 137.62 -85.29 35.14
N THR C 69 137.84 -86.39 35.85
CA THR C 69 139.01 -87.21 35.59
C THR C 69 138.73 -88.27 34.53
N SER C 70 137.52 -88.85 34.53
CA SER C 70 137.21 -89.92 33.60
C SER C 70 136.96 -89.37 32.20
N VAL C 71 135.92 -88.55 32.04
CA VAL C 71 135.69 -87.84 30.79
C VAL C 71 136.34 -86.46 30.92
N CYS C 72 137.13 -86.09 29.93
CA CYS C 72 137.93 -84.88 30.01
C CYS C 72 137.07 -83.67 29.71
N GLY C 73 137.17 -82.66 30.57
CA GLY C 73 136.60 -81.36 30.28
C GLY C 73 135.19 -81.12 30.73
N GLU C 74 134.76 -81.69 31.84
CA GLU C 74 133.44 -81.37 32.38
C GLU C 74 133.51 -81.19 33.89
N LEU C 75 132.48 -80.54 34.42
CA LEU C 75 132.45 -79.97 35.75
C LEU C 75 131.58 -80.81 36.67
N PRO C 76 131.64 -80.63 38.00
CA PRO C 76 130.67 -81.29 38.87
C PRO C 76 129.26 -80.81 38.64
N LYS C 77 128.30 -81.70 38.84
CA LYS C 77 126.90 -81.45 38.53
C LYS C 77 126.03 -82.29 39.45
N VAL C 78 124.80 -81.85 39.67
CA VAL C 78 123.87 -82.54 40.55
C VAL C 78 123.01 -83.48 39.73
N ARG C 79 122.89 -84.72 40.19
CA ARG C 79 122.09 -85.70 39.47
C ARG C 79 120.63 -85.64 39.88
N TYR C 80 120.39 -85.59 41.19
CA TYR C 80 119.03 -85.52 41.72
C TYR C 80 119.07 -84.83 43.08
N THR C 81 117.89 -84.60 43.63
CA THR C 81 117.74 -83.94 44.92
C THR C 81 116.67 -84.66 45.72
N GLN C 82 117.01 -85.05 46.95
CA GLN C 82 116.08 -85.72 47.83
C GLN C 82 115.90 -84.89 49.10
N VAL C 83 114.66 -84.50 49.38
CA VAL C 83 114.37 -83.62 50.50
C VAL C 83 113.64 -84.41 51.58
N TRP C 84 113.58 -83.82 52.78
CA TRP C 84 112.76 -84.33 53.86
C TRP C 84 112.25 -83.11 54.63
N SER C 85 111.05 -82.67 54.29
CA SER C 85 110.48 -81.51 54.95
C SER C 85 109.85 -81.90 56.28
N HIS C 86 109.56 -80.89 57.08
CA HIS C 86 108.78 -81.04 58.30
C HIS C 86 107.78 -79.90 58.36
N ASP C 87 106.69 -80.13 59.08
CA ASP C 87 105.66 -79.08 59.25
C ASP C 87 105.02 -79.31 60.62
N VAL C 88 105.51 -78.61 61.61
CA VAL C 88 105.01 -78.74 62.97
C VAL C 88 103.99 -77.63 63.22
N THR C 89 102.85 -77.99 63.78
CA THR C 89 101.83 -77.03 64.18
C THR C 89 101.74 -77.01 65.69
N ILE C 90 102.00 -75.86 66.28
CA ILE C 90 102.01 -75.68 67.72
C ILE C 90 101.01 -74.59 68.07
N VAL C 91 100.10 -74.88 68.99
CA VAL C 91 99.17 -73.87 69.47
C VAL C 91 99.82 -73.10 70.61
N ALA C 92 99.46 -71.82 70.72
CA ALA C 92 100.20 -70.90 71.59
C ALA C 92 99.91 -71.13 73.06
N ASN C 93 98.65 -71.37 73.43
CA ASN C 93 98.26 -71.50 74.82
C ASN C 93 98.38 -72.93 75.33
N SER C 94 99.18 -73.77 74.69
CA SER C 94 99.32 -75.14 75.12
C SER C 94 100.24 -75.23 76.34
N THR C 95 100.30 -76.43 76.92
CA THR C 95 101.23 -76.71 77.99
C THR C 95 102.54 -77.22 77.42
N GLU C 96 103.59 -77.16 78.25
CA GLU C 96 104.91 -77.58 77.79
C GLU C 96 104.99 -79.08 77.63
N ALA C 97 104.28 -79.84 78.46
CA ALA C 97 104.33 -81.30 78.38
C ALA C 97 103.62 -81.84 77.14
N SER C 98 102.74 -81.05 76.51
CA SER C 98 102.16 -81.49 75.26
C SER C 98 103.14 -81.32 74.11
N ARG C 99 103.89 -80.20 74.11
CA ARG C 99 104.94 -80.00 73.13
C ARG C 99 106.11 -80.94 73.32
N LYS C 100 106.45 -81.28 74.56
CA LYS C 100 107.54 -82.20 74.81
C LYS C 100 107.19 -83.62 74.41
N SER C 101 105.93 -84.02 74.62
CA SER C 101 105.52 -85.38 74.27
C SER C 101 105.33 -85.52 72.77
N LEU C 102 104.94 -84.45 72.08
CA LEU C 102 104.84 -84.50 70.63
C LEU C 102 106.22 -84.61 69.98
N TYR C 103 107.22 -83.93 70.56
CA TYR C 103 108.58 -84.08 70.07
C TYR C 103 109.13 -85.45 70.40
N ASP C 104 108.79 -85.99 71.58
CA ASP C 104 109.30 -87.29 71.99
C ASP C 104 108.74 -88.43 71.17
N LEU C 105 107.53 -88.28 70.63
CA LEU C 105 106.97 -89.32 69.78
C LEU C 105 107.59 -89.27 68.38
N THR C 106 107.77 -88.07 67.83
CA THR C 106 108.34 -87.93 66.50
C THR C 106 109.83 -88.26 66.48
N LYS C 107 110.53 -88.03 67.61
CA LYS C 107 111.93 -88.44 67.71
C LYS C 107 112.05 -89.95 67.67
N SER C 108 111.11 -90.66 68.29
CA SER C 108 111.13 -92.11 68.28
C SER C 108 110.38 -92.71 67.11
N LEU C 109 109.58 -91.92 66.39
CA LEU C 109 108.98 -92.40 65.16
C LEU C 109 110.02 -92.50 64.05
N VAL C 110 110.86 -91.48 63.92
CA VAL C 110 111.90 -91.51 62.90
C VAL C 110 112.97 -92.54 63.25
N ALA C 111 113.24 -92.73 64.53
CA ALA C 111 114.31 -93.62 64.95
C ALA C 111 113.95 -95.10 64.88
N THR C 112 112.73 -95.46 64.50
CA THR C 112 112.35 -96.86 64.45
C THR C 112 112.77 -97.48 63.12
N SER C 113 112.74 -98.81 63.06
CA SER C 113 113.18 -99.53 61.88
C SER C 113 112.10 -99.69 60.82
N GLN C 114 110.88 -99.24 61.08
CA GLN C 114 109.83 -99.34 60.08
C GLN C 114 109.76 -98.11 59.20
N VAL C 115 110.14 -96.95 59.74
CA VAL C 115 110.23 -95.75 58.91
C VAL C 115 111.56 -95.72 58.18
N GLU C 116 112.55 -96.47 58.67
CA GLU C 116 113.80 -96.62 57.92
C GLU C 116 113.57 -97.36 56.62
N ASP C 117 112.88 -98.49 56.66
CA ASP C 117 112.59 -99.26 55.46
C ASP C 117 111.57 -98.59 54.56
N LEU C 118 110.83 -97.60 55.07
CA LEU C 118 109.85 -96.90 54.27
C LEU C 118 110.50 -95.90 53.31
N VAL C 119 111.64 -95.31 53.69
CA VAL C 119 112.27 -94.32 52.84
C VAL C 119 113.48 -94.92 52.13
N VAL C 120 114.07 -95.96 52.70
CA VAL C 120 115.21 -96.60 52.04
C VAL C 120 114.74 -97.65 51.06
N ASN C 121 113.82 -98.52 51.47
CA ASN C 121 113.42 -99.67 50.68
C ASN C 121 111.95 -99.61 50.24
N LEU C 122 111.25 -98.51 50.56
CA LEU C 122 109.88 -98.22 50.13
C LEU C 122 108.87 -99.28 50.61
N VAL C 123 109.12 -99.88 51.76
CA VAL C 123 108.21 -100.88 52.33
C VAL C 123 107.25 -100.19 53.28
N PRO C 124 105.94 -100.43 53.17
CA PRO C 124 104.98 -99.69 54.00
C PRO C 124 105.05 -100.07 55.48
N LEU C 125 104.38 -99.27 56.29
CA LEU C 125 104.47 -99.36 57.74
C LEU C 125 103.60 -100.50 58.27
N GLY C 126 103.90 -100.89 59.50
CA GLY C 126 103.12 -101.92 60.17
C GLY C 126 103.68 -103.32 60.00
N ARG C 127 103.88 -104.02 61.11
CA ARG C 127 104.38 -105.39 61.10
C ARG C 127 103.56 -106.20 62.09
N ALA C 128 103.02 -107.33 61.65
CA ALA C 128 102.13 -108.15 62.47
C ALA C 128 102.93 -109.18 63.25
N TYR C 129 102.92 -109.07 64.58
CA TYR C 129 103.44 -110.09 65.47
C TYR C 129 102.43 -110.29 66.59
N GLY C 130 101.62 -111.34 66.46
CA GLY C 130 100.63 -111.67 67.46
C GLY C 130 99.42 -110.76 67.46
N GLY C 131 98.64 -110.79 66.38
CA GLY C 131 97.47 -109.96 66.27
C GLY C 131 97.42 -109.16 64.98
N SER C 132 97.44 -107.83 65.10
CA SER C 132 97.46 -106.97 63.93
C SER C 132 98.84 -106.33 63.77
N LYS C 133 98.96 -105.42 62.81
CA LYS C 133 100.22 -104.78 62.50
C LYS C 133 100.38 -103.53 63.37
N THR C 134 101.50 -103.45 64.09
CA THR C 134 101.69 -102.42 65.10
C THR C 134 103.00 -101.67 64.89
N ILE C 135 103.05 -100.44 65.41
CA ILE C 135 104.28 -99.68 65.55
C ILE C 135 104.46 -99.38 67.03
N VAL C 136 105.66 -99.61 67.55
CA VAL C 136 105.97 -99.36 68.94
C VAL C 136 106.79 -98.08 69.03
N LEU C 137 106.24 -97.07 69.71
CA LEU C 137 106.88 -95.77 69.85
C LEU C 137 107.25 -95.58 71.31
N SER C 138 108.46 -96.00 71.67
CA SER C 138 108.92 -95.86 73.05
C SER C 138 109.42 -94.45 73.30
N VAL C 139 108.96 -93.85 74.39
CA VAL C 139 109.34 -92.49 74.76
C VAL C 139 110.25 -92.56 75.97
N GLY C 140 111.02 -93.64 76.06
CA GLY C 140 111.76 -93.99 77.26
C GLY C 140 111.54 -95.46 77.55
N GLU C 141 110.91 -95.77 78.67
CA GLU C 141 110.45 -97.14 78.91
C GLU C 141 108.98 -97.34 78.60
N ALA C 142 108.19 -96.26 78.58
CA ALA C 142 106.79 -96.35 78.21
C ALA C 142 106.66 -96.48 76.69
N THR C 143 105.98 -97.53 76.24
CA THR C 143 105.85 -97.83 74.82
C THR C 143 104.39 -97.63 74.42
N ARG C 144 104.12 -96.55 73.68
CA ARG C 144 102.79 -96.25 73.18
C ARG C 144 102.63 -96.98 71.85
N THR C 145 102.02 -98.16 71.90
CA THR C 145 101.88 -99.01 70.73
C THR C 145 100.64 -98.59 69.94
N LEU C 146 100.85 -98.16 68.70
CA LEU C 146 99.75 -97.88 67.79
C LEU C 146 99.40 -99.15 67.03
N THR C 147 98.10 -99.31 66.75
CA THR C 147 97.62 -100.43 65.95
C THR C 147 97.00 -99.90 64.67
N GLU C 148 97.18 -100.64 63.58
CA GLU C 148 96.65 -100.21 62.30
C GLU C 148 95.14 -100.44 62.24
N ILE C 149 94.40 -99.40 61.92
CA ILE C 149 92.95 -99.50 61.82
C ILE C 149 92.45 -99.45 60.39
N GLN C 150 93.29 -99.12 59.42
CA GLN C 150 92.82 -98.93 58.05
C GLN C 150 93.99 -99.14 57.10
N SER C 151 93.70 -99.67 55.92
CA SER C 151 94.68 -99.83 54.85
C SER C 151 93.95 -99.52 53.54
N THR C 152 94.14 -98.30 53.06
CA THR C 152 93.51 -97.84 51.83
C THR C 152 94.45 -98.24 50.68
N ALA C 153 94.26 -97.70 49.47
CA ALA C 153 95.13 -98.01 48.34
C ALA C 153 96.56 -97.55 48.59
N ASP C 154 96.74 -96.30 49.02
CA ASP C 154 98.06 -95.80 49.39
C ASP C 154 98.10 -95.39 50.86
N ARG C 155 97.00 -94.85 51.39
CA ARG C 155 96.92 -94.40 52.77
C ARG C 155 96.97 -95.57 53.73
N GLN C 156 97.35 -95.27 54.98
CA GLN C 156 97.54 -96.31 55.99
C GLN C 156 97.40 -95.62 57.35
N ILE C 157 96.24 -95.77 57.98
CA ILE C 157 95.90 -95.03 59.20
C ILE C 157 96.15 -95.91 60.41
N PHE C 158 97.01 -95.44 61.30
CA PHE C 158 97.28 -96.09 62.58
C PHE C 158 96.60 -95.28 63.69
N GLU C 159 96.39 -95.93 64.83
CA GLU C 159 95.69 -95.28 65.94
C GLU C 159 95.97 -96.05 67.23
N GLU C 160 96.16 -95.31 68.31
CA GLU C 160 96.25 -95.92 69.63
C GLU C 160 94.85 -96.21 70.17
N LYS C 161 94.72 -97.33 70.89
CA LYS C 161 93.41 -97.84 71.24
C LYS C 161 92.98 -97.53 72.66
N VAL C 162 93.85 -97.03 73.51
CA VAL C 162 93.49 -96.76 74.89
C VAL C 162 92.77 -95.41 74.97
N GLY C 163 92.01 -95.23 76.05
CA GLY C 163 91.35 -93.97 76.31
C GLY C 163 90.07 -93.79 75.52
N PRO C 164 89.55 -92.57 75.49
CA PRO C 164 88.29 -92.31 74.80
C PRO C 164 88.46 -92.27 73.29
N LEU C 165 87.32 -92.23 72.60
CA LEU C 165 87.31 -92.18 71.14
C LEU C 165 87.49 -90.78 70.58
N VAL C 166 87.43 -89.76 71.43
CA VAL C 166 87.41 -88.39 70.91
C VAL C 166 88.81 -87.92 70.49
N GLY C 167 89.84 -88.20 71.28
CA GLY C 167 91.19 -87.80 70.91
C GLY C 167 92.19 -88.91 71.13
N ARG C 168 92.83 -89.36 70.06
CA ARG C 168 93.79 -90.45 70.13
C ARG C 168 94.98 -90.12 69.24
N LEU C 169 96.04 -90.90 69.41
CA LEU C 169 97.19 -90.79 68.52
C LEU C 169 96.82 -91.27 67.13
N ARG C 170 97.52 -90.75 66.12
CA ARG C 170 97.20 -91.05 64.74
C ARG C 170 98.47 -91.08 63.91
N LEU C 171 98.40 -91.79 62.78
CA LEU C 171 99.49 -91.82 61.81
C LEU C 171 98.87 -92.03 60.43
N THR C 172 98.83 -90.98 59.63
CA THR C 172 98.31 -91.07 58.27
C THR C 172 99.51 -91.15 57.34
N ALA C 173 100.04 -92.36 57.16
CA ALA C 173 101.12 -92.58 56.21
C ALA C 173 100.58 -92.60 54.79
N SER C 174 101.48 -92.40 53.83
CA SER C 174 101.12 -92.42 52.42
C SER C 174 102.33 -92.82 51.61
N LEU C 175 102.11 -93.05 50.32
CA LEU C 175 103.16 -93.41 49.38
C LEU C 175 102.60 -93.22 47.98
N ARG C 176 103.30 -92.43 47.16
CA ARG C 176 102.82 -92.12 45.82
C ARG C 176 104.00 -92.23 44.85
N GLN C 177 103.72 -91.98 43.58
CA GLN C 177 104.75 -91.69 42.61
C GLN C 177 104.15 -90.77 41.54
N ASN C 178 104.59 -89.52 41.53
CA ASN C 178 104.01 -88.50 40.68
C ASN C 178 104.70 -88.49 39.32
N GLY C 179 103.88 -88.32 38.27
CA GLY C 179 104.39 -88.17 36.92
C GLY C 179 104.69 -89.48 36.23
N ALA C 180 105.81 -89.55 35.54
CA ALA C 180 106.20 -90.73 34.77
C ALA C 180 107.07 -91.69 35.57
N LYS C 181 106.58 -92.05 36.77
CA LYS C 181 107.22 -93.01 37.68
C LYS C 181 108.66 -92.63 38.03
N THR C 182 108.92 -91.34 38.17
CA THR C 182 110.29 -90.87 38.36
C THR C 182 110.61 -90.43 39.78
N ALA C 183 109.61 -90.21 40.63
CA ALA C 183 109.86 -89.72 41.98
C ALA C 183 108.74 -90.16 42.90
N TYR C 184 109.11 -90.79 44.01
CA TYR C 184 108.16 -91.20 45.03
C TYR C 184 107.89 -90.04 45.97
N ARG C 185 106.92 -90.20 46.86
CA ARG C 185 106.57 -89.16 47.81
C ARG C 185 105.97 -89.83 49.05
N VAL C 186 106.76 -89.90 50.12
CA VAL C 186 106.29 -90.42 51.39
C VAL C 186 105.75 -89.26 52.22
N ASN C 187 104.69 -89.51 52.98
CA ASN C 187 104.01 -88.44 53.69
C ASN C 187 103.43 -89.00 54.99
N LEU C 188 104.16 -88.82 56.09
CA LEU C 188 103.65 -89.17 57.41
C LEU C 188 103.01 -87.96 58.06
N LYS C 189 102.14 -88.23 59.04
CA LYS C 189 101.44 -87.16 59.75
C LYS C 189 100.98 -87.71 61.10
N LEU C 190 101.50 -87.14 62.17
CA LEU C 190 101.18 -87.59 63.53
C LEU C 190 100.36 -86.51 64.22
N ASP C 191 99.09 -86.81 64.46
CA ASP C 191 98.23 -85.93 65.24
C ASP C 191 98.34 -86.28 66.71
N GLN C 192 98.14 -85.29 67.56
CA GLN C 192 98.10 -85.52 69.00
C GLN C 192 97.17 -84.49 69.63
N ALA C 193 95.95 -84.91 69.91
CA ALA C 193 94.95 -84.05 70.53
C ALA C 193 95.03 -84.20 72.05
N ASP C 194 94.93 -83.07 72.75
CA ASP C 194 95.04 -83.05 74.20
C ASP C 194 93.66 -83.15 74.81
N VAL C 195 93.31 -84.34 75.29
CA VAL C 195 92.01 -84.59 75.89
C VAL C 195 92.13 -84.38 77.40
N VAL C 196 91.04 -83.93 78.02
CA VAL C 196 91.01 -83.67 79.45
C VAL C 196 89.63 -84.08 79.97
N ASP C 197 89.59 -84.49 81.24
CA ASP C 197 88.36 -84.91 81.88
C ASP C 197 88.12 -84.08 83.13
N CYS C 198 86.88 -83.63 83.30
CA CYS C 198 86.49 -82.81 84.44
C CYS C 198 85.58 -83.58 85.38
N SER C 199 85.73 -84.91 85.43
CA SER C 199 84.84 -85.75 86.24
C SER C 199 85.10 -85.60 87.73
N THR C 200 86.32 -85.23 88.13
CA THR C 200 86.59 -85.05 89.55
C THR C 200 86.10 -83.70 90.05
N SER C 201 85.81 -82.77 89.13
CA SER C 201 85.34 -81.44 89.50
C SER C 201 83.86 -81.23 89.19
N VAL C 202 83.42 -81.61 88.00
CA VAL C 202 82.05 -81.38 87.54
C VAL C 202 81.39 -82.74 87.34
N CYS C 203 80.14 -82.86 87.79
CA CYS C 203 79.38 -84.09 87.64
C CYS C 203 79.11 -84.41 86.18
N GLY C 204 79.24 -85.69 85.84
CA GLY C 204 78.80 -86.22 84.56
C GLY C 204 79.53 -85.68 83.35
N GLU C 205 80.80 -85.31 83.48
CA GLU C 205 81.54 -84.67 82.40
C GLU C 205 82.29 -85.73 81.61
N LEU C 206 81.93 -85.87 80.35
CA LEU C 206 82.64 -86.73 79.43
C LEU C 206 83.85 -85.97 78.88
N PRO C 207 84.92 -86.69 78.52
CA PRO C 207 86.15 -86.01 78.07
C PRO C 207 85.98 -85.31 76.73
N LYS C 208 86.76 -84.25 76.55
CA LYS C 208 86.72 -83.45 75.34
C LYS C 208 88.13 -82.97 75.04
N VAL C 209 88.35 -82.53 73.80
CA VAL C 209 89.67 -82.13 73.34
C VAL C 209 89.80 -80.62 73.44
N ARG C 210 90.98 -80.17 73.88
CA ARG C 210 91.29 -78.75 73.90
C ARG C 210 91.76 -78.27 72.53
N TYR C 211 92.88 -78.82 72.07
CA TYR C 211 93.52 -78.41 70.82
C TYR C 211 94.07 -79.66 70.14
N THR C 212 94.85 -79.43 69.08
CA THR C 212 95.56 -80.52 68.43
C THR C 212 96.91 -79.99 67.92
N GLN C 213 97.89 -80.87 67.85
CA GLN C 213 99.25 -80.51 67.46
C GLN C 213 99.80 -81.56 66.51
N VAL C 214 100.17 -81.12 65.31
CA VAL C 214 100.51 -82.01 64.21
C VAL C 214 102.01 -81.88 63.92
N TRP C 215 102.63 -83.02 63.61
CA TRP C 215 104.00 -83.02 63.07
C TRP C 215 103.95 -83.84 61.78
N SER C 216 103.89 -83.13 60.65
CA SER C 216 103.87 -83.77 59.35
C SER C 216 105.28 -84.02 58.84
N HIS C 217 105.38 -84.90 57.86
CA HIS C 217 106.62 -85.16 57.14
C HIS C 217 106.31 -85.18 55.65
N ASP C 218 107.31 -84.86 54.84
CA ASP C 218 107.13 -84.87 53.38
C ASP C 218 108.48 -85.25 52.76
N VAL C 219 108.66 -86.53 52.51
CA VAL C 219 109.91 -87.05 51.96
C VAL C 219 109.74 -87.20 50.45
N THR C 220 110.72 -86.71 49.70
CA THR C 220 110.75 -86.85 48.25
C THR C 220 111.92 -87.76 47.89
N ILE C 221 111.62 -88.84 47.18
CA ILE C 221 112.60 -89.85 46.80
C ILE C 221 112.53 -90.05 45.31
N VAL C 222 113.61 -89.81 44.61
CA VAL C 222 113.64 -90.04 43.17
C VAL C 222 113.86 -91.52 42.91
N ALA C 223 113.45 -91.97 41.72
CA ALA C 223 113.33 -93.40 41.48
C ALA C 223 114.67 -94.06 41.19
N ASN C 224 115.54 -93.41 40.41
CA ASN C 224 116.81 -94.00 40.01
C ASN C 224 117.96 -93.65 40.95
N SER C 225 117.66 -93.38 42.22
CA SER C 225 118.69 -92.99 43.16
C SER C 225 119.48 -94.19 43.63
N THR C 226 120.59 -93.89 44.32
CA THR C 226 121.39 -94.91 44.98
C THR C 226 120.75 -95.21 46.32
N GLU C 227 120.83 -96.47 46.76
CA GLU C 227 120.35 -96.83 48.09
C GLU C 227 121.20 -96.19 49.17
N ALA C 228 122.47 -95.90 48.88
CA ALA C 228 123.33 -95.23 49.84
C ALA C 228 122.96 -93.76 50.00
N SER C 229 122.23 -93.18 49.05
CA SER C 229 121.81 -91.79 49.20
C SER C 229 120.46 -91.70 49.90
N ARG C 230 119.63 -92.73 49.77
CA ARG C 230 118.42 -92.80 50.58
C ARG C 230 118.74 -93.10 52.04
N LYS C 231 119.82 -93.84 52.28
CA LYS C 231 120.22 -94.15 53.64
C LYS C 231 120.78 -92.92 54.35
N SER C 232 121.57 -92.11 53.63
CA SER C 232 122.16 -90.93 54.25
C SER C 232 121.13 -89.83 54.45
N LEU C 233 120.08 -89.80 53.63
CA LEU C 233 119.00 -88.85 53.87
C LEU C 233 118.21 -89.20 55.12
N TYR C 234 118.01 -90.49 55.37
CA TYR C 234 117.32 -90.92 56.58
C TYR C 234 118.20 -90.70 57.80
N ASP C 235 119.50 -90.99 57.68
CA ASP C 235 120.43 -90.84 58.79
C ASP C 235 120.64 -89.38 59.19
N LEU C 236 120.54 -88.45 58.25
CA LEU C 236 120.67 -87.04 58.60
C LEU C 236 119.40 -86.51 59.25
N THR C 237 118.24 -87.01 58.83
CA THR C 237 116.99 -86.57 59.45
C THR C 237 116.77 -87.24 60.81
N LYS C 238 117.23 -88.48 60.96
CA LYS C 238 117.19 -89.14 62.26
C LYS C 238 118.12 -88.43 63.25
N SER C 239 119.23 -87.89 62.76
CA SER C 239 120.15 -87.16 63.62
C SER C 239 119.77 -85.70 63.78
N LEU C 240 118.91 -85.17 62.89
CA LEU C 240 118.47 -83.78 63.04
C LEU C 240 117.44 -83.66 64.15
N VAL C 241 116.45 -84.55 64.18
CA VAL C 241 115.40 -84.52 65.19
C VAL C 241 115.97 -84.84 66.57
N ALA C 242 117.01 -85.68 66.63
CA ALA C 242 117.59 -86.06 67.91
C ALA C 242 118.47 -84.97 68.53
N THR C 243 118.71 -83.86 67.84
CA THR C 243 119.52 -82.80 68.40
C THR C 243 118.73 -81.98 69.42
N SER C 244 119.47 -81.26 70.27
CA SER C 244 118.84 -80.41 71.27
C SER C 244 118.48 -79.04 70.72
N GLN C 245 118.82 -78.75 69.46
CA GLN C 245 118.42 -77.48 68.87
C GLN C 245 117.01 -77.55 68.32
N VAL C 246 116.64 -78.69 67.72
CA VAL C 246 115.28 -78.89 67.25
C VAL C 246 114.35 -79.21 68.41
N GLU C 247 114.89 -79.69 69.54
CA GLU C 247 114.09 -79.89 70.73
C GLU C 247 113.59 -78.56 71.27
N ASP C 248 114.48 -77.57 71.39
CA ASP C 248 114.07 -76.25 71.87
C ASP C 248 113.32 -75.45 70.82
N LEU C 249 113.43 -75.82 69.54
CA LEU C 249 112.68 -75.12 68.51
C LEU C 249 111.19 -75.47 68.56
N VAL C 250 110.86 -76.69 68.98
CA VAL C 250 109.47 -77.09 69.09
C VAL C 250 108.93 -76.83 70.48
N VAL C 251 109.71 -77.10 71.52
CA VAL C 251 109.24 -76.92 72.88
C VAL C 251 109.22 -75.45 73.27
N ASN C 252 110.31 -74.73 73.04
CA ASN C 252 110.45 -73.35 73.51
C ASN C 252 110.57 -72.31 72.41
N LEU C 253 110.43 -72.70 71.15
CA LEU C 253 110.48 -71.80 69.97
C LEU C 253 111.79 -71.06 69.83
N VAL C 254 112.89 -71.62 70.33
CA VAL C 254 114.21 -71.02 70.19
C VAL C 254 114.73 -71.32 68.79
N PRO C 255 115.18 -70.32 68.03
CA PRO C 255 115.66 -70.58 66.66
C PRO C 255 116.95 -71.38 66.63
N LEU C 256 117.24 -71.95 65.47
CA LEU C 256 118.39 -72.82 65.31
C LEU C 256 119.68 -72.01 65.18
N GLY C 257 120.79 -72.67 65.46
CA GLY C 257 122.09 -72.05 65.30
C GLY C 257 122.75 -71.65 66.61
N ARG C 258 123.88 -72.27 66.92
CA ARG C 258 124.61 -71.96 68.14
C ARG C 258 126.09 -71.74 67.84
N SER D 1 107.82 -119.18 2.61
CA SER D 1 106.61 -119.28 1.79
C SER D 1 106.84 -118.68 0.41
N LYS D 2 106.41 -117.42 0.24
CA LYS D 2 106.55 -116.71 -1.03
C LYS D 2 107.81 -115.87 -0.97
N THR D 3 108.74 -116.16 -1.89
CA THR D 3 110.08 -115.60 -1.82
C THR D 3 110.54 -115.01 -3.14
N ILE D 4 111.34 -113.95 -3.05
CA ILE D 4 112.19 -113.47 -4.14
C ILE D 4 113.63 -113.57 -3.67
N VAL D 5 114.49 -114.16 -4.49
CA VAL D 5 115.91 -114.21 -4.18
C VAL D 5 116.63 -113.17 -5.04
N LEU D 6 117.66 -112.55 -4.48
CA LEU D 6 118.44 -111.52 -5.15
C LEU D 6 119.90 -111.90 -5.04
N SER D 7 120.46 -112.42 -6.13
CA SER D 7 121.87 -112.82 -6.14
C SER D 7 122.76 -111.61 -6.39
N VAL D 8 123.75 -111.44 -5.52
CA VAL D 8 124.66 -110.29 -5.58
C VAL D 8 126.01 -110.86 -5.94
N GLY D 9 125.99 -111.92 -6.75
CA GLY D 9 127.18 -112.68 -7.06
C GLY D 9 126.97 -114.12 -6.68
N GLU D 10 127.67 -114.58 -5.63
CA GLU D 10 127.41 -115.89 -5.06
C GLU D 10 126.56 -115.83 -3.81
N ALA D 11 126.39 -114.65 -3.21
CA ALA D 11 125.56 -114.51 -2.03
C ALA D 11 124.14 -114.16 -2.44
N THR D 12 123.17 -114.93 -1.96
CA THR D 12 121.76 -114.72 -2.26
C THR D 12 121.08 -114.19 -1.01
N ARG D 13 120.31 -113.12 -1.15
CA ARG D 13 119.57 -112.52 -0.05
C ARG D 13 118.08 -112.71 -0.33
N THR D 14 117.51 -113.77 0.22
CA THR D 14 116.13 -114.12 -0.06
C THR D 14 115.18 -113.29 0.81
N LEU D 15 114.22 -112.65 0.16
CA LEU D 15 113.17 -111.90 0.83
C LEU D 15 111.95 -112.79 1.03
N THR D 16 111.20 -112.53 2.09
CA THR D 16 109.97 -113.27 2.33
C THR D 16 108.81 -112.30 2.41
N GLU D 17 107.64 -112.75 1.95
CA GLU D 17 106.43 -111.93 1.98
C GLU D 17 105.89 -111.87 3.40
N ILE D 18 105.60 -110.66 3.87
CA ILE D 18 105.09 -110.46 5.22
C ILE D 18 103.70 -109.85 5.24
N GLN D 19 103.21 -109.31 4.13
CA GLN D 19 101.92 -108.63 4.11
C GLN D 19 101.40 -108.63 2.69
N SER D 20 100.10 -108.84 2.53
CA SER D 20 99.50 -108.91 1.19
C SER D 20 98.11 -108.28 1.29
N THR D 21 97.97 -107.07 0.74
CA THR D 21 96.71 -106.38 0.63
C THR D 21 96.10 -106.81 -0.72
N ALA D 22 95.06 -106.10 -1.20
CA ALA D 22 94.51 -106.38 -2.52
C ALA D 22 95.54 -106.17 -3.62
N ASP D 23 96.18 -105.01 -3.63
CA ASP D 23 97.21 -104.69 -4.61
C ASP D 23 98.61 -104.62 -4.02
N ARG D 24 98.76 -104.01 -2.85
CA ARG D 24 100.08 -103.84 -2.25
C ARG D 24 100.58 -105.17 -1.69
N GLN D 25 101.91 -105.33 -1.69
CA GLN D 25 102.51 -106.62 -1.38
C GLN D 25 103.91 -106.35 -0.84
N ILE D 26 104.08 -106.53 0.47
CA ILE D 26 105.30 -106.14 1.18
C ILE D 26 106.15 -107.36 1.43
N PHE D 27 107.41 -107.31 0.98
CA PHE D 27 108.41 -108.33 1.21
C PHE D 27 109.40 -107.83 2.25
N GLU D 28 110.15 -108.76 2.84
CA GLU D 28 111.11 -108.42 3.88
C GLU D 28 112.12 -109.55 4.01
N GLU D 29 113.35 -109.20 4.39
CA GLU D 29 114.37 -110.18 4.70
C GLU D 29 114.33 -110.54 6.17
N LYS D 30 114.20 -111.82 6.46
CA LYS D 30 113.98 -112.29 7.83
C LYS D 30 115.25 -112.59 8.59
N VAL D 31 116.39 -112.04 8.18
CA VAL D 31 117.65 -112.31 8.87
C VAL D 31 118.07 -111.09 9.67
N GLY D 32 118.41 -111.30 10.94
CA GLY D 32 118.96 -110.26 11.77
C GLY D 32 117.97 -109.67 12.75
N PRO D 33 118.30 -108.48 13.29
CA PRO D 33 117.39 -107.81 14.23
C PRO D 33 116.14 -107.28 13.55
N LEU D 34 115.20 -106.78 14.36
CA LEU D 34 113.89 -106.39 13.87
C LEU D 34 113.80 -104.94 13.43
N VAL D 35 114.81 -104.12 13.71
CA VAL D 35 114.65 -102.68 13.55
C VAL D 35 114.82 -102.25 12.09
N GLY D 36 115.82 -102.75 11.37
CA GLY D 36 115.98 -102.37 9.99
C GLY D 36 116.33 -103.54 9.09
N ARG D 37 115.47 -103.82 8.12
CA ARG D 37 115.65 -104.94 7.21
C ARG D 37 115.41 -104.46 5.78
N LEU D 38 115.77 -105.29 4.82
CA LEU D 38 115.38 -105.03 3.44
C LEU D 38 113.87 -105.06 3.29
N ARG D 39 113.37 -104.21 2.41
CA ARG D 39 111.95 -104.04 2.22
C ARG D 39 111.69 -103.96 0.72
N LEU D 40 110.56 -104.50 0.29
CA LEU D 40 110.21 -104.46 -1.12
C LEU D 40 108.69 -104.35 -1.19
N THR D 41 108.21 -103.23 -1.72
CA THR D 41 106.78 -102.93 -1.72
C THR D 41 106.32 -102.87 -3.17
N ALA D 42 105.84 -103.99 -3.67
CA ALA D 42 105.24 -104.03 -4.99
C ALA D 42 103.80 -103.52 -4.94
N SER D 43 103.31 -103.06 -6.08
CA SER D 43 101.93 -102.61 -6.22
C SER D 43 101.52 -102.79 -7.67
N LEU D 44 100.21 -102.72 -7.91
CA LEU D 44 99.66 -102.81 -9.24
C LEU D 44 98.26 -102.22 -9.22
N ARG D 45 98.03 -101.21 -10.05
CA ARG D 45 96.74 -100.53 -10.11
C ARG D 45 96.30 -100.46 -11.57
N GLN D 46 95.16 -99.81 -11.80
CA GLN D 46 94.78 -99.39 -13.15
C GLN D 46 94.03 -98.07 -13.02
N ASN D 47 94.66 -97.00 -13.50
CA ASN D 47 94.14 -95.66 -13.32
C ASN D 47 93.18 -95.27 -14.44
N GLY D 48 92.12 -94.57 -14.06
CA GLY D 48 91.18 -94.03 -15.02
C GLY D 48 90.14 -95.02 -15.49
N ALA D 49 89.91 -95.07 -16.80
CA ALA D 49 88.86 -95.92 -17.38
C ALA D 49 89.44 -97.26 -17.84
N LYS D 50 90.17 -97.90 -16.91
CA LYS D 50 90.68 -99.27 -17.05
C LYS D 50 91.62 -99.43 -18.24
N THR D 51 92.35 -98.38 -18.61
CA THR D 51 93.12 -98.38 -19.83
C THR D 51 94.63 -98.44 -19.64
N ALA D 52 95.14 -98.20 -18.43
CA ALA D 52 96.58 -98.17 -18.20
C ALA D 52 96.88 -98.68 -16.81
N TYR D 53 97.76 -99.66 -16.72
CA TYR D 53 98.19 -100.20 -15.44
C TYR D 53 99.37 -99.39 -14.90
N ARG D 54 99.70 -99.64 -13.63
CA ARG D 54 100.74 -98.85 -12.97
C ARG D 54 101.43 -99.76 -11.94
N VAL D 55 102.61 -100.25 -12.30
CA VAL D 55 103.43 -101.02 -11.39
C VAL D 55 104.30 -100.07 -10.58
N ASN D 56 104.57 -100.43 -9.32
CA ASN D 56 105.31 -99.53 -8.43
C ASN D 56 106.11 -100.38 -7.45
N LEU D 57 107.38 -100.61 -7.75
CA LEU D 57 108.30 -101.24 -6.82
C LEU D 57 109.03 -100.20 -6.00
N LYS D 58 109.48 -100.61 -4.82
CA LYS D 58 110.21 -99.70 -3.93
C LYS D 58 111.06 -100.55 -3.00
N LEU D 59 112.37 -100.51 -3.22
CA LEU D 59 113.32 -101.30 -2.43
C LEU D 59 113.99 -100.37 -1.42
N ASP D 60 113.66 -100.57 -0.14
CA ASP D 60 114.31 -99.82 0.93
C ASP D 60 115.57 -100.54 1.38
N GLN D 61 116.48 -99.78 1.98
CA GLN D 61 117.69 -100.37 2.55
C GLN D 61 118.16 -99.47 3.67
N ALA D 62 118.00 -99.93 4.91
CA ALA D 62 118.42 -99.18 6.08
C ALA D 62 119.80 -99.64 6.53
N ASP D 63 120.61 -98.70 6.98
CA ASP D 63 121.97 -99.00 7.44
C ASP D 63 121.93 -99.13 8.96
N VAL D 64 121.91 -100.36 9.43
CA VAL D 64 121.81 -100.65 10.85
C VAL D 64 123.19 -100.90 11.42
N VAL D 65 123.52 -100.20 12.49
CA VAL D 65 124.76 -100.41 13.22
C VAL D 65 124.40 -100.87 14.62
N ASP D 66 125.20 -101.77 15.18
CA ASP D 66 124.98 -102.32 16.52
C ASP D 66 126.22 -102.05 17.34
N CYS D 67 126.14 -101.06 18.23
CA CYS D 67 127.28 -100.62 19.02
C CYS D 67 127.10 -101.00 20.48
N SER D 68 126.60 -102.20 20.71
CA SER D 68 126.39 -102.66 22.08
C SER D 68 127.69 -103.13 22.73
N THR D 69 128.68 -103.54 21.94
CA THR D 69 129.93 -104.03 22.52
C THR D 69 130.87 -102.89 22.83
N SER D 70 130.91 -101.88 21.96
CA SER D 70 131.79 -100.74 22.17
C SER D 70 131.22 -99.81 23.24
N VAL D 71 130.06 -99.23 22.99
CA VAL D 71 129.35 -98.43 23.97
C VAL D 71 128.48 -99.36 24.79
N CYS D 72 128.62 -99.33 26.10
CA CYS D 72 127.87 -100.23 26.95
C CYS D 72 126.45 -99.74 27.11
N GLY D 73 125.49 -100.62 26.86
CA GLY D 73 124.10 -100.35 27.17
C GLY D 73 123.28 -99.66 26.11
N GLU D 74 123.54 -99.90 24.83
CA GLU D 74 122.67 -99.37 23.79
C GLU D 74 122.39 -100.44 22.74
N LEU D 75 121.38 -100.16 21.93
CA LEU D 75 120.70 -101.12 21.07
C LEU D 75 121.07 -100.88 19.61
N PRO D 76 120.72 -101.79 18.68
CA PRO D 76 120.86 -101.48 17.26
C PRO D 76 119.97 -100.32 16.84
N LYS D 77 120.40 -99.63 15.79
CA LYS D 77 119.87 -98.31 15.48
C LYS D 77 120.08 -98.04 14.00
N VAL D 78 119.06 -97.46 13.37
CA VAL D 78 119.09 -97.18 11.93
C VAL D 78 119.76 -95.84 11.72
N ARG D 79 120.88 -95.84 11.00
CA ARG D 79 121.57 -94.59 10.65
C ARG D 79 120.77 -93.82 9.60
N TYR D 80 120.57 -94.42 8.44
CA TYR D 80 119.88 -93.77 7.32
C TYR D 80 119.19 -94.84 6.48
N THR D 81 118.32 -94.40 5.59
CA THR D 81 117.67 -95.27 4.63
C THR D 81 117.91 -94.74 3.22
N GLN D 82 118.16 -95.65 2.29
CA GLN D 82 118.34 -95.30 0.88
C GLN D 82 117.40 -96.17 0.05
N VAL D 83 116.52 -95.53 -0.72
CA VAL D 83 115.49 -96.23 -1.46
C VAL D 83 115.85 -96.23 -2.95
N TRP D 84 115.17 -97.09 -3.70
CA TRP D 84 115.23 -97.06 -5.17
C TRP D 84 113.84 -97.47 -5.63
N SER D 85 113.00 -96.50 -5.92
CA SER D 85 111.65 -96.78 -6.38
C SER D 85 111.64 -97.01 -7.88
N HIS D 86 110.53 -97.57 -8.35
CA HIS D 86 110.26 -97.69 -9.77
C HIS D 86 108.82 -97.27 -10.00
N ASP D 87 108.50 -96.89 -11.24
CA ASP D 87 107.14 -96.51 -11.61
C ASP D 87 106.97 -96.83 -13.09
N VAL D 88 106.38 -97.97 -13.36
CA VAL D 88 106.15 -98.43 -14.72
C VAL D 88 104.73 -98.13 -15.12
N THR D 89 104.55 -97.62 -16.34
CA THR D 89 103.22 -97.37 -16.90
C THR D 89 103.03 -98.27 -18.10
N ILE D 90 102.07 -99.18 -18.03
CA ILE D 90 101.76 -100.12 -19.10
C ILE D 90 100.33 -99.85 -19.55
N VAL D 91 100.13 -99.66 -20.84
CA VAL D 91 98.79 -99.49 -21.38
C VAL D 91 98.16 -100.86 -21.62
N ALA D 92 96.83 -100.91 -21.49
CA ALA D 92 96.15 -102.20 -21.44
C ALA D 92 96.10 -102.88 -22.81
N ASN D 93 95.83 -102.13 -23.87
CA ASN D 93 95.70 -102.68 -25.21
C ASN D 93 97.02 -102.78 -25.95
N SER D 94 98.13 -102.85 -25.23
CA SER D 94 99.45 -102.94 -25.84
C SER D 94 99.68 -104.32 -26.43
N THR D 95 100.72 -104.41 -27.27
CA THR D 95 101.23 -105.69 -27.71
C THR D 95 102.30 -106.16 -26.73
N GLU D 96 102.60 -107.45 -26.78
CA GLU D 96 103.52 -108.04 -25.80
C GLU D 96 104.96 -107.61 -26.08
N ALA D 97 105.34 -107.48 -27.34
CA ALA D 97 106.72 -107.15 -27.67
C ALA D 97 107.07 -105.70 -27.39
N SER D 98 106.07 -104.83 -27.17
CA SER D 98 106.36 -103.46 -26.80
C SER D 98 106.77 -103.38 -25.33
N ARG D 99 106.02 -104.07 -24.47
CA ARG D 99 106.34 -104.05 -23.04
C ARG D 99 107.39 -105.09 -22.67
N LYS D 100 107.70 -106.03 -23.56
CA LYS D 100 108.88 -106.86 -23.36
C LYS D 100 110.14 -106.08 -23.68
N SER D 101 110.11 -105.25 -24.72
CA SER D 101 111.28 -104.46 -25.08
C SER D 101 111.48 -103.30 -24.12
N LEU D 102 110.42 -102.84 -23.48
CA LEU D 102 110.56 -101.85 -22.42
C LEU D 102 111.28 -102.42 -21.23
N TYR D 103 111.03 -103.68 -20.90
CA TYR D 103 111.74 -104.34 -19.82
C TYR D 103 113.18 -104.63 -20.22
N ASP D 104 113.41 -104.98 -21.49
CA ASP D 104 114.75 -105.32 -21.95
C ASP D 104 115.68 -104.12 -22.00
N LEU D 105 115.15 -102.92 -22.21
CA LEU D 105 115.98 -101.73 -22.18
C LEU D 105 116.30 -101.32 -20.76
N THR D 106 115.33 -101.40 -19.85
CA THR D 106 115.56 -101.00 -18.47
C THR D 106 116.43 -102.01 -17.74
N LYS D 107 116.36 -103.29 -18.10
CA LYS D 107 117.28 -104.27 -17.56
C LYS D 107 118.72 -103.97 -17.98
N SER D 108 118.91 -103.52 -19.21
CA SER D 108 120.23 -103.16 -19.70
C SER D 108 120.62 -101.74 -19.35
N LEU D 109 119.67 -100.89 -18.96
CA LEU D 109 120.01 -99.55 -18.51
C LEU D 109 120.62 -99.59 -17.12
N VAL D 110 120.05 -100.37 -16.22
CA VAL D 110 120.59 -100.48 -14.87
C VAL D 110 121.92 -101.23 -14.88
N ALA D 111 122.05 -102.22 -15.76
CA ALA D 111 123.23 -103.08 -15.76
C ALA D 111 124.46 -102.44 -16.37
N THR D 112 124.37 -101.23 -16.91
CA THR D 112 125.54 -100.60 -17.51
C THR D 112 126.39 -99.95 -16.43
N SER D 113 127.62 -99.58 -16.81
CA SER D 113 128.55 -99.00 -15.86
C SER D 113 128.48 -97.47 -15.79
N GLN D 114 127.51 -96.85 -16.46
CA GLN D 114 127.36 -95.41 -16.34
C GLN D 114 126.29 -95.05 -15.31
N VAL D 115 125.28 -95.89 -15.14
CA VAL D 115 124.30 -95.68 -14.08
C VAL D 115 124.87 -96.19 -12.76
N GLU D 116 125.89 -97.04 -12.81
CA GLU D 116 126.59 -97.44 -11.59
C GLU D 116 127.31 -96.26 -10.97
N ASP D 117 128.04 -95.49 -11.78
CA ASP D 117 128.74 -94.31 -11.26
C ASP D 117 127.80 -93.16 -10.96
N LEU D 118 126.57 -93.19 -11.47
CA LEU D 118 125.61 -92.14 -11.17
C LEU D 118 125.01 -92.31 -9.78
N VAL D 119 124.89 -93.55 -9.31
CA VAL D 119 124.28 -93.81 -8.01
C VAL D 119 125.38 -93.90 -6.96
N VAL D 120 126.48 -94.58 -7.29
CA VAL D 120 127.56 -94.75 -6.32
C VAL D 120 128.39 -93.48 -6.18
N ASN D 121 128.88 -92.94 -7.30
CA ASN D 121 129.84 -91.85 -7.26
C ASN D 121 129.28 -90.53 -7.78
N LEU D 122 128.00 -90.49 -8.14
CA LEU D 122 127.24 -89.28 -8.50
C LEU D 122 127.79 -88.60 -9.76
N VAL D 123 128.40 -89.35 -10.66
CA VAL D 123 128.88 -88.80 -11.94
C VAL D 123 127.74 -88.83 -12.94
N PRO D 124 127.48 -87.75 -13.67
CA PRO D 124 126.37 -87.74 -14.63
C PRO D 124 126.60 -88.67 -15.82
N LEU D 125 125.52 -88.89 -16.57
CA LEU D 125 125.51 -89.88 -17.64
C LEU D 125 126.16 -89.33 -18.90
N GLY D 126 126.51 -90.23 -19.80
CA GLY D 126 127.08 -89.85 -21.07
C GLY D 126 128.60 -89.85 -21.08
N ARG D 127 129.19 -90.54 -22.04
CA ARG D 127 130.64 -90.58 -22.20
C ARG D 127 130.97 -90.34 -23.68
N ALA D 128 131.76 -89.31 -23.95
CA ALA D 128 132.08 -88.92 -25.32
C ALA D 128 133.36 -89.59 -25.77
N TYR D 129 133.23 -90.64 -26.58
CA TYR D 129 134.37 -91.24 -27.27
C TYR D 129 134.01 -91.34 -28.75
N GLY D 130 134.63 -90.49 -29.56
CA GLY D 130 134.39 -90.46 -30.98
C GLY D 130 133.07 -89.79 -31.36
N GLY D 131 132.91 -88.53 -30.97
CA GLY D 131 131.69 -87.80 -31.29
C GLY D 131 131.08 -87.10 -30.09
N SER D 132 129.85 -87.46 -29.75
CA SER D 132 129.17 -86.91 -28.59
C SER D 132 129.07 -87.95 -27.49
N LYS D 133 128.37 -87.58 -26.41
CA LYS D 133 128.25 -88.45 -25.25
C LYS D 133 127.09 -89.41 -25.45
N THR D 134 127.37 -90.72 -25.39
CA THR D 134 126.40 -91.75 -25.72
C THR D 134 126.28 -92.77 -24.60
N ILE D 135 125.10 -93.39 -24.53
CA ILE D 135 124.87 -94.58 -23.74
C ILE D 135 124.43 -95.69 -24.69
N VAL D 136 125.07 -96.85 -24.59
CA VAL D 136 124.69 -98.01 -25.40
C VAL D 136 123.83 -98.92 -24.53
N LEU D 137 122.75 -99.44 -25.12
CA LEU D 137 121.80 -100.29 -24.42
C LEU D 137 121.64 -101.57 -25.23
N SER D 138 122.51 -102.54 -24.97
CA SER D 138 122.44 -103.82 -25.68
C SER D 138 121.29 -104.66 -25.14
N VAL D 139 120.45 -105.13 -26.04
CA VAL D 139 119.28 -105.93 -25.68
C VAL D 139 119.54 -107.37 -26.12
N GLY D 140 120.81 -107.77 -26.08
CA GLY D 140 121.26 -108.98 -26.71
C GLY D 140 122.51 -108.67 -27.50
N GLU D 141 122.44 -108.80 -28.82
CA GLU D 141 123.53 -108.32 -29.68
C GLU D 141 123.23 -106.97 -30.31
N ALA D 142 121.96 -106.61 -30.45
CA ALA D 142 121.58 -105.31 -30.98
C ALA D 142 121.78 -104.22 -29.93
N THR D 143 122.49 -103.17 -30.30
CA THR D 143 122.83 -102.09 -29.38
C THR D 143 122.11 -100.81 -29.81
N ARG D 144 121.08 -100.43 -29.07
CA ARG D 144 120.34 -99.20 -29.32
C ARG D 144 121.11 -98.07 -28.63
N THR D 145 121.86 -97.30 -29.42
CA THR D 145 122.75 -96.27 -28.90
C THR D 145 122.01 -94.94 -28.84
N LEU D 146 121.79 -94.43 -27.63
CA LEU D 146 121.23 -93.11 -27.43
C LEU D 146 122.33 -92.07 -27.48
N THR D 147 122.00 -90.88 -27.98
CA THR D 147 122.93 -89.77 -27.99
C THR D 147 122.34 -88.61 -27.19
N GLU D 148 123.21 -87.86 -26.53
CA GLU D 148 122.76 -86.74 -25.72
C GLU D 148 122.37 -85.57 -26.61
N ILE D 149 121.15 -85.06 -26.43
CA ILE D 149 120.70 -83.91 -27.19
C ILE D 149 120.58 -82.65 -26.35
N GLN D 150 120.70 -82.74 -25.03
CA GLN D 150 120.48 -81.58 -24.18
C GLN D 150 121.22 -81.80 -22.87
N SER D 151 121.68 -80.70 -22.27
CA SER D 151 122.32 -80.70 -20.95
C SER D 151 121.91 -79.41 -20.26
N THR D 152 120.90 -79.51 -19.42
CA THR D 152 120.38 -78.36 -18.68
C THR D 152 121.21 -78.24 -17.39
N ALA D 153 120.75 -77.47 -16.41
CA ALA D 153 121.47 -77.32 -15.15
C ALA D 153 121.56 -78.63 -14.39
N ASP D 154 120.44 -79.33 -14.22
CA ASP D 154 120.42 -80.66 -13.62
C ASP D 154 119.95 -81.72 -14.59
N ARG D 155 118.96 -81.40 -15.43
CA ARG D 155 118.41 -82.34 -16.39
C ARG D 155 119.42 -82.67 -17.49
N GLN D 156 119.20 -83.82 -18.13
CA GLN D 156 120.13 -84.31 -19.14
C GLN D 156 119.35 -85.25 -20.05
N ILE D 157 118.93 -84.76 -21.21
CA ILE D 157 118.01 -85.47 -22.09
C ILE D 157 118.77 -86.21 -23.17
N PHE D 158 118.60 -87.52 -23.22
CA PHE D 158 119.16 -88.38 -24.25
C PHE D 158 118.06 -88.78 -25.23
N GLU D 159 118.48 -89.19 -26.42
CA GLU D 159 117.52 -89.57 -27.46
C GLU D 159 118.23 -90.42 -28.49
N GLU D 160 117.50 -91.39 -29.05
CA GLU D 160 117.98 -92.15 -30.19
C GLU D 160 117.65 -91.43 -31.48
N LYS D 161 118.57 -91.49 -32.44
CA LYS D 161 118.47 -90.69 -33.65
C LYS D 161 117.99 -91.46 -34.87
N VAL D 162 117.69 -92.74 -34.74
CA VAL D 162 117.22 -93.53 -35.88
C VAL D 162 115.70 -93.45 -35.95
N GLY D 163 115.19 -93.17 -37.15
CA GLY D 163 113.77 -93.20 -37.41
C GLY D 163 113.14 -91.83 -37.44
N PRO D 164 111.81 -91.79 -37.34
CA PRO D 164 111.10 -90.50 -37.42
C PRO D 164 111.27 -89.67 -36.16
N LEU D 165 110.84 -88.42 -36.24
CA LEU D 165 110.93 -87.48 -35.13
C LEU D 165 109.79 -87.62 -34.13
N VAL D 166 108.73 -88.33 -34.49
CA VAL D 166 107.53 -88.33 -33.65
C VAL D 166 107.69 -89.27 -32.44
N GLY D 167 108.26 -90.45 -32.62
CA GLY D 167 108.45 -91.36 -31.50
C GLY D 167 109.86 -91.89 -31.43
N ARG D 168 110.57 -91.56 -30.35
CA ARG D 168 111.95 -91.96 -30.18
C ARG D 168 112.19 -92.32 -28.73
N LEU D 169 113.28 -93.04 -28.48
CA LEU D 169 113.69 -93.34 -27.12
C LEU D 169 114.15 -92.07 -26.41
N ARG D 170 114.01 -92.07 -25.08
CA ARG D 170 114.31 -90.88 -24.31
C ARG D 170 114.91 -91.28 -22.97
N LEU D 171 115.64 -90.33 -22.38
CA LEU D 171 116.20 -90.50 -21.04
C LEU D 171 116.33 -89.11 -20.42
N THR D 172 115.42 -88.78 -19.52
CA THR D 172 115.49 -87.50 -18.81
C THR D 172 116.08 -87.77 -17.43
N ALA D 173 117.41 -87.91 -17.39
CA ALA D 173 118.10 -88.06 -16.13
C ALA D 173 118.11 -86.75 -15.36
N SER D 174 118.32 -86.84 -14.05
CA SER D 174 118.35 -85.66 -13.19
C SER D 174 119.25 -85.95 -12.00
N LEU D 175 119.52 -84.91 -11.23
CA LEU D 175 120.33 -84.99 -10.02
C LEU D 175 120.09 -83.73 -9.21
N ARG D 176 119.69 -83.90 -7.95
CA ARG D 176 119.39 -82.78 -7.08
C ARG D 176 120.02 -83.01 -5.72
N GLN D 177 119.86 -82.04 -4.83
CA GLN D 177 120.08 -82.24 -3.40
C GLN D 177 119.16 -81.30 -2.65
N ASN D 178 118.26 -81.86 -1.84
CA ASN D 178 117.23 -81.09 -1.19
C ASN D 178 117.71 -80.51 0.14
N GLY D 179 117.13 -79.36 0.49
CA GLY D 179 117.32 -78.76 1.80
C GLY D 179 118.73 -78.31 2.11
N ALA D 180 119.25 -78.74 3.26
CA ALA D 180 120.58 -78.34 3.69
C ALA D 180 121.64 -79.35 3.29
N LYS D 181 121.65 -79.71 2.00
CA LYS D 181 122.70 -80.53 1.36
C LYS D 181 122.87 -81.89 2.02
N THR D 182 121.75 -82.52 2.42
CA THR D 182 121.81 -83.73 3.21
C THR D 182 121.47 -85.00 2.45
N ALA D 183 120.83 -84.90 1.29
CA ALA D 183 120.41 -86.08 0.56
C ALA D 183 120.27 -85.76 -0.91
N TYR D 184 120.83 -86.62 -1.76
CA TYR D 184 120.71 -86.47 -3.19
C TYR D 184 119.45 -87.16 -3.69
N ARG D 185 119.12 -86.96 -4.96
CA ARG D 185 117.93 -87.57 -5.55
C ARG D 185 118.16 -87.73 -7.05
N VAL D 186 118.44 -88.96 -7.47
CA VAL D 186 118.61 -89.29 -8.88
C VAL D 186 117.27 -89.68 -9.45
N ASN D 187 116.99 -89.31 -10.71
CA ASN D 187 115.67 -89.54 -11.29
C ASN D 187 115.84 -89.81 -12.78
N LEU D 188 115.82 -91.08 -13.16
CA LEU D 188 115.82 -91.48 -14.56
C LEU D 188 114.39 -91.70 -15.04
N LYS D 189 114.22 -91.66 -16.36
CA LYS D 189 112.90 -91.85 -16.97
C LYS D 189 113.09 -92.24 -18.42
N LEU D 190 112.69 -93.45 -18.78
CA LEU D 190 112.88 -93.98 -20.12
C LEU D 190 111.51 -94.09 -20.79
N ASP D 191 111.26 -93.21 -21.76
CA ASP D 191 110.01 -93.23 -22.53
C ASP D 191 110.18 -94.12 -23.75
N GLN D 192 109.12 -94.83 -24.12
CA GLN D 192 109.14 -95.67 -25.31
C GLN D 192 107.80 -95.57 -25.99
N ALA D 193 107.74 -94.78 -27.06
CA ALA D 193 106.53 -94.60 -27.85
C ALA D 193 106.51 -95.60 -28.99
N ASP D 194 105.35 -96.25 -29.19
CA ASP D 194 105.22 -97.27 -30.22
C ASP D 194 104.68 -96.62 -31.48
N VAL D 195 105.56 -96.38 -32.44
CA VAL D 195 105.20 -95.73 -33.70
C VAL D 195 104.94 -96.82 -34.74
N VAL D 196 104.00 -96.54 -35.64
CA VAL D 196 103.61 -97.49 -36.68
C VAL D 196 103.41 -96.72 -37.98
N ASP D 197 103.66 -97.39 -39.10
CA ASP D 197 103.50 -96.79 -40.42
C ASP D 197 102.52 -97.60 -41.26
N CYS D 198 101.57 -96.90 -41.88
CA CYS D 198 100.55 -97.53 -42.72
C CYS D 198 100.80 -97.23 -44.20
N SER D 199 102.07 -97.05 -44.57
CA SER D 199 102.39 -96.67 -45.95
C SER D 199 102.19 -97.80 -46.95
N THR D 200 102.34 -99.06 -46.51
CA THR D 200 102.14 -100.17 -47.43
C THR D 200 100.66 -100.47 -47.65
N SER D 201 99.79 -99.97 -46.77
CA SER D 201 98.36 -100.20 -46.88
C SER D 201 97.63 -98.95 -47.37
N VAL D 202 97.95 -97.79 -46.83
CA VAL D 202 97.29 -96.53 -47.19
C VAL D 202 98.32 -95.63 -47.86
N CYS D 203 97.89 -94.93 -48.91
CA CYS D 203 98.77 -93.98 -49.59
C CYS D 203 99.08 -92.77 -48.71
N GLY D 204 100.34 -92.34 -48.77
CA GLY D 204 100.76 -91.07 -48.20
C GLY D 204 100.64 -90.97 -46.70
N GLU D 205 100.74 -92.08 -45.98
CA GLU D 205 100.54 -92.10 -44.55
C GLU D 205 101.89 -91.93 -43.86
N LEU D 206 102.04 -90.83 -43.15
CA LEU D 206 103.21 -90.60 -42.33
C LEU D 206 103.07 -91.33 -41.00
N PRO D 207 104.18 -91.74 -40.38
CA PRO D 207 104.09 -92.50 -39.13
C PRO D 207 103.54 -91.69 -37.98
N LYS D 208 102.91 -92.38 -37.04
CA LYS D 208 102.29 -91.77 -35.88
C LYS D 208 102.40 -92.73 -34.70
N VAL D 209 102.28 -92.18 -33.50
CA VAL D 209 102.42 -92.96 -32.28
C VAL D 209 101.06 -93.46 -31.84
N ARG D 210 101.03 -94.68 -31.30
CA ARG D 210 99.79 -95.25 -30.79
C ARG D 210 99.62 -94.96 -29.31
N TYR D 211 100.59 -95.36 -28.50
CA TYR D 211 100.55 -95.18 -27.06
C TYR D 211 101.96 -94.84 -26.59
N THR D 212 102.13 -94.77 -25.27
CA THR D 212 103.45 -94.58 -24.71
C THR D 212 103.54 -95.37 -23.41
N GLN D 213 104.75 -95.83 -23.10
CA GLN D 213 105.02 -96.63 -21.92
C GLN D 213 106.33 -96.18 -21.31
N VAL D 214 106.31 -95.84 -20.03
CA VAL D 214 107.46 -95.27 -19.35
C VAL D 214 107.97 -96.26 -18.31
N TRP D 215 109.18 -96.00 -17.83
CA TRP D 215 109.73 -96.71 -16.66
C TRP D 215 110.58 -95.68 -15.92
N SER D 216 109.99 -95.03 -14.93
CA SER D 216 110.71 -94.04 -14.15
C SER D 216 111.54 -94.72 -13.07
N HIS D 217 112.54 -93.99 -12.59
CA HIS D 217 113.33 -94.40 -11.43
C HIS D 217 113.39 -93.24 -10.47
N ASP D 218 113.56 -93.55 -9.18
CA ASP D 218 113.65 -92.51 -8.16
C ASP D 218 114.58 -93.01 -7.06
N VAL D 219 115.85 -92.68 -7.19
CA VAL D 219 116.88 -93.10 -6.25
C VAL D 219 117.07 -91.99 -5.23
N THR D 220 117.09 -92.36 -3.95
CA THR D 220 117.38 -91.43 -2.87
C THR D 220 118.68 -91.85 -2.21
N ILE D 221 119.63 -90.92 -2.14
CA ILE D 221 120.96 -91.18 -1.61
C ILE D 221 121.25 -90.11 -0.58
N VAL D 222 121.50 -90.51 0.66
CA VAL D 222 121.86 -89.52 1.68
C VAL D 222 123.35 -89.23 1.57
N ALA D 223 123.73 -88.03 2.02
CA ALA D 223 125.04 -87.48 1.67
C ALA D 223 126.17 -88.11 2.47
N ASN D 224 125.93 -88.46 3.73
CA ASN D 224 126.97 -89.00 4.60
C ASN D 224 127.02 -90.51 4.57
N SER D 225 126.67 -91.13 3.44
CA SER D 225 126.61 -92.57 3.30
C SER D 225 128.01 -93.18 3.32
N THR D 226 128.04 -94.51 3.31
CA THR D 226 129.23 -95.26 2.99
C THR D 226 129.17 -95.58 1.50
N GLU D 227 130.34 -95.66 0.86
CA GLU D 227 130.37 -96.05 -0.55
C GLU D 227 129.97 -97.50 -0.74
N ALA D 228 130.18 -98.34 0.28
CA ALA D 228 129.72 -99.72 0.22
C ALA D 228 128.22 -99.83 0.44
N SER D 229 127.57 -98.78 0.93
CA SER D 229 126.12 -98.81 1.07
C SER D 229 125.42 -98.39 -0.20
N ARG D 230 126.01 -97.45 -0.95
CA ARG D 230 125.47 -97.11 -2.26
C ARG D 230 125.74 -98.20 -3.28
N LYS D 231 126.84 -98.94 -3.10
CA LYS D 231 127.15 -100.04 -4.01
C LYS D 231 126.19 -101.21 -3.81
N SER D 232 125.84 -101.51 -2.56
CA SER D 232 124.94 -102.62 -2.30
C SER D 232 123.51 -102.29 -2.71
N LEU D 233 123.11 -101.02 -2.62
CA LEU D 233 121.78 -100.63 -3.09
C LEU D 233 121.66 -100.74 -4.60
N TYR D 234 122.72 -100.38 -5.32
CA TYR D 234 122.71 -100.53 -6.77
C TYR D 234 122.75 -101.99 -7.17
N ASP D 235 123.55 -102.79 -6.47
CA ASP D 235 123.69 -104.20 -6.78
C ASP D 235 122.42 -105.01 -6.51
N LEU D 236 121.59 -104.58 -5.56
CA LEU D 236 120.33 -105.26 -5.33
C LEU D 236 119.29 -104.87 -6.38
N THR D 237 119.29 -103.61 -6.81
CA THR D 237 118.34 -103.18 -7.83
C THR D 237 118.74 -103.72 -9.20
N LYS D 238 120.04 -103.85 -9.46
CA LYS D 238 120.49 -104.51 -10.68
C LYS D 238 120.08 -105.98 -10.68
N SER D 239 120.10 -106.61 -9.52
CA SER D 239 119.69 -108.00 -9.41
C SER D 239 118.19 -108.17 -9.31
N LEU D 240 117.46 -107.14 -8.87
CA LEU D 240 116.01 -107.24 -8.79
C LEU D 240 115.38 -107.19 -10.18
N VAL D 241 115.81 -106.25 -11.02
CA VAL D 241 115.27 -106.12 -12.37
C VAL D 241 115.63 -107.32 -13.22
N ALA D 242 116.80 -107.92 -13.00
CA ALA D 242 117.24 -109.06 -13.78
C ALA D 242 116.51 -110.36 -13.45
N THR D 243 115.66 -110.39 -12.43
CA THR D 243 114.96 -111.60 -12.07
C THR D 243 113.82 -111.87 -13.04
N SER D 244 113.33 -113.11 -13.01
CA SER D 244 112.19 -113.49 -13.86
C SER D 244 110.86 -113.17 -13.20
N GLN D 245 110.85 -112.74 -11.94
CA GLN D 245 109.59 -112.39 -11.30
C GLN D 245 109.16 -110.99 -11.71
N VAL D 246 110.11 -110.06 -11.85
CA VAL D 246 109.80 -108.71 -12.30
C VAL D 246 109.58 -108.68 -13.81
N GLU D 247 110.13 -109.65 -14.54
CA GLU D 247 109.85 -109.77 -15.96
C GLU D 247 108.39 -110.08 -16.22
N ASP D 248 107.85 -111.07 -15.49
CA ASP D 248 106.44 -111.41 -15.60
C ASP D 248 105.52 -110.37 -14.96
N LEU D 249 106.04 -109.56 -14.05
CA LEU D 249 105.23 -108.50 -13.45
C LEU D 249 104.99 -107.37 -14.44
N VAL D 250 105.92 -107.15 -15.36
CA VAL D 250 105.78 -106.09 -16.35
C VAL D 250 105.16 -106.61 -17.64
N VAL D 251 105.63 -107.77 -18.12
CA VAL D 251 105.12 -108.31 -19.38
C VAL D 251 103.73 -108.91 -19.20
N ASN D 252 103.54 -109.72 -18.16
CA ASN D 252 102.30 -110.48 -18.00
C ASN D 252 101.52 -110.13 -16.74
N LEU D 253 101.96 -109.14 -15.97
CA LEU D 253 101.27 -108.62 -14.77
C LEU D 253 101.08 -109.68 -13.68
N VAL D 254 101.96 -110.68 -13.63
CA VAL D 254 101.91 -111.69 -12.58
C VAL D 254 102.56 -111.12 -11.32
N PRO D 255 101.91 -111.18 -10.17
CA PRO D 255 102.48 -110.61 -8.95
C PRO D 255 103.70 -111.38 -8.46
N LEU D 256 104.48 -110.71 -7.60
CA LEU D 256 105.75 -111.26 -7.14
C LEU D 256 105.54 -112.34 -6.08
N GLY D 257 106.56 -113.18 -5.93
CA GLY D 257 106.53 -114.19 -4.89
C GLY D 257 106.22 -115.58 -5.37
N ARG D 258 107.15 -116.51 -5.17
CA ARG D 258 106.93 -117.91 -5.54
C ARG D 258 107.44 -118.84 -4.45
N SER E 1 104.14 -110.98 51.93
CA SER E 1 102.72 -111.03 52.26
C SER E 1 101.94 -111.80 51.21
N LYS E 2 101.32 -111.07 50.29
CA LYS E 2 100.51 -111.65 49.23
C LYS E 2 101.36 -111.76 47.97
N THR E 3 101.54 -112.99 47.49
CA THR E 3 102.52 -113.25 46.44
C THR E 3 101.92 -114.06 45.30
N ILE E 4 102.44 -113.82 44.10
CA ILE E 4 102.28 -114.70 42.95
C ILE E 4 103.66 -115.16 42.55
N VAL E 5 103.82 -116.46 42.34
CA VAL E 5 105.10 -117.06 41.99
C VAL E 5 105.04 -117.50 40.53
N LEU E 6 105.94 -116.95 39.71
CA LEU E 6 106.02 -117.27 38.29
C LEU E 6 107.30 -118.06 38.05
N SER E 7 107.15 -119.37 37.85
CA SER E 7 108.31 -120.22 37.59
C SER E 7 108.61 -120.24 36.09
N VAL E 8 109.87 -119.98 35.75
CA VAL E 8 110.30 -119.87 34.36
C VAL E 8 111.23 -121.07 34.14
N GLY E 9 110.88 -122.19 34.78
CA GLY E 9 111.72 -123.37 34.77
C GLY E 9 112.10 -123.74 36.18
N GLU E 10 113.38 -123.60 36.52
CA GLU E 10 113.84 -123.75 37.88
C GLU E 10 113.97 -122.42 38.61
N ALA E 11 113.98 -121.30 37.88
CA ALA E 11 114.04 -119.99 38.51
C ALA E 11 112.63 -119.46 38.72
N THR E 12 112.35 -118.99 39.93
CA THR E 12 111.03 -118.45 40.29
C THR E 12 111.18 -116.95 40.54
N ARG E 13 110.29 -116.16 39.97
CA ARG E 13 110.27 -114.71 40.14
C ARG E 13 109.04 -114.35 40.95
N THR E 14 109.23 -114.10 42.24
CA THR E 14 108.12 -113.88 43.17
C THR E 14 107.71 -112.42 43.18
N LEU E 15 106.52 -112.14 42.69
CA LEU E 15 105.93 -110.81 42.78
C LEU E 15 105.21 -110.65 44.11
N THR E 16 105.26 -109.44 44.66
CA THR E 16 104.54 -109.13 45.89
C THR E 16 103.58 -107.98 45.65
N GLU E 17 102.49 -107.97 46.41
CA GLU E 17 101.46 -106.95 46.25
C GLU E 17 101.88 -105.67 46.93
N ILE E 18 101.82 -104.55 46.20
CA ILE E 18 102.23 -103.25 46.72
C ILE E 18 101.09 -102.27 46.84
N GLN E 19 99.92 -102.53 46.25
CA GLN E 19 98.82 -101.58 46.26
C GLN E 19 97.53 -102.34 45.97
N SER E 20 96.48 -102.02 46.73
CA SER E 20 95.20 -102.73 46.58
C SER E 20 94.08 -101.70 46.71
N THR E 21 93.44 -101.39 45.59
CA THR E 21 92.28 -100.52 45.56
C THR E 21 91.06 -101.44 45.72
N ALA E 22 89.85 -100.95 45.44
CA ALA E 22 88.65 -101.78 45.48
C ALA E 22 88.72 -102.92 44.47
N ASP E 23 88.98 -102.59 43.21
CA ASP E 23 89.11 -103.58 42.14
C ASP E 23 90.53 -103.71 41.61
N ARG E 24 91.23 -102.60 41.42
CA ARG E 24 92.59 -102.65 40.91
C ARG E 24 93.55 -103.18 41.97
N GLN E 25 94.59 -103.87 41.52
CA GLN E 25 95.44 -104.63 42.42
C GLN E 25 96.81 -104.75 41.75
N ILE E 26 97.81 -104.06 42.29
CA ILE E 26 99.11 -103.93 41.65
C ILE E 26 100.14 -104.80 42.39
N PHE E 27 100.77 -105.70 41.67
CA PHE E 27 101.87 -106.51 42.17
C PHE E 27 103.19 -105.99 41.61
N GLU E 28 104.28 -106.38 42.25
CA GLU E 28 105.60 -105.92 41.85
C GLU E 28 106.65 -106.86 42.40
N GLU E 29 107.76 -107.00 41.67
CA GLU E 29 108.90 -107.78 42.13
C GLU E 29 109.88 -106.87 42.85
N LYS E 30 110.17 -107.21 44.11
CA LYS E 30 110.95 -106.35 44.99
C LYS E 30 112.45 -106.61 44.91
N VAL E 31 112.94 -107.18 43.82
CA VAL E 31 114.37 -107.46 43.71
C VAL E 31 115.02 -106.47 42.75
N GLY E 32 116.06 -105.79 43.21
CA GLY E 32 116.83 -104.91 42.37
C GLY E 32 116.58 -103.44 42.66
N PRO E 33 116.97 -102.57 41.72
CA PRO E 33 116.74 -101.13 41.91
C PRO E 33 115.27 -100.74 41.82
N LEU E 34 114.99 -99.46 42.06
CA LEU E 34 113.63 -98.96 42.15
C LEU E 34 113.06 -98.47 40.83
N VAL E 35 113.88 -98.38 39.78
CA VAL E 35 113.46 -97.66 38.59
C VAL E 35 112.62 -98.53 37.65
N GLY E 36 113.01 -99.79 37.40
CA GLY E 36 112.21 -100.64 36.56
C GLY E 36 112.08 -102.03 37.13
N ARG E 37 110.85 -102.44 37.44
CA ARG E 37 110.58 -103.75 38.01
C ARG E 37 109.43 -104.39 37.25
N LEU E 38 109.27 -105.69 37.46
CA LEU E 38 108.09 -106.39 36.96
C LEU E 38 106.83 -105.83 37.61
N ARG E 39 105.75 -105.81 36.83
CA ARG E 39 104.51 -105.21 37.27
C ARG E 39 103.37 -106.12 36.85
N LEU E 40 102.31 -106.16 37.65
CA LEU E 40 101.16 -106.99 37.33
C LEU E 40 99.94 -106.27 37.90
N THR E 41 99.09 -105.76 37.02
CA THR E 41 97.95 -104.95 37.40
C THR E 41 96.69 -105.74 37.10
N ALA E 42 96.19 -106.46 38.10
CA ALA E 42 94.93 -107.16 37.96
C ALA E 42 93.76 -106.21 38.20
N SER E 43 92.60 -106.58 37.65
CA SER E 43 91.38 -105.80 37.83
C SER E 43 90.19 -106.74 37.67
N LEU E 44 89.04 -106.27 38.13
CA LEU E 44 87.79 -107.02 38.00
C LEU E 44 86.64 -106.04 38.17
N ARG E 45 85.83 -105.91 37.13
CA ARG E 45 84.69 -105.00 37.16
C ARG E 45 83.42 -105.79 36.84
N GLN E 46 82.30 -105.07 36.73
CA GLN E 46 81.10 -105.62 36.12
C GLN E 46 80.38 -104.48 35.42
N ASN E 47 80.41 -104.48 34.09
CA ASN E 47 79.90 -103.39 33.30
C ASN E 47 78.43 -103.58 32.97
N GLY E 48 77.69 -102.48 32.96
CA GLY E 48 76.29 -102.50 32.59
C GLY E 48 75.35 -102.81 33.74
N ALA E 49 74.33 -103.62 33.46
CA ALA E 49 73.32 -103.95 34.47
C ALA E 49 73.66 -105.25 35.18
N LYS E 50 74.91 -105.29 35.70
CA LYS E 50 75.43 -106.38 36.55
C LYS E 50 75.35 -107.75 35.87
N THR E 51 75.59 -107.79 34.55
CA THR E 51 75.39 -109.02 33.79
C THR E 51 76.66 -109.64 33.25
N ALA E 52 77.79 -108.92 33.25
CA ALA E 52 79.03 -109.43 32.68
C ALA E 52 80.21 -108.84 33.42
N TYR E 53 81.15 -109.69 33.82
CA TYR E 53 82.37 -109.25 34.48
C TYR E 53 83.45 -108.97 33.45
N ARG E 54 84.54 -108.37 33.92
CA ARG E 54 85.63 -107.97 33.02
C ARG E 54 86.93 -108.06 33.80
N VAL E 55 87.66 -109.16 33.61
CA VAL E 55 88.98 -109.33 34.20
C VAL E 55 90.00 -108.70 33.26
N ASN E 56 91.01 -108.04 33.84
CA ASN E 56 91.96 -107.28 33.03
C ASN E 56 93.34 -107.37 33.68
N LEU E 57 94.16 -108.30 33.19
CA LEU E 57 95.54 -108.39 33.63
C LEU E 57 96.44 -107.60 32.69
N LYS E 58 97.60 -107.20 33.21
CA LYS E 58 98.57 -106.43 32.43
C LYS E 58 99.93 -106.64 33.06
N LEU E 59 100.83 -107.31 32.34
CA LEU E 59 102.16 -107.62 32.84
C LEU E 59 103.16 -106.72 32.12
N ASP E 60 103.69 -105.74 32.84
CA ASP E 60 104.72 -104.88 32.28
C ASP E 60 106.08 -105.52 32.46
N GLN E 61 107.04 -105.08 31.65
CA GLN E 61 108.43 -105.51 31.81
C GLN E 61 109.33 -104.44 31.25
N ALA E 62 110.07 -103.76 32.12
CA ALA E 62 111.02 -102.73 31.72
C ALA E 62 112.40 -103.33 31.63
N ASP E 63 113.15 -102.94 30.60
CA ASP E 63 114.52 -103.41 30.41
C ASP E 63 115.46 -102.34 30.95
N VAL E 64 115.97 -102.57 32.15
CA VAL E 64 116.90 -101.62 32.77
C VAL E 64 118.32 -102.04 32.47
N VAL E 65 119.22 -101.07 32.51
CA VAL E 65 120.65 -101.32 32.37
C VAL E 65 121.39 -100.32 33.25
N ASP E 66 122.37 -100.79 34.00
CA ASP E 66 123.11 -99.97 34.94
C ASP E 66 124.51 -99.81 34.36
N CYS E 67 124.79 -98.63 33.81
CA CYS E 67 126.01 -98.37 33.06
C CYS E 67 126.97 -97.52 33.87
N SER E 68 126.94 -97.69 35.19
CA SER E 68 127.77 -96.87 36.07
C SER E 68 129.23 -97.28 36.07
N THR E 69 129.52 -98.55 35.77
CA THR E 69 130.91 -99.02 35.82
C THR E 69 131.68 -98.55 34.59
N SER E 70 131.07 -98.67 33.41
CA SER E 70 131.74 -98.24 32.18
C SER E 70 131.73 -96.72 32.06
N VAL E 71 130.55 -96.13 31.98
CA VAL E 71 130.40 -94.67 31.93
C VAL E 71 130.34 -94.16 33.36
N CYS E 72 131.24 -93.25 33.70
CA CYS E 72 131.33 -92.76 35.06
C CYS E 72 130.21 -91.75 35.33
N GLY E 73 129.48 -91.97 36.42
CA GLY E 73 128.56 -90.98 36.92
C GLY E 73 127.15 -91.00 36.37
N GLU E 74 126.64 -92.16 35.98
CA GLU E 74 125.26 -92.24 35.53
C GLU E 74 124.54 -93.42 36.19
N LEU E 75 123.22 -93.34 36.16
CA LEU E 75 122.32 -94.16 36.97
C LEU E 75 121.63 -95.21 36.09
N PRO E 76 121.02 -96.24 36.68
CA PRO E 76 120.19 -97.15 35.88
C PRO E 76 118.98 -96.46 35.28
N LYS E 77 118.58 -96.91 34.11
CA LYS E 77 117.53 -96.26 33.33
C LYS E 77 116.78 -97.33 32.54
N VAL E 78 115.54 -97.01 32.19
CA VAL E 78 114.69 -97.92 31.42
C VAL E 78 114.88 -97.60 29.94
N ARG E 79 115.33 -98.59 29.17
CA ARG E 79 115.46 -98.40 27.73
C ARG E 79 114.12 -98.50 27.04
N TYR E 80 113.36 -99.57 27.31
CA TYR E 80 112.07 -99.78 26.68
C TYR E 80 111.17 -100.57 27.61
N THR E 81 109.91 -100.70 27.22
CA THR E 81 108.91 -101.40 28.01
C THR E 81 108.05 -102.25 27.10
N GLN E 82 107.89 -103.52 27.45
CA GLN E 82 107.09 -104.47 26.68
C GLN E 82 106.02 -105.05 27.58
N VAL E 83 104.75 -104.93 27.17
CA VAL E 83 103.63 -105.36 27.98
C VAL E 83 102.95 -106.55 27.31
N TRP E 84 102.13 -107.25 28.10
CA TRP E 84 101.25 -108.30 27.58
C TRP E 84 99.97 -108.19 28.40
N SER E 85 98.94 -107.60 27.80
CA SER E 85 97.68 -107.43 28.50
C SER E 85 96.76 -108.61 28.24
N HIS E 86 95.71 -108.70 29.07
CA HIS E 86 94.62 -109.62 28.85
C HIS E 86 93.32 -108.88 29.11
N ASP E 87 92.24 -109.33 28.50
CA ASP E 87 90.92 -108.73 28.70
C ASP E 87 89.89 -109.84 28.54
N VAL E 88 89.49 -110.43 29.65
CA VAL E 88 88.56 -111.54 29.67
C VAL E 88 87.15 -111.00 29.90
N THR E 89 86.19 -111.50 29.13
CA THR E 89 84.79 -111.16 29.32
C THR E 89 84.04 -112.40 29.79
N ILE E 90 83.45 -112.32 30.96
CA ILE E 90 82.72 -113.43 31.58
C ILE E 90 81.31 -112.95 31.86
N VAL E 91 80.32 -113.63 31.29
CA VAL E 91 78.93 -113.31 31.59
C VAL E 91 78.55 -113.96 32.92
N ALA E 92 77.62 -113.32 33.63
CA ALA E 92 77.40 -113.63 35.04
C ALA E 92 76.69 -114.96 35.25
N ASN E 93 75.76 -115.32 34.37
CA ASN E 93 74.96 -116.53 34.52
C ASN E 93 75.56 -117.73 33.78
N SER E 94 76.89 -117.80 33.69
CA SER E 94 77.56 -118.83 32.91
C SER E 94 77.48 -120.19 33.60
N THR E 95 78.02 -121.18 32.90
CA THR E 95 78.29 -122.48 33.47
C THR E 95 79.77 -122.52 33.86
N GLU E 96 80.10 -123.26 34.92
CA GLU E 96 81.49 -123.36 35.35
C GLU E 96 82.33 -124.09 34.32
N ALA E 97 81.76 -125.05 33.60
CA ALA E 97 82.48 -125.72 32.52
C ALA E 97 82.65 -124.81 31.31
N SER E 98 81.84 -123.76 31.20
CA SER E 98 82.06 -122.79 30.13
C SER E 98 83.25 -121.90 30.45
N ARG E 99 83.40 -121.51 31.71
CA ARG E 99 84.56 -120.74 32.15
C ARG E 99 85.83 -121.58 32.20
N LYS E 100 85.71 -122.86 32.56
CA LYS E 100 86.90 -123.71 32.64
C LYS E 100 87.44 -124.05 31.26
N SER E 101 86.54 -124.24 30.28
CA SER E 101 86.99 -124.59 28.94
C SER E 101 87.60 -123.39 28.21
N LEU E 102 87.11 -122.18 28.52
CA LEU E 102 87.71 -120.98 27.94
C LEU E 102 89.11 -120.76 28.50
N TYR E 103 89.31 -121.04 29.78
CA TYR E 103 90.64 -120.94 30.37
C TYR E 103 91.55 -122.04 29.85
N ASP E 104 91.01 -123.25 29.64
CA ASP E 104 91.83 -124.37 29.19
C ASP E 104 92.30 -124.19 27.75
N LEU E 105 91.56 -123.46 26.93
CA LEU E 105 92.01 -123.18 25.58
C LEU E 105 93.07 -122.09 25.56
N THR E 106 92.89 -121.05 26.36
CA THR E 106 93.86 -119.96 26.40
C THR E 106 95.16 -120.37 27.08
N LYS E 107 95.08 -121.28 28.07
CA LYS E 107 96.29 -121.82 28.67
C LYS E 107 97.07 -122.64 27.66
N SER E 108 96.37 -123.33 26.75
CA SER E 108 97.01 -124.11 25.71
C SER E 108 97.34 -123.30 24.47
N LEU E 109 96.68 -122.16 24.28
CA LEU E 109 97.03 -121.30 23.15
C LEU E 109 98.35 -120.59 23.38
N VAL E 110 98.57 -120.09 24.60
CA VAL E 110 99.83 -119.41 24.89
C VAL E 110 100.97 -120.42 24.94
N ALA E 111 100.71 -121.63 25.43
CA ALA E 111 101.76 -122.62 25.62
C ALA E 111 102.21 -123.30 24.33
N THR E 112 101.61 -122.98 23.18
CA THR E 112 102.02 -123.62 21.94
C THR E 112 103.24 -122.93 21.36
N SER E 113 103.86 -123.57 20.37
CA SER E 113 105.07 -123.05 19.77
C SER E 113 104.80 -122.15 18.56
N GLN E 114 103.53 -121.86 18.25
CA GLN E 114 103.24 -120.93 17.17
C GLN E 114 103.00 -119.53 17.70
N VAL E 115 102.45 -119.40 18.90
CA VAL E 115 102.32 -118.10 19.54
C VAL E 115 103.66 -117.68 20.16
N GLU E 116 104.54 -118.64 20.42
CA GLU E 116 105.89 -118.31 20.85
C GLU E 116 106.65 -117.58 19.75
N ASP E 117 106.62 -118.11 18.53
CA ASP E 117 107.31 -117.47 17.42
C ASP E 117 106.60 -116.21 16.93
N LEU E 118 105.35 -115.99 17.33
CA LEU E 118 104.63 -114.79 16.93
C LEU E 118 105.09 -113.57 17.72
N VAL E 119 105.51 -113.74 18.97
CA VAL E 119 105.89 -112.60 19.79
C VAL E 119 107.41 -112.50 19.86
N VAL E 120 108.11 -113.60 19.63
CA VAL E 120 109.56 -113.57 19.68
C VAL E 120 110.14 -113.25 18.31
N ASN E 121 109.70 -113.96 17.28
CA ASN E 121 110.27 -113.84 15.95
C ASN E 121 109.32 -113.20 14.95
N LEU E 122 108.12 -112.82 15.38
CA LEU E 122 107.15 -112.00 14.65
C LEU E 122 106.62 -112.67 13.38
N VAL E 123 106.66 -114.00 13.29
CA VAL E 123 106.09 -114.71 12.15
C VAL E 123 104.65 -115.10 12.48
N PRO E 124 103.73 -115.07 11.51
CA PRO E 124 102.31 -115.23 11.84
C PRO E 124 101.94 -116.68 12.18
N LEU E 125 100.67 -116.85 12.55
CA LEU E 125 100.16 -118.11 13.04
C LEU E 125 99.79 -119.05 11.88
N GLY E 126 99.61 -120.32 12.22
CA GLY E 126 99.19 -121.30 11.24
C GLY E 126 100.34 -121.96 10.51
N ARG E 127 100.33 -123.29 10.48
CA ARG E 127 101.35 -124.06 9.77
C ARG E 127 100.64 -125.15 8.96
N ALA E 128 100.94 -125.22 7.67
CA ALA E 128 100.26 -126.15 6.76
C ALA E 128 101.00 -127.48 6.75
N TYR E 129 100.39 -128.51 7.30
CA TYR E 129 100.91 -129.88 7.24
C TYR E 129 99.76 -130.81 6.86
N GLY E 130 99.68 -131.12 5.57
CA GLY E 130 98.63 -131.99 5.07
C GLY E 130 97.29 -131.32 4.94
N GLY E 131 97.20 -130.27 4.12
CA GLY E 131 95.97 -129.55 3.94
C GLY E 131 96.13 -128.05 4.06
N SER E 132 95.46 -127.45 5.04
CA SER E 132 95.56 -126.03 5.28
C SER E 132 96.37 -125.75 6.54
N LYS E 133 96.45 -124.47 6.91
CA LYS E 133 97.23 -124.06 8.07
C LYS E 133 96.38 -124.19 9.32
N THR E 134 96.87 -124.93 10.31
CA THR E 134 96.11 -125.27 11.51
C THR E 134 96.88 -124.94 12.78
N ILE E 135 96.13 -124.69 13.85
CA ILE E 135 96.65 -124.63 15.21
C ILE E 135 95.97 -125.70 16.02
N VAL E 136 96.74 -126.47 16.78
CA VAL E 136 96.21 -127.55 17.60
C VAL E 136 96.21 -127.09 19.06
N LEU E 137 95.03 -127.05 19.66
CA LEU E 137 94.86 -126.61 21.04
C LEU E 137 94.42 -127.81 21.87
N SER E 138 95.39 -128.54 22.40
CA SER E 138 95.09 -129.70 23.23
C SER E 138 94.74 -129.25 24.65
N VAL E 139 93.67 -129.84 25.19
CA VAL E 139 93.19 -129.49 26.52
C VAL E 139 93.38 -130.70 27.43
N GLY E 140 94.44 -131.46 27.16
CA GLY E 140 94.64 -132.78 27.71
C GLY E 140 94.97 -133.74 26.60
N GLU E 141 94.08 -134.69 26.31
CA GLU E 141 94.23 -135.51 25.12
C GLU E 141 93.29 -135.08 24.00
N ALA E 142 92.22 -134.35 24.32
CA ALA E 142 91.32 -133.83 23.28
C ALA E 142 91.96 -132.63 22.61
N THR E 143 92.12 -132.71 21.29
CA THR E 143 92.77 -131.66 20.51
C THR E 143 91.74 -130.99 19.62
N ARG E 144 91.43 -129.73 19.92
CA ARG E 144 90.49 -128.94 19.13
C ARG E 144 91.29 -128.17 18.09
N THR E 145 91.26 -128.66 16.85
CA THR E 145 92.09 -128.12 15.78
C THR E 145 91.34 -127.02 15.05
N LEU E 146 91.82 -125.79 15.18
CA LEU E 146 91.31 -124.67 14.41
C LEU E 146 91.99 -124.64 13.04
N THR E 147 91.21 -124.32 12.01
CA THR E 147 91.74 -124.19 10.66
C THR E 147 91.57 -122.75 10.20
N GLU E 148 92.53 -122.27 9.44
CA GLU E 148 92.51 -120.89 8.98
C GLU E 148 91.49 -120.72 7.87
N ILE E 149 90.58 -119.77 8.05
CA ILE E 149 89.55 -119.50 7.05
C ILE E 149 89.75 -118.17 6.34
N GLN E 150 90.70 -117.34 6.76
CA GLN E 150 90.87 -116.03 6.15
C GLN E 150 92.30 -115.56 6.40
N SER E 151 92.82 -114.77 5.46
CA SER E 151 94.14 -114.16 5.58
C SER E 151 94.03 -112.78 4.95
N THR E 152 93.78 -111.77 5.77
CA THR E 152 93.67 -110.39 5.32
C THR E 152 95.08 -109.79 5.28
N ALA E 153 95.20 -108.47 5.20
CA ALA E 153 96.52 -107.83 5.18
C ALA E 153 97.27 -108.04 6.48
N ASP E 154 96.62 -107.76 7.61
CA ASP E 154 97.20 -108.04 8.92
C ASP E 154 96.42 -109.10 9.69
N ARG E 155 95.10 -109.10 9.55
CA ARG E 155 94.22 -110.01 10.27
C ARG E 155 94.40 -111.45 9.77
N GLN E 156 94.01 -112.40 10.61
CA GLN E 156 94.17 -113.82 10.31
C GLN E 156 93.15 -114.57 11.16
N ILE E 157 92.04 -114.99 10.54
CA ILE E 157 90.91 -115.56 11.26
C ILE E 157 90.95 -117.08 11.15
N PHE E 158 91.01 -117.74 12.29
CA PHE E 158 90.95 -119.18 12.39
C PHE E 158 89.56 -119.59 12.88
N GLU E 159 89.18 -120.83 12.62
CA GLU E 159 87.86 -121.31 13.02
C GLU E 159 87.87 -122.83 13.08
N GLU E 160 87.16 -123.38 14.07
CA GLU E 160 86.93 -124.81 14.14
C GLU E 160 85.73 -125.18 13.29
N LYS E 161 85.85 -126.30 12.56
CA LYS E 161 84.86 -126.66 11.56
C LYS E 161 83.86 -127.71 12.04
N VAL E 162 84.00 -128.21 13.26
CA VAL E 162 83.09 -129.23 13.77
C VAL E 162 81.88 -128.56 14.38
N GLY E 163 80.69 -129.01 13.97
CA GLY E 163 79.46 -128.55 14.57
C GLY E 163 78.69 -127.57 13.71
N PRO E 164 77.73 -126.88 14.32
CA PRO E 164 76.89 -125.95 13.55
C PRO E 164 77.63 -124.68 13.17
N LEU E 165 76.97 -123.90 12.32
CA LEU E 165 77.54 -122.65 11.80
C LEU E 165 77.34 -121.47 12.72
N VAL E 166 76.45 -121.57 13.70
CA VAL E 166 76.06 -120.40 14.46
C VAL E 166 77.09 -120.04 15.54
N GLY E 167 77.62 -121.02 16.25
CA GLY E 167 78.62 -120.74 17.27
C GLY E 167 79.82 -121.65 17.16
N ARG E 168 80.98 -121.07 16.86
CA ARG E 168 82.20 -121.82 16.69
C ARG E 168 83.34 -121.08 17.36
N LEU E 169 84.45 -121.79 17.56
CA LEU E 169 85.66 -121.13 18.04
C LEU E 169 86.22 -120.19 16.99
N ARG E 170 86.57 -118.98 17.41
CA ARG E 170 87.19 -118.02 16.53
C ARG E 170 88.52 -117.60 17.12
N LEU E 171 89.43 -117.15 16.27
CA LEU E 171 90.74 -116.72 16.70
C LEU E 171 91.25 -115.71 15.68
N THR E 172 91.16 -114.43 16.00
CA THR E 172 91.52 -113.37 15.08
C THR E 172 92.85 -112.78 15.51
N ALA E 173 93.93 -113.35 15.00
CA ALA E 173 95.26 -112.79 15.25
C ALA E 173 95.45 -111.52 14.42
N SER E 174 96.46 -110.74 14.80
CA SER E 174 96.78 -109.49 14.11
C SER E 174 98.24 -109.18 14.34
N LEU E 175 98.75 -108.22 13.57
CA LEU E 175 100.13 -107.77 13.68
C LEU E 175 100.24 -106.42 13.00
N ARG E 176 100.69 -105.41 13.73
CA ARG E 176 100.79 -104.06 13.21
C ARG E 176 102.16 -103.49 13.56
N GLN E 177 102.40 -102.25 13.13
CA GLN E 177 103.49 -101.45 13.68
C GLN E 177 103.06 -99.99 13.61
N ASN E 178 102.84 -99.38 14.78
CA ASN E 178 102.30 -98.05 14.86
C ASN E 178 103.40 -97.00 14.81
N GLY E 179 103.15 -95.93 14.07
CA GLY E 179 104.04 -94.79 14.04
C GLY E 179 105.20 -94.94 13.07
N ALA E 180 106.39 -94.55 13.51
CA ALA E 180 107.58 -94.56 12.65
C ALA E 180 108.36 -95.86 12.81
N LYS E 181 107.67 -96.99 12.66
CA LYS E 181 108.24 -98.35 12.67
C LYS E 181 109.00 -98.65 13.97
N THR E 182 108.51 -98.14 15.10
CA THR E 182 109.23 -98.23 16.35
C THR E 182 108.69 -99.29 17.30
N ALA E 183 107.46 -99.77 17.11
CA ALA E 183 106.88 -100.72 18.03
C ALA E 183 105.80 -101.53 17.32
N TYR E 184 105.83 -102.84 17.51
CA TYR E 184 104.82 -103.72 16.97
C TYR E 184 103.66 -103.85 17.95
N ARG E 185 102.59 -104.53 17.52
CA ARG E 185 101.42 -104.73 18.38
C ARG E 185 100.72 -106.00 17.94
N VAL E 186 100.94 -107.08 18.68
CA VAL E 186 100.26 -108.35 18.43
C VAL E 186 98.94 -108.34 19.18
N ASN E 187 97.89 -108.90 18.57
CA ASN E 187 96.56 -108.79 19.14
C ASN E 187 95.79 -110.08 18.83
N LEU E 188 95.76 -111.00 19.78
CA LEU E 188 94.95 -112.20 19.66
C LEU E 188 93.60 -112.00 20.34
N LYS E 189 92.64 -112.83 19.95
CA LYS E 189 91.29 -112.75 20.50
C LYS E 189 90.59 -114.08 20.23
N LEU E 190 90.24 -114.79 21.30
CA LEU E 190 89.60 -116.11 21.20
C LEU E 190 88.17 -115.99 21.72
N ASP E 191 87.20 -116.14 20.83
CA ASP E 191 85.80 -116.16 21.22
C ASP E 191 85.34 -117.60 21.39
N GLN E 192 84.42 -117.80 22.33
CA GLN E 192 83.86 -119.12 22.59
C GLN E 192 82.38 -118.97 22.90
N ALA E 193 81.54 -119.10 21.89
CA ALA E 193 80.10 -119.00 22.05
C ALA E 193 79.56 -120.34 22.53
N ASP E 194 78.62 -120.29 23.46
CA ASP E 194 78.03 -121.50 24.02
C ASP E 194 76.76 -121.81 23.26
N VAL E 195 76.79 -122.89 22.49
CA VAL E 195 75.65 -123.32 21.69
C VAL E 195 74.98 -124.48 22.39
N VAL E 196 73.66 -124.54 22.32
CA VAL E 196 72.87 -125.60 22.95
C VAL E 196 71.80 -126.04 21.97
N ASP E 197 71.41 -127.31 22.07
CA ASP E 197 70.38 -127.89 21.21
C ASP E 197 69.24 -128.41 22.06
N CYS E 198 68.01 -128.06 21.67
CA CYS E 198 66.81 -128.47 22.39
C CYS E 198 66.04 -129.52 21.62
N SER E 199 66.72 -130.27 20.75
CA SER E 199 66.06 -131.21 19.86
C SER E 199 65.51 -132.42 20.58
N THR E 200 66.11 -132.81 21.72
CA THR E 200 65.59 -133.95 22.47
C THR E 200 64.36 -133.57 23.28
N SER E 201 64.12 -132.27 23.48
CA SER E 201 62.93 -131.79 24.17
C SER E 201 61.88 -131.23 23.23
N VAL E 202 62.27 -130.34 22.32
CA VAL E 202 61.36 -129.74 21.36
C VAL E 202 61.85 -130.09 19.96
N CYS E 203 61.00 -130.74 19.17
CA CYS E 203 61.33 -131.01 17.78
C CYS E 203 61.33 -129.74 16.96
N GLY E 204 62.05 -129.80 15.84
CA GLY E 204 62.17 -128.66 14.95
C GLY E 204 63.00 -127.52 15.51
N GLU E 205 63.82 -127.79 16.52
CA GLU E 205 64.61 -126.76 17.19
C GLU E 205 66.03 -126.83 16.67
N LEU E 206 66.45 -125.78 15.97
CA LEU E 206 67.82 -125.68 15.52
C LEU E 206 68.67 -125.07 16.63
N PRO E 207 69.97 -125.40 16.67
CA PRO E 207 70.81 -124.89 17.76
C PRO E 207 71.02 -123.38 17.69
N LYS E 208 71.23 -122.79 18.86
CA LYS E 208 71.38 -121.36 18.99
C LYS E 208 72.36 -121.06 20.11
N VAL E 209 72.84 -119.82 20.16
CA VAL E 209 73.82 -119.41 21.14
C VAL E 209 73.12 -118.66 22.27
N ARG E 210 73.56 -118.91 23.51
CA ARG E 210 72.97 -118.23 24.66
C ARG E 210 73.82 -117.05 25.09
N TYR E 211 75.16 -117.20 25.10
CA TYR E 211 76.06 -116.09 25.40
C TYR E 211 77.36 -116.29 24.64
N THR E 212 78.31 -115.40 24.89
CA THR E 212 79.66 -115.56 24.35
C THR E 212 80.67 -115.02 25.38
N GLN E 213 81.86 -115.59 25.36
CA GLN E 213 82.92 -115.25 26.30
C GLN E 213 84.25 -115.21 25.58
N VAL E 214 84.94 -114.08 25.69
CA VAL E 214 86.17 -113.85 24.95
C VAL E 214 87.36 -113.80 25.90
N TRP E 215 88.56 -113.88 25.33
CA TRP E 215 89.81 -113.69 26.07
C TRP E 215 90.78 -113.03 25.07
N SER E 216 90.83 -111.70 25.12
CA SER E 216 91.71 -110.98 24.22
C SER E 216 93.13 -110.94 24.76
N HIS E 217 94.07 -110.66 23.87
CA HIS E 217 95.45 -110.42 24.24
C HIS E 217 95.90 -109.14 23.55
N ASP E 218 96.87 -108.45 24.16
CA ASP E 218 97.37 -107.21 23.57
C ASP E 218 98.85 -107.10 23.92
N VAL E 219 99.69 -107.61 23.03
CA VAL E 219 101.13 -107.65 23.23
C VAL E 219 101.73 -106.41 22.58
N THR E 220 102.62 -105.73 23.30
CA THR E 220 103.36 -104.60 22.75
C THR E 220 104.82 -104.99 22.68
N ILE E 221 105.40 -104.88 21.49
CA ILE E 221 106.78 -105.28 21.22
C ILE E 221 107.47 -104.10 20.57
N VAL E 222 108.53 -103.60 21.18
CA VAL E 222 109.29 -102.52 20.59
C VAL E 222 110.34 -103.11 19.65
N ALA E 223 110.67 -102.35 18.61
CA ALA E 223 111.36 -102.90 17.44
C ALA E 223 112.84 -103.17 17.72
N ASN E 224 113.49 -102.31 18.51
CA ASN E 224 114.91 -102.45 18.78
C ASN E 224 115.20 -103.29 20.01
N SER E 225 114.35 -104.27 20.29
CA SER E 225 114.43 -105.11 21.47
C SER E 225 115.63 -106.05 21.40
N THR E 226 115.85 -106.75 22.50
CA THR E 226 116.70 -107.92 22.52
C THR E 226 115.79 -109.13 22.33
N GLU E 227 116.29 -110.16 21.63
CA GLU E 227 115.49 -111.38 21.47
C GLU E 227 115.33 -112.11 22.79
N ALA E 228 116.29 -111.95 23.71
CA ALA E 228 116.13 -112.51 25.04
C ALA E 228 115.13 -111.73 25.87
N SER E 229 114.81 -110.50 25.49
CA SER E 229 113.81 -109.73 26.22
C SER E 229 112.39 -110.04 25.73
N ARG E 230 112.25 -110.46 24.48
CA ARG E 230 110.95 -110.90 24.00
C ARG E 230 110.67 -112.34 24.41
N LYS E 231 111.71 -113.15 24.53
CA LYS E 231 111.55 -114.50 25.04
C LYS E 231 111.18 -114.50 26.51
N SER E 232 111.71 -113.53 27.27
CA SER E 232 111.42 -113.45 28.70
C SER E 232 110.01 -112.95 28.95
N LEU E 233 109.48 -112.09 28.08
CA LEU E 233 108.10 -111.63 28.24
C LEU E 233 107.11 -112.73 27.92
N TYR E 234 107.40 -113.56 26.92
CA TYR E 234 106.52 -114.67 26.59
C TYR E 234 106.56 -115.73 27.68
N ASP E 235 107.75 -116.01 28.22
CA ASP E 235 107.93 -117.05 29.22
C ASP E 235 107.26 -116.72 30.54
N LEU E 236 107.11 -115.44 30.87
CA LEU E 236 106.39 -115.07 32.08
C LEU E 236 104.89 -115.18 31.88
N THR E 237 104.39 -114.74 30.72
CA THR E 237 102.96 -114.83 30.44
C THR E 237 102.52 -116.27 30.20
N LYS E 238 103.42 -117.11 29.69
CA LYS E 238 103.12 -118.53 29.57
C LYS E 238 102.98 -119.18 30.94
N SER E 239 103.76 -118.71 31.91
CA SER E 239 103.68 -119.25 33.25
C SER E 239 102.68 -118.52 34.12
N LEU E 240 102.27 -117.31 33.75
CA LEU E 240 101.27 -116.59 34.51
C LEU E 240 99.89 -117.22 34.33
N VAL E 241 99.52 -117.53 33.09
CA VAL E 241 98.25 -118.16 32.80
C VAL E 241 98.21 -119.59 33.36
N ALA E 242 99.36 -120.25 33.42
CA ALA E 242 99.42 -121.62 33.92
C ALA E 242 99.32 -121.73 35.44
N THR E 243 99.33 -120.61 36.16
CA THR E 243 99.21 -120.67 37.62
C THR E 243 97.78 -121.00 38.02
N SER E 244 97.63 -121.46 39.25
CA SER E 244 96.32 -121.74 39.81
C SER E 244 95.65 -120.52 40.40
N GLN E 245 96.32 -119.37 40.41
CA GLN E 245 95.69 -118.15 40.89
C GLN E 245 94.88 -117.48 39.79
N VAL E 246 95.37 -117.54 38.56
CA VAL E 246 94.63 -117.00 37.42
C VAL E 246 93.55 -117.98 36.97
N GLU E 247 93.69 -119.27 37.28
CA GLU E 247 92.62 -120.22 37.03
C GLU E 247 91.40 -119.90 37.89
N ASP E 248 91.61 -119.63 39.18
CA ASP E 248 90.51 -119.26 40.05
C ASP E 248 90.03 -117.83 39.83
N LEU E 249 90.82 -116.99 39.18
CA LEU E 249 90.37 -115.63 38.90
C LEU E 249 89.37 -115.60 37.76
N VAL E 250 89.50 -116.50 36.80
CA VAL E 250 88.58 -116.55 35.67
C VAL E 250 87.40 -117.49 35.95
N VAL E 251 87.67 -118.64 36.56
CA VAL E 251 86.59 -119.59 36.83
C VAL E 251 85.74 -119.13 38.01
N ASN E 252 86.36 -118.70 39.10
CA ASN E 252 85.64 -118.44 40.34
C ASN E 252 85.71 -117.00 40.83
N LEU E 253 86.35 -116.11 40.07
CA LEU E 253 86.47 -114.67 40.38
C LEU E 253 87.16 -114.39 41.71
N VAL E 254 88.09 -115.26 42.12
CA VAL E 254 88.88 -115.03 43.33
C VAL E 254 90.03 -114.10 42.96
N PRO E 255 90.27 -113.02 43.71
CA PRO E 255 91.37 -112.10 43.37
C PRO E 255 92.73 -112.73 43.59
N LEU E 256 93.73 -112.14 42.95
CA LEU E 256 95.08 -112.69 42.95
C LEU E 256 95.77 -112.40 44.28
N GLY E 257 96.81 -113.20 44.56
CA GLY E 257 97.63 -112.97 45.73
C GLY E 257 97.29 -113.84 46.92
N ARG E 258 98.26 -114.64 47.35
CA ARG E 258 98.08 -115.48 48.53
C ARG E 258 99.29 -115.39 49.45
N SER F 1 132.58 -73.16 -21.96
CA SER F 1 131.26 -73.77 -21.94
C SER F 1 130.96 -74.47 -23.26
N LYS F 2 129.81 -74.16 -23.85
CA LYS F 2 129.40 -74.73 -25.13
C LYS F 2 129.67 -73.71 -26.22
N THR F 3 130.33 -74.15 -27.29
CA THR F 3 130.85 -73.24 -28.30
C THR F 3 130.37 -73.63 -29.70
N ILE F 4 130.27 -72.61 -30.56
CA ILE F 4 130.09 -72.80 -32.00
C ILE F 4 131.30 -72.16 -32.68
N VAL F 5 131.84 -72.85 -33.69
CA VAL F 5 133.00 -72.37 -34.42
C VAL F 5 132.56 -72.01 -35.82
N LEU F 6 132.82 -70.77 -36.23
CA LEU F 6 132.43 -70.25 -37.53
C LEU F 6 133.69 -69.88 -38.30
N SER F 7 134.11 -70.73 -39.22
CA SER F 7 135.30 -70.49 -40.01
C SER F 7 134.98 -69.55 -41.17
N VAL F 8 135.67 -68.41 -41.22
CA VAL F 8 135.37 -67.35 -42.16
C VAL F 8 136.57 -67.33 -43.11
N GLY F 9 137.07 -68.51 -43.42
CA GLY F 9 138.29 -68.66 -44.18
C GLY F 9 139.26 -69.55 -43.42
N GLU F 10 140.38 -68.98 -42.99
CA GLU F 10 141.24 -69.64 -42.02
C GLU F 10 141.07 -69.05 -40.62
N ALA F 11 140.50 -67.86 -40.50
CA ALA F 11 140.22 -67.26 -39.20
C ALA F 11 138.94 -67.87 -38.63
N THR F 12 139.04 -68.47 -37.45
CA THR F 12 137.91 -69.09 -36.78
C THR F 12 137.42 -68.16 -35.68
N ARG F 13 136.11 -67.94 -35.64
CA ARG F 13 135.48 -67.04 -34.68
C ARG F 13 134.59 -67.88 -33.77
N THR F 14 135.04 -68.09 -32.53
CA THR F 14 134.39 -69.01 -31.61
C THR F 14 133.47 -68.25 -30.66
N LEU F 15 132.17 -68.57 -30.72
CA LEU F 15 131.17 -67.97 -29.87
C LEU F 15 130.83 -68.90 -28.72
N THR F 16 130.92 -68.38 -27.49
CA THR F 16 130.62 -69.18 -26.31
C THR F 16 129.26 -68.81 -25.76
N GLU F 17 128.66 -69.75 -25.04
CA GLU F 17 127.27 -69.60 -24.59
C GLU F 17 127.20 -68.75 -23.33
N ILE F 18 126.28 -67.80 -23.30
CA ILE F 18 126.06 -66.96 -22.14
C ILE F 18 124.66 -67.11 -21.55
N GLN F 19 123.79 -67.92 -22.16
CA GLN F 19 122.44 -68.10 -21.64
C GLN F 19 121.90 -69.44 -22.14
N SER F 20 121.14 -70.12 -21.28
CA SER F 20 120.50 -71.38 -21.66
C SER F 20 119.16 -71.44 -20.92
N THR F 21 118.10 -70.98 -21.58
CA THR F 21 116.77 -71.08 -21.04
C THR F 21 116.16 -72.38 -21.57
N ALA F 22 114.86 -72.59 -21.41
CA ALA F 22 114.24 -73.80 -21.93
C ALA F 22 114.19 -73.79 -23.45
N ASP F 23 113.98 -72.63 -24.05
CA ASP F 23 113.98 -72.49 -25.50
C ASP F 23 115.06 -71.55 -26.01
N ARG F 24 115.21 -70.37 -25.43
CA ARG F 24 116.20 -69.42 -25.90
C ARG F 24 117.61 -69.86 -25.48
N GLN F 25 118.59 -69.50 -26.30
CA GLN F 25 119.94 -70.00 -26.11
C GLN F 25 120.89 -69.01 -26.78
N ILE F 26 121.52 -68.16 -25.99
CA ILE F 26 122.23 -66.99 -26.47
C ILE F 26 123.73 -67.27 -26.46
N PHE F 27 124.39 -67.02 -27.58
CA PHE F 27 125.83 -67.14 -27.72
C PHE F 27 126.43 -65.75 -27.93
N GLU F 28 127.74 -65.65 -27.71
CA GLU F 28 128.43 -64.37 -27.80
C GLU F 28 129.93 -64.64 -27.92
N GLU F 29 130.58 -63.85 -28.77
CA GLU F 29 132.03 -63.93 -28.91
C GLU F 29 132.68 -63.15 -27.76
N LYS F 30 133.87 -63.58 -27.36
CA LYS F 30 134.46 -63.08 -26.13
C LYS F 30 135.70 -62.22 -26.33
N VAL F 31 136.19 -62.07 -27.56
CA VAL F 31 137.36 -61.24 -27.78
C VAL F 31 136.93 -59.82 -28.13
N GLY F 32 137.76 -58.84 -27.76
CA GLY F 32 137.52 -57.46 -28.10
C GLY F 32 136.92 -56.67 -26.96
N PRO F 33 136.37 -55.49 -27.28
CA PRO F 33 135.70 -54.69 -26.25
C PRO F 33 134.41 -55.33 -25.76
N LEU F 34 133.91 -54.86 -24.62
CA LEU F 34 132.76 -55.48 -23.96
C LEU F 34 131.43 -54.90 -24.39
N VAL F 35 131.41 -53.90 -25.26
CA VAL F 35 130.17 -53.21 -25.57
C VAL F 35 129.56 -53.70 -26.90
N GLY F 36 130.39 -54.09 -27.86
CA GLY F 36 129.86 -54.61 -29.11
C GLY F 36 130.53 -55.91 -29.51
N ARG F 37 129.76 -57.00 -29.54
CA ARG F 37 130.27 -58.32 -29.89
C ARG F 37 129.24 -59.03 -30.75
N LEU F 38 129.64 -60.16 -31.32
CA LEU F 38 128.69 -61.01 -32.02
C LEU F 38 127.66 -61.58 -31.07
N ARG F 39 126.51 -61.94 -31.61
CA ARG F 39 125.40 -62.42 -30.82
C ARG F 39 124.60 -63.40 -31.66
N LEU F 40 124.25 -64.54 -31.06
CA LEU F 40 123.54 -65.58 -31.79
C LEU F 40 122.43 -66.09 -30.87
N THR F 41 121.20 -65.72 -31.18
CA THR F 41 120.06 -66.03 -30.32
C THR F 41 119.28 -67.18 -30.97
N ALA F 42 119.65 -68.40 -30.61
CA ALA F 42 118.96 -69.57 -31.11
C ALA F 42 117.69 -69.83 -30.30
N SER F 43 116.78 -70.59 -30.89
CA SER F 43 115.50 -70.90 -30.25
C SER F 43 114.92 -72.13 -30.91
N LEU F 44 113.92 -72.71 -30.25
CA LEU F 44 113.18 -73.84 -30.78
C LEU F 44 111.84 -73.92 -30.06
N ARG F 45 110.78 -74.24 -30.79
CA ARG F 45 109.44 -74.28 -30.25
C ARG F 45 108.68 -75.44 -30.88
N GLN F 46 107.44 -75.63 -30.44
CA GLN F 46 106.46 -76.43 -31.16
C GLN F 46 105.08 -75.84 -30.89
N ASN F 47 104.63 -74.98 -31.79
CA ASN F 47 103.43 -74.20 -31.58
C ASN F 47 102.22 -74.93 -32.14
N GLY F 48 101.07 -74.69 -31.52
CA GLY F 48 99.83 -75.31 -31.94
C GLY F 48 99.58 -76.64 -31.23
N ALA F 49 99.04 -77.60 -31.96
CA ALA F 49 98.77 -78.92 -31.38
C ALA F 49 99.93 -79.89 -31.64
N LYS F 50 101.13 -79.40 -31.28
CA LYS F 50 102.38 -80.19 -31.25
C LYS F 50 102.73 -80.83 -32.59
N THR F 51 102.36 -80.18 -33.70
CA THR F 51 102.52 -80.79 -35.02
C THR F 51 103.64 -80.17 -35.85
N ALA F 52 104.15 -79.00 -35.49
CA ALA F 52 105.17 -78.33 -36.27
C ALA F 52 106.14 -77.63 -35.33
N TYR F 53 107.43 -77.73 -35.62
CA TYR F 53 108.45 -77.04 -34.87
C TYR F 53 108.76 -75.69 -35.49
N ARG F 54 109.59 -74.90 -34.81
CA ARG F 54 109.92 -73.57 -35.30
C ARG F 54 111.32 -73.21 -34.80
N VAL F 55 112.31 -73.36 -35.66
CA VAL F 55 113.66 -72.90 -35.36
C VAL F 55 113.75 -71.42 -35.69
N ASN F 56 114.52 -70.67 -34.89
CA ASN F 56 114.58 -69.22 -35.06
C ASN F 56 115.97 -68.76 -34.62
N LEU F 57 116.87 -68.59 -35.60
CA LEU F 57 118.19 -68.05 -35.34
C LEU F 57 118.20 -66.54 -35.57
N LYS F 58 119.21 -65.88 -35.00
CA LYS F 58 119.34 -64.43 -35.14
C LYS F 58 120.80 -64.06 -34.90
N LEU F 59 121.52 -63.78 -35.98
CA LEU F 59 122.93 -63.44 -35.89
C LEU F 59 123.08 -61.92 -35.92
N ASP F 60 123.19 -61.31 -34.74
CA ASP F 60 123.43 -59.89 -34.65
C ASP F 60 124.89 -59.58 -34.96
N GLN F 61 125.15 -58.32 -35.31
CA GLN F 61 126.51 -57.84 -35.50
C GLN F 61 126.50 -56.33 -35.36
N ALA F 62 127.24 -55.81 -34.37
CA ALA F 62 127.35 -54.39 -34.14
C ALA F 62 128.73 -53.91 -34.57
N ASP F 63 128.78 -52.72 -35.15
CA ASP F 63 130.04 -52.10 -35.57
C ASP F 63 130.46 -51.11 -34.50
N VAL F 64 131.39 -51.51 -33.68
CA VAL F 64 131.87 -50.69 -32.58
C VAL F 64 133.07 -49.87 -33.06
N VAL F 65 133.14 -48.63 -32.61
CA VAL F 65 134.24 -47.73 -32.96
C VAL F 65 134.78 -47.11 -31.67
N ASP F 66 136.10 -47.03 -31.56
CA ASP F 66 136.77 -46.42 -30.42
C ASP F 66 137.87 -45.49 -30.92
N CYS F 67 137.69 -44.20 -30.72
CA CYS F 67 138.65 -43.17 -31.09
C CYS F 67 138.97 -42.26 -29.91
N SER F 68 139.31 -42.87 -28.78
CA SER F 68 139.82 -42.11 -27.64
C SER F 68 141.16 -41.44 -27.94
N THR F 69 141.92 -41.96 -28.91
CA THR F 69 143.15 -41.30 -29.32
C THR F 69 142.86 -40.10 -30.21
N SER F 70 141.67 -40.05 -30.81
CA SER F 70 141.30 -38.91 -31.64
C SER F 70 140.78 -37.75 -30.81
N VAL F 71 139.67 -37.96 -30.11
CA VAL F 71 139.15 -36.98 -29.16
C VAL F 71 139.42 -37.51 -27.76
N CYS F 72 139.97 -36.66 -26.90
CA CYS F 72 140.41 -37.09 -25.58
C CYS F 72 139.22 -37.24 -24.65
N GLY F 73 138.98 -38.47 -24.20
CA GLY F 73 138.01 -38.73 -23.16
C GLY F 73 136.74 -39.43 -23.57
N GLU F 74 136.70 -40.09 -24.71
CA GLU F 74 135.52 -40.85 -25.09
C GLU F 74 135.79 -42.34 -24.91
N LEU F 75 134.72 -43.10 -24.93
CA LEU F 75 134.74 -44.54 -24.67
C LEU F 75 134.29 -45.27 -25.93
N PRO F 76 134.49 -46.59 -26.04
CA PRO F 76 133.98 -47.31 -27.20
C PRO F 76 132.46 -47.30 -27.26
N LYS F 77 131.94 -47.36 -28.49
CA LYS F 77 130.53 -47.12 -28.75
C LYS F 77 130.19 -47.78 -30.08
N VAL F 78 128.96 -48.28 -30.20
CA VAL F 78 128.51 -48.93 -31.42
C VAL F 78 127.74 -47.93 -32.28
N ARG F 79 128.01 -47.96 -33.58
CA ARG F 79 127.28 -47.10 -34.50
C ARG F 79 125.94 -47.71 -34.88
N TYR F 80 125.97 -48.88 -35.51
CA TYR F 80 124.78 -49.51 -36.07
C TYR F 80 124.81 -51.01 -35.77
N THR F 81 123.72 -51.68 -36.12
CA THR F 81 123.59 -53.11 -35.93
C THR F 81 122.97 -53.74 -37.17
N GLN F 82 123.61 -54.78 -37.69
CA GLN F 82 123.12 -55.50 -38.85
C GLN F 82 122.85 -56.95 -38.47
N VAL F 83 121.64 -57.42 -38.71
CA VAL F 83 121.22 -58.73 -38.26
C VAL F 83 121.01 -59.64 -39.47
N TRP F 84 120.83 -60.93 -39.20
CA TRP F 84 120.41 -61.90 -40.21
C TRP F 84 119.62 -62.97 -39.47
N SER F 85 118.30 -62.88 -39.53
CA SER F 85 117.46 -63.86 -38.87
C SER F 85 117.20 -65.05 -39.76
N HIS F 86 116.68 -66.12 -39.16
CA HIS F 86 116.20 -67.29 -39.86
C HIS F 86 114.91 -67.72 -39.20
N ASP F 87 114.00 -68.29 -39.98
CA ASP F 87 112.72 -68.76 -39.45
C ASP F 87 112.37 -70.05 -40.17
N VAL F 88 112.77 -71.16 -39.58
CA VAL F 88 112.58 -72.48 -40.19
C VAL F 88 111.32 -73.10 -39.60
N THR F 89 110.48 -73.67 -40.45
CA THR F 89 109.28 -74.37 -40.01
C THR F 89 109.40 -75.84 -40.43
N ILE F 90 109.39 -76.73 -39.44
CA ILE F 90 109.54 -78.16 -39.66
C ILE F 90 108.32 -78.86 -39.09
N VAL F 91 107.60 -79.58 -39.94
CA VAL F 91 106.47 -80.36 -39.47
C VAL F 91 106.99 -81.67 -38.88
N ALA F 92 106.28 -82.18 -37.88
CA ALA F 92 106.85 -83.19 -36.99
C ALA F 92 106.87 -84.58 -37.62
N ASN F 93 105.93 -84.87 -38.52
CA ASN F 93 105.85 -86.19 -39.16
C ASN F 93 106.57 -86.24 -40.49
N SER F 94 107.65 -85.49 -40.64
CA SER F 94 108.34 -85.39 -41.92
C SER F 94 109.15 -86.64 -42.21
N THR F 95 109.67 -86.70 -43.43
CA THR F 95 110.70 -87.64 -43.80
C THR F 95 112.04 -87.02 -43.48
N GLU F 96 113.04 -87.86 -43.18
CA GLU F 96 114.37 -87.33 -42.90
C GLU F 96 115.04 -86.80 -44.16
N ALA F 97 114.68 -87.34 -45.32
CA ALA F 97 115.21 -86.81 -46.57
C ALA F 97 114.54 -85.51 -46.97
N SER F 98 113.37 -85.20 -46.41
CA SER F 98 112.75 -83.90 -46.65
C SER F 98 113.42 -82.82 -45.83
N ARG F 99 113.76 -83.12 -44.58
CA ARG F 99 114.49 -82.19 -43.73
C ARG F 99 115.93 -82.01 -44.17
N LYS F 100 116.53 -83.04 -44.78
CA LYS F 100 117.90 -82.92 -45.26
C LYS F 100 117.96 -82.11 -46.55
N SER F 101 116.94 -82.25 -47.41
CA SER F 101 116.94 -81.53 -48.67
C SER F 101 116.66 -80.04 -48.46
N LEU F 102 115.83 -79.70 -47.47
CA LEU F 102 115.55 -78.31 -47.17
C LEU F 102 116.79 -77.61 -46.62
N TYR F 103 117.59 -78.33 -45.84
CA TYR F 103 118.84 -77.76 -45.36
C TYR F 103 119.86 -77.64 -46.49
N ASP F 104 119.90 -78.61 -47.40
CA ASP F 104 120.87 -78.59 -48.49
C ASP F 104 120.58 -77.52 -49.52
N LEU F 105 119.32 -77.10 -49.66
CA LEU F 105 119.00 -76.03 -50.60
C LEU F 105 119.33 -74.67 -50.02
N THR F 106 119.08 -74.47 -48.72
CA THR F 106 119.37 -73.18 -48.09
C THR F 106 120.87 -73.00 -47.89
N LYS F 107 121.60 -74.10 -47.63
CA LYS F 107 123.05 -74.03 -47.58
C LYS F 107 123.63 -73.67 -48.95
N SER F 108 122.97 -74.09 -50.02
CA SER F 108 123.39 -73.71 -51.36
C SER F 108 122.77 -72.40 -51.84
N LEU F 109 121.67 -71.95 -51.21
CA LEU F 109 121.13 -70.64 -51.53
C LEU F 109 122.07 -69.54 -51.04
N VAL F 110 122.54 -69.66 -49.81
CA VAL F 110 123.39 -68.62 -49.24
C VAL F 110 124.77 -68.63 -49.89
N ALA F 111 125.24 -69.79 -50.31
CA ALA F 111 126.59 -69.91 -50.85
C ALA F 111 126.70 -69.49 -52.32
N THR F 112 125.63 -69.04 -52.96
CA THR F 112 125.73 -68.64 -54.35
C THR F 112 126.15 -67.18 -54.47
N SER F 113 126.54 -66.79 -55.68
CA SER F 113 127.04 -65.44 -55.93
C SER F 113 125.92 -64.43 -56.16
N GLN F 114 124.67 -64.85 -56.23
CA GLN F 114 123.59 -63.90 -56.45
C GLN F 114 122.99 -63.40 -55.14
N VAL F 115 123.05 -64.21 -54.09
CA VAL F 115 122.59 -63.77 -52.78
C VAL F 115 123.68 -62.93 -52.11
N GLU F 116 124.95 -63.20 -52.45
CA GLU F 116 126.06 -62.38 -51.95
C GLU F 116 125.96 -60.94 -52.43
N ASP F 117 125.66 -60.75 -53.72
CA ASP F 117 125.49 -59.39 -54.24
C ASP F 117 124.17 -58.78 -53.81
N LEU F 118 123.23 -59.58 -53.33
CA LEU F 118 121.96 -59.04 -52.86
C LEU F 118 122.10 -58.33 -51.52
N VAL F 119 123.01 -58.77 -50.67
CA VAL F 119 123.15 -58.18 -49.34
C VAL F 119 124.35 -57.23 -49.31
N VAL F 120 125.37 -57.49 -50.13
CA VAL F 120 126.53 -56.61 -50.12
C VAL F 120 126.28 -55.39 -51.00
N ASN F 121 125.95 -55.59 -52.27
CA ASN F 121 125.82 -54.50 -53.23
C ASN F 121 124.38 -54.22 -53.63
N LEU F 122 123.41 -54.86 -52.97
CA LEU F 122 121.96 -54.63 -53.13
C LEU F 122 121.47 -54.92 -54.55
N VAL F 123 122.18 -55.77 -55.28
CA VAL F 123 121.77 -56.15 -56.65
C VAL F 123 120.62 -57.15 -56.55
N PRO F 124 119.56 -57.00 -57.33
CA PRO F 124 118.45 -57.96 -57.27
C PRO F 124 118.84 -59.32 -57.84
N LEU F 125 117.95 -60.29 -57.63
CA LEU F 125 118.24 -61.68 -57.95
C LEU F 125 117.97 -62.00 -59.42
N GLY F 126 118.62 -63.04 -59.90
CA GLY F 126 118.37 -63.53 -61.23
C GLY F 126 119.31 -62.96 -62.28
N ARG F 127 120.03 -63.84 -62.98
CA ARG F 127 120.89 -63.44 -64.09
C ARG F 127 120.53 -64.28 -65.29
N ALA F 128 120.12 -63.63 -66.38
CA ALA F 128 119.69 -64.32 -67.58
C ALA F 128 120.92 -64.76 -68.38
N TYR F 129 121.23 -66.05 -68.32
CA TYR F 129 122.33 -66.64 -69.09
C TYR F 129 121.72 -67.51 -70.18
N GLY F 130 121.37 -66.88 -71.30
CA GLY F 130 120.76 -67.60 -72.42
C GLY F 130 119.37 -68.11 -72.11
N GLY F 131 118.42 -67.19 -71.95
CA GLY F 131 117.07 -67.58 -71.62
C GLY F 131 116.40 -66.60 -70.68
N SER F 132 115.76 -67.11 -69.64
CA SER F 132 115.12 -66.25 -68.66
C SER F 132 116.00 -66.08 -67.43
N LYS F 133 115.51 -65.29 -66.48
CA LYS F 133 116.26 -65.02 -65.25
C LYS F 133 116.19 -66.25 -64.34
N THR F 134 117.35 -66.86 -64.11
CA THR F 134 117.41 -68.13 -63.38
C THR F 134 118.35 -68.03 -62.19
N ILE F 135 118.07 -68.87 -61.20
CA ILE F 135 118.99 -69.12 -60.08
C ILE F 135 119.30 -70.60 -60.08
N VAL F 136 120.57 -70.94 -59.92
CA VAL F 136 121.00 -72.33 -59.88
C VAL F 136 121.43 -72.68 -58.46
N LEU F 137 120.75 -73.65 -57.85
CA LEU F 137 121.04 -74.12 -56.51
C LEU F 137 121.62 -75.53 -56.61
N SER F 138 122.93 -75.63 -56.80
CA SER F 138 123.56 -76.93 -56.95
C SER F 138 123.71 -77.61 -55.60
N VAL F 139 123.40 -78.91 -55.57
CA VAL F 139 123.43 -79.70 -54.35
C VAL F 139 124.57 -80.70 -54.57
N GLY F 140 125.62 -80.26 -55.24
CA GLY F 140 126.70 -81.14 -55.64
C GLY F 140 126.73 -81.31 -57.15
N GLU F 141 126.34 -82.49 -57.63
CA GLU F 141 126.16 -82.70 -59.05
C GLU F 141 124.74 -82.50 -59.51
N ALA F 142 123.77 -82.52 -58.60
CA ALA F 142 122.40 -82.21 -58.94
C ALA F 142 122.19 -80.69 -58.88
N THR F 143 121.72 -80.12 -59.98
CA THR F 143 121.45 -78.69 -60.08
C THR F 143 119.96 -78.48 -60.23
N ARG F 144 119.40 -77.60 -59.40
CA ARG F 144 117.97 -77.31 -59.43
C ARG F 144 117.80 -75.84 -59.82
N THR F 145 117.38 -75.61 -61.06
CA THR F 145 117.34 -74.28 -61.64
C THR F 145 115.94 -73.69 -61.48
N LEU F 146 115.85 -72.56 -60.79
CA LEU F 146 114.57 -71.88 -60.59
C LEU F 146 114.46 -70.68 -61.51
N THR F 147 113.40 -70.66 -62.32
CA THR F 147 113.16 -69.59 -63.26
C THR F 147 112.15 -68.59 -62.69
N GLU F 148 112.33 -67.33 -63.04
CA GLU F 148 111.51 -66.26 -62.49
C GLU F 148 110.12 -66.28 -63.12
N ILE F 149 109.09 -66.17 -62.28
CA ILE F 149 107.71 -66.21 -62.75
C ILE F 149 106.98 -64.88 -62.57
N GLN F 150 107.46 -64.00 -61.70
CA GLN F 150 106.79 -62.73 -61.44
C GLN F 150 107.79 -61.78 -60.78
N SER F 151 107.87 -60.55 -61.31
CA SER F 151 108.74 -59.52 -60.75
C SER F 151 107.87 -58.29 -60.50
N THR F 152 107.26 -58.24 -59.32
CA THR F 152 106.44 -57.11 -58.91
C THR F 152 107.41 -56.04 -58.39
N ALA F 153 106.92 -54.84 -58.05
CA ALA F 153 107.79 -53.78 -57.56
C ALA F 153 108.35 -54.11 -56.17
N ASP F 154 107.65 -54.96 -55.41
CA ASP F 154 108.13 -55.41 -54.12
C ASP F 154 108.67 -56.84 -54.16
N ARG F 155 107.86 -57.78 -54.65
CA ARG F 155 108.25 -59.18 -54.62
C ARG F 155 109.03 -59.56 -55.87
N GLN F 156 109.67 -60.73 -55.80
CA GLN F 156 110.37 -61.31 -56.95
C GLN F 156 110.34 -62.82 -56.77
N ILE F 157 109.37 -63.47 -57.40
CA ILE F 157 109.07 -64.88 -57.13
C ILE F 157 109.78 -65.75 -58.15
N PHE F 158 110.53 -66.73 -57.67
CA PHE F 158 111.15 -67.75 -58.49
C PHE F 158 110.47 -69.08 -58.24
N GLU F 159 110.64 -70.01 -59.17
CA GLU F 159 109.95 -71.29 -59.10
C GLU F 159 110.65 -72.27 -60.03
N GLU F 160 110.77 -73.52 -59.58
CA GLU F 160 111.27 -74.57 -60.45
C GLU F 160 110.17 -74.99 -61.43
N LYS F 161 110.58 -75.61 -62.53
CA LYS F 161 109.65 -75.87 -63.63
C LYS F 161 109.50 -77.34 -63.98
N VAL F 162 110.38 -78.21 -63.51
CA VAL F 162 110.24 -79.63 -63.81
C VAL F 162 109.23 -80.25 -62.84
N GLY F 163 108.69 -81.41 -63.24
CA GLY F 163 107.81 -82.16 -62.38
C GLY F 163 106.36 -81.72 -62.48
N PRO F 164 105.54 -82.11 -61.51
CA PRO F 164 104.13 -81.72 -61.52
C PRO F 164 103.96 -80.24 -61.20
N LEU F 165 102.73 -79.77 -61.39
CA LEU F 165 102.40 -78.36 -61.19
C LEU F 165 101.88 -78.06 -59.79
N VAL F 166 101.59 -79.08 -58.99
CA VAL F 166 100.98 -78.82 -57.69
C VAL F 166 102.01 -78.44 -56.63
N GLY F 167 103.17 -79.09 -56.60
CA GLY F 167 104.19 -78.74 -55.64
C GLY F 167 105.53 -78.50 -56.28
N ARG F 168 106.01 -77.26 -56.22
CA ARG F 168 107.29 -76.90 -56.79
C ARG F 168 108.04 -76.00 -55.82
N LEU F 169 109.33 -75.82 -56.09
CA LEU F 169 110.15 -74.96 -55.26
C LEU F 169 109.74 -73.50 -55.42
N ARG F 170 110.06 -72.69 -54.42
CA ARG F 170 109.70 -71.29 -54.42
C ARG F 170 110.86 -70.48 -53.85
N LEU F 171 110.94 -69.22 -54.27
CA LEU F 171 111.92 -68.30 -53.72
C LEU F 171 111.33 -66.90 -53.90
N THR F 172 110.71 -66.37 -52.85
CA THR F 172 110.08 -65.06 -52.92
C THR F 172 110.98 -64.06 -52.22
N ALA F 173 111.91 -63.48 -52.98
CA ALA F 173 112.75 -62.42 -52.45
C ALA F 173 111.98 -61.12 -52.37
N SER F 174 112.49 -60.20 -51.54
CA SER F 174 111.90 -58.88 -51.39
C SER F 174 112.99 -57.92 -50.94
N LEU F 175 112.67 -56.63 -50.97
CA LEU F 175 113.63 -55.60 -50.59
C LEU F 175 112.84 -54.34 -50.28
N ARG F 176 112.96 -53.84 -49.05
CA ARG F 176 112.25 -52.66 -48.61
C ARG F 176 113.23 -51.68 -48.01
N GLN F 177 112.71 -50.51 -47.63
CA GLN F 177 113.44 -49.57 -46.76
C GLN F 177 112.40 -48.78 -45.97
N ASN F 178 112.39 -49.00 -44.66
CA ASN F 178 111.40 -48.40 -43.78
C ASN F 178 112.03 -47.27 -42.97
N GLY F 179 111.24 -46.21 -42.80
CA GLY F 179 111.69 -45.05 -42.03
C GLY F 179 112.21 -43.96 -42.93
N ALA F 180 113.20 -43.20 -42.44
CA ALA F 180 113.77 -42.10 -43.21
C ALA F 180 114.97 -42.56 -44.04
N LYS F 181 114.77 -43.64 -44.80
CA LYS F 181 115.73 -44.17 -45.78
C LYS F 181 117.06 -44.55 -45.13
N THR F 182 117.02 -45.04 -43.89
CA THR F 182 118.24 -45.37 -43.15
C THR F 182 118.61 -46.84 -43.19
N ALA F 183 117.64 -47.74 -43.32
CA ALA F 183 117.93 -49.16 -43.24
C ALA F 183 117.13 -49.92 -44.29
N TYR F 184 117.76 -50.91 -44.89
CA TYR F 184 117.11 -51.78 -45.87
C TYR F 184 116.56 -53.01 -45.17
N ARG F 185 115.88 -53.87 -45.93
CA ARG F 185 115.30 -55.09 -45.39
C ARG F 185 115.21 -56.13 -46.51
N VAL F 186 116.18 -57.03 -46.55
CA VAL F 186 116.16 -58.14 -47.49
C VAL F 186 115.37 -59.28 -46.87
N ASN F 187 114.57 -59.99 -47.69
CA ASN F 187 113.69 -61.02 -47.16
C ASN F 187 113.58 -62.15 -48.17
N LEU F 188 114.40 -63.18 -47.99
CA LEU F 188 114.29 -64.40 -48.80
C LEU F 188 113.44 -65.43 -48.08
N LYS F 189 112.84 -66.32 -48.87
CA LYS F 189 111.93 -67.33 -48.32
C LYS F 189 111.83 -68.48 -49.31
N LEU F 190 112.23 -69.67 -48.90
CA LEU F 190 112.24 -70.84 -49.78
C LEU F 190 111.21 -71.85 -49.27
N ASP F 191 110.16 -72.06 -50.06
CA ASP F 191 109.14 -73.05 -49.74
C ASP F 191 109.47 -74.36 -50.43
N GLN F 192 109.33 -75.46 -49.69
CA GLN F 192 109.51 -76.79 -50.25
C GLN F 192 108.36 -77.66 -49.82
N ALA F 193 107.50 -78.04 -50.76
CA ALA F 193 106.35 -78.87 -50.50
C ALA F 193 106.67 -80.31 -50.93
N ASP F 194 106.19 -81.26 -50.14
CA ASP F 194 106.41 -82.68 -50.41
C ASP F 194 105.19 -83.22 -51.16
N VAL F 195 105.40 -83.61 -52.40
CA VAL F 195 104.33 -84.11 -53.26
C VAL F 195 104.49 -85.62 -53.40
N VAL F 196 103.37 -86.35 -53.38
CA VAL F 196 103.37 -87.80 -53.52
C VAL F 196 102.35 -88.20 -54.58
N ASP F 197 102.74 -89.17 -55.40
CA ASP F 197 101.86 -89.76 -56.40
C ASP F 197 101.93 -91.26 -56.28
N CYS F 198 100.79 -91.88 -55.99
CA CYS F 198 100.69 -93.32 -55.85
C CYS F 198 99.66 -93.91 -56.81
N SER F 199 99.69 -93.47 -58.07
CA SER F 199 98.79 -94.00 -59.08
C SER F 199 99.09 -95.45 -59.44
N THR F 200 100.27 -95.96 -59.06
CA THR F 200 100.56 -97.38 -59.24
C THR F 200 99.82 -98.24 -58.23
N SER F 201 99.35 -97.65 -57.13
CA SER F 201 98.60 -98.39 -56.11
C SER F 201 97.11 -98.10 -56.16
N VAL F 202 96.72 -96.83 -56.07
CA VAL F 202 95.31 -96.44 -56.15
C VAL F 202 95.07 -95.79 -57.51
N CYS F 203 94.05 -96.27 -58.21
CA CYS F 203 93.72 -95.73 -59.52
C CYS F 203 93.05 -94.36 -59.42
N GLY F 204 93.29 -93.54 -60.43
CA GLY F 204 92.67 -92.23 -60.50
C GLY F 204 93.16 -91.24 -59.48
N GLU F 205 94.38 -91.44 -58.96
CA GLU F 205 94.94 -90.56 -57.93
C GLU F 205 95.98 -89.67 -58.58
N LEU F 206 95.68 -88.38 -58.64
CA LEU F 206 96.60 -87.37 -59.13
C LEU F 206 97.50 -86.90 -57.99
N PRO F 207 98.67 -86.33 -58.29
CA PRO F 207 99.58 -85.91 -57.22
C PRO F 207 99.01 -84.79 -56.35
N LYS F 208 99.36 -84.83 -55.07
CA LYS F 208 98.94 -83.83 -54.11
C LYS F 208 100.08 -83.60 -53.13
N VAL F 209 99.99 -82.51 -52.38
CA VAL F 209 101.03 -82.11 -51.44
C VAL F 209 100.66 -82.59 -50.05
N ARG F 210 101.66 -83.04 -49.31
CA ARG F 210 101.44 -83.45 -47.92
C ARG F 210 101.61 -82.27 -46.97
N TYR F 211 102.79 -81.67 -46.95
CA TYR F 211 103.15 -80.60 -46.03
C TYR F 211 104.05 -79.61 -46.76
N THR F 212 104.33 -78.49 -46.10
CA THR F 212 105.31 -77.53 -46.59
C THR F 212 106.29 -77.21 -45.47
N GLN F 213 107.55 -77.02 -45.84
CA GLN F 213 108.59 -76.62 -44.90
C GLN F 213 109.32 -75.40 -45.47
N VAL F 214 109.37 -74.33 -44.69
CA VAL F 214 109.90 -73.07 -45.15
C VAL F 214 111.27 -72.83 -44.51
N TRP F 215 112.00 -71.86 -45.06
CA TRP F 215 113.22 -71.34 -44.43
C TRP F 215 113.30 -69.87 -44.85
N SER F 216 112.77 -69.00 -44.02
CA SER F 216 112.78 -67.58 -44.31
C SER F 216 114.13 -66.97 -43.95
N HIS F 217 114.35 -65.74 -44.42
CA HIS F 217 115.50 -64.95 -44.02
C HIS F 217 115.04 -63.51 -43.85
N ASP F 218 115.73 -62.77 -42.99
CA ASP F 218 115.38 -61.37 -42.76
C ASP F 218 116.67 -60.62 -42.42
N VAL F 219 117.30 -60.05 -43.45
CA VAL F 219 118.54 -59.30 -43.28
C VAL F 219 118.19 -57.83 -43.10
N THR F 220 118.82 -57.18 -42.13
CA THR F 220 118.67 -55.76 -41.89
C THR F 220 120.00 -55.08 -42.15
N ILE F 221 120.03 -54.18 -43.12
CA ILE F 221 121.25 -53.51 -43.55
C ILE F 221 121.00 -52.02 -43.50
N VAL F 222 121.79 -51.30 -42.70
CA VAL F 222 121.67 -49.86 -42.65
C VAL F 222 122.37 -49.25 -43.87
N ALA F 223 121.86 -48.09 -44.30
CA ALA F 223 122.23 -47.56 -45.62
C ALA F 223 123.64 -47.00 -45.65
N ASN F 224 124.15 -46.50 -44.53
CA ASN F 224 125.48 -45.91 -44.47
C ASN F 224 126.54 -46.89 -43.96
N SER F 225 126.39 -48.17 -44.30
CA SER F 225 127.29 -49.23 -43.85
C SER F 225 128.65 -49.11 -44.52
N THR F 226 129.61 -49.86 -43.99
CA THR F 226 130.86 -50.13 -44.65
C THR F 226 130.66 -51.36 -45.53
N GLU F 227 131.48 -51.50 -46.58
CA GLU F 227 131.36 -52.68 -47.43
C GLU F 227 131.83 -53.93 -46.71
N ALA F 228 132.91 -53.83 -45.94
CA ALA F 228 133.38 -54.97 -45.15
C ALA F 228 132.48 -55.24 -43.95
N SER F 229 131.59 -54.31 -43.60
CA SER F 229 130.59 -54.59 -42.58
C SER F 229 129.48 -55.48 -43.12
N ARG F 230 129.08 -55.28 -44.37
CA ARG F 230 128.07 -56.14 -44.98
C ARG F 230 128.68 -57.42 -45.51
N LYS F 231 129.97 -57.39 -45.87
CA LYS F 231 130.62 -58.58 -46.38
C LYS F 231 130.89 -59.58 -45.26
N SER F 232 131.19 -59.10 -44.06
CA SER F 232 131.45 -59.99 -42.94
C SER F 232 130.17 -60.58 -42.37
N LEU F 233 129.06 -59.84 -42.43
CA LEU F 233 127.79 -60.38 -41.98
C LEU F 233 127.31 -61.50 -42.88
N TYR F 234 127.53 -61.36 -44.19
CA TYR F 234 127.20 -62.44 -45.12
C TYR F 234 128.12 -63.63 -44.92
N ASP F 235 129.40 -63.38 -44.69
CA ASP F 235 130.37 -64.46 -44.63
C ASP F 235 130.32 -65.20 -43.30
N LEU F 236 129.71 -64.62 -42.28
CA LEU F 236 129.46 -65.35 -41.04
C LEU F 236 128.22 -66.21 -41.15
N THR F 237 127.16 -65.69 -41.76
CA THR F 237 125.93 -66.45 -41.93
C THR F 237 126.12 -67.60 -42.93
N LYS F 238 126.94 -67.38 -43.96
CA LYS F 238 127.32 -68.48 -44.85
C LYS F 238 128.11 -69.54 -44.11
N SER F 239 128.94 -69.11 -43.15
CA SER F 239 129.70 -70.05 -42.34
C SER F 239 128.90 -70.60 -41.18
N LEU F 240 127.71 -70.04 -40.90
CA LEU F 240 126.89 -70.56 -39.82
C LEU F 240 126.01 -71.71 -40.31
N VAL F 241 125.40 -71.54 -41.49
CA VAL F 241 124.56 -72.58 -42.07
C VAL F 241 125.38 -73.80 -42.44
N ALA F 242 126.64 -73.60 -42.84
CA ALA F 242 127.49 -74.71 -43.27
C ALA F 242 128.07 -75.51 -42.11
N THR F 243 127.77 -75.15 -40.86
CA THR F 243 128.28 -75.92 -39.74
C THR F 243 127.49 -77.22 -39.57
N SER F 244 128.04 -78.11 -38.75
CA SER F 244 127.38 -79.38 -38.48
C SER F 244 126.37 -79.29 -37.36
N GLN F 245 126.30 -78.15 -36.65
CA GLN F 245 125.38 -78.03 -35.53
C GLN F 245 124.03 -77.49 -36.00
N VAL F 246 124.03 -76.62 -37.00
CA VAL F 246 122.78 -76.13 -37.58
C VAL F 246 122.20 -77.15 -38.54
N GLU F 247 123.01 -78.10 -39.01
CA GLU F 247 122.48 -79.25 -39.75
C GLU F 247 121.64 -80.13 -38.84
N ASP F 248 122.18 -80.48 -37.67
CA ASP F 248 121.45 -81.29 -36.71
C ASP F 248 120.33 -80.54 -36.01
N LEU F 249 120.37 -79.20 -36.02
CA LEU F 249 119.28 -78.43 -35.45
C LEU F 249 118.05 -78.49 -36.33
N VAL F 250 118.22 -78.64 -37.64
CA VAL F 250 117.09 -78.75 -38.55
C VAL F 250 116.69 -80.19 -38.77
N VAL F 251 117.67 -81.08 -38.97
CA VAL F 251 117.36 -82.48 -39.25
C VAL F 251 116.88 -83.19 -37.98
N ASN F 252 117.68 -83.14 -36.91
CA ASN F 252 117.41 -83.94 -35.72
C ASN F 252 116.95 -83.12 -34.51
N LEU F 253 116.76 -81.81 -34.67
CA LEU F 253 116.27 -80.89 -33.62
C LEU F 253 117.17 -80.87 -32.38
N VAL F 254 118.46 -81.15 -32.55
CA VAL F 254 119.42 -81.03 -31.46
C VAL F 254 119.77 -79.55 -31.29
N PRO F 255 119.65 -78.99 -30.10
CA PRO F 255 120.03 -77.58 -29.90
C PRO F 255 121.52 -77.34 -30.09
N LEU F 256 121.87 -76.06 -30.25
CA LEU F 256 123.21 -75.68 -30.63
C LEU F 256 124.18 -75.77 -29.45
N GLY F 257 125.46 -75.86 -29.78
CA GLY F 257 126.51 -75.80 -28.77
C GLY F 257 126.97 -77.14 -28.27
N ARG F 258 128.19 -77.52 -28.60
CA ARG F 258 128.79 -78.73 -28.07
C ARG F 258 130.02 -78.39 -27.23
N SER G 1 125.42 -13.07 -86.93
CA SER G 1 125.31 -12.78 -85.51
C SER G 1 126.04 -13.83 -84.69
N LYS G 2 125.37 -14.38 -83.68
CA LYS G 2 125.93 -15.40 -82.81
C LYS G 2 125.39 -16.75 -83.24
N THR G 3 126.30 -17.69 -83.50
CA THR G 3 125.95 -18.95 -84.13
C THR G 3 126.33 -20.15 -83.28
N ILE G 4 125.56 -21.23 -83.44
CA ILE G 4 125.94 -22.57 -82.98
C ILE G 4 126.03 -23.45 -84.21
N VAL G 5 127.02 -24.34 -84.23
CA VAL G 5 127.24 -25.24 -85.35
C VAL G 5 126.99 -26.66 -84.88
N LEU G 6 125.98 -27.31 -85.47
CA LEU G 6 125.59 -28.67 -85.11
C LEU G 6 125.91 -29.58 -86.28
N SER G 7 127.13 -30.11 -86.30
CA SER G 7 127.55 -30.99 -87.38
C SER G 7 126.95 -32.38 -87.19
N VAL G 8 126.33 -32.90 -88.25
CA VAL G 8 125.57 -34.14 -88.20
C VAL G 8 126.35 -35.13 -89.07
N GLY G 9 127.67 -35.00 -89.02
CA GLY G 9 128.55 -35.74 -89.90
C GLY G 9 129.51 -34.77 -90.55
N GLU G 10 129.41 -34.61 -91.88
CA GLU G 10 130.04 -33.49 -92.55
C GLU G 10 129.06 -32.36 -92.86
N ALA G 11 127.76 -32.64 -92.80
CA ALA G 11 126.76 -31.59 -92.96
C ALA G 11 126.62 -30.80 -91.68
N THR G 12 126.89 -29.49 -91.75
CA THR G 12 126.83 -28.61 -90.59
C THR G 12 125.60 -27.73 -90.73
N ARG G 13 124.81 -27.66 -89.66
CA ARG G 13 123.56 -26.90 -89.65
C ARG G 13 123.73 -25.75 -88.66
N THR G 14 123.90 -24.53 -89.18
CA THR G 14 124.24 -23.37 -88.38
C THR G 14 122.98 -22.60 -88.00
N LEU G 15 122.71 -22.52 -86.69
CA LEU G 15 121.61 -21.73 -86.18
C LEU G 15 122.10 -20.35 -85.77
N THR G 16 121.39 -19.31 -86.21
CA THR G 16 121.75 -17.95 -85.87
C THR G 16 120.73 -17.40 -84.88
N GLU G 17 121.19 -16.45 -84.07
CA GLU G 17 120.39 -15.96 -82.96
C GLU G 17 119.36 -14.94 -83.43
N ILE G 18 118.11 -15.11 -82.99
CA ILE G 18 117.04 -14.18 -83.32
C ILE G 18 116.49 -13.45 -82.11
N GLN G 19 116.95 -13.76 -80.90
CA GLN G 19 116.44 -13.11 -79.70
C GLN G 19 117.49 -13.22 -78.60
N SER G 20 117.62 -12.16 -77.81
CA SER G 20 118.54 -12.16 -76.67
C SER G 20 117.87 -11.35 -75.56
N THR G 21 117.15 -12.04 -74.68
CA THR G 21 116.52 -11.41 -73.53
C THR G 21 117.51 -11.52 -72.37
N ALA G 22 117.08 -11.24 -71.15
CA ALA G 22 117.96 -11.38 -69.99
C ALA G 22 118.24 -12.85 -69.70
N ASP G 23 117.25 -13.72 -69.88
CA ASP G 23 117.43 -15.15 -69.70
C ASP G 23 117.17 -15.96 -70.96
N ARG G 24 116.08 -15.71 -71.68
CA ARG G 24 115.77 -16.48 -72.86
C ARG G 24 116.66 -16.06 -74.02
N GLN G 25 116.94 -17.01 -74.92
CA GLN G 25 117.93 -16.80 -75.98
C GLN G 25 117.59 -17.77 -77.10
N ILE G 26 116.94 -17.25 -78.15
CA ILE G 26 116.34 -18.08 -79.19
C ILE G 26 117.26 -18.11 -80.40
N PHE G 27 117.53 -19.30 -80.91
CA PHE G 27 118.29 -19.49 -82.14
C PHE G 27 117.38 -20.09 -83.20
N GLU G 28 117.81 -19.98 -84.45
CA GLU G 28 117.00 -20.47 -85.57
C GLU G 28 117.90 -20.66 -86.77
N GLU G 29 117.63 -21.71 -87.54
CA GLU G 29 118.32 -21.92 -88.81
C GLU G 29 117.66 -21.04 -89.87
N LYS G 30 118.44 -20.66 -90.87
CA LYS G 30 117.98 -19.71 -91.87
C LYS G 30 117.86 -20.30 -93.27
N VAL G 31 118.21 -21.58 -93.45
CA VAL G 31 118.14 -22.20 -94.77
C VAL G 31 116.75 -22.82 -94.95
N GLY G 32 116.10 -22.49 -96.05
CA GLY G 32 114.85 -23.12 -96.42
C GLY G 32 113.66 -22.18 -96.38
N PRO G 33 112.45 -22.76 -96.29
CA PRO G 33 111.24 -21.91 -96.20
C PRO G 33 111.15 -21.16 -94.88
N LEU G 34 110.23 -20.21 -94.82
CA LEU G 34 110.14 -19.29 -93.70
C LEU G 34 109.17 -19.72 -92.62
N VAL G 35 108.47 -20.83 -92.80
CA VAL G 35 107.39 -21.20 -91.88
C VAL G 35 107.83 -22.27 -90.89
N GLY G 36 108.67 -23.22 -91.30
CA GLY G 36 109.13 -24.22 -90.36
C GLY G 36 110.63 -24.38 -90.38
N ARG G 37 111.30 -24.06 -89.27
CA ARG G 37 112.74 -24.14 -89.16
C ARG G 37 113.09 -24.71 -87.79
N LEU G 38 114.39 -24.99 -87.60
CA LEU G 38 114.88 -25.41 -86.29
C LEU G 38 114.76 -24.27 -85.28
N ARG G 39 114.76 -24.64 -84.01
CA ARG G 39 114.59 -23.69 -82.93
C ARG G 39 115.35 -24.20 -81.72
N LEU G 40 115.91 -23.27 -80.95
CA LEU G 40 116.71 -23.63 -79.79
C LEU G 40 116.56 -22.49 -78.79
N THR G 41 115.65 -22.66 -77.83
CA THR G 41 115.36 -21.61 -76.85
C THR G 41 116.13 -21.94 -75.58
N ALA G 42 117.39 -21.51 -75.53
CA ALA G 42 118.19 -21.67 -74.33
C ALA G 42 117.74 -20.71 -73.25
N SER G 43 118.12 -21.02 -72.01
CA SER G 43 117.72 -20.23 -70.86
C SER G 43 118.68 -20.49 -69.72
N LEU G 44 118.61 -19.64 -68.71
CA LEU G 44 119.41 -19.79 -67.50
C LEU G 44 118.75 -18.98 -66.39
N ARG G 45 118.73 -19.54 -65.19
CA ARG G 45 118.07 -18.92 -64.06
C ARG G 45 118.87 -19.20 -62.80
N GLN G 46 118.41 -18.62 -61.68
CA GLN G 46 118.87 -19.04 -60.36
C GLN G 46 117.71 -18.82 -59.38
N ASN G 47 116.93 -19.88 -59.18
CA ASN G 47 115.71 -19.80 -58.40
C ASN G 47 115.98 -20.04 -56.93
N GLY G 48 115.13 -19.46 -56.10
CA GLY G 48 115.27 -19.59 -54.66
C GLY G 48 116.19 -18.55 -54.07
N ALA G 49 116.97 -18.93 -53.07
CA ALA G 49 117.91 -18.01 -52.42
C ALA G 49 119.29 -18.10 -53.07
N LYS G 50 119.29 -18.00 -54.41
CA LYS G 50 120.49 -17.86 -55.25
C LYS G 50 121.49 -19.00 -55.06
N THR G 51 121.01 -20.21 -54.76
CA THR G 51 121.89 -21.32 -54.45
C THR G 51 121.98 -22.38 -55.55
N ALA G 52 121.06 -22.36 -56.52
CA ALA G 52 121.04 -23.38 -57.56
C ALA G 52 120.62 -22.75 -58.87
N TYR G 53 121.32 -23.09 -59.94
CA TYR G 53 120.99 -22.61 -61.27
C TYR G 53 120.04 -23.59 -61.96
N ARG G 54 119.58 -23.21 -63.15
CA ARG G 54 118.65 -24.06 -63.90
C ARG G 54 118.83 -23.76 -65.38
N VAL G 55 119.57 -24.62 -66.06
CA VAL G 55 119.71 -24.55 -67.51
C VAL G 55 118.52 -25.26 -68.15
N ASN G 56 118.02 -24.71 -69.26
CA ASN G 56 116.79 -25.20 -69.85
C ASN G 56 116.85 -24.99 -71.36
N LEU G 57 117.25 -26.02 -72.09
CA LEU G 57 117.26 -25.99 -73.54
C LEU G 57 115.98 -26.64 -74.09
N LYS G 58 115.69 -26.34 -75.36
CA LYS G 58 114.51 -26.89 -76.02
C LYS G 58 114.74 -26.86 -77.52
N LEU G 59 115.06 -28.01 -78.09
CA LEU G 59 115.34 -28.13 -79.52
C LEU G 59 114.08 -28.57 -80.24
N ASP G 60 113.36 -27.62 -80.83
CA ASP G 60 112.19 -27.94 -81.64
C ASP G 60 112.61 -28.39 -83.03
N GLN G 61 111.68 -29.07 -83.71
CA GLN G 61 111.89 -29.47 -85.09
C GLN G 61 110.53 -29.69 -85.72
N ALA G 62 110.20 -28.88 -86.72
CA ALA G 62 108.94 -28.98 -87.45
C ALA G 62 109.18 -29.66 -88.78
N ASP G 63 108.22 -30.47 -89.22
CA ASP G 63 108.31 -31.13 -90.51
C ASP G 63 107.37 -30.40 -91.47
N VAL G 64 107.94 -29.57 -92.31
CA VAL G 64 107.18 -28.79 -93.27
C VAL G 64 107.07 -29.56 -94.57
N VAL G 65 105.92 -29.45 -95.22
CA VAL G 65 105.68 -30.08 -96.51
C VAL G 65 105.06 -29.04 -97.43
N ASP G 66 105.56 -28.98 -98.67
CA ASP G 66 105.03 -28.07 -99.68
C ASP G 66 104.77 -28.85 -100.96
N CYS G 67 103.50 -28.96 -101.34
CA CYS G 67 103.08 -29.69 -102.52
C CYS G 67 102.18 -28.83 -103.40
N SER G 68 102.66 -27.62 -103.70
CA SER G 68 102.03 -26.80 -104.72
C SER G 68 102.16 -27.41 -106.12
N THR G 69 103.12 -28.33 -106.32
CA THR G 69 103.22 -29.06 -107.57
C THR G 69 102.02 -29.97 -107.78
N SER G 70 101.60 -30.68 -106.73
CA SER G 70 100.51 -31.65 -106.88
C SER G 70 99.16 -30.96 -106.95
N VAL G 71 98.76 -30.27 -105.90
CA VAL G 71 97.53 -29.50 -105.90
C VAL G 71 97.89 -28.04 -106.17
N CYS G 72 97.14 -27.40 -107.06
CA CYS G 72 97.48 -26.06 -107.51
C CYS G 72 96.97 -25.02 -106.52
N GLY G 73 97.88 -24.24 -105.95
CA GLY G 73 97.52 -23.07 -105.18
C GLY G 73 97.64 -23.19 -103.68
N GLU G 74 98.41 -24.13 -103.16
CA GLU G 74 98.64 -24.20 -101.74
C GLU G 74 100.05 -23.72 -101.42
N LEU G 75 100.27 -23.44 -100.14
CA LEU G 75 101.51 -22.86 -99.64
C LEU G 75 102.18 -23.87 -98.72
N PRO G 76 103.46 -23.71 -98.37
CA PRO G 76 104.09 -24.63 -97.42
C PRO G 76 103.47 -24.54 -96.03
N LYS G 77 103.52 -25.66 -95.32
CA LYS G 77 102.77 -25.86 -94.09
C LYS G 77 103.43 -26.98 -93.31
N VAL G 78 103.42 -26.86 -91.97
CA VAL G 78 104.04 -27.86 -91.11
C VAL G 78 102.98 -28.88 -90.71
N ARG G 79 103.37 -30.15 -90.66
CA ARG G 79 102.47 -31.19 -90.15
C ARG G 79 102.54 -31.27 -88.64
N TYR G 80 103.71 -31.59 -88.11
CA TYR G 80 103.88 -31.86 -86.69
C TYR G 80 105.17 -31.21 -86.21
N THR G 81 105.34 -31.18 -84.89
CA THR G 81 106.57 -30.71 -84.26
C THR G 81 107.06 -31.75 -83.26
N GLN G 82 108.36 -31.98 -83.23
CA GLN G 82 108.99 -32.90 -82.30
C GLN G 82 110.10 -32.18 -81.56
N VAL G 83 109.99 -32.14 -80.24
CA VAL G 83 110.92 -31.38 -79.41
C VAL G 83 111.83 -32.34 -78.64
N TRP G 84 112.89 -31.77 -78.06
CA TRP G 84 113.73 -32.50 -77.12
C TRP G 84 114.20 -31.47 -76.09
N SER G 85 113.47 -31.37 -74.99
CA SER G 85 113.83 -30.42 -73.95
C SER G 85 114.91 -31.00 -73.04
N HIS G 86 115.56 -30.10 -72.31
CA HIS G 86 116.55 -30.45 -71.30
C HIS G 86 116.22 -29.65 -70.05
N ASP G 87 116.65 -30.16 -68.90
CA ASP G 87 116.46 -29.45 -67.63
C ASP G 87 117.63 -29.80 -66.72
N VAL G 88 118.65 -28.98 -66.75
CA VAL G 88 119.84 -29.21 -65.96
C VAL G 88 119.76 -28.40 -64.68
N THR G 89 120.05 -29.03 -63.55
CA THR G 89 120.03 -28.38 -62.25
C THR G 89 121.44 -28.41 -61.69
N ILE G 90 122.02 -27.23 -61.48
CA ILE G 90 123.39 -27.08 -61.00
C ILE G 90 123.35 -26.26 -59.72
N VAL G 91 123.87 -26.81 -58.64
CA VAL G 91 124.00 -26.06 -57.39
C VAL G 91 125.27 -25.23 -57.45
N ALA G 92 125.22 -24.06 -56.82
CA ALA G 92 126.19 -23.00 -57.13
C ALA G 92 127.56 -23.25 -56.50
N ASN G 93 127.61 -23.94 -55.36
CA ASN G 93 128.86 -24.20 -54.66
C ASN G 93 129.48 -25.54 -55.04
N SER G 94 129.31 -25.97 -56.29
CA SER G 94 129.75 -27.28 -56.72
C SER G 94 131.26 -27.33 -56.89
N THR G 95 131.75 -28.55 -57.07
CA THR G 95 133.10 -28.79 -57.54
C THR G 95 133.08 -28.74 -59.06
N GLU G 96 134.19 -28.30 -59.67
CA GLU G 96 134.23 -28.24 -61.12
C GLU G 96 134.30 -29.63 -61.73
N ALA G 97 134.85 -30.61 -61.02
CA ALA G 97 134.81 -31.99 -61.50
C ALA G 97 133.43 -32.61 -61.34
N SER G 98 132.58 -32.04 -60.48
CA SER G 98 131.22 -32.53 -60.35
C SER G 98 130.37 -32.11 -61.55
N ARG G 99 130.53 -30.85 -61.98
CA ARG G 99 129.80 -30.36 -63.14
C ARG G 99 130.33 -30.93 -64.45
N LYS G 100 131.61 -31.29 -64.49
CA LYS G 100 132.18 -31.88 -65.69
C LYS G 100 131.75 -33.34 -65.84
N SER G 101 131.64 -34.06 -64.72
CA SER G 101 131.24 -35.46 -64.79
C SER G 101 129.77 -35.60 -65.14
N LEU G 102 128.93 -34.66 -64.69
CA LEU G 102 127.52 -34.67 -65.05
C LEU G 102 127.33 -34.42 -66.54
N TYR G 103 128.17 -33.55 -67.11
CA TYR G 103 128.13 -33.32 -68.55
C TYR G 103 128.68 -34.53 -69.30
N ASP G 104 129.73 -35.15 -68.79
CA ASP G 104 130.36 -36.27 -69.48
C ASP G 104 129.52 -37.55 -69.42
N LEU G 105 128.60 -37.66 -68.46
CA LEU G 105 127.72 -38.82 -68.43
C LEU G 105 126.55 -38.63 -69.37
N THR G 106 126.01 -37.42 -69.46
CA THR G 106 124.88 -37.17 -70.35
C THR G 106 125.32 -37.13 -71.81
N LYS G 107 126.53 -36.64 -72.07
CA LYS G 107 127.08 -36.69 -73.43
C LYS G 107 127.28 -38.13 -73.90
N SER G 108 127.61 -39.03 -72.97
CA SER G 108 127.72 -40.44 -73.31
C SER G 108 126.41 -41.19 -73.19
N LEU G 109 125.42 -40.63 -72.49
CA LEU G 109 124.10 -41.25 -72.44
C LEU G 109 123.39 -41.12 -73.77
N VAL G 110 123.40 -39.91 -74.35
CA VAL G 110 122.73 -39.68 -75.62
C VAL G 110 123.46 -40.39 -76.75
N ALA G 111 124.78 -40.55 -76.64
CA ALA G 111 125.56 -41.15 -77.71
C ALA G 111 125.54 -42.66 -77.72
N THR G 112 124.77 -43.32 -76.86
CA THR G 112 124.74 -44.77 -76.85
C THR G 112 123.67 -45.30 -77.80
N SER G 113 123.75 -46.59 -78.09
CA SER G 113 122.82 -47.23 -79.02
C SER G 113 121.49 -47.61 -78.38
N GLN G 114 121.36 -47.44 -77.06
CA GLN G 114 120.12 -47.81 -76.39
C GLN G 114 119.16 -46.63 -76.29
N VAL G 115 119.68 -45.42 -76.16
CA VAL G 115 118.83 -44.25 -76.17
C VAL G 115 118.43 -43.90 -77.60
N GLU G 116 119.26 -44.28 -78.58
CA GLU G 116 118.92 -44.07 -79.98
C GLU G 116 117.69 -44.90 -80.38
N ASP G 117 117.66 -46.18 -79.98
CA ASP G 117 116.51 -47.01 -80.28
C ASP G 117 115.29 -46.65 -79.44
N LEU G 118 115.47 -45.92 -78.34
CA LEU G 118 114.34 -45.53 -77.51
C LEU G 118 113.52 -44.42 -78.15
N VAL G 119 114.15 -43.54 -78.93
CA VAL G 119 113.42 -42.42 -79.53
C VAL G 119 113.10 -42.73 -80.99
N VAL G 120 113.95 -43.51 -81.65
CA VAL G 120 113.68 -43.82 -83.05
C VAL G 120 112.68 -44.97 -83.18
N ASN G 121 113.01 -46.13 -82.62
CA ASN G 121 112.20 -47.32 -82.78
C ASN G 121 111.40 -47.69 -81.53
N LEU G 122 111.41 -46.82 -80.51
CA LEU G 122 110.62 -46.93 -79.30
C LEU G 122 110.92 -48.19 -78.48
N VAL G 123 112.13 -48.73 -78.61
CA VAL G 123 112.53 -49.91 -77.85
C VAL G 123 112.89 -49.48 -76.43
N PRO G 124 112.44 -50.20 -75.40
CA PRO G 124 112.79 -49.80 -74.03
C PRO G 124 114.26 -50.02 -73.71
N LEU G 125 114.66 -49.51 -72.55
CA LEU G 125 116.06 -49.43 -72.19
C LEU G 125 116.55 -50.72 -71.55
N GLY G 126 117.86 -50.94 -71.64
CA GLY G 126 118.49 -52.07 -71.01
C GLY G 126 118.55 -53.31 -71.89
N ARG G 127 119.75 -53.83 -72.11
CA ARG G 127 119.95 -55.09 -72.81
C ARG G 127 120.80 -55.98 -71.94
N ALA G 128 120.28 -57.17 -71.63
CA ALA G 128 120.96 -58.10 -70.73
C ALA G 128 121.99 -58.90 -71.52
N TYR G 129 123.27 -58.58 -71.34
CA TYR G 129 124.36 -59.31 -71.96
C TYR G 129 125.07 -60.10 -70.86
N GLY G 130 124.54 -61.29 -70.58
CA GLY G 130 125.10 -62.15 -69.56
C GLY G 130 124.94 -61.60 -68.14
N GLY G 131 123.70 -61.49 -67.68
CA GLY G 131 123.46 -60.96 -66.36
C GLY G 131 122.17 -60.18 -66.25
N SER G 132 122.23 -58.98 -65.69
CA SER G 132 121.06 -58.14 -65.55
C SER G 132 120.94 -57.18 -66.74
N LYS G 133 119.82 -56.48 -66.79
CA LYS G 133 119.63 -55.45 -67.81
C LYS G 133 120.48 -54.25 -67.45
N THR G 134 121.48 -53.96 -68.27
CA THR G 134 122.48 -52.96 -67.94
C THR G 134 122.62 -51.93 -69.06
N ILE G 135 123.05 -50.73 -68.67
CA ILE G 135 123.46 -49.69 -69.61
C ILE G 135 124.90 -49.34 -69.28
N VAL G 136 125.75 -49.29 -70.31
CA VAL G 136 127.15 -48.92 -70.13
C VAL G 136 127.32 -47.48 -70.60
N LEU G 137 127.84 -46.63 -69.70
CA LEU G 137 128.07 -45.22 -69.99
C LEU G 137 129.57 -44.97 -69.94
N SER G 138 130.24 -45.18 -71.05
CA SER G 138 131.70 -45.04 -71.10
C SER G 138 132.10 -43.57 -71.15
N VAL G 139 133.09 -43.22 -70.34
CA VAL G 139 133.57 -41.84 -70.23
C VAL G 139 134.99 -41.85 -70.78
N GLY G 140 135.23 -42.69 -71.77
CA GLY G 140 136.57 -42.90 -72.30
C GLY G 140 136.96 -44.35 -72.12
N GLU G 141 137.92 -44.60 -71.23
CA GLU G 141 138.22 -45.96 -70.81
C GLU G 141 137.51 -46.34 -69.51
N ALA G 142 137.02 -45.36 -68.75
CA ALA G 142 136.21 -45.65 -67.58
C ALA G 142 134.78 -45.90 -68.00
N THR G 143 134.26 -47.09 -67.69
CA THR G 143 132.90 -47.48 -68.02
C THR G 143 132.10 -47.60 -66.73
N ARG G 144 130.93 -46.99 -66.70
CA ARG G 144 130.08 -46.98 -65.51
C ARG G 144 128.79 -47.73 -65.86
N THR G 145 128.68 -48.96 -65.37
CA THR G 145 127.60 -49.86 -65.75
C THR G 145 126.44 -49.74 -64.76
N LEU G 146 125.29 -49.30 -65.24
CA LEU G 146 124.11 -49.15 -64.40
C LEU G 146 123.17 -50.32 -64.59
N THR G 147 122.88 -51.03 -63.51
CA THR G 147 122.02 -52.21 -63.53
C THR G 147 120.61 -51.85 -63.12
N GLU G 148 119.63 -52.49 -63.74
CA GLU G 148 118.23 -52.17 -63.53
C GLU G 148 117.76 -52.71 -62.18
N ILE G 149 117.09 -51.86 -61.40
CA ILE G 149 116.64 -52.24 -60.07
C ILE G 149 115.13 -52.37 -59.97
N GLN G 150 114.37 -51.78 -60.90
CA GLN G 150 112.91 -51.78 -60.82
C GLN G 150 112.36 -51.43 -62.19
N SER G 151 111.43 -52.25 -62.68
CA SER G 151 110.75 -52.00 -63.96
C SER G 151 109.25 -52.00 -63.68
N THR G 152 108.71 -50.85 -63.33
CA THR G 152 107.28 -50.70 -63.10
C THR G 152 106.62 -50.53 -64.47
N ALA G 153 105.29 -50.46 -64.53
CA ALA G 153 104.60 -50.31 -65.80
C ALA G 153 104.85 -48.93 -66.41
N ASP G 154 105.16 -47.93 -65.58
CA ASP G 154 105.49 -46.59 -66.05
C ASP G 154 107.00 -46.32 -66.01
N ARG G 155 107.63 -46.49 -64.85
CA ARG G 155 109.03 -46.13 -64.71
C ARG G 155 109.94 -47.30 -65.05
N GLN G 156 111.23 -47.00 -65.18
CA GLN G 156 112.25 -48.02 -65.40
C GLN G 156 113.55 -47.47 -64.82
N ILE G 157 113.84 -47.85 -63.57
CA ILE G 157 114.90 -47.23 -62.79
C ILE G 157 116.17 -48.04 -62.92
N PHE G 158 117.26 -47.37 -63.29
CA PHE G 158 118.59 -47.95 -63.33
C PHE G 158 119.43 -47.32 -62.24
N GLU G 159 120.49 -48.02 -61.83
CA GLU G 159 121.33 -47.55 -60.74
C GLU G 159 122.66 -48.28 -60.79
N GLU G 160 123.74 -47.55 -60.52
CA GLU G 160 125.05 -48.17 -60.38
C GLU G 160 125.12 -48.91 -59.06
N LYS G 161 126.04 -49.88 -59.00
CA LYS G 161 126.09 -50.79 -57.86
C LYS G 161 127.42 -50.79 -57.12
N VAL G 162 128.44 -50.15 -57.63
CA VAL G 162 129.71 -50.08 -56.92
C VAL G 162 129.74 -48.87 -56.01
N GLY G 163 130.36 -49.04 -54.84
CA GLY G 163 130.56 -47.94 -53.92
C GLY G 163 129.63 -48.00 -52.72
N PRO G 164 129.48 -46.87 -52.03
CA PRO G 164 128.54 -46.81 -50.90
C PRO G 164 127.10 -46.87 -51.37
N LEU G 165 126.21 -47.08 -50.41
CA LEU G 165 124.79 -47.22 -50.70
C LEU G 165 124.02 -45.91 -50.59
N VAL G 166 124.64 -44.85 -50.08
CA VAL G 166 123.88 -43.61 -49.86
C VAL G 166 123.80 -42.76 -51.12
N GLY G 167 124.87 -42.71 -51.92
CA GLY G 167 124.84 -41.93 -53.14
C GLY G 167 125.32 -42.71 -54.34
N ARG G 168 124.43 -42.93 -55.31
CA ARG G 168 124.76 -43.67 -56.51
C ARG G 168 124.09 -43.01 -57.71
N LEU G 169 124.54 -43.39 -58.90
CA LEU G 169 123.93 -42.89 -60.12
C LEU G 169 122.52 -43.42 -60.28
N ARG G 170 121.68 -42.64 -60.96
CA ARG G 170 120.29 -43.02 -61.18
C ARG G 170 119.94 -42.75 -62.63
N LEU G 171 118.93 -43.48 -63.12
CA LEU G 171 118.44 -43.26 -64.47
C LEU G 171 116.99 -43.74 -64.47
N THR G 172 116.06 -42.80 -64.38
CA THR G 172 114.64 -43.14 -64.32
C THR G 172 114.02 -42.80 -65.68
N ALA G 173 114.04 -43.77 -66.59
CA ALA G 173 113.39 -43.58 -67.88
C ALA G 173 111.89 -43.78 -67.75
N SER G 174 111.16 -43.30 -68.75
CA SER G 174 109.71 -43.43 -68.76
C SER G 174 109.24 -43.38 -70.22
N LEU G 175 107.95 -43.64 -70.40
CA LEU G 175 107.32 -43.64 -71.71
C LEU G 175 105.82 -43.54 -71.52
N ARG G 176 105.20 -42.53 -72.13
CA ARG G 176 103.78 -42.30 -72.00
C ARG G 176 103.19 -42.05 -73.39
N GLN G 177 101.87 -41.93 -73.43
CA GLN G 177 101.18 -41.37 -74.59
C GLN G 177 99.89 -40.72 -74.10
N ASN G 178 99.84 -39.39 -74.21
CA ASN G 178 98.71 -38.63 -73.70
C ASN G 178 97.82 -38.17 -74.84
N GLY G 179 96.52 -38.21 -74.61
CA GLY G 179 95.55 -37.80 -75.60
C GLY G 179 94.96 -38.98 -76.34
N ALA G 180 94.65 -38.80 -77.62
CA ALA G 180 94.06 -39.87 -78.43
C ALA G 180 95.13 -40.68 -79.16
N LYS G 181 96.11 -41.16 -78.39
CA LYS G 181 97.16 -42.09 -78.84
C LYS G 181 97.97 -41.53 -80.01
N THR G 182 98.19 -40.21 -80.02
CA THR G 182 98.81 -39.56 -81.17
C THR G 182 100.23 -39.08 -80.92
N ALA G 183 100.67 -38.98 -79.67
CA ALA G 183 102.00 -38.46 -79.36
C ALA G 183 102.57 -39.19 -78.17
N TYR G 184 103.84 -39.58 -78.28
CA TYR G 184 104.54 -40.25 -77.19
C TYR G 184 105.27 -39.23 -76.33
N ARG G 185 105.88 -39.71 -75.24
CA ARG G 185 106.61 -38.83 -74.34
C ARG G 185 107.72 -39.64 -73.67
N VAL G 186 108.93 -39.54 -74.22
CA VAL G 186 110.10 -40.16 -73.60
C VAL G 186 110.64 -39.21 -72.54
N ASN G 187 111.07 -39.76 -71.40
CA ASN G 187 111.46 -38.93 -70.27
C ASN G 187 112.61 -39.61 -69.53
N LEU G 188 113.83 -39.20 -69.84
CA LEU G 188 115.01 -39.65 -69.12
C LEU G 188 115.39 -38.65 -68.04
N LYS G 189 116.10 -39.13 -67.02
CA LYS G 189 116.53 -38.29 -65.91
C LYS G 189 117.68 -38.96 -65.21
N LEU G 190 118.82 -38.27 -65.12
CA LEU G 190 120.04 -38.83 -64.54
C LEU G 190 120.43 -38.01 -63.32
N ASP G 191 120.26 -38.59 -62.13
CA ASP G 191 120.69 -37.97 -60.89
C ASP G 191 122.11 -38.38 -60.54
N GLN G 192 122.90 -37.42 -60.08
CA GLN G 192 124.25 -37.68 -59.64
C GLN G 192 124.49 -36.94 -58.33
N ALA G 193 124.62 -37.68 -57.25
CA ALA G 193 124.84 -37.11 -55.93
C ALA G 193 126.32 -37.16 -55.59
N ASP G 194 126.80 -36.13 -54.90
CA ASP G 194 128.20 -36.06 -54.50
C ASP G 194 128.32 -36.57 -53.07
N VAL G 195 128.95 -37.73 -52.90
CA VAL G 195 129.15 -38.34 -51.59
C VAL G 195 130.58 -38.07 -51.15
N VAL G 196 130.75 -37.81 -49.86
CA VAL G 196 132.07 -37.58 -49.27
C VAL G 196 132.09 -38.21 -47.88
N ASP G 197 133.25 -38.75 -47.51
CA ASP G 197 133.45 -39.27 -46.17
C ASP G 197 134.65 -38.62 -45.51
N CYS G 198 134.50 -38.30 -44.23
CA CYS G 198 135.56 -37.66 -43.46
C CYS G 198 136.08 -38.58 -42.36
N SER G 199 136.02 -39.89 -42.60
CA SER G 199 136.46 -40.86 -41.60
C SER G 199 137.96 -40.85 -41.38
N THR G 200 138.74 -40.38 -42.37
CA THR G 200 140.16 -40.18 -42.14
C THR G 200 140.43 -38.90 -41.38
N SER G 201 139.43 -38.01 -41.29
CA SER G 201 139.57 -36.75 -40.58
C SER G 201 138.90 -36.79 -39.21
N VAL G 202 137.60 -37.08 -39.16
CA VAL G 202 136.85 -37.18 -37.91
C VAL G 202 136.34 -38.61 -37.77
N CYS G 203 136.55 -39.20 -36.59
CA CYS G 203 136.15 -40.58 -36.36
C CYS G 203 134.64 -40.73 -36.27
N GLY G 204 134.18 -41.94 -36.59
CA GLY G 204 132.79 -42.30 -36.45
C GLY G 204 131.85 -41.63 -37.42
N GLU G 205 132.37 -41.11 -38.52
CA GLU G 205 131.55 -40.42 -39.52
C GLU G 205 131.43 -41.31 -40.75
N LEU G 206 130.20 -41.68 -41.08
CA LEU G 206 129.89 -42.48 -42.24
C LEU G 206 129.66 -41.59 -43.45
N PRO G 207 129.78 -42.13 -44.67
CA PRO G 207 129.57 -41.28 -45.86
C PRO G 207 128.16 -40.73 -45.97
N LYS G 208 128.07 -39.55 -46.58
CA LYS G 208 126.81 -38.85 -46.75
C LYS G 208 126.89 -38.00 -48.02
N VAL G 209 125.73 -37.61 -48.52
CA VAL G 209 125.64 -36.83 -49.76
C VAL G 209 125.65 -35.35 -49.42
N ARG G 210 126.22 -34.55 -50.32
CA ARG G 210 126.20 -33.11 -50.17
C ARG G 210 125.03 -32.48 -50.94
N TYR G 211 125.03 -32.68 -52.26
CA TYR G 211 124.03 -32.11 -53.15
C TYR G 211 123.72 -33.13 -54.25
N THR G 212 122.73 -32.82 -55.06
CA THR G 212 122.42 -33.63 -56.24
C THR G 212 122.31 -32.71 -57.45
N GLN G 213 122.71 -33.22 -58.61
CA GLN G 213 122.63 -32.48 -59.85
C GLN G 213 121.92 -33.31 -60.90
N VAL G 214 120.92 -32.72 -61.54
CA VAL G 214 120.00 -33.44 -62.41
C VAL G 214 120.26 -33.00 -63.85
N TRP G 215 120.08 -33.95 -64.78
CA TRP G 215 119.99 -33.63 -66.20
C TRP G 215 118.83 -34.45 -66.76
N SER G 216 117.65 -33.85 -66.77
CA SER G 216 116.47 -34.50 -67.31
C SER G 216 116.37 -34.30 -68.80
N HIS G 217 115.50 -35.09 -69.44
CA HIS G 217 115.14 -34.93 -70.84
C HIS G 217 113.65 -35.11 -70.97
N ASP G 218 113.08 -34.53 -72.03
CA ASP G 218 111.64 -34.66 -72.28
C ASP G 218 111.44 -34.61 -73.78
N VAL G 219 111.37 -35.78 -74.40
CA VAL G 219 111.26 -35.91 -75.84
C VAL G 219 109.78 -36.08 -76.19
N THR G 220 109.31 -35.32 -77.17
CA THR G 220 107.94 -35.42 -77.65
C THR G 220 107.97 -35.96 -79.07
N ILE G 221 107.34 -37.11 -79.29
CA ILE G 221 107.35 -37.78 -80.59
C ILE G 221 105.90 -38.09 -80.95
N VAL G 222 105.47 -37.60 -82.10
CA VAL G 222 104.13 -37.90 -82.59
C VAL G 222 104.13 -39.29 -83.21
N ALA G 223 102.97 -39.95 -83.18
CA ALA G 223 102.91 -41.38 -83.46
C ALA G 223 103.06 -41.69 -84.95
N ASN G 224 102.56 -40.80 -85.82
CA ASN G 224 102.60 -41.02 -87.26
C ASN G 224 103.81 -40.38 -87.93
N SER G 225 104.94 -40.34 -87.25
CA SER G 225 106.14 -39.67 -87.73
C SER G 225 106.78 -40.44 -88.87
N THR G 226 107.74 -39.78 -89.52
CA THR G 226 108.66 -40.43 -90.43
C THR G 226 109.83 -40.94 -89.61
N GLU G 227 110.46 -42.03 -90.06
CA GLU G 227 111.62 -42.54 -89.34
C GLU G 227 112.80 -41.57 -89.42
N ALA G 228 113.02 -40.96 -90.58
CA ALA G 228 114.08 -39.97 -90.71
C ALA G 228 113.74 -38.65 -90.02
N SER G 229 112.48 -38.46 -89.62
CA SER G 229 112.13 -37.31 -88.80
C SER G 229 112.50 -37.53 -87.35
N ARG G 230 112.36 -38.77 -86.86
CA ARG G 230 112.80 -39.09 -85.51
C ARG G 230 114.30 -39.30 -85.44
N LYS G 231 114.91 -39.77 -86.53
CA LYS G 231 116.34 -40.03 -86.53
C LYS G 231 117.13 -38.71 -86.58
N SER G 232 116.61 -37.72 -87.31
CA SER G 232 117.32 -36.45 -87.41
C SER G 232 117.14 -35.62 -86.14
N LEU G 233 116.03 -35.78 -85.43
CA LEU G 233 115.86 -35.10 -84.15
C LEU G 233 116.82 -35.63 -83.11
N TYR G 234 117.04 -36.94 -83.08
CA TYR G 234 118.02 -37.53 -82.16
C TYR G 234 119.44 -37.13 -82.55
N ASP G 235 119.75 -37.15 -83.84
CA ASP G 235 121.11 -36.90 -84.29
C ASP G 235 121.48 -35.43 -84.20
N LEU G 236 120.50 -34.54 -84.15
CA LEU G 236 120.80 -33.13 -83.86
C LEU G 236 121.04 -32.90 -82.37
N THR G 237 120.27 -33.58 -81.52
CA THR G 237 120.46 -33.45 -80.08
C THR G 237 121.76 -34.09 -79.63
N LYS G 238 122.13 -35.20 -80.25
CA LYS G 238 123.42 -35.83 -79.97
C LYS G 238 124.58 -34.93 -80.38
N SER G 239 124.41 -34.20 -81.48
CA SER G 239 125.41 -33.24 -81.90
C SER G 239 125.33 -31.92 -81.17
N LEU G 240 124.25 -31.68 -80.43
CA LEU G 240 124.14 -30.45 -79.67
C LEU G 240 124.83 -30.57 -78.33
N VAL G 241 124.65 -31.70 -77.64
CA VAL G 241 125.29 -31.95 -76.36
C VAL G 241 126.81 -32.07 -76.53
N ALA G 242 127.26 -32.58 -77.68
CA ALA G 242 128.68 -32.78 -77.90
C ALA G 242 129.42 -31.50 -78.31
N THR G 243 128.75 -30.35 -78.35
CA THR G 243 129.43 -29.12 -78.72
C THR G 243 130.22 -28.56 -77.54
N SER G 244 131.03 -27.55 -77.83
CA SER G 244 131.83 -26.91 -76.80
C SER G 244 131.10 -25.77 -76.11
N GLN G 245 129.92 -25.40 -76.60
CA GLN G 245 129.19 -24.29 -76.00
C GLN G 245 128.22 -24.78 -74.93
N VAL G 246 127.63 -25.95 -75.11
CA VAL G 246 126.79 -26.54 -74.08
C VAL G 246 127.65 -27.15 -72.97
N GLU G 247 128.92 -27.40 -73.25
CA GLU G 247 129.85 -27.77 -72.19
C GLU G 247 130.07 -26.61 -71.24
N ASP G 248 130.41 -25.43 -71.78
CA ASP G 248 130.62 -24.25 -70.96
C ASP G 248 129.33 -23.68 -70.39
N LEU G 249 128.18 -24.03 -70.97
CA LEU G 249 126.91 -23.62 -70.38
C LEU G 249 126.63 -24.36 -69.08
N VAL G 250 127.09 -25.60 -68.98
CA VAL G 250 126.89 -26.38 -67.77
C VAL G 250 128.05 -26.20 -66.80
N VAL G 251 129.28 -26.23 -67.28
CA VAL G 251 130.44 -26.14 -66.41
C VAL G 251 130.65 -24.71 -65.91
N ASN G 252 130.72 -23.74 -66.83
CA ASN G 252 131.08 -22.38 -66.47
C ASN G 252 129.93 -21.38 -66.64
N LEU G 253 128.73 -21.84 -66.98
CA LEU G 253 127.51 -21.03 -67.10
C LEU G 253 127.62 -19.91 -68.13
N VAL G 254 128.43 -20.11 -69.17
CA VAL G 254 128.50 -19.18 -70.28
C VAL G 254 127.30 -19.39 -71.17
N PRO G 255 126.52 -18.35 -71.49
CA PRO G 255 125.39 -18.51 -72.42
C PRO G 255 125.85 -18.87 -73.83
N LEU G 256 124.91 -19.39 -74.61
CA LEU G 256 125.22 -19.97 -75.90
C LEU G 256 125.47 -18.89 -76.95
N GLY G 257 126.09 -19.31 -78.05
CA GLY G 257 126.31 -18.43 -79.18
C GLY G 257 127.64 -17.71 -79.15
N ARG G 258 128.46 -17.93 -80.16
CA ARG G 258 129.72 -17.20 -80.31
C ARG G 258 129.82 -16.59 -81.70
N SER H 1 81.86 -90.19 -92.79
CA SER H 1 81.30 -88.89 -93.11
C SER H 1 82.39 -87.90 -93.50
N LYS H 2 82.40 -86.73 -92.87
CA LYS H 2 83.40 -85.70 -93.12
C LYS H 2 84.44 -85.73 -92.02
N THR H 3 85.70 -85.81 -92.39
CA THR H 3 86.78 -86.07 -91.45
C THR H 3 87.84 -84.98 -91.47
N ILE H 4 88.49 -84.79 -90.32
CA ILE H 4 89.71 -84.02 -90.19
C ILE H 4 90.79 -84.97 -89.68
N VAL H 5 91.97 -84.91 -90.27
CA VAL H 5 93.08 -85.79 -89.90
C VAL H 5 94.16 -84.95 -89.22
N LEU H 6 94.43 -85.26 -87.96
CA LEU H 6 95.43 -84.55 -87.16
C LEU H 6 96.63 -85.47 -86.98
N SER H 7 97.67 -85.25 -87.78
CA SER H 7 98.88 -86.06 -87.68
C SER H 7 99.75 -85.57 -86.54
N VAL H 8 100.08 -86.46 -85.61
CA VAL H 8 100.78 -86.12 -84.38
C VAL H 8 102.15 -86.78 -84.51
N GLY H 9 102.65 -86.85 -85.73
CA GLY H 9 103.89 -87.55 -86.01
C GLY H 9 103.65 -88.63 -87.04
N GLU H 10 103.72 -89.89 -86.63
CA GLU H 10 103.25 -90.98 -87.45
C GLU H 10 101.85 -91.45 -87.06
N ALA H 11 101.40 -91.13 -85.86
CA ALA H 11 100.04 -91.46 -85.44
C ALA H 11 99.08 -90.40 -85.95
N THR H 12 98.06 -90.83 -86.70
CA THR H 12 97.04 -89.95 -87.22
C THR H 12 95.74 -90.20 -86.46
N ARG H 13 95.14 -89.13 -85.95
CA ARG H 13 93.92 -89.22 -85.15
C ARG H 13 92.80 -88.56 -85.95
N THR H 14 91.88 -89.38 -86.48
CA THR H 14 90.84 -88.92 -87.39
C THR H 14 89.56 -88.64 -86.63
N LEU H 15 89.12 -87.38 -86.64
CA LEU H 15 87.85 -86.99 -86.06
C LEU H 15 86.76 -87.01 -87.12
N THR H 16 85.62 -87.59 -86.78
CA THR H 16 84.48 -87.65 -87.69
C THR H 16 83.39 -86.74 -87.17
N GLU H 17 82.55 -86.28 -88.09
CA GLU H 17 81.56 -85.26 -87.78
C GLU H 17 80.31 -85.88 -87.18
N ILE H 18 79.84 -85.33 -86.06
CA ILE H 18 78.64 -85.80 -85.40
C ILE H 18 77.53 -84.76 -85.37
N GLN H 19 77.75 -83.56 -85.90
CA GLN H 19 76.73 -82.53 -85.90
C GLN H 19 77.04 -81.54 -87.01
N SER H 20 75.99 -81.05 -87.68
CA SER H 20 76.13 -80.03 -88.70
C SER H 20 74.91 -79.12 -88.60
N THR H 21 75.05 -78.03 -87.87
CA THR H 21 73.99 -77.04 -87.75
C THR H 21 74.26 -75.99 -88.85
N ALA H 22 73.58 -74.85 -88.82
CA ALA H 22 73.84 -73.80 -89.79
C ALA H 22 75.21 -73.17 -89.58
N ASP H 23 75.63 -73.03 -88.32
CA ASP H 23 76.95 -72.51 -88.00
C ASP H 23 77.82 -73.50 -87.23
N ARG H 24 77.29 -74.11 -86.17
CA ARG H 24 78.08 -75.03 -85.36
C ARG H 24 78.33 -76.34 -86.10
N GLN H 25 79.47 -76.96 -85.80
CA GLN H 25 79.91 -78.13 -86.56
C GLN H 25 80.82 -78.94 -85.65
N ILE H 26 80.29 -80.01 -85.06
CA ILE H 26 80.97 -80.75 -84.01
C ILE H 26 81.62 -81.99 -84.60
N PHE H 27 82.89 -82.19 -84.30
CA PHE H 27 83.64 -83.37 -84.69
C PHE H 27 83.99 -84.17 -83.43
N GLU H 28 84.28 -85.45 -83.63
CA GLU H 28 84.58 -86.34 -82.51
C GLU H 28 85.33 -87.55 -83.04
N GLU H 29 86.31 -88.01 -82.28
CA GLU H 29 87.03 -89.24 -82.60
C GLU H 29 86.21 -90.43 -82.17
N LYS H 30 86.31 -91.52 -82.93
CA LYS H 30 85.48 -92.70 -82.70
C LYS H 30 86.25 -93.87 -82.11
N VAL H 31 87.54 -93.73 -81.86
CA VAL H 31 88.33 -94.83 -81.30
C VAL H 31 88.35 -94.73 -79.78
N GLY H 32 87.99 -95.82 -79.12
CA GLY H 32 88.10 -95.92 -77.68
C GLY H 32 86.76 -96.05 -76.98
N PRO H 33 86.74 -95.76 -75.68
CA PRO H 33 85.47 -95.80 -74.93
C PRO H 33 84.51 -94.68 -75.34
N LEU H 34 83.26 -94.79 -74.93
CA LEU H 34 82.21 -93.89 -75.40
C LEU H 34 82.02 -92.67 -74.53
N VAL H 35 82.68 -92.60 -73.37
CA VAL H 35 82.40 -91.53 -72.42
C VAL H 35 83.39 -90.37 -72.56
N GLY H 36 84.66 -90.65 -72.86
CA GLY H 36 85.62 -89.58 -73.04
C GLY H 36 86.34 -89.65 -74.37
N ARG H 37 86.10 -88.68 -75.25
CA ARG H 37 86.69 -88.66 -76.57
C ARG H 37 87.08 -87.22 -76.90
N LEU H 38 87.82 -87.05 -78.00
CA LEU H 38 88.14 -85.72 -78.49
C LEU H 38 86.90 -85.02 -79.02
N ARG H 39 87.00 -83.71 -79.15
CA ARG H 39 85.88 -82.88 -79.55
C ARG H 39 86.43 -81.66 -80.24
N LEU H 40 85.73 -81.19 -81.26
CA LEU H 40 86.17 -80.02 -82.02
C LEU H 40 84.92 -79.27 -82.43
N THR H 41 84.58 -78.23 -81.69
CA THR H 41 83.36 -77.47 -81.91
C THR H 41 83.71 -76.26 -82.78
N ALA H 42 83.70 -76.47 -84.09
CA ALA H 42 83.95 -75.38 -85.02
C ALA H 42 82.71 -74.51 -85.17
N SER H 43 82.93 -73.29 -85.65
CA SER H 43 81.84 -72.33 -85.80
C SER H 43 82.27 -71.27 -86.81
N LEU H 44 81.30 -70.46 -87.24
CA LEU H 44 81.52 -69.33 -88.12
C LEU H 44 80.32 -68.42 -88.01
N ARG H 45 80.56 -67.11 -88.04
CA ARG H 45 79.51 -66.12 -87.88
C ARG H 45 79.84 -64.90 -88.72
N GLN H 46 78.92 -63.94 -88.74
CA GLN H 46 79.21 -62.58 -89.18
C GLN H 46 78.31 -61.63 -88.39
N ASN H 47 78.86 -61.09 -87.31
CA ASN H 47 78.08 -60.29 -86.39
C ASN H 47 78.10 -58.83 -86.79
N GLY H 48 77.00 -58.12 -86.52
CA GLY H 48 76.90 -56.72 -86.81
C GLY H 48 76.34 -56.43 -88.18
N ALA H 49 76.86 -55.41 -88.85
CA ALA H 49 76.38 -55.02 -90.17
C ALA H 49 77.19 -55.69 -91.28
N LYS H 50 77.30 -57.03 -91.17
CA LYS H 50 77.82 -57.92 -92.20
C LYS H 50 79.26 -57.59 -92.60
N THR H 51 80.05 -57.04 -91.69
CA THR H 51 81.37 -56.53 -92.03
C THR H 51 82.53 -57.34 -91.47
N ALA H 52 82.30 -58.16 -90.45
CA ALA H 52 83.38 -58.91 -89.82
C ALA H 52 82.90 -60.30 -89.50
N TYR H 53 83.70 -61.30 -89.86
CA TYR H 53 83.42 -62.69 -89.55
C TYR H 53 84.02 -63.05 -88.19
N ARG H 54 83.72 -64.27 -87.73
CA ARG H 54 84.23 -64.72 -86.43
C ARG H 54 84.35 -66.24 -86.47
N VAL H 55 85.55 -66.72 -86.67
CA VAL H 55 85.85 -68.14 -86.55
C VAL H 55 86.04 -68.48 -85.08
N ASN H 56 85.58 -69.66 -84.67
CA ASN H 56 85.60 -70.01 -83.25
C ASN H 56 85.77 -71.52 -83.14
N LEU H 57 86.99 -71.97 -82.92
CA LEU H 57 87.29 -73.37 -82.68
C LEU H 57 87.39 -73.64 -81.19
N LYS H 58 87.26 -74.92 -80.82
CA LYS H 58 87.34 -75.33 -79.43
C LYS H 58 87.70 -76.82 -79.40
N LEU H 59 88.93 -77.12 -79.02
CA LEU H 59 89.43 -78.49 -79.00
C LEU H 59 89.45 -78.99 -77.55
N ASP H 60 88.41 -79.72 -77.16
CA ASP H 60 88.39 -80.32 -75.84
C ASP H 60 89.18 -81.63 -75.83
N GLN H 61 89.63 -82.01 -74.64
CA GLN H 61 90.30 -83.29 -74.47
C GLN H 61 90.07 -83.75 -73.04
N ALA H 62 89.37 -84.87 -72.88
CA ALA H 62 89.07 -85.43 -71.58
C ALA H 62 90.01 -86.59 -71.29
N ASP H 63 90.46 -86.69 -70.04
CA ASP H 63 91.34 -87.77 -69.63
C ASP H 63 90.49 -88.82 -68.92
N VAL H 64 90.13 -89.86 -69.64
CA VAL H 64 89.30 -90.93 -69.12
C VAL H 64 90.19 -92.00 -68.51
N VAL H 65 89.70 -92.63 -67.44
CA VAL H 65 90.41 -93.71 -66.77
C VAL H 65 89.39 -94.77 -66.37
N ASP H 66 89.74 -96.04 -66.58
CA ASP H 66 88.94 -97.17 -66.12
C ASP H 66 89.84 -98.14 -65.37
N CYS H 67 89.43 -98.51 -64.17
CA CYS H 67 90.15 -99.46 -63.33
C CYS H 67 89.20 -100.50 -62.76
N SER H 68 88.43 -101.12 -63.65
CA SER H 68 87.65 -102.30 -63.26
C SER H 68 88.53 -103.49 -62.92
N THR H 69 89.79 -103.49 -63.34
CA THR H 69 90.74 -104.51 -62.92
C THR H 69 91.03 -104.43 -61.43
N SER H 70 91.25 -103.21 -60.93
CA SER H 70 91.56 -103.05 -59.51
C SER H 70 90.31 -103.05 -58.66
N VAL H 71 89.43 -102.07 -58.87
CA VAL H 71 88.18 -101.97 -58.14
C VAL H 71 87.13 -102.80 -58.88
N CYS H 72 86.62 -103.84 -58.23
CA CYS H 72 85.65 -104.72 -58.87
C CYS H 72 84.27 -104.07 -58.86
N GLY H 73 83.80 -103.66 -60.03
CA GLY H 73 82.47 -103.12 -60.17
C GLY H 73 82.37 -101.66 -60.55
N GLU H 74 83.43 -101.07 -61.11
CA GLU H 74 83.40 -99.68 -61.53
C GLU H 74 83.53 -99.57 -63.04
N LEU H 75 83.15 -98.41 -63.57
CA LEU H 75 83.02 -98.16 -64.99
C LEU H 75 83.99 -97.06 -65.41
N PRO H 76 84.26 -96.87 -66.70
CA PRO H 76 85.10 -95.74 -67.12
C PRO H 76 84.48 -94.39 -66.81
N LYS H 77 85.35 -93.42 -66.54
CA LYS H 77 84.95 -92.13 -66.01
C LYS H 77 86.05 -91.14 -66.33
N VAL H 78 85.67 -89.89 -66.59
CA VAL H 78 86.63 -88.84 -66.94
C VAL H 78 87.03 -88.09 -65.68
N ARG H 79 88.32 -87.79 -65.55
CA ARG H 79 88.78 -86.99 -64.42
C ARG H 79 88.60 -85.50 -64.69
N TYR H 80 89.26 -85.00 -65.74
CA TYR H 80 89.28 -83.58 -66.04
C TYR H 80 89.20 -83.39 -67.55
N THR H 81 89.00 -82.13 -67.95
CA THR H 81 89.01 -81.73 -69.35
C THR H 81 89.93 -80.55 -69.53
N GLN H 82 90.71 -80.56 -70.61
CA GLN H 82 91.62 -79.48 -70.95
C GLN H 82 91.31 -79.02 -72.37
N VAL H 83 90.96 -77.74 -72.52
CA VAL H 83 90.51 -77.21 -73.80
C VAL H 83 91.56 -76.29 -74.38
N TRP H 84 91.40 -75.96 -75.67
CA TRP H 84 92.23 -74.97 -76.34
C TRP H 84 91.34 -74.31 -77.38
N SER H 85 90.78 -73.15 -77.02
CA SER H 85 89.89 -72.46 -77.93
C SER H 85 90.67 -71.51 -78.83
N HIS H 86 89.99 -71.05 -79.89
CA HIS H 86 90.50 -70.01 -80.77
C HIS H 86 89.38 -69.04 -81.04
N ASP H 87 89.72 -67.78 -81.27
CA ASP H 87 88.72 -66.76 -81.59
C ASP H 87 89.34 -65.83 -82.63
N VAL H 88 89.11 -66.14 -83.89
CA VAL H 88 89.67 -65.39 -85.01
C VAL H 88 88.65 -64.36 -85.45
N THR H 89 89.11 -63.13 -85.72
CA THR H 89 88.26 -62.07 -86.23
C THR H 89 88.78 -61.64 -87.59
N ILE H 90 87.95 -61.79 -88.62
CA ILE H 90 88.31 -61.47 -89.98
C ILE H 90 87.32 -60.44 -90.51
N VAL H 91 87.82 -59.29 -90.95
CA VAL H 91 86.97 -58.30 -91.57
C VAL H 91 86.77 -58.64 -93.04
N ALA H 92 85.58 -58.31 -93.55
CA ALA H 92 85.12 -58.91 -94.80
C ALA H 92 85.82 -58.34 -96.03
N ASN H 93 86.26 -57.08 -95.97
CA ASN H 93 86.92 -56.45 -97.11
C ASN H 93 88.44 -56.54 -97.04
N SER H 94 88.97 -57.61 -96.48
CA SER H 94 90.40 -57.74 -96.28
C SER H 94 91.12 -58.06 -97.59
N THR H 95 92.43 -57.93 -97.54
CA THR H 95 93.31 -58.44 -98.58
C THR H 95 93.60 -59.91 -98.27
N GLU H 96 93.67 -60.74 -99.31
CA GLU H 96 93.94 -62.15 -99.10
C GLU H 96 95.35 -62.39 -98.57
N ALA H 97 96.29 -61.50 -98.87
CA ALA H 97 97.63 -61.61 -98.31
C ALA H 97 97.67 -61.21 -96.84
N SER H 98 96.66 -60.47 -96.36
CA SER H 98 96.62 -60.14 -94.94
C SER H 98 95.99 -61.26 -94.14
N ARG H 99 95.01 -61.96 -94.74
CA ARG H 99 94.44 -63.15 -94.11
C ARG H 99 95.40 -64.31 -94.10
N LYS H 100 96.27 -64.41 -95.11
CA LYS H 100 97.25 -65.48 -95.14
C LYS H 100 98.39 -65.21 -94.16
N SER H 101 98.75 -63.94 -93.97
CA SER H 101 99.82 -63.61 -93.04
C SER H 101 99.38 -63.81 -91.60
N LEU H 102 98.11 -63.56 -91.30
CA LEU H 102 97.60 -63.81 -89.95
C LEU H 102 97.59 -65.30 -89.64
N TYR H 103 97.35 -66.13 -90.65
CA TYR H 103 97.40 -67.57 -90.46
C TYR H 103 98.84 -68.05 -90.33
N ASP H 104 99.75 -67.50 -91.13
CA ASP H 104 101.14 -67.94 -91.10
C ASP H 104 101.88 -67.50 -89.84
N LEU H 105 101.41 -66.44 -89.18
CA LEU H 105 102.04 -66.04 -87.93
C LEU H 105 101.56 -66.88 -86.77
N THR H 106 100.26 -67.23 -86.76
CA THR H 106 99.73 -68.04 -85.66
C THR H 106 100.14 -69.50 -85.81
N LYS H 107 100.30 -69.98 -87.04
CA LYS H 107 100.82 -71.33 -87.26
C LYS H 107 102.26 -71.44 -86.78
N SER H 108 103.02 -70.35 -86.89
CA SER H 108 104.38 -70.32 -86.37
C SER H 108 104.47 -69.89 -84.93
N LEU H 109 103.42 -69.27 -84.39
CA LEU H 109 103.39 -68.98 -82.96
C LEU H 109 103.25 -70.27 -82.15
N VAL H 110 102.32 -71.13 -82.54
CA VAL H 110 102.08 -72.36 -81.81
C VAL H 110 103.25 -73.33 -81.99
N ALA H 111 103.93 -73.27 -83.12
CA ALA H 111 105.00 -74.21 -83.41
C ALA H 111 106.34 -73.84 -82.78
N THR H 112 106.41 -72.80 -81.95
CA THR H 112 107.69 -72.45 -81.35
C THR H 112 107.86 -73.12 -80.00
N SER H 113 109.09 -73.11 -79.50
CA SER H 113 109.42 -73.76 -78.24
C SER H 113 109.08 -72.92 -77.02
N GLN H 114 108.62 -71.68 -77.20
CA GLN H 114 108.26 -70.85 -76.06
C GLN H 114 106.79 -70.99 -75.69
N VAL H 115 105.93 -71.28 -76.67
CA VAL H 115 104.53 -71.53 -76.37
C VAL H 115 104.34 -72.97 -75.92
N GLU H 116 105.22 -73.88 -76.36
CA GLU H 116 105.18 -75.26 -75.91
C GLU H 116 105.47 -75.36 -74.42
N ASP H 117 106.50 -74.66 -73.94
CA ASP H 117 106.79 -74.66 -72.51
C ASP H 117 105.81 -73.83 -71.71
N LEU H 118 105.04 -72.97 -72.37
CA LEU H 118 104.05 -72.15 -71.65
C LEU H 118 102.83 -72.96 -71.25
N VAL H 119 102.46 -73.97 -72.04
CA VAL H 119 101.27 -74.75 -71.74
C VAL H 119 101.64 -76.08 -71.09
N VAL H 120 102.88 -76.54 -71.31
CA VAL H 120 103.29 -77.79 -70.69
C VAL H 120 103.90 -77.53 -69.32
N ASN H 121 104.93 -76.71 -69.25
CA ASN H 121 105.68 -76.50 -68.00
C ASN H 121 105.43 -75.12 -67.39
N LEU H 122 104.49 -74.35 -67.94
CA LEU H 122 104.00 -73.08 -67.41
C LEU H 122 105.10 -72.00 -67.35
N VAL H 123 106.13 -72.12 -68.17
CA VAL H 123 107.20 -71.13 -68.22
C VAL H 123 106.70 -69.91 -69.00
N PRO H 124 106.91 -68.70 -68.51
CA PRO H 124 106.42 -67.51 -69.24
C PRO H 124 107.20 -67.27 -70.52
N LEU H 125 106.68 -66.32 -71.31
CA LEU H 125 107.18 -66.09 -72.65
C LEU H 125 108.40 -65.17 -72.64
N GLY H 126 109.25 -65.33 -73.66
CA GLY H 126 110.38 -64.45 -73.84
C GLY H 126 111.68 -65.02 -73.30
N ARG H 127 112.69 -65.12 -74.16
CA ARG H 127 114.01 -65.57 -73.77
C ARG H 127 115.03 -64.57 -74.30
N ALA H 128 115.81 -63.98 -73.41
CA ALA H 128 116.75 -62.93 -73.77
C ALA H 128 118.02 -63.57 -74.31
N TYR H 129 118.22 -63.52 -75.62
CA TYR H 129 119.44 -63.99 -76.26
C TYR H 129 120.18 -62.77 -76.78
N GLY H 130 120.98 -62.16 -75.90
CA GLY H 130 121.74 -60.97 -76.25
C GLY H 130 120.88 -59.76 -76.55
N GLY H 131 120.17 -59.26 -75.54
CA GLY H 131 119.31 -58.11 -75.73
C GLY H 131 118.05 -58.16 -74.89
N SER H 132 116.91 -57.88 -75.51
CA SER H 132 115.64 -57.89 -74.81
C SER H 132 115.03 -59.29 -74.82
N LYS H 133 113.89 -59.43 -74.16
CA LYS H 133 113.13 -60.67 -74.21
C LYS H 133 112.37 -60.73 -75.52
N THR H 134 112.80 -61.60 -76.43
CA THR H 134 112.28 -61.64 -77.78
C THR H 134 111.58 -62.96 -78.07
N ILE H 135 110.66 -62.91 -79.03
CA ILE H 135 110.05 -64.09 -79.63
C ILE H 135 110.33 -64.01 -81.13
N VAL H 136 110.71 -65.13 -81.73
CA VAL H 136 110.99 -65.19 -83.16
C VAL H 136 109.91 -66.02 -83.83
N LEU H 137 109.24 -65.43 -84.82
CA LEU H 137 108.17 -66.09 -85.57
C LEU H 137 108.62 -66.23 -87.02
N SER H 138 109.25 -67.36 -87.33
CA SER H 138 109.71 -67.61 -88.69
C SER H 138 108.54 -67.94 -89.61
N VAL H 139 108.50 -67.29 -90.76
CA VAL H 139 107.43 -67.46 -91.73
C VAL H 139 108.11 -68.09 -92.93
N GLY H 140 109.09 -68.93 -92.66
CA GLY H 140 109.94 -69.49 -93.70
C GLY H 140 111.36 -68.98 -93.55
N GLU H 141 111.77 -68.09 -94.44
CA GLU H 141 113.04 -67.39 -94.27
C GLU H 141 112.89 -66.02 -93.63
N ALA H 142 111.71 -65.42 -93.72
CA ALA H 142 111.45 -64.15 -93.05
C ALA H 142 111.17 -64.40 -91.58
N THR H 143 111.95 -63.75 -90.71
CA THR H 143 111.77 -63.86 -89.27
C THR H 143 111.29 -62.52 -88.74
N ARG H 144 110.24 -62.54 -87.92
CA ARG H 144 109.66 -61.33 -87.36
C ARG H 144 109.84 -61.38 -85.85
N THR H 145 110.78 -60.57 -85.35
CA THR H 145 111.19 -60.63 -83.95
C THR H 145 110.37 -59.63 -83.13
N LEU H 146 109.65 -60.14 -82.13
CA LEU H 146 108.85 -59.30 -81.26
C LEU H 146 109.53 -59.13 -79.91
N THR H 147 109.82 -57.88 -79.55
CA THR H 147 110.48 -57.57 -78.29
C THR H 147 109.45 -57.15 -77.25
N GLU H 148 109.75 -57.47 -75.99
CA GLU H 148 108.82 -57.23 -74.89
C GLU H 148 108.80 -55.76 -74.52
N ILE H 149 107.60 -55.19 -74.38
CA ILE H 149 107.45 -53.79 -74.05
C ILE H 149 106.86 -53.56 -72.66
N GLN H 150 106.21 -54.55 -72.06
CA GLN H 150 105.51 -54.36 -70.79
C GLN H 150 105.22 -55.72 -70.19
N SER H 151 105.55 -55.89 -68.92
CA SER H 151 105.28 -57.13 -68.18
C SER H 151 104.80 -56.75 -66.79
N THR H 152 103.48 -56.62 -66.63
CA THR H 152 102.89 -56.39 -65.32
C THR H 152 102.68 -57.72 -64.61
N ALA H 153 101.89 -57.71 -63.54
CA ALA H 153 101.62 -58.94 -62.80
C ALA H 153 100.76 -59.91 -63.60
N ASP H 154 99.88 -59.39 -64.46
CA ASP H 154 99.00 -60.23 -65.25
C ASP H 154 99.42 -60.31 -66.72
N ARG H 155 99.55 -59.16 -67.39
CA ARG H 155 99.80 -59.18 -68.82
C ARG H 155 101.29 -59.27 -69.13
N GLN H 156 101.59 -59.59 -70.38
CA GLN H 156 102.97 -59.63 -70.87
C GLN H 156 102.92 -59.31 -72.36
N ILE H 157 103.12 -58.05 -72.71
CA ILE H 157 102.85 -57.55 -74.05
C ILE H 157 104.14 -57.54 -74.85
N PHE H 158 104.11 -58.17 -76.02
CA PHE H 158 105.21 -58.14 -76.97
C PHE H 158 104.78 -57.32 -78.18
N GLU H 159 105.75 -56.82 -78.93
CA GLU H 159 105.47 -55.93 -80.05
C GLU H 159 106.69 -55.88 -80.95
N GLU H 160 106.46 -55.88 -82.26
CA GLU H 160 107.54 -55.70 -83.22
C GLU H 160 107.98 -54.24 -83.21
N LYS H 161 109.23 -54.02 -83.64
CA LYS H 161 109.82 -52.69 -83.52
C LYS H 161 110.20 -52.06 -84.85
N VAL H 162 110.18 -52.80 -85.94
CA VAL H 162 110.50 -52.22 -87.25
C VAL H 162 109.25 -51.56 -87.82
N GLY H 163 109.45 -50.69 -88.81
CA GLY H 163 108.36 -50.06 -89.50
C GLY H 163 107.84 -48.83 -88.78
N PRO H 164 106.66 -48.35 -89.18
CA PRO H 164 106.07 -47.18 -88.52
C PRO H 164 105.59 -47.51 -87.12
N LEU H 165 105.29 -46.45 -86.38
CA LEU H 165 104.85 -46.58 -84.99
C LEU H 165 103.36 -46.75 -84.84
N VAL H 166 102.59 -46.58 -85.92
CA VAL H 166 101.13 -46.54 -85.78
C VAL H 166 100.53 -47.94 -85.88
N GLY H 167 101.09 -48.82 -86.70
CA GLY H 167 100.60 -50.18 -86.78
C GLY H 167 101.70 -51.20 -86.68
N ARG H 168 101.68 -52.02 -85.63
CA ARG H 168 102.73 -53.00 -85.40
C ARG H 168 102.09 -54.28 -84.86
N LEU H 169 102.87 -55.36 -84.91
CA LEU H 169 102.41 -56.65 -84.39
C LEU H 169 102.30 -56.60 -82.87
N ARG H 170 101.49 -57.49 -82.33
CA ARG H 170 101.27 -57.55 -80.89
C ARG H 170 101.20 -58.99 -80.44
N LEU H 171 101.44 -59.20 -79.15
CA LEU H 171 101.30 -60.52 -78.55
C LEU H 171 101.00 -60.28 -77.07
N THR H 172 99.73 -60.39 -76.70
CA THR H 172 99.30 -60.09 -75.34
C THR H 172 99.07 -61.41 -74.61
N ALA H 173 100.13 -61.92 -73.99
CA ALA H 173 99.99 -63.12 -73.19
C ALA H 173 99.61 -62.77 -71.76
N SER H 174 98.95 -63.72 -71.10
CA SER H 174 98.63 -63.60 -69.68
C SER H 174 98.46 -65.01 -69.13
N LEU H 175 98.22 -65.07 -67.82
CA LEU H 175 98.12 -66.35 -67.13
C LEU H 175 97.39 -66.12 -65.81
N ARG H 176 96.37 -66.93 -65.54
CA ARG H 176 95.56 -66.78 -64.35
C ARG H 176 95.41 -68.15 -63.68
N GLN H 177 94.78 -68.14 -62.52
CA GLN H 177 94.25 -69.35 -61.90
C GLN H 177 93.01 -68.98 -61.10
N ASN H 178 91.85 -69.36 -61.62
CA ASN H 178 90.58 -68.98 -61.02
C ASN H 178 90.03 -70.14 -60.20
N GLY H 179 89.41 -69.79 -59.07
CA GLY H 179 88.83 -70.78 -58.19
C GLY H 179 89.75 -71.13 -57.04
N ALA H 180 89.70 -72.39 -56.61
CA ALA H 180 90.53 -72.84 -55.48
C ALA H 180 91.86 -73.42 -55.96
N LYS H 181 92.56 -72.65 -56.79
CA LYS H 181 93.92 -72.93 -57.27
C LYS H 181 94.01 -74.27 -58.00
N THR H 182 92.95 -74.65 -58.73
CA THR H 182 92.88 -75.96 -59.34
C THR H 182 93.02 -75.95 -60.86
N ALA H 183 92.82 -74.81 -61.51
CA ALA H 183 92.90 -74.76 -62.96
C ALA H 183 93.54 -73.46 -63.40
N TYR H 184 94.44 -73.55 -64.37
CA TYR H 184 95.11 -72.39 -64.92
C TYR H 184 94.35 -71.86 -66.13
N ARG H 185 94.82 -70.73 -66.68
CA ARG H 185 94.18 -70.15 -67.86
C ARG H 185 95.24 -69.36 -68.63
N VAL H 186 95.79 -69.98 -69.66
CA VAL H 186 96.71 -69.31 -70.57
C VAL H 186 95.90 -68.56 -71.61
N ASN H 187 96.33 -67.34 -71.96
CA ASN H 187 95.52 -66.50 -72.85
C ASN H 187 96.47 -65.73 -73.77
N LEU H 188 96.66 -66.25 -74.98
CA LEU H 188 97.44 -65.59 -76.02
C LEU H 188 96.53 -64.82 -76.96
N LYS H 189 97.08 -63.81 -77.61
CA LYS H 189 96.32 -62.96 -78.53
C LYS H 189 97.27 -62.22 -79.44
N LEU H 190 97.11 -62.39 -80.75
CA LEU H 190 97.99 -61.77 -81.74
C LEU H 190 97.20 -60.78 -82.58
N ASP H 191 97.53 -59.50 -82.43
CA ASP H 191 96.92 -58.43 -83.22
C ASP H 191 97.76 -58.14 -84.45
N GLN H 192 97.09 -58.06 -85.60
CA GLN H 192 97.76 -57.64 -86.83
C GLN H 192 96.93 -56.54 -87.46
N ALA H 193 97.49 -55.33 -87.54
CA ALA H 193 96.85 -54.20 -88.16
C ALA H 193 97.45 -53.96 -89.54
N ASP H 194 96.60 -53.65 -90.50
CA ASP H 194 97.04 -53.38 -91.87
C ASP H 194 97.23 -51.88 -92.03
N VAL H 195 98.48 -51.45 -92.20
CA VAL H 195 98.82 -50.05 -92.36
C VAL H 195 99.15 -49.80 -93.82
N VAL H 196 98.78 -48.61 -94.32
CA VAL H 196 99.06 -48.22 -95.69
C VAL H 196 99.49 -46.76 -95.70
N ASP H 197 100.36 -46.42 -96.64
CA ASP H 197 100.78 -45.04 -96.81
C ASP H 197 100.47 -44.57 -98.23
N CYS H 198 99.88 -43.38 -98.32
CA CYS H 198 99.44 -42.82 -99.59
C CYS H 198 100.25 -41.57 -99.94
N SER H 199 101.49 -41.48 -99.46
CA SER H 199 102.30 -40.30 -99.69
C SER H 199 102.82 -40.20 -101.12
N THR H 200 102.86 -41.32 -101.84
CA THR H 200 103.26 -41.26 -103.25
C THR H 200 102.13 -40.77 -104.13
N SER H 201 100.89 -40.80 -103.63
CA SER H 201 99.73 -40.35 -104.37
C SER H 201 99.17 -39.03 -103.84
N VAL H 202 98.90 -38.96 -102.55
CA VAL H 202 98.35 -37.76 -101.91
C VAL H 202 99.43 -37.17 -101.00
N CYS H 203 99.74 -35.90 -101.21
CA CYS H 203 100.76 -35.24 -100.41
C CYS H 203 100.30 -35.01 -98.98
N GLY H 204 101.26 -35.04 -98.06
CA GLY H 204 100.97 -34.80 -96.66
C GLY H 204 100.21 -35.90 -95.97
N GLU H 205 100.27 -37.13 -96.49
CA GLU H 205 99.53 -38.26 -95.93
C GLU H 205 100.51 -39.15 -95.18
N LEU H 206 100.33 -39.23 -93.87
CA LEU H 206 101.11 -40.11 -93.02
C LEU H 206 100.41 -41.48 -92.94
N PRO H 207 101.15 -42.55 -92.63
CA PRO H 207 100.54 -43.88 -92.58
C PRO H 207 99.48 -44.01 -91.49
N LYS H 208 98.47 -44.82 -91.78
CA LYS H 208 97.36 -45.06 -90.87
C LYS H 208 96.89 -46.49 -91.06
N VAL H 209 96.18 -46.99 -90.06
CA VAL H 209 95.71 -48.38 -90.04
C VAL H 209 94.32 -48.44 -90.66
N ARG H 210 94.08 -49.52 -91.42
CA ARG H 210 92.76 -49.74 -91.99
C ARG H 210 91.88 -50.54 -91.05
N TYR H 211 92.30 -51.76 -90.72
CA TYR H 211 91.54 -52.69 -89.89
C TYR H 211 92.51 -53.47 -89.03
N THR H 212 91.97 -54.23 -88.07
CA THR H 212 92.76 -55.16 -87.28
C THR H 212 92.13 -56.53 -87.34
N GLN H 213 92.96 -57.56 -87.27
CA GLN H 213 92.51 -58.94 -87.24
C GLN H 213 93.23 -59.68 -86.13
N VAL H 214 92.47 -60.32 -85.25
CA VAL H 214 93.03 -60.97 -84.08
C VAL H 214 93.06 -62.48 -84.30
N TRP H 215 93.78 -63.17 -83.42
CA TRP H 215 93.69 -64.62 -83.28
C TRP H 215 93.97 -64.91 -81.81
N SER H 216 92.91 -64.98 -81.02
CA SER H 216 93.06 -65.22 -79.60
C SER H 216 93.22 -66.71 -79.32
N HIS H 217 93.66 -67.02 -78.12
CA HIS H 217 93.71 -68.38 -77.62
C HIS H 217 93.24 -68.38 -76.18
N ASP H 218 92.68 -69.50 -75.74
CA ASP H 218 92.22 -69.61 -74.36
C ASP H 218 92.38 -71.06 -73.94
N VAL H 219 93.53 -71.34 -73.32
CA VAL H 219 93.89 -72.70 -72.93
C VAL H 219 93.51 -72.88 -71.46
N THR H 220 92.87 -74.00 -71.14
CA THR H 220 92.49 -74.33 -69.78
C THR H 220 93.26 -75.56 -69.35
N ILE H 221 94.07 -75.43 -68.30
CA ILE H 221 94.91 -76.50 -67.80
C ILE H 221 94.62 -76.67 -66.32
N VAL H 222 94.18 -77.86 -65.94
CA VAL H 222 93.98 -78.16 -64.52
C VAL H 222 95.33 -78.48 -63.88
N ALA H 223 95.45 -78.14 -62.59
CA ALA H 223 96.75 -78.08 -61.94
C ALA H 223 97.35 -79.46 -61.67
N ASN H 224 96.51 -80.46 -61.42
CA ASN H 224 96.97 -81.80 -61.12
C ASN H 224 97.05 -82.69 -62.35
N SER H 225 97.37 -82.12 -63.51
CA SER H 225 97.41 -82.82 -64.78
C SER H 225 98.58 -83.80 -64.84
N THR H 226 98.54 -84.66 -65.84
CA THR H 226 99.70 -85.43 -66.26
C THR H 226 100.49 -84.58 -67.25
N GLU H 227 101.80 -84.81 -67.33
CA GLU H 227 102.61 -84.06 -68.29
C GLU H 227 102.28 -84.47 -69.72
N ALA H 228 102.06 -85.76 -69.97
CA ALA H 228 101.66 -86.21 -71.30
C ALA H 228 100.21 -85.84 -71.63
N SER H 229 99.43 -85.42 -70.64
CA SER H 229 98.10 -84.89 -70.92
C SER H 229 98.18 -83.49 -71.50
N ARG H 230 99.08 -82.65 -70.97
CA ARG H 230 99.27 -81.32 -71.53
C ARG H 230 100.11 -81.34 -72.78
N LYS H 231 101.00 -82.33 -72.91
CA LYS H 231 101.84 -82.43 -74.10
C LYS H 231 101.04 -82.90 -75.31
N SER H 232 100.06 -83.77 -75.08
CA SER H 232 99.22 -84.23 -76.18
C SER H 232 98.21 -83.18 -76.60
N LEU H 233 97.75 -82.35 -75.65
CA LEU H 233 96.85 -81.26 -75.99
C LEU H 233 97.55 -80.21 -76.84
N TYR H 234 98.83 -79.94 -76.56
CA TYR H 234 99.60 -79.02 -77.37
C TYR H 234 99.88 -79.60 -78.75
N ASP H 235 100.23 -80.89 -78.81
CA ASP H 235 100.56 -81.52 -80.08
C ASP H 235 99.36 -81.70 -80.99
N LEU H 236 98.14 -81.73 -80.45
CA LEU H 236 96.96 -81.76 -81.30
C LEU H 236 96.63 -80.39 -81.86
N THR H 237 96.75 -79.35 -81.02
CA THR H 237 96.45 -78.00 -81.48
C THR H 237 97.53 -77.49 -82.44
N LYS H 238 98.78 -77.90 -82.24
CA LYS H 238 99.82 -77.59 -83.20
C LYS H 238 99.57 -78.27 -84.54
N SER H 239 98.99 -79.47 -84.50
CA SER H 239 98.66 -80.18 -85.72
C SER H 239 97.32 -79.79 -86.31
N LEU H 240 96.49 -79.09 -85.53
CA LEU H 240 95.21 -78.62 -86.06
C LEU H 240 95.39 -77.37 -86.91
N VAL H 241 96.17 -76.42 -86.43
CA VAL H 241 96.44 -75.19 -87.19
C VAL H 241 97.26 -75.50 -88.44
N ALA H 242 98.11 -76.52 -88.39
CA ALA H 242 98.94 -76.89 -89.53
C ALA H 242 98.19 -77.63 -90.63
N THR H 243 96.90 -77.89 -90.47
CA THR H 243 96.14 -78.60 -91.50
C THR H 243 95.82 -77.67 -92.66
N SER H 244 95.35 -78.29 -93.76
CA SER H 244 94.93 -77.52 -94.92
C SER H 244 93.47 -77.10 -94.85
N GLN H 245 92.76 -77.50 -93.80
CA GLN H 245 91.35 -77.15 -93.68
C GLN H 245 91.16 -75.90 -92.82
N VAL H 246 92.00 -75.74 -91.80
CA VAL H 246 91.95 -74.53 -90.97
C VAL H 246 92.61 -73.36 -91.70
N GLU H 247 93.48 -73.65 -92.68
CA GLU H 247 93.97 -72.61 -93.56
C GLU H 247 92.85 -72.03 -94.41
N ASP H 248 92.05 -72.89 -95.04
CA ASP H 248 90.93 -72.42 -95.86
C ASP H 248 89.78 -71.89 -95.03
N LEU H 249 89.70 -72.23 -93.75
CA LEU H 249 88.66 -71.67 -92.90
C LEU H 249 88.95 -70.22 -92.57
N VAL H 250 90.21 -69.83 -92.52
CA VAL H 250 90.58 -68.45 -92.23
C VAL H 250 90.73 -67.64 -93.52
N VAL H 251 91.39 -68.21 -94.53
CA VAL H 251 91.63 -67.49 -95.77
C VAL H 251 90.36 -67.38 -96.60
N ASN H 252 89.72 -68.51 -96.90
CA ASN H 252 88.60 -68.54 -97.82
C ASN H 252 87.26 -68.83 -97.17
N LEU H 253 87.20 -68.91 -95.83
CA LEU H 253 85.97 -69.10 -95.04
C LEU H 253 85.24 -70.40 -95.38
N VAL H 254 85.96 -71.42 -95.85
CA VAL H 254 85.37 -72.72 -96.10
C VAL H 254 85.22 -73.46 -94.77
N PRO H 255 84.04 -73.97 -94.44
CA PRO H 255 83.88 -74.73 -93.19
C PRO H 255 84.65 -76.05 -93.22
N LEU H 256 84.86 -76.59 -92.02
CA LEU H 256 85.71 -77.77 -91.86
C LEU H 256 84.97 -79.04 -92.30
N GLY H 257 85.75 -80.07 -92.55
CA GLY H 257 85.20 -81.37 -92.89
C GLY H 257 85.30 -81.70 -94.38
N ARG H 258 86.14 -82.67 -94.71
CA ARG H 258 86.29 -83.10 -96.10
C ARG H 258 85.93 -84.56 -96.25
N SER I 1 140.89 44.47 40.36
CA SER I 1 140.09 43.48 41.05
C SER I 1 140.77 42.11 41.01
N LYS I 2 140.05 41.10 40.53
CA LYS I 2 140.57 39.74 40.41
C LYS I 2 140.97 39.49 38.97
N THR I 3 142.20 39.04 38.75
CA THR I 3 142.77 38.96 37.42
C THR I 3 143.24 37.55 37.07
N ILE I 4 143.22 37.25 35.79
CA ILE I 4 143.88 36.09 35.20
C ILE I 4 144.90 36.61 34.20
N VAL I 5 146.10 36.04 34.22
CA VAL I 5 147.19 36.48 33.34
C VAL I 5 147.46 35.36 32.34
N LEU I 6 147.27 35.65 31.06
CA LEU I 6 147.47 34.69 29.98
C LEU I 6 148.73 35.10 29.22
N SER I 7 149.85 34.45 29.52
CA SER I 7 151.11 34.75 28.85
C SER I 7 151.14 34.07 27.48
N VAL I 8 151.35 34.86 26.44
CA VAL I 8 151.27 34.38 25.05
C VAL I 8 152.69 34.48 24.51
N GLY I 9 153.66 34.25 25.40
CA GLY I 9 155.06 34.41 25.05
C GLY I 9 155.72 35.40 25.99
N GLU I 10 156.06 36.58 25.47
CA GLU I 10 156.44 37.70 26.32
C GLU I 10 155.31 38.68 26.53
N ALA I 11 154.29 38.66 25.66
CA ALA I 11 153.12 39.50 25.84
C ALA I 11 152.15 38.84 26.81
N THR I 12 151.79 39.56 27.88
CA THR I 12 150.85 39.08 28.87
C THR I 12 149.55 39.86 28.71
N ARG I 13 148.43 39.15 28.61
CA ARG I 13 147.12 39.75 28.42
C ARG I 13 146.29 39.49 29.68
N THR I 14 146.08 40.55 30.46
CA THR I 14 145.44 40.43 31.76
C THR I 14 143.95 40.71 31.66
N LEU I 15 143.13 39.71 31.98
CA LEU I 15 141.69 39.88 32.04
C LEU I 15 141.26 40.22 33.46
N THR I 16 140.38 41.22 33.58
CA THR I 16 139.86 41.60 34.88
C THR I 16 138.39 41.23 34.97
N GLU I 17 137.92 41.03 36.19
CA GLU I 17 136.59 40.48 36.42
C GLU I 17 135.54 41.57 36.37
N ILE I 18 134.48 41.34 35.61
CA ILE I 18 133.38 42.28 35.49
C ILE I 18 132.07 41.75 36.04
N GLN I 19 132.03 40.51 36.52
CA GLN I 19 130.80 39.93 37.05
C GLN I 19 131.16 38.80 38.00
N SER I 20 130.41 38.70 39.09
CA SER I 20 130.59 37.62 40.06
C SER I 20 129.20 37.23 40.56
N THR I 21 128.60 36.24 39.93
CA THR I 21 127.31 35.73 40.37
C THR I 21 127.61 34.57 41.32
N ALA I 22 126.60 33.77 41.68
CA ALA I 22 126.83 32.61 42.55
C ALA I 22 127.64 31.55 41.82
N ASP I 23 127.38 31.36 40.53
CA ASP I 23 128.14 30.43 39.71
C ASP I 23 128.89 31.09 38.57
N ARG I 24 128.23 31.93 37.79
CA ARG I 24 128.88 32.55 36.63
C ARG I 24 129.89 33.61 37.09
N GLN I 25 130.93 33.79 36.28
CA GLN I 25 132.05 34.63 36.66
C GLN I 25 132.72 35.11 35.38
N ILE I 26 132.43 36.34 34.99
CA ILE I 26 132.82 36.87 33.68
C ILE I 26 134.06 37.72 33.83
N PHE I 27 135.06 37.45 32.99
CA PHE I 27 136.28 38.24 32.91
C PHE I 27 136.33 38.95 31.57
N GLU I 28 137.13 40.02 31.51
CA GLU I 28 137.23 40.82 30.31
C GLU I 28 138.53 41.61 30.35
N GLU I 29 139.18 41.73 29.19
CA GLU I 29 140.37 42.56 29.07
C GLU I 29 139.95 44.01 28.93
N LYS I 30 140.77 44.91 29.48
CA LYS I 30 140.43 46.33 29.52
C LYS I 30 141.25 47.18 28.55
N VAL I 31 142.15 46.59 27.78
CA VAL I 31 142.98 47.35 26.86
C VAL I 31 142.30 47.39 25.50
N GLY I 32 142.13 48.60 24.96
CA GLY I 32 141.63 48.77 23.61
C GLY I 32 140.29 49.45 23.54
N PRO I 33 139.60 49.31 22.39
CA PRO I 33 138.26 49.88 22.26
C PRO I 33 137.23 49.18 23.14
N LEU I 34 136.07 49.81 23.32
CA LEU I 34 135.07 49.33 24.27
C LEU I 34 134.08 48.35 23.67
N VAL I 35 134.12 48.12 22.36
CA VAL I 35 133.07 47.33 21.72
C VAL I 35 133.51 45.88 21.52
N GLY I 36 134.78 45.63 21.22
CA GLY I 36 135.25 44.27 21.06
C GLY I 36 136.44 43.95 21.94
N ARG I 37 136.24 43.06 22.91
CA ARG I 37 137.29 42.69 23.85
C ARG I 37 137.22 41.20 24.12
N LEU I 38 138.24 40.67 24.80
CA LEU I 38 138.22 39.28 25.23
C LEU I 38 137.15 39.05 26.29
N ARG I 39 136.80 37.79 26.47
CA ARG I 39 135.74 37.41 27.39
C ARG I 39 136.04 36.00 27.88
N LEU I 40 135.72 35.74 29.14
CA LEU I 40 135.96 34.43 29.72
C LEU I 40 134.83 34.16 30.71
N THR I 41 133.84 33.40 30.27
CA THR I 41 132.65 33.14 31.06
C THR I 41 132.87 31.82 31.80
N ALA I 42 133.49 31.90 32.97
CA ALA I 42 133.70 30.72 33.79
C ALA I 42 132.42 30.36 34.54
N SER I 43 132.34 29.11 34.97
CA SER I 43 131.16 28.61 35.66
C SER I 43 131.54 27.39 36.47
N LEU I 44 130.62 26.97 37.35
CA LEU I 44 130.76 25.76 38.15
C LEU I 44 129.39 25.37 38.65
N ARG I 45 129.11 24.08 38.69
CA ARG I 45 127.81 23.57 39.08
C ARG I 45 127.98 22.25 39.80
N GLN I 46 126.87 21.71 40.30
CA GLN I 46 126.80 20.31 40.70
C GLN I 46 125.36 19.83 40.46
N ASN I 47 125.14 19.22 39.30
CA ASN I 47 123.80 18.85 38.87
C ASN I 47 123.46 17.45 39.36
N GLY I 48 122.17 17.24 39.62
CA GLY I 48 121.68 15.95 40.05
C GLY I 48 121.71 15.79 41.56
N ALA I 49 122.05 14.59 42.02
CA ALA I 49 122.06 14.29 43.46
C ALA I 49 123.45 14.52 44.05
N LYS I 50 123.99 15.71 43.79
CA LYS I 50 125.21 16.25 44.41
C LYS I 50 126.44 15.37 44.18
N THR I 51 126.49 14.65 43.07
CA THR I 51 127.53 13.65 42.86
C THR I 51 128.53 14.00 41.78
N ALA I 52 128.24 14.96 40.91
CA ALA I 52 129.13 15.30 39.80
C ALA I 52 129.13 16.80 39.60
N TYR I 53 130.31 17.39 39.49
CA TYR I 53 130.45 18.80 39.20
C TYR I 53 130.50 19.02 37.70
N ARG I 54 130.51 20.30 37.30
CA ARG I 54 130.54 20.64 35.88
C ARG I 54 131.22 22.00 35.72
N VAL I 55 132.48 21.98 35.35
CA VAL I 55 133.21 23.19 34.99
C VAL I 55 132.85 23.55 33.57
N ASN I 56 132.74 24.85 33.28
CA ASN I 56 132.27 25.30 31.97
C ASN I 56 132.92 26.64 31.65
N LEU I 57 134.02 26.60 30.90
CA LEU I 57 134.68 27.81 30.43
C LEU I 57 134.22 28.16 29.02
N LYS I 58 134.43 29.42 28.63
CA LYS I 58 134.04 29.89 27.31
C LYS I 58 134.89 31.13 27.00
N LEU I 59 135.86 30.99 26.11
CA LEU I 59 136.76 32.07 25.75
C LEU I 59 136.35 32.65 24.41
N ASP I 60 135.61 33.75 24.44
CA ASP I 60 135.24 34.44 23.22
C ASP I 60 136.38 35.32 22.74
N GLN I 61 136.37 35.61 21.44
CA GLN I 61 137.36 36.51 20.85
C GLN I 61 136.73 37.19 19.66
N ALA I 62 136.58 38.50 19.74
CA ALA I 62 135.96 39.30 18.69
C ALA I 62 137.03 40.02 17.89
N ASP I 63 136.85 40.06 16.57
CA ASP I 63 137.79 40.77 15.69
C ASP I 63 137.17 42.11 15.34
N VAL I 64 137.58 43.14 16.05
CA VAL I 64 137.07 44.48 15.84
C VAL I 64 137.93 45.17 14.78
N VAL I 65 137.30 46.03 13.99
CA VAL I 65 137.99 46.78 12.96
C VAL I 65 137.43 48.21 12.97
N ASP I 66 138.33 49.20 12.87
CA ASP I 66 137.94 50.60 12.81
C ASP I 66 138.72 51.27 11.69
N CYS I 67 138.00 51.78 10.69
CA CYS I 67 138.58 52.44 9.53
C CYS I 67 137.96 53.81 9.32
N SER I 68 137.91 54.61 10.38
CA SER I 68 137.49 56.00 10.25
C SER I 68 138.48 56.84 9.45
N THR I 69 139.72 56.36 9.28
CA THR I 69 140.67 57.03 8.41
C THR I 69 140.25 56.92 6.95
N SER I 70 139.77 55.75 6.53
CA SER I 70 139.37 55.56 5.13
C SER I 70 137.97 56.12 4.89
N VAL I 71 136.97 55.60 5.58
CA VAL I 71 135.59 56.05 5.44
C VAL I 71 135.34 57.10 6.51
N CYS I 72 134.92 58.29 6.09
CA CYS I 72 134.72 59.39 7.03
C CYS I 72 133.39 59.23 7.74
N GLY I 73 133.45 59.10 9.06
CA GLY I 73 132.26 59.09 9.89
C GLY I 73 131.79 57.75 10.39
N GLU I 74 132.63 56.72 10.37
CA GLU I 74 132.24 55.42 10.89
C GLU I 74 132.96 55.14 12.19
N LEU I 75 132.45 54.16 12.93
CA LEU I 75 132.88 53.84 14.27
C LEU I 75 133.45 52.42 14.28
N PRO I 76 134.17 51.99 15.33
CA PRO I 76 134.62 50.59 15.39
C PRO I 76 133.46 49.61 15.47
N LYS I 77 133.68 48.45 14.86
CA LYS I 77 132.62 47.49 14.63
C LYS I 77 133.21 46.08 14.66
N VAL I 78 132.41 45.11 15.09
CA VAL I 78 132.85 43.73 15.24
C VAL I 78 132.50 42.96 13.97
N ARG I 79 133.49 42.33 13.36
CA ARG I 79 133.23 41.48 12.20
C ARG I 79 132.62 40.15 12.63
N TYR I 80 133.37 39.36 13.40
CA TYR I 80 132.96 38.01 13.77
C TYR I 80 133.47 37.71 15.17
N THR I 81 133.04 36.58 15.71
CA THR I 81 133.51 36.07 16.99
C THR I 81 133.89 34.61 16.85
N GLN I 82 135.00 34.23 17.48
CA GLN I 82 135.48 32.86 17.49
C GLN I 82 135.66 32.43 18.94
N VAL I 83 134.96 31.37 19.34
CA VAL I 83 134.94 30.94 20.73
C VAL I 83 135.72 29.64 20.87
N TRP I 84 136.02 29.29 22.12
CA TRP I 84 136.62 28.00 22.47
C TRP I 84 136.09 27.63 23.84
N SER I 85 135.04 26.81 23.87
CA SER I 85 134.44 26.43 25.12
C SER I 85 135.12 25.18 25.69
N HIS I 86 134.84 24.91 26.96
CA HIS I 86 135.25 23.69 27.63
C HIS I 86 134.08 23.19 28.44
N ASP I 87 133.99 21.88 28.62
CA ASP I 87 132.92 21.27 29.41
C ASP I 87 133.52 20.09 30.17
N VAL I 88 134.00 20.36 31.37
CA VAL I 88 134.65 19.35 32.20
C VAL I 88 133.62 18.74 33.12
N THR I 89 133.66 17.42 33.29
CA THR I 89 132.77 16.71 34.21
C THR I 89 133.63 16.00 35.24
N ILE I 90 133.44 16.35 36.50
CA ILE I 90 134.21 15.80 37.61
C ILE I 90 133.24 15.18 38.59
N VAL I 91 133.41 13.89 38.86
CA VAL I 91 132.60 13.22 39.87
C VAL I 91 133.19 13.51 41.25
N ALA I 92 132.31 13.59 42.24
CA ALA I 92 132.67 14.22 43.52
C ALA I 92 133.57 13.33 44.37
N ASN I 93 133.45 12.01 44.27
CA ASN I 93 134.24 11.09 45.07
C ASN I 93 135.49 10.60 44.35
N SER I 94 136.08 11.44 43.50
CA SER I 94 137.22 11.04 42.69
C SER I 94 138.48 10.95 43.54
N THR I 95 139.51 10.34 42.95
CA THR I 95 140.86 10.39 43.46
C THR I 95 141.51 11.66 42.92
N GLU I 96 142.33 12.31 43.75
CA GLU I 96 143.01 13.53 43.33
C GLU I 96 144.02 13.27 42.22
N ALA I 97 144.58 12.06 42.17
CA ALA I 97 145.49 11.71 41.08
C ALA I 97 144.74 11.46 39.78
N SER I 98 143.43 11.19 39.84
CA SER I 98 142.66 11.04 38.61
C SER I 98 142.22 12.38 38.06
N ARG I 99 141.92 13.33 38.96
CA ARG I 99 141.63 14.69 38.54
C ARG I 99 142.86 15.41 38.01
N LYS I 100 144.04 15.09 38.53
CA LYS I 100 145.27 15.70 38.04
C LYS I 100 145.67 15.12 36.70
N SER I 101 145.42 13.83 36.48
CA SER I 101 145.77 13.20 35.22
C SER I 101 144.87 13.67 34.09
N LEU I 102 143.60 13.94 34.38
CA LEU I 102 142.69 14.49 33.37
C LEU I 102 143.11 15.89 32.97
N TYR I 103 143.66 16.65 33.91
CA TYR I 103 144.15 17.99 33.59
C TYR I 103 145.46 17.91 32.82
N ASP I 104 146.36 16.99 33.19
CA ASP I 104 147.65 16.89 32.54
C ASP I 104 147.56 16.32 31.13
N LEU I 105 146.50 15.57 30.82
CA LEU I 105 146.33 15.07 29.46
C LEU I 105 145.74 16.14 28.56
N THR I 106 144.80 16.93 29.06
CA THR I 106 144.20 17.98 28.25
C THR I 106 145.14 19.16 28.08
N LYS I 107 145.99 19.44 29.08
CA LYS I 107 147.01 20.47 28.93
C LYS I 107 148.03 20.07 27.87
N SER I 108 148.29 18.77 27.73
CA SER I 108 149.18 18.28 26.69
C SER I 108 148.48 17.99 25.38
N LEU I 109 147.14 17.85 25.40
CA LEU I 109 146.40 17.72 24.15
C LEU I 109 146.41 19.03 23.38
N VAL I 110 146.13 20.15 24.06
CA VAL I 110 146.09 21.44 23.39
C VAL I 110 147.49 21.87 22.96
N ALA I 111 148.52 21.47 23.70
CA ALA I 111 149.87 21.92 23.41
C ALA I 111 150.56 21.12 22.31
N THR I 112 149.88 20.23 21.61
CA THR I 112 150.53 19.46 20.56
C THR I 112 150.36 20.15 19.21
N SER I 113 151.15 19.70 18.23
CA SER I 113 151.12 20.29 16.90
C SER I 113 150.00 19.74 16.02
N GLN I 114 149.24 18.77 16.50
CA GLN I 114 148.14 18.23 15.70
C GLN I 114 146.83 18.93 15.99
N VAL I 115 146.65 19.44 17.21
CA VAL I 115 145.46 20.22 17.53
C VAL I 115 145.65 21.66 17.08
N GLU I 116 146.91 22.13 17.02
CA GLU I 116 147.19 23.45 16.50
C GLU I 116 146.83 23.57 15.03
N ASP I 117 147.21 22.59 14.22
CA ASP I 117 146.84 22.61 12.80
C ASP I 117 145.38 22.28 12.58
N LEU I 118 144.70 21.71 13.57
CA LEU I 118 143.29 21.39 13.42
C LEU I 118 142.40 22.64 13.52
N VAL I 119 142.81 23.63 14.30
CA VAL I 119 142.00 24.83 14.47
C VAL I 119 142.53 25.96 13.61
N VAL I 120 143.81 25.91 13.25
CA VAL I 120 144.35 26.96 12.40
C VAL I 120 144.16 26.63 10.92
N ASN I 121 144.68 25.48 10.48
CA ASN I 121 144.68 25.12 9.08
C ASN I 121 143.70 23.99 8.76
N LEU I 122 142.87 23.60 9.71
CA LEU I 122 141.77 22.64 9.56
C LEU I 122 142.24 21.25 9.13
N VAL I 123 143.48 20.90 9.41
CA VAL I 123 144.01 19.58 9.09
C VAL I 123 143.48 18.57 10.11
N PRO I 124 142.99 17.41 9.68
CA PRO I 124 142.46 16.43 10.65
C PRO I 124 143.55 15.81 11.49
N LEU I 125 143.11 15.06 12.50
CA LEU I 125 144.01 14.54 13.52
C LEU I 125 144.66 13.24 13.06
N GLY I 126 145.85 12.99 13.61
CA GLY I 126 146.54 11.73 13.36
C GLY I 126 147.59 11.81 12.27
N ARG I 127 148.82 11.46 12.60
CA ARG I 127 149.91 11.40 11.64
C ARG I 127 150.61 10.06 11.78
N ALA I 128 150.63 9.29 10.69
CA ALA I 128 151.18 7.94 10.70
C ALA I 128 152.70 8.00 10.58
N TYR I 129 153.39 7.77 11.69
CA TYR I 129 154.86 7.70 11.70
C TYR I 129 155.24 6.24 11.96
N GLY I 130 155.28 5.46 10.88
CA GLY I 130 155.62 4.06 10.97
C GLY I 130 154.59 3.23 11.71
N GLY I 131 153.39 3.12 11.14
CA GLY I 131 152.34 2.36 11.80
C GLY I 131 150.96 2.96 11.58
N SER I 132 150.18 3.07 12.66
CA SER I 132 148.84 3.62 12.57
C SER I 132 148.87 5.13 12.76
N LYS I 133 147.71 5.75 12.58
CA LYS I 133 147.55 7.18 12.84
C LYS I 133 147.51 7.40 14.35
N THR I 134 148.56 8.00 14.89
CA THR I 134 148.74 8.08 16.33
C THR I 134 148.78 9.54 16.79
N ILE I 135 148.42 9.75 18.05
CA ILE I 135 148.63 11.01 18.76
C ILE I 135 149.45 10.71 19.99
N VAL I 136 150.45 11.54 20.27
CA VAL I 136 151.32 11.35 21.42
C VAL I 136 151.02 12.47 22.42
N LEU I 137 150.68 12.09 23.65
CA LEU I 137 150.36 13.03 24.72
C LEU I 137 151.41 12.88 25.82
N SER I 138 152.48 13.65 25.74
CA SER I 138 153.54 13.59 26.73
C SER I 138 153.10 14.25 28.03
N VAL I 139 153.31 13.56 29.14
CA VAL I 139 152.91 14.03 30.46
C VAL I 139 154.24 14.25 31.19
N GLY I 140 155.24 14.70 30.44
CA GLY I 140 156.58 14.80 30.97
C GLY I 140 157.50 13.82 30.27
N GLU I 141 157.88 12.75 30.96
CA GLU I 141 158.60 11.65 30.33
C GLU I 141 157.68 10.50 29.94
N ALA I 142 156.52 10.38 30.58
CA ALA I 142 155.55 9.36 30.19
C ALA I 142 154.79 9.82 28.96
N THR I 143 154.81 9.01 27.91
CA THR I 143 154.10 9.30 26.66
C THR I 143 152.98 8.29 26.51
N ARG I 144 151.77 8.78 26.24
CA ARG I 144 150.60 7.92 26.08
C ARG I 144 150.11 8.03 24.64
N THR I 145 150.37 6.99 23.86
CA THR I 145 150.12 7.00 22.42
C THR I 145 148.73 6.46 22.13
N LEU I 146 147.89 7.28 21.51
CA LEU I 146 146.54 6.88 21.14
C LEU I 146 146.45 6.58 19.65
N THR I 147 146.07 5.36 19.31
CA THR I 147 145.96 4.93 17.92
C THR I 147 144.51 5.03 17.46
N GLU I 148 144.33 5.33 16.18
CA GLU I 148 143.00 5.54 15.62
C GLU I 148 142.28 4.22 15.42
N ILE I 149 141.02 4.17 15.85
CA ILE I 149 140.23 2.95 15.74
C ILE I 149 139.06 3.08 14.77
N GLN I 150 138.63 4.29 14.42
CA GLN I 150 137.45 4.49 13.60
C GLN I 150 137.46 5.91 13.06
N SER I 151 137.26 6.06 11.75
CA SER I 151 137.17 7.37 11.11
C SER I 151 136.04 7.33 10.09
N THR I 152 134.85 7.71 10.53
CA THR I 152 133.71 7.83 9.62
C THR I 152 133.74 9.22 8.97
N ALA I 153 132.63 9.61 8.34
CA ALA I 153 132.57 10.90 7.68
C ALA I 153 132.56 12.04 8.70
N ASP I 154 131.96 11.81 9.87
CA ASP I 154 131.89 12.84 10.91
C ASP I 154 132.91 12.62 12.02
N ARG I 155 132.88 11.47 12.68
CA ARG I 155 133.71 11.26 13.85
C ARG I 155 135.10 10.77 13.48
N GLN I 156 136.01 10.84 14.45
CA GLN I 156 137.36 10.31 14.28
C GLN I 156 137.85 9.91 15.67
N ILE I 157 137.69 8.62 16.00
CA ILE I 157 137.86 8.14 17.36
C ILE I 157 139.26 7.58 17.53
N PHE I 158 139.97 8.08 18.54
CA PHE I 158 141.27 7.55 18.94
C PHE I 158 141.11 6.84 20.28
N GLU I 159 142.06 5.95 20.58
CA GLU I 159 141.98 5.15 21.80
C GLU I 159 143.35 4.56 22.09
N GLU I 160 143.72 4.54 23.36
CA GLU I 160 144.94 3.88 23.78
C GLU I 160 144.77 2.37 23.71
N LYS I 161 145.89 1.66 23.58
CA LYS I 161 145.85 0.22 23.34
C LYS I 161 146.48 -0.62 24.42
N VAL I 162 147.21 -0.02 25.35
CA VAL I 162 147.80 -0.79 26.44
C VAL I 162 146.78 -0.99 27.55
N GLY I 163 147.05 -1.95 28.43
CA GLY I 163 146.21 -2.19 29.58
C GLY I 163 145.01 -3.07 29.26
N PRO I 164 144.04 -3.10 30.16
CA PRO I 164 142.83 -3.91 29.93
C PRO I 164 141.95 -3.29 28.86
N LEU I 165 141.00 -4.10 28.38
CA LEU I 165 140.10 -3.69 27.32
C LEU I 165 138.87 -2.96 27.82
N VAL I 166 138.66 -2.90 29.13
CA VAL I 166 137.40 -2.37 29.63
C VAL I 166 137.49 -0.86 29.87
N GLY I 167 138.65 -0.34 30.27
CA GLY I 167 138.81 1.08 30.47
C GLY I 167 140.05 1.64 29.80
N ARG I 168 139.86 2.49 28.80
CA ARG I 168 140.96 3.06 28.06
C ARG I 168 140.63 4.51 27.71
N LEU I 169 141.66 5.27 27.32
CA LEU I 169 141.46 6.64 26.90
C LEU I 169 140.69 6.72 25.59
N ARG I 170 140.09 7.87 25.35
CA ARG I 170 139.36 8.12 24.13
C ARG I 170 139.68 9.51 23.65
N LEU I 171 139.44 9.76 22.36
CA LEU I 171 139.59 11.10 21.80
C LEU I 171 138.62 11.14 20.61
N THR I 172 137.45 11.72 20.83
CA THR I 172 136.39 11.73 19.82
C THR I 172 136.40 13.10 19.15
N ALA I 173 137.19 13.23 18.10
CA ALA I 173 137.21 14.45 17.32
C ALA I 173 136.16 14.40 16.23
N SER I 174 135.67 15.57 15.85
CA SER I 174 134.76 15.71 14.71
C SER I 174 134.90 17.12 14.17
N LEU I 175 134.17 17.38 13.09
CA LEU I 175 134.28 18.66 12.39
C LEU I 175 133.03 18.84 11.56
N ARG I 176 132.38 19.99 11.68
CA ARG I 176 131.15 20.27 10.97
C ARG I 176 131.24 21.63 10.33
N GLN I 177 130.23 21.97 9.54
CA GLN I 177 129.99 23.35 9.11
C GLN I 177 128.48 23.53 8.95
N ASN I 178 127.89 24.27 9.89
CA ASN I 178 126.45 24.45 9.93
C ASN I 178 126.07 25.79 9.32
N GLY I 179 124.95 25.80 8.61
CA GLY I 179 124.47 27.01 7.97
C GLY I 179 124.87 27.09 6.52
N ALA I 180 125.11 28.31 6.04
CA ALA I 180 125.48 28.51 4.63
C ALA I 180 127.00 28.51 4.45
N LYS I 181 127.64 27.45 4.95
CA LYS I 181 129.07 27.17 4.78
C LYS I 181 129.95 28.32 5.28
N THR I 182 129.54 28.99 6.36
CA THR I 182 130.22 30.18 6.83
C THR I 182 130.99 29.98 8.12
N ALA I 183 130.68 28.95 8.90
CA ALA I 183 131.35 28.74 10.18
C ALA I 183 131.58 27.26 10.40
N TYR I 184 132.78 26.93 10.89
CA TYR I 184 133.12 25.55 11.19
C TYR I 184 132.82 25.24 12.66
N ARG I 185 133.02 23.98 13.05
CA ARG I 185 132.78 23.57 14.43
C ARG I 185 133.69 22.38 14.74
N VAL I 186 134.82 22.66 15.37
CA VAL I 186 135.71 21.61 15.85
C VAL I 186 135.21 21.13 17.20
N ASN I 187 135.26 19.82 17.44
CA ASN I 187 134.67 19.26 18.66
C ASN I 187 135.55 18.12 19.14
N LEU I 188 136.42 18.42 20.11
CA LEU I 188 137.26 17.43 20.77
C LEU I 188 136.61 16.97 22.07
N LYS I 189 136.98 15.77 22.51
CA LYS I 189 136.43 15.20 23.74
C LYS I 189 137.35 14.09 24.21
N LEU I 190 137.85 14.20 25.44
CA LEU I 190 138.78 13.21 26.00
C LEU I 190 138.10 12.51 27.18
N ASP I 191 137.84 11.22 27.02
CA ASP I 191 137.29 10.39 28.08
C ASP I 191 138.42 9.72 28.85
N GLN I 192 138.32 9.77 30.18
CA GLN I 192 139.24 9.04 31.04
C GLN I 192 138.41 8.27 32.05
N ALA I 193 138.44 6.94 31.96
CA ALA I 193 137.75 6.08 32.88
C ALA I 193 138.74 5.49 33.87
N ASP I 194 138.35 5.44 35.14
CA ASP I 194 139.21 4.90 36.19
C ASP I 194 138.87 3.43 36.38
N VAL I 195 139.84 2.56 36.11
CA VAL I 195 139.66 1.12 36.24
C VAL I 195 140.45 0.62 37.44
N VAL I 196 139.91 -0.37 38.15
CA VAL I 196 140.56 -0.95 39.30
C VAL I 196 140.36 -2.46 39.26
N ASP I 197 141.35 -3.20 39.78
CA ASP I 197 141.24 -4.64 39.89
C ASP I 197 141.41 -5.07 41.34
N CYS I 198 140.52 -5.95 41.77
CA CYS I 198 140.50 -6.43 43.14
C CYS I 198 140.85 -7.91 43.22
N SER I 199 141.64 -8.39 42.26
CA SER I 199 141.98 -9.81 42.19
C SER I 199 142.98 -10.22 43.26
N THR I 200 143.73 -9.27 43.82
CA THR I 200 144.63 -9.62 44.92
C THR I 200 143.88 -9.72 46.24
N SER I 201 142.67 -9.19 46.30
CA SER I 201 141.85 -9.25 47.51
C SER I 201 140.67 -10.19 47.36
N VAL I 202 139.88 -10.03 46.30
CA VAL I 202 138.71 -10.87 46.05
C VAL I 202 139.01 -11.76 44.85
N CYS I 203 138.84 -13.07 45.04
CA CYS I 203 139.10 -14.00 43.95
C CYS I 203 138.02 -13.93 42.87
N GLY I 204 138.44 -14.18 41.64
CA GLY I 204 137.53 -14.17 40.52
C GLY I 204 137.01 -12.81 40.14
N GLU I 205 137.74 -11.74 40.46
CA GLU I 205 137.32 -10.38 40.20
C GLU I 205 138.13 -9.83 39.03
N LEU I 206 137.45 -9.56 37.93
CA LEU I 206 138.05 -8.95 36.76
C LEU I 206 137.96 -7.43 36.87
N PRO I 207 138.84 -6.69 36.17
CA PRO I 207 138.81 -5.23 36.26
C PRO I 207 137.52 -4.62 35.71
N LYS I 208 137.13 -3.50 36.32
CA LYS I 208 135.92 -2.80 35.94
C LYS I 208 136.12 -1.31 36.18
N VAL I 209 135.29 -0.50 35.54
CA VAL I 209 135.36 0.96 35.64
C VAL I 209 134.41 1.42 36.75
N ARG I 210 134.84 2.43 37.49
CA ARG I 210 133.99 2.96 38.57
C ARG I 210 133.39 4.31 38.20
N TYR I 211 134.17 5.19 37.58
CA TYR I 211 133.65 6.47 37.10
C TYR I 211 134.38 6.87 35.82
N THR I 212 133.81 7.83 35.10
CA THR I 212 134.45 8.44 33.95
C THR I 212 134.43 9.95 34.11
N GLN I 213 135.44 10.62 33.55
CA GLN I 213 135.55 12.07 33.57
C GLN I 213 135.92 12.57 32.19
N VAL I 214 135.18 13.55 31.69
CA VAL I 214 135.37 14.05 30.33
C VAL I 214 136.04 15.42 30.39
N TRP I 215 136.51 15.87 29.22
CA TRP I 215 136.91 17.26 29.01
C TRP I 215 136.63 17.55 27.54
N SER I 216 135.45 18.08 27.27
CA SER I 216 135.05 18.39 25.91
C SER I 216 135.62 19.73 25.48
N HIS I 217 135.59 19.96 24.16
CA HIS I 217 135.93 21.24 23.58
C HIS I 217 134.93 21.54 22.47
N ASP I 218 134.70 22.83 22.23
CA ASP I 218 133.76 23.22 21.18
C ASP I 218 134.27 24.54 20.59
N VAL I 219 135.04 24.44 19.53
CA VAL I 219 135.67 25.58 18.89
C VAL I 219 134.80 26.02 17.73
N THR I 220 134.55 27.32 17.61
CA THR I 220 133.77 27.88 16.52
C THR I 220 134.69 28.78 15.70
N ILE I 221 134.85 28.45 14.42
CA ILE I 221 135.72 29.18 13.52
C ILE I 221 134.91 29.57 12.30
N VAL I 222 134.83 30.88 12.02
CA VAL I 222 134.17 31.35 10.82
C VAL I 222 135.12 31.20 9.64
N ALA I 223 134.55 30.96 8.46
CA ALA I 223 135.32 30.46 7.32
C ALA I 223 136.21 31.51 6.71
N ASN I 224 135.80 32.77 6.74
CA ASN I 224 136.56 33.87 6.13
C ASN I 224 137.47 34.56 7.14
N SER I 225 138.03 33.82 8.09
CA SER I 225 138.85 34.35 9.16
C SER I 225 140.22 34.79 8.62
N THR I 226 140.94 35.51 9.48
CA THR I 226 142.36 35.75 9.29
C THR I 226 143.10 34.58 9.91
N GLU I 227 144.31 34.30 9.39
CA GLU I 227 145.10 33.22 9.98
C GLU I 227 145.60 33.59 11.37
N ALA I 228 146.00 34.84 11.58
CA ALA I 228 146.42 35.29 12.90
C ALA I 228 145.24 35.46 13.85
N SER I 229 144.01 35.45 13.34
CA SER I 229 142.84 35.43 14.20
C SER I 229 142.63 34.06 14.81
N ARG I 230 142.84 33.00 14.03
CA ARG I 230 142.72 31.65 14.57
C ARG I 230 143.97 31.24 15.33
N LYS I 231 145.12 31.82 14.99
CA LYS I 231 146.35 31.50 15.68
C LYS I 231 146.39 32.12 17.06
N SER I 232 145.82 33.33 17.21
CA SER I 232 145.78 33.97 18.51
C SER I 232 144.73 33.34 19.41
N LEU I 233 143.64 32.84 18.83
CA LEU I 233 142.64 32.13 19.63
C LEU I 233 143.18 30.82 20.18
N TYR I 234 144.01 30.13 19.40
CA TYR I 234 144.64 28.91 19.89
C TYR I 234 145.67 29.21 20.96
N ASP I 235 146.47 30.26 20.76
CA ASP I 235 147.52 30.61 21.70
C ASP I 235 146.99 31.13 23.02
N LEU I 236 145.77 31.66 23.05
CA LEU I 236 145.17 32.07 24.32
C LEU I 236 144.62 30.87 25.06
N THR I 237 143.96 29.95 24.37
CA THR I 237 143.42 28.76 25.02
C THR I 237 144.53 27.82 25.47
N LYS I 238 145.63 27.76 24.72
CA LYS I 238 146.79 26.98 25.15
C LYS I 238 147.40 27.59 26.41
N SER I 239 147.37 28.91 26.52
CA SER I 239 147.89 29.58 27.70
C SER I 239 146.87 29.67 28.82
N LEU I 240 145.60 29.39 28.55
CA LEU I 240 144.60 29.40 29.61
C LEU I 240 144.65 28.12 30.41
N VAL I 241 144.73 26.97 29.72
CA VAL I 241 144.82 25.67 30.40
C VAL I 241 146.14 25.54 31.14
N ALA I 242 147.20 26.19 30.65
CA ALA I 242 148.50 26.10 31.29
C ALA I 242 148.64 26.98 32.54
N THR I 243 147.60 27.72 32.91
CA THR I 243 147.69 28.56 34.10
C THR I 243 147.58 27.73 35.37
N SER I 244 147.90 28.36 36.49
CA SER I 244 147.77 27.71 37.79
C SER I 244 146.38 27.87 38.39
N GLN I 245 145.49 28.61 37.72
CA GLN I 245 144.15 28.81 38.24
C GLN I 245 143.16 27.82 37.66
N VAL I 246 143.35 27.43 36.40
CA VAL I 246 142.50 26.41 35.79
C VAL I 246 142.93 25.03 36.25
N GLU I 247 144.16 24.88 36.74
CA GLU I 247 144.56 23.66 37.42
C GLU I 247 143.79 23.47 38.71
N ASP I 248 143.72 24.50 39.54
CA ASP I 248 142.98 24.42 40.79
C ASP I 248 141.48 24.43 40.60
N LEU I 249 140.99 24.89 39.45
CA LEU I 249 139.56 24.83 39.17
C LEU I 249 139.10 23.42 38.89
N VAL I 250 139.98 22.59 38.33
CA VAL I 250 139.65 21.20 38.05
C VAL I 250 140.02 20.29 39.21
N VAL I 251 141.21 20.47 39.78
CA VAL I 251 141.67 19.60 40.85
C VAL I 251 140.94 19.91 42.16
N ASN I 252 140.97 21.17 42.60
CA ASN I 252 140.45 21.53 43.90
C ASN I 252 139.17 22.35 43.87
N LEU I 253 138.58 22.58 42.69
CA LEU I 253 137.31 23.29 42.48
C LEU I 253 137.34 24.74 43.00
N VAL I 254 138.51 25.35 43.02
CA VAL I 254 138.63 26.76 43.38
C VAL I 254 138.21 27.61 42.18
N PRO I 255 137.28 28.55 42.34
CA PRO I 255 136.91 29.41 41.22
C PRO I 255 138.04 30.35 40.80
N LEU I 256 137.90 30.88 39.58
CA LEU I 256 138.96 31.66 38.97
C LEU I 256 139.03 33.06 39.57
N GLY I 257 140.17 33.71 39.37
CA GLY I 257 140.33 35.08 39.81
C GLY I 257 141.17 35.22 41.06
N ARG I 258 142.37 35.77 40.92
CA ARG I 258 143.25 35.98 42.06
C ARG I 258 143.57 37.46 42.22
N SER J 1 145.80 15.99 -43.53
CA SER J 1 144.93 17.06 -43.06
C SER J 1 145.52 17.72 -41.82
N LYS J 2 144.73 17.79 -40.76
CA LYS J 2 145.14 18.36 -39.48
C LYS J 2 145.47 17.24 -38.52
N THR J 3 146.64 17.33 -37.89
CA THR J 3 147.20 16.22 -37.12
C THR J 3 147.48 16.62 -35.68
N ILE J 4 147.40 15.63 -34.79
CA ILE J 4 147.92 15.73 -33.44
C ILE J 4 148.96 14.63 -33.26
N VAL J 5 150.11 14.99 -32.68
CA VAL J 5 151.20 14.04 -32.47
C VAL J 5 151.30 13.74 -30.98
N LEU J 6 151.23 12.46 -30.63
CA LEU J 6 151.28 12.02 -29.23
C LEU J 6 152.51 11.14 -29.07
N SER J 7 153.56 11.69 -28.45
CA SER J 7 154.79 10.95 -28.23
C SER J 7 154.65 10.05 -27.01
N VAL J 8 154.86 8.76 -27.21
CA VAL J 8 154.57 7.73 -26.21
C VAL J 8 155.96 7.20 -25.83
N GLY J 9 156.94 8.10 -25.86
CA GLY J 9 158.33 7.75 -25.66
C GLY J 9 159.14 8.27 -26.82
N GLU J 10 159.68 7.38 -27.65
CA GLU J 10 160.21 7.76 -28.95
C GLU J 10 159.25 7.42 -30.08
N ALA J 11 158.28 6.54 -29.84
CA ALA J 11 157.28 6.22 -30.84
C ALA J 11 156.21 7.31 -30.85
N THR J 12 156.00 7.92 -32.01
CA THR J 12 155.01 8.98 -32.18
C THR J 12 153.79 8.39 -32.87
N ARG J 13 152.61 8.68 -32.33
CA ARG J 13 151.35 8.17 -32.86
C ARG J 13 150.54 9.37 -33.37
N THR J 14 150.46 9.50 -34.69
CA THR J 14 149.87 10.68 -35.32
C THR J 14 148.41 10.40 -35.70
N LEU J 15 147.51 11.20 -35.16
CA LEU J 15 146.08 11.09 -35.43
C LEU J 15 145.65 12.18 -36.42
N THR J 16 144.99 11.75 -37.50
CA THR J 16 144.53 12.70 -38.51
C THR J 16 143.04 12.93 -38.36
N GLU J 17 142.59 14.09 -38.82
CA GLU J 17 141.22 14.52 -38.62
C GLU J 17 140.30 13.88 -39.65
N ILE J 18 139.17 13.34 -39.19
CA ILE J 18 138.17 12.74 -40.06
C ILE J 18 136.83 13.44 -39.99
N GLN J 19 136.68 14.47 -39.16
CA GLN J 19 135.41 15.18 -39.05
C GLN J 19 135.68 16.57 -38.50
N SER J 20 134.94 17.56 -38.99
CA SER J 20 135.05 18.93 -38.50
C SER J 20 133.65 19.55 -38.60
N THR J 21 132.90 19.47 -37.50
CA THR J 21 131.59 20.10 -37.42
C THR J 21 131.82 21.49 -36.81
N ALA J 22 130.76 22.18 -36.40
CA ALA J 22 130.92 23.49 -35.77
C ALA J 22 131.54 23.36 -34.38
N ASP J 23 131.19 22.30 -33.65
CA ASP J 23 131.77 22.05 -32.35
C ASP J 23 132.52 20.74 -32.27
N ARG J 24 131.95 19.63 -32.75
CA ARG J 24 132.62 18.34 -32.68
C ARG J 24 133.75 18.27 -33.69
N GLN J 25 134.78 17.50 -33.34
CA GLN J 25 136.00 17.47 -34.14
C GLN J 25 136.70 16.14 -33.85
N ILE J 26 136.56 15.20 -34.77
CA ILE J 26 136.92 13.80 -34.53
C ILE J 26 138.25 13.50 -35.21
N PHE J 27 139.18 12.93 -34.45
CA PHE J 27 140.46 12.48 -34.96
C PHE J 27 140.54 10.97 -34.91
N GLU J 28 141.47 10.40 -35.66
CA GLU J 28 141.61 8.96 -35.78
C GLU J 28 142.99 8.64 -36.32
N GLU J 29 143.60 7.58 -35.79
CA GLU J 29 144.87 7.10 -36.30
C GLU J 29 144.63 6.24 -37.51
N LYS J 30 145.58 6.22 -38.44
CA LYS J 30 145.35 5.63 -39.75
C LYS J 30 146.15 4.36 -40.01
N VAL J 31 147.02 3.94 -39.11
CA VAL J 31 147.77 2.71 -39.33
C VAL J 31 147.04 1.53 -38.71
N GLY J 32 147.19 0.35 -39.31
CA GLY J 32 146.62 -0.86 -38.77
C GLY J 32 145.35 -1.28 -39.47
N PRO J 33 144.58 -2.19 -38.86
CA PRO J 33 143.29 -2.57 -39.42
C PRO J 33 142.26 -1.46 -39.37
N LEU J 34 141.18 -1.61 -40.13
CA LEU J 34 140.19 -0.55 -40.29
C LEU J 34 139.06 -0.63 -39.29
N VAL J 35 139.06 -1.61 -38.40
CA VAL J 35 137.91 -1.81 -37.52
C VAL J 35 138.16 -1.23 -36.12
N GLY J 36 139.39 -1.29 -35.62
CA GLY J 36 139.69 -0.70 -34.33
C GLY J 36 140.90 0.21 -34.37
N ARG J 37 140.69 1.49 -34.12
CA ARG J 37 141.75 2.49 -34.15
C ARG J 37 141.53 3.47 -32.99
N LEU J 38 142.53 4.30 -32.75
CA LEU J 38 142.39 5.39 -31.78
C LEU J 38 141.34 6.39 -32.25
N ARG J 39 140.75 7.09 -31.30
CA ARG J 39 139.68 8.02 -31.57
C ARG J 39 139.76 9.15 -30.57
N LEU J 40 139.61 10.38 -31.05
CA LEU J 40 139.75 11.54 -30.19
C LEU J 40 138.63 12.52 -30.58
N THR J 41 137.61 12.61 -29.74
CA THR J 41 136.42 13.39 -30.05
C THR J 41 136.49 14.69 -29.24
N ALA J 42 137.10 15.71 -29.83
CA ALA J 42 137.17 17.00 -29.17
C ALA J 42 135.89 17.79 -29.40
N SER J 43 135.66 18.77 -28.53
CA SER J 43 134.47 19.59 -28.59
C SER J 43 134.73 20.90 -27.85
N LEU J 44 133.84 21.86 -28.07
CA LEU J 44 133.89 23.14 -27.38
C LEU J 44 132.50 23.77 -27.46
N ARG J 45 132.07 24.40 -26.37
CA ARG J 45 130.74 24.99 -26.29
C ARG J 45 130.82 26.29 -25.51
N GLN J 46 129.68 26.96 -25.39
CA GLN J 46 129.49 28.01 -24.39
C GLN J 46 128.01 28.00 -23.99
N ASN J 47 127.71 27.29 -22.90
CA ASN J 47 126.34 27.04 -22.51
C ASN J 47 125.86 28.13 -21.55
N GLY J 48 124.56 28.39 -21.60
CA GLY J 48 123.95 29.39 -20.74
C GLY J 48 123.94 30.76 -21.38
N ALA J 49 124.17 31.80 -20.58
CA ALA J 49 124.19 33.17 -21.10
C ALA J 49 125.62 33.59 -21.46
N LYS J 50 126.27 32.74 -22.25
CA LYS J 50 127.58 32.99 -22.89
C LYS J 50 128.67 33.34 -21.88
N THR J 51 128.61 32.78 -20.67
CA THR J 51 129.54 33.16 -19.61
C THR J 51 130.58 32.10 -19.29
N ALA J 52 130.40 30.86 -19.72
CA ALA J 52 131.34 29.79 -19.40
C ALA J 52 131.46 28.87 -20.60
N TYR J 53 132.69 28.45 -20.89
CA TYR J 53 132.95 27.50 -21.96
C TYR J 53 132.96 26.08 -21.40
N ARG J 54 133.05 25.11 -22.30
CA ARG J 54 133.05 23.70 -21.89
C ARG J 54 133.84 22.88 -22.91
N VAL J 55 135.08 22.58 -22.58
CA VAL J 55 135.89 21.68 -23.38
C VAL J 55 135.55 20.25 -23.00
N ASN J 56 135.56 19.34 -23.97
CA ASN J 56 135.14 17.97 -23.73
C ASN J 56 135.93 17.06 -24.66
N LEU J 57 137.02 16.48 -24.17
CA LEU J 57 137.79 15.51 -24.92
C LEU J 57 137.34 14.10 -24.58
N LYS J 58 137.67 13.16 -25.47
CA LYS J 58 137.30 11.76 -25.27
C LYS J 58 138.26 10.90 -26.08
N LEU J 59 139.21 10.27 -25.40
CA LEU J 59 140.21 9.43 -26.04
C LEU J 59 139.77 7.98 -25.95
N ASP J 60 139.13 7.48 -27.01
CA ASP J 60 138.76 6.08 -27.06
C ASP J 60 139.97 5.23 -27.38
N GLN J 61 139.87 3.94 -27.06
CA GLN J 61 140.89 2.96 -27.44
C GLN J 61 140.26 1.59 -27.42
N ALA J 62 140.24 0.94 -28.58
CA ALA J 62 139.70 -0.41 -28.72
C ALA J 62 140.84 -1.40 -28.88
N ASP J 63 140.68 -2.58 -28.27
CA ASP J 63 141.67 -3.64 -28.39
C ASP J 63 141.18 -4.63 -29.44
N VAL J 64 141.74 -4.54 -30.62
CA VAL J 64 141.37 -5.38 -31.74
C VAL J 64 142.24 -6.63 -31.74
N VAL J 65 141.64 -7.77 -32.07
CA VAL J 65 142.35 -9.04 -32.14
C VAL J 65 142.01 -9.70 -33.48
N ASP J 66 143.02 -10.29 -34.12
CA ASP J 66 142.85 -10.97 -35.39
C ASP J 66 143.62 -12.29 -35.35
N CYS J 67 142.89 -13.39 -35.33
CA CYS J 67 143.46 -14.74 -35.32
C CYS J 67 142.86 -15.58 -36.44
N SER J 68 142.90 -15.05 -37.65
CA SER J 68 142.53 -15.84 -38.83
C SER J 68 143.51 -16.99 -39.08
N THR J 69 144.75 -16.88 -38.59
CA THR J 69 145.69 -17.98 -38.71
C THR J 69 145.40 -19.07 -37.68
N SER J 70 144.67 -18.73 -36.62
CA SER J 70 144.30 -19.72 -35.61
C SER J 70 143.08 -20.52 -36.03
N VAL J 71 141.95 -19.83 -36.18
CA VAL J 71 140.73 -20.43 -36.72
C VAL J 71 140.54 -19.93 -38.14
N CYS J 72 140.35 -20.85 -39.08
CA CYS J 72 140.30 -20.50 -40.50
C CYS J 72 138.97 -19.85 -40.85
N GLY J 73 139.03 -18.59 -41.25
CA GLY J 73 137.87 -17.92 -41.78
C GLY J 73 137.25 -16.83 -40.94
N GLU J 74 137.97 -16.29 -39.96
CA GLU J 74 137.45 -15.17 -39.19
C GLU J 74 138.17 -13.89 -39.60
N LEU J 75 137.59 -12.77 -39.18
CA LEU J 75 138.04 -11.44 -39.55
C LEU J 75 138.50 -10.72 -38.29
N PRO J 76 139.23 -9.60 -38.39
CA PRO J 76 139.56 -8.82 -37.18
C PRO J 76 138.32 -8.28 -36.50
N LYS J 77 138.43 -8.14 -35.17
CA LYS J 77 137.31 -7.85 -34.31
C LYS J 77 137.83 -7.23 -33.03
N VAL J 78 137.05 -6.32 -32.44
CA VAL J 78 137.44 -5.65 -31.20
C VAL J 78 136.82 -6.37 -30.01
N ARG J 79 137.60 -6.54 -28.95
CA ARG J 79 137.07 -7.15 -27.74
C ARG J 79 136.36 -6.11 -26.88
N TYR J 80 137.10 -5.11 -26.42
CA TYR J 80 136.60 -4.13 -25.47
C TYR J 80 137.06 -2.74 -25.87
N THR J 81 136.55 -1.73 -25.16
CA THR J 81 136.90 -0.35 -25.40
C THR J 81 137.15 0.35 -24.07
N GLN J 82 138.29 1.03 -23.96
CA GLN J 82 138.66 1.77 -22.77
C GLN J 82 138.82 3.24 -23.13
N VAL J 83 138.09 4.11 -22.43
CA VAL J 83 138.05 5.52 -22.78
C VAL J 83 138.74 6.34 -21.67
N TRP J 84 138.96 7.62 -21.95
CA TRP J 84 139.41 8.58 -20.95
C TRP J 84 138.84 9.93 -21.38
N SER J 85 137.75 10.34 -20.74
CA SER J 85 137.13 11.61 -21.07
C SER J 85 137.75 12.73 -20.25
N HIS J 86 137.47 13.96 -20.68
CA HIS J 86 137.81 15.16 -19.94
C HIS J 86 136.63 16.10 -20.02
N ASP J 87 136.43 16.90 -18.98
CA ASP J 87 135.32 17.86 -18.94
C ASP J 87 135.83 19.12 -18.26
N VAL J 88 136.32 20.04 -19.06
CA VAL J 88 136.91 21.27 -18.55
C VAL J 88 135.87 22.37 -18.60
N THR J 89 135.75 23.13 -17.51
CA THR J 89 134.83 24.26 -17.44
C THR J 89 135.66 25.53 -17.25
N ILE J 90 135.56 26.45 -18.21
CA ILE J 90 136.32 27.69 -18.21
C ILE J 90 135.34 28.84 -18.27
N VAL J 91 135.38 29.71 -17.26
CA VAL J 91 134.54 30.90 -17.26
C VAL J 91 135.20 31.98 -18.10
N ALA J 92 134.37 32.79 -18.77
CA ALA J 92 134.85 33.58 -19.90
C ALA J 92 135.64 34.80 -19.46
N ASN J 93 135.36 35.35 -18.28
CA ASN J 93 136.04 36.54 -17.80
C ASN J 93 137.23 36.22 -16.91
N SER J 94 137.92 35.10 -17.18
CA SER J 94 138.99 34.63 -16.31
C SER J 94 140.25 35.46 -16.50
N THR J 95 141.23 35.19 -15.64
CA THR J 95 142.59 35.65 -15.83
C THR J 95 143.33 34.60 -16.64
N GLU J 96 144.33 35.03 -17.41
CA GLU J 96 145.11 34.07 -18.19
C GLU J 96 146.00 33.23 -17.29
N ALA J 97 146.40 33.75 -16.13
CA ALA J 97 147.17 32.96 -15.19
C ALA J 97 146.31 31.98 -14.43
N SER J 98 144.99 32.17 -14.41
CA SER J 98 144.10 31.20 -13.81
C SER J 98 143.91 30.01 -14.74
N ARG J 99 143.75 30.27 -16.04
CA ARG J 99 143.63 29.21 -17.03
C ARG J 99 144.94 28.47 -17.23
N LYS J 100 146.08 29.14 -17.05
CA LYS J 100 147.36 28.47 -17.18
C LYS J 100 147.67 27.60 -15.98
N SER J 101 147.26 28.03 -14.79
CA SER J 101 147.52 27.25 -13.59
C SER J 101 146.65 26.00 -13.52
N LEU J 102 145.42 26.09 -14.03
CA LEU J 102 144.54 24.93 -14.05
C LEU J 102 145.06 23.88 -15.01
N TYR J 103 145.66 24.31 -16.13
CA TYR J 103 146.26 23.36 -17.05
C TYR J 103 147.54 22.76 -16.45
N ASP J 104 148.32 23.57 -15.73
CA ASP J 104 149.58 23.09 -15.17
C ASP J 104 149.37 22.12 -14.02
N LEU J 105 148.24 22.19 -13.32
CA LEU J 105 147.99 21.25 -12.25
C LEU J 105 147.50 19.90 -12.79
N THR J 106 146.66 19.93 -13.84
CA THR J 106 146.16 18.70 -14.41
C THR J 106 147.23 17.99 -15.22
N LYS J 107 148.13 18.73 -15.86
CA LYS J 107 149.28 18.14 -16.52
C LYS J 107 150.20 17.47 -15.52
N SER J 108 150.27 18.00 -14.30
CA SER J 108 151.05 17.38 -13.24
C SER J 108 150.26 16.36 -12.44
N LEU J 109 148.93 16.42 -12.49
CA LEU J 109 148.12 15.38 -11.86
C LEU J 109 148.27 14.06 -12.59
N VAL J 110 148.18 14.09 -13.92
CA VAL J 110 148.24 12.87 -14.71
C VAL J 110 149.66 12.30 -14.71
N ALA J 111 150.67 13.16 -14.64
CA ALA J 111 152.05 12.71 -14.74
C ALA J 111 152.61 12.16 -13.43
N THR J 112 151.83 12.10 -12.36
CA THR J 112 152.37 11.57 -11.11
C THR J 112 152.22 10.05 -11.07
N SER J 113 152.91 9.44 -10.10
CA SER J 113 152.92 7.99 -9.98
C SER J 113 151.74 7.45 -9.20
N GLN J 114 150.88 8.30 -8.64
CA GLN J 114 149.73 7.80 -7.89
C GLN J 114 148.50 7.69 -8.76
N VAL J 115 148.40 8.51 -9.81
CA VAL J 115 147.30 8.37 -10.75
C VAL J 115 147.59 7.25 -11.74
N GLU J 116 148.88 6.99 -12.01
CA GLU J 116 149.26 5.88 -12.87
C GLU J 116 148.85 4.55 -12.25
N ASP J 117 149.10 4.36 -10.96
CA ASP J 117 148.67 3.13 -10.30
C ASP J 117 147.16 3.09 -10.07
N LEU J 118 146.48 4.22 -10.16
CA LEU J 118 145.04 4.24 -9.98
C LEU J 118 144.31 3.66 -11.19
N VAL J 119 144.86 3.80 -12.39
CA VAL J 119 144.19 3.31 -13.58
C VAL J 119 144.81 2.00 -14.05
N VAL J 120 146.08 1.78 -13.78
CA VAL J 120 146.71 0.53 -14.19
C VAL J 120 146.43 -0.58 -13.20
N ASN J 121 146.77 -0.38 -11.92
CA ASN J 121 146.67 -1.42 -10.91
C ASN J 121 145.55 -1.18 -9.92
N LEU J 122 144.71 -0.16 -10.14
CA LEU J 122 143.51 0.16 -9.36
C LEU J 122 143.82 0.49 -7.89
N VAL J 123 145.03 0.93 -7.61
CA VAL J 123 145.43 1.31 -6.26
C VAL J 123 144.82 2.67 -5.93
N PRO J 124 144.22 2.86 -4.76
CA PRO J 124 143.64 4.18 -4.42
C PRO J 124 144.72 5.24 -4.20
N LEU J 125 144.26 6.48 -4.09
CA LEU J 125 145.15 7.63 -4.05
C LEU J 125 145.66 7.89 -2.65
N GLY J 126 146.81 8.57 -2.59
CA GLY J 126 147.37 9.00 -1.33
C GLY J 126 148.37 8.02 -0.72
N ARG J 127 149.59 8.50 -0.49
CA ARG J 127 150.62 7.71 0.18
C ARG J 127 151.16 8.52 1.34
N ALA J 128 151.04 7.98 2.55
CA ALA J 128 151.48 8.68 3.75
C ALA J 128 152.99 8.56 3.90
N TYR J 129 153.70 9.64 3.60
CA TYR J 129 155.15 9.70 3.77
C TYR J 129 155.44 10.65 4.94
N GLY J 130 155.40 10.09 6.15
CA GLY J 130 155.64 10.87 7.34
C GLY J 130 154.56 11.89 7.64
N GLY J 131 153.37 11.41 7.97
CA GLY J 131 152.26 12.30 8.22
C GLY J 131 150.94 11.73 7.75
N SER J 132 150.15 12.53 7.04
CA SER J 132 148.88 12.08 6.52
C SER J 132 149.02 11.69 5.04
N LYS J 133 147.92 11.23 4.47
CA LYS J 133 147.90 10.82 3.07
C LYS J 133 147.92 12.04 2.18
N THR J 134 148.99 12.21 1.41
CA THR J 134 149.21 13.41 0.63
C THR J 134 149.43 13.08 -0.84
N ILE J 135 149.10 14.04 -1.70
CA ILE J 135 149.45 14.02 -3.12
C ILE J 135 150.27 15.27 -3.38
N VAL J 136 151.37 15.13 -4.10
CA VAL J 136 152.24 16.26 -4.44
C VAL J 136 152.10 16.54 -5.93
N LEU J 137 151.65 17.74 -6.27
CA LEU J 137 151.50 18.18 -7.65
C LEU J 137 152.54 19.26 -7.92
N SER J 138 153.73 18.85 -8.31
CA SER J 138 154.81 19.79 -8.57
C SER J 138 154.60 20.49 -9.90
N VAL J 139 154.82 21.80 -9.92
CA VAL J 139 154.62 22.63 -11.10
C VAL J 139 156.02 23.12 -11.49
N GLY J 140 157.00 22.25 -11.28
CA GLY J 140 158.38 22.63 -11.47
C GLY J 140 159.13 22.64 -10.14
N GLU J 141 159.46 23.83 -9.65
CA GLU J 141 160.00 23.97 -8.32
C GLU J 141 158.95 24.29 -7.27
N ALA J 142 157.77 24.74 -7.68
CA ALA J 142 156.67 24.93 -6.75
C ALA J 142 155.91 23.63 -6.58
N THR J 143 155.78 23.17 -5.33
CA THR J 143 155.08 21.94 -5.02
C THR J 143 153.83 22.29 -4.22
N ARG J 144 152.69 21.77 -4.65
CA ARG J 144 151.41 22.02 -3.99
C ARG J 144 150.89 20.70 -3.44
N THR J 145 150.99 20.54 -2.12
CA THR J 145 150.71 19.27 -1.46
C THR J 145 149.27 19.26 -0.95
N LEU J 146 148.47 18.31 -1.44
CA LEU J 146 147.08 18.18 -1.01
C LEU J 146 146.94 17.03 -0.03
N THR J 147 146.40 17.34 1.15
CA THR J 147 146.21 16.36 2.21
C THR J 147 144.76 15.86 2.21
N GLU J 148 144.59 14.60 2.55
CA GLU J 148 143.27 13.97 2.51
C GLU J 148 142.41 14.45 3.67
N ILE J 149 141.16 14.81 3.37
CA ILE J 149 140.25 15.32 4.39
C ILE J 149 139.08 14.38 4.66
N GLN J 150 138.76 13.46 3.74
CA GLN J 150 137.63 12.56 3.91
C GLN J 150 137.81 11.38 2.98
N SER J 151 137.65 10.17 3.52
CA SER J 151 137.73 8.94 2.73
C SER J 151 136.45 8.15 2.99
N THR J 152 135.42 8.44 2.20
CA THR J 152 134.15 7.73 2.28
C THR J 152 134.33 6.43 1.48
N ALA J 153 133.33 5.54 1.50
CA ALA J 153 133.43 4.28 0.77
C ALA J 153 133.43 4.49 -0.74
N ASP J 154 132.83 5.60 -1.20
CA ASP J 154 132.85 5.95 -2.62
C ASP J 154 133.84 7.07 -2.92
N ARG J 155 133.74 8.20 -2.23
CA ARG J 155 134.58 9.35 -2.54
C ARG J 155 135.90 9.30 -1.79
N GLN J 156 136.83 10.15 -2.22
CA GLN J 156 138.11 10.31 -1.55
C GLN J 156 138.58 11.74 -1.83
N ILE J 157 138.29 12.65 -0.91
CA ILE J 157 138.45 14.08 -1.15
C ILE J 157 139.79 14.53 -0.60
N PHE J 158 140.57 15.20 -1.45
CA PHE J 158 141.82 15.83 -1.06
C PHE J 158 141.65 17.34 -1.11
N GLU J 159 142.53 18.06 -0.42
CA GLU J 159 142.41 19.50 -0.31
C GLU J 159 143.76 20.06 0.14
N GLU J 160 144.14 21.20 -0.43
CA GLU J 160 145.31 21.91 0.05
C GLU J 160 144.99 22.62 1.36
N LYS J 161 146.03 22.93 2.13
CA LYS J 161 145.84 23.42 3.49
C LYS J 161 146.41 24.81 3.74
N VAL J 162 147.26 25.33 2.87
CA VAL J 162 147.80 26.66 3.06
C VAL J 162 146.79 27.70 2.57
N GLY J 163 146.95 28.93 3.04
CA GLY J 163 146.14 30.03 2.59
C GLY J 163 144.83 30.16 3.35
N PRO J 164 143.89 30.93 2.80
CA PRO J 164 142.59 31.09 3.46
C PRO J 164 141.76 29.82 3.39
N LEU J 165 140.71 29.80 4.20
CA LEU J 165 139.82 28.65 4.28
C LEU J 165 138.67 28.68 3.29
N VAL J 166 138.46 29.82 2.62
CA VAL J 166 137.26 29.95 1.80
C VAL J 166 137.45 29.34 0.41
N GLY J 167 138.63 29.46 -0.18
CA GLY J 167 138.88 28.83 -1.47
C GLY J 167 140.18 28.07 -1.50
N ARG J 168 140.10 26.75 -1.69
CA ARG J 168 141.27 25.90 -1.70
C ARG J 168 141.14 24.89 -2.83
N LEU J 169 142.26 24.21 -3.12
CA LEU J 169 142.27 23.18 -4.14
C LEU J 169 141.45 21.97 -3.69
N ARG J 170 141.01 21.18 -4.67
CA ARG J 170 140.19 20.02 -4.40
C ARG J 170 140.60 18.89 -5.34
N LEU J 171 140.38 17.66 -4.89
CA LEU J 171 140.60 16.49 -5.73
C LEU J 171 139.69 15.39 -5.19
N THR J 172 138.53 15.22 -5.82
CA THR J 172 137.55 14.24 -5.37
C THR J 172 137.61 13.05 -6.30
N ALA J 173 138.49 12.10 -5.97
CA ALA J 173 138.57 10.86 -6.72
C ALA J 173 137.40 9.95 -6.35
N SER J 174 137.12 8.98 -7.22
CA SER J 174 136.08 8.00 -6.98
C SER J 174 136.43 6.75 -7.77
N LEU J 175 135.69 5.67 -7.49
CA LEU J 175 135.92 4.39 -8.15
C LEU J 175 134.66 3.55 -7.98
N ARG J 176 134.06 3.14 -9.10
CA ARG J 176 132.84 2.36 -9.07
C ARG J 176 133.02 1.12 -9.95
N GLN J 177 132.01 0.27 -9.95
CA GLN J 177 131.87 -0.79 -10.96
C GLN J 177 130.37 -1.07 -11.14
N ASN J 178 129.85 -0.68 -12.29
CA ASN J 178 128.43 -0.80 -12.58
C ASN J 178 128.17 -2.00 -13.48
N GLY J 179 127.07 -2.69 -13.22
CA GLY J 179 126.68 -3.83 -14.01
C GLY J 179 127.11 -5.14 -13.37
N ALA J 180 127.43 -6.14 -14.19
CA ALA J 180 127.82 -7.45 -13.70
C ALA J 180 129.33 -7.56 -13.51
N LYS J 181 129.91 -6.57 -12.82
CA LYS J 181 131.31 -6.53 -12.40
C LYS J 181 132.27 -6.62 -13.58
N THR J 182 131.91 -6.03 -14.72
CA THR J 182 132.71 -6.14 -15.93
C THR J 182 133.58 -4.91 -16.18
N ALA J 183 133.18 -3.73 -15.71
CA ALA J 183 133.91 -2.52 -16.03
C ALA J 183 133.99 -1.61 -14.80
N TYR J 184 135.13 -0.99 -14.62
CA TYR J 184 135.34 -0.02 -13.55
C TYR J 184 135.05 1.39 -14.05
N ARG J 185 135.14 2.36 -13.14
CA ARG J 185 134.88 3.76 -13.50
C ARG J 185 135.68 4.64 -12.55
N VAL J 186 136.84 5.10 -13.00
CA VAL J 186 137.64 6.05 -12.25
C VAL J 186 137.14 7.46 -12.56
N ASN J 187 137.11 8.33 -11.56
CA ASN J 187 136.53 9.67 -11.73
C ASN J 187 137.31 10.66 -10.88
N LEU J 188 138.29 11.32 -11.48
CA LEU J 188 139.01 12.41 -10.82
C LEU J 188 138.37 13.75 -11.19
N LYS J 189 138.54 14.73 -10.30
CA LYS J 189 137.92 16.04 -10.49
C LYS J 189 138.67 17.06 -9.66
N LEU J 190 139.29 18.04 -10.30
CA LEU J 190 140.10 19.05 -9.63
C LEU J 190 139.43 20.41 -9.78
N ASP J 191 138.92 20.95 -8.67
CA ASP J 191 138.35 22.28 -8.66
C ASP J 191 139.40 23.29 -8.23
N GLN J 192 139.42 24.44 -8.91
CA GLN J 192 140.32 25.52 -8.56
C GLN J 192 139.52 26.81 -8.53
N ALA J 193 139.36 27.37 -7.34
CA ALA J 193 138.62 28.61 -7.15
C ALA J 193 139.60 29.78 -7.04
N ASP J 194 139.23 30.90 -7.63
CA ASP J 194 140.06 32.10 -7.60
C ASP J 194 139.59 32.99 -6.46
N VAL J 195 140.45 33.18 -5.47
CA VAL J 195 140.12 33.98 -4.29
C VAL J 195 140.90 35.28 -4.35
N VAL J 196 140.24 36.39 -3.97
CA VAL J 196 140.87 37.70 -3.96
C VAL J 196 140.57 38.37 -2.62
N ASP J 197 141.54 39.14 -2.13
CA ASP J 197 141.40 39.91 -0.91
C ASP J 197 141.56 41.39 -1.21
N CYS J 198 140.54 42.17 -0.86
CA CYS J 198 140.51 43.59 -1.13
C CYS J 198 140.63 44.41 0.15
N SER J 199 141.31 43.86 1.16
CA SER J 199 141.45 44.54 2.44
C SER J 199 142.42 45.71 2.36
N THR J 200 143.32 45.72 1.38
CA THR J 200 144.20 46.88 1.20
C THR J 200 143.48 48.00 0.47
N SER J 201 142.34 47.71 -0.15
CA SER J 201 141.54 48.71 -0.86
C SER J 201 140.29 49.10 -0.09
N VAL J 202 139.46 48.13 0.27
CA VAL J 202 138.24 48.37 1.03
C VAL J 202 138.42 47.78 2.42
N CYS J 203 138.22 48.60 3.44
CA CYS J 203 138.35 48.14 4.82
C CYS J 203 137.26 47.16 5.20
N GLY J 204 137.62 46.21 6.06
CA GLY J 204 136.68 45.22 6.55
C GLY J 204 136.26 44.20 5.52
N GLU J 205 137.07 43.96 4.50
CA GLU J 205 136.75 43.01 3.45
C GLU J 205 137.57 41.75 3.65
N LEU J 206 136.88 40.65 3.94
CA LEU J 206 137.48 39.34 4.06
C LEU J 206 137.54 38.68 2.69
N PRO J 207 138.45 37.71 2.49
CA PRO J 207 138.58 37.08 1.17
C PRO J 207 137.33 36.32 0.74
N LYS J 208 137.10 36.32 -0.58
CA LYS J 208 135.97 35.63 -1.17
C LYS J 208 136.38 35.08 -2.52
N VAL J 209 135.58 34.17 -3.05
CA VAL J 209 135.88 33.50 -4.31
C VAL J 209 135.14 34.20 -5.44
N ARG J 210 135.80 34.31 -6.59
CA ARG J 210 135.17 34.89 -7.77
C ARG J 210 134.45 33.82 -8.58
N TYR J 211 135.20 32.82 -9.06
CA TYR J 211 134.68 31.79 -9.94
C TYR J 211 135.38 30.47 -9.60
N THR J 212 134.91 29.39 -10.21
CA THR J 212 135.59 28.09 -10.11
C THR J 212 135.79 27.54 -11.51
N GLN J 213 136.91 26.86 -11.71
CA GLN J 213 137.21 26.18 -12.96
C GLN J 213 137.61 24.75 -12.65
N VAL J 214 136.91 23.80 -13.25
CA VAL J 214 137.10 22.39 -12.95
C VAL J 214 137.80 21.71 -14.12
N TRP J 215 138.30 20.50 -13.87
CA TRP J 215 138.82 19.62 -14.90
C TRP J 215 138.54 18.19 -14.44
N SER J 216 137.40 17.66 -14.87
CA SER J 216 137.02 16.32 -14.49
C SER J 216 137.75 15.28 -15.34
N HIS J 217 137.66 14.03 -14.92
CA HIS J 217 138.15 12.90 -15.68
C HIS J 217 137.15 11.76 -15.51
N ASP J 218 137.08 10.89 -16.52
CA ASP J 218 136.17 9.75 -16.45
C ASP J 218 136.80 8.61 -17.24
N VAL J 219 137.54 7.75 -16.55
CA VAL J 219 138.21 6.61 -17.15
C VAL J 219 137.30 5.40 -17.03
N THR J 220 137.16 4.66 -18.12
CA THR J 220 136.40 3.42 -18.14
C THR J 220 137.37 2.27 -18.43
N ILE J 221 137.47 1.33 -17.50
CA ILE J 221 138.40 0.22 -17.58
C ILE J 221 137.62 -1.06 -17.39
N VAL J 222 137.66 -1.94 -18.37
CA VAL J 222 136.99 -3.23 -18.25
C VAL J 222 137.85 -4.15 -17.39
N ALA J 223 137.19 -5.08 -16.68
CA ALA J 223 137.85 -5.82 -15.62
C ALA J 223 138.83 -6.86 -16.14
N ASN J 224 138.57 -7.42 -17.32
CA ASN J 224 139.42 -8.45 -17.90
C ASN J 224 140.45 -7.91 -18.88
N SER J 225 140.96 -6.69 -18.64
CA SER J 225 141.89 -6.02 -19.53
C SER J 225 143.26 -6.69 -19.49
N THR J 226 144.10 -6.32 -20.44
CA THR J 226 145.52 -6.59 -20.40
C THR J 226 146.18 -5.46 -19.62
N GLU J 227 147.36 -5.72 -19.05
CA GLU J 227 148.07 -4.68 -18.35
C GLU J 227 148.62 -3.63 -19.31
N ALA J 228 149.13 -4.05 -20.46
CA ALA J 228 149.60 -3.10 -21.46
C ALA J 228 148.45 -2.42 -22.19
N SER J 229 147.22 -2.90 -22.02
CA SER J 229 146.06 -2.18 -22.54
C SER J 229 145.71 -0.99 -21.66
N ARG J 230 145.85 -1.14 -20.34
CA ARG J 230 145.61 -0.01 -19.45
C ARG J 230 146.82 0.90 -19.34
N LYS J 231 148.02 0.35 -19.57
CA LYS J 231 149.22 1.17 -19.49
C LYS J 231 149.34 2.08 -20.71
N SER J 232 148.88 1.61 -21.87
CA SER J 232 148.95 2.45 -23.07
C SER J 232 147.86 3.51 -23.09
N LEU J 233 146.69 3.22 -22.50
CA LEU J 233 145.65 4.23 -22.39
C LEU J 233 146.06 5.37 -21.48
N TYR J 234 146.75 5.04 -20.38
CA TYR J 234 147.25 6.07 -19.49
C TYR J 234 148.36 6.89 -20.16
N ASP J 235 149.28 6.21 -20.85
CA ASP J 235 150.45 6.90 -21.37
C ASP J 235 150.14 7.69 -22.63
N LEU J 236 149.00 7.45 -23.28
CA LEU J 236 148.55 8.31 -24.36
C LEU J 236 147.88 9.57 -23.81
N THR J 237 147.05 9.42 -22.77
CA THR J 237 146.40 10.57 -22.15
C THR J 237 147.40 11.46 -21.44
N LYS J 238 148.43 10.88 -20.85
CA LYS J 238 149.54 11.66 -20.31
C LYS J 238 150.27 12.41 -21.42
N SER J 239 150.37 11.80 -22.59
CA SER J 239 150.99 12.45 -23.74
C SER J 239 150.04 13.36 -24.48
N LEU J 240 148.74 13.30 -24.18
CA LEU J 240 147.79 14.19 -24.83
C LEU J 240 147.72 15.53 -24.13
N VAL J 241 147.66 15.52 -22.79
CA VAL J 241 147.60 16.74 -22.00
C VAL J 241 148.91 17.53 -22.14
N ALA J 242 150.04 16.84 -22.30
CA ALA J 242 151.33 17.51 -22.39
C ALA J 242 151.60 18.14 -23.75
N THR J 243 150.70 18.02 -24.72
CA THR J 243 150.91 18.64 -26.01
C THR J 243 150.65 20.14 -25.94
N SER J 244 151.08 20.84 -27.00
CA SER J 244 150.89 22.28 -27.07
C SER J 244 149.53 22.66 -27.65
N GLN J 245 148.78 21.70 -28.18
CA GLN J 245 147.48 22.01 -28.75
C GLN J 245 146.38 21.98 -27.69
N VAL J 246 146.51 21.09 -26.71
CA VAL J 246 145.56 21.05 -25.60
C VAL J 246 145.88 22.13 -24.58
N GLU J 247 147.10 22.66 -24.59
CA GLU J 247 147.40 23.84 -23.79
C GLU J 247 146.66 25.05 -24.32
N ASP J 248 146.72 25.28 -25.64
CA ASP J 248 146.01 26.40 -26.24
C ASP J 248 144.51 26.18 -26.33
N LEU J 249 144.05 24.93 -26.23
CA LEU J 249 142.62 24.68 -26.21
C LEU J 249 141.99 25.12 -24.89
N VAL J 250 142.76 25.08 -23.80
CA VAL J 250 142.27 25.51 -22.50
C VAL J 250 142.57 26.98 -22.26
N VAL J 251 143.79 27.42 -22.58
CA VAL J 251 144.18 28.80 -22.32
C VAL J 251 143.52 29.74 -23.32
N ASN J 252 143.69 29.50 -24.61
CA ASN J 252 143.26 30.43 -25.64
C ASN J 252 142.06 29.97 -26.45
N LEU J 253 141.47 28.81 -26.12
CA LEU J 253 140.29 28.24 -26.78
C LEU J 253 140.49 27.99 -28.27
N VAL J 254 141.72 27.75 -28.70
CA VAL J 254 142.00 27.39 -30.08
C VAL J 254 141.67 25.91 -30.25
N PRO J 255 140.84 25.53 -31.22
CA PRO J 255 140.54 24.11 -31.43
C PRO J 255 141.76 23.31 -31.88
N LEU J 256 141.63 22.00 -31.78
CA LEU J 256 142.75 21.09 -31.98
C LEU J 256 143.07 20.93 -33.47
N GLY J 257 144.29 20.49 -33.73
CA GLY J 257 144.70 20.15 -35.08
C GLY J 257 145.38 21.26 -35.85
N ARG J 258 146.67 21.11 -36.09
CA ARG J 258 147.40 22.05 -36.93
C ARG J 258 147.93 21.36 -38.17
N SER K 1 145.30 -42.49 23.20
CA SER K 1 144.49 -42.58 21.99
C SER K 1 145.14 -41.82 20.84
N LYS K 2 144.36 -40.96 20.18
CA LYS K 2 144.83 -40.16 19.07
C LYS K 2 145.08 -38.74 19.56
N THR K 3 146.29 -38.24 19.33
CA THR K 3 146.75 -37.00 19.94
C THR K 3 147.14 -35.96 18.91
N ILE K 4 146.99 -34.69 19.29
CA ILE K 4 147.59 -33.56 18.60
C ILE K 4 148.52 -32.87 19.59
N VAL K 5 149.69 -32.43 19.11
CA VAL K 5 150.67 -31.77 19.96
C VAL K 5 150.78 -30.32 19.52
N LEU K 6 150.41 -29.40 20.40
CA LEU K 6 150.42 -27.96 20.13
C LEU K 6 151.52 -27.31 20.97
N SER K 7 152.74 -27.34 20.46
CA SER K 7 153.87 -26.77 21.19
C SER K 7 153.87 -25.25 21.06
N VAL K 8 154.03 -24.56 22.18
CA VAL K 8 153.98 -23.11 22.24
C VAL K 8 155.37 -22.57 22.57
N GLY K 9 156.40 -23.28 22.11
CA GLY K 9 157.76 -23.03 22.49
C GLY K 9 158.43 -24.35 22.83
N GLU K 10 158.78 -24.54 24.10
CA GLU K 10 159.17 -25.86 24.56
C GLU K 10 158.05 -26.55 25.35
N ALA K 11 157.04 -25.80 25.78
CA ALA K 11 155.88 -26.40 26.43
C ALA K 11 154.95 -27.00 25.38
N THR K 12 154.72 -28.30 25.48
CA THR K 12 153.85 -29.01 24.54
C THR K 12 152.56 -29.36 25.26
N ARG K 13 151.43 -29.05 24.64
CA ARG K 13 150.11 -29.29 25.22
C ARG K 13 149.39 -30.33 24.37
N THR K 14 149.31 -31.54 24.87
CA THR K 14 148.80 -32.68 24.11
C THR K 14 147.31 -32.87 24.37
N LEU K 15 146.51 -32.74 23.32
CA LEU K 15 145.08 -33.01 23.40
C LEU K 15 144.79 -34.44 22.94
N THR K 16 144.01 -35.16 23.74
CA THR K 16 143.65 -36.53 23.39
C THR K 16 142.18 -36.57 22.99
N GLU K 17 141.85 -37.55 22.14
CA GLU K 17 140.53 -37.61 21.53
C GLU K 17 139.51 -38.20 22.49
N ILE K 18 138.36 -37.55 22.62
CA ILE K 18 137.28 -38.02 23.47
C ILE K 18 136.02 -38.39 22.69
N GLN K 19 136.00 -38.17 21.37
CA GLN K 19 134.81 -38.45 20.58
C GLN K 19 135.22 -38.64 19.13
N SER K 20 134.57 -39.58 18.44
CA SER K 20 134.79 -39.78 17.02
C SER K 20 133.47 -40.23 16.40
N THR K 21 132.70 -39.28 15.87
CA THR K 21 131.49 -39.60 15.14
C THR K 21 131.84 -39.71 13.66
N ALA K 22 130.81 -39.70 12.80
CA ALA K 22 131.05 -39.77 11.36
C ALA K 22 131.75 -38.52 10.83
N ASP K 23 131.37 -37.36 11.35
CA ASP K 23 132.02 -36.11 10.97
C ASP K 23 132.69 -35.39 12.13
N ARG K 24 132.03 -35.25 13.27
CA ARG K 24 132.61 -34.52 14.38
C ARG K 24 133.68 -35.34 15.08
N GLN K 25 134.65 -34.64 15.68
CA GLN K 25 135.83 -35.29 16.23
C GLN K 25 136.39 -34.37 17.31
N ILE K 26 136.12 -34.69 18.56
CA ILE K 26 136.39 -33.79 19.68
C ILE K 26 137.67 -34.22 20.38
N PHE K 27 138.55 -33.26 20.62
CA PHE K 27 139.78 -33.47 21.38
C PHE K 27 139.71 -32.68 22.68
N GLU K 28 140.55 -33.05 23.63
CA GLU K 28 140.56 -32.39 24.93
C GLU K 28 141.89 -32.67 25.61
N GLU K 29 142.40 -31.65 26.32
CA GLU K 29 143.57 -31.83 27.15
C GLU K 29 143.17 -32.49 28.46
N LYS K 30 144.09 -33.22 29.07
CA LYS K 30 143.79 -34.01 30.26
C LYS K 30 144.52 -33.54 31.51
N VAL K 31 145.35 -32.52 31.41
CA VAL K 31 146.09 -32.03 32.57
C VAL K 31 145.27 -30.95 33.26
N GLY K 32 145.08 -31.11 34.57
CA GLY K 32 144.45 -30.10 35.38
C GLY K 32 143.10 -30.51 35.95
N PRO K 33 142.29 -29.53 36.33
CA PRO K 33 140.94 -29.84 36.84
C PRO K 33 140.02 -30.40 35.77
N LEU K 34 138.86 -30.91 36.18
CA LEU K 34 137.97 -31.63 35.28
C LEU K 34 136.86 -30.76 34.70
N VAL K 35 136.78 -29.48 35.07
CA VAL K 35 135.64 -28.68 34.67
C VAL K 35 135.97 -27.77 33.50
N GLY K 36 137.19 -27.24 33.42
CA GLY K 36 137.55 -26.41 32.29
C GLY K 36 138.86 -26.83 31.65
N ARG K 37 138.80 -27.27 30.40
CA ARG K 37 139.96 -27.74 29.67
C ARG K 37 139.89 -27.22 28.24
N LEU K 38 140.97 -27.43 27.49
CA LEU K 38 140.96 -27.12 26.06
C LEU K 38 140.00 -28.02 25.31
N ARG K 39 139.61 -27.56 24.13
CA ARG K 39 138.64 -28.29 23.32
C ARG K 39 138.94 -27.99 21.86
N LEU K 40 138.74 -29.00 21.01
CA LEU K 40 139.03 -28.85 19.60
C LEU K 40 138.05 -29.76 18.85
N THR K 41 136.96 -29.18 18.37
CA THR K 41 135.91 -29.95 17.72
C THR K 41 136.12 -29.83 16.21
N ALA K 42 136.96 -30.69 15.67
CA ALA K 42 137.18 -30.74 14.23
C ALA K 42 135.97 -31.35 13.53
N SER K 43 135.88 -31.10 12.23
CA SER K 43 134.76 -31.59 11.44
C SER K 43 135.17 -31.59 9.98
N LEU K 44 134.35 -32.27 9.16
CA LEU K 44 134.54 -32.32 7.72
C LEU K 44 133.23 -32.73 7.09
N ARG K 45 132.90 -32.11 5.96
CA ARG K 45 131.64 -32.33 5.28
C ARG K 45 131.86 -32.26 3.78
N GLN K 46 130.80 -32.53 3.02
CA GLN K 46 130.75 -32.20 1.60
C GLN K 46 129.30 -31.87 1.24
N ASN K 47 128.98 -30.59 1.28
CA ASN K 47 127.61 -30.14 1.13
C ASN K 47 127.28 -29.90 -0.34
N GLY K 48 126.00 -30.04 -0.67
CA GLY K 48 125.54 -29.85 -2.03
C GLY K 48 125.67 -31.10 -2.86
N ALA K 49 126.03 -30.95 -4.14
CA ALA K 49 126.18 -32.09 -5.03
C ALA K 49 127.63 -32.57 -5.05
N LYS K 50 128.17 -32.79 -3.84
CA LYS K 50 129.46 -33.44 -3.58
C LYS K 50 130.63 -32.75 -4.28
N THR K 51 130.55 -31.42 -4.45
CA THR K 51 131.57 -30.70 -5.21
C THR K 51 132.50 -29.86 -4.35
N ALA K 52 132.16 -29.61 -3.08
CA ALA K 52 132.96 -28.75 -2.23
C ALA K 52 132.95 -29.30 -0.82
N TYR K 53 134.11 -29.34 -0.18
CA TYR K 53 134.23 -29.76 1.20
C TYR K 53 134.12 -28.57 2.14
N ARG K 54 134.09 -28.85 3.44
CA ARG K 54 133.98 -27.79 4.44
C ARG K 54 134.65 -28.26 5.72
N VAL K 55 135.87 -27.81 5.93
CA VAL K 55 136.58 -28.05 7.19
C VAL K 55 136.14 -27.01 8.21
N ASN K 56 135.98 -27.45 9.46
CA ASN K 56 135.39 -26.57 10.48
C ASN K 56 136.02 -26.93 11.83
N LEU K 57 137.06 -26.19 12.21
CA LEU K 57 137.69 -26.34 13.52
C LEU K 57 137.10 -25.32 14.50
N LYS K 58 137.30 -25.59 15.80
CA LYS K 58 136.80 -24.70 16.84
C LYS K 58 137.64 -24.94 18.10
N LEU K 59 138.58 -24.05 18.37
CA LEU K 59 139.46 -24.17 19.53
C LEU K 59 138.89 -23.35 20.68
N ASP K 60 138.22 -24.01 21.60
CA ASP K 60 137.72 -23.35 22.80
C ASP K 60 138.83 -23.21 23.83
N GLN K 61 138.61 -22.32 24.78
CA GLN K 61 139.52 -22.13 25.90
C GLN K 61 138.75 -21.48 27.04
N ALA K 62 138.62 -22.19 28.14
CA ALA K 62 137.93 -21.69 29.32
C ALA K 62 138.95 -21.27 30.36
N ASP K 63 138.65 -20.21 31.09
CA ASP K 63 139.51 -19.73 32.17
C ASP K 63 138.89 -20.14 33.49
N VAL K 64 139.41 -21.19 34.08
CA VAL K 64 138.91 -21.72 35.34
C VAL K 64 139.67 -21.07 36.49
N VAL K 65 138.95 -20.80 37.57
CA VAL K 65 139.55 -20.25 38.78
C VAL K 65 139.04 -21.07 39.97
N ASP K 66 139.96 -21.42 40.87
CA ASP K 66 139.62 -22.13 42.09
C ASP K 66 140.24 -21.42 43.28
N CYS K 67 139.40 -20.90 44.16
CA CYS K 67 139.83 -20.16 45.34
C CYS K 67 139.14 -20.71 46.58
N SER K 68 139.23 -22.03 46.76
CA SER K 68 138.84 -22.64 48.03
C SER K 68 139.77 -22.25 49.17
N THR K 69 140.98 -21.77 48.85
CA THR K 69 141.88 -21.25 49.87
C THR K 69 141.33 -19.98 50.50
N SER K 70 140.79 -19.07 49.67
CA SER K 70 140.33 -17.78 50.18
C SER K 70 138.99 -17.92 50.90
N VAL K 71 137.96 -18.31 50.17
CA VAL K 71 136.65 -18.56 50.77
C VAL K 71 136.52 -20.07 50.99
N CYS K 72 136.05 -20.46 52.17
CA CYS K 72 136.01 -21.86 52.54
C CYS K 72 134.79 -22.54 51.96
N GLY K 73 135.01 -23.56 51.14
CA GLY K 73 133.95 -24.42 50.70
C GLY K 73 133.43 -24.23 49.30
N GLU K 74 134.20 -23.61 48.41
CA GLU K 74 133.80 -23.51 47.02
C GLU K 74 134.65 -24.45 46.16
N LEU K 75 134.17 -24.68 44.95
CA LEU K 75 134.76 -25.63 44.02
C LEU K 75 135.29 -24.87 42.81
N PRO K 76 136.14 -25.47 41.97
CA PRO K 76 136.59 -24.76 40.76
C PRO K 76 135.45 -24.48 39.79
N LYS K 77 135.61 -23.41 39.03
CA LYS K 77 134.54 -22.85 38.23
C LYS K 77 135.16 -21.99 37.14
N VAL K 78 134.54 -21.98 35.96
CA VAL K 78 135.05 -21.20 34.83
C VAL K 78 134.39 -19.84 34.82
N ARG K 79 135.17 -18.81 34.50
CA ARG K 79 134.60 -17.47 34.36
C ARG K 79 134.03 -17.27 32.96
N TYR K 80 134.89 -17.38 31.94
CA TYR K 80 134.53 -17.07 30.57
C TYR K 80 135.13 -18.11 29.64
N THR K 81 134.70 -18.07 28.38
CA THR K 81 135.27 -18.91 27.34
C THR K 81 135.62 -18.05 26.13
N GLN K 82 136.77 -18.33 25.53
CA GLN K 82 137.24 -17.62 24.35
C GLN K 82 137.56 -18.63 23.27
N VAL K 83 136.89 -18.52 22.12
CA VAL K 83 137.02 -19.50 21.05
C VAL K 83 137.78 -18.88 19.89
N TRP K 84 138.19 -19.73 18.96
CA TRP K 84 138.78 -19.30 17.69
C TRP K 84 138.35 -20.34 16.65
N SER K 85 137.24 -20.06 15.98
CA SER K 85 136.72 -20.98 14.98
C SER K 85 137.42 -20.77 13.64
N HIS K 86 137.33 -21.79 12.80
CA HIS K 86 137.83 -21.74 11.44
C HIS K 86 136.72 -22.25 10.52
N ASP K 87 136.77 -21.85 9.26
CA ASP K 87 135.79 -22.32 8.27
C ASP K 87 136.49 -22.35 6.91
N VAL K 88 137.03 -23.49 6.57
CA VAL K 88 137.76 -23.65 5.32
C VAL K 88 136.83 -24.25 4.29
N THR K 89 136.83 -23.68 3.09
CA THR K 89 136.02 -24.16 1.98
C THR K 89 136.94 -24.62 0.86
N ILE K 90 136.89 -25.91 0.53
CA ILE K 90 137.75 -26.51 -0.47
C ILE K 90 136.87 -27.15 -1.53
N VAL K 91 137.04 -26.73 -2.78
CA VAL K 91 136.33 -27.37 -3.88
C VAL K 91 137.09 -28.61 -4.32
N ALA K 92 136.34 -29.62 -4.74
CA ALA K 92 136.86 -30.99 -4.80
C ALA K 92 137.81 -31.21 -5.97
N ASN K 93 137.62 -30.50 -7.08
CA ASN K 93 138.46 -30.67 -8.26
C ASN K 93 139.62 -29.69 -8.30
N SER K 94 140.17 -29.35 -7.15
CA SER K 94 141.21 -28.33 -7.07
C SER K 94 142.56 -28.86 -7.57
N THR K 95 143.49 -27.93 -7.72
CA THR K 95 144.89 -28.26 -7.90
C THR K 95 145.51 -28.43 -6.52
N GLU K 96 146.52 -29.31 -6.42
CA GLU K 96 147.15 -29.51 -5.13
C GLU K 96 147.99 -28.31 -4.72
N ALA K 97 148.50 -27.55 -5.70
CA ALA K 97 149.19 -26.31 -5.36
C ALA K 97 148.22 -25.21 -4.97
N SER K 98 146.95 -25.33 -5.33
CA SER K 98 145.95 -24.36 -4.89
C SER K 98 145.62 -24.53 -3.42
N ARG K 99 145.47 -25.79 -2.98
CA ARG K 99 145.19 -26.07 -1.58
C ARG K 99 146.39 -25.85 -0.69
N LYS K 100 147.61 -26.02 -1.23
CA LYS K 100 148.80 -25.78 -0.45
C LYS K 100 149.07 -24.30 -0.27
N SER K 101 148.76 -23.49 -1.29
CA SER K 101 148.98 -22.05 -1.20
C SER K 101 147.98 -21.40 -0.25
N LEU K 102 146.75 -21.91 -0.21
CA LEU K 102 145.76 -21.40 0.72
C LEU K 102 146.16 -21.70 2.16
N TYR K 103 146.77 -22.85 2.38
CA TYR K 103 147.28 -23.18 3.71
C TYR K 103 148.50 -22.34 4.04
N ASP K 104 149.38 -22.10 3.07
CA ASP K 104 150.60 -21.35 3.32
C ASP K 104 150.35 -19.86 3.53
N LEU K 105 149.21 -19.34 3.08
CA LEU K 105 148.89 -17.95 3.32
C LEU K 105 148.27 -17.75 4.69
N THR K 106 147.41 -18.68 5.11
CA THR K 106 146.76 -18.58 6.41
C THR K 106 147.73 -18.90 7.54
N LYS K 107 148.67 -19.83 7.29
CA LYS K 107 149.71 -20.11 8.27
C LYS K 107 150.61 -18.90 8.49
N SER K 108 150.82 -18.10 7.44
CA SER K 108 151.58 -16.87 7.56
C SER K 108 150.73 -15.69 7.96
N LEU K 109 149.40 -15.77 7.81
CA LEU K 109 148.53 -14.70 8.27
C LEU K 109 148.47 -14.69 9.79
N VAL K 110 148.28 -15.85 10.40
CA VAL K 110 148.20 -15.93 11.85
C VAL K 110 149.55 -15.64 12.49
N ALA K 111 150.63 -15.97 11.81
CA ALA K 111 151.96 -15.82 12.38
C ALA K 111 152.52 -14.40 12.28
N THR K 112 151.76 -13.44 11.77
CA THR K 112 152.28 -12.08 11.64
C THR K 112 151.99 -11.28 12.91
N SER K 113 152.67 -10.14 13.02
CA SER K 113 152.54 -9.29 14.19
C SER K 113 151.33 -8.37 14.14
N GLN K 114 150.59 -8.36 13.04
CA GLN K 114 149.42 -7.50 12.94
C GLN K 114 148.15 -8.22 13.37
N VAL K 115 148.07 -9.52 13.14
CA VAL K 115 146.93 -10.30 13.62
C VAL K 115 147.09 -10.59 15.11
N GLU K 116 148.33 -10.64 15.59
CA GLU K 116 148.59 -10.82 17.01
C GLU K 116 148.06 -9.63 17.82
N ASP K 117 148.34 -8.41 17.37
CA ASP K 117 147.83 -7.23 18.07
C ASP K 117 146.34 -7.04 17.87
N LEU K 118 145.75 -7.68 16.86
CA LEU K 118 144.31 -7.54 16.64
C LEU K 118 143.49 -8.32 17.66
N VAL K 119 144.00 -9.44 18.15
CA VAL K 119 143.25 -10.24 19.10
C VAL K 119 143.72 -9.98 20.53
N VAL K 120 144.99 -9.62 20.70
CA VAL K 120 145.49 -9.36 22.05
C VAL K 120 145.15 -7.95 22.48
N ASN K 121 145.61 -6.95 21.74
CA ASN K 121 145.47 -5.55 22.13
C ASN K 121 144.41 -4.81 21.31
N LEU K 122 143.67 -5.52 20.47
CA LEU K 122 142.52 -5.02 19.70
C LEU K 122 142.90 -3.90 18.73
N VAL K 123 144.15 -3.87 18.28
CA VAL K 123 144.60 -2.85 17.33
C VAL K 123 144.14 -3.26 15.92
N PRO K 124 143.59 -2.34 15.13
CA PRO K 124 143.13 -2.72 13.78
C PRO K 124 144.28 -3.04 12.85
N LEU K 125 143.92 -3.56 11.68
CA LEU K 125 144.89 -4.13 10.76
C LEU K 125 145.50 -3.05 9.86
N GLY K 126 146.70 -3.35 9.37
CA GLY K 126 147.37 -2.47 8.43
C GLY K 126 148.26 -1.44 9.08
N ARG K 127 149.54 -1.43 8.72
CA ARG K 127 150.48 -0.40 9.16
C ARG K 127 151.15 0.19 7.93
N ALA K 128 151.01 1.49 7.75
CA ALA K 128 151.53 2.18 6.58
C ALA K 128 153.01 2.47 6.79
N TYR K 129 153.87 1.72 6.11
CA TYR K 129 155.32 1.93 6.14
C TYR K 129 155.73 2.51 4.79
N GLY K 130 155.61 3.83 4.65
CA GLY K 130 155.93 4.50 3.41
C GLY K 130 155.00 4.16 2.26
N GLY K 131 153.73 4.56 2.37
CA GLY K 131 152.78 4.26 1.33
C GLY K 131 151.38 4.03 1.86
N SER K 132 150.74 2.95 1.43
CA SER K 132 149.40 2.62 1.88
C SER K 132 149.46 1.69 3.08
N LYS K 133 148.29 1.45 3.68
CA LYS K 133 148.18 0.48 4.76
C LYS K 133 148.28 -0.92 4.18
N THR K 134 149.35 -1.63 4.51
CA THR K 134 149.68 -2.90 3.88
C THR K 134 149.88 -3.99 4.91
N ILE K 135 149.62 -5.23 4.48
CA ILE K 135 149.97 -6.43 5.23
C ILE K 135 150.88 -7.27 4.35
N VAL K 136 152.00 -7.72 4.91
CA VAL K 136 152.93 -8.58 4.18
C VAL K 136 152.71 -10.02 4.65
N LEU K 137 152.44 -10.91 3.70
CA LEU K 137 152.21 -12.33 3.98
C LEU K 137 153.30 -13.12 3.28
N SER K 138 154.44 -13.26 3.95
CA SER K 138 155.57 -13.96 3.37
C SER K 138 155.40 -15.47 3.49
N VAL K 139 155.70 -16.18 2.40
CA VAL K 139 155.56 -17.64 2.36
C VAL K 139 156.95 -18.24 2.21
N GLY K 140 157.94 -17.58 2.81
CA GLY K 140 159.33 -17.92 2.63
C GLY K 140 160.11 -16.72 2.13
N GLU K 141 160.56 -16.75 0.88
CA GLU K 141 161.15 -15.56 0.26
C GLU K 141 160.17 -14.81 -0.62
N ALA K 142 159.08 -15.43 -1.02
CA ALA K 142 158.03 -14.72 -1.74
C ALA K 142 157.13 -13.98 -0.75
N THR K 143 157.04 -12.67 -0.91
CA THR K 143 156.21 -11.83 -0.04
C THR K 143 155.06 -11.29 -0.87
N ARG K 144 153.84 -11.44 -0.35
CA ARG K 144 152.64 -11.02 -1.03
C ARG K 144 152.00 -9.88 -0.24
N THR K 145 152.15 -8.66 -0.74
CA THR K 145 151.76 -7.45 -0.02
C THR K 145 150.34 -7.06 -0.40
N LEU K 146 149.44 -7.07 0.57
CA LEU K 146 148.05 -6.71 0.34
C LEU K 146 147.80 -5.28 0.81
N THR K 147 147.36 -4.43 -0.11
CA THR K 147 147.11 -3.03 0.18
C THR K 147 145.63 -2.79 0.44
N GLU K 148 145.35 -1.88 1.37
CA GLU K 148 143.98 -1.63 1.79
C GLU K 148 143.21 -0.85 0.74
N ILE K 149 142.02 -1.31 0.40
CA ILE K 149 141.21 -0.68 -0.63
C ILE K 149 139.97 0.01 -0.07
N GLN K 150 139.53 -0.33 1.13
CA GLN K 150 138.30 0.22 1.69
C GLN K 150 138.30 -0.02 3.18
N SER K 151 138.06 1.04 3.96
CA SER K 151 137.95 0.95 5.42
C SER K 151 136.60 1.54 5.81
N THR K 152 135.57 0.71 5.83
CA THR K 152 134.24 1.13 6.25
C THR K 152 134.23 1.11 7.78
N ALA K 153 133.13 1.53 8.40
CA ALA K 153 133.05 1.53 9.87
C ALA K 153 133.00 0.11 10.42
N ASP K 154 132.53 -0.85 9.62
CA ASP K 154 132.51 -2.25 10.03
C ASP K 154 133.62 -3.06 9.38
N ARG K 155 133.71 -3.04 8.04
CA ARG K 155 134.66 -3.88 7.34
C ARG K 155 136.00 -3.17 7.16
N GLN K 156 137.00 -3.94 6.74
CA GLN K 156 138.31 -3.40 6.42
C GLN K 156 138.92 -4.35 5.38
N ILE K 157 138.77 -4.00 4.11
CA ILE K 157 139.07 -4.90 3.00
C ILE K 157 140.48 -4.63 2.50
N PHE K 158 141.28 -5.69 2.44
CA PHE K 158 142.61 -5.64 1.85
C PHE K 158 142.60 -6.46 0.56
N GLU K 159 143.56 -6.17 -0.31
CA GLU K 159 143.60 -6.82 -1.62
C GLU K 159 144.99 -6.65 -2.22
N GLU K 160 145.49 -7.70 -2.85
CA GLU K 160 146.74 -7.62 -3.60
C GLU K 160 146.51 -6.83 -4.89
N LYS K 161 147.59 -6.28 -5.42
CA LYS K 161 147.48 -5.36 -6.54
C LYS K 161 148.26 -5.79 -7.78
N VAL K 162 149.09 -6.82 -7.70
CA VAL K 162 149.81 -7.29 -8.88
C VAL K 162 148.98 -8.33 -9.62
N GLY K 163 149.06 -8.30 -10.94
CA GLY K 163 148.44 -9.31 -11.77
C GLY K 163 147.18 -8.81 -12.44
N PRO K 164 146.33 -9.73 -12.89
CA PRO K 164 145.05 -9.35 -13.50
C PRO K 164 144.09 -8.79 -12.46
N LEU K 165 143.01 -8.19 -12.96
CA LEU K 165 142.03 -7.55 -12.10
C LEU K 165 140.86 -8.46 -11.74
N VAL K 166 140.73 -9.62 -12.39
CA VAL K 166 139.56 -10.45 -12.15
C VAL K 166 139.72 -11.33 -10.90
N GLY K 167 140.92 -11.83 -10.64
CA GLY K 167 141.13 -12.66 -9.47
C GLY K 167 142.33 -12.22 -8.66
N ARG K 168 142.09 -11.77 -7.43
CA ARG K 168 143.16 -11.32 -6.56
C ARG K 168 142.87 -11.78 -5.14
N LEU K 169 143.89 -11.70 -4.30
CA LEU K 169 143.74 -12.05 -2.88
C LEU K 169 142.83 -11.04 -2.19
N ARG K 170 142.15 -11.50 -1.15
CA ARG K 170 141.25 -10.65 -0.39
C ARG K 170 141.48 -10.89 1.09
N LEU K 171 141.13 -9.90 1.90
CA LEU K 171 141.22 -10.03 3.35
C LEU K 171 140.20 -9.05 3.93
N THR K 172 139.05 -9.55 4.33
CA THR K 172 137.99 -8.71 4.86
C THR K 172 137.93 -8.91 6.36
N ALA K 173 138.70 -8.11 7.10
CA ALA K 173 138.65 -8.15 8.54
C ALA K 173 137.43 -7.39 9.05
N SER K 174 137.09 -7.65 10.31
CA SER K 174 135.95 -6.99 10.95
C SER K 174 136.17 -6.99 12.45
N LEU K 175 135.29 -6.28 13.15
CA LEU K 175 135.34 -6.18 14.60
C LEU K 175 133.98 -5.69 15.08
N ARG K 176 133.36 -6.45 15.98
CA ARG K 176 132.04 -6.11 16.49
C ARG K 176 132.07 -6.24 18.01
N GLN K 177 130.95 -5.86 18.62
CA GLN K 177 130.67 -6.22 20.02
C GLN K 177 129.15 -6.29 20.18
N ASN K 178 128.66 -7.50 20.43
CA ASN K 178 127.23 -7.74 20.52
C ASN K 178 126.82 -7.93 21.97
N GLY K 179 125.66 -7.38 22.31
CA GLY K 179 125.14 -7.49 23.66
C GLY K 179 125.42 -6.24 24.47
N ALA K 180 125.64 -6.40 25.77
CA ALA K 180 125.89 -5.27 26.65
C ALA K 180 127.38 -4.98 26.78
N LYS K 181 128.05 -4.84 25.63
CA LYS K 181 129.45 -4.41 25.51
C LYS K 181 130.41 -5.34 26.28
N THR K 182 130.10 -6.64 26.30
CA THR K 182 130.86 -7.57 27.13
C THR K 182 131.73 -8.53 26.34
N ALA K 183 131.52 -8.68 25.03
CA ALA K 183 132.30 -9.62 24.24
C ALA K 183 132.52 -9.06 22.85
N TYR K 184 133.76 -9.17 22.37
CA TYR K 184 134.11 -8.73 21.04
C TYR K 184 133.96 -9.87 20.04
N ARG K 185 134.16 -9.56 18.75
CA ARG K 185 134.04 -10.58 17.71
C ARG K 185 134.95 -10.18 16.56
N VAL K 186 136.14 -10.76 16.52
CA VAL K 186 137.05 -10.57 15.40
C VAL K 186 136.68 -11.55 14.29
N ASN K 187 136.82 -11.14 13.04
CA ASN K 187 136.35 -11.94 11.92
C ASN K 187 137.24 -11.68 10.71
N LEU K 188 138.23 -12.54 10.51
CA LEU K 188 139.06 -12.49 9.31
C LEU K 188 138.54 -13.47 8.27
N LYS K 189 138.86 -13.19 7.01
CA LYS K 189 138.42 -14.04 5.90
C LYS K 189 139.32 -13.79 4.71
N LEU K 190 139.96 -14.84 4.20
CA LEU K 190 140.92 -14.73 3.12
C LEU K 190 140.41 -15.52 1.91
N ASP K 191 139.98 -14.82 0.88
CA ASP K 191 139.56 -15.43 -0.37
C ASP K 191 140.73 -15.56 -1.32
N GLN K 192 140.82 -16.70 -2.00
CA GLN K 192 141.85 -16.93 -3.00
C GLN K 192 141.20 -17.59 -4.20
N ALA K 193 141.11 -16.85 -5.29
CA ALA K 193 140.51 -17.33 -6.53
C ALA K 193 141.61 -17.81 -7.47
N ASP K 194 141.32 -18.87 -8.21
CA ASP K 194 142.27 -19.43 -9.17
C ASP K 194 141.95 -18.89 -10.55
N VAL K 195 142.83 -18.05 -11.08
CA VAL K 195 142.65 -17.45 -12.40
C VAL K 195 143.53 -18.18 -13.39
N VAL K 196 143.02 -18.41 -14.59
CA VAL K 196 143.75 -19.08 -15.65
C VAL K 196 143.39 -18.42 -16.98
N ASP K 197 144.36 -18.38 -17.88
CA ASP K 197 144.11 -17.92 -19.25
C ASP K 197 144.91 -18.77 -20.23
N CYS K 198 144.36 -18.93 -21.42
CA CYS K 198 145.02 -19.65 -22.50
C CYS K 198 144.97 -18.86 -23.81
N SER K 199 145.36 -17.59 -23.75
CA SER K 199 145.50 -16.80 -24.97
C SER K 199 146.64 -17.29 -25.85
N THR K 200 147.60 -18.03 -25.28
CA THR K 200 148.59 -18.72 -26.09
C THR K 200 148.00 -19.95 -26.77
N SER K 201 146.86 -20.45 -26.28
CA SER K 201 146.22 -21.63 -26.86
C SER K 201 145.01 -21.27 -27.70
N VAL K 202 144.00 -20.63 -27.11
CA VAL K 202 142.81 -20.19 -27.82
C VAL K 202 142.82 -18.66 -27.88
N CYS K 203 142.65 -18.12 -29.09
CA CYS K 203 142.72 -16.68 -29.28
C CYS K 203 141.49 -15.98 -28.72
N GLY K 204 141.70 -14.71 -28.36
CA GLY K 204 140.63 -13.85 -27.90
C GLY K 204 140.06 -14.21 -26.56
N GLU K 205 140.78 -14.95 -25.75
CA GLU K 205 140.31 -15.39 -24.43
C GLU K 205 141.05 -14.60 -23.37
N LEU K 206 140.30 -13.86 -22.57
CA LEU K 206 140.82 -13.08 -21.47
C LEU K 206 140.80 -13.93 -20.19
N PRO K 207 141.62 -13.57 -19.18
CA PRO K 207 141.65 -14.36 -17.95
C PRO K 207 140.32 -14.36 -17.20
N LYS K 208 140.06 -15.47 -16.52
CA LYS K 208 138.83 -15.67 -15.77
C LYS K 208 139.12 -16.59 -14.59
N VAL K 209 138.25 -16.55 -13.59
CA VAL K 209 138.42 -17.34 -12.38
C VAL K 209 137.74 -18.70 -12.56
N ARG K 210 138.31 -19.72 -11.92
CA ARG K 210 137.72 -21.04 -11.93
C ARG K 210 136.85 -21.26 -10.70
N TYR K 211 137.47 -21.17 -9.52
CA TYR K 211 136.82 -21.42 -8.25
C TYR K 211 137.41 -20.46 -7.22
N THR K 212 136.81 -20.45 -6.02
CA THR K 212 137.35 -19.69 -4.90
C THR K 212 137.45 -20.61 -3.69
N GLN K 213 138.46 -20.39 -2.87
CA GLN K 213 138.67 -21.15 -1.65
C GLN K 213 138.85 -20.20 -0.47
N VAL K 214 138.06 -20.44 0.58
CA VAL K 214 137.95 -19.51 1.69
C VAL K 214 138.62 -20.13 2.91
N TRP K 215 139.22 -19.26 3.74
CA TRP K 215 139.65 -19.67 5.09
C TRP K 215 139.24 -18.52 6.02
N SER K 216 138.04 -18.63 6.59
CA SER K 216 137.54 -17.63 7.51
C SER K 216 138.03 -17.91 8.93
N HIS K 217 137.88 -16.92 9.79
CA HIS K 217 138.14 -17.05 11.21
C HIS K 217 137.03 -16.34 11.97
N ASP K 218 136.79 -16.76 13.21
CA ASP K 218 135.77 -16.11 14.03
C ASP K 218 136.23 -16.22 15.49
N VAL K 219 136.88 -15.16 15.97
CA VAL K 219 137.44 -15.13 17.31
C VAL K 219 136.45 -14.46 18.23
N THR K 220 136.18 -15.06 19.38
CA THR K 220 135.30 -14.49 20.39
C THR K 220 136.15 -14.14 21.61
N ILE K 221 136.16 -12.87 21.97
CA ILE K 221 136.96 -12.35 23.07
C ILE K 221 136.05 -11.57 24.00
N VAL K 222 136.00 -11.96 25.27
CA VAL K 222 135.22 -11.22 26.25
C VAL K 222 136.00 -9.99 26.69
N ALA K 223 135.28 -8.94 27.09
CA ALA K 223 135.88 -7.62 27.24
C ALA K 223 136.76 -7.53 28.49
N ASN K 224 136.40 -8.24 29.56
CA ASN K 224 137.13 -8.17 30.82
C ASN K 224 138.17 -9.27 30.97
N SER K 225 138.78 -9.69 29.86
CA SER K 225 139.73 -10.79 29.85
C SER K 225 141.04 -10.43 30.53
N THR K 226 141.84 -11.45 30.78
CA THR K 226 143.24 -11.28 31.14
C THR K 226 144.02 -11.18 29.84
N GLU K 227 145.15 -10.46 29.87
CA GLU K 227 145.99 -10.37 28.68
C GLU K 227 146.63 -11.72 28.36
N ALA K 228 147.06 -12.45 29.39
CA ALA K 228 147.67 -13.76 29.15
C ALA K 228 146.65 -14.82 28.75
N SER K 229 145.36 -14.55 28.88
CA SER K 229 144.36 -15.48 28.37
C SER K 229 144.10 -15.23 26.90
N ARG K 230 144.22 -13.98 26.44
CA ARG K 230 144.11 -13.69 25.03
C ARG K 230 145.40 -14.02 24.29
N LYS K 231 146.54 -13.90 24.97
CA LYS K 231 147.81 -14.21 24.34
C LYS K 231 148.01 -15.71 24.20
N SER K 232 147.52 -16.50 25.16
CA SER K 232 147.65 -17.94 25.06
C SER K 232 146.67 -18.53 24.07
N LEU K 233 145.51 -17.90 23.88
CA LEU K 233 144.58 -18.34 22.84
C LEU K 233 145.16 -18.11 21.46
N TYR K 234 145.89 -17.00 21.28
CA TYR K 234 146.55 -16.75 20.00
C TYR K 234 147.71 -17.72 19.79
N ASP K 235 148.51 -17.97 20.83
CA ASP K 235 149.65 -18.86 20.70
C ASP K 235 149.26 -20.31 20.48
N LEU K 236 148.07 -20.72 20.92
CA LEU K 236 147.62 -22.08 20.65
C LEU K 236 147.10 -22.21 19.22
N THR K 237 146.39 -21.19 18.73
CA THR K 237 145.89 -21.23 17.36
C THR K 237 147.01 -21.06 16.35
N LYS K 238 148.02 -20.25 16.68
CA LYS K 238 149.19 -20.13 15.81
C LYS K 238 149.96 -21.44 15.74
N SER K 239 150.01 -22.17 16.85
CA SER K 239 150.67 -23.46 16.86
C SER K 239 149.78 -24.59 16.36
N LEU K 240 148.47 -24.34 16.22
CA LEU K 240 147.60 -25.36 15.66
C LEU K 240 147.67 -25.38 14.15
N VAL K 241 147.64 -24.20 13.53
CA VAL K 241 147.73 -24.10 12.07
C VAL K 241 149.10 -24.55 11.58
N ALA K 242 150.14 -24.36 12.37
CA ALA K 242 151.49 -24.73 11.96
C ALA K 242 151.79 -26.21 12.12
N THR K 243 150.83 -27.03 12.54
CA THR K 243 151.08 -28.46 12.69
C THR K 243 151.02 -29.16 11.34
N SER K 244 151.44 -30.42 11.33
CA SER K 244 151.41 -31.22 10.11
C SER K 244 150.08 -31.93 9.92
N GLN K 245 149.19 -31.89 10.90
CA GLN K 245 147.92 -32.58 10.77
C GLN K 245 146.84 -31.69 10.17
N VAL K 246 146.87 -30.39 10.50
CA VAL K 246 145.96 -29.44 9.88
C VAL K 246 146.41 -29.11 8.46
N GLU K 247 147.68 -29.36 8.14
CA GLU K 247 148.13 -29.28 6.76
C GLU K 247 147.46 -30.36 5.91
N ASP K 248 147.53 -31.62 6.35
CA ASP K 248 146.91 -32.71 5.62
C ASP K 248 145.40 -32.69 5.72
N LEU K 249 144.83 -32.01 6.70
CA LEU K 249 143.37 -31.85 6.76
C LEU K 249 142.87 -30.95 5.65
N VAL K 250 143.67 -29.96 5.24
CA VAL K 250 143.28 -29.07 4.17
C VAL K 250 143.74 -29.58 2.81
N VAL K 251 144.98 -30.06 2.73
CA VAL K 251 145.51 -30.50 1.44
C VAL K 251 144.94 -31.85 1.04
N ASN K 252 145.04 -32.85 1.91
CA ASN K 252 144.66 -34.22 1.56
C ASN K 252 143.42 -34.73 2.29
N LEU K 253 142.75 -33.87 3.07
CA LEU K 253 141.49 -34.18 3.77
C LEU K 253 141.61 -35.34 4.75
N VAL K 254 142.79 -35.54 5.32
CA VAL K 254 142.98 -36.54 6.37
C VAL K 254 142.45 -35.97 7.68
N PRO K 255 141.56 -36.67 8.38
CA PRO K 255 141.10 -36.17 9.69
C PRO K 255 142.21 -36.14 10.73
N LEU K 256 141.97 -35.39 11.79
CA LEU K 256 143.00 -35.07 12.77
C LEU K 256 143.26 -36.25 13.69
N GLY K 257 144.39 -36.19 14.38
CA GLY K 257 144.73 -37.19 15.38
C GLY K 257 145.53 -38.35 14.84
N ARG K 258 146.73 -38.55 15.38
CA ARG K 258 147.55 -39.70 15.03
C ARG K 258 147.99 -40.44 16.29
N SER L 1 104.87 68.08 -101.12
CA SER L 1 103.58 68.69 -100.83
C SER L 1 103.67 69.60 -99.61
N LYS L 2 103.28 69.08 -98.45
CA LYS L 2 103.28 69.83 -97.20
C LYS L 2 104.56 69.50 -96.43
N THR L 3 105.38 70.50 -96.18
CA THR L 3 106.73 70.30 -95.69
C THR L 3 107.03 71.16 -94.47
N ILE L 4 107.88 70.64 -93.59
CA ILE L 4 108.57 71.42 -92.58
C ILE L 4 110.06 71.30 -92.85
N VAL L 5 110.76 72.43 -92.85
CA VAL L 5 112.18 72.46 -93.15
C VAL L 5 112.93 72.76 -91.85
N LEU L 6 113.80 71.86 -91.45
CA LEU L 6 114.60 71.99 -90.22
C LEU L 6 116.05 72.22 -90.64
N SER L 7 116.51 73.45 -90.49
CA SER L 7 117.89 73.79 -90.82
C SER L 7 118.79 73.56 -89.62
N VAL L 8 119.88 72.83 -89.82
CA VAL L 8 120.80 72.45 -88.76
C VAL L 8 122.10 73.20 -89.07
N GLY L 9 121.95 74.41 -89.60
CA GLY L 9 123.09 75.18 -90.05
C GLY L 9 122.95 75.51 -91.52
N GLU L 10 123.81 74.93 -92.35
CA GLU L 10 123.66 75.01 -93.79
C GLU L 10 122.95 73.80 -94.38
N ALA L 11 122.84 72.70 -93.63
CA ALA L 11 122.13 71.53 -94.10
C ALA L 11 120.68 71.58 -93.64
N THR L 12 119.75 71.36 -94.57
CA THR L 12 118.32 71.37 -94.28
C THR L 12 117.77 69.96 -94.43
N ARG L 13 116.99 69.53 -93.46
CA ARG L 13 116.37 68.20 -93.48
C ARG L 13 114.87 68.40 -93.65
N THR L 14 114.38 68.22 -94.87
CA THR L 14 113.00 68.53 -95.21
C THR L 14 112.11 67.32 -94.93
N LEU L 15 111.22 67.46 -93.96
CA LEU L 15 110.21 66.45 -93.68
C LEU L 15 109.00 66.67 -94.56
N THR L 16 108.34 65.57 -94.94
CA THR L 16 107.11 65.65 -95.73
C THR L 16 105.99 64.95 -94.98
N GLU L 17 104.77 65.43 -95.19
CA GLU L 17 103.61 64.86 -94.51
C GLU L 17 103.17 63.57 -95.19
N ILE L 18 103.01 62.52 -94.41
CA ILE L 18 102.63 61.21 -94.95
C ILE L 18 101.26 60.74 -94.48
N GLN L 19 100.66 61.37 -93.47
CA GLN L 19 99.40 60.91 -92.92
C GLN L 19 98.75 62.06 -92.18
N SER L 20 97.44 62.23 -92.38
CA SER L 20 96.73 63.35 -91.76
C SER L 20 95.36 62.83 -91.30
N THR L 21 95.20 62.69 -89.99
CA THR L 21 93.93 62.32 -89.39
C THR L 21 93.20 63.64 -89.10
N ALA L 22 92.13 63.61 -88.28
CA ALA L 22 91.45 64.83 -87.88
C ALA L 22 92.36 65.76 -87.09
N ASP L 23 93.00 65.25 -86.04
CA ASP L 23 93.92 66.01 -85.23
C ASP L 23 95.37 65.57 -85.37
N ARG L 24 95.61 64.26 -85.39
CA ARG L 24 96.97 63.75 -85.52
C ARG L 24 97.50 63.97 -86.93
N GLN L 25 98.81 64.18 -87.03
CA GLN L 25 99.40 64.64 -88.29
C GLN L 25 100.86 64.19 -88.28
N ILE L 26 101.20 63.23 -89.14
CA ILE L 26 102.49 62.56 -89.12
C ILE L 26 103.34 63.03 -90.29
N PHE L 27 104.51 63.57 -89.98
CA PHE L 27 105.50 63.96 -90.98
C PHE L 27 106.63 62.93 -91.00
N GLU L 28 107.40 62.94 -92.07
CA GLU L 28 108.49 61.98 -92.24
C GLU L 28 109.48 62.52 -93.27
N GLU L 29 110.75 62.17 -93.09
CA GLU L 29 111.77 62.50 -94.05
C GLU L 29 111.92 61.37 -95.06
N LYS L 30 111.76 61.70 -96.34
CA LYS L 30 111.70 60.71 -97.40
C LYS L 30 113.06 60.38 -98.00
N VAL L 31 114.15 60.57 -97.27
CA VAL L 31 115.47 60.29 -97.81
C VAL L 31 116.04 59.04 -97.14
N GLY L 32 116.43 58.06 -97.94
CA GLY L 32 117.10 56.88 -97.45
C GLY L 32 116.23 55.65 -97.46
N PRO L 33 116.63 54.62 -96.71
CA PRO L 33 115.82 53.39 -96.63
C PRO L 33 114.51 53.57 -95.89
N LEU L 34 113.70 52.52 -95.87
CA LEU L 34 112.35 52.60 -95.31
C LEU L 34 112.29 52.21 -93.84
N VAL L 35 113.38 51.74 -93.25
CA VAL L 35 113.29 51.13 -91.93
C VAL L 35 113.31 52.17 -90.80
N GLY L 36 114.20 53.15 -90.85
CA GLY L 36 114.20 54.17 -89.82
C GLY L 36 114.39 55.56 -90.40
N ARG L 37 113.40 56.42 -90.22
CA ARG L 37 113.42 57.78 -90.73
C ARG L 37 113.05 58.74 -89.62
N LEU L 38 113.31 60.02 -89.85
CA LEU L 38 112.81 61.06 -88.96
C LEU L 38 111.30 61.07 -88.95
N ARG L 39 110.73 61.37 -87.79
CA ARG L 39 109.30 61.33 -87.60
C ARG L 39 108.88 62.55 -86.79
N LEU L 40 107.68 63.05 -87.07
CA LEU L 40 107.18 64.23 -86.37
C LEU L 40 105.67 64.07 -86.29
N THR L 41 105.16 63.83 -85.09
CA THR L 41 103.75 63.53 -84.88
C THR L 41 103.12 64.71 -84.13
N ALA L 42 102.58 65.65 -84.89
CA ALA L 42 101.84 66.75 -84.27
C ALA L 42 100.40 66.34 -84.02
N SER L 43 99.78 66.99 -83.04
CA SER L 43 98.37 66.78 -82.74
C SER L 43 97.86 68.02 -82.02
N LEU L 44 96.54 68.11 -81.90
CA LEU L 44 95.91 69.26 -81.26
C LEU L 44 94.51 68.85 -80.84
N ARG L 45 94.23 68.92 -79.54
CA ARG L 45 92.95 68.52 -78.99
C ARG L 45 92.35 69.70 -78.22
N GLN L 46 91.21 69.45 -77.59
CA GLN L 46 90.70 70.37 -76.56
C GLN L 46 89.97 69.52 -75.52
N ASN L 47 90.58 69.40 -74.34
CA ASN L 47 90.08 68.50 -73.32
C ASN L 47 89.09 69.22 -72.41
N GLY L 48 88.06 68.47 -71.98
CA GLY L 48 87.08 68.97 -71.05
C GLY L 48 85.94 69.71 -71.71
N ALA L 49 85.51 70.82 -71.10
CA ALA L 49 84.38 71.58 -71.60
C ALA L 49 84.84 72.73 -72.51
N LYS L 50 85.66 72.35 -73.50
CA LYS L 50 86.13 73.23 -74.58
C LYS L 50 86.87 74.46 -74.06
N THR L 51 87.64 74.30 -72.98
CA THR L 51 88.27 75.44 -72.32
C THR L 51 89.78 75.48 -72.43
N ALA L 52 90.43 74.40 -72.85
CA ALA L 52 91.89 74.36 -72.92
C ALA L 52 92.32 73.42 -74.03
N TYR L 53 93.24 73.90 -74.87
CA TYR L 53 93.80 73.10 -75.95
C TYR L 53 95.02 72.34 -75.46
N ARG L 54 95.50 71.41 -76.30
CA ARG L 54 96.63 70.56 -75.92
C ARG L 54 97.40 70.22 -77.19
N VAL L 55 98.49 70.95 -77.42
CA VAL L 55 99.40 70.66 -78.52
C VAL L 55 100.40 69.62 -78.07
N ASN L 56 100.74 68.69 -78.96
CA ASN L 56 101.59 67.56 -78.57
C ASN L 56 102.48 67.19 -79.76
N LEU L 57 103.69 67.71 -79.77
CA LEU L 57 104.69 67.32 -80.76
C LEU L 57 105.52 66.16 -80.23
N LYS L 58 106.11 65.39 -81.16
CA LYS L 58 106.94 64.26 -80.79
C LYS L 58 107.87 63.99 -81.98
N LEU L 59 109.17 64.22 -81.77
CA LEU L 59 110.17 64.05 -82.81
C LEU L 59 110.96 62.78 -82.52
N ASP L 60 110.72 61.74 -83.31
CA ASP L 60 111.48 60.51 -83.18
C ASP L 60 112.77 60.61 -83.98
N GLN L 61 113.74 59.78 -83.62
CA GLN L 61 114.97 59.67 -84.40
C GLN L 61 115.55 58.28 -84.19
N ALA L 62 115.54 57.46 -85.23
CA ALA L 62 116.09 56.12 -85.18
C ALA L 62 117.50 56.15 -85.76
N ASP L 63 118.40 55.41 -85.12
CA ASP L 63 119.79 55.32 -85.57
C ASP L 63 119.95 54.03 -86.36
N VAL L 64 119.92 54.15 -87.67
CA VAL L 64 120.05 52.99 -88.54
C VAL L 64 121.52 52.82 -88.92
N VAL L 65 121.88 51.58 -89.25
CA VAL L 65 123.20 51.26 -89.76
C VAL L 65 123.05 50.14 -90.78
N ASP L 66 123.74 50.28 -91.91
CA ASP L 66 123.64 49.32 -93.00
C ASP L 66 124.98 48.60 -93.07
N CYS L 67 125.00 47.37 -92.58
CA CYS L 67 126.23 46.60 -92.41
C CYS L 67 126.35 45.54 -93.48
N SER L 68 125.82 45.83 -94.67
CA SER L 68 125.82 44.83 -95.74
C SER L 68 127.18 44.68 -96.41
N THR L 69 128.02 45.73 -96.40
CA THR L 69 129.29 45.65 -97.08
C THR L 69 130.30 44.83 -96.27
N SER L 70 130.32 45.03 -94.95
CA SER L 70 131.25 44.27 -94.12
C SER L 70 130.73 42.87 -93.85
N VAL L 71 129.57 42.76 -93.22
CA VAL L 71 128.94 41.46 -92.97
C VAL L 71 128.08 41.14 -94.18
N CYS L 72 128.35 40.00 -94.81
CA CYS L 72 127.65 39.64 -96.04
C CYS L 72 126.25 39.13 -95.71
N GLY L 73 125.25 39.70 -96.37
CA GLY L 73 123.91 39.17 -96.34
C GLY L 73 123.00 39.67 -95.25
N GLU L 74 123.16 40.90 -94.78
CA GLU L 74 122.25 41.45 -93.80
C GLU L 74 121.82 42.86 -94.19
N LEU L 75 120.72 43.28 -93.58
CA LEU L 75 119.93 44.44 -93.99
C LEU L 75 120.13 45.59 -93.01
N PRO L 76 119.75 46.83 -93.36
CA PRO L 76 119.76 47.90 -92.36
C PRO L 76 118.76 47.66 -91.25
N LYS L 77 119.12 48.14 -90.06
CA LYS L 77 118.35 47.86 -88.85
C LYS L 77 118.47 49.04 -87.92
N VAL L 78 117.48 49.19 -87.03
CA VAL L 78 117.45 50.27 -86.06
C VAL L 78 118.12 49.79 -84.79
N ARG L 79 119.19 50.46 -84.38
CA ARG L 79 119.86 50.12 -83.12
C ARG L 79 119.07 50.65 -81.93
N TYR L 80 118.74 51.93 -81.95
CA TYR L 80 118.02 52.55 -80.85
C TYR L 80 117.19 53.71 -81.38
N THR L 81 116.37 54.26 -80.48
CA THR L 81 115.46 55.34 -80.82
C THR L 81 115.46 56.38 -79.70
N GLN L 82 115.66 57.64 -80.07
CA GLN L 82 115.68 58.74 -79.12
C GLN L 82 114.63 59.77 -79.52
N VAL L 83 113.73 60.09 -78.59
CA VAL L 83 112.61 60.98 -78.88
C VAL L 83 112.79 62.27 -78.10
N TRP L 84 112.04 63.31 -78.51
CA TRP L 84 111.93 64.55 -77.76
C TRP L 84 110.48 64.99 -77.94
N SER L 85 109.67 64.79 -76.91
CA SER L 85 108.27 65.16 -76.98
C SER L 85 108.06 66.58 -76.46
N HIS L 86 106.89 67.13 -76.76
CA HIS L 86 106.42 68.37 -76.17
C HIS L 86 104.97 68.19 -75.79
N ASP L 87 104.51 68.95 -74.81
CA ASP L 87 103.12 68.91 -74.37
C ASP L 87 102.75 70.31 -73.88
N VAL L 88 102.16 71.09 -74.77
CA VAL L 88 101.81 72.47 -74.48
C VAL L 88 100.35 72.51 -74.03
N THR L 89 100.08 73.28 -72.98
CA THR L 89 98.71 73.50 -72.51
C THR L 89 98.37 74.97 -72.72
N ILE L 90 97.33 75.22 -73.51
CA ILE L 90 96.90 76.57 -73.85
C ILE L 90 95.43 76.69 -73.47
N VAL L 91 95.11 77.63 -72.59
CA VAL L 91 93.73 77.88 -72.23
C VAL L 91 93.08 78.76 -73.29
N ALA L 92 91.78 78.55 -73.52
CA ALA L 92 91.13 79.05 -74.72
C ALA L 92 90.94 80.56 -74.71
N ASN L 93 90.68 81.15 -73.55
CA ASN L 93 90.42 82.59 -73.46
C ASN L 93 91.68 83.38 -73.16
N SER L 94 92.83 82.93 -73.67
CA SER L 94 94.11 83.54 -73.39
C SER L 94 94.25 84.91 -74.05
N THR L 95 95.35 85.58 -73.73
CA THR L 95 95.82 86.72 -74.48
C THR L 95 96.88 86.24 -75.46
N GLU L 96 96.98 86.93 -76.61
CA GLU L 96 97.99 86.54 -77.61
C GLU L 96 99.40 86.80 -77.09
N ALA L 97 99.59 87.83 -76.28
CA ALA L 97 100.89 88.07 -75.68
C ALA L 97 101.21 87.07 -74.58
N SER L 98 100.20 86.38 -74.04
CA SER L 98 100.46 85.31 -73.10
C SER L 98 100.97 84.07 -73.81
N ARG L 99 100.41 83.77 -74.97
CA ARG L 99 100.89 82.68 -75.80
C ARG L 99 102.22 82.98 -76.46
N LYS L 100 102.45 84.23 -76.85
CA LYS L 100 103.70 84.59 -77.50
C LYS L 100 104.87 84.57 -76.52
N SER L 101 104.63 84.98 -75.28
CA SER L 101 105.71 85.02 -74.30
C SER L 101 106.06 83.63 -73.81
N LEU L 102 105.08 82.72 -73.77
CA LEU L 102 105.37 81.34 -73.41
C LEU L 102 106.19 80.65 -74.48
N TYR L 103 105.91 80.95 -75.74
CA TYR L 103 106.71 80.40 -76.83
C TYR L 103 108.10 81.00 -76.87
N ASP L 104 108.20 82.31 -76.58
CA ASP L 104 109.49 83.00 -76.63
C ASP L 104 110.43 82.57 -75.51
N LEU L 105 109.90 82.10 -74.39
CA LEU L 105 110.75 81.57 -73.34
C LEU L 105 111.23 80.17 -73.67
N THR L 106 110.34 79.33 -74.21
CA THR L 106 110.71 77.96 -74.56
C THR L 106 111.63 77.92 -75.77
N LYS L 107 111.49 78.88 -76.69
CA LYS L 107 112.43 78.99 -77.81
C LYS L 107 113.82 79.35 -77.31
N SER L 108 113.90 80.16 -76.25
CA SER L 108 115.17 80.55 -75.68
C SER L 108 115.66 79.58 -74.62
N LEU L 109 114.77 78.75 -74.06
CA LEU L 109 115.22 77.73 -73.11
C LEU L 109 115.94 76.61 -73.82
N VAL L 110 115.41 76.16 -74.96
CA VAL L 110 116.06 75.10 -75.71
C VAL L 110 117.36 75.61 -76.33
N ALA L 111 117.38 76.86 -76.77
CA ALA L 111 118.54 77.40 -77.47
C ALA L 111 119.71 77.76 -76.58
N THR L 112 119.61 77.57 -75.26
CA THR L 112 120.72 77.91 -74.38
C THR L 112 121.71 76.75 -74.30
N SER L 113 122.89 77.04 -73.75
CA SER L 113 123.95 76.04 -73.67
C SER L 113 123.90 75.22 -72.40
N GLN L 114 122.89 75.41 -71.56
CA GLN L 114 122.75 74.55 -70.38
C GLN L 114 121.80 73.39 -70.62
N VAL L 115 120.79 73.59 -71.46
CA VAL L 115 119.92 72.48 -71.86
C VAL L 115 120.60 71.66 -72.94
N GLU L 116 121.58 72.25 -73.65
CA GLU L 116 122.37 71.47 -74.58
C GLU L 116 123.20 70.41 -73.86
N ASP L 117 123.90 70.81 -72.79
CA ASP L 117 124.70 69.86 -72.03
C ASP L 117 123.85 68.91 -71.19
N LEU L 118 122.57 69.22 -70.99
CA LEU L 118 121.70 68.34 -70.21
C LEU L 118 121.29 67.11 -71.01
N VAL L 119 121.15 67.23 -72.33
CA VAL L 119 120.69 66.10 -73.13
C VAL L 119 121.87 65.44 -73.83
N VAL L 120 122.96 66.18 -74.03
CA VAL L 120 124.12 65.61 -74.70
C VAL L 120 125.07 64.97 -73.68
N ASN L 121 125.41 65.70 -72.62
CA ASN L 121 126.41 65.26 -71.65
C ASN L 121 125.82 64.94 -70.29
N LEU L 122 124.50 65.08 -70.14
CA LEU L 122 123.71 64.62 -68.98
C LEU L 122 124.07 65.34 -67.68
N VAL L 123 124.64 66.53 -67.75
CA VAL L 123 124.92 67.30 -66.53
C VAL L 123 123.74 68.22 -66.24
N PRO L 124 123.39 68.46 -64.98
CA PRO L 124 122.14 69.18 -64.67
C PRO L 124 122.23 70.66 -64.95
N LEU L 125 121.11 71.33 -64.75
CA LEU L 125 120.94 72.74 -65.08
C LEU L 125 121.48 73.63 -63.97
N GLY L 126 121.66 74.90 -64.31
CA GLY L 126 122.10 75.88 -63.33
C GLY L 126 123.60 76.00 -63.22
N ARG L 127 124.11 77.23 -63.32
CA ARG L 127 125.54 77.50 -63.18
C ARG L 127 125.71 78.69 -62.26
N ALA L 128 126.54 78.53 -61.23
CA ALA L 128 126.72 79.56 -60.21
C ALA L 128 127.84 80.51 -60.63
N TYR L 129 127.47 81.74 -60.95
CA TYR L 129 128.44 82.80 -61.24
C TYR L 129 128.01 84.05 -60.48
N GLY L 130 128.62 84.27 -59.31
CA GLY L 130 128.30 85.42 -58.49
C GLY L 130 127.00 85.29 -57.74
N GLY L 131 126.90 84.28 -56.88
CA GLY L 131 125.68 84.07 -56.11
C GLY L 131 125.20 82.63 -56.15
N SER L 132 124.00 82.42 -56.70
CA SER L 132 123.45 81.09 -56.82
C SER L 132 123.47 80.64 -58.29
N LYS L 133 122.91 79.46 -58.53
CA LYS L 133 122.90 78.88 -59.87
C LYS L 133 121.70 79.43 -60.64
N THR L 134 121.96 80.01 -61.81
CA THR L 134 120.95 80.71 -62.58
C THR L 134 120.92 80.22 -64.02
N ILE L 135 119.74 80.37 -64.66
CA ILE L 135 119.57 80.23 -66.09
C ILE L 135 119.06 81.56 -66.62
N VAL L 136 119.69 82.06 -67.68
CA VAL L 136 119.31 83.33 -68.29
C VAL L 136 118.53 83.04 -69.57
N LEU L 137 117.27 83.48 -69.60
CA LEU L 137 116.40 83.26 -70.75
C LEU L 137 116.18 84.61 -71.44
N SER L 138 117.00 84.89 -72.45
CA SER L 138 116.89 86.14 -73.19
C SER L 138 115.72 86.08 -74.16
N VAL L 139 114.90 87.13 -74.14
CA VAL L 139 113.69 87.22 -74.96
C VAL L 139 113.98 88.34 -75.95
N GLY L 140 115.24 88.42 -76.37
CA GLY L 140 115.72 89.55 -77.12
C GLY L 140 116.86 90.20 -76.36
N GLU L 141 116.62 91.39 -75.81
CA GLU L 141 117.54 91.97 -74.85
C GLU L 141 117.02 91.88 -73.42
N ALA L 142 115.73 91.64 -73.24
CA ALA L 142 115.17 91.44 -71.90
C ALA L 142 115.49 90.03 -71.42
N THR L 143 116.24 89.93 -70.33
CA THR L 143 116.70 88.64 -69.82
C THR L 143 115.98 88.34 -68.52
N ARG L 144 115.13 87.32 -68.53
CA ARG L 144 114.41 86.88 -67.35
C ARG L 144 115.23 85.78 -66.69
N THR L 145 115.93 86.14 -65.62
CA THR L 145 116.87 85.23 -64.96
C THR L 145 116.15 84.43 -63.89
N LEU L 146 116.04 83.12 -64.11
CA LEU L 146 115.54 82.22 -63.09
C LEU L 146 116.67 81.82 -62.15
N THR L 147 116.34 81.72 -60.86
CA THR L 147 117.30 81.29 -59.86
C THR L 147 116.82 79.99 -59.23
N GLU L 148 117.76 79.10 -58.94
CA GLU L 148 117.43 77.80 -58.40
C GLU L 148 117.00 77.93 -56.94
N ILE L 149 115.82 77.40 -56.63
CA ILE L 149 115.30 77.45 -55.27
C ILE L 149 115.28 76.08 -54.60
N GLN L 150 115.57 75.00 -55.32
CA GLN L 150 115.47 73.68 -54.73
C GLN L 150 116.36 72.73 -55.52
N SER L 151 116.90 71.73 -54.83
CA SER L 151 117.71 70.67 -55.45
C SER L 151 117.37 69.38 -54.71
N THR L 152 116.44 68.62 -55.26
CA THR L 152 116.02 67.35 -54.68
C THR L 152 116.98 66.28 -55.21
N ALA L 153 116.62 64.99 -55.07
CA ALA L 153 117.47 63.91 -55.55
C ALA L 153 117.61 63.94 -57.07
N ASP L 154 116.48 64.04 -57.79
CA ASP L 154 116.51 64.19 -59.24
C ASP L 154 115.92 65.53 -59.69
N ARG L 155 114.90 66.01 -59.00
CA ARG L 155 114.21 67.24 -59.33
C ARG L 155 115.11 68.46 -59.09
N GLN L 156 114.77 69.56 -59.76
CA GLN L 156 115.57 70.78 -59.68
C GLN L 156 114.65 71.94 -60.06
N ILE L 157 114.17 72.67 -59.07
CA ILE L 157 113.15 73.69 -59.28
C ILE L 157 113.79 75.06 -59.33
N PHE L 158 113.60 75.75 -60.45
CA PHE L 158 114.05 77.12 -60.64
C PHE L 158 112.85 78.05 -60.53
N GLU L 159 113.12 79.32 -60.23
CA GLU L 159 112.03 80.29 -60.08
C GLU L 159 112.58 81.69 -60.27
N GLU L 160 111.78 82.55 -60.89
CA GLU L 160 112.09 83.96 -60.99
C GLU L 160 111.61 84.69 -59.74
N LYS L 161 112.44 85.59 -59.23
CA LYS L 161 112.19 86.23 -57.95
C LYS L 161 111.56 87.61 -58.04
N VAL L 162 111.34 88.13 -59.24
CA VAL L 162 110.76 89.45 -59.40
C VAL L 162 109.23 89.34 -59.37
N GLY L 163 108.60 90.16 -58.54
CA GLY L 163 107.16 90.26 -58.51
C GLY L 163 106.53 89.57 -57.33
N PRO L 164 105.23 89.33 -57.40
CA PRO L 164 104.51 88.74 -56.27
C PRO L 164 104.82 87.25 -56.12
N LEU L 165 104.34 86.70 -55.00
CA LEU L 165 104.56 85.31 -54.65
C LEU L 165 103.57 84.36 -55.29
N VAL L 166 102.45 84.87 -55.80
CA VAL L 166 101.37 83.98 -56.22
C VAL L 166 101.63 83.36 -57.60
N GLY L 167 102.11 84.13 -58.55
CA GLY L 167 102.39 83.58 -59.87
C GLY L 167 103.77 83.95 -60.37
N ARG L 168 104.63 82.96 -60.54
CA ARG L 168 106.00 83.20 -60.99
C ARG L 168 106.37 82.14 -62.02
N LEU L 169 107.46 82.39 -62.73
CA LEU L 169 107.99 81.38 -63.63
C LEU L 169 108.57 80.21 -62.84
N ARG L 170 108.21 79.01 -63.27
CA ARG L 170 108.74 77.80 -62.65
C ARG L 170 109.42 76.97 -63.73
N LEU L 171 110.37 76.15 -63.29
CA LEU L 171 111.10 75.29 -64.22
C LEU L 171 111.58 74.08 -63.42
N THR L 172 110.90 72.96 -63.58
CA THR L 172 111.19 71.76 -62.79
C THR L 172 111.88 70.75 -63.71
N ALA L 173 113.20 70.83 -63.77
CA ALA L 173 113.98 69.83 -64.50
C ALA L 173 114.01 68.52 -63.73
N SER L 174 114.37 67.45 -64.44
CA SER L 174 114.47 66.13 -63.83
C SER L 174 115.45 65.31 -64.65
N LEU L 175 115.87 64.17 -64.09
CA LEU L 175 116.78 63.25 -64.74
C LEU L 175 116.67 61.90 -64.05
N ARG L 176 116.31 60.87 -64.80
CA ARG L 176 116.12 59.53 -64.27
C ARG L 176 116.88 58.53 -65.12
N GLN L 177 116.79 57.27 -64.74
CA GLN L 177 117.14 56.17 -65.64
C GLN L 177 116.25 54.99 -65.28
N ASN L 178 115.33 54.66 -66.18
CA ASN L 178 114.30 53.67 -65.92
C ASN L 178 114.80 52.27 -66.27
N GLY L 179 114.44 51.31 -65.42
CA GLY L 179 114.71 49.91 -65.68
C GLY L 179 116.11 49.47 -65.29
N ALA L 180 116.74 48.69 -66.15
CA ALA L 180 118.07 48.14 -65.86
C ALA L 180 119.18 49.03 -66.41
N LYS L 181 119.11 50.32 -66.09
CA LYS L 181 120.15 51.32 -66.39
C LYS L 181 120.44 51.43 -67.89
N THR L 182 119.41 51.34 -68.72
CA THR L 182 119.60 51.31 -70.16
C THR L 182 119.14 52.56 -70.89
N ALA L 183 118.35 53.42 -70.25
CA ALA L 183 117.83 54.60 -70.92
C ALA L 183 117.53 55.68 -69.90
N TYR L 184 117.98 56.90 -70.19
CA TYR L 184 117.70 58.05 -69.35
C TYR L 184 116.38 58.69 -69.73
N ARG L 185 115.95 59.68 -68.96
CA ARG L 185 114.69 60.37 -69.25
C ARG L 185 114.78 61.78 -68.66
N VAL L 186 115.02 62.76 -69.52
CA VAL L 186 115.05 64.16 -69.11
C VAL L 186 113.64 64.71 -69.22
N ASN L 187 113.25 65.56 -68.27
CA ASN L 187 111.86 66.03 -68.20
C ASN L 187 111.85 67.46 -67.70
N LEU L 188 111.76 68.42 -68.63
CA LEU L 188 111.60 69.82 -68.28
C LEU L 188 110.12 70.20 -68.29
N LYS L 189 109.81 71.29 -67.60
CA LYS L 189 108.43 71.77 -67.51
C LYS L 189 108.46 73.23 -67.09
N LEU L 190 108.01 74.12 -67.97
CA LEU L 190 108.02 75.56 -67.71
C LEU L 190 106.57 76.03 -67.57
N ASP L 191 106.21 76.46 -66.36
CA ASP L 191 104.90 77.03 -66.11
C ASP L 191 104.98 78.55 -66.19
N GLN L 192 103.89 79.16 -66.66
CA GLN L 192 103.82 80.60 -66.76
C GLN L 192 102.41 81.04 -66.39
N ALA L 193 102.20 81.38 -65.12
CA ALA L 193 100.92 81.85 -64.64
C ALA L 193 100.77 83.33 -64.97
N ASP L 194 99.57 83.72 -65.38
CA ASP L 194 99.29 85.10 -65.75
C ASP L 194 98.69 85.80 -64.55
N VAL L 195 99.46 86.71 -63.95
CA VAL L 195 99.03 87.47 -62.79
C VAL L 195 98.60 88.85 -63.25
N VAL L 196 97.56 89.40 -62.63
CA VAL L 196 97.06 90.72 -62.95
C VAL L 196 96.76 91.45 -61.66
N ASP L 197 96.89 92.78 -61.69
CA ASP L 197 96.62 93.61 -60.52
C ASP L 197 95.51 94.61 -60.86
N CYS L 198 94.51 94.67 -59.98
CA CYS L 198 93.36 95.54 -60.17
C CYS L 198 93.42 96.74 -59.24
N SER L 199 94.63 97.13 -58.83
CA SER L 199 94.79 98.17 -57.82
C SER L 199 94.43 99.56 -58.34
N THR L 200 94.61 99.82 -59.64
CA THR L 200 94.26 101.12 -60.17
C THR L 200 92.76 101.25 -60.40
N SER L 201 92.05 100.13 -60.48
CA SER L 201 90.60 100.14 -60.64
C SER L 201 89.88 99.92 -59.30
N VAL L 202 90.28 98.91 -58.55
CA VAL L 202 89.75 98.64 -57.22
C VAL L 202 90.86 98.85 -56.21
N CYS L 203 90.70 99.85 -55.35
CA CYS L 203 91.74 100.19 -54.39
C CYS L 203 91.86 99.11 -53.31
N GLY L 204 93.11 98.83 -52.93
CA GLY L 204 93.37 97.81 -51.95
C GLY L 204 93.16 96.39 -52.41
N GLU L 205 93.43 96.12 -53.70
CA GLU L 205 93.23 94.80 -54.28
C GLU L 205 94.60 94.16 -54.50
N LEU L 206 94.76 92.93 -54.01
CA LEU L 206 96.00 92.19 -54.15
C LEU L 206 96.00 91.40 -55.45
N PRO L 207 97.17 91.16 -56.03
CA PRO L 207 97.22 90.45 -57.32
C PRO L 207 96.83 88.98 -57.19
N LYS L 208 96.35 88.42 -58.31
CA LYS L 208 95.89 87.05 -58.36
C LYS L 208 96.13 86.51 -59.76
N VAL L 209 96.03 85.19 -59.90
CA VAL L 209 96.28 84.53 -61.17
C VAL L 209 94.94 84.19 -61.82
N ARG L 210 94.87 84.35 -63.14
CA ARG L 210 93.65 84.05 -63.88
C ARG L 210 93.72 82.66 -64.52
N TYR L 211 94.87 82.31 -65.11
CA TYR L 211 95.07 80.98 -65.67
C TYR L 211 96.55 80.61 -65.57
N THR L 212 96.89 79.45 -66.12
CA THR L 212 98.28 79.05 -66.24
C THR L 212 98.46 78.27 -67.53
N GLN L 213 99.67 78.34 -68.09
CA GLN L 213 100.00 77.71 -69.37
C GLN L 213 101.39 77.11 -69.27
N VAL L 214 101.49 75.81 -69.57
CA VAL L 214 102.73 75.08 -69.40
C VAL L 214 103.28 74.67 -70.78
N TRP L 215 104.54 74.25 -70.78
CA TRP L 215 105.18 73.67 -71.96
C TRP L 215 106.16 72.62 -71.43
N SER L 216 105.70 71.38 -71.37
CA SER L 216 106.52 70.29 -70.88
C SER L 216 107.45 69.79 -71.98
N HIS L 217 108.50 69.08 -71.56
CA HIS L 217 109.38 68.37 -72.46
C HIS L 217 109.57 66.96 -71.91
N ASP L 218 109.85 66.03 -72.81
CA ASP L 218 110.05 64.64 -72.39
C ASP L 218 111.07 64.03 -73.34
N VAL L 219 112.34 64.09 -72.94
CA VAL L 219 113.45 63.60 -73.74
C VAL L 219 113.76 62.18 -73.31
N THR L 220 113.92 61.28 -74.27
CA THR L 220 114.35 59.92 -74.01
C THR L 220 115.74 59.72 -74.60
N ILE L 221 116.68 59.31 -73.76
CA ILE L 221 118.07 59.13 -74.15
C ILE L 221 118.48 57.73 -73.75
N VAL L 222 118.90 56.93 -74.72
CA VAL L 222 119.38 55.59 -74.42
C VAL L 222 120.86 55.65 -74.07
N ALA L 223 121.30 54.74 -73.20
CA ALA L 223 122.57 54.88 -72.51
C ALA L 223 123.77 54.60 -73.41
N ASN L 224 123.65 53.65 -74.33
CA ASN L 224 124.75 53.26 -75.20
C ASN L 224 124.77 54.05 -76.50
N SER L 225 124.32 55.29 -76.48
CA SER L 225 124.20 56.14 -77.64
C SER L 225 125.56 56.55 -78.18
N THR L 226 125.53 57.21 -79.33
CA THR L 226 126.66 57.98 -79.82
C THR L 226 126.45 59.42 -79.36
N GLU L 227 127.54 60.12 -79.02
CA GLU L 227 127.41 61.52 -78.65
C GLU L 227 126.98 62.38 -79.83
N ALA L 228 127.32 61.96 -81.05
CA ALA L 228 126.83 62.64 -82.23
C ALA L 228 125.36 62.38 -82.48
N SER L 229 124.79 61.32 -81.89
CA SER L 229 123.37 61.05 -82.05
C SER L 229 122.53 61.82 -81.04
N ARG L 230 123.11 62.15 -79.88
CA ARG L 230 122.41 63.00 -78.93
C ARG L 230 122.54 64.48 -79.31
N LYS L 231 123.65 64.84 -79.93
CA LYS L 231 123.81 66.21 -80.44
C LYS L 231 122.87 66.46 -81.61
N SER L 232 122.62 65.43 -82.43
CA SER L 232 121.74 65.60 -83.57
C SER L 232 120.28 65.68 -83.16
N LEU L 233 119.89 65.02 -82.08
CA LEU L 233 118.52 65.11 -81.59
C LEU L 233 118.25 66.48 -80.97
N TYR L 234 119.24 67.04 -80.27
CA TYR L 234 119.07 68.37 -79.70
C TYR L 234 119.03 69.44 -80.78
N ASP L 235 119.88 69.29 -81.79
CA ASP L 235 119.99 70.28 -82.87
C ASP L 235 118.75 70.33 -83.75
N LEU L 236 118.00 69.24 -83.86
CA LEU L 236 116.76 69.28 -84.61
C LEU L 236 115.65 69.92 -83.79
N THR L 237 115.57 69.60 -82.50
CA THR L 237 114.55 70.18 -81.64
C THR L 237 114.82 71.66 -81.36
N LYS L 238 116.10 72.06 -81.35
CA LYS L 238 116.44 73.48 -81.25
C LYS L 238 115.97 74.24 -82.47
N SER L 239 116.03 73.61 -83.64
CA SER L 239 115.59 74.25 -84.87
C SER L 239 114.12 74.02 -85.16
N LEU L 240 113.49 73.02 -84.53
CA LEU L 240 112.07 72.81 -84.74
C LEU L 240 111.25 73.88 -84.03
N VAL L 241 111.60 74.20 -82.78
CA VAL L 241 110.91 75.25 -82.03
C VAL L 241 111.18 76.61 -82.66
N ALA L 242 112.35 76.81 -83.26
CA ALA L 242 112.70 78.08 -83.85
C ALA L 242 112.00 78.35 -85.18
N THR L 243 111.28 77.39 -85.75
CA THR L 243 110.57 77.62 -87.00
C THR L 243 109.35 78.49 -86.78
N SER L 244 108.87 79.08 -87.87
CA SER L 244 107.66 79.89 -87.83
C SER L 244 106.40 79.06 -87.97
N GLN L 245 106.51 77.75 -88.15
CA GLN L 245 105.33 76.90 -88.21
C GLN L 245 104.88 76.48 -86.82
N VAL L 246 105.84 76.24 -85.92
CA VAL L 246 105.51 75.92 -84.53
C VAL L 246 105.18 77.18 -83.75
N GLU L 247 105.65 78.35 -84.21
CA GLU L 247 105.23 79.61 -83.61
C GLU L 247 103.74 79.84 -83.82
N ASP L 248 103.26 79.63 -85.05
CA ASP L 248 101.84 79.79 -85.34
C ASP L 248 101.01 78.63 -84.81
N LEU L 249 101.63 77.49 -84.48
CA LEU L 249 100.86 76.38 -83.92
C LEU L 249 100.52 76.63 -82.46
N VAL L 250 101.38 77.34 -81.73
CA VAL L 250 101.12 77.62 -80.33
C VAL L 250 100.39 78.95 -80.15
N VAL L 251 100.76 79.96 -80.92
CA VAL L 251 100.13 81.27 -80.79
C VAL L 251 98.74 81.28 -81.43
N ASN L 252 98.63 80.74 -82.65
CA ASN L 252 97.41 80.88 -83.44
C ASN L 252 96.72 79.56 -83.77
N LEU L 253 97.24 78.43 -83.29
CA LEU L 253 96.66 77.08 -83.49
C LEU L 253 96.57 76.69 -84.96
N VAL L 254 97.47 77.17 -85.80
CA VAL L 254 97.53 76.77 -87.20
C VAL L 254 98.27 75.46 -87.29
N PRO L 255 97.75 74.44 -87.96
CA PRO L 255 98.45 73.15 -88.04
C PRO L 255 99.71 73.23 -88.89
N LEU L 256 100.59 72.26 -88.68
CA LEU L 256 101.90 72.27 -89.32
C LEU L 256 101.80 71.86 -90.78
N GLY L 257 102.82 72.22 -91.55
CA GLY L 257 102.91 71.80 -92.94
C GLY L 257 102.45 72.85 -93.93
N ARG L 258 103.35 73.26 -94.81
CA ARG L 258 103.02 74.21 -95.87
C ARG L 258 103.58 73.75 -97.21
N SER M 1 132.07 69.95 -59.08
CA SER M 1 131.47 70.41 -57.84
C SER M 1 132.03 69.65 -56.65
N LYS M 2 131.30 68.64 -56.20
CA LYS M 2 131.70 67.81 -55.06
C LYS M 2 132.41 66.58 -55.57
N THR M 3 133.67 66.41 -55.16
CA THR M 3 134.54 65.40 -55.75
C THR M 3 135.25 64.56 -54.71
N ILE M 4 135.49 63.30 -55.05
CA ILE M 4 136.46 62.44 -54.40
C ILE M 4 137.48 62.04 -55.45
N VAL M 5 138.76 62.18 -55.13
CA VAL M 5 139.83 61.72 -56.01
C VAL M 5 140.38 60.41 -55.46
N LEU M 6 140.76 59.51 -56.35
CA LEU M 6 141.29 58.21 -55.99
C LEU M 6 142.61 58.02 -56.75
N SER M 7 143.72 58.20 -56.06
CA SER M 7 145.03 58.06 -56.70
C SER M 7 145.42 56.59 -56.75
N VAL M 8 145.80 56.13 -57.93
CA VAL M 8 146.13 54.72 -58.16
C VAL M 8 147.63 54.71 -58.47
N GLY M 9 148.36 55.62 -57.83
CA GLY M 9 149.75 55.85 -58.13
C GLY M 9 149.95 57.30 -58.51
N GLU M 10 150.25 57.55 -59.79
CA GLU M 10 150.29 58.89 -60.31
C GLU M 10 149.02 59.27 -61.08
N ALA M 11 148.19 58.29 -61.44
CA ALA M 11 146.94 58.59 -62.12
C ALA M 11 145.82 58.75 -61.11
N THR M 12 145.10 59.87 -61.19
CA THR M 12 143.99 60.18 -60.30
C THR M 12 142.70 60.06 -61.08
N ARG M 13 141.73 59.34 -60.52
CA ARG M 13 140.42 59.16 -61.14
C ARG M 13 139.40 59.86 -60.28
N THR M 14 139.08 61.11 -60.61
CA THR M 14 138.20 61.92 -59.80
C THR M 14 136.73 61.59 -60.11
N LEU M 15 135.99 61.32 -59.05
CA LEU M 15 134.55 61.06 -59.13
C LEU M 15 133.79 62.36 -58.86
N THR M 16 132.63 62.50 -59.48
CA THR M 16 131.78 63.66 -59.23
C THR M 16 130.42 63.20 -58.73
N GLU M 17 129.84 64.02 -57.86
CA GLU M 17 128.53 63.71 -57.30
C GLU M 17 127.44 63.99 -58.32
N ILE M 18 126.57 63.01 -58.53
CA ILE M 18 125.49 63.16 -59.50
C ILE M 18 124.10 63.09 -58.87
N GLN M 19 123.98 62.70 -57.61
CA GLN M 19 122.68 62.55 -56.98
C GLN M 19 122.87 62.63 -55.47
N SER M 20 121.92 63.27 -54.79
CA SER M 20 122.02 63.43 -53.34
C SER M 20 120.60 63.38 -52.76
N THR M 21 120.28 62.28 -52.11
CA THR M 21 119.01 62.10 -51.42
C THR M 21 119.25 62.61 -49.98
N ALA M 22 118.34 62.30 -49.04
CA ALA M 22 118.55 62.65 -47.64
C ALA M 22 119.79 61.97 -47.07
N ASP M 23 119.91 60.66 -47.24
CA ASP M 23 121.05 59.90 -46.77
C ASP M 23 121.93 59.37 -47.89
N ARG M 24 121.33 58.83 -48.96
CA ARG M 24 122.09 58.25 -50.05
C ARG M 24 122.76 59.34 -50.87
N GLN M 25 123.92 59.00 -51.46
CA GLN M 25 124.76 59.99 -52.10
C GLN M 25 125.57 59.26 -53.17
N ILE M 26 125.22 59.49 -54.44
CA ILE M 26 125.77 58.73 -55.56
C ILE M 26 126.83 59.56 -56.27
N PHE M 27 128.03 59.00 -56.39
CA PHE M 27 129.14 59.59 -57.13
C PHE M 27 129.32 58.84 -58.44
N GLU M 28 130.03 59.47 -59.37
CA GLU M 28 130.26 58.89 -60.68
C GLU M 28 131.45 59.57 -61.34
N GLU M 29 132.16 58.82 -62.17
CA GLU M 29 133.24 59.36 -62.98
C GLU M 29 132.70 59.84 -64.31
N LYS M 30 132.96 61.10 -64.64
CA LYS M 30 132.36 61.74 -65.81
C LYS M 30 133.19 61.60 -67.07
N VAL M 31 134.09 60.63 -67.15
CA VAL M 31 134.94 60.46 -68.32
C VAL M 31 134.48 59.25 -69.12
N GLY M 32 134.29 59.44 -70.42
CA GLY M 32 134.01 58.34 -71.32
C GLY M 32 132.55 58.25 -71.72
N PRO M 33 132.15 57.08 -72.24
CA PRO M 33 130.75 56.89 -72.63
C PRO M 33 129.80 56.81 -71.45
N LEU M 34 128.50 56.76 -71.73
CA LEU M 34 127.49 56.85 -70.69
C LEU M 34 127.06 55.50 -70.12
N VAL M 35 127.47 54.41 -70.74
CA VAL M 35 126.86 53.11 -70.40
C VAL M 35 127.47 52.53 -69.12
N GLY M 36 128.79 52.55 -68.95
CA GLY M 36 129.38 52.01 -67.74
C GLY M 36 130.48 52.89 -67.19
N ARG M 37 130.30 53.39 -65.98
CA ARG M 37 131.26 54.27 -65.34
C ARG M 37 131.49 53.79 -63.92
N LEU M 38 132.51 54.36 -63.27
CA LEU M 38 132.69 54.13 -61.85
C LEU M 38 131.52 54.71 -61.07
N ARG M 39 131.19 54.04 -59.98
CA ARG M 39 130.02 54.38 -59.19
C ARG M 39 130.40 54.25 -57.73
N LEU M 40 129.87 55.15 -56.90
CA LEU M 40 130.17 55.11 -55.47
C LEU M 40 128.90 55.58 -54.76
N THR M 41 128.32 54.69 -53.97
CA THR M 41 127.03 54.94 -53.33
C THR M 41 127.25 54.93 -51.83
N ALA M 42 127.50 56.10 -51.26
CA ALA M 42 127.58 56.23 -49.82
C ALA M 42 126.19 56.31 -49.21
N SER M 43 126.11 55.97 -47.93
CA SER M 43 124.86 56.06 -47.17
C SER M 43 125.21 56.25 -45.71
N LEU M 44 124.21 56.66 -44.93
CA LEU M 44 124.36 56.84 -43.50
C LEU M 44 122.98 56.82 -42.86
N ARG M 45 122.77 55.90 -41.92
CA ARG M 45 121.49 55.76 -41.26
C ARG M 45 121.72 55.73 -39.75
N GLN M 46 120.64 55.54 -39.00
CA GLN M 46 120.75 55.16 -37.59
C GLN M 46 119.58 54.24 -37.27
N ASN M 47 119.89 52.98 -37.00
CA ASN M 47 118.88 51.95 -36.84
C ASN M 47 118.42 51.86 -35.39
N GLY M 48 117.12 51.66 -35.22
CA GLY M 48 116.54 51.43 -33.92
C GLY M 48 116.28 52.69 -33.12
N ALA M 49 116.68 52.67 -31.85
CA ALA M 49 116.41 53.79 -30.95
C ALA M 49 117.59 54.76 -30.90
N LYS M 50 118.02 55.19 -32.09
CA LYS M 50 119.00 56.25 -32.30
C LYS M 50 120.35 55.95 -31.65
N THR M 51 120.71 54.67 -31.57
CA THR M 51 121.88 54.27 -30.80
C THR M 51 123.05 53.78 -31.62
N ALA M 52 122.85 53.45 -32.90
CA ALA M 52 123.93 52.90 -33.72
C ALA M 52 123.78 53.39 -35.15
N TYR M 53 124.84 53.99 -35.68
CA TYR M 53 124.86 54.43 -37.06
C TYR M 53 125.28 53.30 -37.98
N ARG M 54 125.09 53.50 -39.29
CA ARG M 54 125.37 52.45 -40.26
C ARG M 54 125.83 53.12 -41.55
N VAL M 55 127.13 53.09 -41.78
CA VAL M 55 127.71 53.58 -43.03
C VAL M 55 127.72 52.45 -44.04
N ASN M 56 127.53 52.79 -45.32
CA ASN M 56 127.44 51.76 -46.35
C ASN M 56 127.99 52.33 -47.66
N LEU M 57 129.24 52.04 -47.95
CA LEU M 57 129.84 52.38 -49.23
C LEU M 57 129.70 51.20 -50.19
N LYS M 58 129.72 51.52 -51.49
CA LYS M 58 129.59 50.48 -52.52
C LYS M 58 130.22 51.03 -53.79
N LEU M 59 131.37 50.48 -54.16
CA LEU M 59 132.11 50.92 -55.33
C LEU M 59 131.88 49.91 -56.45
N ASP M 60 131.14 50.32 -57.48
CA ASP M 60 130.93 49.49 -58.64
C ASP M 60 132.04 49.73 -59.66
N GLN M 61 132.25 48.74 -60.53
CA GLN M 61 133.22 48.88 -61.61
C GLN M 61 132.79 47.97 -62.75
N ALA M 62 132.28 48.56 -63.83
CA ALA M 62 131.85 47.82 -64.99
C ALA M 62 132.97 47.78 -66.02
N ASP M 63 133.10 46.64 -66.70
CA ASP M 63 134.13 46.44 -67.71
C ASP M 63 133.51 46.71 -69.08
N VAL M 64 133.73 47.90 -69.60
CA VAL M 64 133.14 48.32 -70.87
C VAL M 64 134.14 48.09 -71.98
N VAL M 65 133.68 47.40 -73.03
CA VAL M 65 134.48 47.20 -74.24
C VAL M 65 133.74 47.88 -75.38
N ASP M 66 134.50 48.47 -76.31
CA ASP M 66 133.94 49.17 -77.46
C ASP M 66 134.51 48.54 -78.72
N CYS M 67 133.71 47.74 -79.40
CA CYS M 67 134.15 46.97 -80.56
C CYS M 67 133.52 47.52 -81.83
N SER M 68 133.44 48.84 -81.92
CA SER M 68 132.86 49.46 -83.11
C SER M 68 133.81 49.46 -84.29
N THR M 69 135.12 49.43 -84.06
CA THR M 69 136.08 49.45 -85.16
C THR M 69 136.28 48.06 -85.73
N SER M 70 136.31 47.05 -84.87
CA SER M 70 136.50 45.68 -85.33
C SER M 70 135.22 45.13 -85.95
N VAL M 71 134.16 45.02 -85.16
CA VAL M 71 132.86 44.61 -85.65
C VAL M 71 132.14 45.87 -86.11
N CYS M 72 131.71 45.89 -87.37
CA CYS M 72 131.06 47.07 -87.91
C CYS M 72 129.64 47.18 -87.40
N GLY M 73 129.29 48.34 -86.86
CA GLY M 73 127.92 48.65 -86.52
C GLY M 73 127.43 48.23 -85.16
N GLU M 74 128.30 48.22 -84.15
CA GLU M 74 127.86 47.91 -82.80
C GLU M 74 128.46 48.89 -81.81
N LEU M 75 127.87 48.93 -80.62
CA LEU M 75 128.03 50.00 -79.64
C LEU M 75 128.87 49.52 -78.45
N PRO M 76 129.32 50.43 -77.57
CA PRO M 76 129.92 49.98 -76.31
C PRO M 76 128.94 49.22 -75.45
N LYS M 77 129.48 48.34 -74.62
CA LYS M 77 128.68 47.29 -73.99
C LYS M 77 129.38 46.83 -72.72
N VAL M 78 128.61 46.63 -71.66
CA VAL M 78 129.15 46.24 -70.37
C VAL M 78 129.28 44.72 -70.33
N ARG M 79 130.52 44.25 -70.18
CA ARG M 79 130.77 42.81 -70.05
C ARG M 79 130.27 42.30 -68.70
N TYR M 80 130.83 42.81 -67.62
CA TYR M 80 130.51 42.38 -66.27
C TYR M 80 130.71 43.55 -65.32
N THR M 81 130.20 43.39 -64.10
CA THR M 81 130.41 44.36 -63.03
C THR M 81 131.01 43.65 -61.82
N GLN M 82 131.95 44.31 -61.16
CA GLN M 82 132.57 43.81 -59.94
C GLN M 82 132.48 44.88 -58.87
N VAL M 83 131.84 44.56 -57.75
CA VAL M 83 131.59 45.52 -56.71
C VAL M 83 132.52 45.26 -55.53
N TRP M 84 132.61 46.24 -54.64
CA TRP M 84 133.27 46.06 -53.34
C TRP M 84 132.48 46.92 -52.35
N SER M 85 131.54 46.29 -51.65
CA SER M 85 130.73 47.03 -50.69
C SER M 85 131.45 47.11 -49.35
N HIS M 86 130.96 48.01 -48.50
CA HIS M 86 131.39 48.10 -47.12
C HIS M 86 130.14 48.22 -46.25
N ASP M 87 130.28 47.90 -44.97
CA ASP M 87 129.18 48.02 -44.02
C ASP M 87 129.80 48.25 -42.65
N VAL M 88 129.83 49.50 -42.23
CA VAL M 88 130.41 49.88 -40.96
C VAL M 88 129.30 50.11 -39.95
N THR M 89 129.48 49.60 -38.74
CA THR M 89 128.54 49.81 -37.65
C THR M 89 129.24 50.60 -36.56
N ILE M 90 128.74 51.81 -36.30
CA ILE M 90 129.30 52.69 -35.29
C ILE M 90 128.22 52.94 -34.25
N VAL M 91 128.55 52.73 -32.98
CA VAL M 91 127.61 53.03 -31.91
C VAL M 91 127.70 54.50 -31.54
N ALA M 92 126.58 55.06 -31.09
CA ALA M 92 126.48 56.51 -30.96
C ALA M 92 127.27 57.04 -29.76
N ASN M 93 127.24 56.34 -28.63
CA ASN M 93 127.91 56.80 -27.41
C ASN M 93 129.35 56.32 -27.32
N SER M 94 129.99 56.03 -28.46
CA SER M 94 131.35 55.57 -28.49
C SER M 94 132.32 56.71 -28.17
N THR M 95 133.56 56.33 -27.88
CA THR M 95 134.65 57.28 -27.82
C THR M 95 135.28 57.40 -29.19
N GLU M 96 136.04 58.49 -29.39
CA GLU M 96 136.60 58.76 -30.71
C GLU M 96 137.73 57.79 -31.05
N ALA M 97 138.54 57.43 -30.06
CA ALA M 97 139.70 56.57 -30.34
C ALA M 97 139.31 55.13 -30.61
N SER M 98 138.08 54.73 -30.29
CA SER M 98 137.65 53.38 -30.64
C SER M 98 137.32 53.28 -32.12
N ARG M 99 136.60 54.27 -32.65
CA ARG M 99 136.25 54.25 -34.06
C ARG M 99 137.33 54.86 -34.95
N LYS M 100 138.32 55.54 -34.36
CA LYS M 100 139.51 55.88 -35.12
C LYS M 100 140.40 54.67 -35.31
N SER M 101 140.52 53.83 -34.28
CA SER M 101 141.37 52.65 -34.38
C SER M 101 140.72 51.57 -35.24
N LEU M 102 139.38 51.56 -35.30
CA LEU M 102 138.70 50.64 -36.20
C LEU M 102 138.96 51.01 -37.66
N TYR M 103 139.02 52.31 -37.95
CA TYR M 103 139.38 52.75 -39.29
C TYR M 103 140.85 52.47 -39.58
N ASP M 104 141.71 52.61 -38.57
CA ASP M 104 143.14 52.38 -38.75
C ASP M 104 143.49 50.94 -39.01
N LEU M 105 142.69 50.00 -38.48
CA LEU M 105 142.93 48.59 -38.75
C LEU M 105 142.44 48.21 -40.14
N THR M 106 141.28 48.73 -40.55
CA THR M 106 140.71 48.40 -41.85
C THR M 106 141.50 49.07 -42.98
N LYS M 107 142.07 50.25 -42.72
CA LYS M 107 142.97 50.87 -43.69
C LYS M 107 144.22 50.02 -43.91
N SER M 108 144.73 49.41 -42.84
CA SER M 108 145.89 48.55 -42.95
C SER M 108 145.53 47.12 -43.31
N LEU M 109 144.26 46.73 -43.17
CA LEU M 109 143.85 45.41 -43.60
C LEU M 109 143.78 45.33 -45.12
N VAL M 110 143.20 46.34 -45.75
CA VAL M 110 143.12 46.36 -47.21
C VAL M 110 144.50 46.55 -47.83
N ALA M 111 145.35 47.34 -47.19
CA ALA M 111 146.64 47.70 -47.76
C ALA M 111 147.69 46.59 -47.68
N THR M 112 147.38 45.45 -47.05
CA THR M 112 148.37 44.38 -46.96
C THR M 112 148.36 43.55 -48.24
N SER M 113 149.39 42.73 -48.39
CA SER M 113 149.53 41.92 -49.60
C SER M 113 148.87 40.55 -49.49
N GLN M 114 148.13 40.28 -48.42
CA GLN M 114 147.41 39.02 -48.33
C GLN M 114 145.96 39.17 -48.77
N VAL M 115 145.37 40.35 -48.56
CA VAL M 115 144.04 40.61 -49.08
C VAL M 115 144.12 40.98 -50.55
N GLU M 116 145.31 41.39 -51.02
CA GLU M 116 145.50 41.59 -52.45
C GLU M 116 145.38 40.28 -53.22
N ASP M 117 146.04 39.23 -52.74
CA ASP M 117 145.96 37.93 -53.40
C ASP M 117 144.61 37.25 -53.18
N LEU M 118 143.84 37.68 -52.18
CA LEU M 118 142.52 37.11 -51.95
C LEU M 118 141.51 37.61 -52.96
N VAL M 119 141.67 38.84 -53.44
CA VAL M 119 140.71 39.43 -54.37
C VAL M 119 141.20 39.20 -55.80
N VAL M 120 142.50 39.37 -56.03
CA VAL M 120 143.03 39.21 -57.38
C VAL M 120 143.17 37.75 -57.75
N ASN M 121 143.84 36.96 -56.90
CA ASN M 121 144.21 35.60 -57.25
C ASN M 121 143.48 34.55 -56.43
N LEU M 122 142.55 34.95 -55.56
CA LEU M 122 141.65 34.07 -54.80
C LEU M 122 142.39 33.14 -53.84
N VAL M 123 143.55 33.54 -53.36
CA VAL M 123 144.30 32.75 -52.38
C VAL M 123 143.81 33.11 -50.98
N PRO M 124 143.52 32.13 -50.12
CA PRO M 124 143.00 32.46 -48.78
C PRO M 124 144.04 33.13 -47.90
N LEU M 125 143.57 33.67 -46.78
CA LEU M 125 144.38 34.48 -45.90
C LEU M 125 145.25 33.61 -44.99
N GLY M 126 146.26 34.25 -44.41
CA GLY M 126 147.13 33.56 -43.47
C GLY M 126 148.37 32.98 -44.11
N ARG M 127 149.54 33.32 -43.57
CA ARG M 127 150.81 32.79 -44.04
C ARG M 127 151.62 32.33 -42.84
N ALA M 128 152.03 31.06 -42.85
CA ALA M 128 152.72 30.45 -41.72
C ALA M 128 154.23 30.66 -41.88
N TYR M 129 154.81 31.49 -41.01
CA TYR M 129 156.25 31.68 -40.96
C TYR M 129 156.67 31.74 -39.48
N GLY M 130 157.15 30.61 -38.98
CA GLY M 130 157.56 30.51 -37.58
C GLY M 130 156.40 30.34 -36.63
N GLY M 131 155.63 29.28 -36.81
CA GLY M 131 154.48 29.02 -35.96
C GLY M 131 153.22 28.72 -36.74
N SER M 132 152.20 29.55 -36.59
CA SER M 132 150.96 29.39 -37.31
C SER M 132 150.81 30.50 -38.36
N LYS M 133 149.65 30.52 -39.01
CA LYS M 133 149.40 31.47 -40.09
C LYS M 133 148.87 32.77 -39.50
N THR M 134 149.56 33.88 -39.79
CA THR M 134 149.28 35.16 -39.18
C THR M 134 149.07 36.25 -40.22
N ILE M 135 148.31 37.27 -39.83
CA ILE M 135 148.24 38.54 -40.55
C ILE M 135 148.69 39.63 -39.61
N VAL M 136 149.61 40.48 -40.07
CA VAL M 136 150.08 41.62 -39.29
C VAL M 136 149.34 42.87 -39.77
N LEU M 137 148.90 43.69 -38.83
CA LEU M 137 148.14 44.89 -39.13
C LEU M 137 148.83 46.07 -38.44
N SER M 138 149.80 46.67 -39.13
CA SER M 138 150.52 47.80 -38.58
C SER M 138 149.66 49.05 -38.65
N VAL M 139 149.53 49.73 -37.51
CA VAL M 139 148.71 50.93 -37.40
C VAL M 139 149.64 52.13 -37.25
N GLY M 140 150.82 52.02 -37.86
CA GLY M 140 151.93 52.92 -37.59
C GLY M 140 153.18 52.10 -37.39
N GLU M 141 153.74 52.12 -36.18
CA GLU M 141 154.81 51.21 -35.84
C GLU M 141 154.33 50.01 -35.02
N ALA M 142 153.20 50.14 -34.33
CA ALA M 142 152.65 49.02 -33.57
C ALA M 142 151.96 48.05 -34.50
N THR M 143 152.30 46.77 -34.39
CA THR M 143 151.78 45.72 -35.26
C THR M 143 150.90 44.79 -34.46
N ARG M 144 149.59 44.89 -34.64
CA ARG M 144 148.62 44.00 -34.00
C ARG M 144 148.54 42.73 -34.83
N THR M 145 149.21 41.67 -34.38
CA THR M 145 149.33 40.44 -35.14
C THR M 145 148.20 39.49 -34.76
N LEU M 146 147.30 39.22 -35.71
CA LEU M 146 146.27 38.22 -35.53
C LEU M 146 146.81 36.85 -35.88
N THR M 147 146.31 35.82 -35.18
CA THR M 147 146.66 34.44 -35.47
C THR M 147 145.40 33.67 -35.83
N GLU M 148 145.55 32.72 -36.74
CA GLU M 148 144.41 31.92 -37.18
C GLU M 148 144.05 30.90 -36.11
N ILE M 149 142.78 30.90 -35.71
CA ILE M 149 142.30 29.94 -34.72
C ILE M 149 141.37 28.89 -35.32
N GLN M 150 140.93 29.06 -36.56
CA GLN M 150 139.95 28.13 -37.13
C GLN M 150 140.07 28.16 -38.64
N SER M 151 139.79 27.04 -39.27
CA SER M 151 139.75 26.92 -40.73
C SER M 151 138.63 25.94 -41.07
N THR M 152 137.47 26.48 -41.41
CA THR M 152 136.30 25.68 -41.75
C THR M 152 136.39 25.37 -43.25
N ALA M 153 135.29 24.93 -43.86
CA ALA M 153 135.29 24.63 -45.30
C ALA M 153 135.53 25.88 -46.13
N ASP M 154 134.79 26.95 -45.86
CA ASP M 154 135.02 28.23 -46.52
C ASP M 154 135.46 29.31 -45.53
N ARG M 155 134.88 29.31 -44.32
CA ARG M 155 135.19 30.30 -43.30
C ARG M 155 136.62 30.13 -42.79
N GLN M 156 137.13 31.22 -42.21
CA GLN M 156 138.52 31.23 -41.74
C GLN M 156 138.61 32.31 -40.67
N ILE M 157 138.59 31.91 -39.40
CA ILE M 157 138.47 32.84 -38.28
C ILE M 157 139.84 33.13 -37.70
N PHE M 158 140.21 34.41 -37.70
CA PHE M 158 141.44 34.89 -37.09
C PHE M 158 141.10 35.58 -35.79
N GLU M 159 142.11 35.70 -34.92
CA GLU M 159 141.91 36.33 -33.62
C GLU M 159 143.25 36.76 -33.05
N GLU M 160 143.25 37.88 -32.33
CA GLU M 160 144.42 38.30 -31.58
C GLU M 160 144.43 37.65 -30.22
N LYS M 161 145.61 37.27 -29.75
CA LYS M 161 145.74 36.47 -28.55
C LYS M 161 146.18 37.25 -27.32
N VAL M 162 146.35 38.55 -27.42
CA VAL M 162 146.76 39.36 -26.28
C VAL M 162 145.52 39.85 -25.54
N GLY M 163 145.51 39.64 -24.22
CA GLY M 163 144.46 40.17 -23.37
C GLY M 163 143.44 39.14 -22.95
N PRO M 164 142.29 39.61 -22.47
CA PRO M 164 141.25 38.69 -21.98
C PRO M 164 140.54 37.99 -23.13
N LEU M 165 139.74 36.98 -22.76
CA LEU M 165 138.99 36.19 -23.73
C LEU M 165 137.69 36.84 -24.16
N VAL M 166 137.23 37.87 -23.45
CA VAL M 166 135.89 38.38 -23.71
C VAL M 166 135.87 39.32 -24.93
N GLY M 167 136.86 40.19 -25.07
CA GLY M 167 136.90 41.08 -26.21
C GLY M 167 138.22 41.01 -26.94
N ARG M 168 138.20 40.54 -28.19
CA ARG M 168 139.40 40.38 -28.98
C ARG M 168 139.11 40.75 -30.42
N LEU M 169 140.16 41.02 -31.18
CA LEU M 169 140.03 41.27 -32.60
C LEU M 169 139.62 40.00 -33.32
N ARG M 170 138.95 40.15 -34.45
CA ARG M 170 138.42 39.01 -35.18
C ARG M 170 138.50 39.27 -36.67
N LEU M 171 138.50 38.18 -37.43
CA LEU M 171 138.44 38.24 -38.90
C LEU M 171 137.75 36.98 -39.38
N THR M 172 136.49 37.11 -39.78
CA THR M 172 135.75 35.99 -40.34
C THR M 172 135.77 36.12 -41.86
N ALA M 173 136.88 35.72 -42.47
CA ALA M 173 136.97 35.71 -43.92
C ALA M 173 136.14 34.57 -44.50
N SER M 174 135.77 34.70 -45.77
CA SER M 174 135.00 33.67 -46.44
C SER M 174 135.32 33.74 -47.93
N LEU M 175 134.83 32.73 -48.66
CA LEU M 175 135.03 32.63 -50.10
C LEU M 175 134.03 31.62 -50.62
N ARG M 176 133.21 32.02 -51.59
CA ARG M 176 132.19 31.15 -52.14
C ARG M 176 132.20 31.26 -53.66
N GLN M 177 131.31 30.50 -54.29
CA GLN M 177 130.95 30.73 -55.69
C GLN M 177 129.51 30.27 -55.87
N ASN M 178 128.65 31.19 -56.30
CA ASN M 178 127.22 30.93 -56.37
C ASN M 178 126.84 30.32 -57.71
N GLY M 179 125.78 29.50 -57.68
CA GLY M 179 125.16 28.99 -58.88
C GLY M 179 126.02 28.07 -59.73
N ALA M 180 126.11 28.37 -61.02
CA ALA M 180 126.87 27.56 -61.96
C ALA M 180 128.30 28.06 -62.13
N LYS M 181 128.99 28.27 -61.01
CA LYS M 181 130.42 28.58 -60.95
C LYS M 181 130.79 29.84 -61.73
N THR M 182 129.94 30.86 -61.66
CA THR M 182 130.10 32.03 -62.52
C THR M 182 130.62 33.26 -61.79
N ALA M 183 130.54 33.31 -60.46
CA ALA M 183 130.96 34.50 -59.73
C ALA M 183 131.36 34.12 -58.32
N TYR M 184 132.50 34.64 -57.87
CA TYR M 184 132.98 34.41 -56.52
C TYR M 184 132.41 35.48 -55.59
N ARG M 185 132.61 35.30 -54.29
CA ARG M 185 132.10 36.26 -53.30
C ARG M 185 132.99 36.19 -52.07
N VAL M 186 133.86 37.18 -51.92
CA VAL M 186 134.73 37.29 -50.76
C VAL M 186 134.02 38.11 -49.71
N ASN M 187 134.20 37.76 -48.42
CA ASN M 187 133.45 38.42 -47.35
C ASN M 187 134.32 38.47 -46.10
N LEU M 188 134.95 39.62 -45.87
CA LEU M 188 135.69 39.85 -44.64
C LEU M 188 134.81 40.54 -43.61
N LYS M 189 135.23 40.46 -42.35
CA LYS M 189 134.47 41.06 -41.25
C LYS M 189 135.40 41.24 -40.07
N LEU M 190 135.65 42.48 -39.68
CA LEU M 190 136.58 42.79 -38.60
C LEU M 190 135.78 43.33 -37.42
N ASP M 191 135.67 42.53 -36.36
CA ASP M 191 134.99 42.94 -35.15
C ASP M 191 135.99 43.59 -34.19
N GLN M 192 135.55 44.62 -33.49
CA GLN M 192 136.39 45.28 -32.50
C GLN M 192 135.53 45.62 -31.28
N ALA M 193 135.65 44.82 -30.23
CA ALA M 193 134.92 45.04 -29.00
C ALA M 193 135.77 45.87 -28.05
N ASP M 194 135.14 46.86 -27.41
CA ASP M 194 135.84 47.77 -26.53
C ASP M 194 135.72 47.25 -25.10
N VAL M 195 136.75 46.59 -24.61
CA VAL M 195 136.77 46.02 -23.27
C VAL M 195 137.39 47.04 -22.34
N VAL M 196 136.91 47.09 -21.09
CA VAL M 196 137.40 48.02 -20.09
C VAL M 196 137.51 47.29 -18.77
N ASP M 197 138.44 47.72 -17.92
CA ASP M 197 138.65 47.13 -16.61
C ASP M 197 138.52 48.18 -15.53
N CYS M 198 137.79 47.84 -14.47
CA CYS M 198 137.54 48.76 -13.37
C CYS M 198 138.28 48.33 -12.11
N SER M 199 139.43 47.66 -12.27
CA SER M 199 140.14 47.08 -11.14
C SER M 199 140.78 48.13 -10.25
N THR M 200 141.18 49.27 -10.81
CA THR M 200 141.78 50.31 -9.99
C THR M 200 140.72 51.11 -9.23
N SER M 201 139.47 51.07 -9.69
CA SER M 201 138.37 51.76 -9.02
C SER M 201 137.58 50.82 -8.12
N VAL M 202 137.22 49.63 -8.62
CA VAL M 202 136.55 48.60 -7.84
C VAL M 202 137.47 47.40 -7.77
N CYS M 203 137.90 47.04 -6.56
CA CYS M 203 138.83 45.92 -6.41
C CYS M 203 138.12 44.60 -6.66
N GLY M 204 138.83 43.68 -7.30
CA GLY M 204 138.25 42.39 -7.63
C GLY M 204 137.23 42.41 -8.74
N GLU M 205 137.39 43.32 -9.71
CA GLU M 205 136.44 43.48 -10.81
C GLU M 205 137.08 42.94 -12.08
N LEU M 206 136.38 42.04 -12.77
CA LEU M 206 136.86 41.44 -13.99
C LEU M 206 136.48 42.31 -15.19
N PRO M 207 137.25 42.26 -16.28
CA PRO M 207 136.93 43.09 -17.46
C PRO M 207 135.66 42.63 -18.16
N LYS M 208 135.07 43.57 -18.90
CA LYS M 208 133.83 43.34 -19.63
C LYS M 208 133.79 44.26 -20.83
N VAL M 209 132.96 43.92 -21.80
CA VAL M 209 132.85 44.68 -23.04
C VAL M 209 131.71 45.68 -22.91
N ARG M 210 131.89 46.87 -23.52
CA ARG M 210 130.86 47.89 -23.50
C ARG M 210 129.98 47.80 -24.74
N TYR M 211 130.60 47.90 -25.91
CA TYR M 211 129.88 47.88 -27.18
C TYR M 211 130.71 47.09 -28.18
N THR M 212 130.27 47.08 -29.44
CA THR M 212 131.04 46.45 -30.50
C THR M 212 130.87 47.28 -31.77
N GLN M 213 131.90 47.28 -32.61
CA GLN M 213 131.90 48.02 -33.86
C GLN M 213 132.55 47.16 -34.93
N VAL M 214 131.84 46.96 -36.04
CA VAL M 214 132.29 46.07 -37.09
C VAL M 214 132.64 46.88 -38.33
N TRP M 215 133.33 46.23 -39.27
CA TRP M 215 133.54 46.78 -40.61
C TRP M 215 133.54 45.58 -41.55
N SER M 216 132.38 45.29 -42.12
CA SER M 216 132.27 44.18 -43.05
C SER M 216 132.74 44.58 -44.44
N HIS M 217 133.09 43.58 -45.24
CA HIS M 217 133.40 43.76 -46.64
C HIS M 217 132.59 42.75 -47.44
N ASP M 218 132.30 43.09 -48.69
CA ASP M 218 131.55 42.19 -49.56
C ASP M 218 132.03 42.41 -50.99
N VAL M 219 133.01 41.61 -51.39
CA VAL M 219 133.61 41.70 -52.72
C VAL M 219 132.91 40.69 -53.62
N THR M 220 132.53 41.13 -54.81
CA THR M 220 131.94 40.26 -55.82
C THR M 220 132.89 40.22 -57.01
N ILE M 221 133.29 39.01 -57.39
CA ILE M 221 134.25 38.80 -58.47
C ILE M 221 133.65 37.79 -59.42
N VAL M 222 133.47 38.18 -60.68
CA VAL M 222 132.96 37.24 -61.66
C VAL M 222 134.12 36.39 -62.18
N ALA M 223 133.80 35.18 -62.64
CA ALA M 223 134.82 34.14 -62.84
C ALA M 223 135.64 34.37 -64.10
N ASN M 224 135.03 34.89 -65.16
CA ASN M 224 135.71 35.08 -66.43
C ASN M 224 136.33 36.47 -66.57
N SER M 225 136.76 37.07 -65.46
CA SER M 225 137.31 38.41 -65.43
C SER M 225 138.68 38.45 -66.09
N THR M 226 139.21 39.66 -66.23
CA THR M 226 140.61 39.88 -66.51
C THR M 226 141.32 40.07 -65.18
N GLU M 227 142.58 39.66 -65.10
CA GLU M 227 143.35 39.87 -63.89
C GLU M 227 143.65 41.35 -63.67
N ALA M 228 143.69 42.13 -64.75
CA ALA M 228 143.86 43.56 -64.62
C ALA M 228 142.58 44.26 -64.19
N SER M 229 141.44 43.57 -64.24
CA SER M 229 140.19 44.16 -63.77
C SER M 229 140.01 43.91 -62.28
N ARG M 230 140.47 42.76 -61.78
CA ARG M 230 140.46 42.53 -60.35
C ARG M 230 141.52 43.35 -59.64
N LYS M 231 142.63 43.65 -60.33
CA LYS M 231 143.68 44.45 -59.74
C LYS M 231 143.26 45.91 -59.61
N SER M 232 142.53 46.42 -60.61
CA SER M 232 142.10 47.82 -60.55
C SER M 232 140.97 48.02 -59.55
N LEU M 233 140.13 47.00 -59.35
CA LEU M 233 139.09 47.09 -58.33
C LEU M 233 139.68 47.10 -56.93
N TYR M 234 140.73 46.31 -56.70
CA TYR M 234 141.40 46.32 -55.40
C TYR M 234 142.15 47.63 -55.18
N ASP M 235 142.81 48.13 -56.23
CA ASP M 235 143.59 49.36 -56.14
C ASP M 235 142.72 50.59 -55.91
N LEU M 236 141.47 50.59 -56.37
CA LEU M 236 140.60 51.71 -56.08
C LEU M 236 140.05 51.65 -54.67
N THR M 237 139.75 50.45 -54.18
CA THR M 237 139.26 50.31 -52.81
C THR M 237 140.37 50.53 -51.79
N LYS M 238 141.61 50.15 -52.14
CA LYS M 238 142.74 50.49 -51.29
C LYS M 238 142.96 51.99 -51.23
N SER M 239 142.70 52.68 -52.34
CA SER M 239 142.84 54.13 -52.39
C SER M 239 141.63 54.85 -51.84
N LEU M 240 140.46 54.21 -51.84
CA LEU M 240 139.27 54.85 -51.29
C LEU M 240 139.33 54.92 -49.77
N VAL M 241 139.69 53.81 -49.12
CA VAL M 241 139.78 53.77 -47.67
C VAL M 241 140.89 54.67 -47.15
N ALA M 242 141.98 54.81 -47.91
CA ALA M 242 143.10 55.63 -47.49
C ALA M 242 142.85 57.13 -47.60
N THR M 243 141.72 57.56 -48.16
CA THR M 243 141.45 58.99 -48.28
C THR M 243 141.01 59.57 -46.95
N SER M 244 141.07 60.90 -46.86
CA SER M 244 140.64 61.60 -45.67
C SER M 244 139.15 61.87 -45.65
N GLN M 245 138.44 61.59 -46.74
CA GLN M 245 136.99 61.78 -46.75
C GLN M 245 136.29 60.61 -46.07
N VAL M 246 136.79 59.40 -46.26
CA VAL M 246 136.22 58.23 -45.60
C VAL M 246 136.68 58.14 -44.16
N GLU M 247 137.80 58.77 -43.82
CA GLU M 247 138.23 58.85 -42.43
C GLU M 247 137.25 59.68 -41.60
N ASP M 248 136.84 60.84 -42.11
CA ASP M 248 135.87 61.66 -41.43
C ASP M 248 134.45 61.11 -41.53
N LEU M 249 134.18 60.24 -42.50
CA LEU M 249 132.87 59.62 -42.59
C LEU M 249 132.68 58.57 -41.51
N VAL M 250 133.76 57.96 -41.04
CA VAL M 250 133.67 56.95 -39.99
C VAL M 250 133.91 57.55 -38.61
N VAL M 251 134.94 58.39 -38.48
CA VAL M 251 135.26 58.99 -37.19
C VAL M 251 134.25 60.06 -36.80
N ASN M 252 133.92 60.96 -37.74
CA ASN M 252 133.11 62.12 -37.43
C ASN M 252 131.79 62.21 -38.19
N LEU M 253 131.47 61.19 -39.01
CA LEU M 253 130.22 61.09 -39.77
C LEU M 253 130.01 62.24 -40.75
N VAL M 254 131.09 62.84 -41.25
CA VAL M 254 130.99 63.89 -42.25
C VAL M 254 130.76 63.24 -43.60
N PRO M 255 129.75 63.64 -44.37
CA PRO M 255 129.49 63.00 -45.66
C PRO M 255 130.57 63.29 -46.69
N LEU M 256 130.59 62.47 -47.74
CA LEU M 256 131.63 62.54 -48.74
C LEU M 256 131.42 63.70 -49.69
N GLY M 257 132.49 64.12 -50.35
CA GLY M 257 132.41 65.15 -51.36
C GLY M 257 132.88 66.51 -50.91
N ARG M 258 133.90 67.04 -51.57
CA ARG M 258 134.39 68.38 -51.27
C ARG M 258 134.69 69.15 -52.55
N SER N 1 150.57 24.20 -50.66
CA SER N 1 150.37 23.54 -49.38
C SER N 1 150.23 22.03 -49.55
N LYS N 2 148.99 21.56 -49.60
CA LYS N 2 148.69 20.14 -49.75
C LYS N 2 148.40 19.86 -51.22
N THR N 3 149.20 18.99 -51.82
CA THR N 3 149.20 18.83 -53.26
C THR N 3 149.15 17.37 -53.67
N ILE N 4 148.58 17.14 -54.87
CA ILE N 4 148.73 15.89 -55.60
C ILE N 4 149.42 16.24 -56.92
N VAL N 5 150.39 15.43 -57.32
CA VAL N 5 151.14 15.64 -58.55
C VAL N 5 150.77 14.53 -59.52
N LEU N 6 150.25 14.92 -60.69
CA LEU N 6 149.83 13.98 -61.73
C LEU N 6 150.77 14.13 -62.92
N SER N 7 151.71 13.20 -63.05
CA SER N 7 152.66 13.24 -64.16
C SER N 7 152.05 12.56 -65.39
N VAL N 8 152.10 13.25 -66.52
CA VAL N 8 151.48 12.81 -67.76
C VAL N 8 152.64 12.52 -68.70
N GLY N 9 153.73 12.02 -68.13
CA GLY N 9 154.95 11.84 -68.89
C GLY N 9 156.09 12.59 -68.20
N GLU N 10 156.60 13.61 -68.87
CA GLU N 10 157.53 14.53 -68.24
C GLU N 10 156.86 15.78 -67.70
N ALA N 11 155.62 16.06 -68.12
CA ALA N 11 154.89 17.21 -67.60
C ALA N 11 154.11 16.81 -66.36
N THR N 12 154.20 17.61 -65.30
CA THR N 12 153.50 17.37 -64.05
C THR N 12 152.47 18.46 -63.83
N ARG N 13 151.25 18.07 -63.51
CA ARG N 13 150.17 19.02 -63.26
C ARG N 13 149.83 18.96 -61.78
N THR N 14 150.40 19.90 -61.01
CA THR N 14 150.27 19.91 -59.57
C THR N 14 148.94 20.54 -59.16
N LEU N 15 148.02 19.73 -58.66
CA LEU N 15 146.78 20.21 -58.09
C LEU N 15 147.02 20.64 -56.65
N THR N 16 146.36 21.72 -56.23
CA THR N 16 146.47 22.20 -54.87
C THR N 16 145.09 22.17 -54.21
N GLU N 17 145.07 21.98 -52.90
CA GLU N 17 143.83 21.89 -52.15
C GLU N 17 143.27 23.29 -51.91
N ILE N 18 141.98 23.46 -52.21
CA ILE N 18 141.32 24.75 -52.03
C ILE N 18 140.19 24.72 -51.03
N GLN N 19 139.75 23.55 -50.58
CA GLN N 19 138.61 23.44 -49.69
C GLN N 19 138.70 22.12 -48.95
N SER N 20 138.27 22.10 -47.69
CA SER N 20 138.35 20.90 -46.87
C SER N 20 137.21 20.92 -45.88
N THR N 21 136.20 20.09 -46.13
CA THR N 21 135.07 19.92 -45.23
C THR N 21 135.47 18.79 -44.27
N ALA N 22 134.50 18.20 -43.54
CA ALA N 22 134.78 17.05 -42.68
C ALA N 22 135.32 15.86 -43.48
N ASP N 23 134.67 15.54 -44.58
CA ASP N 23 135.08 14.44 -45.45
C ASP N 23 135.37 14.87 -46.88
N ARG N 24 134.58 15.79 -47.44
CA ARG N 24 134.78 16.24 -48.80
C ARG N 24 136.04 17.11 -48.89
N GLN N 25 136.73 17.01 -50.02
CA GLN N 25 138.08 17.55 -50.14
C GLN N 25 138.29 17.93 -51.61
N ILE N 26 138.30 19.24 -51.89
CA ILE N 26 138.35 19.74 -53.26
C ILE N 26 139.74 20.23 -53.59
N PHE N 27 140.33 19.69 -54.65
CA PHE N 27 141.61 20.12 -55.18
C PHE N 27 141.39 20.89 -56.47
N GLU N 28 142.41 21.65 -56.87
CA GLU N 28 142.33 22.48 -58.06
C GLU N 28 143.72 22.81 -58.55
N GLU N 29 143.85 23.02 -59.86
CA GLU N 29 145.09 23.45 -60.46
C GLU N 29 145.10 24.97 -60.58
N LYS N 30 146.10 25.60 -59.96
CA LYS N 30 146.15 27.06 -59.85
C LYS N 30 146.84 27.74 -61.02
N VAL N 31 146.84 27.13 -62.20
CA VAL N 31 147.50 27.72 -63.36
C VAL N 31 146.45 28.16 -64.37
N GLY N 32 146.51 29.44 -64.75
CA GLY N 32 145.67 29.94 -65.83
C GLY N 32 144.52 30.80 -65.34
N PRO N 33 143.52 31.01 -66.20
CA PRO N 33 142.34 31.80 -65.82
C PRO N 33 141.49 31.12 -64.76
N LEU N 34 140.53 31.86 -64.22
CA LEU N 34 139.73 31.42 -63.09
C LEU N 34 138.51 30.59 -63.48
N VAL N 35 138.15 30.55 -64.76
CA VAL N 35 136.85 30.03 -65.14
C VAL N 35 136.83 28.51 -65.23
N GLY N 36 137.81 27.88 -65.85
CA GLY N 36 137.82 26.44 -65.93
C GLY N 36 139.17 25.86 -65.60
N ARG N 37 139.24 25.06 -64.53
CA ARG N 37 140.48 24.47 -64.07
C ARG N 37 140.24 22.99 -63.80
N LEU N 38 141.33 22.25 -63.61
CA LEU N 38 141.22 20.88 -63.16
C LEU N 38 140.64 20.84 -61.75
N ARG N 39 139.95 19.74 -61.45
CA ARG N 39 139.20 19.62 -60.23
C ARG N 39 139.27 18.18 -59.76
N LEU N 40 139.32 17.99 -58.44
CA LEU N 40 139.41 16.65 -57.89
C LEU N 40 138.68 16.67 -56.54
N THR N 41 137.50 16.06 -56.51
CA THR N 41 136.66 16.06 -55.32
C THR N 41 136.70 14.66 -54.70
N ALA N 42 137.58 14.50 -53.72
CA ALA N 42 137.62 13.25 -52.97
C ALA N 42 136.55 13.27 -51.87
N SER N 43 136.20 12.07 -51.40
CA SER N 43 135.22 11.92 -50.35
C SER N 43 135.49 10.60 -49.64
N LEU N 44 134.90 10.45 -48.45
CA LEU N 44 135.03 9.23 -47.67
C LEU N 44 133.92 9.21 -46.64
N ARG N 45 133.08 8.19 -46.70
CA ARG N 45 131.95 8.06 -45.80
C ARG N 45 131.98 6.68 -45.16
N GLN N 46 130.99 6.40 -44.31
CA GLN N 46 130.70 5.03 -43.89
C GLN N 46 129.20 4.90 -43.73
N ASN N 47 128.57 4.17 -44.65
CA ASN N 47 127.12 4.10 -44.70
C ASN N 47 126.61 3.00 -43.77
N GLY N 48 125.49 3.29 -43.10
CA GLY N 48 124.80 2.31 -42.30
C GLY N 48 125.38 2.08 -40.93
N ALA N 49 125.53 0.81 -40.56
CA ALA N 49 125.94 0.44 -39.21
C ALA N 49 127.45 0.24 -39.12
N LYS N 50 128.18 1.28 -39.54
CA LYS N 50 129.63 1.41 -39.38
C LYS N 50 130.41 0.28 -40.05
N THR N 51 129.87 -0.30 -41.13
CA THR N 51 130.39 -1.54 -41.66
C THR N 51 131.03 -1.45 -43.03
N ALA N 52 130.78 -0.38 -43.79
CA ALA N 52 131.30 -0.28 -45.15
C ALA N 52 131.64 1.17 -45.47
N TYR N 53 132.88 1.40 -45.87
CA TYR N 53 133.32 2.72 -46.29
C TYR N 53 133.03 2.93 -47.77
N ARG N 54 133.04 4.20 -48.19
CA ARG N 54 132.69 4.54 -49.55
C ARG N 54 133.57 5.71 -50.00
N VAL N 55 134.57 5.42 -50.82
CA VAL N 55 135.43 6.45 -51.38
C VAL N 55 134.83 6.90 -52.71
N ASN N 56 134.98 8.19 -53.02
CA ASN N 56 134.31 8.75 -54.19
C ASN N 56 135.21 9.85 -54.77
N LEU N 57 136.00 9.50 -55.79
CA LEU N 57 136.78 10.48 -56.52
C LEU N 57 136.00 11.00 -57.72
N LYS N 58 136.38 12.19 -58.17
CA LYS N 58 135.73 12.80 -59.33
C LYS N 58 136.71 13.81 -59.92
N LEU N 59 137.21 13.53 -61.11
CA LEU N 59 138.17 14.40 -61.79
C LEU N 59 137.44 15.10 -62.93
N ASP N 60 137.19 16.39 -62.76
CA ASP N 60 136.59 17.20 -63.81
C ASP N 60 137.67 17.73 -64.74
N GLN N 61 137.28 18.01 -65.98
CA GLN N 61 138.20 18.64 -66.92
C GLN N 61 137.38 19.47 -67.89
N ALA N 62 137.48 20.79 -67.77
CA ALA N 62 136.78 21.72 -68.64
C ALA N 62 137.69 22.14 -69.78
N ASP N 63 137.11 22.32 -70.96
CA ASP N 63 137.87 22.73 -72.14
C ASP N 63 137.68 24.22 -72.33
N VAL N 64 138.67 24.99 -71.92
CA VAL N 64 138.63 26.44 -71.98
C VAL N 64 139.26 26.90 -73.27
N VAL N 65 138.66 27.89 -73.91
CA VAL N 65 139.22 28.53 -75.10
C VAL N 65 139.15 30.03 -74.91
N ASP N 66 140.24 30.73 -75.20
CA ASP N 66 140.32 32.18 -75.05
C ASP N 66 140.42 32.78 -76.44
N CYS N 67 139.34 33.39 -76.89
CA CYS N 67 139.21 33.87 -78.26
C CYS N 67 139.28 35.39 -78.30
N SER N 68 140.05 35.97 -77.39
CA SER N 68 140.14 37.43 -77.31
C SER N 68 141.01 38.03 -78.40
N THR N 69 141.92 37.25 -78.97
CA THR N 69 142.81 37.79 -80.01
C THR N 69 142.10 37.83 -81.36
N SER N 70 141.37 36.76 -81.70
CA SER N 70 140.68 36.71 -82.98
C SER N 70 139.41 37.57 -82.96
N VAL N 71 138.46 37.22 -82.11
CA VAL N 71 137.24 37.99 -81.95
C VAL N 71 137.50 39.06 -80.90
N CYS N 72 137.34 40.32 -81.29
CA CYS N 72 137.60 41.43 -80.37
C CYS N 72 136.49 41.54 -79.34
N GLY N 73 136.88 41.57 -78.07
CA GLY N 73 135.97 41.92 -77.00
C GLY N 73 135.23 40.78 -76.33
N GLU N 74 135.82 39.59 -76.26
CA GLU N 74 135.19 38.50 -75.55
C GLU N 74 136.21 37.75 -74.71
N LEU N 75 135.69 37.00 -73.74
CA LEU N 75 136.43 36.46 -72.61
C LEU N 75 136.61 34.96 -72.77
N PRO N 76 137.53 34.32 -72.04
CA PRO N 76 137.60 32.86 -72.05
C PRO N 76 136.35 32.22 -71.45
N LYS N 77 135.99 31.08 -72.02
CA LYS N 77 134.76 30.40 -71.67
C LYS N 77 134.99 28.90 -71.77
N VAL N 78 134.14 28.13 -71.11
CA VAL N 78 134.24 26.67 -71.14
C VAL N 78 133.31 26.16 -72.24
N ARG N 79 133.83 25.26 -73.08
CA ARG N 79 132.99 24.63 -74.08
C ARG N 79 132.21 23.47 -73.47
N TYR N 80 132.92 22.53 -72.84
CA TYR N 80 132.33 21.35 -72.27
C TYR N 80 133.17 20.89 -71.09
N THR N 81 132.60 20.01 -70.28
CA THR N 81 133.32 19.35 -69.21
C THR N 81 133.22 17.85 -69.39
N GLN N 82 134.31 17.15 -69.10
CA GLN N 82 134.35 15.70 -69.15
C GLN N 82 134.88 15.18 -67.83
N VAL N 83 134.12 14.31 -67.18
CA VAL N 83 134.45 13.83 -65.86
C VAL N 83 134.87 12.36 -65.93
N TRP N 84 135.52 11.90 -64.86
CA TRP N 84 135.79 10.48 -64.68
C TRP N 84 135.63 10.22 -63.18
N SER N 85 134.45 9.78 -62.78
CA SER N 85 134.19 9.52 -61.37
C SER N 85 134.74 8.16 -60.97
N HIS N 86 134.84 7.96 -59.66
CA HIS N 86 135.15 6.66 -59.09
C HIS N 86 134.21 6.44 -57.91
N ASP N 87 133.95 5.17 -57.61
CA ASP N 87 133.09 4.82 -56.48
C ASP N 87 133.59 3.49 -55.92
N VAL N 88 134.42 3.56 -54.91
CA VAL N 88 135.00 2.38 -54.29
C VAL N 88 134.21 2.04 -53.04
N THR N 89 133.85 0.77 -52.89
CA THR N 89 133.18 0.27 -51.70
C THR N 89 134.15 -0.64 -50.96
N ILE N 90 134.42 -0.31 -49.70
CA ILE N 90 135.37 -1.05 -48.87
C ILE N 90 134.63 -1.45 -47.61
N VAL N 91 134.60 -2.74 -47.32
CA VAL N 91 134.02 -3.22 -46.08
C VAL N 91 135.04 -3.08 -44.96
N ALA N 92 134.56 -2.86 -43.74
CA ALA N 92 135.42 -2.44 -42.65
C ALA N 92 136.31 -3.56 -42.13
N ASN N 93 135.75 -4.76 -41.94
CA ASN N 93 136.48 -5.86 -41.33
C ASN N 93 137.25 -6.71 -42.34
N SER N 94 137.57 -6.15 -43.51
CA SER N 94 138.30 -6.91 -44.51
C SER N 94 139.78 -7.00 -44.16
N THR N 95 140.49 -7.83 -44.91
CA THR N 95 141.94 -7.92 -44.77
C THR N 95 142.61 -6.91 -45.69
N GLU N 96 143.90 -6.67 -45.43
CA GLU N 96 144.62 -5.67 -46.20
C GLU N 96 144.93 -6.15 -47.60
N ALA N 97 145.18 -7.45 -47.77
CA ALA N 97 145.51 -7.98 -49.09
C ALA N 97 144.32 -8.03 -50.03
N SER N 98 143.09 -7.96 -49.51
CA SER N 98 141.94 -7.85 -50.39
C SER N 98 141.81 -6.44 -50.93
N ARG N 99 142.09 -5.44 -50.09
CA ARG N 99 142.09 -4.05 -50.53
C ARG N 99 143.25 -3.74 -51.46
N LYS N 100 144.40 -4.37 -51.24
CA LYS N 100 145.56 -4.13 -52.11
C LYS N 100 145.36 -4.78 -53.47
N SER N 101 144.72 -5.95 -53.50
CA SER N 101 144.50 -6.63 -54.78
C SER N 101 143.39 -5.96 -55.58
N LEU N 102 142.42 -5.37 -54.90
CA LEU N 102 141.38 -4.61 -55.59
C LEU N 102 141.96 -3.34 -56.22
N TYR N 103 142.90 -2.70 -55.51
CA TYR N 103 143.56 -1.53 -56.07
C TYR N 103 144.50 -1.91 -57.21
N ASP N 104 145.25 -3.01 -57.04
CA ASP N 104 146.23 -3.43 -58.03
C ASP N 104 145.58 -3.91 -59.32
N LEU N 105 144.35 -4.38 -59.27
CA LEU N 105 143.64 -4.76 -60.48
C LEU N 105 143.10 -3.52 -61.20
N THR N 106 142.55 -2.58 -60.45
CA THR N 106 142.02 -1.36 -61.06
C THR N 106 143.14 -0.44 -61.55
N LYS N 107 144.32 -0.53 -60.94
CA LYS N 107 145.47 0.24 -61.42
C LYS N 107 145.91 -0.22 -62.80
N SER N 108 145.82 -1.51 -63.06
CA SER N 108 146.19 -2.04 -64.37
C SER N 108 145.01 -2.22 -65.30
N LEU N 109 143.78 -2.11 -64.79
CA LEU N 109 142.64 -2.04 -65.68
C LEU N 109 142.62 -0.73 -66.45
N VAL N 110 142.86 0.38 -65.75
CA VAL N 110 142.94 1.68 -66.43
C VAL N 110 144.18 1.75 -67.31
N ALA N 111 145.27 1.12 -66.89
CA ALA N 111 146.54 1.22 -67.62
C ALA N 111 146.59 0.37 -68.87
N THR N 112 145.60 -0.49 -69.12
CA THR N 112 145.64 -1.33 -70.31
C THR N 112 145.22 -0.53 -71.54
N SER N 113 145.51 -1.09 -72.71
CA SER N 113 145.24 -0.40 -73.97
C SER N 113 143.85 -0.68 -74.51
N GLN N 114 143.01 -1.40 -73.78
CA GLN N 114 141.64 -1.61 -74.24
C GLN N 114 140.67 -0.60 -73.62
N VAL N 115 140.97 -0.14 -72.41
CA VAL N 115 140.17 0.93 -71.81
C VAL N 115 140.62 2.28 -72.36
N GLU N 116 141.83 2.35 -72.92
CA GLU N 116 142.25 3.56 -73.60
C GLU N 116 141.42 3.81 -74.84
N ASP N 117 141.19 2.78 -75.66
CA ASP N 117 140.36 2.93 -76.84
C ASP N 117 138.88 3.03 -76.52
N LEU N 118 138.48 2.71 -75.29
CA LEU N 118 137.07 2.79 -74.92
C LEU N 118 136.65 4.22 -74.60
N VAL N 119 137.54 5.03 -74.05
CA VAL N 119 137.16 6.40 -73.68
C VAL N 119 137.64 7.39 -74.74
N VAL N 120 138.59 6.98 -75.57
CA VAL N 120 139.10 7.88 -76.59
C VAL N 120 138.36 7.65 -77.91
N ASN N 121 138.30 6.39 -78.36
CA ASN N 121 137.75 6.06 -79.67
C ASN N 121 136.44 5.29 -79.57
N LEU N 122 135.94 5.06 -78.37
CA LEU N 122 134.63 4.46 -78.06
C LEU N 122 134.51 3.02 -78.58
N VAL N 123 135.63 2.31 -78.72
CA VAL N 123 135.62 0.91 -79.11
C VAL N 123 135.37 0.06 -77.86
N PRO N 124 134.46 -0.92 -77.90
CA PRO N 124 134.16 -1.71 -76.71
C PRO N 124 135.30 -2.64 -76.32
N LEU N 125 135.16 -3.23 -75.13
CA LEU N 125 136.22 -4.01 -74.52
C LEU N 125 136.26 -5.43 -75.08
N GLY N 126 137.43 -6.04 -74.99
CA GLY N 126 137.61 -7.42 -75.40
C GLY N 126 138.17 -7.59 -76.79
N ARG N 127 139.21 -8.41 -76.92
CA ARG N 127 139.83 -8.71 -78.21
C ARG N 127 140.04 -10.21 -78.31
N ALA N 128 139.58 -10.81 -79.41
CA ALA N 128 139.65 -12.26 -79.59
C ALA N 128 141.02 -12.63 -80.14
N TYR N 129 141.87 -13.20 -79.29
CA TYR N 129 143.17 -13.72 -79.70
C TYR N 129 143.25 -15.18 -79.26
N GLY N 130 142.90 -16.08 -80.18
CA GLY N 130 142.95 -17.51 -79.91
C GLY N 130 141.85 -18.00 -78.99
N GLY N 131 140.60 -17.90 -79.44
CA GLY N 131 139.48 -18.33 -78.65
C GLY N 131 138.40 -17.28 -78.52
N SER N 132 138.12 -16.82 -77.30
CA SER N 132 137.16 -15.76 -77.08
C SER N 132 137.88 -14.44 -76.84
N LYS N 133 137.10 -13.41 -76.52
CA LYS N 133 137.63 -12.08 -76.31
C LYS N 133 138.02 -11.89 -74.86
N THR N 134 139.27 -11.50 -74.61
CA THR N 134 139.83 -11.46 -73.28
C THR N 134 140.44 -10.10 -72.96
N ILE N 135 140.50 -9.79 -71.66
CA ILE N 135 141.30 -8.70 -71.13
C ILE N 135 142.32 -9.29 -70.18
N VAL N 136 143.57 -8.87 -70.32
CA VAL N 136 144.65 -9.38 -69.49
C VAL N 136 145.01 -8.31 -68.46
N LEU N 137 144.81 -8.62 -67.18
CA LEU N 137 145.07 -7.70 -66.08
C LEU N 137 146.32 -8.17 -65.36
N SER N 138 147.47 -7.60 -65.72
CA SER N 138 148.72 -7.93 -65.08
C SER N 138 148.81 -7.28 -63.71
N VAL N 139 149.17 -8.07 -62.70
CA VAL N 139 149.26 -7.60 -61.33
C VAL N 139 150.74 -7.67 -60.96
N GLY N 140 151.59 -7.40 -61.95
CA GLY N 140 153.02 -7.63 -61.83
C GLY N 140 153.47 -8.57 -62.94
N GLU N 141 153.84 -9.79 -62.57
CA GLU N 141 154.03 -10.84 -63.54
C GLU N 141 152.85 -11.81 -63.60
N ALA N 142 152.03 -11.86 -62.56
CA ALA N 142 150.84 -12.70 -62.57
C ALA N 142 149.73 -12.02 -63.35
N THR N 143 149.21 -12.71 -64.37
CA THR N 143 148.22 -12.15 -65.27
C THR N 143 146.89 -12.85 -65.05
N ARG N 144 145.93 -12.12 -64.49
CA ARG N 144 144.57 -12.64 -64.28
C ARG N 144 143.76 -12.32 -65.52
N THR N 145 143.54 -13.33 -66.37
CA THR N 145 142.89 -13.15 -67.67
C THR N 145 141.39 -13.35 -67.52
N LEU N 146 140.63 -12.28 -67.72
CA LEU N 146 139.18 -12.37 -67.76
C LEU N 146 138.72 -12.73 -69.16
N THR N 147 137.63 -13.50 -69.24
CA THR N 147 137.03 -13.87 -70.51
C THR N 147 135.62 -13.32 -70.57
N GLU N 148 135.19 -12.92 -71.76
CA GLU N 148 133.86 -12.38 -71.93
C GLU N 148 132.83 -13.50 -71.93
N ILE N 149 131.83 -13.37 -71.07
CA ILE N 149 130.77 -14.37 -70.98
C ILE N 149 129.44 -13.85 -71.51
N GLN N 150 129.33 -12.56 -71.83
CA GLN N 150 128.05 -12.01 -72.24
C GLN N 150 128.28 -10.77 -73.09
N SER N 151 127.39 -10.54 -74.05
CA SER N 151 127.40 -9.35 -74.89
C SER N 151 125.96 -8.95 -75.14
N THR N 152 125.44 -8.06 -74.28
CA THR N 152 124.08 -7.57 -74.39
C THR N 152 124.07 -6.39 -75.37
N ALA N 153 122.99 -5.60 -75.38
CA ALA N 153 122.92 -4.44 -76.27
C ALA N 153 123.95 -3.39 -75.90
N ASP N 154 124.01 -2.99 -74.64
CA ASP N 154 125.03 -2.05 -74.16
C ASP N 154 125.99 -2.70 -73.18
N ARG N 155 125.47 -3.56 -72.29
CA ARG N 155 126.28 -4.23 -71.27
C ARG N 155 127.22 -5.24 -71.90
N GLN N 156 128.28 -5.57 -71.17
CA GLN N 156 129.31 -6.49 -71.65
C GLN N 156 130.00 -7.07 -70.43
N ILE N 157 129.65 -8.29 -70.06
CA ILE N 157 130.07 -8.88 -68.80
C ILE N 157 131.26 -9.80 -69.02
N PHE N 158 132.37 -9.50 -68.35
CA PHE N 158 133.56 -10.34 -68.35
C PHE N 158 133.63 -11.08 -67.01
N GLU N 159 134.38 -12.18 -67.00
CA GLU N 159 134.48 -13.00 -65.81
C GLU N 159 135.72 -13.88 -65.91
N GLU N 160 136.37 -14.12 -64.78
CA GLU N 160 137.46 -15.07 -64.71
C GLU N 160 136.90 -16.48 -64.50
N LYS N 161 137.59 -17.47 -65.08
CA LYS N 161 137.08 -18.83 -65.11
C LYS N 161 137.75 -19.76 -64.11
N VAL N 162 138.79 -19.30 -63.41
CA VAL N 162 139.49 -20.15 -62.47
C VAL N 162 138.82 -20.10 -61.11
N GLY N 163 138.51 -21.28 -60.57
CA GLY N 163 137.97 -21.38 -59.23
C GLY N 163 136.50 -21.73 -59.18
N PRO N 164 135.88 -21.54 -58.02
CA PRO N 164 134.47 -21.90 -57.85
C PRO N 164 133.55 -20.89 -58.54
N LEU N 165 132.30 -21.30 -58.70
CA LEU N 165 131.29 -20.45 -59.33
C LEU N 165 130.73 -19.38 -58.41
N VAL N 166 131.01 -19.45 -57.11
CA VAL N 166 130.35 -18.55 -56.17
C VAL N 166 130.96 -17.15 -56.20
N GLY N 167 132.29 -17.03 -56.20
CA GLY N 167 132.91 -15.72 -56.22
C GLY N 167 134.01 -15.64 -57.25
N ARG N 168 133.82 -14.78 -58.25
CA ARG N 168 134.79 -14.62 -59.32
C ARG N 168 134.92 -13.14 -59.65
N LEU N 169 135.98 -12.82 -60.41
CA LEU N 169 136.14 -11.46 -60.89
C LEU N 169 135.07 -11.13 -61.93
N ARG N 170 134.76 -9.84 -62.05
CA ARG N 170 133.68 -9.40 -62.91
C ARG N 170 134.03 -8.07 -63.54
N LEU N 171 133.41 -7.80 -64.69
CA LEU N 171 133.54 -6.51 -65.36
C LEU N 171 132.25 -6.25 -66.13
N THR N 172 131.37 -5.42 -65.57
CA THR N 172 130.14 -5.06 -66.25
C THR N 172 130.37 -3.72 -66.94
N ALA N 173 131.07 -3.75 -68.06
CA ALA N 173 131.26 -2.54 -68.86
C ALA N 173 129.96 -2.15 -69.54
N SER N 174 129.88 -0.89 -69.96
CA SER N 174 128.67 -0.36 -70.56
C SER N 174 129.03 0.82 -71.44
N LEU N 175 128.06 1.27 -72.24
CA LEU N 175 128.24 2.39 -73.15
C LEU N 175 126.86 2.87 -73.56
N ARG N 176 126.58 4.16 -73.37
CA ARG N 176 125.29 4.73 -73.70
C ARG N 176 125.50 6.05 -74.43
N GLN N 177 124.41 6.70 -74.81
CA GLN N 177 124.42 8.10 -75.20
C GLN N 177 123.07 8.69 -74.84
N ASN N 178 123.08 9.74 -74.02
CA ASN N 178 121.86 10.29 -73.47
C ASN N 178 121.22 11.31 -74.41
N GLY N 179 119.90 11.44 -74.29
CA GLY N 179 119.15 12.55 -74.87
C GLY N 179 119.19 12.67 -76.38
N ALA N 180 119.56 13.85 -76.85
CA ALA N 180 119.67 14.11 -78.28
C ALA N 180 121.09 13.88 -78.80
N LYS N 181 121.63 12.70 -78.47
CA LYS N 181 122.89 12.16 -79.03
C LYS N 181 124.07 13.10 -78.78
N THR N 182 124.14 13.71 -77.60
CA THR N 182 125.12 14.75 -77.33
C THR N 182 126.24 14.34 -76.39
N ALA N 183 126.10 13.25 -75.65
CA ALA N 183 127.11 12.87 -74.67
C ALA N 183 127.05 11.37 -74.41
N TYR N 184 128.21 10.73 -74.49
CA TYR N 184 128.31 9.31 -74.17
C TYR N 184 128.50 9.14 -72.67
N ARG N 185 128.43 7.89 -72.21
CA ARG N 185 128.58 7.60 -70.78
C ARG N 185 129.14 6.18 -70.65
N VAL N 186 130.43 6.08 -70.41
CA VAL N 186 131.09 4.80 -70.19
C VAL N 186 130.98 4.45 -68.72
N ASN N 187 130.74 3.18 -68.41
CA ASN N 187 130.49 2.77 -67.03
C ASN N 187 131.09 1.38 -66.81
N LEU N 188 132.29 1.33 -66.26
CA LEU N 188 132.90 0.08 -65.83
C LEU N 188 132.57 -0.19 -64.38
N LYS N 189 132.72 -1.45 -63.99
CA LYS N 189 132.48 -1.88 -62.61
C LYS N 189 133.18 -3.20 -62.38
N LEU N 190 134.13 -3.23 -61.45
CA LEU N 190 134.92 -4.42 -61.17
C LEU N 190 134.55 -4.94 -59.79
N ASP N 191 133.94 -6.13 -59.75
CA ASP N 191 133.57 -6.78 -58.50
C ASP N 191 134.68 -7.72 -58.07
N GLN N 192 134.90 -7.82 -56.76
CA GLN N 192 135.86 -8.76 -56.22
C GLN N 192 135.34 -9.29 -54.90
N ALA N 193 134.84 -10.52 -54.91
CA ALA N 193 134.34 -11.19 -53.72
C ALA N 193 135.43 -12.07 -53.15
N ASP N 194 135.58 -12.03 -51.82
CA ASP N 194 136.61 -12.79 -51.14
C ASP N 194 136.05 -14.14 -50.73
N VAL N 195 136.42 -15.19 -51.45
CA VAL N 195 135.97 -16.54 -51.18
C VAL N 195 136.99 -17.20 -50.26
N VAL N 196 136.54 -18.15 -49.45
CA VAL N 196 137.40 -18.86 -48.52
C VAL N 196 136.92 -20.31 -48.45
N ASP N 197 137.87 -21.23 -48.28
CA ASP N 197 137.56 -22.65 -48.16
C ASP N 197 138.02 -23.15 -46.80
N CYS N 198 137.09 -23.76 -46.07
CA CYS N 198 137.36 -24.28 -44.73
C CYS N 198 137.53 -25.79 -44.75
N SER N 199 137.90 -26.35 -45.91
CA SER N 199 137.99 -27.79 -46.07
C SER N 199 139.14 -28.41 -45.29
N THR N 200 140.20 -27.64 -45.03
CA THR N 200 141.31 -28.17 -44.23
C THR N 200 140.94 -28.23 -42.76
N SER N 201 140.14 -27.28 -42.27
CA SER N 201 139.68 -27.26 -40.89
C SER N 201 138.46 -28.15 -40.67
N VAL N 202 137.42 -27.97 -41.47
CA VAL N 202 136.20 -28.78 -41.38
C VAL N 202 136.05 -29.54 -42.69
N CYS N 203 136.10 -30.87 -42.63
CA CYS N 203 136.05 -31.67 -43.84
C CYS N 203 134.66 -31.65 -44.46
N GLY N 204 134.63 -31.64 -45.79
CA GLY N 204 133.37 -31.61 -46.51
C GLY N 204 132.70 -30.26 -46.53
N GLU N 205 133.46 -29.17 -46.55
CA GLU N 205 132.92 -27.82 -46.61
C GLU N 205 133.21 -27.23 -47.99
N LEU N 206 132.16 -26.70 -48.61
CA LEU N 206 132.28 -26.02 -49.89
C LEU N 206 132.60 -24.55 -49.68
N PRO N 207 133.30 -23.92 -50.63
CA PRO N 207 133.68 -22.51 -50.43
C PRO N 207 132.49 -21.55 -50.46
N LYS N 208 132.67 -20.41 -49.83
CA LYS N 208 131.63 -19.40 -49.72
C LYS N 208 132.29 -18.03 -49.63
N VAL N 209 131.52 -17.00 -49.92
CA VAL N 209 132.02 -15.63 -49.96
C VAL N 209 131.73 -14.95 -48.62
N ARG N 210 132.70 -14.16 -48.16
CA ARG N 210 132.50 -13.39 -46.93
C ARG N 210 131.91 -12.02 -47.23
N TYR N 211 132.61 -11.23 -48.04
CA TYR N 211 132.20 -9.88 -48.38
C TYR N 211 132.44 -9.65 -49.87
N THR N 212 132.14 -8.45 -50.33
CA THR N 212 132.48 -8.05 -51.68
C THR N 212 132.91 -6.59 -51.68
N GLN N 213 133.81 -6.25 -52.60
CA GLN N 213 134.37 -4.92 -52.71
C GLN N 213 134.44 -4.52 -54.17
N VAL N 214 133.81 -3.40 -54.51
CA VAL N 214 133.67 -2.99 -55.90
C VAL N 214 134.55 -1.76 -56.14
N TRP N 215 134.75 -1.46 -57.42
CA TRP N 215 135.37 -0.21 -57.85
C TRP N 215 134.76 0.11 -59.21
N SER N 216 133.72 0.93 -59.20
CA SER N 216 133.07 1.30 -60.45
C SER N 216 133.60 2.64 -60.94
N HIS N 217 133.49 2.83 -62.25
CA HIS N 217 133.91 4.07 -62.91
C HIS N 217 132.70 4.67 -63.60
N ASP N 218 132.76 5.97 -63.85
CA ASP N 218 131.66 6.65 -64.52
C ASP N 218 132.27 7.79 -65.35
N VAL N 219 132.56 7.50 -66.61
CA VAL N 219 133.18 8.45 -67.52
C VAL N 219 132.07 9.15 -68.29
N THR N 220 132.18 10.47 -68.42
CA THR N 220 131.26 11.26 -69.23
C THR N 220 132.04 11.87 -70.38
N ILE N 221 131.61 11.58 -71.59
CA ILE N 221 132.29 12.03 -72.81
C ILE N 221 131.26 12.73 -73.68
N VAL N 222 131.49 14.01 -73.96
CA VAL N 222 130.59 14.74 -74.84
C VAL N 222 130.96 14.44 -76.28
N ALA N 223 129.97 14.56 -77.17
CA ALA N 223 130.09 13.99 -78.51
C ALA N 223 130.98 14.83 -79.42
N ASN N 224 130.95 16.16 -79.27
CA ASN N 224 131.71 17.04 -80.15
C ASN N 224 133.06 17.40 -79.57
N SER N 225 133.67 16.49 -78.83
CA SER N 225 134.95 16.70 -78.16
C SER N 225 136.09 16.82 -79.17
N THR N 226 137.27 17.13 -78.64
CA THR N 226 138.51 16.95 -79.36
C THR N 226 139.09 15.62 -78.89
N GLU N 227 139.77 14.91 -79.79
CA GLU N 227 140.41 13.66 -79.40
C GLU N 227 141.59 13.90 -78.46
N ALA N 228 142.18 15.08 -78.52
CA ALA N 228 143.25 15.42 -77.59
C ALA N 228 142.73 15.71 -76.19
N SER N 229 141.44 16.01 -76.04
CA SER N 229 140.87 16.22 -74.71
C SER N 229 140.34 14.93 -74.13
N ARG N 230 139.94 13.98 -74.97
CA ARG N 230 139.61 12.66 -74.48
C ARG N 230 140.85 11.88 -74.09
N LYS N 231 141.96 12.11 -74.80
CA LYS N 231 143.21 11.44 -74.47
C LYS N 231 143.79 11.99 -73.18
N SER N 232 143.70 13.30 -72.97
CA SER N 232 144.27 13.91 -71.76
C SER N 232 143.43 13.59 -70.53
N LEU N 233 142.12 13.37 -70.70
CA LEU N 233 141.31 12.95 -69.57
C LEU N 233 141.64 11.53 -69.15
N TYR N 234 141.90 10.65 -70.12
CA TYR N 234 142.32 9.30 -69.79
C TYR N 234 143.71 9.28 -69.18
N ASP N 235 144.61 10.11 -69.71
CA ASP N 235 145.98 10.16 -69.23
C ASP N 235 146.10 10.73 -67.82
N LEU N 236 145.17 11.57 -67.39
CA LEU N 236 145.20 12.06 -66.02
C LEU N 236 144.63 11.02 -65.06
N THR N 237 143.59 10.31 -65.46
CA THR N 237 143.03 9.26 -64.60
C THR N 237 143.93 8.05 -64.55
N LYS N 238 144.66 7.77 -65.63
CA LYS N 238 145.68 6.71 -65.59
C LYS N 238 146.80 7.08 -64.63
N SER N 239 147.12 8.36 -64.54
CA SER N 239 148.16 8.81 -63.62
C SER N 239 147.64 9.12 -62.24
N LEU N 240 146.32 9.30 -62.08
CA LEU N 240 145.77 9.52 -60.75
C LEU N 240 145.76 8.23 -59.94
N VAL N 241 145.27 7.14 -60.55
CA VAL N 241 145.20 5.85 -59.87
C VAL N 241 146.60 5.30 -59.58
N ALA N 242 147.56 5.61 -60.45
CA ALA N 242 148.93 5.10 -60.27
C ALA N 242 149.71 5.81 -59.17
N THR N 243 149.18 6.89 -58.59
CA THR N 243 149.88 7.58 -57.52
C THR N 243 149.78 6.79 -56.23
N SER N 244 150.72 7.08 -55.31
CA SER N 244 150.73 6.44 -54.01
C SER N 244 149.85 7.15 -53.00
N GLN N 245 149.19 8.23 -53.39
CA GLN N 245 148.25 8.89 -52.49
C GLN N 245 146.87 8.23 -52.56
N VAL N 246 146.47 7.81 -53.76
CA VAL N 246 145.23 7.07 -53.93
C VAL N 246 145.41 5.62 -53.50
N GLU N 247 146.65 5.13 -53.47
CA GLU N 247 146.90 3.78 -52.95
C GLU N 247 146.62 3.71 -51.46
N ASP N 248 147.05 4.71 -50.71
CA ASP N 248 146.77 4.77 -49.28
C ASP N 248 145.35 5.18 -48.98
N LEU N 249 144.64 5.79 -49.93
CA LEU N 249 143.25 6.17 -49.70
C LEU N 249 142.33 4.96 -49.75
N VAL N 250 142.70 3.94 -50.52
CA VAL N 250 141.86 2.75 -50.62
C VAL N 250 142.34 1.67 -49.66
N VAL N 251 143.65 1.52 -49.48
CA VAL N 251 144.16 0.48 -48.59
C VAL N 251 144.04 0.91 -47.13
N ASN N 252 144.51 2.12 -46.80
CA ASN N 252 144.59 2.55 -45.41
C ASN N 252 143.69 3.72 -45.06
N LEU N 253 142.83 4.17 -45.99
CA LEU N 253 141.87 5.27 -45.80
C LEU N 253 142.53 6.59 -45.41
N VAL N 254 143.77 6.82 -45.84
CA VAL N 254 144.45 8.07 -45.58
C VAL N 254 143.97 9.10 -46.61
N PRO N 255 143.54 10.30 -46.18
CA PRO N 255 143.05 11.29 -47.14
C PRO N 255 144.15 11.85 -48.03
N LEU N 256 143.73 12.46 -49.13
CA LEU N 256 144.66 12.94 -50.13
C LEU N 256 145.30 14.26 -49.70
N GLY N 257 146.44 14.57 -50.31
CA GLY N 257 147.11 15.83 -50.05
C GLY N 257 148.32 15.72 -49.15
N ARG N 258 149.47 16.14 -49.64
CA ARG N 258 150.69 16.15 -48.84
C ARG N 258 151.50 17.42 -49.10
N SER O 1 106.53 21.11 -118.37
CA SER O 1 105.18 20.70 -118.75
C SER O 1 104.28 21.92 -118.94
N LYS O 2 103.54 22.28 -117.89
CA LYS O 2 102.61 23.39 -117.92
C LYS O 2 103.29 24.62 -117.31
N THR O 3 103.45 25.66 -118.12
CA THR O 3 104.28 26.80 -117.75
C THR O 3 103.56 28.12 -117.96
N ILE O 4 103.96 29.11 -117.16
CA ILE O 4 103.68 30.52 -117.41
C ILE O 4 105.01 31.23 -117.57
N VAL O 5 105.10 32.10 -118.56
CA VAL O 5 106.33 32.83 -118.85
C VAL O 5 106.11 34.29 -118.47
N LEU O 6 106.92 34.79 -117.55
CA LEU O 6 106.84 36.17 -117.09
C LEU O 6 108.06 36.93 -117.60
N SER O 7 107.87 37.67 -118.69
CA SER O 7 108.95 38.46 -119.26
C SER O 7 109.01 39.83 -118.60
N VAL O 8 110.16 40.16 -118.03
CA VAL O 8 110.34 41.39 -117.26
C VAL O 8 111.28 42.32 -118.01
N GLY O 9 111.23 42.27 -119.33
CA GLY O 9 112.21 42.93 -120.17
C GLY O 9 112.69 41.97 -121.22
N GLU O 10 113.97 41.62 -121.18
CA GLU O 10 114.49 40.54 -122.02
C GLU O 10 114.64 39.23 -121.27
N ALA O 11 114.76 39.27 -119.95
CA ALA O 11 114.82 38.04 -119.17
C ALA O 11 113.42 37.49 -118.94
N THR O 12 113.25 36.19 -119.16
CA THR O 12 111.98 35.52 -118.97
C THR O 12 112.12 34.51 -117.83
N ARG O 13 111.24 34.60 -116.85
CA ARG O 13 111.27 33.73 -115.68
C ARG O 13 110.14 32.72 -115.83
N THR O 14 110.47 31.51 -116.29
CA THR O 14 109.49 30.50 -116.61
C THR O 14 109.11 29.72 -115.36
N LEU O 15 107.90 29.93 -114.87
CA LEU O 15 107.35 29.13 -113.79
C LEU O 15 106.85 27.81 -114.34
N THR O 16 106.95 26.75 -113.53
CA THR O 16 106.43 25.45 -113.91
C THR O 16 105.44 24.97 -112.86
N GLU O 17 104.41 24.26 -113.30
CA GLU O 17 103.39 23.76 -112.40
C GLU O 17 103.92 22.57 -111.61
N ILE O 18 103.76 22.62 -110.29
CA ILE O 18 104.26 21.56 -109.42
C ILE O 18 103.15 20.84 -108.66
N GLN O 19 101.94 21.36 -108.64
CA GLN O 19 100.86 20.78 -107.85
C GLN O 19 99.53 21.26 -108.41
N SER O 20 98.56 20.35 -108.51
CA SER O 20 97.26 20.69 -109.08
C SER O 20 96.20 19.93 -108.28
N THR O 21 95.45 20.67 -107.48
CA THR O 21 94.32 20.14 -106.72
C THR O 21 93.10 20.30 -107.62
N ALA O 22 91.88 20.17 -107.08
CA ALA O 22 90.66 20.40 -107.86
C ALA O 22 90.58 21.85 -108.33
N ASP O 23 90.71 22.80 -107.41
CA ASP O 23 90.69 24.21 -107.73
C ASP O 23 92.04 24.90 -107.57
N ARG O 24 92.78 24.61 -106.50
CA ARG O 24 94.06 25.24 -106.27
C ARG O 24 95.11 24.70 -107.23
N GLN O 25 96.08 25.55 -107.58
CA GLN O 25 97.01 25.22 -108.65
C GLN O 25 98.29 26.00 -108.40
N ILE O 26 99.35 25.29 -107.99
CA ILE O 26 100.58 25.93 -107.51
C ILE O 26 101.66 25.81 -108.58
N PHE O 27 102.23 26.94 -108.96
CA PHE O 27 103.36 27.02 -109.88
C PHE O 27 104.62 27.34 -109.09
N GLU O 28 105.78 27.10 -109.71
CA GLU O 28 107.06 27.38 -109.08
C GLU O 28 108.12 27.50 -110.16
N GLU O 29 109.16 28.28 -109.86
CA GLU O 29 110.30 28.40 -110.74
C GLU O 29 111.37 27.40 -110.32
N LYS O 30 111.81 26.60 -111.30
CA LYS O 30 112.71 25.47 -111.02
C LYS O 30 114.18 25.82 -111.13
N VAL O 31 114.56 27.08 -110.95
CA VAL O 31 115.96 27.47 -111.05
C VAL O 31 116.50 27.81 -109.67
N GLY O 32 117.65 27.24 -109.34
CA GLY O 32 118.37 27.59 -108.14
C GLY O 32 118.17 26.60 -107.01
N PRO O 33 118.46 27.03 -105.77
CA PRO O 33 118.26 26.15 -104.61
C PRO O 33 116.80 25.87 -104.30
N LEU O 34 116.56 25.03 -103.30
CA LEU O 34 115.22 24.54 -103.00
C LEU O 34 114.50 25.37 -101.95
N VAL O 35 115.18 26.30 -101.29
CA VAL O 35 114.60 26.95 -100.12
C VAL O 35 113.73 28.15 -100.49
N GLY O 36 114.17 29.00 -101.43
CA GLY O 36 113.37 30.15 -101.80
C GLY O 36 113.20 30.26 -103.29
N ARG O 37 111.97 30.14 -103.77
CA ARG O 37 111.66 30.19 -105.19
C ARG O 37 110.42 31.03 -105.40
N LEU O 38 110.24 31.49 -106.64
CA LEU O 38 109.00 32.14 -107.03
C LEU O 38 107.83 31.17 -106.92
N ARG O 39 106.70 31.69 -106.48
CA ARG O 39 105.52 30.88 -106.27
C ARG O 39 104.32 31.61 -106.86
N LEU O 40 103.34 30.85 -107.33
CA LEU O 40 102.14 31.44 -107.89
C LEU O 40 100.99 30.48 -107.62
N THR O 41 100.11 30.86 -106.71
CA THR O 41 99.01 30.00 -106.26
C THR O 41 97.72 30.55 -106.86
N ALA O 42 97.33 30.01 -108.01
CA ALA O 42 96.05 30.35 -108.60
C ALA O 42 94.94 29.52 -107.97
N SER O 43 93.71 30.04 -108.06
CA SER O 43 92.55 29.37 -107.52
C SER O 43 91.33 29.84 -108.31
N LEU O 44 90.22 29.10 -108.14
CA LEU O 44 88.96 29.45 -108.76
C LEU O 44 87.85 28.73 -108.01
N ARG O 45 86.86 29.48 -107.53
CA ARG O 45 85.76 28.91 -106.77
C ARG O 45 84.45 29.46 -107.32
N GLN O 46 83.35 29.06 -106.69
CA GLN O 46 82.07 29.75 -106.88
C GLN O 46 81.30 29.63 -105.57
N ASN O 47 81.18 30.75 -104.85
CA ASN O 47 80.63 30.74 -103.51
C ASN O 47 79.13 31.03 -103.54
N GLY O 48 78.40 30.36 -102.66
CA GLY O 48 76.98 30.59 -102.50
C GLY O 48 76.13 29.76 -103.42
N ALA O 49 75.13 30.40 -104.04
CA ALA O 49 74.17 29.68 -104.88
C ALA O 49 74.59 29.74 -106.35
N LYS O 50 75.86 29.37 -106.59
CA LYS O 50 76.43 29.14 -107.92
C LYS O 50 76.33 30.36 -108.83
N THR O 51 76.44 31.56 -108.26
CA THR O 51 76.18 32.78 -109.02
C THR O 51 77.37 33.71 -109.17
N ALA O 52 78.44 33.52 -108.38
CA ALA O 52 79.58 34.42 -108.43
C ALA O 52 80.86 33.62 -108.29
N TYR O 53 81.76 33.76 -109.25
CA TYR O 53 83.06 33.11 -109.19
C TYR O 53 84.05 33.97 -108.42
N ARG O 54 85.18 33.36 -108.05
CA ARG O 54 86.17 34.06 -107.23
C ARG O 54 87.56 33.55 -107.63
N VAL O 55 88.24 34.31 -108.46
CA VAL O 55 89.62 34.04 -108.82
C VAL O 55 90.53 34.60 -107.74
N ASN O 56 91.64 33.92 -107.46
CA ASN O 56 92.53 34.32 -106.37
C ASN O 56 93.95 33.95 -106.74
N LEU O 57 94.71 34.92 -107.26
CA LEU O 57 96.13 34.74 -107.51
C LEU O 57 96.95 35.22 -106.31
N LYS O 58 98.16 34.69 -106.19
CA LYS O 58 99.06 35.06 -105.09
C LYS O 58 100.48 34.76 -105.55
N LEU O 59 101.25 35.80 -105.82
CA LEU O 59 102.63 35.65 -106.27
C LEU O 59 103.55 35.94 -105.09
N ASP O 60 104.17 34.88 -104.56
CA ASP O 60 105.16 35.03 -103.52
C ASP O 60 106.53 35.33 -104.13
N GLN O 61 107.38 35.98 -103.33
CA GLN O 61 108.76 36.20 -103.75
C GLN O 61 109.63 36.28 -102.51
N ALA O 62 110.43 35.25 -102.28
CA ALA O 62 111.33 35.21 -101.14
C ALA O 62 112.70 35.70 -101.57
N ASP O 63 113.38 36.42 -100.68
CA ASP O 63 114.70 36.96 -100.95
C ASP O 63 115.73 36.06 -100.29
N VAL O 64 116.27 35.13 -101.06
CA VAL O 64 117.23 34.17 -100.57
C VAL O 64 118.63 34.75 -100.76
N VAL O 65 119.55 34.36 -99.88
CA VAL O 65 120.94 34.80 -99.96
C VAL O 65 121.83 33.62 -99.58
N ASP O 66 122.91 33.41 -100.33
CA ASP O 66 123.85 32.34 -100.09
C ASP O 66 125.16 32.94 -99.60
N CYS O 67 125.43 32.78 -98.30
CA CYS O 67 126.62 33.36 -97.68
C CYS O 67 127.61 32.26 -97.30
N SER O 68 127.64 31.20 -98.11
CA SER O 68 128.52 30.08 -97.82
C SER O 68 129.98 30.38 -98.12
N THR O 69 130.25 31.37 -98.96
CA THR O 69 131.63 31.67 -99.33
C THR O 69 132.26 32.66 -98.36
N SER O 70 131.49 33.64 -97.88
CA SER O 70 132.05 34.66 -97.00
C SER O 70 132.25 34.12 -95.60
N VAL O 71 131.16 33.75 -94.93
CA VAL O 71 131.25 33.08 -93.63
C VAL O 71 131.19 31.58 -93.90
N CYS O 72 132.14 30.84 -93.33
CA CYS O 72 132.30 29.43 -93.65
C CYS O 72 131.27 28.60 -92.88
N GLY O 73 130.57 27.73 -93.60
CA GLY O 73 129.76 26.71 -93.00
C GLY O 73 128.30 27.03 -92.75
N GLU O 74 127.68 27.85 -93.60
CA GLU O 74 126.25 28.06 -93.49
C GLU O 74 125.59 27.99 -94.87
N LEU O 75 124.28 27.83 -94.84
CA LEU O 75 123.46 27.43 -95.97
C LEU O 75 122.66 28.62 -96.50
N PRO O 76 122.06 28.54 -97.69
CA PRO O 76 121.15 29.61 -98.12
C PRO O 76 119.91 29.68 -97.25
N LYS O 77 119.38 30.89 -97.11
CA LYS O 77 118.28 31.15 -96.21
C LYS O 77 117.47 32.33 -96.75
N VAL O 78 116.20 32.39 -96.37
CA VAL O 78 115.32 33.45 -96.83
C VAL O 78 115.32 34.58 -95.80
N ARG O 79 115.49 35.80 -96.29
CA ARG O 79 115.52 36.95 -95.39
C ARG O 79 114.11 37.48 -95.14
N TYR O 80 113.33 37.64 -96.21
CA TYR O 80 111.96 38.11 -96.10
C TYR O 80 111.16 37.59 -97.27
N THR O 81 109.86 37.86 -97.24
CA THR O 81 108.94 37.42 -98.28
C THR O 81 107.98 38.56 -98.60
N GLN O 82 107.88 38.89 -99.89
CA GLN O 82 106.99 39.94 -100.35
C GLN O 82 105.99 39.35 -101.33
N VAL O 83 104.70 39.47 -101.02
CA VAL O 83 103.66 38.87 -101.83
C VAL O 83 102.88 39.97 -102.55
N TRP O 84 102.09 39.55 -103.54
CA TRP O 84 101.14 40.44 -104.21
C TRP O 84 99.96 39.57 -104.58
N SER O 85 98.94 39.57 -103.73
CA SER O 85 97.76 38.77 -103.97
C SER O 85 96.82 39.48 -104.93
N HIS O 86 95.84 38.73 -105.43
CA HIS O 86 94.74 39.27 -106.21
C HIS O 86 93.47 38.60 -105.74
N ASP O 87 92.34 39.27 -105.92
CA ASP O 87 91.04 38.72 -105.56
C ASP O 87 90.00 39.29 -106.51
N VAL O 88 89.72 38.55 -107.56
CA VAL O 88 88.77 38.97 -108.58
C VAL O 88 87.42 38.35 -108.27
N THR O 89 86.37 39.16 -108.32
CA THR O 89 85.00 38.69 -108.15
C THR O 89 84.28 38.84 -109.48
N ILE O 90 83.81 37.72 -110.02
CA ILE O 90 83.13 37.69 -111.31
C ILE O 90 81.75 37.09 -111.09
N VAL O 91 80.72 37.79 -111.55
CA VAL O 91 79.37 37.25 -111.51
C VAL O 91 79.12 36.38 -112.73
N ALA O 92 78.31 35.35 -112.56
CA ALA O 92 78.20 34.30 -113.56
C ALA O 92 77.42 34.74 -114.79
N ASN O 93 76.31 35.46 -114.60
CA ASN O 93 75.44 35.85 -115.70
C ASN O 93 75.85 37.17 -116.33
N SER O 94 77.10 37.59 -116.18
CA SER O 94 77.55 38.84 -116.75
C SER O 94 77.81 38.69 -118.24
N THR O 95 78.05 39.83 -118.89
CA THR O 95 78.46 39.83 -120.29
C THR O 95 79.98 39.76 -120.39
N GLU O 96 80.47 39.39 -121.57
CA GLU O 96 81.90 39.24 -121.77
C GLU O 96 82.61 40.58 -121.80
N ALA O 97 81.94 41.63 -122.29
CA ALA O 97 82.57 42.94 -122.37
C ALA O 97 82.72 43.59 -121.01
N SER O 98 81.97 43.14 -120.00
CA SER O 98 82.19 43.64 -118.65
C SER O 98 83.43 43.03 -118.02
N ARG O 99 83.63 41.72 -118.25
CA ARG O 99 84.84 41.04 -117.80
C ARG O 99 86.07 41.50 -118.55
N LYS O 100 85.95 41.79 -119.84
CA LYS O 100 87.08 42.26 -120.63
C LYS O 100 87.50 43.67 -120.23
N SER O 101 86.52 44.52 -119.92
CA SER O 101 86.84 45.90 -119.54
C SER O 101 87.39 45.98 -118.13
N LEU O 102 86.95 45.06 -117.25
CA LEU O 102 87.51 45.02 -115.90
C LEU O 102 88.96 44.56 -115.93
N TYR O 103 89.28 43.60 -116.81
CA TYR O 103 90.67 43.18 -116.97
C TYR O 103 91.49 44.28 -117.63
N ASP O 104 90.91 45.00 -118.58
CA ASP O 104 91.64 46.05 -119.30
C ASP O 104 91.96 47.25 -118.42
N LEU O 105 91.14 47.51 -117.41
CA LEU O 105 91.43 48.60 -116.48
C LEU O 105 92.52 48.20 -115.49
N THR O 106 92.45 46.98 -114.96
CA THR O 106 93.44 46.52 -114.00
C THR O 106 94.80 46.26 -114.66
N LYS O 107 94.81 45.89 -115.94
CA LYS O 107 96.06 45.75 -116.67
C LYS O 107 96.74 47.10 -116.83
N SER O 108 95.98 48.15 -117.04
CA SER O 108 96.54 49.49 -117.17
C SER O 108 96.65 50.22 -115.84
N LEU O 109 96.00 49.72 -114.79
CA LEU O 109 96.22 50.29 -113.46
C LEU O 109 97.59 49.90 -112.93
N VAL O 110 97.95 48.63 -113.07
CA VAL O 110 99.25 48.17 -112.61
C VAL O 110 100.37 48.76 -113.47
N ALA O 111 100.11 48.95 -114.76
CA ALA O 111 101.14 49.40 -115.67
C ALA O 111 101.43 50.90 -115.58
N THR O 112 100.72 51.64 -114.74
CA THR O 112 100.97 53.09 -114.66
C THR O 112 102.11 53.37 -113.70
N SER O 113 102.60 54.61 -113.75
CA SER O 113 103.74 55.02 -112.95
C SER O 113 103.37 55.47 -111.55
N GLN O 114 102.08 55.54 -111.23
CA GLN O 114 101.68 55.94 -109.88
C GLN O 114 101.54 54.75 -108.95
N VAL O 115 101.20 53.58 -109.48
CA VAL O 115 101.18 52.37 -108.68
C VAL O 115 102.57 51.77 -108.59
N GLU O 116 103.46 52.14 -109.52
CA GLU O 116 104.86 51.74 -109.40
C GLU O 116 105.51 52.40 -108.20
N ASP O 117 105.34 53.71 -108.04
CA ASP O 117 105.91 54.41 -106.90
C ASP O 117 105.20 54.10 -105.59
N LEU O 118 104.01 53.51 -105.65
CA LEU O 118 103.29 53.16 -104.43
C LEU O 118 103.86 51.91 -103.77
N VAL O 119 104.41 50.98 -104.55
CA VAL O 119 104.92 49.75 -103.96
C VAL O 119 106.45 49.79 -103.89
N VAL O 120 107.08 50.57 -104.76
CA VAL O 120 108.53 50.68 -104.72
C VAL O 120 108.96 51.74 -103.72
N ASN O 121 108.36 52.92 -103.78
CA ASN O 121 108.80 54.07 -102.99
C ASN O 121 107.77 54.51 -101.96
N LEU O 122 106.64 53.80 -101.85
CA LEU O 122 105.59 54.01 -100.85
C LEU O 122 104.95 55.39 -100.94
N VAL O 123 104.88 55.97 -102.14
CA VAL O 123 104.27 57.28 -102.35
C VAL O 123 102.80 57.08 -102.72
N PRO O 124 101.87 57.78 -102.08
CA PRO O 124 100.44 57.54 -102.34
C PRO O 124 100.02 57.99 -103.74
N LEU O 125 98.81 57.56 -104.11
CA LEU O 125 98.30 57.74 -105.46
C LEU O 125 97.78 59.17 -105.67
N GLY O 126 97.64 59.53 -106.94
CA GLY O 126 97.10 60.82 -107.30
C GLY O 126 98.15 61.88 -107.52
N ARG O 127 98.09 62.56 -108.66
CA ARG O 127 99.01 63.63 -109.00
C ARG O 127 98.22 64.78 -109.60
N ALA O 128 98.40 65.98 -109.07
CA ALA O 128 97.62 67.14 -109.48
C ALA O 128 98.31 67.86 -110.64
N TYR O 129 97.68 67.85 -111.81
CA TYR O 129 98.11 68.64 -112.95
C TYR O 129 96.87 69.33 -113.54
N GLY O 130 96.69 70.60 -113.20
CA GLY O 130 95.59 71.38 -113.71
C GLY O 130 94.24 71.02 -113.10
N GLY O 131 94.11 71.21 -111.79
CA GLY O 131 92.87 70.89 -111.10
C GLY O 131 93.08 70.06 -109.86
N SER O 132 92.53 68.86 -109.84
CA SER O 132 92.73 67.95 -108.72
C SER O 132 93.68 66.83 -109.11
N LYS O 133 93.85 65.87 -108.20
CA LYS O 133 94.78 64.77 -108.41
C LYS O 133 94.07 63.64 -109.15
N THR O 134 94.65 63.20 -110.26
CA THR O 134 93.99 62.26 -111.15
C THR O 134 94.89 61.06 -111.47
N ILE O 135 94.25 59.96 -111.85
CA ILE O 135 94.91 58.80 -112.44
C ILE O 135 94.31 58.59 -113.82
N VAL O 136 95.16 58.40 -114.81
CA VAL O 136 94.72 58.17 -116.19
C VAL O 136 94.88 56.68 -116.50
N LEU O 137 93.76 56.02 -116.79
CA LEU O 137 93.74 54.59 -117.07
C LEU O 137 93.35 54.40 -118.53
N SER O 138 94.34 54.38 -119.41
CA SER O 138 94.08 54.20 -120.83
C SER O 138 93.86 52.74 -121.15
N VAL O 139 92.79 52.46 -121.88
CA VAL O 139 92.42 51.10 -122.25
C VAL O 139 92.67 50.92 -123.75
N GLY O 140 93.67 51.63 -124.25
CA GLY O 140 93.90 51.78 -125.67
C GLY O 140 94.15 53.24 -125.97
N GLU O 141 93.27 53.87 -126.74
CA GLU O 141 93.31 55.31 -126.88
C GLU O 141 92.30 56.03 -125.98
N ALA O 142 91.26 55.33 -125.54
CA ALA O 142 90.30 55.91 -124.60
C ALA O 142 90.90 55.94 -123.20
N THR O 143 90.91 57.12 -122.58
CA THR O 143 91.52 57.32 -121.27
C THR O 143 90.43 57.64 -120.27
N ARG O 144 90.12 56.67 -119.40
CA ARG O 144 89.12 56.87 -118.35
C ARG O 144 89.83 57.48 -117.15
N THR O 145 89.75 58.80 -117.03
CA THR O 145 90.46 59.54 -116.00
C THR O 145 89.62 59.54 -114.72
N LEU O 146 90.17 58.95 -113.66
CA LEU O 146 89.55 59.02 -112.34
C LEU O 146 90.06 60.25 -111.60
N THR O 147 89.16 60.89 -110.84
CA THR O 147 89.53 62.03 -110.01
C THR O 147 89.36 61.65 -108.56
N GLU O 148 90.26 62.16 -107.72
CA GLU O 148 90.21 61.86 -106.29
C GLU O 148 89.09 62.63 -105.63
N ILE O 149 88.24 61.92 -104.91
CA ILE O 149 87.13 62.55 -104.21
C ILE O 149 87.31 62.56 -102.71
N GLN O 150 88.29 61.85 -102.17
CA GLN O 150 88.43 61.74 -100.72
C GLN O 150 89.87 61.41 -100.39
N SER O 151 90.33 61.89 -99.24
CA SER O 151 91.66 61.58 -98.71
C SER O 151 91.50 61.45 -97.21
N THR O 152 91.43 60.21 -96.73
CA THR O 152 91.26 59.93 -95.31
C THR O 152 92.68 59.84 -94.73
N ALA O 153 92.84 59.29 -93.52
CA ALA O 153 94.16 59.17 -92.91
C ALA O 153 95.06 58.24 -93.71
N ASP O 154 94.56 57.05 -94.06
CA ASP O 154 95.27 56.12 -94.92
C ASP O 154 94.53 55.87 -96.24
N ARG O 155 93.20 55.82 -96.18
CA ARG O 155 92.37 55.55 -97.34
C ARG O 155 92.42 56.70 -98.33
N GLN O 156 92.10 56.39 -99.58
CA GLN O 156 92.19 57.37 -100.66
C GLN O 156 91.25 56.90 -101.77
N ILE O 157 90.08 57.53 -101.85
CA ILE O 157 89.00 57.08 -102.73
C ILE O 157 89.00 57.91 -104.00
N PHE O 158 89.16 57.23 -105.13
CA PHE O 158 89.08 57.84 -106.46
C PHE O 158 87.75 57.45 -107.09
N GLU O 159 87.32 58.23 -108.08
CA GLU O 159 86.04 57.98 -108.72
C GLU O 159 86.00 58.71 -110.07
N GLU O 160 85.41 58.06 -111.07
CA GLU O 160 85.15 58.70 -112.34
C GLU O 160 83.87 59.52 -112.25
N LYS O 161 83.87 60.67 -112.91
CA LYS O 161 82.81 61.65 -112.72
C LYS O 161 81.74 61.66 -113.80
N VAL O 162 81.95 60.98 -114.91
CA VAL O 162 80.95 60.97 -115.98
C VAL O 162 79.84 59.99 -115.63
N GLY O 163 78.67 60.23 -116.19
CA GLY O 163 77.54 59.34 -116.04
C GLY O 163 76.75 59.57 -114.77
N PRO O 164 75.87 58.63 -114.44
CA PRO O 164 75.03 58.79 -113.25
C PRO O 164 75.81 58.56 -111.97
N LEU O 165 75.17 58.90 -110.85
CA LEU O 165 75.75 58.72 -109.53
C LEU O 165 75.61 57.31 -108.99
N VAL O 166 74.83 56.47 -109.64
CA VAL O 166 74.51 55.17 -109.04
C VAL O 166 75.66 54.17 -109.22
N GLY O 167 76.28 54.11 -110.39
CA GLY O 167 77.39 53.21 -110.59
C GLY O 167 78.54 53.86 -111.32
N ARG O 168 79.69 53.95 -110.66
CA ARG O 168 80.85 54.60 -111.24
C ARG O 168 82.09 53.78 -110.92
N LEU O 169 83.19 54.10 -111.60
CA LEU O 169 84.47 53.50 -111.28
C LEU O 169 84.96 53.96 -109.91
N ARG O 170 85.76 53.13 -109.27
CA ARG O 170 86.20 53.41 -107.91
C ARG O 170 87.62 52.89 -107.71
N LEU O 171 88.31 53.48 -106.72
CA LEU O 171 89.63 53.01 -106.32
C LEU O 171 89.80 53.32 -104.84
N THR O 172 89.71 52.28 -104.00
CA THR O 172 89.90 52.44 -102.58
C THR O 172 91.32 51.99 -102.25
N ALA O 173 92.28 52.89 -102.43
CA ALA O 173 93.66 52.60 -102.06
C ALA O 173 93.83 52.70 -100.55
N SER O 174 94.91 52.09 -100.06
CA SER O 174 95.23 52.13 -98.63
C SER O 174 96.72 51.96 -98.46
N LEU O 175 97.18 52.15 -97.22
CA LEU O 175 98.58 52.01 -96.86
C LEU O 175 98.65 51.91 -95.34
N ARG O 176 99.26 50.86 -94.84
CA ARG O 176 99.34 50.62 -93.41
C ARG O 176 100.76 50.21 -93.05
N GLN O 177 100.98 49.97 -91.75
CA GLN O 177 102.14 49.22 -91.29
C GLN O 177 101.76 48.56 -89.98
N ASN O 178 101.64 47.24 -90.00
CA ASN O 178 101.17 46.48 -88.85
C ASN O 178 102.34 46.04 -87.98
N GLY O 179 102.11 46.05 -86.67
CA GLY O 179 103.08 45.58 -85.72
C GLY O 179 104.10 46.62 -85.33
N ALA O 180 105.36 46.21 -85.22
CA ALA O 180 106.43 47.11 -84.79
C ALA O 180 107.13 47.76 -85.99
N LYS O 181 106.34 48.36 -86.87
CA LYS O 181 106.81 49.10 -88.06
C LYS O 181 107.68 48.24 -88.97
N THR O 182 107.37 46.95 -89.09
CA THR O 182 108.22 46.03 -89.81
C THR O 182 107.71 45.64 -91.18
N ALA O 183 106.44 45.88 -91.49
CA ALA O 183 105.88 45.45 -92.76
C ALA O 183 104.73 46.34 -93.15
N TYR O 184 104.79 46.89 -94.37
CA TYR O 184 103.73 47.71 -94.90
C TYR O 184 102.67 46.82 -95.54
N ARG O 185 101.55 47.42 -95.94
CA ARG O 185 100.46 46.67 -96.55
C ARG O 185 99.69 47.61 -97.46
N VAL O 186 99.91 47.49 -98.76
CA VAL O 186 99.18 48.26 -99.76
C VAL O 186 97.94 47.47 -100.16
N ASN O 187 96.83 48.16 -100.42
CA ASN O 187 95.57 47.48 -100.68
C ASN O 187 94.75 48.33 -101.63
N LEU O 188 94.80 47.98 -102.92
CA LEU O 188 93.95 48.62 -103.92
C LEU O 188 92.69 47.80 -104.13
N LYS O 189 91.67 48.46 -104.67
CA LYS O 189 90.39 47.80 -104.92
C LYS O 189 89.65 48.59 -105.98
N LEU O 190 89.40 47.97 -107.12
CA LEU O 190 88.73 48.62 -108.24
C LEU O 190 87.36 48.00 -108.42
N ASP O 191 86.31 48.75 -108.09
CA ASP O 191 84.94 48.33 -108.34
C ASP O 191 84.53 48.76 -109.74
N GLN O 192 83.65 47.98 -110.35
CA GLN O 192 83.09 48.34 -111.65
C GLN O 192 81.66 47.81 -111.72
N ALA O 193 80.70 48.67 -111.43
CA ALA O 193 79.29 48.32 -111.49
C ALA O 193 78.78 48.57 -112.90
N ASP O 194 77.97 47.65 -113.39
CA ASP O 194 77.43 47.73 -114.75
C ASP O 194 76.07 48.42 -114.68
N VAL O 195 76.01 49.65 -115.16
CA VAL O 195 74.78 50.43 -115.16
C VAL O 195 74.16 50.34 -116.54
N VAL O 196 72.83 50.34 -116.60
CA VAL O 196 72.10 50.26 -117.86
C VAL O 196 70.88 51.17 -117.76
N ASP O 197 70.45 51.68 -118.91
CA ASP O 197 69.28 52.56 -118.97
C ASP O 197 68.27 51.98 -119.94
N CYS O 198 67.00 52.02 -119.53
CA CYS O 198 65.90 51.50 -120.33
C CYS O 198 65.00 52.63 -120.83
N SER O 199 65.58 53.82 -121.01
CA SER O 199 64.80 54.99 -121.41
C SER O 199 64.34 54.91 -122.85
N THR O 200 65.08 54.23 -123.72
CA THR O 200 64.64 54.06 -125.10
C THR O 200 63.56 52.98 -125.21
N SER O 201 63.42 52.15 -124.19
CA SER O 201 62.44 51.08 -124.17
C SER O 201 61.23 51.40 -123.29
N VAL O 202 61.46 51.84 -122.05
CA VAL O 202 60.40 52.09 -121.08
C VAL O 202 60.44 53.56 -120.73
N CYS O 203 59.26 54.20 -120.68
CA CYS O 203 59.17 55.58 -120.25
C CYS O 203 59.59 55.76 -118.80
N GLY O 204 60.24 56.89 -118.52
CA GLY O 204 60.52 57.30 -117.16
C GLY O 204 61.48 56.44 -116.40
N GLU O 205 62.42 55.78 -117.08
CA GLU O 205 63.31 54.83 -116.46
C GLU O 205 64.64 55.51 -116.18
N LEU O 206 65.00 55.61 -114.92
CA LEU O 206 66.29 56.10 -114.51
C LEU O 206 67.28 54.93 -114.48
N PRO O 207 68.57 55.19 -114.68
CA PRO O 207 69.55 54.09 -114.74
C PRO O 207 69.72 53.40 -113.39
N LYS O 208 70.07 52.12 -113.45
CA LYS O 208 70.26 51.29 -112.28
C LYS O 208 71.36 50.29 -112.56
N VAL O 209 71.89 49.69 -111.49
CA VAL O 209 72.95 48.70 -111.59
C VAL O 209 72.36 47.31 -111.51
N ARG O 210 73.00 46.36 -112.18
CA ARG O 210 72.55 44.97 -112.16
C ARG O 210 73.50 44.10 -111.33
N TYR O 211 74.81 44.28 -111.53
CA TYR O 211 75.81 43.57 -110.73
C TYR O 211 77.01 44.48 -110.51
N THR O 212 78.03 43.93 -109.87
CA THR O 212 79.31 44.62 -109.72
C THR O 212 80.43 43.59 -109.74
N GLN O 213 81.61 44.02 -110.17
CA GLN O 213 82.76 43.14 -110.33
C GLN O 213 84.00 43.83 -109.79
N VAL O 214 84.66 43.17 -108.85
CA VAL O 214 85.73 43.78 -108.07
C VAL O 214 87.04 43.08 -108.43
N TRP O 215 88.12 43.87 -108.51
CA TRP O 215 89.48 43.33 -108.61
C TRP O 215 90.30 43.97 -107.50
N SER O 216 90.48 43.24 -106.41
CA SER O 216 91.27 43.73 -105.29
C SER O 216 92.74 43.39 -105.46
N HIS O 217 93.57 44.08 -104.69
CA HIS O 217 94.99 43.79 -104.60
C HIS O 217 95.39 43.78 -103.13
N ASP O 218 96.44 43.04 -102.80
CA ASP O 218 96.93 43.00 -101.42
C ASP O 218 98.43 42.78 -101.48
N VAL O 219 99.18 43.87 -101.44
CA VAL O 219 100.63 43.85 -101.52
C VAL O 219 101.21 43.91 -100.11
N THR O 220 102.15 43.03 -99.82
CA THR O 220 102.85 43.02 -98.54
C THR O 220 104.30 43.39 -98.78
N ILE O 221 104.77 44.43 -98.12
CA ILE O 221 106.11 44.96 -98.30
C ILE O 221 106.77 45.04 -96.93
N VAL O 222 107.87 44.35 -96.75
CA VAL O 222 108.60 44.43 -95.49
C VAL O 222 109.44 45.70 -95.47
N ALA O 223 109.79 46.15 -94.27
CA ALA O 223 110.33 47.49 -94.12
C ALA O 223 111.80 47.59 -94.52
N ASN O 224 112.61 46.60 -94.13
CA ASN O 224 114.05 46.64 -94.36
C ASN O 224 114.45 45.97 -95.66
N SER O 225 113.56 45.92 -96.65
CA SER O 225 113.85 45.26 -97.90
C SER O 225 114.76 46.12 -98.78
N THR O 226 115.26 45.49 -99.83
CA THR O 226 116.01 46.18 -100.87
C THR O 226 115.02 46.83 -101.82
N GLU O 227 115.39 48.00 -102.35
CA GLU O 227 114.55 48.61 -103.38
C GLU O 227 114.54 47.81 -104.67
N ALA O 228 115.61 47.05 -104.92
CA ALA O 228 115.64 46.17 -106.09
C ALA O 228 114.72 44.98 -105.96
N SER O 229 114.33 44.62 -104.74
CA SER O 229 113.39 43.52 -104.57
C SER O 229 111.95 44.00 -104.62
N ARG O 230 111.71 45.26 -104.24
CA ARG O 230 110.39 45.84 -104.45
C ARG O 230 110.14 46.13 -105.92
N LYS O 231 111.20 46.44 -106.66
CA LYS O 231 111.06 46.70 -108.09
C LYS O 231 110.76 45.42 -108.86
N SER O 232 111.42 44.31 -108.48
CA SER O 232 111.19 43.05 -109.19
C SER O 232 109.85 42.43 -108.83
N LEU O 233 109.32 42.73 -107.65
CA LEU O 233 107.98 42.27 -107.30
C LEU O 233 106.92 43.01 -108.12
N TYR O 234 107.13 44.30 -108.36
CA TYR O 234 106.20 45.05 -109.19
C TYR O 234 106.32 44.63 -110.65
N ASP O 235 107.54 44.40 -111.13
CA ASP O 235 107.79 44.00 -112.50
C ASP O 235 107.25 42.62 -112.83
N LEU O 236 107.20 41.71 -111.85
CA LEU O 236 106.63 40.40 -112.11
C LEU O 236 105.11 40.45 -112.11
N THR O 237 104.52 41.29 -111.27
CA THR O 237 103.06 41.41 -111.25
C THR O 237 102.56 42.24 -112.43
N LYS O 238 103.34 43.22 -112.88
CA LYS O 238 102.99 43.95 -114.09
C LYS O 238 103.07 43.04 -115.31
N SER O 239 103.99 42.09 -115.31
CA SER O 239 104.10 41.14 -116.40
C SER O 239 103.16 39.95 -116.25
N LEU O 240 102.65 39.70 -115.04
CA LEU O 240 101.71 38.61 -114.86
C LEU O 240 100.34 38.97 -115.42
N VAL O 241 99.85 40.17 -115.09
CA VAL O 241 98.53 40.62 -115.55
C VAL O 241 98.53 40.83 -117.06
N ALA O 242 99.67 41.20 -117.64
CA ALA O 242 99.75 41.45 -119.07
C ALA O 242 99.79 40.18 -119.91
N THR O 243 99.87 39.01 -119.29
CA THR O 243 99.90 37.76 -120.06
C THR O 243 98.52 37.40 -120.56
N SER O 244 98.49 36.54 -121.57
CA SER O 244 97.22 36.07 -122.12
C SER O 244 96.65 34.89 -121.36
N GLN O 245 97.36 34.39 -120.35
CA GLN O 245 96.81 33.31 -119.53
C GLN O 245 95.91 33.86 -118.43
N VAL O 246 96.29 34.99 -117.84
CA VAL O 246 95.44 35.65 -116.85
C VAL O 246 94.31 36.39 -117.53
N GLU O 247 94.45 36.73 -118.82
CA GLU O 247 93.35 37.32 -119.56
C GLU O 247 92.21 36.33 -119.71
N ASP O 248 92.51 35.09 -120.12
CA ASP O 248 91.49 34.07 -120.26
C ASP O 248 91.02 33.52 -118.91
N LEU O 249 91.79 33.70 -117.85
CA LEU O 249 91.36 33.25 -116.54
C LEU O 249 90.25 34.12 -115.98
N VAL O 250 90.25 35.41 -116.31
CA VAL O 250 89.21 36.32 -115.85
C VAL O 250 88.07 36.40 -116.85
N VAL O 251 88.37 36.45 -118.14
CA VAL O 251 87.33 36.57 -119.15
C VAL O 251 86.59 35.26 -119.35
N ASN O 252 87.33 34.17 -119.57
CA ASN O 252 86.72 32.89 -119.93
C ASN O 252 86.90 31.78 -118.90
N LEU O 253 87.48 32.09 -117.74
CA LEU O 253 87.68 31.14 -116.62
C LEU O 253 88.54 29.94 -116.99
N VAL O 254 89.44 30.10 -117.95
CA VAL O 254 90.36 29.04 -118.34
C VAL O 254 91.50 29.00 -117.34
N PRO O 255 91.83 27.84 -116.77
CA PRO O 255 92.90 27.77 -115.76
C PRO O 255 94.28 28.03 -116.36
N LEU O 256 95.23 28.34 -115.48
CA LEU O 256 96.57 28.71 -115.91
C LEU O 256 97.38 27.46 -116.27
N GLY O 257 98.42 27.68 -117.06
CA GLY O 257 99.32 26.61 -117.42
C GLY O 257 99.16 26.12 -118.84
N ARG O 258 100.18 26.28 -119.66
CA ARG O 258 100.15 25.82 -121.05
C ARG O 258 101.41 25.05 -121.39
N SER P 1 134.74 -5.91 -87.32
CA SER P 1 134.08 -7.18 -87.05
C SER P 1 133.00 -7.47 -88.08
N LYS P 2 131.77 -7.06 -87.78
CA LYS P 2 130.62 -7.28 -88.65
C LYS P 2 130.37 -6.01 -89.45
N THR P 3 130.48 -6.11 -90.77
CA THR P 3 130.51 -4.94 -91.64
C THR P 3 129.56 -5.09 -92.82
N ILE P 4 129.06 -3.94 -93.29
CA ILE P 4 128.44 -3.80 -94.60
C ILE P 4 129.27 -2.82 -95.40
N VAL P 5 129.58 -3.17 -96.64
CA VAL P 5 130.40 -2.33 -97.51
C VAL P 5 129.49 -1.74 -98.58
N LEU P 6 129.40 -0.41 -98.61
CA LEU P 6 128.57 0.31 -99.58
C LEU P 6 129.48 0.95 -100.60
N SER P 7 129.57 0.35 -101.78
CA SER P 7 130.40 0.88 -102.86
C SER P 7 129.64 1.97 -103.60
N VAL P 8 130.26 3.15 -103.70
CA VAL P 8 129.62 4.33 -104.28
C VAL P 8 130.38 4.62 -105.56
N GLY P 9 130.82 3.56 -106.23
CA GLY P 9 131.69 3.70 -107.38
C GLY P 9 132.97 2.92 -107.13
N GLU P 10 134.08 3.63 -106.98
CA GLU P 10 135.32 3.02 -106.52
C GLU P 10 135.59 3.28 -105.06
N ALA P 11 134.92 4.25 -104.45
CA ALA P 11 135.08 4.52 -103.02
C ALA P 11 134.08 3.69 -102.22
N THR P 12 134.55 2.99 -101.20
CA THR P 12 133.72 2.13 -100.37
C THR P 12 133.63 2.73 -98.97
N ARG P 13 132.41 2.84 -98.45
CA ARG P 13 132.17 3.37 -97.11
C ARG P 13 131.76 2.21 -96.22
N THR P 14 132.72 1.70 -95.44
CA THR P 14 132.51 0.50 -94.64
C THR P 14 131.91 0.86 -93.30
N LEU P 15 130.67 0.46 -93.08
CA LEU P 15 130.04 0.61 -91.77
C LEU P 15 130.36 -0.61 -90.91
N THR P 16 130.43 -0.37 -89.60
CA THR P 16 130.69 -1.45 -88.65
C THR P 16 129.56 -1.49 -87.63
N GLU P 17 129.29 -2.68 -87.12
CA GLU P 17 128.21 -2.86 -86.14
C GLU P 17 128.66 -2.39 -84.77
N ILE P 18 127.83 -1.56 -84.12
CA ILE P 18 128.16 -1.01 -82.82
C ILE P 18 127.19 -1.45 -81.73
N GLN P 19 126.05 -2.03 -82.08
CA GLN P 19 125.04 -2.37 -81.10
C GLN P 19 124.15 -3.46 -81.68
N SER P 20 123.76 -4.43 -80.84
CA SER P 20 122.96 -5.55 -81.31
C SER P 20 122.01 -5.95 -80.19
N THR P 21 120.74 -5.61 -80.34
CA THR P 21 119.68 -6.02 -79.43
C THR P 21 119.15 -7.36 -79.97
N ALA P 22 118.00 -7.83 -79.49
CA ALA P 22 117.38 -9.04 -80.02
C ALA P 22 117.02 -8.90 -81.49
N ASP P 23 116.30 -7.84 -81.84
CA ASP P 23 115.91 -7.56 -83.22
C ASP P 23 116.62 -6.36 -83.80
N ARG P 24 116.73 -5.26 -83.05
CA ARG P 24 117.37 -4.04 -83.56
C ARG P 24 118.88 -4.24 -83.66
N GLN P 25 119.47 -3.60 -84.67
CA GLN P 25 120.87 -3.86 -85.01
C GLN P 25 121.42 -2.60 -85.67
N ILE P 26 122.28 -1.89 -84.97
CA ILE P 26 122.75 -0.57 -85.37
C ILE P 26 124.17 -0.67 -85.92
N PHE P 27 124.36 -0.19 -87.15
CA PHE P 27 125.67 -0.07 -87.76
C PHE P 27 126.10 1.38 -87.75
N GLU P 28 127.39 1.61 -87.94
CA GLU P 28 127.96 2.96 -87.94
C GLU P 28 129.29 2.95 -88.65
N GLU P 29 129.64 4.08 -89.26
CA GLU P 29 130.92 4.26 -89.91
C GLU P 29 131.90 4.91 -88.94
N LYS P 30 133.04 4.26 -88.72
CA LYS P 30 133.99 4.67 -87.70
C LYS P 30 135.05 5.65 -88.20
N VAL P 31 134.75 6.43 -89.22
CA VAL P 31 135.73 7.38 -89.76
C VAL P 31 135.31 8.80 -89.42
N GLY P 32 136.21 9.55 -88.80
CA GLY P 32 136.00 10.95 -88.55
C GLY P 32 135.65 11.25 -87.11
N PRO P 33 135.06 12.44 -86.87
CA PRO P 33 134.63 12.81 -85.51
C PRO P 33 133.46 11.99 -85.00
N LEU P 34 133.09 12.20 -83.74
CA LEU P 34 132.09 11.39 -83.07
C LEU P 34 130.67 11.92 -83.24
N VAL P 35 130.50 13.16 -83.67
CA VAL P 35 129.18 13.80 -83.59
C VAL P 35 128.26 13.38 -84.73
N GLY P 36 128.74 13.31 -85.96
CA GLY P 36 127.88 12.93 -87.06
C GLY P 36 128.50 11.86 -87.93
N ARG P 37 127.88 10.68 -87.96
CA ARG P 37 128.38 9.56 -88.73
C ARG P 37 127.23 8.91 -89.47
N LEU P 38 127.57 8.08 -90.45
CA LEU P 38 126.57 7.24 -91.10
C LEU P 38 125.98 6.25 -90.12
N ARG P 39 124.68 6.03 -90.23
CA ARG P 39 123.95 5.19 -89.31
C ARG P 39 123.04 4.28 -90.12
N LEU P 40 122.89 3.05 -89.66
CA LEU P 40 122.03 2.09 -90.36
C LEU P 40 121.39 1.21 -89.30
N THR P 41 120.09 1.38 -89.11
CA THR P 41 119.35 0.71 -88.05
C THR P 41 118.44 -0.34 -88.68
N ALA P 42 118.96 -1.56 -88.81
CA ALA P 42 118.14 -2.66 -89.30
C ALA P 42 117.24 -3.18 -88.18
N SER P 43 116.21 -3.92 -88.58
CA SER P 43 115.27 -4.50 -87.64
C SER P 43 114.56 -5.67 -88.33
N LEU P 44 113.93 -6.51 -87.52
CA LEU P 44 113.15 -7.63 -88.03
C LEU P 44 112.20 -8.07 -86.92
N ARG P 45 110.90 -8.03 -87.22
CA ARG P 45 109.87 -8.41 -86.26
C ARG P 45 108.98 -9.46 -86.89
N GLN P 46 107.92 -9.85 -86.17
CA GLN P 46 106.80 -10.57 -86.77
C GLN P 46 105.54 -10.18 -85.99
N ASN P 47 104.62 -9.50 -86.66
CA ASN P 47 103.44 -8.96 -86.01
C ASN P 47 102.27 -9.93 -86.11
N GLY P 48 101.45 -9.92 -85.06
CA GLY P 48 100.24 -10.71 -85.05
C GLY P 48 100.44 -12.15 -84.63
N ALA P 49 99.76 -13.06 -85.32
CA ALA P 49 99.81 -14.49 -84.98
C ALA P 49 100.89 -15.21 -85.80
N LYS P 50 102.11 -14.64 -85.74
CA LYS P 50 103.33 -15.22 -86.32
C LYS P 50 103.21 -15.45 -87.83
N THR P 51 102.47 -14.58 -88.52
CA THR P 51 102.16 -14.82 -89.93
C THR P 51 102.84 -13.85 -90.89
N ALA P 52 103.35 -12.72 -90.42
CA ALA P 52 103.91 -11.71 -91.30
C ALA P 52 105.11 -11.05 -90.63
N TYR P 53 106.26 -11.11 -91.28
CA TYR P 53 107.46 -10.45 -90.80
C TYR P 53 107.48 -9.00 -91.24
N ARG P 54 108.43 -8.24 -90.69
CA ARG P 54 108.50 -6.80 -90.96
C ARG P 54 109.96 -6.37 -90.85
N VAL P 55 110.60 -6.20 -91.99
CA VAL P 55 111.96 -5.65 -92.04
C VAL P 55 111.88 -4.14 -92.05
N ASN P 56 112.85 -3.48 -91.41
CA ASN P 56 112.80 -2.03 -91.27
C ASN P 56 114.23 -1.50 -91.27
N LEU P 57 114.69 -1.06 -92.44
CA LEU P 57 115.98 -0.39 -92.53
C LEU P 57 115.80 1.12 -92.42
N LYS P 58 116.87 1.80 -92.02
CA LYS P 58 116.84 3.26 -91.86
C LYS P 58 118.28 3.75 -91.95
N LEU P 59 118.59 4.48 -93.01
CA LEU P 59 119.93 5.00 -93.24
C LEU P 59 119.94 6.49 -92.95
N ASP P 60 120.54 6.87 -91.83
CA ASP P 60 120.71 8.28 -91.50
C ASP P 60 121.94 8.83 -92.18
N GLN P 61 121.95 10.14 -92.38
CA GLN P 61 123.14 10.81 -92.91
C GLN P 61 123.13 12.25 -92.41
N ALA P 62 124.07 12.57 -91.51
CA ALA P 62 124.20 13.90 -90.96
C ALA P 62 125.25 14.67 -91.75
N ASP P 63 124.99 15.96 -91.96
CA ASP P 63 125.93 16.81 -92.68
C ASP P 63 126.72 17.60 -91.65
N VAL P 64 127.86 17.06 -91.26
CA VAL P 64 128.71 17.68 -90.26
C VAL P 64 129.67 18.64 -90.96
N VAL P 65 130.04 19.72 -90.27
CA VAL P 65 130.96 20.71 -90.81
C VAL P 65 131.89 21.15 -89.69
N ASP P 66 133.18 21.23 -89.99
CA ASP P 66 134.20 21.61 -89.02
C ASP P 66 134.73 22.99 -89.38
N CYS P 67 134.32 24.00 -88.61
CA CYS P 67 134.67 25.39 -88.88
C CYS P 67 135.64 25.90 -87.84
N SER P 68 136.55 25.04 -87.38
CA SER P 68 137.51 25.42 -86.35
C SER P 68 138.62 26.31 -86.91
N THR P 69 138.89 26.24 -88.20
CA THR P 69 139.99 27.01 -88.77
C THR P 69 139.52 28.42 -89.17
N SER P 70 138.29 28.52 -89.67
CA SER P 70 137.80 29.82 -90.15
C SER P 70 137.46 30.74 -88.98
N VAL P 71 136.47 30.35 -88.18
CA VAL P 71 136.17 31.06 -86.94
C VAL P 71 136.89 30.31 -85.82
N CYS P 72 137.55 31.06 -84.94
CA CYS P 72 138.39 30.45 -83.94
C CYS P 72 137.55 29.97 -82.76
N GLY P 73 137.82 28.76 -82.30
CA GLY P 73 137.31 28.27 -81.05
C GLY P 73 135.94 27.63 -81.06
N GLU P 74 135.55 26.98 -82.15
CA GLU P 74 134.30 26.22 -82.14
C GLU P 74 134.51 24.83 -82.71
N LEU P 75 133.54 23.97 -82.43
CA LEU P 75 133.63 22.53 -82.61
C LEU P 75 132.83 22.09 -83.83
N PRO P 76 133.04 20.88 -84.36
CA PRO P 76 132.18 20.40 -85.43
C PRO P 76 130.75 20.19 -84.96
N LYS P 77 129.80 20.41 -85.87
CA LYS P 77 128.39 20.40 -85.53
C LYS P 77 127.61 19.84 -86.69
N VAL P 78 126.42 19.32 -86.40
CA VAL P 78 125.55 18.73 -87.40
C VAL P 78 124.58 19.81 -87.90
N ARG P 79 124.64 20.10 -89.20
CA ARG P 79 123.69 21.03 -89.80
C ARG P 79 122.30 20.43 -89.87
N TYR P 80 122.16 19.30 -90.56
CA TYR P 80 120.88 18.64 -90.76
C TYR P 80 121.12 17.14 -90.91
N THR P 81 120.02 16.39 -90.88
CA THR P 81 120.04 14.95 -91.15
C THR P 81 119.03 14.63 -92.23
N GLN P 82 119.40 13.73 -93.13
CA GLN P 82 118.51 13.25 -94.18
C GLN P 82 118.47 11.73 -94.13
N VAL P 83 117.27 11.17 -93.98
CA VAL P 83 117.11 9.73 -93.80
C VAL P 83 116.52 9.14 -95.07
N TRP P 84 116.62 7.81 -95.17
CA TRP P 84 115.90 7.05 -96.20
C TRP P 84 115.51 5.73 -95.54
N SER P 85 114.29 5.68 -95.02
CA SER P 85 113.82 4.50 -94.34
C SER P 85 113.27 3.48 -95.33
N HIS P 86 113.14 2.25 -94.87
CA HIS P 86 112.46 1.20 -95.61
C HIS P 86 111.53 0.46 -94.66
N ASP P 87 110.48 -0.14 -95.21
CA ASP P 87 109.53 -0.92 -94.42
C ASP P 87 108.99 -2.03 -95.32
N VAL P 88 109.60 -3.18 -95.24
CA VAL P 88 109.21 -4.33 -96.04
C VAL P 88 108.26 -5.21 -95.23
N THR P 89 107.16 -5.61 -95.84
CA THR P 89 106.21 -6.52 -95.21
C THR P 89 106.26 -7.84 -95.94
N ILE P 90 106.65 -8.91 -95.24
CA ILE P 90 106.81 -10.23 -95.82
C ILE P 90 105.91 -11.18 -95.03
N VAL P 91 105.02 -11.87 -95.74
CA VAL P 91 104.19 -12.89 -95.11
C VAL P 91 104.94 -14.20 -95.08
N ALA P 92 104.68 -15.00 -94.03
CA ALA P 92 105.57 -16.09 -93.68
C ALA P 92 105.48 -17.27 -94.63
N ASN P 93 104.28 -17.57 -95.15
CA ASN P 93 104.08 -18.73 -96.00
C ASN P 93 104.26 -18.42 -97.48
N SER P 94 105.10 -17.45 -97.81
CA SER P 94 105.35 -17.09 -99.19
C SER P 94 106.14 -18.17 -99.91
N THR P 95 106.20 -18.05 -101.24
CA THR P 95 107.19 -18.76 -102.02
C THR P 95 108.42 -17.88 -102.15
N GLU P 96 109.55 -18.49 -102.52
CA GLU P 96 110.80 -17.75 -102.59
C GLU P 96 110.82 -16.80 -103.78
N ALA P 97 110.12 -17.16 -104.86
CA ALA P 97 110.05 -16.27 -106.02
C ALA P 97 109.19 -15.04 -105.76
N SER P 98 108.31 -15.09 -104.76
CA SER P 98 107.55 -13.90 -104.39
C SER P 98 108.44 -12.89 -103.68
N ARG P 99 109.32 -13.37 -102.80
CA ARG P 99 110.25 -12.49 -102.11
C ARG P 99 111.40 -12.05 -102.99
N LYS P 100 111.84 -12.89 -103.92
CA LYS P 100 112.95 -12.51 -104.78
C LYS P 100 112.53 -11.48 -105.82
N SER P 101 111.31 -11.61 -106.36
CA SER P 101 110.85 -10.67 -107.38
C SER P 101 110.49 -9.32 -106.77
N LEU P 102 110.04 -9.31 -105.52
CA LEU P 102 109.77 -8.05 -104.84
C LEU P 102 111.07 -7.30 -104.56
N TYR P 103 112.13 -8.04 -104.22
CA TYR P 103 113.44 -7.41 -104.06
C TYR P 103 114.00 -6.97 -105.40
N ASP P 104 113.81 -7.78 -106.45
CA ASP P 104 114.35 -7.47 -107.75
C ASP P 104 113.67 -6.28 -108.40
N LEU P 105 112.43 -5.99 -108.02
CA LEU P 105 111.75 -4.80 -108.53
C LEU P 105 112.19 -3.55 -107.79
N THR P 106 112.35 -3.65 -106.46
CA THR P 106 112.75 -2.49 -105.67
C THR P 106 114.23 -2.16 -105.89
N LYS P 107 115.05 -3.17 -106.19
CA LYS P 107 116.43 -2.91 -106.58
C LYS P 107 116.50 -2.17 -107.90
N SER P 108 115.58 -2.47 -108.81
CA SER P 108 115.52 -1.79 -110.09
C SER P 108 114.71 -0.51 -110.04
N LEU P 109 113.85 -0.34 -109.03
CA LEU P 109 113.13 0.91 -108.86
C LEU P 109 114.07 2.02 -108.43
N VAL P 110 114.92 1.75 -107.43
CA VAL P 110 115.84 2.75 -106.92
C VAL P 110 116.91 3.06 -107.96
N ALA P 111 117.35 2.07 -108.72
CA ALA P 111 118.44 2.25 -109.66
C ALA P 111 118.05 2.98 -110.93
N THR P 112 116.80 3.38 -111.10
CA THR P 112 116.41 4.10 -112.31
C THR P 112 116.69 5.59 -112.14
N SER P 113 116.66 6.30 -113.27
CA SER P 113 116.97 7.72 -113.28
C SER P 113 115.76 8.60 -113.02
N GLN P 114 114.59 8.01 -112.76
CA GLN P 114 113.42 8.81 -112.41
C GLN P 114 113.29 9.00 -110.90
N VAL P 115 113.70 8.00 -110.12
CA VAL P 115 113.72 8.15 -108.67
C VAL P 115 114.96 8.93 -108.24
N GLU P 116 115.99 8.97 -109.09
CA GLU P 116 117.13 9.83 -108.82
C GLU P 116 116.73 11.29 -108.83
N ASP P 117 115.99 11.72 -109.86
CA ASP P 117 115.56 13.11 -109.93
C ASP P 117 114.46 13.43 -108.92
N LEU P 118 113.82 12.42 -108.33
CA LEU P 118 112.77 12.66 -107.36
C LEU P 118 113.33 13.02 -105.99
N VAL P 119 114.51 12.50 -105.63
CA VAL P 119 115.05 12.77 -104.30
C VAL P 119 116.17 13.81 -104.40
N VAL P 120 116.72 14.02 -105.59
CA VAL P 120 117.77 15.02 -105.73
C VAL P 120 117.18 16.34 -106.21
N ASN P 121 116.36 16.30 -107.26
CA ASN P 121 115.84 17.51 -107.88
C ASN P 121 114.34 17.69 -107.68
N LEU P 122 113.70 16.78 -106.93
CA LEU P 122 112.30 16.85 -106.50
C LEU P 122 111.32 16.85 -107.66
N VAL P 123 111.68 16.24 -108.78
CA VAL P 123 110.80 16.14 -109.94
C VAL P 123 109.95 14.88 -109.80
N PRO P 124 108.64 14.95 -110.05
CA PRO P 124 107.78 13.77 -109.86
C PRO P 124 108.06 12.69 -110.91
N LEU P 125 107.51 11.51 -110.64
CA LEU P 125 107.79 10.33 -111.44
C LEU P 125 106.95 10.32 -112.72
N GLY P 126 107.39 9.51 -113.67
CA GLY P 126 106.67 9.34 -114.91
C GLY P 126 107.13 10.27 -116.01
N ARG P 127 107.53 9.69 -117.15
CA ARG P 127 107.94 10.46 -118.31
C ARG P 127 107.27 9.86 -119.54
N ALA P 128 106.59 10.71 -120.32
CA ALA P 128 105.79 10.26 -121.45
C ALA P 128 106.66 10.16 -122.70
N TYR P 129 106.77 8.95 -123.24
CA TYR P 129 107.40 8.72 -124.54
C TYR P 129 106.44 7.88 -125.39
N GLY P 130 105.63 8.57 -126.19
CA GLY P 130 104.68 7.90 -127.07
C GLY P 130 103.49 7.30 -126.36
N GLY P 131 102.65 8.15 -125.78
CA GLY P 131 101.49 7.67 -125.06
C GLY P 131 101.31 8.35 -123.72
N SER P 132 101.35 7.57 -122.64
CA SER P 132 101.26 8.12 -121.30
C SER P 132 102.61 8.07 -120.60
N LYS P 133 102.62 8.46 -119.33
CA LYS P 133 103.85 8.53 -118.56
C LYS P 133 104.12 7.17 -117.91
N THR P 134 105.31 6.63 -118.14
CA THR P 134 105.64 5.27 -117.73
C THR P 134 106.96 5.23 -116.97
N ILE P 135 107.09 4.22 -116.11
CA ILE P 135 108.36 3.82 -115.52
C ILE P 135 108.64 2.39 -115.96
N VAL P 136 109.84 2.17 -116.50
CA VAL P 136 110.26 0.82 -116.88
C VAL P 136 111.13 0.26 -115.76
N LEU P 137 110.91 -1.01 -115.42
CA LEU P 137 111.62 -1.68 -114.34
C LEU P 137 112.25 -2.95 -114.91
N SER P 138 113.52 -2.85 -115.30
CA SER P 138 114.23 -3.99 -115.86
C SER P 138 114.62 -4.96 -114.76
N VAL P 139 114.24 -6.22 -114.92
CA VAL P 139 114.47 -7.25 -113.91
C VAL P 139 115.48 -8.20 -114.57
N GLY P 140 116.41 -7.60 -115.30
CA GLY P 140 117.27 -8.36 -116.20
C GLY P 140 116.96 -7.99 -117.62
N GLU P 141 116.31 -8.89 -118.36
CA GLU P 141 115.79 -8.56 -119.67
C GLU P 141 114.28 -8.28 -119.66
N ALA P 142 113.56 -8.80 -118.67
CA ALA P 142 112.13 -8.54 -118.57
C ALA P 142 111.89 -7.15 -118.03
N THR P 143 111.21 -6.32 -118.81
CA THR P 143 110.92 -4.93 -118.44
C THR P 143 109.44 -4.81 -118.13
N ARG P 144 109.11 -4.78 -116.85
CA ARG P 144 107.72 -4.64 -116.39
C ARG P 144 107.38 -3.17 -116.37
N THR P 145 106.74 -2.70 -117.44
CA THR P 145 106.45 -1.28 -117.63
C THR P 145 105.14 -0.93 -116.92
N LEU P 146 105.24 -0.08 -115.89
CA LEU P 146 104.05 0.45 -115.24
C LEU P 146 103.60 1.72 -115.95
N THR P 147 102.29 1.93 -116.00
CA THR P 147 101.72 3.12 -116.59
C THR P 147 100.98 3.91 -115.53
N GLU P 148 101.06 5.23 -115.61
CA GLU P 148 100.42 6.10 -114.64
C GLU P 148 98.91 6.11 -114.86
N ILE P 149 98.16 5.79 -113.82
CA ILE P 149 96.70 5.77 -113.90
C ILE P 149 96.06 6.91 -113.12
N GLN P 150 96.81 7.64 -112.32
CA GLN P 150 96.21 8.68 -111.49
C GLN P 150 97.25 9.74 -111.19
N SER P 151 96.80 10.97 -111.00
CA SER P 151 97.66 12.09 -110.63
C SER P 151 96.82 13.00 -109.72
N THR P 152 96.98 12.83 -108.42
CA THR P 152 96.24 13.60 -107.43
C THR P 152 97.07 14.88 -107.18
N ALA P 153 96.78 15.63 -106.11
CA ALA P 153 97.52 16.84 -105.80
C ALA P 153 98.97 16.53 -105.45
N ASP P 154 99.20 15.54 -104.59
CA ASP P 154 100.54 15.08 -104.27
C ASP P 154 100.76 13.62 -104.68
N ARG P 155 99.73 12.79 -104.52
CA ARG P 155 99.82 11.36 -104.82
C ARG P 155 99.95 11.12 -106.32
N GLN P 156 100.47 9.95 -106.66
CA GLN P 156 100.73 9.60 -108.06
C GLN P 156 100.75 8.08 -108.14
N ILE P 157 99.65 7.49 -108.62
CA ILE P 157 99.48 6.04 -108.60
C ILE P 157 99.83 5.48 -109.97
N PHE P 158 100.81 4.58 -110.01
CA PHE P 158 101.20 3.86 -111.20
C PHE P 158 100.67 2.43 -111.10
N GLU P 159 100.52 1.78 -112.24
CA GLU P 159 99.97 0.42 -112.25
C GLU P 159 100.36 -0.27 -113.55
N GLU P 160 100.72 -1.55 -113.44
CA GLU P 160 100.92 -2.38 -114.62
C GLU P 160 99.57 -2.84 -115.14
N LYS P 161 99.44 -2.87 -116.47
CA LYS P 161 98.14 -3.07 -117.09
C LYS P 161 97.93 -4.46 -117.69
N VAL P 162 98.90 -5.35 -117.57
CA VAL P 162 98.71 -6.72 -118.06
C VAL P 162 98.12 -7.58 -116.95
N GLY P 163 97.34 -8.57 -117.34
CA GLY P 163 96.78 -9.52 -116.41
C GLY P 163 95.42 -9.12 -115.89
N PRO P 164 94.96 -9.80 -114.84
CA PRO P 164 93.63 -9.50 -114.29
C PRO P 164 93.61 -8.21 -113.50
N LEU P 165 92.41 -7.75 -113.21
CA LEU P 165 92.21 -6.51 -112.45
C LEU P 165 92.43 -6.68 -110.96
N VAL P 166 92.48 -7.92 -110.46
CA VAL P 166 92.50 -8.11 -109.01
C VAL P 166 93.89 -7.87 -108.42
N GLY P 167 94.93 -8.47 -109.00
CA GLY P 167 96.27 -8.29 -108.46
C GLY P 167 97.23 -7.74 -109.50
N ARG P 168 97.68 -6.51 -109.29
CA ARG P 168 98.58 -5.84 -110.22
C ARG P 168 99.65 -5.11 -109.44
N LEU P 169 100.75 -4.81 -110.12
CA LEU P 169 101.79 -3.98 -109.54
C LEU P 169 101.28 -2.57 -109.31
N ARG P 170 101.64 -1.99 -108.17
CA ARG P 170 101.22 -0.66 -107.81
C ARG P 170 102.43 0.17 -107.39
N LEU P 171 102.29 1.48 -107.48
CA LEU P 171 103.36 2.38 -107.06
C LEU P 171 102.68 3.71 -106.68
N THR P 172 102.51 3.94 -105.40
CA THR P 172 101.87 5.16 -104.92
C THR P 172 102.96 6.11 -104.45
N ALA P 173 103.54 6.86 -105.38
CA ALA P 173 104.50 7.89 -105.04
C ALA P 173 103.81 9.07 -104.39
N SER P 174 104.60 9.90 -103.72
CA SER P 174 104.07 11.05 -103.00
C SER P 174 105.18 12.07 -102.81
N LEU P 175 104.78 13.28 -102.41
CA LEU P 175 105.71 14.37 -102.18
C LEU P 175 104.99 15.43 -101.35
N ARG P 176 105.57 15.80 -100.22
CA ARG P 176 104.98 16.78 -99.33
C ARG P 176 106.05 17.78 -98.91
N GLN P 177 105.63 18.77 -98.11
CA GLN P 177 106.58 19.57 -97.34
C GLN P 177 105.87 19.99 -96.06
N ASN P 178 106.44 19.60 -94.92
CA ASN P 178 105.79 19.78 -93.63
C ASN P 178 106.15 21.11 -93.01
N GLY P 179 105.19 21.67 -92.27
CA GLY P 179 105.43 22.85 -91.45
C GLY P 179 105.70 24.12 -92.23
N ALA P 180 106.75 24.84 -91.84
CA ALA P 180 107.09 26.12 -92.46
C ALA P 180 108.09 25.95 -93.60
N LYS P 181 107.77 25.06 -94.54
CA LYS P 181 108.53 24.83 -95.78
C LYS P 181 109.99 24.47 -95.53
N THR P 182 110.25 23.69 -94.49
CA THR P 182 111.62 23.41 -94.08
C THR P 182 112.13 22.03 -94.46
N ALA P 183 111.24 21.08 -94.77
CA ALA P 183 111.67 19.72 -95.06
C ALA P 183 110.63 19.03 -95.92
N TYR P 184 111.09 18.41 -97.00
CA TYR P 184 110.22 17.63 -97.86
C TYR P 184 110.11 16.20 -97.33
N ARG P 185 109.24 15.41 -97.95
CA ARG P 185 109.06 14.02 -97.53
C ARG P 185 108.57 13.22 -98.73
N VAL P 186 109.46 12.45 -99.34
CA VAL P 186 109.12 11.55 -100.42
C VAL P 186 108.66 10.23 -99.82
N ASN P 187 107.69 9.58 -100.46
CA ASN P 187 107.12 8.36 -99.91
C ASN P 187 106.66 7.47 -101.06
N LEU P 188 107.50 6.50 -101.42
CA LEU P 188 107.12 5.49 -102.40
C LEU P 188 106.58 4.25 -101.69
N LYS P 189 105.86 3.43 -102.44
CA LYS P 189 105.25 2.21 -101.90
C LYS P 189 104.94 1.29 -103.05
N LEU P 190 105.55 0.11 -103.08
CA LEU P 190 105.38 -0.84 -104.17
C LEU P 190 104.71 -2.09 -103.63
N ASP P 191 103.46 -2.31 -103.98
CA ASP P 191 102.74 -3.52 -103.61
C ASP P 191 102.90 -4.57 -104.69
N GLN P 192 102.89 -5.83 -104.29
CA GLN P 192 102.98 -6.95 -105.23
C GLN P 192 102.13 -8.08 -104.72
N ALA P 193 100.91 -8.16 -105.21
CA ALA P 193 99.97 -9.21 -104.83
C ALA P 193 100.24 -10.46 -105.67
N ASP P 194 100.24 -11.61 -105.03
CA ASP P 194 100.53 -12.87 -105.71
C ASP P 194 99.20 -13.50 -106.11
N VAL P 195 98.88 -13.40 -107.40
CA VAL P 195 97.62 -13.91 -107.94
C VAL P 195 97.88 -15.24 -108.62
N VAL P 196 96.98 -16.19 -108.41
CA VAL P 196 97.10 -17.54 -108.97
C VAL P 196 95.77 -17.88 -109.64
N ASP P 197 95.85 -18.71 -110.68
CA ASP P 197 94.67 -19.16 -111.40
C ASP P 197 94.57 -20.68 -111.32
N CYS P 198 93.38 -21.17 -110.99
CA CYS P 198 93.14 -22.59 -110.84
C CYS P 198 92.30 -23.14 -111.99
N SER P 199 92.39 -22.49 -113.16
CA SER P 199 91.56 -22.87 -114.29
C SER P 199 91.97 -24.20 -114.90
N THR P 200 93.23 -24.59 -114.76
CA THR P 200 93.65 -25.91 -115.23
C THR P 200 93.14 -27.00 -114.30
N SER P 201 93.06 -26.70 -112.99
CA SER P 201 92.61 -27.66 -111.99
C SER P 201 91.09 -27.69 -111.86
N VAL P 202 90.46 -26.55 -111.63
CA VAL P 202 89.03 -26.46 -111.36
C VAL P 202 88.38 -25.63 -112.46
N CYS P 203 87.24 -26.10 -112.97
CA CYS P 203 86.49 -25.36 -113.98
C CYS P 203 85.95 -24.05 -113.44
N GLY P 204 85.96 -23.04 -114.31
CA GLY P 204 85.30 -21.78 -114.03
C GLY P 204 85.91 -20.96 -112.93
N GLU P 205 87.19 -21.16 -112.63
CA GLU P 205 87.85 -20.50 -111.52
C GLU P 205 88.51 -19.23 -112.04
N LEU P 206 88.02 -18.09 -111.60
CA LEU P 206 88.63 -16.82 -111.92
C LEU P 206 89.81 -16.58 -110.97
N PRO P 207 90.84 -15.85 -111.42
CA PRO P 207 92.04 -15.67 -110.58
C PRO P 207 91.75 -14.84 -109.34
N LYS P 208 92.53 -15.11 -108.29
CA LYS P 208 92.38 -14.44 -107.01
C LYS P 208 93.76 -14.34 -106.37
N VAL P 209 93.88 -13.46 -105.38
CA VAL P 209 95.14 -13.21 -104.71
C VAL P 209 95.21 -14.03 -103.43
N ARG P 210 96.41 -14.45 -103.06
CA ARG P 210 96.61 -15.16 -101.79
C ARG P 210 97.06 -14.20 -100.70
N TYR P 211 98.15 -13.48 -100.95
CA TYR P 211 98.72 -12.56 -99.99
C TYR P 211 99.17 -11.30 -100.71
N THR P 212 99.80 -10.39 -99.97
CA THR P 212 100.40 -9.22 -100.57
C THR P 212 101.67 -8.85 -99.79
N GLN P 213 102.66 -8.34 -100.50
CA GLN P 213 103.95 -7.97 -99.93
C GLN P 213 104.34 -6.60 -100.46
N VAL P 214 104.63 -5.68 -99.54
CA VAL P 214 104.93 -4.30 -99.91
C VAL P 214 106.38 -3.99 -99.61
N TRP P 215 106.85 -2.87 -100.14
CA TRP P 215 108.17 -2.31 -99.81
C TRP P 215 108.00 -0.79 -99.88
N SER P 216 107.79 -0.18 -98.74
CA SER P 216 107.66 1.27 -98.67
C SER P 216 109.03 1.92 -98.60
N HIS P 217 109.05 3.21 -98.93
CA HIS P 217 110.21 4.06 -98.71
C HIS P 217 109.74 5.32 -98.02
N ASP P 218 110.65 5.96 -97.29
CA ASP P 218 110.29 7.20 -96.59
C ASP P 218 111.55 8.06 -96.55
N VAL P 219 111.69 8.94 -97.54
CA VAL P 219 112.84 9.80 -97.66
C VAL P 219 112.50 11.14 -97.03
N THR P 220 113.40 11.64 -96.18
CA THR P 220 113.26 12.95 -95.57
C THR P 220 114.38 13.85 -96.09
N ILE P 221 114.00 14.96 -96.73
CA ILE P 221 114.94 15.87 -97.35
C ILE P 221 114.68 17.26 -96.78
N VAL P 222 115.68 17.85 -96.16
CA VAL P 222 115.51 19.20 -95.64
C VAL P 222 115.73 20.19 -96.79
N ALA P 223 115.13 21.37 -96.66
CA ALA P 223 114.96 22.27 -97.81
C ALA P 223 116.25 22.98 -98.17
N ASN P 224 117.07 23.34 -97.19
CA ASN P 224 118.29 24.10 -97.44
C ASN P 224 119.51 23.20 -97.60
N SER P 225 119.31 22.00 -98.17
CA SER P 225 120.37 21.03 -98.37
C SER P 225 121.38 21.51 -99.41
N THR P 226 122.46 20.76 -99.50
CA THR P 226 123.34 20.81 -100.66
C THR P 226 122.89 19.72 -101.61
N GLU P 227 123.01 19.97 -102.92
CA GLU P 227 122.64 18.95 -103.90
C GLU P 227 123.59 17.77 -103.84
N ALA P 228 124.83 18.00 -103.42
CA ALA P 228 125.78 16.90 -103.24
C ALA P 228 125.45 16.03 -102.03
N SER P 229 124.64 16.55 -101.09
CA SER P 229 124.23 15.72 -99.96
C SER P 229 122.95 14.96 -100.27
N ARG P 230 122.12 15.48 -101.18
CA ARG P 230 120.99 14.71 -101.66
C ARG P 230 121.44 13.63 -102.64
N LYS P 231 122.52 13.89 -103.37
CA LYS P 231 123.04 12.90 -104.31
C LYS P 231 123.71 11.75 -103.57
N SER P 232 124.44 12.06 -102.49
CA SER P 232 125.14 11.01 -101.76
C SER P 232 124.19 10.15 -100.94
N LEU P 233 123.06 10.71 -100.50
CA LEU P 233 122.06 9.91 -99.81
C LEU P 233 121.39 8.93 -100.76
N TYR P 234 121.14 9.36 -102.00
CA TYR P 234 120.57 8.45 -102.99
C TYR P 234 121.59 7.41 -103.42
N ASP P 235 122.85 7.83 -103.60
CA ASP P 235 123.90 6.92 -104.04
C ASP P 235 124.25 5.86 -103.00
N LEU P 236 124.01 6.12 -101.72
CA LEU P 236 124.22 5.11 -100.71
C LEU P 236 123.04 4.14 -100.64
N THR P 237 121.81 4.66 -100.78
CA THR P 237 120.64 3.79 -100.75
C THR P 237 120.52 2.96 -102.01
N LYS P 238 120.96 3.49 -103.15
CA LYS P 238 121.07 2.68 -104.36
C LYS P 238 122.10 1.59 -104.18
N SER P 239 123.18 1.87 -103.46
CA SER P 239 124.21 0.89 -103.19
C SER P 239 123.85 -0.03 -102.04
N LEU P 240 122.98 0.40 -101.12
CA LEU P 240 122.60 -0.46 -100.01
C LEU P 240 121.68 -1.58 -100.47
N VAL P 241 120.66 -1.25 -101.27
CA VAL P 241 119.71 -2.24 -101.76
C VAL P 241 120.39 -3.22 -102.72
N ALA P 242 121.40 -2.76 -103.45
CA ALA P 242 122.09 -3.62 -104.41
C ALA P 242 123.04 -4.63 -103.78
N THR P 243 123.25 -4.58 -102.46
CA THR P 243 124.16 -5.52 -101.83
C THR P 243 123.50 -6.88 -101.66
N SER P 244 124.34 -7.89 -101.42
CA SER P 244 123.84 -9.23 -101.18
C SER P 244 123.44 -9.46 -99.73
N GLN P 245 123.73 -8.51 -98.84
CA GLN P 245 123.31 -8.64 -97.45
C GLN P 245 121.84 -8.30 -97.28
N VAL P 246 121.35 -7.30 -98.02
CA VAL P 246 119.94 -6.97 -98.00
C VAL P 246 119.14 -7.93 -98.88
N GLU P 247 119.80 -8.59 -99.84
CA GLU P 247 119.13 -9.61 -100.63
C GLU P 247 118.74 -10.80 -99.77
N ASP P 248 119.67 -11.28 -98.94
CA ASP P 248 119.37 -12.37 -98.03
C ASP P 248 118.52 -11.96 -96.84
N LEU P 249 118.44 -10.66 -96.54
CA LEU P 249 117.61 -10.21 -95.44
C LEU P 249 116.15 -10.17 -95.82
N VAL P 250 115.83 -9.88 -97.08
CA VAL P 250 114.44 -9.87 -97.52
C VAL P 250 114.00 -11.26 -97.97
N VAL P 251 114.86 -11.98 -98.67
CA VAL P 251 114.48 -13.30 -99.17
C VAL P 251 114.55 -14.35 -98.07
N ASN P 252 115.67 -14.43 -97.35
CA ASN P 252 115.91 -15.50 -96.41
C ASN P 252 115.94 -15.09 -94.95
N LEU P 253 115.65 -13.82 -94.65
CA LEU P 253 115.61 -13.26 -93.28
C LEU P 253 116.92 -13.40 -92.52
N VAL P 254 118.04 -13.41 -93.23
CA VAL P 254 119.36 -13.46 -92.61
C VAL P 254 119.73 -12.05 -92.15
N PRO P 255 120.15 -11.84 -90.91
CA PRO P 255 120.48 -10.49 -90.45
C PRO P 255 121.74 -9.93 -91.11
N LEU P 256 121.89 -8.62 -91.02
CA LEU P 256 122.98 -7.93 -91.68
C LEU P 256 124.28 -8.09 -90.90
N GLY P 257 125.39 -7.88 -91.61
CA GLY P 257 126.69 -7.92 -90.98
C GLY P 257 127.46 -9.21 -91.21
N ARG P 258 128.65 -9.10 -91.80
CA ARG P 258 129.52 -10.25 -91.99
C ARG P 258 130.97 -9.91 -91.65
N SER Q 1 -136.41 5.67 84.75
CA SER Q 1 -135.95 6.89 84.11
C SER Q 1 -136.48 7.00 82.68
N LYS Q 2 -135.66 6.58 81.72
CA LYS Q 2 -136.00 6.63 80.31
C LYS Q 2 -136.50 5.26 79.88
N THR Q 3 -137.75 5.20 79.43
CA THR Q 3 -138.43 3.93 79.24
C THR Q 3 -139.11 3.85 77.88
N ILE Q 4 -139.22 2.61 77.38
CA ILE Q 4 -140.13 2.25 76.30
C ILE Q 4 -141.12 1.25 76.87
N VAL Q 5 -142.40 1.42 76.54
CA VAL Q 5 -143.46 0.54 77.02
C VAL Q 5 -144.00 -0.24 75.83
N LEU Q 6 -143.92 -1.57 75.92
CA LEU Q 6 -144.37 -2.47 74.86
C LEU Q 6 -145.60 -3.22 75.37
N SER Q 7 -146.78 -2.79 74.93
CA SER Q 7 -148.02 -3.44 75.33
C SER Q 7 -148.31 -4.63 74.43
N VAL Q 8 -148.59 -5.77 75.04
CA VAL Q 8 -148.79 -7.03 74.31
C VAL Q 8 -150.26 -7.37 74.52
N GLY Q 9 -151.09 -6.33 74.56
CA GLY Q 9 -152.49 -6.48 74.88
C GLY Q 9 -152.84 -5.61 76.08
N GLU Q 10 -153.18 -6.23 77.19
CA GLU Q 10 -153.34 -5.53 78.45
C GLU Q 10 -152.09 -5.56 79.31
N ALA Q 11 -151.14 -6.46 79.02
CA ALA Q 11 -149.89 -6.51 79.76
C ALA Q 11 -148.85 -5.62 79.09
N THR Q 12 -148.15 -4.82 79.89
CA THR Q 12 -147.13 -3.90 79.41
C THR Q 12 -145.78 -4.32 79.97
N ARG Q 13 -144.78 -4.44 79.10
CA ARG Q 13 -143.43 -4.81 79.49
C ARG Q 13 -142.53 -3.59 79.36
N THR Q 14 -142.34 -2.88 80.46
CA THR Q 14 -141.60 -1.62 80.45
C THR Q 14 -140.10 -1.90 80.47
N LEU Q 15 -139.43 -1.56 79.38
CA LEU Q 15 -137.98 -1.62 79.32
C LEU Q 15 -137.40 -0.31 79.85
N THR Q 16 -136.26 -0.42 80.55
CA THR Q 16 -135.58 0.76 81.06
C THR Q 16 -134.19 0.84 80.46
N GLU Q 17 -133.69 2.07 80.31
CA GLU Q 17 -132.38 2.29 79.73
C GLU Q 17 -131.28 2.01 80.75
N ILE Q 18 -130.29 1.22 80.36
CA ILE Q 18 -129.19 0.85 81.25
C ILE Q 18 -127.84 1.34 80.76
N GLN Q 19 -127.73 1.83 79.53
CA GLN Q 19 -126.44 2.23 78.97
C GLN Q 19 -126.70 3.20 77.83
N SER Q 20 -125.81 4.17 77.69
CA SER Q 20 -125.99 5.20 76.66
C SER Q 20 -124.60 5.67 76.22
N THR Q 21 -124.19 5.24 75.03
CA THR Q 21 -122.95 5.67 74.42
C THR Q 21 -123.29 6.92 73.59
N ALA Q 22 -122.40 7.32 72.67
CA ALA Q 22 -122.70 8.45 71.78
C ALA Q 22 -123.92 8.18 70.92
N ASP Q 23 -123.98 7.01 70.30
CA ASP Q 23 -125.10 6.61 69.46
C ASP Q 23 -125.80 5.35 69.94
N ARG Q 24 -125.04 4.35 70.41
CA ARG Q 24 -125.62 3.10 70.86
C ARG Q 24 -126.37 3.31 72.17
N GLN Q 25 -127.46 2.56 72.35
CA GLN Q 25 -128.41 2.84 73.42
C GLN Q 25 -129.08 1.52 73.81
N ILE Q 26 -128.72 1.00 74.98
CA ILE Q 26 -129.14 -0.33 75.41
C ILE Q 26 -130.26 -0.20 76.44
N PHE Q 27 -131.38 -0.84 76.17
CA PHE Q 27 -132.52 -0.92 77.09
C PHE Q 27 -132.60 -2.33 77.66
N GLU Q 28 -133.33 -2.46 78.77
CA GLU Q 28 -133.44 -3.75 79.44
C GLU Q 28 -134.68 -3.73 80.33
N GLU Q 29 -135.26 -4.92 80.52
CA GLU Q 29 -136.38 -5.08 81.43
C GLU Q 29 -135.87 -5.49 82.81
N LYS Q 30 -136.19 -4.70 83.82
CA LYS Q 30 -135.64 -4.88 85.16
C LYS Q 30 -136.45 -5.83 86.04
N VAL Q 31 -137.19 -6.76 85.45
CA VAL Q 31 -138.00 -7.68 86.23
C VAL Q 31 -137.39 -9.09 86.15
N GLY Q 32 -137.14 -9.69 87.31
CA GLY Q 32 -136.72 -11.06 87.38
C GLY Q 32 -135.24 -11.24 87.67
N PRO Q 33 -134.71 -12.44 87.40
CA PRO Q 33 -133.29 -12.69 87.63
C PRO Q 33 -132.38 -11.91 86.68
N LEU Q 34 -131.08 -11.94 86.96
CA LEU Q 34 -130.12 -11.12 86.25
C LEU Q 34 -129.60 -11.76 84.96
N VAL Q 35 -129.86 -13.04 84.73
CA VAL Q 35 -129.15 -13.76 83.69
C VAL Q 35 -129.75 -13.55 82.30
N GLY Q 36 -131.07 -13.61 82.17
CA GLY Q 36 -131.68 -13.40 80.87
C GLY Q 36 -132.85 -12.45 80.94
N ARG Q 37 -132.73 -11.32 80.25
CA ARG Q 37 -133.76 -10.29 80.26
C ARG Q 37 -134.00 -9.83 78.83
N LEU Q 38 -135.08 -9.09 78.64
CA LEU Q 38 -135.31 -8.43 77.37
C LEU Q 38 -134.25 -7.36 77.12
N ARG Q 39 -133.97 -7.12 75.85
CA ARG Q 39 -132.87 -6.27 75.45
C ARG Q 39 -133.27 -5.52 74.20
N LEU Q 40 -132.82 -4.28 74.09
CA LEU Q 40 -133.16 -3.46 72.93
C LEU Q 40 -131.99 -2.53 72.67
N THR Q 41 -131.23 -2.81 71.62
CA THR Q 41 -130.02 -2.05 71.29
C THR Q 41 -130.31 -1.19 70.09
N ALA Q 42 -130.69 0.06 70.33
CA ALA Q 42 -130.85 1.01 69.24
C ALA Q 42 -129.51 1.60 68.84
N SER Q 43 -129.46 2.14 67.63
CA SER Q 43 -128.26 2.76 67.09
C SER Q 43 -128.68 3.77 66.05
N LEU Q 44 -127.75 4.66 65.69
CA LEU Q 44 -127.97 5.66 64.67
C LEU Q 44 -126.62 6.18 64.21
N ARG Q 45 -126.35 6.03 62.92
CA ARG Q 45 -125.08 6.45 62.35
C ARG Q 45 -125.34 7.33 61.13
N GLN Q 46 -124.27 7.77 60.48
CA GLN Q 46 -124.38 8.33 59.13
C GLN Q 46 -123.11 7.94 58.38
N ASN Q 47 -123.26 7.03 57.42
CA ASN Q 47 -122.11 6.46 56.74
C ASN Q 47 -121.71 7.33 55.56
N GLY Q 48 -120.39 7.46 55.37
CA GLY Q 48 -119.85 8.12 54.20
C GLY Q 48 -119.83 9.62 54.28
N ALA Q 49 -120.27 10.28 53.21
CA ALA Q 49 -120.17 11.73 53.09
C ALA Q 49 -121.45 12.42 53.56
N LYS Q 50 -121.84 12.10 54.80
CA LYS Q 50 -122.92 12.76 55.54
C LYS Q 50 -124.27 12.68 54.83
N THR Q 51 -124.50 11.62 54.05
CA THR Q 51 -125.63 11.61 53.14
C THR Q 51 -126.71 10.58 53.46
N ALA Q 52 -126.42 9.58 54.30
CA ALA Q 52 -127.39 8.52 54.56
C ALA Q 52 -127.26 8.07 56.00
N TYR Q 53 -128.37 8.12 56.72
CA TYR Q 53 -128.42 7.63 58.10
C TYR Q 53 -128.73 6.14 58.12
N ARG Q 54 -128.45 5.51 59.25
CA ARG Q 54 -128.61 4.06 59.38
C ARG Q 54 -129.09 3.75 60.79
N VAL Q 55 -130.37 3.45 60.93
CA VAL Q 55 -130.93 3.05 62.22
C VAL Q 55 -130.84 1.53 62.32
N ASN Q 56 -130.61 1.03 63.54
CA ASN Q 56 -130.35 -0.39 63.74
C ASN Q 56 -130.93 -0.80 65.09
N LEU Q 57 -132.13 -1.35 65.08
CA LEU Q 57 -132.72 -1.92 66.27
C LEU Q 57 -132.41 -3.41 66.37
N LYS Q 58 -132.46 -3.93 67.60
CA LYS Q 58 -132.20 -5.34 67.84
C LYS Q 58 -132.88 -5.72 69.15
N LEU Q 59 -133.90 -6.55 69.07
CA LEU Q 59 -134.65 -6.98 70.24
C LEU Q 59 -134.29 -8.43 70.53
N ASP Q 60 -133.52 -8.64 71.60
CA ASP Q 60 -133.18 -9.98 72.03
C ASP Q 60 -134.26 -10.53 72.95
N GLN Q 61 -134.37 -11.85 73.00
CA GLN Q 61 -135.29 -12.48 73.93
C GLN Q 61 -134.72 -13.84 74.31
N ALA Q 62 -134.24 -13.96 75.54
CA ALA Q 62 -133.69 -15.20 76.05
C ALA Q 62 -134.77 -15.97 76.79
N ASP Q 63 -134.76 -17.30 76.63
CA ASP Q 63 -135.74 -18.16 77.28
C ASP Q 63 -135.10 -18.74 78.53
N VAL Q 64 -135.39 -18.15 79.67
CA VAL Q 64 -134.82 -18.55 80.94
C VAL Q 64 -135.74 -19.58 81.58
N VAL Q 65 -135.14 -20.54 82.28
CA VAL Q 65 -135.90 -21.52 83.05
C VAL Q 65 -135.19 -21.69 84.40
N ASP Q 66 -135.97 -21.72 85.47
CA ASP Q 66 -135.45 -21.85 86.83
C ASP Q 66 -135.91 -23.19 87.36
N CYS Q 67 -134.99 -24.14 87.43
CA CYS Q 67 -135.30 -25.52 87.76
C CYS Q 67 -134.77 -25.86 89.15
N SER Q 68 -134.80 -24.89 90.05
CA SER Q 68 -134.27 -25.10 91.39
C SER Q 68 -135.22 -25.87 92.28
N THR Q 69 -136.52 -25.88 91.97
CA THR Q 69 -137.48 -26.57 92.82
C THR Q 69 -137.48 -28.07 92.55
N SER Q 70 -137.46 -28.47 91.28
CA SER Q 70 -137.46 -29.89 90.95
C SER Q 70 -136.09 -30.50 91.14
N VAL Q 71 -135.09 -30.01 90.41
CA VAL Q 71 -133.71 -30.47 90.56
C VAL Q 71 -133.07 -29.63 91.65
N CYS Q 72 -132.65 -30.29 92.72
CA CYS Q 72 -132.08 -29.58 93.85
C CYS Q 72 -130.67 -29.12 93.55
N GLY Q 73 -130.42 -27.83 93.76
CA GLY Q 73 -129.07 -27.31 93.72
C GLY Q 73 -128.60 -26.74 92.40
N GLU Q 74 -129.48 -26.19 91.57
CA GLU Q 74 -129.06 -25.58 90.33
C GLU Q 74 -129.81 -24.26 90.12
N LEU Q 75 -129.22 -23.44 89.26
CA LEU Q 75 -129.54 -22.02 89.11
C LEU Q 75 -130.33 -21.78 87.83
N PRO Q 76 -131.00 -20.63 87.69
CA PRO Q 76 -131.62 -20.31 86.40
C PRO Q 76 -130.58 -20.11 85.30
N LYS Q 77 -130.96 -20.52 84.09
CA LYS Q 77 -130.07 -20.52 82.95
C LYS Q 77 -130.88 -20.22 81.70
N VAL Q 78 -130.20 -19.75 80.67
CA VAL Q 78 -130.85 -19.46 79.40
C VAL Q 78 -130.73 -20.69 78.49
N ARG Q 79 -131.85 -21.07 77.87
CA ARG Q 79 -131.82 -22.15 76.90
C ARG Q 79 -131.34 -21.65 75.55
N TYR Q 80 -132.02 -20.63 75.01
CA TYR Q 80 -131.74 -20.09 73.70
C TYR Q 80 -132.10 -18.61 73.69
N THR Q 81 -131.61 -17.91 72.67
CA THR Q 81 -131.99 -16.53 72.42
C THR Q 81 -132.55 -16.42 71.01
N GLN Q 82 -133.58 -15.60 70.86
CA GLN Q 82 -134.19 -15.34 69.57
C GLN Q 82 -134.25 -13.84 69.37
N VAL Q 83 -133.68 -13.35 68.27
CA VAL Q 83 -133.55 -11.93 68.03
C VAL Q 83 -134.48 -11.54 66.88
N TRP Q 84 -134.72 -10.23 66.76
CA TRP Q 84 -135.40 -9.67 65.60
C TRP Q 84 -134.74 -8.32 65.35
N SER Q 85 -133.76 -8.30 64.45
CA SER Q 85 -133.04 -7.09 64.16
C SER Q 85 -133.83 -6.23 63.18
N HIS Q 86 -133.43 -4.97 63.07
CA HIS Q 86 -133.92 -4.07 62.05
C HIS Q 86 -132.73 -3.30 61.48
N ASP Q 87 -132.86 -2.87 60.23
CA ASP Q 87 -131.80 -2.09 59.58
C ASP Q 87 -132.48 -1.13 58.61
N VAL Q 88 -132.69 0.08 59.06
CA VAL Q 88 -133.35 1.11 58.26
C VAL Q 88 -132.30 2.02 57.66
N THR Q 89 -132.41 2.28 56.36
CA THR Q 89 -131.54 3.20 55.66
C THR Q 89 -132.36 4.43 55.28
N ILE Q 90 -131.92 5.59 55.73
CA ILE Q 90 -132.62 6.85 55.50
C ILE Q 90 -131.62 7.80 54.85
N VAL Q 91 -131.97 8.33 53.67
CA VAL Q 91 -131.13 9.32 53.04
C VAL Q 91 -131.45 10.69 53.63
N ALA Q 92 -130.44 11.57 53.64
CA ALA Q 92 -130.52 12.80 54.42
C ALA Q 92 -131.46 13.82 53.80
N ASN Q 93 -131.38 14.03 52.49
CA ASN Q 93 -132.14 15.07 51.82
C ASN Q 93 -133.52 14.63 51.37
N SER Q 94 -134.07 13.58 51.98
CA SER Q 94 -135.38 13.09 51.60
C SER Q 94 -136.48 13.99 52.15
N THR Q 95 -137.69 13.76 51.69
CA THR Q 95 -138.86 14.45 52.22
C THR Q 95 -139.43 13.66 53.40
N GLU Q 96 -140.27 14.33 54.18
CA GLU Q 96 -140.82 13.70 55.37
C GLU Q 96 -141.85 12.64 55.01
N ALA Q 97 -142.62 12.86 53.94
CA ALA Q 97 -143.66 11.90 53.57
C ALA Q 97 -143.09 10.62 53.00
N SER Q 98 -141.85 10.62 52.54
CA SER Q 98 -141.22 9.37 52.11
C SER Q 98 -140.82 8.53 53.33
N ARG Q 99 -140.32 9.19 54.36
CA ARG Q 99 -139.99 8.50 55.61
C ARG Q 99 -141.23 8.03 56.35
N LYS Q 100 -142.31 8.79 56.29
CA LYS Q 100 -143.55 8.38 56.97
C LYS Q 100 -144.20 7.21 56.24
N SER Q 101 -144.14 7.19 54.91
CA SER Q 101 -144.75 6.10 54.16
C SER Q 101 -143.93 4.83 54.27
N LEU Q 102 -142.61 4.96 54.43
CA LEU Q 102 -141.77 3.78 54.65
C LEU Q 102 -142.03 3.18 56.01
N TYR Q 103 -142.27 4.02 57.02
CA TYR Q 103 -142.61 3.52 58.34
C TYR Q 103 -144.01 2.93 58.36
N ASP Q 104 -144.96 3.58 57.68
CA ASP Q 104 -146.36 3.14 57.71
C ASP Q 104 -146.56 1.83 56.96
N LEU Q 105 -145.69 1.51 56.00
CA LEU Q 105 -145.78 0.22 55.33
C LEU Q 105 -145.17 -0.88 56.18
N THR Q 106 -144.04 -0.61 56.84
CA THR Q 106 -143.40 -1.60 57.69
C THR Q 106 -144.19 -1.82 58.98
N LYS Q 107 -144.95 -0.81 59.42
CA LYS Q 107 -145.80 -0.96 60.60
C LYS Q 107 -146.93 -1.95 60.33
N SER Q 108 -147.45 -1.96 59.10
CA SER Q 108 -148.52 -2.88 58.75
C SER Q 108 -148.03 -4.13 58.05
N LEU Q 109 -146.75 -4.18 57.66
CA LEU Q 109 -146.17 -5.43 57.21
C LEU Q 109 -146.01 -6.39 58.38
N VAL Q 110 -145.49 -5.90 59.50
CA VAL Q 110 -145.37 -6.74 60.68
C VAL Q 110 -146.74 -7.08 61.26
N ALA Q 111 -147.69 -6.16 61.15
CA ALA Q 111 -149.00 -6.35 61.75
C ALA Q 111 -149.90 -7.30 60.96
N THR Q 112 -149.50 -7.73 59.77
CA THR Q 112 -150.35 -8.61 58.99
C THR Q 112 -150.23 -10.04 59.50
N SER Q 113 -151.19 -10.88 59.07
CA SER Q 113 -151.23 -12.25 59.54
C SER Q 113 -150.42 -13.21 58.68
N GLN Q 114 -149.70 -12.72 57.69
CA GLN Q 114 -148.84 -13.59 56.89
C GLN Q 114 -147.41 -13.61 57.40
N VAL Q 115 -146.96 -12.50 57.99
CA VAL Q 115 -145.65 -12.48 58.63
C VAL Q 115 -145.75 -13.09 60.02
N GLU Q 116 -146.95 -13.15 60.59
CA GLU Q 116 -147.14 -13.87 61.85
C GLU Q 116 -146.89 -15.35 61.68
N ASP Q 117 -147.43 -15.96 60.62
CA ASP Q 117 -147.20 -17.37 60.37
C ASP Q 117 -145.81 -17.65 59.83
N LEU Q 118 -145.08 -16.62 59.40
CA LEU Q 118 -143.73 -16.84 58.90
C LEU Q 118 -142.71 -17.01 60.02
N VAL Q 119 -142.89 -16.34 61.15
CA VAL Q 119 -141.91 -16.42 62.22
C VAL Q 119 -142.38 -17.40 63.29
N VAL Q 120 -143.67 -17.71 63.30
CA VAL Q 120 -144.18 -18.65 64.29
C VAL Q 120 -144.24 -20.06 63.73
N ASN Q 121 -144.87 -20.24 62.57
CA ASN Q 121 -145.10 -21.55 62.00
C ASN Q 121 -144.27 -21.80 60.74
N LEU Q 122 -143.43 -20.85 60.35
CA LEU Q 122 -142.46 -20.94 59.26
C LEU Q 122 -143.10 -21.16 57.89
N VAL Q 123 -144.35 -20.72 57.73
CA VAL Q 123 -145.03 -20.77 56.44
C VAL Q 123 -144.61 -19.57 55.61
N PRO Q 124 -144.24 -19.76 54.34
CA PRO Q 124 -143.77 -18.62 53.52
C PRO Q 124 -144.89 -17.63 53.19
N LEU Q 125 -144.47 -16.49 52.66
CA LEU Q 125 -145.38 -15.38 52.42
C LEU Q 125 -146.17 -15.58 51.13
N GLY Q 126 -147.32 -14.91 51.06
CA GLY Q 126 -148.14 -14.95 49.87
C GLY Q 126 -149.26 -15.95 49.93
N ARG Q 127 -150.49 -15.49 49.68
CA ARG Q 127 -151.67 -16.35 49.64
C ARG Q 127 -152.49 -15.99 48.42
N ALA Q 128 -152.90 -17.00 47.66
CA ALA Q 128 -153.59 -16.80 46.39
C ALA Q 128 -155.10 -16.74 46.63
N TYR Q 129 -155.70 -15.58 46.38
CA TYR Q 129 -157.15 -15.43 46.36
C TYR Q 129 -157.52 -14.72 45.06
N GLY Q 130 -157.88 -15.51 44.05
CA GLY Q 130 -158.31 -14.98 42.78
C GLY Q 130 -157.19 -14.44 41.92
N GLY Q 131 -156.30 -15.33 41.48
CA GLY Q 131 -155.19 -14.91 40.65
C GLY Q 131 -153.86 -15.42 41.17
N SER Q 132 -152.97 -14.52 41.54
CA SER Q 132 -151.69 -14.89 42.11
C SER Q 132 -151.68 -14.68 43.62
N LYS Q 133 -150.52 -14.91 44.23
CA LYS Q 133 -150.39 -14.80 45.68
C LYS Q 133 -149.99 -13.38 46.05
N THR Q 134 -150.77 -12.77 46.95
CA THR Q 134 -150.65 -11.35 47.26
C THR Q 134 -150.49 -11.11 48.74
N ILE Q 135 -149.87 -9.99 49.09
CA ILE Q 135 -149.88 -9.43 50.44
C ILE Q 135 -150.55 -8.06 50.36
N VAL Q 136 -151.48 -7.81 51.27
CA VAL Q 136 -152.20 -6.55 51.32
C VAL Q 136 -151.66 -5.71 52.47
N LEU Q 137 -151.06 -4.57 52.13
CA LEU Q 137 -150.46 -3.67 53.11
C LEU Q 137 -151.36 -2.45 53.24
N SER Q 138 -152.24 -2.48 54.25
CA SER Q 138 -153.12 -1.35 54.50
C SER Q 138 -152.37 -0.21 55.17
N VAL Q 139 -152.54 0.99 54.65
CA VAL Q 139 -151.86 2.18 55.15
C VAL Q 139 -152.96 3.07 55.74
N GLY Q 140 -153.96 2.42 56.34
CA GLY Q 140 -155.17 3.09 56.74
C GLY Q 140 -156.35 2.48 56.01
N GLU Q 141 -156.94 3.23 55.08
CA GLU Q 141 -157.90 2.66 54.16
C GLU Q 141 -157.31 2.36 52.78
N ALA Q 142 -156.20 3.00 52.43
CA ALA Q 142 -155.54 2.72 51.16
C ALA Q 142 -154.71 1.44 51.28
N THR Q 143 -154.99 0.48 50.42
CA THR Q 143 -154.36 -0.83 50.47
C THR Q 143 -153.43 -1.00 49.27
N ARG Q 144 -152.13 -0.99 49.53
CA ARG Q 144 -151.12 -1.19 48.49
C ARG Q 144 -150.87 -2.69 48.39
N THR Q 145 -151.43 -3.32 47.36
CA THR Q 145 -151.38 -4.77 47.21
C THR Q 145 -150.16 -5.17 46.39
N LEU Q 146 -149.22 -5.87 47.02
CA LEU Q 146 -148.07 -6.43 46.32
C LEU Q 146 -148.44 -7.79 45.75
N THR Q 147 -147.87 -8.10 44.59
CA THR Q 147 -148.06 -9.40 43.96
C THR Q 147 -146.71 -10.10 43.84
N GLU Q 148 -146.72 -11.42 44.00
CA GLU Q 148 -145.50 -12.19 43.91
C GLU Q 148 -145.08 -12.34 42.46
N ILE Q 149 -143.84 -11.96 42.17
CA ILE Q 149 -143.30 -12.08 40.82
C ILE Q 149 -142.24 -13.16 40.71
N GLN Q 150 -141.80 -13.75 41.81
CA GLN Q 150 -140.71 -14.72 41.75
C GLN Q 150 -140.80 -15.66 42.94
N SER Q 151 -140.40 -16.90 42.73
CA SER Q 151 -140.32 -17.91 43.79
C SER Q 151 -139.08 -18.76 43.53
N THR Q 152 -137.97 -18.37 44.14
CA THR Q 152 -136.70 -19.08 43.98
C THR Q 152 -136.68 -20.22 45.01
N ALA Q 153 -135.50 -20.79 45.27
CA ALA Q 153 -135.38 -21.86 46.26
C ALA Q 153 -135.69 -21.36 47.67
N ASP Q 154 -135.04 -20.28 48.09
CA ASP Q 154 -135.32 -19.67 49.39
C ASP Q 154 -135.93 -18.28 49.23
N ARG Q 155 -135.45 -17.49 48.27
CA ARG Q 155 -135.92 -16.14 48.05
C ARG Q 155 -137.35 -16.14 47.51
N GLN Q 156 -138.03 -15.01 47.70
CA GLN Q 156 -139.43 -14.87 47.30
C GLN Q 156 -139.69 -13.37 47.11
N ILE Q 157 -139.70 -12.92 45.86
CA ILE Q 157 -139.72 -11.49 45.55
C ILE Q 157 -141.14 -11.06 45.22
N PHE Q 158 -141.65 -10.10 45.98
CA PHE Q 158 -142.94 -9.48 45.73
C PHE Q 158 -142.72 -8.10 45.13
N GLU Q 159 -143.73 -7.58 44.46
CA GLU Q 159 -143.62 -6.28 43.79
C GLU Q 159 -145.02 -5.73 43.53
N GLU Q 160 -145.15 -4.42 43.63
CA GLU Q 160 -146.38 -3.76 43.24
C GLU Q 160 -146.36 -3.47 41.74
N LYS Q 161 -147.54 -3.54 41.12
CA LYS Q 161 -147.65 -3.46 39.67
C LYS Q 161 -148.12 -2.12 39.16
N VAL Q 162 -148.50 -1.20 40.02
CA VAL Q 162 -149.00 0.10 39.58
C VAL Q 162 -147.84 1.06 39.39
N GLY Q 163 -147.79 1.67 38.20
CA GLY Q 163 -146.83 2.70 37.93
C GLY Q 163 -145.72 2.27 36.99
N PRO Q 164 -144.64 3.05 36.92
CA PRO Q 164 -143.54 2.74 36.00
C PRO Q 164 -142.71 1.58 36.50
N LEU Q 165 -141.89 1.04 35.58
CA LEU Q 165 -141.02 -0.08 35.90
C LEU Q 165 -139.77 0.31 36.66
N VAL Q 166 -139.47 1.61 36.75
CA VAL Q 166 -138.19 2.02 37.30
C VAL Q 166 -138.18 1.93 38.84
N GLY Q 167 -139.22 2.41 39.51
CA GLY Q 167 -139.25 2.35 40.96
C GLY Q 167 -140.56 1.81 41.48
N ARG Q 168 -140.51 0.66 42.14
CA ARG Q 168 -141.71 0.01 42.66
C ARG Q 168 -141.41 -0.53 44.04
N LEU Q 169 -142.46 -0.89 44.76
CA LEU Q 169 -142.31 -1.55 46.06
C LEU Q 169 -141.74 -2.96 45.86
N ARG Q 170 -141.07 -3.45 46.89
CA ARG Q 170 -140.38 -4.73 46.81
C ARG Q 170 -140.46 -5.44 48.15
N LEU Q 171 -140.34 -6.77 48.09
CA LEU Q 171 -140.25 -7.59 49.30
C LEU Q 171 -139.43 -8.83 48.95
N THR Q 172 -138.16 -8.83 49.33
CA THR Q 172 -137.30 -9.99 49.09
C THR Q 172 -137.27 -10.79 50.38
N ALA Q 173 -138.34 -11.55 50.63
CA ALA Q 173 -138.37 -12.45 51.78
C ALA Q 173 -137.44 -13.63 51.55
N SER Q 174 -137.07 -14.29 52.65
CA SER Q 174 -136.13 -15.40 52.59
C SER Q 174 -136.36 -16.30 53.79
N LEU Q 175 -135.73 -17.48 53.74
CA LEU Q 175 -135.85 -18.47 54.81
C LEU Q 175 -134.71 -19.47 54.64
N ARG Q 176 -133.92 -19.66 55.69
CA ARG Q 176 -132.78 -20.56 55.65
C ARG Q 176 -132.78 -21.41 56.91
N GLN Q 177 -131.78 -22.30 57.01
CA GLN Q 177 -131.44 -22.94 58.28
C GLN Q 177 -129.95 -23.25 58.24
N ASN Q 178 -129.22 -22.76 59.23
CA ASN Q 178 -127.77 -22.84 59.23
C ASN Q 178 -127.27 -24.16 59.80
N GLY Q 179 -126.08 -24.57 59.35
CA GLY Q 179 -125.29 -25.60 59.99
C GLY Q 179 -125.93 -26.98 60.10
N ALA Q 180 -125.99 -27.49 61.31
CA ALA Q 180 -126.62 -28.80 61.57
C ALA Q 180 -128.08 -28.66 61.95
N LYS Q 181 -128.83 -27.91 61.12
CA LYS Q 181 -130.29 -27.82 61.16
C LYS Q 181 -130.82 -27.34 62.51
N THR Q 182 -130.14 -26.38 63.13
CA THR Q 182 -130.44 -26.00 64.50
C THR Q 182 -131.13 -24.64 64.64
N ALA Q 183 -131.10 -23.79 63.62
CA ALA Q 183 -131.66 -22.46 63.74
C ALA Q 183 -132.06 -21.93 62.38
N TYR Q 184 -133.29 -21.43 62.28
CA TYR Q 184 -133.76 -20.81 61.06
C TYR Q 184 -133.34 -19.34 61.02
N ARG Q 185 -133.55 -18.69 59.88
CA ARG Q 185 -133.17 -17.29 59.72
C ARG Q 185 -134.11 -16.66 58.69
N VAL Q 186 -135.10 -15.93 59.16
CA VAL Q 186 -136.03 -15.23 58.29
C VAL Q 186 -135.44 -13.86 57.97
N ASN Q 187 -135.59 -13.42 56.72
CA ASN Q 187 -134.94 -12.17 56.29
C ASN Q 187 -135.86 -11.47 55.31
N LEU Q 188 -136.64 -10.51 55.79
CA LEU Q 188 -137.43 -9.63 54.94
C LEU Q 188 -136.66 -8.38 54.60
N LYS Q 189 -137.08 -7.70 53.53
CA LYS Q 189 -136.45 -6.47 53.09
C LYS Q 189 -137.43 -5.72 52.20
N LEU Q 190 -137.81 -4.51 52.61
CA LEU Q 190 -138.77 -3.71 51.87
C LEU Q 190 -138.05 -2.50 51.27
N ASP Q 191 -137.99 -2.45 49.94
CA ASP Q 191 -137.40 -1.32 49.24
C ASP Q 191 -138.48 -0.31 48.89
N GLN Q 192 -138.14 0.97 48.92
CA GLN Q 192 -139.06 2.01 48.50
C GLN Q 192 -138.27 3.13 47.84
N ALA Q 193 -138.31 3.16 46.51
CA ALA Q 193 -137.64 4.20 45.73
C ALA Q 193 -138.63 5.31 45.43
N ASP Q 194 -138.16 6.54 45.56
CA ASP Q 194 -139.01 7.71 45.35
C ASP Q 194 -138.88 8.15 43.89
N VAL Q 195 -139.90 7.86 43.10
CA VAL Q 195 -139.92 8.22 41.69
C VAL Q 195 -140.61 9.57 41.56
N VAL Q 196 -140.24 10.33 40.53
CA VAL Q 196 -140.82 11.64 40.28
C VAL Q 196 -140.93 11.82 38.77
N ASP Q 197 -141.97 12.54 38.35
CA ASP Q 197 -142.21 12.82 36.93
C ASP Q 197 -142.21 14.32 36.71
N CYS Q 198 -141.40 14.77 35.76
CA CYS Q 198 -141.26 16.18 35.44
C CYS Q 198 -141.99 16.53 34.14
N SER Q 199 -142.99 15.72 33.77
CA SER Q 199 -143.68 15.88 32.49
C SER Q 199 -144.52 17.15 32.46
N THR Q 200 -145.01 17.62 33.60
CA THR Q 200 -145.71 18.90 33.63
C THR Q 200 -144.72 20.06 33.46
N SER Q 201 -143.52 19.93 34.01
CA SER Q 201 -142.48 20.92 33.89
C SER Q 201 -141.74 20.84 32.55
N VAL Q 202 -141.16 19.69 32.24
CA VAL Q 202 -140.39 19.49 31.01
C VAL Q 202 -141.06 18.41 30.18
N CYS Q 203 -141.39 18.73 28.95
CA CYS Q 203 -141.96 17.74 28.05
C CYS Q 203 -140.93 16.69 27.63
N GLY Q 204 -141.42 15.51 27.29
CA GLY Q 204 -140.55 14.43 26.90
C GLY Q 204 -139.74 13.84 28.03
N GLU Q 205 -140.16 14.03 29.26
CA GLU Q 205 -139.43 13.56 30.43
C GLU Q 205 -140.09 12.32 30.99
N LEU Q 206 -139.37 11.21 30.98
CA LEU Q 206 -139.83 9.98 31.58
C LEU Q 206 -139.46 9.97 33.07
N PRO Q 207 -140.22 9.25 33.90
CA PRO Q 207 -139.95 9.26 35.34
C PRO Q 207 -138.63 8.58 35.70
N LYS Q 208 -138.05 9.02 36.81
CA LYS Q 208 -136.78 8.51 37.29
C LYS Q 208 -136.78 8.54 38.81
N VAL Q 209 -135.87 7.78 39.40
CA VAL Q 209 -135.79 7.66 40.85
C VAL Q 209 -134.74 8.62 41.39
N ARG Q 210 -135.03 9.23 42.54
CA ARG Q 210 -134.07 10.11 43.18
C ARG Q 210 -133.20 9.34 44.16
N TYR Q 211 -133.82 8.68 45.13
CA TYR Q 211 -133.11 7.94 46.17
C TYR Q 211 -133.86 6.65 46.43
N THR Q 212 -133.36 5.87 47.38
CA THR Q 212 -134.07 4.68 47.85
C THR Q 212 -133.88 4.55 49.35
N GLN Q 213 -134.88 3.98 50.02
CA GLN Q 213 -134.88 3.82 51.46
C GLN Q 213 -135.41 2.44 51.80
N VAL Q 214 -134.62 1.66 52.52
CA VAL Q 214 -134.94 0.27 52.80
C VAL Q 214 -135.31 0.12 54.27
N TRP Q 215 -135.91 -1.01 54.60
CA TRP Q 215 -136.14 -1.44 55.98
C TRP Q 215 -136.11 -2.96 55.98
N SER Q 216 -134.94 -3.51 56.25
CA SER Q 216 -134.81 -4.95 56.28
C SER Q 216 -134.94 -5.49 57.70
N HIS Q 217 -135.34 -6.75 57.79
CA HIS Q 217 -135.51 -7.44 59.06
C HIS Q 217 -134.59 -8.64 59.06
N ASP Q 218 -134.25 -9.12 60.26
CA ASP Q 218 -133.38 -10.28 60.39
C ASP Q 218 -133.81 -11.03 61.64
N VAL Q 219 -134.70 -12.00 61.46
CA VAL Q 219 -135.23 -12.79 62.56
C VAL Q 219 -134.40 -14.05 62.70
N THR Q 220 -134.04 -14.40 63.93
CA THR Q 220 -133.33 -15.63 64.23
C THR Q 220 -134.25 -16.51 65.07
N ILE Q 221 -134.52 -17.71 64.60
CA ILE Q 221 -135.43 -18.65 65.24
C ILE Q 221 -134.70 -19.96 65.42
N VAL Q 222 -134.54 -20.40 66.66
CA VAL Q 222 -133.89 -21.69 66.90
C VAL Q 222 -134.92 -22.80 66.76
N ALA Q 223 -134.44 -23.99 66.41
CA ALA Q 223 -135.33 -25.04 65.93
C ALA Q 223 -136.13 -25.70 67.03
N ASN Q 224 -135.54 -25.87 68.22
CA ASN Q 224 -136.21 -26.54 69.32
C ASN Q 224 -136.94 -25.58 70.24
N SER Q 225 -137.47 -24.50 69.69
CA SER Q 225 -138.16 -23.46 70.45
C SER Q 225 -139.48 -23.97 71.01
N THR Q 226 -140.09 -23.12 71.82
CA THR Q 226 -141.49 -23.26 72.17
C THR Q 226 -142.27 -22.35 71.23
N GLU Q 227 -143.48 -22.76 70.85
CA GLU Q 227 -144.30 -21.90 70.01
C GLU Q 227 -144.79 -20.66 70.75
N ALA Q 228 -144.85 -20.74 72.08
CA ALA Q 228 -145.20 -19.56 72.87
C ALA Q 228 -144.07 -18.56 72.94
N SER Q 229 -142.84 -18.97 72.67
CA SER Q 229 -141.73 -18.02 72.66
C SER Q 229 -141.51 -17.42 71.28
N ARG Q 230 -141.91 -18.14 70.23
CA ARG Q 230 -141.92 -17.54 68.90
C ARG Q 230 -143.07 -16.57 68.75
N LYS Q 231 -144.19 -16.85 69.40
CA LYS Q 231 -145.34 -15.94 69.35
C LYS Q 231 -145.06 -14.66 70.14
N SER Q 232 -144.40 -14.78 71.29
CA SER Q 232 -144.13 -13.60 72.11
C SER Q 232 -143.02 -12.74 71.51
N LEU Q 233 -142.11 -13.34 70.75
CA LEU Q 233 -141.11 -12.54 70.05
C LEU Q 233 -141.73 -11.74 68.92
N TYR Q 234 -142.70 -12.32 68.21
CA TYR Q 234 -143.41 -11.59 67.18
C TYR Q 234 -144.29 -10.51 67.78
N ASP Q 235 -144.95 -10.82 68.89
CA ASP Q 235 -145.86 -9.89 69.54
C ASP Q 235 -145.14 -8.69 70.14
N LEU Q 236 -143.87 -8.82 70.52
CA LEU Q 236 -143.12 -7.68 71.02
C LEU Q 236 -142.64 -6.81 69.88
N THR Q 237 -142.22 -7.42 68.76
CA THR Q 237 -141.79 -6.64 67.61
C THR Q 237 -142.97 -5.99 66.89
N LYS Q 238 -144.14 -6.63 66.93
CA LYS Q 238 -145.34 -6.00 66.41
C LYS Q 238 -145.73 -4.79 67.25
N SER Q 239 -145.46 -4.85 68.55
CA SER Q 239 -145.76 -3.73 69.43
C SER Q 239 -144.61 -2.73 69.52
N LEU Q 240 -143.40 -3.12 69.14
CA LEU Q 240 -142.29 -2.17 69.13
C LEU Q 240 -142.42 -1.18 67.98
N VAL Q 241 -142.70 -1.69 66.77
CA VAL Q 241 -142.83 -0.83 65.59
C VAL Q 241 -144.06 0.06 65.72
N ALA Q 242 -145.11 -0.41 66.37
CA ALA Q 242 -146.33 0.36 66.51
C ALA Q 242 -146.24 1.50 67.51
N THR Q 243 -145.16 1.60 68.28
CA THR Q 243 -145.01 2.69 69.23
C THR Q 243 -144.68 3.99 68.52
N SER Q 244 -144.95 5.10 69.21
CA SER Q 244 -144.64 6.41 68.67
C SER Q 244 -143.22 6.85 68.97
N GLN Q 245 -142.43 6.02 69.65
CA GLN Q 245 -141.02 6.35 69.87
C GLN Q 245 -140.18 5.89 68.69
N VAL Q 246 -140.51 4.75 68.10
CA VAL Q 246 -139.84 4.30 66.88
C VAL Q 246 -140.35 5.05 65.67
N GLU Q 247 -141.55 5.64 65.76
CA GLU Q 247 -142.04 6.48 64.67
C GLU Q 247 -141.19 7.73 64.53
N ASP Q 248 -140.86 8.38 65.64
CA ASP Q 248 -139.99 9.55 65.61
C ASP Q 248 -138.53 9.20 65.37
N LEU Q 249 -138.13 7.95 65.61
CA LEU Q 249 -136.75 7.56 65.36
C LEU Q 249 -136.46 7.42 63.87
N VAL Q 250 -137.47 7.07 63.08
CA VAL Q 250 -137.29 6.92 61.65
C VAL Q 250 -137.66 8.19 60.90
N VAL Q 251 -138.72 8.87 61.33
CA VAL Q 251 -139.15 10.08 60.65
C VAL Q 251 -138.26 11.26 61.03
N ASN Q 252 -138.06 11.50 62.33
CA ASN Q 252 -137.37 12.69 62.79
C ASN Q 252 -136.03 12.42 63.47
N LEU Q 253 -135.57 11.17 63.49
CA LEU Q 253 -134.28 10.75 64.08
C LEU Q 253 -134.16 11.08 65.56
N VAL Q 254 -135.27 11.10 66.28
CA VAL Q 254 -135.27 11.33 67.72
C VAL Q 254 -134.92 10.01 68.41
N PRO Q 255 -133.94 9.99 69.32
CA PRO Q 255 -133.57 8.72 69.97
C PRO Q 255 -134.65 8.22 70.92
N LEU Q 256 -134.54 6.94 71.26
CA LEU Q 256 -135.55 6.28 72.07
C LEU Q 256 -135.39 6.64 73.54
N GLY Q 257 -136.48 6.46 74.29
CA GLY Q 257 -136.45 6.68 75.73
C GLY Q 257 -137.10 7.97 76.18
N ARG Q 258 -138.10 7.86 77.04
CA ARG Q 258 -138.76 9.04 77.59
C ARG Q 258 -139.04 8.85 79.07
N SER R 1 -150.37 -27.08 49.65
CA SER R 1 -150.19 -26.83 48.23
C SER R 1 -149.87 -28.11 47.48
N LYS R 2 -148.56 -28.38 47.32
CA LYS R 2 -148.08 -29.56 46.61
C LYS R 2 -147.74 -30.64 47.62
N THR R 3 -148.43 -31.77 47.54
CA THR R 3 -148.39 -32.78 48.57
C THR R 3 -148.16 -34.18 48.00
N ILE R 4 -147.53 -35.03 48.82
CA ILE R 4 -147.54 -36.47 48.64
C ILE R 4 -148.19 -37.09 49.85
N VAL R 5 -149.11 -38.02 49.63
CA VAL R 5 -149.83 -38.68 50.72
C VAL R 5 -149.32 -40.12 50.83
N LEU R 6 -148.77 -40.45 52.00
CA LEU R 6 -148.21 -41.78 52.26
C LEU R 6 -149.17 -42.51 53.20
N SER R 7 -149.97 -43.41 52.65
CA SER R 7 -150.91 -44.18 53.45
C SER R 7 -150.20 -45.36 54.10
N VAL R 8 -150.31 -45.47 55.42
CA VAL R 8 -149.59 -46.47 56.19
C VAL R 8 -150.66 -47.42 56.74
N GLY R 9 -151.71 -47.63 55.96
CA GLY R 9 -152.86 -48.37 56.40
C GLY R 9 -154.09 -47.51 56.26
N GLU R 10 -154.68 -47.10 57.39
CA GLU R 10 -155.73 -46.09 57.38
C GLU R 10 -155.23 -44.71 57.77
N ALA R 11 -154.05 -44.62 58.38
CA ALA R 11 -153.47 -43.33 58.73
C ALA R 11 -152.62 -42.82 57.58
N THR R 12 -152.83 -41.56 57.19
CA THR R 12 -152.11 -40.94 56.08
C THR R 12 -151.22 -39.85 56.63
N ARG R 13 -149.95 -39.85 56.22
CA ARG R 13 -148.98 -38.84 56.64
C ARG R 13 -148.71 -37.94 55.43
N THR R 14 -149.33 -36.77 55.42
CA THR R 14 -149.28 -35.88 54.26
C THR R 14 -148.07 -34.96 54.37
N LEU R 15 -147.10 -35.15 53.49
CA LEU R 15 -145.96 -34.25 53.39
C LEU R 15 -146.30 -33.11 52.45
N THR R 16 -145.75 -31.93 52.73
CA THR R 16 -145.96 -30.77 51.89
C THR R 16 -144.60 -30.26 51.41
N GLU R 17 -144.61 -29.64 50.24
CA GLU R 17 -143.37 -29.13 49.65
C GLU R 17 -142.98 -27.81 50.31
N ILE R 18 -141.72 -27.72 50.72
CA ILE R 18 -141.21 -26.53 51.41
C ILE R 18 -140.11 -25.82 50.64
N GLN R 19 -139.54 -26.44 49.60
CA GLN R 19 -138.41 -25.85 48.89
C GLN R 19 -138.35 -26.49 47.51
N SER R 20 -138.04 -25.67 46.50
CA SER R 20 -137.99 -26.16 45.12
C SER R 20 -136.88 -25.42 44.39
N THR R 21 -135.78 -26.11 44.15
CA THR R 21 -134.68 -25.59 43.36
C THR R 21 -134.97 -26.00 41.90
N ALA R 22 -133.98 -25.91 41.01
CA ALA R 22 -134.15 -26.36 39.62
C ALA R 22 -134.43 -27.85 39.56
N ASP R 23 -133.60 -28.66 40.20
CA ASP R 23 -133.76 -30.10 40.23
C ASP R 23 -134.15 -30.63 41.61
N ARG R 24 -133.51 -30.14 42.67
CA ARG R 24 -133.79 -30.61 44.02
C ARG R 24 -135.14 -30.10 44.49
N GLN R 25 -135.83 -30.92 45.29
CA GLN R 25 -137.22 -30.64 45.64
C GLN R 25 -137.49 -31.30 46.99
N ILE R 26 -137.64 -30.49 48.03
CA ILE R 26 -137.69 -30.95 49.41
C ILE R 26 -139.12 -30.90 49.91
N PHE R 27 -139.63 -32.03 50.39
CA PHE R 27 -140.92 -32.12 51.04
C PHE R 27 -140.73 -32.26 52.55
N GLU R 28 -141.80 -31.99 53.29
CA GLU R 28 -141.75 -32.07 54.74
C GLU R 28 -143.16 -32.21 55.29
N GLU R 29 -143.28 -32.88 56.44
CA GLU R 29 -144.54 -33.01 57.14
C GLU R 29 -144.68 -31.90 58.17
N LYS R 30 -145.80 -31.18 58.11
CA LYS R 30 -145.97 -29.95 58.85
C LYS R 30 -146.68 -30.12 60.20
N VAL R 31 -146.62 -31.30 60.80
CA VAL R 31 -147.22 -31.49 62.12
C VAL R 31 -146.12 -31.61 63.17
N GLY R 32 -146.44 -31.21 64.40
CA GLY R 32 -145.56 -31.38 65.52
C GLY R 32 -144.57 -30.24 65.68
N PRO R 33 -143.52 -30.46 66.47
CA PRO R 33 -142.48 -29.43 66.64
C PRO R 33 -141.64 -29.21 65.40
N LEU R 34 -140.74 -28.23 65.47
CA LEU R 34 -139.95 -27.82 64.32
C LEU R 34 -138.66 -28.62 64.16
N VAL R 35 -138.23 -29.35 65.18
CA VAL R 35 -136.87 -29.88 65.20
C VAL R 35 -136.74 -31.14 64.36
N GLY R 36 -137.65 -32.10 64.49
CA GLY R 36 -137.53 -33.33 63.72
C GLY R 36 -138.81 -33.69 63.01
N ARG R 37 -138.77 -33.70 61.68
CA ARG R 37 -139.94 -33.98 60.86
C ARG R 37 -139.55 -34.94 59.76
N LEU R 38 -140.57 -35.53 59.13
CA LEU R 38 -140.34 -36.32 57.93
C LEU R 38 -139.81 -35.45 56.82
N ARG R 39 -138.87 -36.00 56.05
CA ARG R 39 -138.21 -35.27 55.00
C ARG R 39 -138.14 -36.14 53.76
N LEU R 40 -138.27 -35.53 52.60
CA LEU R 40 -138.23 -36.28 51.34
C LEU R 40 -137.57 -35.37 50.31
N THR R 41 -136.36 -35.73 49.91
CA THR R 41 -135.55 -34.91 49.02
C THR R 41 -135.46 -35.59 47.66
N ALA R 42 -136.41 -35.29 46.78
CA ALA R 42 -136.37 -35.80 45.43
C ALA R 42 -135.34 -35.01 44.61
N SER R 43 -134.94 -35.61 43.49
CA SER R 43 -133.98 -34.99 42.58
C SER R 43 -134.14 -35.63 41.22
N LEU R 44 -133.58 -34.96 40.21
CA LEU R 44 -133.58 -35.47 38.84
C LEU R 44 -132.49 -34.75 38.07
N ARG R 45 -131.53 -35.51 37.54
CA ARG R 45 -130.42 -34.95 36.79
C ARG R 45 -130.35 -35.64 35.44
N GLN R 46 -129.32 -35.30 34.67
CA GLN R 46 -128.92 -36.12 33.52
C GLN R 46 -127.41 -35.96 33.34
N ASN R 47 -126.68 -37.05 33.55
CA ASN R 47 -125.23 -37.02 33.56
C ASN R 47 -124.68 -37.34 32.18
N GLY R 48 -123.55 -36.71 31.85
CA GLY R 48 -122.84 -36.99 30.62
C GLY R 48 -123.37 -36.24 29.43
N ALA R 49 -123.45 -36.92 28.29
CA ALA R 49 -123.88 -36.30 27.04
C ALA R 49 -125.38 -36.49 26.82
N LYS R 50 -126.15 -36.09 27.85
CA LYS R 50 -127.61 -36.04 27.82
C LYS R 50 -128.25 -37.39 27.52
N THR R 51 -127.62 -38.48 27.98
CA THR R 51 -128.05 -39.82 27.59
C THR R 51 -128.65 -40.64 28.72
N ALA R 52 -128.45 -40.26 29.98
CA ALA R 52 -128.92 -41.05 31.10
C ALA R 52 -129.37 -40.13 32.23
N TYR R 53 -130.62 -40.28 32.65
CA TYR R 53 -131.14 -39.53 33.77
C TYR R 53 -130.80 -40.22 35.08
N ARG R 54 -131.06 -39.53 36.19
CA ARG R 54 -130.70 -40.05 37.51
C ARG R 54 -131.70 -39.50 38.53
N VAL R 55 -132.65 -40.33 38.93
CA VAL R 55 -133.57 -39.98 40.01
C VAL R 55 -132.92 -40.35 41.33
N ASN R 56 -133.18 -39.54 42.36
CA ASN R 56 -132.50 -39.72 43.64
C ASN R 56 -133.46 -39.28 44.75
N LEU R 57 -134.19 -40.23 45.31
CA LEU R 57 -135.06 -39.97 46.45
C LEU R 57 -134.31 -40.27 47.74
N LYS R 58 -134.78 -39.65 48.83
CA LYS R 58 -134.15 -39.82 50.13
C LYS R 58 -135.19 -39.47 51.19
N LEU R 59 -135.63 -40.46 51.95
CA LEU R 59 -136.64 -40.28 52.98
C LEU R 59 -135.96 -40.32 54.34
N ASP R 60 -135.84 -39.16 54.99
CA ASP R 60 -135.30 -39.10 56.33
C ASP R 60 -136.41 -39.36 57.34
N GLN R 61 -136.02 -39.81 58.52
CA GLN R 61 -136.95 -39.97 59.63
C GLN R 61 -136.19 -39.82 60.93
N ALA R 62 -136.46 -38.74 61.66
CA ALA R 62 -135.83 -38.48 62.94
C ALA R 62 -136.75 -38.96 64.06
N ASP R 63 -136.14 -39.51 65.11
CA ASP R 63 -136.90 -39.97 66.28
C ASP R 63 -136.79 -38.90 67.35
N VAL R 64 -137.73 -37.99 67.35
CA VAL R 64 -137.75 -36.88 68.30
C VAL R 64 -138.51 -37.35 69.54
N VAL R 65 -138.10 -36.85 70.71
CA VAL R 65 -138.74 -37.19 71.97
C VAL R 65 -138.89 -35.91 72.79
N ASP R 66 -140.05 -35.72 73.40
CA ASP R 66 -140.35 -34.54 74.20
C ASP R 66 -140.41 -34.96 75.66
N CYS R 67 -139.40 -34.58 76.43
CA CYS R 67 -139.25 -35.01 77.82
C CYS R 67 -139.43 -33.82 78.76
N SER R 68 -140.29 -32.89 78.37
CA SER R 68 -140.49 -31.68 79.19
C SER R 68 -141.32 -31.95 80.43
N THR R 69 -142.13 -33.01 80.43
CA THR R 69 -142.99 -33.28 81.58
C THR R 69 -142.27 -34.10 82.64
N SER R 70 -141.42 -35.02 82.22
CA SER R 70 -140.75 -35.90 83.16
C SER R 70 -139.60 -35.17 83.87
N VAL R 71 -138.59 -34.75 83.12
CA VAL R 71 -137.53 -33.91 83.67
C VAL R 71 -137.89 -32.46 83.35
N CYS R 72 -137.75 -31.58 84.32
CA CYS R 72 -138.20 -30.21 84.17
C CYS R 72 -137.19 -29.39 83.38
N GLY R 73 -137.68 -28.64 82.41
CA GLY R 73 -136.90 -27.60 81.78
C GLY R 73 -136.05 -28.00 80.59
N GLU R 74 -136.47 -28.99 79.81
CA GLU R 74 -135.76 -29.30 78.58
C GLU R 74 -136.73 -29.46 77.43
N LEU R 75 -136.17 -29.43 76.23
CA LEU R 75 -136.88 -29.23 74.98
C LEU R 75 -136.97 -30.53 74.19
N PRO R 76 -137.78 -30.61 73.12
CA PRO R 76 -137.72 -31.78 72.24
C PRO R 76 -136.36 -31.89 71.55
N LYS R 77 -136.00 -33.12 71.23
CA LYS R 77 -134.61 -33.45 70.92
C LYS R 77 -134.59 -34.69 70.05
N VAL R 78 -133.75 -34.67 69.02
CA VAL R 78 -133.64 -35.77 68.07
C VAL R 78 -132.66 -36.80 68.60
N ARG R 79 -133.13 -38.02 68.81
CA ARG R 79 -132.25 -39.11 69.22
C ARG R 79 -131.37 -39.55 68.07
N TYR R 80 -131.97 -40.00 66.97
CA TYR R 80 -131.25 -40.53 65.82
C TYR R 80 -132.07 -40.26 64.56
N THR R 81 -131.44 -40.49 63.40
CA THR R 81 -132.11 -40.42 62.12
C THR R 81 -131.85 -41.70 61.35
N GLN R 82 -132.89 -42.19 60.66
CA GLN R 82 -132.79 -43.37 59.81
C GLN R 82 -133.30 -43.01 58.43
N VAL R 83 -132.47 -43.23 57.41
CA VAL R 83 -132.79 -42.82 56.05
C VAL R 83 -133.09 -44.07 55.22
N TRP R 84 -133.69 -43.85 54.05
CA TRP R 84 -133.83 -44.88 53.04
C TRP R 84 -133.72 -44.18 51.69
N SER R 85 -132.52 -44.16 51.13
CA SER R 85 -132.30 -43.48 49.86
C SER R 85 -132.67 -44.40 48.70
N HIS R 86 -132.84 -43.79 47.53
CA HIS R 86 -133.00 -44.50 46.27
C HIS R 86 -132.11 -43.83 45.24
N ASP R 87 -131.70 -44.60 44.24
CA ASP R 87 -130.86 -44.07 43.16
C ASP R 87 -131.20 -44.84 41.89
N VAL R 88 -132.10 -44.28 41.11
CA VAL R 88 -132.54 -44.90 39.87
C VAL R 88 -131.74 -44.33 38.71
N THR R 89 -131.23 -45.21 37.86
CA THR R 89 -130.53 -44.81 36.65
C THR R 89 -131.38 -45.17 35.44
N ILE R 90 -131.79 -44.17 34.68
CA ILE R 90 -132.67 -44.35 33.53
C ILE R 90 -131.96 -43.79 32.32
N VAL R 91 -131.78 -44.61 31.29
CA VAL R 91 -131.21 -44.14 30.04
C VAL R 91 -132.31 -43.56 29.17
N ALA R 92 -131.94 -42.55 28.38
CA ALA R 92 -132.93 -41.66 27.77
C ALA R 92 -133.70 -42.31 26.65
N ASN R 93 -133.06 -43.16 25.84
CA ASN R 93 -133.70 -43.77 24.68
C ASN R 93 -134.35 -45.11 24.99
N SER R 94 -134.83 -45.29 26.23
CA SER R 94 -135.49 -46.53 26.62
C SER R 94 -136.86 -46.64 25.96
N THR R 95 -137.43 -47.84 26.06
CA THR R 95 -138.84 -48.02 25.81
C THR R 95 -139.59 -47.87 27.14
N GLU R 96 -140.90 -47.66 27.05
CA GLU R 96 -141.67 -47.41 28.26
C GLU R 96 -141.84 -48.68 29.09
N ALA R 97 -141.87 -49.84 28.44
CA ALA R 97 -141.97 -51.10 29.17
C ALA R 97 -140.69 -51.44 29.91
N SER R 98 -139.55 -50.87 29.52
CA SER R 98 -138.33 -51.06 30.28
C SER R 98 -138.38 -50.29 31.60
N ARG R 99 -138.91 -49.07 31.57
CA ARG R 99 -139.05 -48.27 32.77
C ARG R 99 -140.19 -48.73 33.64
N LYS R 100 -141.28 -49.24 33.05
CA LYS R 100 -142.42 -49.68 33.83
C LYS R 100 -142.12 -50.99 34.55
N SER R 101 -141.40 -51.90 33.90
CA SER R 101 -141.11 -53.19 34.52
C SER R 101 -140.05 -53.06 35.61
N LEU R 102 -139.13 -52.10 35.45
CA LEU R 102 -138.16 -51.85 36.50
C LEU R 102 -138.83 -51.26 37.74
N TYR R 103 -139.82 -50.40 37.54
CA TYR R 103 -140.59 -49.90 38.66
C TYR R 103 -141.47 -50.99 39.26
N ASP R 104 -142.05 -51.83 38.42
CA ASP R 104 -142.94 -52.89 38.89
C ASP R 104 -142.21 -53.98 39.66
N LEU R 105 -140.91 -54.16 39.41
CA LEU R 105 -140.13 -55.12 40.17
C LEU R 105 -139.72 -54.53 41.52
N THR R 106 -139.32 -53.25 41.53
CA THR R 106 -138.87 -52.63 42.77
C THR R 106 -140.05 -52.34 43.70
N LYS R 107 -141.24 -52.10 43.13
CA LYS R 107 -142.45 -51.98 43.93
C LYS R 107 -142.79 -53.31 44.59
N SER R 108 -142.52 -54.41 43.92
CA SER R 108 -142.76 -55.73 44.47
C SER R 108 -141.58 -56.25 45.28
N LEU R 109 -140.39 -55.71 45.07
CA LEU R 109 -139.25 -56.09 45.91
C LEU R 109 -139.42 -55.57 47.32
N VAL R 110 -139.80 -54.30 47.47
CA VAL R 110 -139.96 -53.70 48.78
C VAL R 110 -141.18 -54.29 49.50
N ALA R 111 -142.23 -54.62 48.76
CA ALA R 111 -143.47 -55.09 49.36
C ALA R 111 -143.42 -56.53 49.83
N THR R 112 -142.31 -57.24 49.64
CA THR R 112 -142.24 -58.63 50.08
C THR R 112 -141.86 -58.70 51.55
N SER R 113 -142.05 -59.87 52.14
CA SER R 113 -141.78 -60.06 53.56
C SER R 113 -140.34 -60.46 53.84
N GLN R 114 -139.48 -60.52 52.83
CA GLN R 114 -138.07 -60.81 53.07
C GLN R 114 -137.25 -59.55 53.24
N VAL R 115 -137.61 -58.48 52.52
CA VAL R 115 -136.96 -57.19 52.71
C VAL R 115 -137.51 -56.49 53.96
N GLU R 116 -138.70 -56.90 54.41
CA GLU R 116 -139.21 -56.40 55.68
C GLU R 116 -138.34 -56.87 56.84
N ASP R 117 -138.00 -58.16 56.86
CA ASP R 117 -137.16 -58.69 57.93
C ASP R 117 -135.70 -58.26 57.78
N LEU R 118 -135.32 -57.75 56.61
CA LEU R 118 -133.93 -57.31 56.41
C LEU R 118 -133.67 -55.95 57.02
N VAL R 119 -134.67 -55.07 57.07
CA VAL R 119 -134.45 -53.73 57.60
C VAL R 119 -135.01 -53.60 59.01
N VAL R 120 -135.92 -54.51 59.38
CA VAL R 120 -136.46 -54.45 60.73
C VAL R 120 -135.67 -55.38 61.66
N ASN R 121 -135.46 -56.62 61.24
CA ASN R 121 -134.84 -57.63 62.09
C ASN R 121 -133.46 -58.05 61.61
N LEU R 122 -132.95 -57.43 60.55
CA LEU R 122 -131.59 -57.59 60.02
C LEU R 122 -131.29 -59.01 59.57
N VAL R 123 -132.31 -59.75 59.13
CA VAL R 123 -132.12 -61.11 58.63
C VAL R 123 -131.83 -61.05 57.13
N PRO R 124 -130.83 -61.77 56.63
CA PRO R 124 -130.51 -61.68 55.19
C PRO R 124 -131.59 -62.31 54.31
N LEU R 125 -131.45 -62.05 53.01
CA LEU R 125 -132.47 -62.42 52.04
C LEU R 125 -132.33 -63.88 51.64
N GLY R 126 -133.40 -64.41 51.06
CA GLY R 126 -133.40 -65.77 50.56
C GLY R 126 -133.90 -66.79 51.56
N ARG R 127 -134.90 -67.56 51.17
CA ARG R 127 -135.46 -68.62 52.01
C ARG R 127 -135.62 -69.87 51.17
N ALA R 128 -135.04 -70.98 51.64
CA ALA R 128 -135.02 -72.23 50.89
C ALA R 128 -136.27 -73.04 51.19
N TYR R 129 -137.16 -73.13 50.20
CA TYR R 129 -138.31 -74.05 50.24
C TYR R 129 -138.27 -74.91 48.99
N GLY R 130 -137.71 -76.10 49.13
CA GLY R 130 -137.64 -77.06 48.04
C GLY R 130 -136.60 -76.73 46.99
N GLY R 131 -135.33 -76.78 47.39
CA GLY R 131 -134.24 -76.50 46.46
C GLY R 131 -133.21 -75.55 47.06
N SER R 132 -133.02 -74.40 46.41
CA SER R 132 -132.12 -73.38 46.93
C SER R 132 -132.93 -72.23 47.53
N LYS R 133 -132.21 -71.19 47.95
CA LYS R 133 -132.84 -70.03 48.55
C LYS R 133 -133.31 -69.07 47.46
N THR R 134 -134.62 -68.79 47.45
CA THR R 134 -135.22 -67.99 46.41
C THR R 134 -135.99 -66.81 47.00
N ILE R 135 -136.15 -65.77 46.19
CA ILE R 135 -137.04 -64.66 46.49
C ILE R 135 -137.90 -64.41 45.25
N VAL R 136 -139.22 -64.43 45.44
CA VAL R 136 -140.16 -64.31 44.33
C VAL R 136 -140.65 -62.87 44.26
N LEU R 137 -140.89 -62.39 43.04
CA LEU R 137 -141.30 -61.01 42.80
C LEU R 137 -142.55 -61.06 41.93
N SER R 138 -143.72 -60.94 42.56
CA SER R 138 -144.98 -60.96 41.83
C SER R 138 -145.22 -59.62 41.14
N VAL R 139 -145.43 -59.67 39.83
CA VAL R 139 -145.58 -58.47 39.01
C VAL R 139 -147.04 -58.49 38.56
N GLY R 140 -147.91 -58.92 39.47
CA GLY R 140 -149.28 -59.23 39.13
C GLY R 140 -149.51 -60.71 39.29
N GLU R 141 -149.64 -61.43 38.18
CA GLU R 141 -149.65 -62.89 38.20
C GLU R 141 -148.32 -63.51 37.82
N ALA R 142 -147.50 -62.80 37.04
CA ALA R 142 -146.20 -63.31 36.65
C ALA R 142 -145.22 -63.19 37.81
N THR R 143 -144.68 -64.32 38.26
CA THR R 143 -143.77 -64.36 39.38
C THR R 143 -142.37 -64.68 38.87
N ARG R 144 -141.52 -63.65 38.81
CA ARG R 144 -140.14 -63.80 38.36
C ARG R 144 -139.31 -64.25 39.54
N THR R 145 -139.05 -65.55 39.63
CA THR R 145 -138.38 -66.14 40.79
C THR R 145 -136.88 -66.02 40.61
N LEU R 146 -136.23 -65.24 41.47
CA LEU R 146 -134.78 -65.15 41.52
C LEU R 146 -134.23 -66.26 42.41
N THR R 147 -133.07 -66.80 42.01
CA THR R 147 -132.38 -67.82 42.78
C THR R 147 -131.03 -67.28 43.21
N GLU R 148 -130.63 -67.63 44.43
CA GLU R 148 -129.35 -67.16 44.95
C GLU R 148 -128.21 -67.92 44.32
N ILE R 149 -127.25 -67.19 43.74
CA ILE R 149 -126.10 -67.81 43.11
C ILE R 149 -124.82 -67.59 43.88
N GLN R 150 -124.81 -66.73 44.90
CA GLN R 150 -123.58 -66.42 45.60
C GLN R 150 -123.91 -65.99 47.02
N SER R 151 -122.99 -66.26 47.94
CA SER R 151 -123.11 -65.83 49.33
C SER R 151 -121.70 -65.51 49.81
N THR R 152 -121.34 -64.23 49.76
CA THR R 152 -120.02 -63.78 50.17
C THR R 152 -120.11 -63.50 51.69
N ALA R 153 -119.13 -62.81 52.27
CA ALA R 153 -119.16 -62.50 53.70
C ALA R 153 -120.32 -61.57 54.04
N ASP R 154 -120.50 -60.49 53.29
CA ASP R 154 -121.64 -59.61 53.47
C ASP R 154 -122.53 -59.60 52.24
N ARG R 155 -121.94 -59.66 51.04
CA ARG R 155 -122.67 -59.61 49.78
C ARG R 155 -123.51 -60.86 49.58
N GLN R 156 -124.53 -60.73 48.73
CA GLN R 156 -125.47 -61.82 48.49
C GLN R 156 -126.09 -61.57 47.12
N ILE R 157 -125.61 -62.27 46.10
CA ILE R 157 -126.01 -62.04 44.72
C ILE R 157 -127.08 -63.03 44.32
N PHE R 158 -128.23 -62.51 43.91
CA PHE R 158 -129.33 -63.29 43.38
C PHE R 158 -129.39 -63.10 41.87
N GLU R 159 -129.98 -64.06 41.18
CA GLU R 159 -130.05 -63.99 39.72
C GLU R 159 -131.19 -64.87 39.24
N GLU R 160 -131.92 -64.37 38.24
CA GLU R 160 -132.91 -65.17 37.56
C GLU R 160 -132.24 -66.04 36.51
N LYS R 161 -132.69 -67.30 36.42
CA LYS R 161 -131.96 -68.30 35.66
C LYS R 161 -132.58 -68.63 34.31
N VAL R 162 -133.64 -67.96 33.90
CA VAL R 162 -134.20 -68.20 32.58
C VAL R 162 -133.56 -67.24 31.58
N GLY R 163 -133.47 -67.69 30.33
CA GLY R 163 -132.97 -66.86 29.27
C GLY R 163 -131.47 -66.98 29.06
N PRO R 164 -130.90 -66.07 28.27
CA PRO R 164 -129.47 -66.14 27.98
C PRO R 164 -128.62 -65.69 29.17
N LEU R 165 -127.33 -65.98 29.08
CA LEU R 165 -126.38 -65.64 30.13
C LEU R 165 -125.99 -64.16 30.12
N VAL R 166 -126.28 -63.44 29.04
CA VAL R 166 -125.75 -62.09 28.91
C VAL R 166 -126.54 -61.08 29.74
N GLY R 167 -127.86 -61.07 29.62
CA GLY R 167 -128.66 -60.12 30.38
C GLY R 167 -129.69 -60.81 31.25
N ARG R 168 -129.50 -60.72 32.56
CA ARG R 168 -130.39 -61.36 33.52
C ARG R 168 -130.67 -60.40 34.66
N LEU R 169 -131.76 -60.66 35.38
CA LEU R 169 -132.05 -59.91 36.59
C LEU R 169 -131.01 -60.21 37.66
N ARG R 170 -130.57 -59.15 38.35
CA ARG R 170 -129.58 -59.28 39.38
C ARG R 170 -130.08 -58.62 40.66
N LEU R 171 -129.51 -59.02 41.79
CA LEU R 171 -129.89 -58.43 43.07
C LEU R 171 -128.68 -58.63 44.00
N THR R 172 -127.90 -57.57 44.19
CA THR R 172 -126.72 -57.63 45.04
C THR R 172 -127.07 -56.99 46.38
N ALA R 173 -127.67 -57.79 47.27
CA ALA R 173 -127.93 -57.33 48.62
C ALA R 173 -126.64 -57.24 49.42
N SER R 174 -126.70 -56.50 50.53
CA SER R 174 -125.52 -56.30 51.37
C SER R 174 -125.97 -55.93 52.77
N LEU R 175 -125.02 -55.96 53.70
CA LEU R 175 -125.27 -55.63 55.10
C LEU R 175 -123.92 -55.38 55.76
N ARG R 176 -123.78 -54.21 56.38
CA ARG R 176 -122.54 -53.84 57.05
C ARG R 176 -122.87 -53.26 58.42
N GLN R 177 -121.81 -52.91 59.16
CA GLN R 177 -121.96 -52.02 60.31
C GLN R 177 -120.68 -51.21 60.41
N ASN R 178 -120.80 -49.89 60.34
CA ASN R 178 -119.65 -49.00 60.24
C ASN R 178 -119.18 -48.58 61.63
N GLY R 179 -117.87 -48.37 61.74
CA GLY R 179 -117.27 -47.78 62.92
C GLY R 179 -117.33 -48.64 64.16
N ALA R 180 -117.76 -48.04 65.27
CA ALA R 180 -117.81 -48.74 66.55
C ALA R 180 -119.18 -49.36 66.80
N LYS R 181 -119.67 -50.14 65.82
CA LYS R 181 -120.88 -50.96 65.91
C LYS R 181 -122.12 -50.12 66.24
N THR R 182 -122.21 -48.91 65.68
CA THR R 182 -123.28 -47.99 66.05
C THR R 182 -124.37 -47.86 64.99
N ALA R 183 -124.13 -48.26 63.75
CA ALA R 183 -125.11 -48.08 62.70
C ALA R 183 -124.88 -49.12 61.61
N TYR R 184 -125.95 -49.78 61.20
CA TYR R 184 -125.90 -50.73 60.10
C TYR R 184 -126.12 -49.99 58.79
N ARG R 185 -125.98 -50.72 57.67
CA ARG R 185 -126.16 -50.11 56.36
C ARG R 185 -126.57 -51.22 55.38
N VAL R 186 -127.86 -51.26 55.06
CA VAL R 186 -128.36 -52.19 54.06
C VAL R 186 -128.24 -51.54 52.69
N ASN R 187 -127.96 -52.35 51.67
CA ASN R 187 -127.71 -51.81 50.34
C ASN R 187 -128.16 -52.84 49.30
N LEU R 188 -129.37 -52.65 48.77
CA LEU R 188 -129.86 -53.45 47.67
C LEU R 188 -129.58 -52.76 46.34
N LYS R 189 -129.60 -53.54 45.27
CA LYS R 189 -129.33 -53.01 43.93
C LYS R 189 -129.91 -53.99 42.92
N LEU R 190 -130.87 -53.54 42.12
CA LEU R 190 -131.55 -54.39 41.16
C LEU R 190 -131.24 -53.89 39.75
N ASP R 191 -130.43 -54.64 39.01
CA ASP R 191 -130.14 -54.32 37.62
C ASP R 191 -131.13 -55.02 36.71
N GLN R 192 -131.42 -54.40 35.57
CA GLN R 192 -132.33 -54.98 34.58
C GLN R 192 -131.83 -54.60 33.20
N ALA R 193 -131.06 -55.49 32.58
CA ALA R 193 -130.53 -55.27 31.25
C ALA R 193 -131.57 -55.68 30.23
N ASP R 194 -131.74 -54.84 29.20
CA ASP R 194 -132.73 -55.08 28.16
C ASP R 194 -132.05 -55.82 27.01
N VAL R 195 -132.31 -57.11 26.92
CA VAL R 195 -131.68 -57.97 25.92
C VAL R 195 -132.69 -58.23 24.81
N VAL R 196 -132.22 -58.16 23.56
CA VAL R 196 -133.06 -58.36 22.39
C VAL R 196 -132.39 -59.38 21.48
N ASP R 197 -133.21 -60.13 20.74
CA ASP R 197 -132.70 -61.13 19.80
C ASP R 197 -133.16 -60.78 18.39
N CYS R 198 -132.22 -60.80 17.45
CA CYS R 198 -132.49 -60.47 16.06
C CYS R 198 -132.50 -61.72 15.18
N SER R 199 -132.83 -62.87 15.76
CA SER R 199 -132.79 -64.13 15.03
C SER R 199 -133.87 -64.25 13.98
N THR R 200 -135.01 -63.56 14.17
CA THR R 200 -136.04 -63.55 13.15
C THR R 200 -135.62 -62.67 11.97
N SER R 201 -134.90 -61.59 12.25
CA SER R 201 -134.45 -60.66 11.23
C SER R 201 -133.16 -61.11 10.55
N VAL R 202 -132.11 -61.36 11.32
CA VAL R 202 -130.78 -61.67 10.79
C VAL R 202 -130.41 -63.08 11.23
N CYS R 203 -129.86 -63.87 10.30
CA CYS R 203 -129.41 -65.21 10.61
C CYS R 203 -128.25 -65.22 11.59
N GLY R 204 -128.27 -66.21 12.49
CA GLY R 204 -127.14 -66.48 13.35
C GLY R 204 -126.85 -65.42 14.38
N GLU R 205 -127.84 -64.61 14.75
CA GLU R 205 -127.66 -63.51 15.67
C GLU R 205 -127.95 -64.00 17.08
N LEU R 206 -126.93 -64.01 17.91
CA LEU R 206 -127.09 -64.34 19.31
C LEU R 206 -127.56 -63.08 20.06
N PRO R 207 -128.33 -63.26 21.15
CA PRO R 207 -128.88 -62.09 21.85
C PRO R 207 -127.81 -61.25 22.52
N LYS R 208 -128.11 -59.96 22.64
CA LYS R 208 -127.18 -58.99 23.22
C LYS R 208 -128.01 -57.93 23.92
N VAL R 209 -127.34 -57.17 24.79
CA VAL R 209 -127.99 -56.13 25.59
C VAL R 209 -127.81 -54.79 24.91
N ARG R 210 -128.80 -53.91 25.06
CA ARG R 210 -128.68 -52.56 24.54
C ARG R 210 -128.24 -51.58 25.62
N TYR R 211 -128.96 -51.57 26.74
CA TYR R 211 -128.67 -50.67 27.84
C TYR R 211 -128.89 -51.41 29.15
N THR R 212 -128.75 -50.70 30.27
CA THR R 212 -129.06 -51.26 31.57
C THR R 212 -129.62 -50.15 32.46
N GLN R 213 -130.56 -50.54 33.33
CA GLN R 213 -131.23 -49.61 34.23
C GLN R 213 -131.27 -50.22 35.61
N VAL R 214 -130.78 -49.49 36.61
CA VAL R 214 -130.65 -49.99 37.96
C VAL R 214 -131.61 -49.24 38.88
N TRP R 215 -131.80 -49.78 40.08
CA TRP R 215 -132.53 -49.11 41.15
C TRP R 215 -131.85 -49.55 42.46
N SER R 216 -130.95 -48.71 42.95
CA SER R 216 -130.28 -49.01 44.20
C SER R 216 -131.13 -48.57 45.38
N HIS R 217 -130.81 -49.12 46.54
CA HIS R 217 -131.34 -48.67 47.81
C HIS R 217 -130.19 -48.48 48.77
N ASP R 218 -130.38 -47.62 49.77
CA ASP R 218 -129.33 -47.38 50.75
C ASP R 218 -130.02 -47.05 52.07
N VAL R 219 -130.23 -48.07 52.88
CA VAL R 219 -130.91 -47.93 54.16
C VAL R 219 -129.86 -47.76 55.25
N THR R 220 -130.05 -46.77 56.11
CA THR R 220 -129.18 -46.55 57.26
C THR R 220 -129.98 -46.79 58.52
N ILE R 221 -129.53 -47.73 59.34
CA ILE R 221 -130.22 -48.15 60.55
C ILE R 221 -129.25 -48.02 61.71
N VAL R 222 -129.57 -47.18 62.68
CA VAL R 222 -128.72 -47.07 63.86
C VAL R 222 -129.01 -48.22 64.80
N ALA R 223 -128.03 -48.59 65.61
CA ALA R 223 -128.05 -49.87 66.32
C ALA R 223 -129.00 -49.86 67.51
N ASN R 224 -129.11 -48.74 68.22
CA ASN R 224 -129.94 -48.66 69.41
C ASN R 224 -131.34 -48.17 69.12
N SER R 225 -131.88 -48.50 67.95
CA SER R 225 -133.20 -48.09 67.51
C SER R 225 -134.29 -48.74 68.35
N THR R 226 -135.51 -48.26 68.13
CA THR R 226 -136.70 -48.99 68.51
C THR R 226 -137.14 -49.79 67.30
N GLU R 227 -137.70 -50.99 67.54
CA GLU R 227 -138.20 -51.80 66.44
C GLU R 227 -139.40 -51.15 65.77
N ALA R 228 -140.16 -50.34 66.52
CA ALA R 228 -141.27 -49.59 65.94
C ALA R 228 -140.80 -48.45 65.06
N SER R 229 -139.55 -48.01 65.20
CA SER R 229 -139.03 -46.97 64.31
C SER R 229 -138.39 -47.57 63.07
N ARG R 230 -137.91 -48.81 63.16
CA ARG R 230 -137.48 -49.52 61.95
C ARG R 230 -138.67 -50.00 61.15
N LYS R 231 -139.78 -50.31 61.82
CA LYS R 231 -140.98 -50.75 61.12
C LYS R 231 -141.65 -49.59 60.40
N SER R 232 -141.67 -48.41 61.01
CA SER R 232 -142.33 -47.27 60.38
C SER R 232 -141.51 -46.71 59.23
N LEU R 233 -140.18 -46.84 59.27
CA LEU R 233 -139.37 -46.43 58.14
C LEU R 233 -139.58 -47.34 56.93
N TYR R 234 -139.75 -48.64 57.17
CA TYR R 234 -140.05 -49.56 56.08
C TYR R 234 -141.47 -49.35 55.56
N ASP R 235 -142.41 -49.13 56.47
CA ASP R 235 -143.81 -48.93 56.10
C ASP R 235 -144.05 -47.65 55.32
N LEU R 236 -143.20 -46.64 55.50
CA LEU R 236 -143.33 -45.43 54.69
C LEU R 236 -142.70 -45.62 53.32
N THR R 237 -141.55 -46.31 53.26
CA THR R 237 -140.89 -46.54 51.97
C THR R 237 -141.65 -47.56 51.13
N LYS R 238 -142.30 -48.53 51.76
CA LYS R 238 -143.21 -49.42 51.04
C LYS R 238 -144.40 -48.63 50.50
N SER R 239 -144.86 -47.64 51.24
CA SER R 239 -145.96 -46.81 50.80
C SER R 239 -145.53 -45.70 49.85
N LEU R 240 -144.26 -45.30 49.90
CA LEU R 240 -143.79 -44.26 48.99
C LEU R 240 -143.65 -44.78 47.58
N VAL R 241 -143.02 -45.95 47.41
CA VAL R 241 -142.83 -46.55 46.10
C VAL R 241 -144.17 -46.95 45.48
N ALA R 242 -145.14 -47.33 46.29
CA ALA R 242 -146.43 -47.77 45.78
C ALA R 242 -147.32 -46.63 45.29
N THR R 243 -146.93 -45.37 45.48
CA THR R 243 -147.75 -44.26 45.04
C THR R 243 -147.64 -44.07 43.53
N SER R 244 -148.60 -43.32 42.98
CA SER R 244 -148.60 -43.01 41.56
C SER R 244 -147.72 -41.81 41.23
N GLN R 245 -147.23 -41.10 42.24
CA GLN R 245 -146.34 -39.97 41.98
C GLN R 245 -144.93 -40.44 41.66
N VAL R 246 -144.48 -41.49 42.34
CA VAL R 246 -143.17 -42.08 42.03
C VAL R 246 -143.27 -42.98 40.81
N GLU R 247 -144.46 -43.45 40.46
CA GLU R 247 -144.63 -44.21 39.23
C GLU R 247 -144.39 -43.33 38.02
N ASP R 248 -144.97 -42.13 38.00
CA ASP R 248 -144.75 -41.19 36.91
C ASP R 248 -143.39 -40.53 36.96
N LEU R 249 -142.71 -40.56 38.11
CA LEU R 249 -141.39 -39.97 38.20
C LEU R 249 -140.32 -40.86 37.58
N VAL R 250 -140.50 -42.18 37.68
CA VAL R 250 -139.55 -43.10 37.08
C VAL R 250 -139.89 -43.38 35.62
N VAL R 251 -141.17 -43.55 35.31
CA VAL R 251 -141.57 -43.87 33.95
C VAL R 251 -141.54 -42.63 33.06
N ASN R 252 -142.19 -41.55 33.50
CA ASN R 252 -142.39 -40.38 32.64
C ASN R 252 -141.63 -39.14 33.09
N LEU R 253 -140.79 -39.23 34.12
CA LEU R 253 -139.96 -38.14 34.65
C LEU R 253 -140.77 -36.93 35.10
N VAL R 254 -141.99 -37.15 35.56
CA VAL R 254 -142.82 -36.07 36.09
C VAL R 254 -142.42 -35.82 37.54
N PRO R 255 -142.14 -34.59 37.95
CA PRO R 255 -141.70 -34.33 39.32
C PRO R 255 -142.82 -34.57 40.34
N LEU R 256 -142.42 -34.70 41.60
CA LEU R 256 -143.34 -35.03 42.66
C LEU R 256 -144.13 -33.81 43.11
N GLY R 257 -145.27 -34.07 43.74
CA GLY R 257 -146.09 -33.00 44.29
C GLY R 257 -147.31 -32.66 43.45
N ARG R 258 -148.49 -32.77 44.04
CA ARG R 258 -149.72 -32.38 43.36
C ARG R 258 -150.63 -31.60 44.30
N SER S 1 -130.34 -71.34 61.03
CA SER S 1 -129.54 -72.10 60.08
C SER S 1 -128.43 -72.87 60.78
N LYS S 2 -127.24 -72.28 60.83
CA LYS S 2 -126.07 -72.90 61.44
C LYS S 2 -125.91 -72.36 62.85
N THR S 3 -125.98 -73.23 63.84
CA THR S 3 -126.09 -72.83 65.24
C THR S 3 -125.08 -73.55 66.11
N ILE S 4 -124.70 -72.89 67.20
CA ILE S 4 -124.05 -73.51 68.34
C ILE S 4 -124.95 -73.31 69.55
N VAL S 5 -125.12 -74.36 70.35
CA VAL S 5 -125.98 -74.31 71.53
C VAL S 5 -125.10 -74.36 72.76
N LEU S 6 -125.18 -73.32 73.59
CA LEU S 6 -124.39 -73.22 74.81
C LEU S 6 -125.33 -73.38 76.00
N SER S 7 -125.36 -74.60 76.56
CA SER S 7 -126.20 -74.87 77.72
C SER S 7 -125.46 -74.53 79.00
N VAL S 8 -126.03 -73.65 79.81
CA VAL S 8 -125.38 -73.16 81.02
C VAL S 8 -126.13 -73.67 82.24
N GLY S 9 -126.67 -74.87 82.14
CA GLY S 9 -127.59 -75.40 83.13
C GLY S 9 -128.80 -75.97 82.42
N GLU S 10 -129.96 -75.36 82.66
CA GLU S 10 -131.15 -75.71 81.88
C GLU S 10 -131.44 -74.70 80.77
N ALA S 11 -130.96 -73.47 80.90
CA ALA S 11 -131.14 -72.48 79.84
C ALA S 11 -130.10 -72.70 78.75
N THR S 12 -130.55 -72.70 77.50
CA THR S 12 -129.67 -72.87 76.35
C THR S 12 -129.68 -71.59 75.53
N ARG S 13 -128.50 -71.03 75.30
CA ARG S 13 -128.36 -69.78 74.55
C ARG S 13 -127.87 -70.13 73.15
N THR S 14 -128.79 -70.17 72.20
CA THR S 14 -128.50 -70.61 70.85
C THR S 14 -127.94 -69.47 70.02
N LEU S 15 -126.66 -69.53 69.69
CA LEU S 15 -126.04 -68.59 68.78
C LEU S 15 -126.36 -68.99 67.34
N THR S 16 -126.49 -68.00 66.46
CA THR S 16 -126.71 -68.27 65.04
C THR S 16 -125.62 -67.59 64.22
N GLU S 17 -125.24 -68.23 63.13
CA GLU S 17 -124.20 -67.70 62.26
C GLU S 17 -124.74 -66.53 61.44
N ILE S 18 -124.04 -65.41 61.46
CA ILE S 18 -124.47 -64.21 60.75
C ILE S 18 -123.51 -63.80 59.64
N GLN S 19 -122.30 -64.35 59.59
CA GLN S 19 -121.30 -63.91 58.63
C GLN S 19 -120.27 -65.02 58.48
N SER S 20 -119.85 -65.27 57.24
CA SER S 20 -118.90 -66.35 56.97
C SER S 20 -117.96 -65.87 55.86
N THR S 21 -116.71 -65.59 56.23
CA THR S 21 -115.67 -65.21 55.29
C THR S 21 -114.99 -66.52 54.88
N ALA S 22 -113.81 -66.46 54.26
CA ALA S 22 -113.05 -67.67 53.93
C ALA S 22 -112.65 -68.43 55.19
N ASP S 23 -112.01 -67.74 56.13
CA ASP S 23 -111.60 -68.34 57.39
C ASP S 23 -112.38 -67.83 58.60
N ARG S 24 -112.65 -66.53 58.67
CA ARG S 24 -113.37 -65.97 59.81
C ARG S 24 -114.85 -66.33 59.73
N GLN S 25 -115.48 -66.46 60.90
CA GLN S 25 -116.82 -67.02 60.98
C GLN S 25 -117.48 -66.47 62.24
N ILE S 26 -118.42 -65.55 62.07
CA ILE S 26 -118.99 -64.78 63.17
C ILE S 26 -120.38 -65.31 63.50
N PHE S 27 -120.59 -65.68 64.76
CA PHE S 27 -121.89 -66.10 65.27
C PHE S 27 -122.46 -64.98 66.14
N GLU S 28 -123.76 -65.07 66.40
CA GLU S 28 -124.45 -64.07 67.21
C GLU S 28 -125.74 -64.67 67.74
N GLU S 29 -126.16 -64.19 68.90
CA GLU S 29 -127.44 -64.57 69.48
C GLU S 29 -128.51 -63.60 69.03
N LYS S 30 -129.60 -64.13 68.48
CA LYS S 30 -130.63 -63.32 67.85
C LYS S 30 -131.76 -62.92 68.79
N VAL S 31 -131.52 -62.88 70.09
CA VAL S 31 -132.58 -62.54 71.04
C VAL S 31 -132.30 -61.16 71.63
N GLY S 32 -133.33 -60.31 71.61
CA GLY S 32 -133.27 -59.03 72.28
C GLY S 32 -132.99 -57.88 71.33
N PRO S 33 -132.53 -56.74 71.87
CA PRO S 33 -132.20 -55.59 71.03
C PRO S 33 -130.98 -55.80 70.15
N LEU S 34 -130.67 -54.80 69.33
CA LEU S 34 -129.62 -54.93 68.33
C LEU S 34 -128.27 -54.42 68.79
N VAL S 35 -128.19 -53.77 69.96
CA VAL S 35 -126.98 -53.06 70.33
C VAL S 35 -125.97 -53.97 71.04
N GLY S 36 -126.40 -54.83 71.95
CA GLY S 36 -125.48 -55.71 72.63
C GLY S 36 -125.93 -57.15 72.62
N ARG S 37 -125.18 -58.01 71.96
CA ARG S 37 -125.52 -59.42 71.84
C ARG S 37 -124.26 -60.26 72.06
N LEU S 38 -124.48 -61.53 72.35
CA LEU S 38 -123.38 -62.49 72.40
C LEU S 38 -122.73 -62.63 71.03
N ARG S 39 -121.42 -62.76 71.03
CA ARG S 39 -120.66 -62.84 69.79
C ARG S 39 -119.67 -63.99 69.93
N LEU S 40 -119.35 -64.61 68.80
CA LEU S 40 -118.36 -65.69 68.81
C LEU S 40 -117.67 -65.67 67.45
N THR S 41 -116.40 -65.27 67.45
CA THR S 41 -115.64 -65.10 66.22
C THR S 41 -114.63 -66.23 66.14
N ALA S 42 -115.00 -67.30 65.45
CA ALA S 42 -114.08 -68.39 65.20
C ALA S 42 -113.20 -68.07 64.00
N SER S 43 -112.04 -68.72 63.94
CA SER S 43 -111.10 -68.52 62.84
C SER S 43 -110.25 -69.79 62.72
N LEU S 44 -109.55 -69.89 61.60
CA LEU S 44 -108.64 -71.01 61.35
C LEU S 44 -107.69 -70.59 60.24
N ARG S 45 -106.39 -70.68 60.51
CA ARG S 45 -105.37 -70.30 59.55
C ARG S 45 -104.32 -71.40 59.46
N GLN S 46 -103.29 -71.17 58.66
CA GLN S 46 -102.06 -71.95 58.73
C GLN S 46 -100.91 -71.04 58.33
N ASN S 47 -100.09 -70.67 59.31
CA ASN S 47 -99.06 -69.67 59.11
C ASN S 47 -97.74 -70.31 58.73
N GLY S 48 -97.01 -69.65 57.84
CA GLY S 48 -95.69 -70.08 57.45
C GLY S 48 -95.71 -71.07 56.30
N ALA S 49 -94.90 -72.13 56.41
CA ALA S 49 -94.75 -73.10 55.34
C ALA S 49 -95.70 -74.28 55.52
N LYS S 50 -96.98 -73.95 55.72
CA LYS S 50 -98.11 -74.88 55.73
C LYS S 50 -97.96 -76.00 56.77
N THR S 51 -97.33 -75.69 57.92
CA THR S 51 -96.99 -76.73 58.88
C THR S 51 -97.70 -76.60 60.22
N ALA S 52 -98.30 -75.47 60.53
CA ALA S 52 -98.94 -75.27 61.83
C ALA S 52 -100.23 -74.48 61.65
N TYR S 53 -101.33 -75.04 62.14
CA TYR S 53 -102.61 -74.37 62.11
C TYR S 53 -102.78 -73.48 63.34
N ARG S 54 -103.76 -72.60 63.28
CA ARG S 54 -103.97 -71.63 64.36
C ARG S 54 -105.47 -71.36 64.48
N VAL S 55 -106.10 -72.01 65.45
CA VAL S 55 -107.50 -71.75 65.76
C VAL S 55 -107.57 -70.55 66.70
N ASN S 56 -108.63 -69.76 66.57
CA ASN S 56 -108.74 -68.52 67.35
C ASN S 56 -110.21 -68.25 67.61
N LEU S 57 -110.68 -68.62 68.80
CA LEU S 57 -112.03 -68.29 69.23
C LEU S 57 -112.00 -67.00 70.06
N LYS S 58 -113.15 -66.32 70.09
CA LYS S 58 -113.27 -65.07 70.85
C LYS S 58 -114.76 -64.89 71.16
N LEU S 59 -115.12 -65.06 72.43
CA LEU S 59 -116.50 -64.92 72.87
C LEU S 59 -116.65 -63.57 73.56
N ASP S 60 -117.33 -62.64 72.89
CA ASP S 60 -117.64 -61.35 73.48
C ASP S 60 -118.91 -61.45 74.32
N GLN S 61 -119.03 -60.56 75.30
CA GLN S 61 -120.26 -60.46 76.07
C GLN S 61 -120.40 -59.03 76.55
N ALA S 62 -121.36 -58.30 75.99
CA ALA S 62 -121.63 -56.93 76.36
C ALA S 62 -122.76 -56.90 77.37
N ASP S 63 -122.64 -56.01 78.35
CA ASP S 63 -123.66 -55.87 79.39
C ASP S 63 -124.55 -54.70 79.03
N VAL S 64 -125.67 -55.00 78.41
CA VAL S 64 -126.63 -53.99 77.97
C VAL S 64 -127.63 -53.75 79.09
N VAL S 65 -128.15 -52.53 79.16
CA VAL S 65 -129.18 -52.17 80.13
C VAL S 65 -130.16 -51.22 79.45
N ASP S 66 -131.45 -51.41 79.70
CA ASP S 66 -132.50 -50.59 79.11
C ASP S 66 -133.18 -49.82 80.23
N CYS S 67 -132.88 -48.54 80.33
CA CYS S 67 -133.40 -47.68 81.40
C CYS S 67 -134.45 -46.74 80.84
N SER S 68 -135.22 -47.22 79.87
CA SER S 68 -136.24 -46.39 79.24
C SER S 68 -137.45 -46.17 80.12
N THR S 69 -137.71 -47.07 81.08
CA THR S 69 -138.91 -46.94 81.90
C THR S 69 -138.67 -46.01 83.09
N SER S 70 -137.51 -46.10 83.71
CA SER S 70 -137.20 -45.25 84.84
C SER S 70 -136.84 -43.84 84.38
N VAL S 71 -135.80 -43.71 83.57
CA VAL S 71 -135.43 -42.44 82.97
C VAL S 71 -136.20 -42.33 81.66
N CYS S 72 -136.94 -41.24 81.51
CA CYS S 72 -137.79 -41.09 80.33
C CYS S 72 -136.95 -40.62 79.15
N GLY S 73 -137.06 -41.34 78.04
CA GLY S 73 -136.51 -40.87 76.78
C GLY S 73 -135.09 -41.29 76.46
N GLU S 74 -134.64 -42.45 76.92
CA GLU S 74 -133.34 -42.94 76.51
C GLU S 74 -133.41 -44.41 76.13
N LEU S 75 -132.37 -44.85 75.44
CA LEU S 75 -132.34 -46.11 74.70
C LEU S 75 -131.46 -47.12 75.43
N PRO S 76 -131.52 -48.41 75.06
CA PRO S 76 -130.56 -49.37 75.61
C PRO S 76 -129.14 -49.06 75.15
N LYS S 77 -128.17 -49.39 76.02
CA LYS S 77 -126.78 -49.04 75.81
C LYS S 77 -125.91 -50.07 76.51
N VAL S 78 -124.68 -50.21 76.04
CA VAL S 78 -123.75 -51.18 76.61
C VAL S 78 -122.89 -50.49 77.65
N ARG S 79 -122.76 -51.12 78.81
CA ARG S 79 -121.97 -50.53 79.89
C ARG S 79 -120.51 -50.94 79.77
N TYR S 80 -120.26 -52.23 79.55
CA TYR S 80 -118.90 -52.75 79.40
C TYR S 80 -118.94 -54.00 78.54
N THR S 81 -117.75 -54.51 78.25
CA THR S 81 -117.61 -55.71 77.42
C THR S 81 -116.52 -56.59 78.03
N GLN S 82 -116.86 -57.86 78.25
CA GLN S 82 -115.93 -58.84 78.80
C GLN S 82 -115.76 -59.97 77.81
N VAL S 83 -114.52 -60.20 77.39
CA VAL S 83 -114.23 -61.19 76.36
C VAL S 83 -113.50 -62.37 77.00
N TRP S 84 -113.43 -63.47 76.26
CA TRP S 84 -112.60 -64.62 76.63
C TRP S 84 -112.11 -65.21 75.32
N SER S 85 -110.91 -64.82 74.91
CA SER S 85 -110.34 -65.32 73.67
C SER S 85 -109.71 -66.69 73.89
N HIS S 86 -109.41 -67.35 72.78
CA HIS S 86 -108.63 -68.58 72.77
C HIS S 86 -107.64 -68.49 71.63
N ASP S 87 -106.53 -69.23 71.76
CA ASP S 87 -105.52 -69.26 70.71
C ASP S 87 -104.86 -70.64 70.75
N VAL S 88 -105.36 -71.54 69.92
CA VAL S 88 -104.85 -72.90 69.87
C VAL S 88 -103.85 -73.00 68.74
N THR S 89 -102.70 -73.60 69.02
CA THR S 89 -101.67 -73.87 68.02
C THR S 89 -101.59 -75.36 67.80
N ILE S 90 -101.84 -75.80 66.57
CA ILE S 90 -101.85 -77.22 66.21
C ILE S 90 -100.86 -77.41 65.08
N VAL S 91 -99.94 -78.36 65.25
CA VAL S 91 -99.01 -78.71 64.19
C VAL S 91 -99.67 -79.73 63.26
N ALA S 92 -99.32 -79.67 61.98
CA ALA S 92 -100.06 -80.40 60.97
C ALA S 92 -99.77 -81.90 61.00
N ASN S 93 -98.51 -82.29 61.18
CA ASN S 93 -98.11 -83.70 61.13
C ASN S 93 -98.22 -84.39 62.48
N SER S 94 -99.02 -83.85 63.40
CA SER S 94 -99.17 -84.47 64.70
C SER S 94 -100.08 -85.68 64.64
N THR S 95 -100.14 -86.42 65.74
CA THR S 95 -101.07 -87.52 65.88
C THR S 95 -102.39 -87.02 66.46
N GLU S 96 -103.43 -87.83 66.29
CA GLU S 96 -104.76 -87.43 66.77
C GLU S 96 -104.84 -87.47 68.29
N ALA S 97 -104.11 -88.39 68.92
CA ALA S 97 -104.17 -88.51 70.37
C ALA S 97 -103.45 -87.36 71.07
N SER S 98 -102.58 -86.63 70.38
CA SER S 98 -101.99 -85.44 70.97
C SER S 98 -102.98 -84.29 70.96
N ARG S 99 -103.72 -84.13 69.86
CA ARG S 99 -104.78 -83.14 69.78
C ARG S 99 -105.95 -83.45 70.70
N LYS S 100 -106.29 -84.72 70.87
CA LYS S 100 -107.39 -85.10 71.74
C LYS S 100 -107.02 -84.89 73.20
N SER S 101 -105.76 -85.15 73.57
CA SER S 101 -105.35 -84.97 74.97
C SER S 101 -105.17 -83.50 75.31
N LEU S 102 -104.78 -82.69 74.33
CA LEU S 102 -104.68 -81.25 74.57
C LEU S 102 -106.06 -80.63 74.77
N TYR S 103 -107.05 -81.11 74.03
CA TYR S 103 -108.42 -80.65 74.23
C TYR S 103 -108.97 -81.16 75.55
N ASP S 104 -108.63 -82.39 75.93
CA ASP S 104 -109.14 -82.98 77.16
C ASP S 104 -108.58 -82.31 78.40
N LEU S 105 -107.37 -81.75 78.33
CA LEU S 105 -106.82 -81.04 79.47
C LEU S 105 -107.44 -79.65 79.59
N THR S 106 -107.62 -78.94 78.47
CA THR S 106 -108.19 -77.60 78.52
C THR S 106 -109.68 -77.64 78.83
N LYS S 107 -110.37 -78.71 78.44
CA LYS S 107 -111.76 -78.89 78.86
C LYS S 107 -111.86 -79.08 80.36
N SER S 108 -110.89 -79.78 80.95
CA SER S 108 -110.88 -80.00 82.39
C SER S 108 -110.18 -78.89 83.15
N LEU S 109 -109.40 -78.04 82.47
CA LEU S 109 -108.82 -76.89 83.14
C LEU S 109 -109.86 -75.82 83.39
N VAL S 110 -110.70 -75.53 82.40
CA VAL S 110 -111.73 -74.52 82.55
C VAL S 110 -112.80 -75.01 83.53
N ALA S 111 -113.07 -76.30 83.55
CA ALA S 111 -114.15 -76.84 84.38
C ALA S 111 -113.78 -76.97 85.86
N THR S 112 -112.56 -76.64 86.26
CA THR S 112 -112.20 -76.77 87.66
C THR S 112 -112.60 -75.53 88.45
N SER S 113 -112.57 -75.65 89.77
CA SER S 113 -113.01 -74.58 90.65
C SER S 113 -111.94 -73.54 90.93
N GLN S 114 -110.71 -73.75 90.45
CA GLN S 114 -109.67 -72.77 90.69
C GLN S 114 -109.60 -71.72 89.58
N VAL S 115 -109.98 -72.10 88.36
CA VAL S 115 -110.07 -71.14 87.27
C VAL S 115 -111.40 -70.40 87.34
N GLU S 116 -112.40 -70.98 88.02
CA GLU S 116 -113.64 -70.26 88.26
C GLU S 116 -113.41 -69.07 89.17
N ASP S 117 -112.72 -69.27 90.30
CA ASP S 117 -112.43 -68.17 91.21
C ASP S 117 -111.40 -67.19 90.66
N LEU S 118 -110.66 -67.57 89.61
CA LEU S 118 -109.68 -66.67 89.03
C LEU S 118 -110.34 -65.59 88.16
N VAL S 119 -111.47 -65.89 87.53
CA VAL S 119 -112.11 -64.91 86.66
C VAL S 119 -113.31 -64.28 87.35
N VAL S 120 -113.91 -64.99 88.30
CA VAL S 120 -115.05 -64.43 89.02
C VAL S 120 -114.58 -63.58 90.20
N ASN S 121 -113.67 -64.13 91.01
CA ASN S 121 -113.26 -63.49 92.25
C ASN S 121 -111.81 -63.03 92.24
N LEU S 122 -111.10 -63.21 91.12
CA LEU S 122 -109.73 -62.75 90.89
C LEU S 122 -108.72 -63.35 91.87
N VAL S 123 -108.96 -64.58 92.30
CA VAL S 123 -108.06 -65.28 93.22
C VAL S 123 -107.09 -66.12 92.41
N PRO S 124 -105.78 -66.03 92.66
CA PRO S 124 -104.80 -66.76 91.82
C PRO S 124 -104.88 -68.27 92.00
N LEU S 125 -104.21 -68.97 91.09
CA LEU S 125 -104.30 -70.42 91.00
C LEU S 125 -103.44 -71.10 92.05
N GLY S 126 -103.74 -72.37 92.30
CA GLY S 126 -102.96 -73.16 93.22
C GLY S 126 -103.52 -73.18 94.63
N ARG S 127 -103.71 -74.37 95.17
CA ARG S 127 -104.19 -74.55 96.54
C ARG S 127 -103.38 -75.65 97.21
N ALA S 128 -102.85 -75.36 98.39
CA ALA S 128 -101.96 -76.29 99.08
C ALA S 128 -102.77 -77.20 100.00
N TYR S 129 -102.75 -78.50 99.70
CA TYR S 129 -103.27 -79.54 100.60
C TYR S 129 -102.23 -80.66 100.66
N GLY S 130 -101.43 -80.65 101.72
CA GLY S 130 -100.43 -81.68 101.92
C GLY S 130 -99.22 -81.56 101.02
N GLY S 131 -98.46 -80.48 101.20
CA GLY S 131 -97.27 -80.26 100.39
C GLY S 131 -97.24 -78.88 99.76
N SER S 132 -97.26 -78.82 98.43
CA SER S 132 -97.28 -77.55 97.72
C SER S 132 -98.66 -77.32 97.12
N LYS S 133 -98.78 -76.24 96.34
CA LYS S 133 -100.05 -75.85 95.75
C LYS S 133 -100.20 -76.55 94.40
N THR S 134 -101.31 -77.26 94.22
CA THR S 134 -101.52 -78.11 93.06
C THR S 134 -102.85 -77.82 92.38
N ILE S 135 -102.90 -78.15 91.09
CA ILE S 135 -104.15 -78.22 90.32
C ILE S 135 -104.27 -79.64 89.81
N VAL S 136 -105.45 -80.24 89.98
CA VAL S 136 -105.73 -81.56 89.44
C VAL S 136 -106.53 -81.40 88.15
N LEU S 137 -106.16 -82.16 87.12
CA LEU S 137 -106.78 -82.07 85.81
C LEU S 137 -107.19 -83.49 85.41
N SER S 138 -108.38 -83.90 85.82
CA SER S 138 -108.88 -85.23 85.49
C SER S 138 -109.34 -85.28 84.03
N VAL S 139 -108.83 -86.27 83.30
CA VAL S 139 -109.16 -86.43 81.89
C VAL S 139 -110.06 -87.65 81.75
N GLY S 140 -110.86 -87.89 82.78
CA GLY S 140 -111.57 -89.14 82.95
C GLY S 140 -111.40 -89.60 84.38
N GLU S 141 -110.72 -90.73 84.58
CA GLU S 141 -110.33 -91.12 85.94
C GLU S 141 -108.87 -90.81 86.24
N ALA S 142 -108.03 -90.68 85.21
CA ALA S 142 -106.63 -90.33 85.41
C ALA S 142 -106.50 -88.84 85.70
N THR S 143 -105.81 -88.51 86.79
CA THR S 143 -105.65 -87.13 87.24
C THR S 143 -104.19 -86.72 87.07
N ARG S 144 -103.92 -85.86 86.10
CA ARG S 144 -102.59 -85.32 85.86
C ARG S 144 -102.42 -84.10 86.76
N THR S 145 -101.82 -84.31 87.92
CA THR S 145 -101.67 -83.26 88.94
C THR S 145 -100.46 -82.42 88.61
N LEU S 146 -100.67 -81.13 88.36
CA LEU S 146 -99.59 -80.18 88.21
C LEU S 146 -99.22 -79.58 89.55
N THR S 147 -97.93 -79.35 89.76
CA THR S 147 -97.44 -78.71 90.97
C THR S 147 -96.82 -77.37 90.60
N GLU S 148 -97.01 -76.39 91.48
CA GLU S 148 -96.48 -75.05 91.23
C GLU S 148 -94.98 -75.03 91.48
N ILE S 149 -94.23 -74.56 90.48
CA ILE S 149 -92.78 -74.48 90.60
C ILE S 149 -92.28 -73.05 90.73
N GLN S 150 -93.13 -72.05 90.54
CA GLN S 150 -92.67 -70.68 90.53
C GLN S 150 -93.83 -69.76 90.86
N SER S 151 -93.53 -68.65 91.54
CA SER S 151 -94.52 -67.61 91.85
C SER S 151 -93.80 -66.28 91.70
N THR S 152 -93.98 -65.64 90.56
CA THR S 152 -93.35 -64.36 90.26
C THR S 152 -94.29 -63.27 90.82
N ALA S 153 -94.10 -62.01 90.43
CA ALA S 153 -94.97 -60.93 90.89
C ALA S 153 -96.40 -61.11 90.40
N ASP S 154 -96.59 -61.37 89.10
CA ASP S 154 -97.90 -61.68 88.56
C ASP S 154 -97.95 -63.08 87.96
N ARG S 155 -96.84 -63.53 87.35
CA ARG S 155 -96.77 -64.84 86.73
C ARG S 155 -96.81 -65.95 87.76
N GLN S 156 -97.20 -67.14 87.31
CA GLN S 156 -97.37 -68.29 88.19
C GLN S 156 -97.23 -69.54 87.34
N ILE S 157 -96.08 -70.20 87.41
CA ILE S 157 -95.74 -71.29 86.51
C ILE S 157 -95.98 -72.62 87.22
N PHE S 158 -96.85 -73.45 86.64
CA PHE S 158 -97.11 -74.79 87.11
C PHE S 158 -96.44 -75.78 86.17
N GLU S 159 -96.21 -77.00 86.65
CA GLU S 159 -95.53 -78.02 85.87
C GLU S 159 -95.80 -79.39 86.46
N GLU S 160 -95.99 -80.38 85.59
CA GLU S 160 -96.07 -81.76 86.02
C GLU S 160 -94.68 -82.32 86.22
N LYS S 161 -94.53 -83.18 87.23
CA LYS S 161 -93.22 -83.60 87.70
C LYS S 161 -92.78 -84.97 87.20
N VAL S 162 -93.67 -85.75 86.61
CA VAL S 162 -93.30 -87.07 86.15
C VAL S 162 -92.60 -86.99 84.81
N GLY S 163 -91.83 -88.02 84.49
CA GLY S 163 -91.16 -88.12 83.21
C GLY S 163 -89.88 -87.31 83.13
N PRO S 164 -89.37 -87.13 81.92
CA PRO S 164 -88.11 -86.40 81.74
C PRO S 164 -88.28 -84.91 81.92
N LEU S 165 -87.16 -84.20 81.95
CA LEU S 165 -87.14 -82.76 82.09
C LEU S 165 -87.33 -82.01 80.78
N VAL S 166 -87.27 -82.72 79.65
CA VAL S 166 -87.24 -82.02 78.37
C VAL S 166 -88.64 -81.55 77.95
N GLY S 167 -89.67 -82.37 78.14
CA GLY S 167 -91.02 -81.95 77.79
C GLY S 167 -92.01 -82.32 78.86
N ARG S 168 -92.65 -81.32 79.45
CA ARG S 168 -93.62 -81.53 80.51
C ARG S 168 -94.81 -80.60 80.31
N LEU S 169 -95.87 -80.88 81.06
CA LEU S 169 -97.02 -79.98 81.07
C LEU S 169 -96.65 -78.66 81.74
N ARG S 170 -97.36 -77.60 81.36
CA ARG S 170 -97.04 -76.26 81.84
C ARG S 170 -98.31 -75.45 81.98
N LEU S 171 -98.23 -74.42 82.83
CA LEU S 171 -99.32 -73.47 83.00
C LEU S 171 -98.71 -72.12 83.39
N THR S 172 -98.67 -71.20 82.45
CA THR S 172 -98.15 -69.86 82.70
C THR S 172 -99.36 -68.95 82.91
N ALA S 173 -99.87 -68.92 84.13
CA ALA S 173 -100.96 -68.02 84.47
C ALA S 173 -100.42 -66.61 84.67
N SER S 174 -101.33 -65.63 84.61
CA SER S 174 -100.96 -64.25 84.81
C SER S 174 -102.19 -63.49 85.32
N LEU S 175 -101.96 -62.24 85.73
CA LEU S 175 -103.02 -61.36 86.20
C LEU S 175 -102.46 -59.94 86.19
N ARG S 176 -103.14 -59.03 85.51
CA ARG S 176 -102.68 -57.66 85.38
C ARG S 176 -103.84 -56.72 85.63
N GLN S 177 -103.57 -55.42 85.54
CA GLN S 177 -104.61 -54.41 85.39
C GLN S 177 -104.00 -53.25 84.62
N ASN S 178 -104.45 -53.07 83.38
CA ASN S 178 -103.87 -52.08 82.48
C ASN S 178 -104.55 -50.73 82.65
N GLY S 179 -103.75 -49.67 82.62
CA GLY S 179 -104.25 -48.32 82.64
C GLY S 179 -104.55 -47.82 84.04
N ALA S 180 -105.68 -47.14 84.19
CA ALA S 180 -106.05 -46.53 85.47
C ALA S 180 -106.93 -47.45 86.31
N LYS S 181 -106.45 -48.69 86.51
CA LYS S 181 -107.08 -49.71 87.35
C LYS S 181 -108.51 -50.01 86.93
N THR S 182 -108.79 -49.98 85.62
CA THR S 182 -110.15 -50.11 85.13
C THR S 182 -110.46 -51.47 84.53
N ALA S 183 -109.46 -52.28 84.19
CA ALA S 183 -109.72 -53.54 83.53
C ALA S 183 -108.59 -54.52 83.84
N TYR S 184 -108.97 -55.69 84.32
CA TYR S 184 -108.01 -56.76 84.60
C TYR S 184 -107.75 -57.54 83.32
N ARG S 185 -106.76 -58.44 83.36
CA ARG S 185 -106.43 -59.25 82.19
C ARG S 185 -105.83 -60.57 82.69
N VAL S 186 -106.61 -61.62 82.64
CA VAL S 186 -106.15 -62.96 82.98
C VAL S 186 -105.60 -63.62 81.72
N ASN S 187 -104.54 -64.41 81.87
CA ASN S 187 -103.86 -64.97 80.71
C ASN S 187 -103.28 -66.33 81.10
N LEU S 188 -104.01 -67.40 80.76
CA LEU S 188 -103.50 -68.75 80.95
C LEU S 188 -102.85 -69.24 79.66
N LYS S 189 -102.00 -70.25 79.80
CA LYS S 189 -101.29 -70.80 78.65
C LYS S 189 -100.83 -72.21 79.01
N LEU S 190 -101.35 -73.21 78.30
CA LEU S 190 -101.03 -74.61 78.56
C LEU S 190 -100.21 -75.16 77.41
N ASP S 191 -98.93 -75.43 77.67
CA ASP S 191 -98.07 -76.08 76.70
C ASP S 191 -98.18 -77.59 76.85
N GLN S 192 -97.98 -78.30 75.76
CA GLN S 192 -97.93 -79.77 75.79
C GLN S 192 -97.01 -80.24 74.70
N ALA S 193 -95.78 -80.58 75.07
CA ALA S 193 -94.79 -81.08 74.13
C ALA S 193 -94.88 -82.60 74.08
N ASP S 194 -94.77 -83.15 72.88
CA ASP S 194 -94.90 -84.59 72.67
C ASP S 194 -93.50 -85.21 72.69
N VAL S 195 -93.15 -85.83 73.80
CA VAL S 195 -91.85 -86.46 73.97
C VAL S 195 -91.97 -87.92 73.55
N VAL S 196 -90.88 -88.49 73.04
CA VAL S 196 -90.86 -89.87 72.60
C VAL S 196 -89.47 -90.44 72.93
N ASP S 197 -89.43 -91.76 73.17
CA ASP S 197 -88.19 -92.44 73.49
C ASP S 197 -87.97 -93.58 72.50
N CYS S 198 -86.74 -93.68 72.00
CA CYS S 198 -86.37 -94.70 71.04
C CYS S 198 -85.43 -95.74 71.66
N SER S 199 -85.53 -95.93 72.98
CA SER S 199 -84.61 -96.81 73.68
C SER S 199 -84.89 -98.28 73.38
N THR S 200 -86.13 -98.64 73.05
CA THR S 200 -86.41 -100.02 72.66
C THR S 200 -85.98 -100.29 71.22
N SER S 201 -85.74 -99.24 70.44
CA SER S 201 -85.32 -99.37 69.06
C SER S 201 -83.84 -99.10 68.86
N VAL S 202 -83.34 -97.99 69.39
CA VAL S 202 -81.95 -97.57 69.20
C VAL S 202 -81.28 -97.54 70.57
N CYS S 203 -80.05 -98.07 70.63
CA CYS S 203 -79.28 -98.00 71.86
C CYS S 203 -78.93 -96.57 72.23
N GLY S 204 -78.92 -96.31 73.54
CA GLY S 204 -78.42 -95.07 74.08
C GLY S 204 -79.21 -93.84 73.73
N GLU S 205 -80.51 -93.97 73.52
CA GLU S 205 -81.34 -92.86 73.07
C GLU S 205 -82.07 -92.26 74.26
N LEU S 206 -81.76 -91.01 74.54
CA LEU S 206 -82.48 -90.24 75.54
C LEU S 206 -83.70 -89.60 74.89
N PRO S 207 -84.77 -89.35 75.67
CA PRO S 207 -85.99 -88.80 75.08
C PRO S 207 -85.82 -87.38 74.56
N LYS S 208 -86.61 -87.07 73.54
CA LYS S 208 -86.57 -85.75 72.90
C LYS S 208 -87.98 -85.40 72.46
N VAL S 209 -88.19 -84.11 72.20
CA VAL S 209 -89.50 -83.60 71.85
C VAL S 209 -89.64 -83.50 70.33
N ARG S 210 -90.81 -83.89 69.83
CA ARG S 210 -91.12 -83.72 68.42
C ARG S 210 -91.60 -82.30 68.13
N TYR S 211 -92.72 -81.92 68.73
CA TYR S 211 -93.36 -80.63 68.50
C TYR S 211 -93.92 -80.11 69.82
N THR S 212 -94.69 -79.03 69.75
CA THR S 212 -95.41 -78.54 70.91
C THR S 212 -96.75 -77.97 70.45
N GLN S 213 -97.73 -78.01 71.34
CA GLN S 213 -99.08 -77.57 71.03
C GLN S 213 -99.63 -76.77 72.20
N VAL S 214 -100.02 -75.53 71.91
CA VAL S 214 -100.36 -74.55 72.94
C VAL S 214 -101.86 -74.26 72.86
N TRP S 215 -102.48 -74.10 74.02
CA TRP S 215 -103.84 -73.56 74.11
C TRP S 215 -103.80 -72.39 75.08
N SER S 216 -103.75 -71.18 74.52
CA SER S 216 -103.72 -69.97 75.34
C SER S 216 -105.13 -69.50 75.65
N HIS S 217 -105.23 -68.65 76.67
CA HIS S 217 -106.47 -67.97 77.00
C HIS S 217 -106.16 -66.49 77.21
N ASP S 218 -107.16 -65.65 77.01
CA ASP S 218 -106.98 -64.21 77.21
C ASP S 218 -108.32 -63.64 77.66
N VAL S 219 -108.51 -63.56 78.98
CA VAL S 219 -109.75 -63.08 79.56
C VAL S 219 -109.60 -61.61 79.91
N THR S 220 -110.58 -60.81 79.53
CA THR S 220 -110.61 -59.39 79.86
C THR S 220 -111.77 -59.14 80.81
N ILE S 221 -111.48 -58.59 81.97
CA ILE S 221 -112.46 -58.36 83.02
C ILE S 221 -112.38 -56.89 83.42
N VAL S 222 -113.47 -56.17 83.27
CA VAL S 222 -113.50 -54.77 83.68
C VAL S 222 -113.72 -54.71 85.20
N ALA S 223 -113.32 -53.59 85.79
CA ALA S 223 -113.19 -53.53 87.24
C ALA S 223 -114.53 -53.35 87.94
N ASN S 224 -115.39 -52.49 87.40
CA ASN S 224 -116.66 -52.16 88.04
C ASN S 224 -117.80 -53.05 87.57
N SER S 225 -117.51 -54.27 87.13
CA SER S 225 -118.53 -55.16 86.62
C SER S 225 -119.34 -55.78 87.74
N THR S 226 -120.44 -56.42 87.37
CA THR S 226 -121.24 -57.22 88.28
C THR S 226 -120.59 -58.58 88.40
N GLU S 227 -120.68 -59.18 89.61
CA GLU S 227 -120.19 -60.54 89.78
C GLU S 227 -121.05 -61.54 89.00
N ALA S 228 -122.32 -61.21 88.76
CA ALA S 228 -123.18 -62.07 87.96
C ALA S 228 -122.81 -62.05 86.48
N SER S 229 -122.09 -61.02 86.03
CA SER S 229 -121.65 -60.99 84.64
C SER S 229 -120.32 -61.67 84.45
N ARG S 230 -119.48 -61.69 85.50
CA ARG S 230 -118.27 -62.49 85.45
C ARG S 230 -118.59 -63.98 85.56
N LYS S 231 -119.67 -64.31 86.28
CA LYS S 231 -120.07 -65.70 86.41
C LYS S 231 -120.62 -66.24 85.09
N SER S 232 -121.42 -65.43 84.39
CA SER S 232 -122.01 -65.89 83.13
C SER S 232 -120.98 -65.95 82.01
N LEU S 233 -119.93 -65.13 82.09
CA LEU S 233 -118.86 -65.23 81.12
C LEU S 233 -118.06 -66.51 81.29
N TYR S 234 -117.85 -66.93 82.55
CA TYR S 234 -117.16 -68.18 82.80
C TYR S 234 -118.04 -69.36 82.42
N ASP S 235 -119.34 -69.29 82.74
CA ASP S 235 -120.27 -70.36 82.44
C ASP S 235 -120.49 -70.57 80.94
N LEU S 236 -120.37 -69.52 80.14
CA LEU S 236 -120.51 -69.68 78.69
C LEU S 236 -119.24 -70.26 78.09
N THR S 237 -118.07 -69.90 78.62
CA THR S 237 -116.83 -70.45 78.11
C THR S 237 -116.60 -71.88 78.60
N LYS S 238 -117.07 -72.21 79.81
CA LYS S 238 -117.04 -73.59 80.29
C LYS S 238 -117.95 -74.46 79.45
N SER S 239 -119.07 -73.91 78.99
CA SER S 239 -119.98 -74.66 78.15
C SER S 239 -119.60 -74.63 76.68
N LEU S 240 -118.75 -73.69 76.27
CA LEU S 240 -118.31 -73.65 74.88
C LEU S 240 -117.28 -74.75 74.61
N VAL S 241 -116.29 -74.87 75.49
CA VAL S 241 -115.24 -75.87 75.32
C VAL S 241 -115.81 -77.29 75.47
N ALA S 242 -116.84 -77.46 76.27
CA ALA S 242 -117.43 -78.78 76.49
C ALA S 242 -118.30 -79.25 75.33
N THR S 243 -118.54 -78.41 74.32
CA THR S 243 -119.37 -78.83 73.19
C THR S 243 -118.58 -79.73 72.26
N SER S 244 -119.30 -80.48 71.43
CA SER S 244 -118.69 -81.36 70.46
C SER S 244 -118.33 -80.63 69.17
N GLN S 245 -118.66 -79.35 69.05
CA GLN S 245 -118.27 -78.60 67.87
C GLN S 245 -116.85 -78.05 68.01
N VAL S 246 -116.49 -77.60 69.20
CA VAL S 246 -115.12 -77.16 69.48
C VAL S 246 -114.19 -78.36 69.65
N GLU S 247 -114.74 -79.53 69.99
CA GLU S 247 -113.94 -80.75 70.02
C GLU S 247 -113.43 -81.11 68.63
N ASP S 248 -114.31 -81.11 67.64
CA ASP S 248 -113.91 -81.42 66.28
C ASP S 248 -113.17 -80.26 65.62
N LEU S 249 -113.24 -79.06 66.16
CA LEU S 249 -112.52 -77.93 65.57
C LEU S 249 -111.03 -78.01 65.88
N VAL S 250 -110.65 -78.54 67.03
CA VAL S 250 -109.24 -78.63 67.39
C VAL S 250 -108.67 -80.02 67.10
N VAL S 251 -109.53 -81.03 66.98
CA VAL S 251 -109.04 -82.38 66.69
C VAL S 251 -109.03 -82.62 65.18
N ASN S 252 -110.14 -82.33 64.50
CA ASN S 252 -110.27 -82.64 63.08
C ASN S 252 -110.40 -81.41 62.20
N LEU S 253 -110.28 -80.20 62.76
CA LEU S 253 -110.33 -78.92 62.03
C LEU S 253 -111.66 -78.69 61.31
N VAL S 254 -112.73 -79.26 61.83
CA VAL S 254 -114.07 -79.05 61.26
C VAL S 254 -114.59 -77.70 61.75
N PRO S 255 -115.05 -76.82 60.87
CA PRO S 255 -115.52 -75.49 61.31
C PRO S 255 -116.81 -75.57 62.11
N LEU S 256 -117.09 -74.49 62.83
CA LEU S 256 -118.25 -74.46 63.72
C LEU S 256 -119.53 -74.21 62.92
N GLY S 257 -120.64 -74.59 63.54
CA GLY S 257 -121.94 -74.35 62.94
C GLY S 257 -122.60 -75.60 62.38
N ARG S 258 -123.74 -75.99 62.95
CA ARG S 258 -124.48 -77.15 62.49
C ARG S 258 -125.95 -76.83 62.31
N SER T 1 -107.65 -18.41 117.91
CA SER T 1 -106.45 -17.60 118.10
C SER T 1 -106.70 -16.15 117.68
N LYS T 2 -106.27 -15.81 116.47
CA LYS T 2 -106.41 -14.47 115.93
C LYS T 2 -107.69 -14.40 115.11
N THR T 3 -108.61 -13.52 115.50
CA THR T 3 -109.95 -13.52 114.94
C THR T 3 -110.40 -12.13 114.53
N ILE T 4 -111.22 -12.09 113.48
CA ILE T 4 -112.06 -10.95 113.14
C ILE T 4 -113.50 -11.44 113.17
N VAL T 5 -114.36 -10.71 113.86
CA VAL T 5 -115.79 -11.01 113.88
C VAL T 5 -116.50 -10.02 112.96
N LEU T 6 -117.53 -10.50 112.28
CA LEU T 6 -118.31 -9.70 111.35
C LEU T 6 -119.79 -9.85 111.72
N SER T 7 -120.35 -8.84 112.37
CA SER T 7 -121.74 -8.91 112.77
C SER T 7 -122.63 -8.50 111.61
N VAL T 8 -123.63 -9.33 111.32
CA VAL T 8 -124.53 -9.12 110.19
C VAL T 8 -125.90 -8.83 110.81
N GLY T 9 -125.88 -8.18 111.96
CA GLY T 9 -127.07 -7.98 112.75
C GLY T 9 -126.86 -8.55 114.14
N GLU T 10 -127.54 -9.64 114.44
CA GLU T 10 -127.30 -10.38 115.68
C GLU T 10 -126.44 -11.62 115.44
N ALA T 11 -126.28 -12.05 114.19
CA ALA T 11 -125.44 -13.20 113.89
C ALA T 11 -124.01 -12.74 113.60
N THR T 12 -123.05 -13.32 114.31
CA THR T 12 -121.64 -12.99 114.13
C THR T 12 -120.95 -14.16 113.45
N ARG T 13 -120.19 -13.87 112.41
CA ARG T 13 -119.45 -14.88 111.67
C ARG T 13 -117.96 -14.63 111.88
N THR T 14 -117.39 -15.31 112.87
CA THR T 14 -116.00 -15.08 113.25
C THR T 14 -115.06 -15.83 112.31
N LEU T 15 -114.08 -15.11 111.78
CA LEU T 15 -113.04 -15.67 110.93
C LEU T 15 -111.82 -15.97 111.78
N THR T 16 -111.07 -17.01 111.40
CA THR T 16 -109.83 -17.34 112.10
C THR T 16 -108.67 -17.29 111.12
N GLU T 17 -107.52 -16.90 111.63
CA GLU T 17 -106.31 -16.82 110.81
C GLU T 17 -105.76 -18.22 110.56
N ILE T 18 -105.48 -18.53 109.30
CA ILE T 18 -104.96 -19.84 108.92
C ILE T 18 -103.57 -19.78 108.31
N GLN T 19 -103.08 -18.60 107.92
CA GLN T 19 -101.80 -18.48 107.25
C GLN T 19 -101.28 -17.07 107.45
N SER T 20 -99.97 -16.94 107.64
CA SER T 20 -99.37 -15.63 107.88
C SER T 20 -97.98 -15.63 107.25
N THR T 21 -97.85 -14.94 106.12
CA THR T 21 -96.58 -14.75 105.45
C THR T 21 -95.97 -13.46 106.05
N ALA T 22 -94.94 -12.89 105.41
CA ALA T 22 -94.38 -11.62 105.86
C ALA T 22 -95.41 -10.50 105.81
N ASP T 23 -96.06 -10.33 104.66
CA ASP T 23 -97.09 -9.31 104.48
C ASP T 23 -98.48 -9.89 104.34
N ARG T 24 -98.64 -10.97 103.57
CA ARG T 24 -99.97 -11.54 103.34
C ARG T 24 -100.46 -12.26 104.59
N GLN T 25 -101.78 -12.29 104.74
CA GLN T 25 -102.40 -12.77 105.98
C GLN T 25 -103.79 -13.28 105.63
N ILE T 26 -103.96 -14.60 105.64
CA ILE T 26 -105.17 -15.25 105.16
C ILE T 26 -106.04 -15.67 106.34
N PHE T 27 -107.28 -15.21 106.35
CA PHE T 27 -108.28 -15.58 107.33
C PHE T 27 -109.28 -16.54 106.70
N GLU T 28 -110.02 -17.25 107.54
CA GLU T 28 -110.99 -18.24 107.07
C GLU T 28 -111.99 -18.52 108.18
N GLU T 29 -113.22 -18.85 107.78
CA GLU T 29 -114.24 -19.27 108.71
C GLU T 29 -114.20 -20.79 108.87
N LYS T 30 -114.07 -21.25 110.12
CA LYS T 30 -113.84 -22.65 110.39
C LYS T 30 -115.12 -23.46 110.60
N VAL T 31 -116.26 -22.98 110.11
CA VAL T 31 -117.51 -23.70 110.28
C VAL T 31 -117.93 -24.33 108.97
N GLY T 32 -118.26 -25.62 109.01
CA GLY T 32 -118.83 -26.31 107.88
C GLY T 32 -117.83 -27.19 107.16
N PRO T 33 -118.17 -27.58 105.91
CA PRO T 33 -117.25 -28.42 105.12
C PRO T 33 -116.00 -27.68 104.68
N LEU T 34 -115.07 -28.40 104.08
CA LEU T 34 -113.75 -27.88 103.75
C LEU T 34 -113.67 -27.23 102.37
N VAL T 35 -114.68 -27.41 101.53
CA VAL T 35 -114.53 -27.05 100.12
C VAL T 35 -114.70 -25.55 99.88
N GLY T 36 -115.69 -24.91 100.48
CA GLY T 36 -115.87 -23.49 100.28
C GLY T 36 -116.21 -22.76 101.57
N ARG T 37 -115.35 -21.83 101.97
CA ARG T 37 -115.53 -21.08 103.19
C ARG T 37 -115.28 -19.60 102.90
N LEU T 38 -115.65 -18.75 103.85
CA LEU T 38 -115.26 -17.34 103.77
C LEU T 38 -113.75 -17.20 103.82
N ARG T 39 -113.25 -16.21 103.10
CA ARG T 39 -111.82 -16.02 102.96
C ARG T 39 -111.56 -14.52 103.03
N LEU T 40 -110.46 -14.15 103.69
CA LEU T 40 -110.10 -12.75 103.82
C LEU T 40 -108.58 -12.67 103.71
N THR T 41 -108.10 -12.02 102.66
CA THR T 41 -106.68 -11.98 102.34
C THR T 41 -106.21 -10.54 102.47
N ALA T 42 -105.72 -10.18 103.65
CA ALA T 42 -105.13 -8.87 103.85
C ALA T 42 -103.70 -8.86 103.37
N SER T 43 -103.21 -7.66 103.05
CA SER T 43 -101.82 -7.46 102.63
C SER T 43 -101.42 -6.04 102.99
N LEU T 44 -100.11 -5.80 102.96
CA LEU T 44 -99.55 -4.49 103.24
C LEU T 44 -98.16 -4.43 102.65
N ARG T 45 -97.93 -3.46 101.76
CA ARG T 45 -96.64 -3.31 101.10
C ARG T 45 -96.20 -1.86 101.21
N GLN T 46 -95.05 -1.54 100.60
CA GLN T 46 -94.69 -0.16 100.36
C GLN T 46 -93.93 -0.11 99.03
N ASN T 47 -94.54 0.52 98.03
CA ASN T 47 -94.03 0.50 96.68
C ASN T 47 -93.06 1.64 96.45
N GLY T 48 -91.99 1.34 95.71
CA GLY T 48 -91.03 2.35 95.29
C GLY T 48 -90.02 2.72 96.35
N ALA T 49 -89.82 4.01 96.55
CA ALA T 49 -88.79 4.50 97.46
C ALA T 49 -89.38 4.80 98.84
N LYS T 50 -90.08 3.79 99.38
CA LYS T 50 -90.58 3.75 100.76
C LYS T 50 -91.52 4.89 101.08
N THR T 51 -92.26 5.38 100.09
CA THR T 51 -93.05 6.60 100.24
C THR T 51 -94.55 6.39 100.27
N ALA T 52 -95.05 5.23 99.86
CA ALA T 52 -96.50 5.01 99.79
C ALA T 52 -96.80 3.56 100.13
N TYR T 53 -97.67 3.34 101.09
CA TYR T 53 -98.11 2.01 101.47
C TYR T 53 -99.28 1.58 100.60
N ARG T 54 -99.61 0.29 100.66
CA ARG T 54 -100.64 -0.28 99.80
C ARG T 54 -101.33 -1.41 100.56
N VAL T 55 -102.51 -1.12 101.08
CA VAL T 55 -103.33 -2.13 101.75
C VAL T 55 -104.20 -2.81 100.70
N ASN T 56 -104.48 -4.09 100.88
CA ASN T 56 -105.21 -4.86 99.88
C ASN T 56 -106.01 -5.94 100.59
N LEU T 57 -107.28 -5.68 100.85
CA LEU T 57 -108.19 -6.69 101.37
C LEU T 57 -108.92 -7.37 100.21
N LYS T 58 -109.40 -8.59 100.48
CA LYS T 58 -110.11 -9.36 99.46
C LYS T 58 -111.00 -10.37 100.19
N LEU T 59 -112.31 -10.13 100.16
CA LEU T 59 -113.28 -10.99 100.82
C LEU T 59 -113.89 -11.92 99.78
N ASP T 60 -113.53 -13.20 99.82
CA ASP T 60 -114.15 -14.19 98.95
C ASP T 60 -115.40 -14.74 99.61
N GLN T 61 -116.32 -15.22 98.77
CA GLN T 61 -117.53 -15.87 99.28
C GLN T 61 -118.02 -16.85 98.23
N ALA T 62 -117.87 -18.14 98.51
CA ALA T 62 -118.29 -19.20 97.61
C ALA T 62 -119.67 -19.70 98.02
N ASP T 63 -120.50 -20.02 97.03
CA ASP T 63 -121.85 -20.52 97.28
C ASP T 63 -121.81 -22.03 97.21
N VAL T 64 -121.80 -22.68 98.36
CA VAL T 64 -121.69 -24.12 98.45
C VAL T 64 -123.07 -24.72 98.64
N VAL T 65 -123.40 -25.70 97.79
CA VAL T 65 -124.64 -26.44 97.92
C VAL T 65 -124.28 -27.90 98.18
N ASP T 66 -125.07 -28.57 99.00
CA ASP T 66 -124.83 -29.97 99.37
C ASP T 66 -126.08 -30.75 98.99
N CYS T 67 -125.98 -31.51 97.90
CA CYS T 67 -127.12 -32.23 97.33
C CYS T 67 -126.97 -33.71 97.54
N SER T 68 -126.47 -34.11 98.71
CA SER T 68 -126.27 -35.53 98.99
C SER T 68 -127.56 -36.23 99.36
N THR T 69 -128.54 -35.50 99.91
CA THR T 69 -129.78 -36.15 100.32
C THR T 69 -130.74 -36.30 99.14
N SER T 70 -130.78 -35.30 98.25
CA SER T 70 -131.65 -35.37 97.09
C SER T 70 -131.09 -36.31 96.04
N VAL T 71 -129.91 -35.98 95.50
CA VAL T 71 -129.22 -36.85 94.55
C VAL T 71 -128.34 -37.79 95.37
N CYS T 72 -128.49 -39.09 95.15
CA CYS T 72 -127.74 -40.05 95.93
C CYS T 72 -126.31 -40.14 95.42
N GLY T 73 -125.34 -40.00 96.33
CA GLY T 73 -123.96 -40.28 96.02
C GLY T 73 -123.13 -39.13 95.47
N GLU T 74 -123.40 -37.90 95.88
CA GLU T 74 -122.53 -36.80 95.50
C GLU T 74 -122.25 -35.89 96.70
N LEU T 75 -121.25 -35.04 96.52
CA LEU T 75 -120.57 -34.32 97.59
C LEU T 75 -120.93 -32.83 97.55
N PRO T 76 -120.59 -32.05 98.58
CA PRO T 76 -120.73 -30.59 98.45
C PRO T 76 -119.85 -30.03 97.35
N LYS T 77 -120.28 -28.89 96.82
CA LYS T 77 -119.74 -28.41 95.54
C LYS T 77 -119.96 -26.91 95.46
N VAL T 78 -118.94 -26.20 94.99
CA VAL T 78 -118.98 -24.74 94.89
C VAL T 78 -119.68 -24.36 93.59
N ARG T 79 -120.80 -23.66 93.71
CA ARG T 79 -121.51 -23.16 92.53
C ARG T 79 -120.73 -22.04 91.85
N TYR T 80 -120.52 -20.95 92.57
CA TYR T 80 -119.83 -19.78 92.04
C TYR T 80 -119.07 -19.09 93.16
N THR T 81 -118.37 -18.02 92.81
CA THR T 81 -117.59 -17.26 93.76
C THR T 81 -117.75 -15.76 93.48
N GLN T 82 -118.09 -15.01 94.52
CA GLN T 82 -118.25 -13.56 94.42
C GLN T 82 -117.30 -12.89 95.39
N VAL T 83 -116.45 -12.00 94.89
CA VAL T 83 -115.43 -11.37 95.69
C VAL T 83 -115.77 -9.90 95.88
N TRP T 84 -115.08 -9.26 96.82
CA TRP T 84 -115.13 -7.80 97.00
C TRP T 84 -113.74 -7.40 97.47
N SER T 85 -112.91 -6.96 96.54
CA SER T 85 -111.57 -6.55 96.89
C SER T 85 -111.54 -5.08 97.31
N HIS T 86 -110.44 -4.68 97.93
CA HIS T 86 -110.16 -3.29 98.24
C HIS T 86 -108.72 -3.01 97.85
N ASP T 87 -108.41 -1.73 97.63
CA ASP T 87 -107.04 -1.32 97.30
C ASP T 87 -106.86 0.11 97.81
N VAL T 88 -106.27 0.23 98.98
CA VAL T 88 -106.04 1.52 99.61
C VAL T 88 -104.61 1.95 99.36
N THR T 89 -104.43 3.22 99.02
CA THR T 89 -103.10 3.81 98.86
C THR T 89 -102.92 4.89 99.91
N ILE T 90 -101.96 4.71 100.80
CA ILE T 90 -101.65 5.64 101.86
C ILE T 90 -100.23 6.12 101.66
N VAL T 91 -100.04 7.43 101.64
CA VAL T 91 -98.69 7.99 101.54
C VAL T 91 -98.07 8.06 102.92
N ALA T 92 -96.73 7.92 102.96
CA ALA T 92 -96.05 7.71 104.24
C ALA T 92 -96.00 8.97 105.09
N ASN T 93 -95.75 10.13 104.47
CA ASN T 93 -95.61 11.39 105.21
C ASN T 93 -96.94 12.10 105.40
N SER T 94 -98.05 11.37 105.37
CA SER T 94 -99.36 11.97 105.54
C SER T 94 -99.60 12.36 106.99
N THR T 95 -100.63 13.18 107.19
CA THR T 95 -101.14 13.45 108.52
C THR T 95 -102.21 12.42 108.86
N GLU T 96 -102.50 12.29 110.15
CA GLU T 96 -103.43 11.25 110.60
C GLU T 96 -104.86 11.57 110.20
N ALA T 97 -105.25 12.84 110.25
CA ALA T 97 -106.63 13.21 109.96
C ALA T 97 -106.98 13.12 108.49
N SER T 98 -105.98 13.03 107.61
CA SER T 98 -106.28 12.83 106.19
C SER T 98 -106.68 11.39 105.92
N ARG T 99 -105.94 10.44 106.49
CA ARG T 99 -106.25 9.03 106.28
C ARG T 99 -107.29 8.51 107.26
N LYS T 100 -107.60 9.27 108.31
CA LYS T 100 -108.78 8.96 109.11
C LYS T 100 -110.05 9.38 108.39
N SER T 101 -110.03 10.53 107.72
CA SER T 101 -111.22 11.00 107.01
C SER T 101 -111.45 10.22 105.74
N LEU T 102 -110.39 9.65 105.15
CA LEU T 102 -110.55 8.77 104.00
C LEU T 102 -111.25 7.49 104.40
N TYR T 103 -110.93 6.98 105.59
CA TYR T 103 -111.64 5.81 106.09
C TYR T 103 -113.08 6.15 106.47
N ASP T 104 -113.30 7.36 106.99
CA ASP T 104 -114.63 7.77 107.40
C ASP T 104 -115.58 7.97 106.22
N LEU T 105 -115.05 8.35 105.05
CA LEU T 105 -115.89 8.48 103.88
C LEU T 105 -116.21 7.12 103.28
N THR T 106 -115.24 6.22 103.24
CA THR T 106 -115.46 4.89 102.67
C THR T 106 -116.33 4.03 103.56
N LYS T 107 -116.26 4.24 104.88
CA LYS T 107 -117.18 3.56 105.80
C LYS T 107 -118.61 4.01 105.55
N SER T 108 -118.81 5.28 105.26
CA SER T 108 -120.14 5.81 104.98
C SER T 108 -120.53 5.66 103.52
N LEU T 109 -119.57 5.39 102.63
CA LEU T 109 -119.92 5.12 101.25
C LEU T 109 -120.54 3.74 101.09
N VAL T 110 -119.95 2.73 101.74
CA VAL T 110 -120.49 1.38 101.67
C VAL T 110 -121.81 1.30 102.42
N ALA T 111 -121.95 2.03 103.52
CA ALA T 111 -123.12 1.92 104.37
C ALA T 111 -124.37 2.61 103.82
N THR T 112 -124.27 3.30 102.69
CA THR T 112 -125.44 3.98 102.15
C THR T 112 -126.30 3.00 101.36
N SER T 113 -127.51 3.43 101.04
CA SER T 113 -128.45 2.55 100.35
C SER T 113 -128.38 2.69 98.83
N GLN T 114 -127.42 3.43 98.30
CA GLN T 114 -127.26 3.51 96.85
C GLN T 114 -126.20 2.53 96.36
N VAL T 115 -125.19 2.26 97.17
CA VAL T 115 -124.21 1.23 96.82
C VAL T 115 -124.78 -0.15 97.15
N GLU T 116 -125.80 -0.21 98.01
CA GLU T 116 -126.50 -1.47 98.24
C GLU T 116 -127.22 -1.93 96.98
N ASP T 117 -127.95 -1.03 96.33
CA ASP T 117 -128.64 -1.39 95.10
C ASP T 117 -127.71 -1.54 93.91
N LEU T 118 -126.48 -1.03 94.01
CA LEU T 118 -125.52 -1.20 92.93
C LEU T 118 -124.92 -2.60 92.92
N VAL T 119 -124.78 -3.22 94.09
CA VAL T 119 -124.19 -4.55 94.18
C VAL T 119 -125.29 -5.60 94.13
N VAL T 120 -126.39 -5.36 94.83
CA VAL T 120 -127.46 -6.35 94.88
C VAL T 120 -128.28 -6.32 93.60
N ASN T 121 -128.78 -5.14 93.22
CA ASN T 121 -129.74 -5.03 92.13
C ASN T 121 -129.19 -4.34 90.88
N LEU T 122 -127.90 -3.98 90.90
CA LEU T 122 -127.15 -3.46 89.75
C LEU T 122 -127.70 -2.13 89.23
N VAL T 123 -128.31 -1.33 90.10
CA VAL T 123 -128.79 0.00 89.73
C VAL T 123 -127.65 0.99 89.89
N PRO T 124 -127.39 1.87 88.91
CA PRO T 124 -126.28 2.82 89.03
C PRO T 124 -126.52 3.87 90.10
N LEU T 125 -125.44 4.59 90.42
CA LEU T 125 -125.44 5.51 91.54
C LEU T 125 -126.08 6.84 91.16
N GLY T 126 -126.44 7.61 92.18
CA GLY T 126 -127.01 8.93 91.98
C GLY T 126 -128.52 8.93 91.97
N ARG T 127 -129.12 9.80 92.79
CA ARG T 127 -130.57 9.95 92.84
C ARG T 127 -130.90 11.43 92.80
N ALA T 128 -131.67 11.84 91.80
CA ALA T 128 -132.00 13.25 91.59
C ALA T 128 -133.28 13.61 92.33
N TYR T 129 -133.15 14.26 93.47
CA TYR T 129 -134.29 14.87 94.17
C TYR T 129 -133.93 16.32 94.46
N GLY T 130 -134.57 17.23 93.73
CA GLY T 130 -134.32 18.64 93.88
C GLY T 130 -133.02 19.11 93.27
N GLY T 131 -132.84 18.89 91.97
CA GLY T 131 -131.63 19.31 91.30
C GLY T 131 -131.02 18.22 90.44
N SER T 132 -129.78 17.83 90.75
CA SER T 132 -129.11 16.76 90.04
C SER T 132 -128.99 15.53 90.94
N LYS T 133 -128.31 14.51 90.42
CA LYS T 133 -128.18 13.24 91.13
C LYS T 133 -127.01 13.32 92.11
N THR T 134 -127.30 13.09 93.39
CA THR T 134 -126.33 13.28 94.46
C THR T 134 -126.19 12.03 95.32
N ILE T 135 -125.02 11.88 95.93
CA ILE T 135 -124.78 10.94 97.02
C ILE T 135 -124.35 11.74 98.22
N VAL T 136 -124.98 11.50 99.37
CA VAL T 136 -124.61 12.14 100.62
C VAL T 136 -123.74 11.16 101.42
N LEU T 137 -122.67 11.68 102.00
CA LEU T 137 -121.71 10.88 102.76
C LEU T 137 -121.56 11.51 104.13
N SER T 138 -122.42 11.13 105.06
CA SER T 138 -122.35 11.66 106.41
C SER T 138 -121.21 11.01 107.17
N VAL T 139 -120.36 11.85 107.77
CA VAL T 139 -119.19 11.38 108.50
C VAL T 139 -119.44 11.63 109.98
N GLY T 140 -120.71 11.53 110.38
CA GLY T 140 -121.17 12.01 111.67
C GLY T 140 -122.42 12.83 111.47
N GLU T 141 -122.35 14.12 111.77
CA GLU T 141 -123.43 15.03 111.41
C GLU T 141 -123.14 15.84 110.15
N ALA T 142 -121.86 16.01 109.80
CA ALA T 142 -121.49 16.72 108.59
C ALA T 142 -121.69 15.82 107.38
N THR T 143 -122.41 16.32 106.37
CA THR T 143 -122.74 15.55 105.18
C THR T 143 -122.03 16.15 103.98
N ARG T 144 -121.00 15.47 103.50
CA ARG T 144 -120.26 15.87 102.31
C ARG T 144 -121.02 15.34 101.10
N THR T 145 -121.77 16.23 100.44
CA THR T 145 -122.66 15.85 99.36
C THR T 145 -121.92 15.96 98.02
N LEU T 146 -121.70 14.83 97.37
CA LEU T 146 -121.14 14.80 96.02
C LEU T 146 -122.26 14.98 95.01
N THR T 147 -121.93 15.63 93.89
CA THR T 147 -122.86 15.79 92.78
C THR T 147 -122.27 15.16 91.54
N GLU T 148 -123.14 14.60 90.70
CA GLU T 148 -122.68 13.94 89.49
C GLU T 148 -122.30 14.98 88.44
N ILE T 149 -121.09 14.87 87.92
CA ILE T 149 -120.63 15.78 86.87
C ILE T 149 -120.52 15.11 85.52
N GLN T 150 -120.64 13.79 85.44
CA GLN T 150 -120.42 13.10 84.17
C GLN T 150 -121.14 11.77 84.21
N SER T 151 -121.61 11.32 83.05
CA SER T 151 -122.25 10.02 82.88
C SER T 151 -121.85 9.49 81.51
N THR T 152 -120.82 8.65 81.48
CA THR T 152 -120.31 8.06 80.25
C THR T 152 -121.15 6.81 79.97
N ALA T 153 -120.67 5.93 79.08
CA ALA T 153 -121.39 4.70 78.76
C ALA T 153 -121.48 3.77 79.97
N ASP T 154 -120.36 3.52 80.63
CA ASP T 154 -120.34 2.75 81.87
C ASP T 154 -119.87 3.58 83.06
N ARG T 155 -118.89 4.46 82.85
CA ARG T 155 -118.32 5.29 83.90
C ARG T 155 -119.34 6.33 84.38
N GLN T 156 -119.12 6.81 85.59
CA GLN T 156 -120.05 7.75 86.21
C GLN T 156 -119.27 8.53 87.27
N ILE T 157 -118.85 9.75 86.93
CA ILE T 157 -117.93 10.52 87.74
C ILE T 157 -118.70 11.49 88.62
N PHE T 158 -118.53 11.36 89.94
CA PHE T 158 -119.09 12.28 90.92
C PHE T 158 -118.00 13.19 91.45
N GLU T 159 -118.41 14.32 92.01
CA GLU T 159 -117.45 15.30 92.52
C GLU T 159 -118.15 16.22 93.51
N GLU T 160 -117.42 16.64 94.53
CA GLU T 160 -117.92 17.67 95.44
C GLU T 160 -117.58 19.04 94.89
N LYS T 161 -118.50 19.99 95.08
CA LYS T 161 -118.40 21.29 94.44
C LYS T 161 -117.93 22.41 95.36
N VAL T 162 -117.63 22.11 96.62
CA VAL T 162 -117.15 23.12 97.55
C VAL T 162 -115.63 23.22 97.47
N GLY T 163 -115.13 24.44 97.36
CA GLY T 163 -113.71 24.68 97.42
C GLY T 163 -113.07 24.90 96.06
N PRO T 164 -111.74 24.81 96.01
CA PRO T 164 -111.03 25.07 94.75
C PRO T 164 -111.20 23.92 93.76
N LEU T 165 -110.77 24.18 92.52
CA LEU T 165 -110.86 23.20 91.45
C LEU T 165 -109.72 22.19 91.46
N VAL T 166 -108.65 22.45 92.21
CA VAL T 166 -107.47 21.61 92.09
C VAL T 166 -107.61 20.29 92.86
N GLY T 167 -108.21 20.32 94.06
CA GLY T 167 -108.38 19.09 94.82
C GLY T 167 -109.79 18.95 95.33
N ARG T 168 -110.50 17.92 94.87
CA ARG T 168 -111.88 17.69 95.24
C ARG T 168 -112.12 16.20 95.41
N LEU T 169 -113.21 15.86 96.09
CA LEU T 169 -113.62 14.47 96.21
C LEU T 169 -114.06 13.94 94.86
N ARG T 170 -113.93 12.63 94.67
CA ARG T 170 -114.23 12.01 93.39
C ARG T 170 -114.83 10.63 93.60
N LEU T 171 -115.56 10.17 92.59
CA LEU T 171 -116.12 8.81 92.59
C LEU T 171 -116.25 8.38 91.13
N THR T 172 -115.34 7.54 90.67
CA THR T 172 -115.41 7.01 89.31
C THR T 172 -116.01 5.61 89.41
N ALA T 173 -117.33 5.54 89.54
CA ALA T 173 -118.03 4.27 89.53
C ALA T 173 -118.04 3.68 88.13
N SER T 174 -118.24 2.37 88.05
CA SER T 174 -118.28 1.67 86.77
C SER T 174 -119.15 0.44 86.90
N LEU T 175 -119.43 -0.18 85.76
CA LEU T 175 -120.25 -1.38 85.69
C LEU T 175 -120.01 -2.03 84.33
N ARG T 176 -119.60 -3.30 84.33
CA ARG T 176 -119.30 -4.00 83.10
C ARG T 176 -119.94 -5.39 83.15
N GLN T 177 -119.77 -6.14 82.07
CA GLN T 177 -120.00 -7.58 82.09
C GLN T 177 -119.07 -8.21 81.06
N ASN T 178 -118.18 -9.08 81.51
CA ASN T 178 -117.13 -9.62 80.66
C ASN T 178 -117.62 -10.86 79.91
N GLY T 179 -117.04 -11.06 78.72
CA GLY T 179 -117.23 -12.28 77.96
C GLY T 179 -118.64 -12.53 77.48
N ALA T 180 -119.16 -13.72 77.75
CA ALA T 180 -120.49 -14.11 77.29
C ALA T 180 -121.56 -13.84 78.35
N LYS T 181 -121.57 -12.60 78.87
CA LYS T 181 -122.61 -12.08 79.77
C LYS T 181 -122.77 -12.91 81.03
N THR T 182 -121.66 -13.39 81.60
CA THR T 182 -121.72 -14.33 82.71
C THR T 182 -121.37 -13.74 84.06
N ALA T 183 -120.73 -12.58 84.12
CA ALA T 183 -120.31 -12.01 85.38
C ALA T 183 -120.18 -10.50 85.25
N TYR T 184 -120.73 -9.79 86.22
CA TYR T 184 -120.62 -8.34 86.26
C TYR T 184 -119.35 -7.94 87.01
N ARG T 185 -119.03 -6.64 86.98
CA ARG T 185 -117.84 -6.15 87.66
C ARG T 185 -118.07 -4.68 88.01
N VAL T 186 -118.35 -4.43 89.29
CA VAL T 186 -118.52 -3.07 89.80
C VAL T 186 -117.17 -2.56 90.27
N ASN T 187 -116.90 -1.26 90.06
CA ASN T 187 -115.58 -0.71 90.37
C ASN T 187 -115.75 0.73 90.83
N LEU T 188 -115.74 0.95 92.14
CA LEU T 188 -115.74 2.28 92.71
C LEU T 188 -114.31 2.73 93.01
N LYS T 189 -114.13 4.05 93.13
CA LYS T 189 -112.81 4.63 93.38
C LYS T 189 -113.01 6.01 93.98
N LEU T 190 -112.63 6.18 95.23
CA LEU T 190 -112.80 7.44 95.94
C LEU T 190 -111.44 8.10 96.13
N ASP T 191 -111.21 9.19 95.40
CA ASP T 191 -109.96 9.94 95.51
C ASP T 191 -110.13 11.04 96.56
N GLN T 192 -109.06 11.29 97.31
CA GLN T 192 -109.07 12.37 98.30
C GLN T 192 -107.73 13.06 98.27
N ALA T 193 -107.67 14.22 97.64
CA ALA T 193 -106.47 15.03 97.55
C ALA T 193 -106.45 16.03 98.69
N ASP T 194 -105.29 16.15 99.35
CA ASP T 194 -105.14 17.04 100.50
C ASP T 194 -104.60 18.38 100.02
N VAL T 195 -105.50 19.36 99.90
CA VAL T 195 -105.15 20.68 99.42
C VAL T 195 -104.89 21.56 100.63
N VAL T 196 -103.95 22.50 100.49
CA VAL T 196 -103.57 23.40 101.57
C VAL T 196 -103.36 24.79 100.99
N ASP T 197 -103.61 25.81 101.80
CA ASP T 197 -103.44 27.19 101.39
C ASP T 197 -102.45 27.91 102.32
N CYS T 198 -101.52 28.64 101.73
CA CYS T 198 -100.50 29.35 102.47
C CYS T 198 -100.73 30.86 102.42
N SER T 199 -101.99 31.26 102.23
CA SER T 199 -102.32 32.68 102.02
C SER T 199 -102.15 33.52 103.27
N THR T 200 -102.29 32.92 104.45
CA THR T 200 -102.08 33.69 105.68
C THR T 200 -100.59 33.86 105.97
N SER T 201 -99.74 33.03 105.37
CA SER T 201 -98.30 33.11 105.57
C SER T 201 -97.58 33.76 104.40
N VAL T 202 -97.84 33.30 103.18
CA VAL T 202 -97.17 33.81 101.98
C VAL T 202 -98.22 34.47 101.10
N CYS T 203 -97.94 35.71 100.69
CA CYS T 203 -98.88 36.48 99.89
C CYS T 203 -99.04 35.89 98.49
N GLY T 204 -100.25 36.03 97.95
CA GLY T 204 -100.53 35.66 96.58
C GLY T 204 -100.46 34.18 96.30
N GLU T 205 -100.67 33.34 97.31
CA GLU T 205 -100.48 31.90 97.20
C GLU T 205 -101.83 31.24 96.94
N LEU T 206 -101.98 30.68 95.76
CA LEU T 206 -103.17 29.90 95.44
C LEU T 206 -103.01 28.49 96.00
N PRO T 207 -104.13 27.82 96.34
CA PRO T 207 -104.03 26.48 96.94
C PRO T 207 -103.49 25.45 95.98
N LYS T 208 -102.87 24.42 96.55
CA LYS T 208 -102.24 23.35 95.79
C LYS T 208 -102.34 22.06 96.59
N VAL T 209 -102.20 20.94 95.89
CA VAL T 209 -102.33 19.63 96.50
C VAL T 209 -100.95 19.13 96.94
N ARG T 210 -100.92 18.42 98.06
CA ARG T 210 -99.67 17.85 98.55
C ARG T 210 -99.52 16.41 98.07
N TYR T 211 -100.49 15.56 98.38
CA TYR T 211 -100.46 14.15 98.02
C TYR T 211 -101.88 13.74 97.61
N THR T 212 -102.04 12.44 97.37
CA THR T 212 -103.38 11.91 97.11
C THR T 212 -103.47 10.52 97.73
N GLN T 213 -104.68 10.16 98.15
CA GLN T 213 -104.95 8.88 98.79
C GLN T 213 -106.26 8.34 98.26
N VAL T 214 -106.22 7.12 97.75
CA VAL T 214 -107.38 6.52 97.09
C VAL T 214 -107.89 5.36 97.93
N TRP T 215 -109.11 4.91 97.62
CA TRP T 215 -109.65 3.66 98.15
C TRP T 215 -110.50 3.06 97.04
N SER T 216 -109.91 2.17 96.27
CA SER T 216 -110.62 1.53 95.19
C SER T 216 -111.45 0.36 95.72
N HIS T 217 -112.45 -0.02 94.94
CA HIS T 217 -113.24 -1.22 95.19
C HIS T 217 -113.29 -2.02 93.91
N ASP T 218 -113.47 -3.34 94.06
CA ASP T 218 -113.56 -4.22 92.89
C ASP T 218 -114.48 -5.37 93.26
N VAL T 219 -115.76 -5.21 92.93
CA VAL T 219 -116.79 -6.20 93.23
C VAL T 219 -116.98 -7.06 92.00
N THR T 220 -117.00 -8.37 92.19
CA THR T 220 -117.28 -9.32 91.12
C THR T 220 -118.59 -10.03 91.45
N ILE T 221 -119.55 -9.97 90.53
CA ILE T 221 -120.87 -10.53 90.71
C ILE T 221 -121.17 -11.42 89.51
N VAL T 222 -121.42 -12.70 89.74
CA VAL T 222 -121.77 -13.57 88.63
C VAL T 222 -123.27 -13.44 88.36
N ALA T 223 -123.65 -13.71 87.12
CA ALA T 223 -124.96 -13.30 86.62
C ALA T 223 -126.09 -14.18 87.13
N ASN T 224 -125.83 -15.48 87.31
CA ASN T 224 -126.85 -16.42 87.74
C ASN T 224 -126.90 -16.58 89.25
N SER T 225 -126.58 -15.52 90.00
CA SER T 225 -126.52 -15.55 91.45
C SER T 225 -127.91 -15.68 92.06
N THR T 226 -127.92 -15.85 93.37
CA THR T 226 -129.12 -15.63 94.16
C THR T 226 -129.07 -14.20 94.68
N GLU T 227 -130.24 -13.58 94.85
CA GLU T 227 -130.26 -12.24 95.41
C GLU T 227 -129.87 -12.24 96.88
N ALA T 228 -130.08 -13.36 97.58
CA ALA T 228 -129.61 -13.48 98.95
C ALA T 228 -128.11 -13.72 99.04
N SER T 229 -127.46 -14.06 97.93
CA SER T 229 -126.01 -14.21 97.93
C SER T 229 -125.31 -12.89 97.68
N ARG T 230 -125.91 -12.01 96.86
CA ARG T 230 -125.37 -10.67 96.69
C ARG T 230 -125.64 -9.82 97.90
N LYS T 231 -126.73 -10.09 98.62
CA LYS T 231 -127.04 -9.33 99.82
C LYS T 231 -126.09 -9.67 100.96
N SER T 232 -125.72 -10.96 101.08
CA SER T 232 -124.82 -11.36 102.16
C SER T 232 -123.39 -10.91 101.88
N LEU T 233 -123.00 -10.82 100.61
CA LEU T 233 -121.67 -10.31 100.28
C LEU T 233 -121.56 -8.83 100.59
N TYR T 234 -122.62 -8.07 100.32
CA TYR T 234 -122.61 -6.65 100.66
C TYR T 234 -122.64 -6.44 102.17
N ASP T 235 -123.44 -7.25 102.87
CA ASP T 235 -123.59 -7.13 104.32
C ASP T 235 -122.32 -7.50 105.08
N LEU T 236 -121.49 -8.38 104.53
CA LEU T 236 -120.23 -8.69 105.17
C LEU T 236 -119.19 -7.61 104.92
N THR T 237 -119.18 -7.02 103.72
CA THR T 237 -118.24 -5.94 103.43
C THR T 237 -118.64 -4.65 104.13
N LYS T 238 -119.94 -4.42 104.32
CA LYS T 238 -120.39 -3.30 105.13
C LYS T 238 -119.98 -3.49 106.58
N SER T 239 -119.99 -4.72 107.05
CA SER T 239 -119.58 -5.02 108.42
C SER T 239 -118.07 -5.12 108.57
N LEU T 240 -117.35 -5.43 107.49
CA LEU T 240 -115.90 -5.52 107.59
C LEU T 240 -115.27 -4.14 107.72
N VAL T 241 -115.71 -3.19 106.90
CA VAL T 241 -115.16 -1.83 106.93
C VAL T 241 -115.53 -1.13 108.24
N ALA T 242 -116.68 -1.44 108.80
CA ALA T 242 -117.13 -0.81 110.04
C ALA T 242 -116.41 -1.31 111.28
N THR T 243 -115.55 -2.34 111.17
CA THR T 243 -114.85 -2.85 112.33
C THR T 243 -113.71 -1.92 112.72
N SER T 244 -113.22 -2.11 113.95
CA SER T 244 -112.10 -1.33 114.44
C SER T 244 -110.75 -1.93 114.04
N GLN T 245 -110.74 -3.12 113.45
CA GLN T 245 -109.49 -3.71 113.00
C GLN T 245 -109.04 -3.12 111.66
N VAL T 246 -109.99 -2.86 110.77
CA VAL T 246 -109.69 -2.23 109.50
C VAL T 246 -109.47 -0.73 109.66
N GLU T 247 -110.02 -0.13 110.72
CA GLU T 247 -109.75 1.26 111.03
C GLU T 247 -108.27 1.47 111.38
N ASP T 248 -107.73 0.60 112.23
CA ASP T 248 -106.32 0.69 112.58
C ASP T 248 -105.41 0.18 111.47
N LEU T 249 -105.93 -0.61 110.54
CA LEU T 249 -105.12 -1.05 109.41
C LEU T 249 -104.89 0.07 108.42
N VAL T 250 -105.81 1.03 108.34
CA VAL T 250 -105.67 2.15 107.42
C VAL T 250 -105.06 3.36 108.12
N VAL T 251 -105.51 3.68 109.32
CA VAL T 251 -105.01 4.86 110.03
C VAL T 251 -103.61 4.59 110.59
N ASN T 252 -103.41 3.44 111.22
CA ASN T 252 -102.16 3.17 111.94
C ASN T 252 -101.39 1.98 111.42
N LEU T 253 -101.84 1.33 110.34
CA LEU T 253 -101.19 0.19 109.69
C LEU T 253 -101.00 -1.02 110.61
N VAL T 254 -101.87 -1.17 111.60
CA VAL T 254 -101.82 -2.35 112.48
C VAL T 254 -102.46 -3.51 111.75
N PRO T 255 -101.80 -4.67 111.66
CA PRO T 255 -102.38 -5.80 110.92
C PRO T 255 -103.60 -6.38 111.62
N LEU T 256 -104.37 -7.16 110.86
CA LEU T 256 -105.64 -7.67 111.34
C LEU T 256 -105.43 -8.87 112.26
N GLY T 257 -106.44 -9.14 113.08
CA GLY T 257 -106.42 -10.30 113.94
C GLY T 257 -106.10 -10.00 115.39
N ARG T 258 -107.03 -10.32 116.29
CA ARG T 258 -106.81 -10.15 117.71
C ARG T 258 -107.31 -11.36 118.50
N SER U 1 -103.97 -66.19 103.28
CA SER U 1 -102.55 -66.53 103.29
C SER U 1 -101.77 -65.59 104.19
N LYS U 2 -101.15 -64.58 103.59
CA LYS U 2 -100.34 -63.60 104.30
C LYS U 2 -101.18 -62.38 104.58
N THR U 3 -101.37 -62.06 105.86
CA THR U 3 -102.35 -61.06 106.27
C THR U 3 -101.75 -60.03 107.20
N ILE U 4 -102.27 -58.81 107.12
CA ILE U 4 -102.11 -57.78 108.14
C ILE U 4 -103.49 -57.44 108.67
N VAL U 5 -103.65 -57.42 109.98
CA VAL U 5 -104.93 -57.14 110.62
C VAL U 5 -104.87 -55.76 111.25
N LEU U 6 -105.76 -54.88 110.81
CA LEU U 6 -105.85 -53.51 111.31
C LEU U 6 -107.12 -53.38 112.13
N SER U 7 -106.98 -53.35 113.45
CA SER U 7 -108.13 -53.20 114.33
C SER U 7 -108.44 -51.73 114.55
N VAL U 8 -109.70 -51.35 114.34
CA VAL U 8 -110.14 -49.96 114.43
C VAL U 8 -111.05 -49.91 115.64
N GLY U 9 -110.71 -50.69 116.66
CA GLY U 9 -111.55 -50.84 117.83
C GLY U 9 -111.94 -52.28 118.02
N GLU U 10 -113.21 -52.58 117.84
CA GLU U 10 -113.67 -53.97 117.81
C GLU U 10 -113.80 -54.52 116.39
N ALA U 11 -113.80 -53.65 115.38
CA ALA U 11 -113.86 -54.10 114.00
C ALA U 11 -112.46 -54.23 113.44
N THR U 12 -112.17 -55.37 112.81
CA THR U 12 -110.87 -55.64 112.22
C THR U 12 -111.01 -55.71 110.70
N ARG U 13 -110.11 -55.03 110.00
CA ARG U 13 -110.10 -55.01 108.54
C ARG U 13 -108.86 -55.76 108.08
N THR U 14 -109.06 -57.01 107.65
CA THR U 14 -107.96 -57.90 107.32
C THR U 14 -107.55 -57.71 105.86
N LEU U 15 -106.34 -57.20 105.64
CA LEU U 15 -105.76 -57.11 104.32
C LEU U 15 -105.03 -58.40 103.98
N THR U 16 -105.09 -58.78 102.71
CA THR U 16 -104.37 -59.97 102.25
C THR U 16 -103.41 -59.58 101.13
N GLU U 17 -102.32 -60.31 101.04
CA GLU U 17 -101.29 -60.02 100.04
C GLU U 17 -101.72 -60.53 98.68
N ILE U 18 -101.64 -59.67 97.68
CA ILE U 18 -102.07 -60.02 96.32
C ILE U 18 -100.92 -60.01 95.31
N GLN U 19 -99.76 -59.46 95.65
CA GLN U 19 -98.66 -59.33 94.71
C GLN U 19 -97.37 -59.15 95.49
N SER U 20 -96.32 -59.85 95.07
CA SER U 20 -95.04 -59.80 95.80
C SER U 20 -93.92 -59.79 94.76
N THR U 21 -93.28 -58.64 94.60
CA THR U 21 -92.12 -58.49 93.75
C THR U 21 -90.90 -58.77 94.63
N ALA U 22 -89.69 -58.44 94.18
CA ALA U 22 -88.50 -58.58 95.00
C ALA U 22 -88.57 -57.73 96.26
N ASP U 23 -88.83 -56.43 96.10
CA ASP U 23 -88.96 -55.51 97.22
C ASP U 23 -90.37 -55.00 97.42
N ARG U 24 -91.08 -54.66 96.35
CA ARG U 24 -92.44 -54.15 96.46
C ARG U 24 -93.40 -55.28 96.84
N GLN U 25 -94.43 -54.92 97.60
CA GLN U 25 -95.29 -55.93 98.23
C GLN U 25 -96.66 -55.29 98.45
N ILE U 26 -97.66 -55.73 97.70
CA ILE U 26 -98.96 -55.09 97.65
C ILE U 26 -99.97 -55.93 98.40
N PHE U 27 -100.62 -55.33 99.40
CA PHE U 27 -101.71 -55.93 100.13
C PHE U 27 -103.03 -55.31 99.70
N GLU U 28 -104.13 -56.00 100.00
CA GLU U 28 -105.45 -55.55 99.59
C GLU U 28 -106.49 -56.21 100.45
N GLU U 29 -107.59 -55.50 100.69
CA GLU U 29 -108.73 -56.06 101.40
C GLU U 29 -109.72 -56.67 100.41
N LYS U 30 -110.00 -57.96 100.58
CA LYS U 30 -110.79 -58.71 99.62
C LYS U 30 -112.29 -58.68 99.88
N VAL U 31 -112.79 -57.67 100.59
CA VAL U 31 -114.21 -57.59 100.88
C VAL U 31 -114.85 -56.50 100.03
N GLY U 32 -115.90 -56.88 99.29
CA GLY U 32 -116.66 -55.93 98.53
C GLY U 32 -116.43 -56.03 97.03
N PRO U 33 -116.82 -54.98 96.29
CA PRO U 33 -116.58 -54.97 94.84
C PRO U 33 -115.12 -54.84 94.46
N LEU U 34 -114.84 -54.92 93.17
CA LEU U 34 -113.47 -54.94 92.67
C LEU U 34 -112.92 -53.57 92.35
N VAL U 35 -113.73 -52.52 92.40
CA VAL U 35 -113.31 -51.24 91.85
C VAL U 35 -112.47 -50.42 92.83
N GLY U 36 -112.86 -50.34 94.10
CA GLY U 36 -112.05 -49.61 95.07
C GLY U 36 -111.92 -50.35 96.37
N ARG U 37 -110.70 -50.71 96.74
CA ARG U 37 -110.43 -51.46 97.95
C ARG U 37 -109.28 -50.79 98.68
N LEU U 38 -109.11 -51.16 99.95
CA LEU U 38 -107.94 -50.76 100.70
C LEU U 38 -106.67 -51.32 100.07
N ARG U 39 -105.60 -50.55 100.15
CA ARG U 39 -104.35 -50.91 99.50
C ARG U 39 -103.22 -50.60 100.45
N LEU U 40 -102.16 -51.40 100.38
CA LEU U 40 -101.00 -51.20 101.24
C LEU U 40 -99.79 -51.66 100.46
N THR U 41 -98.94 -50.71 100.06
CA THR U 41 -97.80 -50.99 99.19
C THR U 41 -96.53 -50.79 100.00
N ALA U 42 -96.06 -51.88 100.61
CA ALA U 42 -94.79 -51.83 101.30
C ALA U 42 -93.64 -52.06 100.32
N SER U 43 -92.47 -51.54 100.68
CA SER U 43 -91.26 -51.77 99.90
C SER U 43 -90.06 -51.56 100.82
N LEU U 44 -88.89 -51.96 100.33
CA LEU U 44 -87.67 -51.85 101.11
C LEU U 44 -86.49 -51.89 100.14
N ARG U 45 -85.67 -50.84 100.16
CA ARG U 45 -84.54 -50.75 99.25
C ARG U 45 -83.28 -50.51 100.08
N GLN U 46 -82.14 -50.41 99.38
CA GLN U 46 -80.92 -49.85 99.98
C GLN U 46 -80.13 -49.22 98.85
N ASN U 47 -80.31 -47.91 98.67
CA ASN U 47 -79.66 -47.21 97.58
C ASN U 47 -78.35 -46.58 98.05
N GLY U 48 -77.45 -46.37 97.09
CA GLY U 48 -76.14 -45.84 97.39
C GLY U 48 -75.11 -46.94 97.54
N ALA U 49 -74.14 -46.75 98.43
CA ALA U 49 -73.10 -47.73 98.67
C ALA U 49 -73.46 -48.67 99.82
N LYS U 50 -74.69 -49.21 99.75
CA LYS U 50 -75.22 -50.22 100.66
C LYS U 50 -75.19 -49.78 102.12
N THR U 51 -75.41 -48.49 102.38
CA THR U 51 -75.25 -47.94 103.72
C THR U 51 -76.54 -47.48 104.39
N ALA U 52 -77.64 -47.37 103.65
CA ALA U 52 -78.88 -46.86 104.22
C ALA U 52 -80.06 -47.55 103.56
N TYR U 53 -80.99 -48.03 104.37
CA TYR U 53 -82.21 -48.64 103.86
C TYR U 53 -83.31 -47.58 103.71
N ARG U 54 -84.39 -47.97 103.05
CA ARG U 54 -85.48 -47.04 102.77
C ARG U 54 -86.79 -47.82 102.76
N VAL U 55 -87.51 -47.78 103.87
CA VAL U 55 -88.84 -48.37 103.97
C VAL U 55 -89.86 -47.36 103.47
N ASN U 56 -90.87 -47.84 102.74
CA ASN U 56 -91.82 -46.94 102.10
C ASN U 56 -93.19 -47.60 102.11
N LEU U 57 -94.01 -47.26 103.10
CA LEU U 57 -95.40 -47.70 103.13
C LEU U 57 -96.29 -46.67 102.46
N LYS U 58 -97.45 -47.14 101.99
CA LYS U 58 -98.42 -46.26 101.33
C LYS U 58 -99.78 -46.91 101.46
N LEU U 59 -100.67 -46.30 102.22
CA LEU U 59 -102.01 -46.83 102.46
C LEU U 59 -103.01 -46.00 101.67
N ASP U 60 -103.54 -46.58 100.60
CA ASP U 60 -104.57 -45.92 99.82
C ASP U 60 -105.94 -46.18 100.44
N GLN U 61 -106.90 -45.32 100.11
CA GLN U 61 -108.28 -45.54 100.52
C GLN U 61 -109.19 -44.84 99.52
N ALA U 62 -109.93 -45.61 98.75
CA ALA U 62 -110.87 -45.09 97.77
C ALA U 62 -112.26 -45.08 98.37
N ASP U 63 -113.01 -44.02 98.10
CA ASP U 63 -114.38 -43.89 98.60
C ASP U 63 -115.33 -44.28 97.48
N VAL U 64 -115.83 -45.49 97.54
CA VAL U 64 -116.75 -46.00 96.53
C VAL U 64 -118.19 -45.76 97.00
N VAL U 65 -119.09 -45.69 96.03
CA VAL U 65 -120.52 -45.57 96.31
C VAL U 65 -121.26 -46.32 95.21
N ASP U 66 -122.24 -47.12 95.60
CA ASP U 66 -123.00 -47.95 94.66
C ASP U 66 -124.39 -47.35 94.55
N CYS U 67 -124.63 -46.64 93.47
CA CYS U 67 -125.85 -45.86 93.28
C CYS U 67 -126.80 -46.56 92.33
N SER U 68 -126.78 -47.90 92.34
CA SER U 68 -127.61 -48.66 91.41
C SER U 68 -129.06 -48.71 91.82
N THR U 69 -129.37 -48.57 93.11
CA THR U 69 -130.75 -48.68 93.56
C THR U 69 -131.53 -47.40 93.27
N SER U 70 -130.93 -46.25 93.54
CA SER U 70 -131.60 -44.98 93.27
C SER U 70 -131.59 -44.66 91.79
N VAL U 71 -130.41 -44.50 91.21
CA VAL U 71 -130.26 -44.26 89.78
C VAL U 71 -130.20 -45.62 89.09
N CYS U 72 -131.10 -45.83 88.13
CA CYS U 72 -131.17 -47.13 87.47
C CYS U 72 -130.07 -47.25 86.43
N GLY U 73 -129.33 -48.35 86.50
CA GLY U 73 -128.40 -48.72 85.45
C GLY U 73 -127.00 -48.17 85.54
N GLU U 74 -126.48 -47.94 86.74
CA GLU U 74 -125.11 -47.50 86.88
C GLU U 74 -124.40 -48.31 87.96
N LEU U 75 -123.07 -48.26 87.89
CA LEU U 75 -122.17 -49.17 88.60
C LEU U 75 -121.48 -48.45 89.74
N PRO U 76 -120.87 -49.16 90.70
CA PRO U 76 -120.05 -48.47 91.70
C PRO U 76 -118.83 -47.80 91.09
N LYS U 77 -118.44 -46.69 91.70
CA LYS U 77 -117.39 -45.83 91.16
C LYS U 77 -116.64 -45.19 92.30
N VAL U 78 -115.39 -44.80 92.05
CA VAL U 78 -114.55 -44.16 93.04
C VAL U 78 -114.73 -42.65 92.92
N ARG U 79 -115.19 -42.02 94.01
CA ARG U 79 -115.32 -40.57 94.01
C ARG U 79 -113.98 -39.89 94.19
N TYR U 80 -113.22 -40.30 95.21
CA TYR U 80 -111.93 -39.70 95.51
C TYR U 80 -111.03 -40.73 96.17
N THR U 81 -109.77 -40.36 96.36
CA THR U 81 -108.76 -41.23 96.94
C THR U 81 -107.90 -40.43 97.91
N GLN U 82 -107.74 -40.95 99.12
CA GLN U 82 -106.94 -40.32 100.15
C GLN U 82 -105.86 -41.28 100.61
N VAL U 83 -104.61 -40.86 100.55
CA VAL U 83 -103.49 -41.72 100.86
C VAL U 83 -102.80 -41.22 102.13
N TRP U 84 -101.99 -42.08 102.73
CA TRP U 84 -101.10 -41.70 103.83
C TRP U 84 -99.81 -42.50 103.61
N SER U 85 -98.79 -41.83 103.11
CA SER U 85 -97.53 -42.50 102.83
C SER U 85 -96.60 -42.40 104.04
N HIS U 86 -95.56 -43.22 104.03
CA HIS U 86 -94.46 -43.14 104.97
C HIS U 86 -93.17 -43.29 104.19
N ASP U 87 -92.09 -42.73 104.73
CA ASP U 87 -90.77 -42.86 104.10
C ASP U 87 -89.73 -42.85 105.22
N VAL U 88 -89.34 -44.03 105.65
CA VAL U 88 -88.40 -44.18 106.75
C VAL U 88 -87.01 -44.34 106.18
N THR U 89 -86.03 -43.64 106.78
CA THR U 89 -84.63 -43.78 106.42
C THR U 89 -83.88 -44.40 107.58
N ILE U 90 -83.28 -45.56 107.35
CA ILE U 90 -82.55 -46.31 108.37
C ILE U 90 -81.14 -46.52 107.86
N VAL U 91 -80.14 -46.06 108.61
CA VAL U 91 -78.75 -46.32 108.25
C VAL U 91 -78.36 -47.70 108.76
N ALA U 92 -77.47 -48.36 108.01
CA ALA U 92 -77.26 -49.80 108.14
C ALA U 92 -76.53 -50.17 109.42
N ASN U 93 -75.60 -49.33 109.89
CA ASN U 93 -74.81 -49.62 111.07
C ASN U 93 -75.43 -49.04 112.34
N SER U 94 -76.75 -48.99 112.40
CA SER U 94 -77.46 -48.38 113.52
C SER U 94 -77.34 -49.22 114.78
N THR U 95 -77.85 -48.65 115.87
CA THR U 95 -78.14 -49.40 117.08
C THR U 95 -79.60 -49.79 117.05
N GLU U 96 -79.92 -50.93 117.68
CA GLU U 96 -81.32 -51.37 117.73
C GLU U 96 -82.17 -50.44 118.57
N ALA U 97 -81.59 -49.86 119.62
CA ALA U 97 -82.32 -48.88 120.42
C ALA U 97 -82.48 -47.55 119.69
N SER U 98 -81.69 -47.30 118.66
CA SER U 98 -81.92 -46.12 117.83
C SER U 98 -83.11 -46.32 116.91
N ARG U 99 -83.24 -47.52 116.35
CA ARG U 99 -84.39 -47.85 115.53
C ARG U 99 -85.66 -48.02 116.35
N LYS U 100 -85.54 -48.55 117.58
CA LYS U 100 -86.73 -48.74 118.42
C LYS U 100 -87.27 -47.41 118.92
N SER U 101 -86.38 -46.46 119.24
CA SER U 101 -86.83 -45.18 119.77
C SER U 101 -87.44 -44.32 118.67
N LEU U 102 -86.95 -44.45 117.44
CA LEU U 102 -87.54 -43.73 116.31
C LEU U 102 -88.95 -44.24 116.01
N TYR U 103 -89.14 -45.56 116.13
CA TYR U 103 -90.47 -46.12 115.93
C TYR U 103 -91.40 -45.77 117.08
N ASP U 104 -90.87 -45.74 118.31
CA ASP U 104 -91.70 -45.45 119.48
C ASP U 104 -92.15 -44.00 119.53
N LEU U 105 -91.41 -43.08 118.92
CA LEU U 105 -91.86 -41.70 118.84
C LEU U 105 -92.92 -41.54 117.77
N THR U 106 -92.74 -42.17 116.62
CA THR U 106 -93.69 -42.06 115.53
C THR U 106 -94.99 -42.80 115.84
N LYS U 107 -94.90 -43.89 116.62
CA LYS U 107 -96.12 -44.57 117.07
C LYS U 107 -96.92 -43.68 118.02
N SER U 108 -96.23 -42.87 118.82
CA SER U 108 -96.88 -41.95 119.72
C SER U 108 -97.19 -40.60 119.08
N LEU U 109 -96.52 -40.26 117.98
CA LEU U 109 -96.85 -39.02 117.28
C LEU U 109 -98.17 -39.15 116.54
N VAL U 110 -98.40 -40.28 115.89
CA VAL U 110 -99.66 -40.48 115.19
C VAL U 110 -100.80 -40.66 116.18
N ALA U 111 -100.54 -41.32 117.31
CA ALA U 111 -101.59 -41.64 118.27
C ALA U 111 -102.03 -40.46 119.12
N THR U 112 -101.46 -39.28 118.95
CA THR U 112 -101.87 -38.12 119.75
C THR U 112 -103.09 -37.46 119.14
N SER U 113 -103.71 -36.58 119.92
CA SER U 113 -104.92 -35.90 119.48
C SER U 113 -104.64 -34.59 118.75
N GLN U 114 -103.38 -34.25 118.51
CA GLN U 114 -103.08 -33.06 117.72
C GLN U 114 -102.86 -33.39 116.26
N VAL U 115 -102.30 -34.57 115.97
CA VAL U 115 -102.17 -35.02 114.59
C VAL U 115 -103.50 -35.58 114.11
N GLU U 116 -104.39 -35.97 115.03
CA GLU U 116 -105.74 -36.35 114.65
C GLU U 116 -106.50 -35.17 114.07
N ASP U 117 -106.46 -34.03 114.75
CA ASP U 117 -107.15 -32.84 114.26
C ASP U 117 -106.45 -32.20 113.07
N LEU U 118 -105.20 -32.56 112.81
CA LEU U 118 -104.49 -32.00 111.67
C LEU U 118 -104.94 -32.62 110.35
N VAL U 119 -105.36 -33.90 110.36
CA VAL U 119 -105.75 -34.55 109.12
C VAL U 119 -107.27 -34.61 109.01
N VAL U 120 -107.96 -34.54 110.14
CA VAL U 120 -109.42 -34.58 110.10
C VAL U 120 -110.00 -33.18 109.96
N ASN U 121 -109.56 -32.25 110.80
CA ASN U 121 -110.12 -30.91 110.86
C ASN U 121 -109.17 -29.83 110.36
N LEU U 122 -107.97 -30.22 109.93
CA LEU U 122 -107.01 -29.37 109.21
C LEU U 122 -106.48 -28.20 110.04
N VAL U 123 -106.53 -28.31 111.37
CA VAL U 123 -105.96 -27.26 112.21
C VAL U 123 -104.52 -27.63 112.56
N PRO U 124 -103.59 -26.67 112.66
CA PRO U 124 -102.17 -27.01 112.78
C PRO U 124 -101.81 -27.55 114.16
N LEU U 125 -100.54 -27.93 114.28
CA LEU U 125 -100.02 -28.57 115.47
C LEU U 125 -99.65 -27.55 116.54
N GLY U 126 -99.47 -28.05 117.75
CA GLY U 126 -99.04 -27.21 118.85
C GLY U 126 -100.20 -26.58 119.61
N ARG U 127 -100.19 -26.73 120.93
CA ARG U 127 -101.19 -26.12 121.79
C ARG U 127 -100.50 -25.48 122.98
N ALA U 128 -100.79 -24.20 123.21
CA ALA U 128 -100.11 -23.43 124.26
C ALA U 128 -100.85 -23.58 125.58
N TYR U 129 -100.23 -24.27 126.54
CA TYR U 129 -100.75 -24.38 127.89
C TYR U 129 -99.61 -24.12 128.87
N GLY U 130 -99.53 -22.89 129.34
CA GLY U 130 -98.49 -22.49 130.28
C GLY U 130 -97.15 -22.27 129.63
N GLY U 131 -97.07 -21.33 128.70
CA GLY U 131 -95.82 -21.05 128.00
C GLY U 131 -95.98 -20.97 126.50
N SER U 132 -95.32 -21.87 125.78
CA SER U 132 -95.42 -21.91 124.33
C SER U 132 -96.23 -23.13 123.89
N LYS U 133 -96.31 -23.33 122.58
CA LYS U 133 -97.08 -24.42 122.02
C LYS U 133 -96.23 -25.68 121.98
N THR U 134 -96.73 -26.76 122.58
CA THR U 134 -95.96 -27.98 122.76
C THR U 134 -96.73 -29.19 122.26
N ILE U 135 -95.99 -30.23 121.86
CA ILE U 135 -96.51 -31.57 121.62
C ILE U 135 -95.82 -32.52 122.59
N VAL U 136 -96.61 -33.34 123.27
CA VAL U 136 -96.08 -34.29 124.25
C VAL U 136 -96.09 -35.68 123.62
N LEU U 137 -94.91 -36.27 123.47
CA LEU U 137 -94.75 -37.59 122.86
C LEU U 137 -94.37 -38.57 123.96
N SER U 138 -95.36 -39.23 124.53
CA SER U 138 -95.12 -40.21 125.58
C SER U 138 -94.58 -41.51 125.00
N VAL U 139 -93.50 -42.02 125.60
CA VAL U 139 -92.81 -43.20 125.11
C VAL U 139 -93.04 -44.24 126.20
N GLY U 140 -94.24 -44.20 126.79
CA GLY U 140 -94.53 -44.96 128.00
C GLY U 140 -94.90 -44.00 129.10
N GLU U 141 -94.03 -43.86 130.09
CA GLU U 141 -94.16 -42.78 131.07
C GLU U 141 -93.19 -41.64 130.83
N ALA U 142 -92.11 -41.87 130.09
CA ALA U 142 -91.18 -40.81 129.73
C ALA U 142 -91.76 -39.98 128.60
N THR U 143 -91.96 -38.69 128.85
CA THR U 143 -92.60 -37.79 127.89
C THR U 143 -91.56 -36.82 127.35
N ARG U 144 -91.26 -36.93 126.07
CA ARG U 144 -90.32 -36.04 125.40
C ARG U 144 -91.14 -34.91 124.77
N THR U 145 -91.10 -33.74 125.42
CA THR U 145 -91.94 -32.61 125.03
C THR U 145 -91.19 -31.74 124.03
N LEU U 146 -91.68 -31.71 122.79
CA LEU U 146 -91.17 -30.79 121.79
C LEU U 146 -91.84 -29.44 121.94
N THR U 147 -91.06 -28.37 121.75
CA THR U 147 -91.58 -27.01 121.80
C THR U 147 -91.41 -26.37 120.43
N GLU U 148 -92.39 -25.55 120.05
CA GLU U 148 -92.37 -24.92 118.74
C GLU U 148 -91.35 -23.79 118.72
N ILE U 149 -90.45 -23.84 117.75
CA ILE U 149 -89.42 -22.82 117.61
C ILE U 149 -89.62 -21.93 116.39
N GLN U 150 -90.56 -22.26 115.52
CA GLN U 150 -90.73 -21.48 114.30
C GLN U 150 -92.15 -21.65 113.80
N SER U 151 -92.68 -20.63 113.15
CA SER U 151 -94.00 -20.66 112.53
C SER U 151 -93.90 -19.84 111.24
N THR U 152 -93.66 -20.54 110.13
CA THR U 152 -93.54 -19.90 108.83
C THR U 152 -94.95 -19.79 108.25
N ALA U 153 -95.08 -19.54 106.94
CA ALA U 153 -96.39 -19.43 106.31
C ALA U 153 -97.15 -20.75 106.35
N ASP U 154 -96.50 -21.84 105.93
CA ASP U 154 -97.07 -23.17 106.02
C ASP U 154 -96.29 -24.07 106.98
N ARG U 155 -94.96 -23.94 106.99
CA ARG U 155 -94.09 -24.77 107.81
C ARG U 155 -94.26 -24.45 109.29
N GLN U 156 -93.87 -25.41 110.12
CA GLN U 156 -94.03 -25.31 111.57
C GLN U 156 -93.00 -26.23 112.20
N ILE U 157 -91.90 -25.67 112.70
CA ILE U 157 -90.76 -26.45 113.17
C ILE U 157 -90.80 -26.55 114.69
N PHE U 158 -90.87 -27.77 115.20
CA PHE U 158 -90.80 -28.05 116.62
C PHE U 158 -89.41 -28.60 116.94
N GLU U 159 -89.03 -28.51 118.22
CA GLU U 159 -87.72 -28.97 118.63
C GLU U 159 -87.72 -29.23 120.13
N GLU U 160 -87.02 -30.28 120.54
CA GLU U 160 -86.78 -30.53 121.94
C GLU U 160 -85.58 -29.74 122.43
N LYS U 161 -85.69 -29.17 123.63
CA LYS U 161 -84.71 -28.22 124.13
C LYS U 161 -83.71 -28.84 125.09
N VAL U 162 -83.85 -30.11 125.44
CA VAL U 162 -82.94 -30.75 126.37
C VAL U 162 -81.72 -31.27 125.62
N GLY U 163 -80.53 -30.92 126.12
CA GLY U 163 -79.30 -31.45 125.59
C GLY U 163 -78.53 -30.47 124.74
N PRO U 164 -77.57 -30.98 123.96
CA PRO U 164 -76.73 -30.10 123.14
C PRO U 164 -77.48 -29.54 121.95
N LEU U 165 -76.83 -28.60 121.27
CA LEU U 165 -77.39 -27.92 120.11
C LEU U 165 -77.19 -28.67 118.81
N VAL U 166 -76.30 -29.66 118.79
CA VAL U 166 -75.92 -30.26 117.51
C VAL U 166 -76.95 -31.27 117.02
N GLY U 167 -77.48 -32.13 117.90
CA GLY U 167 -78.47 -33.09 117.49
C GLY U 167 -79.67 -33.09 118.41
N ARG U 168 -80.84 -32.72 117.87
CA ARG U 168 -82.06 -32.66 118.66
C ARG U 168 -83.20 -33.24 117.83
N LEU U 169 -84.30 -33.53 118.51
CA LEU U 169 -85.52 -33.92 117.80
C LEU U 169 -86.08 -32.75 117.01
N ARG U 170 -86.42 -33.03 115.76
CA ARG U 170 -87.04 -32.02 114.90
C ARG U 170 -88.37 -32.56 114.42
N LEU U 171 -89.27 -31.65 114.09
CA LEU U 171 -90.60 -32.03 113.60
C LEU U 171 -91.11 -30.87 112.74
N THR U 172 -91.02 -31.03 111.42
CA THR U 172 -91.38 -29.96 110.49
C THR U 172 -92.72 -30.32 109.84
N ALA U 173 -93.80 -29.90 110.48
CA ALA U 173 -95.11 -30.07 109.89
C ALA U 173 -95.32 -29.07 108.75
N SER U 174 -96.32 -29.35 107.92
CA SER U 174 -96.63 -28.50 106.78
C SER U 174 -98.11 -28.69 106.44
N LEU U 175 -98.62 -27.80 105.59
CA LEU U 175 -99.99 -27.86 105.12
C LEU U 175 -100.10 -27.00 103.89
N ARG U 176 -100.56 -27.59 102.79
CA ARG U 176 -100.67 -26.90 101.51
C ARG U 176 -102.03 -27.18 100.90
N GLN U 177 -102.28 -26.58 99.73
CA GLN U 177 -103.36 -27.02 98.87
C GLN U 177 -102.93 -26.76 97.43
N ASN U 178 -102.72 -27.83 96.68
CA ASN U 178 -102.17 -27.75 95.33
C ASN U 178 -103.29 -27.57 94.31
N GLY U 179 -103.04 -26.68 93.35
CA GLY U 179 -103.94 -26.50 92.23
C GLY U 179 -105.08 -25.57 92.50
N ALA U 180 -106.28 -25.94 92.06
CA ALA U 180 -107.46 -25.10 92.19
C ALA U 180 -108.25 -25.43 93.45
N LYS U 181 -107.56 -25.42 94.60
CA LYS U 181 -108.12 -25.63 95.93
C LYS U 181 -108.88 -26.95 96.06
N THR U 182 -108.39 -27.99 95.40
CA THR U 182 -109.11 -29.25 95.33
C THR U 182 -108.57 -30.33 96.27
N ALA U 183 -107.34 -30.20 96.75
CA ALA U 183 -106.75 -31.24 97.58
C ALA U 183 -105.67 -30.65 98.46
N TYR U 184 -105.69 -31.01 99.74
CA TYR U 184 -104.69 -30.59 100.69
C TYR U 184 -103.52 -31.57 100.69
N ARG U 185 -102.46 -31.23 101.41
CA ARG U 185 -101.29 -32.11 101.49
C ARG U 185 -100.59 -31.84 102.83
N VAL U 186 -100.80 -32.72 103.79
CA VAL U 186 -100.13 -32.64 105.08
C VAL U 186 -98.81 -33.37 104.97
N ASN U 187 -97.75 -32.85 105.61
CA ASN U 187 -96.41 -33.40 105.42
C ASN U 187 -95.64 -33.25 106.73
N LEU U 188 -95.61 -34.32 107.52
CA LEU U 188 -94.80 -34.37 108.73
C LEU U 188 -93.45 -35.00 108.43
N LYS U 189 -92.48 -34.72 109.30
CA LYS U 189 -91.14 -35.26 109.15
C LYS U 189 -90.43 -35.17 110.51
N LEU U 190 -90.10 -36.31 111.09
CA LEU U 190 -89.48 -36.38 112.41
C LEU U 190 -88.06 -36.89 112.25
N ASP U 191 -87.09 -36.02 112.52
CA ASP U 191 -85.68 -36.41 112.48
C ASP U 191 -85.20 -36.78 113.88
N GLN U 192 -84.27 -37.72 113.94
CA GLN U 192 -83.69 -38.15 115.21
C GLN U 192 -82.23 -38.46 114.99
N ALA U 193 -81.37 -37.48 115.28
CA ALA U 193 -79.93 -37.63 115.16
C ALA U 193 -79.39 -38.28 116.42
N ASP U 194 -78.44 -39.19 116.24
CA ASP U 194 -77.85 -39.92 117.37
C ASP U 194 -76.56 -39.24 117.78
N VAL U 195 -76.62 -38.49 118.86
CA VAL U 195 -75.46 -37.78 119.38
C VAL U 195 -74.83 -38.63 120.48
N VAL U 196 -73.50 -38.60 120.56
CA VAL U 196 -72.75 -39.34 121.56
C VAL U 196 -71.67 -38.43 122.12
N ASP U 197 -71.30 -38.68 123.38
CA ASP U 197 -70.25 -37.92 124.05
C ASP U 197 -69.11 -38.85 124.44
N CYS U 198 -67.90 -38.44 124.08
CA CYS U 198 -66.70 -39.22 124.37
C CYS U 198 -65.90 -38.60 125.50
N SER U 199 -66.58 -37.87 126.40
CA SER U 199 -65.90 -37.12 127.44
C SER U 199 -65.30 -38.01 128.52
N THR U 200 -65.90 -39.16 128.80
CA THR U 200 -65.35 -40.04 129.82
C THR U 200 -64.16 -40.84 129.30
N SER U 201 -64.02 -40.95 127.98
CA SER U 201 -62.89 -41.63 127.36
C SER U 201 -61.81 -40.65 126.91
N VAL U 202 -62.20 -39.61 126.18
CA VAL U 202 -61.29 -38.56 125.75
C VAL U 202 -61.69 -37.28 126.48
N CYS U 203 -60.79 -36.77 127.32
CA CYS U 203 -61.09 -35.58 128.10
C CYS U 203 -61.16 -34.34 127.22
N GLY U 204 -62.15 -33.49 127.51
CA GLY U 204 -62.34 -32.28 126.73
C GLY U 204 -62.89 -32.50 125.35
N GLU U 205 -63.77 -33.49 125.18
CA GLU U 205 -64.35 -33.82 123.88
C GLU U 205 -65.80 -33.37 123.87
N LEU U 206 -66.17 -32.61 122.85
CA LEU U 206 -67.53 -32.11 122.72
C LEU U 206 -68.39 -33.13 121.97
N PRO U 207 -69.70 -33.16 122.25
CA PRO U 207 -70.56 -34.16 121.59
C PRO U 207 -70.75 -33.88 120.11
N LYS U 208 -71.05 -34.94 119.37
CA LYS U 208 -71.21 -34.87 117.93
C LYS U 208 -72.19 -35.97 117.50
N VAL U 209 -72.77 -35.78 116.32
CA VAL U 209 -73.74 -36.73 115.77
C VAL U 209 -73.02 -37.67 114.82
N ARG U 210 -73.43 -38.93 114.82
CA ARG U 210 -72.77 -39.90 113.95
C ARG U 210 -73.66 -40.29 112.76
N TYR U 211 -74.97 -40.34 112.96
CA TYR U 211 -75.90 -40.54 111.85
C TYR U 211 -77.21 -39.83 112.16
N THR U 212 -78.17 -39.95 111.24
CA THR U 212 -79.51 -39.45 111.46
C THR U 212 -80.51 -40.37 110.79
N GLN U 213 -81.71 -40.45 111.35
CA GLN U 213 -82.77 -41.34 110.88
C GLN U 213 -84.10 -40.61 110.93
N VAL U 214 -84.79 -40.56 109.79
CA VAL U 214 -86.02 -39.80 109.67
C VAL U 214 -87.21 -40.75 109.50
N TRP U 215 -88.41 -40.19 109.65
CA TRP U 215 -89.66 -40.90 109.36
C TRP U 215 -90.62 -39.83 108.84
N SER U 216 -90.68 -39.69 107.52
CA SER U 216 -91.57 -38.71 106.91
C SER U 216 -92.98 -39.25 106.82
N HIS U 217 -93.93 -38.33 106.64
CA HIS U 217 -95.31 -38.66 106.35
C HIS U 217 -95.76 -37.81 105.18
N ASP U 218 -96.72 -38.32 104.42
CA ASP U 218 -97.23 -37.57 103.27
C ASP U 218 -98.71 -37.91 103.12
N VAL U 219 -99.55 -37.10 103.73
CA VAL U 219 -100.99 -37.30 103.75
C VAL U 219 -101.60 -36.50 102.61
N THR U 220 -102.47 -37.12 101.83
CA THR U 220 -103.22 -36.45 100.78
C THR U 220 -104.69 -36.41 101.20
N ILE U 221 -105.26 -35.22 101.25
CA ILE U 221 -106.63 -35.02 101.67
C ILE U 221 -107.33 -34.21 100.60
N VAL U 222 -108.39 -34.76 100.02
CA VAL U 222 -109.16 -34.03 99.03
C VAL U 222 -110.20 -33.17 99.73
N ALA U 223 -110.53 -32.04 99.11
CA ALA U 223 -111.23 -30.96 99.82
C ALA U 223 -112.70 -31.26 100.05
N ASN U 224 -113.35 -31.93 99.10
CA ASN U 224 -114.78 -32.22 99.20
C ASN U 224 -115.06 -33.56 99.87
N SER U 225 -114.21 -33.96 100.80
CA SER U 225 -114.30 -35.24 101.49
C SER U 225 -115.49 -35.30 102.42
N THR U 226 -115.71 -36.48 102.97
CA THR U 226 -116.55 -36.66 104.14
C THR U 226 -115.64 -36.63 105.35
N GLU U 227 -116.14 -36.06 106.47
CA GLU U 227 -115.35 -36.07 107.69
C GLU U 227 -115.19 -37.47 108.25
N ALA U 228 -116.14 -38.36 107.98
CA ALA U 228 -115.98 -39.75 108.34
C ALA U 228 -114.97 -40.48 107.47
N SER U 229 -114.65 -39.92 106.30
CA SER U 229 -113.65 -40.54 105.43
C SER U 229 -112.25 -40.11 105.82
N ARG U 230 -112.09 -38.91 106.37
CA ARG U 230 -110.79 -38.49 106.88
C ARG U 230 -110.51 -39.10 108.25
N LYS U 231 -111.56 -39.33 109.03
CA LYS U 231 -111.40 -40.01 110.31
C LYS U 231 -111.03 -41.47 110.11
N SER U 232 -111.56 -42.09 109.05
CA SER U 232 -111.26 -43.50 108.80
C SER U 232 -109.85 -43.69 108.26
N LEU U 233 -109.32 -42.71 107.53
CA LEU U 233 -107.95 -42.81 107.05
C LEU U 233 -106.95 -42.64 108.18
N TYR U 234 -107.25 -41.75 109.13
CA TYR U 234 -106.36 -41.57 110.28
C TYR U 234 -106.41 -42.79 111.19
N ASP U 235 -107.60 -43.36 111.39
CA ASP U 235 -107.78 -44.49 112.29
C ASP U 235 -107.12 -45.75 111.79
N LEU U 236 -106.95 -45.91 110.47
CA LEU U 236 -106.22 -47.06 109.96
C LEU U 236 -104.72 -46.87 110.08
N THR U 237 -104.22 -45.66 109.81
CA THR U 237 -102.80 -45.40 109.93
C THR U 237 -102.35 -45.35 111.38
N LYS U 238 -103.25 -44.94 112.28
CA LYS U 238 -102.95 -45.02 113.72
C LYS U 238 -102.80 -46.47 114.17
N SER U 239 -103.59 -47.37 113.59
CA SER U 239 -103.51 -48.77 113.94
C SER U 239 -102.52 -49.54 113.09
N LEU U 240 -102.11 -49.00 111.95
CA LEU U 240 -101.10 -49.67 111.14
C LEU U 240 -99.72 -49.57 111.78
N VAL U 241 -99.35 -48.37 112.25
CA VAL U 241 -98.07 -48.18 112.93
C VAL U 241 -98.05 -48.92 114.26
N ALA U 242 -99.20 -49.06 114.91
CA ALA U 242 -99.27 -49.74 116.20
C ALA U 242 -99.16 -51.26 116.11
N THR U 243 -99.17 -51.83 114.90
CA THR U 243 -99.04 -53.27 114.77
C THR U 243 -97.61 -53.72 115.04
N SER U 244 -97.47 -55.01 115.33
CA SER U 244 -96.15 -55.59 115.54
C SER U 244 -95.48 -56.02 114.25
N GLN U 245 -96.15 -55.87 113.12
CA GLN U 245 -95.51 -56.19 111.84
C GLN U 245 -94.71 -55.01 111.31
N VAL U 246 -95.20 -53.80 111.53
CA VAL U 246 -94.46 -52.60 111.15
C VAL U 246 -93.37 -52.28 112.17
N GLU U 247 -93.53 -52.76 113.41
CA GLU U 247 -92.45 -52.63 114.39
C GLU U 247 -91.23 -53.43 113.95
N ASP U 248 -91.43 -54.68 113.53
CA ASP U 248 -90.34 -55.50 113.04
C ASP U 248 -89.85 -55.10 111.65
N LEU U 249 -90.65 -54.33 110.90
CA LEU U 249 -90.20 -53.88 109.59
C LEU U 249 -89.21 -52.74 109.72
N VAL U 250 -89.34 -51.90 110.74
CA VAL U 250 -88.42 -50.79 110.93
C VAL U 250 -87.24 -51.19 111.82
N VAL U 251 -87.49 -51.95 112.89
CA VAL U 251 -86.43 -52.34 113.79
C VAL U 251 -85.56 -53.44 113.18
N ASN U 252 -86.19 -54.47 112.62
CA ASN U 252 -85.47 -55.67 112.20
C ASN U 252 -85.54 -55.96 110.70
N LEU U 253 -86.19 -55.10 109.91
CA LEU U 253 -86.30 -55.21 108.45
C LEU U 253 -87.00 -56.50 108.00
N VAL U 254 -87.91 -57.02 108.81
CA VAL U 254 -88.71 -58.18 108.42
C VAL U 254 -89.87 -57.71 107.55
N PRO U 255 -90.10 -58.29 106.38
CA PRO U 255 -91.19 -57.84 105.51
C PRO U 255 -92.56 -58.14 106.11
N LEU U 256 -93.57 -57.43 105.61
CA LEU U 256 -94.91 -57.51 106.15
C LEU U 256 -95.61 -58.79 105.70
N GLY U 257 -96.63 -59.18 106.44
CA GLY U 257 -97.46 -60.31 106.06
C GLY U 257 -97.12 -61.59 106.78
N ARG U 258 -98.08 -62.13 107.51
CA ARG U 258 -97.90 -63.41 108.19
C ARG U 258 -99.11 -64.31 107.98
N SER V 1 -132.52 12.02 75.53
CA SER V 1 -131.20 11.91 76.13
C SER V 1 -130.90 13.12 77.01
N LYS V 2 -129.77 13.77 76.77
CA LYS V 2 -129.35 14.95 77.51
C LYS V 2 -129.64 16.18 76.66
N THR V 3 -130.28 17.18 77.25
CA THR V 3 -130.82 18.30 76.51
C THR V 3 -130.30 19.62 77.04
N ILE V 4 -130.22 20.61 76.15
CA ILE V 4 -130.03 22.02 76.49
C ILE V 4 -131.24 22.78 75.97
N VAL V 5 -131.79 23.67 76.77
CA VAL V 5 -132.95 24.46 76.40
C VAL V 5 -132.52 25.90 76.22
N LEU V 6 -132.77 26.46 75.04
CA LEU V 6 -132.38 27.82 74.70
C LEU V 6 -133.66 28.62 74.43
N SER V 7 -134.06 29.44 75.41
CA SER V 7 -135.26 30.24 75.27
C SER V 7 -134.95 31.51 74.49
N VAL V 8 -135.64 31.71 73.38
CA VAL V 8 -135.34 32.79 72.43
C VAL V 8 -136.54 33.73 72.54
N GLY V 9 -137.04 33.87 73.76
CA GLY V 9 -138.26 34.61 74.01
C GLY V 9 -139.22 33.74 74.80
N GLU V 10 -140.34 33.39 74.18
CA GLU V 10 -141.20 32.33 74.69
C GLU V 10 -141.03 31.02 73.93
N ALA V 11 -140.46 31.07 72.74
CA ALA V 11 -140.18 29.85 71.99
C ALA V 11 -138.90 29.21 72.50
N THR V 12 -139.00 27.96 72.93
CA THR V 12 -137.86 27.21 73.46
C THR V 12 -137.37 26.25 72.40
N ARG V 13 -136.06 26.23 72.18
CA ARG V 13 -135.45 25.39 71.16
C ARG V 13 -134.56 24.38 71.87
N THR V 14 -135.00 23.13 71.92
CA THR V 14 -134.34 22.10 72.71
C THR V 14 -133.42 21.26 71.83
N LEU V 15 -132.14 21.26 72.17
CA LEU V 15 -131.14 20.48 71.45
C LEU V 15 -130.80 19.21 72.22
N THR V 16 -130.86 18.08 71.53
CA THR V 16 -130.57 16.79 72.14
C THR V 16 -129.19 16.33 71.73
N GLU V 17 -128.59 15.49 72.56
CA GLU V 17 -127.22 15.06 72.36
C GLU V 17 -127.13 13.91 71.36
N ILE V 18 -126.22 14.03 70.40
CA ILE V 18 -126.00 12.99 69.41
C ILE V 18 -124.60 12.39 69.48
N GLN V 19 -123.73 12.89 70.36
CA GLN V 19 -122.38 12.36 70.48
C GLN V 19 -121.84 12.67 71.86
N SER V 20 -121.07 11.75 72.42
CA SER V 20 -120.43 11.95 73.72
C SER V 20 -119.09 11.21 73.69
N THR V 21 -118.04 11.92 73.32
CA THR V 21 -116.69 11.37 73.34
C THR V 21 -116.10 11.72 74.71
N ALA V 22 -114.79 11.55 74.89
CA ALA V 22 -114.17 11.90 76.16
C ALA V 22 -114.12 13.41 76.35
N ASP V 23 -113.92 14.15 75.27
CA ASP V 23 -113.92 15.61 75.32
C ASP V 23 -115.01 16.24 74.47
N ARG V 24 -115.16 15.82 73.21
CA ARG V 24 -116.15 16.41 72.34
C ARG V 24 -117.55 15.93 72.71
N GLN V 25 -118.54 16.79 72.48
CA GLN V 25 -119.89 16.54 72.95
C GLN V 25 -120.84 17.34 72.05
N ILE V 26 -121.48 16.65 71.11
CA ILE V 26 -122.19 17.29 70.01
C ILE V 26 -123.69 17.24 70.29
N PHE V 27 -124.34 18.39 70.19
CA PHE V 27 -125.78 18.50 70.32
C PHE V 27 -126.39 18.89 68.98
N GLU V 28 -127.69 18.68 68.84
CA GLU V 28 -128.39 18.94 67.60
C GLU V 28 -129.89 19.04 67.88
N GLU V 29 -130.55 19.96 67.21
CA GLU V 29 -132.00 20.09 67.30
C GLU V 29 -132.64 19.06 66.37
N LYS V 30 -133.83 18.59 66.75
CA LYS V 30 -134.42 17.44 66.07
C LYS V 30 -135.66 17.77 65.25
N VAL V 31 -136.15 19.00 65.28
CA VAL V 31 -137.33 19.33 64.49
C VAL V 31 -136.90 19.87 63.12
N GLY V 32 -137.73 19.63 62.11
CA GLY V 32 -137.49 20.15 60.79
C GLY V 32 -136.89 19.13 59.85
N PRO V 33 -136.34 19.59 58.72
CA PRO V 33 -135.66 18.68 57.80
C PRO V 33 -134.38 18.10 58.37
N LEU V 34 -133.87 17.04 57.75
CA LEU V 34 -132.73 16.31 58.28
C LEU V 34 -131.39 16.82 57.77
N VAL V 35 -131.37 17.81 56.90
CA VAL V 35 -130.12 18.23 56.27
C VAL V 35 -129.54 19.47 56.94
N GLY V 36 -130.38 20.40 57.39
CA GLY V 36 -129.86 21.57 58.09
C GLY V 36 -130.52 21.78 59.43
N ARG V 37 -129.73 21.65 60.50
CA ARG V 37 -130.23 21.81 61.87
C ARG V 37 -129.19 22.56 62.68
N LEU V 38 -129.60 22.99 63.88
CA LEU V 38 -128.65 23.57 64.82
C LEU V 38 -127.62 22.54 65.27
N ARG V 39 -126.48 23.04 65.69
CA ARG V 39 -125.36 22.20 66.06
C ARG V 39 -124.56 22.91 67.14
N LEU V 40 -124.21 22.16 68.18
CA LEU V 40 -123.51 22.74 69.32
C LEU V 40 -122.40 21.78 69.70
N THR V 41 -121.17 22.13 69.38
CA THR V 41 -120.02 21.24 69.57
C THR V 41 -119.25 21.73 70.79
N ALA V 42 -119.61 21.21 71.95
CA ALA V 42 -118.90 21.56 73.18
C ALA V 42 -117.65 20.72 73.32
N SER V 43 -116.73 21.20 74.15
CA SER V 43 -115.45 20.53 74.37
C SER V 43 -114.87 21.02 75.68
N LEU V 44 -113.86 20.29 76.16
CA LEU V 44 -113.12 20.67 77.36
C LEU V 44 -111.79 19.94 77.34
N ARG V 45 -110.73 20.63 77.76
CA ARG V 45 -109.38 20.09 77.73
C ARG V 45 -108.63 20.56 78.95
N GLN V 46 -107.38 20.10 79.07
CA GLN V 46 -106.40 20.71 79.97
C GLN V 46 -105.03 20.52 79.34
N ASN V 47 -104.59 21.54 78.60
CA ASN V 47 -103.37 21.43 77.81
C ASN V 47 -102.17 21.89 78.61
N GLY V 48 -101.01 21.30 78.29
CA GLY V 48 -99.78 21.64 78.96
C GLY V 48 -99.53 20.77 80.18
N ALA V 49 -98.98 21.36 81.24
CA ALA V 49 -98.71 20.62 82.47
C ALA V 49 -99.89 20.75 83.45
N LYS V 50 -101.09 20.46 82.93
CA LYS V 50 -102.33 20.32 83.69
C LYS V 50 -102.68 21.56 84.50
N THR V 51 -102.30 22.75 84.02
CA THR V 51 -102.46 23.97 84.79
C THR V 51 -103.59 24.87 84.31
N ALA V 52 -104.09 24.67 83.09
CA ALA V 52 -105.12 25.54 82.54
C ALA V 52 -106.09 24.69 81.72
N TYR V 53 -107.38 24.97 81.86
CA TYR V 53 -108.40 24.30 81.07
C TYR V 53 -108.71 25.10 79.81
N ARG V 54 -109.54 24.53 78.94
CA ARG V 54 -109.88 25.20 77.69
C ARG V 54 -111.26 24.74 77.26
N VAL V 55 -112.26 25.57 77.51
CA VAL V 55 -113.62 25.34 77.03
C VAL V 55 -113.71 25.87 75.60
N ASN V 56 -114.45 25.16 74.75
CA ASN V 56 -114.51 25.51 73.33
C ASN V 56 -115.90 25.15 72.82
N LEU V 57 -116.81 26.12 72.82
CA LEU V 57 -118.13 25.95 72.26
C LEU V 57 -118.14 26.37 70.79
N LYS V 58 -119.16 25.91 70.06
CA LYS V 58 -119.29 26.25 68.64
C LYS V 58 -120.76 26.05 68.26
N LEU V 59 -121.47 27.15 68.06
CA LEU V 59 -122.88 27.11 67.71
C LEU V 59 -123.04 27.32 66.21
N ASP V 60 -123.15 26.23 65.47
CA ASP V 60 -123.40 26.33 64.03
C ASP V 60 -124.85 26.68 63.78
N GLN V 61 -125.12 27.20 62.58
CA GLN V 61 -126.48 27.45 62.13
C GLN V 61 -126.48 27.52 60.61
N ALA V 62 -127.20 26.60 59.99
CA ALA V 62 -127.32 26.55 58.54
C ALA V 62 -128.69 27.03 58.12
N ASP V 63 -128.75 27.76 57.01
CA ASP V 63 -130.00 28.25 56.46
C ASP V 63 -130.43 27.32 55.33
N VAL V 64 -131.37 26.44 55.61
CA VAL V 64 -131.85 25.47 54.65
C VAL V 64 -133.04 26.05 53.91
N VAL V 65 -133.13 25.76 52.61
CA VAL V 65 -134.22 26.22 51.78
C VAL V 65 -134.77 25.03 50.99
N ASP V 66 -136.09 24.93 50.90
CA ASP V 66 -136.75 23.88 50.15
C ASP V 66 -137.85 24.50 49.30
N CYS V 67 -137.66 24.48 47.99
CA CYS V 67 -138.64 24.98 47.02
C CYS V 67 -138.95 23.93 45.96
N SER V 68 -139.29 22.73 46.42
CA SER V 68 -139.80 21.70 45.51
C SER V 68 -141.14 22.08 44.90
N THR V 69 -141.90 22.97 45.53
CA THR V 69 -143.13 23.47 44.94
C THR V 69 -142.85 24.52 43.86
N SER V 70 -141.65 25.11 43.89
CA SER V 70 -141.29 26.10 42.88
C SER V 70 -140.76 25.41 41.61
N VAL V 71 -139.66 24.70 41.73
CA VAL V 71 -139.14 23.89 40.64
C VAL V 71 -139.40 22.43 40.98
N CYS V 72 -139.96 21.68 40.02
CA CYS V 72 -140.38 20.32 40.27
C CYS V 72 -139.20 19.38 40.30
N GLY V 73 -138.96 18.76 41.46
CA GLY V 73 -137.99 17.70 41.58
C GLY V 73 -136.71 18.02 42.31
N GLU V 74 -136.67 19.07 43.12
CA GLU V 74 -135.49 19.34 43.93
C GLU V 74 -135.77 18.97 45.38
N LEU V 75 -134.69 18.88 46.15
CA LEU V 75 -134.72 18.44 47.53
C LEU V 75 -134.29 19.60 48.42
N PRO V 76 -134.49 19.53 49.75
CA PRO V 76 -133.96 20.60 50.61
C PRO V 76 -132.45 20.65 50.61
N LYS V 77 -131.93 21.86 50.82
CA LYS V 77 -130.52 22.16 50.62
C LYS V 77 -130.17 23.38 51.43
N VAL V 78 -128.94 23.42 51.95
CA VAL V 78 -128.47 24.54 52.77
C VAL V 78 -127.73 25.53 51.88
N ARG V 79 -127.98 26.82 52.09
CA ARG V 79 -127.25 27.85 51.35
C ARG V 79 -125.92 28.14 52.02
N TYR V 80 -125.96 28.62 53.25
CA TYR V 80 -124.76 29.09 53.95
C TYR V 80 -124.80 28.60 55.40
N THR V 81 -123.71 28.87 56.11
CA THR V 81 -123.58 28.49 57.51
C THR V 81 -122.95 29.64 58.28
N GLN V 82 -123.59 30.02 59.39
CA GLN V 82 -123.09 31.08 60.26
C GLN V 82 -122.83 30.51 61.64
N VAL V 83 -121.61 30.68 62.14
CA VAL V 83 -121.19 30.07 63.38
C VAL V 83 -120.98 31.16 64.44
N TRP V 84 -120.80 30.70 65.68
CA TRP V 84 -120.39 31.59 66.79
C TRP V 84 -119.60 30.71 67.75
N SER V 85 -118.28 30.78 67.66
CA SER V 85 -117.43 29.99 68.53
C SER V 85 -117.17 30.73 69.84
N HIS V 86 -116.65 29.98 70.81
CA HIS V 86 -116.17 30.53 72.07
C HIS V 86 -114.87 29.81 72.41
N ASP V 87 -113.96 30.52 73.07
CA ASP V 87 -112.67 29.93 73.46
C ASP V 87 -112.32 30.47 74.84
N VAL V 88 -112.72 29.75 75.86
CA VAL V 88 -112.53 30.18 77.24
C VAL V 88 -111.27 29.51 77.78
N THR V 89 -110.43 30.27 78.46
CA THR V 89 -109.24 29.75 79.10
C THR V 89 -109.36 29.97 80.60
N ILE V 90 -109.35 28.88 81.36
CA ILE V 90 -109.53 28.91 82.81
C ILE V 90 -108.31 28.26 83.43
N VAL V 91 -107.63 29.00 84.30
CA VAL V 91 -106.50 28.45 85.04
C VAL V 91 -107.02 27.66 86.24
N ALA V 92 -106.29 26.62 86.60
CA ALA V 92 -106.83 25.60 87.50
C ALA V 92 -106.86 26.07 88.95
N ASN V 93 -105.88 26.87 89.38
CA ASN V 93 -105.79 27.32 90.76
C ASN V 93 -106.47 28.65 90.98
N SER V 94 -107.43 29.02 90.14
CA SER V 94 -108.06 30.32 90.22
C SER V 94 -109.08 30.36 91.36
N THR V 95 -109.46 31.57 91.74
CA THR V 95 -110.52 31.79 92.70
C THR V 95 -111.85 31.54 92.01
N GLU V 96 -112.86 31.12 92.79
CA GLU V 96 -114.18 30.92 92.22
C GLU V 96 -114.85 32.23 91.85
N ALA V 97 -114.51 33.32 92.56
CA ALA V 97 -115.10 34.61 92.24
C ALA V 97 -114.49 35.22 90.99
N SER V 98 -113.31 34.78 90.57
CA SER V 98 -112.76 35.24 89.31
C SER V 98 -113.40 34.51 88.14
N ARG V 99 -113.70 33.22 88.32
CA ARG V 99 -114.43 32.46 87.32
C ARG V 99 -115.88 32.89 87.22
N LYS V 100 -116.47 33.36 88.32
CA LYS V 100 -117.85 33.84 88.28
C LYS V 100 -117.92 35.22 87.63
N SER V 101 -116.92 36.07 87.87
CA SER V 101 -116.93 37.41 87.31
C SER V 101 -116.64 37.38 85.82
N LEU V 102 -115.81 36.45 85.36
CA LEU V 102 -115.53 36.32 83.94
C LEU V 102 -116.76 35.86 83.18
N TYR V 103 -117.56 35.00 83.79
CA TYR V 103 -118.82 34.59 83.17
C TYR V 103 -119.83 35.73 83.19
N ASP V 104 -119.86 36.51 84.28
CA ASP V 104 -120.83 37.58 84.41
C ASP V 104 -120.54 38.76 83.48
N LEU V 105 -119.29 38.95 83.08
CA LEU V 105 -118.97 40.02 82.14
C LEU V 105 -119.31 39.62 80.72
N THR V 106 -119.04 38.37 80.35
CA THR V 106 -119.34 37.91 79.00
C THR V 106 -120.83 37.72 78.79
N LYS V 107 -121.56 37.33 79.83
CA LYS V 107 -123.02 37.28 79.77
C LYS V 107 -123.59 38.68 79.58
N SER V 108 -122.94 39.70 80.14
CA SER V 108 -123.35 41.07 79.93
C SER V 108 -122.74 41.72 78.70
N LEU V 109 -121.64 41.16 78.18
CA LEU V 109 -121.10 41.65 76.92
C LEU V 109 -122.03 41.31 75.78
N VAL V 110 -122.52 40.07 75.73
CA VAL V 110 -123.36 39.64 74.61
C VAL V 110 -124.74 40.29 74.72
N ALA V 111 -125.22 40.55 75.93
CA ALA V 111 -126.57 41.07 76.11
C ALA V 111 -126.68 42.57 75.89
N THR V 112 -125.61 43.27 75.53
CA THR V 112 -125.70 44.71 75.32
C THR V 112 -126.13 45.01 73.89
N SER V 113 -126.52 46.26 73.66
CA SER V 113 -127.01 46.68 72.35
C SER V 113 -125.91 47.05 71.38
N GLN V 114 -124.65 47.07 71.80
CA GLN V 114 -123.57 47.42 70.90
C GLN V 114 -122.97 46.19 70.24
N VAL V 115 -123.03 45.04 70.89
CA VAL V 115 -122.58 43.80 70.27
C VAL V 115 -123.67 43.24 69.36
N GLU V 116 -124.93 43.53 69.67
CA GLU V 116 -126.04 43.14 68.80
C GLU V 116 -125.94 43.83 67.44
N ASP V 117 -125.65 45.12 67.41
CA ASP V 117 -125.48 45.82 66.14
C ASP V 117 -124.16 45.47 65.47
N LEU V 118 -123.22 44.89 66.19
CA LEU V 118 -121.94 44.50 65.60
C LEU V 118 -122.08 43.27 64.72
N VAL V 119 -123.00 42.37 65.04
CA VAL V 119 -123.15 41.14 64.27
C VAL V 119 -124.35 41.23 63.34
N VAL V 120 -125.36 42.00 63.71
CA VAL V 120 -126.52 42.11 62.84
C VAL V 120 -126.28 43.14 61.74
N ASN V 121 -125.95 44.37 62.11
CA ASN V 121 -125.82 45.47 61.16
C ASN V 121 -124.38 45.90 60.93
N LEU V 122 -123.41 45.17 61.49
CA LEU V 122 -121.96 45.36 61.28
C LEU V 122 -121.47 46.73 61.75
N VAL V 123 -122.19 47.37 62.67
CA VAL V 123 -121.77 48.65 63.23
C VAL V 123 -120.63 48.42 64.21
N PRO V 124 -119.56 49.21 64.17
CA PRO V 124 -118.45 49.02 65.12
C PRO V 124 -118.85 49.39 66.55
N LEU V 125 -117.95 49.07 67.48
CA LEU V 125 -118.24 49.19 68.90
C LEU V 125 -117.96 50.60 69.40
N GLY V 126 -118.61 50.95 70.51
CA GLY V 126 -118.37 52.21 71.17
C GLY V 126 -119.30 53.32 70.74
N ARG V 127 -120.02 53.90 71.69
CA ARG V 127 -120.89 55.05 71.42
C ARG V 127 -120.54 56.13 72.43
N ALA V 128 -120.12 57.29 71.93
CA ALA V 128 -119.69 58.39 72.78
C ALA V 128 -120.92 59.12 73.33
N TYR V 129 -121.22 58.89 74.60
CA TYR V 129 -122.32 59.58 75.28
C TYR V 129 -121.70 60.55 76.29
N GLY V 130 -121.37 61.74 75.82
CA GLY V 130 -120.77 62.75 76.65
C GLY V 130 -119.37 62.40 77.12
N GLY V 131 -118.41 62.35 76.19
CA GLY V 131 -117.06 61.97 76.53
C GLY V 131 -116.39 61.17 75.43
N SER V 132 -115.74 60.07 75.80
CA SER V 132 -115.10 59.22 74.83
C SER V 132 -115.99 58.02 74.49
N LYS V 133 -115.51 57.18 73.59
CA LYS V 133 -116.25 56.00 73.16
C LYS V 133 -116.19 54.94 74.26
N THR V 134 -117.33 54.62 74.83
CA THR V 134 -117.40 53.74 76.00
C THR V 134 -118.33 52.57 75.74
N ILE V 135 -118.06 51.47 76.44
CA ILE V 135 -118.97 50.33 76.53
C ILE V 135 -119.29 50.13 78.01
N VAL V 136 -120.55 49.93 78.32
CA VAL V 136 -120.98 49.71 79.71
C VAL V 136 -121.41 48.25 79.86
N LEU V 137 -120.72 47.52 80.74
CA LEU V 137 -121.02 46.12 81.03
C LEU V 137 -121.58 46.05 82.44
N SER V 138 -122.89 46.22 82.57
CA SER V 138 -123.53 46.20 83.87
C SER V 138 -123.67 44.77 84.37
N VAL V 139 -123.37 44.57 85.66
CA VAL V 139 -123.40 43.25 86.28
C VAL V 139 -124.53 43.33 87.30
N GLY V 140 -125.58 44.07 86.95
CA GLY V 140 -126.66 44.34 87.87
C GLY V 140 -126.69 45.81 88.24
N GLU V 141 -126.30 46.13 89.47
CA GLU V 141 -126.13 47.51 89.87
C GLU V 141 -124.69 48.00 89.74
N ALA V 142 -123.73 47.09 89.63
CA ALA V 142 -122.36 47.47 89.36
C ALA V 142 -122.15 47.62 87.86
N THR V 143 -121.69 48.79 87.44
CA THR V 143 -121.43 49.07 86.03
C THR V 143 -119.94 49.25 85.84
N ARG V 144 -119.37 48.54 84.87
CA ARG V 144 -117.94 48.60 84.57
C ARG V 144 -117.77 49.19 83.17
N THR V 145 -117.36 50.45 83.10
CA THR V 145 -117.32 51.20 81.86
C THR V 145 -115.92 51.11 81.25
N LEU V 146 -115.84 50.58 80.04
CA LEU V 146 -114.56 50.47 79.34
C LEU V 146 -114.44 51.54 78.27
N THR V 147 -113.38 52.34 78.35
CA THR V 147 -113.14 53.43 77.41
C THR V 147 -112.13 52.99 76.36
N GLU V 148 -112.31 53.51 75.15
CA GLU V 148 -111.49 53.10 74.02
C GLU V 148 -110.10 53.72 74.11
N ILE V 149 -109.07 52.91 73.90
CA ILE V 149 -107.70 53.37 73.99
C ILE V 149 -106.97 53.37 72.65
N GLN V 150 -107.45 52.61 71.66
CA GLN V 150 -106.79 52.53 70.37
C GLN V 150 -107.79 52.01 69.35
N SER V 151 -107.88 52.68 68.21
CA SER V 151 -108.75 52.26 67.11
C SER V 151 -107.89 52.19 65.84
N THR V 152 -107.26 51.04 65.63
CA THR V 152 -106.46 50.81 64.44
C THR V 152 -107.41 50.43 63.30
N ALA V 153 -106.87 50.20 62.09
CA ALA V 153 -107.72 49.82 60.97
C ALA V 153 -108.30 48.43 61.14
N ASP V 154 -107.61 47.56 61.87
CA ASP V 154 -108.10 46.22 62.17
C ASP V 154 -108.65 46.11 63.59
N ARG V 155 -107.85 46.45 64.59
CA ARG V 155 -108.24 46.23 65.97
C ARG V 155 -109.02 47.42 66.51
N GLN V 156 -109.67 47.20 67.66
CA GLN V 156 -110.36 48.26 68.37
C GLN V 156 -110.34 47.89 69.85
N ILE V 157 -109.36 48.42 70.58
CA ILE V 157 -109.06 47.97 71.94
C ILE V 157 -109.77 48.88 72.94
N PHE V 158 -110.51 48.26 73.85
CA PHE V 158 -111.13 48.95 74.97
C PHE V 158 -110.46 48.52 76.25
N GLU V 159 -110.62 49.33 77.30
CA GLU V 159 -109.93 49.09 78.56
C GLU V 159 -110.63 49.88 79.65
N GLU V 160 -110.77 49.26 80.83
CA GLU V 160 -111.26 49.98 81.99
C GLU V 160 -110.16 50.90 82.53
N LYS V 161 -110.57 51.93 83.27
CA LYS V 161 -109.64 52.97 83.68
C LYS V 161 -109.48 53.12 85.19
N VAL V 162 -110.36 52.55 85.99
CA VAL V 162 -110.22 52.65 87.43
C VAL V 162 -109.22 51.62 87.93
N GLY V 163 -108.68 51.85 89.12
CA GLY V 163 -107.79 50.91 89.75
C GLY V 163 -106.35 51.07 89.34
N PRO V 164 -105.53 50.05 89.61
CA PRO V 164 -104.11 50.11 89.21
C PRO V 164 -103.94 49.99 87.71
N LEU V 165 -102.71 50.24 87.27
CA LEU V 165 -102.38 50.24 85.86
C LEU V 165 -101.88 48.90 85.36
N VAL V 166 -101.56 47.96 86.26
CA VAL V 166 -100.95 46.71 85.82
C VAL V 166 -101.98 45.71 85.30
N GLY V 167 -103.13 45.59 85.95
CA GLY V 167 -104.15 44.68 85.49
C GLY V 167 -105.50 45.34 85.32
N ARG V 168 -105.98 45.44 84.08
CA ARG V 168 -107.26 46.06 83.81
C ARG V 168 -108.01 45.20 82.80
N LEU V 169 -109.30 45.50 82.64
CA LEU V 169 -110.12 44.80 81.67
C LEU V 169 -109.70 45.15 80.25
N ARG V 170 -110.03 44.26 79.32
CA ARG V 170 -109.67 44.44 77.93
C ARG V 170 -110.83 43.98 77.06
N LEU V 171 -110.92 44.57 75.87
CA LEU V 171 -111.90 44.14 74.88
C LEU V 171 -111.32 44.51 73.51
N THR V 172 -110.70 43.53 72.85
CA THR V 172 -110.05 43.78 71.56
C THR V 172 -110.97 43.22 70.47
N ALA V 173 -111.89 44.04 70.01
CA ALA V 173 -112.74 43.65 68.89
C ALA V 173 -111.97 43.74 67.58
N SER V 174 -112.48 43.04 66.57
CA SER V 174 -111.89 43.08 65.24
C SER V 174 -112.98 42.76 64.23
N LEU V 175 -112.66 42.94 62.96
CA LEU V 175 -113.61 42.72 61.88
C LEU V 175 -112.82 42.56 60.59
N ARG V 176 -112.96 41.42 59.94
CA ARG V 176 -112.24 41.14 58.69
C ARG V 176 -113.22 40.67 57.64
N GLN V 177 -112.71 40.45 56.44
CA GLN V 177 -113.43 39.71 55.40
C GLN V 177 -112.40 39.03 54.51
N ASN V 178 -112.36 37.71 54.59
CA ASN V 178 -111.37 36.91 53.89
C ASN V 178 -111.99 36.26 52.65
N GLY V 179 -111.20 36.21 51.58
CA GLY V 179 -111.66 35.61 50.35
C GLY V 179 -112.19 36.63 49.36
N ALA V 180 -113.16 36.25 48.56
CA ALA V 180 -113.73 37.15 47.56
C ALA V 180 -114.95 37.90 48.10
N LYS V 181 -114.75 38.53 49.27
CA LYS V 181 -115.72 39.42 49.92
C LYS V 181 -117.05 38.73 50.20
N THR V 182 -117.01 37.44 50.53
CA THR V 182 -118.23 36.67 50.76
C THR V 182 -118.60 36.51 52.22
N ALA V 183 -117.63 36.53 53.13
CA ALA V 183 -117.92 36.26 54.53
C ALA V 183 -117.12 37.21 55.41
N TYR V 184 -117.74 37.66 56.49
CA TYR V 184 -117.10 38.51 57.47
C TYR V 184 -116.53 37.67 58.60
N ARG V 185 -115.86 38.31 59.56
CA ARG V 185 -115.28 37.61 60.69
C ARG V 185 -115.19 38.58 61.87
N VAL V 186 -116.16 38.51 62.77
CA VAL V 186 -116.13 39.31 64.00
C VAL V 186 -115.34 38.54 65.05
N ASN V 187 -114.55 39.26 65.85
CA ASN V 187 -113.66 38.59 66.80
C ASN V 187 -113.56 39.45 68.06
N LEU V 188 -114.37 39.14 69.06
CA LEU V 188 -114.28 39.77 70.37
C LEU V 188 -113.41 38.93 71.30
N LYS V 189 -112.81 39.59 72.28
CA LYS V 189 -111.91 38.91 73.21
C LYS V 189 -111.79 39.75 74.48
N LEU V 190 -112.20 39.19 75.62
CA LEU V 190 -112.20 39.89 76.89
C LEU V 190 -111.17 39.26 77.81
N ASP V 191 -110.13 40.02 78.14
CA ASP V 191 -109.11 39.58 79.08
C ASP V 191 -109.44 40.09 80.46
N GLN V 192 -109.29 39.21 81.46
CA GLN V 192 -109.48 39.59 82.85
C GLN V 192 -108.31 39.04 83.66
N ALA V 193 -107.47 39.93 84.16
CA ALA V 193 -106.31 39.56 84.96
C ALA V 193 -106.63 39.80 86.43
N ASP V 194 -106.15 38.90 87.29
CA ASP V 194 -106.38 39.00 88.73
C ASP V 194 -105.16 39.68 89.36
N VAL V 195 -105.38 40.86 89.91
CA VAL V 195 -104.31 41.64 90.52
C VAL V 195 -104.48 41.60 92.04
N VAL V 196 -103.36 41.48 92.76
CA VAL V 196 -103.37 41.47 94.20
C VAL V 196 -102.20 42.32 94.70
N ASP V 197 -102.40 42.96 95.85
CA ASP V 197 -101.32 43.63 96.57
C ASP V 197 -101.55 43.51 98.07
N CYS V 198 -100.49 43.17 98.79
CA CYS V 198 -100.56 43.01 100.23
C CYS V 198 -99.56 43.91 100.94
N SER V 199 -99.51 45.19 100.54
CA SER V 199 -98.62 46.16 101.17
C SER V 199 -98.97 46.45 102.62
N THR V 200 -100.16 46.06 103.07
CA THR V 200 -100.48 46.11 104.49
C THR V 200 -99.72 45.04 105.27
N SER V 201 -99.22 44.00 104.60
CA SER V 201 -98.45 42.95 105.25
C SER V 201 -96.98 42.96 104.84
N VAL V 202 -96.69 42.84 103.55
CA VAL V 202 -95.32 42.84 103.05
C VAL V 202 -95.00 44.24 102.53
N CYS V 203 -93.99 44.87 103.13
CA CYS V 203 -93.66 46.24 102.79
C CYS V 203 -92.96 46.33 101.43
N GLY V 204 -93.20 47.45 100.75
CA GLY V 204 -92.59 47.70 99.47
C GLY V 204 -93.09 46.82 98.35
N GLU V 205 -94.30 46.28 98.48
CA GLU V 205 -94.86 45.39 97.47
C GLU V 205 -95.92 46.14 96.68
N LEU V 206 -95.65 46.34 95.40
CA LEU V 206 -96.57 46.98 94.48
C LEU V 206 -97.49 45.92 93.88
N PRO V 207 -98.65 46.33 93.33
CA PRO V 207 -99.56 45.34 92.72
C PRO V 207 -98.98 44.62 91.53
N LYS V 208 -99.36 43.35 91.39
CA LYS V 208 -98.92 42.51 90.29
C LYS V 208 -100.05 41.55 89.94
N VAL V 209 -99.96 40.96 88.76
CA VAL V 209 -101.00 40.07 88.24
C VAL V 209 -100.62 38.63 88.55
N ARG V 210 -101.64 37.84 88.89
CA ARG V 210 -101.43 36.41 89.12
C ARG V 210 -101.59 35.61 87.84
N TYR V 211 -102.78 35.67 87.24
CA TYR V 211 -103.12 34.90 86.05
C TYR V 211 -104.02 35.74 85.17
N THR V 212 -104.30 35.24 83.97
CA THR V 212 -105.28 35.86 83.08
C THR V 212 -106.26 34.79 82.62
N GLN V 213 -107.52 35.19 82.47
CA GLN V 213 -108.56 34.32 81.95
C GLN V 213 -109.29 35.03 80.82
N VAL V 214 -109.33 34.39 79.66
CA VAL V 214 -109.87 35.02 78.46
C VAL V 214 -111.22 34.41 78.14
N TRP V 215 -111.97 35.08 77.26
CA TRP V 215 -113.18 34.53 76.66
C TRP V 215 -113.27 35.14 75.26
N SER V 216 -112.72 34.43 74.29
CA SER V 216 -112.74 34.91 72.92
C SER V 216 -114.08 34.62 72.27
N HIS V 217 -114.30 35.25 71.12
CA HIS V 217 -115.44 34.96 70.26
C HIS V 217 -114.96 34.97 68.82
N ASP V 218 -115.64 34.21 67.98
CA ASP V 218 -115.29 34.16 66.56
C ASP V 218 -116.57 33.93 65.77
N VAL V 219 -117.17 35.01 65.32
CA VAL V 219 -118.44 34.97 64.60
C VAL V 219 -118.15 34.99 63.11
N THR V 220 -118.78 34.10 62.35
CA THR V 220 -118.65 34.06 60.91
C THR V 220 -119.99 34.41 60.29
N ILE V 221 -120.02 35.48 59.50
CA ILE V 221 -121.23 35.98 58.89
C ILE V 221 -120.98 36.13 57.40
N VAL V 222 -121.77 35.43 56.59
CA VAL V 222 -121.66 35.57 55.14
C VAL V 222 -122.34 36.85 54.71
N ALA V 223 -121.85 37.44 53.62
CA ALA V 223 -122.20 38.82 53.27
C ALA V 223 -123.62 38.94 52.73
N ASN V 224 -124.12 37.88 52.08
CA ASN V 224 -125.46 37.91 51.49
C ASN V 224 -126.52 37.29 52.40
N SER V 225 -126.38 37.44 53.71
CA SER V 225 -127.27 36.84 54.69
C SER V 225 -128.64 37.53 54.67
N THR V 226 -129.58 36.89 55.34
CA THR V 226 -130.84 37.53 55.70
C THR V 226 -130.64 38.23 57.03
N GLU V 227 -131.46 39.24 57.31
CA GLU V 227 -131.35 39.94 58.59
C GLU V 227 -131.82 39.06 59.74
N ALA V 228 -132.91 38.30 59.53
CA ALA V 228 -133.36 37.37 60.56
C ALA V 228 -132.46 36.15 60.67
N SER V 229 -131.57 35.92 59.71
CA SER V 229 -130.57 34.87 59.85
C SER V 229 -129.46 35.30 60.80
N ARG V 230 -129.05 36.56 60.76
CA ARG V 230 -128.05 37.05 61.70
C ARG V 230 -128.67 37.42 63.04
N LYS V 231 -129.95 37.77 63.05
CA LYS V 231 -130.60 38.12 64.31
C LYS V 231 -130.87 36.88 65.15
N SER V 232 -131.16 35.75 64.51
CA SER V 232 -131.43 34.53 65.25
C SER V 232 -130.15 33.88 65.75
N LEU V 233 -129.04 34.04 65.03
CA LEU V 233 -127.76 33.53 65.50
C LEU V 233 -127.29 34.28 66.74
N TYR V 234 -127.51 35.59 66.76
CA TYR V 234 -127.18 36.37 67.95
C TYR V 234 -128.09 36.01 69.11
N ASP V 235 -129.38 35.83 68.84
CA ASP V 235 -130.34 35.62 69.91
C ASP V 235 -130.29 34.20 70.46
N LEU V 236 -129.68 33.26 69.75
CA LEU V 236 -129.43 31.94 70.31
C LEU V 236 -128.19 31.94 71.18
N THR V 237 -127.13 32.62 70.74
CA THR V 237 -125.90 32.68 71.53
C THR V 237 -126.09 33.52 72.79
N LYS V 238 -126.91 34.57 72.71
CA LYS V 238 -127.28 35.31 73.91
C LYS V 238 -128.08 34.43 74.86
N SER V 239 -128.91 33.54 74.32
CA SER V 239 -129.67 32.61 75.14
C SER V 239 -128.85 31.39 75.53
N LEU V 240 -127.68 31.18 74.93
CA LEU V 240 -126.84 30.05 75.31
C LEU V 240 -125.98 30.39 76.51
N VAL V 241 -125.36 31.57 76.50
CA VAL V 241 -124.51 32.01 77.61
C VAL V 241 -125.35 32.23 78.87
N ALA V 242 -126.60 32.65 78.73
CA ALA V 242 -127.45 32.92 79.88
C ALA V 242 -128.03 31.66 80.52
N THR V 243 -127.73 30.47 80.01
CA THR V 243 -128.23 29.26 80.63
C THR V 243 -127.44 28.92 81.88
N SER V 244 -127.99 28.00 82.66
CA SER V 244 -127.33 27.56 83.88
C SER V 244 -126.32 26.46 83.64
N GLN V 245 -126.25 25.92 82.42
CA GLN V 245 -125.33 24.84 82.15
C GLN V 245 -123.98 25.36 81.68
N VAL V 246 -123.98 26.47 80.94
CA VAL V 246 -122.73 27.10 80.53
C VAL V 246 -122.15 27.92 81.68
N GLU V 247 -122.97 28.26 82.69
CA GLU V 247 -122.44 28.84 83.91
C GLU V 247 -121.59 27.81 84.66
N ASP V 248 -122.13 26.61 84.85
CA ASP V 248 -121.38 25.55 85.54
C ASP V 248 -120.27 24.96 84.69
N LEU V 249 -120.32 25.15 83.38
CA LEU V 249 -119.22 24.69 82.53
C LEU V 249 -117.99 25.56 82.71
N VAL V 250 -118.17 26.82 83.03
CA VAL V 250 -117.04 27.72 83.25
C VAL V 250 -116.64 27.76 84.72
N VAL V 251 -117.61 27.83 85.62
CA VAL V 251 -117.31 27.93 87.05
C VAL V 251 -116.83 26.58 87.59
N ASN V 252 -117.61 25.52 87.39
CA ASN V 252 -117.35 24.24 88.02
C ASN V 252 -116.89 23.14 87.05
N LEU V 253 -116.70 23.47 85.77
CA LEU V 253 -116.22 22.56 84.73
C LEU V 253 -117.11 21.32 84.54
N VAL V 254 -118.40 21.46 84.84
CA VAL V 254 -119.36 20.39 84.58
C VAL V 254 -119.71 20.42 83.10
N PRO V 255 -119.59 19.31 82.37
CA PRO V 255 -119.98 19.30 80.95
C PRO V 255 -121.47 19.51 80.74
N LEU V 256 -121.81 19.85 79.50
CA LEU V 256 -123.16 20.27 79.17
C LEU V 256 -124.12 19.09 79.11
N GLY V 257 -125.41 19.40 79.24
CA GLY V 257 -126.44 18.42 79.05
C GLY V 257 -126.91 17.73 80.31
N ARG V 258 -128.14 18.02 80.73
CA ARG V 258 -128.73 17.33 81.87
C ARG V 258 -129.96 16.54 81.43
N SER W 1 -125.50 84.31 24.54
CA SER W 1 -125.38 82.95 24.06
C SER W 1 -126.12 81.99 25.00
N LYS W 2 -125.44 80.92 25.40
CA LYS W 2 -126.00 79.91 26.30
C LYS W 2 -125.46 80.15 27.70
N THR W 3 -126.37 80.31 28.65
CA THR W 3 -126.02 80.78 29.99
C THR W 3 -126.39 79.77 31.07
N ILE W 4 -125.63 79.79 32.15
CA ILE W 4 -125.99 79.16 33.42
C ILE W 4 -126.08 80.26 34.46
N VAL W 5 -127.06 80.16 35.36
CA VAL W 5 -127.26 81.16 36.41
C VAL W 5 -126.99 80.50 37.75
N LEU W 6 -125.98 80.98 38.45
CA LEU W 6 -125.56 80.44 39.74
C LEU W 6 -125.86 81.47 40.82
N SER W 7 -127.10 81.48 41.31
CA SER W 7 -127.50 82.43 42.32
C SER W 7 -126.98 82.00 43.70
N VAL W 8 -126.38 82.94 44.42
CA VAL W 8 -125.77 82.66 45.72
C VAL W 8 -126.57 83.37 46.80
N GLY W 9 -127.87 83.48 46.59
CA GLY W 9 -128.74 84.29 47.41
C GLY W 9 -129.63 85.12 46.51
N GLU W 10 -129.46 86.44 46.52
CA GLU W 10 -130.06 87.28 45.51
C GLU W 10 -129.07 87.71 44.44
N ALA W 11 -127.78 87.56 44.69
CA ALA W 11 -126.76 87.84 43.68
C ALA W 11 -126.68 86.68 42.71
N THR W 12 -126.93 86.94 41.43
CA THR W 12 -126.89 85.93 40.39
C THR W 12 -125.65 86.16 39.53
N ARG W 13 -124.87 85.10 39.31
CA ARG W 13 -123.63 85.19 38.55
C ARG W 13 -123.80 84.36 37.28
N THR W 14 -123.96 85.05 36.15
CA THR W 14 -124.31 84.41 34.89
C THR W 14 -123.04 84.11 34.09
N LEU W 15 -122.80 82.83 33.83
CA LEU W 15 -121.69 82.39 33.00
C LEU W 15 -122.17 82.17 31.57
N THR W 16 -121.48 82.79 30.61
CA THR W 16 -121.82 82.62 29.20
C THR W 16 -120.80 81.72 28.54
N GLU W 17 -121.24 81.05 27.48
CA GLU W 17 -120.44 80.01 26.85
C GLU W 17 -119.42 80.62 25.90
N ILE W 18 -118.17 80.15 26.00
CA ILE W 18 -117.10 80.62 25.14
C ILE W 18 -116.55 79.52 24.24
N GLN W 19 -117.00 78.28 24.38
CA GLN W 19 -116.47 77.17 23.59
C GLN W 19 -117.50 76.06 23.56
N SER W 20 -117.60 75.38 22.41
CA SER W 20 -118.47 74.22 22.28
C SER W 20 -117.82 73.25 21.29
N THR W 21 -117.05 72.31 21.80
CA THR W 21 -116.49 71.24 20.98
C THR W 21 -117.44 70.07 20.97
N ALA W 22 -116.96 68.90 20.52
CA ALA W 22 -117.80 67.70 20.50
C ALA W 22 -118.12 67.23 21.91
N ASP W 23 -117.16 67.32 22.83
CA ASP W 23 -117.40 66.96 24.22
C ASP W 23 -117.19 68.10 25.20
N ARG W 24 -116.10 68.86 25.07
CA ARG W 24 -115.82 69.93 26.02
C ARG W 24 -116.73 71.12 25.76
N GLN W 25 -116.99 71.89 26.81
CA GLN W 25 -117.98 72.96 26.74
C GLN W 25 -117.64 73.95 27.86
N ILE W 26 -117.00 75.05 27.50
CA ILE W 26 -116.41 75.98 28.46
C ILE W 26 -117.31 77.18 28.63
N PHE W 27 -117.59 77.53 29.88
CA PHE W 27 -118.35 78.72 30.24
C PHE W 27 -117.43 79.70 30.97
N GLU W 28 -117.86 80.96 31.03
CA GLU W 28 -117.06 82.00 31.66
C GLU W 28 -117.97 83.16 32.02
N GLU W 29 -117.69 83.78 33.15
CA GLU W 29 -118.36 85.02 33.53
C GLU W 29 -117.71 86.18 32.79
N LYS W 30 -118.50 87.23 32.55
CA LYS W 30 -118.03 88.35 31.74
C LYS W 30 -117.91 89.66 32.52
N VAL W 31 -118.29 89.68 33.78
CA VAL W 31 -118.21 90.89 34.59
C VAL W 31 -116.84 90.98 35.22
N GLY W 32 -116.16 92.12 35.05
CA GLY W 32 -114.92 92.39 35.72
C GLY W 32 -113.73 92.48 34.78
N PRO W 33 -112.52 92.34 35.34
CA PRO W 33 -111.31 92.36 34.50
C PRO W 33 -111.21 91.15 33.57
N LEU W 34 -110.29 91.21 32.61
CA LEU W 34 -110.21 90.22 31.55
C LEU W 34 -109.22 89.10 31.84
N VAL W 35 -108.54 89.13 32.98
CA VAL W 35 -107.45 88.18 33.21
C VAL W 35 -107.88 87.05 34.14
N GLY W 36 -108.72 87.31 35.14
CA GLY W 36 -109.19 86.25 36.00
C GLY W 36 -110.69 86.26 36.17
N ARG W 37 -111.35 85.21 35.70
CA ARG W 37 -112.80 85.08 35.77
C ARG W 37 -113.16 83.65 36.15
N LEU W 38 -114.45 83.42 36.39
CA LEU W 38 -114.93 82.07 36.63
C LEU W 38 -114.80 81.21 35.38
N ARG W 39 -114.82 79.90 35.57
CA ARG W 39 -114.63 78.95 34.50
C ARG W 39 -115.38 77.68 34.84
N LEU W 40 -115.97 77.06 33.82
CA LEU W 40 -116.76 75.85 34.04
C LEU W 40 -116.61 75.00 32.78
N THR W 41 -115.68 74.06 32.81
CA THR W 41 -115.39 73.23 31.65
C THR W 41 -116.17 71.92 31.81
N ALA W 42 -117.42 71.93 31.38
CA ALA W 42 -118.23 70.72 31.38
C ALA W 42 -117.77 69.77 30.29
N SER W 43 -118.15 68.51 30.44
CA SER W 43 -117.75 67.47 29.49
C SER W 43 -118.73 66.31 29.61
N LEU W 44 -118.65 65.40 28.64
CA LEU W 44 -119.45 64.19 28.63
C LEU W 44 -118.78 63.20 27.67
N ARG W 45 -118.77 61.93 28.06
CA ARG W 45 -118.10 60.89 27.30
C ARG W 45 -118.90 59.60 27.41
N GLN W 46 -118.46 58.58 26.69
CA GLN W 46 -118.91 57.21 26.93
C GLN W 46 -117.74 56.28 26.60
N ASN W 47 -116.97 55.92 27.62
CA ASN W 47 -115.74 55.16 27.44
C ASN W 47 -116.02 53.67 27.46
N GLY W 48 -115.16 52.93 26.78
CA GLY W 48 -115.30 51.49 26.71
C GLY W 48 -116.22 51.04 25.61
N ALA W 49 -117.01 50.00 25.86
CA ALA W 49 -117.95 49.48 24.86
C ALA W 49 -119.33 50.10 25.04
N LYS W 50 -119.32 51.44 25.12
CA LYS W 50 -120.53 52.28 25.09
C LYS W 50 -121.52 51.96 26.20
N THR W 51 -121.04 51.50 27.36
CA THR W 51 -121.92 51.05 28.42
C THR W 51 -122.01 52.00 29.61
N ALA W 52 -121.09 52.96 29.72
CA ALA W 52 -121.07 53.86 30.88
C ALA W 52 -120.65 55.24 30.41
N TYR W 53 -121.35 56.25 30.90
CA TYR W 53 -121.02 57.64 30.60
C TYR W 53 -120.08 58.20 31.66
N ARG W 54 -119.62 59.43 31.44
CA ARG W 54 -118.69 60.06 32.38
C ARG W 54 -118.86 61.57 32.28
N VAL W 55 -119.61 62.13 33.22
CA VAL W 55 -119.74 63.57 33.35
C VAL W 55 -118.55 64.11 34.13
N ASN W 56 -118.05 65.27 33.71
CA ASN W 56 -116.81 65.79 34.29
C ASN W 56 -116.88 67.32 34.28
N LEU W 57 -117.30 67.90 35.39
CA LEU W 57 -117.31 69.35 35.56
C LEU W 57 -116.04 69.81 36.26
N LYS W 58 -115.74 71.11 36.14
CA LYS W 58 -114.56 71.68 36.76
C LYS W 58 -114.80 73.18 36.94
N LEU W 59 -115.11 73.59 38.16
CA LEU W 59 -115.39 74.99 38.47
C LEU W 59 -114.13 75.65 39.00
N ASP W 60 -113.41 76.37 38.13
CA ASP W 60 -112.25 77.12 38.55
C ASP W 60 -112.67 78.44 39.18
N GLN W 61 -111.74 79.03 39.93
CA GLN W 61 -111.94 80.35 40.52
C GLN W 61 -110.58 80.94 40.81
N ALA W 62 -110.25 82.04 40.14
CA ALA W 62 -108.99 82.74 40.35
C ALA W 62 -109.23 83.98 41.18
N ASP W 63 -108.27 84.31 42.04
CA ASP W 63 -108.34 85.50 42.88
C ASP W 63 -107.42 86.56 42.27
N VAL W 64 -108.00 87.51 41.59
CA VAL W 64 -107.24 88.57 40.92
C VAL W 64 -107.13 89.76 41.86
N VAL W 65 -105.98 90.42 41.84
CA VAL W 65 -105.74 91.62 42.62
C VAL W 65 -105.13 92.68 41.71
N ASP W 66 -105.65 93.89 41.78
CA ASP W 66 -105.12 95.02 41.02
C ASP W 66 -104.85 96.17 41.97
N CYS W 67 -103.59 96.53 42.12
CA CYS W 67 -103.15 97.60 43.01
C CYS W 67 -102.25 98.58 42.26
N SER W 68 -102.74 99.06 41.12
CA SER W 68 -102.10 100.18 40.45
C SER W 68 -102.24 101.48 41.23
N THR W 69 -103.19 101.55 42.17
CA THR W 69 -103.30 102.70 43.06
C THR W 69 -102.09 102.78 43.99
N SER W 70 -101.67 101.65 44.55
CA SER W 70 -100.59 101.66 45.53
C SER W 70 -99.23 101.84 44.87
N VAL W 71 -98.84 100.88 44.04
CA VAL W 71 -97.60 100.98 43.27
C VAL W 71 -97.96 101.44 41.86
N CYS W 72 -97.22 102.42 41.35
CA CYS W 72 -97.56 103.04 40.07
C CYS W 72 -97.05 102.20 38.92
N GLY W 73 -97.97 101.74 38.08
CA GLY W 73 -97.61 101.13 36.82
C GLY W 73 -97.71 99.63 36.73
N GLU W 74 -98.49 98.99 37.59
CA GLU W 74 -98.72 97.56 37.47
C GLU W 74 -100.13 97.30 36.96
N LEU W 75 -100.35 96.07 36.51
CA LEU W 75 -101.58 95.66 35.87
C LEU W 75 -102.25 94.60 36.75
N PRO W 76 -103.54 94.28 36.55
CA PRO W 76 -104.16 93.21 37.34
C PRO W 76 -103.54 91.86 37.07
N LYS W 77 -103.59 91.00 38.09
CA LYS W 77 -102.83 89.75 38.12
C LYS W 77 -103.49 88.83 39.12
N VAL W 78 -103.47 87.53 38.84
CA VAL W 78 -104.09 86.54 39.72
C VAL W 78 -103.03 85.98 40.66
N ARG W 79 -103.41 85.77 41.92
CA ARG W 79 -102.51 85.14 42.88
C ARG W 79 -102.58 83.62 42.76
N TYR W 80 -103.76 83.06 43.01
CA TYR W 80 -103.94 81.62 43.09
C TYR W 80 -105.23 81.23 42.39
N THR W 81 -105.40 79.92 42.19
CA THR W 81 -106.63 79.36 41.64
C THR W 81 -107.11 78.23 42.54
N GLN W 82 -108.42 78.18 42.77
CA GLN W 82 -109.04 77.13 43.57
C GLN W 82 -110.15 76.49 42.76
N VAL W 83 -110.04 75.19 42.54
CA VAL W 83 -110.97 74.47 41.67
C VAL W 83 -111.87 73.58 42.52
N TRP W 84 -112.93 73.07 41.89
CA TRP W 84 -113.78 72.05 42.49
C TRP W 84 -114.25 71.17 41.35
N SER W 85 -113.53 70.09 41.10
CA SER W 85 -113.87 69.19 40.01
C SER W 85 -114.94 68.19 40.47
N HIS W 86 -115.60 67.60 39.48
CA HIS W 86 -116.58 66.54 39.70
C HIS W 86 -116.25 65.41 38.74
N ASP W 87 -116.69 64.20 39.07
CA ASP W 87 -116.48 63.05 38.21
C ASP W 87 -117.65 62.09 38.44
N VAL W 88 -118.67 62.22 37.62
CA VAL W 88 -119.88 61.41 37.75
C VAL W 88 -119.79 60.25 36.78
N THR W 89 -120.07 59.05 37.26
CA THR W 89 -120.06 57.84 36.44
C THR W 89 -121.47 57.27 36.39
N ILE W 90 -122.04 57.23 35.20
CA ILE W 90 -123.41 56.78 34.99
C ILE W 90 -123.39 55.62 34.00
N VAL W 91 -123.91 54.47 34.43
CA VAL W 91 -124.05 53.34 33.53
C VAL W 91 -125.32 53.50 32.71
N ALA W 92 -125.26 53.03 31.45
CA ALA W 92 -126.23 53.46 30.44
C ALA W 92 -127.59 52.81 30.60
N ASN W 93 -127.64 51.59 31.14
CA ASN W 93 -128.89 50.87 31.30
C ASN W 93 -129.51 51.05 32.68
N SER W 94 -129.34 52.23 33.27
CA SER W 94 -129.77 52.48 34.63
C SER W 94 -131.29 52.65 34.72
N THR W 95 -131.78 52.66 35.94
CA THR W 95 -133.13 53.10 36.23
C THR W 95 -133.11 54.61 36.39
N GLU W 96 -134.22 55.27 36.03
CA GLU W 96 -134.27 56.72 36.17
C GLU W 96 -134.33 57.15 37.63
N ALA W 97 -134.87 56.30 38.51
CA ALA W 97 -134.83 56.60 39.93
C ALA W 97 -133.45 56.36 40.52
N SER W 98 -132.61 55.58 39.86
CA SER W 98 -131.24 55.40 40.32
C SER W 98 -130.40 56.65 40.05
N ARG W 99 -130.56 57.24 38.87
CA ARG W 99 -129.83 58.46 38.55
C ARG W 99 -130.37 59.68 39.28
N LYS W 100 -131.65 59.67 39.64
CA LYS W 100 -132.22 60.79 40.38
C LYS W 100 -131.79 60.73 41.85
N SER W 101 -131.68 59.53 42.40
CA SER W 101 -131.29 59.41 43.81
C SER W 101 -129.82 59.73 44.00
N LEU W 102 -128.97 59.41 43.01
CA LEU W 102 -127.56 59.78 43.08
C LEU W 102 -127.39 61.29 43.02
N TYR W 103 -128.23 61.97 42.24
CA TYR W 103 -128.20 63.42 42.22
C TYR W 103 -128.76 64.01 43.50
N ASP W 104 -129.80 63.40 44.06
CA ASP W 104 -130.42 63.93 45.27
C ASP W 104 -129.56 63.72 46.52
N LEU W 105 -128.63 62.77 46.48
CA LEU W 105 -127.74 62.59 47.63
C LEU W 105 -126.56 63.56 47.56
N THR W 106 -126.02 63.80 46.37
CA THR W 106 -124.90 64.71 46.23
C THR W 106 -125.34 66.16 46.37
N LYS W 107 -126.56 66.48 45.95
CA LYS W 107 -127.10 67.82 46.16
C LYS W 107 -127.30 68.09 47.65
N SER W 108 -127.62 67.06 48.42
CA SER W 108 -127.73 67.21 49.86
C SER W 108 -126.41 66.99 50.59
N LEU W 109 -125.42 66.37 49.94
CA LEU W 109 -124.11 66.25 50.55
C LEU W 109 -123.40 67.59 50.58
N VAL W 110 -123.43 68.32 49.47
CA VAL W 110 -122.76 69.61 49.39
C VAL W 110 -123.49 70.64 50.26
N ALA W 111 -124.80 70.50 50.40
CA ALA W 111 -125.59 71.48 51.13
C ALA W 111 -125.55 71.30 52.64
N THR W 112 -124.79 70.35 53.17
CA THR W 112 -124.76 70.15 54.61
C THR W 112 -123.69 71.02 55.26
N SER W 113 -123.77 71.14 56.58
CA SER W 113 -122.85 71.98 57.33
C SER W 113 -121.52 71.29 57.64
N GLN W 114 -121.38 70.01 57.30
CA GLN W 114 -120.14 69.31 57.57
C GLN W 114 -119.18 69.37 56.40
N VAL W 115 -119.70 69.39 55.17
CA VAL W 115 -118.85 69.55 54.00
C VAL W 115 -118.45 71.02 53.85
N GLU W 116 -119.29 71.94 54.36
CA GLU W 116 -118.95 73.36 54.34
C GLU W 116 -117.73 73.64 55.21
N ASP W 117 -117.70 73.08 56.42
CA ASP W 117 -116.54 73.28 57.29
C ASP W 117 -115.33 72.49 56.82
N LEU W 118 -115.50 71.50 55.96
CA LEU W 118 -114.37 70.73 55.46
C LEU W 118 -113.55 71.50 54.44
N VAL W 119 -114.19 72.37 53.66
CA VAL W 119 -113.46 73.12 52.64
C VAL W 119 -113.13 74.52 53.13
N VAL W 120 -113.97 75.09 53.99
CA VAL W 120 -113.71 76.44 54.48
C VAL W 120 -112.72 76.41 55.63
N ASN W 121 -113.04 75.70 56.71
CA ASN W 121 -112.23 75.71 57.92
C ASN W 121 -111.43 74.42 58.11
N LEU W 122 -111.45 73.53 57.13
CA LEU W 122 -110.65 72.30 57.07
C LEU W 122 -110.95 71.33 58.21
N VAL W 123 -112.15 71.39 58.76
CA VAL W 123 -112.56 70.48 59.85
C VAL W 123 -112.92 69.13 59.23
N PRO W 124 -112.47 68.01 59.80
CA PRO W 124 -112.80 66.70 59.23
C PRO W 124 -114.28 66.36 59.41
N LEU W 125 -114.67 65.27 58.74
CA LEU W 125 -116.08 64.92 58.62
C LEU W 125 -116.57 64.13 59.82
N GLY W 126 -117.88 64.19 60.05
CA GLY W 126 -118.50 63.40 61.09
C GLY W 126 -118.57 64.11 62.43
N ARG W 127 -119.77 64.27 62.96
CA ARG W 127 -119.96 64.80 64.31
C ARG W 127 -120.81 63.81 65.09
N ALA W 128 -120.28 63.34 66.22
CA ALA W 128 -120.97 62.33 67.02
C ALA W 128 -121.99 63.01 67.92
N TYR W 129 -123.26 62.88 67.58
CA TYR W 129 -124.37 63.40 68.39
C TYR W 129 -125.07 62.20 69.03
N GLY W 130 -124.55 61.77 70.17
CA GLY W 130 -125.09 60.64 70.89
C GLY W 130 -124.94 59.31 70.16
N GLY W 131 -123.70 58.86 69.99
CA GLY W 131 -123.45 57.62 69.28
C GLY W 131 -122.17 57.63 68.49
N SER W 132 -122.23 57.20 67.24
CA SER W 132 -121.06 57.18 66.37
C SER W 132 -120.95 58.49 65.59
N LYS W 133 -119.82 58.63 64.89
CA LYS W 133 -119.63 59.77 64.00
C LYS W 133 -120.49 59.58 62.76
N THR W 134 -121.49 60.43 62.59
CA THR W 134 -122.50 60.25 61.56
C THR W 134 -122.64 61.48 60.69
N ILE W 135 -123.07 61.26 59.46
CA ILE W 135 -123.48 62.32 58.55
C ILE W 135 -124.92 62.04 58.15
N VAL W 136 -125.78 63.06 58.22
CA VAL W 136 -127.17 62.92 57.83
C VAL W 136 -127.33 63.56 56.46
N LEU W 137 -127.85 62.79 55.51
CA LEU W 137 -128.07 63.25 54.13
C LEU W 137 -129.57 63.20 53.86
N SER W 138 -130.28 64.25 54.25
CA SER W 138 -131.73 64.29 54.08
C SER W 138 -132.08 64.65 52.64
N VAL W 139 -133.07 63.94 52.09
CA VAL W 139 -133.53 64.15 50.72
C VAL W 139 -134.95 64.68 50.76
N GLY W 140 -135.26 65.45 51.79
CA GLY W 140 -136.62 65.87 52.06
C GLY W 140 -137.02 65.46 53.46
N GLU W 141 -137.93 64.49 53.58
CA GLU W 141 -138.25 63.91 54.88
C GLU W 141 -137.53 62.59 55.13
N ALA W 142 -137.02 61.95 54.09
CA ALA W 142 -136.20 60.76 54.27
C ALA W 142 -134.77 61.18 54.60
N THR W 143 -134.26 60.73 55.74
CA THR W 143 -132.91 61.03 56.18
C THR W 143 -132.10 59.74 56.13
N ARG W 144 -130.94 59.79 55.51
CA ARG W 144 -130.08 58.61 55.35
C ARG W 144 -128.80 58.86 56.13
N THR W 145 -128.67 58.20 57.28
CA THR W 145 -127.60 58.46 58.22
C THR W 145 -126.44 57.51 57.97
N LEU W 146 -125.29 58.05 57.58
CA LEU W 146 -124.11 57.23 57.32
C LEU W 146 -123.16 57.27 58.51
N THR W 147 -122.88 56.09 59.06
CA THR W 147 -122.02 55.96 60.24
C THR W 147 -120.61 55.60 59.82
N GLU W 148 -119.64 56.15 60.55
CA GLU W 148 -118.23 55.97 60.19
C GLU W 148 -117.76 54.57 60.56
N ILE W 149 -117.10 53.91 59.61
CA ILE W 149 -116.64 52.54 59.82
C ILE W 149 -115.12 52.43 59.92
N GLN W 150 -114.37 53.42 59.46
CA GLN W 150 -112.91 53.34 59.44
C GLN W 150 -112.36 54.75 59.27
N SER W 151 -111.44 55.14 60.15
CA SER W 151 -110.76 56.44 60.07
C SER W 151 -109.26 56.16 60.04
N THR W 152 -108.72 55.97 58.85
CA THR W 152 -107.29 55.76 58.66
C THR W 152 -106.63 57.13 58.69
N ALA W 153 -105.29 57.20 58.62
CA ALA W 153 -104.60 58.50 58.63
C ALA W 153 -104.85 59.27 57.35
N ASP W 154 -105.17 58.58 56.26
CA ASP W 154 -105.50 59.23 54.99
C ASP W 154 -107.00 59.23 54.71
N ARG W 155 -107.63 58.06 54.72
CA ARG W 155 -109.03 57.96 54.35
C ARG W 155 -109.94 58.14 55.56
N GLN W 156 -111.23 58.30 55.27
CA GLN W 156 -112.25 58.39 56.32
C GLN W 156 -113.54 57.87 55.69
N ILE W 157 -113.83 56.59 55.91
CA ILE W 157 -114.89 55.90 55.19
C ILE W 157 -116.17 55.92 56.01
N PHE W 158 -117.26 56.38 55.40
CA PHE W 158 -118.59 56.34 55.99
C PHE W 158 -119.43 55.34 55.21
N GLU W 159 -120.47 54.84 55.86
CA GLU W 159 -121.31 53.81 55.24
C GLU W 159 -122.65 53.76 55.98
N GLU W 160 -123.72 53.58 55.22
CA GLU W 160 -125.03 53.37 55.81
C GLU W 160 -125.11 51.96 56.38
N LYS W 161 -126.03 51.76 57.31
CA LYS W 161 -126.15 50.50 58.02
C LYS W 161 -127.50 49.82 57.88
N VAL W 162 -128.49 50.50 57.31
CA VAL W 162 -129.82 49.90 57.16
C VAL W 162 -129.87 49.11 55.85
N GLY W 163 -130.28 47.85 55.95
CA GLY W 163 -130.51 47.03 54.78
C GLY W 163 -129.55 45.86 54.68
N PRO W 164 -129.43 45.29 53.47
CA PRO W 164 -128.50 44.18 53.27
C PRO W 164 -127.05 44.63 53.33
N LEU W 165 -126.16 43.65 53.42
CA LEU W 165 -124.75 43.92 53.60
C LEU W 165 -123.98 43.97 52.29
N VAL W 166 -124.59 43.60 51.16
CA VAL W 166 -123.85 43.54 49.92
C VAL W 166 -123.79 44.91 49.23
N GLY W 167 -124.85 45.70 49.30
CA GLY W 167 -124.84 47.01 48.68
C GLY W 167 -125.32 48.09 49.62
N ARG W 168 -124.43 49.03 49.95
CA ARG W 168 -124.76 50.13 50.85
C ARG W 168 -124.09 51.40 50.34
N LEU W 169 -124.54 52.53 50.87
CA LEU W 169 -123.94 53.81 50.54
C LEU W 169 -122.53 53.89 51.09
N ARG W 170 -121.69 54.67 50.41
CA ARG W 170 -120.31 54.85 50.82
C ARG W 170 -119.96 56.32 50.75
N LEU W 171 -118.94 56.71 51.52
CA LEU W 171 -118.46 58.08 51.49
C LEU W 171 -117.00 58.02 51.95
N THR W 172 -116.07 58.06 51.02
CA THR W 172 -114.66 57.96 51.34
C THR W 172 -114.04 59.35 51.18
N ALA W 173 -114.06 60.12 52.26
CA ALA W 173 -113.42 61.42 52.24
C ALA W 173 -111.91 61.27 52.42
N SER W 174 -111.17 62.33 52.08
CA SER W 174 -109.73 62.33 52.21
C SER W 174 -109.26 63.78 52.34
N LEU W 175 -107.97 63.93 52.64
CA LEU W 175 -107.35 65.24 52.79
C LEU W 175 -105.85 65.06 52.67
N ARG W 176 -105.24 65.80 51.75
CA ARG W 176 -103.81 65.70 51.50
C ARG W 176 -103.23 67.10 51.42
N GLN W 177 -101.91 67.17 51.32
CA GLN W 177 -101.21 68.39 50.92
C GLN W 177 -99.93 67.98 50.21
N ASN W 178 -99.86 68.27 48.92
CA ASN W 178 -98.73 67.87 48.09
C ASN W 178 -97.84 69.06 47.79
N GLY W 179 -96.54 68.82 47.80
CA GLY W 179 -95.57 69.87 47.53
C GLY W 179 -94.98 70.45 48.80
N ALA W 180 -94.68 71.74 48.78
CA ALA W 180 -94.09 72.40 49.94
C ALA W 180 -95.15 73.02 50.85
N LYS W 181 -96.14 72.19 51.22
CA LYS W 181 -97.18 72.53 52.20
C LYS W 181 -97.99 73.77 51.79
N THR W 182 -98.21 73.95 50.50
CA THR W 182 -98.83 75.17 49.99
C THR W 182 -100.25 74.98 49.48
N ALA W 183 -100.68 73.75 49.22
CA ALA W 183 -102.01 73.53 48.67
C ALA W 183 -102.58 72.24 49.23
N TYR W 184 -103.85 72.29 49.63
CA TYR W 184 -104.55 71.13 50.15
C TYR W 184 -105.28 70.41 49.03
N ARG W 185 -105.87 69.25 49.35
CA ARG W 185 -106.60 68.47 48.35
C ARG W 185 -107.70 67.69 49.07
N VAL W 186 -108.91 68.22 49.05
CA VAL W 186 -110.07 67.52 49.58
C VAL W 186 -110.60 66.59 48.50
N ASN W 187 -111.09 65.41 48.90
CA ASN W 187 -111.49 64.40 47.93
C ASN W 187 -112.64 63.58 48.51
N LEU W 188 -113.87 63.96 48.15
CA LEU W 188 -115.04 63.18 48.53
C LEU W 188 -115.43 62.24 47.38
N LYS W 189 -116.13 61.17 47.73
CA LYS W 189 -116.55 60.18 46.74
C LYS W 189 -117.71 59.38 47.32
N LEU W 190 -118.84 59.38 46.62
CA LEU W 190 -120.06 58.74 47.10
C LEU W 190 -120.45 57.63 46.13
N ASP W 191 -120.28 56.38 46.56
CA ASP W 191 -120.71 55.23 45.77
C ASP W 191 -122.13 54.84 46.13
N GLN W 192 -122.92 54.51 45.12
CA GLN W 192 -124.28 54.04 45.33
C GLN W 192 -124.51 52.85 44.42
N ALA W 193 -124.61 51.66 45.01
CA ALA W 193 -124.83 50.43 44.27
C ALA W 193 -126.31 50.08 44.29
N ASP W 194 -126.80 49.53 43.19
CA ASP W 194 -128.20 49.15 43.06
C ASP W 194 -128.32 47.66 43.38
N VAL W 195 -128.96 47.35 44.50
CA VAL W 195 -129.16 45.97 44.93
C VAL W 195 -130.59 45.57 44.57
N VAL W 196 -130.76 44.30 44.19
CA VAL W 196 -132.07 43.75 43.87
C VAL W 196 -132.09 42.30 44.33
N ASP W 197 -133.25 41.85 44.81
CA ASP W 197 -133.45 40.45 45.16
C ASP W 197 -134.64 39.89 44.39
N CYS W 198 -134.51 38.64 43.97
CA CYS W 198 -135.54 37.95 43.21
C CYS W 198 -136.07 36.73 43.97
N SER W 199 -136.03 36.79 45.30
CA SER W 199 -136.47 35.67 46.12
C SER W 199 -137.98 35.46 46.07
N THR W 200 -138.74 36.50 45.75
CA THR W 200 -140.16 36.32 45.51
C THR W 200 -140.42 35.71 44.13
N SER W 201 -139.44 35.79 43.24
CA SER W 201 -139.55 35.23 41.89
C SER W 201 -138.89 33.87 41.77
N VAL W 202 -137.59 33.78 42.05
CA VAL W 202 -136.84 32.53 41.98
C VAL W 202 -136.33 32.20 43.38
N CYS W 203 -136.54 30.96 43.80
CA CYS W 203 -136.14 30.54 45.14
C CYS W 203 -134.62 30.44 45.28
N GLY W 204 -134.17 30.59 46.52
CA GLY W 204 -132.77 30.41 46.86
C GLY W 204 -131.83 31.46 46.32
N GLU W 205 -132.36 32.64 45.96
CA GLU W 205 -131.55 33.72 45.40
C GLU W 205 -131.43 34.82 46.45
N LEU W 206 -130.20 35.11 46.84
CA LEU W 206 -129.89 36.15 47.80
C LEU W 206 -129.66 37.47 47.06
N PRO W 207 -129.77 38.61 47.75
CA PRO W 207 -129.57 39.91 47.08
C PRO W 207 -128.16 40.08 46.53
N LYS W 208 -128.07 40.84 45.44
CA LYS W 208 -126.82 41.10 44.76
C LYS W 208 -126.90 42.46 44.09
N VAL W 209 -125.74 43.03 43.78
CA VAL W 209 -125.66 44.35 43.18
C VAL W 209 -125.66 44.21 41.67
N ARG W 210 -126.23 45.21 40.99
CA ARG W 210 -126.21 45.24 39.53
C ARG W 210 -125.05 46.10 39.02
N TYR W 211 -125.04 47.38 39.41
CA TYR W 211 -124.06 48.35 38.95
C TYR W 211 -123.75 49.29 40.10
N THR W 212 -122.73 50.14 39.91
CA THR W 212 -122.43 51.20 40.86
C THR W 212 -122.34 52.51 40.11
N GLN W 213 -122.72 53.59 40.77
CA GLN W 213 -122.66 54.93 40.19
C GLN W 213 -121.94 55.85 41.16
N VAL W 214 -120.94 56.56 40.64
CA VAL W 214 -120.02 57.33 41.47
C VAL W 214 -120.28 58.82 41.23
N TRP W 215 -120.10 59.61 42.29
CA TRP W 215 -120.03 61.06 42.15
C TRP W 215 -118.86 61.52 43.04
N SER W 216 -117.68 61.62 42.45
CA SER W 216 -116.50 62.05 43.17
C SER W 216 -116.40 63.58 43.17
N HIS W 217 -115.54 64.08 44.04
CA HIS W 217 -115.18 65.50 44.06
C HIS W 217 -113.68 65.61 44.24
N ASP W 218 -113.12 66.73 43.82
CA ASP W 218 -111.68 66.96 43.98
C ASP W 218 -111.47 68.47 44.13
N VAL W 219 -111.41 68.93 45.37
CA VAL W 219 -111.29 70.34 45.69
C VAL W 219 -109.82 70.66 45.90
N THR W 220 -109.34 71.73 45.27
CA THR W 220 -107.97 72.20 45.44
C THR W 220 -108.01 73.53 46.16
N ILE W 221 -107.37 73.60 47.33
CA ILE W 221 -107.38 74.79 48.16
C ILE W 221 -105.93 75.12 48.52
N VAL W 222 -105.50 76.33 48.18
CA VAL W 222 -104.16 76.78 48.54
C VAL W 222 -104.16 77.21 50.00
N ALA W 223 -102.99 77.07 50.65
CA ALA W 223 -102.94 77.17 52.10
C ALA W 223 -103.08 78.61 52.60
N ASN W 224 -102.60 79.58 51.84
CA ASN W 224 -102.63 80.98 52.24
C ASN W 224 -103.84 81.73 51.70
N SER W 225 -104.97 81.05 51.55
CA SER W 225 -106.17 81.62 50.96
C SER W 225 -106.81 82.65 51.88
N THR W 226 -107.76 83.40 51.31
CA THR W 226 -108.68 84.21 52.07
C THR W 226 -109.85 83.31 52.45
N GLU W 227 -110.48 83.61 53.59
CA GLU W 227 -111.66 82.83 53.99
C GLU W 227 -112.82 83.06 53.04
N ALA W 228 -113.02 84.30 52.58
CA ALA W 228 -114.11 84.59 51.66
C ALA W 228 -113.85 84.07 50.26
N SER W 229 -112.61 83.65 49.94
CA SER W 229 -112.37 83.00 48.67
C SER W 229 -112.68 81.51 48.74
N ARG W 230 -112.51 80.90 49.90
CA ARG W 230 -112.92 79.51 50.08
C ARG W 230 -114.42 79.40 50.30
N LYS W 231 -115.02 80.42 50.92
CA LYS W 231 -116.46 80.40 51.17
C LYS W 231 -117.24 80.65 49.90
N SER W 232 -116.71 81.49 49.01
CA SER W 232 -117.41 81.76 47.75
C SER W 232 -117.25 80.62 46.77
N LEU W 233 -116.14 79.88 46.84
CA LEU W 233 -115.99 78.69 46.01
C LEU W 233 -116.97 77.60 46.44
N TYR W 234 -117.23 77.49 47.73
CA TYR W 234 -118.22 76.52 48.21
C TYR W 234 -119.63 76.97 47.82
N ASP W 235 -119.94 78.25 47.96
CA ASP W 235 -121.27 78.77 47.65
C ASP W 235 -121.59 78.72 46.16
N LEU W 236 -120.58 78.75 45.29
CA LEU W 236 -120.83 78.62 43.87
C LEU W 236 -121.06 77.17 43.48
N THR W 237 -120.31 76.24 44.08
CA THR W 237 -120.49 74.83 43.78
C THR W 237 -121.79 74.30 44.40
N LYS W 238 -122.17 74.81 45.57
CA LYS W 238 -123.45 74.43 46.16
C LYS W 238 -124.61 74.93 45.30
N SER W 239 -124.45 76.10 44.70
CA SER W 239 -125.47 76.64 43.81
C SER W 239 -125.38 76.08 42.40
N LEU W 240 -124.28 75.41 42.06
CA LEU W 240 -124.17 74.80 40.74
C LEU W 240 -124.89 73.46 40.71
N VAL W 241 -124.69 72.63 41.74
CA VAL W 241 -125.35 71.34 41.82
C VAL W 241 -126.86 71.50 41.99
N ALA W 242 -127.31 72.57 42.63
CA ALA W 242 -128.72 72.78 42.85
C ALA W 242 -129.46 73.34 41.65
N THR W 243 -128.80 73.54 40.52
CA THR W 243 -129.47 74.06 39.34
C THR W 243 -130.26 72.96 38.63
N SER W 244 -131.09 73.38 37.68
CA SER W 244 -131.88 72.45 36.91
C SER W 244 -131.15 71.91 35.69
N GLN W 245 -129.97 72.45 35.39
CA GLN W 245 -129.24 72.00 34.21
C GLN W 245 -128.27 70.87 34.54
N VAL W 246 -127.68 70.90 35.73
CA VAL W 246 -126.84 69.80 36.18
C VAL W 246 -127.69 68.62 36.64
N GLU W 247 -128.97 68.87 36.93
CA GLU W 247 -129.89 67.76 37.16
C GLU W 247 -130.12 66.97 35.87
N ASP W 248 -130.45 67.67 34.79
CA ASP W 248 -130.66 67.01 33.50
C ASP W 248 -129.37 66.52 32.87
N LEU W 249 -128.22 67.04 33.28
CA LEU W 249 -126.95 66.52 32.79
C LEU W 249 -126.67 65.14 33.37
N VAL W 250 -127.13 64.87 34.58
CA VAL W 250 -126.92 63.56 35.20
C VAL W 250 -128.08 62.62 34.88
N VAL W 251 -129.32 63.11 34.98
CA VAL W 251 -130.48 62.24 34.77
C VAL W 251 -130.68 61.94 33.29
N ASN W 252 -130.77 62.98 32.46
CA ASN W 252 -131.11 62.80 31.05
C ASN W 252 -129.98 63.10 30.09
N LEU W 253 -128.77 63.38 30.59
CA LEU W 253 -127.56 63.60 29.79
C LEU W 253 -127.67 64.77 28.83
N VAL W 254 -128.47 65.78 29.17
CA VAL W 254 -128.55 67.00 28.38
C VAL W 254 -127.35 67.87 28.71
N PRO W 255 -126.58 68.31 27.72
CA PRO W 255 -125.44 69.22 28.01
C PRO W 255 -125.91 70.57 28.55
N LEU W 256 -124.97 71.27 29.16
CA LEU W 256 -125.28 72.48 29.91
C LEU W 256 -125.53 73.66 28.98
N GLY W 257 -126.15 74.70 29.54
CA GLY W 257 -126.37 75.93 28.82
C GLY W 257 -127.70 75.99 28.09
N ARG W 258 -128.53 76.96 28.45
CA ARG W 258 -129.78 77.20 27.74
C ARG W 258 -129.89 78.66 27.32
N SER X 1 -81.87 79.96 101.67
CA SER X 1 -81.29 80.52 100.46
C SER X 1 -82.39 81.04 99.53
N LYS X 2 -82.39 80.56 98.29
CA LYS X 2 -83.39 80.94 97.29
C LYS X 2 -84.42 79.83 97.19
N THR X 3 -85.70 80.21 97.30
CA THR X 3 -86.77 79.24 97.45
C THR X 3 -87.83 79.40 96.36
N ILE X 4 -88.47 78.29 96.03
CA ILE X 4 -89.70 78.25 95.25
C ILE X 4 -90.77 77.62 96.13
N VAL X 5 -91.97 78.20 96.14
CA VAL X 5 -93.07 77.72 96.96
C VAL X 5 -94.15 77.16 96.05
N LEU X 6 -94.42 75.87 96.18
CA LEU X 6 -95.43 75.16 95.38
C LEU X 6 -96.63 74.87 96.26
N SER X 7 -97.67 75.70 96.16
CA SER X 7 -98.86 75.50 96.94
C SER X 7 -99.74 74.42 96.30
N VAL X 8 -100.06 73.38 97.08
CA VAL X 8 -100.76 72.20 96.57
C VAL X 8 -102.13 72.24 97.25
N GLY X 9 -102.63 73.44 97.48
CA GLY X 9 -103.87 73.62 98.20
C GLY X 9 -103.64 74.50 99.41
N GLU X 10 -103.70 73.91 100.60
CA GLU X 10 -103.24 74.60 101.81
C GLU X 10 -101.84 74.15 102.22
N ALA X 11 -101.38 73.00 101.74
CA ALA X 11 -100.02 72.55 102.00
C ALA X 11 -99.06 73.19 101.02
N THR X 12 -98.04 73.88 101.54
CA THR X 12 -97.02 74.52 100.74
C THR X 12 -95.73 73.73 100.88
N ARG X 13 -95.12 73.37 99.76
CA ARG X 13 -93.89 72.58 99.74
C ARG X 13 -92.77 73.45 99.19
N THR X 14 -91.87 73.87 100.08
CA THR X 14 -90.83 74.83 99.74
C THR X 14 -89.54 74.10 99.35
N LEU X 15 -89.11 74.30 98.11
CA LEU X 15 -87.84 73.78 97.64
C LEU X 15 -86.75 74.83 97.82
N THR X 16 -85.60 74.41 98.34
CA THR X 16 -84.47 75.31 98.50
C THR X 16 -83.37 74.92 97.54
N GLU X 17 -82.53 75.89 97.20
CA GLU X 17 -81.55 75.71 96.14
C GLU X 17 -80.29 75.03 96.68
N ILE X 18 -79.83 73.99 95.99
CA ILE X 18 -78.62 73.27 96.37
C ILE X 18 -77.51 73.39 95.33
N GLN X 19 -77.74 74.07 94.21
CA GLN X 19 -76.72 74.21 93.18
C GLN X 19 -77.03 75.44 92.34
N SER X 20 -75.98 76.17 91.96
CA SER X 20 -76.12 77.33 91.10
C SER X 20 -74.91 77.34 90.17
N THR X 21 -75.05 76.75 89.00
CA THR X 21 -74.00 76.77 88.00
C THR X 21 -74.28 77.99 87.10
N ALA X 22 -73.59 78.10 85.97
CA ALA X 22 -73.85 79.21 85.05
C ALA X 22 -75.23 79.08 84.40
N ASP X 23 -75.63 77.86 84.09
CA ASP X 23 -76.96 77.60 83.54
C ASP X 23 -77.83 76.71 84.42
N ARG X 24 -77.30 75.58 84.88
CA ARG X 24 -78.09 74.65 85.68
C ARG X 24 -78.32 75.22 87.08
N GLN X 25 -79.46 74.84 87.67
CA GLN X 25 -79.91 75.44 88.92
C GLN X 25 -80.82 74.42 89.60
N ILE X 26 -80.29 73.70 90.58
CA ILE X 26 -80.96 72.56 91.18
C ILE X 26 -81.61 72.98 92.49
N PHE X 27 -82.88 72.65 92.65
CA PHE X 27 -83.63 72.89 93.87
C PHE X 27 -83.98 71.55 94.50
N GLU X 28 -84.27 71.57 95.80
CA GLU X 28 -84.56 70.35 96.53
C GLU X 28 -85.31 70.71 97.80
N GLU X 29 -86.29 69.88 98.15
CA GLU X 29 -87.01 70.04 99.41
C GLU X 29 -86.19 69.46 100.54
N LYS X 30 -86.28 70.07 101.72
CA LYS X 30 -85.47 69.68 102.86
C LYS X 30 -86.23 68.95 103.94
N VAL X 31 -87.52 68.71 103.77
CA VAL X 31 -88.31 68.02 104.78
C VAL X 31 -88.32 66.53 104.49
N GLY X 32 -87.96 65.73 105.49
CA GLY X 32 -88.07 64.29 105.39
C GLY X 32 -86.73 63.58 105.43
N PRO X 33 -86.71 62.32 104.97
CA PRO X 33 -85.43 61.57 104.91
C PRO X 33 -84.49 62.13 103.86
N LEU X 34 -83.23 61.71 103.91
CA LEU X 34 -82.18 62.30 103.07
C LEU X 34 -81.99 61.58 101.76
N VAL X 35 -82.65 60.45 101.54
CA VAL X 35 -82.37 59.65 100.35
C VAL X 35 -83.37 59.93 99.22
N GLY X 36 -84.63 60.20 99.53
CA GLY X 36 -85.59 60.52 98.50
C GLY X 36 -86.31 61.83 98.75
N ARG X 37 -86.07 62.81 97.90
CA ARG X 37 -86.66 64.14 98.04
C ARG X 37 -87.05 64.66 96.67
N LEU X 38 -87.80 65.77 96.66
CA LEU X 38 -88.11 66.44 95.41
C LEU X 38 -86.87 67.05 94.78
N ARG X 39 -86.98 67.36 93.50
CA ARG X 39 -85.86 67.87 92.73
C ARG X 39 -86.43 68.71 91.60
N LEU X 40 -85.71 69.78 91.27
CA LEU X 40 -86.17 70.68 90.20
C LEU X 40 -84.92 71.19 89.51
N THR X 41 -84.57 70.59 88.38
CA THR X 41 -83.35 70.91 87.65
C THR X 41 -83.71 71.93 86.57
N ALA X 42 -83.69 73.21 86.95
CA ALA X 42 -83.95 74.27 86.01
C ALA X 42 -82.72 74.54 85.16
N SER X 43 -82.93 75.16 84.01
CA SER X 43 -81.85 75.44 83.07
C SER X 43 -82.28 76.58 82.15
N LEU X 44 -81.31 77.12 81.41
CA LEU X 44 -81.54 78.13 80.40
C LEU X 44 -80.32 78.16 79.49
N ARG X 45 -80.58 78.36 78.19
CA ARG X 45 -79.52 78.32 77.19
C ARG X 45 -79.86 79.32 76.09
N GLN X 46 -78.93 79.47 75.14
CA GLN X 46 -79.23 80.09 73.84
C GLN X 46 -78.33 79.43 72.81
N ASN X 47 -78.88 78.43 72.13
CA ASN X 47 -78.10 77.62 71.21
C ASN X 47 -78.13 78.21 69.81
N GLY X 48 -77.02 78.04 69.09
CA GLY X 48 -76.93 78.50 67.72
C GLY X 48 -76.36 79.91 67.63
N ALA X 49 -76.89 80.70 66.69
CA ALA X 49 -76.40 82.07 66.48
C ALA X 49 -77.22 83.08 67.30
N LYS X 50 -77.33 82.78 68.60
CA LYS X 50 -77.85 83.69 69.63
C LYS X 50 -79.29 84.13 69.35
N THR X 51 -80.08 83.30 68.68
CA THR X 51 -81.39 83.71 68.22
C THR X 51 -82.56 83.05 68.94
N ALA X 52 -82.32 81.94 69.65
CA ALA X 52 -83.40 81.20 70.30
C ALA X 52 -82.92 80.71 71.64
N TYR X 53 -83.72 80.93 72.67
CA TYR X 53 -83.44 80.43 74.01
C TYR X 53 -84.04 79.04 74.18
N ARG X 54 -83.74 78.42 75.33
CA ARG X 54 -84.26 77.08 75.60
C ARG X 54 -84.36 76.91 77.11
N VAL X 55 -85.58 77.04 77.63
CA VAL X 55 -85.86 76.75 79.02
C VAL X 55 -86.05 75.25 79.16
N ASN X 56 -85.59 74.68 80.28
CA ASN X 56 -85.59 73.23 80.44
C ASN X 56 -85.77 72.91 81.92
N LEU X 57 -86.99 72.62 82.32
CA LEU X 57 -87.28 72.20 83.68
C LEU X 57 -87.39 70.69 83.76
N LYS X 58 -87.26 70.16 84.98
CA LYS X 58 -87.32 68.71 85.21
C LYS X 58 -87.68 68.50 86.68
N LEU X 59 -88.92 68.08 86.93
CA LEU X 59 -89.41 67.87 88.29
C LEU X 59 -89.43 66.39 88.60
N ASP X 60 -88.38 65.90 89.25
CA ASP X 60 -88.33 64.52 89.68
C ASP X 60 -89.15 64.33 90.95
N GLN X 61 -89.59 63.10 91.18
CA GLN X 61 -90.31 62.76 92.39
C GLN X 61 -90.05 61.30 92.71
N ALA X 62 -89.35 61.06 93.82
CA ALA X 62 -89.00 59.72 94.25
C ALA X 62 -89.96 59.26 95.33
N ASP X 63 -90.41 58.01 95.23
CA ASP X 63 -91.30 57.43 96.22
C ASP X 63 -90.45 56.58 97.17
N VAL X 64 -90.09 57.16 98.30
CA VAL X 64 -89.26 56.48 99.28
C VAL X 64 -90.16 55.71 100.24
N VAL X 65 -89.66 54.56 100.69
CA VAL X 65 -90.36 53.72 101.64
C VAL X 65 -89.35 53.27 102.70
N ASP X 66 -89.82 53.13 103.93
CA ASP X 66 -88.98 52.67 105.03
C ASP X 66 -89.83 51.83 105.98
N CYS X 67 -89.49 50.55 106.09
CA CYS X 67 -90.19 49.61 106.95
C CYS X 67 -89.23 48.90 107.88
N SER X 68 -88.43 49.69 108.60
CA SER X 68 -87.62 49.16 109.69
C SER X 68 -88.48 48.66 110.85
N THR X 69 -89.74 49.07 110.93
CA THR X 69 -90.66 48.53 111.92
C THR X 69 -90.95 47.06 111.66
N SER X 70 -91.20 46.70 110.39
CA SER X 70 -91.51 45.32 110.06
C SER X 70 -90.24 44.48 109.95
N VAL X 71 -89.36 44.82 109.00
CA VAL X 71 -88.11 44.11 108.81
C VAL X 71 -87.07 44.75 109.73
N CYS X 72 -86.55 43.97 110.69
CA CYS X 72 -85.59 44.48 111.63
C CYS X 72 -84.21 44.57 110.99
N GLY X 73 -83.76 45.80 110.72
CA GLY X 73 -82.43 46.03 110.21
C GLY X 73 -82.34 46.60 108.81
N GLU X 74 -83.39 47.24 108.32
CA GLU X 74 -83.36 47.83 106.98
C GLU X 74 -83.50 49.35 107.08
N LEU X 75 -83.13 50.01 105.98
CA LEU X 75 -83.01 51.45 105.92
C LEU X 75 -84.00 51.99 104.88
N PRO X 76 -84.26 53.31 104.84
CA PRO X 76 -85.12 53.85 103.77
C PRO X 76 -84.50 53.69 102.39
N LYS X 77 -85.37 53.48 101.40
CA LYS X 77 -84.95 53.07 100.07
C LYS X 77 -85.93 53.63 99.06
N VAL X 78 -85.45 53.92 97.85
CA VAL X 78 -86.24 54.51 96.80
C VAL X 78 -86.78 53.41 95.90
N ARG X 79 -88.10 53.32 95.76
CA ARG X 79 -88.69 52.33 94.89
C ARG X 79 -88.61 52.76 93.43
N TYR X 80 -89.25 53.89 93.08
CA TYR X 80 -89.30 54.37 91.72
C TYR X 80 -89.25 55.88 91.71
N THR X 81 -89.02 56.44 90.53
CA THR X 81 -89.03 57.88 90.30
C THR X 81 -89.93 58.21 89.13
N GLN X 82 -90.71 59.28 89.27
CA GLN X 82 -91.61 59.76 88.22
C GLN X 82 -91.30 61.22 87.95
N VAL X 83 -90.94 61.54 86.72
CA VAL X 83 -90.48 62.87 86.36
C VAL X 83 -91.56 63.58 85.53
N TRP X 84 -91.40 64.89 85.38
CA TRP X 84 -92.23 65.70 84.49
C TRP X 84 -91.33 66.80 83.96
N SER X 85 -90.78 66.59 82.76
CA SER X 85 -89.89 67.56 82.17
C SER X 85 -90.66 68.58 81.35
N HIS X 86 -89.99 69.68 81.04
CA HIS X 86 -90.50 70.71 80.14
C HIS X 86 -89.38 71.12 79.20
N ASP X 87 -89.73 71.54 78.00
CA ASP X 87 -88.75 72.00 77.02
C ASP X 87 -89.37 73.15 76.24
N VAL X 88 -89.16 74.36 76.72
CA VAL X 88 -89.71 75.55 76.10
C VAL X 88 -88.68 76.12 75.14
N THR X 89 -89.13 76.58 73.97
CA THR X 89 -88.27 77.21 72.99
C THR X 89 -88.79 78.63 72.73
N ILE X 90 -87.97 79.62 73.02
CA ILE X 90 -88.33 81.03 72.87
C ILE X 90 -87.34 81.67 71.93
N VAL X 91 -87.84 82.25 70.84
CA VAL X 91 -87.00 83.00 69.92
C VAL X 91 -86.79 84.41 70.47
N ALA X 92 -85.61 84.98 70.19
CA ALA X 92 -85.14 86.13 70.95
C ALA X 92 -85.84 87.41 70.54
N ASN X 93 -86.28 87.53 69.29
CA ASN X 93 -86.94 88.74 68.81
C ASN X 93 -88.45 88.66 68.89
N SER X 94 -88.99 87.97 69.89
CA SER X 94 -90.42 87.75 69.99
C SER X 94 -91.13 89.00 70.48
N THR X 95 -92.46 88.96 70.38
CA THR X 95 -93.33 89.93 71.02
C THR X 95 -93.63 89.42 72.43
N GLU X 96 -93.70 90.35 73.38
CA GLU X 96 -93.98 89.96 74.77
C GLU X 96 -95.39 89.40 74.93
N ALA X 97 -96.32 89.82 74.07
CA ALA X 97 -97.66 89.24 74.11
C ALA X 97 -97.70 87.83 73.53
N SER X 98 -96.70 87.46 72.72
CA SER X 98 -96.64 86.09 72.20
C SER X 98 -96.00 85.16 73.22
N ARG X 99 -95.03 85.66 73.98
CA ARG X 99 -94.46 84.88 75.07
C ARG X 99 -95.43 84.71 76.23
N LYS X 100 -96.29 85.70 76.46
CA LYS X 100 -97.28 85.60 77.53
C LYS X 100 -98.40 84.65 77.13
N SER X 101 -98.77 84.63 75.85
CA SER X 101 -99.84 83.76 75.40
C SER X 101 -99.41 82.30 75.40
N LEU X 102 -98.14 82.03 75.11
CA LEU X 102 -97.62 80.67 75.19
C LEU X 102 -97.61 80.17 76.63
N TYR X 103 -97.37 81.06 77.58
CA TYR X 103 -97.41 80.67 78.98
C TYR X 103 -98.85 80.48 79.45
N ASP X 104 -99.77 81.34 79.00
CA ASP X 104 -101.15 81.25 79.45
C ASP X 104 -101.89 80.07 78.84
N LEU X 105 -101.43 79.55 77.70
CA LEU X 105 -102.06 78.36 77.13
C LEU X 105 -101.56 77.10 77.81
N THR X 106 -100.28 77.04 78.16
CA THR X 106 -99.73 75.86 78.82
C THR X 106 -100.13 75.81 80.29
N LYS X 107 -100.30 76.97 80.92
CA LYS X 107 -100.82 77.01 82.29
C LYS X 107 -102.26 76.51 82.34
N SER X 108 -103.02 76.76 81.27
CA SER X 108 -104.39 76.26 81.18
C SER X 108 -104.47 74.87 80.57
N LEU X 109 -103.42 74.42 79.89
CA LEU X 109 -103.39 73.04 79.41
C LEU X 109 -103.24 72.08 80.57
N VAL X 110 -102.31 72.35 81.48
CA VAL X 110 -102.07 71.46 82.61
C VAL X 110 -103.24 71.50 83.58
N ALA X 111 -103.93 72.64 83.68
CA ALA X 111 -104.99 72.79 84.65
C ALA X 111 -106.34 72.23 84.20
N THR X 112 -106.40 71.53 83.07
CA THR X 112 -107.68 70.98 82.63
C THR X 112 -107.85 69.56 83.13
N SER X 113 -109.09 69.06 83.04
CA SER X 113 -109.41 67.73 83.52
C SER X 113 -109.08 66.63 82.52
N GLN X 114 -108.61 66.97 81.32
CA GLN X 114 -108.25 65.95 80.35
C GLN X 114 -106.78 65.58 80.42
N VAL X 115 -105.92 66.50 80.84
CA VAL X 115 -104.53 66.19 81.06
C VAL X 115 -104.33 65.54 82.43
N GLU X 116 -105.22 65.87 83.38
CA GLU X 116 -105.17 65.22 84.69
C GLU X 116 -105.45 63.73 84.60
N ASP X 117 -106.48 63.35 83.84
CA ASP X 117 -106.79 61.94 83.66
C ASP X 117 -105.80 61.25 82.72
N LEU X 118 -105.02 62.01 81.95
CA LEU X 118 -104.05 61.42 81.06
C LEU X 118 -102.82 60.92 81.81
N VAL X 119 -102.45 61.57 82.90
CA VAL X 119 -101.25 61.17 83.64
C VAL X 119 -101.63 60.35 84.86
N VAL X 120 -102.86 60.50 85.36
CA VAL X 120 -103.27 59.72 86.51
C VAL X 120 -103.88 58.39 86.07
N ASN X 121 -104.92 58.43 85.26
CA ASN X 121 -105.65 57.23 84.88
C ASN X 121 -105.42 56.81 83.45
N LEU X 122 -104.46 57.45 82.75
CA LEU X 122 -103.98 57.09 81.41
C LEU X 122 -105.08 57.17 80.34
N VAL X 123 -106.12 57.96 80.58
CA VAL X 123 -107.19 58.15 79.59
C VAL X 123 -106.68 59.07 78.49
N PRO X 124 -106.90 58.75 77.22
CA PRO X 124 -106.42 59.63 76.14
C PRO X 124 -107.19 60.94 76.07
N LEU X 125 -106.67 61.84 75.23
CA LEU X 125 -107.17 63.20 75.17
C LEU X 125 -108.40 63.31 74.27
N GLY X 126 -109.24 64.29 74.56
CA GLY X 126 -110.37 64.59 73.72
C GLY X 126 -111.67 63.98 74.21
N ARG X 127 -112.68 64.82 74.42
CA ARG X 127 -114.01 64.37 74.82
C ARG X 127 -115.03 65.03 73.91
N ALA X 128 -115.79 64.21 73.19
CA ALA X 128 -116.75 64.72 72.20
C ALA X 128 -118.02 65.16 72.90
N TYR X 129 -118.21 66.46 73.04
CA TYR X 129 -119.43 67.04 73.59
C TYR X 129 -120.19 67.72 72.46
N GLY X 130 -120.98 66.94 71.73
CA GLY X 130 -121.74 67.44 70.60
C GLY X 130 -120.89 67.89 69.43
N GLY X 131 -120.18 66.96 68.81
CA GLY X 131 -119.32 67.30 67.70
C GLY X 131 -118.06 66.47 67.65
N SER X 132 -116.92 67.12 67.44
CA SER X 132 -115.65 66.42 67.36
C SER X 132 -115.02 66.29 68.74
N LYS X 133 -113.91 65.57 68.79
CA LYS X 133 -113.14 65.45 70.03
C LYS X 133 -112.38 66.74 70.25
N THR X 134 -112.78 67.51 71.26
CA THR X 134 -112.28 68.85 71.47
C THR X 134 -111.58 68.98 72.81
N ILE X 135 -110.66 69.95 72.88
CA ILE X 135 -110.05 70.39 74.13
C ILE X 135 -110.32 71.89 74.25
N VAL X 136 -110.71 72.33 75.44
CA VAL X 136 -110.99 73.74 75.67
C VAL X 136 -109.91 74.30 76.59
N LEU X 137 -109.24 75.35 76.14
CA LEU X 137 -108.17 76.01 76.89
C LEU X 137 -108.62 77.43 77.21
N SER X 138 -109.25 77.60 78.38
CA SER X 138 -109.72 78.90 78.81
C SER X 138 -108.54 79.77 79.25
N VAL X 139 -108.50 81.01 78.75
CA VAL X 139 -107.43 81.94 79.06
C VAL X 139 -108.13 83.06 79.83
N GLY X 140 -109.11 82.66 80.64
CA GLY X 140 -109.95 83.62 81.33
C GLY X 140 -111.36 83.54 80.81
N GLU X 141 -111.79 84.53 80.03
CA GLU X 141 -113.05 84.46 79.32
C GLU X 141 -112.90 84.00 77.88
N ALA X 142 -111.72 84.17 77.30
CA ALA X 142 -111.47 83.67 75.96
C ALA X 142 -111.19 82.18 76.01
N THR X 143 -111.97 81.41 75.25
CA THR X 143 -111.80 79.96 75.16
C THR X 143 -111.32 79.61 73.76
N ARG X 144 -110.27 78.81 73.68
CA ARG X 144 -109.69 78.40 72.40
C ARG X 144 -109.87 76.89 72.25
N THR X 145 -110.81 76.50 71.39
CA THR X 145 -111.22 75.11 71.26
C THR X 145 -110.40 74.43 70.17
N LEU X 146 -109.68 73.38 70.53
CA LEU X 146 -108.87 72.62 69.57
C LEU X 146 -109.55 71.31 69.22
N THR X 147 -109.84 71.11 67.94
CA THR X 147 -110.50 69.91 67.48
C THR X 147 -109.48 68.93 66.92
N GLU X 148 -109.76 67.64 67.07
CA GLU X 148 -108.83 66.60 66.69
C GLU X 148 -108.80 66.42 65.18
N ILE X 149 -107.61 66.35 64.61
CA ILE X 149 -107.45 66.21 63.16
C ILE X 149 -106.87 64.87 62.75
N GLN X 150 -106.21 64.14 63.66
CA GLN X 150 -105.52 62.90 63.30
C GLN X 150 -105.22 62.13 64.58
N SER X 151 -105.55 60.84 64.57
CA SER X 151 -105.27 59.95 65.70
C SER X 151 -104.79 58.61 65.14
N THR X 152 -103.48 58.48 64.99
CA THR X 152 -102.88 57.21 64.59
C THR X 152 -102.67 56.35 65.83
N ALA X 153 -101.88 55.28 65.68
CA ALA X 153 -101.62 54.40 66.80
C ALA X 153 -100.75 55.07 67.86
N ASP X 154 -99.84 55.96 67.45
CA ASP X 154 -98.97 56.66 68.37
C ASP X 154 -99.42 58.09 68.65
N ARG X 155 -99.53 58.92 67.61
CA ARG X 155 -99.79 60.33 67.81
C ARG X 155 -101.28 60.62 67.96
N GLN X 156 -101.58 61.82 68.43
CA GLN X 156 -102.96 62.29 68.53
C GLN X 156 -102.92 63.81 68.42
N ILE X 157 -103.13 64.33 67.21
CA ILE X 157 -102.87 65.72 66.89
C ILE X 157 -104.15 66.51 66.99
N PHE X 158 -104.12 67.59 67.76
CA PHE X 158 -105.21 68.54 67.87
C PHE X 158 -104.78 69.84 67.21
N GLU X 159 -105.77 70.65 66.81
CA GLU X 159 -105.49 71.88 66.08
C GLU X 159 -106.70 72.78 66.15
N GLU X 160 -106.47 74.07 66.33
CA GLU X 160 -107.55 75.05 66.27
C GLU X 160 -108.01 75.23 64.83
N LYS X 161 -109.25 75.68 64.65
CA LYS X 161 -109.85 75.73 63.34
C LYS X 161 -110.23 77.14 62.88
N VAL X 162 -110.20 78.12 63.76
CA VAL X 162 -110.52 79.49 63.35
C VAL X 162 -109.28 80.14 62.77
N GLY X 163 -109.47 81.25 62.04
CA GLY X 163 -108.39 82.01 61.50
C GLY X 163 -107.87 81.46 60.19
N PRO X 164 -106.69 81.92 59.77
CA PRO X 164 -106.10 81.42 58.52
C PRO X 164 -105.60 79.99 58.66
N LEU X 165 -105.33 79.38 57.51
CA LEU X 165 -104.89 77.99 57.46
C LEU X 165 -103.38 77.84 57.60
N VAL X 166 -102.62 78.93 57.58
CA VAL X 166 -101.17 78.80 57.52
C VAL X 166 -100.57 78.71 58.92
N GLY X 167 -101.12 79.41 59.91
CA GLY X 167 -100.63 79.31 61.26
C GLY X 167 -101.74 79.08 62.26
N ARG X 168 -101.71 77.93 62.94
CA ARG X 168 -102.74 77.58 63.88
C ARG X 168 -102.12 76.86 65.07
N LEU X 169 -102.89 76.77 66.15
CA LEU X 169 -102.44 76.09 67.36
C LEU X 169 -102.31 74.59 67.10
N ARG X 170 -101.50 73.94 67.92
CA ARG X 170 -101.28 72.50 67.78
C ARG X 170 -101.20 71.87 69.16
N LEU X 171 -101.44 70.56 69.20
CA LEU X 171 -101.30 69.80 70.44
C LEU X 171 -101.01 68.36 70.01
N THR X 172 -99.75 67.97 70.06
CA THR X 172 -99.33 66.65 69.59
C THR X 172 -99.09 65.76 70.80
N ALA X 173 -100.14 65.08 71.24
CA ALA X 173 -100.00 64.12 72.31
C ALA X 173 -99.57 62.76 71.77
N SER X 174 -98.95 61.97 72.63
CA SER X 174 -98.60 60.59 72.33
C SER X 174 -98.44 59.84 73.64
N LEU X 175 -98.22 58.53 73.54
CA LEU X 175 -98.13 57.68 74.71
C LEU X 175 -97.40 56.41 74.31
N ARG X 176 -96.38 56.04 75.08
CA ARG X 176 -95.57 54.88 74.77
C ARG X 176 -95.40 54.04 76.02
N GLN X 177 -94.77 52.88 75.85
CA GLN X 177 -94.23 52.11 76.97
C GLN X 177 -93.01 51.35 76.47
N ASN X 178 -91.83 51.82 76.89
CA ASN X 178 -90.57 51.25 76.42
C ASN X 178 -90.02 50.29 77.47
N GLY X 179 -89.41 49.21 76.98
CA GLY X 179 -88.82 48.22 77.84
C GLY X 179 -89.75 47.05 78.08
N ALA X 180 -89.68 46.47 79.28
CA ALA X 180 -90.49 45.30 79.62
C ALA X 180 -91.82 45.71 80.26
N LYS X 181 -92.53 46.64 79.60
CA LYS X 181 -93.89 47.08 79.94
C LYS X 181 -93.97 47.62 81.37
N THR X 182 -92.92 48.29 81.83
CA THR X 182 -92.84 48.73 83.21
C THR X 182 -92.99 50.23 83.40
N ALA X 183 -92.81 51.03 82.34
CA ALA X 183 -92.88 52.47 82.49
C ALA X 183 -93.53 53.06 81.25
N TYR X 184 -94.43 54.02 81.47
CA TYR X 184 -95.11 54.72 80.38
C TYR X 184 -94.34 55.99 80.03
N ARG X 185 -94.80 56.68 78.98
CA ARG X 185 -94.17 57.93 78.56
C ARG X 185 -95.23 58.80 77.88
N VAL X 186 -95.79 59.73 78.63
CA VAL X 186 -96.71 60.73 78.08
C VAL X 186 -95.89 61.85 77.48
N ASN X 187 -96.31 62.37 76.32
CA ASN X 187 -95.52 63.37 75.61
C ASN X 187 -96.46 64.38 74.96
N LEU X 188 -96.66 65.50 75.63
CA LEU X 188 -97.44 66.62 75.12
C LEU X 188 -96.52 67.65 74.47
N LYS X 189 -97.09 68.43 73.55
CA LYS X 189 -96.32 69.45 72.84
C LYS X 189 -97.28 70.46 72.23
N LEU X 190 -97.12 71.73 72.56
CA LEU X 190 -98.00 72.79 72.09
C LEU X 190 -97.21 73.75 71.21
N ASP X 191 -97.54 73.78 69.93
CA ASP X 191 -96.94 74.70 68.98
C ASP X 191 -97.78 75.96 68.84
N GLN X 192 -97.12 77.11 68.90
CA GLN X 192 -97.78 78.38 68.65
C GLN X 192 -96.95 79.15 67.65
N ALA X 193 -97.52 79.40 66.47
CA ALA X 193 -96.87 80.16 65.43
C ALA X 193 -97.48 81.55 65.36
N ASP X 194 -96.63 82.55 65.17
CA ASP X 194 -97.09 83.94 65.09
C ASP X 194 -97.26 84.31 63.62
N VAL X 195 -98.51 84.54 63.23
CA VAL X 195 -98.85 84.88 61.85
C VAL X 195 -99.18 86.37 61.80
N VAL X 196 -98.81 87.01 60.69
CA VAL X 196 -99.08 88.44 60.49
C VAL X 196 -99.49 88.64 59.05
N ASP X 197 -100.37 89.62 58.82
CA ASP X 197 -100.78 89.99 57.48
C ASP X 197 -100.51 91.47 57.22
N CYS X 198 -99.91 91.74 56.07
CA CYS X 198 -99.57 93.10 55.67
C CYS X 198 -100.37 93.55 54.45
N SER X 199 -101.59 93.04 54.30
CA SER X 199 -102.42 93.40 53.16
C SER X 199 -102.93 94.82 53.24
N THR X 200 -102.97 95.42 54.43
CA THR X 200 -103.37 96.82 54.54
C THR X 200 -102.22 97.75 54.16
N SER X 201 -100.99 97.24 54.14
CA SER X 201 -99.82 98.04 53.78
C SER X 201 -99.25 97.66 52.42
N VAL X 202 -98.99 96.38 52.20
CA VAL X 202 -98.44 95.89 50.94
C VAL X 202 -99.52 95.09 50.22
N CYS X 203 -99.80 95.47 48.98
CA CYS X 203 -100.83 94.78 48.21
C CYS X 203 -100.37 93.40 47.78
N GLY X 204 -101.35 92.48 47.69
CA GLY X 204 -101.07 91.12 47.29
C GLY X 204 -100.28 90.31 48.29
N GLU X 205 -100.36 90.66 49.57
CA GLU X 205 -99.60 89.98 50.61
C GLU X 205 -100.56 89.11 51.42
N LEU X 206 -100.37 87.81 51.34
CA LEU X 206 -101.14 86.84 52.10
C LEU X 206 -100.45 86.59 53.44
N PRO X 207 -101.19 86.13 54.47
CA PRO X 207 -100.57 85.90 55.78
C PRO X 207 -99.51 84.81 55.76
N LYS X 208 -98.50 84.99 56.61
CA LYS X 208 -97.40 84.06 56.72
C LYS X 208 -96.92 84.04 58.16
N VAL X 209 -96.22 82.99 58.54
CA VAL X 209 -95.75 82.78 59.90
C VAL X 209 -94.36 83.40 60.05
N ARG X 210 -94.11 84.00 61.21
CA ARG X 210 -92.79 84.54 61.50
C ARG X 210 -91.91 83.51 62.17
N TYR X 211 -92.33 83.02 63.35
CA TYR X 211 -91.57 82.08 64.16
C TYR X 211 -92.54 81.11 64.81
N THR X 212 -91.99 80.07 65.43
CA THR X 212 -92.79 79.16 66.25
C THR X 212 -92.14 79.04 67.63
N GLN X 213 -92.98 78.83 68.63
CA GLN X 213 -92.54 78.63 70.01
C GLN X 213 -93.26 77.43 70.58
N VAL X 214 -92.49 76.47 71.10
CA VAL X 214 -93.04 75.22 71.58
C VAL X 214 -93.07 75.23 73.11
N TRP X 215 -93.79 74.27 73.69
CA TRP X 215 -93.69 73.95 75.10
C TRP X 215 -93.98 72.45 75.20
N SER X 216 -92.91 71.65 75.15
CA SER X 216 -93.06 70.21 75.21
C SER X 216 -93.21 69.75 76.65
N HIS X 217 -93.66 68.51 76.81
CA HIS X 217 -93.71 67.84 78.09
C HIS X 217 -93.25 66.41 77.90
N ASP X 218 -92.68 65.83 78.95
CA ASP X 218 -92.20 64.45 78.88
C ASP X 218 -92.38 63.85 80.27
N VAL X 219 -93.52 63.19 80.48
CA VAL X 219 -93.88 62.62 81.77
C VAL X 219 -93.50 61.15 81.74
N THR X 220 -92.86 60.68 82.80
CA THR X 220 -92.47 59.28 82.95
C THR X 220 -93.24 58.70 84.13
N ILE X 221 -94.05 57.68 83.85
CA ILE X 221 -94.88 57.04 84.86
C ILE X 221 -94.59 55.55 84.83
N VAL X 222 -94.14 55.01 85.96
CA VAL X 222 -93.94 53.57 86.06
C VAL X 222 -95.28 52.89 86.29
N ALA X 223 -95.41 51.65 85.79
CA ALA X 223 -96.71 51.03 85.64
C ALA X 223 -97.31 50.58 86.96
N ASN X 224 -96.47 50.20 87.92
CA ASN X 224 -96.94 49.71 89.22
C ASN X 224 -97.02 50.81 90.26
N SER X 225 -97.34 52.03 89.85
CA SER X 225 -97.36 53.19 90.72
C SER X 225 -98.54 53.13 91.69
N THR X 226 -98.50 54.03 92.67
CA THR X 226 -99.66 54.33 93.50
C THR X 226 -100.45 55.42 92.78
N GLU X 227 -101.77 55.47 93.02
CA GLU X 227 -102.58 56.52 92.41
C GLU X 227 -102.25 57.88 93.01
N ALA X 228 -102.04 57.95 94.32
CA ALA X 228 -101.64 59.21 94.94
C ALA X 228 -100.21 59.60 94.62
N SER X 229 -99.42 58.68 94.07
CA SER X 229 -98.09 59.03 93.58
C SER X 229 -98.18 59.80 92.27
N ARG X 230 -99.06 59.37 91.36
CA ARG X 230 -99.24 60.10 90.11
C ARG X 230 -100.10 61.34 90.31
N LYS X 231 -100.97 61.33 91.30
CA LYS X 231 -101.82 62.49 91.56
C LYS X 231 -101.02 63.62 92.19
N SER X 232 -100.05 63.29 93.04
CA SER X 232 -99.21 64.32 93.64
C SER X 232 -98.19 64.86 92.65
N LEU X 233 -97.73 64.05 91.71
CA LEU X 233 -96.83 64.54 90.67
C LEU X 233 -97.54 65.51 89.75
N TYR X 234 -98.80 65.26 89.43
CA TYR X 234 -99.58 66.19 88.63
C TYR X 234 -99.85 67.48 89.37
N ASP X 235 -100.21 67.38 90.66
CA ASP X 235 -100.54 68.56 91.45
C ASP X 235 -99.33 69.44 91.74
N LEU X 236 -98.12 68.90 91.70
CA LEU X 236 -96.93 69.73 91.85
C LEU X 236 -96.60 70.46 90.56
N THR X 237 -96.73 69.77 89.42
CA THR X 237 -96.44 70.41 88.14
C THR X 237 -97.51 71.42 87.77
N LYS X 238 -98.76 71.17 88.15
CA LYS X 238 -99.82 72.16 87.96
C LYS X 238 -99.55 73.40 88.81
N SER X 239 -98.98 73.21 89.99
CA SER X 239 -98.66 74.33 90.86
C SER X 239 -97.31 74.94 90.54
N LEU X 240 -96.48 74.28 89.74
CA LEU X 240 -95.21 74.86 89.35
C LEU X 240 -95.38 75.87 88.23
N VAL X 241 -96.17 75.51 87.22
CA VAL X 241 -96.45 76.43 86.11
C VAL X 241 -97.26 77.63 86.58
N ALA X 242 -98.10 77.45 87.59
CA ALA X 242 -98.93 78.52 88.09
C ALA X 242 -98.18 79.52 88.98
N THR X 243 -96.89 79.33 89.22
CA THR X 243 -96.14 80.24 90.05
C THR X 243 -95.81 81.53 89.29
N SER X 244 -95.35 82.53 90.03
CA SER X 244 -94.94 83.78 89.43
C SER X 244 -93.48 83.77 89.00
N GLN X 245 -92.76 82.68 89.26
CA GLN X 245 -91.35 82.61 88.89
C GLN X 245 -91.17 81.92 87.54
N VAL X 246 -92.01 80.93 87.25
CA VAL X 246 -91.96 80.28 85.94
C VAL X 246 -92.62 81.15 84.89
N GLU X 247 -93.49 82.08 85.30
CA GLU X 247 -93.99 83.10 84.38
C GLU X 247 -92.86 84.01 83.92
N ASP X 248 -92.06 84.51 84.85
CA ASP X 248 -90.95 85.39 84.50
C ASP X 248 -89.79 84.65 83.86
N LEU X 249 -89.71 83.34 84.03
CA LEU X 249 -88.67 82.57 83.36
C LEU X 249 -88.95 82.43 81.87
N VAL X 250 -90.23 82.43 81.49
CA VAL X 250 -90.59 82.33 80.08
C VAL X 250 -90.75 83.71 79.45
N VAL X 251 -91.41 84.63 80.15
CA VAL X 251 -91.65 85.96 79.59
C VAL X 251 -90.39 86.81 79.60
N ASN X 252 -89.74 86.93 80.75
CA ASN X 252 -88.61 87.85 80.90
C ASN X 252 -87.27 87.16 81.10
N LEU X 253 -87.21 85.84 81.01
CA LEU X 253 -85.98 85.03 81.10
C LEU X 253 -85.26 85.20 82.43
N VAL X 254 -85.97 85.52 83.50
CA VAL X 254 -85.38 85.60 84.83
C VAL X 254 -85.23 84.19 85.38
N PRO X 255 -84.05 83.79 85.84
CA PRO X 255 -83.89 82.45 86.43
C PRO X 255 -84.65 82.31 87.73
N LEU X 256 -84.87 81.05 88.12
CA LEU X 256 -85.71 80.73 89.26
C LEU X 256 -84.98 81.00 90.58
N GLY X 257 -85.76 81.12 91.64
CA GLY X 257 -85.20 81.28 92.97
C GLY X 257 -85.30 82.70 93.50
N ARG X 258 -86.14 82.91 94.50
CA ARG X 258 -86.30 84.23 95.10
C ARG X 258 -85.94 84.19 96.58
N SER Y 1 -140.88 -34.30 -49.28
CA SER Y 1 -140.05 -35.09 -48.36
C SER Y 1 -140.75 -35.25 -47.01
N LYS Y 2 -140.05 -34.89 -45.94
CA LYS Y 2 -140.57 -34.97 -44.59
C LYS Y 2 -140.97 -33.57 -44.13
N THR Y 3 -142.21 -33.43 -43.66
CA THR Y 3 -142.79 -32.12 -43.42
C THR Y 3 -143.25 -31.97 -41.97
N ILE Y 4 -143.23 -30.72 -41.50
CA ILE Y 4 -143.89 -30.31 -40.27
C ILE Y 4 -144.91 -29.24 -40.64
N VAL Y 5 -146.11 -29.35 -40.09
CA VAL Y 5 -147.20 -28.41 -40.40
C VAL Y 5 -147.48 -27.57 -39.17
N LEU Y 6 -147.28 -26.26 -39.28
CA LEU Y 6 -147.49 -25.32 -38.19
C LEU Y 6 -148.75 -24.51 -38.50
N SER Y 7 -149.86 -24.89 -37.89
CA SER Y 7 -151.12 -24.19 -38.09
C SER Y 7 -151.16 -22.93 -37.25
N VAL Y 8 -151.36 -21.78 -37.89
CA VAL Y 8 -151.28 -20.48 -37.24
C VAL Y 8 -152.71 -19.93 -37.26
N GLY Y 9 -153.68 -20.84 -37.14
CA GLY Y 9 -155.07 -20.47 -37.25
C GLY Y 9 -155.73 -21.28 -38.35
N GLU Y 10 -156.07 -20.61 -39.45
CA GLU Y 10 -156.46 -21.30 -40.67
C GLU Y 10 -155.32 -21.38 -41.68
N ALA Y 11 -154.31 -20.53 -41.55
CA ALA Y 11 -153.14 -20.59 -42.41
C ALA Y 11 -152.16 -21.63 -41.89
N THR Y 12 -151.81 -22.60 -42.73
CA THR Y 12 -150.86 -23.65 -42.39
C THR Y 12 -149.57 -23.39 -43.14
N ARG Y 13 -148.45 -23.38 -42.42
CA ARG Y 13 -147.14 -23.11 -43.00
C ARG Y 13 -146.30 -24.38 -42.91
N THR Y 14 -146.08 -25.02 -44.05
CA THR Y 14 -145.46 -26.33 -44.11
C THR Y 14 -143.96 -26.19 -44.38
N LEU Y 15 -143.14 -26.63 -43.43
CA LEU Y 15 -141.70 -26.67 -43.61
C LEU Y 15 -141.26 -28.03 -44.14
N THR Y 16 -140.40 -28.03 -45.15
CA THR Y 16 -139.88 -29.27 -45.70
C THR Y 16 -138.42 -29.39 -45.33
N GLU Y 17 -137.94 -30.63 -45.32
CA GLU Y 17 -136.61 -30.93 -44.80
C GLU Y 17 -135.56 -30.74 -45.88
N ILE Y 18 -134.50 -30.00 -45.54
CA ILE Y 18 -133.40 -29.76 -46.46
C ILE Y 18 -132.09 -30.38 -46.00
N GLN Y 19 -132.05 -31.02 -44.84
CA GLN Y 19 -130.81 -31.61 -44.34
C GLN Y 19 -131.17 -32.71 -43.34
N SER Y 20 -130.42 -33.80 -43.37
CA SER Y 20 -130.59 -34.89 -42.42
C SER Y 20 -129.19 -35.44 -42.12
N THR Y 21 -128.59 -34.95 -41.05
CA THR Y 21 -127.30 -35.45 -40.60
C THR Y 21 -127.59 -36.56 -39.59
N ALA Y 22 -126.58 -37.02 -38.85
CA ALA Y 22 -126.81 -38.03 -37.81
C ALA Y 22 -127.62 -37.46 -36.65
N ASP Y 23 -127.37 -36.21 -36.30
CA ASP Y 23 -128.13 -35.53 -35.26
C ASP Y 23 -128.89 -34.31 -35.76
N ARG Y 24 -128.24 -33.42 -36.51
CA ARG Y 24 -128.88 -32.20 -36.96
C ARG Y 24 -129.90 -32.51 -38.06
N GLN Y 25 -130.94 -31.67 -38.13
CA GLN Y 25 -132.07 -31.94 -39.02
C GLN Y 25 -132.73 -30.60 -39.32
N ILE Y 26 -132.44 -30.05 -40.50
CA ILE Y 26 -132.82 -28.69 -40.86
C ILE Y 26 -134.07 -28.72 -41.72
N PHE Y 27 -135.06 -27.92 -41.33
CA PHE Y 27 -136.29 -27.74 -42.10
C PHE Y 27 -136.34 -26.33 -42.64
N GLU Y 28 -137.15 -26.12 -43.68
CA GLU Y 28 -137.24 -24.82 -44.32
C GLU Y 28 -138.54 -24.76 -45.11
N GLU Y 29 -139.19 -23.60 -45.08
CA GLU Y 29 -140.38 -23.38 -45.88
C GLU Y 29 -139.97 -23.04 -47.31
N LYS Y 30 -140.79 -23.47 -48.26
CA LYS Y 30 -140.45 -23.32 -49.67
C LYS Y 30 -141.28 -22.25 -50.39
N VAL Y 31 -142.17 -21.57 -49.70
CA VAL Y 31 -143.00 -20.55 -50.33
C VAL Y 31 -142.32 -19.19 -50.19
N GLY Y 32 -142.16 -18.49 -51.32
CA GLY Y 32 -141.67 -17.14 -51.31
C GLY Y 32 -140.32 -16.98 -51.98
N PRO Y 33 -139.63 -15.87 -51.70
CA PRO Y 33 -138.28 -15.67 -52.24
C PRO Y 33 -137.26 -16.63 -51.66
N LEU Y 34 -136.09 -16.71 -52.28
CA LEU Y 34 -135.09 -17.71 -51.93
C LEU Y 34 -134.10 -17.23 -50.88
N VAL Y 35 -134.12 -15.97 -50.51
CA VAL Y 35 -133.08 -15.44 -49.63
C VAL Y 35 -133.53 -15.42 -48.16
N GLY Y 36 -134.80 -15.17 -47.88
CA GLY Y 36 -135.26 -15.19 -46.52
C GLY Y 36 -136.46 -16.10 -46.31
N ARG Y 37 -136.26 -17.19 -45.56
CA ARG Y 37 -137.31 -18.18 -45.32
C ARG Y 37 -137.23 -18.64 -43.88
N LEU Y 38 -138.26 -19.38 -43.44
CA LEU Y 38 -138.23 -19.99 -42.12
C LEU Y 38 -137.16 -21.08 -42.04
N ARG Y 39 -136.82 -21.43 -40.82
CA ARG Y 39 -135.76 -22.38 -40.56
C ARG Y 39 -136.05 -23.05 -39.22
N LEU Y 40 -135.72 -24.34 -39.13
CA LEU Y 40 -135.98 -25.09 -37.91
C LEU Y 40 -134.84 -26.09 -37.78
N THR Y 41 -133.85 -25.76 -36.97
CA THR Y 41 -132.66 -26.58 -36.81
C THR Y 41 -132.87 -27.48 -35.59
N ALA Y 42 -133.49 -28.63 -35.83
CA ALA Y 42 -133.70 -29.60 -34.76
C ALA Y 42 -132.42 -30.39 -34.52
N SER Y 43 -132.34 -30.99 -33.33
CA SER Y 43 -131.15 -31.74 -32.93
C SER Y 43 -131.54 -32.70 -31.83
N LEU Y 44 -130.62 -33.61 -31.52
CA LEU Y 44 -130.75 -34.57 -30.42
C LEU Y 44 -129.37 -35.12 -30.12
N ARG Y 45 -129.10 -35.33 -28.84
CA ARG Y 45 -127.79 -35.78 -28.38
C ARG Y 45 -127.97 -36.67 -27.17
N GLN Y 46 -126.85 -37.24 -26.70
CA GLN Y 46 -126.78 -37.81 -25.36
C GLN Y 46 -125.35 -37.64 -24.86
N ASN Y 47 -125.13 -36.57 -24.11
CA ASN Y 47 -123.79 -36.19 -23.68
C ASN Y 47 -123.44 -36.85 -22.36
N GLY Y 48 -122.15 -37.15 -22.19
CA GLY Y 48 -121.67 -37.74 -20.96
C GLY Y 48 -121.68 -39.26 -21.01
N ALA Y 49 -122.02 -39.88 -19.88
CA ALA Y 49 -122.04 -41.33 -19.76
C ALA Y 49 -123.43 -41.89 -20.06
N LYS Y 50 -123.97 -41.48 -21.22
CA LYS Y 50 -125.18 -42.03 -21.83
C LYS Y 50 -126.41 -41.92 -20.93
N THR Y 51 -126.46 -40.90 -20.06
CA THR Y 51 -127.50 -40.84 -19.04
C THR Y 51 -128.51 -39.72 -19.25
N ALA Y 52 -128.21 -38.72 -20.09
CA ALA Y 52 -129.10 -37.59 -20.28
C ALA Y 52 -129.10 -37.19 -21.73
N TYR Y 53 -130.29 -37.01 -22.30
CA TYR Y 53 -130.43 -36.53 -23.67
C TYR Y 53 -130.49 -35.01 -23.69
N ARG Y 54 -130.50 -34.45 -24.90
CA ARG Y 54 -130.53 -33.00 -25.05
C ARG Y 54 -131.20 -32.67 -26.38
N VAL Y 55 -132.47 -32.29 -26.31
CA VAL Y 55 -133.19 -31.78 -27.46
C VAL Y 55 -132.85 -30.32 -27.63
N ASN Y 56 -132.74 -29.87 -28.88
CA ASN Y 56 -132.27 -28.51 -29.15
C ASN Y 56 -132.92 -28.02 -30.44
N LEU Y 57 -134.00 -27.26 -30.30
CA LEU Y 57 -134.67 -26.64 -31.43
C LEU Y 57 -134.22 -25.20 -31.59
N LYS Y 58 -134.43 -24.66 -32.80
CA LYS Y 58 -134.05 -23.27 -33.10
C LYS Y 58 -134.90 -22.82 -34.28
N LEU Y 59 -135.86 -21.95 -34.02
CA LEU Y 59 -136.78 -21.46 -35.04
C LEU Y 59 -136.37 -20.05 -35.45
N ASP Y 60 -135.61 -19.94 -36.54
CA ASP Y 60 -135.24 -18.64 -37.07
C ASP Y 60 -136.39 -18.04 -37.87
N GLN Y 61 -136.39 -16.73 -37.99
CA GLN Y 61 -137.37 -16.02 -38.79
C GLN Y 61 -136.74 -14.75 -39.33
N ALA Y 62 -136.59 -14.66 -40.64
CA ALA Y 62 -135.98 -13.50 -41.28
C ALA Y 62 -137.07 -12.61 -41.88
N ASP Y 63 -136.88 -11.31 -41.76
CA ASP Y 63 -137.81 -10.34 -42.34
C ASP Y 63 -137.20 -9.81 -43.63
N VAL Y 64 -137.61 -10.39 -44.74
CA VAL Y 64 -137.10 -10.00 -46.05
C VAL Y 64 -137.96 -8.86 -46.59
N VAL Y 65 -137.33 -7.97 -47.35
CA VAL Y 65 -138.01 -6.84 -47.96
C VAL Y 65 -137.50 -6.68 -49.39
N ASP Y 66 -138.41 -6.45 -50.32
CA ASP Y 66 -138.07 -6.24 -51.72
C ASP Y 66 -138.80 -5.00 -52.23
N CYS Y 67 -138.04 -3.96 -52.55
CA CYS Y 67 -138.58 -2.70 -53.05
C CYS Y 67 -137.90 -2.30 -54.34
N SER Y 68 -137.85 -3.24 -55.29
CA SER Y 68 -137.43 -2.91 -56.65
C SER Y 68 -138.44 -2.01 -57.36
N THR Y 69 -139.69 -1.96 -56.89
CA THR Y 69 -140.68 -1.05 -57.43
C THR Y 69 -140.31 0.40 -57.13
N SER Y 70 -139.84 0.67 -55.91
CA SER Y 70 -139.54 2.04 -55.51
C SER Y 70 -138.21 2.51 -56.09
N VAL Y 71 -137.12 1.85 -55.71
CA VAL Y 71 -135.81 2.16 -56.26
C VAL Y 71 -135.49 1.11 -57.33
N CYS Y 72 -135.11 1.58 -58.52
CA CYS Y 72 -134.87 0.69 -59.64
C CYS Y 72 -133.48 0.08 -59.54
N GLY Y 73 -133.44 -1.25 -59.48
CA GLY Y 73 -132.19 -1.97 -59.56
C GLY Y 73 -131.73 -2.68 -58.31
N GLU Y 74 -132.60 -2.93 -57.35
CA GLU Y 74 -132.22 -3.69 -56.16
C GLU Y 74 -132.95 -5.02 -56.13
N LEU Y 75 -132.47 -5.89 -55.24
CA LEU Y 75 -132.93 -7.26 -55.12
C LEU Y 75 -133.52 -7.44 -53.72
N PRO Y 76 -134.25 -8.53 -53.45
CA PRO Y 76 -134.70 -8.77 -52.06
C PRO Y 76 -133.55 -8.97 -51.10
N LYS Y 77 -133.75 -8.50 -49.88
CA LYS Y 77 -132.68 -8.39 -48.89
C LYS Y 77 -133.27 -8.62 -47.51
N VAL Y 78 -132.47 -9.17 -46.60
CA VAL Y 78 -132.90 -9.49 -45.25
C VAL Y 78 -132.54 -8.34 -44.32
N ARG Y 79 -133.54 -7.82 -43.61
CA ARG Y 79 -133.28 -6.79 -42.61
C ARG Y 79 -132.66 -7.37 -41.35
N TYR Y 80 -133.41 -8.24 -40.67
CA TYR Y 80 -133.00 -8.79 -39.39
C TYR Y 80 -133.50 -10.22 -39.26
N THR Y 81 -133.06 -10.90 -38.21
CA THR Y 81 -133.53 -12.24 -37.87
C THR Y 81 -133.92 -12.29 -36.41
N GLN Y 82 -135.03 -12.96 -36.12
CA GLN Y 82 -135.50 -13.16 -34.75
C GLN Y 82 -135.69 -14.65 -34.51
N VAL Y 83 -134.99 -15.18 -33.51
CA VAL Y 83 -134.97 -16.61 -33.28
C VAL Y 83 -135.75 -16.94 -32.01
N TRP Y 84 -136.05 -18.22 -31.83
CA TRP Y 84 -136.65 -18.73 -30.59
C TRP Y 84 -136.10 -20.13 -30.40
N SER Y 85 -135.05 -20.25 -29.60
CA SER Y 85 -134.42 -21.54 -29.35
C SER Y 85 -135.09 -22.26 -28.19
N HIS Y 86 -134.81 -23.56 -28.11
CA HIS Y 86 -135.22 -24.39 -26.99
C HIS Y 86 -134.04 -25.27 -26.60
N ASP Y 87 -133.97 -25.62 -25.32
CA ASP Y 87 -132.90 -26.49 -24.83
C ASP Y 87 -133.52 -27.40 -23.75
N VAL Y 88 -133.98 -28.56 -24.18
CA VAL Y 88 -134.64 -29.51 -23.30
C VAL Y 88 -133.60 -30.51 -22.81
N THR Y 89 -133.65 -30.85 -21.53
CA THR Y 89 -132.76 -31.85 -20.95
C THR Y 89 -133.61 -32.97 -20.37
N ILE Y 90 -133.43 -34.17 -20.89
CA ILE Y 90 -134.19 -35.34 -20.48
C ILE Y 90 -133.21 -36.41 -20.00
N VAL Y 91 -133.39 -36.84 -18.76
CA VAL Y 91 -132.58 -37.93 -18.23
C VAL Y 91 -133.16 -39.25 -18.70
N ALA Y 92 -132.28 -40.24 -18.91
CA ALA Y 92 -132.64 -41.41 -19.69
C ALA Y 92 -133.53 -42.38 -18.92
N ASN Y 93 -133.40 -42.44 -17.60
CA ASN Y 93 -134.18 -43.36 -16.79
C ASN Y 93 -135.44 -42.72 -16.20
N SER Y 94 -136.05 -41.78 -16.93
CA SER Y 94 -137.19 -41.04 -16.42
C SER Y 94 -138.45 -41.89 -16.43
N THR Y 95 -139.49 -41.35 -15.82
CA THR Y 95 -140.84 -41.87 -15.93
C THR Y 95 -141.51 -41.16 -17.12
N GLU Y 96 -142.34 -41.91 -17.86
CA GLU Y 96 -143.02 -41.32 -19.01
C GLU Y 96 -144.03 -40.27 -18.58
N ALA Y 97 -144.58 -40.38 -17.38
CA ALA Y 97 -145.48 -39.35 -16.88
C ALA Y 97 -144.73 -38.10 -16.45
N SER Y 98 -143.42 -38.18 -16.21
CA SER Y 98 -142.65 -37.00 -15.88
C SER Y 98 -142.21 -36.27 -17.15
N ARG Y 99 -141.92 -37.03 -18.21
CA ARG Y 99 -141.62 -36.43 -19.50
C ARG Y 99 -142.85 -35.82 -20.15
N LYS Y 100 -144.03 -36.38 -19.90
CA LYS Y 100 -145.25 -35.81 -20.44
C LYS Y 100 -145.66 -34.55 -19.69
N SER Y 101 -145.39 -34.52 -18.38
CA SER Y 101 -145.76 -33.34 -17.58
C SER Y 101 -144.86 -32.16 -17.91
N LEU Y 102 -143.58 -32.41 -18.20
CA LEU Y 102 -142.68 -31.34 -18.61
C LEU Y 102 -143.10 -30.75 -19.96
N TYR Y 103 -143.64 -31.59 -20.83
CA TYR Y 103 -144.14 -31.09 -22.11
C TYR Y 103 -145.46 -30.34 -21.93
N ASP Y 104 -146.34 -30.83 -21.07
CA ASP Y 104 -147.64 -30.19 -20.87
C ASP Y 104 -147.54 -28.87 -20.12
N LEU Y 105 -146.48 -28.67 -19.33
CA LEU Y 105 -146.32 -27.39 -18.67
C LEU Y 105 -145.73 -26.34 -19.61
N THR Y 106 -144.79 -26.74 -20.47
CA THR Y 106 -144.19 -25.80 -21.40
C THR Y 106 -145.14 -25.47 -22.54
N LYS Y 107 -145.98 -26.42 -22.94
CA LYS Y 107 -147.01 -26.14 -23.95
C LYS Y 107 -148.03 -25.15 -23.42
N SER Y 108 -148.29 -25.18 -22.12
CA SER Y 108 -149.18 -24.22 -21.49
C SER Y 108 -148.46 -22.96 -21.02
N LEU Y 109 -147.14 -23.00 -20.90
CA LEU Y 109 -146.39 -21.78 -20.60
C LEU Y 109 -146.41 -20.83 -21.80
N VAL Y 110 -146.14 -21.36 -23.00
CA VAL Y 110 -146.09 -20.53 -24.19
C VAL Y 110 -147.49 -20.05 -24.56
N ALA Y 111 -148.51 -20.83 -24.25
CA ALA Y 111 -149.87 -20.48 -24.66
C ALA Y 111 -150.57 -19.51 -23.73
N THR Y 112 -149.87 -18.93 -22.74
CA THR Y 112 -150.54 -17.99 -21.85
C THR Y 112 -150.35 -16.56 -22.35
N SER Y 113 -151.15 -15.65 -21.78
CA SER Y 113 -151.12 -14.25 -22.19
C SER Y 113 -150.01 -13.45 -21.54
N GLN Y 114 -149.23 -14.05 -20.62
CA GLN Y 114 -148.15 -13.33 -20.00
C GLN Y 114 -146.83 -13.52 -20.72
N VAL Y 115 -146.66 -14.67 -21.39
CA VAL Y 115 -145.47 -14.87 -22.21
C VAL Y 115 -145.66 -14.24 -23.57
N GLU Y 116 -146.92 -14.12 -24.02
CA GLU Y 116 -147.20 -13.44 -25.28
C GLU Y 116 -146.84 -11.96 -25.21
N ASP Y 117 -147.22 -11.29 -24.12
CA ASP Y 117 -146.86 -9.88 -23.96
C ASP Y 117 -145.38 -9.70 -23.60
N LEU Y 118 -144.71 -10.76 -23.17
CA LEU Y 118 -143.30 -10.65 -22.84
C LEU Y 118 -142.42 -10.58 -24.08
N VAL Y 119 -142.83 -11.22 -25.18
CA VAL Y 119 -142.02 -11.24 -26.38
C VAL Y 119 -142.54 -10.24 -27.39
N VAL Y 120 -143.83 -9.88 -27.29
CA VAL Y 120 -144.37 -8.90 -28.23
C VAL Y 120 -144.19 -7.49 -27.69
N ASN Y 121 -144.70 -7.20 -26.50
CA ASN Y 121 -144.70 -5.85 -25.95
C ASN Y 121 -143.72 -5.68 -24.80
N LEU Y 122 -142.88 -6.68 -24.53
CA LEU Y 122 -141.78 -6.65 -23.56
C LEU Y 122 -142.24 -6.41 -22.12
N VAL Y 123 -143.50 -6.74 -21.81
CA VAL Y 123 -144.03 -6.59 -20.46
C VAL Y 123 -143.49 -7.74 -19.60
N PRO Y 124 -143.00 -7.47 -18.39
CA PRO Y 124 -142.47 -8.55 -17.56
C PRO Y 124 -143.56 -9.48 -17.04
N LEU Y 125 -143.11 -10.57 -16.43
CA LEU Y 125 -144.02 -11.65 -16.05
C LEU Y 125 -144.67 -11.37 -14.70
N GLY Y 126 -145.85 -11.95 -14.51
CA GLY Y 126 -146.54 -11.86 -13.24
C GLY Y 126 -147.59 -10.78 -13.19
N ARG Y 127 -148.83 -11.16 -12.86
CA ARG Y 127 -149.92 -10.21 -12.69
C ARG Y 127 -150.61 -10.52 -11.37
N ALA Y 128 -150.63 -9.54 -10.47
CA ALA Y 128 -151.17 -9.73 -9.13
C ALA Y 128 -152.69 -9.61 -9.18
N TYR Y 129 -153.39 -10.74 -9.10
CA TYR Y 129 -154.85 -10.76 -9.03
C TYR Y 129 -155.24 -11.21 -7.61
N GLY Y 130 -155.28 -10.24 -6.70
CA GLY Y 130 -155.61 -10.51 -5.31
C GLY Y 130 -154.57 -11.35 -4.59
N GLY Y 131 -153.38 -10.81 -4.42
CA GLY Y 131 -152.32 -11.55 -3.74
C GLY Y 131 -150.95 -11.26 -4.32
N SER Y 132 -150.18 -12.31 -4.57
CA SER Y 132 -148.83 -12.15 -5.10
C SER Y 132 -148.86 -12.14 -6.62
N LYS Y 133 -147.70 -11.88 -7.22
CA LYS Y 133 -147.55 -11.95 -8.67
C LYS Y 133 -147.49 -13.41 -9.08
N THR Y 134 -148.54 -13.87 -9.74
CA THR Y 134 -148.73 -15.29 -10.02
C THR Y 134 -148.78 -15.56 -11.52
N ILE Y 135 -148.41 -16.78 -11.90
CA ILE Y 135 -148.61 -17.31 -13.23
C ILE Y 135 -149.44 -18.57 -13.10
N VAL Y 136 -150.44 -18.74 -13.95
CA VAL Y 136 -151.30 -19.91 -13.93
C VAL Y 136 -151.01 -20.76 -15.17
N LEU Y 137 -150.67 -22.02 -14.95
CA LEU Y 137 -150.36 -22.96 -16.03
C LEU Y 137 -151.40 -24.06 -16.01
N SER Y 138 -152.47 -23.89 -16.76
CA SER Y 138 -153.53 -24.88 -16.83
C SER Y 138 -153.09 -26.07 -17.67
N VAL Y 139 -153.30 -27.27 -17.12
CA VAL Y 139 -152.89 -28.52 -17.77
C VAL Y 139 -154.22 -29.22 -18.08
N GLY Y 140 -155.22 -28.42 -18.41
CA GLY Y 140 -156.57 -28.93 -18.58
C GLY Y 140 -157.49 -28.36 -17.53
N GLU Y 141 -157.87 -29.19 -16.56
CA GLU Y 141 -158.58 -28.71 -15.39
C GLU Y 141 -157.67 -28.47 -14.19
N ALA Y 142 -156.50 -29.13 -14.15
CA ALA Y 142 -155.54 -28.88 -13.10
C ALA Y 142 -154.77 -27.60 -13.40
N THR Y 143 -154.78 -26.66 -12.45
CA THR Y 143 -154.08 -25.40 -12.58
C THR Y 143 -152.95 -25.37 -11.55
N ARG Y 144 -151.75 -25.03 -12.00
CA ARG Y 144 -150.58 -24.99 -11.13
C ARG Y 144 -150.09 -23.54 -11.06
N THR Y 145 -150.34 -22.90 -9.92
CA THR Y 145 -150.10 -21.47 -9.75
C THR Y 145 -148.71 -21.25 -9.17
N LEU Y 146 -147.87 -20.51 -9.89
CA LEU Y 146 -146.52 -20.21 -9.44
C LEU Y 146 -146.43 -18.76 -8.97
N THR Y 147 -146.06 -18.59 -7.69
CA THR Y 147 -145.95 -17.27 -7.08
C THR Y 147 -144.50 -16.81 -7.12
N GLU Y 148 -144.33 -15.50 -7.24
CA GLU Y 148 -143.00 -14.92 -7.41
C GLU Y 148 -142.26 -14.88 -6.07
N ILE Y 149 -141.00 -15.33 -6.08
CA ILE Y 149 -140.21 -15.38 -4.86
C ILE Y 149 -139.04 -14.39 -4.86
N GLN Y 150 -138.63 -13.89 -6.02
CA GLN Y 150 -137.44 -13.05 -6.11
C GLN Y 150 -137.46 -12.32 -7.45
N SER Y 151 -137.25 -11.00 -7.42
CA SER Y 151 -137.18 -10.19 -8.63
C SER Y 151 -136.04 -9.19 -8.46
N THR Y 152 -134.85 -9.57 -8.89
CA THR Y 152 -133.71 -8.66 -8.90
C THR Y 152 -133.74 -7.83 -10.18
N ALA Y 153 -132.63 -7.15 -10.49
CA ALA Y 153 -132.58 -6.33 -11.69
C ALA Y 153 -132.57 -7.19 -12.94
N ASP Y 154 -131.97 -8.38 -12.88
CA ASP Y 154 -131.90 -9.27 -14.04
C ASP Y 154 -132.92 -10.41 -13.95
N ARG Y 155 -132.89 -11.22 -12.90
CA ARG Y 155 -133.71 -12.41 -12.85
C ARG Y 155 -135.10 -12.10 -12.31
N GLN Y 156 -136.00 -13.05 -12.51
CA GLN Y 156 -137.36 -12.97 -11.96
C GLN Y 156 -137.84 -14.40 -11.75
N ILE Y 157 -137.68 -14.90 -10.53
CA ILE Y 157 -137.84 -16.32 -10.22
C ILE Y 157 -139.24 -16.56 -9.69
N PHE Y 158 -139.96 -17.49 -10.32
CA PHE Y 158 -141.25 -17.95 -9.85
C PHE Y 158 -141.10 -19.37 -9.33
N GLU Y 159 -142.04 -19.78 -8.48
CA GLU Y 159 -141.96 -21.09 -7.83
C GLU Y 159 -143.33 -21.46 -7.29
N GLU Y 160 -143.70 -22.73 -7.44
CA GLU Y 160 -144.93 -23.22 -6.84
C GLU Y 160 -144.74 -23.35 -5.33
N LYS Y 161 -145.87 -23.32 -4.61
CA LYS Y 161 -145.82 -23.27 -3.15
C LYS Y 161 -146.47 -24.45 -2.46
N VAL Y 162 -147.19 -25.30 -3.17
CA VAL Y 162 -147.79 -26.48 -2.55
C VAL Y 162 -146.76 -27.60 -2.51
N GLY Y 163 -147.03 -28.59 -1.66
CA GLY Y 163 -146.19 -29.76 -1.57
C GLY Y 163 -145.00 -29.56 -0.67
N PRO Y 164 -144.02 -30.46 -0.76
CA PRO Y 164 -142.82 -30.35 0.07
C PRO Y 164 -141.93 -29.20 -0.39
N LEU Y 165 -140.97 -28.85 0.46
CA LEU Y 165 -140.08 -27.73 0.20
C LEU Y 165 -138.85 -28.12 -0.60
N VAL Y 166 -138.61 -29.42 -0.81
CA VAL Y 166 -137.35 -29.83 -1.41
C VAL Y 166 -137.43 -29.87 -2.94
N GLY Y 167 -138.57 -30.26 -3.51
CA GLY Y 167 -138.73 -30.24 -4.95
C GLY Y 167 -139.97 -29.50 -5.39
N ARG Y 168 -139.79 -28.38 -6.08
CA ARG Y 168 -140.91 -27.57 -6.52
C ARG Y 168 -140.64 -27.05 -7.93
N LEU Y 169 -141.70 -26.58 -8.57
CA LEU Y 169 -141.58 -26.01 -9.91
C LEU Y 169 -140.81 -24.69 -9.87
N ARG Y 170 -140.24 -24.32 -11.00
CA ARG Y 170 -139.47 -23.09 -11.10
C ARG Y 170 -139.77 -22.42 -12.43
N LEU Y 171 -139.49 -21.11 -12.47
CA LEU Y 171 -139.61 -20.35 -13.72
C LEU Y 171 -138.65 -19.18 -13.59
N THR Y 172 -137.48 -19.29 -14.21
CA THR Y 172 -136.43 -18.29 -14.08
C THR Y 172 -136.43 -17.44 -15.35
N ALA Y 173 -137.20 -16.37 -15.34
CA ALA Y 173 -137.21 -15.45 -16.45
C ALA Y 173 -136.15 -14.37 -16.27
N SER Y 174 -135.68 -13.83 -17.38
CA SER Y 174 -134.78 -12.69 -17.37
C SER Y 174 -134.92 -11.96 -18.69
N LEU Y 175 -134.19 -10.86 -18.82
CA LEU Y 175 -134.30 -10.00 -20.00
C LEU Y 175 -133.05 -9.14 -20.06
N ARG Y 176 -132.40 -9.11 -21.22
CA ARG Y 176 -131.17 -8.36 -21.39
C ARG Y 176 -131.26 -7.54 -22.67
N GLN Y 177 -130.25 -6.72 -22.90
CA GLN Y 177 -130.01 -6.11 -24.20
C GLN Y 177 -128.50 -5.93 -24.37
N ASN Y 178 -127.91 -6.76 -25.23
CA ASN Y 178 -126.47 -6.77 -25.42
C ASN Y 178 -126.10 -5.99 -26.67
N GLY Y 179 -124.98 -5.28 -26.59
CA GLY Y 179 -124.49 -4.50 -27.70
C GLY Y 179 -124.89 -3.03 -27.59
N ALA Y 180 -125.14 -2.39 -28.73
CA ALA Y 180 -125.51 -0.98 -28.75
C ALA Y 180 -127.02 -0.80 -28.73
N LYS Y 181 -127.66 -1.44 -27.75
CA LYS Y 181 -129.10 -1.31 -27.45
C LYS Y 181 -129.98 -1.65 -28.63
N THR Y 182 -129.56 -2.63 -29.44
CA THR Y 182 -130.25 -2.93 -30.69
C THR Y 182 -131.02 -4.25 -30.66
N ALA Y 183 -130.72 -5.15 -29.73
CA ALA Y 183 -131.37 -6.45 -29.70
C ALA Y 183 -131.60 -6.87 -28.26
N TYR Y 184 -132.79 -7.40 -27.99
CA TYR Y 184 -133.14 -7.88 -26.67
C TYR Y 184 -132.83 -9.37 -26.55
N ARG Y 185 -133.03 -9.92 -25.36
CA ARG Y 185 -132.80 -11.35 -25.13
C ARG Y 185 -133.71 -11.81 -23.99
N VAL Y 186 -134.82 -12.40 -24.35
CA VAL Y 186 -135.73 -13.03 -23.37
C VAL Y 186 -135.22 -14.43 -23.07
N ASN Y 187 -135.27 -14.83 -21.81
CA ASN Y 187 -134.67 -16.11 -21.41
C ASN Y 187 -135.56 -16.75 -20.34
N LEU Y 188 -136.42 -17.66 -20.77
CA LEU Y 188 -137.26 -18.44 -19.87
C LEU Y 188 -136.62 -19.80 -19.60
N LYS Y 189 -136.97 -20.39 -18.46
CA LYS Y 189 -136.42 -21.68 -18.06
C LYS Y 189 -137.33 -22.30 -17.02
N LEU Y 190 -137.81 -23.51 -17.27
CA LEU Y 190 -138.73 -24.20 -16.37
C LEU Y 190 -138.06 -25.45 -15.84
N ASP Y 191 -137.78 -25.46 -14.54
CA ASP Y 191 -137.23 -26.63 -13.86
C ASP Y 191 -138.35 -27.48 -13.28
N GLN Y 192 -138.28 -28.78 -13.53
CA GLN Y 192 -139.19 -29.72 -12.91
C GLN Y 192 -138.37 -30.83 -12.28
N ALA Y 193 -138.40 -30.92 -10.95
CA ALA Y 193 -137.71 -31.95 -10.21
C ALA Y 193 -138.71 -33.00 -9.76
N ASP Y 194 -138.32 -34.27 -9.89
CA ASP Y 194 -139.17 -35.38 -9.49
C ASP Y 194 -138.83 -35.76 -8.06
N VAL Y 195 -139.79 -35.61 -7.15
CA VAL Y 195 -139.61 -35.92 -5.75
C VAL Y 195 -140.39 -37.18 -5.43
N VAL Y 196 -139.86 -37.99 -4.51
CA VAL Y 196 -140.51 -39.23 -4.09
C VAL Y 196 -140.31 -39.39 -2.59
N ASP Y 197 -141.29 -39.98 -1.92
CA ASP Y 197 -141.19 -40.28 -0.50
C ASP Y 197 -141.38 -41.77 -0.26
N CYS Y 198 -140.48 -42.33 0.54
CA CYS Y 198 -140.48 -43.75 0.82
C CYS Y 198 -140.80 -44.03 2.29
N SER Y 199 -141.59 -43.14 2.91
CA SER Y 199 -141.91 -43.27 4.31
C SER Y 199 -142.91 -44.40 4.58
N THR Y 200 -143.67 -44.82 3.57
CA THR Y 200 -144.57 -45.95 3.77
C THR Y 200 -143.82 -47.27 3.70
N SER Y 201 -142.61 -47.27 3.15
CA SER Y 201 -141.79 -48.47 3.04
C SER Y 201 -140.61 -48.46 4.00
N VAL Y 202 -139.82 -47.39 3.99
CA VAL Y 202 -138.65 -47.25 4.86
C VAL Y 202 -138.95 -46.17 5.89
N CYS Y 203 -138.79 -46.52 7.16
CA CYS Y 203 -139.04 -45.57 8.23
C CYS Y 203 -137.97 -44.48 8.29
N GLY Y 204 -138.39 -43.29 8.71
CA GLY Y 204 -137.48 -42.18 8.84
C GLY Y 204 -136.96 -41.63 7.53
N GLU Y 205 -137.70 -41.80 6.45
CA GLU Y 205 -137.27 -41.35 5.12
C GLU Y 205 -138.08 -40.13 4.75
N LEU Y 206 -137.40 -39.00 4.62
CA LEU Y 206 -138.00 -37.75 4.18
C LEU Y 206 -137.91 -37.66 2.66
N PRO Y 207 -138.79 -36.87 2.02
CA PRO Y 207 -138.76 -36.77 0.55
C PRO Y 207 -137.48 -36.15 0.02
N LYS Y 208 -137.09 -36.60 -1.17
CA LYS Y 208 -135.87 -36.14 -1.83
C LYS Y 208 -136.08 -36.19 -3.33
N VAL Y 209 -135.25 -35.45 -4.04
CA VAL Y 209 -135.33 -35.35 -5.50
C VAL Y 209 -134.38 -36.39 -6.11
N ARG Y 210 -134.81 -36.99 -7.22
CA ARG Y 210 -133.97 -37.99 -7.88
C ARG Y 210 -133.36 -37.45 -9.17
N TYR Y 211 -134.14 -36.72 -9.96
CA TYR Y 211 -133.62 -36.07 -11.16
C TYR Y 211 -134.36 -34.76 -11.39
N THR Y 212 -133.78 -33.91 -12.25
CA THR Y 212 -134.43 -32.69 -12.70
C THR Y 212 -134.41 -32.65 -14.23
N GLN Y 213 -135.42 -32.01 -14.81
CA GLN Y 213 -135.52 -31.84 -16.26
C GLN Y 213 -135.90 -30.40 -16.57
N VAL Y 214 -135.16 -29.77 -17.48
CA VAL Y 214 -135.35 -28.37 -17.79
C VAL Y 214 -136.02 -28.24 -19.16
N TRP Y 215 -136.50 -27.03 -19.45
CA TRP Y 215 -136.91 -26.64 -20.80
C TRP Y 215 -136.62 -25.14 -20.90
N SER Y 216 -135.43 -24.81 -21.39
CA SER Y 216 -135.04 -23.41 -21.51
C SER Y 216 -135.62 -22.80 -22.77
N HIS Y 217 -135.58 -21.48 -22.83
CA HIS Y 217 -135.93 -20.73 -24.03
C HIS Y 217 -134.93 -19.60 -24.18
N ASP Y 218 -134.70 -19.18 -25.42
CA ASP Y 218 -133.77 -18.09 -25.68
C ASP Y 218 -134.28 -17.33 -26.91
N VAL Y 219 -135.06 -16.29 -26.66
CA VAL Y 219 -135.69 -15.51 -27.71
C VAL Y 219 -134.81 -14.29 -27.99
N THR Y 220 -134.57 -14.01 -29.27
CA THR Y 220 -133.79 -12.85 -29.69
C THR Y 220 -134.70 -11.93 -30.47
N ILE Y 221 -134.86 -10.70 -29.97
CA ILE Y 221 -135.75 -9.71 -30.57
C ILE Y 221 -134.93 -8.44 -30.81
N VAL Y 222 -134.85 -8.01 -32.06
CA VAL Y 222 -134.19 -6.75 -32.37
C VAL Y 222 -135.14 -5.61 -32.07
N ALA Y 223 -134.57 -4.46 -31.67
CA ALA Y 223 -135.34 -3.41 -31.03
C ALA Y 223 -136.25 -2.65 -32.00
N ASN Y 224 -135.82 -2.51 -33.25
CA ASN Y 224 -136.58 -1.79 -34.26
C ASN Y 224 -137.50 -2.68 -35.08
N SER Y 225 -138.04 -3.73 -34.46
CA SER Y 225 -138.88 -4.71 -35.13
C SER Y 225 -140.24 -4.13 -35.49
N THR Y 226 -140.97 -4.88 -36.31
CA THR Y 226 -142.38 -4.65 -36.52
C THR Y 226 -143.13 -5.43 -35.45
N GLU Y 227 -144.33 -4.96 -35.10
CA GLU Y 227 -145.13 -5.68 -34.11
C GLU Y 227 -145.62 -7.01 -34.66
N ALA Y 228 -146.02 -7.05 -35.93
CA ALA Y 228 -146.44 -8.30 -36.54
C ALA Y 228 -145.26 -9.23 -36.84
N SER Y 229 -144.03 -8.71 -36.77
CA SER Y 229 -142.87 -9.57 -36.86
C SER Y 229 -142.65 -10.36 -35.57
N ARG Y 230 -142.86 -9.72 -34.42
CA ARG Y 230 -142.75 -10.44 -33.16
C ARG Y 230 -144.00 -11.25 -32.86
N LYS Y 231 -145.15 -10.82 -33.37
CA LYS Y 231 -146.39 -11.55 -33.13
C LYS Y 231 -146.42 -12.84 -33.94
N SER Y 232 -145.84 -12.82 -35.15
CA SER Y 232 -145.80 -14.04 -35.96
C SER Y 232 -144.74 -15.01 -35.46
N LEU Y 233 -143.65 -14.51 -34.88
CA LEU Y 233 -142.65 -15.38 -34.30
C LEU Y 233 -143.20 -16.11 -33.07
N TYR Y 234 -144.02 -15.43 -32.28
CA TYR Y 234 -144.65 -16.07 -31.13
C TYR Y 234 -145.68 -17.09 -31.57
N ASP Y 235 -146.48 -16.75 -32.58
CA ASP Y 235 -147.53 -17.65 -33.05
C ASP Y 235 -147.00 -18.89 -33.75
N LEU Y 236 -145.78 -18.84 -34.29
CA LEU Y 236 -145.18 -20.04 -34.86
C LEU Y 236 -144.63 -20.95 -33.77
N THR Y 237 -143.98 -20.38 -32.75
CA THR Y 237 -143.44 -21.18 -31.66
C THR Y 237 -144.54 -21.75 -30.79
N LYS Y 238 -145.64 -21.01 -30.62
CA LYS Y 238 -146.80 -21.55 -29.91
C LYS Y 238 -147.41 -22.71 -30.68
N SER Y 239 -147.37 -22.65 -32.01
CA SER Y 239 -147.90 -23.73 -32.83
C SER Y 239 -146.88 -24.83 -33.06
N LEU Y 240 -145.61 -24.59 -32.75
CA LEU Y 240 -144.60 -25.64 -32.90
C LEU Y 240 -144.65 -26.60 -31.73
N VAL Y 241 -144.74 -26.08 -30.51
CA VAL Y 241 -144.82 -26.91 -29.31
C VAL Y 241 -146.15 -27.67 -29.27
N ALA Y 242 -147.20 -27.10 -29.85
CA ALA Y 242 -148.51 -27.75 -29.84
C ALA Y 242 -148.64 -28.86 -30.87
N THR Y 243 -147.61 -29.15 -31.67
CA THR Y 243 -147.69 -30.21 -32.65
C THR Y 243 -147.57 -31.57 -31.99
N SER Y 244 -147.89 -32.62 -32.77
CA SER Y 244 -147.76 -33.98 -32.30
C SER Y 244 -146.37 -34.54 -32.55
N GLN Y 245 -145.48 -33.79 -33.19
CA GLN Y 245 -144.14 -34.28 -33.47
C GLN Y 245 -143.16 -33.83 -32.39
N VAL Y 246 -143.35 -32.63 -31.85
CA VAL Y 246 -142.50 -32.16 -30.76
C VAL Y 246 -142.92 -32.81 -29.44
N GLU Y 247 -144.16 -33.30 -29.36
CA GLU Y 247 -144.56 -34.14 -28.24
C GLU Y 247 -143.77 -35.44 -28.22
N ASP Y 248 -143.70 -36.13 -29.36
CA ASP Y 248 -142.97 -37.39 -29.44
C ASP Y 248 -141.46 -37.19 -29.43
N LEU Y 249 -140.98 -35.98 -29.72
CA LEU Y 249 -139.55 -35.73 -29.64
C LEU Y 249 -139.09 -35.62 -28.19
N VAL Y 250 -139.97 -35.19 -27.30
CA VAL Y 250 -139.63 -35.08 -25.89
C VAL Y 250 -140.01 -36.35 -25.14
N VAL Y 251 -141.20 -36.90 -25.39
CA VAL Y 251 -141.65 -38.07 -24.67
C VAL Y 251 -140.92 -39.33 -25.14
N ASN Y 252 -140.94 -39.59 -26.45
CA ASN Y 252 -140.42 -40.85 -26.99
C ASN Y 252 -139.15 -40.70 -27.80
N LEU Y 253 -138.56 -39.50 -27.86
CA LEU Y 253 -137.29 -39.20 -28.54
C LEU Y 253 -137.32 -39.52 -30.04
N VAL Y 254 -138.50 -39.45 -30.66
CA VAL Y 254 -138.61 -39.64 -32.10
C VAL Y 254 -138.19 -38.34 -32.79
N PRO Y 255 -137.27 -38.37 -33.74
CA PRO Y 255 -136.89 -37.14 -34.46
C PRO Y 255 -138.03 -36.61 -35.32
N LEU Y 256 -137.90 -35.33 -35.68
CA LEU Y 256 -138.97 -34.62 -36.38
C LEU Y 256 -139.02 -35.03 -37.85
N GLY Y 257 -140.16 -34.75 -38.46
CA GLY Y 257 -140.34 -35.00 -39.88
C GLY Y 257 -141.18 -36.23 -40.18
N ARG Y 258 -142.38 -36.02 -40.70
CA ARG Y 258 -143.26 -37.12 -41.07
C ARG Y 258 -143.58 -37.09 -42.56
N SER Z 1 -145.86 45.11 -10.00
CA SER Z 1 -144.99 44.78 -11.12
C SER Z 1 -145.57 43.63 -11.93
N LYS Z 2 -144.78 42.58 -12.14
CA LYS Z 2 -145.20 41.40 -12.88
C LYS Z 2 -145.53 40.30 -11.89
N THR Z 3 -146.69 39.67 -12.05
CA THR Z 3 -147.23 38.77 -11.05
C THR Z 3 -147.53 37.40 -11.65
N ILE Z 4 -147.44 36.38 -10.79
CA ILE Z 4 -147.97 35.04 -11.06
C ILE Z 4 -149.01 34.75 -9.99
N VAL Z 5 -150.15 34.19 -10.41
CA VAL Z 5 -151.24 33.87 -9.50
C VAL Z 5 -151.35 32.36 -9.41
N LEU Z 6 -151.26 31.83 -8.19
CA LEU Z 6 -151.31 30.40 -7.93
C LEU Z 6 -152.54 30.12 -7.08
N SER Z 7 -153.59 29.61 -7.70
CA SER Z 7 -154.82 29.30 -6.98
C SER Z 7 -154.69 27.94 -6.32
N VAL Z 8 -154.86 27.91 -5.00
CA VAL Z 8 -154.59 26.72 -4.19
C VAL Z 8 -155.96 26.27 -3.68
N GLY Z 9 -156.97 26.45 -4.52
CA GLY Z 9 -158.34 26.22 -4.13
C GLY Z 9 -159.18 27.44 -4.47
N GLU Z 10 -159.69 28.12 -3.45
CA GLU Z 10 -160.26 29.44 -3.64
C GLU Z 10 -159.30 30.55 -3.21
N ALA Z 11 -158.31 30.23 -2.39
CA ALA Z 11 -157.31 31.20 -1.98
C ALA Z 11 -156.26 31.37 -3.07
N THR Z 12 -156.04 32.60 -3.52
CA THR Z 12 -155.05 32.91 -4.54
C THR Z 12 -153.84 33.52 -3.86
N ARG Z 13 -152.65 33.02 -4.22
CA ARG Z 13 -151.40 33.48 -3.65
C ARG Z 13 -150.59 34.14 -4.75
N THR Z 14 -150.51 35.46 -4.72
CA THR Z 14 -149.92 36.24 -5.80
C THR Z 14 -148.47 36.60 -5.47
N LEU Z 15 -147.56 36.15 -6.32
CA LEU Z 15 -146.13 36.41 -6.18
C LEU Z 15 -145.72 37.53 -7.13
N THR Z 16 -145.04 38.54 -6.58
CA THR Z 16 -144.59 39.68 -7.37
C THR Z 16 -143.10 39.55 -7.63
N GLU Z 17 -142.65 40.18 -8.71
CA GLU Z 17 -141.28 40.04 -9.16
C GLU Z 17 -140.36 40.98 -8.39
N ILE Z 18 -139.23 40.44 -7.92
CA ILE Z 18 -138.23 41.23 -7.21
C ILE Z 18 -136.89 41.27 -7.92
N GLN Z 19 -136.73 40.57 -9.05
CA GLN Z 19 -135.47 40.56 -9.78
C GLN Z 19 -135.74 40.18 -11.22
N SER Z 20 -135.01 40.82 -12.14
CA SER Z 20 -135.12 40.50 -13.56
C SER Z 20 -133.73 40.68 -14.17
N THR Z 21 -132.97 39.60 -14.23
CA THR Z 21 -131.66 39.60 -14.87
C THR Z 21 -131.89 39.17 -16.33
N ALA Z 22 -130.83 38.86 -17.06
CA ALA Z 22 -130.99 38.41 -18.44
C ALA Z 22 -131.61 37.02 -18.50
N ASP Z 23 -131.25 36.16 -17.56
CA ASP Z 23 -131.82 34.82 -17.47
C ASP Z 23 -132.58 34.57 -16.18
N ARG Z 24 -132.01 34.91 -15.03
CA ARG Z 24 -132.68 34.66 -13.76
C ARG Z 24 -133.80 35.66 -13.54
N GLN Z 25 -134.84 35.21 -12.82
CA GLN Z 25 -136.06 35.98 -12.69
C GLN Z 25 -136.74 35.53 -11.41
N ILE Z 26 -136.62 36.32 -10.36
CA ILE Z 26 -136.97 35.89 -9.00
C ILE Z 26 -138.30 36.52 -8.61
N PHE Z 27 -139.23 35.70 -8.14
CA PHE Z 27 -140.52 36.14 -7.64
C PHE Z 27 -140.58 35.90 -6.14
N GLU Z 28 -141.51 36.57 -5.48
CA GLU Z 28 -141.65 36.48 -4.03
C GLU Z 28 -143.04 36.98 -3.64
N GLU Z 29 -143.64 36.31 -2.67
CA GLU Z 29 -144.92 36.75 -2.12
C GLU Z 29 -144.66 37.85 -1.10
N LYS Z 30 -145.63 38.76 -0.97
CA LYS Z 30 -145.40 39.98 -0.20
C LYS Z 30 -146.18 40.07 1.09
N VAL Z 31 -147.06 39.13 1.39
CA VAL Z 31 -147.81 39.19 2.64
C VAL Z 31 -147.08 38.42 3.72
N GLY Z 32 -147.24 38.85 4.97
CA GLY Z 32 -146.66 38.16 6.10
C GLY Z 32 -145.39 38.81 6.60
N PRO Z 33 -144.62 38.08 7.42
CA PRO Z 33 -143.32 38.58 7.87
C PRO Z 33 -142.31 38.69 6.76
N LEU Z 34 -141.22 39.42 7.00
CA LEU Z 34 -140.23 39.71 5.99
C LEU Z 34 -139.09 38.70 5.92
N VAL Z 35 -139.10 37.70 6.78
CA VAL Z 35 -137.94 36.80 6.86
C VAL Z 35 -138.19 35.49 6.11
N GLY Z 36 -139.42 34.99 6.10
CA GLY Z 36 -139.71 33.79 5.35
C GLY Z 36 -140.93 33.93 4.46
N ARG Z 37 -140.72 33.86 3.15
CA ARG Z 37 -141.78 34.02 2.16
C ARG Z 37 -141.58 33.01 1.05
N LEU Z 38 -142.57 32.87 0.18
CA LEU Z 38 -142.42 32.06 -1.01
C LEU Z 38 -141.38 32.66 -1.94
N ARG Z 39 -140.81 31.80 -2.77
CA ARG Z 39 -139.73 32.20 -3.65
C ARG Z 39 -139.80 31.35 -4.91
N LEU Z 40 -139.67 32.00 -6.05
CA LEU Z 40 -139.81 31.30 -7.34
C LEU Z 40 -138.68 31.81 -8.23
N THR Z 41 -137.67 30.99 -8.45
CA THR Z 41 -136.48 31.39 -9.19
C THR Z 41 -136.55 30.77 -10.58
N ALA Z 42 -137.15 31.48 -11.52
CA ALA Z 42 -137.22 31.01 -12.89
C ALA Z 42 -135.94 31.33 -13.64
N SER Z 43 -135.72 30.61 -14.73
CA SER Z 43 -134.51 30.76 -15.53
C SER Z 43 -134.78 30.21 -16.91
N LEU Z 44 -133.88 30.55 -17.85
CA LEU Z 44 -133.93 30.04 -19.21
C LEU Z 44 -132.56 30.20 -19.82
N ARG Z 45 -132.12 29.21 -20.58
CA ARG Z 45 -130.80 29.20 -21.18
C ARG Z 45 -130.88 28.60 -22.58
N GLN Z 46 -129.73 28.57 -23.26
CA GLN Z 46 -129.54 27.71 -24.43
C GLN Z 46 -128.07 27.32 -24.48
N ASN Z 47 -127.77 26.15 -23.91
CA ASN Z 47 -126.39 25.73 -23.73
C ASN Z 47 -125.91 24.92 -24.92
N GLY Z 48 -124.61 25.00 -25.18
CA GLY Z 48 -124.01 24.29 -26.28
C GLY Z 48 -124.00 25.11 -27.56
N ALA Z 49 -124.23 24.45 -28.69
CA ALA Z 49 -124.25 25.15 -29.98
C ALA Z 49 -125.68 25.55 -30.35
N LYS Z 50 -126.34 26.22 -29.40
CA LYS Z 50 -127.64 26.89 -29.57
C LYS Z 50 -128.73 25.94 -30.04
N THR Z 51 -128.67 24.66 -29.65
CA THR Z 51 -129.60 23.66 -30.17
C THR Z 51 -130.64 23.20 -29.16
N ALA Z 52 -130.46 23.47 -27.88
CA ALA Z 52 -131.39 23.01 -26.86
C ALA Z 52 -131.52 24.08 -25.78
N TYR Z 53 -132.74 24.31 -25.32
CA TYR Z 53 -133.00 25.24 -24.25
C TYR Z 53 -133.01 24.50 -22.91
N ARG Z 54 -133.10 25.27 -21.82
CA ARG Z 54 -133.09 24.67 -20.49
C ARG Z 54 -133.88 25.57 -19.54
N VAL Z 55 -135.13 25.21 -19.29
CA VAL Z 55 -135.94 25.87 -18.29
C VAL Z 55 -135.60 25.30 -16.92
N ASN Z 56 -135.58 26.16 -15.90
CA ASN Z 56 -135.16 25.73 -14.57
C ASN Z 56 -135.95 26.53 -13.54
N LEU Z 57 -137.05 25.98 -13.07
CA LEU Z 57 -137.84 26.59 -11.99
C LEU Z 57 -137.37 26.07 -10.64
N LYS Z 58 -137.73 26.81 -9.59
CA LYS Z 58 -137.36 26.43 -8.22
C LYS Z 58 -138.32 27.13 -7.28
N LEU Z 59 -139.23 26.36 -6.68
CA LEU Z 59 -140.23 26.89 -5.77
C LEU Z 59 -139.80 26.62 -4.34
N ASP Z 60 -139.17 27.60 -3.70
CA ASP Z 60 -138.80 27.48 -2.31
C ASP Z 60 -140.03 27.68 -1.43
N GLN Z 61 -139.93 27.21 -0.19
CA GLN Z 61 -140.96 27.44 0.83
C GLN Z 61 -140.33 27.26 2.19
N ALA Z 62 -140.32 28.31 2.99
CA ALA Z 62 -139.78 28.29 4.33
C ALA Z 62 -140.91 28.30 5.35
N ASP Z 63 -140.73 27.54 6.43
CA ASP Z 63 -141.71 27.50 7.51
C ASP Z 63 -141.22 28.42 8.62
N VAL Z 64 -141.79 29.60 8.68
CA VAL Z 64 -141.39 30.60 9.67
C VAL Z 64 -142.28 30.45 10.90
N VAL Z 65 -141.66 30.61 12.08
CA VAL Z 65 -142.38 30.52 13.34
C VAL Z 65 -142.04 31.75 14.17
N ASP Z 66 -143.05 32.33 14.83
CA ASP Z 66 -142.89 33.49 15.67
C ASP Z 66 -143.64 33.27 16.97
N CYS Z 67 -142.90 33.11 18.07
CA CYS Z 67 -143.48 32.92 19.40
C CYS Z 67 -142.88 33.91 20.38
N SER Z 68 -142.91 35.19 20.02
CA SER Z 68 -142.54 36.24 20.96
C SER Z 68 -143.53 36.34 22.12
N THR Z 69 -144.76 35.87 21.96
CA THR Z 69 -145.70 35.83 23.07
C THR Z 69 -145.41 34.67 24.01
N SER Z 70 -144.68 33.65 23.52
CA SER Z 70 -144.33 32.53 24.37
C SER Z 70 -143.09 32.84 25.20
N VAL Z 71 -141.96 33.09 24.54
CA VAL Z 71 -140.75 33.54 25.22
C VAL Z 71 -140.57 35.03 24.90
N CYS Z 72 -140.40 35.83 25.94
CA CYS Z 72 -140.36 37.28 25.78
C CYS Z 72 -139.03 37.72 25.18
N GLY Z 73 -139.08 38.31 23.99
CA GLY Z 73 -137.92 38.94 23.40
C GLY Z 73 -137.29 38.22 22.22
N GLU Z 74 -137.99 37.32 21.55
CA GLU Z 74 -137.47 36.71 20.34
C GLU Z 74 -138.19 37.28 19.12
N LEU Z 75 -137.62 37.00 17.96
CA LEU Z 75 -138.08 37.54 16.69
C LEU Z 75 -138.52 36.38 15.80
N PRO Z 76 -139.24 36.64 14.70
CA PRO Z 76 -139.58 35.54 13.79
C PRO Z 76 -138.34 34.92 13.15
N LYS Z 77 -138.46 33.63 12.83
CA LYS Z 77 -137.33 32.81 12.43
C LYS Z 77 -137.86 31.62 11.65
N VAL Z 78 -137.08 31.16 10.67
CA VAL Z 78 -137.48 30.04 9.84
C VAL Z 78 -136.86 28.76 10.40
N ARG Z 79 -137.64 27.69 10.43
CA ARG Z 79 -137.10 26.39 10.87
C ARG Z 79 -136.39 25.69 9.73
N TYR Z 80 -137.13 25.38 8.66
CA TYR Z 80 -136.61 24.58 7.56
C TYR Z 80 -137.08 25.18 6.24
N THR Z 81 -136.60 24.60 5.14
CA THR Z 81 -136.99 24.99 3.79
C THR Z 81 -137.22 23.75 2.95
N GLN Z 82 -138.36 23.72 2.26
CA GLN Z 82 -138.71 22.63 1.37
C GLN Z 82 -138.86 23.18 -0.04
N VAL Z 83 -138.14 22.61 -0.99
CA VAL Z 83 -138.09 23.14 -2.35
C VAL Z 83 -138.76 22.16 -3.30
N TRP Z 84 -138.98 22.60 -4.53
CA TRP Z 84 -139.44 21.74 -5.62
C TRP Z 84 -138.87 22.35 -6.90
N SER Z 85 -137.78 21.77 -7.39
CA SER Z 85 -137.16 22.26 -8.61
C SER Z 85 -137.78 21.60 -9.83
N HIS Z 86 -137.51 22.19 -10.99
CA HIS Z 86 -137.85 21.61 -12.28
C HIS Z 86 -136.67 21.82 -13.20
N ASP Z 87 -136.46 20.89 -14.13
CA ASP Z 87 -135.35 20.98 -15.07
C ASP Z 87 -135.86 20.46 -16.42
N VAL Z 88 -136.36 21.37 -17.23
CA VAL Z 88 -136.95 21.03 -18.52
C VAL Z 88 -135.91 21.22 -19.60
N THR Z 89 -135.79 20.26 -20.50
CA THR Z 89 -134.88 20.34 -21.64
C THR Z 89 -135.70 20.32 -22.92
N ILE Z 90 -135.61 21.39 -23.70
CA ILE Z 90 -136.37 21.54 -24.93
C ILE Z 90 -135.38 21.76 -26.07
N VAL Z 91 -135.41 20.87 -27.05
CA VAL Z 91 -134.58 21.03 -28.23
C VAL Z 91 -135.24 22.03 -29.17
N ALA Z 92 -134.42 22.78 -29.91
CA ALA Z 92 -134.90 24.00 -30.55
C ALA Z 92 -135.70 23.72 -31.81
N ASN Z 93 -135.43 22.62 -32.50
CA ASN Z 93 -136.13 22.30 -33.75
C ASN Z 93 -137.31 21.37 -33.53
N SER Z 94 -137.99 21.48 -32.39
CA SER Z 94 -139.05 20.56 -32.04
C SER Z 94 -140.32 20.86 -32.83
N THR Z 95 -141.28 19.97 -32.70
CA THR Z 95 -142.65 20.21 -33.13
C THR Z 95 -143.39 20.88 -31.98
N GLU Z 96 -144.38 21.70 -32.30
CA GLU Z 96 -145.16 22.35 -31.24
C GLU Z 96 -146.05 21.35 -30.51
N ALA Z 97 -146.46 20.27 -31.20
CA ALA Z 97 -147.23 19.23 -30.53
C ALA Z 97 -146.35 18.35 -29.66
N SER Z 98 -145.04 18.36 -29.86
CA SER Z 98 -144.15 17.64 -28.96
C SER Z 98 -143.95 18.41 -27.67
N ARG Z 99 -143.79 19.72 -27.76
CA ARG Z 99 -143.68 20.56 -26.57
C ARG Z 99 -144.99 20.67 -25.81
N LYS Z 100 -146.12 20.56 -26.51
CA LYS Z 100 -147.41 20.61 -25.82
C LYS Z 100 -147.71 19.31 -25.11
N SER Z 101 -147.30 18.18 -25.70
CA SER Z 101 -147.57 16.88 -25.08
C SER Z 101 -146.69 16.66 -23.86
N LEU Z 102 -145.45 17.18 -23.88
CA LEU Z 102 -144.58 17.05 -22.72
C LEU Z 102 -145.10 17.86 -21.55
N TYR Z 103 -145.70 19.02 -21.82
CA TYR Z 103 -146.31 19.81 -20.77
C TYR Z 103 -147.58 19.14 -20.25
N ASP Z 104 -148.37 18.53 -21.15
CA ASP Z 104 -149.63 17.92 -20.75
C ASP Z 104 -149.42 16.64 -19.93
N LEU Z 105 -148.29 15.96 -20.10
CA LEU Z 105 -148.04 14.77 -19.30
C LEU Z 105 -147.55 15.14 -17.90
N THR Z 106 -146.72 16.17 -17.80
CA THR Z 106 -146.20 16.58 -16.50
C THR Z 106 -147.26 17.31 -15.69
N LYS Z 107 -148.16 18.03 -16.35
CA LYS Z 107 -149.32 18.61 -15.67
C LYS Z 107 -150.23 17.51 -15.12
N SER Z 108 -150.31 16.38 -15.81
CA SER Z 108 -151.08 15.25 -15.34
C SER Z 108 -150.29 14.31 -14.44
N LEU Z 109 -148.95 14.38 -14.49
CA LEU Z 109 -148.14 13.61 -13.54
C LEU Z 109 -148.30 14.17 -12.13
N VAL Z 110 -148.21 15.48 -12.00
CA VAL Z 110 -148.28 16.11 -10.68
C VAL Z 110 -149.69 16.03 -10.12
N ALA Z 111 -150.70 16.07 -10.98
CA ALA Z 111 -152.08 16.11 -10.52
C ALA Z 111 -152.64 14.74 -10.14
N THR Z 112 -151.86 13.67 -10.21
CA THR Z 112 -152.39 12.36 -9.85
C THR Z 112 -152.24 12.11 -8.36
N SER Z 113 -152.92 11.08 -7.88
CA SER Z 113 -152.94 10.77 -6.46
C SER Z 113 -151.75 9.92 -6.02
N GLN Z 114 -150.91 9.49 -6.94
CA GLN Z 114 -149.75 8.68 -6.55
C GLN Z 114 -148.51 9.53 -6.32
N VAL Z 115 -148.42 10.68 -6.99
CA VAL Z 115 -147.31 11.59 -6.74
C VAL Z 115 -147.60 12.43 -5.50
N GLU Z 116 -148.89 12.66 -5.21
CA GLU Z 116 -149.28 13.35 -3.99
C GLU Z 116 -148.86 12.58 -2.75
N ASP Z 117 -149.11 11.26 -2.73
CA ASP Z 117 -148.69 10.45 -1.61
C ASP Z 117 -147.18 10.21 -1.59
N LEU Z 118 -146.50 10.46 -2.71
CA LEU Z 118 -145.05 10.30 -2.75
C LEU Z 118 -144.32 11.41 -2.01
N VAL Z 119 -144.89 12.61 -1.99
CA VAL Z 119 -144.21 13.73 -1.34
C VAL Z 119 -144.82 14.03 0.02
N VAL Z 120 -146.11 13.72 0.20
CA VAL Z 120 -146.74 13.99 1.48
C VAL Z 120 -146.46 12.85 2.46
N ASN Z 121 -146.78 11.62 2.08
CA ASN Z 121 -146.68 10.47 2.98
C ASN Z 121 -145.56 9.51 2.61
N LEU Z 122 -144.72 9.87 1.63
CA LEU Z 122 -143.52 9.13 1.22
C LEU Z 122 -143.83 7.73 0.70
N VAL Z 123 -145.04 7.50 0.21
CA VAL Z 123 -145.43 6.21 -0.34
C VAL Z 123 -144.82 6.07 -1.73
N PRO Z 124 -144.22 4.93 -2.08
CA PRO Z 124 -143.65 4.77 -3.43
C PRO Z 124 -144.72 4.69 -4.50
N LEU Z 125 -144.26 4.73 -5.74
CA LEU Z 125 -145.17 4.85 -6.88
C LEU Z 125 -145.68 3.50 -7.33
N GLY Z 126 -146.82 3.53 -8.01
CA GLY Z 126 -147.38 2.32 -8.60
C GLY Z 126 -148.39 1.61 -7.71
N ARG Z 127 -149.60 1.43 -8.22
CA ARG Z 127 -150.64 0.68 -7.51
C ARG Z 127 -151.18 -0.37 -8.47
N ALA Z 128 -151.03 -1.64 -8.10
CA ALA Z 128 -151.47 -2.75 -8.95
C ALA Z 128 -152.97 -2.90 -8.85
N TYR Z 129 -153.69 -2.47 -9.88
CA TYR Z 129 -155.14 -2.62 -9.97
C TYR Z 129 -155.43 -3.66 -11.04
N GLY Z 130 -155.40 -4.93 -10.66
CA GLY Z 130 -155.65 -6.02 -11.58
C GLY Z 130 -154.57 -6.18 -12.63
N GLY Z 131 -153.37 -6.56 -12.21
CA GLY Z 131 -152.26 -6.71 -13.12
C GLY Z 131 -150.94 -6.31 -12.50
N SER Z 132 -150.16 -5.50 -13.20
CA SER Z 132 -148.90 -5.03 -12.68
C SER Z 132 -149.03 -3.63 -12.11
N LYS Z 133 -147.93 -3.11 -11.57
CA LYS Z 133 -147.91 -1.78 -10.98
C LYS Z 133 -147.94 -0.74 -12.08
N THR Z 134 -149.00 0.05 -12.14
CA THR Z 134 -149.23 0.98 -13.23
C THR Z 134 -149.44 2.39 -12.70
N ILE Z 135 -149.12 3.37 -13.55
CA ILE Z 135 -149.47 4.77 -13.35
C ILE Z 135 -150.30 5.19 -14.55
N VAL Z 136 -151.40 5.89 -14.31
CA VAL Z 136 -152.26 6.37 -15.38
C VAL Z 136 -152.13 7.88 -15.46
N LEU Z 137 -151.67 8.38 -16.62
CA LEU Z 137 -151.52 9.80 -16.87
C LEU Z 137 -152.56 10.21 -17.90
N SER Z 138 -153.75 10.55 -17.44
CA SER Z 138 -154.83 10.93 -18.34
C SER Z 138 -154.62 12.35 -18.86
N VAL Z 139 -154.86 12.53 -20.16
CA VAL Z 139 -154.66 13.82 -20.83
C VAL Z 139 -156.05 14.25 -21.26
N GLY Z 140 -157.04 13.94 -20.42
CA GLY Z 140 -158.43 14.17 -20.77
C GLY Z 140 -159.16 12.86 -20.95
N GLU Z 141 -159.49 12.53 -22.19
CA GLU Z 141 -160.04 11.22 -22.51
C GLU Z 141 -158.98 10.22 -22.96
N ALA Z 142 -157.80 10.69 -23.36
CA ALA Z 142 -156.70 9.79 -23.67
C ALA Z 142 -155.94 9.46 -22.40
N THR Z 143 -155.81 8.16 -22.11
CA THR Z 143 -155.10 7.69 -20.93
C THR Z 143 -153.86 6.94 -21.39
N ARG Z 144 -152.71 7.30 -20.82
CA ARG Z 144 -151.43 6.68 -21.16
C ARG Z 144 -150.91 5.96 -19.92
N THR Z 145 -151.02 4.63 -19.93
CA THR Z 145 -150.73 3.81 -18.76
C THR Z 145 -149.29 3.31 -18.82
N LEU Z 146 -148.49 3.67 -17.82
CA LEU Z 146 -147.11 3.23 -17.75
C LEU Z 146 -146.95 2.10 -16.73
N THR Z 147 -146.41 0.97 -17.20
CA THR Z 147 -146.23 -0.21 -16.36
C THR Z 147 -144.78 -0.26 -15.88
N GLU Z 148 -144.59 -0.78 -14.66
CA GLU Z 148 -143.28 -0.82 -14.04
C GLU Z 148 -142.43 -1.90 -14.67
N ILE Z 149 -141.17 -1.55 -14.99
CA ILE Z 149 -140.26 -2.49 -15.62
C ILE Z 149 -139.09 -2.88 -14.73
N GLN Z 150 -138.78 -2.10 -13.70
CA GLN Z 150 -137.64 -2.38 -12.84
C GLN Z 150 -137.82 -1.61 -11.54
N SER Z 151 -137.65 -2.30 -10.41
CA SER Z 151 -137.74 -1.68 -9.09
C SER Z 151 -136.45 -2.04 -8.34
N THR Z 152 -135.42 -1.22 -8.52
CA THR Z 152 -134.15 -1.39 -7.83
C THR Z 152 -134.34 -0.77 -6.44
N ALA Z 153 -133.33 -0.91 -5.56
CA ALA Z 153 -133.43 -0.35 -4.21
C ALA Z 153 -133.43 1.18 -4.23
N ASP Z 154 -132.85 1.78 -5.26
CA ASP Z 154 -132.86 3.23 -5.43
C ASP Z 154 -133.85 3.68 -6.49
N ARG Z 155 -133.76 3.13 -7.70
CA ARG Z 155 -134.58 3.60 -8.80
C ARG Z 155 -135.91 2.85 -8.84
N GLN Z 156 -136.84 3.39 -9.63
CA GLN Z 156 -138.12 2.73 -9.87
C GLN Z 156 -138.59 3.20 -11.25
N ILE Z 157 -138.31 2.42 -12.28
CA ILE Z 157 -138.47 2.84 -13.66
C ILE Z 157 -139.82 2.35 -14.19
N PHE Z 158 -140.59 3.27 -14.73
CA PHE Z 158 -141.84 2.97 -15.41
C PHE Z 158 -141.67 3.23 -16.90
N GLU Z 159 -142.56 2.63 -17.69
CA GLU Z 159 -142.45 2.71 -19.15
C GLU Z 159 -143.78 2.34 -19.77
N GLU Z 160 -144.17 3.05 -20.82
CA GLU Z 160 -145.34 2.67 -21.59
C GLU Z 160 -145.02 1.46 -22.46
N LYS Z 161 -146.05 0.74 -22.88
CA LYS Z 161 -145.86 -0.54 -23.55
C LYS Z 161 -146.43 -0.60 -24.95
N VAL Z 162 -147.28 0.33 -25.35
CA VAL Z 162 -147.82 0.31 -26.71
C VAL Z 162 -146.82 0.93 -27.67
N GLY Z 163 -146.98 0.62 -28.95
CA GLY Z 163 -146.16 1.21 -29.98
C GLY Z 163 -144.85 0.48 -30.21
N PRO Z 164 -143.91 1.14 -30.88
CA PRO Z 164 -142.60 0.52 -31.13
C PRO Z 164 -141.77 0.43 -29.85
N LEU Z 165 -140.67 -0.30 -29.96
CA LEU Z 165 -139.79 -0.52 -28.82
C LEU Z 165 -138.65 0.46 -28.73
N VAL Z 166 -138.45 1.30 -29.75
CA VAL Z 166 -137.28 2.18 -29.74
C VAL Z 166 -137.54 3.45 -28.92
N GLY Z 167 -138.72 4.05 -29.02
CA GLY Z 167 -139.01 5.23 -28.24
C GLY Z 167 -140.30 5.10 -27.46
N ARG Z 168 -140.20 5.08 -26.14
CA ARG Z 168 -141.38 4.97 -25.28
C ARG Z 168 -141.24 5.94 -24.12
N LEU Z 169 -142.34 6.14 -23.41
CA LEU Z 169 -142.35 7.01 -22.25
C LEU Z 169 -141.52 6.41 -21.12
N ARG Z 170 -141.06 7.27 -20.23
CA ARG Z 170 -140.23 6.84 -19.11
C ARG Z 170 -140.64 7.62 -17.87
N LEU Z 171 -140.42 7.01 -16.70
CA LEU Z 171 -140.64 7.68 -15.43
C LEU Z 171 -139.71 7.01 -14.42
N THR Z 172 -138.56 7.62 -14.19
CA THR Z 172 -137.56 7.04 -13.27
C THR Z 172 -137.64 7.81 -11.96
N ALA Z 173 -138.50 7.34 -11.06
CA ALA Z 173 -138.58 7.93 -9.74
C ALA Z 173 -137.42 7.44 -8.87
N SER Z 174 -137.14 8.18 -7.81
CA SER Z 174 -136.10 7.82 -6.86
C SER Z 174 -136.44 8.45 -5.52
N LEU Z 175 -135.71 8.02 -4.49
CA LEU Z 175 -135.94 8.50 -3.14
C LEU Z 175 -134.69 8.23 -2.33
N ARG Z 176 -134.09 9.29 -1.77
CA ARG Z 176 -132.86 9.16 -1.00
C ARG Z 176 -133.04 9.87 0.33
N GLN Z 177 -132.02 9.78 1.17
CA GLN Z 177 -131.89 10.64 2.34
C GLN Z 177 -130.40 10.81 2.62
N ASN Z 178 -129.91 12.05 2.51
CA ASN Z 178 -128.50 12.35 2.66
C ASN Z 178 -128.23 13.05 3.98
N GLY Z 179 -127.11 12.72 4.59
CA GLY Z 179 -126.72 13.33 5.85
C GLY Z 179 -127.13 12.48 7.04
N ALA Z 180 -127.45 13.12 8.16
CA ALA Z 180 -127.86 12.40 9.36
C ALA Z 180 -129.37 12.19 9.42
N LYS Z 181 -129.92 11.65 8.33
CA LYS Z 181 -131.32 11.24 8.20
C LYS Z 181 -132.28 12.39 8.43
N THR Z 182 -131.91 13.60 8.03
CA THR Z 182 -132.71 14.79 8.30
C THR Z 182 -133.58 15.22 7.12
N ALA Z 183 -133.19 14.93 5.89
CA ALA Z 183 -133.93 15.41 4.73
C ALA Z 183 -133.99 14.32 3.68
N TYR Z 184 -135.15 14.21 3.03
CA TYR Z 184 -135.36 13.28 1.94
C TYR Z 184 -135.08 13.96 0.60
N ARG Z 185 -135.16 13.18 -0.48
CA ARG Z 185 -134.90 13.73 -1.82
C ARG Z 185 -135.70 12.90 -2.82
N VAL Z 186 -136.85 13.40 -3.22
CA VAL Z 186 -137.65 12.78 -4.26
C VAL Z 186 -137.16 13.28 -5.62
N ASN Z 187 -137.12 12.40 -6.61
CA ASN Z 187 -136.55 12.76 -7.90
C ASN Z 187 -137.33 12.03 -9.00
N LEU Z 188 -138.31 12.72 -9.58
CA LEU Z 188 -139.02 12.22 -10.75
C LEU Z 188 -138.40 12.74 -12.03
N LYS Z 189 -138.58 12.00 -13.11
CA LYS Z 189 -137.98 12.37 -14.39
C LYS Z 189 -138.74 11.67 -15.51
N LEU Z 190 -139.35 12.44 -16.41
CA LEU Z 190 -140.17 11.90 -17.48
C LEU Z 190 -139.48 12.18 -18.81
N ASP Z 191 -139.03 11.12 -19.48
CA ASP Z 191 -138.43 11.23 -20.80
C ASP Z 191 -139.48 11.00 -21.86
N GLN Z 192 -139.47 11.84 -22.89
CA GLN Z 192 -140.35 11.68 -24.03
C GLN Z 192 -139.55 11.82 -25.30
N ALA Z 193 -139.40 10.73 -26.04
CA ALA Z 193 -138.66 10.71 -27.29
C ALA Z 193 -139.63 10.75 -28.46
N ASP Z 194 -139.27 11.49 -29.50
CA ASP Z 194 -140.09 11.61 -30.69
C ASP Z 194 -139.62 10.60 -31.72
N VAL Z 195 -140.48 9.62 -32.02
CA VAL Z 195 -140.16 8.56 -32.97
C VAL Z 195 -140.94 8.79 -34.25
N VAL Z 196 -140.30 8.55 -35.38
CA VAL Z 196 -140.94 8.70 -36.68
C VAL Z 196 -140.66 7.45 -37.52
N ASP Z 197 -141.65 7.05 -38.30
CA ASP Z 197 -141.51 5.93 -39.23
C ASP Z 197 -141.73 6.42 -40.64
N CYS Z 198 -140.70 6.25 -41.47
CA CYS Z 198 -140.72 6.71 -42.86
C CYS Z 198 -140.77 5.55 -43.84
N SER Z 199 -141.46 4.47 -43.46
CA SER Z 199 -141.56 3.31 -44.33
C SER Z 199 -142.50 3.52 -45.49
N THR Z 200 -143.40 4.51 -45.40
CA THR Z 200 -144.26 4.83 -46.53
C THR Z 200 -143.54 5.71 -47.55
N SER Z 201 -142.40 6.29 -47.16
CA SER Z 201 -141.60 7.12 -48.05
C SER Z 201 -140.35 6.42 -48.53
N VAL Z 202 -139.52 5.93 -47.62
CA VAL Z 202 -138.30 5.21 -47.95
C VAL Z 202 -138.50 3.75 -47.55
N CYS Z 203 -138.27 2.84 -48.49
CA CYS Z 203 -138.40 1.41 -48.21
C CYS Z 203 -137.30 0.92 -47.28
N GLY Z 204 -137.65 -0.07 -46.48
CA GLY Z 204 -136.68 -0.67 -45.56
C GLY Z 204 -136.29 0.21 -44.41
N GLU Z 205 -137.11 1.18 -44.03
CA GLU Z 205 -136.79 2.11 -42.95
C GLU Z 205 -137.60 1.73 -41.73
N LEU Z 206 -136.91 1.29 -40.69
CA LEU Z 206 -137.50 0.99 -39.40
C LEU Z 206 -137.57 2.27 -38.58
N PRO Z 207 -138.47 2.34 -37.58
CA PRO Z 207 -138.60 3.57 -36.79
C PRO Z 207 -137.36 3.90 -35.98
N LYS Z 208 -137.14 5.20 -35.79
CA LYS Z 208 -136.00 5.69 -35.02
C LYS Z 208 -136.42 6.97 -34.31
N VAL Z 209 -135.62 7.36 -33.33
CA VAL Z 209 -135.91 8.53 -32.50
C VAL Z 209 -135.19 9.75 -33.05
N ARG Z 210 -135.85 10.90 -33.00
CA ARG Z 210 -135.21 12.14 -33.42
C ARG Z 210 -134.49 12.82 -32.25
N TYR Z 211 -135.25 13.16 -31.21
CA TYR Z 211 -134.74 13.90 -30.06
C TYR Z 211 -135.44 13.39 -28.81
N THR Z 212 -134.96 13.84 -27.65
CA THR Z 212 -135.62 13.57 -26.38
C THR Z 212 -135.82 14.88 -25.64
N GLN Z 213 -136.94 14.99 -24.94
CA GLN Z 213 -137.25 16.14 -24.10
C GLN Z 213 -137.64 15.65 -22.72
N VAL Z 214 -136.94 16.14 -21.70
CA VAL Z 214 -137.11 15.66 -20.34
C VAL Z 214 -137.85 16.70 -19.52
N TRP Z 215 -138.33 16.29 -18.35
CA TRP Z 215 -138.86 17.20 -17.34
C TRP Z 215 -138.57 16.54 -15.99
N SER Z 216 -137.44 16.91 -15.41
CA SER Z 216 -137.04 16.36 -14.13
C SER Z 216 -137.78 17.07 -12.99
N HIS Z 217 -137.69 16.48 -11.80
CA HIS Z 217 -138.16 17.08 -10.58
C HIS Z 217 -137.17 16.77 -9.48
N ASP Z 218 -137.09 17.65 -8.49
CA ASP Z 218 -136.19 17.43 -7.36
C ASP Z 218 -136.82 18.07 -6.13
N VAL Z 219 -137.56 17.27 -5.37
CA VAL Z 219 -138.23 17.72 -4.16
C VAL Z 219 -137.33 17.45 -2.97
N THR Z 220 -137.18 18.43 -2.09
CA THR Z 220 -136.42 18.29 -0.87
C THR Z 220 -137.38 18.42 0.31
N ILE Z 221 -137.48 17.36 1.11
CA ILE Z 221 -138.41 17.32 2.22
C ILE Z 221 -137.62 16.95 3.47
N VAL Z 222 -137.66 17.81 4.47
CA VAL Z 222 -137.00 17.51 5.73
C VAL Z 222 -137.86 16.53 6.54
N ALA Z 223 -137.21 15.72 7.37
CA ALA Z 223 -137.87 14.56 7.96
C ALA Z 223 -138.85 14.95 9.06
N ASN Z 224 -138.58 16.04 9.78
CA ASN Z 224 -139.43 16.47 10.88
C ASN Z 224 -140.46 17.52 10.47
N SER Z 225 -140.96 17.44 9.24
CA SER Z 225 -141.89 18.41 8.70
C SER Z 225 -143.28 18.28 9.35
N THR Z 226 -144.10 19.28 9.10
CA THR Z 226 -145.53 19.19 9.36
C THR Z 226 -146.19 18.57 8.14
N GLU Z 227 -147.37 17.97 8.34
CA GLU Z 227 -148.08 17.40 7.19
C GLU Z 227 -148.62 18.50 6.29
N ALA Z 228 -149.15 19.58 6.85
CA ALA Z 228 -149.61 20.69 6.04
C ALA Z 228 -148.47 21.51 5.46
N SER Z 229 -147.24 21.29 5.92
CA SER Z 229 -146.08 21.90 5.28
C SER Z 229 -145.73 21.18 3.97
N ARG Z 230 -145.86 19.85 3.96
CA ARG Z 230 -145.61 19.10 2.72
C ARG Z 230 -146.83 19.11 1.81
N LYS Z 231 -148.02 19.28 2.38
CA LYS Z 231 -149.23 19.31 1.57
C LYS Z 231 -149.34 20.63 0.81
N SER Z 232 -148.89 21.72 1.42
CA SER Z 232 -148.98 23.02 0.76
C SER Z 232 -147.89 23.18 -0.31
N LEU Z 233 -146.73 22.56 -0.12
CA LEU Z 233 -145.70 22.59 -1.14
C LEU Z 233 -146.11 21.83 -2.38
N TYR Z 234 -146.79 20.71 -2.20
CA TYR Z 234 -147.32 19.96 -3.34
C TYR Z 234 -148.44 20.75 -4.02
N ASP Z 235 -149.31 21.37 -3.23
CA ASP Z 235 -150.48 22.02 -3.79
C ASP Z 235 -150.14 23.35 -4.45
N LEU Z 236 -148.98 23.92 -4.15
CA LEU Z 236 -148.54 25.10 -4.89
C LEU Z 236 -147.88 24.72 -6.20
N THR Z 237 -147.08 23.67 -6.20
CA THR Z 237 -146.42 23.21 -7.42
C THR Z 237 -147.43 22.61 -8.40
N LYS Z 238 -148.47 21.94 -7.89
CA LYS Z 238 -149.57 21.51 -8.73
C LYS Z 238 -150.30 22.71 -9.33
N SER Z 239 -150.42 23.79 -8.57
CA SER Z 239 -151.04 25.01 -9.06
C SER Z 239 -150.09 25.87 -9.87
N LEU Z 240 -148.80 25.56 -9.86
CA LEU Z 240 -147.84 26.33 -10.65
C LEU Z 240 -147.77 25.80 -12.07
N VAL Z 241 -147.71 24.47 -12.22
CA VAL Z 241 -147.65 23.85 -13.54
C VAL Z 241 -148.95 24.08 -14.31
N ALA Z 242 -150.08 24.15 -13.61
CA ALA Z 242 -151.37 24.32 -14.26
C ALA Z 242 -151.65 25.75 -14.71
N THR Z 243 -150.74 26.70 -14.47
CA THR Z 243 -150.96 28.07 -14.92
C THR Z 243 -150.71 28.19 -16.41
N SER Z 244 -151.12 29.34 -16.95
CA SER Z 244 -150.94 29.60 -18.37
C SER Z 244 -149.59 30.23 -18.68
N GLN Z 245 -148.83 30.61 -17.66
CA GLN Z 245 -147.52 31.23 -17.90
C GLN Z 245 -146.43 30.18 -17.99
N VAL Z 246 -146.55 29.08 -17.25
CA VAL Z 246 -145.60 27.99 -17.35
C VAL Z 246 -145.93 27.11 -18.56
N GLU Z 247 -147.15 27.19 -19.08
CA GLU Z 247 -147.46 26.56 -20.36
C GLU Z 247 -146.70 27.25 -21.50
N ASP Z 248 -146.77 28.58 -21.54
CA ASP Z 248 -146.06 29.33 -22.57
C ASP Z 248 -144.56 29.38 -22.35
N LEU Z 249 -144.10 29.12 -21.13
CA LEU Z 249 -142.67 29.06 -20.88
C LEU Z 249 -142.05 27.82 -21.49
N VAL Z 250 -142.81 26.73 -21.59
CA VAL Z 250 -142.31 25.50 -22.19
C VAL Z 250 -142.62 25.46 -23.69
N VAL Z 251 -143.84 25.82 -24.07
CA VAL Z 251 -144.24 25.76 -25.47
C VAL Z 251 -143.57 26.87 -26.28
N ASN Z 252 -143.75 28.12 -25.86
CA ASN Z 252 -143.32 29.26 -26.66
C ASN Z 252 -142.12 30.01 -26.09
N LEU Z 253 -141.54 29.53 -24.99
CA LEU Z 253 -140.35 30.10 -24.34
C LEU Z 253 -140.54 31.55 -23.88
N VAL Z 254 -141.77 31.94 -23.60
CA VAL Z 254 -142.05 33.26 -23.05
C VAL Z 254 -141.72 33.24 -21.56
N PRO Z 255 -140.89 34.15 -21.06
CA PRO Z 255 -140.59 34.17 -19.63
C PRO Z 255 -141.81 34.52 -18.77
N LEU Z 256 -141.68 34.24 -17.48
CA LEU Z 256 -142.80 34.32 -16.56
C LEU Z 256 -143.12 35.76 -16.20
N GLY Z 257 -144.35 35.97 -15.73
CA GLY Z 257 -144.75 37.27 -15.21
C GLY Z 257 -145.44 38.17 -16.21
N ARG Z 258 -146.74 38.39 -16.04
CA ARG Z 258 -147.46 39.33 -16.87
C ARG Z 258 -147.99 40.49 -16.02
N SER AA 1 -145.23 -28.76 39.21
CA SER AA 1 -144.42 -27.57 39.46
C SER AA 1 -145.07 -26.34 38.86
N LYS AA 2 -144.29 -25.57 38.11
CA LYS AA 2 -144.76 -24.35 37.45
C LYS AA 2 -145.01 -24.66 35.98
N THR AA 3 -146.22 -24.36 35.51
CA THR AA 3 -146.68 -24.81 34.22
C THR AA 3 -147.08 -23.64 33.32
N ILE AA 4 -146.92 -23.84 32.01
CA ILE AA 4 -147.53 -23.02 30.98
C ILE AA 4 -148.46 -23.90 30.17
N VAL AA 5 -149.63 -23.36 29.80
CA VAL AA 5 -150.62 -24.11 29.04
C VAL AA 5 -150.74 -23.48 27.66
N LEU AA 6 -150.41 -24.25 26.63
CA LEU AA 6 -150.44 -23.80 25.25
C LEU AA 6 -151.56 -24.54 24.53
N SER AA 7 -152.77 -23.99 24.56
CA SER AA 7 -153.90 -24.62 23.92
C SER AA 7 -153.85 -24.39 22.41
N VAL AA 8 -153.99 -25.47 21.64
CA VAL AA 8 -153.80 -25.45 20.20
C VAL AA 8 -155.19 -25.73 19.62
N GLY AA 9 -156.21 -25.22 20.30
CA GLY AA 9 -157.59 -25.54 19.98
C GLY AA 9 -158.29 -25.97 21.25
N GLU AA 10 -158.72 -27.23 21.31
CA GLU AA 10 -159.11 -27.83 22.57
C GLU AA 10 -158.01 -28.73 23.15
N ALA AA 11 -157.02 -29.09 22.36
CA ALA AA 11 -155.88 -29.84 22.86
C ALA AA 11 -154.91 -28.89 23.57
N THR AA 12 -154.68 -29.14 24.85
CA THR AA 12 -153.80 -28.30 25.66
C THR AA 12 -152.51 -29.06 25.92
N ARG AA 13 -151.38 -28.41 25.69
CA ARG AA 13 -150.06 -29.02 25.85
C ARG AA 13 -149.34 -28.30 26.99
N THR AA 14 -149.25 -28.97 28.13
CA THR AA 14 -148.74 -28.36 29.36
C THR AA 14 -147.26 -28.65 29.52
N LEU AA 15 -146.45 -27.59 29.52
CA LEU AA 15 -145.03 -27.70 29.78
C LEU AA 15 -144.74 -27.43 31.25
N THR AA 16 -143.95 -28.31 31.87
CA THR AA 16 -143.58 -28.14 33.26
C THR AA 16 -142.13 -27.74 33.35
N GLU AA 17 -141.77 -27.07 34.44
CA GLU AA 17 -140.46 -26.46 34.58
C GLU AA 17 -139.43 -27.49 35.05
N ILE AA 18 -138.29 -27.52 34.37
CA ILE AA 18 -137.20 -28.43 34.73
C ILE AA 18 -135.95 -27.70 35.20
N GLN AA 19 -135.92 -26.36 35.15
CA GLN AA 19 -134.74 -25.61 35.55
C GLN AA 19 -135.16 -24.20 35.92
N SER AA 20 -134.49 -23.63 36.93
CA SER AA 20 -134.72 -22.25 37.32
C SER AA 20 -133.40 -21.69 37.85
N THR AA 21 -132.64 -21.05 36.97
CA THR AA 21 -131.43 -20.36 37.38
C THR AA 21 -131.78 -18.90 37.70
N ALA AA 22 -130.75 -18.04 37.79
CA ALA AA 22 -130.98 -16.63 38.05
C ALA AA 22 -131.68 -15.95 36.89
N ASP AA 23 -131.31 -16.32 35.66
CA ASP AA 23 -131.96 -15.77 34.48
C ASP AA 23 -132.64 -16.82 33.60
N ARG AA 24 -131.97 -17.95 33.32
CA ARG AA 24 -132.55 -18.95 32.45
C ARG AA 24 -133.63 -19.75 33.18
N GLN AA 25 -134.59 -20.25 32.40
CA GLN AA 25 -135.77 -20.88 32.98
C GLN AA 25 -136.34 -21.83 31.93
N ILE AA 26 -136.07 -23.12 32.08
CA ILE AA 26 -136.33 -24.11 31.04
C ILE AA 26 -137.61 -24.86 31.37
N PHE AA 27 -138.50 -24.97 30.39
CA PHE AA 27 -139.72 -25.75 30.51
C PHE AA 27 -139.65 -26.93 29.55
N GLU AA 28 -140.50 -27.93 29.79
CA GLU AA 28 -140.50 -29.13 28.97
C GLU AA 28 -141.84 -29.84 29.15
N GLU AA 29 -142.34 -30.41 28.06
CA GLU AA 29 -143.52 -31.27 28.11
C GLU AA 29 -143.10 -32.64 28.60
N LYS AA 30 -144.03 -33.35 29.25
CA LYS AA 30 -143.72 -34.62 29.87
C LYS AA 30 -144.45 -35.80 29.25
N VAL AA 31 -145.29 -35.57 28.25
CA VAL AA 31 -146.03 -36.66 27.61
C VAL AA 31 -145.21 -37.21 26.45
N GLY AA 32 -145.01 -38.52 26.43
CA GLY AA 32 -144.38 -39.19 25.32
C GLY AA 32 -143.04 -39.81 25.66
N PRO AA 33 -142.22 -40.06 24.64
CA PRO AA 33 -140.87 -40.60 24.88
C PRO AA 33 -139.94 -39.62 25.56
N LEU AA 34 -138.79 -40.08 26.01
CA LEU AA 34 -137.90 -39.29 26.84
C LEU AA 34 -136.80 -38.60 26.07
N VAL AA 35 -136.72 -38.79 24.75
CA VAL AA 35 -135.57 -38.30 24.00
C VAL AA 35 -135.91 -37.01 23.25
N GLY AA 36 -137.12 -36.86 22.74
CA GLY AA 36 -137.49 -35.63 22.06
C GLY AA 36 -138.79 -35.05 22.56
N ARG AA 37 -138.74 -33.88 23.17
CA ARG AA 37 -139.91 -33.22 23.71
C ARG AA 37 -139.84 -31.73 23.39
N LEU AA 38 -140.92 -31.01 23.69
CA LEU AA 38 -140.92 -29.56 23.58
C LEU AA 38 -139.96 -28.93 24.58
N ARG AA 39 -139.57 -27.70 24.29
CA ARG AA 39 -138.60 -27.00 25.10
C ARG AA 39 -138.90 -25.51 25.01
N LEU AA 40 -138.69 -24.80 26.11
CA LEU AA 40 -138.97 -23.37 26.16
C LEU AA 40 -137.99 -22.76 27.15
N THR AA 41 -136.91 -22.20 26.65
CA THR AA 41 -135.86 -21.65 27.50
C THR AA 41 -136.07 -20.14 27.57
N ALA AA 42 -136.92 -19.72 28.50
CA ALA AA 42 -137.13 -18.30 28.74
C ALA AA 42 -135.92 -17.68 29.44
N SER AA 43 -135.83 -16.37 29.36
CA SER AA 43 -134.70 -15.64 29.94
C SER AA 43 -135.11 -14.19 30.14
N LEU AA 44 -134.31 -13.48 30.92
CA LEU AA 44 -134.50 -12.05 31.16
C LEU AA 44 -133.19 -11.48 31.64
N ARG AA 45 -132.86 -10.28 31.18
CA ARG AA 45 -131.59 -9.64 31.48
C ARG AA 45 -131.82 -8.14 31.61
N GLN AA 46 -130.76 -7.42 31.98
CA GLN AA 46 -130.72 -5.97 31.83
C GLN AA 46 -129.27 -5.57 31.56
N ASN AA 47 -128.94 -5.45 30.27
CA ASN AA 47 -127.57 -5.22 29.84
C ASN AA 47 -127.25 -3.74 29.80
N GLY AA 48 -125.97 -3.43 29.99
CA GLY AA 48 -125.52 -2.06 29.98
C GLY AA 48 -125.64 -1.39 31.33
N ALA AA 49 -126.00 -0.11 31.35
CA ALA AA 49 -126.15 0.62 32.60
C ALA AA 49 -127.61 0.58 33.09
N LYS AA 50 -128.14 -0.65 33.13
CA LYS AA 50 -129.43 -0.99 33.75
C LYS AA 50 -130.60 -0.21 33.15
N THR AA 51 -130.52 0.13 31.86
CA THR AA 51 -131.53 0.97 31.24
C THR AA 51 -132.47 0.24 30.30
N ALA AA 52 -132.13 -0.99 29.88
CA ALA AA 52 -132.94 -1.72 28.92
C ALA AA 52 -132.91 -3.19 29.28
N TYR AA 53 -134.08 -3.83 29.24
CA TYR AA 53 -134.20 -5.26 29.48
C TYR AA 53 -134.09 -6.03 28.17
N ARG AA 54 -134.05 -7.36 28.28
CA ARG AA 54 -133.93 -8.20 27.09
C ARG AA 54 -134.61 -9.54 27.40
N VAL AA 55 -135.83 -9.70 26.91
CA VAL AA 55 -136.53 -10.96 26.99
C VAL AA 55 -136.10 -11.84 25.82
N ASN AA 56 -135.96 -13.14 26.07
CA ASN AA 56 -135.37 -14.04 25.07
C ASN AA 56 -136.00 -15.42 25.26
N LEU AA 57 -137.03 -15.72 24.47
CA LEU AA 57 -137.65 -17.04 24.45
C LEU AA 57 -137.08 -17.88 23.32
N LYS AA 58 -137.27 -19.20 23.41
CA LYS AA 58 -136.78 -20.12 22.40
C LYS AA 58 -137.61 -21.39 22.47
N LEU AA 59 -138.55 -21.55 21.55
CA LEU AA 59 -139.44 -22.70 21.52
C LEU AA 59 -138.88 -23.74 20.57
N ASP AA 60 -138.19 -24.74 21.11
CA ASP AA 60 -137.67 -25.84 20.30
C ASP AA 60 -138.78 -26.84 20.02
N GLN AA 61 -138.55 -27.67 19.00
CA GLN AA 61 -139.46 -28.75 18.67
C GLN AA 61 -138.70 -29.79 17.88
N ALA AA 62 -138.57 -30.99 18.44
CA ALA AA 62 -137.88 -32.10 17.78
C ALA AA 62 -138.91 -33.07 17.22
N ASP AA 63 -138.61 -33.63 16.04
CA ASP AA 63 -139.46 -34.65 15.43
C ASP AA 63 -138.83 -36.00 15.68
N VAL AA 64 -139.37 -36.72 16.65
CA VAL AA 64 -138.86 -38.02 17.03
C VAL AA 64 -139.62 -39.08 16.24
N VAL AA 65 -138.90 -40.13 15.83
CA VAL AA 65 -139.50 -41.26 15.11
C VAL AA 65 -138.99 -42.54 15.77
N ASP AA 66 -139.89 -43.50 15.97
CA ASP AA 66 -139.54 -44.80 16.53
C ASP AA 66 -140.17 -45.88 15.67
N CYS AA 67 -139.33 -46.68 15.04
CA CYS AA 67 -139.76 -47.76 14.15
C CYS AA 67 -139.08 -49.07 14.53
N SER AA 68 -139.16 -49.42 15.81
CA SER AA 68 -138.77 -50.75 16.25
C SER AA 68 -139.71 -51.83 15.72
N THR AA 69 -140.92 -51.45 15.29
CA THR AA 69 -141.82 -52.39 14.64
C THR AA 69 -141.27 -52.84 13.30
N SER AA 70 -140.72 -51.91 12.51
CA SER AA 70 -140.27 -52.25 11.17
C SER AA 70 -138.93 -52.98 11.20
N VAL AA 71 -137.88 -52.30 11.68
CA VAL AA 71 -136.58 -52.92 11.85
C VAL AA 71 -136.44 -53.34 13.32
N CYS AA 72 -135.98 -54.56 13.55
CA CYS AA 72 -135.94 -55.11 14.89
C CYS AA 72 -134.71 -54.65 15.64
N GLY AA 73 -134.93 -53.95 16.75
CA GLY AA 73 -133.86 -53.63 17.67
C GLY AA 73 -133.35 -52.21 17.66
N GLU AA 74 -134.13 -51.25 17.16
CA GLU AA 74 -133.73 -49.86 17.25
C GLU AA 74 -134.58 -49.14 18.29
N LEU AA 75 -134.11 -47.97 18.68
CA LEU AA 75 -134.69 -47.17 19.75
C LEU AA 75 -135.24 -45.89 19.16
N PRO AA 76 -136.08 -45.13 19.86
CA PRO AA 76 -136.52 -43.84 19.33
C PRO AA 76 -135.39 -42.84 19.19
N LYS AA 77 -135.54 -41.93 18.23
CA LYS AA 77 -134.46 -41.06 17.79
C LYS AA 77 -135.08 -39.86 17.08
N VAL AA 78 -134.45 -38.70 17.22
CA VAL AA 78 -134.94 -37.48 16.60
C VAL AA 78 -134.23 -37.29 15.26
N ARG AA 79 -134.95 -36.74 14.28
CA ARG AA 79 -134.33 -36.45 12.99
C ARG AA 79 -133.85 -35.01 12.92
N TYR AA 80 -134.76 -34.06 13.12
CA TYR AA 80 -134.48 -32.65 12.96
C TYR AA 80 -135.12 -31.88 14.10
N THR AA 81 -134.66 -30.64 14.28
CA THR AA 81 -135.23 -29.72 15.25
C THR AA 81 -135.58 -28.40 14.58
N GLN AA 82 -136.73 -27.85 14.92
CA GLN AA 82 -137.20 -26.58 14.38
C GLN AA 82 -137.53 -25.65 15.53
N VAL AA 83 -136.87 -24.50 15.57
CA VAL AA 83 -136.99 -23.58 16.69
C VAL AA 83 -137.77 -22.35 16.25
N TRP AA 84 -138.16 -21.54 17.22
CA TRP AA 84 -138.73 -20.22 16.97
C TRP AA 84 -138.27 -19.34 18.13
N SER AA 85 -137.17 -18.63 17.94
CA SER AA 85 -136.65 -17.76 18.97
C SER AA 85 -137.36 -16.41 18.95
N HIS AA 86 -137.26 -15.70 20.06
CA HIS AA 86 -137.77 -14.34 20.19
C HIS AA 86 -136.66 -13.50 20.81
N ASP AA 87 -136.72 -12.19 20.58
CA ASP AA 87 -135.75 -11.28 21.18
C ASP AA 87 -136.45 -9.94 21.38
N VAL AA 88 -137.00 -9.75 22.56
CA VAL AA 88 -137.73 -8.54 22.89
C VAL AA 88 -136.81 -7.59 23.63
N THR AA 89 -136.81 -6.32 23.21
CA THR AA 89 -135.99 -5.29 23.83
C THR AA 89 -136.92 -4.25 24.43
N ILE AA 90 -136.85 -4.09 25.75
CA ILE AA 90 -137.72 -3.18 26.48
C ILE AA 90 -136.84 -2.20 27.26
N VAL AA 91 -137.01 -0.92 26.99
CA VAL AA 91 -136.30 0.10 27.77
C VAL AA 91 -137.06 0.36 29.06
N ALA AA 92 -136.31 0.66 30.13
CA ALA AA 92 -136.84 0.53 31.48
C ALA AA 92 -137.78 1.65 31.86
N ASN AA 93 -137.60 2.85 31.29
CA ASN AA 93 -138.44 4.00 31.62
C ASN AA 93 -139.60 4.17 30.66
N SER AA 94 -140.15 3.07 30.17
CA SER AA 94 -141.19 3.12 29.15
C SER AA 94 -142.53 3.54 29.74
N THR AA 95 -143.46 3.82 28.85
CA THR AA 95 -144.87 3.95 29.20
C THR AA 95 -145.49 2.56 29.18
N GLU AA 96 -146.48 2.34 30.04
CA GLU AA 96 -147.13 1.04 30.07
C GLU AA 96 -147.97 0.78 28.83
N ALA AA 97 -148.48 1.85 28.19
CA ALA AA 97 -149.17 1.68 26.92
C ALA AA 97 -148.20 1.43 25.78
N SER AA 98 -146.92 1.78 25.95
CA SER AA 98 -145.92 1.48 24.93
C SER AA 98 -145.59 0.00 24.92
N ARG AA 99 -145.43 -0.60 26.10
CA ARG AA 99 -145.14 -2.02 26.20
C ARG AA 99 -146.36 -2.88 25.87
N LYS AA 100 -147.56 -2.37 26.10
CA LYS AA 100 -148.76 -3.12 25.77
C LYS AA 100 -149.01 -3.11 24.26
N SER AA 101 -148.72 -1.99 23.60
CA SER AA 101 -148.94 -1.91 22.16
C SER AA 101 -147.94 -2.75 21.40
N LEU AA 102 -146.70 -2.85 21.89
CA LEU AA 102 -145.70 -3.70 21.26
C LEU AA 102 -146.10 -5.17 21.37
N TYR AA 103 -146.69 -5.56 22.50
CA TYR AA 103 -147.19 -6.92 22.63
C TYR AA 103 -148.42 -7.14 21.77
N ASP AA 104 -149.31 -6.14 21.67
CA ASP AA 104 -150.53 -6.30 20.90
C ASP AA 104 -150.30 -6.30 19.40
N LEU AA 105 -149.17 -5.76 18.93
CA LEU AA 105 -148.87 -5.82 17.51
C LEU AA 105 -148.23 -7.15 17.14
N THR AA 106 -147.37 -7.69 18.01
CA THR AA 106 -146.74 -8.97 17.71
C THR AA 106 -147.71 -10.12 17.90
N LYS AA 107 -148.65 -10.00 18.83
CA LYS AA 107 -149.69 -11.00 19.01
C LYS AA 107 -150.59 -11.07 17.78
N SER AA 108 -150.80 -9.92 17.11
CA SER AA 108 -151.56 -9.89 15.89
C SER AA 108 -150.72 -10.12 14.64
N LEU AA 109 -149.39 -9.97 14.75
CA LEU AA 109 -148.52 -10.29 13.63
C LEU AA 109 -148.46 -11.78 13.41
N VAL AA 110 -148.27 -12.55 14.49
CA VAL AA 110 -148.17 -14.00 14.37
C VAL AA 110 -149.52 -14.60 14.01
N ALA AA 111 -150.62 -13.97 14.42
CA ALA AA 111 -151.94 -14.53 14.20
C ALA AA 111 -152.50 -14.23 12.80
N THR AA 112 -151.74 -13.60 11.92
CA THR AA 112 -152.26 -13.30 10.59
C THR AA 112 -151.97 -14.45 9.63
N SER AA 113 -152.65 -14.41 8.48
CA SER AA 113 -152.52 -15.47 7.49
C SER AA 113 -151.31 -15.30 6.59
N GLN AA 114 -150.57 -14.19 6.72
CA GLN AA 114 -149.40 -13.98 5.88
C GLN AA 114 -148.13 -14.50 6.53
N VAL AA 115 -148.04 -14.44 7.86
CA VAL AA 115 -146.90 -15.02 8.56
C VAL AA 115 -147.06 -16.53 8.64
N GLU AA 116 -148.31 -17.02 8.64
CA GLU AA 116 -148.55 -18.46 8.63
C GLU AA 116 -148.03 -19.10 7.36
N ASP AA 117 -148.32 -18.50 6.20
CA ASP AA 117 -147.81 -19.02 4.94
C ASP AA 117 -146.32 -18.79 4.76
N LEU AA 118 -145.72 -17.89 5.54
CA LEU AA 118 -144.29 -17.65 5.44
C LEU AA 118 -143.47 -18.76 6.06
N VAL AA 119 -143.98 -19.40 7.10
CA VAL AA 119 -143.22 -20.45 7.77
C VAL AA 119 -143.69 -21.83 7.31
N VAL AA 120 -144.97 -21.96 6.96
CA VAL AA 120 -145.47 -23.26 6.53
C VAL AA 120 -145.14 -23.50 5.07
N ASN AA 121 -145.60 -22.63 4.16
CA ASN AA 121 -145.44 -22.83 2.73
C ASN AA 121 -144.40 -21.93 2.11
N LEU AA 122 -143.64 -21.18 2.93
CA LEU AA 122 -142.50 -20.35 2.53
C LEU AA 122 -142.88 -19.24 1.54
N VAL AA 123 -144.12 -18.80 1.57
CA VAL AA 123 -144.58 -17.71 0.69
C VAL AA 123 -144.11 -16.38 1.27
N PRO AA 124 -143.56 -15.47 0.47
CA PRO AA 124 -143.11 -14.18 1.02
C PRO AA 124 -144.27 -13.30 1.46
N LEU AA 125 -143.91 -12.21 2.13
CA LEU AA 125 -144.87 -11.37 2.81
C LEU AA 125 -145.49 -10.35 1.87
N GLY AA 126 -146.69 -9.88 2.23
CA GLY AA 126 -147.36 -8.84 1.48
C GLY AA 126 -148.25 -9.36 0.38
N ARG AA 127 -149.53 -8.99 0.42
CA ARG AA 127 -150.47 -9.30 -0.65
C ARG AA 127 -151.13 -8.00 -1.08
N ALA AA 128 -151.00 -7.66 -2.35
CA ALA AA 128 -151.53 -6.40 -2.87
C ALA AA 128 -153.01 -6.57 -3.19
N TYR AA 129 -153.87 -6.00 -2.35
CA TYR AA 129 -155.31 -6.00 -2.56
C TYR AA 129 -155.72 -4.58 -2.95
N GLY AA 130 -155.61 -4.28 -4.24
CA GLY AA 130 -155.94 -2.95 -4.75
C GLY AA 130 -155.01 -1.87 -4.27
N GLY AA 131 -153.74 -1.92 -4.68
CA GLY AA 131 -152.78 -0.93 -4.26
C GLY AA 131 -151.39 -1.48 -4.10
N SER AA 132 -150.75 -1.19 -2.97
CA SER AA 132 -149.40 -1.68 -2.71
C SER AA 132 -149.46 -3.00 -1.94
N LYS AA 133 -148.29 -3.62 -1.78
CA LYS AA 133 -148.18 -4.82 -0.97
C LYS AA 133 -148.28 -4.43 0.51
N THR AA 134 -149.35 -4.86 1.16
CA THR AA 134 -149.66 -4.40 2.51
C THR AA 134 -149.86 -5.57 3.46
N ILE AA 135 -149.61 -5.30 4.74
CA ILE AA 135 -149.95 -6.21 5.82
C ILE AA 135 -150.87 -5.45 6.76
N VAL AA 136 -151.98 -6.06 7.15
CA VAL AA 136 -152.92 -5.47 8.09
C VAL AA 136 -152.71 -6.11 9.44
N LEU AA 137 -152.45 -5.29 10.46
CA LEU AA 137 -152.22 -5.76 11.82
C LEU AA 137 -153.34 -5.20 12.69
N SER AA 138 -154.46 -5.92 12.77
CA SER AA 138 -155.61 -5.44 13.49
C SER AA 138 -155.42 -5.64 15.00
N VAL AA 139 -155.75 -4.61 15.76
CA VAL AA 139 -155.58 -4.61 17.22
C VAL AA 139 -157.00 -4.58 17.80
N GLY AA 140 -157.93 -5.22 17.12
CA GLY AA 140 -159.33 -5.14 17.48
C GLY AA 140 -160.13 -4.53 16.34
N GLU AA 141 -160.62 -3.31 16.55
CA GLU AA 141 -161.19 -2.53 15.47
C GLU AA 141 -160.20 -1.55 14.86
N ALA AA 142 -159.11 -1.25 15.57
CA ALA AA 142 -158.04 -0.44 15.00
C ALA AA 142 -157.14 -1.31 14.15
N THR AA 143 -157.03 -0.97 12.86
CA THR AA 143 -156.20 -1.70 11.92
C THR AA 143 -155.05 -0.81 11.50
N ARG AA 144 -153.82 -1.35 11.55
CA ARG AA 144 -152.62 -0.60 11.22
C ARG AA 144 -151.99 -1.23 9.99
N THR AA 145 -152.15 -0.58 8.84
CA THR AA 145 -151.77 -1.14 7.55
C THR AA 145 -150.35 -0.71 7.20
N LEU AA 146 -149.44 -1.67 7.10
CA LEU AA 146 -148.05 -1.38 6.75
C LEU AA 146 -147.79 -1.66 5.28
N THR AA 147 -147.35 -0.63 4.56
CA THR AA 147 -147.11 -0.73 3.12
C THR AA 147 -145.63 -0.96 2.86
N GLU AA 148 -145.34 -1.76 1.84
CA GLU AA 148 -143.97 -2.15 1.53
C GLU AA 148 -143.22 -1.00 0.88
N ILE AA 149 -142.01 -0.73 1.38
CA ILE AA 149 -141.21 0.38 0.87
C ILE AA 149 -139.98 -0.08 0.11
N GLN AA 150 -139.53 -1.33 0.29
CA GLN AA 150 -138.30 -1.80 -0.32
C GLN AA 150 -138.28 -3.32 -0.28
N SER AA 151 -138.05 -3.95 -1.43
CA SER AA 151 -137.93 -5.40 -1.52
C SER AA 151 -136.59 -5.72 -2.17
N THR AA 152 -135.56 -5.84 -1.34
CA THR AA 152 -134.23 -6.20 -1.81
C THR AA 152 -134.21 -7.71 -1.99
N ALA AA 153 -133.11 -8.28 -2.49
CA ALA AA 153 -133.03 -9.72 -2.69
C ALA AA 153 -132.97 -10.47 -1.36
N ASP AA 154 -132.51 -9.80 -0.30
CA ASP AA 154 -132.48 -10.39 1.03
C ASP AA 154 -133.59 -9.85 1.92
N ARG AA 155 -133.69 -8.53 2.08
CA ARG AA 155 -134.64 -7.96 3.01
C ARG AA 155 -135.97 -7.68 2.33
N GLN AA 156 -136.97 -7.37 3.15
CA GLN AA 156 -138.29 -6.96 2.66
C GLN AA 156 -138.89 -6.05 3.73
N ILE AA 157 -138.73 -4.75 3.55
CA ILE AA 157 -139.03 -3.77 4.59
C ILE AA 157 -140.45 -3.24 4.39
N PHE AA 158 -141.25 -3.29 5.44
CA PHE AA 158 -142.57 -2.70 5.48
C PHE AA 158 -142.56 -1.52 6.44
N GLU AA 159 -143.53 -0.63 6.28
CA GLU AA 159 -143.59 0.56 7.12
C GLU AA 159 -145.00 1.15 7.04
N GLU AA 160 -145.49 1.67 8.16
CA GLU AA 160 -146.74 2.40 8.18
C GLU AA 160 -146.53 3.78 7.58
N LYS AA 161 -147.62 4.38 7.11
CA LYS AA 161 -147.53 5.66 6.41
C LYS AA 161 -148.33 6.78 7.05
N VAL AA 162 -149.14 6.48 8.05
CA VAL AA 162 -149.94 7.50 8.71
C VAL AA 162 -149.13 8.15 9.83
N GLY AA 163 -149.04 9.48 9.81
CA GLY AA 163 -148.41 10.22 10.88
C GLY AA 163 -147.14 10.92 10.46
N PRO AA 164 -146.31 11.30 11.44
CA PRO AA 164 -145.04 11.97 11.12
C PRO AA 164 -144.05 11.02 10.49
N LEU AA 165 -142.99 11.60 9.94
CA LEU AA 165 -142.00 10.83 9.20
C LEU AA 165 -140.82 10.38 10.05
N VAL AA 166 -140.72 10.86 11.29
CA VAL AA 166 -139.55 10.52 12.10
C VAL AA 166 -139.71 9.17 12.80
N GLY AA 167 -140.91 8.84 13.26
CA GLY AA 167 -141.12 7.57 13.92
C GLY AA 167 -142.32 6.83 13.38
N ARG AA 168 -142.08 5.67 12.79
CA ARG AA 168 -143.14 4.85 12.21
C ARG AA 168 -142.85 3.39 12.49
N LEU AA 169 -143.88 2.55 12.32
CA LEU AA 169 -143.72 1.12 12.48
C LEU AA 169 -142.83 0.56 11.39
N ARG AA 170 -142.13 -0.53 11.70
CA ARG AA 170 -141.23 -1.17 10.76
C ARG AA 170 -141.47 -2.66 10.80
N LEU AA 171 -141.11 -3.34 9.70
CA LEU AA 171 -141.21 -4.79 9.63
C LEU AA 171 -140.19 -5.23 8.59
N THR AA 172 -139.03 -5.70 9.04
CA THR AA 172 -137.97 -6.12 8.13
C THR AA 172 -137.92 -7.63 8.13
N ALA AA 173 -138.69 -8.25 7.25
CA ALA AA 173 -138.64 -9.69 7.09
C ALA AA 173 -137.42 -10.10 6.28
N SER AA 174 -137.08 -11.38 6.36
CA SER AA 174 -135.93 -11.92 5.62
C SER AA 174 -136.15 -13.41 5.42
N LEU AA 175 -135.27 -14.01 4.63
CA LEU AA 175 -135.32 -15.44 4.33
C LEU AA 175 -133.97 -15.84 3.78
N ARG AA 176 -133.34 -16.83 4.42
CA ARG AA 176 -132.02 -17.30 4.01
C ARG AA 176 -132.04 -18.82 3.94
N GLN AA 177 -130.93 -19.38 3.49
CA GLN AA 177 -130.64 -20.81 3.66
C GLN AA 177 -129.13 -20.98 3.71
N ASN AA 178 -128.62 -21.38 4.88
CA ASN AA 178 -127.19 -21.50 5.10
C ASN AA 178 -126.78 -22.96 5.10
N GLY AA 179 -125.62 -23.23 4.50
CA GLY AA 179 -125.10 -24.58 4.42
C GLY AA 179 -125.38 -25.21 3.09
N ALA AA 180 -125.60 -26.53 3.08
CA ALA AA 180 -125.85 -27.25 1.84
C ALA AA 180 -127.35 -27.35 1.53
N LYS AA 181 -128.01 -26.18 1.55
CA LYS AA 181 -129.41 -26.01 1.15
C LYS AA 181 -130.37 -26.89 1.96
N THR AA 182 -130.07 -27.09 3.24
CA THR AA 182 -130.82 -28.02 4.06
C THR AA 182 -131.70 -27.37 5.11
N ALA AA 183 -131.48 -26.10 5.42
CA ALA AA 183 -132.27 -25.45 6.47
C ALA AA 183 -132.50 -23.99 6.10
N TYR AA 184 -133.72 -23.53 6.28
CA TYR AA 184 -134.09 -22.15 6.01
C TYR AA 184 -133.93 -21.31 7.27
N ARG AA 185 -134.12 -20.00 7.14
CA ARG AA 185 -134.01 -19.10 8.28
C ARG AA 185 -134.93 -17.90 8.04
N VAL AA 186 -136.11 -17.94 8.62
CA VAL AA 186 -137.02 -16.80 8.59
C VAL AA 186 -136.65 -15.84 9.71
N ASN AA 187 -136.79 -14.54 9.45
CA ASN AA 187 -136.31 -13.54 10.41
C ASN AA 187 -137.20 -12.31 10.31
N LEU AA 188 -138.21 -12.22 11.18
CA LEU AA 188 -139.04 -11.03 11.29
C LEU AA 188 -138.52 -10.13 12.40
N LYS AA 189 -138.83 -8.84 12.30
CA LYS AA 189 -138.38 -7.85 13.27
C LYS AA 189 -139.28 -6.64 13.18
N LEU AA 190 -139.90 -6.26 14.30
CA LEU AA 190 -140.87 -5.17 14.33
C LEU AA 190 -140.37 -4.09 15.29
N ASP AA 191 -139.95 -2.96 14.73
CA ASP AA 191 -139.52 -1.81 15.52
C ASP AA 191 -140.71 -0.89 15.76
N GLN AA 192 -140.80 -0.38 16.98
CA GLN AA 192 -141.84 0.58 17.33
C GLN AA 192 -141.20 1.70 18.14
N ALA AA 193 -141.10 2.88 17.55
CA ALA AA 193 -140.50 4.04 18.19
C ALA AA 193 -141.60 4.92 18.78
N ASP AA 194 -141.31 5.51 19.94
CA ASP AA 194 -142.26 6.38 20.62
C ASP AA 194 -141.94 7.84 20.26
N VAL AA 195 -142.81 8.46 19.48
CA VAL AA 195 -142.64 9.83 19.05
C VAL AA 195 -143.53 10.72 19.91
N VAL AA 196 -143.03 11.89 20.29
CA VAL AA 196 -143.76 12.84 21.10
C VAL AA 196 -143.42 14.25 20.63
N ASP AA 197 -144.40 15.14 20.67
CA ASP AA 197 -144.17 16.55 20.41
C ASP AA 197 -144.93 17.41 21.40
N CYS AA 198 -144.37 18.57 21.71
CA CYS AA 198 -145.01 19.55 22.57
C CYS AA 198 -144.97 20.95 21.98
N SER AA 199 -145.38 21.07 20.70
CA SER AA 199 -145.52 22.38 20.08
C SER AA 199 -146.65 23.19 20.71
N THR AA 200 -147.61 22.52 21.37
CA THR AA 200 -148.59 23.24 22.17
C THR AA 200 -148.00 23.74 23.47
N SER AA 201 -146.86 23.18 23.89
CA SER AA 201 -146.21 23.60 25.14
C SER AA 201 -145.00 24.48 24.90
N VAL AA 202 -144.00 24.00 24.15
CA VAL AA 202 -142.81 24.76 23.81
C VAL AA 202 -142.83 25.03 22.31
N CYS AA 203 -142.66 26.29 21.93
CA CYS AA 203 -142.72 26.68 20.53
C CYS AA 203 -141.50 26.21 19.75
N GLY AA 204 -141.71 26.03 18.45
CA GLY AA 204 -140.63 25.69 17.54
C GLY AA 204 -140.06 24.31 17.72
N GLU AA 205 -140.79 23.40 18.35
CA GLU AA 205 -140.31 22.06 18.61
C GLU AA 205 -141.06 21.10 17.70
N LEU AA 206 -140.31 20.41 16.85
CA LEU AA 206 -140.83 19.41 15.94
C LEU AA 206 -140.81 18.04 16.61
N PRO AA 207 -141.62 17.08 16.12
CA PRO AA 207 -141.64 15.75 16.74
C PRO AA 207 -140.31 15.02 16.64
N LYS AA 208 -140.07 14.18 17.64
CA LYS AA 208 -138.83 13.41 17.74
C LYS AA 208 -139.12 12.13 18.50
N VAL AA 209 -138.25 11.14 18.33
CA VAL AA 209 -138.42 9.84 18.96
C VAL AA 209 -137.74 9.84 20.32
N ARG AA 210 -138.31 9.07 21.25
CA ARG AA 210 -137.71 8.90 22.56
C ARG AA 210 -136.84 7.65 22.62
N TYR AA 211 -137.46 6.50 22.38
CA TYR AA 211 -136.81 5.20 22.46
C TYR AA 211 -137.40 4.30 21.37
N THR AA 212 -136.79 3.13 21.18
CA THR AA 212 -137.34 2.12 20.29
C THR AA 212 -137.43 0.80 21.05
N GLN AA 213 -138.46 0.02 20.75
CA GLN AA 213 -138.65 -1.29 21.36
C GLN AA 213 -138.83 -2.32 20.25
N VAL AA 214 -138.04 -3.39 20.32
CA VAL AA 214 -137.94 -4.37 19.25
C VAL AA 214 -138.59 -5.67 19.71
N TRP AA 215 -139.20 -6.38 18.76
CA TRP AA 215 -139.61 -7.77 18.97
C TRP AA 215 -139.20 -8.53 17.71
N SER AA 216 -138.02 -9.12 17.75
CA SER AA 216 -137.52 -9.91 16.63
C SER AA 216 -138.00 -11.35 16.73
N HIS AA 217 -137.84 -12.07 15.62
CA HIS AA 217 -138.10 -13.50 15.58
C HIS AA 217 -136.98 -14.15 14.77
N ASP AA 218 -136.77 -15.44 15.00
CA ASP AA 218 -135.75 -16.18 14.26
C ASP AA 218 -136.20 -17.64 14.18
N VAL AA 219 -136.83 -17.99 13.06
CA VAL AA 219 -137.39 -19.31 12.85
C VAL AA 219 -136.40 -20.13 12.05
N THR AA 220 -136.12 -21.34 12.50
CA THR AA 220 -135.25 -22.27 11.78
C THR AA 220 -136.09 -23.43 11.28
N ILE AA 221 -136.12 -23.62 9.97
CA ILE AA 221 -136.93 -24.65 9.33
C ILE AA 221 -136.02 -25.46 8.42
N VAL AA 222 -135.96 -26.76 8.63
CA VAL AA 222 -135.19 -27.64 7.77
C VAL AA 222 -135.97 -27.91 6.50
N ALA AA 223 -135.26 -28.19 5.41
CA ALA AA 223 -135.86 -28.18 4.08
C ALA AA 223 -136.74 -29.41 3.84
N ASN AA 224 -136.37 -30.56 4.41
CA ASN AA 224 -137.09 -31.80 4.19
C ASN AA 224 -138.14 -32.09 5.26
N SER AA 225 -138.76 -31.04 5.80
CA SER AA 225 -139.70 -31.17 6.90
C SER AA 225 -141.01 -31.79 6.45
N THR AA 226 -141.82 -32.17 7.43
CA THR AA 226 -143.21 -32.52 7.21
C THR AA 226 -144.02 -31.21 7.28
N GLU AA 227 -145.14 -31.16 6.56
CA GLU AA 227 -145.98 -29.97 6.62
C GLU AA 227 -146.62 -29.80 7.99
N ALA AA 228 -147.07 -30.89 8.60
CA ALA AA 228 -147.62 -30.81 9.96
C ALA AA 228 -146.54 -30.59 11.01
N SER AA 229 -145.27 -30.75 10.66
CA SER AA 229 -144.20 -30.39 11.58
C SER AA 229 -143.95 -28.88 11.56
N ARG AA 230 -144.12 -28.25 10.41
CA ARG AA 230 -144.00 -26.79 10.34
C ARG AA 230 -145.29 -26.11 10.79
N LYS AA 231 -146.43 -26.77 10.61
CA LYS AA 231 -147.71 -26.18 10.99
C LYS AA 231 -147.88 -26.21 12.51
N SER AA 232 -147.41 -27.27 13.17
CA SER AA 232 -147.55 -27.35 14.62
C SER AA 232 -146.55 -26.45 15.33
N LEU AA 233 -145.40 -26.19 14.72
CA LEU AA 233 -144.46 -25.24 15.30
C LEU AA 233 -145.00 -23.83 15.27
N TYR AA 234 -145.66 -23.44 14.18
CA TYR AA 234 -146.29 -22.14 14.09
C TYR AA 234 -147.47 -22.03 15.05
N ASP AA 235 -148.29 -23.08 15.12
CA ASP AA 235 -149.52 -23.03 15.90
C ASP AA 235 -149.24 -23.12 17.40
N LEU AA 236 -148.06 -23.61 17.80
CA LEU AA 236 -147.66 -23.54 19.20
C LEU AA 236 -147.14 -22.15 19.55
N THR AA 237 -146.38 -21.53 18.64
CA THR AA 237 -145.87 -20.19 18.90
C THR AA 237 -146.97 -19.15 18.83
N LYS AA 238 -147.98 -19.37 18.00
CA LYS AA 238 -149.16 -18.49 17.98
C LYS AA 238 -149.93 -18.59 19.29
N SER AA 239 -149.98 -19.79 19.86
CA SER AA 239 -150.64 -19.99 21.15
C SER AA 239 -149.75 -19.63 22.33
N LEU AA 240 -148.45 -19.45 22.11
CA LEU AA 240 -147.56 -19.05 23.20
C LEU AA 240 -147.63 -17.55 23.43
N VAL AA 241 -147.61 -16.77 22.34
CA VAL AA 241 -147.68 -15.32 22.44
C VAL AA 241 -149.05 -14.88 22.97
N ALA AA 242 -150.10 -15.64 22.67
CA ALA AA 242 -151.44 -15.28 23.09
C ALA AA 242 -151.75 -15.63 24.54
N THR AA 243 -150.79 -16.16 25.29
CA THR AA 243 -151.03 -16.49 26.69
C THR AA 243 -150.97 -15.25 27.56
N SER AA 244 -151.40 -15.40 28.81
CA SER AA 244 -151.37 -14.31 29.77
C SER AA 244 -150.03 -14.20 30.49
N GLN AA 245 -149.14 -15.18 30.32
CA GLN AA 245 -147.87 -15.14 31.02
C GLN AA 245 -146.80 -14.42 30.21
N VAL AA 246 -146.83 -14.57 28.89
CA VAL AA 246 -145.92 -13.83 28.03
C VAL AA 246 -146.38 -12.38 27.88
N GLU AA 247 -147.64 -12.09 28.18
CA GLU AA 247 -148.09 -10.71 28.29
C GLU AA 247 -147.43 -10.02 29.46
N ASP AA 248 -147.49 -10.62 30.65
CA ASP AA 248 -146.87 -10.04 31.83
C ASP AA 248 -145.36 -10.13 31.81
N LEU AA 249 -144.79 -11.02 30.99
CA LEU AA 249 -143.34 -11.05 30.83
C LEU AA 249 -142.83 -9.83 30.08
N VAL AA 250 -143.63 -9.31 29.16
CA VAL AA 250 -143.24 -8.12 28.40
C VAL AA 250 -143.70 -6.84 29.09
N VAL AA 251 -144.94 -6.82 29.58
CA VAL AA 251 -145.47 -5.61 30.18
C VAL AA 251 -144.90 -5.38 31.58
N ASN AA 252 -145.00 -6.38 32.46
CA ASN AA 252 -144.62 -6.22 33.85
C ASN AA 252 -143.38 -7.00 34.26
N LEU AA 253 -142.71 -7.66 33.31
CA LEU AA 253 -141.45 -8.39 33.52
C LEU AA 253 -141.57 -9.53 34.55
N VAL AA 254 -142.75 -10.11 34.68
CA VAL AA 254 -142.94 -11.28 35.53
C VAL AA 254 -142.40 -12.50 34.79
N PRO AA 255 -141.52 -13.29 35.38
CA PRO AA 255 -141.05 -14.52 34.73
C PRO AA 255 -142.17 -15.54 34.56
N LEU AA 256 -141.92 -16.50 33.66
CA LEU AA 256 -142.95 -17.43 33.23
C LEU AA 256 -143.20 -18.51 34.28
N GLY AA 257 -144.33 -19.19 34.14
CA GLY AA 257 -144.67 -20.30 34.99
C GLY AA 257 -145.47 -19.93 36.21
N ARG AA 258 -146.67 -20.49 36.34
CA ARG AA 258 -147.49 -20.31 37.52
C ARG AA 258 -147.94 -21.65 38.08
N SER BA 1 -105.04 109.08 -54.08
CA SER BA 1 -103.75 108.88 -54.72
C SER BA 1 -103.84 107.78 -55.79
N LYS BA 2 -103.45 106.58 -55.42
CA LYS BA 2 -103.46 105.44 -56.33
C LYS BA 2 -104.74 104.63 -56.11
N THR BA 3 -105.56 104.52 -57.15
CA THR BA 3 -106.91 104.00 -57.01
C THR BA 3 -107.20 102.91 -58.02
N ILE BA 4 -108.05 101.97 -57.61
CA ILE BA 4 -108.75 101.06 -58.51
C ILE BA 4 -110.23 101.30 -58.35
N VAL BA 5 -110.93 101.46 -59.48
CA VAL BA 5 -112.36 101.75 -59.47
C VAL BA 5 -113.09 100.50 -59.94
N LEU BA 6 -113.98 99.98 -59.09
CA LEU BA 6 -114.77 98.79 -59.38
C LEU BA 6 -116.22 99.21 -59.56
N SER BA 7 -116.69 99.25 -60.81
CA SER BA 7 -118.06 99.62 -61.09
C SER BA 7 -118.96 98.39 -61.02
N VAL BA 8 -120.04 98.50 -60.26
CA VAL BA 8 -120.96 97.39 -60.02
C VAL BA 8 -122.26 97.79 -60.71
N GLY BA 9 -122.12 98.47 -61.85
CA GLY BA 9 -123.26 99.01 -62.55
C GLY BA 9 -123.11 100.52 -62.68
N GLU BA 10 -123.98 101.26 -61.99
CA GLU BA 10 -123.83 102.70 -61.88
C GLU BA 10 -123.12 103.13 -60.61
N ALA BA 11 -123.01 102.24 -59.63
CA ALA BA 11 -122.29 102.56 -58.40
C ALA BA 11 -120.84 102.10 -58.52
N THR BA 12 -119.92 103.00 -58.17
CA THR BA 12 -118.49 102.72 -58.23
C THR BA 12 -117.94 102.70 -56.81
N ARG BA 13 -117.15 101.67 -56.50
CA ARG BA 13 -116.52 101.53 -55.19
C ARG BA 13 -115.03 101.72 -55.37
N THR BA 14 -114.53 102.90 -55.02
CA THR BA 14 -113.15 103.28 -55.27
C THR BA 14 -112.26 102.83 -54.12
N LEU BA 15 -111.38 101.88 -54.40
CA LEU BA 15 -110.35 101.46 -53.45
C LEU BA 15 -109.14 102.36 -53.57
N THR BA 16 -108.48 102.62 -52.43
CA THR BA 16 -107.25 103.41 -52.43
C THR BA 16 -106.14 102.59 -51.81
N GLU BA 17 -104.92 102.86 -52.24
CA GLU BA 17 -103.76 102.12 -51.77
C GLU BA 17 -103.33 102.63 -50.40
N ILE BA 18 -103.16 101.70 -49.45
CA ILE BA 18 -102.80 102.06 -48.09
C ILE BA 18 -101.43 101.54 -47.67
N GLN BA 19 -100.83 100.63 -48.43
CA GLN BA 19 -99.56 100.02 -48.05
C GLN BA 19 -98.90 99.44 -49.29
N SER BA 20 -97.60 99.65 -49.43
CA SER BA 20 -96.88 99.19 -50.61
C SER BA 20 -95.52 98.67 -50.16
N THR BA 21 -95.36 97.36 -50.20
CA THR BA 21 -94.09 96.70 -49.92
C THR BA 21 -93.36 96.59 -51.26
N ALA BA 22 -92.30 95.79 -51.35
CA ALA BA 22 -91.61 95.55 -52.61
C ALA BA 22 -92.52 94.89 -53.64
N ASP BA 23 -93.15 93.78 -53.27
CA ASP BA 23 -94.08 93.08 -54.13
C ASP BA 23 -95.52 93.15 -53.66
N ARG BA 24 -95.77 93.01 -52.37
CA ARG BA 24 -97.12 93.07 -51.84
C ARG BA 24 -97.66 94.49 -51.88
N GLN BA 25 -98.97 94.62 -52.08
CA GLN BA 25 -99.57 95.92 -52.36
C GLN BA 25 -101.03 95.85 -51.92
N ILE BA 26 -101.36 96.58 -50.84
CA ILE BA 26 -102.66 96.46 -50.19
C ILE BA 26 -103.50 97.68 -50.50
N PHE BA 27 -104.68 97.45 -51.07
CA PHE BA 27 -105.67 98.50 -51.32
C PHE BA 27 -106.80 98.38 -50.30
N GLU BA 28 -107.57 99.44 -50.16
CA GLU BA 28 -108.66 99.48 -49.19
C GLU BA 28 -109.64 100.57 -49.58
N GLU BA 29 -110.90 100.35 -49.25
CA GLU BA 29 -111.94 101.35 -49.45
C GLU BA 29 -112.10 102.19 -48.19
N LYS BA 30 -111.92 103.50 -48.35
CA LYS BA 30 -111.87 104.41 -47.20
C LYS BA 30 -113.23 104.96 -46.80
N VAL BA 31 -114.32 104.28 -47.13
CA VAL BA 31 -115.65 104.76 -46.78
C VAL BA 31 -116.21 103.93 -45.63
N GLY BA 32 -116.62 104.60 -44.56
CA GLY BA 32 -117.28 103.95 -43.46
C GLY BA 32 -116.41 103.81 -42.23
N PRO BA 33 -116.79 102.92 -41.30
CA PRO BA 33 -115.99 102.71 -40.10
C PRO BA 33 -114.67 102.00 -40.37
N LEU BA 34 -113.85 101.86 -39.34
CA LEU BA 34 -112.51 101.32 -39.47
C LEU BA 34 -112.42 99.81 -39.31
N VAL BA 35 -113.51 99.15 -38.90
CA VAL BA 35 -113.40 97.76 -38.48
C VAL BA 35 -113.45 96.79 -39.64
N GLY BA 36 -114.34 96.97 -40.61
CA GLY BA 36 -114.36 96.08 -41.76
C GLY BA 36 -114.55 96.83 -43.06
N ARG BA 37 -113.56 96.74 -43.94
CA ARG BA 37 -113.58 97.43 -45.22
C ARG BA 37 -113.20 96.45 -46.32
N LEU BA 38 -113.46 96.85 -47.56
CA LEU BA 38 -112.97 96.09 -48.70
C LEU BA 38 -111.44 96.09 -48.73
N ARG BA 39 -110.89 94.99 -49.19
CA ARG BA 39 -109.45 94.79 -49.17
C ARG BA 39 -109.04 94.16 -50.48
N LEU BA 40 -107.84 94.50 -50.94
CA LEU BA 40 -107.34 93.95 -52.21
C LEU BA 40 -105.82 93.86 -52.06
N THR BA 41 -105.31 92.64 -51.98
CA THR BA 41 -103.90 92.40 -51.73
C THR BA 41 -103.28 91.81 -53.00
N ALA BA 42 -102.72 92.68 -53.82
CA ALA BA 42 -102.00 92.22 -55.01
C ALA BA 42 -100.59 91.80 -54.64
N SER BA 43 -100.01 90.95 -55.49
CA SER BA 43 -98.65 90.49 -55.30
C SER BA 43 -98.08 90.10 -56.66
N LEU BA 44 -96.76 89.99 -56.72
CA LEU BA 44 -96.07 89.55 -57.93
C LEU BA 44 -94.69 89.07 -57.54
N ARG BA 45 -94.40 87.80 -57.80
CA ARG BA 45 -93.12 87.21 -57.46
C ARG BA 45 -92.51 86.61 -58.73
N GLN BA 46 -91.37 85.94 -58.56
CA GLN BA 46 -90.85 85.05 -59.59
C GLN BA 46 -90.11 83.91 -58.89
N ASN BA 47 -90.72 82.73 -58.92
CA ASN BA 47 -90.22 81.58 -58.17
C ASN BA 47 -89.23 80.78 -58.99
N GLY BA 48 -88.21 80.27 -58.31
CA GLY BA 48 -87.23 79.40 -58.93
C GLY BA 48 -86.09 80.16 -59.58
N ALA BA 49 -85.67 79.69 -60.76
CA ALA BA 49 -84.52 80.29 -61.45
C ALA BA 49 -85.00 81.34 -62.47
N LYS BA 50 -85.81 82.28 -61.96
CA LYS BA 50 -86.29 83.46 -62.69
C LYS BA 50 -87.03 83.11 -63.97
N THR BA 51 -87.80 82.02 -63.96
CA THR BA 51 -88.42 81.52 -65.17
C THR BA 51 -89.94 81.64 -65.20
N ALA BA 52 -90.58 81.91 -64.07
CA ALA BA 52 -92.04 81.96 -64.03
C ALA BA 52 -92.47 82.95 -62.95
N TYR BA 53 -93.39 83.84 -63.31
CA TYR BA 53 -93.95 84.80 -62.38
C TYR BA 53 -95.18 84.22 -61.69
N ARG BA 54 -95.66 84.92 -60.66
CA ARG BA 54 -96.78 84.44 -59.87
C ARG BA 54 -97.56 85.65 -59.37
N VAL BA 55 -98.64 85.98 -60.06
CA VAL BA 55 -99.54 87.04 -59.62
C VAL BA 55 -100.55 86.45 -58.64
N ASN BA 56 -100.89 87.21 -57.60
CA ASN BA 56 -101.72 86.67 -56.53
C ASN BA 56 -102.61 87.81 -56.01
N LEU BA 57 -103.84 87.87 -56.52
CA LEU BA 57 -104.83 88.80 -55.98
C LEU BA 57 -105.67 88.12 -54.92
N LYS BA 58 -106.25 88.94 -54.04
CA LYS BA 58 -107.10 88.43 -52.95
C LYS BA 58 -108.02 89.56 -52.54
N LEU BA 59 -109.31 89.39 -52.79
CA LEU BA 59 -110.32 90.40 -52.48
C LEU BA 59 -111.11 89.95 -51.26
N ASP BA 60 -110.87 90.59 -50.13
CA ASP BA 60 -111.63 90.29 -48.93
C ASP BA 60 -112.92 91.10 -48.92
N GLN BA 61 -113.89 90.63 -48.13
CA GLN BA 61 -115.12 91.39 -47.92
C GLN BA 61 -115.70 90.99 -46.58
N ALA BA 62 -115.69 91.92 -45.64
CA ALA BA 62 -116.24 91.70 -44.31
C ALA BA 62 -117.65 92.27 -44.25
N ASP BA 63 -118.55 91.54 -43.60
CA ASP BA 63 -119.93 91.98 -43.45
C ASP BA 63 -120.08 92.60 -42.06
N VAL BA 64 -120.07 93.92 -42.01
CA VAL BA 64 -120.22 94.63 -40.75
C VAL BA 64 -121.68 94.99 -40.54
N VAL BA 65 -122.03 95.18 -39.28
CA VAL BA 65 -123.37 95.62 -38.90
C VAL BA 65 -123.22 96.50 -37.66
N ASP BA 66 -123.90 97.64 -37.66
CA ASP BA 66 -123.81 98.60 -36.56
C ASP BA 66 -125.13 98.56 -35.82
N CYS BA 67 -125.13 97.90 -34.66
CA CYS BA 67 -126.34 97.62 -33.92
C CYS BA 67 -126.46 98.54 -32.71
N SER BA 68 -125.95 99.76 -32.85
CA SER BA 68 -125.94 100.70 -31.72
C SER BA 68 -127.29 101.33 -31.48
N THR BA 69 -128.15 101.43 -32.49
CA THR BA 69 -129.44 102.08 -32.31
C THR BA 69 -130.44 101.17 -31.61
N SER BA 70 -130.49 99.90 -32.01
CA SER BA 70 -131.40 98.97 -31.37
C SER BA 70 -130.88 98.53 -30.00
N VAL BA 71 -129.71 97.89 -29.98
CA VAL BA 71 -129.08 97.48 -28.73
C VAL BA 71 -128.23 98.65 -28.25
N CYS BA 72 -128.46 99.10 -27.03
CA CYS BA 72 -127.77 100.26 -26.51
C CYS BA 72 -126.36 99.87 -26.06
N GLY BA 73 -125.37 100.62 -26.55
CA GLY BA 73 -124.03 100.52 -26.02
C GLY BA 73 -123.12 99.51 -26.67
N GLU BA 74 -123.29 99.21 -27.95
CA GLU BA 74 -122.38 98.29 -28.63
C GLU BA 74 -121.95 98.86 -29.97
N LEU BA 75 -120.85 98.33 -30.48
CA LEU BA 75 -120.07 98.89 -31.57
C LEU BA 75 -120.28 98.06 -32.83
N PRO BA 76 -119.91 98.57 -34.02
CA PRO BA 76 -119.92 97.73 -35.21
C PRO BA 76 -118.92 96.59 -35.12
N LYS BA 77 -119.27 95.47 -35.75
CA LYS BA 77 -118.49 94.25 -35.64
C LYS BA 77 -118.60 93.47 -36.93
N VAL BA 78 -117.61 92.62 -37.19
CA VAL BA 78 -117.58 91.79 -38.39
C VAL BA 78 -118.25 90.46 -38.08
N ARG BA 79 -119.33 90.15 -38.81
CA ARG BA 79 -119.99 88.87 -38.62
C ARG BA 79 -119.20 87.75 -39.30
N TYR BA 80 -118.87 87.93 -40.58
CA TYR BA 80 -118.16 86.93 -41.35
C TYR BA 80 -117.32 87.60 -42.42
N THR BA 81 -116.50 86.79 -43.10
CA THR BA 81 -115.59 87.28 -44.12
C THR BA 81 -115.60 86.30 -45.29
N GLN BA 82 -115.80 86.82 -46.50
CA GLN BA 82 -115.82 86.03 -47.71
C GLN BA 82 -114.77 86.56 -48.67
N VAL BA 83 -113.87 85.69 -49.12
CA VAL BA 83 -112.76 86.09 -49.96
C VAL BA 83 -112.93 85.49 -51.35
N TRP BA 84 -112.19 86.04 -52.32
CA TRP BA 84 -112.07 85.45 -53.65
C TRP BA 84 -110.63 85.69 -54.08
N SER BA 85 -109.81 84.64 -54.00
CA SER BA 85 -108.41 84.77 -54.36
C SER BA 85 -108.21 84.44 -55.83
N HIS BA 86 -107.03 84.80 -56.33
CA HIS BA 86 -106.57 84.39 -57.64
C HIS BA 86 -105.11 83.99 -57.52
N ASP BA 87 -104.65 83.12 -58.42
CA ASP BA 87 -103.26 82.68 -58.43
C ASP BA 87 -102.90 82.37 -59.88
N VAL BA 88 -102.31 83.35 -60.54
CA VAL BA 88 -101.95 83.24 -61.95
C VAL BA 88 -100.50 82.81 -62.05
N THR BA 89 -100.21 81.87 -62.94
CA THR BA 89 -98.85 81.44 -63.22
C THR BA 89 -98.51 81.85 -64.65
N ILE BA 90 -97.48 82.68 -64.80
CA ILE BA 90 -97.04 83.19 -66.09
C ILE BA 90 -95.58 82.82 -66.26
N VAL BA 91 -95.27 82.07 -67.31
CA VAL BA 91 -93.88 81.75 -67.61
C VAL BA 91 -93.24 82.93 -68.33
N ALA BA 92 -91.94 83.12 -68.12
CA ALA BA 92 -91.29 84.38 -68.45
C ALA BA 92 -91.10 84.57 -69.95
N ASN BA 93 -90.85 83.48 -70.69
CA ASN BA 93 -90.60 83.57 -72.12
C ASN BA 93 -91.86 83.38 -72.95
N SER BA 94 -92.99 83.82 -72.44
CA SER BA 94 -94.29 83.62 -73.08
C SER BA 94 -94.43 84.46 -74.35
N THR BA 95 -95.54 84.24 -75.03
CA THR BA 95 -96.01 85.13 -76.09
C THR BA 95 -97.07 86.04 -75.47
N GLU BA 96 -97.14 87.28 -75.98
CA GLU BA 96 -98.14 88.22 -75.47
C GLU BA 96 -99.56 87.75 -75.79
N ALA BA 97 -99.75 87.09 -76.94
CA ALA BA 97 -101.06 86.54 -77.25
C ALA BA 97 -101.39 85.32 -76.41
N SER BA 98 -100.38 84.68 -75.80
CA SER BA 98 -100.64 83.60 -74.87
C SER BA 98 -101.16 84.15 -73.55
N ARG BA 99 -100.59 85.25 -73.09
CA ARG BA 99 -101.06 85.91 -71.88
C ARG BA 99 -102.39 86.61 -72.09
N LYS BA 100 -102.63 87.17 -73.29
CA LYS BA 100 -103.88 87.86 -73.55
C LYS BA 100 -105.04 86.88 -73.66
N SER BA 101 -104.79 85.70 -74.25
CA SER BA 101 -105.87 84.72 -74.41
C SER BA 101 -106.23 84.06 -73.08
N LEU BA 102 -105.24 83.90 -72.19
CA LEU BA 102 -105.53 83.35 -70.87
C LEU BA 102 -106.36 84.33 -70.04
N TYR BA 103 -106.08 85.62 -70.17
CA TYR BA 103 -106.87 86.62 -69.47
C TYR BA 103 -108.26 86.74 -70.08
N ASP BA 104 -108.37 86.62 -71.40
CA ASP BA 104 -109.65 86.77 -72.07
C ASP BA 104 -110.59 85.60 -71.80
N LEU BA 105 -110.06 84.42 -71.49
CA LEU BA 105 -110.91 83.30 -71.10
C LEU BA 105 -111.38 83.45 -69.67
N THR BA 106 -110.50 83.87 -68.76
CA THR BA 106 -110.87 84.05 -67.37
C THR BA 106 -111.79 85.24 -67.17
N LYS BA 107 -111.65 86.28 -67.98
CA LYS BA 107 -112.59 87.40 -67.96
C LYS BA 107 -113.99 86.95 -68.38
N SER BA 108 -114.05 86.02 -69.32
CA SER BA 108 -115.34 85.49 -69.78
C SER BA 108 -115.82 84.32 -68.95
N LEU BA 109 -114.94 83.65 -68.20
CA LEU BA 109 -115.38 82.58 -67.33
C LEU BA 109 -116.10 83.14 -66.11
N VAL BA 110 -115.57 84.20 -65.52
CA VAL BA 110 -116.23 84.80 -64.37
C VAL BA 110 -117.53 85.49 -64.80
N ALA BA 111 -117.55 86.08 -65.97
CA ALA BA 111 -118.70 86.86 -66.43
C ALA BA 111 -119.87 86.00 -66.89
N THR BA 112 -119.77 84.68 -66.88
CA THR BA 112 -120.87 83.84 -67.33
C THR BA 112 -121.86 83.62 -66.19
N SER BA 113 -123.04 83.11 -66.55
CA SER BA 113 -124.10 82.90 -65.56
C SER BA 113 -124.05 81.53 -64.91
N GLN BA 114 -123.04 80.71 -65.21
CA GLN BA 114 -122.90 79.43 -64.53
C GLN BA 114 -121.96 79.53 -63.34
N VAL BA 115 -120.95 80.39 -63.43
CA VAL BA 115 -120.07 80.63 -62.28
C VAL BA 115 -120.74 81.60 -61.32
N GLU BA 116 -121.73 82.37 -61.80
CA GLU BA 116 -122.53 83.20 -60.91
C GLU BA 116 -123.35 82.34 -59.95
N ASP BA 117 -124.04 81.34 -60.49
CA ASP BA 117 -124.85 80.46 -59.64
C ASP BA 117 -123.99 79.50 -58.82
N LEU BA 118 -122.71 79.33 -59.17
CA LEU BA 118 -121.85 78.46 -58.39
C LEU BA 118 -121.43 79.08 -57.07
N VAL BA 119 -121.29 80.40 -57.00
CA VAL BA 119 -120.84 81.06 -55.79
C VAL BA 119 -122.02 81.66 -55.03
N VAL BA 120 -123.11 81.96 -55.74
CA VAL BA 120 -124.27 82.54 -55.09
C VAL BA 120 -125.22 81.46 -54.60
N ASN BA 121 -125.55 80.50 -55.46
CA ASN BA 121 -126.55 79.49 -55.15
C ASN BA 121 -125.95 78.09 -55.00
N LEU BA 122 -124.63 77.95 -55.17
CA LEU BA 122 -123.84 76.76 -54.87
C LEU BA 122 -124.21 75.56 -55.74
N VAL BA 123 -124.78 75.77 -56.92
CA VAL BA 123 -125.06 74.67 -57.84
C VAL BA 123 -123.88 74.51 -58.80
N PRO BA 124 -123.53 73.28 -59.20
CA PRO BA 124 -122.28 73.08 -59.94
C PRO BA 124 -122.38 73.55 -61.38
N LEU BA 125 -121.25 73.44 -62.08
CA LEU BA 125 -121.09 73.95 -63.43
C LEU BA 125 -121.63 72.97 -64.46
N GLY BA 126 -121.81 73.47 -65.67
CA GLY BA 126 -122.26 72.63 -66.77
C GLY BA 126 -123.76 72.55 -66.90
N ARG BA 127 -124.26 72.79 -68.10
CA ARG BA 127 -125.69 72.69 -68.38
C ARG BA 127 -125.86 71.93 -69.69
N ALA BA 128 -126.69 70.89 -69.67
CA ALA BA 128 -126.87 70.01 -70.82
C ALA BA 128 -127.98 70.54 -71.70
N TYR BA 129 -127.63 71.03 -72.89
CA TYR BA 129 -128.60 71.45 -73.90
C TYR BA 129 -128.16 70.88 -75.25
N GLY BA 130 -128.75 69.74 -75.61
CA GLY BA 130 -128.45 69.08 -76.86
C GLY BA 130 -127.13 68.31 -76.83
N GLY BA 131 -127.03 67.33 -75.94
CA GLY BA 131 -125.81 66.55 -75.83
C GLY BA 131 -125.33 66.40 -74.40
N SER BA 132 -124.14 66.91 -74.12
CA SER BA 132 -123.58 66.87 -72.77
C SER BA 132 -123.62 68.26 -72.14
N LYS BA 133 -123.06 68.35 -70.93
CA LYS BA 133 -123.04 69.59 -70.19
C LYS BA 133 -121.84 70.44 -70.64
N THR BA 134 -122.11 71.67 -71.07
CA THR BA 134 -121.10 72.53 -71.65
C THR BA 134 -121.07 73.90 -70.98
N ILE BA 135 -119.89 74.54 -71.04
CA ILE BA 135 -119.73 75.95 -70.71
C ILE BA 135 -119.22 76.65 -71.96
N VAL BA 136 -119.85 77.76 -72.31
CA VAL BA 136 -119.48 78.53 -73.50
C VAL BA 136 -118.70 79.76 -73.06
N LEU BA 137 -117.44 79.84 -73.48
CA LEU BA 137 -116.55 80.95 -73.12
C LEU BA 137 -116.33 81.81 -74.36
N SER BA 138 -117.15 82.84 -74.51
CA SER BA 138 -117.03 83.74 -75.66
C SER BA 138 -115.85 84.68 -75.47
N VAL BA 139 -115.02 84.80 -76.50
CA VAL BA 139 -113.80 85.59 -76.46
C VAL BA 139 -114.07 86.74 -77.44
N GLY BA 140 -115.32 87.18 -77.49
CA GLY BA 140 -115.77 88.10 -78.50
C GLY BA 140 -116.94 87.50 -79.24
N GLU BA 141 -116.73 87.13 -80.50
CA GLU BA 141 -117.68 86.29 -81.22
C GLU BA 141 -117.22 84.84 -81.31
N ALA BA 142 -115.93 84.58 -81.12
CA ALA BA 142 -115.43 83.22 -81.13
C ALA BA 142 -115.70 82.57 -79.78
N THR BA 143 -116.44 81.46 -79.80
CA THR BA 143 -116.88 80.78 -78.59
C THR BA 143 -116.15 79.45 -78.46
N ARG BA 144 -115.30 79.34 -77.44
CA ARG BA 144 -114.58 78.10 -77.16
C ARG BA 144 -115.41 77.30 -76.16
N THR BA 145 -116.09 76.27 -76.65
CA THR BA 145 -117.03 75.50 -75.84
C THR BA 145 -116.31 74.34 -75.18
N LEU BA 146 -116.20 74.37 -73.86
CA LEU BA 146 -115.70 73.24 -73.09
C LEU BA 146 -116.82 72.26 -72.84
N THR BA 147 -116.50 70.96 -72.90
CA THR BA 147 -117.45 69.91 -72.60
C THR BA 147 -116.97 69.14 -71.39
N GLU BA 148 -117.91 68.72 -70.55
CA GLU BA 148 -117.57 68.00 -69.33
C GLU BA 148 -117.14 66.58 -69.65
N ILE BA 149 -115.96 66.20 -69.17
CA ILE BA 149 -115.44 64.86 -69.40
C ILE BA 149 -115.42 64.01 -68.13
N GLN BA 150 -115.71 64.58 -66.97
CA GLN BA 150 -115.60 63.83 -65.73
C GLN BA 150 -116.49 64.48 -64.68
N SER BA 151 -117.04 63.66 -63.78
CA SER BA 151 -117.83 64.14 -62.66
C SER BA 151 -117.51 63.24 -61.47
N THR BA 152 -116.57 63.68 -60.65
CA THR BA 152 -116.14 62.94 -59.46
C THR BA 152 -117.11 63.31 -58.32
N ALA BA 153 -116.74 63.01 -57.08
CA ALA BA 153 -117.60 63.34 -55.94
C ALA BA 153 -117.73 64.85 -55.76
N ASP BA 154 -116.62 65.58 -55.76
CA ASP BA 154 -116.63 67.03 -55.72
C ASP BA 154 -116.06 67.65 -56.98
N ARG BA 155 -115.02 67.03 -57.56
CA ARG BA 155 -114.35 67.54 -58.73
C ARG BA 155 -115.24 67.46 -59.97
N GLN BA 156 -114.91 68.27 -60.97
CA GLN BA 156 -115.71 68.35 -62.19
C GLN BA 156 -114.78 68.89 -63.28
N ILE BA 157 -114.31 68.00 -64.15
CA ILE BA 157 -113.28 68.34 -65.12
C ILE BA 157 -113.93 68.57 -66.48
N PHE BA 158 -113.74 69.77 -67.03
CA PHE BA 158 -114.18 70.14 -68.36
C PHE BA 158 -112.99 70.15 -69.30
N GLU BA 159 -113.26 70.02 -70.59
CA GLU BA 159 -112.18 70.00 -71.58
C GLU BA 159 -112.73 70.37 -72.94
N GLU BA 160 -111.93 71.10 -73.70
CA GLU BA 160 -112.25 71.38 -75.10
C GLU BA 160 -111.76 70.24 -75.97
N LYS BA 161 -112.59 69.86 -76.96
CA LYS BA 161 -112.35 68.67 -77.74
C LYS BA 161 -111.71 68.95 -79.10
N VAL BA 162 -111.49 70.20 -79.45
CA VAL BA 162 -110.91 70.53 -80.75
C VAL BA 162 -109.39 70.49 -80.64
N GLY BA 163 -108.75 69.78 -81.56
CA GLY BA 163 -107.32 69.75 -81.67
C GLY BA 163 -106.69 68.48 -81.13
N PRO BA 164 -105.38 68.53 -80.90
CA PRO BA 164 -104.66 67.33 -80.44
C PRO BA 164 -104.97 66.98 -78.99
N LEU BA 165 -104.50 65.82 -78.59
CA LEU BA 165 -104.72 65.29 -77.25
C LEU BA 165 -103.72 65.80 -76.23
N VAL BA 166 -102.60 66.38 -76.68
CA VAL BA 166 -101.52 66.67 -75.75
C VAL BA 166 -101.78 67.96 -74.95
N GLY BA 167 -102.28 69.01 -75.59
CA GLY BA 167 -102.55 70.24 -74.88
C GLY BA 167 -103.93 70.78 -75.19
N ARG BA 168 -104.80 70.83 -74.18
CA ARG BA 168 -106.16 71.29 -74.34
C ARG BA 168 -106.53 72.17 -73.17
N LEU BA 169 -107.62 72.92 -73.32
CA LEU BA 169 -108.16 73.68 -72.21
C LEU BA 169 -108.72 72.74 -71.15
N ARG BA 170 -108.36 73.00 -69.90
CA ARG BA 170 -108.89 72.24 -68.79
C ARG BA 170 -109.57 73.19 -67.82
N LEU BA 171 -110.51 72.65 -67.05
CA LEU BA 171 -111.25 73.45 -66.08
C LEU BA 171 -111.73 72.50 -64.99
N THR BA 172 -111.04 72.49 -63.86
CA THR BA 172 -111.33 71.57 -62.77
C THR BA 172 -112.02 72.34 -61.66
N ALA BA 173 -113.34 72.41 -61.73
CA ALA BA 173 -114.11 73.00 -60.64
C ALA BA 173 -114.15 72.07 -59.44
N SER BA 174 -114.52 72.62 -58.29
CA SER BA 174 -114.61 71.86 -57.06
C SER BA 174 -115.60 72.55 -56.12
N LEU BA 175 -115.99 71.84 -55.07
CA LEU BA 175 -116.90 72.37 -54.07
C LEU BA 175 -116.77 71.51 -52.82
N ARG BA 176 -116.46 72.13 -51.69
CA ARG BA 176 -116.26 71.41 -50.45
C ARG BA 176 -117.02 72.13 -49.34
N GLN BA 177 -116.93 71.57 -48.14
CA GLN BA 177 -117.29 72.32 -46.92
C GLN BA 177 -116.42 71.79 -45.79
N ASN BA 178 -115.52 72.63 -45.31
CA ASN BA 178 -114.53 72.23 -44.32
C ASN BA 178 -115.06 72.39 -42.91
N GLY BA 179 -114.78 71.39 -42.08
CA GLY BA 179 -115.10 71.46 -40.66
C GLY BA 179 -116.53 71.05 -40.34
N ALA BA 180 -117.17 71.81 -39.46
CA ALA BA 180 -118.52 71.49 -38.99
C ALA BA 180 -119.58 72.19 -39.82
N LYS BA 181 -119.50 72.03 -41.15
CA LYS BA 181 -120.47 72.54 -42.12
C LYS BA 181 -120.65 74.05 -42.02
N THR BA 182 -119.58 74.78 -41.74
CA THR BA 182 -119.68 76.21 -41.49
C THR BA 182 -119.22 77.09 -42.64
N ALA BA 183 -118.47 76.55 -43.60
CA ALA BA 183 -117.94 77.36 -44.68
C ALA BA 183 -117.66 76.48 -45.89
N TYR BA 184 -118.09 76.94 -47.06
CA TYR BA 184 -117.84 76.25 -48.31
C TYR BA 184 -116.50 76.73 -48.89
N ARG BA 185 -116.07 76.08 -49.97
CA ARG BA 185 -114.82 76.47 -50.63
C ARG BA 185 -114.91 76.07 -52.09
N VAL BA 186 -115.17 77.05 -52.95
CA VAL BA 186 -115.20 76.83 -54.40
C VAL BA 186 -113.78 77.01 -54.93
N ASN BA 187 -113.39 76.18 -55.90
CA ASN BA 187 -112.01 76.18 -56.36
C ASN BA 187 -111.99 75.87 -57.85
N LEU BA 188 -111.92 76.91 -58.67
CA LEU BA 188 -111.74 76.76 -60.11
C LEU BA 188 -110.27 76.82 -60.49
N LYS BA 189 -109.95 76.28 -61.66
CA LYS BA 189 -108.59 76.26 -62.16
C LYS BA 189 -108.63 76.05 -63.66
N LEU BA 190 -108.16 77.02 -64.43
CA LEU BA 190 -108.19 76.97 -65.89
C LEU BA 190 -106.75 76.83 -66.39
N ASP BA 191 -106.45 75.69 -66.99
CA ASP BA 191 -105.14 75.46 -67.58
C ASP BA 191 -105.18 75.80 -69.06
N GLN BA 192 -104.07 76.31 -69.58
CA GLN BA 192 -103.96 76.63 -71.00
C GLN BA 192 -102.54 76.35 -71.46
N ALA BA 193 -102.33 75.17 -72.02
CA ALA BA 193 -101.04 74.77 -72.54
C ALA BA 193 -100.89 75.28 -73.97
N ASP BA 194 -99.70 75.76 -74.31
CA ASP BA 194 -99.43 76.31 -75.63
C ASP BA 194 -98.79 75.23 -76.49
N VAL BA 195 -99.59 74.66 -77.39
CA VAL BA 195 -99.13 73.60 -78.29
C VAL BA 195 -98.77 74.25 -79.61
N VAL BA 196 -97.71 73.73 -80.25
CA VAL BA 196 -97.25 74.24 -81.53
C VAL BA 196 -96.94 73.04 -82.43
N ASP BA 197 -97.08 73.25 -83.74
CA ASP BA 197 -96.79 72.22 -84.73
C ASP BA 197 -95.68 72.67 -85.66
N CYS BA 198 -94.69 71.81 -85.83
CA CYS BA 198 -93.53 72.11 -86.66
C CYS BA 198 -93.59 71.34 -87.97
N SER BA 199 -94.79 70.99 -88.42
CA SER BA 199 -94.97 70.13 -89.57
C SER BA 199 -94.60 70.81 -90.88
N THR BA 200 -94.79 72.14 -90.98
CA THR BA 200 -94.44 72.83 -92.21
C THR BA 200 -92.95 73.08 -92.32
N SER BA 201 -92.22 73.02 -91.20
CA SER BA 201 -90.78 73.17 -91.20
C SER BA 201 -90.06 71.83 -91.16
N VAL BA 202 -90.44 70.95 -90.24
CA VAL BA 202 -89.91 69.60 -90.15
C VAL BA 202 -91.02 68.63 -90.51
N CYS BA 203 -90.83 67.90 -91.61
CA CYS BA 203 -91.87 66.98 -92.08
C CYS BA 203 -92.01 65.78 -91.15
N GLY BA 204 -93.26 65.37 -90.92
CA GLY BA 204 -93.54 64.26 -90.05
C GLY BA 204 -93.32 64.54 -88.57
N GLU BA 205 -93.59 65.77 -88.13
CA GLU BA 205 -93.39 66.18 -86.75
C GLU BA 205 -94.76 66.31 -86.08
N LEU BA 206 -94.92 65.67 -84.93
CA LEU BA 206 -96.16 65.71 -84.19
C LEU BA 206 -96.17 66.90 -83.22
N PRO BA 207 -97.35 67.44 -82.92
CA PRO BA 207 -97.40 68.63 -82.05
C PRO BA 207 -97.02 68.31 -80.61
N LYS BA 208 -96.55 69.35 -79.92
CA LYS BA 208 -96.10 69.22 -78.54
C LYS BA 208 -96.31 70.54 -77.83
N VAL BA 209 -96.35 70.49 -76.50
CA VAL BA 209 -96.55 71.68 -75.68
C VAL BA 209 -95.21 72.19 -75.21
N ARG BA 210 -95.07 73.51 -75.14
CA ARG BA 210 -93.79 74.09 -74.73
C ARG BA 210 -93.87 74.67 -73.32
N TYR BA 211 -95.01 75.23 -72.94
CA TYR BA 211 -95.23 75.67 -71.56
C TYR BA 211 -96.70 75.53 -71.22
N THR BA 212 -97.05 75.91 -69.99
CA THR BA 212 -98.44 75.98 -69.56
C THR BA 212 -98.63 77.15 -68.61
N GLN BA 213 -99.83 77.71 -68.61
CA GLN BA 213 -100.16 78.89 -67.81
C GLN BA 213 -101.54 78.71 -67.20
N VAL BA 214 -101.64 78.85 -65.88
CA VAL BA 214 -102.87 78.58 -65.16
C VAL BA 214 -103.44 79.88 -64.62
N TRP BA 215 -104.70 79.82 -64.18
CA TRP BA 215 -105.35 80.92 -63.45
C TRP BA 215 -106.31 80.25 -62.48
N SER BA 216 -105.85 80.03 -61.26
CA SER BA 216 -106.68 79.39 -60.25
C SER BA 216 -107.60 80.41 -59.59
N HIS BA 217 -108.65 79.90 -58.96
CA HIS BA 217 -109.54 80.70 -58.14
C HIS BA 217 -109.72 79.97 -56.81
N ASP BA 218 -109.99 80.75 -55.76
CA ASP BA 218 -110.19 80.15 -54.44
C ASP BA 218 -111.22 81.00 -53.70
N VAL BA 219 -112.48 80.61 -53.82
CA VAL BA 219 -113.59 81.35 -53.23
C VAL BA 219 -113.90 80.72 -51.88
N THR BA 220 -114.07 81.56 -50.86
CA THR BA 220 -114.49 81.13 -49.54
C THR BA 220 -115.87 81.68 -49.27
N ILE BA 221 -116.82 80.80 -48.97
CA ILE BA 221 -118.21 81.16 -48.75
C ILE BA 221 -118.62 80.59 -47.41
N VAL BA 222 -119.03 81.43 -46.49
CA VAL BA 222 -119.51 80.95 -45.20
C VAL BA 222 -120.99 80.62 -45.31
N ALA BA 223 -121.42 79.64 -44.51
CA ALA BA 223 -122.70 78.97 -44.76
C ALA BA 223 -123.89 79.82 -44.35
N ASN BA 224 -123.77 80.60 -43.27
CA ASN BA 224 -124.89 81.41 -42.78
C ASN BA 224 -124.90 82.80 -43.38
N SER BA 225 -124.45 82.95 -44.63
CA SER BA 225 -124.34 84.22 -45.31
C SER BA 225 -125.70 84.80 -45.65
N THR BA 226 -125.67 86.02 -46.15
CA THR BA 226 -126.80 86.61 -46.85
C THR BA 226 -126.58 86.34 -48.34
N GLU BA 227 -127.67 86.10 -49.07
CA GLU BA 227 -127.55 85.91 -50.51
C GLU BA 227 -127.13 87.21 -51.21
N ALA BA 228 -127.47 88.36 -50.63
CA ALA BA 228 -126.98 89.62 -51.15
C ALA BA 228 -125.50 89.84 -50.86
N SER BA 229 -124.94 89.10 -49.89
CA SER BA 229 -123.52 89.23 -49.60
C SER BA 229 -122.68 88.33 -50.50
N ARG BA 230 -123.25 87.22 -50.98
CA ARG BA 230 -122.55 86.40 -51.95
C ARG BA 230 -122.69 86.97 -53.36
N LYS BA 231 -123.81 87.63 -53.64
CA LYS BA 231 -123.97 88.32 -54.92
C LYS BA 231 -123.03 89.50 -55.02
N SER BA 232 -122.78 90.18 -53.90
CA SER BA 232 -121.89 91.35 -53.91
C SER BA 232 -120.43 90.94 -54.05
N LEU BA 233 -120.05 89.78 -53.54
CA LEU BA 233 -118.68 89.31 -53.70
C LEU BA 233 -118.40 88.88 -55.13
N TYR BA 234 -119.38 88.26 -55.78
CA TYR BA 234 -119.23 87.86 -57.17
C TYR BA 234 -119.19 89.09 -58.08
N ASP BA 235 -120.04 90.07 -57.81
CA ASP BA 235 -120.15 91.27 -58.64
C ASP BA 235 -118.91 92.14 -58.59
N LEU BA 236 -118.16 92.11 -57.49
CA LEU BA 236 -116.91 92.86 -57.43
C LEU BA 236 -115.80 92.14 -58.17
N THR BA 237 -115.73 90.81 -58.03
CA THR BA 237 -114.70 90.03 -58.72
C THR BA 237 -114.99 89.96 -60.22
N LYS BA 238 -116.27 90.00 -60.61
CA LYS BA 238 -116.59 90.08 -62.03
C LYS BA 238 -116.14 91.40 -62.62
N SER BA 239 -116.20 92.47 -61.84
CA SER BA 239 -115.75 93.77 -62.33
C SER BA 239 -114.28 94.03 -62.07
N LEU BA 240 -113.66 93.28 -61.15
CA LEU BA 240 -112.23 93.45 -60.92
C LEU BA 240 -111.42 92.90 -62.07
N VAL BA 241 -111.76 91.71 -62.55
CA VAL BA 241 -111.08 91.10 -63.68
C VAL BA 241 -111.34 91.89 -64.97
N ALA BA 242 -112.52 92.51 -65.08
CA ALA BA 242 -112.87 93.28 -66.27
C ALA BA 242 -112.17 94.63 -66.35
N THR BA 243 -111.46 95.06 -65.33
CA THR BA 243 -110.75 96.34 -65.39
C THR BA 243 -109.52 96.23 -66.27
N SER BA 244 -109.04 97.39 -66.72
CA SER BA 244 -107.84 97.46 -67.52
C SER BA 244 -106.57 97.48 -66.69
N GLN BA 245 -106.69 97.50 -65.36
CA GLN BA 245 -105.49 97.45 -64.52
C GLN BA 245 -105.05 96.01 -64.28
N VAL BA 246 -106.00 95.08 -64.17
CA VAL BA 246 -105.68 93.67 -64.04
C VAL BA 246 -105.35 93.06 -65.40
N GLU BA 247 -105.81 93.66 -66.49
CA GLU BA 247 -105.40 93.24 -67.82
C GLU BA 247 -103.91 93.48 -68.02
N ASP BA 248 -103.43 94.66 -67.65
CA ASP BA 248 -102.01 94.98 -67.77
C ASP BA 248 -101.17 94.30 -66.69
N LEU BA 249 -101.79 93.83 -65.60
CA LEU BA 249 -101.03 93.13 -64.58
C LEU BA 249 -100.69 91.72 -65.01
N VAL BA 250 -101.55 91.08 -65.81
CA VAL BA 250 -101.29 89.73 -66.28
C VAL BA 250 -100.56 89.73 -67.61
N VAL BA 251 -100.93 90.62 -68.52
CA VAL BA 251 -100.30 90.67 -69.84
C VAL BA 251 -98.92 91.31 -69.76
N ASN BA 252 -98.80 92.45 -69.07
CA ASN BA 252 -97.59 93.24 -69.10
C ASN BA 252 -96.89 93.41 -67.75
N LEU BA 253 -97.41 92.78 -66.69
CA LEU BA 253 -96.84 92.80 -65.33
C LEU BA 253 -96.73 94.20 -64.74
N VAL BA 254 -97.63 95.10 -65.13
CA VAL BA 254 -97.69 96.44 -64.54
C VAL BA 254 -98.45 96.35 -63.22
N PRO BA 255 -97.91 96.89 -62.12
CA PRO BA 255 -98.61 96.79 -60.83
C PRO BA 255 -99.88 97.64 -60.80
N LEU BA 256 -100.75 97.31 -59.86
CA LEU BA 256 -102.06 97.93 -59.78
C LEU BA 256 -101.97 99.34 -59.18
N GLY BA 257 -102.98 100.14 -59.45
CA GLY BA 257 -103.08 101.46 -58.85
C GLY BA 257 -102.63 102.59 -59.75
N ARG BA 258 -103.52 103.51 -60.05
CA ARG BA 258 -103.20 104.68 -60.85
C ARG BA 258 -103.77 105.95 -60.22
N SER CA 1 -132.22 67.63 -61.43
CA SER CA 1 -131.61 66.46 -62.06
C SER CA 1 -132.17 65.18 -61.46
N LYS CA 2 -131.43 64.59 -60.52
CA LYS CA 2 -131.82 63.36 -59.85
C LYS CA 2 -132.53 63.71 -58.56
N THR CA 3 -133.79 63.28 -58.44
CA THR CA 3 -134.66 63.73 -57.36
C THR CA 3 -135.37 62.58 -56.67
N ILE CA 4 -135.61 62.75 -55.37
CA ILE CA 4 -136.58 61.99 -54.61
C ILE CA 4 -137.60 62.98 -54.07
N VAL CA 5 -138.88 62.67 -54.25
CA VAL CA 5 -139.95 63.50 -53.68
C VAL CA 5 -140.50 62.77 -52.46
N LEU CA 6 -140.88 63.53 -51.44
CA LEU CA 6 -141.42 63.00 -50.20
C LEU CA 6 -142.73 63.74 -49.92
N SER CA 7 -143.85 63.06 -50.17
CA SER CA 7 -145.15 63.67 -49.94
C SER CA 7 -145.54 63.53 -48.48
N VAL CA 8 -145.92 64.65 -47.86
CA VAL CA 8 -146.25 64.69 -46.44
C VAL CA 8 -147.75 65.00 -46.39
N GLY CA 9 -148.48 64.48 -47.38
CA GLY CA 9 -149.87 64.81 -47.56
C GLY CA 9 -150.07 65.38 -48.95
N GLU CA 10 -150.37 66.66 -49.03
CA GLU CA 10 -150.41 67.37 -50.30
C GLU CA 10 -149.14 68.17 -50.57
N ALA CA 11 -148.31 68.41 -49.56
CA ALA CA 11 -147.07 69.13 -49.75
C ALA CA 11 -145.93 68.15 -50.06
N THR CA 12 -145.24 68.38 -51.16
CA THR CA 12 -144.12 67.53 -51.58
C THR CA 12 -142.82 68.30 -51.36
N ARG CA 13 -141.85 67.65 -50.72
CA ARG CA 13 -140.55 68.25 -50.46
C ARG CA 13 -139.52 67.48 -51.27
N THR CA 14 -139.21 67.98 -52.46
CA THR CA 14 -138.32 67.29 -53.38
C THR CA 14 -136.87 67.54 -53.01
N LEU CA 15 -136.11 66.46 -52.87
CA LEU CA 15 -134.68 66.51 -52.61
C LEU CA 15 -133.93 66.41 -53.94
N THR CA 16 -132.76 67.05 -54.00
CA THR CA 16 -131.92 66.96 -55.18
C THR CA 16 -130.57 66.39 -54.80
N GLU CA 17 -129.97 65.63 -55.72
CA GLU CA 17 -128.66 65.04 -55.49
C GLU CA 17 -127.57 66.10 -55.63
N ILE CA 18 -126.69 66.17 -54.64
CA ILE CA 18 -125.62 67.15 -54.64
C ILE CA 18 -124.22 66.52 -54.68
N GLN CA 19 -124.10 65.22 -54.44
CA GLN CA 19 -122.80 64.58 -54.38
C GLN CA 19 -122.98 63.10 -54.65
N SER CA 20 -122.04 62.50 -55.38
CA SER CA 20 -122.14 61.09 -55.73
C SER CA 20 -120.72 60.52 -55.76
N THR CA 21 -120.39 59.74 -54.74
CA THR CA 21 -119.12 59.02 -54.67
C THR CA 21 -119.36 57.66 -55.36
N ALA CA 22 -118.46 56.70 -55.18
CA ALA CA 22 -118.66 55.35 -55.71
C ALA CA 22 -119.91 54.70 -55.12
N ASP CA 23 -120.01 54.68 -53.80
CA ASP CA 23 -121.16 54.11 -53.10
C ASP CA 23 -122.04 55.15 -52.42
N ARG CA 24 -121.43 56.15 -51.76
CA ARG CA 24 -122.20 57.14 -51.03
C ARG CA 24 -122.88 58.11 -52.01
N GLN CA 25 -124.02 58.64 -51.58
CA GLN CA 25 -124.87 59.42 -52.47
C GLN CA 25 -125.69 60.38 -51.62
N ILE CA 26 -125.34 61.66 -51.67
CA ILE CA 26 -125.89 62.67 -50.77
C ILE CA 26 -126.95 63.48 -51.49
N PHE CA 27 -128.15 63.52 -50.92
CA PHE CA 27 -129.25 64.33 -51.43
C PHE CA 27 -129.44 65.53 -50.51
N GLU CA 28 -130.15 66.54 -51.01
CA GLU CA 28 -130.38 67.77 -50.25
C GLU CA 28 -131.57 68.51 -50.85
N GLU CA 29 -132.28 69.23 -49.99
CA GLU CA 29 -133.37 70.09 -50.43
C GLU CA 29 -132.82 71.48 -50.72
N LYS CA 30 -133.08 71.98 -51.94
CA LYS CA 30 -132.49 73.21 -52.41
C LYS CA 30 -133.33 74.45 -52.11
N VAL CA 31 -134.23 74.39 -51.14
CA VAL CA 31 -135.07 75.53 -50.82
C VAL CA 31 -134.61 76.16 -49.51
N GLY CA 32 -134.43 77.48 -49.52
CA GLY CA 32 -134.14 78.23 -48.32
C GLY CA 32 -132.69 78.61 -48.18
N PRO CA 33 -132.28 78.99 -46.95
CA PRO CA 33 -130.87 79.34 -46.70
C PRO CA 33 -129.93 78.15 -46.79
N LEU CA 34 -128.64 78.43 -46.70
CA LEU CA 34 -127.62 77.41 -46.94
C LEU CA 34 -127.20 76.67 -45.67
N VAL CA 35 -127.60 77.14 -44.49
CA VAL CA 35 -127.00 76.63 -43.26
C VAL CA 35 -127.60 75.29 -42.84
N GLY CA 36 -128.92 75.12 -42.90
CA GLY CA 36 -129.51 73.85 -42.52
C GLY CA 36 -130.60 73.42 -43.46
N ARG CA 37 -130.42 72.28 -44.11
CA ARG CA 37 -131.38 71.76 -45.07
C ARG CA 37 -131.60 70.28 -44.78
N LEU CA 38 -132.63 69.71 -45.42
CA LEU CA 38 -132.80 68.27 -45.38
C LEU CA 38 -131.64 67.58 -46.06
N ARG CA 39 -131.27 66.42 -45.54
CA ARG CA 39 -130.13 65.68 -46.00
C ARG CA 39 -130.52 64.21 -46.07
N LEU CA 40 -129.99 63.51 -47.07
CA LEU CA 40 -130.28 62.09 -47.22
C LEU CA 40 -129.03 61.44 -47.77
N THR CA 41 -128.43 60.55 -46.99
CA THR CA 41 -127.14 59.94 -47.32
C THR CA 41 -127.35 58.46 -47.51
N ALA CA 42 -127.62 58.05 -48.75
CA ALA CA 42 -127.70 56.64 -49.07
C ALA CA 42 -126.30 56.05 -49.22
N SER CA 43 -126.21 54.74 -49.06
CA SER CA 43 -124.97 54.00 -49.25
C SER CA 43 -125.31 52.58 -49.63
N LEU CA 44 -124.31 51.86 -50.13
CA LEU CA 44 -124.46 50.46 -50.50
C LEU CA 44 -123.09 49.83 -50.57
N ARG CA 45 -122.88 48.77 -49.78
CA ARG CA 45 -121.59 48.10 -49.72
C ARG CA 45 -121.82 46.61 -49.89
N GLN CA 46 -120.73 45.84 -49.80
CA GLN CA 46 -120.85 44.38 -49.62
C GLN CA 46 -119.68 43.94 -48.75
N ASN CA 47 -119.98 43.51 -47.53
CA ASN CA 47 -118.97 43.22 -46.54
C ASN CA 47 -118.51 41.78 -46.64
N GLY CA 48 -117.19 41.59 -46.47
CA GLY CA 48 -116.60 40.27 -46.41
C GLY CA 48 -116.37 39.65 -47.76
N ALA CA 49 -116.77 38.39 -47.91
CA ALA CA 49 -116.50 37.63 -49.14
C ALA CA 49 -117.68 37.71 -50.10
N LYS CA 50 -118.11 38.94 -50.36
CA LYS CA 50 -119.10 39.29 -51.40
C LYS CA 50 -120.44 38.61 -51.18
N THR CA 51 -120.81 38.35 -49.92
CA THR CA 51 -121.98 37.53 -49.63
C THR CA 51 -123.15 38.29 -49.02
N ALA CA 52 -122.95 39.51 -48.53
CA ALA CA 52 -124.03 40.25 -47.88
C ALA CA 52 -123.88 41.73 -48.18
N TYR CA 53 -124.93 42.33 -48.69
CA TYR CA 53 -124.95 43.76 -48.96
C TYR CA 53 -125.38 44.52 -47.71
N ARG CA 54 -125.19 45.84 -47.74
CA ARG CA 54 -125.46 46.67 -46.58
C ARG CA 54 -125.93 48.04 -47.07
N VAL CA 55 -127.24 48.26 -47.01
CA VAL CA 55 -127.82 49.56 -47.33
C VAL CA 55 -127.83 50.42 -46.08
N ASN CA 56 -127.64 51.73 -46.24
CA ASN CA 56 -127.54 52.62 -45.09
C ASN CA 56 -128.09 53.98 -45.48
N LEU CA 57 -129.35 54.23 -45.15
CA LEU CA 57 -129.95 55.56 -45.31
C LEU CA 57 -129.80 56.35 -44.02
N LYS CA 58 -129.83 57.67 -44.17
CA LYS CA 58 -129.69 58.57 -43.01
C LYS CA 58 -130.33 59.90 -43.39
N LEU CA 59 -131.49 60.18 -42.79
CA LEU CA 59 -132.22 61.41 -43.07
C LEU CA 59 -131.99 62.39 -41.93
N ASP CA 60 -131.25 63.46 -42.19
CA ASP CA 60 -131.03 64.51 -41.22
C ASP CA 60 -132.15 65.54 -41.32
N GLN CA 61 -132.36 66.27 -40.23
CA GLN CA 61 -133.33 67.36 -40.23
C GLN CA 61 -132.90 68.37 -39.17
N ALA CA 62 -132.40 69.51 -39.61
CA ALA CA 62 -131.96 70.58 -38.72
C ALA CA 62 -133.08 71.58 -38.54
N ASP CA 63 -133.21 72.10 -37.32
CA ASP CA 63 -134.24 73.08 -37.00
C ASP CA 63 -133.61 74.46 -37.08
N VAL CA 64 -133.87 75.15 -38.18
CA VAL CA 64 -133.27 76.46 -38.44
C VAL CA 64 -134.27 77.55 -38.06
N VAL CA 65 -133.81 78.49 -37.26
CA VAL CA 65 -134.61 79.66 -36.89
C VAL CA 65 -133.87 80.89 -37.42
N ASP CA 66 -134.63 81.89 -37.87
CA ASP CA 66 -134.07 83.11 -38.42
C ASP CA 66 -134.64 84.27 -37.62
N CYS CA 67 -133.82 84.84 -36.75
CA CYS CA 67 -134.26 85.88 -35.82
C CYS CA 67 -133.64 87.21 -36.20
N SER CA 68 -133.57 87.49 -37.50
CA SER CA 68 -132.99 88.75 -37.96
C SER CA 68 -133.95 89.91 -37.81
N THR CA 69 -135.26 89.67 -37.81
CA THR CA 69 -136.23 90.76 -37.70
C THR CA 69 -136.45 91.14 -36.25
N SER CA 70 -136.47 90.16 -35.35
CA SER CA 70 -136.66 90.45 -33.94
C SER CA 70 -135.39 91.02 -33.31
N VAL CA 71 -134.33 90.22 -33.30
CA VAL CA 71 -133.03 90.67 -32.82
C VAL CA 71 -132.31 91.29 -34.02
N CYS CA 72 -131.85 92.52 -33.87
CA CYS CA 72 -131.20 93.20 -34.98
C CYS CA 72 -129.78 92.71 -35.14
N GLY CA 73 -129.43 92.29 -36.35
CA GLY CA 73 -128.06 91.99 -36.70
C GLY CA 73 -127.58 90.59 -36.46
N GLU CA 74 -128.43 89.58 -36.60
CA GLU CA 74 -127.97 88.20 -36.53
C GLU CA 74 -128.58 87.37 -37.65
N LEU CA 75 -128.00 86.19 -37.85
CA LEU CA 75 -128.17 85.37 -39.04
C LEU CA 75 -129.00 84.14 -38.71
N PRO CA 76 -129.46 83.37 -39.71
CA PRO CA 76 -130.06 82.06 -39.41
C PRO CA 76 -129.07 81.11 -38.75
N LYS CA 77 -129.61 80.18 -37.98
CA LYS CA 77 -128.82 79.43 -37.03
C LYS CA 77 -129.51 78.11 -36.73
N VAL CA 78 -128.74 77.03 -36.68
CA VAL CA 78 -129.27 75.70 -36.45
C VAL CA 78 -129.40 75.47 -34.95
N ARG CA 79 -130.64 75.25 -34.50
CA ARG CA 79 -130.88 74.93 -33.09
C ARG CA 79 -130.39 73.53 -32.76
N TYR CA 80 -130.95 72.51 -33.42
CA TYR CA 80 -130.62 71.12 -33.16
C TYR CA 80 -130.81 70.33 -34.46
N THR CA 81 -130.31 69.10 -34.45
CA THR CA 81 -130.52 68.16 -35.55
C THR CA 81 -131.12 66.88 -35.01
N GLN CA 82 -132.06 66.31 -35.75
CA GLN CA 82 -132.67 65.04 -35.41
C GLN CA 82 -132.59 64.11 -36.62
N VAL CA 83 -131.95 62.96 -36.44
CA VAL CA 83 -131.69 62.05 -37.53
C VAL CA 83 -132.62 60.85 -37.43
N TRP CA 84 -132.71 60.09 -38.51
CA TRP CA 84 -133.36 58.78 -38.51
C TRP CA 84 -132.59 57.92 -39.49
N SER CA 85 -131.64 57.14 -38.98
CA SER CA 85 -130.84 56.29 -39.83
C SER CA 85 -131.56 54.96 -40.08
N HIS CA 86 -131.07 54.25 -41.08
CA HIS CA 86 -131.49 52.88 -41.35
C HIS CA 86 -130.24 52.04 -41.59
N ASP CA 87 -130.38 50.74 -41.43
CA ASP CA 87 -129.27 49.81 -41.67
C ASP CA 87 -129.88 48.47 -42.09
N VAL CA 88 -129.94 48.25 -43.38
CA VAL CA 88 -130.51 47.02 -43.92
C VAL CA 88 -129.39 46.06 -44.28
N THR CA 89 -129.57 44.79 -43.94
CA THR CA 89 -128.64 43.73 -44.30
C THR CA 89 -129.34 42.76 -45.23
N ILE CA 90 -128.84 42.65 -46.46
CA ILE CA 90 -129.40 41.77 -47.47
C ILE CA 90 -128.32 40.78 -47.84
N VAL CA 91 -128.63 39.50 -47.80
CA VAL CA 91 -127.70 38.47 -48.24
C VAL CA 91 -127.80 38.30 -49.75
N ALA CA 92 -126.68 37.92 -50.37
CA ALA CA 92 -126.58 37.98 -51.83
C ALA CA 92 -127.37 36.87 -52.50
N ASN CA 93 -127.33 35.66 -51.96
CA ASN CA 93 -128.00 34.51 -52.57
C ASN CA 93 -129.44 34.36 -52.10
N SER CA 94 -130.07 35.45 -51.66
CA SER CA 94 -131.45 35.40 -51.21
C SER CA 94 -132.42 35.25 -52.37
N THR CA 95 -133.65 34.90 -52.04
CA THR CA 95 -134.75 34.97 -53.00
C THR CA 95 -135.38 36.34 -52.92
N GLU CA 96 -136.13 36.68 -53.98
CA GLU CA 96 -136.69 38.03 -54.06
C GLU CA 96 -137.82 38.24 -53.08
N ALA CA 97 -138.64 37.21 -52.83
CA ALA CA 97 -139.79 37.36 -51.95
C ALA CA 97 -139.41 37.44 -50.48
N SER CA 98 -138.17 37.08 -50.12
CA SER CA 98 -137.74 37.25 -48.75
C SER CA 98 -137.42 38.70 -48.46
N ARG CA 99 -136.69 39.36 -49.36
CA ARG CA 99 -136.34 40.75 -49.17
C ARG CA 99 -137.43 41.71 -49.65
N LYS CA 100 -138.42 41.21 -50.40
CA LYS CA 100 -139.61 42.01 -50.64
C LYS CA 100 -140.50 42.04 -49.41
N SER CA 101 -140.62 40.91 -48.71
CA SER CA 101 -141.46 40.85 -47.53
C SER CA 101 -140.82 41.56 -46.35
N LEU CA 102 -139.48 41.63 -46.33
CA LEU CA 102 -138.80 42.39 -45.30
C LEU CA 102 -139.04 43.89 -45.48
N TYR CA 103 -139.12 44.35 -46.73
CA TYR CA 103 -139.48 45.73 -46.98
C TYR CA 103 -140.95 45.98 -46.67
N ASP CA 104 -141.81 45.00 -46.93
CA ASP CA 104 -143.23 45.15 -46.70
C ASP CA 104 -143.57 45.21 -45.22
N LEU CA 105 -142.79 44.57 -44.36
CA LEU CA 105 -143.02 44.66 -42.92
C LEU CA 105 -142.52 45.98 -42.37
N THR CA 106 -141.37 46.45 -42.84
CA THR CA 106 -140.80 47.70 -42.34
C THR CA 106 -141.59 48.91 -42.86
N LYS CA 107 -142.17 48.80 -44.05
CA LYS CA 107 -143.07 49.85 -44.53
C LYS CA 107 -144.31 49.95 -43.67
N SER CA 108 -144.82 48.81 -43.20
CA SER CA 108 -145.99 48.80 -42.33
C SER CA 108 -145.62 48.97 -40.87
N LEU CA 109 -144.36 48.79 -40.50
CA LEU CA 109 -143.94 49.03 -39.13
C LEU CA 109 -143.87 50.53 -38.84
N VAL CA 110 -143.30 51.29 -39.78
CA VAL CA 110 -143.21 52.74 -39.59
C VAL CA 110 -144.58 53.38 -39.71
N ALA CA 111 -145.44 52.85 -40.57
CA ALA CA 111 -146.73 53.46 -40.85
C ALA CA 111 -147.78 53.23 -39.76
N THR CA 112 -147.47 52.47 -38.73
CA THR CA 112 -148.46 52.23 -37.68
C THR CA 112 -148.46 53.39 -36.69
N SER CA 113 -149.47 53.43 -35.84
CA SER CA 113 -149.63 54.51 -34.89
C SER CA 113 -148.97 54.23 -33.54
N GLN CA 114 -148.22 53.13 -33.41
CA GLN CA 114 -147.50 52.89 -32.17
C GLN CA 114 -146.05 53.34 -32.27
N VAL CA 115 -145.46 53.29 -33.46
CA VAL CA 115 -144.13 53.85 -33.66
C VAL CA 115 -144.22 55.36 -33.84
N GLU CA 116 -145.41 55.87 -34.17
CA GLU CA 116 -145.61 57.32 -34.19
C GLU CA 116 -145.48 57.89 -32.79
N ASP CA 117 -146.14 57.29 -31.81
CA ASP CA 117 -146.05 57.77 -30.44
C ASP CA 117 -144.72 57.45 -29.79
N LEU CA 118 -143.95 56.52 -30.36
CA LEU CA 118 -142.63 56.23 -29.81
C LEU CA 118 -141.61 57.30 -30.18
N VAL CA 119 -141.76 57.92 -31.34
CA VAL CA 119 -140.81 58.93 -31.79
C VAL CA 119 -141.30 60.31 -31.37
N VAL CA 120 -142.60 60.57 -31.52
CA VAL CA 120 -143.13 61.88 -31.18
C VAL CA 120 -143.27 62.06 -29.68
N ASN CA 121 -143.95 61.12 -29.02
CA ASN CA 121 -144.32 61.28 -27.62
C ASN CA 121 -143.59 60.32 -26.68
N LEU CA 122 -142.67 59.51 -27.20
CA LEU CA 122 -141.76 58.65 -26.45
C LEU CA 122 -142.48 57.57 -25.63
N VAL CA 123 -143.66 57.15 -26.08
CA VAL CA 123 -144.39 56.06 -25.42
C VAL CA 123 -143.90 54.74 -25.97
N PRO CA 124 -143.59 53.74 -25.12
CA PRO CA 124 -143.08 52.47 -25.62
C PRO CA 124 -144.13 51.68 -26.40
N LEU CA 125 -143.65 50.64 -27.08
CA LEU CA 125 -144.47 49.88 -28.01
C LEU CA 125 -145.33 48.85 -27.27
N GLY CA 126 -146.35 48.37 -27.97
CA GLY CA 126 -147.22 47.35 -27.41
C GLY CA 126 -148.47 47.91 -26.76
N ARG CA 127 -149.63 47.41 -27.16
CA ARG CA 127 -150.91 47.82 -26.58
C ARG CA 127 -151.71 46.56 -26.28
N ALA CA 128 -152.09 46.40 -25.01
CA ALA CA 128 -152.79 45.20 -24.56
C ALA CA 128 -154.30 45.42 -24.64
N TYR CA 129 -154.93 44.86 -25.66
CA TYR CA 129 -156.39 44.78 -25.74
C TYR CA 129 -156.77 43.33 -26.03
N GLY CA 130 -157.30 42.66 -25.01
CA GLY CA 130 -157.68 41.27 -25.12
C GLY CA 130 -156.52 40.30 -25.10
N GLY CA 131 -155.74 40.32 -24.02
CA GLY CA 131 -154.60 39.43 -23.90
C GLY CA 131 -153.33 40.13 -23.49
N SER CA 132 -152.30 40.06 -24.34
CA SER CA 132 -151.04 40.73 -24.09
C SER CA 132 -150.87 41.91 -25.05
N LYS CA 133 -149.70 42.55 -24.97
CA LYS CA 133 -149.43 43.74 -25.77
C LYS CA 133 -148.93 43.32 -27.15
N THR CA 134 -149.62 43.74 -28.19
CA THR CA 134 -149.36 43.30 -29.55
C THR CA 134 -149.15 44.48 -30.50
N ILE CA 135 -148.39 44.24 -31.56
CA ILE CA 135 -148.32 45.11 -32.72
C ILE CA 135 -148.78 44.31 -33.93
N VAL CA 136 -149.69 44.88 -34.71
CA VAL CA 136 -150.16 44.26 -35.93
C VAL CA 136 -149.43 44.90 -37.10
N LEU CA 137 -148.98 44.08 -38.06
CA LEU CA 137 -148.22 44.53 -39.22
C LEU CA 137 -148.92 44.00 -40.45
N SER CA 138 -149.89 44.76 -40.95
CA SER CA 138 -150.61 44.36 -42.16
C SER CA 138 -149.75 44.60 -43.39
N VAL CA 139 -149.62 43.55 -44.21
CA VAL CA 139 -148.81 43.61 -45.42
C VAL CA 139 -149.74 43.62 -46.62
N GLY CA 140 -150.92 44.21 -46.44
CA GLY CA 140 -152.02 44.06 -47.36
C GLY CA 140 -153.27 43.76 -46.57
N GLU CA 141 -153.83 42.57 -46.76
CA GLU CA 141 -154.91 42.10 -45.89
C GLU CA 141 -154.42 41.13 -44.81
N ALA CA 142 -153.30 40.46 -45.04
CA ALA CA 142 -152.74 39.56 -44.03
C ALA CA 142 -152.05 40.36 -42.95
N THR CA 143 -152.39 40.07 -41.69
CA THR CA 143 -151.86 40.81 -40.54
C THR CA 143 -150.98 39.88 -39.72
N ARG CA 144 -149.68 40.08 -39.80
CA ARG CA 144 -148.70 39.32 -39.01
C ARG CA 144 -148.61 39.99 -37.64
N THR CA 145 -149.28 39.40 -36.65
CA THR CA 145 -149.40 39.99 -35.32
C THR CA 145 -148.25 39.49 -34.44
N LEU CA 146 -147.39 40.40 -34.02
CA LEU CA 146 -146.35 40.09 -33.05
C LEU CA 146 -146.88 40.26 -31.64
N THR CA 147 -146.39 39.43 -30.72
CA THR CA 147 -146.74 39.53 -29.31
C THR CA 147 -145.48 39.79 -28.50
N GLU CA 148 -145.62 40.56 -27.43
CA GLU CA 148 -144.48 40.89 -26.59
C GLU CA 148 -144.11 39.70 -25.73
N ILE CA 149 -142.84 39.30 -25.78
CA ILE CA 149 -142.35 38.20 -24.97
C ILE CA 149 -141.43 38.65 -23.86
N GLN CA 150 -140.99 39.91 -23.85
CA GLN CA 150 -140.02 40.35 -22.86
C GLN CA 150 -140.14 41.85 -22.70
N SER CA 151 -139.86 42.34 -21.49
CA SER CA 151 -139.83 43.77 -21.19
C SER CA 151 -138.71 43.97 -20.17
N THR CA 152 -137.54 44.37 -20.67
CA THR CA 152 -136.37 44.61 -19.83
C THR CA 152 -136.46 46.06 -19.33
N ALA CA 153 -135.36 46.61 -18.80
CA ALA CA 153 -135.35 47.98 -18.32
C ALA CA 153 -135.60 48.99 -19.45
N ASP CA 154 -134.87 48.86 -20.55
CA ASP CA 154 -135.10 49.67 -21.73
C ASP CA 154 -135.53 48.84 -22.94
N ARG CA 155 -134.96 47.64 -23.09
CA ARG CA 155 -135.27 46.76 -24.21
C ARG CA 155 -136.69 46.23 -24.11
N GLN CA 156 -137.22 45.80 -25.25
CA GLN CA 156 -138.61 45.33 -25.33
C GLN CA 156 -138.69 44.40 -26.54
N ILE CA 157 -138.66 43.10 -26.29
CA ILE CA 157 -138.54 42.12 -27.37
C ILE CA 157 -139.92 41.58 -27.74
N PHE CA 158 -140.29 41.75 -29.00
CA PHE CA 158 -141.52 41.22 -29.57
C PHE CA 158 -141.18 40.01 -30.43
N GLU CA 159 -142.17 39.17 -30.66
CA GLU CA 159 -141.98 37.95 -31.45
C GLU CA 159 -143.32 37.44 -31.95
N GLU CA 160 -143.31 36.87 -33.15
CA GLU CA 160 -144.50 36.19 -33.66
C GLU CA 160 -144.49 34.74 -33.19
N LYS CA 161 -145.68 34.23 -32.89
CA LYS CA 161 -145.82 32.93 -32.25
C LYS CA 161 -146.25 31.82 -33.19
N VAL CA 162 -146.42 32.11 -34.47
CA VAL CA 162 -146.83 31.08 -35.42
C VAL CA 162 -145.60 30.40 -36.01
N GLY CA 163 -145.57 29.08 -35.96
CA GLY CA 163 -144.54 28.30 -36.60
C GLY CA 163 -143.51 27.75 -35.64
N PRO CA 164 -142.36 27.33 -36.16
CA PRO CA 164 -141.32 26.73 -35.32
C PRO CA 164 -140.61 27.78 -34.47
N LEU CA 165 -139.81 27.28 -33.53
CA LEU CA 165 -139.05 28.13 -32.62
C LEU CA 165 -137.76 28.65 -33.21
N VAL CA 166 -137.30 28.08 -34.33
CA VAL CA 166 -135.96 28.41 -34.80
C VAL CA 166 -135.94 29.73 -35.57
N GLY CA 167 -136.94 29.99 -36.41
CA GLY CA 167 -136.99 31.24 -37.14
C GLY CA 167 -138.30 31.96 -36.97
N ARG CA 168 -138.27 33.13 -36.34
CA ARG CA 168 -139.48 33.89 -36.07
C ARG CA 168 -139.18 35.37 -36.25
N LEU CA 169 -140.24 36.15 -36.42
CA LEU CA 169 -140.10 37.59 -36.48
C LEU CA 169 -139.69 38.15 -35.12
N ARG CA 170 -139.02 39.29 -35.13
CA ARG CA 170 -138.49 39.86 -33.90
C ARG CA 170 -138.56 41.37 -33.96
N LEU CA 171 -138.55 41.98 -32.78
CA LEU CA 171 -138.50 43.43 -32.66
C LEU CA 171 -137.82 43.76 -31.33
N THR CA 172 -136.55 44.16 -31.38
CA THR CA 172 -135.83 44.56 -30.18
C THR CA 172 -135.84 46.08 -30.13
N ALA CA 173 -136.96 46.65 -29.69
CA ALA CA 173 -137.05 48.08 -29.49
C ALA CA 173 -136.24 48.51 -28.28
N SER CA 174 -135.88 49.78 -28.23
CA SER CA 174 -135.10 50.32 -27.12
C SER CA 174 -135.42 51.80 -26.98
N LEU CA 175 -134.92 52.38 -25.89
CA LEU CA 175 -135.12 53.79 -25.59
C LEU CA 175 -134.10 54.17 -24.52
N ARG CA 176 -133.29 55.20 -24.80
CA ARG CA 176 -132.25 55.63 -23.89
C ARG CA 176 -132.28 57.14 -23.80
N GLN CA 177 -131.39 57.69 -22.95
CA GLN CA 177 -131.05 59.11 -23.00
C GLN CA 177 -129.61 59.24 -22.52
N ASN CA 178 -128.74 59.78 -23.36
CA ASN CA 178 -127.31 59.81 -23.10
C ASN CA 178 -126.93 61.07 -22.33
N GLY CA 179 -125.87 60.94 -21.54
CA GLY CA 179 -125.24 62.06 -20.88
C GLY CA 179 -126.10 62.78 -19.85
N ALA CA 180 -126.19 64.10 -19.98
CA ALA CA 180 -126.96 64.92 -19.04
C ALA CA 180 -128.39 65.15 -19.52
N LYS CA 181 -129.08 64.06 -19.87
CA LYS CA 181 -130.52 64.03 -20.19
C LYS CA 181 -130.88 64.97 -21.33
N THR CA 182 -130.03 65.05 -22.35
CA THR CA 182 -130.20 66.04 -23.40
C THR CA 182 -130.71 65.48 -24.72
N ALA CA 183 -130.64 64.17 -24.93
CA ALA CA 183 -131.05 63.61 -26.21
C ALA CA 183 -131.46 62.15 -26.02
N TYR CA 184 -132.59 61.78 -26.59
CA TYR CA 184 -133.06 60.41 -26.54
C TYR CA 184 -132.49 59.63 -27.73
N ARG CA 185 -132.70 58.31 -27.72
CA ARG CA 185 -132.19 57.47 -28.80
C ARG CA 185 -133.09 56.23 -28.89
N VAL CA 186 -133.96 56.22 -29.89
CA VAL CA 186 -134.83 55.07 -30.15
C VAL CA 186 -134.11 54.14 -31.11
N ASN CA 187 -134.28 52.82 -30.93
CA ASN CA 187 -133.53 51.85 -31.72
C ASN CA 187 -134.40 50.62 -31.93
N LEU CA 188 -135.04 50.53 -33.10
CA LEU CA 188 -135.78 49.34 -33.50
C LEU CA 188 -134.89 48.42 -34.33
N LYS CA 189 -135.31 47.16 -34.42
CA LYS CA 189 -134.55 46.15 -35.16
C LYS CA 189 -135.48 45.00 -35.48
N LEU CA 190 -135.74 44.78 -36.77
CA LEU CA 190 -136.67 43.75 -37.22
C LEU CA 190 -135.87 42.65 -37.91
N ASP CA 191 -135.75 41.50 -37.24
CA ASP CA 191 -135.07 40.34 -37.82
C ASP CA 191 -136.07 39.49 -38.58
N GLN CA 192 -135.62 38.91 -39.69
CA GLN CA 192 -136.46 38.02 -40.47
C GLN CA 192 -135.61 36.86 -40.97
N ALA CA 193 -135.73 35.72 -40.32
CA ALA CA 193 -134.99 34.51 -40.69
C ALA CA 193 -135.84 33.69 -41.64
N ASP CA 194 -135.21 33.20 -42.72
CA ASP CA 194 -135.92 32.43 -43.74
C ASP CA 194 -135.78 30.95 -43.40
N VAL CA 195 -136.82 30.37 -42.82
CA VAL CA 195 -136.84 28.97 -42.43
C VAL CA 195 -137.47 28.18 -43.56
N VAL CA 196 -136.97 26.97 -43.78
CA VAL CA 196 -137.47 26.10 -44.84
C VAL CA 196 -137.58 24.69 -44.28
N ASP CA 197 -138.53 23.93 -44.81
CA ASP CA 197 -138.75 22.55 -44.42
C ASP CA 197 -138.60 21.61 -45.60
N CYS CA 198 -137.83 20.54 -45.40
CA CYS CA 198 -137.56 19.58 -46.45
C CYS CA 198 -138.34 18.29 -46.20
N SER CA 199 -139.50 18.40 -45.54
CA SER CA 199 -140.26 17.23 -45.10
C SER CA 199 -140.88 16.46 -46.25
N THR CA 200 -141.26 17.13 -47.33
CA THR CA 200 -141.85 16.42 -48.45
C THR CA 200 -140.78 15.76 -49.33
N SER CA 201 -139.54 16.23 -49.24
CA SER CA 201 -138.44 15.67 -50.01
C SER CA 201 -137.63 14.66 -49.20
N VAL CA 202 -137.26 15.01 -47.97
CA VAL CA 202 -136.56 14.12 -47.06
C VAL CA 202 -137.47 13.85 -45.88
N CYS CA 203 -137.84 12.59 -45.69
CA CYS CA 203 -138.74 12.24 -44.59
C CYS CA 203 -138.03 12.33 -43.26
N GLY CA 204 -138.77 12.80 -42.25
CA GLY CA 204 -138.22 12.96 -40.92
C GLY CA 204 -137.23 14.09 -40.78
N GLU CA 205 -137.39 15.17 -41.55
CA GLU CA 205 -136.47 16.30 -41.56
C GLU CA 205 -137.12 17.47 -40.85
N LEU CA 206 -136.43 18.04 -39.87
CA LEU CA 206 -136.92 19.18 -39.12
C LEU CA 206 -136.54 20.48 -39.82
N PRO CA 207 -137.32 21.54 -39.62
CA PRO CA 207 -136.99 22.82 -40.29
C PRO CA 207 -135.72 23.46 -39.75
N LYS CA 208 -135.14 24.32 -40.58
CA LYS CA 208 -133.89 25.01 -40.25
C LYS CA 208 -133.87 26.32 -41.01
N VAL CA 209 -133.02 27.24 -40.54
CA VAL CA 209 -132.91 28.57 -41.13
C VAL CA 209 -131.78 28.57 -42.15
N ARG CA 210 -131.97 29.33 -43.24
CA ARG CA 210 -130.94 29.45 -44.25
C ARG CA 210 -130.05 30.67 -44.00
N TYR CA 211 -130.67 31.85 -43.95
CA TYR CA 211 -129.97 33.11 -43.75
C TYR CA 211 -130.80 33.99 -42.84
N THR CA 212 -130.35 35.23 -42.67
CA THR CA 212 -131.13 36.20 -41.91
C THR CA 212 -130.95 37.58 -42.55
N GLN CA 213 -131.99 38.40 -42.45
CA GLN CA 213 -131.99 39.74 -43.01
C GLN CA 213 -132.65 40.68 -42.02
N VAL CA 214 -131.94 41.76 -41.68
CA VAL CA 214 -132.38 42.68 -40.65
C VAL CA 214 -132.72 44.02 -41.30
N TRP CA 215 -133.42 44.86 -40.53
CA TRP CA 215 -133.63 46.27 -40.90
C TRP CA 215 -133.64 47.04 -39.58
N SER CA 216 -132.48 47.57 -39.21
CA SER CA 216 -132.37 48.34 -38.00
C SER CA 216 -132.84 49.77 -38.22
N HIS CA 217 -133.18 50.43 -37.12
CA HIS CA 217 -133.49 51.85 -37.11
C HIS CA 217 -132.68 52.50 -36.01
N ASP CA 218 -132.40 53.80 -36.18
CA ASP CA 218 -131.65 54.53 -35.17
C ASP CA 218 -132.13 55.98 -35.20
N VAL CA 219 -133.11 56.27 -34.36
CA VAL CA 219 -133.71 57.60 -34.27
C VAL CA 219 -133.02 58.36 -33.15
N THR CA 220 -132.62 59.60 -33.44
CA THR CA 220 -132.04 60.49 -32.44
C THR CA 220 -132.99 61.65 -32.23
N ILE CA 221 -133.40 61.88 -30.99
CA ILE CA 221 -134.35 62.91 -30.64
C ILE CA 221 -133.74 63.73 -29.51
N VAL CA 222 -133.58 65.03 -29.73
CA VAL CA 222 -133.07 65.88 -28.66
C VAL CA 222 -134.22 66.27 -27.76
N ALA CA 223 -133.89 66.58 -26.50
CA ALA CA 223 -134.90 66.63 -25.45
C ALA CA 223 -135.74 67.91 -25.51
N ASN CA 224 -135.13 69.03 -25.88
CA ASN CA 224 -135.82 70.32 -25.90
C ASN CA 224 -136.44 70.63 -27.26
N SER CA 225 -136.87 69.61 -28.00
CA SER CA 225 -137.42 69.77 -29.33
C SER CA 225 -138.79 70.43 -29.28
N THR CA 226 -139.31 70.71 -30.47
CA THR CA 226 -140.72 71.02 -30.64
C THR CA 226 -141.43 69.72 -31.01
N GLU CA 227 -142.69 69.60 -30.60
CA GLU CA 227 -143.45 68.41 -30.98
C GLU CA 227 -143.76 68.40 -32.47
N ALA CA 228 -143.81 69.57 -33.10
CA ALA CA 228 -143.98 69.63 -34.54
C ALA CA 228 -142.69 69.30 -35.29
N SER CA 229 -141.55 69.27 -34.59
CA SER CA 229 -140.31 68.87 -35.25
C SER CA 229 -140.12 67.35 -35.20
N ARG CA 230 -140.58 66.71 -34.13
CA ARG CA 230 -140.57 65.26 -34.08
C ARG CA 230 -141.63 64.67 -34.99
N LYS CA 231 -142.74 65.40 -35.18
CA LYS CA 231 -143.80 64.91 -36.06
C LYS CA 231 -143.36 64.97 -37.52
N SER CA 232 -142.65 66.03 -37.91
CA SER CA 232 -142.21 66.16 -39.29
C SER CA 232 -141.09 65.20 -39.62
N LEU CA 233 -140.25 64.86 -38.64
CA LEU CA 233 -139.20 63.86 -38.87
C LEU CA 233 -139.80 62.48 -39.07
N TYR CA 234 -140.84 62.14 -38.31
CA TYR CA 234 -141.50 60.86 -38.49
C TYR CA 234 -142.26 60.82 -39.81
N ASP CA 235 -142.92 61.92 -40.17
CA ASP CA 235 -143.70 61.98 -41.40
C ASP CA 235 -142.84 61.92 -42.66
N LEU CA 236 -141.59 62.37 -42.59
CA LEU CA 236 -140.70 62.25 -43.74
C LEU CA 236 -140.16 60.83 -43.87
N THR CA 237 -139.87 60.18 -42.74
CA THR CA 237 -139.36 58.81 -42.79
C THR CA 237 -140.47 57.83 -43.14
N LYS CA 238 -141.71 58.11 -42.71
CA LYS CA 238 -142.86 57.32 -43.16
C LYS CA 238 -143.07 57.47 -44.66
N SER CA 239 -142.82 58.67 -45.19
CA SER CA 239 -142.96 58.90 -46.62
C SER CA 239 -141.74 58.45 -47.41
N LEU CA 240 -140.57 58.35 -46.78
CA LEU CA 240 -139.39 57.90 -47.49
C LEU CA 240 -139.44 56.41 -47.76
N VAL CA 241 -139.80 55.62 -46.75
CA VAL CA 241 -139.88 54.17 -46.90
C VAL CA 241 -141.00 53.78 -47.86
N ALA CA 242 -142.08 54.55 -47.89
CA ALA CA 242 -143.21 54.23 -48.76
C ALA CA 242 -142.95 54.55 -50.23
N THR CA 243 -141.83 55.17 -50.58
CA THR CA 243 -141.56 55.47 -51.98
C THR CA 243 -141.14 54.23 -52.73
N SER CA 244 -141.18 54.33 -54.06
CA SER CA 244 -140.76 53.23 -54.92
C SER CA 244 -139.26 53.25 -55.19
N GLN CA 245 -138.55 54.29 -54.76
CA GLN CA 245 -137.11 54.31 -54.95
C GLN CA 245 -136.39 53.49 -53.89
N VAL CA 246 -136.89 53.53 -52.65
CA VAL CA 246 -136.33 52.73 -51.58
C VAL CA 246 -136.78 51.28 -51.69
N GLU CA 247 -137.91 51.03 -52.36
CA GLU CA 247 -138.33 49.65 -52.62
C GLU CA 247 -137.35 48.94 -53.55
N ASP CA 248 -136.96 49.60 -54.64
CA ASP CA 248 -135.98 49.04 -55.55
C ASP CA 248 -134.57 49.06 -54.99
N LEU CA 249 -134.29 49.91 -54.00
CA LEU CA 249 -132.98 49.92 -53.36
C LEU CA 249 -132.79 48.70 -52.48
N VAL CA 250 -133.87 48.17 -51.92
CA VAL CA 250 -133.77 46.99 -51.06
C VAL CA 250 -134.02 45.71 -51.84
N VAL CA 251 -135.03 45.69 -52.69
CA VAL CA 251 -135.36 44.48 -53.44
C VAL CA 251 -134.35 44.25 -54.57
N ASN CA 252 -134.03 45.28 -55.33
CA ASN CA 252 -133.21 45.12 -56.53
C ASN CA 252 -131.90 45.90 -56.52
N LEU CA 253 -131.57 46.57 -55.40
CA LEU CA 253 -130.32 47.32 -55.20
C LEU CA 253 -130.12 48.44 -56.21
N VAL CA 254 -131.20 49.01 -56.75
CA VAL CA 254 -131.09 50.14 -57.65
C VAL CA 254 -130.87 51.40 -56.82
N PRO CA 255 -129.85 52.21 -57.13
CA PRO CA 255 -129.60 53.41 -56.32
C PRO CA 255 -130.68 54.47 -56.46
N LEU CA 256 -130.70 55.40 -55.52
CA LEU CA 256 -131.75 56.40 -55.46
C LEU CA 256 -131.53 57.49 -56.48
N GLY CA 257 -132.62 58.20 -56.81
CA GLY CA 257 -132.53 59.34 -57.70
C GLY CA 257 -133.00 59.07 -59.11
N ARG CA 258 -134.02 59.80 -59.54
CA ARG CA 258 -134.52 59.67 -60.91
C ARG CA 258 -134.82 61.04 -61.50
N SER DA 1 -150.64 53.24 -17.17
CA SER DA 1 -150.44 51.88 -16.69
C SER DA 1 -150.30 51.85 -15.17
N LYS DA 2 -149.06 51.84 -14.70
CA LYS DA 2 -148.76 51.80 -13.27
C LYS DA 2 -148.47 53.22 -12.79
N THR DA 3 -149.28 53.70 -11.85
CA THR DA 3 -149.30 55.11 -11.50
C THR DA 3 -149.22 55.32 -10.00
N ILE DA 4 -148.66 56.47 -9.61
CA ILE DA 4 -148.80 57.05 -8.28
C ILE DA 4 -149.49 58.39 -8.45
N VAL DA 5 -150.45 58.69 -7.58
CA VAL DA 5 -151.20 59.94 -7.64
C VAL DA 5 -150.85 60.76 -6.43
N LEU DA 6 -150.32 61.96 -6.65
CA LEU DA 6 -149.91 62.87 -5.59
C LEU DA 6 -150.85 64.07 -5.58
N SER DA 7 -151.79 64.08 -4.63
CA SER DA 7 -152.73 65.18 -4.53
C SER DA 7 -152.13 66.30 -3.70
N VAL DA 8 -152.18 67.52 -4.24
CA VAL DA 8 -151.56 68.69 -3.63
C VAL DA 8 -152.73 69.59 -3.21
N GLY DA 9 -153.81 68.96 -2.79
CA GLY DA 9 -155.04 69.67 -2.52
C GLY DA 9 -156.16 69.09 -3.35
N GLU DA 10 -156.67 69.89 -4.27
CA GLU DA 10 -157.61 69.39 -5.27
C GLU DA 10 -156.94 69.01 -6.58
N ALA DA 11 -155.70 69.46 -6.81
CA ALA DA 11 -154.97 69.10 -8.02
C ALA DA 11 -154.19 67.82 -7.78
N THR DA 12 -154.28 66.88 -8.71
CA THR DA 12 -153.58 65.59 -8.63
C THR DA 12 -152.56 65.53 -9.75
N ARG DA 13 -151.33 65.16 -9.41
CA ARG DA 13 -150.24 65.04 -10.39
C ARG DA 13 -149.91 63.56 -10.53
N THR DA 14 -150.46 62.93 -11.56
CA THR DA 14 -150.34 61.49 -11.76
C THR DA 14 -149.02 61.17 -12.44
N LEU DA 15 -148.10 60.57 -11.70
CA LEU DA 15 -146.85 60.06 -12.24
C LEU DA 15 -147.09 58.68 -12.86
N THR DA 16 -146.43 58.41 -13.97
CA THR DA 16 -146.54 57.11 -14.61
C THR DA 16 -145.16 56.46 -14.68
N GLU DA 17 -145.15 55.13 -14.65
CA GLU DA 17 -143.90 54.38 -14.67
C GLU DA 17 -143.34 54.32 -16.08
N ILE DA 18 -142.06 54.66 -16.23
CA ILE DA 18 -141.41 54.67 -17.54
C ILE DA 18 -140.27 53.67 -17.64
N GLN DA 19 -139.83 53.08 -16.54
CA GLN DA 19 -138.67 52.19 -16.56
C GLN DA 19 -138.76 51.27 -15.34
N SER DA 20 -138.34 50.02 -15.51
CA SER DA 20 -138.42 49.05 -14.43
C SER DA 20 -137.26 48.07 -14.58
N THR DA 21 -136.27 48.21 -13.73
CA THR DA 21 -135.13 47.31 -13.67
C THR DA 21 -135.53 46.20 -12.67
N ALA DA 22 -134.56 45.41 -12.18
CA ALA DA 22 -134.84 44.40 -11.16
C ALA DA 22 -135.37 45.03 -9.88
N ASP DA 23 -134.72 46.08 -9.41
CA ASP DA 23 -135.13 46.80 -8.21
C ASP DA 23 -135.43 48.27 -8.44
N ARG DA 24 -134.65 48.95 -9.28
CA ARG DA 24 -134.85 50.37 -9.54
C ARG DA 24 -136.11 50.57 -10.38
N GLN DA 25 -136.80 51.69 -10.14
CA GLN DA 25 -138.14 51.87 -10.67
C GLN DA 25 -138.36 53.38 -10.85
N ILE DA 26 -138.38 53.83 -12.10
CA ILE DA 26 -138.41 55.24 -12.42
C ILE DA 26 -139.82 55.63 -12.87
N PHE DA 27 -140.39 56.62 -12.20
CA PHE DA 27 -141.69 57.20 -12.55
C PHE DA 27 -141.47 58.58 -13.15
N GLU DA 28 -142.50 59.07 -13.84
CA GLU DA 28 -142.41 60.36 -14.52
C GLU DA 28 -143.80 60.89 -14.79
N GLU DA 29 -143.93 62.21 -14.82
CA GLU DA 29 -145.18 62.86 -15.18
C GLU DA 29 -145.18 63.19 -16.66
N LYS DA 30 -146.17 62.66 -17.38
CA LYS DA 30 -146.21 62.75 -18.83
C LYS DA 30 -146.90 64.01 -19.34
N VAL DA 31 -146.93 65.08 -18.56
CA VAL DA 31 -147.59 66.31 -18.99
C VAL DA 31 -146.54 67.38 -19.29
N GLY DA 32 -146.59 67.93 -20.49
CA GLY DA 32 -145.76 69.06 -20.85
C GLY DA 32 -144.62 68.68 -21.77
N PRO DA 33 -143.61 69.56 -21.88
CA PRO DA 33 -142.44 69.28 -22.71
C PRO DA 33 -141.58 68.14 -22.20
N LEU DA 34 -140.62 67.70 -23.01
CA LEU DA 34 -139.83 66.52 -22.71
C LEU DA 34 -138.62 66.80 -21.84
N VAL DA 35 -138.26 68.07 -21.64
CA VAL DA 35 -136.95 68.39 -21.08
C VAL DA 35 -136.93 68.26 -19.56
N GLY DA 36 -137.91 68.80 -18.84
CA GLY DA 36 -137.92 68.68 -17.40
C GLY DA 36 -139.27 68.27 -16.87
N ARG DA 37 -139.33 67.12 -16.22
CA ARG DA 37 -140.57 66.58 -15.69
C ARG DA 37 -140.33 66.12 -14.26
N LEU DA 38 -141.42 65.84 -13.56
CA LEU DA 38 -141.31 65.20 -12.26
C LEU DA 38 -140.72 63.80 -12.39
N ARG DA 39 -140.04 63.37 -11.36
CA ARG DA 39 -139.28 62.13 -11.39
C ARG DA 39 -139.36 61.48 -10.03
N LEU DA 40 -139.39 60.15 -10.01
CA LEU DA 40 -139.48 59.42 -8.75
C LEU DA 40 -138.76 58.09 -8.94
N THR DA 41 -137.58 57.98 -8.34
CA THR DA 41 -136.73 56.81 -8.50
C THR DA 41 -136.77 56.00 -7.21
N ALA DA 42 -137.66 55.01 -7.17
CA ALA DA 42 -137.69 54.11 -6.03
C ALA DA 42 -136.63 53.02 -6.19
N SER DA 43 -136.26 52.40 -5.07
CA SER DA 43 -135.29 51.32 -5.06
C SER DA 43 -135.56 50.45 -3.85
N LEU DA 44 -134.97 49.26 -3.86
CA LEU DA 44 -135.10 48.33 -2.75
C LEU DA 44 -133.97 47.30 -2.86
N ARG DA 45 -133.14 47.22 -1.83
CA ARG DA 45 -132.00 46.31 -1.82
C ARG DA 45 -132.05 45.50 -0.55
N GLN DA 46 -131.05 44.63 -0.37
CA GLN DA 46 -130.78 44.03 0.94
C GLN DA 46 -129.27 43.87 1.06
N ASN DA 47 -128.68 44.67 1.94
CA ASN DA 47 -127.23 44.76 2.04
C ASN DA 47 -126.69 43.69 3.00
N GLY DA 48 -125.56 43.11 2.61
CA GLY DA 48 -124.84 42.19 3.47
C GLY DA 48 -125.38 40.78 3.48
N ALA DA 49 -125.53 40.22 4.68
CA ALA DA 49 -125.92 38.81 4.83
C ALA DA 49 -127.43 38.69 5.01
N LYS DA 50 -128.16 39.25 4.04
CA LYS DA 50 -129.62 39.09 3.88
C LYS DA 50 -130.40 39.58 5.10
N THR DA 51 -129.88 40.58 5.81
CA THR DA 51 -130.42 40.93 7.11
C THR DA 51 -131.07 42.30 7.20
N ALA DA 52 -130.81 43.20 6.26
CA ALA DA 52 -131.34 44.56 6.35
C ALA DA 52 -131.69 45.07 4.96
N TYR DA 53 -132.93 45.50 4.79
CA TYR DA 53 -133.37 46.09 3.54
C TYR DA 53 -133.08 47.59 3.52
N ARG DA 54 -133.10 48.16 2.32
CA ARG DA 54 -132.74 49.57 2.16
C ARG DA 54 -133.63 50.16 1.05
N VAL DA 55 -134.63 50.93 1.45
CA VAL DA 55 -135.48 51.63 0.51
C VAL DA 55 -134.88 53.00 0.23
N ASN DA 56 -135.03 53.48 -1.01
CA ASN DA 56 -134.38 54.72 -1.42
C ASN DA 56 -135.28 55.44 -2.42
N LEU DA 57 -136.06 56.39 -1.94
CA LEU DA 57 -136.84 57.24 -2.82
C LEU DA 57 -136.06 58.50 -3.17
N LYS DA 58 -136.44 59.11 -4.29
CA LYS DA 58 -135.79 60.35 -4.75
C LYS DA 58 -136.77 61.05 -5.67
N LEU DA 59 -137.29 62.20 -5.24
CA LEU DA 59 -138.24 62.99 -6.01
C LEU DA 59 -137.53 64.21 -6.55
N ASP DA 60 -137.27 64.21 -7.86
CA ASP DA 60 -136.67 65.37 -8.52
C ASP DA 60 -137.75 66.35 -8.92
N GLN DA 61 -137.37 67.62 -9.03
CA GLN DA 61 -138.28 68.64 -9.53
C GLN DA 61 -137.47 69.71 -10.24
N ALA DA 62 -137.57 69.76 -11.56
CA ALA DA 62 -136.87 70.74 -12.37
C ALA DA 62 -137.78 71.93 -12.62
N ASP DA 63 -137.21 73.13 -12.65
CA ASP DA 63 -137.97 74.35 -12.90
C ASP DA 63 -137.78 74.74 -14.36
N VAL DA 64 -138.76 74.42 -15.17
CA VAL DA 64 -138.71 74.67 -16.61
C VAL DA 64 -139.36 76.02 -16.89
N VAL DA 65 -138.75 76.78 -17.79
CA VAL DA 65 -139.32 78.04 -18.25
C VAL DA 65 -139.23 78.05 -19.77
N ASP DA 66 -140.32 78.44 -20.42
CA ASP DA 66 -140.42 78.48 -21.87
C ASP DA 66 -140.53 79.94 -22.28
N CYS DA 67 -139.45 80.50 -22.82
CA CYS DA 67 -139.35 81.91 -23.13
C CYS DA 67 -139.40 82.13 -24.64
N SER DA 68 -140.17 81.31 -25.34
CA SER DA 68 -140.24 81.41 -26.79
C SER DA 68 -141.12 82.57 -27.25
N THR DA 69 -142.04 83.04 -26.42
CA THR DA 69 -142.91 84.13 -26.81
C THR DA 69 -142.22 85.48 -26.67
N SER DA 70 -141.49 85.67 -25.57
CA SER DA 70 -140.81 86.94 -25.35
C SER DA 70 -139.54 87.04 -26.19
N VAL DA 71 -138.59 86.14 -25.96
CA VAL DA 71 -137.36 86.08 -26.74
C VAL DA 71 -137.63 85.19 -27.94
N CYS DA 72 -137.47 85.73 -29.14
CA CYS DA 72 -137.73 84.97 -30.36
C CYS DA 72 -136.62 83.97 -30.61
N GLY DA 73 -137.00 82.71 -30.81
CA GLY DA 73 -136.09 81.70 -31.30
C GLY DA 73 -135.36 80.89 -30.25
N GLU DA 74 -135.95 80.67 -29.08
CA GLU DA 74 -135.31 79.83 -28.08
C GLU DA 74 -136.32 78.87 -27.46
N LEU DA 75 -135.79 77.82 -26.85
CA LEU DA 75 -136.53 76.63 -26.46
C LEU DA 75 -136.72 76.59 -24.95
N PRO DA 76 -137.63 75.77 -24.43
CA PRO DA 76 -137.71 75.59 -22.97
C PRO DA 76 -136.47 74.93 -22.42
N LYS DA 77 -136.10 75.33 -21.20
CA LYS DA 77 -134.86 74.90 -20.57
C LYS DA 77 -135.11 74.80 -19.08
N VAL DA 78 -134.27 74.04 -18.40
CA VAL DA 78 -134.36 73.89 -16.95
C VAL DA 78 -133.42 74.92 -16.30
N ARG DA 79 -133.94 75.61 -15.29
CA ARG DA 79 -133.09 76.53 -14.54
C ARG DA 79 -132.30 75.77 -13.48
N TYR DA 80 -133.02 75.03 -12.62
CA TYR DA 80 -132.42 74.30 -11.51
C TYR DA 80 -133.26 73.07 -11.23
N THR DA 81 -132.69 72.15 -10.46
CA THR DA 81 -133.40 70.99 -9.94
C THR DA 81 -133.31 70.99 -8.43
N GLN DA 82 -134.40 70.60 -7.78
CA GLN DA 82 -134.44 70.47 -6.34
C GLN DA 82 -134.97 69.08 -5.99
N VAL DA 83 -134.21 68.34 -5.21
CA VAL DA 83 -134.54 66.95 -4.92
C VAL DA 83 -134.95 66.83 -3.45
N TRP DA 84 -135.59 65.71 -3.13
CA TRP DA 84 -135.86 65.34 -1.74
C TRP DA 84 -135.71 63.82 -1.69
N SER DA 85 -134.53 63.37 -1.30
CA SER DA 85 -134.27 61.95 -1.23
C SER DA 85 -134.81 61.36 0.07
N HIS DA 86 -134.91 60.04 0.10
CA HIS DA 86 -135.21 59.30 1.31
C HIS DA 86 -134.27 58.11 1.37
N ASP DA 87 -134.01 57.64 2.58
CA ASP DA 87 -133.15 56.47 2.79
C ASP DA 87 -133.65 55.75 4.04
N VAL DA 88 -134.47 54.75 3.83
CA VAL DA 88 -135.05 53.98 4.92
C VAL DA 88 -134.27 52.69 5.09
N THR DA 89 -133.90 52.39 6.33
CA THR DA 89 -133.23 51.14 6.66
C THR DA 89 -134.20 50.28 7.46
N ILE DA 90 -134.47 49.08 6.97
CA ILE DA 90 -135.41 48.15 7.60
C ILE DA 90 -134.68 46.85 7.83
N VAL DA 91 -134.65 46.39 9.08
CA VAL DA 91 -134.05 45.10 9.38
C VAL DA 91 -135.09 44.02 9.10
N ALA DA 92 -134.59 42.83 8.72
CA ALA DA 92 -135.46 41.81 8.16
C ALA DA 92 -136.35 41.15 9.21
N ASN DA 93 -135.79 40.79 10.37
CA ASN DA 93 -136.51 40.05 11.39
C ASN DA 93 -137.29 40.94 12.36
N SER DA 94 -137.60 42.17 11.96
CA SER DA 94 -138.34 43.06 12.84
C SER DA 94 -139.81 42.69 12.88
N THR DA 95 -140.53 43.33 13.80
CA THR DA 95 -141.97 43.18 13.88
C THR DA 95 -142.64 44.22 13.00
N GLU DA 96 -143.93 43.99 12.71
CA GLU DA 96 -144.66 44.90 11.83
C GLU DA 96 -144.96 46.23 12.50
N ALA DA 97 -145.21 46.21 13.82
CA ALA DA 97 -145.54 47.44 14.51
C ALA DA 97 -144.36 48.38 14.68
N SER DA 98 -143.13 47.88 14.55
CA SER DA 98 -141.98 48.76 14.55
C SER DA 98 -141.85 49.48 13.22
N ARG DA 99 -142.13 48.78 12.12
CA ARG DA 99 -142.14 49.39 10.80
C ARG DA 99 -143.29 50.37 10.62
N LYS DA 100 -144.45 50.06 11.22
CA LYS DA 100 -145.60 50.95 11.10
C LYS DA 100 -145.39 52.22 11.92
N SER DA 101 -144.77 52.09 13.09
CA SER DA 101 -144.54 53.27 13.93
C SER DA 101 -143.43 54.15 13.37
N LEU DA 102 -142.46 53.55 12.69
CA LEU DA 102 -141.43 54.33 12.02
C LEU DA 102 -142.00 55.11 10.85
N TYR DA 103 -142.95 54.52 10.13
CA TYR DA 103 -143.60 55.23 9.04
C TYR DA 103 -144.55 56.30 9.57
N ASP DA 104 -145.29 55.99 10.64
CA ASP DA 104 -146.27 56.92 11.19
C ASP DA 104 -145.63 58.14 11.82
N LEU DA 105 -144.38 58.03 12.28
CA LEU DA 105 -143.68 59.19 12.80
C LEU DA 105 -143.14 60.06 11.68
N THR DA 106 -142.59 59.44 10.64
CA THR DA 106 -142.06 60.20 9.51
C THR DA 106 -143.18 60.79 8.67
N LYS DA 107 -144.38 60.19 8.68
CA LYS DA 107 -145.52 60.75 7.99
C LYS DA 107 -145.96 62.07 8.62
N SER DA 108 -145.86 62.16 9.94
CA SER DA 108 -146.24 63.38 10.64
C SER DA 108 -145.06 64.29 10.94
N LEU DA 109 -143.84 63.81 10.74
CA LEU DA 109 -142.70 64.72 10.79
C LEU DA 109 -142.71 65.65 9.58
N VAL DA 110 -142.95 65.10 8.39
CA VAL DA 110 -143.03 65.93 7.20
C VAL DA 110 -144.28 66.81 7.25
N ALA DA 111 -145.37 66.30 7.82
CA ALA DA 111 -146.63 67.02 7.83
C ALA DA 111 -146.67 68.15 8.85
N THR DA 112 -145.67 68.30 9.71
CA THR DA 112 -145.71 69.36 10.71
C THR DA 112 -145.31 70.68 10.08
N SER DA 113 -145.59 71.77 10.79
CA SER DA 113 -145.33 73.10 10.28
C SER DA 113 -143.94 73.61 10.62
N GLN DA 114 -143.08 72.80 11.23
CA GLN DA 114 -141.72 73.22 11.50
C GLN DA 114 -140.76 72.75 10.43
N VAL DA 115 -141.04 71.61 9.81
CA VAL DA 115 -140.24 71.15 8.67
C VAL DA 115 -140.70 71.87 7.40
N GLU DA 116 -141.91 72.44 7.41
CA GLU DA 116 -142.33 73.27 6.30
C GLU DA 116 -141.49 74.54 6.20
N ASP DA 117 -141.26 75.21 7.33
CA ASP DA 117 -140.44 76.40 7.35
C ASP DA 117 -138.96 76.09 7.20
N LEU DA 118 -138.55 74.83 7.36
CA LEU DA 118 -137.14 74.48 7.22
C LEU DA 118 -136.72 74.36 5.77
N VAL DA 119 -137.62 73.93 4.89
CA VAL DA 119 -137.24 73.73 3.49
C VAL DA 119 -137.73 74.90 2.64
N VAL DA 120 -138.67 75.67 3.16
CA VAL DA 120 -139.17 76.82 2.40
C VAL DA 120 -138.45 78.09 2.80
N ASN DA 121 -138.39 78.37 4.11
CA ASN DA 121 -137.84 79.62 4.61
C ASN DA 121 -136.53 79.43 5.35
N LEU DA 122 -136.02 78.20 5.43
CA LEU DA 122 -134.72 77.83 5.98
C LEU DA 122 -134.59 78.15 7.47
N VAL DA 123 -135.70 78.19 8.19
CA VAL DA 123 -135.69 78.39 9.64
C VAL DA 123 -135.44 77.05 10.32
N PRO DA 124 -134.53 76.96 11.29
CA PRO DA 124 -134.21 75.67 11.91
C PRO DA 124 -135.36 75.16 12.78
N LEU DA 125 -135.21 73.90 13.19
CA LEU DA 125 -136.27 73.19 13.88
C LEU DA 125 -136.30 73.55 15.37
N GLY DA 126 -137.46 73.36 15.98
CA GLY DA 126 -137.61 73.59 17.40
C GLY DA 126 -138.19 74.95 17.73
N ARG DA 127 -139.25 74.95 18.55
CA ARG DA 127 -139.89 76.19 19.00
C ARG DA 127 -140.17 76.06 20.48
N ALA DA 128 -139.77 77.07 21.25
CA ALA DA 128 -139.89 77.03 22.71
C ALA DA 128 -141.25 77.57 23.14
N TYR DA 129 -142.08 76.70 23.72
CA TYR DA 129 -143.32 77.09 24.38
C TYR DA 129 -143.34 76.47 25.77
N GLY DA 130 -142.91 77.24 26.76
CA GLY DA 130 -142.93 76.80 28.14
C GLY DA 130 -141.83 75.80 28.47
N GLY DA 131 -140.58 76.24 28.40
CA GLY DA 131 -139.46 75.36 28.69
C GLY DA 131 -138.40 75.40 27.61
N SER DA 132 -138.14 74.25 26.99
CA SER DA 132 -137.20 74.18 25.89
C SER DA 132 -137.93 74.12 24.56
N LYS DA 133 -137.16 73.95 23.49
CA LYS DA 133 -137.71 73.93 22.14
C LYS DA 133 -138.09 72.50 21.76
N THR DA 134 -139.34 72.30 21.35
CA THR DA 134 -139.89 70.98 21.14
C THR DA 134 -140.50 70.83 19.75
N ILE DA 135 -140.56 69.59 19.28
CA ILE DA 135 -141.35 69.20 18.12
C ILE DA 135 -142.38 68.19 18.60
N VAL DA 136 -143.63 68.37 18.19
CA VAL DA 136 -144.72 67.49 18.58
C VAL DA 136 -145.07 66.61 17.39
N LEU DA 137 -144.87 65.31 17.53
CA LEU DA 137 -145.13 64.34 16.47
C LEU DA 137 -146.38 63.56 16.84
N SER DA 138 -147.53 63.99 16.32
CA SER DA 138 -148.78 63.31 16.57
C SER DA 138 -148.87 62.04 15.74
N VAL DA 139 -149.25 60.94 16.39
CA VAL DA 139 -149.34 59.64 15.75
C VAL DA 139 -150.83 59.28 15.77
N GLY DA 140 -151.67 60.30 15.62
CA GLY DA 140 -153.09 60.17 15.82
C GLY DA 140 -153.52 61.12 16.93
N GLU DA 141 -153.88 60.56 18.08
CA GLU DA 141 -154.06 61.37 19.28
C GLU DA 141 -152.89 61.30 20.24
N ALA DA 142 -152.06 60.27 20.13
CA ALA DA 142 -150.86 60.16 20.96
C ALA DA 142 -149.75 61.04 20.39
N THR DA 143 -149.26 61.96 21.20
CA THR DA 143 -148.27 62.94 20.77
C THR DA 143 -146.92 62.63 21.44
N ARG DA 144 -145.97 62.18 20.65
CA ARG DA 144 -144.61 61.90 21.13
C ARG DA 144 -143.80 63.17 20.98
N THR DA 145 -143.58 63.87 22.09
CA THR DA 145 -142.94 65.18 22.08
C THR DA 145 -141.44 65.01 22.26
N LEU DA 146 -140.68 65.36 21.22
CA LEU DA 146 -139.22 65.40 21.31
C LEU DA 146 -138.77 66.74 21.85
N THR DA 147 -137.69 66.71 22.63
CA THR DA 147 -137.09 67.93 23.15
C THR DA 147 -135.67 68.07 22.62
N GLU DA 148 -135.26 69.30 22.38
CA GLU DA 148 -133.91 69.54 21.86
C GLU DA 148 -132.89 69.39 22.98
N ILE DA 149 -131.89 68.54 22.74
CA ILE DA 149 -130.83 68.33 23.71
C ILE DA 149 -129.50 68.92 23.26
N GLN DA 150 -129.39 69.42 22.03
CA GLN DA 150 -128.11 69.89 21.53
C GLN DA 150 -128.34 70.89 20.43
N SER DA 151 -127.45 71.88 20.32
CA SER DA 151 -127.48 72.87 19.25
C SER DA 151 -126.03 73.17 18.88
N THR DA 152 -125.51 72.45 17.89
CA THR DA 152 -124.15 72.62 17.43
C THR DA 152 -124.14 73.75 16.38
N ALA DA 153 -123.07 73.85 15.59
CA ALA DA 153 -122.99 74.88 14.56
C ALA DA 153 -124.03 74.67 13.46
N ASP DA 154 -124.08 73.46 12.90
CA ASP DA 154 -125.11 73.11 11.92
C ASP DA 154 -126.06 72.04 12.44
N ARG DA 155 -125.54 71.05 13.17
CA ARG DA 155 -126.34 69.95 13.69
C ARG DA 155 -127.27 70.45 14.79
N GLN DA 156 -128.35 69.68 15.00
CA GLN DA 156 -129.36 70.03 15.98
C GLN DA 156 -130.07 68.74 16.39
N ILE DA 157 -129.71 68.21 17.56
CA ILE DA 157 -130.13 66.87 17.98
C ILE DA 157 -131.31 66.97 18.91
N PHE DA 158 -132.42 66.35 18.54
CA PHE DA 158 -133.61 66.24 19.37
C PHE DA 158 -133.68 64.82 19.93
N GLU DA 159 -134.42 64.67 21.02
CA GLU DA 159 -134.53 63.37 21.68
C GLU DA 159 -135.77 63.36 22.56
N GLU DA 160 -136.42 62.20 22.65
CA GLU DA 160 -137.51 62.01 23.59
C GLU DA 160 -136.95 61.62 24.95
N LYS DA 161 -137.63 62.07 26.00
CA LYS DA 161 -137.13 61.91 27.36
C LYS DA 161 -137.80 60.80 28.16
N VAL DA 162 -138.82 60.16 27.61
CA VAL DA 162 -139.54 59.12 28.33
C VAL DA 162 -138.85 57.78 28.11
N GLY DA 163 -138.54 57.09 29.19
CA GLY DA 163 -138.01 55.75 29.13
C GLY DA 163 -136.53 55.65 29.46
N PRO DA 164 -135.92 54.52 29.12
CA PRO DA 164 -134.50 54.32 29.45
C PRO DA 164 -133.59 55.13 28.54
N LEU DA 165 -132.33 55.24 28.96
CA LEU DA 165 -131.33 55.98 28.22
C LEU DA 165 -130.77 55.21 27.03
N VAL DA 166 -131.05 53.91 26.93
CA VAL DA 166 -130.38 53.10 25.92
C VAL DA 166 -131.00 53.31 24.53
N GLY DA 167 -132.33 53.32 24.41
CA GLY DA 167 -132.95 53.52 23.11
C GLY DA 167 -134.05 54.55 23.15
N ARG DA 168 -133.86 55.66 22.45
CA ARG DA 168 -134.83 56.74 22.43
C ARG DA 168 -134.96 57.26 21.01
N LEU DA 169 -136.01 58.05 20.79
CA LEU DA 169 -136.18 58.71 19.50
C LEU DA 169 -135.12 59.78 19.31
N ARG DA 170 -134.82 60.07 18.05
CA ARG DA 170 -133.74 60.99 17.71
C ARG DA 170 -134.10 61.79 16.48
N LEU DA 171 -133.50 62.97 16.36
CA LEU DA 171 -133.62 63.80 15.17
C LEU DA 171 -132.33 64.61 15.03
N THR DA 172 -131.46 64.18 14.14
CA THR DA 172 -130.22 64.90 13.87
C THR DA 172 -130.43 65.75 12.63
N ALA DA 173 -131.15 66.85 12.80
CA ALA DA 173 -131.34 67.81 11.71
C ALA DA 173 -130.03 68.53 11.42
N SER DA 174 -129.95 69.09 10.21
CA SER DA 174 -128.74 69.76 9.76
C SER DA 174 -129.10 70.78 8.71
N LEU DA 175 -128.13 71.62 8.37
CA LEU DA 175 -128.31 72.68 7.38
C LEU DA 175 -126.93 73.16 6.96
N ARG DA 176 -126.65 73.13 5.66
CA ARG DA 176 -125.36 73.54 5.13
C ARG DA 176 -125.58 74.43 3.91
N GLN DA 177 -124.48 74.88 3.32
CA GLN DA 177 -124.50 75.46 1.97
C GLN DA 177 -123.14 75.19 1.34
N ASN DA 178 -123.15 74.55 0.17
CA ASN DA 178 -121.92 74.08 -0.45
C ASN DA 178 -121.27 75.16 -1.30
N GLY DA 179 -119.95 75.07 -1.44
CA GLY DA 179 -119.18 75.78 -2.44
C GLY DA 179 -119.24 77.29 -2.38
N ALA DA 180 -119.62 77.91 -3.49
CA ALA DA 180 -119.75 79.36 -3.57
C ALA DA 180 -121.17 79.82 -3.27
N LYS DA 181 -121.71 79.34 -2.13
CA LYS DA 181 -122.96 79.80 -1.54
C LYS DA 181 -124.16 79.67 -2.49
N THR DA 182 -124.23 78.58 -3.25
CA THR DA 182 -125.21 78.46 -4.32
C THR DA 182 -126.33 77.49 -4.03
N ALA DA 183 -126.19 76.59 -3.05
CA ALA DA 183 -127.21 75.58 -2.80
C ALA DA 183 -127.15 75.12 -1.36
N TYR DA 184 -128.30 75.12 -0.70
CA TYR DA 184 -128.40 74.61 0.66
C TYR DA 184 -128.59 73.10 0.63
N ARG DA 185 -128.51 72.48 1.81
CA ARG DA 185 -128.66 71.02 1.91
C ARG DA 185 -129.22 70.71 3.29
N VAL DA 186 -130.51 70.45 3.36
CA VAL DA 186 -131.16 70.06 4.61
C VAL DA 186 -131.05 68.56 4.77
N ASN DA 187 -130.81 68.08 5.99
CA ASN DA 187 -130.55 66.66 6.21
C ASN DA 187 -131.15 66.26 7.55
N LEU DA 188 -132.36 65.71 7.53
CA LEU DA 188 -132.97 65.13 8.71
C LEU DA 188 -132.65 63.64 8.79
N LYS DA 189 -132.81 63.09 9.99
CA LYS DA 189 -132.55 61.67 10.23
C LYS DA 189 -133.26 61.27 11.51
N LEU DA 190 -134.20 60.34 11.42
CA LEU DA 190 -134.98 59.88 12.57
C LEU DA 190 -134.58 58.46 12.90
N ASP DA 191 -133.97 58.27 14.06
CA ASP DA 191 -133.60 56.94 14.55
C ASP DA 191 -134.72 56.38 15.41
N GLN DA 192 -134.93 55.08 15.35
CA GLN DA 192 -135.90 54.42 16.21
C GLN DA 192 -135.37 53.03 16.57
N ALA DA 193 -134.88 52.90 17.80
CA ALA DA 193 -134.39 51.63 18.30
C ALA DA 193 -135.47 50.94 19.09
N ASP DA 194 -135.62 49.63 18.88
CA ASP DA 194 -136.65 48.85 19.54
C ASP DA 194 -136.08 48.26 20.83
N VAL DA 195 -136.47 48.85 21.95
CA VAL DA 195 -136.01 48.40 23.26
C VAL DA 195 -137.03 47.41 23.80
N VAL DA 196 -136.56 46.48 24.63
CA VAL DA 196 -137.43 45.46 25.22
C VAL DA 196 -136.95 45.20 26.64
N ASP DA 197 -137.89 44.91 27.53
CA ASP DA 197 -137.58 44.61 28.93
C ASP DA 197 -138.03 43.19 29.26
N CYS DA 198 -137.11 42.39 29.75
CA CYS DA 198 -137.36 41.00 30.09
C CYS DA 198 -137.54 40.82 31.59
N SER DA 199 -137.92 41.90 32.29
CA SER DA 199 -138.01 41.87 33.75
C SER DA 199 -139.16 41.01 34.25
N THR DA 200 -140.21 40.83 33.46
CA THR DA 200 -141.30 39.96 33.86
C THR DA 200 -140.91 38.49 33.75
N SER DA 201 -140.14 38.14 32.72
CA SER DA 201 -139.68 36.78 32.53
C SER DA 201 -138.47 36.44 33.39
N VAL DA 202 -137.43 37.27 33.33
CA VAL DA 202 -136.21 37.09 34.13
C VAL DA 202 -136.07 38.28 35.06
N CYS DA 203 -136.10 38.02 36.36
CA CYS DA 203 -136.06 39.11 37.33
C CYS DA 203 -134.67 39.75 37.37
N GLY DA 204 -134.66 41.06 37.54
CA GLY DA 204 -133.40 41.80 37.58
C GLY DA 204 -132.72 41.99 36.26
N GLU DA 205 -133.50 42.16 35.18
CA GLU DA 205 -132.94 42.41 33.85
C GLU DA 205 -133.24 43.84 33.44
N LEU DA 206 -132.19 44.53 33.00
CA LEU DA 206 -132.31 45.89 32.50
C LEU DA 206 -132.62 45.86 31.01
N PRO DA 207 -133.32 46.89 30.50
CA PRO DA 207 -133.70 46.88 29.08
C PRO DA 207 -132.52 47.04 28.15
N LYS DA 208 -132.70 46.55 26.92
CA LYS DA 208 -131.65 46.59 25.90
C LYS DA 208 -132.32 46.67 24.54
N VAL DA 209 -131.54 47.11 23.55
CA VAL DA 209 -132.05 47.32 22.20
C VAL DA 209 -131.77 46.08 21.35
N ARG DA 210 -132.72 45.72 20.50
CA ARG DA 210 -132.53 44.61 19.58
C ARG DA 210 -131.95 45.09 18.26
N TYR DA 211 -132.64 46.00 17.58
CA TYR DA 211 -132.24 46.50 16.29
C TYR DA 211 -132.47 48.01 16.26
N THR DA 212 -132.17 48.62 15.11
CA THR DA 212 -132.51 50.02 14.90
C THR DA 212 -132.96 50.20 13.46
N GLN DA 213 -133.84 51.17 13.24
CA GLN DA 213 -134.42 51.44 11.93
C GLN DA 213 -134.48 52.95 11.74
N VAL DA 214 -133.84 53.43 10.67
CA VAL DA 214 -133.71 54.86 10.44
C VAL DA 214 -134.58 55.27 9.26
N TRP DA 215 -134.80 56.57 9.12
CA TRP DA 215 -135.43 57.16 7.95
C TRP DA 215 -134.83 58.56 7.81
N SER DA 216 -133.77 58.66 6.99
CA SER DA 216 -133.13 59.94 6.80
C SER DA 216 -133.65 60.61 5.54
N HIS DA 217 -133.55 61.94 5.52
CA HIS DA 217 -133.98 62.75 4.38
C HIS DA 217 -132.77 63.52 3.88
N ASP DA 218 -132.83 63.93 2.61
CA ASP DA 218 -131.74 64.69 2.02
C ASP DA 218 -132.34 65.66 1.01
N VAL DA 219 -132.64 66.87 1.46
CA VAL DA 219 -133.24 67.90 0.64
C VAL DA 219 -132.15 68.75 0.05
N THR DA 220 -132.26 69.06 -1.24
CA THR DA 220 -131.34 69.96 -1.93
C THR DA 220 -132.13 71.18 -2.37
N ILE DA 221 -131.70 72.35 -1.93
CA ILE DA 221 -132.38 73.60 -2.20
C ILE DA 221 -131.35 74.57 -2.79
N VAL DA 222 -131.59 75.03 -4.01
CA VAL DA 222 -130.69 75.99 -4.63
C VAL DA 222 -131.06 77.39 -4.15
N ALA DA 223 -130.07 78.28 -4.13
CA ALA DA 223 -130.20 79.54 -3.40
C ALA DA 223 -131.09 80.54 -4.12
N ASN DA 224 -131.05 80.57 -5.44
CA ASN DA 224 -131.81 81.54 -6.22
C ASN DA 224 -133.17 81.02 -6.65
N SER DA 225 -133.78 80.16 -5.83
CA SER DA 225 -135.06 79.53 -6.13
C SER DA 225 -136.19 80.54 -6.11
N THR DA 226 -137.37 80.06 -6.51
CA THR DA 226 -138.61 80.74 -6.23
C THR DA 226 -139.18 80.11 -4.98
N GLU DA 227 -139.86 80.91 -4.16
CA GLU DA 227 -140.49 80.35 -2.96
C GLU DA 227 -141.68 79.46 -3.33
N ALA DA 228 -142.28 79.66 -4.50
CA ALA DA 228 -143.34 78.78 -4.96
C ALA DA 228 -142.81 77.43 -5.41
N SER DA 229 -141.53 77.32 -5.73
CA SER DA 229 -140.96 76.03 -6.11
C SER DA 229 -140.42 75.29 -4.91
N ARG DA 230 -140.03 76.00 -3.85
CA ARG DA 230 -139.69 75.34 -2.61
C ARG DA 230 -140.94 74.86 -1.88
N LYS DA 231 -142.04 75.58 -2.02
CA LYS DA 231 -143.30 75.17 -1.40
C LYS DA 231 -143.88 73.96 -2.12
N SER DA 232 -143.78 73.92 -3.45
CA SER DA 232 -144.36 72.81 -4.20
C SER DA 232 -143.51 71.54 -4.06
N LEU DA 233 -142.21 71.69 -3.82
CA LEU DA 233 -141.38 70.51 -3.55
C LEU DA 233 -141.71 69.90 -2.20
N TYR DA 234 -141.99 70.75 -1.20
CA TYR DA 234 -142.39 70.25 0.11
C TYR DA 234 -143.78 69.64 0.04
N ASP DA 235 -144.69 70.27 -0.71
CA ASP DA 235 -146.07 69.80 -0.82
C ASP DA 235 -146.19 68.48 -1.57
N LEU DA 236 -145.25 68.16 -2.46
CA LEU DA 236 -145.28 66.87 -3.13
C LEU DA 236 -144.71 65.78 -2.23
N THR DA 237 -143.67 66.09 -1.47
CA THR DA 237 -143.11 65.11 -0.55
C THR DA 237 -144.01 64.89 0.66
N LYS DA 238 -144.75 65.92 1.08
CA LYS DA 238 -145.76 65.75 2.11
C LYS DA 238 -146.88 64.84 1.63
N SER DA 239 -147.20 64.91 0.34
CA SER DA 239 -148.24 64.07 -0.22
C SER DA 239 -147.71 62.73 -0.71
N LEU DA 240 -146.40 62.60 -0.91
CA LEU DA 240 -145.84 61.31 -1.30
C LEU DA 240 -145.83 60.35 -0.12
N VAL DA 241 -145.35 60.80 1.03
CA VAL DA 241 -145.27 59.95 2.22
C VAL DA 241 -146.67 59.60 2.73
N ALA DA 242 -147.63 60.49 2.53
CA ALA DA 242 -148.99 60.25 3.02
C ALA DA 242 -149.77 59.25 2.17
N THR DA 243 -149.25 58.82 1.02
CA THR DA 243 -149.94 57.85 0.20
C THR DA 243 -149.85 56.46 0.82
N SER DA 244 -150.79 55.59 0.41
CA SER DA 244 -150.79 54.22 0.89
C SER DA 244 -149.92 53.31 0.03
N GLN DA 245 -149.24 53.84 -0.99
CA GLN DA 245 -148.30 53.04 -1.76
C GLN DA 245 -146.93 53.03 -1.10
N VAL DA 246 -146.52 54.16 -0.53
CA VAL DA 246 -145.28 54.22 0.23
C VAL DA 246 -145.46 53.61 1.61
N GLU DA 247 -146.71 53.52 2.10
CA GLU DA 247 -146.96 52.83 3.36
C GLU DA 247 -146.66 51.35 3.23
N ASP DA 248 -147.11 50.73 2.14
CA ASP DA 248 -146.83 49.32 1.91
C ASP DA 248 -145.39 49.07 1.46
N LEU DA 249 -144.70 50.10 0.98
CA LEU DA 249 -143.31 49.92 0.56
C LEU DA 249 -142.38 49.82 1.77
N VAL DA 250 -142.74 50.44 2.88
CA VAL DA 250 -141.92 50.39 4.08
C VAL DA 250 -142.38 49.29 5.03
N VAL DA 251 -143.69 49.09 5.15
CA VAL DA 251 -144.20 48.06 6.05
C VAL DA 251 -144.08 46.67 5.44
N ASN DA 252 -144.56 46.50 4.21
CA ASN DA 252 -144.64 45.19 3.59
C ASN DA 252 -143.73 45.00 2.39
N LEU DA 253 -142.89 45.98 2.05
CA LEU DA 253 -141.92 45.95 0.95
C LEU DA 253 -142.58 45.72 -0.42
N VAL DA 254 -143.81 46.18 -0.58
CA VAL DA 254 -144.51 46.09 -1.86
C VAL DA 254 -144.03 47.23 -2.74
N PRO DA 255 -143.60 46.98 -3.99
CA PRO DA 255 -143.11 48.07 -4.84
C PRO DA 255 -144.22 49.02 -5.27
N LEU DA 256 -143.80 50.18 -5.75
CA LEU DA 256 -144.73 51.25 -6.10
C LEU DA 256 -145.37 50.98 -7.46
N GLY DA 257 -146.51 51.62 -7.68
CA GLY DA 257 -147.18 51.53 -8.97
C GLY DA 257 -148.39 50.63 -8.97
N ARG DA 258 -149.54 51.17 -9.33
CA ARG DA 258 -150.77 50.38 -9.44
C ARG DA 258 -151.56 50.80 -10.67
N SER EA 1 -106.67 119.98 -5.24
CA SER EA 1 -105.32 120.30 -4.79
C SER EA 1 -104.42 120.66 -5.97
N LYS EA 2 -103.69 119.68 -6.47
CA LYS EA 2 -102.76 119.86 -7.57
C LYS EA 2 -103.43 119.42 -8.86
N THR EA 3 -103.59 120.35 -9.80
CA THR EA 3 -104.43 120.14 -10.98
C THR EA 3 -103.71 120.51 -12.26
N ILE EA 4 -104.11 119.85 -13.35
CA ILE EA 4 -103.82 120.28 -14.71
C ILE EA 4 -105.16 120.53 -15.39
N VAL EA 5 -105.26 121.64 -16.12
CA VAL EA 5 -106.49 122.02 -16.81
C VAL EA 5 -106.27 121.84 -18.30
N LEU EA 6 -107.08 121.00 -18.93
CA LEU EA 6 -106.99 120.71 -20.36
C LEU EA 6 -108.22 121.33 -21.03
N SER EA 7 -108.03 122.51 -21.61
CA SER EA 7 -109.12 123.18 -22.32
C SER EA 7 -109.17 122.69 -23.77
N VAL EA 8 -110.32 122.17 -24.17
CA VAL EA 8 -110.49 121.57 -25.48
C VAL EA 8 -111.44 122.43 -26.31
N GLY EA 9 -111.40 123.74 -26.08
CA GLY EA 9 -112.37 124.65 -26.63
C GLY EA 9 -112.86 125.57 -25.53
N GLU EA 10 -114.14 125.48 -25.20
CA GLU EA 10 -114.66 126.16 -24.02
C GLU EA 10 -114.80 125.25 -22.82
N ALA EA 11 -114.92 123.94 -23.02
CA ALA EA 11 -114.99 123.01 -21.92
C ALA EA 11 -113.59 122.71 -21.40
N THR EA 12 -113.40 122.76 -20.09
CA THR EA 12 -112.12 122.48 -19.44
C THR EA 12 -112.28 121.22 -18.60
N ARG EA 13 -111.40 120.26 -18.82
CA ARG EA 13 -111.42 118.99 -18.10
C ARG EA 13 -110.29 119.00 -17.08
N THR EA 14 -110.63 119.30 -15.83
CA THR EA 14 -109.63 119.49 -14.79
C THR EA 14 -109.26 118.15 -14.17
N LEU EA 15 -108.05 117.68 -14.45
CA LEU EA 15 -107.49 116.51 -13.80
C LEU EA 15 -106.99 116.88 -12.42
N THR EA 16 -107.09 115.94 -11.48
CA THR EA 16 -106.56 116.15 -10.13
C THR EA 16 -105.57 115.04 -9.81
N GLU EA 17 -104.54 115.39 -9.04
CA GLU EA 17 -103.51 114.43 -8.65
C GLU EA 17 -104.05 113.50 -7.58
N ILE EA 18 -103.89 112.19 -7.81
CA ILE EA 18 -104.39 111.19 -6.88
C ILE EA 18 -103.29 110.34 -6.26
N GLN EA 19 -102.06 110.39 -6.78
CA GLN EA 19 -100.99 109.54 -6.30
C GLN EA 19 -99.66 110.16 -6.70
N SER EA 20 -98.69 110.12 -5.79
CA SER EA 20 -97.39 110.73 -6.05
C SER EA 20 -96.32 109.85 -5.42
N THR EA 21 -95.57 109.15 -6.26
CA THR EA 21 -94.44 108.34 -5.83
C THR EA 21 -93.22 109.25 -5.88
N ALA EA 22 -92.00 108.70 -5.82
CA ALA EA 22 -90.79 109.50 -5.95
C ALA EA 22 -90.71 110.16 -7.32
N ASP EA 23 -90.85 109.38 -8.38
CA ASP EA 23 -90.83 109.87 -9.74
C ASP EA 23 -92.17 109.80 -10.44
N ARG EA 24 -92.91 108.72 -10.29
CA ARG EA 24 -94.21 108.57 -10.94
C ARG EA 24 -95.25 109.45 -10.26
N GLN EA 25 -96.21 109.90 -11.07
CA GLN EA 25 -97.15 110.93 -10.61
C GLN EA 25 -98.43 110.78 -11.42
N ILE EA 26 -99.48 110.28 -10.78
CA ILE EA 26 -100.71 109.88 -11.45
C ILE EA 26 -101.80 110.91 -11.20
N PHE EA 27 -102.37 111.45 -12.27
CA PHE EA 27 -103.49 112.37 -12.22
C PHE EA 27 -104.76 111.62 -12.65
N GLU EA 28 -105.91 112.21 -12.34
CA GLU EA 28 -107.19 111.62 -12.68
C GLU EA 28 -108.26 112.70 -12.66
N GLU EA 29 -109.29 112.51 -13.48
CA GLU EA 29 -110.44 113.39 -13.49
C GLU EA 29 -111.50 112.86 -12.53
N LYS EA 30 -111.95 113.70 -11.61
CA LYS EA 30 -112.84 113.28 -10.54
C LYS EA 30 -114.31 113.43 -10.86
N VAL EA 31 -114.69 113.42 -12.13
CA VAL EA 31 -116.09 113.57 -12.50
C VAL EA 31 -116.64 112.25 -13.03
N GLY EA 32 -117.80 111.84 -12.50
CA GLY EA 32 -118.50 110.69 -13.01
C GLY EA 32 -118.29 109.45 -12.18
N PRO EA 33 -118.59 108.28 -12.76
CA PRO EA 33 -118.39 107.01 -12.04
C PRO EA 33 -116.93 106.67 -11.81
N LEU EA 34 -116.69 105.57 -11.11
CA LEU EA 34 -115.36 105.20 -10.67
C LEU EA 34 -114.63 104.27 -11.63
N VAL EA 35 -115.31 103.74 -12.64
CA VAL EA 35 -114.72 102.67 -13.43
C VAL EA 35 -113.87 103.19 -14.58
N GLY EA 36 -114.30 104.23 -15.29
CA GLY EA 36 -113.50 104.76 -16.38
C GLY EA 36 -113.34 106.25 -16.29
N ARG EA 37 -112.10 106.71 -16.10
CA ARG EA 37 -111.80 108.12 -15.98
C ARG EA 37 -110.56 108.46 -16.78
N LEU EA 38 -110.38 109.74 -17.07
CA LEU EA 38 -109.14 110.21 -17.67
C LEU EA 38 -107.97 109.97 -16.72
N ARG EA 39 -106.83 109.61 -17.29
CA ARG EA 39 -105.66 109.29 -16.52
C ARG EA 39 -104.46 109.98 -17.16
N LEU EA 40 -103.48 110.34 -16.34
CA LEU EA 40 -102.29 110.99 -16.86
C LEU EA 40 -101.14 110.59 -15.94
N THR EA 41 -100.25 109.75 -16.45
CA THR EA 41 -99.15 109.20 -15.67
C THR EA 41 -97.85 109.86 -16.13
N ALA EA 42 -97.46 110.92 -15.44
CA ALA EA 42 -96.19 111.56 -15.70
C ALA EA 42 -95.07 110.82 -14.97
N SER EA 43 -93.85 110.99 -15.48
CA SER EA 43 -92.68 110.36 -14.87
C SER EA 43 -91.46 111.19 -15.23
N LEU EA 44 -90.36 110.93 -14.53
CA LEU EA 44 -89.09 111.59 -14.80
C LEU EA 44 -87.99 110.75 -14.17
N ARG EA 45 -87.00 110.37 -14.99
CA ARG EA 45 -85.89 109.55 -14.53
C ARG EA 45 -84.59 110.16 -15.01
N GLN EA 46 -83.48 109.50 -14.68
CA GLN EA 46 -82.20 109.78 -15.34
C GLN EA 46 -81.44 108.46 -15.40
N ASN EA 47 -81.32 107.90 -16.60
CA ASN EA 47 -80.76 106.57 -16.77
C ASN EA 47 -79.27 106.63 -17.06
N GLY EA 48 -78.54 105.67 -16.51
CA GLY EA 48 -77.12 105.55 -16.76
C GLY EA 48 -76.27 106.36 -15.82
N ALA EA 49 -75.26 107.05 -16.36
CA ALA EA 49 -74.31 107.80 -15.55
C ALA EA 49 -74.73 109.26 -15.40
N LYS EA 50 -75.99 109.45 -15.01
CA LYS EA 50 -76.56 110.73 -14.61
C LYS EA 50 -76.47 111.79 -15.70
N THR EA 51 -76.58 111.39 -16.97
CA THR EA 51 -76.32 112.30 -18.07
C THR EA 51 -77.52 112.56 -18.98
N ALA EA 52 -78.58 111.76 -18.89
CA ALA EA 52 -79.73 111.92 -19.78
C ALA EA 52 -81.01 111.68 -19.00
N TYR EA 53 -81.91 112.65 -19.01
CA TYR EA 53 -83.20 112.50 -18.37
C TYR EA 53 -84.20 111.86 -19.33
N ARG EA 54 -85.32 111.40 -18.77
CA ARG EA 54 -86.31 110.68 -19.57
C ARG EA 54 -87.70 111.01 -19.01
N VAL EA 55 -88.38 111.93 -19.66
CA VAL EA 55 -89.77 112.24 -19.33
C VAL EA 55 -90.67 111.24 -20.03
N ASN EA 56 -91.79 110.89 -19.39
CA ASN EA 56 -92.67 109.86 -19.92
C ASN EA 56 -94.10 110.18 -19.51
N LEU EA 57 -94.85 110.80 -20.41
CA LEU EA 57 -96.28 111.03 -20.19
C LEU EA 57 -97.08 109.91 -20.83
N LYS EA 58 -98.30 109.72 -20.31
CA LYS EA 58 -99.20 108.69 -20.83
C LYS EA 58 -100.62 109.10 -20.46
N LEU EA 59 -101.39 109.49 -21.46
CA LEU EA 59 -102.78 109.92 -21.26
C LEU EA 59 -103.70 108.80 -21.69
N ASP EA 60 -104.32 108.13 -20.72
CA ASP EA 60 -105.31 107.11 -21.00
C ASP EA 60 -106.67 107.74 -21.21
N GLN EA 61 -107.52 107.05 -21.96
CA GLN EA 61 -108.91 107.49 -22.13
C GLN EA 61 -109.77 106.27 -22.37
N ALA EA 62 -110.58 105.91 -21.38
CA ALA EA 62 -111.47 104.77 -21.48
C ALA EA 62 -112.85 105.26 -21.90
N ASP EA 63 -113.51 104.48 -22.76
CA ASP EA 63 -114.84 104.82 -23.25
C ASP EA 63 -115.86 104.05 -22.43
N VAL EA 64 -116.41 104.69 -21.43
CA VAL EA 64 -117.38 104.07 -20.54
C VAL EA 64 -118.78 104.31 -21.09
N VAL EA 65 -119.70 103.39 -20.82
CA VAL EA 65 -121.09 103.54 -21.22
C VAL EA 65 -121.96 102.96 -20.10
N ASP EA 66 -123.06 103.64 -19.79
CA ASP EA 66 -123.97 103.22 -18.74
C ASP EA 66 -125.30 102.87 -19.38
N CYS EA 67 -125.58 101.57 -19.49
CA CYS EA 67 -126.78 101.07 -20.13
C CYS EA 67 -127.76 100.54 -19.10
N SER EA 68 -127.81 101.20 -17.95
CA SER EA 68 -128.68 100.75 -16.87
C SER EA 68 -130.14 101.08 -17.12
N THR EA 69 -130.43 102.08 -17.96
CA THR EA 69 -131.81 102.48 -18.17
C THR EA 69 -132.46 101.64 -19.26
N SER EA 70 -131.73 101.36 -20.34
CA SER EA 70 -132.27 100.54 -21.42
C SER EA 70 -132.31 99.07 -21.02
N VAL EA 71 -131.16 98.50 -20.71
CA VAL EA 71 -131.07 97.12 -20.22
C VAL EA 71 -131.19 97.18 -18.71
N CYS EA 72 -132.16 96.45 -18.16
CA CYS EA 72 -132.42 96.50 -16.73
C CYS EA 72 -131.40 95.66 -15.98
N GLY EA 73 -130.74 96.28 -15.00
CA GLY EA 73 -129.91 95.55 -14.07
C GLY EA 73 -128.46 95.38 -14.42
N GLU EA 74 -127.84 96.32 -15.12
CA GLU EA 74 -126.41 96.25 -15.36
C GLU EA 74 -125.76 97.60 -15.11
N LEU EA 75 -124.43 97.56 -14.99
CA LEU EA 75 -123.62 98.63 -14.45
C LEU EA 75 -122.83 99.31 -15.56
N PRO EA 76 -122.25 100.49 -15.33
CA PRO EA 76 -121.33 101.05 -16.33
C PRO EA 76 -120.08 100.21 -16.49
N LYS EA 77 -119.53 100.23 -17.71
CA LYS EA 77 -118.42 99.37 -18.08
C LYS EA 77 -117.63 100.05 -19.18
N VAL EA 78 -116.36 99.69 -19.29
CA VAL EA 78 -115.47 100.28 -20.29
C VAL EA 78 -115.47 99.42 -21.53
N ARG EA 79 -115.63 100.05 -22.69
CA ARG EA 79 -115.66 99.30 -23.95
C ARG EA 79 -114.25 99.13 -24.50
N TYR EA 80 -113.47 100.20 -24.52
CA TYR EA 80 -112.10 100.16 -25.02
C TYR EA 80 -111.30 101.26 -24.35
N THR EA 81 -110.00 101.26 -24.62
CA THR EA 81 -109.08 102.24 -24.05
C THR EA 81 -108.12 102.71 -25.14
N GLN EA 82 -108.01 104.01 -25.30
CA GLN EA 82 -107.13 104.61 -26.29
C GLN EA 82 -106.14 105.50 -25.58
N VAL EA 83 -104.85 105.22 -25.74
CA VAL EA 83 -103.79 105.94 -25.04
C VAL EA 83 -103.03 106.80 -26.03
N TRP EA 84 -102.24 107.73 -25.48
CA TRP EA 84 -101.29 108.52 -26.27
C TRP EA 84 -100.10 108.77 -25.36
N SER EA 85 -99.09 107.92 -25.48
CA SER EA 85 -97.91 108.06 -24.66
C SER EA 85 -96.97 109.11 -25.24
N HIS EA 86 -95.99 109.50 -24.42
CA HIS EA 86 -94.90 110.34 -24.86
C HIS EA 86 -93.62 109.80 -24.26
N ASP EA 87 -92.49 110.07 -24.91
CA ASP EA 87 -91.19 109.63 -24.39
C ASP EA 87 -90.16 110.66 -24.84
N VAL EA 88 -89.87 111.60 -23.98
CA VAL EA 88 -88.93 112.67 -24.26
C VAL EA 88 -87.57 112.27 -23.68
N THR EA 89 -86.52 112.44 -24.48
CA THR EA 89 -85.15 112.21 -24.03
C THR EA 89 -84.42 113.54 -24.02
N ILE EA 90 -83.95 113.94 -22.83
CA ILE EA 90 -83.28 115.21 -22.62
C ILE EA 90 -81.90 114.92 -22.06
N VAL EA 91 -80.87 115.47 -22.70
CA VAL EA 91 -79.51 115.35 -22.18
C VAL EA 91 -79.28 116.45 -21.15
N ALA EA 92 -78.46 116.15 -20.14
CA ALA EA 92 -78.37 117.01 -18.97
C ALA EA 92 -77.57 118.28 -19.25
N ASN EA 93 -76.47 118.19 -19.99
CA ASN EA 93 -75.60 119.33 -20.23
C ASN EA 93 -76.01 120.14 -21.47
N SER EA 94 -77.26 120.03 -21.90
CA SER EA 94 -77.71 120.76 -23.06
C SER EA 94 -77.98 122.23 -22.71
N THR EA 95 -78.22 123.02 -23.75
CA THR EA 95 -78.63 124.40 -23.58
C THR EA 95 -80.14 124.49 -23.49
N GLU EA 96 -80.63 125.62 -22.97
CA GLU EA 96 -82.06 125.78 -22.79
C GLU EA 96 -82.77 125.98 -24.13
N ALA EA 97 -82.11 126.62 -25.09
CA ALA EA 97 -82.73 126.87 -26.38
C ALA EA 97 -82.88 125.59 -27.21
N SER EA 98 -82.14 124.54 -26.90
CA SER EA 98 -82.35 123.27 -27.58
C SER EA 98 -83.60 122.57 -27.03
N ARG EA 99 -83.79 122.62 -25.72
CA ARG EA 99 -85.00 122.08 -25.10
C ARG EA 99 -86.24 122.89 -25.45
N LYS EA 100 -86.11 124.21 -25.57
CA LYS EA 100 -87.25 125.05 -25.93
C LYS EA 100 -87.65 124.84 -27.38
N SER EA 101 -86.68 124.63 -28.27
CA SER EA 101 -87.01 124.45 -29.68
C SER EA 101 -87.55 123.06 -29.94
N LEU EA 102 -87.12 122.07 -29.15
CA LEU EA 102 -87.68 120.72 -29.29
C LEU EA 102 -89.13 120.68 -28.82
N TYR EA 103 -89.45 121.44 -27.76
CA TYR EA 103 -90.83 121.53 -27.33
C TYR EA 103 -91.66 122.33 -28.33
N ASP EA 104 -91.08 123.37 -28.92
CA ASP EA 104 -91.81 124.22 -29.86
C ASP EA 104 -92.13 123.50 -31.16
N LEU EA 105 -91.31 122.53 -31.55
CA LEU EA 105 -91.62 121.75 -32.75
C LEU EA 105 -92.70 120.72 -32.49
N THR EA 106 -92.62 120.03 -31.34
CA THR EA 106 -93.62 119.02 -31.01
C THR EA 106 -94.96 119.64 -30.67
N LYS EA 107 -94.97 120.85 -30.11
CA LYS EA 107 -96.23 121.57 -29.90
C LYS EA 107 -96.88 121.92 -31.23
N SER EA 108 -96.07 122.26 -32.23
CA SER EA 108 -96.60 122.58 -33.54
C SER EA 108 -96.76 121.36 -34.44
N LEU EA 109 -96.15 120.23 -34.08
CA LEU EA 109 -96.39 119.01 -34.83
C LEU EA 109 -97.75 118.43 -34.52
N VAL EA 110 -98.12 118.40 -33.24
CA VAL EA 110 -99.41 117.86 -32.85
C VAL EA 110 -100.54 118.80 -33.31
N ALA EA 111 -100.27 120.09 -33.33
CA ALA EA 111 -101.32 121.06 -33.67
C ALA EA 111 -101.62 121.16 -35.16
N THR EA 112 -100.88 120.46 -36.01
CA THR EA 112 -101.14 120.56 -37.45
C THR EA 112 -102.27 119.63 -37.86
N SER EA 113 -102.78 119.84 -39.08
CA SER EA 113 -103.92 119.09 -39.57
C SER EA 113 -103.55 117.76 -40.21
N GLN EA 114 -102.25 117.44 -40.30
CA GLN EA 114 -101.86 116.18 -40.88
C GLN EA 114 -101.71 115.08 -39.82
N VAL EA 115 -101.36 115.47 -38.59
CA VAL EA 115 -101.34 114.52 -37.50
C VAL EA 115 -102.74 114.34 -36.92
N GLU EA 116 -103.63 115.31 -37.16
CA GLU EA 116 -105.03 115.13 -36.79
C GLU EA 116 -105.68 114.03 -37.60
N ASP EA 117 -105.50 114.05 -38.92
CA ASP EA 117 -106.08 113.02 -39.76
C ASP EA 117 -105.36 111.68 -39.64
N LEU EA 118 -104.17 111.66 -39.04
CA LEU EA 118 -103.46 110.41 -38.85
C LEU EA 118 -104.02 109.58 -37.71
N VAL EA 119 -104.56 110.23 -36.68
CA VAL EA 119 -105.09 109.49 -35.54
C VAL EA 119 -106.60 109.42 -35.59
N VAL EA 120 -107.24 110.38 -36.25
CA VAL EA 120 -108.69 110.35 -36.35
C VAL EA 120 -109.13 109.50 -37.54
N ASN EA 121 -108.53 109.73 -38.71
CA ASN EA 121 -108.96 109.09 -39.94
C ASN EA 121 -107.93 108.13 -40.52
N LEU EA 122 -106.80 107.93 -39.82
CA LEU EA 122 -105.74 106.96 -40.17
C LEU EA 122 -105.10 107.24 -41.52
N VAL EA 123 -105.03 108.51 -41.93
CA VAL EA 123 -104.43 108.89 -43.21
C VAL EA 123 -102.96 109.23 -42.97
N PRO EA 124 -102.02 108.69 -43.74
CA PRO EA 124 -100.59 108.93 -43.47
C PRO EA 124 -100.17 110.36 -43.73
N LEU EA 125 -98.97 110.68 -43.26
CA LEU EA 125 -98.46 112.04 -43.27
C LEU EA 125 -97.94 112.43 -44.65
N GLY EA 126 -97.84 113.75 -44.86
CA GLY EA 126 -97.30 114.27 -46.10
C GLY EA 126 -98.36 114.62 -47.12
N ARG EA 127 -98.29 115.84 -47.64
CA ARG EA 127 -99.21 116.30 -48.68
C ARG EA 127 -98.42 117.06 -49.72
N ALA EA 128 -98.57 116.68 -50.99
CA ALA EA 128 -97.79 117.26 -52.08
C ALA EA 128 -98.49 118.47 -52.65
N TYR EA 129 -97.96 119.66 -52.37
CA TYR EA 129 -98.39 120.90 -53.01
C TYR EA 129 -97.17 121.55 -53.65
N GLY EA 130 -97.00 121.33 -54.95
CA GLY EA 130 -95.91 121.93 -55.69
C GLY EA 130 -94.56 121.30 -55.42
N GLY EA 131 -94.39 120.04 -55.79
CA GLY EA 131 -93.14 119.34 -55.57
C GLY EA 131 -93.33 117.99 -54.91
N SER EA 132 -92.74 117.82 -53.72
CA SER EA 132 -92.90 116.60 -52.96
C SER EA 132 -93.87 116.84 -51.80
N LYS EA 133 -94.02 115.82 -50.95
CA LYS EA 133 -94.95 115.87 -49.84
C LYS EA 133 -94.25 116.47 -48.62
N THR EA 134 -94.83 117.52 -48.05
CA THR EA 134 -94.18 118.29 -47.00
C THR EA 134 -95.09 118.45 -45.79
N ILE EA 135 -94.46 118.65 -44.62
CA ILE EA 135 -95.13 119.12 -43.42
C ILE EA 135 -94.47 120.43 -43.02
N VAL EA 136 -95.29 121.44 -42.72
CA VAL EA 136 -94.80 122.72 -42.24
C VAL EA 136 -94.97 122.75 -40.72
N LEU EA 137 -93.94 123.21 -40.02
CA LEU EA 137 -93.91 123.27 -38.56
C LEU EA 137 -93.55 124.69 -38.15
N SER EA 138 -94.56 125.55 -38.05
CA SER EA 138 -94.32 126.93 -37.66
C SER EA 138 -94.06 127.02 -36.16
N VAL EA 139 -92.96 127.68 -35.80
CA VAL EA 139 -92.56 127.83 -34.40
C VAL EA 139 -92.79 129.28 -34.01
N GLY EA 140 -93.79 129.90 -34.60
CA GLY EA 140 -93.98 131.34 -34.56
C GLY EA 140 -94.29 131.82 -35.95
N GLU EA 141 -93.40 132.63 -36.53
CA GLU EA 141 -93.51 132.96 -37.94
C GLU EA 141 -92.55 132.15 -38.82
N ALA EA 142 -91.47 131.63 -38.25
CA ALA EA 142 -90.54 130.80 -39.00
C ALA EA 142 -91.11 129.40 -39.18
N THR EA 143 -91.13 128.93 -40.43
CA THR EA 143 -91.72 127.64 -40.77
C THR EA 143 -90.61 126.70 -41.22
N ARG EA 144 -90.28 125.73 -40.37
CA ARG EA 144 -89.28 124.71 -40.69
C ARG EA 144 -89.99 123.60 -41.46
N THR EA 145 -89.91 123.67 -42.79
CA THR EA 145 -90.61 122.73 -43.67
C THR EA 145 -89.79 121.46 -43.82
N LEU EA 146 -90.35 120.33 -43.40
CA LEU EA 146 -89.74 119.04 -43.64
C LEU EA 146 -90.24 118.47 -44.96
N THR EA 147 -89.35 117.79 -45.67
CA THR EA 147 -89.71 117.12 -46.92
C THR EA 147 -89.55 115.63 -46.74
N GLU EA 148 -90.43 114.85 -47.35
CA GLU EA 148 -90.39 113.41 -47.24
C GLU EA 148 -89.27 112.85 -48.09
N ILE EA 149 -88.40 112.04 -47.49
CA ILE EA 149 -87.29 111.43 -48.21
C ILE EA 149 -87.48 109.94 -48.41
N GLN EA 150 -88.45 109.31 -47.78
CA GLN EA 150 -88.59 107.87 -47.85
C GLN EA 150 -90.03 107.48 -47.57
N SER EA 151 -90.49 106.41 -48.20
CA SER EA 151 -91.81 105.84 -47.97
C SER EA 151 -91.67 104.33 -48.04
N THR EA 152 -91.57 103.70 -46.88
CA THR EA 152 -91.41 102.26 -46.76
C THR EA 152 -92.83 101.67 -46.76
N ALA EA 153 -92.99 100.39 -46.38
CA ALA EA 153 -94.32 99.78 -46.33
C ALA EA 153 -95.21 100.45 -45.29
N ASP EA 154 -94.71 100.65 -44.08
CA ASP EA 154 -95.43 101.38 -43.06
C ASP EA 154 -94.69 102.65 -42.63
N ARG EA 155 -93.36 102.58 -42.59
CA ARG EA 155 -92.52 103.70 -42.17
C ARG EA 155 -92.59 104.84 -43.18
N GLN EA 156 -92.26 106.04 -42.71
CA GLN EA 156 -92.35 107.24 -43.54
C GLN EA 156 -91.41 108.27 -42.94
N ILE EA 157 -90.24 108.44 -43.55
CA ILE EA 157 -89.17 109.25 -42.98
C ILE EA 157 -89.17 110.63 -43.63
N PHE EA 158 -89.33 111.66 -42.82
CA PHE EA 158 -89.24 113.05 -43.24
C PHE EA 158 -87.92 113.62 -42.77
N GLU EA 159 -87.49 114.70 -43.42
CA GLU EA 159 -86.20 115.31 -43.09
C GLU EA 159 -86.17 116.74 -43.63
N GLU EA 160 -85.57 117.64 -42.84
CA GLU EA 160 -85.32 118.99 -43.32
C GLU EA 160 -84.05 119.00 -44.16
N LYS EA 161 -84.05 119.83 -45.20
CA LYS EA 161 -83.01 119.76 -46.22
C LYS EA 161 -81.93 120.83 -46.08
N VAL EA 162 -82.12 121.83 -45.24
CA VAL EA 162 -81.13 122.90 -45.10
C VAL EA 162 -80.02 122.43 -44.17
N GLY EA 163 -78.84 123.02 -44.34
CA GLY EA 163 -77.73 122.76 -43.47
C GLY EA 163 -76.92 121.53 -43.87
N PRO EA 164 -76.05 121.08 -42.98
CA PRO EA 164 -75.20 119.92 -43.30
C PRO EA 164 -75.98 118.62 -43.24
N LEU EA 165 -75.33 117.56 -43.72
CA LEU EA 165 -75.92 116.22 -43.73
C LEU EA 165 -75.79 115.50 -42.40
N VAL EA 166 -74.99 116.03 -41.47
CA VAL EA 166 -74.67 115.27 -40.26
C VAL EA 166 -75.82 115.31 -39.25
N GLY EA 167 -76.45 116.46 -39.04
CA GLY EA 167 -77.55 116.55 -38.12
C GLY EA 167 -78.70 117.35 -38.67
N ARG EA 168 -79.85 116.72 -38.84
CA ARG EA 168 -81.03 117.37 -39.41
C ARG EA 168 -82.26 116.94 -38.63
N LEU EA 169 -83.36 117.66 -38.88
CA LEU EA 169 -84.65 117.26 -38.31
C LEU EA 169 -85.13 115.96 -38.94
N ARG EA 170 -85.94 115.22 -38.22
CA ARG EA 170 -86.37 113.91 -38.66
C ARG EA 170 -87.79 113.65 -38.17
N LEU EA 171 -88.47 112.75 -38.88
CA LEU EA 171 -89.80 112.27 -38.48
C LEU EA 171 -89.96 110.85 -38.97
N THR EA 172 -89.87 109.89 -38.06
CA THR EA 172 -90.06 108.48 -38.40
C THR EA 172 -91.48 108.10 -37.98
N ALA EA 173 -92.44 108.40 -38.86
CA ALA EA 173 -93.81 107.99 -38.63
C ALA EA 173 -93.98 106.50 -38.91
N SER EA 174 -95.07 105.93 -38.38
CA SER EA 174 -95.37 104.53 -38.60
C SER EA 174 -96.88 104.34 -38.45
N LEU EA 175 -97.33 103.15 -38.81
CA LEU EA 175 -98.74 102.76 -38.71
C LEU EA 175 -98.81 101.26 -38.83
N ARG EA 176 -99.42 100.61 -37.84
CA ARG EA 176 -99.50 99.15 -37.81
C ARG EA 176 -100.91 98.74 -37.43
N GLN EA 177 -101.13 97.42 -37.40
CA GLN EA 177 -102.28 96.85 -36.70
C GLN EA 177 -101.88 95.46 -36.25
N ASN EA 178 -101.71 95.29 -34.94
CA ASN EA 178 -101.21 94.04 -34.37
C ASN EA 178 -102.36 93.12 -34.05
N GLY EA 179 -102.14 91.82 -34.28
CA GLY EA 179 -103.11 90.80 -33.93
C GLY EA 179 -104.18 90.59 -34.98
N ALA EA 180 -105.43 90.44 -34.53
CA ALA EA 180 -106.55 90.15 -35.42
C ALA EA 180 -107.25 91.42 -35.89
N LYS EA 181 -106.46 92.38 -36.39
CA LYS EA 181 -106.94 93.63 -36.97
C LYS EA 181 -107.81 94.44 -36.01
N THR EA 182 -107.50 94.39 -34.71
CA THR EA 182 -108.36 94.97 -33.70
C THR EA 182 -107.84 96.29 -33.13
N ALA EA 183 -106.57 96.62 -33.34
CA ALA EA 183 -106.02 97.82 -32.74
C ALA EA 183 -104.87 98.33 -33.59
N TYR EA 184 -104.93 99.60 -33.97
CA TYR EA 184 -103.87 100.24 -34.71
C TYR EA 184 -102.81 100.76 -33.75
N ARG EA 185 -101.68 101.21 -34.29
CA ARG EA 185 -100.60 101.74 -33.46
C ARG EA 185 -99.84 102.77 -34.28
N VAL EA 186 -100.07 104.04 -33.99
CA VAL EA 186 -99.33 105.13 -34.62
C VAL EA 186 -98.11 105.43 -33.78
N ASN EA 187 -96.99 105.76 -34.43
CA ASN EA 187 -95.73 105.93 -33.72
C ASN EA 187 -94.92 107.00 -34.44
N LEU EA 188 -94.96 108.23 -33.94
CA LEU EA 188 -94.11 109.30 -34.43
C LEU EA 188 -92.85 109.40 -33.59
N LYS EA 189 -91.83 110.02 -34.17
CA LYS EA 189 -90.54 110.18 -33.49
C LYS EA 189 -89.80 111.34 -34.13
N LEU EA 190 -89.55 112.39 -33.37
CA LEU EA 190 -88.88 113.59 -33.87
C LEU EA 190 -87.51 113.69 -33.23
N ASP EA 191 -86.47 113.47 -34.03
CA ASP EA 191 -85.10 113.67 -33.58
C ASP EA 191 -84.70 115.12 -33.81
N GLN EA 192 -83.80 115.61 -32.97
CA GLN EA 192 -83.24 116.95 -33.16
C GLN EA 192 -81.82 116.95 -32.63
N ALA EA 193 -80.86 116.79 -33.51
CA ALA EA 193 -79.44 116.80 -33.16
C ALA EA 193 -78.93 118.23 -33.22
N ASP EA 194 -78.12 118.59 -32.23
CA ASP EA 194 -77.59 119.95 -32.14
C ASP EA 194 -76.24 119.98 -32.82
N VAL EA 195 -76.17 120.61 -33.98
CA VAL EA 195 -74.95 120.71 -34.76
C VAL EA 195 -74.34 122.08 -34.50
N VAL EA 196 -73.00 122.13 -34.48
CA VAL EA 196 -72.28 123.37 -34.23
C VAL EA 196 -71.06 123.39 -35.16
N ASP EA 197 -70.63 124.59 -35.52
CA ASP EA 197 -69.46 124.77 -36.38
C ASP EA 197 -68.45 125.66 -35.68
N CYS EA 198 -67.18 125.25 -35.77
CA CYS EA 198 -66.08 125.98 -35.15
C CYS EA 198 -65.18 126.63 -36.20
N SER EA 199 -65.76 126.99 -37.35
CA SER EA 199 -64.98 127.53 -38.45
C SER EA 199 -64.49 128.95 -38.19
N THR EA 200 -65.24 129.73 -37.41
CA THR EA 200 -64.78 131.07 -37.06
C THR EA 200 -63.71 131.01 -35.96
N SER EA 201 -63.63 129.90 -35.25
CA SER EA 201 -62.64 129.71 -34.18
C SER EA 201 -61.44 128.91 -34.65
N VAL EA 202 -61.66 127.75 -35.25
CA VAL EA 202 -60.59 126.83 -35.64
C VAL EA 202 -60.60 126.70 -37.15
N CYS EA 203 -59.42 126.68 -37.76
CA CYS EA 203 -59.31 126.45 -39.20
C CYS EA 203 -59.77 125.05 -39.58
N GLY EA 204 -60.43 124.96 -40.72
CA GLY EA 204 -60.72 123.68 -41.35
C GLY EA 204 -61.65 122.78 -40.60
N GLU EA 205 -62.59 123.34 -39.83
CA GLU EA 205 -63.46 122.57 -38.97
C GLU EA 205 -64.81 122.39 -39.65
N LEU EA 206 -65.16 121.15 -39.94
CA LEU EA 206 -66.46 120.81 -40.47
C LEU EA 206 -67.45 120.64 -39.30
N PRO EA 207 -68.74 120.88 -39.54
CA PRO EA 207 -69.71 120.78 -38.44
C PRO EA 207 -69.89 119.35 -37.94
N LYS EA 208 -70.24 119.25 -36.66
CA LYS EA 208 -70.43 117.97 -36.00
C LYS EA 208 -71.53 118.12 -34.97
N VAL EA 209 -72.06 116.98 -34.52
CA VAL EA 209 -73.13 116.95 -33.52
C VAL EA 209 -72.52 116.69 -32.15
N ARG EA 210 -73.16 117.23 -31.12
CA ARG EA 210 -72.71 117.01 -29.75
C ARG EA 210 -73.65 116.09 -28.99
N TYR EA 211 -74.96 116.30 -29.13
CA TYR EA 211 -75.96 115.42 -28.55
C TYR EA 211 -77.16 115.32 -29.48
N THR EA 212 -78.19 114.60 -29.02
CA THR EA 212 -79.46 114.54 -29.73
C THR EA 212 -80.58 114.42 -28.71
N GLN EA 213 -81.77 114.90 -29.08
CA GLN EA 213 -82.91 114.94 -28.18
C GLN EA 213 -84.16 114.50 -28.93
N VAL EA 214 -84.82 113.47 -28.40
CA VAL EA 214 -85.91 112.79 -29.09
C VAL EA 214 -87.22 113.07 -28.35
N TRP EA 215 -88.29 113.26 -29.11
CA TRP EA 215 -89.64 113.28 -28.56
C TRP EA 215 -90.47 112.26 -29.34
N SER EA 216 -90.65 111.08 -28.76
CA SER EA 216 -91.42 110.03 -29.40
C SER EA 216 -92.89 110.15 -29.03
N HIS EA 217 -93.73 109.48 -29.83
CA HIS EA 217 -95.14 109.35 -29.54
C HIS EA 217 -95.54 107.90 -29.73
N ASP EA 218 -96.58 107.48 -29.04
CA ASP EA 218 -97.07 106.09 -29.18
C ASP EA 218 -98.58 106.11 -28.96
N VAL EA 219 -99.33 106.22 -30.05
CA VAL EA 219 -100.78 106.30 -30.00
C VAL EA 219 -101.34 104.91 -30.25
N THR EA 220 -102.30 104.50 -29.43
CA THR EA 220 -103.00 103.23 -29.58
C THR EA 220 -104.45 103.52 -29.90
N ILE EA 221 -104.92 103.00 -31.03
CA ILE EA 221 -106.26 103.24 -31.53
C ILE EA 221 -106.91 101.90 -31.79
N VAL EA 222 -108.02 101.62 -31.13
CA VAL EA 222 -108.74 100.38 -31.37
C VAL EA 222 -109.59 100.54 -32.62
N ALA EA 223 -109.94 99.40 -33.24
CA ALA EA 223 -110.48 99.43 -34.58
C ALA EA 223 -111.95 99.82 -34.62
N ASN EA 224 -112.76 99.30 -33.69
CA ASN EA 224 -114.19 99.54 -33.69
C ASN EA 224 -114.59 100.75 -32.86
N SER EA 225 -113.70 101.72 -32.69
CA SER EA 225 -113.99 102.88 -31.87
C SER EA 225 -114.91 103.86 -32.60
N THR EA 226 -115.40 104.82 -31.84
CA THR EA 226 -116.16 105.93 -32.39
C THR EA 226 -115.17 106.97 -32.91
N GLU EA 227 -115.54 107.65 -34.00
CA GLU EA 227 -114.70 108.75 -34.48
C GLU EA 227 -114.70 109.92 -33.51
N ALA EA 228 -115.77 110.07 -32.72
CA ALA EA 228 -115.80 111.12 -31.71
C ALA EA 228 -114.88 110.83 -30.54
N SER EA 229 -114.47 109.58 -30.34
CA SER EA 229 -113.54 109.26 -29.26
C SER EA 229 -112.09 109.38 -29.74
N ARG EA 230 -111.86 109.16 -31.03
CA ARG EA 230 -110.54 109.44 -31.59
C ARG EA 230 -110.29 110.95 -31.68
N LYS EA 231 -111.36 111.72 -31.89
CA LYS EA 231 -111.22 113.18 -31.96
C LYS EA 231 -110.91 113.76 -30.59
N SER EA 232 -111.57 113.25 -29.54
CA SER EA 232 -111.34 113.78 -28.20
C SER EA 232 -110.00 113.34 -27.64
N LEU EA 233 -109.47 112.21 -28.09
CA LEU EA 233 -108.12 111.81 -27.68
C LEU EA 233 -107.08 112.72 -28.29
N TYR EA 234 -107.28 113.13 -29.54
CA TYR EA 234 -106.36 114.06 -30.18
C TYR EA 234 -106.47 115.44 -29.58
N ASP EA 235 -107.70 115.88 -29.29
CA ASP EA 235 -107.94 117.20 -28.71
C ASP EA 235 -107.40 117.33 -27.30
N LEU EA 236 -107.36 116.25 -26.52
CA LEU EA 236 -106.79 116.33 -25.19
C LEU EA 236 -105.27 116.34 -25.24
N THR EA 237 -104.68 115.62 -26.19
CA THR EA 237 -103.22 115.62 -26.31
C THR EA 237 -102.71 116.89 -26.97
N LYS EA 238 -103.49 117.46 -27.89
CA LYS EA 238 -103.15 118.77 -28.45
C LYS EA 238 -103.22 119.85 -27.38
N SER EA 239 -104.15 119.73 -26.44
CA SER EA 239 -104.26 120.69 -25.37
C SER EA 239 -103.34 120.38 -24.20
N LEU EA 240 -102.81 119.16 -24.12
CA LEU EA 240 -101.86 118.84 -23.06
C LEU EA 240 -100.50 119.43 -23.34
N VAL EA 241 -100.00 119.26 -24.58
CA VAL EA 241 -98.69 119.77 -24.96
C VAL EA 241 -98.69 121.31 -24.97
N ALA EA 242 -99.82 121.92 -25.27
CA ALA EA 242 -99.91 123.37 -25.32
C ALA EA 242 -99.96 124.04 -23.95
N THR EA 243 -100.03 123.27 -22.86
CA THR EA 243 -100.07 123.87 -21.54
C THR EA 243 -98.68 124.32 -21.11
N SER EA 244 -98.65 125.22 -20.12
CA SER EA 244 -97.38 125.71 -19.58
C SER EA 244 -96.81 124.79 -18.52
N GLN EA 245 -97.52 123.73 -18.15
CA GLN EA 245 -96.97 122.78 -17.19
C GLN EA 245 -96.07 121.77 -17.88
N VAL EA 246 -96.45 121.33 -19.08
CA VAL EA 246 -95.60 120.43 -19.86
C VAL EA 246 -94.46 121.20 -20.51
N GLU EA 247 -94.62 122.52 -20.67
CA GLU EA 247 -93.51 123.34 -21.17
C GLU EA 247 -92.37 123.35 -20.16
N ASP EA 248 -92.67 123.60 -18.89
CA ASP EA 248 -91.65 123.60 -17.85
C ASP EA 248 -91.18 122.19 -17.48
N LEU EA 249 -91.95 121.17 -17.81
CA LEU EA 249 -91.50 119.80 -17.53
C LEU EA 249 -90.40 119.37 -18.48
N VAL EA 250 -90.41 119.87 -19.70
CA VAL EA 250 -89.36 119.53 -20.66
C VAL EA 250 -88.22 120.53 -20.62
N VAL EA 251 -88.53 121.82 -20.50
CA VAL EA 251 -87.49 122.84 -20.50
C VAL EA 251 -86.75 122.87 -19.16
N ASN EA 252 -87.49 122.92 -18.05
CA ASN EA 252 -86.87 123.12 -16.74
C ASN EA 252 -87.05 121.95 -15.78
N LEU EA 253 -87.63 120.83 -16.23
CA LEU EA 253 -87.82 119.60 -15.45
C LEU EA 253 -88.68 119.80 -14.19
N VAL EA 254 -89.58 120.78 -14.22
CA VAL EA 254 -90.50 121.01 -13.11
C VAL EA 254 -91.64 120.00 -13.20
N PRO EA 255 -91.98 119.29 -12.13
CA PRO EA 255 -93.05 118.30 -12.20
C PRO EA 255 -94.42 118.93 -12.39
N LEU EA 256 -95.37 118.10 -12.81
CA LEU EA 256 -96.69 118.57 -13.15
C LEU EA 256 -97.53 118.81 -11.89
N GLY EA 257 -98.55 119.65 -12.02
CA GLY EA 257 -99.48 119.87 -10.94
C GLY EA 257 -99.28 121.17 -10.20
N ARG EA 258 -100.28 122.05 -10.26
CA ARG EA 258 -100.24 123.31 -9.51
C ARG EA 258 -101.56 123.55 -8.80
N SER FA 1 -134.81 85.63 17.47
CA SER FA 1 -134.16 85.19 18.71
C SER FA 1 -133.07 86.18 19.12
N LYS FA 2 -131.84 85.94 18.68
CA LYS FA 2 -130.70 86.78 19.01
C LYS FA 2 -130.44 87.74 17.86
N THR FA 3 -130.56 89.04 18.14
CA THR FA 3 -130.59 90.05 17.09
C THR FA 3 -129.63 91.20 17.39
N ILE FA 4 -129.15 91.82 16.31
CA ILE FA 4 -128.53 93.14 16.35
C ILE FA 4 -129.36 94.06 15.48
N VAL FA 5 -129.68 95.24 15.99
CA VAL FA 5 -130.48 96.21 15.27
C VAL FA 5 -129.58 97.35 14.82
N LEU FA 6 -129.50 97.56 13.52
CA LEU FA 6 -128.67 98.61 12.92
C LEU FA 6 -129.58 99.71 12.42
N SER FA 7 -129.67 100.80 13.18
CA SER FA 7 -130.49 101.94 12.79
C SER FA 7 -129.75 102.81 11.80
N VAL FA 8 -130.37 103.07 10.65
CA VAL FA 8 -129.73 103.79 9.56
C VAL FA 8 -130.49 105.11 9.43
N GLY FA 9 -130.93 105.64 10.57
CA GLY FA 9 -131.79 106.79 10.60
C GLY FA 9 -133.07 106.44 11.34
N GLU FA 10 -134.19 106.39 10.61
CA GLU FA 10 -135.42 105.85 11.16
C GLU FA 10 -135.70 104.43 10.71
N ALA FA 11 -135.03 103.95 9.67
CA ALA FA 11 -135.18 102.57 9.21
C ALA FA 11 -134.18 101.67 9.93
N THR FA 12 -134.66 100.57 10.48
CA THR FA 12 -133.82 99.63 11.23
C THR FA 12 -133.73 98.33 10.45
N ARG FA 13 -132.51 97.82 10.27
CA ARG FA 13 -132.28 96.57 9.56
C ARG FA 13 -131.87 95.53 10.61
N THR FA 14 -132.81 94.69 11.00
CA THR FA 14 -132.61 93.74 12.09
C THR FA 14 -132.01 92.45 11.56
N LEU FA 15 -130.76 92.18 11.92
CA LEU FA 15 -130.12 90.91 11.61
C LEU FA 15 -130.44 89.90 12.69
N THR FA 16 -130.52 88.62 12.30
CA THR FA 16 -130.76 87.55 13.26
C THR FA 16 -129.63 86.53 13.15
N GLU FA 17 -129.36 85.86 14.26
CA GLU FA 17 -128.28 84.88 14.31
C GLU FA 17 -128.74 83.58 13.64
N ILE FA 18 -127.91 83.05 12.75
CA ILE FA 18 -128.23 81.83 12.02
C ILE FA 18 -127.26 80.70 12.31
N GLN FA 19 -126.12 80.96 12.93
CA GLN FA 19 -125.11 79.94 13.14
C GLN FA 19 -124.22 80.37 14.30
N SER FA 20 -123.84 79.41 15.15
CA SER FA 20 -123.03 79.73 16.32
C SER FA 20 -122.08 78.56 16.57
N THR FA 21 -120.81 78.77 16.25
CA THR FA 21 -119.76 77.81 16.54
C THR FA 21 -119.23 78.16 17.94
N ALA FA 22 -118.06 77.63 18.33
CA ALA FA 22 -117.45 78.00 19.60
C ALA FA 22 -117.09 79.48 19.65
N ASP FA 23 -116.38 79.96 18.65
CA ASP FA 23 -115.99 81.37 18.56
C ASP FA 23 -116.69 82.10 17.44
N ARG FA 24 -116.81 81.51 16.26
CA ARG FA 24 -117.44 82.17 15.12
C ARG FA 24 -118.95 82.24 15.32
N GLN FA 25 -119.54 83.32 14.83
CA GLN FA 25 -120.94 83.63 15.13
C GLN FA 25 -121.50 84.45 13.98
N ILE FA 26 -122.37 83.84 13.18
CA ILE FA 26 -122.84 84.43 11.92
C ILE FA 26 -124.25 84.95 12.09
N PHE FA 27 -124.44 86.23 11.78
CA PHE FA 27 -125.76 86.85 11.75
C PHE FA 27 -126.19 87.04 10.30
N GLU FA 28 -127.49 87.26 10.11
CA GLU FA 28 -128.04 87.44 8.77
C GLU FA 28 -129.38 88.15 8.87
N GLU FA 29 -129.71 88.91 7.83
CA GLU FA 29 -131.01 89.56 7.74
C GLU FA 29 -131.98 88.66 6.98
N LYS FA 30 -133.16 88.47 7.54
CA LYS FA 30 -134.09 87.45 7.07
C LYS FA 30 -135.17 87.97 6.13
N VAL FA 31 -134.96 89.11 5.47
CA VAL FA 31 -135.94 89.61 4.52
C VAL FA 31 -135.45 89.37 3.10
N GLY FA 32 -136.39 89.30 2.17
CA GLY FA 32 -136.06 89.20 0.76
C GLY FA 32 -135.74 87.78 0.33
N PRO FA 33 -135.13 87.65 -0.86
CA PRO FA 33 -134.75 86.31 -1.35
C PRO FA 33 -133.60 85.69 -0.57
N LEU FA 34 -133.24 84.47 -0.94
CA LEU FA 34 -132.24 83.70 -0.22
C LEU FA 34 -130.82 83.93 -0.71
N VAL FA 35 -130.64 84.53 -1.88
CA VAL FA 35 -129.34 84.52 -2.54
C VAL FA 35 -128.39 85.56 -1.95
N GLY FA 36 -128.83 86.79 -1.76
CA GLY FA 36 -127.95 87.81 -1.24
C GLY FA 36 -128.57 88.56 -0.07
N ARG FA 37 -127.97 88.44 1.10
CA ARG FA 37 -128.47 89.06 2.31
C ARG FA 37 -127.31 89.71 3.06
N LEU FA 38 -127.66 90.58 4.01
CA LEU FA 38 -126.65 91.12 4.93
C LEU FA 38 -126.06 90.01 5.78
N ARG FA 39 -124.77 90.11 6.02
CA ARG FA 39 -124.04 89.09 6.74
C ARG FA 39 -123.14 89.77 7.74
N LEU FA 40 -122.97 89.14 8.91
CA LEU FA 40 -122.12 89.71 9.94
C LEU FA 40 -121.47 88.55 10.68
N THR FA 41 -120.17 88.38 10.48
CA THR FA 41 -119.43 87.23 11.00
C THR FA 41 -118.52 87.72 12.12
N ALA FA 42 -119.04 87.71 13.35
CA ALA FA 42 -118.23 88.05 14.50
C ALA FA 42 -117.33 86.87 14.87
N SER FA 43 -116.30 87.17 15.65
CA SER FA 43 -115.35 86.16 16.10
C SER FA 43 -114.65 86.69 17.35
N LEU FA 44 -114.01 85.78 18.08
CA LEU FA 44 -113.23 86.13 19.26
C LEU FA 44 -112.28 84.99 19.54
N ARG FA 45 -110.98 85.28 19.54
CA ARG FA 45 -109.95 84.28 19.80
C ARG FA 45 -109.05 84.78 20.91
N GLN FA 46 -108.00 84.01 21.20
CA GLN FA 46 -106.87 84.51 22.00
C GLN FA 46 -105.62 83.78 21.51
N ASN FA 47 -104.70 84.54 20.92
CA ASN FA 47 -103.52 83.97 20.30
C ASN FA 47 -102.35 83.94 21.27
N GLY FA 48 -101.53 82.91 21.13
CA GLY FA 48 -100.30 82.79 21.90
C GLY FA 48 -100.51 82.19 23.27
N ALA FA 49 -99.83 82.75 24.27
CA ALA FA 49 -99.89 82.23 25.63
C ALA FA 49 -100.95 82.94 26.45
N LYS FA 50 -102.17 82.96 25.90
CA LYS FA 50 -103.39 83.45 26.56
C LYS FA 50 -103.27 84.91 26.97
N THR FA 51 -102.54 85.72 26.21
CA THR FA 51 -102.23 87.08 26.62
C THR FA 51 -102.90 88.17 25.79
N ALA FA 52 -103.41 87.85 24.61
CA ALA FA 52 -103.99 88.86 23.73
C ALA FA 52 -105.18 88.27 23.00
N TYR FA 53 -106.34 88.92 23.13
CA TYR FA 53 -107.54 88.51 22.41
C TYR FA 53 -107.56 89.13 21.02
N ARG FA 54 -108.51 88.69 20.20
CA ARG FA 54 -108.59 89.15 18.82
C ARG FA 54 -110.04 89.10 18.38
N VAL FA 55 -110.69 90.25 18.35
CA VAL FA 55 -112.05 90.37 17.83
C VAL FA 55 -111.96 90.58 16.32
N ASN FA 56 -112.94 90.03 15.59
CA ASN FA 56 -112.88 90.08 14.13
C ASN FA 56 -114.31 90.15 13.60
N LEU FA 57 -114.79 91.37 13.32
CA LEU FA 57 -116.07 91.54 12.67
C LEU FA 57 -115.89 91.64 11.16
N LYS FA 58 -116.97 91.32 10.44
CA LYS FA 58 -116.93 91.36 8.98
C LYS FA 58 -118.37 91.50 8.49
N LEU FA 59 -118.68 92.65 7.91
CA LEU FA 59 -120.03 92.96 7.43
C LEU FA 59 -120.03 92.86 5.91
N ASP FA 60 -120.64 91.80 5.39
CA ASP FA 60 -120.80 91.66 3.95
C ASP FA 60 -122.05 92.40 3.49
N GLN FA 61 -122.06 92.77 2.21
CA GLN FA 61 -123.25 93.38 1.63
C GLN FA 61 -123.24 93.08 0.13
N ALA FA 62 -124.17 92.24 -0.30
CA ALA FA 62 -124.30 91.88 -1.70
C ALA FA 62 -125.35 92.76 -2.36
N ASP FA 63 -125.10 93.13 -3.61
CA ASP FA 63 -126.05 93.94 -4.39
C ASP FA 63 -126.82 93.00 -5.30
N VAL FA 64 -127.93 92.49 -4.80
CA VAL FA 64 -128.77 91.58 -5.56
C VAL FA 64 -129.75 92.40 -6.39
N VAL FA 65 -130.10 91.89 -7.57
CA VAL FA 65 -131.04 92.56 -8.46
C VAL FA 65 -131.97 91.50 -9.04
N ASP FA 66 -133.26 91.82 -9.10
CA ASP FA 66 -134.27 90.92 -9.64
C ASP FA 66 -134.80 91.51 -10.95
N CYS FA 67 -134.46 90.88 -12.06
CA CYS FA 67 -134.85 91.34 -13.38
C CYS FA 67 -135.83 90.37 -14.02
N SER FA 68 -136.69 89.77 -13.20
CA SER FA 68 -137.64 88.79 -13.72
C SER FA 68 -138.78 89.44 -14.49
N THR FA 69 -139.06 90.72 -14.26
CA THR FA 69 -140.16 91.38 -14.94
C THR FA 69 -139.72 91.94 -16.29
N SER FA 70 -138.51 92.46 -16.38
CA SER FA 70 -138.05 93.08 -17.61
C SER FA 70 -137.66 92.04 -18.65
N VAL FA 71 -136.66 91.23 -18.36
CA VAL FA 71 -136.30 90.10 -19.21
C VAL FA 71 -137.00 88.87 -18.64
N CYS FA 72 -137.61 88.08 -19.51
CA CYS FA 72 -138.44 86.97 -19.07
C CYS FA 72 -137.59 85.77 -18.70
N GLY FA 73 -137.88 85.17 -17.55
CA GLY FA 73 -137.34 83.87 -17.21
C GLY FA 73 -135.99 83.84 -16.55
N GLU FA 74 -135.64 84.84 -15.73
CA GLU FA 74 -134.40 84.78 -14.98
C GLU FA 74 -134.64 85.17 -13.53
N LEU FA 75 -133.66 84.84 -12.70
CA LEU FA 75 -133.78 84.79 -11.25
C LEU FA 75 -133.03 85.95 -10.61
N PRO FA 76 -133.21 86.23 -9.31
CA PRO FA 76 -132.34 87.20 -8.64
C PRO FA 76 -130.89 86.74 -8.63
N LYS FA 77 -129.98 87.72 -8.61
CA LYS FA 77 -128.60 87.47 -8.96
C LYS FA 77 -127.73 88.54 -8.30
N VAL FA 78 -126.61 88.11 -7.73
CA VAL FA 78 -125.71 89.00 -7.01
C VAL FA 78 -124.74 89.63 -8.01
N ARG FA 79 -124.77 90.96 -8.10
CA ARG FA 79 -123.81 91.67 -8.94
C ARG FA 79 -122.43 91.65 -8.32
N TYR FA 80 -122.28 92.17 -7.12
CA TYR FA 80 -121.00 92.29 -6.43
C TYR FA 80 -121.23 92.24 -4.94
N THR FA 81 -120.14 92.12 -4.19
CA THR FA 81 -120.17 92.20 -2.74
C THR FA 81 -119.14 93.22 -2.27
N GLN FA 82 -119.51 93.99 -1.25
CA GLN FA 82 -118.62 94.97 -0.64
C GLN FA 82 -118.59 94.71 0.86
N VAL FA 83 -117.39 94.51 1.40
CA VAL FA 83 -117.22 94.14 2.80
C VAL FA 83 -116.64 95.32 3.56
N TRP FA 84 -116.71 95.24 4.89
CA TRP FA 84 -116.00 96.16 5.77
C TRP FA 84 -115.61 95.33 7.00
N SER FA 85 -114.39 94.81 6.98
CA SER FA 85 -113.91 93.98 8.06
C SER FA 85 -113.37 94.84 9.21
N HIS FA 86 -113.24 94.21 10.36
CA HIS FA 86 -112.56 94.82 11.51
C HIS FA 86 -111.63 93.77 12.10
N ASP FA 87 -110.58 94.24 12.77
CA ASP FA 87 -109.63 93.36 13.45
C ASP FA 87 -109.08 94.10 14.66
N VAL FA 88 -109.69 93.87 15.80
CA VAL FA 88 -109.30 94.51 17.05
C VAL FA 88 -108.36 93.59 17.80
N THR FA 89 -107.25 94.15 18.28
CA THR FA 89 -106.29 93.41 19.11
C THR FA 89 -106.35 93.96 20.51
N ILE FA 90 -106.74 93.12 21.46
CA ILE FA 90 -106.90 93.51 22.86
C ILE FA 90 -105.99 92.62 23.70
N VAL FA 91 -105.10 93.23 24.47
CA VAL FA 91 -104.26 92.48 25.39
C VAL FA 91 -105.01 92.27 26.69
N ALA FA 92 -104.75 91.13 27.34
CA ALA FA 92 -105.64 90.62 28.38
C ALA FA 92 -105.54 91.42 29.68
N ASN FA 93 -104.35 91.89 30.04
CA ASN FA 93 -104.15 92.58 31.30
C ASN FA 93 -104.32 94.09 31.19
N SER FA 94 -105.17 94.54 30.27
CA SER FA 94 -105.43 95.96 30.09
C SER FA 94 -106.22 96.53 31.26
N THR FA 95 -106.29 97.86 31.31
CA THR FA 95 -107.28 98.53 32.12
C THR FA 95 -108.52 98.79 31.26
N GLU FA 96 -109.63 99.07 31.93
CA GLU FA 96 -110.89 99.24 31.20
C GLU FA 96 -110.91 100.55 30.43
N ALA FA 97 -110.21 101.57 30.91
CA ALA FA 97 -110.15 102.84 30.19
C ALA FA 97 -109.28 102.74 28.94
N SER FA 98 -108.39 101.75 28.86
CA SER FA 98 -107.65 101.55 27.62
C SER FA 98 -108.53 100.98 26.53
N ARG FA 99 -109.40 100.03 26.89
CA ARG FA 99 -110.33 99.45 25.94
C ARG FA 99 -111.48 100.38 25.60
N LYS FA 100 -111.92 101.20 26.55
CA LYS FA 100 -113.04 102.10 26.30
C LYS FA 100 -112.61 103.26 25.41
N SER FA 101 -111.40 103.79 25.62
CA SER FA 101 -110.94 104.92 24.81
C SER FA 101 -110.58 104.50 23.40
N LEU FA 102 -110.12 103.25 23.23
CA LEU FA 102 -109.86 102.75 21.88
C LEU FA 102 -111.16 102.57 21.11
N TYR FA 103 -112.23 102.15 21.80
CA TYR FA 103 -113.53 102.06 21.16
C TYR FA 103 -114.10 103.46 20.90
N ASP FA 104 -113.89 104.39 21.84
CA ASP FA 104 -114.44 105.73 21.71
C ASP FA 104 -113.76 106.52 20.60
N LEU FA 105 -112.52 106.18 20.25
CA LEU FA 105 -111.86 106.84 19.13
C LEU FA 105 -112.30 106.26 17.80
N THR FA 106 -112.45 104.94 17.73
CA THR FA 106 -112.86 104.30 16.48
C THR FA 106 -114.33 104.55 16.19
N LYS FA 107 -115.15 104.72 17.23
CA LYS FA 107 -116.54 105.13 17.03
C LYS FA 107 -116.60 106.54 16.46
N SER FA 108 -115.68 107.41 16.87
CA SER FA 108 -115.62 108.76 16.34
C SER FA 108 -114.81 108.88 15.07
N LEU FA 109 -113.94 107.90 14.79
CA LEU FA 109 -113.22 107.90 13.52
C LEU FA 109 -114.17 107.61 12.37
N VAL FA 110 -115.01 106.59 12.51
CA VAL FA 110 -115.94 106.22 11.45
C VAL FA 110 -117.02 107.28 11.28
N ALA FA 111 -117.45 107.91 12.37
CA ALA FA 111 -118.55 108.86 12.32
C ALA FA 111 -118.16 110.22 11.75
N THR FA 112 -116.90 110.44 11.38
CA THR FA 112 -116.52 111.73 10.83
C THR FA 112 -116.80 111.78 9.34
N SER FA 113 -116.77 112.99 8.78
CA SER FA 113 -117.09 113.18 7.37
C SER FA 113 -115.87 113.03 6.47
N GLN FA 114 -114.70 112.71 7.01
CA GLN FA 114 -113.53 112.47 6.18
C GLN FA 114 -113.40 111.00 5.79
N VAL FA 115 -113.82 110.09 6.67
CA VAL FA 115 -113.84 108.68 6.32
C VAL FA 115 -115.08 108.35 5.51
N GLU FA 116 -116.11 109.20 5.57
CA GLU FA 116 -117.26 109.03 4.69
C GLU FA 116 -116.87 109.25 3.23
N ASP FA 117 -116.12 110.32 2.95
CA ASP FA 117 -115.68 110.57 1.59
C ASP FA 117 -114.58 109.62 1.14
N LEU FA 118 -113.95 108.90 2.06
CA LEU FA 118 -112.89 107.97 1.69
C LEU FA 118 -113.45 106.66 1.15
N VAL FA 119 -114.62 106.23 1.62
CA VAL FA 119 -115.18 104.95 1.18
C VAL FA 119 -116.28 105.17 0.16
N VAL FA 120 -116.84 106.38 0.11
CA VAL FA 120 -117.88 106.66 -0.86
C VAL FA 120 -117.30 107.30 -2.11
N ASN FA 121 -116.48 108.34 -1.94
CA ASN FA 121 -115.96 109.11 -3.05
C ASN FA 121 -114.45 108.94 -3.25
N LEU FA 122 -113.82 108.08 -2.45
CA LEU FA 122 -112.42 107.66 -2.58
C LEU FA 122 -111.43 108.82 -2.42
N VAL FA 123 -111.82 109.86 -1.69
CA VAL FA 123 -110.93 111.00 -1.43
C VAL FA 123 -110.08 110.69 -0.20
N PRO FA 124 -108.77 110.93 -0.24
CA PRO FA 124 -107.92 110.60 0.91
C PRO FA 124 -108.19 111.49 2.11
N LEU FA 125 -107.63 111.08 3.24
CA LEU FA 125 -107.91 111.70 4.52
C LEU FA 125 -107.07 112.97 4.70
N GLY FA 126 -107.51 113.81 5.63
CA GLY FA 126 -106.79 115.01 5.96
C GLY FA 126 -107.25 116.23 5.19
N ARG FA 127 -107.65 117.28 5.91
CA ARG FA 127 -108.06 118.54 5.30
C ARG FA 127 -107.39 119.67 6.06
N ALA FA 128 -106.72 120.56 5.33
CA ALA FA 128 -105.92 121.62 5.93
C ALA FA 128 -106.78 122.84 6.19
N TYR FA 129 -106.90 123.23 7.46
CA TYR FA 129 -107.53 124.49 7.86
C TYR FA 129 -106.56 125.21 8.80
N GLY FA 130 -105.75 126.09 8.22
CA GLY FA 130 -104.82 126.88 9.01
C GLY FA 130 -103.62 126.10 9.51
N GLY FA 131 -102.77 125.63 8.60
CA GLY FA 131 -101.62 124.85 8.97
C GLY FA 131 -101.44 123.62 8.11
N SER FA 132 -101.49 122.44 8.74
CA SER FA 132 -101.39 121.19 8.02
C SER FA 132 -102.75 120.49 7.98
N LYS FA 133 -102.76 119.29 7.41
CA LYS FA 133 -103.99 118.53 7.25
C LYS FA 133 -104.25 117.71 8.51
N THR FA 134 -105.44 117.87 9.09
CA THR FA 134 -105.77 117.28 10.37
C THR FA 134 -107.09 116.52 10.33
N ILE FA 135 -107.21 115.53 11.22
CA ILE FA 135 -108.48 114.90 11.54
C ILE FA 135 -108.76 115.14 13.01
N VAL FA 136 -109.96 115.64 13.31
CA VAL FA 136 -110.38 115.83 14.69
C VAL FA 136 -111.25 114.65 15.10
N LEU FA 137 -111.03 114.15 16.32
CA LEU FA 137 -111.74 112.97 16.83
C LEU FA 137 -112.38 113.37 18.15
N SER FA 138 -113.66 113.75 18.10
CA SER FA 138 -114.37 114.16 19.29
C SER FA 138 -114.76 112.95 20.13
N VAL FA 139 -114.40 112.99 21.40
CA VAL FA 139 -114.63 111.88 22.33
C VAL FA 139 -115.65 112.44 23.32
N GLY FA 140 -116.56 113.26 22.80
CA GLY FA 140 -117.44 114.06 23.63
C GLY FA 140 -117.19 115.52 23.32
N GLU FA 141 -116.59 116.25 24.26
CA GLU FA 141 -116.10 117.58 23.98
C GLU FA 141 -114.58 117.64 23.80
N ALA FA 142 -113.85 116.64 24.29
CA ALA FA 142 -112.42 116.59 24.10
C ALA FA 142 -112.09 116.12 22.69
N THR FA 143 -111.38 116.95 21.94
CA THR FA 143 -111.04 116.66 20.55
C THR FA 143 -109.55 116.36 20.45
N ARG FA 144 -109.23 115.10 20.22
CA ARG FA 144 -107.84 114.66 20.03
C ARG FA 144 -107.50 114.83 18.57
N THR FA 145 -106.84 115.94 18.24
CA THR FA 145 -106.56 116.31 16.85
C THR FA 145 -105.25 115.65 16.42
N LEU FA 146 -105.34 114.75 15.44
CA LEU FA 146 -104.16 114.18 14.81
C LEU FA 146 -103.71 115.05 13.64
N THR FA 147 -102.40 115.15 13.46
CA THR FA 147 -101.83 115.90 12.35
C THR FA 147 -101.09 114.94 11.44
N GLU FA 148 -101.19 115.19 10.14
CA GLU FA 148 -100.54 114.34 9.16
C GLU FA 148 -99.03 114.56 9.17
N ILE FA 149 -98.28 113.48 9.35
CA ILE FA 149 -96.82 113.56 9.37
C ILE FA 149 -96.18 112.94 8.14
N GLN FA 150 -96.94 112.26 7.30
CA GLN FA 150 -96.33 111.56 6.17
C GLN FA 150 -97.39 111.40 5.07
N SER FA 151 -96.94 111.41 3.82
CA SER FA 151 -97.79 111.18 2.67
C SER FA 151 -96.95 110.40 1.66
N THR FA 152 -97.11 109.08 1.65
CA THR FA 152 -96.36 108.21 0.76
C THR FA 152 -97.19 108.11 -0.53
N ALA FA 153 -96.88 107.15 -1.41
CA ALA FA 153 -97.64 107.00 -2.66
C ALA FA 153 -99.08 106.60 -2.40
N ASP FA 154 -99.31 105.62 -1.54
CA ASP FA 154 -100.65 105.24 -1.13
C ASP FA 154 -100.88 105.46 0.36
N ARG FA 155 -99.85 105.19 1.18
CA ARG FA 155 -99.93 105.29 2.63
C ARG FA 155 -100.06 106.75 3.06
N GLN FA 156 -100.58 106.93 4.27
CA GLN FA 156 -100.85 108.26 4.80
C GLN FA 156 -100.86 108.16 6.32
N ILE FA 157 -99.77 108.56 6.96
CA ILE FA 157 -99.60 108.35 8.40
C ILE FA 157 -99.95 109.63 9.13
N PHE FA 158 -100.92 109.54 10.03
CA PHE FA 158 -101.31 110.63 10.91
C PHE FA 158 -100.78 110.34 12.30
N GLU FA 159 -100.63 111.39 13.11
CA GLU FA 159 -100.09 111.22 14.45
C GLU FA 159 -100.48 112.42 15.31
N GLU FA 160 -100.83 112.14 16.56
CA GLU FA 160 -101.02 113.20 17.54
C GLU FA 160 -99.67 113.65 18.06
N LYS FA 161 -99.55 114.96 18.28
CA LYS FA 161 -98.25 115.56 18.56
C LYS FA 161 -98.05 115.97 20.01
N VAL FA 162 -99.02 115.74 20.89
CA VAL FA 162 -98.82 116.05 22.30
C VAL FA 162 -98.22 114.83 23.00
N GLY FA 163 -97.44 115.09 24.04
CA GLY FA 163 -96.89 114.04 24.86
C GLY FA 163 -95.53 113.58 24.39
N PRO FA 164 -95.07 112.45 24.92
CA PRO FA 164 -93.74 111.94 24.57
C PRO FA 164 -93.72 111.33 23.17
N LEU FA 165 -92.51 111.10 22.67
CA LEU FA 165 -92.31 110.52 21.35
C LEU FA 165 -92.54 109.01 21.31
N VAL FA 166 -92.56 108.35 22.47
CA VAL FA 166 -92.59 106.89 22.47
C VAL FA 166 -93.98 106.35 22.16
N GLY FA 167 -95.02 106.83 22.83
CA GLY FA 167 -96.36 106.33 22.59
C GLY FA 167 -97.32 107.43 22.18
N ARG FA 168 -97.78 107.38 20.94
CA ARG FA 168 -98.67 108.39 20.40
C ARG FA 168 -99.75 107.70 19.57
N LEU FA 169 -100.85 108.42 19.36
CA LEU FA 169 -101.89 107.95 18.46
C LEU FA 169 -101.38 107.90 17.02
N ARG FA 170 -101.75 106.86 16.31
CA ARG FA 170 -101.32 106.67 14.93
C ARG FA 170 -102.52 106.36 14.08
N LEU FA 171 -102.40 106.63 12.78
CA LEU FA 171 -103.46 106.33 11.83
C LEU FA 171 -102.79 106.14 10.47
N THR FA 172 -102.61 104.89 10.06
CA THR FA 172 -101.98 104.58 8.79
C THR FA 172 -103.07 104.23 7.79
N ALA FA 173 -103.64 105.26 7.18
CA ALA FA 173 -104.61 105.06 6.11
C ALA FA 173 -103.92 104.55 4.85
N SER FA 174 -104.71 104.00 3.94
CA SER FA 174 -104.19 103.44 2.70
C SER FA 174 -105.30 103.40 1.67
N LEU FA 175 -104.90 103.15 0.42
CA LEU FA 175 -105.83 103.07 -0.69
C LEU FA 175 -105.11 102.39 -1.85
N ARG FA 176 -105.69 101.31 -2.37
CA ARG FA 176 -105.09 100.56 -3.46
C ARG FA 176 -106.16 100.27 -4.50
N GLN FA 177 -105.75 99.62 -5.59
CA GLN FA 177 -106.68 98.95 -6.48
C GLN FA 177 -105.98 97.74 -7.06
N ASN FA 178 -106.56 96.56 -6.86
CA ASN FA 178 -105.91 95.30 -7.20
C ASN FA 178 -106.28 94.86 -8.62
N GLY FA 179 -105.32 94.19 -9.26
CA GLY FA 179 -105.55 93.55 -10.53
C GLY FA 179 -105.82 94.48 -11.69
N ALA FA 180 -106.88 94.19 -12.45
CA ALA FA 180 -107.22 94.98 -13.63
C ALA FA 180 -108.22 96.08 -13.31
N LYS FA 181 -107.90 96.89 -12.29
CA LYS FA 181 -108.65 98.10 -11.90
C LYS FA 181 -110.11 97.80 -11.57
N THR FA 182 -110.37 96.66 -10.94
CA THR FA 182 -111.74 96.22 -10.72
C THR FA 182 -112.25 96.41 -9.30
N ALA FA 183 -111.36 96.61 -8.32
CA ALA FA 183 -111.78 96.70 -6.94
C ALA FA 183 -110.74 97.47 -6.14
N TYR FA 184 -111.21 98.46 -5.37
CA TYR FA 184 -110.33 99.21 -4.49
C TYR FA 184 -110.23 98.49 -3.15
N ARG FA 185 -109.36 99.01 -2.27
CA ARG FA 185 -109.17 98.40 -0.96
C ARG FA 185 -108.67 99.49 0.00
N VAL FA 186 -109.58 99.99 0.83
CA VAL FA 186 -109.22 100.95 1.87
C VAL FA 186 -108.77 100.19 3.11
N ASN FA 187 -107.80 100.73 3.83
CA ASN FA 187 -107.21 100.03 4.97
C ASN FA 187 -106.77 101.05 6.01
N LEU FA 188 -107.61 101.28 7.01
CA LEU FA 188 -107.23 102.12 8.15
C LEU FA 188 -106.69 101.24 9.27
N LYS FA 189 -105.95 101.88 10.19
CA LYS FA 189 -105.36 101.19 11.32
C LYS FA 189 -105.03 102.21 12.38
N LEU FA 190 -105.65 102.09 13.56
CA LEU FA 190 -105.47 103.04 14.65
C LEU FA 190 -104.82 102.33 15.81
N ASP FA 191 -103.55 102.66 16.08
CA ASP FA 191 -102.84 102.14 17.23
C ASP FA 191 -103.00 103.07 18.41
N GLN FA 192 -102.98 102.50 19.61
CA GLN FA 192 -103.08 103.29 20.83
C GLN FA 192 -102.24 102.63 21.90
N ALA FA 193 -101.00 103.10 22.06
CA ALA FA 193 -100.08 102.58 23.04
C ALA FA 193 -100.34 103.26 24.37
N ASP FA 194 -100.33 102.46 25.44
CA ASP FA 194 -100.59 102.98 26.79
C ASP FA 194 -99.26 103.30 27.45
N VAL FA 195 -98.96 104.59 27.53
CA VAL FA 195 -97.69 105.06 28.09
C VAL FA 195 -97.96 105.57 29.50
N VAL FA 196 -97.05 105.24 30.42
CA VAL FA 196 -97.18 105.62 31.82
C VAL FA 196 -95.85 106.23 32.26
N ASP FA 197 -95.93 107.16 33.21
CA ASP FA 197 -94.74 107.81 33.76
C ASP FA 197 -94.65 107.53 35.24
N CYS FA 198 -93.46 107.13 35.68
CA CYS FA 198 -93.21 106.80 37.07
C CYS FA 198 -92.37 107.87 37.76
N SER FA 199 -92.46 109.12 37.28
CA SER FA 199 -91.64 110.19 37.81
C SER FA 199 -92.05 110.61 39.21
N THR FA 200 -93.32 110.43 39.58
CA THR FA 200 -93.73 110.71 40.95
C THR FA 200 -93.22 109.63 41.90
N SER FA 201 -93.13 108.39 41.44
CA SER FA 201 -92.68 107.27 42.24
C SER FA 201 -91.16 107.13 42.27
N VAL FA 202 -90.53 107.06 41.09
CA VAL FA 202 -89.10 106.80 40.98
C VAL FA 202 -88.45 108.00 40.31
N CYS FA 203 -87.30 108.43 40.84
CA CYS FA 203 -86.55 109.54 40.25
C CYS FA 203 -86.03 109.19 38.86
N GLY FA 204 -86.06 110.19 37.98
CA GLY FA 204 -85.41 110.11 36.69
C GLY FA 204 -86.02 109.11 35.73
N GLU FA 205 -87.28 108.77 35.91
CA GLU FA 205 -87.94 107.76 35.08
C GLU FA 205 -88.60 108.44 33.91
N LEU FA 206 -88.11 108.15 32.71
CA LEU FA 206 -88.73 108.63 31.50
C LEU FA 206 -89.90 107.73 31.14
N PRO FA 207 -90.92 108.26 30.47
CA PRO FA 207 -92.12 107.46 30.18
C PRO FA 207 -91.85 106.34 29.19
N LYS FA 208 -92.62 105.26 29.33
CA LYS FA 208 -92.48 104.07 28.50
C LYS FA 208 -93.85 103.46 28.31
N VAL FA 209 -93.96 102.59 27.31
CA VAL FA 209 -95.23 101.96 26.97
C VAL FA 209 -95.29 100.57 27.62
N ARG FA 210 -96.49 100.15 27.98
CA ARG FA 210 -96.69 98.81 28.52
C ARG FA 210 -97.15 97.86 27.43
N TYR FA 211 -98.22 98.20 26.73
CA TYR FA 211 -98.80 97.36 25.70
C TYR FA 211 -99.25 98.24 24.55
N THR FA 212 -99.88 97.62 23.55
CA THR FA 212 -100.49 98.37 22.47
C THR FA 212 -101.75 97.64 22.01
N GLN FA 213 -102.75 98.42 21.60
CA GLN FA 213 -104.03 97.90 21.16
C GLN FA 213 -104.43 98.60 19.87
N VAL FA 214 -104.72 97.82 18.84
CA VAL FA 214 -105.01 98.36 17.51
C VAL FA 214 -106.48 98.10 17.18
N TRP FA 215 -106.95 98.78 16.13
CA TRP FA 215 -108.25 98.52 15.54
C TRP FA 215 -108.10 98.79 14.04
N SER FA 216 -107.88 97.73 13.28
CA SER FA 216 -107.75 97.86 11.84
C SER FA 216 -109.13 97.88 11.18
N HIS FA 217 -109.15 98.37 9.94
CA HIS FA 217 -110.32 98.27 9.08
C HIS FA 217 -109.84 97.75 7.73
N ASP FA 218 -110.74 97.11 7.00
CA ASP FA 218 -110.40 96.58 5.68
C ASP FA 218 -111.65 96.64 4.82
N VAL FA 219 -111.79 97.75 4.09
CA VAL FA 219 -112.95 97.97 3.24
C VAL FA 219 -112.62 97.52 1.83
N THR FA 220 -113.51 96.76 1.23
CA THR FA 220 -113.37 96.33 -0.15
C THR FA 220 -114.48 96.95 -0.97
N ILE FA 221 -114.11 97.73 -1.98
CA ILE FA 221 -115.04 98.47 -2.82
C ILE FA 221 -114.79 98.10 -4.26
N VAL FA 222 -115.79 97.53 -4.93
CA VAL FA 222 -115.63 97.21 -6.34
C VAL FA 222 -115.84 98.48 -7.15
N ALA FA 223 -115.25 98.50 -8.35
CA ALA FA 223 -115.09 99.75 -9.08
C ALA FA 223 -116.37 100.21 -9.75
N ASN FA 224 -117.19 99.28 -10.24
CA ASN FA 224 -118.42 99.63 -10.95
C ASN FA 224 -119.63 99.68 -10.04
N SER FA 225 -119.44 100.08 -8.78
CA SER FA 225 -120.49 100.15 -7.79
C SER FA 225 -121.51 101.24 -8.12
N THR FA 226 -122.59 101.23 -7.37
CA THR FA 226 -123.46 102.39 -7.26
C THR FA 226 -123.01 103.19 -6.05
N GLU FA 227 -123.13 104.52 -6.13
CA GLU FA 227 -122.76 105.35 -5.00
C GLU FA 227 -123.71 105.15 -3.83
N ALA FA 228 -124.95 104.75 -4.11
CA ALA FA 228 -125.90 104.42 -3.05
C ALA FA 228 -125.56 103.11 -2.35
N SER FA 229 -124.76 102.25 -2.97
CA SER FA 229 -124.35 101.02 -2.31
C SER FA 229 -123.06 101.23 -1.51
N ARG FA 230 -122.24 102.20 -1.91
CA ARG FA 230 -121.10 102.59 -1.08
C ARG FA 230 -121.56 103.41 0.11
N LYS FA 231 -122.64 104.16 -0.05
CA LYS FA 231 -123.16 104.96 1.06
C LYS FA 231 -123.83 104.09 2.10
N SER FA 232 -124.56 103.05 1.66
CA SER FA 232 -125.26 102.19 2.61
C SER FA 232 -124.32 101.26 3.35
N LEU FA 233 -123.19 100.90 2.72
CA LEU FA 233 -122.19 100.11 3.43
C LEU FA 233 -121.50 100.91 4.51
N TYR FA 234 -121.26 102.20 4.26
CA TYR FA 234 -120.68 103.06 5.28
C TYR FA 234 -121.70 103.36 6.38
N ASP FA 235 -122.96 103.59 5.99
CA ASP FA 235 -124.02 103.90 6.95
C ASP FA 235 -124.35 102.74 7.86
N LEU FA 236 -124.11 101.50 7.43
CA LEU FA 236 -124.31 100.36 8.32
C LEU FA 236 -123.14 100.17 9.25
N THR FA 237 -121.91 100.38 8.77
CA THR FA 237 -120.74 100.23 9.61
C THR FA 237 -120.62 101.38 10.60
N LYS FA 238 -121.06 102.58 10.22
CA LYS FA 238 -121.17 103.67 11.19
C LYS FA 238 -122.21 103.35 12.26
N SER FA 239 -123.28 102.67 11.87
CA SER FA 239 -124.31 102.27 12.82
C SER FA 239 -123.96 101.02 13.59
N LEU FA 240 -123.08 100.16 13.04
CA LEU FA 240 -122.70 98.95 13.74
C LEU FA 240 -121.77 99.25 14.91
N VAL FA 241 -120.75 100.09 14.69
CA VAL FA 241 -119.81 100.45 15.73
C VAL FA 241 -120.49 101.26 16.82
N ALA FA 242 -121.50 102.06 16.48
CA ALA FA 242 -122.18 102.90 17.45
C ALA FA 242 -123.12 102.14 18.37
N THR FA 243 -123.35 100.84 18.15
CA THR FA 243 -124.26 100.09 19.00
C THR FA 243 -123.59 99.74 20.32
N SER FA 244 -124.42 99.36 21.29
CA SER FA 244 -123.93 98.94 22.60
C SER FA 244 -123.52 97.48 22.61
N GLN FA 245 -123.82 96.72 21.56
CA GLN FA 245 -123.39 95.33 21.51
C GLN FA 245 -121.92 95.20 21.15
N VAL FA 246 -121.44 96.07 20.26
CA VAL FA 246 -120.03 96.10 19.93
C VAL FA 246 -119.23 96.85 20.99
N GLU FA 247 -119.89 97.71 21.77
CA GLU FA 247 -119.23 98.36 22.89
C GLU FA 247 -118.83 97.35 23.95
N ASP FA 248 -119.75 96.45 24.31
CA ASP FA 248 -119.45 95.42 25.28
C ASP FA 248 -118.60 94.30 24.70
N LEU FA 249 -118.53 94.17 23.38
CA LEU FA 249 -117.70 93.14 22.78
C LEU FA 249 -116.22 93.52 22.80
N VAL FA 250 -115.92 94.80 22.68
CA VAL FA 250 -114.53 95.25 22.73
C VAL FA 250 -114.08 95.49 24.16
N VAL FA 251 -114.95 96.11 24.97
CA VAL FA 251 -114.57 96.44 26.35
C VAL FA 251 -114.62 95.20 27.24
N ASN FA 252 -115.75 94.48 27.22
CA ASN FA 252 -115.99 93.41 28.18
C ASN FA 252 -116.02 92.01 27.56
N LEU FA 253 -115.73 91.88 26.26
CA LEU FA 253 -115.68 90.60 25.53
C LEU FA 253 -117.00 89.83 25.58
N VAL FA 254 -118.12 90.52 25.67
CA VAL FA 254 -119.43 89.89 25.64
C VAL FA 254 -119.81 89.65 24.19
N PRO FA 255 -120.22 88.43 23.81
CA PRO FA 255 -120.55 88.16 22.41
C PRO FA 255 -121.82 88.87 21.95
N LEU FA 256 -121.97 88.95 20.63
CA LEU FA 256 -123.06 89.70 20.05
C LEU FA 256 -124.36 88.91 20.11
N GLY FA 257 -125.48 89.63 19.99
CA GLY FA 257 -126.78 89.01 19.95
C GLY FA 257 -127.55 89.06 21.25
N ARG FA 258 -128.73 89.66 21.22
CA ARG FA 258 -129.60 89.70 22.40
C ARG FA 258 -131.04 89.41 22.01
N SER GA 1 -7.20 -76.08 141.37
CA SER GA 1 -8.03 -76.58 140.28
C SER GA 1 -7.26 -77.59 139.43
N LYS GA 2 -6.69 -77.11 138.33
CA LYS GA 2 -5.94 -77.94 137.40
C LYS GA 2 -4.46 -77.81 137.72
N THR GA 3 -3.83 -78.93 138.08
CA THR GA 3 -2.50 -78.91 138.66
C THR GA 3 -1.57 -79.91 138.00
N ILE GA 4 -0.27 -79.58 138.01
CA ILE GA 4 0.81 -80.52 137.77
C ILE GA 4 1.64 -80.57 139.04
N VAL GA 5 2.02 -81.78 139.45
CA VAL GA 5 2.81 -81.99 140.66
C VAL GA 5 4.20 -82.46 140.25
N LEU GA 6 5.22 -81.71 140.63
CA LEU GA 6 6.60 -82.02 140.30
C LEU GA 6 7.33 -82.41 141.59
N SER GA 7 7.53 -83.71 141.78
CA SER GA 7 8.22 -84.20 142.97
C SER GA 7 9.72 -84.17 142.74
N VAL GA 8 10.46 -83.58 143.69
CA VAL GA 8 11.89 -83.39 143.58
C VAL GA 8 12.50 -84.29 144.66
N GLY GA 9 11.85 -85.44 144.87
CA GLY GA 9 12.22 -86.31 145.97
C GLY GA 9 11.02 -86.55 146.84
N GLU GA 10 11.07 -86.06 148.07
CA GLU GA 10 9.92 -86.06 148.95
C GLU GA 10 9.17 -84.73 148.93
N ALA GA 11 9.78 -83.67 148.42
CA ALA GA 11 9.11 -82.37 148.31
C ALA GA 11 8.41 -82.27 146.97
N THR GA 12 7.15 -81.84 146.99
CA THR GA 12 6.34 -81.68 145.78
C THR GA 12 6.03 -80.21 145.58
N ARG GA 13 6.23 -79.72 144.36
CA ARG GA 13 5.96 -78.33 144.01
C ARG GA 13 4.76 -78.30 143.07
N THR GA 14 3.58 -78.05 143.63
CA THR GA 14 2.34 -78.11 142.88
C THR GA 14 2.11 -76.82 142.12
N LEU GA 15 2.24 -76.87 140.80
CA LEU GA 15 1.91 -75.75 139.93
C LEU GA 15 0.40 -75.75 139.68
N THR GA 16 -0.18 -74.55 139.60
CA THR GA 16 -1.59 -74.43 139.31
C THR GA 16 -1.78 -73.61 138.04
N GLU GA 17 -2.85 -73.89 137.31
CA GLU GA 17 -3.12 -73.21 136.06
C GLU GA 17 -3.71 -71.83 136.33
N ILE GA 18 -3.14 -70.81 135.68
CA ILE GA 18 -3.59 -69.43 135.86
C ILE GA 18 -4.14 -68.80 134.59
N GLN GA 19 -3.96 -69.43 133.44
CA GLN GA 19 -4.38 -68.83 132.17
C GLN GA 19 -4.56 -69.95 131.17
N SER GA 20 -5.55 -69.80 130.29
CA SER GA 20 -5.85 -70.84 129.31
C SER GA 20 -6.41 -70.17 128.06
N THR GA 21 -5.59 -70.11 127.02
CA THR GA 21 -5.99 -69.58 125.72
C THR GA 21 -6.53 -70.79 124.93
N ALA GA 22 -6.65 -70.66 123.61
CA ALA GA 22 -7.07 -71.79 122.78
C ALA GA 22 -6.08 -72.94 122.86
N ASP GA 23 -4.80 -72.66 122.73
CA ASP GA 23 -3.74 -73.65 122.81
C ASP GA 23 -2.72 -73.38 123.90
N ARG GA 24 -2.35 -72.11 124.12
CA ARG GA 24 -1.37 -71.77 125.14
C ARG GA 24 -1.97 -71.94 126.53
N GLN GA 25 -1.12 -72.35 127.48
CA GLN GA 25 -1.61 -72.82 128.77
C GLN GA 25 -0.53 -72.52 129.81
N ILE GA 26 -0.76 -71.54 130.66
CA ILE GA 26 0.24 -71.05 131.60
C ILE GA 26 -0.06 -71.57 133.00
N PHE GA 27 0.93 -72.24 133.59
CA PHE GA 27 0.86 -72.72 134.96
C PHE GA 27 1.76 -71.85 135.84
N GLU GA 28 1.54 -71.93 137.15
CA GLU GA 28 2.30 -71.13 138.09
C GLU GA 28 2.21 -71.74 139.47
N GLU GA 29 3.25 -71.54 140.28
CA GLU GA 29 3.26 -71.97 141.67
C GLU GA 29 2.80 -70.82 142.55
N LYS GA 30 1.74 -71.06 143.33
CA LYS GA 30 1.10 -70.02 144.12
C LYS GA 30 1.69 -69.85 145.51
N VAL GA 31 2.95 -70.21 145.71
CA VAL GA 31 3.57 -70.08 147.03
C VAL GA 31 4.59 -68.95 147.01
N GLY GA 32 4.44 -68.00 147.93
CA GLY GA 32 5.42 -66.96 148.11
C GLY GA 32 4.99 -65.62 147.56
N PRO GA 33 5.96 -64.71 147.37
CA PRO GA 33 5.64 -63.39 146.81
C PRO GA 33 5.20 -63.44 145.36
N LEU GA 34 4.72 -62.31 144.85
CA LEU GA 34 4.12 -62.24 143.53
C LEU GA 34 5.12 -62.01 142.41
N VAL GA 35 6.36 -61.67 142.72
CA VAL GA 35 7.27 -61.16 141.70
C VAL GA 35 7.94 -62.27 140.89
N GLY GA 36 8.43 -63.33 141.54
CA GLY GA 36 9.06 -64.39 140.81
C GLY GA 36 8.58 -65.75 141.26
N ARG GA 37 7.95 -66.49 140.36
CA ARG GA 37 7.39 -67.79 140.66
C ARG GA 37 7.78 -68.76 139.56
N LEU GA 38 7.58 -70.05 139.83
CA LEU GA 38 7.71 -71.05 138.78
C LEU GA 38 6.66 -70.84 137.70
N ARG GA 39 7.00 -71.23 136.48
CA ARG GA 39 6.17 -70.96 135.32
C ARG GA 39 6.28 -72.13 134.37
N LEU GA 40 5.18 -72.44 133.69
CA LEU GA 40 5.17 -73.56 132.76
C LEU GA 40 4.20 -73.21 131.64
N THR GA 41 4.73 -72.88 130.47
CA THR GA 41 3.93 -72.45 129.34
C THR GA 41 3.88 -73.58 128.32
N ALA GA 42 2.83 -74.39 128.39
CA ALA GA 42 2.63 -75.42 127.38
C ALA GA 42 1.96 -74.82 126.15
N SER GA 43 2.09 -75.53 125.03
CA SER GA 43 1.50 -75.10 123.77
C SER GA 43 1.29 -76.34 122.91
N LEU GA 44 0.47 -76.19 121.88
CA LEU GA 44 0.20 -77.27 120.93
C LEU GA 44 -0.38 -76.65 119.67
N ARG GA 45 0.30 -76.86 118.54
CA ARG GA 45 -0.13 -76.30 117.27
C ARG GA 45 -0.19 -77.42 116.24
N GLN GA 46 -0.53 -77.07 115.00
CA GLN GA 46 -0.31 -77.96 113.87
C GLN GA 46 0.04 -77.09 112.67
N ASN GA 47 1.30 -77.16 112.25
CA ASN GA 47 1.83 -76.27 111.23
C ASN GA 47 1.58 -76.82 109.84
N GLY GA 48 1.23 -75.91 108.93
CA GLY GA 48 1.09 -76.24 107.53
C GLY GA 48 -0.22 -76.90 107.16
N ALA GA 49 -0.14 -77.98 106.37
CA ALA GA 49 -1.33 -78.62 105.83
C ALA GA 49 -1.79 -79.78 106.73
N LYS GA 50 -2.00 -79.45 108.02
CA LYS GA 50 -2.62 -80.32 109.03
C LYS GA 50 -1.84 -81.62 109.23
N THR GA 51 -0.52 -81.59 109.05
CA THR GA 51 0.25 -82.83 108.97
C THR GA 51 1.24 -83.04 110.11
N ALA GA 52 1.60 -82.00 110.87
CA ALA GA 52 2.61 -82.14 111.90
C ALA GA 52 2.25 -81.26 113.09
N TYR GA 53 2.17 -81.86 114.26
CA TYR GA 53 1.92 -81.13 115.49
C TYR GA 53 3.24 -80.62 116.09
N ARG GA 54 3.11 -79.65 116.99
CA ARG GA 54 4.30 -79.01 117.57
C ARG GA 54 3.99 -78.67 119.03
N VAL GA 55 4.53 -79.47 119.93
CA VAL GA 55 4.41 -79.21 121.36
C VAL GA 55 5.58 -78.34 121.81
N ASN GA 56 5.32 -77.44 122.76
CA ASN GA 56 6.34 -76.46 123.15
C ASN GA 56 6.18 -76.18 124.64
N LEU GA 57 6.98 -76.84 125.46
CA LEU GA 57 7.03 -76.55 126.89
C LEU GA 57 8.12 -75.53 127.18
N LYS GA 58 7.97 -74.85 128.32
CA LYS GA 58 8.94 -73.84 128.73
C LYS GA 58 8.80 -73.67 130.25
N LEU GA 59 9.82 -74.09 130.99
CA LEU GA 59 9.82 -73.99 132.44
C LEU GA 59 10.77 -72.88 132.87
N ASP GA 60 10.19 -71.76 133.31
CA ASP GA 60 10.98 -70.65 133.81
C ASP GA 60 11.30 -70.86 135.29
N GLN GA 61 12.38 -70.25 135.75
CA GLN GA 61 12.72 -70.28 137.17
C GLN GA 61 13.49 -69.02 137.51
N ALA GA 62 12.85 -68.11 138.23
CA ALA GA 62 13.47 -66.87 138.67
C ALA GA 62 14.08 -67.08 140.05
N ASP GA 63 15.23 -66.46 140.28
CA ASP GA 63 15.91 -66.54 141.58
C ASP GA 63 15.59 -65.28 142.36
N VAL GA 64 14.61 -65.38 143.24
CA VAL GA 64 14.16 -64.26 144.04
C VAL GA 64 14.95 -64.23 145.33
N VAL GA 65 15.25 -63.02 145.81
CA VAL GA 65 15.92 -62.83 147.08
C VAL GA 65 15.26 -61.66 147.79
N ASP GA 66 14.97 -61.83 149.08
CA ASP GA 66 14.29 -60.82 149.89
C ASP GA 66 15.28 -60.33 150.94
N CYS GA 67 15.77 -59.11 150.75
CA CYS GA 67 16.79 -58.53 151.61
C CYS GA 67 16.20 -57.41 152.45
N SER GA 68 14.95 -57.56 152.87
CA SER GA 68 14.31 -56.53 153.66
C SER GA 68 14.77 -56.55 155.12
N THR GA 69 15.31 -57.67 155.59
CA THR GA 69 15.73 -57.75 156.99
C THR GA 69 17.10 -57.09 157.18
N SER GA 70 18.04 -57.37 156.27
CA SER GA 70 19.37 -56.79 156.39
C SER GA 70 19.39 -55.34 155.94
N VAL GA 71 19.07 -55.09 154.68
CA VAL GA 71 18.99 -53.74 154.14
C VAL GA 71 17.57 -53.23 154.41
N CYS GA 72 17.47 -52.16 155.18
CA CYS GA 72 16.17 -51.64 155.57
C CYS GA 72 15.55 -50.88 154.40
N GLY GA 73 14.32 -51.25 154.06
CA GLY GA 73 13.52 -50.49 153.13
C GLY GA 73 13.54 -50.92 151.69
N GLU GA 74 13.79 -52.20 151.40
CA GLU GA 74 13.76 -52.67 150.03
C GLU GA 74 12.97 -53.97 149.93
N LEU GA 75 12.57 -54.28 148.70
CA LEU GA 75 11.56 -55.28 148.39
C LEU GA 75 12.20 -56.51 147.75
N PRO GA 76 11.52 -57.66 147.70
CA PRO GA 76 12.06 -58.80 146.96
C PRO GA 76 12.13 -58.53 145.47
N LYS GA 77 13.16 -59.09 144.84
CA LYS GA 77 13.44 -58.85 143.43
C LYS GA 77 14.05 -60.11 142.85
N VAL GA 78 13.96 -60.26 141.55
CA VAL GA 78 14.58 -61.40 140.87
C VAL GA 78 15.99 -61.00 140.42
N ARG GA 79 16.94 -61.92 140.62
CA ARG GA 79 18.29 -61.69 140.12
C ARG GA 79 18.40 -62.09 138.66
N TYR GA 80 18.01 -63.33 138.36
CA TYR GA 80 18.11 -63.89 137.02
C TYR GA 80 17.00 -64.90 136.81
N THR GA 81 16.78 -65.26 135.56
CA THR GA 81 15.86 -66.34 135.21
C THR GA 81 16.62 -67.38 134.39
N GLN GA 82 16.32 -68.65 134.64
CA GLN GA 82 16.91 -69.75 133.90
C GLN GA 82 15.78 -70.63 133.37
N VAL GA 83 15.76 -70.84 132.06
CA VAL GA 83 14.67 -71.55 131.42
C VAL GA 83 15.16 -72.91 130.93
N TRP GA 84 14.22 -73.79 130.63
CA TRP GA 84 14.52 -75.05 129.96
C TRP GA 84 13.33 -75.29 129.02
N SER GA 85 13.49 -74.89 127.76
CA SER GA 85 12.42 -75.06 126.79
C SER GA 85 12.42 -76.48 126.24
N HIS GA 86 11.31 -76.83 125.60
CA HIS GA 86 11.20 -78.06 124.83
C HIS GA 86 10.52 -77.72 123.51
N ASP GA 87 10.80 -78.52 122.49
CA ASP GA 87 10.18 -78.34 121.18
C ASP GA 87 10.05 -79.72 120.54
N VAL GA 88 8.90 -80.32 120.69
CA VAL GA 88 8.62 -81.65 120.16
C VAL GA 88 7.87 -81.51 118.84
N THR GA 89 8.33 -82.23 117.82
CA THR GA 89 7.65 -82.28 116.54
C THR GA 89 7.06 -83.68 116.37
N ILE GA 90 5.76 -83.74 116.18
CA ILE GA 90 5.04 -85.00 116.03
C ILE GA 90 4.28 -84.95 114.71
N VAL GA 91 4.52 -85.92 113.85
CA VAL GA 91 3.77 -86.02 112.61
C VAL GA 91 2.44 -86.71 112.90
N ALA GA 92 1.42 -86.35 112.13
CA ALA GA 92 0.05 -86.73 112.47
C ALA GA 92 -0.23 -88.20 112.22
N ASN GA 93 0.21 -88.74 111.07
CA ASN GA 93 -0.11 -90.11 110.69
C ASN GA 93 0.89 -91.13 111.22
N SER GA 94 1.62 -90.81 112.28
CA SER GA 94 2.58 -91.75 112.85
C SER GA 94 1.87 -92.83 113.65
N THR GA 95 2.64 -93.84 114.03
CA THR GA 95 2.14 -94.88 114.92
C THR GA 95 2.38 -94.47 116.37
N GLU GA 96 1.68 -95.17 117.28
CA GLU GA 96 1.78 -94.82 118.69
C GLU GA 96 3.12 -95.24 119.28
N ALA GA 97 3.69 -96.35 118.81
CA ALA GA 97 4.95 -96.83 119.36
C ALA GA 97 6.14 -95.98 118.94
N SER GA 98 6.00 -95.18 117.88
CA SER GA 98 7.07 -94.25 117.54
C SER GA 98 7.05 -93.05 118.48
N ARG GA 99 5.85 -92.58 118.84
CA ARG GA 99 5.71 -91.51 119.81
C ARG GA 99 6.09 -91.94 121.22
N LYS GA 100 5.80 -93.19 121.58
CA LYS GA 100 6.16 -93.68 122.91
C LYS GA 100 7.67 -93.89 123.03
N SER GA 101 8.32 -94.34 121.95
CA SER GA 101 9.76 -94.56 122.00
C SER GA 101 10.52 -93.25 121.96
N LEU GA 102 9.96 -92.23 121.31
CA LEU GA 102 10.58 -90.91 121.33
C LEU GA 102 10.49 -90.29 122.71
N TYR GA 103 9.38 -90.51 123.40
CA TYR GA 103 9.25 -90.01 124.77
C TYR GA 103 10.12 -90.79 125.73
N ASP GA 104 10.18 -92.12 125.56
CA ASP GA 104 10.94 -92.97 126.47
C ASP GA 104 12.44 -92.77 126.35
N LEU GA 105 12.93 -92.30 125.20
CA LEU GA 105 14.33 -91.98 125.08
C LEU GA 105 14.65 -90.65 125.71
N THR GA 106 13.79 -89.64 125.50
CA THR GA 106 14.01 -88.33 126.09
C THR GA 106 13.78 -88.34 127.60
N LYS GA 107 12.94 -89.25 128.09
CA LYS GA 107 12.75 -89.39 129.53
C LYS GA 107 14.02 -89.88 130.21
N SER GA 108 14.76 -90.75 129.56
CA SER GA 108 16.01 -91.26 130.13
C SER GA 108 17.24 -90.52 129.65
N LEU GA 109 17.09 -89.66 128.64
CA LEU GA 109 18.19 -88.76 128.30
C LEU GA 109 18.36 -87.70 129.37
N VAL GA 110 17.26 -87.11 129.83
CA VAL GA 110 17.34 -86.14 130.91
C VAL GA 110 17.74 -86.82 132.22
N ALA GA 111 17.28 -88.05 132.44
CA ALA GA 111 17.53 -88.73 133.69
C ALA GA 111 18.95 -89.27 133.82
N THR GA 112 19.77 -89.22 132.78
CA THR GA 112 21.12 -89.74 132.87
C THR GA 112 22.02 -88.75 133.60
N SER GA 113 23.19 -89.24 134.03
CA SER GA 113 24.11 -88.41 134.80
C SER GA 113 25.09 -87.65 133.93
N GLN GA 114 24.96 -87.70 132.61
CA GLN GA 114 25.83 -86.91 131.75
C GLN GA 114 25.19 -85.59 131.35
N VAL GA 115 23.86 -85.55 131.25
CA VAL GA 115 23.16 -84.30 131.02
C VAL GA 115 23.00 -83.54 132.32
N GLU GA 116 23.13 -84.22 133.46
CA GLU GA 116 23.15 -83.53 134.75
C GLU GA 116 24.40 -82.66 134.86
N ASP GA 117 25.56 -83.19 134.51
CA ASP GA 117 26.79 -82.40 134.56
C ASP GA 117 26.89 -81.39 133.42
N LEU GA 118 26.03 -81.49 132.41
CA LEU GA 118 26.07 -80.54 131.32
C LEU GA 118 25.39 -79.22 131.66
N VAL GA 119 24.34 -79.27 132.48
CA VAL GA 119 23.60 -78.04 132.80
C VAL GA 119 24.02 -77.52 134.16
N VAL GA 120 24.64 -78.36 134.98
CA VAL GA 120 25.07 -77.91 136.30
C VAL GA 120 26.52 -77.47 136.27
N ASN GA 121 27.41 -78.31 135.75
CA ASN GA 121 28.84 -78.06 135.78
C ASN GA 121 29.42 -77.77 134.40
N LEU GA 122 28.59 -77.74 133.37
CA LEU GA 122 28.92 -77.36 131.99
C LEU GA 122 29.96 -78.29 131.34
N VAL GA 123 30.02 -79.54 131.80
CA VAL GA 123 30.89 -80.54 131.19
C VAL GA 123 30.19 -81.13 129.97
N PRO GA 124 30.85 -81.24 128.82
CA PRO GA 124 30.18 -81.76 127.62
C PRO GA 124 29.85 -83.24 127.72
N LEU GA 125 29.06 -83.71 126.75
CA LEU GA 125 28.51 -85.04 126.77
C LEU GA 125 29.53 -86.06 126.27
N GLY GA 126 29.34 -87.31 126.67
CA GLY GA 126 30.18 -88.39 126.21
C GLY GA 126 31.30 -88.75 127.17
N ARG GA 127 31.40 -90.02 127.52
CA ARG GA 127 32.46 -90.52 128.39
C ARG GA 127 33.00 -91.82 127.81
N ALA GA 128 34.32 -91.91 127.69
CA ALA GA 128 34.97 -93.05 127.04
C ALA GA 128 35.23 -94.15 128.06
N TYR GA 129 34.56 -95.29 127.90
CA TYR GA 129 34.87 -96.50 128.66
C TYR GA 129 35.01 -97.64 127.65
N GLY GA 130 36.27 -97.93 127.30
CA GLY GA 130 36.57 -99.03 126.39
C GLY GA 130 36.22 -98.75 124.94
N GLY GA 131 36.91 -97.78 124.34
CA GLY GA 131 36.64 -97.43 122.96
C GLY GA 131 36.44 -95.95 122.76
N SER GA 132 35.27 -95.56 122.28
CA SER GA 132 34.94 -94.15 122.11
C SER GA 132 34.04 -93.68 123.24
N LYS GA 133 33.58 -92.43 123.13
CA LYS GA 133 32.76 -91.82 124.16
C LYS GA 133 31.28 -92.08 123.85
N THR GA 134 30.56 -92.65 124.81
CA THR GA 134 29.21 -93.13 124.60
C THR GA 134 28.24 -92.55 125.62
N ILE GA 135 26.96 -92.51 125.24
CA ILE GA 135 25.85 -92.28 126.15
C ILE GA 135 24.96 -93.50 126.11
N VAL GA 136 24.56 -93.99 127.27
CA VAL GA 136 23.71 -95.17 127.38
C VAL GA 136 22.30 -94.72 127.74
N LEU GA 137 21.36 -94.95 126.83
CA LEU GA 137 19.96 -94.54 127.02
C LEU GA 137 19.15 -95.81 127.31
N SER GA 138 18.93 -96.08 128.59
CA SER GA 138 18.13 -97.24 128.98
C SER GA 138 16.64 -96.96 128.77
N VAL GA 139 15.96 -97.90 128.14
CA VAL GA 139 14.54 -97.76 127.83
C VAL GA 139 13.84 -98.82 128.67
N GLY GA 140 14.37 -99.05 129.86
CA GLY GA 140 13.95 -100.18 130.69
C GLY GA 140 15.15 -101.07 130.94
N GLU GA 141 15.16 -102.25 130.33
CA GLU GA 141 16.36 -103.08 130.32
C GLU GA 141 17.10 -103.00 128.99
N ALA GA 142 16.44 -102.59 127.91
CA ALA GA 142 17.09 -102.43 126.62
C ALA GA 142 17.85 -101.11 126.60
N THR GA 143 19.16 -101.18 126.34
CA THR GA 143 20.03 -100.01 126.38
C THR GA 143 20.48 -99.67 124.97
N ARG GA 144 19.98 -98.56 124.43
CA ARG GA 144 20.37 -98.09 123.11
C ARG GA 144 21.58 -97.17 123.29
N THR GA 145 22.76 -97.69 122.97
CA THR GA 145 24.02 -96.99 123.22
C THR GA 145 24.39 -96.16 122.00
N LEU GA 146 24.39 -94.85 122.16
CA LEU GA 146 24.88 -93.95 121.12
C LEU GA 146 26.38 -93.78 121.24
N THR GA 147 27.04 -93.62 120.09
CA THR GA 147 28.47 -93.36 120.07
C THR GA 147 28.73 -92.02 119.41
N GLU GA 148 29.74 -91.31 119.89
CA GLU GA 148 30.08 -90.02 119.34
C GLU GA 148 30.78 -90.18 118.00
N ILE GA 149 30.25 -89.50 116.98
CA ILE GA 149 30.85 -89.56 115.66
C ILE GA 149 31.50 -88.23 115.26
N GLN GA 150 31.34 -87.18 116.03
CA GLN GA 150 31.85 -85.87 115.63
C GLN GA 150 32.07 -85.03 116.87
N SER GA 151 33.08 -84.16 116.82
CA SER GA 151 33.37 -83.19 117.88
C SER GA 151 33.85 -81.91 117.20
N THR GA 152 32.91 -81.01 116.95
CA THR GA 152 33.22 -79.73 116.31
C THR GA 152 33.63 -78.75 117.41
N ALA GA 153 33.64 -77.44 117.10
CA ALA GA 153 34.01 -76.43 118.10
C ALA GA 153 33.00 -76.38 119.24
N ASP GA 154 31.71 -76.25 118.92
CA ASP GA 154 30.65 -76.28 119.92
C ASP GA 154 29.76 -77.50 119.77
N ARG GA 155 29.44 -77.89 118.53
CA ARG GA 155 28.57 -79.02 118.25
C ARG GA 155 29.25 -80.33 118.63
N GLN GA 156 28.41 -81.34 118.86
CA GLN GA 156 28.89 -82.66 119.29
C GLN GA 156 27.83 -83.67 118.89
N ILE GA 157 28.06 -84.38 117.80
CA ILE GA 157 27.05 -85.23 117.18
C ILE GA 157 27.25 -86.68 117.60
N PHE GA 158 26.24 -87.27 118.23
CA PHE GA 158 26.22 -88.67 118.59
C PHE GA 158 25.30 -89.41 117.62
N GLU GA 159 25.50 -90.73 117.53
CA GLU GA 159 24.73 -91.54 116.59
C GLU GA 159 24.79 -92.99 117.02
N GLU GA 160 23.70 -93.71 116.83
CA GLU GA 160 23.70 -95.15 117.03
C GLU GA 160 24.19 -95.86 115.77
N LYS GA 161 24.88 -96.98 115.96
CA LYS GA 161 25.56 -97.66 114.87
C LYS GA 161 24.84 -98.89 114.37
N VAL GA 162 23.76 -99.31 115.02
CA VAL GA 162 23.05 -100.51 114.60
C VAL GA 162 22.03 -100.17 113.54
N GLY GA 163 22.08 -100.89 112.42
CA GLY GA 163 21.08 -100.76 111.38
C GLY GA 163 21.59 -100.05 110.14
N PRO GA 164 20.67 -99.62 109.28
CA PRO GA 164 21.07 -98.98 108.03
C PRO GA 164 21.54 -97.55 108.26
N LEU GA 165 22.20 -97.01 107.23
CA LEU GA 165 22.73 -95.65 107.28
C LEU GA 165 21.67 -94.58 107.07
N VAL GA 166 20.47 -94.95 106.63
CA VAL GA 166 19.49 -93.94 106.23
C VAL GA 166 18.82 -93.30 107.45
N GLY GA 167 18.38 -94.09 108.43
CA GLY GA 167 17.74 -93.53 109.59
C GLY GA 167 18.30 -94.08 110.89
N ARG GA 168 18.91 -93.21 111.68
CA ARG GA 168 19.53 -93.62 112.94
C ARG GA 168 19.23 -92.57 114.00
N LEU GA 169 19.46 -92.94 115.25
CA LEU GA 169 19.34 -91.99 116.35
C LEU GA 169 20.43 -90.94 116.27
N ARG GA 170 20.14 -89.76 116.82
CA ARG GA 170 21.05 -88.63 116.71
C ARG GA 170 20.99 -87.81 117.99
N LEU GA 171 22.08 -87.09 118.25
CA LEU GA 171 22.15 -86.14 119.36
C LEU GA 171 23.11 -85.03 118.96
N THR GA 172 22.57 -83.89 118.55
CA THR GA 172 23.38 -82.74 118.19
C THR GA 172 23.41 -81.81 119.40
N ALA GA 173 24.21 -82.17 120.40
CA ALA GA 173 24.41 -81.30 121.55
C ALA GA 173 25.23 -80.08 121.17
N SER GA 174 25.14 -79.05 122.00
CA SER GA 174 25.81 -77.78 121.73
C SER GA 174 26.03 -77.06 123.04
N LEU GA 175 26.84 -76.00 122.97
CA LEU GA 175 27.18 -75.18 124.13
C LEU GA 175 27.76 -73.87 123.63
N ARG GA 176 27.17 -72.76 124.06
CA ARG GA 176 27.62 -71.43 123.63
C ARG GA 176 27.69 -70.52 124.84
N GLN GA 177 28.09 -69.28 124.61
CA GLN GA 177 27.91 -68.20 125.58
C GLN GA 177 27.76 -66.90 124.80
N ASN GA 178 26.67 -66.19 125.02
CA ASN GA 178 26.31 -65.02 124.23
C ASN GA 178 26.98 -63.76 124.76
N GLY GA 179 27.20 -62.81 123.85
CA GLY GA 179 27.52 -61.43 124.18
C GLY GA 179 28.77 -61.21 125.00
N ALA GA 180 28.62 -60.53 126.12
CA ALA GA 180 29.75 -60.26 127.02
C ALA GA 180 29.88 -61.32 128.10
N LYS GA 181 29.87 -62.59 127.68
CA LYS GA 181 30.20 -63.76 128.51
C LYS GA 181 29.30 -63.88 129.73
N THR GA 182 28.00 -63.60 129.57
CA THR GA 182 27.10 -63.49 130.71
C THR GA 182 26.11 -64.65 130.83
N ALA GA 183 25.90 -65.44 129.79
CA ALA GA 183 24.90 -66.50 129.85
C ALA GA 183 25.25 -67.60 128.86
N TYR GA 184 25.22 -68.84 129.34
CA TYR GA 184 25.44 -69.99 128.47
C TYR GA 184 24.13 -70.40 127.82
N ARG GA 185 24.22 -71.33 126.87
CA ARG GA 185 23.03 -71.79 126.16
C ARG GA 185 23.29 -73.23 125.70
N VAL GA 186 22.74 -74.18 126.43
CA VAL GA 186 22.85 -75.59 126.08
C VAL GA 186 21.72 -75.93 125.13
N ASN GA 187 21.99 -76.75 124.12
CA ASN GA 187 21.00 -77.04 123.09
C ASN GA 187 21.16 -78.49 122.64
N LEU GA 188 20.35 -79.38 123.21
CA LEU GA 188 20.27 -80.76 122.75
C LEU GA 188 19.18 -80.91 121.70
N LYS GA 189 19.26 -81.99 120.93
CA LYS GA 189 18.28 -82.28 119.89
C LYS GA 189 18.38 -83.76 119.55
N LEU GA 190 17.30 -84.50 119.76
CA LEU GA 190 17.26 -85.94 119.50
C LEU GA 190 16.36 -86.20 118.31
N ASP GA 191 16.94 -86.69 117.21
CA ASP GA 191 16.19 -87.07 116.03
C ASP GA 191 15.85 -88.55 116.09
N GLN GA 192 14.67 -88.90 115.58
CA GLN GA 192 14.28 -90.30 115.49
C GLN GA 192 13.46 -90.50 114.22
N ALA GA 193 14.08 -91.06 113.20
CA ALA GA 193 13.43 -91.35 111.94
C ALA GA 193 12.93 -92.79 111.94
N ASP GA 194 11.72 -93.00 111.46
CA ASP GA 194 11.11 -94.32 111.46
C ASP GA 194 11.41 -94.99 110.12
N VAL GA 195 12.33 -95.95 110.14
CA VAL GA 195 12.73 -96.68 108.95
C VAL GA 195 11.88 -97.95 108.88
N VAL GA 196 11.65 -98.42 107.67
CA VAL GA 196 10.85 -99.63 107.44
C VAL GA 196 11.47 -100.40 106.28
N ASP GA 197 11.39 -101.73 106.34
CA ASP GA 197 11.91 -102.59 105.29
C ASP GA 197 10.78 -103.42 104.71
N CYS GA 198 10.66 -103.38 103.39
CA CYS GA 198 9.61 -104.10 102.68
C CYS GA 198 10.17 -105.34 101.97
N SER GA 199 11.30 -105.85 102.47
CA SER GA 199 11.97 -106.97 101.82
C SER GA 199 11.20 -108.27 101.92
N THR GA 200 10.38 -108.45 102.96
CA THR GA 200 9.52 -109.61 103.03
C THR GA 200 8.37 -109.49 102.04
N SER GA 201 7.86 -108.28 101.83
CA SER GA 201 6.80 -108.01 100.86
C SER GA 201 7.31 -107.91 99.44
N VAL GA 202 8.25 -107.01 99.17
CA VAL GA 202 8.79 -106.79 97.84
C VAL GA 202 10.28 -107.09 97.86
N CYS GA 203 10.72 -107.99 96.98
CA CYS GA 203 12.14 -108.28 96.87
C CYS GA 203 12.91 -107.11 96.25
N GLY GA 204 14.19 -107.04 96.57
CA GLY GA 204 15.03 -105.97 96.08
C GLY GA 204 14.73 -104.61 96.65
N GLU GA 205 14.08 -104.56 97.82
CA GLU GA 205 13.68 -103.30 98.44
C GLU GA 205 14.62 -102.99 99.58
N LEU GA 206 15.34 -101.88 99.47
CA LEU GA 206 16.19 -101.39 100.53
C LEU GA 206 15.37 -100.52 101.49
N PRO GA 207 15.78 -100.43 102.76
CA PRO GA 207 14.98 -99.67 103.73
C PRO GA 207 15.00 -98.18 103.45
N LYS GA 208 13.93 -97.52 103.89
CA LYS GA 208 13.76 -96.09 103.68
C LYS GA 208 12.98 -95.51 104.86
N VAL GA 209 13.07 -94.21 105.03
CA VAL GA 209 12.43 -93.52 106.15
C VAL GA 209 11.08 -92.98 105.71
N ARG GA 210 10.10 -93.06 106.60
CA ARG GA 210 8.78 -92.50 106.33
C ARG GA 210 8.70 -91.05 106.81
N TYR GA 211 8.92 -90.84 108.10
CA TYR GA 211 8.82 -89.53 108.72
C TYR GA 211 9.97 -89.36 109.70
N THR GA 212 10.01 -88.22 110.37
CA THR GA 212 10.97 -88.01 111.44
C THR GA 212 10.28 -87.20 112.55
N GLN GA 213 10.72 -87.43 113.78
CA GLN GA 213 10.15 -86.81 114.97
C GLN GA 213 11.28 -86.40 115.90
N VAL GA 214 11.33 -85.12 116.22
CA VAL GA 214 12.44 -84.57 117.00
C VAL GA 214 11.95 -84.22 118.40
N TRP GA 215 12.90 -84.00 119.30
CA TRP GA 215 12.63 -83.44 120.63
C TRP GA 215 13.89 -82.65 121.01
N SER GA 216 13.87 -81.36 120.72
CA SER GA 216 15.01 -80.53 121.05
C SER GA 216 14.80 -79.82 122.39
N HIS GA 217 15.92 -79.47 123.03
CA HIS GA 217 15.90 -78.76 124.29
C HIS GA 217 16.64 -77.45 124.10
N ASP GA 218 16.34 -76.49 124.97
CA ASP GA 218 16.99 -75.18 124.91
C ASP GA 218 17.12 -74.65 126.33
N VAL GA 219 18.25 -74.93 126.95
CA VAL GA 219 18.53 -74.54 128.32
C VAL GA 219 19.26 -73.20 128.30
N THR GA 220 18.84 -72.28 129.16
CA THR GA 220 19.52 -71.00 129.33
C THR GA 220 20.08 -70.95 130.74
N ILE GA 221 21.39 -70.75 130.84
CA ILE GA 221 22.10 -70.74 132.11
C ILE GA 221 22.89 -69.45 132.18
N VAL GA 222 22.59 -68.62 133.17
CA VAL GA 222 23.35 -67.39 133.35
C VAL GA 222 24.64 -67.71 134.11
N ALA GA 223 25.65 -66.86 133.91
CA ALA GA 223 27.00 -67.22 134.30
C ALA GA 223 27.24 -67.10 135.80
N ASN GA 224 26.64 -66.10 136.44
CA ASN GA 224 26.86 -65.85 137.86
C ASN GA 224 25.82 -66.53 138.74
N SER GA 225 25.34 -67.70 138.33
CA SER GA 225 24.31 -68.43 139.03
C SER GA 225 24.83 -69.01 140.34
N THR GA 226 23.91 -69.60 141.10
CA THR GA 226 24.26 -70.50 142.19
C THR GA 226 24.19 -71.91 141.63
N GLU GA 227 25.06 -72.79 142.13
CA GLU GA 227 24.99 -74.19 141.69
C GLU GA 227 23.74 -74.87 142.21
N ALA GA 228 23.17 -74.38 143.31
CA ALA GA 228 21.92 -74.93 143.81
C ALA GA 228 20.72 -74.52 142.97
N SER GA 229 20.85 -73.46 142.16
CA SER GA 229 19.75 -73.08 141.28
C SER GA 229 19.87 -73.74 139.91
N ARG GA 230 21.10 -74.10 139.51
CA ARG GA 230 21.26 -74.92 138.31
C ARG GA 230 20.85 -76.36 138.57
N LYS GA 231 21.08 -76.84 139.81
CA LYS GA 231 20.68 -78.20 140.15
C LYS GA 231 19.17 -78.31 140.27
N SER GA 232 18.51 -77.30 140.84
CA SER GA 232 17.06 -77.35 141.00
C SER GA 232 16.33 -77.16 139.69
N LEU GA 233 16.94 -76.44 138.74
CA LEU GA 233 16.33 -76.33 137.42
C LEU GA 233 16.40 -77.65 136.67
N TYR GA 234 17.51 -78.38 136.80
CA TYR GA 234 17.62 -79.70 136.20
C TYR GA 234 16.68 -80.69 136.87
N ASP GA 235 16.58 -80.62 138.20
CA ASP GA 235 15.75 -81.53 138.97
C ASP GA 235 14.26 -81.34 138.71
N LEU GA 236 13.83 -80.15 138.33
CA LEU GA 236 12.43 -79.94 137.99
C LEU GA 236 12.13 -80.44 136.59
N THR GA 237 13.05 -80.24 135.65
CA THR GA 237 12.85 -80.73 134.29
C THR GA 237 13.00 -82.25 134.22
N LYS GA 238 13.85 -82.82 135.08
CA LYS GA 238 13.93 -84.28 135.19
C LYS GA 238 12.63 -84.85 135.72
N SER GA 239 11.96 -84.12 136.61
CA SER GA 239 10.70 -84.56 137.16
C SER GA 239 9.50 -84.14 136.33
N LEU GA 240 9.67 -83.15 135.44
CA LEU GA 240 8.58 -82.77 134.56
C LEU GA 240 8.36 -83.80 133.47
N VAL GA 241 9.44 -84.23 132.81
CA VAL GA 241 9.34 -85.21 131.73
C VAL GA 241 8.91 -86.57 132.28
N ALA GA 242 9.27 -86.89 133.52
CA ALA GA 242 8.92 -88.18 134.10
C ALA GA 242 7.46 -88.29 134.53
N THR GA 243 6.69 -87.19 134.49
CA THR GA 243 5.29 -87.26 134.86
C THR GA 243 4.47 -87.92 133.76
N SER GA 244 3.29 -88.41 134.16
CA SER GA 244 2.40 -89.04 133.20
C SER GA 244 1.47 -88.03 132.53
N GLN GA 245 1.60 -86.75 132.84
CA GLN GA 245 0.83 -85.74 132.13
C GLN GA 245 1.53 -85.30 130.85
N VAL GA 246 2.86 -85.22 130.89
CA VAL GA 246 3.63 -84.95 129.69
C VAL GA 246 3.76 -86.19 128.82
N GLU GA 247 3.57 -87.37 129.40
CA GLU GA 247 3.54 -88.59 128.60
C GLU GA 247 2.34 -88.61 127.67
N ASP GA 248 1.17 -88.23 128.19
CA ASP GA 248 -0.03 -88.16 127.36
C ASP GA 248 -0.04 -86.95 126.45
N LEU GA 249 0.77 -85.93 126.74
CA LEU GA 249 0.81 -84.75 125.88
C LEU GA 249 1.58 -85.04 124.60
N VAL GA 250 2.53 -85.95 124.63
CA VAL GA 250 3.31 -86.28 123.45
C VAL GA 250 2.74 -87.50 122.74
N VAL GA 251 2.26 -88.50 123.48
CA VAL GA 251 1.71 -89.69 122.86
C VAL GA 251 0.30 -89.45 122.34
N ASN GA 252 -0.58 -88.90 123.18
CA ASN GA 252 -1.99 -88.78 122.84
C ASN GA 252 -2.48 -87.35 122.69
N LEU GA 253 -1.59 -86.35 122.78
CA LEU GA 253 -1.89 -84.92 122.63
C LEU GA 253 -2.93 -84.41 123.63
N VAL GA 254 -2.98 -85.02 124.82
CA VAL GA 254 -3.88 -84.56 125.87
C VAL GA 254 -3.23 -83.37 126.58
N PRO GA 255 -3.92 -82.25 126.75
CA PRO GA 255 -3.30 -81.09 127.39
C PRO GA 255 -3.04 -81.31 128.87
N LEU GA 256 -2.20 -80.45 129.43
CA LEU GA 256 -1.76 -80.60 130.81
C LEU GA 256 -2.82 -80.08 131.77
N GLY GA 257 -2.73 -80.55 133.02
CA GLY GA 257 -3.62 -80.07 134.06
C GLY GA 257 -4.71 -81.06 134.43
N ARG GA 258 -4.76 -81.45 135.70
CA ARG GA 258 -5.82 -82.33 136.18
C ARG GA 258 -6.30 -81.88 137.56
N SER HA 1 40.94 -84.17 130.57
CA SER HA 1 41.37 -84.71 129.29
C SER HA 1 42.70 -84.10 128.87
N LYS HA 2 42.62 -83.02 128.10
CA LYS HA 2 43.81 -82.33 127.58
C LYS HA 2 44.10 -81.13 128.46
N THR HA 3 45.28 -81.14 129.10
CA THR HA 3 45.60 -80.20 130.16
C THR HA 3 46.95 -79.55 129.96
N ILE HA 4 47.08 -78.33 130.48
CA ILE HA 4 48.36 -77.69 130.72
C ILE HA 4 48.46 -77.42 132.22
N VAL HA 5 49.60 -77.75 132.81
CA VAL HA 5 49.83 -77.57 134.23
C VAL HA 5 50.80 -76.41 134.42
N LEU HA 6 50.36 -75.37 135.11
CA LEU HA 6 51.17 -74.19 135.36
C LEU HA 6 51.57 -74.19 136.83
N SER HA 7 52.82 -74.58 137.10
CA SER HA 7 53.34 -74.61 138.46
C SER HA 7 53.78 -73.23 138.88
N VAL HA 8 53.26 -72.75 140.01
CA VAL HA 8 53.50 -71.40 140.49
C VAL HA 8 54.32 -71.54 141.77
N GLY HA 9 55.17 -72.55 141.79
CA GLY HA 9 55.90 -72.91 142.99
C GLY HA 9 55.61 -74.36 143.35
N GLU HA 10 54.89 -74.57 144.44
CA GLU HA 10 54.36 -75.89 144.75
C GLU HA 10 52.88 -76.04 144.41
N ALA HA 11 52.17 -74.93 144.19
CA ALA HA 11 50.78 -74.99 143.79
C ALA HA 11 50.67 -75.03 142.28
N THR HA 12 49.89 -75.97 141.76
CA THR HA 12 49.71 -76.15 140.32
C THR HA 12 48.28 -75.79 139.96
N ARG HA 13 48.13 -74.97 138.92
CA ARG HA 13 46.82 -74.55 138.43
C ARG HA 13 46.60 -75.25 137.09
N THR HA 14 45.82 -76.33 137.12
CA THR HA 14 45.63 -77.17 135.94
C THR HA 14 44.47 -76.64 135.10
N LEU HA 15 44.78 -76.14 133.92
CA LEU HA 15 43.76 -75.75 132.97
C LEU HA 15 43.36 -76.95 132.13
N THR HA 16 42.09 -76.97 131.69
CA THR HA 16 41.60 -78.03 130.84
C THR HA 16 41.04 -77.43 129.56
N GLU HA 17 41.11 -78.19 128.48
CA GLU HA 17 40.62 -77.73 127.19
C GLU HA 17 39.10 -77.81 127.13
N ILE HA 18 38.46 -76.72 126.72
CA ILE HA 18 37.01 -76.65 126.65
C ILE HA 18 36.49 -76.46 125.23
N GLN HA 19 37.34 -76.10 124.27
CA GLN HA 19 36.89 -75.80 122.92
C GLN HA 19 38.07 -75.95 121.98
N SER HA 20 37.80 -76.51 120.80
CA SER HA 20 38.87 -76.75 119.83
C SER HA 20 38.29 -76.55 118.43
N THR HA 21 38.68 -75.44 117.80
CA THR HA 21 38.32 -75.16 116.42
C THR HA 21 39.45 -75.74 115.56
N ALA HA 22 39.52 -75.38 114.27
CA ALA HA 22 40.62 -75.82 113.42
C ALA HA 22 41.96 -75.30 113.93
N ASP HA 23 42.06 -73.99 114.16
CA ASP HA 23 43.26 -73.35 114.66
C ASP HA 23 43.14 -72.88 116.09
N ARG HA 24 42.04 -72.22 116.45
CA ARG HA 24 41.87 -71.68 117.79
C ARG HA 24 41.58 -72.81 118.78
N GLN HA 25 42.08 -72.64 120.01
CA GLN HA 25 42.08 -73.72 120.99
C GLN HA 25 42.03 -73.08 122.37
N ILE HA 26 40.90 -73.20 123.05
CA ILE HA 26 40.62 -72.49 124.29
C ILE HA 26 40.75 -73.44 125.47
N PHE HA 27 41.59 -73.08 126.43
CA PHE HA 27 41.72 -73.80 127.70
C PHE HA 27 41.04 -73.00 128.80
N GLU HA 28 40.75 -73.67 129.91
CA GLU HA 28 40.09 -73.03 131.04
C GLU HA 28 40.34 -73.84 132.30
N GLU HA 29 40.35 -73.16 133.44
CA GLU HA 29 40.49 -73.81 134.73
C GLU HA 29 39.11 -74.07 135.32
N LYS HA 30 38.85 -75.33 135.66
CA LYS HA 30 37.52 -75.77 136.08
C LYS HA 30 37.29 -75.68 137.58
N VAL HA 31 37.98 -74.79 138.29
CA VAL HA 31 37.83 -74.68 139.73
C VAL HA 31 37.11 -73.38 140.08
N GLY HA 32 36.01 -73.49 140.82
CA GLY HA 32 35.32 -72.33 141.34
C GLY HA 32 34.05 -72.02 140.60
N PRO HA 33 33.56 -70.78 140.73
CA PRO HA 33 32.34 -70.37 140.02
C PRO HA 33 32.54 -70.26 138.52
N LEU HA 34 31.44 -69.98 137.81
CA LEU HA 34 31.45 -69.99 136.35
C LEU HA 34 31.80 -68.65 135.73
N VAL HA 35 31.77 -67.56 136.50
CA VAL HA 35 31.82 -66.24 135.90
C VAL HA 35 33.25 -65.81 135.55
N GLY HA 36 34.23 -66.06 136.42
CA GLY HA 36 35.59 -65.66 136.12
C GLY HA 36 36.58 -66.77 136.35
N ARG HA 37 37.21 -67.23 135.27
CA ARG HA 37 38.17 -68.32 135.35
C ARG HA 37 39.40 -67.97 134.52
N LEU HA 38 40.48 -68.70 134.76
CA LEU HA 38 41.66 -68.60 133.91
C LEU HA 38 41.33 -69.04 132.49
N ARG HA 39 41.89 -68.34 131.53
CA ARG HA 39 41.60 -68.59 130.12
C ARG HA 39 42.91 -68.58 129.36
N LEU HA 40 43.01 -69.43 128.36
CA LEU HA 40 44.24 -69.51 127.57
C LEU HA 40 43.82 -69.85 126.14
N THR HA 41 43.94 -68.88 125.24
CA THR HA 41 43.47 -69.01 123.86
C THR HA 41 44.67 -69.13 122.95
N ALA HA 42 45.11 -70.35 122.72
CA ALA HA 42 46.18 -70.59 121.76
C ALA HA 42 45.65 -70.51 120.33
N SER HA 43 46.57 -70.32 119.40
CA SER HA 43 46.22 -70.23 117.99
C SER HA 43 47.46 -70.56 117.16
N LEU HA 44 47.25 -70.85 115.89
CA LEU HA 44 48.33 -71.13 114.96
C LEU HA 44 47.80 -70.93 113.54
N ARG HA 45 48.43 -70.03 112.80
CA ARG HA 45 48.01 -69.74 111.43
C ARG HA 45 49.23 -69.84 110.52
N GLN HA 46 49.02 -69.52 109.25
CA GLN HA 46 50.15 -69.25 108.35
C GLN HA 46 49.68 -68.22 107.32
N ASN HA 47 50.27 -67.04 107.36
CA ASN HA 47 49.83 -65.92 106.55
C ASN HA 47 50.61 -65.86 105.24
N GLY HA 48 49.92 -65.43 104.19
CA GLY HA 48 50.55 -65.21 102.90
C GLY HA 48 50.67 -66.46 102.06
N ALA HA 49 51.82 -66.62 101.39
CA ALA HA 49 52.03 -67.75 100.50
C ALA HA 49 52.72 -68.90 101.22
N LYS HA 50 52.12 -69.29 102.34
CA LYS HA 50 52.50 -70.47 103.13
C LYS HA 50 53.94 -70.40 103.63
N THR HA 51 54.45 -69.20 103.92
CA THR HA 51 55.85 -69.02 104.22
C THR HA 51 56.14 -68.64 105.66
N ALA HA 52 55.16 -68.19 106.42
CA ALA HA 52 55.40 -67.73 107.79
C ALA HA 52 54.22 -68.10 108.67
N TYR HA 53 54.49 -68.83 109.74
CA TYR HA 53 53.47 -69.18 110.71
C TYR HA 53 53.31 -68.07 111.74
N ARG HA 54 52.27 -68.18 112.56
CA ARG HA 54 51.96 -67.13 113.52
C ARG HA 54 51.28 -67.79 114.73
N VAL HA 55 52.04 -67.95 115.80
CA VAL HA 55 51.50 -68.43 117.06
C VAL HA 55 50.96 -67.23 117.84
N ASN HA 56 49.87 -67.44 118.58
CA ASN HA 56 49.20 -66.32 119.24
C ASN HA 56 48.57 -66.86 120.53
N LEU HA 57 49.29 -66.75 121.64
CA LEU HA 57 48.77 -67.10 122.94
C LEU HA 57 48.16 -65.87 123.61
N LYS HA 58 47.25 -66.13 124.56
CA LYS HA 58 46.58 -65.05 125.27
C LYS HA 58 46.06 -65.62 126.59
N LEU HA 59 46.64 -65.18 127.70
CA LEU HA 59 46.28 -65.66 129.02
C LEU HA 59 45.45 -64.58 129.72
N ASP HA 60 44.15 -64.83 129.85
CA ASP HA 60 43.29 -63.92 130.58
C ASP HA 60 43.32 -64.26 132.06
N GLN HA 61 43.01 -63.26 132.89
CA GLN HA 61 42.87 -63.49 134.32
C GLN HA 61 41.90 -62.47 134.88
N ALA HA 62 40.73 -62.94 135.30
CA ALA HA 62 39.71 -62.09 135.87
C ALA HA 62 39.81 -62.13 137.40
N ASP HA 63 39.60 -60.98 138.02
CA ASP HA 63 39.63 -60.88 139.48
C ASP HA 63 38.19 -60.93 139.98
N VAL HA 64 37.73 -62.12 140.30
CA VAL HA 64 36.37 -62.33 140.77
C VAL HA 64 36.36 -62.18 142.29
N VAL HA 65 35.25 -61.68 142.82
CA VAL HA 65 35.08 -61.50 144.26
C VAL HA 65 33.65 -61.85 144.61
N ASP HA 66 33.46 -62.64 145.67
CA ASP HA 66 32.15 -63.07 146.13
C ASP HA 66 31.85 -62.40 147.46
N CYS HA 67 30.90 -61.47 147.44
CA CYS HA 67 30.53 -60.69 148.62
C CYS HA 67 29.14 -61.08 149.10
N SER HA 68 28.81 -62.36 148.98
CA SER HA 68 27.48 -62.82 149.38
C SER HA 68 27.32 -62.88 150.89
N THR HA 69 28.42 -62.97 151.64
CA THR HA 69 28.32 -63.07 153.09
C THR HA 69 28.25 -61.68 153.73
N SER HA 70 28.99 -60.72 153.18
CA SER HA 70 29.04 -59.38 153.78
C SER HA 70 27.76 -58.61 153.49
N VAL HA 71 27.49 -58.32 152.23
CA VAL HA 71 26.24 -57.69 151.83
C VAL HA 71 25.29 -58.80 151.38
N CYS HA 72 24.05 -58.74 151.82
CA CYS HA 72 23.11 -59.82 151.58
C CYS HA 72 22.55 -59.74 150.17
N GLY HA 73 22.54 -60.87 149.49
CA GLY HA 73 21.79 -61.02 148.26
C GLY HA 73 22.47 -60.62 146.98
N GLU HA 74 23.79 -60.76 146.88
CA GLU HA 74 24.45 -60.51 145.62
C GLU HA 74 25.43 -61.64 145.30
N LEU HA 75 25.80 -61.71 144.02
CA LEU HA 75 26.49 -62.83 143.41
C LEU HA 75 27.95 -62.49 143.18
N PRO HA 76 28.81 -63.48 142.89
CA PRO HA 76 30.19 -63.15 142.49
C PRO HA 76 30.22 -62.42 141.16
N LYS HA 77 31.19 -61.51 141.04
CA LYS HA 77 31.27 -60.63 139.89
C LYS HA 77 32.73 -60.39 139.56
N VAL HA 78 33.00 -60.01 138.31
CA VAL HA 78 34.35 -59.77 137.85
C VAL HA 78 34.65 -58.29 137.99
N ARG HA 79 35.68 -57.96 138.79
CA ARG HA 79 36.12 -56.59 138.92
C ARG HA 79 36.81 -56.11 137.64
N TYR HA 80 37.88 -56.79 137.24
CA TYR HA 80 38.68 -56.40 136.09
C TYR HA 80 39.31 -57.65 135.49
N THR HA 81 39.87 -57.49 134.30
CA THR HA 81 40.65 -58.54 133.66
C THR HA 81 42.01 -58.00 133.26
N GLN HA 82 43.04 -58.83 133.44
CA GLN HA 82 44.39 -58.49 133.03
C GLN HA 82 44.93 -59.60 132.15
N VAL HA 83 45.35 -59.24 130.93
CA VAL HA 83 45.78 -60.22 129.95
C VAL HA 83 47.30 -60.14 129.78
N TRP HA 84 47.86 -61.17 129.16
CA TRP HA 84 49.26 -61.17 128.73
C TRP HA 84 49.29 -61.96 127.43
N SER HA 85 49.21 -61.25 126.31
CA SER HA 85 49.21 -61.89 125.01
C SER HA 85 50.64 -62.17 124.55
N HIS HA 86 50.75 -63.06 123.57
CA HIS HA 86 52.00 -63.31 122.87
C HIS HA 86 51.70 -63.35 121.38
N ASP HA 87 52.71 -63.04 120.58
CA ASP HA 87 52.55 -63.06 119.12
C ASP HA 87 53.90 -63.45 118.53
N VAL HA 88 54.08 -64.72 118.26
CA VAL HA 88 55.32 -65.24 117.71
C VAL HA 88 55.19 -65.34 116.20
N THR HA 89 56.20 -64.85 115.48
CA THR HA 89 56.25 -64.97 114.03
C THR HA 89 57.39 -65.91 113.67
N ILE HA 90 57.05 -67.03 113.04
CA ILE HA 90 58.00 -68.07 112.67
C ILE HA 90 57.93 -68.26 111.17
N VAL HA 91 59.06 -68.10 110.49
CA VAL HA 91 59.13 -68.37 109.06
C VAL HA 91 59.38 -69.85 108.84
N ALA HA 92 58.83 -70.37 107.75
CA ALA HA 92 58.67 -71.82 107.59
C ALA HA 92 59.99 -72.53 107.32
N ASN HA 93 60.89 -71.92 106.56
CA ASN HA 93 62.14 -72.55 106.17
C ASN HA 93 63.28 -72.28 107.14
N SER HA 94 62.97 -72.08 108.42
CA SER HA 94 63.97 -71.84 109.44
C SER HA 94 64.80 -73.09 109.71
N THR HA 95 65.89 -72.90 110.44
CA THR HA 95 66.56 -74.00 111.10
C THR HA 95 66.01 -74.14 112.51
N GLU HA 96 66.24 -75.31 113.11
CA GLU HA 96 65.67 -75.57 114.43
C GLU HA 96 66.36 -74.76 115.51
N ALA HA 97 67.65 -74.44 115.33
CA ALA HA 97 68.35 -73.62 116.29
C ALA HA 97 67.91 -72.16 116.26
N SER HA 98 67.29 -71.72 115.15
CA SER HA 98 66.74 -70.38 115.12
C SER HA 98 65.47 -70.28 115.97
N ARG HA 99 64.64 -71.31 115.91
CA ARG HA 99 63.43 -71.36 116.71
C ARG HA 99 63.70 -71.69 118.17
N LYS HA 100 64.72 -72.50 118.45
CA LYS HA 100 65.02 -72.87 119.83
C LYS HA 100 65.68 -71.71 120.57
N SER HA 101 66.54 -70.95 119.90
CA SER HA 101 67.21 -69.84 120.57
C SER HA 101 66.28 -68.67 120.78
N LEU HA 102 65.30 -68.48 119.89
CA LEU HA 102 64.30 -67.45 120.10
C LEU HA 102 63.40 -67.78 121.28
N TYR HA 103 63.08 -69.06 121.46
CA TYR HA 103 62.34 -69.48 122.64
C TYR HA 103 63.20 -69.38 123.89
N ASP HA 104 64.48 -69.73 123.78
CA ASP HA 104 65.37 -69.72 124.94
C ASP HA 104 65.67 -68.31 125.43
N LEU HA 105 65.58 -67.32 124.55
CA LEU HA 105 65.76 -65.93 124.98
C LEU HA 105 64.51 -65.37 125.63
N THR HA 106 63.34 -65.70 125.07
CA THR HA 106 62.09 -65.20 125.63
C THR HA 106 61.74 -65.90 126.93
N LYS HA 107 62.15 -67.16 127.08
CA LYS HA 107 62.00 -67.85 128.37
C LYS HA 107 62.87 -67.19 129.43
N SER HA 108 64.04 -66.69 129.05
CA SER HA 108 64.91 -66.01 129.98
C SER HA 108 64.61 -64.53 130.09
N LEU HA 109 63.92 -63.95 129.12
CA LEU HA 109 63.51 -62.56 129.23
C LEU HA 109 62.44 -62.40 130.29
N VAL HA 110 61.43 -63.27 130.27
CA VAL HA 110 60.34 -63.19 131.25
C VAL HA 110 60.83 -63.56 132.64
N ALA HA 111 61.75 -64.50 132.73
CA ALA HA 111 62.21 -65.00 134.03
C ALA HA 111 63.16 -64.06 134.75
N THR HA 112 63.53 -62.92 134.17
CA THR HA 112 64.43 -62.01 134.85
C THR HA 112 63.65 -61.10 135.80
N SER HA 113 64.38 -60.44 136.69
CA SER HA 113 63.76 -59.57 137.69
C SER HA 113 63.53 -58.15 137.21
N GLN HA 114 63.87 -57.85 135.96
CA GLN HA 114 63.59 -56.51 135.43
C GLN HA 114 62.24 -56.45 134.75
N VAL HA 115 61.79 -57.55 134.13
CA VAL HA 115 60.45 -57.60 133.56
C VAL HA 115 59.42 -57.89 134.65
N GLU HA 116 59.87 -58.44 135.78
CA GLU HA 116 58.98 -58.59 136.92
C GLU HA 116 58.56 -57.23 137.47
N ASP HA 117 59.51 -56.33 137.65
CA ASP HA 117 59.19 -54.99 138.15
C ASP HA 117 58.49 -54.13 137.10
N LEU HA 118 58.52 -54.54 135.83
CA LEU HA 118 57.87 -53.77 134.78
C LEU HA 118 56.37 -53.99 134.74
N VAL HA 119 55.91 -55.19 135.10
CA VAL HA 119 54.48 -55.48 135.02
C VAL HA 119 53.85 -55.47 136.40
N VAL HA 120 54.67 -55.53 137.45
CA VAL HA 120 54.12 -55.46 138.80
C VAL HA 120 54.21 -54.04 139.34
N ASN HA 121 55.38 -53.41 139.23
CA ASN HA 121 55.61 -52.10 139.82
C ASN HA 121 55.80 -51.00 138.78
N LEU HA 122 55.67 -51.34 137.49
CA LEU HA 122 55.67 -50.41 136.35
C LEU HA 122 56.98 -49.64 136.22
N VAL HA 123 58.09 -50.21 136.66
CA VAL HA 123 59.41 -49.60 136.53
C VAL HA 123 59.99 -49.98 135.17
N PRO HA 124 60.54 -49.04 134.41
CA PRO HA 124 61.07 -49.38 133.08
C PRO HA 124 62.33 -50.25 133.15
N LEU HA 125 62.68 -50.79 131.99
CA LEU HA 125 63.76 -51.77 131.89
C LEU HA 125 65.13 -51.09 131.89
N GLY HA 126 66.15 -51.88 132.19
CA GLY HA 126 67.51 -51.40 132.16
C GLY HA 126 68.00 -50.90 133.49
N ARG HA 127 69.10 -51.46 133.98
CA ARG HA 127 69.72 -51.04 135.23
C ARG HA 127 71.23 -50.91 134.99
N ALA HA 128 71.78 -49.76 135.37
CA ALA HA 128 73.18 -49.44 135.08
C ALA HA 128 74.08 -49.97 136.19
N TYR HA 129 74.98 -50.88 135.84
CA TYR HA 129 76.04 -51.34 136.74
C TYR HA 129 77.36 -51.26 135.98
N GLY HA 130 78.08 -50.14 136.18
CA GLY HA 130 79.36 -49.94 135.56
C GLY HA 130 79.30 -49.66 134.07
N GLY HA 131 78.71 -48.53 133.70
CA GLY HA 131 78.58 -48.18 132.30
C GLY HA 131 77.19 -47.70 131.94
N SER HA 132 76.51 -48.41 131.05
CA SER HA 132 75.15 -48.08 130.68
C SER HA 132 74.17 -49.09 131.27
N LYS HA 133 72.90 -48.94 130.91
CA LYS HA 133 71.85 -49.79 131.44
C LYS HA 133 71.71 -51.03 130.58
N THR HA 134 71.77 -52.20 131.22
CA THR HA 134 71.82 -53.47 130.52
C THR HA 134 70.80 -54.46 131.06
N ILE HA 135 70.38 -55.39 130.19
CA ILE HA 135 69.65 -56.58 130.57
C ILE HA 135 70.50 -57.78 130.19
N VAL HA 136 70.71 -58.68 131.13
CA VAL HA 136 71.43 -59.93 130.86
C VAL HA 136 70.41 -61.04 130.64
N LEU HA 137 70.65 -61.87 129.63
CA LEU HA 137 69.73 -62.95 129.26
C LEU HA 137 70.52 -64.25 129.27
N SER HA 138 70.45 -64.97 130.39
CA SER HA 138 71.17 -66.23 130.53
C SER HA 138 70.46 -67.34 129.75
N VAL HA 139 71.22 -68.02 128.90
CA VAL HA 139 70.70 -69.06 128.02
C VAL HA 139 71.35 -70.34 128.54
N GLY HA 140 71.52 -70.40 129.86
CA GLY HA 140 72.34 -71.41 130.49
C GLY HA 140 73.46 -70.73 131.25
N GLU HA 141 74.69 -70.87 130.75
CA GLU HA 141 75.79 -70.06 131.26
C GLU HA 141 76.18 -68.93 130.32
N ALA HA 142 75.81 -69.01 129.05
CA ALA HA 142 76.08 -67.93 128.10
C ALA HA 142 75.09 -66.80 128.30
N THR HA 143 75.61 -65.62 128.61
CA THR HA 143 74.80 -64.45 128.90
C THR HA 143 74.91 -63.45 127.76
N ARG HA 144 73.85 -63.34 126.97
CA ARG HA 144 73.79 -62.39 125.86
C ARG HA 144 73.32 -61.05 126.43
N THR HA 145 74.26 -60.16 126.71
CA THR HA 145 73.98 -58.89 127.38
C THR HA 145 73.58 -57.84 126.34
N LEU HA 146 72.35 -57.37 126.43
CA LEU HA 146 71.89 -56.25 125.61
C LEU HA 146 72.20 -54.95 126.31
N THR HA 147 72.50 -53.91 125.54
CA THR HA 147 72.74 -52.58 126.07
C THR HA 147 71.71 -51.62 125.50
N GLU HA 148 71.26 -50.69 126.33
CA GLU HA 148 70.26 -49.72 125.91
C GLU HA 148 70.88 -48.70 124.98
N ILE HA 149 70.30 -48.55 123.80
CA ILE HA 149 70.80 -47.59 122.82
C ILE HA 149 69.87 -46.41 122.63
N GLN HA 150 68.67 -46.43 123.20
CA GLN HA 150 67.72 -45.36 122.96
C GLN HA 150 66.76 -45.28 124.15
N SER HA 151 66.28 -44.09 124.44
CA SER HA 151 65.28 -43.86 125.47
C SER HA 151 64.38 -42.73 124.97
N THR HA 152 63.25 -43.10 124.38
CA THR HA 152 62.30 -42.14 123.84
C THR HA 152 61.36 -41.77 124.99
N ALA HA 153 60.22 -41.12 124.70
CA ALA HA 153 59.28 -40.74 125.75
C ALA HA 153 58.66 -41.96 126.43
N ASP HA 154 58.21 -42.94 125.65
CA ASP HA 154 57.72 -44.20 126.20
C ASP HA 154 58.56 -45.38 125.73
N ARG HA 155 59.03 -45.35 124.48
CA ARG HA 155 59.80 -46.43 123.89
C ARG HA 155 61.18 -46.54 124.54
N GLN HA 156 61.77 -47.73 124.40
CA GLN HA 156 63.06 -48.01 125.03
C GLN HA 156 63.70 -49.14 124.24
N ILE HA 157 64.66 -48.80 123.38
CA ILE HA 157 65.24 -49.77 122.46
C ILE HA 157 66.57 -50.28 123.02
N PHE HA 158 66.65 -51.59 123.22
CA PHE HA 158 67.87 -52.26 123.64
C PHE HA 158 68.45 -52.99 122.44
N GLU HA 159 69.75 -53.24 122.49
CA GLU HA 159 70.43 -53.89 121.38
C GLU HA 159 71.73 -54.53 121.86
N GLU HA 160 72.00 -55.73 121.36
CA GLU HA 160 73.31 -56.35 121.57
C GLU HA 160 74.32 -55.74 120.61
N LYS HA 161 75.53 -55.54 121.11
CA LYS HA 161 76.54 -54.77 120.39
C LYS HA 161 77.65 -55.60 119.76
N VAL HA 162 77.60 -56.92 119.87
CA VAL HA 162 78.59 -57.76 119.21
C VAL HA 162 78.11 -58.11 117.82
N GLY HA 163 79.06 -58.30 116.91
CA GLY HA 163 78.75 -58.74 115.57
C GLY HA 163 78.52 -57.60 114.59
N PRO HA 164 77.98 -57.91 113.42
CA PRO HA 164 77.77 -56.88 112.40
C PRO HA 164 76.58 -55.99 112.75
N LEU HA 165 76.50 -54.87 112.02
CA LEU HA 165 75.42 -53.90 112.22
C LEU HA 165 74.10 -54.34 111.60
N VAL HA 166 74.11 -55.34 110.72
CA VAL HA 166 72.91 -55.65 109.97
C VAL HA 166 71.90 -56.46 110.80
N GLY HA 167 72.33 -57.53 111.46
CA GLY HA 167 71.42 -58.33 112.24
C GLY HA 167 71.85 -58.44 113.68
N ARG HA 168 71.07 -57.85 114.58
CA ARG HA 168 71.40 -57.84 116.00
C ARG HA 168 70.12 -58.08 116.79
N LEU HA 169 70.29 -58.51 118.03
CA LEU HA 169 69.17 -58.65 118.95
C LEU HA 169 68.58 -57.28 119.26
N ARG HA 170 67.26 -57.22 119.31
CA ARG HA 170 66.56 -55.97 119.60
C ARG HA 170 65.53 -56.21 120.69
N LEU HA 171 65.16 -55.12 121.37
CA LEU HA 171 64.14 -55.20 122.40
C LEU HA 171 63.51 -53.82 122.50
N THR HA 172 62.33 -53.66 121.90
CA THR HA 172 61.62 -52.38 121.92
C THR HA 172 60.54 -52.45 122.99
N ALA HA 173 60.93 -52.18 124.24
CA ALA HA 173 59.98 -52.10 125.31
C ALA HA 173 59.14 -50.82 125.18
N SER HA 174 58.01 -50.80 125.89
CA SER HA 174 57.10 -49.67 125.83
C SER HA 174 56.24 -49.66 127.08
N LEU HA 175 55.54 -48.54 127.28
CA LEU HA 175 54.66 -48.36 128.44
C LEU HA 175 53.74 -47.19 128.13
N ARG HA 176 52.43 -47.42 128.22
CA ARG HA 176 51.45 -46.39 127.95
C ARG HA 176 50.40 -46.39 129.04
N GLN HA 177 49.44 -45.48 128.94
CA GLN HA 177 48.19 -45.58 129.68
C GLN HA 177 47.10 -44.94 128.82
N ASN HA 178 46.08 -45.73 128.49
CA ASN HA 178 45.08 -45.32 127.52
C ASN HA 178 43.92 -44.62 128.21
N GLY HA 179 43.33 -43.66 127.50
CA GLY HA 179 42.10 -43.02 127.93
C GLY HA 179 42.22 -42.16 129.16
N ALA HA 180 41.30 -42.37 130.11
CA ALA HA 180 41.27 -41.57 131.34
C ALA HA 180 42.04 -42.23 132.47
N LYS HA 181 43.30 -42.60 132.19
CA LYS HA 181 44.27 -43.11 133.17
C LYS HA 181 43.77 -44.36 133.88
N THR HA 182 43.07 -45.24 133.16
CA THR HA 182 42.43 -46.39 133.79
C THR HA 182 43.15 -47.71 133.57
N ALA HA 183 44.02 -47.79 132.57
CA ALA HA 183 44.67 -49.06 132.26
C ALA HA 183 45.99 -48.80 131.56
N TYR HA 184 47.05 -49.46 132.02
CA TYR HA 184 48.36 -49.37 131.39
C TYR HA 184 48.45 -50.42 130.28
N ARG HA 185 49.55 -50.37 129.53
CA ARG HA 185 49.75 -51.33 128.44
C ARG HA 185 51.25 -51.47 128.19
N VAL HA 186 51.82 -52.56 128.68
CA VAL HA 186 53.21 -52.89 128.43
C VAL HA 186 53.31 -53.64 127.11
N ASN HA 187 54.39 -53.41 126.37
CA ASN HA 187 54.53 -54.01 125.04
C ASN HA 187 56.01 -54.25 124.78
N LEU HA 188 56.46 -55.48 124.98
CA LEU HA 188 57.81 -55.89 124.61
C LEU HA 188 57.79 -56.52 123.23
N LYS HA 189 58.97 -56.57 122.60
CA LYS HA 189 59.12 -57.14 121.27
C LYS HA 189 60.58 -57.49 121.07
N LEU HA 190 60.88 -58.77 120.85
CA LEU HA 190 62.25 -59.25 120.72
C LEU HA 190 62.42 -59.80 119.31
N ASP HA 191 63.18 -59.09 118.48
CA ASP HA 191 63.51 -59.56 117.14
C ASP HA 191 64.81 -60.33 117.17
N GLN HA 192 64.94 -61.31 116.28
CA GLN HA 192 66.15 -62.10 116.17
C GLN HA 192 66.38 -62.44 114.71
N ALA HA 193 67.19 -61.64 114.03
CA ALA HA 193 67.51 -61.85 112.64
C ALA HA 193 68.65 -62.86 112.52
N ASP HA 194 68.50 -63.80 111.60
CA ASP HA 194 69.50 -64.85 111.40
C ASP HA 194 70.47 -64.40 110.32
N VAL HA 195 71.66 -63.99 110.74
CA VAL HA 195 72.67 -63.47 109.84
C VAL HA 195 73.72 -64.54 109.60
N VAL HA 196 74.12 -64.71 108.34
CA VAL HA 196 75.10 -65.72 107.96
C VAL HA 196 76.19 -65.04 107.15
N ASP HA 197 77.40 -65.58 107.22
CA ASP HA 197 78.54 -65.04 106.48
C ASP HA 197 79.08 -66.12 105.54
N CYS HA 198 79.30 -65.73 104.28
CA CYS HA 198 79.78 -66.65 103.26
C CYS HA 198 81.23 -66.38 102.91
N SER HA 199 82.00 -65.83 103.86
CA SER HA 199 83.39 -65.45 103.60
C SER HA 199 84.30 -66.65 103.42
N THR HA 200 83.97 -67.79 104.02
CA THR HA 200 84.76 -69.00 103.80
C THR HA 200 84.48 -69.57 102.40
N SER HA 201 83.25 -69.43 101.92
CA SER HA 201 82.85 -69.95 100.62
C SER HA 201 83.19 -68.98 99.48
N VAL HA 202 82.73 -67.74 99.57
CA VAL HA 202 82.87 -66.76 98.50
C VAL HA 202 83.71 -65.60 99.01
N CYS HA 203 84.66 -65.15 98.19
CA CYS HA 203 85.49 -64.00 98.54
C CYS HA 203 84.67 -62.71 98.66
N GLY HA 204 85.06 -61.88 99.63
CA GLY HA 204 84.53 -60.54 99.73
C GLY HA 204 83.07 -60.45 100.09
N GLU HA 205 82.52 -61.48 100.73
CA GLU HA 205 81.10 -61.53 101.05
C GLU HA 205 80.90 -60.97 102.45
N LEU HA 206 80.21 -59.84 102.54
CA LEU HA 206 79.84 -59.27 103.81
C LEU HA 206 78.58 -59.97 104.32
N PRO HA 207 78.42 -60.06 105.65
CA PRO HA 207 77.27 -60.80 106.18
C PRO HA 207 75.93 -60.13 105.89
N LYS HA 208 74.90 -60.95 105.80
CA LYS HA 208 73.56 -60.50 105.47
C LYS HA 208 72.56 -61.39 106.19
N VAL HA 209 71.32 -60.91 106.30
CA VAL HA 209 70.27 -61.64 107.01
C VAL HA 209 69.45 -62.42 106.01
N ARG HA 210 68.93 -63.57 106.45
CA ARG HA 210 68.04 -64.36 105.62
C ARG HA 210 66.58 -64.08 105.96
N TYR HA 211 66.21 -64.20 107.23
CA TYR HA 211 64.85 -64.01 107.69
C TYR HA 211 64.90 -63.31 109.04
N THR HA 212 63.72 -63.11 109.63
CA THR HA 212 63.63 -62.58 110.98
C THR HA 212 62.45 -63.22 111.69
N GLN HA 213 62.60 -63.42 113.00
CA GLN HA 213 61.60 -64.06 113.83
C GLN HA 213 61.42 -63.25 115.11
N VAL HA 214 60.19 -62.84 115.40
CA VAL HA 214 59.91 -61.98 116.53
C VAL HA 214 59.12 -62.74 117.59
N TRP HA 215 59.03 -62.15 118.77
CA TRP HA 215 58.16 -62.64 119.84
C TRP HA 215 57.70 -61.39 120.60
N SER HA 216 56.52 -60.92 120.26
CA SER HA 216 55.95 -59.77 120.94
C SER HA 216 55.25 -60.19 122.22
N HIS HA 217 55.05 -59.22 123.10
CA HIS HA 217 54.22 -59.37 124.27
C HIS HA 217 53.27 -58.18 124.32
N ASP HA 218 52.12 -58.39 124.98
CA ASP HA 218 51.15 -57.30 125.10
C ASP HA 218 50.41 -57.49 126.42
N VAL HA 219 50.94 -56.85 127.47
CA VAL HA 219 50.38 -56.95 128.80
C VAL HA 219 49.41 -55.80 129.01
N THR HA 220 48.23 -56.11 129.52
CA THR HA 220 47.23 -55.10 129.88
C THR HA 220 47.04 -55.11 131.38
N ILE HA 221 47.29 -53.98 132.02
CA ILE HA 221 47.23 -53.84 133.47
C ILE HA 221 46.28 -52.70 133.78
N VAL HA 222 45.21 -52.99 134.51
CA VAL HA 222 44.29 -51.93 134.91
C VAL HA 222 44.87 -51.21 136.13
N ALA HA 223 44.48 -49.96 136.31
CA ALA HA 223 45.20 -49.06 137.20
C ALA HA 223 44.89 -49.33 138.66
N ASN HA 224 43.66 -49.70 138.99
CA ASN HA 224 43.24 -49.93 140.36
C ASN HA 224 43.39 -51.38 140.80
N SER HA 225 44.39 -52.07 140.26
CA SER HA 225 44.64 -53.47 140.55
C SER HA 225 45.08 -53.69 141.99
N THR HA 226 45.13 -54.96 142.37
CA THR HA 226 45.87 -55.38 143.54
C THR HA 226 47.25 -55.82 143.07
N GLU HA 227 48.27 -55.53 143.88
CA GLU HA 227 49.63 -55.94 143.51
C GLU HA 227 49.77 -57.46 143.50
N ALA HA 228 48.97 -58.16 144.32
CA ALA HA 228 48.94 -59.61 144.28
C ALA HA 228 48.31 -60.16 143.02
N SER HA 229 47.52 -59.36 142.31
CA SER HA 229 46.94 -59.82 141.05
C SER HA 229 47.86 -59.51 139.88
N ARG HA 230 48.70 -58.48 140.00
CA ARG HA 230 49.74 -58.26 139.01
C ARG HA 230 50.88 -59.25 139.18
N LYS HA 231 51.12 -59.69 140.41
CA LYS HA 231 52.17 -60.68 140.66
C LYS HA 231 51.77 -62.05 140.15
N SER HA 232 50.49 -62.42 140.32
CA SER HA 232 50.04 -63.74 139.90
C SER HA 232 49.91 -63.83 138.39
N LEU HA 233 49.63 -62.71 137.70
CA LEU HA 233 49.61 -62.72 136.25
C LEU HA 233 51.00 -62.90 135.68
N TYR HA 234 52.01 -62.30 136.31
CA TYR HA 234 53.38 -62.50 135.87
C TYR HA 234 53.86 -63.90 136.21
N ASP HA 235 53.51 -64.40 137.39
CA ASP HA 235 53.93 -65.72 137.83
C ASP HA 235 53.32 -66.84 137.01
N LEU HA 236 52.17 -66.62 136.40
CA LEU HA 236 51.60 -67.63 135.51
C LEU HA 236 52.24 -67.57 134.13
N THR HA 237 52.52 -66.36 133.63
CA THR HA 237 53.14 -66.24 132.31
C THR HA 237 54.60 -66.64 132.35
N LYS HA 238 55.29 -66.42 133.48
CA LYS HA 238 56.63 -66.97 133.66
C LYS HA 238 56.60 -68.49 133.70
N SER HA 239 55.54 -69.05 134.27
CA SER HA 239 55.38 -70.50 134.32
C SER HA 239 54.82 -71.07 133.03
N LEU HA 240 54.09 -70.28 132.24
CA LEU HA 240 53.54 -70.78 130.99
C LEU HA 240 54.63 -70.94 129.94
N VAL HA 241 55.49 -69.95 129.78
CA VAL HA 241 56.57 -70.00 128.81
C VAL HA 241 57.59 -71.08 129.18
N ALA HA 242 57.78 -71.33 130.47
CA ALA HA 242 58.76 -72.32 130.91
C ALA HA 242 58.32 -73.76 130.71
N THR HA 243 57.07 -74.01 130.31
CA THR HA 243 56.61 -75.38 130.12
C THR HA 243 57.15 -75.97 128.84
N SER HA 244 57.09 -77.29 128.74
CA SER HA 244 57.51 -77.99 127.54
C SER HA 244 56.43 -78.04 126.47
N GLN HA 245 55.21 -77.62 126.79
CA GLN HA 245 54.16 -77.60 125.79
C GLN HA 245 54.30 -76.39 124.88
N VAL HA 246 54.71 -75.25 125.42
CA VAL HA 246 54.97 -74.06 124.62
C VAL HA 246 56.34 -74.16 123.95
N GLU HA 247 57.24 -74.99 124.48
CA GLU HA 247 58.51 -75.23 123.82
C GLU HA 247 58.32 -75.94 122.49
N ASP HA 248 57.49 -76.98 122.48
CA ASP HA 248 57.19 -77.71 121.25
C ASP HA 248 56.23 -76.95 120.35
N LEU HA 249 55.50 -75.97 120.88
CA LEU HA 249 54.59 -75.20 120.04
C LEU HA 249 55.33 -74.17 119.20
N VAL HA 250 56.41 -73.62 119.73
CA VAL HA 250 57.20 -72.65 118.98
C VAL HA 250 58.24 -73.34 118.11
N VAL HA 251 58.89 -74.38 118.63
CA VAL HA 251 59.95 -75.05 117.87
C VAL HA 251 59.34 -75.99 116.83
N ASN HA 252 58.42 -76.86 117.24
CA ASN HA 252 57.93 -77.93 116.37
C ASN HA 252 56.48 -77.78 115.96
N LEU HA 253 55.81 -76.68 116.32
CA LEU HA 253 54.42 -76.38 115.97
C LEU HA 253 53.42 -77.44 116.45
N VAL HA 254 53.73 -78.10 117.56
CA VAL HA 254 52.82 -79.08 118.15
C VAL HA 254 51.80 -78.32 118.99
N PRO HA 255 50.49 -78.57 118.83
CA PRO HA 255 49.49 -77.83 119.58
C PRO HA 255 49.50 -78.18 121.07
N LEU HA 256 48.88 -77.31 121.86
CA LEU HA 256 48.89 -77.45 123.30
C LEU HA 256 47.90 -78.51 123.76
N GLY HA 257 48.13 -79.01 124.97
CA GLY HA 257 47.22 -79.97 125.56
C GLY HA 257 47.69 -81.41 125.50
N ARG HA 258 47.83 -82.05 126.66
CA ARG HA 258 48.19 -83.46 126.71
C ARG HA 258 47.35 -84.20 127.75
N SER IA 1 66.18 -42.19 140.17
CA SER IA 1 67.03 -41.57 139.18
C SER IA 1 67.00 -40.05 139.31
N LYS IA 2 66.16 -39.41 138.51
CA LYS IA 2 66.03 -37.95 138.50
C LYS IA 2 64.84 -37.55 139.37
N THR IA 3 65.11 -36.80 140.42
CA THR IA 3 64.13 -36.54 141.46
C THR IA 3 64.01 -35.06 141.78
N ILE IA 4 62.82 -34.68 142.24
CA ILE IA 4 62.59 -33.41 142.94
C ILE IA 4 62.09 -33.75 144.33
N VAL IA 5 62.62 -33.06 145.34
CA VAL IA 5 62.24 -33.29 146.73
C VAL IA 5 61.42 -32.10 147.21
N LEU IA 6 60.18 -32.36 147.62
CA LEU IA 6 59.27 -31.33 148.11
C LEU IA 6 59.11 -31.52 149.61
N SER IA 7 59.83 -30.72 150.40
CA SER IA 7 59.74 -30.79 151.84
C SER IA 7 58.62 -29.88 152.33
N VAL IA 8 57.66 -30.46 153.06
CA VAL IA 8 56.48 -29.73 153.51
C VAL IA 8 56.51 -29.59 155.02
N GLY IA 9 57.72 -29.45 155.57
CA GLY IA 9 57.94 -29.52 157.00
C GLY IA 9 59.09 -30.45 157.29
N GLU IA 10 58.81 -31.56 157.96
CA GLU IA 10 59.81 -32.60 158.12
C GLU IA 10 59.60 -33.76 157.14
N ALA IA 11 58.39 -33.95 156.64
CA ALA IA 11 58.14 -34.99 155.65
C ALA IA 11 58.54 -34.50 154.27
N THR IA 12 59.28 -35.33 153.53
CA THR IA 12 59.73 -35.01 152.19
C THR IA 12 59.06 -35.97 151.21
N ARG IA 13 58.41 -35.43 150.19
CA ARG IA 13 57.71 -36.22 149.19
C ARG IA 13 58.53 -36.21 147.92
N THR IA 14 59.30 -37.27 147.70
CA THR IA 14 60.25 -37.35 146.60
C THR IA 14 59.54 -37.82 145.34
N LEU IA 15 59.38 -36.91 144.39
CA LEU IA 15 58.88 -37.25 143.05
C LEU IA 15 60.00 -37.84 142.23
N THR IA 16 59.65 -38.78 141.35
CA THR IA 16 60.63 -39.37 140.44
C THR IA 16 60.16 -39.17 139.01
N GLU IA 17 61.12 -38.98 138.10
CA GLU IA 17 60.80 -38.78 136.70
C GLU IA 17 60.40 -40.09 136.05
N ILE IA 18 59.27 -40.09 135.37
CA ILE IA 18 58.75 -41.30 134.72
C ILE IA 18 58.67 -41.19 133.21
N GLN IA 19 58.80 -39.99 132.64
CA GLN IA 19 58.64 -39.80 131.21
C GLN IA 19 59.33 -38.51 130.81
N SER IA 20 60.04 -38.54 129.67
CA SER IA 20 60.77 -37.37 129.21
C SER IA 20 60.65 -37.31 127.69
N THR IA 21 59.87 -36.35 127.21
CA THR IA 21 59.73 -36.08 125.78
C THR IA 21 60.82 -35.05 125.44
N ALA IA 22 60.74 -34.41 124.26
CA ALA IA 22 61.67 -33.34 123.91
C ALA IA 22 61.57 -32.17 124.88
N ASP IA 23 60.36 -31.66 125.07
CA ASP IA 23 60.11 -30.55 125.98
C ASP IA 23 59.34 -30.94 127.22
N ARG IA 24 58.29 -31.76 127.08
CA ARG IA 24 57.48 -32.17 128.22
C ARG IA 24 58.24 -33.17 129.08
N GLN IA 25 57.96 -33.14 130.39
CA GLN IA 25 58.77 -33.87 131.35
C GLN IA 25 57.88 -34.17 132.56
N ILE IA 26 57.47 -35.43 132.71
CA ILE IA 26 56.47 -35.83 133.70
C ILE IA 26 57.15 -36.51 134.87
N PHE IA 27 56.90 -36.00 136.07
CA PHE IA 27 57.35 -36.60 137.32
C PHE IA 27 56.18 -37.27 138.01
N GLU IA 28 56.50 -38.15 138.97
CA GLU IA 28 55.47 -38.86 139.72
C GLU IA 28 56.07 -39.35 141.02
N GLU IA 29 55.22 -39.49 142.04
CA GLU IA 29 55.62 -40.06 143.31
C GLU IA 29 55.34 -41.55 143.31
N LYS IA 30 56.37 -42.34 143.62
CA LYS IA 30 56.29 -43.79 143.48
C LYS IA 30 55.84 -44.50 144.75
N VAL IA 31 55.10 -43.84 145.63
CA VAL IA 31 54.65 -44.45 146.87
C VAL IA 31 53.15 -44.70 146.81
N GLY IA 32 52.74 -45.92 147.14
CA GLY IA 32 51.34 -46.25 147.28
C GLY IA 32 50.78 -46.98 146.07
N PRO IA 33 49.44 -46.99 145.94
CA PRO IA 33 48.81 -47.63 144.79
C PRO IA 33 49.06 -46.90 143.47
N LEU IA 34 48.56 -47.48 142.38
CA LEU IA 34 48.85 -46.99 141.04
C LEU IA 34 47.81 -46.00 140.51
N VAL IA 35 46.69 -45.83 141.20
CA VAL IA 35 45.58 -45.08 140.62
C VAL IA 35 45.71 -43.58 140.85
N GLY IA 36 46.09 -43.13 142.04
CA GLY IA 36 46.22 -41.72 142.30
C GLY IA 36 47.54 -41.36 142.93
N ARG IA 37 48.36 -40.60 142.22
CA ARG IA 37 49.67 -40.21 142.69
C ARG IA 37 49.90 -38.74 142.39
N LEU IA 38 50.88 -38.16 143.08
CA LEU IA 38 51.32 -36.81 142.76
C LEU IA 38 51.92 -36.77 141.36
N ARG IA 39 51.66 -35.69 140.66
CA ARG IA 39 52.11 -35.53 139.29
C ARG IA 39 52.70 -34.13 139.14
N LEU IA 40 53.68 -34.01 138.25
CA LEU IA 40 54.30 -32.71 138.00
C LEU IA 40 54.74 -32.70 136.54
N THR IA 41 54.05 -31.92 135.73
CA THR IA 41 54.28 -31.88 134.28
C THR IA 41 54.97 -30.56 133.96
N ALA IA 42 56.30 -30.59 133.92
CA ALA IA 42 57.05 -29.43 133.49
C ALA IA 42 57.13 -29.37 131.97
N SER IA 43 57.35 -28.17 131.45
CA SER IA 43 57.48 -27.97 130.01
C SER IA 43 58.34 -26.73 129.78
N LEU IA 44 58.77 -26.56 128.54
CA LEU IA 44 59.54 -25.39 128.14
C LEU IA 44 59.48 -25.28 126.62
N ARG IA 45 59.05 -24.12 126.13
CA ARG IA 45 58.90 -23.90 124.70
C ARG IA 45 59.56 -22.57 124.35
N GLN IA 46 59.48 -22.20 123.07
CA GLN IA 46 59.74 -20.83 122.65
C GLN IA 46 58.84 -20.55 121.44
N ASN IA 47 57.83 -19.71 121.65
CA ASN IA 47 56.81 -19.49 120.64
C ASN IA 47 57.14 -18.28 119.79
N GLY IA 48 56.82 -18.39 118.49
CA GLY IA 48 56.99 -17.31 117.56
C GLY IA 48 58.38 -17.26 116.94
N ALA IA 49 58.96 -16.07 116.87
CA ALA IA 49 60.24 -15.87 116.19
C ALA IA 49 61.41 -15.96 117.19
N LYS IA 50 61.39 -17.04 117.98
CA LYS IA 50 62.49 -17.45 118.87
C LYS IA 50 62.86 -16.38 119.89
N THR IA 51 61.87 -15.61 120.37
CA THR IA 51 62.16 -14.46 121.20
C THR IA 51 61.59 -14.54 122.61
N ALA IA 52 60.67 -15.46 122.90
CA ALA IA 52 60.05 -15.55 124.21
C ALA IA 52 59.86 -17.00 124.58
N TYR IA 53 60.40 -17.39 125.73
CA TYR IA 53 60.22 -18.73 126.25
C TYR IA 53 58.94 -18.83 127.07
N ARG IA 54 58.52 -20.07 127.34
CA ARG IA 54 57.25 -20.30 128.04
C ARG IA 54 57.40 -21.54 128.91
N VAL IA 55 57.65 -21.34 130.19
CA VAL IA 55 57.68 -22.42 131.15
C VAL IA 55 56.26 -22.72 131.60
N ASN IA 56 55.97 -23.98 131.87
CA ASN IA 56 54.60 -24.38 132.21
C ASN IA 56 54.66 -25.57 133.18
N LEU IA 57 54.53 -25.29 134.46
CA LEU IA 57 54.41 -26.33 135.46
C LEU IA 57 52.95 -26.64 135.75
N LYS IA 58 52.70 -27.85 136.24
CA LYS IA 58 51.34 -28.27 136.57
C LYS IA 58 51.46 -29.40 137.60
N LEU IA 59 51.07 -29.11 138.84
CA LEU IA 59 51.13 -30.07 139.92
C LEU IA 59 49.73 -30.60 140.17
N ASP IA 60 49.48 -31.84 139.78
CA ASP IA 60 48.22 -32.50 140.07
C ASP IA 60 48.25 -33.11 141.47
N GLN IA 61 47.08 -33.27 142.06
CA GLN IA 61 46.97 -33.98 143.32
C GLN IA 61 45.59 -34.61 143.41
N ALA IA 62 45.55 -35.93 143.30
CA ALA IA 62 44.31 -36.68 143.38
C ALA IA 62 44.11 -37.19 144.80
N ASP IA 63 42.86 -37.17 145.26
CA ASP IA 63 42.52 -37.62 146.60
C ASP IA 63 42.00 -39.04 146.51
N VAL IA 64 42.87 -40.00 146.75
CA VAL IA 64 42.51 -41.41 146.66
C VAL IA 64 42.05 -41.88 148.03
N VAL IA 65 41.16 -42.86 148.05
CA VAL IA 65 40.69 -43.47 149.29
C VAL IA 65 40.50 -44.97 149.05
N ASP IA 66 40.92 -45.78 150.02
CA ASP IA 66 40.83 -47.23 149.92
C ASP IA 66 39.84 -47.71 150.98
N CYS IA 67 38.64 -48.08 150.53
CA CYS IA 67 37.56 -48.50 151.43
C CYS IA 67 37.35 -50.00 151.33
N SER IA 68 38.46 -50.74 151.14
CA SER IA 68 38.36 -52.18 150.98
C SER IA 68 38.11 -52.90 152.30
N THR IA 69 38.44 -52.28 153.43
CA THR IA 69 38.28 -52.95 154.72
C THR IA 69 36.86 -52.77 155.26
N SER IA 70 36.31 -51.56 155.12
CA SER IA 70 34.96 -51.31 155.59
C SER IA 70 33.93 -51.93 154.65
N VAL IA 71 33.94 -51.51 153.39
CA VAL IA 71 33.07 -52.09 152.37
C VAL IA 71 33.81 -53.25 151.74
N CYS IA 72 33.19 -54.42 151.73
CA CYS IA 72 33.85 -55.61 151.23
C CYS IA 72 33.82 -55.64 149.71
N GLY IA 73 34.98 -55.78 149.11
CA GLY IA 73 35.08 -56.06 147.70
C GLY IA 73 35.18 -54.87 146.76
N GLU IA 74 35.80 -53.78 147.19
CA GLU IA 74 36.04 -52.67 146.27
C GLU IA 74 37.46 -52.15 146.42
N LEU IA 75 37.87 -51.38 145.42
CA LEU IA 75 39.26 -51.03 145.17
C LEU IA 75 39.49 -49.55 145.52
N PRO IA 76 40.74 -49.09 145.63
CA PRO IA 76 40.99 -47.66 145.76
C PRO IA 76 40.56 -46.89 144.53
N LYS IA 77 40.14 -45.65 144.75
CA LYS IA 77 39.55 -44.82 143.71
C LYS IA 77 39.80 -43.36 144.05
N VAL IA 78 39.81 -42.52 143.03
CA VAL IA 78 40.05 -41.09 143.20
C VAL IA 78 38.72 -40.37 143.35
N ARG IA 79 38.64 -39.50 144.36
CA ARG IA 79 37.40 -38.77 144.60
C ARG IA 79 37.39 -37.48 143.79
N TYR IA 80 38.48 -36.72 143.83
CA TYR IA 80 38.59 -35.48 143.10
C TYR IA 80 40.05 -35.21 142.78
N THR IA 81 40.29 -34.15 142.02
CA THR IA 81 41.63 -33.76 141.61
C THR IA 81 41.75 -32.25 141.73
N GLN IA 82 42.79 -31.79 142.43
CA GLN IA 82 43.06 -30.38 142.60
C GLN IA 82 44.43 -30.06 142.03
N VAL IA 83 44.48 -29.14 141.07
CA VAL IA 83 45.71 -28.81 140.38
C VAL IA 83 46.17 -27.42 140.77
N TRP IA 84 47.41 -27.10 140.45
CA TRP IA 84 47.94 -25.74 140.59
C TRP IA 84 48.94 -25.57 139.44
N SER IA 85 48.46 -25.00 138.34
CA SER IA 85 49.31 -24.78 137.19
C SER IA 85 50.16 -23.53 137.37
N HIS IA 86 51.16 -23.39 136.51
CA HIS IA 86 51.95 -22.18 136.40
C HIS IA 86 52.16 -21.89 134.93
N ASP IA 87 52.38 -20.63 134.61
CA ASP IA 87 52.64 -20.22 133.23
C ASP IA 87 53.56 -19.01 133.26
N VAL IA 88 54.84 -19.27 133.15
CA VAL IA 88 55.86 -18.22 133.19
C VAL IA 88 56.20 -17.82 131.76
N THR IA 89 56.24 -16.52 131.50
CA THR IA 89 56.64 -15.97 130.21
C THR IA 89 57.96 -15.25 130.40
N ILE IA 90 59.00 -15.71 129.70
CA ILE IA 90 60.34 -15.16 129.80
C ILE IA 90 60.77 -14.73 128.41
N VAL IA 91 61.19 -13.47 128.28
CA VAL IA 91 61.73 -13.01 127.00
C VAL IA 91 63.22 -13.33 126.93
N ALA IA 92 63.70 -13.58 125.71
CA ALA IA 92 65.01 -14.18 125.54
C ALA IA 92 66.15 -13.21 125.82
N ASN IA 93 66.03 -11.96 125.36
CA ASN IA 93 67.10 -10.98 125.49
C ASN IA 93 67.05 -10.20 126.79
N SER IA 94 66.39 -10.74 127.81
CA SER IA 94 66.30 -10.05 129.09
C SER IA 94 67.61 -10.17 129.87
N THR IA 95 67.69 -9.42 130.96
CA THR IA 95 68.79 -9.54 131.88
C THR IA 95 68.47 -10.59 132.95
N GLU IA 96 69.53 -11.06 133.62
CA GLU IA 96 69.34 -12.10 134.62
C GLU IA 96 68.65 -11.56 135.87
N ALA IA 97 68.89 -10.30 136.22
CA ALA IA 97 68.28 -9.71 137.40
C ALA IA 97 66.80 -9.47 137.24
N SER IA 98 66.28 -9.43 136.00
CA SER IA 98 64.84 -9.34 135.82
C SER IA 98 64.18 -10.68 136.04
N ARG IA 99 64.81 -11.76 135.57
CA ARG IA 99 64.33 -13.11 135.82
C ARG IA 99 64.47 -13.51 137.28
N LYS IA 100 65.54 -13.06 137.95
CA LYS IA 100 65.72 -13.39 139.35
C LYS IA 100 64.73 -12.65 140.24
N SER IA 101 64.42 -11.41 139.89
CA SER IA 101 63.48 -10.63 140.70
C SER IA 101 62.04 -11.09 140.47
N LEU IA 102 61.73 -11.58 139.28
CA LEU IA 102 60.40 -12.11 139.02
C LEU IA 102 60.18 -13.41 139.77
N TYR IA 103 61.23 -14.24 139.87
CA TYR IA 103 61.13 -15.45 140.69
C TYR IA 103 61.07 -15.12 142.17
N ASP IA 104 61.80 -14.08 142.60
CA ASP IA 104 61.84 -13.71 144.00
C ASP IA 104 60.51 -13.13 144.49
N LEU IA 105 59.74 -12.51 143.60
CA LEU IA 105 58.44 -12.01 143.99
C LEU IA 105 57.40 -13.12 144.07
N THR IA 106 57.42 -14.04 143.10
CA THR IA 106 56.46 -15.14 143.09
C THR IA 106 56.76 -16.15 144.19
N LYS IA 107 58.03 -16.31 144.56
CA LYS IA 107 58.38 -17.14 145.71
C LYS IA 107 57.83 -16.53 146.99
N SER IA 108 57.84 -15.21 147.10
CA SER IA 108 57.32 -14.54 148.27
C SER IA 108 55.83 -14.25 148.18
N LEU IA 109 55.25 -14.34 146.98
CA LEU IA 109 53.79 -14.19 146.87
C LEU IA 109 53.09 -15.44 147.37
N VAL IA 110 53.58 -16.62 146.98
CA VAL IA 110 52.97 -17.86 147.41
C VAL IA 110 53.20 -18.06 148.91
N ALA IA 111 54.33 -17.62 149.43
CA ALA IA 111 54.67 -17.86 150.82
C ALA IA 111 53.94 -16.96 151.80
N THR IA 112 53.15 -16.01 151.35
CA THR IA 112 52.46 -15.11 152.27
C THR IA 112 51.17 -15.76 152.77
N SER IA 113 50.60 -15.17 153.83
CA SER IA 113 49.41 -15.71 154.46
C SER IA 113 48.11 -15.27 153.81
N GLN IA 114 48.18 -14.41 152.79
CA GLN IA 114 46.94 -13.99 152.13
C GLN IA 114 46.62 -14.88 150.94
N VAL IA 115 47.63 -15.45 150.30
CA VAL IA 115 47.39 -16.43 149.25
C VAL IA 115 47.13 -17.80 149.85
N GLU IA 116 47.56 -18.02 151.10
CA GLU IA 116 47.20 -19.25 151.80
C GLU IA 116 45.71 -19.31 152.06
N ASP IA 117 45.12 -18.25 152.59
CA ASP IA 117 43.69 -18.22 152.85
C ASP IA 117 42.86 -18.12 151.59
N LEU IA 118 43.47 -17.77 150.46
CA LEU IA 118 42.74 -17.68 149.20
C LEU IA 118 42.47 -19.05 148.60
N VAL IA 119 43.34 -20.03 148.83
CA VAL IA 119 43.15 -21.34 148.24
C VAL IA 119 42.63 -22.33 149.29
N VAL IA 120 42.93 -22.08 150.56
CA VAL IA 120 42.44 -22.96 151.61
C VAL IA 120 41.03 -22.55 152.04
N ASN IA 121 40.81 -21.27 152.31
CA ASN IA 121 39.56 -20.79 152.87
C ASN IA 121 38.78 -19.89 151.93
N LEU IA 122 39.27 -19.68 150.70
CA LEU IA 122 38.61 -18.94 149.63
C LEU IA 122 38.35 -17.48 149.99
N VAL IA 123 39.22 -16.89 150.80
CA VAL IA 123 39.08 -15.47 151.20
C VAL IA 123 39.90 -14.62 150.24
N PRO IA 124 39.33 -13.55 149.68
CA PRO IA 124 40.07 -12.75 148.67
C PRO IA 124 41.25 -11.99 149.27
N LEU IA 125 42.07 -11.47 148.37
CA LEU IA 125 43.34 -10.86 148.74
C LEU IA 125 43.15 -9.44 149.26
N GLY IA 126 44.17 -8.95 149.95
CA GLY IA 126 44.14 -7.59 150.46
C GLY IA 126 43.63 -7.49 151.87
N ARG IA 127 44.40 -6.84 152.74
CA ARG IA 127 44.01 -6.60 154.13
C ARG IA 127 44.38 -5.17 154.50
N ALA IA 128 43.41 -4.43 155.03
CA ALA IA 128 43.59 -3.01 155.32
C ALA IA 128 44.12 -2.82 156.74
N TYR IA 129 45.34 -2.29 156.86
CA TYR IA 129 45.88 -1.84 158.14
C TYR IA 129 46.47 -0.44 157.92
N GLY IA 130 45.70 0.58 158.30
CA GLY IA 130 46.15 1.95 158.20
C GLY IA 130 46.16 2.49 156.79
N GLY IA 131 44.99 2.59 156.16
CA GLY IA 131 44.89 3.08 154.81
C GLY IA 131 44.04 2.21 153.92
N SER IA 132 44.63 1.66 152.87
CA SER IA 132 43.94 0.74 151.99
C SER IA 132 44.43 -0.69 152.22
N LYS IA 133 43.95 -1.60 151.39
CA LYS IA 133 44.28 -3.02 151.52
C LYS IA 133 45.55 -3.32 150.75
N THR IA 134 46.54 -3.90 151.42
CA THR IA 134 47.87 -4.08 150.86
C THR IA 134 48.35 -5.52 150.99
N ILE IA 135 49.26 -5.89 150.10
CA ILE IA 135 50.05 -7.12 150.22
C ILE IA 135 51.52 -6.71 150.27
N VAL IA 136 52.26 -7.26 151.22
CA VAL IA 136 53.69 -7.04 151.33
C VAL IA 136 54.42 -8.23 150.72
N LEU IA 137 55.43 -7.96 149.91
CA LEU IA 137 56.20 -8.98 149.21
C LEU IA 137 57.67 -8.75 149.50
N SER IA 138 58.15 -9.31 150.61
CA SER IA 138 59.55 -9.15 150.98
C SER IA 138 60.42 -10.06 150.13
N VAL IA 139 61.49 -9.47 149.58
CA VAL IA 139 62.41 -10.21 148.71
C VAL IA 139 63.74 -10.31 149.44
N GLY IA 140 63.67 -10.44 150.76
CA GLY IA 140 64.83 -10.29 151.63
C GLY IA 140 64.45 -9.38 152.77
N GLU IA 141 65.06 -8.20 152.85
CA GLU IA 141 64.61 -7.18 153.78
C GLU IA 141 63.79 -6.09 153.11
N ALA IA 142 63.95 -5.91 151.80
CA ALA IA 142 63.17 -4.92 151.06
C ALA IA 142 61.76 -5.45 150.81
N THR IA 143 60.75 -4.67 151.18
CA THR IA 143 59.36 -5.06 151.07
C THR IA 143 58.68 -4.20 150.02
N ARG IA 144 58.36 -4.80 148.87
CA ARG IA 144 57.65 -4.11 147.80
C ARG IA 144 56.16 -4.24 148.08
N THR IA 145 55.58 -3.21 148.68
CA THR IA 145 54.18 -3.23 149.11
C THR IA 145 53.30 -2.83 147.94
N LEU IA 146 52.42 -3.73 147.53
CA LEU IA 146 51.41 -3.43 146.52
C LEU IA 146 50.15 -2.91 147.22
N THR IA 147 49.49 -1.95 146.59
CA THR IA 147 48.23 -1.42 147.09
C THR IA 147 47.13 -1.74 146.10
N GLU IA 148 45.94 -2.04 146.63
CA GLU IA 148 44.81 -2.39 145.77
C GLU IA 148 44.25 -1.14 145.12
N ILE IA 149 44.13 -1.18 143.79
CA ILE IA 149 43.60 -0.05 143.05
C ILE IA 149 42.21 -0.32 142.49
N GLN IA 150 41.73 -1.56 142.54
CA GLN IA 150 40.47 -1.88 141.90
C GLN IA 150 39.87 -3.11 142.56
N SER IA 151 38.55 -3.17 142.63
CA SER IA 151 37.82 -4.33 143.14
C SER IA 151 36.59 -4.49 142.27
N THR IA 152 36.67 -5.40 141.30
CA THR IA 152 35.57 -5.66 140.38
C THR IA 152 34.67 -6.72 141.06
N ALA IA 153 33.78 -7.36 140.30
CA ALA IA 153 32.90 -8.38 140.86
C ALA IA 153 33.70 -9.59 141.35
N ASP IA 154 34.61 -10.10 140.51
CA ASP IA 154 35.51 -11.18 140.90
C ASP IA 154 36.97 -10.74 140.85
N ARG IA 155 37.32 -9.90 139.86
CA ARG IA 155 38.68 -9.43 139.67
C ARG IA 155 39.11 -8.51 140.80
N GLN IA 156 40.42 -8.39 140.98
CA GLN IA 156 40.98 -7.61 142.08
C GLN IA 156 42.40 -7.22 141.68
N ILE IA 157 42.56 -5.97 141.25
CA ILE IA 157 43.82 -5.51 140.66
C ILE IA 157 44.63 -4.76 141.69
N PHE IA 158 45.84 -5.24 141.95
CA PHE IA 158 46.80 -4.60 142.84
C PHE IA 158 47.89 -3.95 141.99
N GLU IA 159 48.58 -2.97 142.57
CA GLU IA 159 49.61 -2.24 141.84
C GLU IA 159 50.53 -1.55 142.83
N GLU IA 160 51.83 -1.54 142.52
CA GLU IA 160 52.78 -0.75 143.28
C GLU IA 160 52.74 0.70 142.81
N LYS IA 161 52.91 1.61 143.75
CA LYS IA 161 52.66 3.03 143.49
C LYS IA 161 53.91 3.86 143.23
N VAL IA 162 55.10 3.33 143.49
CA VAL IA 162 56.32 4.09 143.28
C VAL IA 162 56.70 4.05 141.81
N GLY IA 163 57.44 5.08 141.38
CA GLY IA 163 57.97 5.14 140.04
C GLY IA 163 56.99 5.70 139.03
N PRO IA 164 57.29 5.54 137.75
CA PRO IA 164 56.42 6.09 136.71
C PRO IA 164 55.16 5.27 136.53
N LEU IA 165 54.22 5.83 135.76
CA LEU IA 165 52.96 5.17 135.47
C LEU IA 165 53.05 4.16 134.34
N VAL IA 166 54.16 4.12 133.62
CA VAL IA 166 54.21 3.30 132.41
C VAL IA 166 54.42 1.82 132.73
N GLY IA 167 55.30 1.49 133.68
CA GLY IA 167 55.51 0.09 134.04
C GLY IA 167 55.57 -0.09 135.54
N ARG IA 168 54.64 -0.87 136.09
CA ARG IA 168 54.57 -1.08 137.53
C ARG IA 168 54.25 -2.55 137.79
N LEU IA 169 54.41 -2.95 139.04
CA LEU IA 169 53.99 -4.29 139.46
C LEU IA 169 52.47 -4.40 139.41
N ARG IA 170 51.99 -5.62 139.23
CA ARG IA 170 50.56 -5.85 139.06
C ARG IA 170 50.18 -7.19 139.67
N LEU IA 171 48.90 -7.31 140.02
CA LEU IA 171 48.33 -8.58 140.50
C LEU IA 171 46.87 -8.61 140.09
N THR IA 172 46.55 -9.41 139.08
CA THR IA 172 45.17 -9.57 138.64
C THR IA 172 44.66 -10.88 139.23
N ALA IA 173 44.20 -10.82 140.48
CA ALA IA 173 43.59 -11.98 141.10
C ALA IA 173 42.18 -12.19 140.58
N SER IA 174 41.66 -13.40 140.77
CA SER IA 174 40.31 -13.74 140.36
C SER IA 174 39.80 -14.86 141.22
N LEU IA 175 38.50 -15.14 141.09
CA LEU IA 175 37.84 -16.21 141.81
C LEU IA 175 36.52 -16.49 141.11
N ARG IA 176 36.29 -17.74 140.72
CA ARG IA 176 35.09 -18.11 139.99
C ARG IA 176 34.53 -19.39 140.58
N GLN IA 177 33.42 -19.86 140.02
CA GLN IA 177 32.96 -21.23 140.21
C GLN IA 177 32.20 -21.64 138.95
N ASN IA 178 32.79 -22.56 138.18
CA ASN IA 178 32.25 -22.94 136.89
C ASN IA 178 31.25 -24.07 137.05
N GLY IA 179 30.16 -23.99 136.28
CA GLY IA 179 29.18 -25.04 136.22
C GLY IA 179 28.16 -24.99 137.34
N ALA IA 180 27.85 -26.15 137.92
CA ALA IA 180 26.83 -26.25 138.96
C ALA IA 180 27.43 -26.14 140.36
N LYS IA 181 28.22 -25.07 140.57
CA LYS IA 181 28.83 -24.72 141.86
C LYS IA 181 29.69 -25.86 142.42
N THR IA 182 30.39 -26.59 141.54
CA THR IA 182 31.12 -27.77 141.96
C THR IA 182 32.63 -27.58 142.03
N ALA IA 183 33.18 -26.53 141.42
CA ALA IA 183 34.62 -26.35 141.39
C ALA IA 183 34.95 -24.88 141.26
N TYR IA 184 35.79 -24.39 142.16
CA TYR IA 184 36.26 -23.02 142.12
C TYR IA 184 37.46 -22.92 141.19
N ARG IA 185 37.89 -21.68 140.91
CA ARG IA 185 39.03 -21.47 140.03
C ARG IA 185 39.70 -20.15 140.44
N VAL IA 186 40.82 -20.27 141.13
CA VAL IA 186 41.62 -19.10 141.49
C VAL IA 186 42.63 -18.84 140.38
N ASN IA 187 42.90 -17.56 140.11
CA ASN IA 187 43.74 -17.20 138.97
C ASN IA 187 44.50 -15.93 139.31
N LEU IA 188 45.75 -16.08 139.75
CA LEU IA 188 46.64 -14.95 139.98
C LEU IA 188 47.49 -14.71 138.74
N LYS IA 189 48.01 -13.48 138.63
CA LYS IA 189 48.82 -13.10 137.49
C LYS IA 189 49.68 -11.91 137.90
N LEU IA 190 50.99 -12.09 137.90
CA LEU IA 190 51.92 -11.05 138.31
C LEU IA 190 52.71 -10.58 137.09
N ASP IA 191 52.43 -9.35 136.65
CA ASP IA 191 53.20 -8.73 135.58
C ASP IA 191 54.39 -8.00 136.18
N GLN IA 192 55.48 -7.94 135.42
CA GLN IA 192 56.65 -7.17 135.83
C GLN IA 192 57.30 -6.62 134.57
N ALA IA 193 57.00 -5.38 134.25
CA ALA IA 193 57.58 -4.70 133.09
C ALA IA 193 58.88 -4.03 133.51
N ASP IA 194 59.88 -4.12 132.66
CA ASP IA 194 61.20 -3.57 132.95
C ASP IA 194 61.27 -2.16 132.37
N VAL IA 195 61.24 -1.16 133.23
CA VAL IA 195 61.31 0.23 132.81
C VAL IA 195 62.75 0.70 132.97
N VAL IA 196 63.17 1.60 132.08
CA VAL IA 196 64.52 2.15 132.11
C VAL IA 196 64.44 3.62 131.73
N ASP IA 197 65.37 4.41 132.25
CA ASP IA 197 65.44 5.83 131.97
C ASP IA 197 66.80 6.17 131.38
N CYS IA 198 66.79 6.96 130.32
CA CYS IA 198 68.01 7.34 129.62
C CYS IA 198 68.36 8.80 129.87
N SER IA 199 67.89 9.35 131.00
CA SER IA 199 68.05 10.78 131.28
C SER IA 199 69.49 11.17 131.57
N THR IA 200 70.30 10.25 132.10
CA THR IA 200 71.72 10.57 132.30
C THR IA 200 72.50 10.41 131.01
N SER IA 201 71.95 9.67 130.04
CA SER IA 201 72.57 9.50 128.73
C SER IA 201 72.07 10.51 127.72
N VAL IA 202 70.75 10.61 127.55
CA VAL IA 202 70.13 11.58 126.65
C VAL IA 202 69.27 12.50 127.48
N CYS IA 203 69.54 13.80 127.40
CA CYS IA 203 68.81 14.78 128.20
C CYS IA 203 67.38 14.92 127.71
N GLY IA 204 66.45 15.03 128.65
CA GLY IA 204 65.06 15.21 128.32
C GLY IA 204 64.34 13.97 127.84
N GLU IA 205 64.68 12.81 128.38
CA GLU IA 205 64.06 11.55 127.99
C GLU IA 205 63.19 11.03 129.12
N LEU IA 206 61.97 10.65 128.80
CA LEU IA 206 61.05 10.05 129.74
C LEU IA 206 61.23 8.54 129.74
N PRO IA 207 60.91 7.87 130.86
CA PRO IA 207 61.10 6.41 130.93
C PRO IA 207 60.13 5.65 130.04
N LYS IA 208 60.54 4.44 129.67
CA LYS IA 208 59.75 3.58 128.81
C LYS IA 208 60.07 2.14 129.15
N VAL IA 209 59.20 1.23 128.69
CA VAL IA 209 59.36 -0.20 128.94
C VAL IA 209 59.97 -0.86 127.72
N ARG IA 210 60.76 -1.91 127.95
CA ARG IA 210 61.37 -2.66 126.86
C ARG IA 210 60.68 -4.01 126.67
N TYR IA 211 60.44 -4.74 127.76
CA TYR IA 211 59.72 -6.00 127.69
C TYR IA 211 58.84 -6.14 128.93
N THR IA 212 58.18 -7.29 129.04
CA THR IA 212 57.43 -7.63 130.23
C THR IA 212 57.49 -9.14 130.46
N GLN IA 213 57.38 -9.55 131.71
CA GLN IA 213 57.52 -10.94 132.10
C GLN IA 213 56.43 -11.32 133.10
N VAL IA 214 55.67 -12.34 132.77
CA VAL IA 214 54.46 -12.70 133.50
C VAL IA 214 54.69 -14.04 134.19
N TRP IA 215 54.15 -14.16 135.41
CA TRP IA 215 54.06 -15.45 136.11
C TRP IA 215 52.60 -15.63 136.52
N SER IA 216 51.87 -16.42 135.75
CA SER IA 216 50.46 -16.67 136.04
C SER IA 216 50.32 -17.89 136.94
N HIS IA 217 49.15 -18.00 137.56
CA HIS IA 217 48.77 -19.16 138.34
C HIS IA 217 47.36 -19.57 137.93
N ASP IA 218 47.05 -20.85 138.11
CA ASP IA 218 45.72 -21.35 137.79
C ASP IA 218 45.42 -22.51 138.74
N VAL IA 219 44.76 -22.19 139.84
CA VAL IA 219 44.43 -23.16 140.87
C VAL IA 219 43.01 -23.64 140.66
N THR IA 220 42.80 -24.95 140.69
CA THR IA 220 41.49 -25.55 140.58
C THR IA 220 41.15 -26.20 141.92
N ILE IA 221 40.03 -25.81 142.51
CA ILE IA 221 39.62 -26.28 143.82
C ILE IA 221 38.19 -26.79 143.69
N VAL IA 222 37.97 -28.06 143.99
CA VAL IA 222 36.63 -28.62 143.97
C VAL IA 222 35.91 -28.24 145.25
N ALA IA 223 34.57 -28.24 145.19
CA ALA IA 223 33.78 -27.61 146.24
C ALA IA 223 33.67 -28.47 147.49
N ASN IA 224 33.47 -29.79 147.32
CA ASN IA 224 33.25 -30.69 148.45
C ASN IA 224 34.54 -31.31 148.96
N SER IA 225 35.67 -30.65 148.77
CA SER IA 225 36.95 -31.21 149.18
C SER IA 225 37.15 -31.08 150.68
N THR IA 226 38.17 -31.76 151.18
CA THR IA 226 38.60 -31.65 152.56
C THR IA 226 39.49 -30.41 152.66
N GLU IA 227 39.42 -29.73 153.81
CA GLU IA 227 40.32 -28.60 154.04
C GLU IA 227 41.76 -29.06 154.19
N ALA IA 228 41.97 -30.30 154.62
CA ALA IA 228 43.32 -30.85 154.70
C ALA IA 228 43.91 -31.14 153.34
N SER IA 229 43.08 -31.29 152.31
CA SER IA 229 43.61 -31.51 150.96
C SER IA 229 43.89 -30.19 150.25
N ARG IA 230 43.15 -29.13 150.61
CA ARG IA 230 43.49 -27.80 150.11
C ARG IA 230 44.75 -27.28 150.77
N LYS IA 231 44.98 -27.66 152.03
CA LYS IA 231 46.19 -27.23 152.72
C LYS IA 231 47.43 -27.90 152.16
N SER IA 232 47.34 -29.19 151.83
CA SER IA 232 48.49 -29.91 151.30
C SER IA 232 48.79 -29.52 149.86
N LEU IA 233 47.78 -29.07 149.11
CA LEU IA 233 48.04 -28.57 147.77
C LEU IA 233 48.78 -27.24 147.81
N TYR IA 234 48.45 -26.39 148.79
CA TYR IA 234 49.17 -25.13 148.93
C TYR IA 234 50.58 -25.38 149.46
N ASP IA 235 50.73 -26.30 150.41
CA ASP IA 235 52.03 -26.60 150.99
C ASP IA 235 52.98 -27.25 150.00
N LEU IA 236 52.48 -27.99 149.02
CA LEU IA 236 53.35 -28.57 148.01
C LEU IA 236 53.78 -27.53 146.98
N THR IA 237 52.88 -26.60 146.65
CA THR IA 237 53.24 -25.54 145.70
C THR IA 237 54.11 -24.48 146.34
N LYS IA 238 53.92 -24.22 147.64
CA LYS IA 238 54.81 -23.32 148.36
C LYS IA 238 56.21 -23.91 148.47
N SER IA 239 56.30 -25.24 148.58
CA SER IA 239 57.59 -25.90 148.63
C SER IA 239 58.16 -26.18 147.26
N LEU IA 240 57.34 -26.15 146.21
CA LEU IA 240 57.87 -26.36 144.87
C LEU IA 240 58.60 -25.13 144.37
N VAL IA 241 58.00 -23.95 144.54
CA VAL IA 241 58.62 -22.70 144.08
C VAL IA 241 59.87 -22.38 144.89
N ALA IA 242 59.91 -22.79 146.16
CA ALA IA 242 61.06 -22.51 147.01
C ALA IA 242 62.26 -23.40 146.72
N THR IA 243 62.13 -24.39 145.84
CA THR IA 243 63.27 -25.26 145.53
C THR IA 243 64.24 -24.55 144.60
N SER IA 244 65.47 -25.07 144.57
CA SER IA 244 66.49 -24.54 143.69
C SER IA 244 66.43 -25.11 142.28
N GLN IA 245 65.53 -26.06 142.03
CA GLN IA 245 65.36 -26.58 140.68
C GLN IA 245 64.45 -25.69 139.85
N VAL IA 246 63.39 -25.17 140.47
CA VAL IA 246 62.51 -24.23 139.78
C VAL IA 246 63.15 -22.85 139.72
N GLU IA 247 64.12 -22.56 140.60
CA GLU IA 247 64.87 -21.31 140.50
C GLU IA 247 65.70 -21.28 139.23
N ASP IA 248 66.43 -22.35 138.94
CA ASP IA 248 67.23 -22.43 137.73
C ASP IA 248 66.39 -22.67 136.48
N LEU IA 249 65.16 -23.15 136.63
CA LEU IA 249 64.30 -23.34 135.47
C LEU IA 249 63.78 -22.01 134.93
N VAL IA 250 63.60 -21.03 135.80
CA VAL IA 250 63.14 -19.71 135.36
C VAL IA 250 64.32 -18.80 135.07
N VAL IA 251 65.36 -18.82 135.90
CA VAL IA 251 66.49 -17.93 135.72
C VAL IA 251 67.38 -18.41 134.57
N ASN IA 252 67.77 -19.68 134.57
CA ASN IA 252 68.74 -20.19 133.61
C ASN IA 252 68.19 -21.24 132.65
N LEU IA 253 66.90 -21.52 132.68
CA LEU IA 253 66.21 -22.48 131.79
C LEU IA 253 66.74 -23.89 131.90
N VAL IA 254 67.28 -24.26 133.06
CA VAL IA 254 67.76 -25.63 133.29
C VAL IA 254 66.56 -26.52 133.60
N PRO IA 255 66.40 -27.66 132.92
CA PRO IA 255 65.23 -28.52 133.17
C PRO IA 255 65.28 -29.17 134.54
N LEU IA 256 64.12 -29.66 134.97
CA LEU IA 256 63.98 -30.23 136.30
C LEU IA 256 64.53 -31.64 136.35
N GLY IA 257 64.85 -32.09 137.56
CA GLY IA 257 65.32 -33.44 137.76
C GLY IA 257 66.80 -33.56 138.02
N ARG IA 258 67.17 -34.02 139.21
CA ARG IA 258 68.57 -34.20 139.56
C ARG IA 258 68.81 -35.58 140.16
N SER JA 1 -11.74 -28.95 157.65
CA SER JA 1 -12.84 -28.34 156.91
C SER JA 1 -13.77 -29.40 156.33
N LYS JA 2 -13.58 -29.71 155.05
CA LYS JA 2 -14.39 -30.71 154.36
C LYS JA 2 -13.68 -32.05 154.40
N THR JA 3 -14.32 -33.05 154.99
CA THR JA 3 -13.67 -34.30 155.30
C THR JA 3 -14.49 -35.51 154.87
N ILE JA 4 -13.77 -36.56 154.48
CA ILE JA 4 -14.31 -37.92 154.39
C ILE JA 4 -13.51 -38.78 155.36
N VAL JA 5 -14.21 -39.55 156.19
CA VAL JA 5 -13.56 -40.50 157.08
C VAL JA 5 -13.72 -41.90 156.49
N LEU JA 6 -12.70 -42.73 156.67
CA LEU JA 6 -12.68 -44.09 156.16
C LEU JA 6 -12.31 -45.01 157.31
N SER JA 7 -13.31 -45.70 157.87
CA SER JA 7 -13.06 -46.61 158.98
C SER JA 7 -12.57 -47.95 158.46
N VAL JA 8 -11.46 -48.42 159.02
CA VAL JA 8 -10.82 -49.65 158.59
C VAL JA 8 -10.97 -50.62 159.76
N GLY JA 9 -12.08 -50.49 160.47
CA GLY JA 9 -12.30 -51.20 161.70
C GLY JA 9 -12.57 -50.22 162.82
N GLU JA 10 -11.63 -50.09 163.76
CA GLU JA 10 -11.69 -49.05 164.76
C GLU JA 10 -10.80 -47.86 164.44
N ALA JA 11 -9.88 -48.01 163.50
CA ALA JA 11 -9.02 -46.89 163.10
C ALA JA 11 -9.65 -46.13 161.95
N THR JA 12 -9.80 -44.82 162.11
CA THR JA 12 -10.39 -43.96 161.09
C THR JA 12 -9.28 -43.11 160.49
N ARG JA 13 -9.22 -43.05 159.16
CA ARG JA 13 -8.24 -42.27 158.44
C ARG JA 13 -8.99 -41.16 157.71
N THR JA 14 -9.06 -39.99 158.34
CA THR JA 14 -9.83 -38.88 157.80
C THR JA 14 -9.03 -38.14 156.73
N LEU JA 15 -9.64 -37.95 155.58
CA LEU JA 15 -9.07 -37.18 154.48
C LEU JA 15 -9.58 -35.75 154.54
N THR JA 16 -8.74 -34.81 154.09
CA THR JA 16 -9.16 -33.42 154.03
C THR JA 16 -9.06 -32.91 152.62
N GLU JA 17 -9.97 -32.02 152.25
CA GLU JA 17 -9.97 -31.43 150.92
C GLU JA 17 -8.86 -30.40 150.78
N ILE JA 18 -8.05 -30.52 149.73
CA ILE JA 18 -6.95 -29.61 149.50
C ILE JA 18 -7.08 -28.81 148.21
N GLN JA 19 -8.01 -29.16 147.33
CA GLN JA 19 -8.15 -28.47 146.05
C GLN JA 19 -9.56 -28.70 145.54
N SER JA 20 -10.14 -27.67 144.92
CA SER JA 20 -11.51 -27.76 144.41
C SER JA 20 -11.58 -26.93 143.14
N THR JA 21 -11.63 -27.60 141.99
CA THR JA 21 -11.83 -26.97 140.70
C THR JA 21 -13.34 -26.90 140.47
N ALA JA 22 -13.79 -26.63 139.24
CA ALA JA 22 -15.22 -26.65 138.93
C ALA JA 22 -15.83 -28.02 139.16
N ASP JA 23 -15.23 -29.06 138.60
CA ASP JA 23 -15.68 -30.44 138.76
C ASP JA 23 -14.75 -31.29 139.59
N ARG JA 24 -13.43 -31.18 139.37
CA ARG JA 24 -12.47 -32.01 140.08
C ARG JA 24 -12.33 -31.56 141.53
N GLN JA 25 -12.02 -32.51 142.40
CA GLN JA 25 -12.06 -32.27 143.84
C GLN JA 25 -11.08 -33.23 144.49
N ILE JA 26 -9.95 -32.70 144.96
CA ILE JA 26 -8.83 -33.50 145.43
C ILE JA 26 -8.82 -33.51 146.96
N PHE JA 27 -8.84 -34.71 147.54
CA PHE JA 27 -8.74 -34.91 148.97
C PHE JA 27 -7.35 -35.47 149.30
N GLU JA 28 -6.97 -35.36 150.56
CA GLU JA 28 -5.64 -35.80 151.00
C GLU JA 28 -5.67 -36.01 152.51
N GLU JA 29 -4.85 -36.96 152.98
CA GLU JA 29 -4.65 -37.17 154.40
C GLU JA 29 -3.50 -36.34 154.90
N LYS JA 30 -3.77 -35.52 155.92
CA LYS JA 30 -2.81 -34.54 156.40
C LYS JA 30 -1.88 -35.05 157.49
N VAL JA 31 -1.71 -36.37 157.61
CA VAL JA 31 -0.84 -36.92 158.65
C VAL JA 31 0.44 -37.43 158.03
N GLY JA 32 1.58 -37.04 158.60
CA GLY JA 32 2.85 -37.57 158.20
C GLY JA 32 3.65 -36.64 157.32
N PRO JA 33 4.68 -37.18 156.64
CA PRO JA 33 5.50 -36.36 155.74
C PRO JA 33 4.75 -35.92 154.48
N LEU JA 34 5.37 -35.08 153.69
CA LEU JA 34 4.72 -34.45 152.56
C LEU JA 34 4.85 -35.22 151.26
N VAL JA 35 5.69 -36.25 151.21
CA VAL JA 35 6.04 -36.85 149.93
C VAL JA 35 4.97 -37.82 149.43
N GLY JA 36 4.43 -38.68 150.29
CA GLY JA 36 3.40 -39.60 149.85
C GLY JA 36 2.27 -39.74 150.84
N ARG JA 37 1.07 -39.37 150.43
CA ARG JA 37 -0.10 -39.40 151.29
C ARG JA 37 -1.24 -40.07 150.53
N LEU JA 38 -2.31 -40.40 151.24
CA LEU JA 38 -3.53 -40.83 150.59
C LEU JA 38 -4.11 -39.71 149.74
N ARG JA 39 -4.70 -40.10 148.62
CA ARG JA 39 -5.22 -39.15 147.65
C ARG JA 39 -6.57 -39.65 147.20
N LEU JA 40 -7.48 -38.73 146.93
CA LEU JA 40 -8.82 -39.10 146.47
C LEU JA 40 -9.27 -38.00 145.51
N THR JA 41 -9.45 -38.36 144.25
CA THR JA 41 -9.74 -37.39 143.20
C THR JA 41 -11.13 -37.70 142.65
N ALA JA 42 -12.14 -37.04 143.22
CA ALA JA 42 -13.49 -37.15 142.69
C ALA JA 42 -13.65 -36.24 141.48
N SER JA 43 -14.63 -36.57 140.64
CA SER JA 43 -14.97 -35.77 139.48
C SER JA 43 -16.44 -36.00 139.15
N LEU JA 44 -17.00 -35.12 138.32
CA LEU JA 44 -18.37 -35.24 137.88
C LEU JA 44 -18.53 -34.41 136.61
N ARG JA 45 -18.95 -35.05 135.53
CA ARG JA 45 -19.12 -34.38 134.25
C ARG JA 45 -20.50 -34.72 133.69
N GLN JA 46 -20.78 -34.23 132.49
CA GLN JA 46 -21.92 -34.72 131.72
C GLN JA 46 -21.53 -34.67 130.25
N ASN JA 47 -21.39 -35.85 129.65
CA ASN JA 47 -20.86 -35.97 128.29
C ASN JA 47 -21.97 -35.90 127.26
N GLY JA 48 -21.68 -35.24 126.16
CA GLY JA 48 -22.60 -35.17 125.03
C GLY JA 48 -23.68 -34.13 125.18
N ALA JA 49 -24.92 -34.51 124.87
CA ALA JA 49 -26.04 -33.58 124.88
C ALA JA 49 -26.78 -33.64 126.21
N LYS JA 50 -25.99 -33.49 127.29
CA LYS JA 50 -26.48 -33.33 128.68
C LYS JA 50 -27.33 -34.52 129.14
N THR JA 51 -27.04 -35.71 128.64
CA THR JA 51 -27.90 -36.86 128.88
C THR JA 51 -27.31 -37.92 129.81
N ALA JA 52 -26.02 -37.89 130.08
CA ALA JA 52 -25.40 -38.91 130.90
C ALA JA 52 -24.27 -38.30 131.72
N TYR JA 53 -24.32 -38.50 133.04
CA TYR JA 53 -23.28 -38.03 133.94
C TYR JA 53 -22.16 -39.07 134.03
N ARG JA 54 -21.04 -38.64 134.59
CA ARG JA 54 -19.85 -39.50 134.65
C ARG JA 54 -19.10 -39.18 135.95
N VAL JA 55 -19.25 -40.04 136.94
CA VAL JA 55 -18.52 -39.92 138.18
C VAL JA 55 -17.19 -40.67 138.04
N ASN JA 56 -16.14 -40.16 138.68
CA ASN JA 56 -14.81 -40.75 138.52
C ASN JA 56 -14.04 -40.55 139.83
N LEU JA 57 -14.02 -41.57 140.67
CA LEU JA 57 -13.18 -41.58 141.85
C LEU JA 57 -11.85 -42.26 141.55
N LYS JA 58 -10.84 -41.90 142.33
CA LYS JA 58 -9.50 -42.47 142.15
C LYS JA 58 -8.77 -42.35 143.48
N LEU JA 59 -8.57 -43.47 144.15
CA LEU JA 59 -7.90 -43.51 145.43
C LEU JA 59 -6.47 -43.99 145.23
N ASP JA 60 -5.51 -43.09 145.41
CA ASP JA 60 -4.10 -43.44 145.34
C ASP JA 60 -3.61 -43.91 146.71
N GLN JA 61 -2.55 -44.69 146.72
CA GLN JA 61 -1.91 -45.10 147.96
C GLN JA 61 -0.45 -45.38 147.68
N ALA JA 62 0.42 -44.49 148.15
CA ALA JA 62 1.86 -44.64 147.98
C ALA JA 62 2.46 -45.30 149.21
N ASP JA 63 3.45 -46.17 148.98
CA ASP JA 63 4.12 -46.88 150.06
C ASP JA 63 5.40 -46.13 150.39
N VAL JA 64 5.36 -45.35 151.46
CA VAL JA 64 6.47 -44.51 151.86
C VAL JA 64 7.27 -45.23 152.93
N VAL JA 65 8.58 -45.32 152.72
CA VAL JA 65 9.49 -45.87 153.72
C VAL JA 65 10.46 -44.74 154.12
N ASP JA 66 10.83 -44.71 155.38
CA ASP JA 66 11.74 -43.70 155.91
C ASP JA 66 12.93 -44.42 156.52
N CYS JA 67 14.07 -44.39 155.83
CA CYS JA 67 15.25 -45.14 156.21
C CYS JA 67 16.34 -44.20 156.69
N SER JA 68 15.95 -43.17 157.43
CA SER JA 68 16.92 -42.19 157.92
C SER JA 68 17.69 -42.70 159.13
N THR JA 69 17.12 -43.62 159.90
CA THR JA 69 17.81 -44.11 161.08
C THR JA 69 18.78 -45.24 160.74
N SER JA 70 18.40 -46.10 159.80
CA SER JA 70 19.26 -47.20 159.39
C SER JA 70 20.39 -46.69 158.51
N VAL JA 71 20.05 -46.16 157.35
CA VAL JA 71 21.04 -45.54 156.45
C VAL JA 71 21.15 -44.09 156.86
N CYS JA 72 22.36 -43.63 157.12
CA CYS JA 72 22.56 -42.26 157.57
C CYS JA 72 22.48 -41.31 156.40
N GLY JA 73 21.65 -40.29 156.52
CA GLY JA 73 21.63 -39.19 155.59
C GLY JA 73 20.72 -39.33 154.39
N GLU JA 74 19.57 -39.99 154.52
CA GLU JA 74 18.60 -40.01 153.44
C GLU JA 74 17.20 -39.78 153.97
N LEU JA 75 16.30 -39.49 153.04
CA LEU JA 75 14.99 -38.90 153.30
C LEU JA 75 13.89 -39.94 153.07
N PRO JA 76 12.64 -39.68 153.46
CA PRO JA 76 11.54 -40.55 153.06
C PRO JA 76 11.36 -40.57 151.55
N LYS JA 77 10.82 -41.68 151.06
CA LYS JA 77 10.89 -42.00 149.63
C LYS JA 77 9.74 -42.94 149.29
N VAL JA 78 9.11 -42.69 148.15
CA VAL JA 78 7.96 -43.47 147.70
C VAL JA 78 8.46 -44.70 146.95
N ARG JA 79 8.16 -45.88 147.47
CA ARG JA 79 8.51 -47.12 146.79
C ARG JA 79 7.66 -47.32 145.54
N TYR JA 80 6.34 -47.41 145.72
CA TYR JA 80 5.40 -47.67 144.64
C TYR JA 80 4.08 -47.02 144.97
N THR JA 81 3.20 -46.93 143.98
CA THR JA 81 1.83 -46.47 144.17
C THR JA 81 0.87 -47.52 143.63
N GLN JA 82 -0.23 -47.72 144.36
CA GLN JA 82 -1.29 -48.63 143.94
C GLN JA 82 -2.61 -47.88 143.98
N VAL JA 83 -3.29 -47.82 142.85
CA VAL JA 83 -4.51 -47.04 142.72
C VAL JA 83 -5.71 -47.99 142.68
N TRP JA 84 -6.90 -47.40 142.88
CA TRP JA 84 -8.17 -48.10 142.64
C TRP JA 84 -9.13 -47.05 142.12
N SER JA 85 -9.25 -46.96 140.80
CA SER JA 85 -10.13 -45.99 140.20
C SER JA 85 -11.55 -46.55 140.12
N HIS JA 86 -12.50 -45.65 139.88
CA HIS JA 86 -13.87 -46.01 139.59
C HIS JA 86 -14.33 -45.18 138.39
N ASP JA 87 -15.39 -45.65 137.74
CA ASP JA 87 -15.96 -44.94 136.60
C ASP JA 87 -17.44 -45.31 136.52
N VAL JA 88 -18.28 -44.45 137.04
CA VAL JA 88 -19.71 -44.67 137.07
C VAL JA 88 -20.36 -43.88 135.95
N THR JA 89 -21.29 -44.50 135.24
CA THR JA 89 -22.07 -43.84 134.21
C THR JA 89 -23.53 -43.83 134.63
N ILE JA 90 -24.07 -42.63 134.84
CA ILE JA 90 -25.45 -42.45 135.26
C ILE JA 90 -26.16 -41.66 134.16
N VAL JA 91 -27.28 -42.16 133.69
CA VAL JA 91 -28.07 -41.44 132.70
C VAL JA 91 -28.98 -40.45 133.42
N ALA JA 92 -29.27 -39.33 132.74
CA ALA JA 92 -29.91 -38.20 133.41
C ALA JA 92 -31.38 -38.46 133.70
N ASN JA 93 -32.12 -39.07 132.76
CA ASN JA 93 -33.54 -39.31 132.93
C ASN JA 93 -33.84 -40.63 133.63
N SER JA 94 -32.91 -41.14 134.42
CA SER JA 94 -33.10 -42.38 135.14
C SER JA 94 -34.08 -42.21 136.30
N THR JA 95 -34.55 -43.34 136.80
CA THR JA 95 -35.28 -43.35 138.06
C THR JA 95 -34.29 -43.54 139.21
N GLU JA 96 -34.74 -43.21 140.42
CA GLU JA 96 -33.83 -43.24 141.56
C GLU JA 96 -33.50 -44.66 141.98
N ALA JA 97 -34.46 -45.57 141.88
CA ALA JA 97 -34.23 -46.94 142.35
C ALA JA 97 -33.34 -47.74 141.40
N SER JA 98 -33.11 -47.26 140.17
CA SER JA 98 -32.18 -47.94 139.29
C SER JA 98 -30.74 -47.63 139.70
N ARG JA 99 -30.44 -46.37 139.98
CA ARG JA 99 -29.09 -45.99 140.37
C ARG JA 99 -28.85 -46.17 141.86
N LYS JA 100 -29.90 -46.38 142.65
CA LYS JA 100 -29.70 -46.83 144.02
C LYS JA 100 -29.33 -48.31 144.05
N SER JA 101 -29.95 -49.12 143.19
CA SER JA 101 -29.64 -50.54 143.15
C SER JA 101 -28.29 -50.80 142.48
N LEU JA 102 -27.86 -49.88 141.61
CA LEU JA 102 -26.51 -49.97 141.06
C LEU JA 102 -25.47 -49.75 142.13
N TYR JA 103 -25.73 -48.84 143.06
CA TYR JA 103 -24.82 -48.62 144.18
C TYR JA 103 -24.87 -49.78 145.16
N ASP JA 104 -26.05 -50.37 145.36
CA ASP JA 104 -26.21 -51.46 146.31
C ASP JA 104 -25.53 -52.74 145.85
N LEU JA 105 -25.42 -52.95 144.54
CA LEU JA 105 -24.71 -54.13 144.05
C LEU JA 105 -23.21 -53.93 144.14
N THR JA 106 -22.72 -52.73 143.80
CA THR JA 106 -21.28 -52.48 143.83
C THR JA 106 -20.77 -52.38 145.26
N LYS JA 107 -21.59 -51.91 146.20
CA LYS JA 107 -21.23 -51.94 147.60
C LYS JA 107 -21.08 -53.38 148.10
N SER JA 108 -21.93 -54.28 147.63
CA SER JA 108 -21.85 -55.68 148.01
C SER JA 108 -20.89 -56.47 147.14
N LEU JA 109 -20.50 -55.94 145.98
CA LEU JA 109 -19.50 -56.61 145.16
C LEU JA 109 -18.12 -56.46 145.77
N VAL JA 110 -17.78 -55.25 146.22
CA VAL JA 110 -16.48 -55.03 146.83
C VAL JA 110 -16.40 -55.72 148.19
N ALA JA 111 -17.50 -55.77 148.92
CA ALA JA 111 -17.49 -56.29 150.28
C ALA JA 111 -17.44 -57.81 150.35
N THR JA 112 -17.48 -58.53 149.23
CA THR JA 112 -17.44 -59.98 149.29
C THR JA 112 -16.00 -60.46 149.41
N SER JA 113 -15.85 -61.75 149.73
CA SER JA 113 -14.52 -62.32 149.94
C SER JA 113 -13.91 -62.90 148.68
N GLN JA 114 -14.54 -62.73 147.53
CA GLN JA 114 -13.94 -63.20 146.28
C GLN JA 114 -13.20 -62.09 145.56
N VAL JA 115 -13.66 -60.85 145.70
CA VAL JA 115 -12.93 -59.71 145.17
C VAL JA 115 -11.79 -59.33 146.11
N GLU JA 116 -11.86 -59.77 147.37
CA GLU JA 116 -10.73 -59.60 148.26
C GLU JA 116 -9.53 -60.41 147.81
N ASP JA 117 -9.74 -61.69 147.47
CA ASP JA 117 -8.65 -62.52 147.01
C ASP JA 117 -8.21 -62.17 145.59
N LEU JA 118 -9.04 -61.44 144.83
CA LEU JA 118 -8.64 -61.02 143.49
C LEU JA 118 -7.65 -59.87 143.53
N VAL JA 119 -7.74 -59.00 144.54
CA VAL JA 119 -6.87 -57.84 144.63
C VAL JA 119 -5.67 -58.19 145.50
N VAL JA 120 -5.89 -58.89 146.61
CA VAL JA 120 -4.79 -59.21 147.51
C VAL JA 120 -3.96 -60.36 146.96
N ASN JA 121 -4.59 -61.48 146.61
CA ASN JA 121 -3.89 -62.71 146.27
C ASN JA 121 -4.00 -63.09 144.80
N LEU JA 122 -4.66 -62.26 143.98
CA LEU JA 122 -4.75 -62.40 142.52
C LEU JA 122 -5.45 -63.68 142.08
N VAL JA 123 -6.35 -64.21 142.89
CA VAL JA 123 -7.12 -65.40 142.52
C VAL JA 123 -8.36 -64.95 141.73
N PRO JA 124 -8.67 -65.56 140.59
CA PRO JA 124 -9.84 -65.13 139.80
C PRO JA 124 -11.16 -65.41 140.49
N LEU JA 125 -12.21 -64.82 139.94
CA LEU JA 125 -13.53 -64.84 140.57
C LEU JA 125 -14.25 -66.14 140.27
N GLY JA 126 -15.28 -66.42 141.06
CA GLY JA 126 -16.10 -67.59 140.86
C GLY JA 126 -15.67 -68.78 141.70
N ARG JA 127 -16.60 -69.35 142.45
CA ARG JA 127 -16.35 -70.53 143.26
C ARG JA 127 -17.47 -71.54 143.02
N ALA JA 128 -17.09 -72.74 142.56
CA ALA JA 128 -18.06 -73.77 142.21
C ALA JA 128 -18.34 -74.66 143.41
N TYR JA 129 -19.49 -74.44 144.04
CA TYR JA 129 -19.99 -75.36 145.06
C TYR JA 129 -21.45 -75.69 144.72
N GLY JA 130 -21.65 -76.92 144.23
CA GLY JA 130 -22.96 -77.38 143.82
C GLY JA 130 -23.42 -76.82 142.49
N GLY JA 131 -22.66 -77.08 141.43
CA GLY JA 131 -23.01 -76.60 140.11
C GLY JA 131 -21.88 -75.92 139.39
N SER JA 132 -22.06 -74.64 139.05
CA SER JA 132 -21.02 -73.86 138.40
C SER JA 132 -20.47 -72.81 139.37
N LYS JA 133 -19.58 -71.96 138.86
CA LYS JA 133 -18.91 -70.96 139.68
C LYS JA 133 -19.79 -69.72 139.78
N THR JA 134 -20.14 -69.34 141.00
CA THR JA 134 -21.10 -68.27 141.24
C THR JA 134 -20.53 -67.22 142.18
N ILE JA 135 -21.03 -65.99 142.04
CA ILE JA 135 -20.85 -64.92 143.01
C ILE JA 135 -22.24 -64.51 143.50
N VAL JA 136 -22.40 -64.44 144.82
CA VAL JA 136 -23.65 -63.98 145.41
C VAL JA 136 -23.49 -62.52 145.80
N LEU JA 137 -24.51 -61.71 145.53
CA LEU JA 137 -24.48 -60.28 145.80
C LEU JA 137 -25.72 -59.94 146.61
N SER JA 138 -25.61 -60.06 147.93
CA SER JA 138 -26.74 -59.76 148.81
C SER JA 138 -26.90 -58.25 148.94
N VAL JA 139 -28.12 -57.78 148.69
CA VAL JA 139 -28.43 -56.35 148.74
C VAL JA 139 -29.28 -56.10 149.98
N GLY JA 140 -29.04 -56.88 151.02
CA GLY JA 140 -29.93 -56.98 152.16
C GLY JA 140 -30.15 -58.43 152.48
N GLU JA 141 -31.39 -58.91 152.34
CA GLU JA 141 -31.64 -60.34 152.42
C GLU JA 141 -31.78 -61.00 151.04
N ALA JA 142 -32.12 -60.23 150.01
CA ALA JA 142 -32.22 -60.77 148.66
C ALA JA 142 -30.82 -60.94 148.07
N THR JA 143 -30.55 -62.13 147.55
CA THR JA 143 -29.24 -62.47 147.02
C THR JA 143 -29.35 -62.67 145.52
N ARG JA 144 -28.84 -61.72 144.74
CA ARG JA 144 -28.80 -61.81 143.29
C ARG JA 144 -27.56 -62.60 142.91
N THR JA 145 -27.75 -63.89 142.58
CA THR JA 145 -26.65 -64.81 142.33
C THR JA 145 -26.30 -64.80 140.85
N LEU JA 146 -25.12 -64.32 140.52
CA LEU JA 146 -24.61 -64.39 139.16
C LEU JA 146 -23.93 -65.74 138.94
N THR JA 147 -24.02 -66.24 137.71
CA THR JA 147 -23.35 -67.47 137.32
C THR JA 147 -22.38 -67.17 136.19
N GLU JA 148 -21.26 -67.89 136.17
CA GLU JA 148 -20.26 -67.68 135.13
C GLU JA 148 -20.72 -68.30 133.83
N ILE JA 149 -20.70 -67.51 132.76
CA ILE JA 149 -21.08 -68.01 131.45
C ILE JA 149 -19.89 -68.11 130.50
N GLN JA 150 -18.73 -67.58 130.86
CA GLN JA 150 -17.60 -67.56 129.93
C GLN JA 150 -16.31 -67.45 130.73
N SER JA 151 -15.25 -68.03 130.20
CA SER JA 151 -13.91 -67.95 130.78
C SER JA 151 -12.93 -67.90 129.62
N THR JA 152 -12.50 -66.70 129.26
CA THR JA 152 -11.57 -66.49 128.17
C THR JA 152 -10.15 -66.61 128.75
N ALA JA 153 -9.13 -66.15 128.02
CA ALA JA 153 -7.76 -66.22 128.51
C ALA JA 153 -7.56 -65.36 129.75
N ASP JA 154 -8.00 -64.10 129.71
CA ASP JA 154 -7.97 -63.23 130.88
C ASP JA 154 -9.38 -62.81 131.33
N ARG JA 155 -10.27 -62.57 130.37
CA ARG JA 155 -11.63 -62.15 130.65
C ARG JA 155 -12.43 -63.27 131.31
N GLN JA 156 -13.49 -62.87 132.01
CA GLN JA 156 -14.29 -63.83 132.77
C GLN JA 156 -15.68 -63.20 132.94
N ILE JA 157 -16.63 -63.62 132.12
CA ILE JA 157 -17.94 -62.96 132.02
C ILE JA 157 -18.94 -63.70 132.89
N PHE JA 158 -19.53 -63.00 133.84
CA PHE JA 158 -20.60 -63.51 134.69
C PHE JA 158 -21.92 -62.91 134.24
N GLU JA 159 -23.02 -63.57 134.60
CA GLU JA 159 -24.34 -63.13 134.21
C GLU JA 159 -25.38 -63.74 135.12
N GLU JA 160 -26.44 -62.99 135.40
CA GLU JA 160 -27.59 -63.53 136.11
C GLU JA 160 -28.55 -64.17 135.13
N LYS JA 161 -29.16 -65.28 135.53
CA LYS JA 161 -29.96 -66.10 134.63
C LYS JA 161 -31.46 -65.92 134.79
N VAL JA 162 -31.91 -65.06 135.68
CA VAL JA 162 -33.34 -64.84 135.87
C VAL JA 162 -33.81 -63.73 134.93
N GLY JA 163 -34.91 -63.99 134.23
CA GLY JA 163 -35.54 -63.00 133.41
C GLY JA 163 -35.25 -63.13 131.94
N PRO JA 164 -35.51 -62.07 131.17
CA PRO JA 164 -35.31 -62.14 129.72
C PRO JA 164 -33.84 -62.08 129.34
N LEU JA 165 -33.56 -62.35 128.08
CA LEU JA 165 -32.21 -62.34 127.55
C LEU JA 165 -31.71 -60.96 127.19
N VAL JA 166 -32.59 -59.96 127.11
CA VAL JA 166 -32.19 -58.67 126.57
C VAL JA 166 -31.44 -57.83 127.61
N GLY JA 167 -31.88 -57.83 128.86
CA GLY JA 167 -31.18 -57.08 129.89
C GLY JA 167 -30.91 -57.90 131.12
N ARG JA 168 -29.63 -58.12 131.43
CA ARG JA 168 -29.24 -58.93 132.56
C ARG JA 168 -28.01 -58.31 133.23
N LEU JA 169 -27.77 -58.73 134.46
CA LEU JA 169 -26.56 -58.30 135.16
C LEU JA 169 -25.33 -58.91 134.51
N ARG JA 170 -24.19 -58.22 134.64
CA ARG JA 170 -22.97 -58.65 133.97
C ARG JA 170 -21.77 -58.35 134.85
N LEU JA 171 -20.69 -59.08 134.60
CA LEU JA 171 -19.42 -58.84 135.27
C LEU JA 171 -18.31 -59.29 134.31
N THR JA 172 -17.66 -58.33 133.66
CA THR JA 172 -16.53 -58.64 132.79
C THR JA 172 -15.25 -58.37 133.56
N ALA JA 173 -14.88 -59.31 134.43
CA ALA JA 173 -13.62 -59.22 135.16
C ALA JA 173 -12.45 -59.47 134.22
N SER JA 174 -11.27 -59.01 134.63
CA SER JA 174 -10.07 -59.18 133.84
C SER JA 174 -8.88 -59.20 134.77
N LEU JA 175 -7.72 -59.55 134.22
CA LEU JA 175 -6.47 -59.60 134.96
C LEU JA 175 -5.33 -59.65 133.95
N ARG JA 176 -4.40 -58.71 134.05
CA ARG JA 176 -3.31 -58.61 133.10
C ARG JA 176 -2.01 -58.38 133.87
N GLN JA 177 -0.91 -58.29 133.13
CA GLN JA 177 0.34 -57.73 133.64
C GLN JA 177 1.08 -57.11 132.47
N ASN JA 178 1.35 -55.81 132.57
CA ASN JA 178 1.92 -55.06 131.47
C ASN JA 178 3.45 -55.11 131.48
N GLY JA 179 4.03 -55.03 130.29
CA GLY JA 179 5.46 -54.87 130.12
C GLY JA 179 6.30 -56.03 130.60
N ALA JA 180 7.30 -55.73 131.43
CA ALA JA 180 8.22 -56.75 131.94
C ALA JA 180 7.78 -57.29 133.29
N LYS JA 181 6.51 -57.71 133.37
CA LYS JA 181 5.93 -58.43 134.50
C LYS JA 181 6.05 -57.65 135.82
N THR JA 182 5.85 -56.34 135.77
CA THR JA 182 6.11 -55.48 136.91
C THR JA 182 4.86 -54.99 137.62
N ALA JA 183 3.69 -55.05 136.98
CA ALA JA 183 2.49 -54.51 137.59
C ALA JA 183 1.27 -55.21 137.01
N TYR JA 184 0.36 -55.62 137.89
CA TYR JA 184 -0.88 -56.24 137.47
C TYR JA 184 -1.94 -55.17 137.24
N ARG JA 185 -3.08 -55.57 136.67
CA ARG JA 185 -4.17 -54.63 136.40
C ARG JA 185 -5.48 -55.40 136.42
N VAL JA 186 -6.24 -55.25 137.49
CA VAL JA 186 -7.55 -55.87 137.63
C VAL JA 186 -8.59 -54.90 137.10
N ASN JA 187 -9.64 -55.41 136.44
CA ASN JA 187 -10.61 -54.54 135.78
C ASN JA 187 -11.98 -55.21 135.85
N LEU JA 188 -12.80 -54.79 136.82
CA LEU JA 188 -14.18 -55.24 136.90
C LEU JA 188 -15.10 -54.24 136.20
N LYS JA 189 -16.29 -54.71 135.86
CA LYS JA 189 -17.28 -53.86 135.16
C LYS JA 189 -18.65 -54.48 135.36
N LEU JA 190 -19.54 -53.78 136.05
CA LEU JA 190 -20.86 -54.29 136.37
C LEU JA 190 -21.89 -53.48 135.58
N ASP JA 191 -22.49 -54.10 134.57
CA ASP JA 191 -23.52 -53.47 133.76
C ASP JA 191 -24.88 -53.75 134.38
N GLN JA 192 -25.77 -52.76 134.31
CA GLN JA 192 -27.14 -52.93 134.80
C GLN JA 192 -28.09 -52.24 133.84
N ALA JA 193 -28.74 -53.02 133.00
CA ALA JA 193 -29.71 -52.51 132.03
C ALA JA 193 -31.10 -52.56 132.65
N ASP JA 194 -31.85 -51.47 132.48
CA ASP JA 194 -33.18 -51.35 133.06
C ASP JA 194 -34.21 -51.78 132.02
N VAL JA 195 -34.70 -53.01 132.16
CA VAL JA 195 -35.67 -53.58 131.24
C VAL JA 195 -37.06 -53.33 131.80
N VAL JA 196 -38.03 -53.12 130.91
CA VAL JA 196 -39.40 -52.84 131.30
C VAL JA 196 -40.33 -53.62 130.35
N ASP JA 197 -41.50 -54.00 130.87
CA ASP JA 197 -42.49 -54.71 130.08
C ASP JA 197 -43.82 -53.96 130.09
N CYS JA 198 -44.43 -53.86 128.91
CA CYS JA 198 -45.69 -53.14 128.75
C CYS JA 198 -46.85 -54.10 128.45
N SER JA 199 -46.73 -55.35 128.90
CA SER JA 199 -47.70 -56.39 128.55
C SER JA 199 -49.05 -56.17 129.21
N THR JA 200 -49.09 -55.51 130.37
CA THR JA 200 -50.37 -55.21 131.00
C THR JA 200 -51.06 -54.02 130.34
N SER JA 201 -50.32 -53.20 129.62
CA SER JA 201 -50.87 -52.04 128.93
C SER JA 201 -51.08 -52.28 127.45
N VAL JA 202 -50.06 -52.78 126.75
CA VAL JA 202 -50.14 -53.07 125.33
C VAL JA 202 -49.85 -54.56 125.13
N CYS JA 203 -50.80 -55.28 124.56
CA CYS JA 203 -50.63 -56.70 124.32
C CYS JA 203 -49.61 -56.96 123.22
N GLY JA 204 -49.00 -58.15 123.28
CA GLY JA 204 -48.00 -58.53 122.31
C GLY JA 204 -46.70 -57.78 122.42
N GLU JA 205 -46.42 -57.19 123.58
CA GLU JA 205 -45.23 -56.37 123.78
C GLU JA 205 -44.19 -57.20 124.55
N LEU JA 206 -43.07 -57.47 123.89
CA LEU JA 206 -41.95 -58.13 124.51
C LEU JA 206 -41.10 -57.09 125.26
N PRO JA 207 -40.39 -57.50 126.32
CA PRO JA 207 -39.60 -56.54 127.10
C PRO JA 207 -38.43 -55.98 126.31
N LYS JA 208 -38.02 -54.76 126.71
CA LYS JA 208 -36.95 -54.04 126.05
C LYS JA 208 -36.24 -53.18 127.07
N VAL JA 209 -35.01 -52.80 126.76
CA VAL JA 209 -34.18 -52.01 127.66
C VAL JA 209 -34.39 -50.54 127.37
N ARG JA 210 -34.36 -49.72 128.43
CA ARG JA 210 -34.48 -48.27 128.25
C ARG JA 210 -33.10 -47.62 128.17
N TYR JA 211 -32.27 -47.83 129.19
CA TYR JA 211 -30.94 -47.25 129.27
C TYR JA 211 -30.00 -48.29 129.86
N THR JA 212 -28.76 -47.87 130.11
CA THR JA 212 -27.81 -48.74 130.80
C THR JA 212 -26.94 -47.88 131.70
N GLN JA 213 -26.51 -48.47 132.81
CA GLN JA 213 -25.69 -47.80 133.80
C GLN JA 213 -24.61 -48.74 134.28
N VAL JA 214 -23.36 -48.31 134.19
CA VAL JA 214 -22.21 -49.17 134.49
C VAL JA 214 -21.53 -48.66 135.75
N TRP JA 215 -20.66 -49.49 136.32
CA TRP JA 215 -19.74 -49.08 137.37
C TRP JA 215 -18.46 -49.89 137.14
N SER JA 216 -17.51 -49.27 136.45
CA SER JA 216 -16.24 -49.93 136.18
C SER JA 216 -15.31 -49.79 137.37
N HIS JA 217 -14.32 -50.69 137.42
CA HIS JA 217 -13.24 -50.60 138.39
C HIS JA 217 -11.93 -50.74 137.63
N ASP JA 218 -10.87 -50.16 138.20
CA ASP JA 218 -9.55 -50.24 137.57
C ASP JA 218 -8.51 -50.26 138.69
N VAL JA 219 -8.13 -51.45 139.11
CA VAL JA 219 -7.17 -51.64 140.18
C VAL JA 219 -5.79 -51.83 139.56
N THR JA 220 -4.80 -51.13 140.08
CA THR JA 220 -3.41 -51.28 139.66
C THR JA 220 -2.62 -51.82 140.84
N ILE JA 221 -1.94 -52.94 140.63
CA ILE JA 221 -1.18 -53.62 141.68
C ILE JA 221 0.21 -53.86 141.14
N VAL JA 222 1.22 -53.33 141.81
CA VAL JA 222 2.59 -53.60 141.38
C VAL JA 222 3.03 -54.94 141.95
N ALA JA 223 3.99 -55.57 141.28
CA ALA JA 223 4.26 -56.98 141.50
C ALA JA 223 5.05 -57.23 142.79
N ASN JA 224 5.97 -56.33 143.14
CA ASN JA 224 6.82 -56.51 144.30
C ASN JA 224 6.24 -55.88 145.55
N SER JA 225 4.92 -55.83 145.67
CA SER JA 225 4.24 -55.20 146.78
C SER JA 225 4.42 -56.01 148.07
N THR JA 226 3.92 -55.43 149.16
CA THR JA 226 3.69 -56.17 150.39
C THR JA 226 2.24 -56.64 150.37
N GLU JA 227 1.98 -57.79 150.98
CA GLU JA 227 0.60 -58.26 151.08
C GLU JA 227 -0.23 -57.38 152.01
N ALA JA 228 0.42 -56.72 152.97
CA ALA JA 228 -0.29 -55.77 153.82
C ALA JA 228 -0.56 -54.45 153.11
N SER JA 229 0.08 -54.20 151.96
CA SER JA 229 -0.22 -53.00 151.20
C SER JA 229 -1.39 -53.22 150.25
N ARG JA 230 -1.53 -54.43 149.71
CA ARG JA 230 -2.70 -54.74 148.91
C ARG JA 230 -3.93 -54.91 149.78
N LYS JA 231 -3.74 -55.35 151.03
CA LYS JA 231 -4.87 -55.51 151.94
C LYS JA 231 -5.41 -54.16 152.39
N SER JA 232 -4.52 -53.19 152.63
CA SER JA 232 -4.97 -51.87 153.07
C SER JA 232 -5.61 -51.09 151.93
N LEU JA 233 -5.17 -51.31 150.70
CA LEU JA 233 -5.81 -50.66 149.55
C LEU JA 233 -7.21 -51.19 149.33
N TYR JA 234 -7.42 -52.49 149.51
CA TYR JA 234 -8.75 -53.06 149.39
C TYR JA 234 -9.65 -52.61 150.53
N ASP JA 235 -9.10 -52.56 151.74
CA ASP JA 235 -9.86 -52.18 152.92
C ASP JA 235 -10.29 -50.72 152.91
N LEU JA 236 -9.53 -49.84 152.24
CA LEU JA 236 -9.95 -48.46 152.12
C LEU JA 236 -11.02 -48.29 151.05
N THR JA 237 -10.92 -49.04 149.95
CA THR JA 237 -11.94 -48.95 148.91
C THR JA 237 -13.22 -49.64 149.33
N LYS JA 238 -13.13 -50.69 150.15
CA LYS JA 238 -14.33 -51.28 150.73
C LYS JA 238 -15.00 -50.31 151.69
N SER JA 239 -14.21 -49.52 152.40
CA SER JA 239 -14.75 -48.53 153.32
C SER JA 239 -15.17 -47.25 152.62
N LEU JA 240 -14.60 -46.95 151.45
CA LEU JA 240 -14.99 -45.74 150.73
C LEU JA 240 -16.36 -45.89 150.11
N VAL JA 241 -16.62 -47.02 149.45
CA VAL JA 241 -17.92 -47.26 148.81
C VAL JA 241 -19.02 -47.38 149.86
N ALA JA 242 -18.71 -47.91 151.03
CA ALA JA 242 -19.71 -48.09 152.08
C ALA JA 242 -20.10 -46.80 152.78
N THR JA 243 -19.46 -45.67 152.49
CA THR JA 243 -19.81 -44.42 153.14
C THR JA 243 -21.08 -43.84 152.54
N SER JA 244 -21.67 -42.90 153.29
CA SER JA 244 -22.88 -42.22 152.82
C SER JA 244 -22.56 -41.04 151.92
N GLN JA 245 -21.29 -40.66 151.77
CA GLN JA 245 -20.95 -39.57 150.88
C GLN JA 245 -20.90 -40.04 149.43
N VAL JA 246 -20.41 -41.26 149.19
CA VAL JA 246 -20.39 -41.82 147.85
C VAL JA 246 -21.77 -42.33 147.45
N GLU JA 247 -22.62 -42.64 148.43
CA GLU JA 247 -24.00 -43.00 148.13
C GLU JA 247 -24.76 -41.84 147.52
N ASP JA 248 -24.64 -40.65 148.13
CA ASP JA 248 -25.28 -39.46 147.59
C ASP JA 248 -24.58 -38.93 146.35
N LEU JA 249 -23.32 -39.31 146.13
CA LEU JA 249 -22.63 -38.89 144.91
C LEU JA 249 -23.14 -39.65 143.70
N VAL JA 250 -23.63 -40.87 143.90
CA VAL JA 250 -24.14 -41.67 142.80
C VAL JA 250 -25.65 -41.53 142.67
N VAL JA 251 -26.38 -41.59 143.79
CA VAL JA 251 -27.83 -41.50 143.73
C VAL JA 251 -28.29 -40.08 143.46
N ASN JA 252 -27.71 -39.09 144.15
CA ASN JA 252 -28.20 -37.72 144.09
C ASN JA 252 -27.18 -36.71 143.57
N LEU JA 253 -25.99 -37.17 143.15
CA LEU JA 253 -24.92 -36.34 142.58
C LEU JA 253 -24.43 -35.24 143.53
N VAL JA 254 -24.53 -35.46 144.83
CA VAL JA 254 -24.01 -34.50 145.81
C VAL JA 254 -22.50 -34.69 145.90
N PRO JA 255 -21.69 -33.64 145.78
CA PRO JA 255 -20.24 -33.82 145.83
C PRO JA 255 -19.74 -34.20 147.22
N LEU JA 256 -18.51 -34.70 147.26
CA LEU JA 256 -17.96 -35.25 148.49
C LEU JA 256 -17.49 -34.14 149.42
N GLY JA 257 -17.38 -34.47 150.70
CA GLY JA 257 -16.85 -33.55 151.67
C GLY JA 257 -17.89 -32.89 152.55
N ARG JA 258 -17.80 -33.11 153.85
CA ARG JA 258 -18.71 -32.46 154.80
C ARG JA 258 -17.95 -31.96 156.02
N SER KA 1 33.75 -7.96 157.02
CA SER KA 1 33.63 -6.69 156.32
C SER KA 1 32.18 -6.20 156.33
N LYS KA 2 31.48 -6.45 155.23
CA LYS KA 2 30.09 -6.03 155.08
C LYS KA 2 29.18 -7.20 155.45
N THR KA 3 28.35 -7.01 156.46
CA THR KA 3 27.60 -8.11 157.05
C THR KA 3 26.12 -7.79 157.18
N ILE KA 4 25.30 -8.83 157.08
CA ILE KA 4 23.92 -8.83 157.51
C ILE KA 4 23.77 -9.87 158.61
N VAL KA 5 23.15 -9.49 159.71
CA VAL KA 5 22.99 -10.37 160.86
C VAL KA 5 21.52 -10.78 160.95
N LEU KA 6 21.26 -12.08 160.87
CA LEU KA 6 19.90 -12.63 160.94
C LEU KA 6 19.76 -13.37 162.27
N SER KA 7 19.05 -12.76 163.21
CA SER KA 7 18.82 -13.39 164.51
C SER KA 7 17.59 -14.28 164.45
N VAL KA 8 17.74 -15.53 164.89
CA VAL KA 8 16.68 -16.53 164.82
C VAL KA 8 16.30 -16.80 166.28
N GLY KA 9 16.35 -15.75 167.09
CA GLY KA 9 16.14 -15.88 168.52
C GLY KA 9 17.35 -15.38 169.26
N GLU KA 10 18.06 -16.29 169.93
CA GLU KA 10 19.33 -15.97 170.53
C GLU KA 10 20.52 -16.35 169.64
N ALA KA 11 20.29 -17.18 168.62
CA ALA KA 11 21.36 -17.53 167.70
C ALA KA 11 21.34 -16.58 166.51
N THR KA 12 22.51 -16.04 166.16
CA THR KA 12 22.65 -15.11 165.05
C THR KA 12 23.48 -15.78 163.96
N ARG KA 13 23.02 -15.70 162.72
CA ARG KA 13 23.71 -16.26 161.56
C ARG KA 13 24.21 -15.11 160.71
N THR KA 14 25.49 -14.80 160.83
CA THR KA 14 26.08 -13.62 160.18
C THR KA 14 26.52 -13.96 158.77
N LEU KA 15 25.86 -13.37 157.78
CA LEU KA 15 26.26 -13.47 156.39
C LEU KA 15 27.29 -12.39 156.08
N THR KA 16 28.25 -12.74 155.21
CA THR KA 16 29.25 -11.77 154.76
C THR KA 16 29.19 -11.65 153.25
N GLU KA 17 29.55 -10.48 152.75
CA GLU KA 17 29.50 -10.20 151.32
C GLU KA 17 30.71 -10.81 150.62
N ILE KA 18 30.46 -11.58 149.56
CA ILE KA 18 31.52 -12.25 148.83
C ILE KA 18 31.69 -11.75 147.41
N GLN KA 19 30.72 -10.99 146.87
CA GLN KA 19 30.78 -10.56 145.48
C GLN KA 19 29.87 -9.35 145.33
N SER KA 20 30.35 -8.34 144.60
CA SER KA 20 29.59 -7.11 144.43
C SER KA 20 29.78 -6.63 142.99
N THR KA 21 28.72 -6.77 142.19
CA THR KA 21 28.69 -6.27 140.83
C THR KA 21 28.13 -4.84 140.92
N ALA KA 22 27.73 -4.25 139.79
CA ALA KA 22 27.11 -2.92 139.80
C ALA KA 22 25.81 -2.92 140.59
N ASP KA 23 24.90 -3.83 140.27
CA ASP KA 23 23.63 -3.95 140.96
C ASP KA 23 23.51 -5.23 141.78
N ARG KA 24 23.96 -6.36 141.25
CA ARG KA 24 23.88 -7.63 141.96
C ARG KA 24 24.88 -7.66 143.11
N GLN KA 25 24.51 -8.35 144.19
CA GLN KA 25 25.28 -8.27 145.43
C GLN KA 25 25.04 -9.57 146.19
N ILE KA 26 26.06 -10.42 146.28
CA ILE KA 26 25.91 -11.77 146.80
C ILE KA 26 26.53 -11.85 148.20
N PHE KA 27 25.73 -12.26 149.17
CA PHE KA 27 26.19 -12.53 150.52
C PHE KA 27 26.26 -14.03 150.75
N GLU KA 28 27.00 -14.42 151.79
CA GLU KA 28 27.20 -15.83 152.09
C GLU KA 28 27.62 -15.98 153.54
N GLU KA 29 27.23 -17.09 154.14
CA GLU KA 29 27.67 -17.43 155.50
C GLU KA 29 28.94 -18.28 155.43
N LYS KA 30 30.00 -17.80 156.08
CA LYS KA 30 31.31 -18.39 155.97
C LYS KA 30 31.59 -19.48 157.01
N VAL KA 31 30.56 -20.10 157.57
CA VAL KA 31 30.75 -21.13 158.58
C VAL KA 31 30.45 -22.49 157.97
N GLY KA 32 31.43 -23.40 158.06
CA GLY KA 32 31.24 -24.76 157.64
C GLY KA 32 31.97 -25.11 156.37
N PRO KA 33 31.59 -26.23 155.73
CA PRO KA 33 32.21 -26.61 154.46
C PRO KA 33 31.85 -25.69 153.30
N LEU KA 34 32.48 -25.92 152.15
CA LEU KA 34 32.33 -25.03 151.01
C LEU KA 34 31.20 -25.43 150.07
N VAL KA 35 30.55 -26.56 150.30
CA VAL KA 35 29.64 -27.10 149.28
C VAL KA 35 28.26 -26.46 149.37
N GLY KA 36 27.67 -26.31 150.54
CA GLY KA 36 26.38 -25.67 150.64
C GLY KA 36 26.31 -24.70 151.79
N ARG KA 37 26.11 -23.42 151.49
CA ARG KA 37 26.04 -22.38 152.50
C ARG KA 37 24.81 -21.53 152.25
N LEU KA 38 24.46 -20.72 153.25
CA LEU KA 38 23.41 -19.73 153.07
C LEU KA 38 23.84 -18.70 152.02
N ARG KA 39 22.86 -18.22 151.27
CA ARG KA 39 23.11 -17.33 150.16
C ARG KA 39 22.07 -16.23 150.19
N LEU KA 40 22.46 -15.04 149.74
CA LEU KA 40 21.53 -13.90 149.72
C LEU KA 40 21.96 -13.03 148.54
N THR KA 41 21.13 -13.01 147.50
CA THR KA 41 21.45 -12.32 146.26
C THR KA 41 20.54 -11.10 146.13
N ALA KA 42 21.00 -9.96 146.63
CA ALA KA 42 20.26 -8.73 146.44
C ALA KA 42 20.61 -8.11 145.10
N SER KA 43 19.67 -7.32 144.57
CA SER KA 43 19.88 -6.57 143.34
C SER KA 43 18.93 -5.39 143.34
N LEU KA 44 19.15 -4.47 142.41
CA LEU KA 44 18.33 -3.27 142.30
C LEU KA 44 18.51 -2.71 140.90
N ARG KA 45 17.41 -2.59 140.16
CA ARG KA 45 17.44 -2.10 138.79
C ARG KA 45 16.49 -0.92 138.67
N GLN KA 46 16.42 -0.36 137.46
CA GLN KA 46 15.33 0.54 137.09
C GLN KA 46 15.13 0.41 135.59
N ASN KA 47 14.20 -0.45 135.19
CA ASN KA 47 13.98 -0.72 133.77
C ASN KA 47 12.85 0.16 133.24
N GLY KA 48 12.89 0.40 131.93
CA GLY KA 48 11.93 1.27 131.29
C GLY KA 48 12.46 2.67 131.13
N ALA KA 49 11.58 3.67 131.24
CA ALA KA 49 11.99 5.06 131.10
C ALA KA 49 12.29 5.68 132.46
N LYS KA 50 13.12 4.97 133.23
CA LYS KA 50 13.67 5.42 134.52
C LYS KA 50 12.58 5.78 135.53
N THR KA 51 11.45 5.06 135.52
CA THR KA 51 10.30 5.44 136.31
C THR KA 51 9.96 4.47 137.44
N ALA KA 52 10.54 3.27 137.45
CA ALA KA 52 10.20 2.27 138.47
C ALA KA 52 11.42 1.44 138.79
N TYR KA 53 11.69 1.27 140.08
CA TYR KA 53 12.79 0.43 140.53
C TYR KA 53 12.30 -1.00 140.74
N ARG KA 54 13.26 -1.91 140.94
CA ARG KA 54 12.93 -3.32 141.08
C ARG KA 54 13.96 -3.96 142.02
N VAL KA 55 13.58 -4.10 143.28
CA VAL KA 55 14.42 -4.80 144.25
C VAL KA 55 14.12 -6.29 144.16
N ASN KA 56 15.15 -7.12 144.29
CA ASN KA 56 14.99 -8.55 144.08
C ASN KA 56 15.92 -9.29 145.04
N LEU KA 57 15.39 -9.71 146.18
CA LEU KA 57 16.14 -10.56 147.11
C LEU KA 57 15.87 -12.02 146.80
N LYS KA 58 16.81 -12.88 147.22
CA LYS KA 58 16.68 -14.31 147.01
C LYS KA 58 17.55 -15.00 148.04
N LEU KA 59 16.93 -15.71 148.98
CA LEU KA 59 17.63 -16.38 150.06
C LEU KA 59 17.62 -17.88 149.78
N ASP KA 60 18.77 -18.42 149.39
CA ASP KA 60 18.90 -19.85 149.18
C ASP KA 60 19.20 -20.54 150.50
N GLN KA 61 18.93 -21.84 150.55
CA GLN KA 61 19.31 -22.65 151.71
C GLN KA 61 19.47 -24.08 151.25
N ALA KA 62 20.70 -24.58 151.27
CA ALA KA 62 21.02 -25.94 150.89
C ALA KA 62 21.11 -26.79 152.15
N ASP KA 63 20.57 -28.01 152.08
CA ASP KA 63 20.60 -28.94 153.20
C ASP KA 63 21.75 -29.92 152.97
N VAL KA 64 22.86 -29.67 153.61
CA VAL KA 64 24.03 -30.53 153.48
C VAL KA 64 24.01 -31.58 154.57
N VAL KA 65 24.66 -32.70 154.30
CA VAL KA 65 24.84 -33.77 155.27
C VAL KA 65 26.21 -34.39 155.02
N ASP KA 66 26.97 -34.61 156.10
CA ASP KA 66 28.32 -35.13 156.01
C ASP KA 66 28.28 -36.55 156.56
N CYS KA 67 28.31 -37.53 155.66
CA CYS KA 67 28.10 -38.94 156.01
C CYS KA 67 29.41 -39.70 155.99
N SER KA 68 30.50 -39.01 156.34
CA SER KA 68 31.81 -39.64 156.28
C SER KA 68 32.08 -40.59 157.43
N THR KA 69 31.43 -40.39 158.58
CA THR KA 69 31.69 -41.23 159.74
C THR KA 69 31.01 -42.58 159.60
N SER KA 70 29.75 -42.59 159.16
CA SER KA 70 29.02 -43.85 158.99
C SER KA 70 29.48 -44.57 157.74
N VAL KA 71 29.30 -43.95 156.58
CA VAL KA 71 29.75 -44.52 155.31
C VAL KA 71 31.19 -44.07 155.09
N CYS KA 72 32.09 -45.02 154.92
CA CYS KA 72 33.50 -44.70 154.78
C CYS KA 72 33.80 -44.18 153.38
N GLY KA 73 34.46 -43.03 153.31
CA GLY KA 73 35.02 -42.54 152.08
C GLY KA 73 34.12 -41.67 151.22
N GLU KA 74 33.20 -40.93 151.80
CA GLU KA 74 32.37 -40.03 151.02
C GLU KA 74 32.31 -38.65 151.68
N LEU KA 75 31.93 -37.66 150.87
CA LEU KA 75 32.08 -36.25 151.16
C LEU KA 75 30.73 -35.63 151.48
N PRO KA 76 30.68 -34.43 152.07
CA PRO KA 76 29.40 -33.74 152.22
C PRO KA 76 28.79 -33.37 150.87
N LYS KA 77 27.46 -33.38 150.83
CA LYS KA 77 26.72 -33.20 149.59
C LYS KA 77 25.42 -32.49 149.89
N VAL KA 78 24.87 -31.82 148.88
CA VAL KA 78 23.61 -31.10 149.01
C VAL KA 78 22.47 -32.04 148.62
N ARG KA 79 21.56 -32.29 149.55
CA ARG KA 79 20.39 -33.12 149.24
C ARG KA 79 19.36 -32.32 148.45
N TYR KA 80 18.99 -31.14 148.93
CA TYR KA 80 17.99 -30.33 148.27
C TYR KA 80 18.25 -28.85 148.57
N THR KA 81 17.49 -27.99 147.91
CA THR KA 81 17.64 -26.56 148.02
C THR KA 81 16.27 -25.90 148.08
N GLN KA 82 16.05 -25.06 149.08
CA GLN KA 82 14.79 -24.35 149.27
C GLN KA 82 15.06 -22.86 149.28
N VAL KA 83 14.39 -22.12 148.41
CA VAL KA 83 14.61 -20.70 148.25
C VAL KA 83 13.38 -19.93 148.73
N TRP KA 84 13.58 -18.63 148.97
CA TRP KA 84 12.48 -17.70 149.23
C TRP KA 84 12.87 -16.40 148.56
N SER KA 85 12.28 -16.12 147.41
CA SER KA 85 12.60 -14.91 146.68
C SER KA 85 11.67 -13.78 147.08
N HIS KA 86 12.05 -12.56 146.69
CA HIS KA 86 11.20 -11.39 146.80
C HIS KA 86 11.35 -10.61 145.50
N ASP KA 87 10.32 -9.84 145.16
CA ASP KA 87 10.34 -9.00 143.96
C ASP KA 87 9.49 -7.77 144.26
N VAL KA 88 10.15 -6.70 144.68
CA VAL KA 88 9.46 -5.47 145.06
C VAL KA 88 9.47 -4.53 143.87
N THR KA 89 8.34 -3.89 143.60
CA THR KA 89 8.23 -2.87 142.57
C THR KA 89 7.97 -1.54 143.23
N ILE KA 90 8.87 -0.58 143.02
CA ILE KA 90 8.78 0.74 143.61
C ILE KA 90 8.82 1.75 142.48
N VAL KA 91 7.78 2.58 142.39
CA VAL KA 91 7.77 3.65 141.40
C VAL KA 91 8.57 4.83 141.93
N ALA KA 92 9.19 5.57 141.00
CA ALA KA 92 10.25 6.50 141.37
C ALA KA 92 9.74 7.74 142.08
N ASN KA 93 8.56 8.22 141.71
CA ASN KA 93 8.01 9.46 142.27
C ASN KA 93 7.09 9.20 143.46
N SER KA 94 7.36 8.16 144.23
CA SER KA 94 6.49 7.75 145.32
C SER KA 94 6.55 8.73 146.49
N THR KA 95 5.70 8.46 147.48
CA THR KA 95 5.78 9.08 148.78
C THR KA 95 6.53 8.12 149.70
N GLU KA 96 7.28 8.69 150.66
CA GLU KA 96 8.01 7.84 151.60
C GLU KA 96 7.07 7.05 152.50
N ALA KA 97 5.91 7.62 152.83
CA ALA KA 97 4.92 6.88 153.60
C ALA KA 97 4.24 5.81 152.78
N SER KA 98 4.30 5.90 151.44
CA SER KA 98 3.80 4.82 150.61
C SER KA 98 4.75 3.64 150.61
N ARG KA 99 6.05 3.91 150.58
CA ARG KA 99 7.06 2.86 150.68
C ARG KA 99 7.15 2.28 152.08
N LYS KA 100 6.95 3.09 153.11
CA LYS KA 100 7.04 2.60 154.48
C LYS KA 100 5.84 1.73 154.83
N SER KA 101 4.66 2.07 154.31
CA SER KA 101 3.47 1.28 154.63
C SER KA 101 3.46 -0.05 153.88
N LEU KA 102 4.04 -0.08 152.69
CA LEU KA 102 4.16 -1.35 151.96
C LEU KA 102 5.14 -2.28 152.65
N TYR KA 103 6.22 -1.73 153.21
CA TYR KA 103 7.15 -2.56 153.97
C TYR KA 103 6.54 -2.99 155.30
N ASP KA 104 5.76 -2.13 155.94
CA ASP KA 104 5.16 -2.45 157.22
C ASP KA 104 4.10 -3.54 157.12
N LEU KA 105 3.43 -3.66 155.97
CA LEU KA 105 2.48 -4.74 155.78
C LEU KA 105 3.18 -6.06 155.51
N THR KA 106 4.22 -6.03 154.67
CA THR KA 106 4.94 -7.25 154.34
C THR KA 106 5.76 -7.77 155.51
N LYS KA 107 6.26 -6.86 156.36
CA LYS KA 107 6.93 -7.29 157.58
C LYS KA 107 5.95 -7.99 158.53
N SER KA 108 4.71 -7.54 158.55
CA SER KA 108 3.69 -8.15 159.36
C SER KA 108 2.98 -9.31 158.68
N LEU KA 109 3.05 -9.39 157.35
CA LEU KA 109 2.47 -10.53 156.66
C LEU KA 109 3.31 -11.78 156.86
N VAL KA 110 4.63 -11.64 156.78
CA VAL KA 110 5.51 -12.80 156.99
C VAL KA 110 5.50 -13.21 158.46
N ALA KA 111 5.40 -12.25 159.37
CA ALA KA 111 5.50 -12.54 160.79
C ALA KA 111 4.24 -13.14 161.39
N THR KA 112 3.18 -13.35 160.62
CA THR KA 112 1.96 -13.92 161.16
C THR KA 112 2.06 -15.44 161.19
N SER KA 113 1.12 -16.06 161.90
CA SER KA 113 1.13 -17.51 162.05
C SER KA 113 0.33 -18.23 160.98
N GLN KA 114 -0.19 -17.52 159.99
CA GLN KA 114 -0.88 -18.18 158.89
C GLN KA 114 0.04 -18.40 157.71
N VAL KA 115 0.99 -17.49 157.49
CA VAL KA 115 2.01 -17.70 156.46
C VAL KA 115 3.09 -18.65 156.97
N GLU KA 116 3.21 -18.78 158.30
CA GLU KA 116 4.10 -19.79 158.86
C GLU KA 116 3.63 -21.19 158.52
N ASP KA 117 2.34 -21.48 158.73
CA ASP KA 117 1.80 -22.79 158.41
C ASP KA 117 1.64 -23.02 156.92
N LEU KA 118 1.72 -21.96 156.11
CA LEU KA 118 1.62 -22.13 154.66
C LEU KA 118 2.89 -22.68 154.06
N VAL KA 119 4.06 -22.37 154.64
CA VAL KA 119 5.32 -22.82 154.06
C VAL KA 119 5.85 -24.01 154.84
N VAL KA 120 5.43 -24.17 156.09
CA VAL KA 120 5.91 -25.29 156.89
C VAL KA 120 4.98 -26.49 156.74
N ASN KA 121 3.68 -26.28 156.90
CA ASN KA 121 2.71 -27.37 156.90
C ASN KA 121 1.80 -27.36 155.68
N LEU KA 122 1.98 -26.41 154.77
CA LEU KA 122 1.37 -26.35 153.44
C LEU KA 122 -0.15 -26.20 153.48
N VAL KA 123 -0.71 -25.67 154.56
CA VAL KA 123 -2.15 -25.42 154.63
C VAL KA 123 -2.41 -23.98 154.19
N PRO KA 124 -3.53 -23.70 153.49
CA PRO KA 124 -3.70 -22.38 152.88
C PRO KA 124 -4.05 -21.30 153.90
N LEU KA 125 -4.15 -20.08 153.38
CA LEU KA 125 -4.34 -18.90 154.20
C LEU KA 125 -5.81 -18.70 154.56
N GLY KA 126 -6.06 -17.85 155.54
CA GLY KA 126 -7.40 -17.51 155.93
C GLY KA 126 -7.97 -18.42 157.00
N ARG KA 127 -8.49 -17.83 158.07
CA ARG KA 127 -9.13 -18.59 159.15
C ARG KA 127 -10.44 -17.91 159.50
N ALA KA 128 -11.52 -18.68 159.52
CA ALA KA 128 -12.86 -18.14 159.73
C ALA KA 128 -13.17 -18.13 161.23
N TYR KA 129 -13.25 -16.93 161.80
CA TYR KA 129 -13.67 -16.75 163.20
C TYR KA 129 -14.68 -15.62 163.24
N GLY KA 130 -15.96 -15.98 163.24
CA GLY KA 130 -17.04 -15.01 163.28
C GLY KA 130 -17.29 -14.33 161.95
N GLY KA 131 -17.62 -15.10 160.93
CA GLY KA 131 -17.87 -14.54 159.61
C GLY KA 131 -17.15 -15.28 158.51
N SER KA 132 -16.25 -14.59 157.81
CA SER KA 132 -15.48 -15.20 156.74
C SER KA 132 -14.03 -15.40 157.19
N LYS KA 133 -13.20 -15.88 156.26
CA LYS KA 133 -11.79 -16.15 156.56
C LYS KA 133 -10.98 -14.88 156.38
N THR KA 134 -10.24 -14.50 157.43
CA THR KA 134 -9.54 -13.23 157.48
C THR KA 134 -8.08 -13.40 157.85
N ILE KA 135 -7.25 -12.45 157.40
CA ILE KA 135 -5.88 -12.29 157.86
C ILE KA 135 -5.76 -10.90 158.48
N VAL KA 136 -5.16 -10.83 159.66
CA VAL KA 136 -5.00 -9.56 160.37
C VAL KA 136 -3.55 -9.12 160.24
N LEU KA 137 -3.33 -7.96 159.63
CA LEU KA 137 -2.00 -7.42 159.41
C LEU KA 137 -1.84 -6.17 160.27
N SER KA 138 -1.37 -6.36 161.49
CA SER KA 138 -1.16 -5.24 162.41
C SER KA 138 0.15 -4.54 162.08
N VAL KA 139 0.10 -3.21 162.04
CA VAL KA 139 1.26 -2.39 161.71
C VAL KA 139 1.67 -1.60 162.94
N GLY KA 140 1.45 -2.21 164.11
CA GLY KA 140 1.50 -1.52 165.38
C GLY KA 140 0.25 -1.84 166.17
N GLU KA 141 -0.61 -0.85 166.38
CA GLU KA 141 -1.93 -1.13 166.93
C GLU KA 141 -3.03 -1.09 165.87
N ALA KA 142 -2.79 -0.45 164.73
CA ALA KA 142 -3.75 -0.44 163.64
C ALA KA 142 -3.71 -1.77 162.91
N THR KA 143 -4.86 -2.45 162.86
CA THR KA 143 -4.97 -3.76 162.25
C THR KA 143 -5.79 -3.66 160.97
N ARG KA 144 -5.13 -3.84 159.83
CA ARG KA 144 -5.80 -3.82 158.53
C ARG KA 144 -6.21 -5.25 158.20
N THR KA 145 -7.49 -5.56 158.35
CA THR KA 145 -8.00 -6.91 158.21
C THR KA 145 -8.43 -7.16 156.77
N LEU KA 146 -7.73 -8.05 156.08
CA LEU KA 146 -8.13 -8.49 154.76
C LEU KA 146 -9.12 -9.64 154.88
N THR KA 147 -10.15 -9.62 154.04
CA THR KA 147 -11.14 -10.68 154.00
C THR KA 147 -11.06 -11.40 152.66
N GLU KA 148 -11.25 -12.71 152.69
CA GLU KA 148 -11.15 -13.52 151.48
C GLU KA 148 -12.36 -13.28 150.59
N ILE KA 149 -12.10 -12.93 149.33
CA ILE KA 149 -13.17 -12.69 148.37
C ILE KA 149 -13.24 -13.76 147.29
N GLN KA 150 -12.29 -14.68 147.23
CA GLN KA 150 -12.28 -15.67 146.16
C GLN KA 150 -11.48 -16.88 146.62
N SER KA 151 -11.87 -18.05 146.12
CA SER KA 151 -11.15 -19.30 146.39
C SER KA 151 -11.22 -20.12 145.10
N THR KA 152 -10.18 -20.01 144.28
CA THR KA 152 -10.10 -20.74 143.02
C THR KA 152 -9.50 -22.12 143.33
N ALA KA 153 -9.03 -22.85 142.31
CA ALA KA 153 -8.45 -24.17 142.52
C ALA KA 153 -7.16 -24.08 143.34
N ASP KA 154 -6.24 -23.20 142.93
CA ASP KA 154 -5.02 -22.95 143.70
C ASP KA 154 -4.97 -21.51 144.24
N ARG KA 155 -5.47 -20.56 143.47
CA ARG KA 155 -5.43 -19.15 143.84
C ARG KA 155 -6.36 -18.87 145.02
N GLN KA 156 -6.09 -17.76 145.71
CA GLN KA 156 -6.84 -17.38 146.90
C GLN KA 156 -6.67 -15.88 147.07
N ILE KA 157 -7.69 -15.10 146.69
CA ILE KA 157 -7.59 -13.65 146.63
C ILE KA 157 -8.25 -13.05 147.87
N PHE KA 158 -7.47 -12.29 148.63
CA PHE KA 158 -7.95 -11.55 149.78
C PHE KA 158 -8.06 -10.07 149.40
N GLU KA 159 -8.88 -9.34 150.15
CA GLU KA 159 -9.07 -7.92 149.87
C GLU KA 159 -9.59 -7.22 151.11
N GLU KA 160 -9.13 -5.99 151.31
CA GLU KA 160 -9.67 -5.13 152.36
C GLU KA 160 -10.91 -4.41 151.85
N LYS KA 161 -11.93 -4.33 152.70
CA LYS KA 161 -13.24 -3.83 152.28
C LYS KA 161 -13.48 -2.38 152.64
N VAL KA 162 -12.56 -1.72 153.33
CA VAL KA 162 -12.76 -0.33 153.72
C VAL KA 162 -12.31 0.58 152.60
N GLY KA 163 -13.18 1.52 152.23
CA GLY KA 163 -12.83 2.54 151.27
C GLY KA 163 -13.44 2.32 149.90
N PRO KA 164 -12.91 3.01 148.89
CA PRO KA 164 -13.47 2.91 147.54
C PRO KA 164 -13.14 1.60 146.87
N LEU KA 165 -13.78 1.38 145.72
CA LEU KA 165 -13.60 0.15 144.95
C LEU KA 165 -12.40 0.18 144.03
N VAL KA 166 -11.83 1.35 143.77
CA VAL KA 166 -10.82 1.46 142.72
C VAL KA 166 -9.45 0.97 143.19
N GLY KA 167 -9.03 1.32 144.40
CA GLY KA 167 -7.75 0.87 144.89
C GLY KA 167 -7.84 0.30 146.29
N ARG KA 168 -7.56 -0.99 146.43
CA ARG KA 168 -7.65 -1.68 147.71
C ARG KA 168 -6.45 -2.59 147.86
N LEU KA 169 -6.23 -3.06 149.09
CA LEU KA 169 -5.21 -4.07 149.32
C LEU KA 169 -5.62 -5.39 148.70
N ARG KA 170 -4.69 -6.01 147.99
CA ARG KA 170 -4.93 -7.32 147.40
C ARG KA 170 -3.86 -8.28 147.91
N LEU KA 171 -4.20 -9.57 147.91
CA LEU KA 171 -3.26 -10.58 148.37
C LEU KA 171 -3.66 -11.89 147.67
N THR KA 172 -2.92 -12.26 146.64
CA THR KA 172 -3.23 -13.42 145.83
C THR KA 172 -2.25 -14.53 146.17
N ALA KA 173 -2.60 -15.34 147.16
CA ALA KA 173 -1.80 -16.52 147.49
C ALA KA 173 -1.99 -17.60 146.43
N SER KA 174 -1.06 -18.55 146.42
CA SER KA 174 -1.12 -19.66 145.48
C SER KA 174 -0.37 -20.84 146.07
N LEU KA 175 -0.57 -22.01 145.48
CA LEU KA 175 0.10 -23.24 145.90
C LEU KA 175 0.03 -24.23 144.77
N ARG KA 176 1.19 -24.68 144.29
CA ARG KA 176 1.26 -25.60 143.18
C ARG KA 176 2.18 -26.77 143.55
N GLN KA 177 2.33 -27.70 142.62
CA GLN KA 177 3.44 -28.67 142.67
C GLN KA 177 3.80 -29.02 141.24
N ASN KA 178 4.99 -28.62 140.82
CA ASN KA 178 5.41 -28.75 139.43
C ASN KA 178 6.09 -30.10 139.21
N GLY KA 179 5.77 -30.72 138.08
CA GLY KA 179 6.43 -31.94 137.66
C GLY KA 179 5.85 -33.20 138.27
N ALA KA 180 6.72 -34.10 138.69
CA ALA KA 180 6.30 -35.40 139.24
C ALA KA 180 6.17 -35.36 140.75
N LYS KA 181 5.41 -34.38 141.25
CA LYS KA 181 5.08 -34.21 142.67
C LYS KA 181 6.32 -34.09 143.55
N THR KA 182 7.37 -33.43 143.04
CA THR KA 182 8.64 -33.40 143.74
C THR KA 182 8.93 -32.08 144.45
N ALA KA 183 8.23 -31.00 144.11
CA ALA KA 183 8.52 -29.71 144.70
C ALA KA 183 7.28 -28.82 144.62
N TYR KA 184 6.96 -28.16 145.73
CA TYR KA 184 5.86 -27.22 145.79
C TYR KA 184 6.35 -25.83 145.40
N ARG KA 185 5.41 -24.89 145.28
CA ARG KA 185 5.76 -23.52 144.93
C ARG KA 185 4.69 -22.60 145.50
N VAL KA 186 5.00 -21.95 146.62
CA VAL KA 186 4.11 -20.97 147.23
C VAL KA 186 4.40 -19.61 146.60
N ASN KA 187 3.35 -18.81 146.36
CA ASN KA 187 3.51 -17.58 145.62
C ASN KA 187 2.53 -16.54 146.16
N LEU KA 188 3.02 -15.69 147.06
CA LEU KA 188 2.23 -14.56 147.56
C LEU KA 188 2.52 -13.31 146.74
N LYS KA 189 1.59 -12.37 146.80
CA LYS KA 189 1.72 -11.11 146.08
C LYS KA 189 0.80 -10.09 146.73
N LEU KA 190 1.36 -9.04 147.31
CA LEU KA 190 0.59 -8.02 148.02
C LEU KA 190 0.64 -6.73 147.21
N ASP KA 191 -0.50 -6.31 146.69
CA ASP KA 191 -0.61 -5.07 145.94
C ASP KA 191 -1.07 -3.96 146.86
N GLN KA 192 -0.57 -2.75 146.62
CA GLN KA 192 -0.98 -1.59 147.40
C GLN KA 192 -1.04 -0.38 146.48
N ALA KA 193 -2.23 -0.10 145.96
CA ALA KA 193 -2.45 1.05 145.10
C ALA KA 193 -2.69 2.28 145.97
N ASP KA 194 -2.13 3.41 145.54
CA ASP KA 194 -2.25 4.66 146.28
C ASP KA 194 -3.41 5.45 145.70
N VAL KA 195 -4.48 5.57 146.47
CA VAL KA 195 -5.67 6.29 146.05
C VAL KA 195 -5.68 7.66 146.74
N VAL KA 196 -6.15 8.68 146.02
CA VAL KA 196 -6.21 10.03 146.55
C VAL KA 196 -7.55 10.63 146.15
N ASP KA 197 -8.05 11.54 146.97
CA ASP KA 197 -9.31 12.23 146.71
C ASP KA 197 -9.09 13.73 146.63
N CYS KA 198 -9.66 14.35 145.59
CA CYS KA 198 -9.51 15.77 145.35
C CYS KA 198 -10.82 16.51 145.64
N SER KA 199 -11.67 15.93 146.49
CA SER KA 199 -12.99 16.47 146.74
C SER KA 199 -12.96 17.77 147.53
N THR KA 200 -11.95 17.98 148.36
CA THR KA 200 -11.87 19.22 149.11
C THR KA 200 -11.35 20.36 148.26
N SER KA 201 -10.76 20.06 147.10
CA SER KA 201 -10.29 21.07 146.16
C SER KA 201 -11.22 21.22 144.97
N VAL KA 202 -11.57 20.11 144.31
CA VAL KA 202 -12.45 20.12 143.15
C VAL KA 202 -13.68 19.29 143.47
N CYS KA 203 -14.86 19.90 143.37
CA CYS KA 203 -16.09 19.15 143.56
C CYS KA 203 -16.35 18.20 142.41
N GLY KA 204 -17.14 17.17 142.70
CA GLY KA 204 -17.47 16.17 141.70
C GLY KA 204 -16.32 15.27 141.33
N GLU KA 205 -15.30 15.19 142.18
CA GLU KA 205 -14.10 14.42 141.89
C GLU KA 205 -14.17 13.12 142.66
N LEU KA 206 -14.27 12.02 141.94
CA LEU KA 206 -14.24 10.70 142.54
C LEU KA 206 -12.79 10.25 142.72
N PRO KA 207 -12.51 9.41 143.71
CA PRO KA 207 -11.11 9.02 143.96
C PRO KA 207 -10.55 8.15 142.85
N LYS KA 208 -9.23 8.24 142.67
CA LYS KA 208 -8.54 7.53 141.61
C LYS KA 208 -7.16 7.14 142.11
N VAL KA 209 -6.51 6.24 141.37
CA VAL KA 209 -5.21 5.72 141.75
C VAL KA 209 -4.13 6.43 140.94
N ARG KA 210 -3.01 6.74 141.60
CA ARG KA 210 -1.90 7.40 140.92
C ARG KA 210 -0.83 6.40 140.50
N TYR KA 211 -0.51 5.44 141.36
CA TYR KA 211 0.44 4.38 141.03
C TYR KA 211 0.07 3.12 141.81
N THR KA 212 0.90 2.08 141.66
CA THR KA 212 0.75 0.87 142.45
C THR KA 212 2.13 0.30 142.75
N GLN KA 213 2.25 -0.38 143.88
CA GLN KA 213 3.50 -0.93 144.36
C GLN KA 213 3.27 -2.32 144.93
N VAL KA 214 4.01 -3.29 144.44
CA VAL KA 214 3.79 -4.69 144.79
C VAL KA 214 4.97 -5.19 145.62
N TRP KA 215 4.77 -6.35 146.26
CA TRP KA 215 5.85 -7.08 146.93
C TRP KA 215 5.50 -8.57 146.77
N SER KA 216 6.04 -9.19 145.74
CA SER KA 216 5.78 -10.59 145.49
C SER KA 216 6.68 -11.47 146.35
N HIS KA 217 6.27 -12.72 146.51
CA HIS KA 217 7.08 -13.75 147.15
C HIS KA 217 7.08 -14.97 146.25
N ASP KA 218 8.15 -15.76 146.33
CA ASP KA 218 8.24 -16.96 145.51
C ASP KA 218 9.02 -18.00 146.32
N VAL KA 219 8.28 -18.83 147.06
CA VAL KA 219 8.86 -19.83 147.93
C VAL KA 219 8.92 -21.14 147.16
N THR KA 220 10.06 -21.82 147.22
CA THR KA 220 10.22 -23.15 146.64
C THR KA 220 10.42 -24.14 147.77
N ILE KA 221 9.58 -25.15 147.81
CA ILE KA 221 9.60 -26.17 148.87
C ILE KA 221 9.65 -27.52 148.19
N VAL KA 222 10.68 -28.30 148.47
CA VAL KA 222 10.77 -29.64 147.91
C VAL KA 222 10.03 -30.61 148.83
N ALA KA 223 9.49 -31.67 148.23
CA ALA KA 223 8.46 -32.49 148.88
C ALA KA 223 9.03 -33.39 149.96
N ASN KA 224 10.24 -33.91 149.77
CA ASN KA 224 10.85 -34.83 150.73
C ASN KA 224 11.70 -34.12 151.77
N SER KA 225 11.33 -32.90 152.12
CA SER KA 225 12.06 -32.06 153.06
C SER KA 225 11.98 -32.61 154.48
N THR KA 226 12.74 -31.98 155.36
CA THR KA 226 12.55 -32.11 156.79
C THR KA 226 11.68 -30.95 157.23
N GLU KA 227 10.83 -31.17 158.23
CA GLU KA 227 10.01 -30.06 158.75
C GLU KA 227 10.88 -29.03 159.46
N ALA KA 228 12.02 -29.44 160.00
CA ALA KA 228 12.96 -28.48 160.58
C ALA KA 228 13.68 -27.68 159.52
N SER KA 229 13.68 -28.13 158.26
CA SER KA 229 14.32 -27.38 157.20
C SER KA 229 13.36 -26.35 156.60
N ARG KA 230 12.05 -26.63 156.62
CA ARG KA 230 11.09 -25.64 156.20
C ARG KA 230 10.84 -24.60 157.28
N LYS KA 231 10.95 -24.99 158.54
CA LYS KA 231 10.84 -24.05 159.64
C LYS KA 231 12.04 -23.10 159.67
N SER KA 232 13.22 -23.61 159.31
CA SER KA 232 14.42 -22.78 159.32
C SER KA 232 14.44 -21.80 158.15
N LEU KA 233 13.84 -22.16 157.02
CA LEU KA 233 13.76 -21.23 155.90
C LEU KA 233 12.78 -20.10 156.17
N TYR KA 234 11.68 -20.40 156.85
CA TYR KA 234 10.71 -19.37 157.21
C TYR KA 234 11.29 -18.45 158.26
N ASP KA 235 11.99 -19.00 159.25
CA ASP KA 235 12.54 -18.23 160.36
C ASP KA 235 13.64 -17.28 159.93
N LEU KA 236 14.36 -17.59 158.86
CA LEU KA 236 15.37 -16.66 158.36
C LEU KA 236 14.72 -15.53 157.56
N THR KA 237 13.71 -15.85 156.74
CA THR KA 237 13.03 -14.83 155.96
C THR KA 237 12.15 -13.95 156.84
N LYS KA 238 11.63 -14.49 157.95
CA LYS KA 238 10.91 -13.68 158.91
C LYS KA 238 11.84 -12.67 159.57
N SER KA 239 13.09 -13.06 159.80
CA SER KA 239 14.05 -12.16 160.41
C SER KA 239 14.81 -11.32 159.39
N LEU KA 240 14.80 -11.72 158.12
CA LEU KA 240 15.47 -10.91 157.10
C LEU KA 240 14.68 -9.65 156.81
N VAL KA 241 13.36 -9.78 156.65
CA VAL KA 241 12.50 -8.62 156.41
C VAL KA 241 12.46 -7.71 157.63
N ALA KA 242 12.58 -8.28 158.82
CA ALA KA 242 12.53 -7.50 160.05
C ALA KA 242 13.80 -6.70 160.33
N THR KA 243 14.86 -6.88 159.54
CA THR KA 243 16.08 -6.12 159.76
C THR KA 243 15.90 -4.69 159.29
N SER KA 244 16.79 -3.82 159.78
CA SER KA 244 16.78 -2.42 159.36
C SER KA 244 17.58 -2.19 158.09
N GLN KA 245 18.21 -3.23 157.54
CA GLN KA 245 18.91 -3.07 156.27
C GLN KA 245 17.97 -3.23 155.09
N VAL KA 246 17.00 -4.13 155.21
CA VAL KA 246 15.99 -4.30 154.18
C VAL KA 246 14.92 -3.22 154.28
N GLU KA 247 14.76 -2.62 155.46
CA GLU KA 247 13.87 -1.47 155.59
C GLU KA 247 14.38 -0.29 154.77
N ASP KA 248 15.69 0.00 154.90
CA ASP KA 248 16.28 1.08 154.12
C ASP KA 248 16.49 0.71 152.66
N LEU KA 249 16.46 -0.58 152.31
CA LEU KA 249 16.59 -0.95 150.91
C LEU KA 249 15.31 -0.70 150.13
N VAL KA 250 14.15 -0.82 150.79
CA VAL KA 250 12.88 -0.58 150.12
C VAL KA 250 12.45 0.87 150.26
N VAL KA 251 12.63 1.46 151.45
CA VAL KA 251 12.20 2.84 151.66
C VAL KA 251 13.15 3.82 151.00
N ASN KA 252 14.47 3.62 151.18
CA ASN KA 252 15.45 4.62 150.78
C ASN KA 252 16.45 4.13 149.72
N LEU KA 253 16.30 2.89 149.24
CA LEU KA 253 17.14 2.29 148.19
C LEU KA 253 18.62 2.22 148.57
N VAL KA 254 18.92 2.08 149.85
CA VAL KA 254 20.29 1.89 150.31
C VAL KA 254 20.65 0.42 150.15
N PRO KA 255 21.78 0.08 149.52
CA PRO KA 255 22.13 -1.33 149.35
C PRO KA 255 22.49 -2.01 150.66
N LEU KA 256 22.42 -3.34 150.64
CA LEU KA 256 22.61 -4.13 151.84
C LEU KA 256 24.09 -4.21 152.22
N GLY KA 257 24.33 -4.54 153.48
CA GLY KA 257 25.69 -4.75 153.95
C GLY KA 257 26.31 -3.58 154.67
N ARG KA 258 26.67 -3.78 155.93
CA ARG KA 258 27.34 -2.74 156.71
C ARG KA 258 28.52 -3.31 157.47
N SER LA 1 -9.05 -79.76 130.26
CA SER LA 1 -9.62 -78.44 130.02
C SER LA 1 -11.13 -78.48 130.21
N LYS LA 2 -11.87 -78.00 129.21
CA LYS LA 2 -13.33 -78.00 129.24
C LYS LA 2 -13.85 -79.15 128.40
N THR LA 3 -14.77 -79.92 128.96
CA THR LA 3 -15.18 -81.19 128.37
C THR LA 3 -16.69 -81.23 128.15
N ILE LA 4 -17.09 -82.00 127.13
CA ILE LA 4 -18.47 -82.42 126.92
C ILE LA 4 -18.49 -83.94 126.98
N VAL LA 5 -19.47 -84.49 127.69
CA VAL LA 5 -19.59 -85.94 127.84
C VAL LA 5 -20.83 -86.39 127.06
N LEU LA 6 -20.64 -87.31 126.14
CA LEU LA 6 -21.71 -87.82 125.28
C LEU LA 6 -21.88 -89.31 125.57
N SER LA 7 -22.90 -89.66 126.34
CA SER LA 7 -23.16 -91.05 126.68
C SER LA 7 -23.92 -91.73 125.56
N VAL LA 8 -23.34 -92.80 125.01
CA VAL LA 8 -23.86 -93.45 123.81
C VAL LA 8 -24.36 -94.81 124.27
N GLY LA 9 -24.92 -94.83 125.48
CA GLY LA 9 -25.30 -96.06 126.14
C GLY LA 9 -24.70 -96.11 127.52
N GLU LA 10 -23.78 -97.06 127.75
CA GLU LA 10 -22.94 -97.03 128.93
C GLU LA 10 -21.55 -96.49 128.64
N ALA LA 11 -21.14 -96.49 127.38
CA ALA LA 11 -19.84 -95.94 126.99
C ALA LA 11 -19.95 -94.42 126.87
N THR LA 12 -19.09 -93.71 127.59
CA THR LA 12 -19.05 -92.25 127.57
C THR LA 12 -17.87 -91.81 126.71
N ARG LA 13 -18.12 -90.88 125.80
CA ARG LA 13 -17.10 -90.37 124.89
C ARG LA 13 -16.87 -88.89 125.21
N THR LA 14 -15.74 -88.60 125.84
CA THR LA 14 -15.46 -87.28 126.37
C THR LA 14 -14.59 -86.48 125.38
N LEU LA 15 -15.12 -85.36 124.92
CA LEU LA 15 -14.43 -84.47 124.00
C LEU LA 15 -13.85 -83.27 124.76
N THR LA 16 -12.56 -83.03 124.55
CA THR LA 16 -11.88 -81.93 125.23
C THR LA 16 -11.69 -80.79 124.25
N GLU LA 17 -11.58 -79.57 124.79
CA GLU LA 17 -11.52 -78.37 123.98
C GLU LA 17 -10.11 -78.13 123.46
N ILE LA 18 -10.00 -77.85 122.16
CA ILE LA 18 -8.71 -77.53 121.55
C ILE LA 18 -8.66 -76.12 120.97
N GLN LA 19 -9.74 -75.36 121.05
CA GLN LA 19 -9.74 -74.00 120.52
C GLN LA 19 -10.84 -73.20 121.22
N SER LA 20 -10.56 -71.92 121.48
CA SER LA 20 -11.54 -71.02 122.08
C SER LA 20 -11.30 -69.64 121.50
N THR LA 21 -12.01 -69.32 120.43
CA THR LA 21 -11.95 -67.99 119.84
C THR LA 21 -13.08 -67.18 120.47
N ALA LA 22 -13.39 -66.00 119.93
CA ALA LA 22 -14.48 -65.20 120.48
C ALA LA 22 -15.84 -65.85 120.19
N ASP LA 23 -15.99 -66.47 119.03
CA ASP LA 23 -17.21 -67.18 118.69
C ASP LA 23 -17.00 -68.67 118.45
N ARG LA 24 -16.00 -69.05 117.67
CA ARG LA 24 -15.77 -70.46 117.39
C ARG LA 24 -15.16 -71.17 118.59
N GLN LA 25 -15.47 -72.45 118.73
CA GLN LA 25 -15.11 -73.19 119.93
C GLN LA 25 -15.05 -74.67 119.54
N ILE LA 26 -13.85 -75.19 119.35
CA ILE LA 26 -13.64 -76.48 118.72
C ILE LA 26 -13.31 -77.51 119.79
N PHE LA 27 -14.01 -78.63 119.77
CA PHE LA 27 -13.77 -79.76 120.66
C PHE LA 27 -13.26 -80.94 119.84
N GLU LA 28 -12.65 -81.90 120.53
CA GLU LA 28 -12.05 -83.05 119.88
C GLU LA 28 -11.85 -84.15 120.91
N GLU LA 29 -12.09 -85.39 120.51
CA GLU LA 29 -11.82 -86.53 121.36
C GLU LA 29 -10.35 -86.89 121.27
N LYS LA 30 -9.80 -87.43 122.35
CA LYS LA 30 -8.35 -87.58 122.46
C LYS LA 30 -7.87 -89.03 122.43
N VAL LA 31 -8.75 -90.01 122.39
CA VAL LA 31 -8.30 -91.39 122.34
C VAL LA 31 -8.20 -91.85 120.89
N GLY LA 32 -7.28 -92.77 120.63
CA GLY LA 32 -7.13 -93.36 119.33
C GLY LA 32 -5.99 -92.75 118.53
N PRO LA 33 -5.98 -92.98 117.21
CA PRO LA 33 -4.98 -92.36 116.36
C PRO LA 33 -5.15 -90.85 116.24
N LEU LA 34 -4.11 -90.17 115.76
CA LEU LA 34 -4.08 -88.71 115.72
C LEU LA 34 -4.63 -88.13 114.43
N VAL LA 35 -5.04 -88.95 113.47
CA VAL LA 35 -5.41 -88.44 112.16
C VAL LA 35 -6.93 -88.32 112.01
N GLY LA 36 -7.70 -89.23 112.60
CA GLY LA 36 -9.14 -89.11 112.54
C GLY LA 36 -9.80 -89.24 113.90
N ARG LA 37 -10.43 -88.16 114.35
CA ARG LA 37 -11.09 -88.12 115.64
C ARG LA 37 -12.41 -87.38 115.50
N LEU LA 38 -13.23 -87.44 116.55
CA LEU LA 38 -14.44 -86.64 116.61
C LEU LA 38 -14.10 -85.15 116.65
N ARG LA 39 -15.05 -84.35 116.20
CA ARG LA 39 -14.85 -82.92 116.09
C ARG LA 39 -16.19 -82.24 116.30
N LEU LA 40 -16.19 -81.19 117.12
CA LEU LA 40 -17.42 -80.49 117.45
C LEU LA 40 -17.12 -79.00 117.38
N THR LA 41 -17.61 -78.34 116.34
CA THR LA 41 -17.29 -76.94 116.09
C THR LA 41 -18.52 -76.11 116.48
N ALA LA 42 -18.56 -75.68 117.73
CA ALA LA 42 -19.63 -74.84 118.21
C ALA LA 42 -19.38 -73.38 117.84
N SER LA 43 -20.44 -72.59 117.84
CA SER LA 43 -20.36 -71.18 117.48
C SER LA 43 -21.57 -70.47 118.04
N LEU LA 44 -21.50 -69.14 118.05
CA LEU LA 44 -22.60 -68.29 118.48
C LEU LA 44 -22.36 -66.90 117.90
N ARG LA 45 -23.44 -66.26 117.44
CA ARG LA 45 -23.36 -64.95 116.80
C ARG LA 45 -24.57 -64.12 117.22
N GLN LA 46 -24.60 -62.88 116.74
CA GLN LA 46 -25.83 -62.08 116.73
C GLN LA 46 -25.76 -61.15 115.51
N ASN LA 47 -26.36 -61.60 114.41
CA ASN LA 47 -26.22 -60.92 113.15
C ASN LA 47 -27.34 -59.89 112.96
N GLY LA 48 -27.03 -58.84 112.23
CA GLY LA 48 -27.98 -57.77 111.97
C GLY LA 48 -27.93 -56.69 113.02
N ALA LA 49 -29.09 -56.14 113.38
CA ALA LA 49 -29.16 -55.09 114.38
C ALA LA 49 -29.41 -55.67 115.78
N LYS LA 50 -28.57 -56.67 116.12
CA LYS LA 50 -28.48 -57.27 117.46
C LYS LA 50 -29.80 -57.85 117.96
N THR LA 51 -30.65 -58.34 117.04
CA THR LA 51 -31.98 -58.78 117.41
C THR LA 51 -32.17 -60.29 117.41
N ALA LA 52 -31.27 -61.05 116.81
CA ALA LA 52 -31.42 -62.49 116.71
C ALA LA 52 -30.05 -63.14 116.83
N TYR LA 53 -29.98 -64.23 117.59
CA TYR LA 53 -28.75 -64.99 117.74
C TYR LA 53 -28.72 -66.12 116.71
N ARG LA 54 -27.57 -66.81 116.64
CA ARG LA 54 -27.42 -67.90 115.68
C ARG LA 54 -26.43 -68.91 116.25
N VAL LA 55 -26.97 -69.99 116.80
CA VAL LA 55 -26.15 -71.12 117.24
C VAL LA 55 -25.85 -72.01 116.02
N ASN LA 56 -24.65 -72.55 115.96
CA ASN LA 56 -24.23 -73.33 114.80
C ASN LA 56 -23.28 -74.43 115.27
N LEU LA 57 -23.83 -75.61 115.52
CA LEU LA 57 -23.02 -76.77 115.86
C LEU LA 57 -22.66 -77.56 114.61
N LYS LA 58 -21.63 -78.40 114.73
CA LYS LA 58 -21.18 -79.22 113.61
C LYS LA 58 -20.41 -80.40 114.19
N LEU LA 59 -21.01 -81.58 114.13
CA LEU LA 59 -20.40 -82.80 114.67
C LEU LA 59 -19.81 -83.60 113.52
N ASP LA 60 -18.51 -83.43 113.29
CA ASP LA 60 -17.82 -84.22 112.29
C ASP LA 60 -17.57 -85.63 112.81
N GLN LA 61 -17.33 -86.55 111.87
CA GLN LA 61 -16.93 -87.91 112.23
C GLN LA 61 -16.24 -88.52 111.02
N ALA LA 62 -14.97 -88.89 111.19
CA ALA LA 62 -14.20 -89.51 110.13
C ALA LA 62 -14.01 -90.99 110.44
N ASP LA 63 -14.06 -91.82 109.41
CA ASP LA 63 -13.83 -93.26 109.56
C ASP LA 63 -12.40 -93.56 109.16
N VAL LA 64 -11.55 -93.74 110.14
CA VAL LA 64 -10.13 -93.99 109.93
C VAL LA 64 -9.91 -95.50 109.86
N VAL LA 65 -9.02 -95.91 108.96
CA VAL LA 65 -8.69 -97.32 108.79
C VAL LA 65 -7.17 -97.45 108.82
N ASP LA 66 -6.66 -98.47 109.50
CA ASP LA 66 -5.23 -98.75 109.59
C ASP LA 66 -5.01 -100.24 109.36
N CYS LA 67 -4.38 -100.59 108.25
CA CYS LA 67 -4.06 -101.97 107.90
C CYS LA 67 -2.59 -102.09 107.53
N SER LA 68 -1.71 -101.59 108.40
CA SER LA 68 -0.28 -101.82 108.26
C SER LA 68 0.09 -103.29 108.42
N THR LA 69 -0.75 -104.08 109.10
CA THR LA 69 -0.51 -105.51 109.19
C THR LA 69 -0.93 -106.23 107.91
N SER LA 70 -1.78 -105.58 107.10
CA SER LA 70 -2.19 -106.18 105.84
C SER LA 70 -1.17 -105.92 104.74
N VAL LA 71 -0.95 -104.66 104.40
CA VAL LA 71 0.11 -104.27 103.48
C VAL LA 71 1.23 -103.62 104.28
N CYS LA 72 2.46 -104.07 104.04
CA CYS LA 72 3.59 -103.63 104.85
C CYS LA 72 4.00 -102.21 104.47
N GLY LA 73 3.88 -101.29 105.42
CA GLY LA 73 4.42 -99.96 105.26
C GLY LA 73 3.43 -98.85 105.02
N GLU LA 74 2.16 -99.03 105.35
CA GLU LA 74 1.21 -97.93 105.24
C GLU LA 74 0.88 -97.39 106.63
N LEU LA 75 0.27 -96.21 106.64
CA LEU LA 75 -0.03 -95.47 107.85
C LEU LA 75 -1.55 -95.36 107.98
N PRO LA 76 -2.09 -94.97 109.15
CA PRO LA 76 -3.54 -94.76 109.26
C PRO LA 76 -4.01 -93.61 108.39
N LYS LA 77 -5.26 -93.72 107.94
CA LYS LA 77 -5.81 -92.86 106.90
C LYS LA 77 -7.32 -92.87 107.03
N VAL LA 78 -7.96 -91.75 106.72
CA VAL LA 78 -9.42 -91.64 106.79
C VAL LA 78 -10.01 -91.89 105.42
N ARG LA 79 -11.10 -92.66 105.38
CA ARG LA 79 -11.79 -92.88 104.11
C ARG LA 79 -12.75 -91.73 103.80
N TYR LA 80 -13.74 -91.53 104.67
CA TYR LA 80 -14.79 -90.57 104.42
C TYR LA 80 -15.09 -89.80 105.69
N THR LA 81 -15.95 -88.79 105.57
CA THR LA 81 -16.36 -87.95 106.69
C THR LA 81 -17.86 -87.75 106.64
N GLN LA 82 -18.54 -88.00 107.76
CA GLN LA 82 -19.97 -87.82 107.88
C GLN LA 82 -20.26 -86.79 108.97
N VAL LA 83 -20.98 -85.73 108.62
CA VAL LA 83 -21.21 -84.62 109.53
C VAL LA 83 -22.68 -84.59 109.93
N TRP LA 84 -22.98 -83.75 110.94
CA TRP LA 84 -24.35 -83.44 111.32
C TRP LA 84 -24.33 -82.02 111.87
N SER LA 85 -24.72 -81.05 111.04
CA SER LA 85 -24.74 -79.67 111.47
C SER LA 85 -26.06 -79.33 112.14
N HIS LA 86 -26.07 -78.18 112.82
CA HIS LA 86 -27.28 -77.60 113.38
C HIS LA 86 -27.22 -76.11 113.11
N ASP LA 87 -28.39 -75.49 112.93
CA ASP LA 87 -28.47 -74.05 112.68
C ASP LA 87 -29.68 -73.53 113.42
N VAL LA 88 -29.47 -73.08 114.64
CA VAL LA 88 -30.54 -72.61 115.49
C VAL LA 88 -30.62 -71.09 115.39
N THR LA 89 -31.83 -70.56 115.24
CA THR LA 89 -32.06 -69.12 115.20
C THR LA 89 -32.94 -68.74 116.38
N ILE LA 90 -32.41 -67.89 117.26
CA ILE LA 90 -33.09 -67.47 118.47
C ILE LA 90 -33.20 -65.96 118.44
N VAL LA 91 -34.42 -65.45 118.49
CA VAL LA 91 -34.63 -64.01 118.57
C VAL LA 91 -34.48 -63.55 120.01
N ALA LA 92 -33.95 -62.33 120.19
CA ALA LA 92 -33.40 -61.94 121.48
C ALA LA 92 -34.47 -61.60 122.50
N ASN LA 93 -35.64 -61.13 122.06
CA ASN LA 93 -36.71 -60.75 122.97
C ASN LA 93 -37.71 -61.86 123.22
N SER LA 94 -37.25 -63.12 123.19
CA SER LA 94 -38.13 -64.27 123.28
C SER LA 94 -38.65 -64.47 124.71
N THR LA 95 -39.57 -65.40 124.84
CA THR LA 95 -39.97 -65.94 126.12
C THR LA 95 -39.06 -67.13 126.43
N GLU LA 96 -38.84 -67.38 127.73
CA GLU LA 96 -38.01 -68.53 128.10
C GLU LA 96 -38.74 -69.84 127.83
N ALA LA 97 -40.07 -69.83 127.88
CA ALA LA 97 -40.83 -71.03 127.53
C ALA LA 97 -40.87 -71.28 126.04
N SER LA 98 -40.59 -70.26 125.23
CA SER LA 98 -40.49 -70.46 123.79
C SER LA 98 -39.17 -71.11 123.42
N ARG LA 99 -38.09 -70.69 124.06
CA ARG LA 99 -36.78 -71.30 123.84
C ARG LA 99 -36.69 -72.68 124.45
N LYS LA 100 -37.43 -72.96 125.51
CA LYS LA 100 -37.43 -74.28 126.11
C LYS LA 100 -38.25 -75.27 125.28
N SER LA 101 -39.35 -74.79 124.68
CA SER LA 101 -40.19 -75.68 123.89
C SER LA 101 -39.52 -76.03 122.57
N LEU LA 102 -38.76 -75.11 121.98
CA LEU LA 102 -38.05 -75.38 120.75
C LEU LA 102 -36.95 -76.41 120.97
N TYR LA 103 -36.30 -76.37 122.13
CA TYR LA 103 -35.31 -77.39 122.46
C TYR LA 103 -35.97 -78.72 122.74
N ASP LA 104 -37.12 -78.72 123.40
CA ASP LA 104 -37.80 -79.97 123.75
C ASP LA 104 -38.40 -80.68 122.55
N LEU LA 105 -38.72 -79.95 121.48
CA LEU LA 105 -39.23 -80.60 120.28
C LEU LA 105 -38.11 -81.21 119.45
N THR LA 106 -36.97 -80.53 119.36
CA THR LA 106 -35.85 -81.05 118.59
C THR LA 106 -35.17 -82.20 119.31
N LYS LA 107 -35.15 -82.16 120.65
CA LYS LA 107 -34.66 -83.31 121.42
C LYS LA 107 -35.56 -84.53 121.23
N SER LA 108 -36.86 -84.29 121.03
CA SER LA 108 -37.78 -85.39 120.74
C SER LA 108 -37.88 -85.70 119.26
N LEU LA 109 -37.47 -84.77 118.37
CA LEU LA 109 -37.41 -85.09 116.95
C LEU LA 109 -36.31 -86.09 116.67
N VAL LA 110 -35.13 -85.86 117.24
CA VAL LA 110 -33.99 -86.74 116.96
C VAL LA 110 -34.18 -88.09 117.64
N ALA LA 111 -34.85 -88.12 118.78
CA ALA LA 111 -34.99 -89.35 119.54
C ALA LA 111 -36.08 -90.28 119.02
N THR LA 112 -36.79 -89.93 117.95
CA THR LA 112 -37.84 -90.80 117.46
C THR LA 112 -37.27 -91.84 116.50
N SER LA 113 -38.09 -92.85 116.19
CA SER LA 113 -37.65 -93.95 115.35
C SER LA 113 -37.79 -93.65 113.86
N GLN LA 114 -38.37 -92.51 113.48
CA GLN LA 114 -38.51 -92.20 112.07
C GLN LA 114 -37.35 -91.38 111.54
N VAL LA 115 -36.70 -90.60 112.40
CA VAL LA 115 -35.51 -89.86 112.00
C VAL LA 115 -34.30 -90.79 112.05
N GLU LA 116 -34.34 -91.81 112.92
CA GLU LA 116 -33.27 -92.79 112.96
C GLU LA 116 -33.19 -93.59 111.66
N ASP LA 117 -34.33 -94.02 111.13
CA ASP LA 117 -34.33 -94.72 109.85
C ASP LA 117 -34.09 -93.78 108.67
N LEU LA 118 -34.24 -92.48 108.88
CA LEU LA 118 -33.99 -91.53 107.80
C LEU LA 118 -32.50 -91.36 107.52
N VAL LA 119 -31.66 -91.50 108.53
CA VAL LA 119 -30.22 -91.28 108.35
C VAL LA 119 -29.49 -92.63 108.26
N VAL LA 120 -30.02 -93.66 108.92
CA VAL LA 120 -29.36 -94.95 108.85
C VAL LA 120 -29.74 -95.70 107.58
N ASN LA 121 -31.04 -95.91 107.35
CA ASN LA 121 -31.50 -96.73 106.24
C ASN LA 121 -32.16 -95.91 105.13
N LEU LA 122 -32.10 -94.58 105.22
CA LEU LA 122 -32.56 -93.64 104.20
C LEU LA 122 -34.07 -93.75 103.92
N VAL LA 123 -34.83 -94.24 104.88
CA VAL LA 123 -36.29 -94.36 104.73
C VAL LA 123 -36.91 -92.98 104.91
N PRO LA 124 -37.85 -92.57 104.06
CA PRO LA 124 -38.48 -91.24 104.23
C PRO LA 124 -39.37 -91.19 105.46
N LEU LA 125 -39.81 -89.98 105.77
CA LEU LA 125 -40.52 -89.71 107.02
C LEU LA 125 -42.02 -90.01 106.88
N GLY LA 126 -42.65 -90.26 108.02
CA GLY LA 126 -44.08 -90.44 108.06
C GLY LA 126 -44.53 -91.88 107.95
N ARG LA 127 -45.25 -92.37 108.95
CA ARG LA 127 -45.84 -93.70 108.93
C ARG LA 127 -47.33 -93.58 109.21
N ALA LA 128 -48.14 -94.03 108.27
CA ALA LA 128 -49.59 -93.92 108.40
C ALA LA 128 -50.11 -95.02 109.32
N TYR LA 129 -50.45 -94.65 110.55
CA TYR LA 129 -51.04 -95.58 111.52
C TYR LA 129 -52.50 -95.19 111.70
N GLY LA 130 -53.35 -95.71 110.83
CA GLY LA 130 -54.77 -95.41 110.88
C GLY LA 130 -55.11 -93.98 110.54
N GLY LA 131 -54.89 -93.58 109.29
CA GLY LA 131 -55.14 -92.21 108.89
C GLY LA 131 -54.13 -91.71 107.89
N SER LA 132 -53.59 -90.52 108.11
CA SER LA 132 -52.59 -89.98 107.21
C SER LA 132 -51.18 -90.19 107.77
N LYS LA 133 -50.18 -89.75 107.02
CA LYS LA 133 -48.80 -89.91 107.42
C LYS LA 133 -48.48 -88.90 108.52
N THR LA 134 -48.17 -89.42 109.71
CA THR LA 134 -47.99 -88.57 110.89
C THR LA 134 -46.63 -88.82 111.53
N ILE LA 135 -46.14 -87.79 112.22
CA ILE LA 135 -44.99 -87.89 113.11
C ILE LA 135 -45.46 -87.47 114.50
N VAL LA 136 -45.08 -88.23 115.51
CA VAL LA 136 -45.45 -87.93 116.89
C VAL LA 136 -44.20 -87.47 117.64
N LEU LA 137 -44.23 -86.24 118.15
CA LEU LA 137 -43.13 -85.67 118.92
C LEU LA 137 -43.59 -85.52 120.36
N SER LA 138 -43.44 -86.58 121.14
CA SER LA 138 -43.87 -86.56 122.53
C SER LA 138 -42.89 -85.76 123.38
N VAL LA 139 -43.44 -84.93 124.27
CA VAL LA 139 -42.65 -84.05 125.13
C VAL LA 139 -42.90 -84.58 126.54
N GLY LA 140 -43.02 -85.89 126.66
CA GLY LA 140 -43.40 -86.51 127.91
C GLY LA 140 -44.77 -87.12 127.82
N GLU LA 141 -45.75 -86.51 128.49
CA GLU LA 141 -47.15 -86.91 128.33
C GLU LA 141 -47.88 -86.09 127.29
N ALA LA 142 -47.36 -84.93 126.91
CA ALA LA 142 -47.94 -84.16 125.83
C ALA LA 142 -47.38 -84.65 124.49
N THR LA 143 -48.27 -85.03 123.58
CA THR LA 143 -47.88 -85.52 122.26
C THR LA 143 -48.37 -84.52 121.23
N ARG LA 144 -47.47 -84.10 120.33
CA ARG LA 144 -47.79 -83.14 119.29
C ARG LA 144 -47.63 -83.84 117.94
N THR LA 145 -48.76 -84.17 117.32
CA THR LA 145 -48.78 -84.99 116.11
C THR LA 145 -48.81 -84.10 114.89
N LEU LA 146 -47.81 -84.23 114.02
CA LEU LA 146 -47.74 -83.45 112.79
C LEU LA 146 -48.13 -84.32 111.60
N THR LA 147 -49.13 -83.85 110.86
CA THR LA 147 -49.64 -84.57 109.69
C THR LA 147 -49.04 -83.99 108.42
N GLU LA 148 -48.82 -84.85 107.44
CA GLU LA 148 -48.17 -84.44 106.20
C GLU LA 148 -49.13 -83.63 105.33
N ILE LA 149 -48.65 -82.51 104.80
CA ILE LA 149 -49.47 -81.64 103.98
C ILE LA 149 -49.02 -81.60 102.52
N GLN LA 150 -47.79 -81.98 102.22
CA GLN LA 150 -47.26 -81.90 100.85
C GLN LA 150 -46.05 -82.81 100.75
N SER LA 151 -46.03 -83.66 99.72
CA SER LA 151 -44.90 -84.55 99.46
C SER LA 151 -44.45 -84.31 98.02
N THR LA 152 -43.58 -83.34 97.83
CA THR LA 152 -43.03 -83.04 96.52
C THR LA 152 -41.89 -84.04 96.28
N ALA LA 153 -41.28 -84.05 95.09
CA ALA LA 153 -40.20 -84.98 94.80
C ALA LA 153 -38.94 -84.64 95.61
N ASP LA 154 -38.78 -83.39 96.03
CA ASP LA 154 -37.67 -82.98 96.88
C ASP LA 154 -38.10 -82.78 98.33
N ARG LA 155 -39.12 -81.95 98.56
CA ARG LA 155 -39.50 -81.61 99.92
C ARG LA 155 -40.52 -82.60 100.46
N GLN LA 156 -40.73 -82.54 101.77
CA GLN LA 156 -41.75 -83.33 102.45
C GLN LA 156 -42.16 -82.55 103.69
N ILE LA 157 -43.24 -81.78 103.57
CA ILE LA 157 -43.62 -80.80 104.58
C ILE LA 157 -44.65 -81.41 105.52
N PHE LA 158 -44.38 -81.33 106.82
CA PHE LA 158 -45.32 -81.72 107.85
C PHE LA 158 -45.79 -80.49 108.60
N GLU LA 159 -46.91 -80.62 109.29
CA GLU LA 159 -47.53 -79.48 109.95
C GLU LA 159 -48.52 -79.98 110.99
N GLU LA 160 -48.55 -79.33 112.14
CA GLU LA 160 -49.57 -79.62 113.13
C GLU LA 160 -50.91 -79.02 112.69
N LYS LA 161 -51.99 -79.55 113.25
CA LYS LA 161 -53.32 -79.19 112.76
C LYS LA 161 -54.23 -78.57 113.80
N VAL LA 162 -53.89 -78.66 115.08
CA VAL LA 162 -54.73 -78.04 116.11
C VAL LA 162 -54.40 -76.55 116.20
N GLY LA 163 -55.33 -75.79 116.77
CA GLY LA 163 -55.11 -74.38 117.02
C GLY LA 163 -55.46 -73.50 115.82
N PRO LA 164 -54.98 -72.26 115.85
CA PRO LA 164 -55.24 -71.35 114.73
C PRO LA 164 -54.45 -71.73 113.49
N LEU LA 165 -54.80 -71.08 112.38
CA LEU LA 165 -54.18 -71.37 111.10
C LEU LA 165 -52.99 -70.48 110.79
N VAL LA 166 -52.74 -69.44 111.58
CA VAL LA 166 -51.68 -68.50 111.24
C VAL LA 166 -50.30 -69.01 111.68
N GLY LA 167 -50.20 -69.60 112.87
CA GLY LA 167 -48.93 -70.12 113.32
C GLY LA 167 -49.02 -71.56 113.77
N ARG LA 168 -48.35 -72.46 113.05
CA ARG LA 168 -48.37 -73.87 113.38
C ARG LA 168 -46.95 -74.42 113.23
N LEU LA 169 -46.75 -75.62 113.76
CA LEU LA 169 -45.46 -76.28 113.66
C LEU LA 169 -45.17 -76.68 112.22
N ARG LA 170 -43.90 -76.85 111.91
CA ARG LA 170 -43.46 -77.20 110.57
C ARG LA 170 -42.33 -78.21 110.67
N LEU LA 171 -42.20 -79.03 109.62
CA LEU LA 171 -41.09 -79.96 109.51
C LEU LA 171 -40.89 -80.21 108.02
N THR LA 172 -39.95 -79.51 107.42
CA THR LA 172 -39.69 -79.63 105.99
C THR LA 172 -38.44 -80.47 105.80
N ALA LA 173 -38.63 -81.79 105.72
CA ALA LA 173 -37.53 -82.68 105.43
C ALA LA 173 -37.18 -82.64 103.94
N SER LA 174 -35.96 -83.07 103.63
CA SER LA 174 -35.51 -83.15 102.25
C SER LA 174 -34.43 -84.22 102.17
N LEU LA 175 -34.07 -84.57 100.93
CA LEU LA 175 -33.07 -85.61 100.69
C LEU LA 175 -32.55 -85.42 99.28
N ARG LA 176 -31.24 -85.22 99.15
CA ARG LA 176 -30.62 -85.00 97.86
C ARG LA 176 -29.43 -85.94 97.71
N GLN LA 177 -28.81 -85.89 96.54
CA GLN LA 177 -27.48 -86.46 96.34
C GLN LA 177 -26.79 -85.66 95.25
N ASN LA 178 -25.68 -85.02 95.62
CA ASN LA 178 -24.96 -84.12 94.72
C ASN LA 178 -23.66 -84.76 94.28
N GLY LA 179 -23.31 -84.52 93.01
CA GLY LA 179 -22.09 -85.07 92.45
C GLY LA 179 -22.32 -86.36 91.70
N ALA LA 180 -21.34 -87.26 91.73
CA ALA LA 180 -21.45 -88.54 91.05
C ALA LA 180 -22.03 -89.62 91.95
N LYS LA 181 -23.17 -89.30 92.58
CA LYS LA 181 -23.97 -90.21 93.40
C LYS LA 181 -23.18 -90.79 94.58
N THR LA 182 -22.27 -90.00 95.15
CA THR LA 182 -21.39 -90.49 96.20
C THR LA 182 -21.85 -90.13 97.61
N ALA LA 183 -22.59 -89.03 97.77
CA ALA LA 183 -22.96 -88.58 99.11
C ALA LA 183 -24.39 -88.08 99.10
N TYR LA 184 -25.12 -88.40 100.17
CA TYR LA 184 -26.49 -87.93 100.34
C TYR LA 184 -26.50 -86.65 101.15
N ARG LA 185 -27.69 -86.07 101.34
CA ARG LA 185 -27.83 -84.83 102.09
C ARG LA 185 -29.23 -84.79 102.69
N VAL LA 186 -29.33 -85.16 103.96
CA VAL LA 186 -30.58 -85.06 104.69
C VAL LA 186 -30.69 -83.65 105.27
N ASN LA 187 -31.90 -83.09 105.26
CA ASN LA 187 -32.08 -81.69 105.69
C ASN LA 187 -33.43 -81.56 106.38
N LEU LA 188 -33.43 -81.66 107.71
CA LEU LA 188 -34.61 -81.38 108.50
C LEU LA 188 -34.62 -79.93 108.96
N LYS LA 189 -35.82 -79.41 109.21
CA LYS LA 189 -35.97 -78.00 109.60
C LYS LA 189 -37.30 -77.83 110.30
N LEU LA 190 -37.27 -77.44 111.57
CA LEU LA 190 -38.48 -77.29 112.38
C LEU LA 190 -38.66 -75.82 112.73
N ASP LA 191 -39.70 -75.20 112.18
CA ASP LA 191 -40.05 -73.83 112.52
C ASP LA 191 -41.10 -73.82 113.61
N GLN LA 192 -40.95 -72.91 114.56
CA GLN LA 192 -41.92 -72.73 115.63
C GLN LA 192 -42.21 -71.26 115.76
N ALA LA 193 -43.42 -70.86 115.42
CA ALA LA 193 -43.85 -69.46 115.50
C ALA LA 193 -44.66 -69.25 116.77
N ASP LA 194 -44.46 -68.10 117.41
CA ASP LA 194 -45.18 -67.76 118.63
C ASP LA 194 -46.39 -66.92 118.26
N VAL LA 195 -47.58 -67.46 118.49
CA VAL LA 195 -48.83 -66.78 118.16
C VAL LA 195 -49.50 -66.34 119.46
N VAL LA 196 -50.00 -65.10 119.46
CA VAL LA 196 -50.69 -64.55 120.62
C VAL LA 196 -51.95 -63.86 120.12
N ASP LA 197 -52.98 -63.85 120.96
CA ASP LA 197 -54.20 -63.09 120.69
C ASP LA 197 -54.73 -62.48 121.98
N CYS LA 198 -55.15 -61.22 121.87
CA CYS LA 198 -55.72 -60.49 122.99
C CYS LA 198 -57.11 -59.96 122.66
N SER LA 199 -57.98 -60.83 122.11
CA SER LA 199 -59.38 -60.49 121.93
C SER LA 199 -60.12 -60.33 123.26
N THR LA 200 -59.57 -60.88 124.35
CA THR LA 200 -60.15 -60.66 125.67
C THR LA 200 -59.91 -59.24 126.17
N SER LA 201 -58.90 -58.55 125.63
CA SER LA 201 -58.61 -57.17 126.03
C SER LA 201 -58.92 -56.17 124.93
N VAL LA 202 -58.31 -56.32 123.76
CA VAL LA 202 -58.53 -55.43 122.63
C VAL LA 202 -59.51 -56.11 121.69
N CYS LA 203 -60.64 -55.45 121.43
CA CYS LA 203 -61.68 -56.03 120.59
C CYS LA 203 -61.28 -56.07 119.12
N GLY LA 204 -61.80 -57.07 118.42
CA GLY LA 204 -61.57 -57.22 117.01
C GLY LA 204 -60.15 -57.59 116.63
N GLU LA 205 -59.41 -58.24 117.53
CA GLU LA 205 -58.04 -58.62 117.27
C GLU LA 205 -57.99 -60.13 117.05
N LEU LA 206 -57.63 -60.52 115.84
CA LEU LA 206 -57.43 -61.91 115.48
C LEU LA 206 -55.99 -62.32 115.81
N PRO LA 207 -55.73 -63.62 115.97
CA PRO LA 207 -54.36 -64.06 116.29
C PRO LA 207 -53.35 -63.74 115.21
N LYS LA 208 -52.13 -63.45 115.64
CA LYS LA 208 -51.02 -63.13 114.76
C LYS LA 208 -49.74 -63.67 115.37
N VAL LA 209 -48.70 -63.75 114.54
CA VAL LA 209 -47.42 -64.31 114.95
C VAL LA 209 -46.48 -63.19 115.36
N ARG LA 210 -45.69 -63.45 116.41
CA ARG LA 210 -44.70 -62.48 116.85
C ARG LA 210 -43.36 -62.71 116.15
N TYR LA 211 -42.78 -63.88 116.34
CA TYR LA 211 -41.47 -64.22 115.81
C TYR LA 211 -41.47 -65.69 115.40
N THR LA 212 -40.39 -66.12 114.76
CA THR LA 212 -40.18 -67.53 114.46
C THR LA 212 -38.79 -67.94 114.93
N GLN LA 213 -38.68 -69.16 115.43
CA GLN LA 213 -37.41 -69.74 115.84
C GLN LA 213 -37.24 -71.10 115.18
N VAL LA 214 -36.16 -71.28 114.44
CA VAL LA 214 -35.96 -72.48 113.66
C VAL LA 214 -34.87 -73.33 114.31
N TRP LA 215 -34.78 -74.58 113.87
CA TRP LA 215 -33.67 -75.47 114.23
C TRP LA 215 -33.47 -76.39 113.03
N SER LA 216 -32.56 -76.00 112.14
CA SER LA 216 -32.29 -76.78 110.96
C SER LA 216 -31.35 -77.95 111.28
N HIS LA 217 -31.24 -78.87 110.34
CA HIS LA 217 -30.27 -79.95 110.41
C HIS LA 217 -29.71 -80.16 109.02
N ASP LA 218 -28.48 -80.65 108.94
CA ASP LA 218 -27.85 -80.91 107.64
C ASP LA 218 -26.90 -82.08 107.82
N VAL LA 219 -27.40 -83.29 107.54
CA VAL LA 219 -26.63 -84.51 107.66
C VAL LA 219 -26.01 -84.82 106.30
N THR LA 220 -24.73 -85.17 106.29
CA THR LA 220 -24.03 -85.59 105.09
C THR LA 220 -23.62 -87.04 105.25
N ILE LA 221 -24.14 -87.90 104.38
CA ILE LA 221 -23.90 -89.34 104.45
C ILE LA 221 -23.37 -89.79 103.11
N VAL LA 222 -22.18 -90.37 103.10
CA VAL LA 222 -21.63 -90.91 101.86
C VAL LA 222 -22.27 -92.26 101.57
N ALA LA 223 -22.35 -92.59 100.28
CA ALA LA 223 -23.21 -93.70 99.84
C ALA LA 223 -22.62 -95.06 100.19
N ASN LA 224 -21.30 -95.18 100.23
CA ASN LA 224 -20.64 -96.45 100.51
C ASN LA 224 -20.28 -96.61 101.98
N SER LA 225 -21.08 -96.07 102.90
CA SER LA 225 -20.81 -96.09 104.32
C SER LA 225 -20.99 -97.50 104.89
N THR LA 226 -20.49 -97.67 106.10
CA THR LA 226 -20.84 -98.81 106.93
C THR LA 226 -22.13 -98.48 107.65
N GLU LA 227 -22.88 -99.52 108.05
CA GLU LA 227 -24.11 -99.27 108.80
C GLU LA 227 -23.81 -98.75 110.20
N ALA LA 228 -22.79 -99.29 110.86
CA ALA LA 228 -22.40 -98.79 112.16
C ALA LA 228 -21.69 -97.44 112.09
N SER LA 229 -21.29 -97.02 110.89
CA SER LA 229 -20.78 -95.66 110.72
C SER LA 229 -21.90 -94.65 110.72
N ARG LA 230 -23.05 -94.98 110.14
CA ARG LA 230 -24.20 -94.08 110.18
C ARG LA 230 -24.98 -94.22 111.47
N LYS LA 231 -24.91 -95.39 112.11
CA LYS LA 231 -25.63 -95.59 113.35
C LYS LA 231 -24.95 -94.85 114.50
N SER LA 232 -23.61 -94.77 114.47
CA SER LA 232 -22.89 -94.08 115.53
C SER LA 232 -22.98 -92.57 115.39
N LEU LA 233 -23.07 -92.07 114.16
CA LEU LA 233 -23.23 -90.63 113.94
C LEU LA 233 -24.59 -90.16 114.44
N TYR LA 234 -25.63 -90.97 114.23
CA TYR LA 234 -26.95 -90.65 114.76
C TYR LA 234 -26.95 -90.73 116.28
N ASP LA 235 -26.30 -91.75 116.83
CA ASP LA 235 -26.38 -91.98 118.27
C ASP LA 235 -25.50 -91.01 119.06
N LEU LA 236 -24.55 -90.34 118.42
CA LEU LA 236 -23.81 -89.28 119.07
C LEU LA 236 -24.58 -87.97 119.06
N THR LA 237 -25.22 -87.66 117.93
CA THR LA 237 -26.01 -86.44 117.83
C THR LA 237 -27.27 -86.51 118.70
N LYS LA 238 -27.86 -87.71 118.82
CA LYS LA 238 -28.95 -87.90 119.77
C LYS LA 238 -28.46 -87.71 121.20
N SER LA 239 -27.23 -88.12 121.48
CA SER LA 239 -26.64 -87.93 122.80
C SER LA 239 -26.06 -86.54 122.98
N LEU LA 240 -25.94 -85.76 121.91
CA LEU LA 240 -25.42 -84.40 122.04
C LEU LA 240 -26.54 -83.43 122.40
N VAL LA 241 -27.69 -83.54 121.73
CA VAL LA 241 -28.83 -82.68 122.00
C VAL LA 241 -29.38 -82.94 123.40
N ALA LA 242 -29.30 -84.18 123.88
CA ALA LA 242 -29.85 -84.53 125.18
C ALA LA 242 -28.97 -84.11 126.35
N THR LA 243 -27.81 -83.49 126.09
CA THR LA 243 -26.97 -83.04 127.19
C THR LA 243 -27.52 -81.77 127.82
N SER LA 244 -26.99 -81.43 128.99
CA SER LA 244 -27.42 -80.23 129.69
C SER LA 244 -26.68 -78.99 129.23
N GLN LA 245 -25.65 -79.14 128.39
CA GLN LA 245 -24.88 -77.98 127.95
C GLN LA 245 -25.48 -77.38 126.68
N VAL LA 246 -26.03 -78.22 125.81
CA VAL LA 246 -26.71 -77.72 124.62
C VAL LA 246 -28.11 -77.23 124.97
N GLU LA 247 -28.65 -77.66 126.11
CA GLU LA 247 -29.88 -77.05 126.62
C GLU LA 247 -29.65 -75.60 127.02
N ASP LA 248 -28.60 -75.34 127.79
CA ASP LA 248 -28.27 -73.98 128.19
C ASP LA 248 -27.69 -73.15 127.06
N LEU LA 249 -27.18 -73.78 126.01
CA LEU LA 249 -26.70 -73.03 124.86
C LEU LA 249 -27.85 -72.43 124.06
N VAL LA 250 -29.01 -73.08 124.07
CA VAL LA 250 -30.18 -72.56 123.38
C VAL LA 250 -31.03 -71.70 124.29
N VAL LA 251 -31.26 -72.14 125.52
CA VAL LA 251 -32.12 -71.40 126.44
C VAL LA 251 -31.41 -70.15 126.95
N ASN LA 252 -30.21 -70.31 127.54
CA ASN LA 252 -29.54 -69.22 128.22
C ASN LA 252 -28.31 -68.70 127.50
N LEU LA 253 -28.00 -69.21 126.31
CA LEU LA 253 -26.88 -68.78 125.46
C LEU LA 253 -25.51 -68.94 126.15
N VAL LA 254 -25.40 -69.88 127.07
CA VAL LA 254 -24.12 -70.20 127.69
C VAL LA 254 -23.32 -71.06 126.72
N PRO LA 255 -22.09 -70.69 126.39
CA PRO LA 255 -21.27 -71.54 125.50
C PRO LA 255 -20.92 -72.88 126.11
N LEU LA 256 -20.49 -73.80 125.25
CA LEU LA 256 -20.30 -75.18 125.63
C LEU LA 256 -19.02 -75.37 126.44
N GLY LA 257 -18.98 -76.47 127.18
CA GLY LA 257 -17.77 -76.87 127.87
C GLY LA 257 -17.69 -76.40 129.31
N ARG LA 258 -17.78 -77.33 130.26
CA ARG LA 258 -17.59 -77.01 131.66
C ARG LA 258 -16.38 -77.75 132.22
N SER MA 1 -45.74 -129.95 66.91
CA SER MA 1 -44.41 -129.37 66.85
C SER MA 1 -43.87 -129.10 68.25
N LYS MA 2 -43.38 -127.89 68.48
CA LYS MA 2 -42.84 -127.48 69.77
C LYS MA 2 -43.88 -126.64 70.49
N THR MA 3 -44.20 -127.04 71.72
CA THR MA 3 -45.34 -126.49 72.45
C THR MA 3 -44.93 -125.87 73.76
N ILE MA 4 -45.69 -124.86 74.18
CA ILE MA 4 -45.68 -124.34 75.55
C ILE MA 4 -47.07 -124.56 76.12
N VAL MA 5 -47.14 -124.94 77.39
CA VAL MA 5 -48.41 -125.20 78.06
C VAL MA 5 -48.60 -124.16 79.15
N LEU MA 6 -49.65 -123.34 79.01
CA LEU MA 6 -49.96 -122.27 79.96
C LEU MA 6 -51.25 -122.63 80.68
N SER MA 7 -51.11 -123.34 81.79
CA SER MA 7 -52.27 -123.76 82.57
C SER MA 7 -52.80 -122.58 83.39
N VAL MA 8 -54.10 -122.34 83.28
CA VAL MA 8 -54.74 -121.17 83.87
C VAL MA 8 -55.65 -121.71 84.98
N GLY MA 9 -55.19 -122.78 85.61
CA GLY MA 9 -55.99 -123.52 86.56
C GLY MA 9 -55.93 -124.99 86.21
N GLU MA 10 -57.06 -125.56 85.81
CA GLU MA 10 -57.05 -126.86 85.15
C GLU MA 10 -57.19 -126.74 83.63
N ALA MA 11 -57.60 -125.58 83.13
CA ALA MA 11 -57.64 -125.35 81.70
C ALA MA 11 -56.25 -125.03 81.18
N THR MA 12 -55.75 -125.86 80.27
CA THR MA 12 -54.41 -125.70 79.70
C THR MA 12 -54.55 -125.19 78.28
N ARG MA 13 -53.80 -124.14 77.94
CA ARG MA 13 -53.85 -123.53 76.63
C ARG MA 13 -52.50 -123.73 75.95
N THR MA 14 -52.47 -124.64 74.98
CA THR MA 14 -51.22 -125.07 74.36
C THR MA 14 -50.94 -124.25 73.10
N LEU MA 15 -49.83 -123.52 73.11
CA LEU MA 15 -49.38 -122.77 71.95
C LEU MA 15 -48.36 -123.58 71.15
N THR MA 16 -48.61 -123.72 69.86
CA THR MA 16 -47.70 -124.45 68.99
C THR MA 16 -46.91 -123.47 68.14
N GLU MA 17 -45.72 -123.88 67.75
CA GLU MA 17 -44.77 -123.00 67.08
C GLU MA 17 -45.10 -122.87 65.61
N ILE MA 18 -45.12 -121.63 65.10
CA ILE MA 18 -45.38 -121.37 63.69
C ILE MA 18 -44.20 -120.72 62.99
N GLN MA 19 -43.12 -120.40 63.70
CA GLN MA 19 -41.96 -119.77 63.08
C GLN MA 19 -40.73 -120.05 63.94
N SER MA 20 -39.59 -120.25 63.28
CA SER MA 20 -38.32 -120.44 63.99
C SER MA 20 -37.23 -119.80 63.13
N THR MA 21 -36.91 -118.54 63.43
CA THR MA 21 -35.84 -117.84 62.74
C THR MA 21 -34.57 -118.06 63.59
N ALA MA 22 -33.51 -117.30 63.33
CA ALA MA 22 -32.29 -117.42 64.13
C ALA MA 22 -32.52 -116.84 65.53
N ASP MA 23 -33.29 -115.77 65.64
CA ASP MA 23 -33.61 -115.18 66.93
C ASP MA 23 -35.10 -115.18 67.24
N ARG MA 24 -35.94 -114.77 66.30
CA ARG MA 24 -37.38 -114.71 66.56
C ARG MA 24 -37.98 -116.11 66.53
N GLN MA 25 -39.05 -116.28 67.31
CA GLN MA 25 -39.61 -117.62 67.51
C GLN MA 25 -41.08 -117.41 67.93
N ILE MA 26 -41.99 -117.61 66.98
CA ILE MA 26 -43.38 -117.23 67.14
C ILE MA 26 -44.21 -118.47 67.47
N PHE MA 27 -45.04 -118.37 68.51
CA PHE MA 27 -45.96 -119.41 68.90
C PHE MA 27 -47.39 -118.91 68.69
N GLU MA 28 -48.34 -119.85 68.63
CA GLU MA 28 -49.72 -119.49 68.40
C GLU MA 28 -50.60 -120.64 68.87
N GLU MA 29 -51.75 -120.30 69.44
CA GLU MA 29 -52.76 -121.30 69.78
C GLU MA 29 -53.54 -121.66 68.53
N LYS MA 30 -54.07 -122.87 68.50
CA LYS MA 30 -54.73 -123.39 67.30
C LYS MA 30 -56.22 -123.65 67.49
N VAL MA 31 -56.75 -123.43 68.68
CA VAL MA 31 -58.16 -123.67 68.94
C VAL MA 31 -58.95 -122.41 68.64
N GLY MA 32 -59.99 -122.53 67.81
CA GLY MA 32 -60.91 -121.45 67.57
C GLY MA 32 -60.87 -120.92 66.14
N PRO MA 33 -61.34 -119.70 65.94
CA PRO MA 33 -61.28 -119.09 64.60
C PRO MA 33 -59.87 -118.78 64.14
N LEU MA 34 -59.71 -118.44 62.86
CA LEU MA 34 -58.40 -118.30 62.26
C LEU MA 34 -57.90 -116.86 62.23
N VAL MA 35 -58.67 -115.90 62.71
CA VAL MA 35 -58.31 -114.50 62.55
C VAL MA 35 -57.70 -113.92 63.82
N GLY MA 36 -58.18 -114.31 65.00
CA GLY MA 36 -57.59 -113.81 66.22
C GLY MA 36 -57.25 -114.92 67.20
N ARG MA 37 -55.97 -115.09 67.49
CA ARG MA 37 -55.49 -116.12 68.38
C ARG MA 37 -54.40 -115.55 69.28
N LEU MA 38 -53.96 -116.35 70.25
CA LEU MA 38 -52.83 -115.95 71.08
C LEU MA 38 -51.55 -115.93 70.26
N ARG MA 39 -50.56 -115.21 70.77
CA ARG MA 39 -49.30 -115.03 70.08
C ARG MA 39 -48.20 -114.85 71.11
N LEU MA 40 -47.02 -115.36 70.81
CA LEU MA 40 -45.91 -115.29 71.74
C LEU MA 40 -44.64 -115.24 70.90
N THR MA 41 -44.12 -114.04 70.68
CA THR MA 41 -42.94 -113.85 69.83
C THR MA 41 -41.72 -113.73 70.74
N ALA MA 42 -41.16 -114.87 71.10
CA ALA MA 42 -39.93 -114.90 71.89
C ALA MA 42 -38.75 -114.50 71.02
N SER MA 43 -37.67 -114.11 71.70
CA SER MA 43 -36.47 -113.64 71.01
C SER MA 43 -35.29 -113.77 71.96
N LEU MA 44 -34.09 -113.65 71.40
CA LEU MA 44 -32.86 -113.67 72.17
C LEU MA 44 -31.77 -113.02 71.32
N ARG MA 45 -30.92 -112.23 71.95
CA ARG MA 45 -29.88 -111.49 71.26
C ARG MA 45 -28.64 -111.43 72.15
N GLN MA 46 -27.57 -110.85 71.61
CA GLN MA 46 -26.43 -110.42 72.42
C GLN MA 46 -25.82 -109.18 71.75
N ASN MA 47 -26.26 -108.02 72.22
CA ASN MA 47 -25.90 -106.75 71.58
C ASN MA 47 -24.60 -106.22 72.16
N GLY MA 48 -23.90 -105.45 71.34
CA GLY MA 48 -22.64 -104.85 71.76
C GLY MA 48 -21.46 -105.78 71.53
N ALA MA 49 -20.51 -105.77 72.45
CA ALA MA 49 -19.32 -106.63 72.35
C ALA MA 49 -19.53 -107.95 73.09
N LYS MA 50 -20.68 -108.58 72.80
CA LYS MA 50 -21.03 -109.95 73.22
C LYS MA 50 -21.01 -110.13 74.73
N THR MA 51 -21.33 -109.08 75.49
CA THR MA 51 -21.23 -109.13 76.94
C THR MA 51 -22.56 -109.20 77.66
N ALA MA 52 -23.67 -108.93 76.98
CA ALA MA 52 -24.98 -108.91 77.62
C ALA MA 52 -26.01 -109.45 76.65
N TYR MA 53 -26.89 -110.32 77.15
CA TYR MA 53 -27.98 -110.86 76.36
C TYR MA 53 -29.23 -109.99 76.51
N ARG MA 54 -30.26 -110.33 75.74
CA ARG MA 54 -31.51 -109.56 75.79
C ARG MA 54 -32.65 -110.50 75.41
N VAL MA 55 -33.36 -110.98 76.40
CA VAL MA 55 -34.58 -111.76 76.19
C VAL MA 55 -35.74 -110.80 75.98
N ASN MA 56 -36.65 -111.16 75.08
CA ASN MA 56 -37.72 -110.24 74.69
C ASN MA 56 -38.94 -111.06 74.31
N LEU MA 57 -39.86 -111.23 75.26
CA LEU MA 57 -41.14 -111.89 75.00
C LEU MA 57 -42.22 -110.87 74.70
N LYS MA 58 -43.31 -111.33 74.10
CA LYS MA 58 -44.43 -110.45 73.77
C LYS MA 58 -45.69 -111.32 73.64
N LEU MA 59 -46.54 -111.30 74.66
CA LEU MA 59 -47.75 -112.10 74.68
C LEU MA 59 -48.91 -111.25 74.18
N ASP MA 60 -49.26 -111.42 72.92
CA ASP MA 60 -50.42 -110.73 72.36
C ASP MA 60 -51.70 -111.42 72.77
N GLN MA 61 -52.81 -110.70 72.67
CA GLN MA 61 -54.13 -111.27 72.89
C GLN MA 61 -55.15 -110.39 72.19
N ALA MA 62 -55.84 -110.94 71.20
CA ALA MA 62 -56.88 -110.23 70.47
C ALA MA 62 -58.24 -110.72 70.92
N ASP MA 63 -59.19 -109.80 70.99
CA ASP MA 63 -60.57 -110.14 71.35
C ASP MA 63 -61.40 -110.17 70.08
N VAL MA 64 -61.67 -111.36 69.59
CA VAL MA 64 -62.43 -111.55 68.37
C VAL MA 64 -63.91 -111.69 68.72
N VAL MA 65 -64.77 -111.13 67.87
CA VAL MA 65 -66.22 -111.24 68.04
C VAL MA 65 -66.81 -111.64 66.69
N ASP MA 66 -67.73 -112.60 66.71
CA ASP MA 66 -68.44 -113.03 65.52
C ASP MA 66 -69.93 -113.05 65.81
N CYS MA 67 -70.67 -112.18 65.12
CA CYS MA 67 -72.11 -112.05 65.28
C CYS MA 67 -72.81 -112.13 63.94
N SER MA 68 -72.50 -113.18 63.17
CA SER MA 68 -73.27 -113.51 61.99
C SER MA 68 -74.69 -113.96 62.32
N THR MA 69 -74.93 -114.38 63.57
CA THR MA 69 -76.28 -114.69 64.02
C THR MA 69 -77.16 -113.44 64.05
N SER MA 70 -76.63 -112.32 64.55
CA SER MA 70 -77.42 -111.12 64.70
C SER MA 70 -77.62 -110.41 63.37
N VAL MA 71 -76.54 -109.94 62.76
CA VAL MA 71 -76.60 -109.34 61.44
C VAL MA 71 -76.19 -110.39 60.42
N CYS MA 72 -76.95 -110.49 59.33
CA CYS MA 72 -76.74 -111.55 58.36
C CYS MA 72 -75.63 -111.19 57.39
N GLY MA 73 -74.57 -112.00 57.37
CA GLY MA 73 -73.57 -111.90 56.35
C GLY MA 73 -72.25 -111.27 56.75
N GLU MA 74 -71.92 -111.22 58.04
CA GLU MA 74 -70.62 -110.73 58.45
C GLU MA 74 -69.76 -111.90 58.91
N LEU MA 75 -68.46 -111.64 59.01
CA LEU MA 75 -67.46 -112.63 59.32
C LEU MA 75 -66.82 -112.28 60.67
N PRO MA 76 -66.10 -113.21 61.32
CA PRO MA 76 -65.42 -112.85 62.57
C PRO MA 76 -64.34 -111.80 62.38
N LYS MA 77 -64.12 -111.01 63.44
CA LYS MA 77 -63.32 -109.81 63.37
C LYS MA 77 -62.86 -109.47 64.78
N VAL MA 78 -61.65 -108.92 64.90
CA VAL MA 78 -61.09 -108.57 66.19
C VAL MA 78 -61.41 -107.11 66.49
N ARG MA 79 -61.73 -106.82 67.75
CA ARG MA 79 -61.95 -105.44 68.16
C ARG MA 79 -60.63 -104.77 68.52
N TYR MA 80 -59.93 -105.31 69.53
CA TYR MA 80 -58.75 -104.69 70.08
C TYR MA 80 -57.70 -105.77 70.37
N THR MA 81 -56.48 -105.33 70.65
CA THR MA 81 -55.40 -106.21 71.07
C THR MA 81 -54.78 -105.67 72.34
N GLN MA 82 -54.46 -106.59 73.26
CA GLN MA 82 -53.82 -106.24 74.52
C GLN MA 82 -52.57 -107.10 74.68
N VAL MA 83 -51.42 -106.45 74.84
CA VAL MA 83 -50.14 -107.15 74.86
C VAL MA 83 -49.58 -107.11 76.27
N TRP MA 84 -48.53 -107.91 76.49
CA TRP MA 84 -47.73 -107.84 77.71
C TRP MA 84 -46.31 -108.19 77.29
N SER MA 85 -45.51 -107.18 76.99
CA SER MA 85 -44.13 -107.42 76.58
C SER MA 85 -43.23 -107.57 77.80
N HIS MA 86 -42.08 -108.19 77.56
CA HIS MA 86 -41.04 -108.34 78.57
C HIS MA 86 -39.72 -107.90 77.95
N ASP MA 87 -38.78 -107.49 78.78
CA ASP MA 87 -37.46 -107.09 78.29
C ASP MA 87 -36.46 -107.43 79.40
N VAL MA 88 -35.87 -108.61 79.30
CA VAL MA 88 -34.92 -109.09 80.29
C VAL MA 88 -33.51 -108.81 79.79
N THR MA 89 -32.67 -108.25 80.67
CA THR MA 89 -31.28 -107.97 80.34
C THR MA 89 -30.39 -108.80 81.24
N ILE MA 90 -29.60 -109.68 80.64
CA ILE MA 90 -28.73 -110.60 81.37
C ILE MA 90 -27.31 -110.37 80.90
N VAL MA 91 -26.42 -110.05 81.81
CA VAL MA 91 -25.00 -109.93 81.49
C VAL MA 91 -24.37 -111.32 81.52
N ALA MA 92 -23.38 -111.53 80.64
CA ALA MA 92 -22.98 -112.88 80.28
C ALA MA 92 -22.13 -113.55 81.35
N ASN MA 93 -21.36 -112.78 82.12
CA ASN MA 93 -20.50 -113.33 83.16
C ASN MA 93 -21.16 -113.37 84.52
N SER MA 94 -22.47 -113.61 84.57
CA SER MA 94 -23.22 -113.54 85.80
C SER MA 94 -22.96 -114.77 86.68
N THR MA 95 -23.43 -114.68 87.92
CA THR MA 95 -23.55 -115.84 88.79
C THR MA 95 -24.89 -116.51 88.49
N GLU MA 96 -24.93 -117.84 88.65
CA GLU MA 96 -26.17 -118.55 88.39
C GLU MA 96 -27.22 -118.24 89.46
N ALA MA 97 -26.80 -117.91 90.67
CA ALA MA 97 -27.75 -117.47 91.69
C ALA MA 97 -28.24 -116.06 91.45
N SER MA 98 -27.52 -115.27 90.65
CA SER MA 98 -27.98 -113.93 90.30
C SER MA 98 -29.11 -114.01 89.28
N ARG MA 99 -28.98 -114.88 88.29
CA ARG MA 99 -30.02 -115.06 87.28
C ARG MA 99 -31.24 -115.78 87.84
N LYS MA 100 -31.04 -116.63 88.84
CA LYS MA 100 -32.17 -117.35 89.44
C LYS MA 100 -32.97 -116.42 90.36
N SER MA 101 -32.28 -115.52 91.05
CA SER MA 101 -32.98 -114.60 91.95
C SER MA 101 -33.77 -113.56 91.18
N LEU MA 102 -33.26 -113.12 90.02
CA LEU MA 102 -33.99 -112.19 89.18
C LEU MA 102 -35.25 -112.82 88.63
N TYR MA 103 -35.18 -114.11 88.30
CA TYR MA 103 -36.39 -114.82 87.87
C TYR MA 103 -37.34 -115.04 89.03
N ASP MA 104 -36.82 -115.35 90.21
CA ASP MA 104 -37.67 -115.63 91.35
C ASP MA 104 -38.34 -114.39 91.93
N LEU MA 105 -37.80 -113.21 91.65
CA LEU MA 105 -38.45 -111.99 92.10
C LEU MA 105 -39.56 -111.57 91.14
N THR MA 106 -39.33 -111.74 89.84
CA THR MA 106 -40.35 -111.36 88.86
C THR MA 106 -41.49 -112.37 88.84
N LYS MA 107 -41.19 -113.64 89.08
CA LYS MA 107 -42.24 -114.65 89.20
C LYS MA 107 -43.15 -114.37 90.40
N SER MA 108 -42.58 -113.81 91.47
CA SER MA 108 -43.37 -113.41 92.62
C SER MA 108 -43.92 -112.01 92.51
N LEU MA 109 -43.38 -111.18 91.62
CA LEU MA 109 -43.95 -109.85 91.39
C LEU MA 109 -45.27 -109.95 90.66
N VAL MA 110 -45.32 -110.76 89.60
CA VAL MA 110 -46.55 -110.91 88.82
C VAL MA 110 -47.60 -111.66 89.62
N ALA MA 111 -47.19 -112.55 90.51
CA ALA MA 111 -48.13 -113.37 91.26
C ALA MA 111 -48.72 -112.68 92.48
N THR MA 112 -48.43 -111.41 92.72
CA THR MA 112 -48.98 -110.72 93.88
C THR MA 112 -50.31 -110.07 93.54
N SER MA 113 -51.04 -109.69 94.59
CA SER MA 113 -52.36 -109.09 94.42
C SER MA 113 -52.32 -107.60 94.10
N GLN MA 114 -51.13 -106.99 94.10
CA GLN MA 114 -51.03 -105.57 93.82
C GLN MA 114 -50.77 -105.30 92.34
N VAL MA 115 -50.05 -106.20 91.67
CA VAL MA 115 -49.86 -106.07 90.24
C VAL MA 115 -51.11 -106.55 89.49
N GLU MA 116 -51.86 -107.46 90.11
CA GLU MA 116 -53.13 -107.91 89.52
C GLU MA 116 -54.14 -106.76 89.44
N ASP MA 117 -54.28 -105.98 90.52
CA ASP MA 117 -55.19 -104.85 90.50
C ASP MA 117 -54.66 -103.69 89.66
N LEU MA 118 -53.37 -103.68 89.35
CA LEU MA 118 -52.81 -102.61 88.53
C LEU MA 118 -53.20 -102.76 87.06
N VAL MA 119 -53.37 -103.99 86.58
CA VAL MA 119 -53.69 -104.18 85.17
C VAL MA 119 -55.17 -104.44 85.00
N VAL MA 120 -55.82 -105.03 85.99
CA VAL MA 120 -57.24 -105.32 85.87
C VAL MA 120 -58.07 -104.09 86.21
N ASN MA 121 -57.92 -103.56 87.43
CA ASN MA 121 -58.74 -102.47 87.92
C ASN MA 121 -58.01 -101.14 87.96
N LEU MA 122 -56.78 -101.08 87.44
CA LEU MA 122 -55.97 -99.88 87.28
C LEU MA 122 -55.64 -99.19 88.61
N VAL MA 123 -55.61 -99.94 89.70
CA VAL MA 123 -55.27 -99.38 91.01
C VAL MA 123 -53.76 -99.24 91.10
N PRO MA 124 -53.24 -98.11 91.59
CA PRO MA 124 -51.79 -97.93 91.69
C PRO MA 124 -51.17 -98.84 92.75
N LEU MA 125 -49.84 -98.87 92.75
CA LEU MA 125 -49.09 -99.83 93.53
C LEU MA 125 -48.88 -99.35 94.96
N GLY MA 126 -48.67 -100.30 95.86
CA GLY MA 126 -48.35 -100.00 97.23
C GLY MA 126 -49.58 -99.89 98.13
N ARG MA 127 -49.63 -100.69 99.19
CA ARG MA 127 -50.66 -100.58 100.20
C ARG MA 127 -49.98 -100.45 101.56
N ALA MA 128 -50.31 -99.38 102.28
CA ALA MA 128 -49.67 -99.09 103.56
C ALA MA 128 -50.38 -99.88 104.65
N TYR MA 129 -49.75 -100.93 105.15
CA TYR MA 129 -50.26 -101.73 106.25
C TYR MA 129 -49.40 -101.43 107.47
N GLY MA 130 -49.73 -100.35 108.19
CA GLY MA 130 -48.99 -99.95 109.36
C GLY MA 130 -47.58 -99.46 109.06
N GLY MA 131 -47.48 -98.33 108.35
CA GLY MA 131 -46.18 -97.81 107.99
C GLY MA 131 -46.16 -97.11 106.65
N SER MA 132 -45.19 -97.45 105.80
CA SER MA 132 -45.09 -96.86 104.49
C SER MA 132 -45.81 -97.72 103.45
N LYS MA 133 -45.92 -97.19 102.24
CA LYS MA 133 -46.48 -97.95 101.13
C LYS MA 133 -45.47 -98.99 100.69
N THR MA 134 -45.80 -100.27 100.89
CA THR MA 134 -44.85 -101.35 100.70
C THR MA 134 -45.40 -102.41 99.76
N ILE MA 135 -44.49 -103.12 99.10
CA ILE MA 135 -44.81 -104.32 98.33
C ILE MA 135 -43.98 -105.45 98.91
N VAL MA 136 -44.62 -106.58 99.18
CA VAL MA 136 -43.93 -107.75 99.69
C VAL MA 136 -43.74 -108.74 98.55
N LEU MA 137 -42.49 -109.13 98.30
CA LEU MA 137 -42.14 -110.06 97.23
C LEU MA 137 -41.58 -111.31 97.88
N SER MA 138 -42.44 -112.24 98.25
CA SER MA 138 -42.02 -113.45 98.95
C SER MA 138 -41.40 -114.45 97.98
N VAL MA 139 -40.27 -115.01 98.38
CA VAL MA 139 -39.51 -115.96 97.56
C VAL MA 139 -39.59 -117.30 98.27
N GLY MA 140 -40.72 -117.54 98.92
CA GLY MA 140 -40.88 -118.72 99.76
C GLY MA 140 -41.15 -118.30 101.18
N GLU MA 141 -40.19 -118.53 102.07
CA GLU MA 141 -40.25 -117.96 103.41
C GLU MA 141 -39.45 -116.68 103.54
N ALA MA 142 -38.55 -116.40 102.59
CA ALA MA 142 -37.85 -115.12 102.56
C ALA MA 142 -38.73 -114.08 101.88
N THR MA 143 -39.05 -113.01 102.61
CA THR MA 143 -39.88 -111.92 102.10
C THR MA 143 -39.02 -110.69 101.97
N ARG MA 144 -39.09 -110.03 100.81
CA ARG MA 144 -38.29 -108.85 100.53
C ARG MA 144 -39.24 -107.67 100.35
N THR MA 145 -39.31 -106.81 101.37
CA THR MA 145 -40.29 -105.73 101.43
C THR MA 145 -39.70 -104.45 100.84
N LEU MA 146 -40.29 -103.97 99.76
CA LEU MA 146 -39.82 -102.75 99.11
C LEU MA 146 -40.71 -101.58 99.49
N THR MA 147 -40.10 -100.56 100.08
CA THR MA 147 -40.81 -99.37 100.56
C THR MA 147 -40.71 -98.25 99.53
N GLU MA 148 -41.78 -97.49 99.40
CA GLU MA 148 -41.87 -96.45 98.39
C GLU MA 148 -41.02 -95.25 98.78
N ILE MA 149 -40.21 -94.76 97.85
CA ILE MA 149 -39.31 -93.65 98.12
C ILE MA 149 -39.70 -92.37 97.39
N GLN MA 150 -40.51 -92.46 96.34
CA GLN MA 150 -40.86 -91.29 95.53
C GLN MA 150 -42.09 -91.63 94.70
N SER MA 151 -43.10 -90.76 94.77
CA SER MA 151 -44.32 -90.91 93.97
C SER MA 151 -44.50 -89.62 93.18
N THR MA 152 -43.91 -89.57 92.00
CA THR MA 152 -44.07 -88.42 91.11
C THR MA 152 -45.40 -88.58 90.39
N ALA MA 153 -45.80 -87.61 89.56
CA ALA MA 153 -47.06 -87.71 88.84
C ALA MA 153 -47.02 -88.79 87.76
N ASP MA 154 -45.81 -89.12 87.28
CA ASP MA 154 -45.64 -90.19 86.29
C ASP MA 154 -45.06 -91.45 86.93
N ARG MA 155 -43.93 -91.36 87.61
CA ARG MA 155 -43.27 -92.54 88.12
C ARG MA 155 -43.75 -92.88 89.54
N GLN MA 156 -43.38 -94.07 90.00
CA GLN MA 156 -43.66 -94.50 91.35
C GLN MA 156 -42.57 -95.50 91.73
N ILE MA 157 -41.54 -95.00 92.41
CA ILE MA 157 -40.31 -95.76 92.64
C ILE MA 157 -40.37 -96.44 93.98
N PHE MA 158 -40.14 -97.75 93.99
CA PHE MA 158 -40.01 -98.53 95.21
C PHE MA 158 -38.57 -98.99 95.35
N GLU MA 159 -38.17 -99.31 96.58
CA GLU MA 159 -36.79 -99.70 96.84
C GLU MA 159 -36.73 -100.42 98.18
N GLU MA 160 -35.91 -101.47 98.24
CA GLU MA 160 -35.65 -102.14 99.50
C GLU MA 160 -34.74 -101.28 100.36
N LYS MA 161 -34.79 -101.52 101.68
CA LYS MA 161 -34.11 -100.66 102.62
C LYS MA 161 -33.08 -101.36 103.49
N VAL MA 162 -33.00 -102.67 103.46
CA VAL MA 162 -31.98 -103.37 104.24
C VAL MA 162 -30.71 -103.53 103.42
N GLY MA 163 -29.58 -103.41 104.10
CA GLY MA 163 -28.29 -103.65 103.47
C GLY MA 163 -27.52 -102.38 103.19
N PRO MA 164 -26.53 -102.46 102.31
CA PRO MA 164 -25.78 -101.26 101.92
C PRO MA 164 -26.63 -100.33 101.07
N LEU MA 165 -26.11 -99.11 100.90
CA LEU MA 165 -26.83 -98.08 100.16
C LEU MA 165 -26.46 -98.02 98.69
N VAL MA 166 -25.43 -98.74 98.26
CA VAL MA 166 -24.98 -98.62 96.87
C VAL MA 166 -25.80 -99.50 95.93
N GLY MA 167 -26.20 -100.70 96.36
CA GLY MA 167 -26.98 -101.57 95.51
C GLY MA 167 -28.19 -102.13 96.21
N ARG MA 168 -29.38 -101.77 95.72
CA ARG MA 168 -30.63 -102.22 96.32
C ARG MA 168 -31.61 -102.52 95.21
N LEU MA 169 -32.69 -103.23 95.58
CA LEU MA 169 -33.75 -103.54 94.63
C LEU MA 169 -34.49 -102.26 94.23
N ARG MA 170 -35.04 -102.26 93.03
CA ARG MA 170 -35.77 -101.11 92.52
C ARG MA 170 -37.05 -101.61 91.87
N LEU MA 171 -38.04 -100.72 91.81
CA LEU MA 171 -39.29 -101.03 91.14
C LEU MA 171 -39.88 -99.69 90.71
N THR MA 172 -39.71 -99.34 89.43
CA THR MA 172 -40.20 -98.07 88.92
C THR MA 172 -41.44 -98.34 88.07
N ALA MA 173 -42.61 -98.32 88.72
CA ALA MA 173 -43.86 -98.47 87.99
C ALA MA 173 -44.25 -97.16 87.33
N SER MA 174 -45.16 -97.25 86.38
CA SER MA 174 -45.63 -96.08 85.66
C SER MA 174 -47.03 -96.38 85.11
N LEU MA 175 -47.65 -95.34 84.58
CA LEU MA 175 -48.99 -95.44 84.00
C LEU MA 175 -49.22 -94.23 83.11
N ARG MA 176 -49.54 -94.48 81.84
CA ARG MA 176 -49.75 -93.42 80.88
C ARG MA 176 -51.05 -93.69 80.12
N GLN MA 177 -51.41 -92.74 79.26
CA GLN MA 177 -52.43 -92.97 78.23
C GLN MA 177 -52.12 -92.05 77.06
N ASN MA 178 -51.73 -92.64 75.94
CA ASN MA 178 -51.31 -91.88 74.77
C ASN MA 178 -52.41 -91.92 73.71
N GLY MA 179 -52.59 -90.77 73.04
CA GLY MA 179 -53.60 -90.65 72.01
C GLY MA 179 -54.86 -89.98 72.52
N ALA MA 180 -56.00 -90.40 71.99
CA ALA MA 180 -57.29 -89.82 72.39
C ALA MA 180 -57.93 -90.60 73.53
N LYS MA 181 -57.15 -90.81 74.59
CA LYS MA 181 -57.60 -91.41 75.87
C LYS MA 181 -58.18 -92.81 75.67
N THR MA 182 -57.63 -93.58 74.73
CA THR MA 182 -58.22 -94.86 74.36
C THR MA 182 -57.41 -96.06 74.81
N ALA MA 183 -56.15 -95.89 75.18
CA ALA MA 183 -55.31 -97.02 75.56
C ALA MA 183 -54.36 -96.61 76.67
N TYR MA 184 -54.25 -97.46 77.68
CA TYR MA 184 -53.35 -97.22 78.79
C TYR MA 184 -51.99 -97.87 78.52
N ARG MA 185 -51.03 -97.65 79.43
CA ARG MA 185 -49.70 -98.21 79.27
C ARG MA 185 -49.11 -98.41 80.66
N VAL MA 186 -49.20 -99.63 81.17
CA VAL MA 186 -48.56 -99.99 82.43
C VAL MA 186 -47.11 -100.37 82.14
N ASN MA 187 -46.19 -99.96 83.02
CA ASN MA 187 -44.77 -100.13 82.75
C ASN MA 187 -44.04 -100.38 84.06
N LEU MA 188 -43.81 -101.66 84.37
CA LEU MA 188 -43.01 -102.04 85.52
C LEU MA 188 -41.58 -102.32 85.10
N LYS MA 189 -40.65 -102.20 86.06
CA LYS MA 189 -39.24 -102.41 85.79
C LYS MA 189 -38.54 -102.70 87.11
N LEU MA 190 -37.88 -103.85 87.20
CA LEU MA 190 -37.23 -104.29 88.43
C LEU MA 190 -35.74 -104.42 88.19
N ASP MA 191 -34.96 -103.50 88.76
CA ASP MA 191 -33.51 -103.56 88.70
C ASP MA 191 -32.95 -104.33 89.88
N GLN MA 192 -31.96 -105.18 89.63
CA GLN MA 192 -31.28 -105.92 90.67
C GLN MA 192 -29.79 -105.84 90.41
N ALA MA 193 -29.07 -105.14 91.28
CA ALA MA 193 -27.63 -104.98 91.15
C ALA MA 193 -26.93 -105.94 92.08
N ASP MA 194 -25.79 -106.47 91.64
CA ASP MA 194 -25.01 -107.42 92.42
C ASP MA 194 -23.89 -106.64 93.13
N VAL MA 195 -24.00 -106.55 94.44
CA VAL MA 195 -23.03 -105.84 95.26
C VAL MA 195 -22.14 -106.87 95.94
N VAL MA 196 -20.84 -106.56 96.04
CA VAL MA 196 -19.87 -107.42 96.69
C VAL MA 196 -18.88 -106.54 97.44
N ASP MA 197 -18.42 -107.03 98.59
CA ASP MA 197 -17.38 -106.34 99.34
C ASP MA 197 -16.21 -107.27 99.59
N CYS MA 198 -15.01 -106.72 99.51
CA CYS MA 198 -13.78 -107.48 99.68
C CYS MA 198 -13.00 -107.00 100.91
N SER MA 199 -13.70 -106.46 101.90
CA SER MA 199 -13.05 -105.93 103.10
C SER MA 199 -12.45 -107.04 103.96
N THR MA 200 -12.93 -108.27 103.85
CA THR MA 200 -12.27 -109.38 104.52
C THR MA 200 -11.03 -109.84 103.75
N SER MA 201 -10.89 -109.41 102.50
CA SER MA 201 -9.74 -109.76 101.67
C SER MA 201 -8.74 -108.62 101.54
N VAL MA 202 -9.18 -107.46 101.07
CA VAL MA 202 -8.33 -106.28 100.92
C VAL MA 202 -8.89 -105.17 101.81
N CYS MA 203 -8.02 -104.55 102.59
CA CYS MA 203 -8.44 -103.51 103.53
C CYS MA 203 -8.85 -102.24 102.81
N GLY MA 204 -9.72 -101.48 103.48
CA GLY MA 204 -10.13 -100.18 103.01
C GLY MA 204 -11.01 -100.18 101.79
N GLU MA 205 -11.65 -101.30 101.48
CA GLU MA 205 -12.49 -101.43 100.30
C GLU MA 205 -13.94 -101.49 100.75
N LEU MA 206 -14.73 -100.52 100.30
CA LEU MA 206 -16.14 -100.42 100.59
C LEU MA 206 -16.93 -101.18 99.53
N PRO MA 207 -18.19 -101.57 99.83
CA PRO MA 207 -18.98 -102.31 98.84
C PRO MA 207 -19.26 -101.51 97.58
N LYS MA 208 -19.38 -102.24 96.47
CA LYS MA 208 -19.63 -101.65 95.17
C LYS MA 208 -20.39 -102.66 94.33
N VAL MA 209 -21.04 -102.15 93.28
CA VAL MA 209 -21.86 -102.98 92.39
C VAL MA 209 -21.00 -103.51 91.26
N ARG MA 210 -21.34 -104.71 90.78
CA ARG MA 210 -20.67 -105.28 89.62
C ARG MA 210 -21.44 -105.00 88.35
N TYR MA 211 -22.68 -105.48 88.28
CA TYR MA 211 -23.54 -105.38 87.11
C TYR MA 211 -24.97 -105.17 87.58
N THR MA 212 -25.86 -104.85 86.64
CA THR MA 212 -27.29 -104.78 86.92
C THR MA 212 -28.03 -105.65 85.91
N GLN MA 213 -29.12 -106.26 86.36
CA GLN MA 213 -29.96 -107.08 85.51
C GLN MA 213 -31.40 -106.62 85.61
N VAL MA 214 -32.02 -106.38 84.45
CA VAL MA 214 -33.32 -105.74 84.39
C VAL MA 214 -34.36 -106.76 83.95
N TRP MA 215 -35.58 -106.62 84.46
CA TRP MA 215 -36.74 -107.33 83.91
C TRP MA 215 -37.87 -106.31 83.84
N SER MA 216 -37.99 -105.66 82.68
CA SER MA 216 -39.05 -104.68 82.46
C SER MA 216 -40.32 -105.37 82.00
N HIS MA 217 -41.42 -104.62 82.05
CA HIS MA 217 -42.70 -105.04 81.49
C HIS MA 217 -43.30 -103.86 80.75
N ASP MA 218 -44.20 -104.14 79.82
CA ASP MA 218 -44.88 -103.08 79.07
C ASP MA 218 -46.25 -103.62 78.67
N VAL MA 219 -47.26 -103.29 79.45
CA VAL MA 219 -48.62 -103.78 79.25
C VAL MA 219 -49.41 -102.70 78.51
N THR MA 220 -50.11 -103.09 77.46
CA THR MA 220 -50.98 -102.19 76.71
C THR MA 220 -52.42 -102.62 76.94
N ILE MA 221 -53.23 -101.72 77.49
CA ILE MA 221 -54.62 -102.00 77.82
C ILE MA 221 -55.48 -100.92 77.20
N VAL MA 222 -56.44 -101.31 76.37
CA VAL MA 222 -57.35 -100.36 75.78
C VAL MA 222 -58.42 -99.99 76.80
N ALA MA 223 -58.96 -98.78 76.69
CA ALA MA 223 -59.77 -98.21 77.76
C ALA MA 223 -61.15 -98.85 77.85
N ASN MA 224 -61.71 -99.26 76.73
CA ASN MA 224 -63.05 -99.83 76.69
C ASN MA 224 -63.07 -101.36 76.72
N SER MA 225 -62.13 -101.95 77.45
CA SER MA 225 -61.96 -103.39 77.51
C SER MA 225 -63.07 -104.06 78.30
N THR MA 226 -63.12 -105.38 78.20
CA THR MA 226 -63.90 -106.21 79.09
C THR MA 226 -63.03 -106.53 80.30
N GLU MA 227 -63.66 -106.74 81.45
CA GLU MA 227 -62.89 -107.09 82.65
C GLU MA 227 -62.26 -108.47 82.51
N ALA MA 228 -62.99 -109.43 81.95
CA ALA MA 228 -62.43 -110.76 81.72
C ALA MA 228 -61.42 -110.77 80.57
N SER MA 229 -61.36 -109.71 79.78
CA SER MA 229 -60.30 -109.59 78.78
C SER MA 229 -59.00 -109.13 79.41
N ARG MA 230 -59.09 -108.26 80.42
CA ARG MA 230 -57.89 -107.85 81.14
C ARG MA 230 -57.47 -108.88 82.17
N LYS MA 231 -58.43 -109.62 82.71
CA LYS MA 231 -58.12 -110.63 83.72
C LYS MA 231 -57.44 -111.84 83.09
N SER MA 232 -57.86 -112.22 81.88
CA SER MA 232 -57.26 -113.38 81.23
C SER MA 232 -55.89 -113.07 80.66
N LEU MA 233 -55.64 -111.81 80.29
CA LEU MA 233 -54.31 -111.41 79.85
C LEU MA 233 -53.31 -111.46 81.00
N TYR MA 234 -53.72 -111.03 82.18
CA TYR MA 234 -52.85 -111.12 83.35
C TYR MA 234 -52.64 -112.57 83.76
N ASP MA 235 -53.70 -113.37 83.76
CA ASP MA 235 -53.62 -114.74 84.25
C ASP MA 235 -52.88 -115.65 83.28
N LEU MA 236 -52.78 -115.28 82.01
CA LEU MA 236 -51.91 -116.00 81.08
C LEU MA 236 -50.45 -115.64 81.29
N THR MA 237 -50.17 -114.35 81.53
CA THR MA 237 -48.80 -113.92 81.76
C THR MA 237 -48.28 -114.40 83.10
N LYS MA 238 -49.16 -114.50 84.10
CA LYS MA 238 -48.77 -115.08 85.38
C LYS MA 238 -48.44 -116.56 85.23
N SER MA 239 -49.15 -117.26 84.35
CA SER MA 239 -48.87 -118.65 84.10
C SER MA 239 -47.76 -118.86 83.09
N LEU MA 240 -47.34 -117.80 82.40
CA LEU MA 240 -46.23 -117.92 81.45
C LEU MA 240 -44.89 -117.83 82.18
N VAL MA 241 -44.77 -116.87 83.10
CA VAL MA 241 -43.55 -116.69 83.87
C VAL MA 241 -43.32 -117.89 84.80
N ALA MA 242 -44.39 -118.51 85.27
CA ALA MA 242 -44.26 -119.63 86.19
C ALA MA 242 -43.93 -120.96 85.51
N THR MA 243 -43.73 -120.98 84.20
CA THR MA 243 -43.39 -122.22 83.52
C THR MA 243 -41.92 -122.55 83.70
N SER MA 244 -41.56 -123.78 83.31
CA SER MA 244 -40.19 -124.23 83.40
C SER MA 244 -39.36 -123.86 82.18
N GLN MA 245 -39.99 -123.34 81.13
CA GLN MA 245 -39.26 -123.01 79.92
C GLN MA 245 -38.77 -121.56 79.94
N VAL MA 246 -39.54 -120.66 80.53
CA VAL MA 246 -39.09 -119.28 80.71
C VAL MA 246 -38.10 -119.19 81.86
N GLU MA 247 -38.07 -120.18 82.75
CA GLU MA 247 -37.01 -120.27 83.74
C GLU MA 247 -35.67 -120.55 83.07
N ASP MA 248 -35.61 -121.57 82.22
CA ASP MA 248 -34.38 -121.90 81.52
C ASP MA 248 -34.03 -120.90 80.43
N LEU MA 249 -35.00 -120.10 79.97
CA LEU MA 249 -34.70 -119.05 79.01
C LEU MA 249 -33.91 -117.91 79.67
N VAL MA 250 -34.16 -117.67 80.95
CA VAL MA 250 -33.44 -116.62 81.67
C VAL MA 250 -32.18 -117.18 82.33
N VAL MA 251 -32.27 -118.34 82.97
CA VAL MA 251 -31.13 -118.89 83.69
C VAL MA 251 -30.10 -119.47 82.73
N ASN MA 252 -30.52 -120.37 81.84
CA ASN MA 252 -29.59 -121.10 80.99
C ASN MA 252 -29.69 -120.73 79.51
N LEU MA 253 -30.51 -119.75 79.16
CA LEU MA 253 -30.65 -119.22 77.79
C LEU MA 253 -31.12 -120.27 76.77
N VAL MA 254 -31.87 -121.26 77.23
CA VAL MA 254 -32.48 -122.23 76.33
C VAL MA 254 -33.69 -121.59 75.67
N PRO MA 255 -33.80 -121.60 74.34
CA PRO MA 255 -35.00 -121.06 73.69
C PRO MA 255 -36.25 -121.88 74.01
N LEU MA 256 -37.39 -121.27 73.77
CA LEU MA 256 -38.67 -121.82 74.20
C LEU MA 256 -39.12 -122.96 73.30
N GLY MA 257 -40.07 -123.74 73.81
CA GLY MA 257 -40.67 -124.80 73.03
C GLY MA 257 -40.00 -126.14 73.20
N ARG MA 258 -40.74 -127.13 73.68
CA ARG MA 258 -40.24 -128.50 73.77
C ARG MA 258 -41.20 -129.47 73.10
N SER NA 1 -92.37 -64.14 103.99
CA SER NA 1 -92.32 -64.41 102.56
C SER NA 1 -91.99 -65.87 102.30
N LYS NA 2 -90.97 -66.11 101.47
CA LYS NA 2 -90.53 -67.46 101.14
C LYS NA 2 -89.27 -67.77 101.94
N THR NA 3 -89.27 -68.89 102.64
CA THR NA 3 -88.24 -69.20 103.63
C THR NA 3 -87.54 -70.51 103.32
N ILE NA 4 -86.27 -70.59 103.72
CA ILE NA 4 -85.51 -71.83 103.81
C ILE NA 4 -85.11 -72.00 105.26
N VAL NA 5 -85.25 -73.22 105.79
CA VAL NA 5 -84.95 -73.52 107.17
C VAL NA 5 -83.72 -74.43 107.21
N LEU NA 6 -82.65 -73.95 107.82
CA LEU NA 6 -81.39 -74.68 107.94
C LEU NA 6 -81.23 -75.12 109.39
N SER NA 7 -81.56 -76.38 109.67
CA SER NA 7 -81.44 -76.92 111.01
C SER NA 7 -80.00 -77.31 111.30
N VAL NA 8 -79.42 -76.74 112.35
CA VAL NA 8 -78.01 -76.89 112.67
C VAL NA 8 -77.97 -77.71 113.96
N GLY NA 9 -78.93 -78.61 114.10
CA GLY NA 9 -79.09 -79.38 115.31
C GLY NA 9 -80.46 -79.18 115.89
N GLU NA 10 -80.56 -78.48 117.01
CA GLU NA 10 -81.83 -77.98 117.51
C GLU NA 10 -82.06 -76.53 117.17
N ALA NA 11 -81.01 -75.78 116.84
CA ALA NA 11 -81.15 -74.40 116.41
C ALA NA 11 -81.49 -74.35 114.93
N THR NA 12 -82.59 -73.69 114.59
CA THR NA 12 -83.02 -73.52 113.21
C THR NA 12 -82.81 -72.08 112.81
N ARG NA 13 -82.15 -71.86 111.68
CA ARG NA 13 -81.83 -70.52 111.19
C ARG NA 13 -82.61 -70.29 109.90
N THR NA 14 -83.63 -69.45 109.97
CA THR NA 14 -84.56 -69.26 108.87
C THR NA 14 -84.14 -68.06 108.02
N LEU NA 15 -83.83 -68.32 106.75
CA LEU NA 15 -83.52 -67.27 105.79
C LEU NA 15 -84.77 -66.86 105.03
N THR NA 16 -85.01 -65.55 104.94
CA THR NA 16 -86.16 -65.05 104.21
C THR NA 16 -85.66 -64.37 102.95
N GLU NA 17 -86.54 -64.32 101.95
CA GLU NA 17 -86.16 -63.87 100.62
C GLU NA 17 -86.23 -62.36 100.50
N ILE NA 18 -85.16 -61.76 99.99
CA ILE NA 18 -85.10 -60.31 99.80
C ILE NA 18 -85.01 -59.90 98.35
N GLN NA 19 -84.96 -60.85 97.41
CA GLN NA 19 -84.86 -60.53 95.99
C GLN NA 19 -85.37 -61.70 95.18
N SER NA 20 -86.09 -61.40 94.10
CA SER NA 20 -86.58 -62.42 93.18
C SER NA 20 -86.49 -61.84 91.77
N THR NA 21 -85.38 -62.10 91.10
CA THR NA 21 -85.20 -61.68 89.71
C THR NA 21 -85.70 -62.84 88.84
N ALA NA 22 -85.43 -62.80 87.54
CA ALA NA 22 -85.83 -63.90 86.66
C ALA NA 22 -85.02 -65.16 86.95
N ASP NA 23 -83.74 -64.99 87.26
CA ASP NA 23 -82.89 -66.12 87.65
C ASP NA 23 -82.34 -66.01 89.06
N ARG NA 24 -81.79 -64.86 89.44
CA ARG NA 24 -81.19 -64.71 90.76
C ARG NA 24 -82.26 -64.65 91.83
N GLN NA 25 -81.91 -65.10 93.03
CA GLN NA 25 -82.88 -65.26 94.11
C GLN NA 25 -82.11 -65.21 95.42
N ILE NA 26 -82.15 -64.05 96.09
CA ILE NA 26 -81.31 -63.78 97.24
C ILE NA 26 -82.11 -63.98 98.51
N PHE NA 27 -81.55 -64.75 99.44
CA PHE NA 27 -82.13 -64.97 100.75
C PHE NA 27 -81.23 -64.32 101.81
N GLU NA 28 -81.80 -64.07 102.98
CA GLU NA 28 -81.07 -63.40 104.05
C GLU NA 28 -81.78 -63.67 105.36
N GLU NA 29 -80.99 -63.89 106.41
CA GLU NA 29 -81.53 -64.04 107.76
C GLU NA 29 -81.84 -62.67 108.34
N LYS NA 30 -82.89 -62.60 109.15
CA LYS NA 30 -83.35 -61.33 109.67
C LYS NA 30 -83.07 -61.13 111.16
N VAL NA 31 -82.42 -62.08 111.82
CA VAL NA 31 -82.11 -61.97 113.23
C VAL NA 31 -80.74 -61.35 113.41
N GLY NA 32 -80.67 -60.28 114.20
CA GLY NA 32 -79.40 -59.69 114.58
C GLY NA 32 -79.21 -58.28 114.05
N PRO NA 33 -77.96 -57.81 114.02
CA PRO NA 33 -77.68 -56.48 113.45
C PRO NA 33 -77.90 -56.42 111.94
N LEU NA 34 -77.93 -55.22 111.39
CA LEU NA 34 -78.31 -55.01 110.00
C LEU NA 34 -77.13 -55.03 109.05
N VAL NA 35 -75.90 -55.05 109.55
CA VAL NA 35 -74.74 -54.89 108.68
C VAL NA 35 -74.14 -56.24 108.28
N GLY NA 36 -74.16 -57.23 109.16
CA GLY NA 36 -73.63 -58.55 108.80
C GLY NA 36 -74.63 -59.65 109.06
N ARG NA 37 -75.10 -60.29 107.98
CA ARG NA 37 -76.09 -61.35 108.07
C ARG NA 37 -75.74 -62.45 107.08
N LEU NA 38 -76.43 -63.58 107.19
CA LEU NA 38 -76.28 -64.64 106.20
C LEU NA 38 -76.83 -64.22 104.85
N ARG NA 39 -76.43 -64.96 103.82
CA ARG NA 39 -76.79 -64.64 102.45
C ARG NA 39 -76.77 -65.94 101.66
N LEU NA 40 -77.70 -66.05 100.73
CA LEU NA 40 -77.78 -67.26 99.91
C LEU NA 40 -78.24 -66.81 98.52
N THR NA 41 -77.29 -66.68 97.61
CA THR NA 41 -77.55 -66.17 96.27
C THR NA 41 -77.76 -67.37 95.36
N ALA NA 42 -79.00 -67.84 95.30
CA ALA NA 42 -79.34 -68.94 94.41
C ALA NA 42 -79.50 -68.44 92.98
N SER NA 43 -79.39 -69.36 92.03
CA SER NA 43 -79.48 -69.03 90.62
C SER NA 43 -79.85 -70.28 89.83
N LEU NA 44 -80.18 -70.07 88.57
CA LEU NA 44 -80.47 -71.16 87.63
C LEU NA 44 -80.39 -70.58 86.23
N ARG NA 45 -79.86 -71.36 85.30
CA ARG NA 45 -79.64 -70.93 83.93
C ARG NA 45 -79.83 -72.10 82.99
N GLN NA 46 -79.75 -71.82 81.70
CA GLN NA 46 -79.54 -72.86 80.68
C GLN NA 46 -78.75 -72.24 79.53
N ASN NA 47 -77.44 -72.42 79.58
CA ASN NA 47 -76.54 -71.77 78.64
C ASN NA 47 -76.33 -72.65 77.41
N GLY NA 48 -76.15 -71.99 76.27
CA GLY NA 48 -75.90 -72.69 75.02
C GLY NA 48 -77.16 -72.99 74.25
N ALA NA 49 -77.23 -74.15 73.63
CA ALA NA 49 -78.38 -74.54 72.81
C ALA NA 49 -79.40 -75.35 73.64
N LYS NA 50 -79.76 -74.77 74.78
CA LYS NA 50 -80.87 -75.22 75.64
C LYS NA 50 -80.70 -76.66 76.13
N THR NA 51 -79.46 -77.13 76.26
CA THR NA 51 -79.22 -78.54 76.55
C THR NA 51 -78.67 -78.83 77.93
N ALA NA 52 -78.16 -77.82 78.65
CA ALA NA 52 -77.54 -78.03 79.94
C ALA NA 52 -77.91 -76.89 80.86
N TYR NA 53 -78.37 -77.21 82.06
CA TYR NA 53 -78.69 -76.23 83.07
C TYR NA 53 -77.46 -75.93 83.92
N ARG NA 54 -77.60 -74.95 84.82
CA ARG NA 54 -76.48 -74.58 85.68
C ARG NA 54 -77.05 -73.99 86.97
N VAL NA 55 -77.07 -74.81 88.01
CA VAL NA 55 -77.42 -74.34 89.35
C VAL NA 55 -76.20 -73.69 89.97
N ASN NA 56 -76.40 -72.62 90.74
CA ASN NA 56 -75.28 -71.84 91.26
C ASN NA 56 -75.70 -71.25 92.59
N LEU NA 57 -75.31 -71.90 93.69
CA LEU NA 57 -75.54 -71.39 95.02
C LEU NA 57 -74.30 -70.69 95.55
N LYS NA 58 -74.50 -69.85 96.57
CA LYS NA 58 -73.40 -69.10 97.17
C LYS NA 58 -73.84 -68.71 98.58
N LEU NA 59 -73.26 -69.36 99.58
CA LEU NA 59 -73.63 -69.12 100.98
C LEU NA 59 -72.55 -68.27 101.63
N ASP NA 60 -72.78 -66.96 101.70
CA ASP NA 60 -71.86 -66.08 102.39
C ASP NA 60 -72.08 -66.13 103.89
N GLN NA 61 -71.06 -65.75 104.64
CA GLN NA 61 -71.16 -65.68 106.10
C GLN NA 61 -70.18 -64.64 106.59
N ALA NA 62 -70.70 -63.56 107.16
CA ALA NA 62 -69.89 -62.46 107.65
C ALA NA 62 -69.74 -62.57 109.17
N ASP NA 63 -68.55 -62.28 109.67
CA ASP NA 63 -68.29 -62.27 111.10
C ASP NA 63 -68.32 -60.83 111.58
N VAL NA 64 -69.45 -60.42 112.12
CA VAL NA 64 -69.65 -59.05 112.60
C VAL NA 64 -69.22 -59.00 114.06
N VAL NA 65 -68.69 -57.85 114.47
CA VAL NA 65 -68.25 -57.63 115.85
C VAL NA 65 -68.66 -56.22 116.26
N ASP NA 66 -69.20 -56.08 117.47
CA ASP NA 66 -69.61 -54.80 118.02
C ASP NA 66 -69.05 -54.68 119.43
N CYS NA 67 -68.16 -53.72 119.62
CA CYS NA 67 -67.53 -53.47 120.92
C CYS NA 67 -67.67 -52.02 121.32
N SER NA 68 -68.90 -51.50 121.25
CA SER NA 68 -69.19 -50.18 121.80
C SER NA 68 -69.07 -50.14 123.31
N THR NA 69 -69.09 -51.29 123.99
CA THR NA 69 -68.83 -51.33 125.43
C THR NA 69 -67.38 -50.99 125.74
N SER NA 70 -66.45 -51.51 124.95
CA SER NA 70 -65.03 -51.24 125.19
C SER NA 70 -64.62 -49.87 124.66
N VAL NA 71 -64.77 -49.67 123.36
CA VAL NA 71 -64.43 -48.40 122.73
C VAL NA 71 -65.69 -47.56 122.66
N CYS NA 72 -65.64 -46.35 123.22
CA CYS NA 72 -66.81 -45.49 123.27
C CYS NA 72 -67.04 -44.82 121.92
N GLY NA 73 -68.17 -45.13 121.29
CA GLY NA 73 -68.59 -44.43 120.10
C GLY NA 73 -68.35 -45.16 118.80
N GLU NA 74 -68.17 -46.48 118.80
CA GLU NA 74 -68.03 -47.23 117.56
C GLU NA 74 -69.28 -48.06 117.32
N LEU NA 75 -69.41 -48.52 116.08
CA LEU NA 75 -70.60 -49.20 115.59
C LEU NA 75 -70.24 -50.63 115.21
N PRO NA 76 -71.20 -51.52 115.00
CA PRO NA 76 -70.87 -52.87 114.51
C PRO NA 76 -70.25 -52.84 113.12
N LYS NA 77 -69.33 -53.78 112.89
CA LYS NA 77 -68.47 -53.75 111.72
C LYS NA 77 -68.16 -55.18 111.31
N VAL NA 78 -67.97 -55.40 110.02
CA VAL NA 78 -67.72 -56.72 109.47
C VAL NA 78 -66.22 -56.95 109.40
N ARG NA 79 -65.74 -58.02 110.05
CA ARG NA 79 -64.32 -58.35 109.99
C ARG NA 79 -63.96 -59.02 108.67
N TYR NA 80 -64.55 -60.19 108.40
CA TYR NA 80 -64.24 -60.97 107.22
C TYR NA 80 -65.50 -61.70 106.76
N THR NA 81 -65.43 -62.26 105.56
CA THR NA 81 -66.50 -63.08 105.00
C THR NA 81 -65.93 -64.40 104.51
N GLN NA 82 -66.65 -65.48 104.78
CA GLN NA 82 -66.28 -66.82 104.35
C GLN NA 82 -67.44 -67.42 103.56
N VAL NA 83 -67.20 -67.77 102.30
CA VAL NA 83 -68.25 -68.23 101.42
C VAL NA 83 -68.12 -69.72 101.18
N TRP NA 84 -69.18 -70.31 100.62
CA TRP NA 84 -69.17 -71.71 100.18
C TRP NA 84 -70.07 -71.76 98.95
N SER NA 85 -69.48 -71.69 97.77
CA SER NA 85 -70.24 -71.71 96.54
C SER NA 85 -70.46 -73.13 96.05
N HIS NA 86 -71.42 -73.27 95.13
CA HIS NA 86 -71.67 -74.52 94.43
C HIS NA 86 -71.87 -74.21 92.97
N ASP NA 87 -71.51 -75.17 92.10
CA ASP NA 87 -71.69 -74.99 90.66
C ASP NA 87 -72.10 -76.35 90.08
N VAL NA 88 -73.39 -76.59 90.01
CA VAL NA 88 -73.93 -77.85 89.53
C VAL NA 88 -74.21 -77.72 88.04
N THR NA 89 -73.88 -78.75 87.27
CA THR NA 89 -74.17 -78.79 85.84
C THR NA 89 -75.06 -79.99 85.56
N ILE NA 90 -76.26 -79.74 85.05
CA ILE NA 90 -77.24 -80.78 84.76
C ILE NA 90 -77.59 -80.70 83.29
N VAL NA 91 -77.40 -81.80 82.58
CA VAL NA 91 -77.82 -81.87 81.18
C VAL NA 91 -79.30 -82.19 81.12
N ALA NA 92 -79.98 -81.65 80.10
CA ALA NA 92 -81.44 -81.57 80.13
C ALA NA 92 -82.11 -82.92 79.85
N ASN NA 93 -81.46 -83.79 79.08
CA ASN NA 93 -82.04 -85.09 78.74
C ASN NA 93 -81.57 -86.20 79.67
N SER NA 94 -81.32 -85.89 80.93
CA SER NA 94 -80.79 -86.86 81.87
C SER NA 94 -81.86 -87.86 82.31
N THR NA 95 -81.40 -88.89 83.01
CA THR NA 95 -82.28 -89.80 83.75
C THR NA 95 -82.46 -89.23 85.14
N GLU NA 96 -83.67 -89.38 85.69
CA GLU NA 96 -83.94 -88.87 87.03
C GLU NA 96 -83.16 -89.63 88.09
N ALA NA 97 -82.82 -90.90 87.84
CA ALA NA 97 -81.98 -91.64 88.76
C ALA NA 97 -80.52 -91.20 88.70
N SER NA 98 -80.10 -90.53 87.63
CA SER NA 98 -78.74 -90.02 87.56
C SER NA 98 -78.64 -88.66 88.24
N ARG NA 99 -79.69 -87.86 88.15
CA ARG NA 99 -79.75 -86.60 88.90
C ARG NA 99 -79.90 -86.82 90.39
N LYS NA 100 -80.57 -87.89 90.79
CA LYS NA 100 -80.73 -88.19 92.21
C LYS NA 100 -79.44 -88.76 92.79
N SER NA 101 -78.70 -89.53 92.00
CA SER NA 101 -77.46 -90.12 92.48
C SER NA 101 -76.38 -89.06 92.64
N LEU NA 102 -76.37 -88.05 91.76
CA LEU NA 102 -75.42 -86.95 91.91
C LEU NA 102 -75.72 -86.14 93.16
N TYR NA 103 -76.99 -86.02 93.53
CA TYR NA 103 -77.34 -85.32 94.76
C TYR NA 103 -77.00 -86.15 95.98
N ASP NA 104 -77.23 -87.46 95.92
CA ASP NA 104 -76.96 -88.32 97.08
C ASP NA 104 -75.47 -88.52 97.33
N LEU NA 105 -74.63 -88.35 96.32
CA LEU NA 105 -73.20 -88.46 96.54
C LEU NA 105 -72.63 -87.18 97.13
N THR NA 106 -73.12 -86.03 96.69
CA THR NA 106 -72.63 -84.76 97.23
C THR NA 106 -73.19 -84.49 98.62
N LYS NA 107 -74.42 -84.95 98.89
CA LYS NA 107 -74.97 -84.85 100.24
C LYS NA 107 -74.17 -85.70 101.22
N SER NA 108 -73.63 -86.82 100.75
CA SER NA 108 -72.78 -87.67 101.57
C SER NA 108 -71.32 -87.29 101.52
N LEU NA 109 -70.91 -86.51 100.51
CA LEU NA 109 -69.55 -85.98 100.49
C LEU NA 109 -69.37 -84.93 101.58
N VAL NA 110 -70.31 -84.00 101.69
CA VAL NA 110 -70.20 -82.93 102.68
C VAL NA 110 -70.38 -83.49 104.09
N ALA NA 111 -71.16 -84.55 104.25
CA ALA NA 111 -71.46 -85.08 105.56
C ALA NA 111 -70.39 -86.02 106.11
N THR NA 112 -69.24 -86.15 105.47
CA THR NA 112 -68.22 -87.04 105.99
C THR NA 112 -67.23 -86.27 106.85
N SER NA 113 -66.42 -87.02 107.60
CA SER NA 113 -65.47 -86.43 108.52
C SER NA 113 -64.18 -86.00 107.85
N GLN NA 114 -64.00 -86.28 106.56
CA GLN NA 114 -62.78 -85.87 105.87
C GLN NA 114 -62.93 -84.51 105.21
N VAL NA 115 -64.14 -84.14 104.81
CA VAL NA 115 -64.39 -82.81 104.26
C VAL NA 115 -64.59 -81.82 105.40
N GLU NA 116 -65.06 -82.30 106.55
CA GLU NA 116 -65.19 -81.44 107.73
C GLU NA 116 -63.84 -80.96 108.22
N ASP NA 117 -62.86 -81.85 108.32
CA ASP NA 117 -61.52 -81.45 108.72
C ASP NA 117 -60.78 -80.71 107.62
N LEU NA 118 -61.25 -80.79 106.38
CA LEU NA 118 -60.59 -80.08 105.29
C LEU NA 118 -60.89 -78.59 105.32
N VAL NA 119 -62.07 -78.19 105.79
CA VAL NA 119 -62.45 -76.78 105.80
C VAL NA 119 -62.26 -76.20 107.20
N VAL NA 120 -62.29 -77.04 108.23
CA VAL NA 120 -62.08 -76.52 109.58
C VAL NA 120 -60.60 -76.50 109.93
N ASN NA 121 -59.93 -77.64 109.86
CA ASN NA 121 -58.55 -77.76 110.30
C ASN NA 121 -57.57 -77.92 109.15
N LEU NA 122 -58.03 -77.78 107.91
CA LEU NA 122 -57.21 -77.76 106.69
C LEU NA 122 -56.44 -79.05 106.46
N VAL NA 123 -56.92 -80.17 107.00
CA VAL NA 123 -56.28 -81.47 106.79
C VAL NA 123 -56.66 -81.96 105.39
N PRO NA 124 -55.72 -82.46 104.60
CA PRO NA 124 -56.05 -82.93 103.26
C PRO NA 124 -56.87 -84.22 103.28
N LEU NA 125 -57.36 -84.58 102.10
CA LEU NA 125 -58.30 -85.67 101.97
C LEU NA 125 -57.60 -87.02 101.91
N GLY NA 126 -58.32 -88.06 102.34
CA GLY NA 126 -57.82 -89.40 102.24
C GLY NA 126 -57.19 -89.92 103.52
N ARG NA 127 -57.71 -91.04 104.03
CA ARG NA 127 -57.14 -91.69 105.20
C ARG NA 127 -56.96 -93.16 104.88
N ALA NA 128 -55.72 -93.64 104.98
CA ALA NA 128 -55.39 -95.00 104.60
C ALA NA 128 -55.73 -95.94 105.76
N TYR NA 129 -56.80 -96.72 105.59
CA TYR NA 129 -57.18 -97.74 106.57
C TYR NA 129 -56.97 -99.10 105.91
N GLY NA 130 -55.74 -99.60 106.01
CA GLY NA 130 -55.37 -100.86 105.41
C GLY NA 130 -55.43 -100.88 103.91
N GLY NA 131 -54.57 -100.09 103.25
CA GLY NA 131 -54.57 -100.03 101.81
C GLY NA 131 -54.22 -98.65 101.29
N SER NA 132 -54.97 -98.17 100.31
CA SER NA 132 -54.72 -96.86 99.72
C SER NA 132 -55.47 -95.78 100.49
N LYS NA 133 -55.22 -94.53 100.11
CA LYS NA 133 -55.93 -93.40 100.67
C LYS NA 133 -57.34 -93.37 100.07
N THR NA 134 -58.34 -93.67 100.88
CA THR NA 134 -59.70 -93.87 100.40
C THR NA 134 -60.66 -92.88 101.01
N ILE NA 135 -61.74 -92.61 100.30
CA ILE NA 135 -62.90 -91.87 100.81
C ILE NA 135 -64.11 -92.78 100.65
N VAL NA 136 -64.95 -92.85 101.69
CA VAL NA 136 -66.15 -93.68 101.66
C VAL NA 136 -67.37 -92.76 101.61
N LEU NA 137 -68.21 -92.94 100.60
CA LEU NA 137 -69.42 -92.14 100.40
C LEU NA 137 -70.62 -93.07 100.53
N SER NA 138 -71.14 -93.19 101.74
CA SER NA 138 -72.29 -94.04 101.99
C SER NA 138 -73.57 -93.39 101.45
N VAL NA 139 -74.34 -94.17 100.70
CA VAL NA 139 -75.57 -93.69 100.08
C VAL NA 139 -76.67 -94.49 100.79
N GLY NA 140 -76.47 -94.73 102.07
CA GLY NA 140 -77.35 -95.60 102.83
C GLY NA 140 -76.62 -96.85 103.24
N GLU NA 141 -76.95 -97.98 102.61
CA GLU NA 141 -76.17 -99.20 102.79
C GLU NA 141 -75.14 -99.41 101.69
N ALA NA 142 -75.32 -98.80 100.53
CA ALA NA 142 -74.33 -98.87 99.47
C ALA NA 142 -73.21 -97.90 99.75
N THR NA 143 -71.98 -98.41 99.81
CA THR NA 143 -70.79 -97.60 100.04
C THR NA 143 -69.95 -97.60 98.77
N ARG NA 144 -69.55 -96.41 98.33
CA ARG NA 144 -68.76 -96.25 97.11
C ARG NA 144 -67.40 -95.70 97.50
N THR NA 145 -66.38 -96.56 97.47
CA THR NA 145 -65.05 -96.24 97.96
C THR NA 145 -64.20 -95.68 96.83
N LEU NA 146 -63.71 -94.46 96.97
CA LEU NA 146 -62.86 -93.83 95.98
C LEU NA 146 -61.41 -93.83 96.45
N THR NA 147 -60.54 -94.45 95.66
CA THR NA 147 -59.12 -94.55 95.99
C THR NA 147 -58.34 -93.48 95.24
N GLU NA 148 -57.26 -93.00 95.87
CA GLU NA 148 -56.48 -91.90 95.34
C GLU NA 148 -55.60 -92.38 94.19
N ILE NA 149 -55.61 -91.64 93.08
CA ILE NA 149 -54.83 -92.01 91.92
C ILE NA 149 -53.68 -91.05 91.62
N GLN NA 150 -53.71 -89.82 92.15
CA GLN NA 150 -52.73 -88.81 91.82
C GLN NA 150 -52.79 -87.71 92.85
N SER NA 151 -51.63 -87.33 93.39
CA SER NA 151 -51.54 -86.23 94.36
C SER NA 151 -50.30 -85.40 94.01
N THR NA 152 -50.49 -84.37 93.20
CA THR NA 152 -49.41 -83.45 92.89
C THR NA 152 -49.37 -82.37 93.97
N ALA NA 153 -48.64 -81.28 93.70
CA ALA NA 153 -48.54 -80.20 94.68
C ALA NA 153 -49.85 -79.45 94.84
N ASP NA 154 -50.64 -79.35 93.75
CA ASP NA 154 -51.92 -78.65 93.79
C ASP NA 154 -53.11 -79.61 93.87
N ARG NA 155 -53.25 -80.52 92.91
CA ARG NA 155 -54.44 -81.33 92.83
C ARG NA 155 -54.31 -82.57 93.71
N GLN NA 156 -55.45 -83.23 93.93
CA GLN NA 156 -55.50 -84.49 94.66
C GLN NA 156 -56.70 -85.27 94.12
N ILE NA 157 -56.47 -86.15 93.17
CA ILE NA 157 -57.54 -86.77 92.38
C ILE NA 157 -57.88 -88.12 92.98
N PHE NA 158 -59.15 -88.33 93.27
CA PHE NA 158 -59.68 -89.62 93.70
C PHE NA 158 -60.55 -90.18 92.59
N GLU NA 159 -60.75 -91.50 92.62
CA GLU NA 159 -61.48 -92.17 91.56
C GLU NA 159 -61.92 -93.55 92.05
N GLU NA 160 -63.14 -93.94 91.72
CA GLU NA 160 -63.61 -95.29 92.01
C GLU NA 160 -62.93 -96.28 91.09
N LYS NA 161 -62.86 -97.54 91.54
CA LYS NA 161 -62.09 -98.54 90.82
C LYS NA 161 -62.91 -99.72 90.31
N VAL NA 162 -64.17 -99.85 90.71
CA VAL NA 162 -65.00 -100.93 90.20
C VAL NA 162 -65.62 -100.51 88.87
N GLY NA 163 -66.11 -101.50 88.13
CA GLY NA 163 -66.79 -101.25 86.88
C GLY NA 163 -65.85 -101.07 85.71
N PRO NA 164 -66.35 -100.55 84.60
CA PRO NA 164 -65.50 -100.33 83.42
C PRO NA 164 -64.53 -99.18 83.65
N LEU NA 165 -63.55 -99.10 82.75
CA LEU NA 165 -62.51 -98.09 82.84
C LEU NA 165 -62.87 -96.78 82.17
N VAL NA 166 -63.98 -96.73 81.45
CA VAL NA 166 -64.27 -95.54 80.66
C VAL NA 166 -65.09 -94.52 81.45
N GLY NA 167 -66.00 -94.95 82.32
CA GLY NA 167 -66.76 -94.03 83.13
C GLY NA 167 -66.70 -94.37 84.61
N ARG NA 168 -66.08 -93.50 85.39
CA ARG NA 168 -65.93 -93.72 86.82
C ARG NA 168 -66.08 -92.39 87.54
N LEU NA 169 -66.31 -92.46 88.86
CA LEU NA 169 -66.40 -91.24 89.65
C LEU NA 169 -65.06 -90.55 89.77
N ARG NA 170 -65.10 -89.27 90.11
CA ARG NA 170 -63.91 -88.47 90.30
C ARG NA 170 -64.11 -87.59 91.52
N LEU NA 171 -63.00 -87.13 92.08
CA LEU NA 171 -63.04 -86.17 93.18
C LEU NA 171 -61.75 -85.37 93.08
N THR NA 172 -61.82 -84.19 92.49
CA THR NA 172 -60.64 -83.38 92.22
C THR NA 172 -60.57 -82.29 93.29
N ALA NA 173 -59.92 -82.63 94.41
CA ALA NA 173 -59.70 -81.64 95.45
C ALA NA 173 -58.42 -80.86 95.18
N SER NA 174 -58.39 -79.63 95.68
CA SER NA 174 -57.18 -78.81 95.63
C SER NA 174 -57.27 -77.81 96.77
N LEU NA 175 -56.21 -77.02 96.91
CA LEU NA 175 -56.11 -76.06 98.00
C LEU NA 175 -55.08 -75.02 97.62
N ARG NA 176 -55.44 -73.74 97.73
CA ARG NA 176 -54.56 -72.65 97.35
C ARG NA 176 -54.53 -71.63 98.47
N GLN NA 177 -53.67 -70.62 98.30
CA GLN NA 177 -53.76 -69.39 99.09
C GLN NA 177 -53.26 -68.25 98.22
N ASN NA 178 -54.18 -67.40 97.80
CA ASN NA 178 -53.88 -66.31 96.88
C ASN NA 178 -53.74 -65.00 97.64
N GLY NA 179 -52.79 -64.18 97.19
CA GLY NA 179 -52.54 -62.89 97.81
C GLY NA 179 -51.41 -62.95 98.81
N ALA NA 180 -51.51 -62.15 99.86
CA ALA NA 180 -50.46 -62.10 100.88
C ALA NA 180 -50.72 -63.08 102.02
N LYS NA 181 -50.97 -64.35 101.65
CA LYS NA 181 -51.11 -65.49 102.57
C LYS NA 181 -52.23 -65.28 103.58
N THR NA 182 -53.31 -64.61 103.17
CA THR NA 182 -54.37 -64.23 104.10
C THR NA 182 -55.65 -65.03 103.92
N ALA NA 183 -55.86 -65.67 102.78
CA ALA NA 183 -57.11 -66.39 102.53
C ALA NA 183 -56.81 -67.67 101.77
N TYR NA 184 -57.44 -68.76 102.20
CA TYR NA 184 -57.29 -70.04 101.55
C TYR NA 184 -58.38 -70.23 100.49
N ARG NA 185 -58.31 -71.33 99.76
CA ARG NA 185 -59.32 -71.62 98.73
C ARG NA 185 -59.40 -73.14 98.56
N VAL NA 186 -60.38 -73.75 99.20
CA VAL NA 186 -60.67 -75.17 99.02
C VAL NA 186 -61.53 -75.33 97.79
N ASN NA 187 -61.27 -76.37 96.99
CA ASN NA 187 -61.96 -76.52 95.70
C ASN NA 187 -62.21 -78.01 95.47
N LEU NA 188 -63.42 -78.46 95.79
CA LEU NA 188 -63.86 -79.82 95.53
C LEU NA 188 -64.66 -79.88 94.23
N LYS NA 189 -64.69 -81.05 93.62
CA LYS NA 189 -65.40 -81.24 92.36
C LYS NA 189 -65.65 -82.72 92.15
N LEU NA 190 -66.91 -83.12 92.01
CA LEU NA 190 -67.30 -84.51 91.84
C LEU NA 190 -67.91 -84.70 90.46
N ASP NA 191 -67.23 -85.47 89.62
CA ASP NA 191 -67.72 -85.81 88.30
C ASP NA 191 -68.45 -87.14 88.33
N GLN NA 192 -69.63 -87.19 87.73
CA GLN NA 192 -70.35 -88.44 87.56
C GLN NA 192 -70.72 -88.58 86.09
N ALA NA 193 -70.10 -89.55 85.43
CA ALA NA 193 -70.37 -89.84 84.03
C ALA NA 193 -71.30 -91.05 83.96
N ASP NA 194 -72.29 -90.97 83.08
CA ASP NA 194 -73.25 -92.06 82.90
C ASP NA 194 -72.77 -92.93 81.75
N VAL NA 195 -72.46 -94.20 82.05
CA VAL NA 195 -71.97 -95.14 81.06
C VAL NA 195 -73.07 -96.15 80.78
N VAL NA 196 -73.19 -96.56 79.51
CA VAL NA 196 -74.18 -97.54 79.09
C VAL NA 196 -73.57 -98.44 78.03
N ASP NA 197 -73.96 -99.70 78.04
CA ASP NA 197 -73.60 -100.65 77.00
C ASP NA 197 -74.79 -101.53 76.64
N CYS NA 198 -74.87 -101.90 75.37
CA CYS NA 198 -75.94 -102.76 74.89
C CYS NA 198 -75.40 -103.92 74.06
N SER NA 199 -74.40 -104.62 74.59
CA SER NA 199 -73.88 -105.81 73.93
C SER NA 199 -74.88 -106.95 73.91
N THR NA 200 -75.91 -106.91 74.78
CA THR NA 200 -77.02 -107.84 74.65
C THR NA 200 -77.95 -107.44 73.51
N SER NA 201 -77.87 -106.19 73.05
CA SER NA 201 -78.72 -105.70 71.98
C SER NA 201 -77.98 -105.58 70.65
N VAL NA 202 -76.88 -104.82 70.62
CA VAL NA 202 -76.07 -104.64 69.43
C VAL NA 202 -74.71 -105.28 69.67
N CYS NA 203 -74.32 -106.19 68.79
CA CYS NA 203 -73.03 -106.88 68.93
C CYS NA 203 -71.86 -105.94 68.69
N GLY NA 204 -70.74 -106.26 69.34
CA GLY NA 204 -69.52 -105.49 69.18
C GLY NA 204 -69.55 -104.11 69.76
N GLU NA 205 -70.43 -103.85 70.73
CA GLU NA 205 -70.56 -102.54 71.34
C GLU NA 205 -69.92 -102.57 72.72
N LEU NA 206 -68.87 -101.80 72.89
CA LEU NA 206 -68.20 -101.62 74.17
C LEU NA 206 -68.85 -100.45 74.92
N PRO NA 207 -68.70 -100.40 76.25
CA PRO NA 207 -69.30 -99.30 77.02
C PRO NA 207 -68.72 -97.94 76.66
N LYS NA 208 -69.58 -96.93 76.75
CA LYS NA 208 -69.21 -95.55 76.43
C LYS NA 208 -70.06 -94.62 77.27
N VAL NA 209 -69.58 -93.39 77.43
CA VAL NA 209 -70.25 -92.37 78.24
C VAL NA 209 -71.15 -91.53 77.34
N ARG NA 210 -72.31 -91.15 77.86
CA ARG NA 210 -73.24 -90.32 77.08
C ARG NA 210 -73.23 -88.87 77.57
N TYR NA 211 -73.24 -88.66 78.89
CA TYR NA 211 -73.14 -87.31 79.45
C TYR NA 211 -72.37 -87.37 80.77
N THR NA 212 -71.94 -86.19 81.23
CA THR NA 212 -71.32 -86.05 82.55
C THR NA 212 -72.04 -84.93 83.30
N GLN NA 213 -72.11 -85.06 84.62
CA GLN NA 213 -72.71 -84.05 85.48
C GLN NA 213 -71.78 -83.78 86.66
N VAL NA 214 -71.49 -82.51 86.91
CA VAL NA 214 -70.51 -82.12 87.91
C VAL NA 214 -71.24 -81.51 89.11
N TRP NA 215 -70.51 -81.37 90.21
CA TRP NA 215 -70.94 -80.57 91.37
C TRP NA 215 -69.66 -80.03 92.00
N SER NA 216 -69.31 -78.80 91.61
CA SER NA 216 -68.11 -78.18 92.14
C SER NA 216 -68.40 -77.53 93.48
N HIS NA 217 -67.33 -77.19 94.19
CA HIS NA 217 -67.41 -76.40 95.41
C HIS NA 217 -66.26 -75.39 95.39
N ASP NA 218 -66.46 -74.26 96.05
CA ASP NA 218 -65.42 -73.24 96.10
C ASP NA 218 -65.54 -72.53 97.46
N VAL NA 219 -64.78 -73.01 98.43
CA VAL NA 219 -64.83 -72.51 99.79
C VAL NA 219 -63.71 -71.48 99.96
N THR NA 220 -64.04 -70.35 100.56
CA THR NA 220 -63.07 -69.29 100.83
C THR NA 220 -62.93 -69.14 102.34
N ILE NA 221 -61.73 -69.36 102.86
CA ILE NA 221 -61.46 -69.29 104.29
C ILE NA 221 -60.30 -68.34 104.50
N VAL NA 222 -60.53 -67.28 105.28
CA VAL NA 222 -59.45 -66.37 105.63
C VAL NA 222 -58.63 -66.99 106.77
N ALA NA 223 -57.34 -66.67 106.78
CA ALA NA 223 -56.37 -67.44 107.56
C ALA NA 223 -56.47 -67.17 109.05
N ASN NA 224 -56.86 -65.95 109.44
CA ASN NA 224 -56.96 -65.57 110.84
C ASN NA 224 -58.36 -65.77 111.41
N SER NA 225 -59.07 -66.78 110.93
CA SER NA 225 -60.45 -67.06 111.32
C SER NA 225 -60.54 -67.57 112.75
N THR NA 226 -61.75 -67.60 113.27
CA THR NA 226 -62.08 -68.33 114.48
C THR NA 226 -62.41 -69.77 114.06
N GLU NA 227 -62.19 -70.72 114.97
CA GLU NA 227 -62.53 -72.11 114.66
C GLU NA 227 -64.03 -72.31 114.57
N ALA NA 228 -64.79 -71.66 115.46
CA ALA NA 228 -66.24 -71.75 115.38
C ALA NA 228 -66.82 -70.93 114.22
N SER NA 229 -66.02 -70.08 113.60
CA SER NA 229 -66.44 -69.41 112.38
C SER NA 229 -66.40 -70.36 111.19
N ARG NA 230 -65.37 -71.20 111.11
CA ARG NA 230 -65.31 -72.18 110.04
C ARG NA 230 -66.19 -73.39 110.33
N LYS NA 231 -66.41 -73.69 111.61
CA LYS NA 231 -67.25 -74.83 111.97
C LYS NA 231 -68.72 -74.53 111.71
N SER NA 232 -69.13 -73.27 111.90
CA SER NA 232 -70.51 -72.91 111.63
C SER NA 232 -70.78 -72.77 110.14
N LEU NA 233 -69.77 -72.37 109.36
CA LEU NA 233 -69.92 -72.31 107.91
C LEU NA 233 -70.07 -73.69 107.32
N TYR NA 234 -69.36 -74.68 107.86
CA TYR NA 234 -69.50 -76.05 107.41
C TYR NA 234 -70.85 -76.62 107.80
N ASP NA 235 -71.29 -76.35 109.03
CA ASP NA 235 -72.55 -76.89 109.52
C ASP NA 235 -73.77 -76.28 108.84
N LEU NA 236 -73.65 -75.08 108.27
CA LEU NA 236 -74.75 -74.52 107.49
C LEU NA 236 -74.81 -75.13 106.10
N THR NA 237 -73.66 -75.31 105.46
CA THR NA 237 -73.63 -75.90 104.13
C THR NA 237 -73.99 -77.38 104.17
N LYS NA 238 -73.60 -78.09 105.24
CA LYS NA 238 -74.03 -79.47 105.42
C LYS NA 238 -75.54 -79.55 105.60
N SER NA 239 -76.12 -78.56 106.27
CA SER NA 239 -77.56 -78.53 106.47
C SER NA 239 -78.30 -77.92 105.29
N LEU NA 240 -77.59 -77.25 104.38
CA LEU NA 240 -78.24 -76.69 103.20
C LEU NA 240 -78.49 -77.77 102.16
N VAL NA 241 -77.48 -78.59 101.89
CA VAL NA 241 -77.60 -79.69 100.92
C VAL NA 241 -78.59 -80.74 101.44
N ALA NA 242 -78.70 -80.92 102.74
CA ALA NA 242 -79.58 -81.91 103.31
C ALA NA 242 -81.06 -81.49 103.31
N THR NA 243 -81.39 -80.29 102.85
CA THR NA 243 -82.77 -79.86 102.84
C THR NA 243 -83.54 -80.51 101.70
N SER NA 244 -84.86 -80.36 101.74
CA SER NA 244 -85.72 -80.89 100.69
C SER NA 244 -85.91 -79.91 99.53
N GLN NA 245 -85.34 -78.71 99.63
CA GLN NA 245 -85.50 -77.72 98.56
C GLN NA 245 -84.34 -77.76 97.58
N VAL NA 246 -83.13 -78.02 98.07
CA VAL NA 246 -81.98 -78.17 97.20
C VAL NA 246 -81.98 -79.55 96.55
N GLU NA 247 -82.72 -80.50 97.10
CA GLU NA 247 -82.97 -81.75 96.41
C GLU NA 247 -83.81 -81.52 95.16
N ASP NA 248 -84.91 -80.79 95.29
CA ASP NA 248 -85.77 -80.49 94.16
C ASP NA 248 -85.18 -79.47 93.21
N LEU NA 249 -84.20 -78.69 93.65
CA LEU NA 249 -83.53 -77.76 92.75
C LEU NA 249 -82.62 -78.48 91.78
N VAL NA 250 -82.06 -79.62 92.20
CA VAL NA 250 -81.19 -80.40 91.32
C VAL NA 250 -81.98 -81.45 90.55
N VAL NA 251 -82.89 -82.15 91.22
CA VAL NA 251 -83.64 -83.22 90.56
C VAL NA 251 -84.70 -82.64 89.63
N ASN NA 252 -85.57 -81.77 90.13
CA ASN NA 252 -86.72 -81.29 89.38
C ASN NA 252 -86.63 -79.83 88.96
N LEU NA 253 -85.50 -79.16 89.21
CA LEU NA 253 -85.24 -77.77 88.81
C LEU NA 253 -86.23 -76.77 89.40
N VAL NA 254 -86.81 -77.08 90.55
CA VAL NA 254 -87.70 -76.15 91.25
C VAL NA 254 -86.85 -75.12 91.97
N PRO NA 255 -87.08 -73.81 91.77
CA PRO NA 255 -86.31 -72.81 92.51
C PRO NA 255 -86.62 -72.82 93.99
N LEU NA 256 -85.70 -72.21 94.75
CA LEU NA 256 -85.76 -72.27 96.20
C LEU NA 256 -86.83 -71.32 96.75
N GLY NA 257 -87.22 -71.57 98.00
CA GLY NA 257 -88.17 -70.71 98.67
C GLY NA 257 -89.57 -71.29 98.75
N ARG NA 258 -89.99 -71.66 99.95
CA ARG NA 258 -91.33 -72.20 100.16
C ARG NA 258 -92.12 -71.33 101.12
N SER OA 1 92.45 -111.39 49.78
CA SER OA 1 92.48 -110.02 50.26
C SER OA 1 92.15 -109.96 51.75
N LYS OA 2 91.14 -109.17 52.10
CA LYS OA 2 90.69 -109.02 53.48
C LYS OA 2 89.43 -109.85 53.68
N THR OA 3 89.44 -110.70 54.70
CA THR OA 3 88.40 -111.71 54.87
C THR OA 3 87.71 -111.60 56.21
N ILE OA 4 86.43 -112.00 56.24
CA ILE OA 4 85.68 -112.25 57.46
C ILE OA 4 85.28 -113.73 57.44
N VAL OA 5 85.43 -114.39 58.58
CA VAL OA 5 85.13 -115.82 58.69
C VAL OA 5 83.90 -115.97 59.58
N LEU OA 6 82.83 -116.52 59.03
CA LEU OA 6 81.57 -116.73 59.75
C LEU OA 6 81.42 -118.23 60.00
N SER OA 7 81.76 -118.67 61.21
CA SER OA 7 81.63 -120.08 61.56
C SER OA 7 80.19 -120.40 61.90
N VAL OA 8 79.62 -121.39 61.20
CA VAL OA 8 78.20 -121.72 61.33
C VAL OA 8 78.17 -123.11 61.96
N GLY OA 9 79.14 -123.36 62.84
CA GLY OA 9 79.29 -124.67 63.44
C GLY OA 9 80.68 -125.21 63.16
N GLU OA 10 80.76 -126.23 62.31
CA GLU OA 10 82.03 -126.65 61.76
C GLU OA 10 82.27 -126.12 60.35
N ALA OA 11 81.21 -125.71 59.67
CA ALA OA 11 81.35 -125.10 58.35
C ALA OA 11 81.68 -123.63 58.50
N THR OA 12 82.79 -123.20 57.89
CA THR OA 12 83.21 -121.81 57.91
C THR OA 12 83.00 -121.22 56.53
N ARG OA 13 82.33 -120.08 56.46
CA ARG OA 13 82.01 -119.42 55.20
C ARG OA 13 82.78 -118.10 55.15
N THR OA 14 83.80 -118.06 54.29
CA THR OA 14 84.72 -116.94 54.25
C THR OA 14 84.31 -115.95 53.16
N LEU OA 15 83.99 -114.73 53.57
CA LEU OA 15 83.69 -113.65 52.62
C LEU OA 15 84.95 -112.85 52.34
N THR OA 16 85.18 -112.56 51.06
CA THR OA 16 86.33 -111.75 50.67
C THR OA 16 85.84 -110.41 50.17
N GLU OA 17 86.72 -109.41 50.25
CA GLU OA 17 86.33 -108.04 49.99
C GLU OA 17 86.39 -107.73 48.51
N ILE OA 18 85.33 -107.13 47.97
CA ILE OA 18 85.26 -106.76 46.57
C ILE OA 18 85.16 -105.26 46.36
N GLN OA 19 85.12 -104.46 47.41
CA GLN OA 19 85.02 -103.01 47.29
C GLN OA 19 85.53 -102.37 48.55
N SER OA 20 86.25 -101.25 48.40
CA SER OA 20 86.74 -100.47 49.53
C SER OA 20 86.64 -99.00 49.14
N THR OA 21 85.54 -98.37 49.51
CA THR OA 21 85.36 -96.94 49.27
C THR OA 21 85.85 -96.24 50.53
N ALA OA 22 85.58 -94.93 50.67
CA ALA OA 22 85.97 -94.22 51.87
C ALA OA 22 85.16 -94.68 53.07
N ASP OA 23 83.88 -94.96 52.87
CA ASP OA 23 83.02 -95.49 53.92
C ASP OA 23 82.48 -96.89 53.63
N ARG OA 24 81.92 -97.11 52.44
CA ARG OA 24 81.33 -98.39 52.11
C ARG OA 24 82.42 -99.45 51.90
N GLN OA 25 82.06 -100.70 52.21
CA GLN OA 25 83.04 -101.78 52.22
C GLN OA 25 82.28 -103.08 51.99
N ILE OA 26 82.32 -103.58 50.77
CA ILE OA 26 81.47 -104.70 50.35
C ILE OA 26 82.28 -105.98 50.38
N PHE OA 27 81.73 -107.00 51.02
CA PHE OA 27 82.30 -108.34 51.06
C PHE OA 27 81.41 -109.29 50.29
N GLU OA 28 81.98 -110.42 49.87
CA GLU OA 28 81.25 -111.39 49.08
C GLU OA 28 81.95 -112.73 49.17
N GLU OA 29 81.16 -113.81 49.25
CA GLU OA 29 81.71 -115.15 49.23
C GLU OA 29 82.01 -115.55 47.79
N LYS OA 30 83.06 -116.35 47.61
CA LYS OA 30 83.53 -116.70 46.28
C LYS OA 30 83.24 -118.14 45.89
N VAL OA 31 82.59 -118.91 46.75
CA VAL OA 31 82.30 -120.30 46.45
C VAL OA 31 80.91 -120.40 45.80
N GLY OA 32 80.85 -121.06 44.65
CA GLY OA 32 79.59 -121.34 44.02
C GLY OA 32 79.40 -120.63 42.69
N PRO OA 33 78.14 -120.54 42.22
CA PRO OA 33 77.86 -119.80 40.99
C PRO OA 33 78.07 -118.30 41.13
N LEU OA 34 78.11 -117.60 40.00
CA LEU OA 34 78.49 -116.19 39.99
C LEU OA 34 77.30 -115.25 40.11
N VAL OA 35 76.07 -115.76 40.11
CA VAL OA 35 74.91 -114.88 40.07
C VAL OA 35 74.31 -114.66 41.45
N GLY OA 36 74.33 -115.67 42.32
CA GLY OA 36 73.81 -115.50 43.66
C GLY OA 36 74.80 -115.88 44.73
N ARG OA 37 75.27 -114.91 45.51
CA ARG OA 37 76.27 -115.13 46.54
C ARG OA 37 75.92 -114.29 47.75
N LEU OA 38 76.62 -114.55 48.86
CA LEU OA 38 76.46 -113.71 50.05
C LEU OA 38 77.02 -112.32 49.80
N ARG OA 39 76.61 -111.39 50.66
CA ARG OA 39 76.96 -110.00 50.53
C ARG OA 39 76.94 -109.37 51.91
N LEU OA 40 77.88 -108.45 52.15
CA LEU OA 40 77.96 -107.80 53.45
C LEU OA 40 78.40 -106.37 53.19
N THR OA 41 77.45 -105.45 53.18
CA THR OA 41 77.71 -104.05 52.85
C THR OA 41 77.92 -103.30 54.16
N ALA OA 42 79.17 -103.30 54.64
CA ALA OA 42 79.50 -102.57 55.85
C ALA OA 42 79.67 -101.08 55.54
N SER OA 43 79.56 -100.26 56.58
CA SER OA 43 79.64 -98.82 56.42
C SER OA 43 80.01 -98.21 57.77
N LEU OA 44 80.37 -96.93 57.73
CA LEU OA 44 80.64 -96.14 58.92
C LEU OA 44 80.56 -94.68 58.54
N ARG OA 45 80.01 -93.86 59.44
CA ARG OA 45 79.79 -92.44 59.18
C ARG OA 45 79.98 -91.67 60.47
N GLN OA 46 79.91 -90.35 60.37
CA GLN OA 46 79.71 -89.48 61.52
C GLN OA 46 78.91 -88.26 61.07
N ASN OA 47 77.59 -88.33 61.24
CA ASN OA 47 76.69 -87.32 60.72
C ASN OA 47 76.49 -86.22 61.75
N GLY OA 48 76.30 -85.00 61.26
CA GLY OA 48 76.06 -83.85 62.12
C GLY OA 48 77.32 -83.13 62.50
N ALA OA 49 77.38 -82.65 63.75
CA ALA OA 49 78.54 -81.90 64.24
C ALA OA 49 79.55 -82.82 64.91
N LYS OA 50 79.91 -83.89 64.20
CA LYS OA 50 81.02 -84.79 64.53
C LYS OA 50 80.87 -85.46 65.89
N THR OA 51 79.62 -85.66 66.34
CA THR OA 51 79.39 -86.13 67.70
C THR OA 51 78.85 -87.55 67.80
N ALA OA 52 78.33 -88.10 66.71
CA ALA OA 52 77.71 -89.43 66.76
C ALA OA 52 78.08 -90.19 65.50
N TYR OA 53 78.54 -91.42 65.67
CA TYR OA 53 78.86 -92.30 64.55
C TYR OA 53 77.62 -93.10 64.15
N ARG OA 54 77.76 -93.86 63.06
CA ARG OA 54 76.65 -94.66 62.57
C ARG OA 54 77.21 -95.86 61.83
N VAL OA 55 77.24 -97.01 62.50
CA VAL OA 55 77.58 -98.27 61.86
C VAL OA 55 76.36 -98.80 61.13
N ASN OA 56 76.58 -99.42 59.97
CA ASN OA 56 75.45 -99.83 59.14
C ASN OA 56 75.87 -101.08 58.36
N LEU OA 57 75.50 -102.25 58.88
CA LEU OA 57 75.73 -103.51 58.20
C LEU OA 57 74.49 -103.94 57.43
N LYS OA 58 74.68 -104.84 56.46
CA LYS OA 58 73.58 -105.34 55.65
C LYS OA 58 74.02 -106.69 55.08
N LEU OA 59 73.44 -107.77 55.58
CA LEU OA 59 73.80 -109.11 55.16
C LEU OA 59 72.72 -109.65 54.23
N ASP OA 60 72.95 -109.55 52.93
CA ASP OA 60 72.02 -110.11 51.96
C ASP OA 60 72.25 -111.61 51.82
N GLN OA 61 71.22 -112.31 51.36
CA GLN OA 61 71.33 -113.74 51.09
C GLN OA 61 70.35 -114.09 49.99
N ALA OA 62 70.88 -114.49 48.84
CA ALA OA 62 70.06 -114.84 47.69
C ALA OA 62 69.94 -116.35 47.59
N ASP OA 63 68.74 -116.82 47.24
CA ASP OA 63 68.50 -118.24 47.06
C ASP OA 63 68.52 -118.54 45.57
N VAL OA 64 69.65 -119.01 45.08
CA VAL OA 64 69.82 -119.32 43.67
C VAL OA 64 69.40 -120.76 43.43
N VAL OA 65 68.84 -121.02 42.26
CA VAL OA 65 68.42 -122.35 41.86
C VAL OA 65 68.80 -122.55 40.40
N ASP OA 66 69.33 -123.72 40.07
CA ASP OA 66 69.67 -124.08 38.70
C ASP OA 66 69.16 -125.48 38.41
N CYS OA 67 68.26 -125.58 37.44
CA CYS OA 67 67.66 -126.85 37.02
C CYS OA 67 67.81 -127.03 35.52
N SER OA 68 69.04 -126.89 35.02
CA SER OA 68 69.33 -127.24 33.64
C SER OA 68 69.24 -128.74 33.40
N THR OA 69 69.27 -129.55 34.46
CA THR OA 69 69.05 -130.99 34.32
C THR OA 69 67.61 -131.28 33.90
N SER OA 70 66.65 -130.59 34.49
CA SER OA 70 65.25 -130.83 34.15
C SER OA 70 64.85 -130.08 32.87
N VAL OA 71 64.94 -128.76 32.90
CA VAL OA 71 64.61 -127.94 31.74
C VAL OA 71 65.87 -127.78 30.90
N CYS OA 72 65.85 -128.29 29.68
CA CYS OA 72 67.02 -128.23 28.81
C CYS OA 72 67.15 -126.85 28.20
N GLY OA 73 68.16 -126.10 28.65
CA GLY OA 73 68.45 -124.81 28.09
C GLY OA 73 68.28 -123.62 29.02
N GLU OA 74 68.27 -123.83 30.33
CA GLU OA 74 68.11 -122.75 31.28
C GLU OA 74 69.36 -122.60 32.13
N LEU OA 75 69.49 -121.43 32.76
CA LEU OA 75 70.69 -121.01 33.47
C LEU OA 75 70.35 -120.81 34.94
N PRO OA 76 71.33 -120.68 35.84
CA PRO OA 76 71.02 -120.36 37.24
C PRO OA 76 70.39 -118.98 37.39
N LYS OA 77 69.49 -118.87 38.37
CA LYS OA 77 68.63 -117.71 38.50
C LYS OA 77 68.32 -117.51 39.97
N VAL OA 78 68.13 -116.25 40.36
CA VAL OA 78 67.86 -115.89 41.75
C VAL OA 78 66.36 -115.83 41.96
N ARG OA 79 65.87 -116.58 42.96
CA ARG OA 79 64.45 -116.55 43.27
C ARG OA 79 64.11 -115.35 44.15
N TYR OA 80 64.68 -115.29 45.35
CA TYR OA 80 64.39 -114.23 46.30
C TYR OA 80 65.65 -113.88 47.08
N THR OA 81 65.61 -112.75 47.78
CA THR OA 81 66.68 -112.32 48.66
C THR OA 81 66.11 -112.00 50.03
N GLN OA 82 66.83 -112.41 51.07
CA GLN OA 82 66.46 -112.15 52.45
C GLN OA 82 67.62 -111.45 53.14
N VAL OA 83 67.37 -110.25 53.66
CA VAL OA 83 68.43 -109.42 54.22
C VAL OA 83 68.29 -109.38 55.75
N TRP OA 84 69.35 -108.90 56.40
CA TRP OA 84 69.34 -108.64 57.83
C TRP OA 84 70.26 -107.44 58.06
N SER OA 85 69.67 -106.25 58.14
CA SER OA 85 70.47 -105.06 58.32
C SER OA 85 70.69 -104.77 59.81
N HIS OA 86 71.63 -103.87 60.08
CA HIS OA 86 71.87 -103.34 61.41
C HIS OA 86 72.08 -101.84 61.29
N ASP OA 87 71.71 -101.12 62.34
CA ASP OA 87 71.87 -99.66 62.36
C ASP OA 87 72.28 -99.26 63.77
N VAL OA 88 73.56 -99.21 64.02
CA VAL OA 88 74.11 -98.91 65.34
C VAL OA 88 74.40 -97.42 65.40
N THR OA 89 74.05 -96.79 66.52
CA THR OA 89 74.33 -95.37 66.75
C THR OA 89 75.22 -95.26 67.97
N ILE OA 90 76.42 -94.71 67.79
CA ILE OA 90 77.41 -94.57 68.85
C ILE OA 90 77.77 -93.10 68.96
N VAL OA 91 77.59 -92.53 70.14
CA VAL OA 91 77.99 -91.16 70.39
C VAL OA 91 79.48 -91.14 70.73
N ALA OA 92 80.16 -90.06 70.32
CA ALA OA 92 81.62 -90.08 70.25
C ALA OA 92 82.27 -89.98 71.62
N ASN OA 93 81.63 -89.33 72.59
CA ASN OA 93 82.20 -89.16 73.92
C ASN OA 93 81.74 -90.24 74.90
N SER OA 94 81.50 -91.45 74.42
CA SER OA 94 80.97 -92.51 75.26
C SER OA 94 82.03 -93.08 76.18
N THR OA 95 81.58 -93.88 77.13
CA THR OA 95 82.44 -94.73 77.93
C THR OA 95 82.63 -96.04 77.18
N GLU OA 96 83.85 -96.60 77.25
CA GLU OA 96 84.12 -97.86 76.57
C GLU OA 96 83.33 -99.02 77.18
N ALA OA 97 82.99 -98.94 78.47
CA ALA OA 97 82.16 -99.95 79.07
C ALA OA 97 80.70 -99.84 78.64
N SER OA 98 80.28 -98.68 78.13
CA SER OA 98 78.92 -98.54 77.64
C SER OA 98 78.82 -99.05 76.20
N ARG OA 99 79.88 -98.86 75.42
CA ARG OA 99 79.93 -99.43 74.08
C ARG OA 99 80.09 -100.95 74.10
N LYS OA 100 80.77 -101.48 75.11
CA LYS OA 100 80.93 -102.93 75.22
C LYS OA 100 79.64 -103.57 75.71
N SER OA 101 78.89 -102.88 76.57
CA SER OA 101 77.63 -103.43 77.08
C SER OA 101 76.56 -103.45 76.00
N LEU OA 102 76.57 -102.45 75.12
CA LEU OA 102 75.62 -102.45 74.00
C LEU OA 102 75.92 -103.58 73.03
N TYR OA 103 77.19 -103.93 72.87
CA TYR OA 103 77.53 -105.06 72.01
C TYR OA 103 77.20 -106.39 72.69
N ASP OA 104 77.43 -106.49 73.99
CA ASP OA 104 77.19 -107.74 74.70
C ASP OA 104 75.70 -108.03 74.88
N LEU OA 105 74.84 -107.01 74.84
CA LEU OA 105 73.41 -107.25 74.93
C LEU OA 105 72.84 -107.68 73.58
N THR OA 106 73.33 -107.10 72.49
CA THR OA 106 72.83 -107.45 71.17
C THR OA 106 73.39 -108.79 70.71
N LYS OA 107 74.62 -109.12 71.13
CA LYS OA 107 75.17 -110.45 70.85
C LYS OA 107 74.38 -111.53 71.57
N SER OA 108 73.83 -111.22 72.73
CA SER OA 108 72.99 -112.15 73.46
C SER OA 108 71.53 -112.04 73.10
N LEU OA 109 71.11 -110.94 72.46
CA LEU OA 109 69.75 -110.85 71.94
C LEU OA 109 69.56 -111.79 70.76
N VAL OA 110 70.50 -111.78 69.82
CA VAL OA 110 70.39 -112.62 68.63
C VAL OA 110 70.57 -114.09 69.00
N ALA OA 111 71.36 -114.38 70.03
CA ALA OA 111 71.66 -115.76 70.37
C ALA OA 111 70.59 -116.43 71.23
N THR OA 112 69.45 -115.81 71.46
CA THR OA 112 68.42 -116.44 72.27
C THR OA 112 67.44 -117.20 71.40
N SER OA 113 66.63 -118.05 72.04
CA SER OA 113 65.67 -118.88 71.33
C SER OA 113 64.37 -118.16 71.00
N GLN OA 114 64.21 -116.92 71.44
CA GLN OA 114 62.98 -116.18 71.13
C GLN OA 114 63.13 -115.34 69.87
N VAL OA 115 64.35 -114.90 69.56
CA VAL OA 115 64.58 -114.18 68.31
C VAL OA 115 64.78 -115.18 67.17
N GLU OA 116 65.26 -116.39 67.49
CA GLU OA 116 65.39 -117.44 66.49
C GLU OA 116 64.03 -117.86 65.95
N ASP OA 117 63.05 -118.07 66.83
CA ASP OA 117 61.71 -118.42 66.37
C ASP OA 117 60.96 -117.24 65.78
N LEU OA 118 61.44 -116.01 66.02
CA LEU OA 118 60.78 -114.84 65.46
C LEU OA 118 61.09 -114.67 63.98
N VAL OA 119 62.27 -115.09 63.53
CA VAL OA 119 62.64 -114.91 62.14
C VAL OA 119 62.45 -116.22 61.36
N VAL OA 120 62.48 -117.34 62.06
CA VAL OA 120 62.27 -118.62 61.38
C VAL OA 120 60.80 -118.97 61.30
N ASN OA 121 60.13 -119.06 62.45
CA ASN OA 121 58.75 -119.52 62.51
C ASN OA 121 57.77 -118.40 62.82
N LEU OA 122 58.22 -117.15 62.84
CA LEU OA 122 57.41 -115.93 62.97
C LEU OA 122 56.64 -115.87 64.29
N VAL OA 123 57.12 -116.55 65.32
CA VAL OA 123 56.48 -116.51 66.63
C VAL OA 123 56.85 -115.19 67.32
N PRO OA 124 55.90 -114.47 67.91
CA PRO OA 124 56.23 -113.20 68.56
C PRO OA 124 57.06 -113.39 69.83
N LEU OA 125 57.55 -112.27 70.35
CA LEU OA 125 58.49 -112.28 71.44
C LEU OA 125 57.79 -112.41 72.79
N GLY OA 126 58.51 -112.97 73.76
CA GLY OA 126 58.02 -113.05 75.12
C GLY OA 126 57.39 -114.39 75.46
N ARG OA 127 57.90 -115.04 76.50
CA ARG OA 127 57.36 -116.29 77.00
C ARG OA 127 57.16 -116.16 78.50
N ALA OA 128 55.92 -116.31 78.95
CA ALA OA 128 55.58 -116.13 80.36
C ALA OA 128 55.93 -117.39 81.14
N TYR OA 129 57.00 -117.34 81.93
CA TYR OA 129 57.40 -118.43 82.81
C TYR OA 129 57.19 -117.96 84.25
N GLY OA 130 55.96 -118.13 84.72
CA GLY OA 130 55.59 -117.71 86.07
C GLY OA 130 55.65 -116.21 86.28
N GLY OA 131 54.79 -115.48 85.59
CA GLY OA 131 54.78 -114.03 85.71
C GLY OA 131 54.43 -113.33 84.41
N SER OA 132 55.19 -112.29 84.06
CA SER OA 132 54.93 -111.54 82.86
C SER OA 132 55.67 -112.15 81.67
N LYS OA 133 55.42 -111.61 80.49
CA LYS OA 133 56.14 -112.02 79.28
C LYS OA 133 57.53 -111.42 79.33
N THR OA 134 58.55 -112.26 79.52
CA THR OA 134 59.90 -111.81 79.79
C THR OA 134 60.86 -112.30 78.72
N ILE OA 135 61.95 -111.55 78.54
CA ILE OA 135 63.09 -111.96 77.75
C ILE OA 135 64.31 -111.92 78.67
N VAL OA 136 65.16 -112.94 78.60
CA VAL OA 136 66.35 -113.02 79.42
C VAL OA 136 67.56 -112.86 78.52
N LEU OA 137 68.41 -111.87 78.83
CA LEU OA 137 69.62 -111.57 78.07
C LEU OA 137 70.82 -111.83 78.96
N SER OA 138 71.35 -113.04 78.93
CA SER OA 138 72.51 -113.39 79.73
C SER OA 138 73.77 -112.77 79.17
N VAL OA 139 74.55 -112.14 80.03
CA VAL OA 139 75.77 -111.45 79.63
C VAL OA 139 76.88 -112.25 80.32
N GLY OA 140 76.67 -113.56 80.40
CA GLY OA 140 77.57 -114.41 81.16
C GLY OA 140 76.84 -115.00 82.35
N GLU OA 141 77.16 -114.51 83.55
CA GLU OA 141 76.39 -114.86 84.74
C GLU OA 141 75.35 -113.80 85.09
N ALA OA 142 75.54 -112.56 84.65
CA ALA OA 142 74.55 -111.53 84.87
C ALA OA 142 73.42 -111.67 83.85
N THR OA 143 72.19 -111.79 84.35
CA THR OA 143 71.00 -111.92 83.51
C THR OA 143 70.16 -110.67 83.68
N ARG OA 144 69.76 -110.07 82.56
CA ARG OA 144 68.96 -108.84 82.56
C ARG OA 144 67.60 -109.16 81.98
N THR OA 145 66.59 -109.24 82.83
CA THR OA 145 65.25 -109.70 82.44
C THR OA 145 64.40 -108.50 82.05
N LEU OA 146 63.91 -108.50 80.81
CA LEU OA 146 63.06 -107.43 80.33
C LEU OA 146 61.60 -107.89 80.26
N THR OA 147 60.73 -107.20 80.99
CA THR OA 147 59.32 -107.53 81.04
C THR OA 147 58.53 -106.66 80.08
N GLU OA 148 57.46 -107.22 79.54
CA GLU OA 148 56.68 -106.53 78.51
C GLU OA 148 55.80 -105.46 79.14
N ILE OA 149 55.80 -104.28 78.54
CA ILE OA 149 55.03 -103.16 79.07
C ILE OA 149 53.88 -102.74 78.15
N GLN OA 150 53.91 -103.12 76.86
CA GLN OA 150 52.91 -102.65 75.90
C GLN OA 150 52.98 -103.53 74.67
N SER OA 151 51.82 -104.02 74.22
CA SER OA 151 51.72 -104.83 73.01
C SER OA 151 50.49 -104.38 72.24
N THR OA 152 50.67 -103.43 71.33
CA THR OA 152 49.60 -102.99 70.45
C THR OA 152 49.54 -103.92 69.24
N ALA OA 153 48.81 -103.50 68.20
CA ALA OA 153 48.70 -104.32 67.00
C ALA OA 153 50.01 -104.39 66.23
N ASP OA 154 50.82 -103.33 66.30
CA ASP OA 154 52.10 -103.29 65.59
C ASP OA 154 53.30 -103.48 66.52
N ARG OA 155 53.43 -102.64 67.55
CA ARG OA 155 54.62 -102.67 68.37
C ARG OA 155 54.51 -103.70 69.49
N GLN OA 156 55.65 -104.00 70.10
CA GLN OA 156 55.69 -104.88 71.26
C GLN OA 156 56.91 -104.45 72.08
N ILE OA 157 56.68 -103.62 73.08
CA ILE OA 157 57.74 -102.92 73.80
C ILE OA 157 58.08 -103.68 75.07
N PHE OA 158 59.35 -104.02 75.23
CA PHE OA 158 59.89 -104.61 76.45
C PHE OA 158 60.75 -103.58 77.15
N GLU OA 159 60.95 -103.78 78.46
CA GLU OA 159 61.68 -102.82 79.27
C GLU OA 159 62.12 -103.49 80.56
N GLU OA 160 63.34 -103.20 81.00
CA GLU OA 160 63.81 -103.68 82.29
C GLU OA 160 63.12 -102.89 83.40
N LYS OA 161 63.05 -103.50 84.59
CA LYS OA 161 62.29 -102.92 85.68
C LYS OA 161 63.11 -102.56 86.90
N VAL OA 162 64.37 -102.98 86.98
CA VAL OA 162 65.20 -102.62 88.11
C VAL OA 162 65.80 -101.24 87.88
N GLY OA 163 66.30 -100.63 88.95
CA GLY OA 163 66.98 -99.36 88.87
C GLY OA 163 66.03 -98.18 88.84
N PRO OA 164 66.54 -97.01 88.47
CA PRO OA 164 65.69 -95.81 88.40
C PRO OA 164 64.72 -95.87 87.24
N LEU OA 165 63.73 -94.99 87.28
CA LEU OA 165 62.69 -94.95 86.26
C LEU OA 165 63.04 -94.09 85.06
N VAL OA 166 64.15 -93.35 85.12
CA VAL OA 166 64.43 -92.37 84.07
C VAL OA 166 65.21 -93.01 82.92
N GLY OA 167 66.11 -93.95 83.20
CA GLY OA 167 66.84 -94.62 82.15
C GLY OA 167 66.82 -96.12 82.31
N ARG OA 168 66.21 -96.82 81.36
CA ARG OA 168 66.09 -98.27 81.43
C ARG OA 168 66.26 -98.86 80.05
N LEU OA 169 66.50 -100.17 80.01
CA LEU OA 169 66.65 -100.88 78.75
C LEU OA 169 65.32 -100.92 78.00
N ARG OA 170 65.40 -101.12 76.68
CA ARG OA 170 64.22 -101.15 75.84
C ARG OA 170 64.39 -102.23 74.79
N LEU OA 171 63.27 -102.68 74.25
CA LEU OA 171 63.28 -103.63 73.14
C LEU OA 171 61.97 -103.42 72.39
N THR OA 172 62.04 -102.69 71.28
CA THR OA 172 60.85 -102.33 70.50
C THR OA 172 60.76 -103.24 69.29
N ALA OA 173 60.11 -104.38 69.46
CA ALA OA 173 59.89 -105.28 68.33
C ALA OA 173 58.61 -104.91 67.59
N SER OA 174 58.57 -105.25 66.31
CA SER OA 174 57.38 -105.09 65.51
C SER OA 174 57.46 -106.09 64.35
N LEU OA 175 56.40 -106.12 63.55
CA LEU OA 175 56.29 -107.08 62.46
C LEU OA 175 55.26 -106.55 61.48
N ARG OA 176 55.62 -106.52 60.19
CA ARG OA 176 54.74 -106.00 59.16
C ARG OA 176 54.71 -106.98 58.00
N GLN OA 177 53.85 -106.68 57.02
CA GLN OA 177 53.93 -107.30 55.71
C GLN OA 177 53.43 -106.29 54.68
N ASN OA 178 54.36 -105.75 53.91
CA ASN OA 178 54.05 -104.70 52.95
C ASN OA 178 53.91 -105.28 51.55
N GLY OA 179 52.96 -104.73 50.79
CA GLY OA 179 52.72 -105.17 49.44
C GLY OA 179 51.59 -106.16 49.36
N ALA OA 180 51.69 -107.11 48.43
CA ALA OA 180 50.63 -108.11 48.24
C ALA OA 180 50.89 -109.37 49.06
N LYS OA 181 51.13 -109.18 50.37
CA LYS OA 181 51.28 -110.24 51.37
C LYS OA 181 52.40 -111.21 51.02
N THR OA 182 53.48 -110.71 50.42
CA THR OA 182 54.54 -111.57 49.92
C THR OA 182 55.83 -111.51 50.72
N ALA OA 183 56.03 -110.46 51.52
CA ALA OA 183 57.28 -110.32 52.27
C ALA OA 183 56.98 -109.74 53.64
N TYR OA 184 57.62 -110.29 54.66
CA TYR OA 184 57.48 -109.81 56.02
C TYR OA 184 58.57 -108.79 56.34
N ARG OA 185 58.50 -108.21 57.53
CA ARG OA 185 59.49 -107.22 57.96
C ARG OA 185 59.57 -107.26 59.48
N VAL OA 186 60.56 -107.97 60.00
CA VAL OA 186 60.84 -107.98 61.43
C VAL OA 186 61.71 -106.78 61.76
N ASN OA 187 61.45 -106.13 62.88
CA ASN OA 187 62.14 -104.88 63.20
C ASN OA 187 62.40 -104.83 64.71
N LEU OA 188 63.60 -105.21 65.12
CA LEU OA 188 64.04 -105.13 66.49
C LEU OA 188 64.84 -103.86 66.71
N LYS OA 189 64.87 -103.40 67.97
CA LYS OA 189 65.58 -102.17 68.31
C LYS OA 189 65.84 -102.16 69.81
N LEU OA 190 67.11 -102.04 70.21
CA LEU OA 190 67.49 -102.06 71.61
C LEU OA 190 68.08 -100.70 71.99
N ASP OA 191 67.39 -99.98 72.86
CA ASP OA 191 67.85 -98.72 73.38
C ASP OA 191 68.58 -98.92 74.70
N GLN OA 192 69.75 -98.30 74.82
CA GLN OA 192 70.49 -98.30 76.07
C GLN OA 192 70.87 -96.86 76.39
N ALA OA 193 70.31 -96.33 77.47
CA ALA OA 193 70.61 -94.99 77.94
C ALA OA 193 71.55 -95.06 79.12
N ASP OA 194 72.53 -94.17 79.16
CA ASP OA 194 73.51 -94.13 80.23
C ASP OA 194 73.04 -93.12 81.27
N VAL OA 195 72.68 -93.61 82.45
CA VAL OA 195 72.19 -92.77 83.53
C VAL OA 195 73.30 -92.61 84.56
N VAL OA 196 73.39 -91.43 85.17
CA VAL OA 196 74.40 -91.15 86.18
C VAL OA 196 73.77 -90.30 87.27
N ASP OA 197 74.22 -90.53 88.52
CA ASP OA 197 73.83 -89.70 89.65
C ASP OA 197 75.04 -89.36 90.50
N CYS OA 198 75.04 -88.14 91.04
CA CYS OA 198 76.11 -87.70 91.92
C CYS OA 198 75.56 -87.03 93.16
N SER OA 199 74.57 -87.66 93.81
CA SER OA 199 74.05 -87.15 95.06
C SER OA 199 75.06 -87.26 96.21
N THR OA 200 76.08 -88.11 96.06
CA THR OA 200 77.19 -88.11 97.00
C THR OA 200 78.12 -86.94 96.76
N SER OA 201 78.04 -86.31 95.57
CA SER OA 201 78.90 -85.18 95.23
C SER OA 201 78.15 -83.85 95.30
N VAL OA 202 77.06 -83.71 94.55
CA VAL OA 202 76.25 -82.51 94.55
C VAL OA 202 74.89 -82.84 95.14
N CYS OA 203 74.48 -82.09 96.15
CA CYS OA 203 73.20 -82.32 96.81
C CYS OA 203 72.03 -81.96 95.92
N GLY OA 204 70.91 -82.64 96.15
CA GLY OA 204 69.69 -82.37 95.42
C GLY OA 204 69.72 -82.77 93.96
N GLU OA 205 70.61 -83.69 93.58
CA GLU OA 205 70.74 -84.12 92.20
C GLU OA 205 70.12 -85.50 92.05
N LEU OA 206 69.05 -85.56 91.28
CA LEU OA 206 68.39 -86.81 90.93
C LEU OA 206 69.04 -87.39 89.68
N PRO OA 207 68.91 -88.70 89.45
CA PRO OA 207 69.54 -89.31 88.26
C PRO OA 207 68.95 -88.79 86.95
N LYS OA 208 69.81 -88.72 85.94
CA LYS OA 208 69.43 -88.25 84.62
C LYS OA 208 70.28 -88.97 83.59
N VAL OA 209 69.78 -89.01 82.35
CA VAL OA 209 70.42 -89.72 81.26
C VAL OA 209 71.39 -88.80 80.55
N ARG OA 210 72.52 -89.35 80.12
CA ARG OA 210 73.49 -88.59 79.35
C ARG OA 210 73.21 -88.69 77.85
N TYR OA 211 73.27 -89.91 77.32
CA TYR OA 211 73.10 -90.19 75.90
C TYR OA 211 72.35 -91.50 75.74
N THR OA 212 71.96 -91.80 74.50
CA THR OA 212 71.37 -93.09 74.18
C THR OA 212 72.14 -93.69 73.01
N GLN OA 213 72.22 -95.02 72.98
CA GLN OA 213 72.85 -95.75 71.90
C GLN OA 213 71.93 -96.89 71.48
N VAL OA 214 71.61 -96.96 70.20
CA VAL OA 214 70.66 -97.93 69.69
C VAL OA 214 71.42 -99.05 68.98
N TRP OA 215 70.70 -100.13 68.69
CA TRP OA 215 71.15 -101.17 67.76
C TRP OA 215 69.88 -101.73 67.12
N SER OA 216 69.51 -101.15 65.99
CA SER OA 216 68.31 -101.58 65.30
C SER OA 216 68.59 -102.82 64.46
N HIS OA 217 67.50 -103.48 64.04
CA HIS OA 217 67.57 -104.58 63.09
C HIS OA 217 66.43 -104.42 62.11
N ASP OA 218 66.63 -104.92 60.90
CA ASP OA 218 65.58 -104.85 59.88
C ASP OA 218 65.71 -106.08 59.00
N VAL OA 219 64.95 -107.11 59.35
CA VAL OA 219 65.00 -108.40 58.67
C VAL OA 219 63.89 -108.43 57.64
N THR OA 220 64.21 -108.88 56.43
CA THR OA 220 63.23 -109.01 55.35
C THR OA 220 63.10 -110.49 55.01
N ILE OA 221 61.91 -111.04 55.17
CA ILE OA 221 61.63 -112.44 54.92
C ILE OA 221 60.47 -112.52 53.95
N VAL OA 222 60.70 -113.15 52.80
CA VAL OA 222 59.61 -113.39 51.84
C VAL OA 222 58.80 -114.58 52.31
N ALA OA 223 57.50 -114.56 51.99
CA ALA OA 223 56.53 -115.43 52.64
C ALA OA 223 56.64 -116.88 52.18
N ASN OA 224 57.03 -117.10 50.93
CA ASN OA 224 57.14 -118.44 50.36
C ASN OA 224 58.54 -119.03 50.49
N SER OA 225 59.25 -118.69 51.56
CA SER OA 225 60.63 -119.10 51.78
C SER OA 225 60.71 -120.59 52.10
N THR OA 226 61.94 -121.10 52.05
CA THR OA 226 62.26 -122.40 52.62
C THR OA 226 62.59 -122.18 54.09
N GLU OA 227 62.38 -123.21 54.91
CA GLU OA 227 62.71 -123.09 56.33
C GLU OA 227 64.22 -123.02 56.54
N ALA OA 228 64.98 -123.81 55.78
CA ALA OA 228 66.44 -123.75 55.87
C ALA OA 228 67.01 -122.49 55.22
N SER OA 229 66.20 -121.76 54.45
CA SER OA 229 66.62 -120.45 53.96
C SER OA 229 66.58 -119.41 55.05
N ARG OA 230 65.56 -119.43 55.90
CA ARG OA 230 65.49 -118.50 57.02
C ARG OA 230 66.37 -118.95 58.17
N LYS OA 231 66.60 -120.26 58.31
CA LYS OA 231 67.44 -120.77 59.38
C LYS OA 231 68.91 -120.46 59.12
N SER OA 232 69.31 -120.49 57.84
CA SER OA 232 70.70 -120.17 57.52
C SER OA 232 70.96 -118.68 57.57
N LEU OA 233 69.95 -117.85 57.27
CA LEU OA 233 70.11 -116.42 57.41
C LEU OA 233 70.25 -116.00 58.87
N TYR OA 234 69.54 -116.67 59.76
CA TYR OA 234 69.68 -116.40 61.19
C TYR OA 234 71.05 -116.87 61.70
N ASP OA 235 71.48 -118.05 61.27
CA ASP OA 235 72.74 -118.61 61.73
C ASP OA 235 73.96 -117.85 61.22
N LEU OA 236 73.84 -117.13 60.11
CA LEU OA 236 74.94 -116.28 59.65
C LEU OA 236 75.00 -114.98 60.43
N THR OA 237 73.84 -114.38 60.70
CA THR OA 237 73.82 -113.13 61.46
C THR OA 237 74.17 -113.36 62.92
N LYS OA 238 73.79 -114.51 63.48
CA LYS OA 238 74.22 -114.87 64.82
C LYS OA 238 75.74 -115.06 64.88
N SER OA 239 76.32 -115.59 63.80
CA SER OA 239 77.76 -115.78 63.75
C SER OA 239 78.50 -114.53 63.30
N LEU OA 240 77.78 -113.54 62.76
CA LEU OA 240 78.44 -112.29 62.36
C LEU OA 240 78.67 -111.40 63.57
N VAL OA 241 77.66 -111.25 64.43
CA VAL OA 241 77.80 -110.44 65.63
C VAL OA 241 78.78 -111.07 66.61
N ALA OA 242 78.89 -112.41 66.60
CA ALA OA 242 79.79 -113.10 67.52
C ALA OA 242 81.25 -113.04 67.08
N THR OA 243 81.58 -112.40 65.96
CA THR OA 243 82.96 -112.32 65.52
C THR OA 243 83.73 -111.29 66.34
N SER OA 244 85.06 -111.33 66.18
CA SER OA 244 85.91 -110.37 66.85
C SER OA 244 86.11 -109.10 66.03
N GLN OA 245 85.54 -109.04 64.83
CA GLN OA 245 85.70 -107.85 64.00
C GLN OA 245 84.53 -106.89 64.15
N VAL OA 246 83.32 -107.42 64.37
CA VAL OA 246 82.16 -106.58 64.61
C VAL OA 246 82.17 -106.08 66.05
N GLU OA 247 82.89 -106.76 66.94
CA GLU OA 247 83.14 -106.22 68.28
C GLU OA 247 83.99 -104.95 68.20
N ASP OA 248 85.09 -105.00 67.46
CA ASP OA 248 85.96 -103.84 67.32
C ASP OA 248 85.36 -102.77 66.43
N LEU OA 249 84.39 -103.10 65.60
CA LEU OA 249 83.71 -102.09 64.79
C LEU OA 249 82.79 -101.22 65.64
N VAL OA 250 82.25 -101.78 66.71
CA VAL OA 250 81.37 -101.03 67.60
C VAL OA 250 82.16 -100.39 68.74
N VAL OA 251 83.07 -101.15 69.35
CA VAL OA 251 83.82 -100.64 70.49
C VAL OA 251 84.88 -99.63 70.04
N ASN OA 252 85.75 -100.02 69.11
CA ASN OA 252 86.89 -99.20 68.74
C ASN OA 252 86.81 -98.60 67.35
N LEU OA 253 85.67 -98.76 66.65
CA LEU OA 253 85.41 -98.18 65.33
C LEU OA 253 86.41 -98.62 64.26
N VAL OA 254 86.98 -99.81 64.40
CA VAL OA 254 87.88 -100.36 63.39
C VAL OA 254 87.02 -100.94 62.28
N PRO OA 255 87.25 -100.58 61.02
CA PRO OA 255 86.49 -101.18 59.91
C PRO OA 255 86.78 -102.66 59.73
N LEU OA 256 85.88 -103.33 59.03
CA LEU OA 256 85.94 -104.78 58.90
C LEU OA 256 87.00 -105.20 57.89
N GLY OA 257 87.39 -106.47 57.97
CA GLY OA 257 88.34 -107.03 57.03
C GLY OA 257 89.73 -107.17 57.59
N ARG OA 258 90.17 -108.41 57.80
CA ARG OA 258 91.51 -108.67 58.30
C ARG OA 258 92.31 -109.52 57.30
N SER PA 1 9.26 -139.60 61.93
CA SER PA 1 9.83 -139.19 60.66
C SER PA 1 11.34 -139.39 60.66
N LYS PA 2 12.08 -138.33 60.34
CA LYS PA 2 13.53 -138.35 60.31
C LYS PA 2 14.05 -137.68 61.58
N THR PA 3 14.96 -138.36 62.28
CA THR PA 3 15.39 -137.94 63.60
C THR PA 3 16.88 -137.71 63.67
N ILE PA 4 17.29 -136.81 64.57
CA ILE PA 4 18.67 -136.65 64.99
C ILE PA 4 18.71 -136.89 66.50
N VAL PA 5 19.69 -137.67 66.95
CA VAL PA 5 19.82 -138.00 68.36
C VAL PA 5 21.05 -137.30 68.91
N LEU PA 6 20.86 -136.52 69.97
CA LEU PA 6 21.94 -135.74 70.58
C LEU PA 6 22.11 -136.23 72.01
N SER PA 7 23.16 -137.00 72.25
CA SER PA 7 23.42 -137.53 73.59
C SER PA 7 24.12 -136.48 74.44
N VAL PA 8 23.52 -136.15 75.57
CA VAL PA 8 23.93 -135.03 76.40
C VAL PA 8 24.46 -135.70 77.68
N GLY PA 9 25.05 -136.88 77.49
CA GLY PA 9 25.48 -137.71 78.59
C GLY PA 9 24.89 -139.10 78.42
N GLU PA 10 23.98 -139.47 79.31
CA GLU PA 10 23.12 -140.63 79.10
C GLU PA 10 21.72 -140.23 78.66
N ALA PA 11 21.34 -138.96 78.85
CA ALA PA 11 20.05 -138.47 78.37
C ALA PA 11 20.15 -138.16 76.89
N THR PA 12 19.29 -138.79 76.09
CA THR PA 12 19.26 -138.57 74.65
C THR PA 12 18.08 -137.67 74.31
N ARG PA 13 18.33 -136.65 73.51
CA ARG PA 13 17.32 -135.68 73.12
C ARG PA 13 17.07 -135.81 71.62
N THR PA 14 15.94 -136.39 71.25
CA THR PA 14 15.65 -136.74 69.86
C THR PA 14 14.80 -135.66 69.21
N LEU PA 15 15.33 -135.06 68.15
CA LEU PA 15 14.63 -134.02 67.39
C LEU PA 15 14.06 -134.60 66.10
N THR PA 16 12.76 -134.40 65.89
CA THR PA 16 12.10 -134.91 64.71
C THR PA 16 11.88 -133.79 63.71
N GLU PA 17 11.79 -134.16 62.44
CA GLU PA 17 11.73 -133.20 61.35
C GLU PA 17 10.32 -132.66 61.19
N ILE PA 18 10.21 -131.33 61.07
CA ILE PA 18 8.91 -130.68 60.85
C ILE PA 18 8.87 -129.92 59.53
N GLN PA 19 9.95 -129.89 58.75
CA GLN PA 19 9.95 -129.19 57.48
C GLN PA 19 11.03 -129.78 56.60
N SER PA 20 10.76 -129.86 55.30
CA SER PA 20 11.73 -130.34 54.32
C SER PA 20 11.50 -129.58 53.03
N THR PA 21 12.21 -128.47 52.85
CA THR PA 21 12.15 -127.71 51.61
C THR PA 21 13.27 -128.24 50.71
N ALA PA 22 13.59 -127.55 49.62
CA ALA PA 22 14.68 -127.99 48.75
C ALA PA 22 16.03 -127.79 49.44
N ASP PA 23 16.17 -126.72 50.21
CA ASP PA 23 17.39 -126.47 50.96
C ASP PA 23 17.19 -126.44 52.46
N ARG PA 24 16.18 -125.72 52.95
CA ARG PA 24 15.96 -125.62 54.39
C ARG PA 24 15.36 -126.91 54.93
N GLN PA 25 15.66 -127.21 56.18
CA GLN PA 25 15.31 -128.50 56.77
C GLN PA 25 15.26 -128.31 58.28
N ILE PA 26 14.05 -128.19 58.81
CA ILE PA 26 13.84 -127.73 60.19
C ILE PA 26 13.51 -128.93 61.07
N PHE PA 27 14.22 -129.06 62.18
CA PHE PA 27 13.98 -130.09 63.19
C PHE PA 27 13.48 -129.44 64.46
N GLU PA 28 12.86 -130.24 65.32
CA GLU PA 28 12.26 -129.75 66.55
C GLU PA 28 12.06 -130.92 67.49
N GLU PA 29 12.30 -130.68 68.78
CA GLU PA 29 12.03 -131.68 69.81
C GLU PA 29 10.56 -131.64 70.16
N LYS PA 30 10.02 -132.79 70.57
CA LYS PA 30 8.57 -132.93 70.71
C LYS PA 30 8.09 -133.09 72.13
N VAL PA 31 8.98 -133.16 73.12
CA VAL PA 31 8.54 -133.29 74.50
C VAL PA 31 8.43 -131.91 75.14
N GLY PA 32 7.51 -131.77 76.08
CA GLY PA 32 7.36 -130.55 76.84
C GLY PA 32 6.22 -129.70 76.34
N PRO PA 33 6.21 -128.42 76.74
CA PRO PA 33 5.18 -127.49 76.25
C PRO PA 33 5.33 -127.18 74.77
N LEU PA 34 4.30 -126.61 74.17
CA LEU PA 34 4.25 -126.39 72.73
C LEU PA 34 4.83 -125.04 72.30
N VAL PA 35 5.23 -124.20 73.24
CA VAL PA 35 5.61 -122.83 72.89
C VAL PA 35 7.13 -122.67 72.80
N GLY PA 36 7.90 -123.38 73.62
CA GLY PA 36 9.34 -123.29 73.53
C GLY PA 36 10.00 -124.66 73.47
N ARG PA 37 10.65 -124.95 72.35
CA ARG PA 37 11.31 -126.23 72.13
C ARG PA 37 12.63 -125.99 71.42
N LEU PA 38 13.45 -127.04 71.34
CA LEU PA 38 14.66 -126.98 70.53
C LEU PA 38 14.32 -126.82 69.05
N ARG PA 39 15.27 -126.26 68.31
CA ARG PA 39 15.06 -125.96 66.91
C ARG PA 39 16.40 -126.08 66.20
N LEU PA 40 16.39 -126.75 65.05
CA LEU PA 40 17.62 -127.00 64.31
C LEU PA 40 17.32 -126.73 62.84
N THR PA 41 17.81 -125.62 62.32
CA THR PA 41 17.49 -125.18 60.97
C THR PA 41 18.72 -125.46 60.11
N ALA PA 42 18.75 -126.64 59.51
CA ALA PA 42 19.84 -127.00 58.61
C ALA PA 42 19.57 -126.45 57.21
N SER PA 43 20.64 -126.34 56.44
CA SER PA 43 20.56 -125.80 55.09
C SER PA 43 21.77 -126.26 54.30
N LEU PA 44 21.69 -126.09 52.99
CA LEU PA 44 22.79 -126.41 52.08
C LEU PA 44 22.56 -125.65 50.78
N ARG PA 45 23.63 -125.11 50.20
CA ARG PA 45 23.54 -124.31 48.99
C ARG PA 45 24.75 -124.61 48.12
N GLN PA 46 24.79 -123.98 46.95
CA GLN PA 46 26.01 -123.86 46.15
C GLN PA 46 25.93 -122.53 45.40
N ASN PA 47 26.53 -121.50 45.98
CA ASN PA 47 26.40 -120.15 45.47
C ASN PA 47 27.52 -119.83 44.48
N GLY PA 48 27.20 -118.97 43.53
CA GLY PA 48 28.15 -118.56 42.51
C GLY PA 48 28.10 -119.46 41.30
N ALA PA 49 29.27 -119.75 40.71
CA ALA PA 49 29.34 -120.61 39.53
C ALA PA 49 29.58 -122.06 39.93
N LYS PA 50 28.75 -122.54 40.86
CA LYS PA 50 28.66 -123.95 41.29
C LYS PA 50 29.99 -124.52 41.79
N THR PA 51 30.82 -123.67 42.40
CA THR PA 51 32.16 -124.08 42.79
C THR PA 51 32.35 -124.29 44.29
N ALA PA 52 31.45 -123.78 45.12
CA ALA PA 52 31.60 -123.88 46.56
C ALA PA 52 30.23 -124.10 47.20
N TYR PA 53 30.16 -124.99 48.17
CA TYR PA 53 28.94 -125.24 48.92
C TYR PA 53 28.90 -124.36 50.16
N ARG PA 54 27.76 -124.40 50.86
CA ARG PA 54 27.60 -123.58 52.06
C ARG PA 54 26.62 -124.28 52.99
N VAL PA 55 27.15 -124.95 54.00
CA VAL PA 55 26.35 -125.54 55.06
C VAL PA 55 26.04 -124.46 56.09
N ASN PA 56 24.83 -124.48 56.65
CA ASN PA 56 24.41 -123.43 57.57
C ASN PA 56 23.47 -124.04 58.61
N LEU PA 57 24.02 -124.44 59.75
CA LEU PA 57 23.21 -124.94 60.86
C LEU PA 57 22.85 -123.80 61.80
N LYS PA 58 21.81 -124.03 62.60
CA LYS PA 58 21.35 -123.01 63.56
C LYS PA 58 20.58 -123.73 64.66
N LEU PA 59 21.22 -123.89 65.82
CA LEU PA 59 20.63 -124.57 66.96
C LEU PA 59 20.04 -123.53 67.90
N ASP PA 60 18.74 -123.30 67.78
CA ASP PA 60 18.05 -122.40 68.70
C ASP PA 60 17.79 -123.09 70.03
N GLN PA 61 17.56 -122.29 71.07
CA GLN PA 61 17.15 -122.81 72.36
C GLN PA 61 16.47 -121.70 73.13
N ALA PA 62 15.19 -121.89 73.45
CA ALA PA 62 14.42 -120.92 74.21
C ALA PA 62 14.22 -121.43 75.63
N ASP PA 63 14.26 -120.52 76.60
CA ASP PA 63 14.05 -120.85 77.99
C ASP PA 63 12.61 -120.50 78.35
N VAL PA 64 11.76 -121.50 78.39
CA VAL PA 64 10.34 -121.32 78.68
C VAL PA 64 10.12 -121.45 80.18
N VAL PA 65 9.24 -120.62 80.73
CA VAL PA 65 8.91 -120.65 82.15
C VAL PA 65 7.38 -120.68 82.28
N ASP PA 66 6.88 -121.50 83.19
CA ASP PA 66 5.45 -121.61 83.47
C ASP PA 66 5.23 -121.59 84.97
N CYS PA 67 4.61 -120.52 85.47
CA CYS PA 67 4.29 -120.36 86.87
C CYS PA 67 2.81 -120.02 87.05
N SER PA 68 1.95 -120.82 86.43
CA SER PA 68 0.51 -120.72 86.69
C SER PA 68 0.14 -121.08 88.11
N THR PA 69 0.99 -121.86 88.81
CA THR PA 69 0.75 -122.13 90.22
C THR PA 69 1.16 -120.96 91.09
N SER PA 70 2.00 -120.06 90.56
CA SER PA 70 2.42 -118.89 91.32
C SER PA 70 1.39 -117.77 91.22
N VAL PA 71 1.16 -117.27 90.01
CA VAL PA 71 0.11 -116.29 89.76
C VAL PA 71 -1.01 -117.02 89.00
N CYS PA 72 -2.25 -116.82 89.46
CA CYS PA 72 -3.38 -117.57 88.92
C CYS PA 72 -3.79 -117.02 87.57
N GLY PA 73 -3.67 -117.83 86.53
CA GLY PA 73 -4.20 -117.51 85.23
C GLY PA 73 -3.22 -117.12 84.16
N GLU PA 74 -1.94 -117.47 84.29
CA GLU PA 74 -1.00 -117.21 83.22
C GLU PA 74 -0.66 -118.52 82.50
N LEU PA 75 -0.06 -118.37 81.33
CA LEU PA 75 0.24 -119.48 80.44
C LEU PA 75 1.76 -119.60 80.32
N PRO PA 76 2.29 -120.70 79.79
CA PRO PA 76 3.74 -120.78 79.56
C PRO PA 76 4.23 -119.76 78.54
N LYS PA 77 5.46 -119.33 78.70
CA LYS PA 77 6.01 -118.20 77.98
C LYS PA 77 7.53 -118.31 77.98
N VAL PA 78 8.15 -117.87 76.90
CA VAL PA 78 9.60 -117.92 76.76
C VAL PA 78 10.20 -116.59 77.20
N ARG PA 79 11.30 -116.65 77.95
CA ARG PA 79 11.99 -115.42 78.35
C ARG PA 79 12.93 -114.96 77.26
N TYR PA 80 13.93 -115.78 76.94
CA TYR PA 80 14.99 -115.41 76.02
C TYR PA 80 15.29 -116.58 75.08
N THR PA 81 16.16 -116.32 74.10
CA THR PA 81 16.57 -117.32 73.13
C THR PA 81 18.07 -117.24 72.93
N GLN PA 82 18.74 -118.38 73.04
CA GLN PA 82 20.18 -118.47 72.84
C GLN PA 82 20.46 -119.41 71.68
N VAL PA 83 21.19 -118.93 70.68
CA VAL PA 83 21.42 -119.69 69.45
C VAL PA 83 22.89 -120.09 69.36
N TRP PA 84 23.18 -120.96 68.40
CA TRP PA 84 24.56 -121.30 68.04
C TRP PA 84 24.53 -121.66 66.56
N SER PA 85 24.93 -120.71 65.71
CA SER PA 85 24.94 -120.95 64.29
C SER PA 85 26.26 -121.58 63.86
N HIS PA 86 26.27 -122.09 62.63
CA HIS PA 86 27.47 -122.58 61.97
C HIS PA 86 27.41 -122.11 60.53
N ASP PA 87 28.59 -121.85 59.95
CA ASP PA 87 28.66 -121.40 58.56
C ASP PA 87 29.88 -122.06 57.93
N VAL PA 88 29.67 -123.21 57.33
CA VAL PA 88 30.74 -124.01 56.74
C VAL PA 88 30.81 -123.70 55.25
N THR PA 89 32.02 -123.48 54.75
CA THR PA 89 32.24 -123.25 53.32
C THR PA 89 33.12 -124.37 52.79
N ILE PA 90 32.59 -125.14 51.84
CA ILE PA 90 33.29 -126.28 51.26
C ILE PA 90 33.39 -126.07 49.76
N VAL PA 91 34.61 -126.03 49.25
CA VAL PA 91 34.82 -125.92 47.81
C VAL PA 91 34.67 -127.29 47.17
N ALA PA 92 34.14 -127.31 45.94
CA ALA PA 92 33.59 -128.54 45.38
C ALA PA 92 34.66 -129.51 44.90
N ASN PA 93 35.84 -129.00 44.50
CA ASN PA 93 36.90 -129.86 44.00
C ASN PA 93 37.90 -130.25 45.09
N SER PA 94 37.44 -130.39 46.32
CA SER PA 94 38.32 -130.63 47.46
C SER PA 94 38.84 -132.06 47.46
N THR PA 95 39.77 -132.32 48.37
CA THR PA 95 40.16 -133.66 48.73
C THR PA 95 39.26 -134.13 49.87
N GLU PA 96 39.04 -135.43 49.95
CA GLU PA 96 38.21 -135.95 51.05
C GLU PA 96 38.94 -135.86 52.38
N ALA PA 97 40.28 -135.92 52.36
CA ALA PA 97 41.04 -135.73 53.59
C ALA PA 97 41.08 -134.28 54.03
N SER PA 98 40.80 -133.34 53.13
CA SER PA 98 40.70 -131.94 53.52
C SER PA 98 39.38 -131.67 54.22
N ARG PA 99 38.29 -132.24 53.71
CA ARG PA 99 36.99 -132.12 54.33
C ARG PA 99 36.89 -132.89 55.64
N LYS PA 100 37.64 -133.98 55.77
CA LYS PA 100 37.63 -134.75 57.00
C LYS PA 100 38.45 -134.05 58.09
N SER PA 101 39.55 -133.40 57.69
CA SER PA 101 40.39 -132.73 58.68
C SER PA 101 39.73 -131.45 59.20
N LEU PA 102 38.97 -130.77 58.36
CA LEU PA 102 38.26 -129.57 58.80
C LEU PA 102 37.16 -129.93 59.79
N TYR PA 103 36.51 -131.07 59.61
CA TYR PA 103 35.52 -131.53 60.56
C TYR PA 103 36.18 -131.99 61.86
N ASP PA 104 37.34 -132.64 61.76
CA ASP PA 104 38.02 -133.15 62.95
C ASP PA 104 38.60 -132.05 63.82
N LEU PA 105 38.92 -130.90 63.23
CA LEU PA 105 39.43 -129.79 64.04
C LEU PA 105 38.32 -129.06 64.76
N THR PA 106 37.17 -128.88 64.08
CA THR PA 106 36.05 -128.19 64.71
C THR PA 106 35.37 -129.06 65.76
N LYS PA 107 35.35 -130.37 65.54
CA LYS PA 107 34.87 -131.29 66.57
C LYS PA 107 35.77 -131.26 67.80
N SER PA 108 37.06 -131.03 67.60
CA SER PA 108 37.99 -130.88 68.72
C SER PA 108 38.08 -129.46 69.22
N LEU PA 109 37.68 -128.47 68.43
CA LEU PA 109 37.62 -127.09 68.92
C LEU PA 109 36.52 -126.95 69.95
N VAL PA 110 35.33 -127.48 69.66
CA VAL PA 110 34.19 -127.32 70.56
C VAL PA 110 34.38 -128.17 71.81
N ALA PA 111 35.05 -129.30 71.70
CA ALA PA 111 35.19 -130.22 72.82
C ALA PA 111 36.29 -129.82 73.80
N THR PA 112 37.00 -128.72 73.59
CA THR PA 112 38.06 -128.34 74.51
C THR PA 112 37.48 -127.53 75.67
N SER PA 113 38.29 -127.37 76.71
CA SER PA 113 37.86 -126.67 77.92
C SER PA 113 38.01 -125.16 77.82
N GLN PA 114 38.58 -124.63 76.74
CA GLN PA 114 38.73 -123.19 76.62
C GLN PA 114 37.56 -122.56 75.87
N VAL PA 115 36.92 -123.31 74.98
CA VAL PA 115 35.72 -122.81 74.31
C VAL PA 115 34.51 -122.98 75.23
N GLU PA 116 34.54 -123.97 76.11
CA GLU PA 116 33.48 -124.15 77.09
C GLU PA 116 33.40 -122.97 78.05
N ASP PA 117 34.54 -122.50 78.55
CA ASP PA 117 34.54 -121.32 79.41
C ASP PA 117 34.30 -120.04 78.63
N LEU PA 118 34.45 -120.06 77.32
CA LEU PA 118 34.20 -118.87 76.52
C LEU PA 118 32.71 -118.58 76.38
N VAL PA 119 31.86 -119.60 76.39
CA VAL PA 119 30.43 -119.39 76.22
C VAL PA 119 29.71 -119.48 77.55
N VAL PA 120 30.23 -120.26 78.48
CA VAL PA 120 29.57 -120.38 79.78
C VAL PA 120 29.95 -119.22 80.69
N ASN PA 121 31.25 -119.01 80.92
CA ASN PA 121 31.72 -118.02 81.88
C ASN PA 121 32.37 -116.81 81.22
N LEU PA 122 32.31 -116.72 79.88
CA LEU PA 122 32.76 -115.58 79.08
C LEU PA 122 34.26 -115.32 79.22
N VAL PA 123 35.04 -116.33 79.58
CA VAL PA 123 36.50 -116.20 79.72
C VAL PA 123 37.11 -116.19 78.33
N PRO PA 124 38.04 -115.29 78.02
CA PRO PA 124 38.68 -115.28 76.70
C PRO PA 124 39.57 -116.50 76.48
N LEU PA 125 40.01 -116.65 75.24
CA LEU PA 125 40.73 -117.84 74.82
C LEU PA 125 42.22 -117.74 75.12
N GLY PA 126 42.85 -118.91 75.22
CA GLY PA 126 44.28 -118.97 75.39
C GLY PA 126 44.73 -119.05 76.83
N ARG PA 127 45.46 -120.11 77.18
CA ARG PA 127 46.04 -120.26 78.51
C ARG PA 127 47.53 -120.53 78.34
N ALA PA 128 48.36 -119.65 78.92
CA ALA PA 128 49.80 -119.76 78.79
C ALA PA 128 50.32 -120.82 79.75
N TYR PA 129 50.67 -121.99 79.23
CA TYR PA 129 51.26 -123.07 80.02
C TYR PA 129 52.72 -123.20 79.61
N GLY PA 130 53.57 -122.38 80.24
CA GLY PA 130 54.99 -122.40 79.95
C GLY PA 130 55.33 -121.88 78.56
N GLY PA 131 55.10 -120.60 78.33
CA GLY PA 131 55.35 -120.01 77.03
C GLY PA 131 54.33 -118.94 76.67
N SER PA 132 53.82 -119.00 75.45
CA SER PA 132 52.81 -118.05 75.02
C SER PA 132 51.41 -118.64 75.18
N LYS PA 133 50.40 -117.85 74.81
CA LYS PA 133 49.02 -118.28 74.92
C LYS PA 133 48.70 -119.25 73.79
N THR PA 134 48.41 -120.49 74.13
CA THR PA 134 48.20 -121.54 73.16
C THR PA 134 46.83 -122.18 73.31
N ILE PA 135 46.34 -122.74 72.21
CA ILE PA 135 45.18 -123.63 72.19
C ILE PA 135 45.65 -124.95 71.59
N VAL PA 136 45.28 -126.06 72.22
CA VAL PA 136 45.66 -127.39 71.74
C VAL PA 136 44.41 -128.08 71.20
N LEU PA 137 44.44 -128.40 69.91
CA LEU PA 137 43.34 -129.10 69.23
C LEU PA 137 43.82 -130.50 68.90
N SER PA 138 43.65 -131.43 69.84
CA SER PA 138 44.09 -132.79 69.64
C SER PA 138 43.11 -133.54 68.73
N VAL PA 139 43.65 -134.31 67.80
CA VAL PA 139 42.86 -135.05 66.82
C VAL PA 139 43.11 -136.52 67.16
N GLY PA 140 43.25 -136.80 68.45
CA GLY PA 140 43.62 -138.13 68.89
C GLY PA 140 45.00 -138.12 69.50
N GLU PA 141 45.98 -138.70 68.81
CA GLU PA 141 47.36 -138.60 69.22
C GLU PA 141 48.11 -137.46 68.55
N ALA PA 142 47.57 -136.93 67.45
CA ALA PA 142 48.15 -135.75 66.83
C ALA PA 142 47.59 -134.50 67.49
N THR PA 143 48.49 -133.64 67.99
CA THR PA 143 48.10 -132.40 68.65
C THR PA 143 48.58 -131.23 67.79
N ARG PA 144 47.69 -130.31 67.50
CA ARG PA 144 48.00 -129.13 66.68
C ARG PA 144 47.84 -127.89 67.55
N THR PA 145 48.97 -127.31 67.95
CA THR PA 145 49.00 -126.23 68.92
C THR PA 145 49.03 -124.89 68.20
N LEU PA 146 48.01 -124.07 68.43
CA LEU PA 146 47.93 -122.74 67.83
C LEU PA 146 48.33 -121.68 68.84
N THR PA 147 49.31 -120.87 68.48
CA THR PA 147 49.82 -119.81 69.35
C THR PA 147 49.25 -118.47 68.93
N GLU PA 148 49.02 -117.61 69.91
CA GLU PA 148 48.36 -116.32 69.67
C GLU PA 148 49.32 -115.36 68.99
N ILE PA 149 48.84 -114.69 67.95
CA ILE PA 149 49.66 -113.75 67.19
C ILE PA 149 49.20 -112.30 67.33
N GLN PA 150 47.96 -112.05 67.76
CA GLN PA 150 47.45 -110.70 67.87
C GLN PA 150 46.23 -110.73 68.79
N SER PA 151 46.21 -109.83 69.77
CA SER PA 151 45.08 -109.68 70.69
C SER PA 151 44.65 -108.22 70.66
N THR PA 152 43.77 -107.88 69.73
CA THR PA 152 43.23 -106.54 69.63
C THR PA 152 42.09 -106.42 70.65
N ALA PA 153 41.46 -105.25 70.73
CA ALA PA 153 40.36 -105.06 71.68
C ALA PA 153 39.13 -105.85 71.27
N ASP PA 154 38.97 -106.10 69.96
CA ASP PA 154 37.87 -106.91 69.45
C ASP PA 154 38.31 -108.33 69.09
N ARG PA 155 39.31 -108.46 68.21
CA ARG PA 155 39.69 -109.76 67.70
C ARG PA 155 40.71 -110.43 68.62
N GLN PA 156 40.92 -111.72 68.38
CA GLN PA 156 41.94 -112.49 69.09
C GLN PA 156 42.36 -113.61 68.15
N ILE PA 157 43.43 -113.39 67.39
CA ILE PA 157 43.81 -114.26 66.29
C ILE PA 157 44.84 -115.27 66.77
N PHE PA 158 44.57 -116.55 66.53
CA PHE PA 158 45.51 -117.62 66.79
C PHE PA 158 45.98 -118.20 65.45
N GLU PA 159 47.11 -118.90 65.48
CA GLU PA 159 47.73 -119.40 64.27
C GLU PA 159 48.71 -120.50 64.64
N GLU PA 160 48.75 -121.55 63.83
CA GLU PA 160 49.78 -122.57 63.99
C GLU PA 160 51.10 -122.05 63.46
N LYS PA 161 52.20 -122.67 63.90
CA LYS PA 161 53.52 -122.14 63.62
C LYS PA 161 54.43 -123.10 62.86
N VAL PA 162 54.10 -124.37 62.77
CA VAL PA 162 54.92 -125.31 62.02
C VAL PA 162 54.59 -125.21 60.54
N GLY PA 163 55.53 -125.67 59.71
CA GLY PA 163 55.32 -125.73 58.28
C GLY PA 163 55.65 -124.44 57.57
N PRO PA 164 55.18 -124.30 56.34
CA PRO PA 164 55.43 -123.06 55.57
C PRO PA 164 54.65 -121.89 56.13
N LEU PA 165 54.98 -120.71 55.62
CA LEU PA 165 54.37 -119.47 56.08
C LEU PA 165 53.17 -119.05 55.25
N VAL PA 166 52.93 -119.68 54.11
CA VAL PA 166 51.86 -119.22 53.22
C VAL PA 166 50.49 -119.73 53.67
N GLY PA 167 50.38 -120.98 54.10
CA GLY PA 167 49.12 -121.50 54.55
C GLY PA 167 49.21 -122.14 55.92
N ARG PA 168 48.55 -121.55 56.90
CA ARG PA 168 48.55 -122.06 58.26
C ARG PA 168 47.14 -121.99 58.82
N LEU PA 169 46.95 -122.68 59.95
CA LEU PA 169 45.66 -122.66 60.63
C LEU PA 169 45.37 -121.29 61.21
N ARG PA 170 44.09 -121.00 61.41
CA ARG PA 170 43.65 -119.72 61.93
C ARG PA 170 42.53 -119.95 62.93
N LEU PA 171 42.40 -119.02 63.88
CA LEU PA 171 41.29 -119.03 64.82
C LEU PA 171 41.09 -117.59 65.27
N THR PA 172 40.15 -116.90 64.64
CA THR PA 172 39.90 -115.50 64.94
C THR PA 172 38.64 -115.41 65.81
N ALA PA 173 38.83 -115.53 67.12
CA ALA PA 173 37.72 -115.36 68.04
C ALA PA 173 37.38 -113.88 68.20
N SER PA 174 36.16 -113.63 68.66
CA SER PA 174 35.71 -112.27 68.92
C SER PA 174 34.62 -112.32 69.98
N LEU PA 175 34.26 -111.16 70.49
CA LEU PA 175 33.26 -111.06 71.54
C LEU PA 175 32.74 -109.64 71.56
N ARG PA 176 31.43 -109.47 71.37
CA ARG PA 176 30.81 -108.16 71.33
C ARG PA 176 29.63 -108.14 72.29
N GLN PA 177 28.99 -106.98 72.38
CA GLN PA 177 27.68 -106.85 73.01
C GLN PA 177 26.96 -105.68 72.35
N ASN PA 178 25.89 -105.99 71.62
CA ASN PA 178 25.16 -105.00 70.85
C ASN PA 178 23.86 -104.64 71.56
N GLY PA 179 23.51 -103.36 71.49
CA GLY PA 179 22.30 -102.87 72.09
C GLY PA 179 22.53 -102.30 73.47
N ALA PA 180 21.54 -102.42 74.35
CA ALA PA 180 21.64 -101.89 75.70
C ALA PA 180 22.19 -102.93 76.68
N LYS PA 181 23.34 -103.52 76.31
CA LYS PA 181 24.12 -104.45 77.13
C LYS PA 181 23.31 -105.67 77.55
N THR PA 182 22.42 -106.14 76.69
CA THR PA 182 21.54 -107.26 77.02
C THR PA 182 22.03 -108.60 76.49
N ALA PA 183 22.75 -108.62 75.37
CA ALA PA 183 23.13 -109.88 74.76
C ALA PA 183 24.57 -109.79 74.26
N TYR PA 184 25.31 -110.89 74.42
CA TYR PA 184 26.67 -111.00 73.94
C TYR PA 184 26.68 -111.64 72.55
N ARG PA 185 27.87 -111.74 71.96
CA ARG PA 185 28.01 -112.32 70.63
C ARG PA 185 29.41 -112.91 70.50
N VAL PA 186 29.51 -114.21 70.70
CA VAL PA 186 30.77 -114.93 70.51
C VAL PA 186 30.88 -115.32 69.04
N ASN PA 187 32.09 -115.24 68.48
CA ASN PA 187 32.27 -115.48 67.05
C ASN PA 187 33.62 -116.14 66.82
N LEU PA 188 33.62 -117.47 66.73
CA LEU PA 188 34.80 -118.22 66.36
C LEU PA 188 34.81 -118.50 64.86
N LYS PA 189 36.00 -118.68 64.31
CA LYS PA 189 36.17 -118.90 62.87
C LYS PA 189 37.50 -119.58 62.62
N LEU PA 190 37.47 -120.77 62.05
CA LEU PA 190 38.68 -121.56 61.81
C LEU PA 190 38.91 -121.68 60.31
N ASP PA 191 39.97 -121.06 59.82
CA ASP PA 191 40.36 -121.15 58.42
C ASP PA 191 41.37 -122.27 58.24
N GLN PA 192 41.17 -123.06 57.20
CA GLN PA 192 42.12 -124.12 56.85
C GLN PA 192 42.40 -124.05 55.37
N ALA PA 193 43.61 -123.68 55.00
CA ALA PA 193 44.03 -123.58 53.61
C ALA PA 193 44.84 -124.81 53.24
N ASP PA 194 44.63 -125.31 52.02
CA ASP PA 194 45.35 -126.47 51.53
C ASP PA 194 46.56 -126.00 50.73
N VAL PA 195 47.75 -126.30 51.24
CA VAL PA 195 49.00 -125.88 50.61
C VAL PA 195 49.67 -127.10 49.99
N VAL PA 196 50.19 -126.93 48.78
CA VAL PA 196 50.90 -128.00 48.08
C VAL PA 196 52.19 -127.43 47.52
N ASP PA 197 53.23 -128.26 47.48
CA ASP PA 197 54.50 -127.90 46.88
C ASP PA 197 54.84 -128.85 45.75
N CYS PA 198 55.24 -128.29 44.61
CA CYS PA 198 55.52 -129.05 43.41
C CYS PA 198 57.01 -129.02 43.08
N SER PA 199 57.85 -128.87 44.10
CA SER PA 199 59.29 -128.73 43.89
C SER PA 199 59.95 -130.05 43.49
N THR PA 200 59.32 -131.19 43.80
CA THR PA 200 59.84 -132.46 43.32
C THR PA 200 59.43 -132.72 41.88
N SER PA 201 58.45 -131.96 41.37
CA SER PA 201 57.98 -132.10 40.00
C SER PA 201 58.45 -130.96 39.11
N VAL PA 202 58.15 -129.72 39.49
CA VAL PA 202 58.55 -128.54 38.74
C VAL PA 202 59.61 -127.81 39.53
N CYS PA 203 60.76 -127.56 38.90
CA CYS PA 203 61.85 -126.86 39.58
C CYS PA 203 61.51 -125.39 39.81
N GLY PA 204 62.02 -124.87 40.93
CA GLY PA 204 61.81 -123.48 41.29
C GLY PA 204 60.40 -123.15 41.71
N GLU PA 205 59.63 -124.12 42.19
CA GLU PA 205 58.25 -123.91 42.60
C GLU PA 205 58.20 -123.89 44.12
N LEU PA 206 57.83 -122.75 44.67
CA LEU PA 206 57.61 -122.58 46.09
C LEU PA 206 56.18 -122.96 46.45
N PRO PA 207 55.90 -123.32 47.71
CA PRO PA 207 54.54 -123.71 48.09
C PRO PA 207 53.53 -122.58 47.94
N LYS PA 208 52.30 -122.96 47.62
CA LYS PA 208 51.20 -122.03 47.44
C LYS PA 208 49.92 -122.71 47.89
N VAL PA 209 48.88 -121.90 48.09
CA VAL PA 209 47.59 -122.38 48.59
C VAL PA 209 46.66 -122.63 47.42
N ARG PA 210 45.87 -123.70 47.52
CA ARG PA 210 44.87 -123.99 46.50
C ARG PA 210 43.54 -123.31 46.83
N TYR PA 211 42.95 -123.66 47.97
CA TYR PA 211 41.64 -123.18 48.38
C TYR PA 211 41.65 -122.98 49.89
N THR PA 212 40.57 -122.40 50.41
CA THR PA 212 40.36 -122.29 51.84
C THR PA 212 38.97 -122.82 52.18
N GLN PA 213 38.86 -123.47 53.33
CA GLN PA 213 37.59 -123.95 53.85
C GLN PA 213 37.43 -123.48 55.29
N VAL PA 214 36.33 -122.80 55.55
CA VAL PA 214 36.11 -122.16 56.84
C VAL PA 214 35.06 -122.94 57.63
N TRP PA 215 34.97 -122.66 58.92
CA TRP PA 215 33.87 -123.14 59.76
C TRP PA 215 33.67 -122.06 60.83
N SER PA 216 32.75 -121.13 60.55
CA SER PA 216 32.48 -120.06 61.49
C SER PA 216 31.55 -120.54 62.59
N HIS PA 217 31.43 -119.72 63.63
CA HIS PA 217 30.47 -119.93 64.69
C HIS PA 217 29.90 -118.57 65.09
N ASP PA 218 28.67 -118.56 65.58
CA ASP PA 218 28.04 -117.32 66.00
C ASP PA 218 27.09 -117.65 67.15
N VAL PA 219 27.59 -117.50 68.37
CA VAL PA 219 26.82 -117.79 69.57
C VAL PA 219 26.20 -116.50 70.08
N THR PA 220 24.92 -116.55 70.42
CA THR PA 220 24.22 -115.41 71.00
C THR PA 220 23.82 -115.76 72.41
N ILE PA 221 24.32 -115.01 73.38
CA ILE PA 221 24.10 -115.27 74.79
C ILE PA 221 23.57 -114.00 75.43
N VAL PA 222 22.38 -114.06 76.01
CA VAL PA 222 21.82 -112.92 76.71
C VAL PA 222 22.47 -112.80 78.08
N ALA PA 223 22.56 -111.57 78.58
CA ALA PA 223 23.42 -111.28 79.73
C ALA PA 223 22.83 -111.81 81.03
N ASN PA 224 21.51 -111.86 81.15
CA ASN PA 224 20.84 -112.31 82.36
C ASN PA 224 20.49 -113.80 82.34
N SER PA 225 21.29 -114.62 81.68
CA SER PA 225 21.04 -116.03 81.50
C SER PA 225 21.20 -116.79 82.82
N THR PA 226 20.70 -118.02 82.83
CA THR PA 226 21.03 -118.99 83.85
C THR PA 226 22.34 -119.66 83.42
N GLU PA 227 23.10 -120.17 84.40
CA GLU PA 227 24.32 -120.88 84.05
C GLU PA 227 24.03 -122.21 83.37
N ALA PA 228 23.00 -122.92 83.83
CA ALA PA 228 22.62 -124.17 83.17
C ALA PA 228 21.92 -123.92 81.84
N SER PA 229 21.51 -122.68 81.56
CA SER PA 229 21.00 -122.35 80.24
C SER PA 229 22.13 -122.23 79.23
N ARG PA 230 23.28 -121.67 79.63
CA ARG PA 230 24.42 -121.58 78.74
C ARG PA 230 25.19 -122.89 78.70
N LYS PA 231 25.14 -123.67 79.78
CA LYS PA 231 25.85 -124.94 79.82
C LYS PA 231 25.16 -125.98 78.94
N SER PA 232 23.82 -125.93 78.87
CA SER PA 232 23.10 -126.89 78.04
C SER PA 232 23.18 -126.53 76.57
N LEU PA 233 23.26 -125.24 76.24
CA LEU PA 233 23.42 -124.84 74.84
C LEU PA 233 24.78 -125.25 74.31
N TYR PA 234 25.83 -125.16 75.13
CA TYR PA 234 27.14 -125.62 74.72
C TYR PA 234 27.17 -127.14 74.58
N ASP PA 235 26.57 -127.85 75.53
CA ASP PA 235 26.71 -129.30 75.55
C ASP PA 235 25.80 -129.97 74.52
N LEU PA 236 24.82 -129.26 73.97
CA LEU PA 236 24.06 -129.78 72.84
C LEU PA 236 24.82 -129.59 71.53
N THR PA 237 25.45 -128.42 71.36
CA THR PA 237 26.24 -128.16 70.15
C THR PA 237 27.49 -129.02 70.11
N LYS PA 238 28.09 -129.30 71.27
CA LYS PA 238 29.17 -130.27 71.34
C LYS PA 238 28.68 -131.66 70.97
N SER PA 239 27.44 -131.98 71.34
CA SER PA 239 26.85 -133.26 70.98
C SER PA 239 26.27 -133.26 69.58
N LEU PA 240 26.17 -132.10 68.94
CA LEU PA 240 25.65 -132.06 67.57
C LEU PA 240 26.76 -132.28 66.56
N VAL PA 241 27.90 -131.62 66.76
CA VAL PA 241 29.04 -131.79 65.87
C VAL PA 241 29.61 -133.21 65.95
N ALA PA 242 29.53 -133.84 67.11
CA ALA PA 242 30.07 -135.18 67.28
C ALA PA 242 29.18 -136.28 66.73
N THR PA 243 28.03 -135.96 66.14
CA THR PA 243 27.19 -136.98 65.55
C THR PA 243 27.75 -137.44 64.21
N SER PA 244 27.21 -138.56 63.72
CA SER PA 244 27.64 -139.09 62.44
C SER PA 244 26.89 -138.47 61.27
N GLN PA 245 25.86 -137.65 61.53
CA GLN PA 245 25.10 -137.07 60.45
C GLN PA 245 25.69 -135.73 60.01
N VAL PA 246 26.25 -134.98 60.96
CA VAL PA 246 26.92 -133.74 60.62
C VAL PA 246 28.33 -134.01 60.09
N GLU PA 247 28.87 -135.20 60.35
CA GLU PA 247 30.09 -135.62 59.69
C GLU PA 247 29.87 -135.82 58.20
N ASP PA 248 28.80 -136.56 57.85
CA ASP PA 248 28.48 -136.79 56.45
C ASP PA 248 27.90 -135.56 55.76
N LEU PA 249 27.39 -134.60 56.54
CA LEU PA 249 26.90 -133.36 55.93
C LEU PA 249 28.06 -132.49 55.45
N VAL PA 250 29.21 -132.58 56.09
CA VAL PA 250 30.38 -131.82 55.67
C VAL PA 250 31.23 -132.61 54.69
N VAL PA 251 31.47 -133.90 54.97
CA VAL PA 251 32.32 -134.70 54.11
C VAL PA 251 31.60 -135.05 52.80
N ASN PA 252 30.42 -135.65 52.89
CA ASN PA 252 29.74 -136.19 51.72
C ASN PA 252 28.51 -135.40 51.29
N LEU PA 253 28.20 -134.29 51.96
CA LEU PA 253 27.07 -133.39 51.64
C LEU PA 253 25.72 -134.09 51.72
N VAL PA 254 25.60 -135.14 52.53
CA VAL PA 254 24.32 -135.79 52.76
C VAL PA 254 23.52 -134.95 53.74
N PRO PA 255 22.28 -134.57 53.42
CA PRO PA 255 21.47 -133.80 54.38
C PRO PA 255 21.13 -134.58 55.64
N LEU PA 256 20.69 -133.84 56.65
CA LEU PA 256 20.50 -134.40 57.98
C LEU PA 256 19.22 -135.23 58.05
N GLY PA 257 19.18 -136.12 59.05
CA GLY PA 257 17.98 -136.86 59.35
C GLY PA 257 17.90 -138.23 58.70
N ARG PA 258 17.99 -139.28 59.50
CA ARG PA 258 17.81 -140.63 59.01
C ARG PA 258 16.59 -141.28 59.67
N SER QA 1 45.95 -83.38 119.98
CA SER QA 1 44.63 -83.24 119.39
C SER QA 1 44.09 -84.60 118.95
N LYS QA 2 43.59 -84.66 117.73
CA LYS QA 2 43.04 -85.89 117.15
C LYS QA 2 44.08 -86.50 116.22
N THR QA 3 44.41 -87.77 116.46
CA THR QA 3 45.55 -88.40 115.81
C THR QA 3 45.14 -89.64 115.02
N ILE QA 4 45.90 -89.92 113.97
CA ILE QA 4 45.89 -91.20 113.28
C ILE QA 4 47.29 -91.80 113.41
N VAL QA 5 47.36 -93.11 113.62
CA VAL QA 5 48.63 -93.81 113.79
C VAL QA 5 48.82 -94.75 112.61
N LEU QA 6 49.86 -94.50 111.82
CA LEU QA 6 50.17 -95.28 110.63
C LEU QA 6 51.46 -96.06 110.89
N SER QA 7 51.32 -97.26 111.46
CA SER QA 7 52.48 -98.08 111.76
C SER QA 7 53.01 -98.74 110.49
N VAL QA 8 54.32 -98.60 110.26
CA VAL QA 8 54.95 -99.03 109.02
C VAL QA 8 55.87 -100.19 109.42
N GLY QA 9 55.40 -100.96 110.39
CA GLY QA 9 56.21 -102.00 110.99
C GLY QA 9 56.15 -101.85 112.50
N GLU QA 10 57.28 -101.52 113.12
CA GLU QA 10 57.27 -101.04 114.49
C GLU QA 10 57.42 -99.53 114.58
N ALA QA 11 57.82 -98.87 113.49
CA ALA QA 11 57.87 -97.42 113.45
C ALA QA 11 56.47 -96.87 113.20
N THR QA 12 55.97 -96.07 114.14
CA THR QA 12 54.63 -95.50 114.05
C THR QA 12 54.77 -94.01 113.74
N ARG QA 13 54.02 -93.54 112.75
CA ARG QA 13 54.07 -92.16 112.29
C ARG QA 13 52.73 -91.51 112.59
N THR QA 14 52.69 -90.68 113.62
CA THR QA 14 51.44 -90.11 114.13
C THR QA 14 51.17 -88.76 113.50
N LEU QA 15 50.07 -88.65 112.76
CA LEU QA 15 49.62 -87.39 112.19
C LEU QA 15 48.61 -86.72 113.12
N THR QA 16 48.82 -85.45 113.40
CA THR QA 16 47.89 -84.70 114.25
C THR QA 16 47.10 -83.73 113.38
N GLU QA 17 45.91 -83.40 113.85
CA GLU QA 17 44.97 -82.63 113.05
C GLU QA 17 45.29 -81.15 113.12
N ILE QA 18 45.32 -80.49 111.96
CA ILE QA 18 45.57 -79.05 111.88
C ILE QA 18 44.38 -78.28 111.34
N GLN QA 19 43.30 -78.94 110.93
CA GLN QA 19 42.14 -78.25 110.38
C GLN QA 19 40.91 -79.15 110.55
N SER QA 20 39.77 -78.52 110.87
CA SER QA 20 38.51 -79.24 110.97
C SER QA 20 37.42 -78.33 110.43
N THR QA 21 37.11 -78.46 109.15
CA THR QA 21 36.05 -77.68 108.54
C THR QA 21 34.78 -78.55 108.63
N ALA QA 22 33.71 -78.17 107.92
CA ALA QA 22 32.50 -78.98 107.92
C ALA QA 22 32.71 -80.29 107.17
N ASP QA 23 33.49 -80.25 106.09
CA ASP QA 23 33.81 -81.46 105.35
C ASP QA 23 35.29 -81.77 105.29
N ARG QA 24 36.14 -80.78 105.00
CA ARG QA 24 37.57 -81.03 104.91
C ARG QA 24 38.17 -81.18 106.30
N GLN QA 25 39.25 -81.98 106.38
CA GLN QA 25 39.82 -82.36 107.66
C GLN QA 25 41.27 -82.74 107.42
N ILE QA 26 42.19 -81.82 107.72
CA ILE QA 26 43.58 -81.94 107.33
C ILE QA 26 44.41 -82.43 108.51
N PHE QA 27 45.23 -83.45 108.28
CA PHE QA 27 46.17 -83.97 109.26
C PHE QA 27 47.58 -83.68 108.79
N GLU QA 28 48.53 -83.76 109.72
CA GLU QA 28 49.93 -83.47 109.41
C GLU QA 28 50.80 -84.09 110.48
N GLU QA 29 51.95 -84.61 110.08
CA GLU QA 29 52.96 -85.09 111.00
C GLU QA 29 53.74 -83.89 111.52
N LYS QA 30 54.27 -84.02 112.74
CA LYS QA 30 54.93 -82.89 113.40
C LYS QA 30 56.41 -83.11 113.63
N VAL QA 31 56.95 -84.27 113.27
CA VAL QA 31 58.36 -84.55 113.47
C VAL QA 31 59.15 -84.08 112.25
N GLY QA 32 60.18 -83.28 112.48
CA GLY QA 32 61.09 -82.89 111.43
C GLY QA 32 61.05 -81.42 111.10
N PRO QA 33 61.53 -81.05 109.90
CA PRO QA 33 61.48 -79.63 109.48
C PRO QA 33 60.07 -79.14 109.22
N LEU QA 34 59.91 -77.84 109.09
CA LEU QA 34 58.59 -77.22 109.03
C LEU QA 34 58.08 -77.01 107.61
N VAL QA 35 58.87 -77.36 106.59
CA VAL QA 35 58.49 -77.01 105.22
C VAL QA 35 57.90 -78.20 104.48
N GLY QA 36 58.37 -79.42 104.72
CA GLY QA 36 57.79 -80.57 104.06
C GLY QA 36 57.45 -81.67 105.03
N ARG QA 37 56.17 -81.99 105.16
CA ARG QA 37 55.68 -83.02 106.07
C ARG QA 37 54.59 -83.82 105.38
N LEU QA 38 54.16 -84.90 106.02
CA LEU QA 38 53.03 -85.67 105.53
C LEU QA 38 51.75 -84.85 105.62
N ARG QA 39 50.77 -85.27 104.83
CA ARG QA 39 49.50 -84.55 104.74
C ARG QA 39 48.41 -85.56 104.43
N LEU QA 40 47.23 -85.32 104.98
CA LEU QA 40 46.11 -86.24 104.80
C LEU QA 40 44.84 -85.40 104.86
N THR QA 41 44.31 -85.02 103.70
CA THR QA 41 43.14 -84.17 103.63
C THR QA 41 41.92 -85.04 103.40
N ALA QA 42 41.36 -85.56 104.49
CA ALA QA 42 40.14 -86.33 104.41
C ALA QA 42 38.95 -85.43 104.12
N SER QA 43 37.86 -86.04 103.65
CA SER QA 43 36.67 -85.31 103.27
C SER QA 43 35.49 -86.28 103.28
N LEU QA 44 34.28 -85.70 103.23
CA LEU QA 44 33.05 -86.46 103.15
C LEU QA 44 31.97 -85.53 102.63
N ARG QA 45 31.11 -86.06 101.76
CA ARG QA 45 30.07 -85.28 101.12
C ARG QA 45 28.83 -86.15 100.94
N GLN QA 46 27.76 -85.53 100.43
CA GLN QA 46 26.62 -86.29 99.91
C GLN QA 46 26.02 -85.46 98.77
N ASN QA 47 26.45 -85.76 97.55
CA ASN QA 47 26.08 -84.98 96.38
C ASN QA 47 24.79 -85.48 95.77
N GLY QA 48 24.08 -84.57 95.12
CA GLY QA 48 22.82 -84.91 94.47
C GLY QA 48 21.65 -84.81 95.43
N ALA QA 49 20.69 -85.72 95.30
CA ALA QA 49 19.51 -85.73 96.17
C ALA QA 49 19.73 -86.64 97.37
N LYS QA 50 20.87 -86.42 98.04
CA LYS QA 50 21.22 -87.02 99.34
C LYS QA 50 21.20 -88.55 99.32
N THR QA 51 21.53 -89.16 98.18
CA THR QA 51 21.43 -90.61 98.03
C THR QA 51 22.77 -91.33 98.01
N ALA QA 52 23.88 -90.61 97.83
CA ALA QA 52 25.18 -91.25 97.72
C ALA QA 52 26.22 -90.36 98.39
N TYR QA 53 27.10 -90.96 99.18
CA TYR QA 53 28.19 -90.25 99.82
C TYR QA 53 29.43 -90.28 98.94
N ARG QA 54 30.47 -89.57 99.38
CA ARG QA 54 31.71 -89.51 98.61
C ARG QA 54 32.86 -89.25 99.58
N VAL QA 55 33.58 -90.30 99.93
CA VAL QA 55 34.79 -90.19 100.74
C VAL QA 55 35.95 -89.87 99.81
N ASN QA 56 36.85 -89.00 100.27
CA ASN QA 56 37.91 -88.49 99.40
C ASN QA 56 39.14 -88.22 100.26
N LEU QA 57 40.05 -89.19 100.33
CA LEU QA 57 41.32 -89.03 101.01
C LEU QA 57 42.41 -88.60 100.03
N LYS QA 58 43.50 -88.06 100.57
CA LYS QA 58 44.61 -87.60 99.73
C LYS QA 58 45.87 -87.58 100.61
N LEU QA 59 46.72 -88.59 100.45
CA LEU QA 59 47.95 -88.72 101.24
C LEU QA 59 49.12 -88.13 100.45
N ASP QA 60 49.47 -86.90 100.75
CA ASP QA 60 50.64 -86.27 100.12
C ASP QA 60 51.92 -86.74 100.81
N GLN QA 61 53.03 -86.55 100.11
CA GLN QA 61 54.35 -86.84 100.66
C GLN QA 61 55.36 -86.04 99.89
N ALA QA 62 56.04 -85.11 100.56
CA ALA QA 62 57.07 -84.28 99.96
C ALA QA 62 58.44 -84.80 100.38
N ASP QA 63 59.40 -84.74 99.46
CA ASP QA 63 60.76 -85.15 99.74
C ASP QA 63 61.60 -83.90 99.94
N VAL QA 64 61.86 -83.57 101.18
CA VAL QA 64 62.63 -82.38 101.54
C VAL QA 64 64.11 -82.74 101.62
N VAL QA 65 64.96 -81.84 101.17
CA VAL QA 65 66.40 -82.01 101.24
C VAL QA 65 67.00 -80.73 101.82
N ASP QA 66 67.94 -80.87 102.75
CA ASP QA 66 68.64 -79.75 103.33
C ASP QA 66 70.14 -80.03 103.33
N CYS QA 67 70.88 -79.23 102.57
CA CYS QA 67 72.32 -79.37 102.44
C CYS QA 67 73.02 -78.05 102.70
N SER QA 68 72.68 -77.43 103.84
CA SER QA 68 73.45 -76.29 104.32
C SER QA 68 74.87 -76.68 104.72
N THR QA 69 75.11 -77.97 105.00
CA THR QA 69 76.47 -78.46 105.19
C THR QA 69 77.28 -78.36 103.89
N SER QA 70 76.66 -78.68 102.76
CA SER QA 70 77.38 -78.73 101.50
C SER QA 70 77.64 -77.33 100.95
N VAL QA 71 76.58 -76.60 100.61
CA VAL QA 71 76.72 -75.21 100.19
C VAL QA 71 76.33 -74.33 101.39
N CYS QA 72 77.11 -73.29 101.64
CA CYS QA 72 76.92 -72.47 102.83
C CYS QA 72 75.82 -71.45 102.60
N GLY QA 73 74.77 -71.54 103.41
CA GLY QA 73 73.75 -70.51 103.44
C GLY QA 73 72.44 -70.83 102.76
N GLU QA 74 72.11 -72.10 102.55
CA GLU QA 74 70.81 -72.45 102.01
C GLU QA 74 69.95 -73.05 103.11
N LEU QA 75 68.65 -73.11 102.84
CA LEU QA 75 67.63 -73.55 103.78
C LEU QA 75 67.02 -74.84 103.26
N PRO QA 76 66.28 -75.60 104.09
CA PRO QA 76 65.61 -76.80 103.57
C PRO QA 76 64.53 -76.48 102.55
N LYS QA 77 64.31 -77.42 101.64
CA LYS QA 77 63.51 -77.20 100.46
C LYS QA 77 63.05 -78.55 99.93
N VAL QA 78 61.85 -78.59 99.36
CA VAL QA 78 61.29 -79.84 98.85
C VAL QA 78 61.59 -79.94 97.37
N ARG QA 79 61.93 -81.15 96.92
CA ARG QA 79 62.14 -81.38 95.49
C ARG QA 79 60.82 -81.64 94.79
N TYR QA 80 60.13 -82.71 95.19
CA TYR QA 80 58.93 -83.18 94.51
C TYR QA 80 57.90 -83.60 95.54
N THR QA 81 56.67 -83.83 95.07
CA THR QA 81 55.60 -84.35 95.89
C THR QA 81 54.96 -85.54 95.19
N GLN QA 82 54.65 -86.58 95.96
CA GLN QA 82 54.02 -87.79 95.46
C GLN QA 82 52.77 -88.06 96.29
N VAL QA 83 51.62 -88.09 95.64
CA VAL QA 83 50.34 -88.23 96.33
C VAL QA 83 49.76 -89.61 96.07
N TRP QA 84 48.73 -89.96 96.84
CA TRP QA 84 47.94 -91.15 96.60
C TRP QA 84 46.51 -90.80 97.03
N SER QA 85 45.71 -90.37 96.06
CA SER QA 85 44.33 -90.01 96.36
C SER QA 85 43.43 -91.23 96.36
N HIS QA 86 42.28 -91.08 97.00
CA HIS QA 86 41.24 -92.10 97.01
C HIS QA 86 39.93 -91.42 96.65
N ASP QA 87 38.97 -92.20 96.15
CA ASP QA 87 37.65 -91.67 95.82
C ASP QA 87 36.65 -92.80 96.02
N VAL QA 88 36.07 -92.87 97.20
CA VAL QA 88 35.12 -93.92 97.53
C VAL QA 88 33.72 -93.38 97.33
N THR QA 89 32.88 -94.17 96.67
CA THR QA 89 31.49 -93.82 96.42
C THR QA 89 30.59 -94.82 97.13
N ILE QA 90 29.80 -94.34 98.08
CA ILE QA 90 28.94 -95.18 98.90
C ILE QA 90 27.51 -94.68 98.75
N VAL QA 91 26.62 -95.56 98.30
CA VAL QA 91 25.20 -95.21 98.23
C VAL QA 91 24.57 -95.43 99.60
N ALA QA 92 23.59 -94.58 99.93
CA ALA QA 92 23.18 -94.40 101.32
C ALA QA 92 22.34 -95.55 101.84
N ASN QA 93 21.58 -96.23 100.98
CA ASN QA 93 20.71 -97.32 101.39
C ASN QA 93 21.37 -98.68 101.25
N SER QA 94 22.68 -98.76 101.47
CA SER QA 94 23.43 -99.97 101.24
C SER QA 94 23.17 -101.00 102.34
N THR QA 95 23.65 -102.22 102.09
CA THR QA 95 23.77 -103.23 103.13
C THR QA 95 25.10 -103.02 103.83
N GLU QA 96 25.14 -103.36 105.12
CA GLU QA 96 26.40 -103.20 105.85
C GLU QA 96 27.45 -104.21 105.41
N ALA QA 97 27.02 -105.38 104.93
CA ALA QA 97 27.97 -106.32 104.37
C ALA QA 97 28.46 -105.89 102.99
N SER QA 98 27.73 -105.01 102.32
CA SER QA 98 28.20 -104.48 101.04
C SER QA 98 29.33 -103.48 101.24
N ARG QA 99 29.20 -102.61 102.23
CA ARG QA 99 30.24 -101.64 102.54
C ARG QA 99 31.45 -102.27 103.19
N LYS QA 100 31.26 -103.38 103.90
CA LYS QA 100 32.39 -104.06 104.53
C LYS QA 100 33.18 -104.85 103.49
N SER QA 101 32.50 -105.43 102.50
CA SER QA 101 33.19 -106.21 101.47
C SER QA 101 33.99 -105.30 100.54
N LEU QA 102 33.47 -104.10 100.27
CA LEU QA 102 34.20 -103.14 99.44
C LEU QA 102 35.46 -102.66 100.14
N TYR QA 103 35.41 -102.51 101.47
CA TYR QA 103 36.60 -102.17 102.22
C TYR QA 103 37.56 -103.35 102.29
N ASP QA 104 37.03 -104.56 102.44
CA ASP QA 104 37.88 -105.74 102.57
C ASP QA 104 38.55 -106.13 101.26
N LEU QA 105 38.01 -105.71 100.12
CA LEU QA 105 38.68 -105.99 98.86
C LEU QA 105 39.78 -104.99 98.56
N THR QA 106 39.55 -103.72 98.91
CA THR QA 106 40.56 -102.69 98.66
C THR QA 106 41.70 -102.79 99.67
N LYS QA 107 41.41 -103.23 100.90
CA LYS QA 107 42.46 -103.48 101.88
C LYS QA 107 43.36 -104.62 101.45
N SER QA 108 42.80 -105.59 100.74
CA SER QA 108 43.59 -106.69 100.20
C SER QA 108 44.14 -106.39 98.80
N LEU QA 109 43.60 -105.40 98.10
CA LEU QA 109 44.15 -105.00 96.83
C LEU QA 109 45.49 -104.28 97.02
N VAL QA 110 45.54 -103.34 97.96
CA VAL QA 110 46.75 -102.59 98.21
C VAL QA 110 47.81 -103.49 98.84
N ALA QA 111 47.40 -104.49 99.61
CA ALA QA 111 48.35 -105.33 100.33
C ALA QA 111 48.94 -106.45 99.48
N THR QA 112 48.64 -106.52 98.19
CA THR QA 112 49.19 -107.58 97.36
C THR QA 112 50.52 -107.16 96.76
N SER QA 113 51.25 -108.15 96.23
CA SER QA 113 52.57 -107.90 95.67
C SER QA 113 52.52 -107.39 94.23
N GLN QA 114 51.34 -107.31 93.62
CA GLN QA 114 51.24 -106.83 92.26
C GLN QA 114 50.99 -105.33 92.19
N VAL QA 115 50.26 -104.78 93.17
CA VAL QA 115 50.07 -103.35 93.23
C VAL QA 115 51.31 -102.68 93.80
N GLU QA 116 52.08 -103.41 94.62
CA GLU QA 116 53.34 -102.89 95.13
C GLU QA 116 54.34 -102.65 94.01
N ASP QA 117 54.48 -103.62 93.10
CA ASP QA 117 55.40 -103.45 91.97
C ASP QA 117 54.87 -102.46 90.95
N LEU QA 118 53.57 -102.16 90.96
CA LEU QA 118 53.02 -101.20 90.01
C LEU QA 118 53.39 -99.76 90.35
N VAL QA 119 53.56 -99.45 91.64
CA VAL QA 119 53.88 -98.08 92.02
C VAL QA 119 55.37 -97.94 92.29
N VAL QA 120 56.02 -99.01 92.75
CA VAL QA 120 57.45 -98.92 93.04
C VAL QA 120 58.27 -99.09 91.78
N ASN QA 121 58.11 -100.23 91.10
CA ASN QA 121 58.95 -100.57 89.95
C ASN QA 121 58.20 -100.44 88.63
N LEU QA 122 56.97 -99.91 88.65
CA LEU QA 122 56.16 -99.60 87.47
C LEU QA 122 55.83 -100.83 86.61
N VAL QA 123 55.82 -102.01 87.21
CA VAL QA 123 55.48 -103.24 86.49
C VAL QA 123 53.96 -103.31 86.32
N PRO QA 124 53.45 -103.64 85.15
CA PRO QA 124 51.99 -103.73 84.96
C PRO QA 124 51.38 -104.90 85.73
N LEU QA 125 50.04 -104.89 85.76
CA LEU QA 125 49.30 -105.80 86.61
C LEU QA 125 49.09 -107.16 85.94
N GLY QA 126 48.88 -108.17 86.77
CA GLY QA 126 48.57 -109.50 86.29
C GLY QA 126 49.79 -110.36 86.06
N ARG QA 127 49.83 -111.52 86.70
CA ARG QA 127 50.87 -112.51 86.48
C ARG QA 127 50.20 -113.84 86.17
N ALA QA 128 50.50 -114.40 85.00
CA ALA QA 128 49.87 -115.64 84.55
C ALA QA 128 50.59 -116.83 85.18
N TYR QA 129 49.96 -117.46 86.17
CA TYR QA 129 50.48 -118.66 86.81
C TYR QA 129 49.61 -119.83 86.36
N GLY QA 130 49.96 -120.39 85.20
CA GLY QA 130 49.21 -121.50 84.63
C GLY QA 130 47.81 -121.14 84.20
N GLY QA 131 47.69 -120.29 83.18
CA GLY QA 131 46.40 -119.87 82.70
C GLY QA 131 46.38 -118.45 82.18
N SER QA 132 45.41 -117.67 82.64
CA SER QA 132 45.29 -116.28 82.22
C SER QA 132 46.02 -115.36 83.21
N LYS QA 133 46.12 -114.09 82.85
CA LYS QA 133 46.68 -113.09 83.74
C LYS QA 133 45.67 -112.79 84.83
N THR QA 134 46.00 -113.16 86.07
CA THR QA 134 45.06 -113.11 87.18
C THR QA 134 45.62 -112.32 88.34
N ILE QA 135 44.70 -111.76 89.13
CA ILE QA 135 45.02 -111.15 90.42
C ILE QA 135 44.19 -111.88 91.47
N VAL QA 136 44.84 -112.29 92.56
CA VAL QA 136 44.14 -112.95 93.66
C VAL QA 136 43.95 -111.95 94.78
N LEU QA 137 42.71 -111.76 95.20
CA LEU QA 137 42.35 -110.82 96.27
C LEU QA 137 41.79 -111.63 97.42
N SER QA 138 42.66 -112.11 98.30
CA SER QA 138 42.24 -112.97 99.40
C SER QA 138 41.63 -112.14 100.51
N VAL QA 139 40.49 -112.62 101.02
CA VAL QA 139 39.74 -111.93 102.07
C VAL QA 139 39.82 -112.81 103.31
N GLY QA 140 40.95 -113.48 103.47
CA GLY QA 140 41.11 -114.47 104.52
C GLY QA 140 41.39 -115.82 103.92
N GLU QA 141 40.42 -116.73 104.03
CA GLU QA 141 40.49 -117.98 103.29
C GLU QA 141 39.68 -117.94 102.00
N ALA QA 142 38.78 -116.97 101.85
CA ALA QA 142 38.09 -116.77 100.59
C ALA QA 142 38.96 -115.96 99.65
N THR QA 143 39.27 -116.54 98.49
CA THR QA 143 40.10 -115.89 97.48
C THR QA 143 39.24 -115.60 96.26
N ARG QA 144 39.31 -114.37 95.77
CA ARG QA 144 38.51 -113.94 94.63
C ARG QA 144 39.45 -113.60 93.48
N THR QA 145 39.52 -114.50 92.50
CA THR QA 145 40.51 -114.42 91.42
C THR QA 145 39.91 -113.66 90.24
N LEU QA 146 40.50 -112.52 89.90
CA LEU QA 146 40.03 -111.72 88.78
C LEU QA 146 40.92 -111.95 87.56
N THR QA 147 40.30 -112.40 86.47
CA THR QA 147 41.02 -112.71 85.24
C THR QA 147 40.91 -111.54 84.27
N GLU QA 148 41.98 -111.32 83.51
CA GLU QA 148 42.07 -110.19 82.61
C GLU QA 148 41.22 -110.41 81.38
N ILE QA 149 40.41 -109.42 81.03
CA ILE QA 149 39.50 -109.55 79.88
C ILE QA 149 39.90 -108.65 78.72
N GLN QA 150 40.71 -107.62 78.94
CA GLN QA 150 41.05 -106.66 77.89
C GLN QA 150 42.28 -105.88 78.33
N SER QA 151 43.29 -105.84 77.47
CA SER QA 151 44.51 -105.07 77.71
C SER QA 151 44.69 -104.12 76.54
N THR QA 152 44.11 -102.93 76.64
CA THR QA 152 44.25 -101.91 75.62
C THR QA 152 45.59 -101.20 75.88
N ALA QA 153 45.99 -100.26 75.03
CA ALA QA 153 47.24 -99.56 75.22
C ALA QA 153 47.19 -98.63 76.43
N ASP QA 154 45.99 -98.19 76.82
CA ASP QA 154 45.82 -97.36 78.00
C ASP QA 154 45.26 -98.15 79.18
N ARG QA 155 44.12 -98.82 79.00
CA ARG QA 155 43.45 -99.49 80.10
C ARG QA 155 43.94 -100.93 80.24
N GLN QA 156 43.57 -101.54 81.36
CA GLN QA 156 43.86 -102.95 81.61
C GLN QA 156 42.76 -103.46 82.55
N ILE QA 157 41.73 -104.06 81.97
CA ILE QA 157 40.50 -104.38 82.70
C ILE QA 157 40.57 -105.81 83.19
N PHE QA 158 40.34 -105.99 84.49
CA PHE QA 158 40.22 -107.30 85.11
C PHE QA 158 38.77 -107.50 85.55
N GLU QA 159 38.38 -108.76 85.70
CA GLU QA 159 37.01 -109.08 86.05
C GLU QA 159 36.94 -110.49 86.59
N GLU QA 160 36.12 -110.69 87.62
CA GLU QA 160 35.85 -112.03 88.13
C GLU QA 160 34.96 -112.78 87.15
N LYS QA 161 35.00 -114.11 87.23
CA LYS QA 161 34.32 -114.94 86.24
C LYS QA 161 33.28 -115.88 86.82
N VAL QA 162 33.22 -116.04 88.13
CA VAL QA 162 32.21 -116.91 88.73
C VAL QA 162 30.93 -116.11 88.99
N GLY QA 163 29.79 -116.77 88.78
CA GLY QA 163 28.51 -116.18 89.11
C GLY QA 163 27.74 -115.73 87.87
N PRO QA 164 26.75 -114.87 88.07
CA PRO QA 164 26.00 -114.32 86.93
C PRO QA 164 26.84 -113.36 86.12
N LEU QA 165 26.33 -113.03 84.94
CA LEU QA 165 27.04 -112.16 84.02
C LEU QA 165 26.67 -110.69 84.14
N VAL QA 166 25.64 -110.36 84.92
CA VAL QA 166 25.19 -108.97 84.99
C VAL QA 166 26.00 -108.16 85.99
N GLY QA 167 26.40 -108.74 87.11
CA GLY QA 167 27.18 -108.02 88.09
C GLY QA 167 28.39 -108.79 88.55
N ARG QA 168 29.58 -108.25 88.26
CA ARG QA 168 30.83 -108.89 88.62
C ARG QA 168 31.83 -107.83 89.07
N LEU QA 169 32.89 -108.29 89.73
CA LEU QA 169 33.95 -107.39 90.15
C LEU QA 169 34.69 -106.83 88.93
N ARG QA 170 35.23 -105.64 89.10
CA ARG QA 170 35.97 -104.99 88.02
C ARG QA 170 37.26 -104.40 88.59
N LEU QA 171 38.24 -104.22 87.72
CA LEU QA 171 39.50 -103.59 88.12
C LEU QA 171 40.08 -102.99 86.85
N THR QA 172 39.91 -101.69 86.67
CA THR QA 172 40.40 -101.00 85.48
C THR QA 172 41.63 -100.20 85.86
N ALA QA 173 42.80 -100.84 85.75
CA ALA QA 173 44.05 -100.14 86.00
C ALA QA 173 44.43 -99.31 84.78
N SER QA 174 45.35 -98.37 85.00
CA SER QA 174 45.83 -97.50 83.93
C SER QA 174 47.21 -97.00 84.30
N LEU QA 175 47.85 -96.33 83.33
CA LEU QA 175 49.18 -95.78 83.51
C LEU QA 175 49.40 -94.73 82.43
N ARG QA 176 49.72 -93.51 82.84
CA ARG QA 176 49.94 -92.41 81.92
C ARG QA 176 51.22 -91.69 82.28
N GLN QA 177 51.59 -90.72 81.45
CA GLN QA 177 52.60 -89.73 81.81
C GLN QA 177 52.29 -88.45 81.06
N ASN QA 178 51.91 -87.41 81.78
CA ASN QA 178 51.50 -86.15 81.19
C ASN QA 178 52.59 -85.11 81.36
N GLY QA 179 52.76 -84.29 80.32
CA GLY QA 179 53.76 -83.25 80.34
C GLY QA 179 55.03 -83.67 79.60
N ALA QA 180 56.18 -83.20 80.08
CA ALA QA 180 57.45 -83.52 79.45
C ALA QA 180 58.10 -84.75 80.08
N LYS QA 181 57.33 -85.84 80.14
CA LYS QA 181 57.78 -87.17 80.58
C LYS QA 181 58.37 -87.16 81.99
N THR QA 182 57.81 -86.33 82.87
CA THR QA 182 58.40 -86.13 84.19
C THR QA 182 57.59 -86.73 85.33
N ALA QA 183 56.32 -87.08 85.11
CA ALA QA 183 55.50 -87.60 86.18
C ALA QA 183 54.54 -88.65 85.63
N TYR QA 184 54.43 -89.77 86.34
CA TYR QA 184 53.53 -90.84 85.95
C TYR QA 184 52.18 -90.66 86.64
N ARG QA 185 51.23 -91.52 86.30
CA ARG QA 185 49.88 -91.45 86.88
C ARG QA 185 49.29 -92.86 86.89
N VAL QA 186 49.38 -93.53 88.04
CA VAL QA 186 48.76 -94.82 88.23
C VAL QA 186 47.31 -94.58 88.64
N ASN QA 187 46.39 -95.40 88.11
CA ASN QA 187 44.96 -95.15 88.32
C ASN QA 187 44.23 -96.49 88.41
N LEU QA 188 44.01 -96.96 89.63
CA LEU QA 188 43.20 -98.16 89.86
C LEU QA 188 41.77 -97.78 90.19
N LYS QA 189 40.86 -98.71 89.94
CA LYS QA 189 39.44 -98.48 90.20
C LYS QA 189 38.74 -99.82 90.31
N LEU QA 190 38.07 -100.07 91.43
CA LEU QA 190 37.44 -101.34 91.71
C LEU QA 190 35.93 -101.12 91.87
N ASP QA 191 35.16 -101.57 90.89
CA ASP QA 191 33.71 -101.51 90.96
C ASP QA 191 33.15 -102.79 91.56
N GLN QA 192 32.17 -102.65 92.43
CA GLN QA 192 31.49 -103.79 93.04
C GLN QA 192 30.00 -103.52 92.99
N ALA QA 193 29.28 -104.28 92.17
CA ALA QA 193 27.84 -104.14 92.03
C ALA QA 193 27.13 -105.19 92.88
N ASP QA 194 26.00 -104.82 93.45
CA ASP QA 194 25.22 -105.72 94.28
C ASP QA 194 24.11 -106.33 93.43
N VAL QA 195 24.22 -107.63 93.14
CA VAL QA 195 23.24 -108.34 92.35
C VAL QA 195 22.34 -109.14 93.28
N VAL QA 196 21.05 -109.17 92.97
CA VAL QA 196 20.08 -109.91 93.77
C VAL QA 196 19.06 -110.53 92.82
N ASP QA 197 18.56 -111.71 93.18
CA ASP QA 197 17.48 -112.34 92.45
C ASP QA 197 16.49 -112.97 93.43
N CYS QA 198 15.23 -113.02 93.02
CA CYS QA 198 14.18 -113.67 93.80
C CYS QA 198 13.31 -114.56 92.92
N SER QA 199 13.94 -115.42 92.12
CA SER QA 199 13.19 -116.43 91.36
C SER QA 199 12.55 -117.46 92.27
N THR QA 200 13.06 -117.63 93.50
CA THR QA 200 12.36 -118.44 94.49
C THR QA 200 11.14 -117.72 95.05
N SER QA 201 11.07 -116.40 94.89
CA SER QA 201 9.93 -115.61 95.39
C SER QA 201 8.97 -115.20 94.28
N VAL QA 202 9.45 -114.46 93.28
CA VAL QA 202 8.64 -114.05 92.14
C VAL QA 202 9.16 -114.78 90.90
N CYS QA 203 8.25 -115.41 90.17
CA CYS QA 203 8.65 -116.19 89.01
C CYS QA 203 9.05 -115.32 87.84
N GLY QA 204 9.91 -115.89 86.98
CA GLY QA 204 10.33 -115.25 85.76
C GLY QA 204 11.23 -114.05 85.94
N GLU QA 205 11.87 -113.93 87.10
CA GLU QA 205 12.72 -112.78 87.40
C GLU QA 205 14.18 -113.24 87.35
N LEU QA 206 14.94 -112.63 86.46
CA LEU QA 206 16.36 -112.90 86.31
C LEU QA 206 17.16 -111.95 87.18
N PRO QA 207 18.40 -112.29 87.52
CA PRO QA 207 19.21 -111.41 88.39
C PRO QA 207 19.48 -110.05 87.76
N LYS QA 208 19.59 -109.04 88.63
CA LYS QA 208 19.83 -107.67 88.22
C LYS QA 208 20.61 -106.97 89.33
N VAL QA 209 21.25 -105.87 88.96
CA VAL QA 209 22.07 -105.10 89.90
C VAL QA 209 21.21 -104.06 90.58
N ARG QA 210 21.56 -103.75 91.84
CA ARG QA 210 20.88 -102.69 92.57
C ARG QA 210 21.65 -101.38 92.47
N TYR QA 211 22.89 -101.38 92.94
CA TYR QA 211 23.74 -100.20 92.99
C TYR QA 211 25.18 -100.63 92.71
N THR QA 212 26.06 -99.65 92.52
CA THR QA 212 27.49 -99.92 92.41
C THR QA 212 28.23 -99.03 93.40
N GLN QA 213 29.32 -99.55 93.95
CA GLN QA 213 30.16 -98.81 94.88
C GLN QA 213 31.60 -98.86 94.40
N VAL QA 214 32.22 -97.68 94.31
CA VAL QA 214 33.52 -97.53 93.69
C VAL QA 214 34.56 -97.22 94.76
N TRP QA 215 35.78 -97.71 94.55
CA TRP QA 215 36.94 -97.26 95.32
C TRP QA 215 38.07 -97.05 94.31
N SER QA 216 38.18 -95.83 93.83
CA SER QA 216 39.24 -95.48 92.89
C SER QA 216 40.52 -95.10 93.62
N HIS QA 217 41.62 -95.06 92.87
CA HIS QA 217 42.89 -94.56 93.36
C HIS QA 217 43.49 -93.68 92.29
N ASP QA 218 44.40 -92.79 92.69
CA ASP QA 218 45.08 -91.91 91.74
C ASP QA 218 46.45 -91.58 92.33
N VAL QA 219 47.46 -92.32 91.89
CA VAL QA 219 48.81 -92.18 92.41
C VAL QA 219 49.59 -91.31 91.45
N THR QA 220 50.30 -90.32 91.99
CA THR QA 220 51.16 -89.44 91.20
C THR QA 220 52.60 -89.72 91.59
N ILE QA 221 53.41 -90.14 90.61
CA ILE QA 221 54.80 -90.50 90.84
C ILE QA 221 55.64 -89.74 89.84
N VAL QA 222 56.61 -88.97 90.33
CA VAL QA 222 57.52 -88.26 89.46
C VAL QA 222 58.59 -89.23 88.97
N ALA QA 223 59.13 -88.95 87.78
CA ALA QA 223 59.94 -89.95 87.07
C ALA QA 223 61.32 -90.12 87.68
N ASN QA 224 61.88 -89.06 88.25
CA ASN QA 224 63.23 -89.10 88.81
C ASN QA 224 63.25 -89.34 90.31
N SER QA 225 62.31 -90.14 90.82
CA SER QA 225 62.15 -90.37 92.25
C SER QA 225 63.26 -91.25 92.79
N THR QA 226 63.32 -91.31 94.12
CA THR QA 226 64.11 -92.30 94.82
C THR QA 226 63.23 -93.54 94.98
N GLU QA 227 63.86 -94.72 95.03
CA GLU QA 227 63.09 -95.95 95.23
C GLU QA 227 62.46 -96.00 96.61
N ALA QA 228 63.19 -95.57 97.64
CA ALA QA 228 62.62 -95.52 98.98
C ALA QA 228 61.63 -94.38 99.14
N SER QA 229 61.55 -93.44 98.19
CA SER QA 229 60.51 -92.44 98.21
C SER QA 229 59.21 -93.00 97.66
N ARG QA 230 59.28 -93.90 96.68
CA ARG QA 230 58.08 -94.56 96.17
C ARG QA 230 57.67 -95.72 97.06
N LYS QA 231 58.64 -96.35 97.73
CA LYS QA 231 58.32 -97.48 98.59
C LYS QA 231 57.65 -97.02 99.89
N SER QA 232 58.07 -95.87 100.42
CA SER QA 232 57.47 -95.38 101.65
C SER QA 232 56.09 -94.78 101.41
N LEU QA 233 55.84 -94.25 100.21
CA LEU QA 233 54.51 -93.76 99.88
C LEU QA 233 53.51 -94.90 99.79
N TYR QA 234 53.93 -96.02 99.19
CA TYR QA 234 53.06 -97.19 99.13
C TYR QA 234 52.85 -97.79 100.51
N ASP QA 235 53.92 -97.89 101.31
CA ASP QA 235 53.83 -98.56 102.60
C ASP QA 235 53.10 -97.71 103.64
N LEU QA 236 52.97 -96.41 103.42
CA LEU QA 236 52.11 -95.59 104.27
C LEU QA 236 50.65 -95.74 103.89
N THR QA 237 50.37 -95.81 102.58
CA THR QA 237 49.00 -95.98 102.12
C THR QA 237 48.48 -97.38 102.42
N LYS QA 238 49.37 -98.38 102.39
CA LYS QA 238 48.98 -99.73 102.80
C LYS QA 238 48.65 -99.77 104.28
N SER QA 239 49.36 -98.99 105.08
CA SER QA 239 49.09 -98.92 106.51
C SER QA 239 47.97 -97.94 106.84
N LEU QA 240 47.55 -97.12 105.88
CA LEU QA 240 46.44 -96.21 106.13
C LEU QA 240 45.11 -96.92 105.94
N VAL QA 241 44.98 -97.70 104.87
CA VAL QA 241 43.75 -98.45 104.60
C VAL QA 241 43.53 -99.53 105.66
N ALA QA 242 44.61 -100.08 106.21
CA ALA QA 242 44.49 -101.14 107.20
C ALA QA 242 44.16 -100.63 108.61
N THR QA 243 43.94 -99.33 108.80
CA THR QA 243 43.62 -98.82 110.12
C THR QA 243 42.14 -99.05 110.43
N SER QA 244 41.79 -98.82 111.70
CA SER QA 244 40.41 -98.98 112.13
C SER QA 244 39.58 -97.73 111.92
N GLN QA 245 40.20 -96.61 111.55
CA GLN QA 245 39.47 -95.37 111.38
C GLN QA 245 38.97 -95.21 109.96
N VAL QA 246 39.75 -95.65 108.98
CA VAL QA 246 39.30 -95.65 107.59
C VAL QA 246 38.31 -96.79 107.34
N GLU QA 247 38.30 -97.79 108.21
CA GLU QA 247 37.23 -98.79 108.16
C GLU QA 247 35.88 -98.17 108.53
N ASP QA 248 35.82 -97.46 109.65
CA ASP QA 248 34.60 -96.81 110.08
C ASP QA 248 34.25 -95.60 109.22
N LEU QA 249 35.21 -95.03 108.51
CA LEU QA 249 34.90 -93.96 107.58
C LEU QA 249 34.13 -94.45 106.37
N VAL QA 250 34.37 -95.69 105.96
CA VAL QA 250 33.65 -96.27 104.83
C VAL QA 250 32.40 -97.00 105.29
N VAL QA 251 32.49 -97.78 106.36
CA VAL QA 251 31.34 -98.57 106.81
C VAL QA 251 30.31 -97.70 107.51
N ASN QA 252 30.73 -96.94 108.52
CA ASN QA 252 29.80 -96.19 109.37
C ASN QA 252 29.90 -94.67 109.20
N LEU QA 253 30.72 -94.19 108.26
CA LEU QA 253 30.86 -92.77 107.91
C LEU QA 253 31.32 -91.90 109.09
N VAL QA 254 32.09 -92.48 110.00
CA VAL QA 254 32.69 -91.71 111.09
C VAL QA 254 33.90 -90.98 110.54
N PRO QA 255 34.01 -89.66 110.72
CA PRO QA 255 35.21 -88.95 110.28
C PRO QA 255 36.45 -89.36 111.05
N LEU QA 256 37.61 -89.04 110.47
CA LEU QA 256 38.87 -89.55 110.95
C LEU QA 256 39.33 -88.79 112.21
N GLY QA 257 40.29 -89.40 112.91
CA GLY QA 257 40.88 -88.77 114.07
C GLY QA 257 40.20 -89.12 115.37
N ARG QA 258 40.96 -89.72 116.30
CA ARG QA 258 40.45 -89.99 117.64
C ARG QA 258 41.41 -89.46 118.68
N SER RA 1 -33.58 -156.74 -12.73
CA SER RA 1 -33.47 -155.88 -13.90
C SER RA 1 -32.03 -155.83 -14.39
N LYS RA 2 -31.31 -154.77 -14.00
CA LYS RA 2 -29.93 -154.57 -14.40
C LYS RA 2 -29.02 -155.07 -13.29
N THR RA 3 -28.18 -156.06 -13.61
CA THR RA 3 -27.44 -156.79 -12.61
C THR RA 3 -25.96 -156.87 -12.94
N ILE RA 4 -25.13 -156.90 -11.89
CA ILE RA 4 -23.75 -157.33 -11.96
C ILE RA 4 -23.60 -158.56 -11.06
N VAL RA 5 -22.99 -159.61 -11.59
CA VAL RA 5 -22.81 -160.86 -10.87
C VAL RA 5 -21.35 -160.99 -10.47
N LEU RA 6 -21.09 -161.09 -9.18
CA LEU RA 6 -19.74 -161.22 -8.65
C LEU RA 6 -19.59 -162.63 -8.08
N SER RA 7 -18.88 -163.49 -8.81
CA SER RA 7 -18.65 -164.86 -8.35
C SER RA 7 -17.42 -164.91 -7.46
N VAL RA 8 -17.57 -165.52 -6.28
CA VAL RA 8 -16.51 -165.58 -5.29
C VAL RA 8 -16.12 -167.06 -5.21
N GLY RA 9 -16.17 -167.72 -6.36
CA GLY RA 9 -15.96 -169.15 -6.41
C GLY RA 9 -17.17 -169.84 -7.00
N GLU RA 10 -17.88 -170.61 -6.18
CA GLU RA 10 -19.15 -171.17 -6.57
C GLU RA 10 -20.33 -170.34 -6.09
N ALA RA 11 -20.11 -169.43 -5.14
CA ALA RA 11 -21.17 -168.57 -4.66
C ALA RA 11 -21.16 -167.26 -5.45
N THR RA 12 -22.33 -166.85 -5.94
CA THR RA 12 -22.48 -165.62 -6.72
C THR RA 12 -23.31 -164.64 -5.91
N ARG RA 13 -22.84 -163.39 -5.84
CA ARG RA 13 -23.54 -162.33 -5.12
C ARG RA 13 -24.04 -161.32 -6.16
N THR RA 14 -25.33 -161.40 -6.47
CA THR RA 14 -25.91 -160.61 -7.55
C THR RA 14 -26.36 -159.26 -7.03
N LEU RA 15 -25.69 -158.21 -7.48
CA LEU RA 15 -26.09 -156.84 -7.20
C LEU RA 15 -27.13 -156.38 -8.22
N THR RA 16 -28.08 -155.57 -7.77
CA THR RA 16 -29.08 -155.00 -8.67
C THR RA 16 -29.02 -153.49 -8.58
N GLU RA 17 -29.40 -152.84 -9.69
CA GLU RA 17 -29.34 -151.39 -9.77
C GLU RA 17 -30.55 -150.77 -9.08
N ILE RA 18 -30.30 -149.82 -8.17
CA ILE RA 18 -31.37 -149.18 -7.41
C ILE RA 18 -31.53 -147.71 -7.72
N GLN RA 19 -30.57 -147.08 -8.41
CA GLN RA 19 -30.62 -145.64 -8.65
C GLN RA 19 -29.72 -145.33 -9.83
N SER RA 20 -30.21 -144.47 -10.73
CA SER RA 20 -29.45 -144.13 -11.94
C SER RA 20 -29.63 -142.65 -12.22
N THR RA 21 -28.58 -141.88 -11.98
CA THR RA 21 -28.54 -140.46 -12.29
C THR RA 21 -27.99 -140.36 -13.72
N ALA RA 22 -27.59 -139.16 -14.16
CA ALA RA 22 -26.98 -139.00 -15.47
C ALA RA 22 -25.67 -139.78 -15.58
N ASP RA 23 -24.76 -139.58 -14.64
CA ASP RA 23 -23.49 -140.29 -14.61
C ASP RA 23 -23.37 -141.27 -13.45
N ARG RA 24 -23.82 -140.88 -12.25
CA ARG RA 24 -23.73 -141.76 -11.10
C ARG RA 24 -24.74 -142.90 -11.22
N GLN RA 25 -24.37 -144.06 -10.67
CA GLN RA 25 -25.13 -145.27 -10.91
C GLN RA 25 -24.88 -146.20 -9.72
N ILE RA 26 -25.90 -146.41 -8.90
CA ILE RA 26 -25.76 -147.10 -7.62
C ILE RA 26 -26.38 -148.49 -7.72
N PHE RA 27 -25.58 -149.51 -7.44
CA PHE RA 27 -26.02 -150.89 -7.36
C PHE RA 27 -26.10 -151.32 -5.91
N GLU RA 28 -26.84 -152.39 -5.65
CA GLU RA 28 -27.03 -152.88 -4.29
C GLU RA 28 -27.46 -154.34 -4.34
N GLU RA 29 -27.07 -155.09 -3.31
CA GLU RA 29 -27.50 -156.47 -3.15
C GLU RA 29 -28.77 -156.51 -2.31
N LYS RA 30 -29.83 -157.10 -2.86
CA LYS RA 30 -31.14 -157.07 -2.25
C LYS RA 30 -31.41 -158.25 -1.32
N VAL RA 31 -30.38 -158.88 -0.79
CA VAL RA 31 -30.57 -160.02 0.10
C VAL RA 31 -30.27 -159.60 1.54
N GLY RA 32 -31.24 -159.80 2.43
CA GLY RA 32 -31.05 -159.58 3.84
C GLY RA 32 -31.79 -158.35 4.34
N PRO RA 33 -31.40 -157.86 5.53
CA PRO RA 33 -32.03 -156.66 6.07
C PRO RA 33 -31.68 -155.39 5.32
N LEU RA 34 -32.29 -154.28 5.70
CA LEU RA 34 -32.15 -153.02 4.98
C LEU RA 34 -31.03 -152.14 5.50
N VAL RA 35 -30.37 -152.52 6.58
CA VAL RA 35 -29.47 -151.59 7.25
C VAL RA 35 -28.08 -151.58 6.61
N GLY RA 36 -27.50 -152.72 6.30
CA GLY RA 36 -26.21 -152.74 5.65
C GLY RA 36 -26.13 -153.75 4.53
N ARG RA 37 -25.94 -153.28 3.31
CA ARG RA 37 -25.88 -154.15 2.14
C ARG RA 37 -24.63 -153.79 1.33
N LEU RA 38 -24.29 -154.67 0.40
CA LEU RA 38 -23.25 -154.36 -0.57
C LEU RA 38 -23.66 -153.19 -1.45
N ARG RA 39 -22.68 -152.38 -1.83
CA ARG RA 39 -22.94 -151.16 -2.56
C ARG RA 39 -21.90 -151.04 -3.65
N LEU RA 40 -22.29 -150.45 -4.78
CA LEU RA 40 -21.38 -150.27 -5.90
C LEU RA 40 -21.80 -148.99 -6.61
N THR RA 41 -20.97 -147.96 -6.50
CA THR RA 41 -21.30 -146.64 -7.04
C THR RA 41 -20.38 -146.37 -8.22
N ALA RA 42 -20.85 -146.67 -9.41
CA ALA RA 42 -20.10 -146.36 -10.62
C ALA RA 42 -20.33 -144.90 -11.02
N SER RA 43 -19.39 -144.35 -11.78
CA SER RA 43 -19.48 -142.99 -12.26
C SER RA 43 -18.66 -142.89 -13.54
N LEU RA 44 -18.91 -141.82 -14.30
CA LEU RA 44 -18.16 -141.55 -15.51
C LEU RA 44 -18.35 -140.07 -15.86
N ARG RA 45 -17.25 -139.33 -15.88
CA ARG RA 45 -17.29 -137.91 -16.18
C ARG RA 45 -16.36 -137.62 -17.34
N GLN RA 46 -16.22 -136.33 -17.68
CA GLN RA 46 -15.13 -135.89 -18.54
C GLN RA 46 -14.73 -134.49 -18.09
N ASN RA 47 -13.58 -134.37 -17.46
CA ASN RA 47 -13.14 -133.13 -16.83
C ASN RA 47 -12.36 -132.28 -17.82
N GLY RA 48 -12.55 -130.97 -17.72
CA GLY RA 48 -11.81 -130.02 -18.53
C GLY RA 48 -12.44 -129.75 -19.88
N ALA RA 49 -11.62 -129.64 -20.91
CA ALA RA 49 -12.09 -129.33 -22.26
C ALA RA 49 -12.33 -130.61 -23.07
N LYS RA 50 -13.11 -131.52 -22.47
CA LYS RA 50 -13.61 -132.75 -23.09
C LYS RA 50 -12.47 -133.65 -23.59
N THR RA 51 -11.35 -133.69 -22.85
CA THR RA 51 -10.17 -134.41 -23.32
C THR RA 51 -9.82 -135.65 -22.52
N ALA RA 52 -10.42 -135.86 -21.34
CA ALA RA 52 -10.06 -137.00 -20.51
C ALA RA 52 -11.28 -137.41 -19.68
N TYR RA 53 -11.58 -138.70 -19.69
CA TYR RA 53 -12.67 -139.26 -18.91
C TYR RA 53 -12.18 -139.65 -17.52
N ARG RA 54 -13.13 -139.97 -16.64
CA ARG RA 54 -12.80 -140.30 -15.26
C ARG RA 54 -13.82 -141.31 -14.76
N VAL RA 55 -13.45 -142.59 -14.77
CA VAL RA 55 -14.27 -143.65 -14.23
C VAL RA 55 -13.98 -143.75 -12.73
N ASN RA 56 -15.01 -143.99 -11.93
CA ASN RA 56 -14.87 -143.97 -10.48
C ASN RA 56 -15.79 -145.02 -9.87
N LEU RA 57 -15.25 -146.19 -9.58
CA LEU RA 57 -15.98 -147.22 -8.88
C LEU RA 57 -15.71 -147.13 -7.37
N LYS RA 58 -16.66 -147.65 -6.60
CA LYS RA 58 -16.52 -147.63 -5.14
C LYS RA 58 -17.40 -148.76 -4.59
N LEU RA 59 -16.76 -149.77 -4.01
CA LEU RA 59 -17.46 -150.93 -3.49
C LEU RA 59 -17.45 -150.85 -1.97
N ASP RA 60 -18.60 -150.54 -1.39
CA ASP RA 60 -18.74 -150.52 0.06
C ASP RA 60 -19.04 -151.92 0.58
N GLN RA 61 -18.75 -152.14 1.86
CA GLN RA 61 -19.13 -153.39 2.51
C GLN RA 61 -19.30 -153.12 4.00
N ALA RA 62 -20.53 -153.21 4.47
CA ALA RA 62 -20.83 -153.02 5.88
C ALA RA 62 -20.93 -154.38 6.56
N ASP RA 63 -20.39 -154.47 7.77
CA ASP RA 63 -20.42 -155.70 8.55
C ASP RA 63 -21.56 -155.60 9.55
N VAL RA 64 -22.69 -156.20 9.23
CA VAL RA 64 -23.85 -156.18 10.10
C VAL RA 64 -23.83 -157.41 11.00
N VAL RA 65 -24.49 -157.28 12.15
CA VAL RA 65 -24.67 -158.39 13.07
C VAL RA 65 -26.04 -158.23 13.72
N ASP RA 66 -26.80 -159.31 13.80
CA ASP RA 66 -28.14 -159.29 14.34
C ASP RA 66 -28.09 -160.03 15.67
N CYS RA 67 -28.12 -159.28 16.76
CA CYS RA 67 -27.90 -159.81 18.10
C CYS RA 67 -29.21 -159.90 18.87
N SER RA 68 -30.31 -160.16 18.15
CA SER RA 68 -31.62 -160.18 18.78
C SER RA 68 -31.89 -161.45 19.56
N THR RA 69 -31.23 -162.56 19.20
CA THR RA 69 -31.50 -163.82 19.89
C THR RA 69 -30.79 -163.87 21.24
N SER RA 70 -29.55 -163.41 21.30
CA SER RA 70 -28.82 -163.42 22.56
C SER RA 70 -29.27 -162.27 23.45
N VAL RA 71 -29.09 -161.03 22.99
CA VAL RA 71 -29.55 -159.85 23.72
C VAL RA 71 -30.99 -159.57 23.29
N CYS RA 72 -31.89 -159.54 24.26
CA CYS RA 72 -33.30 -159.37 23.96
C CYS RA 72 -33.60 -157.91 23.63
N GLY RA 73 -34.27 -157.69 22.50
CA GLY RA 73 -34.82 -156.41 22.18
C GLY RA 73 -33.93 -155.44 21.45
N GLU RA 74 -33.00 -155.91 20.62
CA GLU RA 74 -32.19 -155.01 19.82
C GLU RA 74 -32.12 -155.49 18.37
N LEU RA 75 -31.75 -154.55 17.51
CA LEU RA 75 -31.90 -154.65 16.07
C LEU RA 75 -30.54 -154.88 15.40
N PRO RA 76 -30.49 -155.31 14.14
CA PRO RA 76 -29.20 -155.36 13.44
C PRO RA 76 -28.60 -153.98 13.25
N LYS RA 77 -27.27 -153.94 13.26
CA LYS RA 77 -26.53 -152.68 13.25
C LYS RA 77 -25.23 -152.89 12.51
N VAL RA 78 -24.68 -151.80 11.98
CA VAL RA 78 -23.42 -151.83 11.25
C VAL RA 78 -22.29 -151.57 12.22
N ARG RA 79 -21.37 -152.53 12.34
CA ARG RA 79 -20.20 -152.32 13.20
C ARG RA 79 -19.17 -151.43 12.53
N TYR RA 80 -18.81 -151.75 11.30
CA TYR RA 80 -17.80 -151.01 10.57
C TYR RA 80 -18.06 -151.09 9.07
N THR RA 81 -17.31 -150.32 8.30
CA THR RA 81 -17.46 -150.25 6.86
C THR RA 81 -16.08 -150.22 6.22
N GLN RA 82 -15.88 -151.10 5.24
CA GLN RA 82 -14.62 -151.19 4.52
C GLN RA 82 -14.88 -151.01 3.03
N VAL RA 83 -14.21 -150.05 2.41
CA VAL RA 83 -14.44 -149.72 1.02
C VAL RA 83 -13.21 -150.09 0.19
N TRP RA 84 -13.41 -150.15 -1.13
CA TRP RA 84 -12.30 -150.28 -2.08
C TRP RA 84 -12.69 -149.44 -3.29
N SER RA 85 -12.11 -148.25 -3.40
CA SER RA 85 -12.42 -147.36 -4.48
C SER RA 85 -11.51 -147.62 -5.68
N HIS RA 86 -11.90 -147.07 -6.82
CA HIS RA 86 -11.06 -147.02 -8.01
C HIS RA 86 -11.19 -145.63 -8.61
N ASP RA 87 -10.17 -145.20 -9.33
CA ASP RA 87 -10.21 -143.90 -10.01
C ASP RA 87 -9.35 -144.03 -11.27
N VAL RA 88 -10.00 -144.31 -12.38
CA VAL RA 88 -9.33 -144.53 -13.65
C VAL RA 88 -9.34 -143.23 -14.42
N THR RA 89 -8.19 -142.89 -15.03
CA THR RA 89 -8.10 -141.72 -15.90
C THR RA 89 -7.83 -142.20 -17.32
N ILE RA 90 -8.73 -141.88 -18.23
CA ILE RA 90 -8.64 -142.29 -19.63
C ILE RA 90 -8.68 -141.03 -20.49
N VAL RA 91 -7.64 -140.82 -21.27
CA VAL RA 91 -7.62 -139.69 -22.21
C VAL RA 91 -8.43 -140.07 -23.44
N ALA RA 92 -9.06 -139.05 -24.05
CA ALA RA 92 -10.12 -139.30 -25.01
C ALA RA 92 -9.60 -139.84 -26.34
N ASN RA 93 -8.42 -139.40 -26.79
CA ASN RA 93 -7.88 -139.79 -28.08
C ASN RA 93 -6.96 -140.99 -27.99
N SER RA 94 -7.23 -141.92 -27.07
CA SER RA 94 -6.36 -143.04 -26.81
C SER RA 94 -6.41 -144.07 -27.93
N THR RA 95 -5.57 -145.08 -27.80
CA THR RA 95 -5.65 -146.30 -28.58
C THR RA 95 -6.40 -147.34 -27.75
N GLU RA 96 -7.15 -148.21 -28.42
CA GLU RA 96 -7.88 -149.26 -27.71
C GLU RA 96 -6.93 -150.25 -27.05
N ALA RA 97 -5.78 -150.51 -27.66
CA ALA RA 97 -4.79 -151.37 -27.03
C ALA RA 97 -4.10 -150.69 -25.85
N SER RA 98 -4.16 -149.35 -25.77
CA SER RA 98 -3.66 -148.66 -24.59
C SER RA 98 -4.61 -148.82 -23.42
N ARG RA 99 -5.91 -148.76 -23.68
CA ARG RA 99 -6.90 -149.00 -22.65
C ARG RA 99 -7.00 -150.47 -22.26
N LYS RA 100 -6.81 -151.38 -23.21
CA LYS RA 100 -6.90 -152.80 -22.90
C LYS RA 100 -5.70 -153.26 -22.08
N SER RA 101 -4.52 -152.71 -22.35
CA SER RA 101 -3.32 -153.13 -21.61
C SER RA 101 -3.31 -152.56 -20.20
N LEU RA 102 -3.89 -151.38 -20.01
CA LEU RA 102 -4.00 -150.82 -18.66
C LEU RA 102 -4.98 -151.63 -17.83
N TYR RA 103 -6.06 -152.11 -18.43
CA TYR RA 103 -7.00 -152.97 -17.71
C TYR RA 103 -6.39 -154.34 -17.46
N ASP RA 104 -5.60 -154.86 -18.39
CA ASP RA 104 -4.99 -156.17 -18.24
C ASP RA 104 -3.93 -156.22 -17.16
N LEU RA 105 -3.27 -155.09 -16.89
CA LEU RA 105 -2.31 -155.04 -15.80
C LEU RA 105 -3.01 -154.94 -14.45
N THR RA 106 -4.07 -154.12 -14.37
CA THR RA 106 -4.78 -153.95 -13.11
C THR RA 106 -5.60 -155.18 -12.76
N LYS RA 107 -6.11 -155.92 -13.76
CA LYS RA 107 -6.77 -157.19 -13.50
C LYS RA 107 -5.78 -158.20 -12.94
N SER RA 108 -4.54 -158.16 -13.39
CA SER RA 108 -3.51 -159.06 -12.89
C SER RA 108 -2.81 -158.53 -11.65
N LEU RA 109 -2.89 -157.23 -11.38
CA LEU RA 109 -2.31 -156.70 -10.15
C LEU RA 109 -3.16 -157.07 -8.95
N VAL RA 110 -4.47 -156.97 -9.07
CA VAL RA 110 -5.34 -157.33 -7.96
C VAL RA 110 -5.34 -158.84 -7.75
N ALA RA 111 -5.24 -159.62 -8.82
CA ALA RA 111 -5.34 -161.07 -8.73
C ALA RA 111 -4.07 -161.73 -8.20
N THR RA 112 -3.01 -160.98 -7.90
CA THR RA 112 -1.80 -161.60 -7.40
C THR RA 112 -1.89 -161.82 -5.91
N SER RA 113 -0.95 -162.61 -5.38
CA SER RA 113 -0.96 -162.95 -3.96
C SER RA 113 -0.15 -161.99 -3.11
N GLN RA 114 0.37 -160.91 -3.69
CA GLN RA 114 1.06 -159.91 -2.89
C GLN RA 114 0.14 -158.76 -2.52
N VAL RA 115 -0.82 -158.42 -3.38
CA VAL RA 115 -1.83 -157.43 -3.05
C VAL RA 115 -2.91 -158.07 -2.17
N GLU RA 116 -3.03 -159.39 -2.21
CA GLU RA 116 -3.92 -160.08 -1.28
C GLU RA 116 -3.45 -159.93 0.16
N ASP RA 117 -2.17 -160.18 0.40
CA ASP RA 117 -1.62 -160.03 1.75
C ASP RA 117 -1.47 -158.59 2.17
N LEU RA 118 -1.54 -157.64 1.23
CA LEU RA 118 -1.44 -156.23 1.59
C LEU RA 118 -2.72 -155.70 2.22
N VAL RA 119 -3.88 -156.24 1.83
CA VAL RA 119 -5.14 -155.73 2.35
C VAL RA 119 -5.67 -156.66 3.44
N VAL RA 120 -5.26 -157.92 3.42
CA VAL RA 120 -5.73 -158.86 4.42
C VAL RA 120 -4.80 -158.86 5.64
N ASN RA 121 -3.50 -159.00 5.41
CA ASN RA 121 -2.52 -159.14 6.49
C ASN RA 121 -1.61 -157.93 6.64
N LEU RA 122 -1.80 -156.90 5.81
CA LEU RA 122 -1.18 -155.58 5.92
C LEU RA 122 0.34 -155.60 5.77
N VAL RA 123 0.89 -156.61 5.11
CA VAL RA 123 2.34 -156.63 4.84
C VAL RA 123 2.60 -156.00 3.48
N PRO RA 124 3.70 -155.27 3.29
CA PRO RA 124 3.88 -154.49 2.08
C PRO RA 124 4.22 -155.36 0.87
N LEU RA 125 4.33 -154.69 -0.28
CA LEU RA 125 4.52 -155.34 -1.55
C LEU RA 125 5.99 -155.67 -1.79
N GLY RA 126 6.22 -156.53 -2.78
CA GLY RA 126 7.58 -156.87 -3.17
C GLY RA 126 8.15 -158.04 -2.41
N ARG RA 127 8.66 -159.03 -3.13
CA ARG RA 127 9.30 -160.20 -2.52
C ARG RA 127 10.62 -160.46 -3.24
N ALA RA 128 11.70 -160.58 -2.48
CA ALA RA 128 13.03 -160.73 -3.03
C ALA RA 128 13.33 -162.21 -3.26
N TYR RA 129 13.43 -162.61 -4.52
CA TYR RA 129 13.84 -163.97 -4.90
C TYR RA 129 14.84 -163.85 -6.04
N GLY RA 130 16.12 -163.90 -5.69
CA GLY RA 130 17.19 -163.80 -6.67
C GLY RA 130 17.44 -162.40 -7.16
N GLY RA 131 17.78 -161.49 -6.24
CA GLY RA 131 18.04 -160.12 -6.59
C GLY RA 131 17.31 -159.13 -5.72
N SER RA 132 16.44 -158.31 -6.32
CA SER RA 132 15.66 -157.34 -5.57
C SER RA 132 14.22 -157.83 -5.42
N LYS RA 133 13.38 -156.97 -4.85
CA LYS RA 133 11.98 -157.31 -4.61
C LYS RA 133 11.16 -156.97 -5.85
N THR RA 134 10.43 -157.96 -6.37
CA THR RA 134 9.72 -157.83 -7.63
C THR RA 134 8.25 -158.22 -7.49
N ILE RA 135 7.43 -157.66 -8.38
CA ILE RA 135 6.05 -158.10 -8.59
C ILE RA 135 5.93 -158.53 -10.05
N VAL RA 136 5.34 -159.69 -10.28
CA VAL RA 136 5.17 -160.23 -11.62
C VAL RA 136 3.72 -160.04 -12.04
N LEU RA 137 3.50 -159.29 -13.11
CA LEU RA 137 2.16 -158.99 -13.62
C LEU RA 137 2.00 -159.68 -14.97
N SER RA 138 1.55 -160.92 -14.95
CA SER RA 138 1.32 -161.68 -16.17
C SER RA 138 0.01 -161.27 -16.83
N VAL RA 139 0.06 -161.05 -18.13
CA VAL RA 139 -1.10 -160.62 -18.90
C VAL RA 139 -1.51 -161.73 -19.84
N GLY RA 140 -1.28 -162.97 -19.40
CA GLY RA 140 -1.34 -164.14 -20.26
C GLY RA 140 -0.09 -164.97 -20.04
N GLU RA 141 0.77 -165.05 -21.05
CA GLU RA 141 2.09 -165.62 -20.85
C GLU RA 141 3.19 -164.57 -20.75
N ALA RA 142 2.95 -163.36 -21.25
CA ALA RA 142 3.90 -162.27 -21.11
C ALA RA 142 3.87 -161.73 -19.69
N THR RA 143 5.02 -161.76 -19.01
CA THR RA 143 5.13 -161.33 -17.63
C THR RA 143 5.95 -160.05 -17.57
N ARG RA 144 5.30 -158.94 -17.22
CA ARG RA 144 5.97 -157.65 -17.07
C ARG RA 144 6.36 -157.50 -15.61
N THR RA 145 7.66 -157.70 -15.33
CA THR RA 145 8.17 -157.75 -13.97
C THR RA 145 8.60 -156.36 -13.55
N LEU RA 146 7.88 -155.78 -12.58
CA LEU RA 146 8.29 -154.52 -11.97
C LEU RA 146 9.29 -154.81 -10.86
N THR RA 147 10.30 -153.94 -10.75
CA THR RA 147 11.29 -154.05 -9.69
C THR RA 147 11.21 -152.81 -8.81
N GLU RA 148 11.42 -153.01 -7.50
CA GLU RA 148 11.31 -151.92 -6.55
C GLU RA 148 12.52 -151.00 -6.67
N ILE RA 149 12.26 -149.71 -6.85
CA ILE RA 149 13.33 -148.73 -6.96
C ILE RA 149 13.40 -147.81 -5.76
N GLN RA 150 12.45 -147.86 -4.83
CA GLN RA 150 12.43 -146.93 -3.72
C GLN RA 150 11.65 -147.54 -2.58
N SER RA 151 12.02 -147.22 -1.34
CA SER RA 151 11.31 -147.63 -0.14
C SER RA 151 11.38 -146.47 0.84
N THR RA 152 10.35 -145.65 0.84
CA THR RA 152 10.27 -144.49 1.73
C THR RA 152 9.66 -144.98 3.06
N ALA RA 153 9.20 -144.06 3.91
CA ALA RA 153 8.62 -144.45 5.20
C ALA RA 153 7.33 -145.24 5.00
N ASP RA 154 6.41 -144.74 4.18
CA ASP RA 154 5.19 -145.45 3.83
C ASP RA 154 5.14 -145.81 2.34
N ARG RA 155 5.63 -144.92 1.49
CA ARG RA 155 5.60 -145.10 0.04
C ARG RA 155 6.52 -146.24 -0.39
N GLN RA 156 6.24 -146.77 -1.58
CA GLN RA 156 7.00 -147.90 -2.11
C GLN RA 156 6.83 -147.87 -3.62
N ILE RA 157 7.85 -147.39 -4.33
CA ILE RA 157 7.75 -147.14 -5.76
C ILE RA 157 8.40 -148.29 -6.52
N PHE RA 158 7.63 -148.94 -7.38
CA PHE RA 158 8.12 -149.99 -8.27
C PHE RA 158 8.21 -149.42 -9.68
N GLU RA 159 9.03 -150.07 -10.51
CA GLU RA 159 9.22 -149.60 -11.87
C GLU RA 159 9.74 -150.74 -12.74
N GLU RA 160 9.28 -150.78 -13.98
CA GLU RA 160 9.83 -151.69 -14.97
C GLU RA 160 11.06 -151.09 -15.62
N LYS RA 161 12.08 -151.93 -15.81
CA LYS RA 161 13.39 -151.45 -16.25
C LYS RA 161 13.64 -151.61 -17.75
N VAL RA 162 12.71 -152.22 -18.48
CA VAL RA 162 12.90 -152.42 -19.91
C VAL RA 162 12.45 -151.18 -20.67
N GLY RA 163 13.32 -150.69 -21.55
CA GLY RA 163 12.97 -149.60 -22.43
C GLY RA 163 13.58 -148.27 -22.04
N PRO RA 164 13.05 -147.19 -22.59
CA PRO RA 164 13.62 -145.86 -22.32
C PRO RA 164 13.28 -145.37 -20.93
N LEU RA 165 13.91 -144.26 -20.56
CA LEU RA 165 13.75 -143.65 -19.24
C LEU RA 165 12.55 -142.73 -19.14
N VAL RA 166 11.97 -142.33 -20.28
CA VAL RA 166 10.96 -141.27 -20.24
C VAL RA 166 9.59 -141.81 -19.81
N GLY RA 167 9.17 -142.96 -20.33
CA GLY RA 167 7.89 -143.51 -19.94
C GLY RA 167 7.99 -144.97 -19.55
N ARG RA 168 7.71 -145.28 -18.29
CA ARG RA 168 7.79 -146.63 -17.78
C ARG RA 168 6.60 -146.89 -16.89
N LEU RA 169 6.37 -148.17 -16.59
CA LEU RA 169 5.35 -148.54 -15.62
C LEU RA 169 5.78 -148.10 -14.22
N ARG RA 170 4.85 -147.48 -13.52
CA ARG RA 170 5.08 -147.06 -12.14
C ARG RA 170 4.03 -147.71 -11.26
N LEU RA 171 4.36 -147.88 -9.98
CA LEU RA 171 3.43 -148.47 -9.03
C LEU RA 171 3.82 -147.95 -7.66
N THR RA 172 3.07 -146.97 -7.16
CA THR RA 172 3.40 -146.32 -5.89
C THR RA 172 2.40 -146.81 -4.84
N ALA RA 173 2.75 -147.89 -4.17
CA ALA RA 173 1.96 -148.37 -3.05
C ALA RA 173 2.15 -147.47 -1.84
N SER RA 174 1.23 -147.59 -0.88
CA SER RA 174 1.30 -146.80 0.35
C SER RA 174 0.55 -147.56 1.44
N LEU RA 175 0.73 -147.10 2.67
CA LEU RA 175 0.06 -147.69 3.83
C LEU RA 175 0.13 -146.68 4.97
N ARG RA 176 -1.03 -146.31 5.50
CA ARG RA 176 -1.10 -145.31 6.56
C ARG RA 176 -2.01 -145.83 7.66
N GLN RA 177 -2.18 -145.03 8.71
CA GLN RA 177 -3.27 -145.21 9.66
C GLN RA 177 -3.63 -143.83 10.20
N ASN RA 178 -4.82 -143.36 9.85
CA ASN RA 178 -5.26 -142.01 10.17
C ASN RA 178 -5.92 -141.96 11.53
N GLY RA 179 -5.60 -140.91 12.28
CA GLY RA 179 -6.24 -140.65 13.55
C GLY RA 179 -5.67 -141.43 14.71
N ALA RA 180 -6.54 -141.96 15.57
CA ALA RA 180 -6.11 -142.67 16.76
C ALA RA 180 -6.00 -144.18 16.53
N LYS RA 181 -5.24 -144.54 15.49
CA LYS RA 181 -4.90 -145.93 15.13
C LYS RA 181 -6.14 -146.79 14.90
N THR RA 182 -7.19 -146.20 14.33
CA THR RA 182 -8.46 -146.89 14.19
C THR RA 182 -8.75 -147.42 12.80
N ALA RA 183 -8.06 -146.94 11.78
CA ALA RA 183 -8.34 -147.36 10.41
C ALA RA 183 -7.11 -147.17 9.55
N TYR RA 184 -6.79 -148.19 8.75
CA TYR RA 184 -5.69 -148.12 7.82
C TYR RA 184 -6.17 -147.56 6.48
N ARG RA 185 -5.24 -147.31 5.57
CA ARG RA 185 -5.60 -146.77 4.25
C ARG RA 185 -4.52 -147.22 3.25
N VAL RA 186 -4.83 -148.24 2.47
CA VAL RA 186 -3.95 -148.71 1.41
C VAL RA 186 -4.23 -147.91 0.16
N ASN RA 187 -3.19 -147.56 -0.60
CA ASN RA 187 -3.36 -146.67 -1.73
C ASN RA 187 -2.37 -147.07 -2.83
N LEU RA 188 -2.86 -147.85 -3.80
CA LEU RA 188 -2.06 -148.19 -4.98
C LEU RA 188 -2.37 -147.22 -6.12
N LYS RA 189 -1.43 -147.16 -7.06
CA LYS RA 189 -1.56 -146.27 -8.22
C LYS RA 189 -0.63 -146.77 -9.31
N LEU RA 190 -1.20 -147.19 -10.44
CA LEU RA 190 -0.43 -147.73 -11.56
C LEU RA 190 -0.54 -146.76 -12.73
N ASP RA 191 0.59 -146.14 -13.07
CA ASP RA 191 0.65 -145.27 -14.24
C ASP RA 191 1.17 -146.05 -15.43
N GLN RA 192 0.67 -145.69 -16.62
CA GLN RA 192 1.11 -146.33 -17.85
C GLN RA 192 1.19 -145.28 -18.94
N ALA RA 193 2.37 -144.71 -19.12
CA ALA RA 193 2.61 -143.70 -20.14
C ALA RA 193 2.83 -144.39 -21.48
N ASP RA 194 2.27 -143.83 -22.54
CA ASP RA 194 2.39 -144.40 -23.87
C ASP RA 194 3.54 -143.72 -24.58
N VAL RA 195 4.63 -144.46 -24.80
CA VAL RA 195 5.81 -143.94 -25.46
C VAL RA 195 5.81 -144.44 -26.90
N VAL RA 196 6.28 -143.60 -27.82
CA VAL RA 196 6.34 -143.93 -29.23
C VAL RA 196 7.68 -143.45 -29.78
N ASP RA 197 8.18 -144.16 -30.79
CA ASP RA 197 9.44 -143.81 -31.43
C ASP RA 197 9.22 -143.54 -32.91
N CYS RA 198 9.78 -142.43 -33.39
CA CYS RA 198 9.63 -142.02 -34.77
C CYS RA 198 10.93 -142.20 -35.54
N SER RA 199 11.78 -143.12 -35.08
CA SER RA 199 13.11 -143.29 -35.65
C SER RA 199 13.09 -143.90 -37.04
N THR RA 200 12.07 -144.70 -37.35
CA THR RA 200 11.99 -145.28 -38.69
C THR RA 200 11.46 -144.28 -39.71
N SER RA 201 10.88 -143.18 -39.25
CA SER RA 201 10.42 -142.11 -40.13
C SER RA 201 11.35 -140.90 -40.12
N VAL RA 202 11.69 -140.39 -38.93
CA VAL RA 202 12.57 -139.24 -38.79
C VAL RA 202 13.79 -139.67 -38.00
N CYS RA 203 14.97 -139.51 -38.61
CA CYS RA 203 16.22 -139.78 -37.90
C CYS RA 203 16.47 -138.76 -36.80
N GLY RA 204 17.27 -139.18 -35.82
CA GLY RA 204 17.60 -138.34 -34.69
C GLY RA 204 16.44 -138.08 -33.76
N GLU RA 205 15.41 -138.92 -33.78
CA GLU RA 205 14.23 -138.74 -32.98
C GLU RA 205 14.29 -139.68 -31.79
N LEU RA 206 14.40 -139.10 -30.60
CA LEU RA 206 14.37 -139.88 -29.38
C LEU RA 206 12.92 -140.11 -28.96
N PRO RA 207 12.63 -141.21 -28.26
CA PRO RA 207 11.24 -141.51 -27.89
C PRO RA 207 10.68 -140.52 -26.88
N LYS RA 208 9.36 -140.33 -26.94
CA LYS RA 208 8.66 -139.37 -26.11
C LYS RA 208 7.28 -139.92 -25.79
N VAL RA 209 6.65 -139.32 -24.80
CA VAL RA 209 5.33 -139.76 -24.34
C VAL RA 209 4.26 -138.86 -24.92
N ARG RA 210 3.14 -139.47 -25.31
CA ARG RA 210 2.03 -138.70 -25.88
C ARG RA 210 0.96 -138.43 -24.84
N TYR RA 211 0.65 -139.41 -23.99
CA TYR RA 211 -0.30 -139.23 -22.90
C TYR RA 211 0.08 -140.16 -21.75
N THR RA 212 -0.75 -140.15 -20.70
CA THR RA 212 -0.61 -141.10 -19.61
C THR RA 212 -1.98 -141.46 -19.09
N GLN RA 213 -2.10 -142.68 -18.57
CA GLN RA 213 -3.37 -143.23 -18.08
C GLN RA 213 -3.11 -143.99 -16.79
N VAL RA 214 -3.84 -143.62 -15.73
CA VAL RA 214 -3.61 -144.18 -14.41
C VAL RA 214 -4.82 -145.03 -14.00
N TRP RA 215 -4.62 -145.82 -12.95
CA TRP RA 215 -5.69 -146.58 -12.31
C TRP RA 215 -5.34 -146.63 -10.82
N SER RA 216 -5.89 -145.69 -10.07
CA SER RA 216 -5.63 -145.62 -8.64
C SER RA 216 -6.52 -146.60 -7.89
N HIS RA 217 -6.12 -146.91 -6.66
CA HIS RA 217 -6.93 -147.68 -5.73
C HIS RA 217 -6.92 -146.95 -4.41
N ASP RA 218 -7.99 -147.14 -3.63
CA ASP RA 218 -8.08 -146.49 -2.33
C ASP RA 218 -8.85 -147.43 -1.41
N VAL RA 219 -8.12 -148.27 -0.68
CA VAL RA 219 -8.69 -149.26 0.20
C VAL RA 219 -8.76 -148.67 1.60
N THR RA 220 -9.90 -148.82 2.27
CA THR RA 220 -10.05 -148.42 3.65
C THR RA 220 -10.25 -149.67 4.50
N ILE RA 221 -9.40 -149.85 5.50
CA ILE RA 221 -9.42 -151.02 6.35
C ILE RA 221 -9.47 -150.54 7.79
N VAL RA 222 -10.51 -150.92 8.52
CA VAL RA 222 -10.61 -150.56 9.92
C VAL RA 222 -9.86 -151.59 10.76
N ALA RA 223 -9.31 -151.13 11.89
CA ALA RA 223 -8.28 -151.87 12.60
C ALA RA 223 -8.84 -153.07 13.36
N ASN RA 224 -10.04 -152.95 13.92
CA ASN RA 224 -10.64 -154.03 14.70
C ASN RA 224 -11.49 -154.97 13.87
N SER RA 225 -11.12 -155.17 12.61
CA SER RA 225 -11.88 -155.97 11.66
C SER RA 225 -11.80 -157.45 12.00
N THR RA 226 -12.57 -158.23 11.27
CA THR RA 226 -12.39 -159.67 11.20
C THR RA 226 -11.51 -159.95 9.99
N GLU RA 227 -10.63 -160.96 10.09
CA GLU RA 227 -9.81 -161.33 8.95
C GLU RA 227 -10.65 -161.91 7.81
N ALA RA 228 -11.79 -162.53 8.14
CA ALA RA 228 -12.72 -162.97 7.12
C ALA RA 228 -13.45 -161.82 6.46
N SER RA 229 -13.49 -160.65 7.10
CA SER RA 229 -14.14 -159.49 6.50
C SER RA 229 -13.20 -158.74 5.56
N ARG RA 230 -11.89 -158.82 5.82
CA ARG RA 230 -10.92 -158.24 4.88
C ARG RA 230 -10.68 -159.17 3.70
N LYS RA 231 -10.77 -160.47 3.93
CA LYS RA 231 -10.66 -161.44 2.83
C LYS RA 231 -11.86 -161.33 1.90
N SER RA 232 -13.04 -161.04 2.46
CA SER RA 232 -14.24 -160.94 1.64
C SER RA 232 -14.26 -159.66 0.82
N LEU RA 233 -13.66 -158.59 1.32
CA LEU RA 233 -13.59 -157.35 0.55
C LEU RA 233 -12.61 -157.48 -0.60
N TYR RA 234 -11.50 -158.18 -0.39
CA TYR RA 234 -10.54 -158.40 -1.48
C TYR RA 234 -11.11 -159.33 -2.53
N ASP RA 235 -11.81 -160.38 -2.10
CA ASP RA 235 -12.36 -161.38 -3.02
C ASP RA 235 -13.47 -160.83 -3.90
N LEU RA 236 -14.19 -159.81 -3.45
CA LEU RA 236 -15.19 -159.19 -4.32
C LEU RA 236 -14.55 -158.25 -5.31
N THR RA 237 -13.54 -157.49 -4.89
CA THR RA 237 -12.85 -156.57 -5.80
C THR RA 237 -11.97 -157.33 -6.79
N LYS RA 238 -11.46 -158.49 -6.39
CA LYS RA 238 -10.74 -159.34 -7.34
C LYS RA 238 -11.66 -159.86 -8.42
N SER RA 239 -12.91 -160.14 -8.07
CA SER RA 239 -13.87 -160.63 -9.05
C SER RA 239 -14.64 -159.51 -9.74
N LEU RA 240 -14.64 -158.30 -9.17
CA LEU RA 240 -15.31 -157.19 -9.83
C LEU RA 240 -14.52 -156.73 -11.05
N VAL RA 241 -13.20 -156.59 -10.91
CA VAL RA 241 -12.34 -156.19 -12.02
C VAL RA 241 -12.30 -157.28 -13.08
N ALA RA 242 -12.42 -158.54 -12.68
CA ALA RA 242 -12.37 -159.65 -13.61
C ALA RA 242 -13.64 -159.83 -14.44
N THR RA 243 -14.71 -159.08 -14.16
CA THR RA 243 -15.92 -159.20 -14.94
C THR RA 243 -15.76 -158.53 -16.29
N SER RA 244 -16.63 -158.91 -17.23
CA SER RA 244 -16.63 -158.32 -18.55
C SER RA 244 -17.43 -157.03 -18.61
N GLN RA 245 -18.06 -156.61 -17.52
CA GLN RA 245 -18.76 -155.34 -17.51
C GLN RA 245 -17.82 -154.18 -17.19
N VAL RA 246 -16.84 -154.43 -16.32
CA VAL RA 246 -15.82 -153.42 -16.01
C VAL RA 246 -14.76 -153.38 -17.09
N GLU RA 247 -14.59 -154.46 -17.84
CA GLU RA 247 -13.71 -154.45 -19.01
C GLU RA 247 -14.24 -153.48 -20.06
N ASP RA 248 -15.53 -153.56 -20.37
CA ASP RA 248 -16.14 -152.66 -21.34
C ASP RA 248 -16.35 -151.26 -20.78
N LEU RA 249 -16.30 -151.08 -19.46
CA LEU RA 249 -16.45 -149.74 -18.90
C LEU RA 249 -15.16 -148.94 -19.05
N VAL RA 250 -14.01 -149.60 -19.02
CA VAL RA 250 -12.74 -148.91 -19.17
C VAL RA 250 -12.30 -148.85 -20.62
N VAL RA 251 -12.47 -149.95 -21.36
CA VAL RA 251 -12.06 -149.98 -22.76
C VAL RA 251 -13.01 -149.20 -23.64
N ASN RA 252 -14.33 -149.40 -23.48
CA ASN RA 252 -15.31 -148.87 -24.40
C ASN RA 252 -16.30 -147.89 -23.78
N LEU RA 253 -16.16 -147.57 -22.49
CA LEU RA 253 -17.00 -146.61 -21.75
C LEU RA 253 -18.47 -147.01 -21.73
N VAL RA 254 -18.77 -148.30 -21.76
CA VAL RA 254 -20.15 -148.78 -21.64
C VAL RA 254 -20.50 -148.81 -20.15
N PRO RA 255 -21.63 -148.24 -19.74
CA PRO RA 255 -21.99 -148.24 -18.31
C PRO RA 255 -22.33 -149.64 -17.80
N LEU RA 256 -22.27 -149.79 -16.49
CA LEU RA 256 -22.46 -151.08 -15.86
C LEU RA 256 -23.94 -151.47 -15.82
N GLY RA 257 -24.18 -152.76 -15.68
CA GLY RA 257 -25.53 -153.26 -15.52
C GLY RA 257 -26.14 -153.82 -16.78
N ARG RA 258 -26.51 -155.10 -16.74
CA ARG RA 258 -27.18 -155.73 -17.88
C ARG RA 258 -28.37 -156.56 -17.41
N SER SA 1 11.96 -160.11 7.96
CA SER SA 1 13.04 -159.29 7.45
C SER SA 1 13.96 -158.84 8.58
N LYS SA 2 13.77 -157.61 9.05
CA LYS SA 2 14.57 -157.03 10.12
C LYS SA 2 13.86 -157.26 11.44
N THR SA 3 14.51 -157.99 12.35
CA THR SA 3 13.86 -158.46 13.56
C THR SA 3 14.68 -158.18 14.81
N ILE SA 4 13.97 -157.94 15.91
CA ILE SA 4 14.50 -158.03 17.26
C ILE SA 4 13.71 -159.10 17.99
N VAL SA 5 14.41 -160.02 18.65
CA VAL SA 5 13.76 -161.03 19.47
C VAL SA 5 13.93 -160.64 20.94
N LEU SA 6 12.90 -160.90 21.73
CA LEU SA 6 12.88 -160.58 23.15
C LEU SA 6 12.51 -161.85 23.91
N SER SA 7 13.51 -162.49 24.52
CA SER SA 7 13.27 -163.71 25.26
C SER SA 7 12.77 -163.38 26.66
N VAL SA 8 11.66 -163.99 27.06
CA VAL SA 8 11.03 -163.73 28.34
C VAL SA 8 11.19 -165.02 29.14
N GLY SA 9 12.30 -165.71 28.92
CA GLY SA 9 12.52 -167.02 29.46
C GLY SA 9 12.79 -168.00 28.34
N GLU SA 10 11.84 -168.91 28.10
CA GLU SA 10 11.90 -169.77 26.93
C GLU SA 10 11.01 -169.30 25.80
N ALA SA 11 10.09 -168.38 26.06
CA ALA SA 11 9.23 -167.84 25.01
C ALA SA 11 9.86 -166.60 24.41
N THR SA 12 10.01 -166.59 23.09
CA THR SA 12 10.59 -165.47 22.36
C THR SA 12 9.49 -164.76 21.60
N ARG SA 13 9.43 -163.43 21.73
CA ARG SA 13 8.45 -162.61 21.04
C ARG SA 13 9.18 -161.75 20.04
N THR SA 14 9.26 -162.21 18.80
CA THR SA 14 10.03 -161.54 17.76
C THR SA 14 9.22 -160.38 17.17
N LEU SA 15 9.83 -159.21 17.14
CA LEU SA 15 9.25 -158.02 16.52
C LEU SA 15 9.76 -157.90 15.10
N THR SA 16 8.94 -157.33 14.22
CA THR SA 16 9.36 -157.09 12.84
C THR SA 16 9.24 -155.61 12.54
N GLU SA 17 10.15 -155.13 11.69
CA GLU SA 17 10.15 -153.72 11.29
C GLU SA 17 9.05 -153.46 10.28
N ILE SA 18 8.24 -152.43 10.54
CA ILE SA 18 7.13 -152.08 9.68
C ILE SA 18 7.27 -150.70 9.04
N GLN SA 19 8.20 -149.87 9.50
CA GLN SA 19 8.32 -148.52 9.00
C GLN SA 19 9.73 -148.02 9.29
N SER SA 20 10.31 -147.30 8.34
CA SER SA 20 11.68 -146.81 8.50
C SER SA 20 11.76 -145.43 7.84
N THR SA 21 11.83 -144.39 8.66
CA THR SA 21 12.02 -143.03 8.20
C THR SA 21 13.54 -142.80 8.17
N ALA SA 22 14.00 -141.55 8.07
CA ALA SA 22 15.43 -141.25 8.13
C ALA SA 22 16.03 -141.65 9.48
N ASP SA 23 15.42 -141.22 10.57
CA ASP SA 23 15.87 -141.54 11.91
C ASP SA 23 14.93 -142.48 12.65
N ARG SA 24 13.62 -142.25 12.56
CA ARG SA 24 12.65 -143.07 13.29
C ARG SA 24 12.52 -144.45 12.65
N GLN SA 25 12.20 -145.44 13.48
CA GLN SA 25 12.24 -146.83 13.05
C GLN SA 25 11.25 -147.61 13.92
N ILE SA 26 10.12 -147.99 13.33
CA ILE SA 26 9.01 -148.57 14.06
C ILE SA 26 8.99 -150.08 13.87
N PHE SA 27 9.03 -150.81 14.98
CA PHE SA 27 8.92 -152.27 15.00
C PHE SA 27 7.53 -152.66 15.50
N GLU SA 28 7.15 -153.90 15.23
CA GLU SA 28 5.83 -154.40 15.63
C GLU SA 28 5.85 -155.91 15.63
N GLU SA 29 5.04 -156.50 16.51
CA GLU SA 29 4.85 -157.94 16.53
C GLU SA 29 3.69 -158.33 15.63
N LYS SA 30 3.97 -159.23 14.69
CA LYS SA 30 3.00 -159.57 13.65
C LYS SA 30 2.08 -160.73 14.02
N VAL SA 31 1.91 -161.02 15.31
CA VAL SA 31 1.05 -162.13 15.71
C VAL SA 31 -0.25 -161.58 16.31
N GLY SA 32 -1.38 -162.10 15.84
CA GLY SA 32 -2.66 -161.77 16.43
C GLY SA 32 -3.46 -160.78 15.62
N PRO SA 33 -4.48 -160.18 16.25
CA PRO SA 33 -5.30 -159.17 15.56
C PRO SA 33 -4.55 -157.88 15.29
N LEU SA 34 -5.18 -156.98 14.55
CA LEU SA 34 -4.53 -155.77 14.07
C LEU SA 34 -4.65 -154.58 15.02
N VAL SA 35 -5.50 -154.67 16.04
CA VAL SA 35 -5.85 -153.48 16.81
C VAL SA 35 -4.78 -153.12 17.84
N GLY SA 36 -4.23 -154.08 18.58
CA GLY SA 36 -3.21 -153.76 19.55
C GLY SA 36 -2.07 -154.77 19.55
N ARG SA 37 -0.86 -154.30 19.25
CA ARG SA 37 0.30 -155.15 19.16
C ARG SA 37 1.45 -154.48 19.92
N LEU SA 38 2.52 -155.24 20.15
CA LEU SA 38 3.74 -154.64 20.67
C LEU SA 38 4.31 -153.65 19.66
N ARG SA 39 4.91 -152.60 20.19
CA ARG SA 39 5.42 -151.51 19.37
C ARG SA 39 6.76 -151.09 19.94
N LEU SA 40 7.69 -150.76 19.05
CA LEU SA 40 9.02 -150.33 19.47
C LEU SA 40 9.46 -149.23 18.51
N THR SA 41 9.62 -148.03 19.03
CA THR SA 41 9.91 -146.86 18.21
C THR SA 41 11.30 -146.35 18.58
N ALA SA 42 12.31 -146.82 17.86
CA ALA SA 42 13.65 -146.31 18.04
C ALA SA 42 13.83 -145.00 17.29
N SER SA 43 14.80 -144.21 17.73
CA SER SA 43 15.15 -142.96 17.08
C SER SA 43 16.62 -142.67 17.36
N LEU SA 44 17.17 -141.73 16.60
CA LEU SA 44 18.55 -141.29 16.78
C LEU SA 44 18.71 -139.93 16.12
N ARG SA 45 19.13 -138.94 16.90
CA ARG SA 45 19.29 -137.58 16.40
C ARG SA 45 20.67 -137.08 16.80
N GLN SA 46 20.95 -135.83 16.47
CA GLN SA 46 22.09 -135.12 17.07
C GLN SA 46 21.70 -133.65 17.21
N ASN SA 47 21.55 -133.21 18.46
CA ASN SA 47 21.02 -131.89 18.75
C ASN SA 47 22.13 -130.85 18.78
N GLY SA 48 21.82 -129.68 18.24
CA GLY SA 48 22.71 -128.54 18.31
C GLY SA 48 23.83 -128.57 17.28
N ALA SA 49 25.05 -128.31 17.73
CA ALA SA 49 26.20 -128.20 16.83
C ALA SA 49 26.94 -129.53 16.72
N LYS SA 50 26.17 -130.58 16.41
CA LYS SA 50 26.68 -131.91 16.06
C LYS SA 50 27.51 -132.55 17.17
N THR SA 51 27.21 -132.22 18.43
CA THR SA 51 28.07 -132.61 19.53
C THR SA 51 27.49 -133.67 20.45
N ALA SA 52 26.18 -133.92 20.41
CA ALA SA 52 25.55 -134.86 21.32
C ALA SA 52 24.44 -135.59 20.61
N TYR SA 53 24.48 -136.91 20.63
CA TYR SA 53 23.45 -137.74 20.05
C TYR SA 53 22.33 -137.98 21.07
N ARG SA 54 21.20 -138.48 20.58
CA ARG SA 54 20.02 -138.66 21.42
C ARG SA 54 19.27 -139.90 20.94
N VAL SA 55 19.44 -141.00 21.65
CA VAL SA 55 18.69 -142.22 21.38
C VAL SA 55 17.37 -142.17 22.13
N ASN SA 56 16.33 -142.75 21.54
CA ASN SA 56 15.00 -142.68 22.15
C ASN SA 56 14.22 -143.93 21.78
N LEU SA 57 14.20 -144.91 22.68
CA LEU SA 57 13.36 -146.08 22.54
C LEU SA 57 12.03 -145.86 23.24
N LYS SA 58 11.02 -146.62 22.80
CA LYS SA 58 9.68 -146.51 23.38
C LYS SA 58 8.95 -147.82 23.12
N LEU SA 59 8.77 -148.60 24.17
CA LEU SA 59 8.10 -149.90 24.07
C LEU SA 59 6.66 -149.74 24.52
N ASP SA 60 5.73 -149.79 23.57
CA ASP SA 60 4.32 -149.78 23.91
C ASP SA 60 3.81 -151.18 24.17
N GLN SA 61 2.75 -151.29 24.96
CA GLN SA 61 2.12 -152.58 25.22
C GLN SA 61 0.66 -152.35 25.53
N ALA SA 62 -0.21 -152.74 24.61
CA ALA SA 62 -1.65 -152.58 24.78
C ALA SA 62 -2.26 -153.88 25.28
N ASP SA 63 -3.24 -153.77 26.16
CA ASP SA 63 -3.92 -154.94 26.72
C ASP SA 63 -5.20 -155.16 25.94
N VAL SA 64 -5.16 -156.11 25.04
CA VAL SA 64 -6.28 -156.40 24.14
C VAL SA 64 -7.07 -157.57 24.70
N VAL SA 65 -8.39 -157.38 24.83
CA VAL SA 65 -9.28 -158.45 25.25
C VAL SA 65 -10.27 -158.68 24.11
N ASP SA 66 -10.62 -159.95 23.87
CA ASP SA 66 -11.54 -160.33 22.80
C ASP SA 66 -12.73 -161.03 23.45
N CYS SA 67 -13.86 -160.34 23.52
CA CYS SA 67 -15.04 -160.84 24.22
C CYS SA 67 -16.13 -161.16 23.21
N SER SA 68 -15.75 -161.75 22.07
CA SER SA 68 -16.73 -162.10 21.06
C SER SA 68 -17.50 -163.37 21.41
N THR SA 69 -16.91 -164.26 22.20
CA THR SA 69 -17.59 -165.51 22.53
C THR SA 69 -18.56 -165.31 23.69
N SER SA 70 -18.18 -164.50 24.67
CA SER SA 70 -19.05 -164.24 25.81
C SER SA 70 -20.18 -163.30 25.44
N VAL SA 71 -19.84 -162.06 25.07
CA VAL SA 71 -20.82 -161.11 24.58
C VAL SA 71 -20.94 -161.31 23.08
N CYS SA 72 -22.15 -161.53 22.60
CA CYS SA 72 -22.36 -161.80 21.19
C CYS SA 72 -22.28 -160.49 20.40
N GLY SA 73 -21.47 -160.49 19.35
CA GLY SA 73 -21.46 -159.42 18.39
C GLY SA 73 -20.56 -158.24 18.69
N GLU SA 74 -19.41 -158.45 19.34
CA GLU SA 74 -18.46 -157.36 19.51
C GLU SA 74 -17.05 -157.85 19.20
N LEU SA 75 -16.17 -156.87 19.00
CA LEU SA 75 -14.84 -157.04 18.43
C LEU SA 75 -13.78 -156.90 19.50
N PRO SA 76 -12.52 -157.30 19.24
CA PRO SA 76 -11.46 -156.99 20.21
C PRO SA 76 -11.21 -155.50 20.33
N LYS SA 77 -10.71 -155.10 21.49
CA LYS SA 77 -10.53 -153.69 21.81
C LYS SA 77 -9.37 -153.54 22.77
N VAL SA 78 -8.79 -152.36 22.80
CA VAL SA 78 -7.66 -152.06 23.67
C VAL SA 78 -8.21 -151.50 24.98
N ARG SA 79 -7.93 -152.21 26.07
CA ARG SA 79 -8.29 -151.71 27.40
C ARG SA 79 -7.44 -150.51 27.78
N TYR SA 80 -6.13 -150.69 27.84
CA TYR SA 80 -5.19 -149.65 28.23
C TYR SA 80 -3.86 -149.89 27.55
N THR SA 81 -2.99 -148.90 27.59
CA THR SA 81 -1.62 -149.03 27.11
C THR SA 81 -0.66 -148.63 28.21
N GLN SA 82 0.44 -149.37 28.32
CA GLN SA 82 1.50 -149.09 29.28
C GLN SA 82 2.81 -149.02 28.54
N VAL SA 83 3.49 -147.88 28.61
CA VAL SA 83 4.69 -147.65 27.85
C VAL SA 83 5.91 -147.72 28.79
N TRP SA 84 7.09 -147.85 28.19
CA TRP SA 84 8.36 -147.72 28.91
C TRP SA 84 9.32 -147.06 27.93
N SER SA 85 9.44 -145.74 28.02
CA SER SA 85 10.34 -145.03 27.14
C SER SA 85 11.76 -145.02 27.69
N HIS SA 86 12.70 -144.66 26.82
CA HIS SA 86 14.08 -144.42 27.22
C HIS SA 86 14.53 -143.12 26.56
N ASP SA 87 15.56 -142.51 27.12
CA ASP SA 87 16.13 -141.28 26.55
C ASP SA 87 17.61 -141.25 26.92
N VAL SA 88 18.44 -141.69 26.01
CA VAL SA 88 19.88 -141.72 26.23
C VAL SA 88 20.51 -140.51 25.58
N THR SA 89 21.44 -139.87 26.29
CA THR SA 89 22.21 -138.76 25.75
C THR SA 89 23.67 -139.16 25.70
N ILE SA 90 24.22 -139.21 24.49
CA ILE SA 90 25.61 -139.57 24.26
C ILE SA 90 26.29 -138.39 23.59
N VAL SA 91 27.36 -137.90 24.19
CA VAL SA 91 28.14 -136.84 23.56
C VAL SA 91 29.13 -137.46 22.58
N ALA SA 92 29.41 -136.72 21.51
CA ALA SA 92 30.04 -137.31 20.32
C ALA SA 92 31.51 -137.65 20.54
N ASN SA 93 32.23 -136.82 21.29
CA ASN SA 93 33.67 -137.02 21.49
C ASN SA 93 33.97 -137.89 22.71
N SER SA 94 33.09 -138.82 23.04
CA SER SA 94 33.28 -139.71 24.17
C SER SA 94 34.41 -140.71 23.89
N THR SA 95 34.86 -141.36 24.95
CA THR SA 95 35.58 -142.60 24.82
C THR SA 95 34.58 -143.75 24.82
N GLU SA 96 35.01 -144.91 24.35
CA GLU SA 96 34.09 -146.03 24.22
C GLU SA 96 33.72 -146.63 25.57
N ALA SA 97 34.66 -146.66 26.52
CA ALA SA 97 34.39 -147.27 27.81
C ALA SA 97 33.51 -146.41 28.70
N SER SA 98 33.29 -145.14 28.35
CA SER SA 98 32.35 -144.33 29.12
C SER SA 98 30.91 -144.69 28.77
N ARG SA 99 30.62 -144.83 27.49
CA ARG SA 99 29.27 -145.18 27.07
C ARG SA 99 29.04 -146.68 27.03
N LYS SA 100 30.09 -147.49 27.18
CA LYS SA 100 29.88 -148.91 27.45
C LYS SA 100 29.51 -149.13 28.91
N SER SA 101 30.14 -148.38 29.82
CA SER SA 101 29.83 -148.54 31.24
C SER SA 101 28.48 -147.91 31.58
N LEU SA 102 28.05 -146.93 30.79
CA LEU SA 102 26.70 -146.37 30.95
C LEU SA 102 25.66 -147.42 30.60
N TYR SA 103 25.92 -148.22 29.56
CA TYR SA 103 25.00 -149.29 29.21
C TYR SA 103 25.06 -150.42 30.22
N ASP SA 104 26.25 -150.68 30.77
CA ASP SA 104 26.41 -151.77 31.72
C ASP SA 104 25.74 -151.50 33.06
N LEU SA 105 25.62 -150.24 33.45
CA LEU SA 105 24.92 -149.91 34.68
C LEU SA 105 23.40 -149.96 34.48
N THR SA 106 22.92 -149.48 33.33
CA THR SA 106 21.49 -149.47 33.07
C THR SA 106 20.96 -150.87 32.79
N LYS SA 107 21.80 -151.73 32.21
CA LYS SA 107 21.43 -153.13 32.04
C LYS SA 107 21.28 -153.82 33.40
N SER SA 108 22.14 -153.47 34.36
CA SER SA 108 22.06 -154.03 35.69
C SER SA 108 21.09 -153.27 36.59
N LEU SA 109 20.71 -152.06 36.22
CA LEU SA 109 19.71 -151.32 37.00
C LEU SA 109 18.32 -151.91 36.77
N VAL SA 110 17.98 -152.20 35.51
CA VAL SA 110 16.68 -152.78 35.21
C VAL SA 110 16.60 -154.21 35.73
N ALA SA 111 17.70 -154.95 35.67
CA ALA SA 111 17.70 -156.37 36.01
C ALA SA 111 17.65 -156.64 37.51
N THR SA 112 17.70 -155.62 38.36
CA THR SA 112 17.65 -155.86 39.80
C THR SA 112 16.21 -156.05 40.26
N SER SA 113 16.06 -156.54 41.48
CA SER SA 113 14.74 -156.83 42.02
C SER SA 113 14.13 -155.66 42.78
N GLN SA 114 14.77 -154.49 42.77
CA GLN SA 114 14.16 -153.32 43.39
C GLN SA 114 13.41 -152.46 42.39
N VAL SA 115 13.87 -152.43 41.14
CA VAL SA 115 13.13 -151.75 40.09
C VAL SA 115 12.00 -152.63 39.59
N GLU SA 116 12.08 -153.94 39.86
CA GLU SA 116 10.95 -154.82 39.57
C GLU SA 116 9.74 -154.49 40.44
N ASP SA 117 9.96 -154.31 41.74
CA ASP SA 117 8.87 -153.95 42.63
C ASP SA 117 8.43 -152.51 42.47
N LEU SA 118 9.25 -151.66 41.84
CA LEU SA 118 8.85 -150.28 41.61
C LEU SA 118 7.86 -150.17 40.46
N VAL SA 119 7.95 -151.05 39.47
CA VAL SA 119 7.08 -150.99 38.30
C VAL SA 119 5.87 -151.89 38.53
N VAL SA 120 6.10 -153.08 39.09
CA VAL SA 120 5.01 -154.03 39.28
C VAL SA 120 4.17 -153.64 40.50
N ASN SA 121 4.81 -153.43 41.65
CA ASN SA 121 4.09 -153.27 42.91
C ASN SA 121 4.20 -151.86 43.49
N LEU SA 122 4.87 -150.94 42.78
CA LEU SA 122 4.95 -149.51 43.09
C LEU SA 122 5.64 -149.23 44.43
N VAL SA 123 6.55 -150.09 44.85
CA VAL SA 123 7.32 -149.87 46.08
C VAL SA 123 8.55 -149.01 45.72
N PRO SA 124 8.86 -147.97 46.47
CA PRO SA 124 10.00 -147.11 46.13
C PRO SA 124 11.33 -147.82 46.32
N LEU SA 125 12.37 -147.22 45.76
CA LEU SA 125 13.69 -147.83 45.70
C LEU SA 125 14.43 -147.70 47.03
N GLY SA 126 15.46 -148.51 47.18
CA GLY SA 126 16.28 -148.46 48.38
C GLY SA 126 15.85 -149.42 49.44
N ARG SA 127 16.76 -150.28 49.89
CA ARG SA 127 16.51 -151.22 50.98
C ARG SA 127 17.69 -151.16 51.94
N ALA SA 128 17.40 -151.00 53.23
CA ALA SA 128 18.43 -150.77 54.23
C ALA SA 128 18.85 -152.09 54.87
N TYR SA 129 20.10 -152.49 54.64
CA TYR SA 129 20.70 -153.64 55.29
C TYR SA 129 22.06 -153.20 55.84
N GLY SA 130 22.08 -152.88 57.13
CA GLY SA 130 23.31 -152.49 57.80
C GLY SA 130 23.74 -151.06 57.51
N GLY SA 131 22.89 -150.10 57.87
CA GLY SA 131 23.20 -148.70 57.62
C GLY SA 131 22.06 -147.96 56.95
N SER SA 132 22.28 -147.49 55.73
CA SER SA 132 21.26 -146.78 54.99
C SER SA 132 20.73 -147.64 53.85
N LYS SA 133 19.82 -147.06 53.06
CA LYS SA 133 19.16 -147.79 51.99
C LYS SA 133 20.01 -147.72 50.72
N THR SA 134 20.36 -148.87 50.18
CA THR SA 134 21.31 -148.96 49.07
C THR SA 134 20.74 -149.76 47.90
N ILE SA 135 21.24 -149.45 46.72
CA ILE SA 135 21.06 -150.29 45.53
C ILE SA 135 22.45 -150.71 45.06
N VAL SA 136 22.61 -152.01 44.80
CA VAL SA 136 23.86 -152.53 44.27
C VAL SA 136 23.69 -152.73 42.76
N LEU SA 137 24.71 -152.35 42.01
CA LEU SA 137 24.69 -152.42 40.55
C LEU SA 137 25.94 -153.20 40.10
N SER SA 138 25.83 -154.52 40.05
CA SER SA 138 26.95 -155.35 39.63
C SER SA 138 27.11 -155.27 38.12
N VAL SA 139 28.33 -154.98 37.68
CA VAL SA 139 28.64 -154.86 36.26
C VAL SA 139 29.48 -156.05 35.85
N GLY SA 140 29.24 -157.18 36.50
CA GLY SA 140 30.12 -158.33 36.44
C GLY SA 140 30.36 -158.84 37.85
N GLU SA 141 31.59 -158.75 38.34
CA GLU SA 141 31.85 -159.01 39.74
C GLU SA 141 31.99 -157.75 40.56
N ALA SA 142 32.33 -156.62 39.94
CA ALA SA 142 32.43 -155.35 40.64
C ALA SA 142 31.05 -154.76 40.89
N THR SA 143 30.76 -154.45 42.14
CA THR SA 143 29.45 -153.95 42.56
C THR SA 143 29.57 -152.49 42.95
N ARG SA 144 29.06 -151.60 42.10
CA ARG SA 144 29.03 -150.16 42.39
C ARG SA 144 27.78 -149.91 43.23
N THR SA 145 27.97 -149.71 44.54
CA THR SA 145 26.86 -149.59 45.48
C THR SA 145 26.52 -148.11 45.68
N LEU SA 146 25.33 -147.72 45.24
CA LEU SA 146 24.81 -146.39 45.50
C LEU SA 146 24.14 -146.35 46.86
N THR SA 147 24.23 -145.20 47.52
CA THR SA 147 23.56 -144.98 48.79
C THR SA 147 22.59 -143.81 48.65
N GLU SA 148 21.47 -143.90 49.36
CA GLU SA 148 20.47 -142.85 49.28
C GLU SA 148 20.92 -141.63 50.08
N ILE SA 149 20.91 -140.47 49.43
CA ILE SA 149 21.28 -139.23 50.10
C ILE SA 149 20.09 -138.31 50.32
N GLN SA 150 18.93 -138.60 49.75
CA GLN SA 150 17.81 -137.68 49.86
C GLN SA 150 16.52 -138.45 49.65
N SER SA 151 15.45 -138.00 50.30
CA SER SA 151 14.12 -138.57 50.14
C SER SA 151 13.13 -137.41 50.24
N THR SA 152 12.71 -136.90 49.09
CA THR SA 152 11.77 -135.79 49.03
C THR SA 152 10.35 -136.38 49.09
N ALA SA 153 9.33 -135.60 48.73
CA ALA SA 153 7.96 -136.10 48.73
C ALA SA 153 7.75 -137.22 47.72
N ASP SA 154 8.18 -137.01 46.48
CA ASP SA 154 8.16 -138.05 45.47
C ASP SA 154 9.56 -138.43 44.99
N ARG SA 155 10.45 -137.45 44.87
CA ARG SA 155 11.81 -137.68 44.40
C ARG SA 155 12.61 -138.47 45.42
N GLN SA 156 13.68 -139.11 44.94
CA GLN SA 156 14.50 -139.99 45.77
C GLN SA 156 15.88 -140.07 45.12
N ILE SA 157 16.84 -139.31 45.64
CA ILE SA 157 18.13 -139.13 45.02
C ILE SA 157 19.14 -140.07 45.64
N PHE SA 158 19.74 -140.93 44.81
CA PHE SA 158 20.81 -141.84 45.21
C PHE SA 158 22.13 -141.31 44.67
N GLU SA 159 23.23 -141.76 45.28
CA GLU SA 159 24.55 -141.31 44.88
C GLU SA 159 25.59 -142.30 45.37
N GLU SA 160 26.65 -142.48 44.60
CA GLU SA 160 27.80 -143.26 45.04
C GLU SA 160 28.76 -142.36 45.81
N LYS SA 161 29.37 -142.91 46.84
CA LYS SA 161 30.16 -142.12 47.77
C LYS SA 161 31.67 -142.26 47.57
N VAL SA 162 32.12 -143.03 46.60
CA VAL SA 162 33.54 -143.18 46.36
C VAL SA 162 34.02 -142.12 45.38
N GLY SA 163 35.11 -141.45 45.74
CA GLY SA 163 35.75 -140.50 44.85
C GLY SA 163 35.44 -139.05 45.19
N PRO SA 164 35.72 -138.15 44.24
CA PRO SA 164 35.50 -136.73 44.49
C PRO SA 164 34.04 -136.35 44.48
N LEU SA 165 33.77 -135.13 44.92
CA LEU SA 165 32.41 -134.61 44.99
C LEU SA 165 31.90 -134.07 43.66
N VAL SA 166 32.79 -133.86 42.68
CA VAL SA 166 32.38 -133.15 41.47
C VAL SA 166 31.62 -134.08 40.51
N GLY SA 167 32.06 -135.32 40.34
CA GLY SA 167 31.37 -136.23 39.46
C GLY SA 167 31.11 -137.56 40.11
N ARG SA 168 29.83 -137.90 40.28
CA ARG SA 168 29.43 -139.13 40.95
C ARG SA 168 28.22 -139.71 40.25
N LEU SA 169 27.96 -140.99 40.50
CA LEU SA 169 26.76 -141.63 39.99
C LEU SA 169 25.53 -141.06 40.67
N ARG SA 170 24.40 -141.10 39.98
CA ARG SA 170 23.18 -140.50 40.49
C ARG SA 170 21.97 -141.33 40.07
N LEU SA 171 20.90 -141.17 40.83
CA LEU SA 171 19.61 -141.80 40.51
C LEU SA 171 18.51 -140.92 41.07
N THR SA 172 17.85 -140.17 40.22
CA THR SA 172 16.72 -139.34 40.65
C THR SA 172 15.44 -140.08 40.28
N ALA SA 173 15.07 -141.06 41.10
CA ALA SA 173 13.82 -141.77 40.92
C ALA SA 173 12.65 -140.87 41.30
N SER SA 174 11.47 -141.22 40.79
CA SER SA 174 10.27 -140.46 41.08
C SER SA 174 9.07 -141.39 40.97
N LEU SA 175 7.91 -140.87 41.39
CA LEU SA 175 6.65 -141.60 41.35
C LEU SA 175 5.53 -140.59 41.50
N ARG SA 176 4.59 -140.58 40.56
CA ARG SA 176 3.49 -139.63 40.57
C ARG SA 176 2.20 -140.37 40.25
N GLN SA 177 1.09 -139.63 40.27
CA GLN SA 177 -0.15 -140.08 39.65
C GLN SA 177 -0.91 -138.84 39.19
N ASN SA 178 -1.16 -138.76 37.88
CA ASN SA 178 -1.72 -137.57 37.29
C ASN SA 178 -3.24 -137.59 37.34
N GLY SA 179 -3.82 -136.40 37.40
CA GLY SA 179 -5.26 -136.21 37.26
C GLY SA 179 -6.10 -136.84 38.35
N ALA SA 180 -7.10 -137.62 37.94
CA ALA SA 180 -8.02 -138.25 38.89
C ALA SA 180 -7.58 -139.66 39.25
N LYS SA 181 -6.32 -139.80 39.66
CA LYS SA 181 -5.74 -141.03 40.23
C LYS SA 181 -5.85 -142.22 39.28
N THR SA 182 -5.65 -142.00 37.99
CA THR SA 182 -5.92 -143.03 37.00
C THR SA 182 -4.66 -143.66 36.40
N ALA SA 183 -3.49 -143.03 36.55
CA ALA SA 183 -2.29 -143.57 35.93
C ALA SA 183 -1.06 -143.08 36.70
N TYR SA 184 -0.16 -144.01 36.99
CA TYR SA 184 1.08 -143.66 37.66
C TYR SA 184 2.14 -143.29 36.62
N ARG SA 185 3.28 -142.79 37.10
CA ARG SA 185 4.37 -142.39 36.21
C ARG SA 185 5.68 -142.51 36.96
N VAL SA 186 6.44 -143.56 36.66
CA VAL SA 186 7.75 -143.77 37.26
C VAL SA 186 8.79 -143.12 36.36
N ASN SA 187 9.84 -142.53 36.95
CA ASN SA 187 10.82 -141.77 36.18
C ASN SA 187 12.19 -141.92 36.84
N LEU SA 188 13.01 -142.82 36.30
CA LEU SA 188 14.39 -142.96 36.73
C LEU SA 188 15.31 -142.14 35.83
N LYS SA 189 16.49 -141.85 36.34
CA LYS SA 189 17.47 -141.05 35.61
C LYS SA 189 18.85 -141.32 36.19
N LEU SA 190 19.72 -141.96 35.41
CA LEU SA 190 21.05 -142.33 35.86
C LEU SA 190 22.07 -141.45 35.16
N ASP SA 191 22.69 -140.54 35.92
CA ASP SA 191 23.71 -139.65 35.38
C ASP SA 191 25.08 -140.29 35.57
N GLN SA 192 25.96 -140.07 34.60
CA GLN SA 192 27.33 -140.57 34.70
C GLN SA 192 28.27 -139.52 34.14
N ALA SA 193 28.94 -138.78 35.03
CA ALA SA 193 29.89 -137.76 34.65
C ALA SA 193 31.29 -138.37 34.60
N ASP SA 194 32.04 -138.05 33.55
CA ASP SA 194 33.37 -138.59 33.35
C ASP SA 194 34.39 -137.63 33.93
N VAL SA 195 34.87 -137.94 35.13
CA VAL SA 195 35.85 -137.11 35.82
C VAL SA 195 37.24 -137.64 35.50
N VAL SA 196 38.21 -136.73 35.38
CA VAL SA 196 39.58 -137.09 35.07
C VAL SA 196 40.51 -136.26 35.96
N ASP SA 197 41.67 -136.82 36.28
CA ASP SA 197 42.67 -136.12 37.10
C ASP SA 197 43.97 -136.00 36.34
N CYS SA 198 44.52 -134.79 36.32
CA CYS SA 198 45.75 -134.49 35.61
C CYS SA 198 46.92 -134.32 36.58
N SER SA 199 46.84 -134.96 37.75
CA SER SA 199 47.81 -134.74 38.81
C SER SA 199 49.18 -135.33 38.49
N THR SA 200 49.24 -136.41 37.72
CA THR SA 200 50.52 -136.99 37.36
C THR SA 200 51.21 -136.21 36.25
N SER SA 201 50.45 -135.45 35.46
CA SER SA 201 51.00 -134.62 34.41
C SER SA 201 51.24 -133.18 34.86
N VAL SA 202 50.24 -132.57 35.50
CA VAL SA 202 50.36 -131.24 36.07
C VAL SA 202 50.23 -131.37 37.58
N CYS SA 203 51.28 -131.01 38.31
CA CYS SA 203 51.28 -131.16 39.76
C CYS SA 203 50.35 -130.14 40.40
N GLY SA 204 49.66 -130.57 41.45
CA GLY SA 204 48.72 -129.70 42.13
C GLY SA 204 47.46 -129.41 41.36
N GLU SA 205 46.96 -130.36 40.59
CA GLU SA 205 45.77 -130.18 39.75
C GLU SA 205 44.63 -131.01 40.34
N LEU SA 206 43.49 -130.36 40.56
CA LEU SA 206 42.33 -131.01 41.12
C LEU SA 206 41.49 -131.63 40.00
N PRO SA 207 40.73 -132.69 40.30
CA PRO SA 207 39.92 -133.33 39.26
C PRO SA 207 38.77 -132.46 38.78
N LYS SA 208 38.30 -132.75 37.57
CA LYS SA 208 37.21 -132.00 36.95
C LYS SA 208 36.49 -132.93 35.99
N VAL SA 209 35.27 -132.56 35.63
CA VAL SA 209 34.43 -133.36 34.74
C VAL SA 209 34.60 -132.86 33.31
N ARG SA 210 34.56 -133.78 32.36
CA ARG SA 210 34.65 -133.42 30.95
C ARG SA 210 33.26 -133.25 30.34
N TYR SA 211 32.45 -134.30 30.40
CA TYR SA 211 31.12 -134.31 29.83
C TYR SA 211 30.19 -135.05 30.77
N THR SA 212 28.95 -135.25 30.33
CA THR SA 212 28.00 -136.05 31.08
C THR SA 212 27.14 -136.84 30.11
N GLN SA 213 26.69 -138.01 30.55
CA GLN SA 213 25.88 -138.90 29.74
C GLN SA 213 24.80 -139.51 30.62
N VAL SA 214 23.54 -139.36 30.21
CA VAL SA 214 22.41 -139.76 31.02
C VAL SA 214 21.71 -140.95 30.36
N TRP SA 215 20.85 -141.61 31.12
CA TRP SA 215 19.92 -142.61 30.57
C TRP SA 215 18.65 -142.49 31.39
N SER SA 216 17.70 -141.72 30.88
CA SER SA 216 16.43 -141.54 31.57
C SER SA 216 15.49 -142.71 31.27
N HIS SA 217 14.51 -142.88 32.15
CA HIS SA 217 13.43 -143.82 31.94
C HIS SA 217 12.12 -143.10 32.17
N ASP SA 218 11.06 -143.58 31.53
CA ASP SA 218 9.75 -142.97 31.70
C ASP SA 218 8.70 -144.08 31.56
N VAL SA 219 8.32 -144.66 32.69
CA VAL SA 219 7.36 -145.75 32.74
C VAL SA 219 5.99 -145.16 33.01
N THR SA 220 4.99 -145.58 32.24
CA THR SA 220 3.61 -145.19 32.45
C THR SA 220 2.82 -146.42 32.83
N ILE SA 221 2.15 -146.37 33.97
CA ILE SA 221 1.38 -147.50 34.51
C ILE SA 221 -0.01 -146.99 34.83
N VAL SA 222 -1.02 -147.59 34.21
CA VAL SA 222 -2.39 -147.21 34.53
C VAL SA 222 -2.83 -147.95 35.79
N ALA SA 223 -3.79 -147.36 36.51
CA ALA SA 223 -4.06 -147.77 37.88
C ALA SA 223 -4.84 -149.08 37.95
N ASN SA 224 -5.76 -149.31 37.02
CA ASN SA 224 -6.62 -150.49 37.04
C ASN SA 224 -6.04 -151.65 36.24
N SER SA 225 -4.72 -151.76 36.18
CA SER SA 225 -4.04 -152.78 35.40
C SER SA 225 -4.21 -154.15 36.04
N THR SA 226 -3.72 -155.16 35.33
CA THR SA 226 -3.49 -156.48 35.89
C THR SA 226 -2.04 -156.52 36.36
N GLU SA 227 -1.78 -157.28 37.42
CA GLU SA 227 -0.39 -157.43 37.88
C GLU SA 227 0.44 -158.24 36.88
N ALA SA 228 -0.21 -159.10 36.09
CA ALA SA 228 0.50 -159.82 35.05
C ALA SA 228 0.77 -158.94 33.83
N SER SA 229 0.14 -157.77 33.74
CA SER SA 229 0.42 -156.86 32.64
C SER SA 229 1.59 -155.95 32.98
N ARG SA 230 1.73 -155.57 34.25
CA ARG SA 230 2.90 -154.82 34.67
C ARG SA 230 4.14 -155.70 34.72
N LYS SA 231 3.95 -157.00 34.99
CA LYS SA 231 5.07 -157.92 35.02
C LYS SA 231 5.62 -158.17 33.62
N SER SA 232 4.72 -158.30 32.63
CA SER SA 232 5.18 -158.55 31.27
C SER SA 232 5.82 -157.33 30.64
N LEU SA 233 5.38 -156.12 31.03
CA LEU SA 233 6.01 -154.91 30.53
C LEU SA 233 7.42 -154.76 31.08
N TYR SA 234 7.63 -155.11 32.36
CA TYR SA 234 8.96 -155.06 32.94
C TYR SA 234 9.85 -156.14 32.34
N ASP SA 235 9.31 -157.33 32.12
CA ASP SA 235 10.08 -158.45 31.59
C ASP SA 235 10.49 -158.24 30.14
N LEU SA 236 9.74 -157.47 29.37
CA LEU SA 236 10.15 -157.17 28.01
C LEU SA 236 11.22 -156.08 27.98
N THR SA 237 11.13 -155.09 28.86
CA THR SA 237 12.14 -154.05 28.92
C THR SA 237 13.44 -154.56 29.53
N LYS SA 238 13.34 -155.48 30.48
CA LYS SA 238 14.54 -156.15 30.99
C LYS SA 238 15.21 -156.98 29.91
N SER SA 239 14.41 -157.58 29.02
CA SER SA 239 14.95 -158.35 27.92
C SER SA 239 15.36 -157.49 26.74
N LEU SA 240 14.80 -156.30 26.60
CA LEU SA 240 15.18 -155.42 25.49
C LEU SA 240 16.56 -154.83 25.72
N VAL SA 241 16.82 -154.33 26.93
CA VAL SA 241 18.11 -153.72 27.25
C VAL SA 241 19.22 -154.77 27.22
N ALA SA 242 18.91 -156.01 27.60
CA ALA SA 242 19.91 -157.06 27.65
C ALA SA 242 20.30 -157.60 26.27
N THR SA 243 19.65 -157.16 25.19
CA THR SA 243 20.00 -157.64 23.86
C THR SA 243 21.27 -156.98 23.36
N SER SA 244 21.86 -157.58 22.34
CA SER SA 244 23.05 -157.03 21.72
C SER SA 244 22.75 -155.99 20.67
N GLN SA 245 21.48 -155.79 20.31
CA GLN SA 245 21.14 -154.76 19.35
C GLN SA 245 21.09 -153.38 20.00
N VAL SA 246 20.61 -153.31 21.24
CA VAL SA 246 20.59 -152.05 21.97
C VAL SA 246 21.97 -151.73 22.54
N GLU SA 247 22.82 -152.74 22.72
CA GLU SA 247 24.20 -152.48 23.12
C GLU SA 247 24.96 -151.74 22.03
N ASP SA 248 24.83 -152.18 20.78
CA ASP SA 248 25.46 -151.48 19.67
C ASP SA 248 24.76 -150.18 19.31
N LEU SA 249 23.51 -150.01 19.70
CA LEU SA 249 22.82 -148.75 19.45
C LEU SA 249 23.33 -147.65 20.36
N VAL SA 250 23.80 -148.01 21.55
CA VAL SA 250 24.31 -147.02 22.50
C VAL SA 250 25.82 -146.87 22.36
N VAL SA 251 26.55 -147.98 22.28
CA VAL SA 251 28.00 -147.91 22.20
C VAL SA 251 28.46 -147.46 20.82
N ASN SA 252 27.91 -148.05 19.76
CA ASN SA 252 28.40 -147.81 18.41
C ASN SA 252 27.39 -147.17 17.48
N LEU SA 253 26.20 -146.80 17.98
CA LEU SA 253 25.14 -146.09 17.23
C LEU SA 253 24.64 -146.88 16.02
N VAL SA 254 24.72 -148.20 16.06
CA VAL SA 254 24.19 -149.03 14.98
C VAL SA 254 22.69 -149.16 15.17
N PRO SA 255 21.87 -148.90 14.13
CA PRO SA 255 20.42 -148.97 14.30
C PRO SA 255 19.93 -150.40 14.51
N LEU SA 256 18.70 -150.52 15.00
CA LEU SA 256 18.15 -151.80 15.39
C LEU SA 256 17.68 -152.58 14.16
N GLY SA 257 17.57 -153.90 14.33
CA GLY SA 257 17.03 -154.75 13.28
C GLY SA 257 18.07 -155.52 12.51
N ARG SA 258 17.99 -156.85 12.56
CA ARG SA 258 18.90 -157.70 11.80
C ARG SA 258 18.14 -158.85 11.14
N SER TA 1 7.44 -150.14 56.81
CA SER TA 1 8.26 -149.12 57.44
C SER TA 1 7.49 -148.41 58.55
N LYS TA 2 6.92 -147.26 58.22
CA LYS TA 2 6.17 -146.45 59.18
C LYS TA 2 4.68 -146.75 59.01
N THR TA 3 4.05 -147.25 60.07
CA THR TA 3 2.73 -147.83 59.97
C THR TA 3 1.79 -147.30 61.05
N ILE TA 4 0.50 -147.28 60.72
CA ILE TA 4 -0.59 -147.17 61.69
C ILE TA 4 -1.42 -148.43 61.58
N VAL TA 5 -1.81 -148.99 62.72
CA VAL TA 5 -2.59 -150.23 62.76
C VAL TA 5 -3.97 -149.88 63.30
N LEU TA 6 -4.99 -150.17 62.50
CA LEU TA 6 -6.39 -149.88 62.85
C LEU TA 6 -7.10 -151.20 63.07
N SER TA 7 -7.31 -151.57 64.33
CA SER TA 7 -8.00 -152.81 64.65
C SER TA 7 -9.51 -152.59 64.66
N VAL TA 8 -10.23 -153.44 63.93
CA VAL TA 8 -11.67 -153.30 63.74
C VAL TA 8 -12.28 -154.49 64.48
N GLY TA 9 -11.65 -154.86 65.59
CA GLY TA 9 -12.03 -156.06 66.30
C GLY TA 9 -10.83 -156.97 66.44
N GLU TA 10 -10.88 -158.13 65.79
CA GLU TA 10 -9.71 -158.99 65.67
C GLU TA 10 -8.96 -158.78 64.37
N ALA TA 11 -9.57 -158.14 63.38
CA ALA TA 11 -8.88 -157.86 62.12
C ALA TA 11 -8.18 -156.52 62.21
N THR TA 12 -6.92 -156.48 61.78
CA THR TA 12 -6.10 -155.27 61.80
C THR TA 12 -5.78 -154.88 60.36
N ARG TA 13 -6.00 -153.61 60.04
CA ARG TA 13 -5.73 -153.08 58.70
C ARG TA 13 -4.54 -152.14 58.80
N THR TA 14 -3.36 -152.65 58.48
CA THR TA 14 -2.11 -151.91 58.64
C THR TA 14 -1.89 -150.99 57.45
N LEU TA 15 -2.02 -149.69 57.67
CA LEU TA 15 -1.68 -148.68 56.68
C LEU TA 15 -0.18 -148.43 56.72
N THR TA 16 0.40 -148.20 55.54
CA THR TA 16 1.82 -147.88 55.45
C THR TA 16 1.99 -146.52 54.80
N GLU TA 17 3.07 -145.83 55.18
CA GLU TA 17 3.34 -144.50 54.67
C GLU TA 17 3.92 -144.59 53.26
N ILE TA 18 3.36 -143.82 52.34
CA ILE TA 18 3.79 -143.82 50.94
C ILE TA 18 4.34 -142.47 50.49
N GLN TA 19 4.17 -141.41 51.26
CA GLN TA 19 4.59 -140.08 50.85
C GLN TA 19 4.77 -139.23 52.08
N SER TA 20 5.76 -138.33 52.05
CA SER TA 20 6.05 -137.49 53.21
C SER TA 20 6.60 -136.17 52.70
N THR TA 21 5.79 -135.13 52.78
CA THR TA 21 6.18 -133.77 52.43
C THR TA 21 6.72 -133.16 53.73
N ALA TA 22 6.86 -131.82 53.78
CA ALA TA 22 7.27 -131.14 55.01
C ALA TA 22 6.28 -131.38 56.14
N ASP TA 23 4.99 -131.22 55.87
CA ASP TA 23 3.93 -131.43 56.84
C ASP TA 23 2.93 -132.48 56.43
N ARG TA 24 2.54 -132.53 55.15
CA ARG TA 24 1.57 -133.50 54.68
C ARG TA 24 2.17 -134.89 54.66
N GLN TA 25 1.32 -135.89 54.94
CA GLN TA 25 1.82 -137.24 55.23
C GLN TA 25 0.73 -138.22 54.81
N ILE TA 26 0.97 -138.94 53.72
CA ILE TA 26 -0.03 -139.81 53.11
C ILE TA 26 0.27 -141.25 53.45
N PHE TA 27 -0.71 -141.94 54.03
CA PHE TA 27 -0.65 -143.36 54.32
C PHE TA 27 -1.56 -144.11 53.36
N GLU TA 28 -1.34 -145.42 53.26
CA GLU TA 28 -2.09 -146.25 52.33
C GLU TA 28 -1.99 -147.70 52.77
N GLU TA 29 -3.04 -148.48 52.46
CA GLU TA 29 -3.04 -149.91 52.70
C GLU TA 29 -2.58 -150.64 51.45
N LYS TA 30 -1.51 -151.43 51.59
CA LYS TA 30 -0.88 -152.08 50.45
C LYS TA 30 -1.47 -153.43 50.11
N VAL TA 31 -2.72 -153.69 50.42
CA VAL TA 31 -3.34 -154.98 50.12
C VAL TA 31 -4.36 -154.80 49.01
N GLY TA 32 -4.22 -155.59 47.95
CA GLY TA 32 -5.20 -155.64 46.89
C GLY TA 32 -4.77 -154.92 45.64
N PRO TA 33 -5.74 -154.61 44.76
CA PRO TA 33 -5.43 -153.89 43.52
C PRO TA 33 -4.99 -152.45 43.77
N LEU TA 34 -4.51 -151.80 42.70
CA LEU TA 34 -3.91 -150.48 42.82
C LEU TA 34 -4.91 -149.34 42.75
N VAL TA 35 -6.16 -149.60 42.37
CA VAL TA 35 -7.05 -148.52 41.99
C VAL TA 35 -7.74 -147.88 43.20
N GLY TA 36 -8.23 -148.66 44.16
CA GLY TA 36 -8.86 -148.08 45.32
C GLY TA 36 -8.37 -148.71 46.60
N ARG TA 37 -7.74 -147.90 47.46
CA ARG TA 37 -7.18 -148.37 48.71
C ARG TA 37 -7.57 -147.41 49.81
N LEU TA 38 -7.36 -147.83 51.06
CA LEU TA 38 -7.50 -146.93 52.18
C LEU TA 38 -6.44 -145.83 52.11
N ARG TA 39 -6.79 -144.67 52.66
CA ARG TA 39 -5.96 -143.49 52.54
C ARG TA 39 -6.08 -142.70 53.82
N LEU TA 40 -4.98 -142.07 54.22
CA LEU TA 40 -4.97 -141.29 55.46
C LEU TA 40 -3.98 -140.14 55.25
N THR TA 41 -4.51 -138.93 55.10
CA THR TA 41 -3.71 -137.75 54.82
C THR TA 41 -3.67 -136.89 56.06
N ALA TA 42 -2.62 -137.05 56.86
CA ALA TA 42 -2.42 -136.19 58.01
C ALA TA 42 -1.75 -134.89 57.58
N SER TA 43 -1.90 -133.87 58.42
CA SER TA 43 -1.29 -132.57 58.17
C SER TA 43 -1.09 -131.88 59.50
N LEU TA 44 -0.27 -130.83 59.48
CA LEU TA 44 0.00 -130.04 60.68
C LEU TA 44 0.59 -128.70 60.23
N ARG TA 45 -0.09 -127.62 60.59
CA ARG TA 45 0.33 -126.28 60.20
C ARG TA 45 0.39 -125.40 61.45
N GLN TA 46 0.75 -124.13 61.24
CA GLN TA 46 0.52 -123.11 62.27
C GLN TA 46 0.18 -121.82 61.55
N ASN TA 47 -1.07 -121.40 61.64
CA ASN TA 47 -1.56 -120.27 60.88
C ASN TA 47 -1.31 -118.97 61.63
N GLY TA 48 -0.93 -117.94 60.88
CA GLY TA 48 -0.79 -116.61 61.41
C GLY TA 48 0.49 -116.34 62.15
N ALA TA 49 0.39 -115.73 63.33
CA ALA TA 49 1.56 -115.28 64.08
C ALA TA 49 1.99 -116.33 65.10
N LYS TA 50 2.22 -117.55 64.60
CA LYS TA 50 2.82 -118.67 65.34
C LYS TA 50 2.03 -119.05 66.58
N THR TA 51 0.70 -118.86 66.57
CA THR TA 51 -0.07 -118.94 67.79
C THR TA 51 -1.07 -120.08 67.84
N ALA TA 52 -1.40 -120.70 66.71
CA ALA TA 52 -2.43 -121.75 66.70
C ALA TA 52 -2.06 -122.80 65.66
N TYR TA 53 -1.98 -124.05 66.11
CA TYR TA 53 -1.73 -125.17 65.22
C TYR TA 53 -3.03 -125.69 64.64
N ARG TA 54 -2.92 -126.46 63.55
CA ARG TA 54 -4.09 -126.94 62.85
C ARG TA 54 -3.79 -128.35 62.32
N VAL TA 55 -4.33 -129.35 63.00
CA VAL TA 55 -4.21 -130.74 62.56
C VAL TA 55 -5.37 -131.07 61.63
N ASN TA 56 -5.12 -131.88 60.61
CA ASN TA 56 -6.13 -132.15 59.59
C ASN TA 56 -5.97 -133.59 59.12
N LEU TA 57 -6.77 -134.49 59.68
CA LEU TA 57 -6.82 -135.87 59.21
C LEU TA 57 -7.91 -136.02 58.15
N LYS TA 58 -7.75 -137.06 57.32
CA LYS TA 58 -8.73 -137.34 56.27
C LYS TA 58 -8.58 -138.81 55.91
N LEU TA 59 -9.60 -139.61 56.23
CA LEU TA 59 -9.61 -141.04 55.95
C LEU TA 59 -10.55 -141.30 54.78
N ASP TA 60 -9.99 -141.60 53.62
CA ASP TA 60 -10.79 -141.97 52.46
C ASP TA 60 -11.10 -143.46 52.49
N GLN TA 61 -12.19 -143.83 51.84
CA GLN TA 61 -12.52 -145.24 51.68
C GLN TA 61 -13.29 -145.41 50.40
N ALA TA 62 -12.65 -146.02 49.40
CA ALA TA 62 -13.26 -146.27 48.11
C ALA TA 62 -13.85 -147.68 48.10
N ASP TA 63 -15.00 -147.83 47.46
CA ASP TA 63 -15.68 -149.12 47.37
C ASP TA 63 -15.36 -149.72 46.01
N VAL TA 64 -14.40 -150.62 45.99
CA VAL TA 64 -13.94 -151.25 44.75
C VAL TA 64 -14.73 -152.53 44.54
N VAL TA 65 -15.02 -152.84 43.29
CA VAL TA 65 -15.69 -154.08 42.91
C VAL TA 65 -14.98 -154.63 41.67
N ASP TA 66 -14.68 -155.92 41.70
CA ASP TA 66 -13.97 -156.58 40.60
C ASP TA 66 -14.96 -157.53 39.94
N CYS TA 67 -15.42 -157.16 38.75
CA CYS TA 67 -16.49 -157.87 38.06
C CYS TA 67 -15.94 -158.63 36.86
N SER TA 68 -14.70 -159.12 36.99
CA SER TA 68 -14.07 -159.79 35.86
C SER TA 68 -14.55 -161.22 35.67
N THR TA 69 -15.09 -161.84 36.73
CA THR TA 69 -15.52 -163.23 36.62
C THR TA 69 -16.89 -163.33 35.94
N SER TA 70 -17.84 -162.48 36.34
CA SER TA 70 -19.17 -162.53 35.75
C SER TA 70 -19.18 -161.89 34.38
N VAL TA 71 -18.85 -160.60 34.30
CA VAL TA 71 -18.78 -159.89 33.03
C VAL TA 71 -17.37 -160.10 32.47
N CYS TA 72 -17.27 -160.69 31.29
CA CYS TA 72 -15.99 -160.98 30.70
C CYS TA 72 -15.35 -159.71 30.14
N GLY TA 73 -14.12 -159.45 30.54
CA GLY TA 73 -13.31 -158.43 29.91
C GLY TA 73 -13.33 -157.06 30.53
N GLU TA 74 -13.58 -156.95 31.83
CA GLU TA 74 -13.54 -155.64 32.48
C GLU TA 74 -12.78 -155.73 33.80
N LEU TA 75 -12.34 -154.56 34.25
CA LEU TA 75 -11.34 -154.40 35.30
C LEU TA 75 -11.99 -153.93 36.59
N PRO TA 76 -11.31 -154.04 37.74
CA PRO TA 76 -11.84 -153.44 38.97
C PRO TA 76 -11.93 -151.93 38.89
N LYS TA 77 -12.97 -151.39 39.51
CA LYS TA 77 -13.28 -149.97 39.43
C LYS TA 77 -13.86 -149.53 40.75
N VAL TA 78 -13.79 -148.24 41.03
CA VAL TA 78 -14.34 -147.68 42.26
C VAL TA 78 -15.75 -147.19 41.98
N ARG TA 79 -16.70 -147.58 42.84
CA ARG TA 79 -18.05 -147.07 42.73
C ARG TA 79 -18.16 -145.68 43.32
N TYR TA 80 -17.79 -145.54 44.59
CA TYR TA 80 -17.90 -144.28 45.32
C TYR TA 80 -16.79 -144.21 46.34
N THR TA 81 -16.57 -143.02 46.87
CA THR TA 81 -15.67 -142.79 47.99
C THR TA 81 -16.42 -142.12 49.12
N GLN TA 82 -16.11 -142.52 50.34
CA GLN TA 82 -16.70 -141.93 51.53
C GLN TA 82 -15.57 -141.53 52.47
N VAL TA 83 -15.55 -140.26 52.86
CA VAL TA 83 -14.47 -139.71 53.65
C VAL TA 83 -14.96 -139.41 55.05
N TRP TA 84 -14.01 -139.22 55.96
CA TRP TA 84 -14.30 -138.71 57.31
C TRP TA 84 -13.13 -137.82 57.67
N SER TA 85 -13.28 -136.52 57.43
CA SER TA 85 -12.21 -135.59 57.73
C SER TA 85 -12.20 -135.22 59.21
N HIS TA 86 -11.10 -134.63 59.64
CA HIS TA 86 -11.00 -134.03 60.96
C HIS TA 86 -10.31 -132.69 60.81
N ASP TA 87 -10.60 -131.77 61.73
CA ASP TA 87 -9.98 -130.45 61.72
C ASP TA 87 -9.85 -129.99 63.17
N VAL TA 88 -8.69 -130.22 63.74
CA VAL TA 88 -8.42 -129.87 65.13
C VAL TA 88 -7.67 -128.55 65.17
N THR TA 89 -8.12 -127.63 66.01
CA THR TA 89 -7.45 -126.36 66.24
C THR TA 89 -6.86 -126.37 67.63
N ILE TA 90 -5.56 -126.19 67.73
CA ILE TA 90 -4.83 -126.22 68.99
C ILE TA 90 -4.09 -124.90 69.12
N VAL TA 91 -4.33 -124.17 70.19
CA VAL TA 91 -3.57 -122.95 70.46
C VAL TA 91 -2.25 -123.32 71.10
N ALA TA 92 -1.22 -122.49 70.85
CA ALA TA 92 0.15 -122.87 71.17
C ALA TA 92 0.42 -122.83 72.67
N ASN TA 93 -0.01 -121.78 73.35
CA ASN TA 93 0.33 -121.57 74.76
C ASN TA 93 -0.67 -122.24 75.72
N SER TA 94 -1.39 -123.25 75.26
CA SER TA 94 -2.35 -123.93 76.11
C SER TA 94 -1.65 -124.86 77.07
N THR TA 95 -2.41 -125.39 78.02
CA THR TA 95 -1.93 -126.41 78.94
C THR TA 95 -2.16 -127.79 78.35
N GLU TA 96 -1.47 -128.79 78.91
CA GLU TA 96 -1.58 -130.14 78.38
C GLU TA 96 -2.91 -130.77 78.72
N ALA TA 97 -3.48 -130.45 79.88
CA ALA TA 97 -4.74 -131.05 80.29
C ALA TA 97 -5.92 -130.53 79.49
N SER TA 98 -5.79 -129.37 78.84
CA SER TA 98 -6.85 -128.91 77.95
C SER TA 98 -6.82 -129.68 76.65
N ARG TA 99 -5.62 -129.98 76.14
CA ARG TA 99 -5.47 -130.81 74.95
C ARG TA 99 -5.86 -132.25 75.20
N LYS TA 100 -5.59 -132.78 76.39
CA LYS TA 100 -5.94 -134.15 76.69
C LYS TA 100 -7.44 -134.32 76.88
N SER TA 101 -8.10 -133.32 77.48
CA SER TA 101 -9.54 -133.41 77.70
C SER TA 101 -10.31 -133.20 76.40
N LEU TA 102 -9.76 -132.41 75.48
CA LEU TA 102 -10.38 -132.26 74.17
C LEU TA 102 -10.29 -133.55 73.36
N TYR TA 103 -9.17 -134.26 73.49
CA TYR TA 103 -9.03 -135.54 72.82
C TYR TA 103 -9.89 -136.60 73.48
N ASP TA 104 -9.94 -136.61 74.82
CA ASP TA 104 -10.70 -137.62 75.55
C ASP TA 104 -12.20 -137.48 75.37
N LEU TA 105 -12.68 -136.28 75.06
CA LEU TA 105 -14.10 -136.11 74.76
C LEU TA 105 -14.42 -136.57 73.35
N THR TA 106 -13.56 -136.23 72.38
CA THR TA 106 -13.79 -136.64 71.00
C THR TA 106 -13.56 -138.13 70.80
N LYS TA 107 -12.71 -138.74 71.64
CA LYS TA 107 -12.52 -140.19 71.59
C LYS TA 107 -13.79 -140.94 71.97
N SER TA 108 -14.53 -140.40 72.93
CA SER TA 108 -15.78 -141.04 73.35
C SER TA 108 -17.00 -140.44 72.68
N LEU TA 109 -16.86 -139.32 71.99
CA LEU TA 109 -17.94 -138.85 71.13
C LEU TA 109 -18.13 -139.77 69.94
N VAL TA 110 -17.03 -140.16 69.30
CA VAL TA 110 -17.12 -141.10 68.18
C VAL TA 110 -17.52 -142.47 68.67
N ALA TA 111 -17.06 -142.86 69.87
CA ALA TA 111 -17.31 -144.21 70.37
C ALA TA 111 -18.73 -144.42 70.89
N THR TA 112 -19.55 -143.38 70.98
CA THR TA 112 -20.90 -143.55 71.49
C THR TA 112 -21.80 -144.13 70.41
N SER TA 113 -22.96 -144.62 70.84
CA SER TA 113 -23.89 -145.28 69.92
C SER TA 113 -24.87 -144.32 69.28
N GLN TA 114 -24.74 -143.02 69.50
CA GLN TA 114 -25.61 -142.06 68.83
C GLN TA 114 -24.96 -141.49 67.57
N VAL TA 115 -23.63 -141.39 67.56
CA VAL TA 115 -22.94 -140.98 66.34
C VAL TA 115 -22.78 -142.19 65.41
N GLU TA 116 -22.90 -143.41 65.95
CA GLU TA 116 -22.93 -144.58 65.09
C GLU TA 116 -24.17 -144.60 64.21
N ASP TA 117 -25.34 -144.31 64.80
CA ASP TA 117 -26.56 -144.26 64.01
C ASP TA 117 -26.66 -143.01 63.14
N LEU TA 118 -25.81 -142.01 63.38
CA LEU TA 118 -25.86 -140.80 62.59
C LEU TA 118 -25.17 -140.97 61.24
N VAL TA 119 -24.12 -141.79 61.16
CA VAL TA 119 -23.39 -141.94 59.92
C VAL TA 119 -23.81 -143.22 59.21
N VAL TA 120 -24.42 -144.14 59.94
CA VAL TA 120 -24.84 -145.39 59.33
C VAL TA 120 -26.30 -145.31 58.88
N ASN TA 121 -27.19 -144.89 59.79
CA ASN TA 121 -28.62 -144.89 59.54
C ASN TA 121 -29.21 -143.50 59.43
N LEU TA 122 -28.37 -142.46 59.56
CA LEU TA 122 -28.70 -141.05 59.35
C LEU TA 122 -29.73 -140.53 60.36
N VAL TA 123 -29.80 -141.15 61.54
CA VAL TA 123 -30.68 -140.67 62.61
C VAL TA 123 -29.97 -139.55 63.36
N PRO TA 124 -30.63 -138.42 63.63
CA PRO TA 124 -29.97 -137.31 64.30
C PRO TA 124 -29.63 -137.61 65.76
N LEU TA 125 -28.85 -136.71 66.35
CA LEU TA 125 -28.29 -136.91 67.68
C LEU TA 125 -29.32 -136.56 68.75
N GLY TA 126 -29.13 -137.15 69.93
CA GLY TA 126 -29.96 -136.84 71.07
C GLY TA 126 -31.09 -137.83 71.29
N ARG TA 127 -31.19 -138.33 72.52
CA ARG TA 127 -32.28 -139.24 72.90
C ARG TA 127 -32.85 -138.78 74.23
N ALA TA 128 -34.18 -138.66 74.29
CA ALA TA 128 -34.86 -138.14 75.48
C ALA TA 128 -35.11 -139.27 76.46
N TYR TA 129 -34.35 -139.29 77.55
CA TYR TA 129 -34.53 -140.24 78.65
C TYR TA 129 -34.70 -139.45 79.94
N GLY TA 130 -35.95 -139.15 80.29
CA GLY TA 130 -36.25 -138.43 81.51
C GLY TA 130 -35.94 -136.95 81.44
N GLY TA 131 -36.66 -136.23 80.58
CA GLY TA 131 -36.43 -134.80 80.43
C GLY TA 131 -36.23 -134.39 78.99
N SER TA 132 -35.05 -133.87 78.68
CA SER TA 132 -34.72 -133.49 77.32
C SER TA 132 -33.80 -134.53 76.70
N LYS TA 133 -33.36 -134.25 75.47
CA LYS TA 133 -32.53 -135.19 74.72
C LYS TA 133 -31.06 -134.92 75.03
N THR TA 134 -30.34 -135.96 75.45
CA THR TA 134 -28.99 -135.81 75.96
C THR TA 134 -28.02 -136.75 75.25
N ILE TA 135 -26.74 -136.36 75.24
CA ILE TA 135 -25.63 -137.24 74.89
C ILE TA 135 -24.74 -137.34 76.11
N VAL TA 136 -24.34 -138.56 76.45
CA VAL TA 136 -23.49 -138.81 77.60
C VAL TA 136 -22.07 -139.11 77.10
N LEU TA 137 -21.13 -138.25 77.45
CA LEU TA 137 -19.74 -138.38 77.03
C LEU TA 137 -18.92 -138.83 78.24
N SER TA 138 -18.69 -140.14 78.34
CA SER TA 138 -17.90 -140.67 79.43
C SER TA 138 -16.42 -140.42 79.18
N VAL TA 139 -15.73 -139.92 80.19
CA VAL TA 139 -14.31 -139.59 80.10
C VAL TA 139 -13.60 -140.57 81.05
N GLY TA 140 -14.13 -141.79 81.11
CA GLY TA 140 -13.72 -142.74 82.11
C GLY TA 140 -14.91 -143.12 82.96
N GLU TA 141 -14.92 -142.67 84.22
CA GLU TA 141 -16.12 -142.76 85.04
C GLU TA 141 -16.86 -141.44 85.16
N ALA TA 142 -16.19 -140.32 84.89
CA ALA TA 142 -16.86 -139.02 84.90
C ALA TA 142 -17.61 -138.82 83.59
N THR TA 143 -18.91 -138.57 83.69
CA THR TA 143 -19.79 -138.46 82.54
C THR TA 143 -20.25 -137.02 82.39
N ARG TA 144 -19.75 -136.34 81.36
CA ARG TA 144 -20.14 -134.97 81.06
C ARG TA 144 -21.36 -135.03 80.13
N THR TA 145 -22.54 -134.78 80.69
CA THR TA 145 -23.80 -134.94 79.97
C THR TA 145 -24.18 -133.62 79.31
N LEU TA 146 -24.17 -133.60 77.98
CA LEU TA 146 -24.66 -132.45 77.23
C LEU TA 146 -26.16 -132.55 77.04
N THR TA 147 -26.83 -131.41 77.04
CA THR TA 147 -28.26 -131.34 76.78
C THR TA 147 -28.50 -130.51 75.53
N GLU TA 148 -29.52 -130.89 74.78
CA GLU TA 148 -29.86 -130.17 73.55
C GLU TA 148 -30.56 -128.86 73.89
N ILE TA 149 -30.04 -127.77 73.37
CA ILE TA 149 -30.64 -126.46 73.59
C ILE TA 149 -31.29 -125.90 72.33
N GLN TA 150 -31.12 -126.53 71.17
CA GLN TA 150 -31.64 -125.96 69.94
C GLN TA 150 -31.86 -127.08 68.92
N SER TA 151 -32.87 -126.91 68.08
CA SER TA 151 -33.16 -127.84 66.99
C SER TA 151 -33.64 -127.00 65.81
N THR TA 152 -32.71 -126.63 64.94
CA THR TA 152 -33.01 -125.83 63.76
C THR TA 152 -33.43 -126.79 62.63
N ALA TA 153 -33.44 -126.31 61.39
CA ALA TA 153 -33.81 -127.17 60.26
C ALA TA 153 -32.80 -128.29 60.05
N ASP TA 154 -31.51 -127.95 59.97
CA ASP TA 154 -30.46 -128.95 59.86
C ASP TA 154 -29.55 -128.96 61.10
N ARG TA 155 -29.24 -127.78 61.64
CA ARG TA 155 -28.37 -127.65 62.80
C ARG TA 155 -29.04 -128.21 64.05
N GLN TA 156 -28.21 -128.56 65.02
CA GLN TA 156 -28.69 -129.16 66.27
C GLN TA 156 -27.62 -128.91 67.33
N ILE TA 157 -27.86 -127.92 68.18
CA ILE TA 157 -26.85 -127.41 69.10
C ILE TA 157 -27.05 -128.02 70.48
N PHE TA 158 -26.03 -128.72 70.98
CA PHE TA 158 -26.01 -129.26 72.32
C PHE TA 158 -25.09 -128.39 73.18
N GLU TA 159 -25.29 -128.46 74.50
CA GLU TA 159 -24.51 -127.65 75.42
C GLU TA 159 -24.58 -128.27 76.81
N GLU TA 160 -23.48 -128.16 77.55
CA GLU TA 160 -23.47 -128.55 78.95
C GLU TA 160 -23.98 -127.40 79.81
N LYS TA 161 -24.66 -127.75 80.90
CA LYS TA 161 -25.34 -126.75 81.71
C LYS TA 161 -24.61 -126.41 83.01
N VAL TA 162 -23.54 -127.11 83.33
CA VAL TA 162 -22.83 -126.86 84.57
C VAL TA 162 -21.80 -125.76 84.38
N GLY TA 163 -21.85 -124.75 85.24
CA GLY TA 163 -20.86 -123.70 85.23
C GLY TA 163 -21.38 -122.38 84.70
N PRO TA 164 -20.46 -121.46 84.40
CA PRO TA 164 -20.88 -120.13 83.92
C PRO TA 164 -21.35 -120.17 82.48
N LEU TA 165 -21.99 -119.08 82.07
CA LEU TA 165 -22.51 -118.96 80.71
C LEU TA 165 -21.46 -118.59 79.69
N VAL TA 166 -20.26 -118.21 80.12
CA VAL TA 166 -19.27 -117.69 79.18
C VAL TA 166 -18.62 -118.80 78.37
N GLY TA 167 -18.15 -119.87 79.00
CA GLY TA 167 -17.53 -120.96 78.27
C GLY TA 167 -18.07 -122.31 78.66
N ARG TA 168 -18.71 -123.00 77.70
CA ARG TA 168 -19.31 -124.29 77.96
C ARG TA 168 -19.01 -125.20 76.78
N LEU TA 169 -19.24 -126.50 76.98
CA LEU TA 169 -19.12 -127.47 75.90
C LEU TA 169 -20.21 -127.25 74.86
N ARG TA 170 -19.93 -127.63 73.63
CA ARG TA 170 -20.83 -127.37 72.51
C ARG TA 170 -20.78 -128.53 71.53
N LEU TA 171 -21.87 -128.66 70.77
CA LEU TA 171 -21.94 -129.64 69.68
C LEU TA 171 -22.89 -129.10 68.63
N THR TA 172 -22.34 -128.54 67.56
CA THR TA 172 -23.16 -128.04 66.46
C THR TA 172 -23.19 -129.12 65.38
N ALA TA 173 -23.98 -130.17 65.63
CA ALA TA 173 -24.18 -131.20 64.64
C ALA TA 173 -25.01 -130.67 63.47
N SER TA 174 -24.92 -131.37 62.34
CA SER TA 174 -25.60 -130.94 61.12
C SER TA 174 -25.83 -132.14 60.24
N LEU TA 175 -26.64 -131.93 59.20
CA LEU TA 175 -26.97 -132.98 58.23
C LEU TA 175 -27.54 -132.30 57.00
N ARG TA 176 -26.97 -132.59 55.84
CA ARG TA 176 -27.41 -131.99 54.58
C ARG TA 176 -27.50 -133.07 53.52
N GLN TA 177 -27.91 -132.67 52.32
CA GLN TA 177 -27.73 -133.49 51.12
C GLN TA 177 -27.57 -132.55 49.94
N ASN TA 178 -26.46 -132.67 49.22
CA ASN TA 178 -26.12 -131.72 48.18
C ASN TA 178 -26.72 -132.10 46.83
N GLY TA 179 -26.98 -131.08 46.01
CA GLY TA 179 -27.27 -131.24 44.60
C GLY TA 179 -28.54 -132.01 44.29
N ALA TA 180 -28.40 -133.03 43.45
CA ALA TA 180 -29.54 -133.88 43.06
C ALA TA 180 -29.68 -135.10 43.97
N LYS TA 181 -29.67 -134.84 45.29
CA LYS TA 181 -30.00 -135.83 46.33
C LYS TA 181 -29.09 -137.05 46.29
N THR TA 182 -27.80 -136.85 46.02
CA THR TA 182 -26.90 -137.97 45.77
C THR TA 182 -25.90 -138.23 46.89
N ALA TA 183 -25.70 -137.30 47.82
CA ALA TA 183 -24.69 -137.49 48.85
C ALA TA 183 -25.04 -136.66 50.07
N TYR TA 184 -25.02 -137.29 51.24
CA TYR TA 184 -25.24 -136.60 52.49
C TYR TA 184 -23.94 -136.00 52.99
N ARG TA 185 -24.02 -135.18 54.03
CA ARG TA 185 -22.83 -134.53 54.59
C ARG TA 185 -23.09 -134.27 56.07
N VAL TA 186 -22.54 -135.12 56.92
CA VAL TA 186 -22.65 -134.96 58.37
C VAL TA 186 -21.51 -134.07 58.82
N ASN TA 187 -21.78 -133.18 59.78
CA ASN TA 187 -20.79 -132.19 60.19
C ASN TA 187 -20.95 -131.93 61.69
N LEU TA 188 -20.14 -132.60 62.49
CA LEU TA 188 -20.06 -132.32 63.92
C LEU TA 188 -18.97 -131.30 64.19
N LYS TA 189 -19.05 -130.67 65.36
CA LYS TA 189 -18.07 -129.68 65.78
C LYS TA 189 -18.16 -129.54 67.30
N LEU TA 190 -17.09 -129.84 68.01
CA LEU TA 190 -17.08 -129.80 69.47
C LEU TA 190 -16.15 -128.66 69.90
N ASP TA 191 -16.74 -127.65 70.54
CA ASP TA 191 -15.99 -126.52 71.06
C ASP TA 191 -15.64 -126.77 72.52
N GLN TA 192 -14.47 -126.30 72.93
CA GLN TA 192 -14.06 -126.39 74.33
C GLN TA 192 -13.25 -125.15 74.68
N ALA TA 193 -13.87 -124.23 75.40
CA ALA TA 193 -13.22 -123.01 75.85
C ALA TA 193 -12.73 -123.21 77.27
N ASP TA 194 -11.50 -122.75 77.54
CA ASP TA 194 -10.89 -122.91 78.85
C ASP TA 194 -11.19 -121.68 79.68
N VAL TA 195 -12.11 -121.83 80.63
CA VAL TA 195 -12.52 -120.74 81.52
C VAL TA 195 -11.67 -120.84 82.77
N VAL TA 196 -11.44 -119.70 83.42
CA VAL TA 196 -10.64 -119.64 84.64
C VAL TA 196 -11.25 -118.58 85.55
N ASP TA 197 -11.17 -118.83 86.86
CA ASP TA 197 -11.70 -117.90 87.85
C ASP TA 197 -10.56 -117.43 88.74
N CYS TA 198 -10.41 -116.10 88.83
CA CYS TA 198 -9.35 -115.49 89.62
C CYS TA 198 -9.89 -114.95 90.93
N SER TA 199 -11.00 -115.52 91.41
CA SER TA 199 -11.68 -115.01 92.60
C SER TA 199 -10.89 -115.28 93.88
N THR TA 200 -10.07 -116.33 93.90
CA THR TA 200 -9.25 -116.58 95.08
C THR TA 200 -8.07 -115.62 95.16
N SER TA 201 -7.52 -115.21 94.02
CA SER TA 201 -6.42 -114.26 93.97
C SER TA 201 -6.91 -112.81 94.05
N VAL TA 202 -7.85 -112.43 93.20
CA VAL TA 202 -8.43 -111.09 93.18
C VAL TA 202 -9.91 -111.21 93.52
N CYS TA 203 -10.33 -110.60 94.61
CA CYS TA 203 -11.71 -110.73 95.05
C CYS TA 203 -12.65 -109.95 94.14
N GLY TA 204 -13.83 -110.54 93.90
CA GLY TA 204 -14.81 -109.90 93.05
C GLY TA 204 -14.52 -109.99 91.56
N GLU TA 205 -13.90 -111.09 91.11
CA GLU TA 205 -13.61 -111.30 89.71
C GLU TA 205 -14.51 -112.39 89.16
N LEU TA 206 -15.16 -112.10 88.03
CA LEU TA 206 -16.00 -113.06 87.35
C LEU TA 206 -15.16 -113.87 86.36
N PRO TA 207 -15.57 -115.11 86.08
CA PRO TA 207 -14.76 -115.95 85.18
C PRO TA 207 -14.77 -115.47 83.75
N LYS TA 208 -13.71 -115.84 83.02
CA LYS TA 208 -13.54 -115.45 81.63
C LYS TA 208 -12.76 -116.53 80.92
N VAL TA 209 -12.85 -116.53 79.59
CA VAL TA 209 -12.22 -117.55 78.76
C VAL TA 209 -10.87 -117.04 78.28
N ARG TA 210 -9.89 -117.94 78.24
CA ARG TA 210 -8.58 -117.59 77.71
C ARG TA 210 -8.48 -117.88 76.23
N TYR TA 211 -8.73 -119.13 75.84
CA TYR TA 211 -8.63 -119.57 74.46
C TYR TA 211 -9.78 -120.52 74.17
N THR TA 212 -9.82 -121.03 72.94
CA THR TA 212 -10.76 -122.07 72.59
C THR TA 212 -10.09 -123.06 71.64
N GLN TA 213 -10.52 -124.32 71.73
CA GLN TA 213 -9.95 -125.40 70.95
C GLN TA 213 -11.07 -126.28 70.43
N VAL TA 214 -11.13 -126.44 69.11
CA VAL TA 214 -12.24 -127.13 68.47
C VAL TA 214 -11.74 -128.47 67.93
N TRP TA 215 -12.70 -129.33 67.58
CA TRP TA 215 -12.42 -130.57 66.85
C TRP TA 215 -13.68 -130.84 66.03
N SER TA 216 -13.66 -130.40 64.78
CA SER TA 216 -14.80 -130.61 63.92
C SER TA 216 -14.59 -131.84 63.04
N HIS TA 217 -15.70 -132.43 62.61
CA HIS TA 217 -15.69 -133.59 61.74
C HIS TA 217 -16.43 -133.24 60.46
N ASP TA 218 -16.14 -133.97 59.39
CA ASP TA 218 -16.78 -133.73 58.11
C ASP TA 218 -16.92 -135.07 57.40
N VAL TA 219 -18.05 -135.73 57.59
CA VAL TA 219 -18.32 -137.03 57.02
C VAL TA 219 -19.05 -136.84 55.70
N THR TA 220 -18.63 -137.56 54.68
CA THR TA 220 -19.30 -137.56 53.38
C THR TA 220 -19.87 -138.95 53.15
N ILE TA 221 -21.18 -139.03 52.93
CA ILE TA 221 -21.88 -140.29 52.76
C ILE TA 221 -22.68 -140.20 51.47
N VAL TA 222 -22.38 -141.07 50.51
CA VAL TA 222 -23.14 -141.09 49.28
C VAL TA 222 -24.42 -141.88 49.48
N ALA TA 223 -25.44 -141.57 48.69
CA ALA TA 223 -26.80 -142.00 49.00
C ALA TA 223 -27.03 -143.48 48.68
N ASN TA 224 -26.43 -143.98 47.60
CA ASN TA 224 -26.66 -145.35 47.17
C ASN TA 224 -25.63 -146.32 47.72
N SER TA 225 -25.13 -146.07 48.94
CA SER TA 225 -24.09 -146.87 49.55
C SER TA 225 -24.63 -148.24 49.96
N THR TA 226 -23.70 -149.06 50.45
CA THR TA 226 -24.05 -150.26 51.19
C THR TA 226 -23.97 -149.89 52.67
N GLU TA 227 -24.84 -150.50 53.49
CA GLU TA 227 -24.77 -150.25 54.92
C GLU TA 227 -23.51 -150.85 55.54
N ALA TA 228 -22.94 -151.88 54.90
CA ALA TA 228 -21.69 -152.45 55.37
C ALA TA 228 -20.50 -151.54 55.08
N SER TA 229 -20.63 -150.61 54.14
CA SER TA 229 -19.53 -149.69 53.87
C SER TA 229 -19.66 -148.43 54.71
N ARG TA 230 -20.87 -148.07 55.12
CA ARG TA 230 -21.03 -146.99 56.08
C ARG TA 230 -20.63 -147.44 57.48
N LYS TA 231 -20.86 -148.72 57.80
CA LYS TA 231 -20.46 -149.24 59.10
C LYS TA 231 -18.94 -149.38 59.20
N SER TA 232 -18.29 -149.80 58.11
CA SER TA 232 -16.84 -149.97 58.14
C SER TA 232 -16.11 -148.64 58.13
N LEU TA 233 -16.72 -147.60 57.54
CA LEU TA 233 -16.12 -146.28 57.61
C LEU TA 233 -16.18 -145.71 59.02
N TYR TA 234 -17.29 -145.95 59.72
CA TYR TA 234 -17.39 -145.52 61.10
C TYR TA 234 -16.46 -146.32 61.99
N ASP TA 235 -16.36 -147.63 61.75
CA ASP TA 235 -15.52 -148.50 62.55
C ASP TA 235 -14.04 -148.23 62.39
N LEU TA 236 -13.61 -147.69 61.26
CA LEU TA 236 -12.21 -147.32 61.10
C LEU TA 236 -11.91 -145.99 61.78
N THR TA 237 -12.83 -145.04 61.71
CA THR TA 237 -12.63 -143.76 62.38
C THR TA 237 -12.79 -143.89 63.88
N LYS TA 238 -13.63 -144.81 64.34
CA LYS TA 238 -13.70 -145.11 65.77
C LYS TA 238 -12.40 -145.71 66.27
N SER TA 239 -11.74 -146.50 65.43
CA SER TA 239 -10.47 -147.10 65.79
C SER TA 239 -9.29 -146.22 65.48
N LEU TA 240 -9.45 -145.21 64.62
CA LEU TA 240 -8.35 -144.29 64.34
C LEU TA 240 -8.13 -143.35 65.51
N VAL TA 241 -9.22 -142.75 66.03
CA VAL TA 241 -9.12 -141.81 67.14
C VAL TA 241 -8.67 -142.53 68.42
N ALA TA 242 -9.05 -143.79 68.57
CA ALA TA 242 -8.69 -144.55 69.78
C ALA TA 242 -7.23 -144.98 69.81
N THR TA 243 -6.46 -144.79 68.75
CA THR TA 243 -5.06 -145.18 68.76
C THR TA 243 -4.24 -144.18 69.56
N SER TA 244 -3.07 -144.63 69.99
CA SER TA 244 -2.16 -143.76 70.74
C SER TA 244 -1.24 -142.97 69.82
N GLN TA 245 -1.37 -143.11 68.51
CA GLN TA 245 -0.60 -142.27 67.60
C GLN TA 245 -1.31 -140.94 67.34
N VAL TA 246 -2.63 -140.97 67.26
CA VAL TA 246 -3.42 -139.75 67.14
C VAL TA 246 -3.53 -139.05 68.49
N GLU TA 247 -3.34 -139.77 69.59
CA GLU TA 247 -3.32 -139.14 70.90
C GLU TA 247 -2.12 -138.22 71.04
N ASP TA 248 -0.95 -138.68 70.60
CA ASP TA 248 0.25 -137.86 70.63
C ASP TA 248 0.26 -136.80 69.55
N LEU TA 249 -0.54 -136.95 68.50
CA LEU TA 249 -0.59 -135.94 67.45
C LEU TA 249 -1.36 -134.71 67.90
N VAL TA 250 -2.32 -134.86 68.80
CA VAL TA 250 -3.09 -133.73 69.29
C VAL TA 250 -2.52 -133.19 70.59
N VAL TA 251 -2.04 -134.06 71.48
CA VAL TA 251 -1.49 -133.60 72.75
C VAL TA 251 -0.08 -133.04 72.57
N ASN TA 252 0.80 -133.81 71.93
CA ASN TA 252 2.21 -133.46 71.84
C ASN TA 252 2.69 -133.11 70.45
N LEU TA 253 1.81 -133.07 69.45
CA LEU TA 253 2.10 -132.73 68.05
C LEU TA 253 3.14 -133.66 67.41
N VAL TA 254 3.20 -134.91 67.85
CA VAL TA 254 4.10 -135.90 67.27
C VAL TA 254 3.44 -136.44 65.99
N PRO TA 255 4.15 -136.46 64.85
CA PRO TA 255 3.52 -136.94 63.61
C PRO TA 255 3.27 -138.44 63.64
N LEU TA 256 2.42 -138.88 62.72
CA LEU TA 256 1.98 -140.27 62.68
C LEU TA 256 3.05 -141.16 62.06
N GLY TA 257 2.93 -142.45 62.33
CA GLY TA 257 3.83 -143.43 61.73
C GLY TA 257 4.93 -143.91 62.65
N ARG TA 258 4.98 -145.22 62.88
CA ARG TA 258 6.04 -145.81 63.68
C ARG TA 258 6.52 -147.12 63.07
N SER UA 1 -65.99 -144.57 23.45
CA SER UA 1 -66.86 -143.51 22.96
C SER UA 1 -66.82 -143.44 21.43
N LYS UA 2 -65.97 -142.57 20.90
CA LYS UA 2 -65.85 -142.36 19.46
C LYS UA 2 -64.66 -143.16 18.95
N THR UA 3 -64.94 -144.12 18.06
CA THR UA 3 -63.95 -145.11 17.67
C THR UA 3 -63.83 -145.24 16.16
N ILE UA 4 -62.64 -145.64 15.71
CA ILE UA 4 -62.41 -146.16 14.38
C ILE UA 4 -61.91 -147.59 14.52
N VAL UA 5 -62.43 -148.49 13.71
CA VAL UA 5 -62.06 -149.90 13.75
C VAL UA 5 -61.24 -150.21 12.51
N LEU UA 6 -60.01 -150.66 12.71
CA LEU UA 6 -59.10 -151.01 11.63
C LEU UA 6 -58.92 -152.53 11.61
N SER UA 7 -59.65 -153.19 10.73
CA SER UA 7 -59.55 -154.64 10.60
C SER UA 7 -58.44 -155.01 9.63
N VAL UA 8 -57.49 -155.80 10.11
CA VAL UA 8 -56.29 -156.15 9.33
C VAL UA 8 -56.33 -157.63 8.99
N GLY UA 9 -57.53 -158.15 8.79
CA GLY UA 9 -57.74 -159.58 8.66
C GLY UA 9 -58.90 -159.99 9.54
N GLU UA 10 -58.63 -160.81 10.55
CA GLU UA 10 -59.62 -161.09 11.58
C GLU UA 10 -59.42 -160.29 12.85
N ALA UA 11 -58.20 -159.81 13.11
CA ALA UA 11 -57.94 -158.97 14.26
C ALA UA 11 -58.36 -157.53 13.95
N THR UA 12 -59.10 -156.91 14.87
CA THR UA 12 -59.54 -155.53 14.74
C THR UA 12 -58.88 -154.69 15.82
N ARG UA 13 -58.23 -153.61 15.41
CA ARG UA 13 -57.52 -152.73 16.33
C ARG UA 13 -58.35 -151.46 16.49
N THR UA 14 -59.12 -151.39 17.57
CA THR UA 14 -60.06 -150.31 17.79
C THR UA 14 -59.36 -149.11 18.43
N LEU UA 15 -59.19 -148.05 17.65
CA LEU UA 15 -58.70 -146.78 18.16
C LEU UA 15 -59.83 -146.04 18.85
N THR UA 16 -59.48 -145.29 19.90
CA THR UA 16 -60.45 -144.47 20.60
C THR UA 16 -59.99 -143.02 20.60
N GLU UA 17 -60.94 -142.10 20.53
CA GLU UA 17 -60.63 -140.68 20.51
C GLU UA 17 -60.23 -140.21 21.90
N ILE UA 18 -59.09 -139.52 21.98
CA ILE UA 18 -58.57 -139.05 23.26
C ILE UA 18 -58.50 -137.53 23.35
N GLN UA 19 -58.63 -136.81 22.25
CA GLN UA 19 -58.46 -135.37 22.25
C GLN UA 19 -59.16 -134.79 21.02
N SER UA 20 -59.86 -133.68 21.20
CA SER UA 20 -60.60 -133.08 20.10
C SER UA 20 -60.49 -131.56 20.24
N THR UA 21 -59.71 -130.95 19.35
CA THR UA 21 -59.57 -129.51 19.27
C THR UA 21 -60.65 -129.02 18.29
N ALA UA 22 -60.58 -127.78 17.81
CA ALA UA 22 -61.51 -127.29 16.81
C ALA UA 22 -61.41 -128.08 15.51
N ASP UA 23 -60.20 -128.22 14.98
CA ASP UA 23 -59.96 -128.96 13.76
C ASP UA 23 -59.17 -130.25 13.99
N ARG UA 24 -58.14 -130.23 14.82
CA ARG UA 24 -57.32 -131.40 15.07
C ARG UA 24 -58.09 -132.39 15.95
N GLN UA 25 -57.80 -133.68 15.75
CA GLN UA 25 -58.61 -134.74 16.35
C GLN UA 25 -57.72 -135.97 16.48
N ILE UA 26 -57.31 -136.28 17.71
CA ILE UA 26 -56.30 -137.31 17.97
C ILE UA 26 -56.98 -138.57 18.50
N PHE UA 27 -56.72 -139.69 17.84
CA PHE UA 27 -57.18 -141.00 18.27
C PHE UA 27 -56.00 -141.78 18.84
N GLU UA 28 -56.32 -142.84 19.58
CA GLU UA 28 -55.29 -143.68 20.18
C GLU UA 28 -55.89 -145.04 20.51
N GLU UA 29 -55.04 -146.06 20.49
CA GLU UA 29 -55.44 -147.40 20.90
C GLU UA 29 -55.16 -147.59 22.39
N LYS UA 30 -56.18 -148.00 23.12
CA LYS UA 30 -56.11 -148.06 24.58
C LYS UA 30 -55.66 -149.42 25.11
N VAL UA 31 -54.90 -150.18 24.35
CA VAL UA 31 -54.45 -151.49 24.80
C VAL UA 31 -52.95 -151.46 25.05
N GLY UA 32 -52.55 -151.95 26.22
CA GLY UA 32 -51.15 -152.13 26.53
C GLY UA 32 -50.58 -151.03 27.41
N PRO UA 33 -49.25 -150.90 27.43
CA PRO UA 33 -48.61 -149.85 28.21
C PRO UA 33 -48.85 -148.45 27.67
N LEU UA 34 -48.37 -147.44 28.39
CA LEU UA 34 -48.67 -146.05 28.08
C LEU UA 34 -47.64 -145.40 27.17
N VAL UA 35 -46.51 -146.05 26.90
CA VAL UA 35 -45.40 -145.38 26.24
C VAL UA 35 -45.52 -145.41 24.72
N GLY UA 36 -45.91 -146.54 24.12
CA GLY UA 36 -46.03 -146.60 22.69
C GLY UA 36 -47.36 -147.18 22.25
N ARG UA 37 -48.18 -146.38 21.59
CA ARG UA 37 -49.49 -146.81 21.14
C ARG UA 37 -49.71 -146.31 19.72
N LEU UA 38 -50.69 -146.92 19.05
CA LEU UA 38 -51.14 -146.42 17.75
C LEU UA 38 -51.74 -145.03 17.90
N ARG UA 39 -51.48 -144.19 16.92
CA ARG UA 39 -51.93 -142.81 16.94
C ARG UA 39 -52.52 -142.48 15.59
N LEU UA 40 -53.50 -141.59 15.57
CA LEU UA 40 -54.12 -141.17 14.32
C LEU UA 40 -54.57 -139.73 14.50
N THR UA 41 -53.87 -138.80 13.84
CA THR UA 41 -54.12 -137.37 13.99
C THR UA 41 -54.81 -136.88 12.73
N ALA UA 42 -56.13 -136.84 12.76
CA ALA UA 42 -56.89 -136.26 11.67
C ALA UA 42 -56.97 -134.75 11.81
N SER UA 43 -57.20 -134.07 10.69
CA SER UA 43 -57.31 -132.62 10.66
C SER UA 43 -58.17 -132.24 9.47
N LEU UA 44 -58.62 -130.98 9.47
CA LEU UA 44 -59.39 -130.43 8.37
C LEU UA 44 -59.32 -128.91 8.46
N ARG UA 45 -58.90 -128.27 7.38
CA ARG UA 45 -58.75 -126.83 7.33
C ARG UA 45 -59.40 -126.30 6.07
N GLN UA 46 -59.32 -124.98 5.87
CA GLN UA 46 -59.59 -124.39 4.57
C GLN UA 46 -58.71 -123.15 4.44
N ASN UA 47 -57.69 -123.25 3.59
CA ASN UA 47 -56.66 -122.22 3.50
C ASN UA 47 -57.00 -121.20 2.42
N GLY UA 48 -56.69 -119.94 2.70
CA GLY UA 48 -56.86 -118.87 1.74
C GLY UA 48 -58.25 -118.25 1.78
N ALA UA 49 -58.83 -118.03 0.61
CA ALA UA 49 -60.12 -117.34 0.50
C ALA UA 49 -61.28 -118.34 0.46
N LYS UA 50 -61.26 -119.27 1.43
CA LYS UA 50 -62.36 -120.20 1.72
C LYS UA 50 -62.72 -121.08 0.52
N THR UA 51 -61.74 -121.44 -0.30
CA THR UA 51 -62.02 -122.13 -1.56
C THR UA 51 -61.46 -123.54 -1.65
N ALA UA 52 -60.53 -123.93 -0.78
CA ALA UA 52 -59.92 -125.24 -0.87
C ALA UA 52 -59.73 -125.81 0.52
N TYR UA 53 -60.25 -127.00 0.75
CA TYR UA 53 -60.08 -127.68 2.02
C TYR UA 53 -58.80 -128.50 2.01
N ARG UA 54 -58.37 -128.94 3.19
CA ARG UA 54 -57.10 -129.66 3.32
C ARG UA 54 -57.26 -130.68 4.45
N VAL UA 55 -57.49 -131.92 4.08
CA VAL UA 55 -57.53 -133.02 5.03
C VAL UA 55 -56.09 -133.51 5.26
N ASN UA 56 -55.80 -133.95 6.49
CA ASN UA 56 -54.44 -134.32 6.83
C ASN UA 56 -54.50 -135.44 7.88
N LEU UA 57 -54.36 -136.68 7.43
CA LEU UA 57 -54.25 -137.81 8.34
C LEU UA 57 -52.78 -138.13 8.59
N LYS UA 58 -52.53 -138.78 9.74
CA LYS UA 58 -51.17 -139.16 10.11
C LYS UA 58 -51.28 -140.32 11.09
N LEU UA 59 -50.90 -141.52 10.64
CA LEU UA 59 -50.96 -142.72 11.45
C LEU UA 59 -49.56 -143.05 11.94
N ASP UA 60 -49.31 -142.82 13.23
CA ASP UA 60 -48.04 -143.19 13.83
C ASP UA 60 -48.08 -144.64 14.26
N GLN UA 61 -46.90 -145.26 14.34
CA GLN UA 61 -46.79 -146.61 14.87
C GLN UA 61 -45.42 -146.76 15.49
N ALA UA 62 -45.37 -146.83 16.81
CA ALA UA 62 -44.13 -147.01 17.54
C ALA UA 62 -43.93 -148.49 17.85
N ASP UA 63 -42.67 -148.93 17.78
CA ASP UA 63 -42.34 -150.33 18.04
C ASP UA 63 -41.81 -150.42 19.47
N VAL UA 64 -42.68 -150.78 20.39
CA VAL UA 64 -42.32 -150.87 21.80
C VAL UA 64 -41.86 -152.30 22.08
N VAL UA 65 -40.97 -152.44 23.05
CA VAL UA 65 -40.50 -153.75 23.49
C VAL UA 65 -40.31 -153.72 25.00
N ASP UA 66 -40.71 -154.78 25.68
CA ASP UA 66 -40.61 -154.88 27.13
C ASP UA 66 -39.63 -156.00 27.47
N CYS UA 67 -38.42 -155.61 27.86
CA CYS UA 67 -37.35 -156.55 28.17
C CYS UA 67 -37.14 -156.65 29.68
N SER UA 68 -38.24 -156.54 30.43
CA SER UA 68 -38.16 -156.58 31.88
C SER UA 68 -37.90 -157.97 32.42
N THR UA 69 -38.23 -159.02 31.66
CA THR UA 69 -38.06 -160.38 32.16
C THR UA 69 -36.65 -160.89 31.91
N SER UA 70 -36.10 -160.59 30.73
CA SER UA 70 -34.75 -161.04 30.41
C SER UA 70 -33.72 -160.18 31.14
N VAL UA 71 -33.72 -158.88 30.88
CA VAL UA 71 -32.85 -157.94 31.58
C VAL UA 71 -33.60 -157.48 32.82
N CYS UA 72 -32.99 -157.65 33.99
CA CYS UA 72 -33.67 -157.34 35.23
C CYS UA 72 -33.62 -155.84 35.49
N GLY UA 73 -34.79 -155.25 35.71
CA GLY UA 73 -34.87 -153.89 36.18
C GLY UA 73 -34.97 -152.80 35.13
N GLU UA 74 -35.59 -153.06 33.98
CA GLU UA 74 -35.82 -152.01 33.02
C GLU UA 74 -37.24 -152.07 32.48
N LEU UA 75 -37.64 -150.97 31.85
CA LEU UA 75 -39.03 -150.66 31.52
C LEU UA 75 -39.27 -150.81 30.03
N PRO UA 76 -40.53 -150.86 29.56
CA PRO UA 76 -40.77 -150.81 28.12
C PRO UA 76 -40.34 -149.48 27.51
N LYS UA 77 -39.92 -149.55 26.25
CA LYS UA 77 -39.35 -148.40 25.57
C LYS UA 77 -39.60 -148.54 24.07
N VAL UA 78 -39.62 -147.42 23.37
CA VAL UA 78 -39.87 -147.41 21.94
C VAL UA 78 -38.54 -147.47 21.20
N ARG UA 79 -38.46 -148.35 20.21
CA ARG UA 79 -37.22 -148.48 19.45
C ARG UA 79 -37.21 -147.52 18.28
N TYR UA 80 -38.30 -147.47 17.52
CA TYR UA 80 -38.41 -146.57 16.37
C TYR UA 80 -39.87 -146.22 16.16
N THR UA 81 -40.11 -145.33 15.21
CA THR UA 81 -41.45 -144.87 14.87
C THR UA 81 -41.59 -144.79 13.36
N GLN UA 82 -42.62 -145.42 12.82
CA GLN UA 82 -42.89 -145.41 11.39
C GLN UA 82 -44.26 -144.81 11.15
N VAL UA 83 -44.30 -143.73 10.37
CA VAL UA 83 -45.54 -143.00 10.14
C VAL UA 83 -46.00 -143.21 8.69
N TRP UA 84 -47.25 -142.85 8.43
CA TRP UA 84 -47.78 -142.80 7.07
C TRP UA 84 -48.77 -141.65 7.04
N SER UA 85 -48.30 -140.48 6.63
CA SER UA 85 -49.14 -139.32 6.56
C SER UA 85 -50.00 -139.33 5.30
N HIS UA 86 -51.00 -138.47 5.28
CA HIS UA 86 -51.80 -138.20 4.10
C HIS UA 86 -52.01 -136.71 4.00
N ASP UA 87 -52.23 -136.22 2.78
CA ASP UA 87 -52.49 -134.79 2.56
C ASP UA 87 -53.42 -134.67 1.36
N VAL UA 88 -54.70 -134.59 1.63
CA VAL UA 88 -55.71 -134.48 0.59
C VAL UA 88 -56.05 -133.02 0.38
N THR UA 89 -56.09 -132.59 -0.88
CA THR UA 89 -56.51 -131.24 -1.24
C THR UA 89 -57.84 -131.33 -1.98
N ILE UA 90 -58.87 -130.70 -1.44
CA ILE UA 90 -60.21 -130.73 -2.00
C ILE UA 90 -60.64 -129.30 -2.25
N VAL UA 91 -61.08 -129.01 -3.47
CA VAL UA 91 -61.62 -127.71 -3.79
C VAL UA 91 -63.10 -127.68 -3.43
N ALA UA 92 -63.58 -126.50 -3.01
CA ALA UA 92 -64.89 -126.40 -2.39
C ALA UA 92 -66.03 -126.53 -3.39
N ASN UA 93 -65.91 -125.91 -4.55
CA ASN UA 93 -66.98 -125.90 -5.55
C ASN UA 93 -66.92 -127.09 -6.50
N SER UA 94 -66.26 -128.17 -6.10
CA SER UA 94 -66.17 -129.35 -6.96
C SER UA 94 -67.46 -130.14 -6.94
N THR UA 95 -67.55 -131.12 -7.82
CA THR UA 95 -68.65 -132.06 -7.82
C THR UA 95 -68.33 -133.25 -6.92
N GLU UA 96 -69.37 -133.98 -6.54
CA GLU UA 96 -69.18 -135.12 -5.64
C GLU UA 96 -68.50 -136.28 -6.34
N ALA UA 97 -68.75 -136.45 -7.65
CA ALA UA 97 -68.15 -137.56 -8.38
C ALA UA 97 -66.66 -137.37 -8.60
N SER UA 98 -66.15 -136.14 -8.49
CA SER UA 98 -64.71 -135.94 -8.55
C SER UA 98 -64.03 -136.34 -7.25
N ARG UA 99 -64.66 -136.01 -6.12
CA ARG UA 99 -64.18 -136.44 -4.82
C ARG UA 99 -64.32 -137.94 -4.62
N LYS UA 100 -65.38 -138.54 -5.14
CA LYS UA 100 -65.58 -139.98 -5.00
C LYS UA 100 -64.58 -140.76 -5.85
N SER UA 101 -64.26 -140.25 -7.04
CA SER UA 101 -63.32 -140.95 -7.91
C SER UA 101 -61.89 -140.78 -7.44
N LEU UA 102 -61.58 -139.65 -6.79
CA LEU UA 102 -60.25 -139.46 -6.22
C LEU UA 102 -60.03 -140.39 -5.03
N TYR UA 103 -61.07 -140.60 -4.23
CA TYR UA 103 -60.98 -141.56 -3.14
C TYR UA 103 -60.92 -142.99 -3.66
N ASP UA 104 -61.65 -143.28 -4.74
CA ASP UA 104 -61.68 -144.63 -5.29
C ASP UA 104 -60.36 -145.03 -5.94
N LEU UA 105 -59.59 -144.06 -6.44
CA LEU UA 105 -58.29 -144.37 -7.00
C LEU UA 105 -57.25 -144.60 -5.91
N THR UA 106 -57.27 -143.76 -4.86
CA THR UA 106 -56.31 -143.90 -3.78
C THR UA 106 -56.60 -145.12 -2.92
N LYS UA 107 -57.88 -145.51 -2.80
CA LYS UA 107 -58.22 -146.76 -2.13
C LYS UA 107 -57.67 -147.96 -2.90
N SER UA 108 -57.69 -147.88 -4.23
CA SER UA 108 -57.16 -148.96 -5.05
C SER UA 108 -55.67 -148.83 -5.32
N LEU UA 109 -55.08 -147.65 -5.08
CA LEU UA 109 -53.64 -147.52 -5.21
C LEU UA 109 -52.93 -148.18 -4.04
N VAL UA 110 -53.43 -147.95 -2.82
CA VAL UA 110 -52.80 -148.54 -1.64
C VAL UA 110 -53.02 -150.05 -1.63
N ALA UA 111 -54.17 -150.50 -2.14
CA ALA UA 111 -54.51 -151.92 -2.08
C ALA UA 111 -53.77 -152.78 -3.11
N THR UA 112 -52.97 -152.19 -3.99
CA THR UA 112 -52.29 -152.99 -5.00
C THR UA 112 -51.00 -153.57 -4.43
N SER UA 113 -50.44 -154.54 -5.16
CA SER UA 113 -49.25 -155.25 -4.70
C SER UA 113 -47.95 -154.53 -5.06
N GLN UA 114 -48.01 -153.42 -5.78
CA GLN UA 114 -46.79 -152.70 -6.11
C GLN UA 114 -46.46 -151.64 -5.07
N VAL UA 115 -47.47 -151.07 -4.41
CA VAL UA 115 -47.23 -150.16 -3.30
C VAL UA 115 -46.97 -150.94 -2.03
N GLU UA 116 -47.40 -152.21 -1.97
CA GLU UA 116 -47.04 -153.06 -0.85
C GLU UA 116 -45.54 -153.32 -0.81
N ASP UA 117 -44.96 -153.71 -1.96
CA ASP UA 117 -43.53 -153.97 -2.01
C ASP UA 117 -42.69 -152.69 -1.95
N LEU UA 118 -43.31 -151.54 -2.15
CA LEU UA 118 -42.57 -150.28 -2.06
C LEU UA 118 -42.29 -149.86 -0.63
N VAL UA 119 -43.17 -150.22 0.31
CA VAL UA 119 -42.97 -149.80 1.70
C VAL UA 119 -42.45 -150.98 2.52
N VAL UA 120 -42.75 -152.21 2.11
CA VAL UA 120 -42.26 -153.36 2.84
C VAL UA 120 -40.86 -153.73 2.39
N ASN UA 121 -40.64 -153.83 1.08
CA ASN UA 121 -39.39 -154.32 0.53
C ASN UA 121 -38.61 -153.27 -0.24
N LEU UA 122 -39.10 -152.02 -0.28
CA LEU UA 122 -38.45 -150.86 -0.88
C LEU UA 122 -38.18 -151.03 -2.37
N VAL UA 123 -39.04 -151.74 -3.07
CA VAL UA 123 -38.91 -151.96 -4.51
C VAL UA 123 -39.74 -150.91 -5.24
N PRO UA 124 -39.18 -150.20 -6.23
CA PRO UA 124 -39.90 -149.11 -6.89
C PRO UA 124 -41.09 -149.59 -7.71
N LEU UA 125 -41.92 -148.64 -8.11
CA LEU UA 125 -43.19 -148.91 -8.76
C LEU UA 125 -42.98 -149.25 -10.24
N GLY UA 126 -44.01 -149.87 -10.83
CA GLY UA 126 -43.99 -150.19 -12.22
C GLY UA 126 -43.47 -151.57 -12.53
N ARG UA 127 -44.24 -152.36 -13.29
CA ARG UA 127 -43.83 -153.70 -13.70
C ARG UA 127 -44.19 -153.87 -15.17
N ALA UA 128 -43.23 -154.32 -15.97
CA ALA UA 128 -43.39 -154.42 -17.42
C ALA UA 128 -43.95 -155.80 -17.77
N TYR UA 129 -45.16 -155.83 -18.32
CA TYR UA 129 -45.73 -157.03 -18.94
C TYR UA 129 -46.35 -156.62 -20.27
N GLY UA 130 -45.60 -156.87 -21.35
CA GLY UA 130 -46.07 -156.57 -22.69
C GLY UA 130 -46.04 -155.09 -23.03
N GLY UA 131 -44.84 -154.51 -23.08
CA GLY UA 131 -44.71 -153.10 -23.40
C GLY UA 131 -43.86 -152.35 -22.39
N SER UA 132 -44.47 -151.36 -21.74
CA SER UA 132 -43.78 -150.61 -20.71
C SER UA 132 -44.26 -151.04 -19.32
N LYS UA 133 -43.81 -150.32 -18.30
CA LYS UA 133 -44.14 -150.65 -16.92
C LYS UA 133 -45.42 -149.93 -16.52
N THR UA 134 -46.40 -150.67 -16.03
CA THR UA 134 -47.73 -150.14 -15.76
C THR UA 134 -48.19 -150.46 -14.36
N ILE UA 135 -49.11 -149.62 -13.86
CA ILE UA 135 -49.89 -149.91 -12.67
C ILE UA 135 -51.36 -149.90 -13.07
N VAL UA 136 -52.10 -150.92 -12.65
CA VAL UA 136 -53.53 -150.99 -12.89
C VAL UA 136 -54.25 -150.55 -11.62
N LEU UA 137 -55.28 -149.72 -11.78
CA LEU UA 137 -56.04 -149.16 -10.66
C LEU UA 137 -57.52 -149.42 -10.93
N SER UA 138 -57.99 -150.59 -10.51
CA SER UA 138 -59.39 -150.94 -10.71
C SER UA 138 -60.27 -150.21 -9.71
N VAL UA 139 -61.30 -149.54 -10.22
CA VAL UA 139 -62.23 -148.77 -9.39
C VAL UA 139 -63.55 -149.51 -9.35
N GLY UA 140 -63.48 -150.83 -9.42
CA GLY UA 140 -64.64 -151.67 -9.67
C GLY UA 140 -64.26 -152.70 -10.72
N GLU UA 141 -64.88 -152.62 -11.89
CA GLU UA 141 -64.44 -153.42 -13.03
C GLU UA 141 -63.62 -152.62 -14.02
N ALA UA 142 -63.76 -151.30 -14.04
CA ALA UA 142 -62.99 -150.44 -14.93
C ALA UA 142 -61.58 -150.26 -14.37
N THR UA 143 -60.58 -150.53 -15.21
CA THR UA 143 -59.18 -150.47 -14.81
C THR UA 143 -58.50 -149.31 -15.52
N ARG UA 144 -58.21 -148.25 -14.79
CA ARG UA 144 -57.50 -147.09 -15.32
C ARG UA 144 -56.01 -147.38 -15.23
N THR UA 145 -55.44 -147.87 -16.33
CA THR UA 145 -54.05 -148.30 -16.36
C THR UA 145 -53.16 -147.08 -16.62
N LEU UA 146 -52.28 -146.79 -15.66
CA LEU UA 146 -51.26 -145.77 -15.83
C LEU UA 146 -50.01 -146.38 -16.44
N THR UA 147 -49.35 -145.63 -17.31
CA THR UA 147 -48.09 -146.06 -17.91
C THR UA 147 -46.99 -145.11 -17.45
N GLU UA 148 -45.80 -145.67 -17.23
CA GLU UA 148 -44.68 -144.87 -16.77
C GLU UA 148 -44.11 -144.05 -17.92
N ILE UA 149 -44.00 -142.75 -17.71
CA ILE UA 149 -43.46 -141.87 -18.73
C ILE UA 149 -42.08 -141.34 -18.39
N GLN UA 150 -41.60 -141.54 -17.16
CA GLN UA 150 -40.33 -140.96 -16.77
C GLN UA 150 -39.74 -141.78 -15.64
N SER UA 151 -38.41 -141.85 -15.59
CA SER UA 151 -37.68 -142.51 -14.50
C SER UA 151 -36.44 -141.66 -14.24
N THR UA 152 -36.52 -140.83 -13.21
CA THR UA 152 -35.43 -139.94 -12.82
C THR UA 152 -34.53 -140.75 -11.86
N ALA UA 153 -33.63 -140.08 -11.14
CA ALA UA 153 -32.76 -140.78 -10.19
C ALA UA 153 -33.56 -141.42 -9.06
N ASP UA 154 -34.46 -140.66 -8.44
CA ASP UA 154 -35.37 -141.19 -7.42
C ASP UA 154 -36.83 -141.08 -7.85
N ARG UA 155 -37.18 -139.99 -8.56
CA ARG UA 155 -38.54 -139.74 -8.99
C ARG UA 155 -38.97 -140.75 -10.06
N GLN UA 156 -40.28 -140.91 -10.20
CA GLN UA 156 -40.84 -141.89 -11.11
C GLN UA 156 -42.26 -141.44 -11.46
N ILE UA 157 -42.42 -140.86 -12.65
CA ILE UA 157 -43.67 -140.21 -13.01
C ILE UA 157 -44.49 -141.14 -13.89
N PHE UA 158 -45.69 -141.46 -13.44
CA PHE UA 158 -46.66 -142.25 -14.19
C PHE UA 158 -47.75 -141.33 -14.73
N GLU UA 159 -48.44 -141.79 -15.76
CA GLU UA 159 -49.47 -140.96 -16.40
C GLU UA 159 -50.39 -141.85 -17.21
N GLU UA 160 -51.69 -141.53 -17.19
CA GLU UA 160 -52.64 -142.18 -18.06
C GLU UA 160 -52.61 -141.54 -19.43
N LYS UA 161 -52.78 -142.35 -20.47
CA LYS UA 161 -52.53 -141.92 -21.84
C LYS UA 161 -53.78 -141.53 -22.62
N VAL UA 162 -54.96 -141.84 -22.12
CA VAL UA 162 -56.18 -141.53 -22.86
C VAL UA 162 -56.55 -140.07 -22.65
N GLY UA 163 -57.35 -139.54 -23.57
CA GLY UA 163 -57.86 -138.21 -23.46
C GLY UA 163 -56.87 -137.14 -23.88
N PRO UA 164 -57.16 -135.89 -23.56
CA PRO UA 164 -56.29 -134.78 -23.98
C PRO UA 164 -55.02 -134.72 -23.14
N LEU UA 165 -54.10 -133.87 -23.59
CA LEU UA 165 -52.83 -133.67 -22.90
C LEU UA 165 -52.93 -132.68 -21.74
N VAL UA 166 -54.04 -131.97 -21.61
CA VAL UA 166 -54.09 -130.88 -20.64
C VAL UA 166 -54.29 -131.40 -19.22
N GLY UA 167 -55.17 -132.37 -19.00
CA GLY UA 167 -55.37 -132.93 -17.68
C GLY UA 167 -55.45 -134.43 -17.70
N ARG UA 168 -54.51 -135.08 -17.00
CA ARG UA 168 -54.44 -136.54 -16.97
C ARG UA 168 -54.11 -136.98 -15.56
N LEU UA 169 -54.27 -138.28 -15.33
CA LEU UA 169 -53.85 -138.87 -14.05
C LEU UA 169 -52.34 -138.85 -13.94
N ARG UA 170 -51.85 -138.82 -12.70
CA ARG UA 170 -50.43 -138.68 -12.45
C ARG UA 170 -50.05 -139.47 -11.21
N LEU UA 171 -48.76 -139.82 -11.14
CA LEU UA 171 -48.19 -140.45 -9.95
C LEU UA 171 -46.73 -140.05 -9.86
N THR UA 172 -46.40 -139.17 -8.93
CA THR UA 172 -45.03 -138.75 -8.71
C THR UA 172 -44.52 -139.51 -7.49
N ALA UA 173 -44.04 -140.73 -7.72
CA ALA UA 173 -43.44 -141.51 -6.65
C ALA UA 173 -42.02 -141.01 -6.38
N SER UA 174 -41.51 -141.36 -5.20
CA SER UA 174 -40.15 -140.99 -4.82
C SER UA 174 -39.64 -142.01 -3.81
N LEU UA 175 -38.34 -141.89 -3.51
CA LEU UA 175 -37.67 -142.76 -2.54
C LEU UA 175 -36.35 -142.09 -2.18
N ARG UA 176 -36.13 -141.88 -0.89
CA ARG UA 176 -34.94 -141.19 -0.43
C ARG UA 176 -34.37 -141.95 0.77
N GLN UA 177 -33.26 -141.44 1.29
CA GLN UA 177 -32.80 -141.81 2.63
C GLN UA 177 -32.05 -140.62 3.21
N ASN UA 178 -32.64 -139.97 4.19
CA ASN UA 178 -32.10 -138.74 4.75
C ASN UA 178 -31.10 -139.04 5.85
N GLY UA 179 -30.02 -138.27 5.86
CA GLY UA 179 -29.02 -138.35 6.91
C GLY UA 179 -28.01 -139.46 6.71
N ALA UA 180 -27.69 -140.18 7.78
CA ALA UA 180 -26.68 -141.22 7.74
C ALA UA 180 -27.27 -142.59 7.46
N LYS UA 181 -28.06 -142.67 6.37
CA LYS UA 181 -28.67 -143.91 5.87
C LYS UA 181 -29.53 -144.62 6.92
N THR UA 182 -30.22 -143.85 7.76
CA THR UA 182 -30.95 -144.41 8.89
C THR UA 182 -32.45 -144.45 8.69
N ALA UA 183 -33.00 -143.72 7.72
CA ALA UA 183 -34.44 -143.66 7.55
C ALA UA 183 -34.78 -143.34 6.10
N TYR UA 184 -35.62 -144.17 5.51
CA TYR UA 184 -36.09 -143.96 4.15
C TYR UA 184 -37.29 -143.02 4.17
N ARG UA 185 -37.73 -142.58 2.99
CA ARG UA 185 -38.87 -141.68 2.89
C ARG UA 185 -39.53 -141.91 1.54
N VAL UA 186 -40.66 -142.62 1.55
CA VAL UA 186 -41.46 -142.83 0.36
C VAL UA 186 -42.47 -141.69 0.24
N ASN UA 187 -42.75 -141.25 -0.98
CA ASN UA 187 -43.59 -140.07 -1.19
C ASN UA 187 -44.35 -140.25 -2.50
N LEU UA 188 -45.60 -140.70 -2.40
CA LEU UA 188 -46.48 -140.78 -3.55
C LEU UA 188 -47.33 -139.51 -3.64
N LYS UA 189 -47.85 -139.25 -4.83
CA LYS UA 189 -48.68 -138.07 -5.06
C LYS UA 189 -49.53 -138.32 -6.28
N LEU UA 190 -50.85 -138.35 -6.12
CA LEU UA 190 -51.78 -138.62 -7.20
C LEU UA 190 -52.57 -137.36 -7.50
N ASP UA 191 -52.29 -136.75 -8.66
CA ASP UA 191 -53.06 -135.61 -9.13
C ASP UA 191 -54.26 -136.11 -9.92
N GLN UA 192 -55.35 -135.33 -9.90
CA GLN UA 192 -56.51 -135.64 -10.72
C GLN UA 192 -57.17 -134.34 -11.10
N ALA UA 193 -56.88 -133.84 -12.30
CA ALA UA 193 -57.46 -132.62 -12.81
C ALA UA 193 -58.77 -132.95 -13.52
N ASP UA 194 -59.77 -132.12 -13.32
CA ASP UA 194 -61.09 -132.35 -13.91
C ASP UA 194 -61.17 -131.56 -15.22
N VAL UA 195 -61.15 -132.29 -16.33
CA VAL UA 195 -61.20 -131.69 -17.65
C VAL UA 195 -62.64 -131.77 -18.14
N VAL UA 196 -63.06 -130.77 -18.91
CA VAL UA 196 -64.40 -130.72 -19.47
C VAL UA 196 -64.32 -130.14 -20.88
N ASP UA 197 -65.26 -130.54 -21.73
CA ASP UA 197 -65.33 -130.06 -23.10
C ASP UA 197 -66.69 -129.43 -23.36
N CYS UA 198 -66.67 -128.28 -24.03
CA CYS UA 198 -67.88 -127.54 -24.35
C CYS UA 198 -68.17 -127.57 -25.84
N SER UA 199 -67.71 -128.63 -26.52
CA SER UA 199 -67.85 -128.71 -27.97
C SER UA 199 -69.28 -128.97 -28.41
N THR UA 200 -70.09 -129.61 -27.57
CA THR UA 200 -71.49 -129.84 -27.93
C THR UA 200 -72.34 -128.59 -27.73
N SER UA 201 -71.83 -127.61 -26.98
CA SER UA 201 -72.54 -126.36 -26.73
C SER UA 201 -71.95 -125.19 -27.50
N VAL UA 202 -70.63 -125.03 -27.46
CA VAL UA 202 -69.94 -123.90 -28.07
C VAL UA 202 -69.06 -124.43 -29.19
N CYS UA 203 -69.07 -123.75 -30.33
CA CYS UA 203 -68.20 -124.11 -31.45
C CYS UA 203 -66.74 -123.90 -31.10
N GLY UA 204 -65.90 -124.81 -31.60
CA GLY UA 204 -64.46 -124.63 -31.57
C GLY UA 204 -63.84 -124.64 -30.20
N GLU UA 205 -64.41 -125.37 -29.25
CA GLU UA 205 -63.96 -125.35 -27.87
C GLU UA 205 -63.09 -126.57 -27.62
N LEU UA 206 -61.83 -126.32 -27.32
CA LEU UA 206 -60.91 -127.36 -26.91
C LEU UA 206 -61.04 -127.58 -25.41
N PRO UA 207 -60.75 -128.80 -24.92
CA PRO UA 207 -60.93 -129.08 -23.49
C PRO UA 207 -59.95 -128.30 -22.61
N LYS UA 208 -60.40 -128.04 -21.39
CA LYS UA 208 -59.60 -127.28 -20.41
C LYS UA 208 -59.93 -127.81 -19.02
N VAL UA 209 -59.06 -127.48 -18.07
CA VAL UA 209 -59.22 -127.92 -16.69
C VAL UA 209 -59.84 -126.78 -15.88
N ARG UA 210 -60.61 -127.16 -14.87
CA ARG UA 210 -61.23 -126.17 -13.98
C ARG UA 210 -60.56 -126.16 -12.61
N TYR UA 211 -60.29 -127.33 -12.04
CA TYR UA 211 -59.58 -127.44 -10.79
C TYR UA 211 -58.70 -128.68 -10.81
N THR UA 212 -58.03 -128.94 -9.70
CA THR UA 212 -57.27 -130.17 -9.52
C THR UA 212 -57.35 -130.59 -8.06
N GLN UA 213 -57.23 -131.89 -7.82
CA GLN UA 213 -57.38 -132.46 -6.48
C GLN UA 213 -56.30 -133.49 -6.24
N VAL UA 214 -55.52 -133.29 -5.18
CA VAL UA 214 -54.31 -134.06 -4.92
C VAL UA 214 -54.53 -134.93 -3.68
N TRP UA 215 -54.00 -136.16 -3.73
CA TRP UA 215 -53.91 -137.01 -2.54
C TRP UA 215 -52.45 -137.45 -2.43
N SER UA 216 -51.71 -136.77 -1.54
CA SER UA 216 -50.31 -137.10 -1.32
C SER UA 216 -50.16 -138.16 -0.24
N HIS UA 217 -48.99 -138.78 -0.21
CA HIS UA 217 -48.61 -139.71 0.84
C HIS UA 217 -47.21 -139.36 1.30
N ASP UA 218 -46.90 -139.71 2.54
CA ASP UA 218 -45.56 -139.45 3.08
C ASP UA 218 -45.25 -140.55 4.10
N VAL UA 219 -44.59 -141.59 3.64
CA VAL UA 219 -44.27 -142.75 4.47
C VAL UA 219 -42.84 -142.60 4.96
N THR UA 220 -42.64 -142.80 6.26
CA THR UA 220 -41.32 -142.77 6.87
C THR UA 220 -40.98 -144.18 7.34
N ILE UA 221 -39.87 -144.71 6.87
CA ILE UA 221 -39.44 -146.07 7.17
C ILE UA 221 -38.02 -146.01 7.69
N VAL UA 222 -37.80 -146.48 8.91
CA VAL UA 222 -36.46 -146.52 9.46
C VAL UA 222 -35.73 -147.74 8.91
N ALA UA 223 -34.40 -147.68 8.92
CA ALA UA 223 -33.60 -148.64 8.16
C ALA UA 223 -33.50 -149.98 8.86
N ASN UA 224 -33.29 -150.00 10.18
CA ASN UA 224 -33.07 -151.24 10.92
C ASN UA 224 -34.36 -151.83 11.47
N SER UA 225 -35.50 -151.55 10.85
CA SER UA 225 -36.77 -152.03 11.34
C SER UA 225 -36.96 -153.51 11.01
N THR UA 226 -37.98 -154.08 11.63
CA THR UA 226 -38.42 -155.44 11.33
C THR UA 226 -39.30 -155.38 10.09
N GLU UA 227 -39.23 -156.43 9.26
CA GLU UA 227 -40.13 -156.51 8.12
C GLU UA 227 -41.58 -156.72 8.56
N ALA UA 228 -41.78 -157.31 9.73
CA ALA UA 228 -43.13 -157.46 10.27
C ALA UA 228 -43.73 -156.15 10.74
N SER UA 229 -42.90 -155.15 11.02
CA SER UA 229 -43.43 -153.85 11.41
C SER UA 229 -43.71 -152.97 10.19
N ARG UA 230 -42.97 -153.18 9.11
CA ARG UA 230 -43.31 -152.51 7.85
C ARG UA 230 -44.56 -153.10 7.24
N LYS UA 231 -44.81 -154.39 7.47
CA LYS UA 231 -46.02 -155.03 6.94
C LYS UA 231 -47.25 -154.56 7.68
N SER UA 232 -47.16 -154.40 9.01
CA SER UA 232 -48.31 -153.97 9.78
C SER UA 232 -48.61 -152.50 9.59
N LEU UA 233 -47.61 -151.69 9.24
CA LEU UA 233 -47.86 -150.30 8.92
C LEU UA 233 -48.60 -150.17 7.60
N TYR UA 234 -48.27 -151.02 6.63
CA TYR UA 234 -49.00 -151.00 5.36
C TYR UA 234 -50.40 -151.55 5.53
N ASP UA 235 -50.55 -152.61 6.33
CA ASP UA 235 -51.84 -153.24 6.56
C ASP UA 235 -52.81 -152.34 7.33
N LEU UA 236 -52.30 -151.46 8.19
CA LEU UA 236 -53.18 -150.54 8.89
C LEU UA 236 -53.61 -149.38 8.00
N THR UA 237 -52.71 -148.93 7.12
CA THR UA 237 -53.06 -147.85 6.20
C THR UA 237 -53.94 -148.35 5.06
N LYS UA 238 -53.74 -149.60 4.63
CA LYS UA 238 -54.64 -150.19 3.65
C LYS UA 238 -56.04 -150.38 4.23
N SER UA 239 -56.12 -150.67 5.52
CA SER UA 239 -57.41 -150.82 6.17
C SER UA 239 -57.99 -149.49 6.64
N LEU UA 240 -57.18 -148.45 6.74
CA LEU UA 240 -57.70 -147.13 7.13
C LEU UA 240 -58.44 -146.48 5.98
N VAL UA 241 -57.84 -146.50 4.78
CA VAL UA 241 -58.45 -145.88 3.60
C VAL UA 241 -59.70 -146.64 3.18
N ALA UA 242 -59.74 -147.95 3.42
CA ALA UA 242 -60.89 -148.76 3.04
C ALA UA 242 -62.09 -148.59 3.95
N THR UA 243 -61.97 -147.84 5.05
CA THR UA 243 -63.10 -147.66 5.94
C THR UA 243 -64.07 -146.64 5.38
N SER UA 244 -65.30 -146.68 5.89
CA SER UA 244 -66.33 -145.73 5.47
C SER UA 244 -66.27 -144.42 6.23
N GLN UA 245 -65.35 -144.30 7.21
CA GLN UA 245 -65.20 -143.03 7.90
C GLN UA 245 -64.28 -142.08 7.13
N VAL UA 246 -63.22 -142.63 6.53
CA VAL UA 246 -62.35 -141.83 5.68
C VAL UA 246 -62.97 -141.59 4.32
N GLU UA 247 -63.94 -142.43 3.93
CA GLU UA 247 -64.69 -142.18 2.70
C GLU UA 247 -65.52 -140.91 2.83
N ASP UA 248 -66.26 -140.77 3.93
CA ASP UA 248 -67.06 -139.58 4.16
C ASP UA 248 -66.22 -138.37 4.56
N LEU UA 249 -64.98 -138.58 4.99
CA LEU UA 249 -64.14 -137.45 5.35
C LEU UA 249 -63.63 -136.69 4.14
N VAL UA 250 -63.40 -137.40 3.03
CA VAL UA 250 -62.90 -136.73 1.83
C VAL UA 250 -64.03 -136.45 0.84
N VAL UA 251 -65.16 -137.13 0.96
CA VAL UA 251 -66.27 -136.86 0.05
C VAL UA 251 -67.21 -135.81 0.64
N ASN UA 252 -67.62 -135.99 1.90
CA ASN UA 252 -68.60 -135.11 2.53
C ASN UA 252 -68.07 -134.31 3.70
N LEU UA 253 -66.75 -134.38 3.97
CA LEU UA 253 -66.06 -133.63 5.04
C LEU UA 253 -66.60 -133.94 6.43
N VAL UA 254 -67.13 -135.14 6.64
CA VAL UA 254 -67.61 -135.57 7.95
C VAL UA 254 -66.40 -135.99 8.78
N PRO UA 255 -66.24 -135.48 10.00
CA PRO UA 255 -65.06 -135.85 10.81
C PRO UA 255 -65.10 -137.29 11.27
N LEU UA 256 -63.94 -137.78 11.69
CA LEU UA 256 -63.80 -139.17 12.08
C LEU UA 256 -64.36 -139.41 13.48
N GLY UA 257 -64.67 -140.66 13.77
CA GLY UA 257 -65.14 -141.04 15.09
C GLY UA 257 -66.63 -141.31 15.17
N ARG UA 258 -66.99 -142.54 15.48
CA ARG UA 258 -68.39 -142.92 15.61
C ARG UA 258 -68.63 -143.70 16.89
N SER VA 1 -40.71 -140.56 66.29
CA SER VA 1 -41.15 -139.36 67.00
C SER VA 1 -42.48 -138.86 66.46
N LYS VA 2 -42.41 -137.96 65.48
CA LYS VA 2 -43.59 -137.35 64.87
C LYS VA 2 -43.89 -138.08 63.57
N THR VA 3 -45.07 -138.70 63.49
CA THR VA 3 -45.38 -139.64 62.43
C THR VA 3 -46.75 -139.36 61.81
N ILE VA 4 -46.87 -139.70 60.53
CA ILE VA 4 -48.15 -139.85 59.85
C ILE VA 4 -48.25 -141.30 59.38
N VAL VA 5 -49.39 -141.93 59.65
CA VAL VA 5 -49.61 -143.33 59.28
C VAL VA 5 -50.59 -143.36 58.12
N LEU VA 6 -50.14 -143.90 56.99
CA LEU VA 6 -50.96 -144.01 55.78
C LEU VA 6 -51.36 -145.46 55.59
N SER VA 7 -52.60 -145.77 55.95
CA SER VA 7 -53.11 -147.14 55.81
C SER VA 7 -53.57 -147.37 54.37
N VAL VA 8 -53.04 -148.42 53.76
CA VAL VA 8 -53.29 -148.72 52.35
C VAL VA 8 -54.10 -150.00 52.32
N GLY VA 9 -54.96 -150.16 53.32
CA GLY VA 9 -55.68 -151.41 53.52
C GLY VA 9 -55.38 -151.94 54.90
N GLU VA 10 -54.66 -153.05 54.97
CA GLU VA 10 -54.14 -153.54 56.23
C GLU VA 10 -52.66 -153.22 56.42
N ALA VA 11 -51.95 -152.86 55.36
CA ALA VA 11 -50.56 -152.48 55.47
C ALA VA 11 -50.45 -150.97 55.71
N THR VA 12 -49.67 -150.58 56.70
CA THR VA 12 -49.49 -149.18 57.07
C THR VA 12 -48.06 -148.75 56.76
N ARG VA 13 -47.91 -147.63 56.07
CA ARG VA 13 -46.60 -147.09 55.73
C ARG VA 13 -46.38 -145.85 56.59
N THR VA 14 -45.60 -146.02 57.65
CA THR VA 14 -45.41 -144.97 58.65
C THR VA 14 -44.25 -144.06 58.24
N LEU VA 15 -44.57 -142.82 57.90
CA LEU VA 15 -43.54 -141.82 57.64
C LEU VA 15 -43.14 -141.14 58.94
N THR VA 16 -41.88 -140.72 59.02
CA THR VA 16 -41.38 -140.01 60.18
C THR VA 16 -40.82 -138.67 59.75
N GLU VA 17 -40.89 -137.69 60.64
CA GLU VA 17 -40.40 -136.35 60.34
C GLU VA 17 -38.89 -136.31 60.44
N ILE VA 18 -38.25 -135.75 59.41
CA ILE VA 18 -36.80 -135.68 59.35
C ILE VA 18 -36.28 -134.24 59.34
N GLN VA 19 -37.13 -133.24 59.11
CA GLN VA 19 -36.68 -131.86 58.99
C GLN VA 19 -37.86 -130.95 59.27
N SER VA 20 -37.59 -129.85 59.98
CA SER VA 20 -38.65 -128.93 60.36
C SER VA 20 -38.09 -127.51 60.33
N THR VA 21 -38.46 -126.75 59.32
CA THR VA 21 -38.11 -125.34 59.21
C THR VA 21 -39.25 -124.57 59.91
N ALA VA 22 -39.33 -123.25 59.71
CA ALA VA 22 -40.43 -122.46 60.27
C ALA VA 22 -41.77 -122.91 59.70
N ASP VA 23 -41.89 -122.97 58.38
CA ASP VA 23 -43.10 -123.40 57.71
C ASP VA 23 -42.97 -124.76 57.04
N ARG VA 24 -41.86 -125.00 56.34
CA ARG VA 24 -41.67 -126.26 55.63
C ARG VA 24 -41.40 -127.39 56.61
N GLN VA 25 -41.88 -128.59 56.27
CA GLN VA 25 -41.88 -129.70 57.21
C GLN VA 25 -41.83 -130.99 56.39
N ILE VA 26 -40.70 -131.67 56.42
CA ILE VA 26 -40.43 -132.80 55.54
C ILE VA 26 -40.54 -134.10 56.33
N PHE VA 27 -41.38 -135.01 55.84
CA PHE VA 27 -41.51 -136.35 56.39
C PHE VA 27 -40.83 -137.33 55.45
N GLU VA 28 -40.55 -138.52 55.97
CA GLU VA 28 -39.87 -139.56 55.19
C GLU VA 28 -40.13 -140.91 55.83
N GLU VA 29 -40.14 -141.95 55.00
CA GLU VA 29 -40.27 -143.32 55.49
C GLU VA 29 -38.89 -143.95 55.66
N LYS VA 30 -38.63 -144.44 56.86
CA LYS VA 30 -37.30 -144.91 57.24
C LYS VA 30 -37.07 -146.39 56.96
N VAL VA 31 -37.76 -146.97 55.98
CA VAL VA 31 -37.60 -148.38 55.68
C VAL VA 31 -36.89 -148.55 54.35
N GLY VA 32 -35.79 -149.30 54.36
CA GLY VA 32 -35.11 -149.67 53.14
C GLY VA 32 -33.82 -148.89 52.93
N PRO VA 33 -33.35 -148.86 51.67
CA PRO VA 33 -32.12 -148.10 51.36
C PRO VA 33 -32.32 -146.60 51.45
N LEU VA 34 -31.23 -145.85 51.27
CA LEU VA 34 -31.25 -144.41 51.47
C LEU VA 34 -31.60 -143.62 50.22
N VAL VA 35 -31.55 -144.23 49.05
CA VAL VA 35 -31.61 -143.46 47.81
C VAL VA 35 -33.04 -143.06 47.44
N GLY VA 36 -34.01 -143.96 47.57
CA GLY VA 36 -35.38 -143.61 47.21
C GLY VA 36 -36.36 -144.00 48.29
N ARG VA 37 -37.01 -142.99 48.88
CA ARG VA 37 -37.97 -143.21 49.95
C ARG VA 37 -39.19 -142.34 49.71
N LEU VA 38 -40.28 -142.67 50.41
CA LEU VA 38 -41.45 -141.81 50.42
C LEU VA 38 -41.12 -140.47 51.05
N ARG VA 39 -41.69 -139.41 50.48
CA ARG VA 39 -41.39 -138.07 50.91
C ARG VA 39 -42.70 -137.31 51.00
N LEU VA 40 -42.80 -136.42 51.98
CA LEU VA 40 -44.03 -135.64 52.16
C LEU VA 40 -43.60 -134.28 52.68
N THR VA 41 -43.75 -133.26 51.85
CA THR VA 41 -43.27 -131.91 52.16
C THR VA 41 -44.48 -131.02 52.39
N ALA VA 42 -44.92 -130.95 53.64
CA ALA VA 42 -45.99 -130.03 54.00
C ALA VA 42 -45.46 -128.61 54.10
N SER VA 43 -46.38 -127.65 54.05
CA SER VA 43 -46.04 -126.24 54.14
C SER VA 43 -47.28 -125.48 54.58
N LEU VA 44 -47.07 -124.24 55.04
CA LEU VA 44 -48.16 -123.36 55.43
C LEU VA 44 -47.63 -121.93 55.43
N ARG VA 45 -48.24 -121.08 54.62
CA ARG VA 45 -47.84 -119.69 54.51
C ARG VA 45 -49.05 -118.80 54.74
N GLN VA 46 -48.85 -117.49 54.58
CA GLN VA 46 -49.97 -116.56 54.44
C GLN VA 46 -49.50 -115.41 53.55
N ASN VA 47 -50.09 -115.30 52.37
CA ASN VA 47 -49.65 -114.34 51.37
C ASN VA 47 -50.43 -113.05 51.48
N GLY VA 48 -49.75 -111.94 51.19
CA GLY VA 48 -50.38 -110.64 51.15
C GLY VA 48 -50.49 -109.96 52.50
N ALA VA 49 -51.64 -109.34 52.74
CA ALA VA 49 -51.86 -108.58 53.98
C ALA VA 49 -52.55 -109.46 55.03
N LYS VA 50 -51.95 -110.63 55.27
CA LYS VA 50 -52.32 -111.57 56.34
C LYS VA 50 -53.77 -112.05 56.21
N THR VA 51 -54.27 -112.17 54.98
CA THR VA 51 -55.68 -112.45 54.76
C THR VA 51 -55.97 -113.84 54.20
N ALA VA 52 -54.99 -114.53 53.64
CA ALA VA 52 -55.22 -115.82 53.00
C ALA VA 52 -54.04 -116.74 53.25
N TYR VA 53 -54.31 -117.89 53.84
CA TYR VA 53 -53.29 -118.90 54.05
C TYR VA 53 -53.12 -119.76 52.81
N ARG VA 54 -52.09 -120.60 52.83
CA ARG VA 54 -51.77 -121.43 51.66
C ARG VA 54 -51.08 -122.71 52.15
N VAL VA 55 -51.84 -123.78 52.19
CA VAL VA 55 -51.30 -125.10 52.50
C VAL VA 55 -50.76 -125.73 51.22
N ASN VA 56 -49.67 -126.49 51.34
CA ASN VA 56 -49.02 -127.04 50.16
C ASN VA 56 -48.41 -128.39 50.53
N LEU VA 57 -49.14 -129.47 50.25
CA LEU VA 57 -48.60 -130.81 50.42
C LEU VA 57 -47.99 -131.29 49.10
N LYS VA 58 -47.07 -132.25 49.22
CA LYS VA 58 -46.39 -132.81 48.05
C LYS VA 58 -45.87 -134.18 48.44
N LEU VA 59 -46.45 -135.23 47.86
CA LEU VA 59 -46.08 -136.60 48.15
C LEU VA 59 -45.26 -137.15 47.00
N ASP VA 60 -43.96 -137.30 47.22
CA ASP VA 60 -43.09 -137.91 46.22
C ASP VA 60 -43.12 -139.41 46.35
N GLN VA 61 -42.81 -140.10 45.27
CA GLN VA 61 -42.67 -141.56 45.30
C GLN VA 61 -41.69 -141.97 44.22
N ALA VA 62 -40.52 -142.45 44.63
CA ALA VA 62 -39.50 -142.91 43.71
C ALA VA 62 -39.60 -144.42 43.55
N ASP VA 63 -39.38 -144.89 42.33
CA ASP VA 63 -39.41 -146.33 42.04
C ASP VA 63 -37.99 -146.83 42.03
N VAL VA 64 -37.52 -147.28 43.18
CA VAL VA 64 -36.16 -147.78 43.32
C VAL VA 64 -36.15 -149.26 42.95
N VAL VA 65 -35.04 -149.73 42.40
CA VAL VA 65 -34.88 -151.14 42.02
C VAL VA 65 -33.46 -151.56 42.37
N ASP VA 66 -33.33 -152.75 42.96
CA ASP VA 66 -32.04 -153.28 43.38
C ASP VA 66 -31.68 -154.47 42.51
N CYS VA 67 -30.74 -154.27 41.60
CA CYS VA 67 -30.35 -155.29 40.63
C CYS VA 67 -28.96 -155.81 40.94
N SER VA 68 -28.64 -155.92 42.24
CA SER VA 68 -27.32 -156.36 42.64
C SER VA 68 -27.14 -157.87 42.46
N THR VA 69 -28.23 -158.63 42.43
CA THR VA 69 -28.12 -160.09 42.35
C THR VA 69 -28.03 -160.56 40.90
N SER VA 70 -28.78 -159.93 40.01
CA SER VA 70 -28.80 -160.39 38.62
C SER VA 70 -27.55 -159.96 37.88
N VAL VA 71 -27.33 -158.66 37.74
CA VAL VA 71 -26.08 -158.13 37.21
C VAL VA 71 -25.16 -157.85 38.40
N CYS VA 72 -23.92 -158.31 38.31
CA CYS VA 72 -23.02 -158.24 39.45
C CYS VA 72 -22.40 -156.85 39.55
N GLY VA 73 -22.37 -156.31 40.76
CA GLY VA 73 -21.60 -155.14 41.05
C GLY VA 73 -22.26 -153.80 40.79
N GLU VA 74 -23.57 -153.69 40.95
CA GLU VA 74 -24.21 -152.39 40.83
C GLU VA 74 -25.18 -152.17 41.99
N LEU VA 75 -25.54 -150.91 42.18
CA LEU VA 75 -26.20 -150.40 43.37
C LEU VA 75 -27.67 -150.12 43.08
N PRO VA 76 -28.52 -149.97 44.10
CA PRO VA 76 -29.91 -149.56 43.84
C PRO VA 76 -29.98 -148.14 43.29
N LYS VA 77 -30.96 -147.92 42.42
CA LYS VA 77 -31.07 -146.67 41.70
C LYS VA 77 -32.53 -146.32 41.52
N VAL VA 78 -32.80 -145.04 41.32
CA VAL VA 78 -34.16 -144.55 41.13
C VAL VA 78 -34.47 -144.50 39.64
N ARG VA 79 -35.49 -145.25 39.23
CA ARG VA 79 -35.93 -145.20 37.83
C ARG VA 79 -36.62 -143.87 37.53
N TYR VA 80 -37.70 -143.57 38.25
CA TYR VA 80 -38.49 -142.37 38.04
C TYR VA 80 -39.11 -141.94 39.35
N THR VA 81 -39.68 -140.74 39.36
CA THR VA 81 -40.45 -140.24 40.49
C THR VA 81 -41.82 -139.79 40.01
N GLN VA 82 -42.84 -140.06 40.80
CA GLN VA 82 -44.20 -139.62 40.52
C GLN VA 82 -44.74 -138.89 41.73
N VAL VA 83 -45.16 -137.65 41.54
CA VAL VA 83 -45.59 -136.80 42.64
C VAL VA 83 -47.11 -136.64 42.59
N TRP VA 84 -47.66 -136.14 43.69
CA TRP VA 84 -49.06 -135.71 43.75
C TRP VA 84 -49.09 -134.52 44.69
N SER VA 85 -48.99 -133.32 44.13
CA SER VA 85 -48.97 -132.11 44.95
C SER VA 85 -50.39 -131.68 45.30
N HIS VA 86 -50.49 -130.82 46.30
CA HIS VA 86 -51.73 -130.15 46.65
C HIS VA 86 -51.43 -128.68 46.87
N ASP VA 87 -52.44 -127.84 46.68
CA ASP VA 87 -52.31 -126.40 46.91
C ASP VA 87 -53.67 -125.88 47.35
N VAL VA 88 -53.86 -125.80 48.65
CA VAL VA 88 -55.12 -125.33 49.23
C VAL VA 88 -54.99 -123.85 49.54
N THR VA 89 -56.00 -123.08 49.14
CA THR VA 89 -56.06 -121.65 49.45
C THR VA 89 -57.20 -121.43 50.44
N ILE VA 90 -56.86 -120.94 51.63
CA ILE VA 90 -57.82 -120.72 52.70
C ILE VA 90 -57.74 -119.25 53.09
N VAL VA 91 -58.87 -118.56 53.02
CA VAL VA 91 -58.94 -117.18 53.48
C VAL VA 91 -59.19 -117.17 54.98
N ALA VA 92 -58.65 -116.14 55.65
CA ALA VA 92 -58.48 -116.18 57.09
C ALA VA 92 -59.80 -115.99 57.84
N ASN VA 93 -60.70 -115.17 57.33
CA ASN VA 93 -61.96 -114.86 58.01
C ASN VA 93 -63.09 -115.80 57.61
N SER VA 94 -62.78 -117.03 57.26
CA SER VA 94 -63.78 -118.01 56.88
C SER VA 94 -64.60 -118.45 58.08
N THR VA 95 -65.70 -119.15 57.79
CA THR VA 95 -66.37 -119.94 58.81
C THR VA 95 -65.82 -121.36 58.76
N GLU VA 96 -66.04 -122.11 59.83
CA GLU VA 96 -65.48 -123.45 59.92
C GLU VA 96 -66.16 -124.42 58.97
N ALA VA 97 -67.45 -124.20 58.68
CA ALA VA 97 -68.15 -125.05 57.74
C ALA VA 97 -67.71 -124.82 56.31
N SER VA 98 -67.10 -123.67 56.01
CA SER VA 98 -66.54 -123.45 54.68
C SER VA 98 -65.28 -124.27 54.48
N ARG VA 99 -64.44 -124.36 55.51
CA ARG VA 99 -63.23 -125.16 55.43
C ARG VA 99 -63.51 -126.65 55.57
N LYS VA 100 -64.53 -127.04 56.35
CA LYS VA 100 -64.83 -128.45 56.53
C LYS VA 100 -65.48 -129.03 55.29
N SER VA 101 -66.34 -128.27 54.62
CA SER VA 101 -67.02 -128.79 53.43
C SER VA 101 -66.08 -128.84 52.24
N LEU VA 102 -65.11 -127.94 52.18
CA LEU VA 102 -64.11 -128.00 51.11
C LEU VA 102 -63.21 -129.22 51.29
N TYR VA 103 -62.89 -129.56 52.54
CA TYR VA 103 -62.15 -130.79 52.79
C TYR VA 103 -63.01 -132.02 52.53
N ASP VA 104 -64.29 -131.96 52.90
CA ASP VA 104 -65.17 -133.10 52.73
C ASP VA 104 -65.48 -133.40 51.27
N LEU VA 105 -65.38 -132.41 50.40
CA LEU VA 105 -65.57 -132.64 48.98
C LEU VA 105 -64.31 -133.21 48.34
N THR VA 106 -63.14 -132.70 48.73
CA THR VA 106 -61.90 -133.18 48.16
C THR VA 106 -61.54 -134.57 48.69
N LYS VA 107 -61.95 -134.89 49.91
CA LYS VA 107 -61.80 -136.25 50.43
C LYS VA 107 -62.66 -137.21 49.63
N SER VA 108 -63.83 -136.77 49.20
CA SER VA 108 -64.72 -137.60 48.40
C SER VA 108 -64.42 -137.52 46.91
N LEU VA 109 -63.72 -136.47 46.47
CA LEU VA 109 -63.31 -136.40 45.06
C LEU VA 109 -62.24 -137.44 44.77
N VAL VA 110 -61.23 -137.53 45.64
CA VAL VA 110 -60.15 -138.48 45.43
C VAL VA 110 -60.63 -139.91 45.62
N ALA VA 111 -61.56 -140.14 46.53
CA ALA VA 111 -62.00 -141.49 46.86
C ALA VA 111 -62.96 -142.08 45.84
N THR VA 112 -63.32 -141.35 44.78
CA THR VA 112 -64.23 -141.91 43.78
C THR VA 112 -63.45 -142.72 42.76
N SER VA 113 -64.18 -143.53 41.99
CA SER VA 113 -63.56 -144.40 41.00
C SER VA 113 -63.34 -143.73 39.66
N GLN VA 114 -63.66 -142.45 39.52
CA GLN VA 114 -63.40 -141.76 38.27
C GLN VA 114 -62.04 -141.07 38.29
N VAL VA 115 -61.59 -140.61 39.45
CA VAL VA 115 -60.25 -140.05 39.58
C VAL VA 115 -59.23 -141.16 39.73
N GLU VA 116 -59.68 -142.36 40.12
CA GLU VA 116 -58.78 -143.52 40.13
C GLU VA 116 -58.36 -143.88 38.71
N ASP VA 117 -59.32 -143.94 37.78
CA ASP VA 117 -58.99 -144.25 36.38
C ASP VA 117 -58.30 -143.10 35.68
N LEU VA 118 -58.34 -141.90 36.25
CA LEU VA 118 -57.68 -140.75 35.62
C LEU VA 118 -56.18 -140.74 35.85
N VAL VA 119 -55.72 -141.26 36.99
CA VAL VA 119 -54.29 -141.21 37.28
C VAL VA 119 -53.66 -142.59 37.06
N VAL VA 120 -54.48 -143.64 37.03
CA VAL VA 120 -53.93 -144.97 36.78
C VAL VA 120 -54.01 -145.31 35.30
N ASN VA 121 -55.19 -145.12 34.69
CA ASN VA 121 -55.43 -145.53 33.31
C ASN VA 121 -55.61 -144.36 32.36
N LEU VA 122 -55.48 -143.13 32.86
CA LEU VA 122 -55.47 -141.88 32.08
C LEU VA 122 -56.78 -141.63 31.33
N VAL VA 123 -57.89 -142.14 31.86
CA VAL VA 123 -59.20 -141.92 31.26
C VAL VA 123 -59.79 -140.63 31.82
N PRO VA 124 -60.35 -139.75 30.99
CA PRO VA 124 -60.88 -138.48 31.50
C PRO VA 124 -62.13 -138.67 32.35
N LEU VA 125 -62.50 -137.60 33.04
CA LEU VA 125 -63.57 -137.63 34.02
C LEU VA 125 -64.94 -137.54 33.35
N GLY VA 126 -65.96 -137.94 34.10
CA GLY VA 126 -67.32 -137.85 33.62
C GLY VA 126 -67.81 -139.11 32.95
N ARG VA 127 -68.92 -139.67 33.45
CA ARG VA 127 -69.55 -140.84 32.87
C ARG VA 127 -71.04 -140.58 32.77
N ALA VA 128 -71.61 -140.82 31.59
CA ALA VA 128 -73.00 -140.50 31.31
C ALA VA 128 -73.89 -141.67 31.69
N TYR VA 129 -74.80 -141.45 32.64
CA TYR VA 129 -75.85 -142.41 32.97
C TYR VA 129 -77.18 -141.65 32.98
N GLY VA 130 -77.87 -141.69 31.84
CA GLY VA 130 -79.17 -141.05 31.72
C GLY VA 130 -79.10 -139.53 31.64
N GLY VA 131 -78.52 -139.00 30.58
CA GLY VA 131 -78.39 -137.56 30.43
C GLY VA 131 -77.00 -137.15 29.99
N SER VA 132 -76.32 -136.36 30.81
CA SER VA 132 -74.96 -135.95 30.53
C SER VA 132 -73.98 -136.66 31.46
N LYS VA 133 -72.71 -136.28 31.35
CA LYS VA 133 -71.66 -136.93 32.12
C LYS VA 133 -71.52 -136.24 33.48
N THR VA 134 -71.59 -137.02 34.55
CA THR VA 134 -71.64 -136.48 35.90
C THR VA 134 -70.61 -137.16 36.80
N ILE VA 135 -70.20 -136.41 37.83
CA ILE VA 135 -69.46 -136.96 38.97
C ILE VA 135 -70.31 -136.74 40.21
N VAL VA 136 -70.52 -137.79 40.98
CA VAL VA 136 -71.23 -137.69 42.25
C VAL VA 136 -70.21 -137.61 43.37
N LEU VA 137 -70.45 -136.72 44.34
CA LEU VA 137 -69.53 -136.50 45.46
C LEU VA 137 -70.32 -136.69 46.75
N SER VA 138 -70.24 -137.88 47.31
CA SER VA 138 -70.96 -138.18 48.55
C SER VA 138 -70.26 -137.55 49.74
N VAL VA 139 -71.03 -136.81 50.53
CA VAL VA 139 -70.49 -136.08 51.68
C VAL VA 139 -71.15 -136.76 52.88
N GLY VA 140 -71.31 -138.08 52.76
CA GLY VA 140 -72.13 -138.84 53.69
C GLY VA 140 -73.25 -139.49 52.91
N GLU VA 141 -74.48 -139.03 53.11
CA GLU VA 141 -75.59 -139.42 52.26
C GLU VA 141 -75.98 -138.34 51.26
N ALA VA 142 -75.60 -137.09 51.50
CA ALA VA 142 -75.88 -136.01 50.57
C ALA VA 142 -74.89 -136.06 49.41
N THR VA 143 -75.42 -136.21 48.19
CA THR VA 143 -74.59 -136.34 46.99
C THR VA 143 -74.71 -135.08 46.16
N ARG VA 144 -73.66 -134.28 46.15
CA ARG VA 144 -73.60 -133.06 45.35
C ARG VA 144 -73.12 -133.45 43.96
N THR VA 145 -74.07 -133.61 43.03
CA THR VA 145 -73.78 -134.11 41.69
C THR VA 145 -73.40 -132.94 40.79
N LEU VA 146 -72.15 -132.95 40.30
CA LEU VA 146 -71.72 -131.99 39.31
C LEU VA 146 -72.01 -132.52 37.92
N THR VA 147 -72.32 -131.62 36.99
CA THR VA 147 -72.56 -131.97 35.61
C THR VA 147 -71.53 -131.28 34.72
N GLU VA 148 -71.09 -131.98 33.69
CA GLU VA 148 -70.09 -131.44 32.79
C GLU VA 148 -70.71 -130.38 31.90
N ILE VA 149 -70.13 -129.18 31.90
CA ILE VA 149 -70.63 -128.08 31.09
C ILE VA 149 -69.70 -127.74 29.93
N GLN VA 150 -68.50 -128.31 29.89
CA GLN VA 150 -67.55 -127.94 28.84
C GLN VA 150 -66.59 -129.10 28.63
N SER VA 151 -66.08 -129.20 27.39
CA SER VA 151 -65.09 -130.20 27.02
C SER VA 151 -64.19 -129.57 25.98
N THR VA 152 -63.06 -129.03 26.42
CA THR VA 152 -62.11 -128.37 25.53
C THR VA 152 -61.17 -129.47 25.02
N ALA VA 153 -60.03 -129.10 24.40
CA ALA VA 153 -59.09 -130.10 23.89
C ALA VA 153 -58.48 -130.93 25.02
N ASP VA 154 -58.03 -130.28 26.09
CA ASP VA 154 -57.54 -130.98 27.27
C ASP VA 154 -58.39 -130.67 28.50
N ARG VA 155 -58.85 -129.44 28.64
CA ARG VA 155 -59.63 -128.99 29.78
C ARG VA 155 -61.00 -129.65 29.81
N GLN VA 156 -61.60 -129.67 31.00
CA GLN VA 156 -62.88 -130.34 31.20
C GLN VA 156 -63.53 -129.70 32.43
N ILE VA 157 -64.48 -128.80 32.20
CA ILE VA 157 -65.07 -128.02 33.29
C ILE VA 157 -66.39 -128.64 33.71
N PHE VA 158 -66.47 -129.01 34.99
CA PHE VA 158 -67.69 -129.51 35.60
C PHE VA 158 -68.28 -128.42 36.48
N GLU VA 159 -69.59 -128.51 36.74
CA GLU VA 159 -70.25 -127.49 37.53
C GLU VA 159 -71.55 -128.05 38.10
N GLU VA 160 -71.83 -127.71 39.35
CA GLU VA 160 -73.13 -128.00 39.94
C GLU VA 160 -74.14 -126.98 39.47
N LYS VA 161 -75.36 -127.45 39.20
CA LYS VA 161 -76.35 -126.63 38.53
C LYS VA 161 -77.46 -126.12 39.44
N VAL VA 162 -77.43 -126.42 40.72
CA VAL VA 162 -78.42 -125.88 41.64
C VAL VA 162 -77.93 -124.54 42.19
N GLY VA 163 -78.89 -123.66 42.49
CA GLY VA 163 -78.57 -122.39 43.10
C GLY VA 163 -78.34 -121.28 42.10
N PRO VA 164 -77.80 -120.15 42.56
CA PRO VA 164 -77.60 -119.00 41.68
C PRO VA 164 -76.40 -119.23 40.75
N LEU VA 165 -76.32 -118.37 39.73
CA LEU VA 165 -75.26 -118.43 38.75
C LEU VA 165 -73.93 -117.88 39.26
N VAL VA 166 -73.94 -117.12 40.35
CA VAL VA 166 -72.74 -116.41 40.76
C VAL VA 166 -71.74 -117.35 41.45
N GLY VA 167 -72.16 -118.13 42.42
CA GLY VA 167 -71.25 -119.02 43.12
C GLY VA 167 -71.68 -120.46 43.04
N ARG VA 168 -70.90 -121.27 42.34
CA ARG VA 168 -71.21 -122.68 42.14
C ARG VA 168 -69.94 -123.49 42.28
N LEU VA 169 -70.12 -124.79 42.54
CA LEU VA 169 -68.99 -125.71 42.55
C LEU VA 169 -68.40 -125.85 41.15
N ARG VA 170 -67.08 -125.89 41.09
CA ARG VA 170 -66.38 -125.99 39.82
C ARG VA 170 -65.36 -127.11 39.90
N LEU VA 171 -64.98 -127.64 38.75
CA LEU VA 171 -63.96 -128.69 38.68
C LEU VA 171 -63.33 -128.59 37.29
N THR VA 172 -62.16 -127.98 37.22
CA THR VA 172 -61.45 -127.82 35.95
C THR VA 172 -60.37 -128.90 35.87
N ALA VA 173 -60.76 -130.09 35.43
CA ALA VA 173 -59.79 -131.15 35.21
C ALA VA 173 -58.97 -130.86 33.97
N SER VA 174 -57.84 -131.56 33.85
CA SER VA 174 -56.92 -131.34 32.73
C SER VA 174 -56.07 -132.59 32.57
N LEU VA 175 -55.37 -132.64 31.43
CA LEU VA 175 -54.48 -133.75 31.10
C LEU VA 175 -53.56 -133.30 29.98
N ARG VA 176 -52.26 -133.40 30.19
CA ARG VA 176 -51.28 -133.00 29.20
C ARG VA 176 -50.22 -134.08 29.06
N GLN VA 177 -49.28 -133.86 28.16
CA GLN VA 177 -48.02 -134.60 28.16
C GLN VA 177 -46.94 -133.66 27.64
N ASN VA 178 -45.90 -133.45 28.45
CA ASN VA 178 -44.90 -132.44 28.17
C ASN VA 178 -43.74 -133.03 27.39
N GLY VA 179 -43.15 -132.18 26.53
CA GLY VA 179 -41.92 -132.51 25.83
C GLY VA 179 -42.03 -133.63 24.83
N ALA VA 180 -41.12 -134.59 24.92
CA ALA VA 180 -41.08 -135.71 23.97
C ALA VA 180 -41.86 -136.92 24.49
N LYS VA 181 -43.12 -136.68 24.89
CA LYS VA 181 -44.09 -137.71 25.27
C LYS VA 181 -43.59 -138.60 26.42
N THR VA 182 -42.87 -138.01 27.38
CA THR VA 182 -42.24 -138.79 28.43
C THR VA 182 -42.95 -138.73 29.77
N ALA VA 183 -43.84 -137.76 29.99
CA ALA VA 183 -44.49 -137.61 31.28
C ALA VA 183 -45.81 -136.88 31.11
N TYR VA 184 -46.86 -137.43 31.70
CA TYR VA 184 -48.17 -136.79 31.70
C TYR VA 184 -48.27 -135.83 32.89
N ARG VA 185 -49.37 -135.09 32.94
CA ARG VA 185 -49.57 -134.13 34.02
C ARG VA 185 -51.07 -133.91 34.20
N VAL VA 186 -51.63 -134.54 35.22
CA VAL VA 186 -53.03 -134.33 35.58
C VAL VA 186 -53.13 -133.13 36.50
N ASN VA 187 -54.21 -132.36 36.38
CA ASN VA 187 -54.35 -131.12 37.13
C ASN VA 187 -55.83 -130.89 37.42
N LEU VA 188 -56.28 -131.26 38.61
CA LEU VA 188 -57.62 -130.95 39.06
C LEU VA 188 -57.61 -129.65 39.87
N LYS VA 189 -58.79 -129.05 40.00
CA LYS VA 189 -58.94 -127.80 40.74
C LYS VA 189 -60.40 -127.65 41.12
N LEU VA 190 -60.69 -127.61 42.41
CA LEU VA 190 -62.07 -127.54 42.91
C LEU VA 190 -62.24 -126.21 43.64
N ASP VA 191 -63.00 -125.31 43.05
CA ASP VA 191 -63.33 -124.04 43.70
C ASP VA 191 -64.64 -124.16 44.45
N GLN VA 192 -64.76 -123.41 45.54
CA GLN VA 192 -65.97 -123.40 46.34
C GLN VA 192 -66.20 -122.00 46.86
N ALA VA 193 -67.02 -121.22 46.16
CA ALA VA 193 -67.34 -119.87 46.55
C ALA VA 193 -68.46 -119.89 47.56
N ASP VA 194 -68.32 -119.08 48.61
CA ASP VA 194 -69.32 -119.04 49.68
C ASP VA 194 -70.29 -117.92 49.37
N VAL VA 195 -71.48 -118.28 48.91
CA VAL VA 195 -72.51 -117.32 48.52
C VAL VA 195 -73.53 -117.22 49.64
N VAL VA 196 -73.98 -116.00 49.92
CA VAL VA 196 -74.94 -115.74 50.99
C VAL VA 196 -76.04 -114.84 50.42
N ASP VA 197 -77.25 -115.00 50.95
CA ASP VA 197 -78.39 -114.19 50.54
C ASP VA 197 -78.92 -113.40 51.73
N CYS VA 198 -79.14 -112.11 51.52
CA CYS VA 198 -79.62 -111.22 52.57
C CYS VA 198 -81.08 -110.83 52.35
N SER VA 199 -81.84 -111.70 51.67
CA SER VA 199 -83.22 -111.40 51.34
C SER VA 199 -84.14 -111.37 52.55
N THR VA 200 -83.80 -112.13 53.60
CA THR VA 200 -84.58 -112.06 54.83
C THR VA 200 -84.32 -110.76 55.58
N SER VA 201 -83.08 -110.26 55.50
CA SER VA 201 -82.68 -109.04 56.18
C SER VA 201 -83.01 -107.78 55.38
N VAL VA 202 -82.56 -107.71 54.13
CA VAL VA 202 -82.70 -106.51 53.30
C VAL VA 202 -83.54 -106.87 52.09
N CYS VA 203 -84.50 -106.01 51.74
CA CYS VA 203 -85.32 -106.21 50.56
C CYS VA 203 -84.51 -106.15 49.27
N GLY VA 204 -84.89 -106.98 48.32
CA GLY VA 204 -84.36 -106.93 46.97
C GLY VA 204 -82.90 -107.27 46.83
N GLU VA 205 -82.35 -108.04 47.76
CA GLU VA 205 -80.92 -108.36 47.78
C GLU VA 205 -80.73 -109.68 47.04
N LEU VA 206 -80.05 -109.60 45.91
CA LEU VA 206 -79.68 -110.80 45.18
C LEU VA 206 -78.41 -111.39 45.80
N PRO VA 207 -78.24 -112.72 45.71
CA PRO VA 207 -77.09 -113.36 46.37
C PRO VA 207 -75.77 -112.97 45.75
N LYS VA 208 -74.73 -112.98 46.58
CA LYS VA 208 -73.38 -112.61 46.17
C LYS VA 208 -72.39 -113.43 46.96
N VAL VA 209 -71.15 -113.48 46.48
CA VAL VA 209 -70.11 -114.27 47.08
C VAL VA 209 -69.27 -113.38 48.01
N ARG VA 210 -68.76 -113.97 49.08
CA ARG VA 210 -67.85 -113.24 49.97
C ARG VA 210 -66.40 -113.54 49.63
N TYR VA 211 -66.04 -114.82 49.61
CA TYR VA 211 -64.67 -115.25 49.35
C TYR VA 211 -64.72 -116.49 48.46
N THR VA 212 -63.54 -117.05 48.20
CA THR VA 212 -63.45 -118.31 47.49
C THR VA 212 -62.26 -119.11 48.03
N GLN VA 213 -62.42 -120.43 48.06
CA GLN VA 213 -61.41 -121.34 48.58
C GLN VA 213 -61.25 -122.49 47.60
N VAL VA 214 -60.01 -122.73 47.17
CA VAL VA 214 -59.74 -123.73 46.15
C VAL VA 214 -58.93 -124.87 46.78
N TRP VA 215 -58.85 -125.98 46.04
CA TRP VA 215 -57.98 -127.10 46.38
C TRP VA 215 -57.51 -127.69 45.05
N SER VA 216 -56.33 -127.28 44.62
CA SER VA 216 -55.77 -127.81 43.39
C SER VA 216 -55.07 -129.14 43.63
N HIS VA 217 -54.87 -129.87 42.55
CA HIS VA 217 -54.02 -131.06 42.56
C HIS VA 217 -53.07 -130.96 41.37
N ASP VA 218 -51.93 -131.63 41.49
CA ASP VA 218 -50.95 -131.60 40.40
C ASP VA 218 -50.23 -132.94 40.41
N VAL VA 219 -50.73 -133.88 39.62
CA VAL VA 219 -50.19 -135.22 39.55
C VAL VA 219 -49.22 -135.28 38.38
N THR VA 220 -48.04 -135.84 38.62
CA THR VA 220 -47.04 -136.05 37.58
C THR VA 220 -46.85 -137.54 37.39
N ILE VA 221 -47.09 -138.02 36.18
CA ILE VA 221 -47.04 -139.44 35.86
C ILE VA 221 -46.10 -139.61 34.68
N VAL VA 222 -45.02 -140.36 34.88
CA VAL VA 222 -44.11 -140.62 33.76
C VAL VA 222 -44.69 -141.74 32.90
N ALA VA 223 -44.30 -141.75 31.63
CA ALA VA 223 -45.02 -142.52 30.62
C ALA VA 223 -44.71 -144.01 30.70
N ASN VA 224 -43.47 -144.37 31.03
CA ASN VA 224 -43.05 -145.77 31.07
C ASN VA 224 -43.19 -146.38 32.45
N SER VA 225 -44.19 -145.95 33.22
CA SER VA 225 -44.44 -146.42 34.57
C SER VA 225 -44.88 -147.88 34.58
N THR VA 226 -44.93 -148.43 35.79
CA THR VA 226 -45.69 -149.64 36.04
C THR VA 226 -47.07 -149.23 36.52
N GLU VA 227 -48.09 -150.01 36.16
CA GLU VA 227 -49.44 -149.70 36.62
C GLU VA 227 -49.57 -149.88 38.13
N ALA VA 228 -48.75 -150.76 38.72
CA ALA VA 228 -48.74 -150.92 40.16
C ALA VA 228 -48.09 -149.74 40.87
N SER VA 229 -47.30 -148.93 40.16
CA SER VA 229 -46.73 -147.73 40.78
C SER VA 229 -47.66 -146.53 40.63
N ARG VA 230 -48.50 -146.53 39.59
CA ARG VA 230 -49.54 -145.51 39.50
C ARG VA 230 -50.68 -145.82 40.46
N LYS VA 231 -50.92 -147.10 40.75
CA LYS VA 231 -51.97 -147.47 41.68
C LYS VA 231 -51.56 -147.15 43.11
N SER VA 232 -50.28 -147.37 43.46
CA SER VA 232 -49.84 -147.13 44.83
C SER VA 232 -49.69 -145.63 45.12
N LEU VA 233 -49.42 -144.82 44.09
CA LEU VA 233 -49.40 -143.37 44.30
C LEU VA 233 -50.80 -142.83 44.56
N TYR VA 234 -51.81 -143.38 43.87
CA TYR VA 234 -53.18 -142.97 44.12
C TYR VA 234 -53.66 -143.48 45.47
N ASP VA 235 -53.30 -144.73 45.81
CA ASP VA 235 -53.72 -145.34 47.06
C ASP VA 235 -53.12 -144.67 48.29
N LEU VA 236 -51.96 -144.03 48.15
CA LEU VA 236 -51.39 -143.29 49.25
C LEU VA 236 -52.03 -141.91 49.39
N THR VA 237 -52.31 -141.25 48.26
CA THR VA 237 -52.94 -139.94 48.30
C THR VA 237 -54.40 -140.02 48.70
N LYS VA 238 -55.08 -141.12 48.33
CA LYS VA 238 -56.42 -141.37 48.86
C LYS VA 238 -56.38 -141.60 50.35
N SER VA 239 -55.33 -142.25 50.84
CA SER VA 239 -55.17 -142.49 52.27
C SER VA 239 -54.60 -141.29 53.00
N LEU VA 240 -53.88 -140.40 52.31
CA LEU VA 240 -53.33 -139.22 52.97
C LEU VA 240 -54.42 -138.20 53.29
N VAL VA 241 -55.29 -137.92 52.32
CA VAL VA 241 -56.37 -136.95 52.50
C VAL VA 241 -57.38 -137.47 53.52
N ALA VA 242 -57.57 -138.78 53.60
CA ALA VA 242 -58.54 -139.35 54.51
C ALA VA 242 -58.10 -139.36 55.98
N THR VA 243 -56.87 -138.96 56.28
CA THR VA 243 -56.40 -138.97 57.65
C THR VA 243 -56.95 -137.77 58.41
N SER VA 244 -56.87 -137.85 59.73
CA SER VA 244 -57.30 -136.76 60.59
C SER VA 244 -56.22 -135.70 60.79
N GLN VA 245 -55.01 -135.97 60.30
CA GLN VA 245 -53.96 -134.96 60.42
C GLN VA 245 -54.09 -133.90 59.34
N VAL VA 246 -54.49 -134.29 58.13
CA VAL VA 246 -54.77 -133.34 57.07
C VAL VA 246 -56.14 -132.69 57.26
N GLU VA 247 -57.04 -133.32 58.01
CA GLU VA 247 -58.31 -132.70 58.34
C GLU VA 247 -58.11 -131.48 59.22
N ASP VA 248 -57.29 -131.61 60.26
CA ASP VA 248 -56.99 -130.48 61.13
C ASP VA 248 -56.03 -129.49 60.51
N LEU VA 249 -55.30 -129.88 59.46
CA LEU VA 249 -54.39 -128.95 58.81
C LEU VA 249 -55.13 -127.99 57.89
N VAL VA 250 -56.22 -128.44 57.27
CA VAL VA 250 -57.01 -127.57 56.42
C VAL VA 250 -58.04 -126.79 57.23
N VAL VA 251 -58.70 -127.45 58.18
CA VAL VA 251 -59.74 -126.79 58.95
C VAL VA 251 -59.14 -125.88 60.02
N ASN VA 252 -58.22 -126.39 60.83
CA ASN VA 252 -57.73 -125.68 61.99
C ASN VA 252 -56.28 -125.24 61.91
N LEU VA 253 -55.61 -125.46 60.76
CA LEU VA 253 -54.21 -125.07 60.51
C LEU VA 253 -53.22 -125.69 61.49
N VAL VA 254 -53.53 -126.87 62.01
CA VAL VA 254 -52.62 -127.59 62.89
C VAL VA 254 -51.59 -128.32 62.03
N PRO VA 255 -50.29 -128.18 62.31
CA PRO VA 255 -49.28 -128.84 61.47
C PRO VA 255 -49.29 -130.35 61.62
N LEU VA 256 -48.67 -131.02 60.66
CA LEU VA 256 -48.69 -132.47 60.60
C LEU VA 256 -47.69 -133.06 61.59
N GLY VA 257 -47.92 -134.33 61.93
CA GLY VA 257 -47.01 -135.05 62.80
C GLY VA 257 -47.48 -135.17 64.24
N ARG VA 258 -47.61 -136.40 64.72
CA ARG VA 258 -47.97 -136.64 66.11
C ARG VA 258 -47.13 -137.77 66.70
N SER WA 1 37.89 140.83 -67.47
CA SER WA 1 37.92 139.64 -68.30
C SER WA 1 36.55 139.37 -68.92
N LYS WA 2 35.78 138.50 -68.28
CA LYS WA 2 34.46 138.12 -68.74
C LYS WA 2 33.42 138.94 -67.98
N THR WA 3 32.64 139.73 -68.71
CA THR WA 3 31.79 140.75 -68.11
C THR WA 3 30.37 140.70 -68.63
N ILE WA 4 29.45 141.13 -67.77
CA ILE WA 4 28.09 141.52 -68.16
C ILE WA 4 27.93 143.00 -67.82
N VAL WA 5 27.34 143.76 -68.73
CA VAL WA 5 27.13 145.18 -68.54
C VAL WA 5 25.65 145.43 -68.39
N LEU WA 6 25.24 146.01 -67.27
CA LEU WA 6 23.84 146.29 -66.96
C LEU WA 6 23.65 147.81 -66.96
N SER WA 7 23.09 148.33 -68.04
CA SER WA 7 22.85 149.76 -68.15
C SER WA 7 21.52 150.12 -67.50
N VAL WA 8 21.55 151.13 -66.63
CA VAL WA 8 20.39 151.52 -65.84
C VAL WA 8 20.02 152.91 -66.36
N GLY WA 9 20.21 153.10 -67.66
CA GLY WA 9 20.04 154.41 -68.26
C GLY WA 9 21.32 154.80 -68.97
N GLU WA 10 21.98 155.84 -68.47
CA GLU WA 10 23.31 156.20 -68.94
C GLU WA 10 24.41 155.62 -68.05
N ALA WA 11 24.09 155.17 -66.85
CA ALA WA 11 25.08 154.55 -65.98
C ALA WA 11 25.12 153.05 -66.23
N THR WA 12 26.33 152.50 -66.36
CA THR WA 12 26.53 151.07 -66.60
C THR WA 12 27.26 150.47 -65.40
N ARG WA 13 26.76 149.34 -64.92
CA ARG WA 13 27.35 148.64 -63.79
C ARG WA 13 27.94 147.33 -64.30
N THR WA 14 29.24 147.34 -64.57
CA THR WA 14 29.93 146.21 -65.18
C THR WA 14 30.27 145.17 -64.13
N LEU WA 15 29.58 144.04 -64.16
CA LEU WA 15 29.91 142.89 -63.33
C LEU WA 15 31.03 142.09 -63.97
N THR WA 16 31.93 141.57 -63.15
CA THR WA 16 33.02 140.73 -63.66
C THR WA 16 32.92 139.35 -63.02
N GLU WA 17 33.39 138.36 -63.76
CA GLU WA 17 33.34 136.97 -63.30
C GLU WA 17 34.45 136.71 -62.29
N ILE WA 18 34.09 136.12 -61.15
CA ILE WA 18 35.05 135.84 -60.09
C ILE WA 18 35.19 134.36 -59.80
N GLN WA 19 34.33 133.51 -60.32
CA GLN WA 19 34.35 132.09 -60.01
C GLN WA 19 33.65 131.34 -61.13
N SER WA 20 34.14 130.14 -61.44
CA SER WA 20 33.58 129.37 -62.54
C SER WA 20 33.75 127.89 -62.20
N THR WA 21 32.66 127.25 -61.83
CA THR WA 21 32.63 125.82 -61.57
C THR WA 21 32.28 125.15 -62.91
N ALA WA 22 31.86 123.88 -62.89
CA ALA WA 22 31.42 123.20 -64.12
C ALA WA 22 30.21 123.89 -64.73
N ASP WA 23 29.21 124.19 -63.92
CA ASP WA 23 28.00 124.87 -64.36
C ASP WA 23 27.74 126.19 -63.65
N ARG WA 24 28.00 126.26 -62.34
CA ARG WA 24 27.76 127.47 -61.58
C ARG WA 24 28.79 128.54 -61.96
N GLN WA 25 28.34 129.80 -61.93
CA GLN WA 25 29.12 130.88 -62.52
C GLN WA 25 28.78 132.17 -61.76
N ILE WA 26 29.72 132.64 -60.95
CA ILE WA 26 29.48 133.76 -60.03
C ILE WA 26 30.12 135.02 -60.60
N PHE WA 27 29.32 136.06 -60.76
CA PHE WA 27 29.78 137.39 -61.18
C PHE WA 27 29.73 138.33 -59.99
N GLU WA 28 30.44 139.45 -60.11
CA GLU WA 28 30.53 140.41 -59.03
C GLU WA 28 30.97 141.76 -59.58
N GLU WA 29 30.52 142.83 -58.93
CA GLU WA 29 30.96 144.18 -59.27
C GLU WA 29 32.15 144.57 -58.41
N LYS WA 30 33.26 144.92 -59.07
CA LYS WA 30 34.51 145.18 -58.38
C LYS WA 30 34.69 146.62 -57.93
N VAL WA 31 33.61 147.35 -57.70
CA VAL WA 31 33.71 148.74 -57.27
C VAL WA 31 33.29 148.86 -55.81
N GLY WA 32 34.15 149.47 -55.00
CA GLY WA 32 33.81 149.77 -53.63
C GLY WA 32 34.44 148.84 -52.62
N PRO WA 33 33.90 148.84 -51.39
CA PRO WA 33 34.42 147.94 -50.35
C PRO WA 33 34.14 146.47 -50.63
N LEU WA 34 34.72 145.60 -49.82
CA LEU WA 34 34.69 144.16 -50.07
C LEU WA 34 33.47 143.48 -49.46
N VAL WA 35 32.71 144.15 -48.61
CA VAL WA 35 31.73 143.46 -47.79
C VAL WA 35 30.41 143.22 -48.54
N GLY WA 36 29.89 144.20 -49.25
CA GLY WA 36 28.65 143.99 -49.98
C GLY WA 36 28.73 144.51 -51.39
N ARG WA 37 28.61 143.61 -52.37
CA ARG WA 37 28.70 143.96 -53.77
C ARG WA 37 27.54 143.30 -54.51
N LEU WA 38 27.34 143.74 -55.76
CA LEU WA 38 26.40 143.05 -56.63
C LEU WA 38 26.89 141.64 -56.92
N ARG WA 39 25.94 140.75 -57.17
CA ARG WA 39 26.23 139.34 -57.31
C ARG WA 39 25.28 138.76 -58.34
N LEU WA 40 25.78 137.81 -59.12
CA LEU WA 40 24.97 137.18 -60.16
C LEU WA 40 25.44 135.74 -60.30
N THR WA 41 24.61 134.81 -59.83
CA THR WA 41 24.96 133.39 -59.81
C THR WA 41 24.13 132.69 -60.87
N ALA WA 42 24.71 132.53 -62.06
CA ALA WA 42 24.06 131.75 -63.10
C ALA WA 42 24.31 130.27 -62.89
N SER WA 43 23.46 129.45 -63.49
CA SER WA 43 23.57 128.00 -63.41
C SER WA 43 22.91 127.41 -64.64
N LEU WA 44 23.20 126.13 -64.90
CA LEU WA 44 22.61 125.40 -66.00
C LEU WA 44 22.78 123.92 -65.73
N ARG WA 45 21.66 123.21 -65.66
CA ARG WA 45 21.67 121.77 -65.38
C ARG WA 45 20.86 121.06 -66.45
N GLN WA 46 20.76 119.74 -66.32
CA GLN WA 46 19.75 118.98 -67.07
C GLN WA 46 19.27 117.84 -66.16
N ASN WA 47 18.02 117.94 -65.72
CA ASN WA 47 17.49 117.05 -64.71
C ASN WA 47 16.89 115.81 -65.36
N GLY WA 48 17.13 114.66 -64.72
CA GLY WA 48 16.50 113.42 -65.12
C GLY WA 48 17.19 112.73 -66.28
N ALA WA 49 16.39 112.27 -67.25
CA ALA WA 49 16.89 111.47 -68.36
C ALA WA 49 17.22 112.36 -69.56
N LYS WA 50 18.06 113.37 -69.31
CA LYS WA 50 18.68 114.23 -70.33
C LYS WA 50 17.64 114.98 -71.17
N THR WA 51 16.50 115.31 -70.58
CA THR WA 51 15.36 115.78 -71.37
C THR WA 51 14.96 117.22 -71.10
N ALA WA 52 15.38 117.82 -69.99
CA ALA WA 52 14.93 119.17 -69.65
C ALA WA 52 16.06 119.92 -68.97
N TYR WA 53 16.41 121.08 -69.52
CA TYR WA 53 17.42 121.95 -68.92
C TYR WA 53 16.79 122.86 -67.89
N ARG WA 54 17.63 123.44 -67.03
CA ARG WA 54 17.15 124.27 -65.93
C ARG WA 54 18.14 125.40 -65.71
N VAL WA 55 17.80 126.59 -66.17
CA VAL WA 55 18.61 127.78 -65.94
C VAL WA 55 18.16 128.43 -64.63
N ASN WA 56 19.11 129.01 -63.91
CA ASN WA 56 18.82 129.54 -62.58
C ASN WA 56 19.69 130.78 -62.35
N LEU WA 57 19.13 131.96 -62.58
CA LEU WA 57 19.80 133.20 -62.26
C LEU WA 57 19.42 133.66 -60.87
N LYS WA 58 20.29 134.48 -60.27
CA LYS WA 58 20.05 135.02 -58.93
C LYS WA 58 20.87 136.29 -58.80
N LEU WA 59 20.19 137.43 -58.72
CA LEU WA 59 20.85 138.72 -58.60
C LEU WA 59 20.67 139.23 -57.17
N ASP WA 60 21.74 139.20 -56.39
CA ASP WA 60 21.72 139.72 -55.04
C ASP WA 60 22.01 141.21 -55.06
N GLN WA 61 21.52 141.92 -54.04
CA GLN WA 61 21.85 143.33 -53.88
C GLN WA 61 21.84 143.67 -52.41
N ALA WA 62 23.02 143.89 -51.84
CA ALA WA 62 23.16 144.25 -50.44
C ALA WA 62 23.20 145.75 -50.30
N ASP WA 63 22.60 146.26 -49.23
CA ASP WA 63 22.56 147.70 -48.97
C ASP WA 63 23.64 148.02 -47.94
N VAL WA 64 24.77 148.48 -48.41
CA VAL WA 64 25.92 148.79 -47.57
C VAL WA 64 25.85 150.25 -47.17
N VAL WA 65 26.27 150.55 -45.94
CA VAL WA 65 26.34 151.91 -45.44
C VAL WA 65 27.63 152.06 -44.64
N ASP WA 66 28.35 153.15 -44.88
CA ASP WA 66 29.60 153.43 -44.18
C ASP WA 66 29.40 154.65 -43.30
N CYS WA 67 29.36 154.42 -41.99
CA CYS WA 67 29.11 155.46 -41.01
C CYS WA 67 30.38 155.79 -40.23
N SER WA 68 31.53 155.69 -40.91
CA SER WA 68 32.79 155.94 -40.25
C SER WA 68 33.05 157.42 -40.03
N THR WA 69 32.39 158.30 -40.79
CA THR WA 69 32.60 159.73 -40.63
C THR WA 69 31.81 160.28 -39.45
N SER WA 70 30.55 159.87 -39.32
CA SER WA 70 29.71 160.36 -38.23
C SER WA 70 30.06 159.66 -36.92
N VAL WA 71 29.88 158.34 -36.88
CA VAL WA 71 30.21 157.55 -35.70
C VAL WA 71 31.68 157.16 -35.82
N CYS WA 72 32.48 157.57 -34.85
CA CYS WA 72 33.91 157.31 -34.89
C CYS WA 72 34.19 155.84 -34.56
N GLY WA 73 34.96 155.18 -35.43
CA GLY WA 73 35.50 153.89 -35.14
C GLY WA 73 34.69 152.69 -35.56
N GLU WA 74 33.89 152.79 -36.62
CA GLU WA 74 33.15 151.65 -37.10
C GLU WA 74 33.25 151.54 -38.62
N LEU WA 75 32.96 150.34 -39.11
CA LEU WA 75 33.28 149.90 -40.45
C LEU WA 75 32.01 149.81 -41.30
N PRO WA 76 32.12 149.76 -42.64
CA PRO WA 76 30.92 149.53 -43.46
C PRO WA 76 30.33 148.15 -43.22
N LYS WA 77 29.00 148.09 -43.28
CA LYS WA 77 28.26 146.89 -42.95
C LYS WA 77 27.05 146.83 -43.86
N VAL WA 78 26.51 145.63 -44.03
CA VAL WA 78 25.31 145.43 -44.84
C VAL WA 78 24.08 145.49 -43.93
N ARG WA 79 23.08 146.26 -44.35
CA ARG WA 79 21.83 146.28 -43.61
C ARG WA 79 20.95 145.10 -43.97
N TYR WA 80 20.68 144.92 -45.27
CA TYR WA 80 19.80 143.89 -45.76
C TYR WA 80 20.25 143.49 -47.16
N THR WA 81 19.76 142.35 -47.63
CA THR WA 81 19.94 141.90 -49.00
C THR WA 81 18.59 141.67 -49.63
N GLN WA 82 18.46 142.04 -50.90
CA GLN WA 82 17.25 141.82 -51.67
C GLN WA 82 17.61 141.10 -52.95
N VAL WA 83 16.99 139.96 -53.20
CA VAL WA 83 17.34 139.11 -54.32
C VAL WA 83 16.22 139.15 -55.35
N TRP WA 84 16.54 138.70 -56.57
CA TRP WA 84 15.54 138.46 -57.60
C TRP WA 84 16.01 137.23 -58.35
N SER WA 85 15.50 136.07 -57.96
CA SER WA 85 15.91 134.83 -58.60
C SER WA 85 15.14 134.63 -59.90
N HIS WA 86 15.64 133.70 -60.71
CA HIS WA 86 14.93 133.22 -61.88
C HIS WA 86 15.06 131.71 -61.92
N ASP WA 87 14.09 131.06 -62.56
CA ASP WA 87 14.11 129.60 -62.69
C ASP WA 87 13.43 129.26 -64.01
N VAL WA 88 14.22 129.08 -65.04
CA VAL WA 88 13.71 128.78 -66.37
C VAL WA 88 13.81 127.29 -66.62
N THR WA 89 12.74 126.69 -67.11
CA THR WA 89 12.72 125.28 -67.48
C THR WA 89 12.60 125.19 -68.99
N ILE WA 90 13.57 124.54 -69.61
CA ILE WA 90 13.63 124.40 -71.06
C ILE WA 90 13.71 122.92 -71.39
N VAL WA 91 12.77 122.43 -72.19
CA VAL WA 91 12.83 121.05 -72.64
C VAL WA 91 13.78 120.96 -73.83
N ALA WA 92 14.43 119.79 -73.96
CA ALA WA 92 15.56 119.67 -74.88
C ALA WA 92 15.13 119.66 -76.33
N ASN WA 93 14.08 118.90 -76.67
CA ASN WA 93 13.66 118.72 -78.05
C ASN WA 93 12.68 119.79 -78.53
N SER WA 94 12.66 120.95 -77.90
CA SER WA 94 11.77 122.01 -78.31
C SER WA 94 12.28 122.70 -79.57
N THR WA 95 11.44 123.55 -80.14
CA THR WA 95 11.83 124.38 -81.27
C THR WA 95 12.41 125.69 -80.76
N GLU WA 96 13.12 126.39 -81.65
CA GLU WA 96 13.76 127.63 -81.25
C GLU WA 96 12.76 128.76 -81.04
N ALA WA 97 11.67 128.77 -81.81
CA ALA WA 97 10.69 129.84 -81.70
C ALA WA 97 9.86 129.74 -80.43
N SER WA 98 9.82 128.57 -79.79
CA SER WA 98 9.15 128.46 -78.50
C SER WA 98 10.01 129.05 -77.40
N ARG WA 99 11.32 128.82 -77.47
CA ARG WA 99 12.25 129.44 -76.53
C ARG WA 99 12.38 130.93 -76.72
N LYS WA 100 12.29 131.41 -77.96
CA LYS WA 100 12.39 132.84 -78.21
C LYS WA 100 11.13 133.56 -77.76
N SER WA 101 9.96 132.93 -77.92
CA SER WA 101 8.71 133.56 -77.51
C SER WA 101 8.56 133.54 -76.00
N LEU WA 102 9.13 132.53 -75.33
CA LEU WA 102 9.12 132.50 -73.88
C LEU WA 102 10.02 133.59 -73.31
N TYR WA 103 11.16 133.84 -73.96
CA TYR WA 103 12.03 134.91 -73.53
C TYR WA 103 11.44 136.28 -73.83
N ASP WA 104 10.81 136.42 -75.01
CA ASP WA 104 10.26 137.71 -75.43
C ASP WA 104 9.06 138.13 -74.60
N LEU WA 105 8.34 137.17 -74.01
CA LEU WA 105 7.24 137.52 -73.12
C LEU WA 105 7.75 137.93 -71.75
N THR WA 106 8.75 137.22 -71.23
CA THR WA 106 9.31 137.55 -69.93
C THR WA 106 10.14 138.83 -69.98
N LYS WA 107 10.70 139.16 -71.16
CA LYS WA 107 11.43 140.41 -71.32
C LYS WA 107 10.49 141.61 -71.20
N SER WA 108 9.27 141.47 -71.69
CA SER WA 108 8.30 142.56 -71.60
C SER WA 108 7.36 142.43 -70.41
N LEU WA 109 7.37 141.29 -69.72
CA LEU WA 109 6.66 141.20 -68.46
C LEU WA 109 7.37 142.02 -67.40
N VAL WA 110 8.70 141.91 -67.32
CA VAL WA 110 9.46 142.69 -66.37
C VAL WA 110 9.44 144.16 -66.78
N ALA WA 111 9.44 144.45 -68.07
CA ALA WA 111 9.51 145.82 -68.55
C ALA WA 111 8.20 146.58 -68.43
N THR WA 112 7.11 145.93 -68.06
CA THR WA 112 5.84 146.64 -67.96
C THR WA 112 5.78 147.43 -66.64
N SER WA 113 4.82 148.35 -66.58
CA SER WA 113 4.70 149.23 -65.42
C SER WA 113 3.81 148.65 -64.33
N GLN WA 114 3.33 147.41 -64.47
CA GLN WA 114 2.54 146.80 -63.41
C GLN WA 114 3.40 145.92 -62.51
N VAL WA 115 4.46 145.33 -63.06
CA VAL WA 115 5.41 144.59 -62.23
C VAL WA 115 6.38 145.55 -61.56
N GLU WA 116 6.51 146.77 -62.09
CA GLU WA 116 7.29 147.80 -61.41
C GLU WA 116 6.66 148.19 -60.10
N ASP WA 117 5.35 148.41 -60.08
CA ASP WA 117 4.66 148.76 -58.85
C ASP WA 117 4.47 147.56 -57.93
N LEU WA 118 4.69 146.35 -58.42
CA LEU WA 118 4.56 145.17 -57.57
C LEU WA 118 5.76 144.96 -56.67
N VAL WA 119 6.96 145.30 -57.13
CA VAL WA 119 8.16 145.05 -56.34
C VAL WA 119 8.59 146.33 -55.63
N VAL WA 120 8.12 147.48 -56.10
CA VAL WA 120 8.50 148.73 -55.47
C VAL WA 120 7.45 149.15 -54.44
N ASN WA 121 6.19 149.22 -54.85
CA ASN WA 121 5.12 149.72 -54.00
C ASN WA 121 4.15 148.64 -53.54
N LEU WA 122 4.42 147.38 -53.90
CA LEU WA 122 3.69 146.19 -53.46
C LEU WA 122 2.22 146.19 -53.88
N VAL WA 123 1.89 146.87 -54.97
CA VAL WA 123 0.53 146.87 -55.51
C VAL WA 123 0.37 145.63 -56.40
N PRO WA 124 -0.72 144.86 -56.25
CA PRO WA 124 -0.87 143.64 -57.05
C PRO WA 124 -1.11 143.92 -58.52
N LEU WA 125 -1.06 142.85 -59.30
CA LEU WA 125 -1.11 142.95 -60.76
C LEU WA 125 -2.55 143.09 -61.25
N GLY WA 126 -2.68 143.67 -62.44
CA GLY WA 126 -3.98 143.80 -63.08
C GLY WA 126 -4.63 145.15 -62.89
N ARG WA 127 -5.06 145.76 -63.99
CA ARG WA 127 -5.76 147.04 -63.96
C ARG WA 127 -6.98 146.95 -64.87
N ALA WA 128 -8.14 147.31 -64.33
CA ALA WA 128 -9.40 147.20 -65.07
C ALA WA 128 -9.60 148.43 -65.94
N TYR WA 129 -9.41 148.28 -67.25
CA TYR WA 129 -9.68 149.33 -68.23
C TYR WA 129 -10.65 148.77 -69.26
N GLY WA 130 -11.93 149.02 -69.04
CA GLY WA 130 -12.97 148.58 -69.95
C GLY WA 130 -13.24 147.09 -69.89
N GLY WA 131 -13.74 146.61 -68.75
CA GLY WA 131 -14.02 145.19 -68.59
C GLY WA 131 -13.40 144.61 -67.35
N SER WA 132 -12.48 143.66 -67.52
CA SER WA 132 -11.77 143.06 -66.40
C SER WA 132 -10.35 143.62 -66.31
N LYS WA 133 -9.59 143.09 -65.36
CA LYS WA 133 -8.23 143.55 -65.12
C LYS WA 133 -7.26 142.78 -66.00
N THR WA 134 -6.46 143.49 -66.78
CA THR WA 134 -5.62 142.90 -67.80
C THR WA 134 -4.16 143.35 -67.67
N ILE WA 135 -3.26 142.51 -68.18
CA ILE WA 135 -1.87 142.87 -68.42
C ILE WA 135 -1.62 142.75 -69.91
N VAL WA 136 -0.98 143.76 -70.49
CA VAL WA 136 -0.69 143.78 -71.92
C VAL WA 136 0.80 143.48 -72.09
N LEU WA 137 1.10 142.37 -72.75
CA LEU WA 137 2.48 141.93 -72.97
C LEU WA 137 2.80 142.14 -74.45
N SER WA 138 3.43 143.26 -74.76
CA SER WA 138 3.82 143.56 -76.13
C SER WA 138 5.06 142.75 -76.51
N VAL WA 139 5.00 142.12 -77.67
CA VAL WA 139 6.09 141.29 -78.17
C VAL WA 139 6.62 142.00 -79.41
N GLY WA 140 6.61 143.32 -79.36
CA GLY WA 140 6.88 144.15 -80.51
C GLY WA 140 5.68 145.01 -80.80
N GLU WA 141 4.96 144.72 -81.88
CA GLU WA 141 3.65 145.32 -82.10
C GLU WA 141 2.51 144.38 -81.75
N ALA WA 142 2.74 143.08 -81.70
CA ALA WA 142 1.72 142.13 -81.30
C ALA WA 142 1.58 142.14 -79.79
N THR WA 143 0.35 142.37 -79.32
CA THR WA 143 0.08 142.51 -77.89
C THR WA 143 -0.76 141.34 -77.42
N ARG WA 144 -0.15 140.42 -76.68
CA ARG WA 144 -0.85 139.27 -76.11
C ARG WA 144 -1.43 139.70 -74.77
N THR WA 145 -2.73 139.97 -74.74
CA THR WA 145 -3.40 140.51 -73.57
C THR WA 145 -3.92 139.38 -72.69
N LEU WA 146 -3.35 139.25 -71.49
CA LEU WA 146 -3.86 138.30 -70.51
C LEU WA 146 -4.97 138.94 -69.70
N THR WA 147 -5.95 138.13 -69.32
CA THR WA 147 -7.05 138.58 -68.47
C THR WA 147 -7.03 137.79 -67.17
N GLU WA 148 -7.40 138.46 -66.08
CA GLU WA 148 -7.42 137.82 -64.78
C GLU WA 148 -8.64 136.91 -64.67
N ILE WA 149 -8.39 135.65 -64.32
CA ILE WA 149 -9.47 134.69 -64.15
C ILE WA 149 -9.68 134.31 -62.69
N GLN WA 150 -8.80 134.72 -61.78
CA GLN WA 150 -8.91 134.28 -60.40
C GLN WA 150 -8.24 135.30 -59.50
N SER WA 151 -8.77 135.46 -58.28
CA SER WA 151 -8.20 136.32 -57.26
C SER WA 151 -8.40 135.62 -55.92
N THR WA 152 -7.39 134.85 -55.50
CA THR WA 152 -7.43 134.13 -54.25
C THR WA 152 -6.95 135.08 -53.14
N ALA WA 153 -6.59 134.53 -51.97
CA ALA WA 153 -6.09 135.36 -50.87
C ALA WA 153 -4.75 136.00 -51.22
N ASP WA 154 -3.79 135.20 -51.66
CA ASP WA 154 -2.50 135.72 -52.11
C ASP WA 154 -2.29 135.50 -53.60
N ARG WA 155 -2.70 134.34 -54.12
CA ARG WA 155 -2.52 133.99 -55.52
C ARG WA 155 -3.40 134.86 -56.41
N GLN WA 156 -3.01 134.97 -57.68
CA GLN WA 156 -3.71 135.82 -58.64
C GLN WA 156 -3.37 135.27 -60.02
N ILE WA 157 -4.31 134.52 -60.61
CA ILE WA 157 -4.06 133.75 -61.83
C ILE WA 157 -4.59 134.51 -63.03
N PHE WA 158 -3.70 134.82 -63.97
CA PHE WA 158 -4.06 135.43 -65.24
C PHE WA 158 -4.01 134.37 -66.33
N GLU WA 159 -4.70 134.62 -67.44
CA GLU WA 159 -4.76 133.66 -68.53
C GLU WA 159 -5.19 134.38 -69.81
N GLU WA 160 -4.64 133.94 -70.93
CA GLU WA 160 -5.09 134.41 -72.23
C GLU WA 160 -6.30 133.61 -72.68
N LYS WA 161 -7.21 134.28 -73.39
CA LYS WA 161 -8.48 133.69 -73.76
C LYS WA 161 -8.57 133.23 -75.20
N VAL WA 162 -7.56 133.49 -76.01
CA VAL WA 162 -7.61 133.11 -77.41
C VAL WA 162 -7.09 131.68 -77.57
N GLY WA 163 -7.89 130.85 -78.24
CA GLY WA 163 -7.47 129.51 -78.58
C GLY WA 163 -8.14 128.43 -77.76
N PRO WA 164 -7.60 127.22 -77.80
CA PRO WA 164 -8.21 126.10 -77.08
C PRO WA 164 -7.98 126.19 -75.58
N LEU WA 165 -8.75 125.41 -74.84
CA LEU WA 165 -8.65 125.36 -73.39
C LEU WA 165 -7.47 124.54 -72.88
N VAL WA 166 -6.82 123.78 -73.76
CA VAL WA 166 -5.80 122.85 -73.27
C VAL WA 166 -4.48 123.55 -72.94
N GLY WA 167 -4.00 124.43 -73.80
CA GLY WA 167 -2.75 125.13 -73.52
C GLY WA 167 -2.88 126.62 -73.75
N ARG WA 168 -2.72 127.40 -72.68
CA ARG WA 168 -2.85 128.85 -72.74
C ARG WA 168 -1.74 129.47 -71.89
N LEU WA 169 -1.54 130.78 -72.09
CA LEU WA 169 -0.61 131.51 -71.25
C LEU WA 169 -1.14 131.62 -69.83
N ARG WA 170 -0.24 131.78 -68.88
CA ARG WA 170 -0.59 131.79 -67.48
C ARG WA 170 0.30 132.75 -66.71
N LEU WA 171 -0.22 133.24 -65.59
CA LEU WA 171 0.56 134.07 -64.68
C LEU WA 171 0.02 133.83 -63.27
N THR WA 172 0.72 133.02 -62.49
CA THR WA 172 0.32 132.77 -61.10
C THR WA 172 1.17 133.68 -60.22
N ALA WA 173 0.80 134.95 -60.17
CA ALA WA 173 1.46 135.90 -59.28
C ALA WA 173 1.08 135.60 -57.83
N SER WA 174 1.90 136.10 -56.91
CA SER WA 174 1.70 135.84 -55.49
C SER WA 174 2.36 136.96 -54.70
N LEU WA 175 2.05 136.98 -53.40
CA LEU WA 175 2.57 137.99 -52.49
C LEU WA 175 2.37 137.48 -51.07
N ARG WA 176 3.45 137.41 -50.30
CA ARG WA 176 3.40 136.92 -48.93
C ARG WA 176 4.19 137.85 -48.03
N GLN WA 177 4.21 137.54 -46.74
CA GLN WA 177 5.20 138.09 -45.82
C GLN WA 177 5.45 137.06 -44.72
N ASN WA 178 6.68 136.60 -44.61
CA ASN WA 178 7.01 135.49 -43.74
C ASN WA 178 7.33 135.97 -42.32
N GLY WA 179 7.08 135.08 -41.36
CA GLY WA 179 7.52 135.25 -39.99
C GLY WA 179 6.93 136.43 -39.25
N ALA WA 180 7.79 137.26 -38.67
CA ALA WA 180 7.36 138.42 -37.89
C ALA WA 180 7.29 139.68 -38.75
N LYS WA 181 6.62 139.58 -39.90
CA LYS WA 181 6.25 140.70 -40.77
C LYS WA 181 7.47 141.50 -41.24
N THR WA 182 8.58 140.82 -41.52
CA THR WA 182 9.84 141.48 -41.77
C THR WA 182 10.28 141.46 -43.23
N ALA WA 183 9.71 140.58 -44.06
CA ALA WA 183 10.17 140.47 -45.44
C ALA WA 183 9.04 139.94 -46.31
N TYR WA 184 8.79 140.62 -47.43
CA TYR WA 184 7.81 140.17 -48.39
C TYR WA 184 8.45 139.17 -49.36
N ARG WA 185 7.63 138.53 -50.18
CA ARG WA 185 8.12 137.55 -51.14
C ARG WA 185 7.18 137.53 -52.34
N VAL WA 186 7.58 138.19 -53.40
CA VAL WA 186 6.81 138.21 -54.64
C VAL WA 186 7.22 137.00 -55.47
N ASN WA 187 6.25 136.36 -56.12
CA ASN WA 187 6.52 135.11 -56.83
C ASN WA 187 5.65 135.06 -58.08
N LEU WA 188 6.22 135.46 -59.22
CA LEU WA 188 5.57 135.31 -60.52
C LEU WA 188 5.97 133.98 -61.15
N LYS WA 189 5.16 133.54 -62.11
CA LYS WA 189 5.41 132.30 -62.83
C LYS WA 189 4.63 132.33 -64.12
N LEU WA 190 5.34 132.27 -65.25
CA LEU WA 190 4.72 132.32 -66.57
C LEU WA 190 4.84 130.95 -67.23
N ASP WA 191 3.72 130.30 -67.46
CA ASP WA 191 3.69 129.03 -68.16
C ASP WA 191 3.44 129.26 -69.64
N GLN WA 192 4.06 128.43 -70.48
CA GLN WA 192 3.81 128.49 -71.92
C GLN WA 192 3.87 127.08 -72.48
N ALA WA 193 2.71 126.51 -72.77
CA ALA WA 193 2.61 125.18 -73.35
C ALA WA 193 2.47 125.31 -74.86
N ASP WA 194 3.19 124.45 -75.58
CA ASP WA 194 3.19 124.49 -77.04
C ASP WA 194 2.12 123.55 -77.55
N VAL WA 195 1.01 124.11 -78.02
CA VAL WA 195 -0.11 123.34 -78.55
C VAL WA 195 0.09 123.21 -80.06
N VAL WA 196 -0.42 122.12 -80.63
CA VAL WA 196 -0.32 121.88 -82.06
C VAL WA 196 -1.61 121.22 -82.52
N ASP WA 197 -2.01 121.51 -83.75
CA ASP WA 197 -3.22 120.94 -84.34
C ASP WA 197 -2.85 120.17 -85.60
N CYS WA 198 -3.29 118.92 -85.66
CA CYS WA 198 -3.00 118.04 -86.78
C CYS WA 198 -4.22 117.87 -87.68
N SER WA 199 -5.14 118.85 -87.64
CA SER WA 199 -6.40 118.75 -88.38
C SER WA 199 -6.21 118.82 -89.89
N THR WA 200 -5.15 119.49 -90.36
CA THR WA 200 -4.84 119.47 -91.78
C THR WA 200 -4.27 118.12 -92.19
N SER WA 201 -3.50 117.49 -91.32
CA SER WA 201 -2.93 116.16 -91.56
C SER WA 201 -3.94 115.05 -91.30
N VAL WA 202 -4.48 114.97 -90.09
CA VAL WA 202 -5.41 113.91 -89.70
C VAL WA 202 -6.74 114.55 -89.33
N CYS WA 203 -7.81 114.12 -89.98
CA CYS WA 203 -9.14 114.61 -89.64
C CYS WA 203 -9.59 114.09 -88.28
N GLY WA 204 -10.48 114.86 -87.65
CA GLY WA 204 -10.99 114.50 -86.35
C GLY WA 204 -9.98 114.63 -85.23
N GLU WA 205 -8.94 115.42 -85.42
CA GLU WA 205 -7.86 115.57 -84.45
C GLU WA 205 -8.04 116.90 -83.72
N LEU WA 206 -8.25 116.83 -82.42
CA LEU WA 206 -8.31 118.00 -81.58
C LEU WA 206 -6.91 118.38 -81.12
N PRO WA 207 -6.66 119.66 -80.82
CA PRO WA 207 -5.32 120.09 -80.45
C PRO WA 207 -4.88 119.53 -79.10
N LYS WA 208 -3.57 119.37 -78.94
CA LYS WA 208 -2.98 118.82 -77.73
C LYS WA 208 -1.63 119.48 -77.52
N VAL WA 209 -1.13 119.39 -76.28
CA VAL WA 209 0.12 120.02 -75.90
C VAL WA 209 1.25 119.00 -76.00
N ARG WA 210 2.41 119.47 -76.46
CA ARG WA 210 3.59 118.61 -76.53
C ARG WA 210 4.41 118.71 -75.26
N TYR WA 211 4.86 119.93 -74.92
CA TYR WA 211 5.69 120.18 -73.76
C TYR WA 211 5.21 121.45 -73.09
N THR WA 212 5.91 121.83 -72.01
CA THR WA 212 5.67 123.12 -71.38
C THR WA 212 6.99 123.70 -70.92
N GLN WA 213 7.08 125.02 -70.91
CA GLN WA 213 8.30 125.74 -70.55
C GLN WA 213 7.93 126.93 -69.68
N VAL WA 214 8.49 126.97 -68.48
CA VAL WA 214 8.12 127.97 -67.49
C VAL WA 214 9.26 128.97 -67.33
N TRP WA 215 8.94 130.10 -66.70
CA TRP WA 215 9.94 131.08 -66.26
C TRP WA 215 9.37 131.73 -65.00
N SER WA 216 9.74 131.19 -63.85
CA SER WA 216 9.26 131.75 -62.61
C SER WA 216 10.27 132.73 -62.02
N HIS WA 217 9.76 133.65 -61.20
CA HIS WA 217 10.57 134.65 -60.54
C HIS WA 217 10.39 134.48 -59.03
N ASP WA 218 11.36 134.96 -58.27
CA ASP WA 218 11.28 134.86 -56.81
C ASP WA 218 11.98 136.08 -56.24
N VAL WA 219 11.21 137.13 -55.99
CA VAL WA 219 11.73 138.39 -55.46
C VAL WA 219 11.62 138.37 -53.95
N THR WA 220 12.67 138.79 -53.27
CA THR WA 220 12.67 138.93 -51.82
C THR WA 220 12.83 140.41 -51.48
N ILE WA 221 11.88 140.95 -50.74
CA ILE WA 221 11.84 142.37 -50.39
C ILE WA 221 11.70 142.46 -48.88
N VAL WA 222 12.68 143.08 -48.23
CA VAL WA 222 12.60 143.26 -46.79
C VAL WA 222 11.75 144.49 -46.49
N ALA WA 223 11.14 144.51 -45.30
CA ALA WA 223 10.06 145.45 -45.03
C ALA WA 223 10.57 146.86 -44.77
N ASN WA 224 11.72 147.00 -44.12
CA ASN WA 224 12.25 148.31 -43.76
C ASN WA 224 13.20 148.86 -44.80
N SER WA 225 12.98 148.53 -46.07
CA SER WA 225 13.83 148.94 -47.18
C SER WA 225 13.76 150.44 -47.42
N THR WA 226 14.62 150.90 -48.32
CA THR WA 226 14.46 152.20 -48.94
C THR WA 226 13.74 151.98 -50.25
N GLU WA 227 12.91 152.94 -50.66
CA GLU WA 227 12.26 152.82 -51.96
C GLU WA 227 13.24 152.98 -53.11
N ALA WA 228 14.36 153.66 -52.86
CA ALA WA 228 15.41 153.76 -53.87
C ALA WA 228 16.17 152.46 -54.05
N SER WA 229 16.13 151.56 -53.08
CA SER WA 229 16.80 150.27 -53.22
C SER WA 229 15.87 149.23 -53.82
N ARG WA 230 14.56 149.38 -53.64
CA ARG WA 230 13.61 148.53 -54.34
C ARG WA 230 13.52 148.91 -55.81
N LYS WA 231 13.65 150.20 -56.11
CA LYS WA 231 13.65 150.65 -57.49
C LYS WA 231 14.93 150.23 -58.20
N SER WA 232 16.06 150.26 -57.48
CA SER WA 232 17.34 149.87 -58.08
C SER WA 232 17.42 148.37 -58.31
N LEU WA 233 16.75 147.57 -57.48
CA LEU WA 233 16.73 146.13 -57.71
C LEU WA 233 15.88 145.78 -58.91
N TYR WA 234 14.76 146.48 -59.11
CA TYR WA 234 13.93 146.23 -60.27
C TYR WA 234 14.61 146.71 -61.54
N ASP WA 235 15.28 147.85 -61.48
CA ASP WA 235 15.95 148.42 -62.65
C ASP WA 235 17.14 147.58 -63.12
N LEU WA 236 17.78 146.83 -62.24
CA LEU WA 236 18.86 145.95 -62.66
C LEU WA 236 18.31 144.68 -63.28
N THR WA 237 17.22 144.14 -62.73
CA THR WA 237 16.62 142.94 -63.31
C THR WA 237 15.89 143.25 -64.62
N LYS WA 238 15.36 144.46 -64.74
CA LYS WA 238 14.79 144.90 -66.02
C LYS WA 238 15.87 145.01 -67.09
N SER WA 239 17.08 145.40 -66.67
CA SER WA 239 18.19 145.53 -67.61
C SER WA 239 18.97 144.23 -67.76
N LEU WA 240 18.82 143.30 -66.82
CA LEU WA 240 19.49 142.01 -66.97
C LEU WA 240 18.82 141.15 -68.03
N VAL WA 241 17.48 141.06 -67.98
CA VAL WA 241 16.73 140.25 -68.94
C VAL WA 241 16.82 140.86 -70.34
N ALA WA 242 16.92 142.18 -70.43
CA ALA WA 242 16.99 142.84 -71.72
C ALA WA 242 18.32 142.70 -72.43
N THR WA 243 19.35 142.16 -71.78
CA THR WA 243 20.64 141.98 -72.42
C THR WA 243 20.60 140.83 -73.40
N SER WA 244 21.54 140.84 -74.33
CA SER WA 244 21.65 139.76 -75.32
C SER WA 244 22.49 138.60 -74.83
N GLN WA 245 23.00 138.67 -73.60
CA GLN WA 245 23.71 137.52 -73.04
C GLN WA 245 22.76 136.55 -72.39
N VAL WA 246 21.70 137.06 -71.76
CA VAL WA 246 20.65 136.20 -71.20
C VAL WA 246 19.71 135.72 -72.29
N GLU WA 247 19.68 136.42 -73.44
CA GLU WA 247 18.89 135.94 -74.57
C GLU WA 247 19.48 134.66 -75.13
N ASP WA 248 20.80 134.61 -75.28
CA ASP WA 248 21.47 133.40 -75.75
C ASP WA 248 21.54 132.32 -74.68
N LEU WA 249 21.39 132.67 -73.41
CA LEU WA 249 21.42 131.67 -72.35
C LEU WA 249 20.14 130.85 -72.32
N VAL WA 250 19.02 131.44 -72.74
CA VAL WA 250 17.75 130.73 -72.74
C VAL WA 250 17.46 130.12 -74.11
N VAL WA 251 17.80 130.82 -75.19
CA VAL WA 251 17.53 130.30 -76.52
C VAL WA 251 18.56 129.25 -76.92
N ASN WA 252 19.85 129.57 -76.78
CA ASN WA 252 20.91 128.71 -77.28
C ASN WA 252 21.79 128.09 -76.20
N LEU WA 253 21.46 128.30 -74.92
CA LEU WA 253 22.19 127.75 -73.76
C LEU WA 253 23.66 128.17 -73.71
N VAL WA 254 23.98 129.34 -74.24
CA VAL WA 254 25.34 129.87 -74.19
C VAL WA 254 25.55 130.50 -72.82
N PRO WA 255 26.63 130.15 -72.09
CA PRO WA 255 26.83 130.72 -70.76
C PRO WA 255 27.16 132.21 -70.80
N LEU WA 256 27.02 132.85 -69.64
CA LEU WA 256 27.19 134.28 -69.54
C LEU WA 256 28.68 134.66 -69.51
N GLY WA 257 28.95 135.91 -69.85
CA GLY WA 257 30.31 136.42 -69.78
C GLY WA 257 31.01 136.54 -71.11
N ARG WA 258 31.44 137.75 -71.45
CA ARG WA 258 32.18 137.98 -72.68
C ARG WA 258 33.34 138.94 -72.45
N SER XA 1 -9.31 150.82 -54.51
CA SER XA 1 -10.43 149.94 -54.86
C SER XA 1 -11.48 149.95 -53.76
N LYS XA 2 -11.36 148.99 -52.83
CA LYS XA 2 -12.30 148.84 -51.73
C LYS XA 2 -11.71 149.50 -50.49
N THR XA 3 -12.42 150.52 -49.97
CA THR XA 3 -11.87 151.38 -48.95
C THR XA 3 -12.83 151.58 -47.78
N ILE XA 4 -12.26 151.84 -46.61
CA ILE XA 4 -12.96 152.40 -45.47
C ILE XA 4 -12.31 153.73 -45.13
N VAL XA 5 -13.12 154.76 -44.94
CA VAL XA 5 -12.62 156.10 -44.64
C VAL XA 5 -12.91 156.39 -43.17
N LEU XA 6 -11.85 156.63 -42.39
CA LEU XA 6 -11.97 156.91 -40.96
C LEU XA 6 -11.68 158.40 -40.76
N SER XA 7 -12.73 159.18 -40.57
CA SER XA 7 -12.58 160.61 -40.34
C SER XA 7 -12.26 160.88 -38.88
N VAL XA 8 -11.17 161.59 -38.64
CA VAL XA 8 -10.65 161.83 -37.29
C VAL XA 8 -10.83 163.32 -37.04
N GLY XA 9 -11.90 163.89 -37.58
CA GLY XA 9 -12.11 165.32 -37.56
C GLY XA 9 -12.26 165.82 -38.98
N GLU XA 10 -11.28 166.59 -39.45
CA GLU XA 10 -11.21 166.95 -40.86
C GLU XA 10 -10.20 166.12 -41.63
N ALA XA 11 -9.30 165.42 -40.94
CA ALA XA 11 -8.34 164.54 -41.61
C ALA XA 11 -8.92 163.15 -41.73
N THR XA 12 -8.85 162.58 -42.94
CA THR XA 12 -9.40 161.26 -43.22
C THR XA 12 -8.25 160.31 -43.52
N ARG XA 13 -8.23 159.17 -42.85
CA ARG XA 13 -7.21 158.14 -43.05
C ARG XA 13 -7.86 157.00 -43.82
N THR XA 14 -7.62 156.95 -45.12
CA THR XA 14 -8.28 155.99 -46.00
C THR XA 14 -7.48 154.69 -46.04
N LEU XA 15 -8.07 153.63 -45.51
CA LEU XA 15 -7.49 152.30 -45.63
C LEU XA 15 -7.97 151.64 -46.92
N THR XA 16 -7.12 150.78 -47.48
CA THR XA 16 -7.48 150.04 -48.69
C THR XA 16 -7.33 148.55 -48.42
N GLU XA 17 -8.14 147.76 -49.11
CA GLU XA 17 -8.12 146.32 -48.93
C GLU XA 17 -6.93 145.71 -49.66
N ILE XA 18 -6.17 144.87 -48.96
CA ILE XA 18 -4.98 144.24 -49.52
C ILE XA 18 -5.09 142.73 -49.59
N GLN XA 19 -6.07 142.11 -48.95
CA GLN XA 19 -6.16 140.66 -48.90
C GLN XA 19 -7.60 140.28 -48.57
N SER XA 20 -8.10 139.24 -49.23
CA SER XA 20 -9.49 138.81 -49.03
C SER XA 20 -9.54 137.30 -49.14
N THR XA 21 -9.69 136.63 -48.00
CA THR XA 21 -9.88 135.20 -47.93
C THR XA 21 -11.40 134.96 -48.00
N ALA XA 22 -11.86 133.75 -47.68
CA ALA XA 22 -13.30 133.48 -47.62
C ALA XA 22 -13.98 134.33 -46.55
N ASP XA 23 -13.47 134.30 -45.33
CA ASP XA 23 -14.02 135.07 -44.22
C ASP XA 23 -13.11 136.23 -43.80
N ARG XA 24 -11.81 135.99 -43.67
CA ARG XA 24 -10.89 137.04 -43.23
C ARG XA 24 -10.67 138.06 -44.34
N GLN XA 25 -10.48 139.31 -43.93
CA GLN XA 25 -10.46 140.42 -44.87
C GLN XA 25 -9.60 141.53 -44.28
N ILE XA 26 -8.43 141.75 -44.86
CA ILE XA 26 -7.40 142.61 -44.29
C ILE XA 26 -7.34 143.92 -45.05
N PHE XA 27 -7.49 145.04 -44.34
CA PHE XA 27 -7.33 146.38 -44.90
C PHE XA 27 -6.00 146.95 -44.43
N GLU XA 28 -5.53 147.98 -45.13
CA GLU XA 28 -4.27 148.62 -44.79
C GLU XA 28 -4.24 150.02 -45.39
N GLU XA 29 -3.51 150.91 -44.73
CA GLU XA 29 -3.31 152.27 -45.23
C GLU XA 29 -2.03 152.35 -46.02
N LYS XA 30 -2.14 152.79 -47.27
CA LYS XA 30 -1.03 152.76 -48.22
C LYS XA 30 -0.17 154.02 -48.19
N VAL XA 31 -0.10 154.73 -47.07
CA VAL XA 31 0.68 155.95 -46.99
C VAL XA 31 1.90 155.73 -46.11
N GLY XA 32 3.09 156.02 -46.66
CA GLY XA 32 4.30 156.00 -45.89
C GLY XA 32 5.17 154.78 -46.17
N PRO XA 33 6.09 154.46 -45.25
CA PRO XA 33 6.94 153.28 -45.42
C PRO XA 33 6.18 151.97 -45.29
N LEU XA 34 6.89 150.86 -45.53
CA LEU XA 34 6.26 149.55 -45.59
C LEU XA 34 6.21 148.84 -44.25
N VAL XA 35 6.96 149.29 -43.26
CA VAL XA 35 7.15 148.49 -42.05
C VAL XA 35 5.98 148.62 -41.08
N GLY XA 36 5.46 149.81 -40.85
CA GLY XA 36 4.37 149.97 -39.92
C GLY XA 36 3.24 150.78 -40.48
N ARG XA 37 2.07 150.16 -40.66
CA ARG XA 37 0.91 150.82 -41.23
C ARG XA 37 -0.32 150.47 -40.42
N LEU XA 38 -1.38 151.24 -40.61
CA LEU XA 38 -2.67 150.88 -40.04
C LEU XA 38 -3.17 149.58 -40.62
N ARG XA 39 -3.78 148.77 -39.77
CA ARG XA 39 -4.23 147.44 -40.17
C ARG XA 39 -5.63 147.23 -39.61
N LEU XA 40 -6.47 146.56 -40.38
CA LEU XA 40 -7.83 146.31 -39.95
C LEU XA 40 -8.23 144.94 -40.48
N THR XA 41 -8.36 143.97 -39.58
CA THR XA 41 -8.61 142.58 -39.94
C THR XA 41 -10.04 142.24 -39.56
N ALA XA 42 -10.96 142.42 -40.49
CA ALA XA 42 -12.33 142.01 -40.27
C ALA XA 42 -12.48 140.50 -40.46
N SER XA 43 -13.56 139.96 -39.93
CA SER XA 43 -13.86 138.54 -40.04
C SER XA 43 -15.35 138.33 -39.84
N LEU XA 44 -15.82 137.15 -40.24
CA LEU XA 44 -17.22 136.78 -40.04
C LEU XA 44 -17.31 135.27 -40.14
N ARG XA 45 -17.81 134.63 -39.07
CA ARG XA 45 -17.94 133.18 -39.03
C ARG XA 45 -19.37 132.85 -38.64
N GLN XA 46 -19.64 131.55 -38.47
CA GLN XA 46 -20.85 131.10 -37.78
C GLN XA 46 -20.51 129.78 -37.08
N ASN XA 47 -20.55 129.80 -35.76
CA ASN XA 47 -20.10 128.67 -34.95
C ASN XA 47 -21.28 127.77 -34.60
N GLY XA 48 -21.00 126.47 -34.55
CA GLY XA 48 -21.98 125.50 -34.11
C GLY XA 48 -22.91 125.04 -35.21
N ALA XA 49 -24.20 124.90 -34.90
CA ALA XA 49 -25.18 124.40 -35.85
C ALA XA 49 -25.88 125.56 -36.57
N LYS XA 50 -25.04 126.43 -37.15
CA LYS XA 50 -25.46 127.54 -38.03
C LYS XA 50 -26.42 128.51 -37.33
N THR XA 51 -26.25 128.70 -36.02
CA THR XA 51 -27.22 129.47 -35.25
C THR XA 51 -26.70 130.80 -34.74
N ALA XA 52 -25.39 131.04 -34.72
CA ALA XA 52 -24.84 132.26 -34.17
C ALA XA 52 -23.62 132.69 -34.98
N TYR XA 53 -23.66 133.91 -35.49
CA TYR XA 53 -22.54 134.48 -36.22
C TYR XA 53 -21.54 135.10 -35.24
N ARG XA 54 -20.38 135.48 -35.77
CA ARG XA 54 -19.31 136.02 -34.93
C ARG XA 54 -18.48 136.99 -35.77
N VAL XA 55 -18.72 138.28 -35.57
CA VAL XA 55 -17.91 139.31 -36.19
C VAL XA 55 -16.68 139.57 -35.31
N ASN XA 56 -15.55 139.86 -35.94
CA ASN XA 56 -14.30 139.98 -35.20
C ASN XA 56 -13.43 141.02 -35.92
N LEU XA 57 -13.52 142.27 -35.47
CA LEU XA 57 -12.65 143.33 -35.97
C LEU XA 57 -11.41 143.45 -35.11
N LYS XA 58 -10.35 144.01 -35.69
CA LYS XA 58 -9.08 144.18 -34.99
C LYS XA 58 -8.31 145.30 -35.69
N LEU XA 59 -8.15 146.43 -35.00
CA LEU XA 59 -7.46 147.58 -35.55
C LEU XA 59 -6.08 147.68 -34.91
N ASP XA 60 -5.05 147.35 -35.68
CA ASP XA 60 -3.69 147.50 -35.21
C ASP XA 60 -3.21 148.92 -35.45
N GLN XA 61 -2.22 149.35 -34.66
CA GLN XA 61 -1.58 150.64 -34.89
C GLN XA 61 -0.16 150.56 -34.37
N ALA XA 62 0.80 150.61 -35.28
CA ALA XA 62 2.22 150.57 -34.93
C ALA XA 62 2.76 151.98 -34.87
N ASP XA 63 3.65 152.24 -33.91
CA ASP XA 63 4.27 153.54 -33.76
C ASP XA 63 5.65 153.47 -34.40
N VAL XA 64 5.73 153.83 -35.66
CA VAL XA 64 6.97 153.78 -36.41
C VAL XA 64 7.68 155.12 -36.25
N VAL XA 65 9.01 155.08 -36.25
CA VAL XA 65 9.82 156.28 -36.13
C VAL XA 65 11.03 156.13 -37.04
N ASP XA 66 11.34 157.18 -37.80
CA ASP XA 66 12.45 157.19 -38.75
C ASP XA 66 13.51 158.14 -38.23
N CYS XA 67 14.63 157.58 -37.77
CA CYS XA 67 15.73 158.35 -37.19
C CYS XA 67 16.93 158.33 -38.13
N SER XA 68 16.67 158.37 -39.43
CA SER XA 68 17.75 158.33 -40.40
C SER XA 68 18.52 159.64 -40.48
N THR XA 69 17.90 160.75 -40.07
CA THR XA 69 18.57 162.04 -40.14
C THR XA 69 19.41 162.31 -38.90
N SER XA 70 18.92 161.88 -37.74
CA SER XA 70 19.63 162.16 -36.49
C SER XA 70 20.86 161.27 -36.33
N VAL XA 71 20.65 159.96 -36.24
CA VAL XA 71 21.75 159.00 -36.22
C VAL XA 71 21.91 158.48 -37.64
N CYS XA 72 23.16 158.40 -38.10
CA CYS XA 72 23.44 158.06 -39.48
C CYS XA 72 23.32 156.55 -39.70
N GLY XA 73 22.59 156.17 -40.75
CA GLY XA 73 22.64 154.82 -41.24
C GLY XA 73 21.68 153.83 -40.63
N GLU XA 74 20.50 154.26 -40.19
CA GLU XA 74 19.50 153.31 -39.73
C GLU XA 74 18.15 153.62 -40.34
N LEU XA 75 17.27 152.62 -40.28
CA LEU XA 75 16.03 152.55 -41.03
C LEU XA 75 14.85 152.83 -40.11
N PRO XA 76 13.65 153.11 -40.63
CA PRO XA 76 12.47 153.18 -39.76
C PRO XA 76 12.14 151.84 -39.13
N LYS XA 77 11.66 151.91 -37.89
CA LYS XA 77 11.43 150.71 -37.10
C LYS XA 77 10.17 150.92 -36.27
N VAL XA 78 9.56 149.82 -35.85
CA VAL XA 78 8.33 149.85 -35.07
C VAL XA 78 8.70 149.79 -33.59
N ARG XA 79 8.31 150.83 -32.85
CA ARG XA 79 8.53 150.82 -31.40
C ARG XA 79 7.60 149.82 -30.72
N TYR XA 80 6.29 150.01 -30.88
CA TYR XA 80 5.29 149.19 -30.23
C TYR XA 80 4.04 149.14 -31.10
N THR XA 81 3.12 148.24 -30.76
CA THR XA 81 1.81 148.17 -31.39
C THR XA 81 0.73 148.21 -30.34
N GLN XA 82 -0.34 148.93 -30.63
CA GLN XA 82 -1.51 148.99 -29.76
C GLN XA 82 -2.75 148.63 -30.55
N VAL XA 83 -3.47 147.62 -30.09
CA VAL XA 83 -4.62 147.10 -30.81
C VAL XA 83 -5.90 147.50 -30.11
N TRP XA 84 -7.02 147.37 -30.82
CA TRP XA 84 -8.35 147.50 -30.23
C TRP XA 84 -9.23 146.49 -30.96
N SER XA 85 -9.38 145.31 -30.40
CA SER XA 85 -10.18 144.28 -31.02
C SER XA 85 -11.66 144.46 -30.68
N HIS XA 86 -12.50 143.80 -31.46
CA HIS XA 86 -13.92 143.68 -31.18
C HIS XA 86 -14.33 142.24 -31.38
N ASP XA 87 -15.38 141.81 -30.69
CA ASP XA 87 -15.89 140.45 -30.83
C ASP XA 87 -17.40 140.49 -30.61
N VAL XA 88 -18.14 140.60 -31.69
CA VAL XA 88 -19.59 140.67 -31.64
C VAL XA 88 -20.16 139.28 -31.84
N THR XA 89 -21.11 138.90 -30.99
CA THR XA 89 -21.82 137.64 -31.12
C THR XA 89 -23.27 137.94 -31.50
N ILE XA 90 -23.68 137.48 -32.68
CA ILE XA 90 -25.01 137.73 -33.21
C ILE XA 90 -25.66 136.38 -33.47
N VAL XA 91 -26.83 136.16 -32.86
CA VAL XA 91 -27.59 134.95 -33.12
C VAL XA 91 -28.45 135.15 -34.36
N ALA XA 92 -28.66 134.07 -35.10
CA ALA XA 92 -29.14 134.17 -36.48
C ALA XA 92 -30.60 134.56 -36.57
N ASN XA 93 -31.44 134.09 -35.65
CA ASN XA 93 -32.87 134.34 -35.71
C ASN XA 93 -33.29 135.58 -34.94
N SER XA 94 -32.41 136.58 -34.85
CA SER XA 94 -32.72 137.82 -34.16
C SER XA 94 -33.74 138.64 -34.94
N THR XA 95 -34.26 139.67 -34.27
CA THR XA 95 -34.94 140.74 -34.95
C THR XA 95 -33.94 141.83 -35.28
N GLU XA 96 -34.31 142.71 -36.21
CA GLU XA 96 -33.37 143.74 -36.65
C GLU XA 96 -33.17 144.81 -35.58
N ALA XA 97 -34.18 145.06 -34.76
CA ALA XA 97 -34.04 146.03 -33.68
C ALA XA 97 -33.15 145.52 -32.56
N SER XA 98 -32.95 144.21 -32.45
CA SER XA 98 -32.00 143.69 -31.47
C SER XA 98 -30.57 143.96 -31.90
N ARG XA 99 -30.29 143.81 -33.20
CA ARG XA 99 -28.96 144.09 -33.73
C ARG XA 99 -28.70 145.58 -33.86
N LYS XA 100 -29.72 146.37 -34.16
CA LYS XA 100 -29.53 147.81 -34.32
C LYS XA 100 -29.30 148.49 -32.97
N SER XA 101 -30.02 148.06 -31.93
CA SER XA 101 -29.86 148.68 -30.62
C SER XA 101 -28.56 148.28 -29.96
N LEU XA 102 -28.07 147.07 -30.24
CA LEU XA 102 -26.77 146.66 -29.73
C LEU XA 102 -25.66 147.46 -30.38
N TYR XA 103 -25.80 147.77 -31.66
CA TYR XA 103 -24.84 148.64 -32.32
C TYR XA 103 -24.97 150.07 -31.82
N ASP XA 104 -26.21 150.53 -31.60
CA ASP XA 104 -26.43 151.91 -31.17
C ASP XA 104 -25.95 152.16 -29.75
N LEU XA 105 -25.86 151.12 -28.92
CA LEU XA 105 -25.32 151.30 -27.58
C LEU XA 105 -23.80 151.31 -27.60
N THR XA 106 -23.20 150.41 -28.40
CA THR XA 106 -21.75 150.34 -28.47
C THR XA 106 -21.15 151.53 -29.22
N LYS XA 107 -21.90 152.09 -30.17
CA LYS XA 107 -21.48 153.33 -30.81
C LYS XA 107 -21.49 154.49 -29.81
N SER XA 108 -22.45 154.48 -28.89
CA SER XA 108 -22.52 155.51 -27.87
C SER XA 108 -21.66 155.19 -26.65
N LEU XA 109 -21.29 153.93 -26.45
CA LEU XA 109 -20.38 153.58 -25.37
C LEU XA 109 -18.98 154.11 -25.66
N VAL XA 110 -18.49 153.90 -26.87
CA VAL XA 110 -17.16 154.34 -27.23
C VAL XA 110 -17.10 155.86 -27.32
N ALA XA 111 -18.17 156.50 -27.77
CA ALA XA 111 -18.17 157.93 -27.99
C ALA XA 111 -18.28 158.76 -26.71
N THR XA 112 -18.40 158.13 -25.54
CA THR XA 112 -18.52 158.89 -24.30
C THR XA 112 -17.13 159.27 -23.79
N SER XA 113 -17.11 160.21 -22.86
CA SER XA 113 -15.85 160.70 -22.31
C SER XA 113 -15.34 159.89 -21.12
N GLN XA 114 -16.03 158.81 -20.77
CA GLN XA 114 -15.52 157.95 -19.70
C GLN XA 114 -14.67 156.81 -20.22
N VAL XA 115 -14.99 156.32 -21.43
CA VAL XA 115 -14.15 155.31 -22.06
C VAL XA 115 -12.95 155.97 -22.73
N GLU XA 116 -13.04 157.28 -23.01
CA GLU XA 116 -11.88 158.00 -23.48
C GLU XA 116 -10.79 158.06 -22.43
N ASP XA 117 -11.15 158.39 -21.19
CA ASP XA 117 -10.17 158.44 -20.12
C ASP XA 117 -9.73 157.05 -19.67
N LEU XA 118 -10.45 156.00 -20.05
CA LEU XA 118 -10.07 154.65 -19.67
C LEU XA 118 -8.94 154.10 -20.52
N VAL XA 119 -8.85 154.51 -21.79
CA VAL XA 119 -7.83 153.97 -22.67
C VAL XA 119 -6.70 154.97 -22.85
N VAL XA 120 -6.96 156.24 -22.56
CA VAL XA 120 -5.90 157.25 -22.68
C VAL XA 120 -5.22 157.47 -21.35
N ASN XA 121 -5.99 157.69 -20.29
CA ASN XA 121 -5.45 158.03 -18.98
C ASN XA 121 -5.63 156.93 -17.94
N LEU XA 122 -6.18 155.79 -18.34
CA LEU XA 122 -6.31 154.57 -17.53
C LEU XA 122 -7.17 154.76 -16.29
N VAL XA 123 -8.11 155.69 -16.32
CA VAL XA 123 -9.02 155.93 -15.20
C VAL XA 123 -10.23 155.01 -15.34
N PRO XA 124 -10.65 154.33 -14.27
CA PRO XA 124 -11.79 153.40 -14.39
C PRO XA 124 -13.11 154.12 -14.64
N LEU XA 125 -14.11 153.33 -15.01
CA LEU XA 125 -15.40 153.85 -15.43
C LEU XA 125 -16.27 154.22 -14.23
N GLY XA 126 -17.28 155.03 -14.50
CA GLY XA 126 -18.22 155.42 -13.48
C GLY XA 126 -17.88 156.71 -12.78
N ARG XA 127 -18.79 157.68 -12.81
CA ARG XA 127 -18.61 158.94 -12.13
C ARG XA 127 -19.89 159.28 -11.38
N ALA XA 128 -19.77 159.56 -10.08
CA ALA XA 128 -20.92 159.76 -9.22
C ALA XA 128 -21.38 161.21 -9.27
N TYR XA 129 -22.61 161.44 -9.71
CA TYR XA 129 -23.26 162.74 -9.65
C TYR XA 129 -24.64 162.54 -9.01
N GLY XA 130 -24.69 162.74 -7.70
CA GLY XA 130 -25.94 162.63 -6.97
C GLY XA 130 -26.42 161.20 -6.80
N GLY XA 131 -25.69 160.40 -6.04
CA GLY XA 131 -26.06 159.01 -5.84
C GLY XA 131 -24.89 158.06 -6.01
N SER XA 132 -24.99 157.15 -6.97
CA SER XA 132 -23.89 156.23 -7.26
C SER XA 132 -23.23 156.61 -8.58
N LYS XA 133 -22.27 155.78 -8.99
CA LYS XA 133 -21.49 156.05 -10.20
C LYS XA 133 -22.21 155.48 -11.41
N THR XA 134 -22.45 156.32 -12.41
CA THR XA 134 -23.26 155.97 -13.56
C THR XA 134 -22.56 156.29 -14.87
N ILE XA 135 -22.93 155.53 -15.91
CA ILE XA 135 -22.61 155.86 -17.29
C ILE XA 135 -23.92 156.08 -18.03
N VAL XA 136 -24.04 157.20 -18.72
CA VAL XA 136 -25.21 157.48 -19.55
C VAL XA 136 -24.87 157.12 -21.00
N LEU XA 137 -25.81 156.48 -21.68
CA LEU XA 137 -25.63 156.03 -23.05
C LEU XA 137 -26.76 156.60 -23.89
N SER XA 138 -26.49 157.74 -24.54
CA SER XA 138 -27.49 158.39 -25.36
C SER XA 138 -27.67 157.66 -26.68
N VAL XA 139 -28.92 157.31 -27.00
CA VAL XA 139 -29.24 156.55 -28.21
C VAL XA 139 -30.04 157.53 -29.06
N GLY XA 140 -29.64 158.80 -29.01
CA GLY XA 140 -30.42 159.89 -29.55
C GLY XA 140 -30.76 160.84 -28.43
N GLU XA 141 -32.03 160.89 -28.04
CA GLU XA 141 -32.43 161.59 -26.83
C GLU XA 141 -32.72 160.66 -25.67
N ALA XA 142 -32.99 159.38 -25.94
CA ALA XA 142 -33.22 158.41 -24.88
C ALA XA 142 -31.90 157.99 -24.27
N THR XA 143 -31.75 158.20 -22.97
CA THR XA 143 -30.50 157.92 -22.25
C THR XA 143 -30.71 156.72 -21.35
N ARG XA 144 -30.14 155.58 -21.72
CA ARG XA 144 -30.21 154.36 -20.91
C ARG XA 144 -29.07 154.43 -19.90
N THR XA 145 -29.39 154.84 -18.68
CA THR XA 145 -28.39 155.07 -17.64
C THR XA 145 -28.12 153.75 -16.90
N LEU XA 146 -26.88 153.27 -16.98
CA LEU XA 146 -26.46 152.13 -16.19
C LEU XA 146 -25.89 152.60 -14.87
N THR XA 147 -26.11 151.82 -13.82
CA THR XA 147 -25.58 152.12 -12.50
C THR XA 147 -24.63 151.01 -12.09
N GLU XA 148 -23.55 151.41 -11.41
CA GLU XA 148 -22.54 150.45 -10.99
C GLU XA 148 -23.07 149.62 -9.82
N ILE XA 149 -23.04 148.30 -9.97
CA ILE XA 149 -23.51 147.41 -8.93
C ILE XA 149 -22.38 146.64 -8.26
N GLN XA 150 -21.15 146.72 -8.78
CA GLN XA 150 -20.07 145.92 -8.22
C GLN XA 150 -18.75 146.60 -8.53
N SER XA 151 -17.77 146.44 -7.64
CA SER XA 151 -16.42 146.95 -7.83
C SER XA 151 -15.48 145.93 -7.21
N THR XA 152 -14.93 145.06 -8.06
CA THR XA 152 -14.03 144.00 -7.61
C THR XA 152 -12.62 144.62 -7.65
N ALA XA 153 -11.57 143.80 -7.56
CA ALA XA 153 -10.20 144.32 -7.59
C ALA XA 153 -9.86 144.95 -8.93
N ASP XA 154 -10.19 144.28 -10.03
CA ASP XA 154 -10.03 144.85 -11.36
C ASP XA 154 -11.37 145.00 -12.08
N ARG XA 155 -12.27 144.03 -11.88
CA ARG XA 155 -13.57 144.02 -12.56
C ARG XA 155 -14.46 145.14 -12.04
N GLN XA 156 -15.46 145.48 -12.87
CA GLN XA 156 -16.35 146.60 -12.55
C GLN XA 156 -17.65 146.36 -13.32
N ILE XA 157 -18.66 145.87 -12.64
CA ILE XA 157 -19.91 145.46 -13.29
C ILE XA 157 -20.94 146.56 -13.16
N PHE XA 158 -21.41 147.05 -14.30
CA PHE XA 158 -22.49 148.03 -14.37
C PHE XA 158 -23.76 147.31 -14.81
N GLU XA 159 -24.91 147.91 -14.49
CA GLU XA 159 -26.18 147.28 -14.82
C GLU XA 159 -27.28 148.33 -14.83
N GLU XA 160 -28.17 148.23 -15.80
CA GLU XA 160 -29.38 149.04 -15.80
C GLU XA 160 -30.40 148.44 -14.85
N LYS XA 161 -31.12 149.30 -14.14
CA LYS XA 161 -31.95 148.87 -13.04
C LYS XA 161 -33.44 148.89 -13.33
N VAL XA 162 -33.85 149.24 -14.54
CA VAL XA 162 -35.27 149.20 -14.89
C VAL XA 162 -35.60 147.83 -15.46
N GLY XA 163 -36.85 147.40 -15.25
CA GLY XA 163 -37.33 146.17 -15.82
C GLY XA 163 -37.13 144.97 -14.91
N PRO XA 164 -37.30 143.77 -15.46
CA PRO XA 164 -37.18 142.56 -14.65
C PRO XA 164 -35.72 142.24 -14.35
N LEU XA 165 -35.53 141.32 -13.40
CA LEU XA 165 -34.21 140.89 -12.97
C LEU XA 165 -33.55 139.93 -13.95
N VAL XA 166 -34.31 139.35 -14.87
CA VAL XA 166 -33.75 138.27 -15.69
C VAL XA 166 -32.87 138.82 -16.83
N GLY XA 167 -33.36 139.79 -17.59
CA GLY XA 167 -32.57 140.32 -18.68
C GLY XA 167 -32.35 141.81 -18.56
N ARG XA 168 -31.10 142.22 -18.32
CA ARG XA 168 -30.75 143.61 -18.15
C ARG XA 168 -29.45 143.90 -18.88
N LEU XA 169 -29.23 145.19 -19.16
CA LEU XA 169 -27.97 145.62 -19.73
C LEU XA 169 -26.83 145.40 -18.74
N ARG XA 170 -25.70 144.93 -19.24
CA ARG XA 170 -24.54 144.66 -18.41
C ARG XA 170 -23.32 145.31 -19.03
N LEU XA 171 -22.31 145.56 -18.19
CA LEU XA 171 -21.05 146.14 -18.67
C LEU XA 171 -19.98 145.69 -17.68
N THR XA 172 -19.21 144.68 -18.07
CA THR XA 172 -18.15 144.16 -17.22
C THR XA 172 -16.82 144.73 -17.70
N ALA XA 173 -16.52 145.94 -17.26
CA ALA XA 173 -15.23 146.55 -17.56
C ALA XA 173 -14.13 145.86 -16.76
N SER XA 174 -12.89 146.07 -17.20
CA SER XA 174 -11.74 145.44 -16.57
C SER XA 174 -10.49 146.24 -16.90
N LEU XA 175 -9.41 145.93 -16.19
CA LEU XA 175 -8.12 146.59 -16.36
C LEU XA 175 -7.05 145.73 -15.71
N ARG XA 176 -6.03 145.37 -16.47
CA ARG XA 176 -4.95 144.54 -15.96
C ARG XA 176 -3.63 145.14 -16.39
N GLN XA 177 -2.54 144.49 -15.96
CA GLN XA 177 -1.22 144.71 -16.58
C GLN XA 177 -0.47 143.39 -16.49
N ASN XA 178 -0.05 142.88 -17.63
CA ASN XA 178 0.53 141.55 -17.73
C ASN XA 178 2.04 141.59 -17.58
N GLY XA 179 2.57 140.52 -16.99
CA GLY XA 179 4.01 140.30 -16.94
C GLY XA 179 4.76 141.29 -16.07
N ALA XA 180 5.84 141.84 -16.61
CA ALA XA 180 6.70 142.78 -15.87
C ALA XA 180 6.29 144.22 -16.11
N LYS XA 181 4.99 144.51 -15.91
CA LYS XA 181 4.41 145.86 -15.93
C LYS XA 181 4.66 146.58 -17.25
N THR XA 182 4.61 145.87 -18.37
CA THR XA 182 4.98 146.44 -19.65
C THR XA 182 3.79 146.76 -20.55
N ALA XA 183 2.61 146.21 -20.28
CA ALA XA 183 1.47 146.44 -21.15
C ALA XA 183 0.18 146.24 -20.37
N TYR XA 184 -0.73 147.20 -20.50
CA TYR XA 184 -2.04 147.10 -19.88
C TYR XA 184 -2.99 146.36 -20.82
N ARG XA 185 -4.20 146.08 -20.33
CA ARG XA 185 -5.19 145.36 -21.13
C ARG XA 185 -6.57 145.75 -20.63
N VAL XA 186 -7.25 146.62 -21.37
CA VAL XA 186 -8.62 146.98 -21.07
C VAL XA 186 -9.55 145.99 -21.75
N ASN XA 187 -10.68 145.68 -21.10
CA ASN XA 187 -11.58 144.65 -21.61
C ASN XA 187 -13.00 145.01 -21.21
N LEU XA 188 -13.74 145.63 -22.12
CA LEU XA 188 -15.16 145.88 -21.93
C LEU XA 188 -15.99 144.76 -22.54
N LYS XA 189 -17.24 144.66 -22.11
CA LYS XA 189 -18.15 143.62 -22.59
C LYS XA 189 -19.56 144.06 -22.30
N LEU XA 190 -20.37 144.25 -23.33
CA LEU XA 190 -21.74 144.74 -23.18
C LEU XA 190 -22.70 143.65 -23.65
N ASP XA 191 -23.40 143.03 -22.71
CA ASP XA 191 -24.42 142.04 -23.04
C ASP XA 191 -25.77 142.72 -23.17
N GLN XA 192 -26.63 142.16 -24.02
CA GLN XA 192 -27.97 142.68 -24.21
C GLN XA 192 -28.90 141.52 -24.47
N ALA XA 193 -29.55 141.05 -23.41
CA ALA XA 193 -30.49 139.94 -23.48
C ALA XA 193 -31.85 140.47 -23.91
N ASP XA 194 -32.50 139.76 -24.83
CA ASP XA 194 -33.79 140.19 -25.37
C ASP XA 194 -34.88 139.50 -24.57
N VAL XA 195 -35.53 140.25 -23.69
CA VAL XA 195 -36.57 139.73 -22.82
C VAL XA 195 -37.93 140.11 -23.40
N VAL XA 196 -38.87 139.16 -23.36
CA VAL XA 196 -40.21 139.37 -23.89
C VAL XA 196 -41.20 138.93 -22.83
N ASP XA 197 -42.37 139.58 -22.80
CA ASP XA 197 -43.43 139.21 -21.88
C ASP XA 197 -44.67 138.81 -22.67
N CYS XA 198 -45.24 137.66 -22.31
CA CYS XA 198 -46.41 137.12 -22.99
C CYS XA 198 -47.67 137.29 -22.15
N SER XA 199 -47.71 138.36 -21.35
CA SER XA 199 -48.82 138.57 -20.42
C SER XA 199 -50.12 138.94 -21.12
N THR XA 200 -50.05 139.64 -22.25
CA THR XA 200 -51.27 139.94 -23.00
C THR XA 200 -51.76 138.71 -23.76
N SER XA 201 -50.86 137.79 -24.08
CA SER XA 201 -51.21 136.53 -24.75
C SER XA 201 -51.66 135.46 -23.75
N VAL XA 202 -50.83 135.16 -22.76
CA VAL XA 202 -51.14 134.19 -21.72
C VAL XA 202 -51.13 134.91 -20.38
N CYS XA 203 -52.25 134.85 -19.67
CA CYS XA 203 -52.32 135.51 -18.36
C CYS XA 203 -51.47 134.79 -17.33
N GLY XA 204 -50.88 135.57 -16.43
CA GLY XA 204 -50.03 135.01 -15.41
C GLY XA 204 -48.70 134.48 -15.90
N GLU XA 205 -48.19 135.02 -17.00
CA GLU XA 205 -46.94 134.57 -17.59
C GLU XA 205 -45.85 135.59 -17.25
N LEU XA 206 -44.76 135.11 -16.68
CA LEU XA 206 -43.65 135.96 -16.29
C LEU XA 206 -42.67 136.11 -17.45
N PRO XA 207 -41.94 137.23 -17.52
CA PRO XA 207 -41.02 137.45 -18.64
C PRO XA 207 -39.82 136.51 -18.61
N LYS XA 208 -39.24 136.30 -19.78
CA LYS XA 208 -38.10 135.42 -19.96
C LYS XA 208 -37.30 135.91 -21.16
N VAL XA 209 -36.07 135.44 -21.26
CA VAL XA 209 -35.17 135.85 -22.33
C VAL XA 209 -35.17 134.79 -23.42
N ARG XA 210 -34.97 135.23 -24.67
CA ARG XA 210 -34.88 134.31 -25.79
C ARG XA 210 -33.43 134.02 -26.14
N TYR XA 211 -32.64 135.07 -26.38
CA TYR XA 211 -31.26 134.94 -26.77
C TYR XA 211 -30.45 136.02 -26.07
N THR XA 212 -29.16 136.07 -26.38
CA THR XA 212 -28.30 137.14 -25.89
C THR XA 212 -27.27 137.48 -26.95
N GLN XA 213 -26.91 138.77 -27.03
CA GLN XA 213 -25.95 139.27 -28.01
C GLN XA 213 -24.97 140.19 -27.31
N VAL XA 214 -23.68 139.91 -27.46
CA VAL XA 214 -22.64 140.64 -26.77
C VAL XA 214 -21.82 141.45 -27.77
N TRP XA 215 -21.03 142.38 -27.24
CA TRP XA 215 -20.03 143.12 -28.02
C TRP XA 215 -18.86 143.37 -27.07
N SER XA 216 -17.85 142.51 -27.15
CA SER XA 216 -16.67 142.67 -26.33
C SER XA 216 -15.70 143.66 -26.97
N HIS XA 217 -14.80 144.17 -26.16
CA HIS XA 217 -13.66 144.95 -26.62
C HIS XA 217 -12.41 144.40 -25.96
N ASP XA 218 -11.27 144.59 -26.61
CA ASP XA 218 -10.01 144.11 -26.05
C ASP XA 218 -8.92 145.08 -26.49
N VAL XA 219 -8.64 146.06 -25.65
CA VAL XA 219 -7.66 147.10 -25.93
C VAL XA 219 -6.34 146.68 -25.31
N THR XA 220 -5.26 146.77 -26.07
CA THR XA 220 -3.92 146.50 -25.58
C THR XA 220 -3.12 147.78 -25.63
N ILE XA 221 -2.63 148.22 -24.48
CA ILE XA 221 -1.91 149.48 -24.33
C ILE XA 221 -0.57 149.18 -23.70
N VAL XA 222 0.51 149.50 -24.41
CA VAL XA 222 1.84 149.29 -23.82
C VAL XA 222 2.15 150.46 -22.89
N ALA XA 223 3.03 150.22 -21.92
CA ALA XA 223 3.15 151.11 -20.77
C ALA XA 223 3.92 152.38 -21.11
N ASN XA 224 4.94 152.28 -21.97
CA ASN XA 224 5.79 153.42 -22.30
C ASN XA 224 5.31 154.16 -23.53
N SER XA 225 4.00 154.21 -23.75
CA SER XA 225 3.39 154.85 -24.90
C SER XA 225 3.57 156.37 -24.85
N THR XA 226 3.22 156.99 -25.96
CA THR XA 226 2.94 158.42 -25.98
C THR XA 226 1.44 158.59 -25.78
N GLU XA 227 1.05 159.67 -25.09
CA GLU XA 227 -0.38 159.92 -24.89
C GLU XA 227 -1.06 160.26 -26.21
N ALA XA 228 -0.31 160.83 -27.16
CA ALA XA 228 -0.86 161.09 -28.48
C ALA XA 228 -1.07 159.83 -29.29
N SER XA 229 -0.43 158.72 -28.93
CA SER XA 229 -0.67 157.47 -29.62
C SER XA 229 -1.81 156.68 -28.98
N ARG XA 230 -2.06 156.91 -27.69
CA ARG XA 230 -3.26 156.36 -27.07
C ARG XA 230 -4.50 157.14 -27.48
N LYS XA 231 -4.33 158.43 -27.73
CA LYS XA 231 -5.46 159.26 -28.17
C LYS XA 231 -5.85 158.94 -29.60
N SER XA 232 -4.87 158.69 -30.48
CA SER XA 232 -5.19 158.41 -31.87
C SER XA 232 -5.76 157.01 -32.06
N LEU XA 233 -5.39 156.07 -31.19
CA LEU XA 233 -6.00 154.75 -31.26
C LEU XA 233 -7.47 154.78 -30.84
N TYR XA 234 -7.80 155.60 -29.84
CA TYR XA 234 -9.19 155.77 -29.44
C TYR XA 234 -9.97 156.54 -30.49
N ASP XA 235 -9.36 157.58 -31.06
CA ASP XA 235 -10.01 158.41 -32.06
C ASP XA 235 -10.28 157.68 -33.35
N LEU XA 236 -9.51 156.65 -33.67
CA LEU XA 236 -9.81 155.84 -34.85
C LEU XA 236 -10.90 154.83 -34.57
N THR XA 237 -10.89 154.22 -33.38
CA THR XA 237 -11.92 153.24 -33.03
C THR XA 237 -13.26 153.92 -32.77
N LYS XA 238 -13.25 155.15 -32.25
CA LYS XA 238 -14.48 155.92 -32.16
C LYS XA 238 -15.00 156.26 -33.54
N SER XA 239 -14.10 156.50 -34.49
CA SER XA 239 -14.49 156.78 -35.86
C SER XA 239 -14.81 155.53 -36.67
N LEU XA 240 -14.24 154.38 -36.28
CA LEU XA 240 -14.51 153.14 -37.01
C LEU XA 240 -15.91 152.65 -36.73
N VAL XA 241 -16.31 152.61 -35.46
CA VAL XA 241 -17.64 152.15 -35.08
C VAL XA 241 -18.72 153.09 -35.60
N ALA XA 242 -18.43 154.37 -35.71
CA ALA XA 242 -19.41 155.34 -36.16
C ALA XA 242 -19.67 155.31 -37.67
N THR XA 243 -18.92 154.52 -38.44
CA THR XA 243 -19.13 154.46 -39.87
C THR XA 243 -20.36 153.63 -40.21
N SER XA 244 -20.83 153.80 -41.44
CA SER XA 244 -21.96 153.03 -41.93
C SER XA 244 -21.55 151.66 -42.47
N GLN XA 245 -20.25 151.40 -42.60
CA GLN XA 245 -19.80 150.10 -43.06
C GLN XA 245 -19.86 149.07 -41.94
N VAL XA 246 -19.53 149.49 -40.72
CA VAL XA 246 -19.65 148.61 -39.56
C VAL XA 246 -21.09 148.53 -39.08
N GLU XA 247 -21.92 149.53 -39.41
CA GLU XA 247 -23.34 149.46 -39.11
C GLU XA 247 -24.02 148.34 -39.89
N ASP XA 248 -23.73 148.24 -41.18
CA ASP XA 248 -24.28 147.17 -42.00
C ASP XA 248 -23.60 145.83 -41.76
N LEU XA 249 -22.40 145.83 -41.17
CA LEU XA 249 -21.72 144.57 -40.90
C LEU XA 249 -22.30 143.88 -39.67
N VAL XA 250 -22.75 144.65 -38.69
CA VAL XA 250 -23.36 144.07 -37.50
C VAL XA 250 -24.84 143.80 -37.71
N VAL XA 251 -25.56 144.73 -38.34
CA VAL XA 251 -26.99 144.59 -38.54
C VAL XA 251 -27.29 143.61 -39.67
N ASN XA 252 -26.69 143.81 -40.84
CA ASN XA 252 -27.05 143.06 -42.04
C ASN XA 252 -25.97 142.12 -42.54
N LEU XA 253 -24.86 141.97 -41.83
CA LEU XA 253 -23.74 141.08 -42.16
C LEU XA 253 -23.12 141.38 -43.53
N VAL XA 254 -23.16 142.63 -43.97
CA VAL XA 254 -22.53 143.03 -45.22
C VAL XA 254 -21.04 143.23 -44.95
N PRO XA 255 -20.14 142.65 -45.73
CA PRO XA 255 -18.70 142.79 -45.46
C PRO XA 255 -18.21 144.21 -45.73
N LEU XA 256 -17.03 144.50 -45.19
CA LEU XA 256 -16.48 145.85 -45.26
C LEU XA 256 -15.87 146.12 -46.63
N GLY XA 257 -15.73 147.39 -46.94
CA GLY XA 257 -15.08 147.79 -48.19
C GLY XA 257 -16.04 148.21 -49.28
N ARG XA 258 -15.89 149.44 -49.77
CA ARG XA 258 -16.70 149.91 -50.88
C ARG XA 258 -15.84 150.69 -51.87
N SER YA 1 -10.25 160.22 -5.50
CA SER YA 1 -11.14 159.51 -4.60
C SER YA 1 -10.50 159.31 -3.24
N LYS YA 2 -9.90 158.14 -3.04
CA LYS YA 2 -9.25 157.78 -1.78
C LYS YA 2 -7.75 158.03 -1.90
N THR YA 3 -7.24 158.93 -1.08
CA THR YA 3 -5.89 159.45 -1.23
C THR YA 3 -5.10 159.38 0.07
N ILE YA 4 -3.78 159.27 -0.08
CA ILE YA 4 -2.83 159.55 0.98
C ILE YA 4 -1.94 160.70 0.51
N VAL YA 5 -1.68 161.65 1.39
CA VAL YA 5 -0.87 162.82 1.06
C VAL YA 5 0.46 162.70 1.80
N LEU YA 6 1.55 162.67 1.05
CA LEU YA 6 2.90 162.55 1.61
C LEU YA 6 3.61 163.88 1.42
N SER YA 7 3.63 164.70 2.46
CA SER YA 7 4.31 165.98 2.41
C SER YA 7 5.77 165.82 2.76
N VAL YA 8 6.66 166.23 1.85
CA VAL YA 8 8.09 166.03 2.02
C VAL YA 8 8.77 167.38 2.21
N GLY YA 9 8.07 168.30 2.86
CA GLY YA 9 8.49 169.69 2.94
C GLY YA 9 7.31 170.58 2.61
N GLU YA 10 7.41 171.32 1.50
CA GLU YA 10 6.26 172.04 0.99
C GLU YA 10 5.58 171.34 -0.17
N ALA YA 11 6.29 170.47 -0.88
CA ALA YA 11 5.68 169.70 -1.96
C ALA YA 11 4.94 168.50 -1.39
N THR YA 12 3.71 168.28 -1.84
CA THR YA 12 2.89 167.16 -1.39
C THR YA 12 2.65 166.24 -2.58
N ARG YA 13 2.96 164.96 -2.40
CA ARG YA 13 2.82 163.96 -3.45
C ARG YA 13 1.59 163.12 -3.12
N THR YA 14 0.48 163.43 -3.77
CA THR YA 14 -0.80 162.79 -3.46
C THR YA 14 -0.94 161.49 -4.22
N LEU YA 15 -0.87 160.38 -3.50
CA LEU YA 15 -1.16 159.06 -4.06
C LEU YA 15 -2.66 158.86 -4.15
N THR YA 16 -3.10 158.13 -5.16
CA THR YA 16 -4.52 157.79 -5.31
C THR YA 16 -4.68 156.29 -5.37
N GLU YA 17 -5.77 155.78 -4.82
CA GLU YA 17 -6.04 154.36 -4.81
C GLU YA 17 -6.48 153.89 -6.19
N ILE YA 18 -5.84 152.85 -6.70
CA ILE YA 18 -6.15 152.33 -8.04
C ILE YA 18 -6.68 150.91 -8.02
N GLN YA 19 -6.59 150.20 -6.89
CA GLN YA 19 -7.00 148.81 -6.84
C GLN YA 19 -7.24 148.43 -5.39
N SER YA 20 -8.32 147.68 -5.15
CA SER YA 20 -8.69 147.29 -3.79
C SER YA 20 -9.22 145.86 -3.82
N THR YA 21 -8.43 144.93 -3.31
CA THR YA 21 -8.82 143.54 -3.18
C THR YA 21 -9.47 143.42 -1.78
N ALA YA 22 -9.66 142.19 -1.29
CA ALA YA 22 -10.19 142.00 0.07
C ALA YA 22 -9.25 142.58 1.11
N ASP YA 23 -7.99 142.20 1.08
CA ASP YA 23 -6.97 142.70 2.00
C ASP YA 23 -5.95 143.61 1.35
N ARG YA 24 -5.45 143.26 0.15
CA ARG YA 24 -4.45 144.07 -0.52
C ARG YA 24 -5.08 145.35 -1.08
N GLN YA 25 -4.28 146.41 -1.13
CA GLN YA 25 -4.81 147.74 -1.43
C GLN YA 25 -3.67 148.55 -2.03
N ILE YA 26 -3.76 148.82 -3.33
CA ILE YA 26 -2.65 149.41 -4.10
C ILE YA 26 -2.97 150.88 -4.39
N PHE YA 27 -2.05 151.75 -4.01
CA PHE YA 27 -2.12 153.18 -4.31
C PHE YA 27 -1.11 153.50 -5.40
N GLU YA 28 -1.29 154.67 -6.03
CA GLU YA 28 -0.39 155.11 -7.08
C GLU YA 28 -0.51 156.61 -7.23
N GLU YA 29 0.57 157.24 -7.68
CA GLU YA 29 0.57 158.66 -7.98
C GLU YA 29 0.23 158.86 -9.45
N LYS YA 30 -0.76 159.70 -9.72
CA LYS YA 30 -1.30 159.85 -11.07
C LYS YA 30 -0.65 160.97 -11.87
N VAL YA 31 0.59 161.35 -11.55
CA VAL YA 31 1.26 162.43 -12.27
C VAL YA 31 2.36 161.86 -13.13
N GLY YA 32 2.38 162.26 -14.40
CA GLY YA 32 3.46 161.93 -15.30
C GLY YA 32 3.14 160.78 -16.23
N PRO YA 33 4.17 160.16 -16.81
CA PRO YA 33 3.96 159.01 -17.70
C PRO YA 33 3.46 157.77 -16.98
N LEU YA 34 3.20 156.71 -17.75
CA LEU YA 34 2.56 155.51 -17.22
C LEU YA 34 3.55 154.44 -16.79
N VAL YA 35 4.85 154.61 -17.09
CA VAL YA 35 5.78 153.51 -16.92
C VAL YA 35 6.35 153.45 -15.50
N GLY YA 36 6.71 154.58 -14.90
CA GLY YA 36 7.24 154.56 -13.55
C GLY YA 36 6.56 155.55 -12.64
N ARG YA 37 5.87 155.07 -11.62
CA ARG YA 37 5.14 155.90 -10.70
C ARG YA 37 5.38 155.40 -9.28
N LEU YA 38 5.10 156.28 -8.31
CA LEU YA 38 5.09 155.87 -6.91
C LEU YA 38 4.02 154.83 -6.66
N ARG YA 39 4.33 153.87 -5.81
CA ARG YA 39 3.43 152.78 -5.52
C ARG YA 39 3.40 152.57 -4.01
N LEU YA 40 2.27 152.10 -3.51
CA LEU YA 40 2.13 151.85 -2.08
C LEU YA 40 1.15 150.69 -1.92
N THR YA 41 1.67 149.53 -1.55
CA THR YA 41 0.87 148.30 -1.46
C THR YA 41 0.67 148.00 0.02
N ALA YA 42 -0.45 148.47 0.57
CA ALA YA 42 -0.82 148.12 1.93
C ALA YA 42 -1.50 146.75 1.96
N SER YA 43 -1.49 146.13 3.14
CA SER YA 43 -2.11 144.83 3.34
C SER YA 43 -2.45 144.68 4.81
N LEU YA 44 -3.27 143.68 5.11
CA LEU YA 44 -3.65 143.36 6.48
C LEU YA 44 -4.20 141.95 6.49
N ARG YA 45 -3.62 141.11 7.34
CA ARG YA 45 -4.03 139.71 7.45
C ARG YA 45 -4.22 139.36 8.92
N GLN YA 46 -4.56 138.09 9.17
CA GLN YA 46 -4.44 137.53 10.51
C GLN YA 46 -4.11 136.04 10.35
N ASN YA 47 -2.87 135.68 10.68
CA ASN YA 47 -2.39 134.34 10.41
C ASN YA 47 -2.58 133.44 11.61
N GLY YA 48 -2.90 132.17 11.34
CA GLY YA 48 -3.04 131.17 12.37
C GLY YA 48 -4.43 131.11 12.98
N ALA YA 49 -4.50 131.02 14.30
CA ALA YA 49 -5.77 130.86 15.00
C ALA YA 49 -6.33 132.21 15.45
N LYS YA 50 -6.38 133.14 14.49
CA LYS YA 50 -7.05 134.45 14.62
C LYS YA 50 -6.51 135.29 15.77
N THR YA 51 -5.21 135.17 16.06
CA THR YA 51 -4.65 135.80 17.25
C THR YA 51 -3.63 136.89 16.98
N ALA YA 52 -3.10 136.98 15.77
CA ALA YA 52 -2.05 137.96 15.47
C ALA YA 52 -2.29 138.53 14.07
N TYR YA 53 -2.38 139.85 13.99
CA TYR YA 53 -2.52 140.53 12.71
C TYR YA 53 -1.15 140.81 12.10
N ARG YA 54 -1.15 141.15 10.82
CA ARG YA 54 0.10 141.35 10.09
C ARG YA 54 -0.12 142.45 9.06
N VAL YA 55 0.32 143.66 9.39
CA VAL YA 55 0.29 144.78 8.45
C VAL YA 55 1.55 144.70 7.59
N ASN YA 56 1.43 145.11 6.32
CA ASN YA 56 2.55 144.98 5.39
C ASN YA 56 2.46 146.12 4.38
N LEU YA 57 3.22 147.18 4.61
CA LEU YA 57 3.35 148.26 3.65
C LEU YA 57 4.57 148.04 2.76
N LYS YA 58 4.52 148.63 1.57
CA LYS YA 58 5.63 148.52 0.62
C LYS YA 58 5.55 149.72 -0.32
N LEU YA 59 6.50 150.63 -0.18
CA LEU YA 59 6.55 151.83 -1.00
C LEU YA 59 7.63 151.65 -2.07
N ASP YA 60 7.19 151.46 -3.31
CA ASP YA 60 8.11 151.38 -4.43
C ASP YA 60 8.45 152.79 -4.92
N GLN YA 61 9.61 152.90 -5.56
CA GLN YA 61 9.98 154.16 -6.21
C GLN YA 61 10.90 153.85 -7.36
N ALA YA 62 10.40 154.01 -8.58
CA ALA YA 62 11.17 153.77 -9.78
C ALA YA 62 11.75 155.08 -10.27
N ASP YA 63 12.98 155.03 -10.79
CA ASP YA 63 13.67 156.21 -11.29
C ASP YA 63 13.53 156.23 -12.81
N VAL YA 64 12.56 156.96 -13.29
CA VAL YA 64 12.27 157.05 -14.72
C VAL YA 64 13.06 158.21 -15.30
N VAL YA 65 13.44 158.10 -16.57
CA VAL YA 65 14.14 159.17 -17.28
C VAL YA 65 13.62 159.19 -18.71
N ASP YA 66 13.38 160.38 -19.25
CA ASP YA 66 12.85 160.58 -20.59
C ASP YA 66 13.92 161.25 -21.43
N CYS YA 67 14.58 160.49 -22.29
CA CYS YA 67 15.68 160.99 -23.11
C CYS YA 67 15.21 161.14 -24.56
N SER YA 68 13.94 161.52 -24.74
CA SER YA 68 13.41 161.67 -26.08
C SER YA 68 13.93 162.90 -26.80
N THR YA 69 14.43 163.90 -26.06
CA THR YA 69 14.90 165.12 -26.70
C THR YA 69 16.37 165.01 -27.09
N SER YA 70 17.18 164.36 -26.26
CA SER YA 70 18.61 164.27 -26.53
C SER YA 70 18.90 163.27 -27.63
N VAL YA 71 18.59 161.99 -27.40
CA VAL YA 71 18.69 160.98 -28.44
C VAL YA 71 17.32 160.84 -29.08
N CYS YA 72 17.29 160.84 -30.41
CA CYS YA 72 16.03 160.89 -31.14
C CYS YA 72 15.40 159.50 -31.20
N GLY YA 73 14.13 159.41 -30.84
CA GLY YA 73 13.35 158.23 -31.09
C GLY YA 73 13.32 157.19 -30.00
N GLU YA 74 13.40 157.58 -28.73
CA GLU YA 74 13.26 156.61 -27.66
C GLU YA 74 12.34 157.18 -26.56
N LEU YA 75 11.85 156.26 -25.74
CA LEU YA 75 10.73 156.48 -24.84
C LEU YA 75 11.22 156.57 -23.40
N PRO YA 76 10.40 157.04 -22.45
CA PRO YA 76 10.79 156.96 -21.04
C PRO YA 76 10.91 155.53 -20.57
N LYS YA 77 11.82 155.31 -19.63
CA LYS YA 77 12.16 153.98 -19.16
C LYS YA 77 12.65 154.07 -17.73
N VAL YA 78 12.54 152.98 -16.99
CA VAL YA 78 12.93 152.94 -15.59
C VAL YA 78 14.37 152.42 -15.50
N ARG YA 79 15.19 153.12 -14.73
CA ARG YA 79 16.59 152.72 -14.59
C ARG YA 79 16.75 151.71 -13.45
N TYR YA 80 16.15 152.01 -12.30
CA TYR YA 80 16.21 151.12 -11.14
C TYR YA 80 14.97 151.33 -10.30
N THR YA 81 14.85 150.51 -9.25
CA THR YA 81 13.72 150.56 -8.34
C THR YA 81 14.22 150.40 -6.92
N GLN YA 82 13.84 151.33 -6.04
CA GLN YA 82 14.23 151.28 -4.64
C GLN YA 82 12.98 151.22 -3.79
N VAL YA 83 12.87 150.19 -2.96
CA VAL YA 83 11.68 149.95 -2.17
C VAL YA 83 12.01 150.19 -0.70
N TRP YA 84 10.96 150.30 0.11
CA TRP YA 84 11.09 150.33 1.58
C TRP YA 84 9.84 149.64 2.12
N SER YA 85 9.98 148.35 2.39
CA SER YA 85 8.88 147.57 2.92
C SER YA 85 8.72 147.81 4.42
N HIS YA 86 7.58 147.37 4.94
CA HIS YA 86 7.34 147.32 6.37
C HIS YA 86 6.64 146.01 6.68
N ASP YA 87 6.80 145.53 7.91
CA ASP YA 87 6.15 144.29 8.35
C ASP YA 87 5.86 144.43 9.84
N VAL YA 88 4.66 144.85 10.15
CA VAL YA 88 4.23 145.05 11.53
C VAL YA 88 3.48 143.82 11.99
N THR YA 89 3.84 143.31 13.18
CA THR YA 89 3.15 142.20 13.80
C THR YA 89 2.41 142.71 15.02
N ILE YA 90 1.09 142.56 15.04
CA ILE YA 90 0.24 143.03 16.11
C ILE YA 90 -0.55 141.86 16.65
N VAL YA 91 -0.49 141.64 17.96
CA VAL YA 91 -1.30 140.60 18.59
C VAL YA 91 -2.67 141.17 18.90
N ALA YA 92 -3.68 140.30 18.84
CA ALA YA 92 -5.07 140.76 18.85
C ALA YA 92 -5.52 141.21 20.23
N ASN YA 93 -5.15 140.49 21.29
CA ASN YA 93 -5.61 140.79 22.64
C ASN YA 93 -4.71 141.79 23.36
N SER YA 94 -3.92 142.57 22.63
CA SER YA 94 -3.04 143.55 23.26
C SER YA 94 -3.83 144.77 23.72
N THR YA 95 -3.14 145.63 24.47
CA THR YA 95 -3.71 146.91 24.86
C THR YA 95 -3.38 147.96 23.82
N GLU YA 96 -4.13 149.07 23.85
CA GLU YA 96 -3.94 150.12 22.87
C GLU YA 96 -2.65 150.88 23.10
N ALA YA 97 -2.22 151.02 24.36
CA ALA YA 97 -0.99 151.74 24.66
C ALA YA 97 0.25 150.99 24.24
N SER YA 98 0.16 149.68 24.02
CA SER YA 98 1.30 148.95 23.49
C SER YA 98 1.45 149.18 21.98
N ARG YA 99 0.32 149.21 21.27
CA ARG YA 99 0.32 149.55 19.85
C ARG YA 99 0.68 151.00 19.59
N LYS YA 100 0.26 151.92 20.47
CA LYS YA 100 0.57 153.32 20.30
C LYS YA 100 2.05 153.59 20.57
N SER YA 101 2.63 152.89 21.55
CA SER YA 101 4.04 153.12 21.87
C SER YA 101 4.95 152.46 20.84
N LEU YA 102 4.50 151.37 20.23
CA LEU YA 102 5.29 150.74 19.17
C LEU YA 102 5.30 151.62 17.92
N TYR YA 103 4.18 152.28 17.63
CA TYR YA 103 4.15 153.22 16.52
C TYR YA 103 4.96 154.47 16.84
N ASP YA 104 4.93 154.92 18.10
CA ASP YA 104 5.64 156.13 18.49
C ASP YA 104 7.15 155.95 18.46
N LEU YA 105 7.63 154.73 18.68
CA LEU YA 105 9.07 154.48 18.60
C LEU YA 105 9.53 154.40 17.16
N THR YA 106 8.76 153.72 16.30
CA THR YA 106 9.14 153.59 14.90
C THR YA 106 8.99 154.90 14.14
N LYS YA 107 8.06 155.75 14.56
CA LYS YA 107 7.94 157.08 13.97
C LYS YA 107 9.17 157.92 14.28
N SER YA 108 9.72 157.78 15.48
CA SER YA 108 10.92 158.52 15.85
C SER YA 108 12.20 157.77 15.52
N LEU YA 109 12.12 156.49 15.19
CA LEU YA 109 13.29 155.79 14.70
C LEU YA 109 13.62 156.22 13.28
N VAL YA 110 12.61 156.30 12.41
CA VAL YA 110 12.83 156.74 11.04
C VAL YA 110 13.20 158.21 11.00
N ALA YA 111 12.66 159.01 11.91
CA ALA YA 111 12.88 160.45 11.87
C ALA YA 111 14.24 160.88 12.42
N THR YA 112 15.07 159.96 12.91
CA THR YA 112 16.37 160.35 13.45
C THR YA 112 17.40 160.47 12.33
N SER YA 113 18.53 161.07 12.67
CA SER YA 113 19.58 161.33 11.69
C SER YA 113 20.53 160.15 11.52
N GLN YA 114 20.38 159.08 12.28
CA GLN YA 114 21.26 157.93 12.12
C GLN YA 114 20.69 156.92 11.14
N VAL YA 115 19.37 156.84 11.02
CA VAL YA 115 18.75 156.00 10.00
C VAL YA 115 18.70 156.74 8.67
N GLU YA 116 18.81 158.07 8.71
CA GLU YA 116 18.93 158.83 7.46
C GLU YA 116 20.25 158.52 6.77
N ASP YA 117 21.36 158.56 7.50
CA ASP YA 117 22.66 158.26 6.92
C ASP YA 117 22.83 156.77 6.62
N LEU YA 118 21.98 155.92 7.16
CA LEU YA 118 22.08 154.49 6.88
C LEU YA 118 21.54 154.13 5.52
N VAL YA 119 20.55 154.86 5.02
CA VAL YA 119 19.97 154.53 3.73
C VAL YA 119 20.46 155.49 2.65
N VAL YA 120 20.87 156.69 3.04
CA VAL YA 120 21.39 157.64 2.07
C VAL YA 120 22.88 157.40 1.84
N ASN YA 121 23.66 157.31 2.92
CA ASN YA 121 25.10 157.25 2.83
C ASN YA 121 25.68 155.91 3.29
N LEU YA 122 24.82 154.95 3.64
CA LEU YA 122 25.19 153.57 4.00
C LEU YA 122 26.10 153.50 5.23
N VAL YA 123 25.96 154.43 6.15
CA VAL YA 123 26.77 154.46 7.37
C VAL YA 123 26.01 153.73 8.47
N PRO YA 124 26.63 152.78 9.18
CA PRO YA 124 25.90 151.98 10.18
C PRO YA 124 25.47 152.80 11.39
N LEU YA 125 24.60 152.19 12.18
CA LEU YA 125 23.94 152.87 13.29
C LEU YA 125 24.86 152.96 14.50
N GLY YA 126 24.53 153.88 15.40
CA GLY YA 126 25.28 154.04 16.63
C GLY YA 126 26.33 155.11 16.56
N ARG YA 127 26.31 156.04 17.51
CA ARG YA 127 27.30 157.10 17.61
C ARG YA 127 27.72 157.24 19.07
N ALA YA 128 29.03 157.20 19.32
CA ALA YA 128 29.56 157.22 20.68
C ALA YA 128 29.81 158.65 21.13
N TYR YA 129 28.96 159.15 22.03
CA TYR YA 129 29.18 160.43 22.70
C TYR YA 129 29.15 160.18 24.21
N GLY YA 130 30.34 160.03 24.80
CA GLY YA 130 30.46 159.84 26.23
C GLY YA 130 30.07 158.45 26.70
N GLY YA 131 30.84 157.44 26.28
CA GLY YA 131 30.54 156.07 26.67
C GLY YA 131 30.51 155.12 25.49
N SER YA 132 29.37 154.49 25.27
CA SER YA 132 29.20 153.61 24.12
C SER YA 132 28.36 154.30 23.05
N LYS YA 133 28.04 153.55 22.00
CA LYS YA 133 27.29 154.09 20.87
C LYS YA 133 25.80 153.93 21.13
N THR YA 134 25.06 155.04 21.05
CA THR YA 134 23.66 155.08 21.44
C THR YA 134 22.77 155.64 20.34
N ILE YA 135 21.50 155.27 20.38
CA ILE YA 135 20.44 155.90 19.60
C ILE YA 135 19.42 156.45 20.57
N VAL YA 136 19.02 157.70 20.36
CA VAL YA 136 18.04 158.37 21.22
C VAL YA 136 16.71 158.40 20.48
N LEU YA 137 15.71 157.73 21.03
CA LEU YA 137 14.37 157.63 20.44
C LEU YA 137 13.40 158.40 21.33
N SER YA 138 13.23 159.69 21.06
CA SER YA 138 12.32 160.50 21.84
C SER YA 138 10.88 160.29 21.37
N VAL YA 139 9.99 160.05 22.32
CA VAL YA 139 8.58 159.81 22.03
C VAL YA 139 7.79 161.03 22.49
N GLY YA 140 8.41 162.19 22.41
CA GLY YA 140 7.91 163.40 23.02
C GLY YA 140 9.04 164.08 23.77
N GLU YA 141 8.93 164.19 25.09
CA GLU YA 141 10.07 164.59 25.90
C GLU YA 141 10.80 163.43 26.54
N ALA YA 142 10.15 162.27 26.68
CA ALA YA 142 10.81 161.08 27.20
C ALA YA 142 11.68 160.47 26.12
N THR YA 143 12.97 160.28 26.43
CA THR YA 143 13.95 159.77 25.48
C THR YA 143 14.39 158.39 25.92
N ARG YA 144 13.93 157.37 25.21
CA ARG YA 144 14.31 155.99 25.48
C ARG YA 144 15.61 155.71 24.73
N THR YA 145 16.74 155.84 25.42
CA THR YA 145 18.06 155.70 24.82
C THR YA 145 18.44 154.23 24.78
N LEU YA 146 18.63 153.70 23.58
CA LEU YA 146 19.15 152.36 23.41
C LEU YA 146 20.68 152.40 23.35
N THR YA 147 21.31 151.38 23.91
CA THR YA 147 22.76 151.25 23.86
C THR YA 147 23.13 150.01 23.06
N GLU YA 148 24.22 150.10 22.31
CA GLU YA 148 24.64 148.97 21.49
C GLU YA 148 25.28 147.90 22.36
N ILE YA 149 24.81 146.67 22.22
CA ILE YA 149 25.35 145.57 23.00
C ILE YA 149 26.16 144.59 22.14
N GLN YA 150 26.11 144.71 20.82
CA GLN YA 150 26.76 143.73 19.97
C GLN YA 150 27.06 144.36 18.62
N SER YA 151 28.16 143.94 18.00
CA SER YA 151 28.53 144.38 16.66
C SER YA 151 29.12 143.15 15.96
N THR YA 152 28.30 142.50 15.14
CA THR YA 152 28.71 141.31 14.41
C THR YA 152 29.33 141.81 13.09
N ALA YA 153 29.52 140.92 12.10
CA ALA YA 153 30.08 141.32 10.81
C ALA YA 153 29.18 142.30 10.09
N ASP YA 154 27.89 142.00 9.98
CA ASP YA 154 26.91 142.92 9.41
C ASP YA 154 25.85 143.32 10.44
N ARG YA 155 25.45 142.40 11.31
CA ARG YA 155 24.43 142.63 12.32
C ARG YA 155 24.91 143.62 13.37
N GLN YA 156 23.95 144.25 14.04
CA GLN YA 156 24.25 145.30 15.01
C GLN YA 156 23.06 145.37 15.97
N ILE YA 157 23.21 144.79 17.15
CA ILE YA 157 22.10 144.64 18.08
C ILE YA 157 22.16 145.72 19.14
N PHE YA 158 21.10 146.51 19.22
CA PHE YA 158 20.92 147.54 20.25
C PHE YA 158 19.91 147.04 21.27
N GLU YA 159 19.96 147.62 22.47
CA GLU YA 159 19.07 147.20 23.55
C GLU YA 159 19.00 148.29 24.60
N GLU YA 160 17.81 148.49 25.16
CA GLU YA 160 17.64 149.37 26.30
C GLU YA 160 18.01 148.64 27.57
N LYS YA 161 18.62 149.36 28.51
CA LYS YA 161 19.25 148.75 29.67
C LYS YA 161 18.41 148.79 30.94
N VAL YA 162 17.34 149.56 30.97
CA VAL YA 162 16.54 149.67 32.18
C VAL YA 162 15.60 148.49 32.29
N GLY YA 163 15.15 148.21 33.50
CA GLY YA 163 14.17 147.17 33.74
C GLY YA 163 14.77 145.78 33.80
N PRO YA 164 13.92 144.75 33.74
CA PRO YA 164 14.40 143.38 33.84
C PRO YA 164 15.06 142.91 32.55
N LEU YA 165 15.69 141.75 32.63
CA LEU YA 165 16.37 141.14 31.48
C LEU YA 165 15.43 140.38 30.56
N VAL YA 166 14.18 140.15 30.99
CA VAL YA 166 13.32 139.26 30.23
C VAL YA 166 12.73 139.94 28.99
N GLY YA 167 12.29 141.19 29.09
CA GLY YA 167 11.76 141.89 27.94
C GLY YA 167 12.28 143.30 27.85
N ARG YA 168 13.00 143.61 26.77
CA ARG YA 168 13.58 144.93 26.59
C ARG YA 168 13.41 145.35 25.14
N LEU YA 169 13.66 146.63 24.87
CA LEU YA 169 13.68 147.12 23.51
C LEU YA 169 14.87 146.54 22.75
N ARG YA 170 14.73 146.44 21.44
CA ARG YA 170 15.74 145.80 20.62
C ARG YA 170 15.81 146.48 19.26
N LEU YA 171 16.97 146.34 18.61
CA LEU YA 171 17.17 146.82 17.24
C LEU YA 171 18.19 145.93 16.57
N THR YA 172 17.73 145.06 15.69
CA THR YA 172 18.60 144.18 14.94
C THR YA 172 18.78 144.78 13.55
N ALA YA 173 19.73 145.71 13.44
CA ALA YA 173 20.05 146.30 12.16
C ALA YA 173 20.92 145.35 11.34
N SER YA 174 20.97 145.58 10.04
CA SER YA 174 21.78 144.75 9.14
C SER YA 174 22.15 145.59 7.93
N LEU YA 175 23.05 145.04 7.11
CA LEU YA 175 23.51 145.67 5.88
C LEU YA 175 24.19 144.60 5.05
N ARG YA 176 23.74 144.42 3.82
CA ARG YA 176 24.26 143.39 2.94
C ARG YA 176 24.51 143.98 1.56
N GLN YA 177 25.00 143.14 0.65
CA GLN YA 177 24.94 143.43 -0.77
C GLN YA 177 24.87 142.10 -1.51
N ASN YA 178 23.71 141.80 -2.08
CA ASN YA 178 23.45 140.51 -2.71
C ASN YA 178 23.92 140.52 -4.15
N GLY YA 179 24.52 139.40 -4.56
CA GLY YA 179 24.91 139.20 -5.94
C GLY YA 179 26.25 139.82 -6.30
N ALA YA 180 26.30 140.46 -7.46
CA ALA YA 180 27.55 141.04 -7.96
C ALA YA 180 27.71 142.50 -7.56
N LYS YA 181 27.55 142.78 -6.26
CA LYS YA 181 27.74 144.11 -5.65
C LYS YA 181 26.84 145.17 -6.29
N THR YA 182 25.63 144.80 -6.67
CA THR YA 182 24.76 145.69 -7.41
C THR YA 182 23.61 146.27 -6.60
N ALA YA 183 23.30 145.71 -5.43
CA ALA YA 183 22.17 146.18 -4.65
C ALA YA 183 22.39 145.88 -3.18
N TYR YA 184 22.27 146.91 -2.36
CA TYR YA 184 22.38 146.78 -0.92
C TYR YA 184 21.03 146.36 -0.33
N ARG YA 185 21.02 146.01 0.94
CA ARG YA 185 19.78 145.59 1.61
C ARG YA 185 19.90 145.95 3.09
N VAL YA 186 19.23 147.01 3.49
CA VAL YA 186 19.16 147.40 4.89
C VAL YA 186 17.96 146.72 5.53
N ASN YA 187 18.09 146.31 6.79
CA ASN YA 187 17.04 145.52 7.44
C ASN YA 187 17.04 145.86 8.93
N LEU YA 188 16.15 146.74 9.34
CA LEU YA 188 15.94 147.04 10.75
C LEU YA 188 14.80 146.19 11.30
N LYS YA 189 14.79 146.04 12.62
CA LYS YA 189 13.78 145.22 13.28
C LYS YA 189 13.70 145.67 14.73
N LEU YA 190 12.55 146.20 15.14
CA LEU YA 190 12.34 146.70 16.49
C LEU YA 190 11.35 145.80 17.21
N ASP YA 191 11.84 145.04 18.19
CA ASP YA 191 10.98 144.24 19.05
C ASP YA 191 10.52 145.07 20.23
N GLN YA 192 9.34 144.76 20.74
CA GLN YA 192 8.84 145.39 21.95
C GLN YA 192 7.95 144.40 22.68
N ALA YA 193 8.49 143.76 23.71
CA ALA YA 193 7.77 142.81 24.53
C ALA YA 193 7.12 143.53 25.69
N ASP YA 194 5.89 143.17 26.01
CA ASP YA 194 5.14 143.82 27.07
C ASP YA 194 5.32 143.02 28.35
N VAL YA 195 6.17 143.51 29.23
CA VAL YA 195 6.47 142.85 30.50
C VAL YA 195 5.55 143.44 31.56
N VAL YA 196 5.15 142.61 32.51
CA VAL YA 196 4.26 143.02 33.59
C VAL YA 196 4.71 142.34 34.87
N ASP YA 197 4.47 143.01 36.00
CA ASP YA 197 4.84 142.47 37.30
C ASP YA 197 3.61 142.41 38.20
N CYS YA 198 3.48 141.30 38.92
CA CYS YA 198 2.36 141.07 39.82
C CYS YA 198 2.79 141.09 41.27
N SER YA 199 3.83 141.88 41.59
CA SER YA 199 4.38 141.90 42.94
C SER YA 199 3.46 142.59 43.93
N THR YA 200 2.66 143.55 43.49
CA THR YA 200 1.71 144.18 44.39
C THR YA 200 0.46 143.31 44.58
N SER YA 201 0.26 142.34 43.71
CA SER YA 201 -0.88 141.44 43.79
C SER YA 201 -0.52 140.08 44.40
N VAL YA 202 0.51 139.43 43.87
CA VAL YA 202 0.90 138.09 44.29
C VAL YA 202 2.29 138.16 44.89
N CYS YA 203 2.51 137.44 45.99
CA CYS YA 203 3.83 137.34 46.60
C CYS YA 203 4.82 136.62 45.69
N GLY YA 204 6.05 137.11 45.70
CA GLY YA 204 7.16 136.40 45.08
C GLY YA 204 7.10 136.27 43.58
N GLU YA 205 6.48 137.23 42.90
CA GLU YA 205 6.25 137.16 41.46
C GLU YA 205 7.31 137.98 40.75
N LEU YA 206 8.13 137.32 39.96
CA LEU YA 206 9.09 137.98 39.10
C LEU YA 206 8.41 138.36 37.80
N PRO YA 207 8.88 139.42 37.12
CA PRO YA 207 8.22 139.87 35.90
C PRO YA 207 8.35 138.87 34.75
N LYS YA 208 7.34 138.89 33.88
CA LYS YA 208 7.30 137.99 32.73
C LYS YA 208 6.64 138.73 31.57
N VAL YA 209 6.80 138.18 30.37
CA VAL YA 209 6.32 138.82 29.16
C VAL YA 209 4.99 138.21 28.76
N ARG YA 210 4.06 139.07 28.32
CA ARG YA 210 2.80 138.61 27.78
C ARG YA 210 2.94 138.22 26.32
N TYR YA 211 3.30 139.18 25.48
CA TYR YA 211 3.40 139.00 24.04
C TYR YA 211 4.60 139.78 23.52
N THR YA 212 4.72 139.86 22.20
CA THR YA 212 5.72 140.72 21.58
C THR YA 212 5.15 141.29 20.30
N GLN YA 213 5.64 142.47 19.92
CA GLN YA 213 5.14 143.18 18.75
C GLN YA 213 6.32 143.77 17.98
N VAL YA 214 6.43 143.39 16.72
CA VAL YA 214 7.60 143.67 15.90
C VAL YA 214 7.21 144.66 14.80
N TRP YA 215 8.12 145.59 14.51
CA TRP YA 215 8.00 146.45 13.32
C TRP YA 215 9.32 146.31 12.56
N SER YA 216 9.30 145.48 11.52
CA SER YA 216 10.48 145.28 10.69
C SER YA 216 10.53 146.30 9.57
N HIS YA 217 11.72 146.44 8.99
CA HIS YA 217 11.92 147.25 7.80
C HIS YA 217 12.74 146.44 6.81
N ASP YA 218 12.60 146.75 5.53
CA ASP YA 218 13.37 146.05 4.49
C ASP YA 218 13.59 147.04 3.35
N VAL YA 219 14.73 147.73 3.39
CA VAL YA 219 15.07 148.74 2.41
C VAL YA 219 15.97 148.11 1.36
N THR YA 220 15.66 148.34 0.09
CA THR YA 220 16.47 147.87 -1.03
C THR YA 220 17.07 149.08 -1.72
N ILE YA 221 18.39 149.12 -1.82
CA ILE YA 221 19.12 150.24 -2.39
C ILE YA 221 20.05 149.70 -3.46
N VAL YA 222 19.87 150.16 -4.69
CA VAL YA 222 20.76 149.74 -5.76
C VAL YA 222 22.04 150.54 -5.69
N ALA YA 223 23.11 150.00 -6.27
CA ALA YA 223 24.45 150.52 -6.02
C ALA YA 223 24.75 151.78 -6.80
N ASN YA 224 24.35 151.83 -8.08
CA ASN YA 224 24.67 152.95 -8.95
C ASN YA 224 23.60 154.02 -8.95
N SER YA 225 22.83 154.14 -7.87
CA SER YA 225 21.75 155.11 -7.81
C SER YA 225 22.29 156.52 -7.57
N THR YA 226 21.41 157.49 -7.73
CA THR YA 226 21.68 158.87 -7.39
C THR YA 226 21.47 159.04 -5.90
N GLU YA 227 22.27 159.90 -5.27
CA GLU YA 227 22.05 160.22 -3.86
C GLU YA 227 20.76 160.99 -3.66
N ALA YA 228 20.30 161.72 -4.68
CA ALA YA 228 19.03 162.42 -4.59
C ALA YA 228 17.84 161.47 -4.65
N SER YA 229 18.02 160.25 -5.16
CA SER YA 229 16.93 159.28 -5.17
C SER YA 229 16.90 158.47 -3.89
N ARG YA 230 18.05 158.29 -3.23
CA ARG YA 230 18.05 157.70 -1.91
C ARG YA 230 17.51 158.65 -0.87
N LYS YA 231 17.70 159.95 -1.08
CA LYS YA 231 17.16 160.95 -0.15
C LYS YA 231 15.65 161.04 -0.24
N SER YA 232 15.10 160.98 -1.46
CA SER YA 232 13.66 161.09 -1.63
C SER YA 232 12.95 159.82 -1.20
N LEU YA 233 13.62 158.67 -1.25
CA LEU YA 233 13.03 157.45 -0.72
C LEU YA 233 12.94 157.49 0.79
N TYR YA 234 13.94 158.07 1.45
CA TYR YA 234 13.88 158.21 2.90
C TYR YA 234 12.86 159.25 3.30
N ASP YA 235 12.79 160.36 2.57
CA ASP YA 235 11.86 161.44 2.86
C ASP YA 235 10.41 161.04 2.66
N LEU YA 236 10.12 160.11 1.74
CA LEU YA 236 8.75 159.66 1.56
C LEU YA 236 8.36 158.67 2.65
N THR YA 237 9.30 157.83 3.10
CA THR YA 237 8.99 156.89 4.17
C THR YA 237 8.96 157.58 5.53
N LYS YA 238 9.77 158.61 5.72
CA LYS YA 238 9.68 159.43 6.94
C LYS YA 238 8.35 160.16 7.00
N SER YA 239 7.83 160.58 5.84
CA SER YA 239 6.55 161.26 5.80
C SER YA 239 5.37 160.29 5.74
N LEU YA 240 5.62 159.02 5.40
CA LEU YA 240 4.54 158.04 5.39
C LEU YA 240 4.18 157.62 6.81
N VAL YA 241 5.18 157.30 7.62
CA VAL YA 241 4.95 156.86 8.99
C VAL YA 241 4.39 158.00 9.84
N ALA YA 242 4.74 159.24 9.53
CA ALA YA 242 4.26 160.38 10.30
C ALA YA 242 2.82 160.76 10.00
N THR YA 243 2.17 160.12 9.03
CA THR YA 243 0.78 160.45 8.72
C THR YA 243 -0.15 159.82 9.74
N SER YA 244 -1.37 160.36 9.80
CA SER YA 244 -2.39 159.84 10.70
C SER YA 244 -3.15 158.67 10.10
N GLN YA 245 -2.86 158.29 8.86
CA GLN YA 245 -3.51 157.13 8.27
C GLN YA 245 -2.78 155.85 8.64
N VAL YA 246 -1.45 155.90 8.69
CA VAL YA 246 -0.66 154.75 9.16
C VAL YA 246 -0.70 154.65 10.67
N GLU YA 247 -1.00 155.75 11.37
CA GLU YA 247 -1.20 155.68 12.81
C GLU YA 247 -2.41 154.83 13.16
N ASP YA 248 -3.54 155.08 12.49
CA ASP YA 248 -4.74 154.30 12.72
C ASP YA 248 -4.68 152.91 12.11
N LEU YA 249 -3.78 152.68 11.15
CA LEU YA 249 -3.64 151.35 10.58
C LEU YA 249 -2.96 150.40 11.55
N VAL YA 250 -2.07 150.90 12.39
CA VAL YA 250 -1.39 150.06 13.36
C VAL YA 250 -2.13 150.05 14.70
N VAL YA 251 -2.64 151.20 15.13
CA VAL YA 251 -3.32 151.27 16.42
C VAL YA 251 -4.72 150.67 16.33
N ASN YA 252 -5.51 151.07 15.34
CA ASN YA 252 -6.91 150.68 15.27
C ASN YA 252 -7.27 149.83 14.06
N LEU YA 253 -6.29 149.42 13.24
CA LEU YA 253 -6.46 148.55 12.07
C LEU YA 253 -7.39 149.16 11.02
N VAL YA 254 -7.48 150.48 10.94
CA VAL YA 254 -8.28 151.15 9.93
C VAL YA 254 -7.49 151.17 8.62
N PRO YA 255 -8.09 150.73 7.50
CA PRO YA 255 -7.34 150.70 6.23
C PRO YA 255 -7.03 152.10 5.70
N LEU YA 256 -6.08 152.15 4.79
CA LEU YA 256 -5.61 153.41 4.25
C LEU YA 256 -6.57 153.95 3.21
N GLY YA 257 -6.48 155.26 2.98
CA GLY YA 257 -7.29 155.90 1.96
C GLY YA 257 -8.44 156.71 2.51
N ARG YA 258 -8.42 158.03 2.28
CA ARG YA 258 -9.48 158.90 2.73
C ARG YA 258 -9.94 159.82 1.61
N SER ZA 1 66.28 144.03 -26.37
CA SER ZA 1 67.10 142.83 -26.31
C SER ZA 1 67.21 142.18 -27.68
N LYS ZA 2 66.39 141.15 -27.91
CA LYS ZA 2 66.37 140.42 -29.17
C LYS ZA 2 65.30 141.00 -30.08
N THR ZA 3 65.71 141.51 -31.22
CA THR ZA 3 64.84 142.31 -32.07
C THR ZA 3 64.87 141.85 -33.52
N ILE ZA 4 63.72 142.00 -34.19
CA ILE ZA 4 63.62 141.99 -35.64
C ILE ZA 4 63.06 143.35 -36.05
N VAL ZA 5 63.69 143.99 -37.03
CA VAL ZA 5 63.19 145.24 -37.58
C VAL ZA 5 62.55 144.93 -38.93
N LEU ZA 6 61.47 145.65 -39.23
CA LEU ZA 6 60.72 145.48 -40.47
C LEU ZA 6 60.57 146.86 -41.11
N SER ZA 7 61.36 147.13 -42.14
CA SER ZA 7 61.30 148.41 -42.82
C SER ZA 7 60.17 148.41 -43.84
N VAL ZA 8 59.31 149.43 -43.76
CA VAL ZA 8 58.15 149.53 -44.63
C VAL ZA 8 58.40 150.74 -45.53
N GLY ZA 9 59.67 150.93 -45.86
CA GLY ZA 9 60.11 152.13 -46.56
C GLY ZA 9 61.19 152.82 -45.76
N GLU ZA 10 60.85 153.99 -45.21
CA GLU ZA 10 61.73 154.67 -44.26
C GLU ZA 10 61.30 154.46 -42.82
N ALA ZA 11 60.09 153.97 -42.58
CA ALA ZA 11 59.63 153.70 -41.22
C ALA ZA 11 59.95 152.27 -40.84
N THR ZA 12 60.62 152.09 -39.71
CA THR ZA 12 61.00 150.77 -39.21
C THR ZA 12 60.15 150.46 -37.99
N ARG ZA 13 59.56 149.27 -37.96
CA ARG ZA 13 58.73 148.82 -36.85
C ARG ZA 13 59.45 147.66 -36.19
N THR ZA 14 60.22 147.95 -35.14
CA THR ZA 14 61.04 146.95 -34.48
C THR ZA 14 60.21 146.13 -33.50
N LEU ZA 15 60.26 144.83 -33.64
CA LEU ZA 15 59.61 143.88 -32.74
C LEU ZA 15 60.60 143.46 -31.67
N THR ZA 16 60.08 143.17 -30.47
CA THR ZA 16 60.93 142.67 -29.40
C THR ZA 16 60.41 141.31 -28.94
N GLU ZA 17 61.34 140.46 -28.52
CA GLU ZA 17 60.99 139.12 -28.05
C GLU ZA 17 60.42 139.21 -26.64
N ILE ZA 18 59.26 138.57 -26.44
CA ILE ZA 18 58.59 138.60 -25.15
C ILE ZA 18 58.46 137.22 -24.52
N GLN ZA 19 58.71 136.14 -25.25
CA GLN ZA 19 58.54 134.80 -24.74
C GLN ZA 19 59.39 133.85 -25.56
N SER ZA 20 59.98 132.86 -24.89
CA SER ZA 20 60.85 131.91 -25.58
C SER ZA 20 60.69 130.55 -24.90
N THR ZA 21 59.99 129.64 -25.57
CA THR ZA 21 59.83 128.27 -25.12
C THR ZA 21 61.02 127.49 -25.71
N ALA ZA 22 60.97 126.15 -25.71
CA ALA ZA 22 62.00 125.34 -26.34
C ALA ZA 22 62.08 125.61 -27.84
N ASP ZA 23 60.95 125.55 -28.53
CA ASP ZA 23 60.88 125.81 -29.97
C ASP ZA 23 60.13 127.08 -30.30
N ARG ZA 24 59.01 127.35 -29.65
CA ARG ZA 24 58.20 128.52 -29.96
C ARG ZA 24 58.88 129.79 -29.45
N GLN ZA 25 58.64 130.89 -30.15
CA GLN ZA 25 59.38 132.13 -29.90
C GLN ZA 25 58.48 133.29 -30.33
N ILE ZA 26 57.95 134.02 -29.36
CA ILE ZA 26 56.93 135.04 -29.59
C ILE ZA 26 57.57 136.42 -29.55
N PHE ZA 27 57.40 137.18 -30.62
CA PHE ZA 27 57.84 138.56 -30.72
C PHE ZA 27 56.63 139.48 -30.60
N GLU ZA 28 56.90 140.75 -30.31
CA GLU ZA 28 55.84 141.74 -30.14
C GLU ZA 28 56.42 143.13 -30.29
N GLU ZA 29 55.60 144.05 -30.77
CA GLU ZA 29 55.97 145.46 -30.85
C GLU ZA 29 55.55 146.16 -29.58
N LYS ZA 30 56.51 146.83 -28.93
CA LYS ZA 30 56.29 147.41 -27.61
C LYS ZA 30 55.79 148.85 -27.64
N VAL ZA 31 55.21 149.30 -28.76
CA VAL ZA 31 54.74 150.67 -28.84
C VAL ZA 31 53.22 150.70 -28.78
N GLY ZA 32 52.69 151.56 -27.92
CA GLY ZA 32 51.27 151.81 -27.87
C GLY ZA 32 50.58 151.12 -26.71
N PRO ZA 33 49.25 150.99 -26.79
CA PRO ZA 33 48.50 150.31 -25.72
C PRO ZA 33 48.74 148.80 -25.69
N LEU ZA 34 48.21 148.15 -24.68
CA LEU ZA 34 48.49 146.74 -24.42
C LEU ZA 34 47.54 145.79 -25.11
N VAL ZA 35 46.44 146.27 -25.68
CA VAL ZA 35 45.37 145.36 -26.11
C VAL ZA 35 45.68 144.73 -27.46
N GLY ZA 36 46.16 145.47 -28.44
CA GLY ZA 36 46.48 144.88 -29.73
C GLY ZA 36 47.78 145.38 -30.30
N ARG ZA 37 48.73 144.48 -30.51
CA ARG ZA 37 50.05 144.82 -31.02
C ARG ZA 37 50.41 143.84 -32.12
N LEU ZA 38 51.48 144.16 -32.85
CA LEU ZA 38 52.03 143.20 -33.79
C LEU ZA 38 52.58 141.99 -33.05
N ARG ZA 39 52.43 140.83 -33.68
CA ARG ZA 39 52.81 139.57 -33.08
C ARG ZA 39 53.54 138.75 -34.12
N LEU ZA 40 54.52 137.98 -33.69
CA LEU ZA 40 55.28 137.13 -34.61
C LEU ZA 40 55.65 135.87 -33.84
N THR ZA 41 55.10 134.74 -34.27
CA THR ZA 41 55.25 133.48 -33.55
C THR ZA 41 56.04 132.53 -34.44
N ALA ZA 42 57.36 132.53 -34.27
CA ALA ZA 42 58.19 131.56 -34.96
C ALA ZA 42 58.17 130.22 -34.24
N SER ZA 43 58.49 129.17 -34.99
CA SER ZA 43 58.59 127.82 -34.45
C SER ZA 43 59.56 127.03 -35.29
N LEU ZA 44 59.99 125.88 -34.76
CA LEU ZA 44 60.89 125.00 -35.47
C LEU ZA 44 60.79 123.62 -34.83
N ARG ZA 45 60.44 122.62 -35.63
CA ARG ZA 45 60.28 121.26 -35.13
C ARG ZA 45 61.05 120.31 -36.04
N GLN ZA 46 60.96 119.01 -35.76
CA GLN ZA 46 61.37 118.00 -36.71
C GLN ZA 46 60.44 116.80 -36.54
N ASN ZA 47 59.62 116.55 -37.56
CA ASN ZA 47 58.57 115.56 -37.48
C ASN ZA 47 59.07 114.19 -37.90
N GLY ZA 48 58.61 113.17 -37.17
CA GLY ZA 48 58.90 111.80 -37.52
C GLY ZA 48 60.25 111.31 -37.07
N ALA ZA 49 60.98 110.66 -37.97
CA ALA ZA 49 62.26 110.04 -37.64
C ALA ZA 49 63.42 110.98 -37.99
N LYS ZA 50 63.31 112.21 -37.48
CA LYS ZA 50 64.37 113.23 -37.50
C LYS ZA 50 64.82 113.59 -38.91
N THR ZA 51 63.91 113.51 -39.88
CA THR ZA 51 64.28 113.64 -41.28
C THR ZA 51 63.80 114.91 -41.95
N ALA ZA 52 62.86 115.64 -41.36
CA ALA ZA 52 62.31 116.83 -42.01
C ALA ZA 52 61.97 117.86 -40.95
N TYR ZA 53 62.50 119.06 -41.11
CA TYR ZA 53 62.19 120.17 -40.21
C TYR ZA 53 60.92 120.89 -40.66
N ARG ZA 54 60.40 121.75 -39.79
CA ARG ZA 54 59.14 122.42 -40.05
C ARG ZA 54 59.19 123.80 -39.40
N VAL ZA 55 59.43 124.82 -40.21
CA VAL ZA 55 59.39 126.20 -39.75
C VAL ZA 55 57.96 126.71 -39.86
N ASN ZA 56 57.56 127.58 -38.94
CA ASN ZA 56 56.18 128.06 -38.91
C ASN ZA 56 56.17 129.48 -38.35
N LEU ZA 57 56.14 130.47 -39.24
CA LEU ZA 57 55.95 131.85 -38.86
C LEU ZA 57 54.48 132.21 -38.90
N LYS ZA 58 54.11 133.23 -38.13
CA LYS ZA 58 52.72 133.68 -38.07
C LYS ZA 58 52.73 135.13 -37.61
N LEU ZA 59 52.44 136.05 -38.53
CA LEU ZA 59 52.42 137.47 -38.24
C LEU ZA 59 50.97 137.93 -38.06
N ASP ZA 60 50.61 138.26 -36.83
CA ASP ZA 60 49.29 138.80 -36.55
C ASP ZA 60 49.30 140.31 -36.70
N GLN ZA 61 48.12 140.88 -36.96
CA GLN ZA 61 47.98 142.32 -37.02
C GLN ZA 61 46.55 142.68 -36.67
N ALA ZA 62 46.35 143.25 -35.49
CA ALA ZA 62 45.04 143.65 -35.01
C ALA ZA 62 44.82 145.13 -35.31
N ASP ZA 63 43.58 145.48 -35.67
CA ASP ZA 63 43.23 146.86 -35.99
C ASP ZA 63 42.61 147.48 -34.75
N VAL ZA 64 43.39 148.26 -34.03
CA VAL ZA 64 42.97 148.87 -32.78
C VAL ZA 64 42.51 150.29 -33.04
N VAL ZA 65 41.30 150.61 -32.58
CA VAL ZA 65 40.76 151.96 -32.65
C VAL ZA 65 40.56 152.46 -31.22
N ASP ZA 66 40.81 153.74 -30.99
CA ASP ZA 66 40.68 154.34 -29.68
C ASP ZA 66 39.69 155.51 -29.80
N CYS ZA 67 38.47 155.30 -29.32
CA CYS ZA 67 37.39 156.27 -29.47
C CYS ZA 67 37.05 156.88 -28.12
N SER ZA 68 38.08 157.17 -27.33
CA SER ZA 68 37.84 157.77 -26.02
C SER ZA 68 37.54 159.26 -26.11
N THR ZA 69 37.99 159.93 -27.16
CA THR ZA 69 37.75 161.37 -27.28
C THR ZA 69 36.38 161.65 -27.89
N SER ZA 70 35.97 160.85 -28.86
CA SER ZA 70 34.68 161.04 -29.49
C SER ZA 70 33.55 160.56 -28.58
N VAL ZA 71 33.54 159.26 -28.29
CA VAL ZA 71 32.58 158.69 -27.34
C VAL ZA 71 33.21 158.80 -25.95
N CYS ZA 72 32.48 159.40 -25.02
CA CYS ZA 72 33.02 159.60 -23.69
C CYS ZA 72 32.95 158.30 -22.90
N GLY ZA 73 34.07 157.89 -22.33
CA GLY ZA 73 34.10 156.81 -21.38
C GLY ZA 73 34.29 155.41 -21.93
N GLU ZA 74 35.03 155.25 -23.01
CA GLU ZA 74 35.36 153.91 -23.49
C GLU ZA 74 36.83 153.82 -23.86
N LEU ZA 75 37.29 152.57 -24.00
CA LEU ZA 75 38.69 152.19 -24.03
C LEU ZA 75 39.11 151.80 -25.44
N PRO ZA 76 40.41 151.63 -25.73
CA PRO ZA 76 40.80 151.04 -27.00
C PRO ZA 76 40.31 149.61 -27.14
N LYS ZA 77 40.13 149.19 -28.40
CA LYS ZA 77 39.35 148.01 -28.70
C LYS ZA 77 39.78 147.46 -30.05
N VAL ZA 78 39.92 146.14 -30.13
CA VAL ZA 78 40.36 145.47 -31.35
C VAL ZA 78 39.16 145.27 -32.26
N ARG ZA 79 39.21 145.87 -33.46
CA ARG ZA 79 38.16 145.67 -34.44
C ARG ZA 79 38.21 144.27 -35.02
N TYR ZA 80 39.32 143.92 -35.67
CA TYR ZA 80 39.48 142.64 -36.32
C TYR ZA 80 40.94 142.22 -36.26
N THR ZA 81 41.25 141.05 -36.79
CA THR ZA 81 42.60 140.52 -36.81
C THR ZA 81 42.86 139.86 -38.16
N GLN ZA 82 43.96 140.24 -38.80
CA GLN ZA 82 44.37 139.68 -40.08
C GLN ZA 82 45.75 139.07 -39.92
N VAL ZA 83 45.88 137.79 -40.25
CA VAL ZA 83 47.12 137.07 -40.06
C VAL ZA 83 47.75 136.76 -41.41
N TRP ZA 84 49.02 136.35 -41.39
CA TRP ZA 84 49.70 135.82 -42.57
C TRP ZA 84 50.66 134.76 -42.04
N SER ZA 85 50.24 133.50 -42.07
CA SER ZA 85 51.09 132.43 -41.59
C SER ZA 85 52.01 131.94 -42.69
N HIS ZA 86 53.02 131.17 -42.30
CA HIS ZA 86 53.89 130.48 -43.22
C HIS ZA 86 54.06 129.06 -42.71
N ASP ZA 87 54.47 128.16 -43.60
CA ASP ZA 87 54.72 126.76 -43.23
C ASP ZA 87 55.77 126.21 -44.20
N VAL ZA 88 57.01 126.19 -43.76
CA VAL ZA 88 58.11 125.72 -44.58
C VAL ZA 88 58.46 124.30 -44.17
N THR ZA 89 58.69 123.44 -45.15
CA THR ZA 89 59.15 122.07 -44.91
C THR ZA 89 60.54 121.92 -45.51
N ILE ZA 90 61.52 121.64 -44.66
CA ILE ZA 90 62.90 121.46 -45.09
C ILE ZA 90 63.31 120.05 -44.71
N VAL ZA 91 63.84 119.30 -45.67
CA VAL ZA 91 64.34 117.97 -45.37
C VAL ZA 91 65.76 118.06 -44.85
N ALA ZA 92 66.13 117.11 -43.98
CA ALA ZA 92 67.37 117.24 -43.22
C ALA ZA 92 68.60 116.99 -44.07
N ASN ZA 93 68.57 116.01 -44.97
CA ASN ZA 93 69.73 115.67 -45.79
C ASN ZA 93 69.77 116.45 -47.09
N SER ZA 94 69.17 117.63 -47.12
CA SER ZA 94 69.16 118.46 -48.32
C SER ZA 94 70.53 119.09 -48.55
N THR ZA 95 70.71 119.62 -49.76
CA THR ZA 95 71.84 120.48 -50.06
C THR ZA 95 71.46 121.92 -49.76
N GLU ZA 96 72.47 122.77 -49.60
CA GLU ZA 96 72.22 124.14 -49.19
C GLU ZA 96 71.61 124.96 -50.30
N ALA ZA 97 71.99 124.69 -51.56
CA ALA ZA 97 71.49 125.48 -52.67
C ALA ZA 97 70.05 125.16 -53.03
N SER ZA 98 69.50 124.04 -52.54
CA SER ZA 98 68.11 123.75 -52.78
C SER ZA 98 67.20 124.60 -51.89
N ARG ZA 99 67.55 124.69 -50.61
CA ARG ZA 99 66.75 125.48 -49.68
C ARG ZA 99 67.12 126.95 -49.69
N LYS ZA 100 68.25 127.30 -50.30
CA LYS ZA 100 68.50 128.72 -50.59
C LYS ZA 100 67.65 129.19 -51.76
N SER ZA 101 67.50 128.34 -52.78
CA SER ZA 101 66.72 128.74 -53.95
C SER ZA 101 65.23 128.72 -53.66
N LEU ZA 102 64.81 127.89 -52.70
CA LEU ZA 102 63.41 127.91 -52.28
C LEU ZA 102 63.08 129.19 -51.55
N TYR ZA 103 64.03 129.72 -50.78
CA TYR ZA 103 63.84 131.02 -50.14
C TYR ZA 103 63.88 132.14 -51.17
N ASP ZA 104 64.74 132.01 -52.18
CA ASP ZA 104 64.86 133.04 -53.21
C ASP ZA 104 63.63 133.15 -54.09
N LEU ZA 105 62.90 132.06 -54.29
CA LEU ZA 105 61.67 132.13 -55.06
C LEU ZA 105 60.54 132.73 -54.24
N THR ZA 106 60.44 132.35 -52.96
CA THR ZA 106 59.38 132.87 -52.11
C THR ZA 106 59.59 134.33 -51.75
N LYS ZA 107 60.86 134.77 -51.67
CA LYS ZA 107 61.15 136.19 -51.49
C LYS ZA 107 60.69 136.99 -52.70
N SER ZA 108 60.85 136.43 -53.89
CA SER ZA 108 60.42 137.10 -55.11
C SER ZA 108 58.97 136.83 -55.44
N LEU ZA 109 58.36 135.82 -54.83
CA LEU ZA 109 56.93 135.59 -55.04
C LEU ZA 109 56.10 136.62 -54.29
N VAL ZA 110 56.47 136.91 -53.04
CA VAL ZA 110 55.74 137.90 -52.27
C VAL ZA 110 55.99 139.30 -52.82
N ALA ZA 111 57.20 139.56 -53.31
CA ALA ZA 111 57.57 140.90 -53.74
C ALA ZA 111 57.00 141.32 -55.08
N THR ZA 112 56.29 140.42 -55.79
CA THR ZA 112 55.74 140.79 -57.08
C THR ZA 112 54.42 141.55 -56.89
N SER ZA 113 53.95 142.16 -57.97
CA SER ZA 113 52.75 142.97 -57.91
C SER ZA 113 51.48 142.19 -58.22
N GLN ZA 114 51.57 140.87 -58.37
CA GLN ZA 114 50.37 140.07 -58.58
C GLN ZA 114 49.86 139.46 -57.28
N VAL ZA 115 50.77 139.16 -56.35
CA VAL ZA 115 50.36 138.72 -55.02
C VAL ZA 115 49.97 139.91 -54.16
N GLU ZA 116 50.41 141.11 -54.55
CA GLU ZA 116 49.92 142.32 -53.88
C GLU ZA 116 48.44 142.52 -54.12
N ASP ZA 117 47.99 142.40 -55.37
CA ASP ZA 117 46.57 142.56 -55.67
C ASP ZA 117 45.74 141.38 -55.21
N LEU ZA 118 46.37 140.24 -54.93
CA LEU ZA 118 45.62 139.09 -54.43
C LEU ZA 118 45.27 139.25 -52.95
N VAL ZA 119 46.09 139.95 -52.19
CA VAL ZA 119 45.85 140.12 -50.76
C VAL ZA 119 45.10 141.42 -50.53
N VAL ZA 120 45.50 142.49 -51.23
CA VAL ZA 120 44.87 143.78 -51.03
C VAL ZA 120 43.52 143.84 -51.71
N ASN ZA 121 43.47 143.50 -53.01
CA ASN ZA 121 42.27 143.72 -53.82
C ASN ZA 121 41.60 142.43 -54.26
N LEU ZA 122 42.09 141.28 -53.83
CA LEU ZA 122 41.49 139.95 -54.03
C LEU ZA 122 41.40 139.55 -55.50
N VAL ZA 123 42.29 140.06 -56.35
CA VAL ZA 123 42.33 139.68 -57.75
C VAL ZA 123 43.17 138.41 -57.90
N PRO ZA 124 42.71 137.40 -58.63
CA PRO ZA 124 43.49 136.16 -58.76
C PRO ZA 124 44.76 136.35 -59.56
N LEU ZA 125 45.62 135.33 -59.49
CA LEU ZA 125 46.95 135.40 -60.05
C LEU ZA 125 46.93 135.14 -61.55
N GLY ZA 126 48.02 135.52 -62.21
CA GLY ZA 126 48.17 135.28 -63.64
C GLY ZA 126 47.73 136.45 -64.48
N ARG ZA 127 48.60 136.90 -65.39
CA ARG ZA 127 48.30 137.97 -66.31
C ARG ZA 127 48.73 137.55 -67.71
N ALA ZA 128 47.79 137.52 -68.65
CA ALA ZA 128 48.04 137.04 -70.00
C ALA ZA 128 48.46 138.20 -70.89
N TYR ZA 129 49.76 138.31 -71.16
CA TYR ZA 129 50.27 139.23 -72.18
C TYR ZA 129 51.18 138.42 -73.10
N GLY ZA 130 50.69 138.20 -74.32
CA GLY ZA 130 51.43 137.43 -75.31
C GLY ZA 130 51.43 135.94 -75.04
N GLY ZA 131 50.25 135.32 -74.99
CA GLY ZA 131 50.16 133.90 -74.75
C GLY ZA 131 49.17 133.53 -73.66
N SER ZA 132 49.65 132.89 -72.60
CA SER ZA 132 48.81 132.53 -71.47
C SER ZA 132 49.18 133.39 -70.27
N LYS ZA 133 48.53 133.09 -69.14
CA LYS ZA 133 48.72 133.87 -67.92
C LYS ZA 133 49.94 133.37 -67.17
N THR ZA 134 50.90 134.27 -66.93
CA THR ZA 134 52.20 133.90 -66.37
C THR ZA 134 52.52 134.73 -65.15
N ILE ZA 135 53.34 134.16 -64.26
CA ILE ZA 135 54.01 134.88 -63.19
C ILE ZA 135 55.50 134.73 -63.40
N VAL ZA 136 56.24 135.83 -63.36
CA VAL ZA 136 57.68 135.81 -63.47
C VAL ZA 136 58.27 135.92 -62.06
N LEU ZA 137 59.28 135.12 -61.78
CA LEU ZA 137 59.92 135.07 -60.46
C LEU ZA 137 61.42 135.27 -60.67
N SER ZA 138 61.85 136.53 -60.69
CA SER ZA 138 63.26 136.83 -60.86
C SER ZA 138 64.01 136.57 -59.56
N VAL ZA 139 65.09 135.79 -59.67
CA VAL ZA 139 65.90 135.43 -58.51
C VAL ZA 139 67.22 136.17 -58.61
N GLY ZA 140 67.18 137.37 -59.18
CA GLY ZA 140 68.36 138.08 -59.61
C GLY ZA 140 68.14 138.60 -61.02
N GLU ZA 141 68.91 138.10 -61.97
CA GLU ZA 141 68.62 138.37 -63.38
C GLU ZA 141 67.90 137.22 -64.07
N ALA ZA 142 68.02 136.00 -63.56
CA ALA ZA 142 67.32 134.85 -64.13
C ALA ZA 142 65.86 134.88 -63.70
N THR ZA 143 64.96 134.77 -64.67
CA THR ZA 143 63.52 134.84 -64.44
C THR ZA 143 62.90 133.49 -64.71
N ARG ZA 144 62.51 132.79 -63.66
CA ARG ZA 144 61.82 131.51 -63.77
C ARG ZA 144 60.34 131.80 -63.97
N THR ZA 145 59.88 131.69 -65.21
CA THR ZA 145 58.52 132.07 -65.58
C THR ZA 145 57.60 130.86 -65.48
N LEU ZA 146 56.67 130.90 -64.54
CA LEU ZA 146 55.63 129.89 -64.42
C LEU ZA 146 54.48 130.22 -65.36
N THR ZA 147 53.84 129.18 -65.88
CA THR ZA 147 52.66 129.34 -66.73
C THR ZA 147 51.49 128.62 -66.08
N GLU ZA 148 50.29 129.17 -66.25
CA GLU ZA 148 49.10 128.57 -65.67
C GLU ZA 148 48.68 127.35 -66.47
N ILE ZA 149 48.52 126.22 -65.78
CA ILE ZA 149 48.07 124.99 -66.42
C ILE ZA 149 46.66 124.61 -66.04
N GLN ZA 150 46.06 125.26 -65.05
CA GLN ZA 150 44.75 124.83 -64.58
C GLN ZA 150 44.07 126.02 -63.90
N SER ZA 151 42.75 126.06 -63.99
CA SER ZA 151 41.93 127.07 -63.33
C SER ZA 151 40.64 126.38 -62.90
N THR ZA 152 40.59 125.96 -61.64
CA THR ZA 152 39.43 125.28 -61.08
C THR ZA 152 38.47 126.36 -60.57
N ALA ZA 153 37.49 125.99 -59.74
CA ALA ZA 153 36.54 126.96 -59.20
C ALA ZA 153 37.23 127.99 -58.30
N ASP ZA 154 38.04 127.52 -57.35
CA ASP ZA 154 38.85 128.40 -56.51
C ASP ZA 154 40.35 128.19 -56.73
N ARG ZA 155 40.77 126.94 -56.92
CA ARG ZA 155 42.17 126.59 -57.11
C ARG ZA 155 42.68 127.12 -58.44
N GLN ZA 156 44.00 127.28 -58.52
CA GLN ZA 156 44.64 127.86 -59.71
C GLN ZA 156 46.08 127.37 -59.73
N ILE ZA 157 46.36 126.35 -60.53
CA ILE ZA 157 47.63 125.65 -60.50
C ILE ZA 157 48.55 126.20 -61.57
N PHE ZA 158 49.71 126.70 -61.17
CA PHE ZA 158 50.76 127.17 -62.06
C PHE ZA 158 51.87 126.14 -62.10
N GLU ZA 159 52.69 126.20 -63.15
CA GLU ZA 159 53.78 125.24 -63.32
C GLU ZA 159 54.80 125.81 -64.30
N GLU ZA 160 56.07 125.51 -64.07
CA GLU ZA 160 57.11 125.83 -65.03
C GLU ZA 160 57.24 124.71 -66.04
N LYS ZA 161 57.50 125.09 -67.30
CA LYS ZA 161 57.46 124.14 -68.41
C LYS ZA 161 58.82 123.68 -68.89
N VAL ZA 162 59.90 124.14 -68.27
CA VAL ZA 162 61.24 123.72 -68.67
C VAL ZA 162 61.64 122.47 -67.91
N GLY ZA 163 62.15 121.49 -68.64
CA GLY ZA 163 62.70 120.30 -68.02
C GLY ZA 163 61.77 119.10 -68.06
N PRO ZA 164 62.06 118.09 -67.25
CA PRO ZA 164 61.24 116.87 -67.26
C PRO ZA 164 59.89 117.08 -66.59
N LEU ZA 165 59.03 116.08 -66.76
CA LEU ZA 165 57.70 116.11 -66.19
C LEU ZA 165 57.65 115.69 -64.73
N VAL ZA 166 58.71 115.08 -64.21
CA VAL ZA 166 58.63 114.48 -62.89
C VAL ZA 166 58.77 115.53 -61.79
N GLY ZA 167 59.67 116.49 -61.93
CA GLY ZA 167 59.82 117.52 -60.92
C GLY ZA 167 59.82 118.91 -61.51
N ARG ZA 168 58.82 119.71 -61.14
CA ARG ZA 168 58.67 121.05 -61.69
C ARG ZA 168 58.19 121.98 -60.59
N LEU ZA 169 58.35 123.28 -60.82
CA LEU ZA 169 57.81 124.28 -59.89
C LEU ZA 169 56.29 124.27 -59.94
N ARG ZA 170 55.68 124.67 -58.83
CA ARG ZA 170 54.23 124.60 -58.71
C ARG ZA 170 53.73 125.78 -57.89
N LEU ZA 171 52.45 126.10 -58.09
CA LEU ZA 171 51.78 127.14 -57.31
C LEU ZA 171 50.30 126.80 -57.27
N THR ZA 172 49.83 126.27 -56.15
CA THR ZA 172 48.42 125.96 -55.98
C THR ZA 172 47.80 127.09 -55.17
N ALA ZA 173 47.52 128.21 -55.83
CA ALA ZA 173 46.83 129.31 -55.19
C ALA ZA 173 45.37 128.96 -54.94
N SER ZA 174 44.75 129.67 -54.00
CA SER ZA 174 43.36 129.45 -53.67
C SER ZA 174 42.77 130.74 -53.14
N LEU ZA 175 41.45 130.74 -52.98
CA LEU ZA 175 40.72 131.90 -52.47
C LEU ZA 175 39.33 131.42 -52.05
N ARG ZA 176 38.97 131.66 -50.81
CA ARG ZA 176 37.69 131.19 -50.27
C ARG ZA 176 37.04 132.33 -49.49
N GLN ZA 177 35.85 132.05 -48.96
CA GLN ZA 177 35.26 132.88 -47.91
C GLN ZA 177 34.38 131.97 -47.06
N ASN ZA 178 34.71 131.87 -45.78
CA ASN ZA 178 34.05 130.93 -44.88
C ASN ZA 178 32.78 131.53 -44.29
N GLY ZA 179 31.82 130.65 -44.00
CA GLY ZA 179 30.63 131.00 -43.25
C GLY ZA 179 29.72 131.99 -43.92
N ALA ZA 180 29.36 133.04 -43.19
CA ALA ZA 180 28.43 134.06 -43.70
C ALA ZA 180 29.16 135.23 -44.33
N LYS ZA 181 30.09 134.93 -45.26
CA LYS ZA 181 30.76 135.90 -46.13
C LYS ZA 181 31.52 136.95 -45.33
N THR ZA 182 32.17 136.56 -44.23
CA THR ZA 182 32.76 137.52 -43.32
C THR ZA 182 34.28 137.58 -43.38
N ALA ZA 183 34.95 136.58 -43.95
CA ALA ZA 183 36.40 136.57 -43.97
C ALA ZA 183 36.89 135.74 -45.13
N TYR ZA 184 37.86 136.27 -45.87
CA TYR ZA 184 38.47 135.55 -46.97
C TYR ZA 184 39.64 134.72 -46.47
N ARG ZA 185 40.19 133.88 -47.33
CA ARG ZA 185 41.31 133.02 -46.96
C ARG ZA 185 42.11 132.70 -48.22
N VAL ZA 186 43.25 133.36 -48.37
CA VAL ZA 186 44.16 133.12 -49.49
C VAL ZA 186 45.15 132.05 -49.06
N ASN ZA 187 45.54 131.16 -50.00
CA ASN ZA 187 46.39 130.03 -49.65
C ASN ZA 187 47.30 129.72 -50.84
N LEU ZA 188 48.54 130.19 -50.79
CA LEU ZA 188 49.54 129.84 -51.78
C LEU ZA 188 50.38 128.67 -51.29
N LYS ZA 189 51.03 127.99 -52.24
CA LYS ZA 189 51.84 126.84 -51.93
C LYS ZA 189 52.84 126.61 -53.06
N LEU ZA 190 54.12 126.80 -52.79
CA LEU ZA 190 55.17 126.69 -53.79
C LEU ZA 190 55.97 125.42 -53.52
N ASP ZA 191 55.81 124.42 -54.40
CA ASP ZA 191 56.54 123.18 -54.28
C ASP ZA 191 57.83 123.27 -55.09
N GLN ZA 192 58.89 122.66 -54.58
CA GLN ZA 192 60.16 122.62 -55.29
C GLN ZA 192 60.78 121.25 -55.11
N ALA ZA 193 60.68 120.41 -56.12
CA ALA ZA 193 61.25 119.07 -56.11
C ALA ZA 193 62.64 119.11 -56.72
N ASP ZA 194 63.58 118.45 -56.07
CA ASP ZA 194 64.98 118.43 -56.51
C ASP ZA 194 65.21 117.21 -57.37
N VAL ZA 195 65.21 117.41 -58.69
CA VAL ZA 195 65.40 116.34 -59.65
C VAL ZA 195 66.87 116.28 -60.00
N VAL ZA 196 67.37 115.06 -60.26
CA VAL ZA 196 68.77 114.85 -60.59
C VAL ZA 196 68.83 113.80 -61.71
N ASP ZA 197 69.86 113.90 -62.54
CA ASP ZA 197 70.08 112.95 -63.63
C ASP ZA 197 71.45 112.30 -63.50
N CYS ZA 198 71.48 110.98 -63.65
CA CYS ZA 198 72.70 110.20 -63.53
C CYS ZA 198 73.16 109.68 -64.88
N SER ZA 199 72.78 110.37 -65.96
CA SER ZA 199 73.03 109.90 -67.32
C SER ZA 199 74.50 109.95 -67.71
N THR ZA 200 75.27 110.87 -67.12
CA THR ZA 200 76.70 110.92 -67.41
C THR ZA 200 77.46 109.84 -66.65
N SER ZA 201 76.86 109.28 -65.60
CA SER ZA 201 77.48 108.22 -64.83
C SER ZA 201 76.93 106.84 -65.19
N VAL ZA 202 75.61 106.70 -65.20
CA VAL ZA 202 74.95 105.44 -65.55
C VAL ZA 202 74.09 105.69 -66.77
N CYS ZA 203 74.34 104.95 -67.84
CA CYS ZA 203 73.55 105.10 -69.05
C CYS ZA 203 72.15 104.54 -68.89
N GLY ZA 204 71.23 105.05 -69.71
CA GLY ZA 204 69.84 104.63 -69.65
C GLY ZA 204 69.11 105.08 -68.42
N GLU ZA 205 69.60 106.12 -67.74
CA GLU ZA 205 69.02 106.59 -66.49
C GLU ZA 205 68.18 107.83 -66.76
N LEU ZA 206 66.89 107.71 -66.55
CA LEU ZA 206 65.99 108.85 -66.65
C LEU ZA 206 66.00 109.62 -65.32
N PRO ZA 207 65.71 110.93 -65.36
CA PRO ZA 207 65.75 111.73 -64.13
C PRO ZA 207 64.67 111.33 -63.14
N LYS ZA 208 64.95 111.60 -61.87
CA LYS ZA 208 64.06 111.25 -60.78
C LYS ZA 208 64.24 112.28 -59.66
N VAL ZA 209 63.24 112.35 -58.79
CA VAL ZA 209 63.24 113.32 -57.70
C VAL ZA 209 63.83 112.67 -56.45
N ARG ZA 210 64.56 113.46 -55.67
CA ARG ZA 210 65.12 112.98 -54.42
C ARG ZA 210 64.20 113.28 -53.25
N TYR ZA 211 63.88 114.56 -53.05
CA TYR ZA 211 63.04 115.01 -51.96
C TYR ZA 211 62.14 116.11 -52.47
N THR ZA 212 61.38 116.72 -51.56
CA THR ZA 212 60.58 117.88 -51.91
C THR ZA 212 60.57 118.85 -50.74
N GLN ZA 213 60.46 120.14 -51.05
CA GLN ZA 213 60.46 121.20 -50.06
C GLN ZA 213 59.42 122.23 -50.45
N VAL ZA 214 58.50 122.53 -49.52
CA VAL ZA 214 57.38 123.40 -49.80
C VAL ZA 214 57.54 124.69 -49.01
N TRP ZA 215 56.75 125.69 -49.38
CA TRP ZA 215 56.60 126.91 -48.58
C TRP ZA 215 55.15 127.35 -48.76
N SER ZA 216 54.30 126.95 -47.82
CA SER ZA 216 52.91 127.32 -47.89
C SER ZA 216 52.70 128.71 -47.32
N HIS ZA 217 51.58 129.31 -47.70
CA HIS ZA 217 51.12 130.58 -47.13
C HIS ZA 217 49.68 130.42 -46.71
N ASP ZA 218 49.27 131.21 -45.73
CA ASP ZA 218 47.88 131.15 -45.26
C ASP ZA 218 47.50 132.55 -44.78
N VAL ZA 219 46.91 133.33 -45.69
CA VAL ZA 219 46.51 134.70 -45.42
C VAL ZA 219 45.05 134.69 -45.03
N THR ZA 220 44.72 135.38 -43.95
CA THR ZA 220 43.34 135.55 -43.51
C THR ZA 220 42.99 137.03 -43.62
N ILE ZA 221 41.92 137.34 -44.35
CA ILE ZA 221 41.49 138.70 -44.61
C ILE ZA 221 40.02 138.79 -44.26
N VAL ZA 222 39.67 139.67 -43.32
CA VAL ZA 222 38.26 139.85 -42.99
C VAL ZA 222 37.64 140.82 -43.99
N ALA ZA 223 36.33 140.68 -44.19
CA ALA ZA 223 35.67 141.29 -45.34
C ALA ZA 223 35.47 142.80 -45.17
N ASN ZA 224 35.21 143.26 -43.95
CA ASN ZA 224 34.95 144.67 -43.70
C ASN ZA 224 36.21 145.44 -43.35
N SER ZA 225 37.35 145.04 -43.91
CA SER ZA 225 38.65 145.64 -43.62
C SER ZA 225 38.74 147.06 -44.19
N THR ZA 226 39.82 147.72 -43.82
CA THR ZA 226 40.26 148.92 -44.52
C THR ZA 226 41.29 148.49 -45.54
N GLU ZA 227 41.31 149.16 -46.71
CA GLU ZA 227 42.30 148.82 -47.72
C GLU ZA 227 43.71 149.19 -47.27
N ALA ZA 228 43.84 150.17 -46.37
CA ALA ZA 228 45.14 150.48 -45.79
C ALA ZA 228 45.56 149.45 -44.75
N SER ZA 229 44.65 148.60 -44.29
CA SER ZA 229 45.01 147.55 -43.35
C SER ZA 229 45.48 146.30 -44.07
N ARG ZA 230 44.91 146.01 -45.23
CA ARG ZA 230 45.41 144.91 -46.05
C ARG ZA 230 46.74 145.27 -46.70
N LYS ZA 231 46.96 146.56 -46.97
CA LYS ZA 231 48.21 146.98 -47.57
C LYS ZA 231 49.36 146.90 -46.56
N SER ZA 232 49.10 147.26 -45.31
CA SER ZA 232 50.14 147.20 -44.29
C SER ZA 232 50.47 145.77 -43.89
N LEU ZA 233 49.49 144.87 -43.95
CA LEU ZA 233 49.77 143.46 -43.67
C LEU ZA 233 50.64 142.85 -44.76
N TYR ZA 234 50.39 143.21 -46.01
CA TYR ZA 234 51.23 142.70 -47.11
C TYR ZA 234 52.62 143.31 -47.05
N ASP ZA 235 52.71 144.60 -46.73
CA ASP ZA 235 53.99 145.30 -46.67
C ASP ZA 235 54.87 144.82 -45.53
N LEU ZA 236 54.29 144.33 -44.44
CA LEU ZA 236 55.11 143.77 -43.37
C LEU ZA 236 55.59 142.36 -43.70
N THR ZA 237 54.76 141.57 -44.38
CA THR ZA 237 55.18 140.23 -44.76
C THR ZA 237 56.17 140.27 -45.93
N LYS ZA 238 56.04 141.26 -46.80
CA LYS ZA 238 57.06 141.47 -47.84
C LYS ZA 238 58.39 141.88 -47.22
N SER ZA 239 58.34 142.64 -46.14
CA SER ZA 239 59.55 143.06 -45.45
C SER ZA 239 60.07 142.01 -44.50
N LEU ZA 240 59.21 141.11 -44.02
CA LEU ZA 240 59.67 140.06 -43.12
C LEU ZA 240 60.49 139.01 -43.85
N VAL ZA 241 60.00 138.55 -45.01
CA VAL ZA 241 60.69 137.54 -45.80
C VAL ZA 241 62.00 138.09 -46.35
N ALA ZA 242 62.06 139.38 -46.67
CA ALA ZA 242 63.26 139.98 -47.22
C ALA ZA 242 64.37 140.20 -46.20
N THR ZA 243 64.13 139.96 -44.91
CA THR ZA 243 65.17 140.15 -43.92
C THR ZA 243 66.18 139.02 -43.95
N SER ZA 244 67.33 139.26 -43.33
CA SER ZA 244 68.37 138.25 -43.25
C SER ZA 244 68.19 137.31 -42.07
N GLN ZA 245 67.22 137.58 -41.19
CA GLN ZA 245 66.96 136.67 -40.09
C GLN ZA 245 66.13 135.48 -40.53
N VAL ZA 246 65.17 135.70 -41.44
CA VAL ZA 246 64.36 134.62 -41.98
C VAL ZA 246 65.14 133.85 -43.04
N GLU ZA 247 66.14 134.47 -43.66
CA GLU ZA 247 67.01 133.77 -44.59
C GLU ZA 247 67.82 132.70 -43.87
N ASP ZA 248 68.40 133.04 -42.73
CA ASP ZA 248 69.15 132.06 -41.94
C ASP ZA 248 68.24 131.09 -41.20
N LEU ZA 249 66.97 131.43 -41.00
CA LEU ZA 249 66.04 130.51 -40.37
C LEU ZA 249 65.65 129.38 -41.32
N VAL ZA 250 65.68 129.63 -42.62
CA VAL ZA 250 65.33 128.62 -43.59
C VAL ZA 250 66.57 127.90 -44.12
N VAL ZA 251 67.63 128.65 -44.45
CA VAL ZA 251 68.83 128.04 -45.00
C VAL ZA 251 69.63 127.33 -43.92
N ASN ZA 252 69.81 127.96 -42.75
CA ASN ZA 252 70.70 127.44 -41.73
C ASN ZA 252 70.02 127.14 -40.40
N LEU ZA 253 68.69 127.30 -40.31
CA LEU ZA 253 67.87 127.01 -39.12
C LEU ZA 253 68.29 127.82 -37.90
N VAL ZA 254 68.85 129.01 -38.09
CA VAL ZA 254 69.20 129.87 -36.97
C VAL ZA 254 67.92 130.58 -36.50
N PRO ZA 255 67.61 130.55 -35.21
CA PRO ZA 255 66.37 131.18 -34.74
C PRO ZA 255 66.42 132.70 -34.84
N LEU ZA 256 65.23 133.31 -34.76
CA LEU ZA 256 65.09 134.74 -34.98
C LEU ZA 256 65.52 135.52 -33.74
N GLY ZA 257 65.86 136.79 -33.97
CA GLY ZA 257 66.18 137.67 -32.87
C GLY ZA 257 67.66 137.93 -32.69
N ARG ZA 258 68.07 139.19 -32.81
CA ARG ZA 258 69.45 139.57 -32.59
C ARG ZA 258 69.55 140.85 -31.78
N SER AB 1 36.46 156.15 12.06
CA SER AB 1 36.73 155.21 13.14
C SER AB 1 38.11 154.58 12.96
N LYS AB 2 38.14 153.37 12.39
CA LYS AB 2 39.37 152.62 12.17
C LYS AB 2 39.84 152.85 10.75
N THR AB 3 41.03 153.42 10.59
CA THR AB 3 41.49 153.91 9.30
C THR AB 3 42.87 153.40 8.96
N ILE AB 4 43.11 153.22 7.66
CA ILE AB 4 44.44 153.08 7.09
C ILE AB 4 44.63 154.24 6.12
N VAL AB 5 45.76 154.93 6.23
CA VAL AB 5 46.05 156.09 5.40
C VAL AB 5 47.14 155.70 4.41
N LEU AB 6 46.84 155.80 3.12
CA LEU AB 6 47.76 155.47 2.04
C LEU AB 6 48.17 156.77 1.36
N SER AB 7 49.40 157.22 1.61
CA SER AB 7 49.90 158.44 0.99
C SER AB 7 50.56 158.12 -0.34
N VAL AB 8 50.15 158.83 -1.38
CA VAL AB 8 50.63 158.58 -2.74
C VAL AB 8 51.46 159.82 -3.11
N GLY AB 9 52.17 160.35 -2.11
CA GLY AB 9 52.90 161.58 -2.27
C GLY AB 9 52.41 162.61 -1.28
N GLU AB 10 51.77 163.66 -1.79
CA GLU AB 10 51.09 164.63 -0.93
C GLU AB 10 49.60 164.35 -0.79
N ALA AB 11 49.04 163.51 -1.66
CA ALA AB 11 47.63 163.14 -1.55
C ALA AB 11 47.49 161.86 -0.74
N THR AB 12 46.59 161.87 0.23
CA THR AB 12 46.34 160.73 1.09
C THR AB 12 44.94 160.19 0.82
N ARG AB 13 44.83 158.88 0.66
CA ARG AB 13 43.54 158.22 0.41
C ARG AB 13 43.20 157.39 1.64
N THR AB 14 42.31 157.91 2.47
CA THR AB 14 42.00 157.31 3.76
C THR AB 14 40.90 156.27 3.60
N LEU AB 15 41.25 155.00 3.82
CA LEU AB 15 40.28 153.92 3.86
C LEU AB 15 39.70 153.79 5.26
N THR AB 16 38.42 153.44 5.33
CA THR AB 16 37.77 153.21 6.63
C THR AB 16 37.21 151.80 6.66
N GLU AB 17 37.16 151.24 7.86
CA GLU AB 17 36.69 149.87 8.04
C GLU AB 17 35.17 149.83 7.98
N ILE AB 18 34.64 148.93 7.16
CA ILE AB 18 33.19 148.82 6.99
C ILE AB 18 32.63 147.48 7.46
N GLN AB 19 33.47 146.48 7.72
CA GLN AB 19 33.00 145.16 8.09
C GLN AB 19 34.13 144.42 8.79
N SER AB 20 33.79 143.74 9.88
CA SER AB 20 34.81 143.04 10.67
C SER AB 20 34.23 141.71 11.13
N THR AB 21 34.70 140.63 10.53
CA THR AB 21 34.34 139.28 10.92
C THR AB 21 35.36 138.85 11.98
N ALA AB 22 35.43 137.55 12.31
CA ALA AB 22 36.44 137.06 13.24
C ALA AB 22 37.85 137.28 12.72
N ASP AB 23 38.12 136.84 11.49
CA ASP AB 23 39.41 137.02 10.86
C ASP AB 23 39.38 137.97 9.68
N ARG AB 24 38.36 137.90 8.83
CA ARG AB 24 38.27 138.78 7.68
C ARG AB 24 37.91 140.20 8.13
N GLN AB 25 38.42 141.18 7.36
CA GLN AB 25 38.34 142.57 7.80
C GLN AB 25 38.39 143.44 6.55
N ILE AB 26 37.28 144.08 6.22
CA ILE AB 26 37.10 144.78 4.96
C ILE AB 26 37.16 146.28 5.19
N PHE AB 27 38.08 146.95 4.50
CA PHE AB 27 38.19 148.40 4.50
C PHE AB 27 37.66 148.94 3.18
N GLU AB 28 37.35 150.24 3.17
CA GLU AB 28 36.79 150.88 2.00
C GLU AB 28 37.00 152.38 2.09
N GLU AB 29 37.16 153.01 0.94
CA GLU AB 29 37.26 154.47 0.86
C GLU AB 29 35.87 155.06 0.64
N LYS AB 30 35.46 155.94 1.55
CA LYS AB 30 34.10 156.46 1.57
C LYS AB 30 33.91 157.73 0.73
N VAL AB 31 34.77 157.97 -0.24
CA VAL AB 31 34.66 159.18 -1.06
C VAL AB 31 34.13 158.81 -2.44
N GLY AB 32 33.05 159.45 -2.85
CA GLY AB 32 32.51 159.29 -4.17
C GLY AB 32 31.23 158.49 -4.20
N PRO AB 33 30.86 157.99 -5.39
CA PRO AB 33 29.65 157.16 -5.50
C PRO AB 33 29.78 155.80 -4.85
N LEU AB 34 28.69 155.05 -4.85
CA LEU AB 34 28.62 153.77 -4.15
C LEU AB 34 29.02 152.58 -5.00
N VAL AB 35 29.23 152.76 -6.30
CA VAL AB 35 29.35 151.61 -7.20
C VAL AB 35 30.76 151.04 -7.21
N GLY AB 36 31.79 151.86 -7.29
CA GLY AB 36 33.15 151.35 -7.28
C GLY AB 36 34.06 152.16 -6.38
N ARG AB 37 34.59 151.53 -5.34
CA ARG AB 37 35.46 152.19 -4.39
C ARG AB 37 36.69 151.32 -4.17
N LEU AB 38 37.71 151.91 -3.55
CA LEU AB 38 38.86 151.15 -3.11
C LEU AB 38 38.45 150.15 -2.03
N ARG AB 39 39.12 149.01 -2.05
CA ARG AB 39 38.76 147.91 -1.16
C ARG AB 39 40.05 147.31 -0.61
N LEU AB 40 39.98 146.82 0.61
CA LEU AB 40 41.15 146.21 1.24
C LEU AB 40 40.63 145.12 2.18
N THR AB 41 40.88 143.87 1.81
CA THR AB 41 40.33 142.72 2.54
C THR AB 41 41.49 142.01 3.23
N ALA AB 42 41.74 142.39 4.47
CA ALA AB 42 42.73 141.69 5.27
C ALA AB 42 42.12 140.47 5.94
N SER AB 43 42.96 139.49 6.23
CA SER AB 43 42.53 138.30 6.97
C SER AB 43 43.76 137.69 7.63
N LEU AB 44 43.53 136.75 8.52
CA LEU AB 44 44.60 136.09 9.25
C LEU AB 44 44.06 134.77 9.80
N ARG AB 45 44.71 133.67 9.42
CA ARG AB 45 44.29 132.34 9.83
C ARG AB 45 45.45 131.64 10.50
N GLN AB 46 45.23 130.37 10.86
CA GLN AB 46 46.35 129.47 11.21
C GLN AB 46 45.95 128.07 10.76
N ASN AB 47 46.58 127.60 9.69
CA ASN AB 47 46.20 126.34 9.05
C ASN AB 47 46.96 125.18 9.67
N GLY AB 48 46.26 124.04 9.79
CA GLY AB 48 46.86 122.82 10.27
C GLY AB 48 46.82 122.70 11.78
N ALA AB 49 47.90 122.20 12.37
CA ALA AB 49 47.97 121.97 13.81
C ALA AB 49 48.60 123.16 14.53
N LYS AB 50 48.04 124.35 14.24
CA LYS AB 50 48.36 125.62 14.90
C LYS AB 50 49.84 125.98 14.78
N THR AB 51 50.47 125.67 13.64
CA THR AB 51 51.90 125.84 13.49
C THR AB 51 52.31 126.93 12.52
N ALA AB 52 51.40 127.45 11.69
CA ALA AB 52 51.74 128.44 10.69
C ALA AB 52 50.56 129.35 10.44
N TYR AB 53 50.79 130.65 10.47
CA TYR AB 53 49.76 131.63 10.18
C TYR AB 53 49.73 131.95 8.68
N ARG AB 54 48.69 132.66 8.27
CA ARG AB 54 48.49 132.97 6.86
C ARG AB 54 47.82 134.34 6.75
N VAL AB 55 48.60 135.36 6.49
CA VAL AB 55 48.09 136.70 6.25
C VAL AB 55 47.73 136.82 4.78
N ASN AB 56 46.63 137.50 4.47
CA ASN AB 56 46.13 137.55 3.11
C ASN AB 56 45.49 138.92 2.86
N LEU AB 57 46.26 139.84 2.29
CA LEU AB 57 45.72 141.12 1.87
C LEU AB 57 45.28 141.06 0.42
N LYS AB 58 44.35 141.96 0.07
CA LYS AB 58 43.83 142.02 -1.30
C LYS AB 58 43.30 143.44 -1.51
N LEU AB 59 43.96 144.19 -2.38
CA LEU AB 59 43.59 145.57 -2.66
C LEU AB 59 42.91 145.62 -4.03
N ASP AB 60 41.60 145.82 -4.03
CA ASP AB 60 40.86 145.98 -5.27
C ASP AB 60 40.92 147.43 -5.73
N GLN AB 61 40.68 147.64 -7.02
CA GLN AB 61 40.56 148.99 -7.55
C GLN AB 61 39.69 148.95 -8.80
N ALA AB 62 38.50 149.52 -8.70
CA ALA AB 62 37.57 149.58 -9.82
C ALA AB 62 37.72 150.92 -10.51
N ASP AB 63 37.67 150.91 -11.84
CA ASP AB 63 37.77 152.14 -12.63
C ASP AB 63 36.37 152.55 -13.04
N VAL AB 64 35.81 153.51 -12.32
CA VAL AB 64 34.47 154.00 -12.61
C VAL AB 64 34.56 155.20 -13.54
N VAL AB 65 33.49 155.42 -14.29
CA VAL AB 65 33.36 156.60 -15.14
C VAL AB 65 31.89 157.01 -15.12
N ASP AB 66 31.66 158.32 -14.98
CA ASP AB 66 30.30 158.86 -14.88
C ASP AB 66 30.05 159.64 -16.15
N CYS AB 67 29.26 159.05 -17.05
CA CYS AB 67 29.06 159.58 -18.39
C CYS AB 67 27.68 160.21 -18.52
N SER AB 68 27.19 160.78 -17.41
CA SER AB 68 25.85 161.34 -17.42
C SER AB 68 25.78 162.69 -18.11
N THR AB 69 26.88 163.44 -18.17
CA THR AB 69 26.84 164.76 -18.78
C THR AB 69 26.84 164.66 -20.31
N SER AB 70 27.69 163.79 -20.86
CA SER AB 70 27.73 163.64 -22.32
C SER AB 70 26.55 162.83 -22.82
N VAL AB 71 26.44 161.58 -22.37
CA VAL AB 71 25.31 160.72 -22.73
C VAL AB 71 24.20 160.98 -21.71
N CYS AB 72 23.02 161.34 -22.20
CA CYS AB 72 21.93 161.70 -21.30
C CYS AB 72 21.28 160.45 -20.74
N GLY AB 73 21.14 160.39 -19.43
CA GLY AB 73 20.34 159.39 -18.77
C GLY AB 73 21.03 158.09 -18.42
N GLU AB 74 22.32 158.11 -18.10
CA GLU AB 74 23.00 156.91 -17.67
C GLU AB 74 23.85 157.18 -16.43
N LEU AB 75 24.18 156.11 -15.73
CA LEU AB 75 24.71 156.12 -14.38
C LEU AB 75 26.20 155.77 -14.39
N PRO AB 76 26.94 156.04 -13.31
CA PRO AB 76 28.32 155.54 -13.24
C PRO AB 76 28.38 154.02 -13.20
N LYS AB 77 29.45 153.49 -13.78
CA LYS AB 77 29.59 152.06 -13.97
C LYS AB 77 31.07 151.69 -13.88
N VAL AB 78 31.34 150.44 -13.54
CA VAL AB 78 32.70 149.93 -13.43
C VAL AB 78 33.11 149.35 -14.77
N ARG AB 79 34.17 149.90 -15.36
CA ARG AB 79 34.68 149.35 -16.61
C ARG AB 79 35.49 148.09 -16.37
N TYR AB 80 36.44 148.14 -15.45
CA TYR AB 80 37.30 147.00 -15.16
C TYR AB 80 37.76 147.05 -13.72
N THR AB 81 38.42 145.99 -13.28
CA THR AB 81 38.89 145.85 -11.90
C THR AB 81 40.29 145.25 -11.91
N GLN AB 82 41.21 145.90 -11.20
CA GLN AB 82 42.58 145.44 -11.10
C GLN AB 82 42.93 145.25 -9.63
N VAL AB 83 43.40 144.06 -9.28
CA VAL AB 83 43.67 143.71 -7.90
C VAL AB 83 45.17 143.51 -7.72
N TRP AB 84 45.61 143.54 -6.46
CA TRP AB 84 46.97 143.17 -6.08
C TRP AB 84 46.84 142.43 -4.75
N SER AB 85 46.95 141.12 -4.79
CA SER AB 85 46.82 140.32 -3.58
C SER AB 85 48.19 140.09 -2.95
N HIS AB 86 48.16 139.64 -1.70
CA HIS AB 86 49.34 139.17 -1.00
C HIS AB 86 48.97 137.89 -0.27
N ASP AB 87 49.95 137.04 -0.03
CA ASP AB 87 49.73 135.80 0.71
C ASP AB 87 51.02 135.48 1.47
N VAL AB 88 51.07 135.88 2.72
CA VAL AB 88 52.25 135.72 3.55
C VAL AB 88 52.09 134.45 4.37
N THR AB 89 53.14 133.64 4.45
CA THR AB 89 53.16 132.46 5.30
C THR AB 89 54.18 132.69 6.42
N ILE AB 90 53.70 132.65 7.65
CA ILE AB 90 54.52 132.87 8.83
C ILE AB 90 54.40 131.65 9.73
N VAL AB 91 55.51 130.98 10.00
CA VAL AB 91 55.50 129.88 10.94
C VAL AB 91 55.50 130.41 12.37
N ALA AB 92 54.88 129.65 13.28
CA ALA AB 92 54.51 130.18 14.58
C ALA AB 92 55.71 130.37 15.50
N ASN AB 93 56.71 129.49 15.43
CA ASN AB 93 57.85 129.54 16.33
C ASN AB 93 59.03 130.31 15.74
N SER AB 94 58.75 131.34 14.94
CA SER AB 94 59.79 132.06 14.24
C SER AB 94 60.60 132.94 15.18
N THR AB 95 61.61 133.58 14.60
CA THR AB 95 62.33 134.67 15.24
C THR AB 95 61.74 135.98 14.73
N GLU AB 96 61.76 137.01 15.57
CA GLU AB 96 61.23 138.31 15.16
C GLU AB 96 62.09 138.93 14.06
N ALA AB 97 63.40 138.68 14.09
CA ALA AB 97 64.26 139.16 13.01
C ALA AB 97 64.07 138.38 11.73
N SER AB 98 63.49 137.18 11.80
CA SER AB 98 63.14 136.45 10.59
C SER AB 98 61.91 137.05 9.93
N ARG AB 99 60.93 137.45 10.74
CA ARG AB 99 59.75 138.14 10.22
C ARG AB 99 60.06 139.56 9.78
N LYS AB 100 60.97 140.26 10.46
CA LYS AB 100 61.30 141.63 10.10
C LYS AB 100 62.08 141.67 8.80
N SER AB 101 62.97 140.70 8.59
CA SER AB 101 63.79 140.72 7.37
C SER AB 101 62.98 140.31 6.14
N LEU AB 102 61.98 139.45 6.34
CA LEU AB 102 61.09 139.09 5.23
C LEU AB 102 60.23 140.28 4.81
N TYR AB 103 59.78 141.08 5.78
CA TYR AB 103 59.02 142.27 5.46
C TYR AB 103 59.90 143.33 4.84
N ASP AB 104 61.15 143.46 5.31
CA ASP AB 104 62.04 144.49 4.80
C ASP AB 104 62.50 144.22 3.39
N LEU AB 105 62.53 142.95 2.96
CA LEU AB 105 62.84 142.64 1.57
C LEU AB 105 61.66 142.92 0.67
N THR AB 106 60.46 142.56 1.10
CA THR AB 106 59.27 142.77 0.29
C THR AB 106 58.89 144.24 0.21
N LYS AB 107 59.19 145.01 1.27
CA LYS AB 107 58.99 146.46 1.21
C LYS AB 107 59.93 147.09 0.19
N SER AB 108 61.14 146.55 0.06
CA SER AB 108 62.09 147.05 -0.91
C SER AB 108 61.95 146.40 -2.28
N LEU AB 109 61.30 145.24 -2.36
CA LEU AB 109 61.05 144.63 -3.66
C LEU AB 109 59.98 145.39 -4.42
N VAL AB 110 58.90 145.78 -3.74
CA VAL AB 110 57.86 146.54 -4.40
C VAL AB 110 58.34 147.94 -4.74
N ALA AB 111 59.17 148.53 -3.87
CA ALA AB 111 59.59 149.92 -4.05
C ALA AB 111 60.65 150.11 -5.12
N THR AB 112 61.12 149.05 -5.77
CA THR AB 112 62.14 149.21 -6.79
C THR AB 112 61.50 149.59 -8.13
N SER AB 113 62.34 150.00 -9.07
CA SER AB 113 61.85 150.45 -10.38
C SER AB 113 61.78 149.33 -11.40
N GLN AB 114 62.07 148.09 -11.01
CA GLN AB 114 61.91 146.97 -11.93
C GLN AB 114 60.56 146.30 -11.77
N VAL AB 115 60.02 146.27 -10.55
CA VAL AB 115 58.68 145.76 -10.34
C VAL AB 115 57.65 146.83 -10.72
N GLU AB 116 58.07 148.11 -10.74
CA GLU AB 116 57.20 149.16 -11.26
C GLU AB 116 56.90 148.96 -12.74
N ASP AB 117 57.95 148.73 -13.54
CA ASP AB 117 57.77 148.52 -14.96
C ASP AB 117 57.17 147.15 -15.28
N LEU AB 118 57.16 146.22 -14.32
CA LEU AB 118 56.57 144.91 -14.55
C LEU AB 118 55.04 144.96 -14.53
N VAL AB 119 54.46 145.85 -13.74
CA VAL AB 119 53.01 145.91 -13.63
C VAL AB 119 52.45 147.06 -14.46
N VAL AB 120 53.27 148.08 -14.72
CA VAL AB 120 52.80 149.20 -15.51
C VAL AB 120 53.04 148.97 -16.99
N ASN AB 121 54.26 148.57 -17.36
CA ASN AB 121 54.66 148.44 -18.76
C ASN AB 121 54.89 146.99 -19.18
N LEU AB 122 54.70 146.04 -18.26
CA LEU AB 122 54.67 144.59 -18.51
C LEU AB 122 55.99 144.03 -19.03
N VAL AB 123 57.10 144.70 -18.76
CA VAL AB 123 58.41 144.16 -19.14
C VAL AB 123 58.99 143.36 -17.97
N PRO AB 124 59.70 142.26 -18.22
CA PRO AB 124 60.09 141.36 -17.12
C PRO AB 124 61.20 141.93 -16.26
N LEU AB 125 61.53 141.17 -15.22
CA LEU AB 125 62.48 141.59 -14.21
C LEU AB 125 63.92 141.32 -14.65
N GLY AB 126 64.85 141.95 -13.94
CA GLY AB 126 66.26 141.72 -14.21
C GLY AB 126 66.83 142.66 -15.24
N ARG AB 127 67.94 143.31 -14.91
CA ARG AB 127 68.63 144.20 -15.82
C ARG AB 127 70.12 143.89 -15.76
N ALA AB 128 70.73 143.66 -16.93
CA ALA AB 128 72.13 143.25 -17.01
C ALA AB 128 73.02 144.47 -17.07
N TYR AB 129 73.78 144.71 -16.01
CA TYR AB 129 74.80 145.77 -15.96
C TYR AB 129 76.08 145.18 -15.36
N GLY AB 130 76.98 144.78 -16.24
CA GLY AB 130 78.25 144.21 -15.82
C GLY AB 130 78.14 142.77 -15.37
N GLY AB 131 77.68 141.89 -16.26
CA GLY AB 131 77.54 140.49 -15.91
C GLY AB 131 76.19 139.92 -16.30
N SER AB 132 75.44 139.44 -15.32
CA SER AB 132 74.11 138.89 -15.56
C SER AB 132 73.05 139.90 -15.12
N LYS AB 133 71.79 139.47 -15.20
CA LYS AB 133 70.67 140.34 -14.85
C LYS AB 133 70.40 140.22 -13.36
N THR AB 134 70.38 141.37 -12.67
CA THR AB 134 70.29 141.40 -11.22
C THR AB 134 69.17 142.32 -10.74
N ILE AB 135 68.67 142.04 -9.55
CA ILE AB 135 67.79 142.93 -8.80
C ILE AB 135 68.47 143.26 -7.49
N VAL AB 136 68.55 144.54 -7.15
CA VAL AB 136 69.20 145.00 -5.93
C VAL AB 136 68.11 145.34 -4.91
N LEU AB 137 68.10 144.62 -3.79
CA LEU AB 137 67.12 144.83 -2.74
C LEU AB 137 67.82 145.46 -1.54
N SER AB 138 67.79 146.78 -1.47
CA SER AB 138 68.42 147.49 -0.36
C SER AB 138 67.57 147.40 0.89
N VAL AB 139 68.21 147.05 2.00
CA VAL AB 139 67.53 146.84 3.28
C VAL AB 139 68.03 147.97 4.17
N GLY AB 140 68.24 149.14 3.56
CA GLY AB 140 68.93 150.23 4.20
C GLY AB 140 70.16 150.58 3.40
N GLU AB 141 71.34 150.28 3.94
CA GLU AB 141 72.56 150.33 3.16
C GLU AB 141 73.05 148.95 2.73
N ALA AB 142 72.62 147.90 3.40
CA ALA AB 142 72.97 146.54 3.00
C ALA AB 142 72.12 146.12 1.81
N THR AB 143 72.77 145.80 0.70
CA THR AB 143 72.08 145.47 -0.55
C THR AB 143 72.26 144.00 -0.84
N ARG AB 144 71.18 143.24 -0.79
CA ARG AB 144 71.18 141.82 -1.09
C ARG AB 144 70.83 141.66 -2.56
N THR AB 145 71.84 141.38 -3.39
CA THR AB 145 71.69 141.35 -4.83
C THR AB 145 71.34 139.93 -5.28
N LEU AB 146 70.13 139.76 -5.81
CA LEU AB 146 69.72 138.51 -6.42
C LEU AB 146 70.16 138.48 -7.87
N THR AB 147 70.69 137.34 -8.31
CA THR AB 147 71.09 137.16 -9.69
C THR AB 147 70.18 136.12 -10.34
N GLU AB 148 69.85 136.34 -11.61
CA GLU AB 148 68.94 135.46 -12.31
C GLU AB 148 69.64 134.15 -12.65
N ILE AB 149 69.01 133.04 -12.28
CA ILE AB 149 69.56 131.72 -12.55
C ILE AB 149 68.77 130.95 -13.59
N GLN AB 150 67.61 131.44 -14.02
CA GLN AB 150 66.77 130.69 -14.93
C GLN AB 150 65.86 131.65 -15.67
N SER AB 151 65.52 131.30 -16.91
CA SER AB 151 64.57 132.07 -17.72
C SER AB 151 63.78 131.05 -18.53
N THR AB 152 62.62 130.68 -18.02
CA THR AB 152 61.73 129.72 -18.68
C THR AB 152 60.86 130.52 -19.65
N ALA AB 153 59.77 129.92 -20.15
CA ALA AB 153 58.88 130.62 -21.08
C ALA AB 153 58.20 131.81 -20.42
N ASP AB 154 57.60 131.61 -19.24
CA ASP AB 154 57.03 132.70 -18.47
C ASP AB 154 57.75 132.91 -17.15
N ARG AB 155 58.20 131.83 -16.51
CA ARG AB 155 58.85 131.88 -15.21
C ARG AB 155 60.23 132.53 -15.32
N GLN AB 156 60.70 133.03 -14.18
CA GLN AB 156 61.97 133.74 -14.12
C GLN AB 156 62.48 133.65 -12.68
N ILE AB 157 63.44 132.77 -12.44
CA ILE AB 157 63.89 132.44 -11.09
C ILE AB 157 65.18 133.19 -10.79
N PHE AB 158 65.14 134.01 -9.74
CA PHE AB 158 66.32 134.71 -9.24
C PHE AB 158 66.79 134.03 -7.98
N GLU AB 159 68.06 134.25 -7.64
CA GLU AB 159 68.63 133.63 -6.45
C GLU AB 159 69.85 134.40 -5.99
N GLU AB 160 70.03 134.50 -4.68
CA GLU AB 160 71.24 135.06 -4.11
C GLU AB 160 72.30 133.98 -4.00
N LYS AB 161 73.54 134.35 -4.33
CA LYS AB 161 74.62 133.39 -4.45
C LYS AB 161 75.53 133.32 -3.24
N VAL AB 162 75.31 134.14 -2.24
CA VAL AB 162 76.15 134.14 -1.06
C VAL AB 162 75.65 133.10 -0.07
N GLY AB 163 76.55 132.24 0.40
CA GLY AB 163 76.25 131.29 1.43
C GLY AB 163 76.07 129.87 0.93
N PRO AB 164 75.47 129.02 1.76
CA PRO AB 164 75.32 127.60 1.39
C PRO AB 164 74.25 127.41 0.31
N LEU AB 165 74.21 126.18 -0.19
CA LEU AB 165 73.27 125.79 -1.25
C LEU AB 165 71.91 125.41 -0.74
N VAL AB 166 71.76 125.15 0.56
CA VAL AB 166 70.53 124.55 1.06
C VAL AB 166 69.42 125.59 1.22
N GLY AB 167 69.72 126.77 1.75
CA GLY AB 167 68.70 127.79 1.90
C GLY AB 167 69.17 129.14 1.38
N ARG AB 168 68.51 129.64 0.35
CA ARG AB 168 68.87 130.90 -0.26
C ARG AB 168 67.61 131.68 -0.58
N LEU AB 169 67.78 132.97 -0.85
CA LEU AB 169 66.67 133.78 -1.33
C LEU AB 169 66.25 133.34 -2.73
N ARG AB 170 64.95 133.17 -2.90
CA ARG AB 170 64.39 132.83 -4.20
C ARG AB 170 63.37 133.87 -4.60
N LEU AB 171 63.17 134.02 -5.91
CA LEU AB 171 62.22 135.00 -6.42
C LEU AB 171 61.75 134.50 -7.79
N THR AB 172 60.56 133.92 -7.82
CA THR AB 172 60.03 133.31 -9.04
C THR AB 172 58.95 134.22 -9.61
N ALA AB 173 59.36 135.15 -10.46
CA ALA AB 173 58.40 135.98 -11.17
C ALA AB 173 57.71 135.18 -12.26
N SER AB 174 56.58 135.72 -12.73
CA SER AB 174 55.81 135.08 -13.79
C SER AB 174 55.01 136.15 -14.51
N LEU AB 175 54.47 135.78 -15.66
CA LEU AB 175 53.65 136.67 -16.48
C LEU AB 175 52.84 135.83 -17.44
N ARG AB 176 51.52 135.93 -17.37
CA ARG AB 176 50.63 135.14 -18.21
C ARG AB 176 49.61 136.06 -18.84
N GLN AB 177 48.73 135.48 -19.66
CA GLN AB 177 47.49 136.14 -20.06
C GLN AB 177 46.44 135.05 -20.26
N ASN AB 178 45.44 135.04 -19.40
CA ASN AB 178 44.44 133.98 -19.38
C ASN AB 178 43.28 134.31 -20.32
N GLY AB 179 42.85 133.29 -21.05
CA GLY AB 179 41.67 133.40 -21.89
C GLY AB 179 41.93 134.00 -23.25
N ALA AB 180 41.05 134.89 -23.69
CA ALA AB 180 41.15 135.50 -25.01
C ALA AB 180 41.91 136.81 -24.99
N LYS AB 181 43.12 136.78 -24.42
CA LYS AB 181 44.07 137.90 -24.35
C LYS AB 181 43.46 139.13 -23.69
N THR AB 182 42.62 138.93 -22.67
CA THR AB 182 41.88 140.04 -22.06
C THR AB 182 42.45 140.51 -20.74
N ALA AB 183 43.27 139.71 -20.07
CA ALA AB 183 43.79 140.09 -18.76
C ALA AB 183 45.10 139.37 -18.49
N TYR AB 184 46.08 140.12 -18.00
CA TYR AB 184 47.36 139.56 -17.62
C TYR AB 184 47.33 139.10 -16.17
N ARG AB 185 48.40 138.44 -15.73
CA ARG AB 185 48.47 137.98 -14.35
C ARG AB 185 49.95 137.89 -13.95
N VAL AB 186 50.40 138.89 -13.20
CA VAL AB 186 51.76 138.90 -12.68
C VAL AB 186 51.76 138.15 -11.35
N ASN AB 187 52.82 137.38 -11.08
CA ASN AB 187 52.83 136.51 -9.91
C ASN AB 187 54.26 136.42 -9.39
N LEU AB 188 54.57 137.24 -8.38
CA LEU AB 188 55.85 137.16 -7.68
C LEU AB 188 55.73 136.26 -6.46
N LYS AB 189 56.89 135.78 -6.00
CA LYS AB 189 56.94 134.91 -4.82
C LYS AB 189 58.35 134.94 -4.28
N LEU AB 190 58.54 135.46 -3.07
CA LEU AB 190 59.85 135.60 -2.46
C LEU AB 190 59.94 134.62 -1.30
N ASP AB 191 60.83 133.63 -1.43
CA ASP AB 191 61.07 132.65 -0.38
C ASP AB 191 62.25 133.08 0.46
N GLN AB 192 62.19 132.79 1.76
CA GLN AB 192 63.29 133.11 2.66
C GLN AB 192 63.40 132.00 3.69
N ALA AB 193 64.26 131.03 3.43
CA ALA AB 193 64.52 129.92 4.34
C ALA AB 193 65.54 130.37 5.38
N ASP AB 194 65.31 129.96 6.62
CA ASP AB 194 66.20 130.32 7.72
C ASP AB 194 67.20 129.19 7.92
N VAL AB 195 68.46 129.46 7.60
CA VAL AB 195 69.53 128.48 7.72
C VAL AB 195 70.34 128.82 8.98
N VAL AB 196 70.80 127.79 9.68
CA VAL AB 196 71.59 127.95 10.89
C VAL AB 196 72.74 126.96 10.85
N ASP AB 197 73.85 127.32 11.49
CA ASP AB 197 75.02 126.47 11.55
C ASP AB 197 75.37 126.17 13.01
N CYS AB 198 75.63 124.89 13.29
CA CYS AB 198 75.95 124.45 14.63
C CYS AB 198 77.42 124.06 14.75
N SER AB 199 78.26 124.63 13.88
CA SER AB 199 79.66 124.25 13.81
C SER AB 199 80.47 124.70 15.01
N THR AB 200 80.07 125.80 15.66
CA THR AB 200 80.79 126.24 16.86
C THR AB 200 80.43 125.43 18.08
N SER AB 201 79.34 124.66 18.01
CA SER AB 201 78.94 123.76 19.10
C SER AB 201 79.24 122.31 18.79
N VAL AB 202 78.83 121.82 17.63
CA VAL AB 202 79.05 120.44 17.21
C VAL AB 202 79.89 120.44 15.94
N CYS AB 203 81.06 119.80 16.00
CA CYS AB 203 81.87 119.66 14.80
C CYS AB 203 81.23 118.72 13.79
N GLY AB 204 81.63 118.88 12.54
CA GLY AB 204 81.08 118.08 11.46
C GLY AB 204 79.64 118.35 11.14
N GLU AB 205 79.12 119.52 11.53
CA GLU AB 205 77.72 119.86 11.34
C GLU AB 205 77.63 120.82 10.15
N LEU AB 206 76.99 120.35 9.08
CA LEU AB 206 76.73 121.18 7.93
C LEU AB 206 75.45 121.97 8.16
N PRO AB 207 75.32 123.16 7.55
CA PRO AB 207 74.13 123.99 7.79
C PRO AB 207 72.86 123.36 7.22
N LYS AB 208 71.74 123.70 7.86
CA LYS AB 208 70.45 123.13 7.49
C LYS AB 208 69.38 124.19 7.74
N VAL AB 209 68.19 123.96 7.18
CA VAL AB 209 67.09 124.90 7.28
C VAL AB 209 66.13 124.42 8.36
N ARG AB 210 65.60 125.37 9.14
CA ARG AB 210 64.65 125.03 10.19
C ARG AB 210 63.21 125.26 9.73
N TYR AB 211 62.96 126.37 9.02
CA TYR AB 211 61.64 126.65 8.46
C TYR AB 211 61.80 127.47 7.18
N THR AB 212 60.68 127.86 6.60
CA THR AB 212 60.68 128.77 5.47
C THR AB 212 59.45 129.67 5.56
N GLN AB 213 59.60 130.89 5.02
CA GLN AB 213 58.55 131.90 5.08
C GLN AB 213 58.48 132.62 3.75
N VAL AB 214 57.29 132.66 3.16
CA VAL AB 214 57.10 133.18 1.82
C VAL AB 214 56.29 134.49 1.89
N TRP AB 215 56.29 135.22 0.79
CA TRP AB 215 55.42 136.39 0.60
C TRP AB 215 55.09 136.42 -0.89
N SER AB 216 53.96 135.82 -1.25
CA SER AB 216 53.54 135.79 -2.64
C SER AB 216 52.85 137.09 -3.02
N HIS AB 217 52.77 137.33 -4.33
CA HIS AB 217 51.99 138.43 -4.88
C HIS AB 217 51.15 137.88 -6.01
N ASP AB 218 50.01 138.52 -6.26
CA ASP AB 218 49.13 138.06 -7.34
C ASP AB 218 48.46 139.30 -7.92
N VAL AB 219 49.06 139.86 -8.95
CA VAL AB 219 48.59 141.07 -9.60
C VAL AB 219 47.72 140.68 -10.77
N THR AB 220 46.55 141.30 -10.89
CA THR AB 220 45.67 141.11 -12.04
C THR AB 220 45.62 142.41 -12.82
N ILE AB 221 45.95 142.34 -14.11
CA ILE AB 221 46.01 143.51 -14.97
C ILE AB 221 45.17 143.21 -16.20
N VAL AB 222 44.14 144.01 -16.43
CA VAL AB 222 43.33 143.84 -17.63
C VAL AB 222 43.97 144.59 -18.79
N ALA AB 223 43.77 144.06 -19.99
CA ALA AB 223 44.59 144.42 -21.14
C ALA AB 223 44.26 145.81 -21.69
N ASN AB 224 42.98 146.19 -21.67
CA ASN AB 224 42.55 147.48 -22.22
C ASN AB 224 42.56 148.59 -21.18
N SER AB 225 43.48 148.52 -20.22
CA SER AB 225 43.57 149.47 -19.13
C SER AB 225 44.04 150.84 -19.60
N THR AB 226 44.01 151.78 -18.67
CA THR AB 226 44.73 153.03 -18.81
C THR AB 226 46.07 152.85 -18.13
N GLU AB 227 47.13 153.48 -18.68
CA GLU AB 227 48.43 153.41 -18.03
C GLU AB 227 48.44 154.15 -16.71
N ALA AB 228 47.60 155.17 -16.57
CA ALA AB 228 47.44 155.84 -15.29
C ALA AB 228 46.68 154.99 -14.28
N SER AB 229 45.95 153.98 -14.74
CA SER AB 229 45.24 153.10 -13.82
C SER AB 229 46.15 151.98 -13.32
N ARG AB 230 47.12 151.57 -14.11
CA ARG AB 230 48.10 150.60 -13.64
C ARG AB 230 49.16 151.26 -12.76
N LYS AB 231 49.47 152.52 -13.04
CA LYS AB 231 50.38 153.28 -12.20
C LYS AB 231 49.77 153.55 -10.83
N SER AB 232 48.45 153.77 -10.79
CA SER AB 232 47.78 154.06 -9.53
C SER AB 232 47.63 152.81 -8.67
N LEU AB 233 47.52 151.63 -9.29
CA LEU AB 233 47.44 150.41 -8.51
C LEU AB 233 48.79 150.06 -7.90
N TYR AB 234 49.87 150.31 -8.63
CA TYR AB 234 51.20 150.05 -8.09
C TYR AB 234 51.54 151.04 -6.98
N ASP AB 235 51.17 152.30 -7.16
CA ASP AB 235 51.48 153.35 -6.19
C ASP AB 235 50.75 153.18 -4.88
N LEU AB 236 49.59 152.53 -4.88
CA LEU AB 236 48.90 152.27 -3.62
C LEU AB 236 49.51 151.07 -2.91
N THR AB 237 49.86 150.02 -3.65
CA THR AB 237 50.48 148.85 -3.05
C THR AB 237 51.90 149.12 -2.60
N LYS AB 238 52.60 150.04 -3.28
CA LYS AB 238 53.91 150.47 -2.82
C LYS AB 238 53.81 151.21 -1.49
N SER AB 239 52.73 151.97 -1.30
CA SER AB 239 52.54 152.69 -0.05
C SER AB 239 51.79 151.89 0.99
N LEU AB 240 51.10 150.82 0.59
CA LEU AB 240 50.42 149.98 1.57
C LEU AB 240 51.42 149.15 2.37
N VAL AB 241 52.39 148.54 1.68
CA VAL AB 241 53.42 147.76 2.36
C VAL AB 241 54.33 148.66 3.19
N ALA AB 242 54.51 149.91 2.76
CA ALA AB 242 55.38 150.84 3.48
C ALA AB 242 54.75 151.39 4.76
N THR AB 243 53.47 151.13 5.02
CA THR AB 243 52.86 151.62 6.24
C THR AB 243 53.33 150.83 7.45
N SER AB 244 53.14 151.42 8.63
CA SER AB 244 53.49 150.75 9.87
C SER AB 244 52.38 149.85 10.39
N GLN AB 245 51.24 149.80 9.70
CA GLN AB 245 50.18 148.89 10.11
C GLN AB 245 50.38 147.51 9.52
N VAL AB 246 50.90 147.44 8.29
CA VAL AB 246 51.22 146.15 7.69
C VAL AB 246 52.56 145.62 8.20
N GLU AB 247 53.42 146.50 8.71
CA GLU AB 247 54.64 146.05 9.37
C GLU AB 247 54.30 145.26 10.63
N ASP AB 248 53.39 145.79 11.46
CA ASP AB 248 52.98 145.09 12.67
C ASP AB 248 52.04 143.92 12.38
N LEU AB 249 51.44 143.86 11.19
CA LEU AB 249 50.59 142.74 10.86
C LEU AB 249 51.41 141.50 10.51
N VAL AB 250 52.59 141.69 9.93
CA VAL AB 250 53.44 140.56 9.58
C VAL AB 250 54.41 140.22 10.71
N VAL AB 251 54.99 141.23 11.36
CA VAL AB 251 55.94 140.97 12.42
C VAL AB 251 55.24 140.53 13.71
N ASN AB 252 54.16 141.23 14.10
CA ASN AB 252 53.56 141.02 15.39
C ASN AB 252 52.11 140.54 15.35
N LEU AB 253 51.55 140.31 14.16
CA LEU AB 253 50.18 139.80 13.95
C LEU AB 253 49.11 140.71 14.52
N VAL AB 254 49.37 142.02 14.56
CA VAL AB 254 48.36 142.99 14.99
C VAL AB 254 47.44 143.28 13.81
N PRO AB 255 46.12 143.21 13.97
CA PRO AB 255 45.22 143.47 12.85
C PRO AB 255 45.24 144.94 12.42
N LEU AB 256 44.78 145.17 11.19
CA LEU AB 256 44.84 146.50 10.59
C LEU AB 256 43.76 147.41 11.16
N GLY AB 257 43.97 148.71 11.02
CA GLY AB 257 42.98 149.69 11.41
C GLY AB 257 43.23 150.32 12.76
N ARG AB 258 43.40 151.63 12.78
CA ARG AB 258 43.57 152.37 14.02
C ARG AB 258 42.70 153.62 14.04
N SER BB 1 33.25 130.87 -71.94
CA SER BB 1 34.12 130.18 -71.00
C SER BB 1 35.43 129.79 -71.67
N LYS BB 2 35.78 128.51 -71.60
CA LYS BB 2 37.00 127.98 -72.21
C LYS BB 2 36.63 127.28 -73.51
N THR BB 3 37.33 127.62 -74.58
CA THR BB 3 36.96 127.20 -75.93
C THR BB 3 38.08 126.44 -76.60
N ILE BB 4 37.69 125.53 -77.50
CA ILE BB 4 38.58 124.91 -78.47
C ILE BB 4 38.06 125.25 -79.86
N VAL BB 5 38.96 125.63 -80.75
CA VAL BB 5 38.59 126.02 -82.10
C VAL BB 5 39.10 124.96 -83.06
N LEU BB 6 38.20 124.39 -83.86
CA LEU BB 6 38.53 123.33 -84.81
C LEU BB 6 38.24 123.84 -86.21
N SER BB 7 39.29 124.18 -86.94
CA SER BB 7 39.13 124.69 -88.30
C SER BB 7 38.95 123.53 -89.27
N VAL BB 8 37.84 123.55 -90.01
CA VAL BB 8 37.40 122.43 -90.84
C VAL BB 8 37.54 122.96 -92.27
N GLY BB 9 38.55 123.80 -92.46
CA GLY BB 9 38.74 124.51 -93.70
C GLY BB 9 38.83 125.99 -93.42
N GLU BB 10 37.85 126.76 -93.88
CA GLU BB 10 37.67 128.12 -93.42
C GLU BB 10 36.56 128.25 -92.39
N ALA BB 11 35.69 127.25 -92.28
CA ALA BB 11 34.66 127.25 -91.24
C ALA BB 11 35.25 126.78 -89.93
N THR BB 12 35.13 127.62 -88.89
CA THR BB 12 35.64 127.31 -87.57
C THR BB 12 34.47 126.89 -86.69
N ARG BB 13 34.65 125.78 -85.97
CA ARG BB 13 33.62 125.23 -85.10
C ARG BB 13 34.10 125.30 -83.67
N THR BB 14 33.54 126.23 -82.90
CA THR BB 14 34.04 126.54 -81.56
C THR BB 14 33.21 125.80 -80.51
N LEU BB 15 33.88 124.95 -79.73
CA LEU BB 15 33.25 124.20 -78.67
C LEU BB 15 33.55 124.84 -77.31
N THR BB 16 32.49 125.11 -76.55
CA THR BB 16 32.65 125.74 -75.24
C THR BB 16 32.48 124.69 -74.16
N GLU BB 17 33.09 124.96 -73.00
CA GLU BB 17 33.14 123.99 -71.92
C GLU BB 17 31.85 124.00 -71.12
N ILE BB 18 31.31 122.82 -70.85
CA ILE BB 18 30.10 122.67 -70.04
C ILE BB 18 30.33 121.88 -68.76
N GLN BB 19 31.54 121.38 -68.53
CA GLN BB 19 31.84 120.62 -67.31
C GLN BB 19 33.33 120.66 -67.04
N SER BB 20 33.70 120.75 -65.76
CA SER BB 20 35.09 120.73 -65.35
C SER BB 20 35.16 120.01 -64.01
N THR BB 21 35.42 118.71 -64.06
CA THR BB 21 35.61 117.93 -62.85
C THR BB 21 37.12 117.91 -62.59
N ALA BB 22 37.59 117.05 -61.67
CA ALA BB 22 39.02 116.97 -61.40
C ALA BB 22 39.77 116.34 -62.58
N ASP BB 23 39.16 115.37 -63.23
CA ASP BB 23 39.75 114.75 -64.41
C ASP BB 23 38.91 114.92 -65.68
N ARG BB 24 37.61 114.68 -65.62
CA ARG BB 24 36.78 114.80 -66.80
C ARG BB 24 36.53 116.26 -67.14
N GLN BB 25 36.37 116.54 -68.43
CA GLN BB 25 36.30 117.91 -68.91
C GLN BB 25 35.54 117.89 -70.23
N ILE BB 26 34.26 118.27 -70.19
CA ILE BB 26 33.33 118.06 -71.29
C ILE BB 26 33.13 119.36 -72.04
N PHE BB 27 33.29 119.31 -73.36
CA PHE BB 27 33.04 120.44 -74.24
C PHE BB 27 31.84 120.13 -75.12
N GLU BB 28 31.27 121.19 -75.70
CA GLU BB 28 30.06 121.06 -76.50
C GLU BB 28 29.92 122.30 -77.38
N GLU BB 29 29.48 122.10 -78.61
CA GLU BB 29 29.20 123.21 -79.51
C GLU BB 29 27.81 123.76 -79.19
N LYS BB 30 27.63 125.06 -79.43
CA LYS BB 30 26.43 125.74 -78.95
C LYS BB 30 25.47 126.19 -80.04
N VAL BB 31 25.82 126.03 -81.31
CA VAL BB 31 24.91 126.45 -82.37
C VAL BB 31 24.04 125.26 -82.78
N GLY BB 32 22.82 125.56 -83.23
CA GLY BB 32 21.92 124.55 -83.73
C GLY BB 32 20.87 124.15 -82.72
N PRO BB 33 20.21 123.00 -82.96
CA PRO BB 33 19.25 122.49 -81.98
C PRO BB 33 19.90 122.00 -80.70
N LEU BB 34 19.11 121.80 -79.66
CA LEU BB 34 19.61 121.48 -78.34
C LEU BB 34 19.73 119.98 -78.08
N VAL BB 35 19.33 119.13 -79.01
CA VAL BB 35 19.28 117.70 -78.75
C VAL BB 35 20.49 116.97 -79.31
N GLY BB 36 21.06 117.43 -80.42
CA GLY BB 36 22.25 116.80 -80.96
C GLY BB 36 23.33 117.81 -81.32
N ARG BB 37 24.44 117.75 -80.61
CA ARG BB 37 25.56 118.67 -80.81
C ARG BB 37 26.87 117.88 -80.71
N LEU BB 38 27.96 118.54 -81.08
CA LEU BB 38 29.29 117.95 -80.87
C LEU BB 38 29.57 117.81 -79.38
N ARG BB 39 30.47 116.88 -79.07
CA ARG BB 39 30.79 116.56 -77.70
C ARG BB 39 32.24 116.10 -77.65
N LEU BB 40 32.98 116.62 -76.66
CA LEU BB 40 34.40 116.32 -76.56
C LEU BB 40 34.68 116.06 -75.09
N THR BB 41 34.89 114.80 -74.74
CA THR BB 41 35.04 114.40 -73.34
C THR BB 41 36.53 114.12 -73.10
N ALA BB 42 37.26 115.15 -72.70
CA ALA BB 42 38.67 114.99 -72.38
C ALA BB 42 38.84 114.46 -70.97
N SER BB 43 40.01 113.89 -70.71
CA SER BB 43 40.32 113.30 -69.41
C SER BB 43 41.83 113.21 -69.27
N LEU BB 44 42.26 112.97 -68.03
CA LEU BB 44 43.68 112.76 -67.72
C LEU BB 44 43.76 112.04 -66.39
N ARG BB 45 44.69 111.10 -66.28
CA ARG BB 45 44.84 110.28 -65.10
C ARG BB 45 46.32 110.03 -64.85
N GLN BB 46 46.61 109.33 -63.76
CA GLN BB 46 47.91 108.68 -63.55
C GLN BB 46 47.68 107.42 -62.73
N ASN BB 47 47.53 106.30 -63.41
CA ASN BB 47 47.13 105.05 -62.78
C ASN BB 47 48.36 104.26 -62.35
N GLY BB 48 48.18 103.49 -61.27
CA GLY BB 48 49.25 102.68 -60.74
C GLY BB 48 50.07 103.42 -59.70
N ALA BB 49 51.39 103.19 -59.70
CA ALA BB 49 52.27 103.86 -58.74
C ALA BB 49 52.85 105.15 -59.33
N LYS BB 50 51.94 105.98 -59.86
CA LYS BB 50 52.21 107.34 -60.32
C LYS BB 50 53.30 107.42 -61.39
N THR BB 51 53.41 106.38 -62.24
CA THR BB 51 54.50 106.31 -63.19
C THR BB 51 54.10 106.54 -64.64
N ALA BB 52 52.80 106.50 -64.95
CA ALA BB 52 52.34 106.66 -66.32
C ALA BB 52 51.03 107.42 -66.32
N TYR BB 53 50.89 108.36 -67.25
CA TYR BB 53 49.65 109.11 -67.41
C TYR BB 53 48.76 108.43 -68.43
N ARG BB 54 47.54 108.94 -68.58
CA ARG BB 54 46.58 108.35 -69.52
C ARG BB 54 45.64 109.45 -69.99
N VAL BB 55 45.90 109.96 -71.18
CA VAL BB 55 44.99 110.89 -71.84
C VAL BB 55 43.90 110.11 -72.54
N ASN BB 56 42.68 110.63 -72.55
CA ASN BB 56 41.55 109.90 -73.11
C ASN BB 56 40.57 110.92 -73.68
N LEU BB 57 40.64 111.15 -74.99
CA LEU BB 57 39.69 112.02 -75.67
C LEU BB 57 38.57 111.19 -76.27
N LYS BB 58 37.45 111.86 -76.56
CA LYS BB 58 36.29 111.18 -77.13
C LYS BB 58 35.45 112.23 -77.87
N LEU BB 59 35.54 112.24 -79.19
CA LEU BB 59 34.82 113.19 -80.01
C LEU BB 59 33.54 112.54 -80.52
N ASP BB 60 32.43 112.78 -79.83
CA ASP BB 60 31.14 112.30 -80.27
C ASP BB 60 30.61 113.15 -81.41
N GLN BB 61 29.67 112.59 -82.17
CA GLN BB 61 28.98 113.34 -83.21
C GLN BB 61 27.67 112.64 -83.51
N ALA BB 62 26.56 113.33 -83.29
CA ALA BB 62 25.23 112.80 -83.56
C ALA BB 62 24.66 113.46 -84.79
N ASP BB 63 23.95 112.68 -85.61
CA ASP BB 63 23.29 113.19 -86.80
C ASP BB 63 21.82 113.44 -86.47
N VAL BB 64 21.48 114.69 -86.25
CA VAL BB 64 20.12 115.08 -85.87
C VAL BB 64 19.35 115.42 -87.14
N VAL BB 65 18.08 115.03 -87.16
CA VAL BB 65 17.21 115.30 -88.29
C VAL BB 65 15.91 115.91 -87.76
N ASP BB 66 15.41 116.93 -88.45
CA ASP BB 66 14.16 117.59 -88.07
C ASP BB 66 13.32 117.79 -89.34
N CYS BB 67 12.21 117.08 -89.42
CA CYS BB 67 11.27 117.18 -90.54
C CYS BB 67 9.86 117.42 -90.03
N SER BB 68 9.70 118.43 -89.18
CA SER BB 68 8.38 118.89 -88.78
C SER BB 68 7.59 119.49 -89.95
N THR BB 69 8.28 119.96 -90.99
CA THR BB 69 7.58 120.42 -92.19
C THR BB 69 7.11 119.26 -93.04
N SER BB 70 7.70 118.07 -92.85
CA SER BB 70 7.28 116.90 -93.61
C SER BB 70 6.05 116.24 -92.97
N VAL BB 71 6.21 115.76 -91.75
CA VAL BB 71 5.09 115.23 -90.98
C VAL BB 71 4.76 116.24 -89.89
N CYS BB 72 3.48 116.58 -89.75
CA CYS BB 72 3.07 117.65 -88.86
C CYS BB 72 3.08 117.16 -87.41
N GLY BB 73 3.94 117.76 -86.60
CA GLY BB 73 3.91 117.54 -85.17
C GLY BB 73 5.05 116.73 -84.58
N GLU BB 74 6.17 116.59 -85.29
CA GLU BB 74 7.32 115.91 -84.71
C GLU BB 74 8.38 116.93 -84.33
N LEU BB 75 9.33 116.46 -83.52
CA LEU BB 75 10.37 117.29 -82.94
C LEU BB 75 11.72 116.83 -83.48
N PRO BB 76 12.80 117.60 -83.33
CA PRO BB 76 14.12 117.10 -83.76
C PRO BB 76 14.57 115.90 -82.94
N LYS BB 77 15.36 115.05 -83.61
CA LYS BB 77 15.70 113.74 -83.09
C LYS BB 77 16.99 113.28 -83.75
N VAL BB 78 17.81 112.53 -83.03
CA VAL BB 78 19.07 112.03 -83.54
C VAL BB 78 18.88 110.62 -84.06
N ARG BB 79 19.47 110.33 -85.22
CA ARG BB 79 19.41 108.97 -85.75
C ARG BB 79 20.48 108.09 -85.14
N TYR BB 80 21.76 108.46 -85.34
CA TYR BB 80 22.88 107.63 -84.93
C TYR BB 80 23.96 108.52 -84.32
N THR BB 81 25.00 107.87 -83.79
CA THR BB 81 26.12 108.56 -83.19
C THR BB 81 27.42 107.90 -83.64
N GLN BB 82 28.35 108.72 -84.13
CA GLN BB 82 29.66 108.24 -84.57
C GLN BB 82 30.74 108.91 -83.73
N VAL BB 83 31.59 108.11 -83.10
CA VAL BB 83 32.57 108.60 -82.16
C VAL BB 83 33.97 108.42 -82.75
N TRP BB 84 34.96 109.03 -82.09
CA TRP BB 84 36.37 108.79 -82.39
C TRP BB 84 37.11 109.00 -81.07
N SER BB 85 37.45 107.91 -80.40
CA SER BB 85 38.17 107.99 -79.14
C SER BB 85 39.67 108.04 -79.38
N HIS BB 86 40.39 108.41 -78.33
CA HIS BB 86 41.84 108.35 -78.30
C HIS BB 86 42.24 107.81 -76.93
N ASP BB 87 43.35 107.09 -76.88
CA ASP BB 87 43.85 106.53 -75.62
C ASP BB 87 45.37 106.62 -75.64
N VAL BB 88 45.89 107.71 -75.11
CA VAL BB 88 47.31 107.98 -75.11
C VAL BB 88 47.90 107.55 -73.78
N THR BB 89 49.02 106.85 -73.82
CA THR BB 89 49.73 106.43 -72.62
C THR BB 89 51.11 107.09 -72.61
N ILE BB 90 51.37 107.91 -71.60
CA ILE BB 90 52.61 108.65 -71.48
C ILE BB 90 53.26 108.28 -70.15
N VAL BB 91 54.46 107.74 -70.21
CA VAL BB 91 55.21 107.44 -69.00
C VAL BB 91 55.85 108.71 -68.48
N ALA BB 92 55.98 108.81 -67.15
CA ALA BB 92 56.23 110.10 -66.52
C ALA BB 92 57.66 110.57 -66.65
N ASN BB 93 58.62 109.63 -66.74
CA ASN BB 93 60.03 109.98 -66.84
C ASN BB 93 60.53 110.04 -68.27
N SER BB 94 59.68 110.45 -69.20
CA SER BB 94 60.02 110.45 -70.61
C SER BB 94 60.96 111.59 -70.96
N THR BB 95 61.46 111.54 -72.19
CA THR BB 95 62.13 112.68 -72.80
C THR BB 95 61.07 113.53 -73.48
N GLU BB 96 61.33 114.84 -73.57
CA GLU BB 96 60.37 115.71 -74.24
C GLU BB 96 60.37 115.48 -75.74
N ALA BB 97 61.48 115.03 -76.31
CA ALA BB 97 61.51 114.69 -77.73
C ALA BB 97 60.81 113.36 -78.01
N SER BB 98 60.62 112.52 -77.00
CA SER BB 98 59.85 111.31 -77.19
C SER BB 98 58.36 111.60 -77.22
N ARG BB 99 57.89 112.50 -76.35
CA ARG BB 99 56.50 112.92 -76.35
C ARG BB 99 56.17 113.79 -77.55
N LYS BB 100 57.14 114.53 -78.08
CA LYS BB 100 56.89 115.35 -79.26
C LYS BB 100 56.84 114.49 -80.51
N SER BB 101 57.67 113.45 -80.58
CA SER BB 101 57.68 112.60 -81.77
C SER BB 101 56.43 111.72 -81.84
N LEU BB 102 55.91 111.29 -80.69
CA LEU BB 102 54.69 110.50 -80.68
C LEU BB 102 53.50 111.33 -81.13
N TYR BB 103 53.48 112.61 -80.78
CA TYR BB 103 52.42 113.48 -81.27
C TYR BB 103 52.57 113.78 -82.75
N ASP BB 104 53.82 113.94 -83.22
CA ASP BB 104 54.06 114.26 -84.62
C ASP BB 104 53.76 113.10 -85.56
N LEU BB 105 53.84 111.86 -85.07
CA LEU BB 105 53.51 110.72 -85.91
C LEU BB 105 52.00 110.53 -86.01
N THR BB 106 51.28 110.73 -84.90
CA THR BB 106 49.84 110.56 -84.93
C THR BB 106 49.15 111.72 -85.65
N LYS BB 107 49.72 112.92 -85.57
CA LYS BB 107 49.23 114.04 -86.36
C LYS BB 107 49.41 113.77 -87.85
N SER BB 108 50.48 113.06 -88.21
CA SER BB 108 50.70 112.68 -89.60
C SER BB 108 50.03 111.37 -89.97
N LEU BB 109 49.67 110.53 -88.99
CA LEU BB 109 48.90 109.34 -89.29
C LEU BB 109 47.50 109.71 -89.73
N VAL BB 110 46.85 110.61 -89.00
CA VAL BB 110 45.47 110.97 -89.31
C VAL BB 110 45.40 111.80 -90.59
N ALA BB 111 46.43 112.58 -90.88
CA ALA BB 111 46.41 113.46 -92.03
C ALA BB 111 46.74 112.79 -93.34
N THR BB 112 47.00 111.48 -93.36
CA THR BB 112 47.32 110.82 -94.62
C THR BB 112 46.05 110.38 -95.33
N SER BB 113 46.21 110.01 -96.61
CA SER BB 113 45.08 109.64 -97.44
C SER BB 113 44.67 108.18 -97.28
N GLN BB 114 45.41 107.38 -96.51
CA GLN BB 114 45.05 105.99 -96.34
C GLN BB 114 44.18 105.78 -95.11
N VAL BB 115 44.31 106.64 -94.11
CA VAL BB 115 43.42 106.57 -92.95
C VAL BB 115 42.10 107.25 -93.25
N GLU BB 116 42.12 108.24 -94.16
CA GLU BB 116 40.89 108.89 -94.60
C GLU BB 116 39.98 107.91 -95.31
N ASP BB 117 40.52 107.09 -96.21
CA ASP BB 117 39.71 106.08 -96.89
C ASP BB 117 39.37 104.92 -95.98
N LEU BB 118 40.06 104.77 -94.85
CA LEU BB 118 39.76 103.69 -93.92
C LEU BB 118 38.48 103.96 -93.14
N VAL BB 119 38.16 105.23 -92.87
CA VAL BB 119 36.98 105.55 -92.08
C VAL BB 119 35.83 106.02 -92.98
N VAL BB 120 36.16 106.64 -94.12
CA VAL BB 120 35.11 107.10 -95.01
C VAL BB 120 34.59 105.97 -95.89
N ASN BB 121 35.49 105.30 -96.61
CA ASN BB 121 35.10 104.29 -97.60
C ASN BB 121 35.46 102.88 -97.17
N LEU BB 122 35.95 102.70 -95.94
CA LEU BB 122 36.25 101.41 -95.32
C LEU BB 122 37.33 100.61 -96.08
N VAL BB 123 38.19 101.31 -96.82
CA VAL BB 123 39.27 100.65 -97.56
C VAL BB 123 40.38 100.29 -96.57
N PRO BB 124 40.94 99.08 -96.61
CA PRO BB 124 42.03 98.72 -95.69
C PRO BB 124 43.31 99.49 -95.98
N LEU BB 125 44.26 99.35 -95.07
CA LEU BB 125 45.48 100.16 -95.11
C LEU BB 125 46.53 99.53 -96.01
N GLY BB 126 47.44 100.37 -96.47
CA GLY BB 126 48.58 99.91 -97.25
C GLY BB 126 48.35 99.95 -98.75
N ARG BB 127 49.20 100.68 -99.46
CA ARG BB 127 49.17 100.72 -100.92
C ARG BB 127 50.56 100.39 -101.43
N ALA BB 128 50.66 99.33 -102.23
CA ALA BB 128 51.95 98.88 -102.75
C ALA BB 128 52.35 99.74 -103.93
N TYR BB 129 53.29 100.65 -103.72
CA TYR BB 129 53.85 101.50 -104.77
C TYR BB 129 55.27 101.03 -105.04
N GLY BB 130 55.41 100.03 -105.90
CA GLY BB 130 56.70 99.47 -106.25
C GLY BB 130 57.38 98.75 -105.10
N GLY BB 131 56.81 97.63 -104.68
CA GLY BB 131 57.36 96.89 -103.55
C GLY BB 131 56.28 96.24 -102.71
N SER BB 132 56.37 96.41 -101.39
CA SER BB 132 55.37 95.87 -100.50
C SER BB 132 54.37 96.94 -100.08
N LYS BB 133 53.40 96.54 -99.28
CA LYS BB 133 52.37 97.45 -98.80
C LYS BB 133 52.96 98.37 -97.73
N THR BB 134 53.02 99.66 -98.02
CA THR BB 134 53.69 100.62 -97.15
C THR BB 134 52.76 101.75 -96.77
N ILE BB 135 53.04 102.35 -95.61
CA ILE BB 135 52.43 103.61 -95.18
C ILE BB 135 53.57 104.60 -94.96
N VAL BB 136 53.41 105.81 -95.46
CA VAL BB 136 54.42 106.85 -95.30
C VAL BB 136 53.88 107.91 -94.33
N LEU BB 137 54.58 108.10 -93.21
CA LEU BB 137 54.23 109.08 -92.20
C LEU BB 137 55.28 110.18 -92.22
N SER BB 138 55.09 111.17 -93.08
CA SER BB 138 56.05 112.26 -93.20
C SER BB 138 55.91 113.23 -92.05
N VAL BB 139 57.05 113.66 -91.50
CA VAL BB 139 57.09 114.54 -90.35
C VAL BB 139 57.70 115.84 -90.89
N GLY BB 140 57.37 116.17 -92.12
CA GLY BB 140 57.98 117.29 -92.80
C GLY BB 140 58.85 116.81 -93.95
N GLU BB 141 60.16 116.93 -93.79
CA GLU BB 141 61.10 116.34 -94.75
C GLU BB 141 61.56 114.95 -94.36
N ALA BB 142 61.39 114.56 -93.10
CA ALA BB 142 61.70 113.20 -92.67
C ALA BB 142 60.49 112.32 -92.93
N THR BB 143 60.69 111.24 -93.68
CA THR BB 143 59.62 110.29 -93.99
C THR BB 143 59.95 108.97 -93.33
N ARG BB 144 58.99 108.41 -92.60
CA ARG BB 144 59.16 107.14 -91.89
C ARG BB 144 58.19 106.14 -92.49
N THR BB 145 58.73 105.22 -93.30
CA THR BB 145 57.92 104.30 -94.10
C THR BB 145 57.76 102.98 -93.33
N LEU BB 146 56.51 102.62 -93.05
CA LEU BB 146 56.22 101.36 -92.36
C LEU BB 146 55.72 100.32 -93.34
N THR BB 147 56.40 99.17 -93.37
CA THR BB 147 56.05 98.08 -94.28
C THR BB 147 55.23 97.03 -93.52
N GLU BB 148 54.31 96.40 -94.24
CA GLU BB 148 53.39 95.44 -93.64
C GLU BB 148 54.11 94.13 -93.34
N ILE BB 149 53.90 93.60 -92.14
CA ILE BB 149 54.55 92.37 -91.73
C ILE BB 149 53.57 91.21 -91.53
N GLN BB 150 52.28 91.49 -91.35
CA GLN BB 150 51.30 90.44 -91.12
C GLN BB 150 49.92 91.00 -91.42
N SER BB 151 49.14 90.26 -92.22
CA SER BB 151 47.77 90.63 -92.55
C SER BB 151 46.88 89.44 -92.21
N THR BB 152 46.44 89.38 -90.96
CA THR BB 152 45.52 88.33 -90.51
C THR BB 152 44.10 88.73 -90.93
N ALA BB 153 43.11 87.89 -90.64
CA ALA BB 153 41.74 88.21 -91.00
C ALA BB 153 41.20 89.36 -90.17
N ASP BB 154 41.72 89.54 -88.95
CA ASP BB 154 41.33 90.66 -88.10
C ASP BB 154 42.38 91.76 -88.08
N ARG BB 155 43.62 91.44 -87.74
CA ARG BB 155 44.64 92.45 -87.56
C ARG BB 155 45.34 92.77 -88.88
N GLN BB 156 46.09 93.86 -88.87
CA GLN BB 156 46.92 94.24 -90.01
C GLN BB 156 48.10 95.05 -89.45
N ILE BB 157 49.21 94.38 -89.20
CA ILE BB 157 50.32 94.94 -88.44
C ILE BB 157 51.35 95.53 -89.41
N PHE BB 158 51.71 96.79 -89.18
CA PHE BB 158 52.77 97.45 -89.91
C PHE BB 158 53.94 97.69 -88.96
N GLU BB 159 55.12 97.92 -89.54
CA GLU BB 159 56.33 98.05 -88.75
C GLU BB 159 57.39 98.72 -89.61
N GLU BB 160 58.16 99.62 -88.99
CA GLU BB 160 59.31 100.19 -89.67
C GLU BB 160 60.45 99.17 -89.71
N LYS BB 161 61.37 99.35 -90.65
CA LYS BB 161 62.39 98.35 -90.90
C LYS BB 161 63.82 98.82 -90.70
N VAL BB 162 64.05 100.13 -90.59
CA VAL BB 162 65.41 100.61 -90.36
C VAL BB 162 65.73 100.52 -88.87
N GLY BB 163 67.03 100.52 -88.56
CA GLY BB 163 67.49 100.52 -87.20
C GLY BB 163 67.59 99.14 -86.59
N PRO BB 164 67.69 99.07 -85.26
CA PRO BB 164 67.78 97.77 -84.59
C PRO BB 164 66.46 97.02 -84.64
N LEU BB 165 66.54 95.73 -84.32
CA LEU BB 165 65.38 94.85 -84.36
C LEU BB 165 64.61 94.82 -83.05
N VAL BB 166 65.14 95.42 -81.99
CA VAL BB 166 64.52 95.25 -80.68
C VAL BB 166 63.36 96.23 -80.47
N GLY BB 167 63.50 97.48 -80.90
CA GLY BB 167 62.42 98.44 -80.77
C GLY BB 167 62.16 99.17 -82.07
N ARG BB 168 60.97 98.99 -82.63
CA ARG BB 168 60.60 99.61 -83.89
C ARG BB 168 59.18 100.14 -83.80
N LEU BB 169 58.80 100.95 -84.78
CA LEU BB 169 57.44 101.48 -84.85
C LEU BB 169 56.44 100.38 -85.14
N ARG BB 170 55.19 100.63 -84.77
CA ARG BB 170 54.12 99.66 -84.96
C ARG BB 170 52.86 100.38 -85.37
N LEU BB 171 52.00 99.66 -86.09
CA LEU BB 171 50.69 100.17 -86.46
C LEU BB 171 49.79 98.95 -86.64
N THR BB 172 49.02 98.61 -85.62
CA THR BB 172 48.14 97.44 -85.68
C THR BB 172 46.72 97.92 -85.90
N ALA BB 173 46.34 98.04 -87.17
CA ALA BB 173 44.97 98.38 -87.51
C ALA BB 173 44.06 97.16 -87.37
N SER BB 174 42.77 97.43 -87.26
CA SER BB 174 41.77 96.37 -87.17
C SER BB 174 40.45 96.92 -87.68
N LEU BB 175 39.50 96.02 -87.88
CA LEU BB 175 38.18 96.39 -88.40
C LEU BB 175 37.22 95.26 -88.06
N ARG BB 176 36.16 95.60 -87.31
CA ARG BB 176 35.18 94.62 -86.89
C ARG BB 176 33.79 95.13 -87.24
N GLN BB 177 32.80 94.29 -86.94
CA GLN BB 177 31.39 94.73 -86.91
C GLN BB 177 30.66 93.84 -85.91
N ASN BB 178 30.15 94.45 -84.85
CA ASN BB 178 29.51 93.72 -83.77
C ASN BB 178 28.01 93.94 -83.80
N GLY BB 179 27.27 92.88 -83.48
CA GLY BB 179 25.82 92.95 -83.46
C GLY BB 179 25.21 92.45 -84.76
N ALA BB 180 24.08 93.03 -85.14
CA ALA BB 180 23.39 92.64 -86.36
C ALA BB 180 23.85 93.47 -87.57
N LYS BB 181 25.17 93.54 -87.74
CA LYS BB 181 25.84 94.17 -88.89
C LYS BB 181 25.48 95.65 -89.03
N THR BB 182 25.27 96.34 -87.91
CA THR BB 182 24.82 97.72 -87.93
C THR BB 182 25.94 98.74 -87.78
N ALA BB 183 27.02 98.40 -87.09
CA ALA BB 183 28.06 99.37 -86.81
C ALA BB 183 29.42 98.71 -86.96
N TYR BB 184 30.37 99.47 -87.53
CA TYR BB 184 31.73 99.02 -87.69
C TYR BB 184 32.58 99.47 -86.51
N ARG BB 185 33.85 99.08 -86.49
CA ARG BB 185 34.75 99.45 -85.40
C ARG BB 185 36.17 99.45 -85.94
N VAL BB 186 36.66 100.64 -86.29
CA VAL BB 186 38.04 100.81 -86.71
C VAL BB 186 38.91 101.00 -85.47
N ASN BB 187 40.11 100.42 -85.48
CA ASN BB 187 40.96 100.45 -84.28
C ASN BB 187 42.42 100.55 -84.72
N LEU BB 188 42.95 101.76 -84.75
CA LEU BB 188 44.37 101.98 -85.00
C LEU BB 188 45.12 102.10 -83.68
N LYS BB 189 46.40 101.77 -83.72
CA LYS BB 189 47.24 101.78 -82.51
C LYS BB 189 48.69 101.88 -82.91
N LEU BB 190 49.36 102.95 -82.49
CA LEU BB 190 50.75 103.20 -82.87
C LEU BB 190 51.62 103.09 -81.62
N ASP BB 191 52.48 102.08 -81.59
CA ASP BB 191 53.43 101.90 -80.50
C ASP BB 191 54.75 102.53 -80.87
N GLN BB 192 55.34 103.26 -79.92
CA GLN BB 192 56.66 103.85 -80.11
C GLN BB 192 57.49 103.55 -78.88
N ALA BB 193 58.51 102.72 -79.05
CA ALA BB 193 59.41 102.35 -77.97
C ALA BB 193 60.70 103.15 -78.10
N ASP BB 194 61.24 103.56 -76.96
CA ASP BB 194 62.48 104.33 -76.92
C ASP BB 194 63.64 103.37 -76.69
N VAL BB 195 64.51 103.24 -77.70
CA VAL BB 195 65.65 102.34 -77.64
C VAL BB 195 66.91 103.17 -77.45
N VAL BB 196 67.80 102.70 -76.58
CA VAL BB 196 69.07 103.36 -76.31
C VAL BB 196 70.16 102.29 -76.26
N ASP BB 197 71.38 102.68 -76.63
CA ASP BB 197 72.55 101.82 -76.49
C ASP BB 197 73.77 102.65 -76.12
N CYS BB 198 74.53 102.14 -75.15
CA CYS BB 198 75.76 102.77 -74.70
C CYS BB 198 76.96 101.85 -74.85
N SER BB 199 77.11 101.22 -76.02
CA SER BB 199 78.31 100.44 -76.30
C SER BB 199 79.55 101.32 -76.41
N THR BB 200 79.39 102.63 -76.61
CA THR BB 200 80.54 103.53 -76.61
C THR BB 200 81.07 103.76 -75.20
N SER BB 201 80.24 103.57 -74.17
CA SER BB 201 80.68 103.73 -72.79
C SER BB 201 80.80 102.41 -72.05
N VAL BB 202 79.75 101.61 -72.06
CA VAL BB 202 79.74 100.30 -71.39
C VAL BB 202 79.91 99.23 -72.45
N CYS BB 203 80.99 98.45 -72.34
CA CYS BB 203 81.30 97.44 -73.33
C CYS BB 203 80.34 96.25 -73.24
N GLY BB 204 80.09 95.64 -74.40
CA GLY BB 204 79.23 94.48 -74.46
C GLY BB 204 77.76 94.77 -74.22
N GLU BB 205 77.32 96.00 -74.45
CA GLU BB 205 75.94 96.40 -74.19
C GLU BB 205 75.24 96.53 -75.54
N LEU BB 206 74.28 95.65 -75.77
CA LEU BB 206 73.43 95.69 -76.96
C LEU BB 206 72.24 96.61 -76.70
N PRO BB 207 71.59 97.12 -77.77
CA PRO BB 207 70.44 98.01 -77.57
C PRO BB 207 69.26 97.34 -76.87
N LYS BB 208 68.54 98.14 -76.09
CA LYS BB 208 67.37 97.68 -75.37
C LYS BB 208 66.37 98.83 -75.28
N VAL BB 209 65.14 98.49 -74.94
CA VAL BB 209 64.05 99.44 -74.88
C VAL BB 209 63.88 99.94 -73.46
N ARG BB 210 63.59 101.23 -73.31
CA ARG BB 210 63.32 101.81 -71.99
C ARG BB 210 61.84 101.71 -71.64
N TYR BB 211 60.99 102.35 -72.46
CA TYR BB 211 59.56 102.44 -72.21
C TYR BB 211 58.83 102.38 -73.55
N THR BB 212 57.51 102.29 -73.50
CA THR BB 212 56.68 102.39 -74.69
C THR BB 212 55.59 103.43 -74.45
N GLN BB 213 55.25 104.16 -75.49
CA GLN BB 213 54.16 105.14 -75.45
C GLN BB 213 53.24 104.88 -76.63
N VAL BB 214 51.95 104.68 -76.34
CA VAL BB 214 50.99 104.28 -77.34
C VAL BB 214 50.09 105.46 -77.66
N TRP BB 215 49.35 105.35 -78.77
CA TRP BB 215 48.27 106.27 -79.10
C TRP BB 215 47.24 105.46 -79.88
N SER BB 216 46.26 104.92 -79.15
CA SER BB 216 45.23 104.11 -79.79
C SER BB 216 44.17 105.00 -80.42
N HIS BB 217 43.32 104.37 -81.23
CA HIS BB 217 42.14 105.02 -81.78
C HIS BB 217 41.01 104.02 -81.77
N ASP BB 218 39.78 104.52 -81.69
CA ASP BB 218 38.62 103.64 -81.70
C ASP BB 218 37.46 104.40 -82.35
N VAL BB 219 37.31 104.21 -83.66
CA VAL BB 219 36.27 104.86 -84.43
C VAL BB 219 35.07 103.94 -84.50
N THR BB 220 33.88 104.48 -84.26
CA THR BB 220 32.63 103.75 -84.38
C THR BB 220 31.82 104.34 -85.51
N ILE BB 221 31.53 103.55 -86.53
CA ILE BB 221 30.84 104.00 -87.73
C ILE BB 221 29.65 103.08 -87.96
N VAL BB 222 28.46 103.64 -87.97
CA VAL BB 222 27.26 102.84 -88.25
C VAL BB 222 27.17 102.62 -89.76
N ALA BB 223 26.57 101.48 -90.14
CA ALA BB 223 26.67 101.00 -91.52
C ALA BB 223 25.83 101.81 -92.48
N ASN BB 224 24.71 102.37 -92.01
CA ASN BB 224 23.81 103.14 -92.86
C ASN BB 224 24.08 104.64 -92.81
N SER BB 225 25.34 105.03 -92.64
CA SER BB 225 25.73 106.42 -92.51
C SER BB 225 25.58 107.18 -93.83
N THR BB 226 25.67 108.50 -93.74
CA THR BB 226 25.86 109.34 -94.90
C THR BB 226 27.36 109.46 -95.13
N GLU BB 227 27.75 109.75 -96.38
CA GLU BB 227 29.17 109.93 -96.66
C GLU BB 227 29.72 111.20 -96.03
N ALA BB 228 28.94 112.29 -96.06
CA ALA BB 228 29.36 113.52 -95.40
C ALA BB 228 29.25 113.43 -93.88
N SER BB 229 28.59 112.40 -93.35
CA SER BB 229 28.61 112.16 -91.92
C SER BB 229 29.92 111.54 -91.48
N ARG BB 230 30.48 110.63 -92.29
CA ARG BB 230 31.78 110.06 -91.97
C ARG BB 230 32.92 110.97 -92.39
N LYS BB 231 32.70 111.81 -93.40
CA LYS BB 231 33.76 112.72 -93.84
C LYS BB 231 33.94 113.86 -92.85
N SER BB 232 32.87 114.30 -92.21
CA SER BB 232 32.98 115.38 -91.24
C SER BB 232 33.54 114.89 -89.91
N LEU BB 233 33.26 113.64 -89.54
CA LEU BB 233 33.85 113.08 -88.33
C LEU BB 233 35.35 112.91 -88.46
N TYR BB 234 35.82 112.51 -89.64
CA TYR BB 234 37.26 112.41 -89.88
C TYR BB 234 37.90 113.79 -89.90
N ASP BB 235 37.26 114.75 -90.56
CA ASP BB 235 37.91 116.03 -90.75
C ASP BB 235 37.86 116.91 -89.51
N LEU BB 236 37.02 116.57 -88.53
CA LEU BB 236 37.08 117.23 -87.23
C LEU BB 236 38.19 116.66 -86.37
N THR BB 237 38.34 115.33 -86.38
CA THR BB 237 39.40 114.69 -85.61
C THR BB 237 40.78 115.01 -86.18
N LYS BB 238 40.88 115.14 -87.51
CA LYS BB 238 42.11 115.63 -88.12
C LYS BB 238 42.37 117.07 -87.69
N SER BB 239 41.32 117.87 -87.52
CA SER BB 239 41.47 119.24 -87.05
C SER BB 239 41.60 119.33 -85.55
N LEU BB 240 41.33 118.25 -84.82
CA LEU BB 240 41.48 118.27 -83.37
C LEU BB 240 42.91 117.98 -82.96
N VAL BB 241 43.52 116.97 -83.58
CA VAL BB 241 44.91 116.61 -83.28
C VAL BB 241 45.86 117.71 -83.71
N ALA BB 242 45.54 118.42 -84.78
CA ALA BB 242 46.41 119.48 -85.29
C ALA BB 242 46.34 120.78 -84.49
N THR BB 243 45.52 120.85 -83.45
CA THR BB 243 45.47 122.06 -82.65
C THR BB 243 46.67 122.17 -81.72
N SER BB 244 46.86 123.35 -81.15
CA SER BB 244 47.96 123.57 -80.23
C SER BB 244 47.62 123.17 -78.80
N GLN BB 245 46.35 122.84 -78.53
CA GLN BB 245 45.97 122.49 -77.17
C GLN BB 245 46.15 121.00 -76.92
N VAL BB 246 45.92 120.17 -77.93
CA VAL BB 246 46.15 118.74 -77.82
C VAL BB 246 47.63 118.43 -77.97
N GLU BB 247 48.41 119.35 -78.54
CA GLU BB 247 49.86 119.22 -78.51
C GLU BB 247 50.38 119.36 -77.09
N ASP BB 248 49.94 120.40 -76.38
CA ASP BB 248 50.36 120.60 -75.00
C ASP BB 248 49.72 119.63 -74.04
N LEU BB 249 48.61 119.00 -74.42
CA LEU BB 249 48.00 117.99 -73.57
C LEU BB 249 48.84 116.71 -73.54
N VAL BB 250 49.54 116.42 -74.63
CA VAL BB 250 50.39 115.24 -74.68
C VAL BB 250 51.81 115.56 -74.24
N VAL BB 251 52.37 116.68 -74.70
CA VAL BB 251 53.74 117.03 -74.36
C VAL BB 251 53.84 117.51 -72.92
N ASN BB 252 53.06 118.52 -72.54
CA ASN BB 252 53.20 119.16 -71.25
C ASN BB 252 52.08 118.86 -70.27
N LEU BB 253 51.12 118.00 -70.63
CA LEU BB 253 49.99 117.58 -69.79
C LEU BB 253 49.11 118.74 -69.33
N VAL BB 254 49.06 119.81 -70.11
CA VAL BB 254 48.16 120.93 -69.82
C VAL BB 254 46.76 120.53 -70.29
N PRO BB 255 45.73 120.61 -69.44
CA PRO BB 255 44.38 120.28 -69.88
C PRO BB 255 43.85 121.25 -70.93
N LEU BB 256 42.77 120.82 -71.59
CA LEU BB 256 42.25 121.53 -72.75
C LEU BB 256 41.48 122.78 -72.34
N GLY BB 257 41.35 123.69 -73.30
CA GLY BB 257 40.51 124.86 -73.11
C GLY BB 257 41.24 126.08 -72.62
N ARG BB 258 41.36 127.09 -73.47
CA ARG BB 258 41.93 128.37 -73.06
C ARG BB 258 40.89 129.48 -73.18
N SER CB 1 17.50 70.36 -134.91
CA SER CB 1 16.60 70.68 -133.80
C SER CB 1 16.86 72.10 -133.30
N LYS CB 2 17.02 72.24 -131.98
CA LYS CB 2 17.27 73.52 -131.34
C LYS CB 2 18.74 73.61 -131.01
N THR CB 3 19.40 74.68 -131.46
CA THR CB 3 20.84 74.79 -131.43
C THR CB 3 21.31 76.01 -130.66
N ILE CB 4 22.50 75.89 -130.06
CA ILE CB 4 23.27 77.01 -129.56
C ILE CB 4 24.59 77.05 -130.32
N VAL CB 5 25.05 78.24 -130.66
CA VAL CB 5 26.29 78.42 -131.40
C VAL CB 5 27.30 79.10 -130.50
N LEU CB 6 28.39 78.41 -130.20
CA LEU CB 6 29.44 78.90 -129.31
C LEU CB 6 30.70 79.15 -130.14
N SER CB 7 30.78 80.32 -130.77
CA SER CB 7 31.92 80.65 -131.60
C SER CB 7 33.11 81.06 -130.73
N VAL CB 8 34.27 80.49 -131.04
CA VAL CB 8 35.48 80.71 -130.26
C VAL CB 8 36.48 81.50 -131.10
N GLY CB 9 35.97 82.35 -131.96
CA GLY CB 9 36.75 83.03 -132.97
C GLY CB 9 36.01 82.96 -134.29
N GLU CB 10 36.57 82.24 -135.26
CA GLU CB 10 35.83 81.88 -136.46
C GLU CB 10 35.32 80.45 -136.41
N ALA CB 11 35.86 79.62 -135.54
CA ALA CB 11 35.36 78.25 -135.37
C ALA CB 11 34.10 78.28 -134.52
N THR CB 12 32.99 77.80 -135.09
CA THR CB 12 31.70 77.76 -134.40
C THR CB 12 31.40 76.32 -134.03
N ARG CB 13 31.04 76.09 -132.78
CA ARG CB 13 30.76 74.74 -132.28
C ARG CB 13 29.27 74.68 -131.90
N THR CB 14 28.49 74.01 -132.74
CA THR CB 14 27.04 74.00 -132.60
C THR CB 14 26.58 72.79 -131.81
N LEU CB 15 25.96 73.04 -130.66
CA LEU CB 15 25.36 71.99 -129.84
C LEU CB 15 23.88 71.86 -130.18
N THR CB 16 23.45 70.61 -130.41
CA THR CB 16 22.05 70.34 -130.71
C THR CB 16 21.41 69.66 -129.51
N GLU CB 17 20.10 69.86 -129.38
CA GLU CB 17 19.37 69.43 -128.20
C GLU CB 17 19.06 67.93 -128.26
N ILE CB 18 19.34 67.22 -127.17
CA ILE CB 18 19.05 65.80 -127.09
C ILE CB 18 18.01 65.47 -126.02
N GLN CB 19 17.54 66.45 -125.25
CA GLN CB 19 16.56 66.20 -124.20
C GLN CB 19 15.82 67.50 -123.90
N SER CB 20 14.51 67.37 -123.64
CA SER CB 20 13.70 68.52 -123.26
C SER CB 20 12.69 68.03 -122.24
N THR CB 21 13.03 68.16 -120.96
CA THR CB 21 12.14 67.80 -119.88
C THR CB 21 11.38 69.08 -119.50
N ALA CB 22 10.66 69.07 -118.37
CA ALA CB 22 9.97 70.27 -117.93
C ALA CB 22 10.96 71.34 -117.46
N ASP CB 23 12.04 70.92 -116.81
CA ASP CB 23 13.08 71.84 -116.37
C ASP CB 23 14.43 71.56 -117.00
N ARG CB 24 14.89 70.31 -117.01
CA ARG CB 24 16.20 70.00 -117.57
C ARG CB 24 16.15 70.04 -119.09
N GLN CB 25 17.30 70.38 -119.69
CA GLN CB 25 17.36 70.62 -121.12
C GLN CB 25 18.80 70.41 -121.56
N ILE CB 26 19.07 69.25 -122.15
CA ILE CB 26 20.44 68.80 -122.41
C ILE CB 26 20.79 69.04 -123.85
N PHE CB 27 21.95 69.66 -124.09
CA PHE CB 27 22.49 69.87 -125.42
C PHE CB 27 23.76 69.05 -125.58
N GLU CB 28 24.16 68.84 -126.83
CA GLU CB 28 25.33 68.03 -127.12
C GLU CB 28 25.83 68.36 -128.52
N GLU CB 29 27.14 68.38 -128.68
CA GLU CB 29 27.75 68.52 -130.00
C GLU CB 29 27.72 67.17 -130.70
N LYS CB 30 27.68 67.19 -132.03
CA LYS CB 30 27.52 65.98 -132.81
C LYS CB 30 28.73 65.64 -133.68
N VAL CB 31 29.76 66.47 -133.68
CA VAL CB 31 30.94 66.21 -134.49
C VAL CB 31 31.93 65.39 -133.68
N GLY CB 32 32.39 64.28 -134.26
CA GLY CB 32 33.44 63.49 -133.67
C GLY CB 32 32.99 62.11 -133.24
N PRO CB 33 33.76 61.48 -132.34
CA PRO CB 33 33.38 60.17 -131.81
C PRO CB 33 32.14 60.22 -130.93
N LEU CB 34 31.57 59.06 -130.62
CA LEU CB 34 30.29 58.97 -129.95
C LEU CB 34 30.41 58.84 -128.44
N VAL CB 35 31.62 58.79 -127.89
CA VAL CB 35 31.77 58.48 -126.47
C VAL CB 35 32.03 59.74 -125.64
N GLY CB 36 32.78 60.71 -126.17
CA GLY CB 36 33.02 61.93 -125.44
C GLY CB 36 32.73 63.17 -126.26
N ARG CB 37 31.73 63.94 -125.85
CA ARG CB 37 31.32 65.15 -126.55
C ARG CB 37 31.03 66.23 -125.53
N LEU CB 38 30.79 67.45 -126.03
CA LEU CB 38 30.35 68.55 -125.16
C LEU CB 38 28.96 68.27 -124.61
N ARG CB 39 28.65 68.96 -123.52
CA ARG CB 39 27.39 68.77 -122.83
C ARG CB 39 27.00 70.07 -122.17
N LEU CB 40 25.70 70.35 -122.15
CA LEU CB 40 25.21 71.61 -121.59
C LEU CB 40 23.82 71.32 -121.02
N THR CB 41 23.76 71.05 -119.73
CA THR CB 41 22.49 70.69 -119.08
C THR CB 41 21.93 71.94 -118.43
N ALA CB 42 21.19 72.72 -119.20
CA ALA CB 42 20.51 73.89 -118.68
C ALA CB 42 19.31 73.47 -117.83
N SER CB 43 18.86 74.41 -117.00
CA SER CB 43 17.76 74.14 -116.08
C SER CB 43 17.14 75.47 -115.67
N LEU CB 44 15.97 75.38 -115.05
CA LEU CB 44 15.28 76.54 -114.51
C LEU CB 44 14.25 76.06 -113.51
N ARG CB 45 14.12 76.78 -112.40
CA ARG CB 45 13.24 76.38 -111.31
C ARG CB 45 12.63 77.64 -110.70
N GLN CB 46 11.75 77.43 -109.73
CA GLN CB 46 11.30 78.50 -108.84
C GLN CB 46 10.99 77.88 -107.48
N ASN CB 47 11.98 77.88 -106.60
CA ASN CB 47 11.88 77.19 -105.32
C ASN CB 47 11.27 78.08 -104.27
N GLY CB 48 10.62 77.45 -103.29
CA GLY CB 48 9.99 78.18 -102.20
C GLY CB 48 8.58 78.60 -102.55
N ALA CB 49 8.19 79.79 -102.10
CA ALA CB 49 6.85 80.32 -102.37
C ALA CB 49 6.86 81.19 -103.63
N LYS CB 50 7.42 80.62 -104.70
CA LYS CB 50 7.38 81.16 -106.07
C LYS CB 50 7.95 82.57 -106.18
N THR CB 51 8.93 82.90 -105.35
CA THR CB 51 9.45 84.26 -105.30
C THR CB 51 10.83 84.43 -105.93
N ALA CB 52 11.56 83.35 -106.17
CA ALA CB 52 12.91 83.43 -106.70
C ALA CB 52 13.14 82.28 -107.66
N TYR CB 53 13.76 82.58 -108.79
CA TYR CB 53 14.11 81.57 -109.78
C TYR CB 53 15.52 81.06 -109.53
N ARG CB 54 15.92 80.05 -110.30
CA ARG CB 54 17.25 79.46 -110.14
C ARG CB 54 17.68 78.88 -111.49
N VAL CB 55 18.52 79.61 -112.20
CA VAL CB 55 19.12 79.13 -113.42
C VAL CB 55 20.36 78.31 -113.06
N ASN CB 56 20.57 77.21 -113.79
CA ASN CB 56 21.63 76.27 -113.42
C ASN CB 56 22.17 75.64 -114.69
N LEU CB 57 23.25 76.20 -115.22
CA LEU CB 57 23.94 75.63 -116.37
C LEU CB 57 25.10 74.74 -115.91
N LYS CB 58 25.55 73.88 -116.82
CA LYS CB 58 26.66 72.98 -116.52
C LYS CB 58 27.32 72.57 -117.84
N LEU CB 59 28.46 73.17 -118.14
CA LEU CB 59 29.18 72.89 -119.38
C LEU CB 59 30.25 71.85 -119.13
N ASP CB 60 29.96 70.59 -119.45
CA ASP CB 60 30.95 69.54 -119.32
C ASP CB 60 31.88 69.53 -120.53
N GLN CB 61 33.03 68.90 -120.36
CA GLN CB 61 33.98 68.72 -121.45
C GLN CB 61 34.86 67.53 -121.12
N ALA CB 62 34.77 66.48 -121.94
CA ALA CB 62 35.57 65.27 -121.77
C ALA CB 62 36.72 65.29 -122.77
N ASP CB 63 37.87 64.77 -122.35
CA ASP CB 63 39.03 64.66 -123.23
C ASP CB 63 39.17 63.20 -123.65
N VAL CB 64 38.73 62.92 -124.86
CA VAL CB 64 38.76 61.56 -125.39
C VAL CB 64 40.07 61.36 -126.14
N VAL CB 65 40.63 60.16 -126.02
CA VAL CB 65 41.85 59.79 -126.73
C VAL CB 65 41.61 58.44 -127.40
N ASP CB 66 42.02 58.31 -128.65
CA ASP CB 66 41.93 57.05 -129.38
C ASP CB 66 43.28 56.76 -130.03
N CYS CB 67 43.91 55.68 -129.60
CA CYS CB 67 45.21 55.25 -130.10
C CYS CB 67 45.17 53.79 -130.52
N SER CB 68 44.17 53.44 -131.34
CA SER CB 68 44.18 52.15 -132.01
C SER CB 68 45.32 52.01 -133.00
N THR CB 69 45.88 53.14 -133.47
CA THR CB 69 47.10 53.10 -134.27
C THR CB 69 48.28 52.59 -133.46
N SER CB 70 48.38 53.03 -132.20
CA SER CB 70 49.54 52.68 -131.37
C SER CB 70 49.46 51.24 -130.87
N VAL CB 71 48.46 50.94 -130.05
CA VAL CB 71 48.23 49.56 -129.61
C VAL CB 71 47.07 49.01 -130.44
N CYS CB 72 47.22 47.77 -130.91
CA CYS CB 72 46.25 47.20 -131.81
C CYS CB 72 45.05 46.65 -131.04
N GLY CB 73 43.88 47.19 -131.33
CA GLY CB 73 42.64 46.63 -130.83
C GLY CB 73 41.97 47.35 -129.69
N GLU CB 74 42.26 48.63 -129.48
CA GLU CB 74 41.56 49.39 -128.46
C GLU CB 74 40.59 50.36 -129.13
N LEU CB 75 39.68 50.89 -128.34
CA LEU CB 75 38.60 51.75 -128.79
C LEU CB 75 38.80 53.12 -128.18
N PRO CB 76 38.13 54.18 -128.67
CA PRO CB 76 38.24 55.50 -128.02
C PRO CB 76 37.67 55.50 -126.62
N LYS CB 77 38.24 56.37 -125.79
CA LYS CB 77 38.00 56.36 -124.34
C LYS CB 77 38.35 57.73 -123.80
N VAL CB 78 37.62 58.19 -122.79
CA VAL CB 78 37.84 59.50 -122.19
C VAL CB 78 38.78 59.35 -121.00
N ARG CB 79 39.69 60.30 -120.84
CA ARG CB 79 40.57 60.30 -119.67
C ARG CB 79 39.87 60.98 -118.48
N TYR CB 80 39.54 62.26 -118.65
CA TYR CB 80 39.02 63.07 -117.57
C TYR CB 80 37.88 63.95 -118.08
N THR CB 81 37.17 64.57 -117.15
CA THR CB 81 36.13 65.54 -117.48
C THR CB 81 36.35 66.82 -116.69
N GLN CB 82 36.15 67.95 -117.35
CA GLN CB 82 36.30 69.26 -116.72
C GLN CB 82 35.02 70.05 -116.95
N VAL CB 83 34.37 70.45 -115.87
CA VAL CB 83 33.08 71.12 -115.96
C VAL CB 83 33.22 72.59 -115.60
N TRP CB 84 32.18 73.36 -115.89
CA TRP CB 84 32.08 74.75 -115.44
C TRP CB 84 30.60 75.00 -115.17
N SER CB 85 30.19 74.82 -113.94
CA SER CB 85 28.79 75.01 -113.58
C SER CB 85 28.51 76.47 -113.30
N HIS CB 86 27.23 76.83 -113.36
CA HIS CB 86 26.74 78.15 -113.02
C HIS CB 86 25.56 77.98 -112.08
N ASP CB 87 25.29 79.01 -111.28
CA ASP CB 87 24.14 78.98 -110.37
C ASP CB 87 23.66 80.43 -110.21
N VAL CB 88 22.70 80.80 -111.03
CA VAL CB 88 22.16 82.15 -111.02
C VAL CB 88 20.90 82.17 -110.19
N THR CB 89 20.78 83.16 -109.31
CA THR CB 89 19.61 83.32 -108.45
C THR CB 89 18.95 84.65 -108.79
N ILE CB 90 17.71 84.58 -109.27
CA ILE CB 90 16.97 85.76 -109.71
C ILE CB 90 15.67 85.81 -108.91
N VAL CB 91 15.46 86.91 -108.20
CA VAL CB 91 14.19 87.12 -107.51
C VAL CB 91 13.17 87.69 -108.48
N ALA CB 92 11.91 87.30 -108.28
CA ALA CB 92 10.91 87.41 -109.34
C ALA CB 92 10.42 88.84 -109.55
N ASN CB 93 10.42 89.66 -108.50
CA ASN CB 93 9.93 91.04 -108.60
C ASN CB 93 11.05 92.03 -108.88
N SER CB 94 12.06 91.63 -109.64
CA SER CB 94 13.23 92.45 -109.87
C SER CB 94 12.92 93.59 -110.84
N THR CB 95 13.88 94.51 -110.93
CA THR CB 95 13.91 95.50 -111.99
C THR CB 95 14.63 94.87 -113.18
N GLU CB 96 14.24 95.27 -114.39
CA GLU CB 96 14.89 94.73 -115.58
C GLU CB 96 16.31 95.23 -115.72
N ALA CB 97 16.61 96.42 -115.20
CA ALA CB 97 17.99 96.90 -115.19
C ALA CB 97 18.82 96.19 -114.12
N SER CB 98 18.18 95.58 -113.12
CA SER CB 98 18.92 94.81 -112.13
C SER CB 98 19.39 93.49 -112.71
N ARG CB 99 18.53 92.81 -113.47
CA ARG CB 99 18.90 91.56 -114.10
C ARG CB 99 19.85 91.76 -115.27
N LYS CB 100 19.80 92.91 -115.93
CA LYS CB 100 20.72 93.18 -117.03
C LYS CB 100 22.11 93.52 -116.50
N SER CB 101 22.18 94.23 -115.38
CA SER CB 101 23.48 94.60 -114.82
C SER CB 101 24.20 93.39 -114.23
N LEU CB 102 23.44 92.44 -113.66
CA LEU CB 102 24.04 91.22 -113.16
C LEU CB 102 24.61 90.37 -114.29
N TYR CB 103 23.94 90.38 -115.44
CA TYR CB 103 24.47 89.69 -116.60
C TYR CB 103 25.67 90.43 -117.19
N ASP CB 104 25.64 91.76 -117.19
CA ASP CB 104 26.73 92.54 -117.77
C ASP CB 104 27.99 92.52 -116.91
N LEU CB 105 27.87 92.20 -115.62
CA LEU CB 105 29.05 92.10 -114.78
C LEU CB 105 29.70 90.72 -114.92
N THR CB 106 28.90 89.67 -115.01
CA THR CB 106 29.44 88.33 -115.13
C THR CB 106 29.98 88.08 -116.54
N LYS CB 107 29.38 88.70 -117.55
CA LYS CB 107 29.92 88.62 -118.91
C LYS CB 107 31.28 89.30 -119.00
N SER CB 108 31.48 90.36 -118.22
CA SER CB 108 32.77 91.01 -118.16
C SER CB 108 33.70 90.41 -117.13
N LEU CB 109 33.18 89.64 -116.18
CA LEU CB 109 34.04 88.93 -115.24
C LEU CB 109 34.78 87.80 -115.92
N VAL CB 110 34.07 87.00 -116.70
CA VAL CB 110 34.68 85.87 -117.38
C VAL CB 110 35.62 86.35 -118.49
N ALA CB 111 35.32 87.50 -119.08
CA ALA CB 111 36.11 87.99 -120.21
C ALA CB 111 37.38 88.73 -119.80
N THR CB 112 37.72 88.78 -118.51
CA THR CB 112 38.91 89.49 -118.09
C THR CB 112 40.11 88.55 -118.09
N SER CB 113 41.31 89.14 -118.02
CA SER CB 113 42.54 88.38 -118.04
C SER CB 113 42.93 87.81 -116.70
N GLN CB 114 42.19 88.12 -115.64
CA GLN CB 114 42.51 87.59 -114.32
C GLN CB 114 41.77 86.30 -114.02
N VAL CB 115 40.55 86.15 -114.54
CA VAL CB 115 39.83 84.90 -114.38
C VAL CB 115 40.36 83.86 -115.37
N GLU CB 116 40.91 84.32 -116.50
CA GLU CB 116 41.54 83.43 -117.46
C GLU CB 116 42.75 82.73 -116.87
N ASP CB 117 43.62 83.48 -116.19
CA ASP CB 117 44.79 82.88 -115.55
C ASP CB 117 44.42 82.08 -114.31
N LEU CB 118 43.23 82.29 -113.76
CA LEU CB 118 42.82 81.53 -112.57
C LEU CB 118 42.46 80.09 -112.92
N VAL CB 119 41.93 79.85 -114.11
CA VAL CB 119 41.51 78.50 -114.48
C VAL CB 119 42.56 77.84 -115.35
N VAL CB 120 43.30 78.62 -116.13
CA VAL CB 120 44.32 78.04 -117.00
C VAL CB 120 45.60 77.78 -116.23
N ASN CB 121 46.19 78.83 -115.66
CA ASN CB 121 47.50 78.72 -115.01
C ASN CB 121 47.40 78.77 -113.49
N LEU CB 122 46.19 78.74 -112.93
CA LEU CB 122 45.91 78.65 -111.50
C LEU CB 122 46.47 79.83 -110.69
N VAL CB 123 46.64 80.99 -111.33
CA VAL CB 123 47.13 82.18 -110.64
C VAL CB 123 45.97 82.79 -109.85
N PRO CB 124 46.19 83.20 -108.59
CA PRO CB 124 45.09 83.81 -107.82
C PRO CB 124 44.69 85.18 -108.35
N LEU CB 125 43.59 85.68 -107.80
CA LEU CB 125 42.95 86.87 -108.32
C LEU CB 125 43.57 88.14 -107.76
N GLY CB 126 43.42 89.23 -108.50
CA GLY CB 126 43.88 90.53 -108.05
C GLY CB 126 45.30 90.85 -108.44
N ARG CB 127 45.49 91.96 -109.15
CA ARG CB 127 46.81 92.47 -109.47
C ARG CB 127 46.90 93.91 -109.03
N ALA CB 128 47.85 94.22 -108.16
CA ALA CB 128 47.98 95.56 -107.59
C ALA CB 128 48.75 96.45 -108.57
N TYR CB 129 48.04 97.34 -109.23
CA TYR CB 129 48.64 98.32 -110.13
C TYR CB 129 48.56 99.69 -109.46
N GLY CB 130 49.55 99.97 -108.63
CA GLY CB 130 49.60 101.23 -107.90
C GLY CB 130 48.50 101.37 -106.86
N GLY CB 131 48.53 100.54 -105.82
CA GLY CB 131 47.51 100.60 -104.80
C GLY CB 131 47.18 99.25 -104.21
N SER CB 132 45.90 98.92 -104.13
CA SER CB 132 45.47 97.65 -103.59
C SER CB 132 45.29 96.62 -104.71
N LYS CB 133 45.05 95.38 -104.31
CA LYS CB 133 44.76 94.32 -105.27
C LYS CB 133 43.34 94.53 -105.79
N THR CB 134 43.22 94.85 -107.08
CA THR CB 134 41.96 95.26 -107.66
C THR CB 134 41.61 94.42 -108.88
N ILE CB 135 40.31 94.32 -109.16
CA ILE CB 135 39.80 93.76 -110.39
C ILE CB 135 38.93 94.83 -111.04
N VAL CB 136 39.14 95.07 -112.33
CA VAL CB 136 38.35 96.03 -113.07
C VAL CB 136 37.32 95.26 -113.90
N LEU CB 137 36.05 95.60 -113.74
CA LEU CB 137 34.95 94.96 -114.46
C LEU CB 137 34.26 96.01 -115.30
N SER CB 138 34.79 96.25 -116.50
CA SER CB 138 34.24 97.28 -117.37
C SER CB 138 33.01 96.76 -118.10
N VAL CB 139 31.97 97.60 -118.16
CA VAL CB 139 30.72 97.26 -118.81
C VAL CB 139 30.54 98.15 -120.04
N GLY CB 140 31.66 98.49 -120.66
CA GLY CB 140 31.69 99.50 -121.72
C GLY CB 140 32.67 100.60 -121.38
N GLU CB 141 32.15 101.79 -121.08
CA GLU CB 141 33.00 102.86 -120.58
C GLU CB 141 32.91 103.01 -119.07
N ALA CB 142 31.89 102.45 -118.43
CA ALA CB 142 31.82 102.44 -116.98
C ALA CB 142 32.66 101.28 -116.45
N THR CB 143 33.64 101.60 -115.61
CA THR CB 143 34.53 100.60 -115.02
C THR CB 143 34.25 100.54 -113.53
N ARG CB 144 34.03 99.34 -113.02
CA ARG CB 144 33.69 99.13 -111.61
C ARG CB 144 34.84 98.36 -110.97
N THR CB 145 35.64 99.07 -110.18
CA THR CB 145 36.88 98.54 -109.63
C THR CB 145 36.62 97.96 -108.24
N LEU CB 146 36.82 96.65 -108.09
CA LEU CB 146 36.62 95.99 -106.82
C LEU CB 146 37.95 95.75 -106.12
N THR CB 147 38.08 96.31 -104.92
CA THR CB 147 39.31 96.22 -104.14
C THR CB 147 39.21 95.11 -103.12
N GLU CB 148 40.34 94.43 -102.88
CA GLU CB 148 40.36 93.26 -102.01
C GLU CB 148 40.29 93.69 -100.56
N ILE CB 149 39.39 93.04 -99.80
CA ILE CB 149 39.18 93.39 -98.40
C ILE CB 149 39.67 92.32 -97.44
N GLN CB 150 39.86 91.08 -97.90
CA GLN CB 150 40.23 89.98 -97.02
C GLN CB 150 40.76 88.84 -97.87
N SER CB 151 41.95 88.35 -97.53
CA SER CB 151 42.56 87.20 -98.21
C SER CB 151 42.85 86.15 -97.15
N THR CB 152 41.89 85.29 -96.88
CA THR CB 152 42.06 84.19 -95.94
C THR CB 152 42.79 83.07 -96.68
N ALA CB 153 43.13 81.97 -96.00
CA ALA CB 153 43.82 80.87 -96.66
C ALA CB 153 42.91 80.14 -97.64
N ASP CB 154 41.60 80.22 -97.43
CA ASP CB 154 40.63 79.62 -98.36
C ASP CB 154 39.96 80.67 -99.24
N ARG CB 155 39.35 81.69 -98.64
CA ARG CB 155 38.58 82.66 -99.41
C ARG CB 155 39.46 83.81 -99.87
N GLN CB 156 38.90 84.61 -100.78
CA GLN CB 156 39.56 85.83 -101.25
C GLN CB 156 38.44 86.79 -101.67
N ILE CB 157 38.07 87.69 -100.76
CA ILE CB 157 36.87 88.50 -100.90
C ILE CB 157 37.24 89.84 -101.51
N PHE CB 158 36.57 90.21 -102.60
CA PHE CB 158 36.69 91.52 -103.21
C PHE CB 158 35.39 92.28 -103.00
N GLU CB 159 35.46 93.60 -103.09
CA GLU CB 159 34.30 94.44 -102.83
C GLU CB 159 34.55 95.83 -103.42
N GLU CB 160 33.51 96.40 -104.01
CA GLU CB 160 33.57 97.78 -104.47
C GLU CB 160 33.54 98.72 -103.28
N LYS CB 161 34.04 99.93 -103.48
CA LYS CB 161 34.21 100.86 -102.37
C LYS CB 161 33.47 102.18 -102.54
N VAL CB 162 32.90 102.47 -103.70
CA VAL CB 162 32.14 103.70 -103.87
C VAL CB 162 30.68 103.46 -103.49
N GLY CB 163 30.08 104.48 -102.87
CA GLY CB 163 28.67 104.45 -102.57
C GLY CB 163 28.39 104.22 -101.10
N PRO CB 164 27.17 103.80 -100.77
CA PRO CB 164 26.84 103.48 -99.38
C PRO CB 164 27.52 102.21 -98.92
N LEU CB 165 27.47 101.99 -97.61
CA LEU CB 165 28.15 100.84 -97.01
C LEU CB 165 27.25 99.64 -96.83
N VAL CB 166 25.93 99.78 -97.06
CA VAL CB 166 25.03 98.66 -96.80
C VAL CB 166 24.97 97.70 -97.98
N GLY CB 167 25.01 98.20 -99.21
CA GLY CB 167 24.96 97.33 -100.36
C GLY CB 167 26.05 97.63 -101.36
N ARG CB 168 26.96 96.66 -101.56
CA ARG CB 168 28.06 96.81 -102.48
C ARG CB 168 28.29 95.51 -103.22
N LEU CB 169 29.06 95.58 -104.30
CA LEU CB 169 29.41 94.39 -105.05
C LEU CB 169 30.33 93.50 -104.24
N ARG CB 170 30.27 92.20 -104.52
CA ARG CB 170 31.09 91.22 -103.81
C ARG CB 170 31.68 90.26 -104.83
N LEU CB 171 32.79 89.65 -104.45
CA LEU CB 171 33.42 88.63 -105.29
C LEU CB 171 34.23 87.73 -104.34
N THR CB 172 33.67 86.59 -104.00
CA THR CB 172 34.33 85.67 -103.07
C THR CB 172 34.88 84.50 -103.87
N ALA CB 173 36.12 84.64 -104.34
CA ALA CB 173 36.78 83.56 -105.03
C ALA CB 173 37.31 82.53 -104.03
N SER CB 174 37.61 81.34 -104.53
CA SER CB 174 38.15 80.27 -103.70
C SER CB 174 38.94 79.32 -104.57
N LEU CB 175 39.61 78.39 -103.92
CA LEU CB 175 40.43 77.38 -104.60
C LEU CB 175 40.69 76.24 -103.64
N ARG CB 176 40.32 75.03 -104.04
CA ARG CB 176 40.49 73.85 -103.20
C ARG CB 176 41.11 72.74 -104.02
N GLN CB 177 41.41 71.63 -103.35
CA GLN CB 177 41.72 70.37 -104.02
C GLN CB 177 41.30 69.23 -103.09
N ASN CB 178 40.29 68.49 -103.49
CA ASN CB 178 39.73 67.43 -102.67
C ASN CB 178 40.17 66.06 -103.20
N GLY CB 179 40.45 65.16 -102.26
CA GLY CB 179 40.89 63.83 -102.61
C GLY CB 179 42.39 63.67 -102.54
N ALA CB 180 42.96 62.85 -103.42
CA ALA CB 180 44.39 62.62 -103.43
C ALA CB 180 45.12 63.56 -104.38
N LYS CB 181 44.86 64.86 -104.21
CA LYS CB 181 45.54 65.96 -104.89
C LYS CB 181 45.42 65.85 -106.42
N THR CB 182 44.28 65.38 -106.91
CA THR CB 182 44.12 65.10 -108.32
C THR CB 182 43.19 66.05 -109.05
N ALA CB 183 42.37 66.82 -108.34
CA ALA CB 183 41.43 67.71 -108.99
C ALA CB 183 41.27 68.99 -108.19
N TYR CB 184 41.29 70.12 -108.87
CA TYR CB 184 41.12 71.42 -108.24
C TYR CB 184 39.64 71.81 -108.26
N ARG CB 185 39.34 72.95 -107.61
CA ARG CB 185 37.95 73.42 -107.55
C ARG CB 185 37.99 74.94 -107.44
N VAL CB 186 37.83 75.62 -108.57
CA VAL CB 186 37.70 77.08 -108.58
C VAL CB 186 36.25 77.44 -108.31
N ASN CB 187 36.02 78.48 -107.51
CA ASN CB 187 34.67 78.81 -107.07
C ASN CB 187 34.53 80.32 -106.96
N LEU CB 188 34.01 80.96 -107.99
CA LEU CB 188 33.70 82.38 -107.97
C LEU CB 188 32.23 82.58 -107.61
N LYS CB 189 31.93 83.78 -107.08
CA LYS CB 189 30.56 84.10 -106.67
C LYS CB 189 30.45 85.62 -106.60
N LEU CB 190 29.51 86.18 -107.33
CA LEU CB 190 29.34 87.63 -107.42
C LEU CB 190 27.96 88.00 -106.91
N ASP CB 191 27.91 88.62 -105.73
CA ASP CB 191 26.66 89.12 -105.16
C ASP CB 191 26.43 90.56 -105.58
N GLN CB 192 25.19 90.88 -105.92
CA GLN CB 192 24.80 92.23 -106.28
C GLN CB 192 23.49 92.54 -105.59
N ALA CB 193 23.53 93.44 -104.60
CA ALA CB 193 22.36 93.83 -103.85
C ALA CB 193 21.81 95.14 -104.40
N ASP CB 194 20.49 95.27 -104.41
CA ASP CB 194 19.84 96.48 -104.90
C ASP CB 194 19.53 97.38 -103.72
N VAL CB 195 20.23 98.51 -103.64
CA VAL CB 195 20.03 99.47 -102.58
C VAL CB 195 19.15 100.61 -103.10
N VAL CB 196 18.30 101.14 -102.24
CA VAL CB 196 17.43 102.25 -102.57
C VAL CB 196 17.28 103.13 -101.33
N ASP CB 197 17.20 104.45 -101.54
CA ASP CB 197 16.93 105.38 -100.46
C ASP CB 197 15.70 106.22 -100.80
N CYS CB 198 14.89 106.48 -99.79
CA CYS CB 198 13.66 107.25 -99.94
C CYS CB 198 13.73 108.54 -99.14
N SER CB 199 14.94 109.09 -98.94
CA SER CB 199 15.12 110.28 -98.14
C SER CB 199 14.56 111.53 -98.83
N THR CB 200 14.46 111.52 -100.15
CA THR CB 200 13.77 112.61 -100.84
C THR CB 200 12.26 112.46 -100.72
N SER CB 201 11.77 111.28 -100.37
CA SER CB 201 10.34 111.02 -100.21
C SER CB 201 9.91 111.07 -98.74
N VAL CB 202 10.50 110.22 -97.91
CA VAL CB 202 10.18 110.16 -96.48
C VAL CB 202 11.43 110.54 -95.69
N CYS CB 203 11.29 111.45 -94.73
CA CYS CB 203 12.43 111.91 -93.96
C CYS CB 203 12.94 110.85 -93.00
N GLY CB 204 14.22 110.97 -92.66
CA GLY CB 204 14.85 110.12 -91.68
C GLY CB 204 15.03 108.69 -92.09
N GLU CB 205 15.00 108.40 -93.38
CA GLU CB 205 15.15 107.04 -93.89
C GLU CB 205 16.52 106.91 -94.56
N LEU CB 206 17.33 106.02 -94.03
CA LEU CB 206 18.66 105.72 -94.53
C LEU CB 206 18.56 104.62 -95.59
N PRO CB 207 19.57 104.50 -96.47
CA PRO CB 207 19.52 103.47 -97.51
C PRO CB 207 19.51 102.06 -96.96
N LYS CB 208 18.86 101.17 -97.70
CA LYS CB 208 18.73 99.77 -97.31
C LYS CB 208 18.62 98.93 -98.58
N VAL CB 209 18.88 97.64 -98.43
CA VAL CB 209 18.87 96.71 -99.56
C VAL CB 209 17.48 96.11 -99.70
N ARG CB 210 17.10 95.80 -100.94
CA ARG CB 210 15.83 95.12 -101.20
C ARG CB 210 16.04 93.61 -101.31
N TYR CB 211 16.85 93.20 -102.28
CA TYR CB 211 17.10 91.80 -102.58
C TYR CB 211 18.57 91.65 -102.98
N THR CB 212 18.99 90.40 -103.15
CA THR CB 212 20.32 90.11 -103.68
C THR CB 212 20.18 89.10 -104.82
N GLN CB 213 21.06 89.22 -105.80
CA GLN CB 213 21.07 88.31 -106.95
C GLN CB 213 22.48 87.76 -107.14
N VAL CB 214 22.58 86.44 -107.22
CA VAL CB 214 23.86 85.75 -107.19
C VAL CB 214 24.14 85.18 -108.58
N TRP CB 215 25.41 85.15 -108.95
CA TRP CB 215 25.86 84.38 -110.10
C TRP CB 215 27.15 83.67 -109.67
N SER CB 216 27.01 82.45 -109.18
CA SER CB 216 28.14 81.65 -108.76
C SER CB 216 28.73 80.89 -109.93
N HIS CB 217 29.94 80.37 -109.72
CA HIS CB 217 30.59 79.48 -110.67
C HIS CB 217 31.22 78.34 -109.88
N ASP CB 218 31.43 77.20 -110.55
CA ASP CB 218 32.07 76.06 -109.89
C ASP CB 218 32.84 75.29 -110.97
N VAL CB 219 34.11 75.59 -111.10
CA VAL CB 219 34.97 75.00 -112.13
C VAL CB 219 35.69 73.81 -111.53
N THR CB 220 35.67 72.68 -112.23
CA THR CB 220 36.39 71.48 -111.81
C THR CB 220 37.51 71.24 -112.80
N ILE CB 221 38.75 71.23 -112.30
CA ILE CB 221 39.93 71.06 -113.14
C ILE CB 221 40.77 69.96 -112.53
N VAL CB 222 41.06 68.92 -113.32
CA VAL CB 222 41.93 67.85 -112.86
C VAL CB 222 43.38 68.30 -112.97
N ALA CB 223 44.23 67.75 -112.11
CA ALA CB 223 45.57 68.29 -111.92
C ALA CB 223 46.50 67.98 -113.08
N ASN CB 224 46.34 66.82 -113.71
CA ASN CB 224 47.22 66.41 -114.80
C ASN CB 224 46.67 66.76 -116.17
N SER CB 225 45.97 67.88 -116.29
CA SER CB 225 45.32 68.29 -117.52
C SER CB 225 46.34 68.74 -118.58
N THR CB 226 45.83 68.89 -119.80
CA THR CB 226 46.55 69.58 -120.85
C THR CB 226 46.21 71.05 -120.72
N GLU CB 227 47.14 71.93 -121.14
CA GLU CB 227 46.87 73.35 -121.10
C GLU CB 227 45.79 73.74 -122.11
N ALA CB 228 45.80 73.13 -123.29
CA ALA CB 228 44.78 73.43 -124.29
C ALA CB 228 43.42 72.85 -123.94
N SER CB 229 43.34 71.94 -122.97
CA SER CB 229 42.04 71.48 -122.51
C SER CB 229 41.45 72.41 -121.47
N ARG CB 230 42.30 73.08 -120.69
CA ARG CB 230 41.80 74.10 -119.76
C ARG CB 230 41.55 75.41 -120.48
N LYS CB 231 42.30 75.69 -121.54
CA LYS CB 231 42.10 76.92 -122.29
C LYS CB 231 40.85 76.85 -123.15
N SER CB 232 40.53 75.67 -123.68
CA SER CB 232 39.33 75.53 -124.49
C SER CB 232 38.08 75.49 -123.64
N LEU CB 233 38.18 74.98 -122.41
CA LEU CB 233 37.05 75.04 -121.49
C LEU CB 233 36.73 76.47 -121.10
N TYR CB 234 37.76 77.31 -120.94
CA TYR CB 234 37.54 78.72 -120.64
C TYR CB 234 36.95 79.44 -121.84
N ASP CB 235 37.48 79.17 -123.04
CA ASP CB 235 37.01 79.82 -124.25
C ASP CB 235 35.59 79.44 -124.63
N LEU CB 236 35.13 78.25 -124.24
CA LEU CB 236 33.75 77.87 -124.51
C LEU CB 236 32.80 78.53 -123.52
N THR CB 237 33.19 78.64 -122.25
CA THR CB 237 32.35 79.28 -121.26
C THR CB 237 32.31 80.80 -121.46
N LYS CB 238 33.43 81.38 -121.89
CA LYS CB 238 33.44 82.81 -122.21
C LYS CB 238 32.55 83.10 -123.41
N SER CB 239 32.50 82.18 -124.36
CA SER CB 239 31.62 82.34 -125.52
C SER CB 239 30.20 81.90 -125.25
N LEU CB 240 29.96 81.19 -124.14
CA LEU CB 240 28.60 80.80 -123.80
C LEU CB 240 27.86 81.95 -123.12
N VAL CB 241 28.52 82.62 -122.18
CA VAL CB 241 27.92 83.75 -121.48
C VAL CB 241 27.69 84.92 -122.44
N ALA CB 242 28.53 85.07 -123.45
CA ALA CB 242 28.41 86.18 -124.38
C ALA CB 242 27.35 85.96 -125.45
N THR CB 243 26.61 84.86 -125.42
CA THR CB 243 25.57 84.62 -126.41
C THR CB 243 24.32 85.42 -126.08
N SER CB 244 23.40 85.45 -127.04
CA SER CB 244 22.13 86.15 -126.85
C SER CB 244 21.07 85.28 -126.21
N GLN CB 245 21.34 83.98 -126.04
CA GLN CB 245 20.34 83.09 -125.46
C GLN CB 245 20.48 83.00 -123.95
N VAL CB 246 21.72 83.05 -123.44
CA VAL CB 246 21.93 83.09 -122.00
C VAL CB 246 21.65 84.49 -121.45
N GLU CB 247 21.64 85.51 -122.32
CA GLU CB 247 21.15 86.82 -121.92
C GLU CB 247 19.67 86.77 -121.60
N ASP CB 248 18.87 86.23 -122.53
CA ASP CB 248 17.43 86.13 -122.32
C ASP CB 248 17.05 85.07 -121.31
N LEU CB 249 17.95 84.13 -121.02
CA LEU CB 249 17.69 83.16 -119.96
C LEU CB 249 17.76 83.81 -118.59
N VAL CB 250 18.59 84.83 -118.43
CA VAL CB 250 18.71 85.53 -117.16
C VAL CB 250 17.74 86.71 -117.10
N VAL CB 251 17.66 87.49 -118.16
CA VAL CB 251 16.82 88.69 -118.15
C VAL CB 251 15.35 88.32 -118.26
N ASN CB 252 14.97 87.56 -119.29
CA ASN CB 252 13.57 87.28 -119.57
C ASN CB 252 13.15 85.84 -119.33
N LEU CB 253 14.05 85.00 -118.79
CA LEU CB 253 13.77 83.61 -118.42
C LEU CB 253 13.33 82.74 -119.59
N VAL CB 254 13.78 83.06 -120.80
CA VAL CB 254 13.52 82.23 -121.97
C VAL CB 254 14.49 81.04 -121.93
N PRO CB 255 14.00 79.80 -122.02
CA PRO CB 255 14.90 78.65 -122.07
C PRO CB 255 15.76 78.64 -123.33
N LEU CB 256 16.84 77.86 -123.28
CA LEU CB 256 17.86 77.90 -124.31
C LEU CB 256 17.42 77.15 -125.56
N GLY CB 257 18.13 77.42 -126.66
CA GLY CB 257 17.89 76.72 -127.90
C GLY CB 257 16.89 77.40 -128.82
N ARG CB 258 17.34 77.77 -130.01
CA ARG CB 258 16.45 78.31 -131.02
C ARG CB 258 16.58 77.55 -132.33
N SER DB 1 96.41 72.64 -94.30
CA SER DB 1 95.65 71.42 -94.56
C SER DB 1 94.71 71.62 -95.75
N LYS DB 2 93.43 71.30 -95.56
CA LYS DB 2 92.41 71.45 -96.59
C LYS DB 2 91.60 72.70 -96.28
N THR DB 3 91.46 73.58 -97.29
CA THR DB 3 90.91 74.90 -97.08
C THR DB 3 89.72 75.18 -97.98
N ILE DB 4 88.81 76.02 -97.49
CA ILE DB 4 87.77 76.65 -98.29
C ILE DB 4 88.00 78.15 -98.24
N VAL DB 5 87.90 78.82 -99.39
CA VAL DB 5 88.14 80.26 -99.48
C VAL DB 5 86.81 80.94 -99.77
N LEU DB 6 86.36 81.79 -98.86
CA LEU DB 6 85.10 82.53 -98.98
C LEU DB 6 85.43 83.99 -99.27
N SER DB 7 85.36 84.38 -100.54
CA SER DB 7 85.63 85.75 -100.94
C SER DB 7 84.41 86.63 -100.65
N VAL DB 8 84.61 87.69 -99.87
CA VAL DB 8 83.52 88.53 -99.39
C VAL DB 8 83.74 89.88 -100.08
N GLY DB 9 84.26 89.83 -101.29
CA GLY DB 9 84.61 91.03 -102.02
C GLY DB 9 86.06 90.99 -102.42
N GLU DB 10 86.89 91.82 -101.78
CA GLU DB 10 88.33 91.69 -101.87
C GLU DB 10 88.92 90.99 -100.65
N ALA DB 11 88.20 90.94 -99.54
CA ALA DB 11 88.65 90.21 -98.37
C ALA DB 11 88.30 88.74 -98.51
N THR DB 12 89.31 87.87 -98.40
CA THR DB 12 89.14 86.43 -98.48
C THR DB 12 89.33 85.85 -97.10
N ARG DB 13 88.38 85.04 -96.65
CA ARG DB 13 88.41 84.44 -95.31
C ARG DB 13 88.58 82.93 -95.48
N THR DB 14 89.76 82.44 -95.15
CA THR DB 14 90.12 81.05 -95.41
C THR DB 14 89.88 80.21 -94.16
N LEU DB 15 89.00 79.20 -94.29
CA LEU DB 15 88.74 78.26 -93.21
C LEU DB 15 89.64 77.04 -93.36
N THR DB 16 90.21 76.60 -92.24
CA THR DB 16 91.11 75.46 -92.23
C THR DB 16 90.40 74.31 -91.51
N GLU DB 17 90.64 73.09 -91.98
CA GLU DB 17 89.92 71.93 -91.47
C GLU DB 17 90.52 71.47 -90.14
N ILE DB 18 89.65 71.26 -89.15
CA ILE DB 18 90.08 70.80 -87.84
C ILE DB 18 89.53 69.43 -87.48
N GLN DB 19 88.73 68.80 -88.35
CA GLN DB 19 88.16 67.49 -88.05
C GLN DB 19 87.80 66.82 -89.37
N SER DB 20 88.04 65.50 -89.44
CA SER DB 20 87.64 64.72 -90.60
C SER DB 20 87.19 63.36 -90.08
N THR DB 21 85.89 63.20 -89.86
CA THR DB 21 85.33 61.93 -89.45
C THR DB 21 84.92 61.20 -90.73
N ALA DB 22 84.16 60.11 -90.61
CA ALA DB 22 83.69 59.39 -91.80
C ALA DB 22 82.68 60.22 -92.58
N ASP DB 23 81.82 60.96 -91.88
CA ASP DB 23 80.86 61.85 -92.51
C ASP DB 23 81.05 63.31 -92.14
N ARG DB 24 81.20 63.62 -90.86
CA ARG DB 24 81.33 65.00 -90.42
C ARG DB 24 82.70 65.56 -90.78
N GLN DB 25 82.74 66.87 -91.02
CA GLN DB 25 83.95 67.51 -91.54
C GLN DB 25 83.90 68.98 -91.12
N ILE DB 26 84.64 69.31 -90.08
CA ILE DB 26 84.56 70.61 -89.43
C ILE DB 26 85.69 71.51 -89.91
N PHE DB 27 85.34 72.71 -90.34
CA PHE DB 27 86.29 73.73 -90.75
C PHE DB 27 86.24 74.88 -89.75
N GLU DB 28 87.31 75.67 -89.71
CA GLU DB 28 87.42 76.78 -88.77
C GLU DB 28 88.45 77.76 -89.28
N GLU DB 29 88.16 79.06 -89.11
CA GLU DB 29 89.11 80.10 -89.45
C GLU DB 29 90.14 80.23 -88.33
N LYS DB 30 91.37 80.54 -88.70
CA LYS DB 30 92.47 80.57 -87.74
C LYS DB 30 92.94 81.97 -87.38
N VAL DB 31 92.33 83.00 -87.94
CA VAL DB 31 92.74 84.38 -87.66
C VAL DB 31 91.92 84.93 -86.50
N GLY DB 32 92.60 85.45 -85.48
CA GLY DB 32 91.95 86.13 -84.39
C GLY DB 32 92.09 85.44 -83.06
N PRO DB 33 91.22 85.78 -82.10
CA PRO DB 33 91.24 85.10 -80.80
C PRO DB 33 90.80 83.65 -80.88
N LEU DB 34 91.05 82.89 -79.83
CA LEU DB 34 90.83 81.45 -79.85
C LEU DB 34 89.45 81.03 -79.38
N VAL DB 35 88.64 81.95 -78.86
CA VAL DB 35 87.38 81.56 -78.25
C VAL DB 35 86.20 81.71 -79.23
N GLY DB 36 86.23 82.71 -80.11
CA GLY DB 36 85.16 82.86 -81.08
C GLY DB 36 85.66 82.95 -82.50
N ARG DB 37 85.35 81.95 -83.31
CA ARG DB 37 85.81 81.87 -84.68
C ARG DB 37 84.69 81.33 -85.56
N LEU DB 38 84.88 81.40 -86.87
CA LEU DB 38 83.94 80.79 -87.80
C LEU DB 38 83.97 79.27 -87.70
N ARG DB 39 82.92 78.65 -88.22
CA ARG DB 39 82.75 77.22 -88.13
C ARG DB 39 81.90 76.77 -89.30
N LEU DB 40 82.23 75.59 -89.83
CA LEU DB 40 81.49 75.07 -90.99
C LEU DB 40 81.44 73.55 -90.81
N THR DB 41 80.31 73.07 -90.31
CA THR DB 41 80.14 71.65 -90.00
C THR DB 41 79.47 70.99 -91.21
N ALA DB 42 80.29 70.57 -92.17
CA ALA DB 42 79.78 69.88 -93.34
C ALA DB 42 79.49 68.43 -93.00
N SER DB 43 78.65 67.80 -93.81
CA SER DB 43 78.24 66.42 -93.59
C SER DB 43 77.74 65.84 -94.90
N LEU DB 44 77.56 64.52 -94.90
CA LEU DB 44 76.99 63.79 -96.03
C LEU DB 44 76.53 62.43 -95.51
N ARG DB 45 75.40 61.97 -96.03
CA ARG DB 45 74.80 60.72 -95.57
C ARG DB 45 74.11 60.04 -96.75
N GLN DB 46 73.60 58.83 -96.51
CA GLN DB 46 72.61 58.22 -97.39
C GLN DB 46 71.70 57.36 -96.52
N ASN DB 47 70.57 57.93 -96.12
CA ASN DB 47 69.67 57.27 -95.19
C ASN DB 47 68.66 56.41 -95.93
N GLY DB 48 68.23 55.33 -95.28
CA GLY DB 48 67.24 54.44 -95.85
C GLY DB 48 67.85 53.33 -96.68
N ALA DB 49 67.19 52.99 -97.78
CA ALA DB 49 67.66 51.90 -98.65
C ALA DB 49 68.53 52.43 -99.78
N LYS DB 50 69.54 53.21 -99.38
CA LYS DB 50 70.65 53.66 -100.24
C LYS DB 50 70.18 54.46 -101.45
N THR DB 51 69.05 55.15 -101.35
CA THR DB 51 68.44 55.79 -102.51
C THR DB 51 68.47 57.30 -102.48
N ALA DB 52 68.73 57.92 -101.33
CA ALA DB 52 68.70 59.38 -101.22
C ALA DB 52 69.83 59.84 -100.32
N TYR DB 53 70.60 60.81 -100.78
CA TYR DB 53 71.67 61.40 -99.99
C TYR DB 53 71.13 62.57 -99.17
N ARG DB 54 71.99 63.12 -98.31
CA ARG DB 54 71.59 64.24 -97.47
C ARG DB 54 72.83 65.07 -97.15
N VAL DB 55 72.98 66.18 -97.87
CA VAL DB 55 74.01 67.15 -97.56
C VAL DB 55 73.51 68.04 -96.42
N ASN DB 56 74.42 68.43 -95.52
CA ASN DB 56 74.02 69.16 -94.33
C ASN DB 56 75.15 70.09 -93.92
N LEU DB 57 75.06 71.35 -94.32
CA LEU DB 57 76.01 72.37 -93.91
C LEU DB 57 75.48 73.17 -92.73
N LYS DB 58 76.39 73.84 -92.02
CA LYS DB 58 76.03 74.64 -90.86
C LYS DB 58 77.14 75.67 -90.65
N LEU DB 59 76.85 76.92 -90.96
CA LEU DB 59 77.84 77.99 -90.86
C LEU DB 59 77.55 78.81 -89.61
N ASP DB 60 78.25 78.52 -88.52
CA ASP DB 60 78.12 79.30 -87.30
C ASP DB 60 78.93 80.57 -87.40
N GLN DB 61 78.54 81.57 -86.61
CA GLN DB 61 79.27 82.83 -86.54
C GLN DB 61 79.07 83.42 -85.16
N ALA DB 62 80.15 83.53 -84.40
CA ALA DB 62 80.11 84.04 -83.05
C ALA DB 62 80.62 85.47 -83.03
N ASP DB 63 79.96 86.32 -82.24
CA ASP DB 63 80.37 87.72 -82.09
C ASP DB 63 81.13 87.83 -80.78
N VAL DB 64 82.45 87.80 -80.87
CA VAL DB 64 83.31 87.89 -79.70
C VAL DB 64 83.60 89.36 -79.41
N VAL DB 65 83.76 89.69 -78.13
CA VAL DB 65 84.07 91.04 -77.71
C VAL DB 65 85.13 90.96 -76.60
N ASP DB 66 86.12 91.84 -76.68
CA ASP DB 66 87.18 91.91 -75.68
C ASP DB 66 87.38 93.36 -75.27
N CYS DB 67 87.05 93.67 -74.02
CA CYS DB 67 87.17 95.01 -73.48
C CYS DB 67 87.97 95.00 -72.18
N SER DB 68 89.14 94.37 -72.23
CA SER DB 68 90.10 94.49 -71.13
C SER DB 68 90.67 95.90 -71.01
N THR DB 69 90.58 96.71 -72.07
CA THR DB 69 91.00 98.10 -71.99
C THR DB 69 90.08 98.91 -71.09
N SER DB 70 88.77 98.67 -71.17
CA SER DB 70 87.82 99.46 -70.38
C SER DB 70 87.78 98.98 -68.94
N VAL DB 71 87.37 97.73 -68.72
CA VAL DB 71 87.38 97.14 -67.39
C VAL DB 71 88.62 96.28 -67.26
N CYS DB 72 89.38 96.50 -66.18
CA CYS DB 72 90.64 95.80 -66.00
C CYS DB 72 90.40 94.42 -65.41
N GLY DB 73 90.81 93.39 -66.14
CA GLY DB 73 90.80 92.04 -65.62
C GLY DB 73 89.84 91.07 -66.27
N GLU DB 74 89.34 91.37 -67.46
CA GLU DB 74 88.47 90.42 -68.15
C GLU DB 74 89.15 89.91 -69.42
N LEU DB 75 88.56 88.85 -69.96
CA LEU DB 75 89.09 88.12 -71.10
C LEU DB 75 88.10 88.23 -72.25
N PRO DB 76 88.47 87.87 -73.49
CA PRO DB 76 87.48 87.86 -74.58
C PRO DB 76 86.37 86.83 -74.33
N LYS DB 77 85.17 87.18 -74.80
CA LYS DB 77 83.97 86.46 -74.44
C LYS DB 77 82.99 86.54 -75.61
N VAL DB 78 82.17 85.50 -75.77
CA VAL DB 78 81.23 85.41 -76.87
C VAL DB 78 79.87 85.93 -76.42
N ARG DB 79 79.33 86.91 -77.14
CA ARG DB 79 77.99 87.40 -76.84
C ARG DB 79 76.93 86.41 -77.32
N TYR DB 80 76.85 86.20 -78.63
CA TYR DB 80 75.82 85.38 -79.24
C TYR DB 80 76.39 84.64 -80.43
N THR DB 81 75.59 83.73 -80.99
CA THR DB 81 75.93 83.02 -82.20
C THR DB 81 74.77 83.07 -83.18
N GLN DB 82 75.08 83.27 -84.45
CA GLN DB 82 74.09 83.30 -85.51
C GLN DB 82 74.49 82.29 -86.58
N VAL DB 83 73.62 81.32 -86.85
CA VAL DB 83 73.94 80.22 -87.74
C VAL DB 83 73.16 80.36 -89.05
N TRP DB 84 73.57 79.59 -90.04
CA TRP DB 84 72.85 79.47 -91.31
C TRP DB 84 73.05 78.04 -91.79
N SER DB 85 72.08 77.18 -91.49
CA SER DB 85 72.17 75.79 -91.87
C SER DB 85 71.62 75.56 -93.28
N HIS DB 86 71.95 74.41 -93.84
CA HIS DB 86 71.40 73.94 -95.10
C HIS DB 86 71.05 72.47 -94.95
N ASP DB 87 70.03 72.03 -95.68
CA ASP DB 87 69.63 70.62 -95.64
C ASP DB 87 69.19 70.24 -97.07
N VAL DB 88 70.13 69.73 -97.83
CA VAL DB 88 69.90 69.36 -99.22
C VAL DB 88 69.55 67.88 -99.27
N THR DB 89 68.56 67.53 -100.08
CA THR DB 89 68.17 66.13 -100.28
C THR DB 89 68.33 65.80 -101.76
N ILE DB 90 69.19 64.83 -102.06
CA ILE DB 90 69.49 64.42 -103.43
C ILE DB 90 69.19 62.94 -103.56
N VAL DB 91 68.30 62.60 -104.48
CA VAL DB 91 68.02 61.20 -104.77
C VAL DB 91 69.10 60.65 -105.70
N ALA DB 92 69.42 59.37 -105.53
CA ALA DB 92 70.66 58.83 -106.09
C ALA DB 92 70.58 58.61 -107.59
N ASN DB 93 69.39 58.34 -108.13
CA ASN DB 93 69.24 58.09 -109.56
C ASN DB 93 68.83 59.33 -110.34
N SER DB 94 69.28 60.50 -109.91
CA SER DB 94 68.89 61.75 -110.53
C SER DB 94 69.58 61.95 -111.87
N THR DB 95 69.13 62.97 -112.59
CA THR DB 95 69.82 63.49 -113.75
C THR DB 95 70.79 64.56 -113.27
N GLU DB 96 71.95 64.64 -113.93
CA GLU DB 96 72.94 65.65 -113.54
C GLU DB 96 72.46 67.06 -113.86
N ALA DB 97 71.59 67.22 -114.86
CA ALA DB 97 71.02 68.52 -115.13
C ALA DB 97 69.96 68.92 -114.11
N SER DB 98 69.40 67.96 -113.37
CA SER DB 98 68.45 68.30 -112.32
C SER DB 98 69.17 68.68 -111.04
N ARG DB 99 70.31 68.04 -110.76
CA ARG DB 99 71.13 68.42 -109.63
C ARG DB 99 71.82 69.76 -109.84
N LYS DB 100 72.15 70.10 -111.10
CA LYS DB 100 72.76 71.38 -111.39
C LYS DB 100 71.74 72.51 -111.32
N SER DB 101 70.50 72.23 -111.74
CA SER DB 101 69.46 73.25 -111.72
C SER DB 101 69.04 73.59 -110.29
N LEU DB 102 69.03 72.59 -109.41
CA LEU DB 102 68.73 72.84 -108.00
C LEU DB 102 69.82 73.68 -107.35
N TYR DB 103 71.06 73.52 -107.78
CA TYR DB 103 72.14 74.35 -107.26
C TYR DB 103 72.08 75.76 -107.82
N ASP DB 104 71.75 75.90 -109.12
CA ASP DB 104 71.71 77.22 -109.73
C ASP DB 104 70.51 78.05 -109.26
N LEU DB 105 69.44 77.41 -108.80
CA LEU DB 105 68.32 78.17 -108.28
C LEU DB 105 68.59 78.66 -106.86
N THR DB 106 69.25 77.83 -106.04
CA THR DB 106 69.54 78.24 -104.68
C THR DB 106 70.70 79.22 -104.63
N LYS DB 107 71.65 79.11 -105.56
CA LYS DB 107 72.72 80.10 -105.66
C LYS DB 107 72.16 81.47 -106.06
N SER DB 108 71.09 81.47 -106.86
CA SER DB 108 70.44 82.71 -107.23
C SER DB 108 69.35 83.13 -106.25
N LEU DB 109 68.87 82.22 -105.41
CA LEU DB 109 67.95 82.60 -104.36
C LEU DB 109 68.65 83.43 -103.29
N VAL DB 110 69.83 82.98 -102.86
CA VAL DB 110 70.56 83.70 -101.81
C VAL DB 110 71.10 85.02 -102.34
N ALA DB 111 71.42 85.08 -103.63
CA ALA DB 111 72.03 86.27 -104.20
C ALA DB 111 71.04 87.37 -104.57
N THR DB 112 69.76 87.24 -104.22
CA THR DB 112 68.80 88.28 -104.57
C THR DB 112 68.65 89.28 -103.42
N SER DB 113 68.03 90.41 -103.74
CA SER DB 113 67.86 91.47 -102.77
C SER DB 113 66.66 91.26 -101.85
N GLN DB 114 65.87 90.22 -102.07
CA GLN DB 114 64.73 89.97 -101.20
C GLN DB 114 65.07 89.04 -100.05
N VAL DB 115 66.04 88.14 -100.25
CA VAL DB 115 66.50 87.28 -99.17
C VAL DB 115 67.52 88.03 -98.32
N GLU DB 116 68.24 88.98 -98.92
CA GLU DB 116 69.17 89.82 -98.16
C GLU DB 116 68.44 90.67 -97.13
N ASP DB 117 67.35 91.31 -97.52
CA ASP DB 117 66.56 92.10 -96.57
C ASP DB 117 65.76 91.22 -95.62
N LEU DB 118 65.59 89.94 -95.92
CA LEU DB 118 64.85 89.06 -95.04
C LEU DB 118 65.67 88.66 -93.82
N VAL DB 119 66.99 88.57 -93.95
CA VAL DB 119 67.83 88.15 -92.84
C VAL DB 119 68.49 89.36 -92.19
N VAL DB 120 68.65 90.45 -92.93
CA VAL DB 120 69.25 91.63 -92.34
C VAL DB 120 68.19 92.51 -91.67
N ASN DB 121 67.18 92.94 -92.43
CA ASN DB 121 66.19 93.88 -91.93
C ASN DB 121 64.83 93.24 -91.68
N LEU DB 122 64.73 91.92 -91.79
CA LEU DB 122 63.56 91.11 -91.44
C LEU DB 122 62.33 91.44 -92.29
N VAL DB 123 62.54 92.00 -93.48
CA VAL DB 123 61.43 92.31 -94.40
C VAL DB 123 60.95 91.02 -95.04
N PRO DB 124 59.65 90.76 -95.11
CA PRO DB 124 59.16 89.52 -95.73
C PRO DB 124 59.37 89.50 -97.24
N LEU DB 125 59.13 88.33 -97.82
CA LEU DB 125 59.44 88.08 -99.21
C LEU DB 125 58.33 88.58 -100.13
N GLY DB 126 58.73 88.90 -101.36
CA GLY DB 126 57.77 89.28 -102.38
C GLY DB 126 57.60 90.78 -102.53
N ARG DB 127 57.82 91.29 -103.74
CA ARG DB 127 57.62 92.69 -104.05
C ARG DB 127 56.77 92.78 -105.31
N ALA DB 128 55.62 93.43 -105.21
CA ALA DB 128 54.66 93.51 -106.31
C ALA DB 128 55.10 94.62 -107.27
N TYR DB 129 55.61 94.22 -108.43
CA TYR DB 129 55.97 95.17 -109.49
C TYR DB 129 55.00 94.95 -110.66
N GLY DB 130 53.84 95.60 -110.56
CA GLY DB 130 52.81 95.46 -111.58
C GLY DB 130 52.21 94.08 -111.66
N GLY DB 131 51.52 93.65 -110.61
CA GLY DB 131 50.92 92.33 -110.58
C GLY DB 131 50.93 91.70 -109.21
N SER DB 132 51.32 90.44 -109.13
CA SER DB 132 51.34 89.73 -107.86
C SER DB 132 52.69 89.91 -107.18
N LYS DB 133 52.79 89.40 -105.95
CA LYS DB 133 54.05 89.40 -105.22
C LYS DB 133 54.95 88.33 -105.81
N THR DB 134 56.01 88.75 -106.49
CA THR DB 134 56.84 87.84 -107.26
C THR DB 134 58.28 87.83 -106.76
N ILE DB 135 58.97 86.73 -107.01
CA ILE DB 135 60.41 86.61 -106.82
C ILE DB 135 60.99 86.20 -108.17
N VAL DB 136 62.10 86.83 -108.55
CA VAL DB 136 62.76 86.52 -109.81
C VAL DB 136 64.08 85.83 -109.50
N LEU DB 137 64.27 84.64 -110.06
CA LEU DB 137 65.49 83.85 -109.87
C LEU DB 137 66.19 83.71 -111.22
N SER DB 138 67.09 84.63 -111.51
CA SER DB 138 67.83 84.60 -112.76
C SER DB 138 68.88 83.49 -112.74
N VAL DB 139 68.91 82.70 -113.80
CA VAL DB 139 69.84 81.58 -113.91
C VAL DB 139 70.74 81.97 -115.08
N GLY DB 140 71.04 83.25 -115.17
CA GLY DB 140 71.76 83.78 -116.31
C GLY DB 140 70.86 84.70 -117.12
N GLU DB 141 70.43 84.23 -118.29
CA GLU DB 141 69.41 84.94 -119.06
C GLU DB 141 68.02 84.39 -118.84
N ALA DB 142 67.90 83.13 -118.40
CA ALA DB 142 66.60 82.57 -118.08
C ALA DB 142 66.16 83.04 -116.70
N THR DB 143 64.98 83.66 -116.65
CA THR DB 143 64.41 84.15 -115.39
C THR DB 143 63.19 83.31 -115.07
N ARG DB 144 63.11 82.82 -113.84
CA ARG DB 144 62.00 81.98 -113.40
C ARG DB 144 61.24 82.73 -112.30
N THR DB 145 60.08 83.25 -112.64
CA THR DB 145 59.31 84.13 -111.77
C THR DB 145 58.33 83.30 -110.94
N LEU DB 146 58.46 83.39 -109.62
CA LEU DB 146 57.56 82.67 -108.72
C LEU DB 146 56.57 83.63 -108.08
N THR DB 147 55.28 83.38 -108.31
CA THR DB 147 54.23 84.23 -107.78
C THR DB 147 53.66 83.62 -106.49
N GLU DB 148 53.22 84.49 -105.59
CA GLU DB 148 52.77 84.07 -104.28
C GLU DB 148 51.37 83.46 -104.36
N ILE DB 149 51.18 82.31 -103.73
CA ILE DB 149 49.90 81.62 -103.77
C ILE DB 149 49.21 81.59 -102.42
N GLN DB 150 49.91 81.80 -101.31
CA GLN DB 150 49.33 81.67 -99.98
C GLN DB 150 50.25 82.35 -98.98
N SER DB 151 49.68 83.19 -98.12
CA SER DB 151 50.41 83.87 -97.06
C SER DB 151 49.56 83.84 -95.79
N THR DB 152 49.76 82.82 -94.97
CA THR DB 152 49.09 82.75 -93.68
C THR DB 152 49.92 83.52 -92.65
N ALA DB 153 49.62 83.33 -91.37
CA ALA DB 153 50.35 84.03 -90.32
C ALA DB 153 51.78 83.52 -90.20
N ASP DB 154 52.00 82.22 -90.48
CA ASP DB 154 53.33 81.64 -90.40
C ASP DB 154 53.98 81.46 -91.77
N ARG DB 155 53.35 80.73 -92.67
CA ARG DB 155 53.98 80.38 -93.93
C ARG DB 155 53.79 81.47 -94.97
N GLN DB 156 54.58 81.38 -96.04
CA GLN DB 156 54.45 82.29 -97.18
C GLN DB 156 54.92 81.51 -98.41
N ILE DB 157 53.99 80.92 -99.14
CA ILE DB 157 54.30 79.94 -100.16
C ILE DB 157 54.32 80.62 -101.52
N PHE DB 158 55.43 80.47 -102.24
CA PHE DB 158 55.56 80.92 -103.61
C PHE DB 158 55.58 79.71 -104.53
N GLU DB 159 55.26 79.93 -105.81
CA GLU DB 159 55.16 78.85 -106.77
C GLU DB 159 55.22 79.42 -108.17
N GLU DB 160 55.93 78.73 -109.06
CA GLU DB 160 55.94 79.11 -110.46
C GLU DB 160 54.61 78.74 -111.11
N LYS DB 161 54.27 79.42 -112.20
CA LYS DB 161 52.96 79.28 -112.80
C LYS DB 161 52.98 78.76 -114.23
N VAL DB 162 54.13 78.68 -114.87
CA VAL DB 162 54.19 78.12 -116.22
C VAL DB 162 54.28 76.61 -116.14
N GLY DB 163 54.00 75.95 -117.27
CA GLY DB 163 54.12 74.51 -117.37
C GLY DB 163 52.90 73.79 -116.85
N PRO DB 164 53.04 72.48 -116.63
CA PRO DB 164 51.93 71.69 -116.10
C PRO DB 164 51.64 72.01 -114.64
N LEU DB 165 50.49 71.56 -114.18
CA LEU DB 165 50.04 71.82 -112.81
C LEU DB 165 50.55 70.80 -111.81
N VAL DB 166 51.17 69.71 -112.27
CA VAL DB 166 51.50 68.62 -111.35
C VAL DB 166 52.89 68.81 -110.74
N GLY DB 167 53.84 69.39 -111.47
CA GLY DB 167 55.16 69.64 -110.92
C GLY DB 167 55.63 71.06 -111.17
N ARG DB 168 55.80 71.83 -110.10
CA ARG DB 168 56.23 73.22 -110.20
C ARG DB 168 57.16 73.54 -109.05
N LEU DB 169 57.88 74.64 -109.17
CA LEU DB 169 58.75 75.09 -108.09
C LEU DB 169 57.95 75.55 -106.89
N ARG DB 170 58.62 75.57 -105.73
CA ARG DB 170 58.02 76.02 -104.50
C ARG DB 170 59.03 76.87 -103.75
N LEU DB 171 58.53 77.69 -102.84
CA LEU DB 171 59.40 78.46 -101.96
C LEU DB 171 58.58 78.71 -100.70
N THR DB 172 58.83 77.89 -99.68
CA THR DB 172 58.05 77.93 -98.44
C THR DB 172 58.86 78.70 -97.40
N ALA DB 173 58.67 80.01 -97.37
CA ALA DB 173 59.31 80.82 -96.36
C ALA DB 173 58.43 80.91 -95.11
N SER DB 174 59.08 81.10 -93.97
CA SER DB 174 58.37 81.34 -92.72
C SER DB 174 59.31 82.12 -91.81
N LEU DB 175 58.79 82.48 -90.63
CA LEU DB 175 59.54 83.31 -89.71
C LEU DB 175 58.92 83.13 -88.33
N ARG DB 176 59.75 82.85 -87.33
CA ARG DB 176 59.28 82.61 -85.97
C ARG DB 176 60.11 83.41 -85.00
N GLN DB 177 59.72 83.38 -83.74
CA GLN DB 177 60.57 83.82 -82.64
C GLN DB 177 60.23 82.99 -81.41
N ASN DB 178 61.11 82.04 -81.09
CA ASN DB 178 60.87 81.10 -80.02
C ASN DB 178 61.58 81.57 -78.75
N GLY DB 179 60.92 81.35 -77.62
CA GLY DB 179 61.47 81.73 -76.34
C GLY DB 179 60.95 83.07 -75.85
N ALA DB 180 61.78 83.82 -75.15
CA ALA DB 180 61.38 85.12 -74.62
C ALA DB 180 61.71 86.26 -75.57
N LYS DB 181 61.28 86.11 -76.83
CA LYS DB 181 61.36 87.12 -77.89
C LYS DB 181 62.80 87.57 -78.14
N THR DB 182 63.76 86.65 -78.02
CA THR DB 182 65.17 87.02 -78.10
C THR DB 182 65.86 86.53 -79.37
N ALA DB 183 65.29 85.56 -80.08
CA ALA DB 183 65.94 85.03 -81.27
C ALA DB 183 64.89 84.72 -82.32
N TYR DB 184 65.19 85.08 -83.56
CA TYR DB 184 64.30 84.82 -84.68
C TYR DB 184 64.68 83.49 -85.34
N ARG DB 185 63.89 83.08 -86.34
CA ARG DB 185 64.16 81.85 -87.07
C ARG DB 185 63.58 81.98 -88.47
N VAL DB 186 64.44 82.32 -89.42
CA VAL DB 186 64.06 82.35 -90.84
C VAL DB 186 64.19 80.93 -91.39
N ASN DB 187 63.24 80.53 -92.23
CA ASN DB 187 63.21 79.15 -92.70
C ASN DB 187 62.76 79.14 -94.17
N LEU DB 188 63.71 79.09 -95.08
CA LEU DB 188 63.46 78.96 -96.51
C LEU DB 188 63.53 77.50 -96.93
N LYS DB 189 62.85 77.19 -98.03
CA LYS DB 189 62.82 75.82 -98.55
C LYS DB 189 62.39 75.85 -100.00
N LEU DB 190 63.22 75.32 -100.89
CA LEU DB 190 62.94 75.33 -102.33
C LEU DB 190 62.79 73.89 -102.80
N ASP DB 191 61.57 73.54 -103.21
CA ASP DB 191 61.29 72.23 -103.77
C ASP DB 191 61.40 72.27 -105.29
N GLN DB 192 62.09 71.28 -105.85
CA GLN DB 192 62.15 71.12 -107.30
C GLN DB 192 61.76 69.69 -107.62
N ALA DB 193 60.61 69.52 -108.27
CA ALA DB 193 60.13 68.23 -108.70
C ALA DB 193 60.41 68.06 -110.19
N ASP DB 194 60.89 66.88 -110.57
CA ASP DB 194 61.20 66.59 -111.97
C ASP DB 194 59.98 65.91 -112.59
N VAL DB 195 59.40 66.54 -113.60
CA VAL DB 195 58.21 66.04 -114.28
C VAL DB 195 58.61 65.56 -115.67
N VAL DB 196 58.01 64.47 -116.12
CA VAL DB 196 58.28 63.91 -117.44
C VAL DB 196 56.98 63.39 -118.03
N ASP DB 197 56.84 63.53 -119.34
CA ASP DB 197 55.73 62.95 -120.08
C ASP DB 197 56.21 62.34 -121.39
N CYS DB 198 55.61 61.23 -121.78
CA CYS DB 198 55.95 60.56 -123.03
C CYS DB 198 54.72 60.26 -123.86
N SER DB 199 53.86 61.27 -124.06
CA SER DB 199 52.70 61.11 -124.92
C SER DB 199 53.09 60.94 -126.39
N THR DB 200 54.31 61.34 -126.77
CA THR DB 200 54.83 60.99 -128.09
C THR DB 200 55.27 59.53 -128.15
N SER DB 201 55.47 58.89 -127.00
CA SER DB 201 55.89 57.50 -126.93
C SER DB 201 54.75 56.56 -126.57
N VAL DB 202 54.12 56.78 -125.42
CA VAL DB 202 53.01 55.97 -124.95
C VAL DB 202 51.76 56.83 -124.93
N CYS DB 203 50.71 56.38 -125.61
CA CYS DB 203 49.47 57.12 -125.69
C CYS DB 203 48.74 57.17 -124.34
N GLY DB 204 48.00 58.24 -124.14
CA GLY DB 204 47.20 58.39 -122.93
C GLY DB 204 48.00 58.63 -121.68
N GLU DB 205 49.23 59.11 -121.79
CA GLU DB 205 50.09 59.34 -120.64
C GLU DB 205 50.14 60.83 -120.35
N LEU DB 206 49.63 61.22 -119.19
CA LEU DB 206 49.71 62.59 -118.71
C LEU DB 206 50.99 62.78 -117.91
N PRO DB 207 51.46 64.03 -117.76
CA PRO DB 207 52.69 64.27 -117.01
C PRO DB 207 52.58 63.88 -115.53
N LYS DB 208 53.70 63.41 -114.99
CA LYS DB 208 53.79 62.98 -113.60
C LYS DB 208 55.19 63.24 -113.09
N VAL DB 209 55.32 63.31 -111.77
CA VAL DB 209 56.60 63.57 -111.12
C VAL DB 209 57.26 62.24 -110.78
N ARG DB 210 58.59 62.20 -110.90
CA ARG DB 210 59.33 60.99 -110.57
C ARG DB 210 60.07 61.12 -109.23
N TYR DB 211 60.73 62.26 -109.02
CA TYR DB 211 61.39 62.53 -107.74
C TYR DB 211 61.31 64.02 -107.42
N THR DB 212 61.58 64.35 -106.16
CA THR DB 212 61.70 65.74 -105.73
C THR DB 212 63.02 65.92 -105.00
N GLN DB 213 63.60 67.11 -105.09
CA GLN DB 213 64.84 67.46 -104.42
C GLN DB 213 64.68 68.80 -103.74
N VAL DB 214 65.03 68.87 -102.46
CA VAL DB 214 64.81 70.07 -101.67
C VAL DB 214 66.14 70.75 -101.39
N TRP DB 215 66.06 72.00 -100.91
CA TRP DB 215 67.21 72.71 -100.34
C TRP DB 215 66.65 73.64 -99.28
N SER DB 216 66.63 73.17 -98.04
CA SER DB 216 66.11 73.97 -96.95
C SER DB 216 67.17 74.94 -96.45
N HIS DB 217 66.72 75.91 -95.66
CA HIS DB 217 67.60 76.81 -94.93
C HIS DB 217 67.03 77.02 -93.54
N ASP DB 218 67.91 77.30 -92.58
CA ASP DB 218 67.45 77.53 -91.21
C ASP DB 218 68.39 78.56 -90.58
N VAL DB 219 68.00 79.82 -90.66
CA VAL DB 219 68.82 80.93 -90.19
C VAL DB 219 68.36 81.28 -88.77
N THR DB 220 69.30 81.47 -87.87
CA THR DB 220 69.02 81.86 -86.50
C THR DB 220 69.62 83.24 -86.25
N ILE DB 221 68.76 84.20 -85.92
CA ILE DB 221 69.18 85.57 -85.71
C ILE DB 221 68.68 86.01 -84.34
N VAL DB 222 69.60 86.41 -83.46
CA VAL DB 222 69.20 86.95 -82.17
C VAL DB 222 68.77 88.40 -82.33
N ALA DB 223 67.83 88.83 -81.49
CA ALA DB 223 67.08 90.06 -81.74
C ALA DB 223 67.91 91.32 -81.50
N ASN DB 224 68.85 91.27 -80.56
CA ASN DB 224 69.67 92.42 -80.22
C ASN DB 224 70.99 92.45 -80.98
N SER DB 225 71.00 91.97 -82.22
CA SER DB 225 72.20 91.85 -83.03
C SER DB 225 72.68 93.22 -83.49
N THR DB 226 73.90 93.23 -84.03
CA THR DB 226 74.41 94.35 -84.80
C THR DB 226 73.96 94.16 -86.24
N GLU DB 227 73.81 95.27 -86.98
CA GLU DB 227 73.44 95.15 -88.39
C GLU DB 227 74.56 94.54 -89.21
N ALA DB 228 75.82 94.92 -88.93
CA ALA DB 228 76.94 94.32 -89.64
C ALA DB 228 77.22 92.88 -89.18
N SER DB 229 76.61 92.45 -88.08
CA SER DB 229 76.69 91.04 -87.70
C SER DB 229 75.79 90.18 -88.57
N ARG DB 230 74.59 90.67 -88.89
CA ARG DB 230 73.71 89.93 -89.79
C ARG DB 230 74.10 90.12 -91.25
N LYS DB 231 74.74 91.25 -91.57
CA LYS DB 231 75.15 91.50 -92.94
C LYS DB 231 76.36 90.65 -93.30
N SER DB 232 77.25 90.41 -92.35
CA SER DB 232 78.42 89.57 -92.63
C SER DB 232 78.05 88.09 -92.65
N LEU DB 233 77.03 87.69 -91.88
CA LEU DB 233 76.56 86.31 -91.93
C LEU DB 233 75.91 86.01 -93.27
N TYR DB 234 75.18 86.97 -93.83
CA TYR DB 234 74.59 86.80 -95.15
C TYR DB 234 75.66 86.76 -96.23
N ASP DB 235 76.65 87.65 -96.14
CA ASP DB 235 77.70 87.73 -97.15
C ASP DB 235 78.62 86.52 -97.14
N LEU DB 236 78.73 85.81 -96.02
CA LEU DB 236 79.52 84.58 -96.01
C LEU DB 236 78.75 83.42 -96.63
N THR DB 237 77.45 83.33 -96.32
CA THR DB 237 76.64 82.24 -96.89
C THR DB 237 76.39 82.46 -98.37
N LYS DB 238 76.27 83.72 -98.81
CA LYS DB 238 76.19 84.01 -100.24
C LYS DB 238 77.48 83.62 -100.95
N SER DB 239 78.61 83.78 -100.28
CA SER DB 239 79.89 83.42 -100.87
C SER DB 239 80.22 81.95 -100.66
N LEU DB 240 79.50 81.25 -99.79
CA LEU DB 240 79.74 79.83 -99.60
C LEU DB 240 79.08 79.02 -100.70
N VAL DB 241 77.83 79.34 -101.03
CA VAL DB 241 77.11 78.65 -102.10
C VAL DB 241 77.74 78.95 -103.46
N ALA DB 242 78.34 80.13 -103.61
CA ALA DB 242 78.94 80.51 -104.88
C ALA DB 242 80.31 79.88 -105.12
N THR DB 243 80.82 79.07 -104.19
CA THR DB 243 82.11 78.44 -104.38
C THR DB 243 82.01 77.27 -105.35
N SER DB 244 83.19 76.80 -105.78
CA SER DB 244 83.24 75.64 -106.67
C SER DB 244 83.28 74.33 -105.90
N GLN DB 245 83.31 74.38 -104.57
CA GLN DB 245 83.36 73.15 -103.79
C GLN DB 245 81.96 72.72 -103.35
N VAL DB 246 81.09 73.69 -103.07
CA VAL DB 246 79.71 73.37 -102.71
C VAL DB 246 78.91 73.02 -103.97
N GLU DB 247 79.38 73.46 -105.15
CA GLU DB 247 78.81 72.99 -106.40
C GLU DB 247 79.06 71.50 -106.58
N ASP DB 248 80.31 71.06 -106.38
CA ASP DB 248 80.64 69.65 -106.53
C ASP DB 248 80.13 68.80 -105.39
N LEU DB 249 79.81 69.41 -104.25
CA LEU DB 249 79.23 68.65 -103.14
C LEU DB 249 77.79 68.27 -103.44
N VAL DB 250 77.08 69.08 -104.21
CA VAL DB 250 75.70 68.79 -104.57
C VAL DB 250 75.62 68.01 -105.88
N VAL DB 251 76.39 68.42 -106.89
CA VAL DB 251 76.33 67.77 -108.18
C VAL DB 251 77.02 66.41 -108.16
N ASN DB 252 78.27 66.35 -107.72
CA ASN DB 252 79.06 65.14 -107.80
C ASN DB 252 79.36 64.49 -106.46
N LEU DB 253 78.80 65.00 -105.36
CA LEU DB 253 78.92 64.45 -104.00
C LEU DB 253 80.38 64.40 -103.52
N VAL DB 254 81.23 65.29 -104.01
CA VAL DB 254 82.60 65.38 -103.52
C VAL DB 254 82.61 66.14 -102.20
N PRO DB 255 83.19 65.60 -101.14
CA PRO DB 255 83.25 66.35 -99.87
C PRO DB 255 84.13 67.58 -99.96
N LEU DB 256 83.93 68.49 -99.01
CA LEU DB 256 84.58 69.78 -99.03
C LEU DB 256 86.05 69.68 -98.62
N GLY DB 257 86.81 70.70 -98.98
CA GLY DB 257 88.20 70.78 -98.58
C GLY DB 257 89.17 70.45 -99.71
N ARG DB 258 89.89 71.46 -100.19
CA ARG DB 258 90.88 71.26 -101.24
C ARG DB 258 92.27 71.64 -100.76
N SER EB 1 -96.57 102.92 -59.49
CA SER EB 1 -95.82 103.03 -58.25
C SER EB 1 -94.88 104.25 -58.30
N LYS EB 2 -93.60 104.02 -58.00
CA LYS EB 2 -92.60 105.07 -58.02
C LYS EB 2 -91.77 104.93 -59.29
N THR EB 3 -91.63 106.02 -60.03
CA THR EB 3 -91.06 105.98 -61.37
C THR EB 3 -89.88 106.91 -61.52
N ILE EB 4 -88.98 106.56 -62.45
CA ILE EB 4 -87.94 107.44 -62.97
C ILE EB 4 -88.18 107.58 -64.46
N VAL EB 5 -88.09 108.80 -64.98
CA VAL EB 5 -88.33 109.08 -66.39
C VAL EB 5 -86.99 109.46 -67.02
N LEU EB 6 -86.56 108.67 -67.99
CA LEU EB 6 -85.30 108.89 -68.71
C LEU EB 6 -85.62 109.37 -70.11
N SER EB 7 -85.54 110.68 -70.33
CA SER EB 7 -85.82 111.25 -71.64
C SER EB 7 -84.61 111.08 -72.55
N VAL EB 8 -84.81 110.45 -73.69
CA VAL EB 8 -83.71 110.09 -74.59
C VAL EB 8 -83.94 110.94 -75.85
N GLY EB 9 -84.45 112.15 -75.64
CA GLY EB 9 -84.81 113.03 -76.73
C GLY EB 9 -86.27 113.41 -76.64
N GLU EB 10 -87.08 112.89 -77.55
CA GLU EB 10 -88.52 112.96 -77.41
C GLU EB 10 -89.12 111.67 -76.87
N ALA EB 11 -88.40 110.56 -76.98
CA ALA EB 11 -88.85 109.29 -76.42
C ALA EB 11 -88.50 109.24 -74.94
N THR EB 12 -89.51 109.03 -74.09
CA THR EB 12 -89.32 108.91 -72.65
C THR EB 12 -89.52 107.45 -72.27
N ARG EB 13 -88.57 106.90 -71.53
CA ARG EB 13 -88.60 105.50 -71.11
C ARG EB 13 -88.78 105.46 -69.59
N THR EB 14 -89.99 105.13 -69.15
CA THR EB 14 -90.34 105.19 -67.75
C THR EB 14 -90.08 103.85 -67.07
N LEU EB 15 -89.21 103.86 -66.07
CA LEU EB 15 -88.94 102.68 -65.25
C LEU EB 15 -89.91 102.65 -64.08
N THR EB 16 -90.31 101.43 -63.71
CA THR EB 16 -91.24 101.24 -62.60
C THR EB 16 -90.59 100.37 -61.54
N GLU EB 17 -90.78 100.74 -60.28
CA GLU EB 17 -90.09 100.08 -59.18
C GLU EB 17 -90.68 98.72 -58.90
N ILE EB 18 -89.83 97.70 -58.83
CA ILE EB 18 -90.26 96.33 -58.55
C ILE EB 18 -89.73 95.80 -57.24
N GLN EB 19 -88.91 96.56 -56.50
CA GLN EB 19 -88.36 96.10 -55.24
C GLN EB 19 -87.98 97.31 -54.39
N SER EB 20 -88.20 97.20 -53.09
CA SER EB 20 -87.80 98.24 -52.15
C SER EB 20 -87.36 97.54 -50.87
N THR EB 21 -86.05 97.31 -50.74
CA THR EB 21 -85.49 96.73 -49.54
C THR EB 21 -85.09 97.90 -48.63
N ALA EB 22 -84.32 97.64 -47.57
CA ALA EB 22 -83.85 98.73 -46.71
C ALA EB 22 -82.84 99.61 -47.44
N ASP EB 23 -81.98 99.01 -48.25
CA ASP EB 23 -81.04 99.76 -49.06
C ASP EB 23 -81.23 99.59 -50.56
N ARG EB 24 -81.37 98.35 -51.03
CA ARG EB 24 -81.50 98.10 -52.46
C ARG EB 24 -82.87 98.54 -52.97
N GLN EB 25 -82.92 98.93 -54.23
CA GLN EB 25 -84.12 99.54 -54.80
C GLN EB 25 -84.07 99.31 -56.31
N ILE EB 26 -84.81 98.32 -56.78
CA ILE EB 26 -84.72 97.85 -58.15
C ILE EB 26 -85.86 98.46 -58.97
N PHE EB 27 -85.51 99.04 -60.11
CA PHE EB 27 -86.46 99.57 -61.07
C PHE EB 27 -86.41 98.73 -62.34
N GLU EB 28 -87.48 98.80 -63.13
CA GLU EB 28 -87.58 98.02 -64.35
C GLU EB 28 -88.62 98.65 -65.25
N GLU EB 29 -88.34 98.64 -66.56
CA GLU EB 29 -89.29 99.12 -67.54
C GLU EB 29 -90.31 98.03 -67.83
N LYS EB 30 -91.54 98.42 -68.10
CA LYS EB 30 -92.64 97.48 -68.25
C LYS EB 30 -93.10 97.30 -69.69
N VAL EB 31 -92.51 98.00 -70.64
CA VAL EB 31 -92.93 97.89 -72.04
C VAL EB 31 -92.10 96.82 -72.73
N GLY EB 32 -92.78 95.88 -73.38
CA GLY EB 32 -92.11 94.89 -74.20
C GLY EB 32 -92.26 93.48 -73.68
N PRO EB 33 -91.39 92.57 -74.14
CA PRO EB 33 -91.41 91.19 -73.64
C PRO EB 33 -90.96 91.09 -72.19
N LEU EB 34 -91.21 89.94 -71.57
CA LEU EB 34 -91.00 89.77 -70.14
C LEU EB 34 -89.61 89.25 -69.79
N VAL EB 35 -88.81 88.86 -70.77
CA VAL EB 35 -87.55 88.21 -70.47
C VAL EB 35 -86.38 89.19 -70.50
N GLY EB 36 -86.40 90.20 -71.37
CA GLY EB 36 -85.33 91.17 -71.39
C GLY EB 36 -85.83 92.60 -71.29
N ARG EB 37 -85.53 93.26 -70.18
CA ARG EB 37 -85.99 94.62 -69.93
C ARG EB 37 -84.87 95.41 -69.28
N LEU EB 38 -85.06 96.73 -69.17
CA LEU EB 38 -84.12 97.57 -68.44
C LEU EB 38 -84.14 97.25 -66.95
N ARG EB 39 -83.09 97.70 -66.27
CA ARG EB 39 -82.91 97.41 -64.86
C ARG EB 39 -82.08 98.53 -64.27
N LEU EB 40 -82.40 98.91 -63.03
CA LEU EB 40 -81.66 99.97 -62.36
C LEU EB 40 -81.61 99.60 -60.89
N THR EB 41 -80.48 99.05 -60.46
CA THR EB 41 -80.31 98.57 -59.10
C THR EB 41 -79.64 99.68 -58.29
N ALA EB 42 -80.47 100.57 -57.75
CA ALA EB 42 -79.95 101.63 -56.90
C ALA EB 42 -79.66 101.11 -55.51
N SER EB 43 -78.82 101.84 -54.79
CA SER EB 43 -78.41 101.43 -53.44
C SER EB 43 -77.90 102.66 -52.70
N LEU EB 44 -77.73 102.49 -51.39
CA LEU EB 44 -77.15 103.51 -50.52
C LEU EB 44 -76.69 102.82 -49.24
N ARG EB 45 -75.56 103.26 -48.71
CA ARG EB 45 -74.95 102.65 -47.54
C ARG EB 45 -74.27 103.73 -46.71
N GLN EB 46 -73.75 103.32 -45.56
CA GLN EB 46 -72.77 104.12 -44.83
C GLN EB 46 -71.85 103.15 -44.09
N ASN EB 47 -70.72 102.83 -44.71
CA ASN EB 47 -69.83 101.81 -44.19
C ASN EB 47 -68.81 102.42 -43.24
N GLY EB 48 -68.41 101.63 -42.24
CA GLY EB 48 -67.42 102.07 -41.28
C GLY EB 48 -68.02 102.75 -40.07
N ALA EB 49 -67.36 103.78 -39.57
CA ALA EB 49 -67.81 104.50 -38.38
C ALA EB 49 -68.68 105.70 -38.77
N LYS EB 50 -69.70 105.42 -39.59
CA LYS EB 50 -70.79 106.34 -39.93
C LYS EB 50 -70.31 107.65 -40.56
N THR EB 51 -69.17 107.60 -41.26
CA THR EB 51 -68.55 108.84 -41.74
C THR EB 51 -68.60 109.03 -43.25
N ALA EB 52 -68.88 107.98 -44.02
CA ALA EB 52 -68.87 108.08 -45.47
C ALA EB 52 -70.00 107.25 -46.04
N TYR EB 53 -70.77 107.84 -46.95
CA TYR EB 53 -71.84 107.13 -47.64
C TYR EB 53 -71.30 106.47 -48.90
N ARG EB 54 -72.16 105.70 -49.57
CA ARG EB 54 -71.76 105.01 -50.78
C ARG EB 54 -73.00 104.80 -51.65
N VAL EB 55 -73.15 105.64 -52.65
CA VAL EB 55 -74.18 105.46 -53.66
C VAL EB 55 -73.69 104.46 -54.69
N ASN EB 56 -74.59 103.61 -55.18
CA ASN EB 56 -74.18 102.52 -56.07
C ASN EB 56 -75.32 102.24 -57.05
N LEU EB 57 -75.22 102.80 -58.25
CA LEU EB 57 -76.17 102.53 -59.31
C LEU EB 57 -75.64 101.46 -60.26
N LYS EB 58 -76.56 100.86 -61.01
CA LYS EB 58 -76.20 99.81 -61.96
C LYS EB 58 -77.31 99.73 -63.01
N LEU EB 59 -77.03 100.21 -64.21
CA LEU EB 59 -78.01 100.25 -65.29
C LEU EB 59 -77.73 99.11 -66.26
N ASP EB 60 -78.43 98.00 -66.11
CA ASP EB 60 -78.30 96.89 -67.05
C ASP EB 60 -79.11 97.17 -68.30
N GLN EB 61 -78.72 96.50 -69.39
CA GLN EB 61 -79.45 96.60 -70.64
C GLN EB 61 -79.25 95.31 -71.41
N ALA EB 62 -80.33 94.57 -71.62
CA ALA EB 62 -80.29 93.30 -72.31
C ALA EB 62 -80.79 93.46 -73.73
N ASP EB 63 -80.14 92.79 -74.67
CA ASP EB 63 -80.55 92.82 -76.07
C ASP EB 63 -81.31 91.54 -76.36
N VAL EB 64 -82.63 91.62 -76.31
CA VAL EB 64 -83.50 90.48 -76.55
C VAL EB 64 -83.78 90.38 -78.04
N VAL EB 65 -83.93 89.16 -78.54
CA VAL EB 65 -84.24 88.91 -79.95
C VAL EB 65 -85.29 87.81 -80.00
N ASP EB 66 -86.29 88.00 -80.85
CA ASP EB 66 -87.35 87.02 -81.07
C ASP EB 66 -87.55 86.80 -82.56
N CYS EB 67 -87.25 85.60 -83.02
CA CYS EB 67 -87.38 85.25 -84.44
C CYS EB 67 -88.22 83.99 -84.61
N SER EB 68 -89.39 83.98 -83.97
CA SER EB 68 -90.37 82.93 -84.22
C SER EB 68 -90.93 82.97 -85.64
N THR EB 69 -90.81 84.11 -86.33
CA THR EB 69 -91.20 84.18 -87.73
C THR EB 69 -90.28 83.35 -88.61
N SER EB 70 -88.97 83.41 -88.35
CA SER EB 70 -88.02 82.66 -89.16
C SER EB 70 -87.97 81.19 -88.74
N VAL EB 71 -87.61 80.93 -87.49
CA VAL EB 71 -87.53 79.58 -86.96
C VAL EB 71 -88.86 79.28 -86.28
N CYS EB 72 -89.51 78.19 -86.71
CA CYS EB 72 -90.82 77.85 -86.17
C CYS EB 72 -90.68 77.18 -84.80
N GLY EB 73 -91.22 77.84 -83.78
CA GLY EB 73 -91.30 77.23 -82.46
C GLY EB 73 -90.29 77.70 -81.44
N GLU EB 74 -89.66 78.86 -81.64
CA GLU EB 74 -88.73 79.38 -80.66
C GLU EB 74 -89.32 80.61 -79.98
N LEU EB 75 -88.73 80.96 -78.85
CA LEU EB 75 -89.24 81.99 -77.95
C LEU EB 75 -88.25 83.15 -77.91
N PRO EB 76 -88.62 84.32 -77.38
CA PRO EB 76 -87.64 85.39 -77.21
C PRO EB 76 -86.53 85.03 -76.23
N LYS EB 77 -85.33 85.53 -76.51
CA LYS EB 77 -84.12 85.08 -75.84
C LYS EB 77 -83.15 86.24 -75.76
N VAL EB 78 -82.33 86.27 -74.71
CA VAL EB 78 -81.39 87.35 -74.46
C VAL EB 78 -80.04 86.96 -75.05
N ARG EB 79 -79.49 87.82 -75.92
CA ARG EB 79 -78.15 87.58 -76.45
C ARG EB 79 -77.10 87.93 -75.41
N TYR EB 80 -77.03 89.21 -75.02
CA TYR EB 80 -75.98 89.70 -74.14
C TYR EB 80 -76.57 90.79 -73.24
N THR EB 81 -75.76 91.22 -72.27
CA THR EB 81 -76.11 92.33 -71.40
C THR EB 81 -74.95 93.31 -71.33
N GLN EB 82 -75.26 94.59 -71.36
CA GLN EB 82 -74.27 95.65 -71.24
C GLN EB 82 -74.67 96.58 -70.10
N VAL EB 83 -73.79 96.71 -69.11
CA VAL EB 83 -74.11 97.45 -67.91
C VAL EB 83 -73.34 98.76 -67.88
N TRP EB 84 -73.75 99.65 -66.97
CA TRP EB 84 -73.02 100.89 -66.70
C TRP EB 84 -73.23 101.17 -65.22
N SER EB 85 -72.26 100.77 -64.40
CA SER EB 85 -72.35 100.97 -62.96
C SER EB 85 -71.79 102.32 -62.56
N HIS EB 86 -72.13 102.74 -61.34
CA HIS EB 86 -71.57 103.92 -60.72
C HIS EB 86 -71.22 103.57 -59.28
N ASP EB 87 -70.20 104.24 -58.74
CA ASP EB 87 -69.79 104.03 -57.35
C ASP EB 87 -69.37 105.39 -56.79
N VAL EB 88 -70.31 106.08 -56.18
CA VAL EB 88 -70.08 107.41 -55.63
C VAL EB 88 -69.73 107.26 -54.16
N THR EB 89 -68.73 108.02 -53.71
CA THR EB 89 -68.35 108.04 -52.30
C THR EB 89 -68.50 109.46 -51.78
N ILE EB 90 -69.36 109.62 -50.78
CA ILE EB 90 -69.67 110.92 -50.19
C ILE EB 90 -69.35 110.86 -48.71
N VAL EB 91 -68.48 111.75 -48.25
CA VAL EB 91 -68.18 111.84 -46.82
C VAL EB 91 -69.26 112.68 -46.15
N ALA EB 92 -69.57 112.34 -44.90
CA ALA EB 92 -70.80 112.81 -44.27
C ALA EB 92 -70.74 114.27 -43.87
N ASN EB 93 -69.56 114.79 -43.53
CA ASN EB 93 -69.40 116.17 -43.10
C ASN EB 93 -69.02 117.10 -44.23
N SER EB 94 -69.47 116.83 -45.45
CA SER EB 94 -69.07 117.61 -46.61
C SER EB 94 -69.77 118.97 -46.63
N THR EB 95 -69.29 119.82 -47.52
CA THR EB 95 -69.96 121.05 -47.90
C THR EB 95 -70.94 120.72 -49.03
N GLU EB 96 -72.11 121.35 -49.01
CA GLU EB 96 -73.10 121.10 -50.05
C GLU EB 96 -72.63 121.60 -51.41
N ALA EB 97 -71.77 122.62 -51.44
CA ALA EB 97 -71.20 123.07 -52.70
C ALA EB 97 -70.15 122.11 -53.24
N SER EB 98 -69.58 121.25 -52.38
CA SER EB 98 -68.63 120.26 -52.86
C SER EB 98 -69.35 119.03 -53.41
N ARG EB 99 -70.48 118.68 -52.81
CA ARG EB 99 -71.32 117.61 -53.33
C ARG EB 99 -72.00 118.00 -54.63
N LYS EB 100 -72.33 119.28 -54.80
CA LYS EB 100 -72.95 119.74 -56.03
C LYS EB 100 -71.92 119.81 -57.16
N SER EB 101 -70.68 120.17 -56.83
CA SER EB 101 -69.65 120.28 -57.86
C SER EB 101 -69.22 118.91 -58.37
N LEU EB 102 -69.22 117.91 -57.49
CA LEU EB 102 -68.92 116.54 -57.92
C LEU EB 102 -70.00 116.00 -58.84
N TYR EB 103 -71.26 116.42 -58.61
CA TYR EB 103 -72.33 116.01 -59.51
C TYR EB 103 -72.27 116.77 -60.83
N ASP EB 104 -71.95 118.06 -60.78
CA ASP EB 104 -71.90 118.87 -62.00
C ASP EB 104 -70.72 118.53 -62.89
N LEU EB 105 -69.66 117.97 -62.34
CA LEU EB 105 -68.53 117.57 -63.17
C LEU EB 105 -68.80 116.23 -63.84
N THR EB 106 -69.44 115.29 -63.13
CA THR EB 106 -69.73 113.99 -63.71
C THR EB 106 -70.88 114.07 -64.69
N LYS EB 107 -71.84 114.97 -64.45
CA LYS EB 107 -72.91 115.20 -65.43
C LYS EB 107 -72.36 115.78 -66.72
N SER EB 108 -71.29 116.57 -66.63
CA SER EB 108 -70.64 117.11 -67.81
C SER EB 108 -69.55 116.20 -68.35
N LEU EB 109 -69.08 115.24 -67.56
CA LEU EB 109 -68.15 114.24 -68.08
C LEU EB 109 -68.85 113.30 -69.04
N VAL EB 110 -70.03 112.80 -68.66
CA VAL EB 110 -70.75 111.86 -69.50
C VAL EB 110 -71.30 112.56 -70.73
N ALA EB 111 -71.61 113.85 -70.63
CA ALA EB 111 -72.22 114.56 -71.74
C ALA EB 111 -71.24 115.08 -72.77
N THR EB 112 -69.95 114.72 -72.69
CA THR EB 112 -69.01 115.21 -73.68
C THR EB 112 -68.85 114.20 -74.82
N SER EB 113 -68.24 114.66 -75.90
CA SER EB 113 -68.06 113.83 -77.09
C SER EB 113 -66.87 112.90 -77.00
N GLN EB 114 -66.07 112.97 -75.94
CA GLN EB 114 -64.93 112.08 -75.81
C GLN EB 114 -65.27 110.83 -75.03
N VAL EB 115 -66.23 110.91 -74.12
CA VAL EB 115 -66.70 109.72 -73.41
C VAL EB 115 -67.72 108.97 -74.26
N GLU EB 116 -68.43 109.69 -75.14
CA GLU EB 116 -69.36 109.05 -76.05
C GLU EB 116 -68.64 108.14 -77.03
N ASP EB 117 -67.53 108.61 -77.61
CA ASP EB 117 -66.76 107.78 -78.52
C ASP EB 117 -65.95 106.71 -77.78
N LEU EB 118 -65.78 106.85 -76.47
CA LEU EB 118 -65.04 105.86 -75.71
C LEU EB 118 -65.87 104.60 -75.48
N VAL EB 119 -67.19 104.72 -75.37
CA VAL EB 119 -68.02 103.56 -75.10
C VAL EB 119 -68.69 103.07 -76.38
N VAL EB 120 -68.83 103.95 -77.37
CA VAL EB 120 -69.45 103.52 -78.62
C VAL EB 120 -68.39 102.98 -79.57
N ASN EB 121 -67.38 103.78 -79.90
CA ASN EB 121 -66.38 103.41 -80.90
C ASN EB 121 -65.03 103.09 -80.30
N LEU EB 122 -64.92 103.01 -78.98
CA LEU EB 122 -63.75 102.56 -78.23
C LEU EB 122 -62.52 103.45 -78.44
N VAL EB 123 -62.73 104.71 -78.83
CA VAL EB 123 -61.63 105.65 -79.03
C VAL EB 123 -61.15 106.13 -77.65
N PRO EB 124 -59.85 106.16 -77.40
CA PRO EB 124 -59.36 106.61 -76.09
C PRO EB 124 -59.57 108.11 -75.86
N LEU EB 125 -59.32 108.51 -74.63
CA LEU EB 125 -59.64 109.87 -74.20
C LEU EB 125 -58.53 110.85 -74.57
N GLY EB 126 -58.93 112.11 -74.75
CA GLY EB 126 -57.97 113.16 -74.98
C GLY EB 126 -57.81 113.52 -76.45
N ARG EB 127 -58.02 114.79 -76.78
CA ARG EB 127 -57.82 115.29 -78.14
C ARG EB 127 -56.97 116.55 -78.06
N ALA EB 128 -55.81 116.52 -78.71
CA ALA EB 128 -54.87 117.62 -78.65
C ALA EB 128 -55.29 118.72 -79.62
N TYR EB 129 -55.84 119.81 -79.09
CA TYR EB 129 -56.21 120.98 -79.88
C TYR EB 129 -55.24 122.10 -79.50
N GLY EB 130 -54.08 122.12 -80.16
CA GLY EB 130 -53.07 123.11 -79.89
C GLY EB 130 -52.45 123.00 -78.50
N GLY EB 131 -51.74 121.91 -78.24
CA GLY EB 131 -51.14 121.72 -76.94
C GLY EB 131 -51.13 120.28 -76.49
N SER EB 132 -51.53 120.03 -75.25
CA SER EB 132 -51.55 118.68 -74.71
C SER EB 132 -52.90 118.01 -74.99
N LYS EB 133 -52.99 116.74 -74.64
CA LYS EB 133 -54.25 116.01 -74.74
C LYS EB 133 -55.15 116.46 -73.59
N THR EB 134 -56.21 117.18 -73.92
CA THR EB 134 -57.05 117.83 -72.91
C THR EB 134 -58.48 117.33 -72.97
N ILE EB 135 -59.17 117.42 -71.84
CA ILE EB 135 -60.60 117.22 -71.74
C ILE EB 135 -61.19 118.50 -71.16
N VAL EB 136 -62.31 118.97 -71.72
CA VAL EB 136 -62.96 120.17 -71.25
C VAL EB 136 -64.29 119.78 -70.61
N LEU EB 137 -64.48 120.17 -69.36
CA LEU EB 137 -65.69 119.88 -68.60
C LEU EB 137 -66.38 121.19 -68.28
N SER EB 138 -67.29 121.61 -69.16
CA SER EB 138 -68.03 122.85 -68.96
C SER EB 138 -69.08 122.68 -67.87
N VAL EB 139 -69.12 123.62 -66.94
CA VAL EB 139 -70.04 123.57 -65.80
C VAL EB 139 -70.95 124.78 -66.04
N GLY EB 140 -71.25 125.05 -67.31
CA GLY EB 140 -71.97 126.25 -67.68
C GLY EB 140 -71.08 127.17 -68.47
N GLU EB 141 -70.64 128.27 -67.86
CA GLU EB 141 -69.63 129.12 -68.46
C GLU EB 141 -68.23 128.83 -67.93
N ALA EB 142 -68.11 128.24 -66.76
CA ALA EB 142 -66.81 127.85 -66.24
C ALA EB 142 -66.37 126.54 -66.89
N THR EB 143 -65.19 126.57 -67.52
CA THR EB 143 -64.62 125.39 -68.17
C THR EB 143 -63.39 124.96 -67.39
N ARG EB 144 -63.31 123.67 -67.06
CA ARG EB 144 -62.20 123.13 -66.29
C ARG EB 144 -61.45 122.14 -67.17
N THR EB 145 -60.27 122.56 -67.65
CA THR EB 145 -59.52 121.80 -68.64
C THR EB 145 -58.54 120.88 -67.93
N LEU EB 146 -58.66 119.57 -68.17
CA LEU EB 146 -57.77 118.60 -67.58
C LEU EB 146 -56.78 118.09 -68.63
N THR EB 147 -55.50 118.26 -68.35
CA THR EB 147 -54.43 117.85 -69.25
C THR EB 147 -53.86 116.50 -68.83
N GLU EB 148 -53.43 115.73 -69.81
CA GLU EB 148 -52.97 114.37 -69.56
C GLU EB 148 -51.57 114.38 -68.96
N ILE EB 149 -51.38 113.61 -67.90
CA ILE EB 149 -50.10 113.55 -67.21
C ILE EB 149 -49.39 112.21 -67.36
N GLN EB 150 -50.10 111.14 -67.71
CA GLN EB 150 -49.53 109.80 -67.75
C GLN EB 150 -50.44 108.89 -68.56
N SER EB 151 -49.86 108.16 -69.51
CA SER EB 151 -50.60 107.19 -70.32
C SER EB 151 -49.74 105.94 -70.46
N THR EB 152 -49.93 104.99 -69.56
CA THR EB 152 -49.27 103.69 -69.66
C THR EB 152 -50.10 102.78 -70.56
N ALA EB 153 -49.79 101.48 -70.52
CA ALA EB 153 -50.53 100.53 -71.36
C ALA EB 153 -51.96 100.35 -70.86
N ASP EB 154 -52.18 100.46 -69.55
CA ASP EB 154 -53.52 100.29 -68.98
C ASP EB 154 -54.17 101.63 -68.62
N ARG EB 155 -53.53 102.43 -67.78
CA ARG EB 155 -54.17 103.62 -67.27
C ARG EB 155 -53.98 104.80 -68.21
N GLN EB 156 -54.77 105.85 -67.98
CA GLN EB 156 -54.64 107.10 -68.73
C GLN EB 156 -55.11 108.22 -67.79
N ILE EB 157 -54.17 108.86 -67.12
CA ILE EB 157 -54.49 109.76 -66.01
C ILE EB 157 -54.51 111.20 -66.52
N PHE EB 158 -55.61 111.88 -66.26
CA PHE EB 158 -55.75 113.30 -66.53
C PHE EB 158 -55.78 114.05 -65.21
N GLU EB 159 -55.46 115.35 -65.27
CA GLU EB 159 -55.36 116.16 -64.05
C GLU EB 159 -55.42 117.63 -64.44
N GLU EB 160 -56.13 118.42 -63.64
CA GLU EB 160 -56.14 119.86 -63.82
C GLU EB 160 -54.81 120.45 -63.37
N LYS EB 161 -54.47 121.62 -63.91
CA LYS EB 161 -53.16 122.20 -63.69
C LYS EB 161 -53.18 123.54 -62.97
N VAL EB 162 -54.33 124.17 -62.82
CA VAL EB 162 -54.39 125.43 -62.09
C VAL EB 162 -54.48 125.16 -60.59
N GLY EB 163 -54.20 126.19 -59.80
CA GLY EB 163 -54.31 126.09 -58.36
C GLY EB 163 -53.10 125.49 -57.70
N PRO EB 164 -53.24 125.09 -56.44
CA PRO EB 164 -52.12 124.47 -55.73
C PRO EB 164 -51.85 123.06 -56.24
N LEU EB 165 -50.68 122.54 -55.86
CA LEU EB 165 -50.24 121.23 -56.30
C LEU EB 165 -50.75 120.10 -55.42
N VAL EB 166 -51.36 120.40 -54.28
CA VAL EB 166 -51.69 119.36 -53.33
C VAL EB 166 -53.08 118.77 -53.59
N GLY EB 167 -54.03 119.57 -54.07
CA GLY EB 167 -55.34 119.06 -54.38
C GLY EB 167 -55.82 119.49 -55.75
N ARG EB 168 -55.99 118.53 -56.67
CA ARG EB 168 -56.41 118.82 -58.02
C ARG EB 168 -57.34 117.71 -58.49
N LEU EB 169 -58.08 117.98 -59.57
CA LEU EB 169 -58.94 116.97 -60.15
C LEU EB 169 -58.14 115.84 -60.78
N ARG EB 170 -58.81 114.70 -60.94
CA ARG EB 170 -58.20 113.53 -61.54
C ARG EB 170 -59.22 112.90 -62.49
N LEU EB 171 -58.71 112.10 -63.43
CA LEU EB 171 -59.58 111.33 -64.31
C LEU EB 171 -58.78 110.11 -64.72
N THR EB 172 -59.01 108.99 -64.04
CA THR EB 172 -58.23 107.77 -64.24
C THR EB 172 -59.04 106.84 -65.14
N ALA EB 173 -58.85 106.99 -66.45
CA ALA EB 173 -59.50 106.09 -67.38
C ALA EB 173 -58.61 104.86 -67.64
N SER EB 174 -59.26 103.76 -67.97
CA SER EB 174 -58.56 102.55 -68.38
C SER EB 174 -59.50 101.74 -69.27
N LEU EB 175 -58.98 100.63 -69.78
CA LEU EB 175 -59.73 99.81 -70.73
C LEU EB 175 -59.10 98.43 -70.74
N ARG EB 176 -59.92 97.40 -70.57
CA ARG EB 176 -59.45 96.03 -70.51
C ARG EB 176 -60.28 95.16 -71.44
N GLN EB 177 -59.87 93.91 -71.57
CA GLN EB 177 -60.73 92.87 -72.13
C GLN EB 177 -60.35 91.55 -71.47
N ASN EB 178 -61.22 91.07 -70.59
CA ASN EB 178 -60.97 89.87 -69.82
C ASN EB 178 -61.68 88.69 -70.44
N GLY EB 179 -61.02 87.53 -70.40
CA GLY EB 179 -61.58 86.32 -70.93
C GLY EB 179 -61.09 86.03 -72.34
N ALA EB 180 -61.94 85.44 -73.16
CA ALA EB 180 -61.56 85.08 -74.53
C ALA EB 180 -61.90 86.19 -75.52
N LYS EB 181 -61.47 87.41 -75.19
CA LYS EB 181 -61.54 88.60 -76.05
C LYS EB 181 -62.98 88.92 -76.47
N THR EB 182 -63.94 88.67 -75.58
CA THR EB 182 -65.35 88.80 -75.92
C THR EB 182 -66.03 90.00 -75.28
N ALA EB 183 -65.46 90.58 -74.23
CA ALA EB 183 -66.10 91.68 -73.53
C ALA EB 183 -65.05 92.69 -73.08
N TYR EB 184 -65.36 93.96 -73.29
CA TYR EB 184 -64.47 95.04 -72.88
C TYR EB 184 -64.85 95.52 -71.49
N ARG EB 185 -64.06 96.46 -70.95
CA ARG EB 185 -64.34 97.01 -69.62
C ARG EB 185 -63.76 98.42 -69.57
N VAL EB 186 -64.62 99.41 -69.78
CA VAL EB 186 -64.25 100.81 -69.63
C VAL EB 186 -64.37 101.18 -68.16
N ASN EB 187 -63.42 101.96 -67.64
CA ASN EB 187 -63.39 102.25 -66.20
C ASN EB 187 -62.93 103.68 -66.01
N LEU EB 188 -63.90 104.59 -65.83
CA LEU EB 188 -63.63 105.99 -65.52
C LEU EB 188 -63.72 106.21 -64.01
N LYS EB 189 -63.04 107.26 -63.55
CA LYS EB 189 -63.01 107.59 -62.13
C LYS EB 189 -62.57 109.04 -61.98
N LEU EB 190 -63.40 109.85 -61.33
CA LEU EB 190 -63.13 111.28 -61.15
C LEU EB 190 -62.97 111.56 -59.66
N ASP EB 191 -61.76 111.95 -59.26
CA ASP EB 191 -61.47 112.32 -57.88
C ASP EB 191 -61.58 113.83 -57.72
N GLN EB 192 -62.27 114.26 -56.67
CA GLN EB 192 -62.33 115.67 -56.32
C GLN EB 192 -61.94 115.79 -54.86
N ALA EB 193 -60.79 116.42 -54.61
CA ALA EB 193 -60.31 116.68 -53.27
C ALA EB 193 -60.59 118.13 -52.91
N ASP EB 194 -61.07 118.34 -51.69
CA ASP EB 194 -61.37 119.69 -51.20
C ASP EB 194 -60.15 120.22 -50.45
N VAL EB 195 -59.58 121.30 -50.97
CA VAL EB 195 -58.39 121.91 -50.38
C VAL EB 195 -58.79 123.24 -49.73
N VAL EB 196 -58.19 123.53 -48.58
CA VAL EB 196 -58.47 124.77 -47.86
C VAL EB 196 -57.17 125.29 -47.26
N ASP EB 197 -57.03 126.60 -47.23
CA ASP EB 197 -55.91 127.25 -46.55
C ASP EB 197 -56.40 128.48 -45.77
N CYS EB 198 -55.82 128.68 -44.60
CA CYS EB 198 -56.17 129.82 -43.76
C CYS EB 198 -54.92 130.62 -43.37
N SER EB 199 -54.09 130.96 -44.35
CA SER EB 199 -52.93 131.80 -44.10
C SER EB 199 -53.31 133.22 -43.72
N THR EB 200 -54.53 133.65 -44.05
CA THR EB 200 -55.04 134.92 -43.53
C THR EB 200 -55.46 134.79 -42.09
N SER EB 201 -55.66 133.56 -41.59
CA SER EB 201 -56.08 133.32 -40.22
C SER EB 201 -54.94 132.84 -39.34
N VAL EB 202 -54.31 131.73 -39.71
CA VAL EB 202 -53.18 131.17 -38.97
C VAL EB 202 -51.94 131.27 -39.84
N CYS EB 203 -50.88 131.87 -39.30
CA CYS EB 203 -49.65 132.05 -40.04
C CYS EB 203 -48.92 130.73 -40.27
N GLY EB 204 -48.18 130.67 -41.37
CA GLY EB 204 -47.39 129.50 -41.70
C GLY EB 204 -48.18 128.28 -42.06
N GLU EB 205 -49.41 128.45 -42.55
CA GLU EB 205 -50.28 127.33 -42.91
C GLU EB 205 -50.34 127.24 -44.44
N LEU EB 206 -49.81 126.16 -44.96
CA LEU EB 206 -49.88 125.86 -46.38
C LEU EB 206 -51.15 125.08 -46.68
N PRO EB 207 -51.63 125.10 -47.93
CA PRO EB 207 -52.87 124.39 -48.26
C PRO EB 207 -52.76 122.88 -48.07
N LYS EB 208 -53.88 122.28 -47.67
CA LYS EB 208 -53.96 120.84 -47.44
C LYS EB 208 -55.37 120.38 -47.76
N VAL EB 209 -55.50 119.07 -47.98
CA VAL EB 209 -56.78 118.46 -48.33
C VAL EB 209 -57.45 117.93 -47.06
N ARG EB 210 -58.77 118.05 -47.00
CA ARG EB 210 -59.51 117.56 -45.84
C ARG EB 210 -60.25 116.27 -46.15
N TYR EB 211 -60.90 116.19 -47.32
CA TYR EB 211 -61.56 114.96 -47.75
C TYR EB 211 -61.48 114.83 -49.26
N THR EB 212 -61.75 113.63 -49.77
CA THR EB 212 -61.88 113.39 -51.20
C THR EB 212 -63.19 112.69 -51.46
N GLN EB 213 -63.78 112.95 -52.63
CA GLN EB 213 -65.02 112.32 -53.07
C GLN EB 213 -64.86 111.82 -54.48
N VAL EB 214 -65.20 110.56 -54.72
CA VAL EB 214 -64.98 109.93 -56.02
C VAL EB 214 -66.31 109.75 -56.73
N TRP EB 215 -66.24 109.43 -58.03
CA TRP EB 215 -67.39 108.97 -58.80
C TRP EB 215 -66.82 108.03 -59.87
N SER EB 216 -66.81 106.74 -59.57
CA SER EB 216 -66.29 105.76 -60.50
C SER EB 216 -67.35 105.39 -61.53
N HIS EB 217 -66.90 104.74 -62.60
CA HIS EB 217 -67.78 104.15 -63.59
C HIS EB 217 -67.20 102.79 -63.97
N ASP EB 218 -68.08 101.88 -64.38
CA ASP EB 218 -67.63 100.54 -64.79
C ASP EB 218 -68.57 100.06 -65.88
N VAL EB 219 -68.19 100.30 -67.13
CA VAL EB 219 -69.00 99.98 -68.29
C VAL EB 219 -68.54 98.63 -68.82
N THR EB 220 -69.49 97.75 -69.13
CA THR EB 220 -69.20 96.44 -69.70
C THR EB 220 -69.80 96.38 -71.09
N ILE EB 221 -68.95 96.17 -72.10
CA ILE EB 221 -69.36 96.14 -73.49
C ILE EB 221 -68.86 94.84 -74.10
N VAL EB 222 -69.77 94.03 -74.61
CA VAL EB 222 -69.39 92.82 -75.31
C VAL EB 222 -68.95 93.17 -76.72
N ALA EB 223 -68.02 92.39 -77.27
CA ALA EB 223 -67.27 92.80 -78.45
C ALA EB 223 -68.10 92.73 -79.73
N ASN EB 224 -69.03 91.79 -79.80
CA ASN EB 224 -69.86 91.60 -80.99
C ASN EB 224 -71.18 92.36 -80.91
N SER EB 225 -71.18 93.52 -80.27
CA SER EB 225 -72.38 94.32 -80.05
C SER EB 225 -72.87 94.95 -81.35
N THR EB 226 -74.09 95.49 -81.29
CA THR EB 226 -74.59 96.39 -82.30
C THR EB 226 -74.15 97.80 -81.92
N GLU EB 227 -74.01 98.67 -82.91
CA GLU EB 227 -73.63 100.05 -82.62
C GLU EB 227 -74.75 100.79 -81.91
N ALA EB 228 -76.00 100.56 -82.32
CA ALA EB 228 -77.13 101.17 -81.64
C ALA EB 228 -77.41 100.54 -80.28
N SER EB 229 -76.80 99.40 -79.98
CA SER EB 229 -76.87 98.84 -78.64
C SER EB 229 -75.99 99.61 -77.67
N ARG EB 230 -74.77 99.96 -78.10
CA ARG EB 230 -73.89 100.76 -77.25
C ARG EB 230 -74.29 102.22 -77.25
N LYS EB 231 -74.92 102.69 -78.33
CA LYS EB 231 -75.34 104.09 -78.40
C LYS EB 231 -76.55 104.33 -77.51
N SER EB 232 -77.44 103.35 -77.39
CA SER EB 232 -78.59 103.51 -76.53
C SER EB 232 -78.23 103.34 -75.06
N LEU EB 233 -77.22 102.53 -74.76
CA LEU EB 233 -76.74 102.40 -73.39
C LEU EB 233 -76.09 103.70 -72.91
N TYR EB 234 -75.37 104.38 -73.80
CA TYR EB 234 -74.77 105.67 -73.44
C TYR EB 234 -75.84 106.74 -73.27
N ASP EB 235 -76.84 106.76 -74.15
CA ASP EB 235 -77.89 107.76 -74.10
C ASP EB 235 -78.82 107.59 -72.91
N LEU EB 236 -78.92 106.40 -72.35
CA LEU EB 236 -79.70 106.22 -71.14
C LEU EB 236 -78.93 106.67 -69.91
N THR EB 237 -77.64 106.37 -69.85
CA THR EB 237 -76.82 106.78 -68.71
C THR EB 237 -76.58 108.29 -68.72
N LYS EB 238 -76.47 108.88 -69.91
CA LYS EB 238 -76.38 110.34 -70.00
C LYS EB 238 -77.67 110.99 -69.54
N SER EB 239 -78.80 110.34 -69.78
CA SER EB 239 -80.08 110.88 -69.34
C SER EB 239 -80.41 110.48 -67.91
N LEU EB 240 -79.69 109.52 -67.34
CA LEU EB 240 -79.92 109.15 -65.96
C LEU EB 240 -79.27 110.13 -65.00
N VAL EB 241 -78.02 110.51 -65.28
CA VAL EB 241 -77.30 111.48 -64.45
C VAL EB 241 -77.94 112.86 -64.58
N ALA EB 242 -78.53 113.17 -65.72
CA ALA EB 242 -79.14 114.47 -65.93
C ALA EB 242 -80.50 114.62 -65.28
N THR EB 243 -81.02 113.60 -64.60
CA THR EB 243 -82.31 113.70 -63.94
C THR EB 243 -82.21 114.51 -62.66
N SER EB 244 -83.37 114.88 -62.13
CA SER EB 244 -83.43 115.61 -60.87
C SER EB 244 -83.47 114.67 -59.67
N GLN EB 245 -83.50 113.36 -59.89
CA GLN EB 245 -83.55 112.42 -58.78
C GLN EB 245 -82.15 111.93 -58.41
N VAL EB 246 -81.27 111.78 -59.40
CA VAL EB 246 -79.89 111.39 -59.13
C VAL EB 246 -79.10 112.59 -58.63
N GLU EB 247 -79.56 113.81 -58.91
CA GLU EB 247 -79.00 114.99 -58.27
C GLU EB 247 -79.25 114.98 -56.77
N ASP EB 248 -80.49 114.73 -56.36
CA ASP EB 248 -80.83 114.69 -54.95
C ASP EB 248 -80.31 113.43 -54.25
N LEU EB 249 -79.98 112.39 -55.01
CA LEU EB 249 -79.40 111.20 -54.40
C LEU EB 249 -77.97 111.44 -53.98
N VAL EB 250 -77.26 112.32 -54.69
CA VAL EB 250 -75.88 112.63 -54.35
C VAL EB 250 -75.80 113.83 -53.41
N VAL EB 251 -76.57 114.88 -53.68
CA VAL EB 251 -76.51 116.09 -52.87
C VAL EB 251 -77.19 115.87 -51.52
N ASN EB 252 -78.44 115.43 -51.52
CA ASN EB 252 -79.24 115.35 -50.31
C ASN EB 252 -79.54 113.93 -49.84
N LEU EB 253 -78.97 112.91 -50.50
CA LEU EB 253 -79.10 111.49 -50.13
C LEU EB 253 -80.55 110.99 -50.14
N VAL EB 254 -81.41 111.60 -50.95
CA VAL EB 254 -82.78 111.14 -51.11
C VAL EB 254 -82.77 109.92 -52.04
N PRO EB 255 -83.36 108.80 -51.64
CA PRO EB 255 -83.43 107.64 -52.55
C PRO EB 255 -84.31 107.89 -53.76
N LEU EB 256 -84.11 107.06 -54.78
CA LEU EB 256 -84.76 107.26 -56.07
C LEU EB 256 -86.23 106.84 -56.01
N GLY EB 257 -86.99 107.33 -56.98
CA GLY EB 257 -88.38 106.95 -57.11
C GLY EB 257 -89.35 108.01 -56.63
N ARG EB 258 -90.07 108.62 -57.56
CA ARG EB 258 -91.06 109.64 -57.22
C ARG EB 258 -92.45 109.21 -57.68
N SER FB 1 -33.47 88.48 -120.25
CA SER FB 1 -34.34 87.47 -119.67
C SER FB 1 -35.65 88.08 -119.19
N LYS FB 2 -36.00 87.84 -117.93
CA LYS FB 2 -37.21 88.37 -117.33
C LYS FB 2 -36.84 89.57 -116.46
N THR FB 3 -37.55 90.68 -116.65
CA THR FB 3 -37.18 91.95 -116.05
C THR FB 3 -38.30 92.52 -115.21
N ILE FB 4 -37.91 93.29 -114.19
CA ILE FB 4 -38.80 94.17 -113.45
C ILE FB 4 -38.28 95.58 -113.61
N VAL FB 5 -39.18 96.53 -113.89
CA VAL FB 5 -38.81 97.92 -114.09
C VAL FB 5 -39.33 98.73 -112.90
N LEU FB 6 -38.42 99.44 -112.24
CA LEU FB 6 -38.75 100.23 -111.06
C LEU FB 6 -38.45 101.70 -111.37
N SER FB 7 -39.49 102.46 -111.65
CA SER FB 7 -39.33 103.87 -111.97
C SER FB 7 -39.22 104.69 -110.69
N VAL FB 8 -38.11 105.41 -110.54
CA VAL FB 8 -37.77 106.09 -109.30
C VAL FB 8 -37.88 107.58 -109.62
N GLY FB 9 -38.84 107.91 -110.47
CA GLY FB 9 -38.98 109.26 -111.00
C GLY FB 9 -39.06 109.20 -112.51
N GLU FB 10 -38.05 109.75 -113.18
CA GLU FB 10 -37.88 109.51 -114.61
C GLU FB 10 -36.81 108.46 -114.89
N ALA FB 11 -35.93 108.20 -113.94
CA ALA FB 11 -34.91 107.17 -114.10
C ALA FB 11 -35.52 105.79 -113.82
N THR FB 12 -35.38 104.88 -114.77
CA THR FB 12 -35.88 103.52 -114.64
C THR FB 12 -34.71 102.59 -114.34
N ARG FB 13 -34.88 101.74 -113.33
CA ARG FB 13 -33.84 100.81 -112.90
C ARG FB 13 -34.34 99.39 -113.17
N THR FB 14 -33.78 98.75 -114.19
CA THR FB 14 -34.27 97.47 -114.67
C THR FB 14 -33.44 96.34 -114.08
N LEU FB 15 -34.10 95.45 -113.33
CA LEU FB 15 -33.47 94.30 -112.72
C LEU FB 15 -33.76 93.05 -113.54
N THR FB 16 -32.71 92.32 -113.90
CA THR FB 16 -32.86 91.11 -114.70
C THR FB 16 -32.70 89.90 -113.80
N GLU FB 17 -33.29 88.78 -114.24
CA GLU FB 17 -33.35 87.58 -113.42
C GLU FB 17 -32.05 86.79 -113.54
N ILE FB 18 -31.51 86.37 -112.40
CA ILE FB 18 -30.31 85.54 -112.37
C ILE FB 18 -30.54 84.17 -111.75
N GLN FB 19 -31.75 83.87 -111.28
CA GLN FB 19 -32.03 82.57 -110.68
C GLN FB 19 -33.53 82.31 -110.76
N SER FB 20 -33.89 81.05 -111.01
CA SER FB 20 -35.29 80.64 -111.06
C SER FB 20 -35.36 79.22 -110.51
N THR FB 21 -35.61 79.08 -109.22
CA THR FB 21 -35.80 77.79 -108.59
C THR FB 21 -37.31 77.51 -108.61
N ALA FB 22 -37.78 76.50 -107.89
CA ALA FB 22 -39.21 76.22 -107.84
C ALA FB 22 -39.95 77.30 -107.06
N ASP FB 23 -39.34 77.83 -106.01
CA ASP FB 23 -39.94 78.90 -105.24
C ASP FB 23 -39.11 80.18 -105.24
N ARG FB 24 -37.81 80.09 -105.01
CA ARG FB 24 -36.97 81.29 -104.97
C ARG FB 24 -36.73 81.81 -106.38
N GLN FB 25 -36.55 83.13 -106.48
CA GLN FB 25 -36.49 83.79 -107.78
C GLN FB 25 -35.73 85.09 -107.58
N ILE FB 26 -34.47 85.10 -107.97
CA ILE FB 26 -33.54 86.17 -107.61
C ILE FB 26 -33.34 87.08 -108.80
N PHE FB 27 -33.49 88.39 -108.59
CA PHE FB 27 -33.25 89.42 -109.58
C PHE FB 27 -32.04 90.24 -109.18
N GLU FB 28 -31.47 90.95 -110.14
CA GLU FB 28 -30.27 91.74 -109.91
C GLU FB 28 -30.13 92.76 -111.02
N GLU FB 29 -29.69 93.96 -110.66
CA GLU FB 29 -29.41 94.99 -111.65
C GLU FB 29 -28.03 94.75 -112.24
N LYS FB 30 -27.84 95.16 -113.49
CA LYS FB 30 -26.64 94.78 -114.23
C LYS FB 30 -25.69 95.93 -114.53
N VAL FB 31 -26.03 97.16 -114.20
CA VAL FB 31 -25.12 98.27 -114.46
C VAL FB 31 -24.25 98.53 -113.24
N GLY FB 32 -23.03 99.00 -113.48
CA GLY FB 32 -22.13 99.36 -112.42
C GLY FB 32 -21.08 98.30 -112.14
N PRO FB 33 -20.42 98.40 -110.99
CA PRO FB 33 -19.45 97.37 -110.60
C PRO FB 33 -20.10 96.03 -110.29
N LEU FB 34 -19.31 94.97 -110.25
CA LEU FB 34 -19.81 93.62 -110.10
C LEU FB 34 -19.93 93.17 -108.65
N VAL FB 35 -19.55 94.00 -107.69
CA VAL FB 35 -19.49 93.55 -106.30
C VAL FB 35 -20.72 94.00 -105.50
N GLY FB 36 -21.26 95.18 -105.79
CA GLY FB 36 -22.46 95.61 -105.10
C GLY FB 36 -23.53 96.08 -106.06
N ARG FB 37 -24.67 95.38 -106.09
CA ARG FB 37 -25.77 95.70 -106.97
C ARG FB 37 -27.08 95.50 -106.21
N LEU FB 38 -28.18 95.95 -106.80
CA LEU FB 38 -29.49 95.67 -106.26
C LEU FB 38 -29.79 94.17 -106.32
N ARG FB 39 -30.67 93.74 -105.44
CA ARG FB 39 -30.99 92.34 -105.30
C ARG FB 39 -32.44 92.22 -104.85
N LEU FB 40 -33.17 91.32 -105.49
CA LEU FB 40 -34.60 91.17 -105.20
C LEU FB 40 -34.87 89.68 -105.14
N THR FB 41 -35.10 89.16 -103.94
CA THR FB 41 -35.25 87.73 -103.72
C THR FB 41 -36.73 87.45 -103.48
N ALA FB 42 -37.46 87.17 -104.55
CA ALA FB 42 -38.87 86.84 -104.43
C ALA FB 42 -39.04 85.37 -104.09
N SER FB 43 -40.21 85.03 -103.56
CA SER FB 43 -40.52 83.68 -103.14
C SER FB 43 -42.02 83.52 -103.07
N LEU FB 44 -42.46 82.26 -103.00
CA LEU FB 44 -43.86 81.92 -102.83
C LEU FB 44 -43.94 80.51 -102.29
N ARG FB 45 -44.87 80.28 -101.36
CA ARG FB 45 -45.02 78.99 -100.71
C ARG FB 45 -46.51 78.71 -100.49
N GLN FB 46 -46.79 77.53 -99.94
CA GLN FB 46 -48.10 77.25 -99.33
C GLN FB 46 -47.86 76.26 -98.19
N ASN FB 47 -47.72 76.80 -96.98
CA ASN FB 47 -47.32 76.00 -95.83
C ASN FB 47 -48.54 75.47 -95.11
N GLY FB 48 -48.36 74.30 -94.48
CA GLY FB 48 -49.43 73.67 -93.74
C GLY FB 48 -50.25 72.74 -94.61
N ALA FB 49 -51.55 72.70 -94.39
CA ALA FB 49 -52.44 71.84 -95.18
C ALA FB 49 -53.03 72.60 -96.37
N LYS FB 50 -52.11 73.24 -97.13
CA LYS FB 50 -52.38 73.87 -98.43
C LYS FB 50 -53.47 74.94 -98.35
N THR FB 51 -53.60 75.63 -97.21
CA THR FB 51 -54.69 76.56 -97.01
C THR FB 51 -54.27 78.03 -97.06
N ALA FB 52 -52.98 78.34 -96.97
CA ALA FB 52 -52.53 79.72 -96.96
C ALA FB 52 -51.22 79.82 -97.71
N TYR FB 53 -51.07 80.86 -98.52
CA TYR FB 53 -49.85 81.12 -99.24
C TYR FB 53 -48.95 82.05 -98.42
N ARG FB 54 -47.72 82.26 -98.92
CA ARG FB 54 -46.77 83.12 -98.21
C ARG FB 54 -45.83 83.73 -99.24
N VAL FB 55 -46.10 84.99 -99.60
CA VAL FB 55 -45.19 85.76 -100.43
C VAL FB 55 -44.11 86.36 -99.55
N ASN FB 56 -42.88 86.41 -100.06
CA ASN FB 56 -41.75 86.86 -99.26
C ASN FB 56 -40.75 87.56 -100.19
N LEU FB 57 -40.86 88.88 -100.27
CA LEU FB 57 -39.92 89.68 -101.03
C LEU FB 57 -38.78 90.16 -100.14
N LYS FB 58 -37.68 90.57 -100.76
CA LYS FB 58 -36.52 91.06 -100.03
C LYS FB 58 -35.70 91.92 -100.97
N LEU FB 59 -35.73 93.23 -100.77
CA LEU FB 59 -35.00 94.17 -101.62
C LEU FB 59 -33.72 94.59 -100.91
N ASP FB 60 -32.62 93.93 -101.26
CA ASP FB 60 -31.32 94.32 -100.71
C ASP FB 60 -30.82 95.57 -101.42
N GLN FB 61 -29.88 96.25 -100.76
CA GLN FB 61 -29.20 97.39 -101.36
C GLN FB 61 -27.88 97.59 -100.63
N ALA FB 62 -26.77 97.46 -101.35
CA ALA FB 62 -25.45 97.64 -100.80
C ALA FB 62 -24.88 98.96 -101.29
N ASP FB 63 -24.15 99.65 -100.41
CA ASP FB 63 -23.49 100.91 -100.77
C ASP FB 63 -22.03 100.61 -101.05
N VAL FB 64 -21.68 100.55 -102.32
CA VAL FB 64 -20.33 100.24 -102.75
C VAL FB 64 -19.55 101.54 -102.92
N VAL FB 65 -18.28 101.52 -102.53
CA VAL FB 65 -17.42 102.68 -102.66
C VAL FB 65 -16.12 102.23 -103.33
N ASP FB 66 -15.62 103.04 -104.26
CA ASP FB 66 -14.38 102.78 -104.96
C ASP FB 66 -13.55 104.05 -104.99
N CYS FB 67 -12.41 104.03 -104.29
CA CYS FB 67 -11.48 105.15 -104.23
C CYS FB 67 -10.06 104.68 -104.54
N SER FB 68 -9.91 103.97 -105.65
CA SER FB 68 -8.58 103.64 -106.16
C SER FB 68 -7.81 104.87 -106.60
N THR FB 69 -8.50 105.97 -106.93
CA THR FB 69 -7.80 107.22 -107.23
C THR FB 69 -7.32 107.92 -105.96
N SER FB 70 -7.91 107.57 -104.81
CA SER FB 70 -7.49 108.17 -103.55
C SER FB 70 -6.27 107.44 -102.99
N VAL FB 71 -6.43 106.16 -102.67
CA VAL FB 71 -5.29 105.34 -102.25
C VAL FB 71 -4.96 104.38 -103.40
N CYS FB 72 -3.69 104.31 -103.75
CA CYS FB 72 -3.27 103.56 -104.93
C CYS FB 72 -3.29 102.06 -104.64
N GLY FB 73 -4.15 101.34 -105.34
CA GLY FB 73 -4.14 99.89 -105.32
C GLY FB 73 -5.25 99.21 -104.58
N GLU FB 74 -6.39 99.87 -104.36
CA GLU FB 74 -7.53 99.22 -103.75
C GLU FB 74 -8.60 98.96 -104.81
N LEU FB 75 -9.54 98.10 -104.46
CA LEU FB 75 -10.59 97.64 -105.35
C LEU FB 75 -11.93 98.13 -104.82
N PRO FB 76 -13.02 98.08 -105.60
CA PRO FB 76 -14.34 98.44 -105.06
C PRO FB 76 -14.78 97.48 -103.97
N LYS FB 77 -15.57 98.01 -103.04
CA LYS FB 77 -15.90 97.32 -101.80
C LYS FB 77 -17.18 97.92 -101.25
N VAL FB 78 -18.00 97.08 -100.61
CA VAL FB 78 -19.27 97.52 -100.05
C VAL FB 78 -19.08 97.85 -98.57
N ARG FB 79 -19.68 98.96 -98.14
CA ARG FB 79 -19.62 99.32 -96.73
C ARG FB 79 -20.70 98.59 -95.94
N TYR FB 80 -21.97 98.85 -96.26
CA TYR FB 80 -23.10 98.34 -95.51
C TYR FB 80 -24.17 97.85 -96.46
N THR FB 81 -25.20 97.23 -95.89
CA THR FB 81 -26.33 96.71 -96.65
C THR FB 81 -27.63 97.08 -95.93
N GLN FB 82 -28.56 97.67 -96.68
CA GLN FB 82 -29.86 98.04 -96.15
C GLN FB 82 -30.95 97.30 -96.92
N VAL FB 83 -31.79 96.57 -96.19
CA VAL FB 83 -32.78 95.70 -96.81
C VAL FB 83 -34.18 96.25 -96.56
N TRP FB 84 -35.17 95.68 -97.24
CA TRP FB 84 -36.58 95.94 -96.97
C TRP FB 84 -37.32 94.66 -97.35
N SER FB 85 -37.65 93.86 -96.36
CA SER FB 85 -38.37 92.61 -96.61
C SER FB 85 -39.87 92.86 -96.62
N HIS FB 86 -40.60 91.86 -97.13
CA HIS FB 86 -42.05 91.82 -97.07
C HIS FB 86 -42.44 90.40 -96.71
N ASP FB 87 -43.55 90.26 -96.00
CA ASP FB 87 -44.04 88.93 -95.61
C ASP FB 87 -45.56 88.95 -95.70
N VAL FB 88 -46.07 88.58 -96.84
CA VAL FB 88 -47.51 88.62 -97.11
C VAL FB 88 -48.09 87.23 -96.85
N THR FB 89 -49.22 87.18 -96.16
CA THR FB 89 -49.93 85.94 -95.90
C THR FB 89 -51.30 86.02 -96.56
N ILE FB 90 -51.55 85.12 -97.51
CA ILE FB 90 -52.79 85.12 -98.28
C ILE FB 90 -53.45 83.76 -98.08
N VAL FB 91 -54.69 83.78 -97.61
CA VAL FB 91 -55.44 82.54 -97.46
C VAL FB 91 -56.06 82.18 -98.81
N ALA FB 92 -56.20 80.87 -99.04
CA ALA FB 92 -56.46 80.38 -100.40
C ALA FB 92 -57.91 80.60 -100.82
N ASN FB 93 -58.86 80.51 -99.89
CA ASN FB 93 -60.27 80.65 -100.21
C ASN FB 93 -60.78 82.08 -100.05
N SER FB 94 -59.89 83.06 -100.11
CA SER FB 94 -60.28 84.45 -99.90
C SER FB 94 -60.98 85.01 -101.12
N THR FB 95 -61.68 86.12 -100.90
CA THR FB 95 -62.31 86.87 -101.97
C THR FB 95 -61.23 87.65 -102.73
N GLU FB 96 -61.49 87.92 -104.01
CA GLU FB 96 -60.53 88.69 -104.80
C GLU FB 96 -60.51 90.15 -104.36
N ALA FB 97 -61.64 90.66 -103.86
CA ALA FB 97 -61.66 92.02 -103.35
C ALA FB 97 -60.97 92.13 -102.00
N SER FB 98 -60.81 91.01 -101.28
CA SER FB 98 -60.02 91.02 -100.06
C SER FB 98 -58.54 91.11 -100.37
N ARG FB 99 -58.09 90.40 -101.40
CA ARG FB 99 -56.70 90.46 -101.84
C ARG FB 99 -56.37 91.77 -102.53
N LYS FB 100 -57.35 92.39 -103.19
CA LYS FB 100 -57.09 93.67 -103.85
C LYS FB 100 -57.04 94.81 -102.84
N SER FB 101 -57.87 94.74 -101.80
CA SER FB 101 -57.89 95.81 -100.80
C SER FB 101 -56.64 95.77 -99.92
N LEU FB 102 -56.12 94.57 -99.65
CA LEU FB 102 -54.89 94.46 -98.87
C LEU FB 102 -53.69 95.02 -99.63
N TYR FB 103 -53.67 94.84 -100.94
CA TYR FB 103 -52.62 95.43 -101.75
C TYR FB 103 -52.78 96.95 -101.85
N ASP FB 104 -54.02 97.43 -101.94
CA ASP FB 104 -54.26 98.86 -102.07
C ASP FB 104 -53.97 99.64 -100.80
N LEU FB 105 -54.03 98.99 -99.63
CA LEU FB 105 -53.71 99.68 -98.40
C LEU FB 105 -52.20 99.75 -98.19
N THR FB 106 -51.48 98.68 -98.55
CA THR FB 106 -50.03 98.68 -98.38
C THR FB 106 -49.35 99.55 -99.42
N LYS FB 107 -49.92 99.63 -100.62
CA LYS FB 107 -49.43 100.57 -101.63
C LYS FB 107 -49.63 102.00 -101.18
N SER FB 108 -50.70 102.27 -100.41
CA SER FB 108 -50.92 103.58 -99.86
C SER FB 108 -50.25 103.79 -98.50
N LEU FB 109 -49.89 102.71 -97.81
CA LEU FB 109 -49.11 102.84 -96.58
C LEU FB 109 -47.71 103.34 -96.89
N VAL FB 110 -47.06 102.73 -97.89
CA VAL FB 110 -45.68 103.09 -98.21
C VAL FB 110 -45.62 104.46 -98.86
N ALA FB 111 -46.65 104.85 -99.59
CA ALA FB 111 -46.63 106.11 -100.33
C ALA FB 111 -46.96 107.33 -99.47
N THR FB 112 -47.21 107.17 -98.18
CA THR FB 112 -47.54 108.33 -97.36
C THR FB 112 -46.26 108.98 -96.83
N SER FB 113 -46.42 110.19 -96.30
CA SER FB 113 -45.29 110.97 -95.81
C SER FB 113 -44.88 110.61 -94.40
N GLN FB 114 -45.63 109.76 -93.70
CA GLN FB 114 -45.26 109.40 -92.34
C GLN FB 114 -44.38 108.16 -92.30
N VAL FB 115 -44.51 107.27 -93.29
CA VAL FB 115 -43.64 106.11 -93.37
C VAL FB 115 -42.31 106.52 -94.01
N GLU FB 116 -42.34 107.54 -94.87
CA GLU FB 116 -41.11 108.06 -95.46
C GLU FB 116 -40.18 108.65 -94.39
N ASP FB 117 -40.74 109.42 -93.46
CA ASP FB 117 -39.92 109.96 -92.38
C ASP FB 117 -39.58 108.91 -91.33
N LEU FB 118 -40.27 107.77 -91.33
CA LEU FB 118 -39.95 106.70 -90.39
C LEU FB 118 -38.67 105.97 -90.76
N VAL FB 119 -38.37 105.87 -92.05
CA VAL FB 119 -37.19 105.13 -92.48
C VAL FB 119 -36.05 106.08 -92.83
N VAL FB 120 -36.38 107.29 -93.29
CA VAL FB 120 -35.32 108.23 -93.62
C VAL FB 120 -34.81 108.96 -92.39
N ASN FB 121 -35.71 109.62 -91.65
CA ASN FB 121 -35.31 110.45 -90.52
C ASN FB 121 -35.67 109.84 -89.18
N LEU FB 122 -36.15 108.60 -89.15
CA LEU FB 122 -36.45 107.81 -87.95
C LEU FB 122 -37.53 108.44 -87.07
N VAL FB 123 -38.39 109.27 -87.64
CA VAL FB 123 -39.48 109.91 -86.90
C VAL FB 123 -40.58 108.87 -86.67
N PRO FB 124 -41.14 108.77 -85.46
CA PRO FB 124 -42.22 107.81 -85.23
C PRO FB 124 -43.51 108.19 -85.95
N LEU FB 125 -44.46 107.27 -85.93
CA LEU FB 125 -45.67 107.41 -86.72
C LEU FB 125 -46.73 108.22 -85.98
N GLY FB 126 -47.64 108.78 -86.76
CA GLY FB 126 -48.78 109.50 -86.20
C GLY FB 126 -48.55 110.98 -86.04
N ARG FB 127 -49.40 111.79 -86.66
CA ARG FB 127 -49.37 113.24 -86.51
C ARG FB 127 -50.77 113.71 -86.13
N ALA FB 128 -50.87 114.36 -84.97
CA ALA FB 128 -52.17 114.81 -84.45
C ALA FB 128 -52.56 116.09 -85.16
N TYR FB 129 -53.51 116.00 -86.08
CA TYR FB 129 -54.07 117.15 -86.77
C TYR FB 129 -55.49 117.36 -86.28
N GLY FB 130 -55.62 118.09 -85.16
CA GLY FB 130 -56.92 118.35 -84.57
C GLY FB 130 -57.59 117.11 -84.01
N GLY FB 131 -57.02 116.55 -82.96
CA GLY FB 131 -57.56 115.34 -82.37
C GLY FB 131 -56.49 114.42 -81.84
N SER FB 132 -56.57 113.14 -82.17
CA SER FB 132 -55.57 112.17 -81.75
C SER FB 132 -54.58 111.90 -82.88
N LYS FB 133 -53.60 111.06 -82.58
CA LYS FB 133 -52.57 110.71 -83.55
C LYS FB 133 -53.16 109.77 -84.59
N THR FB 134 -53.23 110.23 -85.85
CA THR FB 134 -53.90 109.49 -86.90
C THR FB 134 -52.96 109.25 -88.08
N ILE FB 135 -53.25 108.19 -88.83
CA ILE FB 135 -52.64 107.93 -90.13
C ILE FB 135 -53.78 107.84 -91.13
N VAL FB 136 -53.62 108.49 -92.28
CA VAL FB 136 -54.64 108.47 -93.33
C VAL FB 136 -54.11 107.66 -94.50
N LEU FB 137 -54.79 106.57 -94.83
CA LEU FB 137 -54.43 105.69 -95.94
C LEU FB 137 -55.49 105.87 -97.03
N SER FB 138 -55.29 106.85 -97.90
CA SER FB 138 -56.25 107.12 -98.96
C SER FB 138 -56.12 106.09 -100.07
N VAL FB 139 -57.25 105.61 -100.56
CA VAL FB 139 -57.30 104.58 -101.59
C VAL FB 139 -57.92 105.27 -102.80
N GLY FB 140 -57.59 106.56 -102.97
CA GLY FB 140 -58.20 107.37 -103.99
C GLY FB 140 -59.07 108.44 -103.38
N GLU FB 141 -60.39 108.30 -103.50
CA GLU FB 141 -61.31 109.17 -102.80
C GLU FB 141 -61.78 108.60 -101.47
N ALA FB 142 -61.61 107.30 -101.25
CA ALA FB 142 -61.91 106.70 -99.96
C ALA FB 142 -60.70 106.83 -99.05
N THR FB 143 -60.90 107.43 -97.88
CA THR FB 143 -59.84 107.62 -96.89
C THR FB 143 -60.17 106.79 -95.67
N ARG FB 144 -59.20 105.99 -95.21
CA ARG FB 144 -59.37 105.13 -94.06
C ARG FB 144 -58.40 105.60 -92.98
N THR FB 145 -58.94 106.28 -91.96
CA THR FB 145 -58.14 106.94 -90.94
C THR FB 145 -57.95 106.01 -89.75
N LEU FB 146 -56.71 105.70 -89.43
CA LEU FB 146 -56.40 104.84 -88.29
C LEU FB 146 -55.90 105.67 -87.12
N THR FB 147 -56.59 105.54 -85.99
CA THR FB 147 -56.25 106.30 -84.78
C THR FB 147 -55.43 105.42 -83.84
N GLU FB 148 -54.51 106.05 -83.12
CA GLU FB 148 -53.60 105.33 -82.25
C GLU FB 148 -54.32 104.86 -80.98
N ILE FB 149 -54.11 103.60 -80.62
CA ILE FB 149 -54.76 103.04 -79.44
C ILE FB 149 -53.78 102.70 -78.32
N GLN FB 150 -52.49 102.57 -78.61
CA GLN FB 150 -51.50 102.19 -77.61
C GLN FB 150 -50.12 102.56 -78.11
N SER FB 151 -49.35 103.24 -77.28
CA SER FB 151 -47.96 103.61 -77.60
C SER FB 151 -47.08 103.10 -76.47
N THR FB 152 -46.64 101.84 -76.59
CA THR FB 152 -45.74 101.24 -75.62
C THR FB 152 -44.33 101.72 -76.00
N ALA FB 153 -43.31 101.39 -75.19
CA ALA FB 153 -41.95 101.82 -75.47
C ALA FB 153 -41.38 101.13 -76.70
N ASP FB 154 -41.90 99.94 -77.04
CA ASP FB 154 -41.50 99.24 -78.24
C ASP FB 154 -42.56 99.33 -79.35
N ARG FB 155 -43.80 98.96 -79.05
CA ARG FB 155 -44.83 98.92 -80.08
C ARG FB 155 -45.52 100.26 -80.21
N GLN FB 156 -46.28 100.40 -81.30
CA GLN FB 156 -47.12 101.57 -81.53
C GLN FB 156 -48.29 101.11 -82.40
N ILE FB 157 -49.41 100.79 -81.77
CA ILE FB 157 -50.52 100.12 -82.43
C ILE FB 157 -51.53 101.15 -82.88
N PHE FB 158 -51.90 101.09 -84.16
CA PHE FB 158 -52.97 101.89 -84.72
C PHE FB 158 -54.14 100.99 -85.07
N GLU FB 159 -55.31 101.60 -85.23
CA GLU FB 159 -56.52 100.83 -85.46
C GLU FB 159 -57.59 101.76 -86.01
N GLU FB 160 -58.37 101.26 -86.97
CA GLU FB 160 -59.53 102.00 -87.45
C GLU FB 160 -60.64 101.91 -86.43
N LYS FB 161 -61.59 102.86 -86.50
CA LYS FB 161 -62.60 102.99 -85.46
C LYS FB 161 -64.02 102.84 -85.97
N VAL FB 162 -64.27 102.90 -87.26
CA VAL FB 162 -65.62 102.74 -87.77
C VAL FB 162 -65.95 101.25 -87.87
N GLY FB 163 -67.24 100.94 -87.92
CA GLY FB 163 -67.70 99.58 -88.10
C GLY FB 163 -67.80 98.80 -86.82
N PRO FB 164 -67.88 97.47 -86.93
CA PRO FB 164 -67.95 96.63 -85.73
C PRO FB 164 -66.63 96.58 -84.98
N LEU FB 165 -66.68 96.00 -83.78
CA LEU FB 165 -65.51 95.92 -82.92
C LEU FB 165 -64.73 94.63 -83.07
N VAL FB 166 -65.26 93.66 -83.79
CA VAL FB 166 -64.59 92.36 -83.86
C VAL FB 166 -63.46 92.35 -84.89
N GLY FB 167 -63.66 92.96 -86.06
CA GLY FB 167 -62.62 93.00 -87.06
C GLY FB 167 -62.34 94.41 -87.55
N ARG FB 168 -61.15 94.93 -87.27
CA ARG FB 168 -60.78 96.26 -87.69
C ARG FB 168 -59.35 96.24 -88.22
N LEU FB 169 -58.97 97.32 -88.88
CA LEU FB 169 -57.61 97.44 -89.39
C LEU FB 169 -56.60 97.57 -88.26
N ARG FB 170 -55.36 97.22 -88.55
CA ARG FB 170 -54.30 97.27 -87.56
C ARG FB 170 -53.04 97.79 -88.21
N LEU FB 171 -52.18 98.41 -87.40
CA LEU FB 171 -50.86 98.84 -87.86
C LEU FB 171 -49.96 98.86 -86.63
N THR FB 172 -49.19 97.80 -86.44
CA THR FB 172 -48.32 97.69 -85.27
C THR FB 172 -46.90 97.99 -85.71
N ALA FB 173 -46.53 99.26 -85.67
CA ALA FB 173 -45.16 99.65 -85.97
C ALA FB 173 -44.26 99.36 -84.78
N SER FB 174 -42.96 99.27 -85.06
CA SER FB 174 -41.96 99.05 -84.02
C SER FB 174 -40.64 99.63 -84.50
N LEU FB 175 -39.68 99.71 -83.58
CA LEU FB 175 -38.38 100.26 -83.87
C LEU FB 175 -37.41 99.77 -82.82
N ARG FB 176 -36.36 99.07 -83.24
CA ARG FB 176 -35.38 98.53 -82.32
C ARG FB 176 -33.99 98.94 -82.78
N GLN FB 177 -32.99 98.56 -81.99
CA GLN FB 177 -31.60 98.59 -82.43
C GLN FB 177 -30.85 97.50 -81.68
N ASN FB 178 -30.38 96.50 -82.42
CA ASN FB 178 -29.74 95.33 -81.85
C ASN FB 178 -28.23 95.38 -82.06
N GLY FB 179 -27.49 94.94 -81.05
CA GLY FB 179 -26.05 94.93 -81.12
C GLY FB 179 -25.43 96.14 -80.47
N ALA FB 180 -24.29 96.58 -81.00
CA ALA FB 180 -23.59 97.75 -80.45
C ALA FB 180 -24.03 99.04 -81.12
N LYS FB 181 -25.35 99.25 -81.18
CA LYS FB 181 -26.00 100.48 -81.66
C LYS FB 181 -25.62 100.82 -83.10
N THR FB 182 -25.43 99.79 -83.94
CA THR FB 182 -24.99 100.00 -85.31
C THR FB 182 -26.11 99.97 -86.33
N ALA FB 183 -27.20 99.25 -86.06
CA ALA FB 183 -28.26 99.08 -87.05
C ALA FB 183 -29.61 99.17 -86.38
N TYR FB 184 -30.56 99.82 -87.06
CA TYR FB 184 -31.93 99.92 -86.59
C TYR FB 184 -32.77 98.80 -87.20
N ARG FB 185 -34.04 98.74 -86.80
CA ARG FB 185 -34.94 97.71 -87.30
C ARG FB 185 -36.36 98.25 -87.24
N VAL FB 186 -36.86 98.74 -88.37
CA VAL FB 186 -38.24 99.18 -88.49
C VAL FB 186 -39.10 97.98 -88.83
N ASN FB 187 -40.31 97.90 -88.26
CA ASN FB 187 -41.15 96.73 -88.45
C ASN FB 187 -42.61 97.17 -88.48
N LEU FB 188 -43.15 97.36 -89.67
CA LEU FB 188 -44.57 97.63 -89.86
C LEU FB 188 -45.32 96.33 -90.14
N LYS FB 189 -46.60 96.33 -89.83
CA LYS FB 189 -47.43 95.13 -89.99
C LYS FB 189 -48.89 95.54 -90.04
N LEU FB 190 -49.55 95.27 -91.16
CA LEU FB 190 -50.94 95.68 -91.36
C LEU FB 190 -51.82 94.43 -91.41
N ASP FB 191 -52.67 94.26 -90.40
CA ASP FB 191 -53.62 93.15 -90.38
C ASP FB 191 -54.95 93.60 -90.95
N GLN FB 192 -55.54 92.75 -91.79
CA GLN FB 192 -56.85 93.02 -92.34
C GLN FB 192 -57.69 91.76 -92.21
N ALA FB 193 -58.71 91.80 -91.37
CA ALA FB 193 -59.61 90.68 -91.16
C ALA FB 193 -60.91 90.91 -91.91
N ASP FB 194 -61.45 89.84 -92.48
CA ASP FB 194 -62.69 89.92 -93.24
C ASP FB 194 -63.84 89.54 -92.32
N VAL FB 195 -64.73 90.49 -92.07
CA VAL FB 195 -65.87 90.30 -91.19
C VAL FB 195 -67.14 90.22 -92.02
N VAL FB 196 -68.03 89.32 -91.66
CA VAL FB 196 -69.30 89.14 -92.36
C VAL FB 196 -70.43 89.10 -91.32
N ASP FB 197 -71.56 89.70 -91.67
CA ASP FB 197 -72.75 89.67 -90.84
C ASP FB 197 -73.87 88.95 -91.57
N CYS FB 198 -74.41 87.91 -90.94
CA CYS FB 198 -75.43 87.06 -91.52
C CYS FB 198 -76.78 87.25 -90.82
N SER FB 199 -77.03 88.45 -90.30
CA SER FB 199 -78.26 88.69 -89.57
C SER FB 199 -79.46 88.83 -90.48
N THR FB 200 -79.25 89.13 -91.76
CA THR FB 200 -80.36 89.14 -92.71
C THR FB 200 -80.72 87.74 -93.18
N SER FB 201 -79.85 86.77 -92.93
CA SER FB 201 -80.08 85.38 -93.30
C SER FB 201 -80.43 84.52 -92.10
N VAL FB 202 -79.57 84.51 -91.08
CA VAL FB 202 -79.79 83.73 -89.87
C VAL FB 202 -80.04 84.71 -88.73
N CYS FB 203 -81.15 84.51 -88.01
CA CYS FB 203 -81.49 85.36 -86.89
C CYS FB 203 -80.54 85.15 -85.72
N GLY FB 204 -80.30 86.24 -84.98
CA GLY FB 204 -79.45 86.17 -83.81
C GLY FB 204 -77.98 85.97 -84.10
N GLU FB 205 -77.52 86.36 -85.29
CA GLU FB 205 -76.14 86.17 -85.68
C GLU FB 205 -75.43 87.51 -85.64
N LEU FB 206 -74.46 87.63 -84.73
CA LEU FB 206 -73.62 88.79 -84.62
C LEU FB 206 -72.41 88.64 -85.55
N PRO FB 207 -71.77 89.75 -85.96
CA PRO FB 207 -70.65 89.65 -86.89
C PRO FB 207 -69.45 88.89 -86.33
N LYS FB 208 -68.73 88.22 -87.23
CA LYS FB 208 -67.56 87.46 -86.86
C LYS FB 208 -66.57 87.52 -88.02
N VAL FB 209 -65.32 87.15 -87.73
CA VAL FB 209 -64.24 87.23 -88.70
C VAL FB 209 -64.06 85.87 -89.36
N ARG FB 210 -63.77 85.89 -90.66
CA ARG FB 210 -63.49 84.65 -91.39
C ARG FB 210 -62.01 84.32 -91.33
N TYR FB 211 -61.17 85.20 -91.87
CA TYR FB 211 -59.73 84.98 -92.00
C TYR FB 211 -59.02 86.30 -91.75
N THR FB 212 -57.69 86.25 -91.67
CA THR FB 212 -56.86 87.44 -91.61
C THR FB 212 -55.78 87.34 -92.67
N GLN FB 213 -55.43 88.48 -93.26
CA GLN FB 213 -54.35 88.58 -94.23
C GLN FB 213 -53.43 89.71 -93.81
N VAL FB 214 -52.14 89.39 -93.66
CA VAL FB 214 -51.17 90.33 -93.14
C VAL FB 214 -50.27 90.81 -94.28
N TRP FB 215 -49.54 91.90 -94.02
CA TRP FB 215 -48.46 92.35 -94.89
C TRP FB 215 -47.43 93.01 -93.98
N SER FB 216 -46.46 92.23 -93.54
CA SER FB 216 -45.42 92.74 -92.66
C SER FB 216 -44.37 93.49 -93.47
N HIS FB 217 -43.52 94.21 -92.73
CA HIS FB 217 -42.34 94.85 -93.30
C HIS FB 217 -41.20 94.71 -92.31
N ASP FB 218 -39.98 94.69 -92.82
CA ASP FB 218 -38.81 94.58 -91.95
C ASP FB 218 -37.66 95.32 -92.62
N VAL FB 219 -37.50 96.59 -92.24
CA VAL FB 219 -36.46 97.45 -92.79
C VAL FB 219 -35.26 97.40 -91.87
N THR FB 220 -34.07 97.25 -92.44
CA THR FB 220 -32.83 97.26 -91.70
C THR FB 220 -32.02 98.46 -92.16
N ILE FB 221 -31.74 99.37 -91.23
CA ILE FB 221 -31.04 100.61 -91.52
C ILE FB 221 -29.85 100.72 -90.58
N VAL FB 222 -28.65 100.81 -91.14
CA VAL FB 222 -27.46 100.99 -90.33
C VAL FB 222 -27.37 102.44 -89.88
N ALA FB 223 -26.76 102.66 -88.71
CA ALA FB 223 -26.86 103.95 -88.04
C ALA FB 223 -26.02 105.03 -88.72
N ASN FB 224 -24.92 104.65 -89.37
CA ASN FB 224 -24.03 105.61 -90.01
C ASN FB 224 -24.29 105.75 -91.50
N SER FB 225 -25.55 105.63 -91.92
CA SER FB 225 -25.94 105.69 -93.32
C SER FB 225 -25.80 107.10 -93.88
N THR FB 226 -25.87 107.18 -95.20
CA THR FB 226 -26.07 108.45 -95.90
C THR FB 226 -27.57 108.69 -95.96
N GLU FB 227 -27.96 109.96 -96.11
CA GLU FB 227 -29.38 110.26 -96.24
C GLU FB 227 -29.93 109.79 -97.57
N ALA FB 228 -29.16 109.96 -98.66
CA ALA FB 228 -29.60 109.47 -99.95
C ALA FB 228 -29.48 107.95 -100.07
N SER FB 229 -28.81 107.31 -99.11
CA SER FB 229 -28.81 105.85 -99.06
C SER FB 229 -30.13 105.32 -98.49
N ARG FB 230 -30.68 106.01 -97.49
CA ARG FB 230 -31.98 105.61 -96.94
C ARG FB 230 -33.13 106.14 -97.79
N LYS FB 231 -32.91 107.25 -98.50
CA LYS FB 231 -33.96 107.82 -99.34
C LYS FB 231 -34.16 106.97 -100.59
N SER FB 232 -33.08 106.40 -101.12
CA SER FB 232 -33.20 105.59 -102.33
C SER FB 232 -33.77 104.21 -102.03
N LEU FB 233 -33.50 103.67 -100.84
CA LEU FB 233 -34.09 102.39 -100.45
C LEU FB 233 -35.59 102.51 -100.27
N TYR FB 234 -36.06 103.62 -99.71
CA TYR FB 234 -37.49 103.87 -99.59
C TYR FB 234 -38.11 104.07 -100.97
N ASP FB 235 -37.43 104.83 -101.84
CA ASP FB 235 -38.02 105.20 -103.11
C ASP FB 235 -38.00 104.05 -104.11
N LEU FB 236 -37.19 103.02 -103.87
CA LEU FB 236 -37.27 101.81 -104.70
C LEU FB 236 -38.38 100.90 -104.24
N THR FB 237 -38.55 100.75 -102.93
CA THR FB 237 -39.61 99.90 -102.39
C THR FB 237 -40.98 100.52 -102.64
N LYS FB 238 -41.08 101.85 -102.59
CA LYS FB 238 -42.31 102.52 -103.00
C LYS FB 238 -42.59 102.29 -104.48
N SER FB 239 -41.53 102.24 -105.29
CA SER FB 239 -41.68 101.95 -106.71
C SER FB 239 -41.81 100.47 -107.00
N LEU FB 240 -41.55 99.61 -106.02
CA LEU FB 240 -41.69 98.17 -106.24
C LEU FB 240 -43.13 97.73 -106.01
N VAL FB 241 -43.74 98.20 -104.93
CA VAL FB 241 -45.13 97.86 -104.61
C VAL FB 241 -46.09 98.43 -105.66
N ALA FB 242 -45.76 99.58 -106.24
CA ALA FB 242 -46.64 100.21 -107.20
C ALA FB 242 -46.57 99.57 -108.60
N THR FB 243 -45.74 98.56 -108.81
CA THR FB 243 -45.68 97.93 -110.11
C THR FB 243 -46.87 97.00 -110.32
N SER FB 244 -47.05 96.58 -111.57
CA SER FB 244 -48.15 95.69 -111.91
C SER FB 244 -47.80 94.22 -111.71
N GLN FB 245 -46.54 93.91 -111.42
CA GLN FB 245 -46.16 92.52 -111.22
C GLN FB 245 -46.32 92.09 -109.78
N VAL FB 246 -46.11 93.01 -108.83
CA VAL FB 246 -46.35 92.71 -107.43
C VAL FB 246 -47.83 92.85 -107.09
N GLU FB 247 -48.61 93.51 -107.94
CA GLU FB 247 -50.05 93.46 -107.81
C GLU FB 247 -50.58 92.07 -108.13
N ASP FB 248 -50.14 91.50 -109.25
CA ASP FB 248 -50.56 90.15 -109.63
C ASP FB 248 -49.92 89.07 -108.79
N LEU FB 249 -48.81 89.37 -108.11
CA LEU FB 249 -48.20 88.40 -107.22
C LEU FB 249 -49.03 88.21 -105.97
N VAL FB 250 -49.74 89.24 -105.53
CA VAL FB 250 -50.60 89.14 -104.35
C VAL FB 250 -52.01 88.75 -104.74
N VAL FB 251 -52.57 89.35 -105.78
CA VAL FB 251 -53.94 89.07 -106.18
C VAL FB 251 -54.05 87.69 -106.84
N ASN FB 252 -53.25 87.44 -107.88
CA ASN FB 252 -53.41 86.25 -108.70
C ASN FB 252 -52.28 85.24 -108.53
N LEU FB 253 -51.32 85.49 -107.63
CA LEU FB 253 -50.19 84.60 -107.32
C LEU FB 253 -49.31 84.30 -108.53
N VAL FB 254 -49.26 85.21 -109.50
CA VAL FB 254 -48.35 85.07 -110.64
C VAL FB 254 -46.96 85.49 -110.19
N PRO FB 255 -45.94 84.65 -110.38
CA PRO FB 255 -44.57 85.04 -109.99
C PRO FB 255 -44.05 86.21 -110.82
N LEU FB 256 -42.97 86.82 -110.31
CA LEU FB 256 -42.45 88.05 -110.85
C LEU FB 256 -41.68 87.82 -112.15
N GLY FB 257 -41.54 88.88 -112.93
CA GLY FB 257 -40.72 88.85 -114.12
C GLY FB 257 -41.46 88.53 -115.40
N ARG FB 258 -41.59 89.51 -116.28
CA ARG FB 258 -42.19 89.28 -117.58
C ARG FB 258 -41.16 89.53 -118.69
N SER GB 1 -17.72 142.96 -51.95
CA SER GB 1 -16.82 141.91 -52.42
C SER GB 1 -17.08 141.60 -53.89
N LYS GB 2 -17.22 140.31 -54.21
CA LYS GB 2 -17.48 139.85 -55.57
C LYS GB 2 -18.96 139.53 -55.70
N THR GB 3 -19.60 140.13 -56.70
CA THR GB 3 -21.05 140.11 -56.81
C THR GB 3 -21.51 139.50 -58.13
N ILE GB 4 -22.70 138.89 -58.09
CA ILE GB 4 -23.47 138.53 -59.26
C ILE GB 4 -24.78 139.30 -59.21
N VAL GB 5 -25.23 139.80 -60.35
CA VAL GB 5 -26.47 140.57 -60.44
C VAL GB 5 -27.48 139.78 -61.24
N LEU GB 6 -28.59 139.42 -60.60
CA LEU GB 6 -29.64 138.62 -61.22
C LEU GB 6 -30.88 139.49 -61.36
N SER GB 7 -30.98 140.20 -62.48
CA SER GB 7 -32.13 141.08 -62.71
C SER GB 7 -33.34 140.26 -63.12
N VAL GB 8 -34.46 140.51 -62.44
CA VAL GB 8 -35.68 139.72 -62.60
C VAL GB 8 -36.69 140.66 -63.23
N GLY GB 9 -36.20 141.54 -64.11
CA GLY GB 9 -36.99 142.61 -64.67
C GLY GB 9 -36.24 143.90 -64.52
N GLU GB 10 -36.77 144.82 -63.72
CA GLU GB 10 -36.00 145.95 -63.24
C GLU GB 10 -35.51 145.76 -61.81
N ALA GB 11 -36.06 144.80 -61.08
CA ALA GB 11 -35.57 144.48 -59.76
C ALA GB 11 -34.32 143.62 -59.87
N THR GB 12 -33.21 144.11 -59.33
CA THR GB 12 -31.93 143.41 -59.38
C THR GB 12 -31.62 142.87 -57.99
N ARG GB 13 -31.25 141.60 -57.93
CA ARG GB 13 -30.97 140.92 -56.67
C ARG GB 13 -29.49 140.54 -56.65
N THR GB 14 -28.71 141.27 -55.87
CA THR GB 14 -27.26 141.16 -55.88
C THR GB 14 -26.79 140.20 -54.79
N LEU GB 15 -26.16 139.10 -55.19
CA LEU GB 15 -25.56 138.15 -54.26
C LEU GB 15 -24.08 138.47 -54.08
N THR GB 16 -23.65 138.53 -52.82
CA THR GB 16 -22.25 138.79 -52.51
C THR GB 16 -21.61 137.52 -52.00
N GLU GB 17 -20.29 137.42 -52.20
CA GLU GB 17 -19.57 136.19 -51.92
C GLU GB 17 -19.26 136.07 -50.44
N ILE GB 18 -19.53 134.89 -49.87
CA ILE GB 18 -19.25 134.62 -48.47
C ILE GB 18 -18.21 133.53 -48.27
N GLN GB 19 -17.73 132.89 -49.34
CA GLN GB 19 -16.77 131.80 -49.23
C GLN GB 19 -16.03 131.66 -50.55
N SER GB 20 -14.73 131.33 -50.47
CA SER GB 20 -13.94 131.06 -51.64
C SER GB 20 -12.89 130.02 -51.27
N THR GB 21 -13.19 128.75 -51.50
CA THR GB 21 -12.23 127.68 -51.31
C THR GB 21 -11.51 127.43 -52.63
N ALA GB 22 -10.81 126.30 -52.73
CA ALA GB 22 -10.10 125.96 -53.96
C ALA GB 22 -11.08 125.67 -55.10
N ASP GB 23 -12.19 125.01 -54.80
CA ASP GB 23 -13.21 124.75 -55.80
C ASP GB 23 -14.57 125.36 -55.47
N ARG GB 24 -15.05 125.22 -54.24
CA ARG GB 24 -16.36 125.73 -53.90
C ARG GB 24 -16.33 127.25 -53.74
N GLN GB 25 -17.48 127.88 -53.99
CA GLN GB 25 -17.54 129.34 -54.06
C GLN GB 25 -18.98 129.74 -53.78
N ILE GB 26 -19.27 130.17 -52.56
CA ILE GB 26 -20.62 130.36 -52.07
C ILE GB 26 -20.98 131.84 -52.13
N PHE GB 27 -22.14 132.15 -52.70
CA PHE GB 27 -22.68 133.49 -52.74
C PHE GB 27 -23.95 133.54 -51.89
N GLU GB 28 -24.36 134.76 -51.52
CA GLU GB 28 -25.53 134.93 -50.68
C GLU GB 28 -26.02 136.37 -50.83
N GLU GB 29 -27.34 136.53 -50.83
CA GLU GB 29 -27.95 137.85 -50.79
C GLU GB 29 -27.92 138.37 -49.36
N LYS GB 30 -27.88 139.69 -49.21
CA LYS GB 30 -27.72 140.30 -47.91
C LYS GB 30 -28.92 141.12 -47.45
N VAL GB 31 -29.96 141.23 -48.28
CA VAL GB 31 -31.14 142.00 -47.92
C VAL GB 31 -32.13 141.10 -47.20
N GLY GB 32 -32.58 141.52 -46.02
CA GLY GB 32 -33.62 140.83 -45.31
C GLY GB 32 -33.16 140.19 -44.02
N PRO GB 33 -33.94 139.23 -43.51
CA PRO GB 33 -33.53 138.52 -42.29
C PRO GB 33 -32.30 137.64 -42.49
N LEU GB 34 -31.71 137.19 -41.39
CA LEU GB 34 -30.44 136.46 -41.43
C LEU GB 34 -30.60 134.95 -41.45
N VAL GB 35 -31.82 134.43 -41.43
CA VAL GB 35 -32.00 132.99 -41.33
C VAL GB 35 -32.29 132.35 -42.69
N GLY GB 36 -33.04 133.00 -43.56
CA GLY GB 36 -33.28 132.46 -44.88
C GLY GB 36 -32.96 133.44 -45.99
N ARG GB 37 -31.95 133.12 -46.79
CA ARG GB 37 -31.53 133.98 -47.88
C ARG GB 37 -31.23 133.11 -49.10
N LEU GB 38 -31.01 133.77 -50.25
CA LEU GB 38 -30.57 133.06 -51.43
C LEU GB 38 -29.17 132.48 -51.25
N ARG GB 39 -28.85 131.49 -52.07
CA ARG GB 39 -27.59 130.79 -51.98
C ARG GB 39 -27.20 130.31 -53.36
N LEU GB 40 -25.90 130.32 -53.64
CA LEU GB 40 -25.40 129.92 -54.95
C LEU GB 40 -24.02 129.32 -54.74
N THR GB 41 -23.95 128.01 -54.66
CA THR GB 41 -22.69 127.32 -54.38
C THR GB 41 -22.12 126.84 -55.71
N ALA GB 42 -21.38 127.72 -56.38
CA ALA GB 42 -20.71 127.36 -57.61
C ALA GB 42 -19.52 126.46 -57.32
N SER GB 43 -19.05 125.76 -58.34
CA SER GB 43 -17.96 124.81 -58.20
C SER GB 43 -17.34 124.57 -59.58
N LEU GB 44 -16.16 123.96 -59.57
CA LEU GB 44 -15.47 123.58 -60.79
C LEU GB 44 -14.45 122.51 -60.43
N ARG GB 45 -14.31 121.51 -61.30
CA ARG GB 45 -13.44 120.38 -61.06
C ARG GB 45 -12.83 119.94 -62.38
N GLN GB 46 -11.93 118.96 -62.31
CA GLN GB 46 -11.50 118.20 -63.48
C GLN GB 46 -11.18 116.78 -63.04
N ASN GB 47 -12.17 115.91 -63.16
CA ASN GB 47 -12.07 114.56 -62.64
C ASN GB 47 -11.47 113.62 -63.67
N GLY GB 48 -10.83 112.57 -63.18
CA GLY GB 48 -10.20 111.59 -64.05
C GLY GB 48 -8.79 111.98 -64.42
N ALA GB 49 -8.40 111.70 -65.66
CA ALA GB 49 -7.06 112.04 -66.14
C ALA GB 49 -7.05 113.41 -66.84
N LYS GB 50 -7.62 114.39 -66.13
CA LYS GB 50 -7.57 115.82 -66.48
C LYS GB 50 -8.14 116.11 -67.86
N THR GB 51 -9.12 115.33 -68.32
CA THR GB 51 -9.65 115.47 -69.67
C THR GB 51 -11.03 116.10 -69.75
N ALA GB 52 -11.75 116.20 -68.63
CA ALA GB 52 -13.10 116.73 -68.65
C ALA GB 52 -13.34 117.54 -67.38
N TYR GB 53 -13.96 118.70 -67.52
CA TYR GB 53 -14.30 119.54 -66.40
C TYR GB 53 -15.72 119.22 -65.92
N ARG GB 54 -16.12 119.86 -64.82
CA ARG GB 54 -17.44 119.62 -64.26
C ARG GB 54 -17.88 120.87 -63.50
N VAL GB 55 -18.71 121.67 -64.14
CA VAL GB 55 -19.33 122.83 -63.49
C VAL GB 55 -20.55 122.36 -62.73
N ASN GB 56 -20.77 122.93 -61.55
CA ASN GB 56 -21.83 122.44 -60.67
C ASN GB 56 -22.37 123.63 -59.86
N LEU GB 57 -23.45 124.23 -60.34
CA LEU GB 57 -24.15 125.29 -59.63
C LEU GB 57 -25.29 124.72 -58.81
N LYS GB 58 -25.75 125.51 -57.85
CA LYS GB 58 -26.86 125.09 -56.99
C LYS GB 58 -27.52 126.34 -56.40
N LEU GB 59 -28.66 126.72 -56.96
CA LEU GB 59 -29.37 127.92 -56.53
C LEU GB 59 -30.45 127.53 -55.52
N ASP GB 60 -30.14 127.69 -54.23
CA ASP GB 60 -31.12 127.42 -53.19
C ASP GB 60 -32.07 128.60 -53.05
N GLN GB 61 -33.21 128.35 -52.41
CA GLN GB 61 -34.17 129.40 -52.09
C GLN GB 61 -35.04 128.92 -50.95
N ALA GB 62 -34.97 129.61 -49.82
CA ALA GB 62 -35.76 129.27 -48.65
C ALA GB 62 -36.91 130.26 -48.52
N ASP GB 63 -38.07 129.76 -48.09
CA ASP GB 63 -39.23 130.61 -47.85
C ASP GB 63 -39.36 130.84 -46.36
N VAL GB 64 -38.92 132.00 -45.91
CA VAL GB 64 -38.94 132.36 -44.50
C VAL GB 64 -40.25 133.08 -44.20
N VAL GB 65 -40.81 132.80 -43.03
CA VAL GB 65 -42.03 133.45 -42.56
C VAL GB 65 -41.80 133.92 -41.13
N ASP GB 66 -42.23 135.15 -40.83
CA ASP GB 66 -42.14 135.71 -39.49
C ASP GB 66 -43.47 136.32 -39.11
N CYS GB 67 -44.11 135.74 -38.10
CA CYS GB 67 -45.41 136.19 -37.61
C CYS GB 67 -45.37 136.41 -36.11
N SER GB 68 -44.38 137.19 -35.66
CA SER GB 68 -44.37 137.67 -34.28
C SER GB 68 -45.52 138.65 -34.02
N THR GB 69 -46.08 139.25 -35.07
CA THR GB 69 -47.31 140.04 -34.92
C THR GB 69 -48.48 139.15 -34.52
N SER GB 70 -48.57 137.96 -35.12
CA SER GB 70 -49.72 137.10 -34.89
C SER GB 70 -49.64 136.41 -33.52
N VAL GB 71 -48.65 135.56 -33.33
CA VAL GB 71 -48.40 134.95 -32.03
C VAL GB 71 -47.25 135.71 -31.37
N CYS GB 72 -47.40 136.00 -30.09
CA CYS GB 72 -46.42 136.83 -29.39
C CYS GB 72 -45.23 135.99 -28.95
N GLY GB 73 -44.05 136.34 -29.45
CA GLY GB 73 -42.82 135.78 -28.95
C GLY GB 73 -42.14 134.74 -29.82
N GLU GB 74 -42.45 134.69 -31.12
CA GLU GB 74 -41.73 133.79 -32.01
C GLU GB 74 -40.78 134.60 -32.89
N LEU GB 75 -39.86 133.87 -33.51
CA LEU GB 75 -38.79 134.44 -34.30
C LEU GB 75 -38.98 134.01 -35.75
N PRO GB 76 -38.32 134.65 -36.73
CA PRO GB 76 -38.43 134.18 -38.12
C PRO GB 76 -37.85 132.79 -38.30
N LYS GB 77 -38.40 132.08 -39.28
CA LYS GB 77 -38.16 130.65 -39.46
C LYS GB 77 -38.51 130.29 -40.89
N VAL GB 78 -37.76 129.34 -41.46
CA VAL GB 78 -37.99 128.89 -42.82
C VAL GB 78 -38.90 127.66 -42.79
N ARG GB 79 -39.76 127.54 -43.80
CA ARG GB 79 -40.61 126.36 -43.90
C ARG GB 79 -39.99 125.31 -44.80
N TYR GB 80 -39.72 125.68 -46.06
CA TYR GB 80 -39.24 124.75 -47.07
C TYR GB 80 -38.13 125.41 -47.87
N THR GB 81 -37.37 124.57 -48.58
CA THR GB 81 -36.34 125.03 -49.48
C THR GB 81 -36.54 124.41 -50.86
N GLN GB 82 -36.36 125.21 -51.90
CA GLN GB 82 -36.49 124.76 -53.28
C GLN GB 82 -35.22 125.12 -54.03
N VAL GB 83 -34.57 124.10 -54.59
CA VAL GB 83 -33.26 124.28 -55.22
C VAL GB 83 -33.42 124.14 -56.73
N TRP GB 84 -32.36 124.51 -57.45
CA TRP GB 84 -32.25 124.24 -58.88
C TRP GB 84 -30.77 124.01 -59.15
N SER GB 85 -30.35 122.75 -59.12
CA SER GB 85 -28.97 122.41 -59.37
C SER GB 85 -28.69 122.35 -60.87
N HIS GB 86 -27.40 122.45 -61.21
CA HIS GB 86 -26.92 122.28 -62.57
C HIS GB 86 -25.75 121.32 -62.53
N ASP GB 87 -25.47 120.68 -63.66
CA ASP GB 87 -24.33 119.78 -63.75
C ASP GB 87 -23.85 119.81 -65.20
N VAL GB 88 -22.89 120.68 -65.47
CA VAL GB 88 -22.36 120.85 -66.81
C VAL GB 88 -21.08 120.03 -66.94
N THR GB 89 -20.98 119.27 -68.03
CA THR GB 89 -19.81 118.45 -68.31
C THR GB 89 -19.15 118.97 -69.58
N ILE GB 90 -17.90 119.43 -69.45
CA ILE GB 90 -17.16 120.03 -70.56
C ILE GB 90 -15.87 119.26 -70.73
N VAL GB 91 -15.66 118.70 -71.91
CA VAL GB 91 -14.40 118.03 -72.22
C VAL GB 91 -13.38 119.07 -72.64
N ALA GB 92 -12.12 118.83 -72.29
CA ALA GB 92 -11.12 119.89 -72.25
C ALA GB 92 -10.63 120.29 -73.64
N ASN GB 93 -10.61 119.36 -74.60
CA ASN GB 93 -10.13 119.63 -75.94
C ASN GB 93 -11.25 120.03 -76.89
N SER GB 94 -12.27 120.73 -76.40
CA SER GB 94 -13.43 121.06 -77.19
C SER GB 94 -13.13 122.18 -78.19
N THR GB 95 -14.08 122.38 -79.09
CA THR GB 95 -14.12 123.57 -79.92
C THR GB 95 -14.84 124.66 -79.14
N GLU GB 96 -14.46 125.93 -79.39
CA GLU GB 96 -15.11 127.02 -78.68
C GLU GB 96 -16.54 127.22 -79.16
N ALA GB 97 -16.83 126.86 -80.41
CA ALA GB 97 -18.21 126.91 -80.87
C ALA GB 97 -19.04 125.76 -80.32
N SER GB 98 -18.39 124.69 -79.85
CA SER GB 98 -19.12 123.61 -79.21
C SER GB 98 -19.61 124.01 -77.82
N ARG GB 99 -18.74 124.68 -77.06
CA ARG GB 99 -19.11 125.14 -75.72
C ARG GB 99 -20.07 126.32 -75.77
N LYS GB 100 -20.02 127.13 -76.82
CA LYS GB 100 -20.94 128.25 -76.95
C LYS GB 100 -22.33 127.78 -77.35
N SER GB 101 -22.40 126.75 -78.21
CA SER GB 101 -23.70 126.25 -78.64
C SER GB 101 -24.41 125.51 -77.52
N LEU GB 102 -23.65 124.81 -76.66
CA LEU GB 102 -24.26 124.15 -75.50
C LEU GB 102 -24.83 125.16 -74.52
N TYR GB 103 -24.15 126.30 -74.38
CA TYR GB 103 -24.69 127.37 -73.54
C TYR GB 103 -25.89 128.04 -74.20
N ASP GB 104 -25.85 128.21 -75.52
CA ASP GB 104 -26.94 128.90 -76.21
C ASP GB 104 -28.20 128.04 -76.30
N LEU GB 105 -28.08 126.71 -76.16
CA LEU GB 105 -29.27 125.88 -76.16
C LEU GB 105 -29.92 125.83 -74.79
N THR GB 106 -29.10 125.77 -73.73
CA THR GB 106 -29.66 125.72 -72.38
C THR GB 106 -30.20 127.08 -71.95
N LYS GB 107 -29.59 128.17 -72.42
CA LYS GB 107 -30.13 129.50 -72.16
C LYS GB 107 -31.48 129.68 -72.83
N SER GB 108 -31.69 129.04 -73.97
CA SER GB 108 -32.98 129.07 -74.64
C SER GB 108 -33.92 127.97 -74.17
N LEU GB 109 -33.39 126.93 -73.53
CA LEU GB 109 -34.25 125.89 -72.96
C LEU GB 109 -34.99 126.42 -71.76
N VAL GB 110 -34.28 127.09 -70.85
CA VAL GB 110 -34.90 127.62 -69.64
C VAL GB 110 -35.84 128.79 -69.98
N ALA GB 111 -35.54 129.52 -71.04
CA ALA GB 111 -36.33 130.70 -71.37
C ALA GB 111 -37.59 130.39 -72.16
N THR GB 112 -37.93 129.12 -72.39
CA THR GB 112 -39.13 128.80 -73.13
C THR GB 112 -40.33 128.67 -72.20
N SER GB 113 -41.52 128.68 -72.80
CA SER GB 113 -42.76 128.61 -72.04
C SER GB 113 -43.14 127.19 -71.64
N GLN GB 114 -42.40 126.19 -72.09
CA GLN GB 114 -42.72 124.81 -71.74
C GLN GB 114 -41.99 124.33 -70.50
N VAL GB 115 -40.76 124.84 -70.29
CA VAL GB 115 -40.04 124.51 -69.07
C VAL GB 115 -40.57 125.36 -67.91
N GLU GB 116 -41.12 126.54 -68.21
CA GLU GB 116 -41.74 127.37 -67.19
C GLU GB 116 -42.96 126.69 -66.59
N ASP GB 117 -43.83 126.11 -67.42
CA ASP GB 117 -44.99 125.40 -66.92
C ASP GB 117 -44.63 124.07 -66.28
N LEU GB 118 -43.44 123.54 -66.57
CA LEU GB 118 -43.03 122.27 -65.97
C LEU GB 118 -42.66 122.43 -64.50
N VAL GB 119 -42.13 123.58 -64.10
CA VAL GB 119 -41.72 123.76 -62.72
C VAL GB 119 -42.78 124.55 -61.95
N VAL GB 120 -43.51 125.42 -62.62
CA VAL GB 120 -44.51 126.21 -61.91
C VAL GB 120 -45.81 125.41 -61.76
N ASN GB 121 -46.40 124.97 -62.88
CA ASN GB 121 -47.69 124.32 -62.87
C ASN GB 121 -47.61 122.82 -63.11
N LEU GB 122 -46.39 122.26 -63.15
CA LEU GB 122 -46.11 120.82 -63.25
C LEU GB 122 -46.67 120.19 -64.52
N VAL GB 123 -46.83 120.97 -65.58
CA VAL GB 123 -47.32 120.43 -66.86
C VAL GB 123 -46.17 119.73 -67.57
N PRO GB 124 -46.39 118.54 -68.14
CA PRO GB 124 -45.29 117.85 -68.84
C PRO GB 124 -44.90 118.56 -70.14
N LEU GB 125 -43.80 118.08 -70.70
CA LEU GB 125 -43.16 118.76 -71.82
C LEU GB 125 -43.78 118.37 -73.15
N GLY GB 126 -43.63 119.25 -74.13
CA GLY GB 126 -44.08 118.97 -75.48
C GLY GB 126 -45.51 119.41 -75.74
N ARG GB 127 -45.70 120.25 -76.76
CA ARG GB 127 -47.03 120.65 -77.21
C ARG GB 127 -47.11 120.39 -78.71
N ALA GB 128 -48.06 119.56 -79.12
CA ALA GB 128 -48.20 119.18 -80.52
C ALA GB 128 -48.97 120.26 -81.26
N TYR GB 129 -48.27 121.04 -82.07
CA TYR GB 129 -48.87 122.07 -82.92
C TYR GB 129 -48.79 121.58 -84.36
N GLY GB 130 -49.78 120.78 -84.77
CA GLY GB 130 -49.82 120.22 -86.10
C GLY GB 130 -48.72 119.22 -86.39
N GLY GB 131 -48.74 118.08 -85.69
CA GLY GB 131 -47.72 117.08 -85.89
C GLY GB 131 -47.39 116.31 -84.63
N SER GB 132 -46.10 116.19 -84.32
CA SER GB 132 -45.67 115.48 -83.12
C SER GB 132 -45.50 116.46 -81.96
N LYS GB 133 -45.27 115.90 -80.78
CA LYS GB 133 -44.97 116.72 -79.60
C LYS GB 133 -43.55 117.27 -79.74
N THR GB 134 -43.44 118.58 -79.89
CA THR GB 134 -42.16 119.21 -80.23
C THR GB 134 -41.83 120.31 -79.23
N ILE GB 135 -40.53 120.57 -79.09
CA ILE GB 135 -40.00 121.72 -78.37
C ILE GB 135 -39.14 122.51 -79.35
N VAL GB 136 -39.35 123.82 -79.42
CA VAL GB 136 -38.56 124.69 -80.27
C VAL GB 136 -37.54 125.41 -79.40
N LEU GB 137 -36.27 125.29 -79.77
CA LEU GB 137 -35.17 125.92 -79.04
C LEU GB 137 -34.48 126.89 -79.97
N SER GB 138 -35.01 128.11 -80.05
CA SER GB 138 -34.46 129.12 -80.95
C SER GB 138 -33.24 129.77 -80.35
N VAL GB 139 -32.20 129.94 -81.18
CA VAL GB 139 -30.94 130.54 -80.75
C VAL GB 139 -30.77 131.88 -81.47
N GLY GB 140 -31.88 132.53 -81.73
CA GLY GB 140 -31.91 133.72 -82.58
C GLY GB 140 -32.89 133.52 -83.71
N GLU GB 141 -32.39 133.40 -84.94
CA GLU GB 141 -33.23 133.03 -86.07
C GLU GB 141 -33.15 131.55 -86.42
N ALA GB 142 -32.12 130.86 -85.96
CA ALA GB 142 -32.05 129.41 -86.12
C ALA GB 142 -32.89 128.74 -85.05
N THR GB 143 -33.87 127.95 -85.47
CA THR GB 143 -34.75 127.22 -84.56
C THR GB 143 -34.46 125.74 -84.69
N ARG GB 144 -34.26 125.07 -83.56
CA ARG GB 144 -33.91 123.65 -83.54
C ARG GB 144 -35.06 122.91 -82.87
N THR GB 145 -35.86 122.22 -83.67
CA THR GB 145 -37.11 121.60 -83.22
C THR GB 145 -36.84 120.15 -82.82
N LEU GB 146 -37.04 119.83 -81.55
CA LEU GB 146 -36.83 118.48 -81.06
C LEU GB 146 -38.16 117.75 -80.92
N THR GB 147 -38.30 116.64 -81.63
CA THR GB 147 -39.52 115.86 -81.65
C THR GB 147 -39.42 114.70 -80.67
N GLU GB 148 -40.54 114.38 -80.03
CA GLU GB 148 -40.57 113.36 -79.00
C GLU GB 148 -40.50 111.97 -79.61
N ILE GB 149 -39.60 111.14 -79.07
CA ILE GB 149 -39.39 109.80 -79.60
C ILE GB 149 -39.87 108.71 -78.66
N GLN GB 150 -40.05 109.00 -77.37
CA GLN GB 150 -40.42 107.98 -76.39
C GLN GB 150 -40.96 108.68 -75.16
N SER GB 151 -42.14 108.27 -74.70
CA SER GB 151 -42.75 108.78 -73.48
C SER GB 151 -43.05 107.59 -72.57
N THR GB 152 -42.07 107.22 -71.75
CA THR GB 152 -42.24 106.13 -70.80
C THR GB 152 -42.97 106.73 -69.58
N ALA GB 153 -43.31 105.90 -68.58
CA ALA GB 153 -44.00 106.40 -67.40
C ALA GB 153 -43.10 107.28 -66.55
N ASP GB 154 -41.78 107.09 -66.65
CA ASP GB 154 -40.82 107.93 -65.94
C ASP GB 154 -40.14 108.94 -66.86
N ARG GB 155 -39.54 108.49 -67.95
CA ARG GB 155 -38.77 109.37 -68.81
C ARG GB 155 -39.65 109.99 -69.89
N GLN GB 156 -39.10 110.98 -70.57
CA GLN GB 156 -39.76 111.61 -71.72
C GLN GB 156 -38.65 112.14 -72.62
N ILE GB 157 -38.27 111.36 -73.62
CA ILE GB 157 -37.07 111.63 -74.41
C ILE GB 157 -37.45 112.40 -75.66
N PHE GB 158 -36.78 113.52 -75.88
CA PHE GB 158 -36.89 114.30 -77.10
C PHE GB 158 -35.60 114.20 -77.87
N GLU GB 159 -35.67 114.46 -79.18
CA GLU GB 159 -34.51 114.31 -80.04
C GLU GB 159 -34.76 115.07 -81.34
N GLU GB 160 -33.72 115.73 -81.83
CA GLU GB 160 -33.78 116.37 -83.13
C GLU GB 160 -33.73 115.32 -84.23
N LYS GB 161 -34.22 115.70 -85.41
CA LYS GB 161 -34.34 114.75 -86.51
C LYS GB 161 -33.58 115.15 -87.76
N VAL GB 162 -33.06 116.37 -87.83
CA VAL GB 162 -32.32 116.82 -89.00
C VAL GB 162 -30.86 116.41 -88.88
N GLY GB 163 -30.35 115.73 -89.91
CA GLY GB 163 -28.95 115.40 -89.99
C GLY GB 163 -28.69 113.91 -89.92
N PRO GB 164 -27.45 113.54 -89.60
CA PRO GB 164 -27.10 112.11 -89.48
C PRO GB 164 -27.74 111.48 -88.25
N LEU GB 165 -27.69 110.16 -88.22
CA LEU GB 165 -28.36 109.39 -87.17
C LEU GB 165 -27.45 109.07 -86.00
N VAL GB 166 -26.14 109.32 -86.11
CA VAL GB 166 -25.23 108.91 -85.05
C VAL GB 166 -25.16 109.96 -83.94
N GLY GB 167 -25.22 111.24 -84.27
CA GLY GB 167 -25.17 112.27 -83.24
C GLY GB 167 -26.26 113.30 -83.41
N ARG GB 168 -27.16 113.37 -82.43
CA ARG GB 168 -28.27 114.31 -82.45
C ARG GB 168 -28.50 114.86 -81.06
N LEU GB 169 -29.27 115.94 -80.99
CA LEU GB 169 -29.62 116.52 -79.71
C LEU GB 169 -30.54 115.60 -78.93
N ARG GB 170 -30.48 115.70 -77.61
CA ARG GB 170 -31.29 114.87 -76.73
C ARG GB 170 -31.88 115.75 -75.64
N LEU GB 171 -33.01 115.30 -75.09
CA LEU GB 171 -33.64 116.00 -73.97
C LEU GB 171 -34.43 114.95 -73.21
N THR GB 172 -33.86 114.44 -72.13
CA THR GB 172 -34.52 113.39 -71.33
C THR GB 172 -35.06 114.04 -70.07
N ALA GB 173 -36.30 114.52 -70.14
CA ALA GB 173 -36.96 115.06 -68.97
C ALA GB 173 -37.49 113.93 -68.09
N SER GB 174 -37.81 114.28 -66.85
CA SER GB 174 -38.33 113.31 -65.90
C SER GB 174 -39.14 114.06 -64.84
N LEU GB 175 -39.81 113.29 -64.00
CA LEU GB 175 -40.62 113.84 -62.91
C LEU GB 175 -40.88 112.73 -61.90
N ARG GB 176 -40.50 112.97 -60.66
CA ARG GB 176 -40.66 111.98 -59.60
C ARG GB 176 -41.29 112.64 -58.38
N GLN GB 177 -41.60 111.83 -57.38
CA GLN GB 177 -41.91 112.33 -56.04
C GLN GB 177 -41.49 111.25 -55.04
N ASN GB 178 -40.47 111.56 -54.24
CA ASN GB 178 -39.91 110.61 -53.30
C ASN GB 178 -40.35 110.95 -51.88
N GLY GB 179 -40.63 109.91 -51.11
CA GLY GB 179 -41.05 110.07 -49.74
C GLY GB 179 -42.56 109.97 -49.60
N ALA GB 180 -43.12 110.74 -48.66
CA ALA GB 180 -44.56 110.71 -48.41
C ALA GB 180 -45.28 111.78 -49.23
N LYS GB 181 -45.03 111.78 -50.55
CA LYS GB 181 -45.72 112.61 -51.54
C LYS GB 181 -45.60 114.11 -51.23
N THR GB 182 -44.45 114.53 -50.70
CA THR GB 182 -44.30 115.89 -50.23
C THR GB 182 -43.37 116.75 -51.09
N ALA GB 183 -42.56 116.15 -51.95
CA ALA GB 183 -41.61 116.92 -52.75
C ALA GB 183 -41.46 116.28 -54.12
N TYR GB 184 -41.48 117.11 -55.15
CA TYR GB 184 -41.31 116.65 -56.51
C TYR GB 184 -39.83 116.72 -56.91
N ARG GB 185 -39.52 116.23 -58.12
CA ARG GB 185 -38.14 116.24 -58.59
C ARG GB 185 -38.17 116.32 -60.12
N VAL GB 186 -38.01 117.53 -60.64
CA VAL GB 186 -37.89 117.74 -62.08
C VAL GB 186 -36.43 117.52 -62.48
N ASN GB 187 -36.21 116.86 -63.62
CA ASN GB 187 -34.86 116.47 -63.99
C ASN GB 187 -34.73 116.56 -65.52
N LEU GB 188 -34.20 117.67 -66.01
CA LEU GB 188 -33.89 117.83 -67.42
C LEU GB 188 -32.42 117.50 -67.68
N LYS GB 189 -32.12 117.13 -68.93
CA LYS GB 189 -30.77 116.78 -69.31
C LYS GB 189 -30.65 116.90 -70.82
N LEU GB 190 -29.71 117.72 -71.28
CA LEU GB 190 -29.54 118.00 -72.71
C LEU GB 190 -28.16 117.54 -73.14
N ASP GB 191 -28.11 116.45 -73.92
CA ASP GB 191 -26.86 115.96 -74.48
C ASP GB 191 -26.63 116.56 -75.86
N GLN GB 192 -25.40 116.93 -76.13
CA GLN GB 192 -25.01 117.47 -77.43
C GLN GB 192 -23.69 116.83 -77.83
N ALA GB 193 -23.74 115.96 -78.84
CA ALA GB 193 -22.56 115.27 -79.33
C ALA GB 193 -22.02 115.98 -80.56
N ASP GB 194 -20.70 116.00 -80.69
CA ASP GB 194 -20.05 116.65 -81.82
C ASP GB 194 -19.73 115.58 -82.87
N VAL GB 195 -20.42 115.64 -84.00
CA VAL GB 195 -20.22 114.70 -85.09
C VAL GB 195 -19.39 115.38 -86.17
N VAL GB 196 -18.47 114.62 -86.77
CA VAL GB 196 -17.61 115.13 -87.82
C VAL GB 196 -17.40 114.02 -88.85
N ASP GB 197 -17.31 114.40 -90.11
CA ASP GB 197 -16.94 113.47 -91.18
C ASP GB 197 -15.96 114.12 -92.14
N CYS GB 198 -15.10 113.29 -92.72
CA CYS GB 198 -14.14 113.74 -93.73
C CYS GB 198 -14.14 112.81 -94.94
N SER GB 199 -15.32 112.50 -95.47
CA SER GB 199 -15.42 111.76 -96.71
C SER GB 199 -14.89 112.55 -97.91
N THR GB 200 -14.84 113.88 -97.80
CA THR GB 200 -14.15 114.68 -98.80
C THR GB 200 -12.63 114.57 -98.65
N SER GB 201 -12.14 114.13 -97.50
CA SER GB 201 -10.71 113.99 -97.25
C SER GB 201 -10.24 112.54 -97.34
N VAL GB 202 -10.79 111.66 -96.51
CA VAL GB 202 -10.46 110.24 -96.52
C VAL GB 202 -11.69 109.47 -96.98
N CYS GB 203 -11.49 108.60 -97.97
CA CYS GB 203 -12.61 107.86 -98.54
C CYS GB 203 -13.12 106.77 -97.61
N GLY GB 204 -14.40 106.44 -97.79
CA GLY GB 204 -15.03 105.36 -97.07
C GLY GB 204 -15.22 105.61 -95.59
N GLU GB 205 -15.21 106.87 -95.16
CA GLU GB 205 -15.35 107.22 -93.76
C GLU GB 205 -16.73 107.81 -93.55
N LEU GB 206 -17.52 107.17 -92.70
CA LEU GB 206 -18.85 107.61 -92.34
C LEU GB 206 -18.77 108.51 -91.11
N PRO GB 207 -19.79 109.35 -90.87
CA PRO GB 207 -19.75 110.24 -89.70
C PRO GB 207 -19.74 109.50 -88.37
N LYS GB 208 -19.10 110.14 -87.39
CA LYS GB 208 -18.95 109.56 -86.06
C LYS GB 208 -18.84 110.71 -85.05
N VAL GB 209 -19.12 110.39 -83.80
CA VAL GB 209 -19.10 111.38 -82.72
C VAL GB 209 -17.71 111.45 -82.12
N ARG GB 210 -17.33 112.65 -81.67
CA ARG GB 210 -16.06 112.84 -80.98
C ARG GB 210 -16.25 112.77 -79.47
N TYR GB 211 -17.07 113.66 -78.92
CA TYR GB 211 -17.31 113.77 -77.49
C TYR GB 211 -18.77 114.15 -77.28
N THR GB 212 -19.20 114.12 -76.03
CA THR GB 212 -20.52 114.61 -75.65
C THR GB 212 -20.39 115.60 -74.52
N GLN GB 213 -21.26 116.60 -74.49
CA GLN GB 213 -21.27 117.60 -73.44
C GLN GB 213 -22.68 117.72 -72.87
N VAL GB 214 -22.78 117.63 -71.56
CA VAL GB 214 -24.06 117.52 -70.87
C VAL GB 214 -24.34 118.82 -70.13
N TRP GB 215 -25.62 119.18 -70.05
CA TRP GB 215 -26.08 120.23 -69.12
C TRP GB 215 -27.35 119.70 -68.48
N SER GB 216 -27.21 119.06 -67.33
CA SER GB 216 -28.34 118.52 -66.61
C SER GB 216 -28.93 119.59 -65.69
N HIS GB 217 -30.14 119.31 -65.20
CA HIS GB 217 -30.79 120.13 -64.18
C HIS GB 217 -31.42 119.19 -63.17
N ASP GB 218 -31.63 119.71 -61.96
CA ASP GB 218 -32.27 118.91 -60.91
C ASP GB 218 -33.02 119.87 -59.99
N VAL GB 219 -34.31 120.04 -60.27
CA VAL GB 219 -35.15 120.98 -59.55
C VAL GB 219 -35.89 120.22 -58.45
N THR GB 220 -35.87 120.75 -57.24
CA THR GB 220 -36.59 120.18 -56.12
C THR GB 220 -37.72 121.13 -55.73
N ILE GB 221 -38.96 120.65 -55.81
CA ILE GB 221 -40.13 121.46 -55.53
C ILE GB 221 -40.98 120.71 -54.52
N VAL GB 222 -41.26 121.34 -53.39
CA VAL GB 222 -42.14 120.74 -52.39
C VAL GB 222 -43.58 120.92 -52.82
N ALA GB 223 -44.44 120.01 -52.36
CA ALA GB 223 -45.78 119.88 -52.92
C ALA GB 223 -46.71 121.00 -52.47
N ASN GB 224 -46.54 121.48 -51.24
CA ASN GB 224 -47.42 122.50 -50.68
C ASN GB 224 -46.87 123.91 -50.84
N SER GB 225 -46.18 124.18 -51.95
CA SER GB 225 -45.51 125.45 -52.20
C SER GB 225 -46.53 126.54 -52.50
N THR GB 226 -46.03 127.77 -52.50
CA THR GB 226 -46.75 128.92 -53.04
C THR GB 226 -46.43 128.99 -54.53
N GLU GB 227 -47.36 129.52 -55.32
CA GLU GB 227 -47.10 129.66 -56.75
C GLU GB 227 -46.02 130.69 -57.03
N ALA GB 228 -46.01 131.80 -56.29
CA ALA GB 228 -44.95 132.79 -56.44
C ALA GB 228 -43.64 132.33 -55.84
N SER GB 229 -43.64 131.25 -55.05
CA SER GB 229 -42.40 130.66 -54.59
C SER GB 229 -41.76 129.79 -55.66
N ARG GB 230 -42.59 129.13 -56.48
CA ARG GB 230 -42.07 128.36 -57.60
C ARG GB 230 -41.78 129.26 -58.80
N LYS GB 231 -42.52 130.35 -58.95
CA LYS GB 231 -42.32 131.25 -60.08
C LYS GB 231 -41.05 132.06 -59.91
N SER GB 232 -40.73 132.46 -58.67
CA SER GB 232 -39.53 133.25 -58.44
C SER GB 232 -38.27 132.39 -58.50
N LEU GB 233 -38.38 131.10 -58.17
CA LEU GB 233 -37.25 130.20 -58.30
C LEU GB 233 -36.89 129.98 -59.76
N TYR GB 234 -37.91 129.83 -60.62
CA TYR GB 234 -37.67 129.70 -62.05
C TYR GB 234 -37.12 130.99 -62.64
N ASP GB 235 -37.69 132.12 -62.24
CA ASP GB 235 -37.33 133.40 -62.85
C ASP GB 235 -35.96 133.89 -62.36
N LEU GB 236 -35.46 133.37 -61.24
CA LEU GB 236 -34.08 133.65 -60.85
C LEU GB 236 -33.10 132.78 -61.62
N THR GB 237 -33.45 131.51 -61.84
CA THR GB 237 -32.58 130.62 -62.59
C THR GB 237 -32.56 130.99 -64.07
N LYS GB 238 -33.67 131.49 -64.60
CA LYS GB 238 -33.68 132.00 -65.97
C LYS GB 238 -32.79 133.22 -66.11
N SER GB 239 -32.76 134.07 -65.08
CA SER GB 239 -31.89 135.24 -65.08
C SER GB 239 -30.46 134.90 -64.67
N LEU GB 240 -30.22 133.71 -64.14
CA LEU GB 240 -28.86 133.33 -63.78
C LEU GB 240 -28.10 132.80 -65.00
N VAL GB 241 -28.75 131.95 -65.79
CA VAL GB 241 -28.13 131.40 -67.00
C VAL GB 241 -27.90 132.50 -68.03
N ALA GB 242 -28.75 133.52 -68.06
CA ALA GB 242 -28.63 134.59 -69.04
C ALA GB 242 -27.57 135.63 -68.69
N THR GB 243 -26.83 135.46 -67.58
CA THR GB 243 -25.80 136.41 -67.24
C THR GB 243 -24.54 136.20 -68.06
N SER GB 244 -23.62 137.15 -67.96
CA SER GB 244 -22.36 137.07 -68.68
C SER GB 244 -21.29 136.32 -67.90
N GLN GB 245 -21.56 135.95 -66.64
CA GLN GB 245 -20.56 135.27 -65.83
C GLN GB 245 -20.70 133.76 -65.94
N VAL GB 246 -21.93 133.26 -66.05
CA VAL GB 246 -22.15 131.84 -66.29
C VAL GB 246 -21.87 131.48 -67.74
N GLU GB 247 -21.86 132.47 -68.64
CA GLU GB 247 -21.37 132.25 -69.99
C GLU GB 247 -19.89 131.94 -69.99
N ASP GB 248 -19.09 132.78 -69.34
CA ASP GB 248 -17.65 132.57 -69.27
C ASP GB 248 -17.27 131.42 -68.35
N LEU GB 249 -18.17 131.01 -67.44
CA LEU GB 249 -17.89 129.83 -66.63
C LEU GB 249 -17.96 128.56 -67.45
N VAL GB 250 -18.81 128.53 -68.48
CA VAL GB 250 -18.91 127.37 -69.34
C VAL GB 250 -17.96 127.46 -70.53
N VAL GB 251 -17.87 128.63 -71.16
CA VAL GB 251 -17.04 128.77 -72.35
C VAL GB 251 -15.55 128.84 -71.98
N ASN GB 252 -15.19 129.75 -71.09
CA ASN GB 252 -13.78 130.00 -70.77
C ASN GB 252 -13.36 129.58 -69.38
N LEU GB 253 -14.26 128.93 -68.61
CA LEU GB 253 -13.99 128.37 -67.28
C LEU GB 253 -13.54 129.43 -66.26
N VAL GB 254 -13.99 130.67 -66.43
CA VAL GB 254 -13.74 131.71 -65.45
C VAL GB 254 -14.69 131.51 -64.28
N PRO GB 255 -14.21 131.44 -63.04
CA PRO GB 255 -15.12 131.34 -61.89
C PRO GB 255 -15.97 132.60 -61.72
N LEU GB 256 -17.05 132.44 -60.95
CA LEU GB 256 -18.07 133.46 -60.85
C LEU GB 256 -17.62 134.61 -59.94
N GLY GB 257 -18.33 135.73 -60.06
CA GLY GB 257 -18.09 136.87 -59.20
C GLY GB 257 -17.11 137.86 -59.76
N ARG GB 258 -17.55 139.10 -59.96
CA ARG GB 258 -16.67 140.18 -60.37
C ARG GB 258 -16.82 141.38 -59.45
N SER HB 1 -36.62 8.53 -156.34
CA SER HB 1 -36.90 7.34 -155.54
C SER HB 1 -38.28 7.45 -154.89
N LYS HB 2 -38.31 7.85 -153.63
CA LYS HB 2 -39.54 7.97 -152.86
C LYS HB 2 -40.00 9.42 -152.89
N THR HB 3 -41.19 9.64 -153.44
CA THR HB 3 -41.64 10.99 -153.75
C THR HB 3 -43.04 11.26 -153.20
N ILE HB 4 -43.27 12.52 -152.85
CA ILE HB 4 -44.61 13.07 -152.65
C ILE HB 4 -44.80 14.18 -153.66
N VAL HB 5 -45.92 14.16 -154.37
CA VAL HB 5 -46.22 15.14 -155.40
C VAL HB 5 -47.32 16.07 -154.87
N LEU HB 6 -47.01 17.36 -154.81
CA LEU HB 6 -47.94 18.38 -154.34
C LEU HB 6 -48.35 19.23 -155.53
N SER HB 7 -49.58 19.03 -156.03
CA SER HB 7 -50.08 19.81 -157.14
C SER HB 7 -50.73 21.08 -156.64
N VAL HB 8 -50.33 22.22 -157.21
CA VAL HB 8 -50.80 23.53 -156.79
C VAL HB 8 -51.63 24.05 -157.96
N GLY HB 9 -52.34 23.14 -158.61
CA GLY HB 9 -53.08 23.47 -159.82
C GLY HB 9 -52.58 22.62 -160.97
N GLU HB 10 -51.95 23.26 -161.95
CA GLU HB 10 -51.28 22.54 -163.01
C GLU HB 10 -49.78 22.36 -162.75
N ALA HB 11 -49.21 23.12 -161.81
CA ALA HB 11 -47.81 22.96 -161.46
C ALA HB 11 -47.67 21.99 -160.30
N THR HB 12 -46.76 21.02 -160.45
CA THR HB 12 -46.52 20.01 -159.43
C THR HB 12 -45.12 20.22 -158.86
N ARG HB 13 -45.00 20.20 -157.55
CA ARG HB 13 -43.73 20.37 -156.86
C ARG HB 13 -43.38 19.04 -156.20
N THR HB 14 -42.49 18.28 -156.83
CA THR HB 14 -42.18 16.93 -156.40
C THR HB 14 -41.07 16.95 -155.34
N LEU HB 15 -41.42 16.57 -154.12
CA LEU HB 15 -40.45 16.38 -153.05
C LEU HB 15 -39.87 14.98 -153.11
N THR HB 16 -38.58 14.86 -152.77
CA THR HB 16 -37.94 13.55 -152.72
C THR HB 16 -37.38 13.34 -151.32
N GLU HB 17 -37.31 12.07 -150.93
CA GLU HB 17 -36.84 11.71 -149.60
C GLU HB 17 -35.31 11.76 -149.54
N ILE HB 18 -34.78 12.46 -148.55
CA ILE HB 18 -33.34 12.63 -148.40
C ILE HB 18 -32.78 11.98 -147.14
N GLN HB 19 -33.62 11.59 -146.19
CA GLN HB 19 -33.15 11.05 -144.92
C GLN HB 19 -34.28 10.25 -144.29
N SER HB 20 -33.95 9.07 -143.75
CA SER HB 20 -34.96 8.20 -143.16
C SER HB 20 -34.37 7.58 -141.90
N THR HB 21 -34.85 8.03 -140.76
CA THR HB 21 -34.48 7.46 -139.47
C THR HB 21 -35.51 6.35 -139.18
N ALA HB 22 -35.58 5.85 -137.94
CA ALA HB 22 -36.58 4.87 -137.56
C ALA HB 22 -37.99 5.42 -137.72
N ASP HB 23 -38.26 6.58 -137.12
CA ASP HB 23 -39.56 7.23 -137.21
C ASP HB 23 -39.53 8.51 -138.01
N ARG HB 24 -38.51 9.35 -137.82
CA ARG HB 24 -38.41 10.61 -138.55
C ARG HB 24 -38.06 10.36 -140.00
N GLN HB 25 -38.57 11.23 -140.88
CA GLN HB 25 -38.50 10.99 -142.31
C GLN HB 25 -38.54 12.35 -143.01
N ILE HB 26 -37.42 12.75 -143.61
CA ILE HB 26 -37.26 14.10 -144.13
C ILE HB 26 -37.32 14.06 -145.65
N PHE HB 27 -38.24 14.84 -146.22
CA PHE HB 27 -38.35 15.02 -147.67
C PHE HB 27 -37.82 16.40 -148.03
N GLU HB 28 -37.52 16.59 -149.31
CA GLU HB 28 -36.96 17.84 -149.79
C GLU HB 28 -37.17 17.94 -151.29
N GLU HB 29 -37.33 19.16 -151.77
CA GLU HB 29 -37.42 19.43 -153.20
C GLU HB 29 -36.04 19.74 -153.76
N LYS HB 30 -35.62 18.94 -154.75
CA LYS HB 30 -34.27 19.00 -155.27
C LYS HB 30 -34.09 19.99 -156.42
N VAL HB 31 -34.95 20.99 -156.53
CA VAL HB 31 -34.84 21.96 -157.61
C VAL HB 31 -34.30 23.28 -157.07
N GLY HB 32 -33.22 23.76 -157.66
CA GLY HB 32 -32.69 25.06 -157.32
C GLY HB 32 -31.41 24.99 -156.53
N PRO HB 33 -31.03 26.11 -155.88
CA PRO HB 33 -29.82 26.11 -155.04
C PRO HB 33 -29.95 25.28 -153.78
N LEU HB 34 -28.87 25.17 -153.03
CA LEU HB 34 -28.80 24.31 -151.86
C LEU HB 34 -29.19 24.99 -150.56
N VAL HB 35 -29.40 26.31 -150.58
CA VAL HB 35 -29.52 27.05 -149.32
C VAL HB 35 -30.93 27.00 -148.74
N GLY HB 36 -31.97 27.17 -149.56
CA GLY HB 36 -33.32 27.09 -149.04
C GLY HB 36 -34.23 26.31 -149.96
N ARG HB 37 -34.76 25.20 -149.47
CA ARG HB 37 -35.63 24.34 -150.25
C ARG HB 37 -36.86 24.00 -149.42
N LEU HB 38 -37.88 23.47 -150.09
CA LEU HB 38 -39.03 22.93 -149.39
C LEU HB 38 -38.62 21.73 -148.54
N ARG HB 39 -39.28 21.59 -147.41
CA ARG HB 39 -38.94 20.57 -146.43
C ARG HB 39 -40.21 19.95 -145.91
N LEU HB 40 -40.14 18.67 -145.59
CA LEU HB 40 -41.31 17.97 -145.06
C LEU HB 40 -40.80 16.90 -144.11
N THR HB 41 -41.03 17.09 -142.82
CA THR HB 41 -40.49 16.22 -141.78
C THR HB 41 -41.64 15.44 -141.16
N ALA HB 42 -41.90 14.26 -141.70
CA ALA HB 42 -42.89 13.38 -141.12
C ALA HB 42 -42.26 12.56 -139.99
N SER HB 43 -43.10 12.12 -139.06
CA SER HB 43 -42.68 11.25 -137.98
C SER HB 43 -43.90 10.52 -137.46
N LEU HB 44 -43.67 9.49 -136.64
CA LEU HB 44 -44.74 8.69 -136.08
C LEU HB 44 -44.21 7.98 -134.85
N ARG HB 45 -44.84 8.22 -133.70
CA ARG HB 45 -44.41 7.64 -132.45
C ARG HB 45 -45.57 6.90 -131.82
N GLN HB 46 -45.32 6.29 -130.66
CA GLN HB 46 -46.40 5.84 -129.78
C GLN HB 46 -45.87 5.89 -128.35
N ASN HB 47 -46.14 7.01 -127.67
CA ASN HB 47 -45.62 7.21 -126.33
C ASN HB 47 -46.65 6.78 -125.29
N GLY HB 48 -46.15 6.43 -124.11
CA GLY HB 48 -46.98 5.93 -123.04
C GLY HB 48 -47.00 4.42 -123.01
N ALA HB 49 -48.14 3.84 -122.64
CA ALA HB 49 -48.28 2.39 -122.56
C ALA HB 49 -48.85 1.81 -123.86
N LYS HB 50 -48.22 2.23 -124.97
CA LYS HB 50 -48.49 1.73 -126.33
C LYS HB 50 -49.96 1.88 -126.73
N THR HB 51 -50.61 2.98 -126.30
CA THR HB 51 -52.04 3.12 -126.50
C THR HB 51 -52.43 4.25 -127.44
N ALA HB 52 -51.51 5.14 -127.80
CA ALA HB 52 -51.85 6.28 -128.64
C ALA HB 52 -50.68 6.62 -129.55
N TYR HB 53 -50.95 6.78 -130.84
CA TYR HB 53 -49.93 7.19 -131.78
C TYR HB 53 -49.88 8.71 -131.90
N ARG HB 54 -48.85 9.20 -132.56
CA ARG HB 54 -48.64 10.65 -132.68
C ARG HB 54 -47.96 10.93 -134.01
N VAL HB 55 -48.75 11.33 -135.00
CA VAL HB 55 -48.23 11.74 -136.29
C VAL HB 55 -47.89 13.22 -136.22
N ASN HB 56 -46.77 13.61 -136.86
CA ASN HB 56 -46.28 14.98 -136.72
C ASN HB 56 -45.65 15.39 -138.04
N LEU HB 57 -46.42 16.08 -138.88
CA LEU HB 57 -45.88 16.67 -140.10
C LEU HB 57 -45.44 18.09 -139.85
N LYS HB 58 -44.51 18.56 -140.70
CA LYS HB 58 -43.99 19.92 -140.57
C LYS HB 58 -43.46 20.32 -141.95
N LEU HB 59 -44.11 21.29 -142.57
CA LEU HB 59 -43.75 21.74 -143.90
C LEU HB 59 -43.07 23.11 -143.79
N ASP HB 60 -41.76 23.14 -143.98
CA ASP HB 60 -41.03 24.39 -143.98
C ASP HB 60 -41.09 25.03 -145.36
N GLN HB 61 -40.85 26.35 -145.39
CA GLN HB 61 -40.74 27.05 -146.65
C GLN HB 61 -39.86 28.28 -146.45
N ALA HB 62 -38.67 28.26 -147.03
CA ALA HB 62 -37.75 29.38 -146.96
C ALA HB 62 -37.89 30.24 -148.19
N ASP HB 63 -37.85 31.55 -148.01
CA ASP HB 63 -37.95 32.50 -149.12
C ASP HB 63 -36.54 32.96 -149.48
N VAL HB 64 -35.99 32.38 -150.53
CA VAL HB 64 -34.65 32.73 -150.98
C VAL HB 64 -34.75 33.80 -152.05
N VAL HB 65 -33.67 34.56 -152.19
CA VAL HB 65 -33.53 35.55 -153.24
C VAL HB 65 -32.07 35.60 -153.65
N ASP HB 66 -31.82 35.60 -154.96
CA ASP HB 66 -30.48 35.58 -155.50
C ASP HB 66 -30.21 36.95 -156.11
N CYS HB 67 -29.44 37.76 -155.40
CA CYS HB 67 -29.25 39.17 -155.72
C CYS HB 67 -27.87 39.38 -156.34
N SER HB 68 -27.38 38.38 -157.07
CA SER HB 68 -26.04 38.46 -157.64
C SER HB 68 -25.99 39.34 -158.88
N THR HB 69 -27.09 39.48 -159.61
CA THR HB 69 -27.07 40.26 -160.85
C THR HB 69 -27.08 41.76 -160.56
N SER HB 70 -27.88 42.18 -159.58
CA SER HB 70 -27.95 43.60 -159.25
C SER HB 70 -26.75 44.00 -158.38
N VAL HB 71 -26.64 43.40 -157.20
CA VAL HB 71 -25.52 43.65 -156.31
C VAL HB 71 -24.41 42.68 -156.69
N CYS HB 72 -23.24 43.22 -157.00
CA CYS HB 72 -22.14 42.39 -157.47
C CYS HB 72 -21.49 41.66 -156.30
N GLY HB 73 -21.36 40.35 -156.43
CA GLY HB 73 -20.55 39.56 -155.52
C GLY HB 73 -21.23 39.04 -154.27
N GLU HB 74 -22.52 38.74 -154.34
CA GLU HB 74 -23.20 38.14 -153.20
C GLU HB 74 -24.05 36.95 -153.64
N LEU HB 75 -24.38 36.11 -152.66
CA LEU HB 75 -24.91 34.77 -152.85
C LEU HB 75 -26.38 34.74 -152.50
N PRO HB 76 -27.13 33.70 -152.91
CA PRO HB 76 -28.51 33.56 -152.42
C PRO HB 76 -28.57 33.33 -150.93
N LYS HB 77 -29.64 33.82 -150.32
CA LYS HB 77 -29.78 33.83 -148.87
C LYS HB 77 -31.25 33.69 -148.52
N VAL HB 78 -31.51 33.19 -147.32
CA VAL HB 78 -32.87 33.01 -146.83
C VAL HB 78 -33.30 34.26 -146.08
N ARG HB 79 -34.36 34.91 -146.54
CA ARG HB 79 -34.87 36.08 -145.83
C ARG HB 79 -35.67 35.67 -144.60
N TYR HB 80 -36.63 34.76 -144.77
CA TYR HB 80 -37.48 34.33 -143.69
C TYR HB 80 -37.93 32.90 -143.94
N THR HB 81 -38.60 32.33 -142.93
CA THR HB 81 -39.07 30.95 -142.98
C THR HB 81 -40.46 30.88 -142.38
N GLN HB 82 -41.38 30.26 -143.11
CA GLN HB 82 -42.76 30.09 -142.67
C GLN HB 82 -43.11 28.61 -142.68
N VAL HB 83 -43.57 28.11 -141.54
CA VAL HB 83 -43.85 26.69 -141.38
C VAL HB 83 -45.36 26.49 -141.22
N TRP HB 84 -45.78 25.23 -141.39
CA TRP HB 84 -47.14 24.82 -141.08
C TRP HB 84 -47.02 23.40 -140.51
N SER HB 85 -47.11 23.27 -139.19
CA SER HB 85 -46.99 21.98 -138.56
C SER HB 85 -48.34 21.31 -138.43
N HIS HB 86 -48.31 20.01 -138.15
CA HIS HB 86 -49.49 19.25 -137.77
C HIS HB 86 -49.11 18.36 -136.61
N ASP HB 87 -50.11 18.00 -135.80
CA ASP HB 87 -49.89 17.11 -134.66
C ASP HB 87 -51.17 16.32 -134.44
N VAL HB 88 -51.21 15.14 -135.01
CA VAL HB 88 -52.40 14.28 -134.96
C VAL HB 88 -52.23 13.31 -133.81
N THR HB 89 -53.28 13.12 -133.02
CA THR HB 89 -53.31 12.13 -131.95
C THR HB 89 -54.31 11.05 -132.33
N ILE HB 90 -53.84 9.81 -132.44
CA ILE HB 90 -54.65 8.67 -132.82
C ILE HB 90 -54.52 7.63 -131.72
N VAL HB 91 -55.65 7.24 -131.13
CA VAL HB 91 -55.63 6.17 -130.14
C VAL HB 91 -55.64 4.83 -130.86
N ALA HB 92 -55.00 3.83 -130.23
CA ALA HB 92 -54.65 2.61 -130.94
C ALA HB 92 -55.84 1.72 -131.24
N ASN HB 93 -56.83 1.68 -130.34
CA ASN HB 93 -57.98 0.80 -130.50
C ASN HB 93 -59.16 1.48 -131.18
N SER HB 94 -58.88 2.40 -132.11
CA SER HB 94 -59.91 3.20 -132.74
C SER HB 94 -60.73 2.39 -133.73
N THR HB 95 -61.74 3.04 -134.29
CA THR HB 95 -62.47 2.54 -135.45
C THR HB 95 -61.88 3.23 -136.68
N GLU HB 96 -61.89 2.52 -137.81
CA GLU HB 96 -61.37 3.11 -139.05
C GLU HB 96 -62.24 4.27 -139.52
N ALA HB 97 -63.54 4.21 -139.27
CA ALA HB 97 -64.41 5.33 -139.60
C ALA HB 97 -64.22 6.50 -138.66
N SER HB 98 -63.63 6.28 -137.48
CA SER HB 98 -63.29 7.38 -136.60
C SER HB 98 -62.06 8.12 -137.11
N ARG HB 99 -61.08 7.38 -137.63
CA ARG HB 99 -59.90 7.98 -138.24
C ARG HB 99 -60.21 8.61 -139.59
N LYS HB 100 -61.12 8.02 -140.36
CA LYS HB 100 -61.45 8.56 -141.67
C LYS HB 100 -62.26 9.85 -141.55
N SER HB 101 -63.14 9.94 -140.55
CA SER HB 101 -63.95 11.13 -140.39
C SER HB 101 -63.15 12.30 -139.84
N LEU HB 102 -62.14 12.01 -139.01
CA LEU HB 102 -61.26 13.06 -138.52
C LEU HB 102 -60.40 13.63 -139.64
N TYR HB 103 -59.96 12.77 -140.56
CA TYR HB 103 -59.21 13.24 -141.71
C TYR HB 103 -60.11 13.99 -142.68
N ASP HB 104 -61.36 13.54 -142.84
CA ASP HB 104 -62.28 14.18 -143.77
C ASP HB 104 -62.71 15.56 -143.32
N LEU HB 105 -62.72 15.82 -142.02
CA LEU HB 105 -63.02 17.15 -141.53
C LEU HB 105 -61.83 18.09 -141.69
N THR HB 106 -60.62 17.61 -141.40
CA THR HB 106 -59.43 18.44 -141.51
C THR HB 106 -59.07 18.71 -142.96
N LYS HB 107 -59.34 17.77 -143.86
CA LYS HB 107 -59.17 18.02 -145.28
C LYS HB 107 -60.12 19.11 -145.77
N SER HB 108 -61.32 19.15 -145.22
CA SER HB 108 -62.28 20.17 -145.57
C SER HB 108 -62.13 21.45 -144.76
N LEU HB 109 -61.48 21.38 -143.60
CA LEU HB 109 -61.23 22.59 -142.83
C LEU HB 109 -60.16 23.44 -143.48
N VAL HB 110 -59.08 22.83 -143.96
CA VAL HB 110 -58.03 23.57 -144.62
C VAL HB 110 -58.51 24.09 -145.97
N ALA HB 111 -59.33 23.32 -146.68
CA ALA HB 111 -59.75 23.68 -148.02
C ALA HB 111 -60.83 24.76 -148.08
N THR HB 112 -61.28 25.27 -146.94
CA THR HB 112 -62.31 26.31 -146.96
C THR HB 112 -61.67 27.67 -147.16
N SER HB 113 -62.52 28.67 -147.45
CA SER HB 113 -62.04 30.01 -147.72
C SER HB 113 -61.96 30.88 -146.48
N GLN HB 114 -62.24 30.33 -145.30
CA GLN HB 114 -62.08 31.10 -144.07
C GLN HB 114 -60.73 30.86 -143.42
N VAL HB 115 -60.20 29.65 -143.56
CA VAL HB 115 -58.85 29.36 -143.08
C VAL HB 115 -57.82 29.89 -144.09
N GLU HB 116 -58.25 30.08 -145.34
CA GLU HB 116 -57.37 30.73 -146.32
C GLU HB 116 -57.08 32.17 -145.93
N ASP HB 117 -58.13 32.93 -145.60
CA ASP HB 117 -57.95 34.32 -145.20
C ASP HB 117 -57.35 34.45 -143.80
N LEU HB 118 -57.33 33.38 -143.01
CA LEU HB 118 -56.74 33.44 -141.69
C LEU HB 118 -55.21 33.42 -141.74
N VAL HB 119 -54.63 32.75 -142.72
CA VAL HB 119 -53.18 32.65 -142.80
C VAL HB 119 -52.63 33.62 -143.83
N VAL HB 120 -53.45 34.02 -144.80
CA VAL HB 120 -52.99 34.95 -145.82
C VAL HB 120 -53.23 36.39 -145.38
N ASN HB 121 -54.45 36.70 -144.94
CA ASN HB 121 -54.84 38.06 -144.63
C ASN HB 121 -55.07 38.29 -143.13
N LEU HB 122 -54.89 37.26 -142.31
CA LEU HB 122 -54.84 37.32 -140.84
C LEU HB 122 -56.17 37.76 -140.23
N VAL HB 123 -57.29 37.58 -140.91
CA VAL HB 123 -58.60 37.88 -140.33
C VAL HB 123 -59.17 36.62 -139.69
N PRO HB 124 -59.88 36.72 -138.57
CA PRO HB 124 -60.25 35.51 -137.83
C PRO HB 124 -61.38 34.73 -138.49
N LEU HB 125 -61.71 33.60 -137.88
CA LEU HB 125 -62.65 32.65 -138.43
C LEU HB 125 -64.09 33.05 -138.11
N GLY HB 126 -65.02 32.43 -138.81
CA GLY HB 126 -66.43 32.66 -138.56
C GLY HB 126 -67.01 33.81 -139.36
N ARG HB 127 -68.12 33.57 -140.03
CA ARG HB 127 -68.82 34.58 -140.80
C ARG HB 127 -70.31 34.48 -140.50
N ALA HB 128 -70.91 35.61 -140.11
CA ALA HB 128 -72.32 35.63 -139.68
C ALA HB 128 -73.21 35.86 -140.89
N TYR HB 129 -73.98 34.84 -141.28
CA TYR HB 129 -74.97 34.95 -142.33
C TYR HB 129 -76.25 34.28 -141.84
N GLY HB 130 -77.17 35.09 -141.32
CA GLY HB 130 -78.43 34.59 -140.81
C GLY HB 130 -78.32 33.93 -139.45
N GLY HB 131 -77.87 34.69 -138.45
CA GLY HB 131 -77.72 34.15 -137.11
C GLY HB 131 -76.38 34.47 -136.49
N SER HB 132 -75.59 33.44 -136.19
CA SER HB 132 -74.27 33.62 -135.62
C SER HB 132 -73.19 33.30 -136.66
N LYS HB 133 -71.94 33.35 -136.22
CA LYS HB 133 -70.81 33.11 -137.11
C LYS HB 133 -70.55 31.61 -137.20
N THR HB 134 -70.53 31.07 -138.42
CA THR HB 134 -70.45 29.64 -138.64
C THR HB 134 -69.34 29.29 -139.61
N ILE HB 135 -68.83 28.06 -139.49
CA ILE HB 135 -67.95 27.45 -140.48
C ILE HB 135 -68.64 26.17 -140.96
N VAL HB 136 -68.68 25.98 -142.27
CA VAL HB 136 -69.32 24.82 -142.88
C VAL HB 136 -68.24 23.86 -143.34
N LEU HB 137 -68.24 22.65 -142.79
CA LEU HB 137 -67.25 21.64 -143.10
C LEU HB 137 -67.95 20.50 -143.84
N SER HB 138 -68.03 20.60 -145.16
CA SER HB 138 -68.66 19.58 -145.97
C SER HB 138 -67.70 18.41 -146.19
N VAL HB 139 -68.22 17.19 -146.01
CA VAL HB 139 -67.43 15.98 -146.13
C VAL HB 139 -67.92 15.20 -147.35
N GLY HB 140 -68.38 15.94 -148.36
CA GLY HB 140 -69.14 15.39 -149.45
C GLY HB 140 -70.39 16.23 -149.65
N GLU HB 141 -71.56 15.67 -149.40
CA GLU HB 141 -72.77 16.46 -149.34
C GLU HB 141 -73.24 16.74 -147.91
N ALA HB 142 -72.79 15.96 -146.94
CA ALA HB 142 -73.12 16.21 -145.55
C ALA HB 142 -72.27 17.37 -145.02
N THR HB 143 -72.94 18.42 -144.54
CA THR HB 143 -72.28 19.62 -144.07
C THR HB 143 -72.44 19.72 -142.55
N ARG HB 144 -71.34 19.54 -141.82
CA ARG HB 144 -71.34 19.66 -140.37
C ARG HB 144 -71.00 21.10 -140.03
N THR HB 145 -72.01 21.87 -139.65
CA THR HB 145 -71.86 23.31 -139.43
C THR HB 145 -71.52 23.57 -137.97
N LEU HB 146 -70.30 24.05 -137.72
CA LEU HB 146 -69.91 24.50 -136.40
C LEU HB 146 -70.36 25.94 -136.19
N THR HB 147 -70.82 26.23 -134.97
CA THR HB 147 -71.22 27.58 -134.60
C THR HB 147 -70.30 28.09 -133.50
N GLU HB 148 -70.00 29.39 -133.56
CA GLU HB 148 -69.09 29.98 -132.59
C GLU HB 148 -69.79 30.13 -131.25
N ILE HB 149 -69.16 29.61 -130.20
CA ILE HB 149 -69.72 29.70 -128.86
C ILE HB 149 -68.93 30.63 -127.95
N GLN HB 150 -67.77 31.11 -128.39
CA GLN HB 150 -66.93 31.92 -127.51
C GLN HB 150 -66.01 32.78 -128.37
N SER HB 151 -65.69 33.96 -127.87
CA SER HB 151 -64.74 34.87 -128.51
C SER HB 151 -63.94 35.55 -127.41
N THR HB 152 -62.78 34.99 -127.10
CA THR HB 152 -61.89 35.52 -126.07
C THR HB 152 -61.02 36.60 -126.73
N ALA HB 153 -59.93 37.01 -126.07
CA ALA HB 153 -59.04 38.02 -126.63
C ALA HB 153 -58.36 37.53 -127.90
N ASP HB 154 -57.78 36.32 -127.87
CA ASP HB 154 -57.20 35.71 -129.05
C ASP HB 154 -57.93 34.42 -129.44
N ARG HB 155 -58.36 33.64 -128.45
CA ARG HB 155 -59.02 32.36 -128.67
C ARG HB 155 -60.38 32.56 -129.31
N GLN HB 156 -60.87 31.49 -129.94
CA GLN HB 156 -62.14 31.53 -130.66
C GLN HB 156 -62.65 30.09 -130.74
N ILE HB 157 -63.62 29.74 -129.90
CA ILE HB 157 -64.06 28.36 -129.76
C ILE HB 157 -65.35 28.16 -130.54
N PHE HB 158 -65.31 27.23 -131.50
CA PHE HB 158 -66.48 26.83 -132.26
C PHE HB 158 -66.95 25.48 -131.76
N GLU HB 159 -68.23 25.16 -132.01
CA GLU HB 159 -68.79 23.90 -131.55
C GLU HB 159 -70.01 23.55 -132.38
N GLU HB 160 -70.17 22.26 -132.66
CA GLU HB 160 -71.39 21.77 -133.28
C GLU HB 160 -72.45 21.52 -132.22
N LYS HB 161 -73.68 21.90 -132.54
CA LYS HB 161 -74.77 21.89 -131.57
C LYS HB 161 -75.68 20.67 -131.66
N VAL HB 162 -75.45 19.79 -132.61
CA VAL HB 162 -76.31 18.61 -132.77
C VAL HB 162 -75.80 17.50 -131.86
N GLY HB 163 -76.70 16.93 -131.06
CA GLY HB 163 -76.38 15.77 -130.26
C GLY HB 163 -76.21 16.09 -128.79
N PRO HB 164 -75.61 15.16 -128.05
CA PRO HB 164 -75.45 15.34 -126.60
C PRO HB 164 -74.40 16.38 -126.26
N LEU HB 165 -74.34 16.71 -124.98
CA LEU HB 165 -73.42 17.71 -124.47
C LEU HB 165 -72.04 17.15 -124.15
N VAL HB 166 -71.91 15.83 -124.06
CA VAL HB 166 -70.66 15.26 -123.53
C VAL HB 166 -69.55 15.24 -124.59
N GLY HB 167 -69.86 14.87 -125.83
CA GLY HB 167 -68.85 14.85 -126.87
C GLY HB 167 -69.31 15.54 -128.13
N ARG HB 168 -68.65 16.64 -128.49
CA ARG HB 168 -69.02 17.41 -129.65
C ARG HB 168 -67.76 17.82 -130.40
N LEU HB 169 -67.94 18.28 -131.63
CA LEU HB 169 -66.82 18.85 -132.37
C LEU HB 169 -66.40 20.17 -131.75
N ARG HB 170 -65.09 20.33 -131.57
CA ARG HB 170 -64.55 21.58 -131.05
C ARG HB 170 -63.53 22.10 -132.05
N LEU HB 171 -63.33 23.42 -132.02
CA LEU HB 171 -62.37 24.05 -132.92
C LEU HB 171 -61.91 25.34 -132.25
N THR HB 172 -60.72 25.31 -131.66
CA THR HB 172 -60.19 26.43 -130.90
C THR HB 172 -59.12 27.12 -131.73
N ALA HB 173 -59.53 28.08 -132.54
CA ALA HB 173 -58.57 28.89 -133.27
C ALA HB 173 -57.87 29.87 -132.34
N SER HB 174 -56.76 30.41 -132.81
CA SER HB 174 -55.98 31.38 -132.04
C SER HB 174 -55.19 32.25 -133.01
N LEU HB 175 -54.63 33.34 -132.48
CA LEU HB 175 -53.81 34.25 -133.26
C LEU HB 175 -53.00 35.09 -132.28
N ARG HB 176 -51.68 35.07 -132.43
CA ARG HB 176 -50.79 35.79 -131.53
C ARG HB 176 -49.76 36.55 -132.35
N GLN HB 177 -48.89 37.27 -131.67
CA GLN HB 177 -47.64 37.75 -132.27
C GLN HB 177 -46.59 37.81 -131.16
N ASN HB 178 -45.60 36.96 -131.25
CA ASN HB 178 -44.60 36.80 -130.21
C ASN HB 178 -43.44 37.77 -130.42
N GLY HB 179 -42.99 38.36 -129.32
CA GLY HB 179 -41.80 39.20 -129.34
C GLY HB 179 -42.08 40.63 -129.74
N ALA HB 180 -41.20 41.19 -130.57
CA ALA HB 180 -41.31 42.59 -130.98
C ALA HB 180 -42.08 42.73 -132.29
N LYS HB 181 -43.29 42.15 -132.32
CA LYS HB 181 -44.23 42.24 -133.45
C LYS HB 181 -43.63 41.75 -134.76
N THR HB 182 -42.80 40.71 -134.70
CA THR HB 182 -42.07 40.26 -135.87
C THR HB 182 -42.62 39.00 -136.51
N ALA HB 183 -43.45 38.23 -135.81
CA ALA HB 183 -43.96 36.98 -136.36
C ALA HB 183 -45.27 36.62 -135.68
N TYR HB 184 -46.26 36.23 -136.49
CA TYR HB 184 -47.54 35.79 -135.99
C TYR HB 184 -47.49 34.28 -135.72
N ARG HB 185 -48.56 33.76 -135.13
CA ARG HB 185 -48.64 32.32 -134.84
C ARG HB 185 -50.11 31.92 -134.81
N VAL HB 186 -50.57 31.31 -135.89
CA VAL HB 186 -51.94 30.78 -135.97
C VAL HB 186 -51.93 29.37 -135.40
N ASN HB 187 -52.99 29.01 -134.67
CA ASN HB 187 -53.00 27.73 -133.97
C ASN HB 187 -54.43 27.20 -133.95
N LEU HB 188 -54.73 26.31 -134.89
CA LEU HB 188 -56.01 25.61 -134.90
C LEU HB 188 -55.90 24.27 -134.18
N LYS HB 189 -57.04 23.75 -133.76
CA LYS HB 189 -57.10 22.47 -133.04
C LYS HB 189 -58.51 21.94 -133.14
N LEU HB 190 -58.69 20.80 -133.81
CA LEU HB 190 -60.01 20.21 -134.03
C LEU HB 190 -60.10 18.93 -133.21
N ASP HB 191 -60.97 18.93 -132.21
CA ASP HB 191 -61.21 17.76 -131.38
C ASP HB 191 -62.39 16.97 -131.92
N GLN HB 192 -62.35 15.66 -131.77
CA GLN HB 192 -63.44 14.80 -132.20
C GLN HB 192 -63.55 13.62 -131.25
N ALA HB 193 -64.43 13.74 -130.25
CA ALA HB 193 -64.68 12.68 -129.30
C ALA HB 193 -65.69 11.71 -129.88
N ASP HB 194 -65.48 10.42 -129.64
CA ASP HB 194 -66.36 9.38 -130.16
C ASP HB 194 -67.34 8.99 -129.07
N VAL HB 195 -68.58 9.45 -129.21
CA VAL HB 195 -69.64 9.18 -128.26
C VAL HB 195 -70.45 8.00 -128.76
N VAL HB 196 -70.92 7.16 -127.83
CA VAL HB 196 -71.69 5.98 -128.16
C VAL HB 196 -72.86 5.88 -127.18
N ASP HB 197 -73.96 5.30 -127.64
CA ASP HB 197 -75.15 5.12 -126.82
C ASP HB 197 -75.50 3.64 -126.72
N CYS HB 198 -75.72 3.19 -125.48
CA CYS HB 198 -76.04 1.79 -125.21
C CYS HB 198 -77.51 1.64 -124.84
N SER HB 199 -78.36 2.56 -125.30
CA SER HB 199 -79.76 2.59 -124.91
C SER HB 199 -80.56 1.44 -125.50
N THR HB 200 -80.18 0.94 -126.68
CA THR HB 200 -80.90 -0.18 -127.27
C THR HB 200 -80.54 -1.50 -126.63
N SER HB 201 -79.45 -1.54 -125.87
CA SER HB 201 -79.05 -2.73 -125.14
C SER HB 201 -79.35 -2.62 -123.65
N VAL HB 202 -78.94 -1.53 -123.00
CA VAL HB 202 -79.17 -1.31 -121.58
C VAL HB 202 -80.00 -0.05 -121.42
N CYS HB 203 -81.17 -0.18 -120.78
CA CYS HB 203 -81.98 1.00 -120.49
C CYS HB 203 -81.34 1.86 -119.42
N GLY HB 204 -81.74 3.13 -119.41
CA GLY HB 204 -81.19 4.08 -118.46
C GLY HB 204 -79.75 4.44 -118.71
N GLU HB 205 -79.24 4.21 -119.91
CA GLU HB 205 -77.84 4.45 -120.23
C GLU HB 205 -77.74 5.76 -121.02
N LEU HB 206 -77.13 6.75 -120.41
CA LEU HB 206 -76.86 8.01 -121.08
C LEU HB 206 -75.58 7.88 -121.89
N PRO HB 207 -75.44 8.64 -122.99
CA PRO HB 207 -74.26 8.49 -123.84
C PRO HB 207 -72.99 8.97 -123.16
N LYS HB 208 -71.87 8.35 -123.55
CA LYS HB 208 -70.58 8.64 -122.96
C LYS HB 208 -69.53 8.52 -124.06
N VAL HB 209 -68.36 9.08 -123.79
CA VAL HB 209 -67.28 9.14 -124.79
C VAL HB 209 -66.32 7.98 -124.57
N ARG HB 210 -65.88 7.38 -125.67
CA ARG HB 210 -64.86 6.34 -125.62
C ARG HB 210 -63.47 6.95 -125.50
N TYR HB 211 -63.08 7.71 -126.52
CA TYR HB 211 -61.75 8.31 -126.60
C TYR HB 211 -61.88 9.69 -127.23
N THR HB 212 -60.74 10.29 -127.55
CA THR HB 212 -60.74 11.54 -128.29
C THR HB 212 -59.53 11.55 -129.24
N GLN HB 213 -59.71 12.22 -130.37
CA GLN HB 213 -58.68 12.27 -131.40
C GLN HB 213 -58.60 13.69 -131.96
N VAL HB 214 -57.43 14.29 -131.88
CA VAL HB 214 -57.24 15.69 -132.23
C VAL HB 214 -56.43 15.78 -133.52
N TRP HB 215 -56.45 16.97 -134.11
CA TRP HB 215 -55.58 17.31 -135.25
C TRP HB 215 -55.23 18.79 -135.08
N SER HB 216 -54.11 19.06 -134.44
CA SER HB 216 -53.69 20.43 -134.22
C SER HB 216 -53.00 20.98 -135.45
N HIS HB 217 -52.93 22.31 -135.53
CA HIS HB 217 -52.16 23.00 -136.54
C HIS HB 217 -51.31 24.06 -135.84
N ASP HB 218 -50.17 24.39 -136.43
CA ASP HB 218 -49.29 25.40 -135.84
C ASP HB 218 -48.61 26.14 -137.00
N VAL HB 219 -49.23 27.24 -137.41
CA VAL HB 219 -48.75 28.02 -138.54
C VAL HB 219 -47.88 29.14 -137.99
N THR HB 220 -46.71 29.34 -138.59
CA THR HB 220 -45.84 30.45 -138.26
C THR HB 220 -45.78 31.40 -139.44
N ILE HB 221 -46.13 32.66 -139.21
CA ILE HB 221 -46.19 33.68 -140.25
C ILE HB 221 -45.35 34.85 -139.79
N VAL HB 222 -44.33 35.19 -140.56
CA VAL HB 222 -43.51 36.35 -140.23
C VAL HB 222 -44.15 37.60 -140.81
N ALA HB 223 -43.94 38.72 -140.14
CA ALA HB 223 -44.77 39.91 -140.34
C ALA HB 223 -44.44 40.64 -141.64
N ASN HB 224 -43.16 40.67 -142.03
CA ASN HB 224 -42.74 41.39 -143.23
C ASN HB 224 -42.75 40.51 -144.46
N SER HB 225 -43.67 39.54 -144.53
CA SER HB 225 -43.75 38.58 -145.62
C SER HB 225 -44.23 39.23 -146.91
N THR HB 226 -44.20 38.43 -147.96
CA THR HB 226 -44.92 38.73 -149.18
C THR HB 226 -46.27 38.03 -149.09
N GLU HB 227 -47.31 38.66 -149.63
CA GLU HB 227 -48.62 38.01 -149.64
C GLU HB 227 -48.63 36.79 -150.56
N ALA HB 228 -47.78 36.80 -151.60
CA ALA HB 228 -47.62 35.62 -152.43
C ALA HB 228 -46.87 34.50 -151.72
N SER HB 229 -46.13 34.82 -150.66
CA SER HB 229 -45.42 33.80 -149.91
C SER HB 229 -46.31 33.15 -148.86
N ARG HB 230 -47.31 33.88 -148.36
CA ARG HB 230 -48.28 33.27 -147.46
C ARG HB 230 -49.35 32.50 -148.23
N LYS HB 231 -49.66 32.95 -149.44
CA LYS HB 231 -50.58 32.20 -150.30
C LYS HB 231 -49.95 30.89 -150.75
N SER HB 232 -48.64 30.89 -150.97
CA SER HB 232 -47.96 29.68 -151.42
C SER HB 232 -47.81 28.65 -150.29
N LEU HB 233 -47.69 29.11 -149.06
CA LEU HB 233 -47.62 28.18 -147.94
C LEU HB 233 -48.96 27.53 -147.66
N TYR HB 234 -50.05 28.28 -147.82
CA TYR HB 234 -51.38 27.71 -147.63
C TYR HB 234 -51.71 26.74 -148.75
N ASP HB 235 -51.35 27.08 -149.99
CA ASP HB 235 -51.67 26.26 -151.15
C ASP HB 235 -50.93 24.93 -151.15
N LEU HB 236 -49.76 24.86 -150.53
CA LEU HB 236 -49.07 23.57 -150.43
C LEU HB 236 -49.67 22.72 -149.33
N THR HB 237 -50.04 23.31 -148.19
CA THR HB 237 -50.64 22.56 -147.11
C THR HB 237 -52.07 22.14 -147.44
N LYS HB 238 -52.77 22.95 -148.26
CA LYS HB 238 -54.09 22.55 -148.74
C LYS HB 238 -53.98 21.33 -149.65
N SER HB 239 -52.91 21.23 -150.42
CA SER HB 239 -52.72 20.09 -151.31
C SER HB 239 -51.96 18.96 -150.64
N LEU HB 240 -51.27 19.21 -149.54
CA LEU HB 240 -50.59 18.13 -148.83
C LEU HB 240 -51.58 17.23 -148.11
N VAL HB 241 -52.56 17.82 -147.42
CA VAL HB 241 -53.59 17.05 -146.73
C VAL HB 241 -54.48 16.34 -147.74
N ALA HB 242 -54.68 16.92 -148.91
CA ALA HB 242 -55.54 16.33 -149.92
C ALA HB 242 -54.92 15.15 -150.65
N THR HB 243 -53.64 14.84 -150.42
CA THR HB 243 -53.01 13.70 -151.07
C THR HB 243 -53.49 12.41 -150.44
N SER HB 244 -53.30 11.31 -151.19
CA SER HB 244 -53.64 9.99 -150.69
C SER HB 244 -52.54 9.36 -149.86
N GLN HB 245 -51.40 10.04 -149.73
CA GLN HB 245 -50.33 9.51 -148.88
C GLN HB 245 -50.54 9.91 -147.43
N VAL HB 246 -51.06 11.12 -147.20
CA VAL HB 246 -51.39 11.56 -145.84
C VAL HB 246 -52.72 10.97 -145.38
N GLU HB 247 -53.58 10.59 -146.32
CA GLU HB 247 -54.80 9.86 -145.95
C GLU HB 247 -54.46 8.52 -145.35
N ASP HB 248 -53.54 7.77 -145.97
CA ASP HB 248 -53.13 6.48 -145.45
C ASP HB 248 -52.19 6.61 -144.25
N LEU HB 249 -51.59 7.78 -144.04
CA LEU HB 249 -50.73 7.96 -142.88
C LEU HB 249 -51.55 8.14 -141.61
N VAL HB 250 -52.74 8.74 -141.71
CA VAL HB 250 -53.59 8.94 -140.54
C VAL HB 250 -54.55 7.77 -140.35
N VAL HB 251 -55.13 7.26 -141.43
CA VAL HB 251 -56.09 6.17 -141.33
C VAL HB 251 -55.39 4.84 -141.06
N ASN HB 252 -54.31 4.55 -141.80
CA ASN HB 252 -53.70 3.23 -141.77
C ASN HB 252 -52.26 3.22 -141.29
N LEU HB 253 -51.70 4.37 -140.91
CA LEU HB 253 -50.33 4.51 -140.38
C LEU HB 253 -49.25 4.07 -141.36
N VAL HB 254 -49.50 4.19 -142.65
CA VAL HB 254 -48.50 3.90 -143.68
C VAL HB 254 -47.59 5.11 -143.81
N PRO HB 255 -46.26 4.94 -143.76
CA PRO HB 255 -45.37 6.10 -143.87
C PRO HB 255 -45.38 6.71 -145.26
N LEU HB 256 -44.92 7.96 -145.34
CA LEU HB 256 -44.99 8.73 -146.58
C LEU HB 256 -43.91 8.29 -147.55
N GLY HB 257 -44.13 8.60 -148.81
CA GLY HB 257 -43.14 8.34 -149.84
C GLY HB 257 -43.38 7.09 -150.65
N ARG HB 258 -43.55 7.23 -151.95
CA ARG HB 258 -43.72 6.11 -152.85
C ARG HB 258 -42.85 6.25 -154.09
N SER IB 1 -66.45 45.00 -139.24
CA SER IB 1 -67.28 44.78 -138.05
C SER IB 1 -67.39 46.06 -137.23
N LYS IB 2 -66.57 46.16 -136.19
CA LYS IB 2 -66.55 47.32 -135.30
C LYS IB 2 -65.49 48.29 -135.77
N THR IB 3 -65.90 49.51 -136.11
CA THR IB 3 -65.03 50.45 -136.78
C THR IB 3 -65.06 51.83 -136.14
N ILE IB 4 -63.92 52.51 -136.20
CA ILE IB 4 -63.80 53.94 -136.00
C ILE IB 4 -63.25 54.53 -137.29
N VAL IB 5 -63.89 55.59 -137.80
CA VAL IB 5 -63.38 56.29 -138.97
C VAL IB 5 -62.74 57.59 -138.50
N LEU IB 6 -61.66 57.99 -139.16
CA LEU IB 6 -60.92 59.20 -138.83
C LEU IB 6 -60.77 60.01 -140.11
N SER IB 7 -61.57 61.07 -140.24
CA SER IB 7 -61.51 61.90 -141.43
C SER IB 7 -60.38 62.92 -141.29
N VAL IB 8 -59.53 62.98 -142.31
CA VAL IB 8 -58.35 63.85 -142.30
C VAL IB 8 -58.62 64.90 -143.38
N GLY IB 9 -59.89 65.27 -143.53
CA GLY IB 9 -60.33 66.11 -144.61
C GLY IB 9 -61.40 65.39 -145.41
N GLU IB 10 -61.07 65.02 -146.63
CA GLU IB 10 -61.94 64.16 -147.44
C GLU IB 10 -61.52 62.71 -147.42
N ALA IB 11 -60.30 62.40 -146.98
CA ALA IB 11 -59.84 61.03 -146.89
C ALA IB 11 -60.15 60.45 -145.51
N THR IB 12 -60.84 59.31 -145.48
CA THR IB 12 -61.21 58.64 -144.24
C THR IB 12 -60.35 57.39 -144.09
N ARG IB 13 -59.75 57.22 -142.92
CA ARG IB 13 -58.93 56.05 -142.63
C ARG IB 13 -59.65 55.24 -141.55
N THR IB 14 -60.41 54.25 -141.99
CA THR IB 14 -61.23 53.45 -141.07
C THR IB 14 -60.39 52.38 -140.40
N LEU IB 15 -60.46 52.34 -139.08
CA LEU IB 15 -59.80 51.33 -138.27
C LEU IB 15 -60.80 50.20 -137.98
N THR IB 16 -60.27 48.98 -137.85
CA THR IB 16 -61.11 47.84 -137.50
C THR IB 16 -60.60 47.21 -136.21
N GLU IB 17 -61.53 46.69 -135.42
CA GLU IB 17 -61.18 46.04 -134.16
C GLU IB 17 -60.60 44.66 -134.44
N ILE IB 18 -59.44 44.38 -133.83
CA ILE IB 18 -58.77 43.10 -134.02
C ILE IB 18 -58.64 42.29 -132.74
N GLN IB 19 -58.89 42.88 -131.58
CA GLN IB 19 -58.71 42.19 -130.32
C GLN IB 19 -59.56 42.88 -129.26
N SER IB 20 -60.16 42.09 -128.37
CA SER IB 20 -61.02 42.65 -127.34
C SER IB 20 -60.86 41.80 -126.08
N THR IB 21 -60.18 42.35 -125.09
CA THR IB 21 -60.01 41.72 -123.79
C THR IB 21 -61.19 42.20 -122.93
N ALA IB 22 -61.14 42.01 -121.61
CA ALA IB 22 -62.17 42.54 -120.72
C ALA IB 22 -62.25 44.06 -120.79
N ASP IB 23 -61.11 44.74 -120.64
CA ASP IB 23 -61.04 46.19 -120.71
C ASP IB 23 -60.30 46.70 -121.93
N ARG IB 24 -59.17 46.08 -122.28
CA ARG IB 24 -58.38 46.55 -123.40
C ARG IB 24 -59.06 46.22 -124.72
N GLN IB 25 -58.81 47.05 -125.73
CA GLN IB 25 -59.55 46.96 -126.98
C GLN IB 25 -58.67 47.54 -128.08
N ILE IB 26 -58.13 46.67 -128.94
CA ILE IB 26 -57.11 47.05 -129.91
C ILE IB 26 -57.75 47.18 -131.28
N PHE IB 27 -57.58 48.35 -131.90
CA PHE IB 27 -58.03 48.62 -133.26
C PHE IB 27 -56.82 48.63 -134.19
N GLU IB 28 -57.09 48.50 -135.49
CA GLU IB 28 -56.02 48.47 -136.48
C GLU IB 28 -56.61 48.80 -137.85
N GLU IB 29 -55.79 49.40 -138.70
CA GLU IB 29 -56.16 49.66 -140.08
C GLU IB 29 -55.74 48.49 -140.95
N LYS IB 30 -56.70 47.93 -141.69
CA LYS IB 30 -56.48 46.70 -142.44
C LYS IB 30 -55.99 46.93 -143.87
N VAL IB 31 -55.41 48.09 -144.17
CA VAL IB 31 -54.94 48.37 -145.51
C VAL IB 31 -53.42 48.31 -145.55
N GLY IB 32 -52.88 47.57 -146.51
CA GLY IB 32 -51.46 47.55 -146.76
C GLY IB 32 -50.78 46.31 -146.23
N PRO IB 33 -49.43 46.37 -146.10
CA PRO IB 33 -48.68 45.23 -145.56
C PRO IB 33 -48.94 44.99 -144.08
N LEU IB 34 -48.39 43.90 -143.56
CA LEU IB 34 -48.68 43.46 -142.21
C LEU IB 34 -47.73 44.03 -141.16
N VAL IB 35 -46.62 44.66 -141.57
CA VAL IB 35 -45.56 44.96 -140.62
C VAL IB 35 -45.87 46.22 -139.80
N GLY IB 36 -46.36 47.29 -140.41
CA GLY IB 36 -46.67 48.48 -139.66
C GLY IB 36 -47.98 49.11 -140.08
N ARG IB 37 -48.93 49.20 -139.16
CA ARG IB 37 -50.24 49.74 -139.43
C ARG IB 37 -50.61 50.71 -138.31
N LEU IB 38 -51.66 51.48 -138.54
CA LEU IB 38 -52.23 52.28 -137.46
C LEU IB 38 -52.76 51.39 -136.36
N ARG IB 39 -52.62 51.86 -135.13
CA ARG IB 39 -52.99 51.09 -133.96
C ARG IB 39 -53.72 52.03 -133.00
N LEU IB 40 -54.70 51.49 -132.29
CA LEU IB 40 -55.46 52.29 -131.33
C LEU IB 40 -55.83 51.36 -130.19
N THR IB 41 -55.31 51.65 -129.01
CA THR IB 41 -55.46 50.77 -127.86
C THR IB 41 -56.25 51.52 -126.79
N ALA IB 42 -57.56 51.35 -126.81
CA ALA IB 42 -58.41 51.90 -125.76
C ALA IB 42 -58.36 51.02 -124.53
N SER IB 43 -58.68 51.62 -123.39
CA SER IB 43 -58.76 50.89 -122.12
C SER IB 43 -59.74 51.64 -121.22
N LEU IB 44 -60.17 50.96 -120.16
CA LEU IB 44 -61.07 51.54 -119.17
C LEU IB 44 -60.97 50.72 -117.89
N ARG IB 45 -60.61 51.39 -116.80
CA ARG IB 45 -60.44 50.72 -115.52
C ARG IB 45 -61.21 51.50 -114.46
N GLN IB 46 -61.12 51.04 -113.20
CA GLN IB 46 -61.53 51.86 -112.08
C GLN IB 46 -60.60 51.54 -110.90
N ASN IB 47 -59.77 52.51 -110.54
CA ASN IB 47 -58.73 52.30 -109.57
C ASN IB 47 -59.23 52.57 -108.15
N GLY IB 48 -58.76 51.73 -107.23
CA GLY IB 48 -59.05 51.92 -105.82
C GLY IB 48 -60.40 51.38 -105.40
N ALA IB 49 -61.14 52.16 -104.62
CA ALA IB 49 -62.41 51.72 -104.07
C ALA IB 49 -63.58 52.16 -104.95
N LYS IB 50 -63.46 51.84 -106.25
CA LYS IB 50 -64.51 52.00 -107.26
C LYS IB 50 -64.96 53.45 -107.41
N THR IB 51 -64.06 54.41 -107.19
CA THR IB 51 -64.44 55.81 -107.13
C THR IB 51 -63.97 56.64 -108.31
N ALA IB 52 -63.04 56.16 -109.12
CA ALA IB 52 -62.49 56.95 -110.22
C ALA IB 52 -62.15 56.04 -111.38
N TYR IB 53 -62.67 56.36 -112.55
CA TYR IB 53 -62.37 55.61 -113.77
C TYR IB 53 -61.10 56.15 -114.42
N ARG IB 54 -60.58 55.40 -115.39
CA ARG IB 54 -59.32 55.76 -116.03
C ARG IB 54 -59.37 55.28 -117.48
N VAL IB 55 -59.61 56.23 -118.38
CA VAL IB 55 -59.57 55.95 -119.81
C VAL IB 55 -58.14 56.13 -120.31
N ASN IB 56 -57.74 55.33 -121.29
CA ASN IB 56 -56.36 55.36 -121.77
C ASN IB 56 -56.34 54.99 -123.25
N LEU IB 57 -56.33 56.01 -124.11
CA LEU IB 57 -56.14 55.81 -125.54
C LEU IB 57 -54.66 55.90 -125.89
N LYS IB 58 -54.29 55.27 -127.00
CA LYS IB 58 -52.91 55.27 -127.46
C LYS IB 58 -52.92 55.01 -128.96
N LEU IB 59 -52.63 56.05 -129.74
CA LEU IB 59 -52.62 55.94 -131.20
C LEU IB 59 -51.17 55.82 -131.67
N ASP IB 60 -50.80 54.65 -132.16
CA ASP IB 60 -49.48 54.44 -132.73
C ASP IB 60 -49.48 54.80 -134.21
N GLN IB 61 -48.31 55.12 -134.74
CA GLN IB 61 -48.17 55.38 -136.17
C GLN IB 61 -46.74 55.08 -136.56
N ALA IB 62 -46.54 53.98 -137.29
CA ALA IB 62 -45.24 53.56 -137.75
C ALA IB 62 -45.01 54.05 -139.18
N ASP IB 63 -43.78 54.46 -139.48
CA ASP IB 63 -43.43 54.95 -140.81
C ASP IB 63 -42.81 53.80 -141.58
N VAL IB 64 -43.60 53.20 -142.45
CA VAL IB 64 -43.17 52.03 -143.22
C VAL IB 64 -42.71 52.49 -144.59
N VAL IB 65 -41.50 52.07 -144.97
CA VAL IB 65 -40.98 52.32 -146.30
C VAL IB 65 -40.78 50.97 -146.97
N ASP IB 66 -41.02 50.91 -148.28
CA ASP IB 66 -40.88 49.67 -149.05
C ASP IB 66 -39.90 49.95 -150.18
N CYS IB 67 -38.68 49.44 -150.02
CA CYS IB 67 -37.58 49.74 -150.94
C CYS IB 67 -37.24 48.51 -151.77
N SER IB 68 -38.27 47.75 -152.17
CA SER IB 68 -38.04 46.55 -152.94
C SER IB 68 -37.73 46.83 -154.40
N THR IB 69 -38.21 47.95 -154.94
CA THR IB 69 -37.97 48.24 -156.35
C THR IB 69 -36.60 48.89 -156.55
N SER IB 70 -36.19 49.75 -155.62
CA SER IB 70 -34.90 50.40 -155.73
C SER IB 70 -33.77 49.44 -155.37
N VAL IB 71 -33.74 48.97 -154.12
CA VAL IB 71 -32.79 47.96 -153.69
C VAL IB 71 -33.42 46.60 -153.96
N CYS IB 72 -32.71 45.77 -154.71
CA CYS IB 72 -33.25 44.47 -155.08
C CYS IB 72 -33.16 43.51 -153.90
N GLY IB 73 -34.27 42.88 -153.56
CA GLY IB 73 -34.28 41.80 -152.61
C GLY IB 73 -34.46 42.16 -151.15
N GLU IB 74 -35.23 43.20 -150.84
CA GLU IB 74 -35.56 43.49 -149.45
C GLU IB 74 -37.03 43.85 -149.30
N LEU IB 75 -37.49 43.83 -148.05
CA LEU IB 75 -38.89 43.80 -147.67
C LEU IB 75 -39.31 45.15 -147.10
N PRO IB 76 -40.60 45.41 -146.89
CA PRO IB 76 -41.00 46.60 -146.13
C PRO IB 76 -40.50 46.55 -144.70
N LYS IB 77 -40.33 47.74 -144.12
CA LYS IB 77 -39.54 47.88 -142.91
C LYS IB 77 -39.97 49.15 -142.19
N VAL IB 78 -40.10 49.06 -140.87
CA VAL IB 78 -40.54 50.18 -140.05
C VAL IB 78 -39.35 51.05 -139.73
N ARG IB 79 -39.40 52.32 -140.16
CA ARG IB 79 -38.35 53.27 -139.83
C ARG IB 79 -38.41 53.65 -138.35
N TYR IB 80 -39.51 54.26 -137.94
CA TYR IB 80 -39.68 54.73 -136.57
C TYR IB 80 -41.14 54.61 -136.18
N THR IB 81 -41.44 54.98 -134.93
CA THR IB 81 -42.79 54.94 -134.40
C THR IB 81 -43.06 56.19 -133.57
N GLN IB 82 -44.16 56.86 -133.88
CA GLN IB 82 -44.57 58.05 -133.14
C GLN IB 82 -45.95 57.83 -132.56
N VAL IB 83 -46.08 57.98 -131.25
CA VAL IB 83 -47.32 57.69 -130.55
C VAL IB 83 -47.94 59.00 -130.07
N TRP IB 84 -49.22 58.92 -129.68
CA TRP IB 84 -49.90 60.00 -128.98
C TRP IB 84 -50.86 59.35 -128.01
N SER IB 85 -50.44 59.21 -126.76
CA SER IB 85 -51.28 58.60 -125.76
C SER IB 85 -52.21 59.63 -125.12
N HIS IB 86 -53.22 59.13 -124.41
CA HIS IB 86 -54.09 59.96 -123.59
C HIS IB 86 -54.26 59.27 -122.26
N ASP IB 87 -54.64 60.02 -121.25
CA ASP IB 87 -54.89 59.47 -119.92
C ASP IB 87 -55.93 60.36 -119.24
N VAL IB 88 -57.17 59.93 -119.28
CA VAL IB 88 -58.29 60.68 -118.71
C VAL IB 88 -58.64 60.09 -117.36
N THR IB 89 -58.87 60.96 -116.38
CA THR IB 89 -59.31 60.55 -115.06
C THR IB 89 -60.70 61.12 -114.81
N ILE IB 90 -61.68 60.24 -114.66
CA ILE IB 90 -63.06 60.62 -114.41
C ILE IB 90 -63.47 60.06 -113.06
N VAL IB 91 -64.00 60.91 -112.20
CA VAL IB 91 -64.50 60.44 -110.91
C VAL IB 91 -65.93 59.93 -111.08
N ALA IB 92 -66.29 58.95 -110.24
CA ALA IB 92 -67.52 58.20 -110.47
C ALA IB 92 -68.76 59.01 -110.12
N ASN IB 93 -68.74 59.77 -109.03
CA ASN IB 93 -69.90 60.54 -108.58
C ASN IB 93 -69.95 61.93 -109.19
N SER IB 94 -69.34 62.12 -110.35
CA SER IB 94 -69.34 63.41 -111.02
C SER IB 94 -70.71 63.71 -111.62
N THR IB 95 -70.89 64.98 -111.99
CA THR IB 95 -72.02 65.37 -112.81
C THR IB 95 -71.63 65.27 -114.28
N GLU IB 96 -72.64 65.24 -115.14
CA GLU IB 96 -72.37 65.04 -116.56
C GLU IB 96 -71.75 66.25 -117.21
N ALA IB 97 -72.15 67.46 -116.79
CA ALA IB 97 -71.65 68.67 -117.41
C ALA IB 97 -70.22 68.98 -117.03
N SER IB 98 -69.69 68.36 -115.98
CA SER IB 98 -68.28 68.55 -115.65
C SER IB 98 -67.39 67.77 -116.60
N ARG IB 99 -67.74 66.52 -116.86
CA ARG IB 99 -66.93 65.71 -117.76
C ARG IB 99 -67.31 65.90 -119.23
N LYS IB 100 -68.44 66.56 -119.50
CA LYS IB 100 -68.68 67.02 -120.87
C LYS IB 100 -67.84 68.25 -121.18
N SER IB 101 -67.68 69.15 -120.21
CA SER IB 101 -66.87 70.35 -120.43
C SER IB 101 -65.39 70.02 -120.42
N LEU IB 102 -65.00 68.94 -119.75
CA LEU IB 102 -63.62 68.47 -119.83
C LEU IB 102 -63.30 67.97 -121.23
N TYR IB 103 -64.26 67.31 -121.88
CA TYR IB 103 -64.07 66.87 -123.25
C TYR IB 103 -64.10 68.05 -124.21
N ASP IB 104 -64.94 69.04 -123.94
CA ASP IB 104 -65.07 70.19 -124.83
C ASP IB 104 -63.84 71.08 -124.82
N LEU IB 105 -63.10 71.13 -123.70
CA LEU IB 105 -61.87 71.90 -123.68
C LEU IB 105 -60.74 71.16 -124.38
N THR IB 106 -60.64 69.84 -124.19
CA THR IB 106 -59.57 69.08 -124.81
C THR IB 106 -59.80 68.91 -126.30
N LYS IB 107 -61.05 68.88 -126.74
CA LYS IB 107 -61.34 68.89 -128.17
C LYS IB 107 -60.89 70.20 -128.81
N SER IB 108 -61.06 71.31 -128.10
CA SER IB 108 -60.63 72.61 -128.60
C SER IB 108 -59.18 72.90 -128.30
N LEU IB 109 -58.56 72.16 -127.37
CA LEU IB 109 -57.13 72.33 -127.13
C LEU IB 109 -56.31 71.73 -128.25
N VAL IB 110 -56.68 70.53 -128.69
CA VAL IB 110 -55.95 69.89 -129.78
C VAL IB 110 -56.21 70.63 -131.09
N ALA IB 111 -57.42 71.15 -131.29
CA ALA IB 111 -57.79 71.75 -132.56
C ALA IB 111 -57.21 73.14 -132.79
N THR IB 112 -56.50 73.71 -131.81
CA THR IB 112 -55.95 75.04 -132.00
C THR IB 112 -54.63 74.95 -132.78
N SER IB 113 -54.16 76.11 -133.25
CA SER IB 113 -52.96 76.16 -134.05
C SER IB 113 -51.69 76.37 -133.24
N GLN IB 114 -51.78 76.35 -131.91
CA GLN IB 114 -50.57 76.45 -131.10
C GLN IB 114 -50.07 75.08 -130.67
N VAL IB 115 -50.97 74.11 -130.49
CA VAL IB 115 -50.56 72.74 -130.23
C VAL IB 115 -50.17 72.06 -131.53
N GLU IB 116 -50.61 72.59 -132.67
CA GLU IB 116 -50.14 72.10 -133.95
C GLU IB 116 -48.66 72.36 -134.13
N ASP IB 117 -48.21 73.58 -133.83
CA ASP IB 117 -46.79 73.91 -133.96
C ASP IB 117 -45.96 73.29 -132.84
N LEU IB 118 -46.58 72.85 -131.75
CA LEU IB 118 -45.84 72.21 -130.68
C LEU IB 118 -45.48 70.78 -131.04
N VAL IB 119 -46.30 70.10 -131.83
CA VAL IB 119 -46.06 68.71 -132.19
C VAL IB 119 -45.30 68.66 -133.51
N VAL IB 120 -45.70 69.49 -134.47
CA VAL IB 120 -45.08 69.46 -135.78
C VAL IB 120 -43.72 70.16 -135.76
N ASN IB 121 -43.68 71.39 -135.26
CA ASN IB 121 -42.49 72.23 -135.37
C ASN IB 121 -41.81 72.49 -134.04
N LEU IB 122 -42.32 71.92 -132.95
CA LEU IB 122 -41.71 71.93 -131.60
C LEU IB 122 -41.61 73.33 -131.01
N VAL IB 123 -42.49 74.24 -131.40
CA VAL IB 123 -42.53 75.59 -130.82
C VAL IB 123 -43.36 75.55 -129.55
N PRO IB 124 -42.90 76.13 -128.44
CA PRO IB 124 -43.67 76.08 -127.19
C PRO IB 124 -44.96 76.90 -127.26
N LEU IB 125 -45.81 76.66 -126.27
CA LEU IB 125 -47.15 77.23 -126.27
C LEU IB 125 -47.15 78.68 -125.80
N GLY IB 126 -48.24 79.37 -126.09
CA GLY IB 126 -48.40 80.74 -125.67
C GLY IB 126 -47.91 81.75 -126.68
N ARG IB 127 -48.78 82.67 -127.07
CA ARG IB 127 -48.42 83.76 -127.97
C ARG IB 127 -49.00 85.05 -127.40
N ALA IB 128 -48.15 86.07 -127.30
CA ALA IB 128 -48.53 87.32 -126.63
C ALA IB 128 -49.07 88.32 -127.65
N TYR IB 129 -50.33 88.71 -127.48
CA TYR IB 129 -50.94 89.80 -128.23
C TYR IB 129 -51.66 90.71 -127.24
N GLY IB 130 -51.00 91.80 -126.87
CA GLY IB 130 -51.61 92.76 -125.96
C GLY IB 130 -51.57 92.33 -124.51
N GLY IB 131 -50.37 92.13 -123.97
CA GLY IB 131 -50.23 91.70 -122.59
C GLY IB 131 -49.28 90.52 -122.43
N SER IB 132 -49.80 89.39 -121.96
CA SER IB 132 -48.99 88.20 -121.79
C SER IB 132 -49.37 87.15 -122.83
N LYS IB 133 -48.74 85.99 -122.73
CA LYS IB 133 -48.93 84.92 -123.71
C LYS IB 133 -50.14 84.08 -123.32
N THR IB 134 -51.11 83.97 -124.22
CA THR IB 134 -52.39 83.35 -123.93
C THR IB 134 -52.73 82.25 -124.93
N ILE IB 135 -53.54 81.29 -124.48
CA ILE IB 135 -54.20 80.34 -125.34
C ILE IB 135 -55.70 80.51 -125.15
N VAL IB 136 -56.43 80.62 -126.25
CA VAL IB 136 -57.89 80.72 -126.21
C VAL IB 136 -58.47 79.34 -126.51
N LEU IB 137 -59.50 78.95 -125.75
CA LEU IB 137 -60.13 77.65 -125.87
C LEU IB 137 -61.62 77.87 -126.05
N SER IB 138 -62.05 78.06 -127.29
CA SER IB 138 -63.47 78.27 -127.57
C SER IB 138 -64.22 76.95 -127.48
N VAL IB 139 -65.31 76.95 -126.71
CA VAL IB 139 -66.11 75.75 -126.51
C VAL IB 139 -67.44 75.96 -127.24
N GLY IB 140 -67.38 76.70 -128.34
CA GLY IB 140 -68.56 77.21 -129.01
C GLY IB 140 -68.35 78.67 -129.32
N GLU IB 141 -69.12 79.55 -128.70
CA GLU IB 141 -68.83 80.97 -128.77
C GLU IB 141 -68.12 81.51 -127.54
N ALA IB 142 -68.23 80.82 -126.41
CA ALA IB 142 -67.55 81.24 -125.19
C ALA IB 142 -66.08 80.83 -125.26
N THR IB 143 -65.18 81.79 -125.05
CA THR IB 143 -63.74 81.56 -125.15
C THR IB 143 -63.13 81.66 -123.77
N ARG IB 144 -62.74 80.52 -123.21
CA ARG IB 144 -62.04 80.47 -121.92
C ARG IB 144 -60.56 80.70 -122.19
N THR IB 145 -60.09 81.90 -121.89
CA THR IB 145 -58.73 82.32 -122.22
C THR IB 145 -57.81 82.07 -121.04
N LEU IB 146 -56.88 81.14 -121.20
CA LEU IB 146 -55.84 80.91 -120.21
C LEU IB 146 -54.69 81.87 -120.42
N THR IB 147 -54.06 82.27 -119.33
CA THR IB 147 -52.88 83.12 -119.38
C THR IB 147 -51.71 82.38 -118.74
N GLU IB 148 -50.51 82.62 -119.28
CA GLU IB 148 -49.31 81.96 -118.76
C GLU IB 148 -48.90 82.59 -117.45
N ILE IB 149 -48.72 81.76 -116.43
CA ILE IB 149 -48.28 82.25 -115.13
C ILE IB 149 -46.86 81.81 -114.79
N GLN IB 150 -46.26 80.92 -115.57
CA GLN IB 150 -44.94 80.39 -115.21
C GLN IB 150 -44.26 79.88 -116.46
N SER IB 151 -42.94 79.98 -116.50
CA SER IB 151 -42.12 79.45 -117.59
C SER IB 151 -40.84 78.94 -116.97
N THR IB 152 -40.78 77.63 -116.72
CA THR IB 152 -39.63 76.99 -116.11
C THR IB 152 -38.66 76.63 -117.25
N ALA IB 153 -37.68 75.77 -117.00
CA ALA IB 153 -36.74 75.35 -118.03
C ALA IB 153 -37.43 74.60 -119.16
N ASP IB 154 -38.24 73.60 -118.82
CA ASP IB 154 -39.05 72.89 -119.81
C ASP IB 154 -40.54 73.07 -119.57
N ARG IB 155 -40.96 73.09 -118.30
CA ARG IB 155 -42.36 73.23 -117.94
C ARG IB 155 -42.88 74.62 -118.29
N GLN IB 156 -44.21 74.71 -118.43
CA GLN IB 156 -44.84 75.96 -118.85
C GLN IB 156 -46.29 75.92 -118.35
N ILE IB 157 -46.56 76.58 -117.23
CA ILE IB 157 -47.83 76.45 -116.53
C ILE IB 157 -48.75 77.60 -116.94
N PHE IB 158 -49.91 77.25 -117.49
CA PHE IB 158 -50.96 78.20 -117.83
C PHE IB 158 -52.08 78.09 -116.82
N GLU IB 159 -52.89 79.15 -116.73
CA GLU IB 159 -53.98 79.19 -115.77
C GLU IB 159 -55.00 80.23 -116.20
N GLU IB 160 -56.26 79.97 -115.93
CA GLU IB 160 -57.31 80.95 -116.12
C GLU IB 160 -57.44 81.82 -114.88
N LYS IB 161 -57.71 83.11 -115.09
CA LYS IB 161 -57.66 84.08 -114.01
C LYS IB 161 -59.02 84.50 -113.49
N VAL IB 162 -60.11 83.94 -114.01
CA VAL IB 162 -61.44 84.29 -113.56
C VAL IB 162 -61.84 83.37 -112.42
N GLY IB 163 -62.35 83.95 -111.34
CA GLY IB 163 -62.89 83.19 -110.24
C GLY IB 163 -61.96 83.08 -109.05
N PRO IB 164 -62.25 82.14 -108.15
CA PRO IB 164 -61.44 81.99 -106.94
C PRO IB 164 -60.09 81.35 -107.24
N LEU IB 165 -59.22 81.38 -106.23
CA LEU IB 165 -57.88 80.83 -106.34
C LEU IB 165 -57.83 79.33 -106.11
N VAL IB 166 -58.90 78.74 -105.57
CA VAL IB 166 -58.82 77.34 -105.14
C VAL IB 166 -58.96 76.38 -106.33
N GLY IB 167 -59.86 76.66 -107.27
CA GLY IB 167 -60.01 75.80 -108.42
C GLY IB 167 -60.02 76.56 -109.72
N ARG IB 168 -59.02 76.30 -110.56
CA ARG IB 168 -58.87 77.02 -111.82
C ARG IB 168 -58.38 76.05 -112.88
N LEU IB 169 -58.54 76.44 -114.14
CA LEU IB 169 -58.02 75.66 -115.24
C LEU IB 169 -56.50 75.71 -115.25
N ARG IB 170 -55.88 74.67 -115.79
CA ARG IB 170 -54.43 74.54 -115.75
C ARG IB 170 -53.94 73.89 -117.03
N LEU IB 171 -52.66 74.13 -117.33
CA LEU IB 171 -51.98 73.49 -118.45
C LEU IB 171 -50.50 73.40 -118.12
N THR IB 172 -50.04 72.22 -117.73
CA THR IB 172 -48.63 72.02 -117.45
C THR IB 172 -48.00 71.36 -118.69
N ALA IB 173 -47.72 72.16 -119.70
CA ALA IB 173 -47.04 71.68 -120.89
C ALA IB 173 -45.57 71.40 -120.56
N SER IB 174 -44.95 70.57 -121.40
CA SER IB 174 -43.55 70.22 -121.22
C SER IB 174 -42.96 69.86 -122.57
N LEU IB 175 -41.64 69.70 -122.59
CA LEU IB 175 -40.89 69.35 -123.79
C LEU IB 175 -39.51 68.86 -123.35
N ARG IB 176 -39.15 67.65 -123.77
CA ARG IB 176 -37.88 67.05 -123.39
C ARG IB 176 -37.24 66.43 -124.62
N GLN IB 177 -36.04 65.88 -124.42
CA GLN IB 177 -35.45 64.95 -125.38
C GLN IB 177 -34.58 63.99 -124.60
N ASN IB 178 -34.87 62.70 -124.69
CA ASN IB 178 -34.20 61.70 -123.88
C ASN IB 178 -32.95 61.17 -124.54
N GLY IB 179 -31.99 60.76 -123.72
CA GLY IB 179 -30.81 60.05 -124.16
C GLY IB 179 -29.88 60.86 -125.06
N ALA IB 180 -29.53 60.28 -126.20
CA ALA IB 180 -28.61 60.92 -127.14
C ALA IB 180 -29.35 61.72 -128.22
N LYS IB 181 -30.27 62.58 -127.77
CA LYS IB 181 -30.97 63.57 -128.62
C LYS IB 181 -31.72 62.93 -129.77
N THR IB 182 -32.35 61.78 -129.52
CA THR IB 182 -32.95 61.01 -130.60
C THR IB 182 -34.47 61.08 -130.64
N ALA IB 183 -35.14 61.51 -129.58
CA ALA IB 183 -36.59 61.51 -129.56
C ALA IB 183 -37.08 62.56 -128.58
N TYR IB 184 -38.05 63.36 -129.02
CA TYR IB 184 -38.66 64.36 -128.15
C TYR IB 184 -39.83 63.74 -127.40
N ARG IB 185 -40.37 64.50 -126.44
CA ARG IB 185 -41.50 64.00 -125.64
C ARG IB 185 -42.30 65.21 -125.16
N VAL IB 186 -43.44 65.44 -125.80
CA VAL IB 186 -44.36 66.52 -125.42
C VAL IB 186 -45.35 65.96 -124.40
N ASN IB 187 -45.73 66.77 -123.40
CA ASN IB 187 -46.57 66.27 -122.33
C ASN IB 187 -47.48 67.40 -121.86
N LEU IB 188 -48.72 67.41 -122.33
CA LEU IB 188 -49.72 68.35 -121.85
C LEU IB 188 -50.56 67.71 -120.74
N LYS IB 189 -51.22 68.55 -119.96
CA LYS IB 189 -52.04 68.10 -118.84
C LYS IB 189 -53.02 69.19 -118.48
N LEU IB 190 -54.31 68.94 -118.67
CA LEU IB 190 -55.35 69.93 -118.42
C LEU IB 190 -56.16 69.50 -117.21
N ASP IB 191 -55.97 70.20 -116.09
CA ASP IB 191 -56.72 69.94 -114.87
C ASP IB 191 -58.00 70.75 -114.87
N GLN IB 192 -59.07 70.18 -114.32
CA GLN IB 192 -60.33 70.89 -114.20
C GLN IB 192 -60.97 70.52 -112.87
N ALA IB 193 -60.86 71.42 -111.89
CA ALA IB 193 -61.43 71.22 -110.58
C ALA IB 193 -62.82 71.83 -110.53
N ASP IB 194 -63.77 71.10 -109.96
CA ASP IB 194 -65.16 71.52 -109.89
C ASP IB 194 -65.39 72.23 -108.57
N VAL IB 195 -65.38 73.56 -108.59
CA VAL IB 195 -65.58 74.37 -107.40
C VAL IB 195 -67.06 74.72 -107.29
N VAL IB 196 -67.56 74.80 -106.06
CA VAL IB 196 -68.96 75.11 -105.80
C VAL IB 196 -69.03 76.07 -104.62
N ASP IB 197 -70.06 76.90 -104.62
CA ASP IB 197 -70.27 77.87 -103.55
C ASP IB 197 -71.64 77.67 -102.91
N CYS IB 198 -71.66 77.65 -101.59
CA CYS IB 198 -72.88 77.43 -100.83
C CYS IB 198 -73.36 78.70 -100.14
N SER IB 199 -73.04 79.86 -100.73
CA SER IB 199 -73.31 81.14 -100.09
C SER IB 199 -74.79 81.48 -100.06
N THR IB 200 -75.58 80.98 -101.01
CA THR IB 200 -77.02 81.26 -100.99
C THR IB 200 -77.74 80.33 -100.01
N SER IB 201 -77.14 79.20 -99.66
CA SER IB 201 -77.72 78.28 -98.69
C SER IB 201 -77.16 78.47 -97.29
N VAL IB 202 -75.84 78.59 -97.17
CA VAL IB 202 -75.17 78.88 -95.90
C VAL IB 202 -74.47 80.23 -96.03
N CYS IB 203 -74.89 81.20 -95.24
CA CYS IB 203 -74.31 82.53 -95.33
C CYS IB 203 -72.89 82.54 -94.77
N GLY IB 204 -72.03 83.31 -95.43
CA GLY IB 204 -70.64 83.38 -95.02
C GLY IB 204 -69.82 82.14 -95.32
N GLU IB 205 -70.14 81.44 -96.41
CA GLU IB 205 -69.46 80.20 -96.78
C GLU IB 205 -68.58 80.47 -97.99
N LEU IB 206 -67.31 80.10 -97.90
CA LEU IB 206 -66.35 80.31 -98.96
C LEU IB 206 -66.37 79.11 -99.91
N PRO IB 207 -66.02 79.32 -101.19
CA PRO IB 207 -66.03 78.21 -102.14
C PRO IB 207 -64.96 77.17 -101.86
N LYS IB 208 -65.20 75.96 -102.37
CA LYS IB 208 -64.29 74.83 -102.17
C LYS IB 208 -64.46 73.88 -103.35
N VAL IB 209 -63.47 73.02 -103.54
CA VAL IB 209 -63.45 72.08 -104.65
C VAL IB 209 -64.02 70.75 -104.18
N ARG IB 210 -64.75 70.08 -105.08
CA ARG IB 210 -65.31 68.77 -104.77
C ARG IB 210 -64.38 67.65 -105.22
N TYR IB 211 -64.07 67.62 -106.51
CA TYR IB 211 -63.23 66.59 -107.09
C TYR IB 211 -62.32 67.25 -108.12
N THR IB 212 -61.57 66.42 -108.85
CA THR IB 212 -60.76 66.92 -109.95
C THR IB 212 -60.75 65.88 -111.06
N GLN IB 213 -60.64 66.35 -112.29
CA GLN IB 213 -60.64 65.51 -113.48
C GLN IB 213 -59.60 66.03 -114.45
N VAL IB 214 -58.70 65.16 -114.88
CA VAL IB 214 -57.58 65.54 -115.71
C VAL IB 214 -57.74 64.92 -117.09
N TRP IB 215 -56.95 65.42 -118.04
CA TRP IB 215 -56.80 64.80 -119.35
C TRP IB 215 -55.35 65.03 -119.77
N SER IB 216 -54.50 64.06 -119.49
CA SER IB 216 -53.10 64.16 -119.86
C SER IB 216 -52.89 63.79 -121.32
N HIS IB 217 -51.77 64.24 -121.86
CA HIS IB 217 -51.32 63.86 -123.19
C HIS IB 217 -49.87 63.42 -123.08
N ASP IB 218 -49.45 62.55 -124.00
CA ASP IB 218 -48.07 62.07 -124.00
C ASP IB 218 -47.70 61.79 -125.46
N VAL IB 219 -47.11 62.79 -126.10
CA VAL IB 219 -46.70 62.70 -127.50
C VAL IB 219 -45.24 62.31 -127.55
N THR IB 220 -44.91 61.32 -128.38
CA THR IB 220 -43.54 60.92 -128.61
C THR IB 220 -43.19 61.22 -130.06
N ILE IB 221 -42.11 61.99 -130.26
CA ILE IB 221 -41.69 62.42 -131.59
C ILE IB 221 -40.21 62.09 -131.72
N VAL IB 222 -39.87 61.28 -132.70
CA VAL IB 222 -38.46 60.97 -132.93
C VAL IB 222 -37.85 62.09 -133.76
N ALA IB 223 -36.53 62.28 -133.61
CA ALA IB 223 -35.88 63.50 -134.06
C ALA IB 223 -35.68 63.52 -135.57
N ASN IB 224 -35.42 62.38 -136.19
CA ASN IB 224 -35.17 62.31 -137.62
C ASN IB 224 -36.42 62.07 -138.43
N SER IB 225 -37.57 62.56 -137.97
CA SER IB 225 -38.86 62.36 -138.61
C SER IB 225 -38.94 63.11 -139.93
N THR IB 226 -40.03 62.85 -140.64
CA THR IB 226 -40.47 63.72 -141.72
C THR IB 226 -41.49 64.69 -141.14
N GLU IB 227 -41.53 65.91 -141.69
CA GLU IB 227 -42.53 66.87 -141.22
C GLU IB 227 -43.93 66.45 -141.62
N ALA IB 228 -44.06 65.68 -142.70
CA ALA IB 228 -45.36 65.14 -143.08
C ALA IB 228 -45.77 63.97 -142.20
N SER IB 229 -44.86 63.40 -141.42
CA SER IB 229 -45.21 62.32 -140.51
C SER IB 229 -45.68 62.88 -139.17
N ARG IB 230 -45.12 64.00 -138.73
CA ARG IB 230 -45.62 64.66 -137.54
C ARG IB 230 -46.95 65.36 -137.81
N LYS IB 231 -47.16 65.80 -139.05
CA LYS IB 231 -48.42 66.45 -139.40
C LYS IB 231 -49.56 65.44 -139.44
N SER IB 232 -49.30 64.24 -139.96
CA SER IB 232 -50.35 63.22 -140.04
C SER IB 232 -50.68 62.63 -138.68
N LEU IB 233 -49.70 62.57 -137.78
CA LEU IB 233 -49.97 62.11 -136.42
C LEU IB 233 -50.84 63.11 -135.67
N TYR IB 234 -50.60 64.40 -135.86
CA TYR IB 234 -51.43 65.41 -135.22
C TYR IB 234 -52.82 65.44 -135.83
N ASP IB 235 -52.92 65.29 -137.15
CA ASP IB 235 -54.19 65.32 -137.84
C ASP IB 235 -55.08 64.13 -137.52
N LEU IB 236 -54.50 62.99 -137.16
CA LEU IB 236 -55.31 61.84 -136.76
C LEU IB 236 -55.80 61.99 -135.32
N THR IB 237 -54.97 62.55 -134.44
CA THR IB 237 -55.38 62.76 -133.06
C THR IB 237 -56.38 63.91 -132.95
N LYS IB 238 -56.24 64.93 -133.80
CA LYS IB 238 -57.26 65.98 -133.88
C LYS IB 238 -58.59 65.41 -134.37
N SER IB 239 -58.53 64.44 -135.27
CA SER IB 239 -59.75 63.81 -135.78
C SER IB 239 -60.27 62.73 -134.86
N LEU IB 240 -59.41 62.14 -134.03
CA LEU IB 240 -59.87 61.10 -133.11
C LEU IB 240 -60.68 61.69 -131.97
N VAL IB 241 -60.20 62.79 -131.38
CA VAL IB 241 -60.89 63.44 -130.27
C VAL IB 241 -62.21 64.05 -130.74
N ALA IB 242 -62.26 64.53 -131.98
CA ALA IB 242 -63.45 65.16 -132.50
C ALA IB 242 -64.57 64.17 -132.85
N THR IB 243 -64.33 62.87 -132.77
CA THR IB 243 -65.36 61.90 -133.09
C THR IB 243 -66.38 61.79 -131.96
N SER IB 244 -67.53 61.20 -132.28
CA SER IB 244 -68.57 60.99 -131.30
C SER IB 244 -68.37 59.70 -130.52
N GLN IB 245 -67.41 58.87 -130.90
CA GLN IB 245 -67.15 57.65 -130.14
C GLN IB 245 -66.31 57.93 -128.90
N VAL IB 246 -65.36 58.86 -129.01
CA VAL IB 246 -64.56 59.25 -127.86
C VAL IB 246 -65.32 60.21 -126.96
N GLU IB 247 -66.34 60.90 -127.50
CA GLU IB 247 -67.20 61.72 -126.66
C GLU IB 247 -68.00 60.87 -125.69
N ASP IB 248 -68.60 59.79 -126.18
CA ASP IB 248 -69.34 58.88 -125.33
C ASP IB 248 -68.43 58.02 -124.45
N LEU IB 249 -67.16 57.87 -124.83
CA LEU IB 249 -66.22 57.12 -123.99
C LEU IB 249 -65.84 57.92 -122.76
N VAL IB 250 -65.87 59.23 -122.83
CA VAL IB 250 -65.52 60.07 -121.69
C VAL IB 250 -66.76 60.49 -120.92
N VAL IB 251 -67.82 60.92 -121.60
CA VAL IB 251 -69.02 61.38 -120.94
C VAL IB 251 -69.82 60.20 -120.37
N ASN IB 252 -70.00 59.15 -121.15
CA ASN IB 252 -70.89 58.05 -120.76
C ASN IB 252 -70.21 56.70 -120.65
N LEU IB 253 -68.88 56.63 -120.82
CA LEU IB 253 -68.06 55.42 -120.70
C LEU IB 253 -68.47 54.31 -121.65
N VAL IB 254 -69.04 54.65 -122.81
CA VAL IB 254 -69.38 53.66 -123.81
C VAL IB 254 -68.11 53.29 -124.57
N PRO IB 255 -67.79 52.01 -124.71
CA PRO IB 255 -66.55 51.62 -125.40
C PRO IB 255 -66.59 51.93 -126.89
N LEU IB 256 -65.41 51.94 -127.50
CA LEU IB 256 -65.28 52.34 -128.90
C LEU IB 256 -65.71 51.22 -129.83
N GLY IB 257 -66.05 51.60 -131.06
CA GLY IB 257 -66.37 50.62 -132.08
C GLY IB 257 -67.85 50.48 -132.36
N ARG IB 258 -68.25 50.76 -133.59
CA ARG IB 258 -69.65 50.60 -134.00
C ARG IB 258 -69.74 49.95 -135.38
N SER JB 1 -38.12 85.36 -130.69
CA SER JB 1 -38.15 86.04 -129.40
C SER JB 1 -36.78 86.60 -129.06
N LYS JB 2 -36.01 85.86 -128.27
CA LYS JB 2 -34.68 86.27 -127.84
C LYS JB 2 -33.65 85.63 -128.75
N THR JB 3 -32.87 86.45 -129.45
CA THR JB 3 -32.02 85.98 -130.53
C THR JB 3 -30.60 86.51 -130.42
N ILE JB 4 -29.68 85.72 -130.97
CA ILE JB 4 -28.32 86.17 -131.30
C ILE JB 4 -28.16 86.02 -132.80
N VAL JB 5 -27.57 87.02 -133.44
CA VAL JB 5 -27.37 87.02 -134.88
C VAL JB 5 -25.87 86.91 -135.15
N LEU JB 6 -25.47 85.86 -135.87
CA LEU JB 6 -24.07 85.61 -136.19
C LEU JB 6 -23.89 85.80 -137.69
N SER JB 7 -23.31 86.94 -138.07
CA SER JB 7 -23.07 87.23 -139.48
C SER JB 7 -21.75 86.62 -139.92
N VAL JB 8 -21.79 85.87 -141.02
CA VAL JB 8 -20.63 85.14 -141.51
C VAL JB 8 -20.25 85.83 -142.83
N GLY JB 9 -20.43 87.13 -142.86
CA GLY JB 9 -20.26 87.89 -144.08
C GLY JB 9 -21.53 88.66 -144.38
N GLU JB 10 -22.20 88.29 -145.47
CA GLU JB 10 -23.53 88.80 -145.76
C GLU JB 10 -24.64 87.86 -145.29
N ALA JB 11 -24.33 86.60 -145.02
CA ALA JB 11 -25.32 85.66 -144.50
C ALA JB 11 -25.36 85.73 -142.98
N THR JB 12 -26.56 85.82 -142.42
CA THR JB 12 -26.76 85.89 -140.98
C THR JB 12 -27.49 84.64 -140.53
N ARG JB 13 -26.94 83.96 -139.52
CA ARG JB 13 -27.53 82.75 -138.96
C ARG JB 13 -28.12 83.09 -137.60
N THR JB 14 -29.42 83.37 -137.58
CA THR JB 14 -30.09 83.82 -136.37
C THR JB 14 -30.43 82.62 -135.49
N LEU JB 15 -29.81 82.55 -134.33
CA LEU JB 15 -30.14 81.56 -133.32
C LEU JB 15 -31.28 82.08 -132.45
N THR JB 16 -32.16 81.17 -132.01
CA THR JB 16 -33.25 81.55 -131.13
C THR JB 16 -33.16 80.75 -129.85
N GLU JB 17 -33.63 81.34 -128.75
CA GLU JB 17 -33.56 80.71 -127.44
C GLU JB 17 -34.67 79.67 -127.31
N ILE JB 18 -34.31 78.47 -126.87
CA ILE JB 18 -35.26 77.37 -126.73
C ILE JB 18 -35.41 76.90 -125.29
N GLN JB 19 -34.53 77.32 -124.38
CA GLN JB 19 -34.55 76.83 -123.01
C GLN JB 19 -33.85 77.85 -122.12
N SER JB 20 -34.34 78.00 -120.90
CA SER JB 20 -33.77 78.99 -119.98
C SER JB 20 -33.94 78.47 -118.56
N THR JB 21 -32.85 78.00 -117.97
CA THR JB 21 -32.83 77.56 -116.59
C THR JB 21 -32.47 78.80 -115.76
N ALA JB 22 -32.06 78.62 -114.49
CA ALA JB 22 -31.63 79.74 -113.66
C ALA JB 22 -30.41 80.44 -114.26
N ASP JB 23 -29.42 79.67 -114.67
CA ASP JB 23 -28.21 80.20 -115.29
C ASP JB 23 -27.94 79.66 -116.68
N ARG JB 24 -28.20 78.38 -116.93
CA ARG JB 24 -27.97 77.79 -118.23
C ARG JB 24 -28.99 78.30 -119.25
N GLN JB 25 -28.55 78.44 -120.50
CA GLN JB 25 -29.34 79.16 -121.49
C GLN JB 25 -28.99 78.58 -122.85
N ILE JB 26 -29.92 77.84 -123.44
CA ILE JB 26 -29.68 77.08 -124.67
C ILE JB 26 -30.33 77.81 -125.84
N PHE JB 27 -29.53 78.10 -126.86
CA PHE JB 27 -29.99 78.70 -128.11
C PHE JB 27 -29.95 77.64 -129.21
N GLU JB 28 -30.66 77.91 -130.29
CA GLU JB 28 -30.74 76.96 -131.40
C GLU JB 28 -31.17 77.69 -132.66
N GLU JB 29 -30.74 77.17 -133.81
CA GLU JB 29 -31.16 77.70 -135.09
C GLU JB 29 -32.36 76.90 -135.60
N LYS JB 30 -33.46 77.61 -135.86
CA LYS JB 30 -34.72 76.97 -136.19
C LYS JB 30 -34.91 76.70 -137.68
N VAL JB 31 -33.83 76.56 -138.43
CA VAL JB 31 -33.94 76.31 -139.87
C VAL JB 31 -33.51 74.89 -140.18
N GLY JB 32 -34.39 74.16 -140.87
CA GLY JB 32 -34.05 72.84 -141.37
C GLY JB 32 -34.67 71.71 -140.58
N PRO JB 33 -34.13 70.50 -140.74
CA PRO JB 33 -34.64 69.35 -139.99
C PRO JB 33 -34.35 69.43 -138.50
N LEU JB 34 -34.95 68.51 -137.74
CA LEU JB 34 -34.90 68.56 -136.29
C LEU JB 34 -33.69 67.88 -135.69
N VAL JB 35 -32.92 67.12 -136.47
CA VAL JB 35 -31.94 66.21 -135.89
C VAL JB 35 -30.64 66.92 -135.53
N GLY JB 36 -30.10 67.76 -136.41
CA GLY JB 36 -28.87 68.46 -136.09
C GLY JB 36 -28.94 69.93 -136.43
N ARG JB 37 -28.82 70.79 -135.42
CA ARG JB 37 -28.92 72.22 -135.60
C ARG JB 37 -27.75 72.88 -134.86
N LEU JB 38 -27.56 74.16 -135.12
CA LEU JB 38 -26.61 74.94 -134.33
C LEU JB 38 -27.09 75.04 -132.89
N ARG JB 39 -26.14 75.17 -131.98
CA ARG JB 39 -26.43 75.12 -130.56
C ARG JB 39 -25.49 76.09 -129.85
N LEU JB 40 -25.99 76.71 -128.80
CA LEU JB 40 -25.17 77.66 -128.05
C LEU JB 40 -25.64 77.61 -126.60
N THR JB 41 -24.82 77.01 -125.74
CA THR JB 41 -25.16 76.81 -124.34
C THR JB 41 -24.33 77.78 -123.50
N ALA JB 42 -24.92 78.93 -123.19
CA ALA JB 42 -24.27 79.86 -122.28
C ALA JB 42 -24.51 79.45 -120.83
N SER JB 43 -23.66 79.95 -119.94
CA SER JB 43 -23.77 79.67 -118.52
C SER JB 43 -23.11 80.82 -117.77
N LEU JB 44 -23.40 80.89 -116.47
CA LEU JB 44 -22.81 81.90 -115.60
C LEU JB 44 -22.97 81.44 -114.16
N ARG JB 45 -21.87 81.29 -113.46
CA ARG JB 45 -21.88 80.82 -112.08
C ARG JB 45 -21.06 81.77 -111.23
N GLN JB 46 -20.96 81.46 -109.93
CA GLN JB 46 -19.95 82.09 -109.08
C GLN JB 46 -19.50 81.04 -108.07
N ASN JB 47 -18.27 80.56 -108.24
CA ASN JB 47 -17.77 79.45 -107.44
C ASN JB 47 -17.17 79.96 -106.13
N GLY JB 48 -17.43 79.21 -105.06
CA GLY JB 48 -16.81 79.46 -103.79
C GLY JB 48 -17.45 80.56 -102.98
N ALA JB 49 -16.63 81.45 -102.43
CA ALA JB 49 -17.10 82.47 -101.50
C ALA JB 49 -17.40 83.78 -102.23
N LYS JB 50 -18.26 83.67 -103.25
CA LYS JB 50 -18.86 84.80 -103.97
C LYS JB 50 -17.82 85.70 -104.63
N THR JB 51 -16.68 85.15 -105.01
CA THR JB 51 -15.54 85.98 -105.39
C THR JB 51 -15.13 85.90 -106.85
N ALA JB 52 -15.57 84.88 -107.59
CA ALA JB 52 -15.13 84.70 -108.96
C ALA JB 52 -16.26 84.12 -109.80
N TYR JB 53 -16.61 84.82 -110.88
CA TYR JB 53 -17.62 84.35 -111.80
C TYR JB 53 -16.99 83.44 -112.86
N ARG JB 54 -17.84 82.66 -113.53
CA ARG JB 54 -17.35 81.68 -114.50
C ARG JB 54 -18.35 81.62 -115.65
N VAL JB 55 -18.00 82.23 -116.78
CA VAL JB 55 -18.81 82.16 -117.98
C VAL JB 55 -18.37 80.95 -118.79
N ASN JB 56 -19.32 80.31 -119.48
CA ASN JB 56 -19.03 79.07 -120.17
C ASN JB 56 -19.90 78.99 -121.43
N LEU JB 57 -19.34 79.38 -122.56
CA LEU JB 57 -20.02 79.22 -123.83
C LEU JB 57 -19.63 77.90 -124.48
N LYS JB 58 -20.50 77.41 -125.37
CA LYS JB 58 -20.25 76.16 -126.08
C LYS JB 58 -21.08 76.19 -127.35
N LEU JB 59 -20.40 76.26 -128.50
CA LEU JB 59 -21.06 76.31 -129.79
C LEU JB 59 -20.89 74.96 -130.48
N ASP JB 60 -21.96 74.18 -130.55
CA ASP JB 60 -21.94 72.91 -131.24
C ASP JB 60 -22.23 73.12 -132.72
N GLN JB 61 -21.76 72.20 -133.55
CA GLN JB 61 -22.08 72.22 -134.97
C GLN JB 61 -22.06 70.81 -135.50
N ALA JB 62 -23.23 70.28 -135.81
CA ALA JB 62 -23.37 68.93 -136.35
C ALA JB 62 -23.40 69.00 -137.87
N ASP JB 63 -22.81 68.00 -138.52
CA ASP JB 63 -22.79 67.93 -139.98
C ASP JB 63 -23.88 66.97 -140.43
N VAL JB 64 -24.99 67.53 -140.86
CA VAL JB 64 -26.15 66.76 -141.27
C VAL JB 64 -26.10 66.52 -142.77
N VAL JB 65 -26.44 65.31 -143.19
CA VAL JB 65 -26.53 64.98 -144.60
C VAL JB 65 -27.84 64.23 -144.83
N ASP JB 66 -28.57 64.62 -145.88
CA ASP JB 66 -29.85 64.01 -146.22
C ASP JB 66 -29.66 63.26 -147.54
N CYS JB 67 -29.62 61.93 -147.46
CA CYS JB 67 -29.33 61.08 -148.61
C CYS JB 67 -30.59 60.35 -149.05
N SER JB 68 -31.74 61.01 -148.91
CA SER JB 68 -33.00 60.37 -149.26
C SER JB 68 -33.24 60.34 -150.76
N THR JB 69 -32.59 61.21 -151.52
CA THR JB 69 -32.81 61.24 -152.97
C THR JB 69 -32.01 60.15 -153.67
N SER JB 70 -30.74 59.97 -153.29
CA SER JB 70 -29.92 58.95 -153.92
C SER JB 70 -30.25 57.56 -153.39
N VAL JB 71 -30.07 57.36 -152.09
CA VAL JB 71 -30.40 56.09 -151.44
C VAL JB 71 -31.87 56.17 -151.03
N CYS JB 72 -32.69 55.29 -151.59
CA CYS JB 72 -34.12 55.32 -151.34
C CYS JB 72 -34.42 54.77 -149.95
N GLY JB 73 -35.17 55.54 -149.16
CA GLY JB 73 -35.71 55.06 -147.91
C GLY JB 73 -34.90 55.32 -146.67
N GLU JB 74 -34.10 56.37 -146.62
CA GLU JB 74 -33.37 56.70 -145.42
C GLU JB 74 -33.46 58.18 -145.10
N LEU JB 75 -33.16 58.51 -143.85
CA LEU JB 75 -33.47 59.78 -143.23
C LEU JB 75 -32.21 60.62 -143.03
N PRO JB 76 -32.32 61.93 -142.80
CA PRO JB 76 -31.12 62.71 -142.47
C PRO JB 76 -30.53 62.30 -141.14
N LYS JB 77 -29.21 62.38 -141.06
CA LYS JB 77 -28.46 61.90 -139.91
C LYS JB 77 -27.25 62.80 -139.73
N VAL JB 78 -26.68 62.79 -138.53
CA VAL JB 78 -25.48 63.56 -138.24
C VAL JB 78 -24.27 62.66 -138.44
N ARG JB 79 -23.26 63.19 -139.14
CA ARG JB 79 -22.00 62.46 -139.28
C ARG JB 79 -21.14 62.66 -138.04
N TYR JB 80 -20.87 63.92 -137.70
CA TYR JB 80 -20.00 64.28 -136.59
C TYR JB 80 -20.45 65.61 -136.02
N THR JB 81 -19.96 65.91 -134.82
CA THR JB 81 -20.15 67.22 -134.21
C THR JB 81 -18.79 67.81 -133.89
N GLN JB 82 -18.67 69.13 -134.09
CA GLN JB 82 -17.46 69.86 -133.78
C GLN JB 82 -17.83 71.04 -132.90
N VAL JB 83 -17.20 71.14 -131.73
CA VAL JB 83 -17.56 72.14 -130.75
C VAL JB 83 -16.43 73.16 -130.64
N TRP JB 84 -16.75 74.30 -130.04
CA TRP JB 84 -15.74 75.30 -129.66
C TRP JB 84 -16.22 75.89 -128.34
N SER JB 85 -15.72 75.35 -127.24
CA SER JB 85 -16.11 75.82 -125.93
C SER JB 85 -15.34 77.08 -125.56
N HIS JB 86 -15.84 77.76 -124.54
CA HIS JB 86 -15.14 78.86 -123.90
C HIS JB 86 -15.26 78.70 -122.40
N ASP JB 87 -14.30 79.25 -121.67
CA ASP JB 87 -14.31 79.18 -120.21
C ASP JB 87 -13.63 80.45 -119.70
N VAL JB 88 -14.42 81.45 -119.38
CA VAL JB 88 -13.92 82.73 -118.91
C VAL JB 88 -14.02 82.77 -117.40
N THR JB 89 -12.95 83.18 -116.74
CA THR JB 89 -12.93 83.37 -115.30
C THR JB 89 -12.82 84.86 -115.02
N ILE JB 90 -13.78 85.39 -114.28
CA ILE JB 90 -13.84 86.81 -113.96
C ILE JB 90 -13.92 86.94 -112.45
N VAL JB 91 -12.98 87.67 -111.86
CA VAL JB 91 -13.03 87.93 -110.42
C VAL JB 91 -13.98 89.09 -110.17
N ALA JB 92 -14.61 89.08 -108.99
CA ALA JB 92 -15.73 89.96 -108.73
C ALA JB 92 -15.31 91.41 -108.53
N ASN JB 93 -14.25 91.65 -107.75
CA ASN JB 93 -13.83 93.00 -107.39
C ASN JB 93 -12.87 93.62 -108.40
N SER JB 94 -12.87 93.14 -109.64
CA SER JB 94 -11.98 93.68 -110.65
C SER JB 94 -12.49 95.02 -111.16
N THR JB 95 -11.64 95.70 -111.93
CA THR JB 95 -12.04 96.92 -112.60
C THR JB 95 -12.62 96.59 -113.97
N GLU JB 96 -13.33 97.56 -114.55
CA GLU JB 96 -13.99 97.33 -115.83
C GLU JB 96 -12.98 97.27 -116.97
N ALA JB 97 -11.90 98.04 -116.88
CA ALA JB 97 -10.91 98.07 -117.95
C ALA JB 97 -10.09 96.78 -118.01
N SER JB 98 -10.04 96.00 -116.93
CA SER JB 98 -9.36 94.71 -117.00
C SER JB 98 -10.23 93.70 -117.73
N ARG JB 99 -11.54 93.74 -117.50
CA ARG JB 99 -12.48 92.89 -118.22
C ARG JB 99 -12.61 93.27 -119.68
N LYS JB 100 -12.52 94.56 -119.99
CA LYS JB 100 -12.62 95.00 -121.38
C LYS JB 100 -11.36 94.64 -122.16
N SER JB 101 -10.19 94.73 -121.51
CA SER JB 101 -8.94 94.40 -122.19
C SER JB 101 -8.79 92.90 -122.38
N LEU JB 102 -9.35 92.11 -121.47
CA LEU JB 102 -9.33 90.66 -121.64
C LEU JB 102 -10.24 90.24 -122.78
N TYR JB 103 -11.37 90.92 -122.94
CA TYR JB 103 -12.25 90.63 -124.06
C TYR JB 103 -11.65 91.12 -125.37
N ASP JB 104 -11.05 92.31 -125.37
CA ASP JB 104 -10.49 92.90 -126.58
C ASP JB 104 -9.28 92.14 -127.09
N LEU JB 105 -8.57 91.43 -126.24
CA LEU JB 105 -7.46 90.59 -126.70
C LEU JB 105 -7.97 89.29 -127.28
N THR JB 106 -8.97 88.67 -126.65
CA THR JB 106 -9.53 87.43 -127.15
C THR JB 106 -10.37 87.64 -128.40
N LYS JB 107 -10.92 88.85 -128.57
CA LYS JB 107 -11.66 89.17 -129.79
C LYS JB 107 -10.73 89.20 -130.99
N SER JB 108 -9.51 89.68 -130.81
CA SER JB 108 -8.54 89.72 -131.90
C SER JB 108 -7.59 88.54 -131.91
N LEU JB 109 -7.59 87.73 -130.85
CA LEU JB 109 -6.89 86.45 -130.92
C LEU JB 109 -7.58 85.50 -131.87
N VAL JB 110 -8.90 85.40 -131.77
CA VAL JB 110 -9.66 84.56 -132.69
C VAL JB 110 -9.64 85.15 -134.09
N ALA JB 111 -9.65 86.47 -134.20
CA ALA JB 111 -9.74 87.11 -135.51
C ALA JB 111 -8.43 87.09 -136.29
N THR JB 112 -7.32 86.66 -135.70
CA THR JB 112 -6.06 86.65 -136.42
C THR JB 112 -6.00 85.46 -137.37
N SER JB 113 -5.04 85.51 -138.30
CA SER JB 113 -4.93 84.46 -139.31
C SER JB 113 -4.03 83.31 -138.88
N GLN JB 114 -3.56 83.29 -137.64
CA GLN JB 114 -2.77 82.16 -137.17
C GLN JB 114 -3.62 81.16 -136.42
N VAL JB 115 -4.68 81.62 -135.76
CA VAL JB 115 -5.63 80.71 -135.13
C VAL JB 115 -6.60 80.17 -136.17
N GLU JB 116 -6.73 80.86 -137.31
CA GLU JB 116 -7.52 80.33 -138.41
C GLU JB 116 -6.88 79.06 -138.97
N ASP JB 117 -5.57 79.09 -139.21
CA ASP JB 117 -4.88 77.90 -139.71
C ASP JB 117 -4.70 76.83 -138.65
N LEU JB 118 -4.92 77.16 -137.37
CA LEU JB 118 -4.77 76.16 -136.32
C LEU JB 118 -5.98 75.25 -136.23
N VAL JB 119 -7.17 75.74 -136.51
CA VAL JB 119 -8.38 74.93 -136.38
C VAL JB 119 -8.81 74.39 -137.73
N VAL JB 120 -8.33 75.02 -138.81
CA VAL JB 120 -8.71 74.56 -140.14
C VAL JB 120 -7.68 73.60 -140.70
N ASN JB 121 -6.41 74.01 -140.69
CA ASN JB 121 -5.34 73.24 -141.31
C ASN JB 121 -4.38 72.63 -140.30
N LEU JB 122 -4.64 72.83 -139.00
CA LEU JB 122 -3.91 72.24 -137.88
C LEU JB 122 -2.44 72.64 -137.82
N VAL JB 123 -2.11 73.81 -138.36
CA VAL JB 123 -0.75 74.36 -138.29
C VAL JB 123 -0.58 75.07 -136.94
N PRO JB 124 0.49 74.82 -136.20
CA PRO JB 124 0.65 75.45 -134.88
C PRO JB 124 0.89 76.95 -134.98
N LEU JB 125 0.84 77.59 -133.80
CA LEU JB 125 0.89 79.04 -133.71
C LEU JB 125 2.32 79.55 -133.79
N GLY JB 126 2.45 80.80 -134.21
CA GLY JB 126 3.75 81.46 -134.25
C GLY JB 126 4.40 81.44 -135.62
N ARG JB 127 4.84 82.62 -136.08
CA ARG JB 127 5.53 82.76 -137.35
C ARG JB 127 6.75 83.64 -137.15
N ALA JB 128 7.92 83.16 -137.58
CA ALA JB 128 9.17 83.88 -137.37
C ALA JB 128 9.36 84.91 -138.47
N TYR JB 129 9.19 86.17 -138.14
CA TYR JB 129 9.45 87.29 -139.06
C TYR JB 129 10.42 88.24 -138.36
N GLY JB 130 11.71 88.06 -138.64
CA GLY JB 130 12.74 88.90 -138.08
C GLY JB 130 13.02 88.64 -136.61
N GLY JB 131 13.51 87.45 -136.29
CA GLY JB 131 13.80 87.10 -134.91
C GLY JB 131 13.18 85.79 -134.49
N SER JB 132 12.27 85.84 -133.53
CA SER JB 132 11.57 84.66 -133.08
C SER JB 132 10.14 84.64 -133.64
N LYS JB 133 9.37 83.64 -133.24
CA LYS JB 133 8.01 83.46 -133.74
C LYS JB 133 7.04 84.23 -132.86
N THR JB 134 6.24 85.10 -133.48
CA THR JB 134 5.40 86.04 -132.76
C THR JB 134 3.94 85.96 -133.21
N ILE JB 135 3.04 86.34 -132.31
CA ILE JB 135 1.65 86.63 -132.64
C ILE JB 135 1.39 88.08 -132.31
N VAL JB 136 0.76 88.79 -133.23
CA VAL JB 136 0.45 90.21 -133.06
C VAL JB 136 -1.03 90.34 -132.74
N LEU JB 137 -1.33 90.84 -131.54
CA LEU JB 137 -2.71 91.01 -131.08
C LEU JB 137 -3.03 92.50 -131.09
N SER JB 138 -3.65 92.95 -132.18
CA SER JB 138 -4.05 94.35 -132.29
C SER JB 138 -5.28 94.62 -131.45
N VAL JB 139 -5.23 95.69 -130.66
CA VAL JB 139 -6.32 96.08 -129.77
C VAL JB 139 -6.86 97.39 -130.32
N GLY JB 140 -6.85 97.51 -131.64
CA GLY JB 140 -7.12 98.77 -132.29
C GLY JB 140 -5.92 99.17 -133.12
N GLU JB 141 -5.21 100.21 -132.68
CA GLU JB 141 -3.90 100.52 -133.25
C GLU JB 141 -2.75 100.07 -132.37
N ALA JB 142 -3.00 99.83 -131.08
CA ALA JB 142 -1.97 99.33 -130.19
C ALA JB 142 -1.82 97.82 -130.36
N THR JB 143 -0.61 97.38 -130.70
CA THR JB 143 -0.34 95.98 -131.01
C THR JB 143 0.51 95.38 -129.90
N ARG JB 144 -0.08 94.48 -129.12
CA ARG JB 144 0.62 93.77 -128.05
C ARG JB 144 1.20 92.50 -128.66
N THR JB 145 2.51 92.51 -128.92
CA THR JB 145 3.18 91.42 -129.62
C THR JB 145 3.70 90.41 -128.61
N LEU JB 146 3.13 89.21 -128.63
CA LEU JB 146 3.64 88.11 -127.83
C LEU JB 146 4.76 87.39 -128.56
N THR JB 147 5.73 86.90 -127.81
CA THR JB 147 6.82 86.11 -128.38
C THR JB 147 6.81 84.73 -127.77
N GLU JB 148 7.18 83.74 -128.57
CA GLU JB 148 7.20 82.36 -128.11
C GLU JB 148 8.41 82.13 -127.22
N ILE JB 149 8.17 81.63 -126.02
CA ILE JB 149 9.25 81.32 -125.09
C ILE JB 149 9.46 79.83 -124.90
N GLN JB 150 8.60 78.98 -125.43
CA GLN JB 150 8.70 77.55 -125.18
C GLN JB 150 8.03 76.79 -126.30
N SER JB 151 8.57 75.61 -126.62
CA SER JB 151 7.98 74.71 -127.61
C SER JB 151 8.19 73.29 -127.10
N THR JB 152 7.19 72.78 -126.39
CA THR JB 152 7.24 71.43 -125.83
C THR JB 152 6.74 70.46 -126.92
N ALA JB 153 6.40 69.22 -126.53
CA ALA JB 153 5.89 68.25 -127.49
C ALA JB 153 4.55 68.67 -128.08
N ASP JB 154 3.58 69.01 -127.23
CA ASP JB 154 2.29 69.52 -127.68
C ASP JB 154 2.08 70.97 -127.26
N ARG JB 155 2.50 71.33 -126.05
CA ARG JB 155 2.33 72.67 -125.52
C ARG JB 155 3.20 73.66 -126.27
N GLN JB 156 2.80 74.94 -126.21
CA GLN JB 156 3.50 76.01 -126.92
C GLN JB 156 3.18 77.31 -126.19
N ILE JB 157 4.11 77.79 -125.37
CA ILE JB 157 3.85 78.89 -124.46
C ILE JB 157 4.39 80.19 -125.06
N PHE JB 158 3.50 81.16 -125.23
CA PHE JB 158 3.85 82.50 -125.67
C PHE JB 158 3.80 83.44 -124.47
N GLU JB 159 4.49 84.57 -124.58
CA GLU JB 159 4.55 85.53 -123.49
C GLU JB 159 4.97 86.89 -124.03
N GLU JB 160 4.43 87.95 -123.44
CA GLU JB 160 4.88 89.30 -123.74
C GLU JB 160 6.09 89.64 -122.89
N LYS JB 161 6.99 90.44 -123.46
CA LYS JB 161 8.27 90.72 -122.83
C LYS JB 161 8.35 92.09 -122.18
N VAL JB 162 7.35 92.93 -122.33
CA VAL JB 162 7.38 94.27 -121.77
C VAL JB 162 6.87 94.24 -120.33
N GLY JB 163 7.66 94.79 -119.42
CA GLY JB 163 7.25 94.95 -118.05
C GLY JB 163 7.92 93.99 -117.08
N PRO JB 164 7.38 93.87 -115.88
CA PRO JB 164 7.99 93.01 -114.86
C PRO JB 164 7.76 91.54 -115.16
N LEU JB 165 8.53 90.70 -114.46
CA LEU JB 165 8.44 89.26 -114.62
C LEU JB 165 7.27 88.64 -113.88
N VAL JB 166 6.61 89.40 -113.00
CA VAL JB 166 5.60 88.80 -112.14
C VAL JB 166 4.28 88.56 -112.88
N GLY JB 167 3.79 89.53 -113.65
CA GLY JB 167 2.55 89.36 -114.37
C GLY JB 167 2.66 89.77 -115.82
N ARG JB 168 2.50 88.81 -116.73
CA ARG JB 168 2.63 89.07 -118.16
C ARG JB 168 1.53 88.31 -118.88
N LEU JB 169 1.32 88.68 -120.15
CA LEU JB 169 0.40 87.94 -121.00
C LEU JB 169 0.93 86.55 -121.29
N ARG JB 170 0.02 85.62 -121.55
CA ARG JB 170 0.39 84.22 -121.74
C ARG JB 170 -0.51 83.59 -122.80
N LEU JB 171 0.01 82.53 -123.41
CA LEU JB 171 -0.77 81.73 -124.36
C LEU JB 171 -0.23 80.30 -124.31
N THR JB 172 -0.94 79.42 -123.61
CA THR JB 172 -0.54 78.02 -123.54
C THR JB 172 -1.39 77.26 -124.56
N ALA JB 173 -1.03 77.40 -125.84
CA ALA JB 173 -1.68 76.64 -126.89
C ALA JB 173 -1.29 75.17 -126.80
N SER JB 174 -2.11 74.33 -127.42
CA SER JB 174 -1.91 72.88 -127.35
C SER JB 174 -2.55 72.24 -128.56
N LEU JB 175 -2.25 70.96 -128.75
CA LEU JB 175 -2.78 70.18 -129.87
C LEU JB 175 -2.58 68.71 -129.55
N ARG JB 176 -3.66 67.94 -129.60
CA ARG JB 176 -3.61 66.52 -129.28
C ARG JB 176 -4.41 65.75 -130.32
N GLN JB 177 -4.44 64.42 -130.16
CA GLN JB 177 -5.42 63.58 -130.86
C GLN JB 177 -5.69 62.37 -129.98
N ASN JB 178 -6.96 62.15 -129.66
CA ASN JB 178 -7.34 61.13 -128.70
C ASN JB 178 -7.49 59.77 -129.35
N GLY JB 179 -7.27 58.72 -128.55
CA GLY JB 179 -7.67 57.36 -128.86
C GLY JB 179 -7.07 56.75 -130.10
N ALA JB 180 -7.92 56.28 -131.00
CA ALA JB 180 -7.48 55.69 -132.25
C ALA JB 180 -7.45 56.72 -133.38
N LYS JB 181 -6.79 57.87 -133.11
CA LYS JB 181 -6.44 58.89 -134.10
C LYS JB 181 -7.67 59.45 -134.82
N THR JB 182 -8.76 59.66 -134.10
CA THR JB 182 -10.04 60.00 -134.72
C THR JB 182 -10.47 61.44 -134.52
N ALA JB 183 -9.90 62.17 -133.55
CA ALA JB 183 -10.35 63.52 -133.27
C ALA JB 183 -9.24 64.32 -132.63
N TYR JB 184 -8.99 65.50 -133.16
CA TYR JB 184 -8.01 66.41 -132.58
C TYR JB 184 -8.66 67.22 -131.47
N ARG JB 185 -7.83 67.96 -130.73
CA ARG JB 185 -8.33 68.78 -129.62
C ARG JB 185 -7.39 69.96 -129.45
N VAL JB 186 -7.79 71.11 -129.96
CA VAL JB 186 -7.03 72.35 -129.81
C VAL JB 186 -7.42 73.00 -128.50
N ASN JB 187 -6.45 73.57 -127.78
CA ASN JB 187 -6.73 74.11 -126.45
C ASN JB 187 -5.86 75.35 -126.24
N LEU JB 188 -6.43 76.53 -126.48
CA LEU JB 188 -5.78 77.78 -126.15
C LEU JB 188 -6.18 78.23 -124.75
N LYS JB 189 -5.37 79.13 -124.18
CA LYS JB 189 -5.62 79.67 -122.85
C LYS JB 189 -4.85 80.96 -122.72
N LEU JB 190 -5.55 82.07 -122.52
CA LEU JB 190 -4.92 83.39 -122.43
C LEU JB 190 -5.06 83.89 -121.01
N ASP JB 191 -3.93 84.02 -120.31
CA ASP JB 191 -3.91 84.54 -118.95
C ASP JB 191 -3.66 86.04 -118.98
N GLN JB 192 -4.27 86.76 -118.04
CA GLN JB 192 -4.03 88.19 -117.90
C GLN JB 192 -4.09 88.56 -116.44
N ALA JB 193 -2.92 88.78 -115.84
CA ALA JB 193 -2.81 89.19 -114.45
C ALA JB 193 -2.69 90.70 -114.38
N ASP JB 194 -3.40 91.30 -113.43
CA ASP JB 194 -3.41 92.75 -113.27
C ASP JB 194 -2.34 93.13 -112.26
N VAL JB 195 -1.23 93.67 -112.76
CA VAL JB 195 -0.11 94.10 -111.93
C VAL JB 195 -0.30 95.57 -111.61
N VAL JB 196 0.20 96.01 -110.46
CA VAL JB 196 0.10 97.39 -110.02
C VAL JB 196 1.39 97.76 -109.31
N ASP JB 197 1.80 99.01 -109.46
CA ASP JB 197 2.99 99.53 -108.81
C ASP JB 197 2.62 100.66 -107.87
N CYS JB 198 3.02 100.53 -106.61
CA CYS JB 198 2.72 101.50 -105.57
C CYS JB 198 3.94 102.38 -105.28
N SER JB 199 4.84 102.50 -106.25
CA SER JB 199 6.10 103.22 -106.04
C SER JB 199 5.89 104.72 -105.91
N THR JB 200 4.83 105.27 -106.50
CA THR JB 200 4.56 106.70 -106.35
C THR JB 200 4.00 107.01 -104.96
N SER JB 201 3.20 106.09 -104.40
CA SER JB 201 2.64 106.26 -103.06
C SER JB 201 3.62 105.85 -101.97
N VAL JB 202 4.17 104.65 -102.05
CA VAL JB 202 5.15 104.15 -101.10
C VAL JB 202 6.46 103.91 -101.84
N CYS JB 203 7.49 104.63 -101.43
CA CYS JB 203 8.78 104.53 -102.13
C CYS JB 203 9.45 103.19 -101.86
N GLY JB 204 10.10 102.65 -102.88
CA GLY JB 204 10.77 101.39 -102.75
C GLY JB 204 9.87 100.18 -102.77
N GLU JB 205 8.76 100.22 -103.50
CA GLU JB 205 7.83 99.11 -103.60
C GLU JB 205 7.93 98.50 -104.99
N LEU JB 206 8.10 97.19 -105.05
CA LEU JB 206 8.14 96.45 -106.29
C LEU JB 206 6.72 96.05 -106.70
N PRO JB 207 6.46 95.89 -108.00
CA PRO JB 207 5.09 95.57 -108.45
C PRO JB 207 4.68 94.17 -108.06
N LYS JB 208 3.36 93.98 -107.96
CA LYS JB 208 2.77 92.70 -107.57
C LYS JB 208 1.41 92.57 -108.25
N VAL JB 209 0.93 91.34 -108.32
CA VAL JB 209 -0.33 91.04 -108.99
C VAL JB 209 -1.46 91.00 -107.98
N ARG JB 210 -2.62 91.53 -108.36
CA ARG JB 210 -3.79 91.47 -107.50
C ARG JB 210 -4.61 90.22 -107.78
N TYR JB 211 -5.07 90.05 -109.01
CA TYR JB 211 -5.89 88.93 -109.41
C TYR JB 211 -5.43 88.42 -110.77
N THR JB 212 -6.12 87.42 -111.29
CA THR JB 212 -5.87 86.95 -112.64
C THR JB 212 -7.21 86.58 -113.27
N GLN JB 213 -7.29 86.73 -114.59
CA GLN JB 213 -8.50 86.48 -115.35
C GLN JB 213 -8.13 85.76 -116.63
N VAL JB 214 -8.69 84.58 -116.86
CA VAL JB 214 -8.33 83.73 -117.98
C VAL JB 214 -9.46 83.71 -118.99
N TRP JB 215 -9.15 83.23 -120.19
CA TRP JB 215 -10.14 82.93 -121.22
C TRP JB 215 -9.58 81.77 -122.02
N SER JB 216 -9.96 80.56 -121.65
CA SER JB 216 -9.46 79.39 -122.36
C SER JB 216 -10.47 78.93 -123.40
N HIS JB 217 -9.96 78.25 -124.42
CA HIS JB 217 -10.79 77.72 -125.50
C HIS JB 217 -10.59 76.21 -125.53
N ASP JB 218 -11.57 75.51 -126.10
CA ASP JB 218 -11.50 74.05 -126.20
C ASP JB 218 -12.20 73.64 -127.49
N VAL JB 219 -11.42 73.53 -128.56
CA VAL JB 219 -11.93 73.17 -129.88
C VAL JB 219 -11.82 71.68 -130.05
N THR JB 220 -12.88 71.05 -130.57
CA THR JB 220 -12.88 69.64 -130.90
C THR JB 220 -13.03 69.50 -132.40
N ILE JB 221 -12.08 68.84 -133.04
CA ILE JB 221 -12.04 68.68 -134.48
C ILE JB 221 -11.90 67.20 -134.78
N VAL JB 222 -12.88 66.63 -135.48
CA VAL JB 222 -12.79 65.22 -135.86
C VAL JB 222 -11.96 65.10 -137.12
N ALA JB 223 -11.33 63.94 -137.29
CA ALA JB 223 -10.24 63.81 -138.25
C ALA JB 223 -10.75 63.72 -139.69
N ASN JB 224 -11.90 63.09 -139.90
CA ASN JB 224 -12.42 62.90 -141.26
C ASN JB 224 -13.39 64.00 -141.65
N SER JB 225 -13.17 65.22 -141.17
CA SER JB 225 -14.03 66.36 -141.43
C SER JB 225 -13.97 66.80 -142.89
N THR JB 226 -14.83 67.74 -143.22
CA THR JB 226 -14.69 68.53 -144.43
C THR JB 226 -13.97 69.82 -144.04
N GLU JB 227 -13.15 70.35 -144.94
CA GLU JB 227 -12.49 71.62 -144.64
C GLU JB 227 -13.49 72.78 -144.64
N ALA JB 228 -14.61 72.62 -145.33
CA ALA JB 228 -15.65 73.64 -145.29
C ALA JB 228 -16.41 73.64 -143.97
N SER JB 229 -16.36 72.55 -143.21
CA SER JB 229 -17.03 72.52 -141.91
C SER JB 229 -16.10 72.97 -140.80
N ARG JB 230 -14.78 72.81 -140.99
CA ARG JB 230 -13.83 73.40 -140.06
C ARG JB 230 -13.73 74.91 -140.25
N LYS JB 231 -13.90 75.37 -141.49
CA LYS JB 231 -13.87 76.81 -141.76
C LYS JB 231 -15.12 77.49 -141.22
N SER JB 232 -16.28 76.84 -141.35
CA SER JB 232 -17.53 77.45 -140.90
C SER JB 232 -17.63 77.43 -139.37
N LEU JB 233 -17.00 76.46 -138.72
CA LEU JB 233 -16.97 76.46 -137.26
C LEU JB 233 -16.09 77.59 -136.73
N TYR JB 234 -14.97 77.86 -137.41
CA TYR JB 234 -14.13 78.98 -137.01
C TYR JB 234 -14.82 80.30 -137.31
N ASP JB 235 -15.50 80.40 -138.46
CA ASP JB 235 -16.17 81.62 -138.87
C ASP JB 235 -17.36 81.98 -137.99
N LEU JB 236 -17.99 81.00 -137.35
CA LEU JB 236 -19.07 81.31 -136.42
C LEU JB 236 -18.53 81.75 -135.07
N THR JB 237 -17.45 81.14 -134.61
CA THR JB 237 -16.83 81.55 -133.35
C THR JB 237 -16.12 82.88 -133.48
N LYS JB 238 -15.57 83.18 -134.66
CA LYS JB 238 -15.01 84.50 -134.92
C LYS JB 238 -16.09 85.56 -134.90
N SER JB 239 -17.30 85.21 -135.34
CA SER JB 239 -18.40 86.14 -135.34
C SER JB 239 -19.19 86.12 -134.04
N LEU JB 240 -19.05 85.08 -133.23
CA LEU JB 240 -19.71 85.05 -131.94
C LEU JB 240 -19.04 85.99 -130.95
N VAL JB 241 -17.71 85.93 -130.87
CA VAL JB 241 -16.96 86.78 -129.95
C VAL JB 241 -17.04 88.25 -130.36
N ALA JB 242 -17.16 88.51 -131.66
CA ALA JB 242 -17.21 89.88 -132.14
C ALA JB 242 -18.56 90.56 -131.91
N THR JB 243 -19.58 89.84 -131.46
CA THR JB 243 -20.87 90.45 -131.19
C THR JB 243 -20.82 91.28 -129.92
N SER JB 244 -21.78 92.20 -129.80
CA SER JB 244 -21.87 93.04 -128.62
C SER JB 244 -22.72 92.40 -127.53
N GLN JB 245 -23.23 91.18 -127.75
CA GLN JB 245 -23.93 90.47 -126.69
C GLN JB 245 -22.97 89.70 -125.81
N VAL JB 246 -21.92 89.13 -126.40
CA VAL JB 246 -20.88 88.48 -125.63
C VAL JB 246 -19.93 89.50 -125.01
N GLU JB 247 -19.90 90.72 -125.55
CA GLU JB 247 -19.12 91.79 -124.93
C GLU JB 247 -19.70 92.17 -123.59
N ASP JB 248 -21.03 92.32 -123.51
CA ASP JB 248 -21.68 92.62 -122.25
C ASP JB 248 -21.76 91.42 -121.32
N LEU JB 249 -21.60 90.20 -121.84
CA LEU JB 249 -21.64 89.03 -120.98
C LEU JB 249 -20.35 88.88 -120.18
N VAL JB 250 -19.24 89.38 -120.71
CA VAL JB 250 -17.96 89.29 -120.00
C VAL JB 250 -17.67 90.56 -119.22
N VAL JB 251 -18.02 91.72 -119.77
CA VAL JB 251 -17.75 92.98 -119.08
C VAL JB 251 -18.78 93.24 -117.98
N ASN JB 252 -20.07 93.14 -118.32
CA ASN JB 252 -21.13 93.52 -117.40
C ASN JB 252 -22.00 92.37 -116.93
N LEU JB 253 -21.68 91.13 -117.31
CA LEU JB 253 -22.40 89.90 -116.92
C LEU JB 253 -23.88 89.91 -117.33
N VAL JB 254 -24.19 90.59 -118.42
CA VAL JB 254 -25.56 90.61 -118.95
C VAL JB 254 -25.77 89.33 -119.75
N PRO JB 255 -26.84 88.56 -119.51
CA PRO JB 255 -27.04 87.31 -120.25
C PRO JB 255 -27.37 87.55 -121.72
N LEU JB 256 -27.24 86.49 -122.50
CA LEU JB 256 -27.42 86.59 -123.95
C LEU JB 256 -28.89 86.59 -124.31
N GLY JB 257 -29.18 87.09 -125.51
CA GLY JB 257 -30.54 87.09 -126.03
C GLY JB 257 -31.22 88.43 -125.97
N ARG JB 258 -31.67 88.92 -127.12
CA ARG JB 258 -32.41 90.17 -127.19
C ARG JB 258 -33.56 90.06 -128.17
N SER KB 1 10.07 26.55 -158.12
CA SER KB 1 10.96 25.56 -157.54
C SER KB 1 10.31 24.18 -157.51
N LYS KB 2 9.72 23.83 -156.38
CA LYS KB 2 9.07 22.54 -156.18
C LYS KB 2 7.58 22.69 -156.41
N THR KB 3 7.07 21.99 -157.42
CA THR KB 3 5.72 22.21 -157.91
C THR KB 3 4.92 20.91 -158.01
N ILE KB 4 3.61 21.04 -157.88
CA ILE KB 4 2.64 20.02 -158.29
C ILE KB 4 1.76 20.64 -159.35
N VAL KB 5 1.50 19.90 -160.43
CA VAL KB 5 0.69 20.38 -161.54
C VAL KB 5 -0.64 19.63 -161.51
N LEU KB 6 -1.73 20.37 -161.38
CA LEU KB 6 -3.08 19.79 -161.34
C LEU KB 6 -3.79 20.16 -162.63
N SER KB 7 -3.81 19.23 -163.59
CA SER KB 7 -4.49 19.45 -164.85
C SER KB 7 -5.96 19.07 -164.73
N VAL KB 8 -6.84 20.03 -165.03
CA VAL KB 8 -8.27 19.84 -164.85
C VAL KB 8 -8.95 19.82 -166.21
N GLY KB 9 -8.25 19.30 -167.20
CA GLY KB 9 -8.66 19.41 -168.59
C GLY KB 9 -7.49 19.86 -169.43
N GLU KB 10 -7.60 21.05 -170.02
CA GLU KB 10 -6.45 21.66 -170.67
C GLU KB 10 -5.77 22.72 -169.82
N ALA KB 11 -6.49 23.30 -168.86
CA ALA KB 11 -5.87 24.27 -167.96
C ALA KB 11 -5.13 23.54 -166.85
N THR KB 12 -3.90 23.96 -166.57
CA THR KB 12 -3.08 23.37 -165.52
C THR KB 12 -2.84 24.44 -164.45
N ARG KB 13 -3.15 24.09 -163.21
CA ARG KB 13 -3.00 25.00 -162.07
C ARG KB 13 -1.78 24.56 -161.28
N THR KB 14 -0.66 25.24 -161.51
CA THR KB 14 0.62 24.85 -160.93
C THR KB 14 0.76 25.43 -159.53
N LEU KB 15 0.70 24.58 -158.52
CA LEU KB 15 0.97 24.97 -157.15
C LEU KB 15 2.48 25.02 -156.94
N THR KB 16 2.93 25.94 -156.09
CA THR KB 16 4.34 26.03 -155.73
C THR KB 16 4.49 25.90 -154.23
N GLU KB 17 5.60 25.29 -153.81
CA GLU KB 17 5.86 25.10 -152.39
C GLU KB 17 6.30 26.41 -151.75
N ILE KB 18 5.66 26.76 -150.64
CA ILE KB 18 5.96 28.01 -149.95
C ILE KB 18 6.50 27.80 -148.55
N GLN KB 19 6.42 26.60 -147.99
CA GLN KB 19 6.82 26.36 -146.61
C GLN KB 19 7.08 24.88 -146.43
N SER KB 20 8.15 24.54 -145.72
CA SER KB 20 8.52 23.14 -145.52
C SER KB 20 9.04 22.99 -144.10
N THR KB 21 8.26 22.36 -143.25
CA THR KB 21 8.65 22.03 -141.89
C THR KB 21 9.30 20.65 -141.95
N ALA KB 22 9.50 19.98 -140.80
CA ALA KB 22 10.02 18.62 -140.80
C ALA KB 22 9.08 17.65 -141.50
N ASP KB 23 7.82 17.65 -141.12
CA ASP KB 23 6.80 16.80 -141.73
C ASP KB 23 5.79 17.57 -142.56
N ARG KB 24 5.28 18.69 -142.04
CA ARG KB 24 4.28 19.47 -142.76
C ARG KB 24 4.91 20.19 -143.94
N GLN KB 25 4.11 20.39 -144.99
CA GLN KB 25 4.64 20.86 -146.27
C GLN KB 25 3.50 21.57 -147.01
N ILE KB 26 3.59 22.90 -147.09
CA ILE KB 26 2.49 23.72 -147.57
C ILE KB 26 2.79 24.21 -148.98
N PHE KB 27 1.88 23.94 -149.91
CA PHE KB 27 1.94 24.43 -151.27
C PHE KB 27 0.93 25.55 -151.46
N GLU KB 28 1.10 26.31 -152.53
CA GLU KB 28 0.21 27.42 -152.83
C GLU KB 28 0.33 27.78 -154.30
N GLU KB 29 -0.76 28.30 -154.86
CA GLU KB 29 -0.76 28.79 -156.23
C GLU KB 29 -0.43 30.28 -156.23
N LYS KB 30 0.59 30.65 -157.02
CA LYS KB 30 1.12 32.00 -157.00
C LYS KB 30 0.48 32.93 -158.02
N VAL KB 31 -0.78 32.69 -158.40
CA VAL KB 31 -1.44 33.54 -159.38
C VAL KB 31 -2.55 34.33 -158.71
N GLY KB 32 -2.56 35.64 -158.94
CA GLY KB 32 -3.64 36.48 -158.50
C GLY KB 32 -3.32 37.25 -157.23
N PRO KB 33 -4.37 37.75 -156.55
CA PRO KB 33 -4.16 38.48 -155.28
C PRO KB 33 -3.67 37.60 -154.14
N LEU KB 34 -3.38 38.22 -153.01
CA LEU KB 34 -2.75 37.53 -151.89
C LEU KB 34 -3.73 36.96 -150.89
N VAL KB 35 -5.03 37.28 -151.01
CA VAL KB 35 -5.96 36.96 -149.95
C VAL KB 35 -6.54 35.55 -150.07
N GLY KB 36 -6.89 35.10 -151.28
CA GLY KB 36 -7.43 33.77 -151.42
C GLY KB 36 -6.75 33.01 -152.53
N ARG KB 37 -6.06 31.92 -152.18
CA ARG KB 37 -5.33 31.11 -153.13
C ARG KB 37 -5.56 29.64 -152.82
N LEU KB 38 -5.28 28.80 -153.82
CA LEU KB 38 -5.28 27.36 -153.60
C LEU KB 38 -4.20 26.98 -152.60
N ARG KB 39 -4.52 26.02 -151.75
CA ARG KB 39 -3.62 25.58 -150.71
C ARG KB 39 -3.58 24.06 -150.70
N LEU KB 40 -2.45 23.49 -150.31
CA LEU KB 40 -2.33 22.05 -150.24
C LEU KB 40 -1.34 21.74 -149.11
N THR KB 41 -1.85 21.22 -148.01
CA THR KB 41 -1.04 20.96 -146.82
C THR KB 41 -0.83 19.46 -146.71
N ALA KB 42 0.29 18.99 -147.22
CA ALA KB 42 0.66 17.58 -147.06
C ALA KB 42 1.36 17.37 -145.73
N SER KB 43 1.31 16.13 -145.24
CA SER KB 43 1.95 15.77 -143.99
C SER KB 43 2.28 14.29 -144.04
N LEU KB 44 3.13 13.86 -143.10
CA LEU KB 44 3.50 12.45 -142.97
C LEU KB 44 4.05 12.25 -141.57
N ARG KB 45 3.47 11.30 -140.83
CA ARG KB 45 3.87 11.02 -139.47
C ARG KB 45 4.05 9.52 -139.32
N GLN KB 46 4.42 9.09 -138.11
CA GLN KB 46 4.30 7.69 -137.72
C GLN KB 46 3.98 7.65 -136.23
N ASN KB 47 2.75 7.28 -135.91
CA ASN KB 47 2.25 7.37 -134.54
C ASN KB 47 2.45 6.05 -133.80
N GLY KB 48 2.79 6.17 -132.52
CA GLY KB 48 2.92 5.01 -131.66
C GLY KB 48 4.31 4.40 -131.69
N ALA KB 49 4.37 3.07 -131.76
CA ALA KB 49 5.64 2.36 -131.70
C ALA KB 49 6.20 2.09 -133.10
N LYS KB 50 6.25 3.16 -133.90
CA LYS KB 50 6.92 3.21 -135.21
C LYS KB 50 6.38 2.16 -136.19
N THR KB 51 5.08 1.87 -136.12
CA THR KB 51 4.52 0.77 -136.88
C THR KB 51 3.49 1.19 -137.92
N ALA KB 52 2.96 2.40 -137.85
CA ALA KB 52 1.91 2.83 -138.78
C ALA KB 52 2.14 4.27 -139.16
N TYR KB 53 2.23 4.54 -140.46
CA TYR KB 53 2.37 5.89 -140.97
C TYR KB 53 1.00 6.53 -141.15
N ARG KB 54 1.00 7.84 -141.36
CA ARG KB 54 -0.26 8.59 -141.46
C ARG KB 54 -0.04 9.77 -142.40
N VAL KB 55 -0.46 9.59 -143.65
CA VAL KB 55 -0.45 10.67 -144.63
C VAL KB 55 -1.70 11.51 -144.44
N ASN KB 56 -1.58 12.82 -144.68
CA ASN KB 56 -2.70 13.73 -144.43
C ASN KB 56 -2.61 14.88 -145.43
N LEU KB 57 -3.38 14.79 -146.49
CA LEU KB 57 -3.52 15.89 -147.44
C LEU KB 57 -4.73 16.74 -147.10
N LYS KB 58 -4.70 18.00 -147.53
CA LYS KB 58 -5.79 18.92 -147.29
C LYS KB 58 -5.73 20.02 -148.36
N LEU KB 59 -6.67 19.99 -149.28
CA LEU KB 59 -6.73 20.96 -150.37
C LEU KB 59 -7.79 21.99 -150.05
N ASP KB 60 -7.37 23.20 -149.70
CA ASP KB 60 -8.28 24.30 -149.48
C ASP KB 60 -8.62 24.98 -150.79
N GLN KB 61 -9.78 25.62 -150.84
CA GLN KB 61 -10.15 26.43 -152.00
C GLN KB 61 -11.08 27.53 -151.52
N ALA KB 62 -10.58 28.76 -151.53
CA ALA KB 62 -11.35 29.92 -151.14
C ALA KB 62 -11.94 30.58 -152.36
N ASP KB 63 -13.16 31.08 -152.24
CA ASP KB 63 -13.85 31.74 -153.35
C ASP KB 63 -13.71 33.24 -153.15
N VAL KB 64 -12.74 33.82 -153.83
CA VAL KB 64 -12.47 35.24 -153.72
C VAL KB 64 -13.24 35.98 -154.81
N VAL KB 65 -13.62 37.22 -154.53
CA VAL KB 65 -14.34 38.05 -155.49
C VAL KB 65 -13.81 39.48 -155.37
N ASP KB 66 -13.61 40.14 -156.51
CA ASP KB 66 -13.11 41.50 -156.56
C ASP KB 66 -14.20 42.42 -157.08
N CYS KB 67 -14.82 43.17 -156.18
CA CYS KB 67 -15.92 44.07 -156.53
C CYS KB 67 -15.46 45.51 -156.48
N SER KB 68 -14.20 45.75 -156.83
CA SER KB 68 -13.65 47.10 -156.79
C SER KB 68 -14.16 47.96 -157.92
N THR KB 69 -14.65 47.37 -159.01
CA THR KB 69 -15.10 48.15 -160.15
C THR KB 69 -16.57 48.53 -160.01
N SER KB 70 -17.39 47.62 -159.49
CA SER KB 70 -18.82 47.88 -159.37
C SER KB 70 -19.13 48.85 -158.24
N VAL KB 71 -18.83 48.46 -157.00
CA VAL KB 71 -18.94 49.36 -155.87
C VAL KB 71 -17.56 49.97 -155.63
N CYS KB 72 -17.52 51.30 -155.50
CA CYS KB 72 -16.25 52.00 -155.45
C CYS KB 72 -15.63 51.89 -154.06
N GLY KB 73 -14.36 51.52 -154.02
CA GLY KB 73 -13.57 51.63 -152.82
C GLY KB 73 -13.54 50.43 -151.90
N GLU KB 74 -13.61 49.21 -152.43
CA GLU KB 74 -13.44 48.03 -151.60
C GLU KB 74 -12.52 47.03 -152.29
N LEU KB 75 -12.03 46.09 -151.48
CA LEU KB 75 -10.91 45.21 -151.80
C LEU KB 75 -11.41 43.80 -152.07
N PRO KB 76 -10.59 42.91 -152.65
CA PRO KB 76 -11.01 41.51 -152.77
C PRO KB 76 -11.14 40.85 -151.41
N LYS KB 77 -12.05 39.88 -151.33
CA LYS KB 77 -12.40 39.24 -150.07
C LYS KB 77 -12.86 37.83 -150.36
N VAL KB 78 -12.74 36.95 -149.38
CA VAL KB 78 -13.13 35.55 -149.52
C VAL KB 78 -14.57 35.40 -149.03
N ARG KB 79 -15.40 34.73 -149.84
CA ARG KB 79 -16.78 34.53 -149.46
C ARG KB 79 -16.95 33.28 -148.62
N TYR KB 80 -16.33 32.18 -149.05
CA TYR KB 80 -16.39 30.91 -148.32
C TYR KB 80 -15.15 30.10 -148.64
N THR KB 81 -15.02 28.97 -147.97
CA THR KB 81 -13.89 28.07 -148.15
C THR KB 81 -14.40 26.63 -148.17
N GLN KB 82 -14.01 25.88 -149.20
CA GLN KB 82 -14.41 24.49 -149.34
C GLN KB 82 -13.15 23.64 -149.40
N VAL KB 83 -13.04 22.69 -148.47
CA VAL KB 83 -11.85 21.86 -148.34
C VAL KB 83 -12.17 20.43 -148.78
N TRP KB 84 -11.13 19.64 -148.99
CA TRP KB 84 -11.25 18.21 -149.22
C TRP KB 84 -10.01 17.58 -148.60
N SER KB 85 -10.15 17.13 -147.36
CA SER KB 85 -9.03 16.51 -146.67
C SER KB 85 -8.89 15.06 -147.09
N HIS KB 86 -7.74 14.48 -146.74
CA HIS KB 86 -7.50 13.06 -146.88
C HIS KB 86 -6.81 12.58 -145.62
N ASP KB 87 -6.95 11.30 -145.31
CA ASP KB 87 -6.31 10.70 -144.13
C ASP KB 87 -6.01 9.25 -144.46
N VAL KB 88 -4.80 8.99 -144.93
CA VAL KB 88 -4.38 7.65 -145.30
C VAL KB 88 -3.63 7.03 -144.13
N THR KB 89 -3.99 5.80 -143.79
CA THR KB 89 -3.30 5.04 -142.76
C THR KB 89 -2.58 3.88 -143.42
N ILE KB 90 -1.26 3.85 -143.26
CA ILE KB 90 -0.40 2.83 -143.87
C ILE KB 90 0.39 2.19 -142.74
N VAL KB 91 0.32 0.86 -142.65
CA VAL KB 91 1.14 0.14 -141.68
C VAL KB 91 2.49 -0.17 -142.31
N ALA KB 92 3.53 -0.20 -141.48
CA ALA KB 92 4.90 -0.12 -141.96
C ALA KB 92 5.37 -1.41 -142.62
N ASN KB 93 4.91 -2.57 -142.13
CA ASN KB 93 5.35 -3.85 -142.66
C ASN KB 93 4.46 -4.37 -143.77
N SER KB 94 3.86 -3.48 -144.55
CA SER KB 94 2.97 -3.86 -145.63
C SER KB 94 3.75 -4.48 -146.79
N THR KB 95 3.00 -5.06 -147.71
CA THR KB 95 3.52 -5.36 -149.03
C THR KB 95 3.18 -4.21 -149.97
N GLU KB 96 3.95 -4.09 -151.06
CA GLU KB 96 3.76 -2.97 -151.96
C GLU KB 96 2.47 -3.10 -152.76
N ALA KB 97 2.03 -4.33 -153.02
CA ALA KB 97 0.80 -4.52 -153.77
C ALA KB 97 -0.44 -4.18 -152.95
N SER KB 98 -0.34 -4.13 -151.62
CA SER KB 98 -1.48 -3.71 -150.82
C SER KB 98 -1.66 -2.21 -150.88
N ARG KB 99 -0.55 -1.46 -150.78
CA ARG KB 99 -0.59 -0.01 -150.94
C ARG KB 99 -0.90 0.42 -152.36
N LYS KB 100 -0.44 -0.33 -153.35
CA LYS KB 100 -0.76 0.02 -154.73
C LYS KB 100 -2.23 -0.23 -155.05
N SER KB 101 -2.82 -1.28 -154.46
CA SER KB 101 -4.23 -1.56 -154.70
C SER KB 101 -5.12 -0.61 -153.92
N LEU KB 102 -4.67 -0.15 -152.75
CA LEU KB 102 -5.44 0.82 -151.99
C LEU KB 102 -5.45 2.17 -152.68
N TYR KB 103 -4.33 2.54 -153.30
CA TYR KB 103 -4.30 3.77 -154.09
C TYR KB 103 -5.12 3.64 -155.36
N ASP KB 104 -5.09 2.46 -155.98
CA ASP KB 104 -5.83 2.24 -157.23
C ASP KB 104 -7.33 2.23 -157.02
N LEU KB 105 -7.80 1.85 -155.84
CA LEU KB 105 -9.24 1.89 -155.57
C LEU KB 105 -9.70 3.32 -155.29
N THR KB 106 -8.92 4.08 -154.52
CA THR KB 106 -9.29 5.45 -154.20
C THR KB 106 -9.15 6.36 -155.40
N LYS KB 107 -8.19 6.08 -156.29
CA LYS KB 107 -8.11 6.82 -157.55
C LYS KB 107 -9.33 6.58 -158.42
N SER KB 108 -9.85 5.36 -158.40
CA SER KB 108 -11.04 5.03 -159.16
C SER KB 108 -12.32 5.33 -158.42
N LEU KB 109 -12.27 5.51 -157.10
CA LEU KB 109 -13.46 5.92 -156.36
C LEU KB 109 -13.79 7.37 -156.62
N VAL KB 110 -12.77 8.23 -156.58
CA VAL KB 110 -13.00 9.65 -156.83
C VAL KB 110 -13.38 9.90 -158.28
N ALA KB 111 -12.83 9.10 -159.20
CA ALA KB 111 -13.06 9.32 -160.62
C ALA KB 111 -14.42 8.85 -161.11
N THR KB 112 -15.23 8.22 -160.26
CA THR KB 112 -16.53 7.74 -160.73
C THR KB 112 -17.57 8.86 -160.69
N SER KB 113 -18.71 8.61 -161.33
CA SER KB 113 -19.75 9.62 -161.45
C SER KB 113 -20.71 9.64 -160.26
N GLN KB 114 -20.54 8.73 -159.30
CA GLN KB 114 -21.42 8.74 -158.13
C GLN KB 114 -20.85 9.58 -157.01
N VAL KB 115 -19.52 9.69 -156.92
CA VAL KB 115 -18.90 10.58 -155.95
C VAL KB 115 -18.87 12.00 -156.50
N GLU KB 116 -18.97 12.15 -157.82
CA GLU KB 116 -19.10 13.48 -158.40
C GLU KB 116 -20.42 14.12 -158.00
N ASP KB 117 -21.52 13.40 -158.15
CA ASP KB 117 -22.83 13.93 -157.76
C ASP KB 117 -23.00 14.04 -156.26
N LEU KB 118 -22.15 13.39 -155.47
CA LEU KB 118 -22.25 13.47 -154.02
C LEU KB 118 -21.70 14.79 -153.49
N VAL KB 119 -20.71 15.38 -154.15
CA VAL KB 119 -20.13 16.63 -153.66
C VAL KB 119 -20.64 17.81 -154.46
N VAL KB 120 -21.03 17.58 -155.71
CA VAL KB 120 -21.56 18.67 -156.52
C VAL KB 120 -23.05 18.86 -156.26
N ASN KB 121 -23.82 17.78 -156.30
CA ASN KB 121 -25.27 17.86 -156.22
C ASN KB 121 -25.85 17.23 -154.96
N LEU KB 122 -25.00 16.76 -154.05
CA LEU KB 122 -25.36 16.21 -152.73
C LEU KB 122 -26.28 15.00 -152.82
N VAL KB 123 -26.13 14.20 -153.87
CA VAL KB 123 -26.94 12.99 -154.05
C VAL KB 123 -26.18 11.80 -153.48
N PRO KB 124 -26.80 10.97 -152.63
CA PRO KB 124 -26.06 9.88 -151.98
C PRO KB 124 -25.63 8.79 -152.94
N LEU KB 125 -24.75 7.92 -152.45
CA LEU KB 125 -24.10 6.91 -153.27
C LEU KB 125 -25.02 5.72 -153.52
N GLY KB 126 -24.67 4.94 -154.54
CA GLY KB 126 -25.41 3.74 -154.85
C GLY KB 126 -26.48 3.95 -155.90
N ARG KB 127 -26.46 3.13 -156.95
CA ARG KB 127 -27.45 3.17 -158.01
C ARG KB 127 -27.87 1.74 -158.33
N ALA KB 128 -29.19 1.51 -158.37
CA ALA KB 128 -29.74 0.17 -158.55
C ALA KB 128 -29.97 -0.11 -160.03
N TYR KB 129 -29.12 -0.92 -160.64
CA TYR KB 129 -29.34 -1.43 -161.99
C TYR KB 129 -29.28 -2.95 -161.95
N GLY KB 130 -30.46 -3.57 -161.88
CA GLY KB 130 -30.56 -5.01 -161.88
C GLY KB 130 -30.18 -5.66 -160.57
N GLY KB 131 -30.95 -5.38 -159.52
CA GLY KB 131 -30.66 -5.95 -158.21
C GLY KB 131 -30.64 -4.90 -157.12
N SER KB 132 -29.51 -4.76 -156.44
CA SER KB 132 -29.34 -3.74 -155.42
C SER KB 132 -28.52 -2.58 -155.96
N LYS KB 133 -28.19 -1.64 -155.08
CA LYS KB 133 -27.45 -0.45 -155.46
C LYS KB 133 -25.96 -0.72 -155.34
N THR KB 134 -25.22 -0.48 -156.43
CA THR KB 134 -23.82 -0.86 -156.52
C THR KB 134 -22.94 0.31 -156.97
N ILE KB 135 -21.68 0.24 -156.59
CA ILE KB 135 -20.62 1.08 -157.15
C ILE KB 135 -19.58 0.16 -157.78
N VAL KB 136 -19.18 0.48 -159.01
CA VAL KB 136 -18.13 -0.27 -159.70
C VAL KB 136 -16.83 0.52 -159.57
N LEU KB 137 -15.75 -0.18 -159.25
CA LEU KB 137 -14.44 0.42 -159.03
C LEU KB 137 -13.44 -0.31 -159.92
N SER KB 138 -13.31 0.12 -161.17
CA SER KB 138 -12.37 -0.50 -162.08
C SER KB 138 -10.95 -0.08 -161.77
N VAL KB 139 -10.06 -1.07 -161.62
CA VAL KB 139 -8.67 -0.83 -161.29
C VAL KB 139 -7.83 -1.13 -162.53
N GLY KB 140 -8.41 -0.89 -163.70
CA GLY KB 140 -7.89 -1.38 -164.95
C GLY KB 140 -9.03 -1.97 -165.75
N GLU KB 141 -8.98 -3.28 -166.00
CA GLU KB 141 -10.13 -3.97 -166.56
C GLU KB 141 -10.93 -4.73 -165.52
N ALA KB 142 -10.32 -5.09 -164.39
CA ALA KB 142 -11.03 -5.77 -163.31
C ALA KB 142 -11.88 -4.79 -162.53
N THR KB 143 -13.15 -5.11 -162.36
CA THR KB 143 -14.11 -4.23 -161.70
C THR KB 143 -14.54 -4.86 -160.38
N ARG KB 144 -14.06 -4.31 -159.28
CA ARG KB 144 -14.44 -4.76 -157.94
C ARG KB 144 -15.74 -4.06 -157.56
N THR KB 145 -16.86 -4.73 -157.80
CA THR KB 145 -18.18 -4.16 -157.59
C THR KB 145 -18.57 -4.29 -156.11
N LEU KB 146 -18.77 -3.17 -155.45
CA LEU KB 146 -19.30 -3.15 -154.09
C LEU KB 146 -20.82 -3.10 -154.14
N THR KB 147 -21.46 -3.80 -153.20
CA THR KB 147 -22.89 -3.78 -153.06
C THR KB 147 -23.26 -3.15 -151.72
N GLU KB 148 -24.34 -2.39 -151.70
CA GLU KB 148 -24.77 -1.73 -150.49
C GLU KB 148 -25.42 -2.72 -149.54
N ILE KB 149 -24.95 -2.76 -148.30
CA ILE KB 149 -25.49 -3.67 -147.31
C ILE KB 149 -26.29 -2.94 -146.23
N GLN KB 150 -26.25 -1.62 -146.17
CA GLN KB 150 -26.89 -0.90 -145.08
C GLN KB 150 -27.20 0.51 -145.54
N SER KB 151 -28.30 1.06 -145.02
CA SER KB 151 -28.68 2.45 -145.27
C SER KB 151 -29.27 2.99 -143.98
N THR KB 152 -28.45 3.71 -143.23
CA THR KB 152 -28.85 4.29 -141.95
C THR KB 152 -29.47 5.66 -142.27
N ALA KB 153 -29.65 6.52 -141.26
CA ALA KB 153 -30.22 7.85 -141.49
C ALA KB 153 -29.32 8.71 -142.38
N ASP KB 154 -28.03 8.76 -142.06
CA ASP KB 154 -27.05 9.45 -142.90
C ASP KB 154 -26.00 8.49 -143.43
N ARG KB 155 -25.60 7.51 -142.63
CA ARG KB 155 -24.58 6.54 -142.99
C ARG KB 155 -25.06 5.63 -144.11
N GLN KB 156 -24.10 5.04 -144.82
CA GLN KB 156 -24.40 4.21 -145.99
C GLN KB 156 -23.21 3.28 -146.19
N ILE KB 157 -23.36 2.02 -145.78
CA ILE KB 157 -22.25 1.08 -145.74
C ILE KB 157 -22.31 0.18 -146.95
N PHE KB 158 -21.25 0.20 -147.75
CA PHE KB 158 -21.07 -0.68 -148.90
C PHE KB 158 -20.05 -1.76 -148.54
N GLU KB 159 -20.09 -2.86 -149.28
CA GLU KB 159 -19.21 -3.99 -149.01
C GLU KB 159 -19.14 -4.89 -150.22
N GLU KB 160 -17.95 -5.41 -150.51
CA GLU KB 160 -17.78 -6.43 -151.53
C GLU KB 160 -18.14 -7.79 -150.95
N LYS KB 161 -18.77 -8.62 -151.78
CA LYS KB 161 -19.38 -9.85 -151.30
C LYS KB 161 -18.56 -11.11 -151.57
N VAL KB 162 -17.50 -11.03 -152.33
CA VAL KB 162 -16.68 -12.21 -152.62
C VAL KB 162 -15.72 -12.46 -151.46
N GLY KB 163 -15.32 -13.72 -151.30
CA GLY KB 163 -14.33 -14.08 -150.32
C GLY KB 163 -14.92 -14.34 -148.95
N PRO KB 164 -14.05 -14.41 -147.94
CA PRO KB 164 -14.53 -14.69 -146.57
C PRO KB 164 -15.19 -13.48 -145.94
N LEU KB 165 -15.82 -13.71 -144.80
CA LEU KB 165 -16.49 -12.66 -144.05
C LEU KB 165 -15.56 -11.85 -143.17
N VAL KB 166 -14.32 -12.30 -143.01
CA VAL KB 166 -13.45 -11.67 -142.02
C VAL KB 166 -12.87 -10.34 -142.52
N GLY KB 167 -12.43 -10.28 -143.77
CA GLY KB 167 -11.89 -9.05 -144.31
C GLY KB 167 -12.41 -8.77 -145.70
N ARG KB 168 -13.12 -7.66 -145.86
CA ARG KB 168 -13.72 -7.31 -147.14
C ARG KB 168 -13.55 -5.81 -147.37
N LEU KB 169 -13.80 -5.38 -148.60
CA LEU KB 169 -13.82 -3.97 -148.91
C LEU KB 169 -15.01 -3.30 -148.24
N ARG KB 170 -14.87 -2.00 -147.97
CA ARG KB 170 -15.88 -1.27 -147.23
C ARG KB 170 -15.96 0.17 -147.73
N LEU KB 171 -17.12 0.78 -147.51
CA LEU KB 171 -17.32 2.21 -147.80
C LEU KB 171 -18.33 2.75 -146.81
N THR KB 172 -17.86 3.52 -145.84
CA THR KB 172 -18.74 4.14 -144.86
C THR KB 172 -18.93 5.59 -145.28
N ALA KB 173 -19.86 5.83 -146.20
CA ALA KB 173 -20.19 7.18 -146.59
C ALA KB 173 -21.06 7.85 -145.54
N SER KB 174 -21.11 9.17 -145.59
CA SER KB 174 -21.92 9.96 -144.67
C SER KB 174 -22.27 11.28 -145.34
N LEU KB 175 -23.18 12.01 -144.70
CA LEU KB 175 -23.62 13.32 -145.18
C LEU KB 175 -24.33 14.00 -144.02
N ARG KB 176 -23.87 15.20 -143.67
CA ARG KB 176 -24.42 15.92 -142.53
C ARG KB 176 -24.65 17.37 -142.91
N GLN KB 177 -25.16 18.15 -141.96
CA GLN KB 177 -25.10 19.60 -142.04
C GLN KB 177 -25.07 20.13 -140.62
N ASN KB 178 -23.94 20.70 -140.22
CA ASN KB 178 -23.74 21.16 -138.86
C ASN KB 178 -24.16 22.61 -138.71
N GLY KB 179 -24.73 22.93 -137.55
CA GLY KB 179 -25.10 24.29 -137.22
C GLY KB 179 -26.44 24.73 -137.77
N ALA KB 180 -26.50 25.94 -138.28
CA ALA KB 180 -27.75 26.50 -138.79
C ALA KB 180 -27.90 26.26 -140.29
N LYS KB 181 -27.74 25.00 -140.72
CA LYS KB 181 -27.90 24.54 -142.10
C LYS KB 181 -27.00 25.30 -143.07
N THR KB 182 -25.79 25.65 -142.64
CA THR KB 182 -24.92 26.50 -143.43
C THR KB 182 -23.78 25.77 -144.12
N ALA KB 183 -23.47 24.54 -143.70
CA ALA KB 183 -22.33 23.82 -144.27
C ALA KB 183 -22.56 22.33 -144.17
N TYR KB 184 -22.43 21.65 -145.31
CA TYR KB 184 -22.54 20.21 -145.35
C TYR KB 184 -21.20 19.58 -145.02
N ARG KB 185 -21.18 18.26 -144.84
CA ARG KB 185 -19.95 17.54 -144.52
C ARG KB 185 -20.06 16.13 -145.06
N VAL KB 186 -19.39 15.87 -146.18
CA VAL KB 186 -19.33 14.52 -146.74
C VAL KB 186 -18.12 13.80 -146.15
N ASN KB 187 -18.26 12.51 -145.90
CA ASN KB 187 -17.21 11.76 -145.21
C ASN KB 187 -17.21 10.33 -145.74
N LEU KB 188 -16.32 10.04 -146.68
CA LEU KB 188 -16.10 8.69 -147.16
C LEU KB 188 -14.96 8.03 -146.40
N LYS KB 189 -14.95 6.70 -146.41
CA LYS KB 189 -13.93 5.94 -145.71
C LYS KB 189 -13.85 4.56 -146.33
N LEU KB 190 -12.70 4.23 -146.92
CA LEU KB 190 -12.50 2.95 -147.60
C LEU KB 190 -11.51 2.13 -146.80
N ASP KB 191 -12.00 1.06 -146.17
CA ASP KB 191 -11.14 0.10 -145.49
C ASP KB 191 -10.69 -0.96 -146.47
N GLN KB 192 -9.50 -1.51 -146.23
CA GLN KB 192 -9.00 -2.63 -147.03
C GLN KB 192 -8.13 -3.48 -146.14
N ALA KB 193 -8.70 -4.56 -145.61
CA ALA KB 193 -7.99 -5.50 -144.77
C ALA KB 193 -7.34 -6.57 -145.64
N ASP KB 194 -6.10 -6.92 -145.30
CA ASP KB 194 -5.34 -7.89 -146.07
C ASP KB 194 -5.55 -9.27 -145.46
N VAL KB 195 -6.34 -10.10 -146.13
CA VAL KB 195 -6.64 -11.44 -145.66
C VAL KB 195 -5.72 -12.41 -146.39
N VAL KB 196 -5.30 -13.46 -145.69
CA VAL KB 196 -4.41 -14.47 -146.26
C VAL KB 196 -4.86 -15.83 -145.74
N ASP KB 197 -4.62 -16.86 -146.54
CA ASP KB 197 -4.97 -18.23 -146.17
C ASP KB 197 -3.74 -19.11 -146.22
N CYS KB 198 -3.57 -19.93 -145.20
CA CYS KB 198 -2.42 -20.82 -145.08
C CYS KB 198 -2.81 -22.26 -145.32
N SER KB 199 -3.86 -22.49 -146.12
CA SER KB 199 -4.40 -23.83 -146.33
C SER KB 199 -3.46 -24.72 -147.13
N THR KB 200 -2.67 -24.16 -148.03
CA THR KB 200 -1.69 -24.97 -148.74
C THR KB 200 -0.46 -25.24 -147.89
N SER KB 201 -0.24 -24.44 -146.86
CA SER KB 201 0.87 -24.62 -145.94
C SER KB 201 0.47 -25.44 -144.72
N VAL KB 202 -0.60 -25.04 -144.03
CA VAL KB 202 -1.12 -25.76 -142.87
C VAL KB 202 -2.51 -26.25 -143.24
N CYS KB 203 -2.72 -27.57 -143.18
CA CYS KB 203 -4.02 -28.13 -143.50
C CYS KB 203 -5.04 -27.78 -142.41
N GLY KB 204 -6.26 -27.48 -142.86
CA GLY KB 204 -7.31 -27.14 -141.94
C GLY KB 204 -7.19 -25.77 -141.32
N GLU KB 205 -6.64 -24.80 -142.05
CA GLU KB 205 -6.40 -23.46 -141.53
C GLU KB 205 -7.36 -22.50 -142.19
N LEU KB 206 -8.06 -21.71 -141.38
CA LEU KB 206 -9.03 -20.75 -141.86
C LEU KB 206 -8.35 -19.40 -142.12
N PRO KB 207 -8.89 -18.59 -143.03
CA PRO KB 207 -8.26 -17.29 -143.32
C PRO KB 207 -8.39 -16.31 -142.16
N LYS KB 208 -7.47 -15.34 -142.13
CA LYS KB 208 -7.44 -14.32 -141.11
C LYS KB 208 -6.81 -13.07 -141.68
N VAL KB 209 -7.00 -11.95 -140.99
CA VAL KB 209 -6.44 -10.67 -141.41
C VAL KB 209 -5.17 -10.40 -140.62
N ARG KB 210 -4.22 -9.70 -141.25
CA ARG KB 210 -2.98 -9.35 -140.59
C ARG KB 210 -2.95 -7.86 -140.24
N TYR KB 211 -3.37 -7.01 -141.17
CA TYR KB 211 -3.46 -5.57 -140.91
C TYR KB 211 -4.66 -5.01 -141.68
N THR KB 212 -4.81 -3.68 -141.60
CA THR KB 212 -5.81 -2.99 -142.40
C THR KB 212 -5.27 -1.60 -142.75
N GLN KB 213 -5.75 -1.06 -143.88
CA GLN KB 213 -5.27 0.21 -144.39
C GLN KB 213 -6.46 1.05 -144.85
N VAL KB 214 -6.56 2.26 -144.32
CA VAL KB 214 -7.73 3.11 -144.49
C VAL KB 214 -7.34 4.33 -145.33
N TRP KB 215 -8.25 4.73 -146.21
CA TRP KB 215 -8.14 6.03 -146.91
C TRP KB 215 -9.46 6.76 -146.67
N SER KB 216 -9.43 7.71 -145.73
CA SER KB 216 -10.62 8.49 -145.42
C SER KB 216 -10.67 9.75 -146.28
N HIS KB 217 -11.86 10.34 -146.33
CA HIS KB 217 -12.07 11.63 -146.98
C HIS KB 217 -12.90 12.50 -146.05
N ASP KB 218 -12.74 13.81 -146.19
CA ASP KB 218 -13.52 14.74 -145.36
C ASP KB 218 -13.75 16.01 -146.19
N VAL KB 219 -14.89 16.06 -146.88
CA VAL KB 219 -15.23 17.17 -147.75
C VAL KB 219 -16.13 18.12 -146.98
N THR KB 220 -15.83 19.41 -147.06
CA THR KB 220 -16.65 20.45 -146.44
C THR KB 220 -17.24 21.30 -147.55
N ILE KB 221 -18.56 21.40 -147.57
CA ILE KB 221 -19.30 22.12 -148.60
C ILE KB 221 -20.21 23.11 -147.92
N VAL KB 222 -20.05 24.38 -148.22
CA VAL KB 222 -20.93 25.40 -147.65
C VAL KB 222 -22.22 25.43 -148.46
N ALA KB 223 -23.29 25.93 -147.84
CA ALA KB 223 -24.62 25.74 -148.39
C ALA KB 223 -24.93 26.69 -149.54
N ASN KB 224 -24.53 27.96 -149.42
CA ASN KB 224 -24.86 28.97 -150.42
C ASN KB 224 -23.78 29.11 -151.49
N SER KB 225 -23.01 28.05 -151.75
CA SER KB 225 -21.93 28.12 -152.72
C SER KB 225 -22.47 28.07 -154.14
N THR KB 226 -21.58 28.37 -155.08
CA THR KB 226 -21.86 28.20 -156.49
C THR KB 226 -21.65 26.75 -156.87
N GLU KB 227 -22.45 26.24 -157.80
CA GLU KB 227 -22.23 24.88 -158.30
C GLU KB 227 -20.94 24.79 -159.09
N ALA KB 228 -20.49 25.89 -159.68
CA ALA KB 228 -19.21 25.90 -160.38
C ALA KB 228 -18.03 25.83 -159.43
N SER KB 229 -18.21 26.18 -158.16
CA SER KB 229 -17.12 26.06 -157.20
C SER KB 229 -17.07 24.69 -156.57
N ARG KB 230 -18.23 24.01 -156.47
CA ARG KB 230 -18.23 22.62 -156.05
C ARG KB 230 -17.68 21.72 -157.15
N LYS KB 231 -17.87 22.10 -158.40
CA LYS KB 231 -17.35 21.31 -159.51
C LYS KB 231 -15.84 21.41 -159.59
N SER KB 232 -15.29 22.62 -159.37
CA SER KB 232 -13.85 22.80 -159.46
C SER KB 232 -13.13 22.20 -158.26
N LEU KB 233 -13.80 22.10 -157.11
CA LEU KB 233 -13.20 21.42 -155.97
C LEU KB 233 -13.12 19.92 -156.21
N TYR KB 234 -14.11 19.34 -156.86
CA TYR KB 234 -14.06 17.93 -157.20
C TYR KB 234 -13.03 17.66 -158.29
N ASP KB 235 -12.97 18.55 -159.29
CA ASP KB 235 -12.04 18.40 -160.40
C ASP KB 235 -10.58 18.55 -159.97
N LEU KB 236 -10.30 19.33 -158.94
CA LEU KB 236 -8.93 19.45 -158.47
C LEU KB 236 -8.54 18.25 -157.63
N THR KB 237 -9.47 17.68 -156.86
CA THR KB 237 -9.16 16.50 -156.07
C THR KB 237 -9.12 15.25 -156.92
N LYS KB 238 -9.95 15.19 -157.98
CA LYS KB 238 -9.85 14.09 -158.93
C LYS KB 238 -8.52 14.12 -159.68
N SER KB 239 -8.00 15.32 -159.94
CA SER KB 239 -6.72 15.46 -160.61
C SER KB 239 -5.55 15.39 -159.64
N LEU KB 240 -5.79 15.56 -158.35
CA LEU KB 240 -4.70 15.45 -157.39
C LEU KB 240 -4.34 13.99 -157.14
N VAL KB 241 -5.35 13.14 -156.93
CA VAL KB 241 -5.12 11.72 -156.68
C VAL KB 241 -4.56 11.03 -157.92
N ALA KB 242 -4.91 11.51 -159.11
CA ALA KB 242 -4.45 10.89 -160.34
C ALA KB 242 -3.00 11.24 -160.67
N THR KB 243 -2.35 12.12 -159.92
CA THR KB 243 -0.96 12.46 -160.21
C THR KB 243 -0.03 11.36 -159.72
N SER KB 244 1.21 11.39 -160.25
CA SER KB 244 2.22 10.43 -159.86
C SER KB 244 2.98 10.87 -158.61
N GLN KB 245 2.70 12.05 -158.08
CA GLN KB 245 3.34 12.48 -156.85
C GLN KB 245 2.61 11.94 -155.63
N VAL KB 246 1.28 11.90 -155.69
CA VAL KB 246 0.49 11.30 -154.62
C VAL KB 246 0.52 9.78 -154.71
N GLU KB 247 0.83 9.24 -155.89
CA GLU KB 247 1.01 7.80 -156.02
C GLU KB 247 2.23 7.34 -155.23
N ASP KB 248 3.36 8.02 -155.39
CA ASP KB 248 4.56 7.67 -154.64
C ASP KB 248 4.50 8.10 -153.18
N LEU KB 249 3.58 9.00 -152.83
CA LEU KB 249 3.47 9.42 -151.44
C LEU KB 249 2.81 8.35 -150.58
N VAL KB 250 1.90 7.57 -151.15
CA VAL KB 250 1.23 6.54 -150.37
C VAL KB 250 1.83 5.17 -150.61
N VAL KB 251 2.56 4.99 -151.72
CA VAL KB 251 3.20 3.70 -151.99
C VAL KB 251 4.61 3.68 -151.41
N ASN KB 252 5.41 4.69 -151.71
CA ASN KB 252 6.82 4.70 -151.32
C ASN KB 252 7.17 5.80 -150.32
N LEU KB 253 6.19 6.56 -149.83
CA LEU KB 253 6.35 7.64 -148.84
C LEU KB 253 7.28 8.75 -149.32
N VAL KB 254 7.36 8.97 -150.63
CA VAL KB 254 8.15 10.07 -151.19
C VAL KB 254 7.36 11.36 -151.01
N PRO KB 255 7.93 12.42 -150.43
CA PRO KB 255 7.17 13.66 -150.23
C PRO KB 255 6.87 14.37 -151.54
N LEU KB 256 5.91 15.29 -151.47
CA LEU KB 256 5.43 15.98 -152.64
C LEU KB 256 6.40 17.09 -153.05
N GLY KB 257 6.31 17.49 -154.31
CA GLY KB 257 7.12 18.59 -154.81
C GLY KB 257 8.27 18.14 -155.69
N ARG KB 258 8.24 18.55 -156.95
CA ARG KB 258 9.30 18.22 -157.89
C ARG KB 258 9.76 19.45 -158.66
N SER LB 1 9.13 73.89 -142.36
CA SER LB 1 10.24 74.11 -141.44
C SER LB 1 11.29 73.02 -141.57
N LYS LB 2 11.16 71.98 -140.76
CA LYS LB 2 12.09 70.86 -140.74
C LYS LB 2 11.50 69.72 -141.56
N THR LB 3 12.21 69.35 -142.64
CA THR LB 3 11.66 68.45 -143.64
C THR LB 3 12.62 67.33 -143.99
N ILE LB 4 12.05 66.20 -144.39
CA ILE LB 4 12.75 65.14 -145.11
C ILE LB 4 12.09 64.98 -146.46
N VAL LB 5 12.90 64.93 -147.52
CA VAL LB 5 12.41 64.80 -148.87
C VAL LB 5 12.69 63.39 -149.36
N LEU LB 6 11.64 62.65 -149.70
CA LEU LB 6 11.75 61.27 -150.17
C LEU LB 6 11.47 61.26 -151.67
N SER LB 7 12.52 61.18 -152.48
CA SER LB 7 12.37 61.14 -153.92
C SER LB 7 12.04 59.73 -154.38
N VAL LB 8 10.94 59.58 -155.12
CA VAL LB 8 10.43 58.28 -155.53
C VAL LB 8 10.61 58.22 -157.05
N GLY LB 9 11.68 58.84 -157.53
CA GLY LB 9 11.89 59.00 -158.95
C GLY LB 9 12.05 60.47 -159.26
N GLU LB 10 11.06 61.04 -159.97
CA GLU LB 10 10.99 62.48 -160.14
C GLU LB 10 9.98 63.14 -159.21
N ALA LB 11 9.07 62.37 -158.61
CA ALA LB 11 8.11 62.91 -157.66
C ALA LB 11 8.70 62.85 -156.25
N THR LB 12 8.63 63.96 -155.54
CA THR LB 12 9.17 64.07 -154.19
C THR LB 12 8.01 64.24 -153.20
N ARG LB 13 8.02 63.44 -152.14
CA ARG LB 13 7.00 63.50 -151.09
C ARG LB 13 7.65 64.11 -149.86
N THR LB 14 7.40 65.40 -149.64
CA THR LB 14 8.06 66.15 -148.59
C THR LB 14 7.28 66.02 -147.29
N LEU LB 15 7.85 65.35 -146.30
CA LEU LB 15 7.27 65.28 -144.97
C LEU LB 15 7.76 66.46 -144.15
N THR LB 16 6.91 66.92 -143.23
CA THR LB 16 7.27 68.01 -142.34
C THR LB 16 7.12 67.55 -140.90
N GLU LB 17 7.93 68.13 -140.02
CA GLU LB 17 7.91 67.76 -138.61
C GLU LB 17 6.71 68.40 -137.92
N ILE LB 18 5.96 67.60 -137.17
CA ILE LB 18 4.76 68.07 -136.48
C ILE LB 18 4.87 67.97 -134.96
N GLN LB 19 5.85 67.23 -134.43
CA GLN LB 19 5.94 67.00 -133.00
C GLN LB 19 7.37 66.63 -132.67
N SER LB 20 7.87 67.14 -131.54
CA SER LB 20 9.26 66.88 -131.15
C SER LB 20 9.31 66.78 -129.63
N THR LB 21 9.47 65.56 -129.14
CA THR LB 21 9.66 65.31 -127.71
C THR LB 21 11.18 65.35 -127.48
N ALA LB 22 11.66 64.86 -126.33
CA ALA LB 22 13.10 64.79 -126.07
C ALA LB 22 13.79 63.86 -127.06
N ASP LB 23 13.30 62.64 -127.21
CA ASP LB 23 13.85 61.67 -128.15
C ASP LB 23 12.94 61.40 -129.33
N ARG LB 24 11.64 61.23 -129.10
CA ARG LB 24 10.72 60.91 -130.18
C ARG LB 24 10.48 62.14 -131.05
N GLN LB 25 10.29 61.90 -132.35
CA GLN LB 25 10.28 62.99 -133.32
C GLN LB 25 9.41 62.54 -134.50
N ILE LB 26 8.22 63.13 -134.63
CA ILE LB 26 7.20 62.67 -135.56
C ILE LB 26 7.14 63.61 -136.76
N PHE LB 27 7.29 63.05 -137.96
CA PHE LB 27 7.13 63.77 -139.21
C PHE LB 27 5.79 63.38 -139.83
N GLU LB 28 5.33 64.21 -140.77
CA GLU LB 28 4.06 63.97 -141.44
C GLU LB 28 4.04 64.73 -142.75
N GLU LB 29 3.29 64.20 -143.72
CA GLU LB 29 3.10 64.88 -144.99
C GLU LB 29 1.81 65.68 -144.96
N LYS LB 30 1.93 66.97 -145.26
CA LYS LB 30 0.81 67.90 -145.11
C LYS LB 30 -0.05 68.05 -146.35
N VAL LB 31 -0.13 67.02 -147.19
CA VAL LB 31 -0.92 67.11 -148.41
C VAL LB 31 -2.14 66.21 -148.31
N GLY LB 32 -3.31 66.80 -148.50
CA GLY LB 32 -4.55 66.03 -148.57
C GLY LB 32 -5.39 66.14 -147.32
N PRO LB 33 -6.31 65.19 -147.14
CA PRO LB 33 -7.15 65.18 -145.93
C PRO LB 33 -6.39 64.87 -144.66
N LEU LB 34 -7.06 64.98 -143.52
CA LEU LB 34 -6.42 64.84 -142.22
C LEU LB 34 -6.40 63.42 -141.69
N VAL LB 35 -7.16 62.51 -142.27
CA VAL LB 35 -7.37 61.20 -141.66
C VAL LB 35 -6.19 60.25 -141.92
N GLY LB 36 -5.67 60.19 -143.13
CA GLY LB 36 -4.57 59.28 -143.41
C GLY LB 36 -3.44 59.97 -144.14
N ARG LB 37 -2.28 60.06 -143.49
CA ARG LB 37 -1.12 60.72 -144.07
C ARG LB 37 0.11 59.85 -143.82
N LEU LB 38 1.17 60.16 -144.56
CA LEU LB 38 2.47 59.54 -144.29
C LEU LB 38 2.96 59.95 -142.91
N ARG LB 39 3.58 59.01 -142.22
CA ARG LB 39 4.04 59.22 -140.87
C ARG LB 39 5.44 58.65 -140.74
N LEU LB 40 6.28 59.32 -139.95
CA LEU LB 40 7.65 58.86 -139.77
C LEU LB 40 8.05 59.21 -138.35
N THR LB 41 8.17 58.19 -137.51
CA THR LB 41 8.42 58.37 -136.08
C THR LB 41 9.85 57.94 -135.78
N ALA LB 42 10.77 58.88 -135.87
CA ALA LB 42 12.15 58.62 -135.48
C ALA LB 42 12.29 58.61 -133.97
N SER LB 43 13.39 58.02 -133.50
CA SER LB 43 13.67 57.94 -132.08
C SER LB 43 15.17 57.71 -131.91
N LEU LB 44 15.66 57.95 -130.69
CA LEU LB 44 17.05 57.70 -130.35
C LEU LB 44 17.15 57.60 -128.84
N ARG LB 45 17.63 56.47 -128.35
CA ARG LB 45 17.76 56.23 -126.91
C ARG LB 45 19.20 55.80 -126.63
N GLN LB 46 19.46 55.46 -125.37
CA GLN LB 46 20.67 54.71 -125.01
C GLN LB 46 20.33 53.85 -123.79
N ASN LB 47 20.36 52.54 -123.99
CA ASN LB 47 19.92 51.60 -122.96
C ASN LB 47 21.10 51.14 -122.12
N GLY LB 48 20.83 50.90 -120.84
CA GLY LB 48 21.82 50.36 -119.94
C GLY LB 48 22.75 51.39 -119.33
N ALA LB 49 24.03 51.05 -119.25
CA ALA LB 49 25.01 51.93 -118.63
C ALA LB 49 25.70 52.80 -119.68
N LYS LB 50 24.87 53.49 -120.47
CA LYS LB 50 25.29 54.51 -121.45
C LYS LB 50 26.23 53.95 -122.51
N THR LB 51 26.07 52.67 -122.87
CA THR LB 51 27.03 52.01 -123.73
C THR LB 51 26.51 51.68 -125.12
N ALA LB 52 25.21 51.70 -125.35
CA ALA LB 52 24.65 51.29 -126.63
C ALA LB 52 23.44 52.15 -126.95
N TYR LB 53 23.48 52.82 -128.10
CA TYR LB 53 22.36 53.62 -128.57
C TYR LB 53 21.36 52.74 -129.31
N ARG LB 54 20.20 53.30 -129.62
CA ARG LB 54 19.13 52.55 -130.26
C ARG LB 54 18.30 53.50 -131.11
N VAL LB 55 18.53 53.48 -132.41
CA VAL LB 55 17.72 54.23 -133.36
C VAL LB 55 16.50 53.39 -133.72
N ASN LB 56 15.36 54.04 -133.93
CA ASN LB 56 14.10 53.33 -134.15
C ASN LB 56 13.24 54.18 -135.08
N LEU LB 57 13.32 53.90 -136.37
CA LEU LB 57 12.46 54.54 -137.35
C LEU LB 57 11.21 53.69 -137.59
N LYS LB 58 10.15 54.34 -138.08
CA LYS LB 58 8.89 53.66 -138.33
C LYS LB 58 8.11 54.50 -139.35
N LEU LB 59 7.95 53.97 -140.54
CA LEU LB 59 7.26 54.68 -141.62
C LEU LB 59 5.88 54.05 -141.80
N ASP LB 60 4.85 54.76 -141.38
CA ASP LB 60 3.48 54.31 -141.59
C ASP LB 60 3.00 54.74 -142.97
N GLN LB 61 2.02 54.02 -143.49
CA GLN LB 61 1.38 54.41 -144.74
C GLN LB 61 -0.05 53.89 -144.73
N ALA LB 62 -1.01 54.79 -144.65
CA ALA LB 62 -2.42 54.44 -144.66
C ALA LB 62 -2.97 54.57 -146.06
N ASP LB 63 -3.85 53.65 -146.44
CA ASP LB 63 -4.48 53.67 -147.75
C ASP LB 63 -5.86 54.30 -147.61
N VAL LB 64 -5.92 55.60 -147.77
CA VAL LB 64 -7.16 56.35 -147.65
C VAL LB 64 -7.88 56.33 -148.99
N VAL LB 65 -9.21 56.34 -148.95
CA VAL LB 65 -10.03 56.36 -150.16
C VAL LB 65 -11.20 57.29 -149.92
N ASP LB 66 -11.51 58.12 -150.92
CA ASP LB 66 -12.59 59.10 -150.83
C ASP LB 66 -13.69 58.68 -151.79
N CYS LB 67 -14.79 58.17 -151.24
CA CYS LB 67 -15.90 57.66 -152.04
C CYS LB 67 -17.11 58.58 -151.89
N SER LB 68 -16.86 59.88 -151.78
CA SER LB 68 -17.95 60.84 -151.62
C SER LB 68 -18.73 61.06 -152.91
N THR LB 69 -18.14 60.78 -154.06
CA THR LB 69 -18.81 61.04 -155.33
C THR LB 69 -19.65 59.85 -155.77
N SER LB 70 -19.17 58.64 -155.52
CA SER LB 70 -19.89 57.45 -155.98
C SER LB 70 -21.10 57.16 -155.10
N VAL LB 71 -20.87 56.89 -153.81
CA VAL LB 71 -21.94 56.76 -152.85
C VAL LB 71 -22.09 58.12 -152.17
N CYS LB 72 -23.33 58.57 -152.00
CA CYS LB 72 -23.58 59.91 -151.52
C CYS LB 72 -23.48 59.95 -149.99
N GLY LB 73 -22.79 60.97 -149.49
CA GLY LB 73 -22.85 61.29 -148.09
C GLY LB 73 -21.91 60.55 -147.16
N GLU LB 74 -20.74 60.15 -147.64
CA GLU LB 74 -19.77 59.52 -146.76
C GLU LB 74 -18.40 60.17 -146.93
N LEU LB 75 -17.55 59.95 -145.94
CA LEU LB 75 -16.30 60.68 -145.73
C LEU LB 75 -15.12 59.81 -146.12
N PRO LB 76 -13.93 60.38 -146.32
CA PRO LB 76 -12.74 59.54 -146.55
C PRO LB 76 -12.38 58.73 -145.32
N LYS LB 77 -11.87 57.52 -145.56
CA LYS LB 77 -11.63 56.56 -144.50
C LYS LB 77 -10.37 55.78 -144.82
N VAL LB 78 -9.75 55.23 -143.78
CA VAL LB 78 -8.52 54.46 -143.93
C VAL LB 78 -8.90 52.99 -144.06
N ARG LB 79 -8.51 52.38 -145.18
CA ARG LB 79 -8.72 50.95 -145.37
C ARG LB 79 -7.80 50.14 -144.48
N TYR LB 80 -6.49 50.33 -144.64
CA TYR LB 80 -5.47 49.58 -143.91
C TYR LB 80 -4.23 50.45 -143.75
N THR LB 81 -3.32 49.99 -142.91
CA THR LB 81 -2.01 50.62 -142.75
C THR LB 81 -0.93 49.58 -142.92
N GLN LB 82 0.16 49.96 -143.60
CA GLN LB 82 1.31 49.11 -143.79
C GLN LB 82 2.55 49.85 -143.31
N VAL LB 83 3.28 49.26 -142.38
CA VAL LB 83 4.42 49.91 -141.76
C VAL LB 83 5.71 49.26 -142.27
N TRP LB 84 6.83 49.95 -142.04
CA TRP LB 84 8.16 49.38 -142.25
C TRP LB 84 9.04 49.98 -141.16
N SER LB 85 9.19 49.26 -140.05
CA SER LB 85 9.99 49.74 -138.94
C SER LB 85 11.46 49.43 -139.16
N HIS LB 86 12.31 50.13 -138.41
CA HIS LB 86 13.73 49.83 -138.35
C HIS LB 86 14.14 49.84 -136.89
N ASP LB 87 15.20 49.11 -136.56
CA ASP LB 87 15.70 49.06 -135.18
C ASP LB 87 17.21 48.85 -135.26
N VAL LB 88 17.95 49.94 -135.21
CA VAL LB 88 19.41 49.90 -135.29
C VAL LB 88 19.97 49.91 -133.88
N THR LB 89 20.92 49.02 -133.63
CA THR LB 89 21.64 48.98 -132.37
C THR LB 89 23.08 49.41 -132.61
N ILE LB 90 23.49 50.50 -131.99
CA ILE LB 90 24.81 51.07 -132.17
C ILE LB 90 25.48 51.15 -130.80
N VAL LB 91 26.63 50.51 -130.66
CA VAL LB 91 27.41 50.61 -129.43
C VAL LB 91 28.25 51.87 -129.48
N ALA LB 92 28.47 52.46 -128.30
CA ALA LB 92 28.94 53.84 -128.22
C ALA LB 92 30.41 53.99 -128.60
N ASN LB 93 31.25 53.00 -128.25
CA ASN LB 93 32.68 53.09 -128.49
C ASN LB 93 33.10 52.50 -129.83
N SER LB 94 32.22 52.55 -130.83
CA SER LB 94 32.53 52.03 -132.15
C SER LB 94 33.55 52.91 -132.87
N THR LB 95 34.07 52.39 -133.98
CA THR LB 95 34.75 53.21 -134.94
C THR LB 95 33.74 53.67 -135.99
N GLU LB 96 34.11 54.72 -136.74
CA GLU LB 96 33.18 55.28 -137.69
C GLU LB 96 32.98 54.36 -138.90
N ALA LB 97 33.99 53.58 -139.26
CA ALA LB 97 33.85 52.65 -140.36
C ALA LB 97 32.95 51.47 -140.00
N SER LB 98 32.77 51.19 -138.71
CA SER LB 98 31.82 50.15 -138.32
C SER LB 98 30.39 50.61 -138.53
N ARG LB 99 30.10 51.88 -138.21
CA ARG LB 99 28.77 52.43 -138.42
C ARG LB 99 28.50 52.76 -139.88
N LYS LB 100 29.52 53.16 -140.64
CA LYS LB 100 29.33 53.50 -142.03
C LYS LB 100 29.10 52.26 -142.88
N SER LB 101 29.82 51.17 -142.58
CA SER LB 101 29.67 49.95 -143.38
C SER LB 101 28.37 49.24 -143.07
N LEU LB 102 27.88 49.36 -141.82
CA LEU LB 102 26.58 48.79 -141.50
C LEU LB 102 25.46 49.54 -142.20
N TYR LB 103 25.59 50.87 -142.33
CA TYR LB 103 24.63 51.63 -143.12
C TYR LB 103 24.77 51.32 -144.60
N ASP LB 104 26.00 51.16 -145.09
CA ASP LB 104 26.24 50.92 -146.51
C ASP LB 104 25.75 49.55 -146.95
N LEU LB 105 25.67 48.58 -146.03
CA LEU LB 105 25.12 47.28 -146.38
C LEU LB 105 23.61 47.30 -146.38
N THR LB 106 23.00 47.98 -145.40
CA THR LB 106 21.55 48.03 -145.31
C THR LB 106 20.96 48.92 -146.40
N LYS LB 107 21.71 49.95 -146.82
CA LYS LB 107 21.29 50.75 -147.97
C LYS LB 107 21.30 49.91 -149.24
N SER LB 108 22.25 48.99 -149.36
CA SER LB 108 22.31 48.11 -150.50
C SER LB 108 21.46 46.86 -150.35
N LEU LB 109 21.09 46.50 -149.12
CA LEU LB 109 20.18 45.38 -148.93
C LEU LB 109 18.79 45.73 -149.41
N VAL LB 110 18.29 46.91 -149.04
CA VAL LB 110 16.95 47.32 -149.43
C VAL LB 110 16.90 47.61 -150.93
N ALA LB 111 17.97 48.14 -151.51
CA ALA LB 111 17.97 48.54 -152.90
C ALA LB 111 18.09 47.39 -153.88
N THR LB 112 18.22 46.14 -153.41
CA THR LB 112 18.32 45.02 -154.33
C THR LB 112 16.93 44.56 -154.76
N SER LB 113 16.90 43.75 -155.82
CA SER LB 113 15.65 43.28 -156.38
C SER LB 113 15.15 42.01 -155.72
N GLN LB 114 15.83 41.49 -154.71
CA GLN LB 114 15.33 40.33 -154.01
C GLN LB 114 14.49 40.70 -152.80
N VAL LB 115 14.79 41.83 -152.16
CA VAL LB 115 13.96 42.33 -151.08
C VAL LB 115 12.75 43.07 -151.64
N GLU LB 116 12.84 43.51 -152.90
CA GLU LB 116 11.67 44.09 -153.56
C GLU LB 116 10.58 43.04 -153.75
N ASP LB 117 10.95 41.87 -154.25
CA ASP LB 117 9.97 40.80 -154.43
C ASP LB 117 9.53 40.18 -153.11
N LEU LB 118 10.25 40.42 -152.02
CA LEU LB 118 9.89 39.86 -150.74
C LEU LB 118 8.74 40.63 -150.07
N VAL LB 119 8.65 41.94 -150.31
CA VAL LB 119 7.63 42.73 -149.64
C VAL LB 119 6.51 43.08 -150.61
N VAL LB 120 6.76 42.91 -151.91
CA VAL LB 120 5.70 43.18 -152.89
C VAL LB 120 5.01 41.89 -153.29
N ASN LB 121 5.78 40.86 -153.64
CA ASN LB 121 5.24 39.62 -154.15
C ASN LB 121 5.43 38.44 -153.20
N LEU LB 122 5.99 38.68 -152.02
CA LEU LB 122 6.12 37.73 -150.92
C LEU LB 122 6.98 36.51 -151.28
N VAL LB 123 7.92 36.68 -152.19
CA VAL LB 123 8.83 35.59 -152.57
C VAL LB 123 10.04 35.61 -151.64
N PRO LB 124 10.47 34.47 -151.11
CA PRO LB 124 11.60 34.46 -150.18
C PRO LB 124 12.92 34.80 -150.87
N LEU LB 125 13.93 35.06 -150.02
CA LEU LB 125 15.21 35.56 -150.49
C LEU LB 125 16.08 34.42 -151.02
N GLY LB 126 17.10 34.80 -151.79
CA GLY LB 126 18.05 33.84 -152.31
C GLY LB 126 17.69 33.31 -153.68
N ARG LB 127 18.59 33.47 -154.64
CA ARG LB 127 18.42 32.95 -155.99
C ARG LB 127 19.70 32.26 -156.41
N ALA LB 128 19.58 31.01 -156.87
CA ALA LB 128 20.72 30.17 -157.18
C ALA LB 128 21.18 30.42 -158.62
N TYR LB 129 22.41 30.91 -158.78
CA TYR LB 129 23.05 31.02 -160.09
C TYR LB 129 24.43 30.36 -159.97
N GLY LB 130 24.49 29.08 -160.33
CA GLY LB 130 25.74 28.34 -160.32
C GLY LB 130 26.22 27.99 -158.93
N GLY LB 131 25.49 27.13 -158.23
CA GLY LB 131 25.86 26.74 -156.89
C GLY LB 131 24.69 26.78 -155.93
N SER LB 132 24.79 27.61 -154.90
CA SER LB 132 23.71 27.78 -153.94
C SER LB 132 23.04 29.14 -154.14
N LYS LB 133 22.08 29.44 -153.26
CA LYS LB 133 21.30 30.67 -153.37
C LYS LB 133 22.03 31.80 -152.64
N THR LB 134 22.25 32.91 -153.34
CA THR LB 134 23.07 34.00 -152.85
C THR LB 134 22.37 35.34 -152.99
N ILE LB 135 22.74 36.27 -152.10
CA ILE LB 135 22.42 37.68 -152.25
C ILE LB 135 23.73 38.43 -152.37
N VAL LB 136 23.84 39.28 -153.39
CA VAL LB 136 25.01 40.13 -153.56
C VAL LB 136 24.68 41.51 -153.02
N LEU LB 137 25.62 42.11 -152.30
CA LEU LB 137 25.43 43.42 -151.66
C LEU LB 137 26.57 44.32 -152.13
N SER LB 138 26.30 45.12 -153.16
CA SER LB 138 27.30 46.02 -153.70
C SER LB 138 27.47 47.23 -152.80
N VAL LB 139 28.71 47.50 -152.42
CA VAL LB 139 29.04 48.59 -151.51
C VAL LB 139 29.84 49.57 -152.36
N GLY LB 140 29.43 49.68 -153.63
CA GLY LB 140 30.21 50.36 -154.63
C GLY LB 140 30.56 49.38 -155.73
N GLU LB 141 31.83 49.00 -155.82
CA GLU LB 141 32.22 47.90 -156.68
C GLU LB 141 32.52 46.62 -155.91
N ALA LB 142 32.79 46.73 -154.61
CA ALA LB 142 33.02 45.55 -153.78
C ALA LB 142 31.69 44.88 -153.44
N THR LB 143 31.54 43.62 -153.83
CA THR LB 143 30.30 42.88 -153.64
C THR LB 143 30.52 41.82 -152.58
N ARG LB 144 29.94 42.04 -151.40
CA ARG LB 144 30.02 41.07 -150.30
C ARG LB 144 28.88 40.07 -150.49
N THR LB 145 29.21 38.92 -151.07
CA THR LB 145 28.20 37.92 -151.44
C THR LB 145 27.94 37.01 -150.25
N LEU LB 146 26.71 37.04 -149.74
CA LEU LB 146 26.28 36.11 -148.71
C LEU LB 146 25.72 34.86 -149.36
N THR LB 147 25.93 33.71 -148.71
CA THR LB 147 25.40 32.44 -149.17
C THR LB 147 24.44 31.89 -148.14
N GLU LB 148 23.36 31.27 -148.61
CA GLU LB 148 22.36 30.72 -147.71
C GLU LB 148 22.89 29.45 -147.05
N ILE LB 149 22.86 29.43 -145.73
CA ILE LB 149 23.33 28.28 -144.97
C ILE LB 149 22.20 27.51 -144.30
N GLN LB 150 20.98 28.03 -144.31
CA GLN LB 150 19.89 27.37 -143.59
C GLN LB 150 18.58 27.77 -144.23
N SER LB 151 17.61 26.87 -144.18
CA SER LB 151 16.25 27.12 -144.67
C SER LB 151 15.30 26.37 -143.73
N THR LB 152 14.77 27.09 -142.76
CA THR LB 152 13.87 26.51 -141.76
C THR LB 152 12.45 26.62 -142.37
N ALA LB 153 11.40 26.43 -141.56
CA ALA LB 153 10.03 26.53 -142.07
C ALA LB 153 9.70 27.94 -142.52
N ASP LB 154 10.02 28.94 -141.71
CA ASP LB 154 9.86 30.34 -142.10
C ASP LB 154 11.19 31.07 -142.15
N ARG LB 155 12.10 30.75 -141.22
CA ARG LB 155 13.39 31.41 -141.11
C ARG LB 155 14.29 31.05 -142.30
N GLN LB 156 15.28 31.91 -142.54
CA GLN LB 156 16.17 31.74 -143.68
C GLN LB 156 17.46 32.48 -143.35
N ILE LB 157 18.49 31.75 -142.95
CA ILE LB 157 19.73 32.34 -142.46
C ILE LB 157 20.76 32.36 -143.57
N PHE LB 158 21.24 33.55 -143.90
CA PHE LB 158 22.31 33.75 -144.86
C PHE LB 158 23.58 34.10 -144.10
N GLU LB 159 24.72 33.86 -144.73
CA GLU LB 159 26.00 34.10 -144.08
C GLU LB 159 27.10 34.26 -145.12
N GLU LB 160 27.99 35.21 -144.89
CA GLU LB 160 29.20 35.31 -145.69
C GLU LB 160 30.22 34.29 -145.22
N LYS LB 161 30.93 33.69 -146.17
CA LYS LB 161 31.78 32.54 -145.88
C LYS LB 161 33.26 32.85 -145.86
N VAL LB 162 33.68 34.09 -146.07
CA VAL LB 162 35.09 34.43 -145.98
C VAL LB 162 35.42 34.82 -144.54
N GLY LB 163 36.67 34.56 -144.15
CA GLY LB 163 37.14 34.97 -142.85
C GLY LB 163 36.94 33.91 -141.78
N PRO LB 164 37.13 34.29 -140.52
CA PRO LB 164 37.00 33.32 -139.43
C PRO LB 164 35.54 32.98 -139.15
N LEU LB 165 35.36 31.92 -138.36
CA LEU LB 165 34.04 31.44 -137.99
C LEU LB 165 33.38 32.28 -136.91
N VAL LB 166 34.13 33.12 -136.21
CA VAL LB 166 33.59 33.80 -135.04
C VAL LB 166 32.71 34.99 -135.43
N GLY LB 167 33.18 35.88 -136.29
CA GLY LB 167 32.39 37.03 -136.68
C GLY LB 167 32.17 37.09 -138.17
N ARG LB 168 30.93 36.92 -138.59
CA ARG LB 168 30.58 36.92 -140.01
C ARG LB 168 29.28 37.69 -140.19
N LEU LB 169 29.05 38.13 -141.43
CA LEU LB 169 27.79 38.75 -141.78
C LEU LB 169 26.66 37.74 -141.69
N ARG LB 170 25.52 38.19 -141.16
CA ARG LB 170 24.37 37.32 -141.00
C ARG LB 170 23.14 38.02 -141.56
N LEU LB 171 22.14 37.22 -141.92
CA LEU LB 171 20.88 37.76 -142.43
C LEU LB 171 19.80 36.73 -142.12
N THR LB 172 19.03 36.97 -141.08
CA THR LB 172 17.97 36.05 -140.67
C THR LB 172 16.65 36.61 -141.17
N ALA LB 173 16.32 36.32 -142.43
CA ALA LB 173 15.03 36.70 -142.99
C ALA LB 173 13.93 35.82 -142.40
N SER LB 174 12.69 36.29 -142.54
CA SER LB 174 11.55 35.58 -141.99
C SER LB 174 10.30 36.01 -142.74
N LEU LB 175 9.22 35.25 -142.53
CA LEU LB 175 7.94 35.52 -143.17
C LEU LB 175 6.87 34.75 -142.40
N ARG LB 176 5.85 35.46 -141.94
CA ARG LB 176 4.77 34.84 -141.18
C ARG LB 176 3.43 35.34 -141.71
N GLN LB 177 2.35 34.84 -141.13
CA GLN LB 177 1.04 35.47 -141.27
C GLN LB 177 0.28 35.21 -139.97
N ASN LB 178 -0.11 36.29 -139.31
CA ASN LB 178 -0.68 36.21 -137.97
C ASN LB 178 -2.19 36.06 -138.03
N GLY LB 179 -2.74 35.33 -137.06
CA GLY LB 179 -4.17 35.24 -136.84
C GLY LB 179 -4.92 34.51 -137.93
N ALA LB 180 -6.01 35.13 -138.41
CA ALA LB 180 -6.85 34.52 -139.43
C ALA LB 180 -6.46 34.94 -140.84
N LYS LB 181 -5.16 34.78 -141.16
CA LYS LB 181 -4.59 34.99 -142.49
C LYS LB 181 -4.84 36.38 -143.04
N THR LB 182 -4.79 37.39 -142.17
CA THR LB 182 -5.16 38.75 -142.57
C THR LB 182 -3.97 39.68 -142.78
N ALA LB 183 -2.79 39.34 -142.27
CA ALA LB 183 -1.65 40.23 -142.38
C ALA LB 183 -0.37 39.43 -142.29
N TYR LB 184 0.55 39.69 -143.23
CA TYR LB 184 1.86 39.07 -143.20
C TYR LB 184 2.81 39.90 -142.35
N ARG LB 185 4.02 39.38 -142.14
CA ARG LB 185 5.01 40.08 -141.33
C ARG LB 185 6.40 39.64 -141.77
N VAL LB 186 7.07 40.48 -142.55
CA VAL LB 186 8.44 40.24 -142.95
C VAL LB 186 9.37 40.78 -141.87
N ASN LB 187 10.50 40.10 -141.65
CA ASN LB 187 11.40 40.47 -140.56
C ASN LB 187 12.82 40.12 -140.97
N LEU LB 188 13.56 41.11 -141.47
CA LEU LB 188 14.98 40.95 -141.74
C LEU LB 188 15.81 41.42 -140.55
N LYS LB 189 17.06 40.97 -140.51
CA LYS LB 189 17.96 41.32 -139.42
C LYS LB 189 19.38 41.07 -139.89
N LEU LB 190 20.18 42.14 -139.96
CA LEU LB 190 21.56 42.06 -140.46
C LEU LB 190 22.51 42.38 -139.32
N ASP LB 191 23.22 41.37 -138.83
CA ASP LB 191 24.25 41.56 -137.81
C ASP LB 191 25.59 41.78 -138.47
N GLN LB 192 26.44 42.56 -137.80
CA GLN LB 192 27.79 42.82 -138.29
C GLN LB 192 28.72 42.92 -137.10
N ALA LB 193 29.38 41.81 -136.77
CA ALA LB 193 30.32 41.76 -135.66
C ALA LB 193 31.68 42.26 -136.14
N ASP LB 194 32.32 43.08 -135.32
CA ASP LB 194 33.61 43.67 -135.67
C ASP LB 194 34.71 42.79 -135.08
N VAL LB 195 35.35 42.00 -135.94
CA VAL LB 195 36.38 41.07 -135.52
C VAL LB 195 37.74 41.68 -135.83
N VAL LB 196 38.68 41.51 -134.91
CA VAL LB 196 40.03 42.05 -135.05
C VAL LB 196 41.03 40.95 -134.73
N ASP LB 197 42.19 41.01 -135.38
CA ASP LB 197 43.25 40.04 -135.15
C ASP LB 197 44.49 40.75 -134.63
N CYS LB 198 45.06 40.21 -133.56
CA CYS LB 198 46.24 40.79 -132.92
C CYS LB 198 47.49 39.96 -133.21
N SER LB 199 47.51 39.26 -134.34
CA SER LB 199 48.61 38.37 -134.67
C SER LB 199 49.89 39.11 -135.00
N THR LB 200 49.79 40.34 -135.51
CA THR LB 200 50.98 41.15 -135.75
C THR LB 200 51.57 41.65 -134.43
N SER LB 201 50.71 41.94 -133.46
CA SER LB 201 51.13 42.44 -132.16
C SER LB 201 51.53 41.33 -131.19
N VAL LB 202 50.65 40.37 -130.97
CA VAL LB 202 50.86 39.32 -129.97
C VAL LB 202 50.90 37.98 -130.70
N CYS LB 203 51.85 37.13 -130.32
CA CYS LB 203 51.95 35.79 -130.89
C CYS LB 203 50.76 34.93 -130.54
N GLY LB 204 50.35 34.09 -131.49
CA GLY LB 204 49.36 33.06 -131.24
C GLY LB 204 47.97 33.55 -130.94
N GLU LB 205 47.63 34.77 -131.37
CA GLU LB 205 46.35 35.38 -131.05
C GLU LB 205 45.38 35.05 -132.18
N LEU LB 206 44.35 34.28 -131.86
CA LEU LB 206 43.29 34.00 -132.80
C LEU LB 206 42.30 35.17 -132.78
N PRO LB 207 41.61 35.43 -133.91
CA PRO LB 207 40.72 36.59 -133.97
C PRO LB 207 39.50 36.44 -133.07
N LYS LB 208 39.00 37.58 -132.61
CA LYS LB 208 37.87 37.64 -131.70
C LYS LB 208 37.07 38.90 -132.00
N VAL LB 209 35.83 38.93 -131.52
CA VAL LB 209 34.93 40.05 -131.78
C VAL LB 209 34.98 41.00 -130.59
N ARG LB 210 34.79 42.28 -130.87
CA ARG LB 210 34.71 43.27 -129.80
C ARG LB 210 33.26 43.58 -129.46
N TYR LB 211 32.46 43.96 -130.45
CA TYR LB 211 31.07 44.33 -130.27
C TYR LB 211 30.27 43.77 -131.44
N THR LB 212 28.97 44.09 -131.45
CA THR LB 212 28.12 43.75 -132.57
C THR LB 212 27.08 44.84 -132.76
N GLN LB 213 26.73 45.09 -134.02
CA GLN LB 213 25.78 46.12 -134.39
C GLN LB 213 24.79 45.55 -135.40
N VAL LB 214 23.51 45.66 -135.10
CA VAL LB 214 22.46 45.06 -135.92
C VAL LB 214 21.65 46.17 -136.59
N TRP LB 215 20.85 45.76 -137.58
CA TRP LB 215 19.84 46.64 -138.20
C TRP LB 215 18.68 45.72 -138.58
N SER LB 216 17.67 45.69 -137.71
CA SER LB 216 16.49 44.90 -137.98
C SER LB 216 15.52 45.66 -138.88
N HIS LB 217 14.61 44.92 -139.49
CA HIS LB 217 13.48 45.48 -140.20
C HIS LB 217 12.23 44.75 -139.74
N ASP LB 218 11.09 45.41 -139.85
CA ASP LB 218 9.83 44.80 -139.44
C ASP LB 218 8.73 45.36 -140.34
N VAL LB 219 8.46 44.65 -141.43
CA VAL LB 219 7.47 45.08 -142.41
C VAL LB 219 6.16 44.39 -142.09
N THR LB 220 5.08 45.17 -142.06
CA THR LB 220 3.74 44.64 -141.86
C THR LB 220 2.94 44.86 -143.14
N ILE LB 221 2.44 43.77 -143.72
CA ILE LB 221 1.72 43.80 -144.98
C ILE LB 221 0.38 43.13 -144.76
N VAL LB 222 -0.71 43.86 -144.99
CA VAL LB 222 -2.03 43.25 -144.86
C VAL LB 222 -2.34 42.48 -146.14
N ALA LB 223 -3.21 41.48 -146.02
CA ALA LB 223 -3.33 40.46 -147.06
C ALA LB 223 -4.11 40.97 -148.28
N ASN LB 224 -5.12 41.80 -148.06
CA ASN LB 224 -5.98 42.29 -149.15
C ASN LB 224 -5.50 43.61 -149.71
N SER LB 225 -4.19 43.84 -149.73
CA SER LB 225 -3.58 45.06 -150.22
C SER LB 225 -3.77 45.22 -151.73
N THR LB 226 -3.41 46.39 -152.21
CA THR LB 226 -3.13 46.59 -153.61
C THR LB 226 -1.64 46.42 -153.82
N GLU LB 227 -1.24 45.87 -154.97
CA GLU LB 227 0.18 45.72 -155.25
C GLU LB 227 0.85 47.07 -155.42
N ALA LB 228 0.11 48.09 -155.86
CA ALA LB 228 0.65 49.43 -155.95
C ALA LB 228 0.87 50.07 -154.58
N SER LB 229 0.23 49.56 -153.54
CA SER LB 229 0.46 50.09 -152.19
C SER LB 229 1.62 49.35 -151.51
N ARG LB 230 1.86 48.10 -151.90
CA ARG LB 230 3.07 47.42 -151.44
C ARG LB 230 4.29 47.93 -152.16
N LYS LB 231 4.14 48.36 -153.41
CA LYS LB 231 5.25 48.89 -154.17
C LYS LB 231 5.66 50.27 -153.66
N SER LB 232 4.67 51.10 -153.31
CA SER LB 232 4.97 52.45 -152.85
C SER LB 232 5.55 52.46 -151.44
N LEU LB 233 5.19 51.46 -150.61
CA LEU LB 233 5.81 51.35 -149.30
C LEU LB 233 7.26 50.95 -149.39
N TYR LB 234 7.59 50.07 -150.34
CA TYR LB 234 8.98 49.70 -150.56
C TYR LB 234 9.76 50.84 -151.18
N ASP LB 235 9.15 51.54 -152.14
CA ASP LB 235 9.80 52.64 -152.83
C ASP LB 235 10.07 53.83 -151.93
N LEU LB 236 9.30 54.01 -150.86
CA LEU LB 236 9.60 55.06 -149.91
C LEU LB 236 10.69 54.65 -148.93
N THR LB 237 10.69 53.40 -148.50
CA THR LB 237 11.71 52.92 -147.58
C THR LB 237 13.05 52.76 -148.28
N LYS LB 238 13.04 52.40 -149.57
CA LYS LB 238 14.27 52.41 -150.34
C LYS LB 238 14.80 53.83 -150.50
N SER LB 239 13.89 54.81 -150.61
CA SER LB 239 14.28 56.20 -150.71
C SER LB 239 14.58 56.83 -149.37
N LEU LB 240 14.04 56.29 -148.28
CA LEU LB 240 14.30 56.85 -146.96
C LEU LB 240 15.72 56.52 -146.50
N VAL LB 241 16.12 55.25 -146.65
CA VAL LB 241 17.45 54.81 -146.23
C VAL LB 241 18.53 55.46 -147.09
N ALA LB 242 18.23 55.74 -148.36
CA ALA LB 242 19.21 56.32 -149.27
C ALA LB 242 19.47 57.80 -149.03
N THR LB 243 18.71 58.46 -148.15
CA THR LB 243 18.92 59.87 -147.90
C THR LB 243 20.15 60.10 -147.02
N SER LB 244 20.63 61.34 -147.03
CA SER LB 244 21.76 61.72 -146.19
C SER LB 244 21.34 62.09 -144.77
N GLN LB 245 20.04 62.17 -144.50
CA GLN LB 245 19.60 62.45 -143.14
C GLN LB 245 19.65 61.21 -142.27
N VAL LB 246 19.31 60.05 -142.84
CA VAL LB 246 19.44 58.78 -142.12
C VAL LB 246 20.89 58.31 -142.12
N GLU LB 247 21.71 58.79 -143.06
CA GLU LB 247 23.14 58.47 -143.03
C GLU LB 247 23.80 59.09 -141.81
N ASP LB 248 23.53 60.36 -141.55
CA ASP LB 248 24.07 61.03 -140.38
C ASP LB 248 23.39 60.61 -139.09
N LEU LB 249 22.20 60.03 -139.16
CA LEU LB 249 21.52 59.58 -137.95
C LEU LB 249 22.10 58.28 -137.43
N VAL LB 250 22.56 57.41 -138.32
CA VAL LB 250 23.17 56.15 -137.89
C VAL LB 250 24.65 56.33 -137.62
N VAL LB 251 25.35 57.08 -138.46
CA VAL LB 251 26.80 57.25 -138.29
C VAL LB 251 27.10 58.24 -137.18
N ASN LB 252 26.49 59.43 -137.23
CA ASN LB 252 26.86 60.52 -136.33
C ASN LB 252 25.79 60.91 -135.32
N LEU LB 253 24.67 60.17 -135.27
CA LEU LB 253 23.57 60.37 -134.32
C LEU LB 253 22.94 61.77 -134.43
N VAL LB 254 22.96 62.36 -135.61
CA VAL LB 254 22.32 63.65 -135.84
C VAL LB 254 20.84 63.42 -136.09
N PRO LB 255 19.93 64.12 -135.40
CA PRO LB 255 18.50 63.87 -135.58
C PRO LB 255 18.01 64.33 -136.96
N LEU LB 256 16.83 63.83 -137.32
CA LEU LB 256 16.28 64.07 -138.64
C LEU LB 256 15.66 65.46 -138.73
N GLY LB 257 15.52 65.96 -139.95
CA GLY LB 257 14.88 67.23 -140.19
C GLY LB 257 15.82 68.38 -140.46
N ARG LB 258 15.68 69.02 -141.60
CA ARG LB 258 16.48 70.19 -141.94
C ARG LB 258 15.63 71.27 -142.57
N SER MB 1 -4.29 86.83 135.15
CA SER MB 1 -3.11 86.01 134.89
C SER MB 1 -2.08 86.79 134.08
N LYS MB 2 -2.10 86.56 132.76
CA LYS MB 2 -1.16 87.21 131.85
C LYS MB 2 -1.85 88.42 131.22
N THR MB 3 -1.28 89.61 131.45
CA THR MB 3 -1.97 90.85 131.15
C THR MB 3 -1.08 91.82 130.38
N ILE MB 4 -1.72 92.66 129.58
CA ILE MB 4 -1.15 93.88 129.03
C ILE MB 4 -1.96 95.04 129.57
N VAL MB 5 -1.27 96.10 129.99
CA VAL MB 5 -1.92 97.28 130.57
C VAL MB 5 -1.72 98.44 129.59
N LEU MB 6 -2.82 99.01 129.12
CA LEU MB 6 -2.80 100.11 128.16
C LEU MB 6 -3.31 101.36 128.86
N SER MB 7 -2.40 102.25 129.25
CA SER MB 7 -2.77 103.49 129.92
C SER MB 7 -3.12 104.55 128.90
N VAL MB 8 -4.28 105.17 129.06
CA VAL MB 8 -4.81 106.15 128.11
C VAL MB 8 -4.78 107.48 128.85
N GLY MB 9 -3.77 107.65 129.68
CA GLY MB 9 -3.70 108.80 130.56
C GLY MB 9 -3.57 108.33 132.00
N GLU MB 10 -4.60 108.60 132.79
CA GLU MB 10 -4.69 108.04 134.13
C GLU MB 10 -5.55 106.78 134.17
N ALA MB 11 -6.36 106.52 133.14
CA ALA MB 11 -7.16 105.31 133.09
C ALA MB 11 -6.38 104.19 132.42
N THR MB 12 -6.38 103.02 133.03
CA THR MB 12 -5.67 101.84 132.51
C THR MB 12 -6.70 100.79 132.14
N ARG MB 13 -6.57 100.24 130.94
CA ARG MB 13 -7.48 99.20 130.44
C ARG MB 13 -6.70 97.90 130.36
N THR MB 14 -6.83 97.07 131.39
CA THR MB 14 -6.06 95.84 131.52
C THR MB 14 -6.70 94.73 130.71
N LEU MB 15 -6.04 94.35 129.62
CA LEU MB 15 -6.44 93.20 128.83
C LEU MB 15 -5.89 91.93 129.47
N THR MB 16 -6.68 90.85 129.42
CA THR MB 16 -6.23 89.57 129.95
C THR MB 16 -6.24 88.54 128.83
N GLU MB 17 -5.35 87.56 128.94
CA GLU MB 17 -5.22 86.53 127.93
C GLU MB 17 -6.32 85.49 128.10
N ILE MB 18 -7.01 85.17 127.01
CA ILE MB 18 -8.11 84.22 127.02
C ILE MB 18 -7.85 82.99 126.18
N GLN MB 19 -6.82 82.98 125.34
CA GLN MB 19 -6.57 81.87 124.42
C GLN MB 19 -5.10 81.91 124.03
N SER MB 20 -4.51 80.72 123.87
CA SER MB 20 -3.09 80.63 123.55
C SER MB 20 -2.88 79.38 122.69
N THR MB 21 -2.66 79.58 121.41
CA THR MB 21 -2.34 78.51 120.49
C THR MB 21 -0.81 78.39 120.49
N ALA MB 22 -0.22 77.71 119.50
CA ALA MB 22 1.23 77.63 119.37
C ALA MB 22 1.86 79.01 119.20
N ASP MB 23 1.31 79.81 118.29
CA ASP MB 23 1.79 81.15 118.03
C ASP MB 23 0.74 82.23 118.25
N ARG MB 24 -0.50 81.97 117.86
CA ARG MB 24 -1.56 82.96 118.02
C ARG MB 24 -1.93 83.11 119.49
N GLN MB 25 -2.30 84.33 119.87
CA GLN MB 25 -2.41 84.69 121.28
C GLN MB 25 -3.47 85.79 121.40
N ILE MB 26 -4.64 85.44 121.94
CA ILE MB 26 -5.78 86.34 121.98
C ILE MB 26 -5.95 86.91 123.37
N PHE MB 27 -5.97 88.24 123.47
CA PHE MB 27 -6.23 88.95 124.71
C PHE MB 27 -7.62 89.57 124.65
N GLU MB 28 -8.14 89.94 125.82
CA GLU MB 28 -9.48 90.49 125.92
C GLU MB 28 -9.62 91.26 127.22
N GLU MB 29 -10.48 92.28 127.20
CA GLU MB 29 -10.81 93.03 128.41
C GLU MB 29 -12.05 92.45 129.05
N LYS MB 30 -11.92 92.05 130.31
CA LYS MB 30 -12.98 91.33 131.01
C LYS MB 30 -13.97 92.25 131.72
N VAL MB 31 -14.15 93.48 131.27
CA VAL MB 31 -15.06 94.40 131.92
C VAL MB 31 -16.27 94.63 131.02
N GLY MB 32 -17.47 94.39 131.58
CA GLY MB 32 -18.70 94.71 130.90
C GLY MB 32 -19.41 93.50 130.35
N PRO MB 33 -20.34 93.72 129.41
CA PRO MB 33 -21.07 92.61 128.78
C PRO MB 33 -20.19 91.73 127.90
N LEU MB 34 -20.74 90.60 127.46
CA LEU MB 34 -19.98 89.59 126.75
C LEU MB 34 -19.91 89.82 125.25
N VAL MB 35 -20.69 90.73 124.71
CA VAL MB 35 -20.87 90.79 123.26
C VAL MB 35 -19.76 91.55 122.56
N GLY MB 36 -19.35 92.71 123.07
CA GLY MB 36 -18.28 93.45 122.43
C GLY MB 36 -17.24 93.92 123.42
N ARG MB 37 -16.02 93.45 123.27
CA ARG MB 37 -14.93 93.78 124.17
C ARG MB 37 -13.70 94.13 123.35
N LEU MB 38 -12.71 94.72 124.03
CA LEU MB 38 -11.41 94.93 123.39
C LEU MB 38 -10.76 93.58 123.09
N ARG MB 39 -9.94 93.58 122.05
CA ARG MB 39 -9.37 92.34 121.54
C ARG MB 39 -7.97 92.65 121.03
N LEU MB 40 -7.07 91.69 121.21
CA LEU MB 40 -5.68 91.88 120.79
C LEU MB 40 -5.15 90.51 120.37
N THR MB 41 -4.99 90.30 119.07
CA THR MB 41 -4.57 89.03 118.52
C THR MB 41 -3.12 89.16 118.05
N ALA MB 42 -2.19 88.78 118.90
CA ALA MB 42 -0.79 88.74 118.51
C ALA MB 42 -0.49 87.45 117.76
N SER MB 43 0.59 87.47 116.99
CA SER MB 43 1.03 86.31 116.23
C SER MB 43 2.53 86.43 116.01
N LEU MB 44 3.14 85.32 115.61
CA LEU MB 44 4.56 85.29 115.32
C LEU MB 44 4.84 84.03 114.49
N ARG MB 45 5.38 84.23 113.29
CA ARG MB 45 5.66 83.13 112.38
C ARG MB 45 7.09 83.24 111.90
N GLN MB 46 7.51 82.31 111.05
CA GLN MB 46 8.73 82.48 110.25
C GLN MB 46 8.48 81.84 108.90
N ASN MB 47 8.35 82.67 107.88
CA ASN MB 47 7.96 82.20 106.55
C ASN MB 47 9.20 81.75 105.77
N GLY MB 48 9.03 80.65 105.03
CA GLY MB 48 10.03 80.19 104.10
C GLY MB 48 11.15 79.40 104.74
N ALA MB 49 12.39 79.73 104.36
CA ALA MB 49 13.55 78.95 104.78
C ALA MB 49 14.19 79.54 106.05
N LYS MB 50 13.36 79.69 107.08
CA LYS MB 50 13.77 80.04 108.44
C LYS MB 50 14.50 81.39 108.52
N THR MB 51 14.17 82.32 107.61
CA THR MB 51 14.99 83.50 107.44
C THR MB 51 14.32 84.82 107.82
N ALA MB 52 13.00 84.85 107.95
CA ALA MB 52 12.30 86.11 108.22
C ALA MB 52 11.11 85.84 109.12
N TYR MB 53 11.04 86.53 110.25
CA TYR MB 53 9.92 86.44 111.15
C TYR MB 53 8.83 87.44 110.74
N ARG MB 54 7.63 87.21 111.24
CA ARG MB 54 6.48 88.03 110.86
C ARG MB 54 5.57 88.20 112.08
N VAL MB 55 5.63 89.37 112.70
CA VAL MB 55 4.76 89.69 113.83
C VAL MB 55 3.49 90.33 113.28
N ASN MB 56 2.36 90.06 113.93
CA ASN MB 56 1.07 90.51 113.40
C ASN MB 56 0.15 90.82 114.58
N LEU MB 57 0.08 92.09 114.96
CA LEU MB 57 -0.87 92.55 115.96
C LEU MB 57 -2.17 92.99 115.30
N LYS MB 58 -3.24 92.96 116.09
CA LYS MB 58 -4.56 93.38 115.60
C LYS MB 58 -5.39 93.78 116.81
N LEU MB 59 -5.69 95.06 116.94
CA LEU MB 59 -6.48 95.58 118.05
C LEU MB 59 -7.88 95.92 117.54
N ASP MB 60 -8.85 95.10 117.91
CA ASP MB 60 -10.24 95.37 117.57
C ASP MB 60 -10.86 96.29 118.61
N GLN MB 61 -11.89 97.03 118.19
CA GLN MB 61 -12.65 97.84 119.12
C GLN MB 61 -14.08 97.95 118.62
N ALA MB 62 -14.99 97.27 119.31
CA ALA MB 62 -16.40 97.30 118.96
C ALA MB 62 -17.11 98.38 119.76
N ASP MB 63 -18.07 99.04 119.13
CA ASP MB 63 -18.83 100.11 119.77
C ASP MB 63 -20.16 99.54 120.23
N VAL MB 64 -20.24 99.18 121.49
CA VAL MB 64 -21.43 98.57 122.07
C VAL MB 64 -22.32 99.65 122.64
N VAL MB 65 -23.63 99.46 122.53
CA VAL MB 65 -24.60 100.38 123.10
C VAL MB 65 -25.73 99.56 123.72
N ASP MB 66 -26.14 99.91 124.93
CA ASP MB 66 -27.20 99.23 125.64
C ASP MB 66 -28.38 100.17 125.76
N CYS MB 67 -29.45 99.89 125.00
CA CYS MB 67 -30.64 100.73 124.95
C CYS MB 67 -31.79 100.06 125.66
N SER MB 68 -31.49 99.29 126.71
CA SER MB 68 -32.53 98.58 127.43
C SER MB 68 -33.35 99.49 128.32
N THR MB 69 -32.82 100.65 128.70
CA THR MB 69 -33.56 101.56 129.56
C THR MB 69 -34.59 102.36 128.78
N SER MB 70 -34.20 102.89 127.62
CA SER MB 70 -35.12 103.68 126.81
C SER MB 70 -36.09 102.80 126.05
N VAL MB 71 -35.58 101.93 125.17
CA VAL MB 71 -36.40 101.00 124.42
C VAL MB 71 -36.56 99.75 125.27
N CYS MB 72 -37.80 99.44 125.63
CA CYS MB 72 -38.07 98.30 126.50
C CYS MB 72 -37.90 96.99 125.73
N GLY MB 73 -37.10 96.09 126.28
CA GLY MB 73 -37.04 94.73 125.81
C GLY MB 73 -35.97 94.41 124.79
N GLU MB 74 -34.86 95.13 124.77
CA GLU MB 74 -33.79 94.81 123.85
C GLU MB 74 -32.44 94.83 124.56
N LEU MB 75 -31.47 94.18 123.92
CA LEU MB 75 -30.20 93.78 124.52
C LEU MB 75 -29.07 94.65 124.00
N PRO MB 76 -27.91 94.68 124.65
CA PRO MB 76 -26.76 95.38 124.08
C PRO MB 76 -26.28 94.72 122.78
N LYS MB 77 -25.83 95.56 121.86
CA LYS MB 77 -25.45 95.12 120.52
C LYS MB 77 -24.29 95.97 120.06
N VAL MB 78 -23.53 95.45 119.11
CA VAL MB 78 -22.40 96.18 118.54
C VAL MB 78 -22.87 96.94 117.31
N ARG MB 79 -22.50 98.21 117.21
CA ARG MB 79 -22.82 98.98 116.02
C ARG MB 79 -21.79 98.71 114.92
N TYR MB 80 -20.52 98.91 115.23
CA TYR MB 80 -19.43 98.75 114.28
C TYR MB 80 -18.18 98.32 115.01
N THR MB 81 -17.21 97.84 114.25
CA THR MB 81 -15.88 97.54 114.77
C THR MB 81 -14.84 98.33 113.98
N GLN MB 82 -13.84 98.82 114.68
CA GLN MB 82 -12.72 99.54 114.07
C GLN MB 82 -11.42 98.90 114.53
N VAL MB 83 -10.60 98.48 113.58
CA VAL MB 83 -9.40 97.73 113.87
C VAL MB 83 -8.18 98.61 113.57
N TRP MB 84 -7.03 98.19 114.11
CA TRP MB 84 -5.74 98.79 113.76
C TRP MB 84 -4.75 97.63 113.74
N SER MB 85 -4.52 97.06 112.57
CA SER MB 85 -3.60 95.94 112.46
C SER MB 85 -2.16 96.43 112.41
N HIS MB 86 -1.24 95.50 112.62
CA HIS MB 86 0.18 95.74 112.41
C HIS MB 86 0.74 94.52 111.68
N ASP MB 87 1.82 94.76 110.94
CA ASP MB 87 2.48 93.68 110.21
C ASP MB 87 3.97 94.01 110.14
N VAL MB 88 4.72 93.46 111.08
CA VAL MB 88 6.16 93.71 111.17
C VAL MB 88 6.90 92.55 110.53
N THR MB 89 7.86 92.87 109.67
CA THR MB 89 8.73 91.88 109.06
C THR MB 89 10.12 92.05 109.63
N ILE MB 90 10.65 90.99 110.23
CA ILE MB 90 11.97 91.00 110.86
C ILE MB 90 12.79 89.88 110.24
N VAL MB 91 13.94 90.22 109.69
CA VAL MB 91 14.85 89.21 109.17
C VAL MB 91 15.66 88.63 110.32
N ALA MB 92 16.05 87.36 110.17
CA ALA MB 92 16.59 86.61 111.30
C ALA MB 92 18.00 87.04 111.67
N ASN MB 93 18.88 87.22 110.67
CA ASN MB 93 20.29 87.50 110.93
C ASN MB 93 20.58 88.98 111.08
N SER MB 94 19.57 89.79 111.42
CA SER MB 94 19.79 91.23 111.58
C SER MB 94 20.49 91.52 112.89
N THR MB 95 20.92 92.77 113.04
CA THR MB 95 21.48 93.24 114.29
C THR MB 95 20.38 93.78 115.18
N GLU MB 96 20.69 93.94 116.47
CA GLU MB 96 19.69 94.39 117.42
C GLU MB 96 19.36 95.87 117.24
N ALA MB 97 20.35 96.67 116.85
CA ALA MB 97 20.12 98.10 116.69
C ALA MB 97 19.27 98.44 115.47
N SER MB 98 19.18 97.53 114.51
CA SER MB 98 18.26 97.75 113.39
C SER MB 98 16.83 97.51 113.82
N ARG MB 99 16.60 96.49 114.64
CA ARG MB 99 15.28 96.22 115.19
C ARG MB 99 14.85 97.28 116.20
N LYS MB 100 15.79 97.81 116.96
CA LYS MB 100 15.44 98.84 117.94
C LYS MB 100 15.12 100.17 117.25
N SER MB 101 15.84 100.48 116.17
CA SER MB 101 15.59 101.74 115.46
C SER MB 101 14.30 101.66 114.64
N LEU MB 102 13.95 100.46 114.17
CA LEU MB 102 12.67 100.29 113.48
C LEU MB 102 11.50 100.44 114.45
N TYR MB 103 11.66 99.96 115.68
CA TYR MB 103 10.63 100.13 116.69
C TYR MB 103 10.55 101.57 117.16
N ASP MB 104 11.71 102.22 117.35
CA ASP MB 104 11.76 103.57 117.87
C ASP MB 104 11.21 104.60 116.88
N LEU MB 105 11.25 104.29 115.58
CA LEU MB 105 10.65 105.19 114.60
C LEU MB 105 9.15 105.02 114.55
N THR MB 106 8.67 103.76 114.61
CA THR MB 106 7.23 103.51 114.59
C THR MB 106 6.58 103.92 115.90
N LYS MB 107 7.32 103.91 117.00
CA LYS MB 107 6.79 104.38 118.28
C LYS MB 107 6.49 105.88 118.23
N SER MB 108 7.32 106.64 117.53
CA SER MB 108 7.11 108.08 117.43
C SER MB 108 6.39 108.47 116.15
N LEU MB 109 6.21 107.55 115.21
CA LEU MB 109 5.32 107.82 114.09
C LEU MB 109 3.87 107.85 114.55
N VAL MB 110 3.48 106.88 115.37
CA VAL MB 110 2.12 106.87 115.90
C VAL MB 110 1.93 108.01 116.89
N ALA MB 111 2.97 108.36 117.64
CA ALA MB 111 2.86 109.39 118.67
C ALA MB 111 2.83 110.80 118.12
N THR MB 112 3.05 111.01 116.83
CA THR MB 112 3.06 112.36 116.29
C THR MB 112 1.63 112.85 116.08
N SER MB 113 1.49 114.16 115.89
CA SER MB 113 0.18 114.76 115.75
C SER MB 113 -0.32 114.81 114.32
N GLN MB 114 0.41 114.22 113.37
CA GLN MB 114 -0.07 114.17 112.00
C GLN MB 114 -0.78 112.86 111.70
N VAL MB 115 -0.38 111.78 112.36
CA VAL MB 115 -1.10 110.51 112.22
C VAL MB 115 -2.33 110.51 113.13
N GLU MB 116 -2.35 111.39 114.13
CA GLU MB 116 -3.55 111.57 114.93
C GLU MB 116 -4.69 112.14 114.10
N ASP MB 117 -4.41 113.18 113.31
CA ASP MB 117 -5.43 113.75 112.45
C ASP MB 117 -5.74 112.89 111.24
N LEU MB 118 -4.92 111.89 110.94
CA LEU MB 118 -5.18 111.02 109.80
C LEU MB 118 -6.22 109.96 110.11
N VAL MB 119 -6.29 109.49 111.34
CA VAL MB 119 -7.25 108.43 111.68
C VAL MB 119 -8.47 109.01 112.36
N VAL MB 120 -8.35 110.24 112.88
CA VAL MB 120 -9.49 110.86 113.55
C VAL MB 120 -10.26 111.75 112.59
N ASN MB 121 -9.56 112.67 111.92
CA ASN MB 121 -10.19 113.66 111.08
C ASN MB 121 -9.91 113.44 109.59
N LEU MB 122 -9.20 112.38 109.24
CA LEU MB 122 -8.93 111.91 107.88
C LEU MB 122 -8.14 112.93 107.05
N VAL MB 123 -7.35 113.77 107.70
CA VAL MB 123 -6.48 114.72 107.00
C VAL MB 123 -5.19 114.00 106.61
N PRO MB 124 -4.72 114.14 105.38
CA PRO MB 124 -3.51 113.43 104.96
C PRO MB 124 -2.25 113.96 105.62
N LEU MB 125 -1.17 113.21 105.43
CA LEU MB 125 0.09 113.46 106.12
C LEU MB 125 0.88 114.58 105.44
N GLY MB 126 1.75 115.22 106.21
CA GLY MB 126 2.62 116.24 105.68
C GLY MB 126 2.14 117.66 105.88
N ARG MB 127 2.99 118.51 106.44
CA ARG MB 127 2.68 119.92 106.63
C ARG MB 127 3.88 120.73 106.17
N ALA MB 128 3.64 121.71 105.30
CA ALA MB 128 4.71 122.51 104.71
C ALA MB 128 5.02 123.70 105.62
N TYR MB 129 6.15 123.62 106.31
CA TYR MB 129 6.66 124.72 107.14
C TYR MB 129 8.04 125.09 106.61
N GLY MB 130 8.08 126.06 105.70
CA GLY MB 130 9.34 126.51 105.13
C GLY MB 130 9.94 125.55 104.12
N GLY MB 131 9.26 125.36 102.99
CA GLY MB 131 9.74 124.46 101.97
C GLY MB 131 8.70 123.47 101.50
N SER MB 132 8.96 122.18 101.72
CA SER MB 132 8.01 121.14 101.35
C SER MB 132 7.33 120.59 102.60
N LYS MB 133 6.46 119.60 102.40
CA LYS MB 133 5.69 119.02 103.49
C LYS MB 133 6.49 117.90 104.14
N THR MB 134 6.68 117.99 105.45
CA THR MB 134 7.57 117.11 106.18
C THR MB 134 6.88 116.47 107.37
N ILE MB 135 7.40 115.32 107.78
CA ILE MB 135 7.08 114.69 109.06
C ILE MB 135 8.37 114.59 109.85
N VAL MB 136 8.32 114.98 111.12
CA VAL MB 136 9.48 114.95 112.00
C VAL MB 136 9.33 113.76 112.94
N LEU MB 137 10.23 112.80 112.84
CA LEU MB 137 10.22 111.59 113.65
C LEU MB 137 11.35 111.69 114.67
N SER MB 138 11.02 112.17 115.87
CA SER MB 138 12.00 112.26 116.93
C SER MB 138 12.29 110.89 117.53
N VAL MB 139 13.57 110.58 117.68
CA VAL MB 139 14.01 109.29 118.19
C VAL MB 139 14.67 109.59 119.54
N GLY MB 140 14.13 110.58 120.24
CA GLY MB 140 14.77 111.14 121.41
C GLY MB 140 15.04 112.61 121.18
N GLU MB 141 16.31 112.96 121.02
CA GLU MB 141 16.66 114.30 120.56
C GLU MB 141 17.05 114.32 119.08
N ALA MB 142 17.41 113.19 118.50
CA ALA MB 142 17.72 113.12 117.08
C ALA MB 142 16.44 113.04 116.28
N THR MB 143 16.25 113.99 115.36
CA THR MB 143 15.02 114.10 114.58
C THR MB 143 15.31 113.74 113.14
N ARG MB 144 14.78 112.60 112.70
CA ARG MB 144 14.92 112.15 111.32
C ARG MB 144 13.74 112.70 110.53
N THR MB 145 13.99 113.75 109.76
CA THR MB 145 12.94 114.48 109.06
C THR MB 145 12.74 113.89 107.67
N LEU MB 146 11.58 113.30 107.43
CA LEU MB 146 11.21 112.82 106.11
C LEU MB 146 10.57 113.94 105.31
N THR MB 147 10.82 113.94 104.01
CA THR MB 147 10.22 114.92 103.10
C THR MB 147 9.37 114.18 102.08
N GLU MB 148 8.26 114.80 101.70
CA GLU MB 148 7.36 114.19 100.73
C GLU MB 148 7.94 114.31 99.33
N ILE MB 149 8.04 113.18 98.65
CA ILE MB 149 8.55 113.16 97.28
C ILE MB 149 7.47 112.86 96.25
N GLN MB 150 6.26 112.49 96.67
CA GLN MB 150 5.24 112.10 95.72
C GLN MB 150 3.87 112.31 96.33
N SER MB 151 2.90 112.66 95.50
CA SER MB 151 1.51 112.81 95.90
C SER MB 151 0.65 112.29 94.76
N THR MB 152 0.28 111.01 94.85
CA THR MB 152 -0.54 110.37 93.84
C THR MB 152 -2.02 110.63 94.19
N ALA MB 153 -2.94 109.88 93.59
CA ALA MB 153 -4.36 110.05 93.89
C ALA MB 153 -4.69 109.68 95.34
N ASP MB 154 -4.27 108.49 95.78
CA ASP MB 154 -4.44 108.07 97.16
C ASP MB 154 -3.10 107.92 97.88
N ARG MB 155 -2.09 107.39 97.19
CA ARG MB 155 -0.77 107.16 97.77
C ARG MB 155 -0.07 108.49 98.06
N GLN MB 156 0.90 108.43 98.96
CA GLN MB 156 1.63 109.63 99.40
C GLN MB 156 2.96 109.15 99.96
N ILE MB 157 4.03 109.27 99.16
CA ILE MB 157 5.32 108.66 99.47
C ILE MB 157 6.24 109.70 100.07
N PHE MB 158 6.71 109.44 101.29
CA PHE MB 158 7.70 110.26 101.96
C PHE MB 158 9.04 109.55 101.91
N GLU MB 159 10.12 110.32 102.09
CA GLU MB 159 11.46 109.76 102.01
C GLU MB 159 12.44 110.71 102.70
N GLU MB 160 13.45 110.13 103.35
CA GLU MB 160 14.53 110.92 103.89
C GLU MB 160 15.58 111.17 102.83
N LYS MB 161 16.22 112.34 102.90
CA LYS MB 161 17.12 112.77 101.85
C LYS MB 161 18.59 112.65 102.19
N VAL MB 162 18.93 112.27 103.41
CA VAL MB 162 20.32 112.16 103.82
C VAL MB 162 20.86 110.78 103.47
N GLY MB 163 21.98 110.75 102.75
CA GLY MB 163 22.66 109.51 102.46
C GLY MB 163 22.54 109.07 101.02
N PRO MB 164 22.87 107.81 100.75
CA PRO MB 164 22.83 107.31 99.37
C PRO MB 164 21.41 107.07 98.90
N LEU MB 165 21.27 106.91 97.58
CA LEU MB 165 19.98 106.66 96.96
C LEU MB 165 19.51 105.22 97.10
N VAL MB 166 20.37 104.31 97.53
CA VAL MB 166 20.01 102.90 97.49
C VAL MB 166 19.08 102.51 98.65
N GLY MB 167 19.38 102.95 99.87
CA GLY MB 167 18.51 102.61 101.00
C GLY MB 167 18.17 103.82 101.83
N ARG MB 168 16.90 104.18 101.88
CA ARG MB 168 16.45 105.36 102.62
C ARG MB 168 15.16 105.00 103.35
N LEU MB 169 14.78 105.85 104.29
CA LEU MB 169 13.49 105.70 104.97
C LEU MB 169 12.35 105.99 104.01
N ARG MB 170 11.20 105.40 104.28
CA ARG MB 170 10.05 105.50 103.39
C ARG MB 170 8.77 105.55 104.20
N LEU MB 171 7.74 106.14 103.59
CA LEU MB 171 6.40 106.14 104.17
C LEU MB 171 5.40 106.18 103.01
N THR MB 172 4.82 105.03 102.69
CA THR MB 172 3.81 104.96 101.64
C THR MB 172 2.45 104.98 102.32
N ALA MB 173 2.03 106.17 102.75
CA ALA MB 173 0.70 106.34 103.31
C ALA MB 173 -0.36 106.23 102.23
N SER MB 174 -1.59 105.96 102.65
CA SER MB 174 -2.68 105.75 101.71
C SER MB 174 -3.99 106.06 102.42
N LEU MB 175 -5.06 106.15 101.63
CA LEU MB 175 -6.39 106.45 102.12
C LEU MB 175 -7.40 106.05 101.05
N ARG MB 176 -8.36 105.21 101.41
CA ARG MB 176 -9.36 104.74 100.47
C ARG MB 176 -10.73 104.81 101.13
N GLN MB 177 -11.76 104.43 100.37
CA GLN MB 177 -13.06 104.10 100.95
C GLN MB 177 -13.70 103.05 100.04
N ASN MB 178 -13.99 101.88 100.59
CA ASN MB 178 -14.44 100.75 99.81
C ASN MB 178 -15.94 100.74 99.64
N GLY MB 179 -16.40 100.15 98.54
CA GLY MB 179 -17.79 99.84 98.31
C GLY MB 179 -18.72 101.03 98.22
N ALA MB 180 -19.79 101.02 99.00
CA ALA MB 180 -20.78 102.09 98.98
C ALA MB 180 -20.49 103.16 100.02
N LYS MB 181 -19.24 103.65 100.02
CA LYS MB 181 -18.79 104.81 100.80
C LYS MB 181 -19.03 104.65 102.30
N THR MB 182 -18.83 103.44 102.82
CA THR MB 182 -19.22 103.13 104.19
C THR MB 182 -18.04 102.97 105.15
N ALA MB 183 -16.83 102.79 104.65
CA ALA MB 183 -15.69 102.55 105.54
C ALA MB 183 -14.41 102.99 104.86
N TYR MB 184 -13.62 103.78 105.58
CA TYR MB 184 -12.31 104.19 105.09
C TYR MB 184 -11.27 103.13 105.43
N ARG MB 185 -10.07 103.28 104.88
CA ARG MB 185 -9.00 102.32 105.12
C ARG MB 185 -7.67 103.06 105.00
N VAL MB 186 -7.09 103.40 106.15
CA VAL MB 186 -5.78 104.04 106.19
C VAL MB 186 -4.71 102.97 106.18
N ASN MB 187 -3.62 103.20 105.45
CA ASN MB 187 -2.60 102.16 105.28
C ASN MB 187 -1.23 102.83 105.23
N LEU MB 188 -0.54 102.87 106.36
CA LEU MB 188 0.84 103.32 106.42
C LEU MB 188 1.79 102.14 106.25
N LYS MB 189 3.03 102.45 105.90
CA LYS MB 189 4.06 101.43 105.71
C LYS MB 189 5.42 102.11 105.79
N LEU MB 190 6.24 101.71 106.76
CA LEU MB 190 7.56 102.29 106.97
C LEU MB 190 8.61 101.26 106.61
N ASP MB 191 9.37 101.54 105.56
CA ASP MB 191 10.48 100.68 105.14
C ASP MB 191 11.77 101.18 105.78
N GLN MB 192 12.65 100.24 106.14
CA GLN MB 192 13.96 100.60 106.66
C GLN MB 192 14.96 99.57 106.19
N ALA MB 193 15.77 99.96 105.20
CA ALA MB 193 16.81 99.10 104.67
C ALA MB 193 18.13 99.43 105.34
N ASP MB 194 18.88 98.40 105.70
CA ASP MB 194 20.16 98.58 106.40
C ASP MB 194 21.27 98.63 105.36
N VAL MB 195 21.78 99.83 105.11
CA VAL MB 195 22.86 100.05 104.16
C VAL MB 195 24.18 99.99 104.91
N VAL MB 196 25.23 99.58 104.22
CA VAL MB 196 26.57 99.48 104.81
C VAL MB 196 27.59 99.89 103.77
N ASP MB 197 28.66 100.52 104.23
CA ASP MB 197 29.74 100.96 103.34
C ASP MB 197 31.03 100.26 103.74
N CYS MB 198 31.65 99.60 102.77
CA CYS MB 198 32.88 98.86 102.99
C CYS MB 198 34.09 99.63 102.46
N SER MB 199 33.96 100.97 102.39
CA SER MB 199 35.01 101.80 101.81
C SER MB 199 36.27 101.86 102.66
N THR MB 200 36.14 101.67 103.98
CA THR MB 200 37.32 101.60 104.83
C THR MB 200 38.04 100.26 104.66
N SER MB 201 37.27 99.18 104.49
CA SER MB 201 37.81 97.84 104.30
C SER MB 201 38.31 97.62 102.88
N VAL MB 202 37.47 97.89 101.88
CA VAL MB 202 37.83 97.76 100.47
C VAL MB 202 37.73 99.13 99.83
N CYS MB 203 38.84 99.62 99.29
CA CYS MB 203 38.84 100.94 98.68
C CYS MB 203 38.07 100.93 97.36
N GLY MB 204 37.33 102.01 97.13
CA GLY MB 204 36.53 102.10 95.93
C GLY MB 204 35.28 101.25 95.93
N GLU MB 205 34.65 101.08 97.10
CA GLU MB 205 33.47 100.24 97.24
C GLU MB 205 32.27 101.15 97.53
N LEU MB 206 31.21 100.97 96.76
CA LEU MB 206 29.99 101.76 96.92
C LEU MB 206 29.04 101.06 97.89
N PRO MB 207 28.20 101.83 98.59
CA PRO MB 207 27.30 101.22 99.58
C PRO MB 207 26.21 100.36 98.95
N LYS MB 208 25.71 99.42 99.73
CA LYS MB 208 24.68 98.49 99.29
C LYS MB 208 23.85 98.08 100.48
N VAL MB 209 22.66 97.56 100.22
CA VAL MB 209 21.72 97.16 101.26
C VAL MB 209 21.87 95.67 101.54
N ARG MB 210 21.78 95.30 102.81
CA ARG MB 210 21.82 93.90 103.18
C ARG MB 210 20.42 93.30 103.23
N TYR MB 211 19.55 93.88 104.04
CA TYR MB 211 18.19 93.39 104.23
C TYR MB 211 17.25 94.58 104.30
N THR MB 212 15.97 94.29 104.50
CA THR MB 212 14.99 95.34 104.75
C THR MB 212 13.98 94.84 105.78
N GLN MB 213 13.46 95.77 106.57
CA GLN MB 213 12.52 95.45 107.64
C GLN MB 213 11.42 96.49 107.64
N VAL MB 214 10.17 96.03 107.51
CA VAL MB 214 9.04 96.91 107.35
C VAL MB 214 8.19 96.90 108.62
N TRP MB 215 7.30 97.87 108.74
CA TRP MB 215 6.27 97.90 109.77
C TRP MB 215 5.08 98.62 109.16
N SER MB 216 4.15 97.86 108.59
CA SER MB 216 2.98 98.46 107.99
C SER MB 216 1.81 98.46 108.96
N HIS MB 217 0.89 99.40 108.74
CA HIS MB 217 -0.32 99.53 109.54
C HIS MB 217 -1.52 99.37 108.63
N ASP MB 218 -2.65 99.00 109.22
CA ASP MB 218 -3.88 98.83 108.45
C ASP MB 218 -5.05 99.21 109.34
N VAL MB 219 -5.44 100.48 109.27
CA VAL MB 219 -6.52 101.02 110.09
C VAL MB 219 -7.82 100.91 109.30
N THR MB 220 -8.88 100.46 109.95
CA THR MB 220 -10.21 100.42 109.37
C THR MB 220 -11.10 101.38 110.14
N ILE MB 221 -11.69 102.33 109.43
CA ILE MB 221 -12.52 103.36 110.02
C ILE MB 221 -13.86 103.37 109.29
N VAL MB 222 -14.93 103.12 110.01
CA VAL MB 222 -16.25 103.16 109.38
C VAL MB 222 -16.74 104.60 109.36
N ALA MB 223 -17.61 104.89 108.39
CA ALA MB 223 -17.89 106.28 108.03
C ALA MB 223 -18.80 106.97 109.03
N ASN MB 224 -19.76 106.24 109.61
CA ASN MB 224 -20.72 106.84 110.53
C ASN MB 224 -20.27 106.72 111.99
N SER MB 225 -18.97 106.76 112.23
CA SER MB 225 -18.39 106.61 113.55
C SER MB 225 -18.73 107.80 114.45
N THR MB 226 -18.35 107.66 115.71
CA THR MB 226 -18.26 108.79 116.62
C THR MB 226 -16.79 109.24 116.61
N GLU MB 227 -16.56 110.54 116.75
CA GLU MB 227 -15.18 111.02 116.83
C GLU MB 227 -14.51 110.61 118.12
N ALA MB 228 -15.30 110.33 119.16
CA ALA MB 228 -14.73 109.83 120.41
C ALA MB 228 -14.30 108.38 120.30
N SER MB 229 -14.82 107.63 119.31
CA SER MB 229 -14.40 106.25 119.14
C SER MB 229 -13.22 106.15 118.18
N ARG MB 230 -13.07 107.12 117.28
CA ARG MB 230 -11.86 107.18 116.47
C ARG MB 230 -10.69 107.69 117.29
N LYS MB 231 -10.95 108.58 118.25
CA LYS MB 231 -9.89 109.08 119.12
C LYS MB 231 -9.42 108.01 120.08
N SER MB 232 -10.35 107.22 120.62
CA SER MB 232 -9.98 106.18 121.58
C SER MB 232 -9.27 105.01 120.91
N LEU MB 233 -9.58 104.75 119.63
CA LEU MB 233 -8.85 103.72 118.91
C LEU MB 233 -7.41 104.14 118.64
N TYR MB 234 -7.20 105.42 118.33
CA TYR MB 234 -5.84 105.92 118.15
C TYR MB 234 -5.09 105.95 119.47
N ASP MB 235 -5.78 106.34 120.55
CA ASP MB 235 -5.15 106.45 121.85
C ASP MB 235 -4.77 105.10 122.44
N LEU MB 236 -5.44 104.03 122.06
CA LEU MB 236 -5.04 102.71 122.52
C LEU MB 236 -3.86 102.17 121.73
N THR MB 237 -3.83 102.43 120.42
CA THR MB 237 -2.71 102.00 119.61
C THR MB 237 -1.47 102.85 119.87
N LYS MB 238 -1.65 104.11 120.23
CA LYS MB 238 -0.52 104.95 120.66
C LYS MB 238 0.05 104.43 121.96
N SER MB 239 -0.80 103.89 122.83
CA SER MB 239 -0.33 103.33 124.10
C SER MB 239 0.06 101.88 124.00
N LEU MB 240 -0.36 101.17 122.94
CA LEU MB 240 0.05 99.79 122.77
C LEU MB 240 1.50 99.71 122.32
N VAL MB 241 1.87 100.52 121.31
CA VAL MB 241 3.24 100.51 120.79
C VAL MB 241 4.22 101.05 121.83
N ALA MB 242 3.77 101.98 122.67
CA ALA MB 242 4.65 102.57 123.68
C ALA MB 242 4.94 101.65 124.86
N THR MB 243 4.28 100.50 124.96
CA THR MB 243 4.55 99.59 126.06
C THR MB 243 5.87 98.86 125.84
N SER MB 244 6.42 98.34 126.94
CA SER MB 244 7.66 97.58 126.87
C SER MB 244 7.42 96.10 126.59
N GLN MB 245 6.17 95.69 126.41
CA GLN MB 245 5.90 94.31 126.02
C GLN MB 245 5.97 94.15 124.50
N VAL MB 246 5.51 95.15 123.77
CA VAL MB 246 5.64 95.16 122.32
C VAL MB 246 7.06 95.53 121.91
N GLU MB 247 7.81 96.19 122.79
CA GLU MB 247 9.21 96.48 122.50
C GLU MB 247 10.02 95.19 122.46
N ASP MB 248 9.80 94.30 123.41
CA ASP MB 248 10.48 93.01 123.42
C ASP MB 248 9.92 92.05 122.39
N LEU MB 249 8.71 92.27 121.89
CA LEU MB 249 8.15 91.39 120.87
C LEU MB 249 8.79 91.63 119.52
N VAL MB 250 9.25 92.85 119.25
CA VAL MB 250 9.89 93.16 117.98
C VAL MB 250 11.40 93.04 118.08
N VAL MB 251 11.99 93.45 119.19
CA VAL MB 251 13.44 93.38 119.33
C VAL MB 251 13.90 91.96 119.65
N ASN MB 252 13.30 91.33 120.66
CA ASN MB 252 13.75 90.05 121.15
C ASN MB 252 12.79 88.90 120.93
N LEU MB 253 11.66 89.13 120.23
CA LEU MB 253 10.64 88.12 119.89
C LEU MB 253 10.03 87.45 121.12
N VAL MB 254 9.97 88.17 122.24
CA VAL MB 254 9.33 87.66 123.45
C VAL MB 254 7.83 87.84 123.31
N PRO MB 255 7.01 86.81 123.54
CA PRO MB 255 5.56 86.96 123.38
C PRO MB 255 4.94 87.84 124.45
N LEU MB 256 3.73 88.29 124.18
CA LEU MB 256 3.05 89.23 125.06
C LEU MB 256 2.45 88.52 126.27
N GLY MB 257 2.20 89.32 127.31
CA GLY MB 257 1.56 88.79 128.50
C GLY MB 257 2.50 88.57 129.67
N ARG MB 258 2.21 89.22 130.79
CA ARG MB 258 3.00 89.02 132.00
C ARG MB 258 2.10 88.95 133.23
N SER NB 1 -6.07 124.10 101.86
CA SER NB 1 -5.11 124.20 100.76
C SER NB 1 -5.78 124.77 99.51
N LYS NB 2 -6.28 123.88 98.66
CA LYS NB 2 -6.93 124.25 97.40
C LYS NB 2 -8.44 124.23 97.61
N THR NB 3 -9.07 125.39 97.45
CA THR NB 3 -10.46 125.59 97.85
C THR NB 3 -11.28 126.24 96.76
N ILE NB 4 -12.58 125.92 96.75
CA ILE NB 4 -13.60 126.69 96.05
C ILE NB 4 -14.58 127.21 97.09
N VAL NB 5 -14.91 128.49 97.00
CA VAL NB 5 -15.82 129.12 97.95
C VAL NB 5 -17.14 129.39 97.24
N LEU NB 6 -18.21 128.78 97.74
CA LEU NB 6 -19.55 128.93 97.17
C LEU NB 6 -20.37 129.81 98.09
N SER NB 7 -20.53 131.08 97.71
CA SER NB 7 -21.32 132.01 98.50
C SER NB 7 -22.80 131.84 98.19
N VAL NB 8 -23.59 131.62 99.25
CA VAL NB 8 -25.01 131.32 99.11
C VAL NB 8 -25.75 132.51 99.69
N GLY NB 9 -25.18 133.70 99.52
CA GLY NB 9 -25.68 134.90 100.15
C GLY NB 9 -24.58 135.53 100.97
N GLU NB 10 -24.74 135.51 102.29
CA GLU NB 10 -23.64 135.88 103.18
C GLU NB 10 -22.93 134.67 103.78
N ALA NB 11 -23.54 133.49 103.72
CA ALA NB 11 -22.89 132.28 104.21
C ALA NB 11 -22.09 131.63 103.08
N THR NB 12 -20.84 131.28 103.37
CA THR NB 12 -19.94 130.68 102.39
C THR NB 12 -19.65 129.25 102.80
N ARG NB 13 -19.79 128.32 101.87
CA ARG NB 13 -19.51 126.91 102.11
C ARG NB 13 -18.22 126.56 101.38
N THR NB 14 -17.12 126.51 102.12
CA THR NB 14 -15.80 126.32 101.54
C THR NB 14 -15.49 124.84 101.39
N LEU NB 15 -15.41 124.37 100.15
CA LEU NB 15 -14.97 123.02 99.88
C LEU NB 15 -13.46 122.98 99.75
N THR NB 16 -12.87 121.85 100.13
CA THR NB 16 -11.42 121.66 100.02
C THR NB 16 -11.15 120.44 99.19
N GLU NB 17 -10.01 120.44 98.50
CA GLU NB 17 -9.63 119.34 97.64
C GLU NB 17 -9.11 118.17 98.48
N ILE NB 18 -9.61 116.98 98.22
CA ILE NB 18 -9.22 115.78 98.97
C ILE NB 18 -8.55 114.73 98.10
N GLN NB 19 -8.62 114.85 96.78
CA GLN NB 19 -8.09 113.82 95.90
C GLN NB 19 -7.82 114.45 94.53
N SER NB 20 -6.71 114.07 93.91
CA SER NB 20 -6.33 114.64 92.62
C SER NB 20 -5.66 113.55 91.79
N THR NB 21 -6.38 113.05 90.79
CA THR NB 21 -5.83 112.10 89.84
C THR NB 21 -5.25 112.93 88.69
N ALA NB 22 -4.96 112.31 87.53
CA ALA NB 22 -4.49 113.06 86.37
C ALA NB 22 -5.54 114.05 85.88
N ASP NB 23 -6.75 113.59 85.66
CA ASP NB 23 -7.86 114.43 85.21
C ASP NB 23 -8.91 114.63 86.28
N ARG NB 24 -9.32 113.58 86.98
CA ARG NB 24 -10.36 113.69 87.99
C ARG NB 24 -9.84 114.41 89.22
N GLN NB 25 -10.73 115.18 89.86
CA GLN NB 25 -10.32 116.09 90.92
C GLN NB 25 -11.51 116.27 91.85
N ILE NB 26 -11.41 115.72 93.05
CA ILE NB 26 -12.55 115.62 93.98
C ILE NB 26 -12.37 116.65 95.09
N PHE NB 27 -13.38 117.49 95.28
CA PHE NB 27 -13.43 118.44 96.38
C PHE NB 27 -14.45 117.94 97.40
N GLU NB 28 -14.35 118.49 98.62
CA GLU NB 28 -15.24 118.09 99.70
C GLU NB 28 -15.26 119.18 100.76
N GLU NB 29 -16.39 119.30 101.46
CA GLU NB 29 -16.52 120.21 102.57
C GLU NB 29 -16.18 119.49 103.87
N LYS NB 30 -15.31 120.11 104.67
CA LYS NB 30 -14.71 119.43 105.81
C LYS NB 30 -15.40 119.70 107.14
N VAL NB 31 -16.67 120.11 107.14
CA VAL NB 31 -17.37 120.33 108.39
C VAL NB 31 -18.36 119.19 108.64
N GLY NB 32 -18.68 118.97 109.91
CA GLY NB 32 -19.69 118.01 110.28
C GLY NB 32 -19.16 116.59 110.34
N PRO NB 33 -20.07 115.60 110.36
CA PRO NB 33 -19.66 114.20 110.39
C PRO NB 33 -19.04 113.73 109.08
N LEU NB 34 -18.60 112.46 109.06
CA LEU NB 34 -17.87 111.91 107.93
C LEU NB 34 -18.76 111.29 106.87
N VAL NB 35 -20.02 111.01 107.19
CA VAL NB 35 -20.83 110.15 106.32
C VAL NB 35 -21.41 110.92 105.12
N GLY NB 36 -21.93 112.13 105.31
CA GLY NB 36 -22.49 112.86 104.21
C GLY NB 36 -21.98 114.27 104.12
N ARG NB 37 -21.26 114.59 103.06
CA ARG NB 37 -20.67 115.91 102.87
C ARG NB 37 -20.90 116.36 101.45
N LEU NB 38 -20.72 117.66 101.22
CA LEU NB 38 -20.73 118.18 99.86
C LEU NB 38 -19.58 117.61 99.06
N ARG NB 39 -19.85 117.32 97.79
CA ARG NB 39 -18.88 116.68 96.93
C ARG NB 39 -18.89 117.40 95.60
N LEU NB 40 -17.71 117.52 94.98
CA LEU NB 40 -17.62 118.20 93.69
C LEU NB 40 -16.52 117.49 92.91
N THR NB 41 -16.91 116.76 91.87
CA THR NB 41 -16.00 115.92 91.10
C THR NB 41 -15.80 116.56 89.73
N ALA NB 42 -14.80 117.42 89.63
CA ALA NB 42 -14.44 118.00 88.35
C ALA NB 42 -13.67 117.00 87.51
N SER NB 43 -13.62 117.26 86.20
CA SER NB 43 -12.91 116.40 85.27
C SER NB 43 -12.59 117.22 84.03
N LEU NB 44 -11.66 116.70 83.22
CA LEU NB 44 -11.29 117.33 81.96
C LEU NB 44 -10.61 116.28 81.10
N ARG NB 45 -11.18 116.01 79.93
CA ARG NB 45 -10.63 115.02 79.01
C ARG NB 45 -10.44 115.66 77.65
N GLN NB 46 -10.03 114.85 76.68
CA GLN NB 46 -10.14 115.24 75.27
C GLN NB 46 -10.34 113.97 74.45
N ASN NB 47 -11.51 113.85 73.83
CA ASN NB 47 -11.90 112.64 73.15
C ASN NB 47 -11.54 112.72 71.68
N GLY NB 48 -11.19 111.56 71.11
CA GLY NB 48 -10.92 111.44 69.69
C GLY NB 48 -9.51 111.82 69.30
N ALA NB 49 -9.38 112.54 68.19
CA ALA NB 49 -8.07 112.92 67.66
C ALA NB 49 -7.67 114.31 68.15
N LYS NB 50 -7.72 114.47 69.49
CA LYS NB 50 -7.25 115.66 70.21
C LYS NB 50 -7.95 116.94 69.76
N THR NB 51 -9.23 116.83 69.38
CA THR NB 51 -9.93 117.97 68.78
C THR NB 51 -11.03 118.56 69.64
N ALA NB 52 -11.49 117.87 70.67
CA ALA NB 52 -12.61 118.36 71.47
C ALA NB 52 -12.40 117.96 72.93
N TYR NB 53 -12.39 118.95 73.81
CA TYR NB 53 -12.29 118.71 75.24
C TYR NB 53 -13.67 118.41 75.83
N ARG NB 54 -13.68 117.99 77.09
CA ARG NB 54 -14.92 117.59 77.75
C ARG NB 54 -14.78 117.86 79.24
N VAL NB 55 -15.38 118.95 79.71
CA VAL NB 55 -15.44 119.25 81.13
C VAL NB 55 -16.66 118.54 81.70
N ASN NB 56 -16.55 118.07 82.95
CA ASN NB 56 -17.60 117.26 83.54
C ASN NB 56 -17.60 117.53 85.05
N LEU NB 57 -18.44 118.46 85.48
CA LEU NB 57 -18.64 118.73 86.89
C LEU NB 57 -19.81 117.91 87.42
N LYS NB 58 -19.80 117.71 88.75
CA LYS NB 58 -20.85 116.91 89.39
C LYS NB 58 -20.87 117.31 90.86
N LEU NB 59 -21.95 117.96 91.29
CA LEU NB 59 -22.09 118.43 92.66
C LEU NB 59 -23.08 117.53 93.37
N ASP NB 60 -22.57 116.68 94.27
CA ASP NB 60 -23.43 115.84 95.09
C ASP NB 60 -23.89 116.61 96.31
N GLN NB 61 -25.03 116.20 96.86
CA GLN NB 61 -25.51 116.77 98.12
C GLN NB 61 -26.33 115.72 98.83
N ALA NB 62 -25.81 115.21 99.93
CA ALA NB 62 -26.50 114.21 100.73
C ALA NB 62 -27.23 114.89 101.88
N ASP NB 63 -28.43 114.38 102.19
CA ASP NB 63 -29.23 114.93 103.29
C ASP NB 63 -29.02 114.04 104.50
N VAL NB 64 -28.06 114.37 105.32
CA VAL NB 64 -27.73 113.61 106.51
C VAL NB 64 -28.61 114.12 107.65
N VAL NB 65 -28.96 113.22 108.57
CA VAL NB 65 -29.79 113.56 109.72
C VAL NB 65 -29.25 112.79 110.94
N ASP NB 66 -29.12 113.48 112.06
CA ASP NB 66 -28.59 112.91 113.29
C ASP NB 66 -29.73 112.79 114.29
N CYS NB 67 -30.15 111.56 114.57
CA CYS NB 67 -31.27 111.30 115.48
C CYS NB 67 -30.78 110.59 116.72
N SER NB 68 -29.57 110.91 117.17
CA SER NB 68 -29.02 110.27 118.35
C SER NB 68 -29.65 110.77 119.64
N THR NB 69 -30.27 111.95 119.63
CA THR NB 69 -30.85 112.49 120.85
C THR NB 69 -32.29 112.00 121.03
N SER NB 70 -33.03 111.88 119.93
CA SER NB 70 -34.43 111.49 120.01
C SER NB 70 -34.59 110.00 120.29
N VAL NB 71 -34.14 109.15 119.37
CA VAL NB 71 -34.10 107.72 119.60
C VAL NB 71 -32.70 107.37 120.07
N CYS NB 72 -32.61 106.53 121.11
CA CYS NB 72 -31.34 106.25 121.74
C CYS NB 72 -30.55 105.22 120.94
N GLY NB 73 -29.28 105.52 120.71
CA GLY NB 73 -28.34 104.54 120.23
C GLY NB 73 -28.23 104.36 118.74
N GLU NB 74 -28.43 105.41 117.94
CA GLU NB 74 -28.20 105.31 116.52
C GLU NB 74 -27.39 106.49 116.02
N LEU NB 75 -26.85 106.32 114.82
CA LEU NB 75 -25.81 107.14 114.25
C LEU NB 75 -26.38 108.03 113.15
N PRO NB 76 -25.67 109.07 112.70
CA PRO NB 76 -26.15 109.84 111.54
C PRO NB 76 -26.13 109.00 110.28
N LYS NB 77 -27.09 109.29 109.39
CA LYS NB 77 -27.28 108.47 108.20
C LYS NB 77 -27.74 109.36 107.06
N VAL NB 78 -27.51 108.90 105.84
CA VAL NB 78 -27.88 109.65 104.65
C VAL NB 78 -29.25 109.21 104.20
N ARG NB 79 -30.20 110.15 104.17
CA ARG NB 79 -31.53 109.86 103.66
C ARG NB 79 -31.50 109.66 102.15
N TYR NB 80 -31.04 110.67 101.42
CA TYR NB 80 -31.01 110.66 99.96
C TYR NB 80 -29.87 111.53 99.48
N THR NB 81 -29.57 111.44 98.18
CA THR NB 81 -28.61 112.32 97.53
C THR NB 81 -29.25 112.95 96.31
N GLN NB 82 -28.95 114.22 96.09
CA GLN NB 82 -29.42 114.95 94.92
C GLN NB 82 -28.23 115.58 94.22
N VAL NB 83 -28.05 115.27 92.94
CA VAL NB 83 -26.89 115.70 92.19
C VAL NB 83 -27.30 116.79 91.20
N TRP NB 84 -26.30 117.49 90.66
CA TRP NB 84 -26.49 118.39 89.54
C TRP NB 84 -25.22 118.31 88.72
N SER NB 85 -25.23 117.47 87.70
CA SER NB 85 -24.06 117.29 86.85
C SER NB 85 -24.01 118.36 85.77
N HIS NB 86 -22.84 118.51 85.18
CA HIS NB 86 -22.65 119.34 84.00
C HIS NB 86 -21.81 118.55 83.01
N ASP NB 87 -21.95 118.86 81.73
CA ASP NB 87 -21.17 118.19 80.68
C ASP NB 87 -20.96 119.20 79.56
N VAL NB 88 -19.82 119.87 79.60
CA VAL NB 88 -19.48 120.88 78.61
C VAL NB 88 -18.62 120.25 77.53
N THR NB 89 -18.97 120.51 76.27
CA THR NB 89 -18.18 120.05 75.14
C THR NB 89 -17.54 121.27 74.48
N ILE NB 90 -16.21 121.30 74.48
CA ILE NB 90 -15.46 122.43 73.93
C ILE NB 90 -14.54 121.89 72.85
N VAL NB 91 -14.67 122.41 71.64
CA VAL NB 91 -13.77 122.05 70.55
C VAL NB 91 -12.51 122.90 70.65
N ALA NB 92 -11.38 122.31 70.23
CA ALA NB 92 -10.07 122.84 70.59
C ALA NB 92 -9.72 124.12 69.83
N ASN NB 93 -10.12 124.22 68.57
CA ASN NB 93 -9.76 125.36 67.74
C ASN NB 93 -10.77 126.48 67.78
N SER NB 94 -11.47 126.64 68.90
CA SER NB 94 -12.47 127.69 69.06
C SER NB 94 -11.81 129.05 69.16
N THR NB 95 -12.63 130.09 69.07
CA THR NB 95 -12.23 131.42 69.49
C THR NB 95 -12.64 131.60 70.95
N GLU NB 96 -12.05 132.60 71.60
CA GLU NB 96 -12.31 132.80 73.02
C GLU NB 96 -13.71 133.34 73.27
N ALA NB 97 -14.25 134.11 72.31
CA ALA NB 97 -15.60 134.62 72.45
C ALA NB 97 -16.65 133.54 72.28
N SER NB 98 -16.31 132.42 71.64
CA SER NB 98 -17.24 131.30 71.56
C SER NB 98 -17.36 130.60 72.91
N ARG NB 99 -16.25 130.44 73.61
CA ARG NB 99 -16.27 129.83 74.94
C ARG NB 99 -16.79 130.78 76.01
N LYS NB 100 -16.53 132.08 75.86
CA LYS NB 100 -16.99 133.03 76.87
C LYS NB 100 -18.50 133.25 76.79
N SER NB 101 -19.05 133.28 75.57
CA SER NB 101 -20.48 133.51 75.41
C SER NB 101 -21.29 132.28 75.79
N LEU NB 102 -20.72 131.09 75.60
CA LEU NB 102 -21.40 129.88 76.04
C LEU NB 102 -21.44 129.80 77.56
N TYR NB 103 -20.38 130.25 78.23
CA TYR NB 103 -20.40 130.33 79.69
C TYR NB 103 -21.33 131.43 80.15
N ASP NB 104 -21.35 132.57 79.45
CA ASP NB 104 -22.18 133.70 79.85
C ASP NB 104 -23.67 133.42 79.67
N LEU NB 105 -24.02 132.52 78.77
CA LEU NB 105 -25.42 132.15 78.62
C LEU NB 105 -25.85 131.14 79.69
N THR NB 106 -24.98 130.18 80.00
CA THR NB 106 -25.31 129.17 81.00
C THR NB 106 -25.27 129.75 82.41
N LYS NB 107 -24.42 130.76 82.64
CA LYS NB 107 -24.44 131.49 83.90
C LYS NB 107 -25.75 132.25 84.08
N SER NB 108 -26.30 132.76 82.98
CA SER NB 108 -27.57 133.46 83.02
C SER NB 108 -28.76 132.54 82.88
N LEU NB 109 -28.57 131.32 82.36
CA LEU NB 109 -29.65 130.36 82.30
C LEU NB 109 -30.00 129.86 83.69
N VAL NB 110 -28.99 129.49 84.49
CA VAL NB 110 -29.22 128.98 85.83
C VAL NB 110 -29.73 130.08 86.74
N ALA NB 111 -29.26 131.32 86.55
CA ALA NB 111 -29.61 132.41 87.45
C ALA NB 111 -31.01 132.96 87.24
N THR NB 112 -31.78 132.46 86.27
CA THR NB 112 -33.12 132.96 86.04
C THR NB 112 -34.11 132.28 86.97
N SER NB 113 -35.30 132.86 87.08
CA SER NB 113 -36.32 132.35 87.98
C SER NB 113 -37.20 131.28 87.35
N GLN NB 114 -36.92 130.88 86.12
CA GLN NB 114 -37.69 129.81 85.50
C GLN NB 114 -37.03 128.46 85.70
N VAL NB 115 -35.69 128.42 85.75
CA VAL NB 115 -34.99 127.18 86.06
C VAL NB 115 -34.99 126.95 87.58
N GLU NB 116 -35.22 128.01 88.36
CA GLU NB 116 -35.40 127.84 89.80
C GLU NB 116 -36.67 127.05 90.10
N ASP NB 117 -37.78 127.40 89.46
CA ASP NB 117 -39.02 126.67 89.68
C ASP NB 117 -39.02 125.31 89.01
N LEU NB 118 -38.08 125.04 88.11
CA LEU NB 118 -38.02 123.75 87.45
C LEU NB 118 -37.37 122.69 88.32
N VAL NB 119 -36.44 123.06 89.18
CA VAL NB 119 -35.75 122.06 90.01
C VAL NB 119 -36.28 122.09 91.44
N VAL NB 120 -36.94 123.18 91.82
CA VAL NB 120 -37.51 123.25 93.17
C VAL NB 120 -38.96 122.81 93.15
N ASN NB 121 -39.76 123.36 92.23
CA ASN NB 121 -41.20 123.11 92.21
C ASN NB 121 -41.65 122.31 91.00
N LEU NB 122 -40.71 121.88 90.15
CA LEU NB 122 -40.92 120.97 89.01
C LEU NB 122 -41.86 121.55 87.96
N VAL NB 123 -41.92 122.87 87.84
CA VAL NB 123 -42.75 123.54 86.83
C VAL NB 123 -41.93 123.65 85.55
N PRO NB 124 -42.49 123.33 84.38
CA PRO NB 124 -41.72 123.39 83.14
C PRO NB 124 -41.39 124.82 82.73
N LEU NB 125 -40.49 124.93 81.77
CA LEU NB 125 -39.93 126.21 81.35
C LEU NB 125 -40.88 126.93 80.40
N GLY NB 126 -40.66 128.24 80.26
CA GLY NB 126 -41.44 129.04 79.34
C GLY NB 126 -42.64 129.70 79.97
N ARG NB 127 -42.73 131.02 79.89
CA ARG NB 127 -43.87 131.78 80.39
C ARG NB 127 -44.29 132.77 79.32
N ALA NB 128 -45.59 132.79 79.02
CA ALA NB 128 -46.11 133.60 77.92
C ALA NB 128 -46.47 134.99 78.42
N TYR NB 129 -45.79 136.00 77.90
CA TYR NB 129 -46.13 137.41 78.13
C TYR NB 129 -46.20 138.09 76.77
N GLY NB 130 -47.42 138.20 76.22
CA GLY NB 130 -47.63 138.88 74.96
C GLY NB 130 -47.14 138.10 73.76
N GLY NB 131 -47.75 136.95 73.48
CA GLY NB 131 -47.36 136.14 72.35
C GLY NB 131 -47.21 134.68 72.70
N SER NB 132 -46.01 134.14 72.52
CA SER NB 132 -45.73 132.76 72.88
C SER NB 132 -44.93 132.72 74.20
N LYS NB 133 -44.53 131.52 74.58
CA LYS NB 133 -43.80 131.32 75.83
C LYS NB 133 -42.31 131.52 75.58
N THR NB 134 -41.71 132.45 76.31
CA THR NB 134 -40.32 132.83 76.11
C THR NB 134 -39.53 132.72 77.41
N ILE NB 135 -38.23 132.53 77.26
CA ILE NB 135 -37.27 132.64 78.37
C ILE NB 135 -36.15 133.57 77.92
N VAL NB 136 -35.89 134.61 78.69
CA VAL NB 136 -34.91 135.62 78.33
C VAL NB 136 -33.61 135.32 79.07
N LEU NB 137 -32.48 135.61 78.42
CA LEU NB 137 -31.15 135.33 78.97
C LEU NB 137 -30.35 136.63 78.88
N SER NB 138 -30.27 137.34 79.99
CA SER NB 138 -29.51 138.59 80.03
C SER NB 138 -28.02 138.31 80.12
N VAL NB 139 -27.27 138.87 79.18
CA VAL NB 139 -25.84 138.62 79.07
C VAL NB 139 -25.18 139.96 79.42
N GLY NB 140 -25.78 140.64 80.38
CA GLY NB 140 -25.43 142.02 80.66
C GLY NB 140 -26.61 142.91 80.31
N GLU NB 141 -26.49 143.66 79.23
CA GLU NB 141 -27.64 144.38 78.68
C GLU NB 141 -28.27 143.69 77.48
N ALA NB 142 -27.52 142.85 76.78
CA ALA NB 142 -28.06 142.12 75.64
C ALA NB 142 -28.92 140.96 76.13
N THR NB 143 -30.19 140.97 75.78
CA THR NB 143 -31.13 139.94 76.20
C THR NB 143 -31.49 139.08 74.99
N ARG NB 144 -30.91 137.89 74.93
CA ARG NB 144 -31.16 136.94 73.84
C ARG NB 144 -32.41 136.15 74.20
N THR NB 145 -33.55 136.57 73.65
CA THR NB 145 -34.84 135.99 73.98
C THR NB 145 -35.08 134.74 73.16
N LEU NB 146 -35.13 133.59 73.81
CA LEU NB 146 -35.51 132.34 73.18
C LEU NB 146 -37.03 132.20 73.17
N THR NB 147 -37.56 131.63 72.09
CA THR NB 147 -38.97 131.35 71.96
C THR NB 147 -39.19 129.86 71.85
N GLU NB 148 -40.25 129.37 72.48
CA GLU NB 148 -40.56 127.96 72.46
C GLU NB 148 -41.13 127.56 71.11
N ILE NB 149 -40.49 126.58 70.46
CA ILE NB 149 -40.94 126.11 69.17
C ILE NB 149 -41.57 124.72 69.22
N GLN NB 150 -41.48 124.02 70.35
CA GLN NB 150 -41.97 122.66 70.40
C GLN NB 150 -42.34 122.34 71.84
N SER NB 151 -43.32 121.45 72.01
CA SER NB 151 -43.74 120.97 73.33
C SER NB 151 -44.17 119.52 73.14
N THR NB 152 -43.26 118.59 73.41
CA THR NB 152 -43.51 117.17 73.26
C THR NB 152 -44.12 116.70 74.60
N ALA NB 153 -44.18 115.38 74.85
CA ALA NB 153 -44.74 114.87 76.10
C ALA NB 153 -43.89 115.28 77.29
N ASP NB 154 -42.57 115.09 77.21
CA ASP NB 154 -41.66 115.55 78.25
C ASP NB 154 -40.70 116.62 77.72
N ARG NB 155 -40.25 116.48 76.47
CA ARG NB 155 -39.29 117.39 75.87
C ARG NB 155 -39.92 118.76 75.64
N GLN NB 156 -39.04 119.76 75.52
CA GLN NB 156 -39.48 121.14 75.36
C GLN NB 156 -38.34 121.90 74.68
N ILE NB 157 -38.47 122.14 73.39
CA ILE NB 157 -37.39 122.72 72.60
C ILE NB 157 -37.62 124.21 72.42
N PHE NB 158 -36.67 125.00 72.88
CA PHE NB 158 -36.66 126.45 72.69
C PHE NB 158 -35.65 126.80 71.62
N GLU NB 159 -35.83 127.96 71.00
CA GLU NB 159 -34.94 128.38 69.93
C GLU NB 159 -35.01 129.89 69.76
N GLU NB 160 -33.86 130.51 69.53
CA GLU NB 160 -33.82 131.92 69.16
C GLU NB 160 -34.12 132.06 67.68
N LYS NB 161 -34.91 133.07 67.33
CA LYS NB 161 -35.47 133.18 66.00
C LYS NB 161 -34.80 134.21 65.12
N VAL NB 162 -33.74 134.86 65.57
CA VAL NB 162 -33.03 135.81 64.72
C VAL NB 162 -31.90 135.07 64.00
N GLY NB 163 -31.57 135.55 62.80
CA GLY NB 163 -30.47 135.01 62.05
C GLY NB 163 -30.88 133.90 61.10
N PRO NB 164 -29.89 133.18 60.57
CA PRO NB 164 -30.18 132.11 59.60
C PRO NB 164 -30.74 130.87 60.30
N LEU NB 165 -31.30 129.98 59.49
CA LEU NB 165 -31.87 128.74 59.97
C LEU NB 165 -30.84 127.68 60.35
N VAL NB 166 -29.60 127.86 59.92
CA VAL NB 166 -28.63 126.78 60.08
C VAL NB 166 -28.07 126.71 61.51
N GLY NB 167 -27.63 127.83 62.07
CA GLY NB 167 -27.09 127.82 63.42
C GLY NB 167 -27.83 128.77 64.33
N ARG NB 168 -28.55 128.22 65.31
CA ARG NB 168 -29.33 129.02 66.24
C ARG NB 168 -29.15 128.45 67.64
N LEU NB 169 -29.44 129.28 68.63
CA LEU NB 169 -29.45 128.83 70.01
C LEU NB 169 -30.57 127.82 70.23
N ARG NB 170 -30.27 126.77 70.99
CA ARG NB 170 -31.24 125.72 71.26
C ARG NB 170 -31.29 125.47 72.75
N LEU NB 171 -32.40 124.89 73.20
CA LEU NB 171 -32.57 124.55 74.61
C LEU NB 171 -33.57 123.40 74.67
N THR NB 172 -33.07 122.18 74.84
CA THR NB 172 -33.94 121.01 74.90
C THR NB 172 -34.10 120.62 76.37
N ALA NB 173 -35.04 121.27 77.05
CA ALA NB 173 -35.37 120.90 78.41
C ALA NB 173 -36.12 119.57 78.44
N SER NB 174 -36.16 118.95 79.61
CA SER NB 174 -36.80 117.66 79.77
C SER NB 174 -37.18 117.47 81.24
N LEU NB 175 -38.00 116.45 81.49
CA LEU NB 175 -38.46 116.12 82.83
C LEU NB 175 -39.01 114.70 82.79
N ARG NB 176 -38.49 113.83 83.66
CA ARG NB 176 -38.93 112.45 83.71
C ARG NB 176 -39.15 112.06 85.17
N GLN NB 177 -39.59 110.82 85.37
CA GLN NB 177 -39.51 110.18 86.69
C GLN NB 177 -39.30 108.69 86.45
N ASN NB 178 -38.20 108.16 86.96
CA ASN NB 178 -37.78 106.80 86.67
C ASN NB 178 -38.37 105.82 87.68
N GLY NB 179 -38.64 104.61 87.19
CA GLY NB 179 -39.03 103.49 88.04
C GLY NB 179 -40.37 103.64 88.72
N ALA NB 180 -40.41 103.40 90.02
CA ALA NB 180 -41.65 103.45 90.79
C ALA NB 180 -41.87 104.82 91.41
N LYS NB 181 -41.79 105.87 90.59
CA LYS NB 181 -42.11 107.25 90.94
C LYS NB 181 -41.29 107.77 92.12
N THR NB 182 -40.02 107.38 92.21
CA THR NB 182 -39.21 107.71 93.37
C THR NB 182 -38.20 108.82 93.14
N ALA NB 183 -37.90 109.18 91.88
CA ALA NB 183 -36.89 110.19 91.61
C ALA NB 183 -37.14 110.80 90.25
N TYR NB 184 -37.13 112.13 90.20
CA TYR NB 184 -37.26 112.85 88.95
C TYR NB 184 -35.89 113.03 88.31
N ARG NB 185 -35.88 113.57 87.09
CA ARG NB 185 -34.61 113.77 86.38
C ARG NB 185 -34.80 114.92 85.39
N VAL NB 186 -34.29 116.09 85.75
CA VAL NB 186 -34.31 117.24 84.85
C VAL NB 186 -33.07 117.19 83.97
N ASN NB 187 -33.20 117.62 82.72
CA ASN NB 187 -32.11 117.51 81.77
C ASN NB 187 -32.20 118.68 80.78
N LEU NB 188 -31.41 119.72 81.03
CA LEU NB 188 -31.27 120.82 80.10
C LEU NB 188 -30.07 120.60 79.19
N LYS NB 189 -30.07 121.30 78.06
CA LYS NB 189 -28.99 121.18 77.08
C LYS NB 189 -29.02 122.41 76.19
N LEU NB 190 -27.95 123.20 76.23
CA LEU NB 190 -27.87 124.45 75.48
C LEU NB 190 -26.77 124.31 74.43
N ASP NB 191 -27.17 124.23 73.16
CA ASP NB 191 -26.22 124.20 72.06
C ASP NB 191 -25.98 125.61 71.54
N GLN NB 192 -24.77 125.85 71.04
CA GLN NB 192 -24.42 127.14 70.48
C GLN NB 192 -23.48 126.91 69.31
N ALA NB 193 -24.04 126.90 68.10
CA ALA NB 193 -23.28 126.71 66.88
C ALA NB 193 -22.72 128.04 66.43
N ASP NB 194 -21.45 128.04 66.04
CA ASP NB 194 -20.77 129.26 65.61
C ASP NB 194 -20.90 129.37 64.10
N VAL NB 195 -21.77 130.25 63.65
CA VAL NB 195 -22.06 130.44 62.24
C VAL NB 195 -21.34 131.70 61.76
N VAL NB 196 -20.73 131.62 60.57
CA VAL NB 196 -19.97 132.72 59.99
C VAL NB 196 -20.45 132.92 58.57
N ASP NB 197 -20.38 134.16 58.09
CA ASP NB 197 -20.78 134.49 56.72
C ASP NB 197 -19.59 135.08 55.99
N CYS NB 198 -19.35 134.58 54.77
CA CYS NB 198 -18.23 135.01 53.96
C CYS NB 198 -18.71 135.87 52.79
N SER NB 199 -19.84 136.56 52.95
CA SER NB 199 -20.42 137.34 51.87
C SER NB 199 -19.59 138.58 51.54
N THR NB 200 -18.86 139.12 52.51
CA THR NB 200 -17.97 140.25 52.21
C THR NB 200 -16.74 139.78 51.44
N SER NB 201 -16.27 138.57 51.71
CA SER NB 201 -15.10 138.01 51.05
C SER NB 201 -15.43 137.34 49.71
N VAL NB 202 -16.38 136.41 49.70
CA VAL NB 202 -16.69 135.61 48.53
C VAL NB 202 -18.14 135.90 48.14
N CYS NB 203 -18.39 136.08 46.84
CA CYS NB 203 -19.74 136.29 46.34
C CYS NB 203 -20.62 135.07 46.55
N GLY NB 204 -21.89 135.32 46.85
CA GLY NB 204 -22.89 134.28 46.88
C GLY NB 204 -22.73 133.25 47.96
N GLU NB 205 -22.05 133.58 49.05
CA GLU NB 205 -21.75 132.62 50.11
C GLU NB 205 -22.84 132.73 51.17
N LEU NB 206 -23.61 131.68 51.31
CA LEU NB 206 -24.61 131.60 52.36
C LEU NB 206 -23.92 131.16 53.66
N PRO NB 207 -24.45 131.58 54.82
CA PRO NB 207 -23.77 131.27 56.09
C PRO NB 207 -23.80 129.79 56.41
N LYS NB 208 -22.78 129.36 57.15
CA LYS NB 208 -22.62 127.96 57.53
C LYS NB 208 -21.94 127.92 58.88
N VAL NB 209 -22.03 126.76 59.54
CA VAL NB 209 -21.49 126.58 60.88
C VAL NB 209 -20.12 125.93 60.78
N ARG NB 210 -19.24 126.28 61.72
CA ARG NB 210 -17.93 125.65 61.78
C ARG NB 210 -17.92 124.50 62.78
N TYR NB 211 -18.32 124.79 64.02
CA TYR NB 211 -18.33 123.81 65.09
C TYR NB 211 -19.58 124.00 65.93
N THR NB 212 -19.68 123.22 67.00
CA THR NB 212 -20.76 123.41 67.96
C THR NB 212 -20.24 123.09 69.37
N GLN NB 213 -20.75 123.81 70.35
CA GLN NB 213 -20.35 123.67 71.74
C GLN NB 213 -21.60 123.62 72.61
N VAL NB 214 -21.72 122.59 73.42
CA VAL NB 214 -22.91 122.37 74.23
C VAL NB 214 -22.56 122.54 75.71
N TRP NB 215 -23.60 122.64 76.53
CA TRP NB 215 -23.48 122.62 77.99
C TRP NB 215 -24.74 121.93 78.50
N SER NB 216 -24.63 120.64 78.78
CA SER NB 216 -25.75 119.90 79.31
C SER NB 216 -25.84 120.06 80.82
N HIS NB 217 -27.01 119.75 81.35
CA HIS NB 217 -27.21 119.63 82.79
C HIS NB 217 -27.94 118.33 83.05
N ASP NB 218 -27.77 117.79 84.25
CA ASP NB 218 -28.44 116.53 84.60
C ASP NB 218 -28.72 116.58 86.10
N VAL NB 219 -29.92 117.05 86.45
CA VAL NB 219 -30.33 117.19 87.83
C VAL NB 219 -31.11 115.95 88.23
N THR NB 220 -30.77 115.38 89.39
CA THR NB 220 -31.49 114.24 89.94
C THR NB 220 -32.16 114.68 91.23
N ILE NB 221 -33.47 114.55 91.28
CA ILE NB 221 -34.28 115.01 92.41
C ILE NB 221 -35.11 113.83 92.89
N VAL NB 222 -34.91 113.42 94.14
CA VAL NB 222 -35.73 112.34 94.67
C VAL NB 222 -37.08 112.91 95.11
N ALA NB 223 -38.09 112.04 95.14
CA ALA NB 223 -39.47 112.50 95.18
C ALA NB 223 -39.88 112.96 96.57
N ASN NB 224 -39.37 112.31 97.62
CA ASN NB 224 -39.74 112.63 98.99
C ASN NB 224 -38.80 113.63 99.63
N SER NB 225 -38.25 114.56 98.85
CA SER NB 225 -37.30 115.56 99.30
C SER NB 225 -37.95 116.55 100.25
N THR NB 226 -37.11 117.37 100.86
CA THR NB 226 -37.54 118.61 101.48
C THR NB 226 -37.35 119.72 100.46
N GLU NB 227 -38.26 120.69 100.43
CA GLU NB 227 -38.14 121.80 99.49
C GLU NB 227 -36.92 122.66 99.82
N ALA NB 228 -36.51 122.69 101.09
CA ALA NB 228 -35.30 123.39 101.47
C ALA NB 228 -34.04 122.67 100.99
N SER NB 229 -34.13 121.39 100.66
CA SER NB 229 -32.97 120.69 100.12
C SER NB 229 -32.92 120.80 98.60
N ARG NB 230 -34.07 120.98 97.96
CA ARG NB 230 -34.07 121.31 96.53
C ARG NB 230 -33.65 122.75 96.29
N LYS NB 231 -33.95 123.63 97.24
CA LYS NB 231 -33.56 125.02 97.10
C LYS NB 231 -32.07 125.20 97.32
N SER NB 232 -31.48 124.47 98.26
CA SER NB 232 -30.06 124.61 98.54
C SER NB 232 -29.20 123.97 97.45
N LEU NB 233 -29.70 122.93 96.79
CA LEU NB 233 -28.97 122.35 95.67
C LEU NB 233 -28.94 123.30 94.48
N TYR NB 234 -30.05 124.02 94.24
CA TYR NB 234 -30.06 125.02 93.18
C TYR NB 234 -29.21 126.21 93.54
N ASP NB 235 -29.28 126.65 94.80
CA ASP NB 235 -28.53 127.81 95.26
C ASP NB 235 -27.02 127.58 95.26
N LEU NB 236 -26.57 126.33 95.38
CA LEU NB 236 -25.15 126.05 95.27
C LEU NB 236 -24.70 125.99 93.82
N THR NB 237 -25.53 125.40 92.95
CA THR NB 237 -25.18 125.32 91.53
C THR NB 237 -25.27 126.68 90.85
N LYS NB 238 -26.21 127.53 91.29
CA LYS NB 238 -26.22 128.92 90.82
C LYS NB 238 -24.98 129.65 91.28
N SER NB 239 -24.49 129.34 92.48
CA SER NB 239 -23.28 129.96 92.99
C SER NB 239 -22.02 129.30 92.46
N LEU NB 240 -22.08 128.05 92.03
CA LEU NB 240 -20.90 127.38 91.49
C LEU NB 240 -20.55 127.91 90.12
N VAL NB 241 -21.55 128.02 89.24
CA VAL NB 241 -21.33 128.51 87.88
C VAL NB 241 -20.91 129.98 87.88
N ALA NB 242 -21.40 130.75 88.86
CA ALA NB 242 -21.08 132.18 88.92
C ALA NB 242 -19.67 132.47 89.40
N THR NB 243 -18.91 131.47 89.85
CA THR NB 243 -17.56 131.72 90.34
C THR NB 243 -16.59 131.94 89.18
N SER NB 244 -15.43 132.51 89.50
CA SER NB 244 -14.40 132.72 88.51
C SER NB 244 -13.53 131.50 88.29
N GLN NB 245 -13.68 130.47 89.12
CA GLN NB 245 -12.91 129.24 88.92
C GLN NB 245 -13.49 128.40 87.80
N VAL NB 246 -14.83 128.36 87.70
CA VAL NB 246 -15.48 127.67 86.59
C VAL NB 246 -15.47 128.51 85.33
N GLU NB 247 -15.30 129.83 85.47
CA GLU NB 247 -15.14 130.68 84.28
C GLU NB 247 -13.85 130.37 83.56
N ASP NB 248 -12.75 130.25 84.29
CA ASP NB 248 -11.47 129.90 83.69
C ASP NB 248 -11.38 128.43 83.33
N LEU NB 249 -12.23 127.58 83.88
CA LEU NB 249 -12.19 126.17 83.53
C LEU NB 249 -12.85 125.91 82.18
N VAL NB 250 -13.88 126.68 81.84
CA VAL NB 250 -14.53 126.52 80.55
C VAL NB 250 -13.83 127.33 79.47
N VAL NB 251 -13.42 128.56 79.79
CA VAL NB 251 -12.79 129.41 78.79
C VAL NB 251 -11.33 129.01 78.56
N ASN NB 252 -10.55 128.89 79.63
CA ASN NB 252 -9.12 128.70 79.52
C ASN NB 252 -8.61 127.34 79.97
N LEU NB 253 -9.51 126.42 80.33
CA LEU NB 253 -9.19 125.04 80.77
C LEU NB 253 -8.27 124.98 81.99
N VAL NB 254 -8.35 125.98 82.85
CA VAL NB 254 -7.58 125.99 84.10
C VAL NB 254 -8.32 125.14 85.13
N PRO NB 255 -7.65 124.19 85.79
CA PRO NB 255 -8.36 123.33 86.75
C PRO NB 255 -8.79 124.09 88.00
N LEU NB 256 -9.72 123.48 88.73
CA LEU NB 256 -10.32 124.12 89.88
C LEU NB 256 -9.38 124.05 91.09
N GLY NB 257 -9.62 124.95 92.04
CA GLY NB 257 -8.87 124.95 93.28
C GLY NB 257 -7.78 126.00 93.35
N ARG NB 258 -7.86 126.88 94.35
CA ARG NB 258 -6.82 127.87 94.57
C ARG NB 258 -6.48 127.99 96.06
N SER OB 1 -52.56 126.53 83.88
CA SER OB 1 -52.84 126.50 82.45
C SER OB 1 -54.14 125.77 82.16
N LYS OB 2 -54.04 124.49 81.84
CA LYS OB 2 -55.19 123.66 81.51
C LYS OB 2 -55.61 122.87 82.75
N THR OB 3 -56.83 123.11 83.21
CA THR OB 3 -57.26 122.63 84.51
C THR OB 3 -58.61 121.92 84.44
N ILE OB 4 -58.82 120.98 85.36
CA ILE OB 4 -60.13 120.44 85.70
C ILE OB 4 -60.39 120.75 87.16
N VAL OB 5 -61.60 121.20 87.46
CA VAL OB 5 -61.98 121.57 88.82
C VAL OB 5 -62.96 120.53 89.33
N LEU OB 6 -62.60 119.86 90.42
CA LEU OB 6 -63.43 118.83 91.04
C LEU OB 6 -63.96 119.38 92.36
N SER OB 7 -65.20 119.85 92.35
CA SER OB 7 -65.82 120.36 93.56
C SER OB 7 -66.50 119.23 94.32
N VAL OB 8 -66.11 119.06 95.58
CA VAL OB 8 -66.58 117.94 96.40
C VAL OB 8 -67.45 118.49 97.53
N GLY OB 9 -68.17 119.57 97.24
CA GLY OB 9 -68.88 120.31 98.26
C GLY OB 9 -68.58 121.78 98.09
N GLU OB 10 -67.92 122.39 99.07
CA GLU OB 10 -67.41 123.74 98.91
C GLU OB 10 -65.93 123.78 98.58
N ALA OB 11 -65.18 122.74 98.92
CA ALA OB 11 -63.77 122.68 98.57
C ALA OB 11 -63.62 122.22 97.12
N THR OB 12 -62.79 122.92 96.36
CA THR OB 12 -62.52 122.58 94.97
C THR OB 12 -61.06 122.17 94.83
N ARG OB 13 -60.82 121.00 94.26
CA ARG OB 13 -59.48 120.46 94.09
C ARG OB 13 -59.10 120.60 92.63
N THR OB 14 -58.33 121.64 92.31
CA THR OB 14 -58.01 121.99 90.93
C THR OB 14 -56.81 121.18 90.47
N LEU OB 15 -57.05 120.24 89.57
CA LEU OB 15 -55.97 119.51 88.91
C LEU OB 15 -55.40 120.36 87.78
N THR OB 16 -54.09 120.22 87.55
CA THR OB 16 -53.44 120.92 86.44
C THR OB 16 -52.76 119.91 85.53
N GLU OB 17 -52.76 120.20 84.24
CA GLU OB 17 -52.15 119.31 83.26
C GLU OB 17 -50.63 119.40 83.33
N ILE OB 18 -49.97 118.26 83.43
CA ILE OB 18 -48.52 118.20 83.55
C ILE OB 18 -47.85 117.51 82.38
N GLN OB 19 -48.59 116.80 81.54
CA GLN OB 19 -48.00 116.02 80.45
C GLN OB 19 -49.06 115.76 79.41
N SER OB 20 -48.69 115.88 78.13
CA SER OB 20 -49.64 115.70 77.04
C SER OB 20 -48.92 114.99 75.90
N THR OB 21 -49.25 113.72 75.70
CA THR OB 21 -48.73 112.92 74.60
C THR OB 21 -49.72 113.12 73.44
N ALA OB 22 -49.66 112.28 72.39
CA ALA OB 22 -50.62 112.35 71.30
C ALA OB 22 -52.04 112.05 71.79
N ASP OB 23 -52.21 110.93 72.48
CA ASP OB 23 -53.50 110.54 73.04
C ASP OB 23 -53.56 110.61 74.55
N ARG OB 24 -52.52 110.15 75.24
CA ARG OB 24 -52.51 110.17 76.70
C ARG OB 24 -52.33 111.58 77.23
N GLN OB 25 -52.90 111.85 78.40
CA GLN OB 25 -52.99 113.22 78.90
C GLN OB 25 -53.09 113.14 80.42
N ILE OB 26 -52.02 113.53 81.10
CA ILE OB 26 -51.88 113.32 82.55
C ILE OB 26 -52.08 114.64 83.27
N PHE OB 27 -53.02 114.65 84.22
CA PHE OB 27 -53.26 115.79 85.10
C PHE OB 27 -52.71 115.48 86.49
N GLU OB 28 -52.55 116.53 87.29
CA GLU OB 28 -52.04 116.37 88.65
C GLU OB 28 -52.44 117.60 89.47
N GLU OB 29 -52.59 117.39 90.77
CA GLU OB 29 -52.85 118.48 91.69
C GLU OB 29 -51.53 119.00 92.25
N LYS OB 30 -51.33 120.31 92.13
CA LYS OB 30 -50.04 120.92 92.45
C LYS OB 30 -49.95 121.41 93.89
N VAL OB 31 -50.72 120.84 94.81
CA VAL OB 31 -50.69 121.28 96.20
C VAL OB 31 -50.02 120.21 97.06
N GLY OB 32 -49.07 120.64 97.88
CA GLY OB 32 -48.46 119.77 98.86
C GLY OB 32 -47.11 119.22 98.44
N PRO OB 33 -46.66 118.14 99.08
CA PRO OB 33 -45.38 117.52 98.71
C PRO OB 33 -45.40 116.85 97.34
N LEU OB 34 -44.26 116.32 96.93
CA LEU OB 34 -44.10 115.79 95.59
C LEU OB 34 -44.35 114.29 95.49
N VAL OB 35 -44.52 113.60 96.61
CA VAL OB 35 -44.52 112.14 96.58
C VAL OB 35 -45.91 111.57 96.28
N GLY OB 36 -46.97 112.12 96.88
CA GLY OB 36 -48.29 111.60 96.62
C GLY OB 36 -49.28 112.70 96.29
N ARG OB 37 -49.79 112.69 95.06
CA ARG OB 37 -50.72 113.69 94.59
C ARG OB 37 -51.85 113.02 93.83
N LEU OB 38 -52.95 113.75 93.66
CA LEU OB 38 -54.03 113.31 92.80
C LEU OB 38 -53.55 113.22 91.36
N ARG OB 39 -54.03 112.20 90.65
CA ARG OB 39 -53.62 111.95 89.29
C ARG OB 39 -54.87 111.66 88.46
N LEU OB 40 -54.81 112.01 87.19
CA LEU OB 40 -55.93 111.75 86.29
C LEU OB 40 -55.36 111.53 84.89
N THR OB 41 -55.40 110.28 84.44
CA THR OB 41 -54.80 109.89 83.17
C THR OB 41 -55.92 109.65 82.18
N ALA OB 42 -56.26 110.68 81.40
CA ALA OB 42 -57.22 110.51 80.34
C ALA OB 42 -56.55 109.96 79.09
N SER OB 43 -57.35 109.33 78.23
CA SER OB 43 -56.85 108.76 76.99
C SER OB 43 -58.00 108.73 75.99
N LEU OB 44 -57.66 108.50 74.73
CA LEU OB 44 -58.64 108.37 73.66
C LEU OB 44 -57.97 107.68 72.49
N ARG OB 45 -58.56 106.58 72.02
CA ARG OB 45 -58.02 105.81 70.93
C ARG OB 45 -59.12 105.51 69.93
N GLN OB 46 -58.77 104.77 68.88
CA GLN OB 46 -59.78 104.13 68.03
C GLN OB 46 -59.17 102.83 67.51
N ASN OB 47 -59.67 101.70 68.02
CA ASN OB 47 -59.06 100.41 67.75
C ASN OB 47 -59.74 99.74 66.55
N GLY OB 48 -58.92 99.05 65.76
CA GLY OB 48 -59.42 98.28 64.63
C GLY OB 48 -59.54 99.09 63.36
N ALA OB 49 -60.66 98.92 62.65
CA ALA OB 49 -60.86 99.57 61.36
C ALA OB 49 -61.61 100.90 61.51
N LYS OB 50 -61.09 101.73 62.43
CA LYS OB 50 -61.51 103.12 62.62
C LYS OB 50 -63.00 103.27 62.93
N THR OB 51 -63.57 102.30 63.64
CA THR OB 51 -65.01 102.27 63.82
C THR OB 51 -65.48 102.43 65.27
N ALA OB 52 -64.60 102.28 66.25
CA ALA OB 52 -64.98 102.36 67.65
C ALA OB 52 -63.92 103.08 68.44
N TYR OB 53 -64.31 104.13 69.14
CA TYR OB 53 -63.39 104.86 70.01
C TYR OB 53 -63.35 104.23 71.39
N ARG OB 54 -62.34 104.62 72.18
CA ARG OB 54 -62.15 104.02 73.50
C ARG OB 54 -61.58 105.09 74.43
N VAL OB 55 -62.44 105.67 75.24
CA VAL OB 55 -62.03 106.61 76.27
C VAL OB 55 -61.61 105.82 77.50
N ASN OB 56 -60.61 106.33 78.23
CA ASN OB 56 -60.06 105.60 79.36
C ASN OB 56 -59.56 106.61 80.39
N LEU OB 57 -60.39 106.87 81.40
CA LEU OB 57 -59.99 107.68 82.53
C LEU OB 57 -59.45 106.81 83.66
N LYS OB 58 -58.63 107.41 84.51
CA LYS OB 58 -58.05 106.69 85.64
C LYS OB 58 -57.66 107.74 86.68
N LEU OB 59 -58.40 107.77 87.79
CA LEU OB 59 -58.14 108.72 88.86
C LEU OB 59 -57.44 107.99 90.00
N ASP OB 60 -56.14 108.27 90.17
CA ASP OB 60 -55.39 107.72 91.28
C ASP OB 60 -55.57 108.59 92.51
N GLN OB 61 -55.39 107.98 93.68
CA GLN OB 61 -55.40 108.74 94.92
C GLN OB 61 -54.52 108.02 95.93
N ALA OB 62 -53.36 108.60 96.22
CA ALA OB 62 -52.43 108.04 97.17
C ALA OB 62 -52.65 108.68 98.54
N ASP OB 63 -52.53 107.88 99.59
CA ASP OB 63 -52.73 108.36 100.96
C ASP OB 63 -51.35 108.62 101.56
N VAL OB 64 -50.93 109.86 101.53
CA VAL OB 64 -49.62 110.25 102.04
C VAL OB 64 -49.78 110.67 103.49
N VAL OB 65 -48.73 110.46 104.28
CA VAL OB 65 -48.71 110.86 105.68
C VAL OB 65 -47.33 111.41 106.01
N ASP OB 66 -47.29 112.49 106.78
CA ASP OB 66 -46.04 113.16 107.15
C ASP OB 66 -45.82 112.97 108.64
N CYS OB 67 -44.92 112.07 109.01
CA CYS OB 67 -44.66 111.72 110.39
C CYS OB 67 -43.34 112.29 110.85
N SER OB 68 -42.98 113.45 110.31
CA SER OB 68 -41.69 114.06 110.63
C SER OB 68 -41.67 114.72 111.99
N THR OB 69 -42.84 115.09 112.53
CA THR OB 69 -42.87 115.80 113.80
C THR OB 69 -42.88 114.82 114.98
N SER OB 70 -43.65 113.74 114.86
CA SER OB 70 -43.69 112.75 115.93
C SER OB 70 -42.44 111.89 115.93
N VAL OB 71 -42.16 111.20 114.84
CA VAL OB 71 -40.94 110.42 114.69
C VAL OB 71 -39.89 111.35 114.10
N CYS OB 72 -38.73 111.43 114.75
CA CYS OB 72 -37.69 112.35 114.31
C CYS OB 72 -36.91 111.76 113.14
N GLY OB 73 -36.83 112.51 112.05
CA GLY OB 73 -35.93 112.20 110.98
C GLY OB 73 -36.46 111.32 109.87
N GLU OB 74 -37.75 111.39 109.56
CA GLU OB 74 -38.27 110.66 108.41
C GLU OB 74 -39.20 111.55 107.59
N LEU OB 75 -39.44 111.09 106.37
CA LEU OB 75 -40.01 111.88 105.28
C LEU OB 75 -41.45 111.47 105.03
N PRO OB 76 -42.24 112.26 104.27
CA PRO OB 76 -43.56 111.79 103.87
C PRO OB 76 -43.49 110.58 102.95
N LYS OB 77 -44.51 109.73 103.03
CA LYS OB 77 -44.53 108.46 102.32
C LYS OB 77 -45.97 108.08 102.04
N VAL OB 78 -46.17 107.27 101.01
CA VAL OB 78 -47.50 106.84 100.62
C VAL OB 78 -47.81 105.51 101.29
N ARG OB 79 -48.98 105.41 101.91
CA ARG OB 79 -49.36 104.18 102.58
C ARG OB 79 -50.02 103.20 101.62
N TYR OB 80 -50.97 103.70 100.83
CA TYR OB 80 -51.67 102.89 99.85
C TYR OB 80 -52.15 103.76 98.71
N THR OB 81 -52.72 103.13 97.70
CA THR OB 81 -53.23 103.81 96.53
C THR OB 81 -54.56 103.21 96.13
N GLN OB 82 -55.57 104.06 95.97
CA GLN OB 82 -56.90 103.63 95.58
C GLN OB 82 -57.28 104.31 94.28
N VAL OB 83 -57.57 103.53 93.24
CA VAL OB 83 -57.85 104.06 91.92
C VAL OB 83 -59.33 103.86 91.61
N TRP OB 84 -59.79 104.55 90.56
CA TRP OB 84 -61.13 104.34 90.01
C TRP OB 84 -61.00 104.58 88.51
N SER OB 85 -60.80 103.51 87.76
CA SER OB 85 -60.65 103.61 86.33
C SER OB 85 -62.02 103.72 85.66
N HIS OB 86 -62.00 104.10 84.39
CA HIS OB 86 -63.17 104.07 83.53
C HIS OB 86 -62.75 103.52 82.18
N ASP OB 87 -63.70 102.93 81.46
CA ASP OB 87 -63.43 102.40 80.13
C ASP OB 87 -64.71 102.53 79.31
N VAL OB 88 -64.81 103.61 78.57
CA VAL OB 88 -65.97 103.90 77.74
C VAL OB 88 -65.70 103.41 76.33
N THR OB 89 -66.66 102.69 75.76
CA THR OB 89 -66.59 102.25 74.37
C THR OB 89 -67.66 102.98 73.58
N ILE OB 90 -67.24 103.74 72.57
CA ILE OB 90 -68.13 104.55 71.75
C ILE OB 90 -67.94 104.13 70.30
N VAL OB 91 -69.02 103.80 69.62
CA VAL OB 91 -68.96 103.50 68.20
C VAL OB 91 -69.06 104.79 67.42
N ALA OB 92 -68.39 104.81 66.26
CA ALA OB 92 -68.18 106.07 65.54
C ALA OB 92 -69.43 106.56 64.84
N ASN OB 93 -70.21 105.67 64.21
CA ASN OB 93 -71.38 106.05 63.45
C ASN OB 93 -72.64 106.12 64.28
N SER OB 94 -72.52 106.27 65.61
CA SER OB 94 -73.69 106.34 66.46
C SER OB 94 -74.33 107.72 66.38
N THR OB 95 -75.50 107.83 66.99
CA THR OB 95 -76.18 109.12 67.13
C THR OB 95 -75.74 109.79 68.41
N GLU OB 96 -75.98 111.10 68.48
CA GLU OB 96 -75.56 111.87 69.65
C GLU OB 96 -76.42 111.55 70.86
N ALA OB 97 -77.70 111.24 70.66
CA ALA OB 97 -78.58 110.94 71.78
C ALA OB 97 -78.29 109.61 72.42
N SER OB 98 -77.58 108.71 71.73
CA SER OB 98 -77.15 107.47 72.37
C SER OB 98 -75.96 107.71 73.29
N ARG OB 99 -75.02 108.55 72.85
CA ARG OB 99 -73.89 108.95 73.68
C ARG OB 99 -74.32 109.81 74.85
N LYS OB 100 -75.31 110.68 74.66
CA LYS OB 100 -75.78 111.54 75.73
C LYS OB 100 -76.54 110.74 76.79
N SER OB 101 -77.30 109.73 76.36
CA SER OB 101 -78.07 108.93 77.31
C SER OB 101 -77.18 107.96 78.06
N LEU OB 102 -76.10 107.50 77.42
CA LEU OB 102 -75.15 106.63 78.11
C LEU OB 102 -74.38 107.41 79.18
N TYR OB 103 -74.05 108.66 78.90
CA TYR OB 103 -73.42 109.51 79.91
C TYR OB 103 -74.41 109.86 81.01
N ASP OB 104 -75.67 110.09 80.66
CA ASP OB 104 -76.68 110.47 81.65
C ASP OB 104 -77.02 109.34 82.60
N LEU OB 105 -76.89 108.09 82.17
CA LEU OB 105 -77.13 106.97 83.07
C LEU OB 105 -75.96 106.75 84.00
N THR OB 106 -74.73 106.85 83.49
CA THR OB 106 -73.55 106.65 84.32
C THR OB 106 -73.33 107.80 85.29
N LYS OB 107 -73.76 109.01 84.92
CA LYS OB 107 -73.71 110.14 85.85
C LYS OB 107 -74.65 109.92 87.03
N SER OB 108 -75.81 109.33 86.78
CA SER OB 108 -76.75 109.04 87.84
C SER OB 108 -76.54 107.68 88.48
N LEU OB 109 -75.74 106.81 87.86
CA LEU OB 109 -75.38 105.56 88.53
C LEU OB 109 -74.38 105.82 89.64
N VAL OB 110 -73.37 106.64 89.38
CA VAL OB 110 -72.39 106.95 90.40
C VAL OB 110 -73.01 107.81 91.50
N ALA OB 111 -73.95 108.67 91.15
CA ALA OB 111 -74.52 109.60 92.11
C ALA OB 111 -75.56 108.96 93.04
N THR OB 112 -75.88 107.68 92.89
CA THR OB 112 -76.87 107.06 93.75
C THR OB 112 -76.22 106.58 95.05
N SER OB 113 -77.08 106.25 96.02
CA SER OB 113 -76.61 105.85 97.33
C SER OB 113 -76.28 104.37 97.43
N GLN OB 114 -76.50 103.60 96.38
CA GLN OB 114 -76.18 102.17 96.44
C GLN OB 114 -74.77 101.90 95.93
N VAL OB 115 -74.27 102.72 95.02
CA VAL OB 115 -72.88 102.61 94.58
C VAL OB 115 -71.97 103.33 95.58
N GLU OB 116 -72.52 104.26 96.36
CA GLU OB 116 -71.76 104.87 97.45
C GLU OB 116 -71.39 103.84 98.50
N ASP OB 117 -72.38 103.06 98.97
CA ASP OB 117 -72.12 102.04 99.97
C ASP OB 117 -71.34 100.85 99.42
N LEU OB 118 -71.25 100.71 98.09
CA LEU OB 118 -70.50 99.61 97.50
C LEU OB 118 -69.00 99.85 97.55
N VAL OB 119 -68.56 101.11 97.51
CA VAL OB 119 -67.12 101.38 97.51
C VAL OB 119 -66.69 101.87 98.89
N VAL OB 120 -67.60 102.47 99.65
CA VAL OB 120 -67.25 102.93 100.98
C VAL OB 120 -67.39 101.81 101.99
N ASN OB 121 -68.51 101.10 101.98
CA ASN OB 121 -68.83 100.11 102.99
C ASN OB 121 -68.89 98.69 102.45
N LEU OB 122 -68.60 98.50 101.16
CA LEU OB 122 -68.50 97.20 100.48
C LEU OB 122 -69.81 96.40 100.52
N VAL OB 123 -70.94 97.09 100.53
CA VAL OB 123 -72.25 96.44 100.54
C VAL OB 123 -72.73 96.28 99.09
N PRO OB 124 -73.18 95.09 98.68
CA PRO OB 124 -73.54 94.89 97.27
C PRO OB 124 -74.80 95.65 96.87
N LEU OB 125 -75.02 95.68 95.55
CA LEU OB 125 -76.07 96.50 94.96
C LEU OB 125 -77.44 95.85 95.10
N GLY OB 126 -78.47 96.66 94.93
CA GLY OB 126 -79.83 96.16 94.97
C GLY OB 126 -80.47 96.26 96.34
N ARG OB 127 -81.65 96.87 96.40
CA ARG OB 127 -82.40 96.98 97.65
C ARG OB 127 -83.87 96.69 97.35
N ALA OB 128 -84.47 95.79 98.13
CA ALA OB 128 -85.83 95.33 97.88
C ALA OB 128 -86.82 96.21 98.63
N TYR OB 129 -87.68 96.92 97.89
CA TYR OB 129 -88.83 97.60 98.45
C TYR OB 129 -90.04 97.30 97.57
N GLY OB 130 -90.85 96.34 98.01
CA GLY OB 130 -92.06 95.97 97.29
C GLY OB 130 -91.79 95.16 96.04
N GLY OB 131 -91.28 93.94 96.21
CA GLY OB 131 -90.99 93.08 95.08
C GLY OB 131 -89.58 92.54 95.11
N SER OB 132 -88.79 92.88 94.09
CA SER OB 132 -87.40 92.46 94.03
C SER OB 132 -86.48 93.65 94.32
N LYS OB 133 -85.18 93.40 94.19
CA LYS OB 133 -84.18 94.42 94.49
C LYS OB 133 -83.91 95.26 93.25
N THR OB 134 -84.04 96.59 93.38
CA THR OB 134 -84.00 97.48 92.25
C THR OB 134 -83.00 98.60 92.45
N ILE OB 135 -82.54 99.17 91.33
CA ILE OB 135 -81.78 100.42 91.30
C ILE OB 135 -82.57 101.40 90.46
N VAL OB 136 -82.73 102.62 90.95
CA VAL OB 136 -83.45 103.67 90.25
C VAL OB 136 -82.43 104.64 89.68
N LEU OB 137 -82.39 104.76 88.35
CA LEU OB 137 -81.45 105.62 87.65
C LEU OB 137 -82.24 106.74 86.98
N SER OB 138 -82.44 107.84 87.70
CA SER OB 138 -83.17 108.97 87.15
C SER OB 138 -82.28 109.81 86.26
N VAL OB 139 -82.77 110.12 85.06
CA VAL OB 139 -82.02 110.90 84.09
C VAL OB 139 -82.66 112.28 84.00
N GLY OB 140 -83.21 112.75 85.12
CA GLY OB 140 -84.07 113.91 85.14
C GLY OB 140 -85.29 113.59 85.96
N GLU OB 141 -86.46 113.60 85.34
CA GLU OB 141 -87.66 113.07 85.98
C GLU OB 141 -87.99 111.65 85.55
N ALA OB 142 -87.49 111.21 84.41
CA ALA OB 142 -87.69 109.83 83.97
C ALA OB 142 -86.75 108.91 84.73
N THR OB 143 -87.33 107.89 85.38
CA THR OB 143 -86.58 106.97 86.22
C THR OB 143 -86.57 105.60 85.55
N ARG OB 144 -85.43 105.21 85.00
CA ARG OB 144 -85.25 103.91 84.38
C ARG OB 144 -84.85 102.93 85.47
N THR OB 145 -85.84 102.20 86.01
CA THR OB 145 -85.63 101.29 87.13
C THR OB 145 -85.15 99.95 86.60
N LEU OB 146 -83.95 99.55 86.99
CA LEU OB 146 -83.44 98.22 86.70
C LEU OB 146 -83.84 97.27 87.81
N THR OB 147 -84.12 96.03 87.43
CA THR OB 147 -84.45 94.98 88.39
C THR OB 147 -83.38 93.90 88.32
N GLU OB 148 -83.05 93.33 89.48
CA GLU OB 148 -82.03 92.29 89.54
C GLU OB 148 -82.57 90.99 89.00
N ILE OB 149 -81.86 90.40 88.04
CA ILE OB 149 -82.28 89.14 87.45
C ILE OB 149 -81.39 87.98 87.86
N GLN OB 150 -80.26 88.23 88.51
CA GLN OB 150 -79.32 87.16 88.80
C GLN OB 150 -78.46 87.57 89.99
N SER OB 151 -78.06 86.61 90.80
CA SER OB 151 -77.15 86.82 91.92
C SER OB 151 -76.23 85.59 91.97
N THR OB 152 -75.04 85.73 91.42
CA THR OB 152 -74.06 84.66 91.39
C THR OB 152 -73.26 84.75 92.69
N ALA OB 153 -72.11 84.08 92.79
CA ALA OB 153 -71.29 84.14 94.00
C ALA OB 153 -70.76 85.54 94.25
N ASP OB 154 -70.19 86.17 93.22
CA ASP OB 154 -69.75 87.56 93.31
C ASP OB 154 -70.50 88.46 92.32
N ARG OB 155 -70.81 87.93 91.14
CA ARG OB 155 -71.50 88.68 90.10
C ARG OB 155 -72.93 88.99 90.49
N GLN OB 156 -73.49 90.02 89.86
CA GLN OB 156 -74.83 90.50 90.20
C GLN OB 156 -75.36 91.24 88.98
N ILE OB 157 -76.23 90.59 88.22
CA ILE OB 157 -76.67 91.10 86.93
C ILE OB 157 -78.04 91.76 87.08
N PHE OB 158 -78.11 93.04 86.74
CA PHE OB 158 -79.34 93.81 86.71
C PHE OB 158 -79.78 94.00 85.27
N GLU OB 159 -81.05 94.27 85.07
CA GLU OB 159 -81.60 94.43 83.72
C GLU OB 159 -82.92 95.18 83.79
N GLU OB 160 -83.13 96.06 82.82
CA GLU OB 160 -84.43 96.71 82.67
C GLU OB 160 -85.38 95.78 81.93
N LYS OB 161 -86.65 95.82 82.32
CA LYS OB 161 -87.62 94.82 81.88
C LYS OB 161 -88.53 95.28 80.75
N VAL OB 162 -88.54 96.55 80.42
CA VAL OB 162 -89.43 97.03 79.36
C VAL OB 162 -88.80 96.76 78.00
N GLY OB 163 -89.64 96.73 76.97
CA GLY OB 163 -89.18 96.57 75.61
C GLY OB 163 -88.87 95.14 75.23
N PRO OB 164 -88.20 94.95 74.10
CA PRO OB 164 -87.90 93.59 73.63
C PRO OB 164 -86.78 92.95 74.44
N LEU OB 165 -86.59 91.66 74.19
CA LEU OB 165 -85.55 90.89 74.86
C LEU OB 165 -84.19 91.02 74.20
N VAL OB 166 -84.11 91.63 73.02
CA VAL OB 166 -82.86 91.62 72.27
C VAL OB 166 -81.85 92.64 72.82
N GLY OB 167 -82.29 93.85 73.14
CA GLY OB 167 -81.39 94.84 73.69
C GLY OB 167 -82.00 95.57 74.87
N ARG OB 168 -81.36 95.43 76.03
CA ARG OB 168 -81.86 96.05 77.26
C ARG OB 168 -80.69 96.63 78.04
N LEU OB 169 -81.02 97.44 79.04
CA LEU OB 169 -80.00 97.93 79.95
C LEU OB 169 -79.46 96.80 80.80
N ARG OB 170 -78.22 96.95 81.25
CA ARG OB 170 -77.54 95.89 81.99
C ARG OB 170 -76.61 96.50 83.03
N LEU OB 171 -76.33 95.70 84.06
CA LEU OB 171 -75.36 96.08 85.09
C LEU OB 171 -74.71 94.80 85.61
N THR OB 172 -73.47 94.55 85.22
CA THR OB 172 -72.73 93.39 85.69
C THR OB 172 -71.79 93.87 86.79
N ALA OB 173 -72.32 93.97 88.01
CA ALA OB 173 -71.49 94.32 89.15
C ALA OB 173 -70.66 93.12 89.60
N SER OB 174 -69.61 93.39 90.35
CA SER OB 174 -68.75 92.34 90.89
C SER OB 174 -68.09 92.84 92.16
N LEU OB 175 -67.42 91.92 92.85
CA LEU OB 175 -66.70 92.22 94.08
C LEU OB 175 -65.76 91.06 94.35
N ARG OB 176 -64.47 91.36 94.51
CA ARG OB 176 -63.46 90.33 94.70
C ARG OB 176 -62.54 90.76 95.83
N GLN OB 177 -61.56 89.91 96.13
CA GLN OB 177 -60.39 90.31 96.90
C GLN OB 177 -59.23 89.44 96.46
N ASN OB 178 -58.27 90.06 95.76
CA ASN OB 178 -57.16 89.33 95.16
C ASN OB 178 -56.02 89.17 96.16
N GLY OB 179 -55.41 87.98 96.14
CA GLY OB 179 -54.24 87.71 96.93
C GLY OB 179 -54.54 87.34 98.36
N ALA OB 180 -53.78 87.89 99.30
CA ALA OB 180 -53.91 87.55 100.71
C ALA OB 180 -54.84 88.51 101.44
N LYS OB 181 -56.06 88.67 100.89
CA LYS OB 181 -57.14 89.48 101.46
C LYS OB 181 -56.73 90.93 101.72
N THR OB 182 -55.90 91.49 100.84
CA THR OB 182 -55.34 92.81 101.07
C THR OB 182 -55.95 93.91 100.23
N ALA OB 183 -56.67 93.58 99.17
CA ALA OB 183 -57.22 94.59 98.28
C ALA OB 183 -58.47 94.07 97.60
N TYR OB 184 -59.55 94.83 97.71
CA TYR OB 184 -60.80 94.50 97.04
C TYR OB 184 -60.77 95.02 95.61
N ARG OB 185 -61.77 94.63 94.81
CA ARG OB 185 -61.85 95.08 93.43
C ARG OB 185 -63.31 95.10 93.01
N VAL OB 186 -63.89 96.30 92.95
CA VAL OB 186 -65.25 96.48 92.48
C VAL OB 186 -65.21 96.70 90.97
N ASN OB 187 -66.20 96.17 90.26
CA ASN OB 187 -66.18 96.21 88.80
C ASN OB 187 -67.62 96.30 88.30
N LEU OB 188 -68.06 97.51 87.98
CA LEU OB 188 -69.36 97.72 87.35
C LEU OB 188 -69.20 97.78 85.83
N LYS OB 189 -70.30 97.54 85.14
CA LYS OB 189 -70.30 97.55 83.67
C LYS OB 189 -71.72 97.78 83.19
N LEU OB 190 -71.94 98.88 82.50
CA LEU OB 190 -73.27 99.24 82.01
C LEU OB 190 -73.28 99.15 80.50
N ASP OB 191 -74.01 98.17 79.97
CA ASP OB 191 -74.21 98.04 78.54
C ASP OB 191 -75.44 98.84 78.14
N GLN OB 192 -75.44 99.33 76.90
CA GLN OB 192 -76.61 100.01 76.35
C GLN OB 192 -76.63 99.77 74.85
N ALA OB 193 -77.43 98.81 74.42
CA ALA OB 193 -77.59 98.49 73.01
C ALA OB 193 -78.72 99.34 72.43
N ASP OB 194 -78.50 99.83 71.22
CA ASP OB 194 -79.46 100.72 70.56
C ASP OB 194 -80.35 99.88 69.65
N VAL OB 195 -81.55 99.58 70.12
CA VAL OB 195 -82.51 98.79 69.38
C VAL OB 195 -83.38 99.73 68.56
N VAL OB 196 -83.83 99.27 67.40
CA VAL OB 196 -84.68 100.06 66.53
C VAL OB 196 -85.70 99.12 65.88
N ASP OB 197 -86.87 99.66 65.57
CA ASP OB 197 -87.93 98.90 64.94
C ASP OB 197 -88.33 99.58 63.64
N CYS OB 198 -88.46 98.77 62.58
CA CYS OB 198 -88.82 99.27 61.26
C CYS OB 198 -90.24 98.89 60.90
N SER OB 199 -91.11 98.74 61.90
CA SER OB 199 -92.47 98.26 61.67
C SER OB 199 -93.34 99.26 60.93
N THR OB 200 -93.10 100.56 61.11
CA THR OB 200 -93.84 101.55 60.33
C THR OB 200 -93.30 101.66 58.91
N SER OB 201 -92.07 101.23 58.68
CA SER OB 201 -91.46 101.21 57.36
C SER OB 201 -91.69 99.89 56.63
N VAL OB 202 -91.30 98.78 57.24
CA VAL OB 202 -91.50 97.45 56.69
C VAL OB 202 -92.44 96.69 57.62
N CYS OB 203 -93.56 96.22 57.08
CA CYS OB 203 -94.50 95.45 57.89
C CYS OB 203 -93.94 94.09 58.23
N GLY OB 204 -94.28 93.60 59.42
CA GLY OB 204 -93.81 92.31 59.88
C GLY OB 204 -92.34 92.27 60.20
N GLU OB 205 -91.76 93.38 60.65
CA GLU OB 205 -90.34 93.47 60.93
C GLU OB 205 -90.15 93.52 62.45
N LEU OB 206 -89.33 92.62 62.96
CA LEU OB 206 -89.04 92.54 64.38
C LEU OB 206 -87.85 93.44 64.72
N PRO OB 207 -87.77 93.95 65.95
CA PRO OB 207 -86.65 94.84 66.31
C PRO OB 207 -85.31 94.13 66.35
N LYS OB 208 -84.25 94.91 66.17
CA LYS OB 208 -82.89 94.40 66.18
C LYS OB 208 -81.97 95.51 66.68
N VAL OB 209 -80.76 95.11 67.07
CA VAL OB 209 -79.80 96.04 67.65
C VAL OB 209 -78.82 96.51 66.57
N ARG OB 210 -78.50 97.80 66.60
CA ARG OB 210 -77.48 98.34 65.72
C ARG OB 210 -76.09 98.11 66.28
N TYR OB 211 -75.80 98.68 67.44
CA TYR OB 211 -74.49 98.62 68.07
C TYR OB 211 -74.67 98.47 69.58
N THR OB 212 -73.57 98.60 70.31
CA THR OB 212 -73.63 98.63 71.77
C THR OB 212 -72.56 99.57 72.28
N GLN OB 213 -72.81 100.17 73.44
CA GLN OB 213 -71.90 101.15 74.03
C GLN OB 213 -71.77 100.88 75.52
N VAL OB 214 -70.54 100.66 75.96
CA VAL OB 214 -70.27 100.18 77.31
C VAL OB 214 -69.57 101.29 78.09
N TRP OB 215 -69.91 101.41 79.37
CA TRP OB 215 -69.16 102.25 80.31
C TRP OB 215 -68.80 101.36 81.50
N SER OB 216 -67.57 100.87 81.52
CA SER OB 216 -67.10 100.02 82.59
C SER OB 216 -66.50 100.88 83.72
N HIS OB 217 -66.38 100.25 84.88
CA HIS OB 217 -65.68 100.85 86.02
C HIS OB 217 -64.75 99.80 86.61
N ASP OB 218 -63.69 100.26 87.26
CA ASP OB 218 -62.75 99.35 87.89
C ASP OB 218 -62.16 100.05 89.12
N VAL OB 219 -62.78 99.80 90.26
CA VAL OB 219 -62.40 100.44 91.52
C VAL OB 219 -61.50 99.48 92.28
N THR OB 220 -60.37 100.00 92.77
CA THR OB 220 -59.45 99.23 93.59
C THR OB 220 -59.46 99.81 94.99
N ILE OB 221 -59.77 98.98 95.97
CA ILE OB 221 -59.89 99.38 97.37
C ILE OB 221 -59.00 98.48 98.20
N VAL OB 222 -58.04 99.07 98.90
CA VAL OB 222 -57.19 98.29 99.78
C VAL OB 222 -57.92 98.02 101.09
N ALA OB 223 -57.51 96.97 101.79
CA ALA OB 223 -58.31 96.45 102.89
C ALA OB 223 -58.18 97.28 104.16
N ASN OB 224 -56.96 97.71 104.50
CA ASN OB 224 -56.71 98.42 105.75
C ASN OB 224 -56.81 99.93 105.59
N SER OB 225 -57.58 100.42 104.63
CA SER OB 225 -57.69 101.83 104.38
C SER OB 225 -58.59 102.50 105.42
N THR OB 226 -58.55 103.83 105.41
CA THR OB 226 -59.45 104.65 106.21
C THR OB 226 -60.78 104.75 105.47
N GLU OB 227 -61.88 104.79 106.21
CA GLU OB 227 -63.18 105.03 105.58
C GLU OB 227 -63.28 106.44 105.02
N ALA OB 228 -62.53 107.38 105.58
CA ALA OB 228 -62.49 108.74 105.03
C ALA OB 228 -61.76 108.82 103.71
N SER OB 229 -60.90 107.85 103.40
CA SER OB 229 -60.22 107.85 102.12
C SER OB 229 -61.03 107.13 101.05
N ARG OB 230 -61.87 106.17 101.46
CA ARG OB 230 -62.81 105.58 100.51
C ARG OB 230 -63.93 106.55 100.19
N LYS OB 231 -64.29 107.42 101.14
CA LYS OB 231 -65.34 108.40 100.89
C LYS OB 231 -64.86 109.49 99.94
N SER OB 232 -63.60 109.93 100.09
CA SER OB 232 -63.09 110.98 99.21
C SER OB 232 -62.79 110.46 97.82
N LEU OB 233 -62.50 109.17 97.67
CA LEU OB 233 -62.34 108.59 96.34
C LEU OB 233 -63.67 108.52 95.60
N TYR OB 234 -64.74 108.22 96.32
CA TYR OB 234 -66.07 108.21 95.70
C TYR OB 234 -66.52 109.63 95.38
N ASP OB 235 -66.26 110.57 96.28
CA ASP OB 235 -66.66 111.95 96.09
C ASP OB 235 -65.92 112.64 94.95
N LEU OB 236 -64.68 112.24 94.67
CA LEU OB 236 -63.97 112.82 93.54
C LEU OB 236 -64.44 112.22 92.22
N THR OB 237 -64.79 110.95 92.21
CA THR OB 237 -65.29 110.33 90.98
C THR OB 237 -66.74 110.73 90.72
N LYS OB 238 -67.53 110.94 91.76
CA LYS OB 238 -68.88 111.47 91.58
C LYS OB 238 -68.84 112.88 91.04
N SER OB 239 -67.83 113.66 91.44
CA SER OB 239 -67.69 115.01 90.93
C SER OB 239 -66.94 115.07 89.61
N LEU OB 240 -66.21 114.01 89.25
CA LEU OB 240 -65.54 114.00 87.96
C LEU OB 240 -66.52 113.78 86.82
N VAL OB 241 -67.41 112.79 86.97
CA VAL OB 241 -68.39 112.47 85.94
C VAL OB 241 -69.40 113.60 85.78
N ALA OB 242 -69.69 114.32 86.85
CA ALA OB 242 -70.66 115.40 86.80
C ALA OB 242 -70.14 116.67 86.14
N THR OB 243 -68.85 116.73 85.78
CA THR OB 243 -68.32 117.91 85.14
C THR OB 243 -68.71 117.96 83.67
N SER OB 244 -68.63 119.16 83.10
CA SER OB 244 -68.93 119.35 81.68
C SER OB 244 -67.75 119.04 80.78
N GLN OB 245 -66.58 118.71 81.36
CA GLN OB 245 -65.45 118.33 80.53
C GLN OB 245 -65.51 116.85 80.16
N VAL OB 246 -65.94 116.00 81.09
CA VAL OB 246 -66.15 114.59 80.80
C VAL OB 246 -67.43 114.38 80.01
N GLU OB 247 -68.38 115.33 80.08
CA GLU OB 247 -69.56 115.25 79.25
C GLU OB 247 -69.21 115.39 77.78
N ASP OB 248 -68.39 116.38 77.43
CA ASP OB 248 -67.96 116.57 76.05
C ASP OB 248 -66.92 115.56 75.62
N LEU OB 249 -66.24 114.90 76.56
CA LEU OB 249 -65.28 113.87 76.18
C LEU OB 249 -65.95 112.61 75.68
N VAL OB 250 -67.14 112.31 76.21
CA VAL OB 250 -67.88 111.13 75.76
C VAL OB 250 -68.83 111.47 74.63
N VAL OB 251 -69.51 112.62 74.71
CA VAL OB 251 -70.48 112.99 73.68
C VAL OB 251 -69.78 113.46 72.41
N ASN OB 252 -68.84 114.40 72.54
CA ASN OB 252 -68.23 115.04 71.38
C ASN OB 252 -66.74 114.77 71.22
N LEU OB 253 -66.16 113.91 72.05
CA LEU OB 253 -64.73 113.50 72.00
C LEU OB 253 -63.76 114.67 72.16
N VAL OB 254 -64.18 115.71 72.87
CA VAL OB 254 -63.31 116.86 73.15
C VAL OB 254 -62.38 116.48 74.30
N PRO OB 255 -61.07 116.67 74.17
CA PRO OB 255 -60.15 116.29 75.25
C PRO OB 255 -60.29 117.18 76.48
N LEU OB 256 -59.77 116.68 77.60
CA LEU OB 256 -59.91 117.37 78.87
C LEU OB 256 -58.92 118.53 78.97
N GLY OB 257 -59.23 119.46 79.86
CA GLY OB 257 -58.34 120.57 80.12
C GLY OB 257 -58.81 121.88 79.52
N ARG OB 258 -59.10 122.86 80.37
CA ARG OB 258 -59.54 124.17 79.91
C ARG OB 258 -58.77 125.27 80.62
N SER PB 1 -49.81 66.15 137.74
CA SER PB 1 -49.64 64.71 137.61
C SER PB 1 -48.22 64.30 137.96
N LYS PB 2 -47.39 64.11 136.94
CA LYS PB 2 -45.99 63.71 137.12
C LYS PB 2 -45.12 64.94 137.12
N THR PB 3 -44.40 65.16 138.21
CA THR PB 3 -43.70 66.42 138.44
C THR PB 3 -42.26 66.22 138.87
N ILE PB 4 -41.40 67.14 138.45
CA ILE PB 4 -40.09 67.37 139.05
C ILE PB 4 -40.08 68.79 139.59
N VAL PB 5 -39.64 68.95 140.83
CA VAL PB 5 -39.49 70.27 141.42
C VAL PB 5 -38.01 70.61 141.44
N LEU PB 6 -37.69 71.89 141.21
CA LEU PB 6 -36.32 72.38 141.17
C LEU PB 6 -36.24 73.57 142.13
N SER PB 7 -35.65 73.36 143.30
CA SER PB 7 -35.53 74.42 144.28
C SER PB 7 -34.31 75.27 143.96
N VAL PB 8 -34.51 76.58 143.89
CA VAL PB 8 -33.45 77.53 143.53
C VAL PB 8 -33.20 78.35 144.80
N GLY PB 9 -33.34 77.69 145.95
CA GLY PB 9 -33.29 78.36 147.22
C GLY PB 9 -34.56 78.09 147.98
N GLU PB 10 -35.39 79.12 148.14
CA GLU PB 10 -36.73 78.95 148.69
C GLU PB 10 -37.80 78.92 147.61
N ALA PB 11 -37.49 79.34 146.39
CA ALA PB 11 -38.46 79.30 145.31
C ALA PB 11 -38.34 77.99 144.56
N THR PB 12 -39.46 77.28 144.41
CA THR PB 12 -39.51 76.01 143.71
C THR PB 12 -40.23 76.20 142.39
N ARG PB 13 -39.63 75.71 141.31
CA ARG PB 13 -40.21 75.80 139.98
C ARG PB 13 -40.56 74.39 139.52
N THR PB 14 -41.81 74.00 139.74
CA THR PB 14 -42.25 72.64 139.46
C THR PB 14 -42.57 72.49 137.97
N LEU PB 15 -41.97 71.47 137.36
CA LEU PB 15 -42.23 71.11 135.97
C LEU PB 15 -43.30 70.03 135.92
N THR PB 16 -44.10 70.03 134.86
CA THR PB 16 -45.10 68.98 134.67
C THR PB 16 -44.84 68.27 133.35
N GLU PB 17 -45.15 66.98 133.34
CA GLU PB 17 -44.97 66.17 132.14
C GLU PB 17 -46.08 66.47 131.14
N ILE PB 18 -45.69 66.74 129.89
CA ILE PB 18 -46.64 67.07 128.84
C ILE PB 18 -46.65 66.06 127.71
N GLN PB 19 -45.66 65.17 127.63
CA GLN PB 19 -45.56 64.23 126.52
C GLN PB 19 -44.72 63.05 126.97
N SER PB 20 -45.11 61.85 126.53
CA SER PB 20 -44.39 60.64 126.92
C SER PB 20 -44.43 59.66 125.75
N THR PB 21 -43.30 59.51 125.08
CA THR PB 21 -43.13 58.55 124.00
C THR PB 21 -42.65 57.25 124.67
N ALA PB 22 -42.15 56.28 123.89
CA ALA PB 22 -41.57 55.06 124.45
C ALA PB 22 -40.36 55.38 125.34
N ASP PB 23 -39.42 56.15 124.84
CA ASP PB 23 -38.23 56.53 125.58
C ASP PB 23 -38.20 58.01 125.93
N ARG PB 24 -38.56 58.89 125.00
CA ARG PB 24 -38.49 60.33 125.24
C ARG PB 24 -39.61 60.76 126.17
N GLN PB 25 -39.35 61.82 126.93
CA GLN PB 25 -40.24 62.23 128.01
C GLN PB 25 -40.05 63.72 128.22
N ILE PB 26 -41.03 64.52 127.81
CA ILE PB 26 -40.92 65.97 127.77
C ILE PB 26 -41.66 66.57 128.96
N PHE PB 27 -40.94 67.36 129.75
CA PHE PB 27 -41.51 68.12 130.87
C PHE PB 27 -41.61 69.59 130.49
N GLU PB 28 -42.43 70.32 131.23
CA GLU PB 28 -42.64 71.73 130.96
C GLU PB 28 -43.21 72.41 132.20
N GLU PB 29 -42.88 73.69 132.37
CA GLU PB 29 -43.45 74.49 133.43
C GLU PB 29 -44.73 75.17 132.95
N LYS PB 30 -45.83 74.96 133.68
CA LYS PB 30 -47.13 75.40 133.25
C LYS PB 30 -47.51 76.80 133.71
N VAL PB 31 -46.54 77.63 134.07
CA VAL PB 31 -46.84 78.98 134.55
C VAL PB 31 -46.46 79.99 133.47
N GLY PB 32 -47.40 80.89 133.18
CA GLY PB 32 -47.13 82.00 132.29
C GLY PB 32 -47.70 81.82 130.90
N PRO PB 33 -47.21 82.62 129.95
CA PRO PB 33 -47.67 82.49 128.56
C PRO PB 33 -47.21 81.21 127.89
N LEU PB 34 -47.70 80.97 126.68
CA LEU PB 34 -47.49 79.71 125.99
C LEU PB 34 -46.24 79.70 125.11
N VAL PB 35 -45.61 80.85 124.87
CA VAL PB 35 -44.59 80.92 123.84
C VAL PB 35 -43.24 80.38 124.31
N GLY PB 36 -42.79 80.72 125.51
CA GLY PB 36 -41.53 80.20 126.00
C GLY PB 36 -41.59 79.78 127.45
N ARG PB 37 -41.34 78.50 127.70
CA ARG PB 37 -41.39 77.94 129.04
C ARG PB 37 -40.15 77.09 129.26
N LEU PB 38 -39.92 76.70 130.52
CA LEU PB 38 -38.90 75.72 130.80
C LEU PB 38 -39.25 74.38 130.17
N ARG PB 39 -38.21 73.68 129.72
CA ARG PB 39 -38.37 72.44 129.00
C ARG PB 39 -37.35 71.46 129.53
N LEU PB 40 -37.73 70.19 129.60
CA LEU PB 40 -36.81 69.15 130.09
C LEU PB 40 -37.12 67.89 129.30
N THR PB 41 -36.16 67.45 128.50
CA THR PB 41 -36.36 66.33 127.58
C THR PB 41 -35.45 65.20 128.01
N ALA PB 42 -35.97 64.31 128.84
CA ALA PB 42 -35.24 63.12 129.21
C ALA PB 42 -35.34 62.07 128.11
N SER PB 43 -34.39 61.14 128.10
CA SER PB 43 -34.39 60.02 127.17
C SER PB 43 -33.62 58.87 127.80
N LEU PB 44 -33.78 57.69 127.23
CA LEU PB 44 -33.07 56.50 127.68
C LEU PB 44 -33.09 55.48 126.56
N ARG PB 45 -31.91 55.05 126.12
CA ARG PB 45 -31.79 54.09 125.03
C ARG PB 45 -30.86 52.97 125.47
N GLN PB 46 -30.59 52.04 124.56
CA GLN PB 46 -29.48 51.11 124.72
C GLN PB 46 -28.91 50.81 123.34
N ASN PB 47 -27.69 51.29 123.10
CA ASN PB 47 -27.09 51.23 121.78
C ASN PB 47 -26.35 49.93 121.56
N GLY PB 48 -26.48 49.40 120.35
CA GLY PB 48 -25.73 48.22 119.95
C GLY PB 48 -26.33 46.92 120.42
N ALA PB 49 -25.49 46.04 120.97
CA ALA PB 49 -25.92 44.71 121.37
C ALA PB 49 -26.30 44.68 122.85
N LYS PB 50 -27.18 45.62 123.23
CA LYS PB 50 -27.85 45.67 124.53
C LYS PB 50 -26.86 45.80 125.70
N THR PB 51 -25.71 46.44 125.47
CA THR PB 51 -24.64 46.43 126.43
C THR PB 51 -24.38 47.77 127.12
N ALA PB 52 -24.91 48.87 126.59
CA ALA PB 52 -24.64 50.18 127.16
C ALA PB 52 -25.87 51.06 127.01
N TYR PB 53 -26.33 51.63 128.12
CA TYR PB 53 -27.45 52.56 128.11
C TYR PB 53 -26.96 53.98 127.82
N ARG PB 54 -27.91 54.86 127.53
CA ARG PB 54 -27.56 56.23 127.14
C ARG PB 54 -28.68 57.15 127.64
N VAL PB 55 -28.41 57.84 128.74
CA VAL PB 55 -29.32 58.84 129.27
C VAL PB 55 -29.01 60.18 128.61
N ASN PB 56 -30.05 61.00 128.39
CA ASN PB 56 -29.87 62.26 127.68
C ASN PB 56 -30.89 63.27 128.20
N LEU PB 57 -30.46 64.10 129.15
CA LEU PB 57 -31.27 65.22 129.60
C LEU PB 57 -30.94 66.47 128.79
N LYS PB 58 -31.91 67.39 128.74
CA LYS PB 58 -31.73 68.63 128.00
C LYS PB 58 -32.69 69.67 128.59
N LEU PB 59 -32.13 70.64 129.31
CA LEU PB 59 -32.93 71.68 129.95
C LEU PB 59 -32.83 72.95 129.11
N ASP PB 60 -33.94 73.30 128.46
CA ASP PB 60 -34.02 74.55 127.71
C ASP PB 60 -34.45 75.67 128.63
N GLN PB 61 -34.11 76.90 128.24
CA GLN PB 61 -34.56 78.07 128.98
C GLN PB 61 -34.62 79.25 128.02
N ALA PB 62 -35.83 79.68 127.67
CA ALA PB 62 -36.03 80.79 126.77
C ALA PB 62 -36.24 82.07 127.56
N ASP PB 63 -35.70 83.17 127.05
CA ASP PB 63 -35.84 84.47 127.71
C ASP PB 63 -36.99 85.22 127.05
N VAL PB 64 -38.13 85.22 127.70
CA VAL PB 64 -39.34 85.82 127.17
C VAL PB 64 -39.52 87.21 127.76
N VAL PB 65 -39.71 88.19 126.89
CA VAL PB 65 -40.00 89.56 127.30
C VAL PB 65 -41.39 89.90 126.76
N ASP PB 66 -42.15 90.68 127.54
CA ASP PB 66 -43.49 91.08 127.17
C ASP PB 66 -43.54 92.60 127.18
N CYS PB 67 -43.54 93.20 126.00
CA CYS PB 67 -43.46 94.65 125.85
C CYS PB 67 -44.78 95.20 125.34
N SER PB 68 -45.89 94.66 125.85
CA SER PB 68 -47.19 95.13 125.41
C SER PB 68 -47.59 96.45 126.06
N THR PB 69 -47.06 96.74 127.25
CA THR PB 69 -47.42 97.98 127.92
C THR PB 69 -46.60 99.15 127.41
N SER PB 70 -45.32 98.92 127.12
CA SER PB 70 -44.47 99.99 126.61
C SER PB 70 -44.76 100.27 125.15
N VAL PB 71 -44.54 99.30 124.28
CA VAL PB 71 -44.88 99.40 122.87
C VAL PB 71 -46.32 98.91 122.72
N CYS PB 72 -47.17 99.75 122.14
CA CYS PB 72 -48.57 99.40 122.02
C CYS PB 72 -48.76 98.41 120.87
N GLY PB 73 -49.43 97.31 121.16
CA GLY PB 73 -49.87 96.39 120.13
C GLY PB 73 -48.90 95.28 119.75
N GLU PB 74 -48.11 94.77 120.67
CA GLU PB 74 -47.28 93.61 120.38
C GLU PB 74 -47.34 92.60 121.53
N LEU PB 75 -46.87 91.40 121.23
CA LEU PB 75 -47.09 90.19 122.01
C LEU PB 75 -45.81 89.77 122.72
N PRO PB 76 -45.87 88.82 123.66
CA PRO PB 76 -44.63 88.24 124.20
C PRO PB 76 -43.83 87.53 123.12
N LYS PB 77 -42.53 87.46 123.34
CA LYS PB 77 -41.59 87.13 122.28
C LYS PB 77 -40.31 86.58 122.90
N VAL PB 78 -39.79 85.52 122.31
CA VAL PB 78 -38.59 84.85 122.81
C VAL PB 78 -37.36 85.56 122.26
N ARG PB 79 -36.54 86.10 123.16
CA ARG PB 79 -35.28 86.73 122.77
C ARG PB 79 -34.27 85.68 122.32
N TYR PB 80 -33.91 84.78 123.23
CA TYR PB 80 -32.90 83.76 122.98
C TYR PB 80 -33.22 82.53 123.81
N THR PB 81 -32.55 81.42 123.50
CA THR PB 81 -32.64 80.20 124.29
C THR PB 81 -31.25 79.77 124.70
N GLN PB 82 -31.12 79.29 125.93
CA GLN PB 82 -29.87 78.77 126.46
C GLN PB 82 -30.12 77.38 127.02
N VAL PB 83 -29.42 76.39 126.50
CA VAL PB 83 -29.65 74.99 126.87
C VAL PB 83 -28.52 74.52 127.77
N TRP PB 84 -28.75 73.38 128.43
CA TRP PB 84 -27.70 72.67 129.14
C TRP PB 84 -28.04 71.18 129.00
N SER PB 85 -27.42 70.53 128.01
CA SER PB 85 -27.67 69.13 127.79
C SER PB 85 -26.77 68.27 128.67
N HIS PB 86 -27.14 67.00 128.77
CA HIS PB 86 -26.31 65.99 129.42
C HIS PB 86 -26.28 64.77 128.52
N ASP PB 87 -25.26 63.94 128.69
CA ASP PB 87 -25.14 62.69 127.92
C ASP PB 87 -24.37 61.70 128.78
N VAL PB 88 -25.10 60.84 129.45
CA VAL PB 88 -24.52 59.84 130.34
C VAL PB 88 -24.46 58.51 129.62
N THR PB 89 -23.32 57.82 129.74
CA THR PB 89 -23.16 56.49 129.20
C THR PB 89 -22.95 55.51 130.34
N ILE PB 90 -23.88 54.57 130.50
CA ILE PB 90 -23.83 53.56 131.55
C ILE PB 90 -23.75 52.20 130.87
N VAL PB 91 -22.78 51.39 131.28
CA VAL PB 91 -22.67 50.04 130.75
C VAL PB 91 -23.58 49.12 131.55
N ALA PB 92 -24.09 48.08 130.89
CA ALA PB 92 -25.15 47.28 131.47
C ALA PB 92 -24.67 46.37 132.59
N ASN PB 93 -23.50 45.76 132.43
CA ASN PB 93 -22.98 44.82 133.42
C ASN PB 93 -22.14 45.51 134.50
N SER PB 94 -22.38 46.80 134.74
CA SER PB 94 -21.64 47.54 135.74
C SER PB 94 -22.07 47.15 137.15
N THR PB 95 -21.26 47.54 138.12
CA THR PB 95 -21.66 47.47 139.51
C THR PB 95 -22.34 48.77 139.91
N GLU PB 96 -23.08 48.73 141.02
CA GLU PB 96 -23.87 49.89 141.41
C GLU PB 96 -23.00 51.02 141.93
N ALA PB 97 -21.92 50.69 142.64
CA ALA PB 97 -21.08 51.73 143.23
C ALA PB 97 -20.22 52.45 142.21
N SER PB 98 -20.08 51.91 141.00
CA SER PB 98 -19.36 52.64 139.96
C SER PB 98 -20.22 53.76 139.39
N ARG PB 99 -21.49 53.47 139.11
CA ARG PB 99 -22.37 54.49 138.56
C ARG PB 99 -23.02 55.34 139.63
N LYS PB 100 -22.93 54.93 140.90
CA LYS PB 100 -23.30 55.84 141.98
C LYS PB 100 -22.21 56.88 142.19
N SER PB 101 -20.94 56.46 142.10
CA SER PB 101 -19.84 57.40 142.32
C SER PB 101 -19.67 58.33 141.12
N LEU PB 102 -20.07 57.89 139.93
CA LEU PB 102 -20.06 58.78 138.77
C LEU PB 102 -21.10 59.88 138.92
N TYR PB 103 -22.25 59.56 139.52
CA TYR PB 103 -23.24 60.58 139.81
C TYR PB 103 -22.76 61.50 140.93
N ASP PB 104 -22.06 60.94 141.91
CA ASP PB 104 -21.59 61.73 143.04
C ASP PB 104 -20.50 62.72 142.65
N LEU PB 105 -19.71 62.40 141.64
CA LEU PB 105 -18.70 63.35 141.17
C LEU PB 105 -19.33 64.45 140.34
N THR PB 106 -20.30 64.11 139.48
CA THR PB 106 -20.93 65.11 138.63
C THR PB 106 -21.86 66.02 139.43
N LYS PB 107 -22.46 65.50 140.50
CA LYS PB 107 -23.23 66.34 141.40
C LYS PB 107 -22.35 67.37 142.09
N SER PB 108 -21.12 66.97 142.45
CA SER PB 108 -20.18 67.89 143.07
C SER PB 108 -19.38 68.68 142.07
N LEU PB 109 -19.36 68.26 140.80
CA LEU PB 109 -18.69 69.06 139.78
C LEU PB 109 -19.50 70.29 139.43
N VAL PB 110 -20.81 70.13 139.26
CA VAL PB 110 -21.66 71.27 138.95
C VAL PB 110 -21.77 72.20 140.16
N ALA PB 111 -21.78 71.65 141.37
CA ALA PB 111 -22.02 72.45 142.56
C ALA PB 111 -20.81 73.27 143.00
N THR PB 112 -19.66 73.15 142.35
CA THR PB 112 -18.51 73.93 142.75
C THR PB 112 -18.58 75.33 142.16
N SER PB 113 -17.73 76.22 142.69
CA SER PB 113 -17.74 77.61 142.26
C SER PB 113 -16.81 77.89 141.09
N GLN PB 114 -16.20 76.88 140.49
CA GLN PB 114 -15.38 77.10 139.32
C GLN PB 114 -16.16 76.84 138.02
N VAL PB 115 -17.13 75.92 138.06
CA VAL PB 115 -18.00 75.71 136.92
C VAL PB 115 -19.10 76.78 136.92
N GLU PB 116 -19.34 77.43 138.06
CA GLU PB 116 -20.24 78.57 138.09
C GLU PB 116 -19.69 79.73 137.28
N ASP PB 117 -18.42 80.06 137.48
CA ASP PB 117 -17.81 81.15 136.72
C ASP PB 117 -17.53 80.77 135.27
N LEU PB 118 -17.53 79.48 134.95
CA LEU PB 118 -17.33 79.06 133.56
C LEU PB 118 -18.59 79.26 132.73
N VAL PB 119 -19.76 79.16 133.34
CA VAL PB 119 -21.01 79.29 132.60
C VAL PB 119 -21.50 80.73 132.70
N VAL PB 120 -21.39 81.33 133.88
CA VAL PB 120 -21.88 82.69 134.06
C VAL PB 120 -20.91 83.70 133.47
N ASN PB 121 -19.63 83.62 133.86
CA ASN PB 121 -18.65 84.66 133.52
C ASN PB 121 -17.59 84.20 132.53
N LEU PB 122 -17.68 82.95 132.04
CA LEU PB 122 -16.83 82.39 130.99
C LEU PB 122 -15.36 82.31 131.38
N VAL PB 123 -15.06 82.19 132.67
CA VAL PB 123 -13.68 82.03 133.13
C VAL PB 123 -13.32 80.55 133.08
N PRO PB 124 -12.16 80.17 132.54
CA PRO PB 124 -11.81 78.74 132.45
C PRO PB 124 -11.54 78.12 133.82
N LEU PB 125 -11.46 76.79 133.80
CA LEU PB 125 -11.37 76.03 135.04
C LEU PB 125 -9.94 75.99 135.56
N GLY PB 126 -9.81 75.63 136.83
CA GLY PB 126 -8.50 75.50 137.44
C GLY PB 126 -8.05 76.75 138.18
N ARG PB 127 -7.68 76.59 139.45
CA ARG PB 127 -7.17 77.67 140.26
C ARG PB 127 -5.91 77.19 140.97
N ALA PB 128 -4.81 77.93 140.82
CA ALA PB 128 -3.51 77.50 141.33
C ALA PB 128 -3.31 78.06 142.74
N TYR PB 129 -3.50 77.20 143.73
CA TYR PB 129 -3.27 77.53 145.14
C TYR PB 129 -2.23 76.54 145.68
N GLY PB 130 -0.98 76.98 145.72
CA GLY PB 130 0.09 76.14 146.22
C GLY PB 130 0.50 75.05 145.26
N GLY PB 131 0.98 75.42 144.08
CA GLY PB 131 1.38 74.43 143.09
C GLY PB 131 0.78 74.67 141.72
N SER PB 132 -0.01 73.71 141.25
CA SER PB 132 -0.69 73.84 139.97
C SER PB 132 -2.18 74.11 140.17
N LYS PB 133 -2.90 74.18 139.05
CA LYS PB 133 -4.32 74.54 139.08
C LYS PB 133 -5.15 73.28 139.29
N THR PB 134 -5.97 73.28 140.34
CA THR PB 134 -6.70 72.10 140.76
C THR PB 134 -8.20 72.38 140.89
N ILE PB 135 -8.99 71.33 140.72
CA ILE PB 135 -10.40 71.32 141.10
C ILE PB 135 -10.58 70.24 142.15
N VAL PB 136 -11.24 70.56 143.25
CA VAL PB 136 -11.55 69.60 144.29
C VAL PB 136 -12.99 69.15 144.12
N LEU PB 137 -13.24 67.86 144.25
CA LEU PB 137 -14.56 67.27 144.06
C LEU PB 137 -14.87 66.44 145.31
N SER PB 138 -15.44 67.10 146.31
CA SER PB 138 -15.82 66.42 147.54
C SER PB 138 -17.08 65.59 147.32
N VAL PB 139 -16.99 64.32 147.69
CA VAL PB 139 -18.10 63.38 147.52
C VAL PB 139 -18.68 63.07 148.90
N GLY PB 140 -18.60 64.05 149.79
CA GLY PB 140 -18.85 63.84 151.20
C GLY PB 140 -17.74 64.52 151.97
N GLU PB 141 -16.92 63.74 152.68
CA GLU PB 141 -15.70 64.27 153.28
C GLU PB 141 -14.46 63.97 152.46
N ALA PB 142 -14.48 62.92 151.63
CA ALA PB 142 -13.36 62.60 150.78
C ALA PB 142 -13.31 63.53 149.58
N THR PB 143 -12.17 64.16 149.35
CA THR PB 143 -11.99 65.13 148.28
C THR PB 143 -11.06 64.56 147.23
N ARG PB 144 -11.61 64.18 146.08
CA ARG PB 144 -10.84 63.69 144.95
C ARG PB 144 -10.35 64.90 144.17
N THR PB 145 -9.08 65.26 144.36
CA THR PB 145 -8.52 66.47 143.78
C THR PB 145 -7.90 66.17 142.43
N LEU PB 146 -8.45 66.74 141.38
CA LEU PB 146 -7.88 66.65 140.04
C LEU PB 146 -6.86 67.75 139.86
N THR PB 147 -5.82 67.46 139.08
CA THR PB 147 -4.81 68.45 138.73
C THR PB 147 -4.78 68.61 137.22
N GLU PB 148 -4.49 69.84 136.77
CA GLU PB 148 -4.45 70.12 135.35
C GLU PB 148 -3.17 69.57 134.75
N ILE PB 149 -3.30 68.77 133.70
CA ILE PB 149 -2.14 68.22 133.00
C ILE PB 149 -1.93 68.82 131.63
N GLN PB 150 -2.88 69.59 131.12
CA GLN PB 150 -2.76 70.10 129.75
C GLN PB 150 -3.60 71.35 129.62
N SER PB 151 -3.17 72.28 128.76
CA SER PB 151 -3.90 73.49 128.45
C SER PB 151 -3.65 73.79 126.97
N THR PB 152 -4.60 73.38 126.13
CA THR PB 152 -4.50 73.57 124.69
C THR PB 152 -5.09 74.96 124.39
N ALA PB 153 -5.40 75.24 123.12
CA ALA PB 153 -5.98 76.54 122.75
C ALA PB 153 -7.35 76.75 123.39
N ASP PB 154 -8.24 75.77 123.25
CA ASP PB 154 -9.53 75.81 123.92
C ASP PB 154 -9.69 74.68 124.94
N ARG PB 155 -9.18 73.49 124.63
CA ARG PB 155 -9.28 72.33 125.49
C ARG PB 155 -8.45 72.53 126.76
N GLN PB 156 -8.82 71.77 127.80
CA GLN PB 156 -8.17 71.91 129.11
C GLN PB 156 -8.38 70.59 129.85
N ILE PB 157 -7.36 69.74 129.84
CA ILE PB 157 -7.49 68.37 130.33
C ILE PB 157 -6.99 68.29 131.77
N PHE PB 158 -7.88 67.85 132.66
CA PHE PB 158 -7.57 67.60 134.06
C PHE PB 158 -7.47 66.10 134.28
N GLU PB 159 -6.79 65.72 135.37
CA GLU PB 159 -6.59 64.31 135.68
C GLU PB 159 -6.22 64.16 137.15
N GLU PB 160 -6.68 63.07 137.76
CA GLU PB 160 -6.25 62.72 139.11
C GLU PB 160 -4.97 61.92 139.05
N LYS PB 161 -4.08 62.15 140.00
CA LYS PB 161 -2.74 61.59 139.97
C LYS PB 161 -2.53 60.40 140.88
N VAL PB 162 -3.55 59.97 141.60
CA VAL PB 162 -3.41 58.82 142.49
C VAL PB 162 -3.73 57.54 141.73
N GLY PB 163 -2.87 56.54 141.87
CA GLY PB 163 -3.11 55.23 141.31
C GLY PB 163 -2.36 54.96 140.02
N PRO PB 164 -2.77 53.93 139.30
CA PRO PB 164 -2.08 53.57 138.06
C PRO PB 164 -2.37 54.54 136.92
N LEU PB 165 -1.59 54.39 135.86
CA LEU PB 165 -1.73 55.24 134.68
C LEU PB 165 -2.84 54.80 133.75
N VAL PB 166 -3.37 53.59 133.91
CA VAL PB 166 -4.29 53.05 132.91
C VAL PB 166 -5.70 53.63 133.08
N GLY PB 167 -6.19 53.77 134.31
CA GLY PB 167 -7.52 54.33 134.51
C GLY PB 167 -7.51 55.42 135.55
N ARG PB 168 -7.85 56.64 135.13
CA ARG PB 168 -7.84 57.79 136.01
C ARG PB 168 -9.02 58.68 135.68
N LEU PB 169 -9.35 59.57 136.61
CA LEU PB 169 -10.39 60.55 136.38
C LEU PB 169 -9.92 61.57 135.33
N ARG PB 170 -10.87 62.15 134.62
CA ARG PB 170 -10.55 63.06 133.53
C ARG PB 170 -11.57 64.18 133.46
N LEU PB 171 -11.15 65.28 132.83
CA LEU PB 171 -12.04 66.41 132.58
C LEU PB 171 -11.52 67.13 131.33
N THR PB 172 -12.18 66.91 130.21
CA THR PB 172 -11.81 67.61 128.97
C THR PB 172 -12.78 68.77 128.79
N ALA PB 173 -12.53 69.86 129.52
CA ALA PB 173 -13.32 71.07 129.35
C ALA PB 173 -12.99 71.75 128.03
N SER PB 174 -13.91 72.58 127.56
CA SER PB 174 -13.71 73.30 126.32
C SER PB 174 -14.51 74.59 126.38
N LEU PB 175 -14.27 75.45 125.39
CA LEU PB 175 -14.96 76.74 125.28
C LEU PB 175 -14.75 77.25 123.87
N ARG PB 176 -15.83 77.55 123.17
CA ARG PB 176 -15.77 77.99 121.79
C ARG PB 176 -16.70 79.17 121.59
N GLN PB 177 -16.72 79.70 120.37
CA GLN PB 177 -17.79 80.58 119.93
C GLN PB 177 -17.95 80.40 118.43
N ASN PB 178 -19.14 80.00 118.01
CA ASN PB 178 -19.39 79.65 116.62
C ASN PB 178 -19.77 80.86 115.79
N GLY PB 179 -19.43 80.81 114.50
CA GLY PB 179 -19.88 81.78 113.52
C GLY PB 179 -19.41 83.20 113.75
N ALA PB 180 -20.34 84.14 113.75
CA ALA PB 180 -20.01 85.55 113.90
C ALA PB 180 -20.10 86.01 115.35
N LYS PB 181 -19.43 85.27 116.24
CA LYS PB 181 -19.23 85.61 117.66
C LYS PB 181 -20.54 85.82 118.40
N THR PB 182 -21.54 84.99 118.12
CA THR PB 182 -22.88 85.21 118.64
C THR PB 182 -23.29 84.26 119.76
N ALA PB 183 -22.59 83.14 119.94
CA ALA PB 183 -22.99 82.17 120.94
C ALA PB 183 -21.78 81.35 121.36
N TYR PB 184 -21.61 81.19 122.67
CA TYR PB 184 -20.54 80.36 123.20
C TYR PB 184 -21.00 78.92 123.33
N ARG PB 185 -20.08 78.02 123.64
CA ARG PB 185 -20.41 76.60 123.78
C ARG PB 185 -19.40 75.97 124.74
N VAL PB 186 -19.83 75.73 125.97
CA VAL PB 186 -19.02 75.06 126.98
C VAL PB 186 -19.27 73.56 126.88
N ASN PB 187 -18.23 72.76 127.10
CA ASN PB 187 -18.35 71.32 126.91
C ASN PB 187 -17.43 70.61 127.90
N LEU PB 188 -18.01 70.14 129.01
CA LEU PB 188 -17.30 69.32 129.96
C LEU PB 188 -17.51 67.84 129.68
N LYS PB 189 -16.62 67.01 130.20
CA LYS PB 189 -16.68 65.57 129.97
C LYS PB 189 -15.88 64.87 131.07
N LEU PB 190 -16.57 64.14 131.93
CA LEU PB 190 -15.94 63.47 133.06
C LEU PB 190 -15.92 61.97 132.79
N ASP PB 191 -14.73 61.42 132.53
CA ASP PB 191 -14.56 60.00 132.30
C ASP PB 191 -14.25 59.30 133.62
N GLN PB 192 -14.78 58.10 133.79
CA GLN PB 192 -14.50 57.31 134.98
C GLN PB 192 -14.33 55.85 134.57
N ALA PB 193 -13.07 55.41 134.49
CA ALA PB 193 -12.75 54.03 134.15
C ALA PB 193 -12.62 53.21 135.41
N ASP PB 194 -13.21 52.02 135.40
CA ASP PB 194 -13.22 51.14 136.58
C ASP PB 194 -12.05 50.16 136.46
N VAL PB 195 -10.98 50.45 137.17
CA VAL PB 195 -9.78 49.63 137.16
C VAL PB 195 -9.85 48.65 138.31
N VAL PB 196 -9.32 47.44 138.10
CA VAL PB 196 -9.33 46.40 139.11
C VAL PB 196 -7.98 45.69 139.09
N ASP PB 197 -7.57 45.17 140.25
CA ASP PB 197 -6.32 44.44 140.37
C ASP PB 197 -6.58 43.04 140.90
N CYS PB 198 -5.95 42.05 140.26
CA CYS PB 198 -6.11 40.65 140.62
C CYS PB 198 -4.85 40.11 141.29
N SER PB 199 -4.05 40.99 141.90
CA SER PB 199 -2.75 40.60 142.43
C SER PB 199 -2.85 39.71 143.66
N THR PB 200 -3.93 39.83 144.43
CA THR PB 200 -4.09 38.96 145.59
C THR PB 200 -4.58 37.57 145.17
N SER PB 201 -5.13 37.44 143.96
CA SER PB 201 -5.59 36.16 143.45
C SER PB 201 -4.59 35.54 142.48
N VAL PB 202 -4.15 36.29 141.47
CA VAL PB 202 -3.19 35.83 140.49
C VAL PB 202 -1.95 36.72 140.59
N CYS PB 203 -0.80 36.10 140.85
CA CYS PB 203 0.44 36.85 140.95
C CYS PB 203 0.91 37.37 139.60
N GLY PB 204 1.69 38.44 139.64
CA GLY PB 204 2.19 39.05 138.43
C GLY PB 204 1.15 39.73 137.59
N GLU PB 205 0.02 40.12 138.18
CA GLU PB 205 -1.10 40.70 137.45
C GLU PB 205 -1.10 42.20 137.68
N LEU PB 206 -0.86 42.95 136.61
CA LEU PB 206 -0.95 44.39 136.64
C LEU PB 206 -2.41 44.83 136.46
N PRO PB 207 -2.78 45.99 137.01
CA PRO PB 207 -4.19 46.42 136.91
C PRO PB 207 -4.60 46.75 135.48
N LYS PB 208 -5.91 46.63 135.24
CA LYS PB 208 -6.49 46.85 133.93
C LYS PB 208 -7.90 47.37 134.11
N VAL PB 209 -8.42 48.00 133.06
CA VAL PB 209 -9.75 48.61 133.09
C VAL PB 209 -10.77 47.61 132.57
N ARG PB 210 -11.97 47.63 133.16
CA ARG PB 210 -13.04 46.77 132.71
C ARG PB 210 -13.93 47.48 131.70
N TYR PB 211 -14.49 48.62 132.09
CA TYR PB 211 -15.39 49.39 131.24
C TYR PB 211 -15.09 50.87 131.45
N THR PB 212 -15.91 51.72 130.85
CA THR PB 212 -15.80 53.15 131.09
C THR PB 212 -17.21 53.75 131.09
N GLN PB 213 -17.38 54.81 131.86
CA GLN PB 213 -18.66 55.50 132.00
C GLN PB 213 -18.41 56.99 132.02
N VAL PB 214 -19.07 57.71 131.12
CA VAL PB 214 -18.84 59.14 130.94
C VAL PB 214 -20.07 59.91 131.40
N TRP PB 215 -19.90 61.22 131.58
CA TRP PB 215 -21.01 62.15 131.79
C TRP PB 215 -20.60 63.45 131.10
N SER PB 216 -21.04 63.61 129.86
CA SER PB 216 -20.74 64.81 129.12
C SER PB 216 -21.70 65.93 129.48
N HIS PB 217 -21.27 67.15 129.22
CA HIS PB 217 -22.11 68.33 129.33
C HIS PB 217 -22.01 69.12 128.05
N ASP PB 218 -23.06 69.88 127.74
CA ASP PB 218 -23.07 70.70 126.53
C ASP PB 218 -23.90 71.94 126.82
N VAL PB 219 -23.23 73.00 127.27
CA VAL PB 219 -23.87 74.25 127.61
C VAL PB 219 -23.79 75.18 126.41
N THR PB 220 -24.92 75.80 126.07
CA THR PB 220 -24.97 76.80 125.01
C THR PB 220 -25.34 78.12 125.63
N ILE PB 221 -24.50 79.13 125.38
CA ILE PB 221 -24.67 80.46 125.96
C ILE PB 221 -24.60 81.47 124.81
N VAL PB 222 -25.65 82.24 124.63
CA VAL PB 222 -25.62 83.27 123.60
C VAL PB 222 -24.91 84.49 124.15
N ALA PB 223 -24.34 85.28 123.25
CA ALA PB 223 -23.35 86.30 123.65
C ALA PB 223 -24.00 87.51 124.29
N ASN PB 224 -25.17 87.93 123.82
CA ASN PB 224 -25.84 89.13 124.31
C ASN PB 224 -26.80 88.84 125.43
N SER PB 225 -26.53 87.84 126.26
CA SER PB 225 -27.40 87.43 127.34
C SER PB 225 -27.43 88.46 128.46
N THR PB 226 -28.30 88.21 129.42
CA THR PB 226 -28.25 88.89 130.71
C THR PB 226 -27.47 87.98 131.65
N GLU PB 227 -26.71 88.58 132.56
CA GLU PB 227 -25.96 87.79 133.53
C GLU PB 227 -26.89 87.08 134.51
N ALA PB 228 -28.09 87.62 134.73
CA ALA PB 228 -29.09 86.93 135.54
C ALA PB 228 -29.74 85.80 134.79
N SER PB 229 -29.57 85.72 133.47
CA SER PB 229 -30.11 84.60 132.70
C SER PB 229 -29.14 83.43 132.68
N ARG PB 230 -27.83 83.71 132.67
CA ARG PB 230 -26.85 82.64 132.79
C ARG PB 230 -26.78 82.11 134.20
N LYS PB 231 -27.09 82.95 135.19
CA LYS PB 231 -27.08 82.50 136.57
C LYS PB 231 -28.26 81.58 136.86
N SER PB 232 -29.43 81.89 136.28
CA SER PB 232 -30.60 81.05 136.53
C SER PB 232 -30.51 79.72 135.79
N LEU PB 233 -29.83 79.70 134.64
CA LEU PB 233 -29.64 78.43 133.92
C LEU PB 233 -28.69 77.52 134.68
N TYR PB 234 -27.64 78.08 135.29
CA TYR PB 234 -26.74 77.28 136.10
C TYR PB 234 -27.41 76.81 137.38
N ASP PB 235 -28.21 77.67 138.00
CA ASP PB 235 -28.89 77.34 139.24
C ASP PB 235 -29.96 76.28 139.07
N LEU PB 236 -30.57 76.18 137.89
CA LEU PB 236 -31.54 75.11 137.66
C LEU PB 236 -30.85 73.79 137.38
N THR PB 237 -29.71 73.81 136.67
CA THR PB 237 -28.99 72.58 136.40
C THR PB 237 -28.27 72.07 137.65
N LYS PB 238 -27.81 72.98 138.50
CA LYS PB 238 -27.27 72.58 139.80
C LYS PB 238 -28.35 71.95 140.67
N SER PB 239 -29.58 72.44 140.56
CA SER PB 239 -30.69 71.89 141.31
C SER PB 239 -31.29 70.65 140.66
N LEU PB 240 -31.12 70.50 139.35
CA LEU PB 240 -31.65 69.32 138.67
C LEU PB 240 -30.84 68.08 139.00
N VAL PB 241 -29.51 68.19 138.94
CA VAL PB 241 -28.63 67.06 139.23
C VAL PB 241 -28.73 66.66 140.69
N ALA PB 242 -28.95 67.61 141.59
CA ALA PB 242 -29.03 67.33 143.01
C ALA PB 242 -30.32 66.65 143.43
N THR PB 243 -31.29 66.49 142.53
CA THR PB 243 -32.55 65.86 142.91
C THR PB 243 -32.38 64.35 143.01
N SER PB 244 -33.35 63.70 143.65
CA SER PB 244 -33.34 62.25 143.79
C SER PB 244 -33.97 61.55 142.59
N GLN PB 245 -34.56 62.30 141.66
CA GLN PB 245 -35.11 61.67 140.47
C GLN PB 245 -34.04 61.38 139.44
N VAL PB 246 -33.06 62.28 139.31
CA VAL PB 246 -31.95 62.05 138.40
C VAL PB 246 -30.94 61.08 139.00
N GLU PB 247 -30.92 60.95 140.33
CA GLU PB 247 -30.07 59.94 140.96
C GLU PB 247 -30.53 58.54 140.60
N ASP PB 248 -31.83 58.28 140.68
CA ASP PB 248 -32.38 56.99 140.30
C ASP PB 248 -32.40 56.78 138.79
N LEU PB 249 -32.35 57.86 138.00
CA LEU PB 249 -32.29 57.72 136.56
C LEU PB 249 -30.92 57.24 136.11
N VAL PB 250 -29.87 57.55 136.87
CA VAL PB 250 -28.53 57.12 136.51
C VAL PB 250 -28.15 55.82 137.22
N VAL PB 251 -28.45 55.71 138.51
CA VAL PB 251 -28.07 54.52 139.27
C VAL PB 251 -28.99 53.35 138.92
N ASN PB 252 -30.31 53.58 138.88
CA ASN PB 252 -31.26 52.49 138.73
C ASN PB 252 -32.13 52.59 137.48
N LEU PB 253 -31.89 53.58 136.61
CA LEU PB 253 -32.60 53.78 135.33
C LEU PB 253 -34.10 53.98 135.50
N VAL PB 254 -34.54 54.51 136.65
CA VAL PB 254 -35.95 54.82 136.85
C VAL PB 254 -36.27 56.12 136.14
N PRO PB 255 -37.30 56.18 135.30
CA PRO PB 255 -37.61 57.42 134.57
C PRO PB 255 -38.09 58.53 135.49
N LEU PB 256 -38.05 59.74 134.97
CA LEU PB 256 -38.37 60.93 135.76
C LEU PB 256 -39.86 61.10 135.92
N GLY PB 257 -40.26 61.84 136.95
CA GLY PB 257 -41.64 62.17 137.17
C GLY PB 257 -42.32 61.37 138.26
N ARG PB 258 -42.80 62.05 139.29
CA ARG PB 258 -43.53 61.39 140.36
C ARG PB 258 -44.77 62.19 140.76
N SER QB 1 -79.78 90.82 106.04
CA SER QB 1 -80.45 89.81 105.22
C SER QB 1 -80.44 88.46 105.91
N LYS QB 2 -79.50 87.61 105.52
CA LYS QB 2 -79.38 86.26 106.07
C LYS QB 2 -78.33 86.28 107.18
N THR QB 3 -78.75 85.92 108.38
CA THR QB 3 -77.92 86.12 109.57
C THR QB 3 -77.83 84.87 110.41
N ILE QB 4 -76.68 84.71 111.07
CA ILE QB 4 -76.51 83.80 112.19
C ILE QB 4 -76.13 84.63 113.41
N VAL QB 5 -76.82 84.39 114.52
CA VAL QB 5 -76.60 85.13 115.75
C VAL QB 5 -75.89 84.24 116.74
N LEU QB 6 -74.71 84.65 117.18
CA LEU QB 6 -73.90 83.89 118.14
C LEU QB 6 -73.90 84.66 119.46
N SER QB 7 -74.66 84.18 120.43
CA SER QB 7 -74.70 84.82 121.74
C SER QB 7 -73.58 84.28 122.63
N VAL QB 8 -72.82 85.19 123.23
CA VAL QB 8 -71.66 84.83 124.03
C VAL QB 8 -72.04 85.24 125.47
N GLY QB 9 -73.32 85.06 125.79
CA GLY QB 9 -73.84 85.51 127.06
C GLY QB 9 -74.96 86.50 126.84
N GLU QB 10 -74.74 87.76 127.21
CA GLU QB 10 -75.65 88.83 126.87
C GLU QB 10 -75.25 89.58 125.61
N ALA QB 11 -74.00 89.44 125.16
CA ALA QB 11 -73.56 90.07 123.94
C ALA QB 11 -73.76 89.13 122.75
N THR QB 12 -74.37 89.64 121.69
CA THR QB 12 -74.64 88.85 120.48
C THR QB 12 -73.79 89.42 119.34
N ARG QB 13 -73.13 88.53 118.62
CA ARG QB 13 -72.30 88.91 117.47
C ARG QB 13 -72.97 88.39 116.21
N THR QB 14 -73.65 89.28 115.50
CA THR QB 14 -74.47 88.90 114.35
C THR QB 14 -73.62 88.86 113.08
N LEU QB 15 -73.44 87.68 112.53
CA LEU QB 15 -72.79 87.50 111.24
C LEU QB 15 -73.81 87.64 110.12
N THR QB 16 -73.38 88.22 109.01
CA THR QB 16 -74.25 88.34 107.84
C THR QB 16 -73.59 87.65 106.66
N GLU QB 17 -74.42 87.16 105.74
CA GLU QB 17 -73.93 86.43 104.58
C GLU QB 17 -73.43 87.40 103.52
N ILE QB 18 -72.21 87.18 103.04
CA ILE QB 18 -71.61 88.06 102.04
C ILE QB 18 -71.36 87.38 100.71
N GLN QB 19 -71.45 86.05 100.62
CA GLN QB 19 -71.15 85.34 99.39
C GLN QB 19 -71.82 83.98 99.45
N SER QB 20 -72.43 83.57 98.33
CA SER QB 20 -73.15 82.30 98.29
C SER QB 20 -72.88 81.65 96.94
N THR QB 21 -72.09 80.59 96.95
CA THR QB 21 -71.82 79.79 95.77
C THR QB 21 -72.88 78.69 95.76
N ALA QB 22 -72.70 77.64 94.94
CA ALA QB 22 -73.63 76.51 94.94
C ALA QB 22 -73.65 75.80 96.29
N ASP QB 23 -72.48 75.42 96.80
CA ASP QB 23 -72.36 74.76 98.09
C ASP QB 23 -71.67 75.62 99.14
N ARG QB 24 -70.61 76.33 98.77
CA ARG QB 24 -69.89 77.16 99.72
C ARG QB 24 -70.70 78.41 100.05
N GLN QB 25 -70.56 78.88 101.29
CA GLN QB 25 -71.44 79.92 101.81
C GLN QB 25 -70.67 80.66 102.90
N ILE QB 26 -70.31 81.91 102.63
CA ILE QB 26 -69.41 82.68 103.47
C ILE QB 26 -70.20 83.74 104.24
N PHE QB 27 -70.10 83.70 105.56
CA PHE QB 27 -70.69 84.70 106.44
C PHE QB 27 -69.58 85.60 106.98
N GLU QB 28 -69.96 86.77 107.48
CA GLU QB 28 -69.01 87.74 107.99
C GLU QB 28 -69.72 88.70 108.92
N GLU QB 29 -68.99 89.20 109.92
CA GLU QB 29 -69.49 90.22 110.82
C GLU QB 29 -69.12 91.60 110.28
N LYS QB 30 -70.13 92.43 110.07
CA LYS QB 30 -69.96 93.71 109.40
C LYS QB 30 -69.66 94.86 110.36
N VAL QB 31 -69.13 94.58 111.54
CA VAL QB 31 -68.83 95.63 112.50
C VAL QB 31 -67.32 95.85 112.57
N GLY QB 32 -66.89 97.09 112.33
CA GLY QB 32 -65.52 97.46 112.48
C GLY QB 32 -64.81 97.71 111.16
N PRO QB 33 -63.48 97.71 111.17
CA PRO QB 33 -62.72 97.91 109.93
C PRO QB 33 -62.81 96.72 108.98
N LEU QB 34 -62.23 96.88 107.79
CA LEU QB 34 -62.36 95.89 106.73
C LEU QB 34 -61.25 94.85 106.74
N VAL QB 35 -60.24 94.99 107.59
CA VAL QB 35 -59.05 94.17 107.45
C VAL QB 35 -59.21 92.79 108.11
N GLY QB 36 -59.74 92.71 109.32
CA GLY QB 36 -59.95 91.43 109.94
C GLY QB 36 -61.30 91.34 110.63
N ARG QB 37 -62.15 90.43 110.17
CA ARG QB 37 -63.48 90.26 110.72
C ARG QB 37 -63.71 88.78 110.99
N LEU QB 38 -64.76 88.49 111.75
CA LEU QB 38 -65.20 87.11 111.93
C LEU QB 38 -65.66 86.52 110.60
N ARG QB 39 -65.41 85.24 110.42
CA ARG QB 39 -65.67 84.56 109.18
C ARG QB 39 -66.28 83.21 109.49
N LEU QB 40 -67.17 82.76 108.61
CA LEU QB 40 -67.83 81.47 108.80
C LEU QB 40 -68.10 80.91 107.41
N THR QB 41 -67.38 79.86 107.04
CA THR QB 41 -67.45 79.27 105.71
C THR QB 41 -68.12 77.91 105.81
N ALA QB 42 -69.43 77.88 105.58
CA ALA QB 42 -70.15 76.62 105.56
C ALA QB 42 -70.01 75.98 104.18
N SER QB 43 -70.22 74.66 104.15
CA SER QB 43 -70.16 73.91 102.91
C SER QB 43 -71.01 72.65 103.08
N LEU QB 44 -71.36 72.03 101.96
CA LEU QB 44 -72.10 70.79 101.95
C LEU QB 44 -71.91 70.13 100.60
N ARG QB 45 -71.34 68.92 100.61
CA ARG QB 45 -71.07 68.19 99.39
C ARG QB 45 -71.73 66.82 99.48
N GLN QB 46 -71.50 65.99 98.47
CA GLN QB 46 -71.78 64.56 98.58
C GLN QB 46 -70.73 63.82 97.74
N ASN QB 47 -69.81 63.15 98.40
CA ASN QB 47 -68.67 62.54 97.74
C ASN QB 47 -69.00 61.11 97.33
N GLY QB 48 -68.47 60.71 96.17
CA GLY QB 48 -68.61 59.35 95.69
C GLY QB 48 -69.88 59.12 94.90
N ALA QB 49 -70.52 57.98 95.11
CA ALA QB 49 -71.72 57.61 94.37
C ALA QB 49 -72.99 58.01 95.13
N LYS QB 50 -73.02 59.29 95.53
CA LYS QB 50 -74.18 59.94 96.16
C LYS QB 50 -74.62 59.25 97.44
N THR QB 51 -73.67 58.74 98.23
CA THR QB 51 -74.02 57.93 99.39
C THR QB 51 -73.68 58.57 100.72
N ALA QB 52 -72.89 59.65 100.75
CA ALA QB 52 -72.48 60.26 102.01
C ALA QB 52 -72.26 61.74 101.79
N TYR QB 53 -72.84 62.56 102.67
CA TYR QB 53 -72.67 64.00 102.63
C TYR QB 53 -71.46 64.41 103.46
N ARG QB 54 -71.07 65.68 103.32
CA ARG QB 54 -69.88 66.19 104.01
C ARG QB 54 -70.11 67.65 104.33
N VAL QB 55 -70.50 67.93 105.57
CA VAL QB 55 -70.64 69.29 106.05
C VAL QB 55 -69.28 69.77 106.55
N ASN QB 56 -68.97 71.04 106.29
CA ASN QB 56 -67.63 71.55 106.60
C ASN QB 56 -67.76 73.01 107.03
N LEU QB 57 -67.82 73.24 108.33
CA LEU QB 57 -67.78 74.60 108.87
C LEU QB 57 -66.34 75.00 109.19
N LYS QB 58 -66.11 76.31 109.21
CA LYS QB 58 -64.79 76.84 109.50
C LYS QB 58 -64.97 78.27 110.01
N LEU QB 59 -64.67 78.49 111.29
CA LEU QB 59 -64.84 79.78 111.92
C LEU QB 59 -63.46 80.41 112.11
N ASP QB 60 -63.16 81.43 111.31
CA ASP QB 60 -61.92 82.16 111.46
C ASP QB 60 -62.08 83.25 112.50
N GLN QB 61 -60.95 83.71 113.05
CA GLN QB 61 -60.96 84.83 113.96
C GLN QB 61 -59.61 85.51 113.90
N ALA QB 62 -59.56 86.72 113.35
CA ALA QB 62 -58.35 87.49 113.26
C ALA QB 62 -58.29 88.47 114.43
N ASP QB 63 -57.11 88.61 115.03
CA ASP QB 63 -56.91 89.54 116.14
C ASP QB 63 -56.27 90.80 115.59
N VAL QB 64 -57.07 91.81 115.37
CA VAL QB 64 -56.57 93.07 114.83
C VAL QB 64 -56.27 94.03 115.97
N VAL QB 65 -55.44 95.03 115.68
CA VAL QB 65 -55.11 96.07 116.63
C VAL QB 65 -54.87 97.36 115.84
N ASP QB 66 -55.42 98.46 116.31
CA ASP QB 66 -55.33 99.73 115.62
C ASP QB 66 -54.42 100.61 116.46
N CYS QB 67 -53.18 100.77 116.01
CA CYS QB 67 -52.13 101.43 116.78
C CYS QB 67 -51.87 102.83 116.24
N SER QB 68 -52.91 103.47 115.71
CA SER QB 68 -52.73 104.78 115.09
C SER QB 68 -52.59 105.90 116.11
N THR QB 69 -53.13 105.74 117.31
CA THR QB 69 -53.07 106.81 118.30
C THR QB 69 -51.70 106.89 118.94
N SER QB 70 -51.13 105.74 119.30
CA SER QB 70 -49.81 105.74 119.92
C SER QB 70 -48.72 105.97 118.88
N VAL QB 71 -48.60 105.07 117.91
CA VAL QB 71 -47.66 105.22 116.81
C VAL QB 71 -48.35 106.03 115.72
N CYS QB 72 -47.75 107.16 115.35
CA CYS QB 72 -48.38 108.05 114.39
C CYS QB 72 -48.20 107.52 112.98
N GLY QB 73 -49.29 107.41 112.23
CA GLY QB 73 -49.24 107.12 110.82
C GLY QB 73 -49.25 105.67 110.41
N GLU QB 74 -49.90 104.80 111.18
CA GLU QB 74 -50.02 103.41 110.78
C GLU QB 74 -51.45 102.92 110.95
N LEU QB 75 -51.75 101.82 110.26
CA LEU QB 75 -53.11 101.34 110.01
C LEU QB 75 -53.38 100.10 110.86
N PRO QB 76 -54.65 99.70 111.03
CA PRO QB 76 -54.93 98.42 111.67
C PRO QB 76 -54.39 97.24 110.86
N LYS QB 77 -53.99 96.20 111.58
CA LYS QB 77 -53.32 95.07 110.97
C LYS QB 77 -53.67 93.81 111.76
N VAL QB 78 -53.57 92.66 111.10
CA VAL QB 78 -53.88 91.38 111.71
C VAL QB 78 -52.60 90.79 112.29
N ARG QB 79 -52.59 90.57 113.61
CA ARG QB 79 -51.43 89.95 114.23
C ARG QB 79 -51.40 88.44 113.98
N TYR QB 80 -52.51 87.76 114.24
CA TYR QB 80 -52.57 86.32 114.08
C TYR QB 80 -54.01 85.91 113.77
N THR QB 81 -54.18 84.63 113.44
CA THR QB 81 -55.46 84.08 113.06
C THR QB 81 -55.63 82.71 113.70
N GLN QB 82 -56.75 82.50 114.38
CA GLN QB 82 -57.06 81.25 115.04
C GLN QB 82 -58.38 80.72 114.50
N VAL QB 83 -58.37 79.49 114.00
CA VAL QB 83 -59.54 78.91 113.37
C VAL QB 83 -60.06 77.75 114.22
N TRP QB 84 -61.30 77.35 113.96
CA TRP QB 84 -61.87 76.13 114.53
C TRP QB 84 -62.73 75.53 113.42
N SER QB 85 -62.23 74.48 112.78
CA SER QB 85 -62.96 73.85 111.70
C SER QB 85 -63.82 72.72 112.23
N HIS QB 86 -64.74 72.27 111.39
CA HIS QB 86 -65.52 71.07 111.62
C HIS QB 86 -65.58 70.29 110.32
N ASP QB 87 -65.75 68.97 110.42
CA ASP QB 87 -65.87 68.12 109.24
C ASP QB 87 -66.78 66.96 109.62
N VAL QB 88 -68.05 67.09 109.30
CA VAL QB 88 -69.06 66.11 109.65
C VAL QB 88 -69.26 65.18 108.46
N THR QB 89 -69.34 63.88 108.73
CA THR QB 89 -69.64 62.88 107.70
C THR QB 89 -70.99 62.27 108.01
N ILE QB 90 -71.93 62.42 107.08
CA ILE QB 90 -73.29 61.92 107.24
C ILE QB 90 -73.59 61.00 106.06
N VAL QB 91 -73.90 59.75 106.34
CA VAL QB 91 -74.30 58.82 105.29
C VAL QB 91 -75.77 59.07 104.94
N ALA QB 92 -76.11 58.82 103.67
CA ALA QB 92 -77.35 59.31 103.10
C ALA QB 92 -78.58 58.57 103.62
N ASN QB 93 -78.46 57.26 103.86
CA ASN QB 93 -79.59 56.45 104.27
C ASN QB 93 -79.69 56.30 105.77
N SER QB 94 -79.30 57.33 106.52
CA SER QB 94 -79.25 57.28 107.97
C SER QB 94 -80.65 57.29 108.58
N THR QB 95 -80.66 57.17 109.91
CA THR QB 95 -81.85 57.43 110.71
C THR QB 95 -81.72 58.85 111.26
N GLU QB 96 -82.85 59.52 111.44
CA GLU QB 96 -82.83 60.88 111.99
C GLU QB 96 -82.34 60.88 113.43
N ALA QB 97 -82.65 59.83 114.21
CA ALA QB 97 -82.13 59.73 115.56
C ALA QB 97 -80.64 59.41 115.58
N SER QB 98 -80.08 58.89 114.48
CA SER QB 98 -78.64 58.72 114.40
C SER QB 98 -77.94 60.04 114.18
N ARG QB 99 -78.52 60.91 113.35
CA ARG QB 99 -77.99 62.25 113.16
C ARG QB 99 -78.22 63.15 114.36
N LYS QB 100 -79.35 63.00 115.05
CA LYS QB 100 -79.63 63.84 116.21
C LYS QB 100 -78.73 63.48 117.39
N SER QB 101 -78.43 62.19 117.56
CA SER QB 101 -77.60 61.78 118.69
C SER QB 101 -76.14 62.15 118.46
N LEU QB 102 -75.69 62.14 117.22
CA LEU QB 102 -74.33 62.59 116.92
C LEU QB 102 -74.17 64.07 117.17
N TYR QB 103 -75.20 64.86 116.85
CA TYR QB 103 -75.15 66.29 117.14
C TYR QB 103 -75.27 66.55 118.63
N ASP QB 104 -76.07 65.75 119.34
CA ASP QB 104 -76.26 65.94 120.77
C ASP QB 104 -75.01 65.62 121.58
N LEU QB 105 -74.17 64.72 121.08
CA LEU QB 105 -72.91 64.43 121.76
C LEU QB 105 -71.88 65.52 121.51
N THR QB 106 -71.80 66.01 120.26
CA THR QB 106 -70.83 67.05 119.93
C THR QB 106 -71.22 68.40 120.52
N LYS QB 107 -72.52 68.67 120.67
CA LYS QB 107 -72.96 69.87 121.37
C LYS QB 107 -72.56 69.82 122.84
N SER QB 108 -72.60 68.63 123.43
CA SER QB 108 -72.20 68.45 124.82
C SER QB 108 -70.71 68.23 124.99
N LEU QB 109 -70.00 67.81 123.94
CA LEU QB 109 -68.55 67.67 124.03
C LEU QB 109 -67.88 69.03 124.05
N VAL QB 110 -68.32 69.95 123.21
CA VAL QB 110 -67.73 71.28 123.19
C VAL QB 110 -68.11 72.05 124.45
N ALA QB 111 -69.32 71.85 124.97
CA ALA QB 111 -69.81 72.62 126.10
C ALA QB 111 -69.23 72.17 127.44
N THR QB 112 -68.39 71.14 127.48
CA THR QB 112 -67.83 70.68 128.74
C THR QB 112 -66.62 71.53 129.12
N SER QB 113 -66.18 71.39 130.37
CA SER QB 113 -65.07 72.18 130.87
C SER QB 113 -63.72 71.50 130.67
N GLN QB 114 -63.68 70.34 130.01
CA GLN QB 114 -62.40 69.72 129.71
C GLN QB 114 -61.90 70.09 128.32
N VAL QB 115 -62.81 70.30 127.37
CA VAL QB 115 -62.43 70.79 126.05
C VAL QB 115 -62.20 72.29 126.11
N GLU QB 116 -62.77 72.96 127.11
CA GLU QB 116 -62.47 74.37 127.32
C GLU QB 116 -61.01 74.58 127.69
N ASP QB 117 -60.52 73.80 128.66
CA ASP QB 117 -59.13 73.91 129.07
C ASP QB 117 -58.16 73.33 128.05
N LEU QB 118 -58.65 72.54 127.09
CA LEU QB 118 -57.78 71.99 126.06
C LEU QB 118 -57.40 73.03 125.02
N VAL QB 119 -58.27 73.99 124.74
CA VAL QB 119 -57.97 74.98 123.70
C VAL QB 119 -57.52 76.30 124.34
N VAL QB 120 -57.89 76.52 125.59
CA VAL QB 120 -57.50 77.76 126.25
C VAL QB 120 -56.16 77.58 126.97
N ASN QB 121 -56.03 76.52 127.77
CA ASN QB 121 -54.86 76.31 128.61
C ASN QB 121 -54.01 75.13 128.16
N LEU QB 122 -54.42 74.45 127.09
CA LEU QB 122 -53.63 73.42 126.39
C LEU QB 122 -53.35 72.18 127.23
N VAL QB 123 -54.15 71.91 128.25
CA VAL QB 123 -53.99 70.69 129.04
C VAL QB 123 -54.87 69.59 128.46
N PRO QB 124 -54.45 68.33 128.45
CA PRO QB 124 -55.18 67.29 127.72
C PRO QB 124 -56.47 66.88 128.42
N LEU QB 125 -57.20 66.00 127.74
CA LEU QB 125 -58.53 65.57 128.18
C LEU QB 125 -58.43 64.47 129.23
N GLY QB 126 -59.56 64.24 129.90
CA GLY QB 126 -59.64 63.17 130.88
C GLY QB 126 -59.24 63.61 132.27
N ARG QB 127 -60.10 63.32 133.24
CA ARG QB 127 -59.83 63.62 134.65
C ARG QB 127 -60.19 62.39 135.48
N ALA QB 128 -59.25 61.95 136.31
CA ALA QB 128 -59.42 60.72 137.09
C ALA QB 128 -60.08 61.04 138.42
N TYR QB 129 -61.33 60.62 138.58
CA TYR QB 129 -62.04 60.73 139.85
C TYR QB 129 -62.72 59.39 140.14
N GLY QB 130 -62.05 58.58 140.96
CA GLY QB 130 -62.56 57.28 141.33
C GLY QB 130 -62.39 56.23 140.24
N GLY QB 131 -61.14 55.97 139.85
CA GLY QB 131 -60.86 54.99 138.82
C GLY QB 131 -59.93 55.50 137.75
N SER QB 132 -60.41 55.53 136.51
CA SER QB 132 -59.62 56.04 135.39
C SER QB 132 -60.08 57.44 135.02
N LYS QB 133 -59.50 57.97 133.93
CA LYS QB 133 -59.82 59.31 133.48
C LYS QB 133 -61.02 59.24 132.54
N THR QB 134 -62.06 60.03 132.84
CA THR QB 134 -63.33 59.97 132.13
C THR QB 134 -63.77 61.35 131.65
N ILE QB 135 -64.57 61.34 130.58
CA ILE QB 135 -65.32 62.51 130.13
C ILE QB 135 -66.80 62.15 130.17
N VAL QB 136 -67.60 63.03 130.73
CA VAL QB 136 -69.04 62.80 130.86
C VAL QB 136 -69.75 63.67 129.83
N LEU QB 137 -70.48 63.02 128.91
CA LEU QB 137 -71.20 63.70 127.83
C LEU QB 137 -72.69 63.53 128.09
N SER QB 138 -73.28 64.46 128.84
CA SER QB 138 -74.69 64.43 129.12
C SER QB 138 -75.50 64.97 127.95
N VAL QB 139 -76.56 64.26 127.58
CA VAL QB 139 -77.40 64.62 126.45
C VAL QB 139 -78.77 65.02 126.98
N GLY QB 140 -78.78 65.59 128.18
CA GLY QB 140 -79.98 65.78 128.96
C GLY QB 140 -79.74 65.28 130.36
N GLU QB 141 -80.42 64.20 130.75
CA GLU QB 141 -80.08 63.52 131.99
C GLU QB 141 -79.28 62.25 131.77
N ALA QB 142 -79.33 61.67 130.57
CA ALA QB 142 -78.53 60.50 130.26
C ALA QB 142 -77.08 60.91 130.02
N THR QB 143 -76.18 60.34 130.80
CA THR QB 143 -74.76 60.67 130.74
C THR QB 143 -73.98 59.49 130.18
N ARG QB 144 -73.47 59.65 128.96
CA ARG QB 144 -72.65 58.61 128.31
C ARG QB 144 -71.20 58.89 128.67
N THR QB 145 -70.66 58.10 129.59
CA THR QB 145 -69.33 58.33 130.14
C THR QB 145 -68.31 57.56 129.32
N LEU QB 146 -67.43 58.27 128.62
CA LEU QB 146 -66.30 57.67 127.94
C LEU QB 146 -65.14 57.52 128.90
N THR QB 147 -64.43 56.39 128.80
CA THR QB 147 -63.26 56.14 129.60
C THR QB 147 -62.03 56.04 128.71
N GLU QB 148 -60.91 56.55 129.20
CA GLU QB 148 -59.69 56.56 128.42
C GLU QB 148 -59.10 55.16 128.33
N ILE QB 149 -58.85 54.70 127.11
CA ILE QB 149 -58.27 53.38 126.90
C ILE QB 149 -56.84 53.44 126.38
N GLN QB 150 -56.32 54.62 126.04
CA GLN QB 150 -54.99 54.70 125.47
C GLN QB 150 -54.44 56.10 125.70
N SER QB 151 -53.13 56.20 125.85
CA SER QB 151 -52.43 57.47 125.99
C SER QB 151 -51.10 57.33 125.24
N THR QB 152 -51.09 57.76 123.99
CA THR QB 152 -49.89 57.71 123.15
C THR QB 152 -49.09 58.98 123.43
N ALA QB 153 -48.12 59.31 122.57
CA ALA QB 153 -47.31 60.50 122.76
C ALA QB 153 -48.14 61.77 122.65
N ASP QB 154 -48.93 61.89 121.58
CA ASP QB 154 -49.86 63.01 121.43
C ASP QB 154 -51.31 62.55 121.45
N ARG QB 155 -51.60 61.38 120.86
CA ARG QB 155 -52.95 60.85 120.75
C ARG QB 155 -53.49 60.45 122.12
N GLN QB 156 -54.82 60.38 122.20
CA GLN QB 156 -55.50 60.07 123.46
C GLN QB 156 -56.87 59.52 123.09
N ILE QB 157 -57.02 58.19 123.15
CA ILE QB 157 -58.22 57.52 122.66
C ILE QB 157 -59.13 57.19 123.83
N PHE QB 158 -60.36 57.71 123.79
CA PHE QB 158 -61.39 57.41 124.77
C PHE QB 158 -62.39 56.45 124.13
N GLU QB 159 -63.13 55.74 124.97
CA GLU QB 159 -64.11 54.77 124.48
C GLU QB 159 -65.15 54.50 125.55
N GLU QB 160 -66.39 54.32 125.13
CA GLU QB 160 -67.45 53.87 126.02
C GLU QB 160 -67.44 52.36 126.11
N LYS QB 161 -67.64 51.85 127.33
CA LYS QB 161 -67.48 50.44 127.61
C LYS QB 161 -68.78 49.65 127.64
N VAL QB 162 -69.91 50.31 127.48
CA VAL QB 162 -71.20 49.62 127.51
C VAL QB 162 -71.53 49.08 126.13
N GLY QB 163 -71.87 47.79 126.08
CA GLY QB 163 -72.33 47.18 124.85
C GLY QB 163 -71.31 46.30 124.18
N PRO QB 164 -71.55 45.97 122.91
CA PRO QB 164 -70.65 45.05 122.19
C PRO QB 164 -69.33 45.72 121.84
N LEU QB 165 -68.39 44.89 121.38
CA LEU QB 165 -67.06 45.33 121.01
C LEU QB 165 -66.98 45.90 119.60
N VAL QB 166 -67.99 45.65 118.76
CA VAL QB 166 -67.85 45.98 117.35
C VAL QB 166 -68.08 47.47 117.08
N GLY QB 167 -69.08 48.09 117.69
CA GLY QB 167 -69.32 49.50 117.49
C GLY QB 167 -69.50 50.25 118.78
N ARG QB 168 -68.57 51.17 119.07
CA ARG QB 168 -68.60 51.94 120.31
C ARG QB 168 -68.26 53.38 120.00
N LEU QB 169 -68.55 54.26 120.95
CA LEU QB 169 -68.12 55.64 120.83
C LEU QB 169 -66.59 55.74 120.95
N ARG QB 170 -66.01 56.49 120.03
CA ARG QB 170 -64.57 56.73 120.06
C ARG QB 170 -64.34 58.23 120.13
N LEU QB 171 -63.18 58.61 120.66
CA LEU QB 171 -62.83 60.02 120.77
C LEU QB 171 -61.31 60.10 120.80
N THR QB 172 -60.72 60.46 119.66
CA THR QB 172 -59.26 60.49 119.52
C THR QB 172 -58.80 61.94 119.54
N ALA QB 173 -58.51 62.44 120.73
CA ALA QB 173 -57.93 63.77 120.84
C ALA QB 173 -56.47 63.76 120.42
N SER QB 174 -55.93 64.95 120.15
CA SER QB 174 -54.54 65.10 119.75
C SER QB 174 -54.09 66.49 120.12
N LEU QB 175 -52.77 66.69 120.07
CA LEU QB 175 -52.16 67.98 120.37
C LEU QB 175 -50.76 67.99 119.78
N ARG QB 176 -50.49 68.93 118.88
CA ARG QB 176 -49.20 69.02 118.22
C ARG QB 176 -48.69 70.45 118.30
N GLN QB 177 -47.51 70.67 117.74
CA GLN QB 177 -47.06 72.02 117.43
C GLN QB 177 -46.16 71.92 116.19
N ASN QB 178 -46.63 72.49 115.09
CA ASN QB 178 -45.96 72.35 113.80
C ASN QB 178 -44.94 73.46 113.61
N GLY QB 179 -43.78 73.09 113.07
CA GLY QB 179 -42.76 74.04 112.70
C GLY QB 179 -41.85 74.45 113.83
N ALA QB 180 -41.55 75.74 113.93
CA ALA QB 180 -40.63 76.26 114.94
C ALA QB 180 -41.37 76.73 116.19
N LYS QB 181 -42.21 75.84 116.74
CA LYS QB 181 -42.95 76.06 117.99
C LYS QB 181 -43.84 77.30 117.95
N THR QB 182 -44.43 77.59 116.79
CA THR QB 182 -45.16 78.84 116.61
C THR QB 182 -46.67 78.68 116.64
N ALA QB 183 -47.19 77.46 116.47
CA ALA QB 183 -48.63 77.27 116.44
C ALA QB 183 -48.97 75.84 116.82
N TYR QB 184 -49.97 75.70 117.70
CA TYR QB 184 -50.45 74.40 118.11
C TYR QB 184 -51.56 73.93 117.16
N ARG QB 185 -52.00 72.68 117.34
CA ARG QB 185 -53.07 72.15 116.50
C ARG QB 185 -53.80 71.07 117.30
N VAL QB 186 -54.97 71.42 117.82
CA VAL QB 186 -55.82 70.48 118.53
C VAL QB 186 -56.70 69.79 117.51
N ASN QB 187 -56.95 68.49 117.70
CA ASN QB 187 -57.66 67.70 116.69
C ASN QB 187 -58.50 66.64 117.39
N LEU QB 188 -59.79 66.93 117.59
CA LEU QB 188 -60.73 65.96 118.12
C LEU QB 188 -61.45 65.25 116.98
N LYS QB 189 -62.00 64.08 117.30
CA LYS QB 189 -62.71 63.27 116.32
C LYS QB 189 -63.60 62.28 117.06
N LEU QB 190 -64.91 62.41 116.90
CA LEU QB 190 -65.88 61.57 117.59
C LEU QB 190 -66.58 60.69 116.56
N ASP QB 191 -66.33 59.39 116.62
CA ASP QB 191 -67.00 58.44 115.75
C ASP QB 191 -68.21 57.86 116.49
N GLN QB 192 -69.26 57.55 115.73
CA GLN QB 192 -70.46 56.95 116.29
C GLN QB 192 -71.00 55.94 115.30
N ALA QB 193 -70.61 54.68 115.48
CA ALA QB 193 -71.07 53.59 114.63
C ALA QB 193 -72.44 53.14 115.10
N ASP QB 194 -73.32 52.85 114.15
CA ASP QB 194 -74.68 52.43 114.46
C ASP QB 194 -74.72 50.91 114.44
N VAL QB 195 -74.88 50.31 115.61
CA VAL QB 195 -74.93 48.87 115.75
C VAL QB 195 -76.39 48.45 115.93
N VAL QB 196 -76.75 47.30 115.36
CA VAL QB 196 -78.10 46.78 115.43
C VAL QB 196 -78.02 45.28 115.71
N ASP QB 197 -79.04 44.76 116.39
CA ASP QB 197 -79.10 43.34 116.71
C ASP QB 197 -80.37 42.74 116.12
N CYS QB 198 -80.22 41.59 115.46
CA CYS QB 198 -81.33 40.91 114.82
C CYS QB 198 -81.70 39.63 115.58
N SER QB 199 -81.39 39.60 116.88
CA SER QB 199 -81.58 38.39 117.68
C SER QB 199 -83.04 38.07 117.92
N THR QB 200 -83.91 39.08 117.94
CA THR QB 200 -85.33 38.81 118.15
C THR QB 200 -86.00 38.32 116.88
N SER QB 201 -85.34 38.47 115.73
CA SER QB 201 -85.86 37.96 114.47
C SER QB 201 -85.12 36.71 114.01
N VAL QB 202 -83.79 36.74 113.99
CA VAL QB 202 -82.98 35.61 113.58
C VAL QB 202 -82.10 35.19 114.75
N CYS QB 203 -82.22 33.93 115.18
CA CYS QB 203 -81.35 33.42 116.21
C CYS QB 203 -79.93 33.24 115.71
N GLY QB 204 -78.99 33.25 116.65
CA GLY QB 204 -77.59 33.11 116.33
C GLY QB 204 -76.99 34.30 115.62
N GLU QB 205 -77.63 35.47 115.73
CA GLU QB 205 -77.20 36.67 115.04
C GLU QB 205 -76.48 37.57 116.03
N LEU QB 206 -75.19 37.75 115.82
CA LEU QB 206 -74.41 38.66 116.63
C LEU QB 206 -74.55 40.08 116.07
N PRO QB 207 -74.42 41.11 116.92
CA PRO QB 207 -74.61 42.48 116.44
C PRO QB 207 -73.51 42.92 115.48
N LYS QB 208 -73.87 43.83 114.58
CA LYS QB 208 -72.97 44.31 113.55
C LYS QB 208 -73.29 45.77 113.27
N VAL QB 209 -72.37 46.45 112.59
CA VAL QB 209 -72.50 47.86 112.28
C VAL QB 209 -72.98 48.03 110.86
N ARG QB 210 -73.89 48.99 110.65
CA ARG QB 210 -74.41 49.26 109.32
C ARG QB 210 -73.69 50.42 108.66
N TYR QB 211 -73.42 51.49 109.42
CA TYR QB 211 -72.64 52.63 108.91
C TYR QB 211 -71.88 53.25 110.07
N THR QB 212 -71.19 54.36 109.76
CA THR QB 212 -70.54 55.16 110.80
C THR QB 212 -70.60 56.62 110.40
N GLN QB 213 -70.64 57.49 111.41
CA GLN QB 213 -70.77 58.92 111.23
C GLN QB 213 -69.85 59.65 112.19
N VAL QB 214 -69.00 60.51 111.66
CA VAL QB 214 -67.97 61.17 112.45
C VAL QB 214 -68.27 62.67 112.54
N TRP QB 215 -67.59 63.34 113.46
CA TRP QB 215 -67.61 64.80 113.57
C TRP QB 215 -66.22 65.21 114.05
N SER QB 216 -65.36 65.54 113.10
CA SER QB 216 -64.01 65.94 113.44
C SER QB 216 -63.96 67.41 113.85
N HIS QB 217 -62.88 67.78 114.53
CA HIS QB 217 -62.58 69.16 114.85
C HIS QB 217 -61.14 69.42 114.48
N ASP QB 218 -60.83 70.68 114.15
CA ASP QB 218 -59.46 71.03 113.79
C ASP QB 218 -59.23 72.46 114.27
N VAL QB 219 -58.70 72.58 115.47
CA VAL QB 219 -58.45 73.87 116.11
C VAL QB 219 -57.02 74.28 115.82
N THR QB 220 -56.82 75.53 115.41
CA THR QB 220 -55.48 76.08 115.23
C THR QB 220 -55.27 77.17 116.27
N ILE QB 221 -54.21 77.04 117.04
CA ILE QB 221 -53.89 77.97 118.13
C ILE QB 221 -52.46 78.41 117.94
N VAL QB 222 -52.25 79.71 117.79
CA VAL QB 222 -50.89 80.22 117.67
C VAL QB 222 -50.33 80.50 119.06
N ALA QB 223 -49.01 80.37 119.18
CA ALA QB 223 -48.36 80.23 120.48
C ALA QB 223 -48.31 81.53 121.26
N ASN QB 224 -48.13 82.66 120.57
CA ASN QB 224 -48.01 83.96 121.22
C ASN QB 224 -49.36 84.67 121.37
N SER QB 225 -50.43 83.90 121.52
CA SER QB 225 -51.79 84.42 121.62
C SER QB 225 -52.00 85.17 122.91
N THR QB 226 -53.17 85.80 123.01
CA THR QB 226 -53.71 86.27 124.28
C THR QB 226 -54.64 85.18 124.79
N GLU QB 227 -54.71 85.02 126.12
CA GLU QB 227 -55.63 84.04 126.68
C GLU QB 227 -57.08 84.46 126.48
N ALA QB 228 -57.33 85.77 126.38
CA ALA QB 228 -58.66 86.24 126.04
C ALA QB 228 -59.01 86.00 124.58
N SER QB 229 -58.03 85.74 123.72
CA SER QB 229 -58.31 85.44 122.33
C SER QB 229 -58.59 83.96 122.11
N ARG QB 230 -58.00 83.10 122.95
CA ARG QB 230 -58.33 81.68 122.89
C ARG QB 230 -59.65 81.40 123.59
N LYS QB 231 -59.97 82.17 124.62
CA LYS QB 231 -61.26 82.03 125.29
C LYS QB 231 -62.39 82.50 124.38
N SER QB 232 -62.13 83.54 123.58
CA SER QB 232 -63.17 84.06 122.69
C SER QB 232 -63.41 83.14 121.50
N LEU QB 233 -62.39 82.41 121.06
CA LEU QB 233 -62.58 81.45 119.97
C LEU QB 233 -63.38 80.24 120.42
N TYR QB 234 -63.14 79.78 121.66
CA TYR QB 234 -63.89 78.67 122.20
C TYR QB 234 -65.34 79.06 122.46
N ASP QB 235 -65.55 80.27 122.99
CA ASP QB 235 -66.89 80.74 123.33
C ASP QB 235 -67.78 80.96 122.13
N LEU QB 236 -67.21 81.25 120.95
CA LEU QB 236 -68.02 81.36 119.75
C LEU QB 236 -68.37 79.99 119.19
N THR QB 237 -67.41 79.06 119.21
CA THR QB 237 -67.68 77.72 118.70
C THR QB 237 -68.59 76.95 119.64
N LYS QB 238 -68.53 77.24 120.95
CA LYS QB 238 -69.48 76.64 121.89
C LYS QB 238 -70.89 77.12 121.62
N SER QB 239 -71.04 78.37 121.19
CA SER QB 239 -72.36 78.91 120.88
C SER QB 239 -72.77 78.69 119.44
N LEU QB 240 -71.81 78.40 118.55
CA LEU QB 240 -72.16 78.12 117.16
C LEU QB 240 -72.84 76.76 117.04
N VAL QB 241 -72.29 75.74 117.69
CA VAL QB 241 -72.87 74.40 117.67
C VAL QB 241 -74.21 74.39 118.40
N ALA QB 242 -74.36 75.23 119.42
CA ALA QB 242 -75.58 75.27 120.21
C ALA QB 242 -76.74 75.97 119.49
N THR QB 243 -76.52 76.59 118.34
CA THR QB 243 -77.60 77.23 117.61
C THR QB 243 -78.50 76.20 116.96
N SER QB 244 -79.71 76.65 116.61
CA SER QB 244 -80.66 75.79 115.91
C SER QB 244 -80.46 75.80 114.40
N GLN QB 245 -79.51 76.60 113.90
CA GLN QB 245 -79.22 76.57 112.47
C GLN QB 245 -78.23 75.46 112.12
N VAL QB 246 -77.27 75.20 113.00
CA VAL QB 246 -76.34 74.10 112.80
C VAL QB 246 -76.98 72.77 113.20
N GLU QB 247 -78.00 72.80 114.05
CA GLU QB 247 -78.77 71.59 114.34
C GLU QB 247 -79.49 71.09 113.09
N ASP QB 248 -80.15 72.00 112.38
CA ASP QB 248 -80.84 71.63 111.15
C ASP QB 248 -79.88 71.41 109.98
N LEU QB 249 -78.64 71.89 110.08
CA LEU QB 249 -77.69 71.65 109.01
C LEU QB 249 -77.15 70.22 109.06
N VAL QB 250 -77.04 69.64 110.25
CA VAL QB 250 -76.55 68.27 110.37
C VAL QB 250 -77.68 67.26 110.34
N VAL QB 251 -78.80 67.57 111.00
CA VAL QB 251 -79.92 66.63 111.04
C VAL QB 251 -80.68 66.64 109.72
N ASN QB 252 -80.99 67.82 109.18
CA ASN QB 252 -81.88 67.93 108.04
C ASN QB 252 -81.24 68.53 106.79
N LEU QB 253 -79.95 68.85 106.82
CA LEU QB 253 -79.18 69.40 105.69
C LEU QB 253 -79.73 70.73 105.18
N VAL QB 254 -80.32 71.54 106.06
CA VAL QB 254 -80.78 72.87 105.70
C VAL QB 254 -79.60 73.82 105.76
N PRO QB 255 -79.34 74.63 104.73
CA PRO QB 255 -78.18 75.53 104.77
C PRO QB 255 -78.36 76.66 105.79
N LEU QB 256 -77.24 77.25 106.16
CA LEU QB 256 -77.22 78.26 107.21
C LEU QB 256 -77.76 79.60 106.70
N GLY QB 257 -78.18 80.43 107.64
CA GLY QB 257 -78.61 81.78 107.31
C GLY QB 257 -80.11 81.94 107.21
N ARG QB 258 -80.68 82.81 108.05
CA ARG QB 258 -82.10 83.11 108.00
C ARG QB 258 -82.34 84.61 108.07
N SER RB 1 4.67 82.96 128.50
CA SER RB 1 3.88 81.75 128.27
C SER RB 1 4.26 80.67 129.27
N LYS RB 2 4.55 79.47 128.77
CA LYS RB 2 4.95 78.34 129.60
C LYS RB 2 6.46 78.20 129.53
N THR RB 3 7.10 78.08 130.69
CA THR RB 3 8.56 78.16 130.78
C THR RB 3 9.14 76.95 131.50
N ILE RB 4 10.38 76.62 131.15
CA ILE RB 4 11.21 75.69 131.89
C ILE RB 4 12.45 76.43 132.35
N VAL RB 5 12.84 76.22 133.60
CA VAL RB 5 14.00 76.89 134.18
C VAL RB 5 15.10 75.85 134.38
N LEU RB 6 16.27 76.11 133.82
CA LEU RB 6 17.41 75.21 133.89
C LEU RB 6 18.53 75.93 134.62
N SER RB 7 18.75 75.56 135.87
CA SER RB 7 19.80 76.19 136.67
C SER RB 7 21.15 75.55 136.36
N VAL RB 8 22.11 76.37 135.93
CA VAL RB 8 23.38 75.91 135.39
C VAL RB 8 24.40 76.36 136.44
N GLY RB 9 23.96 76.34 137.70
CA GLY RB 9 24.75 76.88 138.79
C GLY RB 9 23.91 77.88 139.56
N GLU RB 10 24.30 79.14 139.50
CA GLU RB 10 23.43 80.23 139.92
C GLU RB 10 22.79 80.96 138.75
N ALA RB 11 23.33 80.79 137.54
CA ALA RB 11 22.73 81.36 136.34
C ALA RB 11 21.57 80.49 135.89
N THR RB 12 20.38 81.07 135.78
CA THR RB 12 19.19 80.36 135.35
C THR RB 12 18.91 80.72 133.90
N ARG RB 13 18.65 79.71 133.08
CA ARG RB 13 18.39 79.89 131.65
C ARG RB 13 16.95 79.46 131.38
N THR RB 14 16.08 80.44 131.15
CA THR RB 14 14.64 80.19 131.06
C THR RB 14 14.22 80.09 129.60
N LEU RB 15 13.69 78.93 129.23
CA LEU RB 15 13.20 78.67 127.88
C LEU RB 15 11.69 78.80 127.83
N THR RB 16 11.20 79.63 126.91
CA THR RB 16 9.77 79.85 126.77
C THR RB 16 9.25 79.09 125.55
N GLU RB 17 7.95 78.79 125.59
CA GLU RB 17 7.35 77.91 124.59
C GLU RB 17 7.00 78.69 123.33
N ILE RB 18 7.36 78.13 122.18
CA ILE RB 18 7.04 78.74 120.89
C ILE RB 18 6.14 77.85 120.03
N GLN RB 19 5.77 76.66 120.49
CA GLN RB 19 4.92 75.78 119.71
C GLN RB 19 4.24 74.80 120.66
N SER RB 20 2.97 74.48 120.36
CA SER RB 20 2.22 73.50 121.14
C SER RB 20 1.29 72.78 120.18
N THR RB 21 1.75 71.65 119.65
CA THR RB 21 0.92 70.81 118.79
C THR RB 21 0.26 69.77 119.71
N ALA RB 22 -0.36 68.73 119.14
CA ALA RB 22 -0.98 67.70 119.97
C ALA RB 22 0.08 66.86 120.68
N ASP RB 23 1.21 66.62 120.02
CA ASP RB 23 2.30 65.88 120.62
C ASP RB 23 3.59 66.69 120.72
N ARG RB 24 4.00 67.36 119.65
CA ARG RB 24 5.24 68.12 119.68
C ARG RB 24 5.06 69.42 120.48
N GLN RB 25 6.14 69.87 121.10
CA GLN RB 25 6.07 70.98 122.03
C GLN RB 25 7.46 71.60 122.11
N ILE RB 26 7.63 72.72 121.42
CA ILE RB 26 8.95 73.29 121.15
C ILE RB 26 9.19 74.48 122.08
N PHE RB 27 10.32 74.47 122.77
CA PHE RB 27 10.75 75.57 123.62
C PHE RB 27 11.98 76.22 123.02
N GLU RB 28 12.25 77.45 123.48
CA GLU RB 28 13.35 78.23 122.93
C GLU RB 28 13.69 79.34 123.92
N GLU RB 29 14.99 79.61 124.08
CA GLU RB 29 15.44 80.72 124.90
C GLU RB 29 15.34 82.01 124.11
N LYS RB 30 15.11 83.12 124.80
CA LYS RB 30 14.76 84.36 124.14
C LYS RB 30 15.83 85.44 124.21
N VAL RB 31 16.91 85.24 124.94
CA VAL RB 31 17.95 86.25 125.03
C VAL RB 31 19.00 85.99 123.95
N GLY RB 32 19.62 87.07 123.47
CA GLY RB 32 20.71 86.97 122.52
C GLY RB 32 20.27 87.24 121.10
N PRO RB 33 21.10 86.86 120.12
CA PRO RB 33 20.72 87.01 118.72
C PRO RB 33 19.59 86.08 118.31
N LEU RB 34 18.97 86.36 117.17
CA LEU RB 34 17.78 85.64 116.73
C LEU RB 34 18.08 84.43 115.87
N VAL RB 35 19.34 84.15 115.58
CA VAL RB 35 19.67 83.10 114.62
C VAL RB 35 20.08 81.80 115.33
N GLY RB 36 20.75 81.88 116.47
CA GLY RB 36 21.10 80.68 117.20
C GLY RB 36 20.72 80.76 118.66
N ARG RB 37 19.80 79.91 119.08
CA ARG RB 37 19.32 79.87 120.45
C ARG RB 37 19.15 78.42 120.89
N LEU RB 38 18.93 78.22 122.19
CA LEU RB 38 18.59 76.90 122.69
C LEU RB 38 17.25 76.44 122.14
N ARG RB 39 17.07 75.13 122.10
CA ARG RB 39 15.89 74.53 121.51
C ARG RB 39 15.60 73.23 122.24
N LEU RB 40 14.34 73.02 122.58
CA LEU RB 40 13.96 71.85 123.36
C LEU RB 40 12.66 71.31 122.74
N THR RB 41 12.77 70.20 122.02
CA THR RB 41 11.65 69.66 121.26
C THR RB 41 11.12 68.44 122.03
N ALA RB 42 10.18 68.69 122.92
CA ALA RB 42 9.56 67.61 123.68
C ALA RB 42 8.45 66.95 122.85
N SER RB 43 8.11 65.73 123.24
CA SER RB 43 7.11 64.95 122.53
C SER RB 43 6.58 63.87 123.46
N LEU RB 44 5.46 63.28 123.06
CA LEU RB 44 4.86 62.16 123.79
C LEU RB 44 3.94 61.42 122.83
N ARG RB 45 3.94 60.09 122.90
CA ARG RB 45 3.15 59.26 122.01
C ARG RB 45 2.60 58.08 122.79
N GLN RB 46 1.82 57.25 122.10
CA GLN RB 46 1.52 55.89 122.56
C GLN RB 46 1.33 55.02 121.32
N ASN RB 47 2.40 54.35 120.92
CA ASN RB 47 2.42 53.62 119.66
C ASN RB 47 1.98 52.17 119.88
N GLY RB 48 1.38 51.61 118.84
CA GLY RB 48 0.91 50.24 118.88
C GLY RB 48 -0.51 50.14 119.38
N ALA RB 49 -0.81 49.11 120.17
CA ALA RB 49 -2.15 48.92 120.71
C ALA RB 49 -2.27 49.56 122.10
N LYS RB 50 -1.87 50.83 122.17
CA LYS RB 50 -2.05 51.72 123.33
C LYS RB 50 -1.45 51.16 124.61
N THR RB 51 -0.35 50.41 124.50
CA THR RB 51 0.22 49.73 125.66
C THR RB 51 1.52 50.33 126.17
N ALA RB 52 2.19 51.18 125.39
CA ALA RB 52 3.47 51.75 125.79
C ALA RB 52 3.54 53.18 125.30
N TYR RB 53 4.05 54.07 126.15
CA TYR RB 53 4.26 55.46 125.78
C TYR RB 53 5.68 55.65 125.25
N ARG RB 54 5.96 56.85 124.75
CA ARG RB 54 7.28 57.15 124.20
C ARG RB 54 7.55 58.64 124.36
N VAL RB 55 8.34 58.97 125.38
CA VAL RB 55 8.82 60.33 125.56
C VAL RB 55 10.05 60.53 124.69
N ASN RB 56 10.21 61.74 124.14
CA ASN RB 56 11.29 61.99 123.20
C ASN RB 56 11.69 63.46 123.34
N LEU RB 57 12.73 63.72 124.12
CA LEU RB 57 13.29 65.06 124.25
C LEU RB 57 14.44 65.25 123.29
N LYS RB 58 14.77 66.52 123.02
CA LYS RB 58 15.86 66.84 122.10
C LYS RB 58 16.34 68.25 122.43
N LEU RB 59 17.48 68.34 123.11
CA LEU RB 59 18.06 69.62 123.52
C LEU RB 59 19.11 70.03 122.50
N ASP RB 60 18.72 70.86 121.54
CA ASP RB 60 19.66 71.40 120.57
C ASP RB 60 20.50 72.51 121.21
N GLN RB 61 21.65 72.79 120.59
CA GLN RB 61 22.49 73.91 121.01
C GLN RB 61 23.38 74.28 119.84
N ALA RB 62 23.24 75.50 119.35
CA ALA RB 62 24.05 76.02 118.26
C ALA RB 62 25.06 77.02 118.80
N ASP RB 63 26.26 77.00 118.23
CA ASP RB 63 27.31 77.95 118.61
C ASP RB 63 27.35 79.06 117.57
N VAL RB 64 26.76 80.19 117.92
CA VAL RB 64 26.68 81.33 117.03
C VAL RB 64 27.89 82.22 117.25
N VAL RB 65 28.43 82.77 116.17
CA VAL RB 65 29.57 83.67 116.22
C VAL RB 65 29.24 84.92 115.42
N ASP RB 66 29.59 86.09 115.95
CA ASP RB 66 29.38 87.37 115.28
C ASP RB 66 30.65 88.20 115.39
N CYS RB 67 31.31 88.42 114.27
CA CYS RB 67 32.52 89.22 114.18
C CYS RB 67 32.39 90.29 113.10
N SER RB 68 31.29 91.05 113.15
CA SER RB 68 31.15 92.22 112.30
C SER RB 68 32.17 93.31 112.62
N THR RB 69 32.72 93.31 113.84
CA THR RB 69 33.80 94.25 114.16
C THR RB 69 35.13 93.78 113.58
N SER RB 70 35.24 92.49 113.24
CA SER RB 70 36.47 91.98 112.66
C SER RB 70 36.50 92.23 111.15
N VAL RB 71 35.57 91.63 110.42
CA VAL RB 71 35.40 91.90 109.00
C VAL RB 71 34.14 92.75 108.83
N CYS RB 72 34.27 93.84 108.06
CA CYS RB 72 33.19 94.81 107.96
C CYS RB 72 32.10 94.29 107.04
N GLY RB 73 30.91 94.08 107.59
CA GLY RB 73 29.74 93.78 106.79
C GLY RB 73 29.21 92.37 106.87
N GLU RB 74 29.56 91.60 107.89
CA GLU RB 74 28.98 90.27 108.05
C GLU RB 74 27.96 90.29 109.17
N LEU RB 75 27.15 89.23 109.20
CA LEU RB 75 26.03 89.10 110.12
C LEU RB 75 26.31 87.93 111.06
N PRO RB 76 25.58 87.77 112.17
CA PRO RB 76 25.76 86.58 113.00
C PRO RB 76 25.38 85.30 112.27
N LYS RB 77 26.04 84.21 112.66
CA LYS RB 77 25.99 82.95 111.93
C LYS RB 77 26.38 81.84 112.89
N VAL RB 78 25.79 80.66 112.70
CA VAL RB 78 26.07 79.52 113.55
C VAL RB 78 27.13 78.64 112.86
N ARG RB 79 28.08 78.16 113.65
CA ARG RB 79 29.09 77.25 113.11
C ARG RB 79 28.56 75.82 113.08
N TYR RB 80 28.25 75.27 114.26
CA TYR RB 80 27.87 73.87 114.40
C TYR RB 80 26.70 73.75 115.36
N THR RB 81 26.19 72.53 115.48
CA THR RB 81 25.06 72.24 116.36
C THR RB 81 25.34 70.94 117.11
N GLN RB 82 25.20 70.98 118.43
CA GLN RB 82 25.40 69.81 119.28
C GLN RB 82 24.11 69.51 120.01
N VAL RB 83 23.61 68.28 119.87
CA VAL RB 83 22.31 67.91 120.41
C VAL RB 83 22.50 66.91 121.55
N TRP RB 84 21.41 66.64 122.27
CA TRP RB 84 21.36 65.57 123.26
C TRP RB 84 19.91 65.09 123.28
N SER RB 85 19.63 63.98 122.61
CA SER RB 85 18.29 63.45 122.57
C SER RB 85 18.05 62.51 123.75
N HIS RB 86 16.78 62.20 123.97
CA HIS RB 86 16.36 61.19 124.93
C HIS RB 86 15.25 60.39 124.29
N ASP RB 87 15.17 59.10 124.64
CA ASP RB 87 14.13 58.23 124.09
C ASP RB 87 13.68 57.30 125.21
N VAL RB 88 12.65 57.71 125.93
CA VAL RB 88 12.15 56.98 127.08
C VAL RB 88 10.96 56.13 126.62
N THR RB 89 10.95 54.87 127.04
CA THR RB 89 9.84 53.96 126.75
C THR RB 89 9.20 53.54 128.06
N ILE RB 90 7.93 53.88 128.23
CA ILE RB 90 7.18 53.59 129.46
C ILE RB 90 5.97 52.75 129.09
N VAL RB 91 5.88 51.57 129.67
CA VAL RB 91 4.72 50.72 129.46
C VAL RB 91 3.59 51.17 130.38
N ALA RB 92 2.35 51.04 129.90
CA ALA RB 92 1.24 51.77 130.49
C ALA RB 92 0.76 51.16 131.80
N ASN RB 93 0.94 49.85 132.00
CA ASN RB 93 0.47 49.18 133.20
C ASN RB 93 1.56 49.05 134.25
N SER RB 94 2.47 50.03 134.31
CA SER RB 94 3.64 49.96 135.19
C SER RB 94 3.24 50.20 136.64
N THR RB 95 4.21 49.99 137.52
CA THR RB 95 4.14 50.46 138.89
C THR RB 95 4.71 51.87 138.95
N GLU RB 96 4.22 52.67 139.89
CA GLU RB 96 4.76 54.02 140.03
C GLU RB 96 6.18 54.01 140.58
N ALA RB 97 6.53 52.99 141.36
CA ALA RB 97 7.90 52.87 141.85
C ALA RB 97 8.84 52.37 140.78
N SER RB 98 8.32 51.77 139.70
CA SER RB 98 9.16 51.39 138.58
C SER RB 98 9.50 52.60 137.73
N ARG RB 99 8.53 53.47 137.50
CA ARG RB 99 8.76 54.71 136.77
C ARG RB 99 9.59 55.70 137.55
N LYS RB 100 9.50 55.67 138.89
CA LYS RB 100 10.31 56.57 139.70
C LYS RB 100 11.75 56.11 139.77
N SER RB 101 11.97 54.79 139.80
CA SER RB 101 13.33 54.26 139.88
C SER RB 101 14.08 54.45 138.57
N LEU RB 102 13.38 54.35 137.45
CA LEU RB 102 14.02 54.56 136.14
C LEU RB 102 14.44 56.01 135.98
N TYR RB 103 13.65 56.95 136.51
CA TYR RB 103 14.04 58.35 136.48
C TYR RB 103 15.20 58.61 137.44
N ASP RB 104 15.20 57.97 138.60
CA ASP RB 104 16.24 58.20 139.60
C ASP RB 104 17.59 57.63 139.18
N LEU RB 105 17.61 56.60 138.33
CA LEU RB 105 18.88 56.07 137.87
C LEU RB 105 19.47 56.92 136.75
N THR RB 106 18.62 57.43 135.86
CA THR RB 106 19.11 58.26 134.76
C THR RB 106 19.50 59.65 135.25
N LYS RB 107 18.82 60.15 136.28
CA LYS RB 107 19.23 61.39 136.92
C LYS RB 107 20.59 61.23 137.59
N SER RB 108 20.89 60.03 138.10
CA SER RB 108 22.19 59.75 138.68
C SER RB 108 23.20 59.25 137.66
N LEU RB 109 22.74 58.77 136.50
CA LEU RB 109 23.68 58.42 135.44
C LEU RB 109 24.34 59.67 134.86
N VAL RB 110 23.54 60.69 134.58
CA VAL RB 110 24.06 61.90 133.96
C VAL RB 110 24.91 62.70 134.96
N ALA RB 111 24.57 62.63 136.24
CA ALA RB 111 25.25 63.43 137.24
C ALA RB 111 26.57 62.84 137.71
N THR RB 112 27.01 61.71 137.16
CA THR RB 112 28.28 61.13 137.61
C THR RB 112 29.44 61.72 136.81
N SER RB 113 30.65 61.47 137.31
CA SER RB 113 31.85 62.02 136.70
C SER RB 113 32.37 61.19 135.55
N GLN RB 114 31.78 60.03 135.26
CA GLN RB 114 32.25 59.22 134.15
C GLN RB 114 31.50 59.51 132.86
N VAL RB 115 30.24 59.95 132.96
CA VAL RB 115 29.50 60.36 131.78
C VAL RB 115 29.90 61.77 131.39
N GLU RB 116 30.32 62.58 132.36
CA GLU RB 116 30.81 63.92 132.07
C GLU RB 116 32.07 63.88 131.22
N ASP RB 117 33.01 63.01 131.55
CA ASP RB 117 34.22 62.86 130.75
C ASP RB 117 33.95 62.13 129.44
N LEU RB 118 32.82 61.43 129.32
CA LEU RB 118 32.49 60.74 128.09
C LEU RB 118 32.06 61.71 126.99
N VAL RB 119 31.44 62.83 127.35
CA VAL RB 119 30.95 63.76 126.35
C VAL RB 119 31.89 64.96 126.23
N VAL RB 120 32.57 65.32 127.30
CA VAL RB 120 33.49 66.46 127.23
C VAL RB 120 34.83 66.04 126.65
N ASN RB 121 35.48 65.05 127.26
CA ASN RB 121 36.83 64.66 126.88
C ASN RB 121 36.89 63.32 126.16
N LEU RB 122 35.74 62.73 125.83
CA LEU RB 122 35.58 61.50 125.04
C LEU RB 122 36.24 60.29 125.70
N VAL RB 123 36.40 60.31 127.01
CA VAL RB 123 36.98 59.18 127.75
C VAL RB 123 35.93 58.08 127.87
N PRO RB 124 36.27 56.82 127.61
CA PRO RB 124 35.28 55.74 127.75
C PRO RB 124 34.89 55.49 129.20
N LEU RB 125 33.86 54.66 129.36
CA LEU RB 125 33.24 54.47 130.66
C LEU RB 125 33.97 53.40 131.47
N GLY RB 126 33.81 53.47 132.78
CA GLY RB 126 34.35 52.46 133.66
C GLY RB 126 35.71 52.79 134.22
N ARG RB 127 35.84 52.85 135.54
CA ARG RB 127 37.11 53.05 136.21
C ARG RB 127 37.30 51.95 137.24
N ALA RB 128 38.36 51.17 137.09
CA ALA RB 128 38.63 50.04 137.97
C ALA RB 128 39.23 50.55 139.28
N TYR RB 129 38.42 50.57 140.33
CA TYR RB 129 38.88 50.95 141.67
C TYR RB 129 38.89 49.69 142.53
N GLY RB 130 39.98 48.94 142.46
CA GLY RB 130 40.13 47.72 143.21
C GLY RB 130 39.20 46.61 142.76
N GLY RB 131 39.41 46.11 141.55
CA GLY RB 131 38.55 45.08 141.01
C GLY RB 131 38.35 45.22 139.52
N SER RB 132 37.11 45.15 139.07
CA SER RB 132 36.80 45.30 137.66
C SER RB 132 36.31 46.72 137.37
N LYS RB 133 36.04 46.98 136.10
CA LYS RB 133 35.57 48.29 135.67
C LYS RB 133 34.12 48.47 136.08
N THR RB 134 33.86 49.42 136.97
CA THR RB 134 32.54 49.60 137.55
C THR RB 134 32.04 51.02 137.36
N ILE RB 135 30.72 51.16 137.36
CA ILE RB 135 30.04 52.44 137.44
C ILE RB 135 29.15 52.41 138.67
N VAL RB 136 29.17 53.47 139.46
CA VAL RB 136 28.35 53.56 140.67
C VAL RB 136 27.26 54.59 140.43
N LEU RB 137 26.00 54.15 140.50
CA LEU RB 137 24.83 55.01 140.33
C LEU RB 137 24.14 55.13 141.68
N SER RB 138 24.58 56.10 142.49
CA SER RB 138 24.01 56.28 143.81
C SER RB 138 22.66 56.96 143.71
N VAL RB 139 21.69 56.46 144.49
CA VAL RB 139 20.32 56.96 144.47
C VAL RB 139 20.10 57.57 145.85
N GLY RB 140 21.15 58.20 146.38
CA GLY RB 140 21.11 58.71 147.73
C GLY RB 140 22.05 57.93 148.62
N GLU RB 141 21.50 57.11 149.50
CA GLU RB 141 22.29 56.19 150.30
C GLU RB 141 22.41 54.81 149.68
N ALA RB 142 21.49 54.45 148.77
CA ALA RB 142 21.60 53.19 148.05
C ALA RB 142 22.49 53.38 146.83
N THR RB 143 23.51 52.53 146.71
CA THR RB 143 24.44 52.56 145.59
C THR RB 143 24.25 51.28 144.79
N ARG RB 144 24.09 51.44 143.48
CA ARG RB 144 23.89 50.30 142.57
C ARG RB 144 25.08 50.25 141.62
N THR RB 145 25.98 49.30 141.85
CA THR RB 145 27.25 49.22 141.14
C THR RB 145 27.13 48.28 139.96
N LEU RB 146 27.37 48.79 138.75
CA LEU RB 146 27.32 47.99 137.54
C LEU RB 146 28.72 47.64 137.07
N THR RB 147 28.99 46.35 136.92
CA THR RB 147 30.29 45.86 136.48
C THR RB 147 30.26 45.54 134.99
N GLU RB 148 31.38 45.76 134.33
CA GLU RB 148 31.47 45.59 132.89
C GLU RB 148 31.51 44.10 132.53
N ILE RB 149 30.71 43.72 131.54
CA ILE RB 149 30.63 42.32 131.13
C ILE RB 149 31.17 42.09 129.73
N GLN RB 150 31.28 43.13 128.90
CA GLN RB 150 31.74 42.96 127.52
C GLN RB 150 32.19 44.32 127.01
N SER RB 151 33.38 44.36 126.42
CA SER RB 151 33.92 45.58 125.81
C SER RB 151 34.31 45.25 124.38
N THR RB 152 33.35 45.37 123.47
CA THR RB 152 33.58 45.15 122.05
C THR RB 152 34.19 46.44 121.50
N ALA RB 153 34.61 46.45 120.23
CA ALA RB 153 35.21 47.65 119.64
C ALA RB 153 34.18 48.77 119.48
N ASP RB 154 32.90 48.43 119.37
CA ASP RB 154 31.83 49.42 119.31
C ASP RB 154 31.08 49.54 120.63
N ARG RB 155 30.57 48.43 121.16
CA ARG RB 155 29.74 48.49 122.35
C ARG RB 155 30.57 48.39 123.62
N GLN RB 156 29.94 48.71 124.74
CA GLN RB 156 30.57 48.57 126.05
C GLN RB 156 29.43 48.34 127.05
N ILE RB 157 29.15 47.08 127.35
CA ILE RB 157 27.96 46.69 128.09
C ILE RB 157 28.30 46.56 129.57
N PHE RB 158 27.52 47.23 130.41
CA PHE RB 158 27.61 47.09 131.85
C PHE RB 158 26.36 46.40 132.36
N GLU RB 159 26.45 45.85 133.57
CA GLU RB 159 25.36 45.07 134.13
C GLU RB 159 25.55 44.96 135.64
N GLU RB 160 24.46 45.05 136.38
CA GLU RB 160 24.51 44.77 137.81
C GLU RB 160 24.61 43.28 138.04
N LYS RB 161 25.09 42.90 139.23
CA LYS RB 161 25.41 41.51 139.50
C LYS RB 161 24.64 40.89 140.66
N VAL RB 162 23.99 41.69 141.49
CA VAL RB 162 23.21 41.14 142.60
C VAL RB 162 21.85 40.69 142.09
N GLY RB 163 21.21 39.80 142.85
CA GLY RB 163 19.87 39.36 142.55
C GLY RB 163 19.82 38.21 141.56
N PRO RB 164 18.65 37.96 140.98
CA PRO RB 164 18.52 36.88 140.01
C PRO RB 164 19.22 37.21 138.69
N LEU RB 165 19.32 36.19 137.85
CA LEU RB 165 20.01 36.32 136.57
C LEU RB 165 19.09 36.68 135.42
N VAL RB 166 17.78 36.66 135.62
CA VAL RB 166 16.87 36.88 134.50
C VAL RB 166 16.68 38.37 134.21
N GLY RB 167 16.55 39.21 135.25
CA GLY RB 167 16.39 40.63 135.03
C GLY RB 167 17.40 41.45 135.81
N ARG RB 168 18.29 42.13 135.12
CA ARG RB 168 19.30 42.95 135.77
C ARG RB 168 19.42 44.27 135.01
N LEU RB 169 20.10 45.23 135.64
CA LEU RB 169 20.33 46.52 135.01
C LEU RB 169 21.28 46.38 133.83
N ARG RB 170 21.20 47.35 132.92
CA ARG RB 170 22.03 47.34 131.72
C ARG RB 170 22.49 48.75 131.44
N LEU RB 171 23.64 48.85 130.76
CA LEU RB 171 24.15 50.14 130.30
C LEU RB 171 25.03 49.84 129.10
N THR RB 172 24.46 50.00 127.90
CA THR RB 172 25.20 49.69 126.67
C THR RB 172 25.63 51.02 126.04
N ALA RB 173 26.80 51.50 126.45
CA ALA RB 173 27.36 52.69 125.84
C ALA RB 173 27.95 52.36 124.47
N SER RB 174 28.12 53.40 123.66
CA SER RB 174 28.73 53.26 122.35
C SER RB 174 29.34 54.59 121.97
N LEU RB 175 30.13 54.57 120.89
CA LEU RB 175 30.82 55.76 120.42
C LEU RB 175 31.21 55.54 118.97
N ARG RB 176 30.71 56.40 118.08
CA ARG RB 176 30.99 56.27 116.65
C ARG RB 176 31.50 57.61 116.13
N GLN RB 177 31.86 57.61 114.85
CA GLN RB 177 32.06 58.85 114.11
C GLN RB 177 31.74 58.58 112.65
N ASN RB 178 30.69 59.22 112.15
CA ASN RB 178 30.19 58.99 110.81
C ASN RB 178 30.56 60.16 109.90
N GLY RB 179 30.90 59.82 108.66
CA GLY RB 179 31.26 60.82 107.68
C GLY RB 179 32.76 61.01 107.57
N ALA RB 180 33.19 62.22 107.27
CA ALA RB 180 34.62 62.51 107.13
C ALA RB 180 35.23 62.99 108.45
N LYS RB 181 35.00 62.20 109.50
CA LYS RB 181 35.60 62.36 110.83
C LYS RB 181 35.27 63.73 111.45
N THR RB 182 34.07 64.25 111.18
CA THR RB 182 33.69 65.58 111.65
C THR RB 182 32.85 65.56 112.92
N ALA RB 183 32.07 64.51 113.16
CA ALA RB 183 31.16 64.50 114.30
C ALA RB 183 31.16 63.14 114.96
N TYR RB 184 31.11 63.13 116.28
CA TYR RB 184 31.03 61.92 117.06
C TYR RB 184 29.57 61.57 117.36
N ARG RB 185 29.36 60.43 118.01
CA ARG RB 185 28.01 59.99 118.35
C ARG RB 185 28.08 59.12 119.60
N VAL RB 186 27.79 59.71 120.74
CA VAL RB 186 27.70 58.98 122.00
C VAL RB 186 26.30 58.41 122.13
N ASN RB 187 26.17 57.20 122.66
CA ASN RB 187 24.88 56.53 122.71
C ASN RB 187 24.81 55.68 123.97
N LEU RB 188 24.23 56.23 125.03
CA LEU RB 188 23.95 55.49 126.25
C LEU RB 188 22.53 54.94 126.23
N LYS RB 189 22.32 53.86 126.96
CA LYS RB 189 21.02 53.19 126.99
C LYS RB 189 20.92 52.35 128.25
N LEU RB 190 19.96 52.65 129.11
CA LEU RB 190 19.81 51.96 130.39
C LEU RB 190 18.50 51.17 130.37
N ASP RB 191 18.61 49.85 130.39
CA ASP RB 191 17.45 48.98 130.45
C ASP RB 191 17.16 48.61 131.89
N GLN RB 192 15.88 48.65 132.26
CA GLN RB 192 15.45 48.25 133.59
C GLN RB 192 14.24 47.35 133.45
N ALA RB 193 14.41 46.07 133.77
CA ALA RB 193 13.34 45.09 133.71
C ALA RB 193 12.78 44.84 135.09
N ASP RB 194 11.46 44.67 135.18
CA ASP RB 194 10.79 44.42 136.45
C ASP RB 194 10.61 42.91 136.61
N VAL RB 195 11.29 42.34 137.61
CA VAL RB 195 11.24 40.91 137.87
C VAL RB 195 10.42 40.67 139.13
N VAL RB 196 9.55 39.67 139.09
CA VAL RB 196 8.72 39.30 140.23
C VAL RB 196 8.74 37.78 140.36
N ASP RB 197 8.62 37.31 141.60
CA ASP RB 197 8.48 35.88 141.86
C ASP RB 197 7.49 35.65 142.99
N CYS RB 198 6.63 34.66 142.81
CA CYS RB 198 5.66 34.25 143.82
C CYS RB 198 5.82 32.79 144.20
N SER RB 199 7.04 32.36 144.48
CA SER RB 199 7.26 31.03 145.03
C SER RB 199 6.69 30.89 146.44
N THR RB 200 6.46 32.00 147.15
CA THR RB 200 5.72 31.95 148.39
C THR RB 200 4.22 31.76 148.16
N SER RB 201 3.75 32.03 146.93
CA SER RB 201 2.34 31.90 146.60
C SER RB 201 2.07 30.69 145.70
N VAL RB 202 2.67 30.64 144.52
CA VAL RB 202 2.53 29.51 143.61
C VAL RB 202 3.82 28.70 143.66
N CYS RB 203 3.70 27.41 143.96
CA CYS RB 203 4.87 26.54 144.06
C CYS RB 203 5.50 26.28 142.71
N GLY RB 204 6.82 26.10 142.72
CA GLY RB 204 7.55 25.80 141.51
C GLY RB 204 7.66 26.95 140.53
N GLU RB 205 7.51 28.18 141.00
CA GLU RB 205 7.57 29.35 140.13
C GLU RB 205 8.90 30.06 140.34
N LEU RB 206 9.72 30.06 139.29
CA LEU RB 206 10.98 30.77 139.27
C LEU RB 206 10.74 32.21 138.84
N PRO RB 207 11.67 33.14 139.17
CA PRO RB 207 11.49 34.54 138.78
C PRO RB 207 11.47 34.74 137.27
N LYS RB 208 10.67 35.72 136.84
CA LYS RB 208 10.53 36.08 135.44
C LYS RB 208 10.31 37.58 135.35
N VAL RB 209 10.49 38.11 134.14
CA VAL RB 209 10.39 39.54 133.89
C VAL RB 209 8.99 39.87 133.39
N ARG RB 210 8.46 41.01 133.84
CA ARG RB 210 7.16 41.48 133.35
C ARG RB 210 7.31 42.36 132.11
N TYR RB 211 8.03 43.47 132.25
CA TYR RB 211 8.20 44.45 131.19
C TYR RB 211 9.60 45.03 131.27
N THR RB 212 9.96 45.83 130.28
CA THR RB 212 11.22 46.58 130.30
C THR RB 212 10.92 48.04 130.01
N GLN RB 213 11.66 48.93 130.65
CA GLN RB 213 11.57 50.36 130.42
C GLN RB 213 12.97 50.91 130.17
N VAL RB 214 13.16 51.59 129.04
CA VAL RB 214 14.47 52.03 128.61
C VAL RB 214 14.56 53.55 128.79
N TRP RB 215 15.79 54.05 128.71
CA TRP RB 215 16.04 55.50 128.62
C TRP RB 215 17.32 55.64 127.81
N SER RB 216 17.17 55.81 126.50
CA SER RB 216 18.31 55.96 125.63
C SER RB 216 18.83 57.39 125.66
N HIS RB 217 20.03 57.57 125.12
CA HIS RB 217 20.62 58.89 124.91
C HIS RB 217 21.31 58.89 123.56
N ASP RB 218 21.39 60.06 122.95
CA ASP RB 218 22.06 60.17 121.65
C ASP RB 218 22.68 61.57 121.58
N VAL RB 219 23.94 61.66 121.96
CA VAL RB 219 24.68 62.92 121.95
C VAL RB 219 25.43 63.03 120.63
N THR RB 220 25.35 64.19 120.00
CA THR RB 220 26.08 64.49 118.77
C THR RB 220 27.08 65.59 119.08
N ILE RB 221 28.36 65.29 118.90
CA ILE RB 221 29.44 66.21 119.21
C ILE RB 221 30.33 66.33 117.99
N VAL RB 222 30.47 67.54 117.47
CA VAL RB 222 31.36 67.77 116.34
C VAL RB 222 32.79 67.82 116.83
N ALA RB 223 33.72 67.41 115.97
CA ALA RB 223 35.09 67.11 116.39
C ALA RB 223 35.89 68.38 116.70
N ASN RB 224 35.57 69.49 116.04
CA ASN RB 224 36.29 70.74 116.23
C ASN RB 224 35.60 71.68 117.21
N SER RB 225 34.96 71.12 118.23
CA SER RB 225 34.20 71.89 119.21
C SER RB 225 35.13 72.69 120.13
N THR RB 226 34.53 73.60 120.87
CA THR RB 226 35.18 74.23 122.01
C THR RB 226 34.93 73.34 123.22
N GLU RB 227 35.79 73.44 124.24
CA GLU RB 227 35.57 72.67 125.45
C GLU RB 227 34.38 73.18 126.23
N ALA RB 228 34.21 74.50 126.32
CA ALA RB 228 33.04 75.06 126.98
C ALA RB 228 31.77 74.91 126.15
N SER RB 229 31.89 74.52 124.88
CA SER RB 229 30.71 74.19 124.10
C SER RB 229 30.18 72.81 124.46
N ARG RB 230 31.07 71.85 124.73
CA ARG RB 230 30.63 70.54 125.16
C ARG RB 230 30.34 70.50 126.65
N LYS RB 231 30.97 71.38 127.43
CA LYS RB 231 30.73 71.41 128.87
C LYS RB 231 29.37 72.03 129.17
N SER RB 232 28.95 73.00 128.37
CA SER RB 232 27.64 73.63 128.60
C SER RB 232 26.50 72.76 128.11
N LEU RB 233 26.72 71.97 127.06
CA LEU RB 233 25.70 71.04 126.60
C LEU RB 233 25.45 69.94 127.61
N TYR RB 234 26.52 69.45 128.25
CA TYR RB 234 26.36 68.46 129.30
C TYR RB 234 25.67 69.05 130.53
N ASP RB 235 26.07 70.26 130.92
CA ASP RB 235 25.57 70.82 132.18
C ASP RB 235 24.16 71.36 132.05
N LEU RB 236 23.67 71.57 130.83
CA LEU RB 236 22.26 71.88 130.64
C LEU RB 236 21.39 70.63 130.69
N THR RB 237 21.86 69.54 130.07
CA THR RB 237 21.12 68.29 130.10
C THR RB 237 21.11 67.68 131.50
N LYS RB 238 22.20 67.85 132.25
CA LYS RB 238 22.21 67.47 133.66
C LYS RB 238 21.22 68.32 134.44
N SER RB 239 21.07 69.59 134.07
CA SER RB 239 20.10 70.45 134.71
C SER RB 239 18.69 70.28 134.17
N LEU RB 240 18.55 69.58 133.04
CA LEU RB 240 17.21 69.35 132.50
C LEU RB 240 16.55 68.14 133.14
N VAL RB 241 17.30 67.05 133.29
CA VAL RB 241 16.78 65.84 133.92
C VAL RB 241 16.47 66.08 135.40
N ALA RB 242 17.24 66.93 136.05
CA ALA RB 242 17.04 67.19 137.47
C ALA RB 242 15.88 68.12 137.78
N THR RB 243 15.16 68.60 136.77
CA THR RB 243 14.01 69.46 137.03
C THR RB 243 12.82 68.64 137.49
N SER RB 244 11.81 69.34 138.02
CA SER RB 244 10.60 68.69 138.49
C SER RB 244 9.59 68.47 137.37
N GLN RB 245 9.84 69.01 136.18
CA GLN RB 245 8.88 68.86 135.09
C GLN RB 245 9.17 67.61 134.27
N VAL RB 246 10.45 67.26 134.13
CA VAL RB 246 10.81 66.03 133.45
C VAL RB 246 10.64 64.83 134.37
N GLU RB 247 10.58 65.06 135.68
CA GLU RB 247 10.19 64.00 136.60
C GLU RB 247 8.73 63.62 136.39
N ASP RB 248 7.84 64.61 136.34
CA ASP RB 248 6.43 64.34 136.11
C ASP RB 248 6.12 63.94 134.67
N LEU RB 249 7.02 64.24 133.74
CA LEU RB 249 6.82 63.80 132.36
C LEU RB 249 7.04 62.30 132.23
N VAL RB 250 7.91 61.73 133.05
CA VAL RB 250 8.16 60.29 133.02
C VAL RB 250 7.24 59.55 133.99
N VAL RB 251 7.08 60.07 135.21
CA VAL RB 251 6.25 59.39 136.20
C VAL RB 251 4.77 59.52 135.86
N ASN RB 252 4.28 60.75 135.70
CA ASN RB 252 2.86 61.00 135.56
C ASN RB 252 2.41 61.41 134.17
N LEU RB 253 3.34 61.45 133.19
CA LEU RB 253 3.07 61.78 131.78
C LEU RB 253 2.49 63.18 131.61
N VAL RB 254 2.78 64.10 132.52
CA VAL RB 254 2.37 65.50 132.37
C VAL RB 254 3.32 66.16 131.40
N PRO RB 255 2.83 66.82 130.34
CA PRO RB 255 3.73 67.52 129.41
C PRO RB 255 4.44 68.70 130.06
N LEU RB 256 5.50 69.15 129.39
CA LEU RB 256 6.41 70.14 129.94
C LEU RB 256 5.79 71.54 129.92
N GLY RB 257 6.32 72.41 130.77
CA GLY RB 257 5.97 73.81 130.74
C GLY RB 257 4.85 74.19 131.69
N ARG RB 258 5.19 74.95 132.73
CA ARG RB 258 4.18 75.48 133.64
C ARG RB 258 4.17 77.00 133.60
N SER SB 1 87.51 54.94 113.06
CA SER SB 1 86.67 55.65 112.10
C SER SB 1 85.62 56.49 112.82
N LYS SB 2 84.37 56.35 112.40
CA LYS SB 2 83.24 57.07 112.99
C LYS SB 2 82.49 56.13 113.92
N THR SB 3 82.32 56.55 115.17
CA THR SB 3 81.84 55.66 116.22
C THR SB 3 80.55 56.19 116.86
N ILE SB 4 79.73 55.26 117.34
CA ILE SB 4 78.65 55.53 118.27
C ILE SB 4 78.93 54.78 119.56
N VAL SB 5 78.65 55.40 120.69
CA VAL SB 5 78.89 54.80 122.00
C VAL SB 5 77.56 54.56 122.68
N LEU SB 6 77.25 53.29 122.94
CA LEU SB 6 76.00 52.87 123.55
C LEU SB 6 76.31 52.34 124.95
N SER SB 7 76.31 53.23 125.93
CA SER SB 7 76.60 52.83 127.31
C SER SB 7 75.39 52.16 127.92
N VAL SB 8 75.61 50.98 128.50
CA VAL SB 8 74.54 50.12 129.02
C VAL SB 8 74.71 50.12 130.53
N GLY SB 9 75.14 51.26 131.06
CA GLY SB 9 75.52 51.36 132.45
C GLY SB 9 76.88 52.01 132.53
N GLU SB 10 77.88 51.26 133.01
CA GLU SB 10 79.26 51.66 132.84
C GLU SB 10 79.95 50.91 131.71
N ALA SB 11 79.35 49.82 131.23
CA ALA SB 11 79.88 49.11 130.07
C ALA SB 11 79.46 49.83 128.80
N THR SB 12 80.45 50.28 128.02
CA THR SB 12 80.21 51.02 126.79
C THR SB 12 80.53 50.11 125.62
N ARG SB 13 79.62 50.04 124.65
CA ARG SB 13 79.75 49.18 123.49
C ARG SB 13 79.87 50.07 122.25
N THR SB 14 81.08 50.18 121.71
CA THR SB 14 81.39 51.12 120.65
C THR SB 14 81.27 50.43 119.29
N LEU SB 15 80.34 50.91 118.46
CA LEU SB 15 80.19 50.44 117.10
C LEU SB 15 80.95 51.35 116.14
N THR SB 16 81.74 50.74 115.26
CA THR SB 16 82.49 51.49 114.27
C THR SB 16 81.88 51.29 112.90
N GLU SB 17 82.09 52.26 112.02
CA GLU SB 17 81.41 52.29 110.74
C GLU SB 17 82.13 51.40 109.73
N ILE SB 18 81.35 50.57 109.02
CA ILE SB 18 81.89 49.69 108.00
C ILE SB 18 81.38 50.01 106.60
N GLN SB 19 80.45 50.97 106.47
CA GLN SB 19 79.90 51.30 105.16
C GLN SB 19 79.34 52.72 105.20
N SER SB 20 79.48 53.44 104.09
CA SER SB 20 78.91 54.78 103.98
C SER SB 20 78.54 55.00 102.51
N THR SB 21 77.29 54.70 102.17
CA THR SB 21 76.77 54.98 100.84
C THR SB 21 76.12 56.37 100.86
N ALA SB 22 75.33 56.67 99.82
CA ALA SB 22 74.65 57.96 99.75
C ALA SB 22 73.59 58.07 100.84
N ASP SB 23 72.87 56.98 101.11
CA ASP SB 23 71.87 56.98 102.17
C ASP SB 23 72.15 55.98 103.28
N ARG SB 24 72.51 54.74 102.94
CA ARG SB 24 72.73 53.73 103.95
C ARG SB 24 74.06 53.94 104.65
N GLN SB 25 74.14 53.50 105.91
CA GLN SB 25 75.29 53.79 106.75
C GLN SB 25 75.34 52.72 107.84
N ILE SB 26 76.22 51.74 107.66
CA ILE SB 26 76.23 50.53 108.48
C ILE SB 26 77.32 50.64 109.53
N PHE SB 27 76.96 50.36 110.78
CA PHE SB 27 77.90 50.29 111.89
C PHE SB 27 78.00 48.86 112.38
N GLU SB 28 79.05 48.57 113.12
CA GLU SB 28 79.29 47.22 113.64
C GLU SB 28 80.26 47.30 114.80
N GLU SB 29 80.02 46.45 115.81
CA GLU SB 29 80.96 46.30 116.90
C GLU SB 29 82.09 45.39 116.46
N LYS SB 30 83.26 45.57 117.06
CA LYS SB 30 84.46 44.85 116.63
C LYS SB 30 85.01 43.90 117.68
N VAL SB 31 84.40 43.84 118.85
CA VAL SB 31 84.88 42.96 119.91
C VAL SB 31 84.20 41.60 119.78
N GLY SB 32 85.00 40.53 119.75
CA GLY SB 32 84.48 39.19 119.77
C GLY SB 32 84.73 38.41 118.50
N PRO SB 33 83.96 37.34 118.28
CA PRO SB 33 84.10 36.56 117.04
C PRO SB 33 83.65 37.32 115.81
N LEU SB 34 83.98 36.80 114.63
CA LEU SB 34 83.78 37.51 113.38
C LEU SB 34 82.46 37.18 112.69
N VAL SB 35 81.67 36.28 113.25
CA VAL SB 35 80.49 35.80 112.53
C VAL SB 35 79.20 36.47 113.03
N GLY SB 36 79.09 36.76 114.33
CA GLY SB 36 77.92 37.45 114.83
C GLY SB 36 78.26 38.63 115.70
N ARG SB 37 77.89 39.82 115.25
CA ARG SB 37 78.16 41.06 115.97
C ARG SB 37 76.94 41.96 115.89
N LEU SB 38 76.98 43.07 116.63
CA LEU SB 38 75.94 44.08 116.53
C LEU SB 38 75.95 44.74 115.16
N ARG SB 39 74.82 45.34 114.81
CA ARG SB 39 74.65 45.97 113.51
C ARG SB 39 73.69 47.12 113.67
N LEU SB 40 73.92 48.18 112.89
CA LEU SB 40 73.10 49.38 112.98
C LEU SB 40 73.10 50.02 111.60
N THR SB 41 72.08 49.74 110.80
CA THR SB 41 72.01 50.23 109.43
C THR SB 41 71.12 51.47 109.42
N ALA SB 42 71.73 52.62 109.70
CA ALA SB 42 71.02 53.88 109.63
C ALA SB 42 70.76 54.27 108.19
N SER SB 43 69.81 55.18 107.99
CA SER SB 43 69.41 55.61 106.66
C SER SB 43 68.71 56.96 106.78
N LEU SB 44 68.56 57.61 105.63
CA LEU SB 44 67.83 58.88 105.54
C LEU SB 44 67.42 59.07 104.10
N ARG SB 45 66.21 59.58 103.90
CA ARG SB 45 65.64 59.76 102.58
C ARG SB 45 64.80 61.03 102.56
N GLN SB 46 64.28 61.36 101.38
CA GLN SB 46 63.21 62.35 101.26
C GLN SB 46 62.34 61.95 100.06
N ASN SB 47 61.27 61.21 100.35
CA ASN SB 47 60.44 60.62 99.31
C ASN SB 47 59.34 61.58 98.90
N GLY SB 48 58.90 61.43 97.65
CA GLY SB 48 57.86 62.28 97.11
C GLY SB 48 58.39 63.56 96.53
N ALA SB 49 57.67 64.66 96.70
CA ALA SB 49 58.09 65.96 96.19
C ALA SB 49 58.87 66.74 97.25
N LYS SB 50 59.87 66.05 97.82
CA LYS SB 50 60.89 66.63 98.72
C LYS SB 50 60.29 67.31 99.94
N THR SB 51 59.16 66.83 100.44
CA THR SB 51 58.45 67.49 101.53
C THR SB 51 58.54 66.77 102.86
N ALA SB 52 58.97 65.51 102.88
CA ALA SB 52 59.01 64.73 104.11
C ALA SB 52 60.22 63.82 104.08
N TYR SB 53 60.95 63.76 105.20
CA TYR SB 53 62.09 62.88 105.34
C TYR SB 53 61.66 61.54 105.92
N ARG SB 54 62.60 60.61 105.99
CA ARG SB 54 62.31 59.27 106.52
C ARG SB 54 63.59 58.70 107.12
N VAL SB 55 63.70 58.77 108.43
CA VAL SB 55 64.80 58.14 109.15
C VAL SB 55 64.44 56.68 109.39
N ASN SB 56 65.43 55.79 109.28
CA ASN SB 56 65.15 54.36 109.31
C ASN SB 56 66.37 53.66 109.92
N LEU SB 57 66.32 53.42 111.23
CA LEU SB 57 67.35 52.67 111.93
C LEU SB 57 66.95 51.20 112.03
N LYS SB 58 67.94 50.34 112.30
CA LYS SB 58 67.70 48.91 112.43
C LYS SB 58 68.84 48.31 113.26
N LEU SB 59 68.56 48.04 114.53
CA LEU SB 59 69.55 47.49 115.45
C LEU SB 59 69.42 45.98 115.49
N ASP SB 60 70.27 45.29 114.75
CA ASP SB 60 70.28 43.83 114.78
C ASP SB 60 71.05 43.33 115.99
N GLN SB 61 70.83 42.08 116.35
CA GLN SB 61 71.58 41.43 117.41
C GLN SB 61 71.50 39.93 117.20
N ALA SB 62 72.64 39.29 116.98
CA ALA SB 62 72.72 37.86 116.78
C ALA SB 62 73.26 37.20 118.05
N ASP SB 63 72.74 36.03 118.36
CA ASP SB 63 73.22 35.26 119.52
C ASP SB 63 74.11 34.15 119.00
N VAL SB 64 75.40 34.35 119.09
CA VAL SB 64 76.38 33.39 118.61
C VAL SB 64 76.75 32.46 119.76
N VAL SB 65 76.96 31.18 119.43
CA VAL SB 65 77.38 30.19 120.40
C VAL SB 65 78.53 29.39 119.79
N ASP SB 66 79.57 29.15 120.58
CA ASP SB 66 80.72 28.35 120.15
C ASP SB 66 81.02 27.31 121.21
N CYS SB 67 80.85 26.04 120.85
CA CYS SB 67 81.07 24.91 121.75
C CYS SB 67 82.00 23.89 121.12
N SER SB 68 83.15 24.37 120.63
CA SER SB 68 84.22 23.47 120.22
C SER SB 68 84.81 22.72 121.40
N THR SB 69 84.62 23.22 122.62
CA THR SB 69 85.04 22.50 123.82
C THR SB 69 84.24 21.20 123.99
N SER SB 70 82.93 21.27 123.79
CA SER SB 70 82.08 20.11 124.04
C SER SB 70 82.21 19.08 122.91
N VAL SB 71 81.82 19.46 121.70
CA VAL SB 71 81.97 18.59 120.54
C VAL SB 71 83.23 19.04 119.80
N CYS SB 72 84.06 18.08 119.40
CA CYS SB 72 85.35 18.40 118.82
C CYS SB 72 85.21 18.71 117.33
N GLY SB 73 85.59 19.92 116.95
CA GLY SB 73 85.72 20.27 115.55
C GLY SB 73 84.62 21.13 114.95
N GLU SB 74 83.86 21.85 115.76
CA GLU SB 74 82.89 22.79 115.22
C GLU SB 74 83.39 24.21 115.42
N LEU SB 75 82.74 25.12 114.70
CA LEU SB 75 83.13 26.53 114.64
C LEU SB 75 82.01 27.36 115.26
N PRO SB 76 82.25 28.63 115.60
CA PRO SB 76 81.15 29.47 116.10
C PRO SB 76 80.07 29.71 115.05
N LYS SB 77 78.85 29.90 115.54
CA LYS SB 77 77.66 29.89 114.71
C LYS SB 77 76.56 30.64 115.44
N VAL SB 78 75.71 31.33 114.69
CA VAL SB 78 74.60 32.09 115.28
C VAL SB 78 73.34 31.22 115.25
N ARG SB 79 72.52 31.35 116.29
CA ARG SB 79 71.25 30.62 116.31
C ARG SB 79 70.12 31.48 115.76
N TYR SB 80 69.90 32.64 116.38
CA TYR SB 80 68.77 33.50 116.04
C TYR SB 80 69.23 34.94 116.01
N THR SB 81 68.41 35.79 115.40
CA THR SB 81 68.64 37.23 115.35
C THR SB 81 67.39 37.95 115.83
N GLN SB 82 67.61 39.00 116.63
CA GLN SB 82 66.52 39.81 117.17
C GLN SB 82 66.80 41.27 116.82
N VAL SB 83 65.88 41.90 116.11
CA VAL SB 83 66.09 43.24 115.60
C VAL SB 83 65.19 44.21 116.36
N TRP SB 84 65.44 45.50 116.17
CA TRP SB 84 64.56 46.56 116.65
C TRP SB 84 64.65 47.68 115.62
N SER SB 85 63.74 47.68 114.66
CA SER SB 85 63.73 48.71 113.64
C SER SB 85 63.03 49.96 114.14
N HIS SB 86 63.31 51.07 113.47
CA HIS SB 86 62.64 52.34 113.70
C HIS SB 86 62.20 52.89 112.36
N ASP SB 87 61.19 53.76 112.38
CA ASP SB 87 60.73 54.41 111.14
C ASP SB 87 60.19 55.78 111.53
N VAL SB 88 61.04 56.78 111.46
CA VAL SB 88 60.68 58.14 111.82
C VAL SB 88 60.30 58.90 110.57
N THR SB 89 59.17 59.61 110.63
CA THR SB 89 58.69 60.42 109.52
C THR SB 89 58.68 61.88 109.95
N ILE SB 90 59.48 62.70 109.27
CA ILE SB 90 59.63 64.11 109.60
C ILE SB 90 59.28 64.92 108.37
N VAL SB 91 58.30 65.80 108.49
CA VAL SB 91 57.97 66.71 107.41
C VAL SB 91 58.91 67.91 107.46
N ALA SB 92 59.24 68.44 106.27
CA ALA SB 92 60.42 69.30 106.14
C ALA SB 92 60.21 70.70 106.68
N ASN SB 93 58.97 71.21 106.65
CA ASN SB 93 58.68 72.55 107.11
C ASN SB 93 58.23 72.59 108.56
N SER SB 94 58.76 71.70 109.40
CA SER SB 94 58.32 71.57 110.77
C SER SB 94 58.83 72.72 111.64
N THR SB 95 58.29 72.78 112.85
CA THR SB 95 58.85 73.60 113.91
C THR SB 95 59.93 72.79 114.60
N GLU SB 96 60.96 73.48 115.12
CA GLU SB 96 62.02 72.76 115.81
C GLU SB 96 61.55 72.21 117.14
N ALA SB 97 60.56 72.84 117.77
CA ALA SB 97 59.99 72.29 118.97
C ALA SB 97 59.08 71.11 118.67
N SER SB 98 58.60 70.97 117.44
CA SER SB 98 57.82 69.80 117.07
C SER SB 98 58.68 68.57 116.94
N ARG SB 99 59.86 68.72 116.32
CA ARG SB 99 60.79 67.60 116.17
C ARG SB 99 61.46 67.24 117.48
N LYS SB 100 61.63 68.21 118.38
CA LYS SB 100 62.23 67.92 119.67
C LYS SB 100 61.25 67.20 120.59
N SER SB 101 59.97 67.56 120.51
CA SER SB 101 58.97 66.92 121.36
C SER SB 101 58.70 65.48 120.92
N LEU SB 102 58.77 65.22 119.62
CA LEU SB 102 58.62 63.85 119.12
C LEU SB 102 59.77 62.97 119.57
N TYR SB 103 60.98 63.55 119.63
CA TYR SB 103 62.11 62.80 120.16
C TYR SB 103 62.00 62.62 121.67
N ASP SB 104 61.52 63.63 122.38
CA ASP SB 104 61.43 63.55 123.83
C ASP SB 104 60.32 62.62 124.30
N LEU SB 105 59.33 62.33 123.45
CA LEU SB 105 58.30 61.38 123.84
C LEU SB 105 58.74 59.94 123.60
N THR SB 106 59.45 59.70 122.49
CA THR SB 106 59.92 58.35 122.18
C THR SB 106 61.08 57.96 123.07
N LYS SB 107 61.92 58.92 123.45
CA LYS SB 107 62.99 58.64 124.41
C LYS SB 107 62.43 58.27 125.78
N SER SB 108 61.28 58.83 126.14
CA SER SB 108 60.62 58.47 127.38
C SER SB 108 59.67 57.29 127.22
N LEU SB 109 59.27 56.96 125.99
CA LEU SB 109 58.46 55.78 125.76
C LEU SB 109 59.28 54.51 125.97
N VAL SB 110 60.47 54.47 125.39
CA VAL SB 110 61.33 53.30 125.52
C VAL SB 110 61.86 53.16 126.94
N ALA SB 111 62.03 54.28 127.64
CA ALA SB 111 62.62 54.23 128.97
C ALA SB 111 61.61 53.89 130.07
N THR SB 112 60.36 53.59 129.74
CA THR SB 112 59.39 53.28 130.78
C THR SB 112 59.40 51.78 131.09
N SER SB 113 58.77 51.43 132.21
CA SER SB 113 58.73 50.05 132.67
C SER SB 113 57.65 49.22 132.00
N GLN SB 114 56.81 49.83 131.18
CA GLN SB 114 55.75 49.09 130.51
C GLN SB 114 56.19 48.59 129.14
N VAL SB 115 57.05 49.33 128.45
CA VAL SB 115 57.59 48.86 127.19
C VAL SB 115 58.69 47.84 127.44
N GLU SB 116 59.36 47.95 128.59
CA GLU SB 116 60.38 46.97 128.97
C GLU SB 116 59.77 45.58 129.16
N ASP SB 117 58.65 45.50 129.87
CA ASP SB 117 57.98 44.22 130.06
C ASP SB 117 57.28 43.73 128.80
N LEU SB 118 57.05 44.61 127.83
CA LEU SB 118 56.42 44.19 126.59
C LEU SB 118 57.35 43.40 125.69
N VAL SB 119 58.65 43.69 125.73
CA VAL SB 119 59.59 43.00 124.86
C VAL SB 119 60.31 41.89 125.63
N VAL SB 120 60.52 42.09 126.93
CA VAL SB 120 61.21 41.07 127.71
C VAL SB 120 60.26 39.95 128.12
N ASN SB 121 59.19 40.28 128.85
CA ASN SB 121 58.29 39.28 129.40
C ASN SB 121 56.96 39.22 128.65
N LEU SB 122 56.82 39.93 127.54
CA LEU SB 122 55.67 39.91 126.63
C LEU SB 122 54.36 40.32 127.30
N VAL SB 123 54.44 41.14 128.35
CA VAL SB 123 53.24 41.63 129.03
C VAL SB 123 52.64 42.77 128.21
N PRO SB 124 51.32 42.80 128.00
CA PRO SB 124 50.72 43.89 127.22
C PRO SB 124 50.77 45.23 127.93
N LEU SB 125 50.42 46.27 127.20
CA LEU SB 125 50.62 47.64 127.65
C LEU SB 125 49.45 48.11 128.52
N GLY SB 126 49.74 49.10 129.36
CA GLY SB 126 48.72 49.71 130.19
C GLY SB 126 48.55 49.06 131.53
N ARG SB 127 48.70 49.83 132.61
CA ARG SB 127 48.43 49.36 133.96
C ARG SB 127 47.47 50.35 134.61
N ALA SB 128 46.31 49.85 135.04
CA ALA SB 128 45.27 50.69 135.62
C ALA SB 128 45.58 50.95 137.08
N TYR SB 129 46.03 52.17 137.39
CA TYR SB 129 46.29 52.59 138.77
C TYR SB 129 45.21 53.59 139.15
N GLY SB 130 44.08 53.06 139.61
CA GLY SB 130 42.94 53.88 140.00
C GLY SB 130 42.29 54.61 138.85
N GLY SB 131 41.69 53.87 137.93
CA GLY SB 131 41.05 54.47 136.78
C GLY SB 131 41.13 53.62 135.54
N SER SB 132 41.54 54.21 134.42
CA SER SB 132 41.67 53.50 133.17
C SER SB 132 43.09 52.97 133.00
N LYS SB 133 43.27 52.15 131.96
CA LYS SB 133 44.60 51.67 131.61
C LYS SB 133 45.40 52.81 130.98
N THR SB 134 46.44 53.26 131.67
CA THR SB 134 47.16 54.46 131.28
C THR SB 134 48.64 54.19 131.14
N ILE SB 135 49.29 54.99 130.31
CA ILE SB 135 50.75 55.05 130.20
C ILE SB 135 51.16 56.49 130.50
N VAL SB 136 52.15 56.67 131.37
CA VAL SB 136 52.66 57.99 131.69
C VAL SB 136 53.97 58.18 130.94
N LEU SB 137 54.05 59.24 130.14
CA LEU SB 137 55.24 59.56 129.36
C LEU SB 137 55.79 60.90 129.85
N SER SB 138 56.59 60.86 130.91
CA SER SB 138 57.12 62.08 131.50
C SER SB 138 58.32 62.58 130.70
N VAL SB 139 58.35 63.89 130.47
CA VAL SB 139 59.41 64.53 129.70
C VAL SB 139 60.22 65.44 130.62
N GLY SB 140 60.31 65.03 131.89
CA GLY SB 140 60.88 65.87 132.92
C GLY SB 140 59.89 66.03 134.06
N GLU SB 141 59.33 67.23 134.22
CA GLU SB 141 58.24 67.43 135.17
C GLU SB 141 56.87 67.42 134.51
N ALA SB 142 56.80 67.60 133.19
CA ALA SB 142 55.55 67.46 132.47
C ALA SB 142 55.28 65.99 132.19
N THR SB 143 54.15 65.49 132.68
CA THR SB 143 53.74 64.10 132.46
C THR SB 143 52.54 64.10 131.54
N ARG SB 144 52.60 63.28 130.49
CA ARG SB 144 51.53 63.21 129.50
C ARG SB 144 50.92 61.81 129.57
N THR SB 145 49.74 61.72 130.16
CA THR SB 145 49.10 60.44 130.48
C THR SB 145 48.17 60.04 129.34
N LEU SB 146 48.47 58.93 128.68
CA LEU SB 146 47.66 58.43 127.59
C LEU SB 146 46.75 57.32 128.07
N THR SB 147 45.44 57.51 127.91
CA THR SB 147 44.44 56.56 128.36
C THR SB 147 43.99 55.69 127.20
N GLU SB 148 43.73 54.42 127.50
CA GLU SB 148 43.38 53.45 126.47
C GLU SB 148 41.96 53.66 125.99
N ILE SB 149 41.78 53.68 124.67
CA ILE SB 149 40.47 53.92 124.08
C ILE SB 149 39.89 52.70 123.39
N GLN SB 150 40.71 51.69 123.05
CA GLN SB 150 40.25 50.54 122.29
C GLN SB 150 41.27 49.43 122.41
N SER SB 151 40.83 48.24 122.81
CA SER SB 151 41.69 47.07 122.91
C SER SB 151 41.06 45.98 122.05
N THR SB 152 41.43 45.95 120.77
CA THR SB 152 40.96 44.93 119.85
C THR SB 152 41.83 43.68 120.08
N ALA SB 153 41.54 42.58 119.39
CA ALA SB 153 42.33 41.36 119.56
C ALA SB 153 43.73 41.52 118.98
N ASP SB 154 43.90 42.42 118.02
CA ASP SB 154 45.21 42.72 117.44
C ASP SB 154 45.79 44.03 117.96
N ARG SB 155 45.05 45.13 117.83
CA ARG SB 155 45.59 46.43 118.18
C ARG SB 155 45.31 46.76 119.65
N GLN SB 156 45.95 47.82 120.11
CA GLN SB 156 45.73 48.35 121.46
C GLN SB 156 46.04 49.85 121.39
N ILE SB 157 45.01 50.65 121.20
CA ILE SB 157 45.18 52.07 120.89
C ILE SB 157 45.08 52.89 122.16
N PHE SB 158 46.08 53.73 122.39
CA PHE SB 158 46.09 54.69 123.48
C PHE SB 158 45.97 56.09 122.90
N GLU SB 159 45.56 57.04 123.74
CA GLU SB 159 45.37 58.40 123.30
C GLU SB 159 45.33 59.33 124.51
N GLU SB 160 45.91 60.52 124.36
CA GLU SB 160 45.79 61.54 125.38
C GLU SB 160 44.40 62.16 125.32
N LYS SB 161 43.98 62.76 126.44
CA LYS SB 161 42.63 63.29 126.55
C LYS SB 161 42.56 64.78 126.84
N VAL SB 162 43.68 65.42 127.13
CA VAL SB 162 43.69 66.84 127.42
C VAL SB 162 43.82 67.63 126.12
N GLY SB 163 42.89 68.57 125.92
CA GLY SB 163 42.97 69.48 124.80
C GLY SB 163 41.86 69.30 123.79
N PRO SB 164 42.06 69.80 122.58
CA PRO SB 164 41.05 69.65 121.53
C PRO SB 164 40.94 68.21 121.05
N LEU SB 165 39.88 67.94 120.29
CA LEU SB 165 39.59 66.59 119.84
C LEU SB 165 40.15 66.29 118.46
N VAL SB 166 40.66 67.28 117.75
CA VAL SB 166 41.11 67.05 116.39
C VAL SB 166 42.54 66.49 116.34
N GLY SB 167 43.42 66.94 117.23
CA GLY SB 167 44.77 66.44 117.24
C GLY SB 167 45.24 66.04 118.63
N ARG SB 168 45.51 64.75 118.82
CA ARG SB 168 45.96 64.24 120.10
C ARG SB 168 47.03 63.19 119.87
N LEU SB 169 47.75 62.87 120.94
CA LEU SB 169 48.77 61.82 120.88
C LEU SB 169 48.12 60.47 120.65
N ARG SB 170 48.87 59.57 120.01
CA ARG SB 170 48.38 58.24 119.72
C ARG SB 170 49.46 57.24 120.06
N LEU SB 171 49.04 56.00 120.33
CA LEU SB 171 49.98 54.92 120.59
C LEU SB 171 49.25 53.63 120.23
N THR SB 172 49.54 53.10 119.04
CA THR SB 172 48.89 51.88 118.57
C THR SB 172 49.87 50.73 118.68
N ALA SB 173 49.88 50.07 119.83
CA ALA SB 173 50.71 48.90 120.01
C ALA SB 173 50.06 47.68 119.35
N SER SB 174 50.87 46.65 119.14
CA SER SB 174 50.39 45.41 118.54
C SER SB 174 51.30 44.27 118.97
N LEU SB 175 50.89 43.06 118.63
CA LEU SB 175 51.64 41.86 118.95
C LEU SB 175 51.14 40.74 118.05
N ARG SB 176 52.06 40.11 117.31
CA ARG SB 176 51.71 39.05 116.39
C ARG SB 176 52.67 37.89 116.60
N GLN SB 177 52.41 36.80 115.88
CA GLN SB 177 53.39 35.72 115.70
C GLN SB 177 53.11 35.05 114.36
N ASN SB 178 54.04 35.21 113.43
CA ASN SB 178 53.87 34.70 112.08
C ASN SB 178 54.72 33.46 111.87
N GLY SB 179 54.15 32.50 111.14
CA GLY SB 179 54.84 31.26 110.86
C GLY SB 179 54.40 30.14 111.79
N ALA SB 180 55.33 29.26 112.12
CA ALA SB 180 55.02 28.12 113.00
C ALA SB 180 55.29 28.45 114.46
N LYS SB 181 54.72 29.56 114.92
CA LYS SB 181 54.73 30.01 116.32
C LYS SB 181 56.14 30.15 116.88
N THR SB 182 57.08 30.61 116.05
CA THR SB 182 58.48 30.64 116.43
C THR SB 182 59.03 32.04 116.65
N ALA SB 183 58.35 33.09 116.19
CA ALA SB 183 58.87 34.44 116.32
C ALA SB 183 57.71 35.40 116.54
N TYR SB 184 57.88 36.30 117.51
CA TYR SB 184 56.88 37.32 117.80
C TYR SB 184 57.16 38.59 116.99
N ARG SB 185 56.26 39.56 117.08
CA ARG SB 185 56.43 40.82 116.37
C ARG SB 185 55.73 41.92 117.16
N VAL SB 186 56.51 42.66 117.94
CA VAL SB 186 55.99 43.82 118.64
C VAL SB 186 56.02 45.02 117.70
N ASN SB 187 55.03 45.90 117.80
CA ASN SB 187 54.89 46.99 116.85
C ASN SB 187 54.27 48.19 117.55
N LEU SB 188 55.10 49.11 118.01
CA LEU SB 188 54.63 50.37 118.56
C LEU SB 188 54.66 51.46 117.50
N LYS SB 189 53.82 52.49 117.70
CA LYS SB 189 53.72 53.58 116.75
C LYS SB 189 53.10 54.78 117.45
N LEU SB 190 53.82 55.91 117.45
CA LEU SB 190 53.39 57.10 118.17
C LEU SB 190 53.21 58.24 117.18
N ASP SB 191 51.95 58.61 116.94
CA ASP SB 191 51.64 59.75 116.09
C ASP SB 191 51.52 61.01 116.92
N GLN SB 192 52.04 62.11 116.38
CA GLN SB 192 51.96 63.41 117.03
C GLN SB 192 51.60 64.45 115.98
N ALA SB 193 50.38 64.95 116.05
CA ALA SB 193 49.88 65.94 115.11
C ALA SB 193 50.04 67.34 115.70
N ASP SB 194 50.36 68.31 114.86
CA ASP SB 194 50.53 69.69 115.29
C ASP SB 194 49.24 70.45 115.02
N VAL SB 195 48.54 70.81 116.09
CA VAL SB 195 47.28 71.54 115.99
C VAL SB 195 47.56 73.01 116.28
N VAL SB 196 46.88 73.89 115.56
CA VAL SB 196 47.01 75.33 115.75
C VAL SB 196 45.63 75.96 115.53
N ASP SB 197 45.34 77.00 116.32
CA ASP SB 197 44.11 77.76 116.15
C ASP SB 197 44.43 79.23 115.93
N CYS SB 198 43.71 79.86 115.01
CA CYS SB 198 43.89 81.26 114.68
C CYS SB 198 42.67 82.08 115.06
N SER SB 199 41.96 81.65 116.11
CA SER SB 199 40.75 82.34 116.54
C SER SB 199 41.02 83.70 117.15
N THR SB 200 42.24 83.92 117.67
CA THR SB 200 42.62 85.26 118.11
C THR SB 200 43.00 86.13 116.93
N SER SB 201 43.27 85.53 115.77
CA SER SB 201 43.63 86.26 114.56
C SER SB 201 42.45 86.43 113.62
N VAL SB 202 41.85 85.32 113.17
CA VAL SB 202 40.72 85.34 112.28
C VAL SB 202 39.52 84.72 112.99
N CYS SB 203 38.38 85.39 112.94
CA CYS SB 203 37.19 84.91 113.63
C CYS SB 203 36.61 83.67 112.97
N GLY SB 204 35.89 82.89 113.77
CA GLY SB 204 35.16 81.73 113.29
C GLY SB 204 36.01 80.59 112.81
N GLU SB 205 37.28 80.53 113.23
CA GLU SB 205 38.19 79.47 112.81
C GLU SB 205 38.44 78.55 113.99
N LEU SB 206 38.07 77.28 113.82
CA LEU SB 206 38.25 76.25 114.82
C LEU SB 206 39.63 75.61 114.64
N PRO SB 207 40.16 74.94 115.69
CA PRO SB 207 41.48 74.31 115.56
C PRO SB 207 41.52 73.21 114.51
N LYS SB 208 42.69 73.06 113.91
CA LYS SB 208 42.92 72.07 112.87
C LYS SB 208 44.38 71.64 112.91
N VAL SB 209 44.66 70.49 112.31
CA VAL SB 209 46.02 69.93 112.31
C VAL SB 209 46.76 70.41 111.08
N ARG SB 210 48.08 70.56 111.22
CA ARG SB 210 48.92 70.92 110.08
C ARG SB 210 49.53 69.69 109.45
N TYR SB 211 50.32 68.94 110.23
CA TYR SB 211 51.04 67.77 109.76
C TYR SB 211 51.04 66.73 110.88
N THR SB 212 51.52 65.53 110.56
CA THR SB 212 51.73 64.49 111.56
C THR SB 212 53.15 63.96 111.42
N GLN SB 213 53.74 63.60 112.55
CA GLN SB 213 55.09 63.02 112.58
C GLN SB 213 55.05 61.71 113.36
N VAL SB 214 55.58 60.67 112.74
CA VAL SB 214 55.45 59.31 113.24
C VAL SB 214 56.81 58.83 113.74
N TRP SB 215 56.80 58.01 114.80
CA TRP SB 215 57.98 57.26 115.21
C TRP SB 215 57.50 55.84 115.51
N SER SB 216 57.56 54.98 114.50
CA SER SB 216 57.17 53.60 114.66
C SER SB 216 58.32 52.76 115.20
N HIS SB 217 57.99 51.55 115.64
CA HIS SB 217 58.97 50.55 116.03
C HIS SB 217 58.52 49.20 115.48
N ASP SB 218 59.48 48.29 115.33
CA ASP SB 218 59.16 46.95 114.85
C ASP SB 218 60.19 45.99 115.44
N VAL SB 219 59.82 45.35 116.54
CA VAL SB 219 60.71 44.46 117.27
C VAL SB 219 60.41 43.03 116.85
N THR SB 220 61.44 42.27 116.53
CA THR SB 220 61.32 40.86 116.18
C THR SB 220 61.97 40.04 117.28
N ILE SB 221 61.19 39.18 117.92
CA ILE SB 221 61.65 38.36 119.04
C ILE SB 221 61.30 36.92 118.74
N VAL SB 222 62.30 36.05 118.73
CA VAL SB 222 62.05 34.62 118.53
C VAL SB 222 61.57 34.02 119.85
N ALA SB 223 60.79 32.93 119.74
CA ALA SB 223 60.04 32.44 120.89
C ALA SB 223 60.92 31.72 121.90
N ASN SB 224 61.96 31.04 121.44
CA ASN SB 224 62.83 30.26 122.31
C ASN SB 224 64.08 31.04 122.77
N SER SB 225 63.94 32.35 122.96
CA SER SB 225 65.06 33.22 123.29
C SER SB 225 65.53 33.00 124.73
N THR SB 226 66.69 33.57 125.02
CA THR SB 226 67.16 33.72 126.38
C THR SB 226 66.58 35.01 126.92
N GLU SB 227 66.36 35.09 128.24
CA GLU SB 227 65.86 36.32 128.84
C GLU SB 227 66.87 37.44 128.74
N ALA SB 228 68.15 37.14 128.98
CA ALA SB 228 69.19 38.15 128.83
C ALA SB 228 69.48 38.49 127.38
N SER SB 229 68.98 37.70 126.43
CA SER SB 229 69.07 38.08 125.03
C SER SB 229 68.00 39.10 124.66
N ARG SB 230 66.82 38.99 125.26
CA ARG SB 230 65.78 40.00 125.04
C ARG SB 230 66.02 41.24 125.90
N LYS SB 231 66.64 41.07 127.07
CA LYS SB 231 66.89 42.20 127.95
C LYS SB 231 68.01 43.08 127.41
N SER SB 232 69.03 42.48 126.79
CA SER SB 232 70.13 43.27 126.26
C SER SB 232 69.75 43.96 124.97
N LEU SB 233 68.82 43.39 124.19
CA LEU SB 233 68.33 44.06 122.99
C LEU SB 233 67.54 45.30 123.34
N TYR SB 234 66.71 45.22 124.39
CA TYR SB 234 65.97 46.39 124.84
C TYR SB 234 66.90 47.44 125.43
N ASP SB 235 67.87 47.01 126.24
CA ASP SB 235 68.73 47.94 126.94
C ASP SB 235 69.75 48.59 126.02
N LEU SB 236 70.02 48.01 124.85
CA LEU SB 236 70.83 48.69 123.85
C LEU SB 236 70.02 49.72 123.08
N THR SB 237 68.75 49.39 122.77
CA THR SB 237 67.90 50.33 122.06
C THR SB 237 67.49 51.49 122.95
N LYS SB 238 67.34 51.24 124.26
CA LYS SB 238 67.08 52.32 125.20
C LYS SB 238 68.28 53.26 125.29
N SER SB 239 69.48 52.71 125.20
CA SER SB 239 70.69 53.52 125.21
C SER SB 239 71.02 54.11 123.85
N LEU SB 240 70.39 53.63 122.78
CA LEU SB 240 70.63 54.19 121.46
C LEU SB 240 69.81 55.45 121.25
N VAL SB 241 68.54 55.43 121.64
CA VAL SB 241 67.67 56.60 121.51
C VAL SB 241 68.13 57.72 122.43
N ALA SB 242 68.72 57.39 123.57
CA ALA SB 242 69.15 58.40 124.53
C ALA SB 242 70.48 59.05 124.17
N THR SB 243 71.09 58.71 123.03
CA THR SB 243 72.35 59.33 122.65
C THR SB 243 72.12 60.72 122.06
N SER SB 244 73.21 61.44 121.86
CA SER SB 244 73.14 62.78 121.29
C SER SB 244 73.21 62.76 119.77
N GLN SB 245 73.45 61.61 119.17
CA GLN SB 245 73.57 61.54 117.71
C GLN SB 245 72.23 61.21 117.06
N VAL SB 246 71.42 60.39 117.72
CA VAL SB 246 70.06 60.12 117.23
C VAL SB 246 69.13 61.29 117.56
N GLU SB 247 69.52 62.14 118.51
CA GLU SB 247 68.81 63.39 118.71
C GLU SB 247 68.98 64.32 117.50
N ASP SB 248 70.22 64.55 117.08
CA ASP SB 248 70.48 65.39 115.94
C ASP SB 248 70.09 64.75 114.62
N LEU SB 249 69.95 63.42 114.58
CA LEU SB 249 69.45 62.77 113.38
C LEU SB 249 67.98 63.06 113.16
N VAL SB 250 67.21 63.25 114.23
CA VAL SB 250 65.80 63.56 114.11
C VAL SB 250 65.57 65.08 114.06
N VAL SB 251 66.25 65.82 114.93
CA VAL SB 251 66.02 67.26 115.00
C VAL SB 251 66.67 67.98 113.83
N ASN SB 252 67.97 67.76 113.61
CA ASN SB 252 68.73 68.52 112.62
C ASN SB 252 69.18 67.69 111.41
N LEU SB 253 68.76 66.42 111.33
CA LEU SB 253 69.03 65.52 110.20
C LEU SB 253 70.53 65.29 109.95
N VAL SB 254 71.34 65.36 111.00
CA VAL SB 254 72.75 65.03 110.89
C VAL SB 254 72.89 63.52 110.89
N PRO SB 255 73.58 62.93 109.92
CA PRO SB 255 73.80 61.48 109.94
C PRO SB 255 74.67 61.03 111.11
N LEU SB 256 74.61 59.75 111.40
CA LEU SB 256 75.22 59.20 112.60
C LEU SB 256 76.73 59.06 112.45
N GLY SB 257 77.40 58.92 113.59
CA GLY SB 257 78.82 58.68 113.61
C GLY SB 257 79.66 59.94 113.72
N ARG SB 258 80.46 60.03 114.78
CA ARG SB 258 81.39 61.14 114.94
C ARG SB 258 82.80 60.62 115.22
N SER TB 1 28.37 0.34 150.43
CA SER TB 1 29.32 -0.09 149.41
C SER TB 1 30.56 0.80 149.42
N LYS TB 2 30.88 1.39 148.27
CA LYS TB 2 32.02 2.28 148.12
C LYS TB 2 31.52 3.72 148.12
N THR TB 3 32.10 4.55 148.98
CA THR TB 3 31.58 5.88 149.24
C THR TB 3 32.61 6.96 148.97
N ILE TB 4 32.11 8.15 148.59
CA ILE TB 4 32.88 9.38 148.57
C ILE TB 4 32.20 10.34 149.53
N VAL TB 5 32.99 11.03 150.35
CA VAL TB 5 32.46 11.96 151.35
C VAL TB 5 32.86 13.37 150.94
N LEU TB 6 31.85 14.21 150.69
CA LEU TB 6 32.05 15.60 150.27
C LEU TB 6 31.66 16.50 151.44
N SER TB 7 32.65 16.98 152.18
CA SER TB 7 32.40 17.86 153.31
C SER TB 7 32.18 19.29 152.82
N VAL TB 8 31.03 19.86 153.19
CA VAL TB 8 30.60 21.16 152.67
C VAL TB 8 30.62 22.09 153.88
N GLY TB 9 31.58 21.84 154.77
CA GLY TB 9 31.66 22.58 156.02
C GLY TB 9 31.61 21.62 157.19
N GLU TB 10 30.50 21.64 157.94
CA GLU TB 10 30.22 20.59 158.90
C GLU TB 10 29.24 19.56 158.37
N ALA TB 11 28.49 19.88 157.33
CA ALA TB 11 27.60 18.92 156.70
C ALA TB 11 28.37 18.06 155.71
N THR TB 12 28.32 16.74 155.89
CA THR TB 12 28.99 15.80 155.00
C THR TB 12 27.92 15.08 154.18
N ARG TB 13 28.10 15.06 152.86
CA ARG TB 13 27.14 14.46 151.94
C ARG TB 13 27.81 13.25 151.30
N THR TB 14 27.37 12.06 151.71
CA THR TB 14 28.02 10.81 151.30
C THR TB 14 27.31 10.20 150.09
N LEU TB 15 28.04 10.09 148.99
CA LEU TB 15 27.53 9.42 147.81
C LEU TB 15 27.94 7.95 147.81
N THR TB 16 26.98 7.08 147.50
CA THR TB 16 27.27 5.66 147.42
C THR TB 16 27.19 5.20 145.98
N GLU TB 17 27.90 4.12 145.67
CA GLU TB 17 28.07 3.69 144.29
C GLU TB 17 26.90 2.84 143.84
N ILE TB 18 26.35 3.16 142.68
CA ILE TB 18 25.23 2.42 142.11
C ILE TB 18 25.58 1.73 140.80
N GLN TB 19 26.80 1.87 140.30
CA GLN TB 19 27.19 1.25 139.05
C GLN TB 19 28.71 1.12 139.02
N SER TB 20 29.19 -0.01 138.50
CA SER TB 20 30.63 -0.24 138.33
C SER TB 20 30.80 -0.99 137.02
N THR TB 21 31.04 -0.27 135.94
CA THR TB 21 31.31 -0.87 134.64
C THR TB 21 32.83 -1.02 134.54
N ALA TB 22 33.36 -1.33 133.36
CA ALA TB 22 34.81 -1.43 133.19
C ALA TB 22 35.47 -0.06 133.32
N ASP TB 23 34.82 0.97 132.79
CA ASP TB 23 35.32 2.34 132.92
C ASP TB 23 34.39 3.26 133.69
N ARG TB 24 33.09 3.26 133.37
CA ARG TB 24 32.15 4.17 134.03
C ARG TB 24 31.88 3.71 135.46
N GLN TB 25 31.58 4.68 136.31
CA GLN TB 25 31.46 4.42 137.75
C GLN TB 25 30.56 5.49 138.34
N ILE TB 26 29.29 5.14 138.56
CA ILE TB 26 28.25 6.10 138.91
C ILE TB 26 28.03 6.08 140.42
N PHE TB 27 28.05 7.25 141.04
CA PHE TB 27 27.75 7.42 142.45
C PHE TB 27 26.46 8.20 142.59
N GLU TB 28 25.83 8.07 143.76
CA GLU TB 28 24.55 8.72 144.00
C GLU TB 28 24.33 8.83 145.51
N GLU TB 29 23.77 9.96 145.95
CA GLU TB 29 23.40 10.13 147.34
C GLU TB 29 22.07 9.43 147.60
N LYS TB 30 21.91 8.90 148.80
CA LYS TB 30 20.74 8.10 149.14
C LYS TB 30 19.77 8.80 150.08
N VAL TB 31 20.06 10.03 150.49
CA VAL TB 31 19.19 10.76 151.40
C VAL TB 31 18.19 11.58 150.60
N GLY TB 32 16.90 11.41 150.90
CA GLY TB 32 15.87 12.25 150.31
C GLY TB 32 14.92 11.49 149.42
N PRO TB 33 14.19 12.21 148.56
CA PRO TB 33 13.29 11.56 147.60
C PRO TB 33 14.04 10.78 146.53
N LEU TB 34 13.33 9.93 145.79
CA LEU TB 34 13.95 9.01 144.86
C LEU TB 34 14.09 9.56 143.46
N VAL TB 35 13.51 10.72 143.17
CA VAL TB 35 13.48 11.21 141.79
C VAL TB 35 14.61 12.20 141.50
N GLY TB 36 15.00 13.01 142.48
CA GLY TB 36 16.11 13.93 142.25
C GLY TB 36 17.19 13.81 143.31
N ARG TB 37 18.37 13.36 142.91
CA ARG TB 37 19.48 13.14 143.82
C ARG TB 37 20.78 13.57 143.14
N LEU TB 38 21.85 13.63 143.92
CA LEU TB 38 23.17 13.90 143.36
C LEU TB 38 23.64 12.75 142.50
N ARG TB 39 24.62 13.03 141.66
CA ARG TB 39 25.13 12.07 140.70
C ARG TB 39 26.58 12.41 140.41
N LEU TB 40 27.40 11.38 140.24
CA LEU TB 40 28.82 11.59 139.96
C LEU TB 40 29.26 10.49 139.01
N THR TB 41 29.32 10.82 137.72
CA THR TB 41 29.63 9.84 136.69
C THR TB 41 31.13 9.92 136.41
N ALA TB 42 31.90 9.17 137.20
CA ALA TB 42 33.34 9.11 136.99
C ALA TB 42 33.67 8.19 135.82
N SER TB 43 34.87 8.36 135.27
CA SER TB 43 35.31 7.59 134.12
C SER TB 43 36.82 7.62 134.05
N LEU TB 44 37.37 6.76 133.20
CA LEU TB 44 38.80 6.71 132.91
C LEU TB 44 38.99 5.95 131.62
N ARG TB 45 39.94 6.40 130.80
CA ARG TB 45 40.18 5.82 129.49
C ARG TB 45 41.66 5.89 129.18
N GLN TB 46 42.04 5.32 128.05
CA GLN TB 46 43.34 5.59 127.42
C GLN TB 46 43.16 5.46 125.91
N ASN TB 47 42.92 6.60 125.26
CA ASN TB 47 42.58 6.60 123.84
C ASN TB 47 43.84 6.70 123.00
N GLY TB 48 43.79 6.11 121.81
CA GLY TB 48 44.90 6.15 120.88
C GLY TB 48 45.87 5.01 121.08
N ALA TB 49 47.16 5.30 120.92
CA ALA TB 49 48.20 4.28 121.04
C ALA TB 49 48.76 4.23 122.47
N LYS TB 50 47.84 4.11 123.43
CA LYS TB 50 48.12 3.81 124.84
C LYS TB 50 49.02 4.86 125.50
N THR TB 51 48.98 6.10 125.04
CA THR TB 51 49.92 7.11 125.47
C THR TB 51 49.34 8.21 126.35
N ALA TB 52 48.01 8.37 126.36
CA ALA TB 52 47.38 9.45 127.11
C ALA TB 52 46.11 8.94 127.74
N TYR TB 53 45.92 9.21 129.03
CA TYR TB 53 44.71 8.86 129.73
C TYR TB 53 43.70 10.00 129.63
N ARG TB 54 42.49 9.75 130.13
CA ARG TB 54 41.43 10.76 130.08
C ARG TB 54 40.48 10.53 131.26
N VAL TB 55 40.65 11.32 132.29
CA VAL TB 55 39.71 11.33 133.41
C VAL TB 55 38.52 12.20 133.03
N ASN TB 56 37.33 11.80 133.47
CA ASN TB 56 36.12 12.49 133.03
C ASN TB 56 35.08 12.38 134.15
N LEU TB 57 35.00 13.42 134.97
CA LEU TB 57 33.98 13.51 136.01
C LEU TB 57 32.79 14.32 135.53
N LYS TB 58 31.66 14.15 136.21
CA LYS TB 58 30.43 14.87 135.87
C LYS TB 58 29.54 14.88 137.11
N LEU TB 59 29.43 16.03 137.74
CA LEU TB 59 28.65 16.18 138.97
C LEU TB 59 27.32 16.84 138.64
N ASP TB 60 26.27 16.04 138.47
CA ASP TB 60 24.94 16.58 138.24
C ASP TB 60 24.32 17.01 139.57
N GLN TB 61 23.32 17.89 139.47
CA GLN TB 61 22.59 18.34 140.65
C GLN TB 61 21.20 18.78 140.20
N ALA TB 62 20.19 18.04 140.64
CA ALA TB 62 18.81 18.33 140.29
C ALA TB 62 18.14 19.07 141.43
N ASP TB 63 17.30 20.06 141.08
CA ASP TB 63 16.55 20.81 142.06
C ASP TB 63 15.12 20.28 142.06
N VAL TB 64 14.83 19.40 143.00
CA VAL TB 64 13.52 18.77 143.11
C VAL TB 64 12.63 19.64 143.99
N VAL TB 65 11.34 19.66 143.69
CA VAL TB 65 10.37 20.41 144.47
C VAL TB 65 9.12 19.54 144.65
N ASP TB 66 8.58 19.52 145.86
CA ASP TB 66 7.37 18.78 146.17
C ASP TB 66 6.41 19.69 146.92
N CYS TB 67 5.28 20.00 146.30
CA CYS TB 67 4.26 20.86 146.87
C CYS TB 67 2.90 20.20 146.82
N SER TB 68 2.85 18.95 147.31
CA SER TB 68 1.57 18.29 147.54
C SER TB 68 0.77 18.94 148.67
N THR TB 69 1.42 19.71 149.53
CA THR TB 69 0.72 20.46 150.57
C THR TB 69 -0.13 21.57 149.96
N SER TB 70 0.41 22.27 148.95
CA SER TB 70 -0.32 23.39 148.37
C SER TB 70 -1.40 22.92 147.41
N VAL TB 71 -1.01 22.24 146.34
CA VAL TB 71 -1.96 21.66 145.40
C VAL TB 71 -2.11 20.17 145.72
N CYS TB 72 -3.35 19.72 145.88
CA CYS TB 72 -3.62 18.34 146.28
C CYS TB 72 -3.54 17.42 145.08
N GLY TB 73 -2.63 16.46 145.12
CA GLY TB 73 -2.56 15.41 144.13
C GLY TB 73 -1.36 15.40 143.23
N GLU TB 74 -0.27 16.07 143.59
CA GLU TB 74 0.94 16.02 142.79
C GLU TB 74 2.05 15.32 143.56
N LEU TB 75 3.10 14.98 142.84
CA LEU TB 75 4.22 14.21 143.34
C LEU TB 75 5.49 15.05 143.22
N PRO TB 76 6.61 14.68 143.85
CA PRO TB 76 7.85 15.42 143.64
C PRO TB 76 8.33 15.34 142.21
N LYS TB 77 9.01 16.40 141.77
CA LYS TB 77 9.30 16.60 140.36
C LYS TB 77 10.54 17.48 140.25
N VAL TB 78 11.35 17.22 139.22
CA VAL TB 78 12.61 17.93 139.01
C VAL TB 78 12.34 19.14 138.14
N ARG TB 79 12.83 20.31 138.56
CA ARG TB 79 12.70 21.51 137.75
C ARG TB 79 13.83 21.61 136.74
N TYR TB 80 15.06 21.69 137.22
CA TYR TB 80 16.23 21.86 136.36
C TYR TB 80 17.40 21.07 136.90
N THR TB 81 18.43 20.93 136.08
CA THR TB 81 19.67 20.29 136.48
C THR TB 81 20.84 21.18 136.13
N GLN TB 82 21.81 21.26 137.05
CA GLN TB 82 23.02 22.04 136.85
C GLN TB 82 24.23 21.14 137.06
N VAL TB 83 25.07 21.02 136.03
CA VAL TB 83 26.17 20.08 136.05
C VAL TB 83 27.49 20.83 136.18
N TRP TB 84 28.55 20.08 136.50
CA TRP TB 84 29.91 20.61 136.52
C TRP TB 84 30.82 19.46 136.10
N SER TB 85 31.17 19.42 134.82
CA SER TB 85 32.01 18.35 134.32
C SER TB 85 33.49 18.70 134.46
N HIS TB 86 34.33 17.69 134.30
CA HIS TB 86 35.77 17.86 134.23
C HIS TB 86 36.28 16.97 133.12
N ASP TB 87 37.37 17.38 132.48
CA ASP TB 87 37.98 16.61 131.40
C ASP TB 87 39.50 16.75 131.54
N VAL TB 88 40.10 15.84 132.26
CA VAL TB 88 41.53 15.86 132.53
C VAL TB 88 42.23 15.00 131.49
N THR TB 89 43.37 15.48 130.98
CA THR TB 89 44.18 14.72 130.04
C THR TB 89 45.56 14.52 130.64
N ILE TB 90 45.95 13.26 130.85
CA ILE TB 90 47.21 12.90 131.46
C ILE TB 90 47.98 12.02 130.49
N VAL TB 91 49.17 12.45 130.11
CA VAL TB 91 50.02 11.63 129.26
C VAL TB 91 50.74 10.61 130.13
N ALA TB 92 50.99 9.43 129.56
CA ALA TB 92 51.32 8.25 130.37
C ALA TB 92 52.75 8.30 130.91
N ASN TB 93 53.68 8.92 130.20
CA ASN TB 93 55.07 8.99 130.62
C ASN TB 93 55.40 10.26 131.39
N SER TB 94 54.44 10.80 132.14
CA SER TB 94 54.62 12.06 132.84
C SER TB 94 55.53 11.89 134.05
N THR TB 95 55.96 13.03 134.58
CA THR TB 95 56.60 13.10 135.87
C THR TB 95 55.50 13.21 136.93
N GLU TB 96 55.69 12.56 138.07
CA GLU TB 96 54.70 12.60 139.13
C GLU TB 96 54.57 14.00 139.74
N ALA TB 97 55.64 14.79 139.69
CA ALA TB 97 55.55 16.17 140.15
C ALA TB 97 54.80 17.06 139.18
N SER TB 98 54.67 16.64 137.91
CA SER TB 98 53.88 17.42 136.96
C SER TB 98 52.41 17.09 137.08
N ARG TB 99 52.09 15.83 137.38
CA ARG TB 99 50.71 15.45 137.66
C ARG TB 99 50.21 16.02 138.98
N LYS TB 100 51.09 16.18 139.96
CA LYS TB 100 50.69 16.76 141.23
C LYS TB 100 50.50 18.27 141.11
N SER TB 101 51.31 18.92 140.28
CA SER TB 101 51.19 20.37 140.11
C SER TB 101 49.92 20.73 139.34
N LEU TB 102 49.52 19.90 138.38
CA LEU TB 102 48.27 20.13 137.67
C LEU TB 102 47.07 19.98 138.59
N TYR TB 103 47.17 19.08 139.56
CA TYR TB 103 46.09 18.93 140.53
C TYR TB 103 46.09 20.08 141.53
N ASP TB 104 47.27 20.52 141.97
CA ASP TB 104 47.35 21.59 142.96
C ASP TB 104 46.97 22.95 142.38
N LEU TB 105 47.08 23.14 141.08
CA LEU TB 105 46.66 24.40 140.48
C LEU TB 105 45.15 24.43 140.29
N THR TB 106 44.54 23.31 139.89
CA THR TB 106 43.11 23.28 139.70
C THR TB 106 42.36 23.24 141.02
N LYS TB 107 42.95 22.62 142.05
CA LYS TB 107 42.36 22.67 143.38
C LYS TB 107 42.36 24.09 143.94
N SER TB 108 43.36 24.88 143.57
CA SER TB 108 43.41 26.28 143.96
C SER TB 108 42.70 27.20 142.99
N LEU TB 109 42.44 26.76 141.76
CA LEU TB 109 41.63 27.53 140.84
C LEU TB 109 40.18 27.58 141.31
N VAL TB 110 39.63 26.42 141.67
CA VAL TB 110 38.23 26.37 142.10
C VAL TB 110 38.05 27.05 143.45
N ALA TB 111 39.07 27.03 144.30
CA ALA TB 111 38.94 27.56 145.64
C ALA TB 111 39.15 29.07 145.73
N THR TB 112 39.25 29.78 144.61
CA THR TB 112 39.44 31.22 144.68
C THR TB 112 38.10 31.94 144.59
N SER TB 113 38.12 33.23 144.93
CA SER TB 113 36.91 34.04 144.96
C SER TB 113 36.51 34.57 143.59
N GLN TB 114 37.32 34.34 142.56
CA GLN TB 114 36.97 34.82 141.23
C GLN TB 114 36.22 33.77 140.43
N VAL TB 115 36.46 32.49 140.69
CA VAL TB 115 35.70 31.43 140.05
C VAL TB 115 34.38 31.22 140.78
N GLU TB 116 34.34 31.53 142.08
CA GLU TB 116 33.10 31.46 142.84
C GLU TB 116 32.08 32.47 142.33
N ASP TB 117 32.50 33.71 142.09
CA ASP TB 117 31.58 34.71 141.55
C ASP TB 117 31.29 34.48 140.08
N LEU TB 118 32.10 33.68 139.39
CA LEU TB 118 31.86 33.42 137.98
C LEU TB 118 30.70 32.45 137.77
N VAL TB 119 30.48 31.52 138.70
CA VAL TB 119 29.42 30.54 138.53
C VAL TB 119 28.20 30.93 139.36
N VAL TB 120 28.40 31.73 140.41
CA VAL TB 120 27.26 32.14 141.21
C VAL TB 120 26.64 33.42 140.66
N ASN TB 121 27.43 34.48 140.53
CA ASN TB 121 26.92 35.79 140.13
C ASN TB 121 27.33 36.19 138.72
N LEU TB 122 27.94 35.27 137.96
CA LEU TB 122 28.28 35.42 136.55
C LEU TB 122 29.25 36.58 136.28
N VAL TB 123 30.04 36.96 137.27
CA VAL TB 123 31.03 38.02 137.10
C VAL TB 123 32.24 37.44 136.35
N PRO TB 124 32.76 38.12 135.33
CA PRO TB 124 33.90 37.58 134.59
C PRO TB 124 35.19 37.59 135.42
N LEU TB 125 36.20 36.94 134.87
CA LEU TB 125 37.43 36.69 135.59
C LEU TB 125 38.38 37.89 135.52
N GLY TB 126 39.22 38.01 136.54
CA GLY TB 126 40.25 39.03 136.55
C GLY TB 126 39.87 40.27 137.34
N ARG TB 127 40.69 40.63 138.33
CA ARG TB 127 40.49 41.83 139.11
C ARG TB 127 41.81 42.60 139.14
N ALA TB 128 41.81 43.82 138.64
CA ALA TB 128 43.01 44.62 138.54
C ALA TB 128 43.33 45.27 139.89
N TYR TB 129 44.35 44.76 140.57
CA TYR TB 129 44.83 45.34 141.83
C TYR TB 129 46.20 45.93 141.56
N GLY TB 130 46.22 47.18 141.07
CA GLY TB 130 47.46 47.86 140.75
C GLY TB 130 48.22 47.23 139.61
N GLY TB 131 47.64 47.27 138.40
CA GLY TB 131 48.30 46.67 137.25
C GLY TB 131 47.31 46.06 136.28
N SER TB 132 47.61 44.85 135.81
CA SER TB 132 46.75 44.17 134.85
C SER TB 132 45.69 43.35 135.57
N LYS TB 133 44.77 42.78 134.80
CA LYS TB 133 43.77 41.87 135.34
C LYS TB 133 44.44 40.54 135.64
N THR TB 134 44.58 40.22 136.93
CA THR TB 134 45.37 39.08 137.36
C THR TB 134 44.52 38.08 138.12
N ILE TB 135 44.95 36.82 138.10
CA ILE TB 135 44.43 35.76 138.94
C ILE TB 135 45.60 35.21 139.75
N VAL TB 136 45.40 34.98 141.04
CA VAL TB 136 46.43 34.46 141.92
C VAL TB 136 46.04 33.04 142.31
N LEU TB 137 46.94 32.09 142.06
CA LEU TB 137 46.72 30.67 142.37
C LEU TB 137 47.76 30.25 143.40
N SER TB 138 47.42 30.36 144.67
CA SER TB 138 48.33 29.98 145.74
C SER TB 138 48.42 28.47 145.85
N VAL TB 139 49.65 27.96 145.92
CA VAL TB 139 49.90 26.53 145.98
C VAL TB 139 50.53 26.33 147.37
N GLY TB 140 50.04 27.11 148.33
CA GLY TB 140 50.64 27.14 149.65
C GLY TB 140 51.26 28.50 149.90
N GLU TB 141 52.59 28.56 149.88
CA GLU TB 141 53.29 29.83 149.92
C GLU TB 141 53.70 30.33 148.55
N ALA TB 142 53.83 29.44 147.57
CA ALA TB 142 54.12 29.84 146.20
C ALA TB 142 52.86 30.34 145.54
N THR TB 143 52.90 31.57 145.01
CA THR TB 143 51.78 32.17 144.32
C THR TB 143 52.16 32.34 142.86
N ARG TB 144 51.28 31.90 141.96
CA ARG TB 144 51.53 31.95 140.52
C ARG TB 144 50.48 32.89 139.91
N THR TB 145 50.93 34.09 139.55
CA THR TB 145 50.04 35.16 139.10
C THR TB 145 49.90 35.11 137.58
N LEU TB 146 48.67 34.93 137.11
CA LEU TB 146 48.40 34.90 135.68
C LEU TB 146 47.76 36.21 135.23
N THR TB 147 48.40 36.89 134.29
CA THR TB 147 47.92 38.17 133.78
C THR TB 147 47.17 37.95 132.47
N GLU TB 148 46.18 38.79 132.23
CA GLU TB 148 45.31 38.65 131.07
C GLU TB 148 46.01 39.13 129.81
N ILE TB 149 45.93 38.33 128.75
CA ILE TB 149 46.60 38.67 127.49
C ILE TB 149 45.62 38.96 126.36
N GLN TB 150 44.36 38.53 126.46
CA GLN TB 150 43.40 38.67 125.38
C GLN TB 150 42.00 38.47 125.93
N SER TB 151 41.09 39.38 125.60
CA SER TB 151 39.69 39.29 126.00
C SER TB 151 38.83 39.70 124.81
N THR TB 152 38.43 38.73 124.00
CA THR TB 152 37.50 38.98 122.90
C THR TB 152 36.07 38.90 123.43
N ALA TB 153 35.10 38.81 122.51
CA ALA TB 153 33.71 38.74 122.92
C ALA TB 153 33.38 37.41 123.59
N ASP TB 154 34.08 36.34 123.20
CA ASP TB 154 33.83 35.02 123.75
C ASP TB 154 34.92 34.59 124.73
N ARG TB 155 36.17 34.57 124.30
CA ARG TB 155 37.24 34.02 125.12
C ARG TB 155 37.79 35.06 126.07
N GLN TB 156 38.55 34.58 127.06
CA GLN TB 156 39.25 35.46 127.99
C GLN TB 156 40.49 34.70 128.46
N ILE TB 157 41.62 34.96 127.81
CA ILE TB 157 42.81 34.13 127.97
C ILE TB 157 43.75 34.77 128.98
N PHE TB 158 44.13 34.00 130.00
CA PHE TB 158 45.13 34.40 130.97
C PHE TB 158 46.38 33.57 130.74
N GLU TB 159 47.51 34.08 131.23
CA GLU TB 159 48.80 33.44 130.99
C GLU TB 159 49.81 33.98 132.00
N GLU TB 160 50.65 33.09 132.52
CA GLU TB 160 51.74 33.51 133.37
C GLU TB 160 52.83 34.18 132.54
N LYS TB 161 53.63 35.03 133.19
CA LYS TB 161 54.59 35.85 132.47
C LYS TB 161 56.04 35.59 132.84
N VAL TB 162 56.30 34.84 133.90
CA VAL TB 162 57.68 34.53 134.26
C VAL TB 162 58.17 33.33 133.45
N GLY TB 163 59.48 33.15 133.41
CA GLY TB 163 60.08 32.02 132.75
C GLY TB 163 60.24 32.22 131.25
N PRO TB 164 60.50 31.13 130.53
CA PRO TB 164 60.64 31.23 129.07
C PRO TB 164 59.31 31.49 128.39
N LEU TB 165 59.40 31.87 127.13
CA LEU TB 165 58.22 32.22 126.34
C LEU TB 165 57.58 31.03 125.66
N VAL TB 166 58.22 29.85 125.71
CA VAL TB 166 57.73 28.73 124.92
C VAL TB 166 56.71 27.89 125.70
N GLY TB 167 56.88 27.77 127.02
CA GLY TB 167 55.92 27.03 127.83
C GLY TB 167 55.47 27.79 129.05
N ARG TB 168 54.19 28.15 129.10
CA ARG TB 168 53.64 28.92 130.20
C ARG TB 168 52.23 28.42 130.50
N LEU TB 169 51.72 28.77 131.67
CA LEU TB 169 50.35 28.42 132.03
C LEU TB 169 49.34 29.16 131.17
N ARG TB 170 48.13 28.62 131.12
CA ARG TB 170 47.04 29.22 130.38
C ARG TB 170 45.77 29.10 131.21
N LEU TB 171 44.81 29.95 130.90
CA LEU TB 171 43.49 29.86 131.53
C LEU TB 171 42.51 30.45 130.51
N THR TB 172 41.84 29.57 129.77
CA THR TB 172 40.97 30.00 128.68
C THR TB 172 39.53 29.92 129.17
N ALA TB 173 39.07 31.00 129.80
CA ALA TB 173 37.68 31.09 130.20
C ALA TB 173 36.82 31.56 129.04
N SER TB 174 35.54 31.21 129.11
CA SER TB 174 34.54 31.69 128.16
C SER TB 174 33.17 31.56 128.82
N LEU TB 175 32.16 32.07 128.12
CA LEU TB 175 30.81 32.10 128.68
C LEU TB 175 29.84 32.24 127.52
N ARG TB 176 28.85 31.37 127.47
CA ARG TB 176 27.87 31.37 126.37
C ARG TB 176 26.48 31.30 126.95
N GLN TB 177 25.49 31.42 126.06
CA GLN TB 177 24.11 31.04 126.38
C GLN TB 177 23.46 30.55 125.11
N ASN TB 178 23.24 29.24 125.04
CA ASN TB 178 22.70 28.60 123.84
C ASN TB 178 21.22 28.33 124.01
N GLY TB 179 20.47 28.50 122.92
CA GLY TB 179 19.04 28.27 122.93
C GLY TB 179 18.26 29.56 123.12
N ALA TB 180 17.13 29.47 123.80
CA ALA TB 180 16.27 30.63 124.01
C ALA TB 180 16.61 31.35 125.31
N LYS TB 181 17.91 31.65 125.49
CA LYS TB 181 18.44 32.47 126.59
C LYS TB 181 18.10 31.88 127.96
N THR TB 182 18.05 30.56 128.07
CA THR TB 182 17.60 29.91 129.28
C THR TB 182 18.70 29.24 130.08
N ALA TB 183 19.86 28.96 129.48
CA ALA TB 183 20.92 28.27 130.19
C ALA TB 183 22.27 28.84 129.77
N TYR TB 184 23.15 29.05 130.74
CA TYR TB 184 24.48 29.55 130.49
C TYR TB 184 25.46 28.38 130.32
N ARG TB 185 26.71 28.70 130.01
CA ARG TB 185 27.74 27.67 129.85
C ARG TB 185 29.09 28.30 130.17
N VAL TB 186 29.57 28.09 131.38
CA VAL TB 186 30.90 28.50 131.79
C VAL TB 186 31.88 27.42 131.35
N ASN TB 187 33.05 27.83 130.86
CA ASN TB 187 33.99 26.87 130.29
C ASN TB 187 35.42 27.32 130.64
N LEU TB 188 35.97 26.75 131.70
CA LEU TB 188 37.34 26.98 132.10
C LEU TB 188 38.26 25.89 131.55
N LYS TB 189 39.54 26.22 131.40
CA LYS TB 189 40.52 25.27 130.87
C LYS TB 189 41.91 25.73 131.25
N LEU TB 190 42.65 24.88 131.96
CA LEU TB 190 43.99 25.22 132.42
C LEU TB 190 45.00 24.30 131.73
N ASP TB 191 45.86 24.90 130.91
CA ASP TB 191 46.93 24.16 130.23
C ASP TB 191 48.22 24.28 131.03
N GLN TB 192 48.88 23.15 131.23
CA GLN TB 192 50.21 23.13 131.84
C GLN TB 192 51.13 22.36 130.93
N ALA TB 193 52.11 23.05 130.35
CA ALA TB 193 53.10 22.43 129.49
C ALA TB 193 54.40 22.26 130.27
N ASP TB 194 55.04 21.12 130.12
CA ASP TB 194 56.30 20.83 130.79
C ASP TB 194 57.45 21.21 129.87
N VAL TB 195 58.25 22.18 130.29
CA VAL TB 195 59.38 22.67 129.52
C VAL TB 195 60.66 22.20 130.19
N VAL TB 196 61.67 21.88 129.39
CA VAL TB 196 62.96 21.45 129.90
C VAL TB 196 64.06 22.09 129.06
N ASP TB 197 65.18 22.40 129.69
CA ASP TB 197 66.34 22.93 128.99
C ASP TB 197 67.54 22.01 129.19
N CYS TB 198 68.22 21.71 128.08
CA CYS TB 198 69.36 20.81 128.08
C CYS TB 198 70.65 21.54 127.73
N SER TB 199 70.72 22.83 128.04
CA SER TB 199 71.89 23.63 127.69
C SER TB 199 73.10 23.31 128.57
N THR TB 200 72.88 22.74 129.75
CA THR TB 200 74.02 22.33 130.58
C THR TB 200 74.63 21.03 130.09
N SER TB 201 73.90 20.28 129.26
CA SER TB 201 74.39 19.02 128.72
C SER TB 201 74.71 19.11 127.23
N VAL TB 202 73.77 19.59 126.43
CA VAL TB 202 73.95 19.73 124.98
C VAL TB 202 74.04 21.22 124.66
N CYS TB 203 75.11 21.60 123.97
CA CYS TB 203 75.30 22.99 123.60
C CYS TB 203 74.32 23.42 122.51
N GLY TB 204 73.95 24.70 122.57
CA GLY TB 204 73.04 25.26 121.59
C GLY TB 204 71.62 24.75 121.67
N GLU TB 205 71.20 24.30 122.84
CA GLU TB 205 69.86 23.74 123.03
C GLU TB 205 69.01 24.76 123.79
N LEU TB 206 67.99 25.27 123.13
CA LEU TB 206 67.03 26.18 123.74
C LEU TB 206 65.88 25.37 124.35
N PRO TB 207 65.17 25.94 125.34
CA PRO TB 207 64.08 25.19 125.97
C PRO TB 207 62.93 24.87 125.02
N LYS TB 208 62.30 23.73 125.27
CA LYS TB 208 61.19 23.26 124.44
C LYS TB 208 60.23 22.47 125.33
N VAL TB 209 59.00 22.32 124.84
CA VAL TB 209 57.96 21.60 125.57
C VAL TB 209 57.95 20.14 125.12
N ARG TB 210 57.71 19.24 126.07
CA ARG TB 210 57.67 17.83 125.74
C ARG TB 210 56.24 17.28 125.74
N TYR TB 211 55.42 17.67 126.72
CA TYR TB 211 54.01 17.30 126.74
C TYR TB 211 53.19 18.43 127.36
N THR TB 212 51.88 18.37 127.17
CA THR TB 212 50.94 19.27 127.82
C THR TB 212 49.86 18.45 128.51
N GLN TB 213 49.34 18.97 129.62
CA GLN TB 213 48.26 18.34 130.35
C GLN TB 213 47.20 19.38 130.68
N VAL TB 214 45.95 19.06 130.38
CA VAL TB 214 44.86 20.01 130.51
C VAL TB 214 43.98 19.61 131.69
N TRP TB 215 43.11 20.54 132.10
CA TRP TB 215 42.03 20.25 133.03
C TRP TB 215 40.89 21.21 132.67
N SER TB 216 39.98 20.73 131.82
CA SER TB 216 38.86 21.55 131.40
C SER TB 216 37.75 21.52 132.44
N HIS TB 217 36.82 22.46 132.30
CA HIS TB 217 35.59 22.48 133.08
C HIS TB 217 34.46 22.86 132.15
N ASP TB 218 33.25 22.39 132.48
CA ASP TB 218 32.08 22.72 131.66
C ASP TB 218 30.88 22.79 132.59
N VAL TB 219 30.59 24.00 133.05
CA VAL TB 219 29.51 24.24 134.01
C VAL TB 219 28.27 24.65 133.24
N THR TB 220 27.12 24.07 133.59
CA THR TB 220 25.85 24.42 132.98
C THR TB 220 24.95 25.03 134.04
N ILE TB 221 24.54 26.27 133.84
CA ILE TB 221 23.71 27.00 134.78
C ILE TB 221 22.50 27.51 134.03
N VAL TB 222 21.31 27.12 134.49
CA VAL TB 222 20.07 27.63 133.91
C VAL TB 222 19.80 29.02 134.49
N ALA TB 223 19.16 29.87 133.68
CA ALA TB 223 19.12 31.30 133.97
C ALA TB 223 18.21 31.66 135.12
N ASN TB 224 17.12 30.90 135.32
CA ASN TB 224 16.16 31.17 136.36
C ASN TB 224 16.44 30.41 137.66
N SER TB 225 17.72 30.17 137.96
CA SER TB 225 18.14 29.39 139.10
C SER TB 225 17.89 30.13 140.40
N THR TB 226 18.01 29.39 141.50
CA THR TB 226 18.12 29.97 142.83
C THR TB 226 19.59 30.27 143.08
N GLU TB 227 19.87 31.26 143.93
CA GLU TB 227 21.25 31.57 144.25
C GLU TB 227 21.89 30.47 145.08
N ALA TB 228 21.15 29.89 146.03
CA ALA TB 228 21.67 28.78 146.81
C ALA TB 228 21.72 27.48 146.00
N SER TB 229 21.10 27.44 144.83
CA SER TB 229 21.27 26.30 143.93
C SER TB 229 22.62 26.34 143.24
N ARG TB 230 23.06 27.53 142.82
CA ARG TB 230 24.38 27.66 142.21
C ARG TB 230 25.48 27.69 143.26
N LYS TB 231 25.16 28.17 144.47
CA LYS TB 231 26.16 28.22 145.53
C LYS TB 231 26.47 26.83 146.06
N SER TB 232 25.45 25.95 146.11
CA SER TB 232 25.68 24.59 146.58
C SER TB 232 26.37 23.74 145.52
N LEU TB 233 26.12 24.02 144.25
CA LEU TB 233 26.83 23.32 143.18
C LEU TB 233 28.31 23.66 143.17
N TYR TB 234 28.65 24.92 143.46
CA TYR TB 234 30.05 25.31 143.55
C TYR TB 234 30.71 24.69 144.78
N ASP TB 235 30.01 24.69 145.91
CA ASP TB 235 30.58 24.16 147.15
C ASP TB 235 30.75 22.66 147.13
N LEU TB 236 30.00 21.94 146.29
CA LEU TB 236 30.23 20.50 146.16
C LEU TB 236 31.43 20.22 145.27
N THR TB 237 31.57 20.96 144.16
CA THR TB 237 32.70 20.76 143.26
C THR TB 237 34.00 21.24 143.89
N LYS TB 238 33.94 22.28 144.71
CA LYS TB 238 35.12 22.72 145.46
C LYS TB 238 35.53 21.66 146.48
N SER TB 239 34.56 20.96 147.05
CA SER TB 239 34.85 19.89 148.00
C SER TB 239 35.13 18.56 147.33
N LEU TB 240 34.82 18.44 146.04
CA LEU TB 240 35.12 17.20 145.34
C LEU TB 240 36.58 17.14 144.93
N VAL TB 241 37.11 18.24 144.39
CA VAL TB 241 38.52 18.31 144.01
C VAL TB 241 39.42 18.26 145.24
N ALA TB 242 38.95 18.78 146.37
CA ALA TB 242 39.75 18.79 147.59
C ALA TB 242 39.80 17.43 148.30
N THR TB 243 39.14 16.40 147.78
CA THR TB 243 39.18 15.10 148.41
C THR TB 243 40.51 14.40 148.16
N SER TB 244 40.75 13.32 148.90
CA SER TB 244 41.94 12.52 148.71
C SER TB 244 41.75 11.44 147.66
N GLN TB 245 40.55 11.31 147.10
CA GLN TB 245 40.31 10.29 146.08
C GLN TB 245 40.47 10.84 144.67
N VAL TB 246 40.11 12.11 144.47
CA VAL TB 246 40.32 12.75 143.18
C VAL TB 246 41.77 13.14 143.01
N GLU TB 247 42.51 13.28 144.11
CA GLU TB 247 43.96 13.43 144.03
C GLU TB 247 44.61 12.19 143.47
N ASP TB 248 44.26 11.02 144.01
CA ASP TB 248 44.82 9.76 143.52
C ASP TB 248 44.27 9.35 142.18
N LEU TB 249 43.13 9.89 141.76
CA LEU TB 249 42.61 9.59 140.44
C LEU TB 249 43.42 10.29 139.36
N VAL TB 250 44.00 11.44 139.67
CA VAL TB 250 44.82 12.18 138.71
C VAL TB 250 46.28 11.78 138.83
N VAL TB 251 46.81 11.69 140.06
CA VAL TB 251 48.21 11.38 140.25
C VAL TB 251 48.50 9.91 139.96
N ASN TB 252 47.77 9.00 140.59
CA ASN TB 252 48.08 7.58 140.52
C ASN TB 252 47.05 6.76 139.75
N LEU TB 253 46.05 7.40 139.13
CA LEU TB 253 45.03 6.76 138.30
C LEU TB 253 44.20 5.72 139.05
N VAL TB 254 44.06 5.86 140.36
CA VAL TB 254 43.21 4.97 141.14
C VAL TB 254 41.76 5.40 140.95
N PRO TB 255 40.86 4.50 140.59
CA PRO TB 255 39.44 4.87 140.46
C PRO TB 255 38.81 5.23 141.80
N LEU TB 256 37.67 5.92 141.72
CA LEU TB 256 37.03 6.47 142.90
C LEU TB 256 36.30 5.39 143.68
N GLY TB 257 35.99 5.69 144.93
CA GLY TB 257 35.23 4.78 145.76
C GLY TB 257 36.06 4.02 146.76
N ARG TB 258 35.92 4.34 148.04
CA ARG TB 258 36.64 3.64 149.10
C ARG TB 258 35.67 2.95 150.06
N SER UB 1 41.18 146.45 17.05
CA SER UB 1 39.80 145.97 17.04
C SER UB 1 39.13 146.26 18.38
N LYS UB 2 38.58 145.22 19.00
CA LYS UB 2 37.92 145.33 20.30
C LYS UB 2 38.88 144.85 21.38
N THR UB 3 39.07 145.66 22.42
CA THR UB 3 40.12 145.43 23.40
C THR UB 3 39.55 145.34 24.81
N ILE UB 4 40.25 144.57 25.65
CA ILE UB 4 40.07 144.58 27.09
C ILE UB 4 41.40 145.00 27.71
N VAL UB 5 41.36 145.89 28.69
CA VAL UB 5 42.57 146.40 29.34
C VAL UB 5 42.60 145.87 30.76
N LEU UB 6 43.63 145.09 31.09
CA LEU UB 6 43.82 144.51 32.40
C LEU UB 6 44.98 145.23 33.09
N SER UB 7 44.66 146.17 33.97
CA SER UB 7 45.67 146.91 34.69
C SER UB 7 46.18 146.09 35.86
N VAL UB 8 47.50 145.87 35.90
CA VAL UB 8 48.12 144.97 36.88
C VAL UB 8 48.96 145.89 37.77
N GLY UB 9 48.47 147.10 37.98
CA GLY UB 9 49.21 148.10 38.72
C GLY UB 9 49.40 149.34 37.87
N GLU UB 10 50.63 149.59 37.44
CA GLU UB 10 50.88 150.58 36.40
C GLU UB 10 51.07 149.95 35.03
N ALA UB 11 51.34 148.65 34.97
CA ALA UB 11 51.45 147.95 33.69
C ALA UB 11 50.07 147.53 33.22
N THR UB 12 49.70 147.95 32.01
CA THR UB 12 48.42 147.59 31.41
C THR UB 12 48.68 146.61 30.29
N ARG UB 13 47.97 145.47 30.32
CA ARG UB 13 48.14 144.42 29.32
C ARG UB 13 46.86 144.34 28.49
N THR UB 14 46.94 144.79 27.25
CA THR UB 14 45.77 144.94 26.39
C THR UB 14 45.61 143.70 25.51
N LEU UB 15 44.50 142.99 25.68
CA LEU UB 15 44.16 141.87 24.82
C LEU UB 15 43.28 142.34 23.68
N THR UB 16 43.59 141.88 22.47
CA THR UB 16 42.80 142.22 21.29
C THR UB 16 42.07 140.97 20.82
N GLU UB 17 40.95 141.19 20.13
CA GLU UB 17 40.06 140.11 19.77
C GLU UB 17 40.52 139.43 18.48
N ILE UB 18 40.59 138.10 18.50
CA ILE UB 18 40.99 137.32 17.33
C ILE UB 18 39.87 136.43 16.81
N GLN UB 19 38.71 136.40 17.46
CA GLN UB 19 37.62 135.54 17.02
C GLN UB 19 36.31 136.11 17.55
N SER UB 20 35.26 136.05 16.73
CA SER UB 20 33.93 136.48 17.13
C SER UB 20 32.94 135.52 16.48
N THR UB 21 32.54 134.49 17.21
CA THR UB 21 31.53 133.55 16.74
C THR UB 21 30.18 134.07 17.26
N ALA UB 22 29.12 133.28 17.17
CA ALA UB 22 27.83 133.69 17.71
C ALA UB 22 27.86 133.76 19.23
N ASP UB 23 28.57 132.82 19.86
CA ASP UB 23 28.73 132.83 21.31
C ASP UB 23 30.18 132.98 21.76
N ARG UB 24 31.09 132.19 21.20
CA ARG UB 24 32.49 132.24 21.62
C ARG UB 24 33.15 133.53 21.14
N GLN UB 25 34.13 133.99 21.92
CA GLN UB 25 34.74 135.30 21.66
C GLN UB 25 36.14 135.26 22.27
N ILE UB 26 37.15 135.07 21.42
CA ILE UB 26 38.51 134.81 21.86
C ILE UB 26 39.32 136.09 21.78
N PHE UB 27 40.01 136.42 22.87
CA PHE UB 27 40.93 137.54 22.94
C PHE UB 27 42.34 137.02 23.10
N GLU UB 28 43.32 137.86 22.75
CA GLU UB 28 44.72 137.47 22.80
C GLU UB 28 45.58 138.72 22.84
N GLU UB 29 46.65 138.67 23.63
CA GLU UB 29 47.62 139.76 23.67
C GLU UB 29 48.55 139.64 22.49
N LYS UB 30 49.00 140.78 21.97
CA LYS UB 30 49.81 140.80 20.76
C LYS UB 30 51.27 141.15 21.01
N VAL UB 31 51.67 141.37 22.25
CA VAL UB 31 53.06 141.71 22.55
C VAL UB 31 53.84 140.44 22.86
N GLY UB 32 54.96 140.26 22.17
CA GLY UB 32 55.88 139.18 22.45
C GLY UB 32 56.00 138.17 21.34
N PRO UB 33 56.49 136.97 21.65
CA PRO UB 33 56.58 135.90 20.64
C PRO UB 33 55.22 135.38 20.23
N LEU UB 34 55.17 134.62 19.13
CA LEU UB 34 53.91 134.21 18.54
C LEU UB 34 53.40 132.87 19.06
N VAL UB 35 54.18 132.15 19.85
CA VAL UB 35 53.81 130.80 20.23
C VAL UB 35 53.12 130.76 21.60
N GLY UB 36 53.52 131.61 22.54
CA GLY UB 36 52.86 131.64 23.83
C GLY UB 36 52.38 133.01 24.22
N ARG UB 37 51.07 133.20 24.30
CA ARG UB 37 50.47 134.48 24.61
C ARG UB 37 49.28 134.26 25.53
N LEU UB 38 48.75 135.35 26.08
CA LEU UB 38 47.52 135.28 26.86
C LEU UB 38 46.34 134.93 25.99
N ARG UB 39 45.27 134.49 26.64
CA ARG UB 39 44.08 134.01 25.96
C ARG UB 39 42.89 134.22 26.88
N LEU UB 40 41.76 134.57 26.30
CA LEU UB 40 40.56 134.82 27.09
C LEU UB 40 39.38 134.35 26.25
N THR UB 41 38.89 133.15 26.54
CA THR UB 41 37.83 132.53 25.76
C THR UB 41 36.51 132.83 26.46
N ALA UB 42 35.92 133.98 26.14
CA ALA UB 42 34.64 134.34 26.70
C ALA UB 42 33.52 133.61 25.96
N SER UB 43 32.37 133.52 26.61
CA SER UB 43 31.22 132.81 26.07
C SER UB 43 29.95 133.31 26.74
N LEU UB 44 28.81 132.92 26.18
CA LEU UB 44 27.50 133.22 26.74
C LEU UB 44 26.51 132.27 26.09
N ARG UB 45 25.55 131.80 26.87
CA ARG UB 45 24.57 130.83 26.42
C ARG UB 45 23.24 131.08 27.11
N GLN UB 46 22.22 130.33 26.72
CA GLN UB 46 21.01 130.18 27.50
C GLN UB 46 20.45 128.78 27.27
N ASN UB 47 20.80 127.87 28.16
CA ASN UB 47 20.48 126.46 27.98
C ASN UB 47 19.12 126.14 28.58
N GLY UB 48 18.41 125.19 27.97
CA GLY UB 48 17.13 124.75 28.46
C GLY UB 48 15.98 125.53 27.86
N ALA UB 49 14.95 125.81 28.67
CA ALA UB 49 13.78 126.52 28.20
C ALA UB 49 13.90 128.02 28.43
N LYS UB 50 15.03 128.57 27.95
CA LYS UB 50 15.29 130.01 27.85
C LYS UB 50 15.22 130.73 29.20
N THR UB 51 15.53 130.03 30.30
CA THR UB 51 15.31 130.59 31.63
C THR UB 51 16.59 130.92 32.39
N ALA UB 52 17.74 130.41 31.97
CA ALA UB 52 18.98 130.63 32.70
C ALA UB 52 20.11 130.81 31.71
N TYR UB 53 20.91 131.85 31.92
CA TYR UB 53 22.08 132.10 31.11
C TYR UB 53 23.30 131.40 31.70
N ARG UB 54 24.42 131.45 30.97
CA ARG UB 54 25.64 130.80 31.43
C ARG UB 54 26.83 131.56 30.86
N VAL UB 55 27.44 132.39 31.67
CA VAL UB 55 28.70 133.05 31.33
C VAL UB 55 29.83 132.07 31.58
N ASN UB 56 30.85 132.09 30.72
CA ASN UB 56 31.93 131.11 30.81
C ASN UB 56 33.21 131.75 30.31
N LEU UB 57 34.04 132.23 31.24
CA LEU UB 57 35.34 132.77 30.91
C LEU UB 57 36.43 131.72 31.13
N LYS UB 58 37.58 131.96 30.50
CA LYS UB 58 38.72 131.03 30.61
C LYS UB 58 39.98 131.83 30.27
N LEU UB 59 40.79 132.12 31.29
CA LEU UB 59 42.00 132.91 31.12
C LEU UB 59 43.20 131.97 31.15
N ASP UB 60 43.69 131.59 29.97
CA ASP UB 60 44.88 130.78 29.88
C ASP UB 60 46.13 131.64 30.03
N GLN UB 61 47.22 130.99 30.43
CA GLN UB 61 48.50 131.67 30.56
C GLN UB 61 49.61 130.65 30.36
N ALA UB 62 50.36 130.80 29.27
CA ALA UB 62 51.45 129.89 28.95
C ALA UB 62 52.77 130.53 29.33
N ASP UB 63 53.68 129.73 29.86
CA ASP UB 63 55.02 130.19 30.23
C ASP UB 63 55.98 129.77 29.14
N VAL UB 64 56.30 130.69 28.24
CA VAL UB 64 57.18 130.42 27.12
C VAL UB 64 58.61 130.71 27.55
N VAL UB 65 59.55 129.95 27.00
CA VAL UB 65 60.97 130.13 27.29
C VAL UB 65 61.74 130.01 25.98
N ASP UB 66 62.69 130.91 25.77
CA ASP UB 66 63.54 130.90 24.59
C ASP UB 66 64.99 131.02 25.02
N CYS UB 67 65.77 129.97 24.80
CA CYS UB 67 67.18 129.93 25.17
C CYS UB 67 68.03 129.52 23.98
N SER UB 68 67.83 130.20 22.84
CA SER UB 68 68.73 130.06 21.71
C SER UB 68 70.11 130.63 21.99
N THR UB 69 70.24 131.51 22.99
CA THR UB 69 71.55 132.01 23.39
C THR UB 69 72.39 130.90 24.02
N SER UB 70 71.78 130.06 24.85
CA SER UB 70 72.54 129.02 25.54
C SER UB 70 72.84 127.85 24.62
N VAL UB 71 71.80 127.16 24.14
CA VAL UB 71 71.97 126.08 23.18
C VAL UB 71 71.67 126.63 21.79
N CYS UB 72 72.59 126.40 20.85
CA CYS UB 72 72.47 126.93 19.51
C CYS UB 72 71.54 126.07 18.67
N GLY UB 73 70.46 126.67 18.18
CA GLY UB 73 69.59 126.02 17.23
C GLY UB 73 68.20 125.65 17.71
N GLU UB 74 67.72 126.24 18.80
CA GLU UB 74 66.36 125.99 19.24
C GLU UB 74 65.52 127.24 19.11
N LEU UB 75 64.21 127.05 19.20
CA LEU UB 75 63.21 128.08 18.99
C LEU UB 75 62.44 128.29 20.29
N PRO UB 76 61.66 129.37 20.43
CA PRO UB 76 60.83 129.51 21.64
C PRO UB 76 59.76 128.43 21.74
N LYS UB 77 59.44 128.08 22.98
CA LYS UB 77 58.63 126.91 23.29
C LYS UB 77 58.00 127.11 24.66
N VAL UB 78 56.78 126.61 24.82
CA VAL UB 78 56.04 126.77 26.07
C VAL UB 78 56.28 125.56 26.95
N ARG UB 79 56.47 125.79 28.24
CA ARG UB 79 56.62 124.68 29.18
C ARG UB 79 55.26 124.16 29.63
N TYR UB 80 54.48 125.02 30.26
CA TYR UB 80 53.21 124.63 30.86
C TYR UB 80 52.17 125.73 30.63
N THR UB 81 50.92 125.42 30.97
CA THR UB 81 49.84 126.38 30.91
C THR UB 81 49.06 126.34 32.23
N GLN UB 82 48.70 127.52 32.72
CA GLN UB 82 47.92 127.66 33.94
C GLN UB 82 46.68 128.48 33.64
N VAL UB 83 45.51 127.91 33.88
CA VAL UB 83 44.25 128.53 33.50
C VAL UB 83 43.51 129.00 34.75
N TRP UB 84 42.50 129.84 34.54
CA TRP UB 84 41.57 130.25 35.60
C TRP UB 84 40.22 130.43 34.93
N SER UB 85 39.38 129.42 35.02
CA SER UB 85 38.07 129.47 34.40
C SER UB 85 37.04 130.06 35.35
N HIS UB 86 35.90 130.46 34.78
CA HIS UB 86 34.75 130.91 35.53
C HIS UB 86 33.51 130.27 34.92
N ASP UB 87 32.49 130.04 35.75
CA ASP UB 87 31.24 129.47 35.29
C ASP UB 87 30.10 130.13 36.07
N VAL UB 88 29.58 131.20 35.52
CA VAL UB 88 28.53 131.99 36.16
C VAL UB 88 27.18 131.49 35.64
N THR UB 89 26.21 131.35 36.55
CA THR UB 89 24.86 130.96 36.18
C THR UB 89 23.91 132.06 36.61
N ILE UB 90 23.21 132.65 35.65
CA ILE UB 90 22.29 133.77 35.89
C ILE UB 90 20.92 133.35 35.39
N VAL UB 91 19.93 133.38 36.27
CA VAL UB 91 18.56 133.11 35.87
C VAL UB 91 17.95 134.38 35.29
N ALA UB 92 17.06 134.19 34.30
CA ALA UB 92 16.69 135.29 33.42
C ALA UB 92 15.75 136.30 34.09
N ASN UB 93 14.94 135.87 35.04
CA ASN UB 93 13.99 136.76 35.72
C ASN UB 93 14.54 137.31 37.03
N SER UB 94 15.84 137.53 37.11
CA SER UB 94 16.46 137.97 38.35
C SER UB 94 16.17 139.44 38.62
N THR UB 95 16.47 139.84 39.86
CA THR UB 95 16.53 141.24 40.22
C THR UB 95 17.92 141.75 39.88
N GLU UB 96 18.01 143.00 39.41
CA GLU UB 96 19.30 143.57 39.06
C GLU UB 96 20.18 143.78 40.28
N ALA UB 97 19.59 143.97 41.46
CA ALA UB 97 20.38 144.07 42.67
C ALA UB 97 20.91 142.71 43.13
N SER UB 98 20.31 141.62 42.65
CA SER UB 98 20.84 140.29 42.99
C SER UB 98 21.98 139.92 42.06
N ARG UB 99 21.91 140.34 40.80
CA ARG UB 99 23.01 140.15 39.87
C ARG UB 99 24.20 141.03 40.21
N LYS UB 100 23.96 142.21 40.77
CA LYS UB 100 25.06 143.09 41.16
C LYS UB 100 25.73 142.60 42.43
N SER UB 101 24.95 142.00 43.34
CA SER UB 101 25.52 141.51 44.59
C SER UB 101 26.36 140.27 44.36
N LEU UB 102 25.97 139.42 43.40
CA LEU UB 102 26.78 138.26 43.06
C LEU UB 102 28.11 138.67 42.44
N TYR UB 103 28.11 139.78 41.69
CA TYR UB 103 29.35 140.28 41.13
C TYR UB 103 30.20 140.95 42.19
N ASP UB 104 29.59 141.70 43.11
CA ASP UB 104 30.35 142.39 44.14
C ASP UB 104 30.93 141.44 45.19
N LEU UB 105 30.34 140.27 45.37
CA LEU UB 105 30.91 139.31 46.31
C LEU UB 105 32.09 138.56 45.69
N THR UB 106 31.99 138.22 44.41
CA THR UB 106 33.07 137.50 43.76
C THR UB 106 34.24 138.42 43.44
N LYS UB 107 33.96 139.70 43.17
CA LYS UB 107 35.03 140.68 43.00
C LYS UB 107 35.80 140.89 44.29
N SER UB 108 35.12 140.76 45.43
CA SER UB 108 35.77 140.85 46.72
C SER UB 108 36.29 139.51 47.23
N LEU UB 109 35.81 138.40 46.66
CA LEU UB 109 36.38 137.10 47.00
C LEU UB 109 37.78 136.97 46.43
N VAL UB 110 37.96 137.33 45.16
CA VAL UB 110 39.27 137.20 44.53
C VAL UB 110 40.25 138.22 45.11
N ALA UB 111 39.76 139.37 45.56
CA ALA UB 111 40.64 140.42 46.02
C ALA UB 111 41.09 140.26 47.47
N THR UB 112 40.78 139.14 48.13
CA THR UB 112 41.21 138.97 49.51
C THR UB 112 42.54 138.24 49.58
N SER UB 113 43.15 138.29 50.76
CA SER UB 113 44.46 137.69 50.98
C SER UB 113 44.39 136.19 51.25
N GLN UB 114 43.20 135.61 51.36
CA GLN UB 114 43.10 134.18 51.60
C GLN UB 114 42.98 133.39 50.31
N VAL UB 115 42.41 134.00 49.26
CA VAL UB 115 42.37 133.34 47.96
C VAL UB 115 43.69 133.55 47.23
N GLU UB 116 44.39 134.64 47.54
CA GLU UB 116 45.72 134.88 46.96
C GLU UB 116 46.71 133.83 47.40
N ASP UB 117 46.74 133.52 48.70
CA ASP UB 117 47.63 132.47 49.20
C ASP UB 117 47.15 131.08 48.83
N LEU UB 118 45.89 130.92 48.42
CA LEU UB 118 45.39 129.62 48.03
C LEU UB 118 45.90 129.20 46.66
N VAL UB 119 46.12 130.15 45.76
CA VAL UB 119 46.56 129.81 44.41
C VAL UB 119 48.06 130.02 44.27
N VAL UB 120 48.64 130.87 45.11
CA VAL UB 120 50.08 131.09 45.02
C VAL UB 120 50.83 130.08 45.89
N ASN UB 121 50.53 130.05 47.19
CA ASN UB 121 51.27 129.22 48.14
C ASN UB 121 50.48 128.02 48.63
N LEU UB 122 49.30 127.75 48.04
CA LEU UB 122 48.47 126.57 48.28
C LEU UB 122 47.98 126.45 49.73
N VAL UB 123 47.92 127.56 50.44
CA VAL UB 123 47.42 127.56 51.82
C VAL UB 123 45.90 127.46 51.79
N PRO UB 124 45.28 126.59 52.59
CA PRO UB 124 43.82 126.46 52.58
C PRO UB 124 43.13 127.69 53.15
N LEU UB 125 41.80 127.70 53.00
CA LEU UB 125 41.01 128.87 53.32
C LEU UB 125 40.65 128.91 54.79
N GLY UB 126 40.44 130.12 55.30
CA GLY UB 126 39.99 130.31 56.66
C GLY UB 126 41.10 130.62 57.64
N ARG UB 127 40.98 131.74 58.34
CA ARG UB 127 41.93 132.12 59.38
C ARG UB 127 41.15 132.50 60.63
N ALA UB 128 41.40 131.78 61.72
CA ALA UB 128 40.66 131.97 62.97
C ALA UB 128 41.22 133.17 63.72
N TYR UB 129 40.49 134.28 63.68
CA TYR UB 129 40.85 135.48 64.45
C TYR UB 129 39.82 135.63 65.56
N GLY UB 130 40.07 134.95 66.67
CA GLY UB 130 39.17 134.98 67.82
C GLY UB 130 37.82 134.35 67.56
N GLY UB 131 37.80 133.05 67.32
CA GLY UB 131 36.55 132.37 67.04
C GLY UB 131 36.70 131.24 66.03
N SER UB 132 35.81 131.19 65.05
CA SER UB 132 35.85 130.15 64.04
C SER UB 132 36.72 130.57 62.87
N LYS UB 133 36.92 129.64 61.93
CA LYS UB 133 37.63 129.95 60.70
C LYS UB 133 36.72 130.75 59.79
N THR UB 134 37.04 132.02 59.60
CA THR UB 134 36.15 132.95 58.92
C THR UB 134 36.79 133.53 57.67
N ILE UB 135 35.95 133.94 56.73
CA ILE UB 135 36.35 134.72 55.57
C ILE UB 135 35.52 136.00 55.60
N VAL UB 136 36.17 137.15 55.35
CA VAL UB 136 35.48 138.43 55.34
C VAL UB 136 35.44 138.94 53.91
N LEU UB 137 34.23 139.23 53.42
CA LEU UB 137 34.02 139.72 52.06
C LEU UB 137 33.44 141.13 52.16
N SER UB 138 34.32 142.12 52.16
CA SER UB 138 33.89 143.51 52.24
C SER UB 138 33.29 143.97 50.91
N VAL UB 139 32.12 144.60 50.97
CA VAL UB 139 31.41 145.06 49.79
C VAL UB 139 31.42 146.58 49.93
N GLY UB 140 32.51 147.10 50.45
CA GLY UB 140 32.59 148.51 50.78
C GLY UB 140 32.69 148.70 52.28
N GLU UB 141 31.61 149.16 52.91
CA GLU UB 141 31.53 149.19 54.37
C GLU UB 141 30.79 148.00 54.94
N ALA UB 142 29.93 147.35 54.15
CA ALA UB 142 29.25 146.14 54.60
C ALA UB 142 30.20 144.96 54.49
N THR UB 143 30.40 144.26 55.60
CA THR UB 143 31.26 143.08 55.64
C THR UB 143 30.38 141.86 55.91
N ARG UB 144 30.56 140.82 55.11
CA ARG UB 144 29.77 139.60 55.21
C ARG UB 144 30.70 138.46 55.60
N THR UB 145 30.64 138.05 56.87
CA THR UB 145 31.57 137.09 57.43
C THR UB 145 31.03 135.67 57.28
N LEU UB 146 31.76 134.82 56.58
CA LEU UB 146 31.36 133.43 56.39
C LEU UB 146 32.19 132.52 57.28
N THR UB 147 31.51 131.77 58.15
CA THR UB 147 32.17 130.86 59.08
C THR UB 147 32.14 129.44 58.53
N GLU UB 148 33.18 128.68 58.86
CA GLU UB 148 33.34 127.33 58.31
C GLU UB 148 32.40 126.36 59.01
N ILE UB 149 31.70 125.54 58.22
CA ILE UB 149 30.76 124.58 58.77
C ILE UB 149 31.19 123.13 58.58
N GLN UB 150 32.11 122.84 57.66
CA GLN UB 150 32.48 121.47 57.34
C GLN UB 150 33.79 121.48 56.58
N SER UB 151 34.73 120.66 57.00
CA SER UB 151 36.03 120.51 56.33
C SER UB 151 36.38 119.03 56.30
N THR UB 152 36.00 118.35 55.23
CA THR UB 152 36.38 116.96 55.02
C THR UB 152 37.75 116.92 54.37
N ALA UB 153 38.12 115.74 53.85
CA ALA UB 153 39.42 115.59 53.19
C ALA UB 153 39.47 116.36 51.87
N ASP UB 154 38.33 116.49 51.19
CA ASP UB 154 38.28 117.17 49.90
C ASP UB 154 37.64 118.56 50.00
N ARG UB 155 36.42 118.64 50.51
CA ARG UB 155 35.69 119.90 50.49
C ARG UB 155 36.03 120.75 51.71
N GLN UB 156 35.65 122.02 51.62
CA GLN UB 156 35.81 122.94 52.75
C GLN UB 156 34.71 124.00 52.60
N ILE UB 157 33.60 123.78 53.29
CA ILE UB 157 32.37 124.54 53.07
C ILE UB 157 32.29 125.67 54.08
N PHE UB 158 32.10 126.88 53.58
CA PHE UB 158 31.84 128.06 54.39
C PHE UB 158 30.41 128.50 54.18
N GLU UB 159 29.88 129.26 55.14
CA GLU UB 159 28.48 129.66 55.10
C GLU UB 159 28.28 130.84 56.05
N GLU UB 160 27.48 131.81 55.62
CA GLU UB 160 27.10 132.91 56.50
C GLU UB 160 26.11 132.42 57.54
N LYS UB 161 26.04 133.13 58.67
CA LYS UB 161 25.26 132.67 59.80
C LYS UB 161 24.13 133.61 60.20
N VAL UB 162 24.08 134.81 59.67
CA VAL UB 162 22.98 135.72 59.99
C VAL UB 162 21.79 135.42 59.08
N GLY UB 163 20.63 135.91 59.48
CA GLY UB 163 19.43 135.78 58.69
C GLY UB 163 18.73 134.45 58.91
N PRO UB 164 17.80 134.10 58.01
CA PRO UB 164 17.10 132.83 58.12
C PRO UB 164 18.00 131.66 57.77
N LEU UB 165 17.52 130.46 58.12
CA LEU UB 165 18.28 129.24 57.89
C LEU UB 165 18.07 128.63 56.52
N VAL UB 166 17.13 129.16 55.74
CA VAL UB 166 16.78 128.50 54.48
C VAL UB 166 17.63 129.01 53.32
N GLY UB 167 18.01 130.27 53.32
CA GLY UB 167 18.86 130.80 52.27
C GLY UB 167 20.04 131.58 52.81
N ARG UB 168 21.25 131.07 52.57
CA ARG UB 168 22.47 131.70 53.06
C ARG UB 168 23.57 131.54 52.03
N LEU UB 169 24.62 132.33 52.16
CA LEU UB 169 25.76 132.22 51.26
C LEU UB 169 26.51 130.91 51.48
N ARG UB 170 27.28 130.53 50.46
CA ARG UB 170 28.08 129.33 50.51
C ARG UB 170 29.43 129.62 49.89
N LEU UB 171 30.41 128.80 50.24
CA LEU UB 171 31.73 128.90 49.61
C LEU UB 171 32.33 127.49 49.69
N THR UB 172 32.22 126.75 48.60
CA THR UB 172 32.64 125.34 48.57
C THR UB 172 34.01 125.27 47.90
N ALA UB 173 35.06 125.43 48.70
CA ALA UB 173 36.40 125.27 48.19
C ALA UB 173 36.79 123.79 48.21
N SER UB 174 37.75 123.44 47.35
CA SER UB 174 38.34 122.12 47.32
C SER UB 174 39.69 122.22 46.66
N LEU UB 175 40.42 121.12 46.65
CA LEU UB 175 41.78 121.09 46.12
C LEU UB 175 42.13 119.65 45.80
N ARG UB 176 42.61 119.42 44.59
CA ARG UB 176 42.93 118.07 44.13
C ARG UB 176 44.31 118.08 43.50
N GLN UB 177 44.78 116.89 43.14
CA GLN UB 177 45.91 116.74 42.22
C GLN UB 177 45.72 115.44 41.46
N ASN UB 178 45.35 115.57 40.19
CA ASN UB 178 45.04 114.42 39.34
C ASN UB 178 46.24 114.07 38.47
N GLY UB 179 46.45 112.77 38.28
CA GLY UB 179 47.55 112.29 37.47
C GLY UB 179 48.75 111.90 38.30
N ALA UB 180 49.95 112.11 37.76
CA ALA UB 180 51.18 111.74 38.44
C ALA UB 180 51.73 112.89 39.27
N LYS UB 181 50.86 113.49 40.10
CA LYS UB 181 51.20 114.51 41.09
C LYS UB 181 51.85 115.74 40.46
N THR UB 182 51.43 116.09 39.25
CA THR UB 182 52.09 117.16 38.49
C THR UB 182 51.26 118.43 38.39
N ALA UB 183 49.96 118.38 38.63
CA ALA UB 183 49.12 119.55 38.48
C ALA UB 183 48.05 119.56 39.55
N TYR UB 184 47.82 120.73 40.14
CA TYR UB 184 46.80 120.90 41.16
C TYR UB 184 45.49 121.35 40.52
N ARG UB 185 44.44 121.47 41.34
CA ARG UB 185 43.14 121.92 40.85
C ARG UB 185 42.40 122.59 42.00
N VAL UB 186 42.46 123.91 42.04
CA VAL UB 186 41.68 124.69 43.01
C VAL UB 186 40.29 124.90 42.44
N ASN UB 187 39.27 124.80 43.29
CA ASN UB 187 37.89 124.84 42.82
C ASN UB 187 37.04 125.60 43.84
N LEU UB 188 36.82 126.88 43.58
CA LEU UB 188 35.95 127.71 44.40
C LEU UB 188 34.56 127.78 43.78
N LYS UB 189 33.56 128.07 44.62
CA LYS UB 189 32.18 128.14 44.17
C LYS UB 189 31.36 128.91 45.20
N LEU UB 190 30.73 130.01 44.78
CA LEU UB 190 29.96 130.86 45.66
C LEU UB 190 28.49 130.81 45.26
N ASP UB 191 27.65 130.23 46.11
CA ASP UB 191 26.22 130.19 45.90
C ASP UB 191 25.55 131.37 46.57
N GLN UB 192 24.65 132.03 45.83
CA GLN UB 192 23.82 133.08 46.41
C GLN UB 192 22.37 132.78 46.10
N ALA UB 193 21.60 132.44 47.11
CA ALA UB 193 20.17 132.18 46.98
C ALA UB 193 19.40 133.40 47.42
N ASP UB 194 18.37 133.75 46.66
CA ASP UB 194 17.54 134.90 46.97
C ASP UB 194 16.33 134.43 47.76
N VAL UB 195 16.20 134.90 48.99
CA VAL UB 195 15.11 134.51 49.88
C VAL UB 195 14.16 135.69 50.04
N VAL UB 196 12.86 135.40 50.09
CA VAL UB 196 11.84 136.42 50.26
C VAL UB 196 10.74 135.88 51.17
N ASP UB 197 10.17 136.76 51.98
CA ASP UB 197 9.01 136.44 52.78
C ASP UB 197 8.01 137.60 52.77
N CYS UB 198 6.73 137.25 52.76
CA CYS UB 198 5.67 138.25 52.77
C CYS UB 198 4.67 137.98 53.89
N SER UB 199 5.18 137.77 55.11
CA SER UB 199 4.30 137.60 56.27
C SER UB 199 3.56 138.88 56.63
N THR UB 200 4.04 140.04 56.17
CA THR UB 200 3.25 141.27 56.28
C THR UB 200 2.13 141.30 55.24
N SER UB 201 2.22 140.48 54.20
CA SER UB 201 1.22 140.43 53.15
C SER UB 201 0.29 139.22 53.27
N VAL UB 202 0.86 138.02 53.26
CA VAL UB 202 0.11 136.78 53.38
C VAL UB 202 0.49 136.12 54.70
N CYS UB 203 -0.52 135.82 55.52
CA CYS UB 203 -0.29 135.20 56.81
C CYS UB 203 0.19 133.76 56.68
N GLY UB 204 0.97 133.32 57.67
CA GLY UB 204 1.45 131.96 57.71
C GLY UB 204 2.48 131.62 56.66
N GLU UB 205 3.18 132.61 56.13
CA GLU UB 205 4.17 132.40 55.09
C GLU UB 205 5.57 132.53 55.69
N LEU UB 206 6.30 131.44 55.70
CA LEU UB 206 7.68 131.40 56.14
C LEU UB 206 8.60 131.71 54.96
N PRO UB 207 9.83 132.17 55.21
CA PRO UB 207 10.75 132.48 54.11
C PRO UB 207 11.12 131.27 53.27
N LYS UB 208 11.32 131.52 51.97
CA LYS UB 208 11.66 130.47 51.02
C LYS UB 208 12.53 131.09 49.92
N VAL UB 209 13.25 130.24 49.22
CA VAL UB 209 14.16 130.66 48.15
C VAL UB 209 13.43 130.57 46.82
N ARG UB 210 13.70 131.53 45.93
CA ARG UB 210 13.06 131.54 44.62
C ARG UB 210 14.05 131.09 43.53
N TYR UB 211 15.28 131.59 43.57
CA TYR UB 211 16.31 131.16 42.62
C TYR UB 211 17.67 131.17 43.32
N THR UB 212 18.64 130.50 42.69
CA THR UB 212 20.03 130.56 43.12
C THR UB 212 20.91 130.93 41.94
N GLN UB 213 22.00 131.63 42.23
CA GLN UB 213 22.98 132.03 41.21
C GLN UB 213 24.38 131.71 41.70
N VAL UB 214 25.16 131.02 40.88
CA VAL UB 214 26.47 130.54 41.28
C VAL UB 214 27.55 131.36 40.56
N TRP UB 215 28.78 131.22 41.04
CA TRP UB 215 29.97 131.71 40.35
C TRP UB 215 31.11 130.76 40.72
N SER UB 216 31.32 129.76 39.88
CA SER UB 216 32.36 128.78 40.13
C SER UB 216 33.71 129.31 39.65
N HIS UB 217 34.77 128.64 40.10
CA HIS UB 217 36.12 128.88 39.61
C HIS UB 217 36.81 127.53 39.44
N ASP UB 218 37.76 127.47 38.52
CA ASP UB 218 38.49 126.23 38.28
C ASP UB 218 39.90 126.60 37.86
N VAL UB 219 40.80 126.67 38.84
CA VAL UB 219 42.18 127.07 38.62
C VAL UB 219 43.02 125.83 38.45
N THR UB 220 43.90 125.83 37.44
CA THR UB 220 44.81 124.72 37.18
C THR UB 220 46.23 125.22 37.38
N ILE UB 221 46.95 124.62 38.34
CA ILE UB 221 48.30 125.01 38.67
C ILE UB 221 49.18 123.78 38.59
N VAL UB 222 50.21 123.83 37.74
CA VAL UB 222 51.17 122.74 37.66
C VAL UB 222 52.16 122.88 38.81
N ALA UB 223 52.67 121.73 39.27
CA ALA UB 223 53.35 121.67 40.56
C ALA UB 223 54.74 122.29 40.51
N ASN UB 224 55.42 122.22 39.38
CA ASN UB 224 56.77 122.75 39.24
C ASN UB 224 56.79 124.18 38.70
N SER UB 225 55.79 124.98 39.06
CA SER UB 225 55.64 126.34 38.57
C SER UB 225 56.69 127.27 39.17
N THR UB 226 56.78 128.45 38.58
CA THR UB 226 57.48 129.57 39.19
C THR UB 226 56.48 130.29 40.11
N GLU UB 227 56.99 130.95 41.15
CA GLU UB 227 56.10 131.69 42.03
C GLU UB 227 55.52 132.91 41.33
N ALA UB 228 56.32 133.61 40.53
CA ALA UB 228 55.80 134.74 39.76
C ALA UB 228 54.93 134.31 38.60
N SER UB 229 54.93 133.02 38.25
CA SER UB 229 53.98 132.50 37.27
C SER UB 229 52.59 132.37 37.86
N ARG UB 230 52.49 131.91 39.11
CA ARG UB 230 51.19 131.84 39.77
C ARG UB 230 50.75 133.19 40.30
N LYS UB 231 51.70 134.07 40.63
CA LYS UB 231 51.35 135.39 41.14
C LYS UB 231 50.82 136.27 40.03
N SER UB 232 51.34 136.11 38.81
CA SER UB 232 50.84 136.91 37.69
C SER UB 232 49.50 136.39 37.18
N LEU UB 233 49.26 135.08 37.30
CA LEU UB 233 47.96 134.53 36.93
C LEU UB 233 46.87 135.01 37.87
N TYR UB 234 47.19 135.14 39.16
CA TYR UB 234 46.23 135.66 40.12
C TYR UB 234 45.98 137.14 39.88
N ASP UB 235 47.03 137.90 39.61
CA ASP UB 235 46.91 139.35 39.41
C ASP UB 235 46.18 139.71 38.13
N LEU UB 236 46.17 138.83 37.13
CA LEU UB 236 45.38 139.08 35.94
C LEU UB 236 43.91 138.79 36.17
N THR UB 237 43.61 137.69 36.86
CA THR UB 237 42.22 137.34 37.13
C THR UB 237 41.59 138.30 38.14
N LYS UB 238 42.38 138.80 39.09
CA LYS UB 238 41.89 139.83 40.00
C LYS UB 238 41.60 141.12 39.26
N SER UB 239 42.38 141.43 38.22
CA SER UB 239 42.15 142.61 37.42
C SER UB 239 41.14 142.39 36.32
N LEU UB 240 40.79 141.14 36.03
CA LEU UB 240 39.77 140.86 35.02
C LEU UB 240 38.37 141.06 35.58
N VAL UB 241 38.12 140.54 36.78
CA VAL UB 241 36.83 140.71 37.44
C VAL UB 241 36.59 142.17 37.82
N ALA UB 242 37.66 142.92 38.11
CA ALA UB 242 37.52 144.31 38.49
C ALA UB 242 37.28 145.25 37.32
N THR UB 243 37.21 144.75 36.09
CA THR UB 243 36.96 145.61 34.95
C THR UB 243 35.49 146.02 34.88
N SER UB 244 35.22 147.01 34.03
CA SER UB 244 33.86 147.45 33.80
C SER UB 244 33.16 146.66 32.72
N GLN UB 245 33.85 145.72 32.08
CA GLN UB 245 33.24 144.93 31.02
C GLN UB 245 32.70 143.60 31.54
N VAL UB 246 33.39 143.02 32.52
CA VAL UB 246 32.91 141.78 33.15
C VAL UB 246 31.78 142.11 34.13
N GLU UB 247 31.70 143.35 34.60
CA GLU UB 247 30.53 143.79 35.36
C GLU UB 247 29.29 143.79 34.49
N ASP UB 248 29.38 144.38 33.30
CA ASP UB 248 28.24 144.43 32.39
C ASP UB 248 27.95 143.08 31.74
N LEU UB 249 28.92 142.17 31.74
CA LEU UB 249 28.66 140.83 31.20
C LEU UB 249 27.80 140.02 32.15
N VAL UB 250 27.89 140.28 33.44
CA VAL UB 250 27.08 139.57 34.43
C VAL UB 250 25.77 140.31 34.70
N VAL UB 251 25.85 141.63 34.88
CA VAL UB 251 24.64 142.40 35.21
C VAL UB 251 23.73 142.55 34.00
N ASN UB 252 24.27 143.04 32.88
CA ASN UB 252 23.45 143.39 31.73
C ASN UB 252 23.65 142.48 30.52
N LEU UB 253 24.45 141.41 30.65
CA LEU UB 253 24.70 140.41 29.61
C LEU UB 253 25.31 140.99 28.34
N VAL UB 254 26.04 142.09 28.45
CA VAL UB 254 26.75 142.66 27.30
C VAL UB 254 28.02 141.87 27.07
N PRO UB 255 28.27 141.37 25.85
CA PRO UB 255 29.51 140.64 25.58
C PRO UB 255 30.73 141.55 25.67
N LEU UB 256 31.89 140.90 25.82
CA LEU UB 256 33.13 141.62 26.07
C LEU UB 256 33.67 142.27 24.79
N GLY UB 257 34.56 143.23 24.97
CA GLY UB 257 35.20 143.88 23.85
C GLY UB 257 34.65 145.26 23.55
N ARG UB 258 35.46 146.29 23.81
CA ARG UB 258 35.04 147.66 23.53
C ARG UB 258 36.00 148.31 22.54
N SER VB 1 82.23 100.54 80.87
CA SER VB 1 82.35 100.29 79.44
C SER VB 1 82.08 101.57 78.65
N LYS VB 2 81.16 101.49 77.70
CA LYS VB 2 80.77 102.62 76.86
C LYS VB 2 79.46 103.18 77.38
N THR VB 3 79.40 104.49 77.56
CA THR VB 3 78.29 105.12 78.27
C THR VB 3 77.63 106.21 77.42
N ILE VB 4 76.34 106.42 77.66
CA ILE VB 4 75.61 107.58 77.19
C ILE VB 4 75.07 108.31 78.41
N VAL VB 5 75.20 109.63 78.43
CA VAL VB 5 74.75 110.44 79.55
C VAL VB 5 73.54 111.26 79.10
N LEU VB 6 72.44 111.13 79.82
CA LEU VB 6 71.19 111.81 79.49
C LEU VB 6 70.84 112.74 80.65
N SER VB 7 71.07 114.02 80.45
CA SER VB 7 70.78 115.01 81.49
C SER VB 7 69.30 115.36 81.48
N VAL VB 8 68.64 115.17 82.62
CA VAL VB 8 67.19 115.25 82.74
C VAL VB 8 66.98 116.49 83.61
N GLY VB 9 67.88 117.47 83.44
CA GLY VB 9 67.91 118.63 84.29
C GLY VB 9 69.30 118.80 84.86
N GLU VB 10 69.43 118.64 86.18
CA GLU VB 10 70.72 118.46 86.80
C GLU VB 10 71.01 117.01 87.14
N ALA VB 11 69.98 116.16 87.17
CA ALA VB 11 70.18 114.73 87.39
C ALA VB 11 70.61 114.07 86.09
N THR VB 12 71.75 113.41 86.10
CA THR VB 12 72.29 112.72 84.94
C THR VB 12 72.04 111.23 85.09
N ARG VB 13 71.52 110.60 84.05
CA ARG VB 13 71.20 109.17 84.05
C ARG VB 13 72.11 108.49 83.05
N THR VB 14 73.09 107.74 83.55
CA THR VB 14 74.14 107.16 82.72
C THR VB 14 73.82 105.71 82.40
N LEU VB 15 73.69 105.40 81.11
CA LEU VB 15 73.42 104.06 80.63
C LEU VB 15 74.69 103.41 80.11
N THR VB 16 74.98 102.21 80.60
CA THR VB 16 76.19 101.49 80.21
C THR VB 16 75.80 100.39 79.22
N GLU VB 17 76.76 100.00 78.40
CA GLU VB 17 76.52 99.06 77.32
C GLU VB 17 76.55 97.62 77.84
N ILE VB 18 75.55 96.84 77.46
CA ILE VB 18 75.49 95.42 77.82
C ILE VB 18 75.52 94.49 76.62
N GLN VB 19 75.57 95.01 75.40
CA GLN VB 19 75.61 94.17 74.21
C GLN VB 19 76.21 94.98 73.06
N SER VB 20 77.00 94.30 72.22
CA SER VB 20 77.59 94.92 71.04
C SER VB 20 77.68 93.86 69.96
N THR VB 21 76.65 93.79 69.13
CA THR VB 21 76.63 92.89 67.99
C THR VB 21 77.19 93.68 66.80
N ALA VB 22 77.05 93.15 65.57
CA ALA VB 22 77.53 93.88 64.40
C ALA VB 22 76.65 95.10 64.12
N ASP VB 23 75.35 94.98 64.36
CA ASP VB 23 74.43 96.09 64.18
C ASP VB 23 73.73 96.50 65.47
N ARG VB 24 73.18 95.54 66.23
CA ARG VB 24 72.46 95.88 67.45
C ARG VB 24 73.44 96.26 68.56
N GLN VB 25 72.99 97.13 69.44
CA GLN VB 25 73.87 97.72 70.44
C GLN VB 25 72.99 98.17 71.61
N ILE VB 26 72.96 97.39 72.67
CA ILE VB 26 71.98 97.52 73.74
C ILE VB 26 72.64 98.20 74.94
N PHE VB 27 71.99 99.24 75.45
CA PHE VB 27 72.42 99.96 76.64
C PHE VB 27 71.40 99.73 77.75
N GLU VB 28 71.83 99.99 78.98
CA GLU VB 28 70.99 99.76 80.15
C GLU VB 28 71.55 100.54 81.32
N GLU VB 29 70.65 101.11 82.12
CA GLU VB 29 71.05 101.80 83.34
C GLU VB 29 71.26 100.77 84.44
N LYS VB 30 72.16 101.07 85.36
CA LYS VB 30 72.62 100.06 86.32
C LYS VB 30 72.18 100.33 87.76
N VAL VB 31 71.53 101.44 88.06
CA VAL VB 31 71.09 101.69 89.41
C VAL VB 31 69.67 101.18 89.60
N GLY VB 32 69.36 100.75 90.83
CA GLY VB 32 68.02 100.33 91.16
C GLY VB 32 67.88 98.82 91.19
N PRO VB 33 66.63 98.32 91.17
CA PRO VB 33 66.41 96.88 91.10
C PRO VB 33 66.83 96.27 89.78
N LEU VB 34 66.94 94.95 89.73
CA LEU VB 34 67.47 94.25 88.58
C LEU VB 34 66.41 93.85 87.56
N VAL VB 35 65.14 94.13 87.83
CA VAL VB 35 64.08 93.61 86.97
C VAL VB 35 63.55 94.67 86.02
N GLY VB 36 63.53 95.94 86.42
CA GLY VB 36 63.08 96.98 85.52
C GLY VB 36 64.05 98.14 85.46
N ARG VB 37 64.65 98.37 84.29
CA ARG VB 37 65.63 99.43 84.10
C ARG VB 37 65.41 100.05 82.74
N LEU VB 38 66.07 101.18 82.49
CA LEU VB 38 66.07 101.79 81.16
C LEU VB 38 66.77 100.88 80.17
N ARG VB 39 66.39 101.03 78.90
CA ARG VB 39 66.89 100.18 77.84
C ARG VB 39 66.95 101.00 76.57
N LEU VB 40 68.07 100.89 75.86
CA LEU VB 40 68.28 101.70 74.66
C LEU VB 40 68.87 100.76 73.60
N THR VB 41 68.06 100.38 72.63
CA THR VB 41 68.46 99.40 71.62
C THR VB 41 68.76 100.15 70.32
N ALA VB 42 70.01 100.54 70.16
CA ALA VB 42 70.44 101.21 68.95
C ALA VB 42 70.74 100.18 67.86
N SER VB 43 70.73 100.67 66.62
CA SER VB 43 70.96 99.80 65.46
C SER VB 43 71.38 100.68 64.29
N LEU VB 44 71.92 100.03 63.26
CA LEU VB 44 72.29 100.68 62.02
C LEU VB 44 72.37 99.62 60.93
N ARG VB 45 71.90 99.97 59.73
CA ARG VB 45 71.86 99.04 58.61
C ARG VB 45 72.19 99.79 57.33
N GLN VB 46 72.23 99.04 56.23
CA GLN VB 46 72.17 99.63 54.89
C GLN VB 46 71.47 98.62 53.98
N ASN VB 47 70.17 98.80 53.82
CA ASN VB 47 69.33 97.83 53.13
C ASN VB 47 69.24 98.15 51.65
N GLY VB 48 69.08 97.11 50.84
CA GLY VB 48 68.98 97.26 49.40
C GLY VB 48 70.33 97.20 48.73
N ALA VB 49 70.52 98.01 47.69
CA ALA VB 49 71.78 98.03 46.96
C ALA VB 49 72.72 99.11 47.52
N LYS VB 50 72.89 99.06 48.86
CA LYS VB 50 73.87 99.85 49.61
C LYS VB 50 73.71 101.36 49.42
N THR VB 51 72.48 101.83 49.20
CA THR VB 51 72.25 103.23 48.86
C THR VB 51 71.63 104.05 49.97
N ALA VB 52 71.07 103.42 51.01
CA ALA VB 52 70.40 104.14 52.07
C ALA VB 52 70.66 103.43 53.40
N TYR VB 53 70.94 104.20 54.44
CA TYR VB 53 71.13 103.66 55.77
C TYR VB 53 69.80 103.68 56.53
N ARG VB 54 69.81 103.07 57.73
CA ARG VB 54 68.60 103.01 58.54
C ARG VB 54 69.01 102.95 60.00
N VAL VB 55 68.93 104.09 60.67
CA VAL VB 55 69.11 104.16 62.12
C VAL VB 55 67.80 103.79 62.79
N ASN VB 56 67.89 103.08 63.93
CA ASN VB 56 66.69 102.59 64.60
C ASN VB 56 66.97 102.56 66.10
N LEU VB 57 66.57 103.62 66.79
CA LEU VB 57 66.66 103.67 68.25
C LEU VB 57 65.37 103.19 68.88
N LYS VB 58 65.47 102.81 70.16
CA LYS VB 58 64.29 102.32 70.89
C LYS VB 58 64.57 102.51 72.39
N LEU VB 59 63.93 103.51 72.98
CA LEU VB 59 64.12 103.83 74.39
C LEU VB 59 62.98 103.22 75.19
N ASP VB 60 63.20 102.05 75.76
CA ASP VB 60 62.21 101.43 76.63
C ASP VB 60 62.22 102.10 77.99
N GLN VB 61 61.12 101.91 78.73
CA GLN VB 61 61.04 102.36 80.11
C GLN VB 61 59.95 101.58 80.81
N ALA VB 62 60.32 100.83 81.84
CA ALA VB 62 59.39 100.02 82.62
C ALA VB 62 59.15 100.68 83.96
N ASP VB 63 57.90 100.62 84.44
CA ASP VB 63 57.55 101.15 85.75
C ASP VB 63 57.50 99.98 86.73
N VAL VB 64 58.53 99.85 87.52
CA VAL VB 64 58.65 98.77 88.49
C VAL VB 64 58.08 99.24 89.82
N VAL VB 65 57.40 98.32 90.52
CA VAL VB 65 56.81 98.61 91.82
C VAL VB 65 57.22 97.50 92.78
N ASP VB 66 57.62 97.88 93.99
CA ASP VB 66 58.00 96.93 95.03
C ASP VB 66 57.30 97.32 96.32
N CYS VB 67 56.37 96.50 96.76
CA CYS VB 67 55.62 96.71 98.01
C CYS VB 67 55.65 95.46 98.87
N SER VB 68 56.86 94.93 99.10
CA SER VB 68 57.04 93.86 100.08
C SER VB 68 56.73 94.32 101.50
N THR VB 69 56.82 95.63 101.77
CA THR VB 69 56.43 96.15 103.08
C THR VB 69 54.92 96.23 103.21
N SER VB 70 54.20 96.23 102.08
CA SER VB 70 52.74 96.27 102.12
C SER VB 70 52.16 94.87 102.32
N VAL VB 71 52.40 93.98 101.36
CA VAL VB 71 52.02 92.58 101.51
C VAL VB 71 53.29 91.77 101.74
N CYS VB 72 53.27 90.92 102.76
CA CYS VB 72 54.47 90.20 103.17
C CYS VB 72 54.78 89.07 102.20
N GLY VB 73 55.92 89.18 101.52
CA GLY VB 73 56.43 88.09 100.72
C GLY VB 73 56.35 88.25 99.22
N GLU VB 74 56.24 89.47 98.71
CA GLU VB 74 56.29 89.67 97.27
C GLU VB 74 57.62 90.31 96.88
N LEU VB 75 57.90 90.27 95.58
CA LEU VB 75 59.16 90.72 95.02
C LEU VB 75 58.89 91.90 94.09
N PRO VB 76 59.90 92.67 93.68
CA PRO VB 76 59.67 93.72 92.69
C PRO VB 76 59.19 93.18 91.35
N LYS VB 77 58.41 94.00 90.66
CA LYS VB 77 57.66 93.58 89.48
C LYS VB 77 57.31 94.82 88.68
N VAL VB 78 57.29 94.68 87.35
CA VAL VB 78 56.97 95.79 86.47
C VAL VB 78 55.49 95.74 86.10
N ARG VB 79 54.85 96.91 86.10
CA ARG VB 79 53.46 96.98 85.67
C ARG VB 79 53.37 97.06 84.15
N TYR VB 80 53.93 98.12 83.56
CA TYR VB 80 53.79 98.39 82.14
C TYR VB 80 55.13 98.84 81.58
N THR VB 81 55.17 99.00 80.26
CA THR VB 81 56.34 99.51 79.56
C THR VB 81 55.91 100.55 78.53
N GLN VB 82 56.60 101.68 78.53
CA GLN VB 82 56.35 102.76 77.58
C GLN VB 82 57.62 103.00 76.77
N VAL VB 83 57.50 102.93 75.45
CA VAL VB 83 58.65 102.99 74.56
C VAL VB 83 58.61 104.29 73.78
N TRP VB 84 59.72 104.58 73.09
CA TRP VB 84 59.79 105.68 72.13
C TRP VB 84 60.81 105.27 71.07
N SER VB 85 60.33 104.79 69.94
CA SER VB 85 61.22 104.36 68.89
C SER VB 85 61.57 105.53 67.97
N HIS VB 86 62.60 105.32 67.16
CA HIS VB 86 62.97 106.24 66.10
C HIS VB 86 63.31 105.41 64.87
N ASP VB 87 63.05 105.95 63.68
CA ASP VB 87 63.34 105.24 62.44
C ASP VB 87 63.84 106.28 61.44
N VAL VB 88 65.14 106.46 61.40
CA VAL VB 88 65.77 107.47 60.56
C VAL VB 88 66.23 106.80 59.27
N THR VB 89 65.95 107.43 58.13
CA THR VB 89 66.40 106.94 56.83
C THR VB 89 67.34 107.98 56.22
N ILE VB 90 68.58 107.58 55.98
CA ILE VB 90 69.61 108.46 55.45
C ILE VB 90 70.12 107.85 54.16
N VAL VB 91 70.01 108.58 53.07
CA VAL VB 91 70.55 108.13 51.80
C VAL VB 91 72.04 108.46 51.75
N ALA VB 92 72.80 107.58 51.09
CA ALA VB 92 74.24 107.54 51.29
C ALA VB 92 74.97 108.68 50.58
N ASN VB 93 74.43 109.18 49.47
CA ASN VB 93 75.06 110.25 48.70
C ASN VB 93 74.57 111.63 49.09
N SER VB 94 74.21 111.82 50.36
CA SER VB 94 73.61 113.07 50.81
C SER VB 94 74.64 114.18 50.92
N THR VB 95 74.14 115.38 51.17
CA THR VB 95 74.96 116.50 51.60
C THR VB 95 75.05 116.46 53.12
N GLU VB 96 76.15 116.98 53.66
CA GLU VB 96 76.28 117.02 55.12
C GLU VB 96 75.35 118.04 55.73
N ALA VB 97 75.02 119.10 54.99
CA ALA VB 97 74.05 120.07 55.47
C ALA VB 97 72.62 119.56 55.40
N SER VB 98 72.38 118.52 54.60
CA SER VB 98 71.05 117.91 54.58
C SER VB 98 70.86 117.00 55.79
N ARG VB 99 71.90 116.25 56.16
CA ARG VB 99 71.85 115.42 57.35
C ARG VB 99 71.88 116.24 58.63
N LYS VB 100 72.51 117.41 58.61
CA LYS VB 100 72.54 118.26 59.79
C LYS VB 100 71.20 118.97 59.99
N SER VB 101 70.54 119.34 58.89
CA SER VB 101 69.26 120.05 59.01
C SER VB 101 68.15 119.11 59.45
N LEU VB 102 68.22 117.84 59.03
CA LEU VB 102 67.22 116.87 59.45
C LEU VB 102 67.33 116.57 60.94
N TYR VB 103 68.56 116.56 61.46
CA TYR VB 103 68.75 116.40 62.89
C TYR VB 103 68.31 117.63 63.66
N ASP VB 104 68.56 118.82 63.11
CA ASP VB 104 68.21 120.06 63.80
C ASP VB 104 66.71 120.31 63.84
N LEU VB 105 65.96 119.76 62.89
CA LEU VB 105 64.51 119.93 62.95
C LEU VB 105 63.87 118.97 63.93
N THR VB 106 64.38 117.72 64.00
CA THR VB 106 63.81 116.76 64.93
C THR VB 106 64.22 117.06 66.36
N LYS VB 107 65.42 117.61 66.56
CA LYS VB 107 65.81 118.10 67.88
C LYS VB 107 64.91 119.25 68.33
N SER VB 108 64.45 120.06 67.39
CA SER VB 108 63.52 121.14 67.71
C SER VB 108 62.06 120.70 67.67
N LEU VB 109 61.76 119.59 66.99
CA LEU VB 109 60.40 119.05 67.05
C LEU VB 109 60.10 118.51 68.44
N VAL VB 110 61.01 117.74 69.02
CA VAL VB 110 60.76 117.13 70.31
C VAL VB 110 60.80 118.18 71.41
N ALA VB 111 61.59 119.22 71.25
CA ALA VB 111 61.76 120.22 72.30
C ALA VB 111 60.65 121.26 72.35
N THR VB 112 59.64 121.18 71.48
CA THR VB 112 58.57 122.16 71.52
C THR VB 112 57.50 121.77 72.52
N SER VB 113 56.63 122.72 72.84
CA SER VB 113 55.59 122.50 73.83
C SER VB 113 54.35 121.83 73.28
N GLN VB 114 54.28 121.59 71.96
CA GLN VB 114 53.11 120.94 71.40
C GLN VB 114 53.29 119.43 71.30
N VAL VB 115 54.52 118.96 71.17
CA VAL VB 115 54.78 117.53 71.18
C VAL VB 115 54.82 117.02 72.62
N GLU VB 116 55.20 117.89 73.56
CA GLU VB 116 55.17 117.54 74.98
C GLU VB 116 53.75 117.24 75.45
N ASP VB 117 52.79 118.09 75.07
CA ASP VB 117 51.41 117.83 75.43
C ASP VB 117 50.79 116.72 74.61
N LEU VB 118 51.41 116.33 73.50
CA LEU VB 118 50.89 115.23 72.70
C LEU VB 118 51.13 113.88 73.36
N VAL VB 119 52.21 113.74 74.11
CA VAL VB 119 52.54 112.45 74.72
C VAL VB 119 52.17 112.44 76.19
N VAL VB 120 52.20 113.61 76.84
CA VAL VB 120 51.85 113.64 78.25
C VAL VB 120 50.34 113.72 78.44
N ASN VB 121 49.69 114.71 77.83
CA ASN VB 121 48.27 114.95 78.05
C ASN VB 121 47.41 114.60 76.84
N LEU VB 122 48.01 113.99 75.81
CA LEU VB 122 47.33 113.48 74.62
C LEU VB 122 46.61 114.57 73.82
N VAL VB 123 47.06 115.81 73.94
CA VAL VB 123 46.46 116.93 73.19
C VAL VB 123 46.97 116.87 71.75
N PRO VB 124 46.11 117.03 70.75
CA PRO VB 124 46.57 117.01 69.36
C PRO VB 124 47.42 118.22 69.02
N LEU VB 125 48.03 118.15 67.83
CA LEU VB 125 49.02 119.14 67.42
C LEU VB 125 48.36 120.37 66.80
N GLY VB 126 49.08 121.47 66.84
CA GLY VB 126 48.64 122.69 66.18
C GLY VB 126 47.88 123.63 67.09
N ARG VB 127 48.37 124.86 67.22
CA ARG VB 127 47.68 125.90 67.98
C ARG VB 127 47.56 127.13 67.09
N ALA VB 128 46.32 127.56 66.84
CA ALA VB 128 46.06 128.69 65.95
C ALA VB 128 46.32 129.98 66.71
N TYR VB 129 47.44 130.63 66.42
CA TYR VB 129 47.77 131.93 67.00
C TYR VB 129 47.66 132.98 65.89
N GLY VB 130 46.45 133.48 65.69
CA GLY VB 130 46.20 134.47 64.66
C GLY VB 130 46.36 133.93 63.25
N GLY VB 131 45.47 133.03 62.85
CA GLY VB 131 45.56 132.43 61.53
C GLY VB 131 45.13 130.98 61.53
N SER VB 132 45.92 130.13 60.89
CA SER VB 132 45.63 128.71 60.86
C SER VB 132 46.44 127.97 61.92
N LYS VB 133 46.25 126.66 61.99
CA LYS VB 133 46.95 125.83 62.97
C LYS VB 133 48.39 125.64 62.53
N THR VB 134 49.33 126.18 63.30
CA THR VB 134 50.74 126.16 62.93
C THR VB 134 51.58 125.45 63.99
N ILE VB 135 52.72 124.93 63.56
CA ILE VB 135 53.79 124.46 64.44
C ILE VB 135 55.03 125.26 64.06
N VAL VB 136 55.76 125.76 65.05
CA VAL VB 136 56.97 126.52 64.82
C VAL VB 136 58.16 125.68 65.28
N LEU VB 137 59.06 125.38 64.34
CA LEU VB 137 60.27 124.61 64.62
C LEU VB 137 61.46 125.54 64.47
N SER VB 138 61.81 126.23 65.55
CA SER VB 138 62.91 127.18 65.51
C SER VB 138 64.24 126.45 65.55
N VAL VB 139 65.18 126.89 64.70
CA VAL VB 139 66.48 126.25 64.56
C VAL VB 139 67.48 127.29 65.07
N GLY VB 140 67.08 128.02 66.10
CA GLY VB 140 67.89 129.11 66.59
C GLY VB 140 67.21 130.44 66.32
N GLU VB 141 67.74 131.20 65.36
CA GLU VB 141 67.07 132.42 64.89
C GLU VB 141 66.20 132.19 63.68
N ALA VB 142 66.42 131.08 62.95
CA ALA VB 142 65.55 130.73 61.83
C ALA VB 142 64.36 129.94 62.34
N THR VB 143 63.16 130.41 62.01
CA THR VB 143 61.93 129.73 62.39
C THR VB 143 61.26 129.19 61.15
N ARG VB 144 60.88 127.92 61.17
CA ARG VB 144 60.23 127.27 60.03
C ARG VB 144 58.82 126.87 60.47
N THR VB 145 57.83 127.60 59.98
CA THR VB 145 56.45 127.46 60.44
C THR VB 145 55.70 126.54 59.49
N LEU VB 146 55.19 125.43 60.03
CA LEU VB 146 54.41 124.48 59.23
C LEU VB 146 52.93 124.64 59.53
N THR VB 147 52.15 124.86 58.47
CA THR VB 147 50.71 125.07 58.59
C THR VB 147 49.97 123.79 58.23
N GLU VB 148 48.84 123.57 58.88
CA GLU VB 148 48.09 122.33 58.71
C GLU VB 148 47.35 122.34 57.39
N ILE VB 149 47.45 121.22 56.65
CA ILE VB 149 46.81 121.11 55.35
C ILE VB 149 45.68 120.10 55.32
N GLN VB 150 45.62 119.17 56.28
CA GLN VB 150 44.60 118.14 56.29
C GLN VB 150 44.51 117.56 57.68
N SER VB 151 43.29 117.46 58.22
CA SER VB 151 43.05 116.87 59.54
C SER VB 151 41.99 115.79 59.35
N THR VB 152 42.45 114.58 59.02
CA THR VB 152 41.56 113.43 58.88
C THR VB 152 41.31 112.89 60.29
N ALA VB 153 40.43 111.90 60.44
CA ALA VB 153 40.13 111.35 61.77
C ALA VB 153 41.32 110.59 62.34
N ASP VB 154 42.21 110.09 61.48
CA ASP VB 154 43.42 109.42 61.93
C ASP VB 154 44.66 110.30 61.75
N ARG VB 155 44.89 110.81 60.54
CA ARG VB 155 46.10 111.57 60.27
C ARG VB 155 45.91 113.04 60.59
N GLN VB 156 47.05 113.75 60.64
CA GLN VB 156 47.04 115.20 60.82
C GLN VB 156 48.31 115.72 60.15
N ILE VB 157 48.19 116.16 58.90
CA ILE VB 157 49.34 116.47 58.06
C ILE VB 157 49.64 117.95 58.13
N PHE VB 158 50.89 118.28 58.43
CA PHE VB 158 51.39 119.64 58.39
C PHE VB 158 52.38 119.78 57.24
N GLU VB 159 52.62 121.02 56.83
CA GLU VB 159 53.45 121.28 55.67
C GLU VB 159 53.89 122.73 55.69
N GLU VB 160 55.15 122.98 55.33
CA GLU VB 160 55.62 124.34 55.15
C GLU VB 160 55.07 124.91 53.85
N LYS VB 161 55.06 126.23 53.75
CA LYS VB 161 54.38 126.89 52.63
C LYS VB 161 55.28 127.78 51.79
N VAL VB 162 56.47 128.12 52.26
CA VAL VB 162 57.37 128.95 51.46
C VAL VB 162 58.11 128.07 50.46
N GLY VB 163 58.63 128.70 49.41
CA GLY VB 163 59.44 128.01 48.43
C GLY VB 163 58.63 127.35 47.33
N PRO VB 164 59.24 126.43 46.60
CA PRO VB 164 58.53 125.73 45.52
C PRO VB 164 57.51 124.74 46.08
N LEU VB 165 56.69 124.22 45.17
CA LEU VB 165 55.62 123.31 45.55
C LEU VB 165 56.02 121.84 45.46
N VAL VB 166 57.18 121.54 44.87
CA VAL VB 166 57.52 120.14 44.65
C VAL VB 166 58.11 119.50 45.91
N GLY VB 167 58.98 120.21 46.64
CA GLY VB 167 59.55 119.66 47.85
C GLY VB 167 59.38 120.57 49.04
N ARG VB 168 58.59 120.14 50.02
CA ARG VB 168 58.35 120.93 51.21
C ARG VB 168 58.43 120.01 52.43
N LEU VB 169 58.49 120.64 53.61
CA LEU VB 169 58.52 119.89 54.85
C LEU VB 169 57.18 119.20 55.10
N ARG VB 170 57.21 118.15 55.90
CA ARG VB 170 56.02 117.38 56.21
C ARG VB 170 56.04 116.99 57.68
N LEU VB 171 54.85 116.81 58.24
CA LEU VB 171 54.71 116.31 59.61
C LEU VB 171 53.36 115.60 59.68
N THR VB 172 53.37 114.29 59.54
CA THR VB 172 52.13 113.51 59.54
C THR VB 172 52.00 112.83 60.90
N ALA VB 173 51.41 113.54 61.85
CA ALA VB 173 51.13 112.96 63.14
C ALA VB 173 49.93 112.01 63.06
N SER VB 174 49.83 111.13 64.05
CA SER VB 174 48.72 110.19 64.15
C SER VB 174 48.56 109.80 65.60
N LEU VB 175 47.44 109.14 65.88
CA LEU VB 175 47.12 108.72 67.25
C LEU VB 175 46.09 107.60 67.16
N ARG VB 176 46.43 106.44 67.71
CA ARG VB 176 45.56 105.28 67.66
C ARG VB 176 45.42 104.71 69.07
N GLN VB 177 44.57 103.69 69.19
CA GLN VB 177 44.54 102.84 70.37
C GLN VB 177 44.08 101.46 69.94
N ASN VB 178 44.97 100.47 70.08
CA ASN VB 178 44.72 99.13 69.61
C ASN VB 178 44.47 98.19 70.79
N GLY VB 179 43.53 97.27 70.60
CA GLY VB 179 43.19 96.30 71.62
C GLY VB 179 41.98 96.73 72.43
N ALA VB 180 41.96 96.37 73.70
CA ALA VB 180 40.84 96.72 74.57
C ALA VB 180 41.07 98.04 75.30
N LYS VB 181 41.42 99.07 74.51
CA LYS VB 181 41.56 100.47 74.96
C LYS VB 181 42.60 100.62 76.07
N THR VB 182 43.67 99.83 76.02
CA THR VB 182 44.67 99.83 77.07
C THR VB 182 45.91 100.66 76.74
N ALA VB 183 46.26 100.81 75.46
CA ALA VB 183 47.48 101.49 75.10
C ALA VB 183 47.25 102.38 73.89
N TYR VB 184 47.87 103.55 73.90
CA TYR VB 184 47.81 104.49 72.80
C TYR VB 184 49.00 104.28 71.87
N ARG VB 185 49.03 105.03 70.77
CA ARG VB 185 50.13 104.91 69.81
C ARG VB 185 50.28 106.24 69.08
N VAL VB 186 51.22 107.06 69.53
CA VAL VB 186 51.55 108.31 68.87
C VAL VB 186 52.56 108.02 67.76
N ASN VB 187 52.42 108.70 66.62
CA ASN VB 187 53.27 108.39 65.47
C ASN VB 187 53.55 109.69 64.70
N LEU VB 188 54.69 110.31 64.99
CA LEU VB 188 55.14 111.46 64.24
C LEU VB 188 56.10 111.03 63.13
N LYS VB 189 56.19 111.84 62.08
CA LYS VB 189 57.01 111.51 60.92
C LYS VB 189 57.32 112.78 60.16
N LEU VB 190 58.59 113.14 60.07
CA LEU VB 190 59.01 114.38 59.41
C LEU VB 190 59.78 114.04 58.14
N ASP VB 191 59.20 114.36 56.99
CA ASP VB 191 59.85 114.17 55.71
C ASP VB 191 60.58 115.44 55.29
N GLN VB 192 61.80 115.29 54.80
CA GLN VB 192 62.56 116.41 54.29
C GLN VB 192 63.16 116.01 52.95
N ALA VB 193 62.67 116.62 51.88
CA ALA VB 193 63.15 116.36 50.53
C ALA VB 193 64.11 117.46 50.12
N ASP VB 194 65.18 117.07 49.41
CA ASP VB 194 66.18 118.02 48.93
C ASP VB 194 65.84 118.41 47.49
N VAL VB 195 65.50 119.68 47.30
CA VAL VB 195 65.10 120.20 46.01
C VAL VB 195 66.22 121.08 45.47
N VAL VB 196 66.51 120.98 44.17
CA VAL VB 196 67.53 121.78 43.52
C VAL VB 196 66.95 122.38 42.26
N ASP VB 197 67.36 123.62 41.97
CA ASP VB 197 66.98 124.30 40.74
C ASP VB 197 68.21 124.62 39.92
N CYS VB 198 68.25 124.11 38.70
CA CYS VB 198 69.39 124.28 37.81
C CYS VB 198 69.04 125.14 36.61
N SER VB 199 68.17 126.14 36.81
CA SER VB 199 67.78 127.03 35.74
C SER VB 199 68.89 128.01 35.37
N THR VB 200 69.83 128.25 36.28
CA THR VB 200 70.96 129.11 35.94
C THR VB 200 72.01 128.36 35.14
N SER VB 201 71.93 127.02 35.10
CA SER VB 201 72.85 126.19 34.34
C SER VB 201 72.21 125.64 33.07
N VAL VB 202 71.09 124.93 33.20
CA VAL VB 202 70.38 124.38 32.06
C VAL VB 202 69.08 125.16 31.92
N CYS VB 203 68.83 125.69 30.72
CA CYS VB 203 67.61 126.44 30.45
C CYS VB 203 66.39 125.54 30.44
N GLY VB 204 65.27 126.10 30.88
CA GLY VB 204 64.01 125.39 30.89
C GLY VB 204 63.93 124.28 31.92
N GLU VB 205 64.73 124.36 32.99
CA GLU VB 205 64.74 123.34 34.03
C GLU VB 205 63.99 123.87 35.24
N LEU VB 206 62.88 123.23 35.56
CA LEU VB 206 62.09 123.52 36.74
C LEU VB 206 62.64 122.72 37.93
N PRO VB 207 62.38 123.16 39.17
CA PRO VB 207 62.94 122.44 40.34
C PRO VB 207 62.38 121.02 40.48
N LYS VB 208 63.22 120.16 41.02
CA LYS VB 208 62.86 118.76 41.25
C LYS VB 208 63.56 118.28 42.51
N VAL VB 209 63.10 117.16 43.03
CA VAL VB 209 63.62 116.60 44.28
C VAL VB 209 64.66 115.54 43.96
N ARG VB 210 65.72 115.50 44.76
CA ARG VB 210 66.74 114.47 44.61
C ARG VB 210 66.41 113.24 45.43
N TYR VB 211 66.29 113.40 46.75
CA TYR VB 211 66.08 112.30 47.68
C TYR VB 211 65.17 112.79 48.80
N THR VB 212 64.75 111.86 49.65
CA THR VB 212 64.02 112.19 50.87
C THR VB 212 64.68 111.51 52.05
N GLN VB 213 64.68 112.19 53.19
CA GLN VB 213 65.20 111.65 54.44
C GLN VB 213 64.15 111.84 55.53
N VAL VB 214 63.76 110.74 56.17
CA VAL VB 214 62.67 110.75 57.12
C VAL VB 214 63.24 110.63 58.53
N TRP VB 215 62.39 110.92 59.52
CA TRP VB 215 62.68 110.64 60.92
C TRP VB 215 61.33 110.35 61.58
N SER VB 216 60.97 109.08 61.63
CA SER VB 216 59.71 108.68 62.23
C SER VB 216 59.82 108.63 63.75
N HIS VB 217 58.68 108.52 64.40
CA HIS VB 217 58.60 108.28 65.83
C HIS VB 217 57.45 107.32 66.08
N ASP VB 218 57.56 106.55 67.16
CA ASP VB 218 56.49 105.61 67.51
C ASP VB 218 56.48 105.48 69.03
N VAL VB 219 55.63 106.29 69.67
CA VAL VB 219 55.51 106.30 71.12
C VAL VB 219 54.36 105.36 71.50
N THR VB 220 54.59 104.53 72.51
CA THR VB 220 53.58 103.63 73.04
C THR VB 220 53.29 104.04 74.48
N ILE VB 221 52.05 104.43 74.75
CA ILE VB 221 51.65 104.93 76.05
C ILE VB 221 50.44 104.12 76.50
N VAL VB 222 50.56 103.46 77.64
CA VAL VB 222 49.43 102.72 78.19
C VAL VB 222 48.48 103.70 78.86
N ALA VB 223 47.19 103.34 78.88
CA ALA VB 223 46.14 104.30 79.21
C ALA VB 223 46.10 104.62 80.70
N ASN VB 224 46.47 103.66 81.55
CA ASN VB 224 46.42 103.85 83.00
C ASN VB 224 47.76 104.29 83.59
N SER VB 225 48.54 105.07 82.84
CA SER VB 225 49.86 105.51 83.25
C SER VB 225 49.79 106.53 84.38
N THR VB 226 50.94 106.79 84.97
CA THR VB 226 51.12 107.93 85.84
C THR VB 226 51.52 109.12 84.97
N GLU VB 227 51.29 110.34 85.46
CA GLU VB 227 51.69 111.51 84.70
C GLU VB 227 53.21 111.66 84.68
N ALA VB 228 53.87 111.40 85.80
CA ALA VB 228 55.33 111.44 85.83
C ALA VB 228 55.97 110.26 85.12
N SER VB 229 55.19 109.23 84.79
CA SER VB 229 55.69 108.15 83.95
C SER VB 229 55.77 108.57 82.50
N ARG VB 230 54.79 109.35 82.02
CA ARG VB 230 54.83 109.85 80.66
C ARG VB 230 55.70 111.09 80.55
N LYS VB 231 55.84 111.85 81.63
CA LYS VB 231 56.66 113.05 81.60
C LYS VB 231 58.15 112.69 81.58
N SER VB 232 58.52 111.60 82.26
CA SER VB 232 59.92 111.19 82.29
C SER VB 232 60.32 110.50 80.98
N LEU VB 233 59.40 109.80 80.34
CA LEU VB 233 59.70 109.20 79.04
C LEU VB 233 59.92 110.25 77.97
N TYR VB 234 59.14 111.33 78.01
CA TYR VB 234 59.35 112.44 77.07
C TYR VB 234 60.65 113.15 77.36
N ASP VB 235 60.95 113.39 78.63
CA ASP VB 235 62.10 114.22 78.96
C ASP VB 235 63.41 113.46 78.85
N LEU VB 236 63.38 112.13 78.77
CA LEU VB 236 64.57 111.36 78.45
C LEU VB 236 64.83 111.35 76.96
N THR VB 237 63.77 111.20 76.15
CA THR VB 237 63.93 111.21 74.70
C THR VB 237 64.30 112.60 74.19
N LYS VB 238 63.79 113.65 74.84
CA LYS VB 238 64.25 115.00 74.55
C LYS VB 238 65.72 115.17 74.90
N SER VB 239 66.15 114.51 75.98
CA SER VB 239 67.55 114.55 76.37
C SER VB 239 68.41 113.56 75.60
N LEU VB 240 67.79 112.65 74.84
CA LEU VB 240 68.58 111.69 74.06
C LEU VB 240 68.94 112.27 72.70
N VAL VB 241 67.98 112.92 72.05
CA VAL VB 241 68.21 113.55 70.75
C VAL VB 241 69.18 114.72 70.88
N ALA VB 242 69.16 115.42 72.00
CA ALA VB 242 70.02 116.58 72.20
C ALA VB 242 71.46 116.22 72.55
N THR VB 243 71.80 114.94 72.65
CA THR VB 243 73.18 114.57 72.93
C THR VB 243 74.05 114.70 71.70
N SER VB 244 75.37 114.65 71.92
CA SER VB 244 76.31 114.76 70.82
C SER VB 244 76.58 113.42 70.15
N GLN VB 245 76.08 112.32 70.72
CA GLN VB 245 76.35 111.01 70.13
C GLN VB 245 75.29 110.63 69.11
N VAL VB 246 74.05 111.06 69.33
CA VAL VB 246 72.99 110.84 68.35
C VAL VB 246 73.08 111.86 67.22
N GLU VB 247 73.77 112.97 67.45
CA GLU VB 247 74.10 113.88 66.35
C GLU VB 247 75.06 113.22 65.37
N ASP VB 248 76.14 112.64 65.89
CA ASP VB 248 77.10 111.96 65.04
C ASP VB 248 76.58 110.62 64.50
N LEU VB 249 75.57 110.05 65.13
CA LEU VB 249 74.97 108.82 64.60
C LEU VB 249 74.17 109.10 63.34
N VAL VB 250 73.59 110.29 63.22
CA VAL VB 250 72.84 110.66 62.02
C VAL VB 250 73.73 111.34 60.99
N VAL VB 251 74.58 112.26 61.42
CA VAL VB 251 75.42 113.00 60.49
C VAL VB 251 76.55 112.11 59.96
N ASN VB 252 77.35 111.52 60.86
CA ASN VB 252 78.55 110.81 60.46
C ASN VB 252 78.47 109.30 60.62
N LEU VB 253 77.31 108.76 61.01
CA LEU VB 253 77.05 107.32 61.15
C LEU VB 253 77.98 106.64 62.17
N VAL VB 254 78.47 107.38 63.15
CA VAL VB 254 79.28 106.80 64.22
C VAL VB 254 78.31 106.14 65.21
N PRO VB 255 78.51 104.88 65.56
CA PRO VB 255 77.64 104.23 66.55
C PRO VB 255 77.78 104.83 67.94
N LEU VB 256 76.80 104.52 68.77
CA LEU VB 256 76.66 105.16 70.07
C LEU VB 256 77.67 104.61 71.08
N GLY VB 257 77.92 105.40 72.12
CA GLY VB 257 78.73 104.95 73.22
C GLY VB 257 80.20 105.31 73.13
N ARG VB 258 80.65 106.22 73.99
CA ARG VB 258 82.07 106.56 74.07
C ARG VB 258 82.62 106.19 75.45
N SER WB 1 -2.96 123.50 90.55
CA SER WB 1 -2.41 122.18 90.80
C SER WB 1 -0.92 122.26 91.11
N LYS WB 2 -0.13 121.43 90.45
CA LYS WB 2 1.32 121.39 90.63
C LYS WB 2 1.98 122.15 89.49
N THR WB 3 2.82 123.13 89.83
CA THR WB 3 3.33 124.07 88.86
C THR WB 3 4.86 124.06 88.80
N ILE WB 4 5.39 124.40 87.62
CA ILE WB 4 6.78 124.77 87.43
C ILE WB 4 6.81 126.20 86.91
N VAL WB 5 7.76 126.99 87.40
CA VAL WB 5 7.89 128.38 87.00
C VAL WB 5 9.19 128.54 86.23
N LEU WB 6 9.07 128.92 84.96
CA LEU WB 6 10.22 129.08 84.06
C LEU WB 6 10.39 130.56 83.76
N SER WB 7 11.12 131.26 84.62
CA SER WB 7 11.32 132.70 84.44
C SER WB 7 12.33 132.96 83.35
N VAL WB 8 11.98 133.84 82.41
CA VAL WB 8 12.78 134.12 81.22
C VAL WB 8 13.27 135.56 81.41
N GLY WB 9 13.55 135.91 82.65
CA GLY WB 9 13.88 137.28 83.00
C GLY WB 9 12.97 137.74 84.11
N GLU WB 10 12.09 138.69 83.82
CA GLU WB 10 10.98 138.99 84.71
C GLU WB 10 9.67 138.35 84.25
N ALA WB 11 9.59 137.93 83.00
CA ALA WB 11 8.42 137.21 82.51
C ALA WB 11 8.49 135.76 82.96
N THR WB 12 7.51 135.33 83.76
CA THR WB 12 7.44 133.98 84.29
C THR WB 12 6.34 133.23 83.57
N ARG WB 13 6.66 132.04 83.09
CA ARG WB 13 5.71 131.21 82.34
C ARG WB 13 5.42 129.95 83.15
N THR WB 14 4.24 129.90 83.75
CA THR WB 14 3.88 128.85 84.69
C THR WB 14 3.14 127.72 83.98
N LEU WB 15 3.74 126.53 84.00
CA LEU WB 15 3.10 125.34 83.46
C LEU WB 15 2.40 124.58 84.58
N THR WB 16 1.14 124.20 84.33
CA THR WB 16 0.38 123.44 85.32
C THR WB 16 0.22 122.01 84.82
N GLU WB 17 0.07 121.09 85.78
CA GLU WB 17 0.08 119.67 85.47
C GLU WB 17 -1.27 119.21 84.94
N ILE WB 18 -1.25 118.47 83.85
CA ILE WB 18 -2.47 117.92 83.25
C ILE WB 18 -2.52 116.40 83.28
N GLN WB 19 -1.47 115.73 83.74
CA GLN WB 19 -1.45 114.27 83.76
C GLN WB 19 -0.44 113.81 84.80
N SER WB 20 -0.76 112.71 85.48
CA SER WB 20 0.16 112.10 86.44
C SER WB 20 -0.08 110.59 86.42
N THR WB 21 0.69 109.88 85.61
CA THR WB 21 0.65 108.43 85.61
C THR WB 21 1.71 107.90 86.58
N ALA WB 22 2.03 106.62 86.48
CA ALA WB 22 3.04 106.03 87.35
C ALA WB 22 4.42 106.58 87.03
N ASP WB 23 4.72 106.79 85.76
CA ASP WB 23 6.00 107.37 85.36
C ASP WB 23 5.87 108.69 84.61
N ARG WB 24 4.96 108.78 83.63
CA ARG WB 24 4.84 109.99 82.84
C ARG WB 24 4.12 111.07 83.62
N GLN WB 25 4.43 112.33 83.30
CA GLN WB 25 3.96 113.46 84.08
C GLN WB 25 3.98 114.68 83.17
N ILE WB 26 2.82 115.06 82.65
CA ILE WB 26 2.71 116.05 81.59
C ILE WB 26 2.30 117.39 82.19
N PHE WB 27 3.01 118.44 81.81
CA PHE WB 27 2.69 119.80 82.19
C PHE WB 27 2.30 120.59 80.96
N GLU WB 28 1.62 121.72 81.17
CA GLU WB 28 1.15 122.54 80.07
C GLU WB 28 0.88 123.95 80.58
N GLU WB 29 1.19 124.94 79.75
CA GLU WB 29 0.83 126.32 80.04
C GLU WB 29 -0.64 126.53 79.70
N LYS WB 30 -1.28 127.47 80.38
CA LYS WB 30 -2.70 127.69 80.23
C LYS WB 30 -3.07 129.04 79.64
N VAL WB 31 -2.08 129.88 79.35
CA VAL WB 31 -2.36 131.21 78.80
C VAL WB 31 -2.37 131.12 77.27
N GLY WB 32 -3.44 131.62 76.66
CA GLY WB 32 -3.51 131.73 75.22
C GLY WB 32 -4.56 130.83 74.59
N PRO WB 33 -4.42 130.57 73.29
CA PRO WB 33 -5.35 129.65 72.61
C PRO WB 33 -5.23 128.21 73.07
N LEU WB 34 -6.19 127.38 72.68
CA LEU WB 34 -6.29 126.02 73.20
C LEU WB 34 -5.63 124.98 72.33
N VAL WB 35 -5.07 125.37 71.19
CA VAL WB 35 -4.58 124.37 70.23
C VAL WB 35 -3.06 124.21 70.30
N GLY WB 36 -2.31 125.28 70.56
CA GLY WB 36 -0.87 125.15 70.68
C GLY WB 36 -0.34 125.82 71.93
N ARG WB 37 0.22 125.01 72.83
CA ARG WB 37 0.76 125.49 74.09
C ARG WB 37 2.07 124.78 74.38
N LEU WB 38 2.76 125.24 75.42
CA LEU WB 38 3.96 124.54 75.89
C LEU WB 38 3.62 123.17 76.45
N ARG WB 39 4.62 122.31 76.49
CA ARG WB 39 4.44 120.95 76.94
C ARG WB 39 5.73 120.48 77.58
N LEU WB 40 5.60 119.67 78.62
CA LEU WB 40 6.77 119.18 79.36
C LEU WB 40 6.42 117.80 79.89
N THR WB 41 6.81 116.76 79.16
CA THR WB 41 6.46 115.39 79.54
C THR WB 41 7.65 114.80 80.27
N ALA WB 42 7.71 115.03 81.58
CA ALA WB 42 8.73 114.45 82.42
C ALA WB 42 8.47 112.95 82.61
N SER WB 43 9.51 112.25 83.02
CA SER WB 43 9.44 110.80 83.20
C SER WB 43 10.56 110.36 84.12
N LEU WB 44 10.45 109.13 84.60
CA LEU WB 44 11.47 108.51 85.44
C LEU WB 44 11.28 107.01 85.40
N ARG WB 45 12.38 106.27 85.34
CA ARG WB 45 12.34 104.83 85.21
C ARG WB 45 13.50 104.23 86.00
N GLN WB 46 13.54 102.90 86.04
CA GLN WB 46 14.75 102.18 86.47
C GLN WB 46 14.81 100.87 85.69
N ASN WB 47 15.52 100.88 84.59
CA ASN WB 47 15.54 99.75 83.66
C ASN WB 47 16.63 98.76 84.05
N GLY WB 48 16.41 97.50 83.69
CA GLY WB 48 17.35 96.44 83.98
C GLY WB 48 17.13 95.85 85.36
N ALA WB 49 18.22 95.51 86.04
CA ALA WB 49 18.15 94.93 87.39
C ALA WB 49 18.24 96.03 88.45
N LYS WB 50 17.42 97.06 88.28
CA LYS WB 50 17.18 98.13 89.26
C LYS WB 50 18.45 98.87 89.66
N THR WB 51 19.42 98.99 88.75
CA THR WB 51 20.70 99.57 89.09
C THR WB 51 20.93 100.96 88.51
N ALA WB 52 20.12 101.39 87.55
CA ALA WB 52 20.32 102.69 86.91
C ALA WB 52 18.96 103.31 86.61
N TYR WB 53 18.83 104.60 86.90
CA TYR WB 53 17.61 105.34 86.60
C TYR WB 53 17.71 105.98 85.22
N ARG WB 54 16.62 106.60 84.78
CA ARG WB 54 16.58 107.23 83.47
C ARG WB 54 15.57 108.37 83.52
N VAL WB 55 16.07 109.58 83.67
CA VAL WB 55 15.25 110.79 83.59
C VAL WB 55 15.10 111.17 82.13
N ASN WB 56 13.89 111.62 81.75
CA ASN WB 56 13.60 111.85 80.33
C ASN WB 56 12.61 113.00 80.23
N LEU WB 57 13.11 114.21 80.05
CA LEU WB 57 12.28 115.39 79.82
C LEU WB 57 12.10 115.63 78.33
N LYS WB 58 11.07 116.43 77.99
CA LYS WB 58 10.79 116.75 76.59
C LYS WB 58 9.99 118.05 76.56
N LEU WB 59 10.66 119.15 76.24
CA LEU WB 59 10.03 120.46 76.20
C LEU WB 59 9.60 120.77 74.77
N ASP WB 60 8.33 120.55 74.47
CA ASP WB 60 7.79 120.91 73.16
C ASP WB 60 7.47 122.39 73.11
N GLN WB 61 7.35 122.90 71.89
CA GLN WB 61 6.94 124.28 71.66
C GLN WB 61 6.37 124.38 70.25
N ALA WB 62 5.08 124.70 70.16
CA ALA WB 62 4.40 124.86 68.89
C ALA WB 62 4.24 126.35 68.58
N ASP WB 63 4.35 126.69 67.31
CA ASP WB 63 4.16 128.07 66.86
C ASP WB 63 2.79 128.17 66.21
N VAL WB 64 1.83 128.69 66.94
CA VAL WB 64 0.47 128.83 66.47
C VAL WB 64 0.31 130.19 65.82
N VAL WB 65 -0.46 130.24 64.73
CA VAL WB 65 -0.77 131.47 64.03
C VAL WB 65 -2.28 131.53 63.80
N ASP WB 66 -2.89 132.68 64.06
CA ASP WB 66 -4.30 132.89 63.82
C ASP WB 66 -4.48 134.19 63.04
N CYS WB 67 -4.98 134.07 61.81
CA CYS WB 67 -5.19 135.21 60.92
C CYS WB 67 -6.60 135.19 60.38
N SER WB 68 -7.59 135.07 61.28
CA SER WB 68 -8.98 135.30 60.92
C SER WB 68 -9.24 136.75 60.54
N THR WB 69 -8.38 137.68 60.94
CA THR WB 69 -8.49 139.07 60.51
C THR WB 69 -8.24 139.20 59.02
N SER WB 70 -7.24 138.49 58.50
CA SER WB 70 -6.87 138.64 57.09
C SER WB 70 -7.84 137.89 56.19
N VAL WB 71 -7.90 136.56 56.31
CA VAL WB 71 -8.85 135.75 55.57
C VAL WB 71 -10.03 135.46 56.49
N CYS WB 72 -11.24 135.62 55.97
CA CYS WB 72 -12.43 135.50 56.79
C CYS WB 72 -12.83 134.04 56.96
N GLY WB 73 -12.85 133.58 58.21
CA GLY WB 73 -13.42 132.29 58.53
C GLY WB 73 -12.46 131.18 58.82
N GLU WB 74 -11.21 131.48 59.18
CA GLU WB 74 -10.28 130.43 59.59
C GLU WB 74 -10.08 130.49 61.09
N LEU WB 75 -9.52 129.40 61.62
CA LEU WB 75 -9.33 129.20 63.04
C LEU WB 75 -7.84 129.16 63.34
N PRO WB 76 -7.41 129.29 64.60
CA PRO WB 76 -5.97 129.17 64.89
C PRO WB 76 -5.44 127.77 64.62
N LYS WB 77 -4.15 127.72 64.27
CA LYS WB 77 -3.52 126.52 63.74
C LYS WB 77 -2.03 126.64 63.95
N VAL WB 78 -1.37 125.50 64.21
CA VAL WB 78 0.07 125.48 64.46
C VAL WB 78 0.79 125.21 63.14
N ARG WB 79 1.92 125.89 62.92
CA ARG WB 79 2.74 125.62 61.76
C ARG WB 79 3.67 124.45 62.02
N TYR WB 80 4.56 124.61 63.01
CA TYR WB 80 5.61 123.65 63.27
C TYR WB 80 5.75 123.45 64.77
N THR WB 81 6.52 122.43 65.16
CA THR WB 81 6.87 122.18 66.54
C THR WB 81 8.37 122.01 66.67
N GLN WB 82 8.93 122.58 67.74
CA GLN WB 82 10.35 122.49 68.02
C GLN WB 82 10.53 121.97 69.44
N VAL WB 83 11.21 120.84 69.59
CA VAL WB 83 11.34 120.19 70.88
C VAL WB 83 12.78 120.34 71.38
N TRP WB 84 12.98 120.00 72.65
CA TRP WB 84 14.31 119.90 73.24
C TRP WB 84 14.23 118.78 74.27
N SER WB 85 14.57 117.57 73.86
CA SER WB 85 14.50 116.43 74.76
C SER WB 85 15.77 116.34 75.60
N HIS WB 86 15.67 115.60 76.70
CA HIS WB 86 16.79 115.31 77.58
C HIS WB 86 16.78 113.81 77.86
N ASP WB 87 17.94 113.27 78.19
CA ASP WB 87 18.04 111.85 78.54
C ASP WB 87 19.17 111.70 79.56
N VAL WB 88 18.80 111.74 80.82
CA VAL WB 88 19.77 111.66 81.90
C VAL WB 88 19.84 110.22 82.40
N THR WB 89 21.06 109.70 82.56
CA THR WB 89 21.27 108.35 83.05
C THR WB 89 22.01 108.43 84.37
N ILE WB 90 21.37 107.95 85.44
CA ILE WB 90 21.91 108.01 86.79
C ILE WB 90 21.98 106.60 87.33
N VAL WB 91 23.18 106.16 87.71
CA VAL WB 91 23.34 104.87 88.35
C VAL WB 91 23.03 105.01 89.84
N ALA WB 92 22.45 103.95 90.43
CA ALA WB 92 21.74 104.10 91.70
C ALA WB 92 22.69 104.21 92.89
N ASN WB 93 23.87 103.62 92.82
CA ASN WB 93 24.82 103.64 93.92
C ASN WB 93 25.82 104.79 93.82
N SER WB 94 25.40 105.92 93.27
CA SER WB 94 26.30 107.03 93.00
C SER WB 94 26.68 107.76 94.28
N THR WB 95 27.67 108.63 94.15
CA THR WB 95 27.97 109.63 95.15
C THR WB 95 27.07 110.84 94.91
N GLU WB 96 26.70 111.54 95.99
CA GLU WB 96 25.85 112.71 95.82
C GLU WB 96 26.60 113.86 95.15
N ALA WB 97 27.92 113.92 95.33
CA ALA WB 97 28.71 114.91 94.61
C ALA WB 97 28.89 114.54 93.14
N SER WB 98 28.69 113.28 92.79
CA SER WB 98 28.75 112.88 91.38
C SER WB 98 27.51 113.35 90.63
N ARG WB 99 26.34 113.20 91.25
CA ARG WB 99 25.10 113.65 90.64
C ARG WB 99 24.96 115.16 90.64
N LYS WB 100 25.58 115.84 91.60
CA LYS WB 100 25.52 117.29 91.64
C LYS WB 100 26.45 117.90 90.60
N SER WB 101 27.61 117.27 90.37
CA SER WB 101 28.56 117.80 89.39
C SER WB 101 28.05 117.60 87.97
N LEU WB 102 27.33 116.50 87.73
CA LEU WB 102 26.73 116.29 86.41
C LEU WB 102 25.65 117.31 86.13
N TYR WB 103 24.90 117.70 87.16
CA TYR WB 103 23.91 118.76 86.99
C TYR WB 103 24.57 120.11 86.82
N ASP WB 104 25.66 120.36 87.55
CA ASP WB 104 26.33 121.65 87.48
C ASP WB 104 27.10 121.86 86.18
N LEU WB 105 27.43 120.78 85.47
CA LEU WB 105 28.09 120.94 84.18
C LEU WB 105 27.08 121.17 83.07
N THR WB 106 25.93 120.51 83.12
CA THR WB 106 24.92 120.68 82.10
C THR WB 106 24.18 122.01 82.26
N LYS WB 107 24.03 122.47 83.50
CA LYS WB 107 23.44 123.79 83.75
C LYS WB 107 24.36 124.88 83.20
N SER WB 108 25.66 124.67 83.24
CA SER WB 108 26.61 125.62 82.66
C SER WB 108 26.87 125.36 81.18
N LEU WB 109 26.55 124.17 80.67
CA LEU WB 109 26.67 123.91 79.25
C LEU WB 109 25.62 124.67 78.47
N VAL WB 110 24.37 124.61 78.93
CA VAL WB 110 23.28 125.28 78.24
C VAL WB 110 23.40 126.79 78.37
N ALA WB 111 23.98 127.26 79.48
CA ALA WB 111 24.06 128.69 79.74
C ALA WB 111 25.22 129.38 79.03
N THR WB 112 25.99 128.68 78.21
CA THR WB 112 27.12 129.32 77.55
C THR WB 112 26.68 129.91 76.20
N SER WB 113 27.55 130.76 75.66
CA SER WB 113 27.26 131.45 74.41
C SER WB 113 27.55 130.60 73.17
N GLN WB 114 28.12 129.41 73.34
CA GLN WB 114 28.42 128.56 72.19
C GLN WB 114 27.29 127.60 71.89
N VAL WB 115 26.57 127.14 72.91
CA VAL WB 115 25.40 126.29 72.67
C VAL WB 115 24.22 127.15 72.24
N GLU WB 116 24.20 128.42 72.66
CA GLU WB 116 23.16 129.34 72.21
C GLU WB 116 23.22 129.58 70.70
N ASP WB 117 24.43 129.81 70.18
CA ASP WB 117 24.58 130.00 68.74
C ASP WB 117 24.42 128.70 67.96
N LEU WB 118 24.52 127.55 68.63
CA LEU WB 118 24.36 126.28 67.94
C LEU WB 118 22.90 125.99 67.60
N VAL WB 119 21.96 126.46 68.42
CA VAL WB 119 20.56 126.18 68.17
C VAL WB 119 19.88 127.37 67.52
N VAL WB 120 20.35 128.57 67.80
CA VAL WB 120 19.73 129.75 67.20
C VAL WB 120 20.26 130.00 65.80
N ASN WB 121 21.57 130.18 65.66
CA ASN WB 121 22.18 130.55 64.39
C ASN WB 121 22.93 129.40 63.73
N LEU WB 122 22.83 128.19 64.29
CA LEU WB 122 23.38 126.95 63.74
C LEU WB 122 24.91 126.97 63.58
N VAL WB 123 25.60 127.77 64.39
CA VAL WB 123 27.06 127.84 64.35
C VAL WB 123 27.63 126.63 65.09
N PRO WB 124 28.64 125.94 64.55
CA PRO WB 124 29.20 124.79 65.24
C PRO WB 124 29.97 125.18 66.50
N LEU WB 125 30.34 124.16 67.27
CA LEU WB 125 30.88 124.37 68.60
C LEU WB 125 32.38 124.62 68.55
N GLY WB 126 32.87 125.27 69.60
CA GLY WB 126 34.29 125.51 69.75
C GLY WB 126 34.77 126.80 69.12
N ARG WB 127 35.40 127.66 69.91
CA ARG WB 127 36.03 128.88 69.42
C ARG WB 127 37.46 128.90 69.91
N ALA WB 128 38.41 128.97 68.98
CA ALA WB 128 39.83 128.91 69.32
C ALA WB 128 40.29 130.30 69.73
N TYR WB 129 40.51 130.50 71.03
CA TYR WB 129 41.05 131.75 71.56
C TYR WB 129 42.49 131.48 72.01
N GLY WB 130 43.42 131.59 71.06
CA GLY WB 130 44.81 131.35 71.33
C GLY WB 130 45.13 129.90 71.67
N GLY WB 131 44.96 129.00 70.72
CA GLY WB 131 45.22 127.60 70.96
C GLY WB 131 44.30 126.68 70.19
N SER WB 132 43.70 125.70 70.87
CA SER WB 132 42.80 124.77 70.23
C SER WB 132 41.35 125.26 70.35
N LYS WB 133 40.45 124.57 69.67
CA LYS WB 133 39.03 124.85 69.78
C LYS WB 133 38.54 124.34 71.13
N THR WB 134 38.14 125.25 72.02
CA THR WB 134 37.84 124.92 73.39
C THR WB 134 36.45 125.42 73.78
N ILE WB 135 35.86 124.73 74.77
CA ILE WB 135 34.66 125.18 75.44
C ILE WB 135 34.98 125.29 76.92
N VAL WB 136 34.60 126.41 77.53
CA VAL WB 136 34.81 126.62 78.96
C VAL WB 136 33.48 126.40 79.66
N LEU WB 137 33.48 125.51 80.65
CA LEU WB 137 32.28 125.17 81.41
C LEU WB 137 32.54 125.55 82.87
N SER WB 138 32.31 126.81 83.21
CA SER WB 138 32.58 127.29 84.56
C SER WB 138 31.44 126.90 85.50
N VAL WB 139 31.81 126.43 86.69
CA VAL WB 139 30.85 126.00 87.69
C VAL WB 139 30.94 126.95 88.88
N GLY WB 140 31.23 128.22 88.60
CA GLY WB 140 31.55 129.20 89.61
C GLY WB 140 32.90 129.81 89.35
N GLU WB 141 33.89 129.51 90.19
CA GLU WB 141 35.26 129.92 89.92
C GLU WB 141 36.09 128.80 89.33
N ALA WB 142 35.65 127.55 89.45
CA ALA WB 142 36.33 126.45 88.77
C ALA WB 142 35.88 126.39 87.32
N THR WB 143 36.82 126.49 86.39
CA THR WB 143 36.54 126.45 84.98
C THR WB 143 37.14 125.16 84.40
N ARG WB 144 36.33 124.41 83.68
CA ARG WB 144 36.76 123.13 83.12
C ARG WB 144 36.76 123.25 81.60
N THR WB 145 37.96 123.37 81.03
CA THR WB 145 38.14 123.67 79.62
C THR WB 145 38.26 122.39 78.82
N LEU WB 146 37.32 122.14 77.91
CA LEU WB 146 37.33 120.95 77.09
C LEU WB 146 37.87 121.27 75.70
N THR WB 147 38.95 120.61 75.32
CA THR WB 147 39.61 120.84 74.03
C THR WB 147 39.15 119.80 73.02
N GLU WB 148 39.04 120.23 71.76
CA GLU WB 148 38.51 119.38 70.71
C GLU WB 148 39.55 118.35 70.28
N ILE WB 149 39.14 117.09 70.19
CA ILE WB 149 40.04 116.01 69.84
C ILE WB 149 39.76 115.42 68.47
N GLN WB 150 38.57 115.63 67.90
CA GLN WB 150 38.20 115.01 66.64
C GLN WB 150 36.99 115.74 66.08
N SER WB 151 37.09 116.19 64.82
CA SER WB 151 35.98 116.84 64.13
C SER WB 151 35.72 116.07 62.85
N THR WB 152 34.86 115.06 62.93
CA THR WB 152 34.47 114.26 61.78
C THR WB 152 33.38 115.07 61.05
N ALA WB 153 32.91 114.57 59.90
CA ALA WB 153 31.88 115.28 59.15
C ALA WB 153 30.54 115.24 59.88
N ASP WB 154 30.32 114.23 60.74
CA ASP WB 154 29.11 114.16 61.54
C ASP WB 154 29.35 114.55 63.00
N ARG WB 155 30.32 113.93 63.67
CA ARG WB 155 30.52 114.17 65.08
C ARG WB 155 31.50 115.32 65.31
N GLN WB 156 31.56 115.77 66.56
CA GLN WB 156 32.51 116.79 66.97
C GLN WB 156 32.78 116.56 68.46
N ILE WB 157 33.87 115.83 68.75
CA ILE WB 157 34.13 115.32 70.09
C ILE WB 157 35.04 116.27 70.82
N PHE WB 158 34.62 116.69 72.01
CA PHE WB 158 35.44 117.48 72.92
C PHE WB 158 35.80 116.62 74.13
N GLU WB 159 36.87 117.00 74.82
CA GLU WB 159 37.36 116.23 75.95
C GLU WB 159 38.28 117.09 76.78
N GLU WB 160 38.17 116.95 78.11
CA GLU WB 160 39.10 117.61 79.01
C GLU WB 160 40.45 116.91 78.95
N LYS WB 161 41.50 117.63 79.35
CA LYS WB 161 42.85 117.13 79.18
C LYS WB 161 43.65 117.03 80.47
N VAL WB 162 43.16 117.55 81.58
CA VAL WB 162 43.87 117.43 82.83
C VAL WB 162 43.45 116.14 83.55
N GLY WB 163 44.42 115.51 84.21
CA GLY WB 163 44.14 114.34 85.02
C GLY WB 163 44.59 113.05 84.38
N PRO WB 164 44.06 111.92 84.85
CA PRO WB 164 44.39 110.63 84.24
C PRO WB 164 43.75 110.50 82.86
N LEU WB 165 44.20 109.47 82.15
CA LEU WB 165 43.75 109.24 80.78
C LEU WB 165 42.58 108.28 80.69
N VAL WB 166 42.21 107.61 81.78
CA VAL WB 166 41.16 106.60 81.70
C VAL WB 166 39.77 107.21 81.80
N GLY WB 167 39.59 108.24 82.64
CA GLY WB 167 38.29 108.86 82.77
C GLY WB 167 38.35 110.36 82.65
N ARG WB 168 37.72 110.90 81.62
CA ARG WB 168 37.71 112.33 81.37
C ARG WB 168 36.33 112.75 80.89
N LEU WB 169 36.09 114.06 80.92
CA LEU WB 169 34.84 114.60 80.41
C LEU WB 169 34.76 114.43 78.89
N ARG WB 170 33.53 114.32 78.39
CA ARG WB 170 33.31 114.15 76.97
C ARG WB 170 32.18 115.08 76.54
N LEU WB 171 32.18 115.42 75.25
CA LEU WB 171 31.11 116.23 74.69
C LEU WB 171 31.07 115.90 73.20
N THR WB 172 30.13 115.05 72.81
CA THR WB 172 30.01 114.63 71.41
C THR WB 172 28.81 115.34 70.80
N ALA WB 173 29.06 116.52 70.25
CA ALA WB 173 28.00 117.24 69.54
C ALA WB 173 27.81 116.65 68.16
N SER WB 174 26.66 116.97 67.57
CA SER WB 174 26.34 116.51 66.22
C SER WB 174 25.35 117.47 65.59
N LEU WB 175 25.09 117.26 64.31
CA LEU WB 175 24.17 118.10 63.54
C LEU WB 175 23.77 117.33 62.29
N ARG WB 176 22.47 117.13 62.10
CA ARG WB 176 21.95 116.39 60.97
C ARG WB 176 20.81 117.17 60.34
N GLN WB 177 20.32 116.66 59.21
CA GLN WB 177 19.03 117.09 58.66
C GLN WB 177 18.44 115.91 57.90
N ASN WB 178 17.32 115.40 58.38
CA ASN WB 178 16.69 114.22 57.81
C ASN WB 178 15.44 114.60 57.05
N GLY WB 179 15.23 113.94 55.92
CA GLY WB 179 14.08 114.20 55.09
C GLY WB 179 14.41 115.11 53.93
N ALA WB 180 13.45 115.95 53.53
CA ALA WB 180 13.66 116.87 52.41
C ALA WB 180 14.19 118.22 52.87
N LYS WB 181 15.28 118.18 53.65
CA LYS WB 181 16.03 119.35 54.09
C LYS WB 181 15.17 120.35 54.87
N THR WB 182 14.22 119.85 55.65
CA THR WB 182 13.24 120.72 56.29
C THR WB 182 13.41 120.82 57.80
N ALA WB 183 14.16 119.92 58.43
CA ALA WB 183 14.31 119.95 59.88
C ALA WB 183 15.72 119.53 60.26
N TYR WB 184 16.32 120.28 61.18
CA TYR WB 184 17.65 119.97 61.68
C TYR WB 184 17.55 119.08 62.92
N ARG WB 185 18.71 118.64 63.42
CA ARG WB 185 18.74 117.79 64.61
C ARG WB 185 20.06 118.03 65.33
N VAL WB 186 20.03 118.88 66.36
CA VAL WB 186 21.19 119.11 67.21
C VAL WB 186 21.20 118.03 68.28
N ASN WB 187 22.39 117.52 68.60
CA ASN WB 187 22.49 116.36 69.50
C ASN WB 187 23.75 116.50 70.34
N LEU WB 188 23.63 117.04 71.55
CA LEU WB 188 24.72 117.10 72.49
C LEU WB 188 24.65 115.91 73.46
N LYS WB 189 25.80 115.57 74.03
CA LYS WB 189 25.89 114.45 74.97
C LYS WB 189 27.14 114.62 75.81
N LEU WB 190 26.98 114.65 77.12
CA LEU WB 190 28.09 114.90 78.04
C LEU WB 190 28.26 113.69 78.95
N ASP WB 191 29.32 112.93 78.73
CA ASP WB 191 29.66 111.80 79.58
C ASP WB 191 30.57 112.24 80.71
N GLN WB 192 30.31 111.73 81.91
CA GLN WB 192 31.15 112.01 83.07
C GLN WB 192 31.37 110.71 83.81
N ALA WB 193 32.60 110.20 83.76
CA ALA WB 193 32.96 108.96 84.42
C ALA WB 193 33.62 109.26 85.76
N ASP WB 194 33.35 108.43 86.75
CA ASP WB 194 33.91 108.60 88.09
C ASP WB 194 35.15 107.73 88.21
N VAL WB 195 36.31 108.36 88.28
CA VAL WB 195 37.58 107.65 88.40
C VAL WB 195 38.00 107.68 89.87
N VAL WB 196 38.63 106.60 90.32
CA VAL WB 196 39.14 106.51 91.69
C VAL WB 196 40.45 105.70 91.64
N ASP WB 197 41.39 106.09 92.49
CA ASP WB 197 42.63 105.33 92.64
C ASP WB 197 42.81 104.91 94.09
N CYS WB 198 43.35 103.71 94.29
CA CYS WB 198 43.54 103.15 95.61
C CYS WB 198 45.01 102.87 95.88
N SER WB 199 45.91 103.62 95.24
CA SER WB 199 47.34 103.40 95.38
C SER WB 199 47.85 103.81 96.75
N THR WB 200 47.14 104.68 97.47
CA THR WB 200 47.49 104.97 98.85
C THR WB 200 47.01 103.88 99.78
N SER WB 201 46.11 103.01 99.32
CA SER WB 201 45.57 101.92 100.11
C SER WB 201 46.18 100.56 99.73
N VAL WB 202 46.06 100.18 98.47
CA VAL WB 202 46.62 98.93 97.97
C VAL WB 202 47.67 99.25 96.91
N CYS WB 203 48.84 98.63 97.02
CA CYS WB 203 49.92 98.91 96.09
C CYS WB 203 49.65 98.34 94.71
N GLY WB 204 50.28 98.97 93.72
CA GLY WB 204 50.24 98.50 92.35
C GLY WB 204 48.90 98.64 91.67
N GLU WB 205 48.02 99.50 92.17
CA GLU WB 205 46.70 99.68 91.59
C GLU WB 205 46.66 101.03 90.90
N LEU WB 206 46.40 101.01 89.60
CA LEU WB 206 46.29 102.18 88.77
C LEU WB 206 44.83 102.67 88.76
N PRO WB 207 44.60 103.95 88.42
CA PRO WB 207 43.21 104.46 88.41
C PRO WB 207 42.32 103.75 87.41
N LYS WB 208 41.03 103.68 87.76
CA LYS WB 208 40.03 103.03 86.93
C LYS WB 208 38.69 103.71 87.17
N VAL WB 209 37.77 103.51 86.23
CA VAL WB 209 36.45 104.13 86.30
C VAL WB 209 35.49 103.20 87.01
N ARG WB 210 34.53 103.78 87.72
CA ARG WB 210 33.48 102.99 88.37
C ARG WB 210 32.24 102.91 87.50
N TYR WB 211 31.65 104.07 87.18
CA TYR WB 211 30.42 104.16 86.41
C TYR WB 211 30.51 105.38 85.51
N THR WB 212 29.52 105.53 84.63
CA THR WB 212 29.40 106.73 83.81
C THR WB 212 27.97 107.26 83.94
N GLN WB 213 27.83 108.57 83.87
CA GLN WB 213 26.53 109.22 83.93
C GLN WB 213 26.39 110.18 82.76
N VAL WB 214 25.29 110.05 82.04
CA VAL WB 214 25.10 110.73 80.77
C VAL WB 214 24.03 111.81 80.94
N TRP WB 215 24.18 112.91 80.20
CA TRP WB 215 23.10 113.89 80.04
C TRP WB 215 23.10 114.28 78.56
N SER WB 216 22.28 113.57 77.79
CA SER WB 216 22.16 113.85 76.37
C SER WB 216 21.12 114.94 76.12
N HIS WB 217 21.14 115.48 74.90
CA HIS WB 217 20.12 116.42 74.44
C HIS WB 217 19.75 116.04 73.02
N ASP WB 218 18.56 116.42 72.59
CA ASP WB 218 18.11 116.14 71.23
C ASP WB 218 17.17 117.27 70.82
N VAL WB 219 17.70 118.26 70.15
CA VAL WB 219 16.95 119.46 69.75
C VAL WB 219 16.48 119.25 68.31
N THR WB 220 15.20 119.52 68.07
CA THR WB 220 14.62 119.44 66.75
C THR WB 220 14.25 120.85 66.31
N ILE WB 221 14.84 121.31 65.20
CA ILE WB 221 14.63 122.66 64.70
C ILE WB 221 14.24 122.55 63.23
N VAL WB 222 13.09 123.10 62.88
CA VAL WB 222 12.67 123.13 61.48
C VAL WB 222 13.40 124.25 60.76
N ALA WB 223 13.61 124.08 59.45
CA ALA WB 223 14.54 124.91 58.71
C ALA WB 223 13.99 126.32 58.46
N ASN WB 224 12.68 126.45 58.31
CA ASN WB 224 12.06 127.73 58.00
C ASN WB 224 11.51 128.44 59.23
N SER WB 225 12.19 128.30 60.37
CA SER WB 225 11.74 128.84 61.64
C SER WB 225 11.87 130.36 61.68
N THR WB 226 11.28 130.94 62.71
CA THR WB 226 11.53 132.32 63.08
C THR WB 226 12.72 132.33 64.03
N GLU WB 227 13.49 133.42 64.03
CA GLU WB 227 14.62 133.51 64.95
C GLU WB 227 14.16 133.59 66.39
N ALA WB 228 13.09 134.33 66.67
CA ALA WB 228 12.55 134.39 68.02
C ALA WB 228 11.82 133.11 68.41
N SER WB 229 11.54 132.22 67.45
CA SER WB 229 11.00 130.91 67.79
C SER WB 229 12.10 129.97 68.26
N ARG WB 230 13.31 130.12 67.72
CA ARG WB 230 14.43 129.32 68.19
C ARG WB 230 15.08 129.93 69.43
N LYS WB 231 15.00 131.25 69.57
CA LYS WB 231 15.61 131.91 70.72
C LYS WB 231 14.78 131.68 71.97
N SER WB 232 13.45 131.62 71.83
CA SER WB 232 12.60 131.38 72.99
C SER WB 232 12.62 129.93 73.42
N LEU WB 233 12.85 129.00 72.48
CA LEU WB 233 13.00 127.59 72.85
C LEU WB 233 14.29 127.38 73.64
N TYR WB 234 15.35 128.08 73.27
CA TYR WB 234 16.60 128.01 74.03
C TYR WB 234 16.45 128.64 75.41
N ASP WB 235 15.79 129.81 75.46
CA ASP WB 235 15.63 130.52 76.72
C ASP WB 235 14.71 129.80 77.70
N LEU WB 236 13.78 128.98 77.22
CA LEU WB 236 12.95 128.20 78.12
C LEU WB 236 13.70 126.99 78.65
N THR WB 237 14.51 126.33 77.81
CA THR WB 237 15.29 125.19 78.27
C THR WB 237 16.42 125.62 79.18
N LYS WB 238 17.01 126.79 78.92
CA LYS WB 238 18.04 127.33 79.83
C LYS WB 238 17.44 127.67 81.18
N SER WB 239 16.21 128.16 81.20
CA SER WB 239 15.52 128.45 82.45
C SER WB 239 14.88 127.22 83.07
N LEU WB 240 14.78 126.11 82.34
CA LEU WB 240 14.24 124.89 82.92
C LEU WB 240 15.30 124.14 83.70
N VAL WB 241 16.51 124.03 83.15
CA VAL WB 241 17.61 123.36 83.82
C VAL WB 241 18.04 124.13 85.07
N ALA WB 242 17.91 125.45 85.04
CA ALA WB 242 18.33 126.26 86.17
C ALA WB 242 17.33 126.30 87.32
N THR WB 243 16.22 125.56 87.22
CA THR WB 243 15.25 125.56 88.31
C THR WB 243 15.71 124.65 89.45
N SER WB 244 15.01 124.74 90.57
CA SER WB 244 15.31 123.92 91.73
C SER WB 244 14.61 122.57 91.70
N GLN WB 245 13.71 122.36 90.73
CA GLN WB 245 12.98 121.10 90.67
C GLN WB 245 13.68 120.08 89.80
N VAL WB 246 14.32 120.54 88.71
CA VAL WB 246 15.12 119.64 87.88
C VAL WB 246 16.45 119.35 88.55
N GLU WB 247 16.86 120.17 89.52
CA GLU WB 247 18.01 119.83 90.35
C GLU WB 247 17.69 118.61 91.21
N ASP WB 248 16.58 118.65 91.94
CA ASP WB 248 16.19 117.53 92.79
C ASP WB 248 15.70 116.33 91.99
N LEU WB 249 15.32 116.52 90.73
CA LEU WB 249 14.96 115.38 89.89
C LEU WB 249 16.19 114.56 89.52
N VAL WB 250 17.34 115.21 89.40
CA VAL WB 250 18.58 114.50 89.07
C VAL WB 250 19.31 114.07 90.33
N VAL WB 251 19.41 114.94 91.33
CA VAL WB 251 20.16 114.62 92.53
C VAL WB 251 19.39 113.66 93.43
N ASN WB 252 18.15 114.00 93.78
CA ASN WB 252 17.39 113.23 94.75
C ASN WB 252 16.20 112.48 94.16
N LEU WB 253 16.02 112.51 92.84
CA LEU WB 253 14.97 111.78 92.10
C LEU WB 253 13.56 112.17 92.52
N VAL WB 254 13.36 113.40 92.97
CA VAL WB 254 12.03 113.90 93.28
C VAL WB 254 11.35 114.27 91.97
N PRO WB 255 10.14 113.78 91.70
CA PRO WB 255 9.43 114.18 90.48
C PRO WB 255 9.04 115.65 90.50
N LEU WB 256 8.74 116.16 89.31
CA LEU WB 256 8.55 117.59 89.11
C LEU WB 256 7.19 118.05 89.64
N GLY WB 257 7.07 119.36 89.82
CA GLY WB 257 5.83 119.97 90.22
C GLY WB 257 5.65 120.11 91.71
N ARG WB 258 5.49 121.34 92.18
CA ARG WB 258 5.20 121.60 93.59
C ARG WB 258 3.97 122.49 93.73
N SER XB 1 145.05 46.97 51.13
CA SER XB 1 144.90 46.17 49.92
C SER XB 1 144.67 47.08 48.70
N LYS XB 2 143.41 47.25 48.34
CA LYS XB 2 143.01 48.07 47.20
C LYS XB 2 142.64 49.46 47.69
N THR XB 3 143.37 50.46 47.24
CA THR XB 3 143.27 51.80 47.81
C THR XB 3 143.08 52.86 46.73
N ILE XB 4 142.37 53.91 47.10
CA ILE XB 4 142.35 55.18 46.38
C ILE XB 4 142.89 56.24 47.33
N VAL XB 5 143.83 57.05 46.85
CA VAL XB 5 144.45 58.08 47.66
C VAL XB 5 143.97 59.44 47.18
N LEU XB 6 143.33 60.19 48.07
CA LEU XB 6 142.79 61.51 47.77
C LEU XB 6 143.64 62.54 48.51
N SER XB 7 144.48 63.25 47.77
CA SER XB 7 145.33 64.28 48.38
C SER XB 7 144.60 65.61 48.39
N VAL XB 8 144.57 66.25 49.55
CA VAL XB 8 143.84 67.50 49.75
C VAL XB 8 144.91 68.55 50.00
N GLY XB 9 146.03 68.40 49.30
CA GLY XB 9 147.18 69.26 49.52
C GLY XB 9 148.38 68.42 49.94
N GLU XB 10 148.82 68.58 51.18
CA GLU XB 10 149.83 67.70 51.75
C GLU XB 10 149.23 66.56 52.56
N ALA XB 11 147.96 66.66 52.94
CA ALA XB 11 147.30 65.58 53.67
C ALA XB 11 146.62 64.63 52.70
N THR XB 12 146.85 63.34 52.86
CA THR XB 12 146.27 62.31 52.01
C THR XB 12 145.30 61.48 52.83
N ARG XB 13 144.10 61.26 52.30
CA ARG XB 13 143.07 60.47 52.96
C ARG XB 13 142.89 59.19 52.16
N THR XB 14 143.47 58.10 52.65
CA THR XB 14 143.53 56.84 51.92
C THR XB 14 142.27 56.02 52.22
N LEU XB 15 141.43 55.84 51.21
CA LEU XB 15 140.29 54.95 51.29
C LEU XB 15 140.71 53.53 50.95
N THR XB 16 140.08 52.56 51.61
CA THR XB 16 140.33 51.15 51.32
C THR XB 16 139.03 50.47 50.94
N GLU XB 17 139.14 49.46 50.08
CA GLU XB 17 137.96 48.74 49.60
C GLU XB 17 137.48 47.76 50.66
N ILE XB 18 136.19 47.82 50.97
CA ILE XB 18 135.60 46.97 52.01
C ILE XB 18 134.57 45.99 51.45
N GLN XB 19 134.11 46.15 50.22
CA GLN XB 19 133.06 45.31 49.67
C GLN XB 19 133.12 45.39 48.15
N SER XB 20 132.99 44.24 47.50
CA SER XB 20 133.09 44.19 46.04
C SER XB 20 132.05 43.21 45.53
N THR XB 21 131.00 43.74 44.91
CA THR XB 21 129.97 42.94 44.27
C THR XB 21 130.43 42.76 42.82
N ALA XB 22 129.54 42.31 41.92
CA ALA XB 22 129.87 42.20 40.51
C ALA XB 22 130.19 43.55 39.90
N ASP XB 23 129.30 44.52 40.08
CA ASP XB 23 129.49 45.87 39.57
C ASP XB 23 129.71 46.90 40.67
N ARG XB 24 128.95 46.83 41.76
CA ARG XB 24 129.08 47.77 42.85
C ARG XB 24 130.37 47.51 43.63
N GLN XB 25 130.95 48.59 44.16
CA GLN XB 25 132.29 48.52 44.73
C GLN XB 25 132.40 49.63 45.76
N ILE XB 26 132.48 49.26 47.03
CA ILE XB 26 132.39 50.20 48.14
C ILE XB 26 133.76 50.38 48.78
N PHE XB 27 134.24 51.62 48.83
CA PHE XB 27 135.46 51.99 49.52
C PHE XB 27 135.11 52.70 50.82
N GLU XB 28 136.08 52.76 51.72
CA GLU XB 28 135.88 53.37 53.03
C GLU XB 28 137.22 53.76 53.62
N GLU XB 29 137.22 54.82 54.41
CA GLU XB 29 138.41 55.23 55.15
C GLU XB 29 138.40 54.60 56.53
N LYS XB 30 139.46 53.85 56.83
CA LYS XB 30 139.52 53.05 58.05
C LYS XB 30 140.11 53.79 59.24
N VAL XB 31 140.05 55.12 59.27
CA VAL XB 31 140.61 55.87 60.37
C VAL XB 31 139.49 56.45 61.23
N GLY XB 32 139.52 56.15 62.52
CA GLY XB 32 138.58 56.72 63.45
C GLY XB 32 137.53 55.74 63.93
N PRO XB 33 136.44 56.26 64.50
CA PRO XB 33 135.36 55.37 64.96
C PRO XB 33 134.59 54.71 63.84
N LEU XB 34 133.65 53.83 64.19
CA LEU XB 34 132.93 53.03 63.22
C LEU XB 34 131.65 53.66 62.73
N VAL XB 35 131.22 54.77 63.32
CA VAL XB 35 129.87 55.26 63.06
C VAL XB 35 129.78 56.10 61.78
N GLY XB 36 130.73 57.01 61.53
CA GLY XB 36 130.69 57.77 60.31
C GLY XB 36 132.05 57.90 59.67
N ARG XB 37 132.19 57.37 58.46
CA ARG XB 37 133.45 57.39 57.74
C ARG XB 37 133.20 57.86 56.32
N LEU XB 38 134.28 58.21 55.63
CA LEU XB 38 134.20 58.49 54.20
C LEU XB 38 133.78 57.24 53.44
N ARG XB 39 133.01 57.45 52.38
CA ARG XB 39 132.44 56.36 51.61
C ARG XB 39 132.57 56.69 50.14
N LEU XB 40 132.75 55.66 49.33
CA LEU XB 40 132.88 55.86 47.89
C LEU XB 40 132.31 54.62 47.22
N THR XB 41 131.16 54.78 46.56
CA THR XB 41 130.43 53.67 45.97
C THR XB 41 130.52 53.79 44.45
N ALA XB 42 131.49 53.11 43.86
CA ALA XB 42 131.60 53.07 42.42
C ALA XB 42 130.67 52.01 41.84
N SER XB 43 130.35 52.16 40.56
CA SER XB 43 129.48 51.22 39.87
C SER XB 43 129.79 51.29 38.39
N LEU XB 44 129.32 50.28 37.64
CA LEU XB 44 129.47 50.24 36.20
C LEU XB 44 128.46 49.24 35.65
N ARG XB 45 127.56 49.73 34.81
CA ARG XB 45 126.53 48.88 34.21
C ARG XB 45 126.60 49.02 32.69
N GLN XB 46 125.68 48.35 32.00
CA GLN XB 46 125.42 48.66 30.60
C GLN XB 46 123.93 48.41 30.35
N ASN XB 47 123.17 49.48 30.18
CA ASN XB 47 121.72 49.41 30.10
C ASN XB 47 121.28 49.23 28.66
N GLY XB 48 120.22 48.43 28.49
CA GLY XB 48 119.62 48.23 27.18
C GLY XB 48 120.28 47.12 26.38
N ALA XB 49 120.47 47.36 25.09
CA ALA XB 49 121.01 46.33 24.19
C ALA XB 49 122.52 46.46 24.05
N LYS XB 50 123.20 46.53 25.20
CA LYS XB 50 124.66 46.53 25.33
C LYS XB 50 125.31 47.67 24.56
N THR XB 51 124.68 48.84 24.53
CA THR XB 51 125.15 49.94 23.70
C THR XB 51 125.68 51.14 24.47
N ALA XB 52 125.43 51.24 25.78
CA ALA XB 52 125.86 52.40 26.54
C ALA XB 52 126.14 51.98 27.98
N TYR XB 53 127.30 52.38 28.48
CA TYR XB 53 127.68 52.11 29.85
C TYR XB 53 127.19 53.23 30.78
N ARG XB 54 127.29 52.98 32.08
CA ARG XB 54 126.79 53.94 33.07
C ARG XB 54 127.68 53.85 34.31
N VAL XB 55 128.63 54.77 34.42
CA VAL XB 55 129.47 54.86 35.60
C VAL XB 55 128.74 55.71 36.64
N ASN XB 56 128.86 55.35 37.91
CA ASN XB 56 128.08 56.02 38.96
C ASN XB 56 128.91 56.05 40.23
N LEU XB 57 129.58 57.16 40.47
CA LEU XB 57 130.29 57.37 41.73
C LEU XB 57 129.41 58.12 42.72
N LYS XB 58 129.71 57.94 44.00
CA LYS XB 58 128.94 58.60 45.06
C LYS XB 58 129.86 58.69 46.28
N LEU XB 59 130.26 59.90 46.62
CA LEU XB 59 131.16 60.16 47.74
C LEU XB 59 130.35 60.71 48.91
N ASP XB 60 130.15 59.88 49.94
CA ASP XB 60 129.45 60.33 51.13
C ASP XB 60 130.43 60.99 52.08
N GLN XB 61 129.90 61.80 52.98
CA GLN XB 61 130.71 62.39 54.04
C GLN XB 61 129.82 62.70 55.22
N ALA XB 62 129.97 61.95 56.30
CA ALA XB 62 129.23 62.17 57.53
C ALA XB 62 130.05 63.04 58.47
N ASP XB 63 129.38 63.98 59.13
CA ASP XB 63 130.04 64.87 60.09
C ASP XB 63 129.79 64.33 61.49
N VAL XB 64 130.76 63.62 62.04
CA VAL XB 64 130.63 63.05 63.37
C VAL XB 64 131.20 64.04 64.39
N VAL XB 65 130.73 63.89 65.63
CA VAL XB 65 131.24 64.66 66.75
C VAL XB 65 131.18 63.77 67.98
N ASP XB 66 132.25 63.78 68.77
CA ASP XB 66 132.37 62.92 69.95
C ASP XB 66 132.32 63.82 71.16
N CYS XB 67 131.16 63.86 71.82
CA CYS XB 67 130.87 64.81 72.89
C CYS XB 67 130.96 64.13 74.24
N SER XB 68 131.82 63.13 74.35
CA SER XB 68 131.92 62.36 75.59
C SER XB 68 132.66 63.09 76.70
N THR XB 69 133.58 64.00 76.34
CA THR XB 69 134.37 64.68 77.37
C THR XB 69 133.56 65.77 78.05
N SER XB 70 132.78 66.52 77.28
CA SER XB 70 131.96 67.57 77.87
C SER XB 70 130.71 67.01 78.51
N VAL XB 71 129.86 66.38 77.71
CA VAL XB 71 128.66 65.72 78.22
C VAL XB 71 129.04 64.30 78.63
N CYS XB 72 128.79 63.96 79.89
CA CYS XB 72 129.21 62.66 80.39
C CYS XB 72 128.26 61.57 79.93
N GLY XB 73 128.82 60.51 79.34
CA GLY XB 73 128.07 59.31 79.06
C GLY XB 73 127.37 59.24 77.73
N GLU XB 74 127.90 59.88 76.69
CA GLU XB 74 127.32 59.75 75.36
C GLU XB 74 128.38 59.47 74.32
N LEU XB 75 127.93 58.97 73.18
CA LEU XB 75 128.76 58.33 72.16
C LEU XB 75 128.90 59.25 70.95
N PRO XB 76 129.85 59.01 70.05
CA PRO XB 76 129.87 59.75 68.79
C PRO XB 76 128.66 59.46 67.93
N LYS XB 77 128.23 60.48 67.19
CA LYS XB 77 126.99 60.42 66.43
C LYS XB 77 127.16 61.24 65.16
N VAL XB 78 126.36 60.92 64.16
CA VAL XB 78 126.40 61.61 62.87
C VAL XB 78 125.42 62.77 62.92
N ARG XB 79 125.94 63.99 62.75
CA ARG XB 79 125.07 65.16 62.75
C ARG XB 79 124.34 65.31 61.43
N TYR XB 80 125.07 65.23 60.31
CA TYR XB 80 124.47 65.36 59.00
C TYR XB 80 125.33 64.61 57.98
N THR XB 81 124.84 64.54 56.75
CA THR XB 81 125.51 63.82 55.68
C THR XB 81 125.41 64.62 54.39
N GLN XB 82 126.55 64.84 53.75
CA GLN XB 82 126.62 65.58 52.50
C GLN XB 82 127.28 64.71 51.44
N VAL XB 83 126.61 64.53 50.31
CA VAL XB 83 127.09 63.63 49.27
C VAL XB 83 127.45 64.45 48.03
N TRP XB 84 128.19 63.82 47.12
CA TRP XB 84 128.45 64.37 45.79
C TRP XB 84 128.46 63.18 44.84
N SER XB 85 127.37 63.02 44.09
CA SER XB 85 127.27 61.90 43.18
C SER XB 85 127.79 62.28 41.79
N HIS XB 86 128.02 61.27 40.97
CA HIS XB 86 128.31 61.44 39.57
C HIS XB 86 127.51 60.41 38.80
N ASP XB 87 127.20 60.71 37.53
CA ASP XB 87 126.47 59.78 36.68
C ASP XB 87 126.94 60.01 35.24
N VAL XB 88 127.91 59.23 34.82
CA VAL XB 88 128.51 59.37 33.50
C VAL XB 88 127.82 58.42 32.55
N THR XB 89 127.50 58.88 31.35
CA THR XB 89 126.95 58.05 30.29
C THR XB 89 127.96 57.96 29.17
N ILE XB 90 128.41 56.74 28.87
CA ILE XB 90 129.40 56.48 27.84
C ILE XB 90 128.79 55.50 26.86
N VAL XB 91 128.74 55.88 25.58
CA VAL XB 91 128.25 54.97 24.55
C VAL XB 91 129.39 54.06 24.11
N ALA XB 92 129.04 52.83 23.73
CA ALA XB 92 130.01 51.75 23.62
C ALA XB 92 130.94 51.90 22.43
N ASN XB 93 130.45 52.44 21.31
CA ASN XB 93 131.24 52.58 20.09
C ASN XB 93 131.92 53.94 20.00
N SER XB 94 132.31 54.51 21.14
CA SER XB 94 132.88 55.84 21.21
C SER XB 94 134.28 55.89 20.60
N THR XB 95 134.81 57.10 20.53
CA THR XB 95 136.22 57.34 20.27
C THR XB 95 136.89 57.59 21.62
N GLU XB 96 138.15 57.18 21.73
CA GLU XB 96 138.88 57.41 22.99
C GLU XB 96 139.10 58.89 23.24
N ALA XB 97 139.30 59.68 22.18
CA ALA XB 97 139.41 61.13 22.36
C ALA XB 97 138.08 61.77 22.70
N SER XB 98 136.96 61.09 22.42
CA SER XB 98 135.66 61.60 22.86
C SER XB 98 135.49 61.40 24.36
N ARG XB 99 135.97 60.28 24.88
CA ARG XB 99 135.93 60.02 26.32
C ARG XB 99 136.97 60.83 27.08
N LYS XB 100 138.14 61.06 26.47
CA LYS XB 100 139.18 61.82 27.14
C LYS XB 100 138.81 63.30 27.23
N SER XB 101 138.14 63.83 26.20
CA SER XB 101 137.77 65.24 26.21
C SER XB 101 136.62 65.51 27.16
N LEU XB 102 135.71 64.54 27.33
CA LEU XB 102 134.63 64.69 28.30
C LEU XB 102 135.17 64.67 29.71
N TYR XB 103 136.18 63.83 29.97
CA TYR XB 103 136.81 63.81 31.29
C TYR XB 103 137.64 65.06 31.53
N ASP XB 104 138.29 65.57 30.49
CA ASP XB 104 139.14 66.76 30.63
C ASP XB 104 138.32 68.02 30.90
N LEU XB 105 137.08 68.07 30.43
CA LEU XB 105 136.23 69.22 30.73
C LEU XB 105 135.69 69.14 32.15
N THR XB 106 135.27 67.95 32.59
CA THR XB 106 134.72 67.80 33.93
C THR XB 106 135.80 67.91 34.99
N LYS XB 107 137.03 67.49 34.68
CA LYS XB 107 138.14 67.71 35.60
C LYS XB 107 138.43 69.20 35.77
N SER XB 108 138.26 69.96 34.70
CA SER XB 108 138.46 71.41 34.75
C SER XB 108 137.22 72.16 35.19
N LEU XB 109 136.03 71.56 35.08
CA LEU XB 109 134.83 72.21 35.58
C LEU XB 109 134.80 72.22 37.11
N VAL XB 110 135.15 71.09 37.73
CA VAL XB 110 135.16 71.02 39.18
C VAL XB 110 136.30 71.86 39.74
N ALA XB 111 137.44 71.91 39.06
CA ALA XB 111 138.61 72.59 39.57
C ALA XB 111 138.54 74.11 39.46
N THR XB 112 137.48 74.68 38.90
CA THR XB 112 137.40 76.12 38.77
C THR XB 112 136.87 76.75 40.06
N SER XB 113 137.00 78.07 40.15
CA SER XB 113 136.59 78.78 41.36
C SER XB 113 135.15 79.24 41.31
N GLN XB 114 134.39 78.90 40.27
CA GLN XB 114 132.97 79.23 40.25
C GLN XB 114 132.11 78.09 40.75
N VAL XB 115 132.53 76.85 40.51
CA VAL XB 115 131.84 75.70 41.07
C VAL XB 115 132.24 75.52 42.53
N GLU XB 116 133.39 76.07 42.93
CA GLU XB 116 133.76 76.07 44.35
C GLU XB 116 132.79 76.92 45.16
N ASP XB 117 132.50 78.14 44.70
CA ASP XB 117 131.58 79.01 45.41
C ASP XB 117 130.12 78.56 45.26
N LEU XB 118 129.82 77.67 44.31
CA LEU XB 118 128.46 77.19 44.16
C LEU XB 118 128.09 76.18 45.23
N VAL XB 119 129.05 75.40 45.72
CA VAL XB 119 128.73 74.37 46.70
C VAL XB 119 129.13 74.83 48.09
N VAL XB 120 130.06 75.78 48.19
CA VAL XB 120 130.48 76.27 49.49
C VAL XB 120 129.62 77.46 49.92
N ASN XB 121 129.46 78.45 49.05
CA ASN XB 121 128.78 79.69 49.39
C ASN XB 121 127.45 79.85 48.67
N LEU XB 122 127.07 78.88 47.84
CA LEU XB 122 125.74 78.74 47.23
C LEU XB 122 125.40 79.88 46.25
N VAL XB 123 126.39 80.55 45.70
CA VAL XB 123 126.14 81.58 44.69
C VAL XB 123 126.21 80.95 43.30
N PRO XB 124 125.39 81.37 42.34
CA PRO XB 124 125.30 80.65 41.07
C PRO XB 124 126.51 80.90 40.16
N LEU XB 125 126.49 80.21 39.03
CA LEU XB 125 127.61 80.20 38.09
C LEU XB 125 127.56 81.41 37.16
N GLY XB 126 128.70 81.68 36.53
CA GLY XB 126 128.78 82.75 35.55
C GLY XB 126 129.20 84.08 36.13
N ARG XB 127 130.21 84.70 35.53
CA ARG XB 127 130.67 86.02 35.92
C ARG XB 127 130.83 86.88 34.67
N ALA XB 128 130.21 88.06 34.67
CA ALA XB 128 130.21 88.94 33.51
C ALA XB 128 131.38 89.91 33.60
N TYR XB 129 132.48 89.58 32.94
CA TYR XB 129 133.65 90.44 32.85
C TYR XB 129 133.88 90.75 31.37
N GLY XB 130 133.33 91.88 30.93
CA GLY XB 130 133.44 92.29 29.54
C GLY XB 130 132.52 91.56 28.60
N GLY XB 131 131.20 91.70 28.83
CA GLY XB 131 130.22 91.04 27.99
C GLY XB 131 129.14 90.33 28.78
N SER XB 132 128.99 89.03 28.56
CA SER XB 132 128.03 88.23 29.30
C SER XB 132 128.74 87.37 30.34
N LYS XB 133 127.97 86.55 31.05
CA LYS XB 133 128.51 85.71 32.10
C LYS XB 133 129.08 84.43 31.49
N THR XB 134 130.36 84.16 31.76
CA THR XB 134 131.09 83.08 31.13
C THR XB 134 131.76 82.18 32.16
N ILE XB 135 131.97 80.92 31.78
CA ILE XB 135 132.84 80.00 32.50
C ILE XB 135 133.94 79.56 31.54
N VAL XB 136 135.19 79.59 32.00
CA VAL XB 136 136.33 79.21 31.19
C VAL XB 136 136.80 77.83 31.63
N LEU XB 137 136.77 76.88 30.71
CA LEU XB 137 137.14 75.49 30.98
C LEU XB 137 138.43 75.19 30.19
N SER XB 138 139.57 75.46 30.81
CA SER XB 138 140.85 75.19 30.18
C SER XB 138 141.21 73.72 30.29
N VAL XB 139 141.65 73.14 29.18
CA VAL XB 139 142.00 71.73 29.12
C VAL XB 139 143.50 71.60 28.91
N GLY XB 140 144.24 72.56 29.46
CA GLY XB 140 145.63 72.77 29.13
C GLY XB 140 145.85 74.23 28.83
N GLU XB 141 146.17 74.56 27.58
CA GLU XB 141 146.17 75.95 27.15
C GLU XB 141 144.94 76.32 26.34
N ALA XB 142 144.24 75.34 25.76
CA ALA XB 142 143.02 75.61 25.03
C ALA XB 142 141.87 75.85 26.00
N THR XB 143 141.25 77.01 25.91
CA THR XB 143 140.18 77.42 26.82
C THR XB 143 138.87 77.45 26.06
N ARG XB 144 137.98 76.50 26.38
CA ARG XB 144 136.65 76.44 25.77
C ARG XB 144 135.70 77.25 26.66
N THR XB 145 135.38 78.46 26.21
CA THR XB 145 134.60 79.40 27.01
C THR XB 145 133.12 79.21 26.71
N LEU XB 146 132.37 78.74 27.71
CA LEU XB 146 130.92 78.69 27.62
C LEU XB 146 130.32 80.03 27.98
N THR XB 147 129.27 80.42 27.27
CA THR XB 147 128.54 81.64 27.56
C THR XB 147 127.11 81.30 27.95
N GLU XB 148 126.58 82.04 28.92
CA GLU XB 148 125.24 81.78 29.42
C GLU XB 148 124.20 82.22 28.41
N ILE XB 149 123.29 81.31 28.07
CA ILE XB 149 122.22 81.62 27.13
C ILE XB 149 120.85 81.69 27.79
N GLN XB 150 120.73 81.31 29.06
CA GLN XB 150 119.41 81.28 29.69
C GLN XB 150 119.59 81.41 31.19
N SER XB 151 118.62 82.02 31.85
CA SER XB 151 118.58 82.15 33.30
C SER XB 151 117.12 82.01 33.73
N THR XB 152 116.73 80.79 34.09
CA THR XB 152 115.38 80.49 34.52
C THR XB 152 115.30 80.79 36.03
N ALA XB 153 114.27 80.31 36.72
CA ALA XB 153 114.14 80.53 38.15
C ALA XB 153 115.25 79.86 38.93
N ASP XB 154 115.49 78.58 38.68
CA ASP XB 154 116.61 77.85 39.28
C ASP XB 154 117.64 77.42 38.24
N ARG XB 155 117.18 77.02 37.05
CA ARG XB 155 118.05 76.53 35.99
C ARG XB 155 118.92 77.65 35.43
N GLN XB 156 120.03 77.24 34.81
CA GLN XB 156 121.01 78.18 34.28
C GLN XB 156 121.77 77.46 33.18
N ILE XB 157 121.43 77.73 31.92
CA ILE XB 157 121.95 76.98 30.79
C ILE XB 157 123.08 77.76 30.14
N PHE XB 158 124.26 77.16 30.08
CA PHE XB 158 125.42 77.70 29.40
C PHE XB 158 125.62 76.96 28.09
N GLU XB 159 126.32 77.59 27.16
CA GLU XB 159 126.54 76.98 25.85
C GLU XB 159 127.76 77.61 25.19
N GLU XB 160 128.53 76.79 24.49
CA GLU XB 160 129.62 77.29 23.66
C GLU XB 160 129.08 77.69 22.29
N LYS XB 161 129.56 78.83 21.79
CA LYS XB 161 129.01 79.42 20.58
C LYS XB 161 129.80 79.11 19.32
N VAL XB 162 130.94 78.46 19.44
CA VAL XB 162 131.76 78.15 18.26
C VAL XB 162 131.23 76.90 17.59
N GLY XB 163 131.01 76.98 16.29
CA GLY XB 163 130.64 75.82 15.50
C GLY XB 163 129.18 75.79 15.11
N PRO XB 164 128.71 74.62 14.67
CA PRO XB 164 127.33 74.50 14.19
C PRO XB 164 126.33 74.55 15.34
N LEU XB 165 125.05 74.63 14.96
CA LEU XB 165 123.95 74.71 15.91
C LEU XB 165 123.48 73.37 16.42
N VAL XB 166 123.87 72.27 15.76
CA VAL XB 166 123.26 70.98 16.08
C VAL XB 166 123.88 70.34 17.32
N GLY XB 167 125.20 70.38 17.48
CA GLY XB 167 125.83 69.81 18.65
C GLY XB 167 126.82 70.76 19.29
N ARG XB 168 126.53 71.17 20.52
CA ARG XB 168 127.38 72.11 21.23
C ARG XB 168 127.51 71.67 22.68
N LEU XB 169 128.48 72.24 23.37
CA LEU XB 169 128.59 72.00 24.80
C LEU XB 169 127.43 72.65 25.54
N ARG XB 170 126.85 71.90 26.46
CA ARG XB 170 125.77 72.40 27.29
C ARG XB 170 126.17 72.24 28.75
N LEU XB 171 125.57 73.08 29.60
CA LEU XB 171 125.86 73.03 31.03
C LEU XB 171 124.65 73.59 31.75
N THR XB 172 123.81 72.72 32.30
CA THR XB 172 122.56 73.12 32.93
C THR XB 172 122.73 73.01 34.44
N ALA XB 173 123.20 74.08 35.06
CA ALA XB 173 123.28 74.13 36.51
C ALA XB 173 121.90 74.31 37.11
N SER XB 174 121.78 74.02 38.40
CA SER XB 174 120.52 74.15 39.11
C SER XB 174 120.83 74.37 40.59
N LEU XB 175 119.80 74.75 41.34
CA LEU XB 175 119.90 74.98 42.77
C LEU XB 175 118.50 74.97 43.35
N ARG XB 176 118.26 74.10 44.32
CA ARG XB 176 116.94 73.94 44.92
C ARG XB 176 117.09 73.92 46.44
N GLN XB 177 115.95 73.77 47.13
CA GLN XB 177 115.95 73.37 48.52
C GLN XB 177 114.67 72.58 48.77
N ASN XB 178 114.82 71.28 48.99
CA ASN XB 178 113.69 70.38 49.08
C ASN XB 178 113.17 70.31 50.51
N GLY XB 179 111.84 70.27 50.62
CA GLY XB 179 111.19 70.07 51.90
C GLY XB 179 111.02 71.34 52.71
N ALA XB 180 111.27 71.27 54.00
CA ALA XB 180 111.09 72.41 54.89
C ALA XB 180 112.37 73.20 55.07
N LYS XB 181 112.98 73.58 53.94
CA LYS XB 181 114.15 74.47 53.86
C LYS XB 181 115.34 73.95 54.66
N THR XB 182 115.57 72.64 54.63
CA THR XB 182 116.61 72.03 55.44
C THR XB 182 117.81 71.53 54.66
N ALA XB 183 117.70 71.39 53.34
CA ALA XB 183 118.80 70.84 52.57
C ALA XB 183 118.72 71.35 51.13
N TYR XB 184 119.85 71.82 50.61
CA TYR XB 184 119.94 72.27 49.23
C TYR XB 184 120.26 71.10 48.32
N ARG XB 185 120.24 71.35 47.01
CA ARG XB 185 120.55 70.31 46.04
C ARG XB 185 121.09 70.98 44.78
N VAL XB 186 122.41 70.92 44.60
CA VAL XB 186 123.05 71.44 43.41
C VAL XB 186 123.09 70.33 42.37
N ASN XB 187 122.88 70.68 41.10
CA ASN XB 187 122.74 69.67 40.05
C ASN XB 187 123.34 70.21 38.75
N LEU XB 188 124.59 69.85 38.48
CA LEU XB 188 125.23 70.18 37.21
C LEU XB 188 125.08 69.03 36.22
N LYS XB 189 125.22 69.36 34.94
CA LYS XB 189 125.09 68.37 33.87
C LYS XB 189 125.78 68.91 32.64
N LEU XB 190 126.84 68.24 32.18
CA LEU XB 190 127.62 68.69 31.04
C LEU XB 190 127.38 67.71 29.89
N ASP XB 191 126.75 68.20 28.82
CA ASP XB 191 126.53 67.39 27.63
C ASP XB 191 127.64 67.65 26.63
N GLN XB 192 128.00 66.62 25.87
CA GLN XB 192 129.01 66.76 24.84
C GLN XB 192 128.66 65.85 23.67
N ALA XB 193 127.98 66.41 22.67
CA ALA XB 193 127.61 65.69 21.47
C ALA XB 193 128.79 65.69 20.50
N ASP XB 194 129.00 64.57 19.82
CA ASP XB 194 130.09 64.43 18.88
C ASP XB 194 129.56 64.68 17.47
N VAL XB 195 129.86 65.86 16.94
CA VAL XB 195 129.42 66.27 15.61
C VAL XB 195 130.54 65.96 14.62
N VAL XB 196 130.17 65.53 13.42
CA VAL XB 196 131.13 65.21 12.37
C VAL XB 196 130.64 65.81 11.07
N ASP XB 197 131.59 66.18 10.19
CA ASP XB 197 131.27 66.74 8.90
C ASP XB 197 131.82 65.86 7.80
N CYS XB 198 130.97 65.50 6.85
CA CYS XB 198 131.35 64.63 5.74
C CYS XB 198 131.50 65.40 4.44
N SER XB 199 131.83 66.70 4.55
CA SER XB 199 131.85 67.57 3.38
C SER XB 199 133.03 67.29 2.45
N THR XB 200 134.16 66.81 2.98
CA THR XB 200 135.28 66.51 2.11
C THR XB 200 135.11 65.17 1.41
N SER XB 201 134.22 64.32 1.90
CA SER XB 201 133.92 63.04 1.26
C SER XB 201 132.66 63.10 0.42
N VAL XB 202 131.56 63.61 0.99
CA VAL XB 202 130.31 63.82 0.28
C VAL XB 202 130.06 65.30 0.17
N CYS XB 203 130.06 65.82 -1.06
CA CYS XB 203 129.89 67.25 -1.27
C CYS XB 203 128.47 67.70 -0.93
N GLY XB 204 128.37 68.87 -0.32
CA GLY XB 204 127.09 69.41 0.07
C GLY XB 204 126.43 68.71 1.24
N GLU XB 205 127.23 68.21 2.18
CA GLU XB 205 126.73 67.47 3.33
C GLU XB 205 126.83 68.35 4.56
N LEU XB 206 125.72 68.52 5.27
CA LEU XB 206 125.69 69.31 6.48
C LEU XB 206 126.07 68.46 7.69
N PRO XB 207 126.65 69.07 8.74
CA PRO XB 207 127.09 68.28 9.88
C PRO XB 207 125.94 67.71 10.69
N LYS XB 208 126.21 66.59 11.36
CA LYS XB 208 125.22 65.89 12.17
C LYS XB 208 125.94 65.26 13.36
N VAL XB 209 125.16 64.85 14.35
CA VAL XB 209 125.70 64.30 15.59
C VAL XB 209 125.68 62.79 15.53
N ARG XB 210 126.75 62.17 16.02
CA ARG XB 210 126.80 60.72 16.14
C ARG XB 210 126.08 60.24 17.40
N TYR XB 211 126.58 60.66 18.56
CA TYR XB 211 126.05 60.23 19.85
C TYR XB 211 126.13 61.41 20.82
N THR XB 212 125.84 61.15 22.08
CA THR XB 212 126.03 62.15 23.12
C THR XB 212 126.51 61.46 24.39
N GLN XB 213 127.32 62.18 25.17
CA GLN XB 213 127.93 61.65 26.37
C GLN XB 213 127.86 62.71 27.47
N VAL XB 214 127.22 62.36 28.58
CA VAL XB 214 126.95 63.32 29.64
C VAL XB 214 127.82 62.99 30.86
N TRP XB 215 127.90 63.95 31.79
CA TRP XB 215 128.52 63.74 33.09
C TRP XB 215 127.73 64.61 34.07
N SER XB 216 126.74 64.00 34.71
CA SER XB 216 125.91 64.72 35.66
C SER XB 216 126.60 64.80 37.01
N HIS XB 217 126.14 65.74 37.83
CA HIS XB 217 126.55 65.86 39.21
C HIS XB 217 125.30 66.02 40.05
N ASP XB 218 125.39 65.58 41.31
CA ASP XB 218 124.24 65.68 42.21
C ASP XB 218 124.77 65.91 43.62
N VAL XB 219 124.90 67.17 43.99
CA VAL XB 219 125.45 67.56 45.28
C VAL XB 219 124.29 67.76 46.24
N THR XB 220 124.41 67.21 47.44
CA THR XB 220 123.44 67.44 48.51
C THR XB 220 124.12 68.22 49.61
N ILE XB 221 123.55 69.36 49.97
CA ILE XB 221 124.11 70.25 50.98
C ILE XB 221 123.02 70.52 52.00
N VAL XB 222 123.28 70.17 53.25
CA VAL XB 222 122.32 70.47 54.31
C VAL XB 222 122.55 71.89 54.82
N ALA XB 223 121.47 72.52 55.27
CA ALA XB 223 121.44 73.97 55.45
C ALA XB 223 122.22 74.43 56.67
N ASN XB 224 122.19 73.65 57.75
CA ASN XB 224 122.86 74.02 59.00
C ASN XB 224 124.29 73.50 59.07
N SER XB 225 124.97 73.41 57.93
CA SER XB 225 126.31 72.85 57.83
C SER XB 225 127.34 73.78 58.46
N THR XB 226 128.56 73.28 58.52
CA THR XB 226 129.73 74.12 58.75
C THR XB 226 130.29 74.47 57.39
N GLU XB 227 130.83 75.69 57.25
CA GLU XB 227 131.46 76.06 55.99
C GLU XB 227 132.73 75.27 55.74
N ALA XB 228 133.40 74.82 56.80
CA ALA XB 228 134.53 73.93 56.64
C ALA XB 228 134.12 72.52 56.23
N SER XB 229 132.84 72.16 56.43
CA SER XB 229 132.37 70.86 56.00
C SER XB 229 131.95 70.86 54.53
N ARG XB 230 131.50 72.01 54.02
CA ARG XB 230 131.21 72.11 52.60
C ARG XB 230 132.48 72.30 51.79
N LYS XB 231 133.48 72.96 52.37
CA LYS XB 231 134.78 73.10 51.71
C LYS XB 231 135.49 71.76 51.63
N SER XB 232 135.33 70.92 52.65
CA SER XB 232 135.98 69.62 52.66
C SER XB 232 135.33 68.65 51.69
N LEU XB 233 134.03 68.78 51.45
CA LEU XB 233 133.37 67.92 50.47
C LEU XB 233 133.76 68.29 49.05
N TYR XB 234 133.92 69.59 48.78
CA TYR XB 234 134.35 70.02 47.45
C TYR XB 234 135.79 69.63 47.20
N ASP XB 235 136.65 69.77 48.21
CA ASP XB 235 138.07 69.49 48.07
C ASP XB 235 138.36 68.02 47.85
N LEU XB 236 137.52 67.12 48.32
CA LEU XB 236 137.71 65.70 48.05
C LEU XB 236 137.24 65.34 46.65
N THR XB 237 136.11 65.90 46.21
CA THR XB 237 135.61 65.63 44.86
C THR XB 237 136.48 66.29 43.80
N LYS XB 238 137.10 67.43 44.13
CA LYS XB 238 138.05 68.06 43.22
C LYS XB 238 139.28 67.17 43.04
N SER XB 239 139.68 66.48 44.10
CA SER XB 239 140.84 65.60 44.01
C SER XB 239 140.47 64.19 43.61
N LEU XB 240 139.20 63.80 43.70
CA LEU XB 240 138.79 62.48 43.27
C LEU XB 240 138.77 62.39 41.74
N VAL XB 241 138.20 63.41 41.08
CA VAL XB 241 138.17 63.45 39.62
C VAL XB 241 139.58 63.62 39.06
N ALA XB 242 140.45 64.31 39.79
CA ALA XB 242 141.81 64.55 39.32
C ALA XB 242 142.72 63.32 39.43
N THR XB 243 142.27 62.23 40.04
CA THR XB 243 143.10 61.04 40.15
C THR XB 243 143.18 60.32 38.82
N SER XB 244 144.20 59.47 38.70
CA SER XB 244 144.37 58.66 37.51
C SER XB 244 143.56 57.37 37.55
N GLN XB 245 142.85 57.10 38.64
CA GLN XB 245 142.01 55.92 38.71
C GLN XB 245 140.62 56.20 38.12
N VAL XB 246 140.12 57.42 38.31
CA VAL XB 246 138.85 57.81 37.71
C VAL XB 246 139.04 58.21 36.26
N GLU XB 247 140.26 58.59 35.87
CA GLU XB 247 140.55 58.82 34.46
C GLU XB 247 140.44 57.53 33.66
N ASP XB 248 141.01 56.45 34.17
CA ASP XB 248 140.91 55.15 33.51
C ASP XB 248 139.55 54.51 33.68
N LEU XB 249 138.75 54.95 34.65
CA LEU XB 249 137.41 54.40 34.81
C LEU XB 249 136.45 54.94 33.75
N VAL XB 250 136.65 56.18 33.32
CA VAL XB 250 135.79 56.76 32.29
C VAL XB 250 136.34 56.50 30.89
N VAL XB 251 137.65 56.62 30.71
CA VAL XB 251 138.23 56.43 29.39
C VAL XB 251 138.29 54.95 29.02
N ASN XB 252 138.75 54.11 29.93
CA ASN XB 252 139.04 52.72 29.62
C ASN XB 252 138.22 51.70 30.40
N LEU XB 253 137.29 52.15 31.25
CA LEU XB 253 136.38 51.31 32.03
C LEU XB 253 137.11 50.37 33.00
N VAL XB 254 138.27 50.77 33.48
CA VAL XB 254 139.00 49.99 34.49
C VAL XB 254 138.40 50.31 35.86
N PRO XB 255 138.05 49.30 36.66
CA PRO XB 255 137.46 49.57 37.98
C PRO XB 255 138.46 50.19 38.94
N LEU XB 256 137.93 50.82 39.98
CA LEU XB 256 138.74 51.57 40.92
C LEU XB 256 139.46 50.62 41.89
N GLY XB 257 140.54 51.12 42.47
CA GLY XB 257 141.24 50.38 43.50
C GLY XB 257 142.51 49.71 43.01
N ARG XB 258 143.64 50.07 43.59
CA ARG XB 258 144.91 49.43 43.26
C ARG XB 258 145.70 49.11 44.52
N SER YB 1 124.73 91.97 42.66
CA SER YB 1 124.00 92.21 41.43
C SER YB 1 122.81 93.15 41.67
N LYS YB 2 121.62 92.57 41.82
CA LYS YB 2 120.40 93.33 42.05
C LYS YB 2 120.15 93.40 43.56
N THR YB 3 120.10 94.62 44.10
CA THR YB 3 120.09 94.81 45.54
C THR YB 3 119.01 95.79 45.97
N ILE YB 4 118.49 95.54 47.18
CA ILE YB 4 117.74 96.52 47.96
C ILE YB 4 118.50 96.73 49.26
N VAL YB 5 118.73 97.98 49.62
CA VAL YB 5 119.36 98.30 50.90
C VAL YB 5 118.27 98.80 51.85
N LEU YB 6 118.39 98.44 53.12
CA LEU YB 6 117.43 98.81 54.16
C LEU YB 6 118.22 99.45 55.30
N SER YB 7 118.16 100.77 55.38
CA SER YB 7 118.88 101.48 56.43
C SER YB 7 118.06 101.48 57.71
N VAL YB 8 118.69 101.07 58.81
CA VAL YB 8 118.02 100.95 60.10
C VAL YB 8 118.65 102.01 61.00
N GLY YB 9 119.01 103.13 60.38
CA GLY YB 9 119.77 104.17 61.04
C GLY YB 9 121.05 104.43 60.28
N GLU YB 10 122.18 104.05 60.86
CA GLU YB 10 123.46 104.08 60.16
C GLU YB 10 123.87 102.71 59.64
N ALA YB 11 123.24 101.64 60.11
CA ALA YB 11 123.55 100.30 59.63
C ALA YB 11 122.64 99.94 58.47
N THR YB 12 123.24 99.55 57.34
CA THR YB 12 122.50 99.16 56.15
C THR YB 12 122.60 97.65 55.98
N ARG YB 13 121.47 97.00 55.75
CA ARG YB 13 121.41 95.56 55.55
C ARG YB 13 120.98 95.31 54.11
N THR YB 14 121.95 95.13 53.22
CA THR YB 14 121.67 94.99 51.80
C THR YB 14 121.24 93.56 51.48
N LEU YB 15 120.11 93.44 50.80
CA LEU YB 15 119.59 92.17 50.32
C LEU YB 15 120.05 91.95 48.88
N THR YB 16 120.24 90.68 48.52
CA THR YB 16 120.59 90.36 47.14
C THR YB 16 119.56 89.42 46.56
N GLU YB 17 119.32 89.56 45.26
CA GLU YB 17 118.36 88.71 44.57
C GLU YB 17 118.96 87.33 44.33
N ILE YB 18 118.20 86.29 44.71
CA ILE YB 18 118.67 84.92 44.55
C ILE YB 18 117.81 84.09 43.61
N GLN YB 19 116.62 84.57 43.23
CA GLN YB 19 115.71 83.81 42.39
C GLN YB 19 114.76 84.77 41.70
N SER YB 20 114.45 84.48 40.44
CA SER YB 20 113.58 85.36 39.67
C SER YB 20 112.74 84.49 38.74
N THR YB 21 111.46 84.33 39.06
CA THR YB 21 110.50 83.62 38.24
C THR YB 21 109.90 84.67 37.29
N ALA YB 22 108.79 84.36 36.62
CA ALA YB 22 108.10 85.33 35.77
C ALA YB 22 107.61 86.52 36.59
N ASP YB 23 106.89 86.26 37.67
CA ASP YB 23 106.38 87.30 38.55
C ASP YB 23 107.06 87.33 39.91
N ARG YB 24 107.29 86.17 40.51
CA ARG YB 24 107.87 86.11 41.84
C ARG YB 24 109.37 86.45 41.79
N GLN YB 25 109.87 87.03 42.88
CA GLN YB 25 111.21 87.58 42.90
C GLN YB 25 111.71 87.54 44.33
N ILE YB 26 112.64 86.64 44.61
CA ILE YB 26 113.08 86.33 45.97
C ILE YB 26 114.41 87.01 46.24
N PHE YB 27 114.47 87.81 47.29
CA PHE YB 27 115.69 88.45 47.76
C PHE YB 27 116.16 87.77 49.04
N GLU YB 28 117.43 87.99 49.38
CA GLU YB 28 118.02 87.36 50.56
C GLU YB 28 119.27 88.14 50.96
N GLU YB 29 119.55 88.13 52.25
CA GLU YB 29 120.78 88.72 52.78
C GLU YB 29 121.87 87.65 52.83
N LYS YB 30 123.01 87.96 52.19
CA LYS YB 30 124.06 86.98 52.01
C LYS YB 30 125.10 86.96 53.12
N VAL YB 31 124.76 87.48 54.31
CA VAL YB 31 125.72 87.51 55.41
C VAL YB 31 125.34 86.47 56.45
N GLY YB 32 126.32 85.66 56.86
CA GLY YB 32 126.13 84.74 57.95
C GLY YB 32 125.93 83.31 57.50
N PRO YB 33 125.43 82.46 58.40
CA PRO YB 33 125.16 81.06 58.05
C PRO YB 33 124.01 80.89 57.06
N LEU YB 34 123.81 79.66 56.60
CA LEU YB 34 122.86 79.39 55.53
C LEU YB 34 121.47 79.07 56.02
N VAL YB 35 121.28 78.85 57.32
CA VAL YB 35 120.02 78.28 57.80
C VAL YB 35 118.91 79.34 57.91
N GLY YB 36 119.19 80.52 58.44
CA GLY YB 36 118.16 81.53 58.53
C GLY YB 36 118.67 82.91 58.18
N ARG YB 37 118.10 83.50 57.12
CA ARG YB 37 118.51 84.81 56.64
C ARG YB 37 117.26 85.65 56.41
N LEU YB 38 117.47 86.94 56.20
CA LEU YB 38 116.37 87.80 55.75
C LEU YB 38 115.88 87.37 54.38
N ARG YB 39 114.58 87.52 54.17
CA ARG YB 39 113.94 87.03 52.97
C ARG YB 39 112.91 88.06 52.54
N LEU YB 40 112.84 88.30 51.24
CA LEU YB 40 111.90 89.28 50.71
C LEU YB 40 111.34 88.70 49.41
N THR YB 41 110.04 88.46 49.39
CA THR YB 41 109.39 87.77 48.28
C THR YB 41 108.40 88.74 47.65
N ALA YB 42 108.84 89.48 46.64
CA ALA YB 42 107.94 90.34 45.89
C ALA YB 42 107.18 89.53 44.85
N SER YB 43 106.04 90.07 44.42
CA SER YB 43 105.23 89.47 43.38
C SER YB 43 104.43 90.57 42.70
N LEU YB 44 103.87 90.24 41.54
CA LEU YB 44 103.03 91.16 40.79
C LEU YB 44 102.18 90.35 39.82
N ARG YB 45 100.87 90.49 39.92
CA ARG YB 45 99.94 89.75 39.08
C ARG YB 45 98.94 90.72 38.49
N GLN YB 46 97.98 90.19 37.74
CA GLN YB 46 96.79 90.95 37.36
C GLN YB 46 95.62 89.97 37.30
N ASN YB 47 94.69 90.12 38.25
CA ASN YB 47 93.61 89.16 38.42
C ASN YB 47 92.42 89.52 37.54
N GLY YB 48 91.80 88.49 36.97
CA GLY YB 48 90.58 88.65 36.21
C GLY YB 48 90.78 89.12 34.79
N ALA YB 49 90.01 90.12 34.38
CA ALA YB 49 90.02 90.60 33.00
C ALA YB 49 90.96 91.80 32.86
N LYS YB 50 92.20 91.61 33.34
CA LYS YB 50 93.33 92.53 33.14
C LYS YB 50 93.06 93.92 33.72
N THR YB 51 92.25 94.01 34.79
CA THR YB 51 91.78 95.29 35.27
C THR YB 51 92.37 95.72 36.61
N ALA YB 52 92.99 94.82 37.37
CA ALA YB 52 93.50 95.16 38.68
C ALA YB 52 94.78 94.38 38.94
N TYR YB 53 95.83 95.09 39.30
CA TYR YB 53 97.10 94.46 39.65
C TYR YB 53 97.11 94.10 41.13
N ARG YB 54 98.10 93.30 41.52
CA ARG YB 54 98.17 92.79 42.89
C ARG YB 54 99.65 92.64 43.26
N VAL YB 55 100.16 93.58 44.03
CA VAL YB 55 101.51 93.50 44.56
C VAL YB 55 101.48 92.74 45.88
N ASN YB 56 102.54 92.00 46.17
CA ASN YB 56 102.55 91.15 47.36
C ASN YB 56 103.99 91.03 47.86
N LEU YB 57 104.36 91.86 48.83
CA LEU YB 57 105.65 91.74 49.51
C LEU YB 57 105.50 90.86 50.74
N LYS YB 58 106.62 90.28 51.17
CA LYS YB 58 106.62 89.41 52.35
C LYS YB 58 108.04 89.40 52.91
N LEU YB 59 108.23 90.04 54.05
CA LEU YB 59 109.53 90.14 54.69
C LEU YB 59 109.60 89.12 55.82
N ASP YB 60 110.38 88.05 55.61
CA ASP YB 60 110.59 87.06 56.66
C ASP YB 60 111.77 87.49 57.52
N GLN YB 61 111.78 87.02 58.76
CA GLN YB 61 112.90 87.27 59.66
C GLN YB 61 112.96 86.14 60.68
N ALA YB 62 113.96 85.28 60.56
CA ALA YB 62 114.15 84.15 61.45
C ALA YB 62 115.16 84.52 62.52
N ASP YB 63 114.92 84.05 63.75
CA ASP YB 63 115.81 84.32 64.88
C ASP YB 63 116.75 83.15 65.03
N VAL YB 64 117.97 83.31 64.57
CA VAL YB 64 118.95 82.23 64.57
C VAL YB 64 119.87 82.41 65.77
N VAL YB 65 120.02 81.35 66.54
CA VAL YB 65 120.95 81.32 67.67
C VAL YB 65 122.00 80.25 67.37
N ASP YB 66 123.24 80.50 67.76
CA ASP YB 66 124.35 79.59 67.53
C ASP YB 66 124.95 79.25 68.89
N CYS YB 67 124.68 78.05 69.38
CA CYS YB 67 125.06 77.63 70.72
C CYS YB 67 126.16 76.59 70.66
N SER YB 68 127.09 76.75 69.71
CA SER YB 68 128.16 75.78 69.57
C SER YB 68 129.24 75.94 70.60
N THR YB 69 129.44 77.15 71.13
CA THR YB 69 130.50 77.37 72.11
C THR YB 69 130.05 76.96 73.51
N SER YB 70 128.78 77.23 73.85
CA SER YB 70 128.27 76.87 75.16
C SER YB 70 128.00 75.37 75.25
N VAL YB 71 127.07 74.88 74.43
CA VAL YB 71 126.79 73.46 74.34
C VAL YB 71 127.72 72.88 73.29
N CYS YB 72 128.48 71.85 73.66
CA CYS YB 72 129.44 71.28 72.73
C CYS YB 72 128.73 70.39 71.73
N GLY YB 73 128.98 70.63 70.44
CA GLY YB 73 128.56 69.73 69.40
C GLY YB 73 127.20 69.97 68.78
N GLU YB 74 126.74 71.21 68.71
CA GLU YB 74 125.50 71.51 68.01
C GLU YB 74 125.66 72.73 67.12
N LEU YB 75 124.70 72.88 66.21
CA LEU YB 75 124.77 73.75 65.05
C LEU YB 75 123.88 74.97 65.24
N PRO YB 76 123.97 75.99 64.38
CA PRO YB 76 122.96 77.06 64.41
C PRO YB 76 121.57 76.55 64.07
N LYS YB 77 120.56 77.25 64.58
CA LYS YB 77 119.22 76.71 64.65
C LYS YB 77 118.23 77.87 64.71
N VAL YB 78 117.14 77.75 63.96
CA VAL YB 78 116.12 78.78 63.89
C VAL YB 78 115.16 78.61 65.07
N ARG YB 79 115.10 79.63 65.93
CA ARG YB 79 114.16 79.62 67.03
C ARG YB 79 112.72 79.78 66.54
N TYR YB 80 112.44 80.92 65.91
CA TYR YB 80 111.11 81.24 65.43
C TYR YB 80 111.22 82.09 64.18
N THR YB 81 110.07 82.41 63.59
CA THR YB 81 110.00 83.21 62.39
C THR YB 81 108.87 84.22 62.50
N GLN YB 82 109.19 85.49 62.24
CA GLN YB 82 108.21 86.56 62.28
C GLN YB 82 108.17 87.25 60.92
N VAL YB 83 106.99 87.31 60.33
CA VAL YB 83 106.83 87.84 58.98
C VAL YB 83 106.10 89.18 59.04
N TRP YB 84 106.14 89.90 57.93
CA TRP YB 84 105.31 91.10 57.75
C TRP YB 84 104.98 91.15 56.26
N SER YB 85 103.81 90.64 55.91
CA SER YB 85 103.39 90.64 54.51
C SER YB 85 102.71 91.95 54.16
N HIS YB 86 102.56 92.18 52.85
CA HIS YB 86 101.78 93.27 52.32
C HIS YB 86 100.92 92.73 51.20
N ASP YB 87 99.84 93.44 50.89
CA ASP YB 87 98.95 93.05 49.80
C ASP YB 87 98.31 94.32 49.25
N VAL YB 88 98.87 94.83 48.18
CA VAL YB 88 98.40 96.07 47.55
C VAL YB 88 97.53 95.71 46.36
N THR YB 89 96.40 96.39 46.22
CA THR YB 89 95.52 96.24 45.07
C THR YB 89 95.49 97.56 44.32
N ILE YB 90 95.96 97.54 43.07
CA ILE YB 90 95.99 98.72 42.21
C ILE YB 90 95.12 98.43 41.00
N VAL YB 91 94.19 99.32 40.70
CA VAL YB 91 93.37 99.17 39.51
C VAL YB 91 94.12 99.76 38.31
N ALA YB 92 93.86 99.17 37.13
CA ALA YB 92 94.69 99.46 35.97
C ALA YB 92 94.44 100.85 35.40
N ASN YB 93 93.18 101.28 35.33
CA ASN YB 93 92.83 102.57 34.74
C ASN YB 93 92.86 103.70 35.75
N SER YB 94 93.63 103.56 36.82
CA SER YB 94 93.73 104.59 37.84
C SER YB 94 94.54 105.78 37.34
N THR YB 95 94.43 106.89 38.07
CA THR YB 95 95.32 108.01 37.89
C THR YB 95 96.54 107.84 38.77
N GLU YB 96 97.61 108.57 38.45
CA GLU YB 96 98.87 108.38 39.17
C GLU YB 96 98.80 108.94 40.58
N ALA YB 97 98.09 110.07 40.77
CA ALA YB 97 98.05 110.69 42.08
C ALA YB 97 97.17 109.94 43.07
N SER YB 98 96.35 109.00 42.61
CA SER YB 98 95.58 108.19 43.55
C SER YB 98 96.46 107.12 44.17
N ARG YB 99 97.28 106.45 43.36
CA ARG YB 99 98.15 105.41 43.87
C ARG YB 99 99.46 105.96 44.40
N LYS YB 100 99.78 107.22 44.11
CA LYS YB 100 100.88 107.88 44.81
C LYS YB 100 100.45 108.26 46.22
N SER YB 101 99.21 108.74 46.39
CA SER YB 101 98.75 109.14 47.72
C SER YB 101 98.46 107.94 48.59
N LEU YB 102 98.11 106.80 47.99
CA LEU YB 102 97.94 105.57 48.76
C LEU YB 102 99.27 105.09 49.31
N TYR YB 103 100.34 105.26 48.55
CA TYR YB 103 101.67 104.94 49.06
C TYR YB 103 102.11 105.94 50.12
N ASP YB 104 101.74 107.21 49.94
CA ASP YB 104 102.12 108.25 50.89
C ASP YB 104 101.44 108.10 52.24
N LEU YB 105 100.24 107.54 52.27
CA LEU YB 105 99.56 107.29 53.54
C LEU YB 105 100.14 106.08 54.25
N THR YB 106 100.43 105.02 53.50
CA THR YB 106 100.97 103.80 54.10
C THR YB 106 102.41 103.99 54.54
N LYS YB 107 103.17 104.83 53.85
CA LYS YB 107 104.51 105.18 54.31
C LYS YB 107 104.45 105.93 55.63
N SER YB 108 103.46 106.79 55.81
CA SER YB 108 103.29 107.52 57.06
C SER YB 108 102.49 106.75 58.09
N LEU YB 109 101.78 105.69 57.69
CA LEU YB 109 101.09 104.87 58.66
C LEU YB 109 102.07 103.99 59.41
N VAL YB 110 103.02 103.38 58.70
CA VAL YB 110 104.01 102.54 59.36
C VAL YB 110 104.97 103.39 60.19
N ALA YB 111 105.29 104.60 59.73
CA ALA YB 111 106.29 105.42 60.38
C ALA YB 111 105.80 106.10 61.65
N THR YB 112 104.53 105.96 62.02
CA THR YB 112 104.04 106.60 63.23
C THR YB 112 104.38 105.75 64.44
N SER YB 113 104.23 106.35 65.63
CA SER YB 113 104.59 105.67 66.86
C SER YB 113 103.43 104.91 67.49
N GLN YB 114 102.29 104.81 66.80
CA GLN YB 114 101.19 104.00 67.32
C GLN YB 114 101.19 102.60 66.71
N VAL YB 115 101.65 102.46 65.47
CA VAL YB 115 101.81 101.14 64.88
C VAL YB 115 103.11 100.51 65.37
N GLU YB 116 104.03 101.32 65.89
CA GLU YB 116 105.22 100.77 66.53
C GLU YB 116 104.85 100.00 67.79
N ASP YB 117 104.02 100.59 68.64
CA ASP YB 117 103.60 99.91 69.86
C ASP YB 117 102.60 98.78 69.59
N LEU YB 118 101.98 98.76 68.41
CA LEU YB 118 101.07 97.67 68.08
C LEU YB 118 101.83 96.40 67.71
N VAL YB 119 103.01 96.53 67.13
CA VAL YB 119 103.77 95.37 66.68
C VAL YB 119 104.76 94.98 67.78
N VAL YB 120 105.40 95.96 68.40
CA VAL YB 120 106.39 95.66 69.43
C VAL YB 120 105.71 95.28 70.75
N ASN YB 121 104.80 96.12 71.23
CA ASN YB 121 104.24 95.97 72.57
C ASN YB 121 102.76 95.58 72.58
N LEU YB 122 102.17 95.36 71.40
CA LEU YB 122 100.80 94.83 71.23
C LEU YB 122 99.72 95.76 71.80
N VAL YB 123 99.98 97.06 71.86
CA VAL YB 123 98.99 98.02 72.31
C VAL YB 123 98.11 98.42 71.13
N PRO YB 124 96.78 98.44 71.26
CA PRO YB 124 95.93 98.77 70.13
C PRO YB 124 96.04 100.23 69.72
N LEU YB 125 95.51 100.52 68.53
CA LEU YB 125 95.67 101.83 67.92
C LEU YB 125 94.69 102.83 68.52
N GLY YB 126 94.97 104.11 68.26
CA GLY YB 126 94.10 105.17 68.72
C GLY YB 126 94.50 105.74 70.06
N ARG YB 127 94.70 107.05 70.12
CA ARG YB 127 95.04 107.74 71.36
C ARG YB 127 94.18 108.99 71.47
N ALA YB 128 93.52 109.17 72.61
CA ALA YB 128 92.58 110.26 72.80
C ALA YB 128 93.27 111.47 73.40
N TYR YB 129 93.37 112.55 72.63
CA TYR YB 129 93.80 113.85 73.14
C TYR YB 129 92.79 114.89 72.66
N GLY YB 130 91.85 115.24 73.54
CA GLY YB 130 90.86 116.24 73.23
C GLY YB 130 89.74 115.75 72.34
N GLY YB 131 88.95 114.80 72.84
CA GLY YB 131 87.85 114.27 72.06
C GLY YB 131 87.85 112.75 72.01
N SER YB 132 88.01 112.19 70.82
CA SER YB 132 88.09 110.75 70.64
C SER YB 132 89.52 110.33 70.30
N LYS YB 133 89.69 109.05 70.02
CA LYS YB 133 91.01 108.50 69.75
C LYS YB 133 91.33 108.62 68.27
N THR YB 134 92.45 109.25 67.94
CA THR YB 134 92.79 109.60 66.58
C THR YB 134 94.17 109.09 66.19
N ILE YB 135 94.37 108.88 64.89
CA ILE YB 135 95.68 108.69 64.29
C ILE YB 135 95.87 109.80 63.27
N VAL YB 136 97.02 110.47 63.32
CA VAL YB 136 97.36 111.50 62.35
C VAL YB 136 98.30 110.90 61.33
N LEU YB 137 98.07 111.20 60.05
CA LEU YB 137 98.85 110.66 58.94
C LEU YB 137 99.35 111.83 58.11
N SER YB 138 100.49 112.38 58.48
CA SER YB 138 101.06 113.50 57.75
C SER YB 138 101.69 113.00 56.44
N VAL YB 139 101.31 113.63 55.34
CA VAL YB 139 101.80 113.26 54.02
C VAL YB 139 102.74 114.36 53.54
N GLY YB 140 103.43 114.99 54.49
CA GLY YB 140 104.15 116.21 54.24
C GLY YB 140 103.82 117.19 55.36
N GLU YB 141 103.16 118.29 55.02
CA GLU YB 141 102.62 119.17 56.04
C GLU YB 141 101.13 118.96 56.28
N ALA YB 142 100.41 118.43 55.30
CA ALA YB 142 98.98 118.15 55.46
C ALA YB 142 98.80 116.88 56.28
N THR YB 143 97.97 116.97 57.31
CA THR YB 143 97.75 115.87 58.25
C THR YB 143 96.31 115.38 58.10
N ARG YB 144 96.14 114.21 57.48
CA ARG YB 144 94.83 113.58 57.34
C ARG YB 144 94.56 112.80 58.62
N THR YB 145 93.73 113.38 59.49
CA THR YB 145 93.48 112.83 60.82
C THR YB 145 92.27 111.91 60.77
N LEU YB 146 92.50 110.62 60.99
CA LEU YB 146 91.42 109.65 61.11
C LEU YB 146 90.91 109.63 62.55
N THR YB 147 89.61 109.39 62.71
CA THR YB 147 89.00 109.24 64.02
C THR YB 147 88.39 107.86 64.14
N GLU YB 148 88.43 107.31 65.34
CA GLU YB 148 87.89 105.98 65.57
C GLU YB 148 86.38 106.03 65.62
N ILE YB 149 85.73 105.20 64.80
CA ILE YB 149 84.28 105.13 64.78
C ILE YB 149 83.74 103.85 65.38
N GLN YB 150 84.59 102.86 65.64
CA GLN YB 150 84.10 101.57 66.11
C GLN YB 150 85.21 100.87 66.88
N SER YB 151 84.82 100.05 67.86
CA SER YB 151 85.75 99.25 68.64
C SER YB 151 85.03 97.94 68.97
N THR YB 152 85.28 96.92 68.16
CA THR YB 152 84.66 95.62 68.35
C THR YB 152 85.54 94.83 69.34
N ALA YB 153 85.36 93.50 69.42
CA ALA YB 153 86.16 92.69 70.33
C ALA YB 153 87.63 92.71 69.96
N ASP YB 154 87.94 92.46 68.68
CA ASP YB 154 89.31 92.56 68.18
C ASP YB 154 89.46 93.65 67.13
N ARG YB 155 88.45 93.81 66.27
CA ARG YB 155 88.46 94.80 65.20
C ARG YB 155 88.39 96.22 65.77
N GLN YB 156 88.86 97.17 64.97
CA GLN YB 156 88.94 98.57 65.40
C GLN YB 156 88.93 99.44 64.15
N ILE YB 157 87.78 100.00 63.81
CA ILE YB 157 87.57 100.67 62.53
C ILE YB 157 87.75 102.17 62.71
N PHE YB 158 88.70 102.73 61.97
CA PHE YB 158 88.94 104.16 61.92
C PHE YB 158 88.40 104.72 60.61
N GLU YB 159 88.17 106.04 60.60
CA GLU YB 159 87.60 106.68 59.42
C GLU YB 159 87.88 108.17 59.49
N GLU YB 160 88.11 108.78 58.33
CA GLU YB 160 88.20 110.23 58.25
C GLU YB 160 86.82 110.83 58.06
N LYS YB 161 86.59 111.98 58.68
CA LYS YB 161 85.26 112.57 58.74
C LYS YB 161 85.04 113.72 57.78
N VAL YB 162 86.02 114.08 56.98
CA VAL YB 162 85.85 115.18 56.03
C VAL YB 162 85.32 114.63 54.71
N GLY YB 163 84.28 115.29 54.19
CA GLY YB 163 83.76 114.97 52.89
C GLY YB 163 82.49 114.14 52.93
N PRO YB 164 82.13 113.55 51.79
CA PRO YB 164 80.89 112.77 51.72
C PRO YB 164 81.00 111.43 52.44
N LEU YB 165 79.86 110.78 52.61
CA LEU YB 165 79.79 109.49 53.28
C LEU YB 165 80.13 108.32 52.38
N VAL YB 166 80.19 108.53 51.06
CA VAL YB 166 80.32 107.39 50.15
C VAL YB 166 81.76 106.90 50.07
N GLY YB 167 82.74 107.79 50.03
CA GLY YB 167 84.12 107.37 49.97
C GLY YB 167 84.98 108.07 50.99
N ARG YB 168 85.54 107.31 51.94
CA ARG YB 168 86.34 107.88 53.01
C ARG YB 168 87.50 106.95 53.30
N LEU YB 169 88.51 107.48 53.98
CA LEU YB 169 89.63 106.67 54.43
C LEU YB 169 89.17 105.70 55.51
N ARG YB 170 89.87 104.57 55.60
CA ARG YB 170 89.48 103.52 56.53
C ARG YB 170 90.71 102.84 57.10
N LEU YB 171 90.50 102.20 58.26
CA LEU YB 171 91.56 101.41 58.89
C LEU YB 171 90.86 100.33 59.72
N THR YB 172 90.84 99.10 59.22
CA THR YB 172 90.27 97.99 59.97
C THR YB 172 91.43 97.22 60.60
N ALA YB 173 91.94 97.74 61.70
CA ALA YB 173 92.97 97.04 62.45
C ALA YB 173 92.39 95.83 63.17
N SER YB 174 93.26 94.88 63.51
CA SER YB 174 92.84 93.67 64.21
C SER YB 174 94.00 93.17 65.04
N LEU YB 175 93.70 92.18 65.89
CA LEU YB 175 94.70 91.57 66.75
C LEU YB 175 94.11 90.26 67.26
N ARG YB 176 94.82 89.16 67.03
CA ARG YB 176 94.34 87.84 67.43
C ARG YB 176 95.47 87.08 68.09
N GLN YB 177 95.16 85.85 68.52
CA GLN YB 177 96.18 84.86 68.85
C GLN YB 177 95.60 83.49 68.57
N ASN YB 178 96.25 82.74 67.69
CA ASN YB 178 95.72 81.48 67.22
C ASN YB 178 96.15 80.32 68.12
N GLY YB 179 95.30 79.30 68.18
CA GLY YB 179 95.61 78.04 68.84
C GLY YB 179 95.84 78.13 70.33
N ALA YB 180 96.97 77.58 70.78
CA ALA YB 180 97.30 77.55 72.21
C ALA YB 180 98.16 78.74 72.62
N LYS YB 181 97.71 79.95 72.26
CA LYS YB 181 98.27 81.22 72.71
C LYS YB 181 99.75 81.37 72.36
N THR YB 182 100.15 80.91 71.17
CA THR YB 182 101.55 80.83 70.82
C THR YB 182 102.01 81.89 69.83
N ALA YB 183 101.09 82.54 69.11
CA ALA YB 183 101.48 83.51 68.09
C ALA YB 183 100.37 84.50 67.88
N TYR YB 184 100.72 85.79 67.84
CA TYR YB 184 99.76 86.85 67.58
C TYR YB 184 99.66 87.09 66.07
N ARG YB 185 98.69 87.90 65.67
CA ARG YB 185 98.49 88.20 64.25
C ARG YB 185 97.83 89.57 64.14
N VAL YB 186 98.63 90.56 63.76
CA VAL YB 186 98.14 91.91 63.54
C VAL YB 186 97.74 92.05 62.08
N ASN YB 187 96.67 92.80 61.81
CA ASN YB 187 96.15 92.88 60.45
C ASN YB 187 95.57 94.28 60.23
N LEU YB 188 96.33 95.15 59.59
CA LEU YB 188 95.84 96.46 59.19
C LEU YB 188 95.35 96.42 57.75
N LYS YB 189 94.52 97.41 57.41
CA LYS YB 189 93.94 97.48 56.06
C LYS YB 189 93.48 98.91 55.81
N LEU YB 190 94.14 99.59 54.88
CA LEU YB 190 93.85 100.99 54.58
C LEU YB 190 93.16 101.06 53.23
N ASP YB 191 91.87 101.38 53.24
CA ASP YB 191 91.11 101.54 52.01
C ASP YB 191 91.15 102.99 51.55
N GLN YB 192 91.19 103.20 50.24
CA GLN YB 192 91.17 104.55 49.68
C GLN YB 192 90.31 104.54 48.43
N ALA YB 193 89.09 105.03 48.56
CA ALA YB 193 88.15 105.12 47.45
C ALA YB 193 88.28 106.49 46.80
N ASP YB 194 88.32 106.51 45.47
CA ASP YB 194 88.50 107.75 44.71
C ASP YB 194 87.12 108.28 44.33
N VAL YB 195 86.64 109.27 45.08
CA VAL YB 195 85.34 109.88 44.85
C VAL YB 195 85.53 111.11 43.98
N VAL YB 196 84.59 111.33 43.07
CA VAL YB 196 84.64 112.47 42.15
C VAL YB 196 83.26 113.11 42.12
N ASP YB 197 83.22 114.42 41.87
CA ASP YB 197 81.98 115.16 41.76
C ASP YB 197 81.87 115.83 40.40
N CYS YB 198 80.72 115.63 39.75
CA CYS YB 198 80.48 116.17 38.42
C CYS YB 198 79.53 117.35 38.47
N SER YB 199 79.51 118.08 39.60
CA SER YB 199 78.53 119.13 39.82
C SER YB 199 78.78 120.36 38.96
N THR YB 200 80.03 120.66 38.63
CA THR YB 200 80.30 121.81 37.77
C THR YB 200 80.02 121.51 36.31
N SER YB 201 80.00 120.23 35.93
CA SER YB 201 79.69 119.83 34.56
C SER YB 201 78.23 119.46 34.40
N VAL YB 202 77.70 118.64 35.29
CA VAL YB 202 76.30 118.26 35.30
C VAL YB 202 75.67 118.81 36.57
N CYS YB 203 74.70 119.70 36.42
CA CYS YB 203 74.08 120.32 37.59
C CYS YB 203 73.19 119.34 38.33
N GLY YB 204 73.21 119.45 39.66
CA GLY YB 204 72.42 118.56 40.49
C GLY YB 204 72.95 117.13 40.57
N GLU YB 205 74.26 116.95 40.48
CA GLU YB 205 74.87 115.62 40.46
C GLU YB 205 75.58 115.39 41.79
N LEU YB 206 75.28 114.28 42.43
CA LEU YB 206 75.89 113.92 43.71
C LEU YB 206 77.18 113.14 43.47
N PRO YB 207 78.13 113.20 44.42
CA PRO YB 207 79.39 112.48 44.23
C PRO YB 207 79.23 110.97 44.28
N LYS YB 208 80.19 110.28 43.67
CA LYS YB 208 80.19 108.83 43.60
C LYS YB 208 81.63 108.35 43.50
N VAL YB 209 81.84 107.07 43.79
CA VAL YB 209 83.17 106.49 43.79
C VAL YB 209 83.43 105.82 42.45
N ARG YB 210 84.67 105.88 41.99
CA ARG YB 210 85.04 105.25 40.73
C ARG YB 210 85.61 103.85 40.97
N TYR YB 211 86.67 103.76 41.77
CA TYR YB 211 87.34 102.50 42.05
C TYR YB 211 87.74 102.49 43.52
N THR YB 212 88.48 101.46 43.92
CA THR YB 212 89.03 101.42 45.26
C THR YB 212 90.42 100.77 45.20
N GLN YB 213 91.29 101.18 46.11
CA GLN YB 213 92.65 100.68 46.19
C GLN YB 213 93.01 100.46 47.65
N VAL YB 214 93.44 99.26 47.98
CA VAL YB 214 93.71 98.89 49.36
C VAL YB 214 95.21 98.69 49.55
N TRP YB 215 95.64 98.64 50.81
CA TRP YB 215 96.99 98.21 51.18
C TRP YB 215 96.85 97.48 52.50
N SER YB 216 96.74 96.16 52.42
CA SER YB 216 96.62 95.34 53.62
C SER YB 216 97.98 95.08 54.23
N HIS YB 217 97.98 94.75 55.52
CA HIS YB 217 99.17 94.29 56.21
C HIS YB 217 98.82 93.00 56.94
N ASP YB 218 99.85 92.17 57.16
CA ASP YB 218 99.64 90.91 57.86
C ASP YB 218 100.92 90.60 58.64
N VAL YB 219 100.95 91.03 59.89
CA VAL YB 219 102.10 90.84 60.77
C VAL YB 219 101.87 89.59 61.60
N THR YB 220 102.87 88.73 61.67
CA THR YB 220 102.84 87.54 62.51
C THR YB 220 103.91 87.70 63.58
N ILE YB 221 103.50 87.58 64.83
CA ILE YB 221 104.38 87.77 65.98
C ILE YB 221 104.20 86.55 66.89
N VAL YB 222 105.28 85.83 67.14
CA VAL YB 222 105.19 84.69 68.04
C VAL YB 222 105.34 85.20 69.48
N ALA YB 223 104.76 84.45 70.42
CA ALA YB 223 104.51 84.97 71.76
C ALA YB 223 105.78 85.03 72.60
N ASN YB 224 106.69 84.07 72.44
CA ASN YB 224 107.90 84.00 73.24
C ASN YB 224 109.06 84.73 72.60
N SER YB 225 108.79 85.81 71.86
CA SER YB 225 109.80 86.57 71.15
C SER YB 225 110.70 87.33 72.11
N THR YB 226 111.73 87.94 71.54
CA THR YB 226 112.48 88.99 72.21
C THR YB 226 111.88 90.31 71.76
N GLU YB 227 111.93 91.31 72.66
CA GLU YB 227 111.43 92.63 72.28
C GLU YB 227 112.34 93.29 71.26
N ALA YB 228 113.62 92.92 71.23
CA ALA YB 228 114.53 93.41 70.21
C ALA YB 228 114.32 92.71 68.87
N SER YB 229 113.59 91.60 68.85
CA SER YB 229 113.28 90.94 67.58
C SER YB 229 112.02 91.53 66.95
N ARG YB 230 111.06 91.95 67.76
CA ARG YB 230 109.90 92.65 67.22
C ARG YB 230 110.25 94.07 66.81
N LYS YB 231 111.24 94.66 67.47
CA LYS YB 231 111.66 96.01 67.11
C LYS YB 231 112.41 96.01 65.78
N SER YB 232 113.24 95.01 65.54
CA SER YB 232 114.00 94.95 64.30
C SER YB 232 113.10 94.60 63.11
N LEU YB 233 112.05 93.81 63.35
CA LEU YB 233 111.11 93.51 62.27
C LEU YB 233 110.31 94.74 61.87
N TYR YB 234 109.93 95.56 62.84
CA TYR YB 234 109.22 96.80 62.53
C TYR YB 234 110.14 97.79 61.85
N ASP YB 235 111.39 97.88 62.31
CA ASP YB 235 112.35 98.83 61.77
C ASP YB 235 112.77 98.49 60.34
N LEU YB 236 112.73 97.22 59.95
CA LEU YB 236 113.03 96.88 58.57
C LEU YB 236 111.84 97.15 57.65
N THR YB 237 110.62 96.93 58.15
CA THR YB 237 109.44 97.21 57.33
C THR YB 237 109.20 98.71 57.22
N LYS YB 238 109.53 99.48 58.26
CA LYS YB 238 109.48 100.92 58.17
C LYS YB 238 110.51 101.44 57.16
N SER YB 239 111.65 100.77 57.08
CA SER YB 239 112.68 101.15 56.12
C SER YB 239 112.43 100.59 54.74
N LEU YB 240 111.67 99.50 54.63
CA LEU YB 240 111.38 98.94 53.31
C LEU YB 240 110.39 99.80 52.55
N VAL YB 241 109.31 100.22 53.21
CA VAL YB 241 108.28 101.05 52.58
C VAL YB 241 108.83 102.42 52.22
N ALA YB 242 109.76 102.94 53.02
CA ALA YB 242 110.33 104.26 52.77
C ALA YB 242 111.32 104.30 51.62
N THR YB 243 111.68 103.16 51.03
CA THR YB 243 112.63 103.16 49.93
C THR YB 243 111.97 103.62 48.64
N SER YB 244 112.81 103.97 47.67
CA SER YB 244 112.31 104.40 46.37
C SER YB 244 112.04 103.23 45.43
N GLN YB 245 112.41 102.02 45.82
CA GLN YB 245 112.13 100.86 44.97
C GLN YB 245 110.69 100.40 45.14
N VAL YB 246 110.16 100.45 46.37
CA VAL YB 246 108.78 100.10 46.62
C VAL YB 246 107.84 101.22 46.19
N GLU YB 247 108.34 102.46 46.13
CA GLU YB 247 107.55 103.56 45.60
C GLU YB 247 107.25 103.35 44.13
N ASP YB 248 108.25 103.00 43.33
CA ASP YB 248 108.05 102.72 41.92
C ASP YB 248 107.35 101.39 41.68
N LEU YB 249 107.39 100.47 42.65
CA LEU YB 249 106.66 99.21 42.50
C LEU YB 249 105.16 99.42 42.63
N VAL YB 250 104.74 100.42 43.38
CA VAL YB 250 103.32 100.69 43.56
C VAL YB 250 102.82 101.75 42.58
N VAL YB 251 103.58 102.83 42.40
CA VAL YB 251 103.15 103.91 41.52
C VAL YB 251 103.32 103.51 40.05
N ASN YB 252 104.47 102.94 39.70
CA ASN YB 252 104.79 102.68 38.30
C ASN YB 252 105.01 101.22 37.96
N LEU YB 253 104.81 100.30 38.92
CA LEU YB 253 104.88 98.85 38.73
C LEU YB 253 106.26 98.37 38.29
N VAL YB 254 107.32 99.10 38.62
CA VAL YB 254 108.68 98.70 38.30
C VAL YB 254 109.13 97.66 39.33
N PRO YB 255 109.64 96.51 38.91
CA PRO YB 255 110.04 95.48 39.87
C PRO YB 255 111.26 95.89 40.69
N LEU YB 256 111.46 95.19 41.81
CA LEU YB 256 112.50 95.54 42.77
C LEU YB 256 113.87 95.09 42.28
N GLY YB 257 114.91 95.73 42.82
CA GLY YB 257 116.27 95.33 42.53
C GLY YB 257 116.98 96.22 41.55
N ARG YB 258 118.08 96.83 42.00
CA ARG YB 258 118.90 97.67 41.12
C ARG YB 258 120.38 97.40 41.34
N SER ZB 1 93.94 102.37 80.72
CA SER ZB 1 92.56 102.75 80.48
C SER ZB 1 91.64 102.24 81.59
N LYS ZB 2 91.01 101.09 81.35
CA LYS ZB 2 90.10 100.48 82.30
C LYS ZB 2 90.85 99.40 83.08
N THR ZB 3 90.93 99.58 84.40
CA THR ZB 3 91.83 98.78 85.22
C THR ZB 3 91.14 98.23 86.45
N ILE ZB 4 91.64 97.09 86.92
CA ILE ZB 4 91.39 96.56 88.25
C ILE ZB 4 92.72 96.51 88.98
N VAL ZB 5 92.74 96.93 90.24
CA VAL ZB 5 93.96 96.95 91.04
C VAL ZB 5 93.81 95.91 92.14
N LEU ZB 6 94.73 94.95 92.17
CA LEU ZB 6 94.71 93.86 93.15
C LEU ZB 6 95.90 94.04 94.08
N SER ZB 7 95.65 94.55 95.28
CA SER ZB 7 96.70 94.75 96.26
C SER ZB 7 96.95 93.48 97.05
N VAL ZB 8 98.21 93.06 97.11
CA VAL ZB 8 98.60 91.80 97.74
C VAL ZB 8 99.40 92.20 98.97
N GLY ZB 9 98.98 93.29 99.60
CA GLY ZB 9 99.73 93.88 100.69
C GLY ZB 9 100.07 95.31 100.37
N GLU ZB 10 101.36 95.59 100.20
CA GLU ZB 10 101.79 96.88 99.69
C GLU ZB 10 102.05 96.86 98.19
N ALA ZB 11 102.17 95.69 97.58
CA ALA ZB 11 102.36 95.59 96.14
C ALA ZB 11 101.00 95.51 95.45
N THR ZB 12 100.82 96.31 94.41
CA THR ZB 12 99.59 96.35 93.63
C THR ZB 12 99.87 95.84 92.22
N ARG ZB 13 99.05 94.92 91.75
CA ARG ZB 13 99.19 94.34 90.41
C ARG ZB 13 98.03 94.85 89.56
N THR ZB 14 98.26 95.90 88.79
CA THR ZB 14 97.22 96.56 88.02
C THR ZB 14 96.99 95.82 86.72
N LEU ZB 15 95.85 95.16 86.62
CA LEU ZB 15 95.41 94.54 85.38
C LEU ZB 15 94.77 95.58 84.48
N THR ZB 16 94.99 95.45 83.18
CA THR ZB 16 94.38 96.36 82.21
C THR ZB 16 93.53 95.58 81.24
N GLU ZB 17 92.47 96.22 80.74
CA GLU ZB 17 91.54 95.56 79.83
C GLU ZB 17 92.13 95.51 78.43
N ILE ZB 18 92.09 94.33 77.81
CA ILE ZB 18 92.63 94.13 76.48
C ILE ZB 18 91.59 93.73 75.46
N GLN ZB 19 90.39 93.36 75.87
CA GLN ZB 19 89.36 92.86 74.95
C GLN ZB 19 88.01 93.07 75.60
N SER ZB 20 87.00 93.38 74.79
CA SER ZB 20 85.66 93.63 75.30
C SER ZB 20 84.66 93.22 74.24
N THR ZB 21 84.00 92.09 74.47
CA THR ZB 21 82.93 91.59 73.61
C THR ZB 21 81.63 92.20 74.16
N ALA ZB 22 80.47 91.66 73.76
CA ALA ZB 22 79.19 92.12 74.31
C ALA ZB 22 79.12 91.89 75.82
N ASP ZB 23 79.47 90.70 76.28
CA ASP ZB 23 79.47 90.35 77.68
C ASP ZB 23 80.84 89.95 78.21
N ARG ZB 24 81.61 89.18 77.44
CA ARG ZB 24 82.92 88.72 77.87
C ARG ZB 24 83.91 89.88 77.91
N GLN ZB 25 84.83 89.83 78.86
CA GLN ZB 25 85.66 90.99 79.17
C GLN ZB 25 86.99 90.48 79.72
N ILE ZB 26 88.05 90.60 78.93
CA ILE ZB 26 89.34 90.01 79.24
C ILE ZB 26 90.29 91.10 79.73
N PHE ZB 27 90.85 90.90 80.93
CA PHE ZB 27 91.86 91.78 81.50
C PHE ZB 27 93.21 91.07 81.46
N GLU ZB 28 94.27 91.85 81.62
CA GLU ZB 28 95.63 91.32 81.53
C GLU ZB 28 96.57 92.29 82.23
N GLU ZB 29 97.66 91.73 82.77
CA GLU ZB 29 98.72 92.54 83.35
C GLU ZB 29 99.80 92.79 82.31
N LYS ZB 30 100.07 94.06 82.05
CA LYS ZB 30 100.97 94.46 80.97
C LYS ZB 30 102.43 94.54 81.38
N VAL ZB 31 102.85 93.81 82.40
CA VAL ZB 31 104.23 93.86 82.85
C VAL ZB 31 104.93 92.55 82.51
N GLY ZB 32 106.06 92.65 81.80
CA GLY ZB 32 106.90 91.51 81.55
C GLY ZB 32 106.80 90.99 80.12
N PRO ZB 33 107.25 89.74 79.92
CA PRO ZB 33 107.17 89.13 78.57
C PRO ZB 33 105.75 88.85 78.13
N LEU ZB 34 105.58 88.48 76.87
CA LEU ZB 34 104.28 88.33 76.25
C LEU ZB 34 103.66 86.96 76.44
N VAL ZB 35 104.42 85.97 76.92
CA VAL ZB 35 103.96 84.59 76.84
C VAL ZB 35 103.04 84.22 77.99
N GLY ZB 36 103.35 84.59 79.23
CA GLY ZB 36 102.47 84.26 80.33
C GLY ZB 36 102.24 85.45 81.23
N ARG ZB 37 100.98 85.87 81.33
CA ARG ZB 37 100.60 87.03 82.13
C ARG ZB 37 99.37 86.67 82.95
N LEU ZB 38 99.06 87.52 83.92
CA LEU ZB 38 97.80 87.39 84.64
C LEU ZB 38 96.64 87.64 83.70
N ARG ZB 39 95.51 87.02 84.01
CA ARG ZB 39 94.36 87.02 83.12
C ARG ZB 39 93.10 87.04 83.98
N LEU ZB 40 92.07 87.74 83.50
CA LEU ZB 40 90.84 87.82 84.26
C LEU ZB 40 89.70 87.94 83.24
N THR ZB 41 88.94 86.86 83.09
CA THR ZB 41 87.87 86.79 82.09
C THR ZB 41 86.53 86.88 82.82
N ALA ZB 42 85.99 88.09 82.89
CA ALA ZB 42 84.66 88.26 83.45
C ALA ZB 42 83.60 87.96 82.39
N SER ZB 43 82.39 87.67 82.85
CA SER ZB 43 81.27 87.40 81.96
C SER ZB 43 79.98 87.73 82.71
N LEU ZB 44 78.90 87.84 81.96
CA LEU ZB 44 77.58 88.11 82.52
C LEU ZB 44 76.53 87.73 81.49
N ARG ZB 45 75.66 86.79 81.85
CA ARG ZB 45 74.63 86.31 80.95
C ARG ZB 45 73.29 86.40 81.65
N GLN ZB 46 72.23 85.97 80.96
CA GLN ZB 46 70.96 85.67 81.61
C GLN ZB 46 70.33 84.49 80.89
N ASN ZB 47 70.31 83.35 81.55
CA ASN ZB 47 69.88 82.10 80.92
C ASN ZB 47 68.37 81.95 81.02
N GLY ZB 48 67.79 81.45 79.93
CA GLY ZB 48 66.39 81.09 79.91
C GLY ZB 48 65.43 82.25 79.70
N ALA ZB 49 64.39 82.30 80.51
CA ALA ZB 49 63.31 83.28 80.32
C ALA ZB 49 63.55 84.54 81.17
N LYS ZB 50 64.73 85.13 80.98
CA LYS ZB 50 65.12 86.43 81.52
C LYS ZB 50 65.06 86.50 83.05
N THR ZB 51 65.29 85.37 83.72
CA THR ZB 51 64.98 85.27 85.13
C THR ZB 51 66.19 85.08 86.04
N ALA ZB 52 67.35 84.70 85.51
CA ALA ZB 52 68.50 84.42 86.35
C ALA ZB 52 69.77 84.83 85.63
N TYR ZB 53 70.56 85.69 86.26
CA TYR ZB 53 71.84 86.10 85.73
C TYR ZB 53 72.93 85.12 86.15
N ARG ZB 54 74.06 85.18 85.45
CA ARG ZB 54 75.15 84.23 85.69
C ARG ZB 54 76.47 84.97 85.49
N VAL ZB 55 77.13 85.30 86.59
CA VAL ZB 55 78.45 85.91 86.54
C VAL ZB 55 79.50 84.82 86.56
N ASN ZB 56 80.61 85.02 85.84
CA ASN ZB 56 81.60 83.97 85.69
C ASN ZB 56 82.99 84.63 85.61
N LEU ZB 57 83.68 84.67 86.74
CA LEU ZB 57 85.06 85.14 86.77
C LEU ZB 57 86.00 83.97 86.60
N LYS ZB 58 87.23 84.27 86.14
CA LYS ZB 58 88.25 83.25 85.94
C LYS ZB 58 89.61 83.95 85.97
N LEU ZB 59 90.38 83.69 87.02
CA LEU ZB 59 91.70 84.29 87.18
C LEU ZB 59 92.76 83.24 86.87
N ASP ZB 60 93.42 83.38 85.72
CA ASP ZB 60 94.51 82.48 85.37
C ASP ZB 60 95.81 83.00 85.97
N GLN ZB 61 96.75 82.09 86.17
CA GLN ZB 61 98.08 82.46 86.62
C GLN ZB 61 99.08 81.46 86.08
N ALA ZB 62 99.87 81.87 85.10
CA ALA ZB 62 100.89 81.03 84.51
C ALA ZB 62 102.22 81.26 85.21
N ASP ZB 63 102.99 80.19 85.39
CA ASP ZB 63 104.29 80.28 86.05
C ASP ZB 63 105.36 80.30 84.97
N VAL ZB 64 105.83 81.48 84.65
CA VAL ZB 64 106.83 81.68 83.60
C VAL ZB 64 108.21 81.62 84.24
N VAL ZB 65 109.16 81.04 83.51
CA VAL ZB 65 110.55 81.00 83.95
C VAL ZB 65 111.42 81.31 82.74
N ASP ZB 66 112.42 82.18 82.93
CA ASP ZB 66 113.31 82.61 81.86
C ASP ZB 66 114.70 82.09 82.18
N CYS ZB 67 115.15 81.08 81.44
CA CYS ZB 67 116.42 80.41 81.68
C CYS ZB 67 117.41 80.74 80.59
N SER ZB 68 117.36 81.97 80.08
CA SER ZB 68 118.27 82.37 79.01
C SER ZB 68 119.68 82.65 79.52
N THR ZB 69 119.83 82.95 80.81
CA THR ZB 69 121.14 83.26 81.34
C THR ZB 69 121.95 82.00 81.61
N SER ZB 70 121.32 80.99 82.22
CA SER ZB 70 122.02 79.75 82.52
C SER ZB 70 122.18 78.89 81.28
N VAL ZB 71 121.06 78.47 80.69
CA VAL ZB 71 121.08 77.69 79.46
C VAL ZB 71 121.11 78.67 78.30
N CYS ZB 72 122.18 78.61 77.50
CA CYS ZB 72 122.34 79.55 76.41
C CYS ZB 72 121.41 79.19 75.25
N GLY ZB 73 120.63 80.17 74.81
CA GLY ZB 73 119.86 80.03 73.59
C GLY ZB 73 118.44 79.54 73.73
N GLU ZB 74 117.77 79.83 74.83
CA GLU ZB 74 116.37 79.45 74.98
C GLU ZB 74 115.56 80.59 75.58
N LEU ZB 75 114.25 80.50 75.38
CA LEU ZB 75 113.31 81.59 75.59
C LEU ZB 75 112.48 81.36 76.84
N PRO ZB 76 111.81 82.38 77.38
CA PRO ZB 76 110.88 82.14 78.49
C PRO ZB 76 109.69 81.30 78.06
N LYS ZB 77 109.24 80.46 78.99
CA LYS ZB 77 108.19 79.49 78.72
C LYS ZB 77 107.35 79.33 79.97
N VAL ZB 78 106.12 78.85 79.80
CA VAL ZB 78 105.23 78.62 80.92
C VAL ZB 78 105.36 77.17 81.37
N ARG ZB 79 105.52 76.96 82.67
CA ARG ZB 79 105.55 75.62 83.21
C ARG ZB 79 104.14 75.06 83.36
N TYR ZB 80 103.29 75.78 84.08
CA TYR ZB 80 101.93 75.35 84.38
C TYR ZB 80 101.05 76.58 84.55
N THR ZB 81 99.74 76.36 84.51
CA THR ZB 81 98.77 77.38 84.82
C THR ZB 81 97.88 76.90 85.95
N GLN ZB 82 97.52 77.81 86.85
CA GLN ZB 82 96.62 77.53 87.94
C GLN ZB 82 95.51 78.55 87.94
N VAL ZB 83 94.26 78.09 87.89
CA VAL ZB 83 93.12 78.97 87.74
C VAL ZB 83 92.32 78.97 89.04
N TRP ZB 84 91.45 79.97 89.18
CA TRP ZB 84 90.47 80.02 90.25
C TRP ZB 84 89.21 80.62 89.63
N SER ZB 85 88.30 79.76 89.19
CA SER ZB 85 87.09 80.24 88.56
C SER ZB 85 86.06 80.63 89.62
N HIS ZB 86 85.04 81.36 89.18
CA HIS ZB 86 83.88 81.66 89.99
C HIS ZB 86 82.64 81.45 89.12
N ASP ZB 87 81.52 81.15 89.76
CA ASP ZB 87 80.26 80.96 89.05
C ASP ZB 87 79.14 81.40 89.99
N VAL ZB 88 78.71 82.63 89.85
CA VAL ZB 88 77.67 83.20 90.68
C VAL ZB 88 76.34 83.14 89.94
N THR ZB 89 75.30 82.66 90.61
CA THR ZB 89 73.96 82.64 90.06
C THR ZB 89 73.12 83.64 90.84
N ILE ZB 90 72.55 84.61 90.13
CA ILE ZB 90 71.74 85.67 90.71
C ILE ZB 90 70.39 85.65 90.04
N VAL ZB 91 69.32 85.50 90.81
CA VAL ZB 91 67.99 85.59 90.26
C VAL ZB 91 67.60 87.06 90.12
N ALA ZB 92 66.76 87.34 89.12
CA ALA ZB 92 66.52 88.73 88.72
C ALA ZB 92 65.68 89.49 89.72
N ASN ZB 93 64.59 88.89 90.21
CA ASN ZB 93 63.65 89.59 91.08
C ASN ZB 93 64.01 89.51 92.56
N SER ZB 94 65.27 89.27 92.89
CA SER ZB 94 65.69 89.20 94.28
C SER ZB 94 65.80 90.59 94.88
N THR ZB 95 65.98 90.62 96.20
CA THR ZB 95 66.22 91.86 96.91
C THR ZB 95 67.72 92.14 96.96
N GLU ZB 96 68.06 93.38 97.27
CA GLU ZB 96 69.47 93.78 97.29
C GLU ZB 96 70.21 93.18 98.48
N ALA ZB 97 69.54 93.03 99.62
CA ALA ZB 97 70.19 92.50 100.81
C ALA ZB 97 70.49 91.01 100.70
N SER ZB 98 69.81 90.29 99.82
CA SER ZB 98 70.17 88.89 99.58
C SER ZB 98 71.44 88.80 98.75
N ARG ZB 99 71.58 89.68 97.77
CA ARG ZB 99 72.80 89.75 96.97
C ARG ZB 99 73.99 90.26 97.77
N LYS ZB 100 73.76 91.20 98.69
CA LYS ZB 100 74.86 91.72 99.50
C LYS ZB 100 75.32 90.71 100.53
N SER ZB 101 74.38 89.93 101.10
CA SER ZB 101 74.77 88.94 102.09
C SER ZB 101 75.44 87.74 101.45
N LEU ZB 102 75.08 87.42 100.21
CA LEU ZB 102 75.78 86.36 99.48
C LEU ZB 102 77.20 86.76 99.15
N TYR ZB 103 77.41 88.04 98.81
CA TYR ZB 103 78.76 88.51 98.56
C TYR ZB 103 79.56 88.62 99.84
N ASP ZB 104 78.94 89.09 100.92
CA ASP ZB 104 79.63 89.29 102.18
C ASP ZB 104 80.03 87.99 102.85
N LEU ZB 105 79.33 86.89 102.56
CA LEU ZB 105 79.74 85.59 103.08
C LEU ZB 105 80.89 85.02 102.27
N THR ZB 106 80.84 85.16 100.94
CA THR ZB 106 81.92 84.65 100.10
C THR ZB 106 83.18 85.50 100.23
N LYS ZB 107 83.03 86.78 100.58
CA LYS ZB 107 84.19 87.63 100.81
C LYS ZB 107 84.97 87.17 102.03
N SER ZB 108 84.28 86.69 103.06
CA SER ZB 108 84.94 86.21 104.27
C SER ZB 108 85.14 84.71 104.27
N LEU ZB 109 84.54 83.99 103.33
CA LEU ZB 109 84.90 82.58 103.17
C LEU ZB 109 86.29 82.45 102.58
N VAL ZB 110 86.60 83.25 101.56
CA VAL ZB 110 87.94 83.22 100.99
C VAL ZB 110 88.95 83.80 101.97
N ALA ZB 111 88.55 84.80 102.75
CA ALA ZB 111 89.47 85.47 103.66
C ALA ZB 111 89.79 84.67 104.91
N THR ZB 112 89.13 83.54 105.16
CA THR ZB 112 89.40 82.78 106.36
C THR ZB 112 90.67 81.95 106.18
N SER ZB 113 91.19 81.46 107.30
CA SER ZB 113 92.45 80.71 107.28
C SER ZB 113 92.26 79.22 107.06
N GLN ZB 114 91.03 78.76 106.82
CA GLN ZB 114 90.82 77.35 106.53
C GLN ZB 114 90.78 77.08 105.04
N VAL ZB 115 90.32 78.05 104.24
CA VAL ZB 115 90.38 77.93 102.79
C VAL ZB 115 91.78 78.28 102.29
N GLU ZB 116 92.56 79.00 103.11
CA GLU ZB 116 93.95 79.23 102.77
C GLU ZB 116 94.75 77.94 102.78
N ASP ZB 117 94.57 77.12 103.81
CA ASP ZB 117 95.26 75.83 103.87
C ASP ZB 117 94.67 74.81 102.92
N LEU ZB 118 93.49 75.06 102.36
CA LEU ZB 118 92.90 74.11 101.43
C LEU ZB 118 93.50 74.21 100.03
N VAL ZB 119 93.91 75.40 99.61
CA VAL ZB 119 94.43 75.57 98.25
C VAL ZB 119 95.96 75.61 98.29
N VAL ZB 120 96.53 75.87 99.45
CA VAL ZB 120 97.99 75.91 99.55
C VAL ZB 120 98.55 74.58 100.00
N ASN ZB 121 98.03 74.04 101.10
CA ASN ZB 121 98.56 72.83 101.70
C ASN ZB 121 97.61 71.63 101.57
N LEU ZB 122 96.47 71.82 100.91
CA LEU ZB 122 95.50 70.78 100.56
C LEU ZB 122 94.88 70.11 101.79
N VAL ZB 123 94.83 70.82 102.91
CA VAL ZB 123 94.16 70.31 104.12
C VAL ZB 123 92.67 70.60 104.00
N PRO ZB 124 91.79 69.62 104.29
CA PRO ZB 124 90.35 69.85 104.13
C PRO ZB 124 89.79 70.81 105.18
N LEU ZB 125 88.54 71.20 104.95
CA LEU ZB 125 87.90 72.24 105.74
C LEU ZB 125 87.37 71.68 107.07
N GLY ZB 126 87.23 72.57 108.04
CA GLY ZB 126 86.65 72.20 109.32
C GLY ZB 126 87.68 71.91 110.40
N ARG ZB 127 87.51 72.54 111.56
CA ARG ZB 127 88.40 72.31 112.70
C ARG ZB 127 87.53 72.15 113.94
N ALA ZB 128 87.76 71.07 114.68
CA ALA ZB 128 86.95 70.74 115.86
C ALA ZB 128 87.49 71.50 117.07
N TYR ZB 129 86.76 72.52 117.50
CA TYR ZB 129 87.07 73.27 118.71
C TYR ZB 129 85.82 73.27 119.59
N GLY ZB 130 85.77 72.30 120.51
CA GLY ZB 130 84.66 72.19 121.44
C GLY ZB 130 83.38 71.68 120.82
N GLY ZB 131 83.41 70.43 120.34
CA GLY ZB 131 82.24 69.85 119.70
C GLY ZB 131 82.55 69.23 118.36
N SER ZB 132 81.92 69.74 117.31
CA SER ZB 132 82.20 69.28 115.95
C SER ZB 132 83.10 70.27 115.23
N LYS ZB 133 83.35 70.01 113.95
CA LYS ZB 133 84.23 70.82 113.15
C LYS ZB 133 83.45 71.94 112.49
N THR ZB 134 83.89 73.19 112.69
CA THR ZB 134 83.14 74.37 112.29
C THR ZB 134 83.98 75.31 111.45
N ILE ZB 135 83.29 76.10 110.63
CA ILE ZB 135 83.87 77.28 109.97
C ILE ZB 135 83.11 78.50 110.45
N VAL ZB 136 83.84 79.54 110.82
CA VAL ZB 136 83.25 80.77 111.32
C VAL ZB 136 83.34 81.82 110.21
N LEU ZB 137 82.18 82.25 109.72
CA LEU ZB 137 82.09 83.24 108.64
C LEU ZB 137 81.63 84.56 109.24
N SER ZB 138 82.59 85.41 109.58
CA SER ZB 138 82.27 86.73 110.12
C SER ZB 138 81.79 87.66 109.03
N VAL ZB 139 80.66 88.33 109.28
CA VAL ZB 139 80.04 89.22 108.31
C VAL ZB 139 80.17 90.63 108.91
N GLY ZB 140 81.27 90.85 109.61
CA GLY ZB 140 81.44 92.05 110.41
C GLY ZB 140 81.72 91.65 111.84
N GLU ZB 141 80.76 91.91 112.73
CA GLU ZB 141 80.80 91.33 114.08
C GLU ZB 141 79.86 90.14 114.23
N ALA ZB 142 78.88 90.00 113.36
CA ALA ZB 142 77.99 88.84 113.39
C ALA ZB 142 78.66 87.66 112.72
N THR ZB 143 78.78 86.55 113.46
CA THR ZB 143 79.49 85.37 113.01
C THR ZB 143 78.49 84.25 112.76
N ARG ZB 144 78.31 83.88 111.49
CA ARG ZB 144 77.45 82.78 111.10
C ARG ZB 144 78.29 81.51 111.08
N THR ZB 145 78.15 80.68 112.10
CA THR ZB 145 78.98 79.50 112.29
C THR ZB 145 78.33 78.30 111.62
N LEU ZB 146 78.95 77.78 110.58
CA LEU ZB 146 78.52 76.55 109.94
C LEU ZB 146 79.11 75.35 110.67
N THR ZB 147 78.36 74.26 110.74
CA THR ZB 147 78.84 73.02 111.32
C THR ZB 147 78.84 71.94 110.27
N GLU ZB 148 79.81 71.04 110.35
CA GLU ZB 148 79.91 69.95 109.39
C GLU ZB 148 78.87 68.89 109.70
N ILE ZB 149 78.07 68.54 108.70
CA ILE ZB 149 77.06 67.51 108.86
C ILE ZB 149 77.39 66.24 108.09
N GLN ZB 150 78.43 66.23 107.26
CA GLN ZB 150 78.71 65.08 106.43
C GLN ZB 150 80.18 65.07 106.07
N SER ZB 151 80.75 63.87 105.93
CA SER ZB 151 82.13 63.69 105.48
C SER ZB 151 82.16 62.44 104.60
N THR ZB 152 82.01 62.65 103.30
CA THR ZB 152 82.01 61.56 102.33
C THR ZB 152 83.48 61.28 101.95
N ALA ZB 153 83.69 60.54 100.85
CA ALA ZB 153 85.06 60.25 100.41
C ALA ZB 153 85.79 61.51 99.98
N ASP ZB 154 85.20 62.32 99.10
CA ASP ZB 154 85.76 63.59 98.69
C ASP ZB 154 84.92 64.77 99.15
N ARG ZB 155 83.59 64.64 99.08
CA ARG ZB 155 82.67 65.70 99.45
C ARG ZB 155 82.70 65.94 100.97
N GLN ZB 156 82.29 67.14 101.36
CA GLN ZB 156 82.31 67.54 102.76
C GLN ZB 156 81.28 68.65 102.92
N ILE ZB 157 80.11 68.31 103.45
CA ILE ZB 157 78.95 69.20 103.47
C ILE ZB 157 78.85 69.88 104.83
N PHE ZB 158 78.89 71.20 104.83
CA PHE ZB 158 78.66 72.01 106.01
C PHE ZB 158 77.27 72.63 105.94
N GLU ZB 159 76.75 73.02 107.11
CA GLU ZB 159 75.41 73.58 107.17
C GLU ZB 159 75.26 74.36 108.46
N GLU ZB 160 74.49 75.45 108.40
CA GLU ZB 160 74.13 76.19 109.60
C GLU ZB 160 72.89 75.56 110.23
N LYS ZB 161 72.83 75.63 111.56
CA LYS ZB 161 71.81 74.92 112.32
C LYS ZB 161 70.70 75.81 112.83
N VAL ZB 162 70.80 77.12 112.67
CA VAL ZB 162 69.79 78.03 113.18
C VAL ZB 162 68.68 78.20 112.15
N GLY ZB 163 67.44 77.99 112.59
CA GLY ZB 163 66.29 78.23 111.75
C GLY ZB 163 65.61 76.97 111.25
N PRO ZB 164 64.74 77.12 110.25
CA PRO ZB 164 64.00 75.97 109.74
C PRO ZB 164 64.88 75.05 108.89
N LEU ZB 165 64.37 73.85 108.66
CA LEU ZB 165 65.07 72.85 107.86
C LEU ZB 165 64.99 73.09 106.36
N VAL ZB 166 64.12 74.00 105.93
CA VAL ZB 166 63.87 74.12 104.49
C VAL ZB 166 64.99 74.90 103.79
N GLY ZB 167 65.43 76.03 104.34
CA GLY ZB 167 66.49 76.79 103.71
C GLY ZB 167 67.58 77.18 104.68
N ARG ZB 168 68.78 76.65 104.46
CA ARG ZB 168 69.92 76.92 105.34
C ARG ZB 168 71.15 77.16 104.50
N LEU ZB 169 72.19 77.70 105.14
CA LEU ZB 169 73.47 77.85 104.47
C LEU ZB 169 74.11 76.49 104.21
N ARG ZB 170 74.96 76.43 103.19
CA ARG ZB 170 75.54 75.18 102.77
C ARG ZB 170 76.96 75.42 102.29
N LEU ZB 171 77.77 74.37 102.36
CA LEU ZB 171 79.13 74.37 101.80
C LEU ZB 171 79.47 72.95 101.38
N THR ZB 172 79.37 72.68 100.08
CA THR ZB 172 79.73 71.37 99.54
C THR ZB 172 81.15 71.46 99.01
N ALA ZB 173 82.13 71.45 99.92
CA ALA ZB 173 83.52 71.42 99.53
C ALA ZB 173 83.88 70.07 98.92
N SER ZB 174 84.98 70.05 98.18
CA SER ZB 174 85.40 68.84 97.48
C SER ZB 174 86.90 68.91 97.23
N LEU ZB 175 87.47 67.78 96.82
CA LEU ZB 175 88.89 67.67 96.54
C LEU ZB 175 89.11 66.41 95.72
N ARG ZB 176 89.74 66.55 94.56
CA ARG ZB 176 89.98 65.43 93.67
C ARG ZB 176 91.42 65.48 93.18
N GLN ZB 177 91.80 64.50 92.36
CA GLN ZB 177 93.01 64.60 91.54
C GLN ZB 177 92.77 63.78 90.28
N ASN ZB 178 92.90 64.43 89.11
CA ASN ZB 178 92.52 63.83 87.85
C ASN ZB 178 93.67 63.02 87.25
N GLY ZB 179 93.30 62.01 86.45
CA GLY ZB 179 94.21 61.32 85.57
C GLY ZB 179 95.36 60.59 86.23
N ALA ZB 180 96.58 60.88 85.79
CA ALA ZB 180 97.77 60.27 86.36
C ALA ZB 180 98.38 61.12 87.47
N LYS ZB 181 97.53 61.50 88.44
CA LYS ZB 181 97.92 62.14 89.69
C LYS ZB 181 98.69 63.43 89.49
N THR ZB 182 98.29 64.23 88.51
CA THR ZB 182 99.07 65.39 88.10
C THR ZB 182 98.46 66.74 88.50
N ALA ZB 183 97.18 66.78 88.85
CA ALA ZB 183 96.55 68.06 89.14
C ALA ZB 183 95.36 67.85 90.07
N TYR ZB 184 95.32 68.63 91.14
CA TYR ZB 184 94.18 68.60 92.06
C TYR ZB 184 93.08 69.51 91.55
N ARG ZB 185 91.92 69.44 92.19
CA ARG ZB 185 90.77 70.26 91.78
C ARG ZB 185 89.91 70.50 93.02
N VAL ZB 186 90.04 71.68 93.60
CA VAL ZB 186 89.22 72.07 94.75
C VAL ZB 186 87.94 72.68 94.23
N ASN ZB 187 86.82 72.40 94.89
CA ASN ZB 187 85.51 72.84 94.40
C ASN ZB 187 84.61 73.16 95.59
N LEU ZB 188 84.55 74.43 95.95
CA LEU ZB 188 83.61 74.92 96.94
C LEU ZB 188 82.32 75.37 96.27
N LYS ZB 189 81.25 75.43 97.08
CA LYS ZB 189 79.95 75.87 96.59
C LYS ZB 189 79.12 76.31 97.78
N LEU ZB 190 78.71 77.58 97.81
CA LEU ZB 190 77.94 78.14 98.91
C LEU ZB 190 76.53 78.43 98.42
N ASP ZB 191 75.55 77.71 98.97
CA ASP ZB 191 74.15 77.94 98.65
C ASP ZB 191 73.55 78.90 99.66
N GLN ZB 192 72.62 79.74 99.21
CA GLN ZB 192 71.90 80.63 100.10
C GLN ZB 192 70.49 80.79 99.59
N ALA ZB 193 69.54 80.12 100.26
CA ALA ZB 193 68.14 80.21 99.92
C ALA ZB 193 67.46 81.24 100.81
N ASP ZB 194 66.61 82.07 100.20
CA ASP ZB 194 65.93 83.13 100.93
C ASP ZB 194 64.60 82.61 101.43
N VAL ZB 195 64.53 82.31 102.72
CA VAL ZB 195 63.31 81.80 103.35
C VAL ZB 195 62.52 83.00 103.88
N VAL ZB 196 61.21 82.85 103.94
CA VAL ZB 196 60.32 83.91 104.43
C VAL ZB 196 59.19 83.26 105.20
N ASP ZB 197 58.73 83.95 106.25
CA ASP ZB 197 57.63 83.47 107.07
C ASP ZB 197 56.48 84.46 107.00
N CYS ZB 198 55.30 83.96 106.65
CA CYS ZB 198 54.11 84.78 106.51
C CYS ZB 198 53.17 84.61 107.69
N SER ZB 199 53.72 84.19 108.83
CA SER ZB 199 52.91 83.88 110.01
C SER ZB 199 52.28 85.12 110.64
N THR ZB 200 52.90 86.30 110.46
CA THR ZB 200 52.31 87.52 110.98
C THR ZB 200 51.12 87.97 110.13
N SER ZB 201 51.20 87.78 108.81
CA SER ZB 201 50.12 88.13 107.91
C SER ZB 201 49.04 87.06 107.86
N VAL ZB 202 49.41 85.81 107.61
CA VAL ZB 202 48.48 84.68 107.57
C VAL ZB 202 48.86 83.72 108.68
N CYS ZB 203 47.94 83.52 109.63
CA CYS ZB 203 48.24 82.68 110.77
C CYS ZB 203 48.30 81.22 110.38
N GLY ZB 204 49.22 80.48 111.01
CA GLY ZB 204 49.38 79.08 110.71
C GLY ZB 204 50.10 78.78 109.42
N GLU ZB 205 51.04 79.62 109.02
CA GLU ZB 205 51.82 79.42 107.80
C GLU ZB 205 53.25 79.05 108.19
N LEU ZB 206 53.74 77.97 107.60
CA LEU ZB 206 55.11 77.53 107.80
C LEU ZB 206 56.03 78.20 106.77
N PRO ZB 207 57.30 78.40 107.11
CA PRO ZB 207 58.20 79.10 106.19
C PRO ZB 207 58.51 78.29 104.93
N LYS ZB 208 58.87 79.01 103.88
CA LYS ZB 208 59.17 78.42 102.59
C LYS ZB 208 60.20 79.28 101.88
N VAL ZB 209 60.86 78.70 100.89
CA VAL ZB 209 61.93 79.38 100.16
C VAL ZB 209 61.37 79.99 98.89
N ARG ZB 210 61.85 81.18 98.55
CA ARG ZB 210 61.44 81.83 97.31
C ARG ZB 210 62.38 81.46 96.16
N TYR ZB 211 63.67 81.77 96.33
CA TYR ZB 211 64.68 81.52 95.32
C TYR ZB 211 65.93 80.99 96.00
N THR ZB 212 66.96 80.74 95.20
CA THR ZB 212 68.26 80.38 95.74
C THR ZB 212 69.35 81.04 94.88
N GLN ZB 213 70.46 81.36 95.52
CA GLN ZB 213 71.58 82.03 94.88
C GLN ZB 213 72.88 81.40 95.34
N VAL ZB 214 73.67 80.92 94.39
CA VAL ZB 214 74.87 80.16 94.69
C VAL ZB 214 76.10 81.00 94.35
N TRP ZB 215 77.25 80.57 94.85
CA TRP ZB 215 78.55 81.11 94.47
C TRP ZB 215 79.54 79.95 94.60
N SER ZB 216 79.77 79.26 93.49
CA SER ZB 216 80.70 78.14 93.52
C SER ZB 216 82.08 78.58 93.05
N HIS ZB 217 83.09 77.84 93.49
CA HIS ZB 217 84.47 78.10 93.12
C HIS ZB 217 85.01 76.85 92.44
N ASP ZB 218 86.06 77.03 91.63
CA ASP ZB 218 86.67 75.91 90.93
C ASP ZB 218 88.16 76.21 90.80
N VAL ZB 219 88.93 75.72 91.77
CA VAL ZB 219 90.37 75.94 91.83
C VAL ZB 219 91.06 74.76 91.16
N THR ZB 220 92.04 75.05 90.32
CA THR ZB 220 92.86 74.03 89.68
C THR ZB 220 94.28 74.20 90.19
N ILE ZB 221 94.83 73.13 90.78
CA ILE ZB 221 96.16 73.14 91.38
C ILE ZB 221 96.94 71.99 90.79
N VAL ZB 222 98.03 72.29 90.11
CA VAL ZB 222 98.87 71.22 89.57
C VAL ZB 222 99.79 70.70 90.67
N ALA ZB 223 100.21 69.44 90.53
CA ALA ZB 223 100.80 68.72 91.65
C ALA ZB 223 102.24 69.15 91.93
N ASN ZB 224 103.00 69.46 90.89
CA ASN ZB 224 104.41 69.81 91.04
C ASN ZB 224 104.63 71.31 91.16
N SER ZB 225 103.68 72.02 91.76
CA SER ZB 225 103.72 73.47 91.91
C SER ZB 225 104.82 73.90 92.87
N THR ZB 226 105.00 75.20 92.95
CA THR ZB 226 105.73 75.83 94.04
C THR ZB 226 104.70 76.27 95.06
N GLU ZB 227 105.05 76.21 96.35
CA GLU ZB 227 104.12 76.69 97.37
C GLU ZB 227 103.97 78.21 97.31
N ALA ZB 228 104.96 78.92 96.76
CA ALA ZB 228 104.84 80.35 96.58
C ALA ZB 228 103.89 80.71 95.45
N SER ZB 229 103.62 79.79 94.53
CA SER ZB 229 102.67 80.07 93.45
C SER ZB 229 101.26 79.68 93.85
N ARG ZB 230 101.11 78.71 94.75
CA ARG ZB 230 99.79 78.42 95.31
C ARG ZB 230 99.38 79.50 96.30
N LYS ZB 231 100.34 80.09 97.01
CA LYS ZB 231 100.03 81.16 97.94
C LYS ZB 231 99.65 82.44 97.20
N SER ZB 232 100.35 82.74 96.11
CA SER ZB 232 100.06 83.96 95.36
C SER ZB 232 98.77 83.86 94.58
N LEU ZB 233 98.36 82.65 94.18
CA LEU ZB 233 97.07 82.48 93.54
C LEU ZB 233 95.94 82.69 94.52
N TYR ZB 234 96.10 82.22 95.76
CA TYR ZB 234 95.09 82.46 96.79
C TYR ZB 234 95.06 83.93 97.18
N ASP ZB 235 96.23 84.56 97.28
CA ASP ZB 235 96.31 85.96 97.68
C ASP ZB 235 95.74 86.91 96.64
N LEU ZB 236 95.73 86.54 95.37
CA LEU ZB 236 95.11 87.39 94.36
C LEU ZB 236 93.60 87.22 94.37
N THR ZB 237 93.12 86.00 94.57
CA THR ZB 237 91.67 85.78 94.64
C THR ZB 237 91.08 86.30 95.94
N LYS ZB 238 91.87 86.28 97.02
CA LYS ZB 238 91.43 86.93 98.26
C LYS ZB 238 91.32 88.43 98.08
N SER ZB 239 92.19 89.01 97.25
CA SER ZB 239 92.15 90.44 97.00
C SER ZB 239 91.23 90.81 95.84
N LEU ZB 240 90.88 89.84 95.00
CA LEU ZB 240 89.92 90.12 93.92
C LEU ZB 240 88.51 90.27 94.46
N VAL ZB 241 88.08 89.34 95.31
CA VAL ZB 241 86.73 89.38 95.87
C VAL ZB 241 86.58 90.57 96.82
N ALA ZB 242 87.65 90.98 97.49
CA ALA ZB 242 87.58 92.08 98.43
C ALA ZB 242 87.50 93.45 97.76
N THR ZB 243 87.66 93.54 96.43
CA THR ZB 243 87.56 94.83 95.76
C THR ZB 243 86.12 95.27 95.66
N SER ZB 244 85.94 96.58 95.46
CA SER ZB 244 84.61 97.14 95.30
C SER ZB 244 84.13 97.11 93.86
N GLN ZB 245 84.93 96.57 92.94
CA GLN ZB 245 84.46 96.39 91.57
C GLN ZB 245 83.70 95.09 91.40
N VAL ZB 246 84.13 94.04 92.10
CA VAL ZB 246 83.40 92.78 92.11
C VAL ZB 246 82.20 92.86 93.05
N GLU ZB 247 82.21 93.79 93.99
CA GLU ZB 247 81.05 94.01 94.83
C GLU ZB 247 79.88 94.54 94.03
N ASP ZB 248 80.13 95.51 93.15
CA ASP ZB 248 79.09 96.04 92.28
C ASP ZB 248 78.75 95.10 91.14
N LEU ZB 249 79.61 94.14 90.81
CA LEU ZB 249 79.31 93.20 89.74
C LEU ZB 249 78.29 92.16 90.20
N VAL ZB 250 78.25 91.85 91.48
CA VAL ZB 250 77.30 90.87 91.99
C VAL ZB 250 76.05 91.54 92.54
N VAL ZB 251 76.20 92.69 93.20
CA VAL ZB 251 75.05 93.37 93.77
C VAL ZB 251 74.28 94.13 92.69
N ASN ZB 252 74.97 94.95 91.89
CA ASN ZB 252 74.31 95.84 90.94
C ASN ZB 252 74.58 95.50 89.48
N LEU ZB 253 75.29 94.41 89.20
CA LEU ZB 253 75.60 93.93 87.84
C LEU ZB 253 76.38 94.95 87.00
N VAL ZB 254 77.18 95.78 87.65
CA VAL ZB 254 78.04 96.75 86.95
C VAL ZB 254 79.28 96.02 86.47
N PRO ZB 255 79.65 96.13 85.19
CA PRO ZB 255 80.84 95.42 84.70
C PRO ZB 255 82.13 95.97 85.26
N LEU ZB 256 83.20 95.18 85.14
CA LEU ZB 256 84.47 95.51 85.74
C LEU ZB 256 85.22 96.54 84.88
N GLY ZB 257 86.18 97.20 85.51
CA GLY ZB 257 87.02 98.14 84.81
C GLY ZB 257 86.66 99.60 85.03
N ARG ZB 258 87.60 100.37 85.54
CA ARG ZB 258 87.40 101.81 85.73
C ARG ZB 258 88.65 102.60 85.33
N SER AC 1 126.57 29.69 94.36
CA SER AC 1 126.18 28.30 94.17
C SER AC 1 126.86 27.71 92.94
N LYS AC 2 126.15 27.72 91.82
CA LYS AC 2 126.66 27.16 90.56
C LYS AC 2 127.23 28.28 89.72
N THR AC 3 128.52 28.21 89.43
CA THR AC 3 129.26 29.31 88.84
C THR AC 3 130.06 28.89 87.63
N ILE AC 4 130.27 29.84 86.72
CA ILE AC 4 131.30 29.76 85.68
C ILE AC 4 132.26 30.91 85.90
N VAL AC 5 133.55 30.64 85.80
CA VAL AC 5 134.58 31.65 86.00
C VAL AC 5 135.22 31.97 84.65
N LEU AC 6 135.13 33.23 84.24
CA LEU AC 6 135.69 33.69 82.98
C LEU AC 6 136.90 34.57 83.28
N SER AC 7 138.09 33.99 83.17
CA SER AC 7 139.32 34.73 83.41
C SER AC 7 139.77 35.41 82.12
N VAL AC 8 139.92 36.73 82.17
CA VAL AC 8 140.25 37.52 80.99
C VAL AC 8 141.65 38.11 81.14
N GLY AC 9 142.53 37.36 81.80
CA GLY AC 9 143.82 37.85 82.21
C GLY AC 9 144.06 37.50 83.66
N GLU AC 10 144.16 38.51 84.51
CA GLU AC 10 144.17 38.28 85.95
C GLU AC 10 142.83 38.53 86.61
N ALA AC 11 141.97 39.33 86.00
CA ALA AC 11 140.63 39.55 86.54
C ALA AC 11 139.72 38.39 86.14
N THR AC 12 138.97 37.87 87.10
CA THR AC 12 138.03 36.78 86.87
C THR AC 12 136.62 37.29 87.13
N ARG AC 13 135.75 37.12 86.15
CA ARG AC 13 134.37 37.59 86.23
C ARG AC 13 133.48 36.37 86.48
N THR AC 14 133.11 36.16 87.73
CA THR AC 14 132.38 34.97 88.15
C THR AC 14 130.88 35.17 87.92
N LEU AC 15 130.34 34.46 86.95
CA LEU AC 15 128.90 34.42 86.73
C LEU AC 15 128.27 33.44 87.71
N THR AC 16 127.03 33.73 88.12
CA THR AC 16 126.29 32.83 88.99
C THR AC 16 124.96 32.49 88.34
N GLU AC 17 124.52 31.26 88.58
CA GLU AC 17 123.26 30.78 87.99
C GLU AC 17 122.08 31.41 88.73
N ILE AC 18 121.15 31.98 87.98
CA ILE AC 18 119.99 32.64 88.56
C ILE AC 18 118.67 31.98 88.18
N GLN AC 19 118.65 31.09 87.19
CA GLN AC 19 117.42 30.50 86.71
C GLN AC 19 117.75 29.20 85.99
N SER AC 20 116.95 28.17 86.22
CA SER AC 20 117.19 26.86 85.62
C SER AC 20 115.84 26.26 85.25
N THR AC 21 115.55 26.21 83.95
CA THR AC 21 114.36 25.58 83.42
C THR AC 21 114.75 24.11 83.14
N ALA AC 22 113.94 23.37 82.38
CA ALA AC 22 114.29 22.00 81.99
C ALA AC 22 115.55 21.99 81.13
N ASP AC 23 115.57 22.77 80.07
CA ASP AC 23 116.72 22.87 79.18
C ASP AC 23 117.44 24.21 79.26
N ARG AC 24 116.71 25.32 79.32
CA ARG AC 24 117.33 26.64 79.38
C ARG AC 24 117.93 26.88 80.76
N GLN AC 25 119.00 27.66 80.79
CA GLN AC 25 119.81 27.80 82.00
C GLN AC 25 120.51 29.15 81.93
N ILE AC 26 120.07 30.09 82.76
CA ILE AC 26 120.49 31.49 82.69
C ILE AC 26 121.47 31.80 83.81
N PHE AC 27 122.64 32.30 83.45
CA PHE AC 27 123.65 32.76 84.40
C PHE AC 27 123.67 34.28 84.40
N GLU AC 28 124.28 34.86 85.43
CA GLU AC 28 124.38 36.30 85.56
C GLU AC 28 125.51 36.64 86.51
N GLU AC 29 126.12 37.81 86.31
CA GLU AC 29 127.14 38.32 87.21
C GLU AC 29 126.49 39.20 88.26
N LYS AC 30 126.77 38.90 89.53
CA LYS AC 30 126.09 39.55 90.64
C LYS AC 30 126.80 40.79 91.17
N VAL AC 31 127.62 41.44 90.35
CA VAL AC 31 128.35 42.62 90.80
C VAL AC 31 127.77 43.87 90.15
N GLY AC 32 127.49 44.88 90.97
CA GLY AC 32 127.08 46.17 90.46
C GLY AC 32 125.58 46.39 90.54
N PRO AC 33 125.08 47.38 89.77
CA PRO AC 33 123.63 47.65 89.75
C PRO AC 33 122.82 46.55 89.10
N LEU AC 34 121.49 46.71 89.10
CA LEU AC 34 120.59 45.67 88.65
C LEU AC 34 120.19 45.79 87.19
N VAL AC 35 120.55 46.89 86.53
CA VAL AC 35 120.00 47.16 85.20
C VAL AC 35 120.80 46.49 84.09
N GLY AC 36 122.13 46.53 84.15
CA GLY AC 36 122.92 45.91 83.11
C GLY AC 36 123.99 45.01 83.67
N ARG AC 37 123.89 43.72 83.39
CA ARG AC 37 124.83 42.73 83.89
C ARG AC 37 125.19 41.76 82.77
N LEU AC 38 126.29 41.05 82.96
CA LEU AC 38 126.64 39.95 82.06
C LEU AC 38 125.60 38.85 82.14
N ARG AC 39 125.31 38.26 81.00
CA ARG AC 39 124.29 37.23 80.90
C ARG AC 39 124.86 36.08 80.09
N LEU AC 40 124.40 34.87 80.39
CA LEU AC 40 124.84 33.70 79.63
C LEU AC 40 123.68 32.71 79.64
N THR AC 41 123.05 32.53 78.48
CA THR AC 41 121.87 31.68 78.35
C THR AC 41 122.29 30.42 77.62
N ALA AC 42 122.60 29.37 78.38
CA ALA AC 42 122.88 28.08 77.79
C ALA AC 42 121.59 27.31 77.54
N SER AC 43 121.65 26.36 76.62
CA SER AC 43 120.50 25.55 76.26
C SER AC 43 121.01 24.22 75.71
N LEU AC 44 120.09 23.25 75.62
CA LEU AC 44 120.39 21.95 75.04
C LEU AC 44 119.08 21.28 74.68
N ARG AC 45 118.96 20.90 73.41
CA ARG AC 45 117.73 20.27 72.91
C ARG AC 45 118.11 19.02 72.14
N GLN AC 46 117.10 18.35 71.59
CA GLN AC 46 117.33 17.33 70.55
C GLN AC 46 116.12 17.37 69.62
N ASN AC 47 116.33 17.87 68.41
CA ASN AC 47 115.24 18.12 67.49
C ASN AC 47 115.02 16.93 66.56
N GLY AC 48 113.75 16.66 66.26
CA GLY AC 48 113.39 15.61 65.33
C GLY AC 48 113.25 14.25 65.96
N ALA AC 49 113.80 13.22 65.32
CA ALA AC 49 113.65 11.86 65.78
C ALA AC 49 114.82 11.43 66.65
N LYS AC 50 115.11 12.28 67.66
CA LYS AC 50 116.05 12.00 68.75
C LYS AC 50 117.47 11.70 68.25
N THR AC 51 117.88 12.32 67.15
CA THR AC 51 119.14 11.96 66.50
C THR AC 51 120.19 13.05 66.50
N ALA AC 52 119.83 14.30 66.77
CA ALA AC 52 120.79 15.41 66.71
C ALA AC 52 120.51 16.37 67.85
N TYR AC 53 121.53 16.64 68.65
CA TYR AC 53 121.43 17.61 69.72
C TYR AC 53 121.74 19.01 69.22
N ARG AC 54 121.40 20.01 70.02
CA ARG AC 54 121.57 21.41 69.61
C ARG AC 54 121.91 22.24 70.85
N VAL AC 55 123.19 22.52 71.03
CA VAL AC 55 123.64 23.41 72.08
C VAL AC 55 123.52 24.85 71.59
N ASN AC 56 123.20 25.77 72.51
CA ASN AC 56 122.95 27.15 72.11
C ASN AC 56 123.37 28.06 73.26
N LEU AC 57 124.58 28.61 73.18
CA LEU AC 57 125.04 29.61 74.12
C LEU AC 57 124.76 31.01 73.59
N LYS AC 58 124.66 31.96 74.51
CA LYS AC 58 124.41 33.36 74.15
C LYS AC 58 124.92 34.23 75.28
N LEU AC 59 126.01 34.94 75.04
CA LEU AC 59 126.62 35.81 76.03
C LEU AC 59 126.25 37.25 75.72
N ASP AC 60 125.36 37.82 76.52
CA ASP AC 60 125.01 39.23 76.39
C ASP AC 60 126.02 40.09 77.13
N GLN AC 61 126.14 41.34 76.70
CA GLN AC 61 126.96 42.30 77.42
C GLN AC 61 126.40 43.69 77.17
N ALA AC 62 125.80 44.27 78.20
CA ALA AC 62 125.23 45.61 78.11
C ALA AC 62 126.24 46.61 78.64
N ASP AC 63 126.29 47.77 78.00
CA ASP AC 63 127.21 48.84 78.40
C ASP AC 63 126.44 49.85 79.25
N VAL AC 64 126.52 49.69 80.54
CA VAL AC 64 125.81 50.57 81.48
C VAL AC 64 126.72 51.73 81.82
N VAL AC 65 126.12 52.88 82.14
CA VAL AC 65 126.86 54.07 82.55
C VAL AC 65 126.07 54.78 83.65
N ASP AC 66 126.77 55.23 84.68
CA ASP AC 66 126.16 55.93 85.80
C ASP AC 66 126.60 57.40 85.75
N CYS AC 67 125.68 58.27 85.36
CA CYS AC 67 125.95 59.69 85.21
C CYS AC 67 125.25 60.49 86.29
N SER AC 68 125.11 59.89 87.47
CA SER AC 68 124.42 60.55 88.57
C SER AC 68 125.24 61.65 89.22
N THR AC 69 126.56 61.61 89.10
CA THR AC 69 127.39 62.61 89.75
C THR AC 69 127.54 63.86 88.89
N SER AC 70 127.71 63.69 87.59
CA SER AC 70 127.84 64.83 86.70
C SER AC 70 126.50 65.50 86.46
N VAL AC 71 125.54 64.75 85.92
CA VAL AC 71 124.18 65.24 85.74
C VAL AC 71 123.40 64.89 87.00
N CYS AC 72 122.80 65.90 87.62
CA CYS AC 72 122.12 65.69 88.88
C CYS AC 72 120.74 65.06 88.65
N GLY AC 73 120.49 63.94 89.32
CA GLY AC 73 119.16 63.38 89.38
C GLY AC 73 118.81 62.37 88.32
N GLU AC 74 119.75 61.58 87.83
CA GLU AC 74 119.41 60.50 86.91
C GLU AC 74 120.13 59.21 87.29
N LEU AC 75 119.63 58.12 86.74
CA LEU AC 75 119.93 56.76 87.17
C LEU AC 75 120.85 56.07 86.18
N PRO AC 76 121.47 54.93 86.52
CA PRO AC 76 122.21 54.18 85.50
C PRO AC 76 121.30 53.63 84.43
N LYS AC 77 121.86 53.50 83.22
CA LYS AC 77 121.09 53.12 82.05
C LYS AC 77 122.01 52.42 81.08
N VAL AC 78 121.43 51.57 80.23
CA VAL AC 78 122.20 50.81 79.26
C VAL AC 78 122.23 51.58 77.94
N ARG AC 79 123.42 51.70 77.36
CA ARG AC 79 123.56 52.44 76.11
C ARG AC 79 123.33 51.52 74.92
N TYR AC 80 123.95 50.34 74.94
CA TYR AC 80 123.82 49.37 73.87
C TYR AC 80 124.05 47.98 74.43
N THR AC 81 123.85 46.98 73.58
CA THR AC 81 124.01 45.58 73.96
C THR AC 81 124.72 44.85 72.82
N GLN AC 82 125.80 44.16 73.15
CA GLN AC 82 126.56 43.39 72.18
C GLN AC 82 126.58 41.93 72.60
N VAL AC 83 126.08 41.06 71.73
CA VAL AC 83 125.94 39.65 72.04
C VAL AC 83 126.96 38.85 71.23
N TRP AC 84 127.14 37.60 71.62
CA TRP AC 84 127.92 36.64 70.84
C TRP AC 84 127.26 35.28 71.07
N SER AC 85 126.38 34.91 70.16
CA SER AC 85 125.68 33.63 70.27
C SER AC 85 126.57 32.50 69.77
N HIS AC 86 126.15 31.28 70.09
CA HIS AC 86 126.73 30.07 69.53
C HIS AC 86 125.60 29.13 69.17
N ASP AC 87 125.85 28.25 68.22
CA ASP AC 87 124.86 27.25 67.80
C ASP AC 87 125.61 26.00 67.34
N VAL AC 88 125.78 25.07 68.26
CA VAL AC 88 126.49 23.83 67.99
C VAL AC 88 125.49 22.75 67.63
N THR AC 89 125.75 22.03 66.54
CA THR AC 89 124.93 20.90 66.13
C THR AC 89 125.75 19.63 66.31
N ILE AC 90 125.26 18.73 67.15
CA ILE AC 90 125.94 17.48 67.48
C ILE AC 90 125.01 16.33 67.14
N VAL AC 91 125.49 15.38 66.36
CA VAL AC 91 124.72 14.18 66.06
C VAL AC 91 124.94 13.16 67.16
N ALA AC 92 123.90 12.36 67.43
CA ALA AC 92 123.89 11.53 68.64
C ALA AC 92 124.81 10.32 68.52
N ASN AC 93 124.84 9.66 67.36
CA ASN AC 93 125.62 8.44 67.19
C ASN AC 93 127.05 8.71 66.74
N SER AC 94 127.57 9.91 66.97
CA SER AC 94 128.92 10.23 66.56
C SER AC 94 129.94 9.63 67.53
N THR AC 95 131.20 9.72 67.14
CA THR AC 95 132.29 9.33 68.01
C THR AC 95 132.74 10.51 68.85
N GLU AC 96 133.46 10.20 69.94
CA GLU AC 96 133.90 11.26 70.84
C GLU AC 96 135.01 12.10 70.22
N ALA AC 97 135.86 11.49 69.39
CA ALA AC 97 136.95 12.24 68.78
C ALA AC 97 136.48 13.22 67.71
N SER AC 98 135.26 13.05 67.19
CA SER AC 98 134.71 14.04 66.27
C SER AC 98 134.22 15.26 67.03
N ARG AC 99 133.58 15.04 68.17
CA ARG AC 99 133.16 16.13 69.04
C ARG AC 99 134.33 16.85 69.68
N LYS AC 100 135.39 16.13 70.03
CA LYS AC 100 136.56 16.74 70.64
C LYS AC 100 137.33 17.58 69.63
N SER AC 101 137.40 17.11 68.38
CA SER AC 101 138.14 17.85 67.35
C SER AC 101 137.36 19.06 66.87
N LEU AC 102 136.03 18.99 66.89
CA LEU AC 102 135.23 20.15 66.54
C LEU AC 102 135.34 21.24 67.59
N TYR AC 103 135.41 20.85 68.87
CA TYR AC 103 135.64 21.82 69.93
C TYR AC 103 137.06 22.38 69.87
N ASP AC 104 138.03 21.54 69.51
CA ASP AC 104 139.43 21.96 69.47
C ASP AC 104 139.70 22.94 68.33
N LEU AC 105 138.93 22.87 67.25
CA LEU AC 105 139.10 23.83 66.16
C LEU AC 105 138.45 25.16 66.50
N THR AC 106 137.26 25.13 67.09
CA THR AC 106 136.56 26.37 67.44
C THR AC 106 137.23 27.08 68.61
N LYS AC 107 137.87 26.33 69.51
CA LYS AC 107 138.64 26.95 70.58
C LYS AC 107 139.84 27.72 70.02
N SER AC 108 140.47 27.19 68.98
CA SER AC 108 141.59 27.86 68.36
C SER AC 108 141.19 28.80 67.23
N LEU AC 109 139.94 28.71 66.75
CA LEU AC 109 139.45 29.71 65.80
C LEU AC 109 139.21 31.03 66.49
N VAL AC 110 138.58 31.00 67.66
CA VAL AC 110 138.32 32.23 68.40
C VAL AC 110 139.63 32.80 68.94
N ALA AC 111 140.58 31.94 69.30
CA ALA AC 111 141.81 32.41 69.91
C ALA AC 111 142.81 33.00 68.93
N THR AC 112 142.53 33.00 67.63
CA THR AC 112 143.48 33.54 66.68
C THR AC 112 143.34 35.05 66.56
N SER AC 113 144.32 35.68 65.93
CA SER AC 113 144.35 37.13 65.80
C SER AC 113 143.57 37.65 64.61
N GLN AC 114 143.00 36.77 63.78
CA GLN AC 114 142.24 37.24 62.64
C GLN AC 114 140.75 37.38 62.98
N VAL AC 115 140.26 36.56 63.92
CA VAL AC 115 138.90 36.72 64.40
C VAL AC 115 138.85 37.79 65.47
N GLU AC 116 139.99 38.12 66.08
CA GLU AC 116 140.05 39.25 67.00
C GLU AC 116 139.81 40.56 66.25
N ASP AC 117 140.52 40.77 65.15
CA ASP AC 117 140.35 41.99 64.36
C ASP AC 117 139.03 42.03 63.60
N LEU AC 118 138.35 40.90 63.48
CA LEU AC 118 137.07 40.87 62.79
C LEU AC 118 135.94 41.43 63.65
N VAL AC 119 136.02 41.28 64.97
CA VAL AC 119 134.95 41.76 65.83
C VAL AC 119 135.35 43.06 66.51
N VAL AC 120 136.66 43.30 66.66
CA VAL AC 120 137.10 44.54 67.28
C VAL AC 120 137.23 45.64 66.22
N ASN AC 121 137.90 45.35 65.11
CA ASN AC 121 138.22 46.36 64.11
C ASN AC 121 137.51 46.14 62.78
N LEU AC 122 136.64 45.13 62.69
CA LEU AC 122 135.78 44.83 61.55
C LEU AC 122 136.58 44.53 60.27
N VAL AC 123 137.77 43.95 60.41
CA VAL AC 123 138.61 43.60 59.27
C VAL AC 123 138.33 42.16 58.88
N PRO AC 124 138.07 41.87 57.60
CA PRO AC 124 137.70 40.50 57.21
C PRO AC 124 138.84 39.50 57.36
N LEU AC 125 138.48 38.22 57.25
CA LEU AC 125 139.39 37.13 57.52
C LEU AC 125 140.33 36.88 56.35
N GLY AC 126 141.44 36.20 56.64
CA GLY AC 126 142.39 35.83 55.61
C GLY AC 126 143.54 36.80 55.47
N ARG AC 127 144.76 36.28 55.50
CA ARG AC 127 145.96 37.09 55.32
C ARG AC 127 146.92 36.32 54.41
N ALA AC 128 147.37 36.98 53.34
CA ALA AC 128 148.20 36.33 52.32
C ALA AC 128 149.67 36.47 52.69
N TYR AC 129 150.31 35.37 53.07
CA TYR AC 129 151.75 35.31 53.26
C TYR AC 129 152.28 34.15 52.41
N GLY AC 130 152.77 34.48 51.22
CA GLY AC 130 153.35 33.49 50.33
C GLY AC 130 152.33 32.59 49.66
N GLY AC 131 151.48 33.18 48.81
CA GLY AC 131 150.46 32.41 48.12
C GLY AC 131 149.09 33.05 48.20
N SER AC 132 148.14 32.36 48.80
CA SER AC 132 146.81 32.89 49.01
C SER AC 132 146.60 33.25 50.48
N LYS AC 133 145.38 33.68 50.80
CA LYS AC 133 145.06 34.11 52.16
C LYS AC 133 144.63 32.90 52.98
N THR AC 134 145.29 32.70 54.13
CA THR AC 134 145.11 31.50 54.92
C THR AC 134 144.79 31.83 56.37
N ILE AC 135 144.15 30.88 57.04
CA ILE AC 135 143.99 30.87 58.50
C ILE AC 135 144.64 29.61 59.03
N VAL AC 136 145.44 29.75 60.06
CA VAL AC 136 146.13 28.62 60.68
C VAL AC 136 145.43 28.28 61.98
N LEU AC 137 144.87 27.07 62.06
CA LEU AC 137 144.12 26.60 63.23
C LEU AC 137 144.90 25.48 63.88
N SER AC 138 145.80 25.83 64.80
CA SER AC 138 146.59 24.83 65.50
C SER AC 138 145.77 24.17 66.59
N VAL AC 139 145.88 22.84 66.69
CA VAL AC 139 145.14 22.07 67.67
C VAL AC 139 146.13 21.47 68.66
N GLY AC 140 147.19 22.22 68.93
CA GLY AC 140 148.35 21.69 69.63
C GLY AC 140 149.59 22.02 68.84
N GLU AC 141 150.23 21.00 68.26
CA GLU AC 141 151.32 21.23 67.33
C GLU AC 141 150.90 21.06 65.87
N ALA AC 142 149.83 20.30 65.62
CA ALA AC 142 149.33 20.13 64.26
C ALA AC 142 148.53 21.34 63.84
N THR AC 143 148.89 21.92 62.70
CA THR AC 143 148.26 23.14 62.19
C THR AC 143 147.45 22.81 60.95
N ARG AC 144 146.13 22.84 61.08
CA ARG AC 144 145.22 22.61 59.96
C ARG AC 144 144.98 23.95 59.27
N THR AC 145 145.74 24.22 58.21
CA THR AC 145 145.70 25.49 57.51
C THR AC 145 144.56 25.46 56.49
N LEU AC 146 143.60 26.36 56.65
CA LEU AC 146 142.55 26.56 55.66
C LEU AC 146 142.98 27.61 54.67
N THR AC 147 142.62 27.41 53.41
CA THR AC 147 142.90 28.38 52.36
C THR AC 147 141.60 28.92 51.82
N GLU AC 148 141.59 30.21 51.49
CA GLU AC 148 140.39 30.86 51.00
C GLU AC 148 140.12 30.45 49.56
N ILE AC 149 138.90 29.97 49.31
CA ILE AC 149 138.51 29.56 47.97
C ILE AC 149 137.52 30.50 47.32
N GLN AC 150 136.95 31.45 48.05
CA GLN AC 150 135.91 32.30 47.51
C GLN AC 150 135.88 33.60 48.28
N SER AC 151 135.53 34.69 47.59
CA SER AC 151 135.34 36.00 48.21
C SER AC 151 134.16 36.65 47.50
N THR AC 152 132.99 36.58 48.13
CA THR AC 152 131.76 37.13 47.58
C THR AC 152 131.72 38.60 48.06
N ALA AC 153 130.56 39.26 47.95
CA ALA AC 153 130.42 40.65 48.39
C ALA AC 153 130.63 40.77 49.90
N ASP AC 154 129.95 39.93 50.68
CA ASP AC 154 130.15 39.88 52.13
C ASP AC 154 130.68 38.52 52.57
N ARG AC 155 130.21 37.45 51.93
CA ARG AC 155 130.61 36.08 52.27
C ARG AC 155 132.08 35.84 51.94
N GLN AC 156 132.65 34.85 52.62
CA GLN AC 156 134.07 34.55 52.48
C GLN AC 156 134.27 33.10 52.88
N ILE AC 157 134.42 32.22 51.89
CA ILE AC 157 134.43 30.78 52.13
C ILE AC 157 135.86 30.27 52.16
N PHE AC 158 136.25 29.66 53.27
CA PHE AC 158 137.54 29.02 53.43
C PHE AC 158 137.35 27.51 53.38
N GLU AC 159 138.42 26.79 53.07
CA GLU AC 159 138.35 25.35 52.94
C GLU AC 159 139.74 24.75 53.06
N GLU AC 160 139.84 23.61 53.73
CA GLU AC 160 141.08 22.85 53.75
C GLU AC 160 141.20 22.02 52.48
N LYS AC 161 142.43 21.89 51.99
CA LYS AC 161 142.67 21.34 50.66
C LYS AC 161 143.08 19.88 50.65
N VAL AC 162 143.46 19.31 51.77
CA VAL AC 162 143.90 17.92 51.80
C VAL AC 162 142.70 16.99 51.78
N GLY AC 163 142.93 15.75 51.37
CA GLY AC 163 141.91 14.74 51.38
C GLY AC 163 140.97 14.81 50.20
N PRO AC 164 139.85 14.07 50.28
CA PRO AC 164 138.90 14.04 49.17
C PRO AC 164 138.08 15.32 49.10
N LEU AC 165 137.33 15.44 48.00
CA LEU AC 165 136.47 16.60 47.77
C LEU AC 165 135.12 16.48 48.46
N VAL AC 166 134.79 15.31 49.00
CA VAL AC 166 133.43 15.11 49.50
C VAL AC 166 133.22 15.77 50.87
N GLY AC 167 134.18 15.64 51.79
CA GLY AC 167 134.04 16.26 53.09
C GLY AC 167 135.32 16.95 53.51
N ARG AC 168 135.24 18.27 53.71
CA ARG AC 168 136.41 19.06 54.08
C ARG AC 168 135.99 20.08 55.13
N LEU AC 169 137.00 20.70 55.75
CA LEU AC 169 136.74 21.81 56.67
C LEU AC 169 136.23 23.01 55.90
N ARG AC 170 135.46 23.85 56.59
CA ARG AC 170 134.82 24.99 55.94
C ARG AC 170 134.74 26.16 56.91
N LEU AC 171 134.64 27.36 56.35
CA LEU AC 171 134.42 28.57 57.13
C LEU AC 171 133.64 29.55 56.27
N THR AC 172 132.36 29.71 56.57
CA THR AC 172 131.51 30.65 55.86
C THR AC 172 131.39 31.90 56.72
N ALA AC 173 132.36 32.79 56.61
CA ALA AC 173 132.31 34.06 57.32
C ALA AC 173 131.36 35.02 56.61
N SER AC 174 130.91 36.04 57.34
CA SER AC 174 130.05 37.06 56.77
C SER AC 174 130.24 38.35 57.57
N LEU AC 175 129.66 39.43 57.04
CA LEU AC 175 129.72 40.74 57.69
C LEU AC 175 128.64 41.60 57.04
N ARG AC 176 127.75 42.15 57.85
CA ARG AC 176 126.63 42.93 57.33
C ARG AC 176 126.49 44.20 58.15
N GLN AC 177 125.52 45.02 57.78
CA GLN AC 177 125.01 46.07 58.66
C GLN AC 177 123.55 46.30 58.28
N ASN AC 178 122.64 45.84 59.14
CA ASN AC 178 121.22 45.91 58.87
C ASN AC 178 120.64 47.24 59.34
N GLY AC 179 119.71 47.77 58.55
CA GLY AC 179 119.00 48.97 58.91
C GLY AC 179 119.71 50.25 58.53
N ALA AC 180 119.70 51.23 59.43
CA ALA AC 180 120.27 52.54 59.16
C ALA AC 180 121.72 52.63 59.62
N LYS AC 181 122.53 51.66 59.22
CA LYS AC 181 123.97 51.58 59.48
C LYS AC 181 124.31 51.66 60.96
N THR AC 182 123.46 51.06 61.81
CA THR AC 182 123.60 51.20 63.25
C THR AC 182 124.14 49.97 63.95
N ALA AC 183 124.15 48.81 63.30
CA ALA AC 183 124.58 47.59 63.95
C ALA AC 183 125.14 46.62 62.93
N TYR AC 184 126.35 46.15 63.16
CA TYR AC 184 126.98 45.15 62.31
C TYR AC 184 126.53 43.76 62.75
N ARG AC 185 126.87 42.75 61.95
CA ARG AC 185 126.50 41.38 62.26
C ARG AC 185 127.54 40.45 61.65
N VAL AC 186 128.43 39.92 62.49
CA VAL AC 186 129.41 38.95 62.05
C VAL AC 186 128.82 37.56 62.22
N ASN AC 187 129.14 36.65 61.30
CA ASN AC 187 128.51 35.33 61.29
C ASN AC 187 129.51 34.32 60.75
N LEU AC 188 130.19 33.62 61.64
CA LEU AC 188 131.07 32.52 61.26
C LEU AC 188 130.32 31.21 61.33
N LYS AC 189 130.83 30.20 60.62
CA LYS AC 189 130.20 28.89 60.58
C LYS AC 189 131.25 27.87 60.16
N LEU AC 190 131.56 26.93 61.05
CA LEU AC 190 132.58 25.92 60.79
C LEU AC 190 131.90 24.57 60.66
N ASP AC 191 131.90 24.03 59.45
CA ASP AC 191 131.41 22.68 59.20
C ASP AC 191 132.54 21.68 59.38
N GLN AC 192 132.20 20.47 59.79
CA GLN AC 192 133.18 19.39 59.89
C GLN AC 192 132.47 18.08 59.63
N ALA AC 193 132.58 17.59 58.40
CA ALA AC 193 131.99 16.32 58.00
C ALA AC 193 132.98 15.20 58.26
N ASP AC 194 132.47 14.08 58.77
CA ASP AC 194 133.32 12.95 59.13
C ASP AC 194 133.35 11.97 57.96
N VAL AC 195 134.42 12.00 57.19
CA VAL AC 195 134.59 11.14 56.04
C VAL AC 195 135.32 9.88 56.49
N VAL AC 196 135.01 8.76 55.85
CA VAL AC 196 135.63 7.48 56.17
C VAL AC 196 135.84 6.72 54.87
N ASP AC 197 136.89 5.89 54.84
CA ASP AC 197 137.20 5.07 53.68
C ASP AC 197 137.23 3.60 54.08
N CYS AC 198 136.57 2.77 53.29
CA CYS AC 198 136.48 1.35 53.56
C CYS AC 198 137.33 0.54 52.59
N SER AC 199 138.39 1.15 52.06
CA SER AC 199 139.22 0.52 51.03
C SER AC 199 140.02 -0.65 51.56
N THR AC 200 140.40 -0.65 52.84
CA THR AC 200 141.08 -1.79 53.41
C THR AC 200 140.10 -2.91 53.76
N SER AC 201 138.82 -2.57 53.93
CA SER AC 201 137.78 -3.55 54.19
C SER AC 201 137.13 -4.06 52.90
N VAL AC 202 136.62 -3.17 52.08
CA VAL AC 202 136.03 -3.52 50.79
C VAL AC 202 136.87 -2.89 49.69
N CYS AC 203 137.38 -3.72 48.78
CA CYS AC 203 138.23 -3.22 47.72
C CYS AC 203 137.45 -2.39 46.72
N GLY AC 204 138.07 -1.30 46.26
CA GLY AC 204 137.43 -0.46 45.27
C GLY AC 204 136.33 0.44 45.79
N GLU AC 205 136.45 0.93 47.03
CA GLU AC 205 135.45 1.80 47.63
C GLU AC 205 136.00 3.21 47.76
N LEU AC 206 135.23 4.18 47.29
CA LEU AC 206 135.56 5.58 47.42
C LEU AC 206 135.04 6.12 48.75
N PRO AC 207 135.68 7.15 49.30
CA PRO AC 207 135.23 7.67 50.61
C PRO AC 207 133.88 8.36 50.54
N LYS AC 208 133.22 8.41 51.69
CA LYS AC 208 131.90 9.02 51.81
C LYS AC 208 131.77 9.59 53.22
N VAL AC 209 130.79 10.47 53.40
CA VAL AC 209 130.60 11.16 54.67
C VAL AC 209 129.51 10.46 55.47
N ARG AC 210 129.74 10.34 56.77
CA ARG AC 210 128.72 9.81 57.68
C ARG AC 210 127.73 10.89 58.08
N TYR AC 211 128.21 11.93 58.75
CA TYR AC 211 127.38 13.00 59.29
C TYR AC 211 128.12 14.32 59.12
N THR AC 212 127.58 15.37 59.72
CA THR AC 212 128.25 16.66 59.77
C THR AC 212 127.94 17.33 61.10
N GLN AC 213 128.87 18.16 61.57
CA GLN AC 213 128.74 18.82 62.86
C GLN AC 213 129.19 20.27 62.72
N VAL AC 214 128.28 21.18 63.05
CA VAL AC 214 128.44 22.60 62.79
C VAL AC 214 128.61 23.35 64.11
N TRP AC 215 129.50 24.35 64.11
CA TRP AC 215 129.59 25.30 65.23
C TRP AC 215 129.48 26.69 64.60
N SER AC 216 128.28 27.27 64.70
CA SER AC 216 128.04 28.60 64.17
C SER AC 216 128.35 29.66 65.22
N HIS AC 217 128.51 30.89 64.74
CA HIS AC 217 128.66 32.05 65.61
C HIS AC 217 127.74 33.14 65.08
N ASP AC 218 127.32 34.04 65.98
CA ASP AC 218 126.47 35.15 65.57
C ASP AC 218 126.78 36.34 66.50
N VAL AC 219 127.69 37.18 66.05
CA VAL AC 219 128.15 38.33 66.83
C VAL AC 219 127.37 39.56 66.36
N THR AC 220 126.85 40.32 67.32
CA THR AC 220 126.15 41.57 67.05
C THR AC 220 126.98 42.70 67.62
N ILE AC 221 127.34 43.65 66.76
CA ILE AC 221 128.20 44.78 67.12
C ILE AC 221 127.49 46.06 66.71
N VAL AC 222 127.21 46.92 67.67
CA VAL AC 222 126.59 48.21 67.36
C VAL AC 222 127.66 49.16 66.86
N ALA AC 223 127.23 50.18 66.10
CA ALA AC 223 128.16 50.98 65.33
C ALA AC 223 128.91 51.99 66.18
N ASN AC 224 128.21 52.68 67.09
CA ASN AC 224 128.81 53.74 67.89
C ASN AC 224 129.40 53.25 69.20
N SER AC 225 129.79 51.98 69.27
CA SER AC 225 130.31 51.41 70.50
C SER AC 225 131.74 51.87 70.74
N THR AC 226 132.21 51.61 71.96
CA THR AC 226 133.60 51.84 72.33
C THR AC 226 134.40 50.64 71.84
N GLU AC 227 135.65 50.89 71.43
CA GLU AC 227 136.54 49.79 71.06
C GLU AC 227 136.90 48.95 72.27
N ALA AC 228 136.87 49.53 73.47
CA ALA AC 228 137.13 48.77 74.69
C ALA AC 228 135.98 47.83 75.04
N SER AC 229 134.78 48.08 74.52
CA SER AC 229 133.67 47.18 74.77
C SER AC 229 133.62 46.07 73.74
N ARG AC 230 134.12 46.31 72.53
CA ARG AC 230 134.27 45.24 71.56
C ARG AC 230 135.42 44.31 71.95
N LYS AC 231 136.44 44.86 72.60
CA LYS AC 231 137.56 44.04 73.04
C LYS AC 231 137.17 43.13 74.20
N SER AC 232 136.37 43.64 75.14
CA SER AC 232 135.96 42.83 76.28
C SER AC 232 134.93 41.79 75.90
N LEU AC 233 134.14 42.04 74.85
CA LEU AC 233 133.23 41.01 74.36
C LEU AC 233 133.97 39.86 73.71
N TYR AC 234 135.06 40.16 72.99
CA TYR AC 234 135.87 39.12 72.41
C TYR AC 234 136.63 38.36 73.48
N ASP AC 235 137.17 39.07 74.46
CA ASP AC 235 137.94 38.46 75.54
C ASP AC 235 137.10 37.57 76.44
N LEU AC 236 135.81 37.86 76.60
CA LEU AC 236 134.95 36.99 77.40
C LEU AC 236 134.55 35.75 76.62
N THR AC 237 134.35 35.87 75.31
CA THR AC 237 134.02 34.70 74.50
C THR AC 237 135.23 33.83 74.23
N LYS AC 238 136.42 34.44 74.12
CA LYS AC 238 137.65 33.66 74.01
C LYS AC 238 137.91 32.89 75.30
N SER AC 239 137.54 33.47 76.44
CA SER AC 239 137.71 32.79 77.71
C SER AC 239 136.56 31.86 78.03
N LEU AC 240 135.41 32.02 77.38
CA LEU AC 240 134.29 31.11 77.62
C LEU AC 240 134.54 29.76 76.96
N VAL AC 241 134.95 29.78 75.69
CA VAL AC 241 135.20 28.53 74.95
C VAL AC 241 136.38 27.78 75.54
N ALA AC 242 137.36 28.50 76.09
CA ALA AC 242 138.54 27.86 76.65
C ALA AC 242 138.30 27.19 78.00
N THR AC 243 137.12 27.33 78.59
CA THR AC 243 136.85 26.71 79.87
C THR AC 243 136.56 25.23 79.71
N SER AC 244 136.69 24.49 80.81
CA SER AC 244 136.40 23.06 80.80
C SER AC 244 134.93 22.76 81.00
N GLN AC 245 134.10 23.77 81.22
CA GLN AC 245 132.66 23.53 81.33
C GLN AC 245 132.01 23.48 79.97
N VAL AC 246 132.45 24.34 79.05
CA VAL AC 246 131.95 24.29 77.68
C VAL AC 246 132.60 23.15 76.90
N GLU AC 247 133.75 22.67 77.36
CA GLU AC 247 134.35 21.48 76.76
C GLU AC 247 133.47 20.25 76.99
N ASP AC 248 133.03 20.04 78.22
CA ASP AC 248 132.16 18.92 78.54
C ASP AC 248 130.73 19.13 78.06
N LEU AC 249 130.33 20.37 77.78
CA LEU AC 249 128.99 20.60 77.26
C LEU AC 249 128.87 20.16 75.80
N VAL AC 250 129.95 20.25 75.05
CA VAL AC 250 129.93 19.81 73.65
C VAL AC 250 130.36 18.36 73.52
N VAL AC 251 131.37 17.94 74.26
CA VAL AC 251 131.87 16.58 74.15
C VAL AC 251 130.93 15.59 74.85
N ASN AC 252 130.56 15.87 76.09
CA ASN AC 252 129.80 14.92 76.90
C ASN AC 252 128.41 15.39 77.29
N LEU AC 253 127.95 16.54 76.78
CA LEU AC 253 126.61 17.10 77.03
C LEU AC 253 126.33 17.37 78.49
N VAL AC 254 127.36 17.63 79.29
CA VAL AC 254 127.20 17.98 80.70
C VAL AC 254 126.79 19.44 80.80
N PRO AC 255 125.72 19.78 81.52
CA PRO AC 255 125.28 21.18 81.60
C PRO AC 255 126.26 22.05 82.38
N LEU AC 256 126.13 23.36 82.19
CA LEU AC 256 127.04 24.31 82.79
C LEU AC 256 126.71 24.54 84.26
N GLY AC 257 127.70 25.03 85.00
CA GLY AC 257 127.49 25.36 86.39
C GLY AC 257 128.11 24.37 87.36
N ARG AC 258 129.08 24.83 88.14
CA ARG AC 258 129.73 23.97 89.12
C ARG AC 258 129.81 24.67 90.48
N SER BC 1 95.12 63.87 112.61
CA SER BC 1 93.91 63.22 113.09
C SER BC 1 94.14 61.72 113.26
N LYS BC 2 93.85 60.94 112.22
CA LYS BC 2 93.99 59.50 112.25
C LYS BC 2 95.31 59.12 111.59
N THR BC 3 96.20 58.50 112.36
CA THR BC 3 97.58 58.30 111.95
C THR BC 3 98.03 56.86 112.16
N ILE BC 4 98.99 56.44 111.32
CA ILE BC 4 99.81 55.27 111.56
C ILE BC 4 101.25 55.73 111.64
N VAL BC 5 101.97 55.27 112.66
CA VAL BC 5 103.37 55.64 112.87
C VAL BC 5 104.24 54.45 112.51
N LEU BC 6 105.12 54.62 111.52
CA LEU BC 6 106.02 53.58 111.06
C LEU BC 6 107.43 53.91 111.55
N SER BC 7 107.86 53.24 112.60
CA SER BC 7 109.20 53.47 113.14
C SER BC 7 110.23 52.68 112.33
N VAL BC 8 111.25 53.38 111.84
CA VAL BC 8 112.24 52.79 110.95
C VAL BC 8 113.56 52.78 111.73
N GLY BC 9 113.45 52.58 113.04
CA GLY BC 9 114.57 52.72 113.93
C GLY BC 9 114.26 53.74 115.00
N GLU BC 10 114.93 54.88 114.95
CA GLU BC 10 114.58 56.02 115.78
C GLU BC 10 113.80 57.08 115.02
N ALA BC 11 113.82 57.04 113.68
CA ALA BC 11 113.05 57.98 112.89
C ALA BC 11 111.67 57.40 112.61
N THR BC 12 110.63 58.20 112.84
CA THR BC 12 109.24 57.78 112.64
C THR BC 12 108.66 58.56 111.48
N ARG BC 13 107.99 57.86 110.57
CA ARG BC 13 107.34 58.48 109.41
C ARG BC 13 105.84 58.37 109.62
N THR BC 14 105.22 59.47 110.07
CA THR BC 14 103.82 59.48 110.45
C THR BC 14 102.95 59.76 109.24
N LEU BC 15 102.19 58.77 108.81
CA LEU BC 15 101.20 58.97 107.77
C LEU BC 15 99.89 59.45 108.38
N THR BC 16 99.15 60.24 107.61
CA THR BC 16 97.84 60.72 108.05
C THR BC 16 96.79 60.33 107.04
N GLU BC 17 95.57 60.13 107.52
CA GLU BC 17 94.47 59.73 106.65
C GLU BC 17 93.96 60.92 105.86
N ILE BC 18 93.82 60.74 104.54
CA ILE BC 18 93.37 61.82 103.66
C ILE BC 18 92.05 61.50 102.97
N GLN BC 19 91.58 60.25 103.00
CA GLN BC 19 90.38 59.87 102.28
C GLN BC 19 89.82 58.61 102.92
N SER BC 20 88.49 58.54 103.03
CA SER BC 20 87.84 57.41 103.68
C SER BC 20 86.53 57.14 102.96
N THR BC 21 86.50 56.07 102.16
CA THR BC 21 85.29 55.60 101.50
C THR BC 21 84.64 54.61 102.47
N ALA BC 22 83.67 53.81 102.00
CA ALA BC 22 83.06 52.78 102.84
C ALA BC 22 84.08 51.74 103.27
N ASP BC 23 84.81 51.18 102.33
CA ASP BC 23 85.85 50.17 102.61
C ASP BC 23 87.26 50.70 102.37
N ARG BC 24 87.49 51.41 101.27
CA ARG BC 24 88.82 51.90 100.95
C ARG BC 24 89.19 53.06 101.87
N GLN BC 25 90.48 53.14 102.20
CA GLN BC 25 90.94 54.06 103.23
C GLN BC 25 92.38 54.42 102.92
N ILE BC 26 92.61 55.66 102.48
CA ILE BC 26 93.90 56.09 101.94
C ILE BC 26 94.62 56.95 102.98
N PHE BC 27 95.84 56.56 103.31
CA PHE BC 27 96.73 57.34 104.17
C PHE BC 27 97.80 58.00 103.32
N GLU BC 28 98.45 59.01 103.88
CA GLU BC 28 99.49 59.74 103.18
C GLU BC 28 100.36 60.47 104.20
N GLU BC 29 101.62 60.67 103.83
CA GLU BC 29 102.56 61.43 104.65
C GLU BC 29 102.60 62.87 104.19
N LYS BC 30 102.33 63.78 105.11
CA LYS BC 30 102.16 65.20 104.78
C LYS BC 30 103.46 66.00 104.83
N VAL BC 31 104.60 65.38 104.59
CA VAL BC 31 105.87 66.09 104.66
C VAL BC 31 106.45 66.23 103.26
N GLY BC 32 106.75 67.46 102.86
CA GLY BC 32 107.44 67.71 101.62
C GLY BC 32 106.54 68.22 100.51
N PRO BC 33 107.00 68.09 99.26
CA PRO BC 33 106.19 68.52 98.12
C PRO BC 33 104.97 67.64 97.89
N LEU BC 34 104.11 68.05 96.96
CA LEU BC 34 102.83 67.39 96.74
C LEU BC 34 102.90 66.26 95.72
N VAL BC 35 103.97 66.15 94.94
CA VAL BC 35 103.96 65.25 93.80
C VAL BC 35 104.22 63.80 94.21
N GLY BC 36 105.17 63.53 95.10
CA GLY BC 36 105.44 62.17 95.50
C GLY BC 36 105.51 62.00 97.00
N ARG BC 37 104.57 61.24 97.56
CA ARG BC 37 104.51 61.02 98.99
C ARG BC 37 104.26 59.54 99.26
N LEU BC 38 104.50 59.14 100.51
CA LEU BC 38 104.13 57.81 100.94
C LEU BC 38 102.61 57.64 100.88
N ARG BC 39 102.18 56.46 100.48
CA ARG BC 39 100.78 56.17 100.28
C ARG BC 39 100.48 54.81 100.89
N LEU BC 40 99.30 54.67 101.47
CA LEU BC 40 98.92 53.40 102.09
C LEU BC 40 97.41 53.25 101.89
N THR BC 41 97.02 52.31 101.05
CA THR BC 41 95.63 52.13 100.65
C THR BC 41 95.12 50.83 101.28
N ALA BC 42 94.57 50.94 102.48
CA ALA BC 42 93.95 49.80 103.11
C ALA BC 42 92.58 49.54 102.52
N SER BC 43 92.07 48.33 102.73
CA SER BC 43 90.76 47.92 102.24
C SER BC 43 90.28 46.75 103.07
N LEU BC 44 88.98 46.48 102.98
CA LEU BC 44 88.37 45.34 103.65
C LEU BC 44 87.05 45.04 102.98
N ARG BC 45 86.91 43.83 102.45
CA ARG BC 45 85.70 43.42 101.77
C ARG BC 45 85.20 42.12 102.39
N GLN BC 46 84.14 41.56 101.80
CA GLN BC 46 83.77 40.17 102.06
C GLN BC 46 83.12 39.63 100.79
N ASN BC 47 83.77 38.65 100.17
CA ASN BC 47 83.35 38.14 98.89
C ASN BC 47 82.44 36.92 99.07
N GLY BC 48 81.48 36.79 98.16
CA GLY BC 48 80.61 35.64 98.12
C GLY BC 48 79.43 35.73 99.06
N ALA BC 49 79.11 34.63 99.73
CA ALA BC 49 77.95 34.56 100.61
C ALA BC 49 78.35 34.87 102.06
N LYS BC 50 79.03 36.02 102.22
CA LYS BC 50 79.39 36.61 103.52
C LYS BC 50 80.25 35.67 104.36
N THR BC 51 81.11 34.87 103.72
CA THR BC 51 81.85 33.82 104.41
C THR BC 51 83.34 34.06 104.51
N ALA BC 52 83.91 34.97 103.71
CA ALA BC 52 85.35 35.16 103.69
C ALA BC 52 85.65 36.64 103.47
N TYR BC 53 86.40 37.23 104.39
CA TYR BC 53 86.83 38.61 104.27
C TYR BC 53 88.10 38.69 103.43
N ARG BC 54 88.48 39.92 103.08
CA ARG BC 54 89.64 40.12 102.21
C ARG BC 54 90.26 41.47 102.55
N VAL BC 55 91.35 41.45 103.30
CA VAL BC 55 92.13 42.64 103.60
C VAL BC 55 93.11 42.88 102.46
N ASN BC 56 93.37 44.15 102.15
CA ASN BC 56 94.22 44.48 101.00
C ASN BC 56 94.99 45.76 101.32
N LEU BC 57 96.21 45.63 101.79
CA LEU BC 57 97.09 46.77 101.99
C LEU BC 57 97.95 46.97 100.75
N LYS BC 58 98.43 48.21 100.58
CA LYS BC 58 99.26 48.57 99.44
C LYS BC 58 100.05 49.81 99.82
N LEU BC 59 101.37 49.65 99.97
CA LEU BC 59 102.25 50.74 100.36
C LEU BC 59 103.03 51.21 99.14
N ASP BC 60 102.67 52.38 98.61
CA ASP BC 60 103.42 52.97 97.52
C ASP BC 60 104.61 53.74 98.06
N GLN BC 61 105.62 53.91 97.21
CA GLN BC 61 106.76 54.75 97.55
C GLN BC 61 107.35 55.29 96.27
N ALA BC 62 107.21 56.60 96.06
CA ALA BC 62 107.75 57.27 94.89
C ALA BC 62 109.10 57.88 95.23
N ASP BC 63 110.04 57.80 94.28
CA ASP BC 63 111.36 58.37 94.46
C ASP BC 63 111.37 59.74 93.77
N VAL BC 64 111.07 60.76 94.53
CA VAL BC 64 111.01 62.13 94.01
C VAL BC 64 112.40 62.74 94.14
N VAL BC 65 112.74 63.62 93.20
CA VAL BC 65 114.03 64.30 93.19
C VAL BC 65 113.81 65.75 92.77
N ASP BC 66 114.45 66.68 93.47
CA ASP BC 66 114.34 68.10 93.19
C ASP BC 66 115.65 68.61 92.65
N CYS BC 67 115.68 68.93 91.36
CA CYS BC 67 116.88 69.38 90.67
C CYS BC 67 116.76 70.85 90.28
N SER BC 68 116.08 71.62 91.12
CA SER BC 68 115.87 73.03 90.82
C SER BC 68 117.13 73.87 91.03
N THR BC 69 118.08 73.38 91.82
CA THR BC 69 119.30 74.15 92.08
C THR BC 69 120.36 73.86 91.03
N SER BC 70 120.45 72.61 90.58
CA SER BC 70 121.49 72.24 89.63
C SER BC 70 121.17 72.75 88.23
N VAL BC 71 120.09 72.27 87.64
CA VAL BC 71 119.61 72.79 86.37
C VAL BC 71 118.53 73.82 86.67
N CYS BC 72 118.59 74.96 85.97
CA CYS BC 72 117.71 76.07 86.29
C CYS BC 72 116.34 75.85 85.68
N GLY BC 73 115.30 76.06 86.49
CA GLY BC 73 113.95 76.17 85.99
C GLY BC 73 113.16 74.89 85.83
N GLU BC 74 113.39 73.90 86.67
CA GLU BC 74 112.54 72.71 86.63
C GLU BC 74 112.11 72.32 88.04
N LEU BC 75 111.08 71.48 88.07
CA LEU BC 75 110.29 71.20 89.26
C LEU BC 75 110.63 69.81 89.79
N PRO BC 76 110.23 69.44 91.01
CA PRO BC 76 110.41 68.06 91.45
C PRO BC 76 109.53 67.10 90.66
N LYS BC 77 110.06 65.89 90.46
CA LYS BC 77 109.41 64.91 89.60
C LYS BC 77 109.63 63.53 90.18
N VAL BC 78 108.76 62.60 89.83
CA VAL BC 78 108.83 61.23 90.32
C VAL BC 78 109.61 60.40 89.31
N ARG BC 79 110.72 59.82 89.75
CA ARG BC 79 111.48 58.91 88.91
C ARG BC 79 110.74 57.60 88.69
N TYR BC 80 110.44 56.89 89.78
CA TYR BC 80 109.78 55.60 89.73
C TYR BC 80 108.97 55.41 91.00
N THR BC 81 108.13 54.37 91.00
CA THR BC 81 107.39 53.96 92.19
C THR BC 81 107.64 52.48 92.45
N GLN BC 82 107.78 52.14 93.72
CA GLN BC 82 107.94 50.75 94.14
C GLN BC 82 106.89 50.44 95.20
N VAL BC 83 106.09 49.42 94.96
CA VAL BC 83 104.97 49.09 95.83
C VAL BC 83 105.30 47.81 96.60
N TRP BC 84 104.50 47.55 97.64
CA TRP BC 84 104.52 46.28 98.34
C TRP BC 84 103.09 46.03 98.78
N SER BC 85 102.34 45.29 97.97
CA SER BC 85 100.94 45.01 98.26
C SER BC 85 100.82 43.84 99.22
N HIS BC 86 99.64 43.72 99.83
CA HIS BC 86 99.28 42.56 100.61
C HIS BC 86 97.86 42.14 100.23
N ASP BC 87 97.55 40.87 100.42
CA ASP BC 87 96.22 40.35 100.14
C ASP BC 87 95.96 39.20 101.11
N VAL BC 88 95.32 39.51 102.20
CA VAL BC 88 95.01 38.53 103.24
C VAL BC 88 93.59 38.01 103.01
N THR BC 89 93.44 36.68 103.06
CA THR BC 89 92.13 36.05 102.96
C THR BC 89 91.79 35.44 104.31
N ILE BC 90 90.71 35.92 104.91
CA ILE BC 90 90.28 35.48 106.23
C ILE BC 90 88.85 34.95 106.10
N VAL BC 91 88.64 33.70 106.51
CA VAL BC 91 87.30 33.14 106.53
C VAL BC 91 86.63 33.52 107.85
N ALA BC 92 85.30 33.67 107.79
CA ALA BC 92 84.57 34.37 108.83
C ALA BC 92 84.44 33.55 110.12
N ASN BC 93 84.27 32.23 110.01
CA ASN BC 93 84.05 31.39 111.17
C ASN BC 93 85.33 30.82 111.74
N SER BC 94 86.44 31.54 111.60
CA SER BC 94 87.72 31.10 112.13
C SER BC 94 87.74 31.16 113.66
N THR BC 95 88.74 30.53 114.24
CA THR BC 95 89.10 30.79 115.62
C THR BC 95 90.12 31.91 115.65
N GLU BC 96 90.29 32.53 116.82
CA GLU BC 96 91.19 33.67 116.92
C GLU BC 96 92.64 33.25 116.82
N ALA BC 97 92.97 32.04 117.26
CA ALA BC 97 94.34 31.55 117.15
C ALA BC 97 94.72 31.22 115.71
N SER BC 98 93.74 31.00 114.83
CA SER BC 98 94.04 30.81 113.42
C SER BC 98 94.47 32.13 112.78
N ARG BC 99 93.79 33.22 113.13
CA ARG BC 99 94.15 34.53 112.61
C ARG BC 99 95.39 35.11 113.27
N LYS BC 100 95.61 34.81 114.55
CA LYS BC 100 96.78 35.34 115.25
C LYS BC 100 98.05 34.66 114.80
N SER BC 101 98.00 33.35 114.56
CA SER BC 101 99.20 32.63 114.15
C SER BC 101 99.57 32.91 112.70
N LEU BC 102 98.56 33.19 111.85
CA LEU BC 102 98.85 33.60 110.48
C LEU BC 102 99.51 34.97 110.45
N TYR BC 103 99.10 35.87 111.33
CA TYR BC 103 99.76 37.16 111.44
C TYR BC 103 101.15 37.00 112.05
N ASP BC 104 101.29 36.12 113.05
CA ASP BC 104 102.56 35.93 113.73
C ASP BC 104 103.61 35.28 112.83
N LEU BC 105 103.19 34.52 111.83
CA LEU BC 105 104.14 33.95 110.88
C LEU BC 105 104.56 34.96 109.84
N THR BC 106 103.61 35.76 109.34
CA THR BC 106 103.93 36.76 108.32
C THR BC 106 104.72 37.92 108.91
N LYS BC 107 104.50 38.23 110.19
CA LYS BC 107 105.33 39.23 110.87
C LYS BC 107 106.76 38.73 111.00
N SER BC 108 106.94 37.44 111.19
CA SER BC 108 108.28 36.85 111.28
C SER BC 108 108.84 36.47 109.93
N LEU BC 109 108.01 36.31 108.92
CA LEU BC 109 108.50 36.06 107.57
C LEU BC 109 109.20 37.29 107.02
N VAL BC 110 108.56 38.46 107.15
CA VAL BC 110 109.13 39.69 106.63
C VAL BC 110 110.37 40.09 107.44
N ALA BC 111 110.36 39.85 108.74
CA ALA BC 111 111.45 40.30 109.61
C ALA BC 111 112.72 39.46 109.50
N THR BC 112 112.74 38.41 108.68
CA THR BC 112 113.93 37.59 108.55
C THR BC 112 114.88 38.21 107.54
N SER BC 113 116.13 37.74 107.57
CA SER BC 113 117.15 38.27 106.69
C SER BC 113 117.21 37.59 105.33
N GLN BC 114 116.31 36.65 105.06
CA GLN BC 114 116.27 36.03 103.74
C GLN BC 114 115.31 36.75 102.81
N VAL BC 115 114.23 37.31 103.35
CA VAL BC 115 113.32 38.12 102.54
C VAL BC 115 113.89 39.54 102.38
N GLU BC 116 114.80 39.94 103.26
CA GLU BC 116 115.50 41.21 103.07
C GLU BC 116 116.37 41.17 101.83
N ASP BC 117 117.15 40.10 101.65
CA ASP BC 117 117.99 39.97 100.47
C ASP BC 117 117.19 39.66 99.21
N LEU BC 118 115.92 39.25 99.35
CA LEU BC 118 115.11 38.94 98.19
C LEU BC 118 114.55 40.19 97.52
N VAL BC 119 114.30 41.25 98.28
CA VAL BC 119 113.70 42.45 97.71
C VAL BC 119 114.74 43.55 97.56
N VAL BC 120 115.88 43.40 98.25
CA VAL BC 120 116.94 44.40 98.11
C VAL BC 120 117.97 43.94 97.09
N ASN BC 121 118.46 42.70 97.23
CA ASN BC 121 119.54 42.19 96.40
C ASN BC 121 119.09 41.09 95.45
N LEU BC 122 117.78 40.78 95.43
CA LEU BC 122 117.13 39.86 94.48
C LEU BC 122 117.66 38.43 94.57
N VAL BC 123 118.15 38.03 95.73
CA VAL BC 123 118.64 36.66 95.95
C VAL BC 123 117.47 35.78 96.37
N PRO BC 124 117.31 34.58 95.80
CA PRO BC 124 116.16 33.74 96.15
C PRO BC 124 116.26 33.19 97.57
N LEU BC 125 115.14 32.63 98.03
CA LEU BC 125 114.99 32.20 99.41
C LEU BC 125 115.64 30.84 99.62
N GLY BC 126 115.90 30.53 100.90
CA GLY BC 126 116.44 29.24 101.26
C GLY BC 126 117.95 29.23 101.35
N ARG BC 127 118.48 28.85 102.51
CA ARG BC 127 119.91 28.72 102.73
C ARG BC 127 120.19 27.40 103.42
N ALA BC 128 121.10 26.61 102.86
CA ALA BC 128 121.36 25.25 103.34
C ALA BC 128 122.41 25.29 104.44
N TYR BC 129 122.02 24.87 105.65
CA TYR BC 129 122.95 24.65 106.76
C TYR BC 129 122.70 23.25 107.30
N GLY BC 130 123.48 22.30 106.81
CA GLY BC 130 123.39 20.92 107.27
C GLY BC 130 122.16 20.19 106.77
N GLY BC 131 122.08 19.96 105.46
CA GLY BC 131 120.92 19.29 104.89
C GLY BC 131 120.40 19.99 103.66
N SER BC 132 119.14 20.44 103.72
CA SER BC 132 118.55 21.18 102.62
C SER BC 132 118.41 22.65 102.98
N LYS BC 133 117.80 23.40 102.08
CA LYS BC 133 117.64 24.85 102.26
C LYS BC 133 116.38 25.14 103.06
N THR BC 134 116.52 25.87 104.15
CA THR BC 134 115.43 26.09 105.09
C THR BC 134 115.25 27.57 105.41
N ILE BC 135 114.02 27.93 105.78
CA ILE BC 135 113.71 29.20 106.40
C ILE BC 135 113.16 28.92 107.79
N VAL BC 136 113.71 29.57 108.80
CA VAL BC 136 113.20 29.46 110.16
C VAL BC 136 112.29 30.65 110.44
N LEU BC 137 111.16 30.40 111.09
CA LEU BC 137 110.17 31.42 111.40
C LEU BC 137 109.92 31.40 112.90
N SER BC 138 110.61 32.27 113.62
CA SER BC 138 110.46 32.34 115.07
C SER BC 138 109.16 33.03 115.43
N VAL BC 139 108.37 32.38 116.28
CA VAL BC 139 107.05 32.87 116.69
C VAL BC 139 107.22 33.17 118.19
N GLY BC 140 108.40 33.65 118.54
CA GLY BC 140 108.81 33.75 119.92
C GLY BC 140 110.05 32.90 120.13
N GLU BC 141 109.92 31.79 120.85
CA GLU BC 141 110.98 30.80 120.90
C GLU BC 141 110.69 29.58 120.05
N ALA BC 142 109.43 29.34 119.69
CA ALA BC 142 109.08 28.22 118.82
C ALA BC 142 109.41 28.57 117.38
N THR BC 143 110.27 27.77 116.76
CA THR BC 143 110.74 28.01 115.39
C THR BC 143 110.13 26.97 114.47
N ARG BC 144 109.17 27.39 113.65
CA ARG BC 144 108.55 26.52 112.66
C ARG BC 144 109.41 26.54 111.41
N THR BC 145 110.26 25.53 111.26
CA THR BC 145 111.24 25.48 110.17
C THR BC 145 110.60 24.86 108.94
N LEU BC 146 110.51 25.63 107.86
CA LEU BC 146 110.07 25.11 106.58
C LEU BC 146 111.27 24.63 105.79
N THR BC 147 111.08 23.55 105.02
CA THR BC 147 112.12 23.02 104.16
C THR BC 147 111.69 23.13 102.71
N GLU BC 148 112.64 23.43 101.84
CA GLU BC 148 112.34 23.58 100.43
C GLU BC 148 112.08 22.23 99.79
N ILE BC 149 110.93 22.09 99.15
CA ILE BC 149 110.56 20.84 98.50
C ILE BC 149 110.58 20.95 96.98
N GLN BC 150 110.74 22.15 96.42
CA GLN BC 150 110.66 22.30 94.97
C GLN BC 150 111.45 23.53 94.57
N SER BC 151 112.01 23.50 93.36
CA SER BC 151 112.73 24.63 92.79
C SER BC 151 112.46 24.59 91.29
N THR BC 152 111.48 25.39 90.86
CA THR BC 152 111.09 25.45 89.46
C THR BC 152 111.98 26.53 88.81
N ALA BC 153 111.65 27.00 87.60
CA ALA BC 153 112.44 28.02 86.94
C ALA BC 153 112.41 29.35 87.70
N ASP BC 154 111.23 29.79 88.11
CA ASP BC 154 111.09 30.97 88.94
C ASP BC 154 110.47 30.64 90.30
N ARG BC 155 109.53 29.71 90.33
CA ARG BC 155 108.81 29.33 91.55
C ARG BC 155 109.74 28.60 92.51
N GLN BC 156 109.34 28.60 93.79
CA GLN BC 156 110.16 28.01 94.85
C GLN BC 156 109.21 27.68 95.99
N ILE BC 157 108.86 26.40 96.12
CA ILE BC 157 107.84 25.98 97.08
C ILE BC 157 108.53 25.42 98.32
N PHE BC 158 108.24 26.04 99.47
CA PHE BC 158 108.70 25.58 100.76
C PHE BC 158 107.53 24.92 101.48
N GLU BC 159 107.86 24.04 102.44
CA GLU BC 159 106.82 23.32 103.16
C GLU BC 159 107.38 22.82 104.49
N GLU BC 160 106.56 22.91 105.53
CA GLU BC 160 106.88 22.28 106.80
C GLU BC 160 106.56 20.80 106.73
N LYS BC 161 107.43 19.99 107.33
CA LYS BC 161 107.37 18.54 107.15
C LYS BC 161 106.81 17.78 108.34
N VAL BC 162 106.41 18.45 109.40
CA VAL BC 162 105.81 17.77 110.53
C VAL BC 162 104.30 17.69 110.33
N GLY BC 163 103.69 16.63 110.86
CA GLY BC 163 102.25 16.48 110.81
C GLY BC 163 101.77 15.71 109.61
N PRO BC 164 100.46 15.75 109.37
CA PRO BC 164 99.89 15.00 108.24
C PRO BC 164 100.18 15.67 106.91
N LEU BC 165 99.95 14.92 105.84
CA LEU BC 165 100.18 15.40 104.49
C LEU BC 165 99.09 16.35 103.98
N VAL BC 166 97.95 16.39 104.66
CA VAL BC 166 96.82 17.13 104.11
C VAL BC 166 96.96 18.64 104.33
N GLY BC 167 97.26 19.08 105.55
CA GLY BC 167 97.39 20.49 105.82
C GLY BC 167 98.74 20.86 106.39
N ARG BC 168 99.53 21.59 105.61
CA ARG BC 168 100.87 21.97 106.03
C ARG BC 168 101.12 23.42 105.64
N LEU BC 169 102.10 24.02 106.29
CA LEU BC 169 102.54 25.36 105.91
C LEU BC 169 103.17 25.35 104.53
N ARG BC 170 102.85 26.36 103.74
CA ARG BC 170 103.37 26.47 102.39
C ARG BC 170 103.96 27.85 102.18
N LEU BC 171 104.85 27.96 101.21
CA LEU BC 171 105.46 29.25 100.87
C LEU BC 171 105.88 29.16 99.41
N THR BC 172 105.09 29.74 98.53
CA THR BC 172 105.38 29.72 97.09
C THR BC 172 105.98 31.06 96.71
N ALA BC 173 107.29 31.19 96.91
CA ALA BC 173 108.01 32.38 96.47
C ALA BC 173 108.12 32.39 94.95
N SER BC 174 108.44 33.57 94.41
CA SER BC 174 108.53 33.74 92.97
C SER BC 174 109.40 34.97 92.68
N LEU BC 175 109.80 35.09 91.42
CA LEU BC 175 110.63 36.21 90.97
C LEU BC 175 110.55 36.26 89.45
N ARG BC 176 110.16 37.41 88.91
CA ARG BC 176 110.03 37.59 87.47
C ARG BC 176 110.68 38.90 87.07
N GLN BC 177 110.66 39.17 85.77
CA GLN BC 177 110.92 40.52 85.27
C GLN BC 177 110.09 40.69 84.00
N ASN BC 178 109.24 41.71 83.99
CA ASN BC 178 108.25 41.87 82.94
C ASN BC 178 108.78 42.76 81.84
N GLY BC 179 108.35 42.48 80.61
CA GLY BC 179 108.61 43.32 79.46
C GLY BC 179 110.05 43.40 79.04
N ALA BC 180 110.55 44.62 78.86
CA ALA BC 180 111.92 44.84 78.39
C ALA BC 180 112.89 45.04 79.56
N LYS BC 181 112.87 44.09 80.51
CA LYS BC 181 113.80 44.00 81.63
C LYS BC 181 113.82 45.26 82.48
N THR BC 182 112.67 45.89 82.68
CA THR BC 182 112.61 47.18 83.35
C THR BC 182 112.11 47.11 84.79
N ALA BC 183 111.44 46.03 85.19
CA ALA BC 183 110.88 45.96 86.54
C ALA BC 183 110.74 44.51 86.95
N TYR BC 184 111.20 44.19 88.15
CA TYR BC 184 111.05 42.86 88.71
C TYR BC 184 109.71 42.76 89.43
N ARG BC 185 109.37 41.56 89.89
CA ARG BC 185 108.11 41.34 90.61
C ARG BC 185 108.28 40.14 91.52
N VAL BC 186 108.45 40.40 92.81
CA VAL BC 186 108.51 39.35 93.81
C VAL BC 186 107.09 39.03 94.27
N ASN BC 187 106.83 37.76 94.57
CA ASN BC 187 105.47 37.33 94.91
C ASN BC 187 105.57 36.17 95.90
N LEU BC 188 105.41 36.47 97.18
CA LEU BC 188 105.32 35.44 98.20
C LEU BC 188 103.86 35.12 98.48
N LYS BC 189 103.63 33.96 99.09
CA LYS BC 189 102.29 33.51 99.41
C LYS BC 189 102.40 32.44 100.49
N LEU BC 190 101.80 32.69 101.65
CA LEU BC 190 101.89 31.79 102.79
C LEU BC 190 100.49 31.27 103.11
N ASP BC 191 100.25 30.00 102.82
CA ASP BC 191 98.98 29.36 103.17
C ASP BC 191 99.10 28.71 104.54
N GLN BC 192 97.98 28.66 105.25
CA GLN BC 192 97.92 28.02 106.55
C GLN BC 192 96.57 27.36 106.72
N ALA BC 193 96.50 26.07 106.42
CA ALA BC 193 95.27 25.30 106.54
C ALA BC 193 95.13 24.82 107.97
N ASP BC 194 93.91 24.91 108.50
CA ASP BC 194 93.63 24.52 109.87
C ASP BC 194 93.14 23.07 109.87
N VAL BC 195 94.01 22.16 110.26
CA VAL BC 195 93.71 20.73 110.27
C VAL BC 195 93.36 20.33 111.71
N VAL BC 196 92.36 19.48 111.85
CA VAL BC 196 91.89 19.03 113.15
C VAL BC 196 91.74 17.51 113.09
N ASP BC 197 91.95 16.85 114.24
CA ASP BC 197 91.81 15.41 114.33
C ASP BC 197 90.73 15.06 115.35
N CYS BC 198 89.83 14.17 114.96
CA CYS BC 198 88.72 13.76 115.81
C CYS BC 198 88.92 12.35 116.34
N SER BC 199 90.19 11.94 116.49
CA SER BC 199 90.49 10.58 116.91
C SER BC 199 90.16 10.32 118.38
N THR BC 200 90.16 11.36 119.21
CA THR BC 200 89.74 11.19 120.59
C THR BC 200 88.22 11.05 120.67
N SER BC 201 87.49 11.73 119.79
CA SER BC 201 86.04 11.69 119.77
C SER BC 201 85.49 10.50 118.99
N VAL BC 202 85.91 10.34 117.73
CA VAL BC 202 85.37 9.32 116.84
C VAL BC 202 86.50 8.37 116.46
N CYS BC 203 86.22 7.07 116.49
CA CYS BC 203 87.19 6.07 116.08
C CYS BC 203 87.54 6.17 114.60
N GLY BC 204 88.82 5.92 114.30
CA GLY BC 204 89.26 5.78 112.92
C GLY BC 204 89.20 7.04 112.10
N GLU BC 205 89.22 8.21 112.72
CA GLU BC 205 89.08 9.47 112.02
C GLU BC 205 90.47 9.99 111.69
N LEU BC 206 90.77 10.06 110.40
CA LEU BC 206 92.00 10.65 109.94
C LEU BC 206 91.84 12.17 109.88
N PRO BC 207 92.92 12.93 110.07
CA PRO BC 207 92.79 14.39 110.12
C PRO BC 207 92.40 14.99 108.77
N LYS BC 208 91.70 16.12 108.85
CA LYS BC 208 91.21 16.81 107.67
C LYS BC 208 91.22 18.31 107.95
N VAL BC 209 91.14 19.10 106.89
CA VAL BC 209 91.20 20.56 107.00
C VAL BC 209 89.79 21.11 107.00
N ARG BC 210 89.60 22.23 107.72
CA ARG BC 210 88.31 22.90 107.72
C ARG BC 210 88.30 24.05 106.71
N TYR BC 211 89.27 24.96 106.84
CA TYR BC 211 89.36 26.13 105.98
C TYR BC 211 90.82 26.38 105.64
N THR BC 212 91.09 27.47 104.93
CA THR BC 212 92.44 27.89 104.67
C THR BC 212 92.50 29.42 104.64
N GLN BC 213 93.62 29.96 105.11
CA GLN BC 213 93.83 31.40 105.19
C GLN BC 213 95.20 31.72 104.65
N VAL BC 214 95.27 32.63 103.68
CA VAL BC 214 96.50 32.96 102.99
C VAL BC 214 96.92 34.38 103.34
N TRP BC 215 98.17 34.71 103.02
CA TRP BC 215 98.68 36.08 103.10
C TRP BC 215 99.68 36.22 101.95
N SER BC 216 99.22 36.77 100.84
CA SER BC 216 100.09 37.00 99.71
C SER BC 216 100.86 38.29 99.87
N HIS BC 217 101.94 38.40 99.10
CA HIS BC 217 102.68 39.65 98.96
C HIS BC 217 102.90 39.87 97.47
N ASP BC 218 103.07 41.14 97.09
CA ASP BC 218 103.30 41.46 95.69
C ASP BC 218 104.19 42.71 95.65
N VAL BC 219 105.50 42.47 95.57
CA VAL BC 219 106.49 43.54 95.56
C VAL BC 219 106.83 43.86 94.12
N THR BC 220 106.83 45.15 93.79
CA THR BC 220 107.23 45.62 92.47
C THR BC 220 108.50 46.45 92.63
N ILE BC 221 109.57 46.03 91.95
CA ILE BC 221 110.87 46.66 92.04
C ILE BC 221 111.32 47.02 90.64
N VAL BC 222 111.54 48.31 90.39
CA VAL BC 222 112.04 48.71 89.08
C VAL BC 222 113.54 48.48 89.03
N ALA BC 223 114.07 48.30 87.81
CA ALA BC 223 115.40 47.73 87.65
C ALA BC 223 116.50 48.74 87.93
N ASN BC 224 116.28 50.01 87.59
CA ASN BC 224 117.30 51.05 87.76
C ASN BC 224 117.17 51.78 89.09
N SER BC 225 116.73 51.08 90.14
CA SER BC 225 116.53 51.65 91.47
C SER BC 225 117.85 52.04 92.11
N THR BC 226 117.73 52.73 93.23
CA THR BC 226 118.82 52.85 94.18
C THR BC 226 118.62 51.75 95.21
N GLU BC 227 119.74 51.21 95.72
CA GLU BC 227 119.65 50.18 96.76
C GLU BC 227 119.09 50.76 98.06
N ALA BC 228 119.30 52.05 98.29
CA ALA BC 228 118.72 52.71 99.46
C ALA BC 228 117.22 52.89 99.33
N SER BC 229 116.67 52.82 98.12
CA SER BC 229 115.22 52.92 97.96
C SER BC 229 114.57 51.54 98.04
N ARG BC 230 115.31 50.48 97.70
CA ARG BC 230 114.82 49.13 97.94
C ARG BC 230 114.92 48.79 99.42
N LYS BC 231 115.91 49.33 100.12
CA LYS BC 231 116.05 49.08 101.54
C LYS BC 231 114.97 49.78 102.34
N SER BC 232 114.62 51.01 101.95
CA SER BC 232 113.62 51.77 102.70
C SER BC 232 112.22 51.24 102.45
N LEU BC 233 111.96 50.66 101.28
CA LEU BC 233 110.67 50.03 101.04
C LEU BC 233 110.50 48.78 101.87
N TYR BC 234 111.57 48.01 102.05
CA TYR BC 234 111.50 46.83 102.91
C TYR BC 234 111.40 47.24 104.38
N ASP BC 235 112.15 48.26 104.77
CA ASP BC 235 112.17 48.72 106.16
C ASP BC 235 110.84 49.34 106.59
N LEU BC 236 110.06 49.86 105.66
CA LEU BC 236 108.74 50.36 106.01
C LEU BC 236 107.73 49.23 106.09
N THR BC 237 107.82 48.24 105.20
CA THR BC 237 106.88 47.13 105.23
C THR BC 237 107.18 46.19 106.38
N LYS BC 238 108.45 46.06 106.77
CA LYS BC 238 108.79 45.35 108.00
C LYS BC 238 108.23 46.07 109.22
N SER BC 239 108.24 47.40 109.18
CA SER BC 239 107.69 48.19 110.27
C SER BC 239 106.17 48.32 110.20
N LEU BC 240 105.58 48.17 109.02
CA LEU BC 240 104.13 48.27 108.91
C LEU BC 240 103.45 47.04 109.50
N VAL BC 241 103.93 45.84 109.15
CA VAL BC 241 103.36 44.60 109.64
C VAL BC 241 103.56 44.46 111.14
N ALA BC 242 104.66 44.99 111.67
CA ALA BC 242 104.96 44.87 113.10
C ALA BC 242 104.12 45.78 113.99
N THR BC 243 103.31 46.68 113.41
CA THR BC 243 102.51 47.57 114.23
C THR BC 243 101.30 46.84 114.81
N SER BC 244 100.70 47.45 115.83
CA SER BC 244 99.50 46.89 116.44
C SER BC 244 98.23 47.29 115.70
N GLN BC 245 98.32 48.19 114.72
CA GLN BC 245 97.15 48.55 113.94
C GLN BC 245 96.83 47.49 112.90
N VAL BC 246 97.87 46.91 112.28
CA VAL BC 246 97.68 45.81 111.35
C VAL BC 246 97.44 44.50 112.08
N GLU BC 247 97.86 44.41 113.35
CA GLU BC 247 97.55 43.22 114.15
C GLU BC 247 96.05 43.12 114.40
N ASP BC 248 95.41 44.23 114.79
CA ASP BC 248 93.98 44.24 115.00
C ASP BC 248 93.19 44.24 113.69
N LEU BC 249 93.82 44.60 112.57
CA LEU BC 249 93.11 44.59 111.30
C LEU BC 249 92.97 43.18 110.74
N VAL BC 250 93.95 42.32 110.99
CA VAL BC 250 93.87 40.95 110.53
C VAL BC 250 93.14 40.07 111.53
N VAL BC 251 93.40 40.26 112.82
CA VAL BC 251 92.77 39.41 113.84
C VAL BC 251 91.34 39.84 114.09
N ASN BC 252 91.11 41.12 114.34
CA ASN BC 252 89.80 41.59 114.79
C ASN BC 252 89.08 42.48 113.78
N LEU BC 253 89.62 42.66 112.58
CA LEU BC 253 89.03 43.45 111.49
C LEU BC 253 88.78 44.91 111.86
N VAL BC 254 89.58 45.46 112.75
CA VAL BC 254 89.48 46.87 113.14
C VAL BC 254 90.21 47.70 112.08
N PRO BC 255 89.59 48.75 111.53
CA PRO BC 255 90.26 49.53 110.49
C PRO BC 255 91.43 50.33 111.02
N LEU BC 256 92.28 50.78 110.09
CA LEU BC 256 93.51 51.46 110.45
C LEU BC 256 93.23 52.91 110.83
N GLY BC 257 94.17 53.50 111.56
CA GLY BC 257 94.08 54.90 111.92
C GLY BC 257 93.62 55.15 113.34
N ARG BC 258 94.43 55.84 114.13
CA ARG BC 258 94.06 56.22 115.48
C ARG BC 258 94.45 57.66 115.78
N SER CC 1 -93.97 -66.66 -112.02
CA SER CC 1 -92.59 -66.37 -112.37
C SER CC 1 -91.69 -67.53 -112.00
N LYS CC 2 -91.05 -67.45 -110.84
CA LYS CC 2 -90.14 -68.47 -110.35
C LYS CC 2 -90.89 -69.38 -109.39
N THR CC 3 -90.97 -70.66 -109.74
CA THR CC 3 -91.86 -71.59 -109.06
C THR CC 3 -91.16 -72.89 -108.67
N ILE CC 4 -91.66 -73.48 -107.59
CA ILE CC 4 -91.40 -74.88 -107.24
C ILE CC 4 -92.74 -75.61 -107.29
N VAL CC 5 -92.76 -76.80 -107.87
CA VAL CC 5 -93.97 -77.59 -107.99
C VAL CC 5 -93.81 -78.82 -107.10
N LEU CC 6 -94.73 -78.98 -106.15
CA LEU CC 6 -94.72 -80.09 -105.20
C LEU CC 6 -95.91 -80.99 -105.51
N SER CC 7 -95.65 -82.11 -106.18
CA SER CC 7 -96.71 -83.05 -106.52
C SER CC 7 -96.95 -84.01 -105.35
N VAL CC 8 -98.22 -84.15 -104.95
CA VAL CC 8 -98.60 -84.94 -103.79
C VAL CC 8 -99.37 -86.13 -104.37
N GLY CC 9 -98.96 -86.57 -105.55
CA GLY CC 9 -99.68 -87.59 -106.28
C GLY CC 9 -100.03 -87.07 -107.66
N GLU CC 10 -101.32 -86.90 -107.92
CA GLU CC 10 -101.78 -86.21 -109.12
C GLU CC 10 -102.04 -84.73 -108.90
N ALA CC 11 -102.16 -84.30 -107.65
CA ALA CC 11 -102.35 -82.88 -107.36
C ALA CC 11 -101.01 -82.19 -107.17
N THR CC 12 -100.84 -81.03 -107.79
CA THR CC 12 -99.61 -80.27 -107.72
C THR CC 12 -99.90 -78.93 -107.03
N ARG CC 13 -99.08 -78.59 -106.04
CA ARG CC 13 -99.23 -77.35 -105.30
C ARG CC 13 -98.06 -76.44 -105.68
N THR CC 14 -98.30 -75.55 -106.63
CA THR CC 14 -97.26 -74.68 -107.18
C THR CC 14 -97.03 -73.50 -106.27
N LEU CC 15 -95.86 -73.44 -105.65
CA LEU CC 15 -95.44 -72.29 -104.87
C LEU CC 15 -94.79 -71.26 -105.79
N THR CC 16 -95.02 -69.99 -105.49
CA THR CC 16 -94.40 -68.92 -106.26
C THR CC 16 -93.55 -68.06 -105.35
N GLU CC 17 -92.50 -67.48 -105.92
CA GLU CC 17 -91.57 -66.66 -105.15
C GLU CC 17 -92.15 -65.28 -104.91
N ILE CC 18 -92.11 -64.83 -103.66
CA ILE CC 18 -92.67 -63.53 -103.29
C ILE CC 18 -91.62 -62.56 -102.75
N GLN CC 19 -90.41 -63.03 -102.45
CA GLN CC 19 -89.40 -62.18 -101.83
C GLN CC 19 -88.04 -62.79 -102.11
N SER CC 20 -87.03 -61.94 -102.31
CA SER CC 20 -85.69 -62.42 -102.65
C SER CC 20 -84.69 -61.42 -102.09
N THR CC 21 -84.03 -61.80 -101.00
CA THR CC 21 -82.97 -61.01 -100.41
C THR CC 21 -81.67 -61.47 -101.07
N ALA CC 22 -80.50 -61.15 -100.49
CA ALA CC 22 -79.22 -61.63 -101.01
C ALA CC 22 -79.14 -63.15 -101.00
N ASP CC 23 -79.51 -63.76 -99.88
CA ASP CC 23 -79.51 -65.21 -99.72
C ASP CC 23 -80.87 -65.78 -99.38
N ARG CC 24 -81.64 -65.12 -98.53
CA ARG CC 24 -82.94 -65.61 -98.12
C ARG CC 24 -83.93 -65.50 -99.28
N GLN CC 25 -84.86 -66.45 -99.35
CA GLN CC 25 -85.69 -66.61 -100.53
C GLN CC 25 -87.01 -67.22 -100.10
N ILE CC 26 -88.07 -66.42 -100.11
CA ILE CC 26 -89.37 -66.81 -99.57
C ILE CC 26 -90.31 -67.15 -100.72
N PHE CC 27 -90.87 -68.36 -100.67
CA PHE CC 27 -91.88 -68.82 -101.62
C PHE CC 27 -93.23 -68.86 -100.90
N GLU CC 28 -94.30 -68.92 -101.70
CA GLU CC 28 -95.65 -68.92 -101.16
C GLU CC 28 -96.61 -69.47 -102.20
N GLU CC 29 -97.69 -70.08 -101.73
CA GLU CC 29 -98.75 -70.56 -102.60
C GLU CC 29 -99.83 -69.49 -102.71
N LYS CC 30 -100.11 -69.06 -103.95
CA LYS CC 30 -101.01 -67.95 -104.19
C LYS CC 30 -102.46 -68.34 -104.33
N VAL CC 31 -102.87 -69.45 -103.74
CA VAL CC 31 -104.27 -69.89 -103.84
C VAL CC 31 -104.95 -69.72 -102.50
N GLY CC 32 -106.09 -69.03 -102.49
CA GLY CC 32 -106.92 -68.93 -101.32
C GLY CC 32 -106.82 -67.59 -100.62
N PRO CC 33 -107.28 -67.54 -99.37
CA PRO CC 33 -107.19 -66.29 -98.59
C PRO CC 33 -105.77 -65.88 -98.25
N LEU CC 34 -105.61 -64.68 -97.72
CA LEU CC 34 -104.30 -64.09 -97.50
C LEU CC 34 -103.68 -64.49 -96.16
N VAL CC 35 -104.44 -65.10 -95.26
CA VAL CC 35 -103.97 -65.23 -93.88
C VAL CC 35 -103.10 -66.48 -93.68
N GLY CC 36 -103.47 -67.62 -94.24
CA GLY CC 36 -102.67 -68.81 -94.07
C GLY CC 36 -102.36 -69.49 -95.38
N ARG CC 37 -101.09 -69.53 -95.75
CA ARG CC 37 -100.65 -70.11 -97.01
C ARG CC 37 -99.41 -70.96 -96.75
N LEU CC 38 -99.09 -71.80 -97.72
CA LEU CC 38 -97.83 -72.52 -97.69
C LEU CC 38 -96.66 -71.54 -97.80
N ARG CC 39 -95.53 -71.93 -97.23
CA ARG CC 39 -94.38 -71.06 -97.11
C ARG CC 39 -93.13 -71.90 -97.24
N LEU CC 40 -92.10 -71.33 -97.87
CA LEU CC 40 -90.85 -72.07 -98.05
C LEU CC 40 -89.73 -71.04 -98.04
N THR CC 41 -88.97 -71.03 -96.95
CA THR CC 41 -87.90 -70.06 -96.75
C THR CC 41 -86.56 -70.76 -96.94
N ALA CC 42 -86.02 -70.68 -98.14
CA ALA CC 42 -84.69 -71.20 -98.39
C ALA CC 42 -83.63 -70.19 -97.97
N SER CC 43 -82.42 -70.68 -97.74
CA SER CC 43 -81.29 -69.84 -97.34
C SER CC 43 -80.02 -70.53 -97.77
N LEU CC 44 -78.92 -69.77 -97.79
CA LEU CC 44 -77.61 -70.30 -98.13
C LEU CC 44 -76.56 -69.33 -97.62
N ARG CC 45 -75.68 -69.81 -96.74
CA ARG CC 45 -74.65 -68.98 -96.15
C ARG CC 45 -73.31 -69.66 -96.33
N GLN CC 46 -72.25 -69.04 -95.81
CA GLN CC 46 -70.98 -69.72 -95.63
C GLN CC 46 -70.34 -69.18 -94.35
N ASN CC 47 -70.29 -70.03 -93.33
CA ASN CC 47 -69.89 -69.62 -91.99
C ASN CC 47 -68.38 -69.71 -91.83
N GLY CC 48 -67.82 -68.71 -91.16
CA GLY CC 48 -66.42 -68.73 -90.79
C GLY CC 48 -65.48 -68.31 -91.88
N ALA CC 49 -64.40 -69.07 -92.07
CA ALA CC 49 -63.34 -68.71 -93.01
C ALA CC 49 -63.57 -69.37 -94.38
N LYS CC 50 -64.77 -69.11 -94.93
CA LYS CC 50 -65.15 -69.46 -96.30
C LYS CC 50 -65.07 -70.96 -96.58
N THR CC 51 -65.30 -71.80 -95.56
CA THR CC 51 -64.98 -73.20 -95.67
C THR CC 51 -66.19 -74.13 -95.62
N ALA CC 52 -67.35 -73.68 -95.14
CA ALA CC 52 -68.50 -74.56 -94.99
C ALA CC 52 -69.77 -73.80 -95.31
N TYR CC 53 -70.56 -74.32 -96.23
CA TYR CC 53 -71.84 -73.74 -96.57
C TYR CC 53 -72.93 -74.27 -95.65
N ARG CC 54 -74.06 -73.58 -95.61
CA ARG CC 54 -75.14 -73.95 -94.70
C ARG CC 54 -76.47 -73.65 -95.40
N VAL CC 55 -77.13 -74.69 -95.88
CA VAL CC 55 -78.45 -74.56 -96.47
C VAL CC 55 -79.50 -74.73 -95.38
N ASN CC 56 -80.61 -74.00 -95.50
CA ASN CC 56 -81.61 -73.97 -94.44
C ASN CC 56 -82.99 -73.83 -95.08
N LEU CC 57 -83.68 -74.94 -95.27
CA LEU CC 57 -85.06 -74.90 -95.73
C LEU CC 57 -86.01 -74.89 -94.54
N LYS CC 58 -87.22 -74.40 -94.79
CA LYS CC 58 -88.25 -74.34 -93.75
C LYS CC 58 -89.60 -74.28 -94.46
N LEU CC 59 -90.39 -75.34 -94.33
CA LEU CC 59 -91.70 -75.43 -94.94
C LEU CC 59 -92.75 -75.27 -93.86
N ASP CC 60 -93.41 -74.11 -93.84
CA ASP CC 60 -94.50 -73.87 -92.91
C ASP CC 60 -95.80 -74.39 -93.50
N GLN CC 61 -96.74 -74.73 -92.62
CA GLN CC 61 -98.08 -75.12 -93.06
C GLN CC 61 -99.06 -74.72 -91.98
N ALA CC 62 -99.84 -73.68 -92.25
CA ALA CC 62 -100.86 -73.20 -91.33
C ALA CC 62 -102.18 -73.87 -91.66
N ASP CC 63 -102.93 -74.24 -90.62
CA ASP CC 63 -104.24 -74.86 -90.80
C ASP CC 63 -105.30 -73.77 -90.64
N VAL CC 64 -105.72 -73.22 -91.75
CA VAL CC 64 -106.71 -72.15 -91.76
C VAL CC 64 -108.09 -72.78 -91.86
N VAL CC 65 -109.09 -72.12 -91.25
CA VAL CC 65 -110.47 -72.58 -91.29
C VAL CC 65 -111.37 -71.36 -91.45
N ASP CC 66 -112.37 -71.46 -92.31
CA ASP CC 66 -113.29 -70.37 -92.59
C ASP CC 66 -114.67 -70.79 -92.11
N CYS CC 67 -115.12 -70.20 -91.01
CA CYS CC 67 -116.38 -70.55 -90.36
C CYS CC 67 -117.39 -69.42 -90.51
N SER CC 68 -117.36 -68.74 -91.66
CA SER CC 68 -118.28 -67.63 -91.89
C SER CC 68 -119.68 -68.11 -92.23
N THR CC 69 -119.83 -69.33 -92.74
CA THR CC 69 -121.14 -69.82 -93.13
C THR CC 69 -121.95 -70.25 -91.91
N SER CC 70 -121.32 -70.99 -91.00
CA SER CC 70 -122.03 -71.45 -89.81
C SER CC 70 -122.18 -70.34 -88.79
N VAL CC 71 -121.06 -69.81 -88.30
CA VAL CC 71 -121.07 -68.69 -87.36
C VAL CC 71 -121.11 -67.41 -88.17
N CYS CC 72 -122.15 -66.61 -87.98
CA CYS CC 72 -122.31 -65.39 -88.75
C CYS CC 72 -121.37 -64.32 -88.25
N GLY CC 73 -120.60 -63.72 -89.17
CA GLY CC 73 -119.85 -62.53 -88.87
C GLY CC 73 -118.42 -62.73 -88.44
N GLU CC 74 -117.76 -63.81 -88.84
CA GLU CC 74 -116.37 -64.01 -88.49
C GLU CC 74 -115.57 -64.44 -89.71
N LEU CC 75 -114.26 -64.25 -89.61
CA LEU CC 75 -113.33 -64.30 -90.72
C LEU CC 75 -112.48 -65.57 -90.67
N PRO CC 76 -111.81 -65.96 -91.75
CA PRO CC 76 -110.87 -67.09 -91.65
C PRO CC 76 -109.69 -66.78 -90.74
N LYS CC 77 -109.24 -67.81 -90.05
CA LYS CC 77 -108.20 -67.67 -89.05
C LYS CC 77 -107.36 -68.94 -89.03
N VAL CC 78 -106.13 -68.83 -88.57
CA VAL CC 78 -105.24 -69.98 -88.49
C VAL CC 78 -105.38 -70.61 -87.11
N ARG CC 79 -105.51 -71.93 -87.07
CA ARG CC 79 -105.55 -72.63 -85.80
C ARG CC 79 -104.13 -72.86 -85.28
N TYR CC 80 -103.29 -73.49 -86.08
CA TYR CC 80 -101.93 -73.85 -85.71
C TYR CC 80 -101.06 -73.85 -86.94
N THR CC 81 -99.75 -73.84 -86.72
CA THR CC 81 -98.76 -74.01 -87.77
C THR CC 81 -97.87 -75.20 -87.45
N GLN CC 82 -97.53 -75.96 -88.47
CA GLN CC 82 -96.61 -77.09 -88.33
C GLN CC 82 -95.50 -76.94 -89.35
N VAL CC 83 -94.27 -76.95 -88.89
CA VAL CC 83 -93.11 -76.70 -89.74
C VAL CC 83 -92.32 -77.98 -89.92
N TRP CC 84 -91.46 -77.98 -90.92
CA TRP CC 84 -90.46 -79.03 -91.11
C TRP CC 84 -89.21 -78.35 -91.63
N SER CC 85 -88.30 -78.02 -90.72
CA SER CC 85 -87.08 -77.34 -91.11
C SER CC 85 -86.06 -78.33 -91.64
N HIS CC 86 -85.05 -77.79 -92.31
CA HIS CC 86 -83.87 -78.55 -92.70
C HIS CC 86 -82.65 -77.72 -92.40
N ASP CC 87 -81.53 -78.39 -92.18
CA ASP CC 87 -80.26 -77.71 -91.89
C ASP CC 87 -79.14 -78.58 -92.46
N VAL CC 88 -78.72 -78.28 -93.65
CA VAL CC 88 -77.67 -79.03 -94.33
C VAL CC 88 -76.35 -78.30 -94.18
N THR CC 89 -75.31 -79.03 -93.79
CA THR CC 89 -73.96 -78.49 -93.70
C THR CC 89 -73.13 -79.11 -94.80
N ILE CC 90 -72.56 -78.28 -95.65
CA ILE CC 90 -71.76 -78.73 -96.79
C ILE CC 90 -70.40 -78.06 -96.67
N VAL CC 91 -69.34 -78.85 -96.64
CA VAL CC 91 -67.99 -78.29 -96.66
C VAL CC 91 -67.60 -77.97 -98.09
N ALA CC 92 -66.76 -76.93 -98.25
CA ALA CC 92 -66.54 -76.35 -99.57
C ALA CC 92 -65.69 -77.23 -100.46
N ASN CC 93 -64.60 -77.80 -99.93
CA ASN CC 93 -63.65 -78.57 -100.73
C ASN CC 93 -64.02 -80.05 -100.85
N SER CC 94 -65.29 -80.40 -100.66
CA SER CC 94 -65.70 -81.78 -100.76
C SER CC 94 -65.80 -82.21 -102.23
N THR CC 95 -65.98 -83.51 -102.42
CA THR CC 95 -66.23 -84.05 -103.75
C THR CC 95 -67.72 -84.07 -104.02
N GLU CC 96 -68.07 -84.20 -105.31
CA GLU CC 96 -69.48 -84.16 -105.69
C GLU CC 96 -70.22 -85.42 -105.27
N ALA CC 97 -69.54 -86.57 -105.27
CA ALA CC 97 -70.19 -87.82 -104.92
C ALA CC 97 -70.50 -87.92 -103.42
N SER CC 98 -69.82 -87.14 -102.59
CA SER CC 98 -70.18 -87.10 -101.18
C SER CC 98 -71.45 -86.30 -100.96
N ARG CC 99 -71.61 -85.20 -101.70
CA ARG CC 99 -72.83 -84.41 -101.65
C ARG CC 99 -74.02 -85.13 -102.27
N LYS CC 100 -73.78 -85.91 -103.33
CA LYS CC 100 -74.86 -86.65 -103.96
C LYS CC 100 -75.32 -87.81 -103.08
N SER CC 101 -74.38 -88.46 -102.39
CA SER CC 101 -74.75 -89.59 -101.53
C SER CC 101 -75.44 -89.11 -100.26
N LEU CC 102 -75.08 -87.91 -99.79
CA LEU CC 102 -75.77 -87.34 -98.63
C LEU CC 102 -77.20 -86.96 -98.99
N TYR CC 103 -77.41 -86.46 -100.20
CA TYR CC 103 -78.76 -86.15 -100.64
C TYR CC 103 -79.57 -87.41 -100.91
N ASP CC 104 -78.94 -88.42 -101.53
CA ASP CC 104 -79.63 -89.65 -101.89
C ASP CC 104 -80.04 -90.48 -100.67
N LEU CC 105 -79.33 -90.33 -99.55
CA LEU CC 105 -79.74 -91.01 -98.34
C LEU CC 105 -80.89 -90.28 -97.66
N THR CC 106 -80.84 -88.96 -97.62
CA THR CC 106 -81.92 -88.18 -97.00
C THR CC 106 -83.17 -88.19 -97.87
N LYS CC 107 -83.04 -88.37 -99.18
CA LYS CC 107 -84.19 -88.50 -100.05
C LYS CC 107 -84.98 -89.77 -99.76
N SER CC 108 -84.28 -90.85 -99.41
CA SER CC 108 -84.94 -92.10 -99.09
C SER CC 108 -85.14 -92.31 -97.60
N LEU CC 109 -84.54 -91.47 -96.77
CA LEU CC 109 -84.89 -91.49 -95.35
C LEU CC 109 -86.29 -90.93 -95.15
N VAL CC 110 -86.60 -89.81 -95.80
CA VAL CC 110 -87.94 -89.25 -95.70
C VAL CC 110 -88.95 -90.15 -96.39
N ALA CC 111 -88.54 -90.79 -97.49
CA ALA CC 111 -89.46 -91.61 -98.28
C ALA CC 111 -89.77 -92.95 -97.65
N THR CC 112 -89.12 -93.34 -96.56
CA THR CC 112 -89.39 -94.64 -95.97
C THR CC 112 -90.66 -94.57 -95.13
N SER CC 113 -91.18 -95.74 -94.78
CA SER CC 113 -92.43 -95.82 -94.03
C SER CC 113 -92.23 -95.81 -92.53
N GLN CC 114 -91.01 -95.62 -92.04
CA GLN CC 114 -90.80 -95.52 -90.60
C GLN CC 114 -90.76 -94.08 -90.14
N VAL CC 115 -90.31 -93.17 -91.00
CA VAL CC 115 -90.37 -91.74 -90.69
C VAL CC 115 -91.77 -91.20 -90.97
N GLU CC 116 -92.55 -91.92 -91.79
CA GLU CC 116 -93.96 -91.55 -91.98
C GLU CC 116 -94.74 -91.74 -90.69
N ASP CC 117 -94.56 -92.87 -90.00
CA ASP CC 117 -95.24 -93.10 -88.75
C ASP CC 117 -94.66 -92.29 -87.60
N LEU CC 118 -93.48 -91.69 -87.78
CA LEU CC 118 -92.88 -90.89 -86.72
C LEU CC 118 -93.48 -89.51 -86.64
N VAL CC 119 -93.90 -88.93 -87.76
CA VAL CC 119 -94.42 -87.56 -87.74
C VAL CC 119 -95.95 -87.59 -87.78
N VAL CC 120 -96.53 -88.71 -88.20
CA VAL CC 120 -97.98 -88.80 -88.26
C VAL CC 120 -98.54 -89.42 -86.99
N ASN CC 121 -98.00 -90.58 -86.60
CA ASN CC 121 -98.53 -91.34 -85.48
C ASN CC 121 -97.60 -91.38 -84.28
N LEU CC 122 -96.45 -90.69 -84.37
CA LEU CC 122 -95.47 -90.49 -83.29
C LEU CC 122 -94.85 -91.79 -82.80
N VAL CC 123 -94.80 -92.81 -83.64
CA VAL CC 123 -94.14 -94.07 -83.31
C VAL CC 123 -92.64 -93.92 -83.57
N PRO CC 124 -91.77 -94.32 -82.64
CA PRO CC 124 -90.32 -94.13 -82.85
C PRO CC 124 -89.77 -95.02 -83.94
N LEU CC 125 -88.52 -94.74 -84.30
CA LEU CC 125 -87.87 -95.38 -85.43
C LEU CC 125 -87.33 -96.76 -85.05
N GLY CC 126 -87.17 -97.61 -86.06
CA GLY CC 126 -86.60 -98.92 -85.86
C GLY CC 126 -87.62 -100.02 -85.70
N ARG CC 127 -87.48 -101.08 -86.51
CA ARG CC 127 -88.36 -102.23 -86.45
C ARG CC 127 -87.52 -103.49 -86.52
N ALA CC 128 -87.74 -104.42 -85.59
CA ALA CC 128 -86.93 -105.63 -85.48
C ALA CC 128 -87.50 -106.73 -86.37
N TYR CC 129 -86.73 -107.11 -87.40
CA TYR CC 129 -87.02 -108.29 -88.21
C TYR CC 129 -85.75 -109.14 -88.27
N GLY CC 130 -85.68 -110.15 -87.40
CA GLY CC 130 -84.57 -111.06 -87.38
C GLY CC 130 -83.29 -110.48 -86.79
N GLY CC 131 -83.32 -110.14 -85.51
CA GLY CC 131 -82.15 -109.57 -84.86
C GLY CC 131 -82.48 -108.31 -84.09
N SER CC 132 -81.87 -107.19 -84.47
CA SER CC 132 -82.15 -105.92 -83.84
C SER CC 132 -83.07 -105.08 -84.73
N LYS CC 133 -83.32 -103.85 -84.31
CA LYS CC 133 -84.22 -102.96 -85.02
C LYS CC 133 -83.43 -102.14 -86.05
N THR CC 134 -83.86 -102.20 -87.31
CA THR CC 134 -83.11 -101.63 -88.41
C THR CC 134 -83.95 -100.67 -89.24
N ILE CC 135 -83.27 -99.75 -89.92
CA ILE CC 135 -83.85 -98.94 -90.99
C ILE CC 135 -83.09 -99.26 -92.26
N VAL CC 136 -83.82 -99.48 -93.35
CA VAL CC 136 -83.22 -99.81 -94.64
C VAL CC 136 -83.32 -98.58 -95.53
N LEU CC 137 -82.17 -98.02 -95.90
CA LEU CC 137 -82.08 -96.83 -96.74
C LEU CC 137 -81.62 -97.26 -98.13
N SER CC 138 -82.59 -97.45 -99.03
CA SER CC 138 -82.28 -97.83 -100.40
C SER CC 138 -81.78 -96.62 -101.17
N VAL CC 139 -80.66 -96.80 -101.88
CA VAL CC 139 -80.05 -95.73 -102.65
C VAL CC 139 -80.19 -96.14 -104.12
N GLY CC 140 -81.30 -96.78 -104.43
CA GLY CC 140 -81.49 -97.44 -105.70
C GLY CC 140 -81.73 -98.91 -105.48
N GLU CC 141 -80.75 -99.75 -105.85
CA GLU CC 141 -80.76 -101.14 -105.46
C GLU CC 141 -79.84 -101.43 -104.29
N ALA CC 142 -78.86 -100.58 -104.03
CA ALA CC 142 -77.98 -100.75 -102.87
C ALA CC 142 -78.70 -100.29 -101.62
N THR CC 143 -78.75 -101.16 -100.61
CA THR CC 143 -79.48 -100.91 -99.38
C THR CC 143 -78.51 -100.80 -98.22
N ARG CC 144 -78.28 -99.57 -97.75
CA ARG CC 144 -77.42 -99.32 -96.60
C ARG CC 144 -78.27 -99.46 -95.35
N THR CC 145 -78.12 -100.59 -94.66
CA THR CC 145 -78.96 -100.93 -93.52
C THR CC 145 -78.30 -100.43 -92.24
N LEU CC 146 -78.93 -99.47 -91.58
CA LEU CC 146 -78.50 -99.00 -90.27
C LEU CC 146 -79.09 -99.89 -89.18
N THR CC 147 -78.34 -100.09 -88.12
CA THR CC 147 -78.81 -100.84 -86.96
C THR CC 147 -78.81 -99.94 -85.74
N GLU CC 148 -79.79 -100.14 -84.87
CA GLU CC 148 -79.89 -99.33 -83.66
C GLU CC 148 -78.85 -99.78 -82.64
N ILE CC 149 -78.05 -98.83 -82.18
CA ILE CC 149 -77.03 -99.12 -81.17
C ILE CC 149 -77.37 -98.52 -79.81
N GLN CC 150 -78.41 -97.71 -79.70
CA GLN CC 150 -78.69 -97.03 -78.44
C GLN CC 150 -80.17 -96.67 -78.39
N SER CC 151 -80.74 -96.70 -77.18
CA SER CC 151 -82.12 -96.29 -76.94
C SER CC 151 -82.14 -95.58 -75.59
N THR CC 152 -81.99 -94.26 -75.63
CA THR CC 152 -81.99 -93.44 -74.42
C THR CC 152 -83.44 -93.10 -74.09
N ALA CC 153 -83.66 -92.11 -73.21
CA ALA CC 153 -85.01 -91.70 -72.85
C ALA CC 153 -85.76 -91.11 -74.05
N ASP CC 154 -85.16 -90.12 -74.72
CA ASP CC 154 -85.74 -89.55 -75.94
C ASP CC 154 -84.89 -89.85 -77.17
N ARG CC 155 -83.56 -89.81 -77.03
CA ARG CC 155 -82.66 -90.04 -78.14
C ARG CC 155 -82.69 -91.50 -78.57
N GLN CC 156 -82.27 -91.73 -79.81
CA GLN CC 156 -82.28 -93.07 -80.40
C GLN CC 156 -81.25 -93.08 -81.51
N ILE CC 157 -80.08 -93.66 -81.25
CA ILE CC 157 -78.93 -93.55 -82.14
C ILE CC 157 -78.81 -94.81 -82.98
N PHE CC 158 -78.86 -94.64 -84.30
CA PHE CC 158 -78.64 -95.71 -85.26
C PHE CC 158 -77.26 -95.55 -85.86
N GLU CC 159 -76.73 -96.64 -86.41
CA GLU CC 159 -75.38 -96.64 -86.97
C GLU CC 159 -75.23 -97.82 -87.92
N GLU CC 160 -74.47 -97.61 -88.99
CA GLU CC 160 -74.10 -98.69 -89.88
C GLU CC 160 -72.87 -99.42 -89.34
N LYS CC 161 -72.81 -100.72 -89.58
CA LYS CC 161 -71.78 -101.56 -88.97
C LYS CC 161 -70.68 -101.96 -89.93
N VAL CC 162 -70.78 -101.62 -91.21
CA VAL CC 162 -69.77 -102.00 -92.17
C VAL CC 162 -68.66 -100.96 -92.21
N GLY CC 163 -67.42 -101.42 -92.06
CA GLY CC 163 -66.27 -100.56 -92.19
C GLY CC 163 -65.59 -100.23 -90.88
N PRO CC 164 -64.73 -99.21 -90.89
CA PRO CC 164 -63.98 -98.87 -89.68
C PRO CC 164 -64.86 -98.14 -88.67
N LEU CC 165 -64.34 -98.06 -87.44
CA LEU CC 165 -65.05 -97.41 -86.34
C LEU CC 165 -64.96 -95.89 -86.39
N VAL CC 166 -64.09 -95.34 -87.23
CA VAL CC 166 -63.85 -93.90 -87.17
C VAL CC 166 -64.96 -93.10 -87.85
N GLY CC 167 -65.42 -93.50 -89.03
CA GLY CC 167 -66.48 -92.78 -89.70
C GLY CC 167 -67.56 -93.69 -90.21
N ARG CC 168 -68.77 -93.54 -89.67
CA ARG CC 168 -69.89 -94.38 -90.04
C ARG CC 168 -71.13 -93.51 -90.16
N LEU CC 169 -72.17 -94.08 -90.78
CA LEU CC 169 -73.46 -93.40 -90.84
C LEU CC 169 -74.09 -93.32 -89.46
N ARG CC 170 -74.95 -92.32 -89.28
CA ARG CC 170 -75.54 -92.06 -87.98
C ARG CC 170 -76.96 -91.55 -88.14
N LEU CC 171 -77.77 -91.76 -87.10
CA LEU CC 171 -79.12 -91.21 -87.05
C LEU CC 171 -79.45 -90.98 -85.57
N THR CC 172 -79.37 -89.73 -85.14
CA THR CC 172 -79.72 -89.38 -83.77
C THR CC 172 -81.14 -88.83 -83.79
N ALA CC 173 -82.11 -89.73 -83.90
CA ALA CC 173 -83.51 -89.35 -83.83
C ALA CC 173 -83.87 -88.93 -82.40
N SER CC 174 -84.97 -88.20 -82.27
CA SER CC 174 -85.38 -87.67 -80.98
C SER CC 174 -86.88 -87.42 -81.03
N LEU CC 175 -87.45 -87.16 -79.85
CA LEU CC 175 -88.87 -86.89 -79.70
C LEU CC 175 -89.09 -86.24 -78.34
N ARG CC 176 -89.73 -85.08 -78.33
CA ARG CC 176 -89.97 -84.34 -77.09
C ARG CC 176 -91.40 -83.84 -77.09
N GLN CC 177 -91.77 -83.15 -76.01
CA GLN CC 177 -92.98 -82.33 -75.99
C GLN CC 177 -92.74 -81.18 -75.02
N ASN CC 178 -92.90 -79.96 -75.49
CA ASN CC 178 -92.54 -78.77 -74.73
C ASN CC 178 -93.67 -78.34 -73.81
N GLY CC 179 -93.29 -77.67 -72.71
CA GLY CC 179 -94.19 -76.89 -71.89
C GLY CC 179 -95.35 -77.63 -71.26
N ALA CC 180 -96.56 -77.15 -71.50
CA ALA CC 180 -97.77 -77.79 -70.98
C ALA CC 180 -98.36 -78.78 -71.99
N LYS CC 181 -97.51 -79.68 -72.50
CA LYS CC 181 -97.89 -80.84 -73.30
C LYS CC 181 -98.67 -80.47 -74.56
N THR CC 182 -98.27 -79.39 -75.22
CA THR CC 182 -99.05 -78.84 -76.32
C THR CC 182 -98.45 -79.04 -77.69
N ALA CC 183 -97.16 -79.39 -77.80
CA ALA CC 183 -96.54 -79.53 -79.11
C ALA CC 183 -95.36 -80.47 -79.02
N TYR CC 184 -95.30 -81.43 -79.94
CA TYR CC 184 -94.17 -82.33 -80.03
C TYR CC 184 -93.07 -81.71 -80.87
N ARG CC 185 -91.90 -82.36 -80.88
CA ARG CC 185 -90.77 -81.84 -81.64
C ARG CC 185 -89.89 -83.03 -82.04
N VAL CC 186 -90.03 -83.46 -83.29
CA VAL CC 186 -89.22 -84.54 -83.83
C VAL CC 186 -87.92 -83.95 -84.37
N ASN CC 187 -86.80 -84.64 -84.17
CA ASN CC 187 -85.51 -84.08 -84.53
C ASN CC 187 -84.60 -85.22 -85.01
N LEU CC 188 -84.53 -85.40 -86.33
CA LEU CC 188 -83.59 -86.33 -86.94
C LEU CC 188 -82.30 -85.61 -87.31
N LYS CC 189 -81.24 -86.39 -87.48
CA LYS CC 189 -79.93 -85.85 -87.85
C LYS CC 189 -79.10 -86.98 -88.44
N LEU CC 190 -78.71 -86.84 -89.70
CA LEU CC 190 -77.93 -87.86 -90.40
C LEU CC 190 -76.52 -87.33 -90.62
N ASP CC 191 -75.55 -87.97 -89.99
CA ASP CC 191 -74.15 -87.62 -90.16
C ASP CC 191 -73.54 -88.50 -91.25
N GLN CC 192 -72.63 -87.93 -92.02
CA GLN CC 192 -71.90 -88.70 -93.03
C GLN CC 192 -70.48 -88.17 -93.12
N ALA CC 193 -69.54 -88.91 -92.54
CA ALA CC 193 -68.13 -88.56 -92.58
C ALA CC 193 -67.47 -89.31 -93.73
N ASP CC 194 -66.60 -88.60 -94.47
CA ASP CC 194 -65.93 -89.18 -95.62
C ASP CC 194 -64.59 -89.74 -95.17
N VAL CC 195 -64.52 -91.06 -95.03
CA VAL CC 195 -63.31 -91.75 -94.62
C VAL CC 195 -62.52 -92.12 -95.88
N VAL CC 196 -61.20 -92.20 -95.76
CA VAL CC 196 -60.33 -92.55 -96.87
C VAL CC 196 -59.20 -93.40 -96.33
N ASP CC 197 -58.74 -94.35 -97.15
CA ASP CC 197 -57.64 -95.23 -96.78
C ASP CC 197 -56.48 -95.03 -97.75
N CYS CC 198 -55.31 -94.74 -97.21
CA CYS CC 198 -54.11 -94.51 -97.99
C CYS CC 198 -53.19 -95.71 -97.97
N SER CC 199 -53.76 -96.90 -97.75
CA SER CC 199 -52.96 -98.12 -97.59
C SER CC 199 -52.31 -98.56 -98.89
N THR CC 200 -52.91 -98.24 -100.04
CA THR CC 200 -52.27 -98.54 -101.31
C THR CC 200 -51.12 -97.58 -101.59
N SER CC 201 -51.27 -96.31 -101.19
CA SER CC 201 -50.24 -95.30 -101.37
C SER CC 201 -49.14 -95.41 -100.32
N VAL CC 202 -49.50 -95.41 -99.04
CA VAL CC 202 -48.56 -95.55 -97.95
C VAL CC 202 -48.88 -96.84 -97.20
N CYS CC 203 -47.91 -97.75 -97.15
CA CYS CC 203 -48.14 -99.03 -96.48
C CYS CC 203 -48.21 -98.84 -94.97
N GLY CC 204 -49.11 -99.59 -94.34
CA GLY CC 204 -49.30 -99.48 -92.91
C GLY CC 204 -50.01 -98.22 -92.46
N GLU CC 205 -50.96 -97.73 -93.26
CA GLU CC 205 -51.68 -96.50 -92.95
C GLU CC 205 -53.12 -96.87 -92.61
N LEU CC 206 -53.60 -96.37 -91.48
CA LEU CC 206 -54.97 -96.63 -91.04
C LEU CC 206 -55.91 -95.55 -91.56
N PRO CC 207 -57.19 -95.88 -91.77
CA PRO CC 207 -58.12 -94.89 -92.32
C PRO CC 207 -58.43 -93.76 -91.37
N LYS CC 208 -58.83 -92.63 -91.94
CA LYS CC 208 -59.14 -91.43 -91.18
C LYS CC 208 -60.17 -90.62 -91.94
N VAL CC 209 -60.84 -89.72 -91.23
CA VAL CC 209 -61.91 -88.91 -91.81
C VAL CC 209 -61.35 -87.57 -92.25
N ARG CC 210 -61.84 -87.08 -93.39
CA ARG CC 210 -61.44 -85.77 -93.86
C ARG CC 210 -62.38 -84.69 -93.36
N TYR CC 211 -63.67 -84.82 -93.66
CA TYR CC 211 -64.68 -83.84 -93.28
C TYR CC 211 -65.93 -84.58 -92.84
N THR CC 212 -66.96 -83.82 -92.49
CA THR CC 212 -68.26 -84.40 -92.21
C THR CC 212 -69.35 -83.48 -92.75
N GLN CC 213 -70.46 -84.07 -93.14
CA GLN CC 213 -71.58 -83.34 -93.74
C GLN CC 213 -72.87 -83.88 -93.17
N VAL CC 214 -73.67 -83.00 -92.57
CA VAL CC 214 -74.87 -83.41 -91.85
C VAL CC 214 -76.10 -82.96 -92.64
N TRP CC 215 -77.25 -83.52 -92.28
CA TRP CC 215 -78.55 -83.06 -92.75
C TRP CC 215 -79.53 -83.35 -91.63
N SER CC 216 -79.77 -82.33 -90.79
CA SER CC 216 -80.69 -82.52 -89.69
C SER CC 216 -82.07 -81.98 -90.06
N HIS CC 217 -83.08 -82.53 -89.38
CA HIS CC 217 -84.47 -82.13 -89.59
C HIS CC 217 -85.01 -81.61 -88.26
N ASP CC 218 -86.05 -80.80 -88.34
CA ASP CC 218 -86.66 -80.25 -87.14
C ASP CC 218 -88.16 -80.09 -87.41
N VAL CC 219 -88.93 -81.11 -87.06
CA VAL CC 219 -90.36 -81.13 -87.28
C VAL CC 219 -91.06 -80.63 -86.02
N THR CC 220 -92.04 -79.75 -86.20
CA THR CC 220 -92.86 -79.27 -85.10
C THR CC 220 -94.28 -79.75 -85.33
N ILE CC 221 -94.82 -80.47 -84.35
CA ILE CC 221 -96.15 -81.07 -84.44
C ILE CC 221 -96.92 -80.64 -83.22
N VAL CC 222 -98.03 -79.94 -83.42
CA VAL CC 222 -98.87 -79.53 -82.29
C VAL CC 222 -99.78 -80.69 -81.92
N ALA CC 223 -100.20 -80.72 -80.65
CA ALA CC 223 -100.81 -81.92 -80.09
C ALA CC 223 -102.24 -82.13 -80.55
N ASN CC 224 -103.01 -81.05 -80.72
CA ASN CC 224 -104.41 -81.16 -81.09
C ASN CC 224 -104.63 -81.08 -82.59
N SER CC 225 -103.68 -81.59 -83.37
CA SER CC 225 -103.71 -81.55 -84.82
C SER CC 225 -104.81 -82.44 -85.38
N THR CC 226 -104.99 -82.35 -86.68
CA THR CC 226 -105.72 -83.35 -87.43
C THR CC 226 -104.69 -84.31 -88.01
N GLU CC 227 -105.05 -85.59 -88.12
CA GLU CC 227 -104.12 -86.54 -88.73
C GLU CC 227 -103.97 -86.29 -90.23
N ALA CC 228 -104.96 -85.66 -90.85
CA ALA CC 228 -104.84 -85.29 -92.26
C ALA CC 228 -103.89 -84.11 -92.47
N SER CC 229 -103.62 -83.32 -91.44
CA SER CC 229 -102.69 -82.22 -91.58
C SER CC 229 -101.27 -82.65 -91.23
N ARG CC 230 -101.11 -83.68 -90.39
CA ARG CC 230 -99.80 -84.27 -90.19
C ARG CC 230 -99.38 -85.10 -91.39
N LYS CC 231 -100.33 -85.74 -92.05
CA LYS CC 231 -100.02 -86.53 -93.25
C LYS CC 231 -99.65 -85.62 -94.41
N SER CC 232 -100.36 -84.50 -94.57
CA SER CC 232 -100.07 -83.60 -95.68
C SER CC 232 -98.77 -82.83 -95.47
N LEU CC 233 -98.37 -82.60 -94.23
CA LEU CC 233 -97.08 -81.98 -93.97
C LEU CC 233 -95.94 -82.93 -94.32
N TYR CC 234 -96.10 -84.21 -94.01
CA TYR CC 234 -95.09 -85.19 -94.39
C TYR CC 234 -95.06 -85.40 -95.89
N ASP CC 235 -96.23 -85.41 -96.53
CA ASP CC 235 -96.33 -85.62 -97.97
C ASP CC 235 -95.75 -84.47 -98.78
N LEU CC 236 -95.74 -83.25 -98.24
CA LEU CC 236 -95.11 -82.15 -98.95
C LEU CC 236 -93.60 -82.18 -98.79
N THR CC 237 -93.12 -82.54 -97.61
CA THR CC 237 -91.68 -82.62 -97.39
C THR CC 237 -91.09 -83.85 -98.09
N LYS CC 238 -91.86 -84.93 -98.21
CA LYS CC 238 -91.44 -86.07 -99.01
C LYS CC 238 -91.33 -85.69 -100.48
N SER CC 239 -92.20 -84.80 -100.95
CA SER CC 239 -92.15 -84.36 -102.33
C SER CC 239 -91.24 -83.16 -102.54
N LEU CC 240 -90.88 -82.45 -101.47
CA LEU CC 240 -89.94 -81.34 -101.60
C LEU CC 240 -88.52 -81.85 -101.82
N VAL CC 241 -88.09 -82.82 -101.02
CA VAL CC 241 -86.74 -83.37 -101.13
C VAL CC 241 -86.58 -84.15 -102.43
N ALA CC 242 -87.66 -84.76 -102.93
CA ALA CC 242 -87.58 -85.55 -104.15
C ALA CC 242 -87.51 -84.71 -105.42
N THR CC 243 -87.67 -83.38 -105.33
CA THR CC 243 -87.58 -82.55 -106.51
C THR CC 243 -86.13 -82.39 -106.95
N SER CC 244 -85.95 -82.03 -108.22
CA SER CC 244 -84.62 -81.79 -108.75
C SER CC 244 -84.15 -80.36 -108.53
N GLN CC 245 -84.94 -79.52 -107.87
CA GLN CC 245 -84.48 -78.18 -107.52
C GLN CC 245 -83.71 -78.19 -106.21
N VAL CC 246 -84.15 -79.02 -105.25
CA VAL CC 246 -83.42 -79.19 -104.01
C VAL CC 246 -82.22 -80.11 -104.21
N GLU CC 247 -82.23 -80.93 -105.27
CA GLU CC 247 -81.05 -81.73 -105.59
C GLU CC 247 -79.89 -80.85 -106.01
N ASP CC 248 -80.15 -79.86 -106.86
CA ASP CC 248 -79.11 -78.93 -107.27
C ASP CC 248 -78.77 -77.91 -106.18
N LEU CC 249 -79.64 -77.72 -105.19
CA LEU CC 249 -79.33 -76.79 -104.12
C LEU CC 249 -78.31 -77.37 -103.15
N VAL CC 250 -78.27 -78.68 -103.01
CA VAL CC 250 -77.32 -79.32 -102.11
C VAL CC 250 -76.07 -79.77 -102.85
N VAL CC 251 -76.22 -80.27 -104.07
CA VAL CC 251 -75.06 -80.74 -104.83
C VAL CC 251 -74.29 -79.57 -105.44
N ASN CC 252 -74.99 -78.68 -106.13
CA ASN CC 252 -74.33 -77.61 -106.89
C ASN CC 252 -74.60 -76.21 -106.37
N LEU CC 253 -75.32 -76.07 -105.25
CA LEU CC 253 -75.63 -74.79 -104.59
C LEU CC 253 -76.41 -73.83 -105.50
N VAL CC 254 -77.21 -74.36 -106.41
CA VAL CC 254 -78.06 -73.55 -107.27
C VAL CC 254 -79.31 -73.17 -106.49
N PRO CC 255 -79.69 -71.89 -106.42
CA PRO CC 255 -80.87 -71.50 -105.65
C PRO CC 255 -82.17 -71.99 -106.27
N LEU CC 256 -83.22 -71.97 -105.46
CA LEU CC 256 -84.51 -72.51 -105.87
C LEU CC 256 -85.25 -71.54 -106.78
N GLY CC 257 -86.20 -72.07 -107.53
CA GLY CC 257 -87.05 -71.25 -108.37
C GLY CC 257 -86.69 -71.29 -109.84
N ARG CC 258 -87.64 -71.68 -110.67
CA ARG CC 258 -87.43 -71.69 -112.12
C ARG CC 258 -88.67 -71.18 -112.84
N SER DC 1 -95.08 -103.33 -78.05
CA SER DC 1 -93.87 -103.89 -77.45
C SER DC 1 -94.10 -104.26 -76.00
N LYS DC 2 -93.80 -103.34 -75.09
CA LYS DC 2 -93.95 -103.54 -73.66
C LYS DC 2 -95.27 -102.94 -73.20
N THR DC 3 -96.15 -103.79 -72.68
CA THR DC 3 -97.53 -103.41 -72.43
C THR DC 3 -97.98 -103.80 -71.03
N ILE DC 4 -98.94 -103.03 -70.51
CA ILE DC 4 -99.77 -103.43 -69.38
C ILE DC 4 -101.20 -103.45 -69.84
N VAL DC 5 -101.93 -104.51 -69.50
CA VAL DC 5 -103.32 -104.67 -69.90
C VAL DC 5 -104.20 -104.48 -68.67
N LEU DC 6 -105.07 -103.48 -68.72
CA LEU DC 6 -105.97 -103.16 -67.62
C LEU DC 6 -107.38 -103.59 -68.02
N SER DC 7 -107.82 -104.73 -67.49
CA SER DC 7 -109.15 -105.24 -67.78
C SER DC 7 -110.18 -104.55 -66.90
N VAL DC 8 -111.19 -103.96 -67.52
CA VAL DC 8 -112.20 -103.16 -66.81
C VAL DC 8 -113.51 -103.95 -66.92
N GLY DC 9 -113.40 -105.27 -66.89
CA GLY DC 9 -114.53 -106.14 -67.14
C GLY DC 9 -114.20 -107.05 -68.30
N GLU DC 10 -114.89 -106.86 -69.42
CA GLU DC 10 -114.52 -107.54 -70.65
C GLU DC 10 -113.74 -106.63 -71.61
N ALA DC 11 -113.77 -105.32 -71.40
CA ALA DC 11 -113.00 -104.40 -72.22
C ALA DC 11 -111.62 -104.20 -71.61
N THR DC 12 -110.58 -104.32 -72.43
CA THR DC 12 -109.20 -104.17 -71.99
C THR DC 12 -108.61 -102.93 -72.62
N ARG DC 13 -107.95 -102.11 -71.80
CA ARG DC 13 -107.30 -100.88 -72.26
C ARG DC 13 -105.79 -101.11 -72.19
N THR DC 14 -105.19 -101.40 -73.33
CA THR DC 14 -103.78 -101.78 -73.40
C THR DC 14 -102.91 -100.55 -73.52
N LEU DC 15 -102.15 -100.24 -72.47
CA LEU DC 15 -101.16 -99.18 -72.54
C LEU DC 15 -99.85 -99.72 -73.09
N THR DC 16 -99.11 -98.86 -73.79
CA THR DC 16 -97.81 -99.23 -74.32
C THR DC 16 -96.75 -98.27 -73.80
N GLU DC 17 -95.53 -98.78 -73.66
CA GLU DC 17 -94.44 -97.97 -73.15
C GLU DC 17 -93.92 -97.02 -74.23
N ILE DC 18 -93.78 -95.75 -73.88
CA ILE DC 18 -93.33 -94.73 -74.82
C ILE DC 18 -92.02 -94.08 -74.43
N GLN DC 19 -91.54 -94.30 -73.20
CA GLN DC 19 -90.34 -93.62 -72.72
C GLN DC 19 -89.78 -94.43 -71.56
N SER DC 20 -88.45 -94.54 -71.50
CA SER DC 20 -87.80 -95.32 -70.46
C SER DC 20 -86.48 -94.64 -70.09
N THR DC 21 -86.46 -94.00 -68.94
CA THR DC 21 -85.25 -93.40 -68.39
C THR DC 21 -84.60 -94.50 -67.53
N ALA DC 22 -83.63 -94.14 -66.68
CA ALA DC 22 -83.01 -95.09 -65.77
C ALA DC 22 -84.03 -95.67 -64.79
N ASP DC 23 -84.77 -94.80 -64.11
CA ASP DC 23 -85.81 -95.21 -63.16
C ASP DC 23 -87.21 -94.91 -63.64
N ARG DC 24 -87.44 -93.72 -64.20
CA ARG DC 24 -88.78 -93.34 -64.64
C ARG DC 24 -89.15 -94.09 -65.91
N GLN DC 25 -90.44 -94.42 -66.04
CA GLN DC 25 -90.90 -95.32 -67.08
C GLN DC 25 -92.35 -94.96 -67.40
N ILE DC 26 -92.58 -94.37 -68.57
CA ILE DC 26 -93.86 -93.79 -68.92
C ILE DC 26 -94.58 -94.69 -69.92
N PHE DC 27 -95.81 -95.08 -69.58
CA PHE DC 27 -96.68 -95.83 -70.46
C PHE DC 27 -97.76 -94.90 -71.00
N GLU DC 28 -98.41 -95.33 -72.08
CA GLU DC 28 -99.45 -94.53 -72.70
C GLU DC 28 -100.33 -95.44 -73.55
N GLU DC 29 -101.59 -95.05 -73.70
CA GLU DC 29 -102.52 -95.77 -74.57
C GLU DC 29 -102.56 -95.12 -75.93
N LYS DC 30 -102.31 -95.92 -76.96
CA LYS DC 30 -102.13 -95.40 -78.32
C LYS DC 30 -103.42 -95.35 -79.12
N VAL DC 31 -104.57 -95.21 -78.48
CA VAL DC 31 -105.84 -95.18 -79.19
C VAL DC 31 -106.43 -93.78 -79.12
N GLY DC 32 -106.74 -93.21 -80.29
CA GLY DC 32 -107.44 -91.95 -80.36
C GLY DC 32 -106.54 -90.79 -80.74
N PRO DC 33 -106.99 -89.56 -80.45
CA PRO DC 33 -106.17 -88.39 -80.75
C PRO DC 33 -104.94 -88.26 -79.86
N LEU DC 34 -104.10 -87.27 -80.14
CA LEU DC 34 -102.81 -87.13 -79.48
C LEU DC 34 -102.88 -86.30 -78.20
N VAL DC 35 -103.95 -85.54 -77.99
CA VAL DC 35 -103.95 -84.53 -76.94
C VAL DC 35 -104.19 -85.12 -75.55
N GLY DC 36 -105.14 -86.05 -75.41
CA GLY DC 36 -105.41 -86.60 -74.10
C GLY DC 36 -105.48 -88.12 -74.13
N ARG DC 37 -104.55 -88.77 -73.45
CA ARG DC 37 -104.47 -90.22 -73.42
C ARG DC 37 -104.23 -90.68 -71.99
N LEU DC 38 -104.47 -91.97 -71.75
CA LEU DC 38 -104.09 -92.57 -70.48
C LEU DC 38 -102.58 -92.54 -70.31
N ARG DC 39 -102.15 -92.28 -69.08
CA ARG DC 39 -100.74 -92.12 -68.78
C ARG DC 39 -100.45 -92.90 -67.52
N LEU DC 40 -99.27 -93.50 -67.46
CA LEU DC 40 -98.88 -94.28 -66.28
C LEU DC 40 -97.38 -94.10 -66.11
N THR DC 41 -96.99 -93.39 -65.07
CA THR DC 41 -95.59 -93.02 -64.83
C THR DC 41 -95.08 -93.81 -63.64
N ALA DC 42 -94.54 -94.99 -63.90
CA ALA DC 42 -93.90 -95.77 -62.85
C ALA DC 42 -92.54 -95.21 -62.51
N SER DC 43 -92.03 -95.58 -61.34
CA SER DC 43 -90.72 -95.14 -60.87
C SER DC 43 -90.23 -96.13 -59.83
N LEU DC 44 -88.94 -96.06 -59.54
CA LEU DC 44 -88.32 -96.88 -58.51
C LEU DC 44 -87.00 -96.24 -58.13
N ARG DC 45 -86.86 -95.89 -56.85
CA ARG DC 45 -85.65 -95.26 -56.35
C ARG DC 45 -85.15 -96.04 -55.15
N GLN DC 46 -84.09 -95.54 -54.52
CA GLN DC 46 -83.72 -95.98 -53.17
C GLN DC 46 -83.06 -94.79 -52.47
N ASN DC 47 -83.72 -94.31 -51.42
CA ASN DC 47 -83.29 -93.10 -50.73
C ASN DC 47 -82.38 -93.44 -49.56
N GLY DC 48 -81.43 -92.55 -49.32
CA GLY DC 48 -80.55 -92.66 -48.16
C GLY DC 48 -79.37 -93.58 -48.39
N ALA DC 49 -79.05 -94.39 -47.37
CA ALA DC 49 -77.90 -95.28 -47.43
C ALA DC 49 -78.30 -96.67 -47.92
N LYS DC 50 -78.97 -96.69 -49.08
CA LYS DC 50 -79.33 -97.90 -49.83
C LYS DC 50 -80.20 -98.85 -49.01
N THR DC 51 -81.04 -98.31 -48.13
CA THR DC 51 -81.79 -99.14 -47.19
C THR DC 51 -83.28 -99.21 -47.44
N ALA DC 52 -83.85 -98.29 -48.22
CA ALA DC 52 -85.29 -98.26 -48.42
C ALA DC 52 -85.59 -97.85 -49.85
N TYR DC 53 -86.34 -98.68 -50.56
CA TYR DC 53 -86.77 -98.37 -51.91
C TYR DC 53 -88.05 -97.54 -51.88
N ARG DC 54 -88.44 -97.03 -53.05
CA ARG DC 54 -89.59 -96.14 -53.14
C ARG DC 54 -90.22 -96.31 -54.53
N VAL DC 55 -91.32 -97.05 -54.58
CA VAL DC 55 -92.10 -97.18 -55.80
C VAL DC 55 -93.08 -96.02 -55.87
N ASN DC 56 -93.34 -95.52 -57.08
CA ASN DC 56 -94.16 -94.32 -57.24
C ASN DC 56 -94.91 -94.44 -58.57
N LEU DC 57 -96.13 -94.95 -58.51
CA LEU DC 57 -97.00 -95.00 -59.67
C LEU DC 57 -97.89 -93.76 -59.72
N LYS DC 58 -98.37 -93.44 -60.93
CA LYS DC 58 -99.21 -92.28 -61.13
C LYS DC 58 -100.01 -92.50 -62.41
N LEU DC 59 -101.32 -92.67 -62.27
CA LEU DC 59 -102.20 -92.93 -63.40
C LEU DC 59 -102.98 -91.65 -63.70
N ASP DC 60 -102.64 -90.99 -64.79
CA ASP DC 60 -103.38 -89.81 -65.23
C ASP DC 60 -104.57 -90.25 -66.07
N GLN DC 61 -105.58 -89.39 -66.13
CA GLN DC 61 -106.73 -89.62 -67.01
C GLN DC 61 -107.32 -88.28 -67.38
N ALA DC 62 -107.19 -87.90 -68.64
CA ALA DC 62 -107.72 -86.65 -69.14
C ALA DC 62 -109.08 -86.90 -69.79
N ASP DC 63 -110.00 -85.97 -69.60
CA ASP DC 63 -111.34 -86.08 -70.19
C ASP DC 63 -111.35 -85.22 -71.45
N VAL DC 64 -111.05 -85.83 -72.57
CA VAL DC 64 -111.00 -85.14 -73.84
C VAL DC 64 -112.38 -85.19 -74.48
N VAL DC 65 -112.74 -84.13 -75.21
CA VAL DC 65 -114.02 -84.04 -75.90
C VAL DC 65 -113.79 -83.39 -77.25
N ASP DC 66 -114.38 -83.96 -78.30
CA ASP DC 66 -114.24 -83.47 -79.66
C ASP DC 66 -115.58 -82.92 -80.11
N CYS DC 67 -115.66 -81.59 -80.25
CA CYS DC 67 -116.88 -80.90 -80.62
C CYS DC 67 -116.76 -80.31 -82.02
N SER DC 68 -116.07 -81.04 -82.91
CA SER DC 68 -115.88 -80.54 -84.27
C SER DC 68 -117.15 -80.64 -85.11
N THR DC 69 -118.08 -81.51 -84.74
CA THR DC 69 -119.30 -81.67 -85.53
C THR DC 69 -120.36 -80.67 -85.10
N SER DC 70 -120.44 -80.37 -83.81
CA SER DC 70 -121.48 -79.47 -83.32
C SER DC 70 -121.17 -78.03 -83.64
N VAL DC 71 -120.08 -77.50 -83.08
CA VAL DC 71 -119.61 -76.16 -83.43
C VAL DC 71 -118.53 -76.32 -84.49
N CYS DC 72 -118.59 -75.48 -85.52
CA CYS DC 72 -117.72 -75.65 -86.67
C CYS DC 72 -116.33 -75.06 -86.38
N GLY DC 73 -115.31 -75.85 -86.66
CA GLY DC 73 -113.95 -75.34 -86.71
C GLY DC 73 -113.16 -75.36 -85.42
N GLU DC 74 -113.41 -76.31 -84.53
CA GLU DC 74 -112.57 -76.44 -83.35
C GLU DC 74 -112.14 -77.88 -83.15
N LEU DC 75 -111.10 -78.03 -82.34
CA LEU DC 75 -110.33 -79.26 -82.21
C LEU DC 75 -110.67 -79.96 -80.91
N PRO DC 76 -110.30 -81.23 -80.72
CA PRO DC 76 -110.45 -81.85 -79.40
C PRO DC 76 -109.56 -81.19 -78.36
N LYS DC 77 -110.06 -81.14 -77.13
CA LYS DC 77 -109.41 -80.42 -76.05
C LYS DC 77 -109.63 -81.17 -74.75
N VAL DC 78 -108.74 -80.94 -73.79
CA VAL DC 78 -108.82 -81.60 -72.50
C VAL DC 78 -109.59 -80.71 -71.54
N ARG DC 79 -110.69 -81.23 -71.01
CA ARG DC 79 -111.46 -80.51 -70.00
C ARG DC 79 -110.70 -80.47 -68.68
N TYR DC 80 -110.41 -81.64 -68.11
CA TYR DC 80 -109.75 -81.76 -66.82
C TYR DC 80 -108.94 -83.04 -66.80
N THR DC 81 -108.11 -83.18 -65.77
CA THR DC 81 -107.36 -84.41 -65.52
C THR DC 81 -107.61 -84.86 -64.09
N GLN DC 82 -107.74 -86.16 -63.91
CA GLN DC 82 -107.90 -86.77 -62.60
C GLN DC 82 -106.86 -87.85 -62.43
N VAL DC 83 -106.05 -87.75 -61.38
CA VAL DC 83 -104.93 -88.65 -61.17
C VAL DC 83 -105.25 -89.58 -60.00
N TRP DC 84 -104.46 -90.65 -59.89
CA TRP DC 84 -104.47 -91.52 -58.71
C TRP DC 84 -103.04 -91.99 -58.52
N SER DC 85 -102.30 -91.30 -57.68
CA SER DC 85 -100.91 -91.64 -57.44
C SER DC 85 -100.80 -92.74 -56.39
N HIS DC 86 -99.64 -93.38 -56.35
CA HIS DC 86 -99.29 -94.32 -55.29
C HIS DC 86 -97.88 -93.99 -54.84
N ASP DC 87 -97.56 -94.33 -53.59
CA ASP DC 87 -96.22 -94.10 -53.06
C ASP DC 87 -95.94 -95.21 -52.05
N VAL DC 88 -95.28 -96.25 -52.51
CA VAL DC 88 -94.95 -97.40 -51.67
C VAL DC 88 -93.55 -97.22 -51.12
N THR DC 89 -93.38 -97.45 -49.82
CA THR DC 89 -92.07 -97.42 -49.18
C THR DC 89 -91.72 -98.84 -48.76
N ILE DC 90 -90.64 -99.37 -49.32
CA ILE DC 90 -90.21 -100.74 -49.06
C ILE DC 90 -88.78 -100.68 -48.53
N VAL DC 91 -88.58 -101.24 -47.34
CA VAL DC 91 -87.23 -101.33 -46.79
C VAL DC 91 -86.55 -102.58 -47.33
N ALA DC 92 -85.23 -102.49 -47.50
CA ALA DC 92 -84.50 -103.44 -48.33
C ALA DC 92 -84.36 -104.81 -47.68
N ASN DC 93 -84.19 -104.86 -46.36
CA ASN DC 93 -83.95 -106.13 -45.67
C ASN DC 93 -85.24 -106.78 -45.18
N SER DC 94 -86.35 -106.56 -45.87
CA SER DC 94 -87.63 -107.14 -45.50
C SER DC 94 -87.64 -108.65 -45.75
N THR DC 95 -88.66 -109.30 -45.21
CA THR DC 95 -89.01 -110.64 -45.66
C THR DC 95 -90.05 -110.52 -46.77
N GLU DC 96 -90.21 -111.61 -47.53
CA GLU DC 96 -91.11 -111.57 -48.67
C GLU DC 96 -92.57 -111.53 -48.24
N ALA DC 97 -92.89 -112.12 -47.10
CA ALA DC 97 -94.25 -112.08 -46.60
C ALA DC 97 -94.63 -110.69 -46.08
N SER DC 98 -93.66 -109.85 -45.75
CA SER DC 98 -93.97 -108.48 -45.38
C SER DC 98 -94.40 -107.67 -46.60
N ARG DC 99 -93.72 -107.88 -47.73
CA ARG DC 99 -94.07 -107.19 -48.96
C ARG DC 99 -95.31 -107.77 -49.62
N LYS DC 100 -95.53 -109.08 -49.49
CA LYS DC 100 -96.70 -109.69 -50.11
C LYS DC 100 -97.98 -109.33 -49.37
N SER DC 101 -97.92 -109.28 -48.03
CA SER DC 101 -99.12 -108.97 -47.26
C SER DC 101 -99.49 -107.50 -47.36
N LEU DC 102 -98.49 -106.63 -47.54
CA LEU DC 102 -98.78 -105.22 -47.75
C LEU DC 102 -99.44 -104.99 -49.10
N TYR DC 103 -99.02 -105.74 -50.12
CA TYR DC 103 -99.69 -105.69 -51.41
C TYR DC 103 -101.08 -106.31 -51.33
N ASP DC 104 -101.21 -107.41 -50.60
CA ASP DC 104 -102.49 -108.11 -50.50
C ASP DC 104 -103.53 -107.33 -49.73
N LEU DC 105 -103.10 -106.43 -48.84
CA LEU DC 105 -104.05 -105.57 -48.15
C LEU DC 105 -104.49 -104.40 -49.01
N THR DC 106 -103.54 -103.81 -49.74
CA THR DC 106 -103.86 -102.66 -50.59
C THR DC 106 -104.65 -103.09 -51.83
N LYS DC 107 -104.43 -104.32 -52.30
CA LYS DC 107 -105.26 -104.86 -53.37
C LYS DC 107 -106.70 -105.05 -52.89
N SER DC 108 -106.87 -105.43 -51.63
CA SER DC 108 -108.20 -105.59 -51.06
C SER DC 108 -108.77 -104.31 -50.51
N LEU DC 109 -107.93 -103.32 -50.23
CA LEU DC 109 -108.44 -102.01 -49.80
C LEU DC 109 -109.14 -101.30 -50.95
N VAL DC 110 -108.51 -101.28 -52.12
CA VAL DC 110 -109.08 -100.60 -53.27
C VAL DC 110 -110.31 -101.35 -53.78
N ALA DC 111 -110.31 -102.68 -53.70
CA ALA DC 111 -111.39 -103.47 -54.26
C ALA DC 111 -112.65 -103.48 -53.42
N THR DC 112 -112.67 -102.81 -52.27
CA THR DC 112 -113.87 -102.80 -51.43
C THR DC 112 -114.82 -101.71 -51.92
N SER DC 113 -116.07 -101.79 -51.45
CA SER DC 113 -117.10 -100.85 -51.87
C SER DC 113 -117.14 -99.59 -51.02
N GLN DC 114 -116.25 -99.45 -50.04
CA GLN DC 114 -116.21 -98.23 -49.26
C GLN DC 114 -115.24 -97.21 -49.84
N VAL DC 115 -114.17 -97.67 -50.48
CA VAL DC 115 -113.27 -96.76 -51.18
C VAL DC 115 -113.82 -96.41 -52.55
N GLU DC 116 -114.74 -97.23 -53.06
CA GLU DC 116 -115.44 -96.88 -54.30
C GLU DC 116 -116.31 -95.65 -54.09
N ASP DC 117 -117.09 -95.62 -53.01
CA ASP DC 117 -117.93 -94.47 -52.73
C ASP DC 117 -117.13 -93.26 -52.26
N LEU DC 118 -115.87 -93.45 -51.87
CA LEU DC 118 -115.05 -92.33 -51.41
C LEU DC 118 -114.51 -91.51 -52.57
N VAL DC 119 -114.24 -92.12 -53.71
CA VAL DC 119 -113.64 -91.40 -54.83
C VAL DC 119 -114.70 -91.11 -55.90
N VAL DC 120 -115.83 -91.81 -55.84
CA VAL DC 120 -116.89 -91.54 -56.80
C VAL DC 120 -117.93 -90.60 -56.22
N ASN DC 121 -118.40 -90.90 -55.01
CA ASN DC 121 -119.48 -90.14 -54.39
C ASN DC 121 -119.03 -89.34 -53.17
N LEU DC 122 -117.74 -89.37 -52.85
CA LEU DC 122 -117.09 -88.54 -51.82
C LEU DC 122 -117.61 -88.83 -50.41
N VAL DC 123 -118.11 -90.03 -50.18
CA VAL DC 123 -118.59 -90.42 -48.85
C VAL DC 123 -117.42 -90.95 -48.04
N PRO DC 124 -117.26 -90.53 -46.78
CA PRO DC 124 -116.11 -91.00 -45.98
C PRO DC 124 -116.21 -92.48 -45.63
N LEU DC 125 -115.09 -93.00 -45.14
CA LEU DC 125 -114.93 -94.42 -44.89
C LEU DC 125 -115.58 -94.82 -43.57
N GLY DC 126 -115.83 -96.12 -43.43
CA GLY DC 126 -116.37 -96.66 -42.19
C GLY DC 126 -117.87 -96.75 -42.19
N ARG DC 127 -118.40 -97.95 -41.96
CA ARG DC 127 -119.84 -98.18 -41.86
C ARG DC 127 -120.10 -99.04 -40.64
N ALA DC 128 -121.04 -98.59 -39.79
CA ALA DC 128 -121.30 -99.24 -38.51
C ALA DC 128 -122.33 -100.35 -38.69
N TYR DC 129 -121.92 -101.59 -38.42
CA TYR DC 129 -122.83 -102.73 -38.36
C TYR DC 129 -122.56 -103.46 -37.05
N GLY DC 130 -123.35 -103.15 -36.03
CA GLY DC 130 -123.25 -103.81 -34.74
C GLY DC 130 -122.05 -103.38 -33.93
N GLY DC 131 -122.01 -102.11 -33.53
CA GLY DC 131 -120.90 -101.61 -32.74
C GLY DC 131 -120.37 -100.28 -33.26
N SER DC 132 -119.11 -100.25 -33.65
CA SER DC 132 -118.52 -99.06 -34.23
C SER DC 132 -118.41 -99.20 -35.75
N LYS DC 133 -117.80 -98.20 -36.36
CA LYS DC 133 -117.65 -98.18 -37.82
C LYS DC 133 -116.39 -98.95 -38.22
N THR DC 134 -116.57 -99.96 -39.06
CA THR DC 134 -115.48 -100.86 -39.44
C THR DC 134 -115.35 -100.94 -40.94
N ILE DC 135 -114.14 -101.27 -41.40
CA ILE DC 135 -113.88 -101.63 -42.78
C ILE DC 135 -113.10 -102.94 -42.78
N VAL DC 136 -113.61 -103.93 -43.50
CA VAL DC 136 -113.02 -105.27 -43.51
C VAL DC 136 -112.16 -105.41 -44.76
N LEU DC 137 -111.07 -106.15 -44.64
CA LEU DC 137 -110.10 -106.35 -45.72
C LEU DC 137 -109.88 -107.85 -45.88
N SER DC 138 -110.56 -108.44 -46.85
CA SER DC 138 -110.43 -109.87 -47.10
C SER DC 138 -109.13 -110.16 -47.84
N VAL DC 139 -108.32 -111.04 -47.27
CA VAL DC 139 -106.99 -111.36 -47.80
C VAL DC 139 -107.12 -112.80 -48.27
N GLY DC 140 -108.28 -113.13 -48.82
CA GLY DC 140 -108.63 -114.51 -49.10
C GLY DC 140 -109.78 -114.92 -48.21
N GLU DC 141 -109.50 -115.76 -47.21
CA GLU DC 141 -110.47 -116.05 -46.16
C GLU DC 141 -110.21 -115.28 -44.88
N ALA DC 142 -108.98 -114.84 -44.64
CA ALA DC 142 -108.67 -114.06 -43.46
C ALA DC 142 -109.14 -112.63 -43.64
N THR DC 143 -110.05 -112.19 -42.77
CA THR DC 143 -110.62 -110.85 -42.83
C THR DC 143 -110.07 -110.03 -41.67
N ARG DC 144 -109.13 -109.15 -41.97
CA ARG DC 144 -108.51 -108.29 -40.96
C ARG DC 144 -109.40 -107.05 -40.81
N THR DC 145 -110.25 -107.06 -39.79
CA THR DC 145 -111.24 -106.01 -39.59
C THR DC 145 -110.62 -104.84 -38.85
N LEU DC 146 -110.51 -103.70 -39.53
CA LEU DC 146 -110.09 -102.47 -38.90
C LEU DC 146 -111.27 -101.76 -38.26
N THR DC 147 -111.03 -101.14 -37.11
CA THR DC 147 -112.04 -100.37 -36.41
C THR DC 147 -111.61 -98.90 -36.35
N GLU DC 148 -112.58 -98.01 -36.51
CA GLU DC 148 -112.28 -96.58 -36.48
C GLU DC 148 -112.02 -96.13 -35.05
N ILE DC 149 -110.86 -95.52 -34.84
CA ILE DC 149 -110.49 -95.02 -33.52
C ILE DC 149 -110.52 -93.52 -33.42
N GLN DC 150 -110.67 -92.80 -34.53
CA GLN DC 150 -110.59 -91.34 -34.49
C GLN DC 150 -111.39 -90.78 -35.65
N SER DC 151 -111.94 -89.58 -35.47
CA SER DC 151 -112.66 -88.86 -36.51
C SER DC 151 -112.39 -87.39 -36.29
N THR DC 152 -111.42 -86.85 -37.01
CA THR DC 152 -111.03 -85.45 -36.89
C THR DC 152 -111.93 -84.67 -37.87
N ALA DC 153 -111.59 -83.41 -38.18
CA ALA DC 153 -112.40 -82.62 -39.11
C ALA DC 153 -112.35 -83.20 -40.51
N ASP DC 154 -111.17 -83.54 -41.02
CA ASP DC 154 -111.03 -84.21 -42.30
C ASP DC 154 -110.42 -85.60 -42.15
N ARG DC 155 -109.46 -85.75 -41.24
CA ARG DC 155 -108.76 -87.00 -41.02
C ARG DC 155 -109.67 -88.06 -40.43
N GLN DC 156 -109.28 -89.32 -40.61
CA GLN DC 156 -110.10 -90.45 -40.15
C GLN DC 156 -109.16 -91.63 -39.97
N ILE DC 157 -108.79 -91.92 -38.73
CA ILE DC 157 -107.77 -92.92 -38.42
C ILE DC 157 -108.45 -94.22 -38.04
N PHE DC 158 -108.16 -95.28 -38.79
CA PHE DC 158 -108.61 -96.63 -38.49
C PHE DC 158 -107.45 -97.42 -37.93
N GLU DC 159 -107.77 -98.48 -37.20
CA GLU DC 159 -106.74 -99.30 -36.58
C GLU DC 159 -107.29 -100.68 -36.26
N GLU DC 160 -106.48 -101.70 -36.49
CA GLU DC 160 -106.82 -103.05 -36.05
C GLU DC 160 -106.47 -103.21 -34.58
N LYS DC 161 -107.36 -103.87 -33.85
CA LYS DC 161 -107.29 -103.88 -32.39
C LYS DC 161 -106.74 -105.16 -31.79
N VAL DC 162 -106.31 -106.11 -32.60
CA VAL DC 162 -105.70 -107.33 -32.06
C VAL DC 162 -104.20 -107.14 -31.96
N GLY DC 163 -103.60 -107.81 -30.97
CA GLY DC 163 -102.17 -107.80 -30.81
C GLY DC 163 -101.67 -106.70 -29.89
N PRO DC 164 -100.37 -106.45 -29.89
CA PRO DC 164 -99.79 -105.44 -29.01
C PRO DC 164 -100.09 -104.03 -29.50
N LEU DC 165 -99.86 -103.07 -28.61
CA LEU DC 165 -100.08 -101.65 -28.91
C LEU DC 165 -99.00 -101.04 -29.78
N VAL DC 166 -97.86 -101.70 -29.92
CA VAL DC 166 -96.73 -101.06 -30.57
C VAL DC 166 -96.86 -101.07 -32.10
N GLY DC 167 -97.15 -102.22 -32.71
CA GLY DC 167 -97.28 -102.29 -34.14
C GLY DC 167 -98.63 -102.82 -34.56
N ARG DC 168 -99.44 -101.95 -35.18
CA ARG DC 168 -100.78 -102.32 -35.62
C ARG DC 168 -101.02 -101.74 -37.00
N LEU DC 169 -101.99 -102.31 -37.70
CA LEU DC 169 -102.43 -101.76 -38.97
C LEU DC 169 -103.07 -100.39 -38.78
N ARG DC 170 -102.74 -99.47 -39.66
CA ARG DC 170 -103.26 -98.12 -39.59
C ARG DC 170 -103.86 -97.74 -40.93
N LEU DC 171 -104.75 -96.75 -40.91
CA LEU DC 171 -105.36 -96.25 -42.14
C LEU DC 171 -105.78 -94.81 -41.86
N THR DC 172 -104.99 -93.85 -42.33
CA THR DC 172 -105.29 -92.43 -42.13
C THR DC 172 -105.90 -91.89 -43.41
N ALA DC 173 -107.21 -92.07 -43.55
CA ALA DC 173 -107.93 -91.49 -44.67
C ALA DC 173 -108.06 -89.97 -44.50
N SER DC 174 -108.38 -89.30 -45.59
CA SER DC 174 -108.48 -87.84 -45.58
C SER DC 174 -109.35 -87.40 -46.75
N LEU DC 175 -109.74 -86.13 -46.71
CA LEU DC 175 -110.57 -85.53 -47.75
C LEU DC 175 -110.49 -84.02 -47.61
N ARG DC 176 -110.11 -83.34 -48.68
CA ARG DC 176 -109.98 -81.89 -48.67
C ARG DC 176 -110.65 -81.32 -49.91
N GLN DC 177 -110.62 -79.99 -50.01
CA GLN DC 177 -110.89 -79.32 -51.28
C GLN DC 177 -110.06 -78.04 -51.28
N ASN DC 178 -109.18 -77.92 -52.27
CA ASN DC 178 -108.19 -76.85 -52.31
C ASN DC 178 -108.73 -75.64 -53.05
N GLY DC 179 -108.29 -74.46 -52.61
CA GLY DC 179 -108.56 -73.21 -53.30
C GLY DC 179 -110.01 -72.78 -53.31
N ALA DC 180 -110.51 -72.43 -54.50
CA ALA DC 180 -111.87 -71.95 -54.65
C ALA DC 180 -112.85 -73.07 -55.00
N LYS DC 181 -112.81 -74.15 -54.19
CA LYS DC 181 -113.75 -75.27 -54.25
C LYS DC 181 -113.77 -75.94 -55.62
N THR DC 182 -112.62 -76.06 -56.27
CA THR DC 182 -112.57 -76.55 -57.64
C THR DC 182 -112.06 -77.99 -57.76
N ALA DC 183 -111.41 -78.52 -56.74
CA ALA DC 183 -110.84 -79.86 -56.83
C ALA DC 183 -110.70 -80.46 -55.45
N TYR DC 184 -111.17 -81.69 -55.30
CA TYR DC 184 -111.00 -82.43 -54.06
C TYR DC 184 -109.66 -83.16 -54.06
N ARG DC 185 -109.33 -83.77 -52.92
CA ARG DC 185 -108.06 -84.50 -52.79
C ARG DC 185 -108.23 -85.57 -51.73
N VAL DC 186 -108.40 -86.81 -52.16
CA VAL DC 186 -108.46 -87.94 -51.25
C VAL DC 186 -107.04 -88.43 -50.99
N ASN DC 187 -106.78 -88.90 -49.77
CA ASN DC 187 -105.42 -89.28 -49.39
C ASN DC 187 -105.51 -90.42 -48.37
N LEU DC 188 -105.36 -91.65 -48.84
CA LEU DC 188 -105.25 -92.81 -47.96
C LEU DC 188 -103.80 -93.12 -47.67
N LYS DC 189 -103.57 -93.88 -46.60
CA LYS DC 189 -102.22 -94.25 -46.20
C LYS DC 189 -102.33 -95.45 -45.28
N LEU DC 190 -101.76 -96.58 -45.70
CA LEU DC 190 -101.83 -97.83 -44.94
C LEU DC 190 -100.43 -98.21 -44.48
N ASP DC 191 -100.19 -98.10 -43.18
CA ASP DC 191 -98.92 -98.52 -42.60
C ASP DC 191 -99.03 -99.95 -42.12
N GLN DC 192 -97.91 -100.67 -42.16
CA GLN DC 192 -97.86 -102.05 -41.70
C GLN DC 192 -96.51 -102.29 -41.07
N ALA DC 193 -96.44 -102.16 -39.74
CA ALA DC 193 -95.22 -102.38 -38.99
C ALA DC 193 -95.06 -103.86 -38.71
N ASP DC 194 -93.85 -104.37 -38.89
CA ASP DC 194 -93.56 -105.79 -38.69
C ASP DC 194 -93.07 -105.99 -37.27
N VAL DC 195 -93.93 -106.51 -36.42
CA VAL DC 195 -93.62 -106.70 -35.00
C VAL DC 195 -93.28 -108.17 -34.78
N VAL DC 196 -92.27 -108.42 -33.96
CA VAL DC 196 -91.80 -109.77 -33.68
C VAL DC 196 -91.65 -109.90 -32.16
N ASP DC 197 -91.86 -111.12 -31.66
CA ASP DC 197 -91.72 -111.41 -30.24
C ASP DC 197 -90.64 -112.46 -30.03
N CYS DC 198 -89.74 -112.19 -29.10
CA CYS DC 198 -88.63 -113.08 -28.80
C CYS DC 198 -88.83 -113.81 -27.47
N SER DC 199 -90.09 -114.01 -27.08
CA SER DC 199 -90.40 -114.61 -25.79
C SER DC 199 -90.05 -116.08 -25.72
N THR DC 200 -90.06 -116.78 -26.87
CA THR DC 200 -89.63 -118.17 -26.88
C THR DC 200 -88.11 -118.27 -26.75
N SER DC 201 -87.39 -117.30 -27.30
CA SER DC 201 -85.93 -117.27 -27.26
C SER DC 201 -85.39 -116.66 -25.97
N VAL DC 202 -85.80 -115.44 -25.64
CA VAL DC 202 -85.26 -114.69 -24.52
C VAL DC 202 -86.39 -114.43 -23.53
N CYS DC 203 -86.11 -114.64 -22.24
CA CYS DC 203 -87.09 -114.38 -21.20
C CYS DC 203 -87.45 -112.89 -21.12
N GLY DC 204 -88.72 -112.62 -20.82
CA GLY DC 204 -89.18 -111.29 -20.50
C GLY DC 204 -89.11 -110.29 -21.63
N GLU DC 205 -89.12 -110.77 -22.88
CA GLU DC 205 -88.98 -109.90 -24.04
C GLU DC 205 -90.37 -109.50 -24.52
N LEU DC 206 -90.67 -108.22 -24.41
CA LEU DC 206 -91.91 -107.69 -24.94
C LEU DC 206 -91.74 -107.43 -26.44
N PRO DC 207 -92.82 -107.52 -27.22
CA PRO DC 207 -92.69 -107.37 -28.67
C PRO DC 207 -92.30 -105.96 -29.09
N LYS DC 208 -91.62 -105.88 -30.22
CA LYS DC 208 -91.12 -104.62 -30.76
C LYS DC 208 -91.14 -104.71 -32.27
N VAL DC 209 -91.06 -103.55 -32.92
CA VAL DC 209 -91.11 -103.46 -34.37
C VAL DC 209 -89.70 -103.39 -34.93
N ARG DC 210 -89.52 -103.95 -36.11
CA ARG DC 210 -88.23 -103.86 -36.79
C ARG DC 210 -88.22 -102.72 -37.80
N TYR DC 211 -89.20 -102.72 -38.71
CA TYR DC 211 -89.29 -101.72 -39.76
C TYR DC 211 -90.75 -101.36 -39.97
N THR DC 212 -91.01 -100.51 -40.95
CA THR DC 212 -92.38 -100.19 -41.33
C THR DC 212 -92.43 -99.96 -42.85
N GLN DC 213 -93.55 -100.35 -43.45
CA GLN DC 213 -93.77 -100.25 -44.88
C GLN DC 213 -95.14 -99.66 -45.13
N VAL DC 214 -95.20 -98.59 -45.91
CA VAL DC 214 -96.45 -97.87 -46.13
C VAL DC 214 -96.85 -98.02 -47.60
N TRP DC 215 -98.10 -97.66 -47.88
CA TRP DC 215 -98.62 -97.56 -49.25
C TRP DC 215 -99.62 -96.40 -49.23
N SER DC 216 -99.16 -95.23 -49.63
CA SER DC 216 -100.04 -94.07 -49.70
C SER DC 216 -100.81 -94.07 -51.01
N HIS DC 217 -101.89 -93.30 -51.01
CA HIS DC 217 -102.63 -92.99 -52.23
C HIS DC 217 -102.85 -91.49 -52.26
N ASP DC 218 -103.03 -90.94 -53.45
CA ASP DC 218 -103.26 -89.51 -53.59
C ASP DC 218 -104.16 -89.31 -54.82
N VAL DC 219 -105.46 -89.29 -54.58
CA VAL DC 219 -106.45 -89.14 -55.64
C VAL DC 219 -106.79 -87.66 -55.77
N THR DC 220 -106.80 -87.16 -57.00
CA THR DC 220 -107.19 -85.79 -57.29
C THR DC 220 -108.47 -85.83 -58.13
N ILE DC 221 -109.53 -85.21 -57.62
CA ILE DC 221 -110.84 -85.23 -58.26
C ILE DC 221 -111.28 -83.79 -58.43
N VAL DC 222 -111.50 -83.37 -59.67
CA VAL DC 222 -112.00 -82.02 -59.90
C VAL DC 222 -113.50 -82.00 -59.67
N ALA DC 223 -114.03 -80.82 -59.33
CA ALA DC 223 -115.36 -80.73 -58.75
C ALA DC 223 -116.47 -80.88 -59.78
N ASN DC 224 -116.25 -80.38 -61.00
CA ASN DC 224 -117.27 -80.42 -62.05
C ASN DC 224 -117.14 -81.64 -62.94
N SER DC 225 -116.69 -82.76 -62.39
CA SER DC 225 -116.49 -83.99 -63.12
C SER DC 225 -117.81 -84.59 -63.59
N THR DC 226 -117.69 -85.61 -64.42
CA THR DC 226 -118.78 -86.55 -64.67
C THR DC 226 -118.59 -87.71 -63.71
N GLU DC 227 -119.70 -88.29 -63.25
CA GLU DC 227 -119.60 -89.44 -62.36
C GLU DC 227 -119.05 -90.65 -63.10
N ALA DC 228 -119.26 -90.72 -64.42
CA ALA DC 228 -118.68 -91.78 -65.22
C ALA DC 228 -117.17 -91.64 -65.39
N SER DC 229 -116.64 -90.45 -65.16
CA SER DC 229 -115.18 -90.27 -65.24
C SER DC 229 -114.53 -90.53 -63.88
N ARG DC 230 -115.27 -90.34 -62.79
CA ARG DC 230 -114.78 -90.76 -61.48
C ARG DC 230 -114.88 -92.26 -61.33
N LYS DC 231 -115.86 -92.89 -61.97
CA LYS DC 231 -116.01 -94.33 -61.90
C LYS DC 231 -114.93 -95.03 -62.70
N SER DC 232 -114.58 -94.48 -63.87
CA SER DC 232 -113.58 -95.12 -64.72
C SER DC 232 -112.17 -94.95 -64.17
N LEU DC 233 -111.92 -93.86 -63.43
CA LEU DC 233 -110.63 -93.70 -62.79
C LEU DC 233 -110.45 -94.69 -61.66
N TYR DC 234 -111.52 -94.97 -60.91
CA TYR DC 234 -111.45 -95.97 -59.85
C TYR DC 234 -111.35 -97.37 -60.45
N ASP DC 235 -112.11 -97.64 -61.52
CA ASP DC 235 -112.12 -98.95 -62.15
C ASP DC 235 -110.80 -99.29 -62.82
N LEU DC 236 -110.01 -98.30 -63.22
CA LEU DC 236 -108.69 -98.59 -63.77
C LEU DC 236 -107.68 -98.82 -62.66
N THR DC 237 -107.76 -98.06 -61.57
CA THR DC 237 -106.84 -98.22 -60.45
C THR DC 237 -107.13 -99.50 -59.68
N LYS DC 238 -108.40 -99.90 -59.60
CA LYS DC 238 -108.73 -101.21 -59.05
C LYS DC 238 -108.18 -102.33 -59.93
N SER DC 239 -108.17 -102.11 -61.24
CA SER DC 239 -107.63 -103.08 -62.18
C SER DC 239 -106.12 -103.01 -62.29
N LEU DC 240 -105.52 -101.86 -61.99
CA LEU DC 240 -104.07 -101.73 -62.08
C LEU DC 240 -103.39 -102.47 -60.94
N VAL DC 241 -103.88 -102.28 -59.72
CA VAL DC 241 -103.30 -102.94 -58.54
C VAL DC 241 -103.51 -104.44 -58.60
N ALA DC 242 -104.61 -104.90 -59.20
CA ALA DC 242 -104.91 -106.33 -59.27
C ALA DC 242 -104.06 -107.08 -60.28
N THR DC 243 -103.26 -106.40 -61.10
CA THR DC 243 -102.45 -107.09 -62.08
C THR DC 243 -101.24 -107.76 -61.43
N SER DC 244 -100.64 -108.68 -62.17
CA SER DC 244 -99.44 -109.37 -61.71
C SER DC 244 -98.17 -108.57 -62.00
N GLN DC 245 -98.27 -107.48 -62.76
CA GLN DC 245 -97.09 -106.67 -63.02
C GLN DC 245 -96.78 -105.77 -61.84
N VAL DC 246 -97.81 -105.25 -61.18
CA VAL DC 246 -97.62 -104.45 -59.97
C VAL DC 246 -97.38 -105.35 -58.77
N GLU DC 247 -97.80 -106.62 -58.84
CA GLU DC 247 -97.48 -107.57 -57.78
C GLU DC 247 -95.99 -107.83 -57.71
N ASP DC 248 -95.35 -108.07 -58.85
CA ASP DC 248 -93.92 -108.27 -58.89
C ASP DC 248 -93.12 -106.98 -58.72
N LEU DC 249 -93.75 -105.83 -58.94
CA LEU DC 249 -93.04 -104.57 -58.76
C LEU DC 249 -92.91 -104.20 -57.29
N VAL DC 250 -93.89 -104.56 -56.47
CA VAL DC 250 -93.82 -104.28 -55.05
C VAL DC 250 -93.08 -105.38 -54.30
N VAL DC 251 -93.34 -106.65 -54.66
CA VAL DC 251 -92.71 -107.77 -53.96
C VAL DC 251 -91.27 -107.95 -54.41
N ASN DC 252 -91.05 -108.04 -55.72
CA ASN DC 252 -89.74 -108.42 -56.25
C ASN DC 252 -89.01 -107.30 -57.00
N LEU DC 253 -89.56 -106.09 -57.02
CA LEU DC 253 -88.96 -104.90 -57.65
C LEU DC 253 -88.71 -105.08 -59.15
N VAL DC 254 -89.53 -105.89 -59.82
CA VAL DC 254 -89.42 -106.08 -61.26
C VAL DC 254 -90.16 -104.94 -61.94
N PRO DC 255 -89.54 -104.24 -62.91
CA PRO DC 255 -90.21 -103.10 -63.54
C PRO DC 255 -91.38 -103.53 -64.42
N LEU DC 256 -92.23 -102.55 -64.73
CA LEU DC 256 -93.46 -102.82 -65.46
C LEU DC 256 -93.19 -103.00 -66.94
N GLY DC 257 -94.12 -103.66 -67.63
CA GLY DC 257 -94.04 -103.83 -69.06
C GLY DC 257 -93.57 -105.20 -69.50
N ARG DC 258 -94.38 -105.89 -70.29
CA ARG DC 258 -94.00 -107.19 -70.84
C ARG DC 258 -94.40 -107.29 -72.30
N SER EC 1 -126.52 -89.78 -41.73
CA SER EC 1 -126.12 -89.77 -40.32
C SER EC 1 -126.80 -88.63 -39.57
N LYS EC 2 -126.10 -87.52 -39.44
CA LYS EC 2 -126.59 -86.35 -38.73
C LYS EC 2 -127.17 -85.36 -39.72
N THR EC 3 -128.47 -85.09 -39.61
CA THR EC 3 -129.21 -84.36 -40.62
C THR EC 3 -130.01 -83.20 -40.03
N ILE EC 4 -130.22 -82.18 -40.86
CA ILE EC 4 -131.24 -81.16 -40.65
C ILE EC 4 -132.20 -81.23 -41.82
N VAL EC 5 -133.50 -81.17 -41.54
CA VAL EC 5 -134.53 -81.24 -42.57
C VAL EC 5 -135.17 -79.87 -42.70
N LEU EC 6 -135.09 -79.29 -43.89
CA LEU EC 6 -135.65 -77.97 -44.18
C LEU EC 6 -136.86 -78.16 -45.09
N SER EC 7 -138.04 -78.13 -44.50
CA SER EC 7 -139.27 -78.27 -45.28
C SER EC 7 -139.74 -76.90 -45.78
N VAL EC 8 -139.88 -76.78 -47.09
CA VAL EC 8 -140.21 -75.50 -47.72
C VAL EC 8 -141.61 -75.57 -48.31
N GLY EC 9 -142.48 -76.33 -47.65
CA GLY EC 9 -143.79 -76.67 -48.19
C GLY EC 9 -144.01 -78.15 -48.04
N GLU EC 10 -144.12 -78.86 -49.15
CA GLU EC 10 -144.14 -80.32 -49.11
C GLU EC 10 -142.80 -80.95 -49.45
N ALA EC 11 -141.94 -80.23 -50.17
CA ALA EC 11 -140.60 -80.74 -50.46
C ALA EC 11 -139.68 -80.49 -49.27
N THR EC 12 -138.93 -81.52 -48.88
CA THR EC 12 -137.99 -81.44 -47.77
C THR EC 12 -136.58 -81.61 -48.31
N ARG EC 13 -135.70 -80.67 -48.00
CA ARG EC 13 -134.32 -80.68 -48.48
C ARG EC 13 -133.43 -81.09 -47.30
N THR EC 14 -133.06 -82.37 -47.26
CA THR EC 14 -132.33 -82.93 -46.14
C THR EC 14 -130.84 -82.67 -46.30
N LEU EC 15 -130.29 -81.80 -45.46
CA LEU EC 15 -128.85 -81.59 -45.40
C LEU EC 15 -128.21 -82.69 -44.56
N THR EC 16 -126.99 -83.06 -44.91
CA THR EC 16 -126.24 -84.04 -44.14
C THR EC 16 -124.92 -83.43 -43.70
N GLU EC 17 -124.46 -83.83 -42.52
CA GLU EC 17 -123.21 -83.32 -41.98
C GLU EC 17 -122.03 -83.96 -42.68
N ILE EC 18 -121.10 -83.14 -43.16
CA ILE EC 18 -119.94 -83.63 -43.89
C ILE EC 18 -118.62 -83.33 -43.19
N GLN EC 19 -118.61 -82.47 -42.18
CA GLN EC 19 -117.37 -82.08 -41.53
C GLN EC 19 -117.70 -81.53 -40.15
N SER EC 20 -116.89 -81.90 -39.16
CA SER EC 20 -117.13 -81.47 -37.78
C SER EC 20 -115.78 -81.18 -37.13
N THR EC 21 -115.50 -79.90 -36.92
CA THR EC 21 -114.30 -79.46 -36.22
C THR EC 21 -114.69 -79.38 -34.73
N ALA EC 22 -113.88 -78.73 -33.90
CA ALA EC 22 -114.23 -78.51 -32.49
C ALA EC 22 -115.49 -77.67 -32.36
N ASP EC 23 -115.52 -76.51 -33.00
CA ASP EC 23 -116.66 -75.62 -32.99
C ASP EC 23 -117.39 -75.53 -34.31
N ARG EC 24 -116.66 -75.43 -35.42
CA ARG EC 24 -117.28 -75.32 -36.74
C ARG EC 24 -117.89 -76.65 -37.16
N GLN EC 25 -118.97 -76.58 -37.94
CA GLN EC 25 -119.76 -77.77 -38.23
C GLN EC 25 -120.47 -77.52 -39.57
N ILE EC 26 -120.02 -78.22 -40.61
CA ILE EC 26 -120.45 -77.95 -41.97
C ILE EC 26 -121.42 -79.03 -42.43
N PHE EC 27 -122.60 -78.62 -42.88
CA PHE EC 27 -123.60 -79.49 -43.47
C PHE EC 27 -123.63 -79.29 -44.97
N GLU EC 28 -124.23 -80.24 -45.67
CA GLU EC 28 -124.34 -80.18 -47.12
C GLU EC 28 -125.47 -81.09 -47.58
N GLU EC 29 -126.08 -80.72 -48.71
CA GLU EC 29 -127.10 -81.55 -49.34
C GLU EC 29 -126.44 -82.47 -50.35
N LYS EC 30 -126.73 -83.77 -50.22
CA LYS EC 30 -126.04 -84.78 -51.01
C LYS EC 30 -126.76 -85.15 -52.30
N VAL EC 31 -127.57 -84.25 -52.85
CA VAL EC 31 -128.31 -84.55 -54.08
C VAL EC 31 -127.73 -83.73 -55.23
N GLY EC 32 -127.45 -84.41 -56.34
CA GLY EC 32 -127.04 -83.75 -57.55
C GLY EC 32 -125.54 -83.78 -57.79
N PRO EC 33 -125.05 -82.90 -58.66
CA PRO EC 33 -123.60 -82.84 -58.93
C PRO EC 33 -122.79 -82.33 -57.76
N LEU EC 34 -121.46 -82.32 -57.91
CA LEU EC 34 -120.56 -82.00 -56.83
C LEU EC 34 -120.17 -80.53 -56.76
N VAL EC 35 -120.53 -79.73 -57.75
CA VAL EC 35 -119.97 -78.38 -57.86
C VAL EC 35 -120.78 -77.36 -57.05
N GLY EC 36 -122.11 -77.42 -57.08
CA GLY EC 36 -122.90 -76.47 -56.32
C GLY EC 36 -123.97 -77.15 -55.50
N ARG EC 37 -123.86 -77.05 -54.18
CA ARG EC 37 -124.80 -77.67 -53.27
C ARG EC 37 -125.16 -76.69 -52.16
N LEU EC 38 -126.26 -76.98 -51.48
CA LEU EC 38 -126.61 -76.23 -50.27
C LEU EC 38 -125.56 -76.46 -49.20
N ARG EC 39 -125.28 -75.40 -48.45
CA ARG EC 39 -124.25 -75.44 -47.42
C ARG EC 39 -124.81 -74.78 -46.18
N LEU EC 40 -124.36 -75.24 -45.02
CA LEU EC 40 -124.80 -74.65 -43.76
C LEU EC 40 -123.64 -74.78 -42.77
N THR EC 41 -123.01 -73.66 -42.46
CA THR EC 41 -121.83 -73.64 -41.60
C THR EC 41 -122.23 -73.08 -40.25
N ALA EC 42 -122.57 -73.97 -39.32
CA ALA EC 42 -122.84 -73.55 -37.96
C ALA EC 42 -121.54 -73.39 -37.18
N SER EC 43 -121.61 -72.62 -36.10
CA SER EC 43 -120.46 -72.38 -35.24
C SER EC 43 -120.96 -72.00 -33.86
N LEU EC 44 -120.05 -72.03 -32.90
CA LEU EC 44 -120.35 -71.63 -31.52
C LEU EC 44 -119.04 -71.36 -30.82
N ARG EC 45 -118.91 -70.16 -30.25
CA ARG EC 45 -117.70 -69.74 -29.56
C ARG EC 45 -118.07 -69.14 -28.22
N GLN EC 46 -117.05 -68.68 -27.48
CA GLN EC 46 -117.27 -67.79 -26.34
C GLN EC 46 -116.07 -66.86 -26.25
N ASN EC 47 -116.28 -65.60 -26.60
CA ASN EC 47 -115.18 -64.66 -26.73
C ASN EC 47 -114.97 -63.88 -25.43
N GLY EC 48 -113.70 -63.63 -25.13
CA GLY EC 48 -113.34 -62.83 -23.97
C GLY EC 48 -113.20 -63.64 -22.70
N ALA EC 49 -113.75 -63.13 -21.60
CA ALA EC 49 -113.60 -63.77 -20.29
C ALA EC 49 -114.78 -64.70 -19.99
N LYS EC 50 -115.06 -65.57 -20.96
CA LYS EC 50 -115.99 -66.70 -20.83
C LYS EC 50 -117.40 -66.25 -20.45
N THR EC 51 -117.83 -65.08 -20.94
CA THR EC 51 -119.08 -64.50 -20.48
C THR EC 51 -120.15 -64.34 -21.57
N ALA EC 52 -119.78 -64.44 -22.85
CA ALA EC 52 -120.73 -64.23 -23.93
C ALA EC 52 -120.47 -65.24 -25.04
N TYR EC 53 -121.49 -66.00 -25.41
CA TYR EC 53 -121.38 -66.94 -26.52
C TYR EC 53 -121.70 -66.24 -27.83
N ARG EC 54 -121.36 -66.91 -28.93
CA ARG EC 54 -121.53 -66.32 -30.26
C ARG EC 54 -121.86 -67.44 -31.24
N VAL EC 55 -123.14 -67.58 -31.54
CA VAL EC 55 -123.59 -68.51 -32.58
C VAL EC 55 -123.47 -67.84 -33.93
N ASN EC 56 -123.15 -68.62 -34.96
CA ASN EC 56 -122.91 -68.05 -36.28
C ASN EC 56 -123.33 -69.07 -37.34
N LEU EC 57 -124.53 -68.91 -37.87
CA LEU EC 57 -124.99 -69.72 -38.99
C LEU EC 57 -124.72 -69.01 -40.30
N LYS EC 58 -124.63 -69.80 -41.37
CA LYS EC 58 -124.37 -69.25 -42.71
C LYS EC 58 -124.89 -70.26 -43.72
N LEU EC 59 -125.98 -69.93 -44.39
CA LEU EC 59 -126.59 -70.80 -45.39
C LEU EC 59 -126.22 -70.30 -46.76
N ASP EC 60 -125.33 -71.01 -47.45
CA ASP EC 60 -124.98 -70.70 -48.82
C ASP EC 60 -125.99 -71.32 -49.78
N GLN EC 61 -126.11 -70.73 -50.95
CA GLN EC 61 -126.94 -71.31 -52.01
C GLN EC 61 -126.37 -70.89 -53.34
N ALA EC 62 -125.78 -71.83 -54.06
CA ALA EC 62 -125.21 -71.57 -55.37
C ALA EC 62 -126.22 -71.96 -56.43
N ASP EC 63 -126.27 -71.18 -57.50
CA ASP EC 63 -127.19 -71.44 -58.61
C ASP EC 63 -126.42 -72.13 -59.73
N VAL EC 64 -126.52 -73.44 -59.75
CA VAL EC 64 -125.80 -74.25 -60.73
C VAL EC 64 -126.72 -74.45 -61.95
N VAL EC 65 -126.11 -74.59 -63.12
CA VAL EC 65 -126.83 -74.85 -64.36
C VAL EC 65 -126.01 -75.82 -65.19
N ASP EC 66 -126.67 -76.80 -65.80
CA ASP EC 66 -126.02 -77.81 -66.62
C ASP EC 66 -126.48 -77.63 -68.06
N CYS EC 67 -125.62 -77.07 -68.90
CA CYS EC 67 -125.94 -76.76 -70.29
C CYS EC 67 -125.22 -77.73 -71.21
N SER EC 68 -125.09 -78.98 -70.77
CA SER EC 68 -124.40 -79.98 -71.56
C SER EC 68 -125.21 -80.48 -72.73
N THR EC 69 -126.54 -80.36 -72.68
CA THR EC 69 -127.37 -80.89 -73.76
C THR EC 69 -127.51 -79.87 -74.89
N SER EC 70 -127.68 -78.60 -74.54
CA SER EC 70 -127.81 -77.57 -75.57
C SER EC 70 -126.45 -77.25 -76.19
N VAL EC 71 -125.50 -76.81 -75.37
CA VAL EC 71 -124.14 -76.55 -75.83
C VAL EC 71 -123.36 -77.85 -75.67
N CYS EC 72 -122.74 -78.30 -76.74
CA CYS EC 72 -122.04 -79.58 -76.71
C CYS EC 72 -120.68 -79.43 -76.04
N GLY EC 73 -120.43 -80.25 -75.04
CA GLY EC 73 -119.12 -80.37 -74.47
C GLY EC 73 -118.76 -79.45 -73.32
N GLU EC 74 -119.72 -79.09 -72.47
CA GLU EC 74 -119.39 -78.32 -71.29
C GLU EC 74 -120.13 -78.88 -70.08
N LEU EC 75 -119.65 -78.48 -68.90
CA LEU EC 75 -119.95 -79.09 -67.62
C LEU EC 75 -120.88 -78.20 -66.81
N PRO EC 76 -121.50 -78.70 -65.74
CA PRO EC 76 -122.24 -77.80 -64.84
C PRO EC 76 -121.32 -76.81 -64.14
N LYS EC 77 -121.87 -75.64 -63.85
CA LYS EC 77 -121.09 -74.52 -63.33
C LYS EC 77 -122.00 -73.64 -62.50
N VAL EC 78 -121.42 -72.91 -61.56
CA VAL EC 78 -122.18 -72.03 -60.68
C VAL EC 78 -122.22 -70.63 -61.28
N ARG EC 79 -123.40 -70.04 -61.32
CA ARG EC 79 -123.54 -68.70 -61.88
C ARG EC 79 -123.31 -67.64 -60.81
N TYR EC 80 -123.94 -67.81 -59.65
CA TYR EC 80 -123.79 -66.87 -58.55
C TYR EC 80 -124.03 -67.61 -57.24
N THR EC 81 -123.82 -66.90 -56.14
CA THR EC 81 -124.00 -67.45 -54.81
C THR EC 81 -124.70 -66.42 -53.94
N GLN EC 82 -125.78 -66.84 -53.29
CA GLN EC 82 -126.54 -65.98 -52.39
C GLN EC 82 -126.55 -66.59 -51.00
N VAL EC 83 -126.06 -65.84 -50.02
CA VAL EC 83 -125.92 -66.34 -48.67
C VAL EC 83 -126.93 -65.64 -47.76
N TRP EC 84 -127.12 -66.19 -46.57
CA TRP EC 84 -127.90 -65.55 -45.52
C TRP EC 84 -127.24 -65.95 -44.20
N SER EC 85 -126.35 -65.10 -43.71
CA SER EC 85 -125.65 -65.37 -42.47
C SER EC 85 -126.53 -65.03 -41.27
N HIS EC 86 -126.11 -65.50 -40.11
CA HIS EC 86 -126.69 -65.11 -38.84
C HIS EC 86 -125.57 -64.87 -37.86
N ASP EC 87 -125.82 -64.04 -36.85
CA ASP EC 87 -124.82 -63.77 -35.82
C ASP EC 87 -125.57 -63.48 -34.52
N VAL EC 88 -125.74 -64.50 -33.71
CA VAL EC 88 -126.44 -64.39 -32.44
C VAL EC 88 -125.44 -64.17 -31.34
N THR EC 89 -125.72 -63.21 -30.46
CA THR EC 89 -124.89 -62.94 -29.28
C THR EC 89 -125.71 -63.29 -28.05
N ILE EC 90 -125.21 -64.23 -27.26
CA ILE EC 90 -125.90 -64.72 -26.08
C ILE EC 90 -124.96 -64.54 -24.89
N VAL EC 91 -125.45 -63.89 -23.85
CA VAL EC 91 -124.68 -63.75 -22.62
C VAL EC 91 -124.91 -64.98 -21.75
N ALA EC 92 -123.87 -65.36 -21.00
CA ALA EC 92 -123.85 -66.66 -20.36
C ALA EC 92 -124.76 -66.71 -19.14
N ASN EC 93 -124.79 -65.66 -18.33
CA ASN EC 93 -125.57 -65.64 -17.09
C ASN EC 93 -127.00 -65.16 -17.30
N SER EC 94 -127.51 -65.23 -18.52
CA SER EC 94 -128.86 -64.79 -18.79
C SER EC 94 -129.88 -65.81 -18.32
N THR EC 95 -131.15 -65.42 -18.33
CA THR EC 95 -132.24 -66.33 -18.06
C THR EC 95 -132.69 -67.00 -19.34
N GLU EC 96 -133.40 -68.12 -19.19
CA GLU EC 96 -133.84 -68.88 -20.35
C GLU EC 96 -134.94 -68.17 -21.10
N ALA EC 97 -135.80 -67.42 -20.40
CA ALA EC 97 -136.90 -66.71 -21.05
C ALA EC 97 -136.42 -65.53 -21.88
N SER EC 98 -135.21 -65.03 -21.64
CA SER EC 98 -134.67 -63.99 -22.51
C SER EC 98 -134.18 -64.59 -23.82
N ARG EC 99 -133.53 -65.74 -23.76
CA ARG EC 99 -133.11 -66.46 -24.96
C ARG EC 99 -134.29 -67.00 -25.75
N LYS EC 100 -135.34 -67.45 -25.06
CA LYS EC 100 -136.51 -67.97 -25.76
C LYS EC 100 -137.29 -66.85 -26.45
N SER EC 101 -137.36 -65.67 -25.83
CA SER EC 101 -138.10 -64.57 -26.42
C SER EC 101 -137.32 -63.93 -27.56
N LEU EC 102 -135.98 -63.97 -27.50
CA LEU EC 102 -135.18 -63.47 -28.61
C LEU EC 102 -135.31 -64.37 -29.82
N TYR EC 103 -135.37 -65.68 -29.59
CA TYR EC 103 -135.61 -66.61 -30.71
C TYR EC 103 -137.02 -66.47 -31.24
N ASP EC 104 -137.99 -66.24 -30.36
CA ASP EC 104 -139.39 -66.13 -30.78
C ASP EC 104 -139.66 -64.87 -31.60
N LEU EC 105 -138.90 -63.81 -31.38
CA LEU EC 105 -139.06 -62.60 -32.17
C LEU EC 105 -138.42 -62.75 -33.54
N THR EC 106 -137.22 -63.36 -33.59
CA THR EC 106 -136.53 -63.53 -34.87
C THR EC 106 -137.20 -64.59 -35.73
N LYS EC 107 -137.84 -65.58 -35.10
CA LYS EC 107 -138.62 -66.56 -35.86
C LYS EC 107 -139.82 -65.90 -36.54
N SER EC 108 -140.44 -64.94 -35.87
CA SER EC 108 -141.57 -64.24 -36.45
C SER EC 108 -141.16 -63.00 -37.23
N LEU EC 109 -139.92 -62.55 -37.10
CA LEU EC 109 -139.43 -61.48 -37.96
C LEU EC 109 -139.19 -61.98 -39.37
N VAL EC 110 -138.56 -63.15 -39.49
CA VAL EC 110 -138.30 -63.72 -40.81
C VAL EC 110 -139.61 -64.18 -41.45
N ALA EC 111 -140.55 -64.65 -40.65
CA ALA EC 111 -141.79 -65.20 -41.19
C ALA EC 111 -142.79 -64.15 -41.65
N THR EC 112 -142.51 -62.87 -41.47
CA THR EC 112 -143.46 -61.84 -41.87
C THR EC 112 -143.30 -61.52 -43.36
N SER EC 113 -144.30 -60.81 -43.90
CA SER EC 113 -144.32 -60.51 -45.33
C SER EC 113 -143.55 -59.25 -45.69
N GLN EC 114 -142.99 -58.54 -44.71
CA GLN EC 114 -142.22 -57.35 -45.02
C GLN EC 114 -140.74 -57.67 -45.20
N VAL EC 115 -140.24 -58.70 -44.51
CA VAL EC 115 -138.88 -59.15 -44.74
C VAL EC 115 -138.82 -60.07 -45.96
N GLU EC 116 -139.96 -60.65 -46.35
CA GLU EC 116 -140.02 -61.40 -47.60
C GLU EC 116 -139.79 -60.50 -48.80
N ASP EC 117 -140.51 -59.36 -48.85
CA ASP EC 117 -140.35 -58.43 -49.96
C ASP EC 117 -139.02 -57.67 -49.89
N LEU EC 118 -138.33 -57.69 -48.75
CA LEU EC 118 -137.05 -57.01 -48.64
C LEU EC 118 -135.92 -57.80 -49.31
N VAL EC 119 -136.01 -59.11 -49.35
CA VAL EC 119 -134.94 -59.91 -49.94
C VAL EC 119 -135.35 -60.40 -51.32
N VAL EC 120 -136.65 -60.55 -51.56
CA VAL EC 120 -137.11 -61.00 -52.87
C VAL EC 120 -137.23 -59.81 -53.83
N ASN EC 121 -137.88 -58.74 -53.39
CA ASN EC 121 -138.22 -57.61 -54.26
C ASN EC 121 -137.50 -56.32 -53.87
N LEU EC 122 -136.64 -56.37 -52.84
CA LEU EC 122 -135.79 -55.27 -52.39
C LEU EC 122 -136.58 -54.05 -51.94
N VAL EC 123 -137.76 -54.26 -51.40
CA VAL EC 123 -138.60 -53.16 -50.90
C VAL EC 123 -138.32 -52.98 -49.41
N PRO EC 124 -138.07 -51.74 -48.95
CA PRO EC 124 -137.68 -51.53 -47.55
C PRO EC 124 -138.83 -51.81 -46.57
N LEU EC 125 -138.46 -51.88 -45.30
CA LEU EC 125 -139.38 -52.30 -44.25
C LEU EC 125 -140.32 -51.16 -43.85
N GLY EC 126 -141.40 -51.54 -43.17
CA GLY EC 126 -142.35 -50.57 -42.67
C GLY EC 126 -143.49 -50.30 -43.62
N ARG EC 127 -144.72 -50.41 -43.12
CA ARG EC 127 -145.91 -50.12 -43.90
C ARG EC 127 -146.88 -49.33 -43.03
N ALA EC 128 -147.37 -48.21 -43.55
CA ALA EC 128 -148.21 -47.30 -42.78
C ALA EC 128 -149.68 -47.66 -42.95
N TYR EC 129 -150.33 -48.06 -41.86
CA TYR EC 129 -151.78 -48.23 -41.81
C TYR EC 129 -152.28 -47.57 -40.52
N GLY EC 130 -152.77 -46.34 -40.65
CA GLY EC 130 -153.32 -45.61 -39.53
C GLY EC 130 -152.26 -45.06 -38.59
N GLY EC 131 -151.46 -44.13 -39.07
CA GLY EC 131 -150.42 -43.54 -38.26
C GLY EC 131 -149.06 -43.56 -38.92
N SER EC 132 -148.11 -44.26 -38.33
CA SER EC 132 -146.79 -44.40 -38.91
C SER EC 132 -146.60 -45.81 -39.46
N LYS EC 133 -145.38 -46.09 -39.92
CA LYS EC 133 -145.06 -47.37 -40.53
C LYS EC 133 -144.62 -48.35 -39.45
N THR EC 134 -145.28 -49.52 -39.40
CA THR EC 134 -145.09 -50.46 -38.31
C THR EC 134 -144.78 -51.86 -38.83
N ILE EC 135 -144.12 -52.65 -37.98
CA ILE EC 135 -143.97 -54.09 -38.16
C ILE EC 135 -144.61 -54.78 -36.97
N VAL EC 136 -145.42 -55.80 -37.25
CA VAL EC 136 -146.10 -56.56 -36.21
C VAL EC 136 -145.38 -57.90 -36.05
N LEU EC 137 -144.83 -58.12 -34.87
CA LEU EC 137 -144.07 -59.34 -34.56
C LEU EC 137 -144.85 -60.14 -33.52
N SER EC 138 -145.74 -61.01 -33.98
CA SER EC 138 -146.53 -61.83 -33.09
C SER EC 138 -145.73 -63.02 -32.59
N VAL EC 139 -145.73 -63.22 -31.28
CA VAL EC 139 -144.99 -64.31 -30.65
C VAL EC 139 -145.99 -65.35 -30.17
N GLY EC 140 -147.10 -65.47 -30.90
CA GLY EC 140 -148.25 -66.23 -30.46
C GLY EC 140 -149.49 -65.41 -30.70
N GLU EC 141 -150.19 -65.03 -29.63
CA GLU EC 141 -151.25 -64.04 -29.75
C GLU EC 141 -150.80 -62.64 -29.35
N ALA EC 142 -149.73 -62.52 -28.56
CA ALA EC 142 -149.20 -61.22 -28.19
C ALA EC 142 -148.42 -60.64 -29.37
N THR EC 143 -148.79 -59.44 -29.80
CA THR EC 143 -148.18 -58.79 -30.95
C THR EC 143 -147.38 -57.59 -30.49
N ARG EC 144 -146.05 -57.71 -30.51
CA ARG EC 144 -145.16 -56.62 -30.14
C ARG EC 144 -144.93 -55.76 -31.38
N THR EC 145 -145.70 -54.69 -31.51
CA THR EC 145 -145.67 -53.83 -32.68
C THR EC 145 -144.55 -52.81 -32.54
N LEU EC 146 -143.58 -52.86 -33.44
CA LEU EC 146 -142.54 -51.85 -33.50
C LEU EC 146 -142.98 -50.72 -34.41
N THR EC 147 -142.58 -49.49 -34.06
CA THR EC 147 -142.87 -48.32 -34.88
C THR EC 147 -141.57 -47.74 -35.37
N GLU EC 148 -141.58 -47.23 -36.60
CA GLU EC 148 -140.38 -46.65 -37.18
C GLU EC 148 -140.10 -45.29 -36.58
N ILE EC 149 -138.90 -45.10 -36.07
CA ILE EC 149 -138.51 -43.83 -35.48
C ILE EC 149 -137.51 -43.05 -36.34
N GLN EC 150 -136.96 -43.65 -37.37
CA GLN EC 150 -135.91 -42.99 -38.14
C GLN EC 150 -135.87 -43.59 -39.54
N SER EC 151 -135.53 -42.77 -40.53
CA SER EC 151 -135.33 -43.20 -41.90
C SER EC 151 -134.16 -42.41 -42.45
N THR EC 152 -132.99 -43.05 -42.45
CA THR EC 152 -131.76 -42.42 -42.93
C THR EC 152 -131.70 -42.69 -44.44
N ALA EC 153 -130.54 -42.49 -45.08
CA ALA EC 153 -130.40 -42.74 -46.52
C ALA EC 153 -130.60 -44.22 -46.84
N ASP EC 154 -129.93 -45.11 -46.11
CA ASP EC 154 -130.12 -46.54 -46.26
C ASP EC 154 -130.66 -47.17 -44.98
N ARG EC 155 -130.20 -46.67 -43.82
CA ARG EC 155 -130.60 -47.20 -42.52
C ARG EC 155 -132.07 -46.92 -42.24
N GLN EC 156 -132.64 -47.72 -41.35
CA GLN EC 156 -134.07 -47.63 -41.03
C GLN EC 156 -134.26 -48.22 -39.64
N ILE EC 157 -134.40 -47.36 -38.63
CA ILE EC 157 -134.40 -47.78 -37.24
C ILE EC 157 -135.84 -47.87 -36.74
N PHE EC 158 -136.23 -49.06 -36.29
CA PHE EC 158 -137.52 -49.30 -35.67
C PHE EC 158 -137.33 -49.45 -34.17
N GLU EC 159 -138.41 -49.24 -33.41
CA GLU EC 159 -138.33 -49.30 -31.96
C GLU EC 159 -139.72 -49.49 -31.39
N GLU EC 160 -139.81 -50.31 -30.33
CA GLU EC 160 -141.05 -50.42 -29.59
C GLU EC 160 -141.18 -49.28 -28.60
N LYS EC 161 -142.41 -48.81 -28.40
CA LYS EC 161 -142.64 -47.57 -27.69
C LYS EC 161 -143.07 -47.74 -26.24
N VAL EC 162 -143.41 -48.96 -25.81
CA VAL EC 162 -143.87 -49.15 -24.45
C VAL EC 162 -142.66 -49.26 -23.52
N GLY EC 163 -142.91 -49.01 -22.23
CA GLY EC 163 -141.88 -49.16 -21.22
C GLY EC 163 -140.94 -47.98 -21.14
N PRO EC 164 -139.82 -48.16 -20.43
CA PRO EC 164 -138.87 -47.06 -20.25
C PRO EC 164 -138.05 -46.80 -21.51
N LEU EC 165 -137.31 -45.71 -21.49
CA LEU EC 165 -136.44 -45.33 -22.59
C LEU EC 165 -135.10 -46.03 -22.58
N VAL EC 166 -134.76 -46.72 -21.49
CA VAL EC 166 -133.40 -47.25 -21.36
C VAL EC 166 -133.20 -48.51 -22.19
N GLY EC 167 -134.15 -49.44 -22.19
CA GLY EC 167 -134.01 -50.64 -22.99
C GLY EC 167 -135.28 -50.98 -23.73
N ARG EC 168 -135.22 -50.99 -25.05
CA ARG EC 168 -136.37 -51.26 -25.88
C ARG EC 168 -135.97 -52.16 -27.03
N LEU EC 169 -136.96 -52.70 -27.73
CA LEU EC 169 -136.70 -53.46 -28.94
C LEU EC 169 -136.20 -52.54 -30.05
N ARG EC 170 -135.42 -53.11 -30.97
CA ARG EC 170 -134.78 -52.32 -32.00
C ARG EC 170 -134.71 -53.13 -33.29
N LEU EC 171 -134.60 -52.41 -34.41
CA LEU EC 171 -134.40 -53.03 -35.71
C LEU EC 171 -133.61 -52.05 -36.58
N THR EC 172 -132.33 -52.32 -36.77
CA THR EC 172 -131.49 -51.48 -37.62
C THR EC 172 -131.36 -52.18 -38.97
N ALA EC 173 -132.36 -51.96 -39.82
CA ALA EC 173 -132.30 -52.49 -41.17
C ALA EC 173 -131.36 -51.65 -42.04
N SER EC 174 -130.92 -52.24 -43.15
CA SER EC 174 -130.05 -51.55 -44.08
C SER EC 174 -130.25 -52.15 -45.47
N LEU EC 175 -129.64 -51.48 -46.45
CA LEU EC 175 -129.70 -51.92 -47.84
C LEU EC 175 -128.60 -51.18 -48.60
N ARG EC 176 -127.72 -51.92 -49.26
CA ARG EC 176 -126.60 -51.33 -49.97
C ARG EC 176 -126.48 -51.97 -51.34
N GLN EC 177 -125.49 -51.52 -52.10
CA GLN EC 177 -125.00 -52.27 -53.26
C GLN EC 177 -123.53 -51.94 -53.44
N ASN EC 178 -122.67 -52.92 -53.21
CA ASN EC 178 -121.24 -52.73 -53.20
C ASN EC 178 -120.66 -52.90 -54.59
N GLY EC 179 -119.71 -52.03 -54.92
CA GLY EC 179 -118.97 -52.13 -56.16
C GLY EC 179 -119.70 -51.56 -57.35
N ALA EC 180 -119.68 -52.28 -58.47
CA ALA EC 180 -120.27 -51.80 -59.72
C ALA EC 180 -121.71 -52.28 -59.88
N LYS EC 181 -122.53 -52.02 -58.85
CA LYS EC 181 -123.98 -52.31 -58.83
C LYS EC 181 -124.29 -53.77 -59.11
N THR EC 182 -123.44 -54.69 -58.63
CA THR EC 182 -123.57 -56.09 -58.96
C THR EC 182 -124.12 -56.96 -57.84
N ALA EC 183 -124.14 -56.47 -56.60
CA ALA EC 183 -124.59 -57.29 -55.48
C ALA EC 183 -125.13 -56.39 -54.37
N TYR EC 184 -126.34 -56.69 -53.95
CA TYR EC 184 -126.96 -55.97 -52.84
C TYR EC 184 -126.51 -56.58 -51.52
N ARG EC 185 -126.85 -55.92 -50.42
CA ARG EC 185 -126.49 -56.42 -49.09
C ARG EC 185 -127.52 -55.94 -48.10
N VAL EC 186 -128.42 -56.82 -47.68
CA VAL EC 186 -129.40 -56.53 -46.66
C VAL EC 186 -128.81 -56.88 -45.30
N ASN EC 187 -129.12 -56.08 -44.28
CA ASN EC 187 -128.49 -56.25 -42.97
C ASN EC 187 -129.49 -55.84 -41.90
N LEU EC 188 -130.18 -56.83 -41.32
CA LEU EC 188 -131.04 -56.59 -40.18
C LEU EC 188 -130.29 -56.84 -38.88
N LYS EC 189 -130.81 -56.27 -37.80
CA LYS EC 189 -130.18 -56.41 -36.49
C LYS EC 189 -131.24 -56.13 -35.43
N LEU EC 190 -131.55 -57.13 -34.62
CA LEU EC 190 -132.58 -57.02 -33.59
C LEU EC 190 -131.89 -57.06 -32.23
N ASP EC 191 -131.87 -55.92 -31.53
CA ASP EC 191 -131.37 -55.86 -30.17
C ASP EC 191 -132.51 -56.16 -29.21
N GLN EC 192 -132.17 -56.73 -28.06
CA GLN EC 192 -133.14 -56.97 -27.01
C GLN EC 192 -132.44 -56.88 -25.67
N ALA EC 193 -132.54 -55.70 -25.04
CA ALA EC 193 -131.94 -55.47 -23.74
C ALA EC 193 -132.94 -55.86 -22.66
N ASP EC 194 -132.44 -56.51 -21.61
CA ASP EC 194 -133.29 -56.98 -20.53
C ASP EC 194 -133.32 -55.92 -19.44
N VAL EC 195 -134.45 -55.25 -19.31
CA VAL EC 195 -134.62 -54.22 -18.29
C VAL EC 195 -135.36 -54.82 -17.10
N VAL EC 196 -135.01 -54.37 -15.91
CA VAL EC 196 -135.62 -54.86 -14.68
C VAL EC 196 -135.81 -53.66 -13.74
N ASP EC 197 -136.83 -53.75 -12.91
CA ASP EC 197 -137.13 -52.69 -11.94
C ASP EC 197 -137.14 -53.29 -10.54
N CYS EC 198 -136.49 -52.60 -9.61
CA CYS EC 198 -136.38 -53.04 -8.23
C CYS EC 198 -137.26 -52.20 -7.31
N SER EC 199 -138.34 -51.62 -7.85
CA SER EC 199 -139.17 -50.69 -7.10
C SER EC 199 -139.96 -51.37 -5.99
N THR EC 200 -140.33 -52.65 -6.16
CA THR EC 200 -141.00 -53.36 -5.08
C THR EC 200 -140.00 -53.83 -4.02
N SER EC 201 -138.72 -53.93 -4.39
CA SER EC 201 -137.67 -54.29 -3.46
C SER EC 201 -137.02 -53.09 -2.80
N VAL EC 202 -136.54 -52.14 -3.59
CA VAL EC 202 -135.95 -50.90 -3.09
C VAL EC 202 -136.82 -49.75 -3.56
N CYS EC 203 -137.35 -48.98 -2.62
CA CYS EC 203 -138.21 -47.86 -2.97
C CYS EC 203 -137.40 -46.74 -3.63
N GLY EC 204 -138.01 -46.13 -4.64
CA GLY EC 204 -137.35 -45.05 -5.36
C GLY EC 204 -136.25 -45.49 -6.30
N GLU EC 205 -136.40 -46.66 -6.93
CA GLU EC 205 -135.39 -47.21 -7.83
C GLU EC 205 -135.92 -47.14 -9.26
N LEU EC 206 -135.11 -46.58 -10.15
CA LEU EC 206 -135.45 -46.48 -11.56
C LEU EC 206 -134.96 -47.72 -12.29
N PRO EC 207 -135.62 -48.11 -13.40
CA PRO EC 207 -135.20 -49.30 -14.12
C PRO EC 207 -133.85 -49.14 -14.82
N LYS EC 208 -133.20 -50.27 -15.05
CA LYS EC 208 -131.88 -50.30 -15.67
C LYS EC 208 -131.73 -51.60 -16.43
N VAL EC 209 -130.75 -51.65 -17.32
CA VAL EC 209 -130.48 -52.82 -18.13
C VAL EC 209 -129.31 -53.60 -17.53
N ARG EC 210 -129.38 -54.92 -17.64
CA ARG EC 210 -128.31 -55.77 -17.13
C ARG EC 210 -127.44 -56.31 -18.25
N TYR EC 211 -128.06 -56.82 -19.32
CA TYR EC 211 -127.32 -57.27 -20.50
C TYR EC 211 -128.11 -56.93 -21.76
N THR EC 212 -127.58 -57.35 -22.90
CA THR EC 212 -128.30 -57.25 -24.16
C THR EC 212 -127.94 -58.44 -25.03
N GLN EC 213 -128.87 -58.81 -25.92
CA GLN EC 213 -128.72 -59.98 -26.77
C GLN EC 213 -129.14 -59.65 -28.19
N VAL EC 214 -128.24 -59.86 -29.13
CA VAL EC 214 -128.40 -59.39 -30.50
C VAL EC 214 -128.57 -60.59 -31.42
N TRP EC 215 -129.45 -60.47 -32.42
CA TRP EC 215 -129.55 -61.44 -33.51
C TRP EC 215 -129.43 -60.64 -34.82
N SER EC 216 -128.24 -60.67 -35.40
CA SER EC 216 -128.02 -59.97 -36.65
C SER EC 216 -128.33 -60.88 -37.85
N HIS EC 217 -128.49 -60.26 -39.00
CA HIS EC 217 -128.63 -60.96 -40.26
C HIS EC 217 -127.72 -60.30 -41.29
N ASP EC 218 -127.30 -61.07 -42.28
CA ASP EC 218 -126.45 -60.52 -43.34
C ASP EC 218 -126.77 -61.28 -44.63
N VAL EC 219 -127.67 -60.72 -45.43
CA VAL EC 219 -128.13 -61.34 -46.66
C VAL EC 219 -127.35 -60.73 -47.81
N THR EC 220 -126.84 -61.57 -48.70
CA THR EC 220 -126.15 -61.14 -49.90
C THR EC 220 -126.97 -61.55 -51.11
N ILE EC 221 -127.33 -60.58 -51.94
CA ILE EC 221 -128.18 -60.79 -53.09
C ILE EC 221 -127.47 -60.22 -54.31
N VAL EC 222 -127.20 -61.05 -55.30
CA VAL EC 222 -126.58 -60.56 -56.52
C VAL EC 222 -127.65 -59.94 -57.40
N ALA EC 223 -127.21 -59.06 -58.31
CA ALA EC 223 -128.15 -58.19 -59.00
C ALA EC 223 -128.90 -58.88 -60.12
N ASN EC 224 -128.21 -59.71 -60.92
CA ASN EC 224 -128.80 -60.35 -62.07
C ASN EC 224 -129.38 -61.71 -61.76
N SER EC 225 -129.78 -61.96 -60.52
CA SER EC 225 -130.30 -63.26 -60.12
C SER EC 225 -131.73 -63.44 -60.61
N THR EC 226 -132.19 -64.68 -60.50
CA THR EC 226 -133.58 -65.02 -60.77
C THR EC 226 -134.39 -64.70 -59.52
N GLU EC 227 -135.64 -64.26 -59.72
CA GLU EC 227 -136.52 -64.05 -58.58
C GLU EC 227 -136.89 -65.36 -57.90
N ALA EC 228 -136.86 -66.47 -58.64
CA ALA EC 228 -137.11 -67.77 -58.05
C ALA EC 228 -135.97 -68.25 -57.16
N SER EC 229 -134.76 -67.69 -57.34
CA SER EC 229 -133.65 -68.06 -56.48
C SER EC 229 -133.60 -67.18 -55.23
N ARG EC 230 -134.10 -65.95 -55.32
CA ARG EC 230 -134.25 -65.14 -54.13
C ARG EC 230 -135.40 -65.65 -53.27
N LYS EC 231 -136.42 -66.22 -53.89
CA LYS EC 231 -137.54 -66.77 -53.13
C LYS EC 231 -137.14 -68.02 -52.38
N SER EC 232 -136.34 -68.89 -53.01
CA SER EC 232 -135.94 -70.13 -52.36
C SER EC 232 -134.90 -69.89 -51.28
N LEU EC 233 -134.12 -68.81 -51.39
CA LEU EC 233 -133.19 -68.46 -50.31
C LEU EC 233 -133.95 -67.97 -49.09
N TYR EC 234 -135.02 -67.22 -49.28
CA TYR EC 234 -135.84 -66.77 -48.17
C TYR EC 234 -136.61 -67.94 -47.55
N ASP EC 235 -137.14 -68.83 -48.40
CA ASP EC 235 -137.90 -69.98 -47.93
C ASP EC 235 -137.07 -70.98 -47.16
N LEU EC 236 -135.77 -71.10 -47.47
CA LEU EC 236 -134.92 -72.01 -46.72
C LEU EC 236 -134.52 -71.40 -45.39
N THR EC 237 -134.32 -70.07 -45.33
CA THR EC 237 -133.98 -69.43 -44.07
C THR EC 237 -135.20 -69.28 -43.17
N LYS EC 238 -136.39 -69.09 -43.77
CA LYS EC 238 -137.62 -69.09 -42.98
C LYS EC 238 -137.88 -70.47 -42.38
N SER EC 239 -137.51 -71.53 -43.10
CA SER EC 239 -137.68 -72.87 -42.59
C SER EC 239 -136.53 -73.32 -41.72
N LEU EC 240 -135.37 -72.65 -41.79
CA LEU EC 240 -134.25 -73.01 -40.93
C LEU EC 240 -134.49 -72.52 -39.51
N VAL EC 241 -134.92 -71.27 -39.35
CA VAL EC 241 -135.15 -70.69 -38.03
C VAL EC 241 -136.35 -71.37 -37.35
N ALA EC 242 -137.32 -71.84 -38.13
CA ALA EC 242 -138.50 -72.47 -37.56
C ALA EC 242 -138.26 -73.89 -37.08
N THR EC 243 -137.06 -74.47 -37.31
CA THR EC 243 -136.80 -75.82 -36.86
C THR EC 243 -136.51 -75.84 -35.36
N SER EC 244 -136.64 -77.03 -34.78
CA SER EC 244 -136.36 -77.22 -33.36
C SER EC 244 -134.88 -77.45 -33.09
N GLN EC 245 -134.05 -77.53 -34.12
CA GLN EC 245 -132.62 -77.68 -33.91
C GLN EC 245 -131.95 -76.33 -33.68
N VAL EC 246 -132.40 -75.30 -34.40
CA VAL EC 246 -131.90 -73.95 -34.17
C VAL EC 246 -132.54 -73.33 -32.94
N GLU EC 247 -133.70 -73.85 -32.51
CA GLU EC 247 -134.29 -73.42 -31.26
C GLU EC 247 -133.42 -73.80 -30.07
N ASP EC 248 -132.98 -75.06 -30.03
CA ASP EC 248 -132.11 -75.51 -28.96
C ASP EC 248 -130.68 -75.01 -29.11
N LEU EC 249 -130.28 -74.57 -30.30
CA LEU EC 249 -128.94 -74.02 -30.46
C LEU EC 249 -128.81 -72.64 -29.84
N VAL EC 250 -129.90 -71.87 -29.81
CA VAL EC 250 -129.88 -70.55 -29.21
C VAL EC 250 -130.30 -70.60 -27.75
N VAL EC 251 -131.32 -71.40 -27.43
CA VAL EC 251 -131.82 -71.46 -26.06
C VAL EC 251 -130.88 -72.28 -25.17
N ASN EC 252 -130.50 -73.49 -25.62
CA ASN EC 252 -129.75 -74.41 -24.78
C ASN EC 252 -128.35 -74.73 -25.30
N LEU EC 253 -127.90 -74.09 -26.37
CA LEU EC 253 -126.56 -74.25 -26.96
C LEU EC 253 -126.27 -75.68 -27.43
N VAL EC 254 -127.31 -76.42 -27.79
CA VAL EC 254 -127.14 -77.78 -28.32
C VAL EC 254 -126.72 -77.68 -29.79
N PRO EC 255 -125.66 -78.35 -30.22
CA PRO EC 255 -125.23 -78.24 -31.62
C PRO EC 255 -126.20 -78.90 -32.58
N LEU EC 256 -126.07 -78.55 -33.84
CA LEU EC 256 -126.99 -79.02 -34.87
C LEU EC 256 -126.65 -80.44 -35.29
N GLY EC 257 -127.64 -81.11 -35.87
CA GLY EC 257 -127.43 -82.45 -36.39
C GLY EC 257 -128.05 -83.53 -35.53
N ARG EC 258 -129.02 -84.25 -36.09
CA ARG EC 258 -129.67 -85.34 -35.37
C ARG EC 258 -129.76 -86.59 -36.24
N SER FC 1 -124.78 -30.32 -96.63
CA SER FC 1 -124.05 -29.07 -96.72
C SER FC 1 -122.88 -29.19 -97.69
N LYS FC 2 -121.68 -29.41 -97.14
CA LYS FC 2 -120.46 -29.54 -97.93
C LYS FC 2 -120.21 -31.01 -98.19
N THR FC 3 -120.16 -31.39 -99.47
CA THR FC 3 -120.16 -32.79 -99.86
C THR FC 3 -119.08 -33.10 -100.89
N ILE FC 4 -118.55 -34.32 -100.80
CA ILE FC 4 -117.81 -34.96 -101.87
C ILE FC 4 -118.56 -36.23 -102.24
N VAL FC 5 -118.80 -36.43 -103.54
CA VAL FC 5 -119.42 -37.66 -104.02
C VAL FC 5 -118.33 -38.53 -104.63
N LEU FC 6 -118.45 -39.84 -104.46
CA LEU FC 6 -117.49 -40.81 -104.96
C LEU FC 6 -118.28 -41.86 -105.75
N SER FC 7 -118.22 -41.78 -107.08
CA SER FC 7 -118.94 -42.72 -107.92
C SER FC 7 -118.12 -43.99 -108.08
N VAL FC 8 -118.74 -45.14 -107.82
CA VAL FC 8 -118.07 -46.44 -107.86
C VAL FC 8 -118.71 -47.18 -109.04
N GLY FC 9 -119.06 -46.42 -110.07
CA GLY FC 9 -119.83 -46.94 -111.18
C GLY FC 9 -121.10 -46.14 -111.33
N GLU FC 10 -122.23 -46.77 -111.04
CA GLU FC 10 -123.51 -46.06 -110.98
C GLU FC 10 -123.92 -45.73 -109.55
N ALA FC 11 -123.30 -46.34 -108.55
CA ALA FC 11 -123.61 -46.04 -107.16
C ALA FC 11 -122.70 -44.94 -106.64
N THR FC 12 -123.30 -43.88 -106.11
CA THR FC 12 -122.56 -42.75 -105.57
C THR FC 12 -122.66 -42.78 -104.05
N ARG FC 13 -121.52 -42.64 -103.38
CA ARG FC 13 -121.46 -42.63 -101.92
C ARG FC 13 -121.03 -41.24 -101.48
N THR FC 14 -122.00 -40.38 -101.19
CA THR FC 14 -121.73 -38.99 -100.86
C THR FC 14 -121.29 -38.86 -99.40
N LEU FC 15 -120.16 -38.19 -99.19
CA LEU FC 15 -119.66 -37.89 -97.87
C LEU FC 15 -120.10 -36.49 -97.46
N THR FC 16 -120.30 -36.29 -96.16
CA THR FC 16 -120.65 -34.97 -95.65
C THR FC 16 -119.61 -34.52 -94.65
N GLU FC 17 -119.37 -33.21 -94.61
CA GLU FC 17 -118.41 -32.64 -93.68
C GLU FC 17 -119.00 -32.59 -92.28
N ILE FC 18 -118.25 -33.10 -91.30
CA ILE FC 18 -118.70 -33.13 -89.92
C ILE FC 18 -117.84 -32.31 -88.98
N GLN FC 19 -116.67 -31.85 -89.41
CA GLN FC 19 -115.76 -31.12 -88.55
C GLN FC 19 -114.82 -30.30 -89.42
N SER FC 20 -114.50 -29.09 -88.96
CA SER FC 20 -113.63 -28.21 -89.73
C SER FC 20 -112.79 -27.40 -88.74
N THR FC 21 -111.51 -27.74 -88.64
CA THR FC 21 -110.56 -27.03 -87.82
C THR FC 21 -109.96 -25.93 -88.73
N ALA FC 22 -108.85 -25.32 -88.33
CA ALA FC 22 -108.15 -24.35 -89.19
C ALA FC 22 -107.66 -25.00 -90.48
N ASP FC 23 -106.96 -26.11 -90.36
CA ASP FC 23 -106.46 -26.85 -91.52
C ASP FC 23 -107.12 -28.19 -91.72
N ARG FC 24 -107.35 -28.95 -90.64
CA ARG FC 24 -107.93 -30.27 -90.76
C ARG FC 24 -109.42 -30.18 -91.07
N GLN FC 25 -109.92 -31.19 -91.79
CA GLN FC 25 -111.27 -31.13 -92.34
C GLN FC 25 -111.77 -32.57 -92.49
N ILE FC 26 -112.69 -32.97 -91.63
CA ILE FC 26 -113.13 -34.36 -91.51
C ILE FC 26 -114.47 -34.53 -92.21
N PHE FC 27 -114.52 -35.46 -93.15
CA PHE FC 27 -115.74 -35.84 -93.85
C PHE FC 27 -116.21 -37.19 -93.33
N GLU FC 28 -117.48 -37.50 -93.59
CA GLU FC 28 -118.07 -38.76 -93.13
C GLU FC 28 -119.32 -39.05 -93.95
N GLU FC 29 -119.60 -40.34 -94.11
CA GLU FC 29 -120.83 -40.79 -94.76
C GLU FC 29 -121.92 -40.96 -93.72
N LYS FC 30 -123.06 -40.30 -93.93
CA LYS FC 30 -124.11 -40.25 -92.93
C LYS FC 30 -125.15 -41.36 -93.07
N VAL FC 31 -124.81 -42.46 -93.74
CA VAL FC 31 -125.76 -43.55 -93.92
C VAL FC 31 -125.37 -44.72 -93.02
N GLY FC 32 -126.36 -45.23 -92.27
CA GLY FC 32 -126.18 -46.43 -91.50
C GLY FC 32 -125.97 -46.17 -90.02
N PRO FC 33 -125.47 -47.19 -89.30
CA PRO FC 33 -125.20 -47.02 -87.86
C PRO FC 33 -124.05 -46.06 -87.57
N LEU FC 34 -123.85 -45.76 -86.29
CA LEU FC 34 -122.90 -44.74 -85.87
C LEU FC 34 -121.50 -45.27 -85.63
N VAL FC 35 -121.31 -46.59 -85.59
CA VAL FC 35 -120.05 -47.13 -85.08
C VAL FC 35 -118.94 -47.10 -86.14
N GLY FC 36 -119.22 -47.47 -87.38
CA GLY FC 36 -118.19 -47.43 -88.40
C GLY FC 36 -118.70 -46.88 -89.72
N ARG FC 37 -118.13 -45.77 -90.16
CA ARG FC 37 -118.53 -45.11 -91.39
C ARG FC 37 -117.29 -44.78 -92.20
N LEU FC 38 -117.50 -44.39 -93.46
CA LEU FC 38 -116.41 -43.84 -94.25
C LEU FC 38 -115.91 -42.53 -93.64
N ARG FC 39 -114.62 -42.31 -93.75
CA ARG FC 39 -113.98 -41.16 -93.15
C ARG FC 39 -113.00 -40.59 -94.15
N LEU FC 40 -112.85 -39.28 -94.15
CA LEU FC 40 -111.93 -38.63 -95.07
C LEU FC 40 -111.36 -37.42 -94.34
N THR FC 41 -110.08 -37.45 -94.06
CA THR FC 41 -109.42 -36.42 -93.25
C THR FC 41 -108.43 -35.68 -94.13
N ALA FC 42 -108.89 -34.58 -94.72
CA ALA FC 42 -108.00 -33.72 -95.48
C ALA FC 42 -107.23 -32.79 -94.54
N SER FC 43 -106.10 -32.31 -95.03
CA SER FC 43 -105.28 -31.35 -94.29
C SER FC 43 -104.49 -30.53 -95.29
N LEU FC 44 -103.92 -29.43 -94.81
CA LEU FC 44 -103.09 -28.55 -95.63
C LEU FC 44 -102.25 -27.70 -94.70
N ARG FC 45 -100.93 -27.79 -94.85
CA ARG FC 45 -100.00 -27.04 -94.01
C ARG FC 45 -99.00 -26.33 -94.90
N GLN FC 46 -98.04 -25.65 -94.28
CA GLN FC 46 -96.85 -25.19 -94.98
C GLN FC 46 -95.68 -25.26 -94.01
N ASN FC 47 -94.76 -26.17 -94.27
CA ASN FC 47 -93.67 -26.46 -93.35
C ASN FC 47 -92.47 -25.56 -93.62
N GLY FC 48 -91.83 -25.14 -92.53
CA GLY FC 48 -90.61 -24.38 -92.62
C GLY FC 48 -90.82 -22.90 -92.86
N ALA FC 49 -90.06 -22.33 -93.79
CA ALA FC 49 -90.10 -20.89 -94.06
C ALA FC 49 -91.04 -20.58 -95.22
N LYS FC 50 -92.27 -21.11 -95.10
CA LYS FC 50 -93.40 -20.81 -95.99
C LYS FC 50 -93.12 -21.18 -97.44
N THR FC 51 -92.31 -22.22 -97.68
CA THR FC 51 -91.84 -22.52 -99.01
C THR FC 51 -92.44 -23.78 -99.62
N ALA FC 52 -93.05 -24.66 -98.82
CA ALA FC 52 -93.57 -25.92 -99.34
C ALA FC 52 -94.84 -26.29 -98.60
N TYR FC 53 -95.90 -26.55 -99.34
CA TYR FC 53 -97.17 -26.98 -98.77
C TYR FC 53 -97.18 -28.49 -98.60
N ARG FC 54 -98.17 -28.99 -97.86
CA ARG FC 54 -98.24 -30.41 -97.54
C ARG FC 54 -99.71 -30.80 -97.43
N VAL FC 55 -100.21 -31.45 -98.46
CA VAL FC 55 -101.57 -31.98 -98.46
C VAL FC 55 -101.53 -33.39 -97.89
N ASN FC 56 -102.60 -33.78 -97.17
CA ASN FC 56 -102.61 -35.07 -96.50
C ASN FC 56 -104.05 -35.57 -96.45
N LEU FC 57 -104.42 -36.42 -97.39
CA LEU FC 57 -105.69 -37.11 -97.35
C LEU FC 57 -105.54 -38.46 -96.66
N LYS FC 58 -106.66 -38.96 -96.12
CA LYS FC 58 -106.66 -40.23 -95.42
C LYS FC 58 -108.09 -40.78 -95.45
N LEU FC 59 -108.31 -41.80 -96.25
CA LEU FC 59 -109.62 -42.41 -96.40
C LEU FC 59 -109.67 -43.69 -95.57
N ASP FC 60 -110.44 -43.67 -94.50
CA ASP FC 60 -110.65 -44.85 -93.68
C ASP FC 60 -111.82 -45.66 -94.22
N GLN FC 61 -111.83 -46.95 -93.90
CA GLN FC 61 -112.95 -47.81 -94.27
C GLN FC 61 -113.02 -48.96 -93.28
N ALA FC 62 -114.01 -48.92 -92.40
CA ALA FC 62 -114.22 -49.95 -91.39
C ALA FC 62 -115.21 -50.98 -91.91
N ASP FC 63 -114.96 -52.24 -91.59
CA ASP FC 63 -115.84 -53.33 -92.02
C ASP FC 63 -116.79 -53.66 -90.87
N VAL FC 64 -118.00 -53.17 -90.96
CA VAL FC 64 -119.00 -53.32 -89.90
C VAL FC 64 -119.90 -54.49 -90.24
N VAL FC 65 -120.05 -55.40 -89.28
CA VAL FC 65 -120.98 -56.51 -89.40
C VAL FC 65 -122.02 -56.37 -88.30
N ASP FC 66 -123.27 -56.72 -88.59
CA ASP FC 66 -124.37 -56.62 -87.65
C ASP FC 66 -124.98 -58.02 -87.52
N CYS FC 67 -124.70 -58.67 -86.40
CA CYS FC 67 -125.13 -60.05 -86.16
C CYS FC 67 -126.19 -60.10 -85.09
N SER FC 68 -127.11 -59.14 -85.11
CA SER FC 68 -128.18 -59.11 -84.12
C SER FC 68 -129.28 -60.13 -84.43
N THR FC 69 -129.44 -60.53 -85.69
CA THR FC 69 -130.50 -61.47 -86.03
C THR FC 69 -130.05 -62.90 -85.81
N SER FC 70 -128.78 -63.20 -86.13
CA SER FC 70 -128.27 -64.54 -85.95
C SER FC 70 -127.99 -64.83 -84.47
N VAL FC 71 -127.07 -64.08 -83.88
CA VAL FC 71 -126.80 -64.18 -82.45
C VAL FC 71 -127.73 -63.21 -81.76
N CYS FC 72 -128.47 -63.71 -80.77
CA CYS FC 72 -129.45 -62.87 -80.09
C CYS FC 72 -128.74 -61.97 -79.07
N GLY FC 73 -129.01 -60.68 -79.15
CA GLY FC 73 -128.58 -59.75 -78.14
C GLY FC 73 -127.21 -59.12 -78.29
N GLU FC 74 -126.76 -58.88 -79.52
CA GLU FC 74 -125.51 -58.16 -79.71
C GLU FC 74 -125.67 -57.10 -80.80
N LEU FC 75 -124.71 -56.19 -80.83
CA LEU FC 75 -124.79 -54.92 -81.54
C LEU FC 75 -123.89 -54.94 -82.77
N PRO FC 76 -123.98 -53.96 -83.67
CA PRO FC 76 -122.97 -53.85 -84.74
C PRO FC 76 -121.58 -53.58 -84.18
N LYS FC 77 -120.58 -53.99 -84.95
CA LYS FC 77 -119.24 -54.13 -84.42
C LYS FC 77 -118.24 -54.04 -85.58
N VAL FC 78 -117.15 -53.31 -85.36
CA VAL FC 78 -116.14 -53.09 -86.38
C VAL FC 78 -115.16 -54.25 -86.36
N ARG FC 79 -115.09 -54.99 -87.47
CA ARG FC 79 -114.12 -56.07 -87.59
C ARG FC 79 -112.70 -55.52 -87.72
N TYR FC 80 -112.45 -54.75 -88.78
CA TYR FC 80 -111.13 -54.21 -89.07
C TYR FC 80 -111.30 -52.88 -89.79
N THR FC 81 -110.19 -52.14 -89.90
CA THR FC 81 -110.15 -50.90 -90.68
C THR FC 81 -109.02 -50.99 -91.68
N GLN FC 82 -109.26 -50.49 -92.89
CA GLN FC 82 -108.26 -50.42 -93.93
C GLN FC 82 -108.21 -49.00 -94.46
N VAL FC 83 -107.02 -48.38 -94.38
CA VAL FC 83 -106.86 -46.99 -94.74
C VAL FC 83 -106.13 -46.89 -96.07
N TRP FC 84 -106.18 -45.70 -96.67
CA TRP FC 84 -105.36 -45.37 -97.82
C TRP FC 84 -105.01 -43.88 -97.68
N SER FC 85 -103.85 -43.60 -97.10
CA SER FC 85 -103.43 -42.24 -96.91
C SER FC 85 -102.76 -41.70 -98.16
N HIS FC 86 -102.61 -40.37 -98.21
CA HIS FC 86 -101.83 -39.71 -99.23
C HIS FC 86 -100.96 -38.67 -98.55
N ASP FC 87 -99.90 -38.25 -99.24
CA ASP FC 87 -99.01 -37.22 -98.71
C ASP FC 87 -98.38 -36.52 -99.92
N VAL FC 88 -98.92 -35.38 -100.27
CA VAL FC 88 -98.45 -34.60 -101.40
C VAL FC 88 -97.59 -33.46 -100.90
N THR FC 89 -96.46 -33.24 -101.57
CA THR FC 89 -95.58 -32.13 -101.27
C THR FC 89 -95.54 -31.20 -102.47
N ILE FC 90 -96.01 -29.97 -102.28
CA ILE FC 90 -96.05 -28.97 -103.33
C ILE FC 90 -95.19 -27.80 -102.88
N VAL FC 91 -94.26 -27.38 -103.72
CA VAL FC 91 -93.44 -26.22 -103.41
C VAL FC 91 -94.19 -24.96 -103.83
N ALA FC 92 -93.94 -23.86 -103.11
CA ALA FC 92 -94.77 -22.67 -103.23
C ALA FC 92 -94.51 -21.92 -104.53
N ASN FC 93 -93.24 -21.80 -104.94
CA ASN FC 93 -92.89 -21.04 -106.14
C ASN FC 93 -92.92 -21.89 -107.40
N SER FC 94 -93.70 -22.98 -107.41
CA SER FC 94 -93.80 -23.84 -108.56
C SER FC 94 -94.61 -23.19 -109.67
N THR FC 95 -94.51 -23.78 -110.86
CA THR FC 95 -95.40 -23.45 -111.96
C THR FC 95 -96.62 -24.36 -111.90
N GLU FC 96 -97.69 -23.95 -112.58
CA GLU FC 96 -98.94 -24.68 -112.49
C GLU FC 96 -98.87 -26.00 -113.24
N ALA FC 97 -98.17 -26.05 -114.37
CA ALA FC 97 -98.12 -27.26 -115.18
C ALA FC 97 -97.25 -28.34 -114.56
N SER FC 98 -96.41 -28.01 -113.57
CA SER FC 98 -95.65 -29.04 -112.90
C SER FC 98 -96.52 -29.80 -111.92
N ARG FC 99 -97.33 -29.09 -111.13
CA ARG FC 99 -98.20 -29.74 -110.17
C ARG FC 99 -99.52 -30.18 -110.78
N LYS FC 100 -99.84 -29.73 -112.00
CA LYS FC 100 -100.93 -30.35 -112.74
C LYS FC 100 -100.51 -31.69 -113.31
N SER FC 101 -99.26 -31.79 -113.79
CA SER FC 101 -98.78 -33.06 -114.34
C SER FC 101 -98.48 -34.06 -113.24
N LEU FC 102 -98.19 -33.57 -112.03
CA LEU FC 102 -98.04 -34.47 -110.89
C LEU FC 102 -99.38 -35.11 -110.54
N TYR FC 103 -100.46 -34.36 -110.65
CA TYR FC 103 -101.78 -34.92 -110.41
C TYR FC 103 -102.19 -35.85 -111.53
N ASP FC 104 -101.82 -35.52 -112.77
CA ASP FC 104 -102.20 -36.33 -113.92
C ASP FC 104 -101.51 -37.68 -113.94
N LEU FC 105 -100.30 -37.78 -113.39
CA LEU FC 105 -99.63 -39.07 -113.31
C LEU FC 105 -100.20 -39.93 -112.20
N THR FC 106 -100.50 -39.32 -111.05
CA THR FC 106 -101.03 -40.08 -109.91
C THR FC 106 -102.48 -40.50 -110.16
N LYS FC 107 -103.24 -39.71 -110.91
CA LYS FC 107 -104.58 -40.12 -111.32
C LYS FC 107 -104.52 -41.33 -112.23
N SER FC 108 -103.52 -41.39 -113.10
CA SER FC 108 -103.36 -42.53 -114.00
C SER FC 108 -102.56 -43.66 -113.37
N LEU FC 109 -101.85 -43.39 -112.27
CA LEU FC 109 -101.16 -44.47 -111.57
C LEU FC 109 -102.14 -45.33 -110.80
N VAL FC 110 -103.09 -44.70 -110.10
CA VAL FC 110 -104.08 -45.46 -109.36
C VAL FC 110 -105.03 -46.18 -110.31
N ALA FC 111 -105.35 -45.56 -111.45
CA ALA FC 111 -106.35 -46.10 -112.35
C ALA FC 111 -105.86 -47.28 -113.19
N THR FC 112 -104.60 -47.66 -113.10
CA THR FC 112 -104.10 -48.77 -113.89
C THR FC 112 -104.43 -50.09 -113.20
N SER FC 113 -104.29 -51.18 -113.96
CA SER FC 113 -104.64 -52.50 -113.46
C SER FC 113 -103.48 -53.21 -112.77
N GLN FC 114 -102.34 -52.55 -112.59
CA GLN FC 114 -101.24 -53.16 -111.85
C GLN FC 114 -101.23 -52.75 -110.40
N VAL FC 115 -101.70 -51.53 -110.10
CA VAL FC 115 -101.85 -51.12 -108.71
C VAL FC 115 -103.16 -51.68 -108.15
N GLU FC 116 -104.07 -52.09 -109.01
CA GLU FC 116 -105.26 -52.81 -108.55
C GLU FC 116 -104.90 -54.16 -107.95
N ASP FC 117 -104.06 -54.93 -108.65
CA ASP FC 117 -103.64 -56.22 -108.14
C ASP FC 117 -102.65 -56.10 -106.98
N LEU FC 118 -102.02 -54.94 -106.81
CA LEU FC 118 -101.11 -54.75 -105.68
C LEU FC 118 -101.86 -54.55 -104.38
N VAL FC 119 -103.05 -53.96 -104.43
CA VAL FC 119 -103.81 -53.67 -103.22
C VAL FC 119 -104.79 -54.82 -102.97
N VAL FC 120 -105.43 -55.30 -104.03
CA VAL FC 120 -106.43 -56.36 -103.86
C VAL FC 120 -105.75 -57.72 -103.66
N ASN FC 121 -104.83 -58.08 -104.55
CA ASN FC 121 -104.27 -59.42 -104.58
C ASN FC 121 -102.80 -59.49 -104.20
N LEU FC 122 -102.20 -58.36 -103.82
CA LEU FC 122 -100.84 -58.24 -103.28
C LEU FC 122 -99.76 -58.69 -104.27
N VAL FC 123 -100.03 -58.58 -105.56
CA VAL FC 123 -99.02 -58.90 -106.59
C VAL FC 123 -98.15 -57.66 -106.83
N PRO FC 124 -96.83 -57.80 -106.86
CA PRO FC 124 -95.96 -56.63 -107.04
C PRO FC 124 -96.09 -56.02 -108.43
N LEU FC 125 -95.56 -54.81 -108.56
CA LEU FC 125 -95.72 -54.02 -109.77
C LEU FC 125 -94.76 -54.47 -110.86
N GLY FC 126 -95.07 -54.07 -112.09
CA GLY FC 126 -94.22 -54.37 -113.23
C GLY FC 126 -94.60 -55.66 -113.93
N ARG FC 127 -94.84 -55.57 -115.23
CA ARG FC 127 -95.12 -56.73 -116.06
C ARG FC 127 -94.29 -56.61 -117.33
N ALA FC 128 -93.57 -57.69 -117.68
CA ALA FC 128 -92.63 -57.65 -118.79
C ALA FC 128 -93.29 -58.13 -120.07
N TYR FC 129 -93.37 -57.26 -121.06
CA TYR FC 129 -93.80 -57.62 -122.41
C TYR FC 129 -92.79 -57.02 -123.40
N GLY FC 130 -91.86 -57.84 -123.85
CA GLY FC 130 -90.87 -57.41 -124.82
C GLY FC 130 -89.75 -56.59 -124.21
N GLY FC 131 -89.00 -57.19 -123.28
CA GLY FC 131 -87.91 -56.49 -122.64
C GLY FC 131 -87.93 -56.64 -121.13
N SER FC 132 -88.09 -55.53 -120.42
CA SER FC 132 -88.16 -55.55 -118.97
C SER FC 132 -89.59 -55.24 -118.51
N LYS FC 133 -89.75 -55.18 -117.19
CA LYS FC 133 -91.07 -54.98 -116.59
C LYS FC 133 -91.39 -53.48 -116.53
N THR FC 134 -92.50 -53.08 -117.13
CA THR FC 134 -92.85 -51.68 -117.31
C THR FC 134 -94.24 -51.37 -116.77
N ILE FC 135 -94.42 -50.12 -116.38
CA ILE FC 135 -95.74 -49.55 -116.11
C ILE FC 135 -95.94 -48.38 -117.07
N VAL FC 136 -97.07 -48.35 -117.75
CA VAL FC 136 -97.41 -47.24 -118.64
C VAL FC 136 -98.37 -46.31 -117.90
N LEU FC 137 -98.13 -45.00 -118.04
CA LEU FC 137 -98.91 -43.98 -117.36
C LEU FC 137 -99.41 -43.00 -118.40
N SER FC 138 -100.56 -43.30 -119.00
CA SER FC 138 -101.13 -42.41 -120.01
C SER FC 138 -101.76 -41.20 -119.35
N VAL FC 139 -101.38 -40.02 -119.83
CA VAL FC 139 -101.87 -38.76 -119.28
C VAL FC 139 -102.81 -38.14 -120.30
N GLY FC 140 -103.51 -38.99 -121.05
CA GLY FC 140 -104.23 -38.60 -122.24
C GLY FC 140 -103.90 -39.57 -123.35
N GLU FC 141 -103.25 -39.09 -124.40
CA GLU FC 141 -102.70 -39.99 -125.40
C GLU FC 141 -101.21 -40.24 -125.24
N ALA FC 142 -100.49 -39.34 -124.58
CA ALA FC 142 -99.07 -39.54 -124.32
C ALA FC 142 -98.87 -40.52 -123.17
N THR FC 143 -98.04 -41.54 -123.40
CA THR FC 143 -97.82 -42.60 -122.42
C THR FC 143 -96.39 -42.51 -121.92
N ARG FC 144 -96.21 -42.06 -120.69
CA ARG FC 144 -94.91 -42.00 -120.05
C ARG FC 144 -94.62 -43.37 -119.45
N THR FC 145 -93.80 -44.15 -120.14
CA THR FC 145 -93.54 -45.54 -119.77
C THR FC 145 -92.33 -45.61 -118.84
N LEU FC 146 -92.56 -46.02 -117.60
CA LEU FC 146 -91.47 -46.26 -116.65
C LEU FC 146 -90.97 -47.68 -116.82
N THR FC 147 -89.67 -47.87 -116.60
CA THR FC 147 -89.05 -49.19 -116.64
C THR FC 147 -88.44 -49.49 -115.28
N GLU FC 148 -88.48 -50.76 -114.89
CA GLU FC 148 -87.94 -51.15 -113.60
C GLU FC 148 -86.42 -51.18 -113.66
N ILE FC 149 -85.78 -50.49 -112.72
CA ILE FC 149 -84.32 -50.46 -112.65
C ILE FC 149 -83.79 -51.23 -111.45
N GLN FC 150 -84.64 -51.64 -110.51
CA GLN FC 150 -84.14 -52.27 -109.29
C GLN FC 150 -85.25 -53.12 -108.70
N SER FC 151 -84.87 -54.21 -108.04
CA SER FC 151 -85.80 -55.09 -107.33
C SER FC 151 -85.07 -55.58 -106.09
N THR FC 152 -85.32 -54.92 -104.96
CA THR FC 152 -84.70 -55.26 -103.69
C THR FC 152 -85.57 -56.36 -103.04
N ALA FC 153 -85.39 -56.61 -101.74
CA ALA FC 153 -86.18 -57.62 -101.05
C ALA FC 153 -87.66 -57.25 -101.01
N ASP FC 154 -87.98 -56.02 -100.59
CA ASP FC 154 -89.34 -55.51 -100.64
C ASP FC 154 -89.49 -54.33 -101.58
N ARG FC 155 -88.48 -53.46 -101.63
CA ARG FC 155 -88.51 -52.27 -102.47
C ARG FC 155 -88.44 -52.64 -103.95
N GLN FC 156 -88.90 -51.72 -104.79
CA GLN FC 156 -88.99 -51.97 -106.22
C GLN FC 156 -88.98 -50.60 -106.91
N ILE FC 157 -87.83 -50.20 -107.44
CA ILE FC 157 -87.63 -48.85 -107.94
C ILE FC 157 -87.81 -48.82 -109.45
N PHE FC 158 -88.75 -48.01 -109.91
CA PHE FC 158 -89.00 -47.77 -111.33
C PHE FC 158 -88.45 -46.40 -111.71
N GLU FC 159 -88.22 -46.22 -113.01
CA GLU FC 159 -87.67 -44.96 -113.49
C GLU FC 159 -87.95 -44.83 -114.98
N GLU FC 160 -88.18 -43.60 -115.43
CA GLU FC 160 -88.28 -43.32 -116.86
C GLU FC 160 -86.89 -43.06 -117.41
N LYS FC 161 -86.66 -43.53 -118.65
CA LYS FC 161 -85.33 -43.52 -119.23
C LYS FC 161 -85.10 -42.42 -120.25
N VAL FC 162 -86.09 -41.57 -120.51
CA VAL FC 162 -85.92 -40.49 -121.46
C VAL FC 162 -85.38 -39.25 -120.74
N GLY FC 163 -84.36 -38.64 -121.34
CA GLY FC 163 -83.83 -37.39 -120.84
C GLY FC 163 -82.56 -37.54 -120.03
N PRO FC 164 -82.20 -36.49 -119.29
CA PRO FC 164 -80.97 -36.52 -118.51
C PRO FC 164 -81.08 -37.41 -117.28
N LEU FC 165 -79.93 -37.66 -116.66
CA LEU FC 165 -79.85 -38.49 -115.47
C LEU FC 165 -80.20 -37.76 -114.19
N VAL FC 166 -80.25 -36.43 -114.22
CA VAL FC 166 -80.38 -35.68 -112.98
C VAL FC 166 -81.83 -35.65 -112.47
N GLY FC 167 -82.81 -35.51 -113.35
CA GLY FC 167 -84.19 -35.50 -112.92
C GLY FC 167 -85.05 -36.43 -113.76
N ARG FC 168 -85.60 -37.46 -113.13
CA ARG FC 168 -86.40 -38.45 -113.83
C ARG FC 168 -87.56 -38.86 -112.95
N LEU FC 169 -88.57 -39.47 -113.57
CA LEU FC 169 -89.70 -40.01 -112.81
C LEU FC 169 -89.24 -41.22 -112.00
N ARG FC 170 -89.93 -41.47 -110.89
CA ARG FC 170 -89.53 -42.52 -109.97
C ARG FC 170 -90.76 -43.17 -109.37
N LEU FC 171 -90.57 -44.41 -108.90
CA LEU FC 171 -91.61 -45.14 -108.19
C LEU FC 171 -90.92 -46.11 -107.23
N THR FC 172 -90.90 -45.76 -105.95
CA THR FC 172 -90.33 -46.64 -104.94
C THR FC 172 -91.48 -47.37 -104.25
N ALA FC 173 -91.99 -48.41 -104.92
CA ALA FC 173 -93.02 -49.24 -104.33
C ALA FC 173 -92.43 -50.11 -103.22
N SER FC 174 -93.30 -50.57 -102.32
CA SER FC 174 -92.87 -51.42 -101.23
C SER FC 174 -94.04 -52.32 -100.83
N LEU FC 175 -93.75 -53.28 -99.97
CA LEU FC 175 -94.74 -54.23 -99.47
C LEU FC 175 -94.15 -54.89 -98.24
N ARG FC 176 -94.86 -54.83 -97.11
CA ARG FC 176 -94.37 -55.38 -95.86
C ARG FC 176 -95.50 -56.14 -95.19
N GLN FC 177 -95.19 -56.72 -94.03
CA GLN FC 177 -96.21 -57.20 -93.09
C GLN FC 177 -95.63 -57.09 -91.70
N ASN FC 178 -96.28 -56.32 -90.83
CA ASN FC 178 -95.75 -56.01 -89.51
C ASN FC 178 -96.17 -57.07 -88.49
N GLY FC 179 -95.31 -57.27 -87.50
CA GLY FC 179 -95.64 -58.08 -86.33
C GLY FC 179 -95.87 -59.54 -86.61
N ALA FC 180 -96.99 -60.07 -86.13
CA ALA FC 180 -97.32 -61.48 -86.28
C ALA FC 180 -98.17 -61.74 -87.52
N LYS FC 181 -97.73 -61.22 -88.66
CA LYS FC 181 -98.30 -61.50 -89.99
C LYS FC 181 -99.79 -61.13 -90.08
N THR FC 182 -100.18 -60.02 -89.46
CA THR FC 182 -101.58 -59.68 -89.35
C THR FC 182 -102.03 -58.55 -90.26
N ALA FC 183 -101.12 -57.76 -90.81
CA ALA FC 183 -101.51 -56.62 -91.63
C ALA FC 183 -100.40 -56.27 -92.60
N TYR FC 184 -100.75 -56.08 -93.86
CA TYR FC 184 -99.79 -55.67 -94.87
C TYR FC 184 -99.69 -54.15 -94.91
N ARG FC 185 -98.73 -53.65 -95.67
CA ARG FC 185 -98.53 -52.20 -95.78
C ARG FC 185 -97.87 -51.90 -97.13
N VAL FC 186 -98.67 -51.41 -98.06
CA VAL FC 186 -98.19 -51.01 -99.37
C VAL FC 186 -97.79 -49.55 -99.32
N ASN FC 187 -96.72 -49.17 -100.02
CA ASN FC 187 -96.20 -47.81 -99.93
C ASN FC 187 -95.61 -47.41 -101.27
N LEU FC 188 -96.38 -46.67 -102.07
CA LEU FC 188 -95.89 -46.09 -103.30
C LEU FC 188 -95.40 -44.67 -103.07
N LYS FC 189 -94.58 -44.19 -104.01
CA LYS FC 189 -94.00 -42.86 -103.91
C LYS FC 189 -93.55 -42.42 -105.29
N LEU FC 190 -94.17 -41.39 -105.84
CA LEU FC 190 -93.88 -40.92 -107.19
C LEU FC 190 -93.20 -39.55 -107.09
N ASP FC 191 -91.90 -39.52 -107.39
CA ASP FC 191 -91.14 -38.27 -107.39
C ASP FC 191 -91.19 -37.65 -108.77
N GLN FC 192 -91.26 -36.32 -108.82
CA GLN FC 192 -91.24 -35.61 -110.08
C GLN FC 192 -90.38 -34.36 -109.92
N ALA FC 193 -89.15 -34.42 -110.43
CA ALA FC 193 -88.23 -33.30 -110.38
C ALA FC 193 -88.36 -32.47 -111.65
N ASP FC 194 -88.41 -31.15 -111.50
CA ASP FC 194 -88.58 -30.25 -112.62
C ASP FC 194 -87.21 -29.79 -113.09
N VAL FC 195 -86.75 -30.37 -114.19
CA VAL FC 195 -85.44 -30.07 -114.75
C VAL FC 195 -85.62 -29.02 -115.85
N VAL FC 196 -84.63 -28.13 -115.99
CA VAL FC 196 -84.68 -27.07 -116.97
C VAL FC 196 -83.29 -26.93 -117.60
N ASP FC 197 -83.24 -26.49 -118.85
CA ASP FC 197 -81.99 -26.31 -119.57
C ASP FC 197 -81.87 -24.88 -120.06
N CYS FC 198 -80.71 -24.28 -119.82
CA CYS FC 198 -80.43 -22.91 -120.23
C CYS FC 198 -79.43 -22.86 -121.38
N SER FC 199 -79.46 -23.88 -122.24
CA SER FC 199 -78.49 -23.97 -123.32
C SER FC 199 -78.74 -22.97 -124.43
N THR FC 200 -80.00 -22.58 -124.66
CA THR FC 200 -80.29 -21.62 -125.70
C THR FC 200 -79.99 -20.19 -125.27
N SER FC 201 -79.84 -19.96 -123.95
CA SER FC 201 -79.55 -18.64 -123.42
C SER FC 201 -78.11 -18.50 -122.97
N VAL FC 202 -77.58 -19.50 -122.26
CA VAL FC 202 -76.23 -19.47 -121.72
C VAL FC 202 -75.42 -20.56 -122.41
N CYS FC 203 -74.16 -20.27 -122.72
CA CYS FC 203 -73.27 -21.25 -123.33
C CYS FC 203 -72.95 -22.38 -122.36
N GLY FC 204 -72.98 -23.61 -122.89
CA GLY FC 204 -72.45 -24.76 -122.19
C GLY FC 204 -73.16 -25.15 -120.91
N GLU FC 205 -74.45 -24.85 -120.80
CA GLU FC 205 -75.20 -25.08 -119.57
C GLU FC 205 -75.83 -26.46 -119.63
N LEU FC 206 -75.43 -27.33 -118.71
CA LEU FC 206 -76.02 -28.62 -118.55
C LEU FC 206 -77.30 -28.50 -117.72
N PRO FC 207 -78.29 -29.39 -117.93
CA PRO FC 207 -79.55 -29.27 -117.20
C PRO FC 207 -79.41 -29.54 -115.72
N LYS FC 208 -80.31 -28.93 -114.94
CA LYS FC 208 -80.30 -29.03 -113.49
C LYS FC 208 -81.74 -28.97 -113.00
N VAL FC 209 -81.95 -29.45 -111.78
CA VAL FC 209 -83.28 -29.51 -111.19
C VAL FC 209 -83.52 -28.25 -110.37
N ARG FC 210 -84.77 -27.76 -110.39
CA ARG FC 210 -85.14 -26.60 -109.60
C ARG FC 210 -85.69 -27.02 -108.25
N TYR FC 211 -86.75 -27.82 -108.26
CA TYR FC 211 -87.41 -28.28 -107.05
C TYR FC 211 -87.80 -29.73 -107.24
N THR FC 212 -88.54 -30.27 -106.27
CA THR FC 212 -89.09 -31.61 -106.40
C THR FC 212 -90.46 -31.64 -105.74
N GLN FC 213 -91.34 -32.49 -106.27
CA GLN FC 213 -92.70 -32.64 -105.78
C GLN FC 213 -93.06 -34.11 -105.77
N VAL FC 214 -93.51 -34.60 -104.62
CA VAL FC 214 -93.78 -36.02 -104.43
C VAL FC 214 -95.28 -36.22 -104.26
N TRP FC 215 -95.70 -37.48 -104.37
CA TRP FC 215 -97.05 -37.90 -104.00
C TRP FC 215 -96.91 -39.32 -103.44
N SER FC 216 -96.79 -39.41 -102.13
CA SER FC 216 -96.68 -40.71 -101.48
C SER FC 216 -98.04 -41.35 -101.30
N HIS FC 217 -98.03 -42.66 -101.13
CA HIS FC 217 -99.21 -43.43 -100.78
C HIS FC 217 -98.87 -44.31 -99.59
N ASP FC 218 -99.89 -44.64 -98.81
CA ASP FC 218 -99.68 -45.51 -97.64
C ASP FC 218 -100.96 -46.32 -97.44
N VAL FC 219 -100.99 -47.51 -98.03
CA VAL FC 219 -102.14 -48.39 -97.96
C VAL FC 219 -101.91 -49.38 -96.82
N THR FC 220 -102.91 -49.56 -95.97
CA THR FC 220 -102.88 -50.55 -94.91
C THR FC 220 -103.94 -51.60 -95.19
N ILE FC 221 -103.53 -52.86 -95.25
CA ILE FC 221 -104.41 -53.97 -95.57
C ILE FC 221 -104.24 -55.02 -94.48
N VAL FC 222 -105.31 -55.36 -93.79
CA VAL FC 222 -105.23 -56.41 -92.79
C VAL FC 222 -105.34 -57.75 -93.49
N ALA FC 223 -104.78 -58.79 -92.86
CA ALA FC 223 -104.53 -60.04 -93.55
C ALA FC 223 -105.78 -60.88 -93.74
N ASN FC 224 -106.70 -60.86 -92.77
CA ASN FC 224 -107.89 -61.68 -92.81
C ASN FC 224 -109.08 -60.96 -93.44
N SER FC 225 -108.82 -60.06 -94.39
CA SER FC 225 -109.86 -59.25 -95.03
C SER FC 225 -110.74 -60.10 -95.94
N THR FC 226 -111.77 -59.47 -96.44
CA THR FC 226 -112.54 -59.98 -97.56
C THR FC 226 -111.97 -59.36 -98.82
N GLU FC 227 -111.95 -60.12 -99.92
CA GLU FC 227 -111.46 -59.58 -101.18
C GLU FC 227 -112.38 -58.49 -101.72
N ALA FC 228 -113.66 -58.54 -101.36
CA ALA FC 228 -114.57 -57.46 -101.72
C ALA FC 228 -114.37 -56.22 -100.87
N SER FC 229 -113.63 -56.33 -99.76
CA SER FC 229 -113.32 -55.16 -98.94
C SER FC 229 -112.08 -54.44 -99.44
N ARG FC 230 -111.10 -55.20 -99.96
CA ARG FC 230 -109.94 -54.57 -100.58
C ARG FC 230 -110.29 -53.97 -101.94
N LYS FC 231 -111.28 -54.55 -102.61
CA LYS FC 231 -111.71 -54.02 -103.90
C LYS FC 231 -112.46 -52.71 -103.74
N SER FC 232 -113.29 -52.60 -102.69
CA SER FC 232 -114.05 -51.37 -102.48
C SER FC 232 -113.15 -50.25 -101.97
N LEU FC 233 -112.10 -50.58 -101.23
CA LEU FC 233 -111.16 -49.55 -100.78
C LEU FC 233 -110.36 -48.99 -101.95
N TYR FC 234 -109.98 -49.84 -102.89
CA TYR FC 234 -109.27 -49.38 -104.08
C TYR FC 234 -110.19 -48.57 -104.98
N ASP FC 235 -111.44 -49.02 -105.12
CA ASP FC 235 -112.41 -48.34 -105.99
C ASP FC 235 -112.82 -46.98 -105.46
N LEU FC 236 -112.78 -46.76 -104.15
CA LEU FC 236 -113.08 -45.44 -103.62
C LEU FC 236 -111.90 -44.49 -103.78
N THR FC 237 -110.67 -45.00 -103.62
CA THR FC 237 -109.49 -44.16 -103.80
C THR FC 237 -109.25 -43.86 -105.28
N LYS FC 238 -109.58 -44.80 -106.17
CA LYS FC 238 -109.55 -44.51 -107.59
C LYS FC 238 -110.56 -43.44 -107.97
N SER FC 239 -111.71 -43.44 -107.29
CA SER FC 239 -112.74 -42.44 -107.54
C SER FC 239 -112.49 -41.15 -106.81
N LEU FC 240 -111.73 -41.18 -105.72
CA LEU FC 240 -111.44 -39.94 -104.98
C LEU FC 240 -110.45 -39.08 -105.74
N VAL FC 241 -109.37 -39.69 -106.23
CA VAL FC 241 -108.35 -38.95 -106.99
C VAL FC 241 -108.91 -38.42 -108.29
N ALA FC 242 -109.84 -39.14 -108.92
CA ALA FC 242 -110.40 -38.72 -110.19
C ALA FC 242 -111.40 -37.57 -110.07
N THR FC 243 -111.75 -37.13 -108.87
CA THR FC 243 -112.69 -36.04 -108.72
C THR FC 243 -112.03 -34.70 -109.01
N SER FC 244 -112.86 -33.69 -109.24
CA SER FC 244 -112.37 -32.34 -109.49
C SER FC 244 -112.11 -31.57 -108.21
N GLN FC 245 -112.48 -32.12 -107.05
CA GLN FC 245 -112.19 -31.44 -105.80
C GLN FC 245 -110.76 -31.66 -105.35
N VAL FC 246 -110.23 -32.86 -105.58
CA VAL FC 246 -108.84 -33.16 -105.27
C VAL FC 246 -107.91 -32.58 -106.32
N GLU FC 247 -108.41 -32.36 -107.54
CA GLU FC 247 -107.62 -31.70 -108.56
C GLU FC 247 -107.31 -30.26 -108.16
N ASP FC 248 -108.32 -29.53 -107.69
CA ASP FC 248 -108.12 -28.16 -107.23
C ASP FC 248 -107.41 -28.10 -105.88
N LEU FC 249 -107.44 -29.18 -105.10
CA LEU FC 249 -106.72 -29.20 -103.84
C LEU FC 249 -105.21 -29.29 -104.06
N VAL FC 250 -104.79 -29.90 -105.16
CA VAL FC 250 -103.37 -30.04 -105.46
C VAL FC 250 -102.88 -28.93 -106.38
N VAL FC 251 -103.63 -28.61 -107.42
CA VAL FC 251 -103.22 -27.58 -108.37
C VAL FC 251 -103.38 -26.19 -107.77
N ASN FC 252 -104.52 -25.91 -107.14
CA ASN FC 252 -104.84 -24.56 -106.69
C ASN FC 252 -105.06 -24.43 -105.19
N LEU FC 253 -104.86 -25.52 -104.42
CA LEU FC 253 -104.97 -25.55 -102.95
C LEU FC 253 -106.35 -25.16 -102.45
N VAL FC 254 -107.40 -25.38 -103.23
CA VAL FC 254 -108.76 -25.12 -102.79
C VAL FC 254 -109.21 -26.27 -101.89
N PRO FC 255 -109.72 -26.00 -100.69
CA PRO FC 255 -110.12 -27.09 -99.80
C PRO FC 255 -111.34 -27.86 -100.30
N LEU FC 256 -111.53 -29.05 -99.75
CA LEU FC 256 -112.57 -29.95 -100.23
C LEU FC 256 -113.94 -29.52 -99.71
N GLY FC 257 -114.98 -29.98 -100.42
CA GLY FC 257 -116.33 -29.74 -99.98
C GLY FC 257 -117.05 -28.66 -100.74
N ARG FC 258 -118.15 -29.02 -101.40
CA ARG FC 258 -118.97 -28.04 -102.12
C ARG FC 258 -120.45 -28.29 -101.87
N SER GC 1 -145.05 -44.68 -53.12
CA SER GC 1 -144.88 -43.57 -52.19
C SER GC 1 -144.66 -42.26 -52.92
N LYS GC 2 -143.40 -41.87 -53.05
CA LYS GC 2 -143.02 -40.62 -53.71
C LYS GC 2 -142.64 -40.93 -55.15
N THR GC 3 -143.37 -40.34 -56.10
CA THR GC 3 -143.28 -40.73 -57.50
C THR GC 3 -143.09 -39.53 -58.41
N ILE GC 4 -142.36 -39.76 -59.51
CA ILE GC 4 -142.36 -38.88 -60.67
C ILE GC 4 -142.90 -39.68 -61.85
N VAL GC 5 -143.84 -39.11 -62.57
CA VAL GC 5 -144.48 -39.77 -63.71
C VAL GC 5 -143.98 -39.11 -64.99
N LEU GC 6 -143.35 -39.89 -65.85
CA LEU GC 6 -142.82 -39.42 -67.12
C LEU GC 6 -143.67 -40.02 -68.24
N SER GC 7 -144.53 -39.19 -68.84
CA SER GC 7 -145.36 -39.65 -69.94
C SER GC 7 -144.63 -39.49 -71.26
N VAL GC 8 -144.59 -40.56 -72.05
CA VAL GC 8 -143.86 -40.60 -73.31
C VAL GC 8 -144.93 -40.70 -74.39
N GLY GC 9 -146.06 -40.04 -74.15
CA GLY GC 9 -147.21 -40.14 -75.02
C GLY GC 9 -148.40 -40.65 -74.26
N GLU GC 10 -148.84 -41.87 -74.57
CA GLU GC 10 -149.86 -42.54 -73.78
C GLU GC 10 -149.27 -43.50 -72.76
N ALA GC 11 -148.00 -43.87 -72.90
CA ALA GC 11 -147.34 -44.74 -71.94
C ALA GC 11 -146.64 -43.90 -70.88
N THR GC 12 -146.87 -44.22 -69.61
CA THR GC 12 -146.28 -43.51 -68.48
C THR GC 12 -145.31 -44.45 -67.77
N ARG GC 13 -144.12 -43.94 -67.49
CA ARG GC 13 -143.08 -44.70 -66.79
C ARG GC 13 -142.91 -44.07 -65.41
N THR GC 14 -143.49 -44.72 -64.39
CA THR GC 14 -143.54 -44.16 -63.05
C THR GC 14 -142.29 -44.56 -62.27
N LEU GC 15 -141.46 -43.57 -61.95
CA LEU GC 15 -140.30 -43.78 -61.09
C LEU GC 15 -140.72 -43.65 -59.63
N THR GC 16 -140.09 -44.45 -58.77
CA THR GC 16 -140.34 -44.38 -57.33
C THR GC 16 -139.04 -44.07 -56.61
N GLU GC 17 -139.14 -43.37 -55.50
CA GLU GC 17 -137.98 -42.98 -54.72
C GLU GC 17 -137.48 -44.15 -53.89
N ILE GC 18 -136.18 -44.42 -53.99
CA ILE GC 18 -135.57 -45.56 -53.28
C ILE GC 18 -134.56 -45.13 -52.23
N GLN GC 19 -134.11 -43.88 -52.23
CA GLN GC 19 -133.06 -43.44 -51.33
C GLN GC 19 -133.12 -41.92 -51.21
N SER GC 20 -132.99 -41.41 -49.99
CA SER GC 20 -133.09 -39.97 -49.76
C SER GC 20 -132.06 -39.59 -48.71
N THR GC 21 -131.00 -38.91 -49.14
CA THR GC 21 -129.99 -38.38 -48.27
C THR GC 21 -130.44 -36.96 -47.90
N ALA GC 22 -129.55 -36.13 -47.32
CA ALA GC 22 -129.88 -34.74 -47.03
C ALA GC 22 -130.21 -33.96 -48.29
N ASP GC 23 -129.33 -34.00 -49.28
CA ASP GC 23 -129.52 -33.34 -50.55
C ASP GC 23 -129.74 -34.29 -51.72
N ARG GC 24 -128.96 -35.37 -51.79
CA ARG GC 24 -129.10 -36.33 -52.88
C ARG GC 24 -130.38 -37.14 -52.71
N GLN GC 25 -130.97 -37.52 -53.84
CA GLN GC 25 -132.30 -38.11 -53.85
C GLN GC 25 -132.42 -38.99 -55.09
N ILE GC 26 -132.47 -40.30 -54.88
CA ILE GC 26 -132.38 -41.27 -55.98
C ILE GC 26 -133.76 -41.87 -56.23
N PHE GC 27 -134.24 -41.76 -57.46
CA PHE GC 27 -135.46 -42.39 -57.91
C PHE GC 27 -135.11 -43.58 -58.80
N GLU GC 28 -136.09 -44.46 -58.98
CA GLU GC 28 -135.88 -45.68 -59.76
C GLU GC 28 -137.23 -46.21 -60.22
N GLU GC 29 -137.22 -46.85 -61.39
CA GLU GC 29 -138.41 -47.53 -61.89
C GLU GC 29 -138.40 -48.98 -61.43
N LYS GC 30 -139.46 -49.38 -60.74
CA LYS GC 30 -139.53 -50.68 -60.09
C LYS GC 30 -140.10 -51.77 -60.96
N VAL GC 31 -140.07 -51.62 -62.28
CA VAL GC 31 -140.62 -52.63 -63.17
C VAL GC 31 -139.49 -53.39 -63.86
N GLY GC 32 -139.51 -54.72 -63.72
CA GLY GC 32 -138.57 -55.57 -64.42
C GLY GC 32 -137.53 -56.17 -63.51
N PRO GC 33 -136.44 -56.68 -64.11
CA PRO GC 33 -135.36 -57.26 -63.30
C PRO GC 33 -134.57 -56.21 -62.52
N LEU GC 34 -133.64 -56.67 -61.69
CA LEU GC 34 -132.91 -55.81 -60.77
C LEU GC 34 -131.62 -55.26 -61.35
N VAL GC 35 -131.21 -55.70 -62.53
CA VAL GC 35 -129.86 -55.39 -63.00
C VAL GC 35 -129.77 -54.01 -63.63
N GLY GC 36 -130.71 -53.63 -64.51
CA GLY GC 36 -130.66 -52.31 -65.09
C GLY GC 36 -132.03 -51.66 -65.13
N ARG GC 37 -132.18 -50.54 -64.43
CA ARG GC 37 -133.45 -49.83 -64.36
C ARG GC 37 -133.20 -48.36 -64.64
N LEU GC 38 -134.28 -47.63 -64.89
CA LEU GC 38 -134.20 -46.18 -64.99
C LEU GC 38 -133.79 -45.59 -63.64
N ARG GC 39 -133.03 -44.51 -63.72
CA ARG GC 39 -132.45 -43.89 -62.54
C ARG GC 39 -132.59 -42.39 -62.67
N LEU GC 40 -132.77 -41.72 -61.54
CA LEU GC 40 -132.91 -40.27 -61.54
C LEU GC 40 -132.33 -39.77 -60.23
N THR GC 41 -131.19 -39.10 -60.31
CA THR GC 41 -130.45 -38.66 -59.12
C THR GC 41 -130.54 -37.14 -59.05
N ALA GC 42 -131.51 -36.65 -58.29
CA ALA GC 42 -131.62 -35.22 -58.06
C ALA GC 42 -130.68 -34.79 -56.94
N SER GC 43 -130.34 -33.50 -56.95
CA SER GC 43 -129.48 -32.93 -55.92
C SER GC 43 -129.79 -31.45 -55.82
N LEU GC 44 -129.33 -30.85 -54.72
CA LEU GC 44 -129.49 -29.41 -54.51
C LEU GC 44 -128.49 -29.00 -53.43
N ARG GC 45 -127.59 -28.08 -53.78
CA ARG GC 45 -126.57 -27.61 -52.85
C ARG GC 45 -126.64 -26.09 -52.78
N GLN GC 46 -125.71 -25.50 -52.04
CA GLN GC 46 -125.45 -24.07 -52.15
C GLN GC 46 -123.96 -23.84 -51.89
N ASN GC 47 -123.23 -23.54 -52.96
CA ASN GC 47 -121.78 -23.45 -52.90
C ASN GC 47 -121.33 -22.05 -52.53
N GLY GC 48 -120.25 -21.98 -51.75
CA GLY GC 48 -119.66 -20.71 -51.37
C GLY GC 48 -120.28 -20.10 -50.14
N ALA GC 49 -120.47 -18.78 -50.16
CA ALA GC 49 -121.00 -18.05 -49.00
C ALA GC 49 -122.51 -17.89 -49.12
N LYS GC 50 -123.19 -19.03 -49.34
CA LYS GC 50 -124.66 -19.14 -49.35
C LYS GC 50 -125.32 -18.22 -50.37
N THR GC 51 -124.68 -18.03 -51.53
CA THR GC 51 -125.16 -17.05 -52.50
C THR GC 51 -125.69 -17.65 -53.79
N ALA GC 52 -125.46 -18.94 -54.06
CA ALA GC 52 -125.89 -19.55 -55.31
C ALA GC 52 -126.17 -21.02 -55.09
N TYR GC 53 -127.33 -21.48 -55.55
CA TYR GC 53 -127.71 -22.87 -55.46
C TYR GC 53 -127.22 -23.64 -56.69
N ARG GC 54 -127.32 -24.96 -56.62
CA ARG GC 54 -126.83 -25.81 -57.70
C ARG GC 54 -127.71 -27.05 -57.77
N VAL GC 55 -128.66 -27.05 -58.69
CA VAL GC 55 -129.50 -28.22 -58.95
C VAL GC 55 -128.77 -29.12 -59.93
N ASN GC 56 -128.87 -30.44 -59.72
CA ASN GC 56 -128.09 -31.38 -60.52
C ASN GC 56 -128.92 -32.64 -60.73
N LEU GC 57 -129.62 -32.72 -61.86
CA LEU GC 57 -130.33 -33.93 -62.23
C LEU GC 57 -129.43 -34.82 -63.09
N LYS GC 58 -129.75 -36.12 -63.11
CA LYS GC 58 -128.99 -37.07 -63.89
C LYS GC 58 -129.89 -38.28 -64.15
N LEU GC 59 -130.27 -38.48 -65.40
CA LEU GC 59 -131.17 -39.56 -65.79
C LEU GC 59 -130.36 -40.63 -66.49
N ASP GC 60 -130.15 -41.76 -65.82
CA ASP GC 60 -129.47 -42.88 -66.43
C ASP GC 60 -130.44 -43.75 -67.20
N GLN GC 61 -129.92 -44.53 -68.14
CA GLN GC 61 -130.74 -45.50 -68.86
C GLN GC 61 -129.84 -46.64 -69.32
N ALA GC 62 -130.03 -47.82 -68.74
CA ALA GC 62 -129.28 -48.99 -69.11
C ALA GC 62 -130.09 -49.83 -70.09
N ASP GC 63 -129.41 -50.36 -71.11
CA ASP GC 63 -130.06 -51.20 -72.11
C ASP GC 63 -129.80 -52.66 -71.74
N VAL GC 64 -130.78 -53.28 -71.12
CA VAL GC 64 -130.66 -54.68 -70.71
C VAL GC 64 -131.23 -55.56 -71.81
N VAL GC 65 -130.75 -56.81 -71.85
CA VAL GC 65 -131.26 -57.81 -72.76
C VAL GC 65 -131.19 -59.16 -72.03
N ASP GC 66 -132.26 -59.94 -72.13
CA ASP GC 66 -132.36 -61.22 -71.43
C ASP GC 66 -132.31 -62.29 -72.51
N CYS GC 67 -131.17 -62.95 -72.63
CA CYS GC 67 -130.89 -63.90 -73.71
C CYS GC 67 -130.96 -65.33 -73.20
N SER GC 68 -131.84 -65.57 -72.22
CA SER GC 68 -131.92 -66.90 -71.62
C SER GC 68 -132.66 -67.89 -72.50
N THR GC 69 -133.57 -67.43 -73.36
CA THR GC 69 -134.34 -68.36 -74.18
C THR GC 69 -133.52 -68.90 -75.34
N SER GC 70 -132.77 -68.02 -76.01
CA SER GC 70 -131.94 -68.46 -77.13
C SER GC 70 -130.69 -69.17 -76.63
N VAL GC 71 -129.85 -68.47 -75.89
CA VAL GC 71 -128.65 -69.05 -75.29
C VAL GC 71 -129.04 -69.64 -73.95
N CYS GC 72 -128.78 -70.92 -73.76
CA CYS GC 72 -129.18 -71.60 -72.54
C CYS GC 72 -128.23 -71.27 -71.41
N GLY GC 73 -128.79 -70.84 -70.28
CA GLY GC 73 -128.04 -70.71 -69.06
C GLY GC 73 -127.35 -69.39 -68.81
N GLU GC 74 -127.90 -68.29 -69.31
CA GLU GC 74 -127.30 -66.98 -69.02
C GLU GC 74 -128.38 -65.99 -68.61
N LEU GC 75 -127.94 -64.92 -67.96
CA LEU GC 75 -128.76 -64.00 -67.21
C LEU GC 75 -128.90 -62.68 -67.94
N PRO GC 76 -129.85 -61.81 -67.59
CA PRO GC 76 -129.87 -60.47 -68.18
C PRO GC 76 -128.66 -59.65 -67.77
N LYS GC 77 -128.24 -58.78 -68.68
CA LYS GC 77 -127.00 -58.03 -68.53
C LYS GC 77 -127.16 -56.66 -69.19
N VAL GC 78 -126.37 -55.70 -68.73
CA VAL GC 78 -126.40 -54.35 -69.26
C VAL GC 78 -125.38 -54.25 -70.40
N ARG GC 79 -125.85 -53.93 -71.60
CA ARG GC 79 -124.93 -53.75 -72.72
C ARG GC 79 -124.24 -52.40 -72.64
N TYR GC 80 -125.00 -51.33 -72.46
CA TYR GC 80 -124.44 -49.98 -72.41
C TYR GC 80 -125.34 -49.10 -71.56
N THR GC 81 -124.85 -47.89 -71.30
CA THR GC 81 -125.54 -46.92 -70.45
C THR GC 81 -125.45 -45.53 -71.08
N GLN GC 82 -126.59 -44.87 -71.22
CA GLN GC 82 -126.65 -43.54 -71.79
C GLN GC 82 -127.31 -42.60 -70.79
N VAL GC 83 -126.63 -41.51 -70.45
CA VAL GC 83 -127.10 -40.60 -69.44
C VAL GC 83 -127.45 -39.26 -70.08
N TRP GC 84 -128.22 -38.45 -69.35
CA TRP GC 84 -128.48 -37.06 -69.72
C TRP GC 84 -128.48 -36.27 -68.41
N SER GC 85 -127.39 -35.56 -68.15
CA SER GC 85 -127.28 -34.79 -66.92
C SER GC 85 -127.82 -33.39 -67.12
N HIS GC 86 -128.04 -32.70 -66.00
CA HIS GC 86 -128.33 -31.28 -65.99
C HIS GC 86 -127.53 -30.65 -64.86
N ASP GC 87 -127.22 -29.36 -65.00
CA ASP GC 87 -126.51 -28.63 -63.96
C ASP GC 87 -126.97 -27.19 -64.01
N VAL GC 88 -127.93 -26.86 -63.17
CA VAL GC 88 -128.55 -25.54 -63.14
C VAL GC 88 -127.85 -24.72 -62.06
N THR GC 89 -127.54 -23.47 -62.37
CA THR GC 89 -126.98 -22.53 -61.41
C THR GC 89 -128.00 -21.43 -61.16
N ILE GC 90 -128.44 -21.30 -59.91
CA ILE GC 90 -129.43 -20.31 -59.51
C ILE GC 90 -128.82 -19.46 -58.40
N VAL GC 91 -128.73 -18.15 -58.64
CA VAL GC 91 -128.26 -17.25 -57.61
C VAL GC 91 -129.39 -16.97 -56.63
N ALA GC 92 -129.04 -16.71 -55.37
CA ALA GC 92 -130.01 -16.77 -54.28
C ALA GC 92 -130.96 -15.58 -54.29
N ASN GC 93 -130.49 -14.39 -54.66
CA ASN GC 93 -131.30 -13.18 -54.63
C ASN GC 93 -131.98 -12.88 -55.94
N SER GC 94 -132.35 -13.91 -56.69
CA SER GC 94 -132.91 -13.74 -58.03
C SER GC 94 -134.32 -13.18 -57.99
N THR GC 95 -134.86 -12.95 -59.17
CA THR GC 95 -136.27 -12.68 -59.36
C THR GC 95 -136.93 -13.99 -59.79
N GLU GC 96 -138.20 -14.16 -59.40
CA GLU GC 96 -138.92 -15.38 -59.80
C GLU GC 96 -139.14 -15.43 -61.30
N ALA GC 97 -139.32 -14.28 -61.94
CA ALA GC 97 -139.44 -14.25 -63.40
C ALA GC 97 -138.10 -14.51 -64.08
N SER GC 98 -136.99 -14.35 -63.38
CA SER GC 98 -135.70 -14.73 -63.95
C SER GC 98 -135.52 -16.23 -63.94
N ARG GC 99 -135.97 -16.89 -62.87
CA ARG GC 99 -135.95 -18.34 -62.79
C ARG GC 99 -136.99 -18.98 -63.69
N LYS GC 100 -138.16 -18.36 -63.86
CA LYS GC 100 -139.20 -18.92 -64.70
C LYS GC 100 -138.84 -18.83 -66.17
N SER GC 101 -138.19 -17.73 -66.57
CA SER GC 101 -137.82 -17.56 -67.98
C SER GC 101 -136.67 -18.47 -68.37
N LEU GC 102 -135.76 -18.75 -67.45
CA LEU GC 102 -134.68 -19.69 -67.71
C LEU GC 102 -135.22 -21.10 -67.88
N TYR GC 103 -136.22 -21.47 -67.09
CA TYR GC 103 -136.83 -22.78 -67.23
C TYR GC 103 -137.68 -22.84 -68.51
N ASP GC 104 -138.33 -21.74 -68.87
CA ASP GC 104 -139.18 -21.72 -70.05
C ASP GC 104 -138.38 -21.82 -71.34
N LEU GC 105 -137.13 -21.36 -71.35
CA LEU GC 105 -136.29 -21.49 -72.52
C LEU GC 105 -135.75 -22.92 -72.64
N THR GC 106 -135.32 -23.51 -71.51
CA THR GC 106 -134.76 -24.85 -71.54
C THR GC 106 -135.84 -25.90 -71.79
N LYS GC 107 -137.07 -25.66 -71.33
CA LYS GC 107 -138.18 -26.55 -71.67
C LYS GC 107 -138.47 -26.51 -73.16
N SER GC 108 -138.31 -25.34 -73.79
CA SER GC 108 -138.51 -25.21 -75.21
C SER GC 108 -137.27 -25.54 -76.02
N LEU GC 109 -136.09 -25.52 -75.40
CA LEU GC 109 -134.88 -25.91 -76.12
C LEU GC 109 -134.83 -27.42 -76.32
N VAL GC 110 -135.19 -28.18 -75.29
CA VAL GC 110 -135.19 -29.63 -75.42
C VAL GC 110 -136.33 -30.08 -76.33
N ALA GC 111 -137.46 -29.41 -76.28
CA ALA GC 111 -138.64 -29.84 -77.03
C ALA GC 111 -138.59 -29.51 -78.52
N THR GC 112 -137.52 -28.89 -79.00
CA THR GC 112 -137.44 -28.56 -80.42
C THR GC 112 -136.91 -29.76 -81.20
N SER GC 113 -137.04 -29.68 -82.53
CA SER GC 113 -136.63 -30.78 -83.40
C SER GC 113 -135.19 -30.67 -83.85
N GLN GC 114 -134.43 -29.69 -83.37
CA GLN GC 114 -133.02 -29.61 -83.71
C GLN GC 114 -132.15 -30.27 -82.64
N VAL GC 115 -132.57 -30.19 -81.38
CA VAL GC 115 -131.88 -30.91 -80.31
C VAL GC 115 -132.28 -32.38 -80.32
N GLU GC 116 -133.43 -32.70 -80.92
CA GLU GC 116 -133.80 -34.10 -81.12
C GLU GC 116 -132.84 -34.80 -82.07
N ASP GC 117 -132.55 -34.17 -83.21
CA ASP GC 117 -131.63 -34.76 -84.17
C ASP GC 117 -130.17 -34.67 -83.72
N LEU GC 118 -129.87 -33.85 -82.71
CA LEU GC 118 -128.51 -33.76 -82.21
C LEU GC 118 -128.13 -34.96 -81.34
N VAL GC 119 -129.09 -35.54 -80.63
CA VAL GC 119 -128.78 -36.65 -79.74
C VAL GC 119 -129.17 -37.97 -80.39
N VAL GC 120 -130.09 -37.94 -81.33
CA VAL GC 120 -130.51 -39.17 -82.00
C VAL GC 120 -129.66 -39.44 -83.23
N ASN GC 121 -129.50 -38.44 -84.09
CA ASN GC 121 -128.81 -38.61 -85.37
C ASN GC 121 -127.48 -37.87 -85.44
N LEU GC 122 -127.10 -37.19 -84.36
CA LEU GC 122 -125.77 -36.60 -84.15
C LEU GC 122 -125.44 -35.49 -85.14
N VAL GC 123 -126.43 -34.84 -85.74
CA VAL GC 123 -126.18 -33.70 -86.62
C VAL GC 123 -126.24 -32.41 -85.82
N PRO GC 124 -125.43 -31.41 -86.12
CA PRO GC 124 -125.34 -30.25 -85.23
C PRO GC 124 -126.54 -29.32 -85.34
N LEU GC 125 -126.51 -28.29 -84.50
CA LEU GC 125 -127.63 -27.37 -84.36
C LEU GC 125 -127.60 -26.30 -85.44
N GLY GC 126 -128.72 -25.60 -85.58
CA GLY GC 126 -128.81 -24.51 -86.52
C GLY GC 126 -129.25 -24.93 -87.90
N ARG GC 127 -130.27 -24.25 -88.44
CA ARG GC 127 -130.75 -24.51 -89.79
C ARG GC 127 -130.96 -23.18 -90.49
N ALA GC 128 -130.34 -23.03 -91.66
CA ALA GC 128 -130.35 -21.77 -92.39
C ALA GC 128 -131.59 -21.70 -93.28
N TYR GC 129 -132.52 -20.83 -92.95
CA TYR GC 129 -133.69 -20.56 -93.78
C TYR GC 129 -133.87 -19.05 -93.88
N GLY GC 130 -133.36 -18.47 -94.97
CA GLY GC 130 -133.46 -17.05 -95.20
C GLY GC 130 -132.47 -16.24 -94.39
N GLY GC 131 -131.18 -16.49 -94.58
CA GLY GC 131 -130.16 -15.78 -93.84
C GLY GC 131 -129.11 -16.68 -93.23
N SER GC 132 -129.01 -16.68 -91.91
CA SER GC 132 -128.06 -17.54 -91.21
C SER GC 132 -128.81 -18.68 -90.52
N LYS GC 133 -128.05 -19.49 -89.78
CA LYS GC 133 -128.62 -20.65 -89.10
C LYS GC 133 -129.18 -20.22 -87.75
N THR GC 134 -130.45 -20.54 -87.51
CA THR GC 134 -131.18 -20.06 -86.34
C THR GC 134 -131.84 -21.20 -85.59
N ILE GC 135 -132.05 -20.99 -84.29
CA ILE GC 135 -132.90 -21.82 -83.46
C ILE GC 135 -134.00 -20.94 -82.89
N VAL GC 136 -135.25 -21.40 -82.97
CA VAL GC 136 -136.40 -20.65 -82.50
C VAL GC 136 -136.86 -21.26 -81.18
N LEU GC 137 -136.83 -20.48 -80.12
CA LEU GC 137 -137.20 -20.93 -78.78
C LEU GC 137 -138.48 -20.19 -78.38
N SER GC 138 -139.63 -20.77 -78.72
CA SER GC 138 -140.90 -20.17 -78.37
C SER GC 138 -141.26 -20.49 -76.92
N VAL GC 139 -141.71 -19.46 -76.21
CA VAL GC 139 -142.05 -19.59 -74.78
C VAL GC 139 -143.56 -19.40 -74.64
N GLY GC 140 -144.30 -19.82 -75.67
CA GLY GC 140 -145.69 -19.47 -75.83
C GLY GC 140 -145.90 -18.98 -77.24
N GLU GC 141 -146.23 -17.69 -77.40
CA GLU GC 141 -146.22 -17.08 -78.72
C GLU GC 141 -145.00 -16.22 -78.98
N ALA GC 142 -144.30 -15.77 -77.93
CA ALA GC 142 -143.08 -15.02 -78.09
C ALA GC 142 -141.93 -15.96 -78.46
N THR GC 143 -141.30 -15.70 -79.61
CA THR GC 143 -140.23 -16.54 -80.12
C THR GC 143 -138.92 -15.78 -80.05
N ARG GC 144 -138.01 -16.25 -79.19
CA ARG GC 144 -136.69 -15.65 -79.04
C ARG GC 144 -135.73 -16.40 -79.96
N THR GC 145 -135.42 -15.81 -81.10
CA THR GC 145 -134.64 -16.47 -82.14
C THR GC 145 -133.15 -16.21 -81.90
N LEU GC 146 -132.41 -17.26 -81.58
CA LEU GC 146 -130.96 -17.19 -81.50
C LEU GC 146 -130.36 -17.40 -82.88
N THR GC 147 -129.33 -16.62 -83.19
CA THR GC 147 -128.61 -16.76 -84.44
C THR GC 147 -127.19 -17.20 -84.17
N GLU GC 148 -126.66 -18.05 -85.06
CA GLU GC 148 -125.32 -18.59 -84.87
C GLU GC 148 -124.28 -17.52 -85.17
N ILE GC 149 -123.38 -17.30 -84.22
CA ILE GC 149 -122.32 -16.32 -84.39
C ILE GC 149 -120.95 -16.95 -84.53
N GLN GC 150 -120.81 -18.26 -84.35
CA GLN GC 150 -119.50 -18.89 -84.40
C GLN GC 150 -119.68 -20.36 -84.71
N SER GC 151 -118.69 -20.93 -85.41
CA SER GC 151 -118.66 -22.36 -85.72
C SER GC 151 -117.20 -22.79 -85.63
N THR GC 152 -116.80 -23.30 -84.48
CA THR GC 152 -115.45 -23.77 -84.24
C THR GC 152 -115.37 -25.23 -84.73
N ALA GC 153 -114.33 -25.96 -84.34
CA ALA GC 153 -114.19 -27.37 -84.76
C ALA GC 153 -115.30 -28.23 -84.18
N ASP GC 154 -115.54 -28.13 -82.87
CA ASP GC 154 -116.65 -28.83 -82.24
C ASP GC 154 -117.68 -27.85 -81.66
N ARG GC 155 -117.22 -26.73 -81.10
CA ARG GC 155 -118.08 -25.74 -80.47
C ARG GC 155 -118.96 -25.04 -81.51
N GLN GC 156 -120.06 -24.47 -81.03
CA GLN GC 156 -121.04 -23.83 -81.90
C GLN GC 156 -121.81 -22.84 -81.02
N ILE GC 157 -121.48 -21.55 -81.13
CA ILE GC 157 -122.00 -20.53 -80.24
C ILE GC 157 -123.13 -19.78 -80.93
N PHE GC 158 -124.31 -19.80 -80.32
CA PHE GC 158 -125.47 -19.06 -80.77
C PHE GC 158 -125.66 -17.86 -79.86
N GLU GC 159 -126.37 -16.85 -80.37
CA GLU GC 159 -126.60 -15.64 -79.59
C GLU GC 159 -127.81 -14.89 -80.13
N GLU GC 160 -128.58 -14.30 -79.23
CA GLU GC 160 -129.67 -13.42 -79.62
C GLU GC 160 -129.13 -12.02 -79.83
N LYS GC 161 -129.63 -11.36 -80.89
CA LYS GC 161 -129.09 -10.09 -81.34
C LYS GC 161 -129.88 -8.89 -80.87
N VAL GC 162 -130.98 -9.08 -80.18
CA VAL GC 162 -131.80 -7.96 -79.73
C VAL GC 162 -131.27 -7.45 -78.39
N GLY GC 163 -131.05 -6.14 -78.30
CA GLY GC 163 -130.68 -5.51 -77.06
C GLY GC 163 -129.22 -5.14 -76.98
N PRO GC 164 -128.74 -4.86 -75.76
CA PRO GC 164 -127.36 -4.41 -75.59
C PRO GC 164 -126.37 -5.56 -75.76
N LEU GC 165 -125.10 -5.19 -75.83
CA LEU GC 165 -124.00 -6.13 -76.03
C LEU GC 165 -123.55 -6.80 -74.75
N VAL GC 166 -123.93 -6.27 -73.58
CA VAL GC 166 -123.34 -6.74 -72.35
C VAL GC 166 -123.96 -8.06 -71.88
N GLY GC 167 -125.28 -8.20 -71.95
CA GLY GC 167 -125.91 -9.44 -71.53
C GLY GC 167 -126.89 -9.95 -72.56
N ARG GC 168 -126.61 -11.11 -73.13
CA ARG GC 168 -127.45 -11.70 -74.16
C ARG GC 168 -127.58 -13.19 -73.90
N LEU GC 169 -128.55 -13.80 -74.57
CA LEU GC 169 -128.67 -15.25 -74.53
C LEU GC 169 -127.50 -15.90 -75.25
N ARG GC 170 -126.91 -16.91 -74.63
CA ARG GC 170 -125.84 -17.66 -75.23
C ARG GC 170 -126.22 -19.13 -75.27
N LEU GC 171 -125.64 -19.86 -76.21
CA LEU GC 171 -125.92 -21.29 -76.35
C LEU GC 171 -124.71 -21.93 -77.01
N THR GC 172 -123.87 -22.58 -76.22
CA THR GC 172 -122.62 -23.14 -76.70
C THR GC 172 -122.79 -24.66 -76.78
N ALA GC 173 -123.25 -25.14 -77.93
CA ALA GC 173 -123.33 -26.56 -78.17
C ALA GC 173 -121.93 -27.13 -78.42
N SER GC 174 -121.83 -28.45 -78.31
CA SER GC 174 -120.56 -29.15 -78.53
C SER GC 174 -120.87 -30.58 -78.95
N LEU GC 175 -119.83 -31.26 -79.43
CA LEU GC 175 -119.94 -32.66 -79.84
C LEU GC 175 -118.54 -33.23 -79.90
N ARG GC 176 -118.29 -34.32 -79.17
CA ARG GC 176 -116.98 -34.93 -79.11
C ARG GC 176 -117.13 -36.43 -79.27
N GLN GC 177 -116.00 -37.13 -79.25
CA GLN GC 177 -115.99 -38.57 -79.04
C GLN GC 177 -114.69 -38.93 -78.32
N ASN GC 178 -114.81 -39.36 -77.08
CA ASN GC 178 -113.66 -39.60 -76.22
C ASN GC 178 -113.16 -41.03 -76.39
N GLY GC 179 -111.83 -41.15 -76.44
CA GLY GC 179 -111.18 -42.45 -76.47
C GLY GC 179 -111.09 -43.05 -77.84
N ALA GC 180 -111.36 -44.35 -77.93
CA ALA GC 180 -111.24 -45.09 -79.18
C ALA GC 180 -112.56 -45.14 -79.95
N LYS GC 181 -113.15 -43.96 -80.17
CA LYS GC 181 -114.38 -43.76 -80.96
C LYS GC 181 -115.55 -44.59 -80.43
N THR GC 182 -115.64 -44.74 -79.11
CA THR GC 182 -116.64 -45.63 -78.52
C THR GC 182 -117.84 -44.91 -77.92
N ALA GC 183 -117.74 -43.61 -77.66
CA ALA GC 183 -118.83 -42.90 -77.01
C ALA GC 183 -118.74 -41.42 -77.35
N TYR GC 184 -119.89 -40.84 -77.72
CA TYR GC 184 -119.98 -39.42 -78.00
C TYR GC 184 -120.29 -38.67 -76.71
N ARG GC 185 -120.28 -37.34 -76.79
CA ARG GC 185 -120.59 -36.51 -75.62
C ARG GC 185 -121.13 -35.17 -76.12
N VAL GC 186 -122.45 -35.01 -76.06
CA VAL GC 186 -123.10 -33.76 -76.42
C VAL GC 186 -123.13 -32.88 -75.18
N ASN GC 187 -122.93 -31.57 -75.36
CA ASN GC 187 -122.79 -30.67 -74.21
C ASN GC 187 -123.38 -29.32 -74.58
N LEU GC 188 -124.63 -29.09 -74.19
CA LEU GC 188 -125.27 -27.79 -74.34
C LEU GC 188 -125.10 -26.96 -73.07
N LYS GC 189 -125.26 -25.66 -73.22
CA LYS GC 189 -125.13 -24.73 -72.11
C LYS GC 189 -125.82 -23.43 -72.49
N LEU GC 190 -126.88 -23.08 -71.78
CA LEU GC 190 -127.67 -21.89 -72.07
C LEU GC 190 -127.46 -20.88 -70.95
N ASP GC 191 -126.83 -19.75 -71.29
CA ASP GC 191 -126.60 -18.69 -70.33
C ASP GC 191 -127.71 -17.65 -70.45
N GLN GC 192 -128.09 -17.05 -69.33
CA GLN GC 192 -129.09 -16.00 -69.32
C GLN GC 192 -128.73 -14.96 -68.28
N ALA GC 193 -128.03 -13.92 -68.71
CA ALA GC 193 -127.65 -12.82 -67.85
C ALA GC 193 -128.81 -11.84 -67.72
N ASP GC 194 -129.02 -11.33 -66.52
CA ASP GC 194 -130.11 -10.39 -66.25
C ASP GC 194 -129.56 -8.99 -66.36
N VAL GC 195 -129.97 -8.27 -67.39
CA VAL GC 195 -129.54 -6.90 -67.63
C VAL GC 195 -130.66 -5.96 -67.19
N VAL GC 196 -130.28 -4.81 -66.63
CA VAL GC 196 -131.23 -3.82 -66.17
C VAL GC 196 -130.72 -2.44 -66.57
N ASP GC 197 -131.66 -1.52 -66.81
CA ASP GC 197 -131.33 -0.15 -67.18
C ASP GC 197 -131.88 0.83 -66.15
N CYS GC 198 -131.04 1.75 -65.73
CA CYS GC 198 -131.40 2.75 -64.74
C CYS GC 198 -131.56 4.13 -65.36
N SER GC 199 -131.86 4.16 -66.67
CA SER GC 199 -131.90 5.42 -67.41
C SER GC 199 -133.09 6.29 -67.04
N THR GC 200 -134.20 5.69 -66.60
CA THR GC 200 -135.36 6.49 -66.20
C THR GC 200 -135.18 7.08 -64.82
N SER GC 201 -134.21 6.58 -64.05
CA SER GC 201 -133.90 7.13 -62.73
C SER GC 201 -132.63 7.97 -62.75
N VAL GC 202 -131.54 7.45 -63.30
CA VAL GC 202 -130.27 8.17 -63.38
C VAL GC 202 -129.89 8.32 -64.84
N CYS GC 203 -129.71 9.57 -65.28
CA CYS GC 203 -129.24 9.81 -66.64
C CYS GC 203 -127.79 9.39 -66.80
N GLY GC 204 -127.42 9.11 -68.05
CA GLY GC 204 -126.07 8.69 -68.37
C GLY GC 204 -125.75 7.30 -67.90
N GLU GC 205 -126.75 6.48 -67.61
CA GLU GC 205 -126.54 5.15 -67.07
C GLU GC 205 -126.72 4.13 -68.20
N LEU GC 206 -125.63 3.46 -68.55
CA LEU GC 206 -125.68 2.40 -69.54
C LEU GC 206 -126.08 1.10 -68.84
N PRO GC 207 -126.72 0.17 -69.58
CA PRO GC 207 -127.18 -1.06 -68.94
C PRO GC 207 -126.03 -1.96 -68.51
N LYS GC 208 -126.29 -2.75 -67.47
CA LYS GC 208 -125.29 -3.62 -66.89
C LYS GC 208 -125.97 -4.87 -66.37
N VAL GC 209 -125.17 -5.90 -66.08
CA VAL GC 209 -125.68 -7.18 -65.64
C VAL GC 209 -125.53 -7.28 -64.12
N ARG GC 210 -126.54 -7.86 -63.47
CA ARG GC 210 -126.50 -8.02 -62.03
C ARG GC 210 -126.06 -9.44 -61.64
N TYR GC 211 -126.56 -10.46 -62.35
CA TYR GC 211 -126.13 -11.83 -62.13
C TYR GC 211 -126.23 -12.60 -63.43
N THR GC 212 -125.95 -13.91 -63.36
CA THR GC 212 -126.16 -14.79 -64.49
C THR GC 212 -126.59 -16.16 -63.98
N GLN GC 213 -127.38 -16.86 -64.80
CA GLN GC 213 -127.95 -18.15 -64.44
C GLN GC 213 -127.86 -19.08 -65.64
N VAL GC 214 -127.26 -20.26 -65.45
CA VAL GC 214 -126.99 -21.18 -66.53
C VAL GC 214 -127.86 -22.43 -66.37
N TRP GC 215 -127.93 -23.22 -67.43
CA TRP GC 215 -128.55 -24.55 -67.40
C TRP GC 215 -127.76 -25.40 -68.39
N SER GC 216 -126.77 -26.11 -67.88
CA SER GC 216 -125.95 -26.96 -68.73
C SER GC 216 -126.64 -28.30 -68.98
N HIS GC 217 -126.18 -28.97 -70.03
CA HIS GC 217 -126.59 -30.34 -70.32
C HIS GC 217 -125.34 -31.15 -70.58
N ASP GC 218 -125.42 -32.46 -70.31
CA ASP GC 218 -124.27 -33.33 -70.54
C ASP GC 218 -124.81 -34.70 -70.94
N VAL GC 219 -124.94 -34.89 -72.25
CA VAL GC 219 -125.49 -36.12 -72.81
C VAL GC 219 -124.35 -37.05 -73.14
N THR GC 220 -124.47 -38.31 -72.74
CA THR GC 220 -123.50 -39.35 -73.10
C THR GC 220 -124.18 -40.34 -74.02
N ILE GC 221 -123.59 -40.55 -75.20
CA ILE GC 221 -124.15 -41.42 -76.22
C ILE GC 221 -123.05 -42.39 -76.62
N VAL GC 222 -123.31 -43.68 -76.47
CA VAL GC 222 -122.33 -44.68 -76.89
C VAL GC 222 -122.56 -45.01 -78.36
N ALA GC 223 -121.48 -45.38 -79.05
CA ALA GC 223 -121.45 -45.37 -80.51
C ALA GC 223 -122.23 -46.54 -81.11
N ASN GC 224 -122.21 -47.71 -80.47
CA ASN GC 224 -122.88 -48.89 -81.00
C ASN GC 224 -124.30 -49.02 -80.48
N SER GC 225 -124.97 -47.90 -80.22
CA SER GC 225 -126.33 -47.85 -79.69
C SER GC 225 -127.34 -48.37 -80.70
N THR GC 226 -128.58 -48.50 -80.23
CA THR GC 226 -129.74 -48.62 -81.10
C THR GC 226 -130.31 -47.22 -81.25
N GLU GC 227 -130.88 -46.93 -82.43
CA GLU GC 227 -131.51 -45.63 -82.63
C GLU GC 227 -132.77 -45.50 -81.78
N ALA GC 228 -133.43 -46.62 -81.47
CA ALA GC 228 -134.55 -46.58 -80.55
C ALA GC 228 -134.13 -46.36 -79.11
N SER GC 229 -132.85 -46.58 -78.79
CA SER GC 229 -132.37 -46.32 -77.45
C SER GC 229 -131.96 -44.86 -77.27
N ARG GC 230 -131.49 -44.21 -78.34
CA ARG GC 230 -131.21 -42.78 -78.27
C ARG GC 230 -132.49 -41.96 -78.35
N LYS GC 231 -133.50 -42.47 -79.08
CA LYS GC 231 -134.79 -41.81 -79.12
C LYS GC 231 -135.51 -41.89 -77.79
N SER GC 232 -135.35 -43.02 -77.09
CA SER GC 232 -136.01 -43.19 -75.80
C SER GC 232 -135.36 -42.36 -74.71
N LEU GC 233 -134.05 -42.10 -74.81
CA LEU GC 233 -133.39 -41.25 -73.83
C LEU GC 233 -133.78 -39.79 -74.02
N TYR GC 234 -133.94 -39.35 -75.26
CA TYR GC 234 -134.37 -37.98 -75.52
C TYR GC 234 -135.82 -37.79 -75.10
N ASP GC 235 -136.68 -38.76 -75.38
CA ASP GC 235 -138.11 -38.67 -75.08
C ASP GC 235 -138.40 -38.64 -73.60
N LEU GC 236 -137.54 -39.24 -72.76
CA LEU GC 236 -137.74 -39.15 -71.32
C LEU GC 236 -137.28 -37.80 -70.79
N THR GC 237 -136.14 -37.30 -71.29
CA THR GC 237 -135.64 -36.00 -70.84
C THR GC 237 -136.49 -34.86 -71.37
N LYS GC 238 -137.12 -35.04 -72.54
CA LYS GC 238 -138.07 -34.05 -73.03
C LYS GC 238 -139.30 -33.98 -72.13
N SER GC 239 -139.71 -35.12 -71.58
CA SER GC 239 -140.87 -35.14 -70.69
C SER GC 239 -140.50 -34.92 -69.24
N LEU GC 240 -139.22 -35.08 -68.88
CA LEU GC 240 -138.81 -34.82 -67.50
C LEU GC 240 -138.80 -33.32 -67.22
N VAL GC 241 -138.25 -32.52 -68.13
CA VAL GC 241 -138.22 -31.07 -67.98
C VAL GC 241 -139.63 -30.51 -68.07
N ALA GC 242 -140.51 -31.13 -68.84
CA ALA GC 242 -141.86 -30.64 -69.02
C ALA GC 242 -142.77 -30.91 -67.82
N THR GC 243 -142.32 -31.67 -66.82
CA THR GC 243 -143.15 -31.93 -65.66
C THR GC 243 -143.22 -30.69 -64.76
N SER GC 244 -144.23 -30.69 -63.89
CA SER GC 244 -144.39 -29.61 -62.93
C SER GC 244 -143.58 -29.82 -61.67
N GLN GC 245 -142.88 -30.95 -61.55
CA GLN GC 245 -142.02 -31.17 -60.38
C GLN GC 245 -140.66 -30.54 -60.60
N VAL GC 246 -140.14 -30.58 -61.83
CA VAL GC 246 -138.87 -29.92 -62.14
C VAL GC 246 -139.07 -28.43 -62.33
N GLU GC 247 -140.29 -28.00 -62.66
CA GLU GC 247 -140.59 -26.58 -62.70
C GLU GC 247 -140.46 -25.96 -61.32
N ASP GC 248 -141.04 -26.60 -60.31
CA ASP GC 248 -140.94 -26.11 -58.94
C ASP GC 248 -139.57 -26.37 -58.32
N LEU GC 249 -138.77 -27.27 -58.90
CA LEU GC 249 -137.43 -27.50 -58.37
C LEU GC 249 -136.48 -26.38 -58.77
N VAL GC 250 -136.68 -25.78 -59.94
CA VAL GC 250 -135.82 -24.70 -60.38
C VAL GC 250 -136.37 -23.34 -59.95
N VAL GC 251 -137.68 -23.14 -60.04
CA VAL GC 251 -138.27 -21.85 -59.68
C VAL GC 251 -138.33 -21.68 -58.17
N ASN GC 252 -138.79 -22.71 -57.45
CA ASN GC 252 -139.08 -22.59 -56.03
C ASN GC 252 -138.26 -23.49 -55.12
N LEU GC 253 -137.31 -24.27 -55.68
CA LEU GC 253 -136.40 -25.16 -54.95
C LEU GC 253 -137.13 -26.23 -54.13
N VAL GC 254 -138.30 -26.66 -54.59
CA VAL GC 254 -139.03 -27.76 -53.95
C VAL GC 254 -138.43 -29.07 -54.45
N PRO GC 255 -138.07 -30.01 -53.56
CA PRO GC 255 -137.47 -31.27 -54.01
C PRO GC 255 -138.48 -32.15 -54.74
N LEU GC 256 -137.94 -33.09 -55.51
CA LEU GC 256 -138.75 -33.93 -56.37
C LEU GC 256 -139.48 -35.01 -55.56
N GLY GC 257 -140.54 -35.54 -56.15
CA GLY GC 257 -141.26 -36.65 -55.55
C GLY GC 257 -142.50 -36.26 -54.79
N ARG GC 258 -143.65 -36.75 -55.24
CA ARG GC 258 -144.91 -36.51 -54.56
C ARG GC 258 -145.71 -37.80 -54.40
N SER HC 1 -82.24 -67.04 -110.22
CA SER HC 1 -82.38 -65.65 -109.79
C SER HC 1 -82.10 -64.71 -110.95
N LYS HC 2 -81.18 -63.77 -110.75
CA LYS HC 2 -80.80 -62.79 -111.76
C LYS HC 2 -79.48 -63.23 -112.39
N THR HC 3 -79.44 -63.28 -113.71
CA THR HC 3 -78.33 -63.88 -114.43
C THR HC 3 -77.68 -62.88 -115.39
N ILE HC 4 -76.38 -63.08 -115.63
CA ILE HC 4 -75.65 -62.45 -116.72
C ILE HC 4 -75.10 -63.57 -117.60
N VAL HC 5 -75.25 -63.42 -118.91
CA VAL HC 5 -74.80 -64.41 -119.87
C VAL HC 5 -73.59 -63.85 -120.61
N LEU HC 6 -72.48 -64.58 -120.59
CA LEU HC 6 -71.24 -64.16 -121.22
C LEU HC 6 -70.88 -65.18 -122.30
N SER HC 7 -71.11 -64.82 -123.55
CA SER HC 7 -70.83 -65.72 -124.66
C SER HC 7 -69.35 -65.66 -125.01
N VAL HC 8 -68.68 -66.82 -124.96
CA VAL HC 8 -67.23 -66.93 -125.07
C VAL HC 8 -67.02 -67.63 -126.41
N GLY HC 9 -67.92 -67.34 -127.35
CA GLY HC 9 -67.96 -68.02 -128.63
C GLY HC 9 -69.34 -68.57 -128.86
N GLU HC 10 -69.47 -69.90 -128.87
CA GLU HC 10 -70.77 -70.53 -128.77
C GLU HC 10 -71.05 -71.06 -127.37
N ALA HC 11 -70.03 -71.19 -126.54
CA ALA HC 11 -70.22 -71.60 -125.15
C ALA HC 11 -70.66 -70.40 -124.32
N THR HC 12 -71.81 -70.51 -123.67
CA THR HC 12 -72.35 -69.45 -122.84
C THR HC 12 -72.11 -69.80 -121.38
N ARG HC 13 -71.59 -68.84 -120.61
CA ARG HC 13 -71.26 -69.04 -119.21
C ARG HC 13 -72.17 -68.13 -118.38
N THR HC 14 -73.15 -68.73 -117.72
CA THR HC 14 -74.20 -67.99 -117.03
C THR HC 14 -73.86 -67.85 -115.54
N LEU HC 15 -73.73 -66.62 -115.08
CA LEU HC 15 -73.46 -66.32 -113.69
C LEU HC 15 -74.73 -65.88 -112.97
N THR HC 16 -75.03 -66.54 -111.85
CA THR HC 16 -76.22 -66.23 -111.09
C THR HC 16 -75.85 -65.42 -109.86
N GLU HC 17 -76.80 -64.64 -109.37
CA GLU HC 17 -76.55 -63.70 -108.29
C GLU HC 17 -76.59 -64.39 -106.94
N ILE HC 18 -75.58 -64.12 -106.11
CA ILE HC 18 -75.51 -64.67 -104.76
C ILE HC 18 -75.56 -63.61 -103.68
N GLN HC 19 -75.61 -62.32 -104.04
CA GLN HC 19 -75.65 -61.26 -103.05
C GLN HC 19 -76.24 -60.01 -103.69
N SER HC 20 -77.04 -59.27 -102.91
CA SER HC 20 -77.64 -58.02 -103.37
C SER HC 20 -77.71 -57.09 -102.18
N THR HC 21 -76.69 -56.27 -102.00
CA THR HC 21 -76.68 -55.26 -100.95
C THR HC 21 -77.23 -53.98 -101.58
N ALA HC 22 -77.11 -52.84 -100.90
CA ALA HC 22 -77.58 -51.58 -101.48
C ALA HC 22 -76.70 -51.14 -102.64
N ASP HC 23 -75.40 -51.38 -102.55
CA ASP HC 23 -74.48 -51.06 -103.63
C ASP HC 23 -73.77 -52.29 -104.21
N ARG HC 24 -73.23 -53.15 -103.36
CA ARG HC 24 -72.51 -54.33 -103.85
C ARG HC 24 -73.48 -55.37 -104.36
N GLN HC 25 -73.02 -56.14 -105.36
CA GLN HC 25 -73.90 -57.06 -106.07
C GLN HC 25 -73.02 -58.15 -106.67
N ILE HC 26 -73.00 -59.31 -106.03
CA ILE HC 26 -72.02 -60.35 -106.31
C ILE HC 26 -72.67 -61.45 -107.14
N PHE HC 27 -72.03 -61.81 -108.24
CA PHE HC 27 -72.45 -62.90 -109.10
C PHE HC 27 -71.44 -64.03 -109.02
N GLU HC 28 -71.86 -65.22 -109.45
CA GLU HC 28 -71.01 -66.40 -109.36
C GLU HC 28 -71.58 -67.46 -110.30
N GLU HC 29 -70.68 -68.19 -110.96
CA GLU HC 29 -71.07 -69.30 -111.81
C GLU HC 29 -71.28 -70.52 -110.93
N LYS HC 30 -72.18 -71.41 -111.36
CA LYS HC 30 -72.64 -72.49 -110.50
C LYS HC 30 -72.21 -73.88 -110.94
N VAL HC 31 -71.56 -74.03 -112.08
CA VAL HC 31 -71.12 -75.35 -112.51
C VAL HC 31 -69.69 -75.60 -112.02
N GLY HC 32 -69.38 -76.86 -111.77
CA GLY HC 32 -68.05 -77.25 -111.38
C GLY HC 32 -67.90 -77.47 -109.90
N PRO HC 33 -66.66 -77.51 -109.41
CA PRO HC 33 -66.43 -77.62 -107.96
C PRO HC 33 -66.84 -76.38 -107.20
N LEU HC 34 -66.95 -76.50 -105.88
CA LEU HC 34 -67.48 -75.43 -105.05
C LEU HC 34 -66.42 -74.50 -104.50
N VAL HC 35 -65.14 -74.74 -104.78
CA VAL HC 35 -64.08 -73.98 -104.15
C VAL HC 35 -63.55 -72.88 -105.08
N GLY HC 36 -63.54 -73.11 -106.39
CA GLY HC 36 -63.10 -72.08 -107.31
C GLY HC 36 -64.07 -71.88 -108.46
N ARG HC 37 -64.68 -70.70 -108.53
CA ARG HC 37 -65.65 -70.37 -109.56
C ARG HC 37 -65.43 -68.93 -110.00
N LEU HC 38 -66.11 -68.54 -111.09
CA LEU HC 38 -66.11 -67.15 -111.50
C LEU HC 38 -66.79 -66.27 -110.47
N ARG HC 39 -66.43 -65.00 -110.47
CA ARG HC 39 -66.93 -64.06 -109.49
C ARG HC 39 -67.00 -62.69 -110.14
N LEU HC 40 -68.10 -61.99 -109.93
CA LEU HC 40 -68.32 -60.69 -110.56
C LEU HC 40 -68.91 -59.77 -109.50
N THR HC 41 -68.10 -58.86 -109.00
CA THR HC 41 -68.49 -57.99 -107.89
C THR HC 41 -68.79 -56.62 -108.46
N ALA HC 42 -70.05 -56.39 -108.83
CA ALA HC 42 -70.48 -55.11 -109.33
C ALA HC 42 -70.79 -54.16 -108.17
N SER HC 43 -70.77 -52.86 -108.48
CA SER HC 43 -71.00 -51.83 -107.48
C SER HC 43 -71.44 -50.56 -108.19
N LEU HC 44 -71.96 -49.62 -107.41
CA LEU HC 44 -72.35 -48.31 -107.89
C LEU HC 44 -72.42 -47.37 -106.70
N ARG HC 45 -71.96 -46.14 -106.89
CA ARG HC 45 -71.92 -45.15 -105.82
C ARG HC 45 -72.25 -43.78 -106.40
N GLN HC 46 -72.29 -42.78 -105.50
CA GLN HC 46 -72.23 -41.37 -105.91
C GLN HC 46 -71.53 -40.61 -104.80
N ASN HC 47 -70.22 -40.43 -104.96
CA ASN HC 47 -69.39 -39.87 -103.90
C ASN HC 47 -69.30 -38.36 -104.03
N GLY HC 48 -69.13 -37.70 -102.89
CA GLY HC 48 -69.03 -36.26 -102.85
C GLY HC 48 -70.38 -35.59 -102.70
N ALA HC 49 -70.58 -34.46 -103.37
CA ALA HC 49 -71.84 -33.74 -103.30
C ALA HC 49 -72.78 -34.15 -104.44
N LYS HC 50 -72.94 -35.48 -104.56
CA LYS HC 50 -73.92 -36.13 -105.43
C LYS HC 50 -73.78 -35.73 -106.90
N THR HC 51 -72.55 -35.45 -107.35
CA THR HC 51 -72.33 -34.94 -108.69
C THR HC 51 -71.70 -35.93 -109.65
N ALA HC 52 -71.14 -37.03 -109.17
CA ALA HC 52 -70.47 -38.00 -110.02
C ALA HC 52 -70.73 -39.40 -109.48
N TYR HC 53 -71.00 -40.33 -110.39
CA TYR HC 53 -71.18 -41.73 -110.02
C TYR HC 53 -69.87 -42.48 -110.15
N ARG HC 54 -69.88 -43.74 -109.71
CA ARG HC 54 -68.66 -44.55 -109.74
C ARG HC 54 -69.06 -46.01 -109.89
N VAL HC 55 -68.97 -46.53 -111.10
CA VAL HC 55 -69.16 -47.95 -111.36
C VAL HC 55 -67.86 -48.68 -111.09
N ASN HC 56 -67.94 -49.88 -110.53
CA ASN HC 56 -66.74 -50.62 -110.13
C ASN HC 56 -67.01 -52.11 -110.30
N LEU HC 57 -66.63 -52.66 -111.44
CA LEU HC 57 -66.73 -54.08 -111.69
C LEU HC 57 -65.43 -54.78 -111.30
N LYS HC 58 -65.52 -56.10 -111.07
CA LYS HC 58 -64.34 -56.88 -110.70
C LYS HC 58 -64.61 -58.34 -111.08
N LEU HC 59 -64.00 -58.78 -112.16
CA LEU HC 59 -64.18 -60.14 -112.66
C LEU HC 59 -63.02 -61.01 -112.16
N ASP HC 60 -63.24 -61.72 -111.06
CA ASP HC 60 -62.26 -62.65 -110.55
C ASP HC 60 -62.25 -63.93 -111.38
N GLN HC 61 -61.16 -64.67 -111.29
CA GLN HC 61 -61.06 -65.99 -111.92
C GLN HC 61 -59.97 -66.77 -111.22
N ALA HC 62 -60.33 -67.89 -110.63
CA ALA HC 62 -59.38 -68.76 -109.94
C ALA HC 62 -59.17 -70.01 -110.77
N ASP HC 63 -57.92 -70.50 -110.78
CA ASP HC 63 -57.57 -71.72 -111.49
C ASP HC 63 -57.52 -72.85 -110.47
N VAL HC 64 -58.56 -73.66 -110.44
CA VAL HC 64 -58.68 -74.75 -109.49
C VAL HC 64 -58.11 -76.01 -110.14
N VAL HC 65 -57.41 -76.82 -109.35
CA VAL HC 65 -56.84 -78.07 -109.82
C VAL HC 65 -57.23 -79.18 -108.84
N ASP HC 66 -57.60 -80.33 -109.37
CA ASP HC 66 -57.97 -81.49 -108.56
C ASP HC 66 -57.28 -82.73 -109.13
N CYS HC 67 -56.35 -83.29 -108.37
CA CYS HC 67 -55.61 -84.49 -108.74
C CYS HC 67 -55.65 -85.51 -107.62
N SER HC 68 -56.86 -85.81 -107.13
CA SER HC 68 -57.04 -86.92 -106.20
C SER HC 68 -56.75 -88.27 -106.83
N THR HC 69 -56.82 -88.37 -108.16
CA THR HC 69 -56.43 -89.61 -108.83
C THR HC 69 -54.90 -89.72 -108.92
N SER HC 70 -54.19 -88.60 -108.79
CA SER HC 70 -52.73 -88.63 -108.83
C SER HC 70 -52.15 -89.01 -107.47
N VAL HC 71 -52.39 -88.18 -106.46
CA VAL HC 71 -52.02 -88.49 -105.09
C VAL HC 71 -53.30 -88.83 -104.32
N CYS HC 72 -53.26 -89.95 -103.59
CA CYS HC 72 -54.46 -90.46 -102.94
C CYS HC 72 -54.78 -89.64 -101.70
N GLY HC 73 -55.93 -88.97 -101.71
CA GLY HC 73 -56.45 -88.32 -100.53
C GLY HC 73 -56.37 -86.81 -100.49
N GLU HC 74 -56.24 -86.14 -101.63
CA GLU HC 74 -56.28 -84.68 -101.63
C GLU HC 74 -57.61 -84.21 -102.19
N LEU HC 75 -57.89 -82.93 -101.97
CA LEU HC 75 -59.16 -82.30 -102.33
C LEU HC 75 -58.88 -81.24 -103.39
N PRO HC 76 -59.91 -80.73 -104.08
CA PRO HC 76 -59.67 -79.62 -105.01
C PRO HC 76 -59.20 -78.35 -104.31
N LYS HC 77 -58.41 -77.57 -105.04
CA LYS HC 77 -57.67 -76.46 -104.47
C LYS HC 77 -57.33 -75.49 -105.59
N VAL HC 78 -57.31 -74.20 -105.28
CA VAL HC 78 -57.00 -73.16 -106.26
C VAL HC 78 -55.53 -72.81 -106.18
N ARG HC 79 -54.89 -72.66 -107.34
CA ARG HC 79 -53.49 -72.23 -107.36
C ARG HC 79 -53.38 -70.72 -107.24
N TYR HC 80 -53.94 -70.00 -108.21
CA TYR HC 80 -53.78 -68.55 -108.31
C TYR HC 80 -55.12 -67.92 -108.67
N THR HC 81 -55.14 -66.59 -108.67
CA THR HC 81 -56.32 -65.82 -109.01
C THR HC 81 -55.93 -64.66 -109.91
N GLN HC 82 -56.63 -64.52 -111.03
CA GLN HC 82 -56.39 -63.45 -111.99
C GLN HC 82 -57.65 -62.62 -112.12
N VAL HC 83 -57.54 -61.32 -111.89
CA VAL HC 83 -58.70 -60.44 -111.85
C VAL HC 83 -58.66 -59.48 -113.05
N TRP HC 84 -59.77 -58.77 -113.25
CA TRP HC 84 -59.84 -57.67 -114.21
C TRP HC 84 -60.86 -56.69 -113.66
N SER HC 85 -60.38 -55.62 -113.03
CA SER HC 85 -61.27 -54.63 -112.46
C SER HC 85 -61.62 -53.57 -113.50
N HIS HC 86 -62.64 -52.79 -113.18
CA HIS HC 86 -63.02 -51.61 -113.95
C HIS HC 86 -63.36 -50.51 -112.96
N ASP HC 87 -63.09 -49.26 -113.35
CA ASP HC 87 -63.39 -48.12 -112.49
C ASP HC 87 -63.89 -46.99 -113.38
N VAL HC 88 -65.19 -46.93 -113.55
CA VAL HC 88 -65.83 -45.95 -114.44
C VAL HC 88 -66.29 -44.77 -113.61
N THR HC 89 -66.01 -43.56 -114.08
CA THR HC 89 -66.45 -42.34 -113.43
C THR HC 89 -67.39 -41.61 -114.36
N ILE HC 90 -68.64 -41.42 -113.94
CA ILE HC 90 -69.67 -40.78 -114.74
C ILE HC 90 -70.20 -39.59 -113.97
N VAL HC 91 -70.07 -38.41 -114.56
CA VAL HC 91 -70.62 -37.20 -113.94
C VAL HC 91 -72.11 -37.11 -114.25
N ALA HC 92 -72.88 -36.57 -113.30
CA ALA HC 92 -74.32 -36.77 -113.28
C ALA HC 92 -75.05 -35.92 -114.31
N ASN HC 93 -74.50 -34.76 -114.67
CA ASN HC 93 -75.15 -33.85 -115.62
C ASN HC 93 -74.65 -34.06 -117.05
N SER HC 94 -74.29 -35.29 -117.41
CA SER HC 94 -73.69 -35.57 -118.70
C SER HC 94 -74.72 -35.53 -119.82
N THR HC 95 -74.22 -35.63 -121.04
CA THR HC 95 -75.05 -35.90 -122.20
C THR HC 95 -75.12 -37.41 -122.38
N GLU HC 96 -76.23 -37.89 -122.95
CA GLU HC 96 -76.35 -39.32 -123.17
C GLU HC 96 -75.43 -39.79 -124.29
N ALA HC 97 -75.09 -38.91 -125.23
CA ALA HC 97 -74.13 -39.27 -126.26
C ALA HC 97 -72.70 -39.27 -125.74
N SER HC 98 -72.45 -38.61 -124.61
CA SER HC 98 -71.13 -38.68 -123.99
C SER HC 98 -70.94 -39.99 -123.26
N ARG HC 99 -71.97 -40.46 -122.56
CA ARG HC 99 -71.92 -41.75 -121.90
C ARG HC 99 -71.95 -42.90 -122.88
N LYS HC 100 -72.58 -42.73 -124.04
CA LYS HC 100 -72.61 -43.79 -125.04
C LYS HC 100 -71.28 -43.89 -125.77
N SER HC 101 -70.62 -42.75 -126.00
CA SER HC 101 -69.33 -42.77 -126.71
C SER HC 101 -68.22 -43.33 -125.83
N LEU HC 102 -68.28 -43.07 -124.52
CA LEU HC 102 -67.28 -43.63 -123.61
C LEU HC 102 -67.40 -45.14 -123.52
N TYR HC 103 -68.63 -45.66 -123.57
CA TYR HC 103 -68.82 -47.10 -123.59
C TYR HC 103 -68.38 -47.70 -124.93
N ASP HC 104 -68.63 -47.00 -126.04
CA ASP HC 104 -68.29 -47.52 -127.35
C ASP HC 104 -66.78 -47.53 -127.60
N LEU HC 105 -66.03 -46.66 -126.94
CA LEU HC 105 -64.58 -46.69 -127.10
C LEU HC 105 -63.94 -47.79 -126.28
N THR HC 106 -64.44 -48.03 -125.06
CA THR HC 106 -63.88 -49.07 -124.22
C THR HC 106 -64.29 -50.46 -124.71
N LYS HC 107 -65.48 -50.58 -125.29
CA LYS HC 107 -65.88 -51.83 -125.94
C LYS HC 107 -64.99 -52.12 -127.14
N SER HC 108 -64.51 -51.08 -127.83
CA SER HC 108 -63.58 -51.25 -128.93
C SER HC 108 -62.13 -51.27 -128.49
N LEU HC 109 -61.83 -50.74 -127.30
CA LEU HC 109 -60.47 -50.87 -126.77
C LEU HC 109 -60.15 -52.31 -126.43
N VAL HC 110 -61.07 -52.99 -125.74
CA VAL HC 110 -60.83 -54.35 -125.31
C VAL HC 110 -60.86 -55.31 -126.49
N ALA HC 111 -61.67 -55.02 -127.51
CA ALA HC 111 -61.83 -55.92 -128.63
C ALA HC 111 -60.73 -55.82 -129.67
N THR HC 112 -59.70 -55.00 -129.47
CA THR HC 112 -58.64 -54.90 -130.46
C THR HC 112 -57.56 -55.94 -130.19
N SER HC 113 -56.69 -56.12 -131.19
CA SER HC 113 -55.64 -57.13 -131.10
C SER HC 113 -54.41 -56.66 -130.35
N GLN HC 114 -54.35 -55.40 -129.95
CA GLN HC 114 -53.18 -54.92 -129.23
C GLN HC 114 -53.35 -55.03 -127.73
N VAL HC 115 -54.59 -54.95 -127.24
CA VAL HC 115 -54.84 -55.16 -125.82
C VAL HC 115 -54.87 -56.65 -125.51
N GLU HC 116 -55.26 -57.47 -126.49
CA GLU HC 116 -55.23 -58.92 -126.32
C GLU HC 116 -53.81 -59.42 -126.11
N ASP HC 117 -52.85 -58.93 -126.89
CA ASP HC 117 -51.46 -59.33 -126.69
C ASP HC 117 -50.85 -58.66 -125.47
N LEU HC 118 -51.46 -57.61 -124.94
CA LEU HC 118 -50.94 -56.96 -123.74
C LEU HC 118 -51.18 -57.79 -122.49
N VAL HC 119 -52.27 -58.56 -122.46
CA VAL HC 119 -52.58 -59.33 -121.26
C VAL HC 119 -52.21 -60.80 -121.46
N VAL HC 120 -52.25 -61.29 -122.69
CA VAL HC 120 -51.90 -62.69 -122.92
C VAL HC 120 -50.39 -62.86 -123.01
N ASN HC 121 -49.74 -62.13 -123.92
CA ASN HC 121 -48.32 -62.31 -124.19
C ASN HC 121 -47.47 -61.15 -123.67
N LEU HC 122 -48.05 -60.21 -122.93
CA LEU HC 122 -47.38 -59.09 -122.27
C LEU HC 122 -46.67 -58.16 -123.25
N VAL HC 123 -47.11 -58.11 -124.50
CA VAL HC 123 -46.53 -57.22 -125.50
C VAL HC 123 -47.03 -55.81 -125.25
N PRO HC 124 -46.16 -54.79 -125.28
CA PRO HC 124 -46.64 -53.41 -125.07
C PRO HC 124 -47.49 -52.91 -126.23
N LEU HC 125 -48.09 -51.75 -126.01
CA LEU HC 125 -49.09 -51.22 -126.93
C LEU HC 125 -48.43 -50.43 -128.06
N GLY HC 126 -49.16 -50.32 -129.17
CA GLY HC 126 -48.71 -49.52 -130.29
C GLY HC 126 -47.94 -50.29 -131.34
N ARG HC 127 -48.44 -50.26 -132.58
CA ARG HC 127 -47.75 -50.87 -133.71
C ARG HC 127 -47.63 -49.83 -134.80
N ALA HC 128 -46.39 -49.52 -135.19
CA ALA HC 128 -46.14 -48.50 -136.20
C ALA HC 128 -46.38 -49.08 -137.59
N TYR HC 129 -47.51 -48.71 -138.20
CA TYR HC 129 -47.85 -49.11 -139.56
C TYR HC 129 -47.74 -47.87 -140.45
N GLY HC 130 -46.53 -47.60 -140.93
CA GLY HC 130 -46.28 -46.45 -141.77
C GLY HC 130 -46.44 -45.13 -141.05
N GLY HC 131 -45.56 -44.85 -140.11
CA GLY HC 131 -45.65 -43.62 -139.33
C GLY HC 131 -45.23 -43.82 -137.90
N SER HC 132 -46.03 -43.32 -136.96
CA SER HC 132 -45.73 -43.47 -135.54
C SER HC 132 -46.54 -44.62 -134.95
N LYS HC 133 -46.32 -44.87 -133.67
CA LYS HC 133 -47.02 -45.95 -132.97
C LYS HC 133 -48.45 -45.53 -132.70
N THR HC 134 -49.40 -46.24 -133.31
CA THR HC 134 -50.80 -45.86 -133.27
C THR HC 134 -51.67 -47.00 -132.75
N ILE HC 135 -52.80 -46.62 -132.17
CA ILE HC 135 -53.88 -47.56 -131.82
C ILE HC 135 -55.12 -47.08 -132.57
N VAL HC 136 -55.84 -48.00 -133.19
CA VAL HC 136 -57.06 -47.67 -133.91
C VAL HC 136 -58.24 -48.23 -133.14
N LEU HC 137 -59.15 -47.36 -132.71
CA LEU HC 137 -60.35 -47.73 -131.98
C LEU HC 137 -61.55 -47.47 -132.88
N SER HC 138 -61.89 -48.45 -133.71
CA SER HC 138 -63.00 -48.28 -134.64
C SER HC 138 -64.34 -48.43 -133.92
N VAL HC 139 -65.27 -47.54 -134.25
CA VAL HC 139 -66.59 -47.50 -133.61
C VAL HC 139 -67.57 -47.88 -134.73
N GLY HC 140 -67.13 -48.79 -135.59
CA GLY HC 140 -67.90 -49.13 -136.77
C GLY HC 140 -67.19 -48.66 -138.03
N GLU HC 141 -67.73 -47.63 -138.68
CA GLU HC 141 -67.06 -46.99 -139.79
C GLU HC 141 -66.23 -45.79 -139.36
N ALA HC 142 -66.49 -45.23 -138.18
CA ALA HC 142 -65.65 -44.16 -137.66
C ALA HC 142 -64.46 -44.76 -136.93
N THR HC 143 -63.26 -44.35 -137.34
CA THR HC 143 -62.02 -44.83 -136.74
C THR HC 143 -61.34 -43.66 -136.04
N ARG HC 144 -60.97 -43.86 -134.78
CA ARG HC 144 -60.32 -42.81 -133.99
C ARG HC 144 -58.91 -43.30 -133.65
N THR HC 145 -57.92 -42.74 -134.33
CA THR HC 145 -56.54 -43.21 -134.25
C THR HC 145 -55.77 -42.39 -133.21
N LEU HC 146 -55.26 -43.06 -132.18
CA LEU HC 146 -54.48 -42.40 -131.15
C LEU HC 146 -52.99 -42.66 -131.35
N THR HC 147 -52.23 -41.57 -131.44
CA THR HC 147 -50.79 -41.65 -131.65
C THR HC 147 -50.06 -41.46 -130.34
N GLU HC 148 -48.93 -42.15 -130.21
CA GLU HC 148 -48.18 -42.15 -128.95
C GLU HC 148 -47.44 -40.83 -128.78
N ILE HC 149 -47.54 -40.26 -127.58
CA ILE HC 149 -46.90 -38.98 -127.29
C ILE HC 149 -45.76 -39.09 -126.28
N GLN HC 150 -45.70 -40.16 -125.49
CA GLN HC 150 -44.68 -40.32 -124.47
C GLN HC 150 -44.59 -41.78 -124.08
N SER HC 151 -43.38 -42.32 -124.07
CA SER HC 151 -43.14 -43.70 -123.66
C SER HC 151 -42.06 -43.68 -122.57
N THR HC 152 -42.49 -43.51 -121.33
CA THR HC 152 -41.58 -43.52 -120.19
C THR HC 152 -41.31 -44.98 -119.83
N ALA HC 153 -40.48 -45.22 -118.81
CA ALA HC 153 -40.17 -46.59 -118.40
C ALA HC 153 -41.37 -47.27 -117.76
N ASP HC 154 -42.26 -46.48 -117.14
CA ASP HC 154 -43.49 -47.01 -116.56
C ASP HC 154 -44.72 -46.73 -117.43
N ARG HC 155 -44.97 -45.47 -117.78
CA ARG HC 155 -46.18 -45.11 -118.49
C ARG HC 155 -45.99 -45.23 -119.99
N GLN HC 156 -47.12 -45.20 -120.70
CA GLN HC 156 -47.11 -45.18 -122.16
C GLN HC 156 -48.38 -44.46 -122.60
N ILE HC 157 -48.27 -43.15 -122.86
CA ILE HC 157 -49.42 -42.28 -123.05
C ILE HC 157 -49.72 -42.15 -124.52
N PHE HC 158 -50.97 -42.41 -124.89
CA PHE HC 158 -51.46 -42.20 -126.24
C PHE HC 158 -52.46 -41.04 -126.23
N GLU HC 159 -52.70 -40.47 -127.39
CA GLU HC 159 -53.54 -39.29 -127.50
C GLU HC 159 -53.98 -39.12 -128.94
N GLU HC 160 -55.24 -38.73 -129.14
CA GLU HC 160 -55.71 -38.38 -130.46
C GLU HC 160 -55.16 -37.01 -130.86
N LYS HC 161 -55.14 -36.74 -132.16
CA LYS HC 161 -54.47 -35.54 -132.66
C LYS HC 161 -55.38 -34.59 -133.43
N VAL HC 162 -56.56 -35.01 -133.82
CA VAL HC 162 -57.46 -34.10 -134.54
C VAL HC 162 -58.20 -33.23 -133.53
N GLY HC 163 -58.73 -32.10 -134.02
CA GLY HC 163 -59.53 -31.22 -133.21
C GLY HC 163 -58.72 -30.22 -132.41
N PRO HC 164 -59.34 -29.62 -131.40
CA PRO HC 164 -58.63 -28.65 -130.56
C PRO HC 164 -57.60 -29.33 -129.66
N LEU HC 165 -56.78 -28.50 -129.03
CA LEU HC 165 -55.70 -28.99 -128.17
C LEU HC 165 -56.10 -29.09 -126.71
N VAL HC 166 -57.25 -28.55 -126.32
CA VAL HC 166 -57.60 -28.52 -124.91
C VAL HC 166 -58.19 -29.85 -124.43
N GLY HC 167 -59.06 -30.49 -125.23
CA GLY HC 167 -59.63 -31.76 -124.84
C GLY HC 167 -59.45 -32.81 -125.91
N ARG HC 168 -58.67 -33.84 -125.61
CA ARG HC 168 -58.44 -34.93 -126.55
C ARG HC 168 -58.50 -36.25 -125.81
N LEU HC 169 -58.57 -37.33 -126.58
CA LEU HC 169 -58.59 -38.66 -126.00
C LEU HC 169 -57.25 -39.00 -125.36
N ARG HC 170 -57.29 -39.94 -124.43
CA ARG HC 170 -56.09 -40.34 -123.70
C ARG HC 170 -56.11 -41.85 -123.51
N LEU HC 171 -54.92 -42.43 -123.40
CA LEU HC 171 -54.79 -43.85 -123.09
C LEU HC 171 -53.44 -44.01 -122.41
N THR HC 172 -53.44 -44.05 -121.08
CA THR HC 172 -52.20 -44.16 -120.31
C THR HC 172 -52.07 -45.59 -119.82
N ALA HC 173 -51.47 -46.43 -120.65
CA ALA HC 173 -51.19 -47.80 -120.23
C ALA HC 173 -50.00 -47.84 -119.28
N SER HC 174 -49.89 -48.93 -118.54
CA SER HC 174 -48.78 -49.14 -117.63
C SER HC 174 -48.61 -50.64 -117.43
N LEU HC 175 -47.49 -51.01 -116.80
CA LEU HC 175 -47.17 -52.41 -116.57
C LEU HC 175 -46.14 -52.47 -115.45
N ARG HC 176 -46.49 -53.17 -114.36
CA ARG HC 176 -45.60 -53.27 -113.21
C ARG HC 176 -45.46 -54.74 -112.84
N GLN HC 177 -44.61 -55.00 -111.85
CA GLN HC 177 -44.57 -56.29 -111.16
C GLN HC 177 -44.13 -56.05 -109.74
N ASN HC 178 -45.04 -56.23 -108.79
CA ASN HC 178 -44.79 -55.95 -107.39
C ASN HC 178 -44.54 -57.24 -106.62
N GLY HC 179 -43.60 -57.18 -105.69
CA GLY HC 179 -43.27 -58.32 -104.87
C GLY HC 179 -42.06 -59.07 -105.39
N ALA HC 180 -42.03 -60.38 -105.18
CA ALA HC 180 -40.90 -61.20 -105.63
C ALA HC 180 -41.13 -61.75 -107.03
N LYS HC 181 -41.47 -60.85 -107.97
CA LYS HC 181 -41.60 -61.13 -109.40
C LYS HC 181 -42.63 -62.22 -109.69
N THR HC 182 -43.71 -62.28 -108.89
CA THR HC 182 -44.71 -63.32 -109.05
C THR HC 182 -45.95 -62.88 -109.82
N ALA HC 183 -46.29 -61.59 -109.81
CA ALA HC 183 -47.53 -61.14 -110.43
C ALA HC 183 -47.29 -59.83 -111.15
N TYR HC 184 -47.91 -59.69 -112.32
CA TYR HC 184 -47.85 -58.46 -113.09
C TYR HC 184 -49.05 -57.57 -112.76
N ARG HC 185 -49.08 -56.39 -113.36
CA ARG HC 185 -50.17 -55.44 -113.12
C ARG HC 185 -50.32 -54.56 -114.35
N VAL HC 186 -51.28 -54.89 -115.20
CA VAL HC 186 -51.61 -54.07 -116.36
C VAL HC 186 -52.62 -53.02 -115.93
N ASN HC 187 -52.48 -51.80 -116.45
CA ASN HC 187 -53.32 -50.69 -116.01
C ASN HC 187 -53.60 -49.78 -117.19
N LEU HC 188 -54.74 -49.97 -117.84
CA LEU HC 188 -55.21 -49.07 -118.89
C LEU HC 188 -56.16 -48.04 -118.31
N LYS HC 189 -56.25 -46.89 -118.98
CA LYS HC 189 -57.08 -45.79 -118.50
C LYS HC 189 -57.39 -44.86 -119.67
N LEU HC 190 -58.66 -44.72 -120.00
CA LEU HC 190 -59.08 -43.90 -121.14
C LEU HC 190 -59.85 -42.69 -120.63
N ASP HC 191 -59.28 -41.50 -120.82
CA ASP HC 191 -59.93 -40.26 -120.45
C ASP HC 191 -60.66 -39.68 -121.66
N GLN HC 192 -61.88 -39.22 -121.43
CA GLN HC 192 -62.66 -38.56 -122.48
C GLN HC 192 -63.24 -37.29 -121.90
N ALA HC 193 -62.77 -36.14 -122.38
CA ALA HC 193 -63.26 -34.85 -121.94
C ALA HC 193 -64.21 -34.29 -122.98
N ASP HC 194 -65.26 -33.60 -122.50
CA ASP HC 194 -66.26 -33.01 -123.37
C ASP HC 194 -65.91 -31.54 -123.57
N VAL HC 195 -65.59 -31.17 -124.80
CA VAL HC 195 -65.19 -29.81 -125.15
C VAL HC 195 -66.33 -29.15 -125.91
N VAL HC 196 -66.53 -27.85 -125.69
CA VAL HC 196 -67.59 -27.10 -126.34
C VAL HC 196 -67.03 -25.77 -126.86
N ASP HC 197 -67.50 -25.38 -128.03
CA ASP HC 197 -67.15 -24.11 -128.64
C ASP HC 197 -68.45 -23.44 -129.05
N CYS HC 198 -68.69 -22.25 -128.51
CA CYS HC 198 -69.86 -21.47 -128.87
C CYS HC 198 -69.48 -20.08 -129.35
N SER HC 199 -68.44 -19.99 -130.20
CA SER HC 199 -68.05 -18.71 -130.77
C SER HC 199 -69.07 -18.18 -131.77
N THR HC 200 -70.00 -19.03 -132.25
CA THR HC 200 -71.08 -18.55 -133.08
C THR HC 200 -72.13 -17.80 -132.27
N SER HC 201 -72.15 -17.99 -130.95
CA SER HC 201 -73.09 -17.29 -130.08
C SER HC 201 -72.43 -16.18 -129.27
N VAL HC 202 -71.38 -16.51 -128.52
CA VAL HC 202 -70.65 -15.52 -127.72
C VAL HC 202 -69.29 -15.30 -128.37
N CYS HC 203 -69.00 -14.04 -128.69
CA CYS HC 203 -67.74 -13.70 -129.33
C CYS HC 203 -66.55 -13.82 -128.39
N GLY HC 204 -65.39 -14.15 -128.96
CA GLY HC 204 -64.17 -14.24 -128.20
C GLY HC 204 -64.09 -15.42 -127.27
N GLU HC 205 -64.85 -16.47 -127.53
CA GLU HC 205 -64.87 -17.66 -126.66
C GLU HC 205 -64.11 -18.77 -127.35
N LEU HC 206 -63.00 -19.16 -126.75
CA LEU HC 206 -62.20 -20.29 -127.19
C LEU HC 206 -62.76 -21.57 -126.55
N PRO HC 207 -62.45 -22.75 -127.12
CA PRO HC 207 -62.95 -24.00 -126.54
C PRO HC 207 -62.43 -24.26 -125.13
N LYS HC 208 -63.28 -24.92 -124.35
CA LYS HC 208 -62.95 -25.31 -122.99
C LYS HC 208 -63.64 -26.63 -122.69
N VAL HC 209 -63.18 -27.30 -121.65
CA VAL HC 209 -63.69 -28.61 -121.27
C VAL HC 209 -64.75 -28.45 -120.20
N ARG HC 210 -65.80 -29.25 -120.29
CA ARG HC 210 -66.85 -29.24 -119.27
C ARG HC 210 -66.51 -30.23 -118.14
N TYR HC 211 -66.38 -31.50 -118.49
CA TYR HC 211 -66.17 -32.57 -117.53
C TYR HC 211 -65.25 -33.62 -118.16
N THR HC 212 -64.83 -34.58 -117.35
CA THR HC 212 -64.09 -35.73 -117.85
C THR HC 212 -64.75 -37.00 -117.32
N GLN HC 213 -64.75 -38.04 -118.16
CA GLN HC 213 -65.26 -39.35 -117.78
C GLN HC 213 -64.21 -40.40 -118.10
N VAL HC 214 -63.83 -41.19 -117.10
CA VAL HC 214 -62.73 -42.13 -117.24
C VAL HC 214 -63.30 -43.54 -117.31
N TRP HC 215 -62.45 -44.48 -117.73
CA TRP HC 215 -62.74 -45.91 -117.62
C TRP HC 215 -61.39 -46.60 -117.43
N SER HC 216 -61.02 -46.80 -116.17
CA SER HC 216 -59.76 -47.44 -115.86
C SER HC 216 -59.88 -48.95 -115.99
N HIS HC 217 -58.73 -49.61 -116.00
CA HIS HC 217 -58.64 -51.07 -115.93
C HIS HC 217 -57.49 -51.43 -115.01
N ASP HC 218 -57.60 -52.60 -114.37
CA ASP HC 218 -56.53 -53.05 -113.48
C ASP HC 218 -56.51 -54.58 -113.55
N VAL HC 219 -55.65 -55.09 -114.41
CA VAL HC 219 -55.54 -56.52 -114.65
C VAL HC 219 -54.41 -57.07 -113.80
N THR HC 220 -54.64 -58.17 -113.10
CA THR HC 220 -53.63 -58.83 -112.29
C THR HC 220 -53.35 -60.20 -112.91
N ILE HC 221 -52.10 -60.41 -113.31
CA ILE HC 221 -51.69 -61.65 -113.98
C ILE HC 221 -50.48 -62.19 -113.22
N VAL HC 222 -50.60 -63.41 -112.71
CA VAL HC 222 -49.47 -64.05 -112.05
C VAL HC 222 -48.51 -64.59 -113.12
N ALA HC 223 -47.22 -64.64 -112.77
CA ALA HC 223 -46.18 -64.83 -113.77
C ALA HC 223 -46.13 -66.26 -114.27
N ASN HC 224 -46.50 -67.25 -113.45
CA ASN HC 224 -46.46 -68.64 -113.83
C ASN HC 224 -47.80 -69.17 -114.34
N SER HC 225 -48.57 -68.32 -115.03
CA SER HC 225 -49.90 -68.66 -115.51
C SER HC 225 -49.83 -69.66 -116.67
N THR HC 226 -50.98 -70.23 -116.97
CA THR HC 226 -51.18 -70.95 -118.22
C THR HC 226 -51.59 -69.93 -119.29
N GLU HC 227 -51.32 -70.25 -120.55
CA GLU HC 227 -51.73 -69.34 -121.62
C GLU HC 227 -53.23 -69.31 -121.78
N ALA HC 228 -53.89 -70.46 -121.67
CA ALA HC 228 -55.36 -70.49 -121.71
C ALA HC 228 -55.99 -69.94 -120.45
N SER HC 229 -55.21 -69.75 -119.38
CA SER HC 229 -55.72 -69.06 -118.20
C SER HC 229 -55.82 -67.55 -118.44
N ARG HC 230 -54.83 -66.98 -119.14
CA ARG HC 230 -54.88 -65.56 -119.45
C ARG HC 230 -55.75 -65.29 -120.67
N LYS HC 231 -55.88 -66.28 -121.56
CA LYS HC 231 -56.72 -66.08 -122.75
C LYS HC 231 -58.19 -66.12 -122.39
N SER HC 232 -58.56 -66.93 -121.40
CA SER HC 232 -59.96 -67.01 -121.00
C SER HC 232 -60.38 -65.81 -120.15
N LEU HC 233 -59.44 -65.26 -119.36
CA LEU HC 233 -59.74 -64.06 -118.59
C LEU HC 233 -59.96 -62.86 -119.49
N TYR HC 234 -59.19 -62.76 -120.58
CA TYR HC 234 -59.40 -61.68 -121.54
C TYR HC 234 -60.71 -61.88 -122.29
N ASP HC 235 -61.01 -63.10 -122.70
CA ASP HC 235 -62.16 -63.31 -123.56
C ASP HC 235 -63.47 -63.30 -122.79
N LEU HC 236 -63.43 -63.41 -121.46
CA LEU HC 236 -64.62 -63.19 -120.66
C LEU HC 236 -64.89 -61.71 -120.45
N THR HC 237 -63.83 -60.93 -120.20
CA THR HC 237 -63.98 -59.49 -120.01
C THR HC 237 -64.36 -58.81 -121.32
N LYS HC 238 -63.85 -59.31 -122.45
CA LYS HC 238 -64.31 -58.84 -123.75
C LYS HC 238 -65.78 -59.17 -123.95
N SER HC 239 -66.22 -60.32 -123.44
CA SER HC 239 -67.61 -60.70 -123.53
C SER HC 239 -68.47 -60.06 -122.45
N LEU HC 240 -67.85 -59.46 -121.44
CA LEU HC 240 -68.62 -58.80 -120.39
C LEU HC 240 -68.99 -57.38 -120.80
N VAL HC 241 -68.04 -56.64 -121.35
CA VAL HC 241 -68.27 -55.27 -121.80
C VAL HC 241 -69.25 -55.24 -122.97
N ALA HC 242 -69.24 -56.27 -123.81
CA ALA HC 242 -70.11 -56.30 -124.99
C ALA HC 242 -71.55 -56.69 -124.67
N THR HC 243 -71.89 -56.96 -123.40
CA THR HC 243 -73.26 -57.30 -123.08
C THR HC 243 -74.14 -56.05 -123.03
N SER HC 244 -75.44 -56.28 -123.00
CA SER HC 244 -76.39 -55.18 -122.94
C SER HC 244 -76.66 -54.70 -121.53
N GLN HC 245 -76.18 -55.42 -120.52
CA GLN HC 245 -76.42 -55.02 -119.14
C GLN HC 245 -75.35 -54.04 -118.66
N VAL HC 246 -74.11 -54.22 -119.13
CA VAL HC 246 -73.04 -53.28 -118.79
C VAL HC 246 -73.14 -52.02 -119.66
N GLU HC 247 -73.85 -52.11 -120.79
CA GLU HC 247 -74.15 -50.89 -121.54
C GLU HC 247 -75.12 -50.00 -120.76
N ASP HC 248 -76.19 -50.58 -120.24
CA ASP HC 248 -77.16 -49.83 -119.46
C ASP HC 248 -76.64 -49.47 -118.08
N LEU HC 249 -75.62 -50.17 -117.58
CA LEU HC 249 -75.02 -49.80 -116.30
C LEU HC 249 -74.23 -48.51 -116.41
N VAL HC 250 -73.66 -48.23 -117.57
CA VAL HC 250 -72.90 -47.00 -117.78
C VAL HC 250 -73.78 -45.89 -118.32
N VAL HC 251 -74.64 -46.20 -119.29
CA VAL HC 251 -75.49 -45.19 -119.90
C VAL HC 251 -76.62 -44.78 -118.96
N ASN HC 252 -77.41 -45.75 -118.49
CA ASN HC 252 -78.61 -45.45 -117.73
C ASN HC 252 -78.53 -45.80 -116.25
N LEU HC 253 -77.36 -46.25 -115.77
CA LEU HC 253 -77.11 -46.59 -114.36
C LEU HC 253 -78.03 -47.68 -113.82
N VAL HC 254 -78.53 -48.55 -114.69
CA VAL HC 254 -79.33 -49.70 -114.25
C VAL HC 254 -78.37 -50.77 -113.73
N PRO HC 255 -78.57 -51.27 -112.51
CA PRO HC 255 -77.69 -52.33 -112.00
C PRO HC 255 -77.83 -53.63 -112.78
N LEU HC 256 -76.84 -54.51 -112.59
CA LEU HC 256 -76.71 -55.71 -113.38
C LEU HC 256 -77.72 -56.77 -112.97
N GLY HC 257 -77.97 -57.71 -113.88
CA GLY HC 257 -78.80 -58.87 -113.58
C GLY HC 257 -80.26 -58.71 -113.95
N ARG HC 258 -80.70 -59.44 -114.96
CA ARG HC 258 -82.11 -59.46 -115.32
C ARG HC 258 -82.68 -60.87 -115.13
N SER IC 1 2.91 -73.47 -134.33
CA SER IC 1 2.37 -73.90 -133.05
C SER IC 1 0.88 -74.22 -133.18
N LYS IC 2 0.09 -73.67 -132.27
CA LYS IC 2 -1.35 -73.87 -132.26
C LYS IC 2 -2.03 -72.63 -132.86
N THR IC 3 -2.86 -72.84 -133.87
CA THR IC 3 -3.38 -71.76 -134.69
C THR IC 3 -4.90 -71.71 -134.67
N ILE IC 4 -5.44 -70.50 -134.83
CA ILE IC 4 -6.83 -70.26 -135.17
C ILE IC 4 -6.87 -69.57 -136.51
N VAL IC 5 -7.82 -69.94 -137.36
CA VAL IC 5 -7.96 -69.36 -138.69
C VAL IC 5 -9.25 -68.57 -138.75
N LEU IC 6 -9.14 -67.26 -138.97
CA LEU IC 6 -10.28 -66.37 -139.02
C LEU IC 6 -10.43 -65.87 -140.45
N SER IC 7 -11.18 -66.60 -141.27
CA SER IC 7 -11.38 -66.22 -142.66
C SER IC 7 -12.39 -65.09 -142.76
N VAL IC 8 -12.02 -64.03 -143.48
CA VAL IC 8 -12.81 -62.80 -143.55
C VAL IC 8 -13.30 -62.73 -144.99
N GLY IC 9 -13.60 -63.89 -145.55
CA GLY IC 9 -13.92 -64.00 -146.96
C GLY IC 9 -13.08 -65.10 -147.56
N GLU IC 10 -12.19 -64.74 -148.48
CA GLU IC 10 -11.12 -65.63 -148.88
C GLU IC 10 -9.79 -65.30 -148.22
N ALA IC 11 -9.67 -64.11 -147.63
CA ALA IC 11 -8.47 -63.76 -146.88
C ALA IC 11 -8.54 -64.39 -145.49
N THR IC 12 -7.57 -65.25 -145.18
CA THR IC 12 -7.51 -65.94 -143.89
C THR IC 12 -6.40 -65.33 -143.06
N ARG IC 13 -6.72 -64.99 -141.81
CA ARG IC 13 -5.78 -64.35 -140.90
C ARG IC 13 -5.49 -65.33 -139.77
N THR IC 14 -4.30 -65.93 -139.79
CA THR IC 14 -3.94 -67.01 -138.88
C THR IC 14 -3.21 -66.45 -137.67
N LEU IC 15 -3.79 -66.62 -136.48
CA LEU IC 15 -3.16 -66.25 -135.24
C LEU IC 15 -2.45 -67.46 -134.63
N THR IC 16 -1.19 -67.27 -134.23
CA THR IC 16 -0.43 -68.33 -133.61
C THR IC 16 -0.27 -68.03 -132.13
N GLU IC 17 -0.11 -69.09 -131.34
CA GLU IC 17 -0.14 -68.98 -129.89
C GLU IC 17 1.21 -68.51 -129.37
N ILE IC 18 1.20 -67.52 -128.48
CA ILE IC 18 2.41 -67.01 -127.86
C ILE IC 18 2.44 -67.24 -126.36
N GLN IC 19 1.40 -67.80 -125.76
CA GLN IC 19 1.37 -68.02 -124.32
C GLN IC 19 0.37 -69.12 -124.01
N SER IC 20 0.71 -69.98 -123.05
CA SER IC 20 -0.19 -71.04 -122.60
C SER IC 20 0.00 -71.20 -121.10
N THR IC 21 -0.83 -70.49 -120.33
CA THR IC 21 -0.79 -70.59 -118.87
C THR IC 21 -1.82 -71.67 -118.49
N ALA IC 22 -2.16 -71.78 -117.21
CA ALA IC 22 -3.17 -72.75 -116.80
C ALA IC 22 -4.56 -72.33 -117.27
N ASP IC 23 -4.83 -71.03 -117.26
CA ASP IC 23 -6.10 -70.51 -117.76
C ASP IC 23 -5.96 -69.56 -118.93
N ARG IC 24 -5.05 -68.59 -118.86
CA ARG IC 24 -4.89 -67.64 -119.94
C ARG IC 24 -4.17 -68.27 -121.12
N GLN IC 25 -4.48 -67.78 -122.32
CA GLN IC 25 -4.01 -68.42 -123.54
C GLN IC 25 -4.02 -67.35 -124.64
N ILE IC 26 -2.86 -66.79 -124.94
CA ILE IC 26 -2.75 -65.60 -125.79
C ILE IC 26 -2.34 -66.02 -127.19
N PHE IC 27 -3.07 -65.51 -128.19
CA PHE IC 27 -2.75 -65.71 -129.58
C PHE IC 27 -2.35 -64.38 -130.20
N GLU IC 28 -1.68 -64.45 -131.35
CA GLU IC 28 -1.21 -63.24 -132.02
C GLU IC 28 -0.94 -63.57 -133.48
N GLU IC 29 -1.25 -62.61 -134.35
CA GLU IC 29 -0.89 -62.73 -135.75
C GLU IC 29 0.57 -62.35 -135.93
N LYS IC 30 1.21 -62.90 -136.95
CA LYS IC 30 2.65 -62.73 -137.14
C LYS IC 30 3.00 -61.96 -138.40
N VAL IC 31 2.02 -61.57 -139.20
CA VAL IC 31 2.29 -60.83 -140.44
C VAL IC 31 2.30 -59.34 -140.15
N GLY IC 32 3.36 -58.66 -140.55
CA GLY IC 32 3.42 -57.22 -140.46
C GLY IC 32 4.47 -56.71 -139.51
N PRO IC 33 4.33 -55.46 -139.07
CA PRO IC 33 5.28 -54.91 -138.08
C PRO IC 33 5.15 -55.55 -136.71
N LEU IC 34 6.12 -55.29 -135.84
CA LEU IC 34 6.23 -55.98 -134.58
C LEU IC 34 5.57 -55.25 -133.42
N VAL IC 35 5.00 -54.07 -133.65
CA VAL IC 35 4.52 -53.25 -132.54
C VAL IC 35 3.00 -53.35 -132.38
N GLY IC 36 2.25 -53.46 -133.48
CA GLY IC 36 0.81 -53.60 -133.36
C GLY IC 36 0.27 -54.75 -134.19
N ARG IC 37 -0.29 -55.75 -133.51
CA ARG IC 37 -0.83 -56.93 -134.16
C ARG IC 37 -2.14 -57.31 -133.50
N LEU IC 38 -2.84 -58.29 -134.09
CA LEU IC 38 -4.03 -58.84 -133.46
C LEU IC 38 -3.68 -59.57 -132.17
N ARG IC 39 -4.69 -59.74 -131.32
CA ARG IC 39 -4.50 -60.36 -130.02
C ARG IC 39 -5.79 -61.06 -129.65
N LEU IC 40 -5.66 -62.19 -128.96
CA LEU IC 40 -6.82 -62.99 -128.58
C LEU IC 40 -6.46 -63.70 -127.28
N THR IC 41 -6.87 -63.12 -126.15
CA THR IC 41 -6.51 -63.67 -124.85
C THR IC 41 -7.71 -64.48 -124.35
N ALA IC 42 -7.76 -65.74 -124.76
CA ALA IC 42 -8.79 -66.66 -124.28
C ALA IC 42 -8.52 -67.05 -122.83
N SER IC 43 -9.56 -67.54 -122.17
CA SER IC 43 -9.48 -67.91 -120.76
C SER IC 43 -10.61 -68.88 -120.46
N LEU IC 44 -10.49 -69.53 -119.30
CA LEU IC 44 -11.52 -70.44 -118.80
C LEU IC 44 -11.31 -70.59 -117.31
N ARG IC 45 -12.41 -70.63 -116.56
CA ARG IC 45 -12.38 -70.68 -115.11
C ARG IC 45 -13.53 -71.56 -114.63
N GLN IC 46 -13.58 -71.77 -113.31
CA GLN IC 46 -14.78 -72.29 -112.66
C GLN IC 46 -14.83 -71.70 -111.25
N ASN IC 47 -15.55 -70.59 -111.11
CA ASN IC 47 -15.58 -69.83 -109.88
C ASN IC 47 -16.66 -70.34 -108.95
N GLY IC 48 -16.43 -70.16 -107.65
CA GLY IC 48 -17.37 -70.59 -106.64
C GLY IC 48 -17.16 -72.03 -106.23
N ALA IC 49 -18.25 -72.75 -105.99
CA ALA IC 49 -18.16 -74.16 -105.59
C ALA IC 49 -18.27 -75.08 -106.81
N LYS IC 50 -17.44 -74.76 -107.82
CA LYS IC 50 -17.19 -75.59 -109.00
C LYS IC 50 -18.47 -75.90 -109.79
N THR IC 51 -19.44 -74.97 -109.78
CA THR IC 51 -20.73 -75.23 -110.41
C THR IC 51 -20.96 -74.48 -111.71
N ALA IC 52 -20.14 -73.47 -112.02
CA ALA IC 52 -20.35 -72.66 -113.21
C ALA IC 52 -18.99 -72.28 -113.79
N TYR IC 53 -18.86 -72.39 -115.10
CA TYR IC 53 -17.65 -72.00 -115.79
C TYR IC 53 -17.75 -70.55 -116.26
N ARG IC 54 -16.66 -70.04 -116.81
CA ARG IC 54 -16.63 -68.66 -117.27
C ARG IC 54 -15.62 -68.55 -118.41
N VAL IC 55 -16.11 -68.54 -119.63
CA VAL IC 55 -15.28 -68.30 -120.80
C VAL IC 55 -15.14 -66.81 -121.00
N ASN IC 56 -13.94 -66.36 -121.39
CA ASN IC 56 -13.65 -64.94 -121.43
C ASN IC 56 -12.65 -64.69 -122.56
N LEU IC 57 -13.16 -64.34 -123.74
CA LEU IC 57 -12.33 -63.96 -124.87
C LEU IC 57 -12.15 -62.45 -124.92
N LYS IC 58 -11.13 -62.01 -125.67
CA LYS IC 58 -10.85 -60.58 -125.81
C LYS IC 58 -10.06 -60.39 -127.09
N LEU IC 59 -10.72 -59.92 -128.14
CA LEU IC 59 -10.09 -59.71 -129.44
C LEU IC 59 -9.66 -58.25 -129.56
N ASP IC 60 -8.38 -57.99 -129.31
CA ASP IC 60 -7.84 -56.65 -129.48
C ASP IC 60 -7.54 -56.38 -130.93
N GLN IC 61 -7.41 -55.10 -131.28
CA GLN IC 61 -7.01 -54.69 -132.61
C GLN IC 61 -6.44 -53.29 -132.52
N ALA IC 62 -5.16 -53.14 -132.83
CA ALA IC 62 -4.49 -51.86 -132.83
C ALA IC 62 -4.32 -51.36 -134.25
N ASP IC 63 -4.43 -50.05 -134.43
CA ASP IC 63 -4.24 -49.43 -135.75
C ASP IC 63 -2.87 -48.77 -135.76
N VAL IC 64 -1.92 -49.43 -136.38
CA VAL IC 64 -0.54 -48.94 -136.45
C VAL IC 64 -0.39 -48.11 -137.72
N VAL IC 65 0.40 -47.04 -137.62
CA VAL IC 65 0.70 -46.19 -138.76
C VAL IC 65 2.20 -45.94 -138.78
N ASP IC 66 2.81 -46.04 -139.96
CA ASP IC 66 4.23 -45.78 -140.15
C ASP IC 66 4.40 -44.84 -141.32
N CYS IC 67 4.90 -43.63 -141.04
CA CYS IC 67 5.12 -42.60 -142.03
C CYS IC 67 6.53 -42.06 -141.95
N SER IC 68 7.51 -42.97 -141.96
CA SER IC 68 8.90 -42.58 -142.14
C SER IC 68 9.16 -42.01 -143.53
N THR IC 69 8.29 -42.29 -144.50
CA THR IC 69 8.40 -41.68 -145.82
C THR IC 69 8.15 -40.18 -145.75
N SER IC 70 7.13 -39.76 -144.99
CA SER IC 70 6.77 -38.34 -144.96
C SER IC 70 7.74 -37.55 -144.09
N VAL IC 71 7.79 -37.85 -142.80
CA VAL IC 71 8.74 -37.21 -141.89
C VAL IC 71 9.93 -38.16 -141.72
N CYS IC 72 11.14 -37.63 -141.81
CA CYS IC 72 12.33 -38.45 -141.81
C CYS IC 72 12.74 -38.82 -140.39
N GLY IC 73 12.76 -40.11 -140.09
CA GLY IC 73 13.33 -40.59 -138.86
C GLY IC 73 12.37 -41.03 -137.78
N GLU IC 74 11.13 -41.35 -138.12
CA GLU IC 74 10.20 -41.90 -137.14
C GLU IC 74 9.99 -43.38 -137.40
N LEU IC 75 9.44 -44.05 -136.40
CA LEU IC 75 9.25 -45.48 -136.39
C LEU IC 75 7.76 -45.78 -136.38
N PRO IC 76 7.32 -47.02 -136.68
CA PRO IC 76 5.89 -47.33 -136.59
C PRO IC 76 5.36 -47.24 -135.17
N LYS IC 77 4.08 -46.91 -135.06
CA LYS IC 77 3.45 -46.53 -133.81
C LYS IC 77 1.95 -46.73 -133.95
N VAL IC 78 1.30 -47.14 -132.87
CA VAL IC 78 -0.15 -47.38 -132.88
C VAL IC 78 -0.87 -46.12 -132.43
N ARG IC 79 -1.99 -45.82 -133.08
CA ARG IC 79 -2.81 -44.69 -132.64
C ARG IC 79 -3.75 -45.11 -131.53
N TYR IC 80 -4.64 -46.06 -131.81
CA TYR IC 80 -5.69 -46.45 -130.89
C TYR IC 80 -5.84 -47.96 -130.90
N THR IC 81 -6.58 -48.48 -129.93
CA THR IC 81 -6.93 -49.90 -129.86
C THR IC 81 -8.43 -50.04 -129.71
N GLN IC 82 -9.00 -51.02 -130.41
CA GLN IC 82 -10.43 -51.32 -130.35
C GLN IC 82 -10.60 -52.80 -130.04
N VAL IC 83 -11.29 -53.10 -128.94
CA VAL IC 83 -11.41 -54.46 -128.46
C VAL IC 83 -12.84 -54.95 -128.68
N TRP IC 84 -13.03 -56.25 -128.50
CA TRP IC 84 -14.37 -56.86 -128.46
C TRP IC 84 -14.27 -58.02 -127.48
N SER IC 85 -14.62 -57.76 -126.23
CA SER IC 85 -14.56 -58.80 -125.22
C SER IC 85 -15.83 -59.64 -125.24
N HIS IC 86 -15.72 -60.84 -124.68
CA HIS IC 86 -16.84 -61.75 -124.50
C HIS IC 86 -16.82 -62.21 -123.05
N ASP IC 87 -17.99 -62.63 -122.56
CA ASP IC 87 -18.09 -63.15 -121.19
C ASP IC 87 -19.21 -64.18 -121.19
N VAL IC 88 -18.85 -65.43 -121.38
CA VAL IC 88 -19.82 -66.52 -121.45
C VAL IC 88 -19.88 -67.19 -120.08
N THR IC 89 -21.09 -67.43 -119.59
CA THR IC 89 -21.31 -68.09 -118.31
C THR IC 89 -22.05 -69.39 -118.57
N ILE IC 90 -21.41 -70.50 -118.23
CA ILE IC 90 -21.95 -71.84 -118.47
C ILE IC 90 -22.02 -72.56 -117.14
N VAL IC 91 -23.21 -73.00 -116.76
CA VAL IC 91 -23.36 -73.82 -115.56
C VAL IC 91 -23.06 -75.27 -115.90
N ALA IC 92 -22.47 -75.99 -114.93
CA ALA IC 92 -21.76 -77.22 -115.23
C ALA IC 92 -22.69 -78.39 -115.51
N ASN IC 93 -23.89 -78.41 -114.90
CA ASN IC 93 -24.83 -79.50 -115.08
C ASN IC 93 -25.84 -79.24 -116.19
N SER IC 94 -25.42 -78.55 -117.25
CA SER IC 94 -26.33 -78.14 -118.30
C SER IC 94 -26.71 -79.30 -119.20
N THR IC 95 -27.70 -79.07 -120.05
CA THR IC 95 -28.00 -79.93 -121.17
C THR IC 95 -27.10 -79.53 -122.34
N GLU IC 96 -26.73 -80.50 -123.17
CA GLU IC 96 -25.89 -80.17 -124.32
C GLU IC 96 -26.64 -79.37 -125.36
N ALA IC 97 -27.96 -79.53 -125.45
CA ALA IC 97 -28.75 -78.68 -126.33
C ALA IC 97 -28.93 -77.28 -125.78
N SER IC 98 -28.73 -77.09 -124.47
CA SER IC 98 -28.78 -75.75 -123.90
C SER IC 98 -27.54 -74.96 -124.26
N ARG IC 99 -26.37 -75.59 -124.18
CA ARG IC 99 -25.13 -74.92 -124.55
C ARG IC 99 -24.99 -74.73 -126.05
N LYS IC 100 -25.61 -75.60 -126.85
CA LYS IC 100 -25.55 -75.44 -128.29
C LYS IC 100 -26.48 -74.32 -128.76
N SER IC 101 -27.64 -74.18 -128.11
CA SER IC 101 -28.58 -73.13 -128.50
C SER IC 101 -28.06 -71.75 -128.11
N LEU IC 102 -27.36 -71.64 -126.99
CA LEU IC 102 -26.76 -70.37 -126.60
C LEU IC 102 -25.67 -69.96 -127.57
N TYR IC 103 -24.91 -70.92 -128.09
CA TYR IC 103 -23.92 -70.61 -129.11
C TYR IC 103 -24.59 -70.25 -130.43
N ASP IC 104 -25.66 -70.96 -130.79
CA ASP IC 104 -26.33 -70.74 -132.06
C ASP IC 104 -27.11 -69.43 -132.10
N LEU IC 105 -27.47 -68.87 -130.95
CA LEU IC 105 -28.13 -67.59 -130.94
C LEU IC 105 -27.13 -66.44 -131.03
N THR IC 106 -25.99 -66.57 -130.36
CA THR IC 106 -24.98 -65.53 -130.41
C THR IC 106 -24.24 -65.52 -131.75
N LYS IC 107 -24.07 -66.69 -132.36
CA LYS IC 107 -23.50 -66.76 -133.71
C LYS IC 107 -24.41 -66.08 -134.73
N SER IC 108 -25.71 -66.15 -134.51
CA SER IC 108 -26.66 -65.46 -135.38
C SER IC 108 -26.93 -64.02 -134.94
N LEU IC 109 -26.61 -63.68 -133.68
CA LEU IC 109 -26.75 -62.30 -133.25
C LEU IC 109 -25.69 -61.42 -133.89
N VAL IC 110 -24.44 -61.88 -133.88
CA VAL IC 110 -23.35 -61.10 -134.46
C VAL IC 110 -23.47 -61.04 -135.98
N ALA IC 111 -24.05 -62.07 -136.59
CA ALA IC 111 -24.12 -62.14 -138.05
C ALA IC 111 -25.29 -61.35 -138.63
N THR IC 112 -26.06 -60.63 -137.82
CA THR IC 112 -27.19 -59.89 -138.37
C THR IC 112 -26.76 -58.49 -138.77
N SER IC 113 -27.61 -57.83 -139.55
CA SER IC 113 -27.32 -56.49 -140.06
C SER IC 113 -27.62 -55.38 -139.07
N GLN IC 114 -28.19 -55.71 -137.91
CA GLN IC 114 -28.49 -54.69 -136.93
C GLN IC 114 -27.37 -54.51 -135.92
N VAL IC 115 -26.64 -55.58 -135.61
CA VAL IC 115 -25.48 -55.45 -134.74
C VAL IC 115 -24.30 -54.91 -135.53
N GLU IC 116 -24.27 -55.15 -136.84
CA GLU IC 116 -23.23 -54.58 -137.70
C GLU IC 116 -23.30 -53.07 -137.73
N ASP IC 117 -24.50 -52.51 -137.89
CA ASP IC 117 -24.65 -51.06 -137.89
C ASP IC 117 -24.50 -50.46 -136.49
N LEU IC 118 -24.60 -51.27 -135.45
CA LEU IC 118 -24.43 -50.75 -134.09
C LEU IC 118 -22.98 -50.46 -133.77
N VAL IC 119 -22.04 -51.21 -134.34
CA VAL IC 119 -20.63 -50.99 -134.02
C VAL IC 119 -19.96 -50.18 -135.13
N VAL IC 120 -20.43 -50.31 -136.37
CA VAL IC 120 -19.81 -49.56 -137.46
C VAL IC 120 -20.35 -48.14 -137.51
N ASN IC 121 -21.65 -47.98 -137.67
CA ASN IC 121 -22.27 -46.68 -137.87
C ASN IC 121 -23.02 -46.18 -136.64
N LEU IC 122 -22.92 -46.89 -135.51
CA LEU IC 122 -23.47 -46.51 -134.21
C LEU IC 122 -24.99 -46.36 -134.22
N VAL IC 123 -25.67 -47.05 -135.11
CA VAL IC 123 -27.14 -47.00 -135.17
C VAL IC 123 -27.71 -47.89 -134.08
N PRO IC 124 -28.71 -47.45 -133.32
CA PRO IC 124 -29.27 -48.29 -132.26
C PRO IC 124 -30.04 -49.48 -132.82
N LEU IC 125 -30.40 -50.37 -131.91
CA LEU IC 125 -30.94 -51.67 -132.28
C LEU IC 125 -32.45 -51.60 -132.52
N GLY IC 126 -32.94 -52.55 -133.31
CA GLY IC 126 -34.36 -52.68 -133.56
C GLY IC 126 -34.85 -51.88 -134.76
N ARG IC 127 -35.47 -52.55 -135.72
CA ARG IC 127 -36.10 -51.89 -136.86
C ARG IC 127 -37.54 -52.38 -136.93
N ALA IC 128 -38.49 -51.44 -136.89
CA ALA IC 128 -39.91 -51.79 -136.88
C ALA IC 128 -40.38 -52.02 -138.31
N TYR IC 129 -40.59 -53.28 -138.66
CA TYR IC 129 -41.13 -53.65 -139.98
C TYR IC 129 -42.56 -54.14 -139.77
N GLY IC 130 -43.49 -53.18 -139.75
CA GLY IC 130 -44.89 -53.49 -139.54
C GLY IC 130 -45.21 -54.01 -138.15
N GLY IC 131 -45.03 -53.17 -137.14
CA GLY IC 131 -45.29 -53.60 -135.78
C GLY IC 131 -44.37 -52.95 -134.76
N SER IC 132 -43.78 -53.76 -133.90
CA SER IC 132 -42.86 -53.25 -132.89
C SER IC 132 -41.43 -53.30 -133.39
N LYS IC 133 -40.53 -52.71 -132.61
CA LYS IC 133 -39.10 -52.79 -132.91
C LYS IC 133 -38.61 -54.19 -132.59
N THR IC 134 -38.21 -54.94 -133.61
CA THR IC 134 -37.90 -56.36 -133.46
C THR IC 134 -36.52 -56.67 -133.99
N ILE IC 135 -35.93 -57.74 -133.45
CA ILE IC 135 -34.71 -58.33 -133.98
C ILE IC 135 -35.03 -59.78 -134.30
N VAL IC 136 -34.66 -60.24 -135.49
CA VAL IC 136 -34.86 -61.62 -135.89
C VAL IC 136 -33.54 -62.35 -135.77
N LEU IC 137 -33.53 -63.45 -135.01
CA LEU IC 137 -32.34 -64.26 -134.80
C LEU IC 137 -32.60 -65.63 -135.39
N SER IC 138 -32.32 -65.79 -136.68
CA SER IC 138 -32.61 -67.03 -137.37
C SER IC 138 -31.56 -68.09 -137.04
N VAL IC 139 -32.02 -69.30 -136.75
CA VAL IC 139 -31.15 -70.40 -136.37
C VAL IC 139 -31.25 -71.43 -137.49
N GLY IC 140 -31.41 -70.94 -138.72
CA GLY IC 140 -31.66 -71.79 -139.86
C GLY IC 140 -32.99 -71.45 -140.48
N GLU IC 141 -33.96 -72.35 -140.35
CA GLU IC 141 -35.35 -72.03 -140.68
C GLU IC 141 -36.16 -71.61 -139.47
N ALA IC 142 -35.70 -71.91 -138.26
CA ALA IC 142 -36.34 -71.42 -137.06
C ALA IC 142 -35.89 -69.99 -136.78
N THR IC 143 -36.84 -69.06 -136.75
CA THR IC 143 -36.57 -67.65 -136.49
C THR IC 143 -37.17 -67.28 -135.14
N ARG IC 144 -36.38 -66.62 -134.31
CA ARG IC 144 -36.79 -66.24 -132.95
C ARG IC 144 -36.81 -64.72 -132.89
N THR IC 145 -38.01 -64.14 -132.92
CA THR IC 145 -38.20 -62.70 -133.04
C THR IC 145 -38.32 -62.08 -131.66
N LEU IC 146 -37.39 -61.21 -131.30
CA LEU IC 146 -37.39 -60.54 -130.00
C LEU IC 146 -37.93 -59.13 -130.15
N THR IC 147 -39.02 -58.84 -129.43
CA THR IC 147 -39.67 -57.53 -129.49
C THR IC 147 -39.22 -56.66 -128.33
N GLU IC 148 -39.09 -55.37 -128.60
CA GLU IC 148 -38.56 -54.43 -127.62
C GLU IC 148 -39.60 -54.14 -126.54
N ILE IC 149 -39.19 -54.22 -125.29
CA ILE IC 149 -40.10 -54.01 -124.17
C ILE IC 149 -39.82 -52.73 -123.40
N GLN IC 150 -38.63 -52.15 -123.53
CA GLN IC 150 -38.26 -50.97 -122.76
C GLN IC 150 -37.06 -50.31 -123.41
N SER IC 151 -37.15 -49.02 -123.67
CA SER IC 151 -36.05 -48.23 -124.23
C SER IC 151 -35.79 -47.07 -123.29
N THR IC 152 -34.93 -47.29 -122.30
CA THR IC 152 -34.54 -46.24 -121.36
C THR IC 152 -33.45 -45.41 -122.05
N ALA IC 153 -32.98 -44.33 -121.42
CA ALA IC 153 -31.94 -43.50 -122.02
C ALA IC 153 -30.61 -44.22 -122.08
N ASP IC 154 -30.39 -45.21 -121.20
CA ASP IC 154 -29.18 -46.02 -121.22
C ASP IC 154 -29.42 -47.41 -121.82
N ARG IC 155 -30.38 -48.15 -121.28
CA ARG IC 155 -30.58 -49.53 -121.72
C ARG IC 155 -31.56 -49.60 -122.88
N GLN IC 156 -31.63 -50.78 -123.49
CA GLN IC 156 -32.58 -51.06 -124.56
C GLN IC 156 -32.85 -52.56 -124.52
N ILE IC 157 -33.92 -52.95 -123.84
CA ILE IC 157 -34.18 -54.34 -123.50
C ILE IC 157 -35.10 -54.95 -124.55
N PHE IC 158 -34.69 -56.07 -125.12
CA PHE IC 158 -35.50 -56.87 -126.01
C PHE IC 158 -35.86 -58.18 -125.33
N GLU IC 159 -36.93 -58.81 -125.80
CA GLU IC 159 -37.42 -60.03 -125.17
C GLU IC 159 -38.33 -60.75 -126.14
N GLU IC 160 -38.22 -62.08 -126.18
CA GLU IC 160 -39.15 -62.89 -126.94
C GLU IC 160 -40.51 -62.94 -126.24
N LYS IC 161 -41.55 -63.22 -127.00
CA LYS IC 161 -42.91 -63.12 -126.49
C LYS IC 161 -43.70 -64.41 -126.55
N VAL IC 162 -43.20 -65.45 -127.22
CA VAL IC 162 -43.91 -66.72 -127.26
C VAL IC 162 -43.50 -67.59 -126.08
N GLY IC 163 -44.45 -68.33 -125.53
CA GLY IC 163 -44.18 -69.28 -124.49
C GLY IC 163 -44.64 -68.81 -123.12
N PRO IC 164 -44.11 -69.43 -122.07
CA PRO IC 164 -44.43 -69.00 -120.71
C PRO IC 164 -43.80 -67.65 -120.40
N LEU IC 165 -44.24 -67.07 -119.28
CA LEU IC 165 -43.78 -65.75 -118.88
C LEU IC 165 -42.61 -65.78 -117.91
N VAL IC 166 -42.25 -66.96 -117.39
CA VAL IC 166 -41.19 -67.00 -116.39
C VAL IC 166 -39.80 -67.03 -117.01
N GLY IC 167 -39.62 -67.71 -118.13
CA GLY IC 167 -38.33 -67.77 -118.77
C GLY IC 167 -38.39 -67.45 -120.24
N ARG IC 168 -37.75 -66.35 -120.64
CA ARG IC 168 -37.74 -65.93 -122.03
C ARG IC 168 -36.37 -65.38 -122.39
N LEU IC 169 -36.13 -65.24 -123.68
CA LEU IC 169 -34.88 -64.66 -124.16
C LEU IC 169 -34.81 -63.19 -123.79
N ARG IC 170 -33.59 -62.70 -123.61
CA ARG IC 170 -33.37 -61.31 -123.26
C ARG IC 170 -32.24 -60.75 -124.12
N LEU IC 171 -32.24 -59.44 -124.30
CA LEU IC 171 -31.17 -58.78 -125.04
C LEU IC 171 -31.12 -57.34 -124.51
N THR IC 172 -30.20 -57.07 -123.59
CA THR IC 172 -30.08 -55.75 -122.99
C THR IC 172 -28.88 -55.06 -123.61
N ALA IC 173 -29.12 -54.34 -124.71
CA ALA IC 173 -28.07 -53.56 -125.33
C ALA IC 173 -27.86 -52.25 -124.56
N SER IC 174 -26.73 -51.61 -124.82
CA SER IC 174 -26.41 -50.34 -124.18
C SER IC 174 -25.42 -49.58 -125.06
N LEU IC 175 -25.16 -48.35 -124.68
CA LEU IC 175 -24.23 -47.47 -125.40
C LEU IC 175 -23.84 -46.34 -124.49
N ARG IC 176 -22.53 -46.17 -124.27
CA ARG IC 176 -22.02 -45.14 -123.38
C ARG IC 176 -20.88 -44.41 -124.08
N GLN IC 177 -20.38 -43.38 -123.42
CA GLN IC 177 -19.10 -42.77 -123.77
C GLN IC 177 -18.50 -42.16 -122.50
N ASN IC 178 -17.40 -42.74 -122.05
CA ASN IC 178 -16.76 -42.33 -120.81
C ASN IC 178 -15.51 -41.51 -121.10
N GLY IC 179 -15.31 -40.48 -120.29
CA GLY IC 179 -14.16 -39.61 -120.44
C GLY IC 179 -14.49 -38.33 -121.19
N ALA IC 180 -13.54 -37.83 -121.97
CA ALA IC 180 -13.75 -36.60 -122.72
C ALA IC 180 -14.27 -36.87 -124.13
N LYS IC 181 -15.36 -37.66 -124.19
CA LYS IC 181 -16.12 -37.93 -125.42
C LYS IC 181 -15.26 -38.56 -126.51
N THR IC 182 -14.30 -39.40 -126.13
CA THR IC 182 -13.33 -39.93 -127.07
C THR IC 182 -13.50 -41.41 -127.37
N ALA IC 183 -14.25 -42.15 -126.56
CA ALA IC 183 -14.38 -43.58 -126.79
C ALA IC 183 -15.79 -44.02 -126.40
N TYR IC 184 -16.40 -44.84 -127.26
CA TYR IC 184 -17.73 -45.37 -127.02
C TYR IC 184 -17.63 -46.73 -126.30
N ARG IC 185 -18.78 -47.28 -125.93
CA ARG IC 185 -18.81 -48.57 -125.25
C ARG IC 185 -20.13 -49.25 -125.59
N VAL IC 186 -20.10 -50.15 -126.55
CA VAL IC 186 -21.25 -50.98 -126.89
C VAL IC 186 -21.26 -52.19 -125.96
N ASN IC 187 -22.45 -52.57 -125.49
CA ASN IC 187 -22.55 -53.61 -124.47
C ASN IC 187 -23.82 -54.42 -124.72
N LEU IC 188 -23.68 -55.55 -125.41
CA LEU IC 188 -24.77 -56.49 -125.59
C LEU IC 188 -24.71 -57.59 -124.54
N LYS IC 189 -25.86 -58.20 -124.28
CA LYS IC 189 -25.95 -59.27 -123.28
C LYS IC 189 -27.20 -60.08 -123.55
N LEU IC 190 -27.04 -61.40 -123.75
CA LEU IC 190 -28.14 -62.27 -124.11
C LEU IC 190 -28.29 -63.34 -123.04
N ASP IC 191 -29.37 -63.24 -122.25
CA ASP IC 191 -29.68 -64.25 -121.25
C ASP IC 191 -30.61 -65.31 -121.85
N GLN IC 192 -30.35 -66.56 -121.50
CA GLN IC 192 -31.19 -67.67 -121.93
C GLN IC 192 -31.42 -68.58 -120.75
N ALA IC 193 -32.64 -68.58 -120.23
CA ALA IC 193 -33.00 -69.40 -119.08
C ALA IC 193 -33.66 -70.68 -119.56
N ASP IC 194 -33.39 -71.78 -118.87
CA ASP IC 194 -33.95 -73.08 -119.21
C ASP IC 194 -35.19 -73.32 -118.36
N VAL IC 195 -36.35 -73.31 -118.99
CA VAL IC 195 -37.62 -73.53 -118.31
C VAL IC 195 -38.05 -74.97 -118.53
N VAL IC 196 -38.67 -75.56 -117.51
CA VAL IC 196 -39.17 -76.92 -117.59
C VAL IC 196 -40.46 -76.99 -116.77
N ASP IC 197 -41.41 -77.79 -117.24
CA ASP IC 197 -42.63 -78.06 -116.50
C ASP IC 197 -42.82 -79.55 -116.30
N CYS IC 198 -43.29 -79.93 -115.12
CA CYS IC 198 -43.51 -81.32 -114.77
C CYS IC 198 -44.98 -81.61 -114.54
N SER IC 199 -45.86 -80.85 -115.21
CA SER IC 199 -47.29 -81.01 -115.01
C SER IC 199 -47.83 -82.32 -115.56
N THR IC 200 -47.14 -82.92 -116.53
CA THR IC 200 -47.52 -84.26 -116.97
C THR IC 200 -47.02 -85.31 -116.00
N SER IC 201 -46.07 -84.96 -115.13
CA SER IC 201 -45.53 -85.88 -114.13
C SER IC 201 -46.16 -85.67 -112.76
N VAL IC 202 -46.04 -84.47 -112.20
CA VAL IC 202 -46.61 -84.15 -110.89
C VAL IC 202 -47.66 -83.05 -111.08
N CYS IC 203 -48.84 -83.25 -110.49
CA CYS IC 203 -49.92 -82.29 -110.64
C CYS IC 203 -49.66 -80.99 -109.90
N GLY IC 204 -50.29 -79.93 -110.39
CA GLY IC 204 -50.25 -78.64 -109.74
C GLY IC 204 -48.92 -77.94 -109.78
N GLU IC 205 -48.03 -78.32 -110.70
CA GLU IC 205 -46.71 -77.72 -110.81
C GLU IC 205 -46.67 -76.86 -112.06
N LEU IC 206 -46.42 -75.57 -111.86
CA LEU IC 206 -46.31 -74.60 -112.93
C LEU IC 206 -44.86 -74.53 -113.41
N PRO IC 207 -44.62 -74.03 -114.63
CA PRO IC 207 -43.25 -73.96 -115.14
C PRO IC 207 -42.34 -73.05 -114.32
N LYS IC 208 -41.06 -73.40 -114.29
CA LYS IC 208 -40.06 -72.66 -113.54
C LYS IC 208 -38.73 -72.81 -114.24
N VAL IC 209 -37.80 -71.91 -113.93
CA VAL IC 209 -36.48 -71.89 -114.55
C VAL IC 209 -35.52 -72.72 -113.72
N ARG IC 210 -34.55 -73.35 -114.39
CA ARG IC 210 -33.50 -74.09 -113.69
C ARG IC 210 -32.27 -73.23 -113.50
N TYR IC 211 -31.68 -72.77 -114.60
CA TYR IC 211 -30.45 -71.99 -114.59
C TYR IC 211 -30.54 -70.93 -115.69
N THR IC 212 -29.56 -70.04 -115.72
CA THR IC 212 -29.43 -69.08 -116.81
C THR IC 212 -28.02 -69.13 -117.34
N GLN IC 213 -27.87 -68.89 -118.65
CA GLN IC 213 -26.57 -68.88 -119.30
C GLN IC 213 -26.43 -67.59 -120.11
N VAL IC 214 -25.35 -66.87 -119.86
CA VAL IC 214 -25.16 -65.52 -120.37
C VAL IC 214 -24.08 -65.55 -121.45
N TRP IC 215 -24.23 -64.68 -122.45
CA TRP IC 215 -23.15 -64.39 -123.41
C TRP IC 215 -23.15 -62.87 -123.59
N SER IC 216 -22.33 -62.20 -122.79
CA SER IC 216 -22.21 -60.75 -122.88
C SER IC 216 -21.18 -60.36 -123.93
N HIS IC 217 -21.20 -59.09 -124.31
CA HIS IC 217 -20.18 -58.50 -125.17
C HIS IC 217 -19.81 -57.14 -124.60
N ASP IC 218 -18.63 -56.67 -124.95
CA ASP IC 218 -18.18 -55.35 -124.49
C ASP IC 218 -17.22 -54.80 -125.55
N VAL IC 219 -17.76 -53.98 -126.45
CA VAL IC 219 -17.00 -53.43 -127.56
C VAL IC 219 -16.54 -52.04 -127.17
N THR IC 220 -15.26 -51.75 -127.40
CA THR IC 220 -14.70 -50.43 -127.16
C THR IC 220 -14.32 -49.81 -128.50
N ILE IC 221 -14.91 -48.68 -128.82
CA ILE IC 221 -14.71 -48.00 -130.10
C ILE IC 221 -14.33 -46.56 -129.80
N VAL IC 222 -13.17 -46.13 -130.29
CA VAL IC 222 -12.75 -44.74 -130.14
C VAL IC 222 -13.49 -43.89 -131.17
N ALA IC 223 -13.69 -42.61 -130.82
CA ALA IC 223 -14.62 -41.78 -131.57
C ALA IC 223 -14.07 -41.35 -132.93
N ASN IC 224 -12.75 -41.15 -133.02
CA ASN IC 224 -12.12 -40.68 -134.25
C ASN IC 224 -11.59 -41.82 -135.12
N SER IC 225 -12.26 -42.97 -135.12
CA SER IC 225 -11.82 -44.16 -135.82
C SER IC 225 -11.96 -43.99 -137.34
N THR IC 226 -11.35 -44.92 -138.05
CA THR IC 226 -11.60 -45.13 -139.46
C THR IC 226 -12.80 -46.06 -139.58
N GLU IC 227 -13.56 -45.92 -140.67
CA GLU IC 227 -14.70 -46.82 -140.87
C GLU IC 227 -14.24 -48.24 -141.14
N ALA IC 228 -13.17 -48.42 -141.91
CA ALA IC 228 -12.63 -49.76 -142.15
C ALA IC 228 -11.90 -50.30 -140.93
N SER IC 229 -11.61 -49.47 -139.93
CA SER IC 229 -11.08 -49.98 -138.67
C SER IC 229 -12.18 -50.55 -137.79
N ARG IC 230 -13.37 -49.96 -137.85
CA ARG IC 230 -14.51 -50.52 -137.12
C ARG IC 230 -15.14 -51.68 -137.88
N LYS IC 231 -15.07 -51.66 -139.21
CA LYS IC 231 -15.67 -52.72 -140.00
C LYS IC 231 -14.85 -54.00 -139.92
N SER IC 232 -13.52 -53.88 -139.86
CA SER IC 232 -12.67 -55.06 -139.78
C SER IC 232 -12.69 -55.67 -138.39
N LEU IC 233 -12.91 -54.86 -137.35
CA LEU IC 233 -13.05 -55.40 -136.01
C LEU IC 233 -14.32 -56.22 -135.87
N TYR IC 234 -15.42 -55.75 -136.46
CA TYR IC 234 -16.66 -56.51 -136.45
C TYR IC 234 -16.54 -57.77 -137.29
N ASP IC 235 -15.92 -57.67 -138.46
CA ASP IC 235 -15.87 -58.79 -139.39
C ASP IC 235 -14.87 -59.86 -138.94
N LEU IC 236 -13.94 -59.52 -138.05
CA LEU IC 236 -13.09 -60.54 -137.44
C LEU IC 236 -13.82 -61.25 -136.31
N THR IC 237 -14.59 -60.50 -135.52
CA THR IC 237 -15.34 -61.11 -134.43
C THR IC 237 -16.49 -61.96 -134.95
N LYS IC 238 -17.09 -61.55 -136.08
CA LYS IC 238 -18.11 -62.37 -136.71
C LYS IC 238 -17.51 -63.68 -137.23
N SER IC 239 -16.27 -63.62 -137.73
CA SER IC 239 -15.59 -64.82 -138.18
C SER IC 239 -14.95 -65.60 -137.06
N LEU IC 240 -14.86 -65.01 -135.86
CA LEU IC 240 -14.30 -65.75 -134.73
C LEU IC 240 -15.36 -66.63 -134.08
N VAL IC 241 -16.57 -66.10 -133.88
CA VAL IC 241 -17.66 -66.86 -133.29
C VAL IC 241 -18.09 -67.99 -134.22
N ALA IC 242 -17.97 -67.80 -135.52
CA ALA IC 242 -18.40 -68.82 -136.48
C ALA IC 242 -17.39 -69.94 -136.67
N THR IC 243 -16.28 -69.95 -135.93
CA THR IC 243 -15.31 -71.03 -136.08
C THR IC 243 -15.76 -72.27 -135.33
N SER IC 244 -15.05 -73.38 -135.57
CA SER IC 244 -15.36 -74.63 -134.90
C SER IC 244 -14.66 -74.76 -133.56
N GLN IC 245 -13.75 -73.86 -133.22
CA GLN IC 245 -13.02 -73.97 -131.97
C GLN IC 245 -13.72 -73.23 -130.85
N VAL IC 246 -14.36 -72.10 -131.16
CA VAL IC 246 -15.16 -71.39 -130.16
C VAL IC 246 -16.50 -72.10 -129.95
N GLU IC 247 -16.91 -72.95 -130.90
CA GLU IC 247 -18.05 -73.82 -130.66
C GLU IC 247 -17.74 -74.83 -129.57
N ASP IC 248 -16.62 -75.55 -129.70
CA ASP IC 248 -16.23 -76.53 -128.70
C ASP IC 248 -15.75 -75.91 -127.41
N LEU IC 249 -15.35 -74.63 -127.44
CA LEU IC 249 -15.00 -73.94 -126.20
C LEU IC 249 -16.23 -73.69 -125.34
N VAL IC 250 -17.39 -73.48 -125.96
CA VAL IC 250 -18.61 -73.25 -125.21
C VAL IC 250 -19.35 -74.56 -124.95
N VAL IC 251 -19.44 -75.43 -125.94
CA VAL IC 251 -20.20 -76.67 -125.78
C VAL IC 251 -19.43 -77.68 -124.94
N ASN IC 252 -18.19 -77.98 -125.33
CA ASN IC 252 -17.42 -79.04 -124.69
C ASN IC 252 -16.23 -78.56 -123.88
N LEU IC 253 -16.05 -77.24 -123.74
CA LEU IC 253 -15.00 -76.61 -122.91
C LEU IC 253 -13.59 -76.98 -123.36
N VAL IC 254 -13.39 -77.26 -124.64
CA VAL IC 254 -12.06 -77.50 -125.18
C VAL IC 254 -11.38 -76.14 -125.36
N PRO IC 255 -10.18 -75.94 -124.83
CA PRO IC 255 -9.47 -74.68 -125.08
C PRO IC 255 -9.08 -74.50 -126.54
N LEU IC 256 -8.77 -73.26 -126.89
CA LEU IC 256 -8.59 -72.88 -128.29
C LEU IC 256 -7.24 -73.33 -128.81
N GLY IC 257 -7.12 -73.34 -130.14
CA GLY IC 257 -5.86 -73.65 -130.79
C GLY IC 257 -5.70 -75.12 -131.13
N ARG IC 258 -5.54 -75.41 -132.41
CA ARG IC 258 -5.24 -76.77 -132.85
C ARG IC 258 -4.02 -76.78 -133.76
N SER JC 1 -41.33 2.32 -147.37
CA SER JC 1 -39.95 2.27 -146.91
C SER JC 1 -39.28 0.98 -147.37
N LYS JC 2 -38.73 0.23 -146.42
CA LYS JC 2 -38.06 -1.04 -146.70
C LYS JC 2 -39.01 -2.18 -146.36
N THR JC 3 -39.21 -3.10 -147.30
CA THR JC 3 -40.25 -4.10 -147.20
C THR JC 3 -39.69 -5.52 -147.30
N ILE JC 4 -40.38 -6.45 -146.64
CA ILE JC 4 -40.20 -7.87 -146.85
C ILE JC 4 -41.54 -8.43 -147.34
N VAL JC 5 -41.49 -9.29 -148.36
CA VAL JC 5 -42.70 -9.86 -148.94
C VAL JC 5 -42.73 -11.35 -148.61
N LEU JC 6 -43.76 -11.76 -147.88
CA LEU JC 6 -43.94 -13.16 -147.47
C LEU JC 6 -45.10 -13.74 -148.28
N SER JC 7 -44.78 -14.48 -149.32
CA SER JC 7 -45.80 -15.10 -150.15
C SER JC 7 -46.32 -16.38 -149.49
N VAL JC 8 -47.62 -16.45 -149.27
CA VAL JC 8 -48.24 -17.53 -148.52
C VAL JC 8 -49.09 -18.29 -149.53
N GLY JC 9 -48.59 -18.34 -150.76
CA GLY JC 9 -49.34 -18.94 -151.85
C GLY JC 9 -49.52 -17.94 -152.97
N GLU JC 10 -50.76 -17.48 -153.16
CA GLU JC 10 -51.01 -16.33 -154.00
C GLU JC 10 -51.20 -15.04 -153.20
N ALA JC 11 -51.50 -15.16 -151.90
CA ALA JC 11 -51.60 -13.99 -151.05
C ALA JC 11 -50.22 -13.57 -150.57
N THR JC 12 -49.85 -12.33 -150.83
CA THR JC 12 -48.57 -11.78 -150.40
C THR JC 12 -48.82 -10.79 -149.26
N ARG JC 13 -48.10 -10.96 -148.16
CA ARG JC 13 -48.26 -10.12 -146.98
C ARG JC 13 -46.99 -9.31 -146.80
N THR JC 14 -47.07 -8.01 -147.06
CA THR JC 14 -45.91 -7.14 -147.10
C THR JC 14 -45.74 -6.42 -145.76
N LEU JC 15 -44.63 -6.68 -145.08
CA LEU JC 15 -44.29 -5.98 -143.85
C LEU JC 15 -43.41 -4.78 -144.17
N THR JC 16 -43.73 -3.64 -143.55
CA THR JC 16 -42.93 -2.44 -143.74
C THR JC 16 -42.20 -2.12 -142.44
N GLU JC 17 -41.09 -1.41 -142.57
CA GLU JC 17 -40.20 -1.20 -141.44
C GLU JC 17 -40.65 -0.01 -140.61
N ILE JC 18 -40.72 -0.21 -139.29
CA ILE JC 18 -41.12 0.85 -138.37
C ILE JC 18 -40.01 1.24 -137.40
N GLN JC 19 -38.85 0.59 -137.46
CA GLN JC 19 -37.74 0.93 -136.56
C GLN JC 19 -36.44 0.47 -137.19
N SER JC 20 -35.40 1.29 -137.03
CA SER JC 20 -34.06 0.95 -137.51
C SER JC 20 -33.07 1.46 -136.49
N THR JC 21 -32.68 0.60 -135.55
CA THR JC 21 -31.67 0.94 -134.56
C THR JC 21 -30.33 0.49 -135.14
N ALA JC 22 -29.26 0.48 -134.33
CA ALA JC 22 -27.97 0.01 -134.82
C ALA JC 22 -28.00 -1.48 -135.07
N ASP JC 23 -28.70 -2.24 -134.24
CA ASP JC 23 -28.86 -3.67 -134.43
C ASP JC 23 -30.30 -4.10 -134.65
N ARG JC 24 -31.22 -3.66 -133.81
CA ARG JC 24 -32.61 -4.07 -133.91
C ARG JC 24 -33.28 -3.42 -135.13
N GLN JC 25 -34.27 -4.13 -135.68
CA GLN JC 25 -34.86 -3.71 -136.94
C GLN JC 25 -36.28 -4.31 -136.99
N ILE JC 26 -37.27 -3.50 -136.68
CA ILE JC 26 -38.64 -3.97 -136.47
C ILE JC 26 -39.46 -3.73 -137.73
N PHE JC 27 -40.14 -4.76 -138.19
CA PHE JC 27 -41.06 -4.69 -139.32
C PHE JC 27 -42.48 -4.92 -138.83
N GLU JC 28 -43.45 -4.46 -139.61
CA GLU JC 28 -44.85 -4.55 -139.23
C GLU JC 28 -45.71 -4.44 -140.48
N GLU JC 29 -46.78 -5.23 -140.53
CA GLU JC 29 -47.75 -5.13 -141.61
C GLU JC 29 -48.69 -3.97 -141.34
N LYS JC 30 -49.13 -3.30 -142.40
CA LYS JC 30 -49.95 -2.11 -142.26
C LYS JC 30 -51.41 -2.31 -142.64
N VAL JC 31 -51.81 -3.51 -143.01
CA VAL JC 31 -53.19 -3.77 -143.39
C VAL JC 31 -53.97 -4.24 -142.17
N GLY JC 32 -55.10 -3.58 -141.90
CA GLY JC 32 -56.01 -4.01 -140.87
C GLY JC 32 -56.12 -3.03 -139.72
N PRO JC 33 -56.63 -3.51 -138.57
CA PRO JC 33 -56.71 -2.64 -137.39
C PRO JC 33 -55.34 -2.30 -136.81
N LEU JC 34 -55.29 -1.32 -135.92
CA LEU JC 34 -54.04 -0.78 -135.42
C LEU JC 34 -53.53 -1.47 -134.17
N VAL JC 35 -54.31 -2.35 -133.57
CA VAL JC 35 -53.94 -2.91 -132.27
C VAL JC 35 -53.25 -4.27 -132.41
N GLY JC 36 -53.65 -5.09 -133.38
CA GLY JC 36 -52.99 -6.36 -133.57
C GLY JC 36 -52.51 -6.57 -135.00
N ARG JC 37 -51.19 -6.61 -135.18
CA ARG JC 37 -50.59 -6.76 -136.50
C ARG JC 37 -49.39 -7.69 -136.40
N LEU JC 38 -48.87 -8.10 -137.56
CA LEU JC 38 -47.64 -8.88 -137.59
C LEU JC 38 -46.45 -8.06 -137.13
N ARG JC 39 -45.40 -8.76 -136.78
CA ARG JC 39 -44.21 -8.15 -136.22
C ARG JC 39 -43.02 -9.04 -136.55
N LEU JC 40 -41.88 -8.42 -136.83
CA LEU JC 40 -40.68 -9.16 -137.18
C LEU JC 40 -39.50 -8.39 -136.60
N THR JC 41 -39.02 -8.82 -135.44
CA THR JC 41 -37.96 -8.13 -134.73
C THR JC 41 -36.63 -8.79 -135.12
N ALA JC 42 -36.05 -8.32 -136.21
CA ALA JC 42 -34.75 -8.82 -136.65
C ALA JC 42 -33.64 -8.20 -135.83
N SER JC 43 -32.48 -8.85 -135.83
CA SER JC 43 -31.34 -8.39 -135.05
C SER JC 43 -30.08 -9.00 -135.64
N LEU JC 44 -28.94 -8.49 -135.18
CA LEU JC 44 -27.63 -9.01 -135.54
C LEU JC 44 -26.62 -8.48 -134.52
N ARG JC 45 -25.66 -9.32 -134.16
CA ARG JC 45 -24.68 -9.00 -133.14
C ARG JC 45 -23.36 -9.65 -133.49
N GLN JC 46 -22.34 -9.35 -132.68
CA GLN JC 46 -21.12 -10.16 -132.65
C GLN JC 46 -20.56 -10.11 -131.23
N ASN JC 47 -20.91 -11.11 -130.44
CA ASN JC 47 -20.58 -11.12 -129.03
C ASN JC 47 -19.22 -11.76 -128.79
N GLY JC 48 -18.53 -11.29 -127.76
CA GLY JC 48 -17.24 -11.83 -127.40
C GLY JC 48 -16.09 -11.12 -128.09
N ALA JC 49 -15.07 -11.88 -128.47
CA ALA JC 49 -13.88 -11.33 -129.12
C ALA JC 49 -14.02 -11.36 -130.64
N LYS JC 50 -15.14 -10.81 -131.12
CA LYS JC 50 -15.40 -10.52 -132.54
C LYS JC 50 -15.33 -11.76 -133.43
N THR JC 51 -15.65 -12.94 -132.87
CA THR JC 51 -15.42 -14.19 -133.60
C THR JC 51 -16.70 -14.90 -134.03
N ALA JC 52 -17.85 -14.55 -133.46
CA ALA JC 52 -19.09 -15.26 -133.78
C ALA JC 52 -20.22 -14.25 -133.83
N TYR JC 53 -21.02 -14.31 -134.89
CA TYR JC 53 -22.20 -13.48 -135.02
C TYR JC 53 -23.41 -14.15 -134.40
N ARG JC 54 -24.53 -13.43 -134.36
CA ARG JC 54 -25.75 -13.98 -133.77
C ARG JC 54 -26.94 -13.30 -134.44
N VAL JC 55 -27.55 -14.01 -135.38
CA VAL JC 55 -28.81 -13.58 -135.98
C VAL JC 55 -29.95 -13.96 -135.06
N ASN JC 56 -30.96 -13.11 -134.95
CA ASN JC 56 -32.04 -13.33 -133.99
C ASN JC 56 -33.32 -12.75 -134.56
N LEU JC 57 -34.14 -13.61 -135.17
CA LEU JC 57 -35.44 -13.20 -135.67
C LEU JC 57 -36.53 -13.56 -134.65
N LYS JC 58 -37.68 -12.91 -134.80
CA LYS JC 58 -38.81 -13.15 -133.90
C LYS JC 58 -40.08 -12.71 -134.63
N LEU JC 59 -40.88 -13.68 -135.05
CA LEU JC 59 -42.10 -13.41 -135.81
C LEU JC 59 -43.30 -13.57 -134.89
N ASP JC 60 -43.78 -12.45 -134.34
CA ASP JC 60 -44.98 -12.47 -133.53
C ASP JC 60 -46.22 -12.52 -134.42
N GLN JC 61 -47.32 -13.01 -133.85
CA GLN JC 61 -48.60 -13.03 -134.55
C GLN JC 61 -49.70 -12.94 -133.52
N ALA JC 62 -50.44 -11.84 -133.53
CA ALA JC 62 -51.52 -11.60 -132.60
C ALA JC 62 -52.85 -11.91 -133.26
N ASP JC 63 -53.74 -12.58 -132.52
CA ASP JC 63 -55.07 -12.89 -133.01
C ASP JC 63 -56.04 -11.87 -132.45
N VAL JC 64 -56.35 -10.87 -133.24
CA VAL JC 64 -57.23 -9.79 -132.83
C VAL JC 64 -58.66 -10.18 -133.16
N VAL JC 65 -59.59 -9.76 -132.31
CA VAL JC 65 -61.01 -10.01 -132.50
C VAL JC 65 -61.76 -8.70 -132.25
N ASP JC 66 -62.84 -8.49 -132.99
CA ASP JC 66 -63.68 -7.30 -132.85
C ASP JC 66 -65.14 -7.69 -133.06
N CYS JC 67 -65.93 -7.60 -132.00
CA CYS JC 67 -67.35 -7.94 -132.03
C CYS JC 67 -68.19 -6.80 -131.47
N SER JC 68 -67.95 -5.59 -131.98
CA SER JC 68 -68.85 -4.48 -131.71
C SER JC 68 -70.23 -4.68 -132.32
N THR JC 69 -70.37 -5.56 -133.31
CA THR JC 69 -71.68 -5.89 -133.85
C THR JC 69 -72.52 -6.65 -132.83
N SER JC 70 -71.90 -7.56 -132.09
CA SER JC 70 -72.66 -8.38 -131.14
C SER JC 70 -72.96 -7.61 -129.86
N VAL JC 71 -71.92 -7.22 -129.13
CA VAL JC 71 -72.09 -6.40 -127.93
C VAL JC 71 -71.79 -4.96 -128.31
N CYS JC 72 -72.67 -4.05 -127.91
CA CYS JC 72 -72.56 -2.66 -128.31
C CYS JC 72 -71.57 -1.92 -127.44
N GLY JC 73 -70.55 -1.35 -128.06
CA GLY JC 73 -69.65 -0.45 -127.38
C GLY JC 73 -68.28 -0.99 -127.03
N GLU JC 74 -67.83 -2.06 -127.67
CA GLU JC 74 -66.48 -2.55 -127.43
C GLU JC 74 -65.61 -2.25 -128.64
N LEU JC 75 -64.31 -2.40 -128.44
CA LEU JC 75 -63.29 -2.05 -129.42
C LEU JC 75 -62.53 -3.33 -129.79
N PRO JC 76 -61.72 -3.34 -130.85
CA PRO JC 76 -60.90 -4.52 -131.13
C PRO JC 76 -59.87 -4.79 -130.04
N LYS JC 77 -59.58 -6.07 -129.83
CA LYS JC 77 -58.82 -6.51 -128.68
C LYS JC 77 -58.03 -7.75 -129.07
N VAL JC 78 -56.87 -7.92 -128.44
CA VAL JC 78 -55.96 -9.02 -128.74
C VAL JC 78 -56.21 -10.15 -127.76
N ARG JC 79 -56.55 -11.34 -128.28
CA ARG JC 79 -56.75 -12.49 -127.41
C ARG JC 79 -55.43 -13.10 -126.97
N TYR JC 80 -54.63 -13.57 -127.93
CA TYR JC 80 -53.37 -14.24 -127.64
C TYR JC 80 -52.34 -13.90 -128.70
N THR JC 81 -51.09 -14.24 -128.41
CA THR JC 81 -49.99 -14.07 -129.36
C THR JC 81 -49.20 -15.37 -129.48
N GLN JC 82 -48.82 -15.72 -130.69
CA GLN JC 82 -48.03 -16.91 -130.97
C GLN JC 82 -46.78 -16.50 -131.74
N VAL JC 83 -45.61 -16.79 -131.20
CA VAL JC 83 -44.36 -16.34 -131.77
C VAL JC 83 -43.62 -17.52 -132.39
N TRP JC 84 -42.60 -17.20 -133.19
CA TRP JC 84 -41.68 -18.19 -133.75
C TRP JC 84 -40.32 -17.50 -133.86
N SER JC 85 -39.47 -17.72 -132.88
CA SER JC 85 -38.16 -17.08 -132.88
C SER JC 85 -37.14 -17.96 -133.60
N HIS JC 86 -36.00 -17.34 -133.91
CA HIS JC 86 -34.84 -18.04 -134.45
C HIS JC 86 -33.61 -17.52 -133.73
N ASP JC 87 -32.60 -18.37 -133.60
CA ASP JC 87 -31.35 -17.97 -132.97
C ASP JC 87 -30.21 -18.66 -133.73
N VAL JC 88 -29.68 -17.97 -134.72
CA VAL JC 88 -28.63 -18.51 -135.57
C VAL JC 88 -27.29 -18.07 -135.01
N THR JC 89 -26.31 -18.98 -135.00
CA THR JC 89 -24.96 -18.66 -134.57
C THR JC 89 -24.01 -18.95 -135.71
N ILE JC 90 -23.31 -17.91 -136.17
CA ILE JC 90 -22.40 -18.00 -137.30
C ILE JC 90 -21.02 -17.55 -136.83
N VAL JC 91 -20.04 -18.43 -136.96
CA VAL JC 91 -18.66 -18.07 -136.64
C VAL JC 91 -18.06 -17.32 -137.83
N ALA JC 92 -17.17 -16.36 -137.52
CA ALA JC 92 -16.81 -15.34 -138.49
C ALA JC 92 -15.87 -15.86 -139.59
N ASN JC 93 -15.06 -16.87 -139.28
CA ASN JC 93 -14.11 -17.41 -140.25
C ASN JC 93 -14.66 -18.63 -140.98
N SER JC 94 -15.96 -18.70 -141.20
CA SER JC 94 -16.58 -19.87 -141.80
C SER JC 94 -16.29 -19.96 -143.29
N THR JC 95 -16.59 -21.12 -143.85
CA THR JC 95 -16.65 -21.31 -145.29
C THR JC 95 -18.05 -20.90 -145.75
N GLU JC 96 -18.13 -20.27 -146.92
CA GLU JC 96 -19.42 -19.84 -147.44
C GLU JC 96 -20.31 -21.03 -147.81
N ALA JC 97 -19.70 -22.17 -148.15
CA ALA JC 97 -20.50 -23.36 -148.41
C ALA JC 97 -21.02 -23.99 -147.12
N SER JC 98 -20.43 -23.67 -145.98
CA SER JC 98 -20.95 -24.18 -144.71
C SER JC 98 -22.10 -23.31 -144.21
N ARG JC 99 -22.03 -22.01 -144.47
CA ARG JC 99 -23.13 -21.11 -144.16
C ARG JC 99 -24.32 -21.33 -145.08
N LYS JC 100 -24.08 -21.73 -146.32
CA LYS JC 100 -25.17 -22.00 -147.24
C LYS JC 100 -25.84 -23.33 -146.92
N SER JC 101 -25.06 -24.31 -146.46
CA SER JC 101 -25.63 -25.61 -146.13
C SER JC 101 -26.48 -25.54 -144.86
N LEU JC 102 -26.08 -24.71 -143.90
CA LEU JC 102 -26.89 -24.52 -142.70
C LEU JC 102 -28.22 -23.85 -143.03
N TYR JC 103 -28.21 -22.96 -144.02
CA TYR JC 103 -29.47 -22.34 -144.45
C TYR JC 103 -30.32 -23.32 -145.24
N ASP JC 104 -29.71 -24.12 -146.10
CA ASP JC 104 -30.46 -25.06 -146.93
C ASP JC 104 -31.04 -26.22 -146.13
N LEU JC 105 -30.46 -26.55 -144.99
CA LEU JC 105 -31.02 -27.61 -144.16
C LEU JC 105 -32.19 -27.10 -143.34
N THR JC 106 -32.10 -25.87 -142.83
CA THR JC 106 -33.18 -25.31 -142.03
C THR JC 106 -34.35 -24.88 -142.91
N LYS JC 107 -34.08 -24.44 -144.13
CA LYS JC 107 -35.15 -24.15 -145.08
C LYS JC 107 -35.91 -25.40 -145.45
N SER JC 108 -35.23 -26.56 -145.48
CA SER JC 108 -35.88 -27.82 -145.74
C SER JC 108 -36.39 -28.50 -144.48
N LEU JC 109 -35.92 -28.09 -143.31
CA LEU JC 109 -36.48 -28.59 -142.06
C LEU JC 109 -37.89 -28.05 -141.85
N VAL JC 110 -38.08 -26.74 -142.04
CA VAL JC 110 -39.38 -26.13 -141.83
C VAL JC 110 -40.37 -26.57 -142.91
N ALA JC 111 -39.88 -26.86 -144.10
CA ALA JC 111 -40.76 -27.19 -145.22
C ALA JC 111 -41.19 -28.65 -145.25
N THR JC 112 -40.89 -29.45 -144.22
CA THR JC 112 -41.31 -30.84 -144.24
C THR JC 112 -42.65 -31.01 -143.53
N SER JC 113 -43.26 -32.17 -143.73
CA SER JC 113 -44.56 -32.47 -143.15
C SER JC 113 -44.50 -32.93 -141.71
N GLN JC 114 -43.30 -33.11 -141.15
CA GLN JC 114 -43.20 -33.54 -139.77
C GLN JC 114 -43.08 -32.36 -138.80
N VAL JC 115 -42.52 -31.25 -139.27
CA VAL JC 115 -42.48 -30.05 -138.45
C VAL JC 115 -43.80 -29.29 -138.56
N GLU JC 116 -44.50 -29.46 -139.69
CA GLU JC 116 -45.82 -28.85 -139.84
C GLU JC 116 -46.82 -29.43 -138.86
N ASP JC 117 -46.84 -30.76 -138.72
CA ASP JC 117 -47.73 -31.39 -137.75
C ASP JC 117 -47.25 -31.21 -136.31
N LEU JC 118 -46.00 -30.82 -136.11
CA LEU JC 118 -45.49 -30.62 -134.76
C LEU JC 118 -45.99 -29.31 -134.16
N VAL JC 119 -46.22 -28.29 -134.99
CA VAL JC 119 -46.65 -27.01 -134.48
C VAL JC 119 -48.16 -26.83 -134.66
N VAL JC 120 -48.74 -27.54 -135.62
CA VAL JC 120 -50.18 -27.44 -135.82
C VAL JC 120 -50.93 -28.43 -134.93
N ASN JC 121 -50.63 -29.72 -135.07
CA ASN JC 121 -51.36 -30.77 -134.38
C ASN JC 121 -50.57 -31.42 -133.26
N LEU JC 122 -49.40 -30.87 -132.92
CA LEU JC 122 -48.56 -31.26 -131.77
C LEU JC 122 -48.08 -32.70 -131.84
N VAL JC 123 -48.01 -33.28 -133.04
CA VAL JC 123 -47.51 -34.64 -133.22
C VAL JC 123 -45.98 -34.61 -133.11
N PRO JC 124 -45.37 -35.54 -132.36
CA PRO JC 124 -43.91 -35.53 -132.24
C PRO JC 124 -43.21 -35.94 -133.54
N LEU JC 125 -41.90 -35.78 -133.52
CA LEU JC 125 -41.11 -35.94 -134.73
C LEU JC 125 -40.75 -37.40 -134.97
N GLY JC 126 -40.54 -37.74 -136.23
CA GLY JC 126 -40.08 -39.07 -136.60
C GLY JC 126 -41.19 -40.00 -137.03
N ARG JC 127 -41.07 -40.54 -138.23
CA ARG JC 127 -42.01 -41.53 -138.75
C ARG JC 127 -41.23 -42.72 -139.28
N ALA JC 128 -41.49 -43.89 -138.72
CA ALA JC 128 -40.74 -45.10 -139.06
C ALA JC 128 -41.30 -45.70 -140.35
N TYR JC 129 -40.58 -45.51 -141.45
CA TYR JC 129 -40.93 -46.11 -142.74
C TYR JC 129 -39.90 -47.20 -143.04
N GLY JC 130 -40.15 -48.39 -142.51
CA GLY JC 130 -39.26 -49.52 -142.68
C GLY JC 130 -37.90 -49.33 -142.03
N GLY JC 131 -37.87 -49.26 -140.71
CA GLY JC 131 -36.63 -49.07 -139.99
C GLY JC 131 -36.78 -48.23 -138.76
N SER JC 132 -35.89 -47.25 -138.57
CA SER JC 132 -35.93 -46.39 -137.40
C SER JC 132 -36.80 -45.18 -137.67
N LYS JC 133 -37.01 -44.37 -136.63
CA LYS JC 133 -37.72 -43.11 -136.76
C LYS JC 133 -36.81 -42.10 -137.44
N THR JC 134 -37.12 -41.75 -138.68
CA THR JC 134 -36.23 -40.95 -139.51
C THR JC 134 -36.88 -39.64 -139.92
N ILE JC 135 -36.03 -38.65 -140.20
CA ILE JC 135 -36.44 -37.40 -140.83
C ILE JC 135 -35.62 -37.25 -142.10
N VAL JC 136 -36.26 -36.86 -143.20
CA VAL JC 136 -35.58 -36.68 -144.47
C VAL JC 136 -35.54 -35.19 -144.79
N LEU JC 137 -34.34 -34.67 -145.01
CA LEU JC 137 -34.12 -33.26 -145.33
C LEU JC 137 -33.56 -33.17 -146.73
N SER JC 138 -34.42 -33.04 -147.72
CA SER JC 138 -33.99 -32.93 -149.11
C SER JC 138 -33.40 -31.56 -149.39
N VAL JC 139 -32.23 -31.54 -150.02
CA VAL JC 139 -31.52 -30.31 -150.32
C VAL JC 139 -31.53 -30.25 -151.85
N GLY JC 140 -32.63 -30.69 -152.43
CA GLY JC 140 -32.72 -30.84 -153.87
C GLY JC 140 -32.81 -32.30 -154.25
N GLU JC 141 -31.73 -32.86 -154.80
CA GLU JC 141 -31.65 -34.29 -155.02
C GLU JC 141 -30.90 -35.02 -153.91
N ALA JC 142 -30.05 -34.32 -153.17
CA ALA JC 142 -29.37 -34.92 -152.04
C ALA JC 142 -30.32 -34.97 -150.84
N THR JC 143 -30.50 -36.16 -150.29
CA THR JC 143 -31.36 -36.37 -149.13
C THR JC 143 -30.49 -36.78 -147.96
N ARG JC 144 -30.66 -36.13 -146.82
CA ARG JC 144 -29.87 -36.40 -145.63
C ARG JC 144 -30.81 -36.93 -144.55
N THR JC 145 -30.73 -38.23 -144.29
CA THR JC 145 -31.67 -38.92 -143.42
C THR JC 145 -31.12 -38.96 -142.00
N LEU JC 146 -31.86 -38.40 -141.06
CA LEU JC 146 -31.45 -38.39 -139.66
C LEU JC 146 -32.28 -39.39 -138.86
N THR JC 147 -31.60 -40.35 -138.24
CA THR JC 147 -32.24 -41.39 -137.47
C THR JC 147 -32.21 -41.03 -135.98
N GLU JC 148 -33.26 -41.45 -135.26
CA GLU JC 148 -33.41 -41.09 -133.87
C GLU JC 148 -32.48 -41.91 -132.99
N ILE JC 149 -31.78 -41.23 -132.08
CA ILE JC 149 -30.83 -41.90 -131.20
C ILE JC 149 -31.27 -41.91 -129.74
N GLN JC 150 -32.18 -41.03 -129.33
CA GLN JC 150 -32.55 -40.90 -127.93
C GLN JC 150 -33.87 -40.14 -127.84
N SER JC 151 -34.81 -40.66 -127.07
CA SER JC 151 -36.11 -40.03 -126.84
C SER JC 151 -36.46 -40.19 -125.37
N THR JC 152 -36.07 -39.22 -124.56
CA THR JC 152 -36.46 -39.20 -123.15
C THR JC 152 -37.83 -38.54 -123.02
N ALA JC 153 -38.21 -38.18 -121.79
CA ALA JC 153 -39.50 -37.56 -121.55
C ALA JC 153 -39.56 -36.15 -122.14
N ASP JC 154 -38.41 -35.45 -122.17
CA ASP JC 154 -38.37 -34.08 -122.68
C ASP JC 154 -37.73 -34.01 -124.07
N ARG JC 155 -36.50 -34.49 -124.22
CA ARG JC 155 -35.77 -34.31 -125.46
C ARG JC 155 -36.12 -35.41 -126.46
N GLN JC 156 -35.73 -35.16 -127.73
CA GLN JC 156 -35.89 -36.15 -128.78
C GLN JC 156 -34.79 -35.87 -129.80
N ILE JC 157 -33.68 -36.59 -129.68
CA ILE JC 157 -32.45 -36.25 -130.40
C ILE JC 157 -32.36 -37.10 -131.66
N PHE JC 158 -32.20 -36.45 -132.80
CA PHE JC 158 -31.94 -37.10 -134.08
C PHE JC 158 -30.50 -36.83 -134.48
N GLU JC 159 -29.97 -37.68 -135.35
CA GLU JC 159 -28.57 -37.59 -135.76
C GLU JC 159 -28.37 -38.37 -137.04
N GLU JC 160 -27.57 -37.82 -137.95
CA GLU JC 160 -27.20 -38.55 -139.16
C GLU JC 160 -26.21 -39.64 -138.81
N LYS JC 161 -26.15 -40.66 -139.66
CA LYS JC 161 -25.35 -41.84 -139.36
C LYS JC 161 -24.23 -42.12 -140.34
N VAL JC 162 -24.18 -41.44 -141.47
CA VAL JC 162 -23.09 -41.64 -142.40
C VAL JC 162 -21.89 -40.79 -142.00
N GLY JC 163 -20.72 -41.12 -142.53
CA GLY JC 163 -19.53 -40.35 -142.29
C GLY JC 163 -18.83 -40.72 -141.00
N PRO JC 164 -17.90 -39.88 -140.55
CA PRO JC 164 -17.19 -40.15 -139.30
C PRO JC 164 -18.09 -39.95 -138.10
N LEU JC 165 -17.61 -40.46 -136.96
CA LEU JC 165 -18.37 -40.40 -135.72
C LEU JC 165 -18.16 -39.11 -134.94
N VAL JC 166 -17.21 -38.27 -135.36
CA VAL JC 166 -16.86 -37.12 -134.54
C VAL JC 166 -17.72 -35.90 -134.88
N GLY JC 167 -18.10 -35.72 -136.14
CA GLY JC 167 -18.96 -34.62 -136.52
C GLY JC 167 -20.14 -35.05 -137.36
N ARG JC 168 -21.35 -34.89 -136.82
CA ARG JC 168 -22.56 -35.30 -137.52
C ARG JC 168 -23.66 -34.28 -137.22
N LEU JC 169 -24.72 -34.32 -138.02
CA LEU JC 169 -25.86 -33.45 -137.79
C LEU JC 169 -26.60 -33.83 -136.52
N ARG JC 170 -27.38 -32.87 -136.00
CA ARG JC 170 -28.18 -33.08 -134.82
C ARG JC 170 -29.53 -32.43 -135.02
N LEU JC 171 -30.51 -32.89 -134.26
CA LEU JC 171 -31.83 -32.26 -134.26
C LEU JC 171 -32.42 -32.51 -132.88
N THR JC 172 -32.33 -31.53 -132.00
CA THR JC 172 -32.74 -31.69 -130.62
C THR JC 172 -34.10 -31.04 -130.44
N ALA JC 173 -35.15 -31.81 -130.74
CA ALA JC 173 -36.50 -31.33 -130.49
C ALA JC 173 -36.88 -31.54 -129.03
N SER JC 174 -37.83 -30.73 -128.57
CA SER JC 174 -38.42 -30.89 -127.25
C SER JC 174 -39.78 -30.20 -127.27
N LEU JC 175 -40.51 -30.36 -126.17
CA LEU JC 175 -41.87 -29.84 -126.07
C LEU JC 175 -42.22 -29.71 -124.60
N ARG JC 176 -42.69 -28.54 -124.21
CA ARG JC 176 -43.01 -28.26 -122.81
C ARG JC 176 -44.39 -27.63 -122.73
N GLN JC 177 -44.87 -27.44 -121.51
CA GLN JC 177 -45.99 -26.55 -121.23
C GLN JC 177 -45.80 -25.95 -119.84
N ASN JC 178 -45.44 -24.69 -119.81
CA ASN JC 178 -45.14 -24.00 -118.56
C ASN JC 178 -46.34 -23.19 -118.10
N GLY JC 179 -46.55 -23.16 -116.79
CA GLY JC 179 -47.64 -22.41 -116.21
C GLY JC 179 -48.84 -23.29 -115.92
N ALA JC 180 -50.04 -22.72 -116.06
CA ALA JC 180 -51.26 -23.46 -115.78
C ALA JC 180 -51.82 -24.13 -117.03
N LYS JC 181 -50.95 -24.88 -117.71
CA LYS JC 181 -51.29 -25.73 -118.86
C LYS JC 181 -51.94 -24.94 -120.00
N THR JC 182 -51.52 -23.69 -120.19
CA THR JC 182 -52.17 -22.80 -121.15
C THR JC 182 -51.35 -22.53 -122.39
N ALA JC 183 -50.05 -22.77 -122.37
CA ALA JC 183 -49.20 -22.46 -123.51
C ALA JC 183 -48.13 -23.54 -123.67
N TYR JC 184 -47.91 -23.97 -124.90
CA TYR JC 184 -46.90 -24.95 -125.22
C TYR JC 184 -45.59 -24.25 -125.58
N ARG JC 185 -44.54 -25.05 -125.81
CA ARG JC 185 -43.24 -24.50 -126.20
C ARG JC 185 -42.50 -25.55 -127.01
N VAL JC 186 -42.56 -25.42 -128.33
CA VAL JC 186 -41.79 -26.27 -129.23
C VAL JC 186 -40.38 -25.68 -129.36
N ASN JC 187 -39.37 -26.53 -129.38
CA ASN JC 187 -37.99 -26.06 -129.35
C ASN JC 187 -37.14 -26.97 -130.24
N LEU JC 188 -36.91 -26.55 -131.48
CA LEU JC 188 -36.05 -27.25 -132.41
C LEU JC 188 -34.65 -26.62 -132.40
N LYS JC 189 -33.66 -27.42 -132.79
CA LYS JC 189 -32.27 -26.95 -132.81
C LYS JC 189 -31.47 -27.88 -133.71
N LEU JC 190 -30.84 -27.31 -134.73
CA LEU JC 190 -30.05 -28.08 -135.71
C LEU JC 190 -28.59 -27.68 -135.59
N ASP JC 191 -27.75 -28.61 -135.16
CA ASP JC 191 -26.31 -28.39 -135.09
C ASP JC 191 -25.64 -28.91 -136.35
N GLN JC 192 -24.76 -28.10 -136.91
CA GLN JC 192 -23.92 -28.53 -138.03
C GLN JC 192 -22.47 -28.23 -137.68
N ALA JC 193 -21.68 -29.28 -137.51
CA ALA JC 193 -20.26 -29.17 -137.23
C ALA JC 193 -19.47 -29.43 -138.50
N ASP JC 194 -18.44 -28.63 -138.73
CA ASP JC 194 -17.59 -28.77 -139.90
C ASP JC 194 -16.39 -29.63 -139.53
N VAL JC 195 -16.30 -30.79 -140.17
CA VAL JC 195 -15.22 -31.73 -139.92
C VAL JC 195 -14.29 -31.72 -141.12
N VAL JC 196 -12.99 -31.87 -140.87
CA VAL JC 196 -11.99 -31.91 -141.92
C VAL JC 196 -10.96 -32.99 -141.57
N ASP JC 197 -10.42 -33.63 -142.61
CA ASP JC 197 -9.35 -34.60 -142.42
C ASP JC 197 -8.10 -34.16 -143.17
N CYS JC 198 -6.96 -34.33 -142.52
CA CYS JC 198 -5.68 -33.91 -143.07
C CYS JC 198 -4.74 -35.10 -143.26
N SER JC 199 -5.30 -36.29 -143.44
CA SER JC 199 -4.49 -37.50 -143.57
C SER JC 199 -3.76 -37.58 -144.90
N THR JC 200 -4.23 -36.85 -145.92
CA THR JC 200 -3.50 -36.82 -147.18
C THR JC 200 -2.30 -35.88 -147.12
N SER JC 201 -2.27 -34.99 -146.13
CA SER JC 201 -1.16 -34.06 -145.96
C SER JC 201 -0.30 -34.38 -144.75
N VAL JC 202 -0.91 -34.55 -143.58
CA VAL JC 202 -0.19 -34.88 -142.36
C VAL JC 202 -0.53 -36.30 -141.97
N CYS JC 203 0.50 -37.12 -141.77
CA CYS JC 203 0.30 -38.51 -141.39
C CYS JC 203 -0.20 -38.64 -139.96
N GLY JC 204 -1.01 -39.66 -139.73
CA GLY JC 204 -1.54 -39.92 -138.41
C GLY JC 204 -2.56 -38.93 -137.92
N GLU JC 205 -3.23 -38.22 -138.83
CA GLU JC 205 -4.21 -37.20 -138.47
C GLU JC 205 -5.60 -37.76 -138.71
N LEU JC 206 -6.36 -37.91 -137.64
CA LEU JC 206 -7.74 -38.34 -137.69
C LEU JC 206 -8.64 -37.11 -137.83
N PRO JC 207 -9.86 -37.27 -138.36
CA PRO JC 207 -10.76 -36.12 -138.53
C PRO JC 207 -11.18 -35.50 -137.21
N LYS JC 208 -11.38 -34.18 -137.25
CA LYS JC 208 -11.78 -33.40 -136.08
C LYS JC 208 -12.64 -32.24 -136.53
N VAL JC 209 -13.39 -31.69 -135.59
CA VAL JC 209 -14.29 -30.57 -135.85
C VAL JC 209 -13.57 -29.27 -135.58
N ARG JC 210 -13.83 -28.25 -136.40
CA ARG JC 210 -13.18 -26.96 -136.22
C ARG JC 210 -14.15 -25.92 -135.65
N TYR JC 211 -15.40 -25.91 -136.13
CA TYR JC 211 -16.43 -25.02 -135.59
C TYR JC 211 -17.79 -25.70 -135.69
N THR JC 212 -18.76 -25.17 -134.96
CA THR JC 212 -20.15 -25.60 -135.07
C THR JC 212 -21.02 -24.37 -135.29
N GLN JC 213 -22.12 -24.55 -136.03
CA GLN JC 213 -23.09 -23.50 -136.28
C GLN JC 213 -24.49 -24.04 -136.03
N VAL JC 214 -25.27 -23.30 -135.23
CA VAL JC 214 -26.58 -23.77 -134.81
C VAL JC 214 -27.66 -22.96 -135.53
N TRP JC 215 -28.90 -23.45 -135.45
CA TRP JC 215 -30.08 -22.70 -135.84
C TRP JC 215 -31.21 -23.19 -134.94
N SER JC 216 -31.43 -22.49 -133.84
CA SER JC 216 -32.47 -22.87 -132.91
C SER JC 216 -33.82 -22.33 -133.37
N HIS JC 217 -34.88 -22.86 -132.76
CA HIS JC 217 -36.23 -22.35 -132.94
C HIS JC 217 -36.91 -22.36 -131.58
N ASP JC 218 -37.86 -21.45 -131.39
CA ASP JC 218 -38.60 -21.38 -130.13
C ASP JC 218 -40.01 -20.92 -130.45
N VAL JC 219 -40.91 -21.88 -130.63
CA VAL JC 219 -42.29 -21.61 -131.01
C VAL JC 219 -43.13 -21.60 -129.75
N THR JC 220 -44.01 -20.61 -129.62
CA THR JC 220 -44.92 -20.50 -128.49
C THR JC 220 -46.34 -20.63 -129.01
N ILE JC 221 -47.05 -21.64 -128.53
CA ILE JC 221 -48.42 -21.93 -128.96
C ILE JC 221 -49.29 -22.00 -127.72
N VAL JC 222 -50.31 -21.15 -127.67
CA VAL JC 222 -51.27 -21.22 -126.57
C VAL JC 222 -52.26 -22.35 -126.84
N ALA JC 223 -52.75 -22.95 -125.76
CA ALA JC 223 -53.42 -24.25 -125.86
C ALA JC 223 -54.81 -24.14 -126.48
N ASN JC 224 -55.50 -23.03 -126.28
CA ASN JC 224 -56.85 -22.85 -126.79
C ASN JC 224 -56.88 -22.12 -128.13
N SER JC 225 -55.89 -22.35 -128.98
CA SER JC 225 -55.74 -21.68 -130.25
C SER JC 225 -56.78 -22.15 -131.25
N THR JC 226 -56.87 -21.41 -132.36
CA THR JC 226 -57.57 -21.87 -133.54
C THR JC 226 -56.58 -22.67 -134.37
N GLU JC 227 -57.10 -23.62 -135.17
CA GLU JC 227 -56.20 -24.40 -136.03
C GLU JC 227 -55.63 -23.54 -137.14
N ALA JC 228 -56.43 -22.66 -137.72
CA ALA JC 228 -55.92 -21.75 -138.74
C ALA JC 228 -55.04 -20.64 -138.16
N SER JC 229 -55.04 -20.47 -136.84
CA SER JC 229 -54.09 -19.57 -136.21
C SER JC 229 -52.69 -20.18 -136.16
N ARG JC 230 -52.60 -21.47 -135.87
CA ARG JC 230 -51.30 -22.14 -135.88
C ARG JC 230 -50.86 -22.48 -137.29
N LYS JC 231 -51.81 -22.70 -138.20
CA LYS JC 231 -51.46 -23.02 -139.58
C LYS JC 231 -50.93 -21.81 -140.31
N SER JC 232 -51.46 -20.62 -139.99
CA SER JC 232 -50.96 -19.41 -140.63
C SER JC 232 -49.62 -18.97 -140.05
N LEU JC 233 -49.38 -19.25 -138.76
CA LEU JC 233 -48.08 -18.95 -138.17
C LEU JC 233 -46.99 -19.83 -138.77
N TYR JC 234 -47.30 -21.08 -139.06
CA TYR JC 234 -46.34 -21.97 -139.72
C TYR JC 234 -46.08 -21.54 -141.15
N ASP JC 235 -47.14 -21.18 -141.87
CA ASP JC 235 -47.01 -20.78 -143.28
C ASP JC 235 -46.30 -19.46 -143.47
N LEU JC 236 -46.28 -18.59 -142.46
CA LEU JC 236 -45.50 -17.37 -142.55
C LEU JC 236 -44.03 -17.63 -142.29
N THR JC 237 -43.72 -18.46 -141.30
CA THR JC 237 -42.33 -18.78 -141.00
C THR JC 237 -41.70 -19.65 -142.08
N LYS JC 238 -42.50 -20.54 -142.69
CA LYS JC 238 -42.02 -21.30 -143.84
C LYS JC 238 -41.72 -20.39 -145.02
N SER JC 239 -42.50 -19.32 -145.18
CA SER JC 239 -42.28 -18.38 -146.25
C SER JC 239 -41.26 -17.31 -145.89
N LEU JC 240 -40.91 -17.18 -144.61
CA LEU JC 240 -39.89 -16.22 -144.20
C LEU JC 240 -38.50 -16.75 -144.48
N VAL JC 241 -38.24 -18.01 -144.13
CA VAL JC 241 -36.94 -18.64 -144.38
C VAL JC 241 -36.72 -18.82 -145.87
N ALA JC 242 -37.78 -19.01 -146.64
CA ALA JC 242 -37.65 -19.21 -148.08
C ALA JC 242 -37.40 -17.93 -148.86
N THR JC 243 -37.34 -16.78 -148.20
CA THR JC 243 -37.09 -15.53 -148.91
C THR JC 243 -35.63 -15.41 -149.31
N SER JC 244 -35.36 -14.42 -150.17
CA SER JC 244 -33.99 -14.15 -150.59
C SER JC 244 -33.29 -13.16 -149.65
N GLN JC 245 -33.98 -12.66 -148.63
CA GLN JC 245 -33.36 -11.71 -147.72
C GLN JC 245 -32.84 -12.41 -146.48
N VAL JC 246 -33.51 -13.46 -146.02
CA VAL JC 246 -33.03 -14.24 -144.88
C VAL JC 246 -31.90 -15.18 -145.33
N GLU JC 247 -31.83 -15.48 -146.63
CA GLU JC 247 -30.66 -16.17 -147.16
C GLU JC 247 -29.41 -15.30 -147.05
N ASP JC 248 -29.50 -14.04 -147.48
CA ASP JC 248 -28.37 -13.13 -147.40
C ASP JC 248 -28.08 -12.66 -145.98
N LEU JC 249 -29.04 -12.78 -145.07
CA LEU JC 249 -28.79 -12.43 -143.68
C LEU JC 249 -27.92 -13.47 -143.00
N VAL JC 250 -28.02 -14.72 -143.44
CA VAL JC 250 -27.20 -15.79 -142.86
C VAL JC 250 -25.90 -15.97 -143.63
N VAL JC 251 -25.96 -15.96 -144.96
CA VAL JC 251 -24.77 -16.19 -145.77
C VAL JC 251 -23.86 -14.97 -145.76
N ASN JC 252 -24.39 -13.80 -146.10
CA ASN JC 252 -23.57 -12.61 -146.29
C ASN JC 252 -23.78 -11.54 -145.23
N LEU JC 253 -24.58 -11.81 -144.20
CA LEU JC 253 -24.83 -10.91 -143.06
C LEU JC 253 -25.44 -9.57 -143.47
N VAL JC 254 -26.16 -9.54 -144.57
CA VAL JC 254 -26.87 -8.32 -144.99
C VAL JC 254 -28.14 -8.19 -144.16
N PRO JC 255 -28.39 -7.06 -143.52
CA PRO JC 255 -29.64 -6.89 -142.76
C PRO JC 255 -30.87 -6.86 -143.67
N LEU JC 256 -32.02 -7.08 -143.05
CA LEU JC 256 -33.26 -7.25 -143.79
C LEU JC 256 -33.80 -5.89 -144.26
N GLY JC 257 -34.70 -5.95 -145.24
CA GLY JC 257 -35.35 -4.77 -145.73
C GLY JC 257 -34.81 -4.28 -147.06
N ARG JC 258 -35.59 -4.40 -148.11
CA ARG JC 258 -35.19 -3.93 -149.43
C ARG JC 258 -36.14 -2.86 -149.95
N SER KC 1 -28.25 -149.18 -20.08
CA SER KC 1 -29.17 -148.17 -19.55
C SER KC 1 -30.41 -148.05 -20.43
N LYS KC 2 -30.72 -146.84 -20.87
CA LYS KC 2 -31.87 -146.57 -21.73
C LYS KC 2 -31.37 -146.39 -23.16
N THR KC 3 -31.96 -147.12 -24.09
CA THR KC 3 -31.44 -147.21 -25.44
C THR KC 3 -32.48 -146.80 -26.48
N ILE KC 4 -31.98 -146.27 -27.60
CA ILE KC 4 -32.75 -146.09 -28.82
C ILE KC 4 -32.07 -146.92 -29.91
N VAL KC 5 -32.85 -147.63 -30.70
CA VAL KC 5 -32.34 -148.50 -31.74
C VAL KC 5 -32.72 -147.90 -33.09
N LEU KC 6 -31.72 -147.54 -33.88
CA LEU KC 6 -31.91 -146.95 -35.21
C LEU KC 6 -31.52 -147.99 -36.26
N SER KC 7 -32.52 -148.67 -36.82
CA SER KC 7 -32.26 -149.67 -37.85
C SER KC 7 -32.04 -148.99 -39.19
N VAL KC 8 -30.89 -149.27 -39.81
CA VAL KC 8 -30.47 -148.59 -41.03
C VAL KC 8 -30.50 -149.67 -42.12
N GLY KC 9 -31.45 -150.60 -41.99
CA GLY KC 9 -31.53 -151.73 -42.88
C GLY KC 9 -31.47 -153.01 -42.09
N GLU KC 10 -30.38 -153.74 -42.21
CA GLU KC 10 -30.09 -154.84 -41.29
C GLU KC 10 -29.12 -154.46 -40.19
N ALA KC 11 -28.38 -153.37 -40.37
CA ALA KC 11 -27.48 -152.87 -39.34
C ALA KC 11 -28.25 -152.01 -38.35
N THR KC 12 -28.19 -152.35 -37.08
CA THR KC 12 -28.86 -151.61 -36.02
C THR KC 12 -27.79 -150.88 -35.20
N ARG KC 13 -27.97 -149.59 -35.02
CA ARG KC 13 -27.01 -148.75 -34.30
C ARG KC 13 -27.67 -148.27 -33.01
N THR KC 14 -27.24 -148.82 -31.89
CA THR KC 14 -27.89 -148.60 -30.60
C THR KC 14 -27.17 -147.48 -29.84
N LEU KC 15 -27.89 -146.40 -29.58
CA LEU KC 15 -27.40 -145.30 -28.77
C LEU KC 15 -27.80 -145.51 -27.32
N THR KC 16 -26.85 -145.31 -26.40
CA THR KC 16 -27.14 -145.42 -24.98
C THR KC 16 -27.06 -144.05 -24.34
N GLU KC 17 -27.76 -143.89 -23.23
CA GLU KC 17 -27.94 -142.59 -22.62
C GLU KC 17 -26.76 -142.25 -21.72
N ILE KC 18 -26.21 -141.05 -21.88
CA ILE KC 18 -25.09 -140.58 -21.07
C ILE KC 18 -25.44 -139.37 -20.21
N GLN KC 19 -26.67 -138.86 -20.29
CA GLN KC 19 -27.06 -137.70 -19.50
C GLN KC 19 -28.58 -137.69 -19.37
N SER KC 20 -29.06 -137.32 -18.18
CA SER KC 20 -30.50 -137.19 -17.94
C SER KC 20 -30.67 -135.99 -17.01
N THR KC 21 -30.91 -134.83 -17.60
CA THR KC 21 -31.19 -133.63 -16.83
C THR KC 21 -32.72 -133.55 -16.67
N ALA KC 22 -33.24 -132.42 -16.20
CA ALA KC 22 -34.70 -132.27 -16.09
C ALA KC 22 -35.35 -132.21 -17.46
N ASP KC 23 -34.70 -131.56 -18.41
CA ASP KC 23 -35.19 -131.50 -19.78
C ASP KC 23 -34.26 -132.13 -20.80
N ARG KC 24 -32.97 -131.82 -20.76
CA ARG KC 24 -32.03 -132.35 -21.73
C ARG KC 24 -31.75 -133.82 -21.47
N GLN KC 25 -31.45 -134.55 -22.55
CA GLN KC 25 -31.33 -136.00 -22.47
C GLN KC 25 -30.42 -136.44 -23.61
N ILE KC 26 -29.16 -136.71 -23.30
CA ILE KC 26 -28.13 -136.94 -24.30
C ILE KC 26 -27.90 -138.44 -24.47
N PHE KC 27 -27.92 -138.89 -25.71
CA PHE KC 27 -27.63 -140.27 -26.07
C PHE KC 27 -26.33 -140.30 -26.87
N GLU KC 28 -25.70 -141.48 -26.90
CA GLU KC 28 -24.41 -141.63 -27.58
C GLU KC 28 -24.20 -143.10 -27.87
N GLU KC 29 -23.64 -143.39 -29.05
CA GLU KC 29 -23.26 -144.75 -29.40
C GLU KC 29 -21.94 -145.09 -28.75
N LYS KC 30 -21.78 -146.36 -28.37
CA LYS KC 30 -20.61 -146.80 -27.64
C LYS KC 30 -19.64 -147.64 -28.46
N VAL KC 31 -19.93 -147.87 -29.72
CA VAL KC 31 -19.04 -148.69 -30.56
C VAL KC 31 -18.05 -147.78 -31.28
N GLY KC 32 -16.77 -148.10 -31.16
CA GLY KC 32 -15.74 -147.42 -31.91
C GLY KC 32 -14.78 -146.62 -31.03
N PRO KC 33 -14.06 -145.67 -31.64
CA PRO KC 33 -13.16 -144.81 -30.86
C PRO KC 33 -13.91 -143.85 -29.95
N LEU KC 34 -13.20 -143.23 -29.02
CA LEU KC 34 -13.82 -142.43 -27.98
C LEU KC 34 -13.96 -140.96 -28.34
N VAL KC 35 -13.39 -140.52 -29.46
CA VAL KC 35 -13.35 -139.09 -29.76
C VAL KC 35 -14.49 -138.69 -30.70
N GLY KC 36 -14.88 -139.55 -31.64
CA GLY KC 36 -15.99 -139.21 -32.52
C GLY KC 36 -17.07 -140.27 -32.53
N ARG KC 37 -18.24 -139.93 -32.02
CA ARG KC 37 -19.35 -140.87 -31.94
C ARG KC 37 -20.64 -140.13 -32.27
N LEU KC 38 -21.72 -140.91 -32.44
CA LEU KC 38 -23.04 -140.31 -32.62
C LEU KC 38 -23.51 -139.61 -31.36
N ARG KC 39 -24.50 -138.75 -31.53
CA ARG KC 39 -25.01 -137.92 -30.45
C ARG KC 39 -26.46 -137.59 -30.76
N LEU KC 40 -27.28 -137.55 -29.71
CA LEU KC 40 -28.70 -137.26 -29.89
C LEU KC 40 -29.13 -136.45 -28.67
N THR KC 41 -29.20 -135.14 -28.82
CA THR KC 41 -29.51 -134.24 -27.72
C THR KC 41 -31.00 -133.96 -27.76
N ALA KC 42 -31.77 -134.83 -27.11
CA ALA KC 42 -33.21 -134.64 -27.03
C ALA KC 42 -33.54 -133.61 -25.96
N SER KC 43 -34.74 -133.03 -26.06
CA SER KC 43 -35.18 -131.99 -25.13
C SER KC 43 -36.70 -131.93 -25.16
N LEU KC 44 -37.24 -131.20 -24.19
CA LEU KC 44 -38.67 -130.92 -24.10
C LEU KC 44 -38.86 -129.74 -23.17
N ARG KC 45 -39.81 -128.86 -23.51
CA ARG KC 45 -40.05 -127.64 -22.77
C ARG KC 45 -41.54 -127.33 -22.80
N GLN KC 46 -41.93 -126.28 -22.07
CA GLN KC 46 -43.21 -125.63 -22.28
C GLN KC 46 -43.04 -124.15 -21.95
N ASN KC 47 -42.80 -123.35 -22.98
CA ASN KC 47 -42.48 -121.94 -22.80
C ASN KC 47 -43.74 -121.10 -22.80
N GLY KC 48 -43.69 -120.00 -22.05
CA GLY KC 48 -44.81 -119.09 -21.98
C GLY KC 48 -45.79 -119.42 -20.88
N ALA KC 49 -47.08 -119.25 -21.15
CA ALA KC 49 -48.12 -119.50 -20.15
C ALA KC 49 -48.67 -120.92 -20.26
N LYS KC 50 -47.73 -121.88 -20.27
CA LYS KC 50 -48.00 -123.32 -20.15
C LYS KC 50 -48.91 -123.85 -21.26
N THR KC 51 -48.88 -123.24 -22.44
CA THR KC 51 -49.83 -123.57 -23.49
C THR KC 51 -49.23 -124.26 -24.70
N ALA KC 52 -47.91 -124.23 -24.86
CA ALA KC 52 -47.27 -124.81 -26.04
C ALA KC 52 -45.99 -125.50 -25.63
N TYR KC 53 -45.81 -126.73 -26.07
CA TYR KC 53 -44.58 -127.48 -25.81
C TYR KC 53 -43.58 -127.22 -26.93
N ARG KC 54 -42.37 -127.76 -26.75
CA ARG KC 54 -41.32 -127.57 -27.74
C ARG KC 54 -40.37 -128.77 -27.67
N VAL KC 55 -40.54 -129.70 -28.59
CA VAL KC 55 -39.60 -130.81 -28.75
C VAL KC 55 -38.41 -130.31 -29.57
N ASN KC 56 -37.21 -130.79 -29.22
CA ASN KC 56 -36.01 -130.28 -29.85
C ASN KC 56 -34.97 -131.39 -29.90
N LEU KC 57 -34.87 -132.05 -31.04
CA LEU KC 57 -33.86 -133.08 -31.26
C LEU KC 57 -32.67 -132.50 -32.01
N LYS KC 58 -31.53 -133.21 -31.92
CA LYS KC 58 -30.31 -132.77 -32.59
C LYS KC 58 -29.42 -133.99 -32.76
N LEU KC 59 -29.31 -134.47 -33.99
CA LEU KC 59 -28.53 -135.67 -34.30
C LEU KC 59 -27.20 -135.26 -34.91
N ASP KC 60 -26.16 -135.19 -34.10
CA ASP KC 60 -24.82 -134.90 -34.61
C ASP KC 60 -24.20 -136.15 -35.20
N GLN KC 61 -23.24 -135.94 -36.10
CA GLN KC 61 -22.50 -137.05 -36.70
C GLN KC 61 -21.12 -136.54 -37.06
N ALA KC 62 -20.09 -137.09 -36.42
CA ALA KC 62 -18.72 -136.70 -36.63
C ALA KC 62 -18.02 -137.72 -37.52
N ASP KC 63 -17.19 -137.25 -38.43
CA ASP KC 63 -16.41 -138.12 -39.31
C ASP KC 63 -14.99 -138.19 -38.75
N VAL KC 64 -14.71 -139.23 -38.01
CA VAL KC 64 -13.40 -139.42 -37.40
C VAL KC 64 -12.52 -140.18 -38.39
N VAL KC 65 -11.22 -139.88 -38.35
CA VAL KC 65 -10.25 -140.54 -39.21
C VAL KC 65 -9.00 -140.83 -38.38
N ASP KC 66 -8.45 -142.03 -38.54
CA ASP KC 66 -7.24 -142.45 -37.84
C ASP KC 66 -6.28 -143.07 -38.84
N CYS KC 67 -5.16 -142.40 -39.08
CA CYS KC 67 -4.14 -142.86 -40.00
C CYS KC 67 -2.77 -142.90 -39.33
N SER KC 68 -2.71 -143.55 -38.16
CA SER KC 68 -1.43 -143.85 -37.54
C SER KC 68 -0.64 -144.87 -38.34
N THR KC 69 -1.30 -145.65 -39.21
CA THR KC 69 -0.58 -146.56 -40.09
C THR KC 69 0.26 -145.80 -41.12
N SER KC 70 -0.28 -144.72 -41.67
CA SER KC 70 0.43 -143.99 -42.71
C SER KC 70 1.52 -143.10 -42.12
N VAL KC 71 1.13 -142.13 -41.30
CA VAL KC 71 2.08 -141.28 -40.60
C VAL KC 71 2.23 -141.79 -39.17
N CYS KC 72 3.48 -142.01 -38.75
CA CYS KC 72 3.75 -142.59 -37.45
C CYS KC 72 3.66 -141.52 -36.37
N GLY KC 73 2.75 -141.71 -35.42
CA GLY KC 73 2.69 -140.87 -34.25
C GLY KC 73 1.48 -139.98 -34.11
N GLU KC 74 0.40 -140.25 -34.83
CA GLU KC 74 -0.81 -139.45 -34.67
C GLU KC 74 -1.92 -140.31 -34.08
N LEU KC 75 -2.97 -139.63 -33.64
CA LEU KC 75 -4.10 -140.22 -32.93
C LEU KC 75 -5.36 -140.00 -33.77
N PRO KC 76 -6.48 -140.67 -33.47
CA PRO KC 76 -7.72 -140.37 -34.20
C PRO KC 76 -8.21 -138.95 -33.96
N LYS KC 77 -8.82 -138.38 -34.98
CA LYS KC 77 -9.12 -136.96 -35.02
C LYS KC 77 -10.40 -136.76 -35.82
N VAL KC 78 -11.17 -135.72 -35.47
CA VAL KC 78 -12.44 -135.43 -36.11
C VAL KC 78 -12.23 -134.42 -37.22
N ARG KC 79 -12.66 -134.75 -38.43
CA ARG KC 79 -12.59 -133.80 -39.53
C ARG KC 79 -13.69 -132.75 -39.42
N TYR KC 80 -14.94 -133.17 -39.49
CA TYR KC 80 -16.09 -132.28 -39.51
C TYR KC 80 -17.25 -132.92 -38.79
N THR KC 81 -18.31 -132.13 -38.59
CA THR KC 81 -19.55 -132.61 -38.01
C THR KC 81 -20.73 -132.17 -38.87
N GLN KC 82 -21.69 -133.07 -39.07
CA GLN KC 82 -22.90 -132.79 -39.83
C GLN KC 82 -24.10 -133.11 -38.95
N VAL KC 83 -24.95 -132.13 -38.71
CA VAL KC 83 -26.06 -132.27 -37.78
C VAL KC 83 -27.38 -132.30 -38.55
N TRP KC 84 -28.43 -132.72 -37.85
CA TRP KC 84 -29.80 -132.67 -38.37
C TRP KC 84 -30.70 -132.39 -37.17
N SER KC 85 -31.04 -131.12 -36.98
CA SER KC 85 -31.87 -130.74 -35.86
C SER KC 85 -33.36 -130.83 -36.22
N HIS KC 86 -34.19 -130.82 -35.19
CA HIS KC 86 -35.63 -130.74 -35.32
C HIS KC 86 -36.15 -129.74 -34.30
N ASP KC 87 -37.25 -129.07 -34.63
CA ASP KC 87 -37.87 -128.11 -33.72
C ASP KC 87 -39.39 -128.23 -33.88
N VAL KC 88 -39.99 -129.07 -33.07
CA VAL KC 88 -41.42 -129.34 -33.13
C VAL KC 88 -42.12 -128.43 -32.13
N THR KC 89 -43.26 -127.85 -32.54
CA THR KC 89 -44.06 -127.03 -31.66
C THR KC 89 -45.44 -127.64 -31.54
N ILE KC 90 -45.83 -128.01 -30.32
CA ILE KC 90 -47.10 -128.67 -30.05
C ILE KC 90 -47.85 -127.82 -29.04
N VAL KC 91 -49.06 -127.40 -29.40
CA VAL KC 91 -49.92 -126.67 -28.48
C VAL KC 91 -50.63 -127.68 -27.58
N ALA KC 92 -50.87 -127.28 -26.33
CA ALA KC 92 -51.21 -128.24 -25.29
C ALA KC 92 -52.65 -128.75 -25.40
N ASN KC 93 -53.56 -127.94 -25.94
CA ASN KC 93 -54.96 -128.33 -26.06
C ASN KC 93 -55.29 -128.93 -27.42
N SER KC 94 -54.35 -129.62 -28.04
CA SER KC 94 -54.54 -130.15 -29.38
C SER KC 94 -55.45 -131.37 -29.37
N THR KC 95 -55.81 -131.80 -30.57
CA THR KC 95 -56.45 -133.09 -30.79
C THR KC 95 -55.36 -134.11 -31.04
N GLU KC 96 -55.56 -135.34 -30.55
CA GLU KC 96 -54.56 -136.38 -30.76
C GLU KC 96 -54.45 -136.79 -32.22
N ALA KC 97 -55.52 -136.62 -33.00
CA ALA KC 97 -55.44 -136.88 -34.43
C ALA KC 97 -54.70 -135.79 -35.18
N SER KC 98 -54.55 -134.61 -34.59
CA SER KC 98 -53.78 -133.55 -35.23
C SER KC 98 -52.30 -133.70 -34.93
N ARG KC 99 -51.97 -134.18 -33.73
CA ARG KC 99 -50.59 -134.50 -33.38
C ARG KC 99 -50.08 -135.73 -34.11
N LYS KC 100 -50.97 -136.68 -34.40
CA LYS KC 100 -50.57 -137.87 -35.14
C LYS KC 100 -50.38 -137.55 -36.62
N SER KC 101 -51.18 -136.63 -37.16
CA SER KC 101 -51.07 -136.28 -38.57
C SER KC 101 -49.81 -135.47 -38.83
N LEU KC 102 -49.40 -134.63 -37.88
CA LEU KC 102 -48.16 -133.88 -38.03
C LEU KC 102 -46.95 -134.81 -37.99
N TYR KC 103 -47.05 -135.89 -37.22
CA TYR KC 103 -45.97 -136.87 -37.22
C TYR KC 103 -45.97 -137.71 -38.49
N ASP KC 104 -47.15 -138.08 -38.98
CA ASP KC 104 -47.23 -138.92 -40.18
C ASP KC 104 -46.86 -138.17 -41.44
N LEU KC 105 -46.97 -136.85 -41.46
CA LEU KC 105 -46.55 -136.09 -42.62
C LEU KC 105 -45.04 -135.90 -42.63
N THR KC 106 -44.44 -135.67 -41.47
CA THR KC 106 -42.99 -135.47 -41.41
C THR KC 106 -42.25 -136.79 -41.55
N LYS KC 107 -42.83 -137.89 -41.08
CA LYS KC 107 -42.25 -139.21 -41.30
C LYS KC 107 -42.26 -139.56 -42.78
N SER KC 108 -43.25 -139.09 -43.52
CA SER KC 108 -43.30 -139.31 -44.95
C SER KC 108 -42.59 -138.22 -45.74
N LEU KC 109 -42.33 -137.07 -45.13
CA LEU KC 109 -41.52 -136.05 -45.79
C LEU KC 109 -40.08 -136.50 -45.90
N VAL KC 110 -39.52 -137.01 -44.80
CA VAL KC 110 -38.13 -137.43 -44.80
C VAL KC 110 -37.95 -138.69 -45.66
N ALA KC 111 -38.96 -139.53 -45.74
CA ALA KC 111 -38.84 -140.79 -46.45
C ALA KC 111 -39.04 -140.68 -47.96
N THR KC 112 -39.14 -139.48 -48.51
CA THR KC 112 -39.33 -139.36 -49.96
C THR KC 112 -37.99 -139.18 -50.65
N SER KC 113 -38.02 -139.35 -51.97
CA SER KC 113 -36.80 -139.25 -52.78
C SER KC 113 -36.42 -137.83 -53.13
N GLN KC 114 -37.23 -136.84 -52.76
CA GLN KC 114 -36.88 -135.46 -53.07
C GLN KC 114 -36.13 -134.80 -51.92
N VAL KC 115 -36.37 -135.24 -50.69
CA VAL KC 115 -35.60 -134.73 -49.55
C VAL KC 115 -34.27 -135.49 -49.44
N GLU KC 116 -34.24 -136.73 -49.92
CA GLU KC 116 -32.99 -137.49 -49.95
C GLU KC 116 -31.97 -136.85 -50.88
N ASP KC 117 -32.39 -136.45 -52.08
CA ASP KC 117 -31.48 -135.79 -53.00
C ASP KC 117 -31.19 -134.35 -52.58
N LEU KC 118 -32.00 -133.78 -51.69
CA LEU KC 118 -31.76 -132.41 -51.25
C LEU KC 118 -30.60 -132.33 -50.26
N VAL KC 119 -30.38 -133.38 -49.47
CA VAL KC 119 -29.31 -133.35 -48.48
C VAL KC 119 -28.10 -134.12 -48.98
N VAL KC 120 -28.30 -135.05 -49.90
CA VAL KC 120 -27.16 -135.79 -50.42
C VAL KC 120 -26.54 -135.07 -51.62
N ASN KC 121 -27.34 -134.81 -52.65
CA ASN KC 121 -26.82 -134.25 -53.89
C ASN KC 121 -27.23 -132.79 -54.10
N LEU KC 122 -27.85 -132.17 -53.10
CA LEU KC 122 -28.19 -130.74 -53.05
C LEU KC 122 -29.16 -130.31 -54.15
N VAL KC 123 -29.94 -131.25 -54.68
CA VAL KC 123 -30.95 -130.94 -55.70
C VAL KC 123 -32.14 -130.27 -55.03
N PRO KC 124 -32.67 -129.18 -55.57
CA PRO KC 124 -33.82 -128.52 -54.93
C PRO KC 124 -35.09 -129.35 -55.04
N LEU KC 125 -36.12 -128.88 -54.33
CA LEU KC 125 -37.35 -129.63 -54.18
C LEU KC 125 -38.29 -129.41 -55.35
N GLY KC 126 -39.14 -130.40 -55.60
CA GLY KC 126 -40.17 -130.27 -56.61
C GLY KC 126 -39.79 -130.88 -57.94
N ARG KC 127 -40.60 -131.82 -58.43
CA ARG KC 127 -40.40 -132.43 -59.74
C ARG KC 127 -41.72 -132.37 -60.49
N ALA KC 128 -41.71 -131.71 -61.65
CA ALA KC 128 -42.93 -131.50 -62.42
C ALA KC 128 -43.24 -132.74 -63.24
N TYR KC 129 -44.24 -133.51 -62.81
CA TYR KC 129 -44.72 -134.68 -63.53
C TYR KC 129 -46.11 -134.34 -64.09
N GLY KC 130 -46.12 -133.70 -65.25
CA GLY KC 130 -47.36 -133.30 -65.89
C GLY KC 130 -48.13 -132.24 -65.12
N GLY KC 131 -47.55 -131.04 -65.02
CA GLY KC 131 -48.20 -129.97 -64.29
C GLY KC 131 -47.23 -129.08 -63.56
N SER KC 132 -47.52 -128.79 -62.30
CA SER KC 132 -46.67 -127.93 -61.50
C SER KC 132 -45.60 -128.75 -60.77
N LYS KC 133 -44.69 -128.05 -60.11
CA LYS KC 133 -43.69 -128.70 -59.28
C LYS KC 133 -44.36 -129.18 -58.00
N THR KC 134 -44.49 -130.50 -57.85
CA THR KC 134 -45.28 -131.08 -56.78
C THR KC 134 -44.42 -131.97 -55.88
N ILE KC 135 -44.87 -132.11 -54.63
CA ILE KC 135 -44.33 -133.08 -53.70
C ILE KC 135 -45.51 -133.96 -53.25
N VAL KC 136 -45.29 -135.27 -53.20
CA VAL KC 136 -46.33 -136.20 -52.79
C VAL KC 136 -45.94 -136.78 -51.43
N LEU KC 137 -46.83 -136.64 -50.45
CA LEU KC 137 -46.61 -137.14 -49.10
C LEU KC 137 -47.65 -138.22 -48.81
N SER KC 138 -47.31 -139.47 -49.10
CA SER KC 138 -48.21 -140.58 -48.86
C SER KC 138 -48.30 -140.88 -47.37
N VAL KC 139 -49.53 -141.02 -46.87
CA VAL KC 139 -49.77 -141.27 -45.46
C VAL KC 139 -50.40 -142.67 -45.45
N GLY KC 140 -49.93 -143.52 -46.36
CA GLY KC 140 -50.53 -144.82 -46.56
C GLY KC 140 -51.15 -144.90 -47.93
N GLU KC 141 -52.49 -144.88 -48.00
CA GLU KC 141 -53.18 -144.75 -49.26
C GLU KC 141 -53.60 -143.31 -49.56
N ALA KC 142 -53.72 -142.47 -48.55
CA ALA KC 142 -54.02 -141.07 -48.76
C ALA KC 142 -52.75 -140.33 -49.17
N THR KC 143 -52.80 -139.66 -50.32
CA THR KC 143 -51.68 -138.89 -50.83
C THR KC 143 -52.06 -137.42 -50.79
N ARG KC 144 -51.18 -136.58 -50.24
CA ARG KC 144 -51.43 -135.15 -50.11
C ARG KC 144 -50.39 -134.42 -50.96
N THR KC 145 -50.83 -133.90 -52.11
CA THR KC 145 -49.94 -133.32 -53.10
C THR KC 145 -49.80 -131.82 -52.86
N LEU KC 146 -48.57 -131.38 -52.63
CA LEU KC 146 -48.29 -129.96 -52.41
C LEU KC 146 -47.66 -129.34 -53.64
N THR KC 147 -48.31 -128.32 -54.19
CA THR KC 147 -47.83 -127.65 -55.39
C THR KC 147 -47.09 -126.37 -55.01
N GLU KC 148 -46.09 -126.02 -55.82
CA GLU KC 148 -45.22 -124.89 -55.52
C GLU KC 148 -45.92 -123.58 -55.82
N ILE KC 149 -45.86 -122.64 -54.89
CA ILE KC 149 -46.52 -121.35 -55.05
C ILE KC 149 -45.54 -120.19 -55.20
N GLN KC 150 -44.27 -120.35 -54.80
CA GLN KC 150 -43.32 -119.25 -54.79
C GLN KC 150 -41.92 -119.81 -54.67
N SER KC 151 -41.02 -119.37 -55.53
CA SER KC 151 -39.62 -119.78 -55.49
C SER KC 151 -38.75 -118.55 -55.75
N THR KC 152 -38.35 -117.87 -54.68
CA THR KC 152 -37.43 -116.74 -54.78
C THR KC 152 -36.00 -117.29 -54.77
N ALA KC 153 -35.03 -116.39 -54.57
CA ALA KC 153 -33.63 -116.81 -54.54
C ALA KC 153 -33.31 -117.64 -53.31
N ASP KC 154 -33.98 -117.36 -52.19
CA ASP KC 154 -33.75 -118.09 -50.95
C ASP KC 154 -34.84 -119.12 -50.67
N ARG KC 155 -36.09 -118.70 -50.58
CA ARG KC 155 -37.15 -119.59 -50.14
C ARG KC 155 -37.71 -120.40 -51.31
N GLN KC 156 -38.47 -121.44 -50.97
CA GLN KC 156 -39.18 -122.26 -51.95
C GLN KC 156 -40.41 -122.83 -51.25
N ILE KC 157 -41.54 -122.16 -51.41
CA ILE KC 157 -42.73 -122.42 -50.62
C ILE KC 157 -43.66 -123.34 -51.38
N PHE KC 158 -44.05 -124.44 -50.75
CA PHE KC 158 -45.04 -125.36 -51.27
C PHE KC 158 -46.29 -125.25 -50.43
N GLU KC 159 -47.43 -125.66 -51.00
CA GLU KC 159 -48.72 -125.51 -50.33
C GLU KC 159 -49.72 -126.43 -51.00
N GLU KC 160 -50.56 -127.07 -50.18
CA GLU KC 160 -51.66 -127.87 -50.71
C GLU KC 160 -52.74 -126.95 -51.27
N LYS KC 161 -53.54 -127.48 -52.19
CA LYS KC 161 -54.50 -126.66 -52.91
C LYS KC 161 -55.95 -127.07 -52.71
N VAL KC 162 -56.21 -128.22 -52.11
CA VAL KC 162 -57.59 -128.62 -51.84
C VAL KC 162 -58.07 -127.97 -50.55
N GLY KC 163 -59.39 -127.97 -50.37
CA GLY KC 163 -59.98 -127.45 -49.15
C GLY KC 163 -60.15 -125.96 -49.16
N PRO KC 164 -60.40 -125.38 -47.98
CA PRO KC 164 -60.55 -123.93 -47.88
C PRO KC 164 -59.22 -123.21 -48.07
N LEU KC 165 -59.32 -121.89 -48.26
CA LEU KC 165 -58.14 -121.07 -48.51
C LEU KC 165 -57.51 -120.55 -47.23
N VAL KC 166 -58.14 -120.73 -46.07
CA VAL KC 166 -57.64 -120.08 -44.87
C VAL KC 166 -56.63 -120.97 -44.13
N GLY KC 167 -56.81 -122.29 -44.13
CA GLY KC 167 -55.85 -123.17 -43.52
C GLY KC 167 -55.39 -124.27 -44.46
N ARG KC 168 -54.13 -124.26 -44.84
CA ARG KC 168 -53.60 -125.25 -45.76
C ARG KC 168 -52.19 -125.65 -45.31
N LEU KC 169 -51.73 -126.78 -45.86
CA LEU KC 169 -50.39 -127.27 -45.57
C LEU KC 169 -49.34 -126.35 -46.16
N ARG KC 170 -48.14 -126.41 -45.60
CA ARG KC 170 -47.04 -125.57 -46.06
C ARG KC 170 -45.76 -126.38 -46.05
N LEU KC 171 -44.79 -125.92 -46.84
CA LEU KC 171 -43.46 -126.53 -46.84
C LEU KC 171 -42.50 -125.43 -47.30
N THR KC 172 -41.82 -124.82 -46.34
CA THR KC 172 -40.94 -123.68 -46.61
C THR KC 172 -39.50 -124.18 -46.61
N ALA KC 173 -39.02 -124.59 -47.77
CA ALA KC 173 -37.63 -125.00 -47.91
C ALA KC 173 -36.76 -123.80 -48.26
N SER KC 174 -35.49 -123.90 -47.87
CA SER KC 174 -34.49 -122.91 -48.26
C SER KC 174 -33.13 -123.58 -48.21
N LEU KC 175 -32.11 -122.82 -48.60
CA LEU KC 175 -30.76 -123.36 -48.70
C LEU KC 175 -29.79 -122.19 -48.68
N ARG KC 176 -28.78 -122.27 -47.82
CA ARG KC 176 -27.81 -121.19 -47.67
C ARG KC 176 -26.40 -121.77 -47.70
N GLN KC 177 -25.42 -120.88 -47.68
CA GLN KC 177 -24.04 -121.26 -47.37
C GLN KC 177 -23.38 -120.06 -46.69
N ASN KC 178 -23.16 -120.19 -45.38
CA ASN KC 178 -22.63 -119.11 -44.57
C ASN KC 178 -21.13 -119.31 -44.36
N GLY KC 179 -20.41 -118.19 -44.36
CA GLY KC 179 -18.97 -118.22 -44.15
C GLY KC 179 -18.21 -118.20 -45.45
N ALA KC 180 -17.06 -118.87 -45.48
CA ALA KC 180 -16.22 -118.91 -46.67
C ALA KC 180 -16.55 -120.10 -47.56
N LYS KC 181 -17.84 -120.24 -47.89
CA LYS KC 181 -18.37 -121.24 -48.83
C LYS KC 181 -18.01 -122.67 -48.43
N THR KC 182 -17.97 -122.95 -47.12
CA THR KC 182 -17.51 -124.24 -46.64
C THR KC 182 -18.61 -125.12 -46.08
N ALA KC 183 -19.77 -124.57 -45.72
CA ALA KC 183 -20.83 -125.35 -45.12
C ALA KC 183 -22.17 -124.86 -45.63
N TYR KC 184 -23.04 -125.81 -45.95
CA TYR KC 184 -24.39 -125.50 -46.42
C TYR KC 184 -25.36 -125.49 -45.25
N ARG KC 185 -26.62 -125.13 -45.52
CA ARG KC 185 -27.64 -125.11 -44.49
C ARG KC 185 -29.00 -125.35 -45.16
N VAL KC 186 -29.47 -126.58 -45.09
CA VAL KC 186 -30.81 -126.93 -45.57
C VAL KC 186 -31.79 -126.64 -44.44
N ASN KC 187 -32.95 -126.10 -44.78
CA ASN KC 187 -33.91 -125.66 -43.76
C ASN KC 187 -35.32 -125.95 -44.24
N LEU KC 188 -35.87 -127.08 -43.82
CA LEU KC 188 -37.25 -127.45 -44.09
C LEU KC 188 -38.15 -127.05 -42.94
N LYS KC 189 -39.43 -126.86 -43.24
CA LYS KC 189 -40.41 -126.45 -42.23
C LYS KC 189 -41.81 -126.76 -42.74
N LEU KC 190 -42.56 -127.56 -41.99
CA LEU KC 190 -43.90 -127.98 -42.38
C LEU KC 190 -44.90 -127.41 -41.38
N ASP KC 191 -45.73 -126.48 -41.84
CA ASP KC 191 -46.79 -125.91 -41.02
C ASP KC 191 -48.09 -126.67 -41.25
N GLN KC 192 -48.75 -127.05 -40.16
CA GLN KC 192 -50.07 -127.66 -40.24
C GLN KC 192 -51.02 -126.87 -39.36
N ALA KC 193 -51.98 -126.20 -39.96
CA ALA KC 193 -52.99 -125.44 -39.25
C ALA KC 193 -54.28 -126.25 -39.20
N ASP KC 194 -54.92 -126.27 -38.04
CA ASP KC 194 -56.18 -126.98 -37.87
C ASP KC 194 -57.33 -126.01 -38.11
N VAL KC 195 -58.15 -126.29 -39.12
CA VAL KC 195 -59.27 -125.45 -39.49
C VAL KC 195 -60.56 -126.17 -39.11
N VAL KC 196 -61.55 -125.40 -38.63
CA VAL KC 196 -62.83 -125.95 -38.24
C VAL KC 196 -63.92 -124.97 -38.65
N ASP KC 197 -65.07 -125.51 -39.05
CA ASP KC 197 -66.26 -124.70 -39.33
C ASP KC 197 -67.50 -125.39 -38.79
N CYS KC 198 -68.42 -124.59 -38.25
CA CYS KC 198 -69.67 -125.10 -37.72
C CYS KC 198 -70.87 -124.39 -38.31
N SER KC 199 -70.91 -124.28 -39.64
CA SER KC 199 -72.06 -123.70 -40.31
C SER KC 199 -73.31 -124.56 -40.19
N THR KC 200 -73.15 -125.86 -39.89
CA THR KC 200 -74.30 -126.67 -39.53
C THR KC 200 -74.78 -126.38 -38.12
N SER KC 201 -73.95 -125.74 -37.30
CA SER KC 201 -74.30 -125.41 -35.92
C SER KC 201 -74.66 -123.94 -35.74
N VAL KC 202 -73.74 -123.04 -36.09
CA VAL KC 202 -73.95 -121.60 -35.99
C VAL KC 202 -73.97 -121.02 -37.39
N CYS KC 203 -75.04 -120.30 -37.72
CA CYS KC 203 -75.17 -119.71 -39.05
C CYS KC 203 -74.18 -118.56 -39.26
N GLY KC 204 -73.80 -118.38 -40.52
CA GLY KC 204 -72.92 -117.30 -40.90
C GLY KC 204 -71.50 -117.46 -40.43
N GLU KC 205 -71.06 -118.68 -40.16
CA GLU KC 205 -69.72 -118.95 -39.66
C GLU KC 205 -68.88 -119.54 -40.79
N LEU KC 206 -67.86 -118.81 -41.21
CA LEU KC 206 -66.91 -119.25 -42.19
C LEU KC 206 -65.76 -119.98 -41.50
N PRO KC 207 -65.03 -120.84 -42.22
CA PRO KC 207 -63.92 -121.58 -41.59
C PRO KC 207 -62.80 -120.67 -41.10
N LYS KC 208 -62.18 -121.09 -40.00
CA LYS KC 208 -61.09 -120.33 -39.38
C LYS KC 208 -60.14 -121.32 -38.72
N VAL KC 209 -58.92 -120.86 -38.47
CA VAL KC 209 -57.88 -121.68 -37.86
C VAL KC 209 -57.88 -121.45 -36.35
N ARG KC 210 -57.63 -122.52 -35.59
CA ARG KC 210 -57.58 -122.40 -34.14
C ARG KC 210 -56.15 -122.46 -33.62
N TYR KC 211 -55.34 -123.38 -34.14
CA TYR KC 211 -53.92 -123.44 -33.77
C TYR KC 211 -53.11 -123.90 -34.96
N THR KC 212 -51.79 -123.71 -34.88
CA THR KC 212 -50.85 -124.22 -35.87
C THR KC 212 -49.76 -125.01 -35.14
N GLN KC 213 -49.24 -126.04 -35.81
CA GLN KC 213 -48.16 -126.86 -35.29
C GLN KC 213 -47.10 -127.04 -36.35
N VAL KC 214 -45.84 -126.78 -36.00
CA VAL KC 214 -44.76 -126.78 -36.96
C VAL KC 214 -43.87 -128.01 -36.72
N TRP KC 215 -43.01 -128.29 -37.69
CA TRP KC 215 -41.91 -129.25 -37.54
C TRP KC 215 -40.79 -128.76 -38.44
N SER KC 216 -39.88 -127.99 -37.86
CA SER KC 216 -38.76 -127.46 -38.62
C SER KC 216 -37.65 -128.50 -38.73
N HIS KC 217 -36.71 -128.24 -39.64
CA HIS KC 217 -35.49 -129.01 -39.77
C HIS KC 217 -34.35 -128.03 -40.02
N ASP KC 218 -33.14 -128.42 -39.60
CA ASP KC 218 -31.98 -127.56 -39.82
C ASP KC 218 -30.77 -128.48 -40.02
N VAL KC 219 -30.48 -128.78 -41.27
CA VAL KC 219 -29.41 -129.69 -41.63
C VAL KC 219 -28.16 -128.87 -41.94
N THR KC 220 -27.03 -129.29 -41.42
CA THR KC 220 -25.75 -128.63 -41.67
C THR KC 220 -24.84 -129.62 -42.42
N ILE KC 221 -24.43 -129.23 -43.62
CA ILE KC 221 -23.60 -130.09 -44.47
C ILE KC 221 -22.38 -129.28 -44.87
N VAL KC 222 -21.20 -129.79 -44.54
CA VAL KC 222 -19.96 -129.15 -44.98
C VAL KC 222 -19.69 -129.53 -46.42
N ALA KC 223 -19.05 -128.63 -47.17
CA ALA KC 223 -19.02 -128.69 -48.62
C ALA KC 223 -18.12 -129.80 -49.14
N ASN KC 224 -17.03 -130.10 -48.43
CA ASN KC 224 -16.08 -131.11 -48.85
C ASN KC 224 -16.35 -132.48 -48.24
N SER KC 225 -17.62 -132.82 -48.05
CA SER KC 225 -18.04 -134.06 -47.42
C SER KC 225 -17.79 -135.26 -48.32
N THR KC 226 -17.91 -136.43 -47.73
CA THR KC 226 -18.02 -137.68 -48.48
C THR KC 226 -19.49 -137.89 -48.81
N GLU KC 227 -19.77 -138.60 -49.91
CA GLU KC 227 -21.15 -138.88 -50.26
C GLU KC 227 -21.79 -139.83 -49.27
N ALA KC 228 -21.04 -140.85 -48.83
CA ALA KC 228 -21.57 -141.77 -47.82
C ALA KC 228 -21.62 -141.14 -46.44
N SER KC 229 -20.99 -139.98 -46.24
CA SER KC 229 -21.16 -139.25 -44.99
C SER KC 229 -22.52 -138.56 -44.95
N ARG KC 230 -22.96 -137.98 -46.06
CA ARG KC 230 -24.28 -137.36 -46.11
C ARG KC 230 -25.38 -138.40 -46.28
N LYS KC 231 -25.06 -139.54 -46.90
CA LYS KC 231 -26.06 -140.59 -47.09
C LYS KC 231 -26.35 -141.30 -45.78
N SER KC 232 -25.34 -141.46 -44.93
CA SER KC 232 -25.56 -142.09 -43.64
C SER KC 232 -26.25 -141.15 -42.65
N LEU KC 233 -26.01 -139.85 -42.77
CA LEU KC 233 -26.72 -138.89 -41.92
C LEU KC 233 -28.20 -138.84 -42.27
N TYR KC 234 -28.54 -138.96 -43.55
CA TYR KC 234 -29.93 -139.00 -43.96
C TYR KC 234 -30.59 -140.30 -43.50
N ASP KC 235 -29.89 -141.43 -43.65
CA ASP KC 235 -30.45 -142.72 -43.29
C ASP KC 235 -30.63 -142.90 -41.79
N LEU KC 236 -29.89 -142.17 -40.97
CA LEU KC 236 -30.11 -142.22 -39.53
C LEU KC 236 -31.31 -141.38 -39.13
N THR KC 237 -31.45 -140.19 -39.73
CA THR KC 237 -32.58 -139.33 -39.40
C THR KC 237 -33.88 -139.89 -39.96
N LYS KC 238 -33.83 -140.55 -41.11
CA LYS KC 238 -35.01 -141.24 -41.63
C LYS KC 238 -35.42 -142.39 -40.72
N SER KC 239 -34.43 -143.05 -40.10
CA SER KC 239 -34.72 -144.13 -39.19
C SER KC 239 -35.00 -143.65 -37.77
N LEU KC 240 -34.69 -142.39 -37.47
CA LEU KC 240 -35.00 -141.85 -36.16
C LEU KC 240 -36.46 -141.47 -36.04
N VAL KC 241 -36.99 -140.78 -37.06
CA VAL KC 241 -38.40 -140.40 -37.07
C VAL KC 241 -39.30 -141.62 -37.19
N ALA KC 242 -38.83 -142.68 -37.85
CA ALA KC 242 -39.63 -143.88 -38.03
C ALA KC 242 -39.69 -144.76 -36.79
N THR KC 243 -39.03 -144.40 -35.70
CA THR KC 243 -39.07 -145.23 -34.50
C THR KC 243 -40.38 -145.02 -33.75
N SER KC 244 -40.61 -145.89 -32.76
CA SER KC 244 -41.80 -145.81 -31.94
C SER KC 244 -41.62 -144.91 -30.73
N GLN KC 245 -40.42 -144.35 -30.55
CA GLN KC 245 -40.17 -143.49 -29.39
C GLN KC 245 -40.35 -142.02 -29.74
N VAL KC 246 -39.98 -141.64 -30.96
CA VAL KC 246 -40.22 -140.26 -31.41
C VAL KC 246 -41.67 -140.08 -31.83
N GLU KC 247 -42.39 -141.16 -32.09
CA GLU KC 247 -43.84 -141.08 -32.23
C GLU KC 247 -44.49 -140.68 -30.91
N ASP KC 248 -44.13 -141.35 -29.82
CA ASP KC 248 -44.69 -141.04 -28.52
C ASP KC 248 -44.15 -139.74 -27.93
N LEU KC 249 -43.01 -139.27 -28.42
CA LEU KC 249 -42.49 -137.99 -27.95
C LEU KC 249 -43.30 -136.83 -28.50
N VAL KC 250 -43.87 -136.99 -29.68
CA VAL KC 250 -44.70 -135.94 -30.28
C VAL KC 250 -46.17 -136.12 -29.91
N VAL KC 251 -46.68 -137.35 -29.97
CA VAL KC 251 -48.09 -137.58 -29.69
C VAL KC 251 -48.38 -137.48 -28.20
N ASN KC 252 -47.64 -138.24 -27.38
CA ASN KC 252 -47.95 -138.35 -25.96
C ASN KC 252 -46.93 -137.70 -25.05
N LEU KC 253 -45.92 -137.00 -25.60
CA LEU KC 253 -44.89 -136.26 -24.86
C LEU KC 253 -44.07 -137.14 -23.91
N VAL KC 254 -43.93 -138.42 -24.24
CA VAL KC 254 -43.07 -139.31 -23.46
C VAL KC 254 -41.63 -139.06 -23.86
N PRO KC 255 -40.72 -138.82 -22.92
CA PRO KC 255 -39.31 -138.63 -23.28
C PRO KC 255 -38.68 -139.91 -23.80
N LEU KC 256 -37.55 -139.75 -24.48
CA LEU KC 256 -36.90 -140.84 -25.18
C LEU KC 256 -36.15 -141.75 -24.20
N GLY KC 257 -35.86 -142.96 -24.66
CA GLY KC 257 -35.09 -143.90 -23.88
C GLY KC 257 -35.93 -145.00 -23.26
N ARG KC 258 -35.77 -146.22 -23.74
CA ARG KC 258 -36.50 -147.36 -23.19
C ARG KC 258 -35.53 -148.41 -22.65
N SER LC 1 -4.69 -116.44 -99.14
CA SER LC 1 -3.87 -116.39 -97.92
C SER LC 1 -4.24 -117.53 -96.99
N LYS LC 2 -4.56 -117.20 -95.74
CA LYS LC 2 -4.95 -118.17 -94.72
C LYS LC 2 -6.46 -118.15 -94.58
N THR LC 3 -7.08 -119.32 -94.63
CA THR LC 3 -8.53 -119.43 -94.73
C THR LC 3 -9.09 -120.26 -93.58
N ILE LC 4 -10.34 -119.95 -93.21
CA ILE LC 4 -11.17 -120.79 -92.37
C ILE LC 4 -12.41 -121.16 -93.16
N VAL LC 5 -12.79 -122.43 -93.12
CA VAL LC 5 -13.95 -122.92 -93.86
C VAL LC 5 -15.05 -123.25 -92.86
N LEU LC 6 -16.22 -122.65 -93.03
CA LEU LC 6 -17.35 -122.85 -92.14
C LEU LC 6 -18.48 -123.47 -92.95
N SER LC 7 -18.69 -124.77 -92.79
CA SER LC 7 -19.74 -125.47 -93.52
C SER LC 7 -21.08 -125.29 -92.80
N VAL LC 8 -22.05 -124.72 -93.50
CA VAL LC 8 -23.33 -124.33 -92.92
C VAL LC 8 -24.34 -125.29 -93.54
N GLY LC 9 -23.92 -126.54 -93.72
CA GLY LC 9 -24.70 -127.53 -94.43
C GLY LC 9 -23.85 -128.13 -95.53
N GLU LC 10 -24.26 -127.89 -96.79
CA GLU LC 10 -23.38 -128.16 -97.92
C GLU LC 10 -22.75 -126.89 -98.47
N ALA LC 11 -23.28 -125.72 -98.15
CA ALA LC 11 -22.68 -124.46 -98.56
C ALA LC 11 -21.52 -124.12 -97.63
N THR LC 12 -20.33 -123.95 -98.21
CA THR LC 12 -19.13 -123.62 -97.45
C THR LC 12 -18.84 -122.14 -97.61
N ARG LC 13 -18.58 -121.45 -96.51
CA ARG LC 13 -18.31 -120.03 -96.51
C ARG LC 13 -16.88 -119.81 -96.05
N THR LC 14 -16.01 -119.45 -96.99
CA THR LC 14 -14.58 -119.37 -96.75
C THR LC 14 -14.17 -117.94 -96.44
N LEU LC 15 -13.61 -117.73 -95.25
CA LEU LC 15 -13.13 -116.43 -94.82
C LEU LC 15 -11.62 -116.34 -94.95
N THR LC 16 -11.14 -115.31 -95.64
CA THR LC 16 -9.70 -115.13 -95.85
C THR LC 16 -9.19 -114.05 -94.92
N GLU LC 17 -7.90 -114.13 -94.60
CA GLU LC 17 -7.30 -113.26 -93.61
C GLU LC 17 -6.95 -111.91 -94.22
N ILE LC 18 -7.32 -110.84 -93.51
CA ILE LC 18 -7.00 -109.48 -93.95
C ILE LC 18 -6.10 -108.75 -92.96
N GLN LC 19 -5.74 -109.35 -91.84
CA GLN LC 19 -4.87 -108.70 -90.86
C GLN LC 19 -4.19 -109.76 -90.02
N SER LC 20 -2.92 -109.51 -89.66
CA SER LC 20 -2.17 -110.40 -88.80
C SER LC 20 -1.24 -109.54 -87.95
N THR LC 21 -1.70 -109.17 -86.76
CA THR LC 21 -0.88 -108.43 -85.83
C THR LC 21 -0.22 -109.48 -84.91
N ALA LC 22 0.40 -109.06 -83.81
CA ALA LC 22 1.02 -110.01 -82.90
C ALA LC 22 -0.03 -110.83 -82.15
N ASP LC 23 -1.16 -110.21 -81.83
CA ASP LC 23 -2.26 -110.90 -81.18
C ASP LC 23 -3.54 -110.90 -82.00
N ARG LC 24 -3.97 -109.76 -82.52
CA ARG LC 24 -5.20 -109.69 -83.28
C ARG LC 24 -5.02 -110.30 -84.66
N GLN LC 25 -6.10 -110.87 -85.19
CA GLN LC 25 -6.02 -111.64 -86.42
C GLN LC 25 -7.42 -111.64 -87.05
N ILE LC 26 -7.60 -110.80 -88.06
CA ILE LC 26 -8.91 -110.47 -88.59
C ILE LC 26 -9.15 -111.23 -89.89
N PHE LC 27 -10.28 -111.91 -89.97
CA PHE LC 27 -10.71 -112.62 -91.17
C PHE LC 27 -11.94 -111.94 -91.74
N GLU LC 28 -12.21 -112.23 -93.02
CA GLU LC 28 -13.32 -111.59 -93.72
C GLU LC 28 -13.66 -112.42 -94.95
N GLU LC 29 -14.95 -112.54 -95.23
CA GLU LC 29 -15.40 -113.21 -96.44
C GLU LC 29 -15.32 -112.24 -97.61
N LYS LC 30 -15.08 -112.78 -98.81
CA LYS LC 30 -14.74 -111.95 -99.95
C LYS LC 30 -15.81 -111.89 -101.03
N VAL LC 31 -16.89 -112.65 -100.91
CA VAL LC 31 -17.93 -112.60 -101.94
C VAL LC 31 -18.99 -111.58 -101.54
N GLY LC 32 -19.61 -110.96 -102.55
CA GLY LC 32 -20.69 -110.03 -102.32
C GLY LC 32 -20.25 -108.59 -102.40
N PRO LC 33 -21.09 -107.68 -101.89
CA PRO LC 33 -20.71 -106.26 -101.85
C PRO LC 33 -19.57 -105.99 -100.88
N LEU LC 34 -18.95 -104.82 -100.99
CA LEU LC 34 -17.76 -104.49 -100.23
C LEU LC 34 -18.06 -103.79 -98.91
N VAL LC 35 -19.33 -103.51 -98.61
CA VAL LC 35 -19.64 -102.71 -97.43
C VAL LC 35 -20.06 -103.58 -96.25
N GLY LC 36 -20.71 -104.70 -96.49
CA GLY LC 36 -21.08 -105.59 -95.41
C GLY LC 36 -20.71 -107.02 -95.67
N ARG LC 37 -19.78 -107.56 -94.87
CA ARG LC 37 -19.30 -108.93 -95.02
C ARG LC 37 -19.13 -109.55 -93.64
N LEU LC 38 -18.90 -110.85 -93.61
CA LEU LC 38 -18.55 -111.52 -92.36
C LEU LC 38 -17.22 -111.02 -91.83
N ARG LC 39 -17.03 -111.16 -90.53
CA ARG LC 39 -15.86 -110.65 -89.86
C ARG LC 39 -15.57 -111.55 -88.67
N LEU LC 40 -14.31 -111.93 -88.51
CA LEU LC 40 -13.91 -112.84 -87.44
C LEU LC 40 -12.64 -112.29 -86.84
N THR LC 41 -12.73 -111.74 -85.64
CA THR LC 41 -11.61 -111.07 -85.00
C THR LC 41 -11.08 -111.98 -83.90
N ALA LC 42 -10.13 -112.84 -84.25
CA ALA LC 42 -9.50 -113.71 -83.28
C ALA LC 42 -8.40 -112.98 -82.53
N SER LC 43 -8.06 -113.53 -81.36
CA SER LC 43 -7.05 -112.93 -80.51
C SER LC 43 -6.53 -113.99 -79.55
N LEU LC 44 -5.41 -113.67 -78.90
CA LEU LC 44 -4.81 -114.53 -77.90
C LEU LC 44 -3.88 -113.68 -77.05
N ARG LC 45 -3.88 -113.94 -75.74
CA ARG LC 45 -3.10 -113.16 -74.80
C ARG LC 45 -2.55 -114.08 -73.73
N GLN LC 46 -1.77 -113.50 -72.81
CA GLN LC 46 -1.46 -114.14 -71.53
C GLN LC 46 -1.27 -113.03 -70.50
N ASN LC 47 -2.34 -112.72 -69.79
CA ASN LC 47 -2.37 -111.56 -68.90
C ASN LC 47 -1.93 -111.97 -67.49
N GLY LC 48 -1.33 -111.01 -66.79
CA GLY LC 48 -0.86 -111.24 -65.45
C GLY LC 48 0.57 -111.74 -65.42
N ALA LC 49 0.86 -112.66 -64.49
CA ALA LC 49 2.21 -113.23 -64.38
C ALA LC 49 2.33 -114.51 -65.20
N LYS LC 50 1.93 -114.42 -66.46
CA LYS LC 50 2.11 -115.44 -67.50
C LYS LC 50 1.51 -116.79 -67.12
N THR LC 51 0.41 -116.79 -66.35
CA THR LC 51 -0.15 -118.03 -65.83
C THR LC 51 -1.45 -118.46 -66.49
N ALA LC 52 -2.12 -117.57 -67.24
CA ALA LC 52 -3.40 -117.89 -67.85
C ALA LC 52 -3.48 -117.22 -69.20
N TYR LC 53 -3.99 -117.94 -70.19
CA TYR LC 53 -4.20 -117.39 -71.52
C TYR LC 53 -5.62 -116.85 -71.65
N ARG LC 54 -5.90 -116.20 -72.77
CA ARG LC 54 -7.22 -115.60 -72.98
C ARG LC 54 -7.50 -115.57 -74.48
N VAL LC 55 -8.28 -116.54 -74.95
CA VAL LC 55 -8.77 -116.54 -76.32
C VAL LC 55 -10.00 -115.65 -76.41
N ASN LC 56 -10.15 -114.94 -77.52
CA ASN LC 56 -11.24 -113.98 -77.66
C ASN LC 56 -11.65 -113.92 -79.12
N LEU LC 57 -12.68 -114.67 -79.48
CA LEU LC 57 -13.23 -114.63 -80.84
C LEU LC 57 -14.39 -113.64 -80.89
N LYS LC 58 -14.72 -113.21 -82.11
CA LYS LC 58 -15.81 -112.25 -82.31
C LYS LC 58 -16.30 -112.40 -83.75
N LEU LC 59 -17.44 -113.06 -83.92
CA LEU LC 59 -18.01 -113.30 -85.24
C LEU LC 59 -19.07 -112.23 -85.51
N ASP LC 60 -18.69 -111.18 -86.22
CA ASP LC 60 -19.63 -110.15 -86.63
C ASP LC 60 -20.47 -110.65 -87.80
N GLN LC 61 -21.62 -110.00 -88.00
CA GLN LC 61 -22.45 -110.26 -89.17
C GLN LC 61 -23.35 -109.05 -89.38
N ALA LC 62 -23.20 -108.41 -90.52
CA ALA LC 62 -24.02 -107.25 -90.89
C ALA LC 62 -25.02 -107.65 -91.95
N ASP LC 63 -26.23 -107.11 -91.86
CA ASP LC 63 -27.27 -107.35 -92.83
C ASP LC 63 -27.31 -106.18 -93.80
N VAL LC 64 -26.74 -106.38 -94.97
CA VAL LC 64 -26.66 -105.34 -95.99
C VAL LC 64 -27.88 -105.45 -96.90
N VAL LC 65 -28.41 -104.30 -97.30
CA VAL LC 65 -29.56 -104.24 -98.20
C VAL LC 65 -29.22 -103.27 -99.32
N ASP LC 66 -29.59 -103.64 -100.55
CA ASP LC 66 -29.37 -102.81 -101.73
C ASP LC 66 -30.63 -102.80 -102.57
N CYS LC 67 -31.29 -101.66 -102.63
CA CYS LC 67 -32.51 -101.47 -103.42
C CYS LC 67 -32.37 -100.25 -104.33
N SER LC 68 -31.28 -100.21 -105.10
CA SER LC 68 -31.14 -99.19 -106.14
C SER LC 68 -32.16 -99.36 -107.26
N THR LC 69 -32.71 -100.56 -107.43
CA THR LC 69 -33.77 -100.77 -108.41
C THR LC 69 -35.11 -100.27 -107.88
N SER LC 70 -35.23 -100.13 -106.56
CA SER LC 70 -36.47 -99.61 -105.97
C SER LC 70 -36.50 -98.09 -106.01
N VAL LC 71 -35.55 -97.45 -105.32
CA VAL LC 71 -35.38 -96.01 -105.37
C VAL LC 71 -34.13 -95.72 -106.20
N CYS LC 72 -34.27 -94.87 -107.22
CA CYS LC 72 -33.19 -94.63 -108.16
C CYS LC 72 -32.11 -93.75 -107.54
N GLY LC 73 -30.90 -94.30 -107.40
CA GLY LC 73 -29.76 -93.53 -106.99
C GLY LC 73 -29.22 -93.79 -105.60
N GLU LC 74 -29.56 -94.91 -104.98
CA GLU LC 74 -28.96 -95.23 -103.69
C GLU LC 74 -27.95 -96.36 -103.86
N LEU LC 75 -27.16 -96.56 -102.82
CA LEU LC 75 -26.05 -97.48 -102.82
C LEU LC 75 -26.31 -98.56 -101.77
N PRO LC 76 -25.59 -99.69 -101.77
CA PRO LC 76 -25.76 -100.68 -100.69
C PRO LC 76 -25.37 -100.11 -99.33
N LYS LC 77 -26.04 -100.63 -98.30
CA LYS LC 77 -25.97 -100.08 -96.96
C LYS LC 77 -26.36 -101.16 -95.98
N VAL LC 78 -25.76 -101.12 -94.78
CA VAL LC 78 -26.05 -102.12 -93.75
C VAL LC 78 -27.09 -101.57 -92.80
N ARG LC 79 -28.04 -102.41 -92.41
CA ARG LC 79 -29.05 -101.99 -91.43
C ARG LC 79 -28.53 -102.16 -90.01
N TYR LC 80 -28.22 -103.40 -89.62
CA TYR LC 80 -27.85 -103.72 -88.26
C TYR LC 80 -26.66 -104.68 -88.27
N THR LC 81 -26.15 -104.97 -87.08
CA THR LC 81 -25.03 -105.87 -86.90
C THR LC 81 -25.31 -106.79 -85.71
N GLN LC 82 -25.16 -108.10 -85.93
CA GLN LC 82 -25.36 -109.10 -84.88
C GLN LC 82 -24.06 -109.85 -84.68
N VAL LC 83 -23.57 -109.88 -83.44
CA VAL LC 83 -22.27 -110.46 -83.13
C VAL LC 83 -22.46 -111.71 -82.29
N TRP LC 84 -21.37 -112.46 -82.13
CA TRP LC 84 -21.30 -113.58 -81.19
C TRP LC 84 -19.86 -113.67 -80.72
N SER LC 85 -19.59 -113.14 -79.54
CA SER LC 85 -18.24 -113.17 -79.00
C SER LC 85 -18.00 -114.47 -78.23
N HIS LC 86 -16.73 -114.73 -77.96
CA HIS LC 86 -16.31 -115.81 -77.08
C HIS LC 86 -15.20 -115.28 -76.20
N ASP LC 87 -15.11 -115.79 -74.98
CA ASP LC 87 -14.07 -115.37 -74.05
C ASP LC 87 -13.62 -116.60 -73.27
N VAL LC 88 -12.59 -117.26 -73.77
CA VAL LC 88 -12.09 -118.48 -73.19
C VAL LC 88 -10.91 -118.15 -72.29
N THR LC 89 -10.88 -118.74 -71.09
CA THR LC 89 -9.78 -118.56 -70.16
C THR LC 89 -9.13 -119.92 -69.92
N ILE LC 90 -7.86 -120.04 -70.28
CA ILE LC 90 -7.11 -121.29 -70.16
C ILE LC 90 -5.91 -121.03 -69.27
N VAL LC 91 -5.81 -121.75 -68.16
CA VAL LC 91 -4.65 -121.66 -67.30
C VAL LC 91 -3.52 -122.50 -67.89
N ALA LC 92 -2.28 -122.05 -67.68
CA ALA LC 92 -1.16 -122.53 -68.47
C ALA LC 92 -0.70 -123.92 -68.06
N ASN LC 93 -0.86 -124.29 -66.79
CA ASN LC 93 -0.41 -125.58 -66.29
C ASN LC 93 -1.51 -126.63 -66.31
N SER LC 94 -2.42 -126.57 -67.27
CA SER LC 94 -3.56 -127.45 -67.30
C SER LC 94 -3.18 -128.85 -67.76
N THR LC 95 -4.14 -129.76 -67.63
CA THR LC 95 -4.05 -131.06 -68.28
C THR LC 95 -4.63 -130.92 -69.68
N GLU LC 96 -4.15 -131.75 -70.60
CA GLU LC 96 -4.68 -131.70 -71.97
C GLU LC 96 -6.09 -132.26 -72.03
N ALA LC 97 -6.44 -133.17 -71.12
CA ALA LC 97 -7.81 -133.67 -71.07
C ALA LC 97 -8.76 -132.66 -70.43
N SER LC 98 -8.23 -131.68 -69.70
CA SER LC 98 -9.09 -130.62 -69.17
C SER LC 98 -9.43 -129.62 -70.25
N ARG LC 99 -8.46 -129.27 -71.10
CA ARG LC 99 -8.70 -128.38 -72.23
C ARG LC 99 -9.53 -129.04 -73.31
N LYS LC 100 -9.43 -130.36 -73.45
CA LYS LC 100 -10.24 -131.06 -74.45
C LYS LC 100 -11.68 -131.19 -73.99
N SER LC 101 -11.90 -131.39 -72.69
CA SER LC 101 -13.25 -131.54 -72.19
C SER LC 101 -14.01 -130.22 -72.19
N LEU LC 102 -13.31 -129.11 -71.95
CA LEU LC 102 -13.94 -127.81 -71.99
C LEU LC 102 -14.37 -127.45 -73.40
N TYR LC 103 -13.59 -127.86 -74.40
CA TYR LC 103 -13.98 -127.64 -75.79
C TYR LC 103 -15.14 -128.55 -76.17
N ASP LC 104 -15.13 -129.79 -75.68
CA ASP LC 104 -16.18 -130.75 -76.04
C ASP LC 104 -17.52 -130.41 -75.42
N LEU LC 105 -17.54 -129.71 -74.29
CA LEU LC 105 -18.80 -129.30 -73.69
C LEU LC 105 -19.39 -128.09 -74.40
N THR LC 106 -18.55 -127.14 -74.79
CA THR LC 106 -19.04 -125.95 -75.47
C THR LC 106 -19.44 -126.25 -76.90
N LYS LC 107 -18.75 -127.20 -77.54
CA LYS LC 107 -19.17 -127.67 -78.86
C LYS LC 107 -20.53 -128.36 -78.79
N SER LC 108 -20.82 -129.02 -77.67
CA SER LC 108 -22.12 -129.64 -77.45
C SER LC 108 -23.13 -128.69 -76.83
N LEU LC 109 -22.68 -127.61 -76.20
CA LEU LC 109 -23.62 -126.59 -75.71
C LEU LC 109 -24.26 -125.87 -76.87
N VAL LC 110 -23.47 -125.45 -77.85
CA VAL LC 110 -24.00 -124.69 -78.97
C VAL LC 110 -24.84 -125.57 -79.88
N ALA LC 111 -24.50 -126.86 -79.98
CA ALA LC 111 -25.18 -127.75 -80.91
C ALA LC 111 -26.51 -128.28 -80.38
N THR LC 112 -26.94 -127.89 -79.19
CA THR LC 112 -28.21 -128.41 -78.67
C THR LC 112 -29.37 -127.54 -79.15
N SER LC 113 -30.59 -128.07 -78.97
CA SER LC 113 -31.78 -127.38 -79.44
C SER LC 113 -32.30 -126.34 -78.46
N GLN LC 114 -31.72 -126.22 -77.28
CA GLN LC 114 -32.19 -125.24 -76.32
C GLN LC 114 -31.43 -123.92 -76.44
N VAL LC 115 -30.19 -123.96 -76.90
CA VAL LC 115 -29.45 -122.73 -77.15
C VAL LC 115 -29.84 -122.15 -78.51
N GLU LC 116 -30.26 -123.00 -79.43
CA GLU LC 116 -30.76 -122.55 -80.73
C GLU LC 116 -32.02 -121.71 -80.56
N ASP LC 117 -32.96 -122.16 -79.74
CA ASP LC 117 -34.16 -121.37 -79.48
C ASP LC 117 -33.90 -120.18 -78.59
N LEU LC 118 -32.76 -120.15 -77.89
CA LEU LC 118 -32.43 -119.02 -77.04
C LEU LC 118 -32.01 -117.80 -77.85
N VAL LC 119 -31.39 -118.01 -79.01
CA VAL LC 119 -30.90 -116.89 -79.80
C VAL LC 119 -31.84 -116.61 -80.97
N VAL LC 120 -32.52 -117.64 -81.47
CA VAL LC 120 -33.43 -117.42 -82.59
C VAL LC 120 -34.78 -116.89 -82.09
N ASN LC 121 -35.43 -117.63 -81.19
CA ASN LC 121 -36.78 -117.30 -80.75
C ASN LC 121 -36.84 -116.77 -79.33
N LEU LC 122 -35.68 -116.52 -78.70
CA LEU LC 122 -35.53 -115.91 -77.38
C LEU LC 122 -36.19 -116.72 -76.26
N VAL LC 123 -36.33 -118.02 -76.46
CA VAL LC 123 -36.92 -118.90 -75.44
C VAL LC 123 -35.87 -119.16 -74.37
N PRO LC 124 -36.20 -119.07 -73.07
CA PRO LC 124 -35.22 -119.34 -72.03
C PRO LC 124 -34.81 -120.81 -71.98
N LEU LC 125 -33.79 -121.08 -71.18
CA LEU LC 125 -33.17 -122.39 -71.14
C LEU LC 125 -33.90 -123.33 -70.20
N GLY LC 126 -33.74 -124.63 -70.45
CA GLY LC 126 -34.27 -125.64 -69.57
C GLY LC 126 -35.64 -126.14 -69.96
N ARG LC 127 -35.77 -127.45 -70.19
CA ARG LC 127 -37.04 -128.09 -70.48
C ARG LC 127 -37.22 -129.26 -69.52
N ALA LC 128 -38.29 -129.21 -68.73
CA ALA LC 128 -38.54 -130.23 -67.72
C ALA LC 128 -39.15 -131.46 -68.39
N TYR LC 129 -38.34 -132.50 -68.57
CA TYR LC 129 -38.80 -133.78 -69.11
C TYR LC 129 -38.81 -134.80 -67.97
N GLY LC 130 -39.90 -134.83 -67.23
CA GLY LC 130 -40.05 -135.74 -66.11
C GLY LC 130 -39.12 -135.43 -64.95
N GLY LC 131 -39.33 -134.30 -64.30
CA GLY LC 131 -38.45 -133.89 -63.21
C GLY LC 131 -38.26 -132.39 -63.15
N SER LC 132 -37.02 -131.96 -63.02
CA SER LC 132 -36.71 -130.53 -62.98
C SER LC 132 -36.23 -130.06 -64.35
N LYS LC 133 -35.94 -128.77 -64.44
CA LYS LC 133 -35.48 -128.17 -65.69
C LYS LC 133 -34.03 -128.56 -65.92
N THR LC 134 -33.78 -129.32 -66.98
CA THR LC 134 -32.46 -129.89 -67.24
C THR LC 134 -31.96 -129.50 -68.62
N ILE LC 135 -30.64 -129.47 -68.76
CA ILE LC 135 -29.96 -129.38 -70.05
C ILE LC 135 -29.06 -130.60 -70.17
N VAL LC 136 -29.09 -131.25 -71.33
CA VAL LC 136 -28.27 -132.43 -71.57
C VAL LC 136 -27.17 -132.06 -72.58
N LEU LC 137 -25.92 -132.19 -72.16
CA LEU LC 137 -24.76 -131.91 -72.99
C LEU LC 137 -24.07 -133.24 -73.29
N SER LC 138 -24.51 -133.91 -74.34
CA SER LC 138 -23.94 -135.19 -74.71
C SER LC 138 -22.58 -135.00 -75.37
N VAL LC 139 -21.63 -135.84 -74.99
CA VAL LC 139 -20.25 -135.77 -75.50
C VAL LC 139 -20.06 -137.05 -76.29
N GLY LC 140 -21.13 -137.50 -76.95
CA GLY LC 140 -21.13 -138.77 -77.63
C GLY LC 140 -22.07 -139.74 -76.94
N GLU LC 141 -21.52 -140.74 -76.26
CA GLU LC 141 -22.32 -141.62 -75.43
C GLU LC 141 -22.36 -141.19 -73.97
N ALA LC 142 -21.44 -140.33 -73.54
CA ALA LC 142 -21.49 -139.77 -72.20
C ALA LC 142 -22.39 -138.54 -72.20
N THR LC 143 -23.41 -138.55 -71.34
CA THR LC 143 -24.35 -137.43 -71.22
C THR LC 143 -24.17 -136.80 -69.86
N ARG LC 144 -24.00 -135.48 -69.83
CA ARG LC 144 -23.81 -134.73 -68.59
C ARG LC 144 -24.99 -133.80 -68.42
N THR LC 145 -25.90 -134.15 -67.51
CA THR LC 145 -27.17 -133.47 -67.34
C THR LC 145 -27.05 -132.41 -66.24
N LEU LC 146 -27.29 -131.16 -66.60
CA LEU LC 146 -27.24 -130.06 -65.64
C LEU LC 146 -28.64 -129.64 -65.23
N THR LC 147 -28.90 -129.66 -63.93
CA THR LC 147 -30.21 -129.30 -63.38
C THR LC 147 -30.17 -127.86 -62.87
N GLU LC 148 -31.31 -127.18 -63.00
CA GLU LC 148 -31.39 -125.77 -62.64
C GLU LC 148 -31.42 -125.61 -61.13
N ILE LC 149 -30.62 -124.68 -60.62
CA ILE LC 149 -30.54 -124.45 -59.18
C ILE LC 149 -31.08 -123.08 -58.76
N GLN LC 150 -31.18 -122.12 -59.68
CA GLN LC 150 -31.65 -120.79 -59.35
C GLN LC 150 -32.11 -120.10 -60.62
N SER LC 151 -33.31 -119.52 -60.60
CA SER LC 151 -33.85 -118.77 -61.73
C SER LC 151 -34.25 -117.39 -61.20
N THR LC 152 -33.30 -116.47 -61.19
CA THR LC 152 -33.56 -115.09 -60.79
C THR LC 152 -34.19 -114.35 -61.98
N ALA LC 153 -34.53 -113.08 -61.80
CA ALA LC 153 -35.11 -112.31 -62.90
C ALA LC 153 -34.10 -112.04 -64.00
N ASP LC 154 -32.81 -111.99 -63.65
CA ASP LC 154 -31.75 -111.81 -64.64
C ASP LC 154 -31.02 -113.11 -64.94
N ARG LC 155 -30.49 -113.78 -63.93
CA ARG LC 155 -29.66 -114.95 -64.14
C ARG LC 155 -30.50 -116.21 -64.21
N GLN LC 156 -29.87 -117.29 -64.69
CA GLN LC 156 -30.49 -118.60 -64.71
C GLN LC 156 -29.36 -119.62 -64.61
N ILE LC 157 -29.07 -120.09 -63.40
CA ILE LC 157 -27.88 -120.86 -63.11
C ILE LC 157 -28.22 -122.35 -63.17
N PHE LC 158 -27.44 -123.10 -63.95
CA PHE LC 158 -27.53 -124.54 -64.00
C PHE LC 158 -26.28 -125.14 -63.38
N GLU LC 159 -26.36 -126.41 -63.00
CA GLU LC 159 -25.27 -127.06 -62.29
C GLU LC 159 -25.46 -128.57 -62.39
N GLU LC 160 -24.37 -129.29 -62.58
CA GLU LC 160 -24.41 -130.74 -62.51
C GLU LC 160 -24.51 -131.18 -61.05
N LYS LC 161 -25.01 -132.40 -60.83
CA LYS LC 161 -25.32 -132.85 -59.49
C LYS LC 161 -24.56 -134.07 -59.04
N VAL LC 162 -23.90 -134.80 -59.94
CA VAL LC 162 -23.14 -135.96 -59.53
C VAL LC 162 -21.76 -135.51 -59.03
N GLY LC 163 -21.12 -136.38 -58.25
CA GLY LC 163 -19.78 -136.14 -57.77
C GLY LC 163 -19.74 -135.33 -56.50
N PRO LC 164 -18.56 -134.78 -56.17
CA PRO LC 164 -18.43 -133.97 -54.95
C PRO LC 164 -19.14 -132.63 -55.09
N LEU LC 165 -19.32 -131.98 -53.95
CA LEU LC 165 -20.02 -130.69 -53.90
C LEU LC 165 -19.10 -129.51 -54.09
N VAL LC 166 -17.78 -129.71 -54.11
CA VAL LC 166 -16.86 -128.58 -54.10
C VAL LC 166 -16.64 -128.03 -55.52
N GLY LC 167 -16.51 -128.89 -56.51
CA GLY LC 167 -16.35 -128.42 -57.88
C GLY LC 167 -17.29 -129.12 -58.84
N ARG LC 168 -18.19 -128.36 -59.46
CA ARG LC 168 -19.18 -128.92 -60.37
C ARG LC 168 -19.30 -128.00 -61.58
N LEU LC 169 -19.98 -128.51 -62.61
CA LEU LC 169 -20.22 -127.74 -63.81
C LEU LC 169 -21.18 -126.59 -63.53
N ARG LC 170 -21.13 -125.56 -64.38
CA ARG LC 170 -21.95 -124.39 -64.22
C ARG LC 170 -22.41 -123.91 -65.59
N LEU LC 171 -23.55 -123.24 -65.59
CA LEU LC 171 -24.06 -122.61 -66.82
C LEU LC 171 -24.95 -121.45 -66.37
N THR LC 172 -24.40 -120.24 -66.36
CA THR LC 172 -25.13 -119.07 -65.90
C THR LC 172 -25.56 -118.27 -67.13
N ALA LC 173 -26.73 -118.61 -67.66
CA ALA LC 173 -27.29 -117.85 -68.76
C ALA LC 173 -27.88 -116.55 -68.26
N SER LC 174 -28.05 -115.60 -69.18
CA SER LC 174 -28.66 -114.32 -68.87
C SER LC 174 -29.29 -113.77 -70.13
N LEU LC 175 -30.06 -112.69 -69.97
CA LEU LC 175 -30.76 -112.07 -71.09
C LEU LC 175 -31.15 -110.66 -70.67
N ARG LC 176 -30.67 -109.66 -71.41
CA ARG LC 176 -30.94 -108.27 -71.10
C ARG LC 176 -31.46 -107.58 -72.36
N GLN LC 177 -31.82 -106.31 -72.19
CA GLN LC 177 -32.03 -105.41 -73.32
C GLN LC 177 -31.71 -103.99 -72.87
N ASN LC 178 -30.62 -103.45 -73.40
CA ASN LC 178 -30.12 -102.14 -73.00
C ASN LC 178 -30.48 -101.09 -74.03
N GLY LC 179 -30.83 -99.90 -73.55
CA GLY LC 179 -31.18 -98.80 -74.41
C GLY LC 179 -32.68 -98.66 -74.58
N ALA LC 180 -33.12 -98.20 -75.75
CA ALA LC 180 -34.53 -98.01 -76.02
C ALA LC 180 -35.15 -99.25 -76.66
N LYS LC 181 -34.93 -100.40 -76.03
CA LYS LC 181 -35.54 -101.69 -76.38
C LYS LC 181 -35.22 -102.12 -77.81
N THR LC 182 -34.02 -101.79 -78.30
CA THR LC 182 -33.65 -102.07 -79.67
C THR LC 182 -32.80 -103.33 -79.83
N ALA LC 183 -32.04 -103.72 -78.82
CA ALA LC 183 -31.13 -104.85 -78.95
C ALA LC 183 -31.14 -105.68 -77.69
N TYR LC 184 -31.07 -107.00 -77.86
CA TYR LC 184 -30.99 -107.93 -76.75
C TYR LC 184 -29.53 -108.26 -76.45
N ARG LC 185 -29.31 -109.06 -75.40
CA ARG LC 185 -27.95 -109.45 -75.01
C ARG LC 185 -28.02 -110.81 -74.31
N VAL LC 186 -27.74 -111.87 -75.06
CA VAL LC 186 -27.65 -113.21 -74.49
C VAL LC 186 -26.24 -113.41 -73.95
N ASN LC 187 -26.12 -114.09 -72.81
CA ASN LC 187 -24.82 -114.23 -72.15
C ASN LC 187 -24.75 -115.60 -71.49
N LEU LC 188 -24.16 -116.57 -72.17
CA LEU LC 188 -23.90 -117.87 -71.60
C LEU LC 188 -22.47 -117.92 -71.05
N LYS LC 189 -22.26 -118.80 -70.07
CA LYS LC 189 -20.96 -118.91 -69.42
C LYS LC 189 -20.86 -120.27 -68.75
N LEU LC 190 -19.90 -121.08 -69.17
CA LEU LC 190 -19.74 -122.44 -68.65
C LEU LC 190 -18.43 -122.51 -67.87
N ASP LC 191 -18.54 -122.70 -66.55
CA ASP LC 191 -17.38 -122.88 -65.70
C ASP LC 191 -17.08 -124.36 -65.53
N GLN LC 192 -15.81 -124.72 -65.63
CA GLN LC 192 -15.38 -126.09 -65.40
C GLN LC 192 -14.16 -126.06 -64.49
N ALA LC 193 -14.33 -126.56 -63.27
CA ALA LC 193 -13.26 -126.61 -62.28
C ALA LC 193 -12.70 -128.02 -62.22
N ASP LC 194 -11.39 -128.12 -62.08
CA ASP LC 194 -10.71 -129.41 -61.99
C ASP LC 194 -10.52 -129.77 -60.52
N VAL LC 195 -11.18 -130.83 -60.09
CA VAL LC 195 -11.14 -131.28 -58.70
C VAL LC 195 -10.30 -132.55 -58.63
N VAL LC 196 -9.47 -132.66 -57.60
CA VAL LC 196 -8.63 -133.83 -57.38
C VAL LC 196 -8.78 -134.28 -55.93
N ASP LC 197 -8.75 -135.60 -55.73
CA ASP LC 197 -8.81 -136.18 -54.39
C ASP LC 197 -7.55 -136.99 -54.14
N CYS LC 198 -6.82 -136.62 -53.08
CA CYS LC 198 -5.56 -137.23 -52.74
C CYS LC 198 -5.68 -138.09 -51.49
N SER LC 199 -6.85 -138.68 -51.26
CA SER LC 199 -7.08 -139.48 -50.07
C SER LC 199 -6.38 -140.83 -50.13
N THR LC 200 -6.08 -141.33 -51.33
CA THR LC 200 -5.32 -142.57 -51.44
C THR LC 200 -3.83 -142.34 -51.22
N SER LC 201 -3.39 -141.08 -51.26
CA SER LC 201 -2.00 -140.72 -51.03
C SER LC 201 -1.77 -140.09 -49.67
N VAL LC 202 -2.50 -139.03 -49.35
CA VAL LC 202 -2.40 -138.35 -48.07
C VAL LC 202 -3.69 -138.59 -47.31
N CYS LC 203 -3.57 -139.08 -46.08
CA CYS LC 203 -4.74 -139.33 -45.24
C CYS LC 203 -5.39 -138.03 -44.79
N GLY LC 204 -6.72 -138.09 -44.63
CA GLY LC 204 -7.48 -136.94 -44.18
C GLY LC 204 -7.58 -135.82 -45.18
N GLU LC 205 -7.45 -136.11 -46.47
CA GLU LC 205 -7.50 -135.08 -47.50
C GLU LC 205 -8.83 -135.18 -48.23
N LEU LC 206 -9.64 -134.14 -48.09
CA LEU LC 206 -10.91 -134.02 -48.80
C LEU LC 206 -10.66 -133.39 -50.17
N PRO LC 207 -11.56 -133.59 -51.14
CA PRO LC 207 -11.33 -133.04 -52.48
C PRO LC 207 -11.34 -131.51 -52.50
N LYS LC 208 -10.53 -130.97 -53.42
CA LYS LC 208 -10.42 -129.52 -53.59
C LYS LC 208 -10.19 -129.23 -55.06
N VAL LC 209 -10.39 -127.98 -55.44
CA VAL LC 209 -10.28 -127.55 -56.82
C VAL LC 209 -8.90 -126.99 -57.08
N ARG LC 210 -8.36 -127.27 -58.27
CA ARG LC 210 -7.07 -126.72 -58.66
C ARG LC 210 -7.24 -125.37 -59.35
N TYR LC 211 -7.95 -125.36 -60.48
CA TYR LC 211 -8.12 -124.19 -61.33
C TYR LC 211 -9.52 -124.20 -61.90
N THR LC 212 -9.89 -123.11 -62.57
CA THR LC 212 -11.14 -123.05 -63.31
C THR LC 212 -10.85 -122.56 -64.72
N GLN LC 213 -11.59 -123.09 -65.69
CA GLN LC 213 -11.51 -122.67 -67.08
C GLN LC 213 -12.89 -122.35 -67.59
N VAL LC 214 -13.08 -121.14 -68.09
CA VAL LC 214 -14.39 -120.66 -68.48
C VAL LC 214 -14.49 -120.62 -70.01
N TRP LC 215 -15.71 -120.49 -70.50
CA TRP LC 215 -15.97 -120.22 -71.92
C TRP LC 215 -17.26 -119.39 -71.95
N SER LC 216 -17.10 -118.08 -71.96
CA SER LC 216 -18.25 -117.18 -71.98
C SER LC 216 -18.78 -117.04 -73.41
N HIS LC 217 -19.98 -116.48 -73.52
CA HIS LC 217 -20.56 -116.11 -74.79
C HIS LC 217 -21.24 -114.76 -74.61
N ASP LC 218 -21.33 -114.00 -75.69
CA ASP LC 218 -22.01 -112.70 -75.64
C ASP LC 218 -22.62 -112.44 -77.00
N VAL LC 219 -23.89 -112.81 -77.15
CA VAL LC 219 -24.63 -112.63 -78.39
C VAL LC 219 -25.37 -111.32 -78.33
N THR LC 220 -25.30 -110.54 -79.41
CA THR LC 220 -26.03 -109.28 -79.53
C THR LC 220 -27.04 -109.43 -80.66
N ILE LC 221 -28.32 -109.31 -80.33
CA ILE LC 221 -29.41 -109.50 -81.29
C ILE LC 221 -30.28 -108.26 -81.24
N VAL LC 222 -30.42 -107.60 -82.38
CA VAL LC 222 -31.31 -106.44 -82.45
C VAL LC 222 -32.76 -106.92 -82.56
N ALA LC 223 -33.69 -106.11 -82.05
CA ALA LC 223 -35.04 -106.57 -81.81
C ALA LC 223 -35.84 -106.72 -83.10
N ASN LC 224 -35.54 -105.92 -84.12
CA ASN LC 224 -36.26 -105.95 -85.38
C ASN LC 224 -35.58 -106.80 -86.44
N SER LC 225 -34.92 -107.88 -86.04
CA SER LC 225 -34.16 -108.74 -86.93
C SER LC 225 -35.09 -109.55 -87.83
N THR LC 226 -34.50 -110.17 -88.84
CA THR LC 226 -35.15 -111.21 -89.61
C THR LC 226 -34.89 -112.53 -88.89
N GLU LC 227 -35.75 -113.53 -89.13
CA GLU LC 227 -35.53 -114.83 -88.51
C GLU LC 227 -34.33 -115.54 -89.12
N ALA LC 228 -34.16 -115.45 -90.44
CA ALA LC 228 -33.00 -116.03 -91.08
C ALA LC 228 -31.73 -115.23 -90.82
N SER LC 229 -31.84 -114.02 -90.29
CA SER LC 229 -30.67 -113.29 -89.85
C SER LC 229 -30.14 -113.82 -88.53
N ARG LC 230 -31.03 -114.21 -87.62
CA ARG LC 230 -30.60 -114.80 -86.36
C ARG LC 230 -30.30 -116.29 -86.52
N LYS LC 231 -30.94 -116.94 -87.49
CA LYS LC 231 -30.69 -118.36 -87.70
C LYS LC 231 -29.33 -118.59 -88.34
N SER LC 232 -28.89 -117.67 -89.22
CA SER LC 232 -27.61 -117.83 -89.88
C SER LC 232 -26.45 -117.46 -88.95
N LEU LC 233 -26.67 -116.53 -88.02
CA LEU LC 233 -25.64 -116.20 -87.04
C LEU LC 233 -25.39 -117.36 -86.09
N TYR LC 234 -26.46 -118.06 -85.69
CA TYR LC 234 -26.30 -119.24 -84.87
C TYR LC 234 -25.63 -120.36 -85.65
N ASP LC 235 -26.01 -120.55 -86.91
CA ASP LC 235 -25.52 -121.68 -87.67
C ASP LC 235 -24.09 -121.47 -88.16
N LEU LC 236 -23.59 -120.24 -88.15
CA LEU LC 236 -22.18 -120.02 -88.43
C LEU LC 236 -21.33 -120.25 -87.19
N THR LC 237 -21.80 -119.80 -86.03
CA THR LC 237 -21.07 -120.01 -84.79
C THR LC 237 -21.06 -121.47 -84.38
N LYS LC 238 -22.16 -122.19 -84.66
CA LYS LC 238 -22.16 -123.63 -84.47
C LYS LC 238 -21.17 -124.31 -85.40
N SER LC 239 -21.02 -123.78 -86.61
CA SER LC 239 -20.05 -124.31 -87.56
C SER LC 239 -18.65 -123.78 -87.31
N LEU LC 240 -18.49 -122.76 -86.47
CA LEU LC 240 -17.16 -122.25 -86.18
C LEU LC 240 -16.50 -123.04 -85.06
N VAL LC 241 -17.25 -123.33 -84.00
CA VAL LC 241 -16.73 -124.11 -82.87
C VAL LC 241 -16.42 -125.54 -83.31
N ALA LC 242 -17.18 -126.09 -84.24
CA ALA LC 242 -16.99 -127.45 -84.68
C ALA LC 242 -15.82 -127.63 -85.64
N THR LC 243 -15.11 -126.57 -86.00
CA THR LC 243 -13.96 -126.72 -86.88
C THR LC 243 -12.76 -127.28 -86.13
N SER LC 244 -11.76 -127.71 -86.89
CA SER LC 244 -10.55 -128.26 -86.30
C SER LC 244 -9.54 -127.18 -85.94
N GLN LC 245 -9.79 -125.93 -86.32
CA GLN LC 245 -8.84 -124.87 -86.03
C GLN LC 245 -9.12 -124.21 -84.69
N VAL LC 246 -10.39 -124.12 -84.31
CA VAL LC 246 -10.77 -123.61 -83.00
C VAL LC 246 -10.59 -124.69 -81.94
N GLU LC 247 -10.52 -125.96 -82.34
CA GLU LC 247 -10.13 -127.01 -81.42
C GLU LC 247 -8.67 -126.86 -81.00
N ASP LC 248 -7.78 -126.66 -81.98
CA ASP LC 248 -6.37 -126.46 -81.68
C ASP LC 248 -6.06 -125.10 -81.09
N LEU LC 249 -6.96 -124.13 -81.27
CA LEU LC 249 -6.76 -122.82 -80.65
C LEU LC 249 -6.99 -122.89 -79.15
N VAL LC 250 -7.85 -123.78 -78.70
CA VAL LC 250 -8.09 -123.94 -77.26
C VAL LC 250 -7.18 -124.99 -76.66
N VAL LC 251 -7.00 -126.13 -77.33
CA VAL LC 251 -6.19 -127.20 -76.78
C VAL LC 251 -4.70 -126.86 -76.88
N ASN LC 252 -4.21 -126.53 -78.07
CA ASN LC 252 -2.79 -126.36 -78.30
C ASN LC 252 -2.36 -124.92 -78.53
N LEU LC 253 -3.28 -123.95 -78.43
CA LEU LC 253 -3.02 -122.51 -78.59
C LEU LC 253 -2.43 -122.15 -79.94
N VAL LC 254 -2.72 -122.93 -80.98
CA VAL LC 254 -2.32 -122.60 -82.34
C VAL LC 254 -3.27 -121.55 -82.87
N PRO LC 255 -2.78 -120.41 -83.38
CA PRO LC 255 -3.68 -119.40 -83.95
C PRO LC 255 -4.39 -119.89 -85.21
N LEU LC 256 -5.45 -119.17 -85.57
CA LEU LC 256 -6.35 -119.59 -86.63
C LEU LC 256 -5.74 -119.37 -88.01
N GLY LC 257 -6.28 -120.11 -88.98
CA GLY LC 257 -5.91 -119.90 -90.36
C GLY LC 257 -4.81 -120.79 -90.87
N ARG LC 258 -5.14 -121.72 -91.76
CA ARG LC 258 -4.14 -122.55 -92.41
C ARG LC 258 -4.13 -122.31 -93.91
N SER MC 1 -87.46 -104.94 -69.26
CA SER MC 1 -86.63 -103.90 -69.83
C SER MC 1 -85.57 -104.50 -70.74
N LYS MC 2 -84.31 -104.10 -70.57
CA LYS MC 2 -83.20 -104.58 -71.35
C LYS MC 2 -82.44 -105.63 -70.54
N THR MC 3 -82.26 -106.82 -71.13
CA THR MC 3 -81.78 -107.97 -70.40
C THR MC 3 -80.50 -108.54 -71.00
N ILE MC 4 -79.68 -109.14 -70.13
CA ILE MC 4 -78.58 -110.01 -70.53
C ILE MC 4 -78.88 -111.39 -69.95
N VAL MC 5 -78.59 -112.44 -70.72
CA VAL MC 5 -78.84 -113.81 -70.31
C VAL MC 5 -77.50 -114.51 -70.14
N LEU MC 6 -77.19 -114.94 -68.93
CA LEU MC 6 -75.94 -115.60 -68.60
C LEU MC 6 -76.25 -117.06 -68.25
N SER MC 7 -76.25 -117.92 -69.27
CA SER MC 7 -76.54 -119.32 -69.05
C SER MC 7 -75.32 -120.03 -68.46
N VAL MC 8 -75.53 -120.77 -67.37
CA VAL MC 8 -74.46 -121.37 -66.59
C VAL MC 8 -74.63 -122.88 -66.79
N GLY MC 9 -75.07 -123.26 -67.99
CA GLY MC 9 -75.45 -124.63 -68.28
C GLY MC 9 -76.81 -124.63 -68.93
N GLU MC 10 -77.80 -125.19 -68.24
CA GLU MC 10 -79.19 -124.97 -68.61
C GLU MC 10 -79.87 -123.94 -67.71
N ALA MC 11 -79.28 -123.62 -66.56
CA ALA MC 11 -79.81 -122.57 -65.71
C ALA MC 11 -79.40 -121.21 -66.27
N THR MC 12 -80.39 -120.38 -66.61
CA THR MC 12 -80.14 -119.06 -67.18
C THR MC 12 -80.47 -118.01 -66.12
N ARG MC 13 -79.55 -117.08 -65.93
CA ARG MC 13 -79.69 -116.03 -64.92
C ARG MC 13 -79.81 -114.69 -65.64
N THR MC 14 -81.02 -114.13 -65.67
CA THR MC 14 -81.33 -112.95 -66.46
C THR MC 14 -81.21 -111.70 -65.61
N LEU MC 15 -80.28 -110.82 -65.99
CA LEU MC 15 -80.13 -109.53 -65.33
C LEU MC 15 -80.90 -108.47 -66.11
N THR MC 16 -81.69 -107.67 -65.38
CA THR MC 16 -82.45 -106.59 -65.99
C THR MC 16 -81.84 -105.26 -65.62
N GLU MC 17 -82.02 -104.26 -66.48
CA GLU MC 17 -81.35 -102.99 -66.35
C GLU MC 17 -82.07 -102.11 -65.33
N ILE MC 18 -81.30 -101.52 -64.41
CA ILE MC 18 -81.84 -100.62 -63.40
C ILE MC 18 -81.33 -99.20 -63.54
N GLN MC 19 -80.41 -98.92 -64.47
CA GLN MC 19 -79.86 -97.59 -64.62
C GLN MC 19 -79.30 -97.44 -66.03
N SER MC 20 -79.45 -96.25 -66.61
CA SER MC 20 -78.87 -95.95 -67.90
C SER MC 20 -78.50 -94.47 -67.92
N THR MC 21 -77.25 -94.17 -67.59
CA THR MC 21 -76.73 -92.81 -67.70
C THR MC 21 -76.09 -92.65 -69.07
N ALA MC 22 -75.30 -91.58 -69.23
CA ALA MC 22 -74.63 -91.34 -70.49
C ALA MC 22 -73.56 -92.39 -70.76
N ASP MC 23 -72.84 -92.81 -69.72
CA ASP MC 23 -71.84 -93.86 -69.87
C ASP MC 23 -72.12 -95.09 -69.01
N ARG MC 24 -72.47 -94.92 -67.74
CA ARG MC 24 -72.69 -96.06 -66.87
C ARG MC 24 -74.02 -96.73 -67.17
N GLN MC 25 -74.10 -98.02 -66.90
CA GLN MC 25 -75.25 -98.83 -67.30
C GLN MC 25 -75.29 -100.05 -66.38
N ILE MC 26 -76.17 -100.00 -65.39
CA ILE MC 26 -76.17 -100.97 -64.29
C ILE MC 26 -77.27 -102.00 -64.54
N PHE MC 27 -76.91 -103.27 -64.41
CA PHE MC 27 -77.85 -104.38 -64.50
C PHE MC 27 -77.94 -105.07 -63.14
N GLU MC 28 -79.00 -105.84 -62.96
CA GLU MC 28 -79.23 -106.52 -61.68
C GLU MC 28 -80.20 -107.67 -61.91
N GLU MC 29 -79.96 -108.78 -61.21
CA GLU MC 29 -80.90 -109.88 -61.20
C GLU MC 29 -82.03 -109.57 -60.23
N LYS MC 30 -83.20 -110.14 -60.50
CA LYS MC 30 -84.39 -109.82 -59.72
C LYS MC 30 -84.93 -110.99 -58.92
N VAL MC 31 -84.33 -112.16 -59.01
CA VAL MC 31 -84.81 -113.32 -58.27
C VAL MC 31 -84.13 -113.36 -56.91
N GLY MC 32 -84.94 -113.48 -55.86
CA GLY MC 32 -84.42 -113.68 -54.53
C GLY MC 32 -84.68 -112.52 -53.58
N PRO MC 33 -83.90 -112.43 -52.50
CA PRO MC 33 -84.04 -111.31 -51.57
C PRO MC 33 -83.60 -109.98 -52.17
N LEU MC 34 -83.90 -108.89 -51.47
CA LEU MC 34 -83.71 -107.55 -52.02
C LEU MC 34 -82.40 -106.92 -51.60
N VAL MC 35 -81.59 -107.58 -50.78
CA VAL MC 35 -80.41 -106.93 -50.22
C VAL MC 35 -79.13 -107.34 -50.96
N GLY MC 36 -79.02 -108.58 -51.41
CA GLY MC 36 -77.85 -108.99 -52.15
C GLY MC 36 -78.18 -109.69 -53.44
N ARG MC 37 -77.81 -109.09 -54.57
CA ARG MC 37 -78.10 -109.64 -55.88
C ARG MC 37 -76.88 -109.45 -56.78
N LEU MC 38 -76.92 -110.03 -57.97
CA LEU MC 38 -75.88 -109.80 -58.95
C LEU MC 38 -75.88 -108.36 -59.43
N ARG MC 39 -74.76 -107.93 -59.98
CA ARG MC 39 -74.59 -106.55 -60.43
C ARG MC 39 -73.62 -106.55 -61.59
N LEU MC 40 -73.87 -105.66 -62.54
CA LEU MC 40 -73.04 -105.58 -63.74
C LEU MC 40 -73.05 -104.12 -64.19
N THR MC 41 -72.03 -103.37 -63.82
CA THR MC 41 -71.95 -101.95 -64.12
C THR MC 41 -71.07 -101.78 -65.35
N ALA MC 42 -71.67 -101.90 -66.53
CA ALA MC 42 -70.96 -101.67 -67.77
C ALA MC 42 -70.71 -100.18 -67.96
N SER MC 43 -69.76 -99.87 -68.85
CA SER MC 43 -69.37 -98.49 -69.09
C SER MC 43 -68.68 -98.43 -70.45
N LEU MC 44 -68.50 -97.21 -70.94
CA LEU MC 44 -67.80 -96.95 -72.18
C LEU MC 44 -67.37 -95.49 -72.19
N ARG MC 45 -66.16 -95.22 -72.67
CA ARG MC 45 -65.61 -93.89 -72.67
C ARG MC 45 -64.77 -93.70 -73.93
N GLN MC 46 -64.24 -92.50 -74.10
CA GLN MC 46 -63.18 -92.24 -75.07
C GLN MC 46 -62.31 -91.12 -74.52
N ASN MC 47 -61.24 -91.49 -73.82
CA ASN MC 47 -60.41 -90.54 -73.11
C ASN MC 47 -59.31 -90.00 -74.01
N GLY MC 48 -58.87 -88.78 -73.70
CA GLY MC 48 -57.83 -88.14 -74.46
C GLY MC 48 -58.38 -87.39 -75.66
N ALA MC 49 -57.65 -87.42 -76.77
CA ALA MC 49 -58.07 -86.74 -78.00
C ALA MC 49 -58.85 -87.69 -78.90
N LYS MC 50 -59.84 -88.35 -78.30
CA LYS MC 50 -60.86 -89.16 -78.98
C LYS MC 50 -60.27 -90.29 -79.83
N THR MC 51 -59.13 -90.83 -79.40
CA THR MC 51 -58.43 -91.82 -80.20
C THR MC 51 -58.52 -93.25 -79.67
N ALA MC 52 -58.93 -93.43 -78.42
CA ALA MC 52 -58.98 -94.75 -77.80
C ALA MC 52 -60.20 -94.84 -76.91
N TYR MC 53 -60.91 -95.95 -76.99
CA TYR MC 53 -62.06 -96.21 -76.13
C TYR MC 53 -61.63 -96.97 -74.88
N ARG MC 54 -62.57 -97.16 -73.97
CA ARG MC 54 -62.27 -97.86 -72.72
C ARG MC 54 -63.55 -98.53 -72.22
N VAL MC 55 -63.66 -99.82 -72.47
CA VAL MC 55 -64.75 -100.62 -71.94
C VAL MC 55 -64.39 -101.06 -70.52
N ASN MC 56 -65.38 -101.04 -69.62
CA ASN MC 56 -65.11 -101.28 -68.21
C ASN MC 56 -66.31 -101.98 -67.60
N LEU MC 57 -66.27 -103.31 -67.54
CA LEU MC 57 -67.30 -104.09 -66.87
C LEU MC 57 -66.89 -104.39 -65.43
N LYS MC 58 -67.89 -104.77 -64.62
CA LYS MC 58 -67.65 -105.09 -63.22
C LYS MC 58 -68.78 -105.99 -62.73
N LEU MC 59 -68.49 -107.28 -62.63
CA LEU MC 59 -69.49 -108.26 -62.22
C LEU MC 59 -69.36 -108.52 -60.71
N ASP MC 60 -70.20 -107.87 -59.93
CA ASP MC 60 -70.21 -108.09 -58.49
C ASP MC 60 -70.99 -109.35 -58.16
N GLN MC 61 -70.76 -109.87 -56.96
CA GLN MC 61 -71.50 -111.02 -56.45
C GLN MC 61 -71.41 -111.01 -54.93
N ALA MC 62 -72.55 -110.84 -54.27
CA ALA MC 62 -72.62 -110.84 -52.82
C ALA MC 62 -73.19 -112.18 -52.35
N ASP MC 63 -72.67 -112.67 -51.23
CA ASP MC 63 -73.15 -113.91 -50.63
C ASP MC 63 -74.03 -113.54 -49.45
N VAL MC 64 -75.34 -113.62 -49.65
CA VAL MC 64 -76.31 -113.27 -48.62
C VAL MC 64 -76.66 -114.53 -47.84
N VAL MC 65 -76.85 -114.36 -46.53
CA VAL MC 65 -77.26 -115.45 -45.66
C VAL MC 65 -78.42 -114.95 -44.80
N ASP MC 66 -79.45 -115.78 -44.65
CA ASP MC 66 -80.60 -115.47 -43.82
C ASP MC 66 -80.90 -116.66 -42.93
N CYS MC 67 -80.76 -116.48 -41.63
CA CYS MC 67 -80.99 -117.53 -40.63
C CYS MC 67 -81.92 -117.02 -39.54
N SER MC 68 -83.05 -116.46 -39.96
CA SER MC 68 -84.13 -116.18 -39.02
C SER MC 68 -84.74 -117.45 -38.43
N THR MC 69 -84.56 -118.59 -39.09
CA THR MC 69 -84.94 -119.87 -38.51
C THR MC 69 -84.07 -120.20 -37.30
N SER MC 70 -82.77 -119.92 -37.39
CA SER MC 70 -81.84 -120.29 -36.34
C SER MC 70 -81.96 -119.35 -35.13
N VAL MC 71 -81.64 -118.08 -35.30
CA VAL MC 71 -81.84 -117.09 -34.25
C VAL MC 71 -83.11 -116.31 -34.59
N CYS MC 72 -83.94 -116.08 -33.58
CA CYS MC 72 -85.25 -115.47 -33.81
C CYS MC 72 -85.11 -113.97 -33.91
N GLY MC 73 -85.49 -113.41 -35.05
CA GLY MC 73 -85.61 -111.98 -35.21
C GLY MC 73 -84.53 -111.28 -35.99
N GLU MC 74 -83.77 -111.99 -36.82
CA GLU MC 74 -82.79 -111.33 -37.68
C GLU MC 74 -83.30 -111.32 -39.12
N LEU MC 75 -82.66 -110.49 -39.92
CA LEU MC 75 -83.04 -110.24 -41.30
C LEU MC 75 -81.92 -110.74 -42.21
N PRO MC 76 -82.15 -110.91 -43.52
CA PRO MC 76 -81.05 -111.31 -44.41
C PRO MC 76 -79.98 -110.24 -44.51
N LYS MC 77 -78.75 -110.71 -44.77
CA LYS MC 77 -77.56 -109.88 -44.65
C LYS MC 77 -76.46 -110.53 -45.48
N VAL MC 78 -75.61 -109.71 -46.08
CA VAL MC 78 -74.52 -110.20 -46.92
C VAL MC 78 -73.25 -110.33 -46.08
N ARG MC 79 -72.50 -111.41 -46.30
CA ARG MC 79 -71.22 -111.56 -45.63
C ARG MC 79 -70.12 -110.82 -46.37
N TYR MC 80 -69.88 -111.20 -47.63
CA TYR MC 80 -68.76 -110.70 -48.41
C TYR MC 80 -69.22 -110.44 -49.84
N THR MC 81 -68.37 -109.73 -50.58
CA THR MC 81 -68.60 -109.51 -52.01
C THR MC 81 -67.34 -109.90 -52.78
N GLN MC 82 -67.55 -110.55 -53.93
CA GLN MC 82 -66.47 -110.97 -54.80
C GLN MC 82 -66.74 -110.44 -56.20
N VAL MC 83 -65.82 -109.64 -56.74
CA VAL MC 83 -66.03 -108.97 -58.01
C VAL MC 83 -65.13 -109.61 -59.06
N TRP MC 84 -65.38 -109.25 -60.32
CA TRP MC 84 -64.50 -109.58 -61.44
C TRP MC 84 -64.59 -108.42 -62.41
N SER MC 85 -63.68 -107.46 -62.30
CA SER MC 85 -63.68 -106.32 -63.17
C SER MC 85 -62.96 -106.64 -64.48
N HIS MC 86 -63.26 -105.83 -65.50
CA HIS MC 86 -62.59 -105.90 -66.79
C HIS MC 86 -62.16 -104.50 -67.17
N ASP MC 87 -61.15 -104.39 -68.02
CA ASP MC 87 -60.69 -103.09 -68.49
C ASP MC 87 -60.14 -103.30 -69.91
N VAL MC 88 -61.00 -103.08 -70.89
CA VAL MC 88 -60.63 -103.27 -72.29
C VAL MC 88 -60.24 -101.92 -72.88
N THR MC 89 -59.13 -101.90 -73.59
CA THR MC 89 -58.65 -100.67 -74.25
C THR MC 89 -58.65 -100.91 -75.75
N ILE MC 90 -59.45 -100.14 -76.48
CA ILE MC 90 -59.59 -100.28 -77.91
C ILE MC 90 -59.24 -98.95 -78.56
N VAL MC 91 -58.27 -98.96 -79.46
CA VAL MC 91 -57.93 -97.77 -80.22
C VAL MC 91 -58.88 -97.65 -81.41
N ALA MC 92 -59.21 -96.41 -81.78
CA ALA MC 92 -60.38 -96.16 -82.60
C ALA MC 92 -60.16 -96.51 -84.07
N ASN MC 93 -58.94 -96.41 -84.56
CA ASN MC 93 -58.64 -96.70 -85.97
C ASN MC 93 -58.20 -98.13 -86.19
N SER MC 94 -58.74 -99.08 -85.42
CA SER MC 94 -58.30 -100.46 -85.46
C SER MC 94 -58.81 -101.17 -86.71
N THR MC 95 -58.27 -102.36 -86.95
CA THR MC 95 -58.82 -103.30 -87.90
C THR MC 95 -59.91 -104.09 -87.18
N GLU MC 96 -60.93 -104.51 -87.92
CA GLU MC 96 -62.00 -105.30 -87.31
C GLU MC 96 -61.52 -106.70 -86.93
N ALA MC 97 -60.53 -107.23 -87.64
CA ALA MC 97 -59.95 -108.50 -87.26
C ALA MC 97 -59.04 -108.36 -86.04
N SER MC 98 -58.57 -107.14 -85.75
CA SER MC 98 -57.77 -106.93 -84.55
C SER MC 98 -58.65 -106.96 -83.30
N ARG MC 99 -59.82 -106.32 -83.37
CA ARG MC 99 -60.74 -106.33 -82.24
C ARG MC 99 -61.43 -107.68 -82.06
N LYS MC 100 -61.59 -108.44 -83.13
CA LYS MC 100 -62.20 -109.77 -83.01
C LYS MC 100 -61.21 -110.76 -82.42
N SER MC 101 -59.93 -110.63 -82.76
CA SER MC 101 -58.93 -111.56 -82.24
C SER MC 101 -58.66 -111.32 -80.77
N LEU MC 102 -58.72 -110.06 -80.33
CA LEU MC 102 -58.57 -109.74 -78.91
C LEU MC 102 -59.73 -110.31 -78.10
N TYR MC 103 -60.93 -110.30 -78.67
CA TYR MC 103 -62.07 -110.92 -78.00
C TYR MC 103 -61.96 -112.44 -78.02
N ASP MC 104 -61.46 -113.01 -79.12
CA ASP MC 104 -61.37 -114.46 -79.23
C ASP MC 104 -60.26 -115.05 -78.37
N LEU MC 105 -59.28 -114.24 -77.98
CA LEU MC 105 -58.24 -114.75 -77.08
C LEU MC 105 -58.69 -114.69 -75.62
N THR MC 106 -59.40 -113.63 -75.24
CA THR MC 106 -59.86 -113.51 -73.86
C THR MC 106 -61.03 -114.44 -73.58
N LYS MC 107 -61.87 -114.70 -74.59
CA LYS MC 107 -62.94 -115.68 -74.44
C LYS MC 107 -62.38 -117.08 -74.24
N SER MC 108 -61.23 -117.37 -74.86
CA SER MC 108 -60.56 -118.64 -74.66
C SER MC 108 -59.61 -118.63 -73.47
N LEU MC 109 -59.21 -117.45 -72.99
CA LEU MC 109 -58.40 -117.40 -71.79
C LEU MC 109 -59.22 -117.77 -70.55
N VAL MC 110 -60.42 -117.20 -70.44
CA VAL MC 110 -61.27 -117.48 -69.28
C VAL MC 110 -61.79 -118.91 -69.34
N ALA MC 111 -61.97 -119.45 -70.54
CA ALA MC 111 -62.55 -120.79 -70.67
C ALA MC 111 -61.55 -121.92 -70.48
N THR MC 112 -60.30 -121.63 -70.14
CA THR MC 112 -59.33 -122.70 -69.96
C THR MC 112 -59.33 -123.21 -68.52
N SER MC 113 -58.71 -124.36 -68.33
CA SER MC 113 -58.67 -125.00 -67.02
C SER MC 113 -57.58 -124.44 -66.11
N GLN MC 114 -56.74 -123.54 -66.60
CA GLN MC 114 -55.69 -122.98 -65.78
C GLN MC 114 -56.12 -121.69 -65.10
N VAL MC 115 -56.98 -120.91 -65.75
CA VAL MC 115 -57.52 -119.71 -65.11
C VAL MC 115 -58.63 -120.10 -64.14
N GLU MC 116 -59.30 -121.23 -64.39
CA GLU MC 116 -60.31 -121.73 -63.47
C GLU MC 116 -59.70 -122.11 -62.12
N ASP MC 117 -58.57 -122.82 -62.14
CA ASP MC 117 -57.90 -123.18 -60.89
C ASP MC 117 -57.21 -121.99 -60.25
N LEU MC 118 -56.97 -120.91 -60.99
CA LEU MC 118 -56.33 -119.74 -60.41
C LEU MC 118 -57.27 -118.95 -59.51
N VAL MC 119 -58.58 -118.96 -59.80
CA VAL MC 119 -59.52 -118.19 -59.00
C VAL MC 119 -60.23 -119.10 -58.00
N VAL MC 120 -60.43 -120.36 -58.36
CA VAL MC 120 -61.13 -121.26 -57.46
C VAL MC 120 -60.17 -121.81 -56.40
N ASN MC 121 -59.11 -122.49 -56.82
CA ASN MC 121 -58.21 -123.16 -55.91
C ASN MC 121 -56.87 -122.44 -55.76
N LEU MC 122 -56.74 -121.24 -56.32
CA LEU MC 122 -55.58 -120.34 -56.17
C LEU MC 122 -54.28 -120.95 -56.68
N VAL MC 123 -54.36 -121.88 -57.62
CA VAL MC 123 -53.16 -122.49 -58.20
C VAL MC 123 -52.56 -121.53 -59.23
N PRO MC 124 -51.24 -121.31 -59.22
CA PRO MC 124 -50.64 -120.39 -60.19
C PRO MC 124 -50.70 -120.93 -61.62
N LEU MC 125 -50.35 -120.06 -62.56
CA LEU MC 125 -50.54 -120.33 -63.97
C LEU MC 125 -49.38 -121.13 -64.56
N GLY MC 126 -49.68 -121.83 -65.64
CA GLY MC 126 -48.66 -122.57 -66.37
C GLY MC 126 -48.48 -123.99 -65.89
N ARG MC 127 -48.63 -124.95 -66.80
CA ARG MC 127 -48.35 -126.36 -66.52
C ARG MC 127 -47.40 -126.87 -67.58
N ALA MC 128 -46.24 -127.35 -67.14
CA ALA MC 128 -45.20 -127.82 -68.05
C ALA MC 128 -45.50 -129.24 -68.51
N TYR MC 129 -45.96 -129.38 -69.75
CA TYR MC 129 -46.21 -130.69 -70.35
C TYR MC 129 -45.13 -130.94 -71.39
N GLY MC 130 -43.99 -131.47 -70.93
CA GLY MC 130 -42.87 -131.74 -71.79
C GLY MC 130 -42.22 -130.50 -72.36
N GLY MC 131 -41.61 -129.68 -71.50
CA GLY MC 131 -40.98 -128.47 -71.95
C GLY MC 131 -41.06 -127.34 -70.94
N SER MC 132 -41.48 -126.17 -71.39
CA SER MC 132 -41.60 -125.01 -70.52
C SER MC 132 -43.02 -124.92 -69.97
N LYS MC 133 -43.21 -124.00 -69.02
CA LYS MC 133 -44.53 -123.72 -68.49
C LYS MC 133 -45.32 -122.95 -69.54
N THR MC 134 -46.37 -123.56 -70.07
CA THR MC 134 -47.09 -123.03 -71.22
C THR MC 134 -48.58 -122.93 -70.93
N ILE MC 135 -49.23 -121.98 -71.62
CA ILE MC 135 -50.68 -121.89 -71.66
C ILE MC 135 -51.10 -121.98 -73.11
N VAL MC 136 -52.07 -122.82 -73.41
CA VAL MC 136 -52.60 -122.97 -74.76
C VAL MC 136 -53.91 -122.21 -74.85
N LEU MC 137 -54.00 -121.28 -75.80
CA LEU MC 137 -55.19 -120.46 -76.01
C LEU MC 137 -55.72 -120.77 -77.40
N SER MC 138 -56.53 -121.83 -77.50
CA SER MC 138 -57.07 -122.24 -78.78
C SER MC 138 -58.26 -121.38 -79.18
N VAL MC 139 -58.29 -121.00 -80.45
CA VAL MC 139 -59.36 -120.14 -80.98
C VAL MC 139 -60.16 -120.95 -82.00
N GLY MC 140 -60.26 -122.25 -81.76
CA GLY MC 140 -60.82 -123.18 -82.73
C GLY MC 140 -59.83 -124.28 -83.04
N GLU MC 141 -59.27 -124.27 -84.25
CA GLU MC 141 -58.18 -125.18 -84.57
C GLU MC 141 -56.81 -124.52 -84.48
N ALA MC 142 -56.75 -123.20 -84.49
CA ALA MC 142 -55.50 -122.51 -84.26
C ALA MC 142 -55.23 -122.42 -82.76
N THR MC 143 -54.09 -122.97 -82.32
CA THR MC 143 -53.69 -122.94 -80.92
C THR MC 143 -52.49 -122.01 -80.80
N ARG MC 144 -52.55 -121.09 -79.85
CA ARG MC 144 -51.48 -120.11 -79.64
C ARG MC 144 -50.86 -120.37 -78.27
N THR MC 145 -49.67 -120.96 -78.26
CA THR MC 145 -49.03 -121.45 -77.04
C THR MC 145 -48.11 -120.37 -76.50
N LEU MC 146 -48.42 -119.86 -75.31
CA LEU MC 146 -47.61 -118.84 -74.67
C LEU MC 146 -46.69 -119.46 -73.63
N THR MC 147 -45.38 -119.29 -73.81
CA THR MC 147 -44.38 -119.85 -72.92
C THR MC 147 -43.92 -118.82 -71.91
N GLU MC 148 -43.66 -119.29 -70.68
CA GLU MC 148 -43.31 -118.40 -69.58
C GLU MC 148 -41.89 -117.88 -69.73
N ILE MC 149 -41.71 -116.58 -69.58
CA ILE MC 149 -40.41 -115.96 -69.75
C ILE MC 149 -39.83 -115.44 -68.44
N GLN MC 150 -40.65 -115.23 -67.41
CA GLN MC 150 -40.18 -114.63 -66.16
C GLN MC 150 -41.21 -114.90 -65.08
N SER MC 151 -40.76 -115.45 -63.95
CA SER MC 151 -41.62 -115.70 -62.80
C SER MC 151 -40.99 -115.00 -61.60
N THR MC 152 -41.34 -113.74 -61.41
CA THR MC 152 -40.87 -112.95 -60.27
C THR MC 152 -41.75 -113.34 -59.08
N ALA MC 153 -41.46 -112.83 -57.88
CA ALA MC 153 -42.26 -113.15 -56.71
C ALA MC 153 -43.65 -112.51 -56.79
N ASP MC 154 -43.78 -111.43 -57.55
CA ASP MC 154 -45.07 -110.78 -57.77
C ASP MC 154 -45.68 -111.10 -59.13
N ARG MC 155 -44.94 -110.89 -60.20
CA ARG MC 155 -45.49 -111.08 -61.54
C ARG MC 155 -45.23 -112.49 -62.06
N GLN MC 156 -45.89 -112.82 -63.16
CA GLN MC 156 -45.67 -114.08 -63.86
C GLN MC 156 -45.99 -113.83 -65.33
N ILE MC 157 -44.96 -113.53 -66.11
CA ILE MC 157 -45.12 -113.03 -67.47
C ILE MC 157 -45.03 -114.19 -68.46
N PHE MC 158 -46.02 -114.31 -69.32
CA PHE MC 158 -46.03 -115.27 -70.42
C PHE MC 158 -45.91 -114.51 -71.73
N GLU MC 159 -45.49 -115.22 -72.77
CA GLU MC 159 -45.31 -114.59 -74.08
C GLU MC 159 -45.27 -115.67 -75.14
N GLU MC 160 -45.85 -115.37 -76.31
CA GLU MC 160 -45.73 -116.24 -77.46
C GLU MC 160 -44.35 -116.11 -78.07
N LYS MC 161 -43.93 -117.13 -78.81
CA LYS MC 161 -42.58 -117.17 -79.35
C LYS MC 161 -42.52 -117.26 -80.87
N VAL MC 162 -43.64 -117.47 -81.53
CA VAL MC 162 -43.65 -117.56 -82.99
C VAL MC 162 -43.78 -116.18 -83.60
N GLY MC 163 -42.85 -115.84 -84.51
CA GLY MC 163 -42.93 -114.61 -85.26
C GLY MC 163 -41.81 -113.64 -84.95
N PRO MC 164 -42.02 -112.37 -85.28
CA PRO MC 164 -41.00 -111.35 -85.00
C PRO MC 164 -40.90 -111.06 -83.50
N LEU MC 165 -39.83 -110.36 -83.14
CA LEU MC 165 -39.54 -110.09 -81.74
C LEU MC 165 -40.10 -108.76 -81.25
N VAL MC 166 -40.62 -107.92 -82.14
CA VAL MC 166 -41.06 -106.60 -81.72
C VAL MC 166 -42.49 -106.63 -81.17
N GLY MC 167 -43.37 -107.45 -81.74
CA GLY MC 167 -44.73 -107.53 -81.25
C GLY MC 167 -45.18 -108.95 -81.04
N ARG MC 168 -45.46 -109.30 -79.79
CA ARG MC 168 -45.90 -110.65 -79.44
C ARG MC 168 -46.98 -110.56 -78.37
N LEU MC 169 -47.70 -111.67 -78.19
CA LEU MC 169 -48.71 -111.75 -77.15
C LEU MC 169 -48.07 -111.71 -75.77
N ARG MC 170 -48.81 -111.18 -74.81
CA ARG MC 170 -48.32 -111.07 -73.44
C ARG MC 170 -49.41 -111.54 -72.49
N LEU MC 171 -48.99 -111.97 -71.30
CA LEU MC 171 -49.92 -112.37 -70.27
C LEU MC 171 -49.19 -112.17 -68.93
N THR MC 172 -49.49 -111.08 -68.25
CA THR MC 172 -48.82 -110.77 -66.99
C THR MC 172 -49.82 -111.03 -65.86
N ALA MC 173 -49.81 -112.26 -65.36
CA ALA MC 173 -50.65 -112.59 -64.22
C ALA MC 173 -50.00 -112.08 -62.92
N SER MC 174 -50.80 -112.03 -61.87
CA SER MC 174 -50.32 -111.59 -60.57
C SER MC 174 -51.23 -112.17 -59.50
N LEU MC 175 -50.82 -111.98 -58.24
CA LEU MC 175 -51.57 -112.47 -57.09
C LEU MC 175 -51.07 -111.73 -55.87
N ARG MC 176 -51.99 -111.07 -55.15
CA ARG MC 176 -51.64 -110.29 -53.97
C ARG MC 176 -52.60 -110.65 -52.85
N GLN MC 177 -52.34 -110.09 -51.68
CA GLN MC 177 -53.31 -110.06 -50.59
C GLN MC 177 -53.04 -108.81 -49.75
N ASN MC 178 -53.96 -107.87 -49.78
CA ASN MC 178 -53.79 -106.59 -49.10
C ASN MC 178 -54.64 -106.56 -47.84
N GLY MC 179 -54.08 -105.96 -46.79
CA GLY MC 179 -54.77 -105.85 -45.53
C GLY MC 179 -54.33 -106.91 -44.54
N ALA MC 180 -55.26 -107.37 -43.70
CA ALA MC 180 -54.94 -108.38 -42.69
C ALA MC 180 -55.22 -109.79 -43.21
N LYS MC 181 -54.65 -110.10 -44.39
CA LYS MC 181 -54.66 -111.43 -45.00
C LYS MC 181 -56.07 -111.97 -45.23
N THR MC 182 -57.01 -111.08 -45.56
CA THR MC 182 -58.41 -111.45 -45.64
C THR MC 182 -58.96 -111.49 -47.06
N ALA MC 183 -58.28 -110.89 -48.03
CA ALA MC 183 -58.80 -110.84 -49.38
C ALA MC 183 -57.64 -110.93 -50.37
N TYR MC 184 -57.81 -111.76 -51.39
CA TYR MC 184 -56.82 -111.92 -52.45
C TYR MC 184 -57.10 -110.96 -53.59
N ARG MC 185 -56.20 -110.92 -54.57
CA ARG MC 185 -56.36 -110.04 -55.72
C ARG MC 185 -55.66 -110.68 -56.91
N VAL MC 186 -56.43 -111.36 -57.75
CA VAL MC 186 -55.92 -111.91 -59.00
C VAL MC 186 -55.96 -110.81 -60.06
N ASN MC 187 -54.96 -110.80 -60.95
CA ASN MC 187 -54.83 -109.70 -61.90
C ASN MC 187 -54.21 -110.24 -63.18
N LEU MC 188 -55.05 -110.58 -64.16
CA LEU MC 188 -54.58 -110.97 -65.48
C LEU MC 188 -54.60 -109.77 -66.42
N LYS MC 189 -53.77 -109.84 -67.46
CA LYS MC 189 -53.67 -108.75 -68.43
C LYS MC 189 -53.07 -109.29 -69.71
N LEU MC 190 -53.77 -109.15 -70.82
CA LEU MC 190 -53.35 -109.72 -72.10
C LEU MC 190 -53.15 -108.58 -73.10
N ASP MC 191 -51.89 -108.30 -73.42
CA ASP MC 191 -51.56 -107.30 -74.43
C ASP MC 191 -51.46 -107.95 -75.80
N GLN MC 192 -52.01 -107.28 -76.80
CA GLN MC 192 -51.92 -107.75 -78.19
C GLN MC 192 -51.55 -106.56 -79.06
N ALA MC 193 -50.34 -106.56 -79.59
CA ALA MC 193 -49.85 -105.50 -80.45
C ALA MC 193 -50.01 -105.91 -81.90
N ASP MC 194 -50.35 -104.94 -82.76
CA ASP MC 194 -50.52 -105.19 -84.18
C ASP MC 194 -49.22 -104.83 -84.90
N VAL MC 195 -48.53 -105.84 -85.40
CA VAL MC 195 -47.28 -105.65 -86.12
C VAL MC 195 -47.56 -105.72 -87.62
N VAL MC 196 -46.85 -104.91 -88.39
CA VAL MC 196 -46.97 -104.91 -89.84
C VAL MC 196 -45.59 -104.65 -90.44
N ASP MC 197 -45.30 -105.30 -91.56
CA ASP MC 197 -44.07 -105.04 -92.30
C ASP MC 197 -44.40 -104.58 -93.72
N CYS MC 198 -43.59 -103.66 -94.22
CA CYS MC 198 -43.78 -103.08 -95.54
C CYS MC 198 -42.60 -103.35 -96.44
N SER MC 199 -41.87 -104.44 -96.19
CA SER MC 199 -40.67 -104.75 -96.95
C SER MC 199 -40.98 -105.19 -98.37
N THR MC 200 -42.18 -105.67 -98.63
CA THR MC 200 -42.58 -105.94 -100.02
C THR MC 200 -42.98 -104.65 -100.73
N SER MC 201 -43.25 -103.58 -99.98
CA SER MC 201 -43.61 -102.29 -100.54
C SER MC 201 -42.43 -101.33 -100.60
N VAL MC 202 -41.84 -101.03 -99.44
CA VAL MC 202 -40.70 -100.12 -99.35
C VAL MC 202 -39.51 -100.91 -98.80
N CYS MC 203 -38.36 -100.78 -99.48
CA CYS MC 203 -37.18 -101.53 -99.09
C CYS MC 203 -36.59 -101.02 -97.78
N GLY MC 204 -35.88 -101.92 -97.10
CA GLY MC 204 -35.15 -101.59 -95.90
C GLY MC 204 -36.00 -101.28 -94.70
N GLU MC 205 -37.26 -101.70 -94.70
CA GLU MC 205 -38.18 -101.43 -93.60
C GLU MC 205 -38.41 -102.73 -92.84
N LEU MC 206 -38.06 -102.71 -91.56
CA LEU MC 206 -38.23 -103.83 -90.66
C LEU MC 206 -39.61 -103.74 -90.00
N PRO MC 207 -40.13 -104.86 -89.47
CA PRO MC 207 -41.46 -104.82 -88.83
C PRO MC 207 -41.50 -103.93 -87.60
N LYS MC 208 -42.68 -103.35 -87.37
CA LYS MC 208 -42.90 -102.44 -86.26
C LYS MC 208 -44.37 -102.55 -85.84
N VAL MC 209 -44.65 -102.11 -84.61
CA VAL MC 209 -45.99 -102.18 -84.05
C VAL MC 209 -46.73 -100.90 -84.37
N ARG MC 210 -48.05 -101.02 -84.53
CA ARG MC 210 -48.89 -99.84 -84.74
C ARG MC 210 -49.51 -99.38 -83.42
N TYR MC 211 -50.29 -100.25 -82.79
CA TYR MC 211 -51.01 -99.94 -81.56
C TYR MC 211 -51.02 -101.19 -80.68
N THR MC 212 -51.48 -101.03 -79.45
CA THR MC 212 -51.69 -102.16 -78.55
C THR MC 212 -53.10 -102.10 -78.01
N GLN MC 213 -53.70 -103.27 -77.79
CA GLN MC 213 -55.04 -103.37 -77.23
C GLN MC 213 -55.01 -104.30 -76.04
N VAL MC 214 -55.55 -103.83 -74.91
CA VAL MC 214 -55.42 -104.51 -73.64
C VAL MC 214 -56.78 -105.08 -73.24
N TRP MC 215 -56.75 -106.22 -72.55
CA TRP MC 215 -57.93 -106.74 -71.85
C TRP MC 215 -57.45 -107.22 -70.49
N SER MC 216 -57.51 -106.33 -69.50
CA SER MC 216 -57.12 -106.67 -68.14
C SER MC 216 -58.27 -107.31 -67.39
N HIS MC 217 -57.93 -107.92 -66.25
CA HIS MC 217 -58.92 -108.44 -65.31
C HIS MC 217 -58.47 -108.07 -63.91
N ASP MC 218 -59.42 -108.05 -62.98
CA ASP MC 218 -59.10 -107.74 -61.58
C ASP MC 218 -60.13 -108.45 -60.71
N VAL MC 219 -59.76 -109.63 -60.22
CA VAL MC 219 -60.65 -110.48 -59.44
C VAL MC 219 -60.35 -110.24 -57.97
N THR MC 220 -61.38 -110.02 -57.17
CA THR MC 220 -61.25 -109.86 -55.73
C THR MC 220 -61.90 -111.06 -55.06
N ILE MC 221 -61.12 -111.81 -54.28
CA ILE MC 221 -61.59 -113.02 -53.63
C ILE MC 221 -61.23 -112.91 -52.16
N VAL MC 222 -62.24 -113.01 -51.29
CA VAL MC 222 -62.00 -113.01 -49.86
C VAL MC 222 -61.51 -114.39 -49.42
N ALA MC 223 -60.71 -114.41 -48.36
CA ALA MC 223 -59.94 -115.61 -48.01
C ALA MC 223 -60.82 -116.71 -47.43
N ASN MC 224 -61.88 -116.36 -46.71
CA ASN MC 224 -62.74 -117.33 -46.06
C ASN MC 224 -63.97 -117.67 -46.87
N SER MC 225 -63.85 -117.70 -48.20
CA SER MC 225 -64.97 -117.92 -49.10
C SER MC 225 -65.44 -119.36 -49.06
N THR MC 226 -66.60 -119.59 -49.68
CA THR MC 226 -67.07 -120.92 -50.00
C THR MC 226 -66.50 -121.29 -51.36
N GLU MC 227 -66.27 -122.58 -51.61
CA GLU MC 227 -65.77 -123.01 -52.90
C GLU MC 227 -66.79 -122.78 -54.00
N ALA MC 228 -68.07 -123.04 -53.73
CA ALA MC 228 -69.12 -122.77 -54.70
C ALA MC 228 -69.40 -121.27 -54.85
N SER MC 229 -68.89 -120.45 -53.94
CA SER MC 229 -68.99 -119.00 -54.12
C SER MC 229 -67.92 -118.50 -55.08
N ARG MC 230 -66.75 -119.13 -55.07
CA ARG MC 230 -65.71 -118.77 -56.05
C ARG MC 230 -65.94 -119.46 -57.38
N LYS MC 231 -66.56 -120.63 -57.37
CA LYS MC 231 -66.81 -121.35 -58.61
C LYS MC 231 -67.93 -120.70 -59.42
N SER MC 232 -68.95 -120.19 -58.74
CA SER MC 232 -70.05 -119.55 -59.45
C SER MC 232 -69.68 -118.17 -59.96
N LEU MC 233 -68.76 -117.48 -59.29
CA LEU MC 233 -68.27 -116.20 -59.79
C LEU MC 233 -67.46 -116.38 -61.07
N TYR MC 234 -66.64 -117.43 -61.13
CA TYR MC 234 -65.90 -117.73 -62.35
C TYR MC 234 -66.83 -118.17 -63.47
N ASP MC 235 -67.80 -119.02 -63.15
CA ASP MC 235 -68.66 -119.61 -64.17
C ASP MC 235 -69.68 -118.61 -64.69
N LEU MC 236 -69.95 -117.53 -63.95
CA LEU MC 236 -70.76 -116.44 -64.49
C LEU MC 236 -69.95 -115.55 -65.41
N THR MC 237 -68.69 -115.27 -65.04
CA THR MC 237 -67.84 -114.46 -65.89
C THR MC 237 -67.43 -115.18 -67.15
N LYS MC 238 -67.28 -116.51 -67.08
CA LYS MC 238 -67.02 -117.30 -68.28
C LYS MC 238 -68.22 -117.27 -69.22
N SER MC 239 -69.42 -117.24 -68.65
CA SER MC 239 -70.63 -117.15 -69.46
C SER MC 239 -70.97 -115.72 -69.86
N LEU MC 240 -70.32 -114.73 -69.24
CA LEU MC 240 -70.57 -113.35 -69.63
C LEU MC 240 -69.76 -112.98 -70.86
N VAL MC 241 -68.48 -113.36 -70.89
CA VAL MC 241 -67.61 -113.09 -72.03
C VAL MC 241 -68.07 -113.85 -73.26
N ALA MC 242 -68.67 -115.03 -73.08
CA ALA MC 242 -69.10 -115.84 -74.21
C ALA MC 242 -70.43 -115.40 -74.81
N THR MC 243 -71.04 -114.31 -74.33
CA THR MC 243 -72.29 -113.86 -74.88
C THR MC 243 -72.06 -113.08 -76.18
N SER MC 244 -73.16 -112.80 -76.87
CA SER MC 244 -73.09 -112.06 -78.12
C SER MC 244 -73.16 -110.55 -77.90
N GLN MC 245 -73.42 -110.10 -76.68
CA GLN MC 245 -73.53 -108.67 -76.43
C GLN MC 245 -72.19 -108.08 -76.02
N VAL MC 246 -71.37 -108.83 -75.29
CA VAL MC 246 -70.02 -108.38 -74.96
C VAL MC 246 -69.09 -108.55 -76.16
N GLU MC 247 -69.48 -109.37 -77.13
CA GLU MC 247 -68.77 -109.40 -78.40
C GLU MC 247 -68.94 -108.10 -79.16
N ASP MC 248 -70.18 -107.65 -79.33
CA ASP MC 248 -70.45 -106.39 -80.01
C ASP MC 248 -70.06 -105.18 -79.20
N LEU MC 249 -69.90 -105.32 -77.88
CA LEU MC 249 -69.41 -104.21 -77.07
C LEU MC 249 -67.93 -103.95 -77.34
N VAL MC 250 -67.17 -104.99 -77.66
CA VAL MC 250 -65.76 -104.83 -77.97
C VAL MC 250 -65.53 -104.57 -79.45
N VAL MC 251 -66.20 -105.34 -80.31
CA VAL MC 251 -65.98 -105.22 -81.75
C VAL MC 251 -66.64 -103.96 -82.30
N ASN MC 252 -67.94 -103.78 -82.06
CA ASN MC 252 -68.69 -102.69 -82.67
C ASN MC 252 -69.14 -101.62 -81.70
N LEU MC 253 -68.73 -101.69 -80.42
CA LEU MC 253 -69.00 -100.69 -79.38
C LEU MC 253 -70.49 -100.48 -79.13
N VAL MC 254 -71.31 -101.51 -79.33
CA VAL MC 254 -72.72 -101.45 -78.99
C VAL MC 254 -72.86 -101.65 -77.48
N PRO MC 255 -73.55 -100.76 -76.78
CA PRO MC 255 -73.76 -100.97 -75.33
C PRO MC 255 -74.64 -102.19 -75.05
N LEU MC 256 -74.57 -102.65 -73.82
CA LEU MC 256 -75.18 -103.92 -73.43
C LEU MC 256 -76.69 -103.79 -73.28
N GLY MC 257 -77.35 -104.94 -73.28
CA GLY MC 257 -78.78 -104.98 -73.05
C GLY MC 257 -79.61 -104.93 -74.31
N ARG MC 258 -80.41 -105.98 -74.54
CA ARG MC 258 -81.34 -105.98 -75.65
C ARG MC 258 -82.75 -106.34 -75.17
N SER NC 1 79.78 -93.08 -104.07
CA SER NC 1 80.45 -92.39 -102.97
C SER NC 1 80.45 -93.26 -101.71
N LYS NC 2 79.51 -92.98 -100.80
CA LYS NC 2 79.38 -93.71 -99.55
C LYS NC 2 78.35 -94.80 -99.70
N THR NC 3 78.76 -96.05 -99.52
CA THR NC 3 77.93 -97.20 -99.87
C THR NC 3 77.84 -98.19 -98.73
N ILE NC 4 76.70 -98.86 -98.66
CA ILE NC 4 76.52 -100.10 -97.90
C ILE NC 4 76.16 -101.19 -98.89
N VAL NC 5 76.82 -102.33 -98.80
CA VAL NC 5 76.61 -103.46 -99.70
C VAL NC 5 75.90 -104.57 -98.94
N LEU NC 6 74.72 -104.94 -99.40
CA LEU NC 6 73.92 -105.99 -98.78
C LEU NC 6 73.91 -107.20 -99.72
N SER NC 7 74.67 -108.23 -99.37
CA SER NC 7 74.73 -109.44 -100.17
C SER NC 7 73.61 -110.39 -99.76
N VAL NC 8 72.85 -110.86 -100.73
CA VAL NC 8 71.68 -111.71 -100.49
C VAL NC 8 72.06 -113.07 -101.07
N GLY NC 9 73.34 -113.42 -100.95
CA GLY NC 9 73.87 -114.62 -101.56
C GLY NC 9 74.99 -114.27 -102.52
N GLU NC 10 74.76 -114.46 -103.81
CA GLU NC 10 75.68 -114.00 -104.83
C GLU NC 10 75.27 -112.65 -105.41
N ALA NC 11 74.03 -112.22 -105.20
CA ALA NC 11 73.58 -110.92 -105.67
C ALA NC 11 73.78 -109.87 -104.58
N THR NC 12 74.40 -108.75 -104.94
CA THR NC 12 74.66 -107.66 -104.01
C THR NC 12 73.81 -106.46 -104.42
N ARG NC 13 73.15 -105.85 -103.43
CA ARG NC 13 72.31 -104.67 -103.66
C ARG NC 13 72.98 -103.49 -102.98
N THR NC 14 73.66 -102.66 -103.77
CA THR NC 14 74.48 -101.58 -103.25
C THR NC 14 73.64 -100.33 -103.05
N LEU NC 15 73.45 -99.93 -101.79
CA LEU NC 15 72.80 -98.67 -101.45
C LEU NC 15 73.83 -97.56 -101.45
N THR NC 16 73.40 -96.37 -101.86
CA THR NC 16 74.26 -95.19 -101.83
C THR NC 16 73.59 -94.11 -100.99
N GLU NC 17 74.42 -93.27 -100.39
CA GLU NC 17 73.93 -92.22 -99.51
C GLU NC 17 73.44 -91.04 -100.34
N ILE NC 18 72.22 -90.59 -100.04
CA ILE NC 18 71.60 -89.49 -100.79
C ILE NC 18 71.37 -88.25 -99.94
N GLN NC 19 71.46 -88.34 -98.62
CA GLN NC 19 71.15 -87.22 -97.75
C GLN NC 19 71.82 -87.45 -96.40
N SER NC 20 72.43 -86.39 -95.85
CA SER NC 20 73.16 -86.53 -94.59
C SER NC 20 72.89 -85.27 -93.77
N THR NC 21 72.09 -85.43 -92.71
CA THR NC 21 71.82 -84.36 -91.77
C THR NC 21 72.89 -84.49 -90.66
N ALA NC 22 72.71 -83.82 -89.52
CA ALA NC 22 73.63 -83.97 -88.40
C ALA NC 22 73.66 -85.40 -87.87
N ASP NC 23 72.49 -85.96 -87.57
CA ASP NC 23 72.36 -87.33 -87.08
C ASP NC 23 71.68 -88.25 -88.07
N ARG NC 24 70.61 -87.79 -88.72
CA ARG NC 24 69.90 -88.63 -89.69
C ARG NC 24 70.72 -88.78 -90.96
N GLN NC 25 70.57 -89.95 -91.59
CA GLN NC 25 71.45 -90.33 -92.69
C GLN NC 25 70.68 -91.31 -93.57
N ILE NC 26 70.32 -90.88 -94.78
CA ILE NC 26 69.41 -91.62 -95.65
C ILE NC 26 70.21 -92.23 -96.79
N PHE NC 27 70.12 -93.55 -96.93
CA PHE NC 27 70.69 -94.30 -98.04
C PHE NC 27 69.58 -94.71 -99.00
N GLU NC 28 69.98 -95.06 -100.23
CA GLU NC 28 69.02 -95.43 -101.26
C GLU NC 28 69.72 -96.22 -102.33
N GLU NC 29 68.99 -97.15 -102.95
CA GLU NC 29 69.50 -97.90 -104.08
C GLU NC 29 69.12 -97.19 -105.38
N LYS NC 30 70.14 -96.86 -106.18
CA LYS NC 30 69.97 -96.04 -107.37
C LYS NC 30 69.66 -96.84 -108.63
N VAL NC 31 69.13 -98.05 -108.50
CA VAL NC 31 68.83 -98.86 -109.67
C VAL NC 31 67.32 -98.89 -109.90
N GLY NC 32 66.90 -98.50 -111.10
CA GLY NC 32 65.51 -98.60 -111.48
C GLY NC 32 64.81 -97.26 -111.56
N PRO NC 33 63.47 -97.28 -111.56
CA PRO NC 33 62.72 -96.02 -111.58
C PRO NC 33 62.81 -95.23 -110.29
N LEU NC 34 62.22 -94.04 -110.28
CA LEU NC 34 62.35 -93.13 -109.16
C LEU NC 34 61.25 -93.27 -108.13
N VAL NC 35 60.23 -94.09 -108.38
CA VAL NC 35 59.04 -94.07 -107.54
C VAL NC 35 59.21 -94.91 -106.27
N GLY NC 36 59.75 -96.12 -106.36
CA GLY NC 36 59.96 -96.90 -105.16
C GLY NC 36 61.31 -97.58 -105.17
N ARG NC 37 62.16 -97.24 -104.20
CA ARG NC 37 63.49 -97.80 -104.10
C ARG NC 37 63.72 -98.27 -102.67
N LEU NC 38 64.78 -99.06 -102.49
CA LEU NC 38 65.21 -99.41 -101.14
C LEU NC 38 65.67 -98.17 -100.38
N ARG NC 39 65.41 -98.18 -99.09
CA ARG NC 39 65.68 -97.02 -98.25
C ARG NC 39 66.31 -97.51 -96.95
N LEU NC 40 67.18 -96.69 -96.39
CA LEU NC 40 67.84 -97.05 -95.14
C LEU NC 40 68.11 -95.74 -94.39
N THR NC 41 67.38 -95.53 -93.30
CA THR NC 41 67.44 -94.28 -92.55
C THR NC 41 68.11 -94.54 -91.22
N ALA NC 42 69.42 -94.36 -91.18
CA ALA NC 42 70.15 -94.46 -89.93
C ALA NC 42 70.09 -93.13 -89.17
N SER NC 43 70.23 -93.22 -87.86
CA SER NC 43 70.31 -92.03 -87.01
C SER NC 43 71.00 -92.42 -85.72
N LEU NC 44 71.39 -91.41 -84.94
CA LEU NC 44 72.09 -91.63 -83.69
C LEU NC 44 71.93 -90.38 -82.83
N ARG NC 45 71.33 -90.55 -81.66
CA ARG NC 45 71.08 -89.44 -80.75
C ARG NC 45 71.74 -89.74 -79.41
N GLN NC 46 71.52 -88.84 -78.45
CA GLN NC 46 71.80 -89.15 -77.04
C GLN NC 46 70.76 -88.42 -76.20
N ASN NC 47 69.83 -89.17 -75.61
CA ASN NC 47 68.70 -88.59 -74.92
C ASN NC 47 69.03 -88.37 -73.44
N GLY NC 48 68.50 -87.27 -72.90
CA GLY NC 48 68.65 -86.97 -71.50
C GLY NC 48 69.91 -86.21 -71.18
N ALA NC 49 70.55 -86.58 -70.06
CA ALA NC 49 71.76 -85.89 -69.59
C ALA NC 49 73.01 -86.59 -70.10
N LYS NC 50 73.05 -86.81 -71.41
CA LYS NC 50 74.21 -87.34 -72.15
C LYS NC 50 74.66 -88.71 -71.64
N THR NC 51 73.71 -89.56 -71.22
CA THR NC 51 74.05 -90.81 -70.57
C THR NC 51 73.71 -92.06 -71.39
N ALA NC 52 72.92 -91.94 -72.45
CA ALA NC 52 72.51 -93.10 -73.23
C ALA NC 52 72.30 -92.69 -74.68
N TYR NC 53 72.88 -93.46 -75.60
CA TYR NC 53 72.69 -93.23 -77.02
C TYR NC 53 71.48 -94.00 -77.54
N ARG NC 54 71.09 -93.71 -78.78
CA ARG NC 54 69.91 -94.32 -79.37
C ARG NC 54 70.13 -94.45 -80.86
N VAL NC 55 70.51 -95.63 -81.29
CA VAL NC 55 70.66 -95.94 -82.71
C VAL NC 55 69.30 -96.37 -83.25
N ASN NC 56 68.97 -95.96 -84.47
CA ASN NC 56 67.64 -96.20 -85.02
C ASN NC 56 67.77 -96.42 -86.52
N LEU NC 57 67.82 -97.69 -86.93
CA LEU NC 57 67.79 -98.04 -88.33
C LEU NC 57 66.36 -98.30 -88.79
N LYS NC 58 66.13 -98.14 -90.09
CA LYS NC 58 64.79 -98.37 -90.65
C LYS NC 58 64.99 -98.68 -92.13
N LEU NC 59 64.69 -99.92 -92.51
CA LEU NC 59 64.85 -100.38 -93.90
C LEU NC 59 63.48 -100.49 -94.54
N ASP NC 60 63.17 -99.56 -95.43
CA ASP NC 60 61.93 -99.61 -96.18
C ASP NC 60 62.09 -100.50 -97.40
N GLN NC 61 60.96 -100.99 -97.92
CA GLN NC 61 60.97 -101.74 -99.17
C GLN NC 61 59.61 -101.59 -99.82
N ALA NC 62 59.56 -100.88 -100.94
CA ALA NC 62 58.33 -100.69 -101.70
C ALA NC 62 58.28 -101.71 -102.83
N ASP NC 63 57.09 -102.25 -103.05
CA ASP NC 63 56.88 -103.23 -104.11
C ASP NC 63 56.28 -102.51 -105.31
N VAL NC 64 57.11 -102.19 -106.28
CA VAL NC 64 56.66 -101.49 -107.48
C VAL NC 64 56.34 -102.51 -108.55
N VAL NC 65 55.46 -102.11 -109.47
CA VAL NC 65 55.12 -102.92 -110.63
C VAL NC 65 54.86 -101.96 -111.79
N ASP NC 66 55.42 -102.29 -112.96
CA ASP NC 66 55.33 -101.44 -114.13
C ASP NC 66 54.41 -102.16 -115.12
N CYS NC 67 53.17 -101.69 -115.23
CA CYS NC 67 52.12 -102.36 -115.98
C CYS NC 67 51.86 -101.64 -117.29
N SER NC 68 52.90 -101.02 -117.86
CA SER NC 68 52.72 -100.24 -119.07
C SER NC 68 52.58 -101.10 -120.31
N THR NC 69 53.13 -102.31 -120.32
CA THR NC 69 53.06 -103.15 -121.50
C THR NC 69 51.69 -103.78 -121.67
N SER NC 70 51.12 -104.30 -120.57
CA SER NC 70 49.80 -104.91 -120.66
C SER NC 70 48.71 -103.84 -120.75
N VAL NC 71 48.60 -103.00 -119.73
CA VAL NC 71 47.65 -101.90 -119.73
C VAL NC 71 48.34 -100.71 -120.39
N CYS NC 72 47.74 -100.19 -121.46
CA CYS NC 72 48.37 -99.12 -122.22
C CYS NC 72 48.19 -97.79 -121.51
N GLY NC 73 49.29 -97.08 -121.30
CA GLY NC 73 49.26 -95.72 -120.84
C GLY NC 73 49.26 -95.51 -119.34
N GLU NC 74 49.91 -96.37 -118.57
CA GLU NC 74 50.02 -96.15 -117.14
C GLU NC 74 51.45 -96.39 -116.68
N LEU NC 75 51.74 -95.84 -115.49
CA LEU NC 75 53.09 -95.66 -114.99
C LEU NC 75 53.38 -96.66 -113.87
N PRO NC 76 54.64 -96.89 -113.48
CA PRO NC 76 54.92 -97.70 -112.30
C PRO NC 76 54.39 -97.05 -111.03
N LYS NC 77 54.00 -97.89 -110.08
CA LYS NC 77 53.33 -97.44 -108.87
C LYS NC 77 53.69 -98.39 -107.73
N VAL NC 78 53.59 -97.88 -106.51
CA VAL NC 78 53.90 -98.65 -105.32
C VAL NC 78 52.61 -99.32 -104.83
N ARG NC 79 52.60 -100.65 -104.77
CA ARG NC 79 51.44 -101.35 -104.24
C ARG NC 79 51.41 -101.29 -102.72
N TYR NC 80 52.52 -101.65 -102.07
CA TYR NC 80 52.58 -101.68 -100.62
C TYR NC 80 54.01 -101.41 -100.18
N THR NC 81 54.18 -101.26 -98.87
CA THR NC 81 55.47 -100.96 -98.27
C THR NC 81 55.65 -101.77 -97.00
N GLN NC 82 56.78 -102.46 -96.89
CA GLN NC 82 57.09 -103.28 -95.73
C GLN NC 82 58.40 -102.82 -95.13
N VAL NC 83 58.41 -102.49 -93.86
CA VAL NC 83 59.58 -101.94 -93.19
C VAL NC 83 60.09 -102.94 -92.16
N TRP NC 84 61.33 -102.71 -91.72
CA TRP NC 84 61.90 -103.45 -90.59
C TRP NC 84 62.76 -102.44 -89.84
N SER NC 85 62.24 -101.93 -88.73
CA SER NC 85 62.96 -100.94 -87.95
C SER NC 85 63.84 -101.61 -86.92
N HIS NC 86 64.77 -100.83 -86.36
CA HIS NC 86 65.55 -101.22 -85.20
C HIS NC 86 65.60 -100.04 -84.25
N ASP NC 87 65.78 -100.32 -82.97
CA ASP NC 87 65.90 -99.26 -81.96
C ASP NC 87 66.82 -99.78 -80.86
N VAL NC 88 68.09 -99.45 -80.96
CA VAL NC 88 69.10 -99.93 -80.03
C VAL NC 88 69.30 -98.86 -78.96
N THR NC 89 69.38 -99.30 -77.70
CA THR NC 89 69.68 -98.42 -76.58
C THR NC 89 71.03 -98.81 -76.01
N ILE NC 90 71.98 -97.86 -76.03
CA ILE NC 90 73.33 -98.08 -75.55
C ILE NC 90 73.63 -97.04 -74.50
N VAL NC 91 73.96 -97.48 -73.29
CA VAL NC 91 74.35 -96.55 -72.24
C VAL NC 91 75.81 -96.18 -72.41
N ALA NC 92 76.15 -94.94 -72.02
CA ALA NC 92 77.40 -94.33 -72.45
C ALA NC 92 78.62 -94.92 -71.77
N ASN NC 93 78.49 -95.32 -70.50
CA ASN NC 93 79.62 -95.85 -69.74
C ASN NC 93 79.71 -97.38 -69.82
N SER NC 94 79.32 -97.95 -70.96
CA SER NC 94 79.28 -99.39 -71.13
C SER NC 94 80.67 -100.00 -71.19
N THR NC 95 80.69 -101.32 -71.23
CA THR NC 95 81.88 -102.07 -71.60
C THR NC 95 81.76 -102.45 -73.08
N GLU NC 96 82.89 -102.55 -73.76
CA GLU NC 96 82.87 -102.92 -75.17
C GLU NC 96 82.38 -104.36 -75.37
N ALA NC 97 82.69 -105.25 -74.42
CA ALA NC 97 82.17 -106.60 -74.50
C ALA NC 97 80.68 -106.67 -74.17
N SER NC 98 80.13 -105.64 -73.53
CA SER NC 98 78.69 -105.59 -73.33
C SER NC 98 77.99 -105.20 -74.63
N ARG NC 99 78.57 -104.27 -75.38
CA ARG NC 99 78.03 -103.90 -76.68
C ARG NC 99 78.26 -104.97 -77.73
N LYS NC 100 79.38 -105.67 -77.67
CA LYS NC 100 79.67 -106.71 -78.65
C LYS NC 100 78.78 -107.93 -78.45
N SER NC 101 78.47 -108.27 -77.20
CA SER NC 101 77.64 -109.44 -76.93
C SER NC 101 76.18 -109.17 -77.27
N LEU NC 102 75.73 -107.94 -77.10
CA LEU NC 102 74.37 -107.58 -77.50
C LEU NC 102 74.21 -107.64 -79.01
N TYR NC 103 75.24 -107.22 -79.74
CA TYR NC 103 75.20 -107.31 -81.20
C TYR NC 103 75.31 -108.76 -81.65
N ASP NC 104 76.11 -109.57 -80.96
CA ASP NC 104 76.30 -110.96 -81.33
C ASP NC 104 75.05 -111.80 -81.12
N LEU NC 105 74.21 -111.44 -80.16
CA LEU NC 105 72.95 -112.15 -79.96
C LEU NC 105 71.92 -111.75 -81.01
N THR NC 106 71.84 -110.45 -81.34
CA THR NC 106 70.88 -109.98 -82.32
C THR NC 106 71.26 -110.40 -83.73
N LYS NC 107 72.56 -110.51 -84.02
CA LYS NC 107 72.99 -111.04 -85.31
C LYS NC 107 72.61 -112.51 -85.44
N SER NC 108 72.63 -113.24 -84.34
CA SER NC 108 72.24 -114.64 -84.35
C SER NC 108 70.76 -114.85 -84.15
N LEU NC 109 70.05 -113.85 -83.61
CA LEU NC 109 68.61 -113.97 -83.47
C LEU NC 109 67.92 -113.82 -84.82
N VAL NC 110 68.37 -112.86 -85.63
CA VAL NC 110 67.77 -112.67 -86.94
C VAL NC 110 68.15 -113.81 -87.87
N ALA NC 111 69.36 -114.34 -87.73
CA ALA NC 111 69.84 -115.37 -88.65
C ALA NC 111 69.28 -116.76 -88.38
N THR NC 112 68.44 -116.93 -87.36
CA THR NC 112 67.88 -118.24 -87.07
C THR NC 112 66.67 -118.51 -87.96
N SER NC 113 66.23 -119.77 -87.99
CA SER NC 113 65.12 -120.17 -88.84
C SER NC 113 63.76 -120.06 -88.13
N GLN NC 114 63.73 -119.55 -86.90
CA GLN NC 114 62.44 -119.33 -86.24
C GLN NC 114 61.95 -117.91 -86.43
N VAL NC 115 62.86 -116.95 -86.51
CA VAL NC 115 62.48 -115.57 -86.82
C VAL NC 115 62.25 -115.44 -88.32
N GLU NC 116 62.82 -116.34 -89.12
CA GLU NC 116 62.51 -116.36 -90.55
C GLU NC 116 61.05 -116.71 -90.79
N ASP NC 117 60.56 -117.77 -90.15
CA ASP NC 117 59.17 -118.16 -90.31
C ASP NC 117 58.20 -117.22 -89.59
N LEU NC 118 58.69 -116.38 -88.69
CA LEU NC 118 57.82 -115.42 -88.01
C LEU NC 118 57.43 -114.26 -88.90
N VAL NC 119 58.30 -113.84 -89.82
CA VAL NC 119 58.01 -112.69 -90.66
C VAL NC 119 57.56 -113.15 -92.04
N VAL NC 120 57.93 -114.36 -92.44
CA VAL NC 120 57.53 -114.85 -93.75
C VAL NC 120 56.20 -115.59 -93.67
N ASN NC 121 56.08 -116.52 -92.72
CA ASN NC 121 54.91 -117.39 -92.62
C ASN NC 121 54.06 -117.10 -91.39
N LEU NC 122 54.45 -116.12 -90.57
CA LEU NC 122 53.68 -115.56 -89.46
C LEU NC 122 53.39 -116.57 -88.34
N VAL NC 123 54.19 -117.61 -88.21
CA VAL NC 123 54.03 -118.55 -87.10
C VAL NC 123 54.93 -118.12 -85.94
N PRO NC 124 54.49 -118.29 -84.69
CA PRO NC 124 55.24 -117.70 -83.57
C PRO NC 124 56.53 -118.44 -83.26
N LEU NC 125 57.26 -117.89 -82.29
CA LEU NC 125 58.57 -118.37 -81.92
C LEU NC 125 58.49 -119.56 -80.97
N GLY NC 126 59.62 -120.25 -80.84
CA GLY NC 126 59.70 -121.36 -79.91
C GLY NC 126 59.31 -122.69 -80.52
N ARG NC 127 60.17 -123.70 -80.37
CA ARG NC 127 59.90 -125.04 -80.85
C ARG NC 127 60.25 -126.03 -79.74
N ALA NC 128 59.31 -126.90 -79.40
CA ALA NC 128 59.48 -127.83 -78.30
C ALA NC 128 60.15 -129.12 -78.79
N TYR NC 129 61.39 -129.34 -78.39
CA TYR NC 129 62.10 -130.58 -78.67
C TYR NC 129 62.79 -131.03 -77.38
N GLY NC 130 62.13 -131.96 -76.68
CA GLY NC 130 62.65 -132.49 -75.44
C GLY NC 130 62.48 -131.54 -74.26
N GLY NC 131 61.23 -131.19 -73.95
CA GLY NC 131 60.96 -130.30 -72.84
C GLY NC 131 60.02 -129.18 -73.21
N SER NC 132 60.49 -127.93 -73.07
CA SER NC 132 59.70 -126.77 -73.43
C SER NC 132 60.16 -126.21 -74.77
N LYS NC 133 59.57 -125.08 -75.15
CA LYS NC 133 59.88 -124.43 -76.42
C LYS NC 133 61.08 -123.51 -76.23
N THR NC 134 62.12 -123.71 -77.05
CA THR NC 134 63.38 -123.02 -76.90
C THR NC 134 63.83 -122.36 -78.19
N ILE NC 135 64.63 -121.30 -78.05
CA ILE NC 135 65.37 -120.70 -79.14
C ILE NC 135 66.85 -120.78 -78.79
N VAL NC 136 67.67 -121.23 -79.74
CA VAL NC 136 69.10 -121.38 -79.55
C VAL NC 136 69.81 -120.24 -80.26
N LEU NC 137 70.54 -119.42 -79.51
CA LEU NC 137 71.25 -118.26 -80.04
C LEU NC 137 72.75 -118.53 -79.91
N SER NC 138 73.33 -119.16 -80.93
CA SER NC 138 74.75 -119.44 -80.93
C SER NC 138 75.54 -118.21 -81.32
N VAL NC 139 76.61 -117.93 -80.56
CA VAL NC 139 77.44 -116.76 -80.78
C VAL NC 139 78.82 -117.24 -81.24
N GLY NC 140 78.83 -118.35 -81.97
CA GLY NC 140 80.04 -119.08 -82.26
C GLY NC 140 79.80 -120.54 -81.94
N GLU NC 141 80.47 -121.07 -80.93
CA GLU NC 141 80.14 -122.39 -80.42
C GLU NC 141 79.35 -122.35 -79.13
N ALA NC 142 79.39 -121.23 -78.40
CA ALA NC 142 78.59 -121.08 -77.19
C ALA NC 142 77.14 -120.80 -77.56
N THR NC 143 76.23 -121.64 -77.10
CA THR NC 143 74.81 -121.54 -77.42
C THR NC 143 74.04 -121.13 -76.17
N ARG NC 144 73.53 -119.92 -76.16
CA ARG NC 144 72.72 -119.41 -75.06
C ARG NC 144 71.26 -119.72 -75.38
N THR NC 145 70.72 -120.75 -74.71
CA THR NC 145 69.39 -121.26 -75.02
C THR NC 145 68.36 -120.55 -74.13
N LEU NC 146 67.50 -119.75 -74.75
CA LEU NC 146 66.37 -119.16 -74.06
C LEU NC 146 65.21 -120.14 -74.03
N THR NC 147 64.50 -120.18 -72.91
CA THR NC 147 63.33 -121.02 -72.76
C THR NC 147 62.10 -120.15 -72.54
N GLU NC 148 60.98 -120.57 -73.11
CA GLU NC 148 59.76 -119.79 -73.03
C GLU NC 148 59.17 -119.89 -71.62
N ILE NC 149 58.91 -118.74 -71.00
CA ILE NC 149 58.34 -118.70 -69.67
C ILE NC 149 56.91 -118.19 -69.66
N GLN NC 150 56.39 -117.70 -70.79
CA GLN NC 150 55.05 -117.11 -70.78
C GLN NC 150 54.51 -117.16 -72.20
N SER NC 151 53.19 -117.30 -72.32
CA SER NC 151 52.49 -117.27 -73.61
C SER NC 151 51.17 -116.56 -73.36
N THR NC 152 51.14 -115.26 -73.63
CA THR NC 152 49.95 -114.44 -73.46
C THR NC 152 49.14 -114.55 -74.75
N ALA NC 153 48.17 -113.66 -74.97
CA ALA NC 153 47.35 -113.69 -76.17
C ALA NC 153 48.19 -113.40 -77.42
N ASP NC 154 48.98 -112.33 -77.40
CA ASP NC 154 49.91 -112.03 -78.48
C ASP NC 154 51.36 -112.10 -78.02
N ARG NC 155 51.64 -111.67 -76.80
CA ARG NC 155 53.00 -111.63 -76.25
C ARG NC 155 53.54 -113.04 -76.03
N GLN NC 156 54.87 -113.13 -75.98
CA GLN NC 156 55.54 -114.41 -75.84
C GLN NC 156 56.92 -114.12 -75.24
N ILE NC 157 57.08 -114.37 -73.95
CA ILE NC 157 58.27 -113.96 -73.21
C ILE NC 157 59.20 -115.16 -73.04
N PHE NC 158 60.41 -115.05 -73.56
CA PHE NC 158 61.45 -116.05 -73.38
C PHE NC 158 62.45 -115.55 -72.35
N GLU NC 159 63.20 -116.48 -71.76
CA GLU NC 159 64.17 -116.12 -70.74
C GLU NC 159 65.21 -117.22 -70.62
N GLU NC 160 66.45 -116.81 -70.38
CA GLU NC 160 67.52 -117.75 -70.06
C GLU NC 160 67.51 -118.06 -68.57
N LYS NC 161 67.71 -119.32 -68.22
CA LYS NC 161 67.54 -119.78 -66.85
C LYS NC 161 68.85 -119.92 -66.08
N VAL NC 162 69.99 -119.67 -66.72
CA VAL NC 162 71.27 -119.80 -66.05
C VAL NC 162 71.60 -118.50 -65.32
N GLY NC 163 71.95 -118.62 -64.04
CA GLY NC 163 72.42 -117.49 -63.27
C GLY NC 163 71.38 -116.94 -62.31
N PRO NC 164 71.62 -115.73 -61.82
CA PRO NC 164 70.72 -115.14 -60.81
C PRO NC 164 69.40 -114.71 -61.42
N LEU NC 165 68.48 -114.34 -60.54
CA LEU NC 165 67.13 -113.91 -60.93
C LEU NC 165 67.06 -112.44 -61.29
N VAL NC 166 68.06 -111.64 -60.95
CA VAL NC 166 67.92 -110.20 -61.08
C VAL NC 166 68.14 -109.73 -62.53
N GLY NC 167 69.14 -110.27 -63.23
CA GLY NC 167 69.37 -109.87 -64.60
C GLY NC 167 69.55 -111.05 -65.51
N ARG NC 168 68.64 -111.22 -66.46
CA ARG NC 168 68.66 -112.35 -67.38
C ARG NC 168 68.32 -111.85 -68.77
N LEU NC 169 68.60 -112.69 -69.77
CA LEU NC 169 68.17 -112.38 -71.12
C LEU NC 169 66.66 -112.49 -71.23
N ARG NC 170 66.06 -111.49 -71.86
CA ARG NC 170 64.63 -111.47 -72.10
C ARG NC 170 64.39 -111.34 -73.59
N LEU NC 171 63.24 -111.83 -74.04
CA LEU NC 171 62.88 -111.76 -75.45
C LEU NC 171 61.36 -111.77 -75.53
N THR NC 172 60.77 -110.60 -75.74
CA THR NC 172 59.32 -110.46 -75.74
C THR NC 172 58.85 -110.28 -77.18
N ALA NC 173 58.57 -111.39 -77.84
CA ALA NC 173 57.98 -111.33 -79.17
C ALA NC 173 56.52 -110.93 -79.10
N SER NC 174 55.98 -110.51 -80.25
CA SER NC 174 54.59 -110.09 -80.33
C SER NC 174 54.13 -110.28 -81.77
N LEU NC 175 52.82 -110.18 -81.96
CA LEU NC 175 52.20 -110.30 -83.28
C LEU NC 175 50.81 -109.72 -83.19
N ARG NC 176 50.52 -108.74 -84.04
CA ARG NC 176 49.24 -108.05 -84.04
C ARG NC 176 48.72 -107.95 -85.46
N GLN NC 177 47.53 -107.36 -85.61
CA GLN NC 177 47.08 -106.87 -86.90
C GLN NC 177 46.19 -105.66 -86.64
N ASN NC 178 46.66 -104.49 -87.05
CA ASN NC 178 45.98 -103.23 -86.75
C ASN NC 178 44.96 -102.90 -87.83
N GLY NC 179 43.81 -102.41 -87.37
CA GLY NC 179 42.78 -101.92 -88.28
C GLY NC 179 41.88 -103.00 -88.82
N ALA NC 180 41.58 -102.92 -90.12
CA ALA NC 180 40.66 -103.86 -90.76
C ALA NC 180 41.39 -105.03 -91.38
N LYS NC 181 42.23 -105.70 -90.58
CA LYS NC 181 42.97 -106.90 -90.96
C LYS NC 181 43.85 -106.69 -92.19
N THR NC 182 44.44 -105.52 -92.32
CA THR NC 182 45.18 -105.17 -93.53
C THR NC 182 46.69 -105.23 -93.38
N ALA NC 183 47.23 -105.21 -92.16
CA ALA NC 183 48.66 -105.20 -91.96
C ALA NC 183 49.01 -105.78 -90.60
N TYR NC 184 49.99 -106.66 -90.58
CA TYR NC 184 50.49 -107.24 -89.35
C TYR NC 184 51.58 -106.36 -88.75
N ARG NC 185 52.04 -106.70 -87.55
CA ARG NC 185 53.09 -105.93 -86.90
C ARG NC 185 53.83 -106.87 -85.94
N VAL NC 186 55.00 -107.34 -86.36
CA VAL NC 186 55.85 -108.16 -85.52
C VAL NC 186 56.75 -107.24 -84.70
N ASN NC 187 56.99 -107.60 -83.44
CA ASN NC 187 57.70 -106.70 -82.52
C ASN NC 187 58.54 -107.54 -81.57
N LEU NC 188 59.82 -107.70 -81.88
CA LEU NC 188 60.77 -108.35 -80.99
C LEU NC 188 61.48 -107.31 -80.14
N LYS NC 189 62.04 -107.78 -79.02
CA LYS NC 189 62.75 -106.91 -78.09
C LYS NC 189 63.64 -107.78 -77.21
N LEU NC 190 64.95 -107.60 -77.31
CA LEU NC 190 65.93 -108.40 -76.57
C LEU NC 190 66.63 -107.49 -75.57
N ASP NC 191 66.37 -107.71 -74.28
CA ASP NC 191 67.06 -106.98 -73.23
C ASP NC 191 68.25 -107.78 -72.74
N GLN NC 192 69.31 -107.07 -72.35
CA GLN NC 192 70.51 -107.71 -71.83
C GLN NC 192 71.05 -106.86 -70.70
N ALA NC 193 70.66 -107.20 -69.47
CA ALA NC 193 71.12 -106.50 -68.28
C ALA NC 193 72.49 -107.02 -67.89
N ASP NC 194 73.38 -106.12 -67.50
CA ASP NC 194 74.74 -106.48 -67.11
C ASP NC 194 74.77 -106.66 -65.60
N VAL NC 195 74.94 -107.89 -65.15
CA VAL NC 195 74.99 -108.22 -63.74
C VAL NC 195 76.44 -108.45 -63.35
N VAL NC 196 76.80 -108.04 -62.14
CA VAL NC 196 78.16 -108.18 -61.64
C VAL NC 196 78.08 -108.66 -60.19
N ASP NC 197 79.10 -109.39 -59.76
CA ASP NC 197 79.17 -109.90 -58.39
C ASP NC 197 80.44 -109.39 -57.72
N CYS NC 198 80.28 -108.90 -56.50
CA CYS NC 198 81.39 -108.34 -55.74
C CYS NC 198 81.77 -109.26 -54.58
N SER NC 199 81.46 -110.55 -54.71
CA SER NC 199 81.65 -111.49 -53.61
C SER NC 199 83.12 -111.78 -53.33
N THR NC 200 83.99 -111.69 -54.34
CA THR NC 200 85.41 -111.92 -54.10
C THR NC 200 86.07 -110.72 -53.45
N SER NC 201 85.42 -109.57 -53.45
CA SER NC 201 85.93 -108.38 -52.79
C SER NC 201 85.20 -108.08 -51.49
N VAL NC 202 83.87 -108.07 -51.50
CA VAL NC 202 83.06 -107.80 -50.33
C VAL NC 202 82.18 -109.01 -50.07
N CYS NC 203 82.31 -109.62 -48.89
CA CYS NC 203 81.42 -110.71 -48.50
C CYS NC 203 80.01 -110.22 -48.26
N GLY NC 204 79.07 -111.15 -48.38
CA GLY NC 204 77.67 -110.84 -48.20
C GLY NC 204 77.07 -110.00 -49.30
N GLU NC 205 77.71 -109.95 -50.46
CA GLU NC 205 77.27 -109.11 -51.57
C GLU NC 205 76.55 -110.00 -52.58
N LEU NC 206 75.26 -109.76 -52.74
CA LEU NC 206 74.49 -110.45 -53.75
C LEU NC 206 74.62 -109.72 -55.08
N PRO NC 207 74.49 -110.41 -56.21
CA PRO NC 207 74.67 -109.75 -57.51
C PRO NC 207 73.58 -108.75 -57.82
N LYS NC 208 73.94 -107.75 -58.60
CA LYS NC 208 73.03 -106.65 -58.93
C LYS NC 208 73.34 -106.18 -60.35
N VAL NC 209 72.42 -105.42 -60.92
CA VAL NC 209 72.55 -104.93 -62.29
C VAL NC 209 73.04 -103.49 -62.26
N ARG NC 210 73.93 -103.15 -63.19
CA ARG NC 210 74.46 -101.81 -63.28
C ARG NC 210 73.73 -101.00 -64.36
N TYR NC 211 73.45 -101.61 -65.51
CA TYR NC 211 72.68 -100.97 -66.56
C TYR NC 211 71.92 -102.03 -67.34
N THR NC 212 71.23 -101.59 -68.40
CA THR NC 212 70.58 -102.50 -69.32
C THR NC 212 70.65 -101.92 -70.73
N GLN NC 213 70.69 -102.80 -71.72
CA GLN NC 213 70.82 -102.41 -73.12
C GLN NC 213 69.90 -103.29 -73.96
N VAL NC 214 69.03 -102.65 -74.75
CA VAL NC 214 68.02 -103.35 -75.51
C VAL NC 214 68.32 -103.23 -76.99
N TRP NC 215 67.63 -104.06 -77.79
CA TRP NC 215 67.66 -103.99 -79.25
C TRP NC 215 66.26 -104.40 -79.71
N SER NC 216 65.39 -103.42 -79.92
CA SER NC 216 64.04 -103.70 -80.36
C SER NC 216 64.00 -103.91 -81.86
N HIS NC 217 62.92 -104.54 -82.32
CA HIS NC 217 62.62 -104.68 -83.74
C HIS NC 217 61.17 -104.28 -83.94
N ASP NC 218 60.87 -103.80 -85.14
CA ASP NC 218 59.50 -103.39 -85.45
C ASP NC 218 59.25 -103.67 -86.92
N VAL NC 219 58.72 -104.85 -87.21
CA VAL NC 219 58.49 -105.31 -88.57
C VAL NC 219 57.04 -104.98 -88.93
N THR NC 220 56.84 -104.40 -90.11
CA THR NC 220 55.50 -104.15 -90.64
C THR NC 220 55.30 -105.04 -91.85
N ILE NC 221 54.23 -105.84 -91.82
CA ILE NC 221 53.92 -106.79 -92.87
C ILE NC 221 52.49 -106.54 -93.30
N VAL NC 222 52.29 -106.21 -94.57
CA VAL NC 222 50.94 -106.03 -95.09
C VAL NC 222 50.38 -107.38 -95.51
N ALA NC 223 49.06 -107.52 -95.40
CA ALA NC 223 48.42 -108.83 -95.42
C ALA NC 223 48.36 -109.43 -96.81
N ASN NC 224 48.17 -108.61 -97.84
CA ASN NC 224 48.04 -109.10 -99.22
C ASN NC 224 49.38 -109.14 -99.94
N SER NC 225 50.46 -109.40 -99.22
CA SER NC 225 51.81 -109.41 -99.75
C SER NC 225 52.04 -110.60 -100.68
N THR NC 226 53.20 -110.59 -101.31
CA THR NC 226 53.75 -111.77 -101.94
C THR NC 226 54.67 -112.43 -100.92
N GLU NC 227 54.72 -113.77 -100.92
CA GLU NC 227 55.64 -114.46 -100.03
C GLU NC 227 57.09 -114.21 -100.41
N ALA NC 228 57.35 -113.97 -101.70
CA ALA NC 228 58.69 -113.58 -102.12
C ALA NC 228 59.04 -112.16 -101.68
N SER NC 229 58.05 -111.33 -101.36
CA SER NC 229 58.33 -109.99 -100.90
C SER NC 229 58.60 -109.95 -99.40
N ARG NC 230 58.05 -110.90 -98.65
CA ARG NC 230 58.38 -111.00 -97.23
C ARG NC 230 59.69 -111.74 -97.03
N LYS NC 231 60.01 -112.68 -97.92
CA LYS NC 231 61.30 -113.35 -97.87
C LYS NC 231 62.43 -112.38 -98.22
N SER NC 232 62.17 -111.45 -99.14
CA SER NC 232 63.19 -110.49 -99.54
C SER NC 232 63.44 -109.43 -98.47
N LEU NC 233 62.42 -109.09 -97.69
CA LEU NC 233 62.62 -108.13 -96.60
C LEU NC 233 63.41 -108.75 -95.46
N TYR NC 234 63.17 -110.03 -95.17
CA TYR NC 234 63.92 -110.71 -94.13
C TYR NC 234 65.37 -110.92 -94.55
N ASP NC 235 65.59 -111.28 -95.82
CA ASP NC 235 66.92 -111.57 -96.33
C ASP NC 235 67.81 -110.33 -96.39
N LEU NC 236 67.24 -109.15 -96.53
CA LEU NC 236 68.05 -107.94 -96.49
C LEU NC 236 68.40 -107.55 -95.07
N THR NC 237 67.45 -107.69 -94.13
CA THR NC 237 67.71 -107.38 -92.74
C THR NC 237 68.62 -108.41 -92.08
N LYS NC 238 68.57 -109.66 -92.55
CA LYS NC 238 69.51 -110.67 -92.09
C LYS NC 238 70.92 -110.33 -92.52
N SER NC 239 71.07 -109.75 -93.71
CA SER NC 239 72.39 -109.38 -94.19
C SER NC 239 72.79 -107.97 -93.80
N LEU NC 240 71.84 -107.13 -93.39
CA LEU NC 240 72.20 -105.79 -92.92
C LEU NC 240 72.87 -105.84 -91.56
N VAL NC 241 72.31 -106.62 -90.63
CA VAL NC 241 72.91 -106.77 -89.31
C VAL NC 241 74.24 -107.51 -89.39
N ALA NC 242 74.39 -108.40 -90.36
CA ALA NC 242 75.62 -109.17 -90.50
C ALA NC 242 76.78 -108.37 -91.10
N THR NC 243 76.54 -107.14 -91.57
CA THR NC 243 77.63 -106.34 -92.12
C THR NC 243 78.53 -105.82 -91.00
N SER NC 244 79.73 -105.42 -91.40
CA SER NC 244 80.68 -104.84 -90.47
C SER NC 244 80.48 -103.34 -90.27
N GLN NC 245 79.53 -102.74 -91.00
CA GLN NC 245 79.24 -101.33 -90.78
C GLN NC 245 78.26 -101.13 -89.64
N VAL NC 246 77.31 -102.04 -89.49
CA VAL NC 246 76.38 -101.98 -88.37
C VAL NC 246 77.01 -102.55 -87.10
N GLU NC 247 78.04 -103.40 -87.25
CA GLU NC 247 78.79 -103.84 -86.09
C GLU NC 247 79.51 -102.67 -85.44
N ASP NC 248 80.19 -101.84 -86.24
CA ASP NC 248 80.87 -100.66 -85.71
C ASP NC 248 79.91 -99.54 -85.34
N LEU NC 249 78.67 -99.58 -85.82
CA LEU NC 249 77.71 -98.55 -85.44
C LEU NC 249 77.17 -98.79 -84.04
N VAL NC 250 77.07 -100.04 -83.62
CA VAL NC 250 76.57 -100.35 -82.28
C VAL NC 250 77.72 -100.45 -81.28
N VAL NC 251 78.84 -101.06 -81.66
CA VAL NC 251 79.95 -101.22 -80.75
C VAL NC 251 80.71 -99.91 -80.57
N ASN NC 252 81.01 -99.21 -81.68
CA ASN NC 252 81.91 -98.08 -81.64
C ASN NC 252 81.28 -96.76 -82.07
N LEU NC 253 79.98 -96.75 -82.39
CA LEU NC 253 79.21 -95.56 -82.78
C LEU NC 253 79.75 -94.87 -84.04
N VAL NC 254 80.35 -95.64 -84.94
CA VAL NC 254 80.81 -95.10 -86.23
C VAL NC 254 79.62 -95.05 -87.18
N PRO NC 255 79.35 -93.92 -87.83
CA PRO NC 255 78.20 -93.83 -88.74
C PRO NC 255 78.38 -94.70 -89.98
N LEU NC 256 77.26 -94.98 -90.62
CA LEU NC 256 77.25 -95.90 -91.76
C LEU NC 256 77.78 -95.22 -93.02
N GLY NC 257 78.21 -96.03 -93.97
CA GLY NC 257 78.63 -95.52 -95.26
C GLY NC 257 80.13 -95.40 -95.42
N ARG NC 258 80.69 -96.11 -96.39
CA ARG NC 258 82.12 -96.03 -96.68
C ARG NC 258 82.34 -95.91 -98.18
N SER OC 1 49.87 -127.79 -83.75
CA SER OC 1 49.70 -127.85 -82.30
C SER OC 1 48.28 -128.26 -81.94
N LYS OC 2 47.45 -127.26 -81.62
CA LYS OC 2 46.05 -127.48 -81.23
C LYS OC 2 45.18 -127.32 -82.48
N THR OC 3 44.46 -128.38 -82.83
CA THR OC 3 43.76 -128.43 -84.10
C THR OC 3 42.32 -128.90 -83.95
N ILE OC 4 41.47 -128.36 -84.83
CA ILE OC 4 40.15 -128.92 -85.12
C ILE OC 4 40.14 -129.28 -86.60
N VAL OC 5 39.71 -130.49 -86.92
CA VAL OC 5 39.55 -130.91 -88.31
C VAL OC 5 38.06 -130.88 -88.65
N LEU OC 6 37.76 -130.49 -89.88
CA LEU OC 6 36.39 -130.38 -90.36
C LEU OC 6 36.29 -131.17 -91.67
N SER OC 7 35.72 -132.36 -91.61
CA SER OC 7 35.58 -133.19 -92.80
C SER OC 7 34.36 -132.76 -93.60
N VAL OC 8 34.57 -132.52 -94.89
CA VAL OC 8 33.51 -132.04 -95.78
C VAL OC 8 33.25 -133.19 -96.76
N GLY OC 9 33.39 -134.41 -96.26
CA GLY OC 9 33.34 -135.59 -97.09
C GLY OC 9 34.62 -136.38 -96.93
N GLU OC 10 35.44 -136.40 -97.97
CA GLU OC 10 36.78 -136.96 -97.87
C GLU OC 10 37.85 -135.90 -97.70
N ALA OC 11 37.54 -134.64 -97.95
CA ALA OC 11 38.50 -133.57 -97.77
C ALA OC 11 38.40 -132.99 -96.36
N THR OC 12 39.51 -132.94 -95.66
CA THR OC 12 39.56 -132.41 -94.29
C THR OC 12 40.28 -131.08 -94.31
N ARG OC 13 39.69 -130.08 -93.69
CA ARG OC 13 40.26 -128.74 -93.61
C ARG OC 13 40.62 -128.48 -92.15
N THR OC 14 41.87 -128.75 -91.78
CA THR OC 14 42.30 -128.64 -90.40
C THR OC 14 42.61 -127.19 -90.06
N LEU OC 15 42.02 -126.71 -88.97
CA LEU OC 15 42.29 -125.39 -88.43
C LEU OC 15 43.36 -125.48 -87.36
N THR OC 16 44.15 -124.42 -87.21
CA THR OC 16 45.15 -124.38 -86.16
C THR OC 16 44.90 -123.17 -85.28
N GLU OC 17 45.20 -123.32 -83.99
CA GLU OC 17 45.03 -122.24 -83.03
C GLU OC 17 46.13 -121.20 -83.19
N ILE OC 18 45.75 -119.93 -83.30
CA ILE OC 18 46.70 -118.85 -83.48
C ILE OC 18 46.70 -117.85 -82.33
N GLN OC 19 45.71 -117.89 -81.44
CA GLN OC 19 45.61 -116.91 -80.37
C GLN OC 19 44.78 -117.51 -79.25
N SER OC 20 45.16 -117.24 -78.00
CA SER OC 20 44.44 -117.80 -76.85
C SER OC 20 44.49 -116.75 -75.74
N THR OC 21 43.36 -116.12 -75.49
CA THR OC 21 43.19 -115.18 -74.39
C THR OC 21 42.71 -116.02 -73.19
N ALA OC 22 42.20 -115.37 -72.14
CA ALA OC 22 41.62 -116.10 -71.01
C ALA OC 22 40.43 -116.94 -71.44
N ASP OC 23 39.47 -116.33 -72.12
CA ASP OC 23 38.28 -117.01 -72.60
C ASP OC 23 38.25 -117.16 -74.12
N ARG OC 24 38.62 -116.12 -74.86
CA ARG OC 24 38.55 -116.18 -76.32
C ARG OC 24 39.67 -117.04 -76.87
N GLN OC 25 39.41 -117.65 -78.03
CA GLN OC 25 40.30 -118.67 -78.57
C GLN OC 25 40.10 -118.68 -80.08
N ILE OC 26 41.08 -118.16 -80.82
CA ILE OC 26 40.97 -117.93 -82.25
C ILE OC 26 41.70 -119.03 -83.01
N PHE OC 27 41.00 -119.72 -83.90
CA PHE OC 27 41.56 -120.72 -84.78
C PHE OC 27 41.66 -120.14 -86.19
N GLU OC 28 42.48 -120.79 -87.02
CA GLU OC 28 42.69 -120.34 -88.39
C GLU OC 28 43.25 -121.48 -89.22
N GLU OC 29 42.94 -121.47 -90.51
CA GLU OC 29 43.50 -122.42 -91.45
C GLU OC 29 44.77 -121.85 -92.05
N LYS OC 30 45.87 -122.61 -91.94
CA LYS OC 30 47.18 -122.11 -92.31
C LYS OC 30 47.55 -122.40 -93.77
N VAL OC 31 46.58 -122.64 -94.64
CA VAL OC 31 46.88 -122.93 -96.03
C VAL OC 31 46.51 -121.73 -96.90
N GLY OC 32 47.44 -121.32 -97.76
CA GLY OC 32 47.18 -120.30 -98.75
C GLY OC 32 47.74 -118.95 -98.39
N PRO OC 33 47.24 -117.90 -99.05
CA PRO OC 33 47.71 -116.53 -98.74
C PRO OC 33 47.24 -116.03 -97.38
N LEU OC 34 47.73 -114.87 -96.98
CA LEU OC 34 47.52 -114.35 -95.64
C LEU OC 34 46.28 -113.49 -95.52
N VAL OC 35 45.65 -113.11 -96.62
CA VAL OC 35 44.62 -112.06 -96.55
C VAL OC 35 43.28 -112.61 -96.08
N GLY OC 36 42.83 -113.76 -96.58
CA GLY OC 36 41.57 -114.31 -96.13
C GLY OC 36 41.62 -115.79 -95.90
N ARG OC 37 41.38 -116.22 -94.67
CA ARG OC 37 41.43 -117.62 -94.28
C ARG OC 37 40.19 -117.95 -93.47
N LEU OC 38 39.96 -119.25 -93.25
CA LEU OC 38 38.94 -119.66 -92.31
C LEU OC 38 39.29 -119.21 -90.90
N ARG OC 39 38.26 -118.86 -90.15
CA ARG OC 39 38.42 -118.31 -88.82
C ARG OC 39 37.40 -118.96 -87.92
N LEU OC 40 37.77 -119.19 -86.66
CA LEU OC 40 36.87 -119.81 -85.71
C LEU OC 40 37.17 -119.19 -84.35
N THR OC 41 36.21 -118.48 -83.80
CA THR OC 41 36.41 -117.71 -82.57
C THR OC 41 35.50 -118.29 -81.50
N ALA OC 42 36.03 -119.24 -80.73
CA ALA OC 42 35.30 -119.76 -79.60
C ALA OC 42 35.41 -118.80 -78.40
N SER OC 43 34.45 -118.90 -77.50
CA SER OC 43 34.45 -118.12 -76.26
C SER OC 43 33.68 -118.91 -75.21
N LEU OC 44 33.84 -118.49 -73.96
CA LEU OC 44 33.13 -119.09 -72.84
C LEU OC 44 33.15 -118.11 -71.68
N ARG OC 45 31.97 -117.75 -71.20
CA ARG OC 45 31.85 -116.79 -70.11
C ARG OC 45 30.91 -117.37 -69.06
N GLN OC 46 30.65 -116.59 -68.01
CA GLN OC 46 29.55 -116.88 -67.11
C GLN OC 46 28.98 -115.54 -66.64
N ASN OC 47 27.76 -115.24 -67.06
CA ASN OC 47 27.15 -113.94 -66.84
C ASN OC 47 26.42 -113.90 -65.51
N GLY OC 48 26.54 -112.76 -64.83
CA GLY OC 48 25.80 -112.52 -63.61
C GLY OC 48 26.39 -113.17 -62.38
N ALA OC 49 25.56 -113.83 -61.59
CA ALA OC 49 25.98 -114.41 -60.32
C ALA OC 49 26.37 -115.88 -60.48
N LYS OC 50 27.25 -116.11 -61.46
CA LYS OC 50 27.91 -117.40 -61.70
C LYS OC 50 26.94 -118.54 -61.96
N THR OC 51 25.78 -118.23 -62.57
CA THR OC 51 24.70 -119.20 -62.69
C THR OC 51 24.45 -119.69 -64.10
N ALA OC 52 24.97 -119.03 -65.12
CA ALA OC 52 24.70 -119.42 -66.51
C ALA OC 52 25.93 -119.15 -67.36
N TYR OC 53 26.39 -120.18 -68.06
CA TYR OC 53 27.50 -120.04 -68.98
C TYR OC 53 27.01 -119.58 -70.35
N ARG OC 54 27.97 -119.17 -71.20
CA ARG OC 54 27.62 -118.61 -72.50
C ARG OC 54 28.73 -118.98 -73.48
N VAL OC 55 28.47 -119.98 -74.31
CA VAL OC 55 29.39 -120.37 -75.38
C VAL OC 55 29.07 -119.54 -76.61
N ASN OC 56 30.10 -119.21 -77.39
CA ASN OC 56 29.92 -118.34 -78.55
C ASN OC 56 30.94 -118.72 -79.61
N LEU OC 57 30.51 -119.54 -80.57
CA LEU OC 57 31.32 -119.85 -81.74
C LEU OC 57 31.00 -118.89 -82.86
N LYS OC 58 31.95 -118.71 -83.77
CA LYS OC 58 31.77 -117.81 -84.91
C LYS OC 58 32.73 -118.27 -86.01
N LEU OC 59 32.18 -118.86 -87.07
CA LEU OC 59 32.97 -119.36 -88.19
C LEU OC 59 32.88 -118.37 -89.33
N ASP OC 60 33.99 -117.68 -89.61
CA ASP OC 60 34.06 -116.77 -90.74
C ASP OC 60 34.49 -117.53 -91.98
N GLN OC 61 34.15 -116.98 -93.15
CA GLN OC 61 34.60 -117.55 -94.41
C GLN OC 61 34.63 -116.44 -95.45
N ALA OC 62 35.84 -116.03 -95.82
CA ALA OC 62 36.03 -114.98 -96.81
C ALA OC 62 36.26 -115.60 -98.18
N ASP OC 63 35.73 -114.97 -99.21
CA ASP OC 63 35.86 -115.44 -100.59
C ASP OC 63 37.01 -114.69 -101.24
N VAL OC 64 38.16 -115.33 -101.32
CA VAL OC 64 39.37 -114.73 -101.84
C VAL OC 64 39.53 -115.12 -103.29
N VAL OC 65 39.73 -114.12 -104.15
CA VAL OC 65 40.02 -114.35 -105.56
C VAL OC 65 41.41 -113.79 -105.84
N ASP OC 66 42.16 -114.44 -106.71
CA ASP OC 66 43.51 -114.03 -107.06
C ASP OC 66 43.56 -113.84 -108.56
N CYS OC 67 43.56 -112.59 -109.01
CA CYS OC 67 43.48 -112.26 -110.42
C CYS OC 67 44.80 -111.67 -110.90
N SER OC 68 45.90 -112.25 -110.43
CA SER OC 68 47.22 -111.75 -110.83
C SER OC 68 47.61 -112.22 -112.23
N THR OC 69 47.06 -113.35 -112.69
CA THR OC 69 47.43 -113.86 -114.00
C THR OC 69 46.61 -113.20 -115.10
N SER OC 70 45.33 -112.94 -114.84
CA SER OC 70 44.47 -112.31 -115.82
C SER OC 70 44.77 -110.81 -115.93
N VAL OC 71 44.55 -110.08 -114.83
CA VAL OC 71 44.90 -108.67 -114.75
C VAL OC 71 46.34 -108.60 -114.26
N CYS OC 72 47.18 -107.89 -115.00
CA CYS OC 72 48.58 -107.80 -114.64
C CYS OC 72 48.76 -106.81 -113.50
N GLY OC 73 49.44 -107.24 -112.45
CA GLY OC 73 49.87 -106.35 -111.40
C GLY OC 73 48.91 -106.11 -110.26
N GLU OC 74 48.12 -107.11 -109.87
CA GLU OC 74 47.29 -106.96 -108.68
C GLU OC 74 47.35 -108.23 -107.84
N LEU OC 75 46.88 -108.09 -106.60
CA LEU OC 75 47.12 -109.02 -105.51
C LEU OC 75 45.84 -109.79 -105.19
N PRO OC 76 45.90 -110.85 -104.36
CA PRO OC 76 44.67 -111.47 -103.86
C PRO OC 76 43.86 -110.50 -103.01
N LYS OC 77 42.54 -110.72 -102.98
CA LYS OC 77 41.61 -109.72 -102.51
C LYS OC 77 40.33 -110.40 -102.05
N VAL OC 78 39.80 -109.94 -100.92
CA VAL OC 78 38.60 -110.54 -100.33
C VAL OC 78 37.37 -109.92 -100.98
N ARG OC 79 36.57 -110.76 -101.63
CA ARG OC 79 35.32 -110.29 -102.22
C ARG OC 79 34.30 -109.96 -101.14
N TYR OC 80 33.90 -110.96 -100.36
CA TYR OC 80 32.90 -110.79 -99.32
C TYR OC 80 33.23 -111.72 -98.16
N THR OC 81 32.39 -111.65 -97.13
CA THR OC 81 32.57 -112.47 -95.94
C THR OC 81 31.21 -112.98 -95.47
N GLN OC 82 31.11 -114.29 -95.26
CA GLN OC 82 29.89 -114.91 -94.79
C GLN OC 82 30.19 -115.65 -93.49
N VAL OC 83 29.46 -115.32 -92.43
CA VAL OC 83 29.70 -115.87 -91.11
C VAL OC 83 28.57 -116.82 -90.74
N TRP OC 84 28.80 -117.60 -89.70
CA TRP OC 84 27.76 -118.41 -89.07
C TRP OC 84 28.10 -118.47 -87.59
N SER OC 85 27.48 -117.59 -86.81
CA SER OC 85 27.74 -117.55 -85.38
C SER OC 85 26.84 -118.53 -84.65
N HIS OC 86 27.19 -118.80 -83.40
CA HIS OC 86 26.37 -119.57 -82.49
C HIS OC 86 26.34 -118.84 -81.15
N ASP OC 87 25.32 -119.13 -80.35
CA ASP OC 87 25.20 -118.53 -79.02
C ASP OC 87 24.43 -119.52 -78.15
N VAL OC 88 25.16 -120.29 -77.37
CA VAL OC 88 24.58 -121.30 -76.51
C VAL OC 88 24.50 -120.76 -75.10
N THR OC 89 23.37 -120.99 -74.43
CA THR OC 89 23.19 -120.62 -73.04
C THR OC 89 23.01 -121.89 -72.22
N ILE OC 90 23.93 -122.15 -71.30
CA ILE OC 90 23.89 -123.32 -70.44
C ILE OC 90 23.80 -122.83 -69.01
N VAL OC 91 22.84 -123.34 -68.25
CA VAL OC 91 22.74 -123.00 -66.85
C VAL OC 91 23.65 -123.91 -66.04
N ALA OC 92 24.15 -123.39 -64.91
CA ALA OC 92 25.22 -124.07 -64.20
C ALA OC 92 24.74 -125.30 -63.45
N ASN OC 93 23.57 -125.23 -62.81
CA ASN OC 93 23.05 -126.33 -62.02
C ASN OC 93 22.23 -127.31 -62.84
N SER OC 94 22.45 -127.38 -64.14
CA SER OC 94 21.72 -128.28 -65.01
C SER OC 94 22.15 -129.73 -64.80
N THR OC 95 21.34 -130.64 -65.32
CA THR OC 95 21.74 -132.03 -65.44
C THR OC 95 22.43 -132.24 -66.78
N GLU OC 96 23.16 -133.35 -66.88
CA GLU OC 96 23.96 -133.59 -68.09
C GLU OC 96 23.08 -133.95 -69.27
N ALA OC 97 22.01 -134.71 -69.04
CA ALA OC 97 21.17 -135.16 -70.15
C ALA OC 97 20.31 -134.05 -70.73
N SER OC 98 20.17 -132.92 -70.04
CA SER OC 98 19.43 -131.80 -70.62
C SER OC 98 20.29 -131.08 -71.66
N ARG OC 99 21.56 -130.84 -71.33
CA ARG OC 99 22.44 -130.15 -72.27
C ARG OC 99 23.10 -131.11 -73.25
N LYS OC 100 23.02 -132.42 -73.01
CA LYS OC 100 23.37 -133.37 -74.06
C LYS OC 100 22.28 -133.45 -75.12
N SER OC 101 21.01 -133.41 -74.70
CA SER OC 101 19.92 -133.50 -75.64
C SER OC 101 19.74 -132.20 -76.42
N LEU OC 102 20.15 -131.07 -75.82
CA LEU OC 102 20.14 -129.81 -76.54
C LEU OC 102 21.16 -129.81 -77.65
N TYR OC 103 22.32 -130.43 -77.41
CA TYR OC 103 23.30 -130.58 -78.48
C TYR OC 103 22.84 -131.58 -79.53
N ASP OC 104 22.13 -132.63 -79.09
CA ASP OC 104 21.66 -133.65 -80.02
C ASP OC 104 20.57 -133.14 -80.97
N LEU OC 105 19.77 -132.17 -80.52
CA LEU OC 105 18.77 -131.58 -81.40
C LEU OC 105 19.40 -130.61 -82.39
N THR OC 106 20.36 -129.81 -81.93
CA THR OC 106 21.00 -128.83 -82.81
C THR OC 106 21.92 -129.50 -83.81
N LYS OC 107 22.52 -130.63 -83.44
CA LYS OC 107 23.30 -131.42 -84.40
C LYS OC 107 22.40 -131.96 -85.50
N SER OC 108 21.20 -132.37 -85.16
CA SER OC 108 20.25 -132.88 -86.15
C SER OC 108 19.44 -131.77 -86.79
N LEU OC 109 19.42 -130.57 -86.22
CA LEU OC 109 18.75 -129.45 -86.87
C LEU OC 109 19.55 -128.95 -88.05
N VAL OC 110 20.87 -128.80 -87.87
CA VAL OC 110 21.72 -128.35 -88.96
C VAL OC 110 21.83 -129.41 -90.04
N ALA OC 111 21.84 -130.68 -89.65
CA ALA OC 111 22.07 -131.76 -90.60
C ALA OC 111 20.87 -132.09 -91.48
N THR OC 112 19.73 -131.46 -91.27
CA THR OC 112 18.56 -131.76 -92.09
C THR OC 112 18.64 -130.99 -93.41
N SER OC 113 17.79 -131.39 -94.35
CA SER OC 113 17.80 -130.79 -95.68
C SER OC 113 16.86 -129.60 -95.80
N GLN OC 114 16.26 -129.14 -94.70
CA GLN OC 114 15.43 -127.94 -94.77
C GLN OC 114 16.21 -126.70 -94.36
N VAL OC 115 17.18 -126.86 -93.45
CA VAL OC 115 18.07 -125.75 -93.10
C VAL OC 115 19.16 -125.60 -94.16
N GLU OC 116 19.39 -126.66 -94.94
CA GLU OC 116 20.29 -126.54 -96.08
C GLU OC 116 19.74 -125.59 -97.13
N ASP OC 117 18.46 -125.73 -97.47
CA ASP OC 117 17.85 -124.84 -98.45
C ASP OC 117 17.57 -123.46 -97.88
N LEU OC 118 17.58 -123.31 -96.56
CA LEU OC 118 17.38 -121.99 -95.97
C LEU OC 118 18.62 -121.13 -96.06
N VAL OC 119 19.80 -121.75 -96.03
CA VAL OC 119 21.06 -121.00 -96.07
C VAL OC 119 21.53 -120.90 -97.51
N VAL OC 120 21.42 -121.99 -98.26
CA VAL OC 120 21.92 -121.99 -99.64
C VAL OC 120 20.94 -121.28 -100.56
N ASN OC 121 19.67 -121.67 -100.53
CA ASN OC 121 18.69 -121.21 -101.51
C ASN OC 121 17.62 -120.30 -100.92
N LEU OC 122 17.71 -119.99 -99.63
CA LEU OC 122 16.88 -119.01 -98.92
C LEU OC 122 15.39 -119.39 -98.90
N VAL OC 123 15.09 -120.69 -98.95
CA VAL OC 123 13.71 -121.16 -98.84
C VAL OC 123 13.35 -121.31 -97.36
N PRO OC 124 12.20 -120.82 -96.91
CA PRO OC 124 11.84 -120.92 -95.49
C PRO OC 124 11.56 -122.35 -95.06
N LEU OC 125 11.49 -122.52 -93.74
CA LEU OC 125 11.41 -123.85 -93.14
C LEU OC 125 9.98 -124.37 -93.18
N GLY OC 126 9.85 -125.68 -92.99
CA GLY OC 126 8.55 -126.31 -92.95
C GLY OC 126 8.12 -126.89 -94.28
N ARG OC 127 7.74 -128.16 -94.29
CA ARG OC 127 7.23 -128.83 -95.49
C ARG OC 127 5.97 -129.59 -95.12
N ALA OC 128 4.87 -129.26 -95.80
CA ALA OC 128 3.57 -129.85 -95.49
C ALA OC 128 3.33 -131.09 -96.35
N TYR OC 129 3.51 -132.27 -95.75
CA TYR OC 129 3.11 -133.52 -96.38
C TYR OC 129 2.23 -134.28 -95.38
N GLY OC 130 0.94 -134.30 -95.66
CA GLY OC 130 -0.02 -134.97 -94.80
C GLY OC 130 -0.34 -134.19 -93.53
N GLY OC 131 -0.86 -132.98 -93.69
CA GLY OC 131 -1.21 -132.15 -92.54
C GLY OC 131 -0.67 -130.75 -92.62
N SER OC 132 0.15 -130.36 -91.65
CA SER OC 132 0.79 -129.06 -91.65
C SER OC 132 2.27 -129.19 -91.94
N LYS OC 133 2.97 -128.06 -91.87
CA LYS OC 133 4.40 -128.02 -92.21
C LYS OC 133 5.22 -128.41 -90.98
N THR OC 134 6.04 -129.45 -91.13
CA THR OC 134 6.77 -130.04 -90.01
C THR OC 134 8.26 -130.12 -90.31
N ILE OC 135 9.05 -130.11 -89.24
CA ILE OC 135 10.46 -130.48 -89.27
C ILE OC 135 10.64 -131.65 -88.34
N VAL OC 136 11.30 -132.70 -88.81
CA VAL OC 136 11.61 -133.86 -87.99
C VAL OC 136 13.06 -133.75 -87.53
N LEU OC 137 13.30 -134.05 -86.25
CA LEU OC 137 14.62 -133.94 -85.64
C LEU OC 137 14.95 -135.28 -85.00
N SER OC 138 15.52 -136.19 -85.79
CA SER OC 138 15.88 -137.50 -85.27
C SER OC 138 17.14 -137.40 -84.42
N VAL OC 139 17.07 -137.94 -83.21
CA VAL OC 139 18.19 -137.91 -82.27
C VAL OC 139 18.76 -139.31 -82.16
N GLY OC 140 18.67 -140.06 -83.25
CA GLY OC 140 18.90 -141.49 -83.25
C GLY OC 140 17.79 -142.17 -84.02
N GLU OC 141 16.98 -142.96 -83.33
CA GLU OC 141 15.76 -143.49 -83.94
C GLU OC 141 14.52 -142.71 -83.51
N ALA OC 142 14.56 -142.03 -82.38
CA ALA OC 142 13.42 -141.23 -81.92
C ALA OC 142 13.39 -139.91 -82.69
N THR OC 143 12.24 -139.59 -83.27
CA THR OC 143 12.07 -138.40 -84.10
C THR OC 143 11.13 -137.44 -83.40
N ARG OC 144 11.69 -136.36 -82.87
CA ARG OC 144 10.90 -135.29 -82.23
C ARG OC 144 10.42 -134.37 -83.35
N THR OC 145 9.14 -134.48 -83.70
CA THR OC 145 8.57 -133.78 -84.84
C THR OC 145 7.94 -132.47 -84.36
N LEU OC 146 8.52 -131.35 -84.77
CA LEU OC 146 7.94 -130.03 -84.51
C LEU OC 146 6.91 -129.71 -85.58
N THR OC 147 5.88 -128.98 -85.18
CA THR OC 147 4.86 -128.51 -86.12
C THR OC 147 4.82 -126.99 -86.08
N GLU OC 148 4.54 -126.39 -87.23
CA GLU OC 148 4.50 -124.93 -87.32
C GLU OC 148 3.21 -124.41 -86.70
N ILE OC 149 3.35 -123.48 -85.76
CA ILE OC 149 2.19 -122.86 -85.12
C ILE OC 149 1.98 -121.42 -85.54
N GLN OC 150 2.93 -120.80 -86.25
CA GLN OC 150 2.81 -119.39 -86.57
C GLN OC 150 3.66 -119.10 -87.79
N SER OC 151 3.22 -118.13 -88.60
CA SER OC 151 3.95 -117.66 -89.76
C SER OC 151 3.70 -116.15 -89.86
N THR OC 152 4.63 -115.37 -89.33
CA THR OC 152 4.54 -113.92 -89.34
C THR OC 152 5.12 -113.43 -90.69
N ALA OC 153 5.43 -112.14 -90.80
CA ALA OC 153 6.01 -111.60 -92.03
C ALA OC 153 7.38 -112.20 -92.32
N ASP OC 154 8.27 -112.20 -91.34
CA ASP OC 154 9.57 -112.85 -91.46
C ASP OC 154 9.72 -114.01 -90.48
N ARG OC 155 9.21 -113.87 -89.26
CA ARG OC 155 9.31 -114.88 -88.22
C ARG OC 155 8.48 -116.11 -88.58
N GLN OC 156 8.86 -117.23 -87.98
CA GLN OC 156 8.21 -118.51 -88.28
C GLN OC 156 8.42 -119.42 -87.08
N ILE OC 157 7.40 -119.54 -86.22
CA ILE OC 157 7.53 -120.19 -84.93
C ILE OC 157 7.05 -121.63 -85.04
N PHE OC 158 7.94 -122.58 -84.73
CA PHE OC 158 7.62 -123.99 -84.66
C PHE OC 158 7.52 -124.41 -83.21
N GLU OC 159 6.84 -125.54 -82.97
CA GLU OC 159 6.64 -126.03 -81.61
C GLU OC 159 6.29 -127.51 -81.65
N GLU OC 160 6.75 -128.26 -80.66
CA GLU OC 160 6.31 -129.64 -80.49
C GLU OC 160 5.04 -129.68 -79.68
N LYS OC 161 4.15 -130.60 -80.04
CA LYS OC 161 2.80 -130.64 -79.48
C LYS OC 161 2.60 -131.71 -78.42
N VAL OC 162 3.62 -132.48 -78.09
CA VAL OC 162 3.49 -133.51 -77.06
C VAL OC 162 3.81 -132.92 -75.70
N GLY OC 163 2.94 -133.19 -74.72
CA GLY OC 163 3.19 -132.81 -73.35
C GLY OC 163 2.44 -131.57 -72.92
N PRO OC 164 2.86 -130.98 -71.79
CA PRO OC 164 2.15 -129.80 -71.27
C PRO OC 164 2.44 -128.55 -72.09
N LEU OC 165 1.67 -127.51 -71.79
CA LEU OC 165 1.80 -126.24 -72.48
C LEU OC 165 2.91 -125.36 -71.92
N VAL OC 166 3.44 -125.69 -70.74
CA VAL OC 166 4.36 -124.77 -70.08
C VAL OC 166 5.77 -124.85 -70.67
N GLY OC 167 6.26 -126.05 -70.98
CA GLY OC 167 7.59 -126.18 -71.56
C GLY OC 167 7.59 -127.07 -72.78
N ARG OC 168 7.92 -126.49 -73.93
CA ARG OC 168 7.91 -127.22 -75.20
C ARG OC 168 9.09 -126.77 -76.04
N LEU OC 169 9.42 -127.58 -77.04
CA LEU OC 169 10.46 -127.21 -77.99
C LEU OC 169 9.98 -126.05 -78.85
N ARG OC 170 10.94 -125.26 -79.34
CA ARG OC 170 10.61 -124.06 -80.09
C ARG OC 170 11.64 -123.83 -81.19
N LEU OC 171 11.20 -123.08 -82.21
CA LEU OC 171 12.10 -122.68 -83.30
C LEU OC 171 11.57 -121.36 -83.84
N THR OC 172 12.23 -120.26 -83.48
CA THR OC 172 11.86 -118.95 -84.00
C THR OC 172 12.82 -118.61 -85.14
N ALA OC 173 12.58 -119.19 -86.30
CA ALA OC 173 13.36 -118.88 -87.49
C ALA OC 173 13.03 -117.47 -87.99
N SER OC 174 13.94 -116.90 -88.77
CA SER OC 174 13.75 -115.57 -89.31
C SER OC 174 14.52 -115.45 -90.61
N LEU OC 175 14.29 -114.34 -91.32
CA LEU OC 175 14.95 -114.06 -92.58
C LEU OC 175 14.76 -112.58 -92.87
N ARG OC 176 15.85 -111.86 -93.08
CA ARG OC 176 15.79 -110.43 -93.34
C ARG OC 176 16.72 -110.09 -94.49
N GLN OC 177 16.74 -108.81 -94.85
CA GLN OC 177 17.81 -108.26 -95.70
C GLN OC 177 17.97 -106.80 -95.32
N ASN OC 178 19.16 -106.42 -94.88
CA ASN OC 178 19.40 -105.10 -94.34
C ASN OC 178 19.80 -104.11 -95.43
N GLY OC 179 19.46 -102.85 -95.21
CA GLY OC 179 19.92 -101.75 -96.03
C GLY OC 179 19.43 -101.78 -97.46
N ALA OC 180 20.37 -101.65 -98.40
CA ALA OC 180 20.04 -101.62 -99.82
C ALA OC 180 20.12 -103.01 -100.47
N LYS OC 181 19.45 -103.98 -99.84
CA LYS OC 181 19.24 -105.34 -100.38
C LYS OC 181 20.56 -106.05 -100.67
N THR OC 182 21.56 -105.88 -99.82
CA THR OC 182 22.90 -106.37 -100.11
C THR OC 182 23.30 -107.60 -99.32
N ALA OC 183 22.61 -107.92 -98.23
CA ALA OC 183 23.01 -109.05 -97.39
C ALA OC 183 21.80 -109.57 -96.64
N TYR OC 184 21.63 -110.89 -96.64
CA TYR OC 184 20.57 -111.53 -95.90
C TYR OC 184 21.03 -111.85 -94.48
N ARG OC 185 20.11 -112.28 -93.64
CA ARG OC 185 20.44 -112.60 -92.25
C ARG OC 185 19.43 -113.64 -91.75
N VAL OC 186 19.88 -114.89 -91.67
CA VAL OC 186 19.06 -115.97 -91.15
C VAL OC 186 19.31 -116.08 -89.64
N ASN OC 187 18.27 -116.38 -88.87
CA ASN OC 187 18.39 -116.39 -87.41
C ASN OC 187 17.48 -117.47 -86.85
N LEU OC 188 18.06 -118.63 -86.52
CA LEU OC 188 17.34 -119.68 -85.83
C LEU OC 188 17.57 -119.58 -84.33
N LYS OC 189 16.68 -120.22 -83.58
CA LYS OC 189 16.75 -120.19 -82.12
C LYS OC 189 15.95 -121.36 -81.58
N LEU OC 190 16.62 -122.30 -80.91
CA LEU OC 190 15.99 -123.52 -80.40
C LEU OC 190 15.98 -123.45 -78.88
N ASP OC 191 14.79 -123.23 -78.32
CA ASP OC 191 14.63 -123.20 -76.87
C ASP OC 191 14.31 -124.60 -76.36
N GLN OC 192 14.81 -124.93 -75.18
CA GLN OC 192 14.54 -126.22 -74.56
C GLN OC 192 14.37 -126.01 -73.07
N ALA OC 193 13.12 -126.01 -72.61
CA ALA OC 193 12.80 -125.84 -71.20
C ALA OC 193 12.68 -127.22 -70.56
N ASP OC 194 13.27 -127.36 -69.37
CA ASP OC 194 13.28 -128.64 -68.67
C ASP OC 194 12.12 -128.65 -67.69
N VAL OC 195 11.03 -129.31 -68.07
CA VAL OC 195 9.83 -129.41 -67.26
C VAL OC 195 9.92 -130.70 -66.44
N VAL OC 196 9.41 -130.64 -65.20
CA VAL OC 196 9.43 -131.78 -64.31
C VAL OC 196 8.07 -131.87 -63.61
N ASP OC 197 7.67 -133.08 -63.26
CA ASP OC 197 6.42 -133.31 -62.56
C ASP OC 197 6.66 -134.01 -61.23
N CYS OC 198 6.06 -133.46 -60.18
CA CYS OC 198 6.22 -133.97 -58.82
C CYS OC 198 4.97 -134.72 -58.36
N SER OC 199 4.21 -135.27 -59.31
CA SER OC 199 2.92 -135.86 -59.00
C SER OC 199 3.03 -137.16 -58.23
N THR OC 200 4.11 -137.92 -58.43
CA THR OC 200 4.28 -139.17 -57.68
C THR OC 200 4.78 -138.92 -56.27
N SER OC 201 5.38 -137.76 -56.02
CA SER OC 201 5.85 -137.40 -54.69
C SER OC 201 4.84 -136.53 -53.94
N VAL OC 202 4.31 -135.51 -54.59
CA VAL OC 202 3.27 -134.66 -54.03
C VAL OC 202 2.03 -134.82 -54.91
N CYS OC 203 0.95 -135.33 -54.32
CA CYS OC 203 -0.26 -135.58 -55.08
C CYS OC 203 -0.95 -134.27 -55.45
N GLY OC 204 -1.52 -134.23 -56.65
CA GLY OC 204 -2.17 -133.04 -57.14
C GLY OC 204 -1.25 -131.90 -57.50
N GLU OC 205 -0.04 -132.21 -57.99
CA GLU OC 205 0.95 -131.20 -58.33
C GLU OC 205 1.07 -131.13 -59.85
N LEU OC 206 0.95 -129.92 -60.38
CA LEU OC 206 1.05 -129.70 -61.81
C LEU OC 206 2.49 -129.49 -62.23
N PRO OC 207 2.85 -129.81 -63.48
CA PRO OC 207 4.24 -129.64 -63.92
C PRO OC 207 4.65 -128.17 -64.02
N LYS OC 208 5.96 -127.96 -63.96
CA LYS OC 208 6.54 -126.62 -64.01
C LYS OC 208 7.94 -126.73 -64.58
N VAL OC 209 8.47 -125.61 -65.06
CA VAL OC 209 9.78 -125.56 -65.67
C VAL OC 209 10.82 -125.16 -64.64
N ARG OC 210 12.01 -125.73 -64.75
CA ARG OC 210 13.10 -125.39 -63.83
C ARG OC 210 13.98 -124.29 -64.41
N TYR OC 211 14.54 -124.53 -65.60
CA TYR OC 211 15.43 -123.59 -66.24
C TYR OC 211 15.14 -123.61 -67.74
N THR OC 212 15.96 -122.90 -68.51
CA THR OC 212 15.86 -122.95 -69.95
C THR OC 212 17.26 -122.86 -70.54
N GLN OC 213 17.44 -123.50 -71.70
CA GLN OC 213 18.72 -123.53 -72.40
C GLN OC 213 18.47 -123.36 -73.88
N VAL OC 214 19.13 -122.37 -74.48
CA VAL OC 214 18.90 -122.01 -75.87
C VAL OC 214 20.13 -122.36 -76.69
N TRP OC 215 19.97 -122.36 -78.01
CA TRP OC 215 21.08 -122.44 -78.96
C TRP OC 215 20.67 -121.59 -80.16
N SER OC 216 21.10 -120.34 -80.16
CA SER OC 216 20.79 -119.44 -81.26
C SER OC 216 21.75 -119.66 -82.41
N HIS OC 217 21.32 -119.23 -83.59
CA HIS OC 217 22.17 -119.20 -84.77
C HIS OC 217 22.06 -117.81 -85.39
N ASP OC 218 23.11 -117.41 -86.10
CA ASP OC 218 23.11 -116.10 -86.76
C ASP OC 218 23.94 -116.23 -88.03
N VAL OC 219 23.27 -116.53 -89.13
CA VAL OC 219 23.90 -116.71 -90.43
C VAL OC 219 23.84 -115.39 -91.19
N THR OC 220 24.96 -114.96 -91.75
CA THR OC 220 25.01 -113.78 -92.60
C THR OC 220 25.37 -114.23 -94.00
N ILE OC 221 24.53 -113.85 -94.97
CA ILE OC 221 24.70 -114.25 -96.36
C ILE OC 221 24.62 -112.99 -97.20
N VAL OC 222 25.68 -112.70 -97.95
CA VAL OC 222 25.64 -111.55 -98.84
C VAL OC 222 24.93 -111.94 -100.13
N ALA OC 223 24.36 -110.95 -100.80
CA ALA OC 223 23.38 -111.21 -101.85
C ALA OC 223 24.03 -111.67 -103.15
N ASN OC 224 25.21 -111.14 -103.48
CA ASN OC 224 25.87 -111.46 -104.74
C ASN OC 224 26.84 -112.62 -104.61
N SER OC 225 26.56 -113.57 -103.72
CA SER OC 225 27.44 -114.70 -103.46
C SER OC 225 27.46 -115.67 -104.64
N THR OC 226 28.32 -116.66 -104.51
CA THR OC 226 28.24 -117.86 -105.34
C THR OC 226 27.44 -118.90 -104.57
N GLU OC 227 26.71 -119.75 -105.30
CA GLU OC 227 25.98 -120.82 -104.62
C GLU OC 227 26.92 -121.86 -104.03
N ALA OC 228 28.12 -122.00 -104.61
CA ALA OC 228 29.12 -122.89 -104.03
C ALA OC 228 29.78 -122.29 -102.80
N SER OC 229 29.61 -120.99 -102.55
CA SER OC 229 30.14 -120.39 -101.34
C SER OC 229 29.18 -120.51 -100.18
N ARG OC 230 27.87 -120.46 -100.45
CA ARG OC 230 26.88 -120.71 -99.42
C ARG OC 230 26.82 -122.19 -99.07
N LYS OC 231 27.12 -123.06 -100.04
CA LYS OC 231 27.12 -124.49 -99.78
C LYS OC 231 28.30 -124.90 -98.90
N SER OC 232 29.47 -124.29 -99.14
CA SER OC 232 30.65 -124.64 -98.34
C SER OC 232 30.55 -124.07 -96.93
N LEU OC 233 29.88 -122.94 -96.75
CA LEU OC 233 29.68 -122.40 -95.41
C LEU OC 233 28.74 -123.27 -94.60
N TYR OC 234 27.69 -123.80 -95.24
CA TYR OC 234 26.79 -124.71 -94.54
C TYR OC 234 27.46 -126.04 -94.24
N ASP OC 235 28.25 -126.55 -95.18
CA ASP OC 235 28.93 -127.82 -95.02
C ASP OC 235 30.01 -127.80 -93.94
N LEU OC 236 30.62 -126.64 -93.69
CA LEU OC 236 31.59 -126.54 -92.60
C LEU OC 236 30.90 -126.44 -91.25
N THR OC 237 29.77 -125.73 -91.18
CA THR OC 237 29.04 -125.63 -89.92
C THR OC 237 28.33 -126.93 -89.58
N LYS OC 238 27.87 -127.67 -90.60
CA LYS OC 238 27.33 -129.00 -90.38
C LYS OC 238 28.41 -129.94 -89.86
N SER OC 239 29.64 -129.77 -90.33
CA SER OC 239 30.75 -130.58 -89.88
C SER OC 239 31.34 -130.10 -88.57
N LEU OC 240 31.18 -128.82 -88.25
CA LEU OC 240 31.72 -128.31 -87.00
C LEU OC 240 30.90 -128.79 -85.81
N VAL OC 241 29.57 -128.72 -85.90
CA VAL OC 241 28.69 -129.15 -84.82
C VAL OC 241 28.80 -130.66 -84.61
N ALA OC 242 29.01 -131.42 -85.68
CA ALA OC 242 29.09 -132.87 -85.59
C ALA OC 242 30.39 -133.38 -84.97
N THR OC 243 31.36 -132.51 -84.70
CA THR OC 243 32.61 -132.97 -84.11
C THR OC 243 32.44 -133.25 -82.63
N SER OC 244 33.41 -133.99 -82.07
CA SER OC 244 33.40 -134.30 -80.66
C SER OC 244 34.02 -133.22 -79.81
N GLN OC 245 34.62 -132.20 -80.42
CA GLN OC 245 35.19 -131.09 -79.65
C GLN OC 245 34.11 -130.11 -79.22
N VAL OC 246 33.13 -129.86 -80.09
CA VAL OC 246 32.01 -129.00 -79.76
C VAL OC 246 31.00 -129.72 -78.87
N GLU OC 247 30.98 -131.06 -78.92
CA GLU OC 247 30.15 -131.83 -78.01
C GLU OC 247 30.60 -131.65 -76.57
N ASP OC 248 31.91 -131.75 -76.33
CA ASP OC 248 32.44 -131.55 -74.99
C ASP OC 248 32.47 -130.08 -74.59
N LEU OC 249 32.41 -129.16 -75.55
CA LEU OC 249 32.35 -127.74 -75.22
C LEU OC 249 30.99 -127.36 -74.68
N VAL OC 250 29.94 -128.06 -75.09
CA VAL OC 250 28.59 -127.76 -74.62
C VAL OC 250 28.22 -128.64 -73.43
N VAL OC 251 28.52 -129.94 -73.49
CA VAL OC 251 28.15 -130.84 -72.40
C VAL OC 251 29.06 -130.66 -71.20
N ASN OC 252 30.38 -130.58 -71.43
CA ASN OC 252 31.34 -130.57 -70.33
C ASN OC 252 32.20 -129.32 -70.25
N LEU OC 253 31.96 -128.33 -71.12
CA LEU OC 253 32.67 -127.04 -71.15
C LEU OC 253 34.18 -127.18 -71.37
N VAL OC 254 34.61 -128.24 -72.05
CA VAL OC 254 36.03 -128.40 -72.38
C VAL OC 254 36.33 -127.53 -73.58
N PRO OC 255 37.38 -126.69 -73.53
CA PRO OC 255 37.67 -125.80 -74.66
C PRO OC 255 38.17 -126.56 -75.88
N LEU OC 256 38.12 -125.89 -77.02
CA LEU OC 256 38.43 -126.52 -78.29
C LEU OC 256 39.94 -126.65 -78.49
N GLY OC 257 40.31 -127.58 -79.37
CA GLY OC 257 41.71 -127.74 -79.72
C GLY OC 257 42.38 -128.93 -79.07
N ARG OC 258 42.87 -129.86 -79.88
CA ARG OC 258 43.60 -131.02 -79.38
C ARG OC 258 44.84 -131.30 -80.23
N SER PC 1 4.31 -122.54 -103.88
CA SER PC 1 3.14 -122.40 -103.03
C SER PC 1 2.11 -121.49 -103.68
N LYS PC 2 2.13 -120.21 -103.28
CA LYS PC 2 1.20 -119.21 -103.79
C LYS PC 2 1.88 -118.44 -104.92
N THR PC 3 1.32 -118.51 -106.12
CA THR PC 3 2.00 -118.06 -107.32
C THR PC 3 1.11 -117.16 -108.17
N ILE PC 4 1.75 -116.25 -108.90
CA ILE PC 4 1.17 -115.55 -110.04
C ILE PC 4 1.98 -115.94 -111.27
N VAL PC 5 1.30 -116.22 -112.37
CA VAL PC 5 1.94 -116.62 -113.61
C VAL PC 5 1.74 -115.51 -114.63
N LEU PC 6 2.84 -114.96 -115.13
CA LEU PC 6 2.81 -113.87 -116.10
C LEU PC 6 3.33 -114.40 -117.44
N SER PC 7 2.41 -114.67 -118.36
CA SER PC 7 2.78 -115.18 -119.67
C SER PC 7 3.11 -114.03 -120.60
N VAL PC 8 4.27 -114.11 -121.25
CA VAL PC 8 4.79 -113.03 -122.10
C VAL PC 8 4.74 -113.61 -123.52
N GLY PC 9 3.72 -114.41 -123.78
CA GLY PC 9 3.64 -115.14 -125.04
C GLY PC 9 3.52 -116.62 -124.75
N GLU PC 10 4.54 -117.38 -125.13
CA GLU PC 10 4.65 -118.77 -124.75
C GLU PC 10 5.53 -118.98 -123.52
N ALA PC 11 6.32 -117.99 -123.14
CA ALA PC 11 7.14 -118.10 -121.93
C ALA PC 11 6.37 -117.57 -120.74
N THR PC 12 6.39 -118.31 -119.63
CA THR PC 12 5.70 -117.94 -118.40
C THR PC 12 6.74 -117.71 -117.32
N ARG PC 13 6.60 -116.60 -116.60
CA ARG PC 13 7.49 -116.24 -115.50
C ARG PC 13 6.72 -116.34 -114.21
N THR PC 14 6.85 -117.47 -113.53
CA THR PC 14 6.08 -117.76 -112.33
C THR PC 14 6.72 -117.10 -111.11
N LEU PC 15 6.07 -116.07 -110.59
CA LEU PC 15 6.47 -115.44 -109.34
C LEU PC 15 5.92 -116.24 -108.18
N THR PC 16 6.71 -116.33 -107.10
CA THR PC 16 6.25 -117.02 -105.90
C THR PC 16 6.27 -116.05 -104.73
N GLU PC 17 5.37 -116.30 -103.78
CA GLU PC 17 5.25 -115.43 -102.62
C GLU PC 17 6.36 -115.72 -101.61
N ILE PC 18 7.03 -114.67 -101.15
CA ILE PC 18 8.14 -114.83 -100.21
C ILE PC 18 7.88 -114.14 -98.88
N GLN PC 19 6.85 -113.32 -98.76
CA GLN PC 19 6.60 -112.56 -97.54
C GLN PC 19 5.12 -112.18 -97.52
N SER PC 20 4.54 -112.16 -96.33
CA SER PC 20 3.11 -111.85 -96.19
C SER PC 20 2.91 -111.18 -94.84
N THR PC 21 2.69 -109.88 -94.87
CA THR PC 21 2.37 -109.10 -93.68
C THR PC 21 0.84 -109.12 -93.56
N ALA PC 22 0.26 -108.23 -92.76
CA ALA PC 22 -1.20 -108.12 -92.66
C ALA PC 22 -1.83 -107.76 -94.00
N ASP PC 23 -1.29 -106.76 -94.67
CA ASP PC 23 -1.77 -106.32 -95.98
C ASP PC 23 -0.72 -106.40 -97.07
N ARG PC 24 0.53 -106.05 -96.78
CA ARG PC 24 1.59 -106.07 -97.76
C ARG PC 24 1.96 -107.51 -98.12
N GLN PC 25 2.33 -107.73 -99.38
CA GLN PC 25 2.44 -109.07 -99.92
C GLN PC 25 3.50 -109.04 -101.02
N ILE PC 26 4.65 -109.63 -100.75
CA ILE PC 26 5.80 -109.54 -101.64
C ILE PC 26 5.97 -110.86 -102.40
N PHE PC 27 5.99 -110.78 -103.72
CA PHE PC 27 6.25 -111.91 -104.60
C PHE PC 27 7.64 -111.77 -105.20
N GLU PC 28 8.16 -112.88 -105.73
CA GLU PC 28 9.50 -112.90 -106.28
C GLU PC 28 9.64 -114.09 -107.22
N GLU PC 29 10.50 -113.94 -108.22
CA GLU PC 29 10.83 -115.03 -109.13
C GLU PC 29 12.07 -115.75 -108.64
N LYS PC 30 11.94 -117.06 -108.40
CA LYS PC 30 13.01 -117.84 -107.80
C LYS PC 30 14.00 -118.42 -108.80
N VAL PC 31 14.17 -117.82 -109.95
CA VAL PC 31 15.08 -118.33 -110.95
C VAL PC 31 16.29 -117.41 -111.07
N GLY PC 32 17.48 -117.98 -110.91
CA GLY PC 32 18.71 -117.25 -111.14
C GLY PC 32 19.42 -116.87 -109.85
N PRO PC 33 20.36 -115.91 -109.96
CA PRO PC 33 21.09 -115.45 -108.76
C PRO PC 33 20.21 -114.69 -107.78
N LEU PC 34 20.76 -114.42 -106.60
CA LEU PC 34 20.00 -113.85 -105.50
C LEU PC 34 19.92 -112.33 -105.54
N VAL PC 35 20.71 -111.66 -106.38
CA VAL PC 35 20.89 -110.22 -106.24
C VAL PC 35 19.78 -109.43 -106.91
N GLY PC 36 19.36 -109.79 -108.13
CA GLY PC 36 18.30 -109.06 -108.78
C GLY PC 36 17.26 -109.98 -109.37
N ARG PC 37 16.03 -109.89 -108.89
CA ARG PC 37 14.95 -110.74 -109.32
C ARG PC 37 13.72 -109.88 -109.56
N LEU PC 38 12.73 -110.47 -110.23
CA LEU PC 38 11.43 -109.81 -110.34
C LEU PC 38 10.77 -109.69 -108.98
N ARG PC 39 9.95 -108.66 -108.83
CA ARG PC 39 9.38 -108.32 -107.54
C ARG PC 39 7.98 -107.78 -107.78
N LEU PC 40 7.08 -108.08 -106.85
CA LEU PC 40 5.69 -107.64 -106.97
C LEU PC 40 5.16 -107.41 -105.57
N THR PC 41 5.01 -106.15 -105.20
CA THR PC 41 4.58 -105.76 -103.85
C THR PC 41 3.14 -105.29 -103.93
N ALA PC 42 2.20 -106.19 -103.66
CA ALA PC 42 0.81 -105.80 -103.56
C ALA PC 42 0.51 -105.22 -102.18
N SER PC 43 -0.58 -104.47 -102.10
CA SER PC 43 -1.02 -103.86 -100.85
C SER PC 43 -2.51 -103.63 -100.95
N LEU PC 44 -3.13 -103.39 -99.79
CA LEU PC 44 -4.55 -103.09 -99.71
C LEU PC 44 -4.82 -102.44 -98.36
N ARG PC 45 -5.35 -101.22 -98.39
CA ARG PC 45 -5.64 -100.47 -97.19
C ARG PC 45 -7.08 -99.98 -97.23
N GLN PC 46 -7.48 -99.26 -96.20
CA GLN PC 46 -8.71 -98.46 -96.26
C GLN PC 46 -8.47 -97.19 -95.44
N ASN PC 47 -8.34 -96.06 -96.13
CA ASN PC 47 -7.95 -94.81 -95.49
C ASN PC 47 -9.19 -94.09 -94.94
N GLY PC 48 -9.01 -93.52 -93.77
CA GLY PC 48 -10.03 -92.66 -93.18
C GLY PC 48 -11.15 -93.39 -92.49
N ALA PC 49 -12.38 -92.98 -92.76
CA ALA PC 49 -13.54 -93.50 -92.04
C ALA PC 49 -14.18 -94.67 -92.79
N LYS PC 50 -13.35 -95.68 -93.08
CA LYS PC 50 -13.75 -96.98 -93.61
C LYS PC 50 -14.47 -96.88 -94.94
N THR PC 51 -14.15 -95.86 -95.75
CA THR PC 51 -14.98 -95.53 -96.90
C THR PC 51 -14.31 -95.74 -98.26
N ALA PC 52 -12.98 -95.86 -98.31
CA ALA PC 52 -12.29 -95.96 -99.59
C ALA PC 52 -11.09 -96.88 -99.44
N TYR PC 53 -11.04 -97.91 -100.27
CA TYR PC 53 -9.90 -98.82 -100.31
C TYR PC 53 -8.83 -98.28 -101.24
N ARG PC 54 -7.61 -98.81 -101.09
CA ARG PC 54 -6.46 -98.32 -101.85
C ARG PC 54 -5.57 -99.51 -102.18
N VAL PC 55 -5.62 -99.97 -103.42
CA VAL PC 55 -4.75 -101.04 -103.89
C VAL PC 55 -3.48 -100.41 -104.45
N ASN PC 56 -2.35 -101.08 -104.26
CA ASN PC 56 -1.06 -100.50 -104.64
C ASN PC 56 -0.14 -101.63 -105.10
N LEU PC 57 -0.07 -101.84 -106.42
CA LEU PC 57 0.87 -102.77 -107.00
C LEU PC 57 2.17 -102.05 -107.35
N LYS PC 58 3.25 -102.84 -107.43
CA LYS PC 58 4.57 -102.30 -107.78
C LYS PC 58 5.39 -103.46 -108.34
N LEU PC 59 5.70 -103.40 -109.62
CA LEU PC 59 6.48 -104.44 -110.29
C LEU PC 59 7.88 -103.89 -110.56
N ASP PC 60 8.86 -104.37 -109.80
CA ASP PC 60 10.24 -103.99 -110.02
C ASP PC 60 10.87 -104.89 -111.07
N GLN PC 61 11.89 -104.38 -111.75
CA GLN PC 61 12.66 -105.20 -112.68
C GLN PC 61 14.08 -104.69 -112.72
N ALA PC 62 15.00 -105.45 -112.14
CA ALA PC 62 16.41 -105.10 -112.12
C ALA PC 62 17.11 -105.75 -113.30
N ASP PC 63 18.06 -105.04 -113.89
CA ASP PC 63 18.82 -105.54 -115.02
C ASP PC 63 20.16 -106.05 -114.52
N VAL PC 64 20.24 -107.36 -114.33
CA VAL PC 64 21.43 -108.00 -113.80
C VAL PC 64 22.33 -108.40 -114.95
N VAL PC 65 23.63 -108.31 -114.74
CA VAL PC 65 24.62 -108.75 -115.72
C VAL PC 65 25.72 -109.49 -114.97
N ASP PC 66 26.10 -110.66 -115.49
CA ASP PC 66 27.11 -111.50 -114.86
C ASP PC 66 28.33 -111.50 -115.77
N CYS PC 67 29.38 -110.79 -115.37
CA CYS PC 67 30.56 -110.57 -116.20
C CYS PC 67 31.74 -111.35 -115.65
N SER PC 68 31.47 -112.53 -115.07
CA SER PC 68 32.53 -113.32 -114.48
C SER PC 68 33.36 -114.04 -115.53
N THR PC 69 32.83 -114.27 -116.73
CA THR PC 69 33.58 -114.98 -117.76
C THR PC 69 34.57 -114.06 -118.46
N SER PC 70 34.13 -112.85 -118.78
CA SER PC 70 35.01 -111.90 -119.48
C SER PC 70 36.03 -111.28 -118.52
N VAL PC 71 35.54 -110.56 -117.52
CA VAL PC 71 36.39 -109.97 -116.50
C VAL PC 71 36.56 -110.99 -115.39
N CYS PC 72 37.79 -111.40 -115.13
CA CYS PC 72 38.06 -112.42 -114.13
C CYS PC 72 37.91 -111.84 -112.74
N GLY PC 73 37.11 -112.50 -111.91
CA GLY PC 73 37.06 -112.21 -110.50
C GLY PC 73 35.99 -111.25 -110.04
N GLU PC 74 34.88 -111.13 -110.75
CA GLU PC 74 33.80 -110.25 -110.31
C GLU PC 74 32.46 -110.96 -110.41
N LEU PC 75 31.50 -110.41 -109.68
CA LEU PC 75 30.23 -111.06 -109.37
C LEU PC 75 29.10 -110.42 -110.16
N PRO PC 76 27.93 -111.07 -110.28
CA PRO PC 76 26.78 -110.40 -110.90
C PRO PC 76 26.31 -109.21 -110.07
N LYS PC 77 25.84 -108.19 -110.78
CA LYS PC 77 25.46 -106.93 -110.18
C LYS PC 77 24.30 -106.35 -110.96
N VAL PC 78 23.54 -105.46 -110.31
CA VAL PC 78 22.41 -104.82 -110.96
C VAL PC 78 22.87 -103.49 -111.54
N ARG PC 79 22.52 -103.25 -112.80
CA ARG PC 79 22.82 -101.96 -113.41
C ARG PC 79 21.80 -100.91 -113.01
N TYR PC 80 20.52 -101.19 -113.23
CA TYR PC 80 19.44 -100.26 -112.96
C TYR PC 80 18.18 -101.06 -112.62
N THR PC 81 17.20 -100.36 -112.04
CA THR PC 81 15.89 -100.92 -111.81
C THR PC 81 14.85 -100.04 -112.49
N GLN PC 82 13.84 -100.67 -113.06
CA GLN PC 82 12.73 -99.97 -113.69
C GLN PC 82 11.43 -100.51 -113.11
N VAL PC 83 10.61 -99.62 -112.57
CA VAL PC 83 9.39 -100.01 -111.87
C VAL PC 83 8.18 -99.61 -112.70
N TRP PC 84 7.03 -100.19 -112.36
CA TRP PC 84 5.75 -99.76 -112.90
C TRP PC 84 4.75 -99.90 -111.76
N SER PC 85 4.52 -98.82 -111.04
CA SER PC 85 3.61 -98.86 -109.91
C SER PC 85 2.17 -98.75 -110.39
N HIS PC 86 1.24 -99.08 -109.49
CA HIS PC 86 -0.17 -98.83 -109.69
C HIS PC 86 -0.73 -98.27 -108.40
N ASP PC 87 -1.82 -97.50 -108.53
CA ASP PC 87 -2.48 -96.93 -107.35
C ASP PC 87 -3.97 -96.82 -107.69
N VAL PC 88 -4.72 -97.82 -107.26
CA VAL PC 88 -6.14 -97.88 -107.52
C VAL PC 88 -6.90 -97.40 -106.29
N THR PC 89 -7.85 -96.51 -106.49
CA THR PC 89 -8.72 -96.03 -105.42
C THR PC 89 -10.12 -96.57 -105.66
N ILE PC 90 -10.65 -97.30 -104.69
CA ILE PC 90 -11.95 -97.93 -104.78
C ILE PC 90 -12.77 -97.47 -103.59
N VAL PC 91 -13.93 -96.88 -103.85
CA VAL PC 91 -14.83 -96.49 -102.77
C VAL PC 91 -15.64 -97.71 -102.36
N ALA PC 92 -16.02 -97.74 -101.07
CA ALA PC 92 -16.55 -98.96 -100.48
C ALA PC 92 -17.96 -99.27 -100.95
N ASN PC 93 -18.84 -98.27 -100.98
CA ASN PC 93 -20.26 -98.49 -101.29
C ASN PC 93 -20.56 -98.44 -102.78
N SER PC 94 -19.56 -98.66 -103.63
CA SER PC 94 -19.79 -98.61 -105.07
C SER PC 94 -20.49 -99.88 -105.54
N THR PC 95 -20.90 -99.86 -106.80
CA THR PC 95 -21.47 -101.04 -107.44
C THR PC 95 -20.37 -101.85 -108.09
N GLU PC 96 -20.68 -103.10 -108.43
CA GLU PC 96 -19.68 -103.98 -109.00
C GLU PC 96 -19.35 -103.61 -110.44
N ALA PC 97 -20.34 -103.12 -111.19
CA ALA PC 97 -20.12 -102.79 -112.59
C ALA PC 97 -19.28 -101.54 -112.76
N SER PC 98 -19.17 -100.70 -111.73
CA SER PC 98 -18.27 -99.56 -111.81
C SER PC 98 -16.82 -100.01 -111.62
N ARG PC 99 -16.60 -100.96 -110.71
CA ARG PC 99 -15.27 -101.54 -110.53
C ARG PC 99 -14.84 -102.40 -111.70
N LYS PC 100 -15.78 -103.10 -112.34
CA LYS PC 100 -15.43 -103.92 -113.49
C LYS PC 100 -15.12 -103.06 -114.71
N SER PC 101 -15.84 -101.95 -114.88
CA SER PC 101 -15.58 -101.08 -116.03
C SER PC 101 -14.31 -100.29 -115.85
N LEU PC 102 -13.94 -99.98 -114.60
CA LEU PC 102 -12.67 -99.31 -114.34
C LEU PC 102 -11.51 -100.25 -114.62
N TYR PC 103 -11.66 -101.53 -114.30
CA TYR PC 103 -10.63 -102.50 -114.60
C TYR PC 103 -10.55 -102.79 -116.09
N ASP PC 104 -11.72 -102.89 -116.76
CA ASP PC 104 -11.75 -103.23 -118.18
C ASP PC 104 -11.22 -102.11 -119.06
N LEU PC 105 -11.26 -100.86 -118.59
CA LEU PC 105 -10.66 -99.77 -119.35
C LEU PC 105 -9.14 -99.74 -119.16
N THR PC 106 -8.67 -99.97 -117.94
CA THR PC 106 -7.24 -99.98 -117.67
C THR PC 106 -6.57 -101.22 -118.26
N LYS PC 107 -7.32 -102.32 -118.40
CA LYS PC 107 -6.79 -103.52 -119.03
C LYS PC 107 -6.50 -103.28 -120.51
N SER PC 108 -7.33 -102.48 -121.17
CA SER PC 108 -7.12 -102.19 -122.58
C SER PC 108 -6.40 -100.87 -122.80
N LEU PC 109 -6.22 -100.05 -121.77
CA LEU PC 109 -5.33 -98.91 -121.89
C LEU PC 109 -3.88 -99.36 -121.98
N VAL PC 110 -3.49 -100.30 -121.12
CA VAL PC 110 -2.13 -100.83 -121.18
C VAL PC 110 -1.94 -101.66 -122.45
N ALA PC 111 -2.97 -102.35 -122.89
CA ALA PC 111 -2.86 -103.24 -124.04
C ALA PC 111 -2.83 -102.51 -125.38
N THR PC 112 -3.07 -101.21 -125.41
CA THR PC 112 -3.07 -100.50 -126.68
C THR PC 112 -1.65 -100.22 -127.14
N SER PC 113 -1.51 -99.86 -128.41
CA SER PC 113 -0.20 -99.64 -129.00
C SER PC 113 0.30 -98.21 -128.86
N GLN PC 114 -0.43 -97.35 -128.14
CA GLN PC 114 0.05 -95.99 -127.91
C GLN PC 114 0.76 -95.87 -126.58
N VAL PC 115 0.37 -96.67 -125.59
CA VAL PC 115 1.09 -96.70 -124.32
C VAL PC 115 2.31 -97.59 -124.44
N GLU PC 116 2.34 -98.48 -125.44
CA GLU PC 116 3.55 -99.24 -125.72
C GLU PC 116 4.67 -98.34 -126.19
N ASP PC 117 4.39 -97.42 -127.10
CA ASP PC 117 5.42 -96.49 -127.58
C ASP PC 117 5.72 -95.40 -126.55
N LEU PC 118 4.91 -95.25 -125.52
CA LEU PC 118 5.16 -94.23 -124.52
C LEU PC 118 6.22 -94.68 -123.51
N VAL PC 119 6.29 -95.97 -123.20
CA VAL PC 119 7.24 -96.44 -122.19
C VAL PC 119 8.47 -97.03 -122.87
N VAL PC 120 8.34 -97.39 -124.14
CA VAL PC 120 9.48 -97.97 -124.84
C VAL PC 120 10.25 -96.90 -125.61
N ASN PC 121 9.55 -96.11 -126.42
CA ASN PC 121 10.18 -95.14 -127.30
C ASN PC 121 9.90 -93.70 -126.88
N LEU PC 122 9.18 -93.49 -125.78
CA LEU PC 122 8.92 -92.19 -125.15
C LEU PC 122 8.13 -91.24 -126.05
N VAL PC 123 7.34 -91.78 -126.96
CA VAL PC 123 6.47 -90.96 -127.80
C VAL PC 123 5.18 -90.67 -127.03
N PRO PC 124 4.71 -89.42 -127.00
CA PRO PC 124 3.51 -89.10 -126.23
C PRO PC 124 2.24 -89.69 -126.82
N LEU PC 125 1.16 -89.61 -126.05
CA LEU PC 125 -0.08 -90.25 -126.38
C LEU PC 125 -0.88 -89.42 -127.38
N GLY PC 126 -1.77 -90.09 -128.11
CA GLY PC 126 -2.65 -89.42 -129.04
C GLY PC 126 -2.15 -89.45 -130.47
N ARG PC 127 -3.00 -89.90 -131.39
CA ARG PC 127 -2.68 -89.93 -132.81
C ARG PC 127 -3.89 -89.42 -133.59
N ALA PC 128 -3.65 -88.47 -134.50
CA ALA PC 128 -4.73 -87.81 -135.23
C ALA PC 128 -5.06 -88.61 -136.49
N TYR PC 129 -6.26 -89.17 -136.54
CA TYR PC 129 -6.81 -89.77 -137.76
C TYR PC 129 -8.20 -89.18 -137.98
N GLY PC 130 -8.25 -88.15 -138.83
CA GLY PC 130 -9.50 -87.52 -139.19
C GLY PC 130 -10.08 -86.64 -138.10
N GLY PC 131 -9.39 -85.55 -137.79
CA GLY PC 131 -9.85 -84.64 -136.76
C GLY PC 131 -8.79 -84.33 -135.73
N SER PC 132 -9.04 -84.69 -134.47
CA SER PC 132 -8.08 -84.49 -133.41
C SER PC 132 -7.38 -85.82 -133.08
N LYS PC 133 -6.54 -85.77 -132.05
CA LYS PC 133 -5.77 -86.94 -131.65
C LYS PC 133 -6.55 -87.74 -130.61
N THR PC 134 -6.74 -89.03 -130.87
CA THR PC 134 -7.62 -89.87 -130.08
C THR PC 134 -6.92 -91.13 -129.60
N ILE PC 135 -7.43 -91.69 -128.50
CA ILE PC 135 -7.10 -93.03 -128.04
C ILE PC 135 -8.40 -93.83 -128.04
N VAL PC 136 -8.34 -95.03 -128.60
CA VAL PC 136 -9.50 -95.91 -128.67
C VAL PC 136 -9.35 -97.00 -127.63
N LEU PC 137 -10.26 -97.03 -126.66
CA LEU PC 137 -10.24 -97.99 -125.55
C LEU PC 137 -11.35 -98.99 -125.79
N SER PC 138 -11.03 -100.12 -126.42
CA SER PC 138 -12.02 -101.17 -126.66
C SER PC 138 -12.30 -101.93 -125.38
N VAL PC 139 -13.58 -102.12 -125.09
CA VAL PC 139 -14.02 -102.81 -123.87
C VAL PC 139 -14.68 -104.09 -124.35
N GLY PC 140 -14.14 -104.66 -125.42
CA GLY PC 140 -14.78 -105.76 -126.13
C GLY PC 140 -15.05 -105.33 -127.55
N GLU PC 141 -16.32 -105.12 -127.89
CA GLU PC 141 -16.66 -104.48 -129.15
C GLU PC 141 -17.04 -103.01 -128.99
N ALA PC 142 -17.42 -102.59 -127.79
CA ALA PC 142 -17.71 -101.19 -127.53
C ALA PC 142 -16.40 -100.42 -127.37
N THR PC 143 -16.26 -99.34 -128.15
CA THR PC 143 -15.03 -98.57 -128.20
C THR PC 143 -15.29 -97.18 -127.64
N ARG PC 144 -14.81 -96.91 -126.44
CA ARG PC 144 -14.94 -95.61 -125.80
C ARG PC 144 -13.76 -94.75 -126.25
N THR PC 145 -14.01 -93.84 -127.19
CA THR PC 145 -12.96 -93.05 -127.82
C THR PC 145 -12.75 -91.75 -127.05
N LEU PC 146 -11.59 -91.61 -126.43
CA LEU PC 146 -11.23 -90.35 -125.79
C LEU PC 146 -10.59 -89.42 -126.80
N THR PC 147 -10.83 -88.13 -126.64
CA THR PC 147 -10.23 -87.10 -127.48
C THR PC 147 -9.38 -86.19 -126.63
N GLU PC 148 -8.27 -85.73 -127.20
CA GLU PC 148 -7.37 -84.84 -126.48
C GLU PC 148 -7.95 -83.44 -126.40
N ILE PC 149 -8.06 -82.91 -125.19
CA ILE PC 149 -8.57 -81.56 -124.98
C ILE PC 149 -7.50 -80.58 -124.55
N GLN PC 150 -6.28 -81.05 -124.24
CA GLN PC 150 -5.26 -80.15 -123.72
C GLN PC 150 -3.89 -80.73 -124.02
N SER PC 151 -2.92 -79.85 -124.25
CA SER PC 151 -1.53 -80.24 -124.46
C SER PC 151 -0.67 -79.17 -123.79
N THR PC 152 -0.30 -79.42 -122.53
CA THR PC 152 0.52 -78.51 -121.76
C THR PC 152 1.99 -78.81 -122.07
N ALA PC 153 2.91 -78.33 -121.24
CA ALA PC 153 4.34 -78.60 -121.45
C ALA PC 153 4.66 -80.07 -121.27
N ASP PC 154 4.24 -80.66 -120.15
CA ASP PC 154 4.41 -82.09 -119.91
C ASP PC 154 3.07 -82.83 -119.87
N ARG PC 155 2.06 -82.22 -119.25
CA ARG PC 155 0.75 -82.82 -119.10
C ARG PC 155 0.04 -82.92 -120.45
N GLN PC 156 -0.93 -83.84 -120.51
CA GLN PC 156 -1.67 -84.09 -121.75
C GLN PC 156 -3.00 -84.71 -121.35
N ILE PC 157 -4.06 -83.91 -121.36
CA ILE PC 157 -5.34 -84.31 -120.80
C ILE PC 157 -6.28 -84.77 -121.91
N PHE PC 158 -6.74 -86.01 -121.81
CA PHE PC 158 -7.73 -86.58 -122.71
C PHE PC 158 -9.07 -86.62 -122.00
N GLU PC 159 -10.14 -86.69 -122.78
CA GLU PC 159 -11.49 -86.69 -122.22
C GLU PC 159 -12.46 -87.25 -123.25
N GLU PC 160 -13.47 -87.97 -122.77
CA GLU PC 160 -14.56 -88.41 -123.61
C GLU PC 160 -15.61 -87.31 -123.72
N LYS PC 161 -16.24 -87.23 -124.89
CA LYS PC 161 -17.15 -86.14 -125.19
C LYS PC 161 -18.61 -86.50 -125.10
N VAL PC 162 -18.94 -87.76 -124.88
CA VAL PC 162 -20.34 -88.17 -124.82
C VAL PC 162 -20.87 -88.00 -123.40
N GLY PC 163 -22.00 -87.30 -123.28
CA GLY PC 163 -22.68 -87.18 -122.02
C GLY PC 163 -22.55 -85.81 -121.39
N PRO PC 164 -22.89 -85.71 -120.10
CA PRO PC 164 -22.85 -84.41 -119.43
C PRO PC 164 -21.43 -83.97 -119.13
N LEU PC 165 -21.29 -82.68 -118.79
CA LEU PC 165 -20.01 -82.10 -118.47
C LEU PC 165 -19.53 -82.42 -117.06
N VAL PC 166 -20.40 -82.98 -116.22
CA VAL PC 166 -20.04 -83.13 -114.81
C VAL PC 166 -19.11 -84.32 -114.58
N GLY PC 167 -19.39 -85.48 -115.17
CA GLY PC 167 -18.53 -86.63 -114.99
C GLY PC 167 -18.20 -87.30 -116.31
N ARG PC 168 -16.92 -87.30 -116.67
CA ARG PC 168 -16.46 -87.89 -117.92
C ARG PC 168 -15.18 -88.64 -117.67
N LEU PC 169 -14.80 -89.47 -118.65
CA LEU PC 169 -13.52 -90.16 -118.59
C LEU PC 169 -12.37 -89.16 -118.74
N ARG PC 170 -11.22 -89.52 -118.20
CA ARG PC 170 -10.07 -88.62 -118.18
C ARG PC 170 -8.79 -89.41 -118.34
N LEU PC 171 -7.76 -88.73 -118.84
CA LEU PC 171 -6.42 -89.30 -118.92
C LEU PC 171 -5.42 -88.15 -118.81
N THR PC 172 -4.84 -87.98 -117.62
CA THR PC 172 -3.83 -86.95 -117.42
C THR PC 172 -2.47 -87.62 -117.53
N ALA PC 173 -2.05 -87.87 -118.77
CA ALA PC 173 -0.72 -88.42 -119.01
C ALA PC 173 0.34 -87.35 -118.75
N SER PC 174 1.57 -87.81 -118.54
CA SER PC 174 2.67 -86.91 -118.21
C SER PC 174 3.98 -87.56 -118.62
N LEU PC 175 5.04 -86.76 -118.59
CA LEU PC 175 6.38 -87.22 -118.97
C LEU PC 175 7.38 -86.21 -118.43
N ARG PC 176 8.34 -86.68 -117.64
CA ARG PC 176 9.35 -85.81 -117.05
C ARG PC 176 10.72 -86.45 -117.21
N GLN PC 177 11.75 -85.76 -116.71
CA GLN PC 177 13.06 -86.37 -116.48
C GLN PC 177 13.70 -85.64 -115.32
N ASN PC 178 14.10 -86.39 -114.29
CA ASN PC 178 14.57 -85.80 -113.05
C ASN PC 178 16.06 -85.49 -113.10
N GLY PC 179 16.46 -84.49 -112.31
CA GLY PC 179 17.85 -84.25 -111.97
C GLY PC 179 18.79 -83.96 -113.12
N ALA PC 180 19.86 -84.73 -113.20
CA ALA PC 180 20.84 -84.59 -114.28
C ALA PC 180 20.52 -85.50 -115.46
N LYS PC 181 19.27 -85.45 -115.92
CA LYS PC 181 18.79 -86.08 -117.16
C LYS PC 181 19.03 -87.59 -117.20
N THR PC 182 18.82 -88.27 -116.07
CA THR PC 182 19.22 -89.66 -115.94
C THR PC 182 18.05 -90.64 -115.91
N ALA PC 183 16.82 -90.18 -115.68
CA ALA PC 183 15.70 -91.10 -115.58
C ALA PC 183 14.40 -90.39 -115.91
N TYR PC 184 13.61 -90.99 -116.78
CA TYR PC 184 12.31 -90.46 -117.13
C TYR PC 184 11.27 -90.93 -116.12
N ARG PC 185 10.06 -90.37 -116.19
CA ARG PC 185 8.99 -90.73 -115.27
C ARG PC 185 7.66 -90.52 -115.99
N VAL PC 186 7.07 -91.61 -116.47
CA VAL PC 186 5.78 -91.57 -117.12
C VAL PC 186 4.70 -91.70 -116.04
N ASN PC 187 3.61 -90.95 -116.18
CA ASN PC 187 2.59 -90.92 -115.13
C ASN PC 187 1.22 -90.78 -115.78
N LEU PC 188 0.53 -91.89 -115.97
CA LEU PC 188 -0.86 -91.90 -116.43
C LEU PC 188 -1.80 -91.89 -115.23
N LYS PC 189 -3.04 -91.49 -115.49
CA LYS PC 189 -4.07 -91.45 -114.45
C LYS PC 189 -5.42 -91.44 -115.13
N LEU PC 190 -6.25 -92.46 -114.87
CA LEU PC 190 -7.56 -92.58 -115.48
C LEU PC 190 -8.62 -92.36 -114.40
N ASP PC 191 -9.39 -91.30 -114.54
CA ASP PC 191 -10.49 -91.00 -113.65
C ASP PC 191 -11.79 -91.57 -114.21
N GLN PC 192 -12.65 -92.04 -113.33
CA GLN PC 192 -13.97 -92.52 -113.74
C GLN PC 192 -14.98 -92.18 -112.66
N ALA PC 193 -15.79 -91.16 -112.91
CA ALA PC 193 -16.83 -90.73 -111.99
C ALA PC 193 -18.15 -91.35 -112.41
N ASP PC 194 -18.90 -91.85 -111.43
CA ASP PC 194 -20.17 -92.51 -111.70
C ASP PC 194 -21.28 -91.49 -111.62
N VAL PC 195 -21.79 -91.08 -112.77
CA VAL PC 195 -22.87 -90.11 -112.87
C VAL PC 195 -24.19 -90.87 -112.90
N VAL PC 196 -25.25 -90.24 -112.41
CA VAL PC 196 -26.58 -90.84 -112.38
C VAL PC 196 -27.61 -89.75 -112.65
N ASP PC 197 -28.68 -90.12 -113.33
CA ASP PC 197 -29.76 -89.19 -113.64
C ASP PC 197 -31.05 -89.68 -112.99
N CYS PC 198 -31.67 -88.81 -112.20
CA CYS PC 198 -32.89 -89.14 -111.49
C CYS PC 198 -34.11 -88.52 -112.17
N SER PC 199 -34.00 -88.24 -113.47
CA SER PC 199 -35.05 -87.55 -114.20
C SER PC 199 -36.30 -88.41 -114.39
N THR PC 200 -36.15 -89.73 -114.41
CA THR PC 200 -37.32 -90.59 -114.53
C THR PC 200 -38.10 -90.65 -113.21
N SER PC 201 -37.41 -90.60 -112.08
CA SER PC 201 -38.03 -90.61 -110.77
C SER PC 201 -38.50 -89.22 -110.35
N VAL PC 202 -37.62 -88.23 -110.40
CA VAL PC 202 -37.95 -86.84 -110.05
C VAL PC 202 -37.76 -85.99 -111.29
N CYS PC 203 -38.85 -85.39 -111.77
CA CYS PC 203 -38.80 -84.62 -113.01
C CYS PC 203 -38.02 -83.33 -112.81
N GLY PC 204 -37.26 -82.95 -113.83
CA GLY PC 204 -36.46 -81.74 -113.77
C GLY PC 204 -35.21 -81.84 -112.94
N GLU PC 205 -34.58 -83.01 -112.90
CA GLU PC 205 -33.33 -83.22 -112.17
C GLU PC 205 -32.18 -83.37 -113.15
N LEU PC 206 -31.13 -82.62 -112.93
CA LEU PC 206 -29.92 -82.70 -113.72
C LEU PC 206 -28.98 -83.74 -113.14
N PRO PC 207 -28.15 -84.38 -113.97
CA PRO PC 207 -27.28 -85.45 -113.46
C PRO PC 207 -26.18 -84.93 -112.54
N LYS PC 208 -25.70 -85.83 -111.68
CA LYS PC 208 -24.68 -85.50 -110.70
C LYS PC 208 -23.85 -86.75 -110.43
N VAL PC 209 -22.67 -86.54 -109.88
CA VAL PC 209 -21.73 -87.63 -109.62
C VAL PC 209 -21.87 -88.09 -108.18
N ARG PC 210 -21.78 -89.41 -107.98
CA ARG PC 210 -21.83 -89.96 -106.63
C ARG PC 210 -20.42 -90.08 -106.04
N TYR PC 211 -19.55 -90.81 -106.72
CA TYR PC 211 -18.19 -91.06 -106.26
C TYR PC 211 -17.25 -90.97 -107.45
N THR PC 212 -15.97 -91.20 -107.20
CA THR PC 212 -14.99 -91.31 -108.27
C THR PC 212 -13.99 -92.40 -107.92
N GLN PC 213 -13.46 -93.05 -108.94
CA GLN PC 213 -12.52 -94.16 -108.78
C GLN PC 213 -11.41 -94.02 -109.81
N VAL PC 214 -10.17 -93.95 -109.33
CA VAL PC 214 -9.03 -93.68 -110.19
C VAL PC 214 -8.19 -94.93 -110.33
N TRP PC 215 -7.30 -94.92 -111.32
CA TRP PC 215 -6.26 -95.94 -111.48
C TRP PC 215 -5.07 -95.24 -112.13
N SER PC 216 -4.15 -94.77 -111.29
CA SER PC 216 -2.98 -94.09 -111.81
C SER PC 216 -1.81 -95.05 -111.93
N HIS PC 217 -0.89 -94.71 -112.84
CA HIS PC 217 0.31 -95.49 -113.08
C HIS PC 217 1.51 -94.61 -112.80
N ASP PC 218 2.65 -95.24 -112.52
CA ASP PC 218 3.87 -94.49 -112.24
C ASP PC 218 5.04 -95.33 -112.75
N VAL PC 219 5.43 -95.09 -113.99
CA VAL PC 219 6.52 -95.82 -114.63
C VAL PC 219 7.81 -95.06 -114.43
N THR PC 220 8.87 -95.77 -114.07
CA THR PC 220 10.20 -95.19 -113.94
C THR PC 220 11.09 -95.82 -115.00
N ILE PC 221 11.69 -95.00 -115.85
CA ILE PC 221 12.51 -95.45 -116.96
C ILE PC 221 13.84 -94.72 -116.87
N VAL PC 222 14.92 -95.47 -116.72
CA VAL PC 222 16.24 -94.85 -116.68
C VAL PC 222 16.73 -94.62 -118.10
N ALA PC 223 17.60 -93.62 -118.26
CA ALA PC 223 17.88 -93.09 -119.59
C ALA PC 223 18.79 -94.00 -120.41
N ASN PC 224 19.75 -94.66 -119.77
CA ASN PC 224 20.71 -95.50 -120.47
C ASN PC 224 20.27 -96.95 -120.55
N SER PC 225 18.97 -97.20 -120.62
CA SER PC 225 18.39 -98.53 -120.65
C SER PC 225 18.72 -99.25 -121.94
N THR PC 226 18.35 -100.53 -121.98
CA THR PC 226 18.25 -101.26 -123.22
C THR PC 226 16.79 -101.20 -123.65
N GLU PC 227 16.55 -101.17 -124.96
CA GLU PC 227 15.18 -101.17 -125.45
C GLU PC 227 14.50 -102.52 -125.20
N ALA PC 228 15.29 -103.59 -125.07
CA ALA PC 228 14.72 -104.89 -124.73
C ALA PC 228 14.30 -104.97 -123.27
N SER PC 229 14.82 -104.10 -122.42
CA SER PC 229 14.40 -104.10 -121.02
C SER PC 229 13.22 -103.17 -120.79
N ARG PC 230 13.06 -102.15 -121.63
CA ARG PC 230 11.85 -101.34 -121.59
C ARG PC 230 10.68 -102.09 -122.20
N LYS PC 231 10.95 -102.92 -123.21
CA LYS PC 231 9.89 -103.71 -123.82
C LYS PC 231 9.42 -104.82 -122.88
N SER PC 232 10.35 -105.45 -122.16
CA SER PC 232 9.97 -106.54 -121.27
C SER PC 232 9.28 -106.03 -120.01
N LEU PC 233 9.58 -104.80 -119.60
CA LEU PC 233 8.85 -104.21 -118.47
C LEU PC 233 7.42 -103.89 -118.85
N TYR PC 234 7.19 -103.42 -120.08
CA TYR PC 234 5.84 -103.18 -120.55
C TYR PC 234 5.09 -104.48 -120.75
N ASP PC 235 5.77 -105.49 -121.28
CA ASP PC 235 5.16 -106.78 -121.57
C ASP PC 235 4.76 -107.54 -120.31
N LEU PC 236 5.44 -107.30 -119.19
CA LEU PC 236 5.05 -107.94 -117.94
C LEU PC 236 3.87 -107.23 -117.31
N THR PC 237 3.84 -105.89 -117.40
CA THR PC 237 2.71 -105.14 -116.85
C THR PC 237 1.46 -105.30 -117.73
N LYS PC 238 1.65 -105.48 -119.04
CA LYS PC 238 0.52 -105.80 -119.91
C LYS PC 238 -0.05 -107.16 -119.57
N SER PC 239 0.80 -108.10 -119.15
CA SER PC 239 0.34 -109.43 -118.77
C SER PC 239 -0.06 -109.51 -117.30
N LEU PC 240 0.38 -108.57 -116.47
CA LEU PC 240 -0.05 -108.57 -115.08
C LEU PC 240 -1.50 -108.13 -114.93
N VAL PC 241 -1.87 -107.03 -115.61
CA VAL PC 241 -3.23 -106.51 -115.53
C VAL PC 241 -4.21 -107.48 -116.21
N ALA PC 242 -3.77 -108.19 -117.23
CA ALA PC 242 -4.64 -109.11 -117.94
C ALA PC 242 -4.94 -110.40 -117.19
N THR PC 243 -4.27 -110.65 -116.07
CA THR PC 243 -4.54 -111.86 -115.30
C THR PC 243 -5.86 -111.75 -114.55
N SER PC 244 -6.41 -112.90 -114.18
CA SER PC 244 -7.64 -112.94 -113.42
C SER PC 244 -7.40 -112.85 -111.92
N GLN PC 245 -6.15 -112.73 -111.48
CA GLN PC 245 -5.88 -112.52 -110.06
C GLN PC 245 -5.96 -111.04 -109.71
N VAL PC 246 -5.49 -110.18 -110.61
CA VAL PC 246 -5.63 -108.74 -110.42
C VAL PC 246 -7.04 -108.28 -110.73
N GLU PC 247 -7.80 -109.06 -111.50
CA GLU PC 247 -9.19 -108.75 -111.75
C GLU PC 247 -10.01 -108.88 -110.47
N ASP PC 248 -9.79 -109.94 -109.71
CA ASP PC 248 -10.47 -110.12 -108.43
C ASP PC 248 -9.91 -109.22 -107.34
N LEU PC 249 -8.70 -108.70 -107.50
CA LEU PC 249 -8.14 -107.80 -106.50
C LEU PC 249 -8.78 -106.43 -106.55
N VAL PC 250 -9.24 -106.01 -107.73
CA VAL PC 250 -9.88 -104.71 -107.86
C VAL PC 250 -11.40 -104.81 -107.75
N VAL PC 251 -11.98 -105.87 -108.31
CA VAL PC 251 -13.44 -106.02 -108.26
C VAL PC 251 -13.88 -106.52 -106.90
N ASN PC 252 -13.27 -107.61 -106.40
CA ASN PC 252 -13.74 -108.26 -105.19
C ASN PC 252 -12.77 -108.19 -104.02
N LEU PC 253 -11.65 -107.47 -104.17
CA LEU PC 253 -10.63 -107.27 -103.12
C LEU PC 253 -10.01 -108.57 -102.62
N VAL PC 254 -9.94 -109.59 -103.48
CA VAL PC 254 -9.31 -110.85 -103.13
C VAL PC 254 -7.80 -110.69 -103.30
N PRO PC 255 -6.99 -111.05 -102.30
CA PRO PC 255 -5.54 -110.87 -102.43
C PRO PC 255 -4.93 -111.82 -103.45
N LEU PC 256 -3.70 -111.49 -103.86
CA LEU PC 256 -3.03 -112.22 -104.92
C LEU PC 256 -2.43 -113.53 -104.37
N GLY PC 257 -2.18 -114.45 -105.28
CA GLY PC 257 -1.53 -115.70 -104.93
C GLY PC 257 -2.47 -116.88 -104.85
N ARG PC 258 -2.19 -117.91 -105.64
CA ARG PC 258 -2.98 -119.14 -105.62
C ARG PC 258 -2.08 -120.37 -105.70
N SER QC 1 52.49 -66.44 -136.52
CA SER QC 1 52.77 -65.03 -136.30
C SER QC 1 54.08 -64.84 -135.54
N LYS QC 2 53.98 -64.69 -134.23
CA LYS QC 2 55.14 -64.47 -133.36
C LYS QC 2 55.56 -65.79 -132.75
N THR QC 3 56.77 -66.23 -133.05
CA THR QC 3 57.21 -67.58 -132.74
C THR QC 3 58.55 -67.59 -132.02
N ILE QC 4 58.76 -68.63 -131.21
CA ILE QC 4 60.07 -69.03 -130.72
C ILE QC 4 60.34 -70.44 -131.23
N VAL QC 5 61.55 -70.69 -131.72
CA VAL QC 5 61.93 -71.98 -132.26
C VAL QC 5 62.92 -72.63 -131.30
N LEU QC 6 62.56 -73.80 -130.78
CA LEU QC 6 63.38 -74.54 -129.84
C LEU QC 6 63.91 -75.78 -130.56
N SER QC 7 65.16 -75.71 -131.02
CA SER QC 7 65.79 -76.83 -131.69
C SER QC 7 66.46 -77.74 -130.67
N VAL QC 8 66.06 -79.01 -130.66
CA VAL QC 8 66.55 -79.97 -129.67
C VAL QC 8 67.41 -81.01 -130.35
N GLY QC 9 68.14 -80.58 -131.39
CA GLY QC 9 68.85 -81.49 -132.26
C GLY QC 9 68.55 -81.14 -133.70
N GLU QC 10 67.88 -82.03 -134.43
CA GLU QC 10 67.37 -81.69 -135.75
C GLU QC 10 65.88 -81.36 -135.75
N ALA QC 11 65.14 -81.83 -134.75
CA ALA QC 11 63.73 -81.49 -134.64
C ALA QC 11 63.58 -80.12 -133.99
N THR QC 12 62.74 -79.27 -134.59
CA THR QC 12 62.48 -77.93 -134.07
C THR QC 12 61.02 -77.85 -133.65
N ARG QC 13 60.79 -77.46 -132.41
CA ARG QC 13 59.44 -77.37 -131.85
C ARG QC 13 59.06 -75.89 -131.80
N THR QC 14 58.29 -75.45 -132.79
CA THR QC 14 57.97 -74.04 -132.95
C THR QC 14 56.77 -73.67 -132.09
N LEU QC 15 56.99 -72.90 -131.04
CA LEU QC 15 55.93 -72.35 -130.23
C LEU QC 15 55.34 -71.12 -130.92
N THR QC 16 54.05 -70.90 -130.75
CA THR QC 16 53.39 -69.72 -131.29
C THR QC 16 52.72 -68.95 -130.17
N GLU QC 17 52.70 -67.63 -130.28
CA GLU QC 17 52.10 -66.77 -129.28
C GLU QC 17 50.58 -66.83 -129.37
N ILE QC 18 49.92 -67.09 -128.25
CA ILE QC 18 48.46 -67.22 -128.22
C ILE QC 18 47.79 -66.14 -127.37
N GLN QC 19 48.54 -65.40 -126.55
CA GLN QC 19 47.94 -64.43 -125.65
C GLN QC 19 49.02 -63.43 -125.25
N SER QC 20 48.64 -62.16 -125.20
CA SER QC 20 49.59 -61.08 -124.88
C SER QC 20 48.86 -60.06 -124.02
N THR QC 21 49.20 -60.02 -122.74
CA THR QC 21 48.68 -59.04 -121.81
C THR QC 21 49.67 -57.86 -121.85
N ALA QC 22 49.60 -56.94 -120.88
CA ALA QC 22 50.56 -55.84 -120.81
C ALA QC 22 51.98 -56.37 -120.57
N ASP QC 23 52.16 -57.20 -119.56
CA ASP QC 23 53.45 -57.80 -119.25
C ASP QC 23 53.51 -59.29 -119.51
N ARG QC 24 52.47 -60.04 -119.15
CA ARG QC 24 52.46 -61.48 -119.35
C ARG QC 24 52.28 -61.81 -120.83
N GLN QC 25 52.86 -62.94 -121.25
CA GLN QC 25 52.95 -63.26 -122.67
C GLN QC 25 53.05 -64.78 -122.80
N ILE QC 26 51.97 -65.40 -123.27
CA ILE QC 26 51.83 -66.86 -123.24
C ILE QC 26 52.04 -67.41 -124.66
N PHE QC 27 52.97 -68.35 -124.79
CA PHE QC 27 53.22 -69.06 -126.04
C PHE QC 27 52.67 -70.48 -125.90
N GLU QC 28 52.51 -71.13 -127.05
CA GLU QC 28 52.00 -72.50 -127.07
C GLU QC 28 52.39 -73.15 -128.39
N GLU QC 29 52.55 -74.47 -128.36
CA GLU QC 29 52.80 -75.24 -129.57
C GLU QC 29 51.49 -75.72 -130.16
N LYS QC 30 51.29 -75.45 -131.44
CA LYS QC 30 50.00 -75.69 -132.09
C LYS QC 30 49.90 -77.05 -132.76
N VAL QC 31 50.68 -78.03 -132.32
CA VAL QC 31 50.64 -79.36 -132.94
C VAL QC 31 49.98 -80.35 -131.99
N GLY QC 32 49.02 -81.11 -132.51
CA GLY QC 32 48.42 -82.19 -131.77
C GLY QC 32 47.07 -81.83 -131.18
N PRO QC 33 46.62 -82.62 -130.19
CA PRO QC 33 45.33 -82.33 -129.53
C PRO QC 33 45.36 -81.07 -128.69
N LEU QC 34 44.22 -80.73 -128.11
CA LEU QC 34 44.06 -79.47 -127.40
C LEU QC 34 44.31 -79.57 -125.91
N VAL QC 35 44.49 -80.77 -125.37
CA VAL QC 35 44.49 -80.94 -123.92
C VAL QC 35 45.88 -80.72 -123.32
N GLY QC 36 46.94 -81.23 -123.94
CA GLY QC 36 48.27 -81.05 -123.40
C GLY QC 36 49.24 -80.56 -124.44
N ARG QC 37 49.76 -79.35 -124.27
CA ARG QC 37 50.68 -78.75 -125.20
C ARG QC 37 51.82 -78.08 -124.43
N LEU QC 38 52.91 -77.82 -125.14
CA LEU QC 38 53.99 -77.02 -124.58
C LEU QC 38 53.51 -75.61 -124.31
N ARG QC 39 53.99 -75.05 -123.20
CA ARG QC 39 53.58 -73.72 -122.77
C ARG QC 39 54.82 -72.95 -122.38
N LEU QC 40 54.77 -71.63 -122.56
CA LEU QC 40 55.89 -70.78 -122.17
C LEU QC 40 55.31 -69.43 -121.77
N THR QC 41 55.35 -69.14 -120.48
CA THR QC 41 54.75 -67.93 -119.93
C THR QC 41 55.87 -66.97 -119.55
N ALA QC 42 56.21 -66.07 -120.47
CA ALA QC 42 57.17 -65.03 -120.18
C ALA QC 42 56.50 -63.88 -119.46
N SER QC 43 57.30 -63.10 -118.73
CA SER QC 43 56.81 -61.94 -118.00
C SER QC 43 57.95 -60.96 -117.83
N LEU QC 44 57.60 -59.73 -117.45
CA LEU QC 44 58.60 -58.69 -117.18
C LEU QC 44 57.92 -57.63 -116.34
N ARG QC 45 58.52 -57.31 -115.19
CA ARG QC 45 57.96 -56.32 -114.28
C ARG QC 45 59.08 -55.37 -113.85
N GLN QC 46 58.72 -54.43 -112.98
CA GLN QC 46 59.73 -53.67 -112.23
C GLN QC 46 59.12 -53.33 -110.88
N ASN QC 47 59.62 -53.98 -109.83
CA ASN QC 47 59.02 -53.88 -108.51
C ASN QC 47 59.69 -52.79 -107.69
N GLY QC 48 58.88 -52.09 -106.91
CA GLY QC 48 59.38 -51.07 -105.99
C GLY QC 48 59.50 -49.71 -106.63
N ALA QC 49 60.61 -49.02 -106.37
CA ALA QC 49 60.80 -47.65 -106.84
C ALA QC 49 61.55 -47.63 -108.18
N LYS QC 50 61.04 -48.43 -109.12
CA LYS QC 50 61.45 -48.42 -110.53
C LYS QC 50 62.94 -48.72 -110.72
N THR QC 51 63.51 -49.55 -109.86
CA THR QC 51 64.96 -49.75 -109.86
C THR QC 51 65.42 -51.15 -110.20
N ALA QC 52 64.53 -52.15 -110.17
CA ALA QC 52 64.93 -53.52 -110.43
C ALA QC 52 63.86 -54.21 -111.25
N TYR QC 53 64.26 -54.77 -112.39
CA TYR QC 53 63.35 -55.53 -113.23
C TYR QC 53 63.31 -56.99 -112.78
N ARG QC 54 62.31 -57.71 -113.27
CA ARG QC 54 62.10 -59.10 -112.84
C ARG QC 54 61.53 -59.88 -114.03
N VAL QC 55 62.40 -60.61 -114.71
CA VAL QC 55 61.99 -61.51 -115.78
C VAL QC 55 61.56 -62.83 -115.15
N ASN QC 56 60.57 -63.48 -115.76
CA ASN QC 56 60.01 -64.70 -115.18
C ASN QC 56 59.53 -65.59 -116.32
N LEU QC 57 60.35 -66.57 -116.70
CA LEU QC 57 59.95 -67.57 -117.67
C LEU QC 57 59.42 -68.81 -116.94
N LYS QC 58 58.59 -69.58 -117.65
CA LYS QC 58 58.02 -70.80 -117.08
C LYS QC 58 57.62 -71.70 -118.26
N LEU QC 59 58.36 -72.78 -118.43
CA LEU QC 59 58.11 -73.72 -119.53
C LEU QC 59 57.40 -74.94 -118.94
N ASP QC 60 56.11 -75.07 -119.24
CA ASP QC 60 55.35 -76.24 -118.85
C ASP QC 60 55.54 -77.36 -119.87
N GLN QC 61 55.36 -78.60 -119.42
CA GLN QC 61 55.37 -79.73 -120.34
C GLN QC 61 54.50 -80.81 -119.75
N ALA QC 62 53.34 -81.04 -120.36
CA ALA QC 62 52.42 -82.07 -119.94
C ALA QC 62 52.64 -83.32 -120.75
N ASP QC 63 52.52 -84.48 -120.09
CA ASP QC 63 52.71 -85.77 -120.75
C ASP QC 63 51.34 -86.33 -121.09
N VAL QC 64 50.91 -86.14 -122.32
CA VAL QC 64 49.60 -86.59 -122.77
C VAL QC 64 49.75 -87.97 -123.38
N VAL QC 65 48.70 -88.78 -123.28
CA VAL QC 65 48.67 -90.11 -123.86
C VAL QC 65 47.27 -90.35 -124.42
N ASP QC 66 47.19 -90.93 -125.61
CA ASP QC 66 45.91 -91.20 -126.28
C ASP QC 66 45.74 -92.70 -126.35
N CYS QC 67 44.86 -93.23 -125.50
CA CYS QC 67 44.64 -94.67 -125.39
C CYS QC 67 43.31 -95.05 -126.03
N SER QC 68 42.95 -94.33 -127.10
CA SER QC 68 41.66 -94.57 -127.75
C SER QC 68 41.66 -95.86 -128.56
N THR QC 69 42.82 -96.37 -128.96
CA THR QC 69 42.86 -97.56 -129.79
C THR QC 69 42.90 -98.82 -128.93
N SER QC 70 43.62 -98.79 -127.81
CA SER QC 70 43.77 -99.98 -126.99
C SER QC 70 42.50 -100.25 -126.18
N VAL QC 71 42.13 -99.34 -125.30
CA VAL QC 71 40.86 -99.41 -124.59
C VAL QC 71 39.84 -98.56 -125.37
N CYS QC 72 38.68 -99.14 -125.63
CA CYS QC 72 37.71 -98.51 -126.51
C CYS QC 72 36.93 -97.44 -125.76
N GLY QC 73 36.87 -96.25 -126.33
CA GLY QC 73 35.97 -95.22 -125.87
C GLY QC 73 36.51 -94.26 -124.85
N GLU QC 74 37.80 -93.91 -124.89
CA GLU QC 74 38.31 -92.88 -124.01
C GLU QC 74 39.23 -91.94 -124.79
N LEU QC 75 39.45 -90.78 -124.19
CA LEU QC 75 40.02 -89.61 -124.84
C LEU QC 75 41.47 -89.40 -124.41
N PRO QC 76 42.25 -88.55 -125.09
CA PRO QC 76 43.57 -88.20 -124.58
C PRO QC 76 43.48 -87.44 -123.26
N LYS QC 77 44.50 -87.63 -122.42
CA LYS QC 77 44.50 -87.09 -121.08
C LYS QC 77 45.94 -86.87 -120.64
N VAL QC 78 46.15 -85.96 -119.70
CA VAL QC 78 47.48 -85.64 -119.23
C VAL QC 78 47.77 -86.46 -117.98
N ARG QC 79 48.95 -87.08 -117.95
CA ARG QC 79 49.32 -87.91 -116.81
C ARG QC 79 50.00 -87.08 -115.73
N TYR QC 80 50.95 -86.24 -116.11
CA TYR QC 80 51.65 -85.38 -115.18
C TYR QC 80 52.13 -84.14 -115.91
N THR QC 81 52.69 -83.21 -115.14
CA THR QC 81 53.20 -81.96 -115.67
C THR QC 81 54.54 -81.65 -115.01
N GLN QC 82 55.54 -81.38 -115.83
CA GLN QC 82 56.88 -81.04 -115.36
C GLN QC 82 57.26 -79.67 -115.87
N VAL QC 83 57.55 -78.75 -114.96
CA VAL QC 83 57.82 -77.37 -115.29
C VAL QC 83 59.31 -77.08 -115.07
N TRP QC 84 59.77 -75.96 -115.62
CA TRP QC 84 61.09 -75.44 -115.34
C TRP QC 84 60.96 -73.92 -115.38
N SER QC 85 60.77 -73.31 -114.22
CA SER QC 85 60.63 -71.87 -114.13
C SER QC 85 61.99 -71.20 -114.16
N HIS QC 86 61.97 -69.89 -114.36
CA HIS QC 86 63.14 -69.03 -114.22
C HIS QC 86 62.71 -67.78 -113.50
N ASP QC 87 63.66 -67.13 -112.83
CA ASP QC 87 63.39 -65.88 -112.11
C ASP QC 87 64.67 -65.05 -112.14
N VAL QC 88 64.77 -64.17 -113.11
CA VAL QC 88 65.94 -63.32 -113.27
C VAL QC 88 65.67 -61.99 -112.61
N THR QC 89 66.62 -61.50 -111.82
CA THR QC 89 66.56 -60.19 -111.20
C THR QC 89 67.62 -59.30 -111.83
N ILE QC 90 67.19 -58.22 -112.45
CA ILE QC 90 68.07 -57.30 -113.15
C ILE QC 90 67.89 -55.92 -112.55
N VAL QC 91 68.99 -55.29 -112.13
CA VAL QC 91 68.94 -53.92 -111.64
C VAL QC 91 69.02 -52.96 -112.82
N ALA QC 92 68.34 -51.82 -112.69
CA ALA QC 92 68.12 -50.94 -113.84
C ALA QC 92 69.37 -50.18 -114.23
N ASN QC 93 70.14 -49.68 -113.26
CA ASN QC 93 71.31 -48.86 -113.54
C ASN QC 93 72.58 -49.68 -113.73
N SER QC 94 72.45 -50.96 -114.06
CA SER QC 94 73.63 -51.80 -114.24
C SER QC 94 74.28 -51.54 -115.59
N THR QC 95 75.45 -52.13 -115.79
CA THR QC 95 76.12 -52.09 -117.07
C THR QC 95 75.69 -53.28 -117.91
N GLU QC 96 75.93 -53.18 -119.22
CA GLU QC 96 75.50 -54.23 -120.13
C GLU QC 96 76.36 -55.48 -119.98
N ALA QC 97 77.65 -55.32 -119.64
CA ALA QC 97 78.53 -56.46 -119.49
C ALA QC 97 78.23 -57.28 -118.25
N SER QC 98 77.52 -56.71 -117.28
CA SER QC 98 77.10 -57.51 -116.13
C SER QC 98 75.91 -58.39 -116.49
N ARG QC 99 74.97 -57.85 -117.26
CA ARG QC 99 73.85 -58.63 -117.77
C ARG QC 99 74.26 -59.67 -118.78
N LYS QC 100 75.26 -59.36 -119.62
CA LYS QC 100 75.73 -60.31 -120.61
C LYS QC 100 76.49 -61.45 -119.96
N SER QC 101 77.26 -61.17 -118.90
CA SER QC 101 78.03 -62.21 -118.24
C SER QC 101 77.13 -63.09 -117.37
N LEU QC 102 76.06 -62.52 -116.83
CA LEU QC 102 75.11 -63.32 -116.06
C LEU QC 102 74.34 -64.28 -116.97
N TYR QC 103 74.00 -63.83 -118.18
CA TYR QC 103 73.37 -64.72 -119.14
C TYR QC 103 74.36 -65.77 -119.64
N ASP QC 104 75.63 -65.39 -119.82
CA ASP QC 104 76.63 -66.32 -120.33
C ASP QC 104 76.98 -67.41 -119.34
N LEU QC 105 76.84 -67.15 -118.03
CA LEU QC 105 77.09 -68.18 -117.05
C LEU QC 105 75.90 -69.14 -116.96
N THR QC 106 74.67 -68.62 -116.98
CA THR QC 106 73.49 -69.47 -116.89
C THR QC 106 73.29 -70.28 -118.18
N LYS QC 107 73.69 -69.74 -119.32
CA LYS QC 107 73.66 -70.52 -120.56
C LYS QC 107 74.64 -71.69 -120.48
N SER QC 108 75.78 -71.48 -119.84
CA SER QC 108 76.76 -72.55 -119.69
C SER QC 108 76.52 -73.40 -118.45
N LEU QC 109 75.72 -72.94 -117.51
CA LEU QC 109 75.37 -73.77 -116.37
C LEU QC 109 74.38 -74.85 -116.78
N VAL QC 110 73.37 -74.49 -117.56
CA VAL QC 110 72.37 -75.46 -118.00
C VAL QC 110 72.99 -76.44 -118.99
N ALA QC 111 73.94 -75.98 -119.81
CA ALA QC 111 74.52 -76.81 -120.85
C ALA QC 111 75.53 -77.82 -120.34
N THR QC 112 75.87 -77.82 -119.05
CA THR QC 112 76.87 -78.76 -118.55
C THR QC 112 76.21 -80.10 -118.24
N SER QC 113 77.06 -81.12 -118.04
CA SER QC 113 76.58 -82.47 -117.82
C SER QC 113 76.25 -82.77 -116.36
N GLN QC 114 76.49 -81.82 -115.45
CA GLN QC 114 76.16 -82.06 -114.06
C GLN QC 114 74.75 -81.60 -113.71
N VAL QC 115 74.25 -80.59 -114.42
CA VAL QC 115 72.85 -80.18 -114.25
C VAL QC 115 71.95 -81.06 -115.09
N GLU QC 116 72.51 -81.73 -116.11
CA GLU QC 116 71.73 -82.72 -116.85
C GLU QC 116 71.38 -83.91 -115.97
N ASP QC 117 72.36 -84.46 -115.25
CA ASP QC 117 72.10 -85.59 -114.38
C ASP QC 117 71.32 -85.20 -113.12
N LEU QC 118 71.24 -83.90 -112.81
CA LEU QC 118 70.49 -83.46 -111.64
C LEU QC 118 68.99 -83.49 -111.89
N VAL QC 119 68.54 -83.27 -113.12
CA VAL QC 119 67.11 -83.25 -113.40
C VAL QC 119 66.67 -84.54 -114.06
N VAL QC 120 67.58 -85.22 -114.75
CA VAL QC 120 67.23 -86.48 -115.39
C VAL QC 120 67.37 -87.63 -114.41
N ASN QC 121 68.50 -87.71 -113.71
CA ASN QC 121 68.81 -88.85 -112.86
C ASN QC 121 68.88 -88.49 -111.37
N LEU QC 122 68.59 -87.24 -111.02
CA LEU QC 122 68.49 -86.74 -109.64
C LEU QC 122 69.80 -86.88 -108.86
N VAL QC 123 70.93 -86.78 -109.54
CA VAL QC 123 72.24 -86.88 -108.91
C VAL QC 123 72.72 -85.47 -108.56
N PRO QC 124 73.16 -85.22 -107.33
CA PRO QC 124 73.54 -83.85 -106.93
C PRO QC 124 74.78 -83.34 -107.64
N LEU QC 125 75.01 -82.04 -107.51
CA LEU QC 125 76.06 -81.35 -108.25
C LEU QC 125 77.42 -81.57 -107.61
N GLY QC 126 78.46 -81.29 -108.40
CA GLY QC 126 79.81 -81.40 -107.91
C GLY QC 126 80.45 -82.75 -108.18
N ARG QC 127 81.64 -82.74 -108.79
CA ARG QC 127 82.39 -83.96 -109.06
C ARG QC 127 83.85 -83.69 -108.73
N ALA QC 128 84.45 -84.59 -107.95
CA ALA QC 128 85.81 -84.40 -107.45
C ALA QC 128 86.81 -85.01 -108.43
N TYR QC 129 87.65 -84.17 -109.02
CA TYR QC 129 88.81 -84.61 -109.80
C TYR QC 129 90.00 -83.77 -109.38
N GLY QC 130 90.84 -84.33 -108.53
CA GLY QC 130 92.04 -83.66 -108.07
C GLY QC 130 91.78 -82.55 -107.06
N GLY QC 131 91.25 -82.91 -105.90
CA GLY QC 131 90.97 -81.94 -104.87
C GLY QC 131 89.56 -82.02 -104.34
N SER QC 132 88.78 -80.96 -104.51
CA SER QC 132 87.39 -80.96 -104.10
C SER QC 132 86.48 -81.11 -105.31
N LYS QC 133 85.18 -80.98 -105.07
CA LYS QC 133 84.17 -81.15 -106.12
C LYS QC 133 83.90 -79.81 -106.79
N THR QC 134 84.04 -79.77 -108.11
CA THR QC 134 83.98 -78.53 -108.86
C THR QC 134 82.99 -78.60 -110.01
N ILE QC 135 82.50 -77.43 -110.41
CA ILE QC 135 81.77 -77.24 -111.67
C ILE QC 135 82.54 -76.23 -112.49
N VAL QC 136 82.77 -76.55 -113.76
CA VAL QC 136 83.42 -75.62 -114.68
C VAL QC 136 82.34 -74.96 -115.52
N LEU QC 137 82.46 -73.65 -115.72
CA LEU QC 137 81.48 -72.85 -116.44
C LEU QC 137 82.22 -72.04 -117.49
N SER QC 138 82.44 -72.63 -118.66
CA SER QC 138 83.14 -71.96 -119.74
C SER QC 138 82.23 -70.93 -120.40
N VAL QC 139 82.73 -69.70 -120.51
CA VAL QC 139 81.96 -68.60 -121.11
C VAL QC 139 82.59 -68.28 -122.46
N GLY QC 140 83.12 -69.30 -123.11
CA GLY QC 140 83.98 -69.15 -124.25
C GLY QC 140 85.19 -70.04 -124.08
N GLU QC 141 86.37 -69.46 -123.94
CA GLU QC 141 87.54 -70.22 -123.54
C GLU QC 141 87.89 -70.05 -122.07
N ALA QC 142 87.45 -68.98 -121.44
CA ALA QC 142 87.69 -68.76 -120.02
C ALA QC 142 86.73 -69.62 -119.20
N THR QC 143 87.28 -70.39 -118.27
CA THR QC 143 86.51 -71.31 -117.44
C THR QC 143 86.51 -70.82 -116.00
N ARG QC 144 85.39 -70.30 -115.55
CA ARG QC 144 85.21 -69.85 -114.17
C ARG QC 144 84.83 -71.06 -113.34
N THR QC 145 85.82 -71.69 -112.71
CA THR QC 145 85.61 -72.92 -111.96
C THR QC 145 85.12 -72.58 -110.56
N LEU QC 146 83.92 -73.04 -110.23
CA LEU QC 146 83.40 -72.93 -108.87
C LEU QC 146 83.80 -74.15 -108.06
N THR QC 147 84.10 -73.93 -106.79
CA THR QC 147 84.43 -75.02 -105.87
C THR QC 147 83.36 -75.10 -104.79
N GLU QC 148 83.04 -76.32 -104.38
CA GLU QC 148 82.01 -76.51 -103.37
C GLU QC 148 82.56 -76.16 -102.00
N ILE QC 149 81.85 -75.29 -101.29
CA ILE QC 149 82.27 -74.88 -99.96
C ILE QC 149 81.38 -75.44 -98.86
N GLN QC 150 80.24 -76.03 -99.20
CA GLN QC 150 79.30 -76.47 -98.17
C GLN QC 150 78.45 -77.59 -98.74
N SER QC 151 78.05 -78.53 -97.88
CA SER QC 151 77.15 -79.61 -98.24
C SER QC 151 76.23 -79.83 -97.03
N THR QC 152 75.03 -79.27 -97.10
CA THR QC 152 74.06 -79.36 -96.02
C THR QC 152 73.26 -80.66 -96.28
N ALA QC 153 72.11 -80.84 -95.63
CA ALA QC 153 71.29 -82.03 -95.85
C ALA QC 153 70.76 -82.09 -97.27
N ASP QC 154 70.19 -80.99 -97.76
CA ASP QC 154 69.75 -80.90 -99.15
C ASP QC 154 70.50 -79.81 -99.91
N ARG QC 155 70.80 -78.70 -99.23
CA ARG QC 155 71.48 -77.56 -99.84
C ARG QC 155 72.92 -77.92 -100.20
N GLN QC 156 73.48 -77.16 -101.14
CA GLN QC 156 74.82 -77.42 -101.66
C GLN QC 156 75.35 -76.12 -102.23
N ILE QC 157 76.22 -75.45 -101.48
CA ILE QC 157 76.66 -74.10 -101.82
C ILE QC 157 78.02 -74.16 -102.50
N PHE QC 158 78.09 -73.65 -103.72
CA PHE QC 158 79.32 -73.52 -104.48
C PHE QC 158 79.75 -72.06 -104.48
N GLU QC 159 81.04 -71.83 -104.74
CA GLU QC 159 81.57 -70.48 -104.71
C GLU QC 159 82.89 -70.44 -105.46
N GLU QC 160 83.11 -69.37 -106.20
CA GLU QC 160 84.41 -69.13 -106.82
C GLU QC 160 85.36 -68.51 -105.81
N LYS QC 161 86.63 -68.91 -105.91
CA LYS QC 161 87.60 -68.60 -104.86
C LYS QC 161 88.51 -67.41 -105.16
N VAL QC 162 88.52 -66.92 -106.39
CA VAL QC 162 89.40 -65.80 -106.72
C VAL QC 162 88.77 -64.49 -106.27
N GLY QC 163 89.61 -63.47 -106.11
CA GLY QC 163 89.15 -62.15 -105.77
C GLY QC 163 88.84 -61.96 -104.30
N PRO QC 164 88.17 -60.87 -103.96
CA PRO QC 164 87.87 -60.58 -102.56
C PRO QC 164 86.76 -61.46 -102.02
N LEU QC 165 86.57 -61.40 -100.70
CA LEU QC 165 85.53 -62.15 -100.03
C LEU QC 165 84.16 -61.48 -100.09
N VAL QC 166 84.08 -60.23 -100.53
CA VAL QC 166 82.84 -59.49 -100.41
C VAL QC 166 81.83 -59.89 -101.49
N GLY QC 167 82.27 -60.06 -102.74
CA GLY QC 167 81.36 -60.47 -103.78
C GLY QC 167 81.96 -61.55 -104.66
N ARG QC 168 81.33 -62.72 -104.68
CA ARG QC 168 81.83 -63.84 -105.45
C ARG QC 168 80.65 -64.55 -106.13
N LEU QC 169 80.98 -65.43 -107.06
CA LEU QC 169 79.97 -66.27 -107.67
C LEU QC 169 79.42 -67.27 -106.66
N ARG QC 170 78.17 -67.70 -106.88
CA ARG QC 170 77.51 -68.57 -105.92
C ARG QC 170 76.59 -69.54 -106.66
N LEU QC 171 76.30 -70.66 -106.00
CA LEU QC 171 75.33 -71.62 -106.51
C LEU QC 171 74.68 -72.32 -105.31
N THR QC 172 73.44 -71.95 -105.02
CA THR QC 172 72.71 -72.57 -103.92
C THR QC 172 71.77 -73.60 -104.55
N ALA QC 173 72.30 -74.79 -104.80
CA ALA QC 173 71.47 -75.88 -105.30
C ALA QC 173 70.65 -76.48 -104.17
N SER QC 174 69.60 -77.21 -104.54
CA SER QC 174 68.74 -77.86 -103.57
C SER QC 174 68.08 -79.06 -104.23
N LEU QC 175 67.41 -79.87 -103.40
CA LEU QC 175 66.69 -81.05 -103.86
C LEU QC 175 65.75 -81.47 -102.76
N ARG QC 176 64.47 -81.59 -103.07
CA ARG QC 176 63.46 -81.92 -102.08
C ARG QC 176 62.53 -82.98 -102.65
N GLN QC 177 61.56 -83.39 -101.84
CA GLN QC 177 60.39 -84.11 -102.34
C GLN QC 177 59.23 -83.79 -101.42
N ASN QC 178 58.25 -83.05 -101.94
CA ASN QC 178 57.14 -82.54 -101.14
C ASN QC 178 56.01 -83.54 -101.09
N GLY QC 179 55.41 -83.67 -99.91
CA GLY QC 179 54.23 -84.49 -99.73
C GLY QC 179 54.54 -85.96 -99.56
N ALA QC 180 53.77 -86.81 -100.24
CA ALA QC 180 53.91 -88.26 -100.10
C ALA QC 180 54.85 -88.86 -101.15
N LYS QC 181 56.06 -88.28 -101.23
CA LYS QC 181 57.14 -88.74 -102.11
C LYS QC 181 56.73 -88.80 -103.58
N THR QC 182 55.89 -87.87 -104.02
CA THR QC 182 55.33 -87.92 -105.36
C THR QC 182 55.95 -86.94 -106.33
N ALA QC 183 56.66 -85.93 -105.86
CA ALA QC 183 57.21 -84.92 -106.76
C ALA QC 183 58.46 -84.31 -106.16
N TYR QC 184 59.54 -84.31 -106.92
CA TYR QC 184 60.78 -83.69 -106.51
C TYR QC 184 60.75 -82.20 -106.84
N ARG QC 185 61.75 -81.47 -106.35
CA ARG QC 185 61.83 -80.03 -106.61
C ARG QC 185 63.30 -79.62 -106.58
N VAL QC 186 63.86 -79.41 -107.75
CA VAL QC 186 65.23 -78.91 -107.86
C VAL QC 186 65.19 -77.39 -107.89
N ASN QC 187 66.18 -76.75 -107.28
CA ASN QC 187 66.15 -75.30 -107.12
C ASN QC 187 67.59 -74.79 -107.15
N LEU QC 188 68.04 -74.31 -108.31
CA LEU QC 188 69.33 -73.66 -108.43
C LEU QC 188 69.17 -72.15 -108.29
N LYS QC 189 70.28 -71.49 -107.97
CA LYS QC 189 70.27 -70.04 -107.79
C LYS QC 189 71.69 -69.53 -107.96
N LEU QC 190 71.93 -68.72 -108.97
CA LEU QC 190 73.25 -68.19 -109.26
C LEU QC 190 73.26 -66.69 -108.98
N ASP QC 191 73.95 -66.31 -107.92
CA ASP QC 191 74.16 -64.90 -107.61
C ASP QC 191 75.39 -64.40 -108.34
N GLN QC 192 75.39 -63.10 -108.66
CA GLN QC 192 76.55 -62.47 -109.26
C GLN QC 192 76.58 -61.02 -108.82
N ALA QC 193 77.37 -60.73 -107.79
CA ALA QC 193 77.53 -59.38 -107.29
C ALA QC 193 78.67 -58.70 -108.05
N ASP QC 194 78.46 -57.43 -108.38
CA ASP QC 194 79.43 -56.66 -109.15
C ASP QC 194 80.33 -55.91 -108.17
N VAL QC 195 81.57 -56.36 -108.04
CA VAL QC 195 82.53 -55.72 -107.15
C VAL QC 195 83.40 -54.79 -107.98
N VAL QC 196 83.81 -53.68 -107.38
CA VAL QC 196 84.66 -52.70 -108.05
C VAL QC 196 85.66 -52.18 -107.03
N ASP QC 197 86.84 -51.77 -107.51
CA ASP QC 197 87.89 -51.24 -106.66
C ASP QC 197 88.28 -49.86 -107.15
N CYS QC 198 88.40 -48.92 -106.22
CA CYS QC 198 88.74 -47.54 -106.53
C CYS QC 198 90.17 -47.22 -106.11
N SER QC 199 91.03 -48.24 -106.11
CA SER QC 199 92.40 -48.09 -105.60
C SER QC 199 93.28 -47.23 -106.50
N THR QC 200 93.00 -47.21 -107.81
CA THR QC 200 93.75 -46.33 -108.70
C THR QC 200 93.21 -44.90 -108.64
N SER QC 201 91.97 -44.74 -108.17
CA SER QC 201 91.37 -43.43 -108.00
C SER QC 201 91.56 -42.86 -106.60
N VAL QC 202 91.20 -43.64 -105.57
CA VAL QC 202 91.40 -43.26 -104.18
C VAL QC 202 92.37 -44.25 -103.55
N CYS QC 203 93.48 -43.75 -103.05
CA CYS QC 203 94.48 -44.61 -102.43
C CYS QC 203 93.97 -45.17 -101.12
N GLY QC 204 94.31 -46.43 -100.86
CA GLY QC 204 93.87 -47.09 -99.63
C GLY QC 204 92.41 -47.41 -99.57
N GLU QC 205 91.79 -47.72 -100.72
CA GLU QC 205 90.37 -47.99 -100.80
C GLU QC 205 90.16 -49.49 -101.04
N LEU QC 206 89.32 -50.11 -100.22
CA LEU QC 206 89.03 -51.52 -100.33
C LEU QC 206 87.83 -51.74 -101.25
N PRO QC 207 87.75 -52.91 -101.90
CA PRO QC 207 86.64 -53.16 -102.82
C PRO QC 207 85.30 -53.31 -102.11
N LYS QC 208 84.23 -53.06 -102.86
CA LYS QC 208 82.88 -53.15 -102.35
C LYS QC 208 81.94 -53.49 -103.50
N VAL QC 209 80.74 -53.93 -103.15
CA VAL QC 209 79.73 -54.30 -104.13
C VAL QC 209 78.76 -53.15 -104.31
N ARG QC 210 78.21 -53.03 -105.53
CA ARG QC 210 77.24 -51.98 -105.82
C ARG QC 210 75.83 -52.56 -105.97
N TYR QC 211 75.69 -53.64 -106.72
CA TYR QC 211 74.42 -54.33 -106.85
C TYR QC 211 74.66 -55.84 -106.91
N THR QC 212 73.58 -56.60 -107.11
CA THR QC 212 73.67 -58.02 -107.35
C THR QC 212 72.56 -58.43 -108.32
N GLN QC 213 72.80 -59.50 -109.06
CA GLN QC 213 71.88 -59.96 -110.08
C GLN QC 213 71.76 -61.47 -110.02
N VAL QC 214 70.53 -61.95 -109.84
CA VAL QC 214 70.25 -63.34 -109.53
C VAL QC 214 69.54 -63.98 -110.73
N TRP QC 215 69.89 -65.24 -111.01
CA TRP QC 215 69.13 -66.06 -111.96
C TRP QC 215 68.78 -67.36 -111.24
N SER QC 216 67.55 -67.45 -110.76
CA SER QC 216 67.08 -68.63 -110.08
C SER QC 216 66.48 -69.63 -111.07
N HIS QC 217 66.36 -70.88 -110.61
CA HIS QC 217 65.68 -71.92 -111.35
C HIS QC 217 64.74 -72.64 -110.39
N ASP QC 218 63.68 -73.23 -110.94
CA ASP QC 218 62.73 -73.97 -110.11
C ASP QC 218 62.16 -75.10 -110.97
N VAL QC 219 62.77 -76.27 -110.88
CA VAL QC 219 62.37 -77.42 -111.67
C VAL QC 219 61.48 -78.31 -110.82
N THR QC 220 60.36 -78.74 -111.40
CA THR QC 220 59.43 -79.65 -110.74
C THR QC 220 59.45 -80.97 -111.50
N ILE QC 221 59.74 -82.06 -110.80
CA ILE QC 221 59.88 -83.38 -111.39
C ILE QC 221 58.99 -84.33 -110.61
N VAL QC 222 58.02 -84.94 -111.28
CA VAL QC 222 57.17 -85.91 -110.61
C VAL QC 222 57.90 -87.25 -110.53
N ALA QC 223 57.49 -88.08 -109.58
CA ALA QC 223 58.30 -89.24 -109.21
C ALA QC 223 58.17 -90.39 -110.20
N ASN QC 224 56.95 -90.66 -110.66
CA ASN QC 224 56.70 -91.81 -111.53
C ASN QC 224 56.80 -91.46 -113.01
N SER QC 225 57.57 -90.43 -113.36
CA SER QC 225 57.68 -90.01 -114.74
C SER QC 225 58.58 -90.94 -115.54
N THR QC 226 58.54 -90.77 -116.86
CA THR QC 226 59.44 -91.44 -117.76
C THR QC 226 60.76 -90.70 -117.78
N GLU QC 227 61.86 -91.43 -117.92
CA GLU QC 227 63.17 -90.78 -118.07
C GLU QC 227 63.26 -90.03 -119.40
N ALA QC 228 62.50 -90.46 -120.41
CA ALA QC 228 62.48 -89.74 -121.68
C ALA QC 228 61.73 -88.42 -121.58
N SER QC 229 60.88 -88.24 -120.57
CA SER QC 229 60.19 -86.96 -120.41
C SER QC 229 61.01 -86.00 -119.55
N ARG QC 230 61.85 -86.53 -118.66
CA ARG QC 230 62.79 -85.68 -117.96
C ARG QC 230 63.92 -85.23 -118.87
N LYS QC 231 64.27 -86.05 -119.85
CA LYS QC 231 65.31 -85.68 -120.80
C LYS QC 231 64.83 -84.58 -121.74
N SER QC 232 63.58 -84.68 -122.20
CA SER QC 232 63.06 -83.67 -123.13
C SER QC 232 62.77 -82.36 -122.43
N LEU QC 233 62.48 -82.39 -121.13
CA LEU QC 233 62.31 -81.15 -120.39
C LEU QC 233 63.63 -80.42 -120.23
N TYR QC 234 64.72 -81.16 -120.01
CA TYR QC 234 66.03 -80.55 -119.93
C TYR QC 234 66.49 -80.04 -121.28
N ASP QC 235 66.24 -80.83 -122.34
CA ASP QC 235 66.63 -80.45 -123.69
C ASP QC 235 65.89 -79.22 -124.22
N LEU QC 236 64.66 -79.00 -123.78
CA LEU QC 236 63.94 -77.81 -124.21
C LEU QC 236 64.40 -76.58 -123.45
N THR QC 237 64.76 -76.73 -122.17
CA THR QC 237 65.27 -75.60 -121.41
C THR QC 237 66.70 -75.28 -121.76
N LYS QC 238 67.50 -76.29 -122.12
CA LYS QC 238 68.85 -76.04 -122.62
C LYS QC 238 68.81 -75.32 -123.95
N SER QC 239 67.79 -75.61 -124.77
CA SER QC 239 67.64 -74.93 -126.05
C SER QC 239 66.90 -73.61 -125.93
N LEU QC 240 66.18 -73.40 -124.83
CA LEU QC 240 65.50 -72.12 -124.65
C LEU QC 240 66.48 -71.02 -124.28
N VAL QC 241 67.36 -71.30 -123.32
CA VAL QC 241 68.34 -70.31 -122.86
C VAL QC 241 69.35 -70.01 -123.96
N ALA QC 242 69.65 -70.98 -124.83
CA ALA QC 242 70.63 -70.78 -125.89
C ALA QC 242 70.09 -69.97 -127.06
N THR QC 243 68.81 -69.60 -127.06
CA THR QC 243 68.27 -68.81 -128.16
C THR QC 243 68.66 -67.35 -128.01
N SER QC 244 68.57 -66.62 -129.12
CA SER QC 244 68.88 -65.20 -129.13
C SER QC 244 67.69 -64.34 -128.70
N GLN QC 245 66.54 -64.95 -128.44
CA GLN QC 245 65.40 -64.18 -127.96
C GLN QC 245 65.46 -64.01 -126.45
N VAL QC 246 65.90 -65.05 -125.74
CA VAL QC 246 66.10 -64.94 -124.29
C VAL QC 246 67.39 -64.19 -123.98
N GLU QC 247 68.32 -64.13 -124.93
CA GLU QC 247 69.51 -63.31 -124.75
C GLU QC 247 69.15 -61.84 -124.68
N ASP QC 248 68.33 -61.37 -125.63
CA ASP QC 248 67.91 -59.98 -125.64
C ASP QC 248 66.86 -59.68 -124.56
N LEU QC 249 66.19 -60.69 -124.04
CA LEU QC 249 65.22 -60.46 -122.97
C LEU QC 249 65.91 -60.14 -121.66
N VAL QC 250 67.10 -60.68 -121.43
CA VAL QC 250 67.83 -60.40 -120.20
C VAL QC 250 68.78 -59.23 -120.39
N VAL QC 251 69.46 -59.16 -121.54
CA VAL QC 251 70.43 -58.09 -121.77
C VAL QC 251 69.73 -56.77 -122.08
N ASN QC 252 68.78 -56.78 -123.02
CA ASN QC 252 68.17 -55.55 -123.50
C ASN QC 252 66.68 -55.42 -123.21
N LEU QC 253 66.08 -56.36 -122.46
CA LEU QC 253 64.67 -56.36 -122.05
C LEU QC 253 63.71 -56.38 -123.24
N VAL QC 254 64.12 -56.94 -124.36
CA VAL QC 254 63.25 -57.07 -125.53
C VAL QC 254 62.32 -58.26 -125.31
N PRO QC 255 61.01 -58.10 -125.48
CA PRO QC 255 60.09 -59.22 -125.24
C PRO QC 255 60.23 -60.33 -126.28
N LEU QC 256 59.71 -61.50 -125.93
CA LEU QC 256 59.85 -62.67 -126.79
C LEU QC 256 58.86 -62.62 -127.94
N GLY QC 257 59.18 -63.37 -128.99
CA GLY QC 257 58.28 -63.47 -130.13
C GLY QC 257 58.75 -62.71 -131.35
N ARG QC 258 59.05 -63.44 -132.43
CA ARG QC 258 59.48 -62.81 -133.67
C ARG QC 258 58.71 -63.38 -134.86
N SER RC 1 6.02 -84.66 -136.38
CA SER RC 1 5.07 -83.56 -136.35
C SER RC 1 5.75 -82.25 -136.77
N LYS RC 2 6.23 -81.51 -135.78
CA LYS RC 2 6.89 -80.22 -136.01
C LYS RC 2 8.39 -80.42 -136.01
N THR RC 3 9.02 -80.10 -137.13
CA THR RC 3 10.41 -80.46 -137.37
C THR RC 3 11.24 -79.29 -137.88
N ILE RC 4 12.53 -79.33 -137.57
CA ILE RC 4 13.55 -78.54 -138.25
C ILE RC 4 14.53 -79.49 -138.90
N VAL RC 5 14.87 -79.24 -140.16
CA VAL RC 5 15.78 -80.08 -140.91
C VAL RC 5 17.09 -79.34 -141.07
N LEU RC 6 18.17 -79.92 -140.54
CA LEU RC 6 19.50 -79.33 -140.60
C LEU RC 6 20.32 -80.13 -141.61
N SER RC 7 20.49 -79.58 -142.80
CA SER RC 7 21.26 -80.24 -143.84
C SER RC 7 22.75 -79.97 -143.64
N VAL RC 8 23.55 -81.03 -143.57
CA VAL RC 8 24.96 -80.94 -143.25
C VAL RC 8 25.70 -81.37 -144.52
N GLY RC 9 25.13 -81.02 -145.67
CA GLY RC 9 25.62 -81.49 -146.94
C GLY RC 9 24.52 -82.22 -147.67
N GLU RC 10 24.67 -83.54 -147.81
CA GLU RC 10 23.59 -84.38 -148.30
C GLU RC 10 22.88 -85.13 -147.18
N ALA RC 11 23.49 -85.22 -146.00
CA ALA RC 11 22.85 -85.87 -144.86
C ALA RC 11 22.05 -84.84 -144.08
N THR RC 12 20.79 -85.17 -143.77
CA THR RC 12 19.89 -84.29 -143.04
C THR RC 12 19.61 -84.88 -141.68
N ARG RC 13 19.75 -84.08 -140.63
CA ARG RC 13 19.47 -84.49 -139.26
C ARG RC 13 18.18 -83.82 -138.82
N THR RC 14 17.08 -84.57 -138.85
CA THR RC 14 15.75 -84.02 -138.60
C THR RC 14 15.44 -84.07 -137.11
N LEU RC 15 15.37 -82.89 -136.48
CA LEU RC 15 14.94 -82.81 -135.09
C LEU RC 15 13.42 -82.70 -135.05
N THR RC 16 12.83 -83.23 -133.97
CA THR RC 16 11.39 -83.15 -133.77
C THR RC 16 11.11 -82.48 -132.44
N GLU RC 17 9.96 -81.81 -132.36
CA GLU RC 17 9.59 -81.10 -131.15
C GLU RC 17 9.06 -82.06 -130.11
N ILE RC 18 9.58 -81.96 -128.89
CA ILE RC 18 9.19 -82.86 -127.80
C ILE RC 18 8.51 -82.13 -126.65
N GLN RC 19 8.58 -80.80 -126.59
CA GLN RC 19 8.05 -80.06 -125.46
C GLN RC 19 7.79 -78.63 -125.91
N SER RC 20 6.67 -78.06 -125.45
CA SER RC 20 6.30 -76.71 -125.85
C SER RC 20 5.62 -76.03 -124.67
N THR RC 21 6.33 -75.11 -124.03
CA THR RC 21 5.79 -74.29 -122.96
C THR RC 21 5.21 -73.03 -123.64
N ALA RC 22 4.90 -71.98 -122.88
CA ALA RC 22 4.44 -70.72 -123.45
C ALA RC 22 5.49 -70.10 -124.35
N ASP RC 23 6.71 -69.95 -123.85
CA ASP RC 23 7.83 -69.39 -124.59
C ASP RC 23 8.88 -70.41 -124.96
N ARG RC 24 9.29 -71.25 -124.01
CA ARG RC 24 10.32 -72.24 -124.26
C ARG RC 24 9.80 -73.36 -125.15
N GLN RC 25 10.69 -73.89 -125.99
CA GLN RC 25 10.27 -74.82 -127.03
C GLN RC 25 11.47 -75.72 -127.34
N ILE RC 26 11.38 -76.99 -126.95
CA ILE RC 26 12.50 -77.93 -126.99
C ILE RC 26 12.33 -78.90 -128.14
N PHE RC 27 13.33 -78.97 -129.01
CA PHE RC 27 13.40 -79.94 -130.09
C PHE RC 27 14.40 -81.02 -129.73
N GLU RC 28 14.31 -82.15 -130.43
CA GLU RC 28 15.20 -83.28 -130.18
C GLU RC 28 15.21 -84.19 -131.39
N GLU RC 29 16.34 -84.87 -131.59
CA GLU RC 29 16.46 -85.84 -132.66
C GLU RC 29 16.15 -87.23 -132.14
N LYS RC 30 15.20 -87.91 -132.78
CA LYS RC 30 14.68 -89.18 -132.29
C LYS RC 30 15.42 -90.40 -132.82
N VAL RC 31 16.69 -90.27 -133.15
CA VAL RC 31 17.45 -91.40 -133.69
C VAL RC 31 18.48 -91.86 -132.67
N GLY RC 32 18.44 -93.15 -132.33
CA GLY RC 32 19.45 -93.74 -131.50
C GLY RC 32 18.99 -93.98 -130.07
N PRO RC 33 19.94 -94.14 -129.15
CA PRO RC 33 19.59 -94.34 -127.74
C PRO RC 33 19.00 -93.11 -127.08
N LEU RC 34 18.57 -93.26 -125.84
CA LEU RC 34 17.85 -92.20 -125.13
C LEU RC 34 18.76 -91.25 -124.37
N VAL RC 35 20.01 -91.60 -124.14
CA VAL RC 35 20.83 -90.87 -123.19
C VAL RC 35 21.41 -89.59 -123.80
N GLY RC 36 21.91 -89.63 -125.03
CA GLY RC 36 22.49 -88.43 -125.62
C GLY RC 36 21.95 -88.17 -127.01
N ARG RC 37 21.25 -87.06 -127.18
CA ARG RC 37 20.65 -86.71 -128.46
C ARG RC 37 20.89 -85.23 -128.72
N LEU RC 38 20.70 -84.84 -129.98
CA LEU RC 38 20.70 -83.42 -130.33
C LEU RC 38 19.55 -82.71 -129.65
N ARG RC 39 19.81 -81.50 -129.19
CA ARG RC 39 18.85 -80.73 -128.44
C ARG RC 39 18.86 -79.31 -128.97
N LEU RC 40 17.69 -78.69 -129.02
CA LEU RC 40 17.59 -77.32 -129.52
C LEU RC 40 16.48 -76.64 -128.71
N THR RC 41 16.89 -75.71 -127.86
CA THR RC 41 15.97 -75.05 -126.93
C THR RC 41 15.77 -73.61 -127.39
N ALA RC 42 14.75 -73.40 -128.21
CA ALA RC 42 14.40 -72.05 -128.61
C ALA RC 42 13.62 -71.35 -127.51
N SER RC 43 13.58 -70.03 -127.59
CA SER RC 43 12.86 -69.21 -126.62
C SER RC 43 12.54 -67.87 -127.27
N LEU RC 44 11.62 -67.14 -126.65
CA LEU RC 44 11.24 -65.81 -127.09
C LEU RC 44 10.56 -65.10 -125.93
N ARG RC 45 11.12 -63.97 -125.53
CA ARG RC 45 10.58 -63.18 -124.42
C ARG RC 45 10.38 -61.75 -124.88
N GLN RC 46 9.97 -60.89 -123.95
CA GLN RC 46 10.07 -59.44 -124.16
C GLN RC 46 10.29 -58.80 -122.79
N ASN RC 47 11.46 -58.20 -122.60
CA ASN RC 47 11.87 -57.67 -121.32
C ASN RC 47 11.50 -56.20 -121.20
N GLY RC 48 11.13 -55.81 -119.98
CA GLY RC 48 10.87 -54.42 -119.67
C GLY RC 48 9.45 -53.98 -119.99
N ALA RC 49 9.32 -52.78 -120.54
CA ALA RC 49 8.01 -52.21 -120.85
C ALA RC 49 7.60 -52.51 -122.30
N LYS RC 50 7.66 -53.81 -122.63
CA LYS RC 50 7.18 -54.37 -123.90
C LYS RC 50 7.88 -53.75 -125.11
N THR RC 51 9.17 -53.39 -124.96
CA THR RC 51 9.86 -52.64 -125.99
C THR RC 51 10.96 -53.42 -126.70
N ALA RC 52 11.43 -54.53 -126.15
CA ALA RC 52 12.54 -55.27 -126.74
C ALA RC 52 12.33 -56.75 -126.53
N TYR RC 53 12.34 -57.50 -127.63
CA TYR RC 53 12.23 -58.94 -127.58
C TYR RC 53 13.61 -59.57 -127.37
N ARG RC 54 13.62 -60.88 -127.12
CA ARG RC 54 14.87 -61.58 -126.81
C ARG RC 54 14.72 -63.03 -127.28
N VAL RC 55 15.32 -63.34 -128.41
CA VAL RC 55 15.40 -64.71 -128.90
C VAL RC 55 16.61 -65.37 -128.28
N ASN RC 56 16.49 -66.67 -127.97
CA ASN RC 56 17.55 -67.37 -127.25
C ASN RC 56 17.56 -68.82 -127.72
N LEU RC 57 18.39 -69.13 -128.70
CA LEU RC 57 18.59 -70.49 -129.16
C LEU RC 57 19.76 -71.13 -128.41
N LYS RC 58 19.76 -72.46 -128.37
CA LYS RC 58 20.80 -73.21 -127.68
C LYS RC 58 20.83 -74.61 -128.27
N LEU RC 59 21.90 -74.94 -128.98
CA LEU RC 59 22.05 -76.25 -129.62
C LEU RC 59 23.04 -77.07 -128.82
N ASP RC 60 22.54 -78.07 -128.10
CA ASP RC 60 23.40 -78.98 -127.37
C ASP RC 60 23.85 -80.10 -128.30
N GLN RC 61 24.99 -80.71 -127.96
CA GLN RC 61 25.46 -81.88 -128.68
C GLN RC 61 26.30 -82.73 -127.73
N ALA RC 62 25.78 -83.89 -127.38
CA ALA RC 62 26.49 -84.81 -126.49
C ALA RC 62 27.22 -85.85 -127.32
N ASP RC 63 28.41 -86.22 -126.86
CA ASP RC 63 29.22 -87.23 -127.55
C ASP RC 63 29.01 -88.55 -126.82
N VAL RC 64 28.07 -89.32 -127.28
CA VAL RC 64 27.74 -90.61 -126.67
C VAL RC 64 28.60 -91.69 -127.33
N VAL RC 65 28.93 -92.71 -126.55
CA VAL RC 65 29.73 -93.83 -127.04
C VAL RC 65 29.21 -95.11 -126.39
N ASP RC 66 29.03 -96.15 -127.20
CA ASP RC 66 28.51 -97.42 -126.74
C ASP RC 66 29.64 -98.45 -126.81
N CYS RC 67 30.13 -98.85 -125.63
CA CYS RC 67 31.26 -99.77 -125.53
C CYS RC 67 30.79 -101.11 -125.01
N SER RC 68 29.59 -101.52 -125.41
CA SER RC 68 29.02 -102.78 -124.93
C SER RC 68 29.68 -103.99 -125.59
N THR RC 69 30.27 -103.82 -126.76
CA THR RC 69 30.89 -104.95 -127.45
C THR RC 69 32.32 -105.17 -127.00
N SER RC 70 33.05 -104.09 -126.72
CA SER RC 70 34.45 -104.21 -126.36
C SER RC 70 34.60 -104.69 -124.92
N VAL RC 71 34.16 -103.89 -123.96
CA VAL RC 71 34.11 -104.31 -122.56
C VAL RC 71 32.70 -104.83 -122.29
N CYS RC 72 32.62 -105.97 -121.61
CA CYS RC 72 31.33 -106.63 -121.42
C CYS RC 72 30.56 -105.98 -120.30
N GLY RC 73 29.27 -105.73 -120.54
CA GLY RC 73 28.34 -105.38 -119.50
C GLY RC 73 28.24 -103.91 -119.12
N GLU RC 74 28.45 -103.00 -120.05
CA GLU RC 74 28.20 -101.60 -119.77
C GLU RC 74 27.40 -100.96 -120.89
N LEU RC 75 26.84 -99.79 -120.58
CA LEU RC 75 25.80 -99.13 -121.36
C LEU RC 75 26.38 -97.92 -122.09
N PRO RC 76 25.67 -97.36 -123.06
CA PRO RC 76 26.13 -96.08 -123.65
C PRO RC 76 26.09 -94.95 -122.63
N LYS RC 77 27.04 -94.04 -122.77
CA LYS RC 77 27.24 -92.96 -121.80
C LYS RC 77 27.70 -91.72 -122.52
N VAL RC 78 27.46 -90.57 -121.92
CA VAL RC 78 27.83 -89.28 -122.50
C VAL RC 78 29.21 -88.91 -121.99
N ARG RC 79 30.15 -88.74 -122.93
CA ARG RC 79 31.49 -88.26 -122.57
C ARG RC 79 31.45 -86.80 -122.17
N TYR RC 80 31.01 -85.93 -123.08
CA TYR RC 80 30.97 -84.50 -122.87
C TYR RC 80 29.84 -83.89 -123.68
N THR RC 81 29.54 -82.63 -123.42
CA THR RC 81 28.57 -81.87 -124.19
C THR RC 81 29.22 -80.57 -124.67
N GLN RC 82 28.93 -80.19 -125.90
CA GLN RC 82 29.39 -78.93 -126.47
C GLN RC 82 28.19 -78.16 -127.00
N VAL RC 83 28.02 -76.93 -126.52
CA VAL RC 83 26.85 -76.14 -126.86
C VAL RC 83 27.27 -75.01 -127.80
N TRP RC 84 26.27 -74.38 -128.42
CA TRP RC 84 26.46 -73.15 -129.17
C TRP RC 84 25.18 -72.35 -128.98
N SER RC 85 25.18 -71.45 -128.02
CA SER RC 85 24.02 -70.64 -127.73
C SER RC 85 23.97 -69.42 -128.65
N HIS RC 86 22.79 -68.82 -128.71
CA HIS RC 86 22.59 -67.54 -129.38
C HIS RC 86 21.75 -66.67 -128.47
N ASP RC 87 21.91 -65.36 -128.60
CA ASP RC 87 21.12 -64.41 -127.81
C ASP RC 87 20.90 -63.16 -128.65
N VAL RC 88 19.77 -63.11 -129.33
CA VAL RC 88 19.43 -62.00 -130.19
C VAL RC 88 18.57 -61.01 -129.42
N THR RC 89 18.91 -59.73 -129.51
CA THR RC 89 18.12 -58.66 -128.91
C THR RC 89 17.48 -57.86 -130.02
N ILE RC 90 16.16 -57.84 -130.06
CA ILE RC 90 15.40 -57.17 -131.11
C ILE RC 90 14.48 -56.16 -130.43
N VAL RC 91 14.60 -54.89 -130.80
CA VAL RC 91 13.70 -53.87 -130.30
C VAL RC 91 12.44 -53.84 -131.15
N ALA RC 92 11.31 -53.52 -130.51
CA ALA RC 92 10.00 -53.80 -131.09
C ALA RC 92 9.65 -52.88 -132.24
N ASN RC 93 10.05 -51.61 -132.18
CA ASN RC 93 9.68 -50.64 -133.20
C ASN RC 93 10.70 -50.54 -134.33
N SER RC 94 11.40 -51.63 -134.62
CA SER RC 94 12.40 -51.65 -135.69
C SER RC 94 11.72 -51.57 -137.05
N THR RC 95 12.55 -51.33 -138.07
CA THR RC 95 12.16 -51.58 -139.44
C THR RC 95 12.56 -53.00 -139.81
N GLU RC 96 11.97 -53.51 -140.88
CA GLU RC 96 12.24 -54.90 -141.25
C GLU RC 96 13.64 -55.06 -141.83
N ALA RC 97 14.17 -54.03 -142.47
CA ALA RC 97 15.52 -54.10 -143.00
C ALA RC 97 16.58 -54.06 -141.90
N SER RC 98 16.24 -53.57 -140.71
CA SER RC 98 17.17 -53.64 -139.59
C SER RC 98 17.30 -55.06 -139.08
N ARG RC 99 16.18 -55.79 -139.01
CA ARG RC 99 16.19 -57.18 -138.58
C ARG RC 99 16.71 -58.11 -139.66
N LYS RC 100 16.46 -57.81 -140.93
CA LYS RC 100 16.92 -58.68 -142.01
C LYS RC 100 18.43 -58.56 -142.21
N SER RC 101 18.98 -57.35 -142.10
CA SER RC 101 20.41 -57.17 -142.30
C SER RC 101 21.22 -57.70 -141.14
N LEU RC 102 20.65 -57.66 -139.92
CA LEU RC 102 21.32 -58.27 -138.78
C LEU RC 102 21.37 -59.78 -138.91
N TYR RC 103 20.31 -60.38 -139.44
CA TYR RC 103 20.33 -61.81 -139.72
C TYR RC 103 21.27 -62.13 -140.87
N ASP RC 104 21.29 -61.27 -141.91
CA ASP RC 104 22.11 -61.52 -143.08
C ASP RC 104 23.60 -61.39 -142.78
N LEU RC 105 23.98 -60.62 -141.76
CA LEU RC 105 25.38 -60.53 -141.38
C LEU RC 105 25.80 -61.72 -140.52
N THR RC 106 24.93 -62.15 -139.60
CA THR RC 106 25.26 -63.26 -138.73
C THR RC 106 25.21 -64.58 -139.49
N LYS RC 107 24.36 -64.68 -140.53
CA LYS RC 107 24.39 -65.84 -141.40
C LYS RC 107 25.70 -65.91 -142.18
N SER RC 108 26.24 -64.77 -142.55
CA SER RC 108 27.51 -64.71 -143.25
C SER RC 108 28.71 -64.69 -142.31
N LEU RC 109 28.51 -64.33 -141.04
CA LEU RC 109 29.59 -64.41 -140.07
C LEU RC 109 29.94 -65.86 -139.77
N VAL RC 110 28.93 -66.68 -139.51
CA VAL RC 110 29.16 -68.08 -139.18
C VAL RC 110 29.67 -68.84 -140.40
N ALA RC 111 29.20 -68.49 -141.60
CA ALA RC 111 29.55 -69.23 -142.79
C ALA RC 111 30.96 -68.94 -143.32
N THR RC 112 31.72 -68.05 -142.68
CA THR RC 112 33.06 -67.76 -143.16
C THR RC 112 34.05 -68.78 -142.60
N SER RC 113 35.23 -68.81 -143.20
CA SER RC 113 36.26 -69.77 -142.80
C SER RC 113 37.14 -69.27 -141.66
N GLN RC 114 36.87 -68.09 -141.12
CA GLN RC 114 37.63 -67.62 -139.97
C GLN RC 114 36.97 -68.01 -138.66
N VAL RC 115 35.64 -68.06 -138.63
CA VAL RC 115 34.94 -68.54 -137.44
C VAL RC 115 34.93 -70.07 -137.41
N GLU RC 116 35.16 -70.71 -138.56
CA GLU RC 116 35.34 -72.16 -138.58
C GLU RC 116 36.61 -72.56 -137.84
N ASP RC 117 37.72 -71.87 -138.10
CA ASP RC 117 38.97 -72.19 -137.42
C ASP RC 117 38.97 -71.70 -135.97
N LEU RC 118 38.02 -70.85 -135.59
CA LEU RC 118 37.97 -70.36 -134.22
C LEU RC 118 37.33 -71.36 -133.27
N VAL RC 119 36.39 -72.18 -133.75
CA VAL RC 119 35.70 -73.12 -132.87
C VAL RC 119 36.21 -74.53 -133.10
N VAL RC 120 36.91 -74.76 -134.20
CA VAL RC 120 37.47 -76.08 -134.45
C VAL RC 120 38.93 -76.14 -134.03
N ASN RC 121 39.73 -75.16 -134.47
CA ASN RC 121 41.17 -75.16 -134.23
C ASN RC 121 41.61 -74.06 -133.27
N LEU RC 122 40.67 -73.29 -132.72
CA LEU RC 122 40.88 -72.28 -131.67
C LEU RC 122 41.82 -71.15 -132.11
N VAL RC 123 41.88 -70.88 -133.41
CA VAL RC 123 42.70 -69.78 -133.93
C VAL RC 123 41.88 -68.49 -133.88
N PRO RC 124 42.43 -67.38 -133.40
CA PRO RC 124 41.67 -66.13 -133.30
C PRO RC 124 41.33 -65.54 -134.67
N LEU RC 125 40.42 -64.57 -134.64
CA LEU RC 125 39.87 -63.98 -135.85
C LEU RC 125 40.82 -62.95 -136.45
N GLY RC 126 40.61 -62.64 -137.72
CA GLY RC 126 41.38 -61.62 -138.40
C GLY RC 126 42.58 -62.17 -139.13
N ARG RC 127 42.66 -61.91 -140.43
CA ARG RC 127 43.79 -62.32 -141.25
C ARG RC 127 44.21 -61.13 -142.10
N ALA RC 128 45.50 -60.80 -142.08
CA ALA RC 128 46.02 -59.61 -142.74
C ALA RC 128 46.40 -59.93 -144.18
N TYR RC 129 45.72 -59.30 -145.13
CA TYR RC 129 46.08 -59.35 -146.55
C TYR RC 129 46.16 -57.91 -147.05
N GLY RC 130 47.38 -57.35 -147.04
CA GLY RC 130 47.60 -56.01 -147.52
C GLY RC 130 47.07 -54.93 -146.62
N GLY RC 131 47.65 -54.79 -145.43
CA GLY RC 131 47.21 -53.79 -144.49
C GLY RC 131 47.05 -54.35 -143.09
N SER RC 132 45.83 -54.30 -142.56
CA SER RC 132 45.55 -54.85 -141.24
C SER RC 132 44.72 -56.13 -141.38
N LYS RC 133 44.32 -56.68 -140.24
CA LYS RC 133 43.57 -57.93 -140.21
C LYS RC 133 42.09 -57.66 -140.35
N THR RC 134 41.45 -58.30 -141.34
CA THR RC 134 40.08 -58.00 -141.70
C THR RC 134 39.23 -59.27 -141.78
N ILE RC 135 37.94 -59.11 -141.55
CA ILE RC 135 36.93 -60.12 -141.86
C ILE RC 135 36.00 -59.52 -142.89
N VAL RC 136 35.76 -60.25 -143.98
CA VAL RC 136 34.81 -59.83 -145.00
C VAL RC 136 33.50 -60.57 -144.76
N LEU RC 137 32.38 -59.86 -144.88
CA LEU RC 137 31.06 -60.40 -144.64
C LEU RC 137 30.21 -60.16 -145.88
N SER RC 138 30.14 -61.16 -146.76
CA SER RC 138 29.37 -61.04 -147.99
C SER RC 138 27.89 -61.16 -147.70
N VAL RC 139 27.12 -60.19 -148.17
CA VAL RC 139 25.68 -60.12 -147.93
C VAL RC 139 25.07 -60.32 -149.32
N GLY RC 140 25.71 -61.18 -150.11
CA GLY RC 140 25.42 -61.30 -151.52
C GLY RC 140 26.66 -60.97 -152.31
N GLU RC 141 26.67 -59.82 -152.99
CA GLU RC 141 27.88 -59.29 -153.58
C GLU RC 141 28.46 -58.13 -152.80
N ALA RC 142 27.67 -57.47 -151.96
CA ALA RC 142 28.18 -56.38 -151.13
C ALA RC 142 28.94 -56.96 -149.94
N THR RC 143 30.20 -56.59 -149.82
CA THR RC 143 31.08 -57.12 -148.78
C THR RC 143 31.37 -56.01 -147.78
N ARG RC 144 30.78 -56.11 -146.60
CA ARG RC 144 31.02 -55.16 -145.51
C ARG RC 144 32.26 -55.61 -144.75
N THR RC 145 33.39 -55.01 -145.08
CA THR RC 145 34.68 -55.43 -144.52
C THR RC 145 34.92 -54.72 -143.20
N LEU RC 146 35.01 -55.50 -142.12
CA LEU RC 146 35.40 -54.96 -140.83
C LEU RC 146 36.92 -55.03 -140.67
N THR RC 147 37.48 -54.04 -139.99
CA THR RC 147 38.90 -54.00 -139.71
C THR RC 147 39.13 -54.07 -138.21
N GLU RC 148 40.18 -54.79 -137.81
CA GLU RC 148 40.47 -54.95 -136.40
C GLU RC 148 41.04 -53.65 -135.84
N ILE RC 149 40.42 -53.15 -134.78
CA ILE RC 149 40.86 -51.92 -134.15
C ILE RC 149 41.49 -52.16 -132.78
N GLN RC 150 41.41 -53.37 -132.24
CA GLN RC 150 41.91 -53.61 -130.89
C GLN RC 150 42.27 -55.07 -130.76
N SER RC 151 43.28 -55.36 -129.93
CA SER RC 151 43.69 -56.73 -129.61
C SER RC 151 44.12 -56.73 -128.15
N THR RC 152 43.20 -57.12 -127.28
CA THR RC 152 43.46 -57.16 -125.84
C THR RC 152 44.06 -58.54 -125.55
N ALA RC 153 44.12 -58.96 -124.28
CA ALA RC 153 44.68 -60.26 -123.93
C ALA RC 153 43.83 -61.40 -124.49
N ASP RC 154 42.52 -61.35 -124.29
CA ASP RC 154 41.60 -62.31 -124.87
C ASP RC 154 40.64 -61.66 -125.87
N ARG RC 155 40.19 -60.44 -125.57
CA ARG RC 155 39.23 -59.72 -126.39
C ARG RC 155 39.85 -59.31 -127.73
N GLN RC 156 38.97 -59.05 -128.70
CA GLN RC 156 39.41 -58.72 -130.05
C GLN RC 156 38.28 -57.95 -130.71
N ILE RC 157 38.40 -56.63 -130.78
CA ILE RC 157 37.32 -55.78 -131.25
C ILE RC 157 37.55 -55.40 -132.70
N PHE RC 158 36.60 -55.77 -133.56
CA PHE RC 158 36.59 -55.40 -134.96
C PHE RC 158 35.57 -54.29 -135.16
N GLU RC 159 35.75 -53.52 -136.25
CA GLU RC 159 34.86 -52.41 -136.51
C GLU RC 159 34.94 -52.02 -137.98
N GLU RC 160 33.79 -51.71 -138.56
CA GLU RC 160 33.75 -51.14 -139.90
C GLU RC 160 34.07 -49.66 -139.82
N LYS RC 161 34.83 -49.18 -140.81
CA LYS RC 161 35.40 -47.85 -140.75
C LYS RC 161 34.72 -46.83 -141.66
N VAL RC 162 33.66 -47.20 -142.36
CA VAL RC 162 32.94 -46.24 -143.18
C VAL RC 162 31.81 -45.62 -142.36
N GLY RC 163 31.49 -44.36 -142.67
CA GLY RC 163 30.39 -43.69 -142.04
C GLY RC 163 30.79 -42.90 -140.81
N PRO RC 164 29.80 -42.47 -140.02
CA PRO RC 164 30.10 -41.67 -138.84
C PRO RC 164 30.66 -42.52 -137.70
N LEU RC 165 31.20 -41.83 -136.71
CA LEU RC 165 31.79 -42.49 -135.54
C LEU RC 165 30.76 -43.00 -134.54
N VAL RC 166 29.52 -42.56 -134.65
CA VAL RC 166 28.55 -42.87 -133.61
C VAL RC 166 28.00 -44.29 -133.74
N GLY RC 167 27.56 -44.70 -134.92
CA GLY RC 167 27.02 -46.03 -135.09
C GLY RC 167 27.75 -46.81 -136.16
N ARG RC 168 28.46 -47.86 -135.75
CA ARG RC 168 29.25 -48.67 -136.65
C ARG RC 168 29.08 -50.14 -136.28
N LEU RC 169 29.38 -51.01 -137.24
CA LEU RC 169 29.40 -52.44 -136.97
C LEU RC 169 30.52 -52.78 -135.99
N ARG RC 170 30.21 -53.68 -135.06
CA ARG RC 170 31.18 -54.09 -134.05
C ARG RC 170 31.23 -55.60 -134.00
N LEU RC 171 32.35 -56.13 -133.50
CA LEU RC 171 32.51 -57.56 -133.34
C LEU RC 171 33.51 -57.77 -132.21
N THR RC 172 33.02 -58.10 -131.02
CA THR RC 172 33.89 -58.30 -129.86
C THR RC 172 34.05 -59.80 -129.66
N ALA RC 173 34.99 -60.39 -130.38
CA ALA RC 173 35.32 -61.80 -130.20
C ALA RC 173 36.07 -61.98 -128.88
N SER RC 174 36.11 -63.24 -128.43
CA SER RC 174 36.76 -63.56 -127.16
C SER RC 174 37.12 -65.04 -127.16
N LEU RC 175 37.94 -65.42 -126.19
CA LEU RC 175 38.40 -66.79 -126.03
C LEU RC 175 38.96 -66.95 -124.62
N ARG RC 176 38.45 -67.92 -123.88
CA ARG RC 176 38.90 -68.16 -122.51
C ARG RC 176 39.13 -69.64 -122.32
N GLN RC 177 39.56 -70.02 -121.11
CA GLN RC 177 39.48 -71.40 -120.66
C GLN RC 177 39.26 -71.38 -119.17
N ASN RC 178 38.14 -71.94 -118.73
CA ASN RC 178 37.71 -71.84 -117.34
C ASN RC 178 38.31 -72.96 -116.50
N GLY RC 179 38.59 -72.63 -115.23
CA GLY RC 179 38.98 -73.61 -114.24
C GLY RC 179 40.34 -74.25 -114.47
N ALA RC 180 40.37 -75.58 -114.40
CA ALA RC 180 41.62 -76.32 -114.54
C ALA RC 180 41.85 -76.77 -115.98
N LYS RC 181 41.77 -75.81 -116.91
CA LYS RC 181 42.09 -75.99 -118.34
C LYS RC 181 41.27 -77.09 -119.00
N THR RC 182 40.01 -77.23 -118.62
CA THR RC 182 39.18 -78.33 -119.09
C THR RC 182 38.18 -77.96 -120.17
N ALA RC 183 37.88 -76.67 -120.35
CA ALA RC 183 36.86 -76.28 -121.31
C ALA RC 183 37.12 -74.84 -121.75
N TYR RC 184 37.09 -74.62 -123.06
CA TYR RC 184 37.23 -73.29 -123.62
C TYR RC 184 35.85 -72.63 -123.70
N ARG RC 185 35.83 -71.35 -124.08
CA ARG RC 185 34.57 -70.62 -124.18
C ARG RC 185 34.76 -69.50 -125.19
N VAL RC 186 34.25 -69.69 -126.40
CA VAL RC 186 34.25 -68.66 -127.42
C VAL RC 186 33.02 -67.79 -127.25
N ASN RC 187 33.15 -66.49 -127.52
CA ASN RC 187 32.06 -65.56 -127.27
C ASN RC 187 32.15 -64.43 -128.31
N LEU RC 188 31.35 -64.54 -129.38
CA LEU RC 188 31.22 -63.47 -130.34
C LEU RC 188 30.02 -62.60 -130.00
N LYS RC 189 30.01 -61.38 -130.55
CA LYS RC 189 28.94 -60.43 -130.30
C LYS RC 189 28.95 -59.39 -131.40
N LEU RC 190 27.89 -59.32 -132.19
CA LEU RC 190 27.81 -58.41 -133.33
C LEU RC 190 26.71 -57.40 -133.05
N ASP RC 191 27.11 -56.15 -132.81
CA ASP RC 191 26.16 -55.06 -132.63
C ASP RC 191 25.90 -54.37 -133.97
N GLN RC 192 24.69 -53.85 -134.13
CA GLN RC 192 24.34 -53.13 -135.34
C GLN RC 192 23.42 -51.98 -134.96
N ALA RC 193 24.00 -50.80 -134.77
CA ALA RC 193 23.25 -49.61 -134.42
C ALA RC 193 22.68 -48.98 -135.68
N ASP RC 194 21.43 -48.56 -135.61
CA ASP RC 194 20.74 -48.00 -136.76
C ASP RC 194 20.87 -46.47 -136.69
N VAL RC 195 21.74 -45.92 -137.52
CA VAL RC 195 22.01 -44.49 -137.55
C VAL RC 195 21.25 -43.87 -138.72
N VAL RC 196 20.66 -42.69 -138.47
CA VAL RC 196 19.89 -41.98 -139.47
C VAL RC 196 20.38 -40.54 -139.50
N ASP RC 197 20.31 -39.92 -140.67
CA ASP RC 197 20.68 -38.52 -140.83
C ASP RC 197 19.48 -37.73 -141.33
N CYS RC 198 19.20 -36.61 -140.66
CA CYS RC 198 18.06 -35.76 -140.99
C CYS RC 198 18.51 -34.49 -141.70
N SER RC 199 19.61 -34.58 -142.47
CA SER RC 199 20.20 -33.41 -143.10
C SER RC 199 19.35 -32.87 -144.25
N THR RC 200 18.62 -33.74 -144.95
CA THR RC 200 17.73 -33.25 -146.00
C THR RC 200 16.46 -32.66 -145.42
N SER RC 201 16.07 -33.09 -144.22
CA SER RC 201 14.93 -32.54 -143.51
C SER RC 201 15.27 -31.28 -142.73
N VAL RC 202 16.28 -31.36 -141.86
CA VAL RC 202 16.74 -30.21 -141.08
C VAL RC 202 18.20 -29.96 -141.44
N CYS RC 203 18.48 -28.74 -141.91
CA CYS RC 203 19.86 -28.41 -142.28
C CYS RC 203 20.74 -28.28 -141.05
N GLY RC 204 21.99 -28.71 -141.19
CA GLY RC 204 22.93 -28.66 -140.09
C GLY RC 204 22.67 -29.66 -138.99
N GLU RC 205 22.04 -30.79 -139.32
CA GLU RC 205 21.71 -31.82 -138.35
C GLU RC 205 22.70 -32.96 -138.50
N LEU RC 206 23.34 -33.34 -137.40
CA LEU RC 206 24.32 -34.41 -137.40
C LEU RC 206 23.64 -35.75 -137.16
N PRO RC 207 24.21 -36.84 -137.68
CA PRO RC 207 23.57 -38.15 -137.52
C PRO RC 207 23.58 -38.65 -136.08
N LYS RC 208 22.63 -39.53 -135.78
CA LYS RC 208 22.47 -40.10 -134.45
C LYS RC 208 21.82 -41.47 -134.59
N VAL RC 209 21.91 -42.26 -133.53
CA VAL RC 209 21.38 -43.62 -133.53
C VAL RC 209 20.02 -43.63 -132.86
N ARG RC 210 19.15 -44.52 -133.31
CA ARG RC 210 17.84 -44.69 -132.69
C ARG RC 210 17.84 -45.84 -131.70
N TYR RC 211 18.24 -47.02 -132.14
CA TYR RC 211 18.25 -48.21 -131.32
C TYR RC 211 19.50 -49.01 -131.63
N THR RC 212 19.61 -50.19 -130.99
CA THR RC 212 20.68 -51.11 -131.30
C THR RC 212 20.17 -52.53 -131.16
N GLN RC 213 20.69 -53.42 -132.02
CA GLN RC 213 20.29 -54.82 -132.05
C GLN RC 213 21.53 -55.68 -132.13
N VAL RC 214 21.66 -56.63 -131.20
CA VAL RC 214 22.85 -57.45 -131.09
C VAL RC 214 22.51 -58.90 -131.46
N TRP RC 215 23.55 -59.70 -131.67
CA TRP RC 215 23.42 -61.14 -131.83
C TRP RC 215 24.69 -61.75 -131.23
N SER RC 216 24.58 -62.19 -129.98
CA SER RC 216 25.70 -62.81 -129.31
C SER RC 216 25.78 -64.29 -129.66
N HIS RC 217 26.95 -64.86 -129.45
CA HIS RC 217 27.15 -66.30 -129.52
C HIS RC 217 27.89 -66.72 -128.26
N ASP RC 218 27.73 -67.98 -127.88
CA ASP RC 218 28.39 -68.50 -126.68
C ASP RC 218 28.68 -69.98 -126.93
N VAL RC 219 29.87 -70.25 -127.44
CA VAL RC 219 30.29 -71.61 -127.77
C VAL RC 219 31.07 -72.17 -126.60
N THR RC 220 30.73 -73.38 -126.17
CA THR RC 220 31.45 -74.08 -125.12
C THR RC 220 32.11 -75.31 -125.73
N ILE RC 221 33.44 -75.38 -125.60
CA ILE RC 221 34.23 -76.44 -126.20
C ILE RC 221 35.07 -77.07 -125.09
N VAL RC 222 34.88 -78.36 -124.85
CA VAL RC 222 35.70 -79.03 -123.86
C VAL RC 222 37.04 -79.39 -124.48
N ALA RC 223 38.06 -79.52 -123.63
CA ALA RC 223 39.44 -79.52 -124.10
C ALA RC 223 39.84 -80.85 -124.74
N ASN RC 224 39.34 -81.96 -124.22
CA ASN RC 224 39.71 -83.28 -124.71
C ASN RC 224 38.77 -83.79 -125.80
N SER RC 225 38.20 -82.89 -126.59
CA SER RC 225 37.27 -83.20 -127.65
C SER RC 225 37.93 -83.99 -128.77
N THR RC 226 37.10 -84.49 -129.67
CA THR RC 226 37.53 -84.93 -130.97
C THR RC 226 37.35 -83.75 -131.92
N GLU RC 227 38.24 -83.63 -132.90
CA GLU RC 227 38.10 -82.56 -133.88
C GLU RC 227 36.88 -82.77 -134.77
N ALA RC 228 36.47 -84.02 -134.96
CA ALA RC 228 35.25 -84.30 -135.70
C ALA RC 228 34.00 -83.92 -134.93
N SER RC 229 34.09 -83.77 -133.61
CA SER RC 229 32.93 -83.32 -132.84
C SER RC 229 32.88 -81.80 -132.74
N ARG RC 230 34.03 -81.14 -132.85
CA ARG RC 230 34.02 -79.69 -132.98
C ARG RC 230 33.61 -79.26 -134.38
N LYS RC 231 33.91 -80.09 -135.38
CA LYS RC 231 33.52 -79.78 -136.74
C LYS RC 231 32.02 -79.95 -136.94
N SER RC 232 31.44 -80.99 -136.33
CA SER RC 232 30.01 -81.24 -136.51
C SER RC 232 29.16 -80.27 -135.73
N LEU RC 233 29.67 -79.73 -134.62
CA LEU RC 233 28.95 -78.69 -133.90
C LEU RC 233 28.92 -77.39 -134.70
N TYR RC 234 30.01 -77.06 -135.38
CA TYR RC 234 30.02 -75.88 -136.23
C TYR RC 234 29.16 -76.08 -137.46
N ASP RC 235 29.23 -77.28 -138.06
CA ASP RC 235 28.47 -77.59 -139.26
C ASP RC 235 26.97 -77.61 -139.03
N LEU RC 236 26.53 -77.89 -137.81
CA LEU RC 236 25.10 -77.83 -137.52
C LEU RC 236 24.66 -76.40 -137.26
N THR RC 237 25.49 -75.61 -136.57
CA THR RC 237 25.12 -74.22 -136.31
C THR RC 237 25.22 -73.36 -137.56
N LYS RC 238 26.15 -73.69 -138.46
CA LYS RC 238 26.17 -73.04 -139.78
C LYS RC 238 24.93 -73.39 -140.57
N SER RC 239 24.44 -74.63 -140.41
CA SER RC 239 23.23 -75.05 -141.08
C SER RC 239 21.96 -74.61 -140.37
N LEU RC 240 22.04 -74.36 -139.07
CA LEU RC 240 20.84 -73.91 -138.33
C LEU RC 240 20.50 -72.47 -138.68
N VAL RC 241 21.49 -71.59 -138.67
CA VAL RC 241 21.28 -70.18 -138.97
C VAL RC 241 20.86 -70.00 -140.44
N ALA RC 242 21.33 -70.85 -141.33
CA ALA RC 242 21.02 -70.73 -142.74
C ALA RC 242 19.60 -71.17 -143.11
N THR RC 243 18.85 -71.74 -142.17
CA THR RC 243 17.50 -72.20 -142.47
C THR RC 243 16.54 -71.02 -142.54
N SER RC 244 15.37 -71.26 -143.15
CA SER RC 244 14.33 -70.26 -143.23
C SER RC 244 13.46 -70.21 -141.99
N GLN RC 245 13.62 -71.16 -141.07
CA GLN RC 245 12.85 -71.12 -139.83
C GLN RC 245 13.43 -70.12 -138.85
N VAL RC 246 14.76 -70.02 -138.80
CA VAL RC 246 15.42 -69.02 -137.96
C VAL RC 246 15.40 -67.66 -138.64
N GLU RC 247 15.24 -67.62 -139.96
CA GLU RC 247 15.08 -66.35 -140.66
C GLU RC 247 13.78 -65.66 -140.25
N ASP RC 248 12.68 -66.41 -140.23
CA ASP RC 248 11.40 -65.86 -139.80
C ASP RC 248 11.31 -65.69 -138.28
N LEU RC 249 12.17 -66.35 -137.52
CA LEU RC 249 12.14 -66.19 -136.07
C LEU RC 249 12.79 -64.89 -135.64
N VAL RC 250 13.81 -64.45 -136.35
CA VAL RC 250 14.46 -63.18 -136.03
C VAL RC 250 13.76 -62.00 -136.69
N VAL RC 251 13.35 -62.16 -137.95
CA VAL RC 251 12.72 -61.07 -138.67
C VAL RC 251 11.27 -60.89 -138.24
N ASN RC 252 10.49 -61.97 -138.26
CA ASN RC 252 9.05 -61.88 -138.06
C ASN RC 252 8.55 -62.52 -136.77
N LEU RC 253 9.44 -62.99 -135.90
CA LEU RC 253 9.13 -63.60 -134.59
C LEU RC 253 8.22 -64.81 -134.70
N VAL RC 254 8.30 -65.55 -135.80
CA VAL RC 254 7.53 -66.77 -135.97
C VAL RC 254 8.26 -67.91 -135.26
N PRO RC 255 7.61 -68.69 -134.41
CA PRO RC 255 8.30 -69.75 -133.68
C PRO RC 255 8.74 -70.89 -134.60
N LEU RC 256 9.67 -71.70 -134.09
CA LEU RC 256 10.26 -72.76 -134.88
C LEU RC 256 9.34 -73.97 -134.97
N GLY RC 257 9.58 -74.79 -135.99
CA GLY RC 257 8.82 -76.02 -136.14
C GLY RC 257 7.73 -75.95 -137.20
N ARG RC 258 7.81 -76.83 -138.19
CA ARG RC 258 6.78 -76.92 -139.22
C ARG RC 258 6.44 -78.37 -139.52
N SER SC 1 19.96 -151.52 8.34
CA SER SC 1 19.18 -150.75 7.38
C SER SC 1 19.63 -151.06 5.96
N LYS SC 2 19.86 -150.01 5.17
CA LYS SC 2 20.31 -150.15 3.79
C LYS SC 2 21.80 -149.88 3.73
N THR SC 3 22.54 -150.80 3.13
CA THR SC 3 23.99 -150.76 3.16
C THR SC 3 24.58 -150.73 1.75
N ILE SC 4 25.76 -150.11 1.65
CA ILE SC 4 26.63 -150.21 0.48
C ILE SC 4 27.95 -150.78 0.94
N VAL SC 5 28.49 -151.73 0.19
CA VAL SC 5 29.78 -152.34 0.51
C VAL SC 5 30.83 -151.80 -0.47
N LEU SC 6 31.99 -151.45 0.07
CA LEU SC 6 33.10 -150.92 -0.72
C LEU SC 6 34.32 -151.79 -0.46
N SER SC 7 34.57 -152.74 -1.36
CA SER SC 7 35.69 -153.66 -1.20
C SER SC 7 36.98 -152.96 -1.60
N VAL SC 8 37.96 -152.94 -0.69
CA VAL SC 8 39.21 -152.21 -0.89
C VAL SC 8 40.28 -153.31 -0.98
N GLY SC 9 39.89 -154.44 -1.56
CA GLY SC 9 40.74 -155.62 -1.59
C GLY SC 9 39.99 -156.78 -0.98
N GLU SC 10 40.42 -157.23 0.18
CA GLU SC 10 39.63 -158.15 0.99
C GLU SC 10 38.95 -157.45 2.15
N ALA SC 11 39.39 -156.24 2.51
CA ALA SC 11 38.73 -155.47 3.56
C ALA SC 11 37.49 -154.79 2.99
N THR SC 12 36.33 -155.09 3.56
CA THR SC 12 35.06 -154.52 3.11
C THR SC 12 34.59 -153.52 4.16
N ARG SC 13 34.25 -152.32 3.71
CA ARG SC 13 33.79 -151.25 4.59
C ARG SC 13 32.34 -150.94 4.24
N THR SC 14 31.42 -151.38 5.10
CA THR SC 14 29.99 -151.27 4.82
C THR SC 14 29.43 -149.99 5.42
N LEU SC 15 28.85 -149.16 4.58
CA LEU SC 15 28.24 -147.91 5.00
C LEU SC 15 26.73 -148.06 5.13
N THR SC 16 26.21 -147.78 6.33
CA THR SC 16 24.78 -147.91 6.58
C THR SC 16 24.12 -146.54 6.50
N GLU SC 17 22.82 -146.55 6.22
CA GLU SC 17 22.10 -145.32 5.93
C GLU SC 17 21.61 -144.66 7.21
N ILE SC 18 21.83 -143.35 7.31
CA ILE SC 18 21.40 -142.58 8.47
C ILE SC 18 20.39 -141.49 8.12
N GLN SC 19 20.06 -141.31 6.85
CA GLN SC 19 19.09 -140.29 6.45
C GLN SC 19 18.51 -140.67 5.10
N SER SC 20 17.22 -140.39 4.93
CA SER SC 20 16.54 -140.63 3.65
C SER SC 20 15.51 -139.52 3.48
N THR SC 21 15.89 -138.46 2.78
CA THR SC 21 14.98 -137.37 2.46
C THR SC 21 14.36 -137.71 1.10
N ALA SC 22 13.66 -136.76 0.47
CA ALA SC 22 13.10 -137.01 -0.86
C ALA SC 22 14.19 -137.11 -1.91
N ASP SC 23 15.27 -136.34 -1.76
CA ASP SC 23 16.40 -136.41 -2.66
C ASP SC 23 17.70 -136.79 -1.97
N ARG SC 24 18.02 -136.20 -0.83
CA ARG SC 24 19.28 -136.49 -0.17
C ARG SC 24 19.22 -137.83 0.55
N GLN SC 25 20.39 -138.47 0.66
CA GLN SC 25 20.46 -139.84 1.17
C GLN SC 25 21.86 -140.05 1.71
N ILE SC 26 22.00 -140.01 3.03
CA ILE SC 26 23.29 -139.95 3.71
C ILE SC 26 23.63 -141.33 4.26
N PHE SC 27 24.86 -141.78 4.00
CA PHE SC 27 25.38 -143.03 4.51
C PHE SC 27 26.56 -142.75 5.44
N GLU SC 28 26.78 -143.66 6.39
CA GLU SC 28 27.94 -143.57 7.27
C GLU SC 28 28.41 -144.97 7.61
N GLU SC 29 29.70 -145.08 7.90
CA GLU SC 29 30.25 -146.30 8.46
C GLU SC 29 30.13 -146.24 9.98
N LYS SC 30 29.88 -147.40 10.60
CA LYS SC 30 29.58 -147.45 12.02
C LYS SC 30 30.72 -147.97 12.88
N VAL SC 31 31.85 -148.33 12.28
CA VAL SC 31 32.98 -148.85 13.03
C VAL SC 31 33.89 -147.70 13.43
N GLY SC 32 34.25 -147.64 14.72
CA GLY SC 32 35.23 -146.71 15.19
C GLY SC 32 34.66 -145.65 16.12
N PRO SC 33 35.41 -144.55 16.32
CA PRO SC 33 34.91 -143.45 17.15
C PRO SC 33 33.74 -142.72 16.53
N LEU SC 34 33.03 -141.93 17.32
CA LEU SC 34 31.79 -141.31 16.91
C LEU SC 34 31.97 -139.94 16.26
N VAL SC 35 33.18 -139.41 16.22
CA VAL SC 35 33.37 -138.03 15.79
C VAL SC 35 33.83 -137.96 14.32
N GLY SC 36 34.66 -138.90 13.88
CA GLY SC 36 35.08 -138.90 12.49
C GLY SC 36 34.83 -140.23 11.82
N ARG SC 37 33.92 -140.26 10.85
CA ARG SC 37 33.56 -141.48 10.15
C ARG SC 37 33.43 -141.18 8.66
N LEU SC 38 33.29 -142.24 7.88
CA LEU SC 38 33.04 -142.10 6.45
C LEU SC 38 31.67 -141.50 6.20
N ARG SC 39 31.49 -140.92 5.03
CA ARG SC 39 30.27 -140.22 4.69
C ARG SC 39 30.04 -140.33 3.19
N LEU SC 40 28.79 -140.48 2.80
CA LEU SC 40 28.45 -140.60 1.38
C LEU SC 40 27.08 -139.95 1.18
N THR SC 41 27.08 -138.72 0.67
CA THR SC 41 25.87 -137.92 0.56
C THR SC 41 25.38 -138.03 -0.89
N ALA SC 42 24.60 -139.07 -1.16
CA ALA SC 42 24.01 -139.24 -2.48
C ALA SC 42 22.84 -138.27 -2.67
N SER SC 43 22.51 -138.04 -3.93
CA SER SC 43 21.41 -137.14 -4.28
C SER SC 43 20.95 -137.45 -5.70
N LEU SC 44 19.81 -136.88 -6.07
CA LEU SC 44 19.26 -137.00 -7.41
C LEU SC 44 18.23 -135.89 -7.59
N ARG SC 45 18.18 -135.32 -8.79
CA ARG SC 45 17.29 -134.21 -9.09
C ARG SC 45 16.81 -134.34 -10.52
N GLN SC 46 15.92 -133.42 -10.92
CA GLN SC 46 15.62 -133.17 -12.33
C GLN SC 46 15.23 -131.69 -12.46
N ASN SC 47 16.22 -130.87 -12.80
CA ASN SC 47 16.03 -129.43 -12.82
C ASN SC 47 15.65 -128.97 -14.22
N GLY SC 48 14.86 -127.89 -14.27
CA GLY SC 48 14.43 -127.32 -15.53
C GLY SC 48 13.10 -127.87 -15.99
N ALA SC 49 12.97 -128.13 -17.28
CA ALA SC 49 11.72 -128.65 -17.84
C ALA SC 49 11.73 -130.17 -17.90
N LYS SC 50 12.11 -130.77 -16.77
CA LYS SC 50 12.02 -132.21 -16.48
C LYS SC 50 12.74 -133.08 -17.52
N THR SC 51 13.83 -132.56 -18.11
CA THR SC 51 14.50 -133.25 -19.20
C THR SC 51 15.89 -133.75 -18.86
N ALA SC 52 16.51 -133.26 -17.78
CA ALA SC 52 17.86 -133.63 -17.44
C ALA SC 52 17.92 -133.93 -15.95
N TYR SC 53 18.48 -135.08 -15.61
CA TYR SC 53 18.68 -135.47 -14.23
C TYR SC 53 20.06 -134.99 -13.75
N ARG SC 54 20.32 -135.17 -12.46
CA ARG SC 54 21.59 -134.73 -11.89
C ARG SC 54 21.92 -135.61 -10.68
N VAL SC 55 22.77 -136.60 -10.89
CA VAL SC 55 23.32 -137.39 -9.81
C VAL SC 55 24.43 -136.60 -9.14
N ASN SC 56 24.53 -136.70 -7.81
CA ASN SC 56 25.47 -135.88 -7.07
C ASN SC 56 25.95 -136.67 -5.85
N LEU SC 57 27.09 -137.35 -6.00
CA LEU SC 57 27.70 -138.06 -4.89
C LEU SC 57 28.77 -137.20 -4.22
N LYS SC 58 29.11 -137.55 -2.98
CA LYS SC 58 30.11 -136.80 -2.23
C LYS SC 58 30.65 -137.72 -1.13
N LEU SC 59 31.88 -138.17 -1.28
CA LEU SC 59 32.51 -139.10 -0.34
C LEU SC 59 33.47 -138.33 0.55
N ASP SC 60 33.00 -137.90 1.72
CA ASP SC 60 33.86 -137.27 2.70
C ASP SC 60 34.74 -138.31 3.37
N GLN SC 61 35.86 -137.85 3.91
CA GLN SC 61 36.72 -138.72 4.73
C GLN SC 61 37.52 -137.83 5.67
N ALA SC 62 37.28 -137.96 6.96
CA ALA SC 62 37.98 -137.20 7.98
C ALA SC 62 39.06 -138.08 8.60
N ASP SC 63 40.18 -137.45 8.97
CA ASP SC 63 41.29 -138.16 9.60
C ASP SC 63 41.29 -137.81 11.08
N VAL SC 64 40.74 -138.70 11.89
CA VAL SC 64 40.62 -138.48 13.33
C VAL SC 64 41.89 -139.00 14.01
N VAL SC 65 42.31 -138.28 15.05
CA VAL SC 65 43.50 -138.64 15.82
C VAL SC 65 43.13 -138.61 17.30
N ASP SC 66 43.58 -139.61 18.04
CA ASP SC 66 43.36 -139.69 19.49
C ASP SC 66 44.67 -140.07 20.18
N CYS SC 67 45.20 -139.15 20.98
CA CYS SC 67 46.36 -139.39 21.83
C CYS SC 67 46.07 -139.02 23.27
N SER SC 68 45.03 -139.63 23.82
CA SER SC 68 44.83 -139.58 25.27
C SER SC 68 45.90 -140.37 26.01
N THR SC 69 46.58 -141.30 25.33
CA THR SC 69 47.74 -141.96 25.91
C THR SC 69 48.90 -140.98 26.08
N SER SC 70 49.05 -140.04 25.14
CA SER SC 70 50.15 -139.09 25.21
C SER SC 70 49.79 -137.90 26.10
N VAL SC 71 48.77 -137.14 25.70
CA VAL SC 71 48.30 -136.00 26.49
C VAL SC 71 47.20 -136.49 27.42
N CYS SC 72 47.40 -136.34 28.72
CA CYS SC 72 46.44 -136.85 29.70
C CYS SC 72 45.22 -135.94 29.76
N GLY SC 73 44.09 -136.46 29.32
CA GLY SC 73 42.83 -135.75 29.43
C GLY SC 73 42.29 -135.16 28.15
N GLU SC 74 42.71 -135.66 26.99
CA GLU SC 74 42.21 -135.16 25.71
C GLU SC 74 41.34 -136.21 25.05
N LEU SC 75 40.52 -135.74 24.10
CA LEU SC 75 39.47 -136.53 23.47
C LEU SC 75 39.80 -136.71 21.99
N PRO SC 76 39.15 -137.64 21.27
CA PRO SC 76 39.39 -137.74 19.83
C PRO SC 76 38.91 -136.52 19.08
N LYS SC 77 39.56 -136.26 17.95
CA LYS SC 77 39.39 -135.02 17.21
C LYS SC 77 39.90 -135.23 15.79
N VAL SC 78 39.24 -134.62 14.82
CA VAL SC 78 39.63 -134.76 13.42
C VAL SC 78 40.56 -133.61 13.05
N ARG SC 79 41.55 -133.89 12.21
CA ARG SC 79 42.44 -132.85 11.73
C ARG SC 79 41.86 -132.17 10.48
N TYR SC 80 41.66 -132.95 9.42
CA TYR SC 80 41.25 -132.44 8.13
C TYR SC 80 40.20 -133.37 7.53
N THR SC 81 39.55 -132.89 6.48
CA THR SC 81 38.63 -133.70 5.69
C THR SC 81 39.03 -133.63 4.22
N GLN SC 82 38.97 -134.78 3.55
CA GLN SC 82 39.27 -134.87 2.12
C GLN SC 82 38.07 -135.50 1.42
N VAL SC 83 37.52 -134.79 0.44
CA VAL SC 83 36.30 -135.22 -0.22
C VAL SC 83 36.62 -135.63 -1.65
N TRP SC 84 35.65 -136.28 -2.29
CA TRP SC 84 35.71 -136.60 -3.71
C TRP SC 84 34.27 -136.55 -4.22
N SER SC 85 33.87 -135.40 -4.74
CA SER SC 85 32.52 -135.24 -5.22
C SER SC 85 32.38 -135.80 -6.64
N HIS SC 86 31.12 -135.98 -7.05
CA HIS SC 86 30.78 -136.34 -8.41
C HIS SC 86 29.61 -135.48 -8.83
N ASP SC 87 29.46 -135.30 -10.15
CA ASP SC 87 28.34 -134.53 -10.69
C ASP SC 87 28.02 -135.09 -12.08
N VAL SC 88 27.08 -136.02 -12.12
CA VAL SC 88 26.70 -136.67 -13.36
C VAL SC 88 25.47 -135.96 -13.91
N THR SC 89 25.47 -135.68 -15.21
CA THR SC 89 24.33 -135.07 -15.87
C THR SC 89 23.79 -136.05 -16.91
N ILE SC 90 22.54 -136.47 -16.74
CA ILE SC 90 21.90 -137.45 -17.60
C ILE SC 90 20.65 -136.82 -18.18
N VAL SC 91 20.57 -136.76 -19.49
CA VAL SC 91 19.36 -136.28 -20.16
C VAL SC 91 18.38 -137.44 -20.30
N ALA SC 92 17.09 -137.12 -20.17
CA ALA SC 92 16.08 -138.15 -19.91
C ALA SC 92 15.74 -138.97 -21.13
N ASN SC 93 15.87 -138.39 -22.34
CA ASN SC 93 15.53 -139.10 -23.57
C ASN SC 93 16.71 -139.84 -24.16
N SER SC 94 17.68 -140.24 -23.33
CA SER SC 94 18.87 -140.91 -23.80
C SER SC 94 18.57 -142.34 -24.24
N THR SC 95 19.55 -142.94 -24.92
CA THR SC 95 19.54 -144.37 -25.11
C THR SC 95 20.33 -145.02 -23.99
N GLU SC 96 20.11 -146.32 -23.79
CA GLU SC 96 20.73 -147.00 -22.66
C GLU SC 96 22.22 -147.20 -22.88
N ALA SC 97 22.65 -147.33 -24.13
CA ALA SC 97 24.08 -147.47 -24.40
C ALA SC 97 24.83 -146.17 -24.20
N SER SC 98 24.15 -145.03 -24.20
CA SER SC 98 24.81 -143.77 -23.88
C SER SC 98 25.09 -143.67 -22.39
N ARG SC 99 24.11 -144.00 -21.56
CA ARG SC 99 24.28 -143.99 -20.12
C ARG SC 99 25.21 -145.10 -19.63
N LYS SC 100 25.29 -146.21 -20.36
CA LYS SC 100 26.17 -147.30 -19.95
C LYS SC 100 27.62 -146.99 -20.30
N SER SC 101 27.85 -146.37 -21.46
CA SER SC 101 29.22 -146.06 -21.87
C SER SC 101 29.81 -144.93 -21.05
N LEU SC 102 28.98 -143.96 -20.64
CA LEU SC 102 29.45 -142.88 -19.78
C LEU SC 102 29.86 -143.42 -18.42
N TYR SC 103 29.15 -144.43 -17.92
CA TYR SC 103 29.57 -145.08 -16.69
C TYR SC 103 30.82 -145.95 -16.92
N ASP SC 104 30.87 -146.66 -18.04
CA ASP SC 104 31.99 -147.54 -18.32
C ASP SC 104 33.28 -146.79 -18.61
N LEU SC 105 33.20 -145.55 -19.09
CA LEU SC 105 34.42 -144.78 -19.30
C LEU SC 105 34.92 -144.15 -18.01
N THR SC 106 33.99 -143.74 -17.14
CA THR SC 106 34.41 -143.13 -15.88
C THR SC 106 34.84 -144.20 -14.87
N LYS SC 107 34.31 -145.41 -14.98
CA LYS SC 107 34.80 -146.52 -14.19
C LYS SC 107 36.24 -146.86 -14.55
N SER SC 108 36.59 -146.70 -15.83
CA SER SC 108 37.96 -146.93 -16.27
C SER SC 108 38.82 -145.68 -16.20
N LEU SC 109 38.21 -144.50 -16.05
CA LEU SC 109 39.01 -143.29 -15.82
C LEU SC 109 39.63 -143.31 -14.45
N VAL SC 110 38.85 -143.67 -13.42
CA VAL SC 110 39.36 -143.68 -12.06
C VAL SC 110 40.33 -144.84 -11.87
N ALA SC 111 40.12 -145.95 -12.55
CA ALA SC 111 40.92 -147.15 -12.32
C ALA SC 111 42.27 -147.12 -13.02
N THR SC 112 42.63 -146.06 -13.73
CA THR SC 112 43.92 -146.03 -14.40
C THR SC 112 45.01 -145.55 -13.45
N SER SC 113 46.25 -145.74 -13.87
CA SER SC 113 47.40 -145.37 -13.06
C SER SC 113 47.75 -143.89 -13.16
N GLN SC 114 47.09 -143.13 -14.02
CA GLN SC 114 47.41 -141.72 -14.17
C GLN SC 114 46.55 -140.83 -13.28
N VAL SC 115 45.32 -141.25 -13.00
CA VAL SC 115 44.49 -140.51 -12.05
C VAL SC 115 44.86 -140.89 -10.63
N GLU SC 116 45.40 -142.11 -10.44
CA GLU SC 116 45.91 -142.51 -9.14
C GLU SC 116 47.08 -141.63 -8.70
N ASP SC 117 48.02 -141.39 -9.60
CA ASP SC 117 49.14 -140.51 -9.28
C ASP SC 117 48.74 -139.04 -9.25
N LEU SC 118 47.60 -138.69 -9.84
CA LEU SC 118 47.15 -137.30 -9.84
C LEU SC 118 46.61 -136.87 -8.49
N VAL SC 119 46.02 -137.80 -7.74
CA VAL SC 119 45.41 -137.44 -6.46
C VAL SC 119 46.29 -137.87 -5.30
N VAL SC 120 47.20 -138.83 -5.53
CA VAL SC 120 48.11 -139.22 -4.46
C VAL SC 120 49.38 -138.39 -4.50
N ASN SC 121 50.07 -138.36 -5.63
CA ASN SC 121 51.37 -137.70 -5.74
C ASN SC 121 51.32 -136.41 -6.53
N LEU SC 122 50.14 -135.93 -6.90
CA LEU SC 122 49.89 -134.66 -7.57
C LEU SC 122 50.57 -134.55 -8.94
N VAL SC 123 50.86 -135.67 -9.56
CA VAL SC 123 51.49 -135.68 -10.89
C VAL SC 123 50.44 -135.34 -11.94
N PRO SC 124 50.73 -134.45 -12.89
CA PRO SC 124 49.73 -134.11 -13.91
C PRO SC 124 49.47 -135.28 -14.86
N LEU SC 125 48.42 -135.10 -15.67
CA LEU SC 125 47.92 -136.18 -16.51
C LEU SC 125 48.70 -136.28 -17.81
N GLY SC 126 48.68 -137.48 -18.39
CA GLY SC 126 49.30 -137.70 -19.68
C GLY SC 126 50.71 -138.24 -19.59
N ARG SC 127 50.97 -139.35 -20.27
CA ARG SC 127 52.31 -139.92 -20.36
C ARG SC 127 52.58 -140.25 -21.82
N ALA SC 128 53.57 -139.58 -22.41
CA ALA SC 128 53.89 -139.76 -23.82
C ALA SC 128 54.69 -141.03 -24.01
N TYR SC 129 54.03 -142.07 -24.52
CA TYR SC 129 54.68 -143.34 -24.84
C TYR SC 129 54.77 -143.45 -26.35
N GLY SC 130 55.83 -142.87 -26.92
CA GLY SC 130 56.04 -142.89 -28.35
C GLY SC 130 55.03 -142.08 -29.13
N GLY SC 131 55.03 -140.77 -28.95
CA GLY SC 131 54.07 -139.92 -29.64
C GLY SC 131 53.60 -138.76 -28.80
N SER SC 132 52.29 -138.54 -28.76
CA SER SC 132 51.72 -137.47 -27.98
C SER SC 132 51.43 -137.94 -26.55
N LYS SC 133 51.05 -136.99 -25.71
CA LYS SC 133 50.64 -137.30 -24.34
C LYS SC 133 49.23 -137.90 -24.39
N THR SC 134 49.12 -139.17 -24.02
CA THR SC 134 47.88 -139.92 -24.23
C THR SC 134 47.41 -140.56 -22.93
N ILE SC 135 46.08 -140.75 -22.85
CA ILE SC 135 45.45 -141.53 -21.80
C ILE SC 135 44.68 -142.66 -22.47
N VAL SC 136 44.83 -143.87 -21.95
CA VAL SC 136 44.13 -145.03 -22.50
C VAL SC 136 43.03 -145.43 -21.53
N LEU SC 137 41.79 -145.45 -22.01
CA LEU SC 137 40.63 -145.81 -21.20
C LEU SC 137 40.07 -147.13 -21.73
N SER SC 138 40.58 -148.24 -21.21
CA SER SC 138 40.17 -149.56 -21.67
C SER SC 138 38.77 -149.89 -21.15
N VAL SC 139 37.91 -150.35 -22.05
CA VAL SC 139 36.53 -150.68 -21.72
C VAL SC 139 36.41 -152.18 -21.91
N GLY SC 140 37.48 -152.90 -21.60
CA GLY SC 140 37.57 -154.32 -21.87
C GLY SC 140 38.67 -154.61 -22.86
N GLU SC 141 38.31 -155.00 -24.08
CA GLU SC 141 39.27 -155.08 -25.17
C GLU SC 141 39.24 -153.85 -26.07
N ALA SC 142 38.20 -153.05 -26.00
CA ALA SC 142 38.17 -151.78 -26.72
C ALA SC 142 38.90 -150.71 -25.91
N THR SC 143 39.94 -150.13 -26.50
CA THR SC 143 40.74 -149.10 -25.86
C THR SC 143 40.51 -147.79 -26.60
N ARG SC 144 40.19 -146.73 -25.85
CA ARG SC 144 39.91 -145.42 -26.42
C ARG SC 144 40.99 -144.46 -25.94
N THR SC 145 41.85 -144.05 -26.88
CA THR SC 145 43.05 -143.29 -26.57
C THR SC 145 42.82 -141.81 -26.80
N LEU SC 146 42.86 -141.02 -25.74
CA LEU SC 146 42.66 -139.58 -25.83
C LEU SC 146 44.00 -138.87 -25.81
N THR SC 147 44.24 -138.06 -26.85
CA THR SC 147 45.49 -137.33 -26.99
C THR SC 147 45.31 -135.88 -26.53
N GLU SC 148 46.36 -135.32 -25.97
CA GLU SC 148 46.30 -133.98 -25.40
C GLU SC 148 46.27 -132.93 -26.50
N ILE SC 149 45.34 -131.98 -26.39
CA ILE SC 149 45.20 -130.94 -27.38
C ILE SC 149 45.59 -129.55 -26.86
N GLN SC 150 45.63 -129.34 -25.55
CA GLN SC 150 45.92 -128.03 -24.99
C GLN SC 150 46.37 -128.21 -23.54
N SER SC 151 47.48 -127.57 -23.18
CA SER SC 151 47.98 -127.60 -21.81
C SER SC 151 48.21 -126.15 -21.38
N THR SC 152 47.17 -125.52 -20.86
CA THR SC 152 47.25 -124.16 -20.35
C THR SC 152 47.83 -124.25 -18.93
N ALA SC 153 48.06 -123.11 -18.28
CA ALA SC 153 48.60 -123.11 -16.92
C ALA SC 153 47.60 -123.67 -15.92
N ASP SC 154 46.30 -123.58 -16.22
CA ASP SC 154 45.25 -124.13 -15.37
C ASP SC 154 44.67 -125.41 -15.95
N ARG SC 155 44.18 -125.37 -17.19
CA ARG SC 155 43.48 -126.50 -17.75
C ARG SC 155 44.46 -127.45 -18.44
N GLN SC 156 43.96 -128.66 -18.72
CA GLN SC 156 44.73 -129.66 -19.48
C GLN SC 156 43.72 -130.51 -20.22
N ILE SC 157 43.42 -130.15 -21.46
CA ILE SC 157 42.31 -130.71 -22.22
C ILE SC 157 42.81 -131.89 -23.04
N PHE SC 158 42.15 -133.03 -22.89
CA PHE SC 158 42.40 -134.21 -23.71
C PHE SC 158 41.19 -134.43 -24.60
N GLU SC 159 41.40 -135.17 -25.70
CA GLU SC 159 40.35 -135.39 -26.68
C GLU SC 159 40.71 -136.59 -27.53
N GLU SC 160 39.70 -137.40 -27.86
CA GLU SC 160 39.89 -138.48 -28.81
C GLU SC 160 39.96 -137.93 -30.23
N LYS SC 161 40.56 -138.70 -31.12
CA LYS SC 161 40.87 -138.20 -32.45
C LYS SC 161 40.23 -138.99 -33.58
N VAL SC 162 39.64 -140.15 -33.31
CA VAL SC 162 38.97 -140.90 -34.37
C VAL SC 162 37.54 -140.39 -34.53
N GLY SC 163 36.98 -140.63 -35.70
CA GLY SC 163 35.60 -140.29 -35.97
C GLY SC 163 35.43 -138.88 -36.52
N PRO SC 164 34.20 -138.37 -36.51
CA PRO SC 164 33.95 -137.01 -36.99
C PRO SC 164 34.50 -135.97 -36.02
N LEU SC 165 34.59 -134.74 -36.51
CA LEU SC 165 35.15 -133.65 -35.74
C LEU SC 165 34.13 -132.94 -34.86
N VAL SC 166 32.85 -133.26 -35.03
CA VAL SC 166 31.82 -132.46 -34.36
C VAL SC 166 31.57 -132.94 -32.92
N GLY SC 167 31.60 -134.25 -32.68
CA GLY SC 167 31.44 -134.76 -31.34
C GLY SC 167 32.49 -135.77 -30.96
N ARG SC 168 33.30 -135.45 -29.96
CA ARG SC 168 34.37 -136.33 -29.52
C ARG SC 168 34.45 -136.30 -28.00
N LEU SC 169 35.18 -137.25 -27.44
CA LEU SC 169 35.40 -137.31 -26.00
C LEU SC 169 36.24 -136.14 -25.53
N ARG SC 170 36.05 -135.77 -24.27
CA ARG SC 170 36.79 -134.66 -23.68
C ARG SC 170 37.24 -135.07 -22.29
N LEU SC 171 38.34 -134.47 -21.84
CA LEU SC 171 38.82 -134.69 -20.49
C LEU SC 171 39.56 -133.41 -20.09
N THR SC 172 38.87 -132.52 -19.38
CA THR SC 172 39.44 -131.23 -19.01
C THR SC 172 39.84 -131.31 -17.53
N ALA SC 173 41.05 -131.79 -17.29
CA ALA SC 173 41.59 -131.81 -15.94
C ALA SC 173 42.04 -130.42 -15.52
N SER SC 174 42.12 -130.21 -14.22
CA SER SC 174 42.60 -128.95 -13.67
C SER SC 174 43.24 -129.24 -12.32
N LEU SC 175 43.87 -128.21 -11.75
CA LEU SC 175 44.53 -128.31 -10.46
C LEU SC 175 44.72 -126.91 -9.92
N ARG SC 176 44.22 -126.66 -8.72
CA ARG SC 176 44.32 -125.34 -8.10
C ARG SC 176 44.81 -125.51 -6.67
N GLN SC 177 45.00 -124.37 -6.00
CA GLN SC 177 45.17 -124.34 -4.54
C GLN SC 177 44.66 -123.00 -4.04
N ASN SC 178 43.57 -123.05 -3.28
CA ASN SC 178 42.88 -121.85 -2.82
C ASN SC 178 43.26 -121.57 -1.37
N GLY SC 179 43.40 -120.28 -1.06
CA GLY SC 179 43.70 -119.85 0.28
C GLY SC 179 45.18 -119.70 0.54
N ALA SC 180 45.62 -120.01 1.76
CA ALA SC 180 47.02 -119.87 2.13
C ALA SC 180 47.78 -121.17 1.91
N LYS SC 181 47.65 -121.72 0.69
CA LYS SC 181 48.42 -122.88 0.20
C LYS SC 181 48.21 -124.12 1.06
N THR SC 182 47.02 -124.28 1.63
CA THR SC 182 46.74 -125.38 2.54
C THR SC 182 46.04 -126.56 1.86
N ALA SC 183 45.25 -126.33 0.82
CA ALA SC 183 44.46 -127.39 0.23
C ALA SC 183 44.50 -127.28 -1.28
N TYR SC 184 44.60 -128.42 -1.95
CA TYR SC 184 44.58 -128.49 -3.40
C TYR SC 184 43.15 -128.73 -3.89
N ARG SC 185 42.97 -128.74 -5.21
CA ARG SC 185 41.65 -128.95 -5.79
C ARG SC 185 41.83 -129.57 -7.18
N VAL SC 186 41.68 -130.88 -7.27
CA VAL SC 186 41.70 -131.58 -8.55
C VAL SC 186 40.30 -131.54 -9.15
N ASN SC 187 40.21 -131.43 -10.47
CA ASN SC 187 38.91 -131.26 -11.11
C ASN SC 187 38.94 -131.91 -12.49
N LEU SC 188 38.48 -133.15 -12.58
CA LEU SC 188 38.31 -133.84 -13.84
C LEU SC 188 36.89 -133.64 -14.36
N LYS SC 189 36.70 -133.88 -15.66
CA LYS SC 189 35.40 -133.72 -16.30
C LYS SC 189 35.41 -134.46 -17.62
N LEU SC 190 34.47 -135.39 -17.81
CA LEU SC 190 34.42 -136.23 -19.01
C LEU SC 190 33.14 -135.90 -19.79
N ASP SC 191 33.30 -135.21 -20.91
CA ASP SC 191 32.18 -134.89 -21.80
C ASP SC 191 32.00 -136.00 -22.83
N GLN SC 192 30.77 -136.47 -22.97
CA GLN SC 192 30.44 -137.43 -24.02
C GLN SC 192 29.22 -136.93 -24.76
N ALA SC 193 29.38 -136.64 -26.04
CA ALA SC 193 28.27 -136.19 -26.88
C ALA SC 193 27.86 -137.31 -27.82
N ASP SC 194 26.56 -137.45 -28.03
CA ASP SC 194 26.02 -138.49 -28.90
C ASP SC 194 25.85 -137.92 -30.29
N VAL SC 195 26.65 -138.40 -31.23
CA VAL SC 195 26.61 -137.95 -32.62
C VAL SC 195 25.88 -139.00 -33.45
N VAL SC 196 25.07 -138.54 -34.40
CA VAL SC 196 24.30 -139.41 -35.28
C VAL SC 196 24.31 -138.81 -36.68
N ASP SC 197 24.22 -139.66 -37.69
CA ASP SC 197 24.10 -139.23 -39.07
C ASP SC 197 23.22 -140.20 -39.86
N CYS SC 198 22.39 -139.63 -40.73
CA CYS SC 198 21.57 -140.41 -41.64
C CYS SC 198 21.75 -139.96 -43.09
N SER SC 199 23.01 -139.88 -43.54
CA SER SC 199 23.28 -139.67 -44.96
C SER SC 199 22.82 -140.84 -45.81
N THR SC 200 22.69 -142.04 -45.22
CA THR SC 200 22.09 -143.15 -45.93
C THR SC 200 20.58 -143.02 -46.01
N SER SC 201 19.97 -142.19 -45.16
CA SER SC 201 18.53 -141.98 -45.15
C SER SC 201 18.13 -140.64 -45.76
N VAL SC 202 18.68 -139.54 -45.26
CA VAL SC 202 18.39 -138.20 -45.75
C VAL SC 202 19.64 -137.66 -46.43
N CYS SC 203 19.52 -137.27 -47.70
CA CYS SC 203 20.65 -136.79 -48.45
C CYS SC 203 21.12 -135.42 -47.97
N GLY SC 204 22.42 -135.19 -48.10
CA GLY SC 204 23.02 -133.93 -47.69
C GLY SC 204 23.03 -133.69 -46.20
N GLU SC 205 22.99 -134.76 -45.40
CA GLU SC 205 22.95 -134.65 -43.95
C GLU SC 205 24.31 -135.00 -43.38
N LEU SC 206 24.97 -134.01 -42.81
CA LEU SC 206 26.23 -134.19 -42.12
C LEU SC 206 25.96 -134.57 -40.66
N PRO SC 207 26.92 -135.21 -39.98
CA PRO SC 207 26.70 -135.58 -38.57
C PRO SC 207 26.53 -134.39 -37.65
N LYS SC 208 25.76 -134.60 -36.59
CA LYS SC 208 25.47 -133.58 -35.61
C LYS SC 208 25.25 -134.25 -34.26
N VAL SC 209 25.32 -133.45 -33.19
CA VAL SC 209 25.19 -133.95 -31.83
C VAL SC 209 23.74 -133.81 -31.37
N ARG SC 210 23.25 -134.85 -30.70
CA ARG SC 210 21.91 -134.78 -30.11
C ARG SC 210 21.96 -134.11 -28.75
N TYR SC 211 22.67 -134.71 -27.80
CA TYR SC 211 22.77 -134.23 -26.43
C TYR SC 211 24.21 -134.39 -25.96
N THR SC 212 24.43 -134.13 -24.68
CA THR SC 212 25.73 -134.40 -24.08
C THR SC 212 25.52 -134.80 -22.62
N GLN SC 213 26.45 -135.58 -22.09
CA GLN SC 213 26.38 -136.09 -20.73
C GLN SC 213 27.75 -135.99 -20.08
N VAL SC 214 27.80 -135.37 -18.91
CA VAL SC 214 29.07 -135.12 -18.24
C VAL SC 214 29.21 -136.09 -17.07
N TRP SC 215 30.44 -136.19 -16.57
CA TRP SC 215 30.72 -136.83 -15.27
C TRP SC 215 31.95 -136.10 -14.74
N SER SC 216 31.71 -135.02 -14.00
CA SER SC 216 32.82 -134.24 -13.47
C SER SC 216 33.17 -134.71 -12.06
N HIS SC 217 34.39 -134.41 -11.66
CA HIS SC 217 34.91 -134.78 -10.35
C HIS SC 217 35.46 -133.54 -9.68
N ASP SC 218 35.48 -133.56 -8.35
CA ASP SC 218 36.02 -132.42 -7.59
C ASP SC 218 36.63 -132.98 -6.31
N VAL SC 219 37.93 -133.23 -6.33
CA VAL SC 219 38.66 -133.78 -5.21
C VAL SC 219 39.27 -132.64 -4.43
N THR SC 220 39.18 -132.69 -3.11
CA THR SC 220 39.79 -131.70 -2.23
C THR SC 220 40.84 -132.40 -1.37
N ILE SC 221 42.09 -132.00 -1.52
CA ILE SC 221 43.21 -132.62 -0.84
C ILE SC 221 43.98 -131.54 -0.10
N VAL SC 222 44.10 -131.69 1.22
CA VAL SC 222 44.89 -130.74 1.99
C VAL SC 222 46.36 -131.08 1.85
N ALA SC 223 47.20 -130.04 1.94
CA ALA SC 223 48.60 -130.16 1.51
C ALA SC 223 49.44 -130.97 2.49
N ASN SC 224 49.10 -130.93 3.77
CA ASN SC 224 49.87 -131.62 4.81
C ASN SC 224 49.33 -133.00 5.13
N SER SC 225 48.77 -133.68 4.14
CA SER SC 225 48.13 -134.98 4.33
C SER SC 225 49.16 -136.07 4.57
N THR SC 226 48.67 -137.22 5.02
CA THR SC 226 49.43 -138.45 5.00
C THR SC 226 49.30 -139.05 3.61
N GLU SC 227 50.27 -139.88 3.21
CA GLU SC 227 50.17 -140.54 1.92
C GLU SC 227 49.06 -141.59 1.91
N ALA SC 228 48.95 -142.36 2.99
CA ALA SC 228 47.86 -143.33 3.08
C ALA SC 228 46.51 -142.68 3.33
N SER SC 229 46.49 -141.40 3.69
CA SER SC 229 45.23 -140.67 3.76
C SER SC 229 44.73 -140.32 2.36
N ARG SC 230 45.64 -140.05 1.43
CA ARG SC 230 45.24 -139.80 0.05
C ARG SC 230 45.07 -141.09 -0.72
N LYS SC 231 45.83 -142.13 -0.35
CA LYS SC 231 45.73 -143.42 -1.04
C LYS SC 231 44.42 -144.11 -0.70
N SER SC 232 43.92 -143.94 0.52
CA SER SC 232 42.67 -144.58 0.91
C SER SC 232 41.47 -143.83 0.37
N LEU SC 233 41.59 -142.52 0.15
CA LEU SC 233 40.50 -141.78 -0.48
C LEU SC 233 40.33 -142.17 -1.93
N TYR SC 234 41.43 -142.42 -2.63
CA TYR SC 234 41.35 -142.89 -4.01
C TYR SC 234 40.83 -144.32 -4.08
N ASP SC 235 41.30 -145.18 -3.18
CA ASP SC 235 40.90 -146.58 -3.17
C ASP SC 235 39.45 -146.79 -2.80
N LEU SC 236 38.84 -145.86 -2.05
CA LEU SC 236 37.42 -145.97 -1.74
C LEU SC 236 36.57 -145.48 -2.91
N THR SC 237 36.99 -144.40 -3.56
CA THR SC 237 36.23 -143.86 -4.69
C THR SC 237 36.35 -144.75 -5.90
N LYS SC 238 37.51 -145.39 -6.10
CA LYS SC 238 37.65 -146.38 -7.16
C LYS SC 238 36.75 -147.58 -6.90
N SER SC 239 36.57 -147.95 -5.64
CA SER SC 239 35.68 -149.04 -5.29
C SER SC 239 34.22 -148.61 -5.19
N LEU SC 240 33.96 -147.31 -5.09
CA LEU SC 240 32.59 -146.84 -5.06
C LEU SC 240 31.97 -146.86 -6.46
N VAL SC 241 32.70 -146.36 -7.45
CA VAL SC 241 32.23 -146.35 -8.83
C VAL SC 241 32.08 -147.76 -9.38
N ALA SC 242 32.93 -148.69 -8.93
CA ALA SC 242 32.90 -150.05 -9.44
C ALA SC 242 31.79 -150.91 -8.83
N THR SC 243 30.95 -150.36 -7.96
CA THR SC 243 29.87 -151.14 -7.38
C THR SC 243 28.72 -151.30 -8.36
N SER SC 244 27.79 -152.18 -8.01
CA SER SC 244 26.61 -152.41 -8.84
C SER SC 244 25.47 -151.48 -8.51
N GLN SC 245 25.64 -150.59 -7.53
CA GLN SC 245 24.56 -149.67 -7.18
C GLN SC 245 24.76 -148.31 -7.82
N VAL SC 246 26.02 -147.86 -7.96
CA VAL SC 246 26.30 -146.62 -8.66
C VAL SC 246 26.20 -146.82 -10.17
N GLU SC 247 26.35 -148.07 -10.63
CA GLU SC 247 26.03 -148.38 -12.02
C GLU SC 247 24.55 -148.17 -12.30
N ASP SC 248 23.69 -148.72 -11.46
CA ASP SC 248 22.25 -148.60 -11.64
C ASP SC 248 21.72 -147.22 -11.26
N LEU SC 249 22.49 -146.44 -10.51
CA LEU SC 249 22.09 -145.07 -10.22
C LEU SC 249 22.24 -144.19 -11.45
N VAL SC 250 23.20 -144.50 -12.31
CA VAL SC 250 23.41 -143.72 -13.53
C VAL SC 250 22.58 -144.28 -14.68
N VAL SC 251 22.54 -145.60 -14.82
CA VAL SC 251 21.82 -146.20 -15.94
C VAL SC 251 20.31 -146.16 -15.72
N ASN SC 252 19.84 -146.54 -14.53
CA ASN SC 252 18.41 -146.71 -14.29
C ASN SC 252 17.84 -145.76 -13.25
N LEU SC 253 18.64 -144.86 -12.69
CA LEU SC 253 18.21 -143.80 -11.76
C LEU SC 253 17.57 -144.33 -10.48
N VAL SC 254 17.89 -145.56 -10.08
CA VAL SC 254 17.44 -146.08 -8.80
C VAL SC 254 18.43 -145.64 -7.73
N PRO SC 255 17.97 -145.10 -6.60
CA PRO SC 255 18.89 -144.59 -5.58
C PRO SC 255 19.67 -145.70 -4.89
N LEU SC 256 20.66 -145.27 -4.11
CA LEU SC 256 21.61 -146.20 -3.50
C LEU SC 256 21.01 -146.90 -2.30
N GLY SC 257 21.66 -147.99 -1.88
CA GLY SC 257 21.27 -148.69 -0.69
C GLY SC 257 20.35 -149.87 -0.92
N ARG SC 258 20.86 -151.07 -0.69
CA ARG SC 258 20.02 -152.27 -0.74
C ARG SC 258 20.16 -153.07 0.56
N SER TC 1 100.12 -115.61 -5.53
CA SER TC 1 99.17 -115.27 -4.48
C SER TC 1 98.26 -116.47 -4.19
N LYS TC 2 96.95 -116.21 -4.14
CA LYS TC 2 95.95 -117.24 -3.88
C LYS TC 2 95.30 -117.63 -5.20
N THR TC 3 95.25 -118.93 -5.46
CA THR TC 3 94.84 -119.44 -6.77
C THR TC 3 93.66 -120.39 -6.64
N ILE TC 4 92.83 -120.41 -7.69
CA ILE TC 4 91.85 -121.47 -7.92
C ILE TC 4 92.22 -122.14 -9.23
N VAL TC 5 92.11 -123.47 -9.28
CA VAL TC 5 92.40 -124.22 -10.49
C VAL TC 5 91.09 -124.77 -11.04
N LEU TC 6 90.90 -124.66 -12.34
CA LEU TC 6 89.69 -125.12 -13.02
C LEU TC 6 90.12 -126.08 -14.13
N SER TC 7 90.05 -127.38 -13.84
CA SER TC 7 90.45 -128.39 -14.80
C SER TC 7 89.34 -128.59 -15.83
N VAL TC 8 89.69 -128.43 -17.11
CA VAL TC 8 88.72 -128.48 -18.19
C VAL TC 8 89.07 -129.74 -18.98
N GLY TC 9 89.53 -130.75 -18.26
CA GLY TC 9 90.04 -131.96 -18.86
C GLY TC 9 91.44 -132.22 -18.35
N GLU TC 10 92.43 -132.08 -19.24
CA GLU TC 10 93.82 -132.01 -18.81
C GLU TC 10 94.36 -130.58 -18.81
N ALA TC 11 93.69 -129.66 -19.49
CA ALA TC 11 94.09 -128.27 -19.48
C ALA TC 11 93.60 -127.60 -18.20
N THR TC 12 94.52 -127.08 -17.39
CA THR TC 12 94.20 -126.42 -16.14
C THR TC 12 94.40 -124.93 -16.30
N ARG TC 13 93.39 -124.15 -15.93
CA ARG TC 13 93.43 -122.69 -16.04
C ARG TC 13 93.39 -122.12 -14.63
N THR TC 14 94.54 -121.62 -14.16
CA THR TC 14 94.68 -121.15 -12.80
C THR TC 14 94.41 -119.66 -12.71
N LEU TC 15 93.45 -119.28 -11.90
CA LEU TC 15 93.09 -117.89 -11.69
C LEU TC 15 93.71 -117.37 -10.40
N THR TC 16 94.48 -116.29 -10.51
CA THR TC 16 95.15 -115.72 -9.35
C THR TC 16 94.39 -114.49 -8.87
N GLU TC 17 94.57 -114.16 -7.60
CA GLU TC 17 93.76 -113.14 -6.95
C GLU TC 17 94.35 -111.75 -7.19
N ILE TC 18 93.50 -110.81 -7.58
CA ILE TC 18 93.92 -109.43 -7.80
C ILE TC 18 93.24 -108.43 -6.86
N GLN TC 19 92.34 -108.88 -6.00
CA GLN TC 19 91.66 -107.97 -5.08
C GLN TC 19 91.15 -108.77 -3.90
N SER TC 20 91.19 -108.18 -2.71
CA SER TC 20 90.66 -108.81 -1.51
C SER TC 20 90.09 -107.69 -0.64
N THR TC 21 88.80 -107.43 -0.76
CA THR TC 21 88.12 -106.45 0.08
C THR TC 21 87.57 -107.23 1.29
N ALA TC 22 86.71 -106.61 2.10
CA ALA TC 22 86.11 -107.31 3.22
C ALA TC 22 85.13 -108.39 2.75
N ASP TC 23 84.43 -108.13 1.66
CA ASP TC 23 83.52 -109.11 1.07
C ASP TC 23 83.89 -109.51 -0.35
N ARG TC 24 84.21 -108.55 -1.22
CA ARG TC 24 84.50 -108.87 -2.61
C ARG TC 24 85.89 -109.47 -2.74
N GLN TC 25 86.07 -110.31 -3.75
CA GLN TC 25 87.30 -111.08 -3.90
C GLN TC 25 87.43 -111.47 -5.37
N ILE TC 26 88.27 -110.75 -6.10
CA ILE TC 26 88.32 -110.83 -7.56
C ILE TC 26 89.52 -111.67 -7.97
N PHE TC 27 89.30 -112.62 -8.87
CA PHE TC 27 90.34 -113.45 -9.44
C PHE TC 27 90.46 -113.18 -10.93
N GLU TC 28 91.65 -113.42 -11.47
CA GLU TC 28 91.88 -113.29 -12.91
C GLU TC 28 92.91 -114.33 -13.33
N GLU TC 29 92.82 -114.73 -14.60
CA GLU TC 29 93.86 -115.54 -15.22
C GLU TC 29 94.91 -114.61 -15.80
N LYS TC 30 96.16 -115.04 -15.76
CA LYS TC 30 97.28 -114.18 -16.13
C LYS TC 30 97.90 -114.52 -17.48
N VAL TC 31 97.40 -115.53 -18.16
CA VAL TC 31 97.95 -115.93 -19.45
C VAL TC 31 97.21 -115.21 -20.57
N GLY TC 32 97.96 -114.59 -21.47
CA GLY TC 32 97.39 -113.99 -22.66
C GLY TC 32 97.51 -112.48 -22.69
N PRO TC 33 96.70 -111.85 -23.56
CA PRO TC 33 96.69 -110.38 -23.61
C PRO TC 33 96.12 -109.73 -22.37
N LEU TC 34 96.35 -108.44 -22.20
CA LEU TC 34 96.00 -107.74 -20.98
C LEU TC 34 94.60 -107.15 -20.98
N VAL TC 35 93.87 -107.24 -22.09
CA VAL TC 35 92.60 -106.53 -22.19
C VAL TC 35 91.41 -107.46 -21.95
N GLY TC 36 91.47 -108.71 -22.37
CA GLY TC 36 90.40 -109.64 -22.09
C GLY TC 36 90.88 -110.90 -21.43
N ARG TC 37 90.48 -111.11 -20.17
CA ARG TC 37 90.90 -112.27 -19.40
C ARG TC 37 89.70 -112.81 -18.62
N LEU TC 38 89.90 -113.98 -18.02
CA LEU TC 38 88.87 -114.56 -17.16
C LEU TC 38 88.70 -113.72 -15.90
N ARG TC 39 87.55 -113.88 -15.26
CA ARG TC 39 87.20 -113.08 -14.10
C ARG TC 39 86.30 -113.91 -13.20
N LEU TC 40 86.48 -113.74 -11.88
CA LEU TC 40 85.70 -114.50 -10.92
C LEU TC 40 85.48 -113.60 -9.71
N THR TC 41 84.34 -112.92 -9.68
CA THR TC 41 84.05 -111.94 -8.64
C THR TC 41 83.26 -112.64 -7.54
N ALA TC 42 83.97 -113.29 -6.63
CA ALA TC 42 83.36 -113.93 -5.49
C ALA TC 42 82.94 -112.91 -4.45
N SER TC 43 82.00 -113.30 -3.59
CA SER TC 43 81.50 -112.42 -2.53
C SER TC 43 80.85 -113.28 -1.45
N LEU TC 44 80.53 -112.63 -0.33
CA LEU TC 44 79.82 -113.25 0.78
C LEU TC 44 79.25 -112.14 1.65
N ARG TC 45 78.06 -112.36 2.19
CA ARG TC 45 77.37 -111.37 3.00
C ARG TC 45 76.59 -112.08 4.09
N GLN TC 46 75.97 -111.28 4.96
CA GLN TC 46 74.91 -111.75 5.85
C GLN TC 46 73.95 -110.59 6.10
N ASN TC 47 72.89 -110.53 5.30
CA ASN TC 47 71.97 -109.40 5.32
C ASN TC 47 70.81 -109.68 6.26
N GLY TC 48 70.29 -108.62 6.87
CA GLY TC 48 69.16 -108.72 7.77
C GLY TC 48 69.58 -108.88 9.21
N ALA TC 49 68.89 -109.74 9.94
CA ALA TC 49 69.19 -109.96 11.36
C ALA TC 49 70.15 -111.13 11.54
N LYS TC 50 71.23 -111.09 10.75
CA LYS TC 50 72.39 -111.98 10.86
C LYS TC 50 72.04 -113.46 10.79
N THR TC 51 71.00 -113.81 10.04
CA THR TC 51 70.50 -115.18 10.03
C THR TC 51 70.65 -115.88 8.70
N ALA TC 52 70.90 -115.15 7.60
CA ALA TC 52 71.00 -115.75 6.28
C ALA TC 52 72.22 -115.18 5.58
N TYR TC 53 73.06 -116.06 5.05
CA TYR TC 53 74.22 -115.66 4.28
C TYR TC 53 73.84 -115.55 2.80
N ARG TC 54 74.78 -115.07 1.99
CA ARG TC 54 74.53 -114.91 0.56
C ARG TC 54 75.85 -115.02 -0.19
N VAL TC 55 76.12 -116.20 -0.73
CA VAL TC 55 77.24 -116.40 -1.63
C VAL TC 55 76.87 -115.86 -3.00
N ASN TC 56 77.83 -115.23 -3.68
CA ASN TC 56 77.54 -114.57 -4.95
C ASN TC 56 78.77 -114.66 -5.84
N LEU TC 57 78.80 -115.67 -6.72
CA LEU TC 57 79.86 -115.82 -7.69
C LEU TC 57 79.45 -115.22 -9.02
N LYS TC 58 80.45 -114.92 -9.86
CA LYS TC 58 80.20 -114.32 -11.17
C LYS TC 58 81.42 -114.61 -12.05
N LEU TC 59 81.25 -115.48 -13.02
CA LEU TC 59 82.34 -115.89 -13.91
C LEU TC 59 82.18 -115.19 -15.25
N ASP TC 60 82.84 -114.04 -15.41
CA ASP TC 60 82.87 -113.36 -16.70
C ASP TC 60 83.78 -114.10 -17.66
N GLN TC 61 83.53 -113.88 -18.95
CA GLN TC 61 84.42 -114.39 -19.99
C GLN TC 61 84.25 -113.52 -21.22
N ALA TC 62 85.32 -112.83 -21.60
CA ALA TC 62 85.32 -111.97 -22.78
C ALA TC 62 86.02 -112.67 -23.93
N ASP TC 63 85.54 -112.43 -25.14
CA ASP TC 63 86.14 -113.03 -26.34
C ASP TC 63 86.94 -111.95 -27.05
N VAL TC 64 88.25 -111.96 -26.83
CA VAL TC 64 89.15 -110.96 -27.41
C VAL TC 64 89.58 -111.43 -28.78
N VAL TC 65 89.72 -110.49 -29.71
CA VAL TC 65 90.17 -110.77 -31.06
C VAL TC 65 91.28 -109.79 -31.41
N ASP TC 66 92.35 -110.30 -32.03
CA ASP TC 66 93.46 -109.48 -32.49
C ASP TC 66 93.81 -109.85 -33.92
N CYS TC 67 93.61 -108.92 -34.84
CA CYS TC 67 93.99 -109.08 -36.24
C CYS TC 67 94.83 -107.90 -36.70
N SER TC 68 95.93 -107.64 -35.98
CA SER TC 68 96.95 -106.74 -36.48
C SER TC 68 97.69 -107.32 -37.68
N THR TC 69 97.62 -108.64 -37.88
CA THR TC 69 98.12 -109.24 -39.10
C THR TC 69 97.29 -108.83 -40.30
N SER TC 70 95.96 -108.79 -40.13
CA SER TC 70 95.07 -108.43 -41.24
C SER TC 70 95.03 -106.92 -41.44
N VAL TC 71 94.52 -106.19 -40.45
CA VAL TC 71 94.46 -104.74 -40.51
C VAL TC 71 95.75 -104.18 -39.92
N CYS TC 72 96.49 -103.43 -40.72
CA CYS TC 72 97.79 -102.92 -40.29
C CYS TC 72 97.60 -101.75 -39.35
N GLY TC 73 97.93 -101.96 -38.07
CA GLY TC 73 97.91 -100.89 -37.09
C GLY TC 73 96.80 -100.94 -36.08
N GLU TC 74 96.18 -102.10 -35.85
CA GLU TC 74 95.12 -102.23 -34.88
C GLU TC 74 95.59 -103.05 -33.69
N LEU TC 75 94.86 -102.91 -32.59
CA LEU TC 75 95.23 -103.45 -31.28
C LEU TC 75 94.23 -104.52 -30.86
N PRO TC 76 94.52 -105.36 -29.87
CA PRO TC 76 93.52 -106.34 -29.41
C PRO TC 76 92.33 -105.66 -28.75
N LYS TC 77 91.19 -106.35 -28.82
CA LYS TC 77 89.91 -105.77 -28.46
C LYS TC 77 88.92 -106.91 -28.23
N VAL TC 78 88.02 -106.73 -27.27
CA VAL TC 78 87.02 -107.75 -26.97
C VAL TC 78 85.75 -107.45 -27.75
N ARG TC 79 85.06 -108.50 -28.19
CA ARG TC 79 83.78 -108.31 -28.87
C ARG TC 79 82.63 -108.29 -27.87
N TYR TC 80 82.48 -109.36 -27.11
CA TYR TC 80 81.36 -109.54 -26.20
C TYR TC 80 81.85 -110.18 -24.91
N THR TC 81 80.98 -110.16 -23.90
CA THR TC 81 81.24 -110.85 -22.65
C THR TC 81 80.06 -111.76 -22.33
N GLN TC 82 80.36 -112.96 -21.85
CA GLN TC 82 79.34 -113.93 -21.46
C GLN TC 82 79.61 -114.34 -20.01
N VAL TC 83 78.62 -114.14 -19.15
CA VAL TC 83 78.79 -114.37 -17.72
C VAL TC 83 77.97 -115.58 -17.30
N TRP TC 84 78.24 -116.06 -16.08
CA TRP TC 84 77.44 -117.10 -15.45
C TRP TC 84 77.46 -116.80 -13.96
N SER TC 85 76.44 -116.09 -13.48
CA SER TC 85 76.39 -115.72 -12.09
C SER TC 85 75.82 -116.87 -11.25
N HIS TC 86 76.01 -116.75 -9.94
CA HIS TC 86 75.40 -117.66 -8.97
C HIS TC 86 74.87 -116.80 -7.82
N ASP TC 87 73.88 -117.33 -7.12
CA ASP TC 87 73.31 -116.64 -5.97
C ASP TC 87 72.81 -117.70 -4.99
N VAL TC 88 73.65 -118.05 -4.05
CA VAL TC 88 73.33 -119.08 -3.07
C VAL TC 88 72.83 -118.40 -1.80
N THR TC 89 71.74 -118.91 -1.24
CA THR TC 89 71.20 -118.39 0.02
C THR TC 89 71.28 -119.48 1.06
N ILE TC 90 72.04 -119.24 2.12
CA ILE TC 90 72.26 -120.20 3.19
C ILE TC 90 71.80 -119.58 4.49
N VAL TC 91 70.88 -120.24 5.16
CA VAL TC 91 70.44 -119.80 6.49
C VAL TC 91 71.39 -120.36 7.54
N ALA TC 92 71.63 -119.58 8.59
CA ALA TC 92 72.77 -119.82 9.47
C ALA TC 92 72.56 -120.99 10.40
N ASN TC 93 71.31 -121.26 10.80
CA ASN TC 93 71.02 -122.34 11.73
C ASN TC 93 70.75 -123.67 11.02
N SER TC 94 71.30 -123.87 9.83
CA SER TC 94 71.07 -125.09 9.07
C SER TC 94 71.80 -126.27 9.69
N THR TC 95 71.46 -127.45 9.22
CA THR TC 95 72.27 -128.63 9.46
C THR TC 95 73.27 -128.77 8.32
N GLU TC 96 74.32 -129.55 8.57
CA GLU TC 96 75.39 -129.67 7.57
C GLU TC 96 74.95 -130.50 6.38
N ALA TC 97 74.03 -131.44 6.58
CA ALA TC 97 73.53 -132.24 5.47
C ALA TC 97 72.59 -131.45 4.57
N SER TC 98 72.04 -130.34 5.06
CA SER TC 98 71.25 -129.47 4.20
C SER TC 98 72.14 -128.69 3.24
N ARG TC 99 73.22 -128.11 3.76
CA ARG TC 99 74.15 -127.36 2.95
C ARG TC 99 74.97 -128.26 2.03
N LYS TC 100 75.16 -129.51 2.40
CA LYS TC 100 75.91 -130.43 1.55
C LYS TC 100 75.06 -130.95 0.40
N SER TC 101 73.78 -131.21 0.66
CA SER TC 101 72.90 -131.73 -0.38
C SER TC 101 72.56 -130.65 -1.40
N LEU TC 102 72.44 -129.40 -0.95
CA LEU TC 102 72.20 -128.29 -1.88
C LEU TC 102 73.38 -128.09 -2.82
N TYR TC 103 74.59 -128.31 -2.31
CA TYR TC 103 75.76 -128.27 -3.18
C TYR TC 103 75.82 -129.50 -4.08
N ASP TC 104 75.49 -130.68 -3.54
CA ASP TC 104 75.55 -131.91 -4.31
C ASP TC 104 74.49 -132.00 -5.39
N LEU TC 105 73.36 -131.31 -5.23
CA LEU TC 105 72.36 -131.31 -6.28
C LEU TC 105 72.72 -130.32 -7.38
N THR TC 106 73.29 -129.18 -7.02
CA THR TC 106 73.66 -128.19 -8.03
C THR TC 106 74.94 -128.58 -8.75
N LYS TC 107 75.81 -129.36 -8.10
CA LYS TC 107 76.96 -129.92 -8.79
C LYS TC 107 76.53 -130.92 -9.86
N SER TC 108 75.43 -131.64 -9.60
CA SER TC 108 74.89 -132.56 -10.58
C SER TC 108 73.87 -131.92 -11.50
N LEU TC 109 73.37 -130.73 -11.16
CA LEU TC 109 72.50 -130.02 -12.08
C LEU TC 109 73.29 -129.50 -13.27
N VAL TC 110 74.46 -128.91 -13.01
CA VAL TC 110 75.27 -128.35 -14.08
C VAL TC 110 75.90 -129.47 -14.91
N ALA TC 111 76.21 -130.60 -14.29
CA ALA TC 111 76.93 -131.66 -14.98
C ALA TC 111 76.05 -132.54 -15.86
N THR TC 112 74.75 -132.28 -15.96
CA THR TC 112 73.90 -133.11 -16.78
C THR TC 112 73.93 -132.63 -18.23
N SER TC 113 73.41 -133.48 -19.12
CA SER TC 113 73.40 -133.19 -20.54
C SER TC 113 72.25 -132.28 -20.96
N GLN TC 114 71.34 -131.94 -20.04
CA GLN TC 114 70.21 -131.09 -20.41
C GLN TC 114 70.49 -129.62 -20.15
N VAL TC 115 71.32 -129.31 -19.17
CA VAL TC 115 71.72 -127.93 -18.94
C VAL TC 115 72.86 -127.56 -19.89
N GLU TC 116 73.65 -128.56 -20.32
CA GLU TC 116 74.67 -128.32 -21.32
C GLU TC 116 74.06 -127.87 -22.65
N ASP TC 117 73.01 -128.56 -23.11
CA ASP TC 117 72.33 -128.15 -24.32
C ASP TC 117 71.50 -126.89 -24.13
N LEU TC 118 71.17 -126.53 -22.89
CA LEU TC 118 70.39 -125.32 -22.65
C LEU TC 118 71.21 -124.06 -22.84
N VAL TC 119 72.51 -124.11 -22.56
CA VAL TC 119 73.34 -122.90 -22.66
C VAL TC 119 74.15 -122.91 -23.93
N VAL TC 120 74.38 -124.09 -24.51
CA VAL TC 120 75.14 -124.14 -25.77
C VAL TC 120 74.20 -124.01 -26.96
N ASN TC 121 73.19 -124.88 -27.04
CA ASN TC 121 72.31 -124.94 -28.21
C ASN TC 121 70.92 -124.40 -27.95
N LEU TC 122 70.69 -123.80 -26.77
CA LEU TC 122 69.45 -123.12 -26.38
C LEU TC 122 68.23 -124.05 -26.36
N VAL TC 123 68.45 -125.36 -26.22
CA VAL TC 123 67.35 -126.32 -26.17
C VAL TC 123 66.70 -126.25 -24.79
N PRO TC 124 65.37 -126.23 -24.69
CA PRO TC 124 64.72 -126.17 -23.38
C PRO TC 124 64.91 -127.46 -22.58
N LEU TC 125 64.52 -127.38 -21.31
CA LEU TC 125 64.79 -128.45 -20.37
C LEU TC 125 63.73 -129.54 -20.45
N GLY TC 126 64.13 -130.75 -20.04
CA GLY TC 126 63.19 -131.85 -19.98
C GLY TC 126 63.20 -132.74 -21.20
N ARG TC 127 63.40 -134.03 -21.00
CA ARG TC 127 63.34 -135.02 -22.08
C ARG TC 127 62.47 -136.17 -21.61
N ALA TC 128 61.33 -136.36 -22.29
CA ALA TC 128 60.38 -137.39 -21.90
C ALA TC 128 60.85 -138.75 -22.38
N TYR TC 129 61.38 -139.56 -21.46
CA TYR TC 129 61.81 -140.93 -21.75
C TYR TC 129 60.80 -141.88 -21.12
N GLY TC 130 59.72 -142.15 -21.86
CA GLY TC 130 58.68 -143.04 -21.38
C GLY TC 130 57.88 -142.49 -20.22
N GLY TC 131 57.14 -141.41 -20.45
CA GLY TC 131 56.37 -140.81 -19.38
C GLY TC 131 56.34 -139.29 -19.46
N SER TC 132 56.57 -138.63 -18.34
CA SER TC 132 56.57 -137.17 -18.31
C SER TC 132 57.95 -136.63 -18.66
N LYS TC 133 58.04 -135.32 -18.82
CA LYS TC 133 59.32 -134.66 -19.05
C LYS TC 133 60.07 -134.59 -17.73
N THR TC 134 61.20 -135.29 -17.66
CA THR TC 134 61.91 -135.49 -16.40
C THR TC 134 63.36 -135.06 -16.51
N ILE TC 135 63.92 -134.67 -15.37
CA ILE TC 135 65.35 -134.42 -15.21
C ILE TC 135 65.85 -135.35 -14.11
N VAL TC 136 66.97 -136.02 -14.33
CA VAL TC 136 67.55 -136.92 -13.35
C VAL TC 136 68.80 -136.26 -12.78
N LEU TC 137 68.83 -136.07 -11.47
CA LEU TC 137 69.96 -135.46 -10.77
C LEU TC 137 70.62 -136.53 -9.90
N SER TC 138 71.57 -137.25 -10.48
CA SER TC 138 72.24 -138.33 -9.76
C SER TC 138 73.22 -137.77 -8.73
N VAL TC 139 73.13 -138.28 -7.51
CA VAL TC 139 73.97 -137.83 -6.42
C VAL TC 139 74.87 -139.01 -6.06
N GLY TC 140 75.26 -139.78 -7.08
CA GLY TC 140 75.98 -141.01 -6.88
C GLY TC 140 75.16 -142.19 -7.37
N GLU TC 141 74.68 -143.01 -6.45
CA GLU TC 141 73.71 -144.04 -6.79
C GLU TC 141 72.27 -143.61 -6.48
N ALA TC 142 72.09 -142.57 -5.67
CA ALA TC 142 70.76 -142.03 -5.44
C ALA TC 142 70.41 -141.06 -6.57
N THR TC 143 69.32 -141.35 -7.28
CA THR TC 143 68.86 -140.52 -8.38
C THR TC 143 67.55 -139.87 -7.98
N ARG TC 144 67.46 -138.55 -8.16
CA ARG TC 144 66.28 -137.79 -7.79
C ARG TC 144 65.67 -137.22 -9.06
N THR TC 145 64.50 -137.75 -9.43
CA THR TC 145 63.87 -137.47 -10.72
C THR TC 145 62.80 -136.41 -10.55
N LEU TC 146 63.02 -135.24 -11.15
CA LEU TC 146 62.06 -134.14 -11.09
C LEU TC 146 61.21 -134.12 -12.35
N THR TC 147 59.89 -134.17 -12.18
CA THR TC 147 58.96 -134.17 -13.29
C THR TC 147 58.37 -132.78 -13.49
N GLU TC 148 58.09 -132.44 -14.74
CA GLU TC 148 57.62 -131.11 -15.10
C GLU TC 148 56.17 -130.93 -14.67
N ILE TC 149 55.88 -129.81 -14.00
CA ILE TC 149 54.54 -129.53 -13.53
C ILE TC 149 53.88 -128.36 -14.26
N GLN TC 150 54.64 -127.51 -14.92
CA GLN TC 150 54.08 -126.32 -15.57
C GLN TC 150 55.08 -125.83 -16.60
N SER TC 151 54.60 -125.56 -17.82
CA SER TC 151 55.42 -125.02 -18.90
C SER TC 151 54.69 -123.80 -19.44
N THR TC 152 54.95 -122.65 -18.83
CA THR TC 152 54.38 -121.38 -19.28
C THR TC 152 55.27 -120.88 -20.43
N ALA TC 153 54.91 -119.76 -21.06
CA ALA TC 153 55.71 -119.23 -22.15
C ALA TC 153 57.06 -118.71 -21.67
N ASP TC 154 57.13 -118.28 -20.40
CA ASP TC 154 58.38 -117.83 -19.80
C ASP TC 154 59.00 -118.89 -18.89
N ARG TC 155 58.25 -119.37 -17.90
CA ARG TC 155 58.81 -120.27 -16.91
C ARG TC 155 58.68 -121.72 -17.35
N GLN TC 156 59.42 -122.59 -16.66
CA GLN TC 156 59.32 -124.03 -16.89
C GLN TC 156 59.66 -124.70 -15.55
N ILE TC 157 58.64 -125.01 -14.77
CA ILE TC 157 58.81 -125.43 -13.39
C ILE TC 157 58.87 -126.94 -13.33
N PHE TC 158 59.91 -127.46 -12.69
CA PHE TC 158 60.06 -128.88 -12.40
C PHE TC 158 59.91 -129.09 -10.90
N GLU TC 159 59.59 -130.32 -10.51
CA GLU TC 159 59.35 -130.62 -9.10
C GLU TC 159 59.45 -132.13 -8.90
N GLU TC 160 60.04 -132.53 -7.78
CA GLU TC 160 60.04 -133.94 -7.40
C GLU TC 160 58.66 -134.33 -6.87
N LYS TC 161 58.38 -135.63 -6.90
CA LYS TC 161 57.04 -136.11 -6.61
C LYS TC 161 56.96 -137.09 -5.45
N VAL TC 162 58.08 -137.57 -4.94
CA VAL TC 162 58.03 -138.46 -3.78
C VAL TC 162 57.99 -137.63 -2.50
N GLY TC 163 57.49 -138.24 -1.43
CA GLY TC 163 57.46 -137.61 -0.13
C GLY TC 163 56.21 -136.81 0.12
N PRO TC 164 56.23 -135.96 1.15
CA PRO TC 164 55.07 -135.12 1.45
C PRO TC 164 54.90 -134.02 0.41
N LEU TC 165 53.72 -133.41 0.42
CA LEU TC 165 53.38 -132.39 -0.55
C LEU TC 165 53.80 -130.99 -0.11
N VAL TC 166 54.26 -130.82 1.13
CA VAL TC 166 54.49 -129.48 1.64
C VAL TC 166 55.88 -128.96 1.25
N GLY TC 167 56.91 -129.81 1.25
CA GLY TC 167 58.23 -129.38 0.84
C GLY TC 167 58.85 -130.33 -0.16
N ARG TC 168 59.10 -129.84 -1.38
CA ARG TC 168 59.69 -130.65 -2.43
C ARG TC 168 60.70 -129.82 -3.19
N LEU TC 169 61.51 -130.50 -4.00
CA LEU TC 169 62.50 -129.82 -4.84
C LEU TC 169 61.81 -129.01 -5.93
N ARG TC 170 62.50 -127.97 -6.38
CA ARG TC 170 61.97 -127.10 -7.42
C ARG TC 170 63.07 -126.81 -8.43
N LEU TC 171 62.66 -126.50 -9.66
CA LEU TC 171 63.62 -126.10 -10.68
C LEU TC 171 62.83 -125.20 -11.65
N THR TC 172 62.95 -123.90 -11.48
CA THR TC 172 62.20 -122.94 -12.30
C THR TC 172 63.17 -122.35 -13.31
N ALA TC 173 63.32 -123.02 -14.44
CA ALA TC 173 64.12 -122.50 -15.53
C ALA TC 173 63.36 -121.41 -16.27
N SER TC 174 64.11 -120.56 -16.96
CA SER TC 174 63.51 -119.50 -17.76
C SER TC 174 64.46 -119.19 -18.92
N LEU TC 175 64.00 -118.35 -19.84
CA LEU TC 175 64.77 -117.97 -21.00
C LEU TC 175 64.17 -116.70 -21.57
N ARG TC 176 64.98 -115.66 -21.71
CA ARG TC 176 64.51 -114.38 -22.23
C ARG TC 176 65.48 -113.89 -23.30
N GLN TC 177 65.14 -112.76 -23.90
CA GLN TC 177 66.08 -111.99 -24.70
C GLN TC 177 65.68 -110.52 -24.62
N ASN TC 178 66.53 -109.73 -23.97
CA ASN TC 178 66.24 -108.32 -23.72
C ASN TC 178 66.96 -107.44 -24.72
N GLY TC 179 66.28 -106.38 -25.15
CA GLY TC 179 66.86 -105.44 -26.07
C GLY TC 179 66.51 -105.76 -27.52
N ALA TC 180 67.44 -105.48 -28.43
CA ALA TC 180 67.22 -105.72 -29.85
C ALA TC 180 67.70 -107.11 -30.27
N LYS TC 181 67.26 -108.12 -29.53
CA LYS TC 181 67.49 -109.55 -29.82
C LYS TC 181 68.96 -109.89 -29.93
N THR TC 182 69.81 -109.25 -29.14
CA THR TC 182 71.24 -109.46 -29.21
C THR TC 182 71.77 -110.43 -28.17
N ALA TC 183 71.12 -110.55 -27.01
CA ALA TC 183 71.63 -111.38 -25.94
C ALA TC 183 70.48 -112.14 -25.29
N TYR TC 184 70.74 -113.41 -24.96
CA TYR TC 184 69.78 -114.24 -24.26
C TYR TC 184 70.01 -114.16 -22.77
N ARG TC 185 69.15 -114.82 -21.99
CA ARG TC 185 69.26 -114.81 -20.53
C ARG TC 185 68.64 -116.09 -20.00
N VAL TC 186 69.49 -117.06 -19.68
CA VAL TC 186 69.06 -118.29 -19.03
C VAL TC 186 69.01 -118.06 -17.53
N ASN TC 187 68.05 -118.68 -16.85
CA ASN TC 187 67.86 -118.42 -15.43
C ASN TC 187 67.32 -119.69 -14.75
N LEU TC 188 68.21 -120.47 -14.17
CA LEU TC 188 67.83 -121.62 -13.36
C LEU TC 188 67.75 -121.23 -11.89
N LYS TC 189 67.05 -122.04 -11.11
CA LYS TC 189 66.87 -121.79 -9.68
C LYS TC 189 66.44 -123.08 -9.00
N LEU TC 190 67.19 -123.52 -8.00
CA LEU TC 190 66.92 -124.78 -7.31
C LEU TC 190 66.53 -124.50 -5.87
N ASP TC 191 65.24 -124.66 -5.56
CA ASP TC 191 64.74 -124.49 -4.20
C ASP TC 191 64.80 -125.82 -3.46
N GLN TC 192 65.36 -125.79 -2.25
CA GLN TC 192 65.36 -126.95 -1.38
C GLN TC 192 64.87 -126.52 -0.01
N ALA TC 193 63.73 -127.07 0.41
CA ALA TC 193 63.17 -126.79 1.71
C ALA TC 193 63.37 -127.99 2.62
N ASP TC 194 63.69 -127.71 3.89
CA ASP TC 194 63.93 -128.77 4.87
C ASP TC 194 62.62 -129.05 5.60
N VAL TC 195 62.07 -130.23 5.38
CA VAL TC 195 60.81 -130.63 6.01
C VAL TC 195 61.13 -131.61 7.14
N VAL TC 196 60.40 -131.48 8.24
CA VAL TC 196 60.58 -132.33 9.41
C VAL TC 196 59.21 -132.66 9.99
N ASP TC 197 59.10 -133.82 10.62
CA ASP TC 197 57.90 -134.21 11.34
C ASP TC 197 58.24 -135.03 12.57
N CYS TC 198 57.49 -134.79 13.63
CA CYS TC 198 57.61 -135.56 14.87
C CYS TC 198 56.26 -136.10 15.33
N SER TC 199 55.53 -136.76 14.43
CA SER TC 199 54.33 -137.47 14.81
C SER TC 199 54.62 -138.65 15.73
N THR TC 200 55.86 -139.17 15.69
CA THR TC 200 56.27 -140.18 16.67
C THR TC 200 56.57 -139.55 18.03
N SER TC 201 56.77 -138.23 18.09
CA SER TC 201 57.04 -137.53 19.33
C SER TC 201 55.83 -136.73 19.82
N VAL TC 202 55.30 -135.85 18.99
CA VAL TC 202 54.13 -135.05 19.33
C VAL TC 202 52.97 -135.46 18.43
N CYS TC 203 51.86 -135.88 19.04
CA CYS TC 203 50.71 -136.31 18.27
C CYS TC 203 50.02 -135.16 17.56
N GLY TC 204 49.37 -135.48 16.44
CA GLY TC 204 48.68 -134.50 15.65
C GLY TC 204 49.58 -133.52 14.95
N GLU TC 205 50.84 -133.89 14.71
CA GLU TC 205 51.81 -133.00 14.07
C GLU TC 205 52.05 -133.49 12.64
N LEU TC 206 51.59 -132.69 11.69
CA LEU TC 206 51.84 -132.94 10.28
C LEU TC 206 53.18 -132.32 9.90
N PRO TC 207 53.80 -132.78 8.80
CA PRO TC 207 55.10 -132.22 8.40
C PRO TC 207 55.00 -130.75 8.00
N LYS TC 208 56.10 -130.03 8.22
CA LYS TC 208 56.19 -128.61 7.92
C LYS TC 208 57.63 -128.28 7.58
N VAL TC 209 57.82 -127.13 6.93
CA VAL TC 209 59.13 -126.70 6.47
C VAL TC 209 59.76 -125.80 7.52
N ARG TC 210 61.05 -126.01 7.77
CA ARG TC 210 61.80 -125.13 8.67
C ARG TC 210 62.29 -123.89 7.93
N TYR TC 211 63.14 -124.09 6.92
CA TYR TC 211 63.76 -123.01 6.16
C TYR TC 211 63.78 -123.42 4.70
N THR TC 212 64.43 -122.60 3.88
CA THR TC 212 64.66 -122.95 2.49
C THR TC 212 66.00 -122.36 2.05
N GLN TC 213 66.62 -123.00 1.06
CA GLN TC 213 67.92 -122.61 0.55
C GLN TC 213 67.91 -122.70 -0.96
N VAL TC 214 68.30 -121.61 -1.62
CA VAL TC 214 68.24 -121.53 -3.07
C VAL TC 214 69.66 -121.65 -3.64
N TRP TC 215 69.73 -121.92 -4.93
CA TRP TC 215 70.96 -121.78 -5.71
C TRP TC 215 70.51 -121.40 -7.12
N SER TC 216 70.38 -120.10 -7.35
CA SER TC 216 69.92 -119.65 -8.66
C SER TC 216 71.11 -119.36 -9.57
N HIS TC 217 70.84 -119.37 -10.87
CA HIS TC 217 71.85 -119.11 -11.88
C HIS TC 217 71.34 -118.02 -12.81
N ASP TC 218 72.28 -117.31 -13.43
CA ASP TC 218 71.89 -116.24 -14.38
C ASP TC 218 72.99 -116.18 -15.44
N VAL TC 219 72.76 -116.88 -16.55
CA VAL TC 219 73.70 -116.94 -17.65
C VAL TC 219 73.31 -115.89 -18.68
N THR TC 220 74.30 -115.17 -19.20
CA THR TC 220 74.08 -114.18 -20.24
C THR TC 220 74.85 -114.62 -21.48
N ILE TC 221 74.11 -114.88 -22.56
CA ILE TC 221 74.69 -115.39 -23.80
C ILE TC 221 74.27 -114.46 -24.92
N VAL TC 222 75.24 -113.89 -25.62
CA VAL TC 222 74.94 -113.04 -26.78
C VAL TC 222 74.64 -113.93 -27.98
N ALA TC 223 73.79 -113.43 -28.87
CA ALA TC 223 73.17 -114.28 -29.89
C ALA TC 223 74.14 -114.64 -31.00
N ASN TC 224 75.11 -113.78 -31.30
CA ASN TC 224 76.06 -114.02 -32.37
C ASN TC 224 77.34 -114.68 -31.90
N SER TC 225 77.26 -115.52 -30.87
CA SER TC 225 78.43 -116.13 -30.27
C SER TC 225 79.03 -117.21 -31.18
N THR TC 226 80.24 -117.63 -30.82
CA THR TC 226 80.82 -118.85 -31.36
C THR TC 226 80.30 -120.01 -30.54
N GLU TC 227 80.28 -121.21 -31.12
CA GLU TC 227 79.85 -122.38 -30.37
C GLU TC 227 80.85 -122.74 -29.28
N ALA TC 228 82.15 -122.69 -29.59
CA ALA TC 228 83.16 -122.94 -28.58
C ALA TC 228 83.29 -121.80 -27.58
N SER TC 229 82.69 -120.64 -27.86
CA SER TC 229 82.61 -119.59 -26.86
C SER TC 229 81.56 -119.91 -25.81
N ARG TC 230 80.47 -120.57 -26.21
CA ARG TC 230 79.46 -121.00 -25.25
C ARG TC 230 79.82 -122.33 -24.61
N LYS TC 231 80.56 -123.18 -25.34
CA LYS TC 231 80.96 -124.47 -24.79
C LYS TC 231 82.02 -124.31 -23.71
N SER TC 232 82.90 -123.32 -23.88
CA SER TC 232 83.95 -123.12 -22.87
C SER TC 232 83.42 -122.40 -21.64
N LEU TC 233 82.36 -121.60 -21.79
CA LEU TC 233 81.75 -120.97 -20.62
C LEU TC 233 81.04 -122.00 -19.76
N TYR TC 234 80.41 -122.99 -20.39
CA TYR TC 234 79.78 -124.07 -19.63
C TYR TC 234 80.83 -124.96 -18.98
N ASP TC 235 81.89 -125.29 -19.72
CA ASP TC 235 82.93 -126.18 -19.23
C ASP TC 235 83.74 -125.58 -18.09
N LEU TC 236 83.83 -124.25 -18.01
CA LEU TC 236 84.51 -123.63 -16.87
C LEU TC 236 83.61 -123.58 -15.65
N THR TC 237 82.33 -123.29 -15.83
CA THR TC 237 81.40 -123.23 -14.70
C THR TC 237 81.11 -124.62 -14.15
N LYS TC 238 81.07 -125.64 -15.02
CA LYS TC 238 80.95 -127.01 -14.55
C LYS TC 238 82.17 -127.44 -13.75
N SER TC 239 83.34 -126.94 -14.14
CA SER TC 239 84.56 -127.23 -13.39
C SER TC 239 84.76 -126.31 -12.21
N LEU TC 240 84.04 -125.19 -12.15
CA LEU TC 240 84.15 -124.30 -10.99
C LEU TC 240 83.37 -124.85 -9.81
N VAL TC 241 82.14 -125.30 -10.05
CA VAL TC 241 81.30 -125.87 -9.01
C VAL TC 241 81.90 -127.18 -8.48
N ALA TC 242 82.57 -127.94 -9.33
CA ALA TC 242 83.14 -129.22 -8.93
C ALA TC 242 84.44 -129.10 -8.14
N THR TC 243 84.92 -127.90 -7.86
CA THR TC 243 86.15 -127.75 -7.09
C THR TC 243 85.89 -127.98 -5.61
N SER TC 244 86.98 -128.09 -4.85
CA SER TC 244 86.89 -128.28 -3.41
C SER TC 244 86.83 -126.97 -2.65
N GLN TC 245 86.88 -125.83 -3.35
CA GLN TC 245 86.82 -124.55 -2.65
C GLN TC 245 85.42 -123.96 -2.68
N VAL TC 246 84.67 -124.17 -3.77
CA VAL TC 246 83.28 -123.74 -3.83
C VAL TC 246 82.40 -124.69 -3.03
N GLU TC 247 82.85 -125.94 -2.81
CA GLU TC 247 82.19 -126.81 -1.85
C GLU TC 247 82.28 -126.25 -0.44
N ASP TC 248 83.48 -125.88 -0.01
CA ASP TC 248 83.68 -125.34 1.33
C ASP TC 248 83.17 -123.91 1.46
N LEU TC 249 82.97 -123.20 0.36
CA LEU TC 249 82.38 -121.87 0.44
C LEU TC 249 80.89 -121.95 0.78
N VAL TC 250 80.23 -123.02 0.36
CA VAL TC 250 78.81 -123.19 0.67
C VAL TC 250 78.61 -123.93 1.99
N VAL TC 251 79.40 -124.97 2.22
CA VAL TC 251 79.22 -125.78 3.43
C VAL TC 251 79.77 -125.05 4.66
N ASN TC 252 80.98 -124.49 4.56
CA ASN TC 252 81.66 -123.94 5.73
C ASN TC 252 81.93 -122.45 5.66
N LEU TC 253 81.50 -121.77 4.59
CA LEU TC 253 81.57 -120.31 4.44
C LEU TC 253 82.99 -119.75 4.46
N VAL TC 254 83.99 -120.58 4.15
CA VAL TC 254 85.35 -120.09 4.01
C VAL TC 254 85.51 -119.54 2.60
N PRO TC 255 86.07 -118.34 2.43
CA PRO TC 255 86.19 -117.75 1.08
C PRO TC 255 87.19 -118.49 0.20
N LEU TC 256 87.18 -118.12 -1.08
CA LEU TC 256 87.94 -118.82 -2.09
C LEU TC 256 89.42 -118.45 -2.03
N GLY TC 257 90.23 -119.27 -2.69
CA GLY TC 257 91.65 -118.98 -2.82
C GLY TC 257 92.52 -119.66 -1.80
N ARG TC 258 93.34 -120.61 -2.24
CA ARG TC 258 94.33 -121.22 -1.37
C ARG TC 258 95.71 -121.16 -2.02
N SER UC 1 44.01 -126.75 -73.62
CA SER UC 1 44.79 -125.56 -73.30
C SER UC 1 46.04 -125.94 -72.51
N LYS UC 2 46.27 -125.24 -71.41
CA LYS UC 2 47.41 -125.49 -70.54
C LYS UC 2 46.94 -126.26 -69.32
N THR UC 3 47.61 -127.38 -69.03
CA THR UC 3 47.16 -128.33 -68.03
C THR UC 3 48.22 -128.53 -66.95
N ILE UC 4 47.74 -128.83 -65.73
CA ILE UC 4 48.56 -129.35 -64.65
C ILE UC 4 47.99 -130.70 -64.26
N VAL UC 5 48.86 -131.68 -64.05
CA VAL UC 5 48.44 -133.02 -63.64
C VAL UC 5 48.80 -133.21 -62.17
N LEU UC 6 47.87 -133.78 -61.41
CA LEU UC 6 48.06 -134.03 -59.99
C LEU UC 6 47.81 -135.52 -59.75
N SER UC 7 48.88 -136.29 -59.68
CA SER UC 7 48.76 -137.72 -59.48
C SER UC 7 48.49 -138.03 -58.01
N VAL UC 8 47.40 -138.74 -57.74
CA VAL UC 8 46.95 -139.02 -56.38
C VAL UC 8 47.13 -140.52 -56.20
N GLY UC 9 48.18 -141.05 -56.83
CA GLY UC 9 48.41 -142.47 -56.87
C GLY UC 9 48.53 -142.92 -58.32
N GLU UC 10 47.54 -143.66 -58.80
CA GLU UC 10 47.40 -143.90 -60.23
C GLU UC 10 46.31 -143.05 -60.85
N ALA UC 11 45.42 -142.48 -60.05
CA ALA UC 11 44.39 -141.58 -60.55
C ALA UC 11 44.98 -140.19 -60.78
N THR UC 12 44.93 -139.72 -62.02
CA THR UC 12 45.46 -138.41 -62.38
C THR UC 12 44.31 -137.46 -62.64
N ARG UC 13 44.34 -136.30 -62.00
CA ARG UC 13 43.29 -135.28 -62.14
C ARG UC 13 43.90 -134.08 -62.82
N THR UC 14 43.56 -133.88 -64.09
CA THR UC 14 44.17 -132.83 -64.90
C THR UC 14 43.32 -131.57 -64.86
N LEU UC 15 43.92 -130.47 -64.41
CA LEU UC 15 43.25 -129.19 -64.34
C LEU UC 15 43.63 -128.32 -65.54
N THR UC 16 42.62 -127.88 -66.30
CA THR UC 16 42.84 -127.07 -67.48
C THR UC 16 42.58 -125.61 -67.14
N GLU UC 17 43.20 -124.72 -67.93
CA GLU UC 17 43.21 -123.30 -67.61
C GLU UC 17 41.96 -122.62 -68.17
N ILE UC 18 41.31 -121.81 -67.34
CA ILE UC 18 40.12 -121.07 -67.75
C ILE UC 18 40.31 -119.56 -67.69
N GLN UC 19 41.46 -119.07 -67.24
CA GLN UC 19 41.70 -117.63 -67.16
C GLN UC 19 43.19 -117.38 -67.17
N SER UC 20 43.61 -116.30 -67.81
CA SER UC 20 45.02 -115.89 -67.84
C SER UC 20 45.04 -114.37 -67.86
N THR UC 21 45.17 -113.77 -66.68
CA THR UC 21 45.30 -112.32 -66.57
C THR UC 21 46.79 -112.02 -66.56
N ALA UC 22 47.20 -110.79 -66.23
CA ALA UC 22 48.61 -110.47 -66.16
C ALA UC 22 49.27 -111.16 -64.97
N ASP UC 23 48.54 -111.31 -63.86
CA ASP UC 23 49.05 -112.01 -62.70
C ASP UC 23 48.22 -113.23 -62.32
N ARG UC 24 46.89 -113.12 -62.30
CA ARG UC 24 46.05 -114.23 -61.89
C ARG UC 24 45.95 -115.27 -63.00
N GLN UC 25 45.75 -116.53 -62.60
CA GLN UC 25 45.81 -117.65 -63.54
C GLN UC 25 45.00 -118.79 -62.93
N ILE UC 26 43.78 -118.97 -63.41
CA ILE UC 26 42.81 -119.86 -62.79
C ILE UC 26 42.73 -121.17 -63.56
N PHE UC 27 42.80 -122.29 -62.84
CA PHE UC 27 42.65 -123.62 -63.42
C PHE UC 27 41.41 -124.29 -62.86
N GLU UC 28 40.85 -125.20 -63.65
CA GLU UC 28 39.70 -125.99 -63.20
C GLU UC 28 39.80 -127.39 -63.80
N GLU UC 29 39.21 -128.35 -63.09
CA GLU UC 29 39.02 -129.68 -63.64
C GLU UC 29 37.70 -129.71 -64.40
N LYS UC 30 37.66 -130.47 -65.49
CA LYS UC 30 36.52 -130.46 -66.38
C LYS UC 30 35.63 -131.70 -66.27
N VAL UC 31 35.97 -132.64 -65.41
CA VAL UC 31 35.18 -133.86 -65.27
C VAL UC 31 34.14 -133.66 -64.17
N GLY UC 32 32.89 -133.99 -64.48
CA GLY UC 32 31.84 -133.99 -63.49
C GLY UC 32 30.78 -132.93 -63.72
N PRO UC 33 29.98 -132.63 -62.68
CA PRO UC 33 28.98 -131.59 -62.80
C PRO UC 33 29.57 -130.20 -62.94
N LEU UC 34 28.75 -129.24 -63.35
CA LEU UC 34 29.22 -127.90 -63.71
C LEU UC 34 29.23 -126.93 -62.53
N VAL UC 35 28.74 -127.33 -61.37
CA VAL UC 35 28.57 -126.36 -60.28
C VAL UC 35 29.70 -126.46 -59.25
N GLY UC 36 30.21 -127.65 -58.98
CA GLY UC 36 31.32 -127.78 -58.05
C GLY UC 36 32.48 -128.54 -58.65
N ARG UC 37 33.60 -127.86 -58.86
CA ARG UC 37 34.78 -128.46 -59.46
C ARG UC 37 36.02 -127.99 -58.71
N LEU UC 38 37.15 -128.61 -59.03
CA LEU UC 38 38.43 -128.19 -58.46
C LEU UC 38 38.81 -126.80 -58.97
N ARG UC 39 39.68 -126.14 -58.23
CA ARG UC 39 40.05 -124.77 -58.54
C ARG UC 39 41.48 -124.54 -58.07
N LEU UC 40 42.25 -123.79 -58.85
CA LEU UC 40 43.63 -123.51 -58.50
C LEU UC 40 43.95 -122.10 -59.00
N THR UC 41 43.93 -121.14 -58.08
CA THR UC 41 44.09 -119.73 -58.43
C THR UC 41 45.53 -119.33 -58.17
N ALA UC 42 46.39 -119.56 -59.16
CA ALA UC 42 47.79 -119.16 -59.06
C ALA UC 42 47.92 -117.66 -59.26
N SER UC 43 49.04 -117.12 -58.78
CA SER UC 43 49.32 -115.70 -58.90
C SER UC 43 50.81 -115.47 -58.73
N LEU UC 44 51.25 -114.26 -59.04
CA LEU UC 44 52.63 -113.85 -58.86
C LEU UC 44 52.67 -112.33 -58.89
N ARG UC 45 53.53 -111.74 -58.05
CA ARG UC 45 53.63 -110.29 -57.92
C ARG UC 45 55.08 -109.92 -57.66
N GLN UC 46 55.34 -108.61 -57.59
CA GLN UC 46 56.57 -108.08 -57.01
C GLN UC 46 56.24 -106.71 -56.40
N ASN UC 47 55.94 -106.71 -55.11
CA ASN UC 47 55.47 -105.51 -54.43
C ASN UC 47 56.64 -104.76 -53.81
N GLY UC 48 56.51 -103.45 -53.73
CA GLY UC 48 57.52 -102.61 -53.14
C GLY UC 48 58.51 -102.09 -54.16
N ALA UC 49 59.79 -102.06 -53.79
CA ALA UC 49 60.83 -101.55 -54.68
C ALA UC 49 61.45 -102.69 -55.50
N LYS UC 50 60.57 -103.51 -56.09
CA LYS UC 50 60.90 -104.55 -57.07
C LYS UC 50 61.93 -105.56 -56.57
N THR UC 51 61.95 -105.82 -55.26
CA THR UC 51 62.98 -106.67 -54.67
C THR UC 51 62.47 -107.99 -54.13
N ALA UC 52 61.16 -108.14 -53.94
CA ALA UC 52 60.60 -109.36 -53.36
C ALA UC 52 59.39 -109.78 -54.16
N TYR UC 53 59.36 -111.04 -54.57
CA TYR UC 53 58.23 -111.61 -55.28
C TYR UC 53 57.24 -112.21 -54.28
N ARG UC 54 56.10 -112.65 -54.79
CA ARG UC 54 55.08 -113.22 -53.92
C ARG UC 54 54.25 -114.22 -54.74
N VAL UC 55 54.57 -115.49 -54.59
CA VAL UC 55 53.75 -116.56 -55.15
C VAL UC 55 52.55 -116.79 -54.25
N ASN UC 56 51.39 -117.05 -54.85
CA ASN UC 56 50.15 -117.14 -54.07
C ASN UC 56 49.25 -118.17 -54.74
N LEU UC 57 49.30 -119.41 -54.25
CA LEU UC 57 48.41 -120.46 -54.73
C LEU UC 57 47.20 -120.60 -53.81
N LYS UC 58 46.14 -121.21 -54.34
CA LYS UC 58 44.91 -121.39 -53.58
C LYS UC 58 44.14 -122.56 -54.22
N LEU UC 59 44.09 -123.68 -53.54
CA LEU UC 59 43.45 -124.88 -54.04
C LEU UC 59 42.09 -125.05 -53.36
N ASP UC 60 41.04 -124.53 -53.99
CA ASP UC 60 39.69 -124.74 -53.50
C ASP UC 60 39.24 -126.17 -53.77
N GLN UC 61 38.29 -126.63 -52.98
CA GLN UC 61 37.64 -127.92 -53.24
C GLN UC 61 36.26 -127.89 -52.63
N ALA UC 62 35.23 -127.96 -53.46
CA ALA UC 62 33.85 -127.96 -53.03
C ALA UC 62 33.32 -129.39 -53.04
N ASP UC 63 32.48 -129.72 -52.07
CA ASP UC 63 31.87 -131.04 -51.98
C ASP UC 63 30.44 -130.94 -52.49
N VAL UC 64 30.23 -131.31 -53.73
CA VAL UC 64 28.92 -131.23 -54.36
C VAL UC 64 28.14 -132.50 -54.05
N VAL UC 65 26.83 -132.35 -53.86
CA VAL UC 65 25.94 -133.48 -53.62
C VAL UC 65 24.76 -133.35 -54.57
N ASP UC 66 24.36 -134.47 -55.19
CA ASP UC 66 23.24 -134.50 -56.11
C ASP UC 66 22.35 -135.69 -55.76
N CYS UC 67 21.17 -135.40 -55.23
CA CYS UC 67 20.20 -136.42 -54.83
C CYS UC 67 18.85 -136.16 -55.46
N SER UC 68 18.85 -136.00 -56.78
CA SER UC 68 17.60 -136.00 -57.54
C SER UC 68 16.93 -137.37 -57.54
N THR UC 69 17.68 -138.44 -57.24
CA THR UC 69 17.07 -139.76 -57.08
C THR UC 69 16.20 -139.80 -55.83
N SER UC 70 16.68 -139.20 -54.74
CA SER UC 70 15.91 -139.21 -53.49
C SER UC 70 14.78 -138.19 -53.52
N VAL UC 71 15.13 -136.91 -53.61
CA VAL UC 71 14.14 -135.84 -53.68
C VAL UC 71 13.82 -135.61 -55.16
N CYS UC 72 12.55 -135.77 -55.52
CA CYS UC 72 12.13 -135.63 -56.91
C CYS UC 72 12.06 -134.17 -57.29
N GLY UC 73 12.97 -133.73 -58.15
CA GLY UC 73 12.96 -132.39 -58.68
C GLY UC 73 14.00 -131.44 -58.14
N GLU UC 74 15.11 -131.95 -57.60
CA GLU UC 74 16.17 -131.11 -57.10
C GLU UC 74 17.42 -131.26 -57.97
N LEU UC 75 18.32 -130.30 -57.82
CA LEU UC 75 19.48 -130.15 -58.69
C LEU UC 75 20.75 -130.35 -57.88
N PRO UC 76 21.91 -130.58 -58.50
CA PRO UC 76 23.17 -130.64 -57.74
C PRO UC 76 23.51 -129.31 -57.08
N LYS UC 77 24.24 -129.40 -55.98
CA LYS UC 77 24.47 -128.28 -55.09
C LYS UC 77 25.67 -128.60 -54.21
N VAL UC 78 26.45 -127.57 -53.88
CA VAL UC 78 27.64 -127.75 -53.05
C VAL UC 78 27.28 -127.49 -51.59
N ARG UC 79 27.82 -128.30 -50.69
CA ARG UC 79 27.60 -128.07 -49.27
C ARG UC 79 28.61 -127.06 -48.71
N TYR UC 80 29.89 -127.40 -48.80
CA TYR UC 80 30.96 -126.61 -48.21
C TYR UC 80 32.14 -126.55 -49.16
N THR UC 81 33.08 -125.65 -48.87
CA THR UC 81 34.34 -125.56 -49.58
C THR UC 81 35.48 -125.62 -48.59
N GLN UC 82 36.53 -126.35 -48.96
CA GLN UC 82 37.74 -126.47 -48.15
C GLN UC 82 38.93 -126.08 -49.00
N VAL UC 83 39.69 -125.08 -48.54
CA VAL UC 83 40.78 -124.52 -49.33
C VAL UC 83 42.11 -124.89 -48.67
N TRP UC 84 43.19 -124.66 -49.42
CA TRP UC 84 44.55 -124.79 -48.90
C TRP UC 84 45.38 -123.75 -49.64
N SER UC 85 45.54 -122.58 -49.03
CA SER UC 85 46.28 -121.51 -49.66
C SER UC 85 47.77 -121.69 -49.43
N HIS UC 86 48.56 -120.96 -50.20
CA HIS UC 86 50.00 -120.85 -50.03
C HIS UC 86 50.39 -119.40 -50.17
N ASP UC 87 51.51 -119.02 -49.56
CA ASP UC 87 52.02 -117.65 -49.66
C ASP UC 87 53.53 -117.72 -49.56
N VAL UC 88 54.19 -117.78 -50.70
CA VAL UC 88 55.64 -117.87 -50.76
C VAL UC 88 56.20 -116.49 -50.97
N THR UC 89 57.25 -116.14 -50.22
CA THR UC 89 57.92 -114.86 -50.37
C THR UC 89 59.36 -115.12 -50.80
N ILE UC 90 59.71 -114.64 -51.99
CA ILE UC 90 61.03 -114.86 -52.57
C ILE UC 90 61.65 -113.49 -52.82
N VAL UC 91 62.82 -113.25 -52.25
CA VAL UC 91 63.57 -112.04 -52.53
C VAL UC 91 64.39 -112.24 -53.79
N ALA UC 92 64.54 -111.17 -54.57
CA ALA UC 92 64.99 -111.29 -55.96
C ALA UC 92 66.47 -111.58 -56.07
N ASN UC 93 67.29 -111.10 -55.13
CA ASN UC 93 68.73 -111.28 -55.19
C ASN UC 93 69.20 -112.54 -54.47
N SER UC 94 68.35 -113.56 -54.39
CA SER UC 94 68.70 -114.79 -53.70
C SER UC 94 69.69 -115.61 -54.52
N THR UC 95 70.26 -116.61 -53.87
CA THR UC 95 70.97 -117.67 -54.59
C THR UC 95 69.98 -118.77 -54.93
N GLU UC 96 70.36 -119.61 -55.89
CA GLU UC 96 69.44 -120.65 -56.36
C GLU UC 96 69.27 -121.76 -55.33
N ALA UC 97 70.30 -122.02 -54.52
CA ALA UC 97 70.19 -123.03 -53.49
C ALA UC 97 69.31 -122.58 -52.32
N SER UC 98 69.09 -121.27 -52.18
CA SER UC 98 68.14 -120.80 -51.17
C SER UC 98 66.71 -121.08 -51.60
N ARG UC 99 66.38 -120.77 -52.85
CA ARG UC 99 65.05 -121.02 -53.37
C ARG UC 99 64.78 -122.51 -53.57
N LYS UC 100 65.81 -123.31 -53.79
CA LYS UC 100 65.61 -124.74 -53.97
C LYS UC 100 65.39 -125.43 -52.63
N SER UC 101 66.11 -125.00 -51.59
CA SER UC 101 65.97 -125.64 -50.29
C SER UC 101 64.65 -125.28 -49.63
N LEU UC 102 64.17 -124.05 -49.87
CA LEU UC 102 62.87 -123.65 -49.34
C LEU UC 102 61.75 -124.47 -49.97
N TYR UC 103 61.90 -124.80 -51.25
CA TYR UC 103 60.94 -125.69 -51.89
C TYR UC 103 61.10 -127.13 -51.39
N ASP UC 104 62.35 -127.57 -51.23
CA ASP UC 104 62.61 -128.94 -50.81
C ASP UC 104 62.22 -129.21 -49.37
N LEU UC 105 62.19 -128.18 -48.51
CA LEU UC 105 61.75 -128.39 -47.14
C LEU UC 105 60.23 -128.39 -47.05
N THR UC 106 59.57 -127.55 -47.85
CA THR UC 106 58.10 -127.51 -47.82
C THR UC 106 57.50 -128.69 -48.56
N LYS UC 107 58.21 -129.23 -49.55
CA LYS UC 107 57.78 -130.47 -50.19
C LYS UC 107 57.82 -131.63 -49.21
N SER UC 108 58.79 -131.61 -48.29
CA SER UC 108 58.87 -132.63 -47.26
C SER UC 108 58.10 -132.29 -46.00
N LEU UC 109 57.69 -131.03 -45.84
CA LEU UC 109 56.82 -130.68 -44.72
C LEU UC 109 55.43 -131.25 -44.94
N VAL UC 110 54.89 -131.09 -46.15
CA VAL UC 110 53.55 -131.58 -46.43
C VAL UC 110 53.53 -133.10 -46.48
N ALA UC 111 54.62 -133.73 -46.93
CA ALA UC 111 54.63 -135.16 -47.14
C ALA UC 111 54.85 -135.97 -45.86
N THR UC 112 54.98 -135.34 -44.70
CA THR UC 112 55.20 -136.09 -43.48
C THR UC 112 53.87 -136.56 -42.89
N SER UC 113 53.96 -137.48 -41.93
CA SER UC 113 52.77 -138.05 -41.31
C SER UC 113 52.21 -137.17 -40.20
N GLN UC 114 52.87 -136.07 -39.84
CA GLN UC 114 52.38 -135.22 -38.77
C GLN UC 114 51.50 -134.09 -39.30
N VAL UC 115 51.76 -133.61 -40.51
CA VAL UC 115 50.89 -132.62 -41.12
C VAL UC 115 49.67 -133.30 -41.73
N GLU UC 116 49.81 -134.57 -42.10
CA GLU UC 116 48.66 -135.35 -42.58
C GLU UC 116 47.62 -135.51 -41.47
N ASP UC 117 48.06 -135.86 -40.26
CA ASP UC 117 47.13 -135.97 -39.15
C ASP UC 117 46.66 -134.62 -38.63
N LEU UC 118 47.38 -133.55 -38.96
CA LEU UC 118 46.97 -132.22 -38.50
C LEU UC 118 45.78 -131.69 -39.28
N VAL UC 119 45.62 -132.07 -40.54
CA VAL UC 119 44.53 -131.54 -41.35
C VAL UC 119 43.42 -132.56 -41.50
N VAL UC 120 43.73 -133.84 -41.29
CA VAL UC 120 42.68 -134.85 -41.38
C VAL UC 120 42.03 -135.07 -40.02
N ASN UC 121 42.83 -135.38 -39.00
CA ASN UC 121 42.31 -135.75 -37.69
C ASN UC 121 42.53 -134.67 -36.64
N LEU UC 122 43.02 -133.49 -37.04
CA LEU UC 122 43.19 -132.31 -36.20
C LEU UC 122 44.16 -132.52 -35.04
N VAL UC 123 45.06 -133.49 -35.16
CA VAL UC 123 46.05 -133.77 -34.11
C VAL UC 123 47.14 -132.71 -34.17
N PRO UC 124 47.57 -132.13 -33.05
CA PRO UC 124 48.63 -131.12 -33.08
C PRO UC 124 49.98 -131.71 -33.47
N LEU UC 125 50.92 -130.81 -33.73
CA LEU UC 125 52.21 -131.19 -34.29
C LEU UC 125 53.17 -131.65 -33.20
N GLY UC 126 54.14 -132.46 -33.61
CA GLY UC 126 55.18 -132.89 -32.71
C GLY UC 126 54.91 -134.24 -32.06
N ARG UC 127 55.85 -135.17 -32.20
CA ARG UC 127 55.77 -136.47 -31.52
C ARG UC 127 57.11 -136.74 -30.85
N ALA UC 128 57.08 -136.83 -29.53
CA ALA UC 128 58.31 -137.02 -28.75
C ALA UC 128 58.74 -138.48 -28.82
N TYR UC 129 59.76 -138.77 -29.61
CA TYR UC 129 60.33 -140.12 -29.72
C TYR UC 129 61.68 -140.09 -29.01
N GLY UC 130 61.66 -140.30 -27.70
CA GLY UC 130 62.87 -140.30 -26.90
C GLY UC 130 63.54 -138.96 -26.80
N GLY UC 131 62.89 -138.00 -26.15
CA GLY UC 131 63.45 -136.66 -26.03
C GLY UC 131 62.41 -135.58 -26.12
N SER UC 132 62.67 -134.56 -26.92
CA SER UC 132 61.73 -133.46 -27.08
C SER UC 132 60.73 -133.76 -28.20
N LYS UC 133 59.73 -132.90 -28.33
CA LYS UC 133 58.77 -133.01 -29.42
C LYS UC 133 59.43 -132.52 -30.69
N THR UC 134 59.63 -133.43 -31.65
CA THR UC 134 60.44 -133.14 -32.82
C THR UC 134 59.68 -133.44 -34.11
N ILE UC 135 60.04 -132.73 -35.17
CA ILE UC 135 59.59 -132.99 -36.53
C ILE UC 135 60.82 -133.25 -37.37
N VAL UC 136 60.79 -134.30 -38.18
CA VAL UC 136 61.90 -134.65 -39.06
C VAL UC 136 61.50 -134.32 -40.49
N LEU UC 137 62.29 -133.47 -41.15
CA LEU UC 137 62.05 -133.06 -42.53
C LEU UC 137 63.17 -133.61 -43.38
N SER UC 138 62.98 -134.82 -43.89
CA SER UC 138 63.99 -135.49 -44.70
C SER UC 138 64.06 -134.87 -46.09
N VAL UC 139 65.28 -134.54 -46.52
CA VAL UC 139 65.50 -133.91 -47.82
C VAL UC 139 66.28 -134.94 -48.65
N GLY UC 140 65.96 -136.21 -48.44
CA GLY UC 140 66.71 -137.28 -49.04
C GLY UC 140 67.37 -138.13 -47.98
N GLU UC 141 68.70 -138.05 -47.89
CA GLU UC 141 69.42 -138.63 -46.76
C GLU UC 141 69.76 -137.61 -45.69
N ALA UC 142 69.69 -136.33 -45.99
CA ALA UC 142 69.85 -135.29 -44.99
C ALA UC 142 68.54 -135.07 -44.27
N THR UC 143 68.55 -135.25 -42.95
CA THR UC 143 67.36 -135.08 -42.12
C THR UC 143 67.58 -133.88 -41.22
N ARG UC 144 66.61 -132.97 -41.20
CA ARG UC 144 66.70 -131.74 -40.42
C ARG UC 144 65.63 -131.78 -39.34
N THR UC 145 66.05 -131.98 -38.10
CA THR UC 145 65.15 -132.24 -36.98
C THR UC 145 64.87 -130.94 -36.23
N LEU UC 146 63.61 -130.49 -36.24
CA LEU UC 146 63.22 -129.28 -35.54
C LEU UC 146 62.55 -129.63 -34.21
N THR UC 147 63.07 -129.08 -33.13
CA THR UC 147 62.57 -129.34 -31.79
C THR UC 147 61.68 -128.19 -31.34
N GLU UC 148 60.67 -128.53 -30.54
CA GLU UC 148 59.68 -127.55 -30.11
C GLU UC 148 60.27 -126.63 -29.04
N ILE UC 149 60.07 -125.33 -29.21
CA ILE UC 149 60.60 -124.35 -28.28
C ILE UC 149 59.51 -123.63 -27.48
N GLN UC 150 58.27 -123.65 -27.94
CA GLN UC 150 57.19 -122.92 -27.28
C GLN UC 150 55.86 -123.50 -27.73
N SER UC 151 54.98 -123.80 -26.78
CA SER UC 151 53.64 -124.29 -27.06
C SER UC 151 52.65 -123.41 -26.30
N THR UC 152 52.25 -122.32 -26.93
CA THR UC 152 51.26 -121.41 -26.35
C THR UC 152 49.88 -122.01 -26.66
N ALA UC 153 48.81 -121.38 -26.17
CA ALA UC 153 47.47 -121.89 -26.43
C ALA UC 153 47.08 -121.75 -27.90
N ASP UC 154 47.65 -120.76 -28.59
CA ASP UC 154 47.42 -120.57 -30.01
C ASP UC 154 48.58 -121.08 -30.86
N ARG UC 155 49.80 -120.60 -30.61
CA ARG UC 155 50.92 -120.93 -31.47
C ARG UC 155 51.61 -122.22 -30.99
N GLN UC 156 52.44 -122.76 -31.87
CA GLN UC 156 53.27 -123.92 -31.54
C GLN UC 156 54.54 -123.81 -32.38
N ILE UC 157 55.58 -123.22 -31.80
CA ILE UC 157 56.78 -122.83 -32.54
C ILE UC 157 57.80 -123.94 -32.46
N PHE UC 158 58.29 -124.37 -33.63
CA PHE UC 158 59.39 -125.32 -33.72
C PHE UC 158 60.61 -124.60 -34.28
N GLU UC 159 61.79 -125.17 -34.04
CA GLU UC 159 63.03 -124.54 -34.44
C GLU UC 159 64.14 -125.58 -34.47
N GLU UC 160 65.02 -125.48 -35.45
CA GLU UC 160 66.21 -126.32 -35.49
C GLU UC 160 67.22 -125.80 -34.47
N LYS UC 161 68.14 -126.68 -34.08
CA LYS UC 161 69.04 -126.37 -32.97
C LYS UC 161 70.52 -126.42 -33.33
N VAL UC 162 70.87 -126.91 -34.51
CA VAL UC 162 72.28 -126.92 -34.91
C VAL UC 162 72.63 -125.58 -35.55
N GLY UC 163 73.92 -125.25 -35.52
CA GLY UC 163 74.42 -124.06 -36.17
C GLY UC 163 74.43 -122.85 -35.27
N PRO UC 164 74.58 -121.66 -35.86
CA PRO UC 164 74.56 -120.43 -35.06
C PRO UC 164 73.16 -120.11 -34.55
N LEU UC 165 73.10 -119.23 -33.56
CA LEU UC 165 71.84 -118.87 -32.92
C LEU UC 165 71.10 -117.76 -33.64
N VAL UC 166 71.73 -117.12 -34.64
CA VAL UC 166 71.14 -115.93 -35.22
C VAL UC 166 70.13 -116.27 -36.31
N GLY UC 167 70.40 -117.29 -37.13
CA GLY UC 167 69.46 -117.70 -38.15
C GLY UC 167 69.20 -119.19 -38.15
N ARG UC 168 67.97 -119.59 -37.86
CA ARG UC 168 67.60 -120.99 -37.81
C ARG UC 168 66.23 -121.19 -38.44
N LEU UC 169 65.90 -122.44 -38.72
CA LEU UC 169 64.59 -122.77 -39.26
C LEU UC 169 63.49 -122.51 -38.24
N ARG UC 170 62.29 -122.26 -38.74
CA ARG UC 170 61.14 -122.01 -37.90
C ARG UC 170 59.94 -122.77 -38.45
N LEU UC 171 58.99 -123.05 -37.57
CA LEU UC 171 57.74 -123.70 -37.99
C LEU UC 171 56.68 -123.22 -37.00
N THR UC 172 55.91 -122.23 -37.40
CA THR UC 172 54.91 -121.63 -36.53
C THR UC 172 53.55 -122.18 -36.93
N ALA UC 173 53.17 -123.29 -36.32
CA ALA UC 173 51.84 -123.84 -36.51
C ALA UC 173 50.83 -123.09 -35.65
N SER UC 174 49.57 -123.15 -36.07
CA SER UC 174 48.47 -122.58 -35.30
C SER UC 174 47.21 -123.33 -35.66
N LEU UC 175 46.15 -123.07 -34.90
CA LEU UC 175 44.86 -123.72 -35.11
C LEU UC 175 43.80 -122.88 -34.43
N ARG UC 176 42.80 -122.45 -35.20
CA ARG UC 176 41.73 -121.62 -34.67
C ARG UC 176 40.39 -122.22 -35.09
N GLN UC 177 39.32 -121.57 -34.64
CA GLN UC 177 37.98 -121.80 -35.18
C GLN UC 177 37.19 -120.51 -35.03
N ASN UC 178 36.83 -119.91 -36.17
CA ASN UC 178 36.14 -118.62 -36.19
C ASN UC 178 34.66 -118.82 -36.43
N GLY UC 179 33.86 -117.98 -35.77
CA GLY UC 179 32.42 -118.03 -35.94
C GLY UC 179 31.74 -118.91 -34.94
N ALA UC 180 30.66 -119.57 -35.35
CA ALA UC 180 29.90 -120.45 -34.46
C ALA UC 180 30.39 -121.88 -34.55
N LYS UC 181 31.71 -122.06 -34.38
CA LYS UC 181 32.39 -123.37 -34.30
C LYS UC 181 32.13 -124.24 -35.51
N THR UC 182 32.01 -123.64 -36.70
CA THR UC 182 31.70 -124.37 -37.91
C THR UC 182 32.91 -124.72 -38.75
N ALA UC 183 33.98 -123.92 -38.68
CA ALA UC 183 35.13 -124.13 -39.55
C ALA UC 183 36.41 -123.91 -38.76
N TYR UC 184 37.39 -124.78 -39.00
CA TYR UC 184 38.70 -124.65 -38.38
C TYR UC 184 39.63 -123.84 -39.29
N ARG UC 185 40.85 -123.59 -38.81
CA ARG UC 185 41.81 -122.81 -39.59
C ARG UC 185 43.22 -123.24 -39.16
N VAL UC 186 43.83 -124.10 -39.95
CA VAL UC 186 45.23 -124.51 -39.73
C VAL UC 186 46.14 -123.49 -40.40
N ASN UC 187 47.29 -123.21 -39.80
CA ASN UC 187 48.16 -122.15 -40.31
C ASN UC 187 49.61 -122.53 -40.01
N LEU UC 188 50.29 -123.11 -40.99
CA LEU UC 188 51.72 -123.37 -40.90
C LEU UC 188 52.50 -122.24 -41.55
N LYS UC 189 53.79 -122.16 -41.21
CA LYS UC 189 54.67 -121.11 -41.74
C LYS UC 189 56.11 -121.54 -41.53
N LEU UC 190 56.89 -121.58 -42.61
CA LEU UC 190 58.27 -122.05 -42.57
C LEU UC 190 59.21 -120.90 -42.91
N ASP UC 191 59.88 -120.36 -41.90
CA ASP UC 191 60.86 -119.30 -42.09
C ASP UC 191 62.24 -119.88 -42.35
N GLN UC 192 62.90 -119.40 -43.39
CA GLN UC 192 64.27 -119.80 -43.67
C GLN UC 192 65.09 -118.54 -43.89
N ALA UC 193 66.08 -118.32 -43.03
CA ALA UC 193 66.98 -117.18 -43.13
C ALA UC 193 68.33 -117.66 -43.65
N ASP UC 194 68.92 -116.86 -44.53
CA ASP UC 194 70.23 -117.17 -45.10
C ASP UC 194 71.30 -116.49 -44.27
N VAL UC 195 72.09 -117.28 -43.54
CA VAL UC 195 73.15 -116.75 -42.69
C VAL UC 195 74.48 -116.97 -43.39
N VAL UC 196 75.37 -115.99 -43.25
CA VAL UC 196 76.70 -116.04 -43.86
C VAL UC 196 77.70 -115.44 -42.88
N ASP UC 197 78.94 -115.93 -42.96
CA ASP UC 197 80.04 -115.38 -42.17
C ASP UC 197 81.34 -115.45 -42.95
N CYS UC 198 82.13 -114.38 -42.83
CA CYS UC 198 83.45 -114.31 -43.42
C CYS UC 198 84.51 -113.94 -42.39
N SER UC 199 84.53 -114.66 -41.26
CA SER UC 199 85.61 -114.52 -40.30
C SER UC 199 86.94 -115.00 -40.87
N THR UC 200 86.91 -115.88 -41.87
CA THR UC 200 88.13 -116.25 -42.58
C THR UC 200 88.58 -115.14 -43.54
N SER UC 201 87.69 -114.22 -43.89
CA SER UC 201 88.01 -113.12 -44.79
C SER UC 201 88.16 -111.79 -44.05
N VAL UC 202 87.14 -111.38 -43.29
CA VAL UC 202 87.18 -110.15 -42.52
C VAL UC 202 87.18 -110.51 -41.04
N CYS UC 203 88.19 -110.01 -40.32
CA CYS UC 203 88.33 -110.33 -38.91
C CYS UC 203 87.26 -109.67 -38.06
N GLY UC 204 86.91 -110.33 -36.96
CA GLY UC 204 85.91 -109.82 -36.04
C GLY UC 204 84.51 -109.79 -36.59
N GLU UC 205 84.21 -110.64 -37.56
CA GLU UC 205 82.89 -110.67 -38.20
C GLU UC 205 82.14 -111.90 -37.70
N LEU UC 206 81.09 -111.66 -36.95
CA LEU UC 206 80.18 -112.70 -36.49
C LEU UC 206 79.13 -112.96 -37.56
N PRO UC 207 78.50 -114.14 -37.56
CA PRO UC 207 77.47 -114.43 -38.56
C PRO UC 207 76.24 -113.52 -38.46
N LYS UC 208 75.61 -113.29 -39.60
CA LYS UC 208 74.44 -112.44 -39.69
C LYS UC 208 73.56 -112.93 -40.83
N VAL UC 209 72.30 -112.51 -40.82
CA VAL UC 209 71.32 -112.95 -41.80
C VAL UC 209 71.26 -111.94 -42.94
N ARG UC 210 71.19 -112.45 -44.16
CA ARG UC 210 71.01 -111.60 -45.33
C ARG UC 210 69.53 -111.29 -45.55
N TYR UC 211 68.73 -112.32 -45.81
CA TYR UC 211 67.31 -112.16 -46.12
C TYR UC 211 66.55 -113.29 -45.43
N THR UC 212 65.23 -113.31 -45.65
CA THR UC 212 64.38 -114.40 -45.19
C THR UC 212 63.40 -114.75 -46.30
N GLN UC 213 63.00 -116.01 -46.36
CA GLN UC 213 62.02 -116.48 -47.33
C GLN UC 213 61.04 -117.40 -46.62
N VAL UC 214 59.75 -117.09 -46.76
CA VAL UC 214 58.72 -117.80 -46.04
C VAL UC 214 57.98 -118.73 -47.01
N TRP UC 215 57.23 -119.67 -46.44
CA TRP UC 215 56.24 -120.46 -47.19
C TRP UC 215 55.15 -120.78 -46.17
N SER UC 216 54.17 -119.90 -46.09
CA SER UC 216 53.09 -120.11 -45.13
C SER UC 216 51.93 -120.83 -45.79
N HIS UC 217 51.10 -121.46 -44.95
CA HIS UC 217 49.94 -122.21 -45.40
C HIS UC 217 48.72 -121.72 -44.64
N ASP UC 218 47.55 -121.88 -45.24
CA ASP UC 218 46.31 -121.48 -44.59
C ASP UC 218 45.20 -122.43 -45.07
N VAL UC 219 44.97 -123.47 -44.28
CA VAL UC 219 43.97 -124.48 -44.60
C VAL UC 219 42.68 -124.14 -43.89
N THR UC 220 41.57 -124.23 -44.60
CA THR UC 220 40.24 -124.00 -44.04
C THR UC 220 39.46 -125.30 -44.09
N ILE UC 221 39.08 -125.81 -42.93
CA ILE UC 221 38.40 -127.09 -42.81
C ILE UC 221 37.12 -126.86 -42.02
N VAL UC 222 35.98 -127.19 -42.63
CA VAL UC 222 34.71 -127.09 -41.92
C VAL UC 222 34.54 -128.29 -41.00
N ALA UC 223 33.83 -128.09 -39.89
CA ALA UC 223 33.86 -129.06 -38.79
C ALA UC 223 33.06 -130.31 -39.10
N ASN UC 224 32.01 -130.20 -39.91
CA ASN UC 224 31.14 -131.34 -40.22
C ASN UC 224 31.55 -132.05 -41.51
N SER UC 225 32.84 -132.07 -41.82
CA SER UC 225 33.35 -132.62 -43.06
C SER UC 225 33.24 -134.14 -43.08
N THR UC 226 33.42 -134.70 -44.27
CA THR UC 226 33.67 -136.12 -44.43
C THR UC 226 35.16 -136.34 -44.22
N GLU UC 227 35.54 -137.53 -43.75
CA GLU UC 227 36.96 -137.83 -43.59
C GLU UC 227 37.67 -137.91 -44.93
N ALA UC 228 37.04 -138.53 -45.93
CA ALA UC 228 37.63 -138.57 -47.26
C ALA UC 228 37.55 -137.24 -47.98
N SER UC 229 36.79 -136.28 -47.46
CA SER UC 229 36.83 -134.92 -47.98
C SER UC 229 38.08 -134.19 -47.50
N ARG UC 230 38.50 -134.44 -46.25
CA ARG UC 230 39.74 -133.86 -45.75
C ARG UC 230 40.96 -134.63 -46.23
N LYS UC 231 40.81 -135.94 -46.45
CA LYS UC 231 41.92 -136.75 -46.92
C LYS UC 231 42.25 -136.44 -48.37
N SER UC 232 41.24 -136.12 -49.18
CA SER UC 232 41.49 -135.81 -50.58
C SER UC 232 42.04 -134.40 -50.76
N LEU UC 233 41.71 -133.48 -49.84
CA LEU UC 233 42.29 -132.14 -49.91
C LEU UC 233 43.77 -132.16 -49.58
N TYR UC 234 44.16 -133.01 -48.62
CA TYR UC 234 45.58 -133.17 -48.31
C TYR UC 234 46.32 -133.87 -49.43
N ASP UC 235 45.72 -134.92 -49.99
CA ASP UC 235 46.35 -135.70 -51.05
C ASP UC 235 46.52 -134.93 -52.34
N LEU UC 236 45.68 -133.92 -52.60
CA LEU UC 236 45.86 -133.09 -53.78
C LEU UC 236 46.94 -132.05 -53.57
N THR UC 237 46.98 -131.45 -52.37
CA THR UC 237 47.99 -130.43 -52.10
C THR UC 237 49.38 -131.05 -51.95
N LYS UC 238 49.46 -132.27 -51.40
CA LYS UC 238 50.72 -132.98 -51.35
C LYS UC 238 51.21 -133.32 -52.77
N SER UC 239 50.28 -133.61 -53.67
CA SER UC 239 50.64 -133.87 -55.06
C SER UC 239 50.80 -132.60 -55.88
N LEU UC 240 50.29 -131.47 -55.39
CA LEU UC 240 50.49 -130.21 -56.11
C LEU UC 240 51.89 -129.68 -55.91
N VAL UC 241 52.37 -129.67 -54.66
CA VAL UC 241 53.72 -129.21 -54.35
C VAL UC 241 54.78 -130.11 -54.98
N ALA UC 242 54.49 -131.40 -55.10
CA ALA UC 242 55.47 -132.34 -55.65
C ALA UC 242 55.57 -132.30 -57.17
N THR UC 243 54.83 -131.44 -57.85
CA THR UC 243 54.91 -131.38 -59.30
C THR UC 243 56.17 -130.63 -59.74
N SER UC 244 56.45 -130.71 -61.04
CA SER UC 244 57.61 -130.03 -61.60
C SER UC 244 57.29 -128.60 -62.03
N GLN UC 245 56.05 -128.15 -61.86
CA GLN UC 245 55.70 -126.79 -62.26
C GLN UC 245 55.71 -125.84 -61.07
N VAL UC 246 55.29 -126.31 -59.89
CA VAL UC 246 55.37 -125.51 -58.68
C VAL UC 246 56.80 -125.44 -58.18
N GLU UC 247 57.65 -126.41 -58.55
CA GLU UC 247 59.08 -126.29 -58.31
C GLU UC 247 59.67 -125.13 -59.10
N ASP UC 248 59.37 -125.06 -60.40
CA ASP UC 248 59.89 -124.00 -61.24
C ASP UC 248 59.18 -122.67 -61.02
N LEU UC 249 58.00 -122.68 -60.40
CA LEU UC 249 57.35 -121.41 -60.05
C LEU UC 249 58.05 -120.73 -58.90
N VAL UC 250 58.66 -121.50 -58.00
CA VAL UC 250 59.39 -120.93 -56.87
C VAL UC 250 60.85 -120.67 -57.22
N VAL UC 251 61.49 -121.61 -57.92
CA VAL UC 251 62.90 -121.48 -58.24
C VAL UC 251 63.12 -120.47 -59.36
N ASN UC 252 62.35 -120.57 -60.45
CA ASN UC 252 62.60 -119.78 -61.64
C ASN UC 252 61.50 -118.80 -62.01
N LEU UC 253 60.43 -118.72 -61.20
CA LEU UC 253 59.34 -117.75 -61.33
C LEU UC 253 58.58 -117.85 -62.67
N VAL UC 254 58.61 -119.02 -63.30
CA VAL UC 254 57.80 -119.25 -64.50
C VAL UC 254 56.40 -119.68 -64.05
N PRO UC 255 55.34 -119.09 -64.60
CA PRO UC 255 53.99 -119.44 -64.15
C PRO UC 255 53.58 -120.85 -64.54
N LEU UC 256 52.45 -121.28 -63.96
CA LEU UC 256 51.98 -122.64 -64.09
C LEU UC 256 51.37 -122.90 -65.46
N GLY UC 257 51.23 -124.17 -65.79
CA GLY UC 257 50.54 -124.57 -67.01
C GLY UC 257 51.44 -124.83 -68.19
N ARG UC 258 51.55 -126.08 -68.62
CA ARG UC 258 52.27 -126.42 -69.83
C ARG UC 258 51.39 -127.25 -70.76
N SER VC 1 69.07 -33.69 132.22
CA SER VC 1 68.60 -34.76 131.35
C SER VC 1 69.79 -35.56 130.82
N LYS VC 2 69.94 -35.59 129.49
CA LYS VC 2 71.02 -36.30 128.83
C LYS VC 2 72.09 -35.29 128.42
N THR VC 3 73.33 -35.55 128.81
CA THR VC 3 74.41 -34.59 128.69
C THR VC 3 75.57 -35.13 127.86
N ILE VC 4 76.29 -34.21 127.22
CA ILE VC 4 77.62 -34.45 126.65
C ILE VC 4 78.59 -33.50 127.34
N VAL VC 5 79.77 -34.00 127.68
CA VAL VC 5 80.79 -33.22 128.36
C VAL VC 5 81.96 -33.01 127.41
N LEU VC 6 82.21 -31.75 127.06
CA LEU VC 6 83.29 -31.39 126.13
C LEU VC 6 84.38 -30.69 126.93
N SER VC 7 85.38 -31.46 127.36
CA SER VC 7 86.46 -30.90 128.16
C SER VC 7 87.48 -30.21 127.26
N VAL VC 8 87.82 -28.96 127.59
CA VAL VC 8 88.65 -28.12 126.75
C VAL VC 8 89.94 -27.91 127.56
N GLY VC 9 90.33 -28.95 128.28
CA GLY VC 9 91.46 -28.89 129.19
C GLY VC 9 91.03 -29.37 130.56
N GLU VC 10 90.99 -28.47 131.54
CA GLU VC 10 90.29 -28.74 132.78
C GLU VC 10 88.92 -28.08 132.82
N ALA VC 11 88.67 -27.10 131.95
CA ALA VC 11 87.35 -26.50 131.85
C ALA VC 11 86.44 -27.41 131.04
N THR VC 12 85.40 -27.92 131.67
CA THR VC 12 84.45 -28.81 131.03
C THR VC 12 83.16 -28.04 130.76
N ARG VC 13 82.67 -28.13 129.53
CA ARG VC 13 81.47 -27.42 129.09
C ARG VC 13 80.38 -28.44 128.81
N THR VC 14 79.44 -28.58 129.74
CA THR VC 14 78.43 -29.62 129.68
C THR VC 14 77.21 -29.11 128.92
N LEU VC 15 76.88 -29.79 127.83
CA LEU VC 15 75.67 -29.49 127.07
C LEU VC 15 74.50 -30.30 127.61
N THR VC 16 73.30 -29.77 127.42
CA THR VC 16 72.09 -30.40 127.93
C THR VC 16 71.05 -30.46 126.81
N GLU VC 17 70.39 -31.62 126.71
CA GLU VC 17 69.47 -31.87 125.60
C GLU VC 17 68.20 -31.06 125.74
N ILE VC 18 67.79 -30.42 124.65
CA ILE VC 18 66.56 -29.65 124.61
C ILE VC 18 65.55 -30.17 123.60
N GLN VC 19 65.88 -31.22 122.84
CA GLN VC 19 64.98 -31.76 121.83
C GLN VC 19 65.36 -33.20 121.56
N SER VC 20 64.36 -34.04 121.32
CA SER VC 20 64.59 -35.43 120.95
C SER VC 20 63.47 -35.84 119.99
N THR VC 21 63.74 -35.71 118.69
CA THR VC 21 62.80 -36.13 117.67
C THR VC 21 63.19 -37.57 117.32
N ALA VC 22 62.63 -38.15 116.25
CA ALA VC 22 63.02 -39.49 115.85
C ALA VC 22 64.43 -39.52 115.28
N ASP VC 23 64.84 -38.46 114.59
CA ASP VC 23 66.19 -38.36 114.07
C ASP VC 23 66.98 -37.19 114.63
N ARG VC 24 66.38 -36.00 114.72
CA ARG VC 24 67.10 -34.83 115.20
C ARG VC 24 67.22 -34.87 116.72
N GLN VC 25 68.28 -34.26 117.23
CA GLN VC 25 68.60 -34.34 118.65
C GLN VC 25 69.46 -33.13 119.00
N ILE VC 26 68.84 -32.13 119.64
CA ILE VC 26 69.45 -30.82 119.84
C ILE VC 26 69.96 -30.72 121.27
N PHE VC 27 71.18 -30.22 121.42
CA PHE VC 27 71.81 -30.01 122.72
C PHE VC 27 72.15 -28.53 122.87
N GLU VC 28 72.15 -28.06 124.11
CA GLU VC 28 72.54 -26.68 124.39
C GLU VC 28 73.28 -26.60 125.71
N GLU VC 29 74.10 -25.58 125.85
CA GLU VC 29 74.71 -25.24 127.12
C GLU VC 29 73.79 -24.31 127.88
N LYS VC 30 73.84 -24.37 129.21
CA LYS VC 30 72.86 -23.68 130.03
C LYS VC 30 73.41 -22.50 130.81
N VAL VC 31 74.72 -22.29 130.81
CA VAL VC 31 75.28 -21.16 131.54
C VAL VC 31 75.31 -19.94 130.64
N GLY VC 32 75.28 -18.76 131.26
CA GLY VC 32 75.39 -17.51 130.54
C GLY VC 32 74.05 -16.90 130.19
N PRO VC 33 74.04 -15.98 129.23
CA PRO VC 33 72.77 -15.38 128.78
C PRO VC 33 71.89 -16.35 128.00
N LEU VC 34 70.70 -15.92 127.63
CA LEU VC 34 69.72 -16.80 127.01
C LEU VC 34 69.64 -16.65 125.49
N VAL VC 35 70.35 -15.69 124.91
CA VAL VC 35 70.18 -15.40 123.49
C VAL VC 35 71.21 -16.14 122.63
N GLY VC 36 72.44 -16.25 123.09
CA GLY VC 36 73.45 -16.97 122.32
C GLY VC 36 74.18 -18.01 123.13
N ARG VC 37 74.02 -19.28 122.75
CA ARG VC 37 74.60 -20.40 123.47
C ARG VC 37 75.14 -21.41 122.48
N LEU VC 38 75.87 -22.40 122.99
CA LEU VC 38 76.31 -23.51 122.15
C LEU VC 38 75.13 -24.34 121.68
N ARG VC 39 75.36 -25.10 120.62
CA ARG VC 39 74.31 -25.86 119.98
C ARG VC 39 74.95 -27.09 119.34
N LEU VC 40 74.24 -28.20 119.39
CA LEU VC 40 74.77 -29.44 118.80
C LEU VC 40 73.58 -30.18 118.22
N THR VC 41 73.35 -30.01 116.93
CA THR VC 41 72.20 -30.59 116.25
C THR VC 41 72.64 -31.92 115.65
N ALA VC 42 72.52 -32.98 116.42
CA ALA VC 42 72.87 -34.31 115.95
C ALA VC 42 71.72 -34.91 115.15
N SER VC 43 72.05 -35.92 114.35
CA SER VC 43 71.08 -36.54 113.47
C SER VC 43 71.59 -37.93 113.07
N LEU VC 44 70.67 -38.73 112.54
CA LEU VC 44 71.00 -40.05 112.01
C LEU VC 44 69.89 -40.46 111.07
N ARG VC 45 70.26 -41.13 109.98
CA ARG VC 45 69.33 -41.51 108.94
C ARG VC 45 69.74 -42.85 108.36
N GLN VC 46 68.94 -43.35 107.42
CA GLN VC 46 69.36 -44.44 106.54
C GLN VC 46 68.63 -44.24 105.20
N ASN VC 47 69.30 -43.58 104.27
CA ASN VC 47 68.67 -43.17 103.02
C ASN VC 47 68.83 -44.26 101.96
N GLY VC 48 67.86 -44.30 101.05
CA GLY VC 48 67.87 -45.26 99.97
C GLY VC 48 67.24 -46.58 100.36
N ALA VC 49 67.82 -47.68 99.89
CA ALA VC 49 67.28 -49.02 100.17
C ALA VC 49 67.96 -49.63 101.40
N LYS VC 50 67.98 -48.84 102.48
CA LYS VC 50 68.39 -49.27 103.83
C LYS VC 50 69.81 -49.79 103.88
N THR VC 51 70.70 -49.27 103.03
CA THR VC 51 72.04 -49.82 102.92
C THR VC 51 73.14 -48.94 103.50
N ALA VC 52 72.88 -47.66 103.71
CA ALA VC 52 73.90 -46.75 104.20
C ALA VC 52 73.28 -45.78 105.18
N TYR VC 53 73.94 -45.56 106.31
CA TYR VC 53 73.50 -44.59 107.30
C TYR VC 53 74.13 -43.23 107.00
N ARG VC 54 73.72 -42.22 107.77
CA ARG VC 54 74.23 -40.87 107.56
C ARG VC 54 74.17 -40.13 108.90
N VAL VC 55 75.31 -40.04 109.56
CA VAL VC 55 75.45 -39.22 110.76
C VAL VC 55 75.66 -37.78 110.33
N ASN VC 56 75.07 -36.83 111.07
CA ASN VC 56 75.12 -35.43 110.67
C ASN VC 56 75.17 -34.57 111.93
N LEU VC 57 76.38 -34.21 112.35
CA LEU VC 57 76.58 -33.31 113.48
C LEU VC 57 76.70 -31.86 112.99
N LYS VC 58 76.46 -30.93 113.90
CA LYS VC 58 76.54 -29.51 113.58
C LYS VC 58 76.74 -28.75 114.89
N LEU VC 59 77.94 -28.22 115.09
CA LEU VC 59 78.29 -27.52 116.32
C LEU VC 59 78.29 -26.02 116.06
N ASP VC 60 77.18 -25.37 116.40
CA ASP VC 60 77.10 -23.92 116.26
C ASP VC 60 77.84 -23.23 117.39
N GLN VC 61 78.19 -21.97 117.18
CA GLN VC 61 78.79 -21.15 118.22
C GLN VC 61 78.56 -19.69 117.87
N ALA VC 62 77.75 -19.01 118.66
CA ALA VC 62 77.45 -17.60 118.46
C ALA VC 62 78.27 -16.76 119.41
N ASP VC 63 78.68 -15.58 118.95
CA ASP VC 63 79.44 -14.64 119.77
C ASP VC 63 78.50 -13.55 120.24
N VAL VC 64 78.09 -13.62 121.49
CA VAL VC 64 77.15 -12.67 122.07
C VAL VC 64 77.94 -11.59 122.79
N VAL VC 65 77.52 -10.34 122.61
CA VAL VC 65 78.15 -9.19 123.27
C VAL VC 65 77.05 -8.41 123.98
N ASP VC 66 77.32 -8.03 125.23
CA ASP VC 66 76.40 -7.23 126.01
C ASP VC 66 77.15 -6.03 126.59
N CYS VC 67 76.80 -4.83 126.13
CA CYS VC 67 77.39 -3.58 126.62
C CYS VC 67 76.30 -2.61 127.02
N SER VC 68 75.41 -3.05 127.92
CA SER VC 68 74.51 -2.12 128.59
C SER VC 68 75.25 -1.16 129.51
N THR VC 69 76.47 -1.52 129.94
CA THR VC 69 77.31 -0.59 130.69
C THR VC 69 77.76 0.57 129.81
N SER VC 70 78.08 0.28 128.54
CA SER VC 70 78.54 1.33 127.64
C SER VC 70 77.38 2.17 127.11
N VAL VC 71 76.45 1.52 126.41
CA VAL VC 71 75.24 2.19 125.93
C VAL VC 71 74.14 1.94 126.93
N CYS VC 72 73.65 3.00 127.56
CA CYS VC 72 72.60 2.87 128.56
C CYS VC 72 71.27 2.57 127.89
N GLY VC 73 70.83 1.32 127.97
CA GLY VC 73 69.54 0.92 127.46
C GLY VC 73 69.54 -0.16 126.40
N GLU VC 74 70.64 -0.88 126.22
CA GLU VC 74 70.71 -1.94 125.22
C GLU VC 74 70.80 -3.30 125.92
N LEU VC 75 70.51 -4.34 125.14
CA LEU VC 75 70.38 -5.70 125.62
C LEU VC 75 71.46 -6.58 124.98
N PRO VC 76 71.72 -7.80 125.48
CA PRO VC 76 72.66 -8.69 124.81
C PRO VC 76 72.18 -9.09 123.42
N LYS VC 77 73.15 -9.35 122.54
CA LYS VC 77 72.90 -9.54 121.12
C LYS VC 77 74.07 -10.31 120.54
N VAL VC 78 73.80 -11.16 119.55
CA VAL VC 78 74.84 -11.97 118.92
C VAL VC 78 75.34 -11.24 117.67
N ARG VC 79 76.65 -11.25 117.47
CA ARG VC 79 77.22 -10.66 116.26
C ARG VC 79 77.18 -11.66 115.11
N TYR VC 80 77.85 -12.79 115.26
CA TYR VC 80 78.01 -13.76 114.19
C TYR VC 80 77.90 -15.16 114.77
N THR VC 81 77.77 -16.15 113.87
CA THR VC 81 77.78 -17.55 114.24
C THR VC 81 78.83 -18.28 113.39
N GLN VC 82 79.56 -19.18 114.03
CA GLN VC 82 80.56 -20.00 113.36
C GLN VC 82 80.27 -21.46 113.65
N VAL VC 83 80.15 -22.26 112.58
CA VAL VC 83 79.72 -23.65 112.71
C VAL VC 83 80.87 -24.57 112.36
N TRP VC 84 80.69 -25.85 112.70
CA TRP VC 84 81.58 -26.92 112.23
C TRP VC 84 80.70 -28.14 112.04
N SER VC 85 80.24 -28.35 110.81
CA SER VC 85 79.36 -29.47 110.51
C SER VC 85 80.19 -30.72 110.21
N HIS VC 86 79.54 -31.87 110.38
CA HIS VC 86 80.12 -33.16 110.05
C HIS VC 86 79.12 -33.90 109.17
N ASP VC 87 79.62 -34.81 108.34
CA ASP VC 87 78.77 -35.62 107.47
C ASP VC 87 79.44 -36.97 107.28
N VAL VC 88 79.07 -37.92 108.09
CA VAL VC 88 79.66 -39.25 108.06
C VAL VC 88 78.75 -40.16 107.26
N THR VC 89 79.33 -40.97 106.38
CA THR VC 89 78.59 -41.94 105.59
C THR VC 89 79.09 -43.33 105.95
N ILE VC 90 78.21 -44.17 106.50
CA ILE VC 90 78.56 -45.51 106.95
C ILE VC 90 77.64 -46.50 106.24
N VAL VC 91 78.23 -47.42 105.50
CA VAL VC 91 77.45 -48.48 104.87
C VAL VC 91 77.18 -49.59 105.88
N ALA VC 92 76.03 -50.25 105.73
CA ALA VC 92 75.47 -51.04 106.82
C ALA VC 92 76.17 -52.39 106.98
N ASN VC 93 76.73 -52.95 105.91
CA ASN VC 93 77.40 -54.23 105.95
C ASN VC 93 78.90 -54.10 106.19
N SER VC 94 79.31 -53.11 106.96
CA SER VC 94 80.72 -52.79 107.14
C SER VC 94 81.40 -53.80 108.06
N THR VC 95 82.72 -53.65 108.18
CA THR VC 95 83.48 -54.31 109.21
C THR VC 95 83.62 -53.34 110.38
N GLU VC 96 83.69 -53.88 111.60
CA GLU VC 96 83.81 -53.02 112.77
C GLU VC 96 85.19 -52.37 112.84
N ALA VC 97 86.21 -53.01 112.30
CA ALA VC 97 87.52 -52.39 112.21
C ALA VC 97 87.57 -51.34 111.09
N SER VC 98 86.64 -51.40 110.15
CA SER VC 98 86.57 -50.37 109.12
C SER VC 98 85.97 -49.09 109.68
N ARG VC 99 84.90 -49.21 110.47
CA ARG VC 99 84.30 -48.04 111.12
C ARG VC 99 85.18 -47.48 112.22
N LYS VC 100 85.97 -48.32 112.88
CA LYS VC 100 86.85 -47.83 113.92
C LYS VC 100 88.05 -47.08 113.34
N SER VC 101 88.54 -47.52 112.17
CA SER VC 101 89.68 -46.86 111.56
C SER VC 101 89.29 -45.51 110.98
N LEU VC 102 88.06 -45.39 110.46
CA LEU VC 102 87.59 -44.12 109.95
C LEU VC 102 87.41 -43.10 111.06
N TYR VC 103 87.00 -43.57 112.24
CA TYR VC 103 86.92 -42.67 113.39
C TYR VC 103 88.31 -42.32 113.91
N ASP VC 104 89.23 -43.28 113.91
CA ASP VC 104 90.57 -43.03 114.41
C ASP VC 104 91.40 -42.14 113.51
N LEU VC 105 91.04 -42.03 112.24
CA LEU VC 105 91.77 -41.13 111.35
C LEU VC 105 91.25 -39.71 111.44
N THR VC 106 89.93 -39.54 111.57
CA THR VC 106 89.37 -38.21 111.71
C THR VC 106 89.63 -37.63 113.09
N LYS VC 107 89.78 -38.50 114.10
CA LYS VC 107 90.19 -38.04 115.42
C LYS VC 107 91.62 -37.49 115.39
N SER VC 108 92.46 -38.04 114.52
CA SER VC 108 93.81 -37.53 114.36
C SER VC 108 93.93 -36.49 113.26
N LEU VC 109 92.96 -36.43 112.34
CA LEU VC 109 92.93 -35.34 111.37
C LEU VC 109 92.64 -34.02 112.06
N VAL VC 110 91.64 -34.01 112.94
CA VAL VC 110 91.26 -32.77 113.62
C VAL VC 110 92.32 -32.37 114.64
N ALA VC 111 92.95 -33.35 115.30
CA ALA VC 111 93.89 -33.04 116.38
C ALA VC 111 95.28 -32.67 115.90
N THR VC 112 95.52 -32.60 114.59
CA THR VC 112 96.85 -32.22 114.13
C THR VC 112 97.00 -30.71 114.14
N SER VC 113 98.25 -30.25 114.03
CA SER VC 113 98.54 -28.83 114.05
C SER VC 113 98.38 -28.16 112.68
N GLN VC 114 98.06 -28.93 111.64
CA GLN VC 114 97.88 -28.33 110.32
C GLN VC 114 96.43 -27.98 110.06
N VAL VC 115 95.49 -28.75 110.62
CA VAL VC 115 94.08 -28.42 110.50
C VAL VC 115 93.72 -27.30 111.48
N GLU VC 116 94.47 -27.21 112.59
CA GLU VC 116 94.29 -26.10 113.52
C GLU VC 116 94.61 -24.77 112.88
N ASP VC 117 95.74 -24.69 112.16
CA ASP VC 117 96.10 -23.44 111.49
C ASP VC 117 95.26 -23.19 110.25
N LEU VC 118 94.54 -24.19 109.75
CA LEU VC 118 93.67 -23.98 108.60
C LEU VC 118 92.40 -23.22 108.97
N VAL VC 119 91.94 -23.34 110.21
CA VAL VC 119 90.71 -22.67 110.61
C VAL VC 119 91.02 -21.44 111.47
N VAL VC 120 92.13 -21.47 112.20
CA VAL VC 120 92.48 -20.33 113.04
C VAL VC 120 93.16 -19.24 112.22
N ASN VC 121 94.21 -19.59 111.48
CA ASN VC 121 95.02 -18.62 110.76
C ASN VC 121 94.90 -18.78 109.24
N LEU VC 122 94.03 -19.66 108.77
CA LEU VC 122 93.71 -19.88 107.35
C LEU VC 122 94.91 -20.31 106.52
N VAL VC 123 95.92 -20.92 107.15
CA VAL VC 123 97.08 -21.43 106.42
C VAL VC 123 96.67 -22.72 105.71
N PRO VC 124 97.02 -22.90 104.44
CA PRO VC 124 96.64 -24.13 103.73
C PRO VC 124 97.39 -25.35 104.24
N LEU VC 125 96.93 -26.51 103.80
CA LEU VC 125 97.42 -27.77 104.33
C LEU VC 125 98.72 -28.21 103.65
N GLY VC 126 99.46 -29.06 104.34
CA GLY VC 126 100.68 -29.62 103.80
C GLY VC 126 101.92 -28.83 104.15
N ARG VC 127 102.89 -29.49 104.77
CA ARG VC 127 104.17 -28.88 105.11
C ARG VC 127 105.28 -29.79 104.61
N ALA VC 128 106.10 -29.28 103.70
CA ALA VC 128 107.16 -30.07 103.09
C ALA VC 128 108.35 -30.16 104.04
N TYR VC 129 108.50 -31.30 104.70
CA TYR VC 129 109.65 -31.57 105.56
C TYR VC 129 110.51 -32.61 104.86
N GLY VC 130 111.39 -32.13 103.97
CA GLY VC 130 112.27 -32.99 103.22
C GLY VC 130 111.55 -33.89 102.23
N GLY VC 131 110.95 -33.30 101.21
CA GLY VC 131 110.22 -34.07 100.22
C GLY VC 131 108.97 -33.37 99.74
N SER VC 132 107.88 -34.12 99.61
CA SER VC 132 106.62 -33.56 99.18
C SER VC 132 105.85 -32.99 100.38
N LYS VC 133 104.75 -32.31 100.08
CA LYS VC 133 103.88 -31.78 101.12
C LYS VC 133 103.08 -32.93 101.72
N THR VC 134 103.27 -33.17 103.02
CA THR VC 134 102.72 -34.34 103.68
C THR VC 134 101.89 -33.94 104.88
N ILE VC 135 100.89 -34.76 105.19
CA ILE VC 135 100.15 -34.71 106.44
C ILE VC 135 100.30 -36.06 107.13
N VAL VC 136 100.72 -36.05 108.38
CA VAL VC 136 100.93 -37.28 109.14
C VAL VC 136 99.75 -37.47 110.09
N LEU VC 137 99.04 -38.58 109.94
CA LEU VC 137 97.88 -38.92 110.76
C LEU VC 137 98.26 -40.08 111.66
N SER VC 138 98.80 -39.78 112.83
CA SER VC 138 99.22 -40.81 113.77
C SER VC 138 98.01 -41.46 114.44
N VAL VC 139 98.00 -42.79 114.43
CA VAL VC 139 96.89 -43.57 114.98
C VAL VC 139 97.50 -44.29 116.18
N GLY VC 140 98.42 -43.62 116.86
CA GLY VC 140 99.17 -44.24 117.92
C GLY VC 140 100.63 -44.35 117.57
N GLU VC 141 101.10 -45.57 117.32
CA GLU VC 141 102.43 -45.77 116.77
C GLU VC 141 102.43 -45.92 115.26
N ALA VC 142 101.28 -46.22 114.66
CA ALA VC 142 101.16 -46.28 113.21
C ALA VC 142 100.92 -44.88 112.66
N THR VC 143 101.79 -44.44 111.74
CA THR VC 143 101.67 -43.14 111.11
C THR VC 143 101.38 -43.35 109.64
N ARG VC 144 100.36 -42.66 109.12
CA ARG VC 144 99.95 -42.80 107.72
C ARG VC 144 100.09 -41.43 107.07
N THR VC 145 101.17 -41.25 106.30
CA THR VC 145 101.52 -39.95 105.73
C THR VC 145 100.88 -39.81 104.36
N LEU VC 146 100.09 -38.77 104.17
CA LEU VC 146 99.42 -38.52 102.90
C LEU VC 146 100.15 -37.42 102.13
N THR VC 147 100.57 -37.74 100.91
CA THR VC 147 101.31 -36.81 100.07
C THR VC 147 100.35 -36.12 99.11
N GLU VC 148 100.67 -34.87 98.77
CA GLU VC 148 99.81 -34.07 97.91
C GLU VC 148 99.96 -34.51 96.47
N ILE VC 149 98.82 -34.69 95.79
CA ILE VC 149 98.82 -35.12 94.40
C ILE VC 149 98.32 -34.05 93.44
N GLN VC 150 97.59 -33.05 93.92
CA GLN VC 150 97.04 -32.02 93.06
C GLN VC 150 96.67 -30.82 93.90
N SER VC 151 97.11 -29.63 93.49
CA SER VC 151 96.80 -28.38 94.17
C SER VC 151 96.20 -27.43 93.12
N THR VC 152 94.90 -27.51 92.94
CA THR VC 152 94.18 -26.62 92.03
C THR VC 152 93.95 -25.31 92.77
N ALA VC 153 93.33 -24.32 92.12
CA ALA VC 153 93.05 -23.04 92.78
C ALA VC 153 91.98 -23.20 93.85
N ASP VC 154 91.09 -24.18 93.70
CA ASP VC 154 90.07 -24.46 94.71
C ASP VC 154 90.42 -25.65 95.59
N ARG VC 155 90.68 -26.81 94.98
CA ARG VC 155 90.88 -28.03 95.74
C ARG VC 155 92.34 -28.18 96.16
N GLN VC 156 92.57 -29.11 97.09
CA GLN VC 156 93.92 -29.49 97.48
C GLN VC 156 93.84 -30.96 97.90
N ILE VC 157 94.09 -31.85 96.97
CA ILE VC 157 93.83 -33.28 97.15
C ILE VC 157 95.10 -33.96 97.68
N PHE VC 158 94.95 -34.71 98.76
CA PHE VC 158 96.02 -35.52 99.30
C PHE VC 158 95.67 -37.00 99.14
N GLU VC 159 96.67 -37.84 99.25
CA GLU VC 159 96.49 -39.27 99.02
C GLU VC 159 97.66 -40.03 99.63
N GLU VC 160 97.38 -41.18 100.22
CA GLU VC 160 98.43 -42.07 100.66
C GLU VC 160 99.04 -42.78 99.45
N LYS VC 161 100.26 -43.29 99.61
CA LYS VC 161 101.01 -43.82 98.49
C LYS VC 161 101.44 -45.27 98.66
N VAL VC 162 101.17 -45.91 99.79
CA VAL VC 162 101.51 -47.30 99.95
C VAL VC 162 100.34 -48.17 99.52
N GLY VC 163 100.62 -49.44 99.24
CA GLY VC 163 99.58 -50.40 98.94
C GLY VC 163 99.17 -50.41 97.47
N PRO VC 164 98.02 -51.01 97.18
CA PRO VC 164 97.53 -51.04 95.80
C PRO VC 164 97.05 -49.66 95.34
N LEU VC 165 96.93 -49.53 94.03
CA LEU VC 165 96.54 -48.26 93.42
C LEU VC 165 95.04 -48.05 93.35
N VAL VC 166 94.24 -49.08 93.63
CA VAL VC 166 92.80 -48.95 93.43
C VAL VC 166 92.11 -48.32 94.64
N GLY VC 167 92.57 -48.60 95.85
CA GLY VC 167 91.97 -48.00 97.03
C GLY VC 167 92.99 -47.40 97.96
N ARG VC 168 92.95 -46.07 98.12
CA ARG VC 168 93.87 -45.37 98.99
C ARG VC 168 93.12 -44.27 99.73
N LEU VC 169 93.76 -43.72 100.75
CA LEU VC 169 93.17 -42.61 101.50
C LEU VC 169 93.11 -41.36 100.65
N ARG VC 170 92.20 -40.47 101.01
CA ARG VC 170 92.02 -39.22 100.30
C ARG VC 170 91.78 -38.11 101.31
N LEU VC 171 92.13 -36.88 100.91
CA LEU VC 171 91.86 -35.72 101.76
C LEU VC 171 91.65 -34.54 100.81
N THR VC 172 90.39 -34.24 100.50
CA THR VC 172 90.05 -33.19 99.55
C THR VC 172 89.74 -31.92 100.34
N ALA VC 173 90.78 -31.15 100.64
CA ALA VC 173 90.58 -29.88 101.31
C ALA VC 173 90.14 -28.82 100.30
N SER VC 174 89.54 -27.74 100.82
CA SER VC 174 89.08 -26.64 100.00
C SER VC 174 88.98 -25.40 100.87
N LEU VC 175 88.78 -24.26 100.23
CA LEU VC 175 88.65 -22.98 100.91
C LEU VC 175 87.98 -22.00 99.97
N ARG VC 176 86.87 -21.43 100.40
CA ARG VC 176 86.13 -20.48 99.58
C ARG VC 176 85.84 -19.23 100.39
N GLN VC 177 85.18 -18.28 99.75
CA GLN VC 177 84.55 -17.15 100.44
C GLN VC 177 83.35 -16.71 99.61
N ASN VC 178 82.16 -16.97 100.14
CA ASN VC 178 80.92 -16.71 99.42
C ASN VC 178 80.31 -15.39 99.86
N GLY VC 179 79.79 -14.64 98.90
CA GLY VC 179 79.15 -13.37 99.18
C GLY VC 179 80.08 -12.19 99.00
N ALA VC 180 79.89 -11.16 99.82
CA ALA VC 180 80.71 -9.95 99.73
C ALA VC 180 81.92 -10.03 100.64
N LYS VC 181 82.70 -11.11 100.49
CA LYS VC 181 83.99 -11.32 101.16
C LYS VC 181 83.87 -11.30 102.68
N THR VC 182 82.75 -11.78 103.22
CA THR VC 182 82.47 -11.65 104.63
C THR VC 182 82.57 -12.95 105.42
N ALA VC 183 82.60 -14.10 104.76
CA ALA VC 183 82.65 -15.37 105.47
C ALA VC 183 83.40 -16.38 104.61
N TYR VC 184 84.26 -17.17 105.26
CA TYR VC 184 85.00 -18.20 104.58
C TYR VC 184 84.26 -19.53 104.66
N ARG VC 185 84.83 -20.56 104.03
CA ARG VC 185 84.20 -21.89 104.03
C ARG VC 185 85.31 -22.93 103.87
N VAL VC 186 85.72 -23.53 104.98
CA VAL VC 186 86.70 -24.62 104.95
C VAL VC 186 85.94 -25.92 104.75
N ASN VC 187 86.51 -26.83 103.96
CA ASN VC 187 85.80 -28.05 103.58
C ASN VC 187 86.79 -29.20 103.46
N LEU VC 188 86.90 -30.02 104.49
CA LEU VC 188 87.70 -31.22 104.46
C LEU VC 188 86.82 -32.44 104.18
N LYS VC 189 87.44 -33.49 103.65
CA LYS VC 189 86.71 -34.71 103.31
C LYS VC 189 87.69 -35.86 103.22
N LEU VC 190 87.47 -36.89 104.04
CA LEU VC 190 88.37 -38.04 104.14
C LEU VC 190 87.66 -39.28 103.63
N ASP VC 191 88.01 -39.72 102.43
CA ASP VC 191 87.48 -40.96 101.87
C ASP VC 191 88.37 -42.13 102.26
N GLN VC 192 87.73 -43.21 102.71
CA GLN VC 192 88.43 -44.44 103.04
C GLN VC 192 87.69 -45.60 102.40
N ALA VC 193 88.30 -46.22 101.41
CA ALA VC 193 87.72 -47.34 100.70
C ALA VC 193 88.32 -48.64 101.20
N ASP VC 194 87.48 -49.66 101.32
CA ASP VC 194 87.92 -50.97 101.80
C ASP VC 194 88.28 -51.84 100.61
N VAL VC 195 89.57 -52.12 100.45
CA VAL VC 195 90.08 -52.94 99.36
C VAL VC 195 90.36 -54.34 99.90
N VAL VC 196 90.12 -55.36 99.07
CA VAL VC 196 90.38 -56.74 99.45
C VAL VC 196 90.80 -57.50 98.20
N ASP VC 197 91.69 -58.47 98.40
CA ASP VC 197 92.05 -59.42 97.35
C ASP VC 197 92.25 -60.80 97.94
N CYS VC 198 91.88 -61.82 97.17
CA CYS VC 198 92.00 -63.20 97.61
C CYS VC 198 92.69 -64.05 96.55
N SER VC 199 93.82 -63.58 96.02
CA SER VC 199 94.59 -64.33 95.04
C SER VC 199 95.18 -65.61 95.63
N THR VC 200 95.28 -65.71 96.95
CA THR VC 200 95.59 -66.99 97.58
C THR VC 200 94.40 -67.94 97.54
N SER VC 201 93.19 -67.42 97.35
CA SER VC 201 91.98 -68.23 97.33
C SER VC 201 91.54 -68.58 95.91
N VAL VC 202 91.24 -67.58 95.09
CA VAL VC 202 90.87 -67.80 93.69
C VAL VC 202 91.93 -67.13 92.82
N CYS VC 203 92.31 -67.81 91.73
CA CYS VC 203 93.39 -67.31 90.90
C CYS VC 203 92.94 -66.19 89.97
N GLY VC 204 93.91 -65.35 89.60
CA GLY VC 204 93.69 -64.33 88.60
C GLY VC 204 92.79 -63.20 89.04
N GLU VC 205 92.66 -62.96 90.33
CA GLU VC 205 91.81 -61.90 90.85
C GLU VC 205 92.68 -60.80 91.43
N LEU VC 206 92.52 -59.60 90.88
CA LEU VC 206 93.25 -58.43 91.31
C LEU VC 206 92.47 -57.73 92.43
N PRO VC 207 93.14 -56.85 93.20
CA PRO VC 207 92.41 -56.13 94.26
C PRO VC 207 91.33 -55.21 93.72
N LYS VC 208 90.29 -55.03 94.53
CA LYS VC 208 89.16 -54.18 94.18
C LYS VC 208 88.54 -53.65 95.46
N VAL VC 209 87.78 -52.57 95.33
CA VAL VC 209 87.13 -51.94 96.47
C VAL VC 209 85.73 -52.52 96.64
N ARG VC 210 85.32 -52.68 97.90
CA ARG VC 210 83.97 -53.14 98.18
C ARG VC 210 83.03 -51.95 98.43
N TYR VC 211 83.36 -51.13 99.42
CA TYR VC 211 82.56 -49.98 99.80
C TYR VC 211 83.49 -48.82 100.11
N THR VC 212 82.92 -47.66 100.37
CA THR VC 212 83.69 -46.51 100.80
C THR VC 212 82.91 -45.76 101.87
N GLN VC 213 83.64 -45.10 102.78
CA GLN VC 213 83.05 -44.40 103.90
C GLN VC 213 83.67 -43.01 104.01
N VAL VC 214 82.80 -42.01 104.09
CA VAL VC 214 83.21 -40.60 104.01
C VAL VC 214 83.06 -39.99 105.39
N TRP VC 215 83.89 -38.97 105.67
CA TRP VC 215 83.71 -38.10 106.84
C TRP VC 215 84.06 -36.70 106.38
N SER VC 216 83.04 -35.95 105.97
CA SER VC 216 83.24 -34.59 105.50
C SER VC 216 83.22 -33.60 106.65
N HIS VC 217 83.70 -32.40 106.39
CA HIS VC 217 83.61 -31.28 107.31
C HIS VC 217 83.21 -30.05 106.54
N ASP VC 218 82.55 -29.12 107.21
CA ASP VC 218 82.12 -27.88 106.56
C ASP VC 218 82.14 -26.78 107.63
N VAL VC 219 83.26 -26.07 107.70
CA VAL VC 219 83.46 -25.04 108.70
C VAL VC 219 83.09 -23.70 108.08
N THR VC 220 82.33 -22.90 108.82
CA THR VC 220 81.95 -21.55 108.39
C THR VC 220 82.59 -20.56 109.34
N ILE VC 221 83.45 -19.70 108.81
CA ILE VC 221 84.17 -18.72 109.59
C ILE VC 221 83.95 -17.35 108.97
N VAL VC 222 83.42 -16.42 109.74
CA VAL VC 222 83.23 -15.06 109.25
C VAL VC 222 84.56 -14.32 109.32
N ALA VC 223 84.71 -13.33 108.43
CA ALA VC 223 86.02 -12.75 108.15
C ALA VC 223 86.54 -11.86 109.29
N ASN VC 224 85.65 -11.12 109.94
CA ASN VC 224 86.03 -10.18 110.99
C ASN VC 224 86.00 -10.80 112.37
N SER VC 225 86.38 -12.07 112.49
CA SER VC 225 86.26 -12.82 113.73
C SER VC 225 87.31 -12.40 114.74
N THR VC 226 87.13 -12.86 115.97
CA THR VC 226 88.16 -12.80 117.00
C THR VC 226 89.01 -14.05 116.86
N GLU VC 227 90.29 -13.96 117.23
CA GLU VC 227 91.15 -15.13 117.15
C GLU VC 227 90.74 -16.19 118.18
N ALA VC 228 90.41 -15.77 119.40
CA ALA VC 228 89.94 -16.71 120.41
C ALA VC 228 88.52 -17.20 120.14
N SER VC 229 87.80 -16.58 119.20
CA SER VC 229 86.53 -17.12 118.75
C SER VC 229 86.74 -18.29 117.80
N ARG VC 230 87.74 -18.21 116.93
CA ARG VC 230 88.07 -19.34 116.06
C ARG VC 230 88.86 -20.40 116.80
N LYS VC 231 89.63 -20.01 117.81
CA LYS VC 231 90.43 -20.97 118.57
C LYS VC 231 89.55 -21.81 119.47
N SER VC 232 88.46 -21.23 119.98
CA SER VC 232 87.57 -21.98 120.84
C SER VC 232 86.65 -22.90 120.03
N LEU VC 233 86.29 -22.51 118.81
CA LEU VC 233 85.48 -23.39 117.97
C LEU VC 233 86.27 -24.62 117.53
N TYR VC 234 87.56 -24.46 117.30
CA TYR VC 234 88.40 -25.61 116.97
C TYR VC 234 88.56 -26.54 118.18
N ASP VC 235 88.83 -25.96 119.35
CA ASP VC 235 89.03 -26.75 120.55
C ASP VC 235 87.77 -27.47 121.03
N LEU VC 236 86.59 -26.95 120.71
CA LEU VC 236 85.38 -27.68 121.05
C LEU VC 236 85.15 -28.85 120.10
N THR VC 237 85.39 -28.65 118.81
CA THR VC 237 85.26 -29.74 117.85
C THR VC 237 86.36 -30.78 118.01
N LYS VC 238 87.56 -30.36 118.42
CA LYS VC 238 88.61 -31.31 118.73
C LYS VC 238 88.24 -32.13 119.96
N SER VC 239 87.53 -31.53 120.90
CA SER VC 239 87.08 -32.24 122.09
C SER VC 239 85.78 -32.98 121.87
N LEU VC 240 85.02 -32.63 120.83
CA LEU VC 240 83.78 -33.34 120.55
C LEU VC 240 84.05 -34.70 119.92
N VAL VC 241 84.95 -34.74 118.93
CA VAL VC 241 85.29 -35.98 118.24
C VAL VC 241 85.98 -36.95 119.19
N ALA VC 242 86.77 -36.44 120.14
CA ALA VC 242 87.50 -37.30 121.06
C ALA VC 242 86.66 -37.85 122.20
N THR VC 243 85.36 -37.59 122.23
CA THR VC 243 84.52 -38.16 123.27
C THR VC 243 84.21 -39.63 122.97
N SER VC 244 83.64 -40.30 123.98
CA SER VC 244 83.26 -41.69 123.81
C SER VC 244 81.86 -41.84 123.23
N GLN VC 245 81.12 -40.75 123.07
CA GLN VC 245 79.77 -40.85 122.55
C GLN VC 245 79.74 -40.72 121.02
N VAL VC 246 80.60 -39.88 120.47
CA VAL VC 246 80.72 -39.77 119.02
C VAL VC 246 81.46 -40.97 118.45
N GLU VC 247 82.26 -41.66 119.27
CA GLU VC 247 82.83 -42.93 118.86
C GLU VC 247 81.74 -43.98 118.66
N ASP VC 248 80.85 -44.11 119.65
CA ASP VC 248 79.74 -45.07 119.54
C ASP VC 248 78.69 -44.64 118.54
N LEU VC 249 78.60 -43.35 118.23
CA LEU VC 249 77.67 -42.89 117.20
C LEU VC 249 78.12 -43.34 115.82
N VAL VC 250 79.43 -43.48 115.60
CA VAL VC 250 79.96 -43.91 114.32
C VAL VC 250 80.14 -45.42 114.28
N VAL VC 251 80.72 -46.00 115.33
CA VAL VC 251 81.00 -47.43 115.34
C VAL VC 251 79.73 -48.25 115.53
N ASN VC 252 78.94 -47.92 116.56
CA ASN VC 252 77.80 -48.74 116.94
C ASN VC 252 76.45 -48.06 116.75
N LEU VC 253 76.42 -46.86 116.15
CA LEU VC 253 75.20 -46.11 115.82
C LEU VC 253 74.34 -45.79 117.04
N VAL VC 254 74.95 -45.67 118.21
CA VAL VC 254 74.22 -45.26 119.41
C VAL VC 254 74.06 -43.74 119.39
N PRO VC 255 72.85 -43.22 119.53
CA PRO VC 255 72.68 -41.76 119.56
C PRO VC 255 73.30 -41.13 120.80
N LEU VC 256 73.46 -39.81 120.73
CA LEU VC 256 74.23 -39.07 121.72
C LEU VC 256 73.42 -38.85 123.00
N GLY VC 257 74.15 -38.51 124.06
CA GLY VC 257 73.52 -38.16 125.32
C GLY VC 257 73.39 -39.31 126.30
N ARG VC 258 74.09 -39.22 127.42
CA ARG VC 258 73.95 -40.21 128.50
C ARG VC 258 73.62 -39.50 129.81
N SER WC 1 123.59 20.12 87.79
CA SER WC 1 122.29 20.57 88.26
C SER WC 1 121.85 19.77 89.49
N LYS WC 2 120.73 19.07 89.38
CA LYS WC 2 120.18 18.26 90.45
C LYS WC 2 120.51 16.80 90.17
N THR WC 3 121.10 16.13 91.15
CA THR WC 3 121.66 14.80 90.95
C THR WC 3 121.06 13.77 91.90
N ILE WC 4 121.06 12.52 91.46
CA ILE WC 4 120.84 11.35 92.31
C ILE WC 4 122.08 10.48 92.20
N VAL WC 5 122.52 9.93 93.33
CA VAL WC 5 123.71 9.09 93.37
C VAL WC 5 123.29 7.67 93.71
N LEU WC 6 123.52 6.75 92.78
CA LEU WC 6 123.15 5.35 92.94
C LEU WC 6 124.43 4.54 93.12
N SER WC 7 124.81 4.29 94.37
CA SER WC 7 126.03 3.56 94.65
C SER WC 7 125.79 2.06 94.52
N VAL WC 8 126.64 1.39 93.75
CA VAL WC 8 126.46 -0.01 93.40
C VAL WC 8 127.62 -0.75 94.09
N GLY WC 9 127.97 -0.26 95.27
CA GLY WC 9 129.12 -0.76 96.00
C GLY WC 9 130.02 0.40 96.37
N GLU WC 10 131.21 0.45 95.79
CA GLU WC 10 132.00 1.67 95.81
C GLU WC 10 131.90 2.45 94.52
N ALA WC 11 131.43 1.82 93.44
CA ALA WC 11 131.19 2.52 92.19
C ALA WC 11 129.87 3.28 92.29
N THR WC 12 129.94 4.61 92.21
CA THR WC 12 128.77 5.46 92.30
C THR WC 12 128.45 5.99 90.91
N ARG WC 13 127.19 5.86 90.50
CA ARG WC 13 126.74 6.28 89.17
C ARG WC 13 125.79 7.46 89.35
N THR WC 14 126.29 8.66 89.08
CA THR WC 14 125.56 9.89 89.35
C THR WC 14 124.73 10.27 88.13
N LEU WC 15 123.42 10.35 88.31
CA LEU WC 15 122.52 10.82 87.27
C LEU WC 15 122.35 12.33 87.35
N THR WC 16 122.04 12.94 86.21
CA THR WC 16 121.91 14.39 86.12
C THR WC 16 120.61 14.72 85.41
N GLU WC 17 119.89 15.71 85.95
CA GLU WC 17 118.56 16.04 85.47
C GLU WC 17 118.61 16.73 84.12
N ILE WC 18 117.78 16.28 83.19
CA ILE WC 18 117.69 16.88 81.86
C ILE WC 18 116.31 17.44 81.56
N GLN WC 19 115.34 17.32 82.47
CA GLN WC 19 114.00 17.81 82.23
C GLN WC 19 113.32 18.04 83.56
N SER WC 20 112.51 19.10 83.65
CA SER WC 20 111.73 19.37 84.84
C SER WC 20 110.41 19.99 84.39
N THR WC 21 109.39 19.16 84.23
CA THR WC 21 108.06 19.62 83.87
C THR WC 21 107.32 19.81 85.20
N ALA WC 22 106.00 20.03 85.17
CA ALA WC 22 105.25 20.16 86.41
C ALA WC 22 105.15 18.82 87.14
N ASP WC 23 105.05 17.72 86.40
CA ASP WC 23 105.01 16.40 86.99
C ASP WC 23 106.18 15.51 86.57
N ARG WC 24 106.53 15.48 85.29
CA ARG WC 24 107.60 14.61 84.83
C ARG WC 24 108.96 15.20 85.17
N GLN WC 25 109.94 14.33 85.36
CA GLN WC 25 111.25 14.75 85.84
C GLN WC 25 112.27 13.70 85.39
N ILE WC 26 113.02 14.01 84.34
CA ILE WC 26 113.87 13.04 83.65
C ILE WC 26 115.31 13.23 84.08
N PHE WC 27 115.98 12.13 84.41
CA PHE WC 27 117.38 12.12 84.80
C PHE WC 27 118.17 11.26 83.82
N GLU WC 28 119.44 11.59 83.64
CA GLU WC 28 120.32 10.80 82.79
C GLU WC 28 121.71 10.77 83.36
N GLU WC 29 122.46 9.73 83.01
CA GLU WC 29 123.88 9.68 83.29
C GLU WC 29 124.64 10.31 82.14
N LYS WC 30 125.80 10.88 82.44
CA LYS WC 30 126.50 11.70 81.46
C LYS WC 30 127.80 11.09 80.94
N VAL WC 31 128.25 9.98 81.51
CA VAL WC 31 129.48 9.36 81.02
C VAL WC 31 129.16 8.39 79.90
N GLY WC 32 130.14 8.16 79.03
CA GLY WC 32 130.01 7.20 77.96
C GLY WC 32 129.54 7.81 76.66
N PRO WC 33 129.04 6.97 75.75
CA PRO WC 33 128.50 7.49 74.47
C PRO WC 33 127.20 8.26 74.64
N LEU WC 34 126.70 8.83 73.56
CA LEU WC 34 125.54 9.71 73.62
C LEU WC 34 124.23 9.03 73.21
N VAL WC 35 124.29 7.79 72.74
CA VAL WC 35 123.09 7.16 72.17
C VAL WC 35 122.36 6.32 73.21
N GLY WC 36 123.07 5.61 74.07
CA GLY WC 36 122.41 4.81 75.09
C GLY WC 36 122.94 5.07 76.48
N ARG WC 37 122.07 5.60 77.35
CA ARG WC 37 122.46 5.97 78.70
C ARG WC 37 121.35 5.57 79.67
N LEU WC 38 121.64 5.67 80.97
CA LEU WC 38 120.61 5.46 81.97
C LEU WC 38 119.55 6.54 81.90
N ARG WC 39 118.39 6.23 82.48
CA ARG WC 39 117.23 7.10 82.41
C ARG WC 39 116.40 6.87 83.65
N LEU WC 40 115.82 7.94 84.17
CA LEU WC 40 114.99 7.82 85.36
C LEU WC 40 113.85 8.83 85.21
N THR WC 41 112.72 8.35 84.71
CA THR WC 41 111.57 9.21 84.43
C THR WC 41 110.68 9.19 85.65
N ALA WC 42 110.93 10.12 86.57
CA ALA WC 42 110.11 10.22 87.77
C ALA WC 42 108.85 11.03 87.48
N SER WC 43 107.85 10.88 88.35
CA SER WC 43 106.56 11.52 88.17
C SER WC 43 105.85 11.58 89.50
N LEU WC 44 104.82 12.41 89.56
CA LEU WC 44 103.94 12.51 90.73
C LEU WC 44 102.63 13.14 90.28
N ARG WC 45 101.53 12.67 90.85
CA ARG WC 45 100.20 13.11 90.47
C ARG WC 45 99.31 13.13 91.69
N GLN WC 46 98.06 13.57 91.50
CA GLN WC 46 97.00 13.33 92.47
C GLN WC 46 95.69 13.22 91.68
N ASN WC 47 95.31 11.99 91.36
CA ASN WC 47 94.18 11.74 90.48
C ASN WC 47 92.88 11.64 91.27
N GLY WC 48 91.78 12.01 90.61
CA GLY WC 48 90.48 11.95 91.22
C GLY WC 48 90.14 13.20 92.00
N ALA WC 49 89.48 13.04 93.14
CA ALA WC 49 89.07 14.18 93.97
C ALA WC 49 90.11 14.46 95.04
N LYS WC 50 91.37 14.59 94.59
CA LYS WC 50 92.52 15.06 95.39
C LYS WC 50 92.77 14.21 96.62
N THR WC 51 92.47 12.91 96.57
CA THR WC 51 92.53 12.07 97.75
C THR WC 51 93.69 11.08 97.75
N ALA WC 52 94.30 10.80 96.60
CA ALA WC 52 95.36 9.81 96.51
C ALA WC 52 96.41 10.30 95.53
N TYR WC 53 97.68 10.18 95.92
CA TYR WC 53 98.79 10.52 95.05
C TYR WC 53 99.22 9.29 94.25
N ARG WC 54 100.15 9.50 93.33
CA ARG WC 54 100.63 8.40 92.49
C ARG WC 54 102.07 8.71 92.07
N VAL WC 55 103.01 8.08 92.74
CA VAL WC 55 104.42 8.13 92.35
C VAL WC 55 104.64 7.14 91.24
N ASN WC 56 105.48 7.49 90.26
CA ASN WC 56 105.66 6.65 89.08
C ASN WC 56 107.12 6.77 88.62
N LEU WC 57 107.96 5.86 89.08
CA LEU WC 57 109.36 5.81 88.65
C LEU WC 57 109.50 4.85 87.47
N LYS WC 58 110.60 5.02 86.72
CA LYS WC 58 110.87 4.18 85.56
C LYS WC 58 112.36 4.26 85.27
N LEU WC 59 113.09 3.18 85.56
CA LEU WC 59 114.53 3.14 85.38
C LEU WC 59 114.86 2.35 84.12
N ASP WC 60 115.09 3.07 83.03
CA ASP WC 60 115.48 2.42 81.79
C ASP WC 60 116.95 2.04 81.83
N GLN WC 61 117.34 1.11 80.97
CA GLN WC 61 118.74 0.73 80.81
C GLN WC 61 118.90 0.10 79.44
N ALA WC 62 119.64 0.78 78.56
CA ALA WC 62 119.90 0.30 77.22
C ALA WC 62 121.30 -0.31 77.15
N ASP WC 63 121.45 -1.35 76.35
CA ASP WC 63 122.75 -2.00 76.15
C ASP WC 63 123.30 -1.55 74.82
N VAL WC 64 124.25 -0.64 74.85
CA VAL WC 64 124.86 -0.09 73.66
C VAL WC 64 126.13 -0.87 73.34
N VAL WC 65 126.31 -1.18 72.06
CA VAL WC 65 127.50 -1.90 71.59
C VAL WC 65 128.11 -1.09 70.45
N ASP WC 66 129.43 -0.92 70.49
CA ASP WC 66 130.16 -0.23 69.44
C ASP WC 66 131.34 -1.08 69.00
N CYS WC 67 131.30 -1.55 67.76
CA CYS WC 67 132.37 -2.34 67.15
C CYS WC 67 132.78 -1.75 65.82
N SER WC 68 133.15 -0.47 65.83
CA SER WC 68 133.84 0.12 64.70
C SER WC 68 135.23 -0.48 64.47
N THR WC 69 135.82 -1.09 65.51
CA THR WC 69 137.06 -1.83 65.33
C THR WC 69 136.85 -3.08 64.50
N SER WC 70 135.71 -3.75 64.69
CA SER WC 70 135.43 -4.98 63.95
C SER WC 70 134.93 -4.67 62.54
N VAL WC 71 133.80 -3.98 62.44
CA VAL WC 71 133.26 -3.57 61.15
C VAL WC 71 133.73 -2.15 60.89
N CYS WC 72 134.46 -1.95 59.79
CA CYS WC 72 135.00 -0.64 59.47
C CYS WC 72 133.91 0.27 58.95
N GLY WC 73 133.54 1.27 59.74
CA GLY WC 73 132.59 2.26 59.33
C GLY WC 73 131.24 2.23 60.00
N GLU WC 74 131.12 1.57 61.15
CA GLU WC 74 129.85 1.52 61.87
C GLU WC 74 129.96 2.35 63.15
N LEU WC 75 128.79 2.69 63.70
CA LEU WC 75 128.67 3.61 64.81
C LEU WC 75 128.08 2.88 66.01
N PRO WC 76 128.13 3.44 67.23
CA PRO WC 76 127.46 2.80 68.36
C PRO WC 76 125.95 2.74 68.19
N LYS WC 77 125.36 1.70 68.79
CA LYS WC 77 123.97 1.35 68.57
C LYS WC 77 123.50 0.52 69.76
N VAL WC 78 122.24 0.68 70.13
CA VAL WC 78 121.68 -0.04 71.27
C VAL WC 78 120.99 -1.31 70.76
N ARG WC 79 121.20 -2.42 71.48
CA ARG WC 79 120.52 -3.65 71.13
C ARG WC 79 119.11 -3.69 71.71
N TYR WC 80 119.02 -3.64 73.05
CA TYR WC 80 117.76 -3.80 73.74
C TYR WC 80 117.70 -2.81 74.90
N THR WC 81 116.50 -2.67 75.47
CA THR WC 81 116.30 -1.88 76.68
C THR WC 81 115.57 -2.73 77.72
N GLN WC 82 116.01 -2.60 78.97
CA GLN WC 82 115.40 -3.31 80.09
C GLN WC 82 115.01 -2.29 81.14
N VAL WC 83 113.74 -2.31 81.55
CA VAL WC 83 113.21 -1.30 82.45
C VAL WC 83 112.88 -1.93 83.80
N TRP WC 84 112.65 -1.08 84.79
CA TRP WC 84 112.09 -1.50 86.07
C TRP WC 84 111.20 -0.34 86.54
N SER WC 85 109.92 -0.45 86.25
CA SER WC 85 108.98 0.61 86.62
C SER WC 85 108.48 0.40 88.04
N HIS WC 86 108.02 1.49 88.64
CA HIS WC 86 107.40 1.47 89.96
C HIS WC 86 106.07 2.19 89.85
N ASP WC 87 105.14 1.85 90.74
CA ASP WC 87 103.82 2.48 90.77
C ASP WC 87 103.33 2.48 92.21
N VAL WC 88 103.59 3.56 92.91
CA VAL WC 88 103.24 3.69 94.31
C VAL WC 88 101.92 4.45 94.40
N THR WC 89 101.01 3.97 95.24
CA THR WC 89 99.73 4.63 95.48
C THR WC 89 99.67 5.03 96.95
N ILE WC 90 99.59 6.33 97.22
CA ILE WC 90 99.58 6.86 98.58
C ILE WC 90 98.32 7.70 98.74
N VAL WC 91 97.49 7.33 99.71
CA VAL WC 91 96.31 8.14 100.02
C VAL WC 91 96.71 9.28 100.94
N ALA WC 92 96.00 10.41 100.79
CA ALA WC 92 96.51 11.68 101.30
C ALA WC 92 96.33 11.81 102.82
N ASN WC 93 95.34 11.16 103.40
CA ASN WC 93 95.09 11.24 104.83
C ASN WC 93 95.77 10.12 105.61
N SER WC 94 96.94 9.69 105.16
CA SER WC 94 97.62 8.54 105.73
C SER WC 94 98.25 8.87 107.08
N THR WC 95 98.79 7.83 107.71
CA THR WC 95 99.67 7.99 108.85
C THR WC 95 101.11 7.97 108.33
N GLU WC 96 101.99 8.70 109.01
CA GLU WC 96 103.38 8.73 108.57
C GLU WC 96 104.08 7.41 108.83
N ALA WC 97 103.66 6.66 109.85
CA ALA WC 97 104.19 5.33 110.05
C ALA WC 97 103.61 4.33 109.06
N SER WC 98 102.49 4.65 108.42
CA SER WC 98 101.95 3.79 107.38
C SER WC 98 102.76 3.93 106.09
N ARG WC 99 103.10 5.16 105.72
CA ARG WC 99 103.94 5.39 104.54
C ARG WC 99 105.38 4.95 104.76
N LYS WC 100 105.87 4.99 106.00
CA LYS WC 100 107.22 4.56 106.27
C LYS WC 100 107.33 3.03 106.24
N SER WC 101 106.28 2.33 106.68
CA SER WC 101 106.32 0.88 106.68
C SER WC 101 106.19 0.32 105.27
N LEU WC 102 105.43 0.99 104.40
CA LEU WC 102 105.32 0.55 103.01
C LEU WC 102 106.63 0.73 102.28
N TYR WC 103 107.39 1.78 102.62
CA TYR WC 103 108.71 1.95 102.03
C TYR WC 103 109.70 0.95 102.61
N ASP WC 104 109.58 0.63 103.90
CA ASP WC 104 110.51 -0.28 104.54
C ASP WC 104 110.28 -1.73 104.12
N LEU WC 105 109.09 -2.07 103.63
CA LEU WC 105 108.85 -3.42 103.16
C LEU WC 105 109.34 -3.61 101.73
N THR WC 106 109.15 -2.60 100.88
CA THR WC 106 109.61 -2.70 99.51
C THR WC 106 111.13 -2.56 99.43
N LYS WC 107 111.73 -1.84 100.36
CA LYS WC 107 113.19 -1.77 100.45
C LYS WC 107 113.77 -3.13 100.82
N SER WC 108 113.04 -3.92 101.59
CA SER WC 108 113.47 -5.26 101.93
C SER WC 108 112.94 -6.31 100.97
N LEU WC 109 111.88 -6.02 100.22
CA LEU WC 109 111.44 -6.91 99.17
C LEU WC 109 112.46 -6.97 98.04
N VAL WC 110 112.93 -5.81 97.60
CA VAL WC 110 113.89 -5.76 96.50
C VAL WC 110 115.24 -6.31 96.94
N ALA WC 111 115.63 -6.08 98.19
CA ALA WC 111 116.96 -6.47 98.64
C ALA WC 111 117.07 -7.93 99.05
N THR WC 112 116.03 -8.72 98.90
CA THR WC 112 116.13 -10.13 99.27
C THR WC 112 116.75 -10.92 98.12
N SER WC 113 117.19 -12.14 98.44
CA SER WC 113 117.81 -13.00 97.45
C SER WC 113 116.82 -13.77 96.61
N GLN WC 114 115.52 -13.65 96.87
CA GLN WC 114 114.53 -14.35 96.07
C GLN WC 114 114.02 -13.50 94.93
N VAL WC 115 113.96 -12.18 95.12
CA VAL WC 115 113.57 -11.29 94.04
C VAL WC 115 114.75 -11.07 93.09
N GLU WC 116 115.98 -11.21 93.62
CA GLU WC 116 117.17 -11.15 92.77
C GLU WC 116 117.20 -12.30 91.77
N ASP WC 117 116.91 -13.51 92.22
CA ASP WC 117 116.89 -14.65 91.30
C ASP WC 117 115.65 -14.66 90.42
N LEU WC 118 114.63 -13.88 90.74
CA LEU WC 118 113.44 -13.80 89.90
C LEU WC 118 113.70 -13.00 88.63
N VAL WC 119 114.62 -12.04 88.68
CA VAL WC 119 114.87 -11.21 87.51
C VAL WC 119 116.18 -11.61 86.83
N VAL WC 120 117.12 -12.15 87.59
CA VAL WC 120 118.39 -12.55 87.00
C VAL WC 120 118.27 -13.93 86.37
N ASN WC 121 117.80 -14.92 87.12
CA ASN WC 121 117.74 -16.30 86.67
C ASN WC 121 116.32 -16.81 86.48
N LEU WC 122 115.32 -15.95 86.63
CA LEU WC 122 113.90 -16.23 86.39
C LEU WC 122 113.35 -17.34 87.28
N VAL WC 123 113.96 -17.57 88.44
CA VAL WC 123 113.46 -18.56 89.39
C VAL WC 123 112.23 -17.98 90.10
N PRO WC 124 111.14 -18.74 90.22
CA PRO WC 124 109.94 -18.20 90.89
C PRO WC 124 110.16 -18.01 92.39
N LEU WC 125 109.19 -17.33 93.00
CA LEU WC 125 109.32 -16.90 94.38
C LEU WC 125 108.95 -18.02 95.35
N GLY WC 126 109.42 -17.89 96.58
CA GLY WC 126 109.09 -18.83 97.63
C GLY WC 126 110.05 -19.98 97.74
N ARG WC 127 110.63 -20.16 98.93
CA ARG WC 127 111.51 -21.29 99.20
C ARG WC 127 111.04 -21.96 100.49
N ALA WC 128 110.69 -23.25 100.39
CA ALA WC 128 110.16 -23.98 101.52
C ALA WC 128 111.30 -24.44 102.43
N TYR WC 129 111.48 -23.75 103.55
CA TYR WC 129 112.47 -24.13 104.55
C TYR WC 129 111.70 -24.65 105.77
N GLY WC 130 111.37 -25.93 105.73
CA GLY WC 130 110.62 -26.56 106.80
C GLY WC 130 109.20 -26.05 106.95
N GLY WC 131 108.36 -26.31 105.95
CA GLY WC 131 106.99 -25.84 106.00
C GLY WC 131 106.48 -25.38 104.67
N SER WC 132 105.76 -24.26 104.65
CA SER WC 132 105.22 -23.72 103.41
C SER WC 132 106.27 -22.86 102.72
N LYS WC 133 105.96 -22.43 101.51
CA LYS WC 133 106.83 -21.53 100.76
C LYS WC 133 106.71 -20.13 101.34
N THR WC 134 107.81 -19.60 101.86
CA THR WC 134 107.80 -18.37 102.61
C THR WC 134 108.78 -17.36 102.02
N ILE WC 135 108.44 -16.08 102.17
CA ILE WC 135 109.36 -14.98 101.90
C ILE WC 135 109.49 -14.17 103.18
N VAL WC 136 110.72 -13.95 103.63
CA VAL WC 136 110.99 -13.23 104.86
C VAL WC 136 111.41 -11.80 104.50
N LEU WC 137 110.66 -10.82 104.98
CA LEU WC 137 110.93 -9.42 104.73
C LEU WC 137 111.39 -8.78 106.04
N SER WC 138 112.69 -8.82 106.28
CA SER WC 138 113.26 -8.27 107.51
C SER WC 138 113.25 -6.75 107.48
N VAL WC 139 112.74 -6.14 108.54
CA VAL WC 139 112.62 -4.69 108.63
C VAL WC 139 113.57 -4.30 109.75
N GLY WC 140 114.69 -5.01 109.85
CA GLY WC 140 115.62 -4.83 110.95
C GLY WC 140 115.68 -6.08 111.80
N GLU WC 141 115.14 -6.01 113.00
CA GLU WC 141 114.95 -7.19 113.83
C GLU WC 141 113.56 -7.79 113.71
N ALA WC 142 112.60 -7.04 113.20
CA ALA WC 142 111.27 -7.57 112.94
C ALA WC 142 111.25 -8.26 111.58
N THR WC 143 110.84 -9.52 111.56
CA THR WC 143 110.74 -10.30 110.34
C THR WC 143 109.27 -10.63 110.11
N ARG WC 144 108.79 -10.38 108.90
CA ARG WC 144 107.40 -10.62 108.54
C ARG WC 144 107.36 -11.63 107.40
N THR WC 145 107.08 -12.89 107.74
CA THR WC 145 107.17 -13.99 106.78
C THR WC 145 105.82 -14.18 106.10
N LEU WC 146 105.82 -14.12 104.76
CA LEU WC 146 104.60 -14.27 103.98
C LEU WC 146 104.54 -15.66 103.38
N THR WC 147 103.47 -16.39 103.68
CA THR WC 147 103.29 -17.75 103.19
C THR WC 147 102.42 -17.75 101.94
N GLU WC 148 102.69 -18.71 101.06
CA GLU WC 148 101.99 -18.77 99.78
C GLU WC 148 100.59 -19.33 99.98
N ILE WC 149 99.60 -18.66 99.38
CA ILE WC 149 98.21 -19.09 99.51
C ILE WC 149 97.62 -19.60 98.19
N GLN WC 150 98.21 -19.28 97.05
CA GLN WC 150 97.68 -19.70 95.76
C GLN WC 150 98.77 -19.57 94.72
N SER WC 151 98.99 -20.63 93.95
CA SER WC 151 99.95 -20.65 92.86
C SER WC 151 99.22 -21.08 91.60
N THR WC 152 98.67 -20.11 90.87
CA THR WC 152 97.99 -20.36 89.61
C THR WC 152 99.08 -20.44 88.53
N ALA WC 153 98.69 -20.68 87.27
CA ALA WC 153 99.67 -20.75 86.20
C ALA WC 153 100.27 -19.37 85.90
N ASP WC 154 99.52 -18.30 86.18
CA ASP WC 154 100.01 -16.94 86.00
C ASP WC 154 100.43 -16.29 87.32
N ARG WC 155 99.53 -16.24 88.30
CA ARG WC 155 99.80 -15.51 89.53
C ARG WC 155 100.52 -16.39 90.54
N GLN WC 156 101.06 -15.75 91.57
CA GLN WC 156 101.65 -16.45 92.71
C GLN WC 156 101.45 -15.54 93.92
N ILE WC 157 100.36 -15.74 94.64
CA ILE WC 157 99.90 -14.82 95.68
C ILE WC 157 100.48 -15.26 97.02
N PHE WC 158 101.11 -14.33 97.73
CA PHE WC 158 101.59 -14.55 99.08
C PHE WC 158 100.79 -13.69 100.05
N GLU WC 159 100.86 -14.04 101.33
CA GLU WC 159 100.07 -13.36 102.34
C GLU WC 159 100.66 -13.66 103.71
N GLU WC 160 100.69 -12.65 104.58
CA GLU WC 160 101.06 -12.87 105.96
C GLU WC 160 99.88 -13.53 106.69
N LYS WC 161 100.18 -14.27 107.75
CA LYS WC 161 99.18 -15.08 108.40
C LYS WC 161 98.89 -14.71 109.84
N VAL WC 162 99.58 -13.72 110.41
CA VAL WC 162 99.27 -13.29 111.76
C VAL WC 162 98.25 -12.16 111.74
N GLY WC 163 97.60 -11.93 112.88
CA GLY WC 163 96.69 -10.84 113.02
C GLY WC 163 95.28 -11.16 112.57
N PRO WC 164 94.46 -10.12 112.37
CA PRO WC 164 93.09 -10.33 111.89
C PRO WC 164 93.06 -10.78 110.44
N LEU WC 165 91.92 -11.32 110.03
CA LEU WC 165 91.76 -11.86 108.69
C LEU WC 165 91.34 -10.81 107.67
N VAL WC 166 90.96 -9.60 108.11
CA VAL WC 166 90.43 -8.64 107.16
C VAL WC 166 91.52 -7.84 106.46
N GLY WC 167 92.63 -7.54 107.14
CA GLY WC 167 93.70 -6.82 106.50
C GLY WC 167 95.05 -7.47 106.74
N ARG WC 168 95.68 -7.95 105.68
CA ARG WC 168 96.98 -8.61 105.78
C ARG WC 168 97.83 -8.18 104.59
N LEU WC 169 99.12 -8.49 104.68
CA LEU WC 169 100.04 -8.19 103.58
C LEU WC 169 99.75 -9.08 102.38
N ARG WC 170 100.17 -8.61 101.22
CA ARG WC 170 99.97 -9.35 99.98
C ARG WC 170 101.20 -9.22 99.12
N LEU WC 171 101.38 -10.20 98.23
CA LEU WC 171 102.48 -10.17 97.27
C LEU WC 171 102.00 -10.95 96.05
N THR WC 172 101.53 -10.23 95.03
CA THR WC 172 100.99 -10.86 93.83
C THR WC 172 102.07 -10.83 92.76
N ALA WC 173 102.92 -11.85 92.77
CA ALA WC 173 103.93 -11.99 91.73
C ALA WC 173 103.31 -12.57 90.46
N SER WC 174 104.00 -12.36 89.35
CA SER WC 174 103.56 -12.87 88.06
C SER WC 174 104.77 -12.95 87.14
N LEU WC 175 104.57 -13.60 85.99
CA LEU WC 175 105.62 -13.77 85.00
C LEU WC 175 104.97 -14.10 83.68
N ARG WC 176 105.25 -13.31 82.65
CA ARG WC 176 104.66 -13.52 81.33
C ARG WC 176 105.77 -13.50 80.30
N GLN WC 177 105.37 -13.70 79.04
CA GLN WC 177 106.22 -13.40 77.89
C GLN WC 177 105.32 -13.04 76.72
N ASN WC 178 105.34 -11.76 76.35
CA ASN WC 178 104.45 -11.25 75.32
C ASN WC 178 105.16 -11.17 73.98
N GLY WC 179 104.44 -11.53 72.93
CA GLY WC 179 104.99 -11.48 71.58
C GLY WC 179 105.54 -12.81 71.12
N ALA WC 180 106.60 -12.76 70.32
CA ALA WC 180 107.21 -13.98 69.78
C ALA WC 180 108.34 -14.48 70.68
N LYS WC 181 108.01 -14.66 71.97
CA LYS WC 181 108.88 -15.26 72.99
C LYS WC 181 110.20 -14.51 73.15
N THR WC 182 110.17 -13.19 73.00
CA THR WC 182 111.40 -12.40 72.96
C THR WC 182 111.63 -11.56 74.20
N ALA WC 183 110.62 -11.34 75.04
CA ALA WC 183 110.78 -10.51 76.22
C ALA WC 183 109.86 -11.01 77.32
N TYR WC 184 110.38 -11.05 78.54
CA TYR WC 184 109.61 -11.47 79.69
C TYR WC 184 108.96 -10.25 80.36
N ARG WC 185 108.18 -10.51 81.41
CA ARG WC 185 107.51 -9.43 82.14
C ARG WC 185 107.29 -9.89 83.58
N VAL WC 186 108.16 -9.46 84.47
CA VAL WC 186 108.01 -9.73 85.90
C VAL WC 186 107.12 -8.65 86.49
N ASN WC 187 106.24 -9.04 87.42
CA ASN WC 187 105.25 -8.10 87.94
C ASN WC 187 104.99 -8.41 89.41
N LEU WC 188 105.65 -7.67 90.30
CA LEU WC 188 105.39 -7.76 91.73
C LEU WC 188 104.44 -6.66 92.17
N LYS WC 189 103.73 -6.91 93.27
CA LYS WC 189 102.76 -5.94 93.79
C LYS WC 189 102.52 -6.24 95.26
N LEU WC 190 102.80 -5.26 96.12
CA LEU WC 190 102.68 -5.43 97.56
C LEU WC 190 101.61 -4.50 98.09
N ASP WC 191 100.47 -5.08 98.49
CA ASP WC 191 99.38 -4.33 99.10
C ASP WC 191 99.52 -4.32 100.61
N GLN WC 192 99.33 -3.15 101.20
CA GLN WC 192 99.37 -2.99 102.65
C GLN WC 192 98.14 -2.18 103.07
N ALA WC 193 97.20 -2.83 103.74
CA ALA WC 193 95.99 -2.18 104.19
C ALA WC 193 96.11 -1.86 105.67
N ASP WC 194 95.59 -0.68 106.06
CA ASP WC 194 95.65 -0.23 107.44
C ASP WC 194 94.37 -0.65 108.15
N VAL WC 195 94.50 -1.60 109.07
CA VAL WC 195 93.37 -2.11 109.84
C VAL WC 195 93.41 -1.46 111.22
N VAL WC 196 92.23 -1.19 111.78
CA VAL WC 196 92.11 -0.60 113.11
C VAL WC 196 90.85 -1.13 113.77
N ASP WC 197 90.91 -1.33 115.08
CA ASP WC 197 89.73 -1.63 115.87
C ASP WC 197 89.80 -0.92 117.21
N CYS WC 198 88.64 -0.48 117.68
CA CYS WC 198 88.54 0.24 118.94
C CYS WC 198 87.47 -0.38 119.84
N SER WC 199 87.52 -1.70 120.01
CA SER WC 199 86.58 -2.39 120.90
C SER WC 199 86.78 -2.02 122.36
N THR WC 200 87.93 -1.46 122.72
CA THR WC 200 88.09 -0.86 124.03
C THR WC 200 87.36 0.48 124.12
N SER WC 201 87.05 1.10 122.99
CA SER WC 201 86.37 2.40 122.97
C SER WC 201 84.87 2.27 122.77
N VAL WC 202 84.43 1.68 121.65
CA VAL WC 202 83.02 1.44 121.39
C VAL WC 202 82.81 -0.07 121.31
N CYS WC 203 81.72 -0.54 121.93
CA CYS WC 203 81.48 -1.97 121.99
C CYS WC 203 80.95 -2.53 120.68
N GLY WC 204 81.21 -3.82 120.47
CA GLY WC 204 80.65 -4.55 119.35
C GLY WC 204 81.20 -4.16 118.01
N GLU WC 205 82.41 -3.62 117.95
CA GLU WC 205 83.01 -3.18 116.70
C GLU WC 205 84.18 -4.10 116.38
N LEU WC 206 84.10 -4.76 115.24
CA LEU WC 206 85.13 -5.66 114.76
C LEU WC 206 86.16 -4.89 113.92
N PRO WC 207 87.36 -5.45 113.72
CA PRO WC 207 88.35 -4.75 112.89
C PRO WC 207 87.90 -4.56 111.45
N LYS WC 208 88.38 -3.48 110.86
CA LYS WC 208 88.08 -3.13 109.48
C LYS WC 208 89.23 -2.32 108.92
N VAL WC 209 89.31 -2.26 107.58
CA VAL WC 209 90.37 -1.55 106.89
C VAL WC 209 89.90 -0.13 106.61
N ARG WC 210 90.84 0.83 106.71
CA ARG WC 210 90.52 2.21 106.35
C ARG WC 210 90.93 2.51 104.92
N TYR WC 211 92.20 2.32 104.60
CA TYR WC 211 92.74 2.59 103.28
C TYR WC 211 93.71 1.48 102.92
N THR WC 212 94.22 1.53 101.69
CA THR WC 212 95.26 0.60 101.27
C THR WC 212 96.26 1.34 100.40
N GLN WC 213 97.51 0.88 100.42
CA GLN WC 213 98.60 1.52 99.70
C GLN WC 213 99.39 0.48 98.94
N VAL WC 214 99.60 0.73 97.65
CA VAL WC 214 100.16 -0.25 96.73
C VAL WC 214 101.58 0.19 96.38
N TRP WC 215 102.44 -0.78 96.07
CA TRP WC 215 103.74 -0.51 95.45
C TRP WC 215 103.97 -1.63 94.43
N SER WC 216 103.59 -1.35 93.19
CA SER WC 216 103.74 -2.31 92.12
C SER WC 216 105.13 -2.22 91.49
N HIS WC 217 105.49 -3.27 90.75
CA HIS WC 217 106.70 -3.29 89.95
C HIS WC 217 106.36 -3.88 88.59
N ASP WC 218 107.11 -3.47 87.57
CA ASP WC 218 106.89 -3.99 86.22
C ASP WC 218 108.24 -4.03 85.53
N VAL WC 219 108.89 -5.19 85.59
CA VAL WC 219 110.23 -5.36 85.04
C VAL WC 219 110.09 -5.95 83.64
N THR WC 220 110.81 -5.39 82.68
CA THR WC 220 110.84 -5.89 81.32
C THR WC 220 112.24 -6.41 81.04
N ILE WC 221 112.34 -7.70 80.74
CA ILE WC 221 113.61 -8.37 80.50
C ILE WC 221 113.53 -9.08 79.15
N VAL WC 222 114.44 -8.74 78.24
CA VAL WC 222 114.48 -9.41 76.95
C VAL WC 222 115.15 -10.77 77.10
N ALA WC 223 114.79 -11.69 76.21
CA ALA WC 223 115.12 -13.10 76.41
C ALA WC 223 116.60 -13.39 76.17
N ASN WC 224 117.19 -12.79 75.13
CA ASN WC 224 118.56 -13.09 74.75
C ASN WC 224 119.56 -12.14 75.38
N SER WC 225 119.28 -11.61 76.57
CA SER WC 225 120.14 -10.63 77.21
C SER WC 225 121.35 -11.29 77.85
N THR WC 226 122.24 -10.44 78.34
CA THR WC 226 123.42 -10.89 79.08
C THR WC 226 123.04 -11.05 80.55
N GLU WC 227 123.79 -11.88 81.27
CA GLU WC 227 123.53 -12.03 82.69
C GLU WC 227 123.92 -10.78 83.47
N ALA WC 228 125.07 -10.18 83.14
CA ALA WC 228 125.48 -8.96 83.81
C ALA WC 228 124.66 -7.75 83.37
N SER WC 229 123.87 -7.87 82.32
CA SER WC 229 122.90 -6.83 81.99
C SER WC 229 121.69 -6.89 82.93
N ARG WC 230 121.23 -8.09 83.24
CA ARG WC 230 120.13 -8.25 84.20
C ARG WC 230 120.63 -8.05 85.63
N LYS WC 231 121.89 -8.38 85.90
CA LYS WC 231 122.43 -8.24 87.24
C LYS WC 231 122.67 -6.77 87.58
N SER WC 232 123.02 -5.96 86.59
CA SER WC 232 123.24 -4.54 86.84
C SER WC 232 121.94 -3.78 86.95
N LEU WC 233 120.89 -4.21 86.23
CA LEU WC 233 119.59 -3.57 86.35
C LEU WC 233 118.98 -3.81 87.71
N TYR WC 234 119.20 -4.99 88.29
CA TYR WC 234 118.71 -5.27 89.64
C TYR WC 234 119.47 -4.45 90.66
N ASP WC 235 120.80 -4.40 90.54
CA ASP WC 235 121.62 -3.67 91.50
C ASP WC 235 121.42 -2.16 91.44
N LEU WC 236 120.97 -1.62 90.32
CA LEU WC 236 120.66 -0.19 90.27
C LEU WC 236 119.32 0.08 90.95
N THR WC 237 118.32 -0.77 90.71
CA THR WC 237 117.03 -0.59 91.36
C THR WC 237 117.09 -0.91 92.84
N LYS WC 238 117.96 -1.85 93.24
CA LYS WC 238 118.18 -2.10 94.66
C LYS WC 238 118.84 -0.89 95.32
N SER WC 239 119.70 -0.21 94.58
CA SER WC 239 120.35 0.98 95.11
C SER WC 239 119.51 2.24 94.93
N LEU WC 240 118.50 2.21 94.05
CA LEU WC 240 117.64 3.37 93.88
C LEU WC 240 116.65 3.49 95.02
N VAL WC 241 116.01 2.37 95.40
CA VAL WC 241 115.04 2.36 96.48
C VAL WC 241 115.70 2.68 97.82
N ALA WC 242 116.95 2.27 98.00
CA ALA WC 242 117.65 2.48 99.26
C ALA WC 242 118.21 3.89 99.42
N THR WC 243 117.97 4.80 98.48
CA THR WC 243 118.44 6.16 98.65
C THR WC 243 117.53 6.93 99.62
N SER WC 244 118.00 8.12 100.00
CA SER WC 244 117.24 8.97 100.89
C SER WC 244 116.25 9.86 100.13
N GLN WC 245 116.31 9.88 98.80
CA GLN WC 245 115.43 10.74 98.03
C GLN WC 245 114.13 10.03 97.67
N VAL WC 246 114.20 8.73 97.37
CA VAL WC 246 112.99 7.95 97.12
C VAL WC 246 112.26 7.66 98.41
N GLU WC 247 112.94 7.72 99.55
CA GLU WC 247 112.27 7.66 100.84
C GLU WC 247 111.39 8.89 101.05
N ASP WC 248 111.95 10.08 100.81
CA ASP WC 248 111.18 11.32 100.95
C ASP WC 248 110.16 11.51 99.83
N LEU WC 249 110.35 10.85 98.70
CA LEU WC 249 109.35 10.91 97.63
C LEU WC 249 108.09 10.15 98.03
N VAL WC 250 108.22 9.11 98.84
CA VAL WC 250 107.07 8.32 99.28
C VAL WC 250 106.53 8.84 100.60
N VAL WC 251 107.40 9.12 101.56
CA VAL WC 251 106.95 9.54 102.88
C VAL WC 251 106.45 10.99 102.85
N ASN WC 252 107.26 11.91 102.32
CA ASN WC 252 106.96 13.33 102.40
C ASN WC 252 106.65 13.98 101.06
N LEU WC 253 106.58 13.20 99.98
CA LEU WC 253 106.21 13.67 98.63
C LEU WC 253 107.16 14.73 98.08
N VAL WC 254 108.42 14.72 98.52
CA VAL WC 254 109.42 15.64 97.97
C VAL WC 254 109.92 15.06 96.65
N PRO WC 255 109.91 15.83 95.56
CA PRO WC 255 110.43 15.32 94.29
C PRO WC 255 111.94 15.10 94.32
N LEU WC 256 112.41 14.36 93.34
CA LEU WC 256 113.78 13.87 93.34
C LEU WC 256 114.76 14.96 92.91
N GLY WC 257 116.04 14.71 93.22
CA GLY WC 257 117.10 15.60 92.80
C GLY WC 257 117.49 16.65 93.82
N ARG WC 258 118.72 16.57 94.33
CA ARG WC 258 119.25 17.60 95.21
C ARG WC 258 120.57 18.12 94.68
N SER XC 1 120.23 -66.04 67.60
CA SER XC 1 120.43 -65.03 66.57
C SER XC 1 121.10 -63.79 67.16
N LYS XC 2 120.41 -62.65 67.09
CA LYS XC 2 120.90 -61.39 67.62
C LYS XC 2 120.20 -61.11 68.93
N THR XC 3 120.99 -60.83 69.98
CA THR XC 3 120.46 -60.76 71.33
C THR XC 3 120.75 -59.41 71.98
N ILE XC 4 119.89 -59.04 72.92
CA ILE XC 4 120.14 -57.97 73.88
C ILE XC 4 120.06 -58.58 75.27
N VAL XC 5 120.98 -58.19 76.15
CA VAL XC 5 121.04 -58.72 77.51
C VAL XC 5 120.68 -57.60 78.47
N LEU XC 6 119.58 -57.78 79.20
CA LEU XC 6 119.09 -56.79 80.15
C LEU XC 6 119.31 -57.34 81.56
N SER XC 7 120.43 -56.97 82.18
CA SER XC 7 120.75 -57.46 83.51
C SER XC 7 120.00 -56.66 84.56
N VAL XC 8 119.32 -57.36 85.46
CA VAL XC 8 118.43 -56.75 86.44
C VAL XC 8 119.09 -57.01 87.79
N GLY XC 9 120.42 -56.98 87.79
CA GLY XC 9 121.20 -57.33 88.97
C GLY XC 9 122.22 -58.38 88.59
N GLU XC 10 122.07 -59.59 89.12
CA GLU XC 10 122.78 -60.74 88.58
C GLU XC 10 121.90 -61.58 87.68
N ALA XC 11 120.58 -61.42 87.77
CA ALA XC 11 119.67 -62.09 86.84
C ALA XC 11 119.66 -61.37 85.50
N THR XC 12 120.11 -62.05 84.46
CA THR XC 12 120.17 -61.48 83.12
C THR XC 12 119.06 -62.08 82.28
N ARG XC 13 118.29 -61.24 81.61
CA ARG XC 13 117.15 -61.66 80.80
C ARG XC 13 117.47 -61.38 79.34
N THR XC 14 117.84 -62.43 78.60
CA THR XC 14 118.32 -62.30 77.25
C THR XC 14 117.16 -62.36 76.26
N LEU XC 15 116.97 -61.30 75.49
CA LEU XC 15 115.97 -61.27 74.43
C LEU XC 15 116.57 -61.78 73.13
N THR XC 16 115.70 -62.32 72.28
CA THR XC 16 116.13 -62.91 71.01
C THR XC 16 115.27 -62.36 69.89
N GLU XC 17 115.90 -62.01 68.78
CA GLU XC 17 115.22 -61.33 67.68
C GLU XC 17 114.30 -62.30 66.93
N ILE XC 18 113.07 -61.85 66.68
CA ILE XC 18 112.11 -62.64 65.92
C ILE XC 18 111.65 -61.95 64.64
N GLN XC 19 112.13 -60.75 64.35
CA GLN XC 19 111.74 -60.03 63.15
C GLN XC 19 112.81 -59.02 62.80
N SER XC 20 113.05 -58.83 61.51
CA SER XC 20 113.99 -57.81 61.03
C SER XC 20 113.42 -57.27 59.72
N THR XC 21 112.67 -56.19 59.81
CA THR XC 21 112.13 -55.53 58.63
C THR XC 21 113.16 -54.45 58.26
N ALA XC 22 112.82 -53.55 57.33
CA ALA XC 22 113.75 -52.46 56.99
C ALA XC 22 113.87 -51.45 58.13
N ASP XC 23 112.78 -51.22 58.85
CA ASP XC 23 112.81 -50.32 60.00
C ASP XC 23 112.43 -50.98 61.31
N ARG XC 24 111.43 -51.87 61.31
CA ARG XC 24 111.01 -52.50 62.55
C ARG XC 24 111.92 -53.65 62.90
N GLN XC 25 112.03 -53.94 64.19
CA GLN XC 25 112.99 -54.93 64.67
C GLN XC 25 112.48 -55.44 66.02
N ILE XC 26 111.88 -56.63 66.03
CA ILE XC 26 111.15 -57.15 67.18
C ILE XC 26 112.03 -58.16 67.91
N PHE XC 27 112.08 -58.06 69.23
CA PHE XC 27 112.82 -58.96 70.09
C PHE XC 27 111.86 -59.61 71.07
N GLU XC 28 112.18 -60.84 71.48
CA GLU XC 28 111.37 -61.53 72.48
C GLU XC 28 112.28 -62.36 73.39
N GLU XC 29 111.79 -62.62 74.59
CA GLU XC 29 112.42 -63.58 75.48
C GLU XC 29 111.87 -64.95 75.21
N LYS XC 30 112.68 -65.99 75.44
CA LYS XC 30 112.32 -67.33 75.01
C LYS XC 30 112.00 -68.29 76.15
N VAL XC 31 112.21 -67.90 77.40
CA VAL XC 31 111.90 -68.78 78.52
C VAL XC 31 110.45 -68.59 78.94
N GLY XC 32 109.86 -69.62 79.53
CA GLY XC 32 108.53 -69.55 80.06
C GLY XC 32 107.48 -70.05 79.08
N PRO XC 33 106.21 -69.70 79.33
CA PRO XC 33 105.14 -70.07 78.40
C PRO XC 33 105.21 -69.33 77.07
N LEU XC 34 104.34 -69.70 76.14
CA LEU XC 34 104.39 -69.18 74.78
C LEU XC 34 103.40 -68.04 74.53
N VAL XC 35 102.55 -67.71 75.50
CA VAL XC 35 101.47 -66.76 75.24
C VAL XC 35 101.84 -65.34 75.68
N GLY XC 36 102.55 -65.20 76.81
CA GLY XC 36 102.94 -63.88 77.25
C GLY XC 36 104.42 -63.79 77.56
N ARG XC 37 105.14 -62.97 76.79
CA ARG XC 37 106.58 -62.83 76.94
C ARG XC 37 106.96 -61.37 76.79
N LEU XC 38 108.23 -61.06 77.08
CA LEU XC 38 108.74 -59.72 76.84
C LEU XC 38 108.79 -59.42 75.35
N ARG XC 39 108.84 -58.13 75.05
CA ARG XC 39 108.78 -57.65 73.68
C ARG XC 39 109.55 -56.34 73.60
N LEU XC 40 110.24 -56.14 72.49
CA LEU XC 40 111.02 -54.93 72.31
C LEU XC 40 110.94 -54.56 70.84
N THR XC 41 109.99 -53.70 70.50
CA THR XC 41 109.73 -53.32 69.11
C THR XC 41 110.55 -52.07 68.82
N ALA XC 42 111.78 -52.27 68.37
CA ALA XC 42 112.64 -51.15 68.02
C ALA XC 42 112.33 -50.66 66.61
N SER XC 43 112.76 -49.43 66.33
CA SER XC 43 112.46 -48.80 65.04
C SER XC 43 113.46 -47.68 64.82
N LEU XC 44 113.53 -47.22 63.57
CA LEU XC 44 114.36 -46.08 63.18
C LEU XC 44 113.82 -45.54 61.87
N ARG XC 45 113.83 -44.22 61.72
CA ARG XC 45 113.28 -43.56 60.55
C ARG XC 45 114.12 -42.33 60.24
N GLN XC 46 113.76 -41.65 59.15
CA GLN XC 46 114.21 -40.29 58.90
C GLN XC 46 113.11 -39.58 58.10
N ASN XC 47 112.26 -38.86 58.82
CA ASN XC 47 111.07 -38.27 58.24
C ASN XC 47 111.35 -36.86 57.75
N GLY XC 48 110.59 -36.45 56.74
CA GLY XC 48 110.71 -35.12 56.18
C GLY XC 48 111.75 -35.04 55.09
N ALA XC 49 112.52 -33.95 55.07
CA ALA XC 49 113.54 -33.75 54.05
C ALA XC 49 114.90 -34.26 54.54
N LYS XC 50 114.89 -35.51 55.03
CA LYS XC 50 116.08 -36.30 55.39
C LYS XC 50 116.96 -35.61 56.43
N THR XC 51 116.36 -34.80 57.32
CA THR XC 51 117.13 -33.97 58.22
C THR XC 51 117.10 -34.41 59.68
N ALA XC 52 116.14 -35.25 60.08
CA ALA XC 52 116.01 -35.67 61.47
C ALA XC 52 115.61 -37.13 61.52
N TYR XC 53 116.26 -37.88 62.40
CA TYR XC 53 115.94 -39.28 62.61
C TYR XC 53 114.90 -39.42 63.71
N ARG XC 54 114.43 -40.64 63.92
CA ARG XC 54 113.41 -40.89 64.94
C ARG XC 54 113.56 -42.32 65.44
N VAL XC 55 114.20 -42.48 66.58
CA VAL XC 55 114.27 -43.76 67.27
C VAL XC 55 112.97 -43.99 68.02
N ASN XC 56 112.49 -45.23 68.04
CA ASN XC 56 111.19 -45.52 68.64
C ASN XC 56 111.24 -46.90 69.27
N LEU XC 57 111.55 -46.95 70.57
CA LEU XC 57 111.54 -48.19 71.32
C LEU XC 57 110.19 -48.41 71.99
N LYS XC 58 109.90 -49.66 72.34
CA LYS XC 58 108.64 -50.01 72.99
C LYS XC 58 108.84 -51.33 73.72
N LEU XC 59 108.89 -51.28 75.04
CA LEU XC 59 109.15 -52.46 75.86
C LEU XC 59 107.83 -52.92 76.48
N ASP XC 60 107.18 -53.89 75.84
CA ASP XC 60 105.96 -54.45 76.38
C ASP XC 60 106.29 -55.40 77.53
N GLN XC 61 105.29 -55.66 78.36
CA GLN XC 61 105.41 -56.66 79.42
C GLN XC 61 104.01 -57.10 79.81
N ALA XC 62 103.70 -58.36 79.52
CA ALA XC 62 102.41 -58.95 79.84
C ALA XC 62 102.52 -59.78 81.11
N ASP XC 63 101.48 -59.78 81.92
CA ASP XC 63 101.43 -60.58 83.14
C ASP XC 63 100.57 -61.80 82.87
N VAL XC 64 101.21 -62.93 82.69
CA VAL XC 64 100.53 -64.18 82.39
C VAL XC 64 100.31 -64.95 83.69
N VAL XC 65 99.15 -65.59 83.80
CA VAL XC 65 98.80 -66.39 84.97
C VAL XC 65 98.27 -67.73 84.48
N ASP XC 66 98.74 -68.81 85.10
CA ASP XC 66 98.28 -70.16 84.78
C ASP XC 66 97.90 -70.87 86.07
N CYS XC 67 96.62 -71.18 86.20
CA CYS XC 67 96.08 -71.92 87.35
C CYS XC 67 95.25 -73.10 86.89
N SER XC 68 95.85 -73.96 86.06
CA SER XC 68 95.28 -75.26 85.78
C SER XC 68 95.26 -76.16 87.01
N THR XC 69 96.11 -75.88 88.00
CA THR XC 69 96.04 -76.59 89.27
C THR XC 69 94.76 -76.24 90.03
N SER XC 70 94.36 -74.97 89.97
CA SER XC 70 93.16 -74.53 90.69
C SER XC 70 91.90 -74.90 89.93
N VAL XC 71 91.74 -74.38 88.72
CA VAL XC 71 90.61 -74.71 87.86
C VAL XC 71 91.05 -75.84 86.94
N CYS XC 72 90.36 -76.97 87.01
CA CYS XC 72 90.73 -78.12 86.19
C CYS XC 72 90.29 -77.91 84.75
N GLY XC 73 91.27 -77.73 83.87
CA GLY XC 73 91.01 -77.62 82.46
C GLY XC 73 91.20 -76.26 81.84
N GLU XC 74 91.92 -75.36 82.49
CA GLU XC 74 92.19 -74.04 81.94
C GLU XC 74 93.64 -73.92 81.53
N LEU XC 75 93.92 -72.92 80.70
CA LEU XC 75 95.22 -72.75 80.06
C LEU XC 75 95.83 -71.44 80.53
N PRO XC 76 97.13 -71.19 80.30
CA PRO XC 76 97.71 -69.88 80.62
C PRO XC 76 97.09 -68.75 79.79
N LYS XC 77 97.07 -67.57 80.40
CA LYS XC 77 96.35 -66.42 79.86
C LYS XC 77 96.95 -65.16 80.47
N VAL XC 78 96.98 -64.09 79.69
CA VAL XC 78 97.54 -62.82 80.13
C VAL XC 78 96.43 -61.95 80.70
N ARG XC 79 96.70 -61.31 81.83
CA ARG XC 79 95.73 -60.38 82.39
C ARG XC 79 95.83 -59.00 81.73
N TYR XC 80 96.99 -58.37 81.86
CA TYR XC 80 97.19 -57.00 81.41
C TYR XC 80 98.56 -56.88 80.76
N THR XC 81 98.78 -55.77 80.06
CA THR XC 81 100.08 -55.43 79.49
C THR XC 81 100.48 -54.03 79.95
N GLN XC 82 101.74 -53.86 80.29
CA GLN XC 82 102.29 -52.58 80.71
C GLN XC 82 103.49 -52.27 79.84
N VAL XC 83 103.49 -51.09 79.20
CA VAL XC 83 104.51 -50.74 78.23
C VAL XC 83 105.36 -49.60 78.78
N TRP XC 84 106.49 -49.36 78.12
CA TRP XC 84 107.31 -48.17 78.36
C TRP XC 84 107.90 -47.79 77.00
N SER XC 85 107.24 -46.88 76.31
CA SER XC 85 107.69 -46.46 75.00
C SER XC 85 108.73 -45.35 75.11
N HIS XC 86 109.54 -45.22 74.06
CA HIS XC 86 110.52 -44.15 73.94
C HIS XC 86 110.32 -43.49 72.60
N ASP XC 87 110.69 -42.22 72.50
CA ASP XC 87 110.57 -41.47 71.25
C ASP XC 87 111.70 -40.45 71.21
N VAL XC 88 112.80 -40.82 70.59
CA VAL XC 88 113.98 -39.97 70.52
C VAL XC 88 113.98 -39.26 69.17
N THR XC 89 114.28 -37.97 69.19
CA THR XC 89 114.39 -37.18 67.97
C THR XC 89 115.81 -36.66 67.86
N ILE XC 90 116.51 -37.06 66.81
CA ILE XC 90 117.91 -36.71 66.58
C ILE XC 90 118.01 -36.03 65.23
N VAL XC 91 118.48 -34.79 65.23
CA VAL XC 91 118.73 -34.07 63.98
C VAL XC 91 120.08 -34.49 63.41
N ALA XC 92 120.17 -34.52 62.08
CA ALA XC 92 121.25 -35.26 61.43
C ALA XC 92 122.57 -34.52 61.46
N ASN XC 93 122.55 -33.19 61.51
CA ASN XC 93 123.78 -32.40 61.53
C ASN XC 93 124.24 -32.06 62.95
N SER XC 94 124.01 -32.97 63.89
CA SER XC 94 124.27 -32.71 65.29
C SER XC 94 125.76 -32.78 65.60
N THR XC 95 126.08 -32.45 66.85
CA THR XC 95 127.40 -32.71 67.41
C THR XC 95 127.34 -34.04 68.14
N GLU XC 96 128.47 -34.75 68.16
CA GLU XC 96 128.49 -36.04 68.84
C GLU XC 96 128.42 -35.88 70.35
N ALA XC 97 128.92 -34.76 70.88
CA ALA XC 97 128.75 -34.48 72.30
C ALA XC 97 127.33 -34.03 72.63
N SER XC 98 126.58 -33.59 71.63
CA SER XC 98 125.17 -33.25 71.85
C SER XC 98 124.33 -34.50 71.98
N ARG XC 99 124.56 -35.49 71.13
CA ARG XC 99 123.85 -36.76 71.22
C ARG XC 99 124.29 -37.58 72.41
N LYS XC 100 125.53 -37.43 72.85
CA LYS XC 100 126.00 -38.17 74.02
C LYS XC 100 125.43 -37.58 75.31
N SER XC 101 125.25 -36.26 75.35
CA SER XC 101 124.72 -35.63 76.56
C SER XC 101 123.23 -35.91 76.71
N LEU XC 102 122.50 -36.01 75.59
CA LEU XC 102 121.09 -36.34 75.66
C LEU XC 102 120.87 -37.76 76.13
N TYR XC 103 121.78 -38.67 75.76
CA TYR XC 103 121.71 -40.03 76.27
C TYR XC 103 122.12 -40.09 77.73
N ASP XC 104 123.11 -39.29 78.13
CA ASP XC 104 123.59 -39.31 79.50
C ASP XC 104 122.61 -38.67 80.48
N LEU XC 105 121.71 -37.81 80.00
CA LEU XC 105 120.72 -37.23 80.88
C LEU XC 105 119.54 -38.16 81.08
N THR XC 106 119.10 -38.84 80.02
CA THR XC 106 117.99 -39.76 80.13
C THR XC 106 118.40 -41.03 80.86
N LYS XC 107 119.67 -41.41 80.77
CA LYS XC 107 120.19 -42.53 81.55
C LYS XC 107 120.17 -42.22 83.03
N SER XC 108 120.35 -40.94 83.39
CA SER XC 108 120.26 -40.53 84.78
C SER XC 108 118.87 -40.07 85.18
N LEU XC 109 118.02 -39.73 84.21
CA LEU XC 109 116.63 -39.44 84.52
C LEU XC 109 115.90 -40.70 84.95
N VAL XC 110 116.08 -41.78 84.21
CA VAL XC 110 115.41 -43.04 84.53
C VAL XC 110 115.97 -43.65 85.81
N ALA XC 111 117.27 -43.49 86.04
CA ALA XC 111 117.91 -44.16 87.18
C ALA XC 111 117.75 -43.41 88.49
N THR XC 112 117.03 -42.29 88.53
CA THR XC 112 116.85 -41.59 89.78
C THR XC 112 115.72 -42.22 90.60
N SER XC 113 115.66 -41.87 91.87
CA SER XC 113 114.64 -42.41 92.76
C SER XC 113 113.33 -41.66 92.69
N GLN XC 114 113.23 -40.59 91.90
CA GLN XC 114 111.98 -39.86 91.78
C GLN XC 114 111.15 -40.36 90.61
N VAL XC 115 111.80 -40.81 89.55
CA VAL XC 115 111.07 -41.41 88.43
C VAL XC 115 110.65 -42.83 88.76
N GLU XC 116 111.42 -43.49 89.65
CA GLU XC 116 111.03 -44.82 90.14
C GLU XC 116 109.72 -44.77 90.91
N ASP XC 117 109.58 -43.80 91.81
CA ASP XC 117 108.34 -43.67 92.57
C ASP XC 117 107.20 -43.10 91.74
N LEU XC 118 107.50 -42.52 90.58
CA LEU XC 118 106.45 -42.00 89.71
C LEU XC 118 105.70 -43.12 89.00
N VAL XC 119 106.36 -44.25 88.76
CA VAL XC 119 105.71 -45.33 88.02
C VAL XC 119 105.34 -46.47 88.97
N VAL XC 120 106.07 -46.63 90.06
CA VAL XC 120 105.76 -47.69 91.01
C VAL XC 120 104.65 -47.26 91.96
N ASN XC 121 104.81 -46.11 92.61
CA ASN XC 121 103.88 -45.65 93.63
C ASN XC 121 103.11 -44.40 93.22
N LEU XC 122 103.28 -43.94 91.98
CA LEU XC 122 102.56 -42.82 91.36
C LEU XC 122 102.77 -41.50 92.10
N VAL XC 123 103.88 -41.36 92.82
CA VAL XC 123 104.20 -40.10 93.50
C VAL XC 123 104.69 -39.10 92.45
N PRO XC 124 104.21 -37.85 92.47
CA PRO XC 124 104.65 -36.88 91.47
C PRO XC 124 106.11 -36.47 91.68
N LEU XC 125 106.63 -35.75 90.69
CA LEU XC 125 108.05 -35.43 90.64
C LEU XC 125 108.36 -34.20 91.48
N GLY XC 126 109.64 -34.09 91.88
CA GLY XC 126 110.11 -32.94 92.61
C GLY XC 126 110.05 -33.13 94.12
N ARG XC 127 111.19 -32.97 94.79
CA ARG XC 127 111.27 -33.03 96.23
C ARG XC 127 112.02 -31.81 96.73
N ALA XC 128 111.35 -30.98 97.52
CA ALA XC 128 111.92 -29.74 98.00
C ALA XC 128 112.87 -30.02 99.17
N TYR XC 129 114.17 -29.97 98.90
CA TYR XC 129 115.19 -30.12 99.93
C TYR XC 129 115.85 -28.75 100.14
N GLY XC 130 115.22 -27.93 100.97
CA GLY XC 130 115.72 -26.59 101.24
C GLY XC 130 115.64 -25.66 100.05
N GLY XC 131 114.43 -25.33 99.62
CA GLY XC 131 114.26 -24.45 98.48
C GLY XC 131 113.10 -24.85 97.60
N SER XC 132 113.30 -24.80 96.28
CA SER XC 132 112.27 -25.19 95.34
C SER XC 132 112.29 -26.69 95.12
N LYS XC 133 111.27 -27.18 94.40
CA LYS XC 133 111.21 -28.59 94.03
C LYS XC 133 112.22 -28.86 92.93
N THR XC 134 113.19 -29.72 93.20
CA THR XC 134 114.31 -29.94 92.32
C THR XC 134 114.45 -31.41 91.96
N ILE XC 135 114.96 -31.67 90.76
CA ILE XC 135 115.41 -33.00 90.33
C ILE XC 135 116.87 -32.89 89.96
N VAL XC 136 117.70 -33.75 90.55
CA VAL XC 136 119.14 -33.73 90.32
C VAL XC 136 119.48 -34.85 89.35
N LEU XC 137 120.06 -34.50 88.20
CA LEU XC 137 120.45 -35.45 87.17
C LEU XC 137 121.96 -35.52 87.13
N SER XC 138 122.54 -36.40 87.93
CA SER XC 138 123.99 -36.54 88.01
C SER XC 138 124.52 -37.24 86.77
N VAL XC 139 125.55 -36.64 86.16
CA VAL XC 139 126.14 -37.16 84.93
C VAL XC 139 127.55 -37.57 85.34
N GLY XC 140 127.68 -38.08 86.57
CA GLY XC 140 128.98 -38.39 87.11
C GLY XC 140 129.27 -37.51 88.31
N GLU XC 141 130.21 -36.58 88.13
CA GLU XC 141 130.44 -35.54 89.13
C GLU XC 141 129.72 -34.25 88.81
N ALA XC 142 129.27 -34.07 87.57
CA ALA XC 142 128.48 -32.91 87.21
C ALA XC 142 127.01 -33.18 87.51
N THR XC 143 126.40 -32.32 88.33
CA THR XC 143 125.00 -32.43 88.69
C THR XC 143 124.25 -31.24 88.10
N ARG XC 144 123.14 -31.52 87.43
CA ARG XC 144 122.34 -30.49 86.79
C ARG XC 144 120.94 -30.51 87.40
N THR XC 145 120.69 -29.57 88.32
CA THR XC 145 119.46 -29.57 89.10
C THR XC 145 118.40 -28.74 88.38
N LEU XC 146 117.25 -29.36 88.12
CA LEU XC 146 116.15 -28.70 87.42
C LEU XC 146 115.08 -28.29 88.42
N THR XC 147 114.76 -27.00 88.45
CA THR XC 147 113.77 -26.46 89.38
C THR XC 147 112.42 -26.35 88.68
N GLU XC 148 111.36 -26.51 89.47
CA GLU XC 148 110.01 -26.50 88.92
C GLU XC 148 109.58 -25.07 88.61
N ILE XC 149 109.01 -24.88 87.42
CA ILE XC 149 108.57 -23.56 87.00
C ILE XC 149 107.05 -23.45 86.87
N GLN XC 150 106.34 -24.56 86.76
CA GLN XC 150 104.88 -24.53 86.57
C GLN XC 150 104.33 -25.89 86.92
N SER XC 151 103.31 -25.92 87.77
CA SER XC 151 102.62 -27.15 88.16
C SER XC 151 101.14 -26.95 87.89
N THR XC 152 100.71 -27.28 86.68
CA THR XC 152 99.30 -27.19 86.29
C THR XC 152 98.63 -28.48 86.79
N ALA XC 153 97.32 -28.63 86.56
CA ALA XC 153 96.63 -29.84 86.99
C ALA XC 153 97.06 -31.05 86.16
N ASP XC 154 97.49 -30.83 84.92
CA ASP XC 154 97.98 -31.90 84.07
C ASP XC 154 99.51 -31.93 83.99
N ARG XC 155 100.14 -30.82 83.61
CA ARG XC 155 101.57 -30.81 83.37
C ARG XC 155 102.33 -30.53 84.65
N GLN XC 156 103.64 -30.78 84.59
CA GLN XC 156 104.56 -30.42 85.68
C GLN XC 156 105.90 -30.14 85.03
N ILE XC 157 106.15 -28.88 84.70
CA ILE XC 157 107.28 -28.48 83.87
C ILE XC 157 108.47 -28.13 84.77
N PHE XC 158 109.62 -28.73 84.48
CA PHE XC 158 110.86 -28.40 85.16
C PHE XC 158 111.81 -27.74 84.17
N GLU XC 159 112.83 -27.07 84.70
CA GLU XC 159 113.75 -26.32 83.87
C GLU XC 159 115.01 -26.03 84.67
N GLU XC 160 116.17 -26.12 84.00
CA GLU XC 160 117.42 -25.70 84.62
C GLU XC 160 117.47 -24.17 84.61
N LYS XC 161 118.21 -23.60 85.56
CA LYS XC 161 118.19 -22.16 85.76
C LYS XC 161 119.52 -21.47 85.53
N VAL XC 162 120.59 -22.19 85.20
CA VAL XC 162 121.85 -21.55 84.91
C VAL XC 162 121.97 -21.27 83.42
N GLY XC 163 122.88 -20.37 83.06
CA GLY XC 163 123.16 -20.08 81.68
C GLY XC 163 122.23 -19.05 81.06
N PRO XC 164 122.20 -18.98 79.74
CA PRO XC 164 121.31 -18.03 79.06
C PRO XC 164 119.86 -18.46 79.17
N LEU XC 165 118.97 -17.50 78.88
CA LEU XC 165 117.54 -17.73 79.00
C LEU XC 165 116.91 -18.32 77.75
N VAL XC 166 117.65 -18.39 76.64
CA VAL XC 166 117.02 -18.83 75.39
C VAL XC 166 117.01 -20.34 75.26
N GLY XC 167 118.04 -21.03 75.74
CA GLY XC 167 118.07 -22.48 75.67
C GLY XC 167 118.42 -23.11 76.99
N ARG XC 168 117.48 -23.86 77.57
CA ARG XC 168 117.69 -24.53 78.84
C ARG XC 168 117.05 -25.91 78.78
N LEU XC 169 117.37 -26.73 79.77
CA LEU XC 169 116.79 -28.06 79.86
C LEU XC 169 115.31 -27.97 80.23
N ARG XC 170 114.57 -29.02 79.89
CA ARG XC 170 113.15 -29.08 80.17
C ARG XC 170 112.79 -30.48 80.63
N LEU XC 171 111.69 -30.57 81.38
CA LEU XC 171 111.17 -31.87 81.81
C LEU XC 171 109.66 -31.69 81.97
N THR XC 172 108.91 -32.09 80.97
CA THR XC 172 107.45 -31.93 80.97
C THR XC 172 106.82 -33.24 81.38
N ALA XC 173 106.71 -33.45 82.69
CA ALA XC 173 106.03 -34.63 83.20
C ALA XC 173 104.51 -34.45 83.10
N SER XC 174 103.81 -35.58 83.15
CA SER XC 174 102.35 -35.57 83.09
C SER XC 174 101.85 -36.87 83.70
N LEU XC 175 100.55 -36.94 83.91
CA LEU XC 175 99.90 -38.12 84.47
C LEU XC 175 98.42 -38.04 84.15
N ARG XC 176 97.89 -39.08 83.53
CA ARG XC 176 96.48 -39.12 83.15
C ARG XC 176 95.89 -40.44 83.59
N GLN XC 177 94.60 -40.60 83.32
CA GLN XC 177 93.93 -41.90 83.37
C GLN XC 177 92.78 -41.88 82.37
N ASN XC 178 92.94 -42.64 81.30
CA ASN XC 178 91.98 -42.63 80.20
C ASN XC 178 91.03 -43.81 80.32
N GLY XC 179 89.76 -43.56 80.03
CA GLY XC 179 88.75 -44.60 80.08
C GLY XC 179 88.00 -44.63 81.39
N ALA XC 180 87.62 -45.83 81.82
CA ALA XC 180 86.86 -46.00 83.06
C ALA XC 180 87.78 -46.25 84.25
N LYS XC 181 88.76 -45.34 84.42
CA LYS XC 181 89.68 -45.29 85.56
C LYS XC 181 90.48 -46.59 85.73
N THR XC 182 90.84 -47.23 84.62
CA THR XC 182 91.45 -48.54 84.66
C THR XC 182 92.92 -48.56 84.31
N ALA XC 183 93.46 -47.49 83.70
CA ALA XC 183 94.86 -47.48 83.31
C ALA XC 183 95.38 -46.05 83.37
N TYR XC 184 96.58 -45.89 83.90
CA TYR XC 184 97.22 -44.60 84.00
C TYR XC 184 98.09 -44.34 82.76
N ARG XC 185 98.69 -43.16 82.69
CA ARG XC 185 99.54 -42.81 81.56
C ARG XC 185 100.58 -41.79 82.04
N VAL XC 186 101.78 -42.26 82.32
CA VAL XC 186 102.89 -41.39 82.69
C VAL XC 186 103.57 -40.92 81.41
N ASN XC 187 103.99 -39.65 81.38
CA ASN XC 187 104.52 -39.07 80.14
C ASN XC 187 105.63 -38.08 80.50
N LEU XC 188 106.87 -38.53 80.43
CA LEU XC 188 108.03 -37.67 80.59
C LEU XC 188 108.55 -37.22 79.23
N LYS XC 189 109.23 -36.08 79.22
CA LYS XC 189 109.77 -35.53 77.98
C LYS XC 189 110.89 -34.55 78.32
N LEU XC 190 112.09 -34.82 77.82
CA LEU XC 190 113.27 -34.03 78.14
C LEU XC 190 113.77 -33.37 76.86
N ASP XC 191 113.59 -32.05 76.76
CA ASP XC 191 114.09 -31.28 75.63
C ASP XC 191 115.47 -30.72 75.95
N GLN XC 192 116.38 -30.84 75.00
CA GLN XC 192 117.72 -30.28 75.12
C GLN XC 192 118.05 -29.52 73.85
N ALA XC 193 118.13 -28.20 73.95
CA ALA XC 193 118.43 -27.35 72.81
C ALA XC 193 119.88 -26.93 72.86
N ASP XC 194 120.52 -26.89 71.70
CA ASP XC 194 121.93 -26.53 71.59
C ASP XC 194 122.03 -25.03 71.32
N VAL XC 195 122.51 -24.29 72.31
CA VAL XC 195 122.69 -22.84 72.21
C VAL XC 195 124.15 -22.56 71.93
N VAL XC 196 124.41 -21.52 71.13
CA VAL XC 196 125.77 -21.12 70.80
C VAL XC 196 125.78 -19.59 70.64
N ASP XC 197 126.90 -18.98 71.03
CA ASP XC 197 127.14 -17.57 70.76
C ASP XC 197 128.61 -17.35 70.43
N CYS XC 198 128.86 -16.43 69.51
CA CYS XC 198 130.21 -16.11 69.08
C CYS XC 198 130.47 -14.61 69.13
N SER XC 199 130.13 -13.97 70.26
CA SER XC 199 130.39 -12.54 70.43
C SER XC 199 131.88 -12.22 70.48
N THR XC 200 132.73 -13.21 70.74
CA THR XC 200 134.16 -13.03 70.55
C THR XC 200 134.53 -13.03 69.07
N SER XC 201 133.67 -13.56 68.20
CA SER XC 201 133.95 -13.63 66.77
C SER XC 201 133.30 -12.49 65.99
N VAL XC 202 131.97 -12.38 66.04
CA VAL XC 202 131.25 -11.29 65.40
C VAL XC 202 130.54 -10.49 66.49
N CYS XC 203 130.59 -9.17 66.36
CA CYS XC 203 130.04 -8.30 67.40
C CYS XC 203 128.52 -8.22 67.34
N GLY XC 204 127.93 -7.94 68.49
CA GLY XC 204 126.51 -7.67 68.59
C GLY XC 204 125.62 -8.86 68.36
N GLU XC 205 126.12 -10.07 68.60
CA GLU XC 205 125.36 -11.29 68.39
C GLU XC 205 125.07 -11.92 69.73
N LEU XC 206 123.78 -12.09 70.03
CA LEU XC 206 123.31 -12.68 71.26
C LEU XC 206 123.18 -14.19 71.07
N PRO XC 207 123.13 -14.97 72.16
CA PRO XC 207 122.94 -16.43 72.03
C PRO XC 207 121.63 -16.80 71.38
N LYS XC 208 121.65 -17.93 70.68
CA LYS XC 208 120.47 -18.46 70.00
C LYS XC 208 120.61 -19.97 69.90
N VAL XC 209 119.48 -20.63 69.69
CA VAL XC 209 119.44 -22.08 69.58
C VAL XC 209 119.60 -22.48 68.12
N ARG XC 210 120.30 -23.59 67.89
CA ARG XC 210 120.43 -24.12 66.54
C ARG XC 210 119.39 -25.20 66.27
N TYR XC 211 119.41 -26.25 67.09
CA TYR XC 211 118.50 -27.37 66.94
C TYR XC 211 118.02 -27.79 68.33
N THR XC 212 117.13 -28.77 68.36
CA THR XC 212 116.68 -29.34 69.63
C THR XC 212 116.52 -30.85 69.46
N GLN XC 213 116.66 -31.58 70.55
CA GLN XC 213 116.60 -33.03 70.55
C GLN XC 213 115.76 -33.51 71.72
N VAL XC 214 114.77 -34.35 71.41
CA VAL XC 214 113.75 -34.76 72.38
C VAL XC 214 114.02 -36.22 72.75
N TRP XC 215 113.62 -36.58 73.98
CA TRP XC 215 113.57 -37.99 74.39
C TRP XC 215 112.31 -38.11 75.25
N SER XC 216 111.21 -38.50 74.62
CA SER XC 216 109.94 -38.65 75.31
C SER XC 216 109.81 -40.05 75.92
N HIS XC 217 108.87 -40.18 76.84
CA HIS XC 217 108.51 -41.47 77.40
C HIS XC 217 106.99 -41.54 77.48
N ASP XC 218 106.46 -42.76 77.40
CA ASP XC 218 105.02 -42.95 77.48
C ASP XC 218 104.76 -44.30 78.15
N VAL XC 219 104.58 -44.26 79.46
CA VAL XC 219 104.41 -45.45 80.27
C VAL XC 219 102.92 -45.70 80.44
N THR XC 220 102.49 -46.93 80.23
CA THR XC 220 101.10 -47.34 80.44
C THR XC 220 101.05 -48.31 81.60
N ILE XC 221 100.34 -47.94 82.66
CA ILE XC 221 100.23 -48.73 83.87
C ILE XC 221 98.76 -48.95 84.17
N VAL XC 222 98.35 -50.20 84.27
CA VAL XC 222 96.97 -50.51 84.63
C VAL XC 222 96.79 -50.35 86.13
N ALA XC 223 95.56 -50.06 86.54
CA ALA XC 223 95.31 -49.60 87.91
C ALA XC 223 95.40 -50.73 88.93
N ASN XC 224 94.86 -51.91 88.60
CA ASN XC 224 94.80 -53.02 89.54
C ASN XC 224 96.01 -53.94 89.44
N SER XC 225 97.17 -53.42 89.04
CA SER XC 225 98.34 -54.24 88.83
C SER XC 225 99.02 -54.59 90.15
N THR XC 226 100.03 -55.45 90.05
CA THR XC 226 100.84 -55.84 91.18
C THR XC 226 101.97 -54.82 91.34
N GLU XC 227 102.52 -54.71 92.55
CA GLU XC 227 103.64 -53.81 92.77
C GLU XC 227 104.91 -54.34 92.10
N ALA XC 228 105.17 -55.64 92.20
CA ALA XC 228 106.33 -56.22 91.56
C ALA XC 228 106.16 -56.32 90.04
N SER XC 229 104.95 -56.12 89.53
CA SER XC 229 104.77 -55.98 88.10
C SER XC 229 105.21 -54.60 87.61
N ARG XC 230 104.94 -53.56 88.40
CA ARG XC 230 105.41 -52.23 88.05
C ARG XC 230 106.88 -52.06 88.39
N LYS XC 231 107.36 -52.76 89.41
CA LYS XC 231 108.76 -52.63 89.81
C LYS XC 231 109.68 -53.34 88.81
N SER XC 232 109.21 -54.43 88.20
CA SER XC 232 110.02 -55.12 87.22
C SER XC 232 110.03 -54.41 85.88
N LEU XC 233 108.94 -53.72 85.54
CA LEU XC 233 108.91 -52.94 84.31
C LEU XC 233 109.85 -51.75 84.38
N TYR XC 234 109.97 -51.14 85.56
CA TYR XC 234 110.92 -50.05 85.74
C TYR XC 234 112.35 -50.55 85.67
N ASP XC 235 112.65 -51.66 86.35
CA ASP XC 235 114.00 -52.20 86.38
C ASP XC 235 114.47 -52.74 85.04
N LEU XC 236 113.56 -53.15 84.16
CA LEU XC 236 113.97 -53.55 82.82
C LEU XC 236 114.28 -52.34 81.95
N THR XC 237 113.46 -51.29 82.04
CA THR XC 237 113.72 -50.08 81.28
C THR XC 237 114.92 -49.32 81.82
N LYS XC 238 115.17 -49.39 83.12
CA LYS XC 238 116.39 -48.83 83.68
C LYS XC 238 117.61 -49.58 83.18
N SER XC 239 117.47 -50.89 82.98
CA SER XC 239 118.56 -51.70 82.47
C SER XC 239 118.64 -51.67 80.95
N LEU XC 240 117.56 -51.27 80.27
CA LEU XC 240 117.60 -51.21 78.81
C LEU XC 240 118.37 -49.98 78.34
N VAL XC 241 118.10 -48.82 78.95
CA VAL XC 241 118.78 -47.58 78.59
C VAL XC 241 120.27 -47.65 78.92
N ALA XC 242 120.62 -48.35 79.99
CA ALA XC 242 122.02 -48.43 80.41
C ALA XC 242 122.85 -49.43 79.62
N THR XC 243 122.29 -50.07 78.59
CA THR XC 243 123.09 -50.97 77.78
C THR XC 243 123.96 -50.18 76.81
N SER XC 244 124.89 -50.90 76.18
CA SER XC 244 125.77 -50.30 75.19
C SER XC 244 125.16 -50.28 73.79
N GLN XC 245 124.01 -50.91 73.60
CA GLN XC 245 123.41 -50.96 72.27
C GLN XC 245 122.44 -49.79 72.06
N VAL XC 246 121.72 -49.40 73.11
CA VAL XC 246 120.85 -48.23 73.02
C VAL XC 246 121.68 -46.94 73.05
N GLU XC 247 122.90 -47.01 73.58
CA GLU XC 247 123.82 -45.89 73.45
C GLU XC 247 124.22 -45.67 72.00
N ASP XC 248 124.61 -46.74 71.31
CA ASP XC 248 124.98 -46.64 69.91
C ASP XC 248 123.78 -46.42 68.99
N LEU XC 249 122.58 -46.77 69.44
CA LEU XC 249 121.38 -46.50 68.65
C LEU XC 249 121.08 -45.01 68.62
N VAL XC 250 121.44 -44.28 69.67
CA VAL XC 250 121.20 -42.85 69.73
C VAL XC 250 122.41 -42.06 69.22
N VAL XC 251 123.61 -42.44 69.65
CA VAL XC 251 124.81 -41.69 69.27
C VAL XC 251 125.18 -41.97 67.81
N ASN XC 252 125.28 -43.25 67.44
CA ASN XC 252 125.81 -43.62 66.13
C ASN XC 252 124.79 -44.27 65.21
N LEU XC 253 123.52 -44.34 65.61
CA LEU XC 253 122.40 -44.87 64.82
C LEU XC 253 122.59 -46.32 64.40
N VAL XC 254 123.34 -47.10 65.18
CA VAL XC 254 123.48 -48.53 64.91
C VAL XC 254 122.25 -49.25 65.44
N PRO XC 255 121.57 -50.06 64.64
CA PRO XC 255 120.41 -50.80 65.13
C PRO XC 255 120.79 -51.86 66.17
N LEU XC 256 119.77 -52.33 66.88
CA LEU XC 256 119.98 -53.18 68.05
C LEU XC 256 120.30 -54.61 67.64
N GLY XC 257 120.83 -55.35 68.61
CA GLY XC 257 121.10 -56.76 68.42
C GLY XC 257 122.50 -57.09 67.95
N ARG XC 258 123.27 -57.78 68.79
CA ARG XC 258 124.59 -58.26 68.40
C ARG XC 258 124.69 -59.76 68.64
N SER YC 1 56.44 -57.07 -130.18
CA SER YC 1 55.01 -56.94 -129.99
C SER YC 1 54.41 -55.94 -130.97
N LYS YC 2 53.80 -54.89 -130.45
CA LYS YC 2 53.20 -53.84 -131.27
C LYS YC 2 54.12 -52.64 -131.28
N THR YC 3 54.45 -52.16 -132.48
CA THR YC 3 55.49 -51.16 -132.64
C THR YC 3 54.97 -49.90 -133.33
N ILE YC 4 55.63 -48.77 -133.05
CA ILE YC 4 55.52 -47.55 -133.82
C ILE YC 4 56.90 -47.21 -134.33
N VAL YC 5 57.00 -46.78 -135.58
CA VAL YC 5 58.27 -46.45 -136.21
C VAL YC 5 58.31 -44.95 -136.46
N LEU YC 6 59.25 -44.26 -135.80
CA LEU YC 6 59.39 -42.81 -135.91
C LEU YC 6 60.67 -42.52 -136.69
N SER YC 7 60.54 -42.34 -138.00
CA SER YC 7 61.70 -42.09 -138.85
C SER YC 7 62.11 -40.62 -138.76
N VAL YC 8 63.40 -40.40 -138.49
CA VAL YC 8 63.92 -39.06 -138.22
C VAL YC 8 64.85 -38.76 -139.40
N GLY YC 9 64.46 -39.23 -140.58
CA GLY YC 9 65.28 -39.14 -141.75
C GLY YC 9 65.42 -40.51 -142.38
N GLU YC 10 66.64 -41.05 -142.37
CA GLU YC 10 66.82 -42.47 -142.62
C GLU YC 10 67.00 -43.27 -141.34
N ALA YC 11 67.31 -42.61 -140.23
CA ALA YC 11 67.39 -43.27 -138.94
C ALA YC 11 65.97 -43.48 -138.39
N THR YC 12 65.57 -44.73 -138.23
CA THR YC 12 64.25 -45.08 -137.73
C THR YC 12 64.38 -45.56 -136.30
N ARG YC 13 63.57 -45.01 -135.41
CA ARG YC 13 63.61 -45.34 -133.98
C ARG YC 13 62.32 -46.06 -133.63
N THR YC 14 62.39 -47.39 -133.51
CA THR YC 14 61.22 -48.22 -133.32
C THR YC 14 60.92 -48.38 -131.83
N LEU YC 15 59.73 -47.93 -131.42
CA LEU YC 15 59.26 -48.12 -130.06
C LEU YC 15 58.53 -49.44 -129.93
N THR YC 16 58.53 -50.00 -128.72
CA THR YC 16 57.92 -51.29 -128.46
C THR YC 16 57.03 -51.18 -127.23
N GLU YC 17 55.85 -51.77 -127.32
CA GLU YC 17 54.82 -51.63 -126.29
C GLU YC 17 55.20 -52.40 -125.03
N ILE YC 18 55.08 -51.75 -123.88
CA ILE YC 18 55.35 -52.39 -122.59
C ILE YC 18 54.14 -52.42 -121.68
N GLN YC 19 53.00 -51.86 -122.09
CA GLN YC 19 51.80 -51.85 -121.26
C GLN YC 19 50.59 -51.68 -122.15
N SER YC 20 49.49 -52.34 -121.78
CA SER YC 20 48.23 -52.20 -122.50
C SER YC 20 47.11 -52.32 -121.47
N THR YC 21 46.66 -51.19 -120.95
CA THR YC 21 45.54 -51.14 -120.03
C THR YC 21 44.29 -50.92 -120.89
N ALA YC 22 43.13 -50.64 -120.28
CA ALA YC 22 41.94 -50.37 -121.06
C ALA YC 22 42.05 -49.03 -121.79
N ASP YC 23 42.69 -48.05 -121.18
CA ASP YC 23 42.90 -46.76 -121.81
C ASP YC 23 44.37 -46.42 -122.01
N ARG YC 24 45.22 -46.62 -121.02
CA ARG YC 24 46.63 -46.26 -121.14
C ARG YC 24 47.37 -47.29 -121.98
N GLN YC 25 48.43 -46.84 -122.63
CA GLN YC 25 49.14 -47.68 -123.60
C GLN YC 25 50.57 -47.12 -123.72
N ILE YC 26 51.52 -47.77 -123.07
CA ILE YC 26 52.87 -47.25 -122.90
C ILE YC 26 53.79 -47.94 -123.90
N PHE YC 27 54.62 -47.15 -124.57
CA PHE YC 27 55.61 -47.62 -125.53
C PHE YC 27 57.00 -47.21 -125.06
N GLU YC 28 58.00 -48.01 -125.41
CA GLU YC 28 59.38 -47.68 -125.08
C GLU YC 28 60.29 -48.13 -126.20
N GLU YC 29 61.45 -47.48 -126.29
CA GLU YC 29 62.52 -47.93 -127.17
C GLU YC 29 63.40 -48.90 -126.40
N LYS YC 30 64.01 -49.83 -127.12
CA LYS YC 30 64.70 -50.93 -126.46
C LYS YC 30 66.22 -50.91 -126.62
N VAL YC 31 66.76 -50.00 -127.40
CA VAL YC 31 68.21 -49.94 -127.56
C VAL YC 31 68.79 -49.01 -126.49
N GLY YC 32 70.06 -49.24 -126.15
CA GLY YC 32 70.77 -48.39 -125.22
C GLY YC 32 70.72 -48.91 -123.79
N PRO YC 33 71.00 -48.02 -122.83
CA PRO YC 33 70.91 -48.40 -121.41
C PRO YC 33 69.49 -48.62 -120.94
N LEU YC 34 69.32 -49.06 -119.70
CA LEU YC 34 68.02 -49.43 -119.17
C LEU YC 34 67.39 -48.36 -118.29
N VAL YC 35 68.09 -47.27 -118.00
CA VAL YC 35 67.59 -46.31 -117.03
C VAL YC 35 66.85 -45.15 -117.71
N GLY YC 36 67.30 -44.71 -118.88
CA GLY YC 36 66.60 -43.63 -119.56
C GLY YC 36 66.36 -43.93 -121.02
N ARG YC 37 65.09 -44.02 -121.41
CA ARG YC 37 64.69 -44.37 -122.75
C ARG YC 37 63.52 -43.50 -123.19
N LEU YC 38 63.17 -43.59 -124.47
CA LEU YC 38 61.97 -42.93 -124.95
C LEU YC 38 60.72 -43.54 -124.34
N ARG YC 39 59.64 -42.77 -124.39
CA ARG YC 39 58.40 -43.15 -123.75
C ARG YC 39 57.26 -42.52 -124.53
N LEU YC 40 56.16 -43.24 -124.65
CA LEU YC 40 55.01 -42.72 -125.38
C LEU YC 40 53.77 -43.23 -124.67
N THR YC 41 53.23 -42.42 -123.77
CA THR YC 41 52.08 -42.80 -122.95
C THR YC 41 50.83 -42.34 -123.67
N ALA YC 42 50.29 -43.20 -124.53
CA ALA YC 42 49.07 -42.89 -125.24
C ALA YC 42 47.86 -43.19 -124.38
N SER YC 43 46.72 -42.59 -124.74
CA SER YC 43 45.50 -42.73 -123.97
C SER YC 43 44.32 -42.39 -124.85
N LEU YC 44 43.13 -42.77 -124.39
CA LEU YC 44 41.88 -42.44 -125.06
C LEU YC 44 40.76 -42.57 -124.04
N ARG YC 45 39.78 -41.68 -124.12
CA ARG YC 45 38.69 -41.62 -123.16
C ARG YC 45 37.42 -41.19 -123.89
N GLN YC 46 36.32 -41.15 -123.14
CA GLN YC 46 35.11 -40.43 -123.56
C GLN YC 46 34.41 -39.92 -122.30
N ASN YC 47 34.69 -38.67 -121.97
CA ASN YC 47 34.24 -38.09 -120.71
C ASN YC 47 32.87 -37.45 -120.87
N GLY YC 48 32.11 -37.46 -119.78
CA GLY YC 48 30.78 -36.88 -119.77
C GLY YC 48 29.72 -37.84 -120.23
N ALA YC 49 28.74 -37.33 -120.97
CA ALA YC 49 27.63 -38.16 -121.46
C ALA YC 49 27.92 -38.70 -122.86
N LYS YC 50 29.11 -39.32 -122.98
CA LYS YC 50 29.53 -40.10 -124.16
C LYS YC 50 29.53 -39.29 -125.45
N THR YC 51 29.77 -37.98 -125.36
CA THR YC 51 29.64 -37.12 -126.53
C THR YC 51 30.98 -36.65 -127.11
N ALA YC 52 32.07 -36.71 -126.36
CA ALA YC 52 33.35 -36.22 -126.82
C ALA YC 52 34.45 -37.15 -126.34
N TYR YC 53 35.37 -37.49 -127.24
CA TYR YC 53 36.52 -38.29 -126.90
C TYR YC 53 37.68 -37.39 -126.47
N ARG YC 54 38.77 -38.02 -126.03
CA ARG YC 54 39.93 -37.26 -125.57
C ARG YC 54 41.18 -38.10 -125.78
N VAL YC 55 41.90 -37.83 -126.85
CA VAL YC 55 43.20 -38.43 -127.10
C VAL YC 55 44.24 -37.69 -126.27
N ASN YC 56 45.22 -38.43 -125.73
CA ASN YC 56 46.19 -37.81 -124.83
C ASN YC 56 47.53 -38.51 -125.03
N LEU YC 57 48.38 -37.95 -125.89
CA LEU YC 57 49.72 -38.45 -126.09
C LEU YC 57 50.71 -37.73 -125.18
N LYS YC 58 51.86 -38.36 -124.97
CA LYS YC 58 52.90 -37.78 -124.11
C LYS YC 58 54.23 -38.45 -124.49
N LEU YC 59 55.10 -37.70 -125.14
CA LEU YC 59 56.38 -38.22 -125.61
C LEU YC 59 57.49 -37.72 -124.68
N ASP YC 60 57.88 -38.56 -123.73
CA ASP YC 60 58.97 -38.22 -122.84
C ASP YC 60 60.30 -38.42 -123.56
N GLN YC 61 61.33 -37.77 -123.03
CA GLN YC 61 62.70 -37.97 -123.51
C GLN YC 61 63.66 -37.57 -122.41
N ALA YC 62 64.39 -38.55 -121.88
CA ALA YC 62 65.36 -38.31 -120.82
C ALA YC 62 66.76 -38.29 -121.42
N ASP YC 63 67.62 -37.45 -120.86
CA ASP YC 63 69.01 -37.36 -121.29
C ASP YC 63 69.88 -38.10 -120.28
N VAL YC 64 70.31 -39.29 -120.66
CA VAL YC 64 71.12 -40.13 -119.78
C VAL YC 64 72.58 -39.91 -120.11
N VAL YC 65 73.40 -39.80 -119.07
CA VAL YC 65 74.84 -39.63 -119.22
C VAL YC 65 75.54 -40.70 -118.39
N ASP YC 66 76.53 -41.35 -118.98
CA ASP YC 66 77.32 -42.37 -118.29
C ASP YC 66 78.80 -42.05 -118.48
N CYS YC 67 79.47 -41.70 -117.38
CA CYS YC 67 80.89 -41.41 -117.36
C CYS YC 67 81.60 -42.22 -116.28
N SER YC 68 81.41 -43.54 -116.33
CA SER YC 68 82.26 -44.45 -115.55
C SER YC 68 83.70 -44.43 -116.00
N THR YC 69 83.97 -44.00 -117.24
CA THR YC 69 85.34 -43.81 -117.71
C THR YC 69 86.00 -42.64 -116.98
N SER YC 70 85.24 -41.58 -116.73
CA SER YC 70 85.79 -40.41 -116.06
C SER YC 70 85.88 -40.62 -114.56
N VAL YC 71 84.75 -40.84 -113.91
CA VAL YC 71 84.71 -41.14 -112.49
C VAL YC 71 84.69 -42.66 -112.34
N CYS YC 72 85.72 -43.22 -111.73
CA CYS YC 72 85.82 -44.67 -111.56
C CYS YC 72 84.86 -45.12 -110.47
N GLY YC 73 83.75 -45.72 -110.88
CA GLY YC 73 82.80 -46.28 -109.95
C GLY YC 73 81.39 -45.73 -110.00
N GLU YC 74 81.03 -45.03 -111.06
CA GLU YC 74 79.68 -44.47 -111.17
C GLU YC 74 78.91 -45.19 -112.29
N LEU YC 75 77.59 -45.02 -112.25
CA LEU YC 75 76.67 -45.73 -113.12
C LEU YC 75 75.95 -44.74 -114.02
N PRO YC 76 75.25 -45.18 -115.08
CA PRO YC 76 74.45 -44.23 -115.87
C PRO YC 76 73.30 -43.63 -115.09
N LYS YC 77 72.94 -42.41 -115.46
CA LYS YC 77 72.02 -41.58 -114.70
C LYS YC 77 71.44 -40.53 -115.65
N VAL YC 78 70.18 -40.18 -115.42
CA VAL YC 78 69.50 -39.20 -116.26
C VAL YC 78 69.63 -37.82 -115.63
N ARG YC 79 69.90 -36.81 -116.46
CA ARG YC 79 69.95 -35.44 -115.96
C ARG YC 79 68.56 -34.84 -115.89
N TYR YC 80 67.89 -34.72 -117.04
CA TYR YC 80 66.62 -34.04 -117.15
C TYR YC 80 65.70 -34.83 -118.08
N THR YC 81 64.42 -34.46 -118.07
CA THR YC 81 63.44 -35.00 -118.99
C THR YC 81 62.72 -33.87 -119.69
N GLN YC 82 62.49 -34.03 -120.99
CA GLN YC 82 61.76 -33.06 -121.79
C GLN YC 82 60.61 -33.75 -122.49
N VAL YC 83 59.41 -33.23 -122.32
CA VAL YC 83 58.20 -33.88 -122.80
C VAL YC 83 57.59 -33.05 -123.93
N TRP YC 84 56.65 -33.66 -124.65
CA TRP YC 84 55.80 -32.96 -125.60
C TRP YC 84 54.44 -33.65 -125.54
N SER YC 85 53.55 -33.10 -124.73
CA SER YC 85 52.23 -33.69 -124.57
C SER YC 85 51.28 -33.19 -125.65
N HIS YC 86 50.24 -33.98 -125.89
CA HIS YC 86 49.17 -33.61 -126.81
C HIS YC 86 47.85 -33.79 -126.08
N ASP YC 87 46.84 -33.04 -126.52
CA ASP YC 87 45.51 -33.13 -125.91
C ASP YC 87 44.49 -32.81 -127.00
N VAL YC 88 43.99 -33.85 -127.64
CA VAL YC 88 43.04 -33.70 -128.74
C VAL YC 88 41.64 -33.92 -128.20
N THR YC 89 40.71 -33.06 -128.60
CA THR YC 89 39.31 -33.17 -128.21
C THR YC 89 38.49 -33.38 -129.48
N ILE YC 90 37.82 -34.53 -129.57
CA ILE YC 90 37.03 -34.90 -130.74
C ILE YC 90 35.61 -35.19 -130.28
N VAL YC 91 34.65 -34.44 -130.81
CA VAL YC 91 33.25 -34.72 -130.52
C VAL YC 91 32.75 -35.85 -131.41
N ALA YC 92 31.81 -36.63 -130.87
CA ALA YC 92 31.53 -37.95 -131.44
C ALA YC 92 30.69 -37.88 -132.71
N ASN YC 93 29.87 -36.85 -132.87
CA ASN YC 93 29.02 -36.71 -134.04
C ASN YC 93 29.67 -35.86 -135.13
N SER YC 94 30.98 -35.93 -135.27
CA SER YC 94 31.73 -35.08 -136.17
C SER YC 94 31.54 -35.51 -137.62
N THR YC 95 32.10 -34.69 -138.51
CA THR YC 95 32.28 -35.07 -139.90
C THR YC 95 33.69 -35.63 -140.05
N GLU YC 96 33.85 -36.58 -140.99
CA GLU YC 96 35.17 -37.17 -141.19
C GLU YC 96 36.14 -36.18 -141.83
N ALA YC 97 35.62 -35.25 -142.63
CA ALA YC 97 36.47 -34.19 -143.16
C ALA YC 97 36.80 -33.13 -142.11
N SER YC 98 36.03 -33.09 -141.02
CA SER YC 98 36.36 -32.18 -139.93
C SER YC 98 37.52 -32.72 -139.11
N ARG YC 99 37.51 -34.01 -138.82
CA ARG YC 99 38.61 -34.64 -138.10
C ARG YC 99 39.86 -34.75 -138.94
N LYS YC 100 39.72 -34.86 -140.26
CA LYS YC 100 40.88 -34.95 -141.13
C LYS YC 100 41.55 -33.59 -141.28
N SER YC 101 40.75 -32.51 -141.29
CA SER YC 101 41.33 -31.18 -141.43
C SER YC 101 42.04 -30.75 -140.17
N LEU YC 102 41.54 -31.15 -139.00
CA LEU YC 102 42.21 -30.83 -137.74
C LEU YC 102 43.53 -31.55 -137.63
N TYR YC 103 43.62 -32.77 -138.16
CA TYR YC 103 44.89 -33.48 -138.19
C TYR YC 103 45.83 -32.86 -139.22
N ASP YC 104 45.30 -32.43 -140.36
CA ASP YC 104 46.13 -31.86 -141.41
C ASP YC 104 46.66 -30.47 -141.07
N LEU YC 105 46.02 -29.77 -140.14
CA LEU YC 105 46.52 -28.46 -139.73
C LEU YC 105 47.61 -28.60 -138.68
N THR YC 106 47.45 -29.54 -137.75
CA THR YC 106 48.45 -29.74 -136.72
C THR YC 106 49.69 -30.45 -137.28
N LYS YC 107 49.51 -31.26 -138.32
CA LYS YC 107 50.64 -31.86 -139.02
C LYS YC 107 51.48 -30.79 -139.71
N SER YC 108 50.83 -29.72 -140.17
CA SER YC 108 51.55 -28.60 -140.77
C SER YC 108 51.92 -27.51 -139.78
N LEU YC 109 51.26 -27.47 -138.62
CA LEU YC 109 51.69 -26.56 -137.56
C LEU YC 109 53.02 -26.99 -136.99
N VAL YC 110 53.17 -28.28 -136.70
CA VAL YC 110 54.41 -28.77 -136.12
C VAL YC 110 55.54 -28.74 -137.14
N ALA YC 111 55.24 -29.00 -138.41
CA ALA YC 111 56.28 -29.10 -139.42
C ALA YC 111 56.74 -27.75 -139.97
N THR YC 112 56.24 -26.63 -139.45
CA THR YC 112 56.69 -25.34 -139.96
C THR YC 112 58.00 -24.94 -139.26
N SER YC 113 58.66 -23.94 -139.84
CA SER YC 113 59.93 -23.49 -139.29
C SER YC 113 59.77 -22.46 -138.18
N GLN YC 114 58.54 -22.07 -137.85
CA GLN YC 114 58.33 -21.12 -136.76
C GLN YC 114 58.08 -21.83 -135.44
N VAL YC 115 57.46 -23.00 -135.46
CA VAL YC 115 57.27 -23.78 -134.25
C VAL YC 115 58.57 -24.50 -133.90
N GLU YC 116 59.40 -24.78 -134.90
CA GLU YC 116 60.73 -25.36 -134.65
C GLU YC 116 61.60 -24.40 -133.85
N ASP YC 117 61.63 -23.13 -134.24
CA ASP YC 117 62.43 -22.15 -133.52
C ASP YC 117 61.80 -21.75 -132.19
N LEU YC 118 60.52 -22.07 -131.98
CA LEU YC 118 59.88 -21.77 -130.71
C LEU YC 118 60.33 -22.71 -129.60
N VAL YC 119 60.71 -23.95 -129.95
CA VAL YC 119 61.11 -24.91 -128.94
C VAL YC 119 62.63 -25.08 -128.92
N VAL YC 120 63.28 -24.88 -130.06
CA VAL YC 120 64.73 -25.03 -130.10
C VAL YC 120 65.42 -23.76 -129.60
N ASN YC 121 65.07 -22.61 -130.17
CA ASN YC 121 65.74 -21.35 -129.85
C ASN YC 121 64.84 -20.36 -129.12
N LEU YC 122 63.63 -20.78 -128.75
CA LEU YC 122 62.67 -20.00 -127.95
C LEU YC 122 62.24 -18.69 -128.61
N VAL YC 123 62.34 -18.61 -129.94
CA VAL YC 123 61.89 -17.42 -130.67
C VAL YC 123 60.36 -17.44 -130.73
N PRO YC 124 59.69 -16.32 -130.44
CA PRO YC 124 58.22 -16.31 -130.48
C PRO YC 124 57.68 -16.44 -131.90
N LEU YC 125 56.37 -16.65 -131.98
CA LEU YC 125 55.73 -16.97 -133.24
C LEU YC 125 55.42 -15.71 -134.05
N GLY YC 126 55.24 -15.90 -135.34
CA GLY YC 126 54.86 -14.81 -136.22
C GLY YC 126 56.04 -14.10 -136.85
N ARG YC 127 56.08 -14.04 -138.17
CA ARG YC 127 57.11 -13.31 -138.90
C ARG YC 127 56.43 -12.41 -139.92
N ALA YC 128 56.64 -11.10 -139.78
CA ALA YC 128 55.99 -10.12 -140.63
C ALA YC 128 56.72 -10.04 -141.97
N TYR YC 129 56.13 -10.65 -143.00
CA TYR YC 129 56.65 -10.59 -144.36
C TYR YC 129 55.71 -9.71 -145.17
N GLY YC 130 55.92 -8.40 -145.10
CA GLY YC 130 55.09 -7.44 -145.80
C GLY YC 130 53.67 -7.37 -145.29
N GLY YC 131 53.50 -6.91 -144.06
CA GLY YC 131 52.18 -6.82 -143.48
C GLY YC 131 52.15 -7.17 -142.00
N SER YC 132 51.15 -7.93 -141.59
CA SER YC 132 51.04 -8.35 -140.20
C SER YC 132 51.88 -9.59 -139.95
N LYS YC 133 51.98 -9.97 -138.68
CA LYS YC 133 52.67 -11.20 -138.30
C LYS YC 133 51.80 -12.40 -138.65
N THR YC 134 52.28 -13.25 -139.55
CA THR YC 134 51.49 -14.33 -140.10
C THR YC 134 52.17 -15.67 -139.91
N ILE YC 135 51.36 -16.71 -139.79
CA ILE YC 135 51.82 -18.10 -139.84
C ILE YC 135 51.07 -18.78 -140.98
N VAL YC 136 51.81 -19.40 -141.88
CA VAL YC 136 51.24 -20.07 -143.04
C VAL YC 136 51.20 -21.56 -142.77
N LEU YC 137 50.00 -22.15 -142.80
CA LEU YC 137 49.81 -23.57 -142.56
C LEU YC 137 49.39 -24.22 -143.89
N SER YC 138 50.37 -24.65 -144.67
CA SER YC 138 50.10 -25.25 -145.96
C SER YC 138 49.55 -26.66 -145.80
N VAL YC 139 48.44 -26.94 -146.48
CA VAL YC 139 47.76 -28.22 -146.38
C VAL YC 139 47.91 -28.84 -147.77
N GLY YC 140 49.07 -28.59 -148.39
CA GLY YC 140 49.29 -29.00 -149.76
C GLY YC 140 49.44 -27.80 -150.66
N GLU YC 141 48.45 -27.56 -151.51
CA GLU YC 141 48.38 -26.33 -152.28
C GLU YC 141 47.51 -25.27 -151.63
N ALA YC 142 46.67 -25.65 -150.68
CA ALA YC 142 45.87 -24.68 -149.93
C ALA YC 142 46.68 -24.16 -148.76
N THR YC 143 46.85 -22.85 -148.68
CA THR YC 143 47.58 -22.20 -147.61
C THR YC 143 46.60 -21.36 -146.80
N ARG YC 144 46.62 -21.52 -145.48
CA ARG YC 144 45.73 -20.81 -144.57
C ARG YC 144 46.56 -19.95 -143.63
N THR YC 145 46.65 -18.67 -143.92
CA THR YC 145 47.55 -17.76 -143.21
C THR YC 145 46.81 -17.14 -142.02
N LEU YC 146 47.36 -17.32 -140.83
CA LEU YC 146 46.74 -16.79 -139.61
C LEU YC 146 47.48 -15.53 -139.16
N THR YC 147 46.73 -14.44 -139.04
CA THR YC 147 47.31 -13.16 -138.64
C THR YC 147 47.13 -12.94 -137.15
N GLU YC 148 48.08 -12.24 -136.55
CA GLU YC 148 48.08 -12.02 -135.11
C GLU YC 148 47.05 -10.97 -134.73
N ILE YC 149 46.25 -11.26 -133.71
CA ILE YC 149 45.21 -10.35 -133.27
C ILE YC 149 45.48 -9.77 -131.88
N GLN YC 150 46.34 -10.39 -131.07
CA GLN YC 150 46.60 -9.92 -129.72
C GLN YC 150 47.90 -10.53 -129.25
N SER YC 151 48.81 -9.69 -128.74
CA SER YC 151 50.07 -10.15 -128.18
C SER YC 151 50.19 -9.59 -126.77
N THR YC 152 49.67 -10.34 -125.80
CA THR YC 152 49.75 -9.95 -124.39
C THR YC 152 51.14 -10.39 -123.89
N ALA YC 153 51.45 -10.13 -122.62
CA ALA YC 153 52.74 -10.54 -122.07
C ALA YC 153 52.85 -12.05 -121.95
N ASP YC 154 51.71 -12.73 -121.78
CA ASP YC 154 51.68 -14.19 -121.71
C ASP YC 154 51.22 -14.82 -123.01
N ARG YC 155 50.04 -14.45 -123.51
CA ARG YC 155 49.47 -15.11 -124.66
C ARG YC 155 49.95 -14.48 -125.96
N GLN YC 156 49.71 -15.19 -127.06
CA GLN YC 156 49.96 -14.68 -128.40
C GLN YC 156 48.94 -15.33 -129.33
N ILE YC 157 47.82 -14.67 -129.52
CA ILE YC 157 46.65 -15.26 -130.18
C ILE YC 157 46.71 -14.94 -131.66
N PHE YC 158 46.57 -15.98 -132.50
CA PHE YC 158 46.47 -15.83 -133.93
C PHE YC 158 45.08 -16.24 -134.39
N GLU YC 159 44.72 -15.84 -135.60
CA GLU YC 159 43.39 -16.08 -136.11
C GLU YC 159 43.39 -15.90 -137.62
N GLU YC 160 42.66 -16.76 -138.32
CA GLU YC 160 42.46 -16.59 -139.74
C GLU YC 160 41.43 -15.48 -139.95
N LYS YC 161 41.50 -14.82 -141.10
CA LYS YC 161 40.69 -13.62 -141.33
C LYS YC 161 39.70 -13.73 -142.47
N VAL YC 162 39.65 -14.85 -143.17
CA VAL YC 162 38.66 -15.01 -144.24
C VAL YC 162 37.41 -15.67 -143.67
N GLY YC 163 36.31 -15.55 -144.41
CA GLY YC 163 35.07 -16.21 -144.05
C GLY YC 163 34.23 -15.43 -143.05
N PRO YC 164 33.26 -16.10 -142.44
CA PRO YC 164 32.41 -15.43 -141.44
C PRO YC 164 33.18 -15.14 -140.16
N LEU YC 165 32.62 -14.25 -139.36
CA LEU YC 165 33.25 -13.81 -138.12
C LEU YC 165 32.95 -14.71 -136.93
N VAL YC 166 32.01 -15.65 -137.07
CA VAL YC 166 31.61 -16.44 -135.90
C VAL YC 166 32.53 -17.63 -135.67
N GLY YC 167 33.02 -18.26 -136.72
CA GLY YC 167 33.93 -19.38 -136.55
C GLY YC 167 35.17 -19.25 -137.40
N ARG YC 168 36.32 -19.14 -136.75
CA ARG YC 168 37.60 -19.02 -137.46
C ARG YC 168 38.65 -19.83 -136.72
N LEU YC 169 39.79 -20.02 -137.38
CA LEU YC 169 40.89 -20.74 -136.76
C LEU YC 169 41.51 -19.92 -135.63
N ARG YC 170 42.18 -20.61 -134.72
CA ARG YC 170 42.81 -19.96 -133.59
C ARG YC 170 44.16 -20.60 -133.34
N LEU YC 171 45.04 -19.85 -132.69
CA LEU YC 171 46.35 -20.38 -132.29
C LEU YC 171 46.78 -19.58 -131.07
N THR YC 172 46.56 -20.16 -129.89
CA THR YC 172 46.86 -19.49 -128.64
C THR YC 172 48.19 -20.00 -128.13
N ALA YC 173 49.28 -19.38 -128.60
CA ALA YC 173 50.60 -19.73 -128.11
C ALA YC 173 50.84 -19.08 -126.75
N SER YC 174 51.81 -19.63 -126.03
CA SER YC 174 52.19 -19.11 -124.72
C SER YC 174 53.61 -19.55 -124.42
N LEU YC 175 54.19 -18.98 -123.36
CA LEU YC 175 55.54 -19.30 -122.94
C LEU YC 175 55.69 -18.87 -121.49
N ARG YC 176 56.07 -19.80 -120.62
CA ARG YC 176 56.23 -19.50 -119.21
C ARG YC 176 57.58 -20.02 -118.74
N GLN YC 177 57.87 -19.80 -117.47
CA GLN YC 177 58.94 -20.49 -116.78
C GLN YC 177 58.57 -20.60 -115.30
N ASN YC 178 58.27 -21.81 -114.85
CA ASN YC 178 57.78 -22.05 -113.51
C ASN YC 178 58.92 -22.50 -112.61
N GLY YC 179 58.91 -22.00 -111.38
CA GLY YC 179 59.91 -22.36 -110.40
C GLY YC 179 61.06 -21.38 -110.35
N ALA YC 180 62.26 -21.89 -110.06
CA ALA YC 180 63.44 -21.05 -109.95
C ALA YC 180 64.18 -20.92 -111.29
N LYS YC 181 63.42 -20.52 -112.33
CA LYS YC 181 63.94 -20.20 -113.67
C LYS YC 181 64.67 -21.37 -114.30
N THR YC 182 64.20 -22.60 -114.05
CA THR YC 182 64.94 -23.79 -114.47
C THR YC 182 64.28 -24.54 -115.61
N ALA YC 183 63.01 -24.29 -115.92
CA ALA YC 183 62.33 -25.02 -116.97
C ALA YC 183 61.28 -24.13 -117.60
N TYR YC 184 61.20 -24.16 -118.93
CA TYR YC 184 60.23 -23.39 -119.68
C TYR YC 184 58.96 -24.20 -119.89
N ARG YC 185 57.96 -23.59 -120.52
CA ARG YC 185 56.70 -24.28 -120.79
C ARG YC 185 56.07 -23.63 -122.03
N VAL YC 186 56.24 -24.29 -123.17
CA VAL YC 186 55.61 -23.85 -124.42
C VAL YC 186 54.21 -24.46 -124.47
N ASN YC 187 53.24 -23.69 -124.96
CA ASN YC 187 51.85 -24.15 -124.92
C ASN YC 187 51.13 -23.63 -126.16
N LEU YC 188 51.00 -24.48 -127.18
CA LEU YC 188 50.21 -24.17 -128.36
C LEU YC 188 48.83 -24.81 -128.25
N LYS YC 189 47.87 -24.21 -128.95
CA LYS YC 189 46.49 -24.69 -128.92
C LYS YC 189 45.77 -24.20 -130.16
N LEU YC 190 45.27 -25.12 -130.97
CA LEU YC 190 44.61 -24.80 -132.24
C LEU YC 190 43.14 -25.20 -132.17
N ASP YC 191 42.26 -24.21 -132.10
CA ASP YC 191 40.83 -24.45 -132.11
C ASP YC 191 40.29 -24.38 -133.53
N GLN YC 192 39.44 -25.33 -133.87
CA GLN YC 192 38.78 -25.36 -135.18
C GLN YC 192 37.30 -25.61 -134.95
N ALA YC 193 36.48 -24.61 -135.22
CA ALA YC 193 35.04 -24.70 -135.05
C ALA YC 193 34.38 -24.93 -136.40
N ASP YC 194 33.38 -25.80 -136.43
CA ASP YC 194 32.67 -26.13 -137.66
C ASP YC 194 31.47 -25.19 -137.79
N VAL YC 195 31.54 -24.30 -138.77
CA VAL YC 195 30.47 -23.33 -139.03
C VAL YC 195 29.65 -23.84 -140.22
N VAL YC 196 28.34 -23.59 -140.16
CA VAL YC 196 27.44 -23.96 -141.24
C VAL YC 196 26.34 -22.90 -141.33
N ASP YC 197 25.87 -22.65 -142.55
CA ASP YC 197 24.75 -21.75 -142.77
C ASP YC 197 23.66 -22.46 -143.56
N CYS YC 198 22.41 -22.23 -143.16
CA CYS YC 198 21.26 -22.83 -143.80
C CYS YC 198 20.41 -21.81 -144.52
N SER YC 199 21.03 -20.73 -145.00
CA SER YC 199 20.30 -19.66 -145.66
C SER YC 199 19.75 -20.08 -147.02
N THR YC 200 20.32 -21.10 -147.64
CA THR YC 200 19.76 -21.61 -148.89
C THR YC 200 18.56 -22.51 -148.63
N SER YC 201 18.41 -23.00 -147.40
CA SER YC 201 17.29 -23.85 -147.01
C SER YC 201 16.21 -23.09 -146.27
N VAL YC 202 16.56 -22.45 -145.16
CA VAL YC 202 15.63 -21.68 -144.35
C VAL YC 202 16.05 -20.22 -144.37
N CYS YC 203 15.10 -19.33 -144.63
CA CYS YC 203 15.39 -17.91 -144.76
C CYS YC 203 15.71 -17.28 -143.41
N GLY YC 204 16.50 -16.20 -143.46
CA GLY YC 204 16.80 -15.41 -142.29
C GLY YC 204 17.69 -16.08 -141.28
N GLU YC 205 18.48 -17.05 -141.69
CA GLU YC 205 19.36 -17.79 -140.78
C GLU YC 205 20.80 -17.43 -141.10
N LEU YC 206 21.48 -16.88 -140.11
CA LEU YC 206 22.87 -16.49 -140.21
C LEU YC 206 23.76 -17.67 -139.85
N PRO YC 207 25.04 -17.65 -140.27
CA PRO YC 207 25.95 -18.75 -139.92
C PRO YC 207 26.18 -18.87 -138.42
N LYS YC 208 26.40 -20.11 -137.98
CA LYS YC 208 26.62 -20.41 -136.57
C LYS YC 208 27.52 -21.65 -136.49
N VAL YC 209 28.11 -21.84 -135.31
CA VAL YC 209 29.01 -22.96 -135.07
C VAL YC 209 28.22 -24.11 -134.48
N ARG YC 210 28.62 -25.34 -134.84
CA ARG YC 210 27.99 -26.52 -134.26
C ARG YC 210 28.81 -27.08 -133.11
N TYR YC 211 30.08 -27.40 -133.38
CA TYR YC 211 30.99 -27.97 -132.40
C TYR YC 211 32.36 -27.34 -132.59
N THR YC 212 33.29 -27.70 -131.71
CA THR YC 212 34.67 -27.26 -131.85
C THR YC 212 35.59 -28.40 -131.44
N GLN YC 213 36.77 -28.44 -132.03
CA GLN YC 213 37.74 -29.50 -131.80
C GLN YC 213 39.11 -28.89 -131.54
N VAL YC 214 39.74 -29.32 -130.45
CA VAL YC 214 40.96 -28.71 -129.95
C VAL YC 214 42.11 -29.69 -130.20
N TRP YC 215 43.32 -29.13 -130.37
CA TRP YC 215 44.55 -29.93 -130.37
C TRP YC 215 45.60 -29.07 -129.64
N SER YC 216 45.71 -29.29 -128.34
CA SER YC 216 46.65 -28.55 -127.52
C SER YC 216 48.03 -29.20 -127.54
N HIS YC 217 49.03 -28.44 -127.13
CA HIS YC 217 50.38 -28.95 -126.92
C HIS YC 217 50.90 -28.40 -125.61
N ASP YC 218 51.81 -29.13 -124.98
CA ASP YC 218 52.40 -28.69 -123.72
C ASP YC 218 53.82 -29.23 -123.67
N VAL YC 219 54.77 -28.41 -124.11
CA VAL YC 219 56.16 -28.79 -124.21
C VAL YC 219 56.87 -28.32 -122.95
N THR YC 220 57.66 -29.20 -122.34
CA THR YC 220 58.47 -28.85 -121.18
C THR YC 220 59.93 -28.91 -121.57
N ILE YC 221 60.62 -27.79 -121.45
CA ILE YC 221 62.02 -27.66 -121.84
C ILE YC 221 62.79 -27.11 -120.66
N VAL YC 222 63.81 -27.83 -120.21
CA VAL YC 222 64.65 -27.36 -119.13
C VAL YC 222 65.64 -26.33 -119.67
N ALA YC 223 66.08 -25.42 -118.80
CA ALA YC 223 66.79 -24.24 -119.24
C ALA YC 223 68.22 -24.54 -119.69
N ASN YC 224 68.93 -25.40 -118.97
CA ASN YC 224 70.33 -25.68 -119.24
C ASN YC 224 70.53 -26.88 -120.16
N SER YC 225 69.58 -27.15 -121.06
CA SER YC 225 69.64 -28.33 -121.91
C SER YC 225 70.59 -28.13 -123.08
N THR YC 226 70.82 -29.21 -123.81
CA THR YC 226 71.64 -29.19 -125.01
C THR YC 226 70.74 -28.79 -126.18
N GLU YC 227 71.35 -28.18 -127.20
CA GLU YC 227 70.58 -27.81 -128.39
C GLU YC 227 70.13 -29.04 -129.16
N ALA YC 228 71.00 -30.05 -129.29
CA ALA YC 228 70.61 -31.28 -129.97
C ALA YC 228 69.67 -32.13 -129.12
N SER YC 229 69.50 -31.81 -127.84
CA SER YC 229 68.47 -32.44 -127.03
C SER YC 229 67.10 -31.85 -127.34
N ARG YC 230 67.04 -30.54 -127.58
CA ARG YC 230 65.77 -29.92 -127.97
C ARG YC 230 65.47 -30.15 -129.44
N LYS YC 231 66.51 -30.28 -130.27
CA LYS YC 231 66.31 -30.50 -131.70
C LYS YC 231 65.82 -31.92 -131.97
N SER YC 232 66.25 -32.88 -131.15
CA SER YC 232 65.80 -34.26 -131.33
C SER YC 232 64.39 -34.46 -130.80
N LEU YC 233 64.01 -33.73 -129.75
CA LEU YC 233 62.64 -33.83 -129.25
C LEU YC 233 61.64 -33.25 -130.24
N TYR YC 234 62.03 -32.20 -130.95
CA TYR YC 234 61.15 -31.64 -131.98
C TYR YC 234 61.03 -32.59 -133.17
N ASP YC 235 62.14 -33.15 -133.62
CA ASP YC 235 62.14 -34.05 -134.77
C ASP YC 235 61.43 -35.36 -134.51
N LEU YC 236 61.34 -35.80 -133.25
CA LEU YC 236 60.57 -36.99 -132.96
C LEU YC 236 59.08 -36.69 -132.96
N THR YC 237 58.67 -35.56 -132.38
CA THR YC 237 57.26 -35.17 -132.40
C THR YC 237 56.80 -34.78 -133.78
N LYS YC 238 57.69 -34.20 -134.59
CA LYS YC 238 57.36 -33.92 -135.99
C LYS YC 238 57.17 -35.22 -136.75
N SER YC 239 57.93 -36.25 -136.40
CA SER YC 239 57.80 -37.55 -137.05
C SER YC 239 56.70 -38.40 -136.41
N LEU YC 240 56.27 -38.08 -135.19
CA LEU YC 240 55.20 -38.84 -134.57
C LEU YC 240 53.85 -38.48 -135.16
N VAL YC 241 53.58 -37.18 -135.32
CA VAL YC 241 52.32 -36.71 -135.89
C VAL YC 241 52.17 -37.14 -137.34
N ALA YC 242 53.28 -37.20 -138.08
CA ALA YC 242 53.23 -37.55 -139.49
C ALA YC 242 53.10 -39.05 -139.74
N THR YC 243 52.97 -39.88 -138.72
CA THR YC 243 52.76 -41.30 -138.95
C THR YC 243 51.32 -41.58 -139.36
N SER YC 244 51.10 -42.82 -139.81
CA SER YC 244 49.77 -43.25 -140.19
C SER YC 244 48.96 -43.77 -139.03
N GLN YC 245 49.57 -43.91 -137.85
CA GLN YC 245 48.85 -44.44 -136.70
C GLN YC 245 48.20 -43.33 -135.87
N VAL YC 246 48.87 -42.19 -135.76
CA VAL YC 246 48.28 -41.04 -135.08
C VAL YC 246 47.23 -40.38 -135.95
N GLU YC 247 47.28 -40.59 -137.27
CA GLU YC 247 46.19 -40.18 -138.14
C GLU YC 247 44.93 -40.97 -137.85
N ASP YC 248 45.05 -42.30 -137.76
CA ASP YC 248 43.89 -43.13 -137.45
C ASP YC 248 43.45 -43.04 -136.00
N LEU YC 249 44.34 -42.59 -135.10
CA LEU YC 249 43.95 -42.37 -133.72
C LEU YC 249 43.03 -41.16 -133.60
N VAL YC 250 43.18 -40.18 -134.48
CA VAL YC 250 42.34 -38.99 -134.45
C VAL YC 250 41.14 -39.14 -135.36
N VAL YC 251 41.34 -39.63 -136.57
CA VAL YC 251 40.24 -39.75 -137.53
C VAL YC 251 39.30 -40.90 -137.17
N ASN YC 252 39.85 -42.09 -136.95
CA ASN YC 252 39.04 -43.29 -136.77
C ASN YC 252 39.12 -43.89 -135.38
N LEU YC 253 39.81 -43.24 -134.44
CA LEU YC 253 39.92 -43.65 -133.02
C LEU YC 253 40.54 -45.04 -132.85
N VAL YC 254 41.38 -45.47 -133.78
CA VAL YC 254 42.10 -46.73 -133.65
C VAL YC 254 43.29 -46.51 -132.72
N PRO YC 255 43.45 -47.31 -131.66
CA PRO YC 255 44.62 -47.15 -130.80
C PRO YC 255 45.93 -47.50 -131.49
N LEU YC 256 47.03 -47.08 -130.88
CA LEU YC 256 48.33 -47.14 -131.51
C LEU YC 256 48.92 -48.55 -131.45
N GLY YC 257 49.92 -48.78 -132.29
CA GLY YC 257 50.65 -50.03 -132.29
C GLY YC 257 50.14 -51.05 -133.27
N ARG YC 258 50.96 -51.39 -134.26
CA ARG YC 258 50.64 -52.47 -135.19
C ARG YC 258 51.75 -53.49 -135.24
N SER ZC 1 94.60 21.96 -118.17
CA SER ZC 1 94.80 20.85 -117.24
C SER ZC 1 94.61 19.52 -117.97
N LYS ZC 2 93.69 18.70 -117.47
CA LYS ZC 2 93.38 17.40 -118.05
C LYS ZC 2 92.13 17.53 -118.91
N THR ZC 3 92.22 17.08 -120.16
CA THR ZC 3 91.18 17.33 -121.14
C THR ZC 3 90.64 16.03 -121.73
N ILE ZC 4 89.38 16.09 -122.17
CA ILE ZC 4 88.77 15.10 -123.05
C ILE ZC 4 88.35 15.81 -124.33
N VAL ZC 5 88.58 15.18 -125.47
CA VAL ZC 5 88.25 15.77 -126.76
C VAL ZC 5 87.12 14.96 -127.39
N LEU ZC 6 85.96 15.59 -127.58
CA LEU ZC 6 84.78 14.95 -128.15
C LEU ZC 6 84.56 15.50 -129.55
N SER ZC 7 85.08 14.80 -130.55
CA SER ZC 7 84.96 15.24 -131.92
C SER ZC 7 83.59 14.87 -132.49
N VAL ZC 8 82.91 15.86 -133.05
CA VAL ZC 8 81.52 15.71 -133.51
C VAL ZC 8 81.58 15.81 -135.03
N GLY ZC 9 82.66 15.30 -135.60
CA GLY ZC 9 82.94 15.43 -137.01
C GLY ZC 9 84.33 15.98 -137.21
N GLU ZC 10 84.43 17.20 -137.73
CA GLU ZC 10 85.67 17.96 -137.66
C GLU ZC 10 85.65 18.99 -136.54
N ALA ZC 11 84.47 19.33 -136.03
CA ALA ZC 11 84.37 20.21 -134.87
C ALA ZC 11 84.66 19.43 -133.60
N THR ZC 12 85.74 19.80 -132.91
CA THR ZC 12 86.16 19.14 -131.68
C THR ZC 12 85.82 20.04 -130.51
N ARG ZC 13 85.16 19.48 -129.50
CA ARG ZC 13 84.73 20.23 -128.32
C ARG ZC 13 85.51 19.71 -127.12
N THR ZC 14 86.52 20.48 -126.71
CA THR ZC 14 87.45 20.06 -125.68
C THR ZC 14 86.94 20.47 -124.30
N LEU ZC 15 86.72 19.49 -123.45
CA LEU ZC 15 86.33 19.75 -122.06
C LEU ZC 15 87.58 19.88 -121.20
N THR ZC 16 87.44 20.63 -120.09
CA THR ZC 16 88.55 20.90 -119.20
C THR ZC 16 88.11 20.62 -117.77
N GLU ZC 17 88.99 19.96 -117.01
CA GLU ZC 17 88.65 19.50 -115.67
C GLU ZC 17 88.57 20.65 -114.69
N ILE ZC 18 87.51 20.68 -113.89
CA ILE ZC 18 87.33 21.71 -112.87
C ILE ZC 18 87.25 21.13 -111.47
N GLN ZC 19 87.32 19.81 -111.30
CA GLN ZC 19 87.23 19.21 -109.98
C GLN ZC 19 87.88 17.82 -110.04
N SER ZC 20 88.56 17.44 -108.96
CA SER ZC 20 89.15 16.12 -108.85
C SER ZC 20 89.07 15.71 -107.39
N THR ZC 21 88.02 14.99 -107.03
CA THR ZC 21 87.83 14.46 -105.70
C THR ZC 21 88.44 13.05 -105.72
N ALA ZC 22 88.24 12.25 -104.68
CA ALA ZC 22 88.73 10.87 -104.68
C ALA ZC 22 87.96 10.01 -105.68
N ASP ZC 23 86.66 10.26 -105.82
CA ASP ZC 23 85.85 9.54 -106.79
C ASP ZC 23 85.25 10.43 -107.86
N ARG ZC 24 84.68 11.58 -107.51
CA ARG ZC 24 84.05 12.44 -108.48
C ARG ZC 24 85.10 13.21 -109.28
N GLN ZC 25 84.74 13.55 -110.53
CA GLN ZC 25 85.70 14.16 -111.45
C GLN ZC 25 84.90 14.94 -112.48
N ILE ZC 26 84.85 16.25 -112.33
CA ILE ZC 26 83.95 17.11 -113.10
C ILE ZC 26 84.73 17.79 -114.22
N PHE ZC 27 84.17 17.77 -115.42
CA PHE ZC 27 84.75 18.42 -116.60
C PHE ZC 27 83.78 19.46 -117.12
N GLU ZC 28 84.33 20.51 -117.75
CA GLU ZC 28 83.50 21.55 -118.35
C GLU ZC 28 84.16 22.04 -119.62
N GLU ZC 29 83.35 22.58 -120.52
CA GLU ZC 29 83.84 23.29 -121.68
C GLU ZC 29 84.02 24.76 -121.32
N LYS ZC 30 84.97 25.42 -121.97
CA LYS ZC 30 85.36 26.75 -121.54
C LYS ZC 30 84.97 27.86 -122.52
N VAL ZC 31 84.46 27.53 -123.69
CA VAL ZC 31 84.06 28.56 -124.64
C VAL ZC 31 82.62 28.96 -124.39
N GLY ZC 32 82.28 30.20 -124.76
CA GLY ZC 32 80.93 30.68 -124.66
C GLY ZC 32 80.66 31.45 -123.39
N PRO ZC 33 79.38 31.61 -123.02
CA PRO ZC 33 79.03 32.27 -121.76
C PRO ZC 33 79.39 31.45 -120.53
N LEU ZC 34 79.18 32.03 -119.35
CA LEU ZC 34 79.61 31.41 -118.11
C LEU ZC 34 78.48 30.71 -117.35
N VAL ZC 35 77.25 30.81 -117.83
CA VAL ZC 35 76.12 30.31 -117.05
C VAL ZC 35 75.70 28.91 -117.48
N GLY ZC 36 75.75 28.61 -118.78
CA GLY ZC 36 75.40 27.27 -119.24
C GLY ZC 36 76.44 26.67 -120.13
N ARG ZC 37 77.06 25.58 -119.69
CA ARG ZC 37 78.14 24.93 -120.42
C ARG ZC 37 77.96 23.42 -120.32
N LEU ZC 38 78.76 22.69 -121.11
CA LEU ZC 38 78.80 21.24 -120.99
C LEU ZC 38 79.35 20.81 -119.64
N ARG ZC 39 79.05 19.58 -119.28
CA ARG ZC 39 79.40 19.04 -117.98
C ARG ZC 39 79.58 17.54 -118.12
N LEU ZC 40 80.55 17.00 -117.41
CA LEU ZC 40 80.81 15.57 -117.47
C LEU ZC 40 81.24 15.13 -116.07
N THR ZC 41 80.29 14.64 -115.29
CA THR ZC 41 80.53 14.26 -113.90
C THR ZC 41 80.86 12.78 -113.88
N ALA ZC 42 82.13 12.46 -114.02
CA ALA ZC 42 82.58 11.07 -113.98
C ALA ZC 42 82.75 10.62 -112.53
N SER ZC 43 82.76 9.30 -112.34
CA SER ZC 43 82.84 8.72 -111.02
C SER ZC 43 83.33 7.29 -111.14
N LEU ZC 44 83.76 6.74 -110.01
CA LEU ZC 44 84.17 5.35 -109.91
C LEU ZC 44 84.09 4.93 -108.45
N ARG ZC 45 83.67 3.70 -108.21
CA ARG ZC 45 83.47 3.19 -106.86
C ARG ZC 45 83.83 1.71 -106.83
N GLN ZC 46 83.75 1.12 -105.64
CA GLN ZC 46 83.72 -0.33 -105.48
C GLN ZC 46 82.87 -0.64 -104.24
N ASN ZC 47 81.59 -0.92 -104.47
CA ASN ZC 47 80.63 -1.08 -103.39
C ASN ZC 47 80.57 -2.52 -102.93
N GLY ZC 48 80.24 -2.69 -101.65
CA GLY ZC 48 80.12 -4.00 -101.06
C GLY ZC 48 81.44 -4.53 -100.54
N ALA ZC 49 81.67 -5.84 -100.73
CA ALA ZC 49 82.89 -6.47 -100.25
C ALA ZC 49 83.96 -6.51 -101.34
N LYS ZC 50 84.20 -5.32 -101.93
CA LYS ZC 50 85.29 -5.05 -102.87
C LYS ZC 50 85.28 -5.95 -104.10
N THR ZC 51 84.09 -6.38 -104.55
CA THR ZC 51 84.00 -7.36 -105.61
C THR ZC 51 83.51 -6.80 -106.94
N ALA ZC 52 82.88 -5.62 -106.95
CA ALA ZC 52 82.33 -5.05 -108.18
C ALA ZC 52 82.56 -3.55 -108.17
N TYR ZC 53 83.00 -3.02 -109.30
CA TYR ZC 53 83.17 -1.58 -109.47
C TYR ZC 53 81.89 -0.97 -110.03
N ARG ZC 54 81.88 0.36 -110.12
CA ARG ZC 54 80.70 1.06 -110.63
C ARG ZC 54 81.15 2.36 -111.26
N VAL ZC 55 81.23 2.38 -112.58
CA VAL ZC 55 81.48 3.59 -113.34
C VAL ZC 55 80.17 4.36 -113.48
N ASN ZC 56 80.23 5.68 -113.39
CA ASN ZC 56 79.01 6.48 -113.41
C ASN ZC 56 79.30 7.79 -114.12
N LEU ZC 57 79.01 7.84 -115.42
CA LEU ZC 57 79.15 9.06 -116.20
C LEU ZC 57 77.83 9.81 -116.24
N LYS ZC 58 77.91 11.11 -116.55
CA LYS ZC 58 76.72 11.96 -116.62
C LYS ZC 58 77.07 13.17 -117.48
N LEU ZC 59 76.53 13.23 -118.69
CA LEU ZC 59 76.82 14.30 -119.63
C LEU ZC 59 75.65 15.27 -119.66
N ASP ZC 60 75.76 16.35 -118.90
CA ASP ZC 60 74.73 17.38 -118.92
C ASP ZC 60 74.86 18.23 -120.17
N GLN ZC 61 73.78 18.93 -120.51
CA GLN ZC 61 73.80 19.89 -121.60
C GLN ZC 61 72.65 20.87 -121.39
N ALA ZC 62 72.98 22.12 -121.12
CA ALA ZC 62 71.99 23.17 -120.90
C ALA ZC 62 71.87 24.01 -122.16
N ASP ZC 63 70.66 24.49 -122.43
CA ASP ZC 63 70.40 25.36 -123.58
C ASP ZC 63 70.27 26.78 -123.07
N VAL ZC 64 71.30 27.57 -123.28
CA VAL ZC 64 71.33 28.95 -122.83
C VAL ZC 64 70.89 29.86 -123.98
N VAL ZC 65 70.06 30.84 -123.66
CA VAL ZC 65 69.59 31.82 -124.63
C VAL ZC 65 69.84 33.21 -124.06
N ASP ZC 66 70.37 34.11 -124.90
CA ASP ZC 66 70.61 35.49 -124.52
C ASP ZC 66 70.06 36.41 -125.60
N CYS ZC 67 69.04 37.18 -125.25
CA CYS ZC 67 68.43 38.16 -126.15
C CYS ZC 67 68.36 39.53 -125.49
N SER ZC 68 69.51 40.01 -125.03
CA SER ZC 68 69.62 41.41 -124.59
C SER ZC 68 69.42 42.39 -125.73
N THR ZC 69 69.66 41.97 -126.98
CA THR ZC 69 69.34 42.82 -128.12
C THR ZC 69 67.83 42.91 -128.34
N SER ZC 70 67.08 41.90 -127.89
CA SER ZC 70 65.62 41.94 -128.02
C SER ZC 70 64.99 42.70 -126.85
N VAL ZC 71 65.17 42.18 -125.64
CA VAL ZC 71 64.72 42.87 -124.43
C VAL ZC 71 65.90 43.65 -123.88
N CYS ZC 72 65.79 44.97 -123.85
CA CYS ZC 72 66.88 45.82 -123.39
C CYS ZC 72 67.01 45.72 -121.88
N GLY ZC 73 68.00 44.99 -121.41
CA GLY ZC 73 68.29 44.88 -120.00
C GLY ZC 73 68.25 43.49 -119.40
N GLU ZC 74 68.31 42.44 -120.22
CA GLU ZC 74 68.28 41.08 -119.72
C GLU ZC 74 69.63 40.41 -119.95
N LEU ZC 75 69.85 39.32 -119.23
CA LEU ZC 75 71.13 38.62 -119.19
C LEU ZC 75 70.95 37.21 -119.76
N PRO ZC 76 72.03 36.48 -120.09
CA PRO ZC 76 71.87 35.09 -120.52
C PRO ZC 76 71.31 34.20 -119.42
N LYS ZC 77 70.59 33.17 -119.85
CA LYS ZC 77 69.80 32.33 -118.95
C LYS ZC 77 69.56 31.00 -119.65
N VAL ZC 78 69.52 29.92 -118.87
CA VAL ZC 78 69.32 28.58 -119.42
C VAL ZC 78 67.83 28.24 -119.37
N ARG ZC 79 67.33 27.63 -120.44
CA ARG ZC 79 65.94 27.18 -120.46
C ARG ZC 79 65.80 25.82 -119.78
N TYR ZC 80 66.47 24.80 -120.33
CA TYR ZC 80 66.32 23.44 -119.88
C TYR ZC 80 67.69 22.76 -119.88
N THR ZC 81 67.74 21.59 -119.26
CA THR ZC 81 68.92 20.73 -119.28
C THR ZC 81 68.53 19.34 -119.73
N GLN ZC 82 69.36 18.74 -120.57
CA GLN ZC 82 69.16 17.39 -121.06
C GLN ZC 82 70.41 16.57 -120.77
N VAL ZC 83 70.23 15.43 -120.09
CA VAL ZC 83 71.35 14.64 -119.62
C VAL ZC 83 71.40 13.31 -120.39
N TRP ZC 84 72.52 12.62 -120.26
CA TRP ZC 84 72.65 11.23 -120.72
C TRP ZC 84 73.57 10.55 -119.72
N SER ZC 85 72.98 9.90 -118.72
CA SER ZC 85 73.76 9.22 -117.70
C SER ZC 85 74.15 7.83 -118.16
N HIS ZC 86 75.21 7.31 -117.54
CA HIS ZC 86 75.66 5.94 -117.76
C HIS ZC 86 75.83 5.28 -116.40
N ASP ZC 87 75.71 3.96 -116.37
CA ASP ZC 87 75.88 3.21 -115.13
C ASP ZC 87 76.44 1.83 -115.50
N VAL ZC 88 77.75 1.72 -115.45
CA VAL ZC 88 78.44 0.49 -115.82
C VAL ZC 88 78.73 -0.28 -114.55
N THR ZC 89 78.49 -1.59 -114.57
CA THR ZC 89 78.81 -2.47 -113.45
C THR ZC 89 79.83 -3.49 -113.91
N ILE ZC 90 81.00 -3.46 -113.30
CA ILE ZC 90 82.11 -4.34 -113.67
C ILE ZC 90 82.52 -5.13 -112.44
N VAL ZC 91 82.46 -6.45 -112.54
CA VAL ZC 91 82.92 -7.31 -111.46
C VAL ZC 91 84.43 -7.48 -111.56
N ALA ZC 92 85.08 -7.61 -110.40
CA ALA ZC 92 86.52 -7.39 -110.32
C ALA ZC 92 87.33 -8.56 -110.87
N ASN ZC 93 86.79 -9.78 -110.79
CA ASN ZC 93 87.50 -10.97 -111.27
C ASN ZC 93 87.16 -11.31 -112.71
N SER ZC 94 86.90 -10.32 -113.54
CA SER ZC 94 86.41 -10.53 -114.89
C SER ZC 94 87.53 -10.99 -115.82
N THR ZC 95 87.13 -11.32 -117.04
CA THR ZC 95 88.07 -11.52 -118.13
C THR ZC 95 88.21 -10.20 -118.88
N GLU ZC 96 89.39 -9.96 -119.45
CA GLU ZC 96 89.60 -8.71 -120.18
C GLU ZC 96 88.83 -8.71 -121.49
N ALA ZC 97 88.60 -9.88 -122.09
CA ALA ZC 97 87.74 -9.95 -123.26
C ALA ZC 97 86.27 -9.82 -122.91
N SER ZC 98 85.91 -10.01 -121.64
CA SER ZC 98 84.54 -9.79 -121.21
C SER ZC 98 84.25 -8.30 -121.09
N ARG ZC 99 85.19 -7.55 -120.49
CA ARG ZC 99 85.04 -6.11 -120.38
C ARG ZC 99 85.19 -5.41 -121.72
N LYS ZC 100 85.97 -5.98 -122.64
CA LYS ZC 100 86.12 -5.36 -123.95
C LYS ZC 100 84.88 -5.58 -124.81
N SER ZC 101 84.23 -6.73 -124.67
CA SER ZC 101 83.04 -7.01 -125.47
C SER ZC 101 81.85 -6.18 -124.99
N LEU ZC 102 81.77 -5.92 -123.68
CA LEU ZC 102 80.70 -5.08 -123.16
C LEU ZC 102 80.86 -3.63 -123.62
N TYR ZC 103 82.09 -3.18 -123.75
CA TYR ZC 103 82.33 -1.85 -124.29
C TYR ZC 103 82.06 -1.82 -125.79
N ASP ZC 104 82.40 -2.89 -126.50
CA ASP ZC 104 82.21 -2.92 -127.95
C ASP ZC 104 80.76 -3.06 -128.35
N LEU ZC 105 79.90 -3.56 -127.46
CA LEU ZC 105 78.48 -3.66 -127.78
C LEU ZC 105 77.77 -2.34 -127.52
N THR ZC 106 78.13 -1.65 -126.44
CA THR ZC 106 77.51 -0.35 -126.15
C THR ZC 106 78.02 0.72 -127.09
N LYS ZC 107 79.25 0.59 -127.58
CA LYS ZC 107 79.76 1.50 -128.61
C LYS ZC 107 78.97 1.34 -129.91
N SER ZC 108 78.49 0.14 -130.19
CA SER ZC 108 77.67 -0.10 -131.37
C SER ZC 108 76.19 0.04 -131.08
N LEU ZC 109 75.77 -0.05 -129.83
CA LEU ZC 109 74.38 0.25 -129.48
C LEU ZC 109 74.09 1.72 -129.68
N VAL ZC 110 74.96 2.59 -129.19
CA VAL ZC 110 74.73 4.02 -129.30
C VAL ZC 110 74.88 4.48 -130.75
N ALA ZC 111 75.80 3.88 -131.50
CA ALA ZC 111 76.08 4.34 -132.86
C ALA ZC 111 75.11 3.83 -133.90
N THR ZC 112 74.07 3.08 -133.52
CA THR ZC 112 73.12 2.60 -134.50
C THR ZC 112 72.08 3.68 -134.81
N SER ZC 113 71.35 3.49 -135.90
CA SER ZC 113 70.34 4.45 -136.30
C SER ZC 113 69.00 4.24 -135.61
N GLN ZC 114 68.88 3.21 -134.77
CA GLN ZC 114 67.62 3.00 -134.06
C GLN ZC 114 67.61 3.67 -132.70
N VAL ZC 115 68.78 3.75 -132.04
CA VAL ZC 115 68.89 4.47 -130.78
C VAL ZC 115 68.94 5.97 -131.04
N GLU ZC 116 69.42 6.37 -132.22
CA GLU ZC 116 69.39 7.78 -132.61
C GLU ZC 116 67.97 8.29 -132.73
N ASP ZC 117 67.10 7.54 -133.40
CA ASP ZC 117 65.71 7.95 -133.54
C ASP ZC 117 64.91 7.77 -132.26
N LEU ZC 118 65.44 7.03 -131.29
CA LEU ZC 118 64.75 6.87 -130.02
C LEU ZC 118 64.86 8.12 -129.15
N VAL ZC 119 65.93 8.88 -129.30
CA VAL ZC 119 66.12 10.07 -128.48
C VAL ZC 119 65.80 11.33 -129.27
N VAL ZC 120 66.02 11.30 -130.57
CA VAL ZC 120 65.76 12.48 -131.38
C VAL ZC 120 64.28 12.58 -131.72
N ASN ZC 121 63.70 11.53 -132.29
CA ASN ZC 121 62.32 11.54 -132.75
C ASN ZC 121 61.41 10.64 -131.95
N LEU ZC 122 61.91 10.05 -130.86
CA LEU ZC 122 61.16 9.22 -129.91
C LEU ZC 122 60.52 7.98 -130.53
N VAL ZC 123 61.08 7.50 -131.64
CA VAL ZC 123 60.58 6.28 -132.29
C VAL ZC 123 61.05 5.08 -131.47
N PRO ZC 124 60.18 4.11 -131.17
CA PRO ZC 124 60.61 2.96 -130.38
C PRO ZC 124 61.56 2.06 -131.15
N LEU ZC 125 62.14 1.10 -130.42
CA LEU ZC 125 63.21 0.28 -130.97
C LEU ZC 125 62.65 -0.90 -131.75
N GLY ZC 126 63.48 -1.44 -132.64
CA GLY ZC 126 63.12 -2.61 -133.40
C GLY ZC 126 62.51 -2.29 -134.74
N ARG ZC 127 63.10 -2.81 -135.81
CA ARG ZC 127 62.56 -2.65 -137.16
C ARG ZC 127 62.52 -4.02 -137.81
N ALA ZC 128 61.30 -4.46 -138.18
CA ALA ZC 128 61.11 -5.79 -138.74
C ALA ZC 128 61.49 -5.77 -140.21
N TYR ZC 129 62.65 -6.32 -140.53
CA TYR ZC 129 63.11 -6.48 -141.91
C TYR ZC 129 63.05 -7.96 -142.26
N GLY ZC 130 61.86 -8.43 -142.66
CA GLY ZC 130 61.67 -9.82 -142.99
C GLY ZC 130 61.77 -10.75 -141.81
N GLY ZC 131 60.83 -10.65 -140.87
CA GLY ZC 131 60.85 -11.49 -139.70
C GLY ZC 131 60.43 -10.76 -138.44
N SER ZC 132 61.14 -11.00 -137.34
CA SER ZC 132 60.84 -10.34 -136.09
C SER ZC 132 61.50 -8.97 -136.02
N LYS ZC 133 61.17 -8.21 -134.98
CA LYS ZC 133 61.79 -6.91 -134.76
C LYS ZC 133 63.19 -7.13 -134.22
N THR ZC 134 64.20 -6.68 -134.97
CA THR ZC 134 65.59 -6.98 -134.66
C THR ZC 134 66.40 -5.70 -134.53
N ILE ZC 135 67.44 -5.76 -133.69
CA ILE ZC 135 68.48 -4.74 -133.62
C ILE ZC 135 69.81 -5.42 -133.91
N VAL ZC 136 70.56 -4.88 -134.86
CA VAL ZC 136 71.84 -5.46 -135.27
C VAL ZC 136 72.95 -4.63 -134.64
N LEU ZC 137 73.79 -5.28 -133.84
CA LEU ZC 137 74.91 -4.64 -133.15
C LEU ZC 137 76.19 -5.15 -133.78
N SER ZC 138 76.65 -4.47 -134.83
CA SER ZC 138 77.87 -4.88 -135.52
C SER ZC 138 79.11 -4.55 -134.70
N VAL ZC 139 79.98 -5.54 -134.54
CA VAL ZC 139 81.18 -5.40 -133.73
C VAL ZC 139 82.33 -5.50 -134.74
N GLY ZC 140 82.10 -4.98 -135.94
CA GLY ZC 140 83.04 -5.12 -137.01
C GLY ZC 140 82.44 -5.94 -138.13
N GLU ZC 141 82.95 -7.16 -138.32
CA GLU ZC 141 82.31 -8.12 -139.21
C GLU ZC 141 81.37 -9.08 -138.49
N ALA ZC 142 81.48 -9.19 -137.18
CA ALA ZC 142 80.54 -9.99 -136.41
C ALA ZC 142 79.30 -9.16 -136.08
N THR ZC 143 78.14 -9.66 -136.47
CA THR ZC 143 76.86 -9.00 -136.22
C THR ZC 143 76.06 -9.87 -135.26
N ARG ZC 144 75.53 -9.26 -134.20
CA ARG ZC 144 74.77 -9.97 -133.18
C ARG ZC 144 73.37 -9.37 -133.15
N THR ZC 145 72.41 -10.06 -133.76
CA THR ZC 145 71.06 -9.54 -133.95
C THR ZC 145 70.19 -9.96 -132.77
N LEU ZC 146 69.60 -8.99 -132.09
CA LEU ZC 146 68.75 -9.26 -130.95
C LEU ZC 146 67.27 -9.14 -131.34
N THR ZC 147 66.52 -10.21 -131.12
CA THR ZC 147 65.11 -10.26 -131.49
C THR ZC 147 64.25 -9.91 -130.28
N GLU ZC 148 63.11 -9.29 -130.53
CA GLU ZC 148 62.22 -8.84 -129.47
C GLU ZC 148 61.47 -10.02 -128.87
N ILE ZC 149 61.44 -10.10 -127.55
CA ILE ZC 149 60.76 -11.19 -126.87
C ILE ZC 149 59.53 -10.74 -126.09
N GLN ZC 150 59.41 -9.45 -125.77
CA GLN ZC 150 58.29 -8.96 -124.98
C GLN ZC 150 58.18 -7.46 -125.18
N SER ZC 151 56.99 -6.98 -125.51
CA SER ZC 151 56.72 -5.55 -125.67
C SER ZC 151 55.54 -5.20 -124.77
N THR ZC 152 55.83 -4.84 -123.52
CA THR ZC 152 54.81 -4.44 -122.57
C THR ZC 152 54.53 -2.95 -122.84
N ALA ZC 153 53.60 -2.34 -122.10
CA ALA ZC 153 53.30 -0.93 -122.29
C ALA ZC 153 54.45 -0.05 -121.83
N ASP ZC 154 55.26 -0.53 -120.88
CA ASP ZC 154 56.42 0.21 -120.40
C ASP ZC 154 57.72 -0.34 -120.99
N ARG ZC 155 57.99 -1.63 -120.83
CA ARG ZC 155 59.26 -2.19 -121.23
C ARG ZC 155 59.24 -2.63 -122.68
N GLN ZC 156 60.43 -2.89 -123.21
CA GLN ZC 156 60.59 -3.46 -124.55
C GLN ZC 156 61.87 -4.29 -124.52
N ILE ZC 157 61.74 -5.57 -124.21
CA ILE ZC 157 62.88 -6.44 -123.92
C ILE ZC 157 63.33 -7.11 -125.20
N PHE ZC 158 64.62 -7.02 -125.49
CA PHE ZC 158 65.24 -7.73 -126.60
C PHE ZC 158 66.19 -8.78 -126.06
N GLU ZC 159 66.55 -9.73 -126.90
CA GLU ZC 159 67.38 -10.86 -126.49
C GLU ZC 159 67.96 -11.52 -127.72
N GLU ZC 160 69.23 -11.94 -127.62
CA GLU ZC 160 69.82 -12.76 -128.67
C GLU ZC 160 69.27 -14.18 -128.57
N LYS ZC 161 69.37 -14.93 -129.67
CA LYS ZC 161 68.73 -16.23 -129.75
C LYS ZC 161 69.68 -17.39 -130.06
N VAL ZC 162 70.96 -17.12 -130.28
CA VAL ZC 162 71.90 -18.21 -130.50
C VAL ZC 162 72.51 -18.64 -129.17
N GLY ZC 163 73.07 -19.85 -129.16
CA GLY ZC 163 73.79 -20.34 -128.01
C GLY ZC 163 72.89 -21.00 -126.98
N PRO ZC 164 73.40 -21.18 -125.76
CA PRO ZC 164 72.59 -21.78 -124.69
C PRO ZC 164 71.51 -20.83 -124.21
N LEU ZC 165 70.54 -21.40 -123.50
CA LEU ZC 165 69.40 -20.65 -123.02
C LEU ZC 165 69.64 -19.97 -121.68
N VAL ZC 166 70.74 -20.28 -121.00
CA VAL ZC 166 70.93 -19.75 -119.65
C VAL ZC 166 71.54 -18.36 -119.66
N GLY ZC 167 72.44 -18.07 -120.60
CA GLY ZC 167 73.04 -16.74 -120.66
C GLY ZC 167 72.99 -16.17 -122.06
N ARG ZC 168 72.25 -15.08 -122.23
CA ARG ZC 168 72.13 -14.42 -123.52
C ARG ZC 168 72.14 -12.91 -123.32
N LEU ZC 169 72.29 -12.19 -124.42
CA LEU ZC 169 72.26 -10.74 -124.37
C LEU ZC 169 70.86 -10.23 -124.05
N ARG ZC 170 70.79 -9.02 -123.53
CA ARG ZC 170 69.53 -8.41 -123.17
C ARG ZC 170 69.56 -6.94 -123.55
N LEU ZC 171 68.37 -6.38 -123.76
CA LEU ZC 171 68.25 -4.95 -124.04
C LEU ZC 171 66.87 -4.54 -123.54
N THR ZC 172 66.83 -3.96 -122.34
CA THR ZC 172 65.57 -3.58 -121.70
C THR ZC 172 65.36 -2.09 -121.92
N ALA ZC 173 64.78 -1.74 -123.06
CA ALA ZC 173 64.45 -0.35 -123.32
C ALA ZC 173 63.18 0.04 -122.57
N SER ZC 174 62.99 1.35 -122.40
CA SER ZC 174 61.82 1.88 -121.73
C SER ZC 174 61.64 3.32 -122.18
N LEU ZC 175 60.49 3.89 -121.82
CA LEU ZC 175 60.16 5.27 -122.16
C LEU ZC 175 59.05 5.73 -121.24
N ARG ZC 176 59.28 6.81 -120.51
CA ARG ZC 176 58.30 7.34 -119.58
C ARG ZC 176 58.12 8.82 -119.84
N GLN ZC 177 57.23 9.43 -119.06
CA GLN ZC 177 57.15 10.89 -118.94
C GLN ZC 177 56.63 11.22 -117.55
N ASN ZC 178 57.50 11.76 -116.70
CA ASN ZC 178 57.18 12.02 -115.31
C ASN ZC 178 56.79 13.48 -115.12
N GLY ZC 179 55.78 13.70 -114.29
CA GLY ZC 179 55.30 15.03 -113.98
C GLY ZC 179 54.14 15.46 -114.85
N ALA ZC 180 54.09 16.75 -115.17
CA ALA ZC 180 53.00 17.30 -115.98
C ALA ZC 180 53.33 17.28 -117.47
N LYS ZC 181 53.73 16.10 -117.96
CA LYS ZC 181 53.97 15.81 -119.38
C LYS ZC 181 55.05 16.72 -119.99
N THR ZC 182 56.06 17.08 -119.19
CA THR ZC 182 57.03 18.07 -119.61
C THR ZC 182 58.41 17.50 -119.94
N ALA ZC 183 58.71 16.27 -119.52
CA ALA ZC 183 60.02 15.69 -119.76
C ALA ZC 183 59.89 14.19 -119.91
N TYR ZC 184 60.59 13.64 -120.91
CA TYR ZC 184 60.59 12.20 -121.14
C TYR ZC 184 61.74 11.55 -120.38
N ARG ZC 185 61.82 10.22 -120.48
CA ARG ZC 185 62.87 9.47 -119.79
C ARG ZC 185 63.14 8.19 -120.57
N VAL ZC 186 64.18 8.20 -121.39
CA VAL ZC 186 64.61 7.01 -122.12
C VAL ZC 186 65.55 6.21 -121.22
N ASN ZC 187 65.43 4.88 -121.26
CA ASN ZC 187 66.18 4.04 -120.33
C ASN ZC 187 66.57 2.74 -121.03
N LEU ZC 188 67.79 2.69 -121.54
CA LEU ZC 188 68.34 1.46 -122.11
C LEU ZC 188 69.20 0.74 -121.08
N LYS ZC 189 69.32 -0.57 -121.25
CA LYS ZC 189 70.11 -1.38 -120.32
C LYS ZC 189 70.51 -2.67 -121.02
N LEU ZC 190 71.82 -2.92 -121.12
CA LEU ZC 190 72.35 -4.07 -121.83
C LEU ZC 190 73.05 -4.98 -120.83
N ASP ZC 191 72.46 -6.14 -120.56
CA ASP ZC 191 73.07 -7.14 -119.68
C ASP ZC 191 73.85 -8.14 -120.51
N GLN ZC 192 75.06 -8.45 -120.05
CA GLN ZC 192 75.90 -9.45 -120.69
C GLN ZC 192 76.43 -10.39 -119.62
N ALA ZC 193 75.96 -11.63 -119.64
CA ALA ZC 193 76.37 -12.63 -118.67
C ALA ZC 193 77.39 -13.56 -119.30
N ASP ZC 194 78.40 -13.93 -118.52
CA ASP ZC 194 79.47 -14.81 -118.99
C ASP ZC 194 79.11 -16.25 -118.68
N VAL ZC 195 78.81 -17.03 -119.71
CA VAL ZC 195 78.45 -18.43 -119.56
C VAL ZC 195 79.67 -19.27 -119.91
N VAL ZC 196 79.84 -20.40 -119.21
CA VAL ZC 196 80.94 -21.31 -119.47
C VAL ZC 196 80.46 -22.73 -119.19
N ASP ZC 197 80.97 -23.68 -119.97
CA ASP ZC 197 80.76 -25.09 -119.70
C ASP ZC 197 82.03 -25.88 -120.01
N CYS ZC 198 82.28 -26.91 -119.21
CA CYS ZC 198 83.46 -27.75 -119.38
C CYS ZC 198 83.09 -29.22 -119.39
N SER ZC 199 82.09 -29.59 -120.21
CA SER ZC 199 81.70 -30.98 -120.35
C SER ZC 199 82.78 -31.84 -121.00
N THR ZC 200 83.74 -31.22 -121.69
CA THR ZC 200 84.93 -31.94 -122.12
C THR ZC 200 85.87 -32.21 -120.95
N SER ZC 201 85.73 -31.46 -119.85
CA SER ZC 201 86.60 -31.63 -118.69
C SER ZC 201 85.97 -32.50 -117.60
N VAL ZC 202 84.82 -32.11 -117.08
CA VAL ZC 202 84.09 -32.89 -116.09
C VAL ZC 202 82.74 -33.29 -116.69
N CYS ZC 203 82.34 -34.53 -116.49
CA CYS ZC 203 81.12 -35.03 -117.10
C CYS ZC 203 79.87 -34.54 -116.39
N GLY ZC 204 78.78 -34.49 -117.15
CA GLY ZC 204 77.47 -34.19 -116.61
C GLY ZC 204 77.29 -32.78 -116.12
N GLU ZC 205 78.05 -31.83 -116.66
CA GLU ZC 205 77.97 -30.44 -116.24
C GLU ZC 205 77.38 -29.63 -117.39
N LEU ZC 206 76.26 -28.98 -117.12
CA LEU ZC 206 75.58 -28.14 -118.09
C LEU ZC 206 76.11 -26.71 -117.99
N PRO ZC 207 75.89 -25.88 -119.01
CA PRO ZC 207 76.34 -24.48 -118.94
C PRO ZC 207 75.67 -23.69 -117.83
N LYS ZC 208 76.41 -22.72 -117.31
CA LYS ZC 208 75.93 -21.86 -116.23
C LYS ZC 208 76.65 -20.52 -116.33
N VAL ZC 209 76.06 -19.50 -115.72
CA VAL ZC 209 76.62 -18.15 -115.74
C VAL ZC 209 77.53 -17.97 -114.52
N ARG ZC 210 78.62 -17.23 -114.72
CA ARG ZC 210 79.50 -16.92 -113.60
C ARG ZC 210 79.17 -15.55 -113.01
N TYR ZC 211 79.23 -14.52 -113.85
CA TYR ZC 211 78.96 -13.14 -113.42
C TYR ZC 211 78.13 -12.46 -114.50
N THR ZC 212 77.75 -11.21 -114.24
CA THR ZC 212 77.05 -10.42 -115.23
C THR ZC 212 77.55 -8.99 -115.14
N GLN ZC 213 77.47 -8.27 -116.26
CA GLN ZC 213 77.97 -6.90 -116.35
C GLN ZC 213 76.95 -6.03 -117.08
N VAL ZC 214 76.59 -4.92 -116.46
CA VAL ZC 214 75.49 -4.08 -116.91
C VAL ZC 214 76.09 -2.80 -117.50
N TRP ZC 215 75.37 -2.21 -118.46
CA TRP ZC 215 75.67 -0.85 -118.93
C TRP ZC 215 74.32 -0.19 -119.19
N SER ZC 216 73.83 0.53 -118.18
CA SER ZC 216 72.55 1.20 -118.27
C SER ZC 216 72.71 2.58 -118.88
N HIS ZC 217 71.59 3.15 -119.32
CA HIS ZC 217 71.53 4.52 -119.79
C HIS ZC 217 70.28 5.16 -119.21
N ASP ZC 218 70.33 6.48 -119.03
CA ASP ZC 218 69.18 7.20 -118.49
C ASP ZC 218 69.19 8.60 -119.10
N VAL ZC 219 68.46 8.75 -120.20
CA VAL ZC 219 68.42 9.98 -120.96
C VAL ZC 219 67.21 10.79 -120.49
N THR ZC 220 67.42 12.07 -120.21
CA THR ZC 220 66.34 12.98 -119.84
C THR ZC 220 66.16 14.00 -120.96
N ILE ZC 221 64.98 14.01 -121.56
CA ILE ZC 221 64.68 14.89 -122.68
C ILE ZC 221 63.41 15.67 -122.34
N VAL ZC 222 63.50 16.99 -122.36
CA VAL ZC 222 62.34 17.83 -122.12
C VAL ZC 222 61.47 17.87 -123.37
N ALA ZC 223 60.17 18.09 -123.18
CA ALA ZC 223 59.20 17.88 -124.25
C ALA ZC 223 59.26 18.97 -125.31
N ASN ZC 224 59.42 20.23 -124.91
CA ASN ZC 224 59.38 21.36 -125.84
C ASN ZC 224 60.76 21.76 -126.34
N SER ZC 225 61.69 20.82 -126.43
CA SER ZC 225 63.06 21.12 -126.82
C SER ZC 225 63.17 21.31 -128.33
N THR ZC 226 64.36 21.72 -128.75
CA THR ZC 226 64.69 21.87 -130.16
C THR ZC 226 65.17 20.53 -130.69
N GLU ZC 227 65.05 20.33 -132.00
CA GLU ZC 227 65.55 19.09 -132.59
C GLU ZC 227 67.07 19.04 -132.58
N ALA ZC 228 67.73 20.15 -132.90
CA ALA ZC 228 69.19 20.19 -132.86
C ALA ZC 228 69.73 20.22 -131.45
N SER ZC 229 68.88 20.44 -130.44
CA SER ZC 229 69.30 20.26 -129.06
C SER ZC 229 69.34 18.78 -128.69
N ARG ZC 230 68.41 17.98 -129.20
CA ARG ZC 230 68.45 16.54 -128.98
C ARG ZC 230 69.45 15.87 -129.90
N LYS ZC 231 69.66 16.43 -131.09
CA LYS ZC 231 70.59 15.84 -132.05
C LYS ZC 231 72.04 16.05 -131.61
N SER ZC 232 72.32 17.17 -130.94
CA SER ZC 232 73.67 17.43 -130.47
C SER ZC 232 73.98 16.63 -129.20
N LEU ZC 233 72.98 16.39 -128.35
CA LEU ZC 233 73.19 15.57 -127.17
C LEU ZC 233 73.49 14.12 -127.53
N TYR ZC 234 72.85 13.62 -128.59
CA TYR ZC 234 73.14 12.27 -129.05
C TYR ZC 234 74.54 12.19 -129.65
N ASP ZC 235 74.90 13.16 -130.48
CA ASP ZC 235 76.21 13.16 -131.13
C ASP ZC 235 77.36 13.37 -130.17
N LEU ZC 236 77.14 14.01 -129.03
CA LEU ZC 236 78.20 14.12 -128.04
C LEU ZC 236 78.39 12.81 -127.29
N THR ZC 237 77.28 12.14 -126.92
CA THR ZC 237 77.38 10.86 -126.25
C THR ZC 237 77.86 9.76 -127.18
N LYS ZC 238 77.52 9.86 -128.47
CA LYS ZC 238 78.07 8.93 -129.45
C LYS ZC 238 79.57 9.12 -129.60
N SER ZC 239 80.03 10.37 -129.47
CA SER ZC 239 81.45 10.65 -129.54
C SER ZC 239 82.15 10.47 -128.22
N LEU ZC 240 81.42 10.45 -127.11
CA LEU ZC 240 82.05 10.23 -125.80
C LEU ZC 240 82.42 8.77 -125.61
N VAL ZC 241 81.51 7.86 -125.94
CA VAL ZC 241 81.75 6.42 -125.79
C VAL ZC 241 82.85 5.96 -126.74
N ALA ZC 242 82.95 6.57 -127.92
CA ALA ZC 242 83.95 6.16 -128.90
C ALA ZC 242 85.35 6.70 -128.64
N THR ZC 243 85.57 7.41 -127.52
CA THR ZC 243 86.91 7.87 -127.20
C THR ZC 243 87.76 6.74 -126.64
N SER ZC 244 89.06 6.99 -126.53
CA SER ZC 244 89.98 6.03 -125.97
C SER ZC 244 90.06 6.11 -124.46
N GLN ZC 245 89.44 7.12 -123.84
CA GLN ZC 245 89.53 7.27 -122.40
C GLN ZC 245 88.39 6.53 -121.69
N VAL ZC 246 87.20 6.52 -122.29
CA VAL ZC 246 86.09 5.76 -121.73
C VAL ZC 246 86.27 4.27 -121.99
N GLU ZC 247 87.07 3.91 -123.01
CA GLU ZC 247 87.47 2.52 -123.19
C GLU ZC 247 88.33 2.04 -122.03
N ASP ZC 248 89.36 2.83 -121.67
CA ASP ZC 248 90.23 2.47 -120.56
C ASP ZC 248 89.55 2.64 -119.21
N LEU ZC 249 88.50 3.46 -119.12
CA LEU ZC 249 87.75 3.57 -117.87
C LEU ZC 249 86.96 2.30 -117.59
N VAL ZC 250 86.53 1.59 -118.63
CA VAL ZC 250 85.77 0.36 -118.45
C VAL ZC 250 86.69 -0.85 -118.45
N VAL ZC 251 87.64 -0.92 -119.37
CA VAL ZC 251 88.51 -2.09 -119.47
C VAL ZC 251 89.54 -2.09 -118.36
N ASN ZC 252 90.27 -1.00 -118.18
CA ASN ZC 252 91.40 -0.96 -117.26
C ASN ZC 252 91.20 -0.07 -116.05
N LEU ZC 253 90.00 0.52 -115.88
CA LEU ZC 253 89.62 1.35 -114.73
C LEU ZC 253 90.50 2.59 -114.56
N VAL ZC 254 91.06 3.10 -115.65
CA VAL ZC 254 91.84 4.34 -115.61
C VAL ZC 254 90.86 5.51 -115.62
N PRO ZC 255 90.95 6.44 -114.66
CA PRO ZC 255 90.07 7.61 -114.67
C PRO ZC 255 90.32 8.53 -115.86
N LEU ZC 256 89.37 9.42 -116.10
CA LEU ZC 256 89.35 10.22 -117.32
C LEU ZC 256 90.32 11.39 -117.22
N GLY ZC 257 90.63 11.96 -118.38
CA GLY ZC 257 91.45 13.14 -118.45
C GLY ZC 257 92.93 12.88 -118.67
N ARG ZC 258 93.45 13.30 -119.80
CA ARG ZC 258 94.89 13.22 -120.06
C ARG ZC 258 95.44 14.58 -120.45
N SER AD 1 12.68 16.91 -151.45
CA SER AD 1 13.06 17.99 -150.57
C SER AD 1 14.56 18.25 -150.66
N LYS AD 2 15.28 18.10 -149.54
CA LYS AD 2 16.71 18.28 -149.48
C LYS AD 2 17.39 16.93 -149.48
N THR AD 3 18.35 16.74 -150.40
CA THR AD 3 18.92 15.43 -150.65
C THR AD 3 20.43 15.42 -150.45
N ILE AD 4 20.95 14.25 -150.10
CA ILE AD 4 22.38 13.94 -150.19
C ILE AD 4 22.53 12.76 -151.14
N VAL AD 5 23.55 12.80 -151.99
CA VAL AD 5 23.79 11.76 -152.98
C VAL AD 5 25.08 11.04 -152.62
N LEU AD 6 24.97 9.76 -152.29
CA LEU AD 6 26.12 8.94 -151.89
C LEU AD 6 26.42 7.96 -153.01
N SER AD 7 27.34 8.32 -153.90
CA SER AD 7 27.67 7.47 -155.03
C SER AD 7 28.64 6.38 -154.60
N VAL AD 8 28.31 5.13 -154.92
CA VAL AD 8 29.05 3.96 -154.47
C VAL AD 8 29.68 3.37 -155.72
N GLY AD 9 30.07 4.25 -156.63
CA GLY AD 9 30.59 3.84 -157.93
C GLY AD 9 29.82 4.57 -159.00
N GLU AD 10 29.05 3.84 -159.79
CA GLU AD 10 28.03 4.46 -160.64
C GLU AD 10 26.65 4.36 -160.03
N ALA AD 11 26.44 3.47 -159.06
CA ALA AD 11 25.18 3.41 -158.34
C ALA AD 11 25.12 4.52 -157.30
N THR AD 12 24.18 5.43 -157.46
CA THR AD 12 24.01 6.56 -156.56
C THR AD 12 22.77 6.30 -155.69
N ARG AD 13 22.94 6.46 -154.38
CA ARG AD 13 21.86 6.21 -153.42
C ARG AD 13 21.48 7.53 -152.79
N THR AD 14 20.36 8.10 -153.24
CA THR AD 14 19.94 9.43 -152.84
C THR AD 14 19.07 9.35 -151.59
N LEU AD 15 19.52 10.01 -150.53
CA LEU AD 15 18.75 10.11 -149.30
C LEU AD 15 17.85 11.35 -149.36
N THR AD 16 16.75 11.29 -148.62
CA THR AD 16 15.76 12.37 -148.62
C THR AD 16 15.42 12.72 -147.17
N GLU AD 17 15.35 14.02 -146.89
CA GLU AD 17 15.18 14.50 -145.53
C GLU AD 17 13.76 14.25 -145.03
N ILE AD 18 13.65 13.71 -143.82
CA ILE AD 18 12.36 13.46 -143.20
C ILE AD 18 12.16 14.23 -141.89
N GLN AD 19 13.15 15.00 -141.45
CA GLN AD 19 13.04 15.75 -140.21
C GLN AD 19 14.02 16.91 -140.24
N SER AD 20 13.61 18.04 -139.67
CA SER AD 20 14.48 19.21 -139.56
C SER AD 20 14.12 19.91 -138.26
N THR AD 21 14.85 19.58 -137.20
CA THR AD 21 14.68 20.23 -135.91
C THR AD 21 15.69 21.38 -135.88
N ALA AD 22 15.89 22.03 -134.74
CA ALA AD 22 16.90 23.09 -134.65
C ALA AD 22 18.31 22.54 -134.76
N ASP AD 23 18.54 21.36 -134.21
CA ASP AD 23 19.84 20.71 -134.32
C ASP AD 23 19.81 19.38 -135.07
N ARG AD 24 18.84 18.50 -134.77
CA ARG AD 24 18.79 17.21 -135.42
C ARG AD 24 18.25 17.33 -136.84
N GLN AD 25 18.67 16.40 -137.70
CA GLN AD 25 18.35 16.50 -139.13
C GLN AD 25 18.45 15.08 -139.70
N ILE AD 26 17.30 14.45 -139.90
CA ILE AD 26 17.22 13.02 -140.24
C ILE AD 26 16.98 12.87 -141.73
N PHE AD 27 17.75 11.98 -142.35
CA PHE AD 27 17.63 11.65 -143.77
C PHE AD 27 17.29 10.18 -143.93
N GLU AD 28 16.58 9.85 -145.00
CA GLU AD 28 16.26 8.46 -145.30
C GLU AD 28 16.29 8.23 -146.79
N GLU AD 29 16.51 6.97 -147.18
CA GLU AD 29 16.35 6.56 -148.56
C GLU AD 29 14.92 6.10 -148.76
N LYS AD 30 14.41 6.26 -149.99
CA LYS AD 30 12.99 6.07 -150.23
C LYS AD 30 12.67 4.85 -151.07
N VAL AD 31 13.67 4.15 -151.61
CA VAL AD 31 13.39 2.97 -152.41
C VAL AD 31 13.34 1.74 -151.51
N GLY AD 32 12.61 0.72 -151.94
CA GLY AD 32 12.54 -0.54 -151.23
C GLY AD 32 11.39 -0.60 -150.26
N PRO AD 33 11.44 -1.55 -149.31
CA PRO AD 33 10.39 -1.64 -148.29
C PRO AD 33 10.44 -0.51 -147.28
N LEU AD 34 9.46 -0.46 -146.38
CA LEU AD 34 9.29 0.65 -145.46
C LEU AD 34 9.75 0.34 -144.04
N VAL AD 35 10.22 -0.87 -143.77
CA VAL AD 35 10.57 -1.21 -142.40
C VAL AD 35 12.09 -1.06 -142.16
N GLY AD 36 12.92 -1.32 -143.17
CA GLY AD 36 14.34 -1.11 -143.01
C GLY AD 36 14.94 -0.28 -144.13
N ARG AD 37 15.42 0.91 -143.81
CA ARG AD 37 16.00 1.82 -144.79
C ARG AD 37 17.25 2.46 -144.21
N LEU AD 38 18.01 3.14 -145.07
CA LEU AD 38 19.13 3.93 -144.61
C LEU AD 38 18.67 5.10 -143.76
N ARG AD 39 19.61 5.61 -142.96
CA ARG AD 39 19.31 6.65 -142.00
C ARG AD 39 20.57 7.48 -141.82
N LEU AD 40 20.39 8.79 -141.66
CA LEU AD 40 21.54 9.68 -141.47
C LEU AD 40 21.10 10.77 -140.50
N THR AD 41 21.36 10.55 -139.22
CA THR AD 41 20.93 11.46 -138.17
C THR AD 41 22.05 12.47 -137.93
N ALA AD 42 22.02 13.57 -138.68
CA ALA AD 42 23.01 14.61 -138.52
C ALA AD 42 22.64 15.54 -137.36
N SER AD 43 23.63 16.27 -136.87
CA SER AD 43 23.44 17.14 -135.71
C SER AD 43 24.54 18.18 -135.71
N LEU AD 44 24.32 19.23 -134.91
CA LEU AD 44 25.30 20.28 -134.70
C LEU AD 44 24.95 20.99 -133.40
N ARG AD 45 25.98 21.37 -132.65
CA ARG AD 45 25.80 21.99 -131.33
C ARG AD 45 26.90 23.02 -131.12
N GLN AD 46 26.83 23.70 -129.97
CA GLN AD 46 27.95 24.46 -129.45
C GLN AD 46 27.85 24.44 -127.92
N ASN AD 47 28.55 23.50 -127.31
CA ASN AD 47 28.42 23.24 -125.88
C ASN AD 47 29.40 24.10 -125.09
N GLY AD 48 29.00 24.44 -123.87
CA GLY AD 48 29.83 25.23 -122.99
C GLY AD 48 29.65 26.71 -123.20
N ALA AD 49 30.74 27.47 -123.10
CA ALA AD 49 30.68 28.93 -123.25
C ALA AD 49 30.95 29.34 -124.71
N LYS AD 50 30.22 28.71 -125.61
CA LYS AD 50 30.15 29.07 -127.04
C LYS AD 50 31.50 29.01 -127.74
N THR AD 51 32.39 28.12 -127.30
CA THR AD 51 33.75 28.11 -127.81
C THR AD 51 34.07 26.95 -128.73
N ALA AD 52 33.28 25.88 -128.71
CA ALA AD 52 33.56 24.69 -129.51
C ALA AD 52 32.26 24.12 -130.03
N TYR AD 53 32.25 23.77 -131.31
CA TYR AD 53 31.09 23.12 -131.92
C TYR AD 53 31.23 21.60 -131.80
N ARG AD 54 30.18 20.90 -132.22
CA ARG AD 54 30.19 19.44 -132.14
C ARG AD 54 29.28 18.90 -133.24
N VAL AD 55 29.90 18.45 -134.33
CA VAL AD 55 29.19 17.75 -135.39
C VAL AD 55 29.01 16.29 -134.97
N ASN AD 56 27.86 15.71 -135.30
CA ASN AD 56 27.55 14.36 -134.83
C ASN AD 56 26.73 13.66 -135.91
N LEU AD 57 27.41 12.91 -136.78
CA LEU AD 57 26.75 12.11 -137.79
C LEU AD 57 26.52 10.69 -137.29
N LYS AD 58 25.58 9.99 -137.93
CA LYS AD 58 25.25 8.62 -137.54
C LYS AD 58 24.57 7.96 -138.74
N LEU AD 59 25.27 7.04 -139.40
CA LEU AD 59 24.77 6.37 -140.59
C LEU AD 59 24.32 4.96 -140.21
N ASP AD 60 23.03 4.81 -139.97
CA ASP AD 60 22.47 3.49 -139.68
C ASP AD 60 22.35 2.69 -140.97
N GLN AD 61 22.25 1.36 -140.81
CA GLN AD 61 21.99 0.47 -141.93
C GLN AD 61 21.40 -0.82 -141.39
N ALA AD 62 20.13 -1.08 -141.69
CA ALA AD 62 19.46 -2.28 -141.25
C ALA AD 62 19.40 -3.28 -142.40
N ASP AD 63 19.49 -4.56 -142.05
CA ASP AD 63 19.42 -5.64 -143.04
C ASP AD 63 18.03 -6.26 -142.96
N VAL AD 64 17.19 -5.92 -143.91
CA VAL AD 64 15.81 -6.41 -143.96
C VAL AD 64 15.76 -7.65 -144.85
N VAL AD 65 15.03 -8.66 -144.39
CA VAL AD 65 14.84 -9.90 -145.15
C VAL AD 65 13.34 -10.17 -145.23
N ASP AD 66 12.86 -10.53 -146.41
CA ASP AD 66 11.46 -10.88 -146.62
C ASP AD 66 11.38 -12.18 -147.40
N CYS AD 67 10.87 -13.22 -146.75
CA CYS AD 67 10.66 -14.53 -147.35
C CYS AD 67 9.22 -14.99 -147.17
N SER AD 68 8.27 -14.16 -147.60
CA SER AD 68 6.89 -14.60 -147.75
C SER AD 68 6.74 -15.68 -148.82
N THR AD 69 7.68 -15.76 -149.76
CA THR AD 69 7.70 -16.88 -150.71
C THR AD 69 8.02 -18.19 -150.01
N SER AD 70 8.92 -18.15 -149.03
CA SER AD 70 9.31 -19.37 -148.32
C SER AD 70 8.26 -19.74 -147.28
N VAL AD 71 8.05 -18.88 -146.29
CA VAL AD 71 7.03 -19.09 -145.28
C VAL AD 71 5.78 -18.35 -145.74
N CYS AD 72 4.70 -19.10 -145.96
CA CYS AD 72 3.46 -18.50 -146.44
C CYS AD 72 2.76 -17.75 -145.32
N GLY AD 73 2.87 -16.43 -145.34
CA GLY AD 73 2.18 -15.59 -144.39
C GLY AD 73 3.03 -14.71 -143.51
N GLU AD 74 4.29 -14.48 -143.88
CA GLU AD 74 5.17 -13.63 -143.09
C GLU AD 74 5.45 -12.34 -143.85
N LEU AD 75 5.94 -11.34 -143.10
CA LEU AD 75 6.13 -9.98 -143.60
C LEU AD 75 7.62 -9.64 -143.56
N PRO AD 76 8.06 -8.56 -144.23
CA PRO AD 76 9.47 -8.16 -144.10
C PRO AD 76 9.83 -7.73 -142.69
N LYS AD 77 11.09 -7.94 -142.34
CA LYS AD 77 11.57 -7.79 -140.97
C LYS AD 77 13.08 -7.59 -141.03
N VAL AD 78 13.60 -6.78 -140.10
CA VAL AD 78 15.02 -6.49 -140.05
C VAL AD 78 15.71 -7.45 -139.09
N ARG AD 79 16.88 -7.94 -139.48
CA ARG AD 79 17.64 -8.81 -138.59
C ARG AD 79 18.48 -7.98 -137.62
N TYR AD 80 19.39 -7.17 -138.15
CA TYR AD 80 20.35 -6.43 -137.35
C TYR AD 80 20.52 -5.04 -137.93
N THR AD 81 21.16 -4.16 -137.16
CA THR AD 81 21.53 -2.83 -137.61
C THR AD 81 23.02 -2.61 -137.37
N GLN AD 82 23.68 -1.99 -138.33
CA GLN AD 82 25.10 -1.67 -138.23
C GLN AD 82 25.27 -0.18 -138.49
N VAL AD 83 25.94 0.51 -137.55
CA VAL AD 83 26.04 1.96 -137.60
C VAL AD 83 27.49 2.35 -137.86
N TRP AD 84 27.68 3.62 -138.21
CA TRP AD 84 29.01 4.23 -138.26
C TRP AD 84 28.83 5.68 -137.81
N SER AD 85 29.05 5.93 -136.53
CA SER AD 85 28.89 7.25 -135.99
C SER AD 85 30.15 8.08 -136.18
N HIS AD 86 29.98 9.40 -136.16
CA HIS AD 86 31.08 10.35 -136.23
C HIS AD 86 30.90 11.34 -135.08
N ASP AD 87 32.01 11.89 -134.62
CA ASP AD 87 31.98 12.88 -133.54
C ASP AD 87 33.13 13.86 -133.77
N VAL AD 88 32.83 14.95 -134.44
CA VAL AD 88 33.83 15.96 -134.78
C VAL AD 88 33.76 17.07 -133.74
N THR AD 89 34.92 17.52 -133.28
CA THR AD 89 35.00 18.63 -132.34
C THR AD 89 35.78 19.77 -133.00
N ILE AD 90 35.13 20.90 -133.19
CA ILE AD 90 35.71 22.05 -133.87
C ILE AD 90 35.65 23.24 -132.93
N VAL AD 91 36.80 23.80 -132.60
CA VAL AD 91 36.85 25.01 -131.78
C VAL AD 91 36.62 26.23 -132.67
N ALA AD 92 35.97 27.23 -132.10
CA ALA AD 92 35.33 28.28 -132.91
C ALA AD 92 36.34 29.28 -133.46
N ASN AD 93 37.45 29.50 -132.78
CA ASN AD 93 38.47 30.46 -133.22
C ASN AD 93 39.56 29.81 -134.06
N SER AD 94 39.21 28.79 -134.84
CA SER AD 94 40.19 27.99 -135.56
C SER AD 94 40.70 28.74 -136.79
N THR AD 95 41.68 28.13 -137.44
CA THR AD 95 42.11 28.53 -138.77
C THR AD 95 41.35 27.69 -139.79
N GLU AD 96 41.09 28.27 -140.96
CA GLU AD 96 40.37 27.53 -141.99
C GLU AD 96 41.23 26.42 -142.59
N ALA AD 97 42.55 26.60 -142.60
CA ALA AD 97 43.42 25.51 -143.02
C ALA AD 97 43.56 24.44 -141.96
N SER AD 98 43.21 24.74 -140.71
CA SER AD 98 43.21 23.74 -139.66
C SER AD 98 41.99 22.82 -139.80
N ARG AD 99 40.83 23.40 -140.06
CA ARG AD 99 39.62 22.62 -140.28
C ARG AD 99 39.66 21.86 -141.60
N LYS AD 100 40.35 22.39 -142.60
CA LYS AD 100 40.44 21.71 -143.89
C LYS AD 100 41.39 20.52 -143.80
N SER AD 101 42.46 20.64 -143.02
CA SER AD 101 43.41 19.54 -142.89
C SER AD 101 42.83 18.40 -142.08
N LEU AD 102 42.00 18.71 -141.08
CA LEU AD 102 41.36 17.65 -140.29
C LEU AD 102 40.36 16.88 -141.14
N TYR AD 103 39.68 17.57 -142.06
CA TYR AD 103 38.79 16.88 -142.98
C TYR AD 103 39.57 16.08 -144.00
N ASP AD 104 40.71 16.60 -144.46
CA ASP AD 104 41.49 15.91 -145.48
C ASP AD 104 42.23 14.70 -144.94
N LEU AD 105 42.44 14.62 -143.63
CA LEU AD 105 43.08 13.44 -143.05
C LEU AD 105 42.07 12.34 -142.81
N THR AD 106 40.87 12.69 -142.35
CA THR AD 106 39.84 11.67 -142.12
C THR AD 106 39.26 11.17 -143.43
N LYS AD 107 39.26 12.01 -144.47
CA LYS AD 107 38.88 11.55 -145.80
C LYS AD 107 39.86 10.51 -146.35
N SER AD 108 41.13 10.63 -145.98
CA SER AD 108 42.13 9.65 -146.37
C SER AD 108 42.30 8.54 -145.36
N LEU AD 109 41.88 8.76 -144.10
CA LEU AD 109 41.87 7.67 -143.13
C LEU AD 109 40.83 6.62 -143.51
N VAL AD 110 39.63 7.06 -143.85
CA VAL AD 110 38.56 6.13 -144.20
C VAL AD 110 38.84 5.45 -145.53
N ALA AD 111 39.45 6.17 -146.47
CA ALA AD 111 39.64 5.64 -147.81
C ALA AD 111 40.86 4.73 -147.95
N THR AD 112 41.59 4.45 -146.88
CA THR AD 112 42.73 3.57 -146.99
C THR AD 112 42.29 2.11 -146.93
N SER AD 113 43.19 1.21 -147.33
CA SER AD 113 42.88 -0.20 -147.34
C SER AD 113 43.09 -0.87 -145.99
N GLN AD 114 43.57 -0.14 -144.98
CA GLN AD 114 43.75 -0.73 -143.66
C GLN AD 114 42.53 -0.54 -142.78
N VAL AD 115 41.82 0.57 -142.94
CA VAL AD 115 40.58 0.78 -142.20
C VAL AD 115 39.45 -0.03 -142.84
N GLU AD 116 39.56 -0.31 -144.14
CA GLU AD 116 38.60 -1.17 -144.81
C GLU AD 116 38.64 -2.58 -144.25
N ASP AD 117 39.84 -3.14 -144.07
CA ASP AD 117 39.96 -4.48 -143.52
C ASP AD 117 39.71 -4.52 -142.02
N LEU AD 118 39.70 -3.37 -141.35
CA LEU AD 118 39.41 -3.33 -139.93
C LEU AD 118 37.92 -3.53 -139.65
N VAL AD 119 37.05 -3.13 -140.57
CA VAL AD 119 35.62 -3.25 -140.36
C VAL AD 119 35.06 -4.43 -141.14
N VAL AD 120 35.66 -4.75 -142.28
CA VAL AD 120 35.16 -5.86 -143.07
C VAL AD 120 35.66 -7.19 -142.53
N ASN AD 121 36.97 -7.33 -142.37
CA ASN AD 121 37.58 -8.59 -141.97
C ASN AD 121 38.19 -8.54 -140.58
N LEU AD 122 38.01 -7.44 -139.85
CA LEU AD 122 38.44 -7.24 -138.46
C LEU AD 122 39.95 -7.36 -138.26
N VAL AD 123 40.73 -7.13 -139.30
CA VAL AD 123 42.19 -7.16 -139.20
C VAL AD 123 42.64 -5.87 -138.51
N PRO AD 124 43.54 -5.95 -137.52
CA PRO AD 124 43.98 -4.73 -136.83
C PRO AD 124 44.84 -3.84 -137.72
N LEU AD 125 45.10 -2.63 -137.23
CA LEU AD 125 45.74 -1.60 -138.02
C LEU AD 125 47.25 -1.75 -138.00
N GLY AD 126 47.89 -1.19 -139.03
CA GLY AD 126 49.34 -1.17 -139.10
C GLY AD 126 49.91 -2.32 -139.89
N ARG AD 127 50.69 -2.03 -140.92
CA ARG AD 127 51.38 -3.03 -141.71
C ARG AD 127 52.83 -2.65 -141.82
N ALA AD 128 53.72 -3.52 -141.34
CA ALA AD 128 55.15 -3.24 -141.30
C ALA AD 128 55.76 -3.52 -142.66
N TYR AD 129 56.03 -2.45 -143.43
CA TYR AD 129 56.70 -2.56 -144.71
C TYR AD 129 58.10 -1.98 -144.55
N GLY AD 130 59.02 -2.83 -144.09
CA GLY AD 130 60.39 -2.42 -143.86
C GLY AD 130 60.56 -1.43 -142.74
N GLY AD 131 60.27 -1.84 -141.50
CA GLY AD 131 60.39 -0.95 -140.37
C GLY AD 131 59.30 -1.15 -139.35
N SER AD 132 58.75 -0.07 -138.82
CA SER AD 132 57.68 -0.15 -137.85
C SER AD 132 56.33 -0.29 -138.54
N LYS AD 133 55.30 -0.52 -137.74
CA LYS AD 133 53.94 -0.60 -138.27
C LYS AD 133 53.45 0.81 -138.57
N THR AD 134 53.15 1.08 -139.84
CA THR AD 134 52.86 2.43 -140.31
C THR AD 134 51.51 2.48 -141.01
N ILE AD 135 50.86 3.63 -140.92
CA ILE AD 135 49.68 3.96 -141.72
C ILE AD 135 50.01 5.22 -142.51
N VAL AD 136 49.82 5.16 -143.82
CA VAL AD 136 50.13 6.28 -144.69
C VAL AD 136 48.82 6.98 -145.05
N LEU AD 137 48.72 8.26 -144.72
CA LEU AD 137 47.54 9.07 -144.98
C LEU AD 137 47.89 10.09 -146.06
N SER AD 138 47.72 9.71 -147.32
CA SER AD 138 48.05 10.58 -148.43
C SER AD 138 47.02 11.69 -148.58
N VAL AD 139 47.50 12.93 -148.68
CA VAL AD 139 46.65 14.11 -148.76
C VAL AD 139 46.90 14.66 -150.16
N GLY AD 140 47.12 13.75 -151.11
CA GLY AD 140 47.51 14.15 -152.45
C GLY AD 140 48.90 13.66 -152.77
N GLU AD 141 49.85 14.59 -152.84
CA GLU AD 141 51.26 14.22 -152.94
C GLU AD 141 51.96 14.24 -151.59
N ALA AD 142 51.38 14.89 -150.59
CA ALA AD 142 51.92 14.86 -149.25
C ALA AD 142 51.44 13.61 -148.53
N THR AD 143 52.37 12.80 -148.04
CA THR AD 143 52.07 11.59 -147.30
C THR AD 143 52.55 11.77 -145.87
N ARG AD 144 51.67 11.46 -144.91
CA ARG AD 144 51.98 11.61 -143.49
C ARG AD 144 51.87 10.24 -142.84
N THR AD 145 53.01 9.60 -142.61
CA THR AD 145 53.05 8.22 -142.13
C THR AD 145 53.08 8.20 -140.61
N LEU AD 146 52.11 7.52 -140.00
CA LEU AD 146 52.02 7.43 -138.56
C LEU AD 146 52.53 6.08 -138.08
N THR AD 147 53.53 6.12 -137.19
CA THR AD 147 54.14 4.90 -136.67
C THR AD 147 53.51 4.53 -135.33
N GLU AD 148 53.45 3.24 -135.06
CA GLU AD 148 52.81 2.74 -133.85
C GLU AD 148 53.72 2.97 -132.64
N ILE AD 149 53.14 3.50 -131.56
CA ILE AD 149 53.90 3.78 -130.36
C ILE AD 149 53.49 2.90 -129.18
N GLN AD 150 52.32 2.28 -129.21
CA GLN AD 150 51.85 1.47 -128.09
C GLN AD 150 50.73 0.56 -128.59
N SER AD 151 50.84 -0.73 -128.31
CA SER AD 151 49.82 -1.71 -128.67
C SER AD 151 49.43 -2.46 -127.40
N THR AD 152 48.44 -1.93 -126.68
CA THR AD 152 47.92 -2.55 -125.47
C THR AD 152 46.92 -3.61 -125.92
N ALA AD 153 46.31 -4.35 -124.98
CA ALA AD 153 45.32 -5.36 -125.35
C ALA AD 153 44.04 -4.71 -125.88
N ASP AD 154 43.74 -3.49 -125.46
CA ASP AD 154 42.58 -2.75 -125.95
C ASP AD 154 42.95 -1.71 -126.99
N ARG AD 155 43.86 -0.79 -126.66
CA ARG AD 155 44.15 0.32 -127.54
C ARG AD 155 45.23 -0.04 -128.55
N GLN AD 156 45.37 0.81 -129.56
CA GLN AD 156 46.46 0.71 -130.54
C GLN AD 156 46.75 2.13 -131.01
N ILE AD 157 47.71 2.77 -130.35
CA ILE AD 157 47.95 4.19 -130.53
C ILE AD 157 49.01 4.39 -131.61
N PHE AD 158 48.71 5.25 -132.58
CA PHE AD 158 49.65 5.64 -133.61
C PHE AD 158 49.98 7.12 -133.44
N GLU AD 159 51.09 7.54 -134.06
CA GLU AD 159 51.56 8.91 -133.90
C GLU AD 159 52.54 9.22 -135.02
N GLU AD 160 52.47 10.43 -135.54
CA GLU AD 160 53.48 10.90 -136.48
C GLU AD 160 54.75 11.25 -135.71
N LYS AD 161 55.89 11.18 -136.39
CA LYS AD 161 57.17 11.31 -135.71
C LYS AD 161 58.01 12.50 -136.17
N VAL AD 162 57.56 13.28 -137.12
CA VAL AD 162 58.30 14.46 -137.53
C VAL AD 162 57.83 15.66 -136.74
N GLY AD 163 58.66 16.71 -136.71
CA GLY AD 163 58.30 17.96 -136.09
C GLY AD 163 58.58 18.00 -134.61
N PRO AD 164 57.99 18.96 -133.90
CA PRO AD 164 58.19 19.05 -132.44
C PRO AD 164 57.48 17.93 -131.71
N LEU AD 165 57.87 17.75 -130.46
CA LEU AD 165 57.34 16.67 -129.64
C LEU AD 165 56.06 17.04 -128.90
N VAL AD 166 55.67 18.32 -128.91
CA VAL AD 166 54.52 18.72 -128.10
C VAL AD 166 53.20 18.50 -128.83
N GLY AD 167 53.17 18.70 -130.14
CA GLY AD 167 51.95 18.47 -130.89
C GLY AD 167 52.16 17.61 -132.12
N ARG AD 168 51.56 16.43 -132.13
CA ARG AD 168 51.68 15.51 -133.25
C ARG AD 168 50.35 14.84 -133.51
N LEU AD 169 50.24 14.18 -134.65
CA LEU AD 169 49.02 13.45 -134.99
C LEU AD 169 48.86 12.24 -134.09
N ARG AD 170 47.62 11.78 -133.97
CA ARG AD 170 47.31 10.63 -133.14
C ARG AD 170 46.27 9.77 -133.85
N LEU AD 171 46.25 8.49 -133.49
CA LEU AD 171 45.24 7.57 -134.03
C LEU AD 171 45.04 6.50 -132.96
N THR AD 172 44.00 6.65 -132.16
CA THR AD 172 43.73 5.72 -131.06
C THR AD 172 42.66 4.74 -131.52
N ALA AD 173 43.10 3.67 -132.19
CA ALA AD 173 42.19 2.62 -132.58
C ALA AD 173 41.86 1.73 -131.39
N SER AD 174 40.75 1.00 -131.50
CA SER AD 174 40.31 0.09 -130.46
C SER AD 174 39.40 -0.95 -131.10
N LEU AD 175 39.07 -1.98 -130.32
CA LEU AD 175 38.19 -3.06 -130.77
C LEU AD 175 37.68 -3.78 -129.54
N ARG AD 176 36.37 -3.89 -129.41
CA ARG AD 176 35.75 -4.54 -128.27
C ARG AD 176 34.71 -5.53 -128.77
N GLN AD 177 34.08 -6.22 -127.82
CA GLN AD 177 32.84 -6.95 -128.08
C GLN AD 177 32.04 -6.99 -126.78
N ASN AD 178 30.94 -6.25 -126.76
CA ASN AD 178 30.13 -6.09 -125.56
C ASN AD 178 28.95 -7.04 -125.58
N GLY AD 179 28.65 -7.62 -124.42
CA GLY AD 179 27.53 -8.53 -124.28
C GLY AD 179 27.93 -9.98 -124.43
N ALA AD 180 27.05 -10.79 -124.99
CA ALA AD 180 27.30 -12.22 -125.17
C ALA AD 180 27.94 -12.52 -126.51
N LYS AD 181 29.04 -11.82 -126.80
CA LYS AD 181 29.91 -12.04 -127.97
C LYS AD 181 29.14 -11.89 -129.28
N THR AD 182 28.18 -10.97 -129.33
CA THR AD 182 27.28 -10.87 -130.48
C THR AD 182 27.52 -9.65 -131.34
N ALA AD 183 28.26 -8.65 -130.86
CA ALA AD 183 28.47 -7.42 -131.63
C ALA AD 183 29.83 -6.85 -131.28
N TYR AD 184 30.56 -6.40 -132.29
CA TYR AD 184 31.85 -5.78 -132.09
C TYR AD 184 31.70 -4.27 -131.95
N ARG AD 185 32.82 -3.58 -131.73
CA ARG AD 185 32.80 -2.13 -131.57
C ARG AD 185 34.16 -1.59 -131.99
N VAL AD 186 34.26 -1.10 -133.22
CA VAL AD 186 35.47 -0.45 -133.71
C VAL AD 186 35.42 1.01 -133.31
N ASN AD 187 36.57 1.58 -132.93
CA ASN AD 187 36.60 2.93 -132.39
C ASN AD 187 37.91 3.60 -132.81
N LEU AD 188 37.86 4.39 -133.88
CA LEU AD 188 38.97 5.21 -134.30
C LEU AD 188 38.82 6.63 -133.78
N LYS AD 189 39.95 7.32 -133.63
CA LYS AD 189 39.96 8.69 -133.12
C LYS AD 189 41.24 9.37 -133.55
N LEU AD 190 41.11 10.47 -134.29
CA LEU AD 190 42.26 11.18 -134.84
C LEU AD 190 42.33 12.57 -134.22
N ASP AD 191 43.31 12.78 -133.35
CA ASP AD 191 43.54 14.09 -132.75
C ASP AD 191 44.55 14.88 -133.56
N GLN AD 192 44.24 16.16 -133.79
CA GLN AD 192 45.14 17.06 -134.50
C GLN AD 192 45.24 18.35 -133.71
N ALA AD 193 46.40 18.59 -133.12
CA ALA AD 193 46.63 19.78 -132.32
C ALA AD 193 47.41 20.80 -133.14
N ASP AD 194 47.06 22.07 -133.00
CA ASP AD 194 47.70 23.15 -133.73
C ASP AD 194 48.85 23.70 -132.88
N VAL AD 195 50.08 23.46 -133.31
CA VAL AD 195 51.26 23.94 -132.61
C VAL AD 195 51.78 25.17 -133.35
N VAL AD 196 52.31 26.13 -132.60
CA VAL AD 196 52.88 27.34 -133.17
C VAL AD 196 54.05 27.78 -132.30
N ASP AD 197 55.07 28.35 -132.94
CA ASP AD 197 56.16 28.99 -132.23
C ASP AD 197 56.60 30.25 -132.97
N CYS AD 198 56.97 31.27 -132.21
CA CYS AD 198 57.41 32.53 -132.78
C CYS AD 198 58.74 32.97 -132.19
N SER AD 199 59.72 32.06 -132.18
CA SER AD 199 61.06 32.39 -131.69
C SER AD 199 61.77 33.40 -132.58
N THR AD 200 61.33 33.58 -133.82
CA THR AD 200 61.78 34.70 -134.62
C THR AD 200 61.18 36.02 -134.16
N SER AD 201 60.07 35.96 -133.42
CA SER AD 201 59.40 37.17 -132.95
C SER AD 201 59.76 37.54 -131.52
N VAL AD 202 59.50 36.65 -130.57
CA VAL AD 202 59.89 36.85 -129.18
C VAL AD 202 60.89 35.76 -128.79
N CYS AD 203 61.95 36.15 -128.08
CA CYS AD 203 63.01 35.21 -127.75
C CYS AD 203 62.61 34.28 -126.62
N GLY AD 204 63.24 33.10 -126.61
CA GLY AD 204 63.10 32.15 -125.53
C GLY AD 204 61.75 31.50 -125.41
N GLU AD 205 61.01 31.41 -126.52
CA GLU AD 205 59.68 30.82 -126.52
C GLU AD 205 59.73 29.51 -127.30
N LEU AD 206 59.38 28.42 -126.64
CA LEU AD 206 59.36 27.11 -127.23
C LEU AD 206 57.98 26.84 -127.83
N PRO AD 207 57.86 25.86 -128.74
CA PRO AD 207 56.54 25.54 -129.31
C PRO AD 207 55.54 25.06 -128.28
N LYS AD 208 54.27 25.36 -128.55
CA LYS AD 208 53.17 24.98 -127.68
C LYS AD 208 51.91 24.83 -128.53
N VAL AD 209 50.94 24.10 -127.99
CA VAL AD 209 49.68 23.86 -128.68
C VAL AD 209 48.68 24.93 -128.29
N ARG AD 210 47.86 25.35 -129.25
CA ARG AD 210 46.79 26.31 -128.96
C ARG AD 210 45.48 25.60 -128.68
N TYR AD 211 45.01 24.80 -129.64
CA TYR AD 211 43.76 24.08 -129.53
C TYR AD 211 43.96 22.67 -130.09
N THR AD 212 42.91 21.85 -130.00
CA THR AD 212 42.94 20.53 -130.60
C THR AD 212 41.56 20.25 -131.20
N GLN AD 213 41.54 19.39 -132.22
CA GLN AD 213 40.32 19.07 -132.95
C GLN AD 213 40.25 17.57 -133.18
N VAL AD 214 39.13 16.97 -132.79
CA VAL AD 214 38.98 15.53 -132.76
C VAL AD 214 38.03 15.13 -133.90
N TRP AD 215 38.22 13.91 -134.41
CA TRP AD 215 37.25 13.28 -135.31
C TRP AD 215 37.20 11.80 -134.92
N SER AD 216 36.27 11.45 -134.05
CA SER AD 216 36.12 10.09 -133.59
C SER AD 216 35.23 9.29 -134.53
N HIS AD 217 35.30 7.97 -134.40
CA HIS AD 217 34.41 7.06 -135.10
C HIS AD 217 33.96 6.00 -134.12
N ASP AD 218 32.77 5.45 -134.35
CA ASP AD 218 32.23 4.40 -133.48
C ASP AD 218 31.38 3.48 -134.35
N VAL AD 219 32.00 2.42 -134.83
CA VAL AD 219 31.36 1.47 -135.73
C VAL AD 219 30.83 0.31 -134.91
N THR AD 220 29.57 -0.05 -135.16
CA THR AD 220 28.95 -1.20 -134.51
C THR AD 220 28.71 -2.27 -135.56
N ILE AD 221 29.32 -3.43 -135.36
CA ILE AD 221 29.23 -4.54 -136.31
C ILE AD 221 28.79 -5.77 -135.55
N VAL AD 222 27.69 -6.37 -135.97
CA VAL AD 222 27.20 -7.60 -135.35
C VAL AD 222 28.03 -8.77 -135.86
N ALA AD 223 28.11 -9.83 -135.04
CA ALA AD 223 29.08 -10.89 -135.27
C ALA AD 223 28.67 -11.79 -136.44
N ASN AD 224 27.39 -12.15 -136.54
CA ASN AD 224 26.93 -13.09 -137.55
C ASN AD 224 26.46 -12.41 -138.82
N SER AD 225 27.03 -11.26 -139.17
CA SER AD 225 26.58 -10.50 -140.32
C SER AD 225 27.13 -11.08 -141.62
N THR AD 226 26.65 -10.53 -142.72
CA THR AD 226 27.12 -10.89 -144.05
C THR AD 226 28.36 -10.06 -144.37
N GLU AD 227 29.19 -10.56 -145.28
CA GLU AD 227 30.35 -9.78 -145.69
C GLU AD 227 29.96 -8.58 -146.52
N ALA AD 228 29.02 -8.74 -147.44
CA ALA AD 228 28.56 -7.61 -148.25
C ALA AD 228 27.68 -6.64 -147.45
N SER AD 229 27.25 -7.03 -146.25
CA SER AD 229 26.61 -6.07 -145.35
C SER AD 229 27.63 -5.16 -144.70
N ARG AD 230 28.79 -5.70 -144.32
CA ARG AD 230 29.87 -4.86 -143.79
C ARG AD 230 30.59 -4.11 -144.89
N LYS AD 231 30.64 -4.69 -146.10
CA LYS AD 231 31.33 -4.04 -147.21
C LYS AD 231 30.53 -2.85 -147.73
N SER AD 232 29.20 -2.94 -147.66
CA SER AD 232 28.39 -1.82 -148.13
C SER AD 232 28.33 -0.70 -147.10
N LEU AD 233 28.40 -1.03 -145.81
CA LEU AD 233 28.43 0.00 -144.78
C LEU AD 233 29.71 0.82 -144.84
N TYR AD 234 30.83 0.16 -145.18
CA TYR AD 234 32.09 0.88 -145.34
C TYR AD 234 32.05 1.78 -146.57
N ASP AD 235 31.55 1.26 -147.69
CA ASP AD 235 31.50 2.02 -148.93
C ASP AD 235 30.52 3.18 -148.89
N LEU AD 236 29.51 3.13 -148.04
CA LEU AD 236 28.63 4.28 -147.89
C LEU AD 236 29.30 5.36 -147.05
N THR AD 237 29.98 4.98 -145.97
CA THR AD 237 30.68 5.95 -145.14
C THR AD 237 31.90 6.51 -145.85
N LYS AD 238 32.56 5.71 -146.69
CA LYS AD 238 33.64 6.22 -147.52
C LYS AD 238 33.12 7.23 -148.53
N SER AD 239 31.90 7.02 -149.02
CA SER AD 239 31.29 7.95 -149.96
C SER AD 239 30.59 9.10 -149.26
N LEU AD 240 30.28 8.97 -147.97
CA LEU AD 240 29.65 10.07 -147.25
C LEU AD 240 30.64 11.16 -146.92
N VAL AD 241 31.83 10.77 -146.42
CA VAL AD 241 32.86 11.74 -146.05
C VAL AD 241 33.39 12.46 -147.29
N ALA AD 242 33.43 11.78 -148.43
CA ALA AD 242 33.97 12.38 -149.64
C ALA AD 242 33.00 13.29 -150.36
N THR AD 243 31.80 13.54 -149.81
CA THR AD 243 30.89 14.48 -150.44
C THR AD 243 31.32 15.92 -150.17
N SER AD 244 30.67 16.84 -150.89
CA SER AD 244 30.94 18.25 -150.71
C SER AD 244 30.10 18.87 -149.59
N GLN AD 245 29.16 18.12 -149.02
CA GLN AD 245 28.31 18.67 -147.98
C GLN AD 245 28.88 18.43 -146.60
N VAL AD 246 29.52 17.28 -146.38
CA VAL AD 246 30.20 17.01 -145.12
C VAL AD 246 31.51 17.78 -145.03
N GLU AD 247 32.06 18.19 -146.18
CA GLU AD 247 33.18 19.12 -146.16
C GLU AD 247 32.76 20.49 -145.62
N ASP AD 248 31.65 21.02 -146.12
CA ASP AD 248 31.16 22.30 -145.64
C ASP AD 248 30.55 22.21 -144.25
N LEU AD 249 30.13 21.03 -143.82
CA LEU AD 249 29.64 20.88 -142.46
C LEU AD 249 30.77 21.00 -141.44
N VAL AD 250 31.98 20.62 -141.83
CA VAL AD 250 33.12 20.71 -140.93
C VAL AD 250 33.87 22.03 -141.11
N VAL AD 251 34.11 22.44 -142.35
CA VAL AD 251 34.87 23.66 -142.61
C VAL AD 251 34.03 24.90 -142.32
N ASN AD 252 32.83 24.99 -142.87
CA ASN AD 252 32.03 26.20 -142.80
C ASN AD 252 30.76 26.06 -141.97
N LEU AD 253 30.54 24.91 -141.33
CA LEU AD 253 29.39 24.64 -140.44
C LEU AD 253 28.04 24.78 -141.14
N VAL AD 254 28.00 24.54 -142.45
CA VAL AD 254 26.73 24.54 -143.18
C VAL AD 254 26.05 23.20 -142.96
N PRO AD 255 24.78 23.18 -142.51
CA PRO AD 255 24.09 21.90 -142.34
C PRO AD 255 23.83 21.19 -143.66
N LEU AD 256 23.50 19.90 -143.55
CA LEU AD 256 23.44 19.03 -144.71
C LEU AD 256 22.14 19.23 -145.49
N GLY AD 257 22.16 18.75 -146.73
CA GLY AD 257 20.97 18.77 -147.57
C GLY AD 257 20.87 19.96 -148.49
N ARG AD 258 20.93 19.72 -149.79
CA ARG AD 258 20.72 20.77 -150.78
C ARG AD 258 19.63 20.37 -151.76
N SER BD 1 115.24 94.09 36.15
CA SER BD 1 115.26 92.74 35.61
C SER BD 1 116.08 92.69 34.32
N LYS BD 2 115.53 92.02 33.31
CA LYS BD 2 116.17 91.89 32.01
C LYS BD 2 115.56 92.89 31.05
N THR BD 3 116.40 93.68 30.39
CA THR BD 3 115.94 94.81 29.59
C THR BD 3 116.42 94.69 28.15
N ILE BD 4 115.62 95.25 27.24
CA ILE BD 4 116.01 95.54 25.87
C ILE BD 4 115.90 97.04 25.67
N VAL BD 5 116.89 97.64 25.01
CA VAL BD 5 116.87 99.06 24.72
C VAL BD 5 116.61 99.25 23.23
N LEU BD 6 115.73 100.19 22.89
CA LEU BD 6 115.36 100.49 21.52
C LEU BD 6 115.62 101.97 21.28
N SER BD 7 116.77 102.29 20.69
CA SER BD 7 117.12 103.69 20.44
C SER BD 7 116.37 104.19 19.20
N VAL BD 8 115.63 105.28 19.37
CA VAL BD 8 114.78 105.82 18.31
C VAL BD 8 115.41 107.15 17.94
N GLY BD 9 116.74 107.20 18.01
CA GLY BD 9 117.48 108.42 17.82
C GLY BD 9 118.36 108.66 19.03
N GLU BD 10 118.04 109.68 19.81
CA GLU BD 10 118.63 109.84 21.14
C GLU BD 10 117.69 109.40 22.25
N ALA BD 11 116.39 109.28 21.96
CA ALA BD 11 115.44 108.78 22.94
C ALA BD 11 115.50 107.27 23.00
N THR BD 12 115.80 106.73 24.18
CA THR BD 12 115.91 105.29 24.41
C THR BD 12 114.71 104.84 25.21
N ARG BD 13 114.03 103.80 24.72
CA ARG BD 13 112.85 103.25 25.38
C ARG BD 13 113.18 101.83 25.85
N THR BD 14 113.38 101.67 27.15
CA THR BD 14 113.84 100.40 27.70
C THR BD 14 112.65 99.56 28.14
N LEU BD 15 112.53 98.36 27.58
CA LEU BD 15 111.47 97.43 27.92
C LEU BD 15 111.97 96.39 28.91
N THR BD 16 111.29 96.28 30.04
CA THR BD 16 111.69 95.33 31.09
C THR BD 16 110.78 94.12 31.04
N GLU BD 17 111.29 93.00 31.54
CA GLU BD 17 110.63 91.71 31.39
C GLU BD 17 109.60 91.50 32.48
N ILE BD 18 108.40 91.06 32.10
CA ILE BD 18 107.33 90.80 33.05
C ILE BD 18 106.89 89.35 33.07
N GLN BD 19 107.45 88.49 32.22
CA GLN BD 19 107.08 87.08 32.20
C GLN BD 19 108.21 86.30 31.55
N SER BD 20 108.45 85.08 32.04
CA SER BD 20 109.45 84.19 31.48
C SER BD 20 108.92 82.77 31.60
N THR BD 21 108.28 82.28 30.56
CA THR BD 21 107.80 80.90 30.53
C THR BD 21 108.92 80.07 29.89
N ALA BD 22 108.64 78.81 29.54
CA ALA BD 22 109.66 77.99 28.89
C ALA BD 22 109.95 78.49 27.48
N ASP BD 23 108.92 78.98 26.80
CA ASP BD 23 109.09 79.55 25.46
C ASP BD 23 108.70 81.02 25.38
N ARG BD 24 107.57 81.42 25.94
CA ARG BD 24 107.12 82.80 25.83
C ARG BD 24 107.91 83.69 26.78
N GLN BD 25 108.04 84.96 26.40
CA GLN BD 25 108.92 85.88 27.12
C GLN BD 25 108.42 87.30 26.81
N ILE BD 26 107.70 87.89 27.75
CA ILE BD 26 106.96 89.13 27.53
C ILE BD 26 107.72 90.29 28.14
N PHE BD 27 107.89 91.36 27.37
CA PHE BD 27 108.51 92.59 27.83
C PHE BD 27 107.51 93.72 27.81
N GLU BD 28 107.71 94.71 28.67
CA GLU BD 28 106.88 95.90 28.69
C GLU BD 28 107.73 97.10 29.07
N GLU BD 29 107.31 98.28 28.61
CA GLU BD 29 107.88 99.53 29.06
C GLU BD 29 107.12 99.98 30.30
N LYS BD 30 107.84 100.61 31.23
CA LYS BD 30 107.27 100.95 32.53
C LYS BD 30 106.95 102.43 32.68
N VAL BD 31 107.27 103.27 31.71
CA VAL BD 31 107.00 104.69 31.80
C VAL BD 31 105.59 104.98 31.29
N GLY BD 32 104.81 105.73 32.08
CA GLY BD 32 103.52 106.19 31.64
C GLY BD 32 102.36 105.59 32.41
N PRO BD 33 101.15 105.69 31.85
CA PRO BD 33 99.98 105.08 32.49
C PRO BD 33 100.01 103.57 32.46
N LEU BD 34 99.16 102.95 33.27
CA LEU BD 34 99.20 101.50 33.47
C LEU BD 34 98.34 100.72 32.49
N VAL BD 35 97.58 101.39 31.62
CA VAL BD 35 96.61 100.68 30.81
C VAL BD 35 97.13 100.44 29.39
N GLY BD 36 97.89 101.37 28.82
CA GLY BD 36 98.45 101.15 27.50
C GLY BD 36 99.95 101.36 27.48
N ARG BD 37 100.69 100.29 27.24
CA ARG BD 37 102.15 100.33 27.23
C ARG BD 37 102.66 99.50 26.05
N LEU BD 38 103.97 99.61 25.81
CA LEU BD 38 104.61 98.79 24.78
C LEU BD 38 104.63 97.33 25.21
N ARG BD 39 104.78 96.45 24.23
CA ARG BD 39 104.71 95.02 24.47
C ARG BD 39 105.60 94.32 23.46
N LEU BD 40 106.26 93.25 23.90
CA LEU BD 40 107.17 92.52 23.03
C LEU BD 40 107.09 91.05 23.44
N THR BD 41 106.25 90.29 22.74
CA THR BD 41 105.99 88.89 23.09
C THR BD 41 106.94 88.02 22.26
N ALA BD 42 108.16 87.84 22.75
CA ALA BD 42 109.11 86.97 22.11
C ALA BD 42 108.78 85.51 22.37
N SER BD 43 109.30 84.64 21.51
CA SER BD 43 109.08 83.20 21.63
C SER BD 43 110.16 82.47 20.85
N LEU BD 44 110.19 81.16 21.04
CA LEU BD 44 111.10 80.26 20.32
C LEU BD 44 110.57 78.84 20.46
N ARG BD 45 110.70 78.05 19.39
CA ARG BD 45 110.19 76.70 19.36
C ARG BD 45 111.13 75.83 18.54
N GLN BD 46 110.82 74.53 18.48
CA GLN BD 46 111.39 73.63 17.48
C GLN BD 46 110.35 72.54 17.20
N ASN BD 47 109.55 72.76 16.16
CA ASN BD 47 108.43 71.90 15.85
C ASN BD 47 108.85 70.82 14.85
N GLY BD 48 108.21 69.66 14.97
CA GLY BD 48 108.47 68.55 14.07
C GLY BD 48 109.53 67.62 14.61
N ALA BD 49 110.41 67.14 13.73
CA ALA BD 49 111.46 66.21 14.14
C ALA BD 49 112.75 66.95 14.50
N LYS BD 50 112.58 67.98 15.33
CA LYS BD 50 113.66 68.72 15.99
C LYS BD 50 114.67 69.32 15.00
N THR BD 51 114.23 69.67 13.79
CA THR BD 51 115.14 70.12 12.76
C THR BD 51 114.98 71.58 12.37
N ALA BD 52 113.88 72.23 12.73
CA ALA BD 52 113.62 73.60 12.35
C ALA BD 52 113.13 74.38 13.55
N TYR BD 53 113.75 75.52 13.82
CA TYR BD 53 113.32 76.40 14.89
C TYR BD 53 112.31 77.41 14.36
N ARG BD 54 111.75 78.20 15.28
CA ARG BD 54 110.75 79.20 14.89
C ARG BD 54 110.79 80.35 15.88
N VAL BD 55 111.48 81.42 15.51
CA VAL BD 55 111.45 82.65 16.26
C VAL BD 55 110.16 83.39 15.95
N ASN BD 56 109.56 84.02 16.96
CA ASN BD 56 108.24 84.64 16.79
C ASN BD 56 108.17 85.87 17.69
N LEU BD 57 108.47 87.04 17.13
CA LEU BD 57 108.34 88.29 17.83
C LEU BD 57 107.01 88.95 17.52
N LYS BD 58 106.59 89.87 18.39
CA LYS BD 58 105.31 90.56 18.23
C LYS BD 58 105.39 91.87 19.03
N LEU BD 59 105.48 92.99 18.34
CA LEU BD 59 105.61 94.30 18.97
C LEU BD 59 104.26 95.01 18.92
N ASP BD 60 103.48 94.87 19.98
CA ASP BD 60 102.23 95.61 20.09
C ASP BD 60 102.52 97.07 20.40
N GLN BD 61 101.56 97.94 20.07
CA GLN BD 61 101.63 99.34 20.46
C GLN BD 61 100.21 99.88 20.50
N ALA BD 62 99.76 100.26 21.69
CA ALA BD 62 98.43 100.82 21.89
C ALA BD 62 98.54 102.34 22.01
N ASP BD 63 97.55 103.04 21.46
CA ASP BD 63 97.50 104.50 21.53
C ASP BD 63 96.50 104.88 22.61
N VAL BD 64 97.00 105.21 23.78
CA VAL BD 64 96.17 105.56 24.92
C VAL BD 64 95.87 107.06 24.85
N VAL BD 65 94.65 107.43 25.26
CA VAL BD 65 94.24 108.83 25.32
C VAL BD 65 93.62 109.08 26.69
N ASP BD 66 93.97 110.20 27.31
CA ASP BD 66 93.46 110.57 28.62
C ASP BD 66 93.03 112.02 28.58
N CYS BD 67 91.71 112.25 28.65
CA CYS BD 67 91.13 113.59 28.64
C CYS BD 67 90.19 113.78 29.81
N SER BD 68 90.70 113.52 31.02
CA SER BD 68 90.00 113.94 32.23
C SER BD 68 89.96 115.45 32.38
N THR BD 69 90.85 116.18 31.69
CA THR BD 69 90.78 117.64 31.68
C THR BD 69 89.57 118.13 30.91
N SER BD 70 89.20 117.44 29.83
CA SER BD 70 88.07 117.84 29.02
C SER BD 70 86.76 117.31 29.60
N VAL BD 71 86.62 116.00 29.68
CA VAL BD 71 85.43 115.38 30.26
C VAL BD 71 85.71 115.14 31.74
N CYS BD 72 84.88 115.72 32.60
CA CYS BD 72 85.08 115.62 34.04
C CYS BD 72 84.65 114.25 34.53
N GLY BD 73 85.61 113.45 34.97
CA GLY BD 73 85.34 112.16 35.56
C GLY BD 73 85.62 110.95 34.70
N GLU BD 74 86.47 111.08 33.68
CA GLU BD 74 86.81 109.95 32.84
C GLU BD 74 88.26 109.55 33.08
N LEU BD 75 88.59 108.33 32.66
CA LEU BD 75 89.86 107.70 32.95
C LEU BD 75 90.64 107.48 31.66
N PRO BD 76 91.94 107.22 31.70
CA PRO BD 76 92.67 106.87 30.46
C PRO BD 76 92.19 105.57 29.85
N LYS BD 77 92.34 105.48 28.53
CA LYS BD 77 91.73 104.43 27.73
C LYS BD 77 92.46 104.36 26.40
N VAL BD 78 92.57 103.15 25.85
CA VAL BD 78 93.26 102.94 24.58
C VAL BD 78 92.24 102.96 23.45
N ARG BD 79 92.60 103.59 22.33
CA ARG BD 79 91.73 103.58 21.17
C ARG BD 79 91.94 102.33 20.34
N TYR BD 80 93.17 102.14 19.84
CA TYR BD 80 93.49 101.07 18.91
C TYR BD 80 94.86 100.49 19.27
N THR BD 81 95.15 99.33 18.68
CA THR BD 81 96.47 98.71 18.80
C THR BD 81 97.00 98.43 17.41
N GLN BD 82 98.30 98.68 17.22
CA GLN BD 82 98.98 98.41 15.96
C GLN BD 82 100.18 97.52 16.25
N VAL BD 83 100.24 96.36 15.61
CA VAL BD 83 101.26 95.37 15.89
C VAL BD 83 102.21 95.27 14.70
N TRP BD 84 103.33 94.60 14.93
CA TRP BD 84 104.28 94.25 13.86
C TRP BD 84 104.88 92.91 14.26
N SER BD 85 104.31 91.83 13.76
CA SER BD 85 104.80 90.51 14.10
C SER BD 85 106.00 90.13 13.23
N HIS BD 86 106.70 89.09 13.66
CA HIS BD 86 107.77 88.48 12.89
C HIS BD 86 107.61 86.97 12.99
N ASP BD 87 108.13 86.26 11.99
CA ASP BD 87 108.08 84.80 11.98
C ASP BD 87 109.30 84.30 11.22
N VAL BD 88 110.35 84.01 11.97
CA VAL BD 88 111.61 83.56 11.39
C VAL BD 88 111.64 82.03 11.46
N THR BD 89 112.05 81.39 10.36
CA THR BD 89 112.20 79.94 10.33
C THR BD 89 113.66 79.62 10.08
N ILE BD 90 114.28 78.93 11.04
CA ILE BD 90 115.69 78.58 10.98
C ILE BD 90 115.81 77.07 11.06
N VAL BD 91 116.43 76.48 10.06
CA VAL BD 91 116.72 75.05 10.10
C VAL BD 91 118.01 74.81 10.86
N ALA BD 92 118.05 73.68 11.59
CA ALA BD 92 119.07 73.52 12.62
C ALA BD 92 120.45 73.21 12.06
N ASN BD 93 120.52 72.55 10.91
CA ASN BD 93 121.80 72.16 10.31
C ASN BD 93 122.35 73.22 9.36
N SER BD 94 122.00 74.49 9.57
CA SER BD 94 122.45 75.56 8.70
C SER BD 94 123.92 75.86 8.94
N THR BD 95 124.49 76.65 8.03
CA THR BD 95 125.77 77.29 8.27
C THR BD 95 125.52 78.66 8.91
N GLU BD 96 126.56 79.20 9.53
CA GLU BD 96 126.39 80.46 10.25
C GLU BD 96 126.23 81.64 9.30
N ALA BD 97 126.83 81.56 8.12
CA ALA BD 97 126.67 82.63 7.14
C ALA BD 97 125.28 82.64 6.52
N SER BD 98 124.54 81.53 6.59
CA SER BD 98 123.16 81.53 6.14
C SER BD 98 122.27 82.29 7.11
N ARG BD 99 122.42 82.02 8.41
CA ARG BD 99 121.65 82.70 9.43
C ARG BD 99 122.06 84.16 9.59
N LYS BD 100 123.30 84.50 9.28
CA LYS BD 100 123.75 85.88 9.40
C LYS BD 100 123.26 86.72 8.22
N SER BD 101 123.24 86.14 7.01
CA SER BD 101 122.81 86.90 5.85
C SER BD 101 121.30 87.11 5.86
N LEU BD 102 120.55 86.14 6.38
CA LEU BD 102 119.10 86.30 6.50
C LEU BD 102 118.75 87.42 7.48
N TYR BD 103 119.56 87.56 8.54
CA TYR BD 103 119.37 88.69 9.44
C TYR BD 103 119.83 89.99 8.80
N ASP BD 104 120.95 89.95 8.08
CA ASP BD 104 121.50 91.16 7.46
C ASP BD 104 120.65 91.68 6.31
N LEU BD 105 119.89 90.82 5.65
CA LEU BD 105 119.01 91.29 4.59
C LEU BD 105 117.73 91.87 5.16
N THR BD 106 117.21 91.27 6.23
CA THR BD 106 115.98 91.79 6.84
C THR BD 106 116.24 93.03 7.67
N LYS BD 107 117.46 93.19 8.20
CA LYS BD 107 117.83 94.42 8.85
C LYS BD 107 117.88 95.58 7.85
N SER BD 108 118.28 95.28 6.61
CA SER BD 108 118.29 96.28 5.56
C SER BD 108 116.98 96.36 4.79
N LEU BD 109 116.10 95.36 4.92
CA LEU BD 109 114.78 95.45 4.33
C LEU BD 109 113.93 96.49 5.07
N VAL BD 110 113.96 96.44 6.40
CA VAL BD 110 113.15 97.37 7.19
C VAL BD 110 113.74 98.77 7.10
N ALA BD 111 115.05 98.90 6.99
CA ALA BD 111 115.69 100.21 7.04
C ALA BD 111 115.63 100.98 5.74
N THR BD 112 115.00 100.45 4.69
CA THR BD 112 114.93 101.18 3.43
C THR BD 112 113.76 102.14 3.42
N SER BD 113 113.77 103.04 2.45
CA SER BD 113 112.74 104.07 2.34
C SER BD 113 111.47 103.56 1.66
N GLN BD 114 111.46 102.33 1.15
CA GLN BD 114 110.27 101.83 0.47
C GLN BD 114 109.36 101.06 1.42
N VAL BD 115 109.91 100.44 2.45
CA VAL BD 115 109.08 99.79 3.45
C VAL BD 115 108.60 100.81 4.47
N GLU BD 116 109.35 101.91 4.65
CA GLU BD 116 108.89 103.01 5.49
C GLU BD 116 107.62 103.64 4.94
N ASP BD 117 107.60 103.92 3.64
CA ASP BD 117 106.40 104.47 3.02
C ASP BD 117 105.28 103.44 2.88
N LEU BD 118 105.61 102.15 2.95
CA LEU BD 118 104.59 101.12 2.83
C LEU BD 118 103.74 101.01 4.08
N VAL BD 119 104.30 101.30 5.26
CA VAL BD 119 103.55 101.14 6.50
C VAL BD 119 103.09 102.50 7.02
N VAL BD 120 103.73 103.58 6.59
CA VAL BD 120 103.28 104.90 7.02
C VAL BD 120 102.25 105.47 6.06
N ASN BD 121 102.58 105.54 4.78
CA ASN BD 121 101.73 106.19 3.79
C ASN BD 121 101.06 105.21 2.84
N LEU BD 122 101.20 103.90 3.09
CA LEU BD 122 100.53 102.82 2.37
C LEU BD 122 100.92 102.75 0.89
N VAL BD 123 102.06 103.30 0.53
CA VAL BD 123 102.54 103.29 -0.86
C VAL BD 123 103.06 101.89 -1.18
N PRO BD 124 102.71 101.30 -2.32
CA PRO BD 124 103.21 99.96 -2.66
C PRO BD 124 104.71 99.96 -2.95
N LEU BD 125 105.26 98.75 -3.03
CA LEU BD 125 106.69 98.56 -3.13
C LEU BD 125 107.17 98.71 -4.57
N GLY BD 126 108.46 99.00 -4.71
CA GLY BD 126 109.07 99.08 -6.02
C GLY BD 126 109.12 100.49 -6.56
N ARG BD 127 110.31 100.96 -6.92
CA ARG BD 127 110.49 102.28 -7.49
C ARG BD 127 111.37 102.15 -8.73
N ALA BD 128 110.80 102.38 -9.90
CA ALA BD 128 111.50 102.19 -11.17
C ALA BD 128 112.42 103.37 -11.42
N TYR BD 129 113.72 103.16 -11.20
CA TYR BD 129 114.74 104.17 -11.47
C TYR BD 129 115.55 103.71 -12.68
N GLY BD 130 115.04 104.02 -13.87
CA GLY BD 130 115.69 103.65 -15.12
C GLY BD 130 115.70 102.17 -15.38
N GLY BD 131 114.53 101.58 -15.59
CA GLY BD 131 114.44 100.15 -15.83
C GLY BD 131 113.21 99.52 -15.22
N SER BD 132 113.39 98.40 -14.52
CA SER BD 132 112.28 97.72 -13.88
C SER BD 132 112.05 98.29 -12.48
N LYS BD 133 110.96 97.86 -11.85
CA LYS BD 133 110.68 98.23 -10.47
C LYS BD 133 111.59 97.42 -9.55
N THR BD 134 112.51 98.10 -8.87
CA THR BD 134 113.57 97.44 -8.14
C THR BD 134 113.60 97.88 -6.68
N ILE BD 135 114.10 96.99 -5.83
CA ILE BD 135 114.40 97.28 -4.43
C ILE BD 135 115.88 96.99 -4.23
N VAL BD 136 116.58 97.90 -3.58
CA VAL BD 136 118.01 97.73 -3.29
C VAL BD 136 118.17 97.45 -1.81
N LEU BD 137 118.78 96.31 -1.48
CA LEU BD 137 119.02 95.89 -0.10
C LEU BD 137 120.52 95.91 0.14
N SER BD 138 121.03 97.06 0.57
CA SER BD 138 122.46 97.22 0.81
C SER BD 138 122.89 96.50 2.08
N VAL BD 139 123.95 95.70 1.98
CA VAL BD 139 124.45 94.92 3.11
C VAL BD 139 125.83 95.51 3.43
N GLY BD 140 125.95 96.82 3.26
CA GLY BD 140 127.23 97.49 3.39
C GLY BD 140 127.64 98.11 2.07
N GLU BD 141 128.66 97.55 1.42
CA GLU BD 141 128.98 97.92 0.06
C GLU BD 141 128.42 96.94 -0.97
N ALA BD 142 128.01 95.75 -0.53
CA ALA BD 142 127.33 94.82 -1.43
C ALA BD 142 125.85 95.17 -1.49
N THR BD 143 125.36 95.46 -2.70
CA THR BD 143 123.97 95.81 -2.92
C THR BD 143 123.32 94.70 -3.72
N ARG BD 144 122.17 94.22 -3.25
CA ARG BD 144 121.45 93.12 -3.89
C ARG BD 144 120.12 93.66 -4.39
N THR BD 145 120.00 93.79 -5.71
CA THR BD 145 118.88 94.47 -6.35
C THR BD 145 117.84 93.44 -6.79
N LEU BD 146 116.67 93.48 -6.18
CA LEU BD 146 115.58 92.58 -6.54
C LEU BD 146 114.60 93.27 -7.48
N THR BD 147 114.34 92.65 -8.62
CA THR BD 147 113.46 93.21 -9.63
C THR BD 147 112.10 92.52 -9.57
N GLU BD 148 111.05 93.28 -9.88
CA GLU BD 148 109.69 92.79 -9.77
C GLU BD 148 109.36 91.82 -10.89
N ILE BD 149 108.80 90.67 -10.53
CA ILE BD 149 108.46 89.65 -11.52
C ILE BD 149 106.96 89.47 -11.70
N GLN BD 150 106.14 89.91 -10.75
CA GLN BD 150 104.70 89.70 -10.83
C GLN BD 150 104.02 90.69 -9.90
N SER BD 151 102.99 91.37 -10.41
CA SER BD 151 102.20 92.31 -9.62
C SER BD 151 100.73 91.93 -9.80
N THR BD 152 100.26 91.01 -8.97
CA THR BD 152 98.86 90.59 -8.98
C THR BD 152 98.08 91.64 -8.17
N ALA BD 153 96.76 91.51 -8.09
CA ALA BD 153 95.95 92.45 -7.33
C ALA BD 153 96.21 92.33 -5.83
N ASP BD 154 96.61 91.15 -5.37
CA ASP BD 154 96.96 90.93 -3.97
C ASP BD 154 98.47 90.90 -3.75
N ARG BD 155 99.18 90.01 -4.46
CA ARG BD 155 100.60 89.83 -4.20
C ARG BD 155 101.44 90.79 -5.03
N GLN BD 156 102.70 90.91 -4.65
CA GLN BD 156 103.67 91.70 -5.40
C GLN BD 156 105.04 91.06 -5.19
N ILE BD 157 105.42 90.17 -6.10
CA ILE BD 157 106.58 89.30 -5.90
C ILE BD 157 107.81 89.96 -6.52
N PHE BD 158 108.87 90.07 -5.73
CA PHE BD 158 110.17 90.52 -6.19
C PHE BD 158 111.14 89.34 -6.15
N GLU BD 159 112.22 89.46 -6.92
CA GLU BD 159 113.18 88.37 -7.03
C GLU BD 159 114.49 88.92 -7.58
N GLU BD 160 115.60 88.41 -7.07
CA GLU BD 160 116.90 88.74 -7.62
C GLU BD 160 117.11 87.97 -8.92
N LYS BD 161 118.03 88.47 -9.75
CA LYS BD 161 118.18 87.95 -11.10
C LYS BD 161 119.56 87.41 -11.41
N VAL BD 162 120.55 87.64 -10.55
CA VAL BD 162 121.87 87.08 -10.79
C VAL BD 162 121.94 85.65 -10.25
N GLY BD 163 122.88 84.87 -10.79
CA GLY BD 163 123.11 83.53 -10.33
C GLY BD 163 122.27 82.49 -11.03
N PRO BD 164 122.19 81.28 -10.47
CA PRO BD 164 121.37 80.23 -11.07
C PRO BD 164 119.89 80.52 -10.91
N LEU BD 165 119.09 79.79 -11.68
CA LEU BD 165 117.65 79.98 -11.68
C LEU BD 165 116.94 79.16 -10.62
N VAL BD 166 117.63 78.25 -9.94
CA VAL BD 166 116.95 77.32 -9.06
C VAL BD 166 116.72 77.93 -7.67
N GLY BD 167 117.68 78.68 -7.14
CA GLY BD 167 117.48 79.33 -5.86
C GLY BD 167 117.84 80.80 -5.89
N ARG BD 168 116.86 81.65 -5.64
CA ARG BD 168 117.06 83.10 -5.67
C ARG BD 168 116.27 83.72 -4.52
N LEU BD 169 116.58 84.99 -4.25
CA LEU BD 169 115.87 85.73 -3.22
C LEU BD 169 114.43 86.00 -3.64
N ARG BD 170 113.56 86.16 -2.65
CA ARG BD 170 112.16 86.44 -2.90
C ARG BD 170 111.71 87.54 -1.96
N LEU BD 171 110.65 88.24 -2.36
CA LEU BD 171 110.05 89.26 -1.51
C LEU BD 171 108.57 89.31 -1.90
N THR BD 172 107.73 88.64 -1.12
CA THR BD 172 106.30 88.53 -1.42
C THR BD 172 105.57 89.51 -0.53
N ALA BD 173 105.42 90.75 -1.02
CA ALA BD 173 104.61 91.72 -0.31
C ALA BD 173 103.14 91.49 -0.59
N SER BD 174 102.30 91.98 0.32
CA SER BD 174 100.86 91.93 0.14
C SER BD 174 100.25 93.07 0.94
N LEU BD 175 98.95 93.30 0.74
CA LEU BD 175 98.24 94.36 1.43
C LEU BD 175 96.75 94.05 1.35
N ARG BD 176 96.10 93.94 2.50
CA ARG BD 176 94.68 93.62 2.57
C ARG BD 176 93.99 94.63 3.46
N GLN BD 177 92.67 94.48 3.56
CA GLN BD 177 91.89 95.16 4.59
C GLN BD 177 90.68 94.29 4.92
N ASN BD 178 90.66 93.76 6.14
CA ASN BD 178 89.63 92.82 6.56
C ASN BD 178 88.58 93.53 7.40
N GLY BD 179 87.33 93.12 7.22
CA GLY BD 179 86.23 93.66 7.99
C GLY BD 179 85.57 94.84 7.32
N ALA BD 180 85.10 95.80 8.11
CA ALA BD 180 84.41 96.97 7.58
C ALA BD 180 85.38 98.12 7.32
N LYS BD 181 86.45 97.83 6.59
CA LYS BD 181 87.43 98.80 6.08
C LYS BD 181 88.10 99.59 7.21
N THR BD 182 88.29 98.96 8.37
CA THR BD 182 88.84 99.64 9.54
C THR BD 182 90.33 99.42 9.72
N ALA BD 183 90.87 98.30 9.29
CA ALA BD 183 92.27 97.98 9.55
C ALA BD 183 92.91 97.38 8.31
N TYR BD 184 94.14 97.78 8.04
CA TYR BD 184 94.92 97.22 6.93
C TYR BD 184 95.75 96.04 7.42
N ARG BD 185 96.46 95.40 6.49
CA ARG BD 185 97.29 94.26 6.84
C ARG BD 185 98.43 94.16 5.82
N VAL BD 186 99.59 94.66 6.19
CA VAL BD 186 100.79 94.53 5.36
C VAL BD 186 101.45 93.20 5.67
N ASN BD 187 102.03 92.57 4.64
CA ASN BD 187 102.58 91.23 4.83
C ASN BD 187 103.78 91.04 3.90
N LEU BD 188 104.97 91.25 4.44
CA LEU BD 188 106.21 90.97 3.72
C LEU BD 188 106.71 89.57 4.07
N LYS BD 189 107.60 89.04 3.22
CA LYS BD 189 108.15 87.70 3.41
C LYS BD 189 109.41 87.57 2.58
N LEU BD 190 110.53 87.23 3.20
CA LEU BD 190 111.82 87.14 2.52
C LEU BD 190 112.30 85.70 2.54
N ASP BD 191 112.22 85.04 1.38
CA ASP BD 191 112.71 83.67 1.23
C ASP BD 191 114.18 83.69 0.82
N GLN BD 192 114.99 82.91 1.53
CA GLN BD 192 116.38 82.73 1.15
C GLN BD 192 116.68 81.24 1.12
N ALA BD 193 117.02 80.72 -0.05
CA ALA BD 193 117.37 79.32 -0.22
C ALA BD 193 118.88 79.20 -0.40
N ASP BD 194 119.47 78.19 0.23
CA ASP BD 194 120.90 77.95 0.13
C ASP BD 194 121.16 76.99 -1.03
N VAL BD 195 121.76 77.49 -2.09
CA VAL BD 195 122.07 76.69 -3.27
C VAL BD 195 123.55 76.35 -3.24
N VAL BD 196 123.88 75.14 -3.68
CA VAL BD 196 125.27 74.68 -3.76
C VAL BD 196 125.42 73.87 -5.04
N ASP BD 197 126.60 73.95 -5.64
CA ASP BD 197 126.93 73.14 -6.80
C ASP BD 197 128.22 72.37 -6.57
N CYS BD 198 128.18 71.08 -6.87
CA CYS BD 198 129.30 70.18 -6.63
C CYS BD 198 129.87 69.66 -7.95
N SER BD 199 129.89 70.51 -8.98
CA SER BD 199 130.40 70.11 -10.28
C SER BD 199 131.92 69.98 -10.29
N THR BD 200 132.61 70.64 -9.36
CA THR BD 200 134.05 70.44 -9.25
C THR BD 200 134.38 69.15 -8.51
N SER BD 201 133.42 68.58 -7.80
CA SER BD 201 133.59 67.33 -7.08
C SER BD 201 132.95 66.15 -7.79
N VAL BD 202 131.67 66.24 -8.11
CA VAL BD 202 130.93 65.19 -8.80
C VAL BD 202 130.56 65.69 -10.18
N CYS BD 203 130.90 64.90 -11.20
CA CYS BD 203 130.60 65.29 -12.58
C CYS BD 203 129.11 65.21 -12.88
N GLY BD 204 128.66 66.11 -13.75
CA GLY BD 204 127.27 66.15 -14.16
C GLY BD 204 126.32 66.59 -13.07
N GLU BD 205 126.78 67.39 -12.12
CA GLU BD 205 125.96 67.82 -10.99
C GLU BD 205 125.57 69.27 -11.20
N LEU BD 206 124.29 69.51 -11.43
CA LEU BD 206 123.73 70.84 -11.54
C LEU BD 206 123.41 71.38 -10.14
N PRO BD 207 123.30 72.71 -9.99
CA PRO BD 207 123.00 73.26 -8.66
C PRO BD 207 121.62 72.86 -8.14
N LYS BD 208 121.51 72.81 -6.83
CA LYS BD 208 120.28 72.44 -6.15
C LYS BD 208 120.25 73.14 -4.79
N VAL BD 209 119.06 73.21 -4.21
CA VAL BD 209 118.83 73.89 -2.94
C VAL BD 209 118.90 72.88 -1.81
N ARG BD 210 119.57 73.26 -0.72
CA ARG BD 210 119.61 72.42 0.47
C ARG BD 210 118.37 72.65 1.33
N TYR BD 211 118.20 73.87 1.82
CA TYR BD 211 117.12 74.23 2.73
C TYR BD 211 116.61 75.61 2.32
N THR BD 212 115.70 76.15 3.13
CA THR BD 212 115.27 77.53 2.94
C THR BD 212 114.95 78.13 4.31
N GLN BD 213 115.05 79.45 4.41
CA GLN BD 213 114.83 80.17 5.65
C GLN BD 213 114.05 81.44 5.36
N VAL BD 214 112.95 81.63 6.08
CA VAL BD 214 112.06 82.74 5.82
C VAL BD 214 112.23 83.79 6.92
N TRP BD 215 111.73 84.99 6.66
CA TRP BD 215 111.53 86.02 7.68
C TRP BD 215 110.32 86.82 7.21
N SER BD 216 109.15 86.38 7.64
CA SER BD 216 107.93 87.07 7.22
C SER BD 216 107.53 88.12 8.25
N HIS BD 217 106.72 89.06 7.80
CA HIS BD 217 106.24 90.15 8.64
C HIS BD 217 104.73 90.23 8.51
N ASP BD 218 104.09 90.76 9.55
CA ASP BD 218 102.63 90.91 9.52
C ASP BD 218 102.29 92.16 10.34
N VAL BD 219 102.14 93.28 9.65
CA VAL BD 219 101.84 94.56 10.28
C VAL BD 219 100.34 94.78 10.22
N THR BD 220 99.77 95.22 11.34
CA THR BD 220 98.35 95.55 11.41
C THR BD 220 98.22 97.04 11.68
N ILE BD 221 97.60 97.76 10.75
CA ILE BD 221 97.47 99.20 10.83
C ILE BD 221 95.98 99.54 10.68
N VAL BD 222 95.43 100.22 11.68
CA VAL BD 222 94.05 100.66 11.60
C VAL BD 222 93.97 101.92 10.75
N ALA BD 223 92.84 102.10 10.07
CA ALA BD 223 92.76 103.07 8.98
C ALA BD 223 92.69 104.50 9.49
N ASN BD 224 92.13 104.72 10.68
CA ASN BD 224 91.97 106.06 11.24
C ASN BD 224 93.12 106.45 12.16
N SER BD 225 94.33 105.97 11.88
CA SER BD 225 95.48 106.18 12.74
C SER BD 225 95.97 107.63 12.66
N THR BD 226 96.84 107.96 13.61
CA THR BD 226 97.64 109.17 13.52
C THR BD 226 98.86 108.83 12.67
N GLU BD 227 99.43 109.83 12.00
CA GLU BD 227 100.63 109.59 11.21
C GLU BD 227 101.82 109.25 12.11
N ALA BD 228 101.98 109.97 13.22
CA ALA BD 228 103.04 109.65 14.16
C ALA BD 228 102.77 108.37 14.95
N SER BD 229 101.54 107.87 14.91
CA SER BD 229 101.27 106.55 15.46
C SER BD 229 101.82 105.45 14.56
N ARG BD 230 101.78 105.67 13.24
CA ARG BD 230 102.37 104.70 12.32
C ARG BD 230 103.87 104.92 12.16
N LYS BD 231 104.31 106.16 12.30
CA LYS BD 231 105.74 106.45 12.17
C LYS BD 231 106.53 105.91 13.36
N SER BD 232 105.92 105.92 14.55
CA SER BD 232 106.62 105.41 15.72
C SER BD 232 106.61 103.89 15.78
N LEU BD 233 105.60 103.24 15.17
CA LEU BD 233 105.60 101.79 15.10
C LEU BD 233 106.68 101.29 14.16
N TYR BD 234 106.93 102.01 13.06
CA TYR BD 234 108.00 101.65 12.15
C TYR BD 234 109.36 101.91 12.79
N ASP BD 235 109.50 103.06 13.45
CA ASP BD 235 110.77 103.45 14.06
C ASP BD 235 111.17 102.56 15.23
N LEU BD 236 110.21 101.93 15.90
CA LEU BD 236 110.56 100.99 16.97
C LEU BD 236 110.97 99.65 16.40
N THR BD 237 110.26 99.18 15.37
CA THR BD 237 110.59 97.89 14.76
C THR BD 237 111.90 97.96 13.99
N LYS BD 238 112.18 99.09 13.35
CA LYS BD 238 113.47 99.29 12.71
C LYS BD 238 114.60 99.29 13.73
N SER BD 239 114.33 99.83 14.92
CA SER BD 239 115.33 99.81 15.99
C SER BD 239 115.34 98.51 16.77
N LEU BD 240 114.29 97.69 16.64
CA LEU BD 240 114.29 96.40 17.32
C LEU BD 240 115.16 95.39 16.58
N VAL BD 241 115.02 95.32 15.25
CA VAL BD 241 115.81 94.42 14.44
C VAL BD 241 117.29 94.81 14.47
N ALA BD 242 117.60 96.08 14.59
CA ALA BD 242 118.98 96.55 14.58
C ALA BD 242 119.70 96.35 15.91
N THR BD 243 119.06 95.75 16.91
CA THR BD 243 119.73 95.53 18.19
C THR BD 243 120.67 94.34 18.10
N SER BD 244 121.49 94.18 19.14
CA SER BD 244 122.42 93.07 19.21
C SER BD 244 121.81 91.84 19.86
N GLN BD 245 120.55 91.91 20.29
CA GLN BD 245 119.93 90.76 20.92
C GLN BD 245 119.06 89.98 19.94
N VAL BD 246 118.40 90.68 19.02
CA VAL BD 246 117.64 90.01 17.97
C VAL BD 246 118.57 89.45 16.90
N GLU BD 247 119.79 90.00 16.79
CA GLU BD 247 120.82 89.37 15.97
C GLU BD 247 121.20 88.01 16.53
N ASP BD 248 121.50 87.95 17.82
CA ASP BD 248 121.89 86.70 18.45
C ASP BD 248 120.71 85.76 18.68
N LEU BD 249 119.48 86.25 18.62
CA LEU BD 249 118.32 85.37 18.70
C LEU BD 249 118.15 84.57 17.41
N VAL BD 250 118.56 85.14 16.29
CA VAL BD 250 118.46 84.44 15.00
C VAL BD 250 119.71 83.63 14.72
N VAL BD 251 120.89 84.20 14.98
CA VAL BD 251 122.13 83.51 14.68
C VAL BD 251 122.41 82.40 15.69
N ASN BD 252 122.28 82.68 16.98
CA ASN BD 252 122.71 81.75 18.01
C ASN BD 252 121.59 81.23 18.90
N LEU BD 253 120.33 81.63 18.65
CA LEU BD 253 119.13 81.12 19.33
C LEU BD 253 119.12 81.39 20.83
N VAL BD 254 119.87 82.38 21.30
CA VAL BD 254 119.80 82.80 22.70
C VAL BD 254 118.62 83.75 22.85
N PRO BD 255 117.76 83.56 23.85
CA PRO BD 255 116.58 84.43 24.00
C PRO BD 255 116.95 85.85 24.40
N LEU BD 256 115.94 86.71 24.34
CA LEU BD 256 116.13 88.14 24.54
C LEU BD 256 116.29 88.48 26.02
N GLY BD 257 116.79 89.69 26.26
CA GLY BD 257 116.89 90.20 27.62
C GLY BD 257 118.24 90.02 28.26
N ARG BD 258 118.95 91.11 28.49
CA ARG BD 258 120.19 91.08 29.24
C ARG BD 258 120.18 92.12 30.35
N SER CD 1 69.51 133.30 -29.35
CA SER CD 1 69.02 132.66 -28.14
C SER CD 1 70.12 132.64 -27.07
N LYS CD 2 70.23 131.52 -26.35
CA LYS CD 2 71.23 131.34 -25.31
C LYS CD 2 72.38 130.53 -25.87
N THR CD 3 73.60 131.03 -25.71
CA THR CD 3 74.77 130.45 -26.36
C THR CD 3 75.83 130.07 -25.35
N ILE CD 4 76.60 129.04 -25.70
CA ILE CD 4 77.86 128.71 -25.05
C ILE CD 4 78.96 128.82 -26.10
N VAL CD 5 80.09 129.40 -25.72
CA VAL CD 5 81.23 129.52 -26.61
C VAL CD 5 82.32 128.56 -26.15
N LEU CD 6 82.91 127.86 -27.11
CA LEU CD 6 83.97 126.88 -26.83
C LEU CD 6 85.19 127.27 -27.67
N SER CD 7 86.13 127.97 -27.05
CA SER CD 7 87.32 128.40 -27.76
C SER CD 7 88.30 127.25 -27.89
N VAL CD 8 88.70 126.94 -29.13
CA VAL CD 8 89.54 125.80 -29.42
C VAL CD 8 90.87 126.39 -29.89
N GLY CD 9 91.22 127.53 -29.31
CA GLY CD 9 92.38 128.29 -29.75
C GLY CD 9 91.94 129.71 -30.07
N GLU CD 10 91.97 130.06 -31.35
CA GLU CD 10 91.32 131.27 -31.82
C GLU CD 10 89.99 130.99 -32.50
N ALA CD 11 89.74 129.75 -32.91
CA ALA CD 11 88.46 129.38 -33.49
C ALA CD 11 87.44 129.16 -32.39
N THR CD 12 86.35 129.92 -32.43
CA THR CD 12 85.28 129.83 -31.45
C THR CD 12 84.07 129.16 -32.09
N ARG CD 13 83.54 128.14 -31.44
CA ARG CD 13 82.38 127.40 -31.93
C ARG CD 13 81.22 127.64 -30.96
N THR CD 14 80.26 128.46 -31.38
CA THR CD 14 79.17 128.88 -30.52
C THR CD 14 77.97 127.95 -30.71
N LEU CD 15 77.54 127.32 -29.63
CA LEU CD 15 76.39 126.43 -29.64
C LEU CD 15 75.15 127.15 -29.12
N THR CD 16 74.11 127.19 -29.93
CA THR CD 16 72.87 127.87 -29.57
C THR CD 16 71.85 126.85 -29.09
N GLU CD 17 70.91 127.31 -28.28
CA GLU CD 17 69.97 126.42 -27.61
C GLU CD 17 68.78 126.09 -28.50
N ILE CD 18 68.42 124.81 -28.56
CA ILE CD 18 67.28 124.37 -29.36
C ILE CD 18 66.20 123.72 -28.52
N GLN CD 19 66.38 123.57 -27.21
CA GLN CD 19 65.38 122.95 -26.35
C GLN CD 19 65.62 123.40 -24.92
N SER CD 20 64.53 123.60 -24.17
CA SER CD 20 64.61 123.96 -22.76
C SER CD 20 63.43 123.31 -22.06
N THR CD 21 63.66 122.13 -21.50
CA THR CD 21 62.63 121.44 -20.72
C THR CD 21 62.84 121.87 -19.26
N ALA CD 22 62.18 121.19 -18.31
CA ALA CD 22 62.39 121.52 -16.91
C ALA CD 22 63.78 121.11 -16.44
N ASP CD 23 64.30 120.01 -16.97
CA ASP CD 23 65.65 119.56 -16.66
C ASP CD 23 66.57 119.49 -17.86
N ARG CD 24 66.12 118.93 -18.98
CA ARG CD 24 66.96 118.77 -20.14
C ARG CD 24 67.12 120.10 -20.87
N GLN CD 25 68.26 120.27 -21.53
CA GLN CD 25 68.62 121.56 -22.13
C GLN CD 25 69.62 121.28 -23.25
N ILE CD 26 69.15 121.30 -24.49
CA ILE CD 26 69.90 120.82 -25.64
C ILE CD 26 70.47 122.01 -26.40
N PHE CD 27 71.75 121.95 -26.73
CA PHE CD 27 72.42 122.96 -27.53
C PHE CD 27 72.90 122.35 -28.85
N GLU CD 28 73.00 123.17 -29.88
CA GLU CD 28 73.54 122.74 -31.16
C GLU CD 28 74.31 123.89 -31.79
N GLU CD 29 75.28 123.54 -32.62
CA GLU CD 29 75.95 124.51 -33.47
C GLU CD 29 75.18 124.63 -34.77
N LYS CD 30 75.15 125.84 -35.32
CA LYS CD 30 74.31 126.13 -36.47
C LYS CD 30 75.08 126.26 -37.78
N VAL CD 31 76.39 126.12 -37.76
CA VAL CD 31 77.19 126.25 -38.97
C VAL CD 31 77.36 124.89 -39.61
N GLY CD 32 77.09 124.80 -40.92
CA GLY CD 32 77.35 123.61 -41.68
C GLY CD 32 76.09 122.92 -42.18
N PRO CD 33 76.22 121.65 -42.57
CA PRO CD 33 75.04 120.90 -43.02
C PRO CD 33 74.06 120.61 -41.90
N LEU CD 34 72.85 120.20 -42.27
CA LEU CD 34 71.74 120.07 -41.33
C LEU CD 34 71.66 118.69 -40.68
N VAL CD 35 72.48 117.74 -41.10
CA VAL CD 35 72.30 116.36 -40.65
C VAL CD 35 73.27 115.99 -39.53
N GLY CD 36 74.50 116.50 -39.56
CA GLY CD 36 75.44 116.22 -38.49
C GLY CD 36 76.01 117.49 -37.90
N ARG CD 37 75.69 117.76 -36.64
CA ARG CD 37 76.14 118.95 -35.95
C ARG CD 37 76.55 118.60 -34.53
N LEU CD 38 77.17 119.56 -33.85
CA LEU CD 38 77.52 119.39 -32.45
C LEU CD 38 76.27 119.34 -31.59
N ARG CD 39 76.41 118.76 -30.41
CA ARG CD 39 75.28 118.55 -29.51
C ARG CD 39 75.78 118.60 -28.08
N LEU CD 40 74.95 119.16 -27.20
CA LEU CD 40 75.33 119.30 -25.80
C LEU CD 40 74.06 119.16 -24.97
N THR CD 41 73.81 117.95 -24.49
CA THR CD 41 72.57 117.63 -23.78
C THR CD 41 72.84 117.79 -22.28
N ALA CD 42 72.73 119.03 -21.80
CA ALA CD 42 72.88 119.30 -20.38
C ALA CD 42 71.63 118.87 -19.61
N SER CD 43 71.80 118.67 -18.31
CA SER CD 43 70.71 118.26 -17.44
C SER CD 43 71.07 118.59 -16.00
N LEU CD 44 70.09 118.44 -15.12
CA LEU CD 44 70.26 118.63 -13.69
C LEU CD 44 69.08 117.98 -12.99
N ARG CD 45 69.34 117.37 -11.84
CA ARG CD 45 68.33 116.66 -11.08
C ARG CD 45 68.59 116.82 -9.59
N GLN CD 46 67.68 116.28 -8.78
CA GLN CD 46 67.95 116.03 -7.37
C GLN CD 46 67.14 114.80 -6.94
N ASN CD 47 67.78 113.65 -6.99
CA ASN CD 47 67.09 112.38 -6.77
C ASN CD 47 67.20 111.98 -5.29
N GLY CD 48 66.17 111.27 -4.81
CA GLY CD 48 66.14 110.79 -3.45
C GLY CD 48 65.45 111.76 -2.51
N ALA CD 49 66.00 111.93 -1.32
CA ALA CD 49 65.40 112.82 -0.32
C ALA CD 49 66.00 114.22 -0.40
N LYS CD 50 66.06 114.73 -1.64
CA LYS CD 50 66.40 116.13 -1.97
C LYS CD 50 67.76 116.56 -1.43
N THR CD 51 68.71 115.63 -1.31
CA THR CD 51 69.99 115.91 -0.69
C THR CD 51 71.18 115.88 -1.64
N ALA CD 52 71.03 115.30 -2.82
CA ALA CD 52 72.14 115.16 -3.76
C ALA CD 52 71.67 115.55 -5.14
N TYR CD 53 72.41 116.43 -5.79
CA TYR CD 53 72.13 116.83 -7.16
C TYR CD 53 72.87 115.92 -8.13
N ARG CD 54 72.60 116.09 -9.42
CA ARG CD 54 73.24 115.26 -10.44
C ARG CD 54 73.32 116.06 -11.74
N VAL CD 55 74.48 116.63 -12.00
CA VAL CD 55 74.76 117.26 -13.28
C VAL CD 55 75.10 116.18 -14.30
N ASN CD 56 74.64 116.34 -15.53
CA ASN CD 56 74.80 115.30 -16.54
C ASN CD 56 74.96 115.96 -17.91
N LEU CD 57 76.21 116.15 -18.33
CA LEU CD 57 76.51 116.67 -19.65
C LEU CD 57 76.78 115.54 -20.62
N LYS CD 58 76.65 115.84 -21.92
CA LYS CD 58 76.87 114.85 -22.96
C LYS CD 58 77.18 115.60 -24.26
N LEU CD 59 78.44 115.53 -24.69
CA LEU CD 59 78.89 116.24 -25.88
C LEU CD 59 79.02 115.25 -27.03
N ASP CD 60 77.96 115.12 -27.83
CA ASP CD 60 78.01 114.30 -29.03
C ASP CD 60 78.84 115.00 -30.10
N GLN CD 61 79.37 114.21 -31.03
CA GLN CD 61 80.03 114.75 -32.20
C GLN CD 61 79.97 113.72 -33.32
N ALA CD 62 79.26 114.05 -34.39
CA ALA CD 62 79.12 113.18 -35.54
C ALA CD 62 80.07 113.64 -36.64
N ASP CD 63 80.63 112.68 -37.36
CA ASP CD 63 81.53 112.96 -38.47
C ASP CD 63 80.76 112.78 -39.77
N VAL CD 64 80.28 113.87 -40.32
CA VAL CD 64 79.48 113.85 -41.54
C VAL CD 64 80.42 113.89 -42.74
N VAL CD 65 80.06 113.17 -43.79
CA VAL CD 65 80.83 113.14 -45.04
C VAL CD 65 79.86 113.40 -46.18
N ASP CD 66 80.27 114.25 -47.13
CA ASP CD 66 79.46 114.59 -48.29
C ASP CD 66 80.33 114.49 -49.54
N CYS CD 67 80.05 113.49 -50.37
CA CYS CD 67 80.76 113.29 -51.63
C CYS CD 67 79.80 113.18 -52.79
N SER CD 68 78.94 114.20 -52.94
CA SER CD 68 78.17 114.34 -54.17
C SER CD 68 79.04 114.70 -55.35
N THR CD 69 80.26 115.21 -55.11
CA THR CD 69 81.21 115.43 -56.19
C THR CD 69 81.70 114.11 -56.78
N SER CD 70 81.97 113.13 -55.92
CA SER CD 70 82.47 111.84 -56.39
C SER CD 70 81.33 110.98 -56.93
N VAL CD 71 80.38 110.62 -56.08
CA VAL CD 71 79.23 109.83 -56.50
C VAL CD 71 78.13 110.80 -56.92
N CYS CD 72 77.70 110.69 -58.17
CA CYS CD 72 76.69 111.60 -58.69
C CYS CD 72 75.31 111.23 -58.17
N GLY CD 73 74.76 112.08 -57.31
CA GLY CD 73 73.41 111.90 -56.82
C GLY CD 73 73.27 111.43 -55.39
N GLU CD 74 74.29 111.61 -54.56
CA GLU CD 74 74.23 111.23 -53.17
C GLU CD 74 74.21 112.47 -52.28
N LEU CD 75 73.79 112.26 -51.04
CA LEU CD 75 73.52 113.35 -50.09
C LEU CD 75 74.50 113.25 -48.93
N PRO CD 76 74.65 114.31 -48.12
CA PRO CD 76 75.49 114.19 -46.91
C PRO CD 76 74.92 113.20 -45.91
N LYS CD 77 75.83 112.62 -45.13
CA LYS CD 77 75.53 111.49 -44.27
C LYS CD 77 76.63 111.36 -43.22
N VAL CD 78 76.26 110.96 -42.02
CA VAL CD 78 77.23 110.80 -40.93
C VAL CD 78 77.71 109.36 -40.90
N ARG CD 79 79.00 109.18 -40.59
CA ARG CD 79 79.54 107.82 -40.45
C ARG CD 79 79.35 107.31 -39.03
N TYR CD 80 79.93 108.01 -38.05
CA TYR CD 80 79.95 107.57 -36.67
C TYR CD 80 79.70 108.76 -35.76
N THR CD 81 79.44 108.47 -34.49
CA THR CD 81 79.33 109.50 -33.46
C THR CD 81 80.26 109.15 -32.31
N GLN CD 82 80.93 110.17 -31.78
CA GLN CD 82 81.82 110.02 -30.63
C GLN CD 82 81.37 110.99 -29.54
N VAL CD 83 81.07 110.45 -28.36
CA VAL CD 83 80.51 111.25 -27.28
C VAL CD 83 81.54 111.38 -26.17
N TRP CD 84 81.26 112.29 -25.23
CA TRP CD 84 82.04 112.43 -24.01
C TRP CD 84 81.05 112.88 -22.94
N SER CD 85 80.53 111.92 -22.18
CA SER CD 85 79.56 112.23 -21.16
C SER CD 85 80.25 112.68 -19.87
N HIS CD 86 79.48 113.28 -18.99
CA HIS CD 86 79.91 113.63 -17.64
C HIS CD 86 78.81 113.24 -16.68
N ASP CD 87 79.18 113.00 -15.42
CA ASP CD 87 78.20 112.65 -14.39
C ASP CD 87 78.74 113.18 -13.07
N VAL CD 88 78.34 114.38 -12.70
CA VAL CD 88 78.80 115.02 -11.47
C VAL CD 88 77.75 114.77 -10.39
N THR CD 89 78.21 114.39 -9.20
CA THR CD 89 77.33 114.20 -8.05
C THR CD 89 77.69 115.21 -6.98
N ILE CD 90 76.75 116.09 -6.66
CA ILE CD 90 76.97 117.15 -5.69
C ILE CD 90 75.95 116.98 -4.57
N VAL CD 91 76.42 116.85 -3.34
CA VAL CD 91 75.53 116.81 -2.19
C VAL CD 91 75.23 118.24 -1.75
N ALA CD 92 73.99 118.44 -1.27
CA ALA CD 92 73.44 119.78 -1.16
C ALA CD 92 74.00 120.56 0.01
N ASN CD 93 74.40 119.88 1.08
CA ASN CD 93 74.91 120.55 2.28
C ASN CD 93 76.42 120.72 2.24
N SER CD 94 77.02 120.79 1.05
CA SER CD 94 78.46 120.92 0.91
C SER CD 94 78.92 122.33 1.30
N THR CD 95 80.23 122.46 1.44
CA THR CD 95 80.85 123.78 1.49
C THR CD 95 81.25 124.18 0.08
N GLU CD 96 81.47 125.47 -0.11
CA GLU CD 96 81.74 125.97 -1.45
C GLU CD 96 83.14 125.59 -1.92
N ALA CD 97 84.08 125.43 -0.99
CA ALA CD 97 85.42 125.01 -1.37
C ALA CD 97 85.47 123.54 -1.76
N SER CD 98 84.48 122.74 -1.36
CA SER CD 98 84.41 121.36 -1.82
C SER CD 98 83.97 121.29 -3.28
N ARG CD 99 82.93 122.04 -3.63
CA ARG CD 99 82.45 122.09 -5.00
C ARG CD 99 83.41 122.81 -5.93
N LYS CD 100 84.21 123.73 -5.42
CA LYS CD 100 85.16 124.44 -6.26
C LYS CD 100 86.40 123.59 -6.53
N SER CD 101 86.84 122.82 -5.54
CA SER CD 101 88.03 122.00 -5.72
C SER CD 101 87.75 120.80 -6.62
N LEU CD 102 86.52 120.27 -6.55
CA LEU CD 102 86.14 119.17 -7.43
C LEU CD 102 86.09 119.63 -8.88
N TYR CD 103 85.68 120.88 -9.11
CA TYR CD 103 85.74 121.42 -10.46
C TYR CD 103 87.18 121.73 -10.86
N ASP CD 104 87.97 122.26 -9.93
CA ASP CD 104 89.34 122.64 -10.24
C ASP CD 104 90.26 121.45 -10.47
N LEU CD 105 89.93 120.28 -9.90
CA LEU CD 105 90.73 119.10 -10.16
C LEU CD 105 90.35 118.45 -11.48
N THR CD 106 89.06 118.47 -11.82
CA THR CD 106 88.63 117.88 -13.09
C THR CD 106 88.96 118.78 -14.27
N LYS CD 107 89.02 120.10 -14.04
CA LYS CD 107 89.49 121.01 -15.08
C LYS CD 107 90.96 120.75 -15.39
N SER CD 108 91.75 120.36 -14.38
CA SER CD 108 93.14 120.02 -14.59
C SER CD 108 93.35 118.55 -14.92
N LEU CD 109 92.35 117.70 -14.69
CA LEU CD 109 92.45 116.31 -15.11
C LEU CD 109 92.38 116.22 -16.63
N VAL CD 110 91.43 116.94 -17.24
CA VAL CD 110 91.27 116.87 -18.69
C VAL CD 110 92.42 117.60 -19.39
N ALA CD 111 92.96 118.64 -18.77
CA ALA CD 111 93.97 119.46 -19.43
C ALA CD 111 95.37 118.88 -19.38
N THR CD 112 95.57 117.70 -18.80
CA THR CD 112 96.91 117.13 -18.74
C THR CD 112 97.21 116.35 -20.02
N SER CD 113 98.49 116.02 -20.19
CA SER CD 113 98.94 115.32 -21.38
C SER CD 113 98.71 113.82 -21.31
N GLN CD 114 98.27 113.29 -20.18
CA GLN CD 114 98.07 111.85 -20.06
C GLN CD 114 96.65 111.44 -20.41
N VAL CD 115 95.67 112.32 -20.20
CA VAL CD 115 94.31 112.03 -20.62
C VAL CD 115 94.14 112.37 -22.09
N GLU CD 116 94.95 113.31 -22.60
CA GLU CD 116 94.96 113.59 -24.04
C GLU CD 116 95.41 112.38 -24.84
N ASP CD 117 96.49 111.73 -24.42
CA ASP CD 117 96.94 110.53 -25.10
C ASP CD 117 96.05 109.34 -24.83
N LEU CD 118 95.23 109.38 -23.78
CA LEU CD 118 94.34 108.26 -23.47
C LEU CD 118 93.15 108.20 -24.41
N VAL CD 119 92.69 109.34 -24.93
CA VAL CD 119 91.52 109.34 -25.79
C VAL CD 119 91.92 109.50 -27.25
N VAL CD 120 93.11 110.04 -27.51
CA VAL CD 120 93.55 110.17 -28.90
C VAL CD 120 94.29 108.92 -29.34
N ASN CD 121 95.33 108.53 -28.60
CA ASN CD 121 96.20 107.43 -29.00
C ASN CD 121 96.03 106.18 -28.16
N LEU CD 122 95.03 106.16 -27.27
CA LEU CD 122 94.63 105.01 -26.45
C LEU CD 122 95.74 104.54 -25.51
N VAL CD 123 96.68 105.41 -25.17
CA VAL CD 123 97.77 105.07 -24.25
C VAL CD 123 97.22 105.04 -22.83
N PRO CD 124 97.52 104.03 -22.02
CA PRO CD 124 97.01 103.99 -20.64
C PRO CD 124 97.64 105.08 -19.77
N LEU CD 125 97.05 105.24 -18.58
CA LEU CD 125 97.41 106.33 -17.70
C LEU CD 125 98.65 105.99 -16.87
N GLY CD 126 99.29 107.03 -16.37
CA GLY CD 126 100.44 106.87 -15.50
C GLY CD 126 101.76 106.89 -16.23
N ARG CD 127 102.64 107.80 -15.83
CA ARG CD 127 103.97 107.92 -16.40
C ARG CD 127 104.98 107.98 -15.27
N ALA CD 128 105.80 106.94 -15.16
CA ALA CD 128 106.75 106.82 -14.06
C ALA CD 128 107.97 107.67 -14.33
N TYR CD 129 108.06 108.82 -13.66
CA TYR CD 129 109.22 109.71 -13.75
C TYR CD 129 109.98 109.63 -12.44
N GLY CD 130 110.87 108.64 -12.35
CA GLY CD 130 111.67 108.45 -11.16
C GLY CD 130 110.88 108.01 -9.93
N GLY CD 131 110.30 106.82 -9.99
CA GLY CD 131 109.50 106.35 -8.88
C GLY CD 131 108.31 105.52 -9.32
N SER CD 132 107.14 105.81 -8.76
CA SER CD 132 105.92 105.10 -9.13
C SER CD 132 105.26 105.76 -10.33
N LYS CD 133 104.22 105.11 -10.84
CA LYS CD 133 103.43 105.69 -11.92
C LYS CD 133 102.52 106.75 -11.33
N THR CD 134 102.74 108.00 -11.71
CA THR CD 134 102.09 109.14 -11.07
C THR CD 134 101.39 110.03 -12.09
N ILE CD 135 100.35 110.70 -11.62
CA ILE CD 135 99.65 111.75 -12.36
C ILE CD 135 99.73 113.02 -11.53
N VAL CD 136 100.09 114.13 -12.15
CA VAL CD 136 100.17 115.42 -11.47
C VAL CD 136 99.00 116.28 -11.91
N LEU CD 137 98.20 116.72 -10.95
CA LEU CD 137 97.03 117.56 -11.20
C LEU CD 137 97.30 118.93 -10.60
N SER CD 138 97.90 119.81 -11.39
CA SER CD 138 98.25 121.15 -10.92
C SER CD 138 97.01 122.03 -10.82
N VAL CD 139 96.86 122.68 -9.67
CA VAL CD 139 95.71 123.54 -9.41
C VAL CD 139 96.25 124.96 -9.31
N GLY CD 140 97.27 125.24 -10.12
CA GLY CD 140 97.98 126.50 -10.04
C GLY CD 140 99.42 126.26 -9.65
N GLU CD 141 99.79 126.65 -8.43
CA GLU CD 141 101.08 126.27 -7.87
C GLU CD 141 100.99 125.07 -6.95
N ALA CD 142 99.80 124.72 -6.49
CA ALA CD 142 99.61 123.51 -5.71
C ALA CD 142 99.47 122.32 -6.66
N THR CD 143 100.36 121.34 -6.52
CA THR CD 143 100.36 120.15 -7.35
C THR CD 143 99.99 118.96 -6.48
N ARG CD 144 99.01 118.16 -6.92
CA ARG CD 144 98.53 117.01 -6.17
C ARG CD 144 98.87 115.76 -6.97
N THR CD 145 99.82 114.98 -6.47
CA THR CD 145 100.39 113.86 -7.20
C THR CD 145 99.74 112.56 -6.76
N LEU CD 146 99.02 111.90 -7.67
CA LEU CD 146 98.36 110.64 -7.37
C LEU CD 146 99.19 109.47 -7.89
N THR CD 147 99.53 108.55 -7.00
CA THR CD 147 100.34 107.39 -7.34
C THR CD 147 99.45 106.17 -7.55
N GLU CD 148 99.87 105.31 -8.46
CA GLU CD 148 99.07 104.14 -8.82
C GLU CD 148 99.13 103.09 -7.73
N ILE CD 149 97.96 102.57 -7.35
CA ILE CD 149 97.88 101.56 -6.30
C ILE CD 149 97.46 100.19 -6.81
N GLN CD 150 96.86 100.11 -7.99
CA GLN CD 150 96.36 98.83 -8.50
C GLN CD 150 96.17 98.96 -10.01
N SER CD 151 96.68 97.99 -10.76
CA SER CD 151 96.53 97.94 -12.21
C SER CD 151 96.00 96.55 -12.56
N THR CD 152 94.67 96.41 -12.55
CA THR CD 152 94.02 95.16 -12.90
C THR CD 152 93.92 95.13 -14.44
N ALA CD 153 93.37 94.06 -15.01
CA ALA CD 153 93.24 93.97 -16.46
C ALA CD 153 92.21 94.96 -16.98
N ASP CD 154 91.25 95.36 -16.15
CA ASP CD 154 90.24 96.33 -16.54
C ASP CD 154 90.48 97.70 -15.86
N ARG CD 155 90.57 97.71 -14.54
CA ARG CD 155 90.67 98.98 -13.82
C ARG CD 155 92.12 99.43 -13.71
N GLN CD 156 92.29 100.69 -13.35
CA GLN CD 156 93.61 101.26 -13.09
C GLN CD 156 93.42 102.36 -12.05
N ILE CD 157 93.58 102.03 -10.78
CA ILE CD 157 93.20 102.90 -9.68
C ILE CD 157 94.41 103.73 -9.26
N PHE CD 158 94.23 105.04 -9.21
CA PHE CD 158 95.21 105.96 -8.68
C PHE CD 158 94.70 106.55 -7.37
N GLU CD 159 95.61 107.05 -6.55
CA GLU CD 159 95.25 107.57 -5.24
C GLU CD 159 96.36 108.46 -4.73
N GLU CD 160 95.98 109.55 -4.06
CA GLU CD 160 96.95 110.40 -3.40
C GLU CD 160 97.41 109.73 -2.11
N LYS CD 161 98.57 110.15 -1.63
CA LYS CD 161 99.21 109.45 -0.51
C LYS CD 161 99.47 110.32 0.71
N VAL CD 162 99.30 111.63 0.61
CA VAL CD 162 99.48 112.48 1.78
C VAL CD 162 98.18 112.53 2.58
N GLY CD 163 98.30 112.85 3.87
CA GLY CD 163 97.16 113.04 4.72
C GLY CD 163 96.72 111.75 5.41
N PRO CD 164 95.52 111.76 5.98
CA PRO CD 164 95.01 110.55 6.64
C PRO CD 164 94.65 109.48 5.62
N LEU CD 165 94.51 108.25 6.13
CA LEU CD 165 94.23 107.10 5.28
C LEU CD 165 92.74 106.90 5.01
N VAL CD 166 91.87 107.66 5.66
CA VAL CD 166 90.45 107.37 5.58
C VAL CD 166 89.81 108.03 4.36
N GLY CD 167 90.21 109.25 4.01
CA GLY CD 167 89.69 109.91 2.83
C GLY CD 167 90.78 110.47 1.96
N ARG CD 168 90.89 109.96 0.73
CA ARG CD 168 91.92 110.41 -0.21
C ARG CD 168 91.31 110.48 -1.60
N LEU CD 169 92.03 111.15 -2.50
CA LEU CD 169 91.61 111.25 -3.89
C LEU CD 169 91.66 109.89 -4.57
N ARG CD 170 90.82 109.73 -5.60
CA ARG CD 170 90.77 108.49 -6.35
C ARG CD 170 90.70 108.82 -7.83
N LEU CD 171 91.18 107.88 -8.65
CA LEU CD 171 91.08 108.03 -10.10
C LEU CD 171 91.04 106.60 -10.66
N THR CD 172 89.84 106.10 -10.91
CA THR CD 172 89.66 104.73 -11.40
C THR CD 172 89.38 104.79 -12.89
N ALA CD 173 90.46 104.80 -13.68
CA ALA CD 173 90.32 104.73 -15.13
C ALA CD 173 90.00 103.31 -15.57
N SER CD 174 89.43 103.21 -16.76
CA SER CD 174 89.12 101.91 -17.35
C SER CD 174 89.16 102.06 -18.86
N LEU CD 175 89.05 100.92 -19.54
CA LEU CD 175 89.08 100.89 -21.01
C LEU CD 175 88.49 99.56 -21.45
N ARG CD 176 87.46 99.62 -22.29
CA ARG CD 176 86.79 98.41 -22.78
C ARG CD 176 86.63 98.51 -24.29
N GLN CD 177 86.07 97.46 -24.87
CA GLN CD 177 85.56 97.50 -26.23
C GLN CD 177 84.42 96.50 -26.34
N ASN CD 178 83.22 97.01 -26.57
CA ASN CD 178 82.01 96.19 -26.60
C ASN CD 178 81.60 95.93 -28.04
N GLY CD 179 81.10 94.71 -28.27
CA GLY CD 179 80.62 94.34 -29.58
C GLY CD 179 81.67 93.66 -30.42
N ALA CD 180 81.64 93.88 -31.73
CA ALA CD 180 82.61 93.27 -32.64
C ALA CD 180 83.82 94.17 -32.86
N LYS CD 181 84.42 94.62 -31.74
CA LYS CD 181 85.67 95.38 -31.70
C LYS CD 181 85.60 96.67 -32.52
N THR CD 182 84.43 97.30 -32.56
CA THR CD 182 84.24 98.50 -33.36
C THR CD 182 84.38 99.80 -32.57
N ALA CD 183 84.10 99.79 -31.27
CA ALA CD 183 84.10 101.02 -30.49
C ALA CD 183 84.73 100.76 -29.14
N TYR CD 184 85.56 101.71 -28.68
CA TYR CD 184 86.18 101.66 -27.37
C TYR CD 184 85.30 102.37 -26.35
N ARG CD 185 85.72 102.33 -25.09
CA ARG CD 185 84.96 102.98 -24.01
C ARG CD 185 85.93 103.35 -22.90
N VAL CD 186 86.35 104.61 -22.87
CA VAL CD 186 87.17 105.13 -21.79
C VAL CD 186 86.26 105.55 -20.65
N ASN CD 187 86.71 105.38 -19.41
CA ASN CD 187 85.86 105.65 -18.25
C ASN CD 187 86.71 106.12 -17.09
N LEU CD 188 86.83 107.44 -16.93
CA LEU CD 188 87.49 108.02 -15.77
C LEU CD 188 86.47 108.33 -14.68
N LYS CD 189 86.96 108.50 -13.45
CA LYS CD 189 86.11 108.79 -12.30
C LYS CD 189 86.96 109.34 -11.18
N LEU CD 190 86.62 110.53 -10.69
CA LEU CD 190 87.40 111.23 -9.67
C LEU CD 190 86.57 111.34 -8.39
N ASP CD 191 86.91 110.54 -7.39
CA ASP CD 191 86.26 110.59 -6.09
C ASP CD 191 86.97 111.58 -5.18
N GLN CD 192 86.19 112.47 -4.56
CA GLN CD 192 86.73 113.37 -3.56
C GLN CD 192 85.85 113.32 -2.33
N ALA CD 193 86.42 112.87 -1.22
CA ALA CD 193 85.71 112.79 0.05
C ALA CD 193 86.20 113.90 0.97
N ASP CD 194 85.27 114.50 1.70
CA ASP CD 194 85.58 115.59 2.62
C ASP CD 194 85.83 115.00 4.00
N VAL CD 195 87.07 115.06 4.46
CA VAL CD 195 87.46 114.54 5.76
C VAL CD 195 87.61 115.71 6.73
N VAL CD 196 87.19 115.49 7.98
CA VAL CD 196 87.27 116.51 9.02
C VAL CD 196 87.63 115.83 10.32
N ASP CD 197 88.32 116.57 11.20
CA ASP CD 197 88.64 116.10 12.54
C ASP CD 197 88.62 117.25 13.53
N CYS CD 198 88.11 116.96 14.72
CA CYS CD 198 88.11 117.91 15.83
C CYS CD 198 88.71 117.31 17.09
N SER CD 199 89.91 116.72 16.97
CA SER CD 199 90.66 116.30 18.14
C SER CD 199 91.09 117.47 19.01
N THR CD 200 91.18 118.68 18.43
CA THR CD 200 91.41 119.87 19.23
C THR CD 200 90.14 120.31 19.95
N SER CD 201 88.98 119.85 19.52
CA SER CD 201 87.71 120.19 20.15
C SER CD 201 87.15 119.06 21.00
N VAL CD 202 86.98 117.87 20.42
CA VAL CD 202 86.47 116.71 21.13
C VAL CD 202 87.59 115.67 21.22
N CYS CD 203 87.88 115.24 22.44
CA CYS CD 203 88.96 114.27 22.66
C CYS CD 203 88.59 112.88 22.13
N GLY CD 204 89.61 112.16 21.70
CA GLY CD 204 89.44 110.82 21.20
C GLY CD 204 88.71 110.74 19.88
N GLU CD 205 88.77 111.80 19.07
CA GLU CD 205 88.06 111.85 17.80
C GLU CD 205 89.08 111.72 16.67
N LEU CD 206 89.02 110.60 15.96
CA LEU CD 206 89.83 110.37 14.78
C LEU CD 206 89.12 110.95 13.56
N PRO CD 207 89.86 111.24 12.49
CA PRO CD 207 89.21 111.80 11.29
C PRO CD 207 88.23 110.84 10.63
N LYS CD 208 87.22 111.43 10.00
CA LYS CD 208 86.17 110.67 9.32
C LYS CD 208 85.65 111.49 8.15
N VAL CD 209 84.97 110.83 7.24
CA VAL CD 209 84.46 111.45 6.02
C VAL CD 209 83.03 111.90 6.23
N ARG CD 210 82.71 113.10 5.76
CA ARG CD 210 81.34 113.59 5.80
C ARG CD 210 80.54 113.06 4.62
N TYR CD 211 80.95 113.44 3.41
CA TYR CD 211 80.26 113.09 2.18
C TYR CD 211 81.30 112.74 1.13
N THR CD 212 80.83 112.53 -0.10
CA THR CD 212 81.75 112.34 -1.23
C THR CD 212 81.10 112.92 -2.48
N GLN CD 213 81.93 113.33 -3.42
CA GLN CD 213 81.48 113.95 -4.66
C GLN CD 213 82.29 113.41 -5.82
N VAL CD 214 81.61 112.92 -6.84
CA VAL CD 214 82.26 112.27 -7.97
C VAL CD 214 82.23 113.21 -9.17
N TRP CD 215 83.07 112.90 -10.15
CA TRP CD 215 82.98 113.49 -11.49
C TRP CD 215 83.49 112.41 -12.44
N SER CD 216 82.58 111.57 -12.90
CA SER CD 216 82.97 110.49 -13.79
C SER CD 216 82.82 110.91 -15.25
N HIS CD 217 83.55 110.21 -16.11
CA HIS CD 217 83.55 110.47 -17.54
C HIS CD 217 83.25 109.18 -18.27
N ASP CD 218 82.70 109.30 -19.47
CA ASP CD 218 82.39 108.12 -20.29
C ASP CD 218 82.55 108.52 -21.75
N VAL CD 219 83.73 108.25 -22.30
CA VAL CD 219 84.05 108.59 -23.68
C VAL CD 219 83.81 107.38 -24.55
N THR CD 220 83.16 107.57 -25.69
CA THR CD 220 82.92 106.52 -26.66
C THR CD 220 83.68 106.86 -27.94
N ILE CD 221 84.62 105.99 -28.30
CA ILE CD 221 85.48 106.22 -29.45
C ILE CD 221 85.39 105.00 -30.35
N VAL CD 222 84.98 105.20 -31.59
CA VAL CD 222 84.94 104.10 -32.55
C VAL CD 222 86.34 103.84 -33.08
N ALA CD 223 86.62 102.58 -33.44
CA ALA CD 223 87.98 102.14 -33.66
C ALA CD 223 88.56 102.64 -34.98
N ASN CD 224 87.71 102.86 -35.98
CA ASN CD 224 88.17 103.28 -37.30
C ASN CD 224 88.10 104.79 -37.48
N SER CD 225 88.31 105.55 -36.41
CA SER CD 225 88.20 107.00 -36.41
C SER CD 225 89.35 107.64 -37.18
N THR CD 226 89.18 108.92 -37.47
CA THR CD 226 90.27 109.78 -37.89
C THR CD 226 90.99 110.26 -36.64
N GLU CD 227 92.27 110.62 -36.77
CA GLU CD 227 92.99 111.16 -35.62
C GLU CD 227 92.47 112.53 -35.23
N ALA CD 228 92.21 113.39 -36.21
CA ALA CD 228 91.64 114.70 -35.92
C ALA CD 228 90.17 114.63 -35.51
N SER CD 229 89.52 113.49 -35.72
CA SER CD 229 88.19 113.29 -35.17
C SER CD 229 88.25 113.04 -33.66
N ARG CD 230 89.29 112.36 -33.19
CA ARG CD 230 89.46 112.16 -31.75
C ARG CD 230 90.14 113.35 -31.10
N LYS CD 231 90.99 114.06 -31.86
CA LYS CD 231 91.68 115.22 -31.31
C LYS CD 231 90.72 116.38 -31.10
N SER CD 232 89.72 116.51 -31.99
CA SER CD 232 88.77 117.60 -31.85
C SER CD 232 87.73 117.32 -30.78
N LEU CD 233 87.44 116.04 -30.52
CA LEU CD 233 86.53 115.71 -29.43
C LEU CD 233 87.16 116.00 -28.08
N TYR CD 234 88.47 115.76 -27.95
CA TYR CD 234 89.16 116.10 -26.72
C TYR CD 234 89.29 117.61 -26.56
N ASP CD 235 89.62 118.31 -27.64
CA ASP CD 235 89.81 119.76 -27.60
C ASP CD 235 88.52 120.53 -27.33
N LEU CD 236 87.36 119.96 -27.67
CA LEU CD 236 86.11 120.63 -27.34
C LEU CD 236 85.72 120.39 -25.88
N THR CD 237 85.95 119.16 -25.38
CA THR CD 237 85.60 118.86 -24.00
C THR CD 237 86.56 119.53 -23.03
N LYS CD 238 87.83 119.67 -23.41
CA LYS CD 238 88.78 120.43 -22.60
C LYS CD 238 88.38 121.91 -22.55
N SER CD 239 87.83 122.42 -23.65
CA SER CD 239 87.36 123.80 -23.67
C SER CD 239 85.96 123.95 -23.10
N LEU CD 240 85.21 122.85 -22.95
CA LEU CD 240 83.89 122.95 -22.34
C LEU CD 240 83.99 123.07 -20.84
N VAL CD 241 84.83 122.25 -20.22
CA VAL CD 241 85.02 122.28 -18.77
C VAL CD 241 85.68 123.60 -18.34
N ALA CD 242 86.53 124.18 -19.18
CA ALA CD 242 87.23 125.40 -18.83
C ALA CD 242 86.37 126.66 -18.99
N THR CD 243 85.10 126.55 -19.36
CA THR CD 243 84.25 127.73 -19.48
C THR CD 243 83.79 128.21 -18.11
N SER CD 244 83.20 129.41 -18.11
CA SER CD 244 82.69 129.99 -16.89
C SER CD 244 81.24 129.57 -16.60
N GLN CD 245 80.63 128.78 -17.49
CA GLN CD 245 79.26 128.37 -17.26
C GLN CD 245 79.19 126.97 -16.65
N VAL CD 246 80.10 126.08 -17.03
CA VAL CD 246 80.18 124.77 -16.40
C VAL CD 246 80.82 124.87 -15.02
N GLU CD 247 81.60 125.91 -14.77
CA GLU CD 247 82.06 126.20 -13.42
C GLU CD 247 80.88 126.53 -12.51
N ASP CD 248 80.01 127.45 -12.95
CA ASP CD 248 78.87 127.85 -12.16
C ASP CD 248 77.75 126.81 -12.16
N LEU CD 249 77.77 125.87 -13.10
CA LEU CD 249 76.81 124.78 -13.07
C LEU CD 249 77.13 123.79 -11.95
N VAL CD 250 78.41 123.64 -11.61
CA VAL CD 250 78.80 122.75 -10.53
C VAL CD 250 78.82 123.47 -9.19
N VAL CD 251 79.34 124.69 -9.16
CA VAL CD 251 79.46 125.42 -7.91
C VAL CD 251 78.11 125.95 -7.45
N ASN CD 252 77.36 126.59 -8.35
CA ASN CD 252 76.14 127.30 -7.96
C ASN CD 252 74.86 126.73 -8.57
N LEU CD 253 74.94 125.64 -9.35
CA LEU CD 253 73.79 124.91 -9.90
C LEU CD 253 72.91 125.75 -10.83
N VAL CD 254 73.46 126.82 -11.40
CA VAL CD 254 72.74 127.58 -12.41
C VAL CD 254 72.93 126.89 -13.77
N PRO CD 255 71.86 126.66 -14.54
CA PRO CD 255 72.00 125.94 -15.81
C PRO CD 255 72.77 126.74 -16.85
N LEU CD 256 73.08 126.06 -17.95
CA LEU CD 256 73.95 126.60 -18.98
C LEU CD 256 73.19 127.59 -19.87
N GLY CD 257 73.95 128.37 -20.62
CA GLY CD 257 73.37 129.28 -21.60
C GLY CD 257 73.18 130.69 -21.11
N ARG CD 258 73.95 131.62 -21.66
CA ARG CD 258 73.74 133.04 -21.38
C ARG CD 258 73.63 133.83 -22.68
N SER DD 1 128.02 68.87 -48.28
CA SER DD 1 126.61 68.97 -48.64
C SER DD 1 126.17 70.44 -48.61
N LYS DD 2 124.97 70.67 -48.10
CA LYS DD 2 124.40 72.01 -47.98
C LYS DD 2 124.58 72.50 -46.56
N THR DD 3 125.15 73.70 -46.41
CA THR DD 3 125.56 74.20 -45.10
C THR DD 3 124.89 75.54 -44.79
N ILE DD 4 124.68 75.78 -43.50
CA ILE DD 4 124.36 77.10 -42.96
C ILE DD 4 125.47 77.47 -41.99
N VAL DD 5 125.92 78.72 -42.05
CA VAL DD 5 126.95 79.21 -41.14
C VAL DD 5 126.30 80.16 -40.14
N LEU DD 6 126.66 80.01 -38.87
CA LEU DD 6 126.14 80.83 -37.79
C LEU DD 6 127.32 81.46 -37.06
N SER DD 7 127.62 82.71 -37.41
CA SER DD 7 128.74 83.41 -36.80
C SER DD 7 128.34 83.91 -35.42
N VAL DD 8 129.12 83.53 -34.40
CA VAL DD 8 128.80 83.83 -33.01
C VAL DD 8 129.90 84.80 -32.56
N GLY DD 9 130.34 85.62 -33.50
CA GLY DD 9 131.48 86.50 -33.28
C GLY DD 9 132.51 86.26 -34.36
N GLU DD 10 133.65 85.69 -33.98
CA GLU DD 10 134.58 85.14 -34.95
C GLU DD 10 134.50 83.62 -35.06
N ALA DD 11 133.89 82.95 -34.09
CA ALA DD 11 133.69 81.51 -34.16
C ALA DD 11 132.49 81.20 -35.04
N THR DD 12 132.72 80.43 -36.10
CA THR DD 12 131.66 80.06 -37.04
C THR DD 12 131.34 78.59 -36.84
N ARG DD 13 130.05 78.28 -36.68
CA ARG DD 13 129.58 76.92 -36.46
C ARG DD 13 128.73 76.52 -37.67
N THR DD 14 129.29 75.68 -38.53
CA THR DD 14 128.65 75.32 -39.79
C THR DD 14 127.84 74.05 -39.62
N LEU DD 15 126.55 74.13 -39.89
CA LEU DD 15 125.65 73.00 -39.80
C LEU DD 15 125.40 72.40 -41.18
N THR DD 16 125.71 71.11 -41.32
CA THR DD 16 125.54 70.42 -42.60
C THR DD 16 124.25 69.62 -42.59
N GLU DD 17 123.73 69.36 -43.77
CA GLU DD 17 122.40 68.77 -43.91
C GLU DD 17 122.46 67.26 -43.83
N ILE DD 18 121.57 66.66 -43.05
CA ILE DD 18 121.51 65.22 -42.90
C ILE DD 18 120.19 64.63 -43.37
N GLN DD 19 119.23 65.44 -43.81
CA GLN DD 19 117.95 64.93 -44.26
C GLN DD 19 117.31 65.99 -45.17
N SER DD 20 116.61 65.52 -46.20
CA SER DD 20 115.88 66.41 -47.11
C SER DD 20 114.63 65.67 -47.56
N THR DD 21 113.52 65.92 -46.87
CA THR DD 21 112.24 65.34 -47.25
C THR DD 21 111.56 66.37 -48.16
N ALA DD 22 110.27 66.19 -48.46
CA ALA DD 22 109.57 67.18 -49.28
C ALA DD 22 109.37 68.48 -48.53
N ASP DD 23 109.16 68.41 -47.22
CA ASP DD 23 109.04 69.60 -46.39
C ASP DD 23 110.09 69.70 -45.31
N ARG DD 24 110.35 68.62 -44.57
CA ARG DD 24 111.31 68.67 -43.48
C ARG DD 24 112.74 68.69 -44.02
N GLN DD 25 113.64 69.32 -43.25
CA GLN DD 25 114.99 69.56 -43.72
C GLN DD 25 115.87 69.73 -42.48
N ILE DD 26 116.62 68.70 -42.14
CA ILE DD 26 117.32 68.62 -40.85
C ILE DD 26 118.79 68.93 -41.07
N PHE DD 27 119.36 69.79 -40.23
CA PHE DD 27 120.76 70.13 -40.25
C PHE DD 27 121.40 69.71 -38.94
N GLU DD 28 122.71 69.42 -38.98
CA GLU DD 28 123.47 69.09 -37.79
C GLU DD 28 124.87 69.63 -37.92
N GLU DD 29 125.49 69.93 -36.80
CA GLU DD 29 126.92 70.23 -36.76
C GLU DD 29 127.68 68.92 -36.59
N LYS DD 30 128.86 68.86 -37.22
CA LYS DD 30 129.61 67.61 -37.27
C LYS DD 30 130.83 67.59 -36.36
N VAL DD 31 131.09 68.66 -35.63
CA VAL DD 31 132.24 68.70 -34.74
C VAL DD 31 131.84 68.22 -33.35
N GLY DD 32 132.62 67.29 -32.80
CA GLY DD 32 132.43 66.86 -31.44
C GLY DD 32 131.99 65.42 -31.31
N PRO DD 33 131.46 65.06 -30.13
CA PRO DD 33 130.94 63.69 -29.94
C PRO DD 33 129.69 63.42 -30.76
N LEU DD 34 129.32 62.14 -30.87
CA LEU DD 34 128.27 61.71 -31.78
C LEU DD 34 126.90 61.69 -31.13
N VAL DD 35 126.79 61.96 -29.84
CA VAL DD 35 125.51 61.76 -29.15
C VAL DD 35 124.76 63.09 -28.96
N GLY DD 36 125.48 64.18 -28.71
CA GLY DD 36 124.81 65.47 -28.56
C GLY DD 36 125.39 66.52 -29.49
N ARG DD 37 124.61 66.97 -30.46
CA ARG DD 37 125.05 67.95 -31.44
C ARG DD 37 123.94 68.97 -31.66
N LEU DD 38 124.28 70.02 -32.39
CA LEU DD 38 123.29 71.02 -32.78
C LEU DD 38 122.30 70.43 -33.76
N ARG DD 39 121.13 71.06 -33.86
CA ARG DD 39 120.05 70.54 -34.69
C ARG DD 39 119.22 71.72 -35.18
N LEU DD 40 118.75 71.62 -36.42
CA LEU DD 40 117.98 72.70 -37.02
C LEU DD 40 116.94 72.06 -37.93
N THR DD 41 115.74 71.86 -37.42
CA THR DD 41 114.68 71.15 -38.15
C THR DD 41 113.83 72.21 -38.86
N ALA DD 42 114.26 72.61 -40.04
CA ALA DD 42 113.49 73.54 -40.86
C ALA DD 42 112.32 72.82 -41.52
N SER DD 43 111.33 73.62 -41.93
CA SER DD 43 110.14 73.09 -42.58
C SER DD 43 109.46 74.21 -43.34
N LEU DD 44 108.47 73.85 -44.16
CA LEU DD 44 107.65 74.78 -44.91
C LEU DD 44 106.40 74.05 -45.35
N ARG DD 45 105.27 74.75 -45.34
CA ARG DD 45 103.98 74.15 -45.70
C ARG DD 45 103.13 75.19 -46.41
N GLN DD 46 101.95 74.76 -46.85
CA GLN DD 46 100.88 75.68 -47.22
C GLN DD 46 99.55 74.99 -46.94
N ASN DD 47 99.00 75.25 -45.76
CA ASN DD 47 97.81 74.55 -45.29
C ASN DD 47 96.55 75.33 -45.66
N GLY DD 48 95.47 74.59 -45.89
CA GLY DD 48 94.20 75.19 -46.22
C GLY DD 48 93.97 75.32 -47.71
N ALA DD 49 93.41 76.43 -48.15
CA ALA DD 49 93.14 76.65 -49.58
C ALA DD 49 94.30 77.39 -50.25
N LYS DD 50 95.51 76.88 -50.00
CA LYS DD 50 96.75 77.27 -50.67
C LYS DD 50 97.04 78.77 -50.59
N THR DD 51 96.62 79.42 -49.50
CA THR DD 51 96.74 80.87 -49.39
C THR DD 51 97.71 81.34 -48.33
N ALA DD 52 98.11 80.47 -47.39
CA ALA DD 52 98.99 80.87 -46.30
C ALA DD 52 100.07 79.82 -46.14
N TYR DD 53 101.32 80.27 -46.10
CA TYR DD 53 102.45 79.39 -45.86
C TYR DD 53 102.74 79.31 -44.36
N ARG DD 54 103.67 78.45 -44.00
CA ARG DD 54 104.02 78.27 -42.59
C ARG DD 54 105.47 77.81 -42.50
N VAL DD 55 106.36 78.74 -42.22
CA VAL DD 55 107.75 78.43 -41.91
C VAL DD 55 107.83 77.95 -40.47
N ASN DD 56 108.68 76.96 -40.21
CA ASN DD 56 108.73 76.34 -38.88
C ASN DD 56 110.16 75.89 -38.62
N LEU DD 57 110.94 76.73 -37.95
CA LEU DD 57 112.29 76.39 -37.54
C LEU DD 57 112.29 75.87 -36.10
N LYS DD 58 113.36 75.14 -35.76
CA LYS DD 58 113.49 74.57 -34.42
C LYS DD 58 114.98 74.30 -34.19
N LEU DD 59 115.59 75.09 -33.31
CA LEU DD 59 117.02 74.98 -33.02
C LEU DD 59 117.20 74.27 -31.69
N ASP DD 60 117.38 72.95 -31.72
CA ASP DD 60 117.68 72.20 -30.52
C ASP DD 60 119.12 72.46 -30.10
N GLN DD 61 119.40 72.24 -28.82
CA GLN DD 61 120.77 72.29 -28.31
C GLN DD 61 120.84 71.43 -27.06
N ALA DD 62 121.59 70.35 -27.12
CA ALA DD 62 121.79 69.45 -26.00
C ALA DD 62 123.12 69.75 -25.33
N ASP DD 63 123.15 69.63 -24.00
CA ASP DD 63 124.37 69.85 -23.24
C ASP DD 63 124.93 68.49 -22.85
N VAL DD 64 125.90 68.02 -23.61
CA VAL DD 64 126.51 66.72 -23.39
C VAL DD 64 127.64 66.87 -22.38
N VAL DD 65 127.79 65.87 -21.52
CA VAL DD 65 128.86 65.84 -20.53
C VAL DD 65 129.56 64.49 -20.64
N ASP DD 66 130.89 64.50 -20.60
CA ASP DD 66 131.70 63.29 -20.67
C ASP DD 66 132.74 63.32 -19.57
N CYS DD 67 132.59 62.47 -18.58
CA CYS DD 67 133.50 62.37 -17.44
C CYS DD 67 133.99 60.95 -17.26
N SER DD 68 134.51 60.36 -18.34
CA SER DD 68 135.22 59.10 -18.24
C SER DD 68 136.54 59.24 -17.48
N THR DD 69 137.08 60.46 -17.38
CA THR DD 69 138.26 60.69 -16.56
C THR DD 69 137.95 60.56 -15.08
N SER DD 70 136.76 61.02 -14.67
CA SER DD 70 136.37 60.93 -13.26
C SER DD 70 135.86 59.55 -12.92
N VAL DD 71 134.77 59.13 -13.56
CA VAL DD 71 134.21 57.80 -13.35
C VAL DD 71 134.84 56.86 -14.38
N CYS DD 72 135.50 55.81 -13.90
CA CYS DD 72 136.19 54.89 -14.79
C CYS DD 72 135.18 53.94 -15.44
N GLY DD 73 134.98 54.12 -16.74
CA GLY DD 73 134.15 53.23 -17.52
C GLY DD 73 132.80 53.78 -17.94
N GLU DD 74 132.64 55.09 -17.99
CA GLU DD 74 131.38 55.70 -18.42
C GLU DD 74 131.58 56.40 -19.75
N LEU DD 75 130.46 56.67 -20.42
CA LEU DD 75 130.44 57.17 -21.78
C LEU DD 75 129.85 58.58 -21.80
N PRO DD 76 130.02 59.34 -22.89
CA PRO DD 76 129.35 60.65 -22.97
C PRO DD 76 127.84 60.51 -23.02
N LYS DD 77 127.16 61.56 -22.54
CA LYS DD 77 125.73 61.53 -22.28
C LYS DD 77 125.25 62.96 -22.16
N VAL DD 78 124.03 63.22 -22.63
CA VAL DD 78 123.45 64.55 -22.58
C VAL DD 78 122.62 64.68 -21.31
N ARG DD 79 122.64 65.87 -20.71
CA ARG DD 79 121.81 66.12 -19.53
C ARG DD 79 120.43 66.60 -19.94
N TYR DD 80 120.38 67.75 -20.63
CA TYR DD 80 119.12 68.40 -20.97
C TYR DD 80 119.21 68.92 -22.40
N THR DD 81 118.05 69.32 -22.95
CA THR DD 81 117.97 69.97 -24.24
C THR DD 81 117.21 71.28 -24.09
N GLN DD 82 117.70 72.31 -24.76
CA GLN DD 82 117.06 73.63 -24.78
C GLN DD 82 116.81 74.02 -26.22
N VAL DD 83 115.55 74.29 -26.56
CA VAL DD 83 115.16 74.56 -27.93
C VAL DD 83 114.76 76.03 -28.07
N TRP DD 84 114.63 76.47 -29.32
CA TRP DD 84 114.10 77.79 -29.64
C TRP DD 84 113.36 77.63 -30.96
N SER DD 85 112.06 77.40 -30.89
CA SER DD 85 111.27 77.21 -32.09
C SER DD 85 110.88 78.55 -32.70
N HIS DD 86 110.43 78.50 -33.95
CA HIS DD 86 109.85 79.63 -34.64
C HIS DD 86 108.61 79.15 -35.36
N ASP DD 87 107.69 80.08 -35.63
CA ASP DD 87 106.46 79.74 -36.36
C ASP DD 87 106.03 81.00 -37.11
N VAL DD 88 106.45 81.10 -38.36
CA VAL DD 88 106.14 82.26 -39.19
C VAL DD 88 104.94 81.92 -40.05
N THR DD 89 103.98 82.84 -40.15
CA THR DD 89 102.82 82.67 -40.99
C THR DD 89 102.84 83.75 -42.07
N ILE DD 90 102.92 83.33 -43.32
CA ILE DD 90 103.01 84.24 -44.46
C ILE DD 90 101.84 83.95 -45.38
N VAL DD 91 101.02 84.96 -45.63
CA VAL DD 91 99.94 84.82 -46.60
C VAL DD 91 100.47 85.09 -48.00
N ALA DD 92 99.92 84.36 -48.97
CA ALA DD 92 100.59 84.23 -50.28
C ALA DD 92 100.43 85.48 -51.14
N ASN DD 93 99.34 86.23 -50.97
CA ASN DD 93 99.10 87.42 -51.77
C ASN DD 93 99.67 88.68 -51.15
N SER DD 94 100.72 88.56 -50.35
CA SER DD 94 101.33 89.68 -49.66
C SER DD 94 102.09 90.56 -50.64
N THR DD 95 102.46 91.74 -50.16
CA THR DD 95 103.46 92.55 -50.82
C THR DD 95 104.82 92.22 -50.23
N GLU DD 96 105.88 92.57 -50.98
CA GLU DD 96 107.22 92.18 -50.55
C GLU DD 96 107.69 93.02 -49.38
N ALA DD 97 107.20 94.25 -49.24
CA ALA DD 97 107.56 95.07 -48.10
C ALA DD 97 106.89 94.61 -46.82
N SER DD 98 105.81 93.84 -46.92
CA SER DD 98 105.21 93.26 -45.73
C SER DD 98 106.05 92.11 -45.19
N ARG DD 99 106.50 91.22 -46.07
CA ARG DD 99 107.34 90.11 -45.67
C ARG DD 99 108.74 90.56 -45.26
N LYS DD 100 109.21 91.68 -45.80
CA LYS DD 100 110.54 92.17 -45.44
C LYS DD 100 110.52 92.86 -44.09
N SER DD 101 109.44 93.61 -43.80
CA SER DD 101 109.37 94.32 -42.52
C SER DD 101 109.13 93.37 -41.37
N LEU DD 102 108.36 92.29 -41.61
CA LEU DD 102 108.15 91.28 -40.57
C LEU DD 102 109.45 90.57 -40.22
N TYR DD 103 110.31 90.36 -41.21
CA TYR DD 103 111.63 89.81 -40.93
C TYR DD 103 112.53 90.85 -40.25
N ASP DD 104 112.46 92.11 -40.70
CA ASP DD 104 113.31 93.15 -40.15
C ASP DD 104 112.94 93.54 -38.72
N LEU DD 105 111.68 93.34 -38.33
CA LEU DD 105 111.31 93.62 -36.95
C LEU DD 105 111.70 92.47 -36.02
N THR DD 106 111.58 91.23 -36.50
CA THR DD 106 111.95 90.09 -35.67
C THR DD 106 113.46 89.92 -35.59
N LYS DD 107 114.18 90.36 -36.63
CA LYS DD 107 115.64 90.39 -36.55
C LYS DD 107 116.11 91.38 -35.49
N SER DD 108 115.38 92.48 -35.31
CA SER DD 108 115.69 93.45 -34.29
C SER DD 108 115.01 93.16 -32.96
N LEU DD 109 114.00 92.29 -32.94
CA LEU DD 109 113.41 91.85 -31.68
C LEU DD 109 114.39 90.98 -30.91
N VAL DD 110 115.01 90.03 -31.59
CA VAL DD 110 115.94 89.12 -30.92
C VAL DD 110 117.23 89.85 -30.54
N ALA DD 111 117.64 90.83 -31.34
CA ALA DD 111 118.92 91.48 -31.12
C ALA DD 111 118.90 92.53 -30.02
N THR DD 112 117.78 92.79 -29.38
CA THR DD 112 117.74 93.79 -28.33
C THR DD 112 118.21 93.21 -27.01
N SER DD 113 118.48 94.10 -26.06
CA SER DD 113 118.98 93.70 -24.75
C SER DD 113 117.88 93.26 -23.80
N GLN DD 114 116.61 93.36 -24.19
CA GLN DD 114 115.53 92.97 -23.31
C GLN DD 114 115.10 91.53 -23.53
N VAL DD 115 115.23 91.02 -24.75
CA VAL DD 115 114.95 89.61 -25.00
C VAL DD 115 116.16 88.77 -24.61
N GLU DD 116 117.35 89.36 -24.64
CA GLU DD 116 118.54 88.67 -24.15
C GLU DD 116 118.44 88.37 -22.67
N ASP DD 117 118.01 89.35 -21.87
CA ASP DD 117 117.83 89.12 -20.45
C ASP DD 117 116.60 88.28 -20.14
N LEU DD 118 115.66 88.18 -21.09
CA LEU DD 118 114.46 87.39 -20.86
C LEU DD 118 114.75 85.89 -20.93
N VAL DD 119 115.72 85.48 -21.74
CA VAL DD 119 115.99 84.05 -21.89
C VAL DD 119 117.22 83.63 -21.11
N VAL DD 120 118.10 84.59 -20.79
CA VAL DD 120 119.27 84.25 -20.00
C VAL DD 120 118.97 84.37 -18.51
N ASN DD 121 118.48 85.54 -18.08
CA ASN DD 121 118.30 85.82 -16.66
C ASN DD 121 116.83 85.86 -16.26
N LEU DD 122 115.91 85.51 -17.15
CA LEU DD 122 114.47 85.38 -16.91
C LEU DD 122 113.81 86.70 -16.49
N VAL DD 123 114.41 87.82 -16.83
CA VAL DD 123 113.86 89.13 -16.50
C VAL DD 123 112.70 89.43 -17.45
N PRO DD 124 111.56 89.92 -16.95
CA PRO DD 124 110.43 90.22 -17.85
C PRO DD 124 110.73 91.41 -18.75
N LEU DD 125 109.83 91.59 -19.72
CA LEU DD 125 110.06 92.57 -20.78
C LEU DD 125 109.63 93.96 -20.35
N GLY DD 126 110.22 94.96 -21.00
CA GLY DD 126 109.84 96.34 -20.75
C GLY DD 126 110.71 97.04 -19.73
N ARG DD 127 111.27 98.18 -20.11
CA ARG DD 127 112.05 99.02 -19.20
C ARG DD 127 111.56 100.45 -19.34
N ALA DD 128 111.00 101.00 -18.27
CA ALA DD 128 110.42 102.34 -18.30
C ALA DD 128 111.54 103.37 -18.19
N TYR DD 129 111.87 104.01 -19.32
CA TYR DD 129 112.86 105.08 -19.36
C TYR DD 129 112.11 106.39 -19.57
N GLY DD 130 111.65 106.98 -18.47
CA GLY DD 130 110.92 108.23 -18.53
C GLY DD 130 109.56 108.13 -19.20
N GLY DD 131 108.64 107.39 -18.58
CA GLY DD 131 107.32 107.21 -19.16
C GLY DD 131 106.77 105.82 -18.93
N SER DD 132 106.25 105.20 -19.98
CA SER DD 132 105.68 103.87 -19.88
C SER DD 132 106.77 102.82 -20.11
N LYS DD 133 106.41 101.56 -19.88
CA LYS DD 133 107.30 100.45 -20.16
C LYS DD 133 107.34 100.22 -21.67
N THR DD 134 108.50 100.45 -22.28
CA THR DD 134 108.61 100.49 -23.73
C THR DD 134 109.69 99.55 -24.23
N ILE DD 135 109.53 99.08 -25.46
CA ILE DD 135 110.53 98.33 -26.20
C ILE DD 135 110.81 99.09 -27.48
N VAL DD 136 112.08 99.27 -27.81
CA VAL DD 136 112.47 99.97 -29.03
C VAL DD 136 113.02 98.95 -30.01
N LEU DD 137 112.41 98.88 -31.20
CA LEU DD 137 112.81 97.95 -32.24
C LEU DD 137 113.38 98.77 -33.41
N SER DD 138 114.67 99.03 -33.37
CA SER DD 138 115.32 99.84 -34.39
C SER DD 138 115.48 99.05 -35.68
N VAL DD 139 115.07 99.66 -36.79
CA VAL DD 139 115.13 99.02 -38.10
C VAL DD 139 116.15 99.82 -38.90
N GLY DD 140 117.19 100.29 -38.21
CA GLY DD 140 118.16 101.17 -38.82
C GLY DD 140 118.14 102.51 -38.14
N GLU DD 141 117.65 103.55 -38.84
CA GLU DD 141 117.39 104.83 -38.21
C GLU DD 141 115.93 105.00 -37.84
N ALA DD 142 115.03 104.18 -38.37
CA ALA DD 142 113.65 104.19 -37.96
C ALA DD 142 113.47 103.33 -36.72
N THR DD 143 112.99 103.94 -35.64
CA THR DD 143 112.77 103.24 -34.37
C THR DD 143 111.27 103.16 -34.12
N ARG DD 144 110.79 101.97 -33.80
CA ARG DD 144 109.37 101.74 -33.56
C ARG DD 144 109.19 101.33 -32.10
N THR DD 145 108.59 102.23 -31.32
CA THR DD 145 108.53 102.08 -29.86
C THR DD 145 107.18 101.51 -29.46
N LEU DD 146 107.17 100.30 -28.91
CA LEU DD 146 105.95 99.66 -28.46
C LEU DD 146 105.79 99.85 -26.96
N THR DD 147 104.64 100.38 -26.55
CA THR DD 147 104.36 100.64 -25.16
C THR DD 147 103.44 99.56 -24.60
N GLU DD 148 103.61 99.25 -23.31
CA GLU DD 148 102.88 98.17 -22.68
C GLU DD 148 101.44 98.58 -22.42
N ILE DD 149 100.51 97.71 -22.80
CA ILE DD 149 99.09 98.01 -22.64
C ILE DD 149 98.41 97.11 -21.60
N GLN DD 150 99.01 95.96 -21.25
CA GLN DD 150 98.39 95.03 -20.33
C GLN DD 150 99.46 94.10 -19.78
N SER DD 151 99.50 93.94 -18.46
CA SER DD 151 100.43 93.04 -17.79
C SER DD 151 99.61 92.12 -16.88
N THR DD 152 99.13 91.03 -17.44
CA THR DD 152 98.38 90.03 -16.69
C THR DD 152 99.42 89.14 -15.98
N ALA DD 153 98.97 88.18 -15.17
CA ALA DD 153 99.91 87.30 -14.48
C ALA DD 153 100.61 86.35 -15.45
N ASP DD 154 99.96 86.04 -16.58
CA ASP DD 154 100.58 85.21 -17.62
C ASP DD 154 101.08 86.05 -18.79
N ARG DD 155 100.22 86.85 -19.41
CA ARG DD 155 100.58 87.56 -20.62
C ARG DD 155 101.22 88.91 -20.29
N GLN DD 156 101.85 89.49 -21.30
CA GLN DD 156 102.42 90.83 -21.19
C GLN DD 156 102.37 91.45 -22.58
N ILE DD 157 101.31 92.18 -22.88
CA ILE DD 157 101.01 92.63 -24.24
C ILE DD 157 101.60 94.01 -24.45
N PHE DD 158 102.37 94.16 -25.52
CA PHE DD 158 102.90 95.44 -25.95
C PHE DD 158 102.23 95.81 -27.27
N GLU DD 159 102.24 97.10 -27.59
CA GLU DD 159 101.56 97.60 -28.77
C GLU DD 159 102.11 98.97 -29.13
N GLU DD 160 102.27 99.22 -30.43
CA GLU DD 160 102.63 100.55 -30.89
C GLU DD 160 101.42 101.47 -30.81
N LYS DD 161 101.69 102.78 -30.77
CA LYS DD 161 100.64 103.75 -30.50
C LYS DD 161 100.44 104.78 -31.60
N VAL DD 162 101.32 104.86 -32.59
CA VAL DD 162 101.12 105.79 -33.69
C VAL DD 162 100.23 105.16 -34.75
N GLY DD 163 99.59 106.01 -35.54
CA GLY DD 163 98.77 105.54 -36.65
C GLY DD 163 97.33 105.30 -36.27
N PRO DD 164 96.59 104.60 -37.12
CA PRO DD 164 95.19 104.28 -36.82
C PRO DD 164 95.09 103.24 -35.72
N LEU DD 165 93.89 103.13 -35.16
CA LEU DD 165 93.63 102.21 -34.06
C LEU DD 165 93.27 100.81 -34.50
N VAL DD 166 93.07 100.59 -35.81
CA VAL DD 166 92.53 99.30 -36.25
C VAL DD 166 93.65 98.27 -36.44
N GLY DD 167 94.80 98.67 -36.96
CA GLY DD 167 95.91 97.75 -37.11
C GLY DD 167 97.21 98.30 -36.57
N ARG DD 168 97.75 97.65 -35.55
CA ARG DD 168 98.99 98.08 -34.92
C ARG DD 168 99.84 96.87 -34.59
N LEU DD 169 101.11 97.12 -34.27
CA LEU DD 169 102.02 96.05 -33.88
C LEU DD 169 101.62 95.46 -32.54
N ARG DD 170 101.98 94.20 -32.34
CA ARG DD 170 101.67 93.51 -31.10
C ARG DD 170 102.91 92.73 -30.65
N LEU DD 171 103.00 92.51 -29.34
CA LEU DD 171 104.07 91.69 -28.79
C LEU DD 171 103.52 91.08 -27.51
N THR DD 172 103.02 89.85 -27.61
CA THR DD 172 102.40 89.17 -26.47
C THR DD 172 103.40 88.17 -25.91
N ALA DD 173 104.26 88.64 -25.02
CA ALA DD 173 105.18 87.75 -24.34
C ALA DD 173 104.46 86.95 -23.26
N SER DD 174 105.08 85.85 -22.86
CA SER DD 174 104.54 85.02 -21.79
C SER DD 174 105.69 84.28 -21.14
N LEU DD 175 105.39 83.59 -20.03
CA LEU DD 175 106.39 82.84 -19.29
C LEU DD 175 105.66 81.85 -18.40
N ARG DD 176 105.99 80.57 -18.54
CA ARG DD 176 105.36 79.52 -17.76
C ARG DD 176 106.42 78.61 -17.18
N GLN DD 177 105.97 77.63 -16.40
CA GLN DD 177 106.81 76.49 -16.02
C GLN DD 177 105.89 75.30 -15.80
N ASN DD 178 106.05 74.28 -16.64
CA ASN DD 178 105.20 73.11 -16.63
C ASN DD 178 105.90 71.95 -15.93
N GLY DD 179 105.13 71.17 -15.20
CA GLY DD 179 105.64 70.00 -14.51
C GLY DD 179 106.08 70.30 -13.10
N ALA DD 180 107.13 69.63 -12.65
CA ALA DD 180 107.64 69.83 -11.29
C ALA DD 180 108.73 70.89 -11.24
N LYS DD 181 108.42 72.07 -11.82
CA LYS DD 181 109.25 73.27 -11.77
C LYS DD 181 110.66 73.05 -12.34
N THR DD 182 110.76 72.19 -13.36
CA THR DD 182 112.06 71.85 -13.93
C THR DD 182 112.40 72.64 -15.18
N ALA DD 183 111.41 73.09 -15.95
CA ALA DD 183 111.68 73.76 -17.20
C ALA DD 183 110.74 74.95 -17.37
N TYR DD 184 111.28 76.04 -17.90
CA TYR DD 184 110.51 77.24 -18.18
C TYR DD 184 110.01 77.20 -19.63
N ARG DD 185 109.23 78.21 -20.01
CA ARG DD 185 108.70 78.28 -21.36
C ARG DD 185 108.44 79.75 -21.69
N VAL DD 186 109.37 80.36 -22.42
CA VAL DD 186 109.19 81.72 -22.92
C VAL DD 186 108.42 81.65 -24.23
N ASN DD 187 107.57 82.65 -24.48
CA ASN DD 187 106.70 82.60 -25.67
C ASN DD 187 106.44 84.02 -26.15
N LEU DD 188 107.22 84.46 -27.13
CA LEU DD 188 106.99 85.74 -27.79
C LEU DD 188 106.15 85.54 -29.03
N LYS DD 189 105.55 86.63 -29.51
CA LYS DD 189 104.69 86.58 -30.71
C LYS DD 189 104.53 87.99 -31.24
N LEU DD 190 104.87 88.21 -32.50
CA LEU DD 190 104.83 89.53 -33.12
C LEU DD 190 103.79 89.55 -34.23
N ASP DD 191 102.65 90.20 -33.96
CA ASP DD 191 101.60 90.35 -34.96
C ASP DD 191 101.83 91.62 -35.77
N GLN DD 192 101.75 91.48 -37.10
CA GLN DD 192 101.81 92.64 -37.97
C GLN DD 192 100.66 92.55 -38.96
N ALA DD 193 99.75 93.52 -38.90
CA ALA DD 193 98.62 93.59 -39.80
C ALA DD 193 98.85 94.69 -40.82
N ASP DD 194 98.48 94.43 -42.07
CA ASP DD 194 98.65 95.39 -43.15
C ASP DD 194 97.37 96.20 -43.27
N VAL DD 195 97.43 97.47 -42.90
CA VAL DD 195 96.28 98.37 -42.96
C VAL DD 195 96.44 99.27 -44.18
N VAL DD 196 95.32 99.54 -44.84
CA VAL DD 196 95.29 100.41 -46.02
C VAL DD 196 94.03 101.27 -45.94
N ASP DD 197 94.13 102.50 -46.44
CA ASP DD 197 92.99 103.39 -46.51
C ASP DD 197 92.84 103.94 -47.92
N CYS DD 198 91.62 103.86 -48.45
CA CYS DD 198 91.33 104.27 -49.82
C CYS DD 198 90.43 105.50 -49.84
N SER DD 199 90.62 106.41 -48.88
CA SER DD 199 89.81 107.61 -48.81
C SER DD 199 90.11 108.59 -49.94
N THR DD 200 91.31 108.53 -50.51
CA THR DD 200 91.61 109.36 -51.67
C THR DD 200 91.01 108.78 -52.95
N SER DD 201 90.62 107.50 -52.92
CA SER DD 201 90.00 106.84 -54.05
C SER DD 201 88.49 106.71 -53.89
N VAL DD 202 88.03 106.14 -52.78
CA VAL DD 202 86.61 105.95 -52.50
C VAL DD 202 86.25 106.79 -51.29
N CYS DD 203 85.22 107.61 -51.43
CA CYS DD 203 84.77 108.45 -50.34
C CYS DD 203 84.13 107.64 -49.22
N GLY DD 204 84.29 108.14 -47.99
CA GLY DD 204 83.72 107.50 -46.82
C GLY DD 204 84.35 106.18 -46.48
N GLU DD 205 85.61 105.96 -46.83
CA GLU DD 205 86.30 104.71 -46.59
C GLU DD 205 87.29 104.91 -45.45
N LEU DD 206 87.02 104.26 -44.33
CA LEU DD 206 87.91 104.26 -43.18
C LEU DD 206 88.95 103.15 -43.36
N PRO DD 207 90.08 103.24 -42.65
CA PRO DD 207 91.11 102.19 -42.78
C PRO DD 207 90.63 100.83 -42.29
N LYS DD 208 91.21 99.79 -42.88
CA LYS DD 208 90.88 98.41 -42.55
C LYS DD 208 92.10 97.55 -42.82
N VAL DD 209 92.10 96.36 -42.24
CA VAL DD 209 93.23 95.43 -42.35
C VAL DD 209 92.96 94.44 -43.48
N ARG DD 210 93.99 94.18 -44.28
CA ARG DD 210 93.89 93.16 -45.32
C ARG DD 210 94.14 91.78 -44.75
N TYR DD 211 95.35 91.55 -44.24
CA TYR DD 211 95.78 90.27 -43.72
C TYR DD 211 96.58 90.50 -42.45
N THR DD 212 97.17 89.43 -41.92
CA THR DD 212 98.08 89.55 -40.80
C THR DD 212 99.15 88.47 -40.93
N GLN DD 213 100.33 88.74 -40.36
CA GLN DD 213 101.46 87.84 -40.43
C GLN DD 213 102.14 87.80 -39.07
N VAL DD 214 102.34 86.59 -38.56
CA VAL DD 214 102.88 86.41 -37.21
C VAL DD 214 104.33 85.94 -37.32
N TRP DD 215 105.04 86.05 -36.21
CA TRP DD 215 106.34 85.39 -36.03
C TRP DD 215 106.44 85.09 -34.54
N SER DD 216 105.95 83.92 -34.15
CA SER DD 216 105.97 83.56 -32.75
C SER DD 216 107.21 82.76 -32.42
N HIS DD 217 107.55 82.75 -31.13
CA HIS DD 217 108.72 82.05 -30.62
C HIS DD 217 108.30 81.15 -29.48
N ASP DD 218 109.07 80.09 -29.24
CA ASP DD 218 108.76 79.18 -28.15
C ASP DD 218 110.09 78.61 -27.64
N VAL DD 219 110.63 79.24 -26.62
CA VAL DD 219 111.91 78.85 -26.04
C VAL DD 219 111.64 77.94 -24.85
N THR DD 220 112.39 76.84 -24.76
CA THR DD 220 112.29 75.92 -23.64
C THR DD 220 113.62 75.94 -22.89
N ILE DD 221 113.58 76.35 -21.62
CA ILE DD 221 114.78 76.49 -20.80
C ILE DD 221 114.56 75.70 -19.53
N VAL DD 222 115.45 74.74 -19.27
CA VAL DD 222 115.39 73.98 -18.03
C VAL DD 222 115.98 74.81 -16.90
N ALA DD 223 115.47 74.60 -15.68
CA ALA DD 223 115.72 75.52 -14.59
C ALA DD 223 117.13 75.40 -14.03
N ASN DD 224 117.73 74.21 -14.10
CA ASN DD 224 119.07 73.97 -13.55
C ASN DD 224 120.17 74.14 -14.59
N SER DD 225 119.97 75.03 -15.56
CA SER DD 225 120.91 75.22 -16.66
C SER DD 225 122.19 75.90 -16.18
N THR DD 226 123.19 75.87 -17.06
CA THR DD 226 124.35 76.72 -16.94
C THR DD 226 124.00 78.07 -17.54
N GLU DD 227 124.69 79.13 -17.12
CA GLU DD 227 124.44 80.44 -17.71
C GLU DD 227 124.93 80.49 -19.15
N ALA DD 228 126.12 79.93 -19.43
CA ALA DD 228 126.61 79.89 -20.80
C ALA DD 228 125.87 78.88 -21.66
N SER DD 229 125.07 78.00 -21.05
CA SER DD 229 124.17 77.15 -21.83
C SER DD 229 122.97 77.93 -22.35
N ARG DD 230 122.50 78.91 -21.57
CA ARG DD 230 121.42 79.77 -22.05
C ARG DD 230 121.94 80.92 -22.88
N LYS DD 231 123.17 81.36 -22.62
CA LYS DD 231 123.75 82.46 -23.39
C LYS DD 231 124.11 82.00 -24.80
N SER DD 232 124.53 80.75 -24.96
CA SER DD 232 124.88 80.25 -26.28
C SER DD 232 123.64 79.91 -27.10
N LEU DD 233 122.55 79.54 -26.45
CA LEU DD 233 121.31 79.30 -27.19
C LEU DD 233 120.74 80.59 -27.75
N TYR DD 234 120.86 81.69 -26.99
CA TYR DD 234 120.42 82.99 -27.50
C TYR DD 234 121.34 83.48 -28.61
N ASP DD 235 122.66 83.32 -28.43
CA ASP DD 235 123.63 83.79 -29.39
C ASP DD 235 123.58 83.03 -30.72
N LEU DD 236 123.12 81.78 -30.71
CA LEU DD 236 122.97 81.05 -31.96
C LEU DD 236 121.68 81.45 -32.68
N THR DD 237 120.60 81.65 -31.93
CA THR DD 237 119.33 82.04 -32.55
C THR DD 237 119.37 83.48 -33.05
N LYS DD 238 120.09 84.36 -32.34
CA LYS DD 238 120.30 85.71 -32.82
C LYS DD 238 121.12 85.71 -34.10
N SER DD 239 122.07 84.79 -34.22
CA SER DD 239 122.86 84.66 -35.42
C SER DD 239 122.16 83.83 -36.50
N LEU DD 240 121.14 83.08 -36.15
CA LEU DD 240 120.40 82.32 -37.16
C LEU DD 240 119.46 83.23 -37.93
N VAL DD 241 118.71 84.09 -37.23
CA VAL DD 241 117.79 85.02 -37.86
C VAL DD 241 118.55 86.04 -38.70
N ALA DD 242 119.75 86.41 -38.29
CA ALA DD 242 120.52 87.43 -39.01
C ALA DD 242 121.20 86.90 -40.27
N THR DD 243 121.03 85.63 -40.63
CA THR DD 243 121.65 85.10 -41.83
C THR DD 243 120.89 85.55 -43.08
N SER DD 244 121.50 85.30 -44.23
CA SER DD 244 120.89 85.63 -45.50
C SER DD 244 120.02 84.52 -46.04
N GLN DD 245 119.93 83.39 -45.34
CA GLN DD 245 119.11 82.28 -45.81
C GLN DD 245 117.75 82.27 -45.14
N VAL DD 246 117.68 82.64 -43.87
CA VAL DD 246 116.40 82.77 -43.18
C VAL DD 246 115.68 84.04 -43.60
N GLU DD 247 116.43 85.04 -44.11
CA GLU DD 247 115.80 86.18 -44.75
C GLU DD 247 115.06 85.75 -46.00
N ASP DD 248 115.73 85.00 -46.88
CA ASP DD 248 115.11 84.54 -48.11
C ASP DD 248 114.11 83.42 -47.91
N LEU DD 249 114.14 82.75 -46.76
CA LEU DD 249 113.13 81.75 -46.46
C LEU DD 249 111.79 82.41 -46.13
N VAL DD 250 111.82 83.60 -45.56
CA VAL DD 250 110.59 84.32 -45.24
C VAL DD 250 110.14 85.20 -46.41
N VAL DD 251 111.07 85.88 -47.05
CA VAL DD 251 110.71 86.80 -48.13
C VAL DD 251 110.37 86.03 -49.41
N ASN DD 252 111.20 85.05 -49.79
CA ASN DD 252 111.05 84.39 -51.09
C ASN DD 252 110.74 82.92 -51.01
N LEU DD 253 110.59 82.35 -49.81
CA LEU DD 253 110.16 80.96 -49.57
C LEU DD 253 111.12 79.91 -50.15
N VAL DD 254 112.37 80.28 -50.38
CA VAL DD 254 113.37 79.30 -50.79
C VAL DD 254 113.92 78.61 -49.54
N PRO DD 255 114.00 77.27 -49.52
CA PRO DD 255 114.45 76.57 -48.32
C PRO DD 255 115.92 76.81 -48.01
N LEU DD 256 116.32 76.35 -46.83
CA LEU DD 256 117.65 76.62 -46.29
C LEU DD 256 118.69 75.74 -46.95
N GLY DD 257 119.96 76.14 -46.78
CA GLY DD 257 121.06 75.33 -47.24
C GLY DD 257 121.60 75.71 -48.60
N ARG DD 258 122.82 76.24 -48.65
CA ARG DD 258 123.49 76.51 -49.90
C ARG DD 258 124.88 75.89 -49.90
N SER ED 1 -68.90 -135.58 16.05
CA SER ED 1 -68.43 -134.85 17.23
C SER ED 1 -69.61 -134.43 18.11
N LYS ED 2 -69.77 -133.12 18.30
CA LYS ED 2 -70.86 -132.56 19.09
C LYS ED 2 -71.93 -132.02 18.16
N THR ED 3 -73.17 -132.45 18.36
CA THR ED 3 -74.25 -132.19 17.42
C THR ED 3 -75.40 -131.45 18.07
N ILE ED 4 -76.13 -130.70 17.25
CA ILE ED 4 -77.45 -130.17 17.57
C ILE ED 4 -78.42 -130.72 16.54
N VAL ED 5 -79.61 -131.12 16.99
CA VAL ED 5 -80.62 -131.71 16.11
C VAL ED 5 -81.80 -130.74 16.03
N LEU ED 6 -82.06 -130.22 14.84
CA LEU ED 6 -83.13 -129.26 14.60
C LEU ED 6 -84.23 -129.96 13.80
N SER ED 7 -85.22 -130.49 14.50
CA SER ED 7 -86.30 -131.22 13.84
C SER ED 7 -87.33 -130.22 13.29
N VAL ED 8 -87.66 -130.39 12.01
CA VAL ED 8 -88.50 -129.45 11.28
C VAL ED 8 -89.79 -130.22 10.98
N GLY ED 9 -90.17 -131.08 11.91
CA GLY ED 9 -91.29 -131.98 11.72
C GLY ED 9 -90.86 -133.39 12.03
N GLU ED 10 -90.84 -134.24 11.01
CA GLU ED 10 -90.13 -135.52 11.11
C GLU ED 10 -88.76 -135.46 10.44
N ALA ED 11 -88.52 -134.48 9.59
CA ALA ED 11 -87.20 -134.28 9.01
C ALA ED 11 -86.29 -133.60 10.01
N THR ED 12 -85.23 -134.30 10.43
CA THR ED 12 -84.28 -133.78 11.40
C THR ED 12 -83.00 -133.40 10.67
N ARG ED 13 -82.51 -132.19 10.92
CA ARG ED 13 -81.32 -131.67 10.27
C ARG ED 13 -80.23 -131.52 11.32
N THR ED 14 -79.29 -132.46 11.33
CA THR ED 14 -78.27 -132.54 12.37
C THR ED 14 -77.05 -131.73 11.97
N LEU ED 15 -76.73 -130.73 12.78
CA LEU ED 15 -75.52 -129.93 12.59
C LEU ED 15 -74.34 -130.57 13.32
N THR ED 16 -73.14 -130.31 12.81
CA THR ED 16 -71.93 -130.90 13.37
C THR ED 16 -70.89 -129.81 13.58
N GLU ED 17 -70.23 -129.85 14.74
CA GLU ED 17 -69.32 -128.78 15.13
C GLU ED 17 -68.04 -128.81 14.32
N ILE ED 18 -67.64 -127.64 13.82
CA ILE ED 18 -66.40 -127.51 13.06
C ILE ED 18 -65.40 -126.57 13.72
N GLN ED 19 -65.73 -125.96 14.85
CA GLN ED 19 -64.82 -125.04 15.52
C GLN ED 19 -65.21 -124.94 16.99
N SER ED 20 -64.21 -124.84 17.85
CA SER ED 20 -64.43 -124.65 19.28
C SER ED 20 -63.32 -123.74 19.79
N THR ED 21 -63.59 -122.45 19.82
CA THR ED 21 -62.65 -121.47 20.36
C THR ED 21 -63.03 -121.30 21.85
N ALA ED 22 -62.46 -120.31 22.54
CA ALA ED 22 -62.83 -120.09 23.94
C ALA ED 22 -64.24 -119.55 24.04
N ASP ED 23 -64.66 -118.71 23.10
CA ASP ED 23 -66.01 -118.18 23.08
C ASP ED 23 -66.80 -118.58 21.84
N ARG ED 24 -66.20 -118.54 20.65
CA ARG ED 24 -66.93 -118.87 19.45
C ARG ED 24 -67.06 -120.38 19.29
N GLN ED 25 -68.12 -120.79 18.60
CA GLN ED 25 -68.44 -122.22 18.51
C GLN ED 25 -69.30 -122.41 17.25
N ILE ED 26 -68.69 -122.89 16.18
CA ILE ED 26 -69.30 -122.92 14.85
C ILE ED 26 -69.80 -124.33 14.57
N PHE ED 27 -71.03 -124.42 14.06
CA PHE ED 27 -71.66 -125.68 13.67
C PHE ED 27 -72.00 -125.64 12.18
N GLU ED 28 -72.00 -126.80 11.55
CA GLU ED 28 -72.38 -126.89 10.14
C GLU ED 28 -73.12 -128.19 9.90
N GLU ED 29 -73.95 -128.20 8.86
CA GLU ED 29 -74.56 -129.42 8.37
C GLU ED 29 -73.64 -130.05 7.34
N LYS ED 30 -73.69 -131.37 7.23
CA LYS ED 30 -72.71 -132.09 6.44
C LYS ED 30 -73.26 -132.72 5.16
N VAL ED 31 -74.56 -132.69 4.95
CA VAL ED 31 -75.12 -133.26 3.74
C VAL ED 31 -75.16 -132.21 2.64
N GLY ED 32 -75.12 -132.66 1.39
CA GLY ED 32 -75.23 -131.79 0.25
C GLY ED 32 -73.89 -131.36 -0.30
N PRO ED 33 -73.89 -130.28 -1.10
CA PRO ED 33 -72.62 -129.76 -1.63
C PRO ED 33 -71.74 -129.12 -0.56
N LEU ED 34 -70.54 -128.70 -0.94
CA LEU ED 34 -69.56 -128.20 0.01
C LEU ED 34 -69.48 -126.68 0.06
N VAL ED 35 -70.21 -125.98 -0.79
CA VAL ED 35 -70.03 -124.53 -0.89
C VAL ED 35 -71.06 -123.77 -0.06
N GLY ED 36 -72.31 -124.23 -0.01
CA GLY ED 36 -73.31 -123.57 0.80
C GLY ED 36 -74.04 -124.51 1.73
N ARG ED 37 -73.88 -124.30 3.03
CA ARG ED 37 -74.46 -125.16 4.05
C ARG ED 37 -75.00 -124.30 5.18
N LEU ED 38 -75.72 -124.94 6.10
CA LEU ED 38 -76.16 -124.26 7.31
C LEU ED 38 -74.97 -123.91 8.20
N ARG ED 39 -75.21 -122.95 9.09
CA ARG ED 39 -74.17 -122.42 9.93
C ARG ED 39 -74.80 -121.95 11.23
N LEU ED 40 -74.10 -122.14 12.33
CA LEU ED 40 -74.63 -121.72 13.63
C LEU ED 40 -73.43 -121.24 14.46
N THR ED 41 -73.18 -119.94 14.42
CA THR ED 41 -72.04 -119.35 15.09
C THR ED 41 -72.49 -118.92 16.49
N ALA ED 42 -72.37 -119.83 17.44
CA ALA ED 42 -72.72 -119.53 18.82
C ALA ED 42 -71.58 -118.82 19.52
N SER ED 43 -71.91 -118.15 20.62
CA SER ED 43 -70.93 -117.36 21.36
C SER ED 43 -71.43 -117.15 22.78
N LEU ED 44 -70.52 -116.74 23.65
CA LEU ED 44 -70.85 -116.39 25.03
C LEU ED 44 -69.74 -115.50 25.56
N ARG ED 45 -70.12 -114.51 26.36
CA ARG ED 45 -69.18 -113.53 26.88
C ARG ED 45 -69.60 -113.14 28.29
N GLN ED 46 -68.80 -112.28 28.92
CA GLN ED 46 -69.21 -111.53 30.10
C GLN ED 46 -68.47 -110.20 30.09
N ASN ED 47 -69.13 -109.18 29.56
CA ASN ED 47 -68.50 -107.89 29.32
C ASN ED 47 -68.68 -106.97 30.53
N GLY ED 48 -67.72 -106.06 30.69
CA GLY ED 48 -67.77 -105.09 31.76
C GLY ED 48 -67.13 -105.61 33.04
N ALA ED 49 -67.74 -105.30 34.18
CA ALA ED 49 -67.21 -105.73 35.47
C ALA ED 49 -67.84 -107.05 35.91
N LYS ED 50 -67.78 -108.02 34.99
CA LYS ED 50 -68.15 -109.43 35.22
C LYS ED 50 -69.58 -109.61 35.72
N THR ED 51 -70.49 -108.71 35.35
CA THR ED 51 -71.83 -108.70 35.92
C THR ED 51 -72.93 -109.16 34.99
N ALA ED 52 -72.69 -109.19 33.68
CA ALA ED 52 -73.73 -109.55 32.72
C ALA ED 52 -73.12 -110.39 31.61
N TYR ED 53 -73.79 -111.46 31.25
CA TYR ED 53 -73.36 -112.32 30.15
C TYR ED 53 -73.98 -111.84 28.85
N ARG ED 54 -73.58 -112.47 27.74
CA ARG ED 54 -74.09 -112.08 26.43
C ARG ED 54 -74.02 -113.31 25.51
N VAL ED 55 -75.16 -113.96 25.34
CA VAL ED 55 -75.29 -115.04 24.38
C VAL ED 55 -75.51 -114.43 23.00
N ASN ED 56 -74.92 -115.04 21.96
CA ASN ED 56 -74.97 -114.45 20.63
C ASN ED 56 -75.03 -115.58 19.62
N LEU ED 57 -76.24 -115.95 19.21
CA LEU ED 57 -76.43 -116.95 18.17
C LEU ED 57 -76.56 -116.29 16.80
N LYS ED 58 -76.31 -117.07 15.74
CA LYS ED 58 -76.40 -116.56 14.38
C LYS ED 58 -76.60 -117.76 13.46
N LEU ED 59 -77.80 -117.90 12.92
CA LEU ED 59 -78.15 -119.02 12.06
C LEU ED 59 -78.15 -118.56 10.61
N ASP ED 60 -77.04 -118.80 9.92
CA ASP ED 60 -76.96 -118.47 8.50
C ASP ED 60 -77.69 -119.51 7.68
N GLN ED 61 -78.05 -119.14 6.45
CA GLN ED 61 -78.64 -120.06 5.49
C GLN ED 61 -78.42 -119.51 4.10
N ALA ED 62 -77.62 -120.21 3.31
CA ALA ED 62 -77.31 -119.82 1.95
C ALA ED 62 -78.14 -120.67 0.99
N ASP ED 63 -78.57 -120.05 -0.11
CA ASP ED 63 -79.33 -120.74 -1.14
C ASP ED 63 -78.39 -121.05 -2.30
N VAL ED 64 -77.97 -122.30 -2.39
CA VAL ED 64 -77.05 -122.73 -3.42
C VAL ED 64 -77.86 -123.28 -4.60
N VAL ED 65 -77.36 -123.03 -5.80
CA VAL ED 65 -77.99 -123.52 -7.02
C VAL ED 65 -76.91 -124.12 -7.90
N ASP ED 66 -77.18 -125.30 -8.46
CA ASP ED 66 -76.26 -125.98 -9.37
C ASP ED 66 -77.02 -126.39 -10.62
N CYS ED 67 -76.67 -125.77 -11.74
CA CYS ED 67 -77.26 -126.08 -13.05
C CYS ED 67 -76.16 -126.35 -14.08
N SER ED 68 -75.27 -127.29 -13.76
CA SER ED 68 -74.38 -127.85 -14.76
C SER ED 68 -75.12 -128.63 -15.83
N THR ED 69 -76.33 -129.10 -15.53
CA THR ED 69 -77.17 -129.72 -16.55
C THR ED 69 -77.63 -128.69 -17.58
N SER ED 70 -77.94 -127.48 -17.14
CA SER ED 70 -78.40 -126.44 -18.05
C SER ED 70 -77.24 -125.81 -18.80
N VAL ED 71 -76.33 -125.18 -18.07
CA VAL ED 71 -75.11 -124.61 -18.67
C VAL ED 71 -74.01 -125.65 -18.55
N CYS ED 72 -73.52 -126.13 -19.69
CA CYS ED 72 -72.48 -127.14 -19.69
C CYS ED 72 -71.14 -126.52 -19.30
N GLY ED 73 -70.71 -126.77 -18.07
CA GLY ED 73 -69.42 -126.33 -17.61
C GLY ED 73 -69.42 -125.41 -16.40
N GLU ED 74 -70.52 -125.33 -15.66
CA GLU ED 74 -70.59 -124.48 -14.48
C GLU ED 74 -70.68 -125.33 -13.22
N LEU ED 75 -70.39 -124.70 -12.09
CA LEU ED 75 -70.26 -125.36 -10.79
C LEU ED 75 -71.33 -124.83 -9.85
N PRO ED 76 -71.59 -125.49 -8.70
CA PRO ED 76 -72.54 -124.93 -7.74
C PRO ED 76 -72.06 -123.61 -7.15
N LYS ED 77 -73.03 -122.78 -6.79
CA LYS ED 77 -72.78 -121.40 -6.41
C LYS ED 77 -73.96 -120.92 -5.57
N VAL ED 78 -73.69 -120.06 -4.59
CA VAL ED 78 -74.73 -119.54 -3.71
C VAL ED 78 -75.24 -118.21 -4.27
N ARG ED 79 -76.55 -118.01 -4.23
CA ARG ED 79 -77.12 -116.74 -4.66
C ARG ED 79 -77.08 -115.72 -3.52
N TYR ED 80 -77.76 -116.03 -2.41
CA TYR ED 80 -77.93 -115.09 -1.31
C TYR ED 80 -77.80 -115.85 0.01
N THR ED 81 -77.66 -115.08 1.09
CA THR ED 81 -77.67 -115.63 2.44
C THR ED 81 -78.69 -114.90 3.28
N GLN ED 82 -79.43 -115.65 4.09
CA GLN ED 82 -80.42 -115.10 5.00
C GLN ED 82 -80.11 -115.56 6.40
N VAL ED 83 -80.01 -114.63 7.34
CA VAL ED 83 -79.57 -114.93 8.70
C VAL ED 83 -80.72 -114.71 9.66
N TRP ED 84 -80.55 -115.21 10.88
CA TRP ED 84 -81.44 -114.88 12.00
C TRP ED 84 -80.56 -114.86 13.24
N SER ED 85 -80.10 -113.66 13.60
CA SER ED 85 -79.23 -113.51 14.76
C SER ED 85 -80.04 -113.39 16.04
N HIS ED 86 -79.40 -113.71 17.14
CA HIS ED 86 -79.97 -113.55 18.48
C HIS ED 86 -78.97 -112.78 19.33
N ASP ED 87 -79.48 -112.07 20.33
CA ASP ED 87 -78.62 -111.31 21.23
C ASP ED 87 -79.30 -111.29 22.60
N VAL ED 88 -78.92 -112.23 23.45
CA VAL ED 88 -79.52 -112.37 24.77
C VAL ED 88 -78.59 -111.69 25.78
N THR ED 89 -79.18 -110.93 26.70
CA THR ED 89 -78.43 -110.28 27.76
C THR ED 89 -78.94 -110.82 29.10
N ILE ED 90 -78.05 -111.48 29.84
CA ILE ED 90 -78.40 -112.10 31.12
C ILE ED 90 -77.48 -111.53 32.18
N VAL ED 91 -78.07 -110.91 33.20
CA VAL ED 91 -77.29 -110.42 34.34
C VAL ED 91 -77.03 -111.57 35.30
N ALA ED 92 -75.86 -111.51 35.97
CA ALA ED 92 -75.32 -112.70 36.62
C ALA ED 92 -76.02 -113.03 37.93
N ASN ED 93 -76.56 -112.04 38.63
CA ASN ED 93 -77.24 -112.25 39.89
C ASN ED 93 -78.73 -112.47 39.74
N SER ED 94 -79.15 -113.10 38.64
CA SER ED 94 -80.56 -113.24 38.32
C SER ED 94 -81.24 -114.28 39.19
N THR ED 95 -82.55 -114.38 39.03
CA THR ED 95 -83.32 -115.51 39.54
C THR ED 95 -83.45 -116.53 38.43
N GLU ED 96 -83.52 -117.81 38.81
CA GLU ED 96 -83.65 -118.86 37.80
C GLU ED 96 -85.01 -118.84 37.14
N ALA ED 97 -86.04 -118.40 37.86
CA ALA ED 97 -87.35 -118.22 37.24
C ALA ED 97 -87.40 -116.98 36.36
N SER ED 98 -86.47 -116.05 36.55
CA SER ED 98 -86.40 -114.89 35.65
C SER ED 98 -85.80 -115.28 34.31
N ARG ED 99 -84.73 -116.09 34.33
CA ARG ED 99 -84.14 -116.57 33.10
C ARG ED 99 -85.01 -117.59 32.39
N LYS ED 100 -85.81 -118.36 33.13
CA LYS ED 100 -86.69 -119.33 32.51
C LYS ED 100 -87.87 -118.65 31.85
N SER ED 101 -88.37 -117.56 32.44
CA SER ED 101 -89.51 -116.86 31.86
C SER ED 101 -89.12 -116.11 30.61
N LEU ED 102 -87.90 -115.58 30.56
CA LEU ED 102 -87.43 -114.89 29.36
C LEU ED 102 -87.25 -115.87 28.21
N TYR ED 103 -86.83 -117.09 28.51
CA TYR ED 103 -86.75 -118.12 27.48
C TYR ED 103 -88.14 -118.58 27.05
N ASP ED 104 -89.07 -118.69 27.99
CA ASP ED 104 -90.42 -119.16 27.68
C ASP ED 104 -91.24 -118.15 26.91
N LEU ED 105 -90.89 -116.87 26.98
CA LEU ED 105 -91.60 -115.85 26.21
C LEU ED 105 -91.09 -115.79 24.78
N THR ED 106 -89.77 -115.90 24.60
CA THR ED 106 -89.21 -115.86 23.26
C THR ED 106 -89.49 -117.16 22.50
N LYS ED 107 -89.62 -118.27 23.22
CA LYS ED 107 -90.03 -119.53 22.61
C LYS ED 107 -91.46 -119.43 22.08
N SER ED 108 -92.30 -118.65 22.73
CA SER ED 108 -93.67 -118.43 22.27
C SER ED 108 -93.79 -117.21 21.37
N LEU ED 109 -92.83 -116.29 21.42
CA LEU ED 109 -92.82 -115.18 20.47
C LEU ED 109 -92.52 -115.69 19.07
N VAL ED 110 -91.50 -116.54 18.94
CA VAL ED 110 -91.12 -117.05 17.63
C VAL ED 110 -92.18 -118.02 17.09
N ALA ED 111 -92.80 -118.79 17.97
CA ALA ED 111 -93.74 -119.82 17.54
C ALA ED 111 -95.13 -119.29 17.23
N THR ED 112 -95.38 -117.99 17.32
CA THR ED 112 -96.71 -117.48 17.01
C THR ED 112 -96.86 -117.29 15.51
N SER ED 113 -98.11 -117.12 15.07
CA SER ED 113 -98.39 -116.96 13.65
C SER ED 113 -98.25 -115.52 13.18
N GLN ED 114 -97.93 -114.58 14.08
CA GLN ED 114 -97.74 -113.19 13.67
C GLN ED 114 -96.29 -112.89 13.34
N VAL ED 115 -95.35 -113.55 14.04
CA VAL ED 115 -93.93 -113.39 13.72
C VAL ED 115 -93.59 -114.21 12.49
N GLU ED 116 -94.34 -115.30 12.25
CA GLU ED 116 -94.15 -116.08 11.03
C GLU ED 116 -94.48 -115.26 9.79
N ASP ED 117 -95.59 -114.54 9.81
CA ASP ED 117 -95.97 -113.71 8.66
C ASP ED 117 -95.13 -112.45 8.57
N LEU ED 118 -94.41 -112.09 9.63
CA LEU ED 118 -93.54 -110.92 9.58
C LEU ED 118 -92.28 -111.19 8.78
N VAL ED 119 -91.81 -112.43 8.72
CA VAL ED 119 -90.59 -112.73 8.01
C VAL ED 119 -90.89 -113.42 6.69
N VAL ED 120 -92.00 -114.14 6.61
CA VAL ED 120 -92.34 -114.83 5.38
C VAL ED 120 -93.02 -113.87 4.40
N ASN ED 121 -94.08 -113.19 4.85
CA ASN ED 121 -94.88 -112.35 3.98
C ASN ED 121 -94.78 -110.87 4.33
N LEU ED 122 -93.90 -110.51 5.27
CA LEU ED 122 -93.58 -109.14 5.67
C LEU ED 122 -94.78 -108.37 6.22
N VAL ED 123 -95.78 -109.06 6.73
CA VAL ED 123 -96.95 -108.42 7.33
C VAL ED 123 -96.55 -107.89 8.70
N PRO ED 124 -96.89 -106.65 9.05
CA PRO ED 124 -96.51 -106.11 10.37
C PRO ED 124 -97.26 -106.79 11.51
N LEU ED 125 -96.81 -106.49 12.72
CA LEU ED 125 -97.29 -107.18 13.90
C LEU ED 125 -98.58 -106.57 14.42
N GLY ED 126 -99.32 -107.37 15.18
CA GLY ED 126 -100.54 -106.90 15.80
C GLY ED 126 -101.79 -107.15 14.97
N ARG ED 127 -102.76 -107.85 15.55
CA ARG ED 127 -104.03 -108.11 14.90
C ARG ED 127 -105.14 -107.74 15.87
N ALA ED 128 -105.98 -106.78 15.48
CA ALA ED 128 -107.03 -106.27 16.35
C ALA ED 128 -108.21 -107.22 16.32
N TYR ED 129 -108.36 -108.03 17.38
CA TYR ED 129 -109.50 -108.92 17.54
C TYR ED 129 -110.37 -108.37 18.66
N GLY ED 130 -111.25 -107.44 18.29
CA GLY ED 130 -112.13 -106.80 19.25
C GLY ED 130 -111.42 -105.93 20.26
N GLY ED 131 -110.82 -104.83 19.80
CA GLY ED 131 -110.10 -103.95 20.69
C GLY ED 131 -108.85 -103.37 20.07
N SER ED 132 -107.76 -103.36 20.82
CA SER ED 132 -106.50 -102.86 20.33
C SER ED 132 -105.73 -103.96 19.60
N LYS ED 133 -104.63 -103.57 18.97
CA LYS ED 133 -103.75 -104.53 18.31
C LYS ED 133 -102.96 -105.29 19.36
N THR ED 134 -103.16 -106.60 19.44
CA THR ED 134 -102.60 -107.41 20.52
C THR ED 134 -101.77 -108.56 19.96
N ILE ED 135 -100.77 -108.96 20.73
CA ILE ED 135 -100.02 -110.20 20.50
C ILE ED 135 -100.15 -111.05 21.75
N VAL ED 136 -100.58 -112.30 21.58
CA VAL ED 136 -100.79 -113.21 22.70
C VAL ED 136 -99.60 -114.17 22.76
N LEU ED 137 -98.90 -114.16 23.88
CA LEU ED 137 -97.73 -115.02 24.11
C LEU ED 137 -98.11 -116.07 25.14
N SER ED 138 -98.65 -117.19 24.68
CA SER ED 138 -99.08 -118.26 25.58
C SER ED 138 -97.86 -119.01 26.14
N VAL ED 139 -97.85 -119.17 27.46
CA VAL ED 139 -96.74 -119.81 28.15
C VAL ED 139 -97.34 -121.10 28.71
N GLY ED 140 -98.26 -121.68 27.97
CA GLY ED 140 -99.00 -122.84 28.44
C GLY ED 140 -100.46 -122.50 28.59
N GLU ED 141 -100.93 -122.41 29.83
CA GLU ED 141 -102.27 -121.90 30.11
C GLU ED 141 -102.27 -120.42 30.46
N ALA ED 142 -101.11 -119.86 30.83
CA ALA ED 142 -101.01 -118.43 31.06
C ALA ED 142 -100.77 -117.70 29.75
N THR ED 143 -101.63 -116.74 29.45
CA THR ED 143 -101.52 -115.93 28.25
C THR ED 143 -101.23 -114.50 28.65
N ARG ED 144 -100.21 -113.90 28.03
CA ARG ED 144 -99.80 -112.53 28.34
C ARG ED 144 -99.94 -111.70 27.08
N THR ED 145 -101.02 -110.92 26.99
CA THR ED 145 -101.37 -110.19 25.79
C THR ED 145 -100.74 -108.80 25.83
N LEU ED 146 -99.95 -108.48 24.82
CA LEU ED 146 -99.28 -107.19 24.74
C LEU ED 146 -100.01 -106.27 23.76
N THR ED 147 -100.43 -105.11 24.24
CA THR ED 147 -101.18 -104.16 23.42
C THR ED 147 -100.22 -103.11 22.86
N GLU ED 148 -100.54 -102.62 21.66
CA GLU ED 148 -99.68 -101.66 20.98
C GLU ED 148 -99.82 -100.28 21.61
N ILE ED 149 -98.69 -99.64 21.88
CA ILE ED 149 -98.69 -98.31 22.50
C ILE ED 149 -98.19 -97.23 21.56
N GLN ED 150 -97.46 -97.56 20.49
CA GLN ED 150 -96.90 -96.57 19.60
C GLN ED 150 -96.54 -97.25 18.29
N SER ED 151 -96.99 -96.68 17.17
CA SER ED 151 -96.67 -97.19 15.84
C SER ED 151 -96.08 -96.03 15.04
N THR ED 152 -94.77 -95.86 15.12
CA THR ED 152 -94.07 -94.83 14.37
C THR ED 152 -93.82 -95.40 12.96
N ALA ED 153 -93.20 -94.62 12.07
CA ALA ED 153 -92.93 -95.11 10.72
C ALA ED 153 -91.86 -96.19 10.73
N ASP ED 154 -90.97 -96.18 11.73
CA ASP ED 154 -89.95 -97.20 11.87
C ASP ED 154 -90.30 -98.23 12.94
N ARG ED 155 -90.56 -97.78 14.17
CA ARG ED 155 -90.76 -98.71 15.28
C ARG ED 155 -92.22 -99.13 15.37
N GLN ED 156 -92.45 -100.17 16.17
CA GLN ED 156 -93.79 -100.62 16.51
C GLN ED 156 -93.71 -101.23 17.91
N ILE ED 157 -93.97 -100.42 18.91
CA ILE ED 157 -93.71 -100.79 20.31
C ILE ED 157 -94.97 -101.40 20.90
N PHE ED 158 -94.82 -102.58 21.51
CA PHE ED 158 -95.88 -103.24 22.24
C PHE ED 158 -95.52 -103.26 23.72
N GLU ED 159 -96.54 -103.49 24.55
CA GLU ED 159 -96.35 -103.44 26.00
C GLU ED 159 -97.51 -104.13 26.67
N GLU ED 160 -97.23 -104.88 27.74
CA GLU ED 160 -98.29 -105.44 28.56
C GLU ED 160 -98.89 -104.33 29.42
N LYS ED 161 -100.11 -104.56 29.90
CA LYS ED 161 -100.86 -103.52 30.58
C LYS ED 161 -101.30 -103.87 31.99
N VAL ED 162 -101.02 -105.07 32.47
CA VAL ED 162 -101.37 -105.43 33.84
C VAL ED 162 -100.18 -105.12 34.75
N GLY ED 163 -100.47 -105.01 36.05
CA GLY ED 163 -99.44 -104.83 37.04
C GLY ED 163 -99.03 -103.38 37.24
N PRO ED 164 -97.88 -103.16 37.87
CA PRO ED 164 -97.39 -101.80 38.08
C PRO ED 164 -96.93 -101.16 36.77
N LEU ED 165 -96.77 -99.84 36.82
CA LEU ED 165 -96.39 -99.07 35.64
C LEU ED 165 -94.89 -98.98 35.43
N VAL ED 166 -94.09 -99.38 36.41
CA VAL ED 166 -92.65 -99.18 36.29
C VAL ED 166 -91.97 -100.30 35.52
N GLY ED 167 -92.42 -101.54 35.68
CA GLY ED 167 -91.83 -102.64 34.94
C GLY ED 167 -92.86 -103.47 34.21
N ARG ED 168 -92.81 -103.45 32.88
CA ARG ED 168 -93.73 -104.21 32.06
C ARG ED 168 -92.98 -104.79 30.88
N LEU ED 169 -93.63 -105.73 30.18
CA LEU ED 169 -93.04 -106.33 29.01
C LEU ED 169 -92.96 -105.33 27.86
N ARG ED 170 -92.06 -105.59 26.92
CA ARG ED 170 -91.89 -104.73 25.77
C ARG ED 170 -91.66 -105.58 24.54
N LEU ED 171 -91.97 -105.00 23.38
CA LEU ED 171 -91.72 -105.67 22.11
C LEU ED 171 -91.51 -104.57 21.08
N THR ED 172 -90.25 -104.26 20.79
CA THR ED 172 -89.90 -103.17 19.88
C THR ED 172 -89.60 -103.78 18.52
N ALA ED 173 -90.64 -103.99 17.71
CA ALA ED 173 -90.45 -104.48 16.36
C ALA ED 173 -90.01 -103.33 15.45
N SER ED 174 -89.42 -103.71 14.32
CA SER ED 174 -88.96 -102.74 13.33
C SER ED 174 -88.85 -103.44 11.99
N LEU ED 175 -88.64 -102.65 10.94
CA LEU ED 175 -88.52 -103.16 9.59
C LEU ED 175 -87.85 -102.08 8.75
N ARG ED 176 -86.75 -102.44 8.09
CA ARG ED 176 -86.00 -101.51 7.27
C ARG ED 176 -85.72 -102.15 5.92
N GLN ED 177 -85.05 -101.38 5.05
CA GLN ED 177 -84.42 -101.93 3.86
C GLN ED 177 -83.23 -101.05 3.53
N ASN ED 178 -82.03 -101.59 3.71
CA ASN ED 178 -80.79 -100.84 3.55
C ASN ED 178 -80.19 -101.11 2.18
N GLY ED 179 -79.67 -100.04 1.57
CA GLY ED 179 -79.03 -100.15 0.28
C GLY ED 179 -79.96 -99.83 -0.87
N ALA ED 180 -79.78 -100.51 -2.00
CA ALA ED 180 -80.59 -100.26 -3.19
C ALA ED 180 -81.82 -101.18 -3.23
N LYS ED 181 -82.59 -101.17 -2.13
CA LYS ED 181 -83.87 -101.87 -1.99
C LYS ED 181 -83.75 -103.37 -2.22
N THR ED 182 -82.63 -103.97 -1.81
CA THR ED 182 -82.35 -105.35 -2.13
C THR ED 182 -82.46 -106.30 -0.96
N ALA ED 183 -82.48 -105.80 0.28
CA ALA ED 183 -82.53 -106.67 1.45
C ALA ED 183 -83.27 -105.96 2.57
N TYR ED 184 -84.15 -106.69 3.24
CA TYR ED 184 -84.90 -106.16 4.37
C TYR ED 184 -84.14 -106.41 5.67
N ARG ED 185 -84.71 -105.93 6.78
CA ARG ED 185 -84.08 -106.10 8.09
C ARG ED 185 -85.18 -106.08 9.15
N VAL ED 186 -85.60 -107.26 9.59
CA VAL ED 186 -86.56 -107.37 10.68
C VAL ED 186 -85.81 -107.35 12.00
N ASN ED 187 -86.38 -106.68 13.00
CA ASN ED 187 -85.66 -106.47 14.26
C ASN ED 187 -86.65 -106.50 15.41
N LEU ED 188 -86.78 -107.64 16.06
CA LEU ED 188 -87.58 -107.78 17.28
C LEU ED 188 -86.69 -107.66 18.50
N LYS ED 189 -87.30 -107.24 19.62
CA LYS ED 189 -86.56 -107.06 20.87
C LYS ED 189 -87.55 -107.12 22.02
N LEU ED 190 -87.36 -108.06 22.94
CA LEU ED 190 -88.27 -108.27 24.06
C LEU ED 190 -87.53 -107.98 25.36
N ASP ED 191 -87.89 -106.87 26.00
CA ASP ED 191 -87.33 -106.51 27.29
C ASP ED 191 -88.22 -107.03 28.41
N GLN ED 192 -87.57 -107.62 29.43
CA GLN ED 192 -88.28 -108.11 30.60
C GLN ED 192 -87.54 -107.63 31.83
N ALA ED 193 -88.15 -106.71 32.57
CA ALA ED 193 -87.56 -106.15 33.77
C ALA ED 193 -88.16 -106.81 35.00
N ASP ED 194 -87.33 -107.07 36.00
CA ASP ED 194 -87.76 -107.73 37.23
C ASP ED 194 -88.13 -106.65 38.25
N VAL ED 195 -89.42 -106.53 38.54
CA VAL ED 195 -89.92 -105.55 39.50
C VAL ED 195 -90.19 -106.28 40.81
N VAL ED 196 -89.97 -105.59 41.93
CA VAL ED 196 -90.21 -106.15 43.25
C VAL ED 196 -90.64 -105.01 44.17
N ASP ED 197 -91.53 -105.33 45.11
CA ASP ED 197 -91.89 -104.42 46.17
C ASP ED 197 -92.10 -105.19 47.48
N CYS ED 198 -91.72 -104.56 48.58
CA CYS ED 198 -91.84 -105.18 49.90
C CYS ED 198 -92.51 -104.24 50.88
N SER ED 199 -93.66 -103.66 50.48
CA SER ED 199 -94.42 -102.79 51.37
C SER ED 199 -95.01 -103.53 52.56
N THR ED 200 -95.11 -104.86 52.48
CA THR ED 200 -95.42 -105.66 53.67
C THR ED 200 -94.23 -105.74 54.61
N SER ED 201 -93.01 -105.48 54.11
CA SER ED 201 -91.81 -105.56 54.93
C SER ED 201 -91.36 -104.20 55.46
N VAL ED 202 -91.07 -103.25 54.57
CA VAL ED 202 -90.70 -101.90 54.96
C VAL ED 202 -91.76 -100.95 54.43
N CYS ED 203 -92.14 -99.96 55.23
CA CYS ED 203 -93.23 -99.07 54.86
C CYS ED 203 -92.78 -98.01 53.87
N GLY ED 204 -93.74 -97.52 53.09
CA GLY ED 204 -93.53 -96.40 52.20
C GLY ED 204 -92.64 -96.67 51.02
N GLU ED 205 -92.51 -97.94 50.61
CA GLU ED 205 -91.65 -98.31 49.50
C GLU ED 205 -92.53 -98.73 48.34
N LEU ED 206 -92.37 -98.04 47.22
CA LEU ED 206 -93.10 -98.31 46.00
C LEU ED 206 -92.32 -99.31 45.15
N PRO ED 207 -92.98 -99.98 44.18
CA PRO ED 207 -92.26 -100.93 43.33
C PRO ED 207 -91.17 -100.27 42.49
N LYS ED 208 -90.13 -101.05 42.20
CA LYS ED 208 -89.00 -100.59 41.41
C LYS ED 208 -88.38 -101.79 40.71
N VAL ED 209 -87.63 -101.52 39.66
CA VAL ED 209 -86.98 -102.56 38.87
C VAL ED 209 -85.58 -102.81 39.43
N ARG ED 210 -85.17 -104.08 39.42
CA ARG ED 210 -83.81 -104.41 39.83
C ARG ED 210 -82.88 -104.51 38.62
N TYR ED 211 -83.21 -105.38 37.67
CA TYR ED 211 -82.42 -105.60 36.49
C TYR ED 211 -83.35 -105.76 35.30
N THR ED 212 -82.77 -105.86 34.11
CA THR ED 212 -83.55 -106.13 32.91
C THR ED 212 -82.77 -107.10 32.03
N GLN ED 213 -83.49 -107.90 31.26
CA GLN ED 213 -82.91 -108.93 30.42
C GLN ED 213 -83.51 -108.86 29.03
N VAL ED 214 -82.65 -108.81 28.02
CA VAL ED 214 -83.05 -108.53 26.65
C VAL ED 214 -82.91 -109.83 25.85
N TRP ED 215 -83.74 -109.98 24.80
CA TRP ED 215 -83.56 -111.02 23.79
C TRP ED 215 -83.92 -110.38 22.45
N SER ED 216 -82.90 -109.87 21.77
CA SER ED 216 -83.10 -109.22 20.49
C SER ED 216 -83.08 -110.24 19.36
N HIS ED 217 -83.57 -109.81 18.19
CA HIS ED 217 -83.47 -110.59 16.97
C HIS ED 217 -83.07 -109.65 15.85
N ASP ED 218 -82.40 -110.20 14.84
CA ASP ED 218 -81.97 -109.39 13.69
C ASP ED 218 -82.00 -110.31 12.47
N VAL ED 219 -83.11 -110.28 11.76
CA VAL ED 219 -83.33 -111.15 10.60
C VAL ED 219 -82.96 -110.36 9.35
N THR ED 220 -82.19 -110.99 8.46
CA THR ED 220 -81.83 -110.39 7.18
C THR ED 220 -82.48 -111.21 6.08
N ILE ED 221 -83.34 -110.57 5.30
CA ILE ED 221 -84.08 -111.21 4.23
C ILE ED 221 -83.85 -110.43 2.95
N VAL ED 222 -83.34 -111.10 1.93
CA VAL ED 222 -83.15 -110.46 0.64
C VAL ED 222 -84.48 -110.37 -0.09
N ALA ED 223 -84.59 -109.38 -0.97
CA ALA ED 223 -85.89 -109.00 -1.53
C ALA ED 223 -86.40 -110.01 -2.55
N ASN ED 224 -85.53 -110.52 -3.42
CA ASN ED 224 -85.94 -111.41 -4.50
C ASN ED 224 -85.84 -112.88 -4.13
N SER ED 225 -86.00 -113.22 -2.86
CA SER ED 225 -85.84 -114.59 -2.40
C SER ED 225 -87.07 -115.43 -2.74
N THR ED 226 -86.95 -116.73 -2.47
CA THR ED 226 -88.03 -117.67 -2.64
C THR ED 226 -88.87 -117.67 -1.36
N GLU ED 227 -90.13 -118.07 -1.49
CA GLU ED 227 -90.98 -118.17 -0.30
C GLU ED 227 -90.56 -119.32 0.59
N ALA ED 228 -90.23 -120.48 0.01
CA ALA ED 228 -89.77 -121.61 0.81
C ALA ED 228 -88.36 -121.41 1.33
N SER ED 229 -87.63 -120.41 0.83
CA SER ED 229 -86.36 -120.05 1.45
C SER ED 229 -86.59 -119.26 2.73
N ARG ED 230 -87.59 -118.38 2.76
CA ARG ED 230 -87.93 -117.67 3.99
C ARG ED 230 -88.71 -118.55 4.95
N LYS ED 231 -89.49 -119.50 4.41
CA LYS ED 231 -90.29 -120.38 5.26
C LYS ED 231 -89.41 -121.39 5.97
N SER ED 232 -88.31 -121.82 5.33
CA SER ED 232 -87.42 -122.78 5.97
C SER ED 232 -86.50 -122.10 6.99
N LEU ED 233 -86.14 -120.84 6.76
CA LEU ED 233 -85.34 -120.11 7.74
C LEU ED 233 -86.12 -119.86 9.02
N TYR ED 234 -87.43 -119.61 8.90
CA TYR ED 234 -88.26 -119.43 10.08
C TYR ED 234 -88.42 -120.74 10.84
N ASP ED 235 -88.68 -121.83 10.11
CA ASP ED 235 -88.89 -123.13 10.74
C ASP ED 235 -87.63 -123.70 11.38
N LEU ED 236 -86.44 -123.30 10.92
CA LEU ED 236 -85.23 -123.73 11.59
C LEU ED 236 -85.01 -122.95 12.88
N THR ED 237 -85.25 -121.64 12.86
CA THR ED 237 -85.11 -120.83 14.07
C THR ED 237 -86.21 -121.14 15.07
N LYS ED 238 -87.40 -121.48 14.60
CA LYS ED 238 -88.47 -121.92 15.50
C LYS ED 238 -88.09 -123.25 16.16
N SER ED 239 -87.38 -124.10 15.43
CA SER ED 239 -86.93 -125.36 15.99
C SER ED 239 -85.63 -125.24 16.75
N LEU ED 240 -84.87 -124.17 16.53
CA LEU ED 240 -83.62 -123.99 17.27
C LEU ED 240 -83.90 -123.53 18.69
N VAL ED 241 -84.79 -122.56 18.87
CA VAL ED 241 -85.12 -122.04 20.19
C VAL ED 241 -85.82 -123.11 21.03
N ALA ED 242 -86.60 -123.98 20.40
CA ALA ED 242 -87.34 -125.00 21.13
C ALA ED 242 -86.49 -126.22 21.52
N THR ED 243 -85.19 -126.20 21.26
CA THR ED 243 -84.35 -127.31 21.69
C THR ED 243 -84.05 -127.22 23.18
N SER ED 244 -83.48 -128.29 23.72
CA SER ED 244 -83.08 -128.33 25.12
C SER ED 244 -81.70 -127.77 25.35
N GLN ED 245 -80.96 -127.45 24.29
CA GLN ED 245 -79.60 -126.94 24.45
C GLN ED 245 -79.58 -125.42 24.52
N VAL ED 246 -80.44 -124.75 23.75
CA VAL ED 246 -80.56 -123.31 23.84
C VAL ED 246 -81.30 -122.90 25.11
N GLU ED 247 -82.10 -123.80 25.67
CA GLU ED 247 -82.67 -123.57 27.00
C GLU ED 247 -81.57 -123.51 28.06
N ASP ED 248 -80.67 -124.50 28.06
CA ASP ED 248 -79.58 -124.52 29.02
C ASP ED 248 -78.52 -123.48 28.72
N LEU ED 249 -78.44 -122.99 27.49
CA LEU ED 249 -77.51 -121.90 27.18
C LEU ED 249 -77.96 -120.60 27.81
N VAL ED 250 -79.27 -120.41 27.96
CA VAL ED 250 -79.79 -119.19 28.57
C VAL ED 250 -79.98 -119.35 30.07
N VAL ED 251 -80.56 -120.47 30.50
CA VAL ED 251 -80.83 -120.67 31.92
C VAL ED 251 -79.56 -120.97 32.70
N ASN ED 252 -78.78 -121.95 32.24
CA ASN ED 252 -77.63 -122.43 33.00
C ASN ED 252 -76.29 -122.14 32.35
N LEU ED 253 -76.26 -121.40 31.25
CA LEU ED 253 -75.04 -120.97 30.54
C LEU ED 253 -74.18 -122.13 30.06
N VAL ED 254 -74.78 -123.28 29.78
CA VAL ED 254 -74.06 -124.42 29.23
C VAL ED 254 -73.90 -124.19 27.72
N PRO ED 255 -72.68 -124.25 27.18
CA PRO ED 255 -72.51 -124.10 25.73
C PRO ED 255 -73.14 -125.23 24.94
N LEU ED 256 -73.29 -125.00 23.64
CA LEU ED 256 -74.06 -125.88 22.78
C LEU ED 256 -73.26 -127.12 22.39
N GLY ED 257 -73.98 -128.13 21.92
CA GLY ED 257 -73.36 -129.33 21.41
C GLY ED 257 -73.23 -130.46 22.42
N ARG ED 258 -73.92 -131.56 22.18
CA ARG ED 258 -73.77 -132.75 23.01
C ARG ED 258 -73.45 -133.96 22.15
N SER FD 1 -123.53 -84.52 -31.36
CA SER FD 1 -122.23 -84.91 -31.88
C SER FD 1 -121.78 -86.24 -31.25
N LYS FD 2 -120.65 -86.22 -30.55
CA LYS FD 2 -120.12 -87.39 -29.88
C LYS FD 2 -120.43 -87.31 -28.40
N THR FD 3 -121.03 -88.36 -27.86
CA THR FD 3 -121.59 -88.34 -26.52
C THR FD 3 -120.99 -89.42 -25.63
N ILE FD 4 -120.97 -89.15 -24.33
CA ILE FD 4 -120.76 -90.15 -23.29
C ILE FD 4 -121.99 -90.16 -22.40
N VAL FD 5 -122.44 -91.34 -22.00
CA VAL FD 5 -123.63 -91.50 -21.18
C VAL FD 5 -123.21 -92.02 -19.82
N LEU FD 6 -123.44 -91.22 -18.78
CA LEU FD 6 -123.07 -91.56 -17.41
C LEU FD 6 -124.35 -91.85 -16.63
N SER FD 7 -124.73 -93.12 -16.55
CA SER FD 7 -125.94 -93.51 -15.87
C SER FD 7 -125.70 -93.57 -14.36
N VAL FD 8 -126.55 -92.90 -13.59
CA VAL FD 8 -126.38 -92.74 -12.15
C VAL FD 8 -127.53 -93.53 -11.52
N GLY FD 9 -127.89 -94.64 -12.16
CA GLY FD 9 -129.03 -95.42 -11.76
C GLY FD 9 -129.93 -95.64 -12.95
N GLU FD 10 -131.12 -95.06 -12.94
CA GLU FD 10 -131.91 -94.92 -14.15
C GLU FD 10 -131.82 -93.53 -14.74
N ALA FD 11 -131.35 -92.54 -13.98
CA ALA FD 11 -131.12 -91.21 -14.51
C ALA FD 11 -129.80 -91.20 -15.27
N THR FD 12 -129.86 -90.94 -16.57
CA THR FD 12 -128.69 -90.91 -17.43
C THR FD 12 -128.37 -89.46 -17.77
N ARG FD 13 -127.11 -89.08 -17.59
CA ARG FD 13 -126.66 -87.71 -17.83
C ARG FD 13 -125.72 -87.73 -19.03
N THR FD 14 -126.22 -87.31 -20.19
CA THR FD 14 -125.49 -87.41 -21.44
C THR FD 14 -124.66 -86.15 -21.66
N LEU FD 15 -123.35 -86.31 -21.76
CA LEU FD 15 -122.45 -85.22 -22.09
C LEU FD 15 -122.28 -85.10 -23.59
N THR FD 16 -121.98 -83.90 -24.05
CA THR FD 16 -121.85 -83.62 -25.48
C THR FD 16 -120.55 -82.87 -25.72
N GLU FD 17 -119.83 -83.27 -26.77
CA GLU FD 17 -118.49 -82.75 -27.03
C GLU FD 17 -118.55 -81.32 -27.54
N ILE FD 18 -117.72 -80.45 -26.96
CA ILE FD 18 -117.63 -79.06 -27.38
C ILE FD 18 -116.25 -78.68 -27.91
N GLN FD 19 -115.29 -79.60 -27.91
CA GLN FD 19 -113.94 -79.30 -28.37
C GLN FD 19 -113.26 -80.60 -28.76
N SER FD 20 -112.47 -80.55 -29.83
CA SER FD 20 -111.68 -81.69 -30.28
C SER FD 20 -110.36 -81.15 -30.82
N THR FD 21 -109.35 -81.09 -29.97
CA THR FD 21 -108.02 -80.66 -30.37
C THR FD 21 -107.27 -81.95 -30.74
N ALA FD 22 -105.96 -81.88 -30.95
CA ALA FD 22 -105.18 -83.09 -31.25
C ALA FD 22 -105.08 -83.99 -30.03
N ASP FD 23 -104.97 -83.40 -28.85
CA ASP FD 23 -104.92 -84.17 -27.61
C ASP FD 23 -106.08 -83.88 -26.66
N ARG FD 24 -106.47 -82.61 -26.49
CA ARG FD 24 -107.53 -82.28 -25.56
C ARG FD 24 -108.89 -82.56 -26.19
N GLN FD 25 -109.87 -82.85 -25.34
CA GLN FD 25 -111.18 -83.28 -25.82
C GLN FD 25 -112.19 -82.97 -24.71
N ILE FD 26 -112.95 -81.90 -24.87
CA ILE FD 26 -113.79 -81.35 -23.82
C ILE FD 26 -115.25 -81.76 -24.07
N PHE FD 27 -115.92 -82.21 -23.02
CA PHE FD 27 -117.33 -82.60 -23.06
C PHE FD 27 -118.11 -81.75 -22.07
N GLU FD 28 -119.39 -81.51 -22.38
CA GLU FD 28 -120.25 -80.78 -21.48
C GLU FD 28 -121.66 -81.35 -21.53
N GLU FD 29 -122.40 -81.14 -20.45
CA GLU FD 29 -123.83 -81.44 -20.42
C GLU FD 29 -124.57 -80.21 -20.90
N LYS FD 30 -125.74 -80.43 -21.52
CA LYS FD 30 -126.44 -79.35 -22.20
C LYS FD 30 -127.74 -78.92 -21.52
N VAL FD 31 -128.19 -79.61 -20.49
CA VAL FD 31 -129.42 -79.22 -19.81
C VAL FD 31 -129.08 -78.25 -18.70
N GLY FD 32 -130.06 -77.40 -18.35
CA GLY FD 32 -129.92 -76.47 -17.25
C GLY FD 32 -129.45 -75.10 -17.69
N PRO FD 33 -128.95 -74.30 -16.74
CA PRO FD 33 -128.42 -72.98 -17.09
C PRO FD 33 -127.11 -73.04 -17.87
N LEU FD 34 -126.64 -71.88 -18.33
CA LEU FD 34 -125.49 -71.83 -19.21
C LEU FD 34 -124.18 -71.51 -18.49
N VAL FD 35 -124.22 -71.23 -17.20
CA VAL FD 35 -123.02 -70.75 -16.51
C VAL FD 35 -122.28 -71.89 -15.79
N GLY FD 36 -123.00 -72.83 -15.20
CA GLY FD 36 -122.34 -73.93 -14.53
C GLY FD 36 -122.86 -75.28 -14.98
N ARG FD 37 -122.00 -76.08 -15.61
CA ARG FD 37 -122.37 -77.37 -16.16
C ARG FD 37 -121.27 -78.37 -15.88
N LEU FD 38 -121.55 -79.65 -16.15
CA LEU FD 38 -120.52 -80.67 -16.08
C LEU FD 38 -119.46 -80.46 -17.15
N ARG FD 39 -118.30 -81.06 -16.92
CA ARG FD 39 -117.15 -80.88 -17.78
C ARG FD 39 -116.31 -82.15 -17.71
N LEU FD 40 -115.72 -82.52 -18.84
CA LEU FD 40 -114.90 -83.73 -18.89
C LEU FD 40 -113.76 -83.44 -19.87
N THR FD 41 -112.63 -83.01 -19.33
CA THR FD 41 -111.49 -82.61 -20.15
C THR FD 41 -110.58 -83.81 -20.29
N ALA FD 42 -110.87 -84.64 -21.29
CA ALA FD 42 -110.04 -85.81 -21.57
C ALA FD 42 -108.79 -85.40 -22.34
N SER FD 43 -107.78 -86.28 -22.29
CA SER FD 43 -106.50 -86.00 -22.91
C SER FD 43 -105.78 -87.32 -23.14
N LEU FD 44 -104.75 -87.26 -23.98
CA LEU FD 44 -103.88 -88.41 -24.24
C LEU FD 44 -102.57 -87.87 -24.80
N ARG FD 45 -101.47 -88.50 -24.41
CA ARG FD 45 -100.13 -88.06 -24.81
C ARG FD 45 -99.24 -89.28 -24.99
N GLN FD 46 -98.00 -89.02 -25.39
CA GLN FD 46 -96.93 -90.02 -25.29
C GLN FD 46 -95.62 -89.25 -25.07
N ASN FD 47 -95.24 -89.10 -23.81
CA ASN FD 47 -94.11 -88.26 -23.45
C ASN FD 47 -92.81 -89.05 -23.47
N GLY FD 48 -91.72 -88.35 -23.76
CA GLY FD 48 -90.41 -88.96 -23.80
C GLY FD 48 -90.10 -89.56 -25.15
N ALA FD 49 -89.42 -90.72 -25.15
CA ALA FD 49 -89.03 -91.38 -26.38
C ALA FD 49 -90.08 -92.43 -26.80
N LYS FD 50 -91.33 -91.97 -26.85
CA LYS FD 50 -92.48 -92.70 -27.40
C LYS FD 50 -92.72 -94.04 -26.71
N THR FD 51 -92.40 -94.15 -25.42
CA THR FD 51 -92.45 -95.42 -24.72
C THR FD 51 -93.60 -95.55 -23.74
N ALA FD 52 -94.22 -94.44 -23.31
CA ALA FD 52 -95.29 -94.49 -22.33
C ALA FD 52 -96.34 -93.45 -22.69
N TYR FD 53 -97.60 -93.85 -22.62
CA TYR FD 53 -98.71 -92.94 -22.84
C TYR FD 53 -99.14 -92.32 -21.52
N ARG FD 54 -100.09 -91.38 -21.60
CA ARG FD 54 -100.56 -90.69 -20.40
C ARG FD 54 -101.99 -90.23 -20.65
N VAL FD 55 -102.94 -90.99 -20.12
CA VAL FD 55 -104.34 -90.60 -20.11
C VAL FD 55 -104.56 -89.61 -18.97
N ASN FD 56 -105.41 -88.61 -19.20
CA ASN FD 56 -105.59 -87.55 -18.21
C ASN FD 56 -107.03 -87.08 -18.28
N LEU FD 57 -107.89 -87.66 -17.43
CA LEU FD 57 -109.28 -87.22 -17.32
C LEU FD 57 -109.42 -86.19 -16.21
N LYS FD 58 -110.52 -85.43 -16.28
CA LYS FD 58 -110.79 -84.39 -15.29
C LYS FD 58 -112.29 -84.10 -15.34
N LEU FD 59 -113.00 -84.52 -14.30
CA LEU FD 59 -114.45 -84.36 -14.24
C LEU FD 59 -114.78 -83.21 -13.29
N ASP FD 60 -114.99 -82.03 -13.85
CA ASP FD 60 -115.39 -80.88 -13.05
C ASP FD 60 -116.86 -80.99 -12.68
N GLN FD 61 -117.25 -80.26 -11.64
CA GLN FD 61 -118.66 -80.15 -11.25
C GLN FD 61 -118.82 -78.88 -10.44
N ALA FD 62 -119.55 -77.92 -10.99
CA ALA FD 62 -119.81 -76.65 -10.32
C ALA FD 62 -121.21 -76.68 -9.72
N ASP FD 63 -121.36 -76.03 -8.56
CA ASP FD 63 -122.65 -75.94 -7.91
C ASP FD 63 -123.20 -74.55 -8.17
N VAL FD 64 -124.17 -74.46 -9.06
CA VAL FD 64 -124.77 -73.20 -9.44
C VAL FD 64 -126.02 -72.98 -8.60
N VAL FD 65 -126.28 -71.73 -8.23
CA VAL FD 65 -127.45 -71.36 -7.47
C VAL FD 65 -128.08 -70.12 -8.13
N ASP FD 66 -129.39 -70.16 -8.32
CA ASP FD 66 -130.13 -69.03 -8.86
C ASP FD 66 -131.28 -68.70 -7.93
N CYS FD 67 -131.22 -67.54 -7.29
CA CYS FD 67 -132.24 -67.07 -6.37
C CYS FD 67 -132.69 -65.66 -6.74
N SER FD 68 -133.06 -65.47 -8.02
CA SER FD 68 -133.75 -64.26 -8.43
C SER FD 68 -135.12 -64.12 -7.80
N THR FD 69 -135.73 -65.22 -7.36
CA THR FD 69 -137.00 -65.15 -6.65
C THR FD 69 -136.81 -64.57 -5.26
N SER FD 70 -135.63 -64.75 -4.67
CA SER FD 70 -135.37 -64.21 -3.34
C SER FD 70 -134.86 -62.78 -3.43
N VAL FD 71 -133.76 -62.56 -4.13
CA VAL FD 71 -133.23 -61.22 -4.37
C VAL FD 71 -133.72 -60.77 -5.75
N CYS FD 72 -134.53 -59.73 -5.78
CA CYS FD 72 -135.08 -59.23 -7.03
C CYS FD 72 -134.00 -58.51 -7.84
N GLY FD 73 -133.46 -59.19 -8.84
CA GLY FD 73 -132.49 -58.59 -9.73
C GLY FD 73 -131.15 -59.28 -9.84
N GLU FD 74 -131.04 -60.53 -9.40
CA GLU FD 74 -129.78 -61.26 -9.48
C GLU FD 74 -129.90 -62.40 -10.48
N LEU FD 75 -128.75 -62.91 -10.88
CA LEU FD 75 -128.61 -63.90 -11.96
C LEU FD 75 -128.02 -65.18 -11.39
N PRO FD 76 -128.08 -66.30 -12.13
CA PRO FD 76 -127.41 -67.53 -11.64
C PRO FD 76 -125.90 -67.36 -11.56
N LYS FD 77 -125.31 -68.10 -10.62
CA LYS FD 77 -123.92 -67.93 -10.24
C LYS FD 77 -123.45 -69.21 -9.58
N VAL FD 78 -122.19 -69.57 -9.79
CA VAL FD 78 -121.62 -70.79 -9.22
C VAL FD 78 -120.94 -70.45 -7.90
N ARG FD 79 -121.13 -71.31 -6.91
CA ARG FD 79 -120.45 -71.12 -5.63
C ARG FD 79 -119.05 -71.71 -5.67
N TYR FD 80 -118.95 -73.02 -5.89
CA TYR FD 80 -117.69 -73.73 -5.82
C TYR FD 80 -117.63 -74.76 -6.95
N THR FD 81 -116.44 -75.30 -7.17
CA THR FD 81 -116.22 -76.39 -8.11
C THR FD 81 -115.50 -77.53 -7.41
N GLN FD 82 -115.93 -78.76 -7.69
CA GLN FD 82 -115.31 -79.96 -7.15
C GLN FD 82 -114.92 -80.87 -8.30
N VAL FD 83 -113.66 -81.28 -8.34
CA VAL FD 83 -113.13 -82.03 -9.46
C VAL FD 83 -112.80 -83.45 -9.00
N TRP FD 84 -112.56 -84.32 -9.98
CA TRP FD 84 -112.00 -85.65 -9.73
C TRP FD 84 -111.12 -85.96 -10.94
N SER FD 85 -109.83 -85.68 -10.80
CA SER FD 85 -108.89 -85.91 -11.88
C SER FD 85 -108.39 -87.35 -11.88
N HIS FD 86 -107.94 -87.80 -13.04
CA HIS FD 86 -107.32 -89.10 -13.21
C HIS FD 86 -105.99 -88.90 -13.91
N ASP FD 87 -105.06 -89.82 -13.67
CA ASP FD 87 -103.74 -89.75 -14.31
C ASP FD 87 -103.25 -91.18 -14.48
N VAL FD 88 -103.50 -91.74 -15.65
CA VAL FD 88 -103.14 -93.11 -15.96
C VAL FD 88 -101.83 -93.10 -16.73
N THR FD 89 -100.92 -93.99 -16.37
CA THR FD 89 -99.65 -94.15 -17.07
C THR FD 89 -99.58 -95.55 -17.65
N ILE FD 90 -99.51 -95.63 -18.97
CA ILE FD 90 -99.50 -96.91 -19.68
C ILE FD 90 -98.25 -96.97 -20.54
N VAL FD 91 -97.42 -97.97 -20.28
CA VAL FD 91 -96.23 -98.19 -21.10
C VAL FD 91 -96.63 -98.92 -22.37
N ALA FD 92 -95.92 -98.64 -23.46
CA ALA FD 92 -96.41 -98.98 -24.80
C ALA FD 92 -96.25 -100.46 -25.12
N ASN FD 93 -95.26 -101.12 -24.55
CA ASN FD 93 -95.00 -102.54 -24.84
C ASN FD 93 -95.66 -103.47 -23.84
N SER FD 94 -96.81 -103.09 -23.30
CA SER FD 94 -97.45 -103.84 -22.23
C SER FD 94 -98.14 -105.09 -22.76
N THR FD 95 -98.67 -105.88 -21.84
CA THR FD 95 -99.56 -106.97 -22.15
C THR FD 95 -101.00 -106.46 -22.06
N GLU FD 96 -101.88 -107.02 -22.87
CA GLU FD 96 -103.27 -106.59 -22.84
C GLU FD 96 -103.97 -107.00 -21.55
N ALA FD 97 -103.55 -108.12 -20.96
CA ALA FD 97 -104.08 -108.49 -19.65
C ALA FD 97 -103.51 -107.64 -18.53
N SER FD 98 -102.38 -106.98 -18.78
CA SER FD 98 -101.84 -106.04 -17.79
C SER FD 98 -102.65 -104.76 -17.75
N ARG FD 99 -103.01 -104.24 -18.93
CA ARG FD 99 -103.84 -103.04 -19.00
C ARG FD 99 -105.28 -103.31 -18.60
N LYS FD 100 -105.76 -104.54 -18.80
CA LYS FD 100 -107.13 -104.87 -18.40
C LYS FD 100 -107.23 -105.03 -16.89
N SER FD 101 -106.18 -105.57 -16.26
CA SER FD 101 -106.21 -105.76 -14.82
C SER FD 101 -106.10 -104.43 -14.07
N LEU FD 102 -105.33 -103.48 -14.62
CA LEU FD 102 -105.22 -102.17 -14.01
C LEU FD 102 -106.54 -101.41 -14.09
N TYR FD 103 -107.28 -101.61 -15.17
CA TYR FD 103 -108.61 -101.01 -15.26
C TYR FD 103 -109.59 -101.72 -14.33
N ASP FD 104 -109.49 -103.03 -14.21
CA ASP FD 104 -110.41 -103.79 -13.37
C ASP FD 104 -110.17 -103.57 -11.88
N LEU FD 105 -108.98 -103.13 -11.49
CA LEU FD 105 -108.74 -102.84 -10.08
C LEU FD 105 -109.23 -101.44 -9.71
N THR FD 106 -109.04 -100.47 -10.60
CA THR FD 106 -109.51 -99.12 -10.32
C THR FD 106 -111.02 -99.02 -10.44
N LYS FD 107 -111.63 -99.86 -11.28
CA LYS FD 107 -113.08 -99.94 -11.36
C LYS FD 107 -113.67 -100.48 -10.06
N SER FD 108 -112.94 -101.35 -9.37
CA SER FD 108 -113.37 -101.87 -8.09
C SER FD 108 -112.84 -101.05 -6.92
N LEU FD 109 -111.79 -100.27 -7.12
CA LEU FD 109 -111.33 -99.35 -6.08
C LEU FD 109 -112.35 -98.23 -5.88
N VAL FD 110 -112.83 -97.64 -6.97
CA VAL FD 110 -113.78 -96.54 -6.87
C VAL FD 110 -115.14 -97.06 -6.39
N ALA FD 111 -115.53 -98.26 -6.78
CA ALA FD 111 -116.86 -98.77 -6.46
C ALA FD 111 -116.96 -99.37 -5.07
N THR FD 112 -115.91 -99.32 -4.25
CA THR FD 112 -116.03 -99.87 -2.91
C THR FD 112 -116.64 -98.84 -1.97
N SER FD 113 -117.07 -99.32 -0.81
CA SER FD 113 -117.71 -98.45 0.17
C SER FD 113 -116.71 -97.71 1.05
N GLN FD 114 -115.41 -97.96 0.89
CA GLN FD 114 -114.43 -97.26 1.70
C GLN FD 114 -113.91 -96.00 1.00
N VAL FD 115 -113.84 -96.03 -0.33
CA VAL FD 115 -113.47 -94.83 -1.08
C VAL FD 115 -114.66 -93.87 -1.16
N GLU FD 116 -115.88 -94.41 -1.09
CA GLU FD 116 -117.07 -93.57 -1.04
C GLU FD 116 -117.10 -92.71 0.23
N ASP FD 117 -116.80 -93.32 1.38
CA ASP FD 117 -116.79 -92.57 2.62
C ASP FD 117 -115.55 -91.69 2.76
N LEU FD 118 -114.53 -91.91 1.93
CA LEU FD 118 -113.34 -91.06 1.96
C LEU FD 118 -113.60 -89.70 1.33
N VAL FD 119 -114.52 -89.61 0.37
CA VAL FD 119 -114.77 -88.35 -0.30
C VAL FD 119 -116.07 -87.74 0.19
N VAL FD 120 -117.02 -88.56 0.62
CA VAL FD 120 -118.28 -88.02 1.11
C VAL FD 120 -118.15 -87.57 2.57
N ASN FD 121 -117.70 -88.47 3.45
CA ASN FD 121 -117.65 -88.18 4.88
C ASN FD 121 -116.22 -88.06 5.41
N LEU FD 122 -115.22 -88.10 4.52
CA LEU FD 122 -113.80 -87.90 4.83
C LEU FD 122 -113.24 -88.93 5.81
N VAL FD 123 -113.86 -90.11 5.89
CA VAL FD 123 -113.35 -91.18 6.75
C VAL FD 123 -112.13 -91.81 6.08
N PRO FD 124 -111.03 -92.03 6.81
CA PRO FD 124 -109.84 -92.61 6.18
C PRO FD 124 -110.04 -94.07 5.79
N LEU FD 125 -109.08 -94.59 5.04
CA LEU FD 125 -109.21 -95.90 4.43
C LEU FD 125 -108.82 -97.01 5.42
N GLY FD 126 -109.32 -98.21 5.14
CA GLY FD 126 -108.97 -99.36 5.93
C GLY FD 126 -109.94 -99.64 7.06
N ARG FD 127 -110.52 -100.83 7.08
CA ARG FD 127 -111.40 -101.26 8.16
C ARG FD 127 -110.94 -102.63 8.64
N ALA FD 128 -110.58 -102.70 9.93
CA ALA FD 128 -110.04 -103.93 10.50
C ALA FD 128 -111.17 -104.88 10.84
N TYR FD 129 -111.36 -105.90 10.02
CA TYR FD 129 -112.34 -106.95 10.28
C TYR FD 129 -111.58 -108.23 10.63
N GLY FD 130 -111.23 -108.34 11.91
CA GLY FD 130 -110.49 -109.49 12.40
C GLY FD 130 -109.07 -109.57 11.87
N GLY FD 131 -108.22 -108.62 12.24
CA GLY FD 131 -106.85 -108.61 11.76
C GLY FD 131 -106.34 -107.21 11.49
N SER FD 132 -105.63 -107.05 10.37
CA SER FD 132 -105.11 -105.75 10.01
C SER FD 132 -106.15 -104.94 9.24
N LYS FD 133 -105.84 -103.68 8.98
CA LYS FD 133 -106.71 -102.83 8.19
C LYS FD 133 -106.59 -103.22 6.73
N THR FD 134 -107.69 -103.67 6.14
CA THR FD 134 -107.67 -104.25 4.80
C THR FD 134 -108.66 -103.54 3.89
N ILE FD 135 -108.33 -103.51 2.60
CA ILE FD 135 -109.25 -103.10 1.55
C ILE FD 135 -109.38 -104.27 0.58
N VAL FD 136 -110.61 -104.68 0.31
CA VAL FD 136 -110.87 -105.81 -0.57
C VAL FD 136 -111.30 -105.27 -1.93
N LEU FD 137 -110.55 -105.62 -2.98
CA LEU FD 137 -110.81 -105.18 -4.34
C LEU FD 137 -111.28 -106.39 -5.14
N SER FD 138 -112.59 -106.64 -5.14
CA SER FD 138 -113.14 -107.79 -5.84
C SER FD 138 -113.14 -107.55 -7.34
N VAL FD 139 -112.63 -108.53 -8.08
CA VAL FD 139 -112.51 -108.42 -9.54
C VAL FD 139 -113.46 -109.50 -10.07
N GLY FD 140 -114.58 -109.68 -9.36
CA GLY FD 140 -115.51 -110.74 -9.69
C GLY FD 140 -115.56 -111.75 -8.56
N GLU FD 141 -115.02 -112.94 -8.80
CA GLU FD 141 -114.84 -113.92 -7.73
C GLU FD 141 -113.45 -113.87 -7.12
N ALA FD 142 -112.49 -113.26 -7.80
CA ALA FD 142 -111.16 -113.08 -7.25
C ALA FD 142 -111.12 -111.82 -6.40
N THR FD 143 -110.73 -111.96 -5.14
CA THR FD 143 -110.61 -110.84 -4.21
C THR FD 143 -109.14 -110.67 -3.86
N ARG FD 144 -108.67 -109.43 -3.92
CA ARG FD 144 -107.27 -109.10 -3.65
C ARG FD 144 -107.23 -108.11 -2.49
N THR FD 145 -106.97 -108.62 -1.29
CA THR FD 145 -107.05 -107.82 -0.07
C THR FD 145 -105.71 -107.16 0.20
N LEU FD 146 -105.70 -105.84 0.30
CA LEU FD 146 -104.48 -105.08 0.57
C LEU FD 146 -104.42 -104.66 2.02
N THR FD 147 -103.34 -105.06 2.70
CA THR FD 147 -103.17 -104.75 4.12
C THR FD 147 -102.31 -103.51 4.27
N GLU FD 148 -102.58 -102.76 5.34
CA GLU FD 148 -101.87 -101.50 5.58
C GLU FD 148 -100.47 -101.77 6.10
N ILE FD 149 -99.48 -101.08 5.53
CA ILE FD 149 -98.09 -101.26 5.92
C ILE FD 149 -97.51 -100.04 6.61
N GLN FD 150 -98.10 -98.86 6.43
CA GLN FD 150 -97.56 -97.63 7.01
C GLN FD 150 -98.66 -96.58 7.03
N SER FD 151 -98.86 -95.95 8.19
CA SER FD 151 -99.84 -94.88 8.34
C SER FD 151 -99.10 -93.68 8.93
N THR FD 152 -98.56 -92.84 8.07
CA THR FD 152 -97.87 -91.62 8.48
C THR FD 152 -98.95 -90.55 8.71
N ALA FD 153 -98.58 -89.34 9.12
CA ALA FD 153 -99.56 -88.29 9.32
C ALA FD 153 -100.15 -87.81 8.00
N ASP FD 154 -99.41 -87.94 6.91
CA ASP FD 154 -99.90 -87.58 5.58
C ASP FD 154 -100.32 -88.80 4.76
N ARG FD 155 -99.42 -89.77 4.58
CA ARG FD 155 -99.70 -90.88 3.70
C ARG FD 155 -100.41 -92.01 4.44
N GLN FD 156 -100.95 -92.94 3.66
CA GLN FD 156 -101.53 -94.17 4.21
C GLN FD 156 -101.34 -95.24 3.15
N ILE FD 157 -100.23 -95.98 3.25
CA ILE FD 157 -99.78 -96.89 2.20
C ILE FD 157 -100.36 -98.27 2.46
N PHE FD 158 -100.99 -98.86 1.45
CA PHE FD 158 -101.47 -100.22 1.49
C PHE FD 158 -100.67 -101.06 0.51
N GLU FD 159 -100.73 -102.38 0.69
CA GLU FD 159 -99.94 -103.29 -0.12
C GLU FD 159 -100.52 -104.69 0.00
N GLU FD 160 -100.53 -105.42 -1.11
CA GLU FD 160 -100.89 -106.83 -1.07
C GLU FD 160 -99.73 -107.62 -0.48
N LYS FD 161 -100.03 -108.83 0.01
CA LYS FD 161 -99.05 -109.60 0.75
C LYS FD 161 -98.77 -110.98 0.19
N VAL FD 162 -99.45 -111.40 -0.86
CA VAL FD 162 -99.17 -112.68 -1.48
C VAL FD 162 -98.13 -112.50 -2.59
N GLY FD 163 -97.48 -113.59 -2.96
CA GLY FD 163 -96.56 -113.59 -4.07
C GLY FD 163 -95.16 -113.17 -3.68
N PRO FD 164 -94.33 -112.84 -4.68
CA PRO FD 164 -92.96 -112.40 -4.40
C PRO FD 164 -92.95 -111.01 -3.77
N LEU FD 165 -91.80 -110.68 -3.18
CA LEU FD 165 -91.64 -109.42 -2.47
C LEU FD 165 -91.21 -108.26 -3.37
N VAL FD 166 -90.85 -108.53 -4.62
CA VAL FD 166 -90.32 -107.46 -5.46
C VAL FD 166 -91.42 -106.67 -6.14
N GLY FD 167 -92.52 -107.30 -6.54
CA GLY FD 167 -93.61 -106.58 -7.16
C GLY FD 167 -94.94 -106.91 -6.54
N ARG FD 168 -95.58 -105.92 -5.92
CA ARG FD 168 -96.87 -106.10 -5.29
C ARG FD 168 -97.73 -104.87 -5.56
N LEU FD 169 -99.01 -105.00 -5.26
CA LEU FD 169 -99.93 -103.87 -5.42
C LEU FD 169 -99.64 -102.80 -4.38
N ARG FD 170 -100.06 -101.57 -4.69
CA ARG FD 170 -99.85 -100.45 -3.80
C ARG FD 170 -101.10 -99.58 -3.79
N LEU FD 171 -101.27 -98.82 -2.72
CA LEU FD 171 -102.37 -97.88 -2.63
C LEU FD 171 -101.90 -96.77 -1.69
N THR FD 172 -101.43 -95.67 -2.26
CA THR FD 172 -100.89 -94.55 -1.49
C THR FD 172 -101.97 -93.49 -1.36
N ALA FD 173 -102.83 -93.65 -0.36
CA ALA FD 173 -103.83 -92.63 -0.08
C ALA FD 173 -103.22 -91.45 0.65
N SER FD 174 -103.91 -90.32 0.59
CA SER FD 174 -103.46 -89.11 1.26
C SER FD 174 -104.67 -88.21 1.47
N LEU FD 175 -104.46 -87.15 2.25
CA LEU FD 175 -105.51 -86.19 2.56
C LEU FD 175 -104.85 -84.93 3.06
N ARG FD 176 -105.15 -83.80 2.42
CA ARG FD 176 -104.56 -82.51 2.79
C ARG FD 176 -105.67 -81.48 2.92
N GLN FD 177 -105.27 -80.27 3.27
CA GLN FD 177 -106.13 -79.09 3.14
C GLN FD 177 -105.23 -77.88 2.91
N ASN FD 178 -105.26 -77.35 1.69
CA ASN FD 178 -104.37 -76.27 1.29
C ASN FD 178 -105.09 -74.94 1.39
N GLY FD 179 -104.36 -73.93 1.88
CA GLY FD 179 -104.90 -72.60 2.03
C GLY FD 179 -105.44 -72.34 3.42
N ALA FD 180 -106.48 -71.53 3.51
CA ALA FD 180 -107.07 -71.17 4.80
C ALA FD 180 -108.20 -72.12 5.18
N LYS FD 181 -107.89 -73.43 5.15
CA LYS FD 181 -108.78 -74.51 5.61
C LYS FD 181 -110.12 -74.52 4.86
N THR FD 182 -110.10 -74.22 3.57
CA THR FD 182 -111.33 -74.08 2.80
C THR FD 182 -111.56 -75.21 1.80
N ALA FD 183 -110.56 -76.00 1.48
CA ALA FD 183 -110.71 -77.07 0.50
C ALA FD 183 -109.77 -78.21 0.85
N TYR FD 184 -110.29 -79.44 0.73
CA TYR FD 184 -109.52 -80.63 1.00
C TYR FD 184 -108.87 -81.13 -0.30
N ARG FD 185 -108.09 -82.21 -0.19
CA ARG FD 185 -107.43 -82.78 -1.36
C ARG FD 185 -107.20 -84.27 -1.09
N VAL FD 186 -108.06 -85.10 -1.64
CA VAL FD 186 -107.90 -86.55 -1.57
C VAL FD 186 -107.02 -86.99 -2.71
N ASN FD 187 -106.14 -87.97 -2.46
CA ASN FD 187 -105.15 -88.36 -3.45
C ASN FD 187 -104.89 -89.86 -3.33
N LEU FD 188 -105.56 -90.64 -4.18
CA LEU FD 188 -105.30 -92.07 -4.27
C LEU FD 188 -104.34 -92.36 -5.43
N LYS FD 189 -103.63 -93.48 -5.33
CA LYS FD 189 -102.67 -93.87 -6.35
C LYS FD 189 -102.43 -95.37 -6.25
N LEU FD 190 -102.70 -96.09 -7.33
CA LEU FD 190 -102.59 -97.54 -7.36
C LEU FD 190 -101.50 -97.94 -8.34
N ASP FD 191 -100.37 -98.41 -7.82
CA ASP FD 191 -99.29 -98.92 -8.65
C ASP FD 191 -99.42 -100.41 -8.86
N GLN FD 192 -99.23 -100.85 -10.10
CA GLN FD 192 -99.26 -102.25 -10.45
C GLN FD 192 -98.05 -102.56 -11.30
N ALA FD 193 -97.10 -103.31 -10.75
CA ALA FD 193 -95.88 -103.68 -11.45
C ALA FD 193 -96.01 -105.10 -11.97
N ASP FD 194 -95.50 -105.33 -13.17
CA ASP FD 194 -95.56 -106.64 -13.81
C ASP FD 194 -94.28 -107.40 -13.48
N VAL FD 195 -94.39 -108.43 -12.67
CA VAL FD 195 -93.26 -109.27 -12.27
C VAL FD 195 -93.30 -110.55 -13.09
N VAL FD 196 -92.12 -111.06 -13.45
CA VAL FD 196 -92.00 -112.29 -14.22
C VAL FD 196 -90.74 -113.01 -13.77
N ASP FD 197 -90.79 -114.34 -13.76
CA ASP FD 197 -89.61 -115.17 -13.56
C ASP FD 197 -89.68 -116.39 -14.46
N CYS FD 198 -88.52 -116.83 -14.92
CA CYS FD 198 -88.42 -117.98 -15.80
C CYS FD 198 -87.35 -118.96 -15.31
N SER FD 199 -87.40 -119.30 -14.02
CA SER FD 199 -86.46 -120.26 -13.45
C SER FD 199 -86.66 -121.67 -14.02
N THR FD 200 -87.82 -121.95 -14.61
CA THR FD 200 -87.98 -123.16 -15.39
C THR FD 200 -87.25 -123.08 -16.72
N SER FD 201 -86.93 -121.88 -17.19
CA SER FD 201 -86.26 -121.69 -18.47
C SER FD 201 -84.75 -121.50 -18.33
N VAL FD 202 -84.32 -120.48 -17.59
CA VAL FD 202 -82.91 -120.24 -17.32
C VAL FD 202 -82.69 -120.36 -15.82
N CYS FD 203 -81.59 -121.00 -15.43
CA CYS FD 203 -81.35 -121.27 -14.02
C CYS FD 203 -80.83 -120.04 -13.29
N GLY FD 204 -81.09 -120.01 -11.98
CA GLY FD 204 -80.54 -119.01 -11.10
C GLY FD 204 -81.08 -117.61 -11.31
N GLU FD 205 -82.29 -117.48 -11.85
CA GLU FD 205 -82.89 -116.19 -12.11
C GLU FD 205 -84.05 -115.99 -11.15
N LEU FD 206 -83.98 -114.94 -10.36
CA LEU FD 206 -85.01 -114.59 -9.40
C LEU FD 206 -86.03 -113.67 -10.06
N PRO FD 207 -87.24 -113.54 -9.49
CA PRO FD 207 -88.24 -112.63 -10.07
C PRO FD 207 -87.79 -111.17 -10.06
N LYS FD 208 -88.28 -110.45 -11.07
CA LYS FD 208 -87.97 -109.03 -11.23
C LYS FD 208 -89.13 -108.37 -11.96
N VAL FD 209 -89.21 -107.05 -11.83
CA VAL FD 209 -90.27 -106.26 -12.45
C VAL FD 209 -89.81 -105.80 -13.82
N ARG FD 210 -90.74 -105.77 -14.78
CA ARG FD 210 -90.43 -105.25 -16.10
C ARG FD 210 -90.84 -103.78 -16.22
N TYR FD 211 -92.11 -103.49 -15.98
CA TYR FD 211 -92.65 -102.15 -16.08
C TYR FD 211 -93.62 -101.93 -14.92
N THR FD 212 -94.13 -100.71 -14.82
CA THR FD 212 -95.16 -100.42 -13.83
C THR FD 212 -96.17 -99.45 -14.46
N GLN FD 213 -97.42 -99.54 -14.00
CA GLN FD 213 -98.50 -98.75 -14.53
C GLN FD 213 -99.30 -98.12 -13.40
N VAL FD 214 -99.50 -96.81 -13.47
CA VAL FD 214 -100.06 -96.03 -12.39
C VAL FD 214 -101.48 -95.63 -12.78
N TRP FD 215 -102.35 -95.44 -11.78
CA TRP FD 215 -103.65 -94.81 -11.96
C TRP FD 215 -103.88 -93.94 -10.71
N SER FD 216 -103.51 -92.67 -10.83
CA SER FD 216 -103.65 -91.74 -9.72
C SER FD 216 -105.04 -91.11 -9.72
N HIS FD 217 -105.40 -90.51 -8.60
CA HIS FD 217 -106.61 -89.71 -8.47
C HIS FD 217 -106.26 -88.44 -7.71
N ASP FD 218 -107.03 -87.38 -7.97
CA ASP FD 218 -106.79 -86.12 -7.28
C ASP FD 218 -108.15 -85.42 -7.16
N VAL FD 219 -108.80 -85.64 -6.03
CA VAL FD 219 -110.14 -85.13 -5.77
C VAL FD 219 -110.01 -83.82 -5.01
N THR FD 220 -110.73 -82.80 -5.43
CA THR FD 220 -110.76 -81.51 -4.75
C THR FD 220 -112.16 -81.31 -4.18
N ILE FD 221 -112.25 -81.18 -2.87
CA ILE FD 221 -113.53 -81.03 -2.18
C ILE FD 221 -113.43 -79.78 -1.30
N VAL FD 222 -114.34 -78.84 -1.51
CA VAL FD 222 -114.40 -77.64 -0.68
C VAL FD 222 -115.07 -77.98 0.64
N ALA FD 223 -114.72 -77.22 1.68
CA ALA FD 223 -115.05 -77.60 3.05
C ALA FD 223 -116.53 -77.39 3.37
N ASN FD 224 -117.11 -76.28 2.93
CA ASN FD 224 -118.48 -75.93 3.25
C ASN FD 224 -119.49 -76.45 2.24
N SER FD 225 -119.19 -77.56 1.57
CA SER FD 225 -120.04 -78.06 0.50
C SER FD 225 -121.25 -78.81 1.05
N THR FD 226 -122.13 -79.19 0.14
CA THR FD 226 -123.32 -79.96 0.44
C THR FD 226 -122.94 -81.44 0.41
N GLU FD 227 -123.65 -82.26 1.19
CA GLU FD 227 -123.40 -83.70 1.15
C GLU FD 227 -123.83 -84.31 -0.18
N ALA FD 228 -124.97 -83.89 -0.71
CA ALA FD 228 -125.41 -84.38 -2.02
C ALA FD 228 -124.58 -83.80 -3.16
N SER FD 229 -123.79 -82.77 -2.91
CA SER FD 229 -122.83 -82.30 -3.90
C SER FD 229 -121.61 -83.22 -3.96
N ARG FD 230 -121.16 -83.72 -2.80
CA ARG FD 230 -120.07 -84.68 -2.79
C ARG FD 230 -120.54 -86.07 -3.18
N LYS FD 231 -121.79 -86.40 -2.88
CA LYS FD 231 -122.32 -87.73 -3.20
C LYS FD 231 -122.56 -87.86 -4.70
N SER FD 232 -122.93 -86.76 -5.36
CA SER FD 232 -123.16 -86.81 -6.80
C SER FD 232 -121.85 -86.81 -7.58
N LEU FD 233 -120.81 -86.16 -7.05
CA LEU FD 233 -119.51 -86.20 -7.70
C LEU FD 233 -118.89 -87.59 -7.64
N TYR FD 234 -119.12 -88.31 -6.55
CA TYR FD 234 -118.63 -89.68 -6.45
C TYR FD 234 -119.40 -90.60 -7.39
N ASP FD 235 -120.73 -90.48 -7.44
CA ASP FD 235 -121.55 -91.33 -8.29
C ASP FD 235 -121.34 -91.09 -9.77
N LEU FD 236 -120.91 -89.90 -10.17
CA LEU FD 236 -120.59 -89.67 -11.56
C LEU FD 236 -119.25 -90.29 -11.93
N THR FD 237 -118.25 -90.16 -11.06
CA THR FD 237 -116.95 -90.77 -11.31
C THR FD 237 -117.01 -92.29 -11.20
N LYS FD 238 -117.87 -92.81 -10.31
CA LYS FD 238 -118.09 -94.25 -10.26
C LYS FD 238 -118.75 -94.74 -11.53
N SER FD 239 -119.61 -93.92 -12.13
CA SER FD 239 -120.26 -94.29 -13.38
C SER FD 239 -119.42 -93.95 -14.60
N LEU FD 240 -118.42 -93.08 -14.45
CA LEU FD 240 -117.56 -92.75 -15.58
C LEU FD 240 -116.56 -93.87 -15.85
N VAL FD 241 -115.92 -94.38 -14.78
CA VAL FD 241 -114.94 -95.46 -14.92
C VAL FD 241 -115.61 -96.74 -15.41
N ALA FD 242 -116.86 -96.98 -15.03
CA ALA FD 242 -117.55 -98.20 -15.41
C ALA FD 242 -118.12 -98.18 -16.82
N THR FD 243 -117.88 -97.13 -17.60
CA THR FD 243 -118.34 -97.12 -18.98
C THR FD 243 -117.45 -97.97 -19.86
N SER FD 244 -117.91 -98.21 -21.09
CA SER FD 244 -117.14 -98.96 -22.05
C SER FD 244 -116.17 -98.09 -22.84
N GLN FD 245 -116.23 -96.78 -22.67
CA GLN FD 245 -115.35 -95.90 -23.43
C GLN FD 245 -114.05 -95.62 -22.68
N VAL FD 246 -114.12 -95.50 -21.36
CA VAL FD 246 -112.91 -95.35 -20.55
C VAL FD 246 -112.17 -96.67 -20.44
N GLU FD 247 -112.86 -97.79 -20.64
CA GLU FD 247 -112.17 -99.08 -20.75
C GLU FD 247 -111.31 -99.12 -22.01
N ASP FD 248 -111.86 -98.73 -23.14
CA ASP FD 248 -111.10 -98.70 -24.39
C ASP FD 248 -110.08 -97.57 -24.44
N LEU FD 249 -110.26 -96.53 -23.63
CA LEU FD 249 -109.26 -95.47 -23.56
C LEU FD 249 -108.00 -95.96 -22.86
N VAL FD 250 -108.13 -96.90 -21.93
CA VAL FD 250 -106.98 -97.43 -21.22
C VAL FD 250 -106.43 -98.68 -21.90
N VAL FD 251 -107.30 -99.60 -22.29
CA VAL FD 251 -106.85 -100.86 -22.90
C VAL FD 251 -106.37 -100.63 -24.32
N ASN FD 252 -107.17 -99.98 -25.16
CA ASN FD 252 -106.87 -99.88 -26.58
C ASN FD 252 -106.56 -98.46 -27.05
N LEU FD 253 -106.49 -97.49 -26.14
CA LEU FD 253 -106.14 -96.08 -26.42
C LEU FD 253 -107.09 -95.41 -27.40
N VAL FD 254 -108.34 -95.85 -27.45
CA VAL FD 254 -109.35 -95.19 -28.29
C VAL FD 254 -109.85 -93.95 -27.55
N PRO FD 255 -109.83 -92.77 -28.16
CA PRO FD 255 -110.36 -91.58 -27.49
C PRO FD 255 -111.86 -91.64 -27.27
N LEU FD 256 -112.34 -90.76 -26.41
CA LEU FD 256 -113.71 -90.83 -25.92
C LEU FD 256 -114.69 -90.27 -26.94
N GLY FD 257 -115.96 -90.61 -26.74
CA GLY FD 257 -117.03 -90.07 -27.57
C GLY FD 257 -117.42 -90.94 -28.74
N ARG FD 258 -118.65 -91.45 -28.72
CA ARG FD 258 -119.17 -92.20 -29.86
C ARG FD 258 -120.51 -91.61 -30.30
N SER GD 1 -120.09 -75.83 56.69
CA SER GD 1 -120.30 -74.68 55.82
C SER GD 1 -120.96 -75.11 54.51
N LYS GD 2 -120.28 -74.88 53.40
CA LYS GD 2 -120.78 -75.24 52.07
C LYS GD 2 -120.07 -76.51 51.62
N THR GD 3 -120.85 -77.50 51.22
CA THR GD 3 -120.33 -78.84 50.96
C THR GD 3 -120.61 -79.30 49.54
N ILE GD 4 -119.75 -80.19 49.04
CA ILE GD 4 -120.00 -81.00 47.87
C ILE GD 4 -119.93 -82.46 48.29
N VAL GD 5 -120.84 -83.28 47.78
CA VAL GD 5 -120.89 -84.69 48.13
C VAL GD 5 -120.54 -85.50 46.90
N LEU GD 6 -119.44 -86.25 46.97
CA LEU GD 6 -118.95 -87.07 45.87
C LEU GD 6 -119.17 -88.53 46.22
N SER GD 7 -120.29 -89.09 45.78
CA SER GD 7 -120.60 -90.48 46.09
C SER GD 7 -119.86 -91.42 45.15
N VAL GD 8 -119.17 -92.40 45.73
CA VAL GD 8 -118.28 -93.28 44.99
C VAL GD 8 -118.95 -94.66 45.07
N GLY GD 9 -120.27 -94.66 45.05
CA GLY GD 9 -121.04 -95.87 45.24
C GLY GD 9 -122.07 -95.64 46.33
N GLU GD 10 -121.91 -96.33 47.46
CA GLU GD 10 -122.62 -95.95 48.67
C GLU GD 10 -121.74 -95.16 49.63
N ALA GD 11 -120.42 -95.22 49.45
CA ALA GD 11 -119.52 -94.39 50.24
C ALA GD 11 -119.51 -92.97 49.70
N THR GD 12 -119.95 -92.02 50.51
CA THR GD 12 -120.03 -90.62 50.13
C THR GD 12 -118.90 -89.87 50.84
N ARG GD 13 -118.14 -89.09 50.08
CA ARG GD 13 -117.00 -88.34 50.60
C ARG GD 13 -117.33 -86.86 50.52
N THR GD 14 -117.70 -86.27 51.65
CA THR GD 14 -118.18 -84.91 51.70
C THR GD 14 -117.01 -83.93 51.90
N LEU GD 15 -116.82 -83.04 50.94
CA LEU GD 15 -115.83 -81.98 51.05
C LEU GD 15 -116.42 -80.75 51.74
N THR GD 16 -115.56 -79.97 52.38
CA THR GD 16 -116.00 -78.80 53.13
C THR GD 16 -115.12 -77.62 52.74
N GLU GD 17 -115.76 -76.47 52.53
CA GLU GD 17 -115.09 -75.30 52.00
C GLU GD 17 -114.17 -74.67 53.05
N ILE GD 18 -112.95 -74.37 52.65
CA ILE GD 18 -111.98 -73.72 53.53
C ILE GD 18 -111.53 -72.36 53.02
N GLN GD 19 -112.01 -71.91 51.86
CA GLN GD 19 -111.60 -70.62 51.31
C GLN GD 19 -112.67 -70.15 50.35
N SER GD 20 -112.90 -68.84 50.32
CA SER GD 20 -113.85 -68.24 49.38
C SER GD 20 -113.31 -66.86 49.02
N THR GD 21 -112.55 -66.79 47.93
CA THR GD 21 -112.03 -65.54 47.42
C THR GD 21 -113.07 -65.05 46.40
N ALA GD 22 -112.76 -64.00 45.62
CA ALA GD 22 -113.68 -63.54 44.60
C ALA GD 22 -113.80 -64.55 43.46
N ASP GD 23 -112.70 -65.22 43.12
CA ASP GD 23 -112.72 -66.24 42.09
C ASP GD 23 -112.34 -67.62 42.61
N ARG GD 24 -111.29 -67.76 43.41
CA ARG GD 24 -110.87 -69.06 43.89
C ARG GD 24 -111.79 -69.55 45.01
N GLN GD 25 -111.89 -70.86 45.13
CA GLN GD 25 -112.85 -71.46 46.06
C GLN GD 25 -112.34 -72.88 46.38
N ILE GD 26 -111.74 -73.03 47.56
CA ILE GD 26 -111.02 -74.24 47.92
C ILE GD 26 -111.89 -75.09 48.83
N PHE GD 27 -111.95 -76.39 48.55
CA PHE GD 27 -112.69 -77.36 49.33
C PHE GD 27 -111.72 -78.42 49.86
N GLU GD 28 -112.05 -78.99 51.01
CA GLU GD 28 -111.24 -80.07 51.57
C GLU GD 28 -112.14 -81.08 52.27
N GLU GD 29 -111.65 -82.30 52.38
CA GLU GD 29 -112.29 -83.31 53.20
C GLU GD 29 -111.71 -83.22 54.61
N LYS GD 30 -112.53 -83.59 55.59
CA LYS GD 30 -112.18 -83.35 56.98
C LYS GD 30 -111.86 -84.60 57.78
N VAL GD 31 -112.06 -85.78 57.23
CA VAL GD 31 -111.74 -87.01 57.96
C VAL GD 31 -110.30 -87.39 57.70
N GLY GD 32 -109.71 -88.12 58.66
CA GLY GD 32 -108.37 -88.63 58.52
C GLY GD 32 -107.32 -87.73 59.13
N PRO GD 33 -106.06 -87.93 58.76
CA PRO GD 33 -104.99 -87.05 59.25
C PRO GD 33 -105.06 -85.64 58.70
N LEU GD 34 -104.18 -84.76 59.18
CA LEU GD 34 -104.23 -83.35 58.83
C LEU GD 34 -103.25 -82.95 57.75
N VAL GD 35 -102.39 -83.87 57.29
CA VAL GD 35 -101.32 -83.48 56.38
C VAL GD 35 -101.70 -83.73 54.92
N GLY GD 36 -102.39 -84.83 54.62
CA GLY GD 36 -102.79 -85.10 53.26
C GLY GD 36 -104.27 -85.40 53.13
N ARG GD 37 -105.00 -84.53 52.42
CA ARG GD 37 -106.43 -84.65 52.27
C ARG GD 37 -106.82 -84.32 50.83
N LEU GD 38 -108.08 -84.57 50.50
CA LEU GD 38 -108.60 -84.15 49.21
C LEU GD 38 -108.65 -82.63 49.10
N ARG GD 39 -108.71 -82.16 47.86
CA ARG GD 39 -108.64 -80.74 47.57
C ARG GD 39 -109.42 -80.50 46.28
N LEU GD 40 -110.11 -79.37 46.23
CA LEU GD 40 -110.89 -79.04 45.04
C LEU GD 40 -110.80 -77.52 44.87
N THR GD 41 -109.86 -77.08 44.06
CA THR GD 41 -109.61 -75.65 43.87
C THR GD 41 -110.42 -75.20 42.66
N ALA GD 42 -111.65 -74.78 42.92
CA ALA GD 42 -112.51 -74.28 41.87
C ALA GD 42 -112.21 -72.81 41.57
N SER GD 43 -112.64 -72.38 40.38
CA SER GD 43 -112.35 -71.02 39.93
C SER GD 43 -113.35 -70.65 38.85
N LEU GD 44 -113.42 -69.36 38.57
CA LEU GD 44 -114.23 -68.82 37.48
C LEU GD 44 -113.70 -67.45 37.12
N ARG GD 45 -113.72 -67.13 35.83
CA ARG GD 45 -113.17 -65.88 35.32
C ARG GD 45 -114.02 -65.41 34.15
N GLN GD 46 -113.65 -64.24 33.61
CA GLN GD 46 -114.11 -63.81 32.30
C GLN GD 46 -113.01 -62.93 31.69
N ASN GD 47 -112.15 -63.55 30.89
CA ASN GD 47 -110.96 -62.90 30.38
C ASN GD 47 -111.25 -62.22 29.04
N GLY GD 48 -110.48 -61.17 28.77
CA GLY GD 48 -110.62 -60.44 27.53
C GLY GD 48 -111.65 -59.35 27.60
N ALA GD 49 -112.42 -59.18 26.52
CA ALA GD 49 -113.46 -58.15 26.46
C ALA GD 49 -114.81 -58.71 26.90
N LYS GD 50 -114.79 -59.35 28.07
CA LYS GD 50 -115.98 -59.82 28.80
C LYS GD 50 -116.86 -60.76 27.99
N THR GD 51 -116.27 -61.53 27.08
CA THR GD 51 -117.04 -62.32 26.13
C THR GD 51 -117.00 -63.82 26.38
N ALA GD 52 -116.05 -64.32 27.16
CA ALA GD 52 -115.91 -65.76 27.38
C ALA GD 52 -115.52 -66.00 28.82
N TYR GD 53 -116.17 -66.97 29.45
CA TYR GD 53 -115.83 -67.36 30.81
C TYR GD 53 -114.79 -68.48 30.80
N ARG GD 54 -114.32 -68.85 31.99
CA ARG GD 54 -113.30 -69.89 32.10
C ARG GD 54 -113.45 -70.56 33.46
N VAL GD 55 -114.09 -71.72 33.46
CA VAL GD 55 -114.16 -72.56 34.65
C VAL GD 55 -112.86 -73.35 34.77
N ASN GD 56 -112.37 -73.52 36.00
CA ASN GD 56 -111.08 -74.15 36.20
C ASN GD 56 -111.13 -74.97 37.49
N LEU GD 57 -111.43 -76.26 37.36
CA LEU GD 57 -111.41 -77.16 38.50
C LEU GD 57 -110.06 -77.86 38.62
N LYS GD 58 -109.78 -78.37 39.81
CA LYS GD 58 -108.51 -79.06 40.07
C LYS GD 58 -108.72 -79.95 41.29
N LEU GD 59 -108.77 -81.25 41.07
CA LEU GD 59 -109.01 -82.23 42.12
C LEU GD 59 -107.70 -82.89 42.51
N ASP GD 60 -107.04 -82.39 43.55
CA ASP GD 60 -105.83 -83.00 44.04
C ASP GD 60 -106.15 -84.26 44.83
N GLN GD 61 -105.15 -85.12 44.98
CA GLN GD 61 -105.27 -86.30 45.81
C GLN GD 61 -103.87 -86.75 46.22
N ALA GD 62 -103.56 -86.63 47.50
CA ALA GD 62 -102.26 -87.03 48.03
C ALA GD 62 -102.38 -88.39 48.70
N ASP GD 63 -101.33 -89.20 48.58
CA ASP GD 63 -101.28 -90.51 49.21
C ASP GD 63 -100.42 -90.41 50.46
N VAL GD 64 -101.06 -90.35 51.61
CA VAL GD 64 -100.38 -90.21 52.88
C VAL GD 64 -100.15 -91.61 53.45
N VAL GD 65 -98.99 -91.80 54.09
CA VAL GD 65 -98.64 -93.07 54.72
C VAL GD 65 -98.11 -92.76 56.12
N ASP GD 66 -98.58 -93.52 57.10
CA ASP GD 66 -98.13 -93.38 58.48
C ASP GD 66 -97.75 -94.75 59.02
N CYS GD 67 -96.46 -94.94 59.31
CA CYS GD 67 -95.93 -96.16 59.88
C CYS GD 67 -95.09 -95.86 61.12
N SER GD 68 -95.70 -95.15 62.08
CA SER GD 68 -95.11 -95.05 63.41
C SER GD 68 -95.08 -96.38 64.13
N THR GD 69 -95.93 -97.33 63.73
CA THR GD 69 -95.85 -98.70 64.27
C THR GD 69 -94.57 -99.39 63.81
N SER GD 70 -94.18 -99.16 62.57
CA SER GD 70 -92.98 -99.80 62.03
C SER GD 70 -91.71 -99.10 62.50
N VAL GD 71 -91.57 -97.83 62.14
CA VAL GD 71 -90.44 -97.02 62.58
C VAL GD 71 -90.87 -96.25 63.82
N CYS GD 72 -90.18 -96.48 64.93
CA CYS GD 72 -90.55 -95.83 66.19
C CYS GD 72 -90.12 -94.37 66.17
N GLY GD 73 -91.10 -93.47 66.12
CA GLY GD 73 -90.84 -92.05 66.20
C GLY GD 73 -91.03 -91.26 64.92
N GLU GD 74 -91.76 -91.79 63.94
CA GLU GD 74 -92.02 -91.07 62.70
C GLU GD 74 -93.49 -90.66 62.64
N LEU GD 75 -93.76 -89.70 61.77
CA LEU GD 75 -95.06 -89.04 61.68
C LEU GD 75 -95.68 -89.33 60.31
N PRO GD 76 -96.98 -89.08 60.11
CA PRO GD 76 -97.55 -89.24 58.76
C PRO GD 76 -96.94 -88.27 57.75
N LYS GD 77 -96.92 -88.70 56.50
CA LYS GD 77 -96.19 -88.02 55.43
C LYS GD 77 -96.79 -88.45 54.11
N VAL GD 78 -96.83 -87.54 53.15
CA VAL GD 78 -97.40 -87.82 51.83
C VAL GD 78 -96.28 -88.27 50.89
N ARG GD 79 -96.55 -89.29 50.09
CA ARG GD 79 -95.58 -89.72 49.09
C ARG GD 79 -95.69 -88.89 47.82
N TYR GD 80 -96.85 -88.93 47.17
CA TYR GD 80 -97.05 -88.29 45.89
C TYR GD 80 -98.43 -87.65 45.85
N THR GD 81 -98.65 -86.81 44.85
CA THR GD 81 -99.95 -86.21 44.58
C THR GD 81 -100.33 -86.48 43.14
N GLN GD 82 -101.61 -86.80 42.93
CA GLN GD 82 -102.16 -87.04 41.60
C GLN GD 82 -103.36 -86.14 41.41
N VAL GD 83 -103.36 -85.35 40.33
CA VAL GD 83 -104.38 -84.34 40.10
C VAL GD 83 -105.23 -84.74 38.91
N TRP GD 84 -106.37 -84.06 38.76
CA TRP GD 84 -107.18 -84.14 37.55
C TRP GD 84 -107.78 -82.74 37.35
N SER GD 85 -107.11 -81.93 36.54
CA SER GD 85 -107.57 -80.57 36.30
C SER GD 85 -108.60 -80.54 35.18
N HIS GD 86 -109.41 -79.49 35.19
CA HIS GD 86 -110.39 -79.23 34.15
C HIS GD 86 -110.19 -77.81 33.67
N ASP GD 87 -110.58 -77.55 32.42
CA ASP GD 87 -110.46 -76.20 31.84
C ASP GD 87 -111.59 -76.04 30.83
N VAL GD 88 -112.69 -75.47 31.29
CA VAL GD 88 -113.87 -75.29 30.45
C VAL GD 88 -113.86 -73.87 29.93
N THR GD 89 -114.17 -73.70 28.64
CA THR GD 89 -114.27 -72.39 28.01
C THR GD 89 -115.70 -72.22 27.51
N ILE GD 90 -116.40 -71.23 28.06
CA ILE GD 90 -117.80 -70.96 27.72
C ILE GD 90 -117.90 -69.53 27.23
N VAL GD 91 -118.38 -69.35 26.01
CA VAL GD 91 -118.61 -68.02 25.48
C VAL GD 91 -119.97 -67.52 25.97
N ALA GD 92 -120.07 -66.20 26.18
CA ALA GD 92 -121.15 -65.64 26.98
C ALA GD 92 -122.48 -65.60 26.25
N ASN GD 93 -122.46 -65.48 24.92
CA ASN GD 93 -123.69 -65.41 24.13
C ASN GD 93 -124.14 -66.77 23.63
N SER GD 94 -123.92 -67.82 24.41
CA SER GD 94 -124.18 -69.18 23.99
C SER GD 94 -125.67 -69.49 23.99
N THR GD 95 -125.99 -70.68 23.50
CA THR GD 95 -127.30 -71.27 23.68
C THR GD 95 -127.24 -72.18 24.91
N GLU GD 96 -128.37 -72.29 25.61
CA GLU GD 96 -128.40 -73.14 26.80
C GLU GD 96 -128.31 -74.61 26.44
N ALA GD 97 -128.81 -74.99 25.26
CA ALA GD 97 -128.64 -76.36 24.79
C ALA GD 97 -127.22 -76.61 24.30
N SER GD 98 -126.47 -75.57 23.99
CA SER GD 98 -125.07 -75.73 23.62
C SER GD 98 -124.21 -76.03 24.85
N ARG GD 99 -124.46 -75.32 25.95
CA ARG GD 99 -123.75 -75.57 27.19
C ARG GD 99 -124.18 -76.86 27.85
N LYS GD 100 -125.42 -77.28 27.65
CA LYS GD 100 -125.89 -78.55 28.23
C LYS GD 100 -125.32 -79.74 27.47
N SER GD 101 -125.15 -79.60 26.16
CA SER GD 101 -124.61 -80.71 25.37
C SER GD 101 -123.12 -80.90 25.63
N LEU GD 102 -122.39 -79.81 25.86
CA LEU GD 102 -120.97 -79.91 26.18
C LEU GD 102 -120.76 -80.57 27.54
N TYR GD 103 -121.67 -80.33 28.48
CA TYR GD 103 -121.59 -81.01 29.77
C TYR GD 103 -122.00 -82.47 29.63
N ASP GD 104 -123.00 -82.75 28.79
CA ASP GD 104 -123.47 -84.13 28.63
C ASP GD 104 -122.49 -85.00 27.86
N LEU GD 105 -121.60 -84.41 27.08
CA LEU GD 105 -120.60 -85.21 26.37
C LEU GD 105 -119.41 -85.53 27.27
N THR GD 106 -118.98 -84.56 28.08
CA THR GD 106 -117.87 -84.80 28.99
C THR GD 106 -118.28 -85.69 30.16
N LYS GD 107 -119.55 -85.64 30.55
CA LYS GD 107 -120.06 -86.56 31.55
C LYS GD 107 -120.03 -88.00 31.04
N SER GD 108 -120.22 -88.18 29.74
CA SER GD 108 -120.13 -89.51 29.14
C SER GD 108 -118.75 -89.84 28.63
N LEU GD 109 -117.89 -88.84 28.41
CA LEU GD 109 -116.50 -89.10 28.08
C LEU GD 109 -115.77 -89.70 29.28
N VAL GD 110 -115.96 -89.10 30.46
CA VAL GD 110 -115.27 -89.59 31.65
C VAL GD 110 -115.84 -90.94 32.09
N ALA GD 111 -117.14 -91.14 31.91
CA ALA GD 111 -117.77 -92.35 32.42
C ALA GD 111 -117.62 -93.56 31.50
N THR GD 112 -116.89 -93.45 30.40
CA THR GD 112 -116.72 -94.60 29.52
C THR GD 112 -115.58 -95.49 30.05
N SER GD 113 -115.53 -96.71 29.53
CA SER GD 113 -114.51 -97.65 29.95
C SER GD 113 -113.18 -97.49 29.21
N GLN GD 114 -113.10 -96.57 28.26
CA GLN GD 114 -111.85 -96.36 27.55
C GLN GD 114 -111.02 -95.26 28.19
N VAL GD 115 -111.66 -94.26 28.79
CA VAL GD 115 -110.94 -93.22 29.52
C VAL GD 115 -110.52 -93.75 30.88
N GLU GD 116 -111.28 -94.72 31.42
CA GLU GD 116 -110.90 -95.37 32.66
C GLU GD 116 -109.59 -96.13 32.52
N ASP GD 117 -109.43 -96.90 31.45
CA ASP GD 117 -108.20 -97.63 31.22
C ASP GD 117 -107.06 -96.74 30.75
N LEU GD 118 -107.36 -95.51 30.33
CA LEU GD 118 -106.31 -94.58 29.93
C LEU GD 118 -105.56 -94.02 31.13
N VAL GD 119 -106.22 -93.92 32.30
CA VAL GD 119 -105.58 -93.35 33.46
C VAL GD 119 -105.19 -94.44 34.45
N VAL GD 120 -105.94 -95.54 34.47
CA VAL GD 120 -105.61 -96.61 35.40
C VAL GD 120 -104.50 -97.50 34.84
N ASN GD 121 -104.67 -97.99 33.62
CA ASN GD 121 -103.73 -98.94 33.04
C ASN GD 121 -102.97 -98.37 31.84
N LEU GD 122 -103.15 -97.07 31.56
CA LEU GD 122 -102.43 -96.32 30.52
C LEU GD 122 -102.64 -96.87 29.12
N VAL GD 123 -103.74 -97.57 28.89
CA VAL GD 123 -104.07 -98.08 27.55
C VAL GD 123 -104.56 -96.91 26.69
N PRO GD 124 -104.08 -96.75 25.46
CA PRO GD 124 -104.53 -95.64 24.62
C PRO GD 124 -105.98 -95.80 24.19
N LEU GD 125 -106.50 -94.72 23.61
CA LEU GD 125 -107.92 -94.64 23.30
C LEU GD 125 -108.24 -95.31 21.97
N GLY GD 126 -109.50 -95.68 21.82
CA GLY GD 126 -109.99 -96.27 20.58
C GLY GD 126 -109.93 -97.78 20.55
N ARG GD 127 -111.07 -98.41 20.31
CA ARG GD 127 -111.14 -99.86 20.18
C ARG GD 127 -111.88 -100.19 18.89
N ALA GD 128 -111.21 -100.89 17.98
CA ALA GD 128 -111.78 -101.21 16.68
C ALA GD 128 -112.74 -102.38 16.81
N TYR GD 129 -114.03 -102.11 16.81
CA TYR GD 129 -115.07 -103.14 16.82
C TYR GD 129 -115.72 -103.16 15.45
N GLY GD 130 -115.10 -103.89 14.52
CA GLY GD 130 -115.61 -103.98 13.16
C GLY GD 130 -115.53 -102.68 12.38
N GLY GD 131 -114.31 -102.21 12.11
CA GLY GD 131 -114.14 -100.97 11.38
C GLY GD 131 -112.99 -100.14 11.89
N SER GD 132 -113.20 -98.85 12.04
CA SER GD 132 -112.15 -97.96 12.54
C SER GD 132 -112.17 -97.94 14.07
N LYS GD 133 -111.16 -97.29 14.63
CA LYS GD 133 -111.08 -97.11 16.08
C LYS GD 133 -112.10 -96.04 16.49
N THR GD 134 -113.07 -96.43 17.31
CA THR GD 134 -114.19 -95.58 17.65
C THR GD 134 -114.33 -95.42 19.15
N ILE GD 135 -114.84 -94.26 19.57
CA ILE GD 135 -115.28 -94.02 20.93
C ILE GD 135 -116.75 -93.64 20.88
N VAL GD 136 -117.57 -94.34 21.65
CA VAL GD 136 -119.02 -94.11 21.67
C VAL GD 136 -119.35 -93.28 22.91
N LEU GD 137 -119.94 -92.11 22.71
CA LEU GD 137 -120.31 -91.21 23.79
C LEU GD 137 -121.84 -91.18 23.86
N SER GD 138 -122.41 -92.10 24.63
CA SER GD 138 -123.86 -92.19 24.76
C SER GD 138 -124.40 -91.05 25.62
N VAL GD 139 -125.43 -90.37 25.11
CA VAL GD 139 -126.02 -89.22 25.78
C VAL GD 139 -127.43 -89.68 26.14
N GLY GD 140 -127.55 -90.96 26.48
CA GLY GD 140 -128.85 -91.55 26.72
C GLY GD 140 -129.16 -92.61 25.68
N GLU GD 141 -130.09 -92.33 24.79
CA GLU GD 141 -130.33 -93.17 23.63
C GLU GD 141 -129.60 -92.69 22.39
N ALA GD 142 -129.16 -91.43 22.38
CA ALA GD 142 -128.36 -90.93 21.27
C ALA GD 142 -126.89 -91.26 21.50
N THR GD 143 -126.28 -91.95 20.54
CA THR GD 143 -124.88 -92.32 20.60
C THR GD 143 -124.13 -91.57 19.50
N ARG GD 144 -123.01 -90.96 19.86
CA ARG GD 144 -122.21 -90.18 18.92
C ARG GD 144 -120.82 -90.79 18.86
N THR GD 145 -120.57 -91.57 17.81
CA THR GD 145 -119.33 -92.36 17.70
C THR GD 145 -118.28 -91.53 16.97
N LEU GD 146 -117.13 -91.34 17.63
CA LEU GD 146 -116.04 -90.57 17.05
C LEU GD 146 -114.96 -91.50 16.53
N THR GD 147 -114.65 -91.36 15.24
CA THR GD 147 -113.66 -92.21 14.59
C THR GD 147 -112.30 -91.50 14.56
N GLU GD 148 -111.24 -92.30 14.62
CA GLU GD 148 -109.90 -91.76 14.68
C GLU GD 148 -109.46 -91.26 13.31
N ILE GD 149 -108.90 -90.06 13.26
CA ILE GD 149 -108.46 -89.46 12.01
C ILE GD 149 -106.94 -89.32 11.92
N GLN GD 150 -106.22 -89.35 13.03
CA GLN GD 150 -104.78 -89.16 13.02
C GLN GD 150 -104.22 -89.69 14.33
N SER GD 151 -103.19 -90.54 14.24
CA SER GD 151 -102.51 -91.07 15.42
C SER GD 151 -101.02 -90.78 15.25
N THR GD 152 -100.60 -89.62 15.73
CA THR GD 152 -99.19 -89.23 15.69
C THR GD 152 -98.51 -89.89 16.91
N ALA GD 153 -97.20 -89.69 17.08
CA ALA GD 153 -96.51 -90.26 18.23
C ALA GD 153 -96.94 -89.60 19.53
N ASP GD 154 -97.37 -88.35 19.48
CA ASP GD 154 -97.87 -87.64 20.65
C ASP GD 154 -99.39 -87.58 20.69
N ARG GD 155 -100.02 -87.05 19.64
CA ARG GD 155 -101.45 -86.81 19.67
C ARG GD 155 -102.22 -88.05 19.22
N GLN GD 156 -103.53 -88.02 19.48
CA GLN GD 156 -104.44 -89.05 18.99
C GLN GD 156 -105.79 -88.38 18.79
N ILE GD 157 -106.04 -87.89 17.59
CA ILE GD 157 -107.17 -87.01 17.30
C ILE GD 157 -108.36 -87.86 16.83
N PHE GD 158 -109.51 -87.65 17.47
CA PHE GD 158 -110.75 -88.28 17.05
C PHE GD 158 -111.70 -87.21 16.53
N GLU GD 159 -112.72 -87.66 15.79
CA GLU GD 159 -113.65 -86.74 15.16
C GLU GD 159 -114.91 -87.49 14.77
N GLU GD 160 -116.05 -86.84 14.95
CA GLU GD 160 -117.30 -87.40 14.45
C GLU GD 160 -117.36 -87.19 12.94
N LYS GD 161 -118.10 -88.05 12.25
CA LYS GD 161 -118.09 -88.07 10.79
C LYS GD 161 -119.42 -87.75 10.14
N VAL GD 162 -120.48 -87.54 10.90
CA VAL GD 162 -121.76 -87.17 10.32
C VAL GD 162 -121.87 -85.66 10.24
N GLY GD 163 -122.79 -85.19 9.40
CA GLY GD 163 -123.08 -83.77 9.30
C GLY GD 163 -122.17 -83.03 8.35
N PRO GD 164 -122.14 -81.71 8.45
CA PRO GD 164 -121.25 -80.91 7.60
C PRO GD 164 -119.79 -81.10 7.99
N LEU GD 165 -118.91 -80.62 7.11
CA LEU GD 165 -117.48 -80.77 7.30
C LEU GD 165 -116.83 -79.63 8.06
N VAL GD 166 -117.55 -78.52 8.28
CA VAL GD 166 -116.91 -77.36 8.89
C VAL GD 166 -116.91 -77.45 10.40
N GLY GD 167 -117.98 -77.97 11.01
CA GLY GD 167 -118.01 -78.10 12.46
C GLY GD 167 -118.34 -79.51 12.91
N ARG GD 168 -117.39 -80.16 13.56
CA ARG GD 168 -117.58 -81.52 14.05
C ARG GD 168 -116.93 -81.64 15.42
N LEU GD 169 -117.27 -82.72 16.12
CA LEU GD 169 -116.68 -82.99 17.43
C LEU GD 169 -115.20 -83.34 17.29
N ARG GD 170 -114.45 -83.12 18.36
CA ARG GD 170 -113.03 -83.41 18.38
C ARG GD 170 -112.68 -84.06 19.70
N LEU GD 171 -111.57 -84.80 19.70
CA LEU GD 171 -111.06 -85.41 20.92
C LEU GD 171 -109.55 -85.55 20.73
N THR GD 172 -108.79 -84.60 21.27
CA THR GD 172 -107.34 -84.58 21.09
C THR GD 172 -106.71 -85.17 22.35
N ALA GD 173 -106.59 -86.49 22.38
CA ALA GD 173 -105.90 -87.15 23.48
C ALA GD 173 -104.40 -87.02 23.32
N SER GD 174 -103.68 -87.21 24.43
CA SER GD 174 -102.22 -87.16 24.43
C SER GD 174 -101.73 -87.93 25.64
N LEU GD 175 -100.42 -88.15 25.67
CA LEU GD 175 -99.78 -88.88 26.76
C LEU GD 175 -98.29 -88.55 26.73
N ARG GD 176 -97.77 -88.04 27.84
CA ARG GD 176 -96.36 -87.68 27.92
C ARG GD 176 -95.76 -88.29 29.18
N GLN GD 177 -94.48 -88.04 29.37
CA GLN GD 177 -93.82 -88.26 30.65
C GLN GD 177 -92.67 -87.27 30.77
N ASN GD 178 -92.81 -86.30 31.66
CA ASN GD 178 -91.86 -85.21 31.79
C ASN GD 178 -90.91 -85.49 32.95
N GLY GD 179 -89.64 -85.17 32.74
CA GLY GD 179 -88.63 -85.35 33.76
C GLY GD 179 -87.88 -86.65 33.63
N ALA GD 180 -87.48 -87.23 34.75
CA ALA GD 180 -86.73 -88.48 34.76
C ALA GD 180 -87.65 -89.70 34.84
N LYS GD 181 -88.63 -89.75 33.93
CA LYS GD 181 -89.54 -90.88 33.72
C LYS GD 181 -90.33 -91.21 34.99
N THR GD 182 -90.71 -90.19 35.78
CA THR GD 182 -91.32 -90.41 37.07
C THR GD 182 -92.79 -90.07 37.13
N ALA GD 183 -93.32 -89.33 36.16
CA ALA GD 183 -94.73 -88.93 36.20
C ALA GD 183 -95.25 -88.81 34.78
N TYR GD 184 -96.45 -89.32 34.54
CA TYR GD 184 -97.10 -89.24 33.25
C TYR GD 184 -97.95 -87.98 33.17
N ARG GD 185 -98.57 -87.77 32.00
CA ARG GD 185 -99.42 -86.60 31.80
C ARG GD 185 -100.45 -86.94 30.73
N VAL GD 186 -101.65 -87.28 31.16
CA VAL GD 186 -102.77 -87.53 30.25
C VAL GD 186 -103.44 -86.20 29.95
N ASN GD 187 -103.87 -86.01 28.70
CA ASN GD 187 -104.40 -84.71 28.28
C ASN GD 187 -105.50 -84.93 27.26
N LEU GD 188 -106.75 -84.92 27.72
CA LEU GD 188 -107.90 -84.97 26.84
C LEU GD 188 -108.44 -83.56 26.58
N LYS GD 189 -109.11 -83.40 25.44
CA LYS GD 189 -109.66 -82.09 25.07
C LYS GD 189 -110.78 -82.30 24.06
N LEU GD 190 -111.98 -81.85 24.39
CA LEU GD 190 -113.16 -82.06 23.56
C LEU GD 190 -113.66 -80.71 23.07
N ASP GD 191 -113.48 -80.44 21.78
CA ASP GD 191 -113.99 -79.22 21.16
C ASP GD 191 -115.36 -79.46 20.57
N GLN GD 192 -116.27 -78.53 20.82
CA GLN GD 192 -117.61 -78.58 20.25
C GLN GD 192 -117.94 -77.22 19.67
N ALA GD 193 -118.02 -77.15 18.34
CA ALA GD 193 -118.32 -75.91 17.65
C ALA GD 193 -119.79 -75.90 17.23
N ASP GD 194 -120.41 -74.74 17.34
CA ASP GD 194 -121.82 -74.58 17.00
C ASP GD 194 -121.93 -74.13 15.55
N VAL GD 195 -122.42 -75.01 14.69
CA VAL GD 195 -122.59 -74.72 13.27
C VAL GD 195 -124.06 -74.41 13.02
N VAL GD 196 -124.32 -73.48 12.09
CA VAL GD 196 -125.68 -73.11 11.73
C VAL GD 196 -125.70 -72.75 10.25
N ASP GD 197 -126.81 -73.06 9.58
CA ASP GD 197 -127.05 -72.60 8.23
C ASP GD 197 -128.52 -72.25 8.06
N CYS GD 198 -128.77 -71.20 7.28
CA CYS GD 198 -130.13 -70.74 7.03
C CYS GD 198 -130.39 -70.59 5.52
N SER GD 199 -130.04 -71.62 4.75
CA SER GD 199 -130.30 -71.60 3.32
C SER GD 199 -131.78 -71.62 2.98
N THR GD 200 -132.64 -72.01 3.93
CA THR GD 200 -134.07 -71.80 3.77
C THR GD 200 -134.45 -70.35 3.97
N SER GD 201 -133.59 -69.56 4.62
CA SER GD 201 -133.88 -68.16 4.89
C SER GD 201 -133.24 -67.22 3.88
N VAL GD 202 -131.91 -67.24 3.76
CA VAL GD 202 -131.19 -66.45 2.79
C VAL GD 202 -130.50 -67.40 1.82
N CYS GD 203 -130.54 -67.07 0.53
CA CYS GD 203 -130.03 -67.97 -0.49
C CYS GD 203 -128.51 -67.95 -0.59
N GLY GD 204 -127.96 -69.09 -1.01
CA GLY GD 204 -126.55 -69.20 -1.32
C GLY GD 204 -125.63 -69.12 -0.12
N GLU GD 205 -126.10 -69.49 1.06
CA GLU GD 205 -125.31 -69.43 2.27
C GLU GD 205 -125.01 -70.85 2.74
N LEU GD 206 -123.73 -71.15 2.87
CA LEU GD 206 -123.25 -72.45 3.32
C LEU GD 206 -123.11 -72.46 4.84
N PRO GD 207 -123.05 -73.64 5.46
CA PRO GD 207 -122.86 -73.70 6.91
C PRO GD 207 -121.53 -73.11 7.37
N LYS GD 208 -121.56 -72.54 8.58
CA LYS GD 208 -120.38 -71.94 9.19
C LYS GD 208 -120.52 -72.05 10.70
N VAL GD 209 -119.39 -71.93 11.39
CA VAL GD 209 -119.35 -72.02 12.84
C VAL GD 209 -119.51 -70.63 13.43
N ARG GD 210 -120.20 -70.54 14.56
CA ARG GD 210 -120.33 -69.27 15.27
C ARG GD 210 -119.29 -69.16 16.37
N TYR GD 211 -119.30 -70.11 17.30
CA TYR GD 211 -118.39 -70.12 18.44
C TYR GD 211 -117.92 -71.55 18.66
N THR GD 212 -117.01 -71.72 19.62
CA THR GD 212 -116.58 -73.05 20.02
C THR GD 212 -116.38 -73.07 21.52
N GLN GD 213 -116.59 -74.24 22.13
CA GLN GD 213 -116.50 -74.41 23.57
C GLN GD 213 -115.65 -75.63 23.89
N VAL GD 214 -114.67 -75.45 24.77
CA VAL GD 214 -113.66 -76.45 25.04
C VAL GD 214 -113.92 -77.01 26.44
N TRP GD 215 -113.52 -78.27 26.64
CA TRP GD 215 -113.46 -78.87 27.98
C TRP GD 215 -112.20 -79.74 27.98
N SER GD 216 -111.10 -79.16 28.45
CA SER GD 216 -109.83 -79.88 28.51
C SER GD 216 -109.71 -80.65 29.81
N HIS GD 217 -108.76 -81.58 29.82
CA HIS GD 217 -108.38 -82.31 31.03
C HIS GD 217 -106.87 -82.38 31.09
N ASP GD 218 -106.34 -82.48 32.30
CA ASP GD 218 -104.89 -82.57 32.48
C ASP GD 218 -104.64 -83.41 33.73
N VAL GD 219 -104.45 -84.71 33.52
CA VAL GD 219 -104.28 -85.67 34.59
C VAL GD 219 -102.78 -85.87 34.82
N THR GD 220 -102.36 -85.82 36.07
CA THR GD 220 -100.98 -86.08 36.45
C THR GD 220 -100.93 -87.37 37.25
N ILE GD 221 -100.20 -88.36 36.74
CA ILE GD 221 -100.10 -89.66 37.38
C ILE GD 221 -98.63 -89.99 37.54
N VAL GD 222 -98.21 -90.25 38.78
CA VAL GD 222 -96.83 -90.64 39.03
C VAL GD 222 -96.65 -92.10 38.67
N ALA GD 223 -95.40 -92.47 38.33
CA ALA GD 223 -95.15 -93.75 37.69
C ALA GD 223 -95.24 -94.92 38.67
N ASN GD 224 -94.72 -94.76 39.88
CA ASN GD 224 -94.66 -95.84 40.85
C ASN GD 224 -95.87 -95.87 41.79
N SER GD 225 -97.03 -95.42 41.32
CA SER GD 225 -98.20 -95.31 42.17
C SER GD 225 -98.88 -96.67 42.35
N THR GD 226 -99.87 -96.68 43.23
CA THR GD 226 -100.69 -97.86 43.47
C THR GD 226 -101.81 -97.88 42.43
N GLU GD 227 -102.35 -99.07 42.16
CA GLU GD 227 -103.47 -99.16 41.25
C GLU GD 227 -104.74 -98.56 41.85
N ALA GD 228 -105.01 -98.83 43.12
CA ALA GD 228 -106.18 -98.26 43.78
C ALA GD 228 -106.01 -96.79 44.08
N SER GD 229 -104.80 -96.24 43.94
CA SER GD 229 -104.62 -94.79 44.00
C SER GD 229 -105.06 -94.14 42.70
N ARG GD 230 -104.78 -94.78 41.56
CA ARG GD 230 -105.27 -94.27 40.29
C ARG GD 230 -106.74 -94.59 40.08
N LYS GD 231 -107.21 -95.70 40.65
CA LYS GD 231 -108.60 -96.10 40.48
C LYS GD 231 -109.52 -95.20 41.29
N SER GD 232 -109.05 -94.72 42.45
CA SER GD 232 -109.88 -93.84 43.27
C SER GD 232 -109.88 -92.42 42.74
N LEU GD 233 -108.79 -91.99 42.10
CA LEU GD 233 -108.76 -90.66 41.50
C LEU GD 233 -109.71 -90.57 40.31
N TYR GD 234 -109.83 -91.66 39.54
CA TYR GD 234 -110.77 -91.68 38.44
C TYR GD 234 -112.22 -91.68 38.94
N ASP GD 235 -112.50 -92.50 39.96
CA ASP GD 235 -113.85 -92.61 40.49
C ASP GD 235 -114.32 -91.35 41.20
N LEU GD 236 -113.40 -90.53 41.72
CA LEU GD 236 -113.81 -89.26 42.30
C LEU GD 236 -114.13 -88.24 41.21
N THR GD 237 -113.32 -88.18 40.16
CA THR GD 237 -113.58 -87.28 39.05
C THR GD 237 -114.79 -87.70 38.25
N LYS GD 238 -115.02 -89.02 38.14
CA LYS GD 238 -116.24 -89.50 37.50
C LYS GD 238 -117.47 -89.11 38.33
N SER GD 239 -117.33 -89.08 39.65
CA SER GD 239 -118.43 -88.68 40.52
C SER GD 239 -118.50 -87.18 40.70
N LEU GD 240 -117.43 -86.44 40.39
CA LEU GD 240 -117.47 -84.99 40.51
C LEU GD 240 -118.24 -84.37 39.35
N VAL GD 241 -117.97 -84.82 38.13
CA VAL GD 241 -118.65 -84.30 36.94
C VAL GD 241 -120.14 -84.64 36.97
N ALA GD 242 -120.49 -85.80 37.51
CA ALA GD 242 -121.88 -86.23 37.54
C ALA GD 242 -122.71 -85.57 38.64
N THR GD 243 -122.16 -84.63 39.41
CA THR GD 243 -122.96 -83.93 40.41
C THR GD 243 -123.83 -82.88 39.76
N SER GD 244 -124.76 -82.35 40.56
CA SER GD 244 -125.64 -81.29 40.10
C SER GD 244 -125.04 -79.91 40.25
N GLN GD 245 -123.88 -79.80 40.90
CA GLN GD 245 -123.27 -78.49 41.12
C GLN GD 245 -122.31 -78.12 40.00
N VAL GD 246 -121.59 -79.10 39.47
CA VAL GD 246 -120.72 -78.86 38.31
C VAL GD 246 -121.55 -78.73 37.04
N GLU GD 247 -122.77 -79.26 37.03
CA GLU GD 247 -123.69 -78.98 35.93
C GLU GD 247 -124.10 -77.51 35.91
N ASP GD 248 -124.48 -76.97 37.08
CA ASP GD 248 -124.85 -75.57 37.15
C ASP GD 248 -123.66 -74.63 37.06
N LEU GD 249 -122.45 -75.12 37.35
CA LEU GD 249 -121.27 -74.30 37.18
C LEU GD 249 -120.96 -74.08 35.70
N VAL GD 250 -121.33 -75.03 34.84
CA VAL GD 250 -121.09 -74.90 33.42
C VAL GD 250 -122.30 -74.30 32.71
N VAL GD 251 -123.49 -74.77 33.02
CA VAL GD 251 -124.70 -74.29 32.34
C VAL GD 251 -125.08 -72.89 32.81
N ASN GD 252 -125.18 -72.68 34.12
CA ASN GD 252 -125.69 -71.43 34.66
C ASN GD 252 -124.67 -70.61 35.42
N LEU GD 253 -123.40 -71.02 35.43
CA LEU GD 253 -122.28 -70.30 36.06
C LEU GD 253 -122.48 -70.07 37.56
N VAL GD 254 -123.21 -70.95 38.23
CA VAL GD 254 -123.37 -70.87 39.68
C VAL GD 254 -122.13 -71.49 40.32
N PRO GD 255 -121.45 -70.80 41.24
CA PRO GD 255 -120.29 -71.38 41.91
C PRO GD 255 -120.66 -72.55 42.81
N LEU GD 256 -119.65 -73.31 43.20
CA LEU GD 256 -119.86 -74.58 43.87
C LEU GD 256 -120.17 -74.38 45.35
N GLY GD 257 -120.71 -75.43 45.97
CA GLY GD 257 -120.97 -75.43 47.38
C GLY GD 257 -122.37 -75.01 47.77
N ARG GD 258 -123.13 -75.93 48.34
CA ARG GD 258 -124.45 -75.61 48.88
C ARG GD 258 -124.56 -76.05 50.34
N SER HD 1 -19.78 -28.23 149.11
CA SER HD 1 -19.01 -27.18 148.48
C SER HD 1 -19.47 -25.81 148.98
N LYS HD 2 -19.67 -24.88 148.05
CA LYS HD 2 -20.13 -23.53 148.36
C LYS HD 2 -21.62 -23.44 148.11
N THR HD 3 -22.37 -22.97 149.10
CA THR HD 3 -23.82 -23.00 149.07
C THR HD 3 -24.41 -21.60 149.20
N ILE HD 4 -25.59 -21.42 148.61
CA ILE HD 4 -26.46 -20.27 148.86
C ILE HD 4 -27.79 -20.80 149.36
N VAL HD 5 -28.32 -20.19 150.41
CA VAL HD 5 -29.61 -20.59 150.98
C VAL HD 5 -30.65 -19.55 150.57
N LEU HD 6 -31.82 -20.03 150.16
CA LEU HD 6 -32.93 -19.18 149.74
C LEU HD 6 -34.15 -19.54 150.58
N SER HD 7 -34.40 -18.78 151.63
CA SER HD 7 -35.52 -19.07 152.52
C SER HD 7 -36.82 -18.58 151.88
N VAL HD 8 -37.78 -19.48 151.73
CA VAL HD 8 -39.04 -19.19 151.05
C VAL HD 8 -40.10 -19.25 152.14
N GLY HD 9 -39.72 -18.82 153.34
CA GLY HD 9 -40.56 -18.95 154.51
C GLY HD 9 -39.81 -19.70 155.59
N GLU HD 10 -40.25 -20.92 155.88
CA GLU HD 10 -39.46 -21.84 156.68
C GLU HD 10 -38.77 -22.90 155.83
N ALA HD 11 -39.21 -23.09 154.59
CA ALA HD 11 -38.55 -24.03 153.69
C ALA HD 11 -37.32 -23.38 153.08
N THR HD 12 -36.15 -23.97 153.31
CA THR HD 12 -34.89 -23.46 152.80
C THR HD 12 -34.42 -24.36 151.68
N ARG HD 13 -34.08 -23.76 150.54
CA ARG HD 13 -33.62 -24.49 149.36
C ARG HD 13 -32.16 -24.11 149.10
N THR HD 14 -31.25 -25.01 149.42
CA THR HD 14 -29.82 -24.72 149.35
C THR HD 14 -29.27 -25.15 147.99
N LEU HD 15 -28.67 -24.20 147.28
CA LEU HD 15 -28.07 -24.46 145.98
C LEU HD 15 -26.56 -24.61 146.13
N THR HD 16 -26.03 -25.74 145.66
CA THR HD 16 -24.60 -26.00 145.76
C THR HD 16 -23.95 -25.75 144.41
N GLU HD 17 -22.64 -25.47 144.46
CA GLU HD 17 -21.92 -25.01 143.27
C GLU HD 17 -21.43 -26.20 142.45
N ILE HD 18 -21.64 -26.13 141.15
CA ILE HD 18 -21.21 -27.19 140.24
C ILE HD 18 -20.20 -26.72 139.20
N GLN HD 19 -19.85 -25.44 139.18
CA GLN HD 19 -18.88 -24.92 138.23
C GLN HD 19 -18.32 -23.61 138.77
N SER HD 20 -17.02 -23.38 138.53
CA SER HD 20 -16.37 -22.14 138.93
C SER HD 20 -15.34 -21.81 137.85
N THR HD 21 -15.74 -20.97 136.90
CA THR HD 21 -14.82 -20.51 135.87
C THR HD 21 -14.22 -19.20 136.38
N ALA HD 22 -13.51 -18.44 135.53
CA ALA HD 22 -12.96 -17.17 135.95
C ALA HD 22 -14.06 -16.14 136.19
N ASP HD 23 -15.12 -16.20 135.39
CA ASP HD 23 -16.27 -15.32 135.57
C ASP HD 23 -17.57 -16.06 135.87
N ARG HD 24 -17.88 -17.13 135.13
CA ARG HD 24 -19.14 -17.82 135.33
C ARG HD 24 -19.07 -18.71 136.57
N GLN HD 25 -20.23 -18.91 137.19
CA GLN HD 25 -20.30 -19.59 138.48
C GLN HD 25 -21.71 -20.15 138.62
N ILE HD 26 -21.85 -21.46 138.41
CA ILE HD 26 -23.15 -22.10 138.25
C ILE HD 26 -23.49 -22.85 139.54
N PHE HD 27 -24.70 -22.64 140.04
CA PHE HD 27 -25.22 -23.33 141.21
C PHE HD 27 -26.41 -24.20 140.81
N GLU HD 28 -26.63 -25.27 141.58
CA GLU HD 28 -27.80 -26.13 141.39
C GLU HD 28 -28.25 -26.65 142.74
N GLU HD 29 -29.55 -26.93 142.83
CA GLU HD 29 -30.09 -27.66 143.96
C GLU HD 29 -29.96 -29.15 143.69
N LYS HD 30 -29.72 -29.92 144.75
CA LYS HD 30 -29.41 -31.33 144.60
C LYS HD 30 -30.55 -32.26 145.00
N VAL HD 31 -31.66 -31.72 145.48
CA VAL HD 31 -32.79 -32.54 145.89
C VAL HD 31 -33.71 -32.79 144.70
N GLY HD 32 -34.08 -34.05 144.48
CA GLY HD 32 -35.06 -34.38 143.48
C GLY HD 32 -34.50 -35.17 142.32
N PRO HD 33 -35.26 -35.22 141.20
CA PRO HD 33 -34.77 -35.91 140.01
C PRO HD 33 -33.58 -35.20 139.35
N LEU HD 34 -32.90 -35.89 138.45
CA LEU HD 34 -31.65 -35.43 137.89
C LEU HD 34 -31.82 -34.59 136.63
N VAL HD 35 -33.03 -34.48 136.09
CA VAL HD 35 -33.21 -33.85 134.79
C VAL HD 35 -33.66 -32.40 134.91
N GLY HD 36 -34.49 -32.06 135.89
CA GLY HD 36 -34.89 -30.69 136.08
C GLY HD 36 -34.65 -30.20 137.49
N ARG HD 37 -33.74 -29.25 137.65
CA ARG HD 37 -33.37 -28.71 138.94
C ARG HD 37 -33.24 -27.20 138.85
N LEU HD 38 -33.12 -26.55 140.00
CA LEU HD 38 -32.88 -25.12 140.05
C LEU HD 38 -31.50 -24.80 139.50
N ARG HD 39 -31.33 -23.56 139.04
CA ARG HD 39 -30.10 -23.13 138.41
C ARG HD 39 -29.89 -21.66 138.71
N LEU HD 40 -28.62 -21.28 138.91
CA LEU HD 40 -28.29 -19.90 139.22
C LEU HD 40 -26.93 -19.62 138.60
N THR HD 41 -26.92 -18.95 137.45
CA THR HD 41 -25.72 -18.73 136.67
C THR HD 41 -25.23 -17.31 136.97
N ALA HD 42 -24.45 -17.18 138.03
CA ALA HD 42 -23.86 -15.90 138.38
C ALA HD 42 -22.68 -15.59 137.46
N SER HD 43 -22.34 -14.31 137.37
CA SER HD 43 -21.24 -13.84 136.54
C SER HD 43 -20.80 -12.48 137.03
N LEU HD 44 -19.66 -12.03 136.51
CA LEU HD 44 -19.11 -10.71 136.80
C LEU HD 44 -18.08 -10.39 135.73
N ARG HD 45 -18.04 -9.12 135.33
CA ARG HD 45 -17.15 -8.68 134.26
C ARG HD 45 -16.66 -7.26 134.58
N GLN HD 46 -15.79 -6.75 133.72
CA GLN HD 46 -15.49 -5.32 133.65
C GLN HD 46 -15.10 -5.00 132.21
N ASN HD 47 -16.08 -4.56 131.44
CA ASN HD 47 -15.90 -4.34 130.02
C ASN HD 47 -15.51 -2.89 129.73
N GLY HD 48 -14.73 -2.70 128.67
CA GLY HD 48 -14.31 -1.38 128.27
C GLY HD 48 -12.98 -0.99 128.87
N ALA HD 49 -12.85 0.26 129.31
CA ALA HD 49 -11.60 0.74 129.88
C ALA HD 49 -11.61 0.60 131.41
N LYS HD 50 -11.99 -0.60 131.85
CA LYS HD 50 -11.89 -1.07 133.25
C LYS HD 50 -12.61 -0.16 134.24
N THR HD 51 -13.69 0.49 133.80
CA THR HD 51 -14.37 1.49 134.63
C THR HD 51 -15.77 1.08 135.08
N ALA HD 52 -16.37 0.08 134.46
CA ALA HD 52 -17.74 -0.32 134.78
C ALA HD 52 -17.79 -1.83 134.88
N TYR HD 53 -18.35 -2.33 135.98
CA TYR HD 53 -18.55 -3.75 136.18
C TYR HD 53 -19.92 -4.16 135.65
N ARG HD 54 -20.18 -5.47 135.65
CA ARG HD 54 -21.46 -5.97 135.14
C ARG HD 54 -21.77 -7.28 135.85
N VAL HD 55 -22.63 -7.20 136.87
CA VAL HD 55 -23.18 -8.37 137.52
C VAL HD 55 -24.28 -8.94 136.65
N ASN HD 56 -24.38 -10.27 136.57
CA ASN HD 56 -25.33 -10.90 135.65
C ASN HD 56 -25.80 -12.21 136.28
N LEU HD 57 -26.93 -12.17 136.97
CA LEU HD 57 -27.55 -13.36 137.53
C LEU HD 57 -28.62 -13.90 136.59
N LYS HD 58 -28.96 -15.18 136.77
CA LYS HD 58 -29.96 -15.83 135.93
C LYS HD 58 -30.49 -17.03 136.70
N LEU HD 59 -31.73 -16.94 137.17
CA LEU HD 59 -32.35 -18.00 137.97
C LEU HD 59 -33.32 -18.78 137.10
N ASP HD 60 -32.84 -19.87 136.50
CA ASP HD 60 -33.71 -20.76 135.75
C ASP HD 60 -34.58 -21.57 136.71
N GLN HD 61 -35.71 -22.05 136.19
CA GLN HD 61 -36.56 -22.97 136.93
C GLN HD 61 -37.35 -23.77 135.93
N ALA HD 62 -37.11 -25.08 135.90
CA ALA HD 62 -37.81 -25.99 135.02
C ALA HD 62 -38.89 -26.73 135.79
N ASP HD 63 -40.02 -26.98 135.14
CA ASP HD 63 -41.14 -27.71 135.76
C ASP HD 63 -41.11 -29.13 135.23
N VAL HD 64 -40.56 -30.04 136.00
CA VAL HD 64 -40.44 -31.43 135.60
C VAL HD 64 -41.72 -32.17 136.00
N VAL HD 65 -42.14 -33.11 135.15
CA VAL HD 65 -43.30 -33.93 135.41
C VAL HD 65 -42.90 -35.39 135.20
N ASP HD 66 -43.32 -36.27 136.11
CA ASP HD 66 -43.03 -37.69 136.04
C ASP HD 66 -44.31 -38.47 136.28
N CYS HD 67 -44.82 -39.12 135.24
CA CYS HD 67 -46.03 -39.93 135.31
C CYS HD 67 -45.78 -41.33 134.77
N SER HD 68 -44.76 -42.00 135.31
CA SER HD 68 -44.60 -43.43 135.07
C SER HD 68 -45.69 -44.25 135.73
N THR HD 69 -46.39 -43.68 136.73
CA THR HD 69 -47.54 -44.35 137.32
C THR HD 69 -48.70 -44.40 136.33
N SER HD 70 -48.87 -43.35 135.53
CA SER HD 70 -49.98 -43.32 134.58
C SER HD 70 -49.62 -44.04 133.28
N VAL HD 71 -48.58 -43.57 132.59
CA VAL HD 71 -48.12 -44.20 131.37
C VAL HD 71 -47.03 -45.19 131.76
N CYS HD 72 -47.23 -46.47 131.42
CA CYS HD 72 -46.28 -47.51 131.80
C CYS HD 72 -45.07 -47.46 130.88
N GLY HD 73 -43.92 -47.08 131.43
CA GLY HD 73 -42.68 -47.09 130.71
C GLY HD 73 -42.13 -45.75 130.29
N GLU HD 74 -42.56 -44.66 130.93
CA GLU HD 74 -42.06 -43.34 130.60
C GLU HD 74 -41.20 -42.81 131.74
N LEU HD 75 -40.40 -41.80 131.42
CA LEU HD 75 -39.38 -41.27 132.31
C LEU HD 75 -39.72 -39.84 132.69
N PRO HD 76 -39.10 -39.26 133.72
CA PRO HD 76 -39.33 -37.83 134.02
C PRO HD 76 -38.81 -36.93 132.91
N LYS HD 77 -39.43 -35.76 132.79
CA LYS HD 77 -39.25 -34.88 131.66
C LYS HD 77 -39.73 -33.49 132.05
N VAL HD 78 -39.06 -32.46 131.53
CA VAL HD 78 -39.42 -31.08 131.83
C VAL HD 78 -40.36 -30.55 130.75
N ARG HD 79 -41.38 -29.80 131.17
CA ARG HD 79 -42.27 -29.17 130.20
C ARG HD 79 -41.71 -27.85 129.70
N TYR HD 80 -41.50 -26.91 130.61
CA TYR HD 80 -41.09 -25.55 130.27
C TYR HD 80 -40.05 -25.07 131.27
N THR HD 81 -39.41 -23.96 130.93
CA THR HD 81 -38.48 -23.28 131.84
C THR HD 81 -38.89 -21.83 131.95
N GLN HD 82 -38.83 -21.30 133.18
CA GLN HD 82 -39.12 -19.90 133.45
C GLN HD 82 -37.93 -19.29 134.17
N VAL HD 83 -37.37 -18.23 133.60
CA VAL HD 83 -36.15 -17.62 134.11
C VAL HD 83 -36.47 -16.25 134.70
N TRP HD 84 -35.50 -15.71 135.44
CA TRP HD 84 -35.56 -14.34 135.93
C TRP HD 84 -34.13 -13.83 135.94
N SER HD 85 -33.73 -13.15 134.89
CA SER HD 85 -32.38 -12.65 134.79
C SER HD 85 -32.24 -11.33 135.52
N HIS HD 86 -30.98 -10.94 135.75
CA HIS HD 86 -30.64 -9.63 136.30
C HIS HD 86 -29.46 -9.10 135.50
N ASP HD 87 -29.31 -7.78 135.49
CA ASP HD 87 -28.21 -7.14 134.79
C ASP HD 87 -27.89 -5.84 135.53
N VAL HD 88 -26.95 -5.91 136.45
CA VAL HD 88 -26.55 -4.77 137.26
C VAL HD 88 -25.33 -4.13 136.63
N THR HD 89 -25.34 -2.81 136.53
CA THR HD 89 -24.19 -2.06 136.01
C THR HD 89 -23.66 -1.17 137.11
N ILE HD 90 -22.41 -1.40 137.51
CA ILE HD 90 -21.76 -0.67 138.59
C ILE HD 90 -20.51 -0.01 138.03
N VAL HD 91 -20.43 1.30 138.15
CA VAL HD 91 -19.22 2.02 137.77
C VAL HD 91 -18.25 2.01 138.93
N ALA HD 92 -16.95 1.92 138.60
CA ALA HD 92 -15.95 1.54 139.58
C ALA HD 92 -15.61 2.65 140.56
N ASN HD 93 -15.73 3.91 140.14
CA ASN HD 93 -15.40 5.04 141.00
C ASN HD 93 -16.59 5.53 141.82
N SER HD 94 -17.54 4.66 142.11
CA SER HD 94 -18.75 5.02 142.84
C SER HD 94 -18.44 5.28 144.31
N THR HD 95 -19.41 5.87 144.99
CA THR HD 95 -19.41 5.88 146.44
C THR HD 95 -20.20 4.68 146.93
N GLU HD 96 -19.96 4.31 148.20
CA GLU HD 96 -20.58 3.10 148.73
C GLU HD 96 -22.07 3.29 148.96
N ALA HD 97 -22.52 4.50 149.25
CA ALA HD 97 -23.93 4.75 149.43
C ALA HD 97 -24.70 4.73 148.12
N SER HD 98 -24.01 4.89 146.98
CA SER HD 98 -24.67 4.73 145.69
C SER HD 98 -24.96 3.27 145.39
N ARG HD 99 -23.97 2.40 145.62
CA ARG HD 99 -24.15 0.97 145.41
C ARG HD 99 -25.06 0.34 146.44
N LYS HD 100 -25.14 0.91 147.63
CA LYS HD 100 -26.02 0.36 148.66
C LYS HD 100 -27.48 0.75 148.41
N SER HD 101 -27.71 1.98 147.95
CA SER HD 101 -29.08 2.43 147.70
C SER HD 101 -29.66 1.76 146.47
N LEU HD 102 -28.84 1.49 145.46
CA LEU HD 102 -29.31 0.77 144.29
C LEU HD 102 -29.72 -0.65 144.64
N TYR HD 103 -29.01 -1.27 145.57
CA TYR HD 103 -29.43 -2.59 146.06
C TYR HD 103 -30.67 -2.47 146.93
N ASP HD 104 -30.73 -1.45 147.79
CA ASP HD 104 -31.85 -1.29 148.70
C ASP HD 104 -33.14 -0.91 148.00
N LEU HD 105 -33.07 -0.27 146.83
CA LEU HD 105 -34.28 0.05 146.10
C LEU HD 105 -34.78 -1.16 145.31
N THR HD 106 -33.86 -1.96 144.77
CA THR HD 106 -34.27 -3.14 144.01
C THR HD 106 -34.69 -4.27 144.93
N LYS HD 107 -34.16 -4.32 146.15
CA LYS HD 107 -34.66 -5.26 147.14
C LYS HD 107 -36.09 -4.94 147.53
N SER HD 108 -36.44 -3.66 147.54
CA SER HD 108 -37.81 -3.25 147.82
C SER HD 108 -38.67 -3.15 146.58
N LEU HD 109 -38.07 -3.15 145.39
CA LEU HD 109 -38.86 -3.22 144.16
C LEU HD 109 -39.49 -4.58 144.00
N VAL HD 110 -38.70 -5.65 144.23
CA VAL HD 110 -39.22 -7.00 144.06
C VAL HD 110 -40.19 -7.34 145.18
N ALA HD 111 -39.98 -6.80 146.38
CA ALA HD 111 -40.77 -7.19 147.53
C ALA HD 111 -42.14 -6.50 147.60
N THR HD 112 -42.48 -5.64 146.64
CA THR HD 112 -43.77 -4.96 146.70
C THR HD 112 -44.85 -5.85 146.09
N SER HD 113 -46.11 -5.46 146.34
CA SER HD 113 -47.25 -6.23 145.85
C SER HD 113 -47.60 -5.93 144.40
N GLN HD 114 -46.94 -4.97 143.77
CA GLN HD 114 -47.27 -4.64 142.38
C GLN HD 114 -46.40 -5.40 141.39
N VAL HD 115 -45.18 -5.76 141.78
CA VAL HD 115 -44.35 -6.59 140.93
C VAL HD 115 -44.72 -8.06 141.12
N GLU HD 116 -45.25 -8.40 142.29
CA GLU HD 116 -45.76 -9.76 142.52
C GLU HD 116 -46.92 -10.07 141.59
N ASP HD 117 -47.88 -9.13 141.47
CA ASP HD 117 -49.00 -9.34 140.56
C ASP HD 117 -48.59 -9.18 139.11
N LEU HD 118 -47.45 -8.54 138.83
CA LEU HD 118 -47.01 -8.36 137.45
C LEU HD 118 -46.46 -9.65 136.86
N VAL HD 119 -45.88 -10.52 137.67
CA VAL HD 119 -45.28 -11.75 137.14
C VAL HD 119 -46.17 -12.95 137.41
N VAL HD 120 -47.06 -12.86 138.41
CA VAL HD 120 -47.97 -13.96 138.67
C VAL HD 120 -49.24 -13.82 137.84
N ASN HD 121 -49.93 -12.69 137.96
CA ASN HD 121 -51.22 -12.50 137.33
C ASN HD 121 -51.19 -11.54 136.15
N LEU HD 122 -49.99 -11.11 135.74
CA LEU HD 122 -49.75 -10.28 134.55
C LEU HD 122 -50.42 -8.92 134.62
N VAL HD 123 -50.72 -8.43 135.81
CA VAL HD 123 -51.35 -7.12 136.00
C VAL HD 123 -50.30 -6.04 135.78
N PRO HD 124 -50.59 -4.98 135.03
CA PRO HD 124 -49.59 -3.92 134.82
C PRO HD 124 -49.33 -3.13 136.09
N LEU HD 125 -48.29 -2.31 136.02
CA LEU HD 125 -47.79 -1.61 137.20
C LEU HD 125 -48.57 -0.32 137.44
N GLY HD 126 -48.51 0.16 138.68
CA GLY HD 126 -49.14 1.41 139.04
C GLY HD 126 -50.53 1.24 139.61
N ARG HD 127 -50.73 1.75 140.82
CA ARG HD 127 -52.04 1.69 141.48
C ARG HD 127 -52.36 3.09 142.00
N ALA HD 128 -53.38 3.72 141.41
CA ALA HD 128 -53.72 5.09 141.73
C ALA HD 128 -54.53 5.12 143.03
N TYR HD 129 -53.89 5.53 144.12
CA TYR HD 129 -54.53 5.68 145.42
C TYR HD 129 -54.63 7.18 145.71
N GLY HD 130 -55.69 7.81 145.21
CA GLY HD 130 -55.92 9.22 145.40
C GLY HD 130 -54.90 10.11 144.71
N GLY HD 131 -54.89 10.10 143.39
CA GLY HD 131 -53.95 10.90 142.65
C GLY HD 131 -53.46 10.22 141.39
N SER HD 132 -52.15 10.23 141.15
CA SER HD 132 -51.57 9.59 139.98
C SER HD 132 -51.30 8.12 140.27
N LYS HD 133 -50.91 7.40 139.22
CA LYS HD 133 -50.51 6.00 139.36
C LYS HD 133 -49.11 5.96 139.95
N THR HD 134 -48.99 5.45 141.17
CA THR HD 134 -47.76 5.55 141.94
C THR HD 134 -47.27 4.19 142.40
N ILE HD 135 -45.96 4.08 142.58
CA ILE HD 135 -45.32 2.93 143.21
C ILE HD 135 -44.55 3.45 144.41
N VAL HD 136 -44.69 2.78 145.56
CA VAL HD 136 -43.99 3.17 146.77
C VAL HD 136 -42.89 2.15 147.04
N LEU HD 137 -41.65 2.63 147.12
CA LEU HD 137 -40.48 1.78 147.37
C LEU HD 137 -39.94 2.14 148.75
N SER HD 138 -40.44 1.47 149.78
CA SER HD 138 -40.02 1.75 151.14
C SER HD 138 -38.63 1.20 151.41
N VAL HD 139 -37.76 2.04 151.97
CA VAL HD 139 -36.39 1.67 152.26
C VAL HD 139 -36.26 1.66 153.78
N GLY HD 140 -37.34 1.25 154.45
CA GLY HD 140 -37.42 1.33 155.89
C GLY HD 140 -38.53 2.27 156.31
N GLU HD 141 -38.16 3.43 156.85
CA GLU HD 141 -39.12 4.50 157.08
C GLU HD 141 -39.10 5.55 155.98
N ALA HD 142 -38.05 5.59 155.17
CA ALA HD 142 -38.03 6.48 154.02
C ALA HD 142 -38.75 5.81 152.85
N THR HD 143 -39.80 6.47 152.36
CA THR HD 143 -40.59 5.97 151.24
C THR HD 143 -40.37 6.87 150.04
N ARG HD 144 -40.06 6.28 148.90
CA ARG HD 144 -39.77 7.01 147.67
C ARG HD 144 -40.86 6.67 146.66
N THR HD 145 -41.72 7.65 146.37
CA THR HD 145 -42.93 7.43 145.58
C THR HD 145 -42.68 7.86 144.15
N LEU HD 146 -42.70 6.91 143.22
CA LEU HD 146 -42.52 7.19 141.81
C LEU HD 146 -43.86 7.28 141.11
N THR HD 147 -44.10 8.39 140.42
CA THR HD 147 -45.35 8.63 139.72
C THR HD 147 -45.18 8.37 138.23
N GLU HD 148 -46.24 7.89 137.59
CA GLU HD 148 -46.18 7.50 136.19
C GLU HD 148 -46.15 8.72 135.29
N ILE HD 149 -45.22 8.74 134.34
CA ILE HD 149 -45.08 9.87 133.43
C ILE HD 149 -45.46 9.53 132.00
N GLN HD 150 -45.51 8.26 131.63
CA GLN HD 150 -45.80 7.87 130.25
C GLN HD 150 -46.23 6.41 130.25
N SER HD 151 -47.35 6.13 129.58
CA SER HD 151 -47.85 4.77 129.42
C SER HD 151 -48.10 4.54 127.94
N THR HD 152 -47.07 4.11 127.22
CA THR HD 152 -47.17 3.81 125.80
C THR HD 152 -47.75 2.39 125.67
N ALA HD 153 -47.89 1.90 124.44
CA ALA HD 153 -48.43 0.55 124.23
C ALA HD 153 -47.45 -0.52 124.69
N ASP HD 154 -46.16 -0.22 124.68
CA ASP HD 154 -45.14 -1.15 125.14
C ASP HD 154 -44.54 -0.74 126.48
N ARG HD 155 -44.04 0.48 126.59
CA ARG HD 155 -43.34 0.91 127.79
C ARG HD 155 -44.32 1.46 128.81
N GLN HD 156 -43.83 1.58 130.06
CA GLN HD 156 -44.60 2.19 131.13
C GLN HD 156 -43.58 2.82 132.08
N ILE HD 157 -43.29 4.10 131.89
CA ILE HD 157 -42.18 4.77 132.55
C ILE HD 157 -42.68 5.44 133.82
N PHE HD 158 -42.03 5.15 134.93
CA PHE HD 158 -42.26 5.80 136.21
C PHE HD 158 -41.06 6.66 136.55
N GLU HD 159 -41.27 7.64 137.41
CA GLU HD 159 -40.21 8.59 137.76
C GLU HD 159 -40.57 9.28 139.06
N GLU HD 160 -39.57 9.50 139.91
CA GLU HD 160 -39.77 10.30 141.11
C GLU HD 160 -39.84 11.77 140.74
N LYS HD 161 -40.44 12.56 141.63
CA LYS HD 161 -40.74 13.94 141.31
C LYS HD 161 -40.11 14.96 142.25
N VAL HD 162 -39.52 14.53 143.35
CA VAL HD 162 -38.85 15.48 144.23
C VAL HD 162 -37.42 15.72 143.76
N GLY HD 163 -36.85 16.85 144.14
CA GLY HD 163 -35.48 17.15 143.83
C GLY HD 163 -35.31 17.89 142.51
N PRO HD 164 -34.08 17.94 142.01
CA PRO HD 164 -33.83 18.59 140.72
C PRO HD 164 -34.38 17.78 139.57
N LEU HD 165 -34.48 18.43 138.41
CA LEU HD 165 -35.05 17.80 137.23
C LEU HD 165 -34.03 17.02 136.41
N VAL HD 166 -32.75 17.12 136.74
CA VAL HD 166 -31.74 16.54 135.86
C VAL HD 166 -31.48 15.06 136.19
N GLY HD 167 -31.47 14.69 137.46
CA GLY HD 167 -31.29 13.30 137.83
C GLY HD 167 -32.37 12.79 138.76
N ARG HD 168 -33.18 11.84 138.28
CA ARG HD 168 -34.26 11.29 139.08
C ARG HD 168 -34.33 9.79 138.84
N LEU HD 169 -35.07 9.11 139.71
CA LEU HD 169 -35.26 7.67 139.58
C LEU HD 169 -36.11 7.35 138.35
N ARG HD 170 -35.92 6.16 137.82
CA ARG HD 170 -36.67 5.71 136.65
C ARG HD 170 -37.11 4.27 136.87
N LEU HD 171 -38.21 3.92 136.22
CA LEU HD 171 -38.70 2.54 136.26
C LEU HD 171 -39.43 2.31 134.95
N THR HD 172 -38.74 1.75 133.96
CA THR HD 172 -39.32 1.53 132.64
C THR HD 172 -39.71 0.06 132.53
N ALA HD 173 -40.92 -0.25 132.97
CA ALA HD 173 -41.45 -1.60 132.80
C ALA HD 173 -41.90 -1.81 131.36
N SER HD 174 -41.99 -3.08 130.98
CA SER HD 174 -42.49 -3.46 129.66
C SER HD 174 -43.08 -4.84 129.76
N LEU HD 175 -43.72 -5.27 128.67
CA LEU HD 175 -44.37 -6.58 128.61
C LEU HD 175 -44.58 -6.93 127.15
N ARG HD 176 -44.06 -8.07 126.73
CA ARG HD 176 -44.17 -8.51 125.35
C ARG HD 176 -44.66 -9.96 125.33
N GLN HD 177 -44.85 -10.47 124.12
CA GLN HD 177 -45.02 -11.90 123.89
C GLN HD 177 -44.51 -12.24 122.50
N ASN HD 178 -43.42 -13.00 122.45
CA ASN HD 178 -42.75 -13.30 121.19
C ASN HD 178 -43.12 -14.70 120.72
N GLY HD 179 -43.28 -14.82 119.41
CA GLY HD 179 -43.58 -16.10 118.80
C GLY HD 179 -45.07 -16.33 118.63
N ALA HD 180 -45.49 -17.58 118.77
CA ALA HD 180 -46.90 -17.94 118.60
C ALA HD 180 -47.66 -17.89 119.93
N LYS HD 181 -47.53 -16.75 120.62
CA LYS HD 181 -48.29 -16.42 121.84
C LYS HD 181 -48.07 -17.43 122.96
N THR HD 182 -46.88 -18.02 123.03
CA THR HD 182 -46.59 -19.06 124.01
C THR HD 182 -45.89 -18.56 125.26
N ALA HD 183 -45.11 -17.49 125.16
CA ALA HD 183 -44.32 -17.04 126.30
C ALA HD 183 -44.36 -15.52 126.39
N TYR HD 184 -44.47 -15.02 127.61
CA TYR HD 184 -44.44 -13.59 127.86
C TYR HD 184 -43.02 -13.14 128.16
N ARG HD 185 -42.84 -11.83 128.34
CA ARG HD 185 -41.52 -11.28 128.64
C ARG HD 185 -41.70 -9.99 129.42
N VAL HD 186 -41.55 -10.07 130.73
CA VAL HD 186 -41.57 -8.89 131.59
C VAL HD 186 -40.17 -8.30 131.63
N ASN HD 187 -40.08 -6.96 131.71
CA ASN HD 187 -38.79 -6.30 131.62
C ASN HD 187 -38.82 -5.02 132.45
N LEU HD 188 -38.34 -5.10 133.68
CA LEU HD 188 -38.17 -3.92 134.53
C LEU HD 188 -36.75 -3.39 134.41
N LYS HD 189 -36.56 -2.13 134.81
CA LYS HD 189 -35.26 -1.48 134.73
C LYS HD 189 -35.27 -0.26 135.65
N LEU HD 190 -34.33 -0.20 136.59
CA LEU HD 190 -34.28 0.88 137.57
C LEU HD 190 -33.01 1.70 137.35
N ASP HD 191 -33.16 2.90 136.81
CA ASP HD 191 -32.04 3.82 136.62
C ASP HD 191 -31.87 4.69 137.85
N GLN HD 192 -30.63 4.81 138.32
CA GLN HD 192 -30.31 5.71 139.42
C GLN HD 192 -29.09 6.52 139.02
N ALA HD 193 -29.28 7.84 138.91
CA ALA HD 193 -28.19 8.75 138.58
C ALA HD 193 -27.76 9.50 139.83
N ASP HD 194 -26.46 9.68 139.98
CA ASP HD 194 -25.89 10.39 141.13
C ASP HD 194 -25.72 11.86 140.75
N VAL HD 195 -26.52 12.73 141.36
CA VAL HD 195 -26.47 14.15 141.08
C VAL HD 195 -25.75 14.85 142.23
N VAL HD 196 -24.95 15.85 141.90
CA VAL HD 196 -24.18 16.62 142.87
C VAL HD 196 -24.18 18.08 142.46
N ASP HD 197 -24.10 18.96 143.44
CA ASP HD 197 -23.98 20.39 143.19
C ASP HD 197 -23.11 21.05 144.25
N CYS HD 198 -22.28 21.98 143.80
CA CYS HD 198 -21.44 22.78 144.69
C CYS HD 198 -21.64 24.28 144.44
N SER HD 199 -22.89 24.73 144.42
CA SER HD 199 -23.17 26.17 144.39
C SER HD 199 -22.71 26.86 145.67
N THR HD 200 -22.58 26.12 146.78
CA THR HD 200 -21.98 26.68 147.98
C THR HD 200 -20.47 26.77 147.86
N SER HD 201 -19.86 26.04 146.92
CA SER HD 201 -18.42 26.07 146.70
C SER HD 201 -18.02 26.85 145.46
N VAL HD 202 -18.58 26.49 144.31
CA VAL HD 202 -18.29 27.17 143.05
C VAL HD 202 -19.54 27.90 142.61
N CYS HD 203 -19.42 29.21 142.38
CA CYS HD 203 -20.57 30.02 142.00
C CYS HD 203 -21.03 29.72 140.59
N GLY HD 204 -22.34 29.88 140.36
CA GLY HD 204 -22.92 29.64 139.07
C GLY HD 204 -22.93 28.20 138.64
N GLU HD 205 -22.90 27.26 139.59
CA GLU HD 205 -22.84 25.84 139.28
C GLU HD 205 -24.20 25.22 139.57
N LEU HD 206 -24.87 24.77 138.51
CA LEU HD 206 -26.12 24.07 138.60
C LEU HD 206 -25.84 22.57 138.78
N PRO HD 207 -26.80 21.81 139.32
CA PRO HD 207 -26.59 20.37 139.51
C PRO HD 207 -26.41 19.61 138.19
N LYS HD 208 -25.65 18.53 138.27
CA LYS HD 208 -25.35 17.69 137.13
C LYS HD 208 -25.14 16.26 137.61
N VAL HD 209 -25.23 15.33 136.68
CA VAL HD 209 -25.11 13.90 136.99
C VAL HD 209 -23.67 13.44 136.79
N ARG HD 210 -23.17 12.63 137.73
CA ARG HD 210 -21.85 12.04 137.59
C ARG HD 210 -21.91 10.78 136.74
N TYR HD 211 -22.63 9.76 137.22
CA TYR HD 211 -22.72 8.47 136.56
C TYR HD 211 -24.15 7.96 136.67
N THR HD 212 -24.38 6.75 136.15
CA THR HD 212 -25.66 6.08 136.30
C THR HD 212 -25.40 4.62 136.61
N GLN HD 213 -26.30 4.00 137.36
CA GLN HD 213 -26.22 2.59 137.70
C GLN HD 213 -27.59 1.96 137.52
N VAL HD 214 -27.66 0.89 136.75
CA VAL HD 214 -28.93 0.26 136.41
C VAL HD 214 -29.07 -1.03 137.19
N TRP HD 215 -30.30 -1.55 137.23
CA TRP HD 215 -30.59 -2.91 137.68
C TRP HD 215 -31.82 -3.34 136.89
N SER HD 216 -31.57 -3.93 135.73
CA SER HD 216 -32.68 -4.36 134.89
C SER HD 216 -33.03 -5.81 135.17
N HIS HD 217 -34.25 -6.18 134.80
CA HIS HD 217 -34.76 -7.52 134.99
C HIS HD 217 -35.32 -8.03 133.68
N ASP HD 218 -35.34 -9.35 133.52
CA ASP HD 218 -35.87 -9.94 132.30
C ASP HD 218 -36.49 -11.30 132.68
N VAL HD 219 -37.78 -11.29 132.93
CA VAL HD 219 -38.52 -12.49 133.34
C VAL HD 219 -39.15 -13.10 132.11
N THR HD 220 -39.03 -14.43 131.98
CA THR HD 220 -39.64 -15.17 130.89
C THR HD 220 -40.68 -16.11 131.47
N ILE HD 221 -41.93 -15.91 131.09
CA ILE HD 221 -43.05 -16.68 131.62
C ILE HD 221 -43.82 -17.27 130.45
N VAL HD 222 -43.95 -18.59 130.42
CA VAL HD 222 -44.73 -19.24 129.39
C VAL HD 222 -46.21 -19.13 129.74
N ALA HD 223 -47.06 -19.09 128.71
CA ALA HD 223 -48.44 -18.68 128.89
C ALA HD 223 -49.30 -19.76 129.55
N ASN HD 224 -48.95 -21.03 129.35
CA ASN HD 224 -49.72 -22.14 129.89
C ASN HD 224 -49.18 -22.63 131.22
N SER HD 225 -48.61 -21.74 132.03
CA SER HD 225 -47.96 -22.09 133.28
C SER HD 225 -48.99 -22.50 134.34
N THR HD 226 -48.47 -23.09 135.41
CA THR HD 226 -49.22 -23.26 136.64
C THR HD 226 -49.10 -21.96 137.43
N GLU HD 227 -50.08 -21.65 138.26
CA GLU HD 227 -50.00 -20.45 139.09
C GLU HD 227 -48.90 -20.58 140.14
N ALA HD 228 -48.78 -21.75 140.76
CA ALA HD 228 -47.71 -21.97 141.72
C ALA HD 228 -46.36 -22.14 141.04
N SER HD 229 -46.33 -22.32 139.73
CA SER HD 229 -45.06 -22.29 139.00
C SER HD 229 -44.57 -20.86 138.84
N ARG HD 230 -45.49 -19.90 138.69
CA ARG HD 230 -45.09 -18.50 138.63
C ARG HD 230 -44.92 -17.90 140.01
N LYS HD 231 -45.67 -18.41 140.99
CA LYS HD 231 -45.57 -17.89 142.36
C LYS HD 231 -44.26 -18.32 143.00
N SER HD 232 -43.77 -19.52 142.67
CA SER HD 232 -42.51 -19.98 143.24
C SER HD 232 -41.30 -19.33 142.57
N LEU HD 233 -41.43 -18.94 141.30
CA LEU HD 233 -40.34 -18.23 140.65
C LEU HD 233 -40.17 -16.84 141.23
N TYR HD 234 -41.28 -16.18 141.57
CA TYR HD 234 -41.20 -14.87 142.21
C TYR HD 234 -40.67 -15.00 143.63
N ASP HD 235 -41.14 -16.01 144.38
CA ASP HD 235 -40.74 -16.19 145.77
C ASP HD 235 -39.28 -16.58 145.92
N LEU HD 236 -38.68 -17.21 144.90
CA LEU HD 236 -37.25 -17.52 144.97
C LEU HD 236 -36.41 -16.30 144.63
N THR HD 237 -36.83 -15.52 143.64
CA THR HD 237 -36.08 -14.33 143.26
C THR HD 237 -36.19 -13.23 144.31
N LYS HD 238 -37.35 -13.13 144.96
CA LYS HD 238 -37.49 -12.21 146.09
C LYS HD 238 -36.59 -12.61 147.25
N SER HD 239 -36.42 -13.92 147.44
CA SER HD 239 -35.52 -14.40 148.48
C SER HD 239 -34.07 -14.45 148.03
N LEU HD 240 -33.81 -14.38 146.73
CA LEU HD 240 -32.42 -14.34 146.26
C LEU HD 240 -31.81 -12.96 146.46
N VAL HD 241 -32.55 -11.91 146.10
CA VAL HD 241 -32.07 -10.55 146.26
C VAL HD 241 -31.92 -10.19 147.74
N ALA HD 242 -32.77 -10.75 148.60
CA ALA HD 242 -32.73 -10.42 150.02
C ALA HD 242 -31.63 -11.14 150.79
N THR HD 243 -30.79 -11.93 150.13
CA THR HD 243 -29.70 -12.61 150.82
C THR HD 243 -28.56 -11.65 151.12
N SER HD 244 -27.62 -12.12 151.93
CA SER HD 244 -26.46 -11.32 152.28
C SER HD 244 -25.30 -11.52 151.30
N GLN HD 245 -25.47 -12.38 150.30
CA GLN HD 245 -24.41 -12.61 149.33
C GLN HD 245 -24.61 -11.79 148.07
N VAL HD 246 -25.87 -11.60 147.65
CA VAL HD 246 -26.15 -10.74 146.51
C VAL HD 246 -26.05 -9.27 146.91
N GLU HD 247 -26.19 -8.97 148.21
CA GLU HD 247 -25.87 -7.63 148.70
C GLU HD 247 -24.40 -7.34 148.52
N ASP HD 248 -23.53 -8.24 148.97
CA ASP HD 248 -22.10 -8.05 148.86
C ASP HD 248 -21.58 -8.24 147.44
N LEU HD 249 -22.34 -8.88 146.57
CA LEU HD 249 -21.94 -8.98 145.17
C LEU HD 249 -22.10 -7.65 144.46
N VAL HD 250 -23.06 -6.83 144.88
CA VAL HD 250 -23.25 -5.53 144.27
C VAL HD 250 -22.44 -4.45 144.98
N VAL HD 251 -22.39 -4.49 146.31
CA VAL HD 251 -21.67 -3.46 147.06
C VAL HD 251 -20.16 -3.67 146.98
N ASN HD 252 -19.69 -4.90 147.19
CA ASN HD 252 -18.27 -5.15 147.32
C ASN HD 252 -17.68 -6.06 146.25
N LEU HD 253 -18.49 -6.51 145.29
CA LEU HD 253 -18.06 -7.29 144.11
C LEU HD 253 -17.42 -8.62 144.47
N VAL HD 254 -17.73 -9.18 145.64
CA VAL HD 254 -17.29 -10.52 145.99
C VAL HD 254 -18.27 -11.53 145.40
N PRO HD 255 -17.81 -12.57 144.72
CA PRO HD 255 -18.73 -13.52 144.09
C PRO HD 255 -19.51 -14.35 145.09
N LEU HD 256 -20.51 -15.06 144.58
CA LEU HD 256 -21.46 -15.79 145.41
C LEU HD 256 -20.84 -17.07 145.95
N GLY HD 257 -21.50 -17.62 146.97
CA GLY HD 257 -21.11 -18.91 147.51
C GLY HD 257 -20.19 -18.84 148.71
N ARG HD 258 -20.69 -19.22 149.87
CA ARG HD 258 -19.86 -19.34 151.06
C ARG HD 258 -20.01 -20.73 151.68
N SER ID 1 -100.10 -9.94 115.51
CA SER ID 1 -99.06 -10.81 115.00
C SER ID 1 -98.13 -11.26 116.13
N LYS ID 2 -96.83 -11.30 115.85
CA LYS ID 2 -95.82 -11.68 116.82
C LYS ID 2 -95.17 -10.44 117.38
N THR ID 3 -95.13 -10.33 118.71
CA THR ID 3 -94.71 -9.10 119.38
C THR ID 3 -93.53 -9.35 120.31
N ILE ID 4 -92.71 -8.31 120.48
CA ILE ID 4 -91.72 -8.22 121.55
C ILE ID 4 -92.08 -7.01 122.39
N VAL ID 5 -92.01 -7.15 123.71
CA VAL ID 5 -92.28 -6.05 124.63
C VAL ID 5 -90.96 -5.58 125.23
N LEU ID 6 -90.78 -4.27 125.29
CA LEU ID 6 -89.58 -3.65 125.83
C LEU ID 6 -90.00 -2.70 126.94
N SER ID 7 -89.93 -3.15 128.18
CA SER ID 7 -90.32 -2.32 129.31
C SER ID 7 -89.22 -1.33 129.64
N VAL ID 8 -89.56 -0.04 129.65
CA VAL ID 8 -88.60 1.03 129.84
C VAL ID 8 -88.95 1.64 131.20
N GLY ID 9 -89.40 0.79 132.10
CA GLY ID 9 -89.91 1.24 133.39
C GLY ID 9 -91.30 0.70 133.58
N GLU ID 10 -92.30 1.59 133.55
CA GLU ID 10 -93.68 1.18 133.43
C GLU ID 10 -94.23 1.36 132.03
N ALA ID 11 -93.57 2.15 131.19
CA ALA ID 11 -93.98 2.31 129.80
C ALA ID 11 -93.48 1.13 128.99
N THR ID 12 -94.40 0.41 128.36
CA THR ID 12 -94.09 -0.75 127.53
C THR ID 12 -94.28 -0.38 126.07
N ARG ID 13 -93.27 -0.66 125.25
CA ARG ID 13 -93.30 -0.35 123.82
C ARG ID 13 -93.27 -1.67 123.06
N THR ID 14 -94.42 -2.07 122.52
CA THR ID 14 -94.57 -3.37 121.88
C THR ID 14 -94.30 -3.26 120.39
N LEU ID 15 -93.32 -4.01 119.90
CA LEU ID 15 -92.96 -4.04 118.49
C LEU ID 15 -93.58 -5.24 117.80
N THR ID 16 -94.37 -4.99 116.77
CA THR ID 16 -95.05 -6.06 116.03
C THR ID 16 -94.28 -6.37 114.76
N GLU ID 17 -94.45 -7.58 114.26
CA GLU ID 17 -93.64 -8.09 113.16
C GLU ID 17 -94.23 -7.66 111.82
N ILE ID 18 -93.38 -7.17 110.92
CA ILE ID 18 -93.81 -6.76 109.59
C ILE ID 18 -93.15 -7.55 108.49
N GLN ID 19 -92.24 -8.48 108.80
CA GLN ID 19 -91.56 -9.27 107.78
C GLN ID 19 -91.04 -10.55 108.42
N SER ID 20 -91.08 -11.64 107.67
CA SER ID 20 -90.53 -12.92 108.14
C SER ID 20 -89.97 -13.64 106.92
N THR ID 21 -88.67 -13.48 106.69
CA THR ID 21 -88.00 -14.18 105.61
C THR ID 21 -87.45 -15.48 106.22
N ALA ID 22 -86.59 -16.19 105.49
CA ALA ID 22 -85.98 -17.41 106.04
C ALA ID 22 -85.01 -17.07 107.17
N ASP ID 23 -84.31 -15.96 107.06
CA ASP ID 23 -83.40 -15.51 108.10
C ASP ID 23 -83.76 -14.15 108.68
N ARG ID 24 -84.08 -13.16 107.84
CA ARG ID 24 -84.37 -11.83 108.34
C ARG ID 24 -85.77 -11.78 108.95
N GLN ID 25 -85.94 -10.89 109.92
CA GLN ID 25 -87.18 -10.85 110.71
C GLN ID 25 -87.31 -9.44 111.28
N ILE ID 26 -88.15 -8.63 110.67
CA ILE ID 26 -88.21 -7.19 110.94
C ILE ID 26 -89.41 -6.89 111.84
N PHE ID 27 -89.18 -6.12 112.90
CA PHE ID 27 -90.22 -5.67 113.80
C PHE ID 27 -90.35 -4.15 113.73
N GLU ID 28 -91.54 -3.65 114.02
CA GLU ID 28 -91.77 -2.22 114.09
C GLU ID 28 -92.80 -1.93 115.18
N GLU ID 29 -92.71 -0.73 115.74
CA GLU ID 29 -93.75 -0.23 116.62
C GLU ID 29 -94.80 0.48 115.79
N LYS ID 30 -96.06 0.38 116.20
CA LYS ID 30 -97.17 0.86 115.41
C LYS ID 30 -97.79 2.15 115.92
N VAL ID 31 -97.29 2.69 117.03
CA VAL ID 31 -97.84 3.91 117.59
C VAL ID 31 -97.10 5.11 117.03
N GLY ID 32 -97.85 6.10 116.54
CA GLY ID 32 -97.27 7.35 116.11
C GLY ID 32 -97.39 7.60 114.62
N PRO ID 33 -96.58 8.53 114.11
CA PRO ID 33 -96.59 8.79 112.66
C PRO ID 33 -96.02 7.65 111.84
N LEU ID 34 -96.25 7.67 110.54
CA LEU ID 34 -95.93 6.56 109.66
C LEU ID 34 -94.52 6.63 109.07
N VAL ID 35 -93.79 7.69 109.32
CA VAL ID 35 -92.52 7.89 108.63
C VAL ID 35 -91.32 7.51 109.50
N GLY ID 36 -91.38 7.76 110.81
CA GLY ID 36 -90.30 7.37 111.68
C GLY ID 36 -90.78 6.54 112.84
N ARG ID 37 -90.38 5.28 112.88
CA ARG ID 37 -90.80 4.36 113.93
C ARG ID 37 -89.60 3.52 114.36
N LEU ID 38 -89.79 2.77 115.45
CA LEU ID 38 -88.76 1.84 115.91
C LEU ID 38 -88.59 0.71 114.92
N ARG ID 39 -87.44 0.05 114.99
CA ARG ID 39 -87.09 -0.99 114.04
C ARG ID 39 -86.19 -2.00 114.74
N LEU ID 40 -86.36 -3.28 114.41
CA LEU ID 40 -85.58 -4.33 115.03
C LEU ID 40 -85.36 -5.42 113.98
N THR ID 41 -84.23 -5.36 113.30
CA THR ID 41 -83.94 -6.26 112.18
C THR ID 41 -83.14 -7.44 112.73
N ALA ID 42 -83.85 -8.43 113.25
CA ALA ID 42 -83.22 -9.64 113.74
C ALA ID 42 -82.81 -10.55 112.58
N SER ID 43 -81.87 -11.45 112.86
CA SER ID 43 -81.37 -12.38 111.85
C SER ID 43 -80.72 -13.56 112.56
N LEU ID 44 -80.40 -14.58 111.77
CA LEU ID 44 -79.69 -15.76 112.24
C LEU ID 44 -79.13 -16.48 111.02
N ARG ID 45 -77.93 -17.04 111.17
CA ARG ID 45 -77.24 -17.72 110.08
C ARG ID 45 -76.46 -18.90 110.63
N GLN ID 46 -75.83 -19.66 109.73
CA GLN ID 46 -74.77 -20.59 110.09
C GLN ID 46 -73.82 -20.68 108.90
N ASN ID 47 -72.76 -19.88 108.94
CA ASN ID 47 -71.84 -19.76 107.82
C ASN ID 47 -70.68 -20.73 107.97
N GLY ID 48 -70.16 -21.18 106.83
CA GLY ID 48 -69.03 -22.08 106.82
C GLY ID 48 -69.45 -23.54 106.79
N ALA ID 49 -68.75 -24.38 107.54
CA ALA ID 49 -69.05 -25.81 107.57
C ALA ID 49 -70.01 -26.15 108.71
N LYS ID 50 -71.09 -25.35 108.78
CA LYS ID 50 -72.26 -25.58 109.65
C LYS ID 50 -71.90 -25.70 111.13
N THR ID 51 -70.84 -25.02 111.57
CA THR ID 51 -70.35 -25.18 112.92
C THR ID 51 -70.51 -23.95 113.80
N ALA ID 52 -70.76 -22.78 113.22
CA ALA ID 52 -70.86 -21.55 113.99
C ALA ID 52 -72.08 -20.77 113.51
N TYR ID 53 -72.92 -20.37 114.46
CA TYR ID 53 -74.08 -19.54 114.16
C TYR ID 53 -73.70 -18.07 114.24
N ARG ID 54 -74.65 -17.21 113.88
CA ARG ID 54 -74.39 -15.77 113.91
C ARG ID 54 -75.72 -15.05 114.12
N VAL ID 55 -75.99 -14.66 115.36
CA VAL ID 55 -77.12 -13.80 115.68
C VAL ID 55 -76.74 -12.37 115.32
N ASN ID 56 -77.71 -11.60 114.82
CA ASN ID 56 -77.43 -10.26 114.32
C ASN ID 56 -78.66 -9.39 114.53
N LEU ID 57 -78.67 -8.64 115.63
CA LEU ID 57 -79.74 -7.69 115.91
C LEU ID 57 -79.33 -6.29 115.49
N LYS ID 58 -80.33 -5.43 115.29
CA LYS ID 58 -80.09 -4.06 114.88
C LYS ID 58 -81.31 -3.22 115.28
N LEU ID 59 -81.14 -2.38 116.28
CA LEU ID 59 -82.23 -1.55 116.80
C LEU ID 59 -82.07 -0.13 116.28
N ASP ID 60 -82.72 0.17 115.16
CA ASP ID 60 -82.75 1.54 114.66
C ASP ID 60 -83.66 2.40 115.52
N GLN ID 61 -83.41 3.71 115.48
CA GLN ID 61 -84.31 4.67 116.13
C GLN ID 61 -84.15 6.00 115.42
N ALA ID 62 -85.21 6.46 114.77
CA ALA ID 62 -85.22 7.73 114.07
C ALA ID 62 -85.93 8.77 114.92
N ASP ID 63 -85.43 10.00 114.87
CA ASP ID 63 -86.03 11.11 115.61
C ASP ID 63 -86.83 11.95 114.64
N VAL ID 64 -88.13 11.74 114.63
CA VAL ID 64 -89.03 12.44 113.72
C VAL ID 64 -89.46 13.75 114.36
N VAL ID 65 -89.60 14.79 113.54
CA VAL ID 65 -90.05 16.09 113.99
C VAL ID 65 -91.18 16.54 113.07
N ASP ID 66 -92.25 17.07 113.66
CA ASP ID 66 -93.40 17.55 112.91
C ASP ID 66 -93.79 18.93 113.42
N CYS ID 67 -93.56 19.95 112.61
CA CYS ID 67 -93.90 21.33 112.95
C CYS ID 67 -94.74 21.97 111.85
N SER ID 68 -95.85 21.32 111.51
CA SER ID 68 -96.87 21.96 110.69
C SER ID 68 -97.57 23.10 111.42
N THR ID 69 -97.49 23.13 112.75
CA THR ID 69 -98.01 24.26 113.52
C THR ID 69 -97.16 25.50 113.29
N SER ID 70 -95.83 25.33 113.19
CA SER ID 70 -94.96 26.47 112.99
C SER ID 70 -94.90 26.89 111.52
N VAL ID 71 -94.44 26.00 110.65
CA VAL ID 71 -94.39 26.26 109.22
C VAL ID 71 -95.69 25.75 108.61
N CYS ID 72 -96.43 26.64 107.95
CA CYS ID 72 -97.71 26.26 107.38
C CYS ID 72 -97.51 25.49 106.10
N GLY ID 73 -97.87 24.20 106.12
CA GLY ID 73 -97.82 23.37 104.94
C GLY ID 73 -96.69 22.39 104.86
N GLU ID 74 -96.08 22.03 105.99
CA GLU ID 74 -95.00 21.04 106.00
C GLU ID 74 -95.48 19.76 106.68
N LEU ID 75 -94.75 18.69 106.42
CA LEU ID 75 -95.13 17.33 106.82
C LEU ID 75 -94.12 16.81 107.84
N PRO ID 76 -94.43 15.73 108.57
CA PRO ID 76 -93.42 15.14 109.46
C PRO ID 76 -92.25 14.55 108.68
N LYS ID 77 -91.10 14.51 109.35
CA LYS ID 77 -89.82 14.22 108.71
C LYS ID 77 -88.83 13.83 109.79
N VAL ID 78 -87.93 12.91 109.45
CA VAL ID 78 -86.92 12.43 110.40
C VAL ID 78 -85.65 13.24 110.22
N ARG ID 79 -85.00 13.59 111.33
CA ARG ID 79 -83.72 14.28 111.25
C ARG ID 79 -82.57 13.29 111.10
N TYR ID 80 -82.40 12.41 112.08
CA TYR ID 80 -81.28 11.49 112.13
C TYR ID 80 -81.76 10.13 112.60
N THR ID 81 -80.90 9.12 112.44
CA THR ID 81 -81.14 7.78 112.95
C THR ID 81 -79.95 7.36 113.80
N GLN ID 82 -80.26 6.71 114.94
CA GLN ID 82 -79.24 6.19 115.84
C GLN ID 82 -79.51 4.72 116.06
N VAL ID 83 -78.52 3.87 115.74
CA VAL ID 83 -78.69 2.44 115.78
C VAL ID 83 -77.86 1.86 116.93
N TRP ID 84 -78.13 0.59 117.23
CA TRP ID 84 -77.33 -0.18 118.19
C TRP ID 84 -77.35 -1.62 117.69
N SER ID 85 -76.33 -2.00 116.93
CA SER ID 85 -76.27 -3.33 116.38
C SER ID 85 -75.71 -4.31 117.40
N HIS ID 86 -75.89 -5.59 117.13
CA HIS ID 86 -75.29 -6.67 117.88
C HIS ID 86 -74.75 -7.69 116.89
N ASP ID 87 -73.75 -8.46 117.32
CA ASP ID 87 -73.18 -9.52 116.48
C ASP ID 87 -72.69 -10.62 117.40
N VAL ID 88 -73.53 -11.61 117.63
CA VAL ID 88 -73.20 -12.72 118.52
C VAL ID 88 -72.71 -13.87 117.67
N THR ID 89 -71.61 -14.50 118.10
CA THR ID 89 -71.07 -15.68 117.43
C THR ID 89 -71.15 -16.86 118.37
N ILE ID 90 -71.91 -17.87 117.99
CA ILE ID 90 -72.13 -19.06 118.80
C ILE ID 90 -71.66 -20.27 118.01
N VAL ID 91 -70.73 -21.02 118.58
CA VAL ID 91 -70.31 -22.28 117.97
C VAL ID 91 -71.25 -23.39 118.39
N ALA ID 92 -71.49 -24.32 117.47
CA ALA ID 92 -72.63 -25.24 117.60
C ALA ID 92 -72.41 -26.31 118.64
N ASN ID 93 -71.16 -26.74 118.86
CA ASN ID 93 -70.86 -27.80 119.81
C ASN ID 93 -70.58 -27.28 121.21
N SER ID 94 -71.13 -26.13 121.57
CA SER ID 94 -70.90 -25.54 122.88
C SER ID 94 -71.64 -26.30 123.97
N THR ID 95 -71.29 -26.00 125.21
CA THR ID 95 -72.11 -26.39 126.34
C THR ID 95 -73.12 -25.29 126.63
N GLU ID 96 -74.17 -25.63 127.37
CA GLU ID 96 -75.23 -24.66 127.61
C GLU ID 96 -74.80 -23.58 128.59
N ALA ID 97 -73.89 -23.90 129.50
CA ALA ID 97 -73.39 -22.90 130.43
C ALA ID 97 -72.44 -21.92 129.76
N SER ID 98 -71.89 -22.25 128.61
CA SER ID 98 -71.10 -21.28 127.86
C SER ID 98 -71.99 -20.23 127.21
N ARG ID 99 -73.07 -20.67 126.57
CA ARG ID 99 -74.01 -19.76 125.93
C ARG ID 99 -74.81 -18.96 126.95
N LYS ID 100 -75.02 -19.50 128.15
CA LYS ID 100 -75.76 -18.79 129.17
C LYS ID 100 -74.91 -17.72 129.82
N SER ID 101 -73.63 -18.01 130.05
CA SER ID 101 -72.75 -17.04 130.70
C SER ID 101 -72.41 -15.89 129.77
N LEU ID 102 -72.30 -16.16 128.47
CA LEU ID 102 -72.06 -15.10 127.50
C LEU ID 102 -73.24 -14.14 127.42
N TYR ID 103 -74.45 -14.68 127.57
CA TYR ID 103 -75.62 -13.81 127.65
C TYR ID 103 -75.67 -13.09 128.98
N ASP ID 104 -75.34 -13.78 130.07
CA ASP ID 104 -75.42 -13.17 131.40
C ASP ID 104 -74.36 -12.11 131.63
N LEU ID 105 -73.23 -12.17 130.93
CA LEU ID 105 -72.22 -11.13 131.07
C LEU ID 105 -72.57 -9.91 130.23
N THR ID 106 -73.16 -10.13 129.05
CA THR ID 106 -73.53 -9.00 128.20
C THR ID 106 -74.80 -8.32 128.69
N LYS ID 107 -75.67 -9.08 129.37
CA LYS ID 107 -76.83 -8.47 130.02
C LYS ID 107 -76.38 -7.54 131.15
N SER ID 108 -75.29 -7.90 131.82
CA SER ID 108 -74.74 -7.04 132.87
C SER ID 108 -73.73 -6.04 132.36
N LEU ID 109 -73.22 -6.22 131.14
CA LEU ID 109 -72.36 -5.21 130.55
C LEU ID 109 -73.15 -3.96 130.18
N VAL ID 110 -74.32 -4.16 129.57
CA VAL ID 110 -75.14 -3.02 129.16
C VAL ID 110 -75.76 -2.35 130.37
N ALA ID 111 -76.07 -3.11 131.41
CA ALA ID 111 -76.80 -2.56 132.56
C ALA ID 111 -75.92 -1.81 133.54
N THR ID 112 -74.62 -1.68 133.29
CA THR ID 112 -73.76 -0.97 134.23
C THR ID 112 -73.79 0.53 133.94
N SER ID 113 -73.27 1.30 134.89
CA SER ID 113 -73.27 2.75 134.79
C SER ID 113 -72.12 3.28 133.94
N GLN ID 114 -71.21 2.43 133.50
CA GLN ID 114 -70.08 2.90 132.70
C GLN ID 114 -70.36 2.85 131.21
N VAL ID 115 -71.20 1.91 130.78
CA VAL ID 115 -71.60 1.87 129.38
C VAL ID 115 -72.74 2.85 129.14
N GLU ID 116 -73.53 3.15 130.19
CA GLU ID 116 -74.55 4.18 130.09
C GLU ID 116 -73.94 5.54 129.82
N ASP ID 117 -72.89 5.90 130.55
CA ASP ID 117 -72.21 7.17 130.30
C ASP ID 117 -71.39 7.14 129.03
N LEU ID 118 -71.06 5.97 128.51
CA LEU ID 118 -70.28 5.88 127.28
C LEU ID 118 -71.09 6.23 126.05
N VAL ID 119 -72.40 5.96 126.06
CA VAL ID 119 -73.22 6.22 124.89
C VAL ID 119 -74.05 7.49 125.07
N VAL ID 120 -74.28 7.90 126.31
CA VAL ID 120 -75.03 9.13 126.54
C VAL ID 120 -74.10 10.33 126.57
N ASN ID 121 -73.08 10.30 127.43
CA ASN ID 121 -72.22 11.45 127.65
C ASN ID 121 -70.82 11.25 127.08
N LEU ID 122 -70.59 10.18 126.33
CA LEU ID 122 -69.36 9.87 125.60
C LEU ID 122 -68.13 9.74 126.52
N VAL ID 123 -68.35 9.42 127.78
CA VAL ID 123 -67.26 9.24 128.74
C VAL ID 123 -66.60 7.89 128.48
N PRO ID 124 -65.27 7.81 128.44
CA PRO ID 124 -64.61 6.52 128.20
C PRO ID 124 -64.78 5.56 129.37
N LEU ID 125 -64.39 4.31 129.11
CA LEU ID 125 -64.65 3.23 130.05
C LEU ID 125 -63.57 3.17 131.13
N GLY ID 126 -63.91 2.55 132.25
CA GLY ID 126 -62.97 2.34 133.33
C GLY ID 126 -63.02 3.41 134.39
N ARG ID 127 -63.25 3.02 135.63
CA ARG ID 127 -63.29 3.94 136.76
C ARG ID 127 -62.41 3.38 137.87
N ALA ID 128 -61.30 4.05 138.15
CA ALA ID 128 -60.32 3.57 139.10
C ALA ID 128 -60.78 3.87 140.52
N TYR ID 129 -61.27 2.85 141.22
CA TYR ID 129 -61.68 2.96 142.61
C TYR ID 129 -60.67 2.21 143.47
N GLY ID 130 -59.60 2.90 143.83
CA GLY ID 130 -58.54 2.33 144.64
C GLY ID 130 -57.75 1.23 143.94
N GLY ID 131 -57.01 1.60 142.91
CA GLY ID 131 -56.23 0.61 142.17
C GLY ID 131 -56.20 0.89 140.68
N SER ID 132 -56.44 -0.12 139.88
CA SER ID 132 -56.45 0.04 138.43
C SER ID 132 -57.83 0.46 137.94
N LYS ID 133 -57.91 0.78 136.66
CA LYS ID 133 -59.19 1.11 136.04
C LYS ID 133 -59.95 -0.19 135.79
N THR ID 134 -61.07 -0.36 136.51
CA THR ID 134 -61.76 -1.63 136.53
C THR ID 134 -63.23 -1.48 136.13
N ILE ID 135 -63.79 -2.55 135.59
CA ILE ID 135 -65.21 -2.69 135.32
C ILE ID 135 -65.71 -3.90 136.09
N VAL ID 136 -66.82 -3.76 136.79
CA VAL ID 136 -67.41 -4.86 137.55
C VAL ID 136 -68.66 -5.33 136.83
N LEU ID 137 -68.70 -6.61 136.47
CA LEU ID 137 -69.81 -7.22 135.77
C LEU ID 137 -70.47 -8.22 136.71
N SER ID 138 -71.42 -7.75 137.51
CA SER ID 138 -72.10 -8.60 138.48
C SER ID 138 -73.07 -9.55 137.80
N VAL ID 139 -72.98 -10.83 138.14
CA VAL ID 139 -73.83 -11.86 137.54
C VAL ID 139 -74.72 -12.37 138.67
N GLY ID 140 -75.10 -11.46 139.56
CA GLY ID 140 -75.83 -11.82 140.76
C GLY ID 140 -75.02 -11.49 141.99
N GLU ID 141 -74.53 -12.51 142.69
CA GLU ID 141 -73.56 -12.31 143.75
C GLU ID 141 -72.12 -12.55 143.29
N ALA ID 142 -71.93 -13.22 142.16
CA ALA ID 142 -70.61 -13.37 141.59
C ALA ID 142 -70.26 -12.14 140.77
N THR ID 143 -69.17 -11.46 141.14
CA THR ID 143 -68.72 -10.27 140.46
C THR ID 143 -67.41 -10.58 139.76
N ARG ID 144 -67.32 -10.21 138.49
CA ARG ID 144 -66.14 -10.48 137.68
C ARG ID 144 -65.51 -9.15 137.29
N THR ID 145 -64.36 -8.85 137.86
CA THR ID 145 -63.73 -7.53 137.75
C THR ID 145 -62.66 -7.56 136.67
N LEU ID 146 -62.88 -6.81 135.60
CA LEU ID 146 -61.91 -6.73 134.51
C LEU ID 146 -61.08 -5.47 134.64
N THR ID 147 -59.75 -5.65 134.64
CA THR ID 147 -58.82 -4.54 134.80
C THR ID 147 -58.24 -4.16 133.45
N GLU ID 148 -57.95 -2.87 133.29
CA GLU ID 148 -57.47 -2.35 132.00
C GLU ID 148 -56.03 -2.74 131.77
N ILE ID 149 -55.74 -3.26 130.58
CA ILE ID 149 -54.41 -3.69 130.24
C ILE ID 149 -53.74 -2.82 129.17
N GLN ID 150 -54.51 -2.05 128.41
CA GLN ID 150 -53.96 -1.25 127.32
C GLN ID 150 -54.95 -0.17 126.97
N SER ID 151 -54.47 1.07 126.87
CA SER ID 151 -55.29 2.22 126.47
C SER ID 151 -54.58 2.92 125.33
N THR ID 152 -54.83 2.46 124.11
CA THR ID 152 -54.27 3.07 122.91
C THR ID 152 -55.15 4.28 122.58
N ALA ID 153 -54.80 5.05 121.54
CA ALA ID 153 -55.60 6.21 121.16
C ALA ID 153 -56.94 5.79 120.58
N ASP ID 154 -57.01 4.59 119.99
CA ASP ID 154 -58.26 4.05 119.46
C ASP ID 154 -58.88 3.02 120.39
N ARG ID 155 -58.13 1.96 120.73
CA ARG ID 155 -58.69 0.86 121.49
C ARG ID 155 -58.56 1.12 122.99
N GLN ID 156 -59.30 0.32 123.76
CA GLN ID 156 -59.20 0.35 125.22
C GLN ID 156 -59.53 -1.06 125.71
N ILE ID 157 -58.51 -1.88 125.91
CA ILE ID 157 -58.68 -3.30 126.15
C ILE ID 157 -58.75 -3.56 127.65
N PHE ID 158 -59.79 -4.27 128.09
CA PHE ID 158 -59.92 -4.74 129.45
C PHE ID 158 -59.79 -6.25 129.46
N GLU ID 159 -59.46 -6.80 130.63
CA GLU ID 159 -59.22 -8.23 130.75
C GLU ID 159 -59.31 -8.63 132.21
N GLU ID 160 -59.89 -9.80 132.47
CA GLU ID 160 -59.89 -10.36 133.80
C GLU ID 160 -58.52 -10.93 134.12
N LYS ID 161 -58.23 -11.08 135.41
CA LYS ID 161 -56.89 -11.43 135.85
C LYS ID 161 -56.81 -12.70 136.66
N VAL ID 162 -57.92 -13.28 137.07
CA VAL ID 162 -57.88 -14.55 137.79
C VAL ID 162 -57.84 -15.70 136.81
N GLY ID 163 -57.32 -16.85 137.28
CA GLY ID 163 -57.31 -18.05 136.48
C GLY ID 163 -56.05 -18.20 135.65
N PRO ID 164 -56.07 -19.10 134.67
CA PRO ID 164 -54.91 -19.29 133.79
C PRO ID 164 -54.75 -18.12 132.84
N LEU ID 165 -53.56 -18.04 132.26
CA LEU ID 165 -53.22 -16.93 131.36
C LEU ID 165 -53.65 -17.19 129.92
N VAL ID 166 -54.11 -18.38 129.60
CA VAL ID 166 -54.34 -18.72 128.20
C VAL ID 166 -55.72 -18.28 127.72
N GLY ID 167 -56.75 -18.39 128.56
CA GLY ID 167 -58.07 -17.93 128.19
C GLY ID 167 -58.69 -17.07 129.27
N ARG ID 168 -58.94 -15.80 128.94
CA ARG ID 168 -59.52 -14.87 129.90
C ARG ID 168 -60.55 -14.00 129.18
N LEU ID 169 -61.36 -13.30 129.98
CA LEU ID 169 -62.35 -12.38 129.44
C LEU ID 169 -61.68 -11.20 128.77
N ARG ID 170 -62.38 -10.60 127.80
CA ARG ID 170 -61.86 -9.45 127.09
C ARG ID 170 -62.97 -8.42 126.95
N LEU ID 171 -62.57 -7.16 126.78
CA LEU ID 171 -63.54 -6.10 126.52
C LEU ID 171 -62.79 -5.04 125.71
N THR ID 172 -62.99 -5.07 124.39
CA THR ID 172 -62.27 -4.17 123.49
C THR ID 172 -63.22 -3.05 123.11
N ALA ID 173 -63.21 -1.98 123.89
CA ALA ID 173 -63.97 -0.79 123.54
C ALA ID 173 -63.21 0.04 122.51
N SER ID 174 -63.97 0.86 121.79
CA SER ID 174 -63.38 1.79 120.84
C SER ID 174 -64.34 2.96 120.68
N LEU ID 175 -63.88 4.00 119.98
CA LEU ID 175 -64.68 5.19 119.75
C LEU ID 175 -64.07 5.95 118.58
N ARG ID 176 -64.87 6.20 117.55
CA ARG ID 176 -64.39 6.89 116.36
C ARG ID 176 -65.37 8.01 116.02
N GLN ID 177 -65.03 8.75 114.97
CA GLN ID 177 -65.99 9.65 114.31
C GLN ID 177 -65.59 9.75 112.85
N ASN ID 178 -66.47 9.26 111.97
CA ASN ID 178 -66.19 9.21 110.55
C ASN ID 178 -66.91 10.34 109.83
N GLY ID 179 -66.25 10.87 108.80
CA GLY ID 179 -66.82 11.93 108.01
C GLY ID 179 -66.47 13.31 108.50
N ALA ID 180 -67.38 14.26 108.36
CA ALA ID 180 -67.15 15.64 108.79
C ALA ID 180 -67.62 15.87 110.22
N LYS ID 181 -67.17 14.98 111.13
CA LYS ID 181 -67.38 15.08 112.58
C LYS ID 181 -68.87 15.14 112.95
N THR ID 182 -69.71 14.44 112.20
CA THR ID 182 -71.15 14.48 112.43
C THR ID 182 -71.67 13.31 113.25
N ALA ID 183 -71.01 12.15 113.21
CA ALA ID 183 -71.52 10.98 113.90
C ALA ID 183 -70.38 10.24 114.56
N TYR ID 184 -70.63 9.75 115.78
CA TYR ID 184 -69.67 8.94 116.51
C TYR ID 184 -69.90 7.46 116.22
N ARG ID 185 -69.05 6.61 116.78
CA ARG ID 185 -69.16 5.17 116.58
C ARG ID 185 -68.54 4.47 117.78
N VAL ID 186 -69.38 4.03 118.71
CA VAL ID 186 -68.95 3.23 119.84
C VAL ID 186 -68.90 1.78 119.41
N ASN ID 187 -67.93 1.02 119.95
CA ASN ID 187 -67.73 -0.35 119.50
C ASN ID 187 -67.20 -1.18 120.66
N LEU ID 188 -68.09 -1.88 121.35
CA LEU ID 188 -67.71 -2.84 122.39
C LEU ID 188 -67.63 -4.24 121.80
N LYS ID 189 -66.93 -5.12 122.52
CA LYS ID 189 -66.75 -6.51 122.08
C LYS ID 189 -66.31 -7.34 123.26
N LEU ID 190 -67.06 -8.40 123.57
CA LEU ID 190 -66.79 -9.25 124.73
C LEU ID 190 -66.41 -10.64 124.26
N ASP ID 191 -65.12 -10.96 124.37
CA ASP ID 191 -64.61 -12.29 124.02
C ASP ID 191 -64.67 -13.20 125.24
N GLN ID 192 -65.21 -14.40 125.04
CA GLN ID 192 -65.21 -15.42 126.08
C GLN ID 192 -64.71 -16.72 125.49
N ALA ID 193 -63.59 -17.21 125.98
CA ALA ID 193 -63.02 -18.47 125.52
C ALA ID 193 -63.23 -19.53 126.59
N ASP ID 194 -63.57 -20.74 126.16
CA ASP ID 194 -63.80 -21.85 127.08
C ASP ID 194 -62.50 -22.62 127.25
N VAL ID 195 -61.91 -22.51 128.43
CA VAL ID 195 -60.65 -23.19 128.75
C VAL ID 195 -60.97 -24.43 129.59
N VAL ID 196 -60.24 -25.51 129.32
CA VAL ID 196 -60.38 -26.75 130.07
C VAL ID 196 -59.00 -27.32 130.34
N ASP ID 197 -58.85 -27.98 131.48
CA ASP ID 197 -57.61 -28.66 131.81
C ASP ID 197 -57.87 -30.12 132.13
N CYS ID 198 -57.09 -30.99 131.50
CA CYS ID 198 -57.26 -32.43 131.61
C CYS ID 198 -56.10 -33.06 132.37
N SER ID 199 -55.53 -32.32 133.33
CA SER ID 199 -54.39 -32.83 134.09
C SER ID 199 -54.77 -33.94 135.05
N THR ID 200 -56.03 -34.00 135.49
CA THR ID 200 -56.45 -35.11 136.33
C THR ID 200 -56.70 -36.36 135.52
N SER ID 201 -56.83 -36.22 134.19
CA SER ID 201 -57.04 -37.35 133.29
C SER ID 201 -55.78 -37.74 132.55
N VAL ID 202 -55.15 -36.79 131.87
CA VAL ID 202 -53.92 -37.02 131.12
C VAL ID 202 -52.80 -36.23 131.78
N CYS ID 203 -51.70 -36.91 132.08
CA CYS ID 203 -50.55 -36.26 132.69
C CYS ID 203 -49.84 -35.32 131.71
N GLY ID 204 -49.26 -34.26 132.27
CA GLY ID 204 -48.55 -33.29 131.48
C GLY ID 204 -49.41 -32.47 130.56
N GLU ID 205 -50.67 -32.27 130.91
CA GLU ID 205 -51.62 -31.52 130.08
C GLU ID 205 -51.87 -30.17 130.71
N LEU ID 206 -51.41 -29.13 130.05
CA LEU ID 206 -51.65 -27.75 130.47
C LEU ID 206 -52.99 -27.30 129.90
N PRO ID 207 -53.61 -26.26 130.49
CA PRO ID 207 -54.90 -25.78 129.98
C PRO ID 207 -54.82 -25.22 128.57
N LYS ID 208 -55.93 -25.32 127.84
CA LYS ID 208 -56.03 -24.85 126.48
C LYS ID 208 -57.48 -24.46 126.21
N VAL ID 209 -57.67 -23.68 125.16
CA VAL ID 209 -58.99 -23.15 124.80
C VAL ID 209 -59.62 -24.08 123.77
N ARG ID 210 -60.91 -24.35 123.95
CA ARG ID 210 -61.66 -25.13 122.96
C ARG ID 210 -62.14 -24.24 121.82
N TYR ID 211 -63.00 -23.27 122.15
CA TYR ID 211 -63.62 -22.37 121.19
C TYR ID 211 -63.64 -20.97 121.79
N THR ID 212 -64.30 -20.05 121.07
CA THR ID 212 -64.53 -18.72 121.61
C THR ID 212 -65.86 -18.21 121.09
N GLN ID 213 -66.47 -17.31 121.86
CA GLN ID 213 -67.78 -16.76 121.53
C GLN ID 213 -67.78 -15.27 121.82
N VAL ID 214 -68.17 -14.48 120.83
CA VAL ID 214 -68.12 -13.03 120.95
C VAL ID 214 -69.52 -12.48 121.13
N TRP ID 215 -69.60 -11.23 121.58
CA TRP ID 215 -70.83 -10.44 121.53
C TRP ID 215 -70.39 -9.00 121.35
N SER ID 216 -70.25 -8.59 120.10
CA SER ID 216 -69.80 -7.24 119.82
C SER ID 216 -70.99 -6.30 119.64
N HIS ID 217 -70.73 -5.01 119.82
CA HIS ID 217 -71.73 -3.97 119.70
C HIS ID 217 -71.22 -2.92 118.75
N ASP ID 218 -72.15 -2.19 118.12
CA ASP ID 218 -71.78 -1.12 117.20
C ASP ID 218 -72.87 -0.06 117.28
N VAL ID 219 -72.64 0.95 118.11
CA VAL ID 219 -73.58 2.03 118.32
C VAL ID 219 -73.20 3.19 117.42
N THR ID 220 -74.18 3.78 116.76
CA THR ID 220 -73.98 4.96 115.92
C THR ID 220 -74.74 6.12 116.53
N ILE ID 221 -74.01 7.16 116.91
CA ILE ID 221 -74.58 8.32 117.58
C ILE ID 221 -74.16 9.56 116.81
N VAL ID 222 -75.15 10.32 116.34
CA VAL ID 222 -74.84 11.58 115.65
C VAL ID 222 -74.54 12.66 116.69
N ALA ID 223 -73.68 13.61 116.32
CA ALA ID 223 -73.07 14.50 117.29
C ALA ID 223 -74.04 15.56 117.81
N ASN ID 224 -75.01 15.96 116.99
CA ASN ID 224 -75.96 17.01 117.37
C ASN ID 224 -77.25 16.44 117.95
N SER ID 225 -77.17 15.31 118.65
CA SER ID 225 -78.34 14.63 119.18
C SER ID 225 -78.93 15.40 120.36
N THR ID 226 -80.14 14.98 120.74
CA THR ID 226 -80.73 15.36 122.00
C THR ID 226 -80.19 14.40 123.06
N GLU ID 227 -80.18 14.83 124.32
CA GLU ID 227 -79.75 13.93 125.39
C GLU ID 227 -80.73 12.80 125.60
N ALA ID 228 -82.04 13.10 125.59
CA ALA ID 228 -83.05 12.06 125.72
C ALA ID 228 -83.18 11.22 124.46
N SER ID 229 -82.59 11.64 123.35
CA SER ID 229 -82.51 10.78 122.18
C SER ID 229 -81.46 9.70 122.37
N ARG ID 230 -80.35 10.02 123.04
CA ARG ID 230 -79.34 9.01 123.34
C ARG ID 230 -79.70 8.21 124.58
N LYS ID 231 -80.44 8.82 125.51
CA LYS ID 231 -80.84 8.12 126.73
C LYS ID 231 -81.90 7.07 126.43
N SER ID 232 -82.79 7.35 125.47
CA SER ID 232 -83.83 6.38 125.13
C SER ID 232 -83.30 5.26 124.26
N LEU ID 233 -82.25 5.50 123.48
CA LEU ID 233 -81.63 4.43 122.71
C LEU ID 233 -80.92 3.44 123.62
N TYR ID 234 -80.29 3.93 124.68
CA TYR ID 234 -79.66 3.05 125.65
C TYR ID 234 -80.71 2.29 126.46
N ASP ID 235 -81.77 2.98 126.88
CA ASP ID 235 -82.81 2.37 127.69
C ASP ID 235 -83.62 1.32 126.95
N LEU ID 236 -83.71 1.41 125.62
CA LEU ID 236 -84.39 0.38 124.86
C LEU ID 236 -83.50 -0.85 124.65
N THR ID 237 -82.20 -0.62 124.39
CA THR ID 237 -81.29 -1.73 124.18
C THR ID 237 -80.99 -2.47 125.48
N LYS ID 238 -80.95 -1.74 126.60
CA LYS ID 238 -80.81 -2.38 127.90
C LYS ID 238 -82.05 -3.23 128.22
N SER ID 239 -83.22 -2.78 127.78
CA SER ID 239 -84.43 -3.56 127.97
C SER ID 239 -84.63 -4.62 126.90
N LEU ID 240 -83.91 -4.52 125.78
CA LEU ID 240 -84.02 -5.55 124.75
C LEU ID 240 -83.24 -6.79 125.14
N VAL ID 241 -82.01 -6.61 125.62
CA VAL ID 241 -81.16 -7.72 126.05
C VAL ID 241 -81.76 -8.42 127.27
N ALA ID 242 -82.44 -7.68 128.14
CA ALA ID 242 -83.00 -8.25 129.35
C ALA ID 242 -84.30 -9.01 129.13
N THR ID 243 -84.79 -9.14 127.90
CA THR ID 243 -86.01 -9.88 127.66
C THR ID 243 -85.75 -11.38 127.69
N SER ID 244 -86.85 -12.15 127.70
CA SER ID 244 -86.76 -13.60 127.70
C SER ID 244 -86.68 -14.18 126.29
N GLN ID 245 -86.74 -13.34 125.26
CA GLN ID 245 -86.69 -13.85 123.90
C GLN ID 245 -85.27 -13.75 123.32
N VAL ID 246 -84.54 -12.69 123.67
CA VAL ID 246 -83.15 -12.58 123.26
C VAL ID 246 -82.27 -13.50 124.09
N GLU ID 247 -82.71 -13.88 125.29
CA GLU ID 247 -82.05 -14.94 126.04
C GLU ID 247 -82.13 -16.26 125.28
N ASP ID 248 -83.34 -16.65 124.86
CA ASP ID 248 -83.53 -17.90 124.16
C ASP ID 248 -83.04 -17.85 122.72
N LEU ID 249 -82.83 -16.66 122.16
CA LEU ID 249 -82.24 -16.57 120.83
C LEU ID 249 -80.76 -16.91 120.86
N VAL ID 250 -80.09 -16.64 121.97
CA VAL ID 250 -78.67 -16.95 122.11
C VAL ID 250 -78.47 -18.36 122.67
N VAL ID 251 -79.26 -18.73 123.68
CA VAL ID 251 -79.08 -20.04 124.31
C VAL ID 251 -79.62 -21.16 123.43
N ASN ID 252 -80.84 -20.99 122.89
CA ASN ID 252 -81.52 -22.08 122.20
C ASN ID 252 -81.79 -21.81 120.73
N LEU ID 253 -81.36 -20.67 120.19
CA LEU ID 253 -81.42 -20.32 118.76
C LEU ID 253 -82.85 -20.27 118.20
N VAL ID 254 -83.85 -20.08 119.06
CA VAL ID 254 -85.21 -19.88 118.60
C VAL ID 254 -85.38 -18.40 118.24
N PRO ID 255 -85.94 -18.08 117.07
CA PRO ID 255 -86.06 -16.67 116.67
C PRO ID 255 -87.05 -15.89 117.52
N LEU ID 256 -87.04 -14.58 117.32
CA LEU ID 256 -87.81 -13.66 118.16
C LEU ID 256 -89.29 -13.67 117.78
N GLY ID 257 -90.10 -13.13 118.67
CA GLY ID 257 -91.51 -12.95 118.41
C GLY ID 257 -92.39 -14.06 118.95
N ARG ID 258 -93.21 -13.74 119.94
CA ARG ID 258 -94.21 -14.67 120.44
C ARG ID 258 -95.58 -14.00 120.48
N SER JD 1 -44.04 56.36 135.44
CA SER JD 1 -44.74 56.07 134.19
C SER JD 1 -45.98 55.22 134.46
N LYS JD 2 -46.22 54.25 133.59
CA LYS JD 2 -47.36 53.34 133.71
C LYS JD 2 -46.88 52.04 134.31
N THR JD 3 -47.55 51.59 135.36
CA THR JD 3 -47.10 50.46 136.17
C THR JD 3 -48.15 49.36 136.22
N ILE JD 4 -47.68 48.12 136.35
CA ILE JD 4 -48.49 46.97 136.74
C ILE JD 4 -47.92 46.44 138.05
N VAL JD 5 -48.78 46.09 138.98
CA VAL JD 5 -48.37 45.52 140.26
C VAL JD 5 -48.72 44.04 140.27
N LEU JD 6 -47.79 43.22 140.73
CA LEU JD 6 -47.96 41.77 140.80
C LEU JD 6 -47.71 41.34 142.24
N SER JD 7 -48.79 41.17 143.01
CA SER JD 7 -48.67 40.79 144.41
C SER JD 7 -48.40 39.29 144.51
N VAL JD 8 -47.30 38.94 145.19
CA VAL JD 8 -46.85 37.55 145.26
C VAL JD 8 -47.03 37.17 146.74
N GLY JD 9 -48.07 37.72 147.34
CA GLY JD 9 -48.30 37.57 148.76
C GLY JD 9 -48.43 38.94 149.40
N GLU JD 10 -47.44 39.32 150.20
CA GLU JD 10 -47.30 40.70 150.63
C GLU JD 10 -46.21 41.44 149.87
N ALA JD 11 -45.31 40.73 149.19
CA ALA JD 11 -44.30 41.36 148.36
C ALA JD 11 -44.90 41.76 147.02
N THR JD 12 -44.83 43.05 146.70
CA THR JD 12 -45.37 43.58 145.47
C THR JD 12 -44.21 43.96 144.56
N ARG JD 13 -44.25 43.48 143.32
CA ARG JD 13 -43.20 43.75 142.33
C ARG JD 13 -43.81 44.59 141.21
N THR JD 14 -43.48 45.87 141.19
CA THR JD 14 -44.09 46.81 140.26
C THR JD 14 -43.24 46.93 139.00
N LEU JD 15 -43.83 46.64 137.86
CA LEU JD 15 -43.16 46.73 136.57
C LEU JD 15 -43.54 48.03 135.87
N THR JD 16 -42.53 48.84 135.54
CA THR JD 16 -42.77 50.12 134.88
C THR JD 16 -42.50 49.98 133.40
N GLU JD 17 -43.12 50.86 132.62
CA GLU JD 17 -43.12 50.74 131.16
C GLU JD 17 -41.88 51.39 130.58
N ILE JD 18 -41.24 50.68 129.65
CA ILE JD 18 -40.05 51.18 128.97
C ILE JD 18 -40.22 51.33 127.47
N GLN JD 19 -41.38 50.96 126.92
CA GLN JD 19 -41.61 51.08 125.48
C GLN JD 19 -43.12 51.10 125.24
N SER JD 20 -43.54 51.88 124.25
CA SER JD 20 -44.95 51.94 123.86
C SER JD 20 -44.99 52.16 122.36
N THR JD 21 -45.10 51.08 121.59
CA THR JD 21 -45.23 51.17 120.15
C THR JD 21 -46.74 51.19 119.86
N ALA JD 22 -47.14 51.03 118.60
CA ALA JD 22 -48.56 50.99 118.26
C ALA JD 22 -49.21 49.72 118.80
N ASP JD 23 -48.48 48.61 118.79
CA ASP JD 23 -48.98 47.36 119.34
C ASP JD 23 -48.14 46.82 120.50
N ARG JD 24 -46.81 46.82 120.38
CA ARG JD 24 -45.98 46.27 121.43
C ARG JD 24 -45.88 47.23 122.60
N GLN JD 25 -45.68 46.67 123.79
CA GLN JD 25 -45.74 47.45 125.03
C GLN JD 25 -44.94 46.70 126.08
N ILE JD 26 -43.71 47.16 126.33
CA ILE JD 26 -42.74 46.42 127.12
C ILE JD 26 -42.66 47.02 128.52
N PHE JD 27 -42.72 46.16 129.54
CA PHE JD 27 -42.58 46.55 130.93
C PHE JD 27 -41.33 45.91 131.52
N GLU JD 28 -40.77 46.57 132.53
CA GLU JD 28 -39.63 46.03 133.25
C GLU JD 28 -39.71 46.44 134.71
N GLU JD 29 -39.13 45.62 135.57
CA GLU JD 29 -38.94 45.99 136.96
C GLU JD 29 -37.61 46.73 137.09
N LYS JD 30 -37.58 47.70 137.99
CA LYS JD 30 -36.43 48.60 138.10
C LYS JD 30 -35.55 48.33 139.31
N VAL JD 31 -35.89 47.35 140.14
CA VAL JD 31 -35.10 47.04 141.32
C VAL JD 31 -34.06 45.99 140.97
N GLY JD 32 -32.81 46.25 141.34
CA GLY JD 32 -31.76 45.26 141.21
C GLY JD 32 -30.69 45.64 140.20
N PRO JD 33 -29.90 44.65 139.76
CA PRO JD 33 -28.89 44.90 138.73
C PRO JD 33 -29.49 45.23 137.37
N LEU JD 34 -28.67 45.76 136.47
CA LEU JD 34 -29.14 46.29 135.20
C LEU JD 34 -29.15 45.26 134.09
N VAL JD 35 -28.67 44.05 134.32
CA VAL JD 35 -28.49 43.10 133.23
C VAL JD 35 -29.62 42.06 133.18
N GLY JD 36 -30.13 41.63 134.33
CA GLY JD 36 -31.23 40.70 134.34
C GLY JD 36 -32.40 41.19 135.17
N ARG JD 37 -33.52 41.49 134.52
CA ARG JD 37 -34.71 42.00 135.18
C ARG JD 37 -35.95 41.31 134.62
N LEU JD 38 -37.07 41.55 135.26
CA LEU JD 38 -38.35 41.04 134.76
C LEU JD 38 -38.73 41.73 133.47
N ARG JD 39 -39.60 41.09 132.71
CA ARG JD 39 -39.98 41.59 131.39
C ARG JD 39 -41.41 41.15 131.10
N LEU JD 40 -42.16 42.02 130.43
CA LEU JD 40 -43.56 41.73 130.13
C LEU JD 40 -43.87 42.37 128.78
N THR JD 41 -43.77 41.58 127.72
CA THR JD 41 -43.93 42.10 126.36
C THR JD 41 -45.38 41.88 125.95
N ALA JD 42 -46.24 42.82 126.34
CA ALA JD 42 -47.64 42.78 125.94
C ALA JD 42 -47.79 43.20 124.48
N SER JD 43 -48.92 42.80 123.89
CA SER JD 43 -49.22 43.11 122.50
C SER JD 43 -50.72 42.97 122.29
N LEU JD 44 -51.17 43.43 121.11
CA LEU JD 44 -52.55 43.30 120.68
C LEU JD 44 -52.59 43.53 119.17
N ARG JD 45 -53.45 42.78 118.49
CA ARG JD 45 -53.55 42.84 117.04
C ARG JD 45 -55.00 42.64 116.62
N GLN JD 46 -55.24 42.73 115.32
CA GLN JD 46 -56.48 42.22 114.71
C GLN JD 46 -56.15 41.81 113.27
N ASN JD 47 -55.88 40.52 113.09
CA ASN JD 47 -55.42 40.01 111.81
C ASN JD 47 -56.59 39.49 110.99
N GLY JD 48 -56.45 39.58 109.67
CA GLY JD 48 -57.47 39.10 108.75
C GLY JD 48 -58.46 40.18 108.37
N ALA JD 49 -59.74 39.83 108.31
CA ALA JD 49 -60.78 40.78 107.92
C ALA JD 49 -61.40 41.43 109.15
N LYS JD 50 -60.52 41.90 110.04
CA LYS JD 50 -60.84 42.76 111.20
C LYS JD 50 -61.87 42.12 112.14
N THR JD 51 -61.88 40.79 112.24
CA THR JD 51 -62.90 40.11 113.00
C THR JD 51 -62.39 39.38 114.24
N ALA JD 52 -61.09 39.17 114.36
CA ALA JD 52 -60.54 38.43 115.49
C ALA JD 52 -59.32 39.18 116.01
N TYR JD 53 -59.30 39.42 117.31
CA TYR JD 53 -58.16 40.04 117.96
C TYR JD 53 -57.16 38.98 118.43
N ARG JD 54 -56.02 39.43 118.93
CA ARG JD 54 -55.00 38.49 119.39
C ARG JD 54 -54.17 39.17 120.48
N VAL JD 55 -54.49 38.86 121.73
CA VAL JD 55 -53.67 39.27 122.86
C VAL JD 55 -52.47 38.35 122.96
N ASN JD 56 -51.31 38.91 123.31
CA ASN JD 56 -50.08 38.14 123.29
C ASN JD 56 -49.17 38.66 124.40
N LEU JD 57 -49.22 38.02 125.57
CA LEU JD 57 -48.34 38.35 126.67
C LEU JD 57 -47.12 37.43 126.68
N LYS JD 58 -46.06 37.87 127.35
CA LYS JD 58 -44.83 37.10 127.44
C LYS JD 58 -44.06 37.59 128.67
N LEU JD 59 -44.00 36.75 129.70
CA LEU JD 59 -43.35 37.11 130.95
C LEU JD 59 -42.00 36.41 131.02
N ASP JD 60 -40.94 37.10 130.59
CA ASP JD 60 -39.59 36.58 130.72
C ASP JD 60 -39.15 36.66 132.18
N GLN JD 61 -38.18 35.82 132.54
CA GLN JD 61 -37.54 35.91 133.84
C GLN JD 61 -36.15 35.30 133.73
N ALA JD 62 -35.13 36.12 133.91
CA ALA JD 62 -33.75 35.69 133.86
C ALA JD 62 -33.22 35.52 135.27
N ASP JD 63 -32.37 34.51 135.47
CA ASP JD 63 -31.77 34.25 136.77
C ASP JD 63 -30.33 34.75 136.72
N VAL JD 64 -30.12 35.94 137.25
CA VAL JD 64 -28.81 36.58 137.24
C VAL JD 64 -28.04 36.12 138.47
N VAL JD 65 -26.73 35.94 138.30
CA VAL JD 65 -25.84 35.56 139.40
C VAL JD 65 -24.66 36.52 139.40
N ASP JD 66 -24.26 36.98 140.58
CA ASP JD 66 -23.14 37.89 140.74
C ASP JD 66 -22.26 37.39 141.88
N CYS JD 67 -21.07 36.90 141.53
CA CYS JD 67 -20.11 36.38 142.49
C CYS JD 67 -18.75 37.03 142.31
N SER JD 68 -18.75 38.36 142.32
CA SER JD 68 -17.51 39.12 142.40
C SER JD 68 -16.81 38.93 143.75
N THR JD 69 -17.54 38.50 144.78
CA THR JD 69 -16.92 38.19 146.07
C THR JD 69 -16.08 36.92 145.96
N SER JD 70 -16.55 35.94 145.19
CA SER JD 70 -15.82 34.69 145.04
C SER JD 70 -14.69 34.83 144.02
N VAL JD 71 -15.03 35.14 142.78
CA VAL JD 71 -14.03 35.34 141.73
C VAL JD 71 -13.71 36.83 141.69
N CYS JD 72 -12.44 37.16 141.89
CA CYS JD 72 -12.02 38.56 141.93
C CYS JD 72 -11.96 39.13 140.52
N GLY JD 73 -12.88 40.03 140.21
CA GLY JD 73 -12.88 40.74 138.95
C GLY JD 73 -13.92 40.31 137.95
N GLU JD 74 -15.02 39.70 138.39
CA GLU JD 74 -16.09 39.31 137.49
C GLU JD 74 -17.33 40.16 137.76
N LEU JD 75 -18.22 40.16 136.77
CA LEU JD 75 -19.39 41.05 136.75
C LEU JD 75 -20.65 40.21 136.85
N PRO JD 76 -21.81 40.81 137.16
CA PRO JD 76 -23.07 40.03 137.13
C PRO JD 76 -23.42 39.56 135.72
N LYS JD 77 -24.14 38.45 135.67
CA LYS JD 77 -24.39 37.73 134.43
C LYS JD 77 -25.57 36.80 134.66
N VAL JD 78 -26.39 36.61 133.63
CA VAL JD 78 -27.56 35.74 133.72
C VAL JD 78 -27.18 34.34 133.24
N ARG JD 79 -27.74 33.33 133.90
CA ARG JD 79 -27.51 31.95 133.46
C ARG JD 79 -28.52 31.55 132.40
N TYR JD 80 -29.81 31.58 132.74
CA TYR JD 80 -30.87 31.09 131.87
C TYR JD 80 -32.05 32.05 131.93
N THR JD 81 -32.98 31.87 131.00
CA THR JD 81 -34.25 32.60 131.02
C THR JD 81 -35.40 31.60 130.94
N GLN JD 82 -36.44 31.86 131.73
CA GLN JD 82 -37.64 31.04 131.74
C GLN JD 82 -38.84 31.94 131.46
N VAL JD 83 -39.59 31.62 130.41
CA VAL JD 83 -40.69 32.47 129.97
C VAL JD 83 -42.02 31.77 130.25
N TRP JD 84 -43.10 32.54 130.13
CA TRP JD 84 -44.46 32.00 130.18
C TRP JD 84 -45.29 32.87 129.25
N SER JD 85 -45.44 32.43 128.01
CA SER JD 85 -46.19 33.19 127.04
C SER JD 85 -47.69 32.93 127.18
N HIS JD 86 -48.48 33.79 126.56
CA HIS JD 86 -49.91 33.64 126.44
C HIS JD 86 -50.31 33.96 125.01
N ASP JD 87 -51.43 33.41 124.56
CA ASP JD 87 -51.94 33.70 123.22
C ASP JD 87 -53.46 33.58 123.27
N VAL JD 88 -54.11 34.70 123.48
CA VAL JD 88 -55.56 34.75 123.59
C VAL JD 88 -56.13 35.14 122.23
N THR JD 89 -57.17 34.43 121.79
CA THR JD 89 -57.85 34.76 120.55
C THR JD 89 -59.28 35.15 120.87
N ILE JD 90 -59.64 36.39 120.55
CA ILE JD 90 -60.96 36.94 120.83
C ILE JD 90 -61.59 37.37 119.52
N VAL JD 91 -62.75 36.83 119.21
CA VAL JD 91 -63.51 37.26 118.04
C VAL JD 91 -64.34 38.48 118.41
N ALA JD 92 -64.49 39.40 117.44
CA ALA JD 92 -64.92 40.75 117.76
C ALA JD 92 -66.42 40.83 118.04
N ASN JD 93 -67.22 39.95 117.44
CA ASN JD 93 -68.66 39.97 117.62
C ASN JD 93 -69.13 39.11 118.79
N SER JD 94 -68.28 38.90 119.78
CA SER JD 94 -68.61 38.07 120.93
C SER JD 94 -69.61 38.76 121.84
N THR JD 95 -70.17 37.99 122.76
CA THR JD 95 -70.88 38.55 123.89
C THR JD 95 -69.89 38.74 125.04
N GLU JD 96 -70.27 39.58 125.99
CA GLU JD 96 -69.35 39.91 127.08
C GLU JD 96 -69.19 38.75 128.05
N ALA JD 97 -70.22 37.91 128.20
CA ALA JD 97 -70.11 36.75 129.07
C ALA JD 97 -69.23 35.66 128.47
N SER JD 98 -69.01 35.68 127.16
CA SER JD 98 -68.06 34.75 126.56
C SER JD 98 -66.62 35.14 126.89
N ARG JD 99 -66.30 36.43 126.75
CA ARG JD 99 -64.96 36.92 127.06
C ARG JD 99 -64.68 36.91 128.56
N LYS JD 100 -65.73 37.02 129.38
CA LYS JD 100 -65.52 37.01 130.83
C LYS JD 100 -65.31 35.60 131.34
N SER JD 101 -66.03 34.63 130.77
CA SER JD 101 -65.88 33.24 131.23
C SER JD 101 -64.57 32.64 130.78
N LEU JD 102 -64.08 33.03 129.59
CA LEU JD 102 -62.77 32.56 129.13
C LEU JD 102 -61.66 33.09 130.02
N TYR JD 103 -61.80 34.31 130.52
CA TYR JD 103 -60.84 34.82 131.49
C TYR JD 103 -61.02 34.15 132.85
N ASP JD 104 -62.26 33.93 133.26
CA ASP JD 104 -62.52 33.33 134.57
C ASP JD 104 -62.12 31.86 134.64
N LEU JD 105 -62.10 31.15 133.51
CA LEU JD 105 -61.66 29.77 133.54
C LEU JD 105 -60.14 29.67 133.52
N THR JD 106 -59.48 30.58 132.80
CA THR JD 106 -58.01 30.56 132.75
C THR JD 106 -57.41 31.14 134.02
N LYS JD 107 -58.12 32.05 134.68
CA LYS JD 107 -57.69 32.52 136.00
C LYS JD 107 -57.73 31.40 137.02
N SER JD 108 -58.68 30.48 136.89
CA SER JD 108 -58.76 29.33 137.76
C SER JD 108 -57.99 28.13 137.25
N LEU JD 109 -57.60 28.13 135.98
CA LEU JD 109 -56.72 27.07 135.48
C LEU JD 109 -55.32 27.21 136.06
N VAL JD 110 -54.79 28.43 136.08
CA VAL JD 110 -53.45 28.65 136.60
C VAL JD 110 -53.42 28.50 138.11
N ALA JD 111 -54.51 28.86 138.78
CA ALA JD 111 -54.52 28.89 140.23
C ALA JD 111 -54.74 27.52 140.87
N THR JD 112 -54.87 26.45 140.09
CA THR JD 112 -55.09 25.13 140.68
C THR JD 112 -53.76 24.49 141.06
N SER JD 113 -53.85 23.42 141.85
CA SER JD 113 -52.65 22.73 142.32
C SER JD 113 -52.10 21.74 141.31
N GLN JD 114 -52.76 21.53 140.18
CA GLN JD 114 -52.27 20.58 139.19
C GLN JD 114 -51.41 21.25 138.14
N VAL JD 115 -51.64 22.52 137.85
CA VAL JD 115 -50.78 23.25 136.94
C VAL JD 115 -49.56 23.77 137.68
N GLU JD 116 -49.69 23.98 138.99
CA GLU JD 116 -48.55 24.34 139.82
C GLU JD 116 -47.50 23.23 139.84
N ASP JD 117 -47.94 21.98 140.03
CA ASP JD 117 -47.01 20.86 139.99
C ASP JD 117 -46.55 20.54 138.59
N LEU JD 118 -47.26 20.99 137.56
CA LEU JD 118 -46.86 20.72 136.19
C LEU JD 118 -45.66 21.56 135.76
N VAL JD 119 -45.52 22.76 136.30
CA VAL JD 119 -44.43 23.63 135.88
C VAL JD 119 -43.31 23.65 136.92
N VAL JD 120 -43.61 23.27 138.16
CA VAL JD 120 -42.57 23.23 139.17
C VAL JD 120 -41.92 21.85 139.20
N ASN JD 121 -42.71 20.80 139.38
CA ASN JD 121 -42.20 19.45 139.57
C ASN JD 121 -42.42 18.55 138.36
N LEU JD 122 -42.91 19.11 137.25
CA LEU JD 122 -43.08 18.43 135.96
C LEU JD 122 -44.04 17.25 136.03
N VAL JD 123 -44.95 17.23 137.00
CA VAL JD 123 -45.93 16.16 137.14
C VAL JD 123 -47.03 16.36 136.09
N PRO JD 124 -47.45 15.32 135.38
CA PRO JD 124 -48.52 15.49 134.39
C PRO JD 124 -49.87 15.79 135.03
N LEU JD 125 -50.81 16.17 134.17
CA LEU JD 125 -52.10 16.67 134.61
C LEU JD 125 -53.06 15.53 134.92
N GLY JD 126 -54.03 15.83 135.79
CA GLY JD 126 -55.07 14.88 136.10
C GLY JD 126 -54.79 14.06 137.35
N ARG JD 127 -55.73 14.06 138.28
CA ARG JD 127 -55.65 13.24 139.48
C ARG JD 127 -56.99 12.53 139.67
N ALA JD 128 -56.96 11.21 139.59
CA ALA JD 128 -58.18 10.41 139.68
C ALA JD 128 -58.61 10.28 141.13
N TYR JD 129 -59.64 11.03 141.51
CA TYR JD 129 -60.21 10.96 142.86
C TYR JD 129 -61.57 10.26 142.75
N GLY JD 130 -61.53 8.93 142.79
CA GLY JD 130 -62.73 8.12 142.69
C GLY JD 130 -63.42 8.20 141.34
N GLY JD 131 -62.75 7.71 140.30
CA GLY JD 131 -63.32 7.76 138.96
C GLY JD 131 -62.28 7.98 137.89
N SER JD 132 -62.54 8.90 136.98
CA SER JD 132 -61.61 9.22 135.91
C SER JD 132 -60.61 10.28 136.36
N LYS JD 133 -59.62 10.53 135.52
CA LYS JD 133 -58.65 11.59 135.78
C LYS JD 133 -59.31 12.93 135.47
N THR JD 134 -59.51 13.75 136.48
CA THR JD 134 -60.32 14.95 136.37
C THR JD 134 -59.56 16.19 136.82
N ILE JD 135 -59.94 17.33 136.26
CA ILE JD 135 -59.48 18.64 136.70
C ILE JD 135 -60.71 19.44 137.07
N VAL JD 136 -60.67 20.11 138.22
CA VAL JD 136 -61.79 20.93 138.68
C VAL JD 136 -61.40 22.40 138.54
N LEU JD 137 -62.18 23.15 137.78
CA LEU JD 137 -61.94 24.57 137.55
C LEU JD 137 -63.06 25.36 138.22
N SER JD 138 -62.87 25.70 139.49
CA SER JD 138 -63.89 26.41 140.25
C SER JD 138 -63.95 27.86 139.82
N VAL JD 139 -65.18 28.33 139.56
CA VAL JD 139 -65.40 29.71 139.10
C VAL JD 139 -66.17 30.39 140.22
N GLY JD 140 -65.86 30.02 141.46
CA GLY JD 140 -66.60 30.48 142.61
C GLY JD 140 -67.26 29.30 143.31
N GLU JD 141 -68.59 29.22 143.22
CA GLU JD 141 -69.30 28.04 143.65
C GLU JD 141 -69.64 27.10 142.49
N ALA JD 142 -69.57 27.58 141.26
CA ALA JD 142 -69.75 26.72 140.10
C ALA JD 142 -68.43 26.03 139.78
N THR JD 143 -68.43 24.70 139.79
CA THR JD 143 -67.25 23.90 139.51
C THR JD 143 -67.47 23.17 138.20
N ARG JD 144 -66.51 23.27 137.29
CA ARG JD 144 -66.60 22.65 135.97
C ARG JD 144 -65.52 21.57 135.88
N THR JD 145 -65.94 20.32 135.90
CA THR JD 145 -65.03 19.18 136.01
C THR JD 145 -64.76 18.60 134.64
N LEU JD 146 -63.52 18.70 134.19
CA LEU JD 146 -63.11 18.16 132.90
C LEU JD 146 -62.45 16.80 133.07
N THR JD 147 -62.97 15.80 132.36
CA THR JD 147 -62.46 14.44 132.46
C THR JD 147 -61.57 14.13 131.26
N GLU JD 148 -60.56 13.29 131.49
CA GLU JD 148 -59.57 12.99 130.46
C GLU JD 148 -60.15 12.06 129.41
N ILE JD 149 -59.96 12.40 128.15
CA ILE JD 149 -60.48 11.60 127.05
C ILE JD 149 -59.39 10.91 126.23
N GLN JD 150 -58.15 11.37 126.31
CA GLN JD 150 -57.07 10.81 125.50
C GLN JD 150 -55.75 11.18 126.13
N SER JD 151 -54.86 10.20 126.29
CA SER JD 151 -53.52 10.41 126.82
C SER JD 151 -52.54 9.77 125.85
N THR JD 152 -52.12 10.54 124.85
CA THR JD 152 -51.15 10.08 123.86
C THR JD 152 -49.76 10.28 124.49
N ALA JD 153 -48.69 9.91 123.77
CA ALA JD 153 -47.35 10.08 124.30
C ALA JD 153 -46.96 11.56 124.38
N ASP JD 154 -47.57 12.39 123.54
CA ASP JD 154 -47.32 13.84 123.56
C ASP JD 154 -48.49 14.61 124.16
N ARG JD 155 -49.69 14.42 123.64
CA ARG JD 155 -50.83 15.22 124.07
C ARG JD 155 -51.52 14.58 125.28
N GLN JD 156 -52.35 15.38 125.94
CA GLN JD 156 -53.17 14.90 127.05
C GLN JD 156 -54.45 15.74 127.05
N ILE JD 157 -55.48 15.25 126.39
CA ILE JD 157 -56.67 16.04 126.10
C ILE JD 157 -57.71 15.82 127.20
N PHE JD 158 -58.20 16.90 127.78
CA PHE JD 158 -59.29 16.87 128.73
C PHE JD 158 -60.51 17.52 128.08
N GLU JD 159 -61.69 17.21 128.62
CA GLU JD 159 -62.93 17.68 128.05
C GLU JD 159 -64.04 17.57 129.09
N GLU JD 160 -64.91 18.57 129.12
CA GLU JD 160 -66.11 18.48 129.95
C GLU JD 160 -67.12 17.55 129.31
N LYS JD 161 -68.03 17.03 130.13
CA LYS JD 161 -68.93 15.98 129.68
C LYS JD 161 -70.41 16.33 129.77
N VAL JD 162 -70.76 17.42 130.42
CA VAL JD 162 -72.17 17.82 130.47
C VAL JD 162 -72.52 18.63 129.23
N GLY JD 163 -73.82 18.65 128.91
CA GLY JD 163 -74.31 19.45 127.82
C GLY JD 163 -74.32 18.71 126.49
N PRO JD 164 -74.47 19.45 125.39
CA PRO JD 164 -74.45 18.82 124.07
C PRO JD 164 -73.05 18.36 123.69
N LEU JD 165 -73.01 17.50 122.69
CA LEU JD 165 -71.74 16.92 122.24
C LEU JD 165 -71.01 17.78 121.23
N VAL JD 166 -71.63 18.84 120.73
CA VAL JD 166 -71.04 19.57 119.62
C VAL JD 166 -70.03 20.62 120.11
N GLY JD 167 -70.31 21.30 121.22
CA GLY JD 167 -69.36 22.26 121.76
C GLY JD 167 -69.11 22.05 123.24
N ARG JD 168 -67.87 21.72 123.60
CA ARG JD 168 -67.51 21.48 124.98
C ARG JD 168 -66.14 22.08 125.25
N LEU JD 169 -65.80 22.19 126.53
CA LEU JD 169 -64.49 22.69 126.93
C LEU JD 169 -63.39 21.72 126.54
N ARG JD 170 -62.19 22.25 126.36
CA ARG JD 170 -61.04 21.44 125.99
C ARG JD 170 -59.85 21.89 126.82
N LEU JD 171 -58.89 20.99 126.99
CA LEU JD 171 -57.65 21.31 127.68
C LEU JD 171 -56.59 20.40 127.08
N THR JD 172 -55.81 20.93 126.13
CA THR JD 172 -54.82 20.14 125.43
C THR JD 172 -53.46 20.47 126.02
N ALA JD 173 -53.07 19.72 127.05
CA ALA JD 173 -51.74 19.84 127.62
C ALA JD 173 -50.73 19.08 126.76
N SER JD 174 -49.48 19.49 126.87
CA SER JD 174 -48.37 18.81 126.20
C SER JD 174 -47.10 19.07 127.00
N LEU JD 175 -46.05 18.35 126.63
CA LEU JD 175 -44.76 18.48 127.31
C LEU JD 175 -43.69 17.91 126.39
N ARG JD 176 -42.70 18.73 126.06
CA ARG JD 176 -41.62 18.32 125.17
C ARG JD 176 -40.29 18.65 125.82
N GLN JD 177 -39.21 18.28 125.12
CA GLN JD 177 -37.87 18.77 125.43
C GLN JD 177 -37.06 18.79 124.14
N ASN JD 178 -36.81 19.99 123.64
CA ASN JD 178 -36.14 20.17 122.36
C ASN JD 178 -34.65 20.42 122.58
N GLY JD 179 -33.84 19.83 121.70
CA GLY JD 179 -32.41 20.01 121.75
C GLY JD 179 -31.70 18.92 122.51
N ALA JD 180 -30.61 19.27 123.19
CA ALA JD 180 -29.83 18.29 123.94
C ALA JD 180 -30.28 18.20 125.40
N LYS JD 181 -31.60 18.00 125.58
CA LYS JD 181 -32.23 17.71 126.86
C LYS JD 181 -32.00 18.82 127.90
N THR JD 182 -31.90 20.07 127.44
CA THR JD 182 -31.59 21.18 128.31
C THR JD 182 -32.82 21.96 128.77
N ALA JD 183 -33.88 22.00 127.96
CA ALA JD 183 -35.03 22.82 128.29
C ALA JD 183 -36.31 22.07 127.97
N TYR JD 184 -37.30 22.20 128.86
CA TYR JD 184 -38.61 21.60 128.66
C TYR JD 184 -39.53 22.61 127.96
N ARG JD 185 -40.75 22.17 127.65
CA ARG JD 185 -41.72 23.04 126.99
C ARG JD 185 -43.12 22.55 127.36
N VAL JD 186 -43.74 23.22 128.32
CA VAL JD 186 -45.12 22.95 128.69
C VAL JD 186 -46.03 23.75 127.78
N ASN JD 187 -47.19 23.19 127.43
CA ASN JD 187 -48.07 23.84 126.45
C ASN JD 187 -49.51 23.49 126.78
N LEU JD 188 -50.19 24.39 127.49
CA LEU JD 188 -51.62 24.25 127.74
C LEU JD 188 -52.41 25.05 126.70
N LYS JD 189 -53.69 24.71 126.58
CA LYS JD 189 -54.57 25.38 125.61
C LYS JD 189 -56.02 25.11 126.00
N LEU JD 190 -56.79 26.17 126.18
CA LEU JD 190 -58.18 26.06 126.65
C LEU JD 190 -59.11 26.55 125.54
N ASP JD 191 -59.79 25.63 124.88
CA ASP JD 191 -60.77 25.96 123.86
C ASP JD 191 -62.15 26.14 124.48
N GLN JD 192 -62.80 27.24 124.15
CA GLN JD 192 -64.18 27.46 124.57
C GLN JD 192 -64.99 27.87 123.35
N ALA JD 193 -65.97 27.05 122.99
CA ALA JD 193 -66.85 27.32 121.88
C ALA JD 193 -68.22 27.73 122.40
N ASP JD 194 -68.83 28.71 121.75
CA ASP JD 194 -70.14 29.21 122.14
C ASP JD 194 -71.20 28.47 121.35
N VAL JD 195 -71.98 27.64 122.04
CA VAL JD 195 -73.04 26.86 121.42
C VAL JD 195 -74.38 27.53 121.73
N VAL JD 196 -75.27 27.52 120.74
CA VAL JD 196 -76.60 28.12 120.87
C VAL JD 196 -77.61 27.23 120.17
N ASP JD 197 -78.84 27.25 120.65
CA ASP JD 197 -79.93 26.53 120.00
C ASP JD 197 -81.24 27.31 120.16
N CYS JD 198 -82.04 27.29 119.10
CA CYS JD 198 -83.37 27.89 119.11
C CYS JD 198 -84.42 26.91 118.62
N SER JD 199 -84.44 25.70 119.18
CA SER JD 199 -85.53 24.76 118.93
C SER JD 199 -86.85 25.26 119.49
N THR JD 200 -86.82 26.16 120.48
CA THR JD 200 -88.05 26.82 120.93
C THR JD 200 -88.49 27.91 119.96
N SER JD 201 -87.60 28.37 119.08
CA SER JD 201 -87.92 29.40 118.11
C SER JD 201 -88.09 28.83 116.69
N VAL JD 202 -87.08 28.12 116.20
CA VAL JD 202 -87.12 27.52 114.87
C VAL JD 202 -87.14 26.01 115.04
N CYS JD 203 -88.14 25.36 114.44
CA CYS JD 203 -88.27 23.92 114.55
C CYS JD 203 -87.18 23.17 113.78
N GLY JD 204 -86.82 22.00 114.29
CA GLY JD 204 -85.82 21.17 113.66
C GLY JD 204 -84.42 21.74 113.71
N GLU JD 205 -84.12 22.56 114.70
CA GLU JD 205 -82.82 23.20 114.83
C GLU JD 205 -82.07 22.55 115.98
N LEU JD 206 -81.00 21.84 115.65
CA LEU JD 206 -80.11 21.26 116.62
C LEU JD 206 -79.04 22.28 117.01
N PRO JD 207 -78.41 22.12 118.18
CA PRO JD 207 -77.38 23.10 118.60
C PRO JD 207 -76.17 23.10 117.69
N LYS JD 208 -75.54 24.27 117.60
CA LYS JD 208 -74.37 24.47 116.76
C LYS JD 208 -73.49 25.53 117.40
N VAL JD 209 -72.24 25.59 116.97
CA VAL JD 209 -71.26 26.52 117.52
C VAL JD 209 -71.21 27.78 116.67
N ARG JD 210 -71.16 28.93 117.33
CA ARG JD 210 -70.99 30.19 116.63
C ARG JD 210 -69.52 30.46 116.33
N TYR JD 211 -68.71 30.60 117.38
CA TYR JD 211 -67.29 30.92 117.27
C TYR JD 211 -66.53 30.08 118.28
N THR JD 212 -65.24 30.36 118.40
CA THR JD 212 -64.44 29.74 119.45
C THR JD 212 -63.36 30.72 119.90
N GLN JD 213 -62.92 30.59 121.14
CA GLN JD 213 -61.93 31.47 121.74
C GLN JD 213 -60.95 30.65 122.53
N VAL JD 214 -59.65 30.84 122.26
CA VAL JD 214 -58.61 30.04 122.88
C VAL JD 214 -57.90 30.89 123.93
N TRP JD 215 -57.14 30.22 124.79
CA TRP JD 215 -56.16 30.85 125.67
C TRP JD 215 -55.07 29.81 125.86
N SER JD 216 -54.07 29.84 124.98
CA SER JD 216 -53.01 28.87 125.05
C SER JD 216 -51.83 29.43 125.86
N HIS JD 217 -51.01 28.52 126.37
CA HIS JD 217 -49.86 28.87 127.17
C HIS JD 217 -48.64 28.17 126.59
N ASP JD 218 -47.47 28.76 126.83
CA ASP JD 218 -46.22 28.16 126.33
C ASP JD 218 -45.13 28.51 127.34
N VAL JD 219 -44.87 27.60 128.27
CA VAL JD 219 -43.88 27.78 129.31
C VAL JD 219 -42.59 27.14 128.86
N THR JD 220 -41.47 27.82 129.08
CA THR JD 220 -40.15 27.29 128.76
C THR JD 220 -39.36 27.18 130.06
N ILE JD 221 -38.99 25.95 130.41
CA ILE JD 221 -38.29 25.67 131.66
C ILE JD 221 -37.01 24.92 131.33
N VAL JD 222 -35.88 25.47 131.73
CA VAL JD 222 -34.61 24.79 131.53
C VAL JD 222 -34.44 23.72 132.60
N ALA JD 223 -33.72 22.65 132.26
CA ALA JD 223 -33.75 21.43 133.07
C ALA JD 223 -32.94 21.57 134.35
N ASN JD 224 -31.90 22.39 134.34
CA ASN JD 224 -31.03 22.55 135.51
C ASN JD 224 -31.43 23.74 136.38
N SER JD 225 -32.72 24.04 136.45
CA SER JD 225 -33.22 25.20 137.17
C SER JD 225 -33.12 25.00 138.68
N THR JD 226 -33.30 26.09 139.40
CA THR JD 226 -33.56 26.05 140.83
C THR JD 226 -35.05 25.81 141.02
N GLU JD 227 -35.44 25.24 142.16
CA GLU JD 227 -36.85 25.04 142.44
C GLU JD 227 -37.56 26.36 142.66
N ALA JD 228 -36.94 27.28 143.41
CA ALA JD 228 -37.54 28.59 143.61
C ALA JD 228 -37.45 29.47 142.37
N SER JD 229 -36.68 29.07 141.36
CA SER JD 229 -36.71 29.75 140.08
C SER JD 229 -37.96 29.36 139.29
N ARG JD 230 -38.40 28.12 139.40
CA ARG JD 230 -39.63 27.69 138.75
C ARG JD 230 -40.85 28.06 139.58
N LYS JD 231 -40.69 28.12 140.91
CA LYS JD 231 -41.81 28.47 141.78
C LYS JD 231 -42.15 29.95 141.66
N SER JD 232 -41.14 30.80 141.44
CA SER JD 232 -41.40 32.23 141.32
C SER JD 232 -41.94 32.58 139.95
N LEU JD 233 -41.61 31.80 138.92
CA LEU JD 233 -42.19 32.04 137.60
C LEU JD 233 -43.67 31.71 137.59
N TYR JD 234 -44.07 30.66 138.30
CA TYR JD 234 -45.47 30.31 138.41
C TYR JD 234 -46.22 31.33 139.25
N ASP JD 235 -45.62 31.75 140.37
CA ASP JD 235 -46.26 32.69 141.28
C ASP JD 235 -46.42 34.08 140.69
N LEU JD 236 -45.59 34.47 139.72
CA LEU JD 236 -45.76 35.75 139.06
C LEU JD 236 -46.84 35.68 138.00
N THR JD 237 -46.89 34.57 137.25
CA THR JD 237 -47.90 34.42 136.20
C THR JD 237 -49.27 34.20 136.80
N LYS JD 238 -49.35 33.49 137.93
CA LYS JD 238 -50.63 33.36 138.64
C LYS JD 238 -51.11 34.71 139.15
N SER JD 239 -50.19 35.57 139.56
CA SER JD 239 -50.54 36.90 140.00
C SER JD 239 -50.71 37.88 138.86
N LEU JD 240 -50.22 37.55 137.66
CA LEU JD 240 -50.40 38.42 136.52
C LEU JD 240 -51.82 38.30 135.96
N VAL JD 241 -52.30 37.06 135.80
CA VAL JD 241 -53.64 36.81 135.29
C VAL JD 241 -54.69 37.32 136.27
N ALA JD 242 -54.41 37.26 137.57
CA ALA JD 242 -55.37 37.68 138.58
C ALA JD 242 -55.48 39.20 138.74
N THR JD 243 -54.75 39.99 137.96
CA THR JD 243 -54.83 41.43 138.09
C THR JD 243 -56.10 41.96 137.41
N SER JD 244 -56.38 43.24 137.65
CA SER JD 244 -57.53 43.88 137.05
C SER JD 244 -57.22 44.50 135.69
N GLN JD 245 -55.97 44.40 135.23
CA GLN JD 245 -55.61 44.98 133.94
C GLN JD 245 -55.62 43.92 132.85
N VAL JD 246 -55.21 42.70 133.16
CA VAL JD 246 -55.28 41.60 132.20
C VAL JD 246 -56.71 41.11 132.06
N GLU JD 247 -57.56 41.35 133.08
CA GLU JD 247 -58.99 41.12 132.93
C GLU JD 247 -59.57 42.06 131.87
N ASP JD 248 -59.29 43.35 131.99
CA ASP JD 248 -59.80 44.32 131.04
C ASP JD 248 -59.10 44.28 129.69
N LEU JD 249 -57.93 43.67 129.61
CA LEU JD 249 -57.27 43.49 128.33
C LEU JD 249 -57.98 42.42 127.49
N VAL JD 250 -58.57 41.44 128.15
CA VAL JD 250 -59.30 40.39 127.43
C VAL JD 250 -60.77 40.78 127.23
N VAL JD 251 -61.41 41.34 128.25
CA VAL JD 251 -62.82 41.67 128.16
C VAL JD 251 -63.04 42.92 127.31
N ASN JD 252 -62.27 43.99 127.54
CA ASN JD 252 -62.52 45.26 126.90
C ASN JD 252 -61.42 45.75 125.99
N LEU JD 253 -60.35 44.98 125.80
CA LEU JD 253 -59.26 45.24 124.86
C LEU JD 253 -58.50 46.55 125.14
N VAL JD 254 -58.55 47.05 126.37
CA VAL JD 254 -57.74 48.19 126.75
C VAL JD 254 -56.35 47.68 127.12
N PRO JD 255 -55.27 48.31 126.61
CA PRO JD 255 -53.92 47.82 126.89
C PRO JD 255 -53.51 48.01 128.35
N LEU JD 256 -52.38 47.41 128.69
CA LEU JD 256 -51.92 47.36 130.07
C LEU JD 256 -51.30 48.69 130.50
N GLY JD 257 -51.14 48.85 131.80
CA GLY JD 257 -50.46 50.00 132.36
C GLY JD 257 -51.38 51.13 132.77
N ARG JD 258 -51.47 51.38 134.07
CA ARG JD 258 -52.20 52.54 134.57
C ARG JD 258 -51.32 53.35 135.52
N SER KD 1 -115.38 -23.65 -97.90
CA SER KD 1 -115.31 -23.22 -96.51
C SER KD 1 -116.13 -21.95 -96.29
N LYS KD 2 -115.60 -21.04 -95.49
CA LYS KD 2 -116.24 -19.77 -95.20
C LYS KD 2 -115.62 -18.68 -96.06
N THR KD 3 -116.47 -17.92 -96.76
CA THR KD 3 -116.02 -16.98 -97.76
C THR KD 3 -116.50 -15.57 -97.46
N ILE KD 4 -115.70 -14.59 -97.89
CA ILE KD 4 -116.09 -13.19 -97.99
C ILE KD 4 -115.98 -12.81 -99.46
N VAL KD 5 -116.98 -12.07 -99.96
CA VAL KD 5 -116.96 -11.59 -101.34
C VAL KD 5 -116.70 -10.09 -101.32
N LEU KD 6 -115.83 -9.64 -102.22
CA LEU KD 6 -115.46 -8.23 -102.34
C LEU KD 6 -115.71 -7.81 -103.77
N SER KD 7 -116.86 -7.18 -104.01
CA SER KD 7 -117.21 -6.74 -105.36
C SER KD 7 -116.48 -5.46 -105.70
N VAL KD 8 -115.73 -5.48 -106.80
CA VAL KD 8 -114.88 -4.36 -107.20
C VAL KD 8 -115.51 -3.82 -108.47
N GLY KD 9 -116.84 -3.88 -108.52
CA GLY KD 9 -117.58 -3.53 -109.71
C GLY KD 9 -118.47 -4.69 -110.11
N GLU KD 10 -118.15 -5.34 -111.22
CA GLU KD 10 -118.73 -6.63 -111.55
C GLU KD 10 -117.78 -7.79 -111.26
N ALA KD 11 -116.50 -7.52 -111.10
CA ALA KD 11 -115.53 -8.56 -110.74
C ALA KD 11 -115.60 -8.82 -109.25
N THR KD 12 -115.90 -10.06 -108.87
CA THR KD 12 -116.00 -10.46 -107.47
C THR KD 12 -114.80 -11.32 -107.13
N ARG KD 13 -114.13 -10.97 -106.04
CA ARG KD 13 -112.94 -11.70 -105.57
C ARG KD 13 -113.27 -12.33 -104.24
N THR KD 14 -113.47 -13.65 -104.24
CA THR KD 14 -113.92 -14.37 -103.06
C THR KD 14 -112.73 -14.92 -102.29
N LEU KD 15 -112.62 -14.52 -101.03
CA LEU KD 15 -111.55 -14.98 -100.15
C LEU KD 15 -112.05 -16.10 -99.25
N THR KD 16 -111.36 -17.24 -99.29
CA THR KD 16 -111.76 -18.39 -98.50
C THR KD 16 -110.86 -18.51 -97.28
N GLU KD 17 -111.36 -19.15 -96.24
CA GLU KD 17 -110.69 -19.17 -94.94
C GLU KD 17 -109.66 -20.28 -94.89
N ILE KD 18 -108.47 -19.96 -94.39
CA ILE KD 18 -107.40 -20.94 -94.26
C ILE KD 18 -106.95 -21.15 -92.81
N GLN KD 19 -107.52 -20.41 -91.85
CA GLN KD 19 -107.15 -20.58 -90.45
C GLN KD 19 -108.28 -20.04 -89.59
N SER KD 20 -108.51 -20.69 -88.45
CA SER KD 20 -109.52 -20.25 -87.49
C SER KD 20 -108.98 -20.56 -86.10
N THR KD 21 -108.35 -19.59 -85.48
CA THR KD 21 -107.86 -19.73 -84.11
C THR KD 21 -108.99 -19.21 -83.20
N ALA KD 22 -108.72 -19.04 -81.91
CA ALA KD 22 -109.74 -18.49 -81.01
C ALA KD 22 -110.02 -17.03 -81.31
N ASP KD 23 -108.99 -16.29 -81.72
CA ASP KD 23 -109.16 -14.89 -82.11
C ASP KD 23 -108.78 -14.62 -83.55
N ARG KD 24 -107.64 -15.12 -84.02
CA ARG KD 24 -107.18 -14.83 -85.38
C ARG KD 24 -107.97 -15.66 -86.39
N GLN KD 25 -108.12 -15.11 -87.59
CA GLN KD 25 -108.98 -15.70 -88.60
C GLN KD 25 -108.49 -15.21 -89.97
N ILE KD 26 -107.76 -16.07 -90.67
CA ILE KD 26 -107.02 -15.68 -91.87
C ILE KD 26 -107.79 -16.14 -93.11
N PHE KD 27 -107.96 -15.24 -94.06
CA PHE KD 27 -108.59 -15.53 -95.34
C PHE KD 27 -107.58 -15.35 -96.46
N GLU KD 28 -107.79 -16.09 -97.55
CA GLU KD 28 -106.96 -15.95 -98.74
C GLU KD 28 -107.81 -16.17 -99.98
N GLU KD 29 -107.39 -15.55 -101.07
CA GLU KD 29 -107.97 -15.83 -102.38
C GLU KD 29 -107.21 -17.01 -103.00
N LYS KD 30 -107.94 -17.85 -103.74
CA LYS KD 30 -107.37 -19.09 -104.25
C LYS KD 30 -107.06 -19.06 -105.74
N VAL KD 31 -107.33 -17.96 -106.41
CA VAL KD 31 -107.07 -17.86 -107.85
C VAL KD 31 -105.67 -17.30 -108.08
N GLY KD 32 -104.90 -17.99 -108.93
CA GLY KD 32 -103.61 -17.48 -109.35
C GLY KD 32 -102.45 -18.31 -108.86
N PRO KD 33 -101.24 -17.74 -108.89
CA PRO KD 33 -100.06 -18.45 -108.38
C PRO KD 33 -100.09 -18.64 -106.87
N LEU KD 34 -99.23 -19.52 -106.36
CA LEU KD 34 -99.27 -19.94 -104.98
C LEU KD 34 -98.42 -19.08 -104.05
N VAL KD 35 -97.66 -18.12 -104.58
CA VAL KD 35 -96.70 -17.41 -103.75
C VAL KD 35 -97.22 -16.04 -103.32
N GLY KD 36 -97.97 -15.34 -104.18
CA GLY KD 36 -98.53 -14.06 -103.79
C GLY KD 36 -100.03 -14.01 -103.99
N ARG KD 37 -100.78 -13.91 -102.90
CA ARG KD 37 -102.23 -13.89 -102.94
C ARG KD 37 -102.74 -12.85 -101.97
N LEU KD 38 -104.05 -12.58 -102.04
CA LEU KD 38 -104.70 -11.69 -101.09
C LEU KD 38 -104.70 -12.30 -99.70
N ARG KD 39 -104.86 -11.45 -98.70
CA ARG KD 39 -104.79 -11.87 -97.31
C ARG KD 39 -105.68 -10.96 -96.48
N LEU KD 40 -106.33 -11.54 -95.48
CA LEU KD 40 -107.25 -10.77 -94.63
C LEU KD 40 -107.16 -11.37 -93.24
N THR KD 41 -106.33 -10.78 -92.39
CA THR KD 41 -106.07 -11.30 -91.05
C THR KD 41 -107.00 -10.60 -90.08
N ALA KD 42 -108.23 -11.12 -89.97
CA ALA KD 42 -109.19 -10.59 -89.02
C ALA KD 42 -108.85 -11.04 -87.61
N SER KD 43 -109.38 -10.30 -86.63
CA SER KD 43 -109.14 -10.62 -85.22
C SER KD 43 -110.22 -9.94 -84.39
N LEU KD 44 -110.26 -10.29 -83.11
CA LEU KD 44 -111.17 -9.70 -82.13
C LEU KD 44 -110.64 -10.03 -80.74
N ARG KD 45 -110.77 -9.08 -79.82
CA ARG KD 45 -110.25 -9.22 -78.47
C ARG KD 45 -111.20 -8.52 -77.50
N GLN KD 46 -110.89 -8.63 -76.20
CA GLN KD 46 -111.45 -7.77 -75.18
C GLN KD 46 -110.41 -7.63 -74.07
N ASN KD 47 -109.62 -6.57 -74.15
CA ASN KD 47 -108.49 -6.38 -73.25
C ASN KD 47 -108.91 -5.53 -72.06
N GLY KD 48 -108.26 -5.79 -70.91
CA GLY KD 48 -108.53 -5.05 -69.70
C GLY KD 48 -109.58 -5.70 -68.84
N ALA KD 49 -110.47 -4.90 -68.26
CA ALA KD 49 -111.51 -5.42 -67.38
C ALA KD 49 -112.81 -5.68 -68.16
N LYS KD 50 -112.64 -6.37 -69.30
CA LYS KD 50 -113.73 -6.94 -70.12
C LYS KD 50 -114.74 -5.87 -70.58
N THR KD 51 -114.29 -4.64 -70.77
CA THR KD 51 -115.20 -3.54 -71.07
C THR KD 51 -115.04 -2.98 -72.47
N ALA KD 52 -113.94 -3.24 -73.16
CA ALA KD 52 -113.69 -2.68 -74.48
C ALA KD 52 -113.19 -3.77 -75.40
N TYR KD 53 -113.82 -3.89 -76.57
CA TYR KD 53 -113.40 -4.84 -77.59
C TYR KD 53 -112.38 -4.18 -78.51
N ARG KD 54 -111.82 -4.97 -79.41
CA ARG KD 54 -110.83 -4.45 -80.35
C ARG KD 54 -110.87 -5.29 -81.63
N VAL KD 55 -111.55 -4.78 -82.64
CA VAL KD 55 -111.52 -5.37 -83.97
C VAL KD 55 -110.23 -4.96 -84.66
N ASN KD 56 -109.63 -5.88 -85.41
CA ASN KD 56 -108.32 -5.63 -86.01
C ASN KD 56 -108.26 -6.36 -87.34
N LEU KD 57 -108.55 -5.64 -88.42
CA LEU KD 57 -108.42 -6.18 -89.78
C LEU KD 57 -107.08 -5.78 -90.39
N LYS KD 58 -106.67 -6.53 -91.41
CA LYS KD 58 -105.40 -6.27 -92.07
C LYS KD 58 -105.48 -6.90 -93.47
N LEU KD 59 -105.56 -6.06 -94.49
CA LEU KD 59 -105.70 -6.52 -95.87
C LEU KD 59 -104.34 -6.37 -96.58
N ASP KD 60 -103.56 -7.44 -96.58
CA ASP KD 60 -102.31 -7.45 -97.32
C ASP KD 60 -102.59 -7.57 -98.81
N GLN KD 61 -101.64 -7.13 -99.63
CA GLN KD 61 -101.70 -7.33 -101.07
C GLN KD 61 -100.28 -7.30 -101.62
N ALA KD 62 -99.83 -8.43 -102.15
CA ALA KD 62 -98.51 -8.55 -102.74
C ALA KD 62 -98.62 -8.46 -104.25
N ASP KD 63 -97.60 -7.85 -104.88
CA ASP KD 63 -97.57 -7.73 -106.33
C ASP KD 63 -96.56 -8.73 -106.87
N VAL KD 64 -97.05 -9.87 -107.33
CA VAL KD 64 -96.21 -10.94 -107.84
C VAL KD 64 -95.95 -10.71 -109.32
N VAL KD 65 -94.72 -11.03 -109.75
CA VAL KD 65 -94.32 -10.89 -111.14
C VAL KD 65 -93.68 -12.20 -111.58
N ASP KD 66 -94.04 -12.68 -112.77
CA ASP KD 66 -93.46 -13.87 -113.36
C ASP KD 66 -93.05 -13.59 -114.80
N CYS KD 67 -91.74 -13.63 -115.05
CA CYS KD 67 -91.18 -13.49 -116.39
C CYS KD 67 -90.25 -14.64 -116.70
N SER KD 68 -90.77 -15.87 -116.58
CA SER KD 68 -90.08 -17.02 -117.13
C SER KD 68 -90.06 -17.01 -118.65
N THR KD 69 -90.95 -16.25 -119.28
CA THR KD 69 -90.87 -16.04 -120.72
C THR KD 69 -89.63 -15.23 -121.09
N SER KD 70 -89.33 -14.20 -120.30
CA SER KD 70 -88.16 -13.36 -120.59
C SER KD 70 -86.87 -14.01 -120.15
N VAL KD 71 -86.72 -14.23 -118.84
CA VAL KD 71 -85.54 -14.89 -118.29
C VAL KD 71 -85.82 -16.39 -118.26
N CYS KD 72 -84.99 -17.16 -118.96
CA CYS KD 72 -85.21 -18.60 -119.05
C CYS KD 72 -84.78 -19.28 -117.77
N GLY KD 73 -85.75 -19.80 -117.02
CA GLY KD 73 -85.47 -20.57 -115.84
C GLY KD 73 -85.76 -19.89 -114.51
N GLU KD 74 -86.61 -18.88 -114.49
CA GLU KD 74 -86.96 -18.19 -113.25
C GLU KD 74 -88.39 -18.49 -112.86
N LEU KD 75 -88.70 -18.27 -111.58
CA LEU KD 75 -89.95 -18.65 -110.95
C LEU KD 75 -90.72 -17.40 -110.55
N PRO KD 76 -92.02 -17.50 -110.23
CA PRO KD 76 -92.74 -16.31 -109.77
C PRO KD 76 -92.24 -15.84 -108.41
N LYS KD 77 -92.41 -14.54 -108.17
CA LYS KD 77 -91.79 -13.86 -107.04
C LYS KD 77 -92.53 -12.54 -106.83
N VAL KD 78 -92.69 -12.14 -105.57
CA VAL KD 78 -93.37 -10.90 -105.23
C VAL KD 78 -92.33 -9.78 -105.10
N ARG KD 79 -92.70 -8.58 -105.53
CA ARG KD 79 -91.82 -7.43 -105.36
C ARG KD 79 -92.03 -6.78 -104.01
N TYR KD 80 -93.25 -6.30 -103.75
CA TYR KD 80 -93.58 -5.54 -102.56
C TYR KD 80 -94.93 -5.97 -102.03
N THR KD 81 -95.24 -5.55 -100.81
CA THR KD 81 -96.56 -5.75 -100.22
C THR KD 81 -97.10 -4.41 -99.74
N GLN KD 82 -98.39 -4.19 -99.99
CA GLN KD 82 -99.08 -2.98 -99.56
C GLN KD 82 -100.28 -3.38 -98.71
N VAL KD 83 -100.34 -2.90 -97.48
CA VAL KD 83 -101.36 -3.31 -96.53
C VAL KD 83 -102.31 -2.15 -96.28
N TRP KD 84 -103.44 -2.46 -95.63
CA TRP KD 84 -104.37 -1.45 -95.15
C TRP KD 84 -104.98 -2.03 -93.88
N SER KD 85 -104.40 -1.67 -92.74
CA SER KD 85 -104.89 -2.18 -91.47
C SER KD 85 -106.09 -1.36 -90.98
N HIS KD 86 -106.79 -1.93 -90.01
CA HIS KD 86 -107.86 -1.25 -89.30
C HIS KD 86 -107.69 -1.54 -87.81
N ASP KD 87 -108.21 -0.65 -86.97
CA ASP KD 87 -108.16 -0.83 -85.53
C ASP KD 87 -109.39 -0.16 -84.94
N VAL KD 88 -110.44 -0.93 -84.74
CA VAL KD 88 -111.69 -0.42 -84.21
C VAL KD 88 -111.72 -0.69 -82.72
N THR KD 89 -112.13 0.31 -81.94
CA THR KD 89 -112.27 0.16 -80.49
C THR KD 89 -113.74 0.36 -80.14
N ILE KD 90 -114.36 -0.68 -79.59
CA ILE KD 90 -115.77 -0.67 -79.23
C ILE KD 90 -115.88 -0.95 -77.75
N VAL KD 91 -116.51 -0.03 -77.02
CA VAL KD 91 -116.78 -0.26 -75.61
C VAL KD 91 -118.08 -1.04 -75.47
N ALA KD 92 -118.13 -1.92 -74.46
CA ALA KD 92 -119.13 -2.98 -74.42
C ALA KD 92 -120.52 -2.46 -74.03
N ASN KD 93 -120.59 -1.41 -73.23
CA ASN KD 93 -121.88 -0.88 -72.77
C ASN KD 93 -122.43 0.20 -73.69
N SER KD 94 -122.08 0.17 -74.98
CA SER KD 94 -122.53 1.16 -75.93
C SER KD 94 -124.00 0.97 -76.26
N THR KD 95 -124.56 1.98 -76.92
CA THR KD 95 -125.84 1.82 -77.58
C THR KD 95 -125.60 1.38 -79.02
N GLU KD 96 -126.63 0.83 -79.65
CA GLU KD 96 -126.47 0.28 -80.99
C GLU KD 96 -126.32 1.38 -82.03
N ALA KD 97 -126.91 2.55 -81.79
CA ALA KD 97 -126.76 3.65 -82.72
C ALA KD 97 -125.37 4.28 -82.66
N SER KD 98 -124.62 4.05 -81.58
CA SER KD 98 -123.25 4.51 -81.52
C SER KD 98 -122.36 3.65 -82.40
N ARG KD 99 -122.50 2.33 -82.30
CA ARG KD 99 -121.73 1.40 -83.12
C ARG KD 99 -122.14 1.43 -84.57
N LYS KD 100 -123.39 1.78 -84.86
CA LYS KD 100 -123.84 1.85 -86.24
C LYS KD 100 -123.35 3.13 -86.92
N SER KD 101 -123.34 4.24 -86.20
CA SER KD 101 -122.90 5.50 -86.79
C SER KD 101 -121.40 5.53 -87.00
N LEU KD 102 -120.63 4.88 -86.12
CA LEU KD 102 -119.19 4.77 -86.29
C LEU KD 102 -118.85 3.96 -87.53
N TYR KD 103 -119.64 2.92 -87.81
CA TYR KD 103 -119.46 2.18 -89.05
C TYR KD 103 -119.93 2.98 -90.25
N ASP KD 104 -121.05 3.70 -90.11
CA ASP KD 104 -121.60 4.46 -91.23
C ASP KD 104 -120.75 5.67 -91.60
N LEU KD 105 -119.99 6.22 -90.65
CA LEU KD 105 -119.11 7.32 -90.99
C LEU KD 105 -117.82 6.84 -91.63
N THR KD 106 -117.30 5.70 -91.19
CA THR KD 106 -116.08 5.16 -91.77
C THR KD 106 -116.34 4.52 -93.12
N LYS KD 107 -117.55 4.01 -93.33
CA LYS KD 107 -117.93 3.52 -94.66
C LYS KD 107 -117.99 4.67 -95.66
N SER KD 108 -118.37 5.85 -95.20
CA SER KD 108 -118.38 7.03 -96.06
C SER KD 108 -117.08 7.81 -96.04
N LEU KD 109 -116.21 7.54 -95.07
CA LEU KD 109 -114.88 8.14 -95.09
C LEU KD 109 -114.03 7.54 -96.19
N VAL KD 110 -114.06 6.22 -96.34
CA VAL KD 110 -113.26 5.56 -97.35
C VAL KD 110 -113.83 5.83 -98.74
N ALA KD 111 -115.15 5.96 -98.84
CA ALA KD 111 -115.80 6.07 -100.15
C ALA KD 111 -115.74 7.47 -100.75
N THR KD 112 -115.11 8.44 -100.08
CA THR KD 112 -115.05 9.78 -100.63
C THR KD 112 -113.87 9.92 -101.59
N SER KD 113 -113.88 11.01 -102.36
CA SER KD 113 -112.85 11.25 -103.36
C SER KD 113 -111.59 11.85 -102.77
N GLN KD 114 -111.58 12.20 -101.48
CA GLN KD 114 -110.39 12.81 -100.90
C GLN KD 114 -109.47 11.77 -100.26
N VAL KD 115 -110.03 10.66 -99.78
CA VAL KD 115 -109.19 9.58 -99.27
C VAL KD 115 -108.70 8.72 -100.43
N GLU KD 116 -109.45 8.68 -101.53
CA GLU KD 116 -109.00 7.99 -102.73
C GLU KD 116 -107.74 8.63 -103.29
N ASP KD 117 -107.71 9.96 -103.39
CA ASP KD 117 -106.52 10.64 -103.86
C ASP KD 117 -105.40 10.65 -102.82
N LEU KD 118 -105.72 10.40 -101.55
CA LEU KD 118 -104.70 10.39 -100.51
C LEU KD 118 -103.84 9.13 -100.57
N VAL KD 119 -104.41 8.01 -101.02
CA VAL KD 119 -103.65 6.76 -101.03
C VAL KD 119 -103.18 6.43 -102.44
N VAL KD 120 -103.84 6.98 -103.46
CA VAL KD 120 -103.40 6.73 -104.83
C VAL KD 120 -102.36 7.75 -105.25
N ASN KD 121 -102.70 9.04 -105.17
CA ASN KD 121 -101.85 10.10 -105.67
C ASN KD 121 -101.17 10.91 -104.57
N LEU KD 122 -101.31 10.49 -103.31
CA LEU KD 122 -100.64 11.06 -102.14
C LEU KD 122 -101.02 12.53 -101.88
N VAL KD 123 -102.18 12.96 -102.38
CA VAL KD 123 -102.65 14.32 -102.18
C VAL KD 123 -103.18 14.46 -100.75
N PRO KD 124 -102.82 15.52 -100.03
CA PRO KD 124 -103.32 15.68 -98.65
C PRO KD 124 -104.82 15.95 -98.60
N LEU KD 125 -105.35 15.89 -97.39
CA LEU KD 125 -106.79 15.96 -97.19
C LEU KD 125 -107.28 17.40 -97.13
N GLY KD 126 -108.56 17.58 -97.41
CA GLY KD 126 -109.17 18.89 -97.32
C GLY KD 126 -109.22 19.61 -98.64
N ARG KD 127 -110.42 20.01 -99.07
CA ARG KD 127 -110.61 20.76 -100.29
C ARG KD 127 -111.50 21.95 -100.00
N ALA KD 128 -110.93 23.15 -100.09
CA ALA KD 128 -111.64 24.37 -99.72
C ALA KD 128 -112.56 24.79 -100.85
N TYR KD 129 -113.86 24.55 -100.68
CA TYR KD 129 -114.87 24.97 -101.64
C TYR KD 129 -115.68 26.10 -101.03
N GLY KD 130 -115.17 27.33 -101.18
CA GLY KD 130 -115.82 28.50 -100.64
C GLY KD 130 -115.82 28.57 -99.13
N GLY KD 131 -114.65 28.71 -98.53
CA GLY KD 131 -114.56 28.77 -97.08
C GLY KD 131 -113.33 28.07 -96.55
N SER KD 132 -113.51 27.23 -95.52
CA SER KD 132 -112.40 26.50 -94.93
C SER KD 132 -112.18 25.19 -95.69
N LYS KD 133 -111.09 24.51 -95.34
CA LYS KD 133 -110.81 23.19 -95.89
C LYS KD 133 -111.73 22.18 -95.20
N THR KD 134 -112.62 21.58 -95.97
CA THR KD 134 -113.69 20.76 -95.41
C THR KD 134 -113.72 19.37 -96.04
N ILE KD 135 -114.21 18.41 -95.27
CA ILE KD 135 -114.52 17.07 -95.75
C ILE KD 135 -115.99 16.82 -95.48
N VAL KD 136 -116.70 16.29 -96.46
CA VAL KD 136 -118.12 15.99 -96.33
C VAL KD 136 -118.29 14.47 -96.24
N LEU KD 137 -118.90 14.00 -95.16
CA LEU KD 137 -119.12 12.58 -94.92
C LEU KD 137 -120.63 12.34 -94.97
N SER KD 138 -121.14 12.07 -96.17
CA SER KD 138 -122.57 11.85 -96.36
C SER KD 138 -122.99 10.49 -95.82
N VAL KD 139 -124.06 10.49 -95.01
CA VAL KD 139 -124.56 9.27 -94.39
C VAL KD 139 -125.93 9.03 -95.01
N GLY KD 140 -126.06 9.37 -96.29
CA GLY KD 140 -127.34 9.33 -96.96
C GLY KD 140 -127.75 10.72 -97.41
N GLU KD 141 -128.77 11.28 -96.76
CA GLU KD 141 -129.10 12.68 -96.95
C GLU KD 141 -128.53 13.57 -95.85
N ALA KD 142 -128.13 13.00 -94.72
CA ALA KD 142 -127.45 13.76 -93.69
C ALA KD 142 -125.98 13.86 -94.02
N THR KD 143 -125.48 15.09 -94.14
CA THR KD 143 -124.09 15.36 -94.47
C THR KD 143 -123.43 16.00 -93.26
N ARG KD 144 -122.28 15.48 -92.86
CA ARG KD 144 -121.56 15.97 -91.69
C ARG KD 144 -120.23 16.54 -92.16
N THR KD 145 -120.11 17.87 -92.09
CA THR KD 145 -118.99 18.59 -92.69
C THR KD 145 -117.94 18.90 -91.63
N LEU KD 146 -116.76 18.30 -91.74
CA LEU KD 146 -115.67 18.54 -90.80
C LEU KD 146 -114.70 19.56 -91.36
N THR KD 147 -114.45 20.62 -90.60
CA THR KD 147 -113.57 21.69 -91.01
C THR KD 147 -112.21 21.54 -90.36
N GLU KD 148 -111.16 21.95 -91.07
CA GLU KD 148 -109.79 21.77 -90.59
C GLU KD 148 -109.47 22.76 -89.48
N ILE KD 149 -108.90 22.25 -88.39
CA ILE KD 149 -108.57 23.09 -87.25
C ILE KD 149 -107.07 23.25 -87.04
N GLN KD 150 -106.24 22.37 -87.60
CA GLN KD 150 -104.80 22.42 -87.40
C GLN KD 150 -104.12 21.63 -88.49
N SER KD 151 -103.10 22.23 -89.11
CA SER KD 151 -102.31 21.58 -90.14
C SER KD 151 -100.84 21.70 -89.74
N THR KD 152 -100.36 20.76 -88.94
CA THR KD 152 -98.98 20.72 -88.53
C THR KD 152 -98.19 20.05 -89.67
N ALA KD 153 -96.86 19.96 -89.55
CA ALA KD 153 -96.06 19.32 -90.59
C ALA KD 153 -96.32 17.82 -90.67
N ASP KD 154 -96.71 17.21 -89.55
CA ASP KD 154 -97.07 15.79 -89.52
C ASP KD 154 -98.58 15.58 -89.51
N ARG KD 155 -99.28 16.15 -88.55
CA ARG KD 155 -100.70 15.88 -88.39
C ARG KD 155 -101.53 16.82 -89.24
N GLN KD 156 -102.81 16.46 -89.41
CA GLN KD 156 -103.78 17.31 -90.09
C GLN KD 156 -105.15 17.00 -89.47
N ILE KD 157 -105.54 17.78 -88.47
CA ILE KD 157 -106.69 17.49 -87.64
C ILE KD 157 -107.92 18.17 -88.21
N PHE KD 158 -108.97 17.41 -88.41
CA PHE KD 158 -110.28 17.92 -88.81
C PHE KD 158 -111.25 17.73 -87.65
N GLU KD 159 -112.33 18.50 -87.66
CA GLU KD 159 -113.29 18.47 -86.57
C GLU KD 159 -114.60 19.09 -87.03
N GLU KD 160 -115.71 18.50 -86.60
CA GLU KD 160 -117.02 19.08 -86.84
C GLU KD 160 -117.23 20.26 -85.92
N LYS KD 161 -118.13 21.16 -86.31
CA LYS KD 161 -118.28 22.43 -85.61
C LYS KD 161 -119.67 22.68 -85.04
N VAL KD 162 -120.66 21.85 -85.35
CA VAL KD 162 -121.97 22.01 -84.77
C VAL KD 162 -122.04 21.30 -83.43
N GLY KD 163 -122.97 21.73 -82.58
CA GLY KD 163 -123.21 21.09 -81.31
C GLY KD 163 -122.37 21.65 -80.18
N PRO KD 164 -122.30 20.93 -79.06
CA PRO KD 164 -121.48 21.39 -77.93
C PRO KD 164 -119.99 21.26 -78.24
N LEU KD 165 -119.20 21.96 -77.44
CA LEU KD 165 -117.75 21.98 -77.63
C LEU KD 165 -117.04 20.82 -76.96
N VAL KD 166 -117.74 20.02 -76.16
CA VAL KD 166 -117.04 19.03 -75.34
C VAL KD 166 -116.81 17.73 -76.12
N GLY KD 167 -117.77 17.30 -76.93
CA GLY KD 167 -117.57 16.11 -77.74
C GLY KD 167 -117.93 16.33 -79.20
N ARG KD 168 -116.95 16.21 -80.08
CA ARG KD 168 -117.16 16.42 -81.50
C ARG KD 168 -116.38 15.38 -82.28
N LEU KD 169 -116.69 15.27 -83.57
CA LEU KD 169 -115.99 14.35 -84.45
C LEU KD 169 -114.55 14.80 -84.66
N ARG KD 170 -113.69 13.84 -84.97
CA ARG KD 170 -112.29 14.12 -85.20
C ARG KD 170 -111.83 13.33 -86.41
N LEU KD 171 -110.77 13.83 -87.06
CA LEU KD 171 -110.16 13.12 -88.17
C LEU KD 171 -108.69 13.51 -88.17
N THR KD 172 -107.84 12.65 -87.62
CA THR KD 172 -106.42 12.94 -87.47
C THR KD 172 -105.68 12.19 -88.56
N ALA KD 173 -105.52 12.84 -89.72
CA ALA KD 173 -104.72 12.27 -90.78
C ALA KD 173 -103.23 12.51 -90.52
N SER KD 174 -102.40 11.67 -91.12
CA SER KD 174 -100.95 11.84 -91.04
C SER KD 174 -100.35 11.20 -92.29
N LEU KD 175 -99.05 11.42 -92.48
CA LEU KD 175 -98.33 10.89 -93.61
C LEU KD 175 -96.85 10.92 -93.29
N ARG KD 176 -96.19 9.77 -93.37
CA ARG KD 176 -94.77 9.68 -93.06
C ARG KD 176 -94.07 8.93 -94.18
N GLN KD 177 -92.76 8.80 -94.04
CA GLN KD 177 -91.98 7.85 -94.84
C GLN KD 177 -90.77 7.42 -94.01
N ASN KD 178 -90.74 6.13 -93.65
CA ASN KD 178 -89.70 5.60 -92.78
C ASN KD 178 -88.66 4.86 -93.61
N GLY KD 179 -87.41 4.97 -93.17
CA GLY KD 179 -86.31 4.28 -93.83
C GLY KD 179 -85.66 5.13 -94.90
N ALA KD 180 -85.19 4.49 -95.96
CA ALA KD 180 -84.52 5.18 -97.05
C ALA KD 180 -85.50 5.59 -98.15
N LYS KD 181 -86.58 6.27 -97.73
CA LYS KD 181 -87.58 6.88 -98.62
C LYS KD 181 -88.23 5.86 -99.56
N THR KD 182 -88.40 4.62 -99.10
CA THR KD 182 -88.94 3.57 -99.94
C THR KD 182 -90.44 3.34 -99.76
N ALA KD 183 -90.98 3.63 -98.58
CA ALA KD 183 -92.38 3.32 -98.30
C ALA KD 183 -93.01 4.47 -97.52
N TYR KD 184 -94.24 4.80 -97.89
CA TYR KD 184 -95.01 5.82 -97.19
C TYR KD 184 -95.85 5.18 -96.10
N ARG KD 185 -96.57 6.01 -95.33
CA ARG KD 185 -97.40 5.51 -94.25
C ARG KD 185 -98.53 6.51 -94.01
N VAL KD 186 -99.70 6.22 -94.57
CA VAL KD 186 -100.89 7.02 -94.33
C VAL KD 186 -101.54 6.54 -93.04
N ASN KD 187 -102.14 7.46 -92.27
CA ASN KD 187 -102.68 7.11 -90.96
C ASN KD 187 -103.88 7.99 -90.66
N LEU KD 188 -105.08 7.49 -90.94
CA LEU KD 188 -106.31 8.16 -90.57
C LEU KD 188 -106.81 7.63 -89.23
N LYS KD 189 -107.69 8.40 -88.59
CA LYS KD 189 -108.24 8.04 -87.29
C LYS KD 189 -109.50 8.85 -87.04
N LEU KD 190 -110.62 8.18 -86.79
CA LEU KD 190 -111.91 8.84 -86.61
C LEU KD 190 -112.39 8.64 -85.18
N ASP KD 191 -112.32 9.69 -84.37
CA ASP KD 191 -112.81 9.66 -83.00
C ASP KD 191 -114.28 10.06 -82.95
N GLN KD 192 -115.08 9.27 -82.26
CA GLN KD 192 -116.47 9.62 -82.03
C GLN KD 192 -116.78 9.43 -80.55
N ALA KD 193 -117.10 10.53 -79.88
CA ALA KD 193 -117.46 10.50 -78.47
C ALA KD 193 -118.96 10.68 -78.32
N ASP KD 194 -119.56 9.94 -77.39
CA ASP KD 194 -120.99 10.01 -77.15
C ASP KD 194 -121.25 11.02 -76.05
N VAL KD 195 -121.88 12.14 -76.41
CA VAL KD 195 -122.20 13.21 -75.47
C VAL KD 195 -123.67 13.12 -75.11
N VAL KD 196 -123.99 13.36 -73.84
CA VAL KD 196 -125.36 13.32 -73.35
C VAL KD 196 -125.54 14.46 -72.35
N ASP KD 197 -126.77 14.96 -72.25
CA ASP KD 197 -127.12 15.95 -71.25
C ASP KD 197 -128.55 15.75 -70.77
N CYS KD 198 -128.75 15.96 -69.48
CA CYS KD 198 -130.07 15.92 -68.86
C CYS KD 198 -130.35 17.18 -68.05
N SER KD 199 -130.16 18.35 -68.67
CA SER KD 199 -130.59 19.59 -68.06
C SER KD 199 -132.11 19.68 -67.94
N THR KD 200 -132.84 18.93 -68.76
CA THR KD 200 -134.29 18.82 -68.58
C THR KD 200 -134.65 17.90 -67.42
N SER KD 201 -133.71 17.05 -66.98
CA SER KD 201 -133.94 16.14 -65.86
C SER KD 201 -133.24 16.58 -64.59
N VAL KD 202 -131.94 16.82 -64.64
CA VAL KD 202 -131.16 17.26 -63.48
C VAL KD 202 -130.69 18.68 -63.75
N CYS KD 203 -131.02 19.58 -62.83
CA CYS KD 203 -130.67 20.99 -63.00
C CYS KD 203 -129.17 21.22 -62.84
N GLY KD 204 -128.67 22.22 -63.57
CA GLY KD 204 -127.27 22.57 -63.53
C GLY KD 204 -126.34 21.54 -64.12
N GLU KD 205 -126.85 20.73 -65.05
CA GLU KD 205 -126.06 19.66 -65.66
C GLU KD 205 -125.69 20.08 -67.09
N LEU KD 206 -124.40 20.31 -67.31
CA LEU KD 206 -123.87 20.60 -68.62
C LEU KD 206 -123.54 19.29 -69.32
N PRO KD 207 -123.45 19.30 -70.66
CA PRO KD 207 -123.13 18.06 -71.39
C PRO KD 207 -121.75 17.52 -71.08
N LYS KD 208 -121.63 16.20 -71.18
CA LYS KD 208 -120.38 15.50 -70.91
C LYS KD 208 -120.34 14.25 -71.76
N VAL KD 209 -119.14 13.69 -71.90
CA VAL KD 209 -118.92 12.52 -72.74
C VAL KD 209 -118.99 11.26 -71.88
N ARG KD 210 -119.66 10.23 -72.41
CA ARG KD 210 -119.69 8.93 -71.75
C ARG KD 210 -118.44 8.11 -72.07
N TYR KD 211 -118.29 7.78 -73.35
CA TYR KD 211 -117.20 6.94 -73.83
C TYR KD 211 -116.69 7.52 -75.15
N THR KD 212 -115.79 6.79 -75.80
CA THR KD 212 -115.34 7.15 -77.13
C THR KD 212 -115.02 5.88 -77.90
N GLN KD 213 -115.14 5.96 -79.22
CA GLN KD 213 -114.91 4.82 -80.10
C GLN KD 213 -114.13 5.28 -81.32
N VAL KD 214 -113.03 4.59 -81.60
CA VAL KD 214 -112.14 4.99 -82.68
C VAL KD 214 -112.32 4.04 -83.86
N TRP KD 215 -111.81 4.46 -85.02
CA TRP KD 215 -111.63 3.58 -86.17
C TRP KD 215 -110.42 4.15 -86.91
N SER KD 216 -109.23 3.68 -86.53
CA SER KD 216 -108.02 4.17 -87.15
C SER KD 216 -107.62 3.29 -88.32
N HIS KD 217 -106.82 3.86 -89.21
CA HIS KD 217 -106.34 3.18 -90.40
C HIS KD 217 -104.83 3.32 -90.46
N ASP KD 218 -104.18 2.37 -91.13
CA ASP KD 218 -102.73 2.41 -91.28
C ASP KD 218 -102.38 1.76 -92.62
N VAL KD 219 -102.24 2.60 -93.64
CA VAL KD 219 -101.94 2.15 -94.99
C VAL KD 219 -100.44 2.23 -95.20
N THR KD 220 -99.86 1.19 -95.78
CA THR KD 220 -98.45 1.15 -96.13
C THR KD 220 -98.32 1.08 -97.64
N ILE KD 221 -97.70 2.10 -98.22
CA ILE KD 221 -97.57 2.21 -99.67
C ILE KD 221 -96.10 2.40 -99.99
N VAL KD 222 -95.54 1.50 -100.78
CA VAL KD 222 -94.15 1.64 -101.22
C VAL KD 222 -94.08 2.66 -102.35
N ALA KD 223 -92.94 3.35 -102.44
CA ALA KD 223 -92.85 4.56 -103.27
C ALA KD 223 -92.79 4.24 -104.75
N ASN KD 224 -92.23 3.08 -105.13
CA ASN KD 224 -92.07 2.71 -106.53
C ASN KD 224 -93.22 1.85 -107.04
N SER KD 225 -94.43 2.06 -106.52
CA SER KD 225 -95.58 1.24 -106.85
C SER KD 225 -96.07 1.52 -108.27
N THR KD 226 -96.96 0.65 -108.74
CA THR KD 226 -97.76 0.92 -109.92
C THR KD 226 -98.97 1.71 -109.47
N GLU KD 227 -99.57 2.47 -110.39
CA GLU KD 227 -100.78 3.21 -110.05
C GLU KD 227 -101.96 2.27 -109.82
N ALA KD 228 -102.11 1.25 -110.67
CA ALA KD 228 -103.17 0.27 -110.48
C ALA KD 228 -102.88 -0.67 -109.31
N SER KD 229 -101.66 -0.68 -108.79
CA SER KD 229 -101.39 -1.41 -107.56
C SER KD 229 -101.94 -0.66 -106.36
N ARG KD 230 -101.89 0.68 -106.38
CA ARG KD 230 -102.48 1.46 -105.30
C ARG KD 230 -103.96 1.64 -105.50
N LYS KD 231 -104.42 1.66 -106.74
CA LYS KD 231 -105.84 1.82 -107.02
C LYS KD 231 -106.63 0.58 -106.64
N SER KD 232 -106.03 -0.60 -106.80
CA SER KD 232 -106.72 -1.83 -106.45
C SER KD 232 -106.71 -2.08 -104.95
N LEU KD 233 -105.70 -1.58 -104.24
CA LEU KD 233 -105.71 -1.70 -102.78
C LEU KD 233 -106.79 -0.82 -102.17
N TYR KD 234 -107.02 0.36 -102.73
CA TYR KD 234 -108.11 1.21 -102.26
C TYR KD 234 -109.46 0.61 -102.61
N ASP KD 235 -109.60 0.10 -103.83
CA ASP KD 235 -110.87 -0.45 -104.30
C ASP KD 235 -111.27 -1.72 -103.57
N LEU KD 236 -110.31 -2.47 -103.03
CA LEU KD 236 -110.65 -3.66 -102.24
C LEU KD 236 -111.06 -3.27 -100.83
N THR KD 237 -110.36 -2.30 -100.22
CA THR KD 237 -110.69 -1.88 -98.87
C THR KD 237 -112.00 -1.10 -98.83
N LYS KD 238 -112.28 -0.32 -99.88
CA LYS KD 238 -113.57 0.35 -99.99
C LYS KD 238 -114.70 -0.68 -100.12
N SER KD 239 -114.44 -1.78 -100.81
CA SER KD 239 -115.42 -2.85 -100.93
C SER KD 239 -115.42 -3.79 -99.74
N LEU KD 240 -114.39 -3.76 -98.91
CA LEU KD 240 -114.37 -4.61 -97.72
C LEU KD 240 -115.25 -4.01 -96.63
N VAL KD 241 -115.11 -2.71 -96.39
CA VAL KD 241 -115.91 -2.01 -95.38
C VAL KD 241 -117.38 -1.99 -95.77
N ALA KD 242 -117.69 -1.95 -97.05
CA ALA KD 242 -119.07 -1.88 -97.50
C ALA KD 242 -119.80 -3.22 -97.49
N THR KD 243 -119.16 -4.30 -97.03
CA THR KD 243 -119.82 -5.59 -96.98
C THR KD 243 -120.75 -5.66 -95.78
N SER KD 244 -121.57 -6.72 -95.77
CA SER KD 244 -122.51 -6.94 -94.67
C SER KD 244 -121.89 -7.73 -93.53
N GLN KD 245 -120.64 -8.16 -93.66
CA GLN KD 245 -120.01 -8.94 -92.60
C GLN KD 245 -119.14 -8.06 -91.71
N VAL KD 246 -118.49 -7.05 -92.28
CA VAL KD 246 -117.73 -6.11 -91.48
C VAL KD 246 -118.66 -5.12 -90.79
N GLU KD 247 -119.87 -4.93 -91.31
CA GLU KD 247 -120.90 -4.21 -90.58
C GLU KD 247 -121.28 -4.93 -89.30
N ASP KD 248 -121.58 -6.23 -89.41
CA ASP KD 248 -121.96 -7.02 -88.25
C ASP KD 248 -120.79 -7.36 -87.35
N LEU KD 249 -119.56 -7.24 -87.84
CA LEU KD 249 -118.41 -7.44 -86.97
C LEU KD 249 -118.23 -6.27 -86.01
N VAL KD 250 -118.63 -5.07 -86.42
CA VAL KD 250 -118.53 -3.90 -85.56
C VAL KD 250 -119.79 -3.72 -84.73
N VAL KD 251 -120.96 -3.91 -85.33
CA VAL KD 251 -122.21 -3.70 -84.61
C VAL KD 251 -122.49 -4.84 -83.63
N ASN KD 252 -122.35 -6.09 -84.08
CA ASN KD 252 -122.78 -7.24 -83.29
C ASN KD 252 -121.66 -8.18 -82.88
N LEU KD 253 -120.41 -7.88 -83.25
CA LEU KD 253 -119.20 -8.62 -82.84
C LEU KD 253 -119.19 -10.08 -83.29
N VAL KD 254 -119.93 -10.40 -84.36
CA VAL KD 254 -119.87 -11.74 -84.94
C VAL KD 254 -118.69 -11.77 -85.92
N PRO KD 255 -117.83 -12.79 -85.86
CA PRO KD 255 -116.65 -12.82 -86.73
C PRO KD 255 -117.01 -13.03 -88.20
N LEU KD 256 -116.01 -12.85 -89.05
CA LEU KD 256 -116.20 -12.86 -90.49
C LEU KD 256 -116.37 -14.27 -91.03
N GLY KD 257 -116.86 -14.36 -92.25
CA GLY KD 257 -116.96 -15.63 -92.94
C GLY KD 257 -118.31 -16.30 -92.83
N ARG KD 258 -119.03 -16.38 -93.95
CA ARG KD 258 -120.27 -17.14 -94.01
C ARG KD 258 -120.24 -18.10 -95.18
N SER LD 1 -69.68 46.57 -128.06
CA SER LD 1 -69.16 45.25 -127.72
C SER LD 1 -70.25 44.20 -127.85
N LYS LD 2 -70.39 43.36 -126.83
CA LYS LD 2 -71.39 42.30 -126.80
C LYS LD 2 -72.55 42.75 -125.92
N THR LD 3 -73.77 42.65 -126.44
CA THR LD 3 -74.94 43.21 -125.78
C THR LD 3 -75.99 42.15 -125.52
N ILE LD 4 -76.77 42.37 -124.46
CA ILE LD 4 -78.03 41.67 -124.22
C ILE LD 4 -79.12 42.72 -124.18
N VAL LD 5 -80.25 42.43 -124.81
CA VAL LD 5 -81.40 43.33 -124.82
C VAL LD 5 -82.49 42.75 -123.92
N LEU LD 6 -83.09 43.60 -123.10
CA LEU LD 6 -84.15 43.20 -122.17
C LEU LD 6 -85.35 44.08 -122.44
N SER LD 7 -86.30 43.56 -123.22
CA SER LD 7 -87.50 44.32 -123.56
C SER LD 7 -88.48 44.30 -122.39
N VAL LD 8 -88.87 45.48 -121.92
CA VAL LD 8 -89.72 45.62 -120.74
C VAL LD 8 -91.03 46.17 -121.27
N GLY LD 9 -91.40 45.74 -122.47
CA GLY LD 9 -92.54 46.26 -123.17
C GLY LD 9 -92.12 46.78 -124.53
N GLU LD 10 -92.15 48.09 -124.72
CA GLU LD 10 -91.50 48.71 -125.86
C GLU LD 10 -90.17 49.36 -125.48
N ALA LD 11 -89.92 49.59 -124.20
CA ALA LD 11 -88.64 50.13 -123.76
C ALA LD 11 -87.61 49.01 -123.69
N THR LD 12 -86.53 49.15 -124.44
CA THR LD 12 -85.45 48.16 -124.48
C THR LD 12 -84.24 48.71 -123.74
N ARG LD 13 -83.70 47.93 -122.82
CA ARG LD 13 -82.55 48.33 -122.01
C ARG LD 13 -81.39 47.40 -122.37
N THR LD 14 -80.44 47.93 -123.13
CA THR LD 14 -79.34 47.12 -123.65
C THR LD 14 -78.15 47.19 -122.72
N LEU LD 15 -77.71 46.03 -122.24
CA LEU LD 15 -76.55 45.93 -121.36
C LEU LD 15 -75.33 45.51 -122.14
N THR LD 16 -74.27 46.32 -122.07
CA THR LD 16 -73.04 46.05 -122.79
C THR LD 16 -72.02 45.45 -121.83
N GLU LD 17 -71.07 44.71 -122.40
CA GLU LD 17 -70.14 43.92 -121.61
C GLU LD 17 -68.95 44.76 -121.18
N ILE LD 18 -68.58 44.66 -119.90
CA ILE LD 18 -67.45 45.39 -119.36
C ILE LD 18 -66.35 44.48 -118.82
N GLN LD 19 -66.54 43.16 -118.86
CA GLN LD 19 -65.53 42.23 -118.35
C GLN LD 19 -65.78 40.87 -118.98
N SER LD 20 -64.69 40.16 -119.28
CA SER LD 20 -64.78 38.80 -119.82
C SER LD 20 -63.59 38.02 -119.26
N THR LD 21 -63.81 37.30 -118.17
CA THR LD 21 -62.79 36.46 -117.59
C THR LD 21 -62.99 35.06 -118.21
N ALA LD 22 -62.34 34.02 -117.66
CA ALA LD 22 -62.54 32.68 -118.17
C ALA LD 22 -63.94 32.16 -117.83
N ASP LD 23 -64.45 32.54 -116.67
CA ASP LD 23 -65.81 32.17 -116.27
C ASP LD 23 -66.72 33.36 -116.04
N ARG LD 24 -66.26 34.39 -115.33
CA ARG LD 24 -67.12 35.52 -115.02
C ARG LD 24 -67.28 36.42 -116.25
N GLN LD 25 -68.42 37.09 -116.32
CA GLN LD 25 -68.77 37.86 -117.52
C GLN LD 25 -69.78 38.92 -117.10
N ILE LD 26 -69.31 40.16 -116.95
CA ILE LD 26 -70.07 41.23 -116.33
C ILE LD 26 -70.63 42.15 -117.41
N PHE LD 27 -71.92 42.47 -117.30
CA PHE LD 27 -72.59 43.40 -118.20
C PHE LD 27 -73.07 44.61 -117.42
N GLU LD 28 -73.16 45.74 -118.10
CA GLU LD 28 -73.71 46.95 -117.50
C GLU LD 28 -74.48 47.74 -118.55
N GLU LD 29 -75.46 48.51 -118.10
CA GLU LD 29 -76.13 49.48 -118.95
C GLU LD 29 -75.35 50.79 -118.90
N LYS LD 30 -75.32 51.48 -120.03
CA LYS LD 30 -74.48 52.67 -120.16
C LYS LD 30 -75.26 53.98 -120.12
N VAL LD 31 -76.57 53.94 -119.99
CA VAL LD 31 -77.38 55.15 -119.95
C VAL LD 31 -77.54 55.62 -118.51
N GLY LD 32 -77.26 56.90 -118.26
CA GLY LD 32 -77.53 57.49 -116.98
C GLY LD 32 -76.27 57.91 -116.23
N PRO LD 33 -76.39 58.13 -114.91
CA PRO LD 33 -75.22 58.48 -114.11
C PRO LD 33 -74.22 57.33 -113.97
N LEU LD 34 -73.02 57.64 -113.52
CA LEU LD 34 -71.92 56.69 -113.51
C LEU LD 34 -71.83 55.87 -112.23
N VAL LD 35 -72.65 56.15 -111.23
CA VAL LD 35 -72.47 55.53 -109.92
C VAL LD 35 -73.44 54.37 -109.71
N GLY LD 36 -74.67 54.47 -110.20
CA GLY LD 36 -75.60 53.36 -110.08
C GLY LD 36 -76.19 52.94 -111.40
N ARG LD 37 -75.86 51.73 -111.84
CA ARG LD 37 -76.32 51.21 -113.12
C ARG LD 37 -76.72 49.76 -112.95
N LEU LD 38 -77.34 49.21 -113.99
CA LEU LD 38 -77.69 47.79 -114.01
C LEU LD 38 -76.43 46.94 -114.06
N ARG LD 39 -76.57 45.68 -113.66
CA ARG LD 39 -75.44 44.78 -113.55
C ARG LD 39 -75.94 43.36 -113.80
N LEU LD 40 -75.11 42.57 -114.47
CA LEU LD 40 -75.49 41.19 -114.80
C LEU LD 40 -74.22 40.36 -114.76
N THR LD 41 -73.96 39.72 -113.62
CA THR LD 41 -72.73 38.97 -113.41
C THR LD 41 -72.99 37.51 -113.76
N ALA LD 42 -72.88 37.20 -115.05
CA ALA LD 42 -73.03 35.82 -115.51
C ALA LD 42 -71.79 35.01 -115.18
N SER LD 43 -71.96 33.69 -115.16
CA SER LD 43 -70.86 32.77 -114.85
C SER LD 43 -71.22 31.39 -115.37
N LEU LD 44 -70.24 30.49 -115.36
CA LEU LD 44 -70.41 29.10 -115.73
C LEU LD 44 -69.22 28.32 -115.18
N ARG LD 45 -69.48 27.10 -114.73
CA ARG LD 45 -68.46 26.26 -114.12
C ARG LD 45 -68.73 24.80 -114.48
N GLN LD 46 -67.82 23.93 -114.05
CA GLN LD 46 -68.08 22.49 -113.99
C GLN LD 46 -67.27 21.91 -112.83
N ASN LD 47 -67.91 21.81 -111.67
CA ASN LD 47 -67.23 21.42 -110.45
C ASN LD 47 -67.33 19.91 -110.24
N GLY LD 48 -66.30 19.35 -109.60
CA GLY LD 48 -66.27 17.93 -109.31
C GLY LD 48 -65.58 17.13 -110.39
N ALA LD 49 -66.13 15.96 -110.72
CA ALA LD 49 -65.53 15.09 -111.73
C ALA LD 49 -66.14 15.35 -113.11
N LYS LD 50 -66.19 16.65 -113.46
CA LYS LD 50 -66.53 17.16 -114.80
C LYS LD 50 -67.90 16.67 -115.29
N THR LD 51 -68.84 16.45 -114.38
CA THR LD 51 -70.12 15.86 -114.74
C THR LD 51 -71.31 16.80 -114.58
N ALA LD 52 -71.16 17.89 -113.85
CA ALA LD 52 -72.27 18.79 -113.59
C ALA LD 52 -71.80 20.22 -113.78
N TYR LD 53 -72.55 20.98 -114.59
CA TYR LD 53 -72.27 22.39 -114.80
C TYR LD 53 -73.01 23.23 -113.76
N ARG LD 54 -72.74 24.54 -113.78
CA ARG LD 54 -73.39 25.43 -112.82
C ARG LD 54 -73.47 26.83 -113.44
N VAL LD 55 -74.62 27.16 -113.97
CA VAL LD 55 -74.91 28.51 -114.42
C VAL LD 55 -75.25 29.37 -113.21
N ASN LD 56 -74.78 30.62 -113.22
CA ASN LD 56 -74.94 31.47 -112.05
C ASN LD 56 -75.11 32.92 -112.52
N LEU LD 57 -76.35 33.36 -112.65
CA LEU LD 57 -76.66 34.74 -113.00
C LEU LD 57 -76.92 35.56 -111.74
N LYS LD 58 -76.81 36.88 -111.88
CA LYS LD 58 -77.01 37.79 -110.75
C LYS LD 58 -77.34 39.17 -111.32
N LEU LD 59 -78.59 39.59 -111.20
CA LEU LD 59 -79.05 40.86 -111.74
C LEU LD 59 -79.17 41.87 -110.61
N ASP LD 60 -78.11 42.65 -110.38
CA ASP LD 60 -78.17 43.73 -109.41
C ASP LD 60 -79.00 44.89 -109.96
N GLN LD 61 -79.52 45.70 -109.06
CA GLN LD 61 -80.20 46.93 -109.44
C GLN LD 61 -80.12 47.90 -108.27
N ALA LD 62 -79.41 49.00 -108.46
CA ALA LD 62 -79.28 50.03 -107.44
C ALA LD 62 -80.23 51.18 -107.74
N ASP LD 63 -80.80 51.78 -106.70
CA ASP LD 63 -81.70 52.91 -106.84
C ASP LD 63 -80.92 54.17 -106.48
N VAL LD 64 -80.45 54.87 -107.49
CA VAL LD 64 -79.66 56.08 -107.31
C VAL LD 64 -80.59 57.27 -107.19
N VAL LD 65 -80.23 58.22 -106.34
CA VAL LD 65 -80.99 59.45 -106.15
C VAL LD 65 -80.03 60.61 -106.26
N ASP LD 66 -80.44 61.66 -106.98
CA ASP LD 66 -79.64 62.86 -107.16
C ASP LD 66 -80.50 64.08 -106.90
N CYS LD 67 -80.22 64.78 -105.81
CA CYS LD 67 -80.94 65.99 -105.43
C CYS LD 67 -79.98 67.14 -105.17
N SER LD 68 -79.11 67.42 -106.16
CA SER LD 68 -78.35 68.65 -106.15
C SER LD 68 -79.23 69.88 -106.35
N THR LD 69 -80.44 69.71 -106.88
CA THR LD 69 -81.39 70.81 -106.96
C THR LD 69 -81.88 71.20 -105.57
N SER LD 70 -82.15 70.23 -104.71
CA SER LD 70 -82.65 70.52 -103.37
C SER LD 70 -81.52 70.95 -102.44
N VAL LD 71 -80.55 70.06 -102.20
CA VAL LD 71 -79.40 70.37 -101.36
C VAL LD 71 -78.31 70.92 -102.27
N CYS LD 72 -77.87 72.14 -102.00
CA CYS LD 72 -76.87 72.78 -102.83
C CYS LD 72 -75.48 72.22 -102.53
N GLY LD 73 -74.93 71.49 -103.48
CA GLY LD 73 -73.58 70.97 -103.37
C GLY LD 73 -73.45 69.50 -103.09
N GLU LD 74 -74.46 68.70 -103.40
CA GLU LD 74 -74.39 67.25 -103.20
C GLU LD 74 -74.38 66.55 -104.55
N LEU LD 75 -73.96 65.28 -104.50
CA LEU LD 75 -73.70 64.49 -105.70
C LEU LD 75 -74.68 63.32 -105.76
N PRO LD 76 -74.82 62.65 -106.91
CA PRO LD 76 -75.67 61.45 -106.95
C PRO LD 76 -75.10 60.32 -106.10
N LYS LD 77 -76.00 59.47 -105.63
CA LYS LD 77 -75.69 58.47 -104.61
C LYS LD 77 -76.79 57.42 -104.63
N VAL LD 78 -76.43 56.17 -104.39
CA VAL LD 78 -77.39 55.08 -104.37
C VAL LD 78 -77.88 54.85 -102.94
N ARG LD 79 -79.16 54.52 -102.80
CA ARG LD 79 -79.70 54.20 -101.49
C ARG LD 79 -79.51 52.73 -101.17
N TYR LD 80 -80.09 51.85 -101.98
CA TYR LD 80 -80.10 50.42 -101.72
C TYR LD 80 -79.86 49.67 -103.03
N THR LD 81 -79.60 48.38 -102.92
CA THR LD 81 -79.48 47.49 -104.06
C THR LD 81 -80.42 46.30 -103.87
N GLN LD 82 -81.09 45.91 -104.96
CA GLN LD 82 -81.97 44.75 -104.95
C GLN LD 82 -81.53 43.81 -106.05
N VAL LD 83 -81.22 42.57 -105.68
CA VAL LD 83 -80.66 41.60 -106.61
C VAL LD 83 -81.70 40.50 -106.89
N TRP LD 84 -81.41 39.70 -107.91
CA TRP LD 84 -82.19 38.50 -108.22
C TRP LD 84 -81.20 37.50 -108.80
N SER LD 85 -80.68 36.63 -107.94
CA SER LD 85 -79.71 35.65 -108.39
C SER LD 85 -80.40 34.45 -109.01
N HIS LD 86 -79.62 33.64 -109.72
CA HIS LD 86 -80.05 32.36 -110.24
C HIS LD 86 -78.94 31.35 -109.98
N ASP LD 87 -79.31 30.07 -109.91
CA ASP LD 87 -78.34 29.01 -109.70
C ASP LD 87 -78.89 27.76 -110.40
N VAL LD 88 -78.48 27.55 -111.63
CA VAL LD 88 -78.94 26.42 -112.42
C VAL LD 88 -77.89 25.32 -112.33
N THR LD 89 -78.35 24.09 -112.11
CA THR LD 89 -77.45 22.93 -112.07
C THR LD 89 -77.83 22.00 -113.21
N ILE LD 90 -76.89 21.79 -114.13
CA ILE LD 90 -77.10 20.97 -115.31
C ILE LD 90 -76.08 19.84 -115.28
N VAL LD 91 -76.56 18.61 -115.32
CA VAL LD 91 -75.67 17.46 -115.43
C VAL LD 91 -75.35 17.21 -116.90
N ALA LD 92 -74.12 16.77 -117.16
CA ALA LD 92 -73.57 16.84 -118.51
C ALA LD 92 -74.15 15.79 -119.44
N ASN LD 93 -74.54 14.62 -118.91
CA ASN LD 93 -75.06 13.53 -119.73
C ASN LD 93 -76.56 13.59 -119.90
N SER LD 94 -77.17 14.76 -119.80
CA SER LD 94 -78.61 14.91 -119.91
C SER LD 94 -79.06 14.72 -121.36
N THR LD 95 -80.37 14.57 -121.52
CA THR LD 95 -80.99 14.71 -122.82
C THR LD 95 -81.38 16.16 -123.04
N GLU LD 96 -81.60 16.53 -124.29
CA GLU LD 96 -81.87 17.92 -124.61
C GLU LD 96 -83.28 18.34 -124.17
N ALA LD 97 -84.21 17.39 -124.12
CA ALA LD 97 -85.56 17.72 -123.65
C ALA LD 97 -85.60 17.90 -122.14
N SER LD 98 -84.61 17.41 -121.41
CA SER LD 98 -84.53 17.68 -119.98
C SER LD 98 -84.10 19.11 -119.73
N ARG LD 99 -83.06 19.57 -120.42
CA ARG LD 99 -82.59 20.94 -120.28
C ARG LD 99 -83.55 21.95 -120.87
N LYS LD 100 -84.35 21.56 -121.87
CA LYS LD 100 -85.30 22.48 -122.46
C LYS LD 100 -86.54 22.64 -121.57
N SER LD 101 -86.99 21.55 -120.94
CA SER LD 101 -88.18 21.63 -120.09
C SER LD 101 -87.88 22.36 -118.80
N LEU LD 102 -86.66 22.22 -118.27
CA LEU LD 102 -86.27 22.96 -117.07
C LEU LD 102 -86.24 24.45 -117.33
N TYR LD 103 -85.82 24.85 -118.54
CA TYR LD 103 -85.88 26.25 -118.91
C TYR LD 103 -87.32 26.68 -119.16
N ASP LD 104 -88.12 25.83 -119.81
CA ASP LD 104 -89.49 26.19 -120.14
C ASP LD 104 -90.40 26.26 -118.92
N LEU LD 105 -90.07 25.54 -117.85
CA LEU LD 105 -90.87 25.64 -116.64
C LEU LD 105 -90.50 26.87 -115.82
N THR LD 106 -89.21 27.21 -115.80
CA THR LD 106 -88.78 28.38 -115.04
C THR LD 106 -89.10 29.67 -115.79
N LYS LD 107 -89.17 29.62 -117.12
CA LYS LD 107 -89.65 30.77 -117.89
C LYS LD 107 -91.12 31.04 -117.59
N SER LD 108 -91.89 29.99 -117.33
CA SER LD 108 -93.29 30.15 -116.96
C SER LD 108 -93.50 30.28 -115.47
N LEU LD 109 -92.49 29.94 -114.66
CA LEU LD 109 -92.59 30.19 -113.22
C LEU LD 109 -92.53 31.68 -112.93
N VAL LD 110 -91.58 32.38 -113.56
CA VAL LD 110 -91.42 33.81 -113.31
C VAL LD 110 -92.57 34.60 -113.93
N ALA LD 111 -93.11 34.12 -115.04
CA ALA LD 111 -94.11 34.88 -115.77
C ALA LD 111 -95.52 34.76 -115.20
N THR LD 112 -95.72 34.02 -114.11
CA THR LD 112 -97.05 33.89 -113.55
C THR LD 112 -97.36 35.04 -112.61
N SER LD 113 -98.64 35.17 -112.26
CA SER LD 113 -99.08 36.27 -111.40
C SER LD 113 -98.87 35.99 -109.93
N GLN LD 114 -98.42 34.80 -109.56
CA GLN LD 114 -98.21 34.50 -108.14
C GLN LD 114 -96.80 34.79 -107.69
N VAL LD 115 -95.82 34.69 -108.59
CA VAL LD 115 -94.46 35.08 -108.24
C VAL LD 115 -94.29 36.58 -108.39
N GLU LD 116 -95.10 37.21 -109.25
CA GLU LD 116 -95.10 38.67 -109.35
C GLU LD 116 -95.56 39.31 -108.06
N ASP LD 117 -96.63 38.80 -107.45
CA ASP LD 117 -97.08 39.33 -106.17
C ASP LD 117 -96.18 38.89 -105.02
N LEU LD 118 -95.37 37.86 -105.20
CA LEU LD 118 -94.49 37.41 -104.14
C LEU LD 118 -93.30 38.34 -103.95
N VAL LD 119 -92.84 38.99 -105.01
CA VAL LD 119 -91.67 39.85 -104.91
C VAL LD 119 -92.07 41.32 -104.87
N VAL LD 120 -93.25 41.65 -105.38
CA VAL LD 120 -93.70 43.04 -105.32
C VAL LD 120 -94.44 43.31 -104.02
N ASN LD 121 -95.48 42.53 -103.73
CA ASN LD 121 -96.35 42.79 -102.58
C ASN LD 121 -96.17 41.78 -101.46
N LEU LD 122 -95.18 40.90 -101.55
CA LEU LD 122 -94.77 39.93 -100.51
C LEU LD 122 -95.88 38.94 -100.17
N VAL LD 123 -96.81 38.71 -101.09
CA VAL LD 123 -97.90 37.76 -100.87
C VAL LD 123 -97.35 36.34 -101.03
N PRO LD 124 -97.67 35.41 -100.14
CA PRO LD 124 -97.15 34.04 -100.28
C PRO LD 124 -97.77 33.32 -101.47
N LEU LD 125 -97.19 32.16 -101.78
CA LEU LD 125 -97.55 31.43 -102.98
C LEU LD 125 -98.78 30.56 -102.76
N GLY LD 126 -99.43 30.20 -103.85
CA GLY LD 126 -100.56 29.32 -103.79
C GLY LD 126 -101.90 30.04 -103.73
N ARG LD 127 -102.78 29.76 -104.68
CA ARG LD 127 -104.10 30.34 -104.73
C ARG LD 127 -105.12 29.24 -104.93
N ALA LD 128 -105.93 28.99 -103.91
CA ALA LD 128 -106.87 27.87 -103.93
C ALA LD 128 -108.10 28.25 -104.75
N TYR LD 129 -108.20 27.74 -105.97
CA TYR LD 129 -109.34 27.95 -106.83
C TYR LD 129 -110.11 26.63 -106.94
N GLY LD 130 -111.00 26.41 -105.97
CA GLY LD 130 -111.80 25.20 -105.93
C GLY LD 130 -111.01 23.94 -105.67
N GLY LD 131 -110.42 23.83 -104.48
CA GLY LD 131 -109.62 22.68 -104.14
C GLY LD 131 -108.43 23.01 -103.28
N SER LD 132 -107.27 22.49 -103.63
CA SER LD 132 -106.05 22.76 -102.88
C SER LD 132 -105.39 24.03 -103.39
N LYS LD 133 -104.35 24.47 -102.67
CA LYS LD 133 -103.56 25.61 -103.09
C LYS LD 133 -102.65 25.17 -104.23
N THR LD 134 -102.87 25.71 -105.42
CA THR LD 134 -102.23 25.22 -106.63
C THR LD 134 -101.52 26.35 -107.37
N ILE LD 135 -100.48 25.97 -108.12
CA ILE LD 135 -99.79 26.85 -109.06
C ILE LD 135 -99.87 26.19 -110.42
N VAL LD 136 -100.23 26.96 -111.44
CA VAL LD 136 -100.32 26.45 -112.81
C VAL LD 136 -99.15 27.00 -113.61
N LEU LD 137 -98.33 26.10 -114.18
CA LEU LD 137 -97.17 26.47 -114.97
C LEU LD 137 -97.45 26.05 -116.41
N SER LD 138 -98.05 26.95 -117.18
CA SER LD 138 -98.39 26.66 -118.57
C SER LD 138 -97.15 26.67 -119.44
N VAL LD 139 -97.00 25.62 -120.25
CA VAL LD 139 -95.86 25.48 -121.13
C VAL LD 139 -96.40 25.57 -122.55
N GLY LD 140 -97.43 26.40 -122.73
CA GLY LD 140 -98.13 26.49 -123.98
C GLY LD 140 -99.58 26.07 -123.80
N GLU LD 141 -99.95 24.91 -124.35
CA GLU LD 141 -101.23 24.31 -124.03
C GLU LD 141 -101.14 23.23 -122.97
N ALA LD 142 -99.94 22.73 -122.68
CA ALA LD 142 -99.75 21.81 -121.58
C ALA LD 142 -99.60 22.59 -120.28
N THR LD 143 -100.50 22.32 -119.32
CA THR LD 143 -100.49 22.99 -118.03
C THR LD 143 -100.13 21.96 -116.97
N ARG LD 144 -99.16 22.30 -116.13
CA ARG LD 144 -98.67 21.41 -115.09
C ARG LD 144 -99.00 22.04 -113.73
N THR LD 145 -99.96 21.43 -113.03
CA THR LD 145 -100.52 22.01 -111.81
C THR LD 145 -99.87 21.40 -110.59
N LEU LD 146 -99.15 22.21 -109.83
CA LEU LD 146 -98.49 21.75 -108.61
C LEU LD 146 -99.32 22.12 -107.39
N THR LD 147 -99.66 21.11 -106.59
CA THR LD 147 -100.47 21.29 -105.40
C THR LD 147 -99.58 21.34 -104.16
N GLU LD 148 -100.00 22.13 -103.18
CA GLU LD 148 -99.20 22.34 -101.98
C GLU LD 148 -99.25 21.12 -101.08
N ILE LD 149 -98.08 20.68 -100.61
CA ILE LD 149 -97.99 19.50 -99.75
C ILE LD 149 -97.58 19.83 -98.33
N GLN LD 150 -96.97 20.99 -98.09
CA GLN LD 150 -96.48 21.33 -96.76
C GLN LD 150 -96.29 22.84 -96.69
N SER LD 151 -96.81 23.45 -95.63
CA SER LD 151 -96.65 24.88 -95.39
C SER LD 151 -96.12 25.05 -93.96
N THR LD 152 -94.79 25.02 -93.83
CA THR LD 152 -94.14 25.21 -92.54
C THR LD 152 -94.05 26.72 -92.32
N ALA LD 153 -93.49 27.16 -91.17
CA ALA LD 153 -93.36 28.58 -90.90
C ALA LD 153 -92.33 29.24 -91.81
N ASP LD 154 -91.37 28.46 -92.31
CA ASP LD 154 -90.37 28.97 -93.23
C ASP LD 154 -90.59 28.48 -94.67
N ARG LD 155 -90.70 27.17 -94.86
CA ARG LD 155 -90.79 26.62 -96.21
C ARG LD 155 -92.25 26.57 -96.67
N GLN LD 156 -92.42 26.38 -97.97
CA GLN LD 156 -93.74 26.19 -98.57
C GLN LD 156 -93.55 25.31 -99.80
N ILE LD 157 -93.70 24.01 -99.62
CA ILE LD 157 -93.34 23.04 -100.64
C ILE LD 157 -94.54 22.73 -101.52
N PHE LD 158 -94.36 22.85 -102.83
CA PHE LD 158 -95.35 22.44 -103.81
C PHE LD 158 -94.83 21.22 -104.56
N GLU LD 159 -95.74 20.48 -105.17
CA GLU LD 159 -95.38 19.25 -105.84
C GLU LD 159 -96.48 18.85 -106.81
N GLU LD 160 -96.11 18.34 -107.97
CA GLU LD 160 -97.08 17.79 -108.90
C GLU LD 160 -97.54 16.43 -108.41
N LYS LD 161 -98.70 15.99 -108.88
CA LYS LD 161 -99.33 14.80 -108.34
C LYS LD 161 -99.60 13.70 -109.36
N VAL LD 162 -99.42 13.97 -110.64
CA VAL LD 162 -99.59 12.92 -111.64
C VAL LD 162 -98.30 12.14 -111.80
N GLY LD 163 -98.43 10.91 -112.28
CA GLY LD 163 -97.28 10.08 -112.58
C GLY LD 163 -96.85 9.23 -111.40
N PRO LD 164 -95.64 8.68 -111.47
CA PRO LD 164 -95.11 7.87 -110.37
C PRO LD 164 -94.77 8.73 -109.17
N LEU LD 165 -94.63 8.06 -108.02
CA LEU LD 165 -94.34 8.75 -106.77
C LEU LD 165 -92.86 9.00 -106.54
N VAL LD 166 -91.99 8.44 -107.38
CA VAL LD 166 -90.56 8.50 -107.09
C VAL LD 166 -89.93 9.80 -107.58
N GLY LD 167 -90.34 10.30 -108.75
CA GLY LD 167 -89.81 11.56 -109.24
C GLY LD 167 -90.90 12.50 -109.68
N ARG LD 168 -91.02 13.64 -109.01
CA ARG LD 168 -92.04 14.63 -109.34
C ARG LD 168 -91.44 16.02 -109.22
N LEU LD 169 -92.16 17.01 -109.75
CA LEU LD 169 -91.73 18.39 -109.67
C LEU LD 169 -91.78 18.89 -108.24
N ARG LD 170 -90.96 19.89 -107.95
CA ARG LD 170 -90.90 20.47 -106.62
C ARG LD 170 -90.82 21.98 -106.75
N LEU LD 171 -91.31 22.67 -105.72
CA LEU LD 171 -91.21 24.13 -105.66
C LEU LD 171 -91.17 24.50 -104.18
N THR LD 172 -89.97 24.68 -103.65
CA THR LD 172 -89.79 24.98 -102.24
C THR LD 172 -89.52 26.47 -102.10
N ALA LD 173 -90.59 27.25 -101.99
CA ALA LD 173 -90.45 28.68 -101.75
C ALA LD 173 -90.13 28.93 -100.28
N SER LD 174 -89.56 30.10 -100.01
CA SER LD 174 -89.25 30.51 -98.66
C SER LD 174 -89.29 32.03 -98.60
N LEU LD 175 -89.18 32.56 -97.38
CA LEU LD 175 -89.21 34.00 -97.16
C LEU LD 175 -88.62 34.27 -95.79
N ARG LD 176 -87.60 35.11 -95.73
CA ARG LD 176 -86.93 35.43 -94.48
C ARG LD 176 -86.78 36.94 -94.38
N GLN LD 177 -86.23 37.39 -93.25
CA GLN LD 177 -85.72 38.75 -93.11
C GLN LD 177 -84.58 38.73 -92.10
N ASN LD 178 -83.37 38.97 -92.58
CA ASN LD 178 -82.17 38.88 -91.76
C ASN LD 178 -81.73 40.27 -91.32
N GLY LD 179 -81.25 40.34 -90.08
CA GLY LD 179 -80.77 41.59 -89.52
C GLY LD 179 -81.83 42.34 -88.75
N ALA LD 180 -81.78 43.67 -88.82
CA ALA LD 180 -82.74 44.50 -88.09
C ALA LD 180 -83.95 44.85 -88.95
N LYS LD 181 -84.55 43.81 -89.54
CA LYS LD 181 -85.81 43.88 -90.30
C LYS LD 181 -85.74 44.87 -91.47
N THR LD 182 -84.57 44.98 -92.10
CA THR LD 182 -84.38 45.93 -93.18
C THR LD 182 -84.52 45.33 -94.57
N ALA LD 183 -84.23 44.03 -94.72
CA ALA LD 183 -84.25 43.42 -96.05
C ALA LD 183 -84.88 42.05 -95.97
N TYR LD 184 -85.69 41.73 -96.97
CA TYR LD 184 -86.31 40.42 -97.09
C TYR LD 184 -85.44 39.50 -97.92
N ARG LD 185 -85.86 38.24 -98.05
CA ARG LD 185 -85.10 37.27 -98.84
C ARG LD 185 -86.06 36.21 -99.35
N VAL LD 186 -86.48 36.34 -100.60
CA VAL LD 186 -87.30 35.33 -101.26
C VAL LD 186 -86.39 34.26 -101.84
N ASN LD 187 -86.85 33.01 -101.83
CA ASN LD 187 -85.99 31.90 -102.25
C ASN LD 187 -86.85 30.81 -102.87
N LEU LD 188 -86.96 30.82 -104.19
CA LEU LD 188 -87.62 29.74 -104.92
C LEU LD 188 -86.60 28.71 -105.37
N LYS LD 189 -87.10 27.52 -105.70
CA LYS LD 189 -86.24 26.41 -106.14
C LYS LD 189 -87.10 25.38 -106.84
N LEU LD 190 -86.75 25.04 -108.08
CA LEU LD 190 -87.53 24.12 -108.90
C LEU LD 190 -86.71 22.87 -109.18
N ASP LD 191 -87.05 21.77 -108.52
CA ASP LD 191 -86.39 20.49 -108.74
C ASP LD 191 -87.09 19.72 -109.85
N GLN LD 192 -86.32 19.22 -110.81
CA GLN LD 192 -86.87 18.35 -111.84
C GLN LD 192 -85.98 17.12 -111.94
N ALA LD 193 -86.55 15.96 -111.65
CA ALA LD 193 -85.84 14.69 -111.73
C ALA LD 193 -86.33 13.93 -112.95
N ASP LD 194 -85.39 13.28 -113.65
CA ASP LD 194 -85.71 12.51 -114.85
C ASP LD 194 -85.96 11.07 -114.44
N VAL LD 195 -87.20 10.62 -114.56
CA VAL LD 195 -87.57 9.25 -114.21
C VAL LD 195 -87.73 8.46 -115.50
N VAL LD 196 -87.31 7.19 -115.46
CA VAL LD 196 -87.38 6.29 -116.60
C VAL LD 196 -87.76 4.90 -116.09
N ASP LD 197 -88.44 4.15 -116.94
CA ASP LD 197 -88.77 2.76 -116.66
C ASP LD 197 -88.75 1.92 -117.93
N CYS LD 198 -88.22 0.71 -117.81
CA CYS LD 198 -88.21 -0.26 -118.89
C CYS LD 198 -88.81 -1.59 -118.46
N SER LD 199 -90.00 -1.55 -117.86
CA SER LD 199 -90.74 -2.77 -117.58
C SER LD 199 -91.17 -3.48 -118.86
N THR LD 200 -91.28 -2.75 -119.97
CA THR LD 200 -91.51 -3.38 -121.27
C THR LD 200 -90.25 -4.05 -121.80
N SER LD 201 -89.07 -3.65 -121.29
CA SER LD 201 -87.81 -4.23 -121.73
C SER LD 201 -87.24 -5.22 -120.70
N VAL LD 202 -87.06 -4.80 -119.46
CA VAL LD 202 -86.55 -5.65 -118.40
C VAL LD 202 -87.66 -5.87 -117.39
N CYS LD 203 -87.97 -7.14 -117.12
CA CYS LD 203 -89.05 -7.48 -116.21
C CYS LD 203 -88.69 -7.16 -114.76
N GLY LD 204 -89.72 -6.84 -113.98
CA GLY LD 204 -89.56 -6.52 -112.59
C GLY LD 204 -88.83 -5.22 -112.33
N GLU LD 205 -88.86 -4.29 -113.26
CA GLU LD 205 -88.16 -3.02 -113.13
C GLU LD 205 -89.18 -1.92 -112.85
N LEU LD 206 -89.12 -1.37 -111.64
CA LEU LD 206 -89.93 -0.24 -111.26
C LEU LD 206 -89.22 1.06 -111.67
N PRO LD 207 -89.96 2.16 -111.81
CA PRO LD 207 -89.33 3.43 -112.22
C PRO LD 207 -88.34 3.95 -111.19
N LYS LD 208 -87.32 4.66 -111.68
CA LYS LD 208 -86.28 5.22 -110.86
C LYS LD 208 -85.78 6.50 -111.51
N VAL LD 209 -85.09 7.32 -110.73
CA VAL LD 209 -84.57 8.61 -111.19
C VAL LD 209 -83.15 8.45 -111.67
N ARG LD 210 -82.83 9.08 -112.80
CA ARG LD 210 -81.46 9.10 -113.29
C ARG LD 210 -80.65 10.21 -112.62
N TYR LD 211 -81.08 11.46 -112.83
CA TYR LD 211 -80.38 12.64 -112.32
C TYR LD 211 -81.42 13.63 -111.83
N THR LD 212 -80.96 14.82 -111.46
CA THR LD 212 -81.87 15.91 -111.12
C THR LD 212 -81.22 17.22 -111.54
N GLN LD 213 -82.06 18.21 -111.82
CA GLN LD 213 -81.61 19.52 -112.27
C GLN LD 213 -82.43 20.60 -111.58
N VAL LD 214 -81.74 21.55 -110.96
CA VAL LD 214 -82.40 22.58 -110.17
C VAL LD 214 -82.37 23.90 -110.94
N TRP LD 215 -83.21 24.83 -110.50
CA TRP LD 215 -83.12 26.23 -110.91
C TRP LD 215 -83.63 27.03 -109.72
N SER LD 216 -82.71 27.38 -108.82
CA SER LD 216 -83.11 28.12 -107.63
C SER LD 216 -82.96 29.62 -107.86
N HIS LD 217 -83.69 30.38 -107.04
CA HIS LD 217 -83.68 31.83 -107.12
C HIS LD 217 -83.39 32.39 -105.74
N ASP LD 218 -82.85 33.60 -105.70
CA ASP LD 218 -82.54 34.25 -104.43
C ASP LD 218 -82.70 35.76 -104.63
N VAL LD 219 -83.88 36.26 -104.30
CA VAL LD 219 -84.20 37.67 -104.45
C VAL LD 219 -83.96 38.37 -103.13
N THR LD 220 -83.31 39.53 -103.18
CA THR LD 220 -83.06 40.35 -102.01
C THR LD 220 -83.82 41.66 -102.17
N ILE LD 221 -84.76 41.92 -101.27
CA ILE LD 221 -85.62 43.08 -101.33
C ILE LD 221 -85.54 43.81 -100.00
N VAL LD 222 -85.13 45.07 -100.04
CA VAL LD 222 -85.09 45.88 -98.82
C VAL LD 222 -86.49 46.36 -98.50
N ALA LD 223 -86.76 46.55 -97.21
CA ALA LD 223 -88.14 46.71 -96.74
C ALA LD 223 -88.71 48.08 -97.07
N ASN LD 224 -87.86 49.11 -97.13
CA ASN LD 224 -88.31 50.47 -97.39
C ASN LD 224 -88.26 50.84 -98.86
N SER LD 225 -88.47 49.88 -99.76
CA SER LD 225 -88.35 50.08 -101.18
C SER LD 225 -89.50 50.93 -101.72
N THR LD 226 -89.34 51.37 -102.96
CA THR LD 226 -90.44 51.90 -103.75
C THR LD 226 -91.14 50.73 -104.39
N GLU LD 227 -92.43 50.90 -104.74
CA GLU LD 227 -93.15 49.83 -105.41
C GLU LD 227 -92.63 49.63 -106.82
N ALA LD 228 -92.36 50.71 -107.55
CA ALA LD 228 -91.80 50.59 -108.89
C ALA LD 228 -90.34 50.18 -108.87
N SER LD 229 -89.68 50.23 -107.71
CA SER LD 229 -88.35 49.66 -107.58
C SER LD 229 -88.40 48.15 -107.53
N ARG LD 230 -89.45 47.59 -106.93
CA ARG LD 230 -89.62 46.14 -106.92
C ARG LD 230 -90.30 45.65 -108.18
N LYS LD 231 -91.15 46.49 -108.78
CA LYS LD 231 -91.84 46.10 -110.01
C LYS LD 231 -90.88 46.05 -111.18
N SER LD 232 -89.89 46.94 -111.20
CA SER LD 232 -88.93 46.95 -112.30
C SER LD 232 -87.89 45.85 -112.16
N LEU LD 233 -87.59 45.43 -110.93
CA LEU LD 233 -86.69 44.30 -110.75
C LEU LD 233 -87.32 43.00 -111.21
N TYR LD 234 -88.62 42.84 -110.99
CA TYR LD 234 -89.32 41.66 -111.49
C TYR LD 234 -89.44 41.70 -113.01
N ASP LD 235 -89.77 42.87 -113.56
CA ASP LD 235 -89.97 43.02 -114.99
C ASP LD 235 -88.69 42.85 -115.80
N LEU LD 236 -87.53 43.11 -115.20
CA LEU LD 236 -86.26 42.88 -115.89
C LEU LD 236 -85.89 41.40 -115.84
N THR LD 237 -86.10 40.74 -114.70
CA THR LD 237 -85.76 39.33 -114.58
C THR LD 237 -86.72 38.46 -115.38
N LYS LD 238 -88.00 38.84 -115.46
CA LYS LD 238 -88.94 38.15 -116.32
C LYS LD 238 -88.54 38.30 -117.79
N SER LD 239 -87.99 39.45 -118.16
CA SER LD 239 -87.53 39.66 -119.51
C SER LD 239 -86.13 39.12 -119.74
N LEU LD 240 -85.39 38.83 -118.69
CA LEU LD 240 -84.06 38.25 -118.85
C LEU LD 240 -84.16 36.77 -119.18
N VAL LD 241 -84.99 36.03 -118.44
CA VAL LD 241 -85.18 34.60 -118.67
C VAL LD 241 -85.84 34.35 -120.03
N ALA LD 242 -86.69 35.26 -120.49
CA ALA LD 242 -87.39 35.07 -121.75
C ALA LD 242 -86.54 35.38 -122.97
N THR LD 243 -85.27 35.75 -122.82
CA THR LD 243 -84.43 36.03 -123.97
C THR LD 243 -83.96 34.75 -124.63
N SER LD 244 -83.38 34.89 -125.82
CA SER LD 244 -82.85 33.75 -126.56
C SER LD 244 -81.42 33.42 -126.18
N GLN LD 245 -80.81 34.19 -125.28
CA GLN LD 245 -79.42 33.92 -124.90
C GLN LD 245 -79.36 33.11 -123.60
N VAL LD 246 -80.27 33.37 -122.67
CA VAL LD 246 -80.33 32.57 -121.46
C VAL LD 246 -80.98 31.22 -121.73
N GLU LD 247 -81.77 31.11 -122.80
CA GLU LD 247 -82.21 29.81 -123.27
C GLU LD 247 -81.03 28.95 -123.72
N ASP LD 248 -80.18 29.51 -124.57
CA ASP LD 248 -79.02 28.79 -125.07
C ASP LD 248 -77.91 28.66 -124.03
N LEU LD 249 -77.93 29.46 -122.98
CA LEU LD 249 -76.96 29.29 -121.90
C LEU LD 249 -77.28 28.05 -121.07
N VAL LD 250 -78.55 27.70 -120.95
CA VAL LD 250 -78.95 26.52 -120.21
C VAL LD 250 -78.96 25.28 -121.10
N VAL LD 251 -79.48 25.41 -122.32
CA VAL LD 251 -79.59 24.25 -123.20
C VAL LD 251 -78.24 23.87 -123.80
N ASN LD 252 -77.50 24.85 -124.32
CA ASN LD 252 -76.29 24.56 -125.07
C ASN LD 252 -75.01 25.09 -124.44
N LEU LD 253 -75.09 25.71 -123.25
CA LEU LD 253 -73.94 26.16 -122.45
C LEU LD 253 -73.07 27.20 -123.16
N VAL LD 254 -73.62 27.91 -124.14
CA VAL LD 254 -72.89 29.02 -124.76
C VAL LD 254 -73.09 30.26 -123.90
N PRO LD 255 -72.02 31.00 -123.58
CA PRO LD 255 -72.15 32.16 -122.69
C PRO LD 255 -72.92 33.31 -123.34
N LEU LD 256 -73.24 34.30 -122.53
CA LEU LD 256 -74.10 35.40 -122.93
C LEU LD 256 -73.34 36.40 -123.80
N GLY LD 257 -74.11 37.25 -124.47
CA GLY LD 257 -73.54 38.34 -125.23
C GLY LD 257 -73.34 38.05 -126.70
N ARG LD 258 -74.11 38.70 -127.56
CA ARG LD 258 -73.91 38.61 -129.00
C ARG LD 258 -73.80 40.01 -129.60
N SER MD 1 -128.13 56.79 -61.76
CA SER MD 1 -126.72 57.15 -61.84
C SER MD 1 -126.29 57.32 -63.29
N LYS MD 2 -125.08 56.84 -63.60
CA LYS MD 2 -124.53 56.91 -64.95
C LYS MD 2 -124.71 55.56 -65.62
N THR MD 3 -125.27 55.57 -66.82
CA THR MD 3 -125.68 54.34 -67.50
C THR MD 3 -125.01 54.21 -68.86
N ILE MD 4 -124.81 52.96 -69.27
CA ILE MD 4 -124.48 52.60 -70.65
C ILE MD 4 -125.60 51.69 -71.14
N VAL MD 5 -126.05 51.91 -72.38
CA VAL MD 5 -127.07 51.07 -72.98
C VAL MD 5 -126.42 50.20 -74.05
N LEU MD 6 -126.80 48.92 -74.07
CA LEU MD 6 -126.27 47.96 -75.02
C LEU MD 6 -127.45 47.32 -75.74
N SER MD 7 -127.75 47.83 -76.94
CA SER MD 7 -128.88 47.31 -77.72
C SER MD 7 -128.48 46.01 -78.40
N VAL MD 8 -129.24 44.95 -78.15
CA VAL MD 8 -128.93 43.62 -78.64
C VAL MD 8 -130.03 43.30 -79.64
N GLY MD 9 -130.47 44.33 -80.35
CA GLY MD 9 -131.61 44.23 -81.24
C GLY MD 9 -132.65 45.26 -80.86
N GLU MD 10 -133.78 44.81 -80.33
CA GLU MD 10 -134.71 45.70 -79.67
C GLU MD 10 -134.63 45.61 -78.15
N ALA MD 11 -134.02 44.55 -77.62
CA ALA MD 11 -133.82 44.43 -76.19
C ALA MD 11 -132.62 45.26 -75.76
N THR MD 12 -132.84 46.22 -74.87
CA THR MD 12 -131.79 47.10 -74.37
C THR MD 12 -131.46 46.70 -72.95
N ARG MD 13 -130.17 46.53 -72.65
CA ARG MD 13 -129.70 46.13 -71.32
C ARG MD 13 -128.85 47.27 -70.77
N THR MD 14 -129.42 48.02 -69.82
CA THR MD 14 -128.78 49.21 -69.30
C THR MD 14 -127.96 48.87 -68.06
N LEU MD 15 -126.66 49.15 -68.10
CA LEU MD 15 -125.76 48.92 -66.99
C LEU MD 15 -125.52 50.21 -66.22
N THR MD 16 -125.81 50.17 -64.92
CA THR MD 16 -125.64 51.35 -64.08
C THR MD 16 -124.35 51.24 -63.28
N GLU MD 17 -123.83 52.38 -62.87
CA GLU MD 17 -122.51 52.45 -62.27
C GLU MD 17 -122.57 52.17 -60.78
N ILE MD 18 -121.68 51.32 -60.30
CA ILE MD 18 -121.61 50.98 -58.87
C ILE MD 18 -120.29 51.37 -58.23
N GLN MD 19 -119.34 51.91 -58.99
CA GLN MD 19 -118.05 52.30 -58.43
C GLN MD 19 -117.42 53.33 -59.35
N SER MD 20 -116.72 54.30 -58.76
CA SER MD 20 -115.99 55.31 -59.52
C SER MD 20 -114.73 55.65 -58.74
N THR MD 21 -113.64 55.00 -59.06
CA THR MD 21 -112.35 55.29 -58.46
C THR MD 21 -111.67 56.34 -59.36
N ALA MD 22 -110.39 56.62 -59.14
CA ALA MD 22 -109.68 57.57 -59.99
C ALA MD 22 -109.48 57.00 -61.39
N ASP MD 23 -109.27 55.69 -61.48
CA ASP MD 23 -109.14 55.02 -62.77
C ASP MD 23 -110.19 53.95 -63.02
N ARG MD 24 -110.47 53.10 -62.04
CA ARG MD 24 -111.43 52.02 -62.26
C ARG MD 24 -112.85 52.54 -62.18
N GLN MD 25 -113.75 51.87 -62.91
CA GLN MD 25 -115.12 52.36 -63.07
C GLN MD 25 -115.99 51.17 -63.42
N ILE MD 26 -116.73 50.67 -62.44
CA ILE MD 26 -117.43 49.39 -62.52
C ILE MD 26 -118.91 49.63 -62.78
N PHE MD 27 -119.47 48.93 -63.77
CA PHE MD 27 -120.88 48.97 -64.09
C PHE MD 27 -121.50 47.61 -63.84
N GLU MD 28 -122.81 47.62 -63.56
CA GLU MD 28 -123.57 46.38 -63.42
C GLU MD 28 -124.99 46.61 -63.92
N GLU MD 29 -125.61 45.54 -64.38
CA GLU MD 29 -127.03 45.53 -64.68
C GLU MD 29 -127.79 45.20 -63.40
N LYS MD 30 -128.96 45.81 -63.24
CA LYS MD 30 -129.71 45.70 -62.00
C LYS MD 30 -130.92 44.78 -62.09
N VAL MD 31 -131.22 44.23 -63.25
CA VAL MD 31 -132.37 43.35 -63.40
C VAL MD 31 -131.95 41.91 -63.11
N GLY MD 32 -132.73 41.24 -62.26
CA GLY MD 32 -132.54 39.83 -62.02
C GLY MD 32 -132.08 39.51 -60.60
N PRO MD 33 -131.55 38.29 -60.40
CA PRO MD 33 -131.04 37.92 -59.08
C PRO MD 33 -129.79 38.70 -58.69
N LEU MD 34 -129.42 38.63 -57.42
CA LEU MD 34 -128.36 39.48 -56.87
C LEU MD 34 -126.99 38.84 -56.93
N VAL MD 35 -126.88 37.59 -57.37
CA VAL MD 35 -125.61 36.88 -57.27
C VAL MD 35 -124.87 36.87 -58.61
N GLY MD 36 -125.57 36.76 -59.73
CA GLY MD 36 -124.91 36.80 -61.02
C GLY MD 36 -125.50 37.85 -61.93
N ARG MD 37 -124.72 38.87 -62.25
CA ARG MD 37 -125.16 39.97 -63.10
C ARG MD 37 -124.05 40.33 -64.08
N LEU MD 38 -124.39 41.18 -65.03
CA LEU MD 38 -123.40 41.70 -65.96
C LEU MD 38 -122.40 42.60 -65.25
N ARG MD 39 -121.24 42.79 -65.86
CA ARG MD 39 -120.16 43.53 -65.25
C ARG MD 39 -119.34 44.19 -66.36
N LEU MD 40 -118.86 45.40 -66.09
CA LEU MD 40 -118.10 46.14 -67.09
C LEU MD 40 -117.06 46.97 -66.33
N THR MD 41 -115.86 46.42 -66.20
CA THR MD 41 -114.80 47.05 -65.40
C THR MD 41 -113.94 47.89 -66.34
N ALA MD 42 -114.37 49.11 -66.60
CA ALA MD 42 -113.61 50.04 -67.41
C ALA MD 42 -112.44 50.62 -66.63
N SER MD 43 -111.45 51.12 -67.36
CA SER MD 43 -110.26 51.70 -66.74
C SER MD 43 -109.58 52.61 -67.77
N LEU MD 44 -108.60 53.37 -67.28
CA LEU MD 44 -107.78 54.24 -68.11
C LEU MD 44 -106.53 54.59 -67.32
N ARG MD 45 -105.40 54.67 -68.02
CA ARG MD 45 -104.11 54.94 -67.40
C ARG MD 45 -103.26 55.78 -68.33
N GLN MD 46 -102.08 56.16 -67.85
CA GLN MD 46 -101.00 56.66 -68.71
C GLN MD 46 -99.68 56.29 -68.06
N ASN MD 47 -99.12 55.16 -68.48
CA ASN MD 47 -97.94 54.60 -67.85
C ASN MD 47 -96.68 55.07 -68.58
N GLY MD 48 -95.59 55.19 -67.81
CA GLY MD 48 -94.32 55.60 -68.37
C GLY MD 48 -94.11 57.10 -68.29
N ALA MD 49 -93.55 57.68 -69.34
CA ALA MD 49 -93.27 59.12 -69.37
C ALA MD 49 -94.42 59.89 -70.01
N LYS MD 50 -95.64 59.57 -69.54
CA LYS MD 50 -96.88 60.30 -69.83
C LYS MD 50 -97.18 60.40 -71.33
N THR MD 51 -96.76 59.41 -72.12
CA THR MD 51 -96.87 59.50 -73.57
C THR MD 51 -97.85 58.50 -74.17
N ALA MD 52 -98.24 57.46 -73.43
CA ALA MD 52 -99.11 56.43 -73.97
C ALA MD 52 -100.20 56.13 -72.96
N TYR MD 53 -101.45 56.15 -73.41
CA TYR MD 53 -102.58 55.79 -72.57
C TYR MD 53 -102.86 54.30 -72.68
N ARG MD 54 -103.80 53.82 -71.87
CA ARG MD 54 -104.14 52.40 -71.89
C ARG MD 54 -105.60 52.25 -71.43
N VAL MD 55 -106.49 52.09 -72.40
CA VAL MD 55 -107.87 51.75 -72.12
C VAL MD 55 -107.96 50.26 -71.84
N ASN MD 56 -108.80 49.87 -70.89
CA ASN MD 56 -108.84 48.48 -70.45
C ASN MD 56 -110.28 48.16 -70.04
N LEU MD 57 -111.05 47.59 -70.96
CA LEU MD 57 -112.41 47.14 -70.68
C LEU MD 57 -112.41 45.66 -70.35
N LYS MD 58 -113.48 45.22 -69.67
CA LYS MD 58 -113.61 43.82 -69.27
C LYS MD 58 -115.09 43.54 -69.04
N LEU MD 59 -115.70 42.77 -69.93
CA LEU MD 59 -117.12 42.48 -69.86
C LEU MD 59 -117.30 41.06 -69.33
N ASP MD 60 -117.48 40.92 -68.02
CA ASP MD 60 -117.79 39.64 -67.42
C ASP MD 60 -119.22 39.25 -67.73
N GLN MD 61 -119.49 37.95 -67.70
CA GLN MD 61 -120.86 37.44 -67.80
C GLN MD 61 -120.92 36.10 -67.12
N ALA MD 62 -121.70 36.01 -66.05
CA ALA MD 62 -121.89 34.77 -65.31
C ALA MD 62 -123.23 34.14 -65.69
N ASP MD 63 -123.25 32.82 -65.75
CA ASP MD 63 -124.48 32.09 -66.06
C ASP MD 63 -125.03 31.52 -64.77
N VAL MD 64 -126.01 32.21 -64.21
CA VAL MD 64 -126.61 31.82 -62.94
C VAL MD 64 -127.74 30.84 -63.22
N VAL MD 65 -127.90 29.87 -62.33
CA VAL MD 65 -128.97 28.88 -62.42
C VAL MD 65 -129.66 28.82 -61.07
N ASP MD 66 -131.00 28.80 -61.09
CA ASP MD 66 -131.80 28.71 -59.87
C ASP MD 66 -132.85 27.63 -60.05
N CYS MD 67 -132.69 26.52 -59.33
CA CYS MD 67 -133.60 25.39 -59.40
C CYS MD 67 -134.08 25.00 -58.01
N SER MD 68 -134.60 25.99 -57.28
CA SER MD 68 -135.33 25.72 -56.04
C SER MD 68 -136.65 24.99 -56.29
N THR MD 69 -137.18 25.06 -57.52
CA THR MD 69 -138.34 24.27 -57.88
C THR MD 69 -138.01 22.78 -57.90
N SER MD 70 -136.87 22.42 -58.46
CA SER MD 70 -136.49 21.01 -58.54
C SER MD 70 -135.96 20.49 -57.21
N VAL MD 71 -134.86 21.06 -56.72
CA VAL MD 71 -134.30 20.67 -55.43
C VAL MD 71 -134.92 21.57 -54.37
N CYS MD 72 -135.59 20.96 -53.40
CA CYS MD 72 -136.26 21.73 -52.35
C CYS MD 72 -135.27 22.25 -51.34
N GLY MD 73 -135.07 23.56 -51.32
CA GLY MD 73 -134.22 24.20 -50.34
C GLY MD 73 -132.89 24.70 -50.83
N GLU MD 74 -132.73 24.93 -52.13
CA GLU MD 74 -131.48 25.44 -52.67
C GLU MD 74 -131.68 26.85 -53.20
N LEU MD 75 -130.57 27.55 -53.38
CA LEU MD 75 -130.54 28.97 -53.70
C LEU MD 75 -129.94 29.18 -55.09
N PRO MD 76 -130.12 30.36 -55.70
CA PRO MD 76 -129.44 30.61 -56.98
C PRO MD 76 -127.93 30.64 -56.84
N LYS MD 77 -127.25 30.30 -57.94
CA LYS MD 77 -125.82 30.05 -57.94
C LYS MD 77 -125.33 30.11 -59.38
N VAL MD 78 -124.12 30.61 -59.57
CA VAL MD 78 -123.54 30.73 -60.90
C VAL MD 78 -122.70 29.49 -61.20
N ARG MD 79 -122.72 29.05 -62.45
CA ARG MD 79 -121.90 27.92 -62.86
C ARG MD 79 -120.51 28.40 -63.29
N TYR MD 80 -120.46 29.23 -64.32
CA TYR MD 80 -119.21 29.66 -64.93
C TYR MD 80 -119.30 31.14 -65.25
N THR MD 81 -118.14 31.73 -65.58
CA THR MD 81 -118.07 33.10 -66.06
C THR MD 81 -117.30 33.13 -67.38
N GLN MD 82 -117.80 33.93 -68.31
CA GLN MD 82 -117.16 34.11 -69.61
C GLN MD 82 -116.92 35.60 -69.82
N VAL MD 83 -115.67 35.97 -70.06
CA VAL MD 83 -115.29 37.37 -70.15
C VAL MD 83 -114.89 37.71 -71.59
N TRP MD 84 -114.75 39.01 -71.85
CA TRP MD 84 -114.22 39.50 -73.11
C TRP MD 84 -113.48 40.79 -72.78
N SER MD 85 -112.18 40.68 -72.56
CA SER MD 85 -111.39 41.85 -72.21
C SER MD 85 -111.00 42.63 -73.46
N HIS MD 86 -110.55 43.86 -73.24
CA HIS MD 86 -109.98 44.69 -74.27
C HIS MD 86 -108.72 45.34 -73.70
N ASP MD 87 -107.80 45.73 -74.58
CA ASP MD 87 -106.58 46.41 -74.17
C ASP MD 87 -106.16 47.33 -75.31
N VAL MD 88 -106.58 48.58 -75.24
CA VAL MD 88 -106.27 49.56 -76.27
C VAL MD 88 -105.07 50.37 -75.83
N THR MD 89 -104.12 50.58 -76.73
CA THR MD 89 -102.95 51.39 -76.46
C THR MD 89 -102.97 52.59 -77.39
N ILE MD 90 -103.06 53.79 -76.80
CA ILE MD 90 -103.15 55.03 -77.55
C ILE MD 90 -101.97 55.90 -77.14
N VAL MD 91 -101.17 56.31 -78.12
CA VAL MD 91 -100.08 57.24 -77.86
C VAL MD 91 -100.63 58.67 -77.94
N ALA MD 92 -100.08 59.54 -77.09
CA ALA MD 92 -100.73 60.82 -76.79
C ALA MD 92 -100.58 61.83 -77.93
N ASN MD 93 -99.50 61.76 -78.69
CA ASN MD 93 -99.25 62.72 -79.77
C ASN MD 93 -99.82 62.25 -81.10
N SER MD 94 -100.87 61.43 -81.08
CA SER MD 94 -101.47 60.91 -82.30
C SER MD 94 -102.25 61.99 -83.03
N THR MD 95 -102.62 61.69 -84.27
CA THR MD 95 -103.62 62.45 -84.97
C THR MD 95 -104.99 61.83 -84.71
N GLU MD 96 -106.04 62.60 -84.95
CA GLU MD 96 -107.38 62.12 -84.62
C GLU MD 96 -107.85 61.07 -85.61
N ALA MD 97 -107.37 61.10 -86.84
CA ALA MD 97 -107.73 60.07 -87.80
C ALA MD 97 -107.04 58.74 -87.51
N SER MD 98 -105.96 58.75 -86.74
CA SER MD 98 -105.35 57.49 -86.32
C SER MD 98 -106.19 56.80 -85.27
N ARG MD 99 -106.64 57.55 -84.26
CA ARG MD 99 -107.49 57.01 -83.21
C ARG MD 99 -108.88 56.67 -83.70
N LYS MD 100 -109.36 57.35 -84.74
CA LYS MD 100 -110.68 57.06 -85.28
C LYS MD 100 -110.66 55.80 -86.15
N SER MD 101 -109.59 55.61 -86.93
CA SER MD 101 -109.52 54.45 -87.80
C SER MD 101 -109.26 53.18 -87.01
N LEU MD 102 -108.51 53.27 -85.91
CA LEU MD 102 -108.29 52.12 -85.04
C LEU MD 102 -109.59 51.67 -84.39
N TYR MD 103 -110.45 52.62 -84.04
CA TYR MD 103 -111.77 52.27 -83.53
C TYR MD 103 -112.66 51.74 -84.65
N ASP MD 104 -112.59 52.35 -85.84
CA ASP MD 104 -113.45 51.93 -86.95
C ASP MD 104 -113.08 50.57 -87.51
N LEU MD 105 -111.82 50.15 -87.37
CA LEU MD 105 -111.44 48.82 -87.83
C LEU MD 105 -111.83 47.76 -86.82
N THR MD 106 -111.72 48.07 -85.53
CA THR MD 106 -112.08 47.10 -84.50
C THR MD 106 -113.59 47.00 -84.34
N LYS MD 107 -114.32 48.07 -84.65
CA LYS MD 107 -115.78 48.00 -84.68
C LYS MD 107 -116.25 47.08 -85.81
N SER MD 108 -115.51 47.05 -86.91
CA SER MD 108 -115.82 46.15 -88.01
C SER MD 108 -115.14 44.80 -87.90
N LEU MD 109 -114.14 44.67 -87.04
CA LEU MD 109 -113.55 43.36 -86.78
C LEU MD 109 -114.52 42.48 -86.01
N VAL MD 110 -115.14 43.04 -84.97
CA VAL MD 110 -116.07 42.26 -84.15
C VAL MD 110 -117.36 41.98 -84.92
N ALA MD 111 -117.77 42.90 -85.79
CA ALA MD 111 -119.06 42.76 -86.46
C ALA MD 111 -119.04 41.82 -87.65
N THR MD 112 -117.91 41.19 -87.98
CA THR MD 112 -117.88 40.30 -89.12
C THR MD 112 -118.35 38.90 -88.72
N SER MD 113 -118.61 38.08 -89.74
CA SER MD 113 -119.11 36.73 -89.52
C SER MD 113 -118.00 35.74 -89.20
N GLN MD 114 -116.74 36.13 -89.26
CA GLN MD 114 -115.65 35.21 -88.98
C GLN MD 114 -115.21 35.25 -87.53
N VAL MD 115 -115.36 36.38 -86.86
CA VAL MD 115 -115.07 36.45 -85.44
C VAL MD 115 -116.28 35.95 -84.65
N GLU MD 116 -117.47 36.05 -85.23
CA GLU MD 116 -118.67 35.48 -84.60
C GLU MD 116 -118.56 33.97 -84.50
N ASP MD 117 -118.14 33.30 -85.58
CA ASP MD 117 -117.95 31.86 -85.54
C ASP MD 117 -116.72 31.46 -84.75
N LEU MD 118 -115.79 32.38 -84.53
CA LEU MD 118 -114.58 32.05 -83.77
C LEU MD 118 -114.87 31.94 -82.28
N VAL MD 119 -115.84 32.67 -81.75
CA VAL MD 119 -116.10 32.65 -80.32
C VAL MD 119 -117.33 31.81 -80.02
N VAL MD 120 -118.20 31.61 -81.00
CA VAL MD 120 -119.38 30.78 -80.77
C VAL MD 120 -119.07 29.32 -81.09
N ASN MD 121 -118.61 29.05 -82.30
CA ASN MD 121 -118.40 27.68 -82.78
C ASN MD 121 -116.94 27.28 -82.87
N LEU MD 122 -116.03 28.14 -82.39
CA LEU MD 122 -114.59 27.88 -82.29
C LEU MD 122 -113.92 27.63 -83.64
N VAL MD 123 -114.52 28.12 -84.72
CA VAL MD 123 -113.97 27.95 -86.07
C VAL MD 123 -112.81 28.93 -86.23
N PRO MD 124 -111.66 28.51 -86.78
CA PRO MD 124 -110.54 29.44 -86.97
C PRO MD 124 -110.84 30.49 -88.03
N LEU MD 125 -109.95 31.47 -88.09
CA LEU MD 125 -110.17 32.65 -88.92
C LEU MD 125 -109.75 32.41 -90.36
N GLY MD 126 -110.35 33.18 -91.26
CA GLY MD 126 -109.97 33.13 -92.66
C GLY MD 126 -110.84 32.21 -93.49
N ARG MD 127 -111.40 32.74 -94.57
CA ARG MD 127 -112.17 31.94 -95.52
C ARG MD 127 -111.68 32.28 -96.93
N ALA MD 128 -111.12 31.28 -97.61
CA ALA MD 128 -110.55 31.49 -98.94
C ALA MD 128 -111.67 31.52 -99.97
N TYR MD 129 -112.01 32.70 -100.45
CA TYR MD 129 -113.00 32.88 -101.50
C TYR MD 129 -112.25 33.27 -102.78
N GLY MD 130 -111.80 32.25 -103.51
CA GLY MD 130 -111.06 32.46 -104.74
C GLY MD 130 -109.71 33.12 -104.56
N GLY MD 131 -108.79 32.43 -103.90
CA GLY MD 131 -107.47 32.99 -103.64
C GLY MD 131 -106.91 32.58 -102.31
N SER MD 132 -106.39 33.54 -101.55
CA SER MD 132 -105.82 33.26 -100.25
C SER MD 132 -106.90 33.35 -99.17
N LYS MD 133 -106.54 32.95 -97.95
CA LYS MD 133 -107.44 33.09 -96.81
C LYS MD 133 -107.47 34.55 -96.39
N THR MD 134 -108.63 35.19 -96.54
CA THR MD 134 -108.74 36.63 -96.38
C THR MD 134 -109.83 36.99 -95.39
N ILE MD 135 -109.65 38.16 -94.76
CA ILE MD 135 -110.67 38.78 -93.92
C ILE MD 135 -110.94 40.16 -94.50
N VAL MD 136 -112.21 40.51 -94.64
CA VAL MD 136 -112.62 41.80 -95.17
C VAL MD 136 -113.16 42.65 -94.02
N LEU MD 137 -112.55 43.82 -93.80
CA LEU MD 137 -112.95 44.73 -92.74
C LEU MD 137 -113.51 45.99 -93.40
N SER MD 138 -114.82 45.98 -93.67
CA SER MD 138 -115.47 47.10 -94.33
C SER MD 138 -115.62 48.27 -93.37
N VAL MD 139 -115.22 49.46 -93.84
CA VAL MD 139 -115.27 50.67 -93.03
C VAL MD 139 -116.30 51.57 -93.71
N GLY MD 140 -117.33 50.96 -94.26
CA GLY MD 140 -118.31 51.67 -95.06
C GLY MD 140 -118.30 51.17 -96.48
N GLU MD 141 -117.81 51.99 -97.41
CA GLU MD 141 -117.54 51.52 -98.76
C GLU MD 141 -116.08 51.18 -98.99
N ALA MD 142 -115.18 51.62 -98.11
CA ALA MD 142 -113.79 51.21 -98.18
C ALA MD 142 -113.62 49.87 -97.48
N THR MD 143 -113.13 48.89 -98.23
CA THR MD 143 -112.92 47.54 -97.71
C THR MD 143 -111.42 47.28 -97.67
N ARG MD 144 -110.94 46.79 -96.52
CA ARG MD 144 -109.52 46.53 -96.33
C ARG MD 144 -109.34 45.03 -96.12
N THR MD 145 -108.74 44.37 -97.11
CA THR MD 145 -108.68 42.91 -97.16
C THR MD 145 -107.32 42.43 -96.66
N LEU MD 146 -107.32 41.73 -95.54
CA LEU MD 146 -106.09 41.20 -94.96
C LEU MD 146 -105.92 39.73 -95.33
N THR MD 147 -104.78 39.41 -95.94
CA THR MD 147 -104.48 38.06 -96.38
C THR MD 147 -103.57 37.37 -95.38
N GLU MD 148 -103.76 36.06 -95.22
CA GLU MD 148 -103.03 35.29 -94.23
C GLU MD 148 -101.58 35.08 -94.68
N ILE MD 149 -100.64 35.36 -93.77
CA ILE MD 149 -99.22 35.22 -94.08
C ILE MD 149 -98.56 34.08 -93.32
N GLN MD 150 -99.14 33.59 -92.24
CA GLN MD 150 -98.52 32.54 -91.44
C GLN MD 150 -99.59 31.88 -90.59
N SER MD 151 -99.61 30.55 -90.60
CA SER MD 151 -100.55 29.77 -89.79
C SER MD 151 -99.73 28.75 -89.01
N THR MD 152 -99.24 29.16 -87.84
CA THR MD 152 -98.50 28.28 -86.95
C THR MD 152 -99.53 27.47 -86.17
N ALA MD 153 -99.08 26.53 -85.32
CA ALA MD 153 -100.01 25.74 -84.53
C ALA MD 153 -100.71 26.57 -83.47
N ASP MD 154 -100.07 27.65 -83.02
CA ASP MD 154 -100.68 28.57 -82.05
C ASP MD 154 -101.19 29.84 -82.72
N ARG MD 155 -100.32 30.56 -83.43
CA ARG MD 155 -100.70 31.85 -83.99
C ARG MD 155 -101.33 31.70 -85.37
N GLN MD 156 -101.97 32.78 -85.81
CA GLN MD 156 -102.53 32.84 -87.16
C GLN MD 156 -102.50 34.31 -87.57
N ILE MD 157 -101.43 34.71 -88.27
CA ILE MD 157 -101.13 36.10 -88.54
C ILE MD 157 -101.72 36.50 -89.88
N PHE MD 158 -102.51 37.57 -89.88
CA PHE MD 158 -103.02 38.18 -91.09
C PHE MD 158 -102.36 39.53 -91.30
N GLU MD 159 -102.37 40.01 -92.53
CA GLU MD 159 -101.69 41.25 -92.87
C GLU MD 159 -102.25 41.79 -94.17
N GLU MD 160 -102.40 43.11 -94.26
CA GLU MD 160 -102.77 43.75 -95.50
C GLU MD 160 -101.57 43.79 -96.44
N LYS MD 161 -101.84 43.93 -97.73
CA LYS MD 161 -100.79 43.80 -98.73
C LYS MD 161 -100.60 45.03 -99.61
N VAL MD 162 -101.48 46.01 -99.55
CA VAL MD 162 -101.30 47.22 -100.34
C VAL MD 162 -100.45 48.21 -99.56
N GLY MD 163 -99.69 49.03 -100.30
CA GLY MD 163 -98.90 50.08 -99.71
C GLY MD 163 -97.45 49.70 -99.52
N PRO MD 164 -96.72 50.46 -98.71
CA PRO MD 164 -95.33 50.13 -98.42
C PRO MD 164 -95.22 48.90 -97.53
N LEU MD 165 -94.02 48.33 -97.52
CA LEU MD 165 -93.77 47.11 -96.76
C LEU MD 165 -93.41 47.37 -95.31
N VAL MD 166 -93.20 48.62 -94.92
CA VAL MD 166 -92.67 48.89 -93.60
C VAL MD 166 -93.77 48.96 -92.54
N GLY MD 167 -94.92 49.53 -92.86
CA GLY MD 167 -96.02 49.55 -91.92
C GLY MD 167 -97.32 49.08 -92.54
N ARG MD 168 -97.87 47.99 -92.03
CA ARG MD 168 -99.10 47.43 -92.55
C ARG MD 168 -99.97 46.94 -91.39
N LEU MD 169 -101.23 46.67 -91.70
CA LEU MD 169 -102.16 46.14 -90.70
C LEU MD 169 -101.76 44.73 -90.30
N ARG MD 170 -102.15 44.36 -89.08
CA ARG MD 170 -101.85 43.05 -88.55
C ARG MD 170 -103.08 42.51 -87.86
N LEU MD 171 -103.16 41.17 -87.77
CA LEU MD 171 -104.24 40.53 -87.03
C LEU MD 171 -103.67 39.20 -86.53
N THR MD 172 -103.26 39.18 -85.27
CA THR MD 172 -102.62 38.01 -84.68
C THR MD 172 -103.65 37.29 -83.82
N ALA MD 173 -104.39 36.37 -84.44
CA ALA MD 173 -105.30 35.53 -83.69
C ALA MD 173 -104.55 34.37 -83.04
N SER MD 174 -105.12 33.84 -81.96
CA SER MD 174 -104.60 32.66 -81.31
C SER MD 174 -105.76 31.95 -80.63
N LEU MD 175 -105.48 30.75 -80.12
CA LEU MD 175 -106.50 29.93 -79.47
C LEU MD 175 -105.78 28.90 -78.61
N ARG MD 176 -106.08 28.88 -77.32
CA ARG MD 176 -105.44 27.96 -76.38
C ARG MD 176 -106.51 27.27 -75.57
N GLN MD 177 -106.07 26.37 -74.70
CA GLN MD 177 -106.90 25.83 -73.62
C GLN MD 177 -105.99 25.46 -72.46
N ASN MD 178 -106.15 26.17 -71.34
CA ASN MD 178 -105.30 26.00 -70.18
C ASN MD 178 -106.00 25.16 -69.12
N GLY MD 179 -105.23 24.31 -68.46
CA GLY MD 179 -105.74 23.48 -67.40
C GLY MD 179 -106.18 22.11 -67.87
N ALA MD 180 -107.22 21.58 -67.26
CA ALA MD 180 -107.73 20.25 -67.63
C ALA MD 180 -108.82 20.35 -68.70
N LYS MD 181 -108.51 21.07 -69.78
CA LYS MD 181 -109.34 21.19 -70.98
C LYS MD 181 -110.74 21.72 -70.68
N THR MD 182 -110.85 22.62 -69.70
CA THR MD 182 -112.15 23.14 -69.29
C THR MD 182 -112.49 24.48 -69.91
N ALA MD 183 -111.50 25.31 -70.26
CA ALA MD 183 -111.77 26.64 -70.75
C ALA MD 183 -110.84 26.96 -71.90
N TYR MD 184 -111.39 27.60 -72.93
CA TYR MD 184 -110.62 28.05 -74.07
C TYR MD 184 -110.13 29.48 -73.84
N ARG MD 185 -109.35 29.99 -74.80
CA ARG MD 185 -108.81 31.35 -74.68
C ARG MD 185 -108.55 31.88 -76.10
N VAL MD 186 -109.48 32.67 -76.60
CA VAL MD 186 -109.31 33.35 -77.88
C VAL MD 186 -108.54 34.64 -77.65
N ASN MD 187 -107.69 35.03 -78.60
CA ASN MD 187 -106.82 36.18 -78.41
C ASN MD 187 -106.57 36.85 -79.75
N LEU MD 188 -107.34 37.89 -80.06
CA LEU MD 188 -107.10 38.70 -81.24
C LEU MD 188 -106.27 39.93 -80.87
N LYS MD 189 -105.67 40.55 -81.88
CA LYS MD 189 -104.82 41.71 -81.69
C LYS MD 189 -104.65 42.44 -83.02
N LEU MD 190 -105.01 43.72 -83.06
CA LEU MD 190 -104.97 44.50 -84.29
C LEU MD 190 -103.93 45.59 -84.16
N ASP MD 191 -102.79 45.42 -84.85
CA ASP MD 191 -101.73 46.43 -84.87
C ASP MD 191 -101.97 47.41 -86.01
N GLN MD 192 -101.87 48.69 -85.71
CA GLN MD 192 -101.94 49.72 -86.74
C GLN MD 192 -100.79 50.69 -86.52
N ALA MD 193 -99.89 50.76 -87.48
CA ALA MD 193 -98.76 51.67 -87.44
C ALA MD 193 -98.99 52.81 -88.40
N ASP MD 194 -98.63 54.03 -87.97
CA ASP MD 194 -98.81 55.22 -88.79
C ASP MD 194 -97.52 55.44 -89.58
N VAL MD 195 -97.58 55.24 -90.89
CA VAL MD 195 -96.44 55.42 -91.76
C VAL MD 195 -96.59 56.76 -92.48
N VAL MD 196 -95.46 57.45 -92.68
CA VAL MD 196 -95.44 58.72 -93.38
C VAL MD 196 -94.20 58.75 -94.26
N ASP MD 197 -94.31 59.42 -95.40
CA ASP MD 197 -93.17 59.61 -96.29
C ASP MD 197 -92.99 61.09 -96.61
N CYS MD 198 -91.76 61.56 -96.47
CA CYS MD 198 -91.42 62.96 -96.65
C CYS MD 198 -90.55 63.17 -97.88
N SER MD 199 -90.76 62.36 -98.92
CA SER MD 199 -89.96 62.45 -100.13
C SER MD 199 -90.27 63.70 -100.94
N THR MD 200 -91.47 64.27 -100.79
CA THR MD 200 -91.77 65.53 -101.46
C THR MD 200 -91.18 66.71 -100.71
N SER MD 201 -90.75 66.51 -99.47
CA SER MD 201 -90.13 67.55 -98.66
C SER MD 201 -88.61 67.37 -98.57
N VAL MD 202 -88.16 66.19 -98.15
CA VAL MD 202 -86.74 65.89 -98.01
C VAL MD 202 -86.39 64.80 -99.01
N CYS MD 203 -85.36 65.04 -99.82
CA CYS MD 203 -84.92 64.07 -100.81
C CYS MD 203 -84.28 62.85 -100.15
N GLY MD 204 -84.44 61.71 -100.80
CA GLY MD 204 -83.88 60.47 -100.32
C GLY MD 204 -84.51 59.94 -99.05
N GLU MD 205 -85.76 60.27 -98.80
CA GLU MD 205 -86.46 59.86 -97.58
C GLU MD 205 -87.45 58.76 -97.93
N LEU MD 206 -87.17 57.56 -97.44
CA LEU MD 206 -88.07 56.43 -97.58
C LEU MD 206 -89.10 56.45 -96.46
N PRO MD 207 -90.24 55.78 -96.64
CA PRO MD 207 -91.26 55.77 -95.58
C PRO MD 207 -90.80 55.09 -94.30
N LYS MD 208 -91.36 55.55 -93.18
CA LYS MD 208 -91.03 55.03 -91.86
C LYS MD 208 -92.25 55.19 -90.97
N VAL MD 209 -92.25 54.45 -89.86
CA VAL MD 209 -93.37 54.43 -88.93
C VAL MD 209 -93.11 55.42 -87.81
N ARG MD 210 -94.15 56.18 -87.45
CA ARG MD 210 -94.05 57.08 -86.30
C ARG MD 210 -94.29 56.34 -85.00
N TYR MD 211 -95.50 55.80 -84.85
CA TYR MD 211 -95.93 55.12 -83.63
C TYR MD 211 -96.72 53.88 -84.03
N THR MD 212 -97.31 53.22 -83.04
CA THR MD 212 -98.23 52.11 -83.30
C THR MD 212 -99.29 52.10 -82.22
N GLN MD 213 -100.46 51.58 -82.56
CA GLN MD 213 -101.60 51.52 -81.66
C GLN MD 213 -102.28 50.18 -81.79
N VAL MD 214 -102.47 49.50 -80.67
CA VAL MD 214 -103.02 48.15 -80.66
C VAL MD 214 -104.46 48.19 -80.18
N TRP MD 215 -105.18 47.10 -80.43
CA TRP MD 215 -106.47 46.83 -79.80
C TRP MD 215 -106.57 45.31 -79.70
N SER MD 216 -106.07 44.78 -78.59
CA SER MD 216 -106.09 43.33 -78.41
C SER MD 216 -107.34 42.90 -77.66
N HIS MD 217 -107.68 41.62 -77.83
CA HIS MD 217 -108.85 41.04 -77.19
C HIS MD 217 -108.42 39.78 -76.46
N ASP MD 218 -109.18 39.41 -75.44
CA ASP MD 218 -108.88 38.21 -74.67
C ASP MD 218 -110.20 37.63 -74.17
N VAL MD 219 -110.75 36.70 -74.94
CA VAL MD 219 -112.02 36.06 -74.62
C VAL MD 219 -111.74 34.77 -73.87
N THR MD 220 -112.50 34.51 -72.81
CA THR MD 220 -112.41 33.27 -72.06
C THR MD 220 -113.73 32.53 -72.17
N ILE MD 221 -113.69 31.35 -72.75
CA ILE MD 221 -114.88 30.54 -73.00
C ILE MD 221 -114.67 29.18 -72.37
N VAL MD 222 -115.55 28.80 -71.46
CA VAL MD 222 -115.48 27.48 -70.86
C VAL MD 222 -116.08 26.46 -71.83
N ALA MD 223 -115.57 25.23 -71.77
CA ALA MD 223 -115.82 24.26 -72.83
C ALA MD 223 -117.24 23.69 -72.78
N ASN MD 224 -117.84 23.61 -71.59
CA ASN MD 224 -119.17 23.05 -71.43
C ASN MD 224 -120.27 24.09 -71.46
N SER MD 225 -120.08 25.17 -72.23
CA SER MD 225 -121.00 26.29 -72.27
C SER MD 225 -122.29 25.92 -72.99
N THR MD 226 -123.29 26.78 -72.83
CA THR MD 226 -124.47 26.79 -73.67
C THR MD 226 -124.12 27.57 -74.93
N GLU MD 227 -124.78 27.26 -76.04
CA GLU MD 227 -124.53 28.01 -77.26
C GLU MD 227 -125.03 29.44 -77.15
N ALA MD 228 -126.22 29.63 -76.55
CA ALA MD 228 -126.71 30.98 -76.33
C ALA MD 228 -125.97 31.70 -75.22
N SER MD 229 -125.17 30.99 -74.42
CA SER MD 229 -124.28 31.65 -73.48
C SER MD 229 -123.10 32.28 -74.20
N ARG MD 230 -122.61 31.63 -75.27
CA ARG MD 230 -121.54 32.21 -76.05
C ARG MD 230 -122.06 33.20 -77.08
N LYS MD 231 -123.29 32.99 -77.56
CA LYS MD 231 -123.87 33.90 -78.54
C LYS MD 231 -124.23 35.24 -77.91
N SER MD 232 -124.64 35.23 -76.64
CA SER MD 232 -125.00 36.47 -75.97
C SER MD 232 -123.76 37.24 -75.51
N LEU MD 233 -122.66 36.55 -75.24
CA LEU MD 233 -121.42 37.24 -74.91
C LEU MD 233 -120.85 37.97 -76.12
N TYR MD 234 -120.97 37.37 -77.31
CA TYR MD 234 -120.55 38.04 -78.52
C TYR MD 234 -121.46 39.20 -78.86
N ASP MD 235 -122.77 39.00 -78.72
CA ASP MD 235 -123.76 40.02 -79.07
C ASP MD 235 -123.71 41.23 -78.15
N LEU MD 236 -123.24 41.07 -76.91
CA LEU MD 236 -123.09 42.21 -76.01
C LEU MD 236 -121.81 42.98 -76.32
N THR MD 237 -120.72 42.27 -76.62
CA THR MD 237 -119.46 42.93 -76.93
C THR MD 237 -119.50 43.61 -78.29
N LYS MD 238 -120.22 43.02 -79.25
CA LYS MD 238 -120.43 43.68 -80.54
C LYS MD 238 -121.26 44.95 -80.36
N SER MD 239 -122.20 44.95 -79.42
CA SER MD 239 -122.99 46.12 -79.14
C SER MD 239 -122.30 47.08 -78.18
N LEU MD 240 -121.26 46.63 -77.48
CA LEU MD 240 -120.52 47.53 -76.60
C LEU MD 240 -119.58 48.42 -77.40
N VAL MD 241 -118.85 47.83 -78.34
CA VAL MD 241 -117.92 48.59 -79.18
C VAL MD 241 -118.68 49.56 -80.09
N ALA MD 242 -119.88 49.21 -80.51
CA ALA MD 242 -120.65 50.05 -81.42
C ALA MD 242 -121.35 51.22 -80.73
N THR MD 243 -121.17 51.41 -79.42
CA THR MD 243 -121.79 52.52 -78.74
C THR MD 243 -121.03 53.82 -79.02
N SER MD 244 -121.65 54.93 -78.62
CA SER MD 244 -121.03 56.24 -78.78
C SER MD 244 -120.15 56.63 -77.61
N GLN MD 245 -120.07 55.78 -76.58
CA GLN MD 245 -119.25 56.11 -75.42
C GLN MD 245 -117.87 55.45 -75.50
N VAL MD 246 -117.82 54.23 -76.04
CA VAL MD 246 -116.54 53.57 -76.25
C VAL MD 246 -115.82 54.15 -77.46
N GLU MD 247 -116.56 54.78 -78.38
CA GLU MD 247 -115.94 55.58 -79.43
C GLU MD 247 -115.19 56.76 -78.84
N ASP MD 248 -115.86 57.53 -77.98
CA ASP MD 248 -115.26 58.70 -77.36
C ASP MD 248 -114.25 58.34 -76.28
N LEU MD 249 -114.28 57.12 -75.77
CA LEU MD 249 -113.27 56.69 -74.81
C LEU MD 249 -111.93 56.45 -75.51
N VAL MD 250 -111.95 56.04 -76.77
CA VAL MD 250 -110.73 55.82 -77.52
C VAL MD 250 -110.28 57.09 -78.24
N VAL MD 251 -111.22 57.82 -78.84
CA VAL MD 251 -110.86 59.02 -79.59
C VAL MD 251 -110.50 60.18 -78.67
N ASN MD 252 -111.33 60.43 -77.66
CA ASN MD 252 -111.19 61.62 -76.83
C ASN MD 252 -110.88 61.36 -75.37
N LEU MD 253 -110.72 60.09 -74.97
CA LEU MD 253 -110.29 59.67 -73.63
C LEU MD 253 -111.25 60.11 -72.52
N VAL MD 254 -112.51 60.38 -72.85
CA VAL MD 254 -113.51 60.65 -71.82
C VAL MD 254 -114.05 59.33 -71.30
N PRO MD 255 -114.13 59.14 -69.98
CA PRO MD 255 -114.57 57.85 -69.43
C PRO MD 255 -116.04 57.57 -69.71
N LEU MD 256 -116.45 56.34 -69.42
CA LEU MD 256 -117.77 55.85 -69.75
C LEU MD 256 -118.82 56.39 -68.79
N GLY MD 257 -120.08 56.26 -69.19
CA GLY MD 257 -121.19 56.61 -68.34
C GLY MD 257 -121.73 58.01 -68.53
N ARG MD 258 -122.95 58.10 -69.06
CA ARG MD 258 -123.64 59.39 -69.15
C ARG MD 258 -125.03 59.30 -68.55
N SER ND 1 -94.71 119.91 -6.13
CA SER ND 1 -94.93 118.85 -5.15
C SER ND 1 -94.75 119.38 -3.74
N LYS ND 2 -93.80 118.81 -2.99
CA LYS ND 2 -93.52 119.22 -1.63
C LYS ND 2 -92.26 120.08 -1.64
N THR ND 3 -92.36 121.27 -1.03
CA THR ND 3 -91.32 122.28 -1.15
C THR ND 3 -90.77 122.69 0.22
N ILE ND 4 -89.51 123.13 0.22
CA ILE ND 4 -88.91 123.87 1.32
C ILE ND 4 -88.49 125.23 0.78
N VAL ND 5 -88.71 126.28 1.55
CA VAL ND 5 -88.38 127.65 1.14
C VAL ND 5 -87.26 128.16 2.02
N LEU ND 6 -86.11 128.44 1.41
CA LEU ND 6 -84.92 128.90 2.13
C LEU ND 6 -84.71 130.37 1.77
N SER ND 7 -85.23 131.27 2.60
CA SER ND 7 -85.10 132.70 2.33
C SER ND 7 -83.74 133.20 2.78
N VAL ND 8 -83.05 133.90 1.87
CA VAL ND 8 -81.66 134.32 2.08
C VAL ND 8 -81.74 135.84 2.17
N GLY ND 9 -82.82 136.35 2.76
CA GLY ND 9 -83.08 137.76 2.81
C GLY ND 9 -84.48 138.02 2.29
N GLU ND 10 -84.58 138.70 1.15
CA GLU ND 10 -85.82 138.72 0.39
C GLU ND 10 -85.80 137.76 -0.77
N ALA ND 11 -84.62 137.30 -1.18
CA ALA ND 11 -84.52 136.26 -2.21
C ALA ND 11 -84.82 134.90 -1.60
N THR ND 12 -85.89 134.27 -2.05
CA THR ND 12 -86.31 132.96 -1.55
C THR ND 12 -85.96 131.92 -2.61
N ARG ND 13 -85.30 130.84 -2.19
CA ARG ND 13 -84.87 129.77 -3.09
C ARG ND 13 -85.66 128.52 -2.74
N THR ND 14 -86.67 128.21 -3.55
CA THR ND 14 -87.60 127.13 -3.26
C THR ND 14 -87.09 125.83 -3.85
N LEU ND 15 -86.86 124.84 -3.00
CA LEU ND 15 -86.48 123.50 -3.43
C LEU ND 15 -87.72 122.66 -3.68
N THR ND 16 -87.58 121.67 -4.56
CA THR ND 16 -88.70 120.82 -4.95
C THR ND 16 -88.25 119.36 -4.86
N GLU ND 17 -89.12 118.52 -4.30
CA GLU ND 17 -88.78 117.14 -4.02
C GLU ND 17 -88.71 116.31 -5.30
N ILE ND 18 -87.65 115.53 -5.43
CA ILE ND 18 -87.46 114.65 -6.58
C ILE ND 18 -87.39 113.18 -6.20
N GLN ND 19 -87.46 112.84 -4.91
CA GLN ND 19 -87.37 111.46 -4.47
C GLN ND 19 -88.01 111.34 -3.11
N SER ND 20 -88.69 110.21 -2.88
CA SER ND 20 -89.28 109.93 -1.57
C SER ND 20 -89.19 108.42 -1.36
N THR ND 21 -88.14 107.98 -0.69
CA THR ND 21 -87.97 106.59 -0.33
C THR ND 21 -88.56 106.44 1.07
N ALA ND 22 -88.37 105.29 1.73
CA ALA ND 22 -88.86 105.12 3.09
C ALA ND 22 -88.09 105.99 4.08
N ASP ND 23 -86.79 106.17 3.84
CA ASP ND 23 -85.96 107.02 4.68
C ASP ND 23 -85.36 108.21 3.94
N ARG ND 24 -84.80 108.00 2.74
CA ARG ND 24 -84.18 109.09 2.02
C ARG ND 24 -85.23 109.97 1.37
N GLN ND 25 -84.87 111.25 1.19
CA GLN ND 25 -85.82 112.25 0.72
C GLN ND 25 -85.02 113.38 0.08
N ILE ND 26 -84.97 113.40 -1.25
CA ILE ND 26 -84.08 114.28 -2.00
C ILE ND 26 -84.87 115.47 -2.52
N PHE ND 27 -84.31 116.66 -2.35
CA PHE ND 27 -84.89 117.91 -2.83
C PHE ND 27 -83.93 118.57 -3.81
N GLU ND 28 -84.48 119.33 -4.75
CA GLU ND 28 -83.64 120.07 -5.70
C GLU ND 28 -84.31 121.39 -6.02
N GLU ND 29 -83.49 122.36 -6.44
CA GLU ND 29 -83.99 123.60 -7.00
C GLU ND 29 -84.16 123.42 -8.50
N LYS ND 30 -85.12 124.16 -9.07
CA LYS ND 30 -85.51 123.91 -10.45
C LYS ND 30 -85.13 125.02 -11.41
N VAL ND 31 -84.61 126.15 -10.93
CA VAL ND 31 -84.21 127.22 -11.83
C VAL ND 31 -82.77 127.02 -12.26
N GLY ND 32 -82.42 127.55 -13.43
CA GLY ND 32 -81.07 127.51 -13.92
C GLY ND 32 -80.80 126.34 -14.85
N PRO ND 33 -79.53 126.01 -15.07
CA PRO ND 33 -79.18 124.86 -15.90
C PRO ND 33 -79.53 123.53 -15.24
N LEU ND 34 -79.34 122.44 -15.98
CA LEU ND 34 -79.77 121.12 -15.52
C LEU ND 34 -78.65 120.29 -14.93
N VAL ND 35 -77.40 120.77 -14.96
CA VAL ND 35 -76.28 119.93 -14.57
C VAL ND 35 -75.87 120.18 -13.12
N GLY ND 36 -75.90 121.43 -12.65
CA GLY ND 36 -75.54 121.71 -11.28
C GLY ND 36 -76.59 122.52 -10.55
N ARG ND 37 -77.21 121.93 -9.54
CA ARG ND 37 -78.29 122.55 -8.79
C ARG ND 37 -78.10 122.27 -7.31
N LEU ND 38 -78.90 122.94 -6.48
CA LEU ND 38 -78.93 122.63 -5.05
C LEU ND 38 -79.49 121.25 -4.80
N ARG ND 39 -79.19 120.72 -3.62
CA ARG ND 39 -79.54 119.37 -3.27
C ARG ND 39 -79.72 119.31 -1.76
N LEU ND 40 -80.69 118.53 -1.31
CA LEU ND 40 -80.94 118.40 0.12
C LEU ND 40 -81.37 116.97 0.37
N THR ND 41 -80.41 116.12 0.72
CA THR ND 41 -80.65 114.70 0.92
C THR ND 41 -80.97 114.48 2.38
N ALA ND 42 -82.26 114.58 2.72
CA ALA ND 42 -82.69 114.35 4.09
C ALA ND 42 -82.86 112.86 4.35
N SER ND 43 -82.88 112.50 5.63
CA SER ND 43 -82.96 111.11 6.04
C SER ND 43 -83.45 111.05 7.48
N LEU ND 44 -83.86 109.85 7.88
CA LEU ND 44 -84.28 109.57 9.24
C LEU ND 44 -84.21 108.06 9.46
N ARG ND 45 -83.77 107.67 10.66
CA ARG ND 45 -83.58 106.26 10.99
C ARG ND 45 -83.94 106.03 12.44
N GLN ND 46 -83.85 104.78 12.86
CA GLN ND 46 -83.81 104.44 14.29
C GLN ND 46 -82.97 103.17 14.44
N ASN ND 47 -81.70 103.36 14.74
CA ASN ND 47 -80.74 102.27 14.74
C ASN ND 47 -80.67 101.61 16.12
N GLY ND 48 -80.36 100.32 16.11
CA GLY ND 48 -80.24 99.56 17.34
C GLY ND 48 -81.57 99.00 17.80
N ALA ND 49 -81.80 98.98 19.11
CA ALA ND 49 -83.02 98.43 19.68
C ALA ND 49 -84.07 99.52 19.88
N LYS ND 50 -84.31 100.27 18.79
CA LYS ND 50 -85.40 101.23 18.65
C LYS ND 50 -85.38 102.33 19.72
N THR ND 51 -84.19 102.71 20.18
CA THR ND 51 -84.07 103.63 21.30
C THR ND 51 -83.59 105.02 20.91
N ALA ND 52 -82.99 105.21 19.74
CA ALA ND 52 -82.45 106.49 19.33
C ALA ND 52 -82.67 106.67 17.84
N TYR ND 53 -83.11 107.87 17.46
CA TYR ND 53 -83.27 108.22 16.06
C TYR ND 53 -82.00 108.86 15.52
N ARG ND 54 -81.98 109.12 14.22
CA ARG ND 54 -80.80 109.72 13.59
C ARG ND 54 -81.26 110.52 12.37
N VAL ND 55 -81.35 111.83 12.54
CA VAL ND 55 -81.60 112.73 11.43
C VAL ND 55 -80.29 112.98 10.70
N ASN ND 56 -80.35 113.07 9.38
CA ASN ND 56 -79.13 113.18 8.58
C ASN ND 56 -79.42 114.07 7.37
N LEU ND 57 -79.14 115.36 7.50
CA LEU ND 57 -79.27 116.30 6.39
C LEU ND 57 -77.95 116.44 5.64
N LYS ND 58 -78.04 116.91 4.40
CA LYS ND 58 -76.85 117.09 3.57
C LYS ND 58 -77.21 118.10 2.48
N LEU ND 59 -76.66 119.31 2.59
CA LEU ND 59 -76.96 120.39 1.65
C LEU ND 59 -75.79 120.55 0.70
N ASP ND 60 -75.90 119.94 -0.48
CA ASP ND 60 -74.87 120.08 -1.51
C ASP ND 60 -75.00 121.44 -2.18
N GLN ND 61 -73.92 121.87 -2.82
CA GLN ND 61 -73.94 123.08 -3.63
C GLN ND 61 -72.80 123.00 -4.63
N ALA ND 62 -73.12 122.89 -5.91
CA ALA ND 62 -72.14 122.82 -6.98
C ALA ND 62 -72.02 124.17 -7.64
N ASP ND 63 -70.80 124.52 -8.06
CA ASP ND 63 -70.54 125.77 -8.77
C ASP ND 63 -70.41 125.46 -10.25
N VAL ND 64 -71.43 125.78 -11.00
CA VAL ND 64 -71.47 125.50 -12.44
C VAL ND 64 -71.02 126.76 -13.18
N VAL ND 65 -70.26 126.55 -14.25
CA VAL ND 65 -69.78 127.64 -15.08
C VAL ND 65 -70.05 127.28 -16.54
N ASP ND 66 -70.58 128.25 -17.29
CA ASP ND 66 -70.86 128.07 -18.71
C ASP ND 66 -70.27 129.24 -19.48
N CYS ND 67 -69.25 128.95 -20.30
CA CYS ND 67 -68.60 129.94 -21.15
C CYS ND 67 -68.55 129.45 -22.60
N SER ND 68 -69.71 129.09 -23.14
CA SER ND 68 -69.84 128.90 -24.57
C SER ND 68 -69.63 130.19 -25.36
N THR ND 69 -69.82 131.35 -24.72
CA THR ND 69 -69.48 132.63 -25.34
C THR ND 69 -67.98 132.76 -25.53
N SER ND 70 -67.21 132.29 -24.54
CA SER ND 70 -65.75 132.40 -24.63
C SER ND 70 -65.17 131.34 -25.54
N VAL ND 71 -65.37 130.07 -25.20
CA VAL ND 71 -64.92 128.96 -26.03
C VAL ND 71 -66.11 128.53 -26.88
N CYS ND 72 -65.97 128.65 -28.20
CA CYS ND 72 -67.05 128.29 -29.11
C CYS ND 72 -67.17 126.78 -29.20
N GLY ND 73 -68.19 126.23 -28.55
CA GLY ND 73 -68.48 124.81 -28.63
C GLY ND 73 -68.44 124.04 -27.33
N GLU ND 74 -68.47 124.71 -26.19
CA GLU ND 74 -68.45 124.03 -24.90
C GLU ND 74 -69.80 124.18 -24.21
N LEU ND 75 -70.02 123.33 -23.21
CA LEU ND 75 -71.29 123.20 -22.52
C LEU ND 75 -71.12 123.57 -21.05
N PRO ND 76 -72.19 123.79 -20.29
CA PRO ND 76 -72.04 124.03 -18.85
C PRO ND 76 -71.47 122.83 -18.12
N LYS ND 77 -70.75 123.11 -17.03
CA LYS ND 77 -69.96 122.12 -16.33
C LYS ND 77 -69.72 122.63 -14.92
N VAL ND 78 -69.68 121.71 -13.95
CA VAL ND 78 -69.48 122.07 -12.55
C VAL ND 78 -67.99 121.97 -12.22
N ARG ND 79 -67.49 122.96 -11.47
CA ARG ND 79 -66.10 122.91 -11.04
C ARG ND 79 -65.95 122.07 -9.78
N TYR ND 80 -66.61 122.48 -8.70
CA TYR ND 80 -66.46 121.86 -7.39
C TYR ND 80 -67.82 121.77 -6.72
N THR ND 81 -67.89 120.98 -5.64
CA THR ND 81 -69.07 120.90 -4.80
C THR ND 81 -68.66 121.15 -3.35
N GLN ND 82 -69.51 121.91 -2.65
CA GLN ND 82 -69.30 122.22 -1.24
C GLN ND 82 -70.54 121.82 -0.47
N VAL ND 83 -70.37 121.00 0.57
CA VAL ND 83 -71.49 120.43 1.30
C VAL ND 83 -71.53 121.01 2.71
N TRP ND 84 -72.65 120.79 3.38
CA TRP ND 84 -72.77 121.06 4.82
C TRP ND 84 -73.70 119.98 5.37
N SER ND 85 -73.11 118.92 5.89
CA SER ND 85 -73.88 117.81 6.42
C SER ND 85 -74.27 118.07 7.87
N HIS ND 86 -75.33 117.41 8.30
CA HIS ND 86 -75.80 117.44 9.67
C HIS ND 86 -75.96 116.01 10.15
N ASP ND 87 -75.82 115.80 11.46
CA ASP ND 87 -75.99 114.47 12.04
C ASP ND 87 -76.54 114.65 13.45
N VAL ND 88 -77.85 114.58 13.57
CA VAL ND 88 -78.54 114.78 14.83
C VAL ND 88 -78.84 113.42 15.44
N THR ND 89 -78.60 113.28 16.73
CA THR ND 89 -78.91 112.05 17.45
C THR ND 89 -79.93 112.37 18.52
N ILE ND 90 -81.10 111.77 18.42
CA ILE ND 90 -82.22 112.02 19.34
C ILE ND 90 -82.63 110.70 19.95
N VAL ND 91 -82.55 110.61 21.28
CA VAL ND 91 -83.02 109.43 21.99
C VAL ND 91 -84.53 109.50 22.15
N ALA ND 92 -85.17 108.34 22.15
CA ALA ND 92 -86.61 108.28 21.93
C ALA ND 92 -87.41 108.68 23.16
N ASN ND 93 -86.88 108.46 24.36
CA ASN ND 93 -87.59 108.77 25.60
C ASN ND 93 -87.25 110.14 26.15
N SER ND 94 -86.95 111.11 25.28
CA SER ND 94 -86.48 112.41 25.71
C SER ND 94 -87.62 113.27 26.24
N THR ND 95 -87.24 114.44 26.73
CA THR ND 95 -88.20 115.48 27.06
C THR ND 95 -88.32 116.41 25.85
N GLU ND 96 -89.51 117.00 25.68
CA GLU ND 96 -89.71 117.89 24.54
C GLU ND 96 -88.93 119.20 24.71
N ALA ND 97 -88.71 119.63 25.95
CA ALA ND 97 -87.85 120.78 26.17
C ALA ND 97 -86.38 120.45 25.99
N SER ND 98 -86.02 119.17 26.03
CA SER ND 98 -84.65 118.78 25.75
C SER ND 98 -84.36 118.85 24.24
N ARG ND 99 -85.29 118.36 23.43
CA ARG ND 99 -85.15 118.43 21.98
C ARG ND 99 -85.30 119.85 21.46
N LYS ND 100 -86.08 120.69 22.15
CA LYS ND 100 -86.24 122.07 21.71
C LYS ND 100 -85.00 122.89 22.04
N SER ND 101 -84.34 122.60 23.16
CA SER ND 101 -83.15 123.36 23.54
C SER ND 101 -81.97 123.00 22.65
N LEU ND 102 -81.89 121.73 22.22
CA LEU ND 102 -80.81 121.33 21.32
C LEU ND 102 -80.97 121.98 19.95
N TYR ND 103 -82.21 122.16 19.51
CA TYR ND 103 -82.45 122.88 18.27
C TYR ND 103 -82.18 124.37 18.44
N ASP ND 104 -82.53 124.93 19.60
CA ASP ND 104 -82.34 126.36 19.81
C ASP ND 104 -80.88 126.74 20.02
N LEU ND 105 -80.03 125.79 20.39
CA LEU ND 105 -78.60 126.09 20.52
C LEU ND 105 -77.90 126.02 19.18
N THR ND 106 -78.26 125.04 18.35
CA THR ND 106 -77.64 124.93 17.03
C THR ND 106 -78.15 125.99 16.08
N LYS ND 107 -79.38 126.46 16.28
CA LYS ND 107 -79.88 127.59 15.51
C LYS ND 107 -79.10 128.87 15.84
N SER ND 108 -78.63 129.00 17.07
CA SER ND 108 -77.80 130.13 17.45
C SER ND 108 -76.32 129.88 17.28
N LEU ND 109 -75.90 128.60 17.21
CA LEU ND 109 -74.51 128.30 16.88
C LEU ND 109 -74.21 128.69 15.44
N VAL ND 110 -75.09 128.32 14.52
CA VAL ND 110 -74.86 128.61 13.10
C VAL ND 110 -75.01 130.10 12.84
N ALA ND 111 -75.92 130.77 13.54
CA ALA ND 111 -76.21 132.17 13.25
C ALA ND 111 -75.24 133.14 13.90
N THR ND 112 -74.21 132.67 14.60
CA THR ND 112 -73.26 133.59 15.19
C THR ND 112 -72.22 134.03 14.17
N SER ND 113 -71.49 135.09 14.50
CA SER ND 113 -70.48 135.63 13.60
C SER ND 113 -69.14 134.91 13.70
N GLN ND 114 -69.01 133.94 14.61
CA GLN ND 114 -67.76 133.21 14.73
C GLN ND 114 -67.75 131.95 13.89
N VAL ND 115 -68.92 131.32 13.73
CA VAL ND 115 -69.02 130.16 12.85
C VAL ND 115 -69.07 130.61 11.39
N GLU ND 116 -69.55 131.83 11.14
CA GLU ND 116 -69.53 132.40 9.80
C GLU ND 116 -68.11 132.59 9.31
N ASP ND 117 -67.23 133.16 10.15
CA ASP ND 117 -65.85 133.35 9.75
C ASP ND 117 -65.06 132.06 9.76
N LEU ND 118 -65.57 131.00 10.37
CA LEU ND 118 -64.88 129.72 10.36
C LEU ND 118 -65.00 129.02 9.01
N VAL ND 119 -66.07 129.28 8.27
CA VAL ND 119 -66.26 128.61 6.99
C VAL ND 119 -65.96 129.56 5.84
N VAL ND 120 -66.17 130.85 6.04
CA VAL ND 120 -65.90 131.81 4.98
C VAL ND 120 -64.42 132.16 4.92
N ASN ND 121 -63.84 132.58 6.04
CA ASN ND 121 -62.46 133.05 6.09
C ASN ND 121 -61.54 132.13 6.87
N LEU ND 122 -62.05 130.98 7.33
CA LEU ND 122 -61.29 129.92 8.01
C LEU ND 122 -60.66 130.38 9.32
N VAL ND 123 -61.20 131.42 9.95
CA VAL ND 123 -60.71 131.89 11.23
C VAL ND 123 -61.19 130.93 12.32
N PRO ND 124 -60.31 130.50 13.24
CA PRO ND 124 -60.74 129.56 14.28
C PRO ND 124 -61.70 130.20 15.29
N LEU ND 125 -62.28 129.36 16.13
CA LEU ND 125 -63.34 129.78 17.02
C LEU ND 125 -62.78 130.40 18.29
N GLY ND 126 -63.61 131.22 18.94
CA GLY ND 126 -63.26 131.81 20.21
C GLY ND 126 -62.64 133.19 20.06
N ARG ND 127 -63.23 134.18 20.72
CA ARG ND 127 -62.70 135.54 20.75
C ARG ND 127 -62.64 136.00 22.20
N ALA ND 128 -61.44 136.33 22.66
CA ALA ND 128 -61.23 136.72 24.05
C ALA ND 128 -61.62 138.17 24.25
N TYR ND 129 -62.80 138.41 24.82
CA TYR ND 129 -63.25 139.75 25.16
C TYR ND 129 -63.20 139.89 26.68
N GLY ND 130 -62.02 140.24 27.18
CA GLY ND 130 -61.81 140.40 28.62
C GLY ND 130 -61.90 139.10 29.39
N GLY ND 131 -60.97 138.19 29.16
CA GLY ND 131 -60.99 136.91 29.84
C GLY ND 131 -60.56 135.76 28.96
N SER ND 132 -61.28 134.65 29.04
CA SER ND 132 -60.97 133.48 28.21
C SER ND 132 -61.63 133.61 26.85
N LYS ND 133 -61.29 132.67 25.96
CA LYS ND 133 -61.92 132.61 24.65
C LYS ND 133 -63.32 132.04 24.79
N THR ND 134 -64.33 132.84 24.45
CA THR ND 134 -65.72 132.49 24.70
C THR ND 134 -66.54 132.54 23.42
N ILE ND 135 -67.57 131.70 23.38
CA ILE ND 135 -68.61 131.76 22.35
C ILE ND 135 -69.94 131.96 23.06
N VAL ND 136 -70.68 132.97 22.66
CA VAL ND 136 -71.96 133.30 23.29
C VAL ND 136 -73.07 132.78 22.39
N LEU ND 137 -73.91 131.90 22.93
CA LEU ND 137 -75.02 131.30 22.20
C LEU ND 137 -76.32 131.85 22.78
N SER ND 138 -76.78 132.98 22.25
CA SER ND 138 -77.99 133.62 22.75
C SER ND 138 -79.23 132.85 22.31
N VAL ND 139 -80.11 132.55 23.27
CA VAL ND 139 -81.31 131.77 23.02
C VAL ND 139 -82.46 132.75 23.26
N GLY ND 140 -82.22 134.01 22.90
CA GLY ND 140 -83.17 135.07 23.19
C GLY ND 140 -82.57 136.06 24.15
N GLU ND 141 -83.07 136.08 25.38
CA GLU ND 141 -82.44 136.84 26.45
C GLU ND 141 -81.49 136.01 27.29
N ALA ND 142 -81.60 134.69 27.24
CA ALA ND 142 -80.66 133.81 27.92
C ALA ND 142 -79.43 133.61 27.06
N THR ND 143 -78.26 133.92 27.61
CA THR ND 143 -76.98 133.75 26.92
C THR ND 143 -76.19 132.68 27.66
N ARG ND 144 -75.64 131.73 26.91
CA ARG ND 144 -74.88 130.63 27.48
C ARG ND 144 -73.48 130.65 26.89
N THR ND 145 -72.53 131.22 27.64
CA THR ND 145 -71.18 131.46 27.14
C THR ND 145 -70.31 130.24 27.41
N LEU ND 146 -69.71 129.70 26.36
CA LEU ND 146 -68.86 128.52 26.47
C LEU ND 146 -67.40 128.93 26.40
N THR ND 147 -66.64 128.57 27.43
CA THR ND 147 -65.23 128.92 27.53
C THR ND 147 -64.38 127.77 27.03
N GLU ND 148 -63.23 128.11 26.45
CA GLU ND 148 -62.35 127.11 25.86
C GLU ND 148 -61.59 126.37 26.96
N ILE ND 149 -61.55 125.04 26.86
CA ILE ND 149 -60.88 124.21 27.86
C ILE ND 149 -59.65 123.51 27.29
N GLN ND 150 -59.52 123.37 25.98
CA GLN ND 150 -58.39 122.65 25.39
C GLN ND 150 -58.30 123.05 23.92
N SER ND 151 -57.10 123.43 23.49
CA SER ND 151 -56.83 123.78 22.09
C SER ND 151 -55.65 122.93 21.63
N THR ND 152 -55.94 121.75 21.11
CA THR ND 152 -54.92 120.86 20.58
C THR ND 152 -54.64 121.32 19.14
N ALA ND 153 -53.71 120.66 18.44
CA ALA ND 153 -53.42 121.03 17.06
C ALA ND 153 -54.58 120.70 16.13
N ASP ND 154 -55.38 119.69 16.48
CA ASP ND 154 -56.56 119.33 15.70
C ASP ND 154 -57.86 119.85 16.32
N ARG ND 155 -58.12 119.51 17.58
CA ARG ND 155 -59.39 119.83 18.19
C ARG ND 155 -59.37 121.21 18.81
N GLN ND 156 -60.56 121.70 19.15
CA GLN ND 156 -60.72 122.95 19.90
C GLN ND 156 -62.00 122.81 20.72
N ILE ND 157 -61.86 122.35 21.95
CA ILE ND 157 -63.00 121.94 22.76
C ILE ND 157 -63.45 123.12 23.60
N PHE ND 158 -64.75 123.41 23.56
CA PHE ND 158 -65.37 124.42 24.40
C PHE ND 158 -66.32 123.75 25.37
N GLU ND 159 -66.68 124.47 26.43
CA GLU ND 159 -67.51 123.91 27.48
C GLU ND 159 -68.10 125.05 28.30
N GLU ND 160 -69.36 124.90 28.69
CA GLU ND 160 -69.97 125.83 29.63
C GLU ND 160 -69.45 125.52 31.03
N LYS ND 161 -69.43 126.54 31.89
CA LYS ND 161 -68.79 126.42 33.19
C LYS ND 161 -69.72 126.56 34.38
N VAL ND 162 -71.00 126.82 34.17
CA VAL ND 162 -71.94 126.89 35.28
C VAL ND 162 -72.57 125.53 35.53
N GLY ND 163 -73.13 125.36 36.72
CA GLY ND 163 -73.84 124.14 37.05
C GLY ND 163 -72.95 123.03 37.57
N PRO ND 164 -73.48 121.81 37.60
CA PRO ND 164 -72.68 120.67 38.05
C PRO ND 164 -71.61 120.30 37.05
N LEU ND 165 -70.64 119.52 37.52
CA LEU ND 165 -69.49 119.15 36.71
C LEU ND 165 -69.73 117.90 35.87
N VAL ND 166 -70.83 117.18 36.09
CA VAL ND 166 -71.02 115.91 35.39
C VAL ND 166 -71.64 116.11 34.01
N GLY ND 167 -72.54 117.07 33.85
CA GLY ND 167 -73.13 117.32 32.55
C GLY ND 167 -73.09 118.78 32.16
N ARG ND 168 -72.35 119.10 31.10
CA ARG ND 168 -72.24 120.47 30.62
C ARG ND 168 -72.25 120.47 29.10
N LEU ND 169 -72.40 121.66 28.53
CA LEU ND 169 -72.38 121.79 27.08
C LEU ND 169 -70.97 121.55 26.54
N ARG ND 170 -70.91 121.19 25.27
CA ARG ND 170 -69.64 120.92 24.62
C ARG ND 170 -69.66 121.49 23.21
N LEU ND 171 -68.48 121.77 22.68
CA LEU ND 171 -68.36 122.24 21.30
C LEU ND 171 -66.98 121.78 20.82
N THR ND 172 -66.94 120.67 20.10
CA THR ND 172 -65.68 120.09 19.63
C THR ND 172 -65.48 120.51 18.18
N ALA ND 173 -64.89 121.68 17.98
CA ALA ND 173 -64.56 122.13 16.65
C ALA ND 173 -63.29 121.44 16.15
N SER ND 174 -63.11 121.44 14.83
CA SER ND 174 -61.94 120.86 14.21
C SER ND 174 -61.76 121.48 12.84
N LEU ND 175 -60.61 121.20 12.23
CA LEU ND 175 -60.28 121.73 10.91
C LEU ND 175 -59.17 120.87 10.34
N ARG ND 176 -59.41 120.30 9.15
CA ARG ND 176 -58.43 119.44 8.51
C ARG ND 176 -58.24 119.89 7.08
N GLN ND 177 -57.36 119.20 6.37
CA GLN ND 177 -57.29 119.27 4.91
C GLN ND 177 -56.75 117.93 4.40
N ASN ND 178 -57.62 117.17 3.76
CA ASN ND 178 -57.30 115.83 3.31
C ASN ND 178 -56.92 115.83 1.84
N GLY ND 179 -55.89 115.03 1.53
CA GLY ND 179 -55.44 114.91 0.15
C GLY ND 179 -54.28 115.83 -0.16
N ALA ND 180 -54.21 116.32 -1.39
CA ALA ND 180 -53.13 117.19 -1.83
C ALA ND 180 -53.47 118.66 -1.62
N LYS ND 181 -53.87 118.99 -0.39
CA LYS ND 181 -54.10 120.36 0.08
C LYS ND 181 -55.18 121.08 -0.74
N THR ND 182 -56.20 120.34 -1.19
CA THR ND 182 -57.18 120.88 -2.12
C THR ND 182 -58.55 121.13 -1.51
N ALA ND 183 -58.84 120.56 -0.34
CA ALA ND 183 -60.15 120.72 0.26
C ALA ND 183 -60.02 120.68 1.77
N TYR ND 184 -60.73 121.58 2.45
CA TYR ND 184 -60.73 121.63 3.90
C TYR ND 184 -61.86 120.78 4.46
N ARG ND 185 -61.95 120.71 5.78
CA ARG ND 185 -63.01 119.92 6.44
C ARG ND 185 -63.26 120.54 7.82
N VAL ND 186 -64.31 121.34 7.91
CA VAL ND 186 -64.74 121.90 9.18
C VAL ND 186 -65.67 120.91 9.85
N ASN ND 187 -65.56 120.78 11.18
CA ASN ND 187 -66.30 119.74 11.89
C ASN ND 187 -66.68 120.26 13.28
N LEU ND 188 -67.91 120.76 13.39
CA LEU ND 188 -68.46 121.16 14.68
C LEU ND 188 -69.32 120.05 15.26
N LYS ND 189 -69.45 120.04 16.59
CA LYS ND 189 -70.22 119.01 17.28
C LYS ND 189 -70.63 119.54 18.65
N LEU ND 190 -71.93 119.60 18.90
CA LEU ND 190 -72.46 120.15 20.14
C LEU ND 190 -73.17 119.05 20.91
N ASP ND 191 -72.57 118.62 22.01
CA ASP ND 191 -73.17 117.63 22.89
C ASP ND 191 -73.96 118.32 24.00
N GLN ND 192 -75.17 117.82 24.26
CA GLN ND 192 -76.01 118.33 25.33
C GLN ND 192 -76.54 117.14 26.11
N ALA ND 193 -76.06 116.98 27.35
CA ALA ND 193 -76.47 115.89 28.21
C ALA ND 193 -77.50 116.40 29.21
N ASP ND 194 -78.50 115.57 29.49
CA ASP ND 194 -79.57 115.93 30.41
C ASP ND 194 -79.21 115.42 31.80
N VAL ND 195 -78.90 116.33 32.71
CA VAL ND 195 -78.54 116.01 34.08
C VAL ND 195 -79.76 116.24 34.95
N VAL ND 196 -79.92 115.40 35.98
CA VAL ND 196 -81.03 115.52 36.92
C VAL ND 196 -80.55 115.06 38.30
N ASP ND 197 -81.06 115.70 39.34
CA ASP ND 197 -80.86 115.24 40.70
C ASP ND 197 -82.12 115.43 41.52
N CYS ND 198 -82.36 114.51 42.44
CA CYS ND 198 -83.54 114.56 43.30
C CYS ND 198 -83.15 114.40 44.76
N SER ND 199 -82.16 115.15 45.22
CA SER ND 199 -81.76 115.13 46.62
C SER ND 199 -82.83 115.68 47.55
N THR ND 200 -83.81 116.43 47.03
CA THR ND 200 -84.99 116.76 47.80
C THR ND 200 -85.93 115.57 47.93
N SER ND 201 -85.79 114.57 47.06
CA SER ND 201 -86.66 113.39 47.08
C SER ND 201 -86.03 112.21 47.81
N VAL ND 202 -84.88 111.72 47.35
CA VAL ND 202 -84.15 110.65 48.00
C VAL ND 202 -82.79 111.20 48.43
N CYS ND 203 -82.36 110.85 49.64
CA CYS ND 203 -81.12 111.40 50.19
C CYS ND 203 -79.89 110.73 49.59
N GLY ND 204 -78.77 111.44 49.66
CA GLY ND 204 -77.49 110.91 49.27
C GLY ND 204 -77.32 110.66 47.79
N GLU ND 205 -78.11 111.32 46.95
CA GLU ND 205 -78.05 111.12 45.52
C GLU ND 205 -77.47 112.37 44.86
N LEU ND 206 -76.34 112.20 44.19
CA LEU ND 206 -75.67 113.28 43.50
C LEU ND 206 -76.20 113.37 42.07
N PRO ND 207 -75.98 114.51 41.38
CA PRO ND 207 -76.44 114.62 39.99
C PRO ND 207 -75.76 113.63 39.05
N LYS ND 208 -76.51 113.20 38.04
CA LYS ND 208 -76.02 112.26 37.04
C LYS ND 208 -76.75 112.54 35.73
N VAL ND 209 -76.17 112.06 34.64
CA VAL ND 209 -76.72 112.26 33.31
C VAL ND 209 -77.62 111.08 32.96
N ARG ND 210 -78.72 111.37 32.26
CA ARG ND 210 -79.60 110.30 31.79
C ARG ND 210 -79.26 109.90 30.36
N TYR ND 211 -79.32 110.86 29.44
CA TYR ND 211 -79.06 110.63 28.03
C TYR ND 211 -78.23 111.80 27.50
N THR ND 212 -77.83 111.70 26.24
CA THR ND 212 -77.15 112.80 25.57
C THR ND 212 -77.63 112.89 24.14
N GLN ND 213 -77.57 114.08 23.57
CA GLN ND 213 -78.07 114.35 22.23
C GLN ND 213 -77.06 115.19 21.46
N VAL ND 214 -76.70 114.72 20.28
CA VAL ND 214 -75.60 115.28 19.51
C VAL ND 214 -76.20 116.03 18.32
N TRP ND 215 -75.49 117.07 17.85
CA TRP ND 215 -75.79 117.71 16.57
C TRP ND 215 -74.44 118.05 15.95
N SER ND 216 -73.94 117.14 15.11
CA SER ND 216 -72.66 117.33 14.45
C SER ND 216 -72.83 118.12 13.16
N HIS ND 217 -71.71 118.62 12.65
CA HIS ND 217 -71.65 119.26 11.35
C HIS ND 217 -70.40 118.76 10.64
N ASP ND 218 -70.45 118.76 9.31
CA ASP ND 218 -69.30 118.32 8.52
C ASP ND 218 -69.32 119.11 7.22
N VAL ND 219 -68.59 120.22 7.21
CA VAL ND 219 -68.55 121.14 6.08
C VAL ND 219 -67.34 120.79 5.22
N THR ND 220 -67.55 120.70 3.92
CA THR ND 220 -66.47 120.45 2.97
C THR ND 220 -66.29 121.69 2.11
N ILE ND 221 -65.11 122.29 2.17
CA ILE ND 221 -64.81 123.51 1.45
C ILE ND 221 -63.54 123.27 0.63
N VAL ND 222 -63.63 123.47 -0.67
CA VAL ND 222 -62.47 123.33 -1.53
C VAL ND 222 -61.61 124.58 -1.43
N ALA ND 223 -60.31 124.42 -1.67
CA ALA ND 223 -59.34 125.46 -1.33
C ALA ND 223 -59.40 126.65 -2.28
N ASN ND 224 -59.56 126.41 -3.58
CA ASN ND 224 -59.52 127.48 -4.57
C ASN ND 224 -60.91 128.03 -4.89
N SER ND 225 -61.83 128.00 -3.94
CA SER ND 225 -63.20 128.42 -4.19
C SER ND 225 -63.32 129.94 -4.18
N THR ND 226 -64.50 130.42 -4.53
CA THR ND 226 -64.84 131.83 -4.49
C THR ND 226 -65.31 132.17 -3.09
N GLU ND 227 -65.20 133.46 -2.71
CA GLU ND 227 -65.70 133.88 -1.41
C GLU ND 227 -67.21 133.85 -1.36
N ALA ND 228 -67.88 134.32 -2.43
CA ALA ND 228 -69.33 134.29 -2.47
C ALA ND 228 -69.88 132.88 -2.67
N SER ND 229 -69.04 131.92 -3.04
CA SER ND 229 -69.45 130.52 -3.03
C SER ND 229 -69.51 129.96 -1.61
N ARG ND 230 -68.54 130.36 -0.77
CA ARG ND 230 -68.59 129.95 0.63
C ARG ND 230 -69.59 130.78 1.43
N LYS ND 231 -69.80 132.04 1.03
CA LYS ND 231 -70.73 132.90 1.74
C LYS ND 231 -72.18 132.49 1.47
N SER ND 232 -72.46 131.97 0.28
CA SER ND 232 -73.82 131.54 -0.04
C SER ND 232 -74.12 130.18 0.58
N LEU ND 233 -73.11 129.32 0.72
CA LEU ND 233 -73.33 128.02 1.37
C LEU ND 233 -73.63 128.19 2.85
N TYR ND 234 -72.99 129.18 3.49
CA TYR ND 234 -73.28 129.46 4.89
C TYR ND 234 -74.69 130.04 5.05
N ASP ND 235 -75.05 131.00 4.20
CA ASP ND 235 -76.35 131.64 4.29
C ASP ND 235 -77.51 130.72 3.95
N LEU ND 236 -77.28 129.67 3.17
CA LEU ND 236 -78.34 128.70 2.93
C LEU ND 236 -78.52 127.78 4.13
N THR ND 237 -77.42 127.33 4.74
CA THR ND 237 -77.51 126.49 5.92
C THR ND 237 -77.99 127.28 7.14
N LYS ND 238 -77.66 128.56 7.22
CA LYS ND 238 -78.21 129.41 8.27
C LYS ND 238 -79.70 129.58 8.08
N SER ND 239 -80.17 129.62 6.84
CA SER ND 239 -81.59 129.73 6.57
C SER ND 239 -82.30 128.39 6.57
N LEU ND 240 -81.56 127.28 6.45
CA LEU ND 240 -82.18 125.97 6.50
C LEU ND 240 -82.56 125.58 7.91
N VAL ND 241 -81.64 125.79 8.86
CA VAL ND 241 -81.88 125.45 10.26
C VAL ND 241 -82.99 126.33 10.85
N ALA ND 242 -83.09 127.58 10.40
CA ALA ND 242 -84.09 128.50 10.94
C ALA ND 242 -85.48 128.30 10.36
N THR ND 243 -85.70 127.29 9.52
CA THR ND 243 -87.05 127.04 9.01
C THR ND 243 -87.88 126.33 10.08
N SER ND 244 -89.18 126.26 9.79
CA SER ND 244 -90.11 125.57 10.69
C SER ND 244 -90.20 124.08 10.41
N GLN ND 245 -89.56 123.61 9.33
CA GLN ND 245 -89.65 122.18 9.00
C GLN ND 245 -88.52 121.39 9.63
N VAL ND 246 -87.32 121.99 9.71
CA VAL ND 246 -86.22 121.34 10.39
C VAL ND 246 -86.40 121.40 11.91
N GLU ND 247 -87.19 122.35 12.39
CA GLU ND 247 -87.59 122.35 13.80
C GLU ND 247 -88.46 121.14 14.12
N ASP ND 248 -89.47 120.88 13.30
CA ASP ND 248 -90.34 119.73 13.50
C ASP ND 248 -89.67 118.41 13.15
N LEU ND 249 -88.62 118.45 12.33
CA LEU ND 249 -87.87 117.22 12.06
C LEU ND 249 -87.07 116.77 13.27
N VAL ND 250 -86.65 117.71 14.12
CA VAL ND 250 -85.89 117.37 15.31
C VAL ND 250 -86.81 117.21 16.52
N VAL ND 251 -87.76 118.12 16.71
CA VAL ND 251 -88.63 118.06 17.87
C VAL ND 251 -89.66 116.96 17.74
N ASN ND 252 -90.38 116.91 16.63
CA ASN ND 252 -91.52 116.01 16.47
C ASN ND 252 -91.30 114.93 15.42
N LEU ND 253 -90.11 114.84 14.82
CA LEU ND 253 -89.73 113.81 13.84
C LEU ND 253 -90.62 113.81 12.59
N VAL ND 254 -91.18 114.95 12.23
CA VAL ND 254 -91.95 115.07 11.00
C VAL ND 254 -90.98 115.23 9.84
N PRO ND 255 -91.08 114.41 8.79
CA PRO ND 255 -90.19 114.58 7.64
C PRO ND 255 -90.45 115.87 6.88
N LEU ND 256 -89.49 116.24 6.04
CA LEU ND 256 -89.48 117.54 5.40
C LEU ND 256 -90.45 117.60 4.22
N GLY ND 257 -90.76 118.83 3.82
CA GLY ND 257 -91.59 119.05 2.65
C GLY ND 257 -93.06 119.22 2.94
N ARG ND 258 -93.59 120.41 2.67
CA ARG ND 258 -95.02 120.66 2.79
C ARG ND 258 -95.57 121.23 1.49
N SER OD 1 -12.84 152.36 3.17
CA SER OD 1 -13.23 151.61 1.99
C SER OD 1 -14.73 151.74 1.74
N LYS OD 2 -15.43 150.61 1.76
CA LYS OD 2 -16.88 150.58 1.55
C LYS OD 2 -17.55 150.40 2.91
N THR OD 3 -18.51 151.27 3.21
CA THR OD 3 -19.09 151.35 4.55
C THR OD 3 -20.59 151.15 4.53
N ILE OD 4 -21.12 150.66 5.65
CA ILE OD 4 -22.53 150.69 5.97
C ILE OD 4 -22.69 151.48 7.26
N VAL OD 5 -23.70 152.33 7.34
CA VAL OD 5 -23.95 153.17 8.50
C VAL OD 5 -25.24 152.71 9.16
N LEU OD 6 -25.14 152.22 10.39
CA LEU OD 6 -26.28 151.72 11.15
C LEU OD 6 -26.58 152.70 12.27
N SER OD 7 -27.50 153.62 12.02
CA SER OD 7 -27.84 154.63 13.02
C SER OD 7 -28.80 154.07 14.05
N VAL OD 8 -28.46 154.23 15.32
CA VAL OD 8 -29.20 153.60 16.43
C VAL OD 8 -29.83 154.77 17.19
N GLY OD 9 -30.24 155.79 16.44
CA GLY OD 9 -30.74 157.01 17.01
C GLY OD 9 -29.99 158.19 16.42
N GLU OD 10 -29.21 158.88 17.25
CA GLU OD 10 -28.20 159.79 16.75
C GLU OD 10 -26.81 159.18 16.76
N ALA OD 11 -26.60 158.11 17.52
CA ALA OD 11 -25.34 157.39 17.49
C ALA OD 11 -25.28 156.50 16.25
N THR OD 12 -24.33 156.78 15.36
CA THR OD 12 -24.16 156.04 14.12
C THR OD 12 -22.94 155.14 14.27
N ARG OD 13 -23.10 153.87 13.94
CA ARG OD 13 -22.03 152.88 14.05
C ARG OD 13 -21.64 152.43 12.66
N THR OD 14 -20.52 152.95 12.16
CA THR OD 14 -20.10 152.74 10.79
C THR OD 14 -19.23 151.48 10.69
N LEU OD 15 -19.69 150.51 9.91
CA LEU OD 15 -18.91 149.31 9.64
C LEU OD 15 -18.01 149.52 8.42
N THR OD 16 -16.90 148.79 8.38
CA THR OD 16 -15.93 148.93 7.31
C THR OD 16 -15.58 147.55 6.78
N GLU OD 17 -15.51 147.44 5.46
CA GLU OD 17 -15.33 146.15 4.79
C GLU OD 17 -13.92 145.63 4.98
N ILE OD 18 -13.81 144.36 5.35
CA ILE OD 18 -12.51 143.70 5.52
C ILE OD 18 -12.32 142.52 4.58
N GLN OD 19 -13.31 142.17 3.76
CA GLN OD 19 -13.19 141.04 2.85
C GLN OD 19 -14.17 141.24 1.71
N SER OD 20 -13.77 140.82 0.51
CA SER OD 20 -14.64 140.86 -0.67
C SER OD 20 -14.29 139.66 -1.53
N THR OD 21 -15.00 138.56 -1.34
CA THR OD 21 -14.84 137.37 -2.15
C THR OD 21 -15.85 137.50 -3.30
N ALA OD 22 -16.05 136.44 -4.09
CA ALA OD 22 -17.04 136.50 -5.15
C ALA OD 22 -18.47 136.54 -4.59
N ASP OD 23 -18.69 135.84 -3.49
CA ASP OD 23 -19.99 135.86 -2.83
C ASP OD 23 -19.95 136.42 -1.42
N ARG OD 24 -18.99 136.01 -0.59
CA ARG OD 24 -18.94 136.49 0.78
C ARG OD 24 -18.40 137.91 0.85
N GLN OD 25 -18.82 138.64 1.87
CA GLN OD 25 -18.50 140.06 1.97
C GLN OD 25 -18.60 140.45 3.45
N ILE OD 26 -17.44 140.57 4.11
CA ILE OD 26 -17.38 140.71 5.56
C ILE OD 26 -17.14 142.17 5.91
N PHE OD 27 -17.90 142.68 6.88
CA PHE OD 27 -17.79 144.04 7.38
C PHE OD 27 -17.44 143.99 8.87
N GLU OD 28 -16.74 145.02 9.33
CA GLU OD 28 -16.41 145.12 10.75
C GLU OD 28 -16.43 146.57 11.17
N GLU OD 29 -16.66 146.79 12.47
CA GLU OD 29 -16.50 148.11 13.06
C GLU OD 29 -15.06 148.25 13.54
N LYS OD 30 -14.57 149.48 13.55
CA LYS OD 30 -13.15 149.71 13.78
C LYS OD 30 -12.82 150.39 15.09
N VAL OD 31 -13.81 150.83 15.84
CA VAL OD 31 -13.54 151.46 17.14
C VAL OD 31 -13.50 150.40 18.22
N GLY OD 32 -12.76 150.69 19.30
CA GLY OD 32 -12.70 149.82 20.44
C GLY OD 32 -11.52 148.87 20.41
N PRO OD 33 -11.57 147.81 21.21
CA PRO OD 33 -10.49 146.81 21.19
C PRO OD 33 -10.47 145.98 19.91
N LEU OD 34 -9.46 145.13 19.77
CA LEU OD 34 -9.25 144.38 18.54
C LEU OD 34 -9.78 142.95 18.59
N VAL OD 35 -10.28 142.50 19.73
CA VAL OD 35 -10.63 141.08 19.87
C VAL OD 35 -12.12 140.85 19.64
N GLY OD 36 -12.99 141.75 20.09
CA GLY OD 36 -14.41 141.57 19.86
C GLY OD 36 -15.06 142.80 19.25
N ARG OD 37 -15.56 142.66 18.02
CA ARG OD 37 -16.15 143.76 17.28
C ARG OD 37 -17.41 143.27 16.56
N LEU OD 38 -18.15 144.21 16.00
CA LEU OD 38 -19.29 143.86 15.16
C LEU OD 38 -18.82 143.16 13.89
N ARG OD 39 -19.75 142.45 13.27
CA ARG OD 39 -19.46 141.63 12.11
C ARG OD 39 -20.72 141.56 11.26
N LEU OD 40 -20.54 141.56 9.95
CA LEU OD 40 -21.69 141.49 9.05
C LEU OD 40 -21.24 140.67 7.84
N THR OD 41 -21.52 139.37 7.88
CA THR OD 41 -21.08 138.46 6.83
C THR OD 41 -22.20 138.35 5.81
N ALA OD 42 -22.17 139.23 4.82
CA ALA OD 42 -23.16 139.21 3.76
C ALA OD 42 -22.78 138.19 2.70
N SER OD 43 -23.78 137.79 1.90
CA SER OD 43 -23.59 136.77 0.90
C SER OD 43 -24.69 136.89 -0.15
N LEU OD 44 -24.47 136.24 -1.28
CA LEU OD 44 -25.46 136.16 -2.35
C LEU OD 44 -25.11 134.96 -3.23
N ARG OD 45 -26.13 134.26 -3.71
CA ARG OD 45 -25.96 133.05 -4.49
C ARG OD 45 -27.06 132.97 -5.54
N GLN OD 46 -26.98 131.93 -6.37
CA GLN OD 46 -28.11 131.51 -7.19
C GLN OD 46 -28.00 129.99 -7.38
N ASN OD 47 -28.69 129.25 -6.53
CA ASN OD 47 -28.56 127.81 -6.47
C ASN OD 47 -29.56 127.14 -7.41
N GLY OD 48 -29.18 125.94 -7.87
CA GLY OD 48 -30.05 125.17 -8.74
C GLY OD 48 -29.87 125.52 -10.19
N ALA OD 49 -30.98 125.56 -10.94
CA ALA OD 49 -30.94 125.87 -12.37
C ALA OD 49 -31.15 127.37 -12.60
N LYS OD 50 -30.35 128.16 -11.88
CA LYS OD 50 -30.22 129.62 -12.05
C LYS OD 50 -31.55 130.36 -11.92
N THR OD 51 -32.47 129.84 -11.11
CA THR OD 51 -33.82 130.38 -11.06
C THR OD 51 -34.15 131.13 -9.78
N ALA OD 52 -33.38 130.96 -8.71
CA ALA OD 52 -33.69 131.60 -7.43
C ALA OD 52 -32.40 132.04 -6.78
N TYR OD 53 -32.39 133.26 -6.25
CA TYR OD 53 -31.25 133.78 -5.52
C TYR OD 53 -31.38 133.46 -4.04
N ARG OD 54 -30.34 133.79 -3.28
CA ARG OD 54 -30.34 133.52 -1.84
C ARG OD 54 -29.43 134.54 -1.16
N VAL OD 55 -30.05 135.56 -0.58
CA VAL OD 55 -29.34 136.52 0.26
C VAL OD 55 -29.17 135.91 1.64
N ASN OD 56 -28.00 136.16 2.26
CA ASN OD 56 -27.70 135.53 3.54
C ASN OD 56 -26.88 136.50 4.38
N LEU OD 57 -27.56 137.26 5.23
CA LEU OD 57 -26.90 138.16 6.16
C LEU OD 57 -26.67 137.47 7.50
N LYS OD 58 -25.73 138.01 8.27
CA LYS OD 58 -25.40 137.45 9.59
C LYS OD 58 -24.72 138.55 10.39
N LEU OD 59 -25.42 139.08 11.39
CA LEU OD 59 -24.92 140.18 12.21
C LEU OD 59 -24.47 139.62 13.54
N ASP OD 60 -23.17 139.37 13.68
CA ASP OD 60 -22.62 138.91 14.94
C ASP OD 60 -22.48 140.07 15.91
N GLN OD 61 -22.39 139.74 17.19
CA GLN OD 61 -22.13 140.75 18.23
C GLN OD 61 -21.55 140.03 19.43
N ALA OD 62 -20.29 140.31 19.73
CA ALA OD 62 -19.59 139.71 20.87
C ALA OD 62 -19.56 140.71 22.01
N ASP OD 63 -19.67 140.20 23.24
CA ASP OD 63 -19.59 141.04 24.42
C ASP OD 63 -18.21 140.88 25.04
N VAL OD 64 -17.37 141.86 24.82
CA VAL OD 64 -16.00 141.84 25.31
C VAL OD 64 -15.95 142.54 26.67
N VAL OD 65 -15.12 142.02 27.56
CA VAL OD 65 -14.93 142.59 28.89
C VAL OD 65 -13.43 142.66 29.17
N ASP OD 66 -12.97 143.80 29.69
CA ASP OD 66 -11.58 144.00 30.05
C ASP OD 66 -11.51 144.55 31.47
N CYS OD 67 -10.96 143.75 32.38
CA CYS OD 67 -10.76 144.15 33.77
C CYS OD 67 -9.33 143.91 34.20
N SER OD 68 -8.38 144.48 33.45
CA SER OD 68 -7.01 144.58 33.91
C SER OD 68 -6.86 145.48 35.13
N THR OD 69 -7.82 146.38 35.35
CA THR OD 69 -7.84 147.18 36.58
C THR OD 69 -8.13 146.29 37.78
N SER OD 70 -9.04 145.33 37.62
CA SER OD 70 -9.41 144.47 38.73
C SER OD 70 -8.37 143.36 38.94
N VAL OD 71 -8.16 142.52 37.94
CA VAL OD 71 -7.14 141.48 38.00
C VAL OD 71 -5.89 142.01 37.33
N CYS OD 72 -4.80 142.08 38.08
CA CYS OD 72 -3.56 142.62 37.56
C CYS OD 72 -2.89 141.62 36.61
N GLY OD 73 -2.90 141.94 35.33
CA GLY OD 73 -2.22 141.14 34.34
C GLY OD 73 -3.09 140.38 33.38
N GLU OD 74 -4.36 140.75 33.23
CA GLU OD 74 -5.26 140.08 32.30
C GLU OD 74 -5.58 141.00 31.13
N LEU OD 75 -6.06 140.40 30.06
CA LEU OD 75 -6.26 141.07 28.78
C LEU OD 75 -7.76 141.08 28.45
N PRO OD 76 -8.21 141.87 27.47
CA PRO OD 76 -9.62 141.79 27.06
C PRO OD 76 -9.97 140.45 26.45
N LYS OD 77 -11.23 140.07 26.61
CA LYS OD 77 -11.71 138.74 26.29
C LYS OD 77 -13.22 138.80 26.09
N VAL OD 78 -13.73 138.00 25.17
CA VAL OD 78 -15.15 137.98 24.86
C VAL OD 78 -15.83 136.89 25.69
N ARG OD 79 -17.00 137.22 26.25
CA ARG OD 79 -17.76 136.22 26.99
C ARG OD 79 -18.59 135.36 26.04
N TYR OD 80 -19.52 135.99 25.32
CA TYR OD 80 -20.47 135.29 24.48
C TYR OD 80 -20.65 136.05 23.18
N THR OD 81 -21.29 135.39 22.21
CA THR OD 81 -21.66 136.02 20.95
C THR OD 81 -23.14 135.80 20.70
N GLN OD 82 -23.81 136.85 20.21
CA GLN OD 82 -25.23 136.79 19.88
C GLN OD 82 -25.40 137.23 18.44
N VAL OD 83 -26.07 136.40 17.63
CA VAL OD 83 -26.18 136.63 16.20
C VAL OD 83 -27.62 136.95 15.84
N TRP OD 84 -27.81 137.45 14.63
CA TRP OD 84 -29.15 137.58 14.04
C TRP OD 84 -28.97 137.33 12.54
N SER OD 85 -29.19 136.10 12.13
CA SER OD 85 -29.02 135.74 10.73
C SER OD 85 -30.29 136.03 9.94
N HIS OD 86 -30.12 136.19 8.63
CA HIS OD 86 -31.22 136.37 7.70
C HIS OD 86 -31.05 135.37 6.57
N ASP OD 87 -32.16 134.99 5.95
CA ASP OD 87 -32.13 134.04 4.84
C ASP OD 87 -33.28 134.40 3.90
N VAL OD 88 -32.98 135.18 2.89
CA VAL OD 88 -33.98 135.66 1.95
C VAL OD 88 -33.91 134.78 0.71
N THR OD 89 -35.08 134.38 0.20
CA THR OD 89 -35.16 133.59 -1.03
C THR OD 89 -35.95 134.40 -2.05
N ILE OD 90 -35.30 134.74 -3.16
CA ILE OD 90 -35.90 135.55 -4.21
C ILE OD 90 -35.81 134.78 -5.52
N VAL OD 91 -36.96 134.51 -6.12
CA VAL OD 91 -36.99 133.87 -7.43
C VAL OD 91 -36.76 134.91 -8.52
N ALA OD 92 -36.10 134.49 -9.61
CA ALA OD 92 -35.49 135.44 -10.53
C ALA OD 92 -36.50 136.12 -11.44
N ASN OD 93 -37.62 135.47 -11.74
CA ASN OD 93 -38.64 136.04 -12.62
C ASN OD 93 -39.72 136.78 -11.85
N SER OD 94 -39.37 137.42 -10.75
CA SER OD 94 -40.33 138.05 -9.85
C SER OD 94 -40.87 139.35 -10.45
N THR OD 95 -41.84 139.91 -9.74
CA THR OD 95 -42.28 141.28 -9.98
C THR OD 95 -41.52 142.18 -9.01
N GLU OD 96 -41.26 143.42 -9.44
CA GLU OD 96 -40.54 144.35 -8.57
C GLU OD 96 -41.39 144.78 -7.39
N ALA OD 97 -42.72 144.82 -7.55
CA ALA OD 97 -43.59 145.09 -6.42
C ALA OD 97 -43.72 143.88 -5.49
N SER OD 98 -43.38 142.70 -5.97
CA SER OD 98 -43.37 141.52 -5.11
C SER OD 98 -42.16 141.54 -4.18
N ARG OD 99 -40.98 141.89 -4.73
CA ARG OD 99 -39.78 142.00 -3.92
C ARG OD 99 -39.81 143.21 -3.00
N LYS OD 100 -40.50 144.28 -3.40
CA LYS OD 100 -40.59 145.46 -2.55
C LYS OD 100 -41.54 145.22 -1.38
N SER OD 101 -42.61 144.44 -1.61
CA SER OD 101 -43.57 144.18 -0.53
C SER OD 101 -42.99 143.22 0.50
N LEU OD 102 -42.17 142.26 0.06
CA LEU OD 102 -41.52 141.35 0.99
C LEU OD 102 -40.51 142.08 1.87
N TYR OD 103 -39.84 143.10 1.32
CA TYR OD 103 -38.94 143.91 2.12
C TYR OD 103 -39.73 144.83 3.06
N ASP OD 104 -40.86 145.36 2.59
CA ASP OD 104 -41.65 146.28 3.41
C ASP OD 104 -42.38 145.57 4.54
N LEU OD 105 -42.60 144.26 4.44
CA LEU OD 105 -43.24 143.54 5.53
C LEU OD 105 -42.23 143.14 6.60
N THR OD 106 -41.02 142.73 6.19
CA THR OD 106 -40.00 142.38 7.16
C THR OD 106 -39.42 143.62 7.84
N LYS OD 107 -39.42 144.76 7.15
CA LYS OD 107 -39.03 146.01 7.78
C LYS OD 107 -40.01 146.41 8.87
N SER OD 108 -41.28 146.06 8.70
CA SER OD 108 -42.28 146.32 9.73
C SER OD 108 -42.46 145.17 10.70
N LEU OD 109 -42.03 143.96 10.33
CA LEU OD 109 -42.03 142.85 11.27
C LEU OD 109 -40.99 143.09 12.36
N VAL OD 110 -39.77 143.49 11.97
CA VAL OD 110 -38.71 143.70 12.94
C VAL OD 110 -38.99 144.94 13.78
N ALA OD 111 -39.59 145.96 13.19
CA ALA OD 111 -39.79 147.23 13.90
C ALA OD 111 -41.00 147.24 14.81
N THR OD 112 -41.73 146.13 14.96
CA THR OD 112 -42.88 146.13 15.84
C THR OD 112 -42.43 145.88 17.28
N SER OD 113 -43.34 146.16 18.22
CA SER OD 113 -43.02 145.98 19.63
C SER OD 113 -43.24 144.55 20.12
N GLN OD 114 -43.71 143.65 19.27
CA GLN OD 114 -43.90 142.27 19.68
C GLN OD 114 -42.68 141.41 19.36
N VAL OD 115 -41.96 141.73 18.28
CA VAL OD 115 -40.72 141.02 17.97
C VAL OD 115 -39.60 141.55 18.86
N GLU OD 116 -39.70 142.80 19.31
CA GLU OD 116 -38.74 143.36 20.26
C GLU OD 116 -38.78 142.61 21.59
N ASP OD 117 -39.97 142.36 22.12
CA ASP OD 117 -40.10 141.64 23.36
C ASP OD 117 -39.85 140.14 23.20
N LEU OD 118 -39.84 139.63 21.97
CA LEU OD 118 -39.54 138.23 21.75
C LEU OD 118 -38.06 137.93 21.91
N VAL OD 119 -37.19 138.90 21.64
CA VAL OD 119 -35.76 138.67 21.73
C VAL OD 119 -35.19 139.30 23.00
N VAL OD 120 -35.80 140.38 23.47
CA VAL OD 120 -35.29 141.02 24.68
C VAL OD 120 -35.79 140.31 25.93
N ASN OD 121 -37.11 140.13 26.04
CA ASN OD 121 -37.71 139.55 27.23
C ASN OD 121 -38.33 138.18 27.01
N LEU OD 122 -38.14 137.61 25.82
CA LEU OD 122 -38.57 136.25 25.44
C LEU OD 122 -40.07 136.05 25.53
N VAL OD 123 -40.85 137.11 25.44
CA VAL OD 123 -42.32 137.00 25.45
C VAL OD 123 -42.78 136.48 24.09
N PRO OD 124 -43.67 135.50 24.04
CA PRO OD 124 -44.12 134.97 22.74
C PRO OD 124 -44.97 135.98 21.98
N LEU OD 125 -45.23 135.64 20.72
CA LEU OD 125 -45.88 136.57 19.80
C LEU OD 125 -47.40 136.53 19.96
N GLY OD 126 -48.03 137.60 19.50
CA GLY OD 126 -49.47 137.69 19.50
C GLY OD 126 -50.04 138.31 20.75
N ARG OD 127 -50.82 139.37 20.59
CA ARG OD 127 -51.51 140.02 21.70
C ARG OD 127 -52.98 140.18 21.34
N ALA OD 128 -53.85 139.58 22.14
CA ALA OD 128 -55.28 139.59 21.86
C ALA OD 128 -55.89 140.91 22.31
N TYR OD 129 -56.15 141.79 21.36
CA TYR OD 129 -56.83 143.06 21.62
C TYR OD 129 -58.23 142.97 21.04
N GLY OD 130 -59.15 142.41 21.82
CA GLY OD 130 -60.52 142.23 21.39
C GLY OD 130 -60.69 141.24 20.25
N GLY OD 131 -60.41 139.97 20.51
CA GLY OD 131 -60.52 138.96 19.48
C GLY OD 131 -59.43 137.92 19.55
N SER OD 132 -58.89 137.55 18.40
CA SER OD 132 -57.82 136.56 18.34
C SER OD 132 -56.47 137.24 18.58
N LYS OD 133 -55.44 136.42 18.70
CA LYS OD 133 -54.07 136.93 18.84
C LYS OD 133 -53.59 137.41 17.48
N THR OD 134 -53.30 138.71 17.38
CA THR OD 134 -53.00 139.34 16.11
C THR OD 134 -51.65 140.04 16.15
N ILE OD 135 -51.00 140.12 15.00
CA ILE OD 135 -49.82 140.95 14.78
C ILE OD 135 -50.15 141.90 13.63
N VAL OD 136 -49.97 143.20 13.86
CA VAL OD 136 -50.28 144.21 12.87
C VAL OD 136 -48.97 144.65 12.22
N LEU OD 137 -48.87 144.49 10.89
CA LEU OD 137 -47.69 144.86 10.13
C LEU OD 137 -48.05 146.06 9.26
N SER OD 138 -47.88 147.26 9.81
CA SER OD 138 -48.21 148.48 9.09
C SER OD 138 -47.18 148.77 8.01
N VAL OD 139 -47.67 149.03 6.79
CA VAL OD 139 -46.81 149.27 5.64
C VAL OD 139 -47.07 150.73 5.27
N GLY OD 140 -47.29 151.56 6.30
CA GLY OD 140 -47.67 152.94 6.09
C GLY OD 140 -49.07 153.18 6.61
N GLU OD 141 -50.02 153.39 5.69
CA GLU OD 141 -51.42 153.43 6.07
C GLU OD 141 -52.13 152.10 5.87
N ALA OD 142 -51.54 151.19 5.11
CA ALA OD 142 -52.09 149.85 4.96
C ALA OD 142 -51.61 148.97 6.10
N THR OD 143 -52.53 148.38 6.84
CA THR OD 143 -52.23 147.49 7.95
C THR OD 143 -52.70 146.09 7.58
N ARG OD 144 -51.83 145.10 7.76
CA ARG OD 144 -52.13 143.71 7.43
C ARG OD 144 -52.02 142.88 8.70
N THR OD 145 -53.16 142.57 9.30
CA THR OD 145 -53.21 141.92 10.60
C THR OD 145 -53.23 140.40 10.42
N LEU OD 146 -52.26 139.72 11.02
CA LEU OD 146 -52.16 138.27 10.92
C LEU OD 146 -52.67 137.62 12.19
N THR OD 147 -53.67 136.74 12.04
CA THR OD 147 -54.27 136.07 13.18
C THR OD 147 -53.65 134.69 13.37
N GLU OD 148 -53.59 134.25 14.61
CA GLU OD 148 -52.95 132.98 14.94
C GLU OD 148 -53.84 131.82 14.57
N ILE OD 149 -53.27 130.82 13.90
CA ILE OD 149 -54.03 129.66 13.46
C ILE OD 149 -53.63 128.38 14.18
N GLN OD 150 -52.44 128.32 14.79
CA GLN OD 150 -51.97 127.12 15.45
C GLN OD 150 -50.86 127.50 16.40
N SER OD 151 -50.96 127.05 17.66
CA SER OD 151 -49.94 127.27 18.67
C SER OD 151 -49.54 125.92 19.24
N THR OD 152 -48.56 125.28 18.62
CA THR OD 152 -48.05 123.99 19.09
C THR OD 152 -47.03 124.30 20.20
N ALA OD 153 -46.43 123.27 20.80
CA ALA OD 153 -45.44 123.50 21.85
C ALA OD 153 -44.16 124.12 21.29
N ASP OD 154 -43.86 123.86 20.01
CA ASP OD 154 -42.71 124.45 19.35
C ASP OD 154 -43.08 125.62 18.45
N ARG OD 155 -43.97 125.40 17.50
CA ARG OD 155 -44.28 126.42 16.51
C ARG OD 155 -45.36 127.37 17.00
N GLN OD 156 -45.50 128.50 16.29
CA GLN OD 156 -46.58 129.44 16.53
C GLN OD 156 -46.88 130.10 15.18
N ILE OD 157 -47.83 129.54 14.45
CA ILE OD 157 -48.08 129.90 13.06
C ILE OD 157 -49.13 130.98 13.01
N PHE OD 158 -48.84 132.07 12.29
CA PHE OD 158 -49.79 133.14 12.03
C PHE OD 158 -50.12 133.16 10.55
N GLU OD 159 -51.22 133.83 10.21
CA GLU OD 159 -51.71 133.84 8.84
C GLU OD 159 -52.69 135.00 8.68
N GLU OD 160 -52.62 135.67 7.54
CA GLU OD 160 -53.62 136.67 7.21
C GLU OD 160 -54.89 135.95 6.75
N LYS OD 161 -56.03 136.61 6.92
CA LYS OD 161 -57.32 135.96 6.71
C LYS OD 161 -58.16 136.57 5.59
N VAL OD 162 -57.70 137.62 4.94
CA VAL OD 162 -58.45 138.18 3.82
C VAL OD 162 -57.98 137.55 2.51
N GLY OD 163 -58.80 137.67 1.48
CA GLY OD 163 -58.44 137.21 0.16
C GLY OD 163 -58.74 135.75 -0.08
N PRO OD 164 -58.15 135.18 -1.14
CA PRO OD 164 -58.34 133.76 -1.42
C PRO OD 164 -57.62 132.87 -0.40
N LEU OD 165 -58.03 131.62 -0.38
CA LEU OD 165 -57.50 130.66 0.58
C LEU OD 165 -56.21 129.99 0.13
N VAL OD 166 -55.82 130.16 -1.13
CA VAL OD 166 -54.66 129.42 -1.63
C VAL OD 166 -53.35 130.14 -1.32
N GLY OD 167 -53.32 131.46 -1.37
CA GLY OD 167 -52.11 132.19 -1.07
C GLY OD 167 -52.33 133.27 -0.03
N ARG OD 168 -51.72 133.11 1.14
CA ARG OD 168 -51.84 134.08 2.22
C ARG OD 168 -50.50 134.24 2.90
N LEU OD 169 -50.39 135.29 3.73
CA LEU OD 169 -49.17 135.53 4.47
C LEU OD 169 -49.01 134.47 5.56
N ARG OD 170 -47.76 134.30 5.99
CA ARG OD 170 -47.44 133.33 7.03
C ARG OD 170 -46.42 133.92 7.97
N LEU OD 171 -46.38 133.39 9.20
CA LEU OD 171 -45.38 133.81 10.17
C LEU OD 171 -45.18 132.61 11.10
N THR OD 172 -44.13 131.84 10.85
CA THR OD 172 -43.87 130.63 11.62
C THR OD 172 -42.79 130.95 12.65
N ALA OD 173 -43.23 131.45 13.81
CA ALA OD 173 -42.31 131.71 14.89
C ALA OD 173 -41.98 130.41 15.62
N SER OD 174 -40.87 130.43 16.36
CA SER OD 174 -40.43 129.29 17.13
C SER OD 174 -39.52 129.78 18.24
N LEU OD 175 -39.20 128.88 19.17
CA LEU OD 175 -38.33 129.20 20.28
C LEU OD 175 -37.80 127.89 20.85
N ARG OD 176 -36.49 127.74 20.91
CA ARG OD 176 -35.88 126.52 21.42
C ARG OD 176 -34.82 126.89 22.45
N GLN OD 177 -34.19 125.86 23.01
CA GLN OD 177 -32.96 126.02 23.77
C GLN OD 177 -32.16 124.72 23.64
N ASN OD 178 -31.05 124.79 22.90
CA ASN OD 178 -30.25 123.63 22.59
C ASN OD 178 -29.07 123.53 23.53
N GLY OD 179 -28.77 122.30 23.96
CA GLY OD 179 -27.65 122.05 24.84
C GLY OD 179 -28.05 122.00 26.29
N ALA OD 180 -27.15 122.45 27.17
CA ALA OD 180 -27.40 122.43 28.61
C ALA OD 180 -28.05 123.73 29.09
N LYS OD 181 -29.16 124.11 28.43
CA LYS OD 181 -30.02 125.23 28.80
C LYS OD 181 -29.25 126.57 28.82
N THR OD 182 -28.29 126.74 27.92
CA THR OD 182 -27.40 127.88 27.97
C THR OD 182 -27.64 128.90 26.87
N ALA OD 183 -28.37 128.55 25.81
CA ALA OD 183 -28.59 129.48 24.71
C ALA OD 183 -29.94 129.20 24.09
N TYR OD 184 -30.69 130.26 23.78
CA TYR OD 184 -31.98 130.15 23.15
C TYR OD 184 -31.82 130.21 21.62
N ARG OD 185 -32.95 130.07 20.92
CA ARG OD 185 -32.93 130.12 19.45
C ARG OD 185 -34.29 130.60 18.98
N VAL OD 186 -34.39 131.88 18.65
CA VAL OD 186 -35.60 132.45 18.08
C VAL OD 186 -35.56 132.25 16.57
N ASN OD 187 -36.71 131.94 15.96
CA ASN OD 187 -36.74 131.58 14.55
C ASN OD 187 -38.03 132.09 13.93
N LEU OD 188 -37.99 133.25 13.30
CA LEU OD 188 -39.12 133.78 12.54
C LEU OD 188 -38.95 133.44 11.07
N LYS OD 189 -40.10 133.39 10.37
CA LYS OD 189 -40.09 133.06 8.95
C LYS OD 189 -41.38 133.58 8.32
N LEU OD 190 -41.26 134.45 7.34
CA LEU OD 190 -42.41 135.09 6.70
C LEU OD 190 -42.47 134.65 5.24
N ASP OD 191 -43.46 133.83 4.91
CA ASP OD 191 -43.69 133.40 3.54
C ASP OD 191 -44.70 134.31 2.87
N GLN OD 192 -44.39 134.70 1.63
CA GLN OD 192 -45.28 135.52 0.84
C GLN OD 192 -45.39 134.91 -0.54
N ALA OD 193 -46.55 134.36 -0.87
CA ALA OD 193 -46.79 133.72 -2.16
C ALA OD 193 -47.57 134.67 -3.05
N ASP OD 194 -47.19 134.71 -4.33
CA ASP OD 194 -47.84 135.58 -5.30
C ASP OD 194 -48.98 134.82 -5.95
N VAL OD 195 -50.20 135.24 -5.66
CA VAL OD 195 -51.39 134.62 -6.22
C VAL OD 195 -51.91 135.48 -7.35
N VAL OD 196 -52.45 134.85 -8.40
CA VAL OD 196 -53.02 135.55 -9.54
C VAL OD 196 -54.21 134.74 -10.03
N ASP OD 197 -55.22 135.44 -10.55
CA ASP OD 197 -56.36 134.79 -11.18
C ASP OD 197 -56.57 135.33 -12.58
N CYS OD 198 -56.88 134.43 -13.50
CA CYS OD 198 -57.07 134.77 -14.91
C CYS OD 198 -58.53 134.58 -15.32
N SER OD 199 -59.46 134.75 -14.38
CA SER OD 199 -60.86 134.52 -14.67
C SER OD 199 -61.46 135.59 -15.57
N THR OD 200 -60.85 136.78 -15.64
CA THR OD 200 -61.34 137.80 -16.55
C THR OD 200 -60.87 137.53 -17.98
N SER OD 201 -59.84 136.70 -18.15
CA SER OD 201 -59.32 136.36 -19.47
C SER OD 201 -59.79 134.99 -19.94
N VAL OD 202 -59.53 133.94 -19.16
CA VAL OD 202 -59.93 132.58 -19.50
C VAL OD 202 -60.95 132.11 -18.47
N CYS OD 203 -62.06 131.56 -18.96
CA CYS OD 203 -63.14 131.13 -18.09
C CYS OD 203 -62.77 129.89 -17.29
N GLY OD 204 -63.42 129.76 -16.14
CA GLY OD 204 -63.29 128.57 -15.31
C GLY OD 204 -61.95 128.37 -14.67
N GLU OD 205 -61.20 129.45 -14.45
CA GLU OD 205 -59.87 129.38 -13.85
C GLU OD 205 -59.91 130.00 -12.47
N LEU OD 206 -59.59 129.21 -11.47
CA LEU OD 206 -59.55 129.64 -10.08
C LEU OD 206 -58.17 130.22 -9.77
N PRO OD 207 -58.06 131.03 -8.70
CA PRO OD 207 -56.75 131.57 -8.32
C PRO OD 207 -55.75 130.50 -7.94
N LYS OD 208 -54.48 130.78 -8.22
CA LYS OD 208 -53.39 129.86 -7.92
C LYS OD 208 -52.12 130.69 -7.67
N VAL OD 209 -51.14 130.04 -7.04
CA VAL OD 209 -49.89 130.68 -6.70
C VAL OD 209 -48.88 130.43 -7.81
N ARG OD 210 -48.01 131.42 -8.07
CA ARG OD 210 -46.96 131.25 -9.05
C ARG OD 210 -45.64 130.88 -8.37
N TYR OD 211 -45.19 131.72 -7.45
CA TYR OD 211 -43.93 131.52 -6.74
C TYR OD 211 -44.14 131.90 -5.28
N THR OD 212 -43.10 131.71 -4.48
CA THR OD 212 -43.12 132.14 -3.09
C THR OD 212 -41.74 132.66 -2.72
N GLN OD 213 -41.71 133.60 -1.79
CA GLN OD 213 -40.48 134.26 -1.37
C GLN OD 213 -40.41 134.29 0.15
N VAL OD 214 -39.28 133.83 0.69
CA VAL OD 214 -39.13 133.61 2.12
C VAL OD 214 -38.18 134.69 2.66
N TRP OD 215 -38.37 135.03 3.94
CA TRP OD 215 -37.40 135.84 4.68
C TRP OD 215 -37.35 135.27 6.10
N SER OD 216 -36.42 134.36 6.31
CA SER OD 216 -36.27 133.72 7.61
C SER OD 216 -35.38 134.55 8.53
N HIS OD 217 -35.45 134.24 9.82
CA HIS OD 217 -34.55 134.81 10.82
C HIS OD 217 -34.09 133.70 11.73
N ASP OD 218 -32.91 133.86 12.31
CA ASP OD 218 -32.37 132.86 13.23
C ASP OD 218 -31.52 133.60 14.25
N VAL OD 219 -32.14 133.94 15.38
CA VAL OD 219 -31.50 134.72 16.43
C VAL OD 219 -30.95 133.74 17.47
N THR OD 220 -29.71 133.95 17.87
CA THR OD 220 -29.08 133.15 18.92
C THR OD 220 -28.84 134.05 20.13
N ILE OD 221 -29.45 133.71 21.25
CA ILE OD 221 -29.36 134.50 22.47
C ILE OD 221 -28.92 133.58 23.59
N VAL OD 222 -27.80 133.92 24.24
CA VAL OD 222 -27.33 133.13 25.37
C VAL OD 222 -28.15 133.50 26.61
N ALA OD 223 -28.24 132.54 27.54
CA ALA OD 223 -29.21 132.64 28.62
C ALA OD 223 -28.81 133.67 29.67
N ASN OD 224 -27.53 133.73 30.03
CA ASN OD 224 -27.06 134.61 31.11
C ASN OD 224 -26.59 135.97 30.59
N SER OD 225 -27.17 136.45 29.50
CA SER OD 225 -26.71 137.70 28.90
C SER OD 225 -27.27 138.91 29.65
N THR OD 226 -26.79 140.08 29.23
CA THR OD 226 -27.26 141.34 29.77
C THR OD 226 -28.49 141.77 28.98
N GLU OD 227 -29.34 142.60 29.60
CA GLU OD 227 -30.50 143.11 28.89
C GLU OD 227 -30.11 144.10 27.80
N ALA OD 228 -29.14 144.99 28.09
CA ALA OD 228 -28.67 145.93 27.09
C ALA OD 228 -27.81 145.26 26.02
N SER OD 229 -27.39 144.03 26.24
CA SER OD 229 -26.74 143.26 25.18
C SER OD 229 -27.77 142.73 24.19
N ARG OD 230 -28.94 142.30 24.68
CA ARG OD 230 -30.00 141.88 23.78
C ARG OD 230 -30.73 143.06 23.17
N LYS OD 231 -30.79 144.18 23.89
CA LYS OD 231 -31.49 145.36 23.38
C LYS OD 231 -30.68 146.03 22.27
N SER OD 232 -29.35 145.97 22.35
CA SER OD 232 -28.52 146.57 21.32
C SER OD 232 -28.45 145.70 20.08
N LEU OD 233 -28.55 144.38 20.24
CA LEU OD 233 -28.57 143.49 19.08
C LEU OD 233 -29.87 143.66 18.29
N TYR OD 234 -30.97 143.91 18.97
CA TYR OD 234 -32.23 144.18 18.29
C TYR OD 234 -32.20 145.51 17.57
N ASP OD 235 -31.70 146.55 18.22
CA ASP OD 235 -31.66 147.89 17.64
C ASP OD 235 -30.69 148.00 16.47
N LEU OD 236 -29.67 147.16 16.41
CA LEU OD 236 -28.80 147.15 15.24
C LEU OD 236 -29.46 146.46 14.06
N THR OD 237 -30.13 145.33 14.31
CA THR OD 237 -30.83 144.63 13.24
C THR OD 237 -32.05 145.41 12.77
N LYS OD 238 -32.71 146.13 13.68
CA LYS OD 238 -33.79 147.02 13.28
C LYS OD 238 -33.27 148.15 12.41
N SER OD 239 -32.07 148.62 12.69
CA SER OD 239 -31.46 149.67 11.89
C SER OD 239 -30.75 149.13 10.65
N LEU OD 240 -30.44 147.83 10.61
CA LEU OD 240 -29.80 147.27 9.43
C LEU OD 240 -30.81 147.08 8.30
N VAL OD 241 -31.98 146.52 8.62
CA VAL OD 241 -33.01 146.28 7.63
C VAL OD 241 -33.54 147.60 7.07
N ALA OD 242 -33.60 148.65 7.89
CA ALA OD 242 -34.14 149.93 7.46
C ALA OD 242 -33.16 150.77 6.64
N THR OD 243 -31.97 150.26 6.32
CA THR OD 243 -31.05 151.01 5.47
C THR OD 243 -31.48 150.92 4.01
N SER OD 244 -30.84 151.76 3.19
CA SER OD 244 -31.10 151.76 1.77
C SER OD 244 -30.27 150.74 1.01
N GLN OD 245 -29.32 150.09 1.67
CA GLN OD 245 -28.46 149.12 0.99
C GLN OD 245 -29.04 147.71 1.05
N VAL OD 246 -29.68 147.35 2.17
CA VAL OD 246 -30.35 146.07 2.27
C VAL OD 246 -31.66 146.09 1.48
N GLU OD 247 -32.22 147.27 1.24
CA GLU OD 247 -33.35 147.38 0.31
C GLU OD 247 -32.92 147.02 -1.11
N ASP OD 248 -31.81 147.58 -1.57
CA ASP OD 248 -31.32 147.27 -2.91
C ASP OD 248 -30.71 145.89 -3.01
N LEU OD 249 -30.29 145.30 -1.89
CA LEU OD 249 -29.80 143.94 -1.92
C LEU OD 249 -30.93 142.94 -2.17
N VAL OD 250 -32.15 143.28 -1.74
CA VAL OD 250 -33.29 142.40 -1.95
C VAL OD 250 -34.03 142.75 -3.23
N VAL OD 251 -34.27 144.03 -3.47
CA VAL OD 251 -35.03 144.45 -4.65
C VAL OD 251 -34.21 144.32 -5.92
N ASN OD 252 -33.00 144.88 -5.93
CA ASN OD 252 -32.20 144.97 -7.15
C ASN OD 252 -30.93 144.14 -7.11
N LEU OD 253 -30.71 143.35 -6.06
CA LEU OD 253 -29.56 142.43 -5.91
C LEU OD 253 -28.21 143.14 -5.96
N VAL OD 254 -28.16 144.40 -5.56
CA VAL OD 254 -26.90 145.14 -5.47
C VAL OD 254 -26.22 144.74 -4.16
N PRO OD 255 -24.95 144.30 -4.19
CA PRO OD 255 -24.25 143.96 -2.95
C PRO OD 255 -24.00 145.18 -2.07
N LEU OD 256 -23.66 144.90 -0.82
CA LEU OD 256 -23.60 145.93 0.21
C LEU OD 256 -22.31 146.73 0.10
N GLY OD 257 -22.31 147.90 0.75
CA GLY OD 257 -21.14 148.73 0.83
C GLY OD 257 -21.04 149.80 -0.23
N ARG OD 258 -21.10 151.06 0.18
CA ARG OD 258 -20.89 152.17 -0.73
C ARG OD 258 -19.79 153.10 -0.20
N SER PD 1 -56.51 121.48 73.77
CA SER PD 1 -55.07 121.31 73.61
C SER PD 1 -54.48 122.42 72.74
N LYS PD 2 -53.86 122.04 71.64
CA LYS PD 2 -53.26 122.98 70.70
C LYS PD 2 -54.19 123.16 69.51
N THR PD 3 -54.53 124.40 69.19
CA THR PD 3 -55.56 124.69 68.22
C THR PD 3 -55.05 125.55 67.07
N ILE PD 4 -55.70 125.41 65.92
CA ILE PD 4 -55.59 126.34 64.80
C ILE PD 4 -56.99 126.89 64.53
N VAL PD 5 -57.07 128.18 64.27
CA VAL PD 5 -58.35 128.85 64.02
C VAL PD 5 -58.40 129.29 62.57
N LEU PD 6 -59.33 128.73 61.80
CA LEU PD 6 -59.48 129.03 60.38
C LEU PD 6 -60.76 129.84 60.20
N SER PD 7 -60.63 131.16 60.19
CA SER PD 7 -61.78 132.03 60.05
C SER PD 7 -62.20 132.14 58.59
N VAL PD 8 -63.48 131.89 58.33
CA VAL PD 8 -64.02 131.81 56.97
C VAL PD 8 -64.94 133.01 56.83
N GLY PD 9 -64.55 134.12 57.45
CA GLY PD 9 -65.37 135.30 57.52
C GLY PD 9 -65.51 135.74 58.95
N GLU PD 10 -66.72 135.65 59.50
CA GLU PD 10 -66.92 135.72 60.93
C GLU PD 10 -67.09 134.34 61.55
N ALA PD 11 -67.41 133.32 60.75
CA ALA PD 11 -67.47 131.96 61.25
C ALA PD 11 -66.07 131.39 61.37
N THR PD 12 -65.65 131.07 62.60
CA THR PD 12 -64.33 130.53 62.87
C THR PD 12 -64.47 129.05 63.17
N ARG PD 13 -63.65 128.23 62.50
CA ARG PD 13 -63.70 126.78 62.65
C ARG PD 13 -62.40 126.34 63.31
N THR PD 14 -62.48 126.04 64.60
CA THR PD 14 -61.30 125.74 65.40
C THR PD 14 -61.00 124.25 65.36
N LEU PD 15 -59.81 123.91 64.87
CA LEU PD 15 -59.34 122.53 64.87
C LEU PD 15 -58.60 122.23 66.18
N THR PD 16 -58.61 120.95 66.56
CA THR PD 16 -57.99 120.53 67.81
C THR PD 16 -57.10 119.33 67.54
N GLU PD 17 -55.91 119.34 68.13
CA GLU PD 17 -54.89 118.34 67.84
C GLU PD 17 -55.25 116.99 68.46
N ILE PD 18 -55.14 115.93 67.66
CA ILE PD 18 -55.41 114.58 68.12
C ILE PD 18 -54.19 113.67 68.03
N GLN PD 19 -53.06 114.15 67.53
CA GLN PD 19 -51.86 113.33 67.41
C GLN PD 19 -50.64 114.23 67.35
N SER PD 20 -49.55 113.78 67.96
CA SER PD 20 -48.29 114.51 67.91
C SER PD 20 -47.17 113.47 67.89
N THR PD 21 -46.72 113.12 66.71
CA THR PD 21 -45.61 112.20 66.54
C THR PD 21 -44.35 113.09 66.43
N ALA PD 22 -43.20 112.52 66.07
CA ALA PD 22 -41.99 113.33 65.90
C ALA PD 22 -42.11 114.24 64.68
N ASP PD 23 -42.76 113.75 63.62
CA ASP PD 23 -42.97 114.55 62.42
C ASP PD 23 -44.44 114.81 62.11
N ARG PD 24 -45.29 113.78 62.18
CA ARG PD 24 -46.69 113.95 61.84
C ARG PD 24 -47.43 114.64 62.97
N GLN PD 25 -48.50 115.36 62.61
CA GLN PD 25 -49.21 116.20 63.57
C GLN PD 25 -50.63 116.39 63.04
N ILE PD 26 -51.58 115.65 63.61
CA ILE PD 26 -52.93 115.54 63.07
C ILE PD 26 -53.87 116.45 63.87
N PHE PD 27 -54.69 117.22 63.18
CA PHE PD 27 -55.68 118.10 63.78
C PHE PD 27 -57.07 117.69 63.31
N GLU PD 28 -58.07 117.94 64.15
CA GLU PD 28 -59.45 117.65 63.78
C GLU PD 28 -60.37 118.70 64.38
N GLU PD 29 -61.52 118.88 63.74
CA GLU PD 29 -62.59 119.69 64.31
C GLU PD 29 -63.47 118.80 65.17
N LYS PD 30 -64.08 119.39 66.20
CA LYS PD 30 -64.76 118.59 67.20
C LYS PD 30 -66.28 118.74 67.19
N VAL PD 31 -66.83 119.65 66.40
CA VAL PD 31 -68.28 119.81 66.34
C VAL PD 31 -68.86 118.88 65.30
N GLY PD 32 -70.13 118.51 65.48
CA GLY PD 32 -70.83 117.69 64.52
C GLY PD 32 -70.79 116.21 64.84
N PRO PD 33 -71.07 115.37 63.84
CA PRO PD 33 -70.98 113.91 64.04
C PRO PD 33 -69.54 113.42 64.18
N LEU PD 34 -69.39 112.13 64.45
CA LEU PD 34 -68.08 111.57 64.75
C LEU PD 34 -67.44 110.85 63.57
N VAL PD 35 -68.14 110.70 62.46
CA VAL PD 35 -67.64 109.87 61.37
C VAL PD 35 -66.91 110.70 60.32
N GLY PD 36 -67.39 111.90 60.01
CA GLY PD 36 -66.72 112.74 59.03
C GLY PD 36 -66.46 114.13 59.54
N ARG PD 37 -65.18 114.49 59.68
CA ARG PD 37 -64.78 115.78 60.21
C ARG PD 37 -63.61 116.33 59.40
N LEU PD 38 -63.25 117.58 59.66
CA LEU PD 38 -62.06 118.15 59.06
C LEU PD 38 -60.80 117.47 59.58
N ARG PD 39 -59.72 117.61 58.82
CA ARG PD 39 -58.48 116.93 59.12
C ARG PD 39 -57.34 117.79 58.58
N LEU PD 40 -56.24 117.81 59.32
CA LEU PD 40 -55.09 118.60 58.90
C LEU PD 40 -53.84 117.83 59.31
N THR PD 41 -53.30 117.06 58.38
CA THR PD 41 -52.15 116.21 58.65
C THR PD 41 -50.90 116.99 58.28
N ALA PD 42 -50.36 117.71 59.26
CA ALA PD 42 -49.13 118.46 59.05
C ALA PD 42 -47.91 117.55 59.22
N SER PD 43 -46.79 117.99 58.68
CA SER PD 43 -45.57 117.21 58.71
C SER PD 43 -44.38 118.14 58.50
N LEU PD 44 -43.20 117.63 58.81
CA LEU PD 44 -41.94 118.34 58.57
C LEU PD 44 -40.82 117.31 58.56
N ARG PD 45 -39.85 117.51 57.68
CA ARG PD 45 -38.76 116.57 57.50
C ARG PD 45 -37.49 117.34 57.17
N GLN PD 46 -36.39 116.61 57.02
CA GLN PD 46 -35.18 117.12 56.38
C GLN PD 46 -34.48 115.95 55.69
N ASN PD 47 -34.77 115.78 54.41
CA ASN PD 47 -34.31 114.61 53.68
C ASN PD 47 -32.95 114.86 53.05
N GLY PD 48 -32.19 113.77 52.90
CA GLY PD 48 -30.87 113.85 52.30
C GLY PD 48 -29.79 114.16 53.32
N ALA PD 49 -28.82 114.98 52.92
CA ALA PD 49 -27.71 115.33 53.80
C ALA PD 49 -27.99 116.63 54.54
N LYS PD 50 -29.17 116.67 55.18
CA LYS PD 50 -29.60 117.72 56.11
C LYS PD 50 -29.59 119.12 55.50
N THR PD 51 -29.87 119.22 54.19
CA THR PD 51 -29.73 120.49 53.50
C THR PD 51 -31.05 121.13 53.10
N ALA PD 52 -32.15 120.38 53.07
CA ALA PD 52 -33.43 120.91 52.63
C ALA PD 52 -34.53 120.31 53.49
N TYR PD 53 -35.45 121.15 53.94
CA TYR PD 53 -36.61 120.71 54.70
C TYR PD 53 -37.76 120.41 53.75
N ARG PD 54 -38.86 119.89 54.31
CA ARG PD 54 -40.01 119.53 53.50
C ARG PD 54 -41.26 119.64 54.37
N VAL PD 55 -41.98 120.74 54.23
CA VAL PD 55 -43.28 120.89 54.87
C VAL PD 55 -44.33 120.18 54.02
N ASN PD 56 -45.30 119.53 54.68
CA ASN PD 56 -46.27 118.72 53.95
C ASN PD 56 -47.61 118.82 54.67
N LEU PD 57 -48.45 119.74 54.23
CA LEU PD 57 -49.80 119.88 54.76
C LEU PD 57 -50.79 119.08 53.93
N LYS PD 58 -51.95 118.77 54.52
CA LYS PD 58 -52.98 118.00 53.84
C LYS PD 58 -54.30 118.29 54.55
N LEU PD 59 -55.18 119.04 53.89
CA LEU PD 59 -56.45 119.43 54.46
C LEU PD 59 -57.56 118.58 53.86
N ASP PD 60 -57.96 117.52 54.56
CA ASP PD 60 -59.05 116.69 54.11
C ASP PD 60 -60.38 117.36 54.40
N GLN PD 61 -61.41 116.92 53.69
CA GLN PD 61 -62.78 117.38 53.96
C GLN PD 61 -63.74 116.34 53.41
N ALA PD 62 -64.46 115.68 54.31
CA ALA PD 62 -65.43 114.66 53.94
C ALA PD 62 -66.83 115.25 53.99
N ASP PD 63 -67.69 114.80 53.09
CA ASP PD 63 -69.09 115.25 53.05
C ASP PD 63 -69.95 114.15 53.67
N VAL PD 64 -70.38 114.36 54.88
CA VAL PD 64 -71.18 113.38 55.61
C VAL PD 64 -72.66 113.73 55.44
N VAL PD 65 -73.47 112.71 55.19
CA VAL PD 65 -74.91 112.88 55.04
C VAL PD 65 -75.60 111.91 56.00
N ASP PD 66 -76.61 112.40 56.71
CA ASP PD 66 -77.40 111.59 57.63
C ASP PD 66 -78.89 111.83 57.35
N CYS PD 67 -79.56 110.80 56.86
CA CYS PD 67 -80.99 110.83 56.58
C CYS PD 67 -81.70 109.66 57.25
N SER PD 68 -81.49 109.51 58.55
CA SER PD 68 -82.31 108.61 59.36
C SER PD 68 -83.77 109.05 59.41
N THR PD 69 -84.04 110.33 59.17
CA THR PD 69 -85.42 110.80 59.04
C THR PD 69 -86.08 110.21 57.79
N SER PD 70 -85.33 110.12 56.70
CA SER PD 70 -85.89 109.60 55.45
C SER PD 70 -85.95 108.08 55.46
N VAL PD 71 -84.79 107.42 55.59
CA VAL PD 71 -84.73 105.97 55.69
C VAL PD 71 -84.71 105.61 57.17
N CYS PD 72 -85.70 104.85 57.62
CA CYS PD 72 -85.79 104.48 59.02
C CYS PD 72 -84.77 103.41 59.36
N GLY PD 73 -83.76 103.78 60.13
CA GLY PD 73 -82.78 102.83 60.61
C GLY PD 73 -81.39 102.95 60.01
N GLU PD 74 -81.05 104.07 59.40
CA GLU PD 74 -79.72 104.27 58.85
C GLU PD 74 -78.95 105.29 59.68
N LEU PD 75 -77.64 105.28 59.49
CA LEU PD 75 -76.70 106.05 60.31
C LEU PD 75 -75.99 107.07 59.44
N PRO PD 76 -75.30 108.07 60.02
CA PRO PD 76 -74.50 108.98 59.18
C PRO PD 76 -73.36 108.26 58.47
N LYS PD 77 -73.01 108.80 57.31
CA LYS PD 77 -72.08 108.15 56.38
C LYS PD 77 -71.51 109.23 55.47
N VAL PD 78 -70.24 109.06 55.08
CA VAL PD 78 -69.57 110.03 54.22
C VAL PD 78 -69.70 109.58 52.77
N ARG PD 79 -69.97 110.53 51.89
CA ARG PD 79 -70.03 110.21 50.46
C ARG PD 79 -68.64 110.23 49.84
N TYR PD 80 -67.97 111.38 49.89
CA TYR PD 80 -66.69 111.58 49.23
C TYR PD 80 -65.78 112.40 50.12
N THR PD 81 -64.50 112.43 49.76
CA THR PD 81 -63.52 113.28 50.42
C THR PD 81 -62.80 114.12 49.39
N GLN PD 82 -62.57 115.39 49.71
CA GLN PD 82 -61.85 116.31 48.85
C GLN PD 82 -60.69 116.92 49.64
N VAL PD 83 -59.48 116.81 49.09
CA VAL PD 83 -58.28 117.21 49.80
C VAL PD 83 -57.67 118.43 49.13
N TRP PD 84 -56.74 119.06 49.84
CA TRP PD 84 -55.89 120.11 49.26
C TRP PD 84 -54.52 119.96 49.93
N SER PD 85 -53.63 119.23 49.28
CA SER PD 85 -52.31 118.99 49.84
C SER PD 85 -51.37 120.13 49.48
N HIS PD 86 -50.33 120.28 50.30
CA HIS PD 86 -49.26 121.24 50.06
C HIS PD 86 -47.94 120.50 50.14
N ASP PD 87 -46.93 121.01 49.44
CA ASP PD 87 -45.59 120.41 49.46
C ASP PD 87 -44.58 121.53 49.28
N VAL PD 88 -44.08 122.03 50.39
CA VAL PD 88 -43.14 123.14 50.39
C VAL PD 88 -41.72 122.57 50.53
N THR PD 89 -40.80 123.09 49.73
CA THR PD 89 -39.40 122.69 49.79
C THR PD 89 -38.57 123.92 50.17
N ILE PD 90 -37.91 123.85 51.32
CA ILE PD 90 -37.12 124.96 51.84
C ILE PD 90 -35.70 124.47 52.07
N VAL PD 91 -34.74 125.10 51.40
CA VAL PD 91 -33.35 124.77 51.63
C VAL PD 91 -32.84 125.51 52.87
N ALA PD 92 -31.90 124.88 53.58
CA ALA PD 92 -31.61 125.27 54.95
C ALA PD 92 -30.78 126.54 55.05
N ASN PD 93 -29.96 126.83 54.04
CA ASN PD 93 -29.10 128.01 54.06
C ASN PD 93 -29.76 129.20 53.35
N SER PD 94 -31.08 129.33 53.46
CA SER PD 94 -31.82 130.34 52.73
C SER PD 94 -31.63 131.72 53.33
N THR PD 95 -32.20 132.71 52.66
CA THR PD 95 -32.38 134.03 53.21
C THR PD 95 -33.79 134.12 53.79
N GLU PD 96 -33.95 134.91 54.85
CA GLU PD 96 -35.27 135.03 55.46
C GLU PD 96 -36.24 135.80 54.57
N ALA PD 97 -35.73 136.72 53.75
CA ALA PD 97 -36.58 137.38 52.77
C ALA PD 97 -36.90 136.48 51.59
N SER PD 98 -36.13 135.40 51.39
CA SER PD 98 -36.46 134.44 50.35
C SER PD 98 -37.62 133.56 50.77
N ARG PD 99 -37.60 133.09 52.02
CA ARG PD 99 -38.69 132.30 52.56
C ARG PD 99 -39.95 133.12 52.78
N LYS PD 100 -39.82 134.42 53.06
CA LYS PD 100 -40.98 135.26 53.25
C LYS PD 100 -41.66 135.58 51.92
N SER PD 101 -40.86 135.74 50.86
CA SER PD 101 -41.44 136.06 49.55
C SER PD 101 -42.15 134.85 48.97
N LEU PD 102 -41.64 133.65 49.21
CA LEU PD 102 -42.30 132.44 48.72
C LEU PD 102 -43.64 132.23 49.43
N TYR PD 103 -43.71 132.60 50.71
CA TYR PD 103 -44.98 132.53 51.41
C TYR PD 103 -45.93 133.63 50.94
N ASP PD 104 -45.39 134.81 50.65
CA ASP PD 104 -46.24 135.93 50.23
C ASP PD 104 -46.76 135.77 48.82
N LEU PD 105 -46.13 134.96 47.99
CA LEU PD 105 -46.64 134.72 46.65
C LEU PD 105 -47.72 133.65 46.65
N THR PD 106 -47.55 132.59 47.45
CA THR PD 106 -48.56 131.55 47.52
C THR PD 106 -49.78 132.02 48.30
N LYS PD 107 -49.60 132.94 49.24
CA LYS PD 107 -50.74 133.56 49.92
C LYS PD 107 -51.57 134.39 48.94
N SER PD 108 -50.93 134.97 47.94
CA SER PD 108 -51.65 135.73 46.92
C SER PD 108 -52.02 134.87 45.72
N LEU PD 109 -51.36 133.73 45.53
CA LEU PD 109 -51.79 132.81 44.48
C LEU PD 109 -53.14 132.19 44.84
N VAL PD 110 -53.29 131.73 46.08
CA VAL PD 110 -54.52 131.09 46.49
C VAL PD 110 -55.65 132.11 46.60
N ALA PD 111 -55.34 133.34 47.01
CA ALA PD 111 -56.38 134.34 47.24
C ALA PD 111 -56.85 135.05 45.99
N THR PD 112 -56.35 134.69 44.80
CA THR PD 112 -56.81 135.34 43.59
C THR PD 112 -58.11 134.71 43.10
N SER PD 113 -58.79 135.41 42.20
CA SER PD 113 -60.05 134.92 41.67
C SER PD 113 -59.88 133.96 40.51
N GLN PD 114 -58.66 133.68 40.07
CA GLN PD 114 -58.45 132.74 38.99
C GLN PD 114 -58.19 131.33 39.51
N VAL PD 115 -57.56 131.20 40.68
CA VAL PD 115 -57.38 129.89 41.30
C VAL PD 115 -58.67 129.44 41.96
N GLU PD 116 -59.51 130.41 42.38
CA GLU PD 116 -60.82 130.08 42.91
C GLU PD 116 -61.70 129.41 41.86
N ASP PD 117 -61.73 129.96 40.66
CA ASP PD 117 -62.54 129.37 39.59
C ASP PD 117 -61.90 128.11 39.02
N LEU PD 118 -60.63 127.86 39.30
CA LEU PD 118 -59.99 126.64 38.83
C LEU PD 118 -60.44 125.42 39.63
N VAL PD 119 -60.81 125.60 40.90
CA VAL PD 119 -61.21 124.47 41.72
C VAL PD 119 -62.73 124.43 41.89
N VAL PD 120 -63.37 125.58 41.83
CA VAL PD 120 -64.82 125.60 42.00
C VAL PD 120 -65.51 125.28 40.67
N ASN PD 121 -65.17 125.99 39.60
CA ASN PD 121 -65.84 125.84 38.33
C ASN PD 121 -64.95 125.25 37.24
N LEU PD 122 -63.74 124.83 37.60
CA LEU PD 122 -62.77 124.14 36.73
C LEU PD 122 -62.34 124.97 35.52
N VAL PD 123 -62.44 126.28 35.61
CA VAL PD 123 -62.00 127.17 34.52
C VAL PD 123 -60.47 127.23 34.55
N PRO PD 124 -59.80 127.09 33.40
CA PRO PD 124 -58.34 127.13 33.40
C PRO PD 124 -57.80 128.52 33.71
N LEU PD 125 -56.48 128.58 33.92
CA LEU PD 125 -55.84 129.79 34.41
C LEU PD 125 -55.53 130.74 33.27
N GLY PD 126 -55.35 132.02 33.63
CA GLY PD 126 -54.97 133.03 32.68
C GLY PD 126 -56.15 133.73 32.04
N ARG PD 127 -56.20 135.05 32.18
CA ARG PD 127 -57.23 135.87 31.55
C ARG PD 127 -56.55 136.99 30.78
N ALA PD 128 -56.78 137.04 29.47
CA ALA PD 128 -56.12 138.02 28.62
C ALA PD 128 -56.84 139.34 28.70
N TYR PD 129 -56.26 140.30 29.43
CA TYR PD 129 -56.79 141.65 29.53
C TYR PD 129 -55.85 142.57 28.76
N GLY PD 130 -56.05 142.67 27.46
CA GLY PD 130 -55.22 143.49 26.60
C GLY PD 130 -53.80 142.99 26.47
N GLY PD 131 -53.62 141.82 25.85
CA GLY PD 131 -52.29 141.27 25.69
C GLY PD 131 -52.27 139.76 25.85
N SER PD 132 -51.27 139.24 26.55
CA SER PD 132 -51.16 137.82 26.78
C SER PD 132 -52.00 137.40 27.98
N LYS PD 133 -52.10 136.09 28.19
CA LYS PD 133 -52.80 135.56 29.35
C LYS PD 133 -51.93 135.74 30.58
N THR PD 134 -52.41 136.53 31.54
CA THR PD 134 -51.61 136.93 32.68
C THR PD 134 -52.30 136.56 33.99
N ILE PD 135 -51.48 136.30 35.01
CA ILE PD 135 -51.94 136.18 36.39
C ILE PD 135 -51.20 137.22 37.22
N VAL PD 136 -51.93 138.03 37.96
CA VAL PD 136 -51.35 139.10 38.77
C VAL PD 136 -51.32 138.64 40.22
N LEU PD 137 -50.12 138.59 40.80
CA LEU PD 137 -49.92 138.17 42.18
C LEU PD 137 -49.51 139.39 42.99
N SER PD 138 -50.49 140.11 43.52
CA SER PD 138 -50.22 141.31 44.30
C SER PD 138 -49.66 140.96 45.67
N VAL PD 139 -48.56 141.61 46.03
CA VAL PD 139 -47.87 141.34 47.28
C VAL PD 139 -48.03 142.64 48.08
N GLY PD 140 -49.17 143.29 47.92
CA GLY PD 140 -49.40 144.58 48.51
C GLY PD 140 -49.56 145.63 47.44
N GLU PD 141 -48.57 146.51 47.30
CA GLU PD 141 -48.52 147.43 46.18
C GLU PD 141 -47.64 146.93 45.04
N ALA PD 142 -46.78 145.95 45.30
CA ALA PD 142 -45.99 145.34 44.24
C ALA PD 142 -46.80 144.24 43.58
N THR PD 143 -46.97 144.34 42.27
CA THR PD 143 -47.69 143.34 41.48
C THR PD 143 -46.71 142.66 40.55
N ARG PD 144 -46.75 141.33 40.52
CA ARG PD 144 -45.84 140.53 39.70
C ARG PD 144 -46.68 139.71 38.73
N THR PD 145 -46.77 140.17 37.48
CA THR PD 145 -47.67 139.57 36.49
C THR PD 145 -46.92 138.48 35.73
N LEU PD 146 -47.47 137.27 35.75
CA LEU PD 146 -46.87 136.14 35.06
C LEU PD 146 -47.60 135.85 33.76
N THR PD 147 -46.86 135.88 32.65
CA THR PD 147 -47.42 135.65 31.33
C THR PD 147 -47.25 134.20 30.93
N GLU PD 148 -48.21 133.70 30.15
CA GLU PD 148 -48.20 132.30 29.74
C GLU PD 148 -47.17 132.07 28.65
N ILE PD 149 -46.37 131.02 28.81
CA ILE PD 149 -45.32 130.69 27.84
C ILE PD 149 -45.60 129.40 27.08
N GLN PD 150 -46.46 128.52 27.60
CA GLN PD 150 -46.72 127.23 26.95
C GLN PD 150 -48.02 126.69 27.49
N SER PD 151 -48.92 126.28 26.60
CA SER PD 151 -50.20 125.67 26.97
C SER PD 151 -50.30 124.34 26.23
N THR PD 152 -49.78 123.28 26.85
CA THR PD 152 -49.85 121.94 26.29
C THR PD 152 -51.24 121.39 26.65
N ALA PD 153 -51.57 120.15 26.23
CA ALA PD 153 -52.85 119.57 26.56
C ALA PD 153 -52.95 119.23 28.05
N ASP PD 154 -51.81 118.98 28.70
CA ASP PD 154 -51.78 118.72 30.13
C ASP PD 154 -51.32 119.94 30.93
N ARG PD 155 -50.14 120.47 30.63
CA ARG PD 155 -49.57 121.54 31.44
C ARG PD 155 -50.06 122.90 30.98
N GLN PD 156 -49.81 123.90 31.83
CA GLN PD 156 -50.08 125.30 31.49
C GLN PD 156 -49.06 126.13 32.26
N ILE PD 157 -47.92 126.41 31.63
CA ILE PD 157 -46.76 126.99 32.30
C ILE PD 157 -46.82 128.50 32.19
N PHE PD 158 -46.68 129.18 33.32
CA PHE PD 158 -46.59 130.63 33.36
C PHE PD 158 -45.20 131.02 33.84
N GLU PD 159 -44.84 132.28 33.59
CA GLU PD 159 -43.50 132.76 33.89
C GLU PD 159 -43.51 134.28 33.93
N GLU PD 160 -42.78 134.86 34.87
CA GLU PD 160 -42.57 136.30 34.88
C GLU PD 160 -41.55 136.65 33.80
N LYS PD 161 -41.61 137.88 33.29
CA LYS PD 161 -40.81 138.26 32.14
C LYS PD 161 -39.82 139.38 32.40
N VAL PD 162 -39.77 139.93 33.61
CA VAL PD 162 -38.78 140.96 33.90
C VAL PD 162 -37.52 140.32 34.48
N GLY PD 163 -36.41 141.06 34.45
CA GLY PD 163 -35.19 140.62 35.05
C GLY PD 163 -34.35 139.74 34.15
N PRO PD 164 -33.37 139.03 34.72
CA PRO PD 164 -32.54 138.13 33.92
C PRO PD 164 -33.30 136.90 33.48
N LEU PD 165 -32.73 136.22 32.49
CA LEU PD 165 -33.38 135.06 31.89
C LEU PD 165 -33.07 133.76 32.63
N VAL PD 166 -32.14 133.77 33.57
CA VAL PD 166 -31.72 132.51 34.20
C VAL PD 166 -32.64 132.13 35.36
N GLY PD 167 -33.13 133.10 36.12
CA GLY PD 167 -34.03 132.78 37.21
C GLY PD 167 -35.28 133.64 37.20
N ARG PD 168 -36.44 133.01 37.01
CA ARG PD 168 -37.70 133.71 36.97
C ARG PD 168 -38.76 132.87 37.69
N LEU PD 169 -39.89 133.50 37.96
CA LEU PD 169 -41.00 132.80 38.59
C LEU PD 169 -41.61 131.78 37.63
N ARG PD 170 -42.28 130.79 38.19
CA ARG PD 170 -42.91 129.75 37.40
C ARG PD 170 -44.26 129.42 38.01
N LEU PD 171 -45.15 128.88 37.19
CA LEU PD 171 -46.46 128.42 37.66
C LEU PD 171 -46.89 127.30 36.71
N THR PD 172 -46.66 126.06 37.12
CA THR PD 172 -46.96 124.90 36.28
C THR PD 172 -48.30 124.33 36.73
N ALA PD 173 -49.38 124.88 36.19
CA ALA PD 173 -50.71 124.34 36.46
C ALA PD 173 -50.95 123.08 35.65
N SER PD 174 -51.92 122.29 36.09
CA SER PD 174 -52.29 121.06 35.40
C SER PD 174 -53.71 120.71 35.81
N LEU PD 175 -54.28 119.73 35.10
CA LEU PD 175 -55.63 119.26 35.37
C LEU PD 175 -55.78 117.89 34.75
N ARG PD 176 -56.16 116.90 35.55
CA ARG PD 176 -56.32 115.54 35.07
C ARG PD 176 -57.67 115.02 35.53
N GLN PD 177 -57.95 113.78 35.14
CA GLN PD 177 -59.03 113.00 35.74
C GLN PD 177 -58.65 111.52 35.65
N ASN PD 178 -58.36 110.93 36.79
CA ASN PD 178 -57.87 109.57 36.85
C ASN PD 178 -59.01 108.60 37.18
N GLY PD 179 -58.99 107.45 36.52
CA GLY PD 179 -59.99 106.43 36.75
C GLY PD 179 -61.14 106.50 35.77
N ALA PD 180 -62.33 106.16 36.25
CA ALA PD 180 -63.53 106.16 35.40
C ALA PD 180 -64.26 107.50 35.44
N LYS PD 181 -63.51 108.58 35.19
CA LYS PD 181 -64.02 109.95 35.04
C LYS PD 181 -64.75 110.43 36.30
N THR PD 182 -64.29 110.01 37.48
CA THR PD 182 -65.02 110.27 38.70
C THR PD 182 -64.36 111.31 39.61
N ALA PD 183 -63.10 111.64 39.40
CA ALA PD 183 -62.41 112.59 40.25
C ALA PD 183 -61.37 113.34 39.44
N TYR PD 184 -61.30 114.65 39.66
CA TYR PD 184 -60.32 115.49 38.99
C TYR PD 184 -59.05 115.60 39.83
N ARG PD 185 -58.06 116.31 39.30
CA ARG PD 185 -56.78 116.48 40.01
C ARG PD 185 -56.16 117.80 39.54
N VAL PD 186 -56.34 118.84 40.34
CA VAL PD 186 -55.70 120.13 40.07
C VAL PD 186 -54.31 120.11 40.68
N ASN PD 187 -53.33 120.70 39.99
CA ASN PD 187 -51.95 120.60 40.43
C ASN PD 187 -51.22 121.90 40.07
N LEU PD 188 -51.10 122.79 41.05
CA LEU PD 188 -50.31 124.00 40.90
C LEU PD 188 -48.93 123.81 41.51
N LYS PD 189 -47.97 124.60 41.01
CA LYS PD 189 -46.59 124.50 41.49
C LYS PD 189 -45.87 125.79 41.16
N LEU PD 190 -45.37 126.48 42.19
CA LEU PD 190 -44.72 127.78 42.03
C LEU PD 190 -43.25 127.64 42.42
N ASP PD 191 -42.37 127.72 41.42
CA ASP PD 191 -40.94 127.69 41.66
C ASP PD 191 -40.39 129.10 41.77
N GLN PD 192 -39.55 129.32 42.77
CA GLN PD 192 -38.90 130.61 42.96
C GLN PD 192 -37.42 130.36 43.19
N ALA PD 193 -36.59 130.75 42.23
CA ALA PD 193 -35.16 130.57 42.31
C ALA PD 193 -34.49 131.88 42.69
N ASP PD 194 -33.48 131.80 43.54
CA ASP PD 194 -32.77 132.98 44.02
C ASP PD 194 -31.57 133.22 43.12
N VAL PD 195 -31.63 134.30 42.34
CA VAL PD 195 -30.56 134.68 41.42
C VAL PD 195 -29.76 135.80 42.07
N VAL PD 196 -28.44 135.80 41.83
CA VAL PD 196 -27.56 136.83 42.36
C VAL PD 196 -26.44 137.06 41.35
N ASP PD 197 -26.00 138.32 41.26
CA ASP PD 197 -24.81 138.65 40.49
C ASP PD 197 -24.02 139.74 41.21
N CYS PD 198 -22.70 139.65 41.11
CA CYS PD 198 -21.81 140.61 41.75
C CYS PD 198 -20.77 141.14 40.76
N SER PD 199 -21.24 141.59 39.59
CA SER PD 199 -20.34 142.18 38.60
C SER PD 199 -19.74 143.50 39.06
N THR PD 200 -20.33 144.14 40.07
CA THR PD 200 -19.67 145.26 40.73
C THR PD 200 -18.53 144.79 41.62
N SER PD 201 -18.53 143.52 42.01
CA SER PD 201 -17.49 142.97 42.89
C SER PD 201 -16.39 142.25 42.14
N VAL PD 202 -16.73 141.21 41.38
CA VAL PD 202 -15.78 140.49 40.56
C VAL PD 202 -16.19 140.65 39.10
N CYS PD 203 -15.21 140.86 38.22
CA CYS PD 203 -15.52 141.13 36.82
C CYS PD 203 -15.86 139.87 36.05
N GLY PD 204 -16.65 140.05 34.99
CA GLY PD 204 -16.95 139.01 34.05
C GLY PD 204 -17.83 137.90 34.59
N GLU PD 205 -18.64 138.19 35.60
CA GLU PD 205 -19.51 137.20 36.21
C GLU PD 205 -20.96 137.55 35.87
N LEU PD 206 -21.63 136.62 35.22
CA LEU PD 206 -23.02 136.77 34.83
C LEU PD 206 -23.92 136.24 35.95
N PRO PD 207 -25.21 136.62 35.95
CA PRO PD 207 -26.12 136.11 36.99
C PRO PD 207 -26.30 134.60 36.93
N LYS PD 208 -26.55 134.01 38.10
CA LYS PD 208 -26.75 132.58 38.23
C LYS PD 208 -27.63 132.33 39.44
N VAL PD 209 -28.25 131.15 39.47
CA VAL PD 209 -29.15 130.77 40.56
C VAL PD 209 -28.35 130.05 41.63
N ARG PD 210 -28.72 130.29 42.89
CA ARG PD 210 -28.08 129.57 43.99
C ARG PD 210 -28.91 128.35 44.39
N TYR PD 211 -30.17 128.57 44.76
CA TYR PD 211 -31.06 127.52 45.20
C TYR PD 211 -32.44 127.77 44.59
N THR PD 212 -33.37 126.86 44.86
CA THR PD 212 -34.74 127.04 44.44
C THR PD 212 -35.66 126.52 45.53
N GLN PD 213 -36.87 127.07 45.60
CA GLN PD 213 -37.84 126.73 46.62
C GLN PD 213 -39.21 126.55 45.99
N VAL PD 214 -39.83 125.40 46.27
CA VAL PD 214 -41.05 124.99 45.61
C VAL PD 214 -42.20 125.11 46.60
N TRP PD 215 -43.40 125.36 46.08
CA TRP PD 215 -44.64 125.24 46.87
C TRP PD 215 -45.69 124.63 45.92
N SER PD 216 -45.81 123.32 45.97
CA SER PD 216 -46.75 122.60 45.12
C SER PD 216 -48.13 122.54 45.79
N HIS PD 217 -49.13 122.21 44.97
CA HIS PD 217 -50.48 121.95 45.44
C HIS PD 217 -50.99 120.72 44.73
N ASP PD 218 -51.91 120.01 45.38
CA ASP PD 218 -52.48 118.80 44.78
C ASP PD 218 -53.91 118.68 45.30
N VAL PD 219 -54.86 119.23 44.55
CA VAL PD 219 -56.26 119.28 44.93
C VAL PD 219 -56.96 118.09 44.31
N THR PD 220 -57.75 117.37 45.10
CA THR PD 220 -58.55 116.25 44.61
C THR PD 220 -60.01 116.64 44.72
N ILE PD 221 -60.71 116.67 43.59
CA ILE PD 221 -62.11 117.07 43.53
C ILE PD 221 -62.87 115.96 42.81
N VAL PD 222 -63.88 115.43 43.48
CA VAL PD 222 -64.73 114.41 42.86
C VAL PD 222 -65.72 115.09 41.92
N ALA PD 223 -66.16 114.34 40.90
CA ALA PD 223 -66.87 114.93 39.78
C ALA PD 223 -68.30 115.33 40.13
N ASN PD 224 -69.01 114.49 40.90
CA ASN PD 224 -70.41 114.73 41.21
C ASN PD 224 -70.61 115.48 42.52
N SER PD 225 -69.66 116.33 42.90
CA SER PD 225 -69.72 117.02 44.18
C SER PD 225 -70.69 118.20 44.12
N THR PD 226 -70.91 118.81 45.28
CA THR PD 226 -71.72 120.01 45.41
C THR PD 226 -70.84 121.22 45.15
N GLU PD 227 -71.45 122.33 44.75
CA GLU PD 227 -70.69 123.56 44.54
C GLU PD 227 -70.21 124.14 45.87
N ALA PD 228 -71.07 124.14 46.89
CA ALA PD 228 -70.66 124.63 48.20
C ALA PD 228 -69.73 123.67 48.92
N SER PD 229 -69.58 122.45 48.42
CA SER PD 229 -68.54 121.56 48.94
C SER PD 229 -67.18 121.94 48.38
N ARG PD 230 -67.11 122.37 47.12
CA ARG PD 230 -65.86 122.85 46.56
C ARG PD 230 -65.56 124.28 46.99
N LYS PD 231 -66.60 125.07 47.23
CA LYS PD 231 -66.40 126.46 47.63
C LYS PD 231 -65.90 126.54 49.08
N SER PD 232 -66.33 125.61 49.92
CA SER PD 232 -65.88 125.61 51.31
C SER PD 232 -64.47 125.06 51.44
N LEU PD 233 -64.09 124.11 50.58
CA LEU PD 233 -62.72 123.60 50.60
C LEU PD 233 -61.73 124.66 50.16
N TYR PD 234 -62.11 125.50 49.21
CA TYR PD 234 -61.24 126.60 48.79
C TYR PD 234 -61.13 127.65 49.88
N ASP PD 235 -62.24 128.02 50.51
CA ASP PD 235 -62.24 129.05 51.54
C ASP PD 235 -61.52 128.62 52.81
N LEU PD 236 -61.43 127.32 53.09
CA LEU PD 236 -60.66 126.87 54.23
C LEU PD 236 -59.17 126.92 53.93
N THR PD 237 -58.77 126.49 52.73
CA THR PD 237 -57.37 126.55 52.35
C THR PD 237 -56.89 127.98 52.14
N LYS PD 238 -57.79 128.85 51.66
CA LYS PD 238 -57.46 130.27 51.58
C LYS PD 238 -57.27 130.87 52.97
N SER PD 239 -58.03 130.38 53.95
CA SER PD 239 -57.88 130.85 55.32
C SER PD 239 -56.80 130.11 56.07
N LEU PD 240 -56.36 128.94 55.59
CA LEU PD 240 -55.29 128.22 56.27
C LEU PD 240 -53.94 128.86 55.98
N VAL PD 241 -53.68 129.19 54.72
CA VAL PD 241 -52.42 129.81 54.32
C VAL PD 241 -52.27 131.20 54.93
N ALA PD 242 -53.38 131.92 55.10
CA ALA PD 242 -53.33 133.28 55.63
C ALA PD 242 -53.20 133.34 57.15
N THR PD 243 -53.06 132.21 57.84
CA THR PD 243 -52.86 132.25 59.29
C THR PD 243 -51.41 132.62 59.62
N SER PD 244 -51.18 132.90 60.89
CA SER PD 244 -49.85 133.22 61.36
C SER PD 244 -49.04 131.99 61.73
N GLN PD 245 -49.65 130.81 61.72
CA GLN PD 245 -48.92 129.61 62.10
C GLN PD 245 -48.29 128.93 60.90
N VAL PD 246 -48.96 128.98 59.75
CA VAL PD 246 -48.37 128.45 58.51
C VAL PD 246 -47.31 129.40 57.97
N GLU PD 247 -47.37 130.68 58.36
CA GLU PD 247 -46.28 131.61 58.06
C GLU PD 247 -45.01 131.20 58.80
N ASP PD 248 -45.13 130.94 60.11
CA ASP PD 248 -43.98 130.53 60.90
C ASP PD 248 -43.54 129.11 60.60
N LEU PD 249 -44.43 128.28 60.05
CA LEU PD 249 -44.03 126.93 59.64
C LEU PD 249 -43.11 126.98 58.43
N VAL PD 250 -43.27 127.98 57.57
CA VAL PD 250 -42.44 128.11 56.38
C VAL PD 250 -41.22 128.98 56.65
N VAL PD 251 -41.43 130.12 57.31
CA VAL PD 251 -40.32 131.05 57.54
C VAL PD 251 -39.39 130.55 58.63
N ASN PD 252 -39.94 130.18 59.79
CA ASN PD 252 -39.12 129.84 60.95
C ASN PD 252 -39.20 128.38 61.36
N LEU PD 253 -39.90 127.54 60.60
CA LEU PD 253 -40.01 126.08 60.82
C LEU PD 253 -40.62 125.72 62.17
N VAL PD 254 -41.47 126.59 62.72
CA VAL PD 254 -42.18 126.29 63.95
C VAL PD 254 -43.37 125.41 63.62
N PRO PD 255 -43.53 124.25 64.27
CA PRO PD 255 -44.70 123.40 63.99
C PRO PD 255 -46.00 124.05 64.44
N LEU PD 256 -47.11 123.48 63.94
CA LEU PD 256 -48.41 124.11 64.08
C LEU PD 256 -48.99 123.86 65.47
N GLY PD 257 -50.00 124.66 65.81
CA GLY PD 257 -50.72 124.50 67.05
C GLY PD 257 -50.22 125.35 68.20
N ARG PD 258 -51.04 126.27 68.66
CA ARG PD 258 -50.71 127.05 69.85
C ARG PD 258 -51.83 126.97 70.87
#